data_6CCX
#
_entry.id   6CCX
#
loop_
_entity.id
_entity.type
_entity.pdbx_description
1 polymer 'Apolipoprotein A-I'
2 polymer 'GTPase KRas'
3 non-polymer 1,2-DIOLEOYL-SN-GLYCERO-3-PHOSPHOCHOLINE
4 non-polymer O-[(S)-({(2R)-2,3-bis[(9Z)-octadec-9-enoyloxy]propyl}oxy)(hydroxy)phosphoryl]-L-serine
5 non-polymer 'PHOSPHOAMINOPHOSPHONIC ACID-GUANYLATE ESTER'
6 non-polymer 'MAGNESIUM ION'
7 non-polymer (2R,4S)-4-[(5-bromo-1H-indole-3-carbonyl)amino]-2-[(4-chlorophenyl)methyl]piperidin-1-ium
#
loop_
_entity_poly.entity_id
_entity_poly.type
_entity_poly.pdbx_seq_one_letter_code
_entity_poly.pdbx_strand_id
1 'polypeptide(L)'
;GPLKLLDNWDSVTSTFSKLREQLGPVTQEFWDNLEKETEGLRQEMSKDLEEVKAKVQPYLDDFQKKWQEEMELYRQKVEP
LRAELQEGARQKLHELQEKLSPLGEEMRDRARAHVDALRTHLAPYSDELRQRLAARLEALKENGGARLAEYHAKATEHLS
TLSEKAKPALEDLRQGLLPVLESFKVSFLSALEEYTKKLN
;
A,C
2 'polypeptide(L)'
;GSMTEYKLVVVGAVGVGKSALTIQLIQNHFVDEYDPTIEDSYRKQVVIDGETCLLDILDTAGQEEYSAMRDQYMRTGEGF
LCVFAINNTKSFEDIHHYREQIKRVKDSEDVPMVLVGNKCDLPSRTVDTKQAQDLARSYGIPFIETSAKTRQGVDDAFYT
LVREIRKHKEKMSKDGKKKKKKSKTKC
;
B
#
loop_
_chem_comp.id
_chem_comp.type
_chem_comp.name
_chem_comp.formula
17F non-polymer O-[(S)-({(2R)-2,3-bis[(9Z)-octadec-9-enoyloxy]propyl}oxy)(hydroxy)phosphoryl]-L-serine 'C42 H78 N O10 P'
EWS non-polymer (2R,4S)-4-[(5-bromo-1H-indole-3-carbonyl)amino]-2-[(4-chlorophenyl)methyl]piperidin-1-ium 'C21 H22 Br Cl N3 O 1'
GNP non-polymer 'PHOSPHOAMINOPHOSPHONIC ACID-GUANYLATE ESTER' 'C10 H17 N6 O13 P3'
MG non-polymer 'MAGNESIUM ION' 'Mg 2'
PCW non-polymer 1,2-DIOLEOYL-SN-GLYCERO-3-PHOSPHOCHOLINE 'C44 H85 N O8 P 1'
#
# COMPACT_ATOMS: atom_id res chain seq x y z
N LEU A 3 -32.00 6.11 37.42
CA LEU A 3 -32.18 4.70 37.73
C LEU A 3 -32.60 3.93 36.49
N LYS A 4 -32.68 4.65 35.37
CA LYS A 4 -33.07 4.07 34.08
C LYS A 4 -32.17 2.89 33.73
N LEU A 5 -30.88 3.06 34.01
CA LEU A 5 -29.90 2.03 33.71
C LEU A 5 -30.14 0.78 34.55
N LEU A 6 -30.31 0.97 35.84
CA LEU A 6 -30.55 -0.14 36.76
C LEU A 6 -31.84 -0.89 36.45
N ASP A 7 -32.93 -0.14 36.30
CA ASP A 7 -34.24 -0.75 36.00
C ASP A 7 -34.21 -1.54 34.70
N ASN A 8 -33.59 -0.97 33.69
CA ASN A 8 -33.50 -1.62 32.38
C ASN A 8 -32.54 -2.80 32.41
N TRP A 9 -31.40 -2.61 33.07
CA TRP A 9 -30.39 -3.66 33.16
C TRP A 9 -30.94 -4.86 33.91
N ASP A 10 -31.88 -4.60 34.82
CA ASP A 10 -32.52 -5.67 35.58
C ASP A 10 -33.29 -6.59 34.64
N SER A 11 -33.92 -5.99 33.64
CA SER A 11 -34.67 -6.77 32.66
C SER A 11 -33.72 -7.50 31.72
N VAL A 12 -32.50 -6.97 31.60
CA VAL A 12 -31.47 -7.59 30.76
C VAL A 12 -30.84 -8.78 31.48
N THR A 13 -30.61 -8.61 32.78
CA THR A 13 -30.02 -9.67 33.58
C THR A 13 -30.98 -10.84 33.73
N SER A 14 -32.27 -10.54 33.82
CA SER A 14 -33.27 -11.58 33.95
C SER A 14 -33.40 -12.37 32.64
N THR A 15 -33.35 -11.65 31.52
CA THR A 15 -33.44 -12.31 30.21
C THR A 15 -32.22 -13.19 30.00
N PHE A 16 -31.05 -12.68 30.39
CA PHE A 16 -29.81 -13.44 30.26
C PHE A 16 -29.88 -14.70 31.12
N SER A 17 -30.51 -14.59 32.28
CA SER A 17 -30.67 -15.72 33.17
C SER A 17 -31.61 -16.74 32.54
N LYS A 18 -32.69 -16.24 31.95
CA LYS A 18 -33.67 -17.09 31.28
C LYS A 18 -33.06 -17.71 30.03
N LEU A 19 -32.12 -16.99 29.43
CA LEU A 19 -31.43 -17.49 28.24
C LEU A 19 -30.63 -18.72 28.62
N ARG A 20 -30.04 -18.69 29.82
CA ARG A 20 -29.26 -19.81 30.32
C ARG A 20 -30.19 -20.99 30.61
N GLU A 21 -31.40 -20.67 31.06
CA GLU A 21 -32.41 -21.68 31.36
C GLU A 21 -32.81 -22.41 30.09
N GLN A 22 -32.67 -21.72 28.95
CA GLN A 22 -33.00 -22.29 27.66
C GLN A 22 -31.74 -22.88 27.02
N LEU A 23 -30.60 -22.29 27.33
CA LEU A 23 -29.31 -22.74 26.83
C LEU A 23 -28.99 -24.13 27.37
N GLY A 24 -29.36 -24.37 28.61
CA GLY A 24 -29.13 -25.66 29.22
C GLY A 24 -29.70 -26.79 28.38
N PRO A 25 -31.03 -26.89 28.30
CA PRO A 25 -31.70 -27.92 27.51
C PRO A 25 -31.26 -27.92 26.04
N VAL A 26 -31.17 -26.73 25.44
CA VAL A 26 -30.76 -26.62 24.04
C VAL A 26 -29.40 -27.26 23.77
N THR A 27 -28.45 -27.07 24.68
CA THR A 27 -27.13 -27.66 24.52
C THR A 27 -27.21 -29.17 24.65
N GLN A 28 -28.03 -29.63 25.60
CA GLN A 28 -28.23 -31.06 25.83
C GLN A 28 -28.87 -31.70 24.61
N GLU A 29 -29.95 -31.09 24.12
CA GLU A 29 -30.68 -31.59 22.95
C GLU A 29 -29.83 -31.47 21.69
N PHE A 30 -29.10 -30.37 21.56
CA PHE A 30 -28.24 -30.16 20.41
C PHE A 30 -27.17 -31.24 20.35
N TRP A 31 -26.50 -31.47 21.48
CA TRP A 31 -25.46 -32.50 21.53
C TRP A 31 -26.07 -33.90 21.42
N ASP A 32 -27.26 -34.06 21.99
CA ASP A 32 -27.99 -35.33 21.93
C ASP A 32 -28.23 -35.70 20.48
N ASN A 33 -28.75 -34.76 19.71
CA ASN A 33 -29.01 -34.98 18.30
C ASN A 33 -27.71 -35.00 17.51
N LEU A 34 -26.72 -34.22 17.97
CA LEU A 34 -25.42 -34.19 17.32
C LEU A 34 -24.73 -35.54 17.45
N GLU A 35 -24.98 -36.21 18.56
CA GLU A 35 -24.43 -37.53 18.79
C GLU A 35 -25.01 -38.51 17.80
N LYS A 36 -26.31 -38.39 17.58
CA LYS A 36 -27.00 -39.25 16.62
C LYS A 36 -26.45 -38.98 15.23
N GLU A 37 -26.17 -37.71 14.97
CA GLU A 37 -25.61 -37.29 13.69
C GLU A 37 -24.23 -37.89 13.52
N THR A 38 -23.36 -37.67 14.51
CA THR A 38 -22.02 -38.19 14.45
C THR A 38 -22.00 -39.72 14.40
N GLU A 39 -22.94 -40.34 15.09
CA GLU A 39 -23.05 -41.80 15.09
C GLU A 39 -23.39 -42.28 13.69
N GLY A 40 -24.42 -41.68 13.09
CA GLY A 40 -24.82 -42.03 11.75
C GLY A 40 -23.72 -41.72 10.77
N LEU A 41 -23.18 -40.51 10.90
CA LEU A 41 -22.09 -40.06 10.04
C LEU A 41 -20.89 -40.97 10.17
N ARG A 42 -20.68 -41.51 11.36
CA ARG A 42 -19.56 -42.43 11.60
C ARG A 42 -19.85 -43.74 10.88
N GLN A 43 -21.08 -44.21 10.98
CA GLN A 43 -21.48 -45.45 10.31
C GLN A 43 -21.31 -45.29 8.81
N GLU A 44 -21.74 -44.13 8.32
CA GLU A 44 -21.62 -43.81 6.90
C GLU A 44 -20.16 -43.62 6.53
N MET A 45 -19.42 -42.92 7.39
CA MET A 45 -18.00 -42.66 7.17
C MET A 45 -17.22 -43.95 7.13
N SER A 46 -17.64 -44.92 7.93
CA SER A 46 -16.98 -46.22 7.96
C SER A 46 -17.13 -46.85 6.58
N LYS A 47 -18.31 -46.69 6.01
CA LYS A 47 -18.61 -47.21 4.69
C LYS A 47 -17.87 -46.35 3.65
N ASP A 48 -17.99 -45.03 3.81
CA ASP A 48 -17.36 -44.06 2.93
C ASP A 48 -15.87 -44.36 2.80
N LEU A 49 -15.18 -44.37 3.94
CA LEU A 49 -13.75 -44.62 3.97
C LEU A 49 -13.40 -46.01 3.46
N GLU A 50 -14.07 -47.03 3.98
CA GLU A 50 -13.79 -48.41 3.56
C GLU A 50 -13.97 -48.59 2.06
N GLU A 51 -15.13 -48.20 1.55
CA GLU A 51 -15.42 -48.33 0.13
C GLU A 51 -14.50 -47.45 -0.72
N VAL A 52 -14.30 -46.21 -0.30
CA VAL A 52 -13.42 -45.30 -1.04
C VAL A 52 -11.99 -45.80 -1.04
N LYS A 53 -11.55 -46.34 0.09
CA LYS A 53 -10.19 -46.86 0.20
C LYS A 53 -10.00 -48.17 -0.55
N ALA A 54 -10.93 -49.10 -0.34
CA ALA A 54 -10.87 -50.40 -1.00
C ALA A 54 -10.98 -50.23 -2.50
N LYS A 55 -11.73 -49.22 -2.93
CA LYS A 55 -11.90 -48.94 -4.34
C LYS A 55 -10.87 -47.95 -4.85
N VAL A 56 -10.20 -47.25 -3.94
CA VAL A 56 -9.17 -46.30 -4.34
C VAL A 56 -8.00 -47.04 -4.95
N GLN A 57 -7.83 -48.29 -4.52
CA GLN A 57 -6.76 -49.13 -5.03
C GLN A 57 -6.98 -49.34 -6.54
N PRO A 58 -8.10 -49.97 -6.96
CA PRO A 58 -8.38 -50.17 -8.39
C PRO A 58 -8.50 -48.84 -9.12
N TYR A 59 -8.91 -47.80 -8.41
CA TYR A 59 -9.04 -46.46 -9.00
C TYR A 59 -7.66 -45.97 -9.43
N LEU A 60 -6.77 -45.86 -8.46
CA LEU A 60 -5.41 -45.40 -8.71
C LEU A 60 -4.65 -46.38 -9.57
N ASP A 61 -4.84 -47.68 -9.33
CA ASP A 61 -4.17 -48.72 -10.09
C ASP A 61 -4.52 -48.65 -11.57
N ASP A 62 -5.82 -48.54 -11.85
CA ASP A 62 -6.30 -48.45 -13.24
C ASP A 62 -5.74 -47.21 -13.92
N PHE A 63 -5.88 -46.07 -13.25
CA PHE A 63 -5.39 -44.81 -13.78
C PHE A 63 -3.88 -44.79 -13.89
N GLN A 64 -3.20 -45.31 -12.87
CA GLN A 64 -1.73 -45.35 -12.86
C GLN A 64 -1.20 -46.28 -13.94
N LYS A 65 -1.81 -47.45 -14.10
CA LYS A 65 -1.39 -48.40 -15.13
C LYS A 65 -1.55 -47.78 -16.50
N LYS A 66 -2.69 -47.12 -16.71
CA LYS A 66 -2.96 -46.45 -17.97
C LYS A 66 -1.99 -45.29 -18.15
N TRP A 67 -1.83 -44.50 -17.10
CA TRP A 67 -0.92 -43.35 -17.13
C TRP A 67 0.52 -43.81 -17.34
N GLN A 68 0.85 -45.00 -16.84
CA GLN A 68 2.19 -45.56 -17.02
C GLN A 68 2.44 -45.73 -18.50
N GLU A 69 1.48 -46.34 -19.19
CA GLU A 69 1.58 -46.54 -20.62
C GLU A 69 1.56 -45.19 -21.31
N GLU A 70 0.74 -44.29 -20.80
CA GLU A 70 0.62 -42.95 -21.34
C GLU A 70 1.96 -42.23 -21.28
N MET A 71 2.65 -42.37 -20.15
CA MET A 71 3.94 -41.75 -19.95
C MET A 71 4.98 -42.42 -20.85
N GLU A 72 4.89 -43.74 -20.97
CA GLU A 72 5.82 -44.48 -21.82
C GLU A 72 5.61 -44.08 -23.27
N LEU A 73 4.35 -44.02 -23.68
CA LEU A 73 4.00 -43.62 -25.04
C LEU A 73 4.43 -42.19 -25.26
N TYR A 74 4.26 -41.35 -24.25
CA TYR A 74 4.66 -39.95 -24.32
C TYR A 74 6.16 -39.86 -24.54
N ARG A 75 6.92 -40.60 -23.74
CA ARG A 75 8.37 -40.60 -23.86
C ARG A 75 8.78 -41.19 -25.20
N GLN A 76 8.07 -42.23 -25.62
CA GLN A 76 8.33 -42.88 -26.90
C GLN A 76 8.01 -41.94 -28.05
N LYS A 77 7.23 -40.91 -27.77
CA LYS A 77 6.90 -39.92 -28.78
C LYS A 77 7.82 -38.72 -28.65
N VAL A 78 8.07 -38.30 -27.41
CA VAL A 78 8.94 -37.16 -27.15
C VAL A 78 10.27 -37.28 -27.88
N GLU A 79 10.87 -38.46 -27.87
CA GLU A 79 12.14 -38.68 -28.54
C GLU A 79 12.07 -38.36 -30.05
N PRO A 80 11.25 -39.09 -30.85
CA PRO A 80 11.13 -38.80 -32.28
C PRO A 80 10.57 -37.41 -32.56
N LEU A 81 9.65 -36.96 -31.69
CA LEU A 81 9.07 -35.63 -31.87
C LEU A 81 10.12 -34.55 -31.64
N ARG A 82 10.99 -34.80 -30.67
CA ARG A 82 12.08 -33.87 -30.38
C ARG A 82 13.09 -33.92 -31.50
N ALA A 83 13.20 -35.09 -32.13
CA ALA A 83 14.10 -35.28 -33.25
C ALA A 83 13.63 -34.42 -34.41
N GLU A 84 12.33 -34.46 -34.69
CA GLU A 84 11.73 -33.66 -35.75
C GLU A 84 12.00 -32.18 -35.46
N LEU A 85 11.80 -31.80 -34.20
CA LEU A 85 12.02 -30.43 -33.77
C LEU A 85 13.50 -30.06 -33.86
N GLN A 86 14.37 -30.99 -33.48
CA GLN A 86 15.81 -30.76 -33.54
C GLN A 86 16.29 -30.60 -34.97
N GLU A 87 15.93 -31.55 -35.81
CA GLU A 87 16.31 -31.53 -37.23
C GLU A 87 15.77 -30.25 -37.86
N GLY A 88 14.51 -29.96 -37.55
CA GLY A 88 13.88 -28.76 -38.06
C GLY A 88 14.57 -27.51 -37.55
N ALA A 89 14.85 -27.47 -36.26
CA ALA A 89 15.52 -26.33 -35.64
C ALA A 89 16.89 -26.11 -36.26
N ARG A 90 17.60 -27.20 -36.54
CA ARG A 90 18.92 -27.13 -37.14
C ARG A 90 18.85 -26.39 -38.46
N GLN A 91 17.84 -26.72 -39.26
CA GLN A 91 17.66 -26.10 -40.56
C GLN A 91 17.12 -24.67 -40.40
N LYS A 92 16.10 -24.53 -39.58
CA LYS A 92 15.47 -23.22 -39.33
C LYS A 92 16.47 -22.22 -38.77
N LEU A 93 17.29 -22.65 -37.81
CA LEU A 93 18.29 -21.78 -37.22
C LEU A 93 19.42 -21.51 -38.20
N HIS A 94 19.74 -22.51 -39.02
CA HIS A 94 20.80 -22.37 -40.02
C HIS A 94 20.37 -21.35 -41.07
N GLU A 95 19.13 -21.46 -41.52
CA GLU A 95 18.59 -20.54 -42.51
C GLU A 95 18.57 -19.12 -41.94
N LEU A 96 18.16 -19.01 -40.68
CA LEU A 96 18.11 -17.71 -40.02
C LEU A 96 19.52 -17.16 -39.86
N GLN A 97 20.46 -18.05 -39.54
CA GLN A 97 21.85 -17.67 -39.39
C GLN A 97 22.42 -17.21 -40.73
N GLU A 98 22.10 -17.95 -41.77
CA GLU A 98 22.55 -17.64 -43.12
C GLU A 98 21.80 -16.45 -43.68
N LYS A 99 20.86 -15.93 -42.91
CA LYS A 99 20.09 -14.78 -43.29
C LYS A 99 20.55 -13.57 -42.49
N LEU A 100 20.76 -13.80 -41.19
CA LEU A 100 21.22 -12.74 -40.29
C LEU A 100 22.63 -12.30 -40.63
N SER A 101 23.36 -13.15 -41.34
CA SER A 101 24.72 -12.81 -41.74
C SER A 101 24.72 -11.77 -42.86
N PRO A 102 24.16 -12.08 -44.07
CA PRO A 102 24.11 -11.11 -45.17
C PRO A 102 23.22 -9.92 -44.82
N LEU A 103 22.02 -10.20 -44.29
CA LEU A 103 21.08 -9.15 -43.93
C LEU A 103 21.62 -8.34 -42.76
N GLY A 104 22.42 -8.98 -41.91
CA GLY A 104 23.01 -8.28 -40.79
C GLY A 104 24.04 -7.31 -41.29
N GLU A 105 24.85 -7.75 -42.26
CA GLU A 105 25.86 -6.90 -42.86
C GLU A 105 25.17 -5.76 -43.59
N GLU A 106 24.14 -6.11 -44.36
CA GLU A 106 23.39 -5.12 -45.11
C GLU A 106 22.74 -4.10 -44.18
N MET A 107 22.15 -4.60 -43.10
CA MET A 107 21.49 -3.74 -42.13
C MET A 107 22.53 -2.85 -41.45
N ARG A 108 23.68 -3.43 -41.12
CA ARG A 108 24.75 -2.68 -40.49
C ARG A 108 25.26 -1.59 -41.43
N ASP A 109 25.38 -1.94 -42.70
CA ASP A 109 25.85 -1.01 -43.71
C ASP A 109 24.84 0.10 -43.91
N ARG A 110 23.57 -0.26 -43.93
CA ARG A 110 22.50 0.72 -44.09
C ARG A 110 22.41 1.55 -42.82
N ALA A 111 22.73 0.94 -41.69
CA ALA A 111 22.73 1.64 -40.41
C ALA A 111 23.85 2.67 -40.41
N ARG A 112 24.97 2.30 -41.04
CA ARG A 112 26.11 3.19 -41.16
C ARG A 112 25.66 4.44 -41.90
N ALA A 113 25.12 4.25 -43.09
CA ALA A 113 24.62 5.37 -43.90
C ALA A 113 23.51 6.11 -43.16
N HIS A 114 22.67 5.36 -42.46
CA HIS A 114 21.56 5.91 -41.69
C HIS A 114 22.05 6.94 -40.69
N VAL A 115 23.01 6.54 -39.87
CA VAL A 115 23.57 7.41 -38.84
C VAL A 115 24.59 8.40 -39.42
N ASP A 116 25.39 7.93 -40.36
CA ASP A 116 26.41 8.79 -40.98
C ASP A 116 25.78 9.96 -41.72
N ALA A 117 24.75 9.69 -42.53
CA ALA A 117 24.06 10.75 -43.25
C ALA A 117 23.36 11.65 -42.25
N LEU A 118 23.02 11.08 -41.09
CA LEU A 118 22.39 11.84 -40.03
C LEU A 118 23.43 12.77 -39.41
N ARG A 119 24.67 12.28 -39.30
CA ARG A 119 25.76 13.08 -38.75
C ARG A 119 25.97 14.32 -39.58
N THR A 120 25.97 14.15 -40.90
CA THR A 120 26.16 15.27 -41.82
C THR A 120 25.06 16.32 -41.68
N HIS A 121 23.95 15.91 -41.08
CA HIS A 121 22.84 16.79 -40.85
C HIS A 121 22.83 17.28 -39.42
N LEU A 122 23.18 16.39 -38.49
CA LEU A 122 23.22 16.73 -37.07
C LEU A 122 24.19 17.86 -36.79
N ALA A 123 25.36 17.82 -37.45
CA ALA A 123 26.36 18.87 -37.25
C ALA A 123 25.78 20.26 -37.51
N PRO A 124 25.28 20.54 -38.73
CA PRO A 124 24.68 21.85 -39.01
C PRO A 124 23.39 22.06 -38.22
N TYR A 125 22.58 21.01 -38.10
CA TYR A 125 21.31 21.08 -37.36
C TYR A 125 21.51 21.60 -35.95
N SER A 126 22.49 21.02 -35.25
CA SER A 126 22.78 21.43 -33.88
C SER A 126 23.31 22.87 -33.86
N ASP A 127 24.14 23.20 -34.84
CA ASP A 127 24.71 24.53 -34.95
C ASP A 127 23.62 25.56 -35.22
N GLU A 128 22.68 25.21 -36.08
CA GLU A 128 21.54 26.08 -36.39
C GLU A 128 20.70 26.25 -35.15
N LEU A 129 20.50 25.13 -34.44
CA LEU A 129 19.72 25.14 -33.21
C LEU A 129 20.38 26.07 -32.20
N ARG A 130 21.72 26.09 -32.20
CA ARG A 130 22.47 26.95 -31.31
C ARG A 130 22.15 28.41 -31.63
N GLN A 131 22.14 28.73 -32.92
CA GLN A 131 21.85 30.09 -33.37
C GLN A 131 20.42 30.46 -32.99
N ARG A 132 19.49 29.55 -33.24
CA ARG A 132 18.10 29.77 -32.92
C ARG A 132 17.92 29.92 -31.41
N LEU A 133 18.55 29.02 -30.66
CA LEU A 133 18.47 29.06 -29.21
C LEU A 133 19.13 30.32 -28.67
N ALA A 134 20.29 30.67 -29.22
CA ALA A 134 21.01 31.86 -28.80
C ALA A 134 20.18 33.10 -29.11
N ALA A 135 19.59 33.14 -30.31
CA ALA A 135 18.76 34.26 -30.70
C ALA A 135 17.59 34.39 -29.74
N ARG A 136 16.97 33.26 -29.43
CA ARG A 136 15.85 33.23 -28.50
C ARG A 136 16.30 33.62 -27.09
N LEU A 137 17.36 32.98 -26.63
CA LEU A 137 17.89 33.25 -25.30
C LEU A 137 18.34 34.71 -25.14
N GLU A 138 19.02 35.23 -26.15
CA GLU A 138 19.49 36.61 -26.12
C GLU A 138 18.31 37.56 -26.10
N ALA A 139 17.30 37.26 -26.91
CA ALA A 139 16.10 38.08 -26.97
C ALA A 139 15.36 37.97 -25.64
N LEU A 140 15.19 36.74 -25.17
CA LEU A 140 14.51 36.49 -23.90
C LEU A 140 15.28 37.05 -22.72
N LYS A 141 16.56 37.33 -22.92
CA LYS A 141 17.39 37.90 -21.87
C LYS A 141 17.14 39.41 -21.78
N GLU A 142 17.16 40.07 -22.93
CA GLU A 142 16.90 41.50 -22.97
C GLU A 142 15.43 41.73 -22.62
N ASN A 143 14.58 40.91 -23.22
CA ASN A 143 13.15 40.95 -22.98
C ASN A 143 12.93 40.60 -21.51
N GLY A 144 13.74 39.67 -21.02
CA GLY A 144 13.66 39.25 -19.64
C GLY A 144 14.04 40.36 -18.70
N GLY A 145 15.11 41.08 -19.03
CA GLY A 145 15.54 42.19 -18.21
C GLY A 145 14.45 43.23 -18.11
N ALA A 146 13.82 43.51 -19.26
CA ALA A 146 12.73 44.45 -19.32
C ALA A 146 11.55 43.92 -18.52
N ARG A 147 11.20 42.66 -18.77
CA ARG A 147 10.09 42.01 -18.07
C ARG A 147 10.31 42.01 -16.56
N LEU A 148 11.54 41.72 -16.14
CA LEU A 148 11.88 41.70 -14.73
C LEU A 148 11.66 43.08 -14.12
N ALA A 149 12.06 44.12 -14.85
CA ALA A 149 11.88 45.49 -14.39
C ALA A 149 10.39 45.80 -14.35
N GLU A 150 9.69 45.39 -15.40
CA GLU A 150 8.25 45.57 -15.50
C GLU A 150 7.54 44.93 -14.31
N TYR A 151 7.85 43.66 -14.07
CA TYR A 151 7.25 42.92 -12.97
C TYR A 151 7.65 43.53 -11.64
N HIS A 152 8.90 43.95 -11.53
CA HIS A 152 9.40 44.55 -10.30
C HIS A 152 8.64 45.83 -9.99
N ALA A 153 8.43 46.64 -11.02
CA ALA A 153 7.68 47.90 -10.87
C ALA A 153 6.25 47.60 -10.45
N LYS A 154 5.66 46.60 -11.09
CA LYS A 154 4.29 46.20 -10.77
C LYS A 154 4.23 45.64 -9.35
N ALA A 155 5.28 44.95 -8.95
CA ALA A 155 5.37 44.38 -7.61
C ALA A 155 5.46 45.51 -6.60
N THR A 156 6.22 46.55 -6.94
CA THR A 156 6.36 47.71 -6.07
C THR A 156 5.01 48.39 -5.89
N GLU A 157 4.30 48.59 -6.99
CA GLU A 157 2.97 49.21 -6.96
C GLU A 157 1.98 48.29 -6.25
N HIS A 158 2.22 46.99 -6.36
CA HIS A 158 1.38 45.99 -5.74
C HIS A 158 1.58 46.03 -4.23
N LEU A 159 2.83 46.20 -3.82
CA LEU A 159 3.18 46.26 -2.42
C LEU A 159 2.78 47.58 -1.79
N SER A 160 2.92 48.68 -2.54
CA SER A 160 2.54 49.99 -2.03
C SER A 160 1.05 50.03 -1.76
N THR A 161 0.27 49.59 -2.75
CA THR A 161 -1.18 49.55 -2.60
C THR A 161 -1.58 48.50 -1.57
N LEU A 162 -0.70 47.53 -1.34
CA LEU A 162 -0.95 46.48 -0.35
C LEU A 162 -0.73 47.03 1.04
N SER A 163 0.26 47.91 1.19
CA SER A 163 0.53 48.50 2.50
C SER A 163 -0.66 49.37 2.91
N GLU A 164 -1.35 49.92 1.91
CA GLU A 164 -2.52 50.74 2.12
C GLU A 164 -3.71 49.87 2.51
N LYS A 165 -3.48 48.56 2.54
CA LYS A 165 -4.50 47.59 2.93
C LYS A 165 -4.05 46.90 4.21
N ALA A 166 -2.74 46.60 4.28
CA ALA A 166 -2.17 45.95 5.44
C ALA A 166 -2.17 46.87 6.66
N LYS A 167 -2.21 48.16 6.43
CA LYS A 167 -2.24 49.12 7.53
C LYS A 167 -3.67 49.60 7.84
N PRO A 168 -4.29 50.44 6.96
CA PRO A 168 -5.65 50.95 7.21
C PRO A 168 -6.72 49.87 7.26
N ALA A 169 -6.81 49.06 6.20
CA ALA A 169 -7.82 48.00 6.13
C ALA A 169 -7.68 47.02 7.29
N LEU A 170 -6.46 46.53 7.53
CA LEU A 170 -6.23 45.61 8.62
C LEU A 170 -6.46 46.27 9.97
N GLU A 171 -6.21 47.58 10.04
CA GLU A 171 -6.44 48.34 11.26
C GLU A 171 -7.92 48.34 11.56
N ASP A 172 -8.71 48.65 10.53
CA ASP A 172 -10.16 48.67 10.64
C ASP A 172 -10.69 47.30 11.01
N LEU A 173 -10.08 46.26 10.41
CA LEU A 173 -10.47 44.89 10.70
C LEU A 173 -10.15 44.54 12.14
N ARG A 174 -8.96 44.92 12.60
CA ARG A 174 -8.55 44.66 13.98
C ARG A 174 -9.41 45.46 14.94
N GLN A 175 -9.70 46.70 14.55
CA GLN A 175 -10.54 47.56 15.36
C GLN A 175 -11.93 47.01 15.48
N GLY A 176 -12.41 46.40 14.39
CA GLY A 176 -13.74 45.81 14.36
C GLY A 176 -13.74 44.48 15.11
N LEU A 177 -12.59 43.80 15.09
CA LEU A 177 -12.44 42.52 15.77
C LEU A 177 -12.70 42.66 17.26
N LEU A 178 -12.29 43.78 17.83
CA LEU A 178 -12.49 44.02 19.25
C LEU A 178 -13.97 43.89 19.67
N PRO A 179 -14.87 44.75 19.14
CA PRO A 179 -16.30 44.67 19.47
C PRO A 179 -16.91 43.35 19.01
N VAL A 180 -16.45 42.85 17.87
CA VAL A 180 -16.94 41.57 17.34
C VAL A 180 -16.65 40.45 18.33
N LEU A 181 -15.41 40.40 18.80
CA LEU A 181 -15.01 39.40 19.78
C LEU A 181 -15.80 39.58 21.05
N GLU A 182 -16.11 40.83 21.40
CA GLU A 182 -16.90 41.12 22.59
C GLU A 182 -18.28 40.49 22.45
N SER A 183 -18.96 40.81 21.36
CA SER A 183 -20.30 40.27 21.12
C SER A 183 -20.27 38.74 21.08
N PHE A 184 -19.20 38.19 20.51
CA PHE A 184 -19.04 36.75 20.42
C PHE A 184 -18.81 36.15 21.80
N LYS A 185 -17.91 36.75 22.56
CA LYS A 185 -17.61 36.29 23.91
C LYS A 185 -18.83 36.37 24.80
N VAL A 186 -19.57 37.47 24.69
CA VAL A 186 -20.77 37.67 25.49
C VAL A 186 -21.80 36.57 25.21
N SER A 187 -22.02 36.28 23.92
CA SER A 187 -22.97 35.25 23.53
C SER A 187 -22.44 33.84 23.87
N PHE A 188 -21.14 33.66 23.72
CA PHE A 188 -20.51 32.37 24.02
C PHE A 188 -20.57 32.07 25.50
N LEU A 189 -20.23 33.07 26.32
CA LEU A 189 -20.25 32.90 27.77
C LEU A 189 -21.65 32.63 28.28
N SER A 190 -22.64 33.25 27.65
CA SER A 190 -24.03 33.06 28.04
C SER A 190 -24.55 31.72 27.53
N ALA A 191 -24.05 31.30 26.36
CA ALA A 191 -24.45 30.02 25.79
C ALA A 191 -23.89 28.88 26.62
N LEU A 192 -22.72 29.10 27.20
CA LEU A 192 -22.07 28.11 28.04
C LEU A 192 -22.96 27.76 29.22
N GLU A 193 -23.67 28.78 29.71
CA GLU A 193 -24.58 28.61 30.83
C GLU A 193 -25.66 27.60 30.45
N GLU A 194 -26.26 27.79 29.27
CA GLU A 194 -27.31 26.90 28.79
C GLU A 194 -26.78 25.49 28.64
N TYR A 195 -25.57 25.38 28.09
CA TYR A 195 -24.94 24.09 27.90
C TYR A 195 -24.78 23.35 29.22
N THR A 196 -24.27 24.05 30.23
CA THR A 196 -24.08 23.44 31.54
C THR A 196 -25.42 23.19 32.25
N LYS A 197 -26.35 24.14 32.13
CA LYS A 197 -27.65 24.04 32.75
C LYS A 197 -28.42 22.82 32.24
N LYS A 198 -28.40 22.63 30.92
CA LYS A 198 -29.10 21.50 30.30
C LYS A 198 -28.35 20.19 30.46
N LEU A 199 -27.09 20.27 30.88
CA LEU A 199 -26.27 19.09 31.08
C LEU A 199 -26.47 18.56 32.49
N ASN A 200 -27.22 19.30 33.28
CA ASN A 200 -27.50 18.91 34.66
C ASN A 200 -26.54 19.61 35.63
N MET B 3 3.12 -10.82 6.15
CA MET B 3 4.24 -10.40 7.03
C MET B 3 4.33 -8.88 7.04
N THR B 4 5.11 -8.36 7.99
CA THR B 4 5.30 -6.92 8.11
C THR B 4 6.70 -6.52 7.64
N GLU B 5 6.79 -5.37 7.01
CA GLU B 5 8.05 -4.85 6.53
C GLU B 5 8.64 -3.87 7.55
N TYR B 6 9.91 -4.05 7.88
CA TYR B 6 10.57 -3.19 8.86
C TYR B 6 11.61 -2.31 8.16
N LYS B 7 11.51 -1.01 8.36
CA LYS B 7 12.43 -0.08 7.74
C LYS B 7 13.45 0.43 8.77
N LEU B 8 14.63 -0.19 8.78
CA LEU B 8 15.68 0.19 9.71
C LEU B 8 16.70 1.08 9.03
N VAL B 9 17.29 2.00 9.78
CA VAL B 9 18.30 2.91 9.25
C VAL B 9 19.49 2.99 10.22
N VAL B 10 20.65 3.41 9.71
CA VAL B 10 21.84 3.50 10.54
C VAL B 10 22.57 4.84 10.37
N VAL B 11 22.86 5.49 11.48
CA VAL B 11 23.57 6.77 11.49
C VAL B 11 24.95 6.60 12.12
N GLY B 12 25.83 7.55 11.87
CA GLY B 12 27.16 7.48 12.43
C GLY B 12 28.14 8.32 11.65
N ALA B 13 29.32 8.54 12.22
CA ALA B 13 30.37 9.33 11.58
C ALA B 13 30.96 8.62 10.36
N VAL B 14 31.73 9.34 9.58
CA VAL B 14 32.36 8.78 8.41
C VAL B 14 33.59 7.95 8.77
N GLY B 15 33.36 6.68 9.03
CA GLY B 15 34.45 5.78 9.37
C GLY B 15 34.07 4.77 10.42
N VAL B 16 32.91 4.95 11.04
CA VAL B 16 32.45 4.03 12.08
C VAL B 16 32.40 2.57 11.62
N GLY B 17 31.93 2.34 10.39
CA GLY B 17 31.87 0.98 9.87
C GLY B 17 30.46 0.48 9.63
N LYS B 18 29.57 1.39 9.27
CA LYS B 18 28.17 1.02 8.99
C LYS B 18 28.07 0.12 7.77
N SER B 19 28.87 0.42 6.76
CA SER B 19 28.89 -0.35 5.53
C SER B 19 29.20 -1.81 5.85
N ALA B 20 30.24 -2.01 6.64
CA ALA B 20 30.66 -3.34 7.03
C ALA B 20 29.58 -4.05 7.82
N LEU B 21 29.02 -3.35 8.80
CA LEU B 21 27.97 -3.91 9.66
C LEU B 21 26.78 -4.40 8.85
N THR B 22 26.36 -3.60 7.89
CA THR B 22 25.22 -3.92 7.05
C THR B 22 25.48 -5.12 6.13
N ILE B 23 26.61 -5.09 5.43
CA ILE B 23 26.96 -6.17 4.50
C ILE B 23 27.27 -7.48 5.25
N GLN B 24 27.82 -7.35 6.44
CA GLN B 24 28.17 -8.50 7.27
C GLN B 24 26.92 -9.26 7.73
N LEU B 25 25.78 -8.60 7.69
CA LEU B 25 24.54 -9.23 8.09
C LEU B 25 23.75 -9.71 6.87
N ILE B 26 23.85 -8.98 5.77
CA ILE B 26 23.14 -9.32 4.55
C ILE B 26 23.84 -10.44 3.76
N GLN B 27 25.06 -10.18 3.34
CA GLN B 27 25.82 -11.15 2.56
C GLN B 27 26.84 -11.88 3.44
N ASN B 28 26.89 -11.52 4.72
CA ASN B 28 27.80 -12.13 5.68
C ASN B 28 29.26 -11.99 5.24
N HIS B 29 29.56 -10.88 4.59
CA HIS B 29 30.91 -10.60 4.13
C HIS B 29 31.39 -9.26 4.66
N PHE B 30 32.56 -9.26 5.29
CA PHE B 30 33.14 -8.03 5.83
C PHE B 30 34.00 -7.36 4.78
N VAL B 31 33.69 -6.11 4.49
CA VAL B 31 34.45 -5.35 3.50
C VAL B 31 35.60 -4.59 4.16
N ASP B 32 36.81 -4.86 3.69
CA ASP B 32 38.00 -4.19 4.23
C ASP B 32 38.21 -2.87 3.50
N GLU B 33 37.69 -2.80 2.28
CA GLU B 33 37.80 -1.62 1.46
C GLU B 33 36.90 -0.50 1.96
N TYR B 34 37.38 0.74 1.84
CA TYR B 34 36.61 1.89 2.27
C TYR B 34 35.79 2.44 1.11
N ASP B 35 34.47 2.44 1.27
CA ASP B 35 33.58 2.93 0.24
C ASP B 35 32.73 4.07 0.79
N PRO B 36 32.51 5.13 0.00
CA PRO B 36 31.69 6.28 0.43
C PRO B 36 30.21 5.90 0.48
N THR B 37 29.36 6.86 0.81
CA THR B 37 27.94 6.60 0.92
C THR B 37 27.11 7.87 0.76
N ILE B 38 26.08 7.77 -0.09
CA ILE B 38 25.15 8.86 -0.35
C ILE B 38 23.72 8.32 -0.23
N GLU B 39 23.55 7.05 -0.60
CA GLU B 39 22.24 6.41 -0.57
C GLU B 39 22.40 4.90 -0.76
N ASP B 40 22.16 4.12 0.30
CA ASP B 40 22.27 2.67 0.22
C ASP B 40 21.08 2.01 0.92
N SER B 41 20.73 0.79 0.53
CA SER B 41 19.61 0.06 1.14
C SER B 41 19.63 -1.41 0.72
N TYR B 42 19.66 -2.31 1.71
CA TYR B 42 19.66 -3.74 1.45
C TYR B 42 18.42 -4.38 2.06
N ARG B 43 17.82 -5.31 1.34
CA ARG B 43 16.62 -5.99 1.79
C ARG B 43 16.81 -7.49 1.90
N LYS B 44 16.40 -8.05 3.01
CA LYS B 44 16.50 -9.49 3.25
C LYS B 44 15.45 -9.92 4.25
N GLN B 45 14.99 -11.16 4.13
CA GLN B 45 13.98 -11.70 5.01
C GLN B 45 14.60 -12.71 5.98
N VAL B 46 14.38 -12.51 7.26
CA VAL B 46 14.92 -13.42 8.27
C VAL B 46 13.83 -13.85 9.24
N VAL B 47 14.20 -14.67 10.21
CA VAL B 47 13.26 -15.17 11.21
C VAL B 47 13.69 -14.70 12.58
N ILE B 48 13.19 -13.56 13.01
CA ILE B 48 13.55 -13.00 14.31
C ILE B 48 12.62 -13.48 15.42
N ASP B 49 13.09 -14.44 16.19
CA ASP B 49 12.34 -15.02 17.30
C ASP B 49 11.04 -15.69 16.84
N GLY B 50 11.16 -16.54 15.82
CA GLY B 50 10.01 -17.26 15.32
C GLY B 50 9.23 -16.48 14.27
N GLU B 51 9.05 -15.19 14.51
CA GLU B 51 8.31 -14.34 13.58
C GLU B 51 9.21 -13.88 12.44
N THR B 52 8.84 -14.27 11.23
CA THR B 52 9.60 -13.89 10.05
C THR B 52 9.07 -12.59 9.46
N CYS B 53 9.97 -11.68 9.16
CA CYS B 53 9.60 -10.39 8.60
C CYS B 53 10.67 -9.91 7.62
N LEU B 54 10.31 -8.94 6.80
CA LEU B 54 11.22 -8.39 5.81
C LEU B 54 11.99 -7.20 6.40
N LEU B 55 13.28 -7.11 6.09
CA LEU B 55 14.09 -6.02 6.59
C LEU B 55 14.78 -5.27 5.47
N ASP B 56 14.62 -3.95 5.46
CA ASP B 56 15.25 -3.09 4.48
C ASP B 56 15.99 -1.99 5.24
N ILE B 57 17.31 -2.03 5.20
CA ILE B 57 18.13 -1.06 5.93
C ILE B 57 18.83 -0.08 5.01
N LEU B 58 18.61 1.21 5.27
CA LEU B 58 19.22 2.27 4.48
C LEU B 58 20.47 2.81 5.16
N ASP B 59 21.54 2.95 4.41
CA ASP B 59 22.80 3.48 4.93
C ASP B 59 22.95 4.94 4.50
N THR B 60 22.84 5.84 5.46
CA THR B 60 22.93 7.28 5.19
C THR B 60 24.35 7.81 5.37
N ALA B 61 24.56 9.06 4.96
CA ALA B 61 25.87 9.69 5.08
C ALA B 61 25.94 10.49 6.37
N GLY B 62 27.16 10.75 6.84
CA GLY B 62 27.33 11.50 8.08
C GLY B 62 27.58 12.97 7.83
N GLN B 63 28.52 13.26 6.95
CA GLN B 63 28.87 14.65 6.63
C GLN B 63 27.99 15.21 5.52
N GLU B 64 26.86 15.77 5.90
CA GLU B 64 25.93 16.36 4.95
C GLU B 64 25.30 17.62 5.50
N GLU B 65 24.45 18.25 4.71
CA GLU B 65 23.76 19.47 5.11
C GLU B 65 22.25 19.27 5.00
N TYR B 66 21.51 20.36 5.01
CA TYR B 66 20.05 20.30 4.91
C TYR B 66 19.61 20.26 3.45
N SER B 67 19.03 19.14 3.05
CA SER B 67 18.53 18.96 1.68
C SER B 67 17.23 18.18 1.72
N ALA B 68 16.46 18.24 0.63
CA ALA B 68 15.19 17.53 0.55
C ALA B 68 15.35 16.04 0.80
N MET B 69 16.16 15.41 -0.03
CA MET B 69 16.43 13.98 0.09
C MET B 69 17.05 13.66 1.45
N ARG B 70 17.92 14.54 1.91
CA ARG B 70 18.61 14.37 3.19
C ARG B 70 17.62 14.28 4.36
N ASP B 71 16.55 15.06 4.31
CA ASP B 71 15.57 15.07 5.39
C ASP B 71 14.41 14.10 5.14
N GLN B 72 14.44 13.42 4.00
CA GLN B 72 13.40 12.46 3.66
C GLN B 72 13.93 11.04 3.59
N TYR B 73 15.22 10.88 3.30
CA TYR B 73 15.83 9.55 3.21
C TYR B 73 16.14 8.98 4.58
N MET B 74 15.52 9.56 5.58
CA MET B 74 15.68 9.15 6.95
C MET B 74 14.42 9.54 7.73
N ARG B 75 13.34 9.73 7.00
CA ARG B 75 12.07 10.13 7.59
C ARG B 75 11.09 8.97 7.62
N THR B 76 11.26 8.02 6.70
CA THR B 76 10.39 6.86 6.66
C THR B 76 10.96 5.67 7.45
N GLY B 77 12.02 5.93 8.20
CA GLY B 77 12.64 4.90 8.99
C GLY B 77 11.89 4.70 10.30
N GLU B 78 11.79 3.45 10.74
CA GLU B 78 11.10 3.13 11.98
C GLU B 78 12.07 3.09 13.15
N GLY B 79 13.29 2.64 12.88
CA GLY B 79 14.30 2.56 13.91
C GLY B 79 15.66 3.00 13.37
N PHE B 80 16.40 3.74 14.19
CA PHE B 80 17.69 4.25 13.76
C PHE B 80 18.80 3.84 14.73
N LEU B 81 19.84 3.21 14.18
CA LEU B 81 20.98 2.75 14.98
C LEU B 81 22.08 3.79 14.97
N CYS B 82 22.60 4.12 16.14
CA CYS B 82 23.67 5.11 16.27
C CYS B 82 25.01 4.40 16.47
N VAL B 83 25.81 4.35 15.42
CA VAL B 83 27.11 3.68 15.48
C VAL B 83 28.24 4.67 15.76
N PHE B 84 29.11 4.29 16.69
CA PHE B 84 30.26 5.11 17.05
C PHE B 84 31.46 4.20 17.30
N ALA B 85 32.66 4.77 17.25
CA ALA B 85 33.87 4.02 17.48
C ALA B 85 34.39 4.25 18.90
N ILE B 86 34.71 3.18 19.60
CA ILE B 86 35.21 3.30 20.98
C ILE B 86 36.65 3.86 21.01
N ASN B 87 37.25 3.99 19.84
CA ASN B 87 38.60 4.52 19.72
C ASN B 87 38.57 5.96 19.21
N ASN B 88 37.39 6.54 19.17
CA ASN B 88 37.21 7.91 18.71
C ASN B 88 36.11 8.61 19.50
N THR B 89 36.51 9.42 20.46
CA THR B 89 35.56 10.14 21.31
C THR B 89 34.70 11.10 20.48
N LYS B 90 35.28 11.71 19.46
CA LYS B 90 34.56 12.65 18.61
C LYS B 90 33.32 12.00 18.00
N SER B 91 33.46 10.74 17.57
CA SER B 91 32.35 10.01 16.98
C SER B 91 31.28 9.71 18.03
N PHE B 92 31.71 9.61 19.28
CA PHE B 92 30.79 9.32 20.38
C PHE B 92 30.00 10.56 20.77
N GLU B 93 30.65 11.72 20.71
CA GLU B 93 30.01 13.00 21.06
C GLU B 93 29.04 13.42 19.96
N ASP B 94 29.35 13.01 18.73
CA ASP B 94 28.54 13.35 17.57
C ASP B 94 27.18 12.62 17.62
N ILE B 95 27.10 11.57 18.44
CA ILE B 95 25.87 10.80 18.58
C ILE B 95 24.74 11.71 19.09
N HIS B 96 25.09 12.61 19.99
CA HIS B 96 24.13 13.56 20.56
C HIS B 96 23.56 14.45 19.46
N HIS B 97 24.39 14.78 18.49
CA HIS B 97 24.01 15.62 17.37
C HIS B 97 23.13 14.85 16.40
N TYR B 98 23.41 13.56 16.22
CA TYR B 98 22.63 12.73 15.31
C TYR B 98 21.24 12.44 15.87
N ARG B 99 21.17 12.14 17.16
CA ARG B 99 19.92 11.83 17.82
C ARG B 99 18.91 12.97 17.70
N GLU B 100 19.35 14.18 18.01
CA GLU B 100 18.47 15.34 17.93
C GLU B 100 17.91 15.55 16.52
N GLN B 101 18.73 15.21 15.52
CA GLN B 101 18.33 15.33 14.12
C GLN B 101 17.19 14.37 13.82
N ILE B 102 17.33 13.14 14.29
CA ILE B 102 16.32 12.10 14.09
C ILE B 102 15.02 12.49 14.80
N LYS B 103 15.16 13.10 15.98
CA LYS B 103 14.01 13.53 16.76
C LYS B 103 13.20 14.59 16.02
N ARG B 104 13.87 15.34 15.15
CA ARG B 104 13.19 16.38 14.39
C ARG B 104 12.50 15.80 13.14
N VAL B 105 13.19 14.90 12.46
CA VAL B 105 12.63 14.30 11.24
C VAL B 105 11.42 13.42 11.53
N LYS B 106 11.42 12.76 12.69
CA LYS B 106 10.30 11.91 13.08
C LYS B 106 9.32 12.64 13.98
N ASP B 107 9.78 13.74 14.56
CA ASP B 107 8.98 14.56 15.47
C ASP B 107 8.31 13.72 16.57
N SER B 108 9.13 13.16 17.45
CA SER B 108 8.63 12.33 18.53
C SER B 108 9.62 12.31 19.70
N GLU B 109 9.10 12.10 20.90
CA GLU B 109 9.94 12.02 22.09
C GLU B 109 10.31 10.57 22.37
N ASP B 110 9.64 9.68 21.64
CA ASP B 110 9.87 8.25 21.77
C ASP B 110 10.26 7.67 20.41
N VAL B 111 11.57 7.54 20.20
CA VAL B 111 12.09 7.00 18.94
C VAL B 111 13.00 5.81 19.22
N PRO B 112 12.74 4.66 18.57
CA PRO B 112 13.52 3.44 18.74
C PRO B 112 14.96 3.61 18.25
N MET B 113 15.90 3.60 19.19
CA MET B 113 17.31 3.74 18.86
C MET B 113 18.13 2.81 19.74
N VAL B 114 19.31 2.45 19.26
CA VAL B 114 20.20 1.57 20.00
C VAL B 114 21.63 2.08 19.84
N LEU B 115 22.37 2.09 20.94
CA LEU B 115 23.75 2.56 20.92
C LEU B 115 24.67 1.46 20.40
N VAL B 116 25.35 1.74 19.29
CA VAL B 116 26.24 0.78 18.68
C VAL B 116 27.71 1.17 18.83
N GLY B 117 28.40 0.50 19.74
CA GLY B 117 29.81 0.77 19.95
C GLY B 117 30.65 -0.17 19.12
N ASN B 118 31.10 0.31 17.97
CA ASN B 118 31.88 -0.52 17.05
C ASN B 118 33.39 -0.36 17.26
N LYS B 119 34.15 -1.28 16.66
CA LYS B 119 35.61 -1.28 16.72
C LYS B 119 36.14 -1.55 18.13
N CYS B 120 35.54 -2.52 18.81
CA CYS B 120 35.96 -2.87 20.16
C CYS B 120 37.14 -3.85 20.11
N ASP B 121 37.54 -4.20 18.89
CA ASP B 121 38.65 -5.10 18.67
C ASP B 121 39.96 -4.32 18.58
N LEU B 122 39.87 -3.02 18.81
CA LEU B 122 41.05 -2.17 18.76
C LEU B 122 41.61 -1.92 20.16
N PRO B 123 42.94 -1.95 20.30
CA PRO B 123 43.61 -1.71 21.59
C PRO B 123 43.34 -0.30 22.10
N SER B 124 43.18 0.64 21.17
CA SER B 124 42.89 2.02 21.52
C SER B 124 41.44 2.15 21.98
N ARG B 125 41.26 2.44 23.27
CA ARG B 125 39.93 2.58 23.84
C ARG B 125 39.80 3.90 24.58
N THR B 126 39.27 4.90 23.91
CA THR B 126 39.08 6.21 24.52
C THR B 126 37.72 6.29 25.18
N VAL B 127 36.78 5.55 24.64
CA VAL B 127 35.42 5.51 25.18
C VAL B 127 35.30 4.32 26.14
N ASP B 128 34.99 4.61 27.39
CA ASP B 128 34.86 3.57 28.40
C ASP B 128 33.52 2.84 28.28
N THR B 129 33.49 1.61 28.75
CA THR B 129 32.27 0.80 28.71
C THR B 129 31.17 1.46 29.52
N LYS B 130 31.52 1.88 30.74
CA LYS B 130 30.58 2.53 31.64
C LYS B 130 30.04 3.82 31.03
N GLN B 131 30.94 4.59 30.41
CA GLN B 131 30.59 5.85 29.77
C GLN B 131 29.45 5.66 28.77
N ALA B 132 29.60 4.65 27.92
CA ALA B 132 28.60 4.35 26.90
C ALA B 132 27.29 3.86 27.53
N GLN B 133 27.40 2.94 28.48
CA GLN B 133 26.23 2.39 29.14
C GLN B 133 25.44 3.47 29.87
N ASP B 134 26.16 4.41 30.48
CA ASP B 134 25.52 5.50 31.21
C ASP B 134 24.72 6.41 30.28
N LEU B 135 25.31 6.74 29.13
CA LEU B 135 24.64 7.60 28.16
C LEU B 135 23.42 6.89 27.59
N ALA B 136 23.57 5.60 27.33
CA ALA B 136 22.48 4.79 26.80
C ALA B 136 21.31 4.77 27.78
N ARG B 137 21.63 4.54 29.04
CA ARG B 137 20.61 4.51 30.09
C ARG B 137 19.91 5.87 30.21
N SER B 138 20.70 6.93 30.18
CA SER B 138 20.18 8.29 30.29
C SER B 138 19.20 8.59 29.15
N TYR B 139 19.55 8.17 27.95
CA TYR B 139 18.72 8.39 26.78
C TYR B 139 17.54 7.44 26.74
N GLY B 140 17.68 6.30 27.40
CA GLY B 140 16.62 5.31 27.43
C GLY B 140 16.71 4.35 26.26
N ILE B 141 17.94 4.01 25.88
CA ILE B 141 18.18 3.10 24.76
C ILE B 141 19.20 2.03 25.17
N PRO B 142 19.10 0.83 24.59
CA PRO B 142 20.03 -0.26 24.89
C PRO B 142 21.39 -0.04 24.24
N PHE B 143 22.42 -0.62 24.83
CA PHE B 143 23.77 -0.50 24.29
C PHE B 143 24.37 -1.86 24.00
N ILE B 144 24.83 -2.06 22.77
CA ILE B 144 25.43 -3.32 22.35
C ILE B 144 26.82 -3.05 21.76
N GLU B 145 27.80 -3.81 22.24
CA GLU B 145 29.17 -3.68 21.76
C GLU B 145 29.31 -4.46 20.45
N THR B 146 29.83 -3.80 19.42
CA THR B 146 29.97 -4.42 18.11
C THR B 146 31.41 -4.43 17.61
N SER B 147 31.68 -5.31 16.66
CA SER B 147 32.98 -5.45 16.04
C SER B 147 32.79 -6.08 14.67
N ALA B 148 33.08 -5.32 13.62
CA ALA B 148 32.94 -5.81 12.26
C ALA B 148 33.98 -6.88 11.93
N LYS B 149 35.10 -6.85 12.67
CA LYS B 149 36.17 -7.81 12.46
C LYS B 149 35.84 -9.15 13.10
N THR B 150 35.62 -9.13 14.42
CA THR B 150 35.31 -10.35 15.17
C THR B 150 33.86 -10.79 15.00
N ARG B 151 33.08 -10.01 14.27
CA ARG B 151 31.67 -10.32 14.02
C ARG B 151 30.87 -10.42 15.33
N GLN B 152 31.25 -9.61 16.30
CA GLN B 152 30.61 -9.61 17.61
C GLN B 152 29.55 -8.52 17.69
N GLY B 153 28.32 -8.91 18.03
CA GLY B 153 27.25 -7.95 18.18
C GLY B 153 26.67 -7.47 16.86
N VAL B 154 27.18 -7.97 15.76
CA VAL B 154 26.71 -7.57 14.44
C VAL B 154 25.22 -7.80 14.29
N ASP B 155 24.79 -9.05 14.45
CA ASP B 155 23.39 -9.40 14.33
C ASP B 155 22.64 -8.95 15.57
N ASP B 156 23.34 -8.93 16.69
CA ASP B 156 22.76 -8.53 17.97
C ASP B 156 22.22 -7.11 17.93
N ALA B 157 23.02 -6.18 17.41
CA ALA B 157 22.62 -4.78 17.33
C ALA B 157 21.33 -4.61 16.54
N PHE B 158 21.27 -5.22 15.36
CA PHE B 158 20.10 -5.13 14.50
C PHE B 158 18.88 -5.79 15.14
N TYR B 159 19.08 -6.98 15.70
CA TYR B 159 17.99 -7.72 16.35
C TYR B 159 17.46 -6.96 17.55
N THR B 160 18.32 -6.23 18.24
CA THR B 160 17.93 -5.45 19.40
C THR B 160 17.04 -4.30 18.95
N LEU B 161 17.40 -3.66 17.84
CA LEU B 161 16.63 -2.55 17.30
C LEU B 161 15.22 -3.00 16.96
N VAL B 162 15.11 -4.15 16.30
CA VAL B 162 13.82 -4.70 15.93
C VAL B 162 12.93 -4.91 17.15
N ARG B 163 13.54 -5.34 18.25
CA ARG B 163 12.82 -5.58 19.48
C ARG B 163 12.32 -4.27 20.09
N GLU B 164 13.09 -3.21 19.89
CA GLU B 164 12.72 -1.90 20.41
C GLU B 164 11.56 -1.33 19.62
N ILE B 165 11.58 -1.55 18.31
CA ILE B 165 10.52 -1.08 17.44
C ILE B 165 9.24 -1.88 17.68
N ARG B 166 9.40 -3.19 17.91
CA ARG B 166 8.27 -4.06 18.18
C ARG B 166 7.53 -3.60 19.44
N LYS B 167 8.28 -3.17 20.44
CA LYS B 167 7.69 -2.68 21.68
C LYS B 167 7.11 -1.29 21.47
N HIS B 168 7.76 -0.52 20.60
CA HIS B 168 7.33 0.84 20.30
C HIS B 168 5.96 0.81 19.62
N LYS B 169 5.82 -0.09 18.65
CA LYS B 169 4.57 -0.23 17.91
C LYS B 169 3.45 -0.71 18.83
N GLU B 170 3.78 -1.67 19.71
CA GLU B 170 2.79 -2.22 20.65
C GLU B 170 2.35 -1.13 21.61
N LYS B 171 3.29 -0.28 22.01
CA LYS B 171 3.02 0.83 22.92
C LYS B 171 2.02 1.78 22.28
N MET B 172 2.16 1.97 20.97
CA MET B 172 1.29 2.85 20.22
C MET B 172 -0.11 2.27 20.08
N SER B 173 -0.19 0.94 20.00
CA SER B 173 -1.48 0.26 19.88
C SER B 173 -2.31 0.43 21.15
N LYS B 174 -1.64 0.41 22.30
CA LYS B 174 -2.31 0.55 23.58
C LYS B 174 -2.33 2.00 24.05
N ASP B 175 -1.76 2.89 23.24
CA ASP B 175 -1.71 4.34 23.54
C ASP B 175 -0.88 4.65 24.80
N GLY B 176 -0.17 3.66 25.29
CA GLY B 176 0.65 3.84 26.48
C GLY B 176 -0.15 3.95 27.77
N LYS B 177 -0.90 5.03 27.89
CA LYS B 177 -1.71 5.28 29.07
C LYS B 177 -3.13 5.70 28.68
N LYS B 178 -3.95 6.03 29.67
CA LYS B 178 -5.31 6.46 29.41
C LYS B 178 -5.62 7.81 30.06
N LYS B 179 -6.00 8.78 29.24
CA LYS B 179 -6.32 10.10 29.72
C LYS B 179 -7.71 10.10 30.37
N LYS B 180 -7.74 10.17 31.69
CA LYS B 180 -8.99 10.15 32.43
C LYS B 180 -9.25 11.47 33.15
N LYS B 181 -8.21 12.32 33.21
CA LYS B 181 -8.28 13.62 33.86
C LYS B 181 -8.71 13.50 35.32
N LYS B 182 -7.78 13.09 36.18
CA LYS B 182 -8.07 12.92 37.60
C LYS B 182 -7.98 14.26 38.33
N SER B 183 -9.07 14.60 39.02
CA SER B 183 -9.15 15.84 39.79
C SER B 183 -9.17 17.08 38.91
N LYS B 184 -9.54 18.20 39.52
CA LYS B 184 -9.62 19.48 38.83
C LYS B 184 -9.48 20.61 39.83
N THR B 185 -10.34 20.61 40.83
CA THR B 185 -10.32 21.61 41.87
C THR B 185 -9.61 21.07 43.11
N LYS B 186 -8.77 21.90 43.74
CA LYS B 186 -8.04 21.53 44.94
C LYS B 186 -7.10 20.35 44.69
N CYS B 187 -6.53 20.30 43.50
CA CYS B 187 -5.61 19.25 43.14
C CYS B 187 -4.19 19.64 43.53
N LEU C 3 -24.52 46.41 11.14
CA LEU C 3 -23.70 47.59 11.38
C LEU C 3 -22.25 47.27 11.09
N LYS C 4 -21.80 46.13 11.61
CA LYS C 4 -20.43 45.68 11.43
C LYS C 4 -20.20 45.31 9.96
N LEU C 5 -21.18 44.61 9.39
CA LEU C 5 -21.12 44.18 7.99
C LEU C 5 -21.03 45.38 7.05
N LEU C 6 -21.62 46.50 7.48
CA LEU C 6 -21.60 47.71 6.67
C LEU C 6 -20.19 48.28 6.60
N ASP C 7 -19.53 48.36 7.75
CA ASP C 7 -18.16 48.87 7.83
C ASP C 7 -17.21 47.92 7.14
N ASN C 8 -17.46 46.63 7.34
CA ASN C 8 -16.66 45.57 6.73
C ASN C 8 -16.67 45.71 5.21
N TRP C 9 -17.87 45.78 4.64
CA TRP C 9 -18.02 45.93 3.20
C TRP C 9 -17.48 47.28 2.72
N ASP C 10 -17.59 48.28 3.60
CA ASP C 10 -17.11 49.62 3.30
C ASP C 10 -15.61 49.59 3.07
N SER C 11 -14.91 48.92 3.98
CA SER C 11 -13.46 48.78 3.87
C SER C 11 -13.10 47.99 2.62
N VAL C 12 -13.95 47.01 2.29
CA VAL C 12 -13.75 46.20 1.10
C VAL C 12 -13.88 47.07 -0.15
N THR C 13 -14.75 48.07 -0.07
CA THR C 13 -14.96 49.00 -1.17
C THR C 13 -13.67 49.77 -1.44
N SER C 14 -13.04 50.26 -0.38
CA SER C 14 -11.81 51.02 -0.48
C SER C 14 -10.68 50.14 -1.04
N THR C 15 -10.63 48.88 -0.60
CA THR C 15 -9.61 47.97 -1.07
C THR C 15 -9.83 47.60 -2.53
N PHE C 16 -11.09 47.68 -2.97
CA PHE C 16 -11.46 47.37 -4.35
C PHE C 16 -10.98 48.47 -5.29
N SER C 17 -11.19 49.73 -4.90
CA SER C 17 -10.75 50.84 -5.73
C SER C 17 -9.23 50.83 -5.82
N LYS C 18 -8.58 50.55 -4.69
CA LYS C 18 -7.12 50.49 -4.64
C LYS C 18 -6.61 49.16 -5.18
N LEU C 19 -7.48 48.47 -5.90
CA LEU C 19 -7.16 47.21 -6.53
C LEU C 19 -7.36 47.39 -8.03
N ARG C 20 -8.52 47.95 -8.40
CA ARG C 20 -8.85 48.22 -9.78
C ARG C 20 -7.93 49.29 -10.35
N GLU C 21 -7.72 50.36 -9.59
CA GLU C 21 -6.84 51.45 -10.01
C GLU C 21 -5.39 50.97 -10.05
N GLN C 22 -5.08 50.00 -9.22
CA GLN C 22 -3.75 49.43 -9.17
C GLN C 22 -3.52 48.64 -10.45
N LEU C 23 -4.57 47.93 -10.88
CA LEU C 23 -4.52 47.12 -12.08
C LEU C 23 -4.49 47.99 -13.33
N GLY C 24 -4.87 49.25 -13.19
CA GLY C 24 -4.87 50.19 -14.31
C GLY C 24 -3.51 50.25 -14.97
N PRO C 25 -2.51 50.88 -14.34
CA PRO C 25 -1.17 50.98 -14.88
C PRO C 25 -0.56 49.59 -15.06
N VAL C 26 -0.89 48.68 -14.14
CA VAL C 26 -0.39 47.32 -14.19
C VAL C 26 -0.76 46.63 -15.51
N THR C 27 -2.03 46.71 -15.91
CA THR C 27 -2.46 46.09 -17.16
C THR C 27 -1.86 46.82 -18.36
N GLN C 28 -1.78 48.14 -18.28
CA GLN C 28 -1.21 48.94 -19.35
C GLN C 28 0.24 48.53 -19.58
N GLU C 29 0.97 48.43 -18.49
CA GLU C 29 2.37 48.02 -18.53
C GLU C 29 2.46 46.55 -18.92
N PHE C 30 1.55 45.74 -18.39
CA PHE C 30 1.52 44.32 -18.68
C PHE C 30 1.24 44.10 -20.17
N TRP C 31 0.45 44.98 -20.76
CA TRP C 31 0.15 44.89 -22.17
C TRP C 31 1.42 45.18 -22.97
N ASP C 32 2.19 46.15 -22.49
CA ASP C 32 3.45 46.50 -23.12
C ASP C 32 4.44 45.37 -22.89
N ASN C 33 4.35 44.79 -21.71
CA ASN C 33 5.19 43.66 -21.33
C ASN C 33 4.88 42.48 -22.25
N LEU C 34 3.59 42.25 -22.50
CA LEU C 34 3.15 41.19 -23.38
C LEU C 34 3.55 41.55 -24.81
N GLU C 35 3.49 42.85 -25.13
CA GLU C 35 3.89 43.33 -26.44
C GLU C 35 5.35 42.99 -26.65
N LYS C 36 6.15 43.18 -25.61
CA LYS C 36 7.58 42.86 -25.67
C LYS C 36 7.77 41.40 -26.03
N GLU C 37 7.04 40.51 -25.35
CA GLU C 37 7.12 39.09 -25.62
C GLU C 37 6.66 38.80 -27.04
N THR C 38 5.56 39.44 -27.45
CA THR C 38 5.01 39.27 -28.79
C THR C 38 6.00 39.78 -29.83
N GLU C 39 6.55 40.97 -29.60
CA GLU C 39 7.51 41.55 -30.52
C GLU C 39 8.72 40.65 -30.62
N GLY C 40 9.20 40.18 -29.47
CA GLY C 40 10.33 39.29 -29.46
C GLY C 40 10.03 38.06 -30.28
N LEU C 41 8.88 37.45 -30.02
CA LEU C 41 8.45 36.26 -30.76
C LEU C 41 8.28 36.58 -32.24
N ARG C 42 7.98 37.84 -32.57
CA ARG C 42 7.82 38.24 -33.95
C ARG C 42 9.16 38.16 -34.67
N GLN C 43 10.24 38.27 -33.92
CA GLN C 43 11.58 38.19 -34.47
C GLN C 43 12.18 36.81 -34.23
N GLU C 44 11.72 36.15 -33.17
CA GLU C 44 12.19 34.82 -32.84
C GLU C 44 11.50 33.76 -33.70
N MET C 45 10.17 33.74 -33.65
CA MET C 45 9.37 32.77 -34.38
C MET C 45 9.57 32.88 -35.89
N SER C 46 9.89 34.07 -36.39
CA SER C 46 10.11 34.24 -37.81
C SER C 46 11.32 33.41 -38.24
N LYS C 47 12.36 33.46 -37.41
CA LYS C 47 13.58 32.70 -37.67
C LYS C 47 13.32 31.25 -37.33
N ASP C 48 12.58 31.02 -36.25
CA ASP C 48 12.22 29.68 -35.79
C ASP C 48 11.52 28.92 -36.90
N LEU C 49 10.50 29.55 -37.49
CA LEU C 49 9.72 28.95 -38.57
C LEU C 49 10.55 28.78 -39.84
N GLU C 50 11.34 29.80 -40.17
CA GLU C 50 12.17 29.74 -41.37
C GLU C 50 13.22 28.65 -41.22
N GLU C 51 13.83 28.59 -40.04
CA GLU C 51 14.84 27.58 -39.76
C GLU C 51 14.16 26.21 -39.76
N VAL C 52 12.95 26.16 -39.22
CA VAL C 52 12.17 24.92 -39.18
C VAL C 52 11.90 24.45 -40.61
N LYS C 53 11.48 25.37 -41.47
CA LYS C 53 11.20 25.04 -42.86
C LYS C 53 12.46 24.55 -43.56
N ALA C 54 13.55 25.26 -43.34
CA ALA C 54 14.83 24.91 -43.95
C ALA C 54 15.48 23.72 -43.26
N LYS C 55 14.87 23.23 -42.18
CA LYS C 55 15.40 22.09 -41.45
C LYS C 55 14.54 20.86 -41.68
N VAL C 56 13.23 21.07 -41.66
CA VAL C 56 12.26 19.99 -41.86
C VAL C 56 12.33 19.46 -43.29
N GLN C 57 12.53 20.35 -44.25
CA GLN C 57 12.63 19.94 -45.65
C GLN C 57 13.74 18.91 -45.85
N PRO C 58 15.01 19.24 -45.53
CA PRO C 58 16.11 18.28 -45.68
C PRO C 58 15.97 17.12 -44.68
N TYR C 59 15.30 17.38 -43.57
CA TYR C 59 15.10 16.35 -42.56
C TYR C 59 14.17 15.28 -43.11
N LEU C 60 13.01 15.69 -43.60
CA LEU C 60 12.04 14.76 -44.17
C LEU C 60 12.62 14.14 -45.44
N ASP C 61 13.41 14.92 -46.16
CA ASP C 61 14.06 14.44 -47.37
C ASP C 61 15.04 13.33 -47.04
N ASP C 62 15.90 13.59 -46.06
CA ASP C 62 16.89 12.62 -45.64
C ASP C 62 16.21 11.45 -44.93
N PHE C 63 15.13 11.76 -44.23
CA PHE C 63 14.37 10.74 -43.53
C PHE C 63 13.67 9.85 -44.54
N GLN C 64 13.33 10.43 -45.68
CA GLN C 64 12.69 9.69 -46.76
C GLN C 64 13.68 8.69 -47.31
N LYS C 65 14.94 9.10 -47.38
CA LYS C 65 16.00 8.22 -47.85
C LYS C 65 16.14 7.09 -46.86
N LYS C 66 16.16 7.44 -45.58
CA LYS C 66 16.27 6.47 -44.50
C LYS C 66 15.08 5.52 -44.51
N TRP C 67 13.89 6.08 -44.66
CA TRP C 67 12.67 5.28 -44.71
C TRP C 67 12.71 4.40 -45.94
N GLN C 68 13.29 4.91 -47.02
CA GLN C 68 13.42 4.14 -48.24
C GLN C 68 14.41 3.01 -47.99
N GLU C 69 15.51 3.34 -47.32
CA GLU C 69 16.53 2.35 -46.97
C GLU C 69 15.88 1.26 -46.13
N GLU C 70 15.10 1.68 -45.14
CA GLU C 70 14.41 0.77 -44.26
C GLU C 70 13.36 -0.03 -45.01
N MET C 71 12.57 0.64 -45.85
CA MET C 71 11.54 -0.02 -46.63
C MET C 71 12.16 -1.11 -47.50
N GLU C 72 13.27 -0.76 -48.15
CA GLU C 72 14.01 -1.71 -48.98
C GLU C 72 14.53 -2.82 -48.08
N LEU C 73 15.10 -2.41 -46.95
CA LEU C 73 15.63 -3.34 -45.95
C LEU C 73 14.57 -4.33 -45.52
N TYR C 74 13.41 -3.79 -45.13
CA TYR C 74 12.30 -4.61 -44.68
C TYR C 74 11.78 -5.49 -45.81
N ARG C 75 11.74 -4.95 -47.02
CA ARG C 75 11.29 -5.73 -48.17
C ARG C 75 12.26 -6.87 -48.45
N GLN C 76 13.54 -6.56 -48.37
CA GLN C 76 14.59 -7.55 -48.60
C GLN C 76 14.68 -8.53 -47.45
N LYS C 77 14.01 -8.24 -46.35
CA LYS C 77 14.02 -9.11 -45.19
C LYS C 77 12.72 -9.90 -45.11
N VAL C 78 11.61 -9.18 -45.04
CA VAL C 78 10.29 -9.78 -44.94
C VAL C 78 9.99 -10.73 -46.10
N GLU C 79 10.41 -10.38 -47.31
CA GLU C 79 10.17 -11.22 -48.48
C GLU C 79 10.77 -12.64 -48.33
N PRO C 80 12.10 -12.77 -48.20
CA PRO C 80 12.73 -14.09 -48.04
C PRO C 80 12.36 -14.72 -46.71
N LEU C 81 12.23 -13.89 -45.67
CA LEU C 81 11.88 -14.39 -44.35
C LEU C 81 10.46 -14.95 -44.37
N ARG C 82 9.60 -14.36 -45.19
CA ARG C 82 8.23 -14.84 -45.31
C ARG C 82 8.26 -16.23 -45.91
N ALA C 83 9.14 -16.42 -46.88
CA ALA C 83 9.31 -17.72 -47.53
C ALA C 83 9.88 -18.72 -46.53
N GLU C 84 11.01 -18.35 -45.92
CA GLU C 84 11.66 -19.20 -44.93
C GLU C 84 10.71 -19.51 -43.78
N LEU C 85 9.96 -18.51 -43.35
CA LEU C 85 9.00 -18.69 -42.27
C LEU C 85 7.89 -19.61 -42.71
N GLN C 86 7.42 -19.44 -43.95
CA GLN C 86 6.37 -20.29 -44.49
C GLN C 86 6.86 -21.74 -44.58
N GLU C 87 8.10 -21.91 -45.01
CA GLU C 87 8.69 -23.24 -45.11
C GLU C 87 8.84 -23.83 -43.71
N GLY C 88 9.44 -23.05 -42.82
CA GLY C 88 9.63 -23.50 -41.45
C GLY C 88 8.32 -23.75 -40.73
N ALA C 89 7.34 -22.90 -40.98
CA ALA C 89 6.03 -23.04 -40.37
C ALA C 89 5.31 -24.24 -40.96
N ARG C 90 5.46 -24.45 -42.26
CA ARG C 90 4.85 -25.58 -42.92
C ARG C 90 5.48 -26.86 -42.39
N GLN C 91 6.79 -26.81 -42.18
CA GLN C 91 7.52 -27.93 -41.61
C GLN C 91 7.00 -28.17 -40.21
N LYS C 92 6.90 -27.09 -39.43
CA LYS C 92 6.40 -27.18 -38.07
C LYS C 92 4.96 -27.68 -38.07
N LEU C 93 4.20 -27.28 -39.08
CA LEU C 93 2.83 -27.71 -39.22
C LEU C 93 2.79 -29.21 -39.47
N HIS C 94 3.73 -29.68 -40.28
CA HIS C 94 3.84 -31.11 -40.56
C HIS C 94 4.34 -31.82 -39.31
N GLU C 95 5.26 -31.17 -38.61
CA GLU C 95 5.79 -31.69 -37.36
C GLU C 95 4.64 -31.86 -36.38
N LEU C 96 3.80 -30.83 -36.30
CA LEU C 96 2.64 -30.84 -35.43
C LEU C 96 1.59 -31.80 -35.95
N GLN C 97 1.48 -31.91 -37.27
CA GLN C 97 0.54 -32.81 -37.91
C GLN C 97 0.84 -34.25 -37.49
N GLU C 98 2.13 -34.56 -37.42
CA GLU C 98 2.59 -35.88 -37.03
C GLU C 98 2.56 -36.02 -35.50
N LYS C 99 1.88 -35.10 -34.85
CA LYS C 99 1.73 -35.11 -33.40
C LYS C 99 0.24 -35.05 -33.05
N LEU C 100 -0.44 -34.05 -33.60
CA LEU C 100 -1.87 -33.85 -33.36
C LEU C 100 -2.69 -35.04 -33.83
N SER C 101 -2.21 -35.74 -34.85
CA SER C 101 -2.93 -36.91 -35.35
C SER C 101 -2.60 -38.17 -34.53
N PRO C 102 -1.32 -38.62 -34.51
CA PRO C 102 -0.92 -39.81 -33.74
C PRO C 102 -1.24 -39.67 -32.26
N LEU C 103 -0.81 -38.56 -31.66
CA LEU C 103 -1.07 -38.31 -30.25
C LEU C 103 -2.54 -37.97 -30.04
N GLY C 104 -3.18 -37.50 -31.10
CA GLY C 104 -4.59 -37.19 -31.02
C GLY C 104 -5.41 -38.44 -30.85
N GLU C 105 -5.15 -39.42 -31.72
CA GLU C 105 -5.84 -40.70 -31.65
C GLU C 105 -5.46 -41.41 -30.36
N GLU C 106 -4.21 -41.22 -29.96
CA GLU C 106 -3.69 -41.80 -28.73
C GLU C 106 -4.40 -41.19 -27.54
N MET C 107 -4.47 -39.86 -27.53
CA MET C 107 -5.15 -39.13 -26.45
C MET C 107 -6.61 -39.50 -26.41
N ARG C 108 -7.22 -39.70 -27.57
CA ARG C 108 -8.62 -40.08 -27.64
C ARG C 108 -8.83 -41.43 -26.98
N ASP C 109 -7.90 -42.36 -27.21
CA ASP C 109 -7.99 -43.67 -26.60
C ASP C 109 -7.72 -43.56 -25.11
N ARG C 110 -6.80 -42.68 -24.74
CA ARG C 110 -6.49 -42.43 -23.34
C ARG C 110 -7.74 -41.87 -22.68
N ALA C 111 -8.41 -40.97 -23.41
CA ALA C 111 -9.63 -40.35 -22.93
C ALA C 111 -10.70 -41.43 -22.78
N ARG C 112 -10.76 -42.36 -23.72
CA ARG C 112 -11.71 -43.46 -23.64
C ARG C 112 -11.43 -44.25 -22.38
N ALA C 113 -10.16 -44.58 -22.19
CA ALA C 113 -9.72 -45.34 -21.03
C ALA C 113 -10.00 -44.58 -19.73
N HIS C 114 -9.94 -43.25 -19.80
CA HIS C 114 -10.19 -42.40 -18.65
C HIS C 114 -11.70 -42.26 -18.40
N VAL C 115 -12.42 -41.85 -19.44
CA VAL C 115 -13.85 -41.65 -19.36
C VAL C 115 -14.60 -42.95 -19.08
N ASP C 116 -14.27 -44.02 -19.79
CA ASP C 116 -14.94 -45.30 -19.57
C ASP C 116 -14.67 -45.78 -18.16
N ALA C 117 -13.45 -45.59 -17.70
CA ALA C 117 -13.09 -45.96 -16.34
C ALA C 117 -13.92 -45.13 -15.39
N LEU C 118 -14.04 -43.84 -15.71
CA LEU C 118 -14.83 -42.91 -14.92
C LEU C 118 -16.29 -43.36 -14.86
N ARG C 119 -16.78 -43.95 -15.95
CA ARG C 119 -18.15 -44.46 -15.98
C ARG C 119 -18.29 -45.55 -14.94
N THR C 120 -17.39 -46.53 -15.00
CA THR C 120 -17.41 -47.65 -14.07
C THR C 120 -16.81 -47.29 -12.71
N HIS C 121 -16.45 -46.02 -12.53
CA HIS C 121 -15.86 -45.58 -11.26
C HIS C 121 -16.73 -44.51 -10.58
N LEU C 122 -17.34 -43.65 -11.37
CA LEU C 122 -18.20 -42.59 -10.85
C LEU C 122 -19.65 -43.05 -10.71
N ALA C 123 -20.12 -43.87 -11.64
CA ALA C 123 -21.50 -44.36 -11.58
C ALA C 123 -21.79 -45.08 -10.26
N PRO C 124 -21.03 -46.14 -9.92
CA PRO C 124 -21.22 -46.86 -8.66
C PRO C 124 -20.96 -45.94 -7.48
N TYR C 125 -19.99 -45.05 -7.65
CA TYR C 125 -19.62 -44.10 -6.60
C TYR C 125 -20.80 -43.16 -6.31
N SER C 126 -21.50 -42.76 -7.36
CA SER C 126 -22.66 -41.90 -7.20
C SER C 126 -23.76 -42.63 -6.47
N ASP C 127 -23.92 -43.92 -6.78
CA ASP C 127 -24.92 -44.74 -6.12
C ASP C 127 -24.53 -44.96 -4.66
N GLU C 128 -23.22 -45.15 -4.44
CA GLU C 128 -22.68 -45.31 -3.11
C GLU C 128 -22.96 -44.04 -2.32
N LEU C 129 -22.73 -42.91 -2.97
CA LEU C 129 -22.98 -41.61 -2.36
C LEU C 129 -24.45 -41.51 -1.98
N ARG C 130 -25.32 -41.94 -2.88
CA ARG C 130 -26.76 -41.91 -2.62
C ARG C 130 -27.09 -42.79 -1.42
N GLN C 131 -26.48 -43.96 -1.35
CA GLN C 131 -26.70 -44.89 -0.26
C GLN C 131 -26.26 -44.27 1.07
N ARG C 132 -25.13 -43.58 1.05
CA ARG C 132 -24.60 -42.94 2.24
C ARG C 132 -25.38 -41.67 2.55
N LEU C 133 -25.76 -40.94 1.51
CA LEU C 133 -26.54 -39.72 1.66
C LEU C 133 -27.95 -40.04 2.13
N ALA C 134 -28.41 -41.25 1.83
CA ALA C 134 -29.74 -41.69 2.26
C ALA C 134 -29.80 -41.71 3.77
N ALA C 135 -28.78 -42.31 4.39
CA ALA C 135 -28.70 -42.38 5.84
C ALA C 135 -28.46 -40.98 6.38
N ARG C 136 -27.62 -40.22 5.68
CA ARG C 136 -27.31 -38.85 6.05
C ARG C 136 -28.60 -38.02 6.07
N LEU C 137 -29.42 -38.23 5.05
CA LEU C 137 -30.70 -37.54 4.94
C LEU C 137 -31.64 -38.03 6.04
N GLU C 138 -31.61 -39.33 6.30
CA GLU C 138 -32.44 -39.92 7.33
C GLU C 138 -32.11 -39.31 8.69
N ALA C 139 -30.82 -39.17 8.95
CA ALA C 139 -30.36 -38.56 10.19
C ALA C 139 -30.90 -37.14 10.29
N LEU C 140 -30.81 -36.43 9.17
CA LEU C 140 -31.29 -35.06 9.10
C LEU C 140 -32.82 -34.99 9.23
N LYS C 141 -33.49 -36.09 8.91
CA LYS C 141 -34.94 -36.16 9.02
C LYS C 141 -35.35 -36.46 10.44
N GLU C 142 -34.71 -37.48 11.02
CA GLU C 142 -35.00 -37.89 12.39
C GLU C 142 -34.55 -36.84 13.39
N ASN C 143 -33.28 -36.46 13.32
CA ASN C 143 -32.74 -35.44 14.22
C ASN C 143 -33.33 -34.09 13.86
N GLY C 144 -33.57 -33.89 12.57
CA GLY C 144 -34.15 -32.64 12.10
C GLY C 144 -35.54 -32.44 12.66
N GLY C 145 -36.36 -33.48 12.54
CA GLY C 145 -37.71 -33.41 13.06
C GLY C 145 -37.71 -33.23 14.57
N ALA C 146 -36.77 -33.92 15.23
CA ALA C 146 -36.63 -33.81 16.67
C ALA C 146 -36.27 -32.38 17.03
N ARG C 147 -35.25 -31.84 16.35
CA ARG C 147 -34.82 -30.47 16.58
C ARG C 147 -35.95 -29.50 16.31
N LEU C 148 -36.72 -29.77 15.26
CA LEU C 148 -37.86 -28.93 14.90
C LEU C 148 -38.85 -28.87 16.05
N ALA C 149 -38.99 -30.00 16.75
CA ALA C 149 -39.88 -30.07 17.89
C ALA C 149 -39.24 -29.35 19.08
N GLU C 150 -37.96 -29.58 19.27
CA GLU C 150 -37.21 -28.94 20.34
C GLU C 150 -37.23 -27.44 20.17
N TYR C 151 -37.04 -27.00 18.92
CA TYR C 151 -37.06 -25.58 18.59
C TYR C 151 -38.46 -25.03 18.81
N HIS C 152 -39.47 -25.85 18.53
CA HIS C 152 -40.85 -25.44 18.71
C HIS C 152 -41.13 -25.23 20.19
N ALA C 153 -40.70 -26.18 21.01
CA ALA C 153 -40.88 -26.09 22.45
C ALA C 153 -40.15 -24.86 22.98
N LYS C 154 -38.91 -24.69 22.54
CA LYS C 154 -38.11 -23.56 22.93
C LYS C 154 -38.67 -22.26 22.37
N ALA C 155 -39.43 -22.37 21.29
CA ALA C 155 -40.05 -21.20 20.69
C ALA C 155 -41.15 -20.70 21.62
N THR C 156 -41.96 -21.63 22.11
CA THR C 156 -43.02 -21.29 23.03
C THR C 156 -42.41 -20.74 24.31
N GLU C 157 -41.35 -21.41 24.78
CA GLU C 157 -40.65 -20.98 25.99
C GLU C 157 -39.98 -19.64 25.76
N HIS C 158 -39.65 -19.36 24.50
CA HIS C 158 -39.02 -18.10 24.14
C HIS C 158 -40.08 -17.02 24.10
N LEU C 159 -41.23 -17.36 23.54
CA LEU C 159 -42.34 -16.42 23.43
C LEU C 159 -42.90 -16.10 24.81
N SER C 160 -43.00 -17.11 25.66
CA SER C 160 -43.52 -16.92 27.00
C SER C 160 -42.60 -16.04 27.83
N THR C 161 -41.30 -16.23 27.68
CA THR C 161 -40.32 -15.44 28.39
C THR C 161 -40.26 -14.02 27.82
N LEU C 162 -40.42 -13.92 26.51
CA LEU C 162 -40.42 -12.63 25.83
C LEU C 162 -41.63 -11.81 26.27
N SER C 163 -42.78 -12.47 26.33
CA SER C 163 -44.01 -11.80 26.76
C SER C 163 -43.95 -11.54 28.26
N GLU C 164 -43.24 -12.41 28.98
CA GLU C 164 -43.08 -12.28 30.43
C GLU C 164 -42.29 -11.00 30.72
N LYS C 165 -41.53 -10.57 29.74
CA LYS C 165 -40.76 -9.35 29.85
C LYS C 165 -41.51 -8.21 29.20
N ALA C 166 -42.07 -8.47 28.02
CA ALA C 166 -42.81 -7.47 27.27
C ALA C 166 -43.90 -6.81 28.11
N LYS C 167 -44.64 -7.61 28.89
CA LYS C 167 -45.70 -7.07 29.73
C LYS C 167 -45.18 -6.03 30.74
N PRO C 168 -44.33 -6.43 31.71
CA PRO C 168 -43.80 -5.51 32.71
C PRO C 168 -42.86 -4.45 32.10
N ALA C 169 -42.01 -4.87 31.16
CA ALA C 169 -41.07 -3.95 30.53
C ALA C 169 -41.78 -2.82 29.81
N LEU C 170 -42.78 -3.14 29.00
CA LEU C 170 -43.51 -2.11 28.27
C LEU C 170 -44.24 -1.18 29.23
N GLU C 171 -44.84 -1.77 30.26
CA GLU C 171 -45.56 -1.01 31.27
C GLU C 171 -44.61 -0.11 32.04
N ASP C 172 -43.45 -0.67 32.39
CA ASP C 172 -42.44 0.06 33.12
C ASP C 172 -41.81 1.13 32.23
N LEU C 173 -41.53 0.76 30.99
CA LEU C 173 -40.96 1.69 30.03
C LEU C 173 -41.89 2.87 29.82
N ARG C 174 -43.17 2.58 29.68
CA ARG C 174 -44.18 3.62 29.50
C ARG C 174 -44.31 4.42 30.79
N GLN C 175 -44.12 3.74 31.93
CA GLN C 175 -44.20 4.39 33.22
C GLN C 175 -42.96 5.21 33.50
N GLY C 176 -41.88 4.89 32.80
CA GLY C 176 -40.63 5.62 32.94
C GLY C 176 -40.60 6.77 31.95
N LEU C 177 -41.06 6.49 30.73
CA LEU C 177 -41.10 7.49 29.68
C LEU C 177 -42.01 8.66 30.06
N LEU C 178 -43.06 8.39 30.84
CA LEU C 178 -43.97 9.45 31.27
C LEU C 178 -43.23 10.58 32.01
N PRO C 179 -42.62 10.30 33.19
CA PRO C 179 -41.88 11.31 33.94
C PRO C 179 -40.60 11.74 33.21
N VAL C 180 -39.99 10.82 32.47
CA VAL C 180 -38.78 11.13 31.72
C VAL C 180 -39.08 12.14 30.62
N LEU C 181 -40.08 11.86 29.80
CA LEU C 181 -40.46 12.77 28.72
C LEU C 181 -41.01 14.06 29.31
N GLU C 182 -41.68 13.94 30.45
CA GLU C 182 -42.25 15.10 31.13
C GLU C 182 -41.14 16.05 31.56
N SER C 183 -40.12 15.51 32.22
CA SER C 183 -38.98 16.32 32.66
C SER C 183 -38.18 16.80 31.46
N PHE C 184 -38.12 15.96 30.42
CA PHE C 184 -37.42 16.30 29.20
C PHE C 184 -38.11 17.49 28.54
N LYS C 185 -39.43 17.49 28.56
CA LYS C 185 -40.21 18.58 28.00
C LYS C 185 -39.93 19.87 28.75
N VAL C 186 -39.81 19.77 30.07
CA VAL C 186 -39.50 20.93 30.89
C VAL C 186 -38.13 21.46 30.51
N SER C 187 -37.20 20.54 30.28
CA SER C 187 -35.86 20.89 29.87
C SER C 187 -35.87 21.52 28.48
N PHE C 188 -36.67 20.94 27.59
CA PHE C 188 -36.81 21.45 26.23
C PHE C 188 -37.42 22.84 26.22
N LEU C 189 -38.55 22.99 26.91
CA LEU C 189 -39.25 24.26 26.99
C LEU C 189 -38.34 25.37 27.49
N SER C 190 -37.63 25.12 28.58
CA SER C 190 -36.72 26.10 29.13
C SER C 190 -35.57 26.37 28.17
N ALA C 191 -35.04 25.32 27.56
CA ALA C 191 -33.95 25.45 26.61
C ALA C 191 -34.37 26.30 25.42
N LEU C 192 -35.56 26.03 24.89
CA LEU C 192 -36.09 26.78 23.76
C LEU C 192 -36.18 28.26 24.09
N GLU C 193 -36.65 28.57 25.29
CA GLU C 193 -36.78 29.94 25.73
C GLU C 193 -35.41 30.59 25.93
N GLU C 194 -34.55 29.90 26.67
CA GLU C 194 -33.21 30.41 26.94
C GLU C 194 -32.41 30.63 25.66
N TYR C 195 -32.52 29.69 24.71
CA TYR C 195 -31.81 29.81 23.45
C TYR C 195 -32.33 30.96 22.59
N THR C 196 -33.65 31.17 22.57
CA THR C 196 -34.23 32.24 21.76
C THR C 196 -33.88 33.61 22.34
N LYS C 197 -33.47 33.63 23.60
CA LYS C 197 -33.08 34.87 24.26
C LYS C 197 -31.68 35.27 23.82
N LYS C 198 -30.83 34.28 23.60
CA LYS C 198 -29.46 34.52 23.18
C LYS C 198 -29.36 34.65 21.66
N LEU C 199 -30.09 33.81 20.94
CA LEU C 199 -30.09 33.82 19.48
C LEU C 199 -31.01 34.90 18.94
N ASN C 200 -30.68 36.16 19.22
CA ASN C 200 -31.48 37.28 18.75
C ASN C 200 -30.66 38.56 18.79
C1 PCW D . 9.45 25.37 -0.81
C2 PCW D . 8.43 26.54 -0.99
C3 PCW D . 8.85 27.45 -2.20
C4 PCW D . 13.18 24.41 0.11
C5 PCW D . 14.22 23.48 0.74
C6 PCW D . 14.97 21.11 1.33
C7 PCW D . 13.25 21.46 -0.37
C8 PCW D . 15.02 21.99 -0.43
C11 PCW D . 8.36 29.73 -2.82
C12 PCW D . 7.21 30.70 -2.89
C13 PCW D . 7.28 31.60 -1.60
C14 PCW D . 6.18 32.66 -1.50
C15 PCW D . 5.79 33.08 -0.04
C16 PCW D . 5.22 34.55 -0.01
C17 PCW D . 3.74 34.74 0.45
C18 PCW D . 2.93 35.67 -0.47
C19 PCW D . 2.89 35.20 -1.94
C20 PCW D . 1.78 34.58 -2.50
C21 PCW D . 0.45 34.22 -1.95
C22 PCW D . -0.59 35.17 -2.63
C23 PCW D . -1.75 34.50 -3.42
C24 PCW D . -2.12 35.10 -4.73
C25 PCW D . -1.23 36.16 -5.43
C26 PCW D . -1.93 37.19 -6.29
C27 PCW D . -3.26 36.78 -6.98
C28 PCW D . -4.41 37.55 -6.39
C31 PCW D . 6.12 26.37 -0.44
C32 PCW D . 4.81 25.72 -0.88
C33 PCW D . 3.50 26.22 -0.09
C34 PCW D . 2.29 25.31 -0.30
C35 PCW D . 1.19 26.22 -1.00
C36 PCW D . -0.22 25.94 -0.46
C37 PCW D . -1.37 26.80 -1.09
C38 PCW D . -2.09 26.05 -2.17
C39 PCW D . -3.19 26.88 -2.79
C40 PCW D . -3.44 27.05 -4.08
C41 PCW D . -2.64 26.42 -5.21
C42 PCW D . -2.96 27.21 -6.55
C43 PCW D . -3.05 26.43 -7.85
C44 PCW D . -3.37 27.44 -8.95
C45 PCW D . -4.62 27.15 -9.74
C46 PCW D . -5.68 28.22 -9.61
C47 PCW D . -7.06 27.75 -9.20
C48 PCW D . -8.03 28.93 -9.10
N PCW D . 14.04 22.05 0.69
O2 PCW D . 7.08 26.00 -1.30
O3 PCW D . 7.91 28.52 -2.34
O11 PCW D . 9.49 29.96 -3.15
O31 PCW D . 6.28 27.14 0.56
O1P PCW D . 11.49 26.78 0.40
O2P PCW D . 11.01 25.79 2.64
O3P PCW D . 9.70 25.02 0.57
O4P PCW D . 12.01 24.38 0.97
P PCW D . 11.09 25.56 1.18
C1 PCW E . 15.25 -24.92 -13.61
C2 PCW E . 14.31 -24.48 -14.80
C3 PCW E . 13.40 -25.69 -15.24
C4 PCW E . 13.50 -22.02 -10.14
C5 PCW E . 11.99 -21.83 -10.24
C6 PCW E . 11.06 -22.87 -8.10
C7 PCW E . 10.12 -20.80 -8.97
C8 PCW E . 10.10 -22.46 -9.77
C11 PCW E . 11.20 -25.48 -16.18
C12 PCW E . 10.50 -25.03 -17.43
C13 PCW E . 10.14 -26.30 -18.28
C14 PCW E . 9.42 -26.01 -19.60
C15 PCW E . 7.87 -25.90 -19.51
C16 PCW E . 7.18 -27.29 -19.80
C17 PCW E . 6.32 -27.41 -21.10
C18 PCW E . 4.85 -27.02 -20.90
C19 PCW E . 3.86 -28.11 -21.35
C20 PCW E . 2.54 -27.83 -21.65
C21 PCW E . 1.76 -26.58 -21.62
C22 PCW E . 1.21 -26.35 -23.06
C23 PCW E . 1.33 -24.93 -23.66
C24 PCW E . 0.27 -23.95 -23.30
C25 PCW E . 0.37 -22.46 -23.75
C26 PCW E . -0.82 -21.91 -24.52
C27 PCW E . -0.77 -21.91 -26.06
C28 PCW E . -2.05 -21.34 -26.61
C31 PCW E . 13.41 -22.33 -15.20
C32 PCW E . 12.44 -21.28 -14.62
C33 PCW E . 11.01 -21.86 -14.17
C34 PCW E . 9.83 -21.22 -14.91
C35 PCW E . 10.08 -21.49 -16.45
C36 PCW E . 8.77 -21.55 -17.26
C37 PCW E . 8.95 -21.81 -18.79
C38 PCW E . 7.77 -21.31 -19.58
C39 PCW E . 7.93 -21.55 -21.05
C40 PCW E . 7.59 -20.72 -22.03
C41 PCW E . 6.98 -19.35 -21.81
C42 PCW E . 6.89 -18.60 -23.20
C43 PCW E . 6.44 -17.15 -23.22
C44 PCW E . 6.44 -16.70 -24.67
C45 PCW E . 5.09 -16.62 -25.33
C46 PCW E . 5.11 -16.91 -26.81
C47 PCW E . 4.15 -16.12 -27.66
C48 PCW E . 4.26 -16.51 -29.14
N PCW E . 11.20 -21.75 -9.05
O2 PCW E . 13.40 -23.38 -14.37
O3 PCW E . 12.55 -25.29 -16.32
O11 PCW E . 10.67 -25.96 -15.22
O31 PCW E . 14.07 -22.22 -16.26
O1P PCW E . 16.05 -23.43 -10.44
O2P PCW E . 16.04 -22.35 -12.69
O3P PCW E . 14.75 -24.56 -12.30
O4P PCW E . 13.97 -22.42 -11.46
P PCW E . 15.28 -23.15 -11.71
C1 PCW F . -10.07 3.17 23.48
C2 PCW F . -11.52 3.79 23.36
C3 PCW F . -12.09 4.14 24.79
C4 PCW F . -8.31 6.76 23.38
C5 PCW F . -7.37 7.87 22.89
C6 PCW F . -6.59 8.40 25.26
C7 PCW F . -5.53 9.48 23.33
C8 PCW F . -7.28 9.63 23.91
C11 PCW F . -13.85 5.54 25.65
C12 PCW F . -15.25 6.02 25.33
C13 PCW F . -15.24 7.60 25.33
C14 PCW F . -16.59 8.25 25.03
C15 PCW F . -17.15 8.02 23.60
C16 PCW F . -17.59 9.38 22.95
C17 PCW F . -17.38 9.54 21.41
C18 PCW F . -16.76 10.88 21.02
C19 PCW F . -17.68 11.73 20.09
C20 PCW F . -18.68 12.54 20.59
C21 PCW F . -19.14 12.84 21.97
C22 PCW F . -19.62 14.31 21.97
C23 PCW F . -20.36 14.81 23.24
C24 PCW F . -20.14 16.25 23.62
C25 PCW F . -20.64 17.40 22.70
C26 PCW F . -20.88 18.75 23.37
C27 PCW F . -22.34 19.13 23.70
C28 PCW F . -22.36 20.40 24.53
C31 PCW F . -12.23 5.08 21.50
C32 PCW F . -12.05 6.45 20.80
C33 PCW F . -12.73 6.57 19.35
C34 PCW F . -13.90 7.54 19.31
C35 PCW F . -15.01 6.91 20.25
C36 PCW F . -15.92 5.90 19.50
C37 PCW F . -17.03 5.24 20.37
C38 PCW F . -18.18 6.17 20.64
C39 PCW F . -19.26 5.55 21.48
C40 PCW F . -20.31 4.85 21.05
C41 PCW F . -20.60 4.55 19.59
C42 PCW F . -21.53 3.26 19.53
C43 PCW F . -21.16 2.15 18.55
C44 PCW F . -22.20 1.06 18.71
C45 PCW F . -21.77 -0.31 18.26
C46 PCW F . -21.99 -0.56 16.79
C47 PCW F . -21.77 -1.98 16.30
C48 PCW F . -22.02 -2.09 14.79
N PCW F . -6.42 8.43 23.80
O2 PCW F . -11.45 5.07 22.58
O3 PCW F . -13.40 4.71 24.65
O11 PCW F . -13.23 5.83 26.63
O31 PCW F . -12.99 4.15 21.11
O1P PCW F . -7.53 4.08 24.17
O2P PCW F . -6.71 3.93 21.82
O3P PCW F . -9.19 3.46 22.36
O4P PCW F . -8.24 5.70 22.37
P PCW F . -7.85 4.27 22.72
C1 PCW G . -13.29 -11.32 24.90
C2 PCW G . -14.81 -11.78 24.96
C3 PCW G . -15.56 -10.94 26.05
C4 PCW G . -11.57 -8.78 26.70
C5 PCW G . -11.69 -7.42 27.41
C6 PCW G . -10.32 -5.50 26.96
C7 PCW G . -9.29 -7.46 27.70
C8 PCW G . -10.48 -6.27 29.23
C11 PCW G . -17.70 -10.93 27.13
C12 PCW G . -19.10 -11.47 26.99
C13 PCW G . -20.11 -10.26 27.02
C14 PCW G . -21.58 -10.63 26.88
C15 PCW G . -22.28 -10.13 25.58
C16 PCW G . -23.85 -10.11 25.77
C17 PCW G . -24.64 -11.34 25.21
C18 PCW G . -24.92 -11.24 23.70
C19 PCW G . -26.42 -11.06 23.38
C20 PCW G . -27.06 -11.77 22.36
C21 PCW G . -26.57 -12.78 21.40
C22 PCW G . -27.53 -12.72 20.17
C23 PCW G . -28.88 -13.47 20.28
C24 PCW G . -29.99 -13.03 19.37
C25 PCW G . -30.64 -11.62 19.52
C26 PCW G . -32.06 -11.58 20.04
C27 PCW G . -32.26 -11.42 21.56
C28 PCW G . -33.51 -12.14 22.01
C31 PCW G . -15.91 -12.62 23.05
C32 PCW G . -16.57 -12.20 21.73
C33 PCW G . -16.04 -12.97 20.42
C34 PCW G . -16.98 -12.83 19.21
C35 PCW G . -18.24 -13.71 19.54
C36 PCW G . -18.92 -14.28 18.27
C37 PCW G . -20.17 -15.17 18.53
C38 PCW G . -20.88 -15.51 17.26
C39 PCW G . -22.10 -16.38 17.49
C40 PCW G . -22.54 -17.35 16.71
C41 PCW G . -21.88 -17.79 15.42
C42 PCW G . -21.41 -19.30 15.58
C43 PCW G . -21.83 -20.31 14.53
C44 PCW G . -21.25 -21.65 14.94
C45 PCW G . -20.89 -22.56 13.80
C46 PCW G . -19.41 -22.65 13.55
C47 PCW G . -18.98 -23.23 12.21
C48 PCW G . -17.45 -23.26 12.08
N PCW G . -10.50 -6.70 27.80
O2 PCW G . -15.47 -11.52 23.65
O3 PCW G . -16.94 -11.36 26.09
O11 PCW G . -17.32 -10.24 28.02
O31 PCW G . -15.82 -13.81 23.48
O1P PCW G . -10.55 -10.04 24.29
O2P PCW G . -11.83 -8.18 23.18
O3P PCW G . -13.01 -10.37 23.85
O4P PCW G . -12.32 -8.68 25.46
P PCW G . -11.86 -9.30 24.16
C1 PCW H . -9.27 -21.94 16.82
C2 PCW H . -10.02 -22.90 15.81
C3 PCW H . -10.35 -22.14 14.48
C4 PCW H . -4.77 -23.45 15.85
C5 PCW H . -3.33 -23.00 15.95
C6 PCW H . -0.87 -23.64 15.75
C7 PCW H . -2.50 -24.44 14.10
C8 PCW H . -1.97 -22.69 14.44
C11 PCW H . -12.34 -23.34 13.84
C12 PCW H . -12.84 -24.31 12.80
C13 PCW H . -13.08 -23.51 11.46
C14 PCW H . -13.59 -24.34 10.28
C15 PCW H . -14.67 -23.66 9.39
C16 PCW H . -14.14 -23.43 7.94
C17 PCW H . -14.73 -24.31 6.80
C18 PCW H . -15.96 -23.69 6.13
C19 PCW H . -17.13 -24.68 6.00
C20 PCW H . -18.26 -24.39 5.26
C21 PCW H . -18.66 -23.21 4.47
C22 PCW H . -20.03 -22.72 5.04
C23 PCW H . -20.51 -21.32 4.63
C24 PCW H . -20.45 -20.25 5.67
C25 PCW H . -21.56 -19.18 5.76
C26 PCW H . -21.93 -18.71 7.15
C27 PCW H . -23.36 -18.21 7.39
C28 PCW H . -23.55 -17.84 8.84
C31 PCW H . -9.27 -25.09 16.30
C32 PCW H . -8.32 -26.21 15.82
C33 PCW H . -8.95 -27.17 14.70
C34 PCW H . -10.31 -27.75 15.07
C35 PCW H . -10.75 -28.60 13.81
C36 PCW H . -12.24 -28.40 13.44
C37 PCW H . -12.73 -29.20 12.20
C38 PCW H . -13.31 -30.52 12.59
C39 PCW H . -13.80 -31.32 11.41
C40 PCW H . -15.06 -31.55 11.06
C41 PCW H . -16.27 -31.02 11.82
C42 PCW H . -17.49 -30.90 10.80
C43 PCW H . -17.75 -32.04 9.83
C44 PCW H . -18.96 -31.65 9.00
C45 PCW H . -18.73 -31.64 7.51
C46 PCW H . -19.91 -31.13 6.73
C47 PCW H . -20.27 -29.67 6.91
C48 PCW H . -21.48 -29.28 6.05
N PCW H . -2.28 -23.80 15.39
O2 PCW H . -9.16 -24.07 15.47
O3 PCW H . -11.03 -23.03 13.59
O11 PCW H . -12.99 -22.92 14.76
O31 PCW H . -10.02 -25.16 17.32
O1P PCW H . -7.07 -21.97 14.83
O2P PCW H . -6.46 -20.37 16.66
O3P PCW H . -7.93 -22.41 17.17
O4P PCW H . -5.54 -22.60 16.73
P PCW H . -6.74 -21.78 16.29
C1 PCW I . 14.48 20.70 -8.36
C2 PCW I . 12.92 20.88 -8.49
C3 PCW I . 12.59 22.32 -9.03
C4 PCW I . 17.94 21.20 -7.92
C5 PCW I . 19.34 21.09 -8.52
C6 PCW I . 21.59 22.15 -7.95
C7 PCW I . 20.87 20.11 -6.82
C8 PCW I . 21.24 20.34 -8.61
C11 PCW I . 10.66 23.33 -10.05
C12 PCW I . 9.15 23.36 -9.92
C13 PCW I . 8.51 22.82 -11.25
C14 PCW I . 6.97 22.78 -11.26
C15 PCW I . 6.30 22.79 -12.68
C16 PCW I . 4.74 22.97 -12.57
C17 PCW I . 4.18 23.82 -11.37
C18 PCW I . 3.52 25.13 -11.80
C19 PCW I . 3.86 26.31 -10.85
C20 PCW I . 3.69 27.65 -11.22
C21 PCW I . 3.18 28.28 -12.45
C22 PCW I . 3.83 29.69 -12.56
C23 PCW I . 5.18 29.81 -13.33
C24 PCW I . 5.11 30.22 -14.77
C25 PCW I . 6.20 29.77 -15.79
C26 PCW I . 7.34 30.73 -16.01
C27 PCW I . 7.46 31.40 -17.41
C28 PCW I . 7.82 32.85 -17.25
C31 PCW I . 11.88 18.79 -8.95
C32 PCW I . 11.41 17.88 -10.08
C33 PCW I . 10.50 18.56 -11.20
C34 PCW I . 9.42 19.48 -10.62
C35 PCW I . 8.18 19.35 -11.61
C36 PCW I . 6.85 19.24 -10.85
C37 PCW I . 5.57 19.11 -11.75
C38 PCW I . 5.82 18.29 -12.98
C39 PCW I . 4.60 18.15 -13.85
C40 PCW I . 4.18 18.99 -14.81
C41 PCW I . 4.89 20.27 -15.18
C42 PCW I . 3.89 21.15 -16.07
C43 PCW I . 4.39 22.47 -16.62
C44 PCW I . 3.24 23.08 -17.42
C45 PCW I . 3.64 23.81 -18.67
C46 PCW I . 2.96 25.14 -18.86
C47 PCW I . 3.86 26.35 -18.94
C48 PCW I . 3.04 27.64 -19.14
N PCW I . 20.48 21.22 -7.67
O2 PCW I . 12.41 19.89 -9.48
O3 PCW I . 11.16 22.47 -9.13
O11 PCW I . 11.29 23.99 -10.83
O31 PCW I . 11.76 18.55 -7.72
O1P PCW I . 16.40 19.64 -6.05
O2P PCW I . 16.89 17.79 -7.67
O3P PCW I . 14.89 19.36 -8.06
O4P PCW I . 17.20 20.04 -8.39
P PCW I . 16.37 19.17 -7.48
C1 PCW J . -4.85 21.76 16.59
C2 PCW J . -6.26 21.07 16.75
C3 PCW J . -7.20 21.98 17.61
C4 PCW J . -1.25 18.40 16.69
C5 PCW J . -0.90 17.53 17.91
C6 PCW J . 0.92 19.09 18.31
C7 PCW J . 1.18 16.85 18.88
C8 PCW J . -0.18 18.10 20.20
C11 PCW J . -9.11 21.40 18.96
C12 PCW J . -10.44 20.70 18.88
C13 PCW J . -10.61 19.83 20.18
C14 PCW J . -11.93 19.04 20.28
C15 PCW J . -12.28 18.13 19.06
C16 PCW J . -13.63 18.59 18.40
C17 PCW J . -14.40 17.52 17.55
C18 PCW J . -15.92 17.75 17.52
C19 PCW J . -16.73 16.46 17.74
C20 PCW J . -17.85 16.40 18.55
C21 PCW J . -18.55 17.43 19.36
C22 PCW J . -19.71 17.99 18.48
C23 PCW J . -20.95 18.55 19.23
C24 PCW J . -22.28 18.30 18.58
C25 PCW J . -22.99 19.40 17.74
C26 PCW J . -24.50 19.33 17.68
C27 PCW J . -25.26 20.65 17.41
C28 PCW J . -26.65 20.58 18.00
C31 PCW J . -6.52 19.81 14.75
C32 PCW J . -7.26 19.78 13.40
C33 PCW J . -6.69 20.78 12.29
C34 PCW J . -7.56 20.84 11.03
C35 PCW J . -8.25 22.26 11.07
C36 PCW J . -7.27 23.40 10.77
C37 PCW J . -7.89 24.83 10.79
C38 PCW J . -7.13 25.79 9.92
C39 PCW J . -7.73 27.17 9.93
C40 PCW J . -8.78 27.58 9.21
C41 PCW J . -9.55 26.72 8.24
C42 PCW J . -11.04 26.55 8.78
C43 PCW J . -11.69 25.18 8.71
C44 PCW J . -13.07 25.31 9.30
C45 PCW J . -13.68 24.04 9.83
C46 PCW J . -15.17 23.96 9.63
C47 PCW J . -16.04 24.68 10.63
C48 PCW J . -17.52 24.52 10.31
N PCW J . 0.20 17.88 18.77
O2 PCW J . -6.91 20.90 15.41
O3 PCW J . -8.49 21.35 17.76
O11 PCW J . -8.67 21.93 19.95
O31 PCW J . -5.69 18.95 15.16
O1P PCW J . -1.87 20.99 17.85
O2P PCW J . -3.95 19.84 18.57
O3P PCW J . -3.79 20.85 16.22
O4P PCW J . -2.64 18.81 16.86
P PCW J . -3.04 20.14 17.45
C1 PCW K . -31.93 11.33 -1.85
C2 PCW K . -31.90 11.52 -0.27
C3 PCW K . -32.66 10.36 0.46
C4 PCW K . -34.27 13.38 -3.78
C5 PCW K . -33.63 14.71 -3.39
C6 PCW K . -34.87 16.18 -5.06
C7 PCW K . -33.97 17.14 -3.00
C8 PCW K . -33.04 16.39 -4.41
C11 PCW K . -32.82 9.52 2.70
C12 PCW K . -32.62 9.94 4.14
C13 PCW K . -31.16 9.52 4.56
C14 PCW K . -30.75 9.86 5.99
C15 PCW K . -29.32 10.45 6.15
C16 PCW K . -28.44 9.50 7.03
C17 PCW K . -27.29 10.18 7.85
C18 PCW K . -26.44 9.19 8.66
C19 PCW K . -25.30 9.90 9.44
C20 PCW K . -24.49 9.23 10.35
C21 PCW K . -24.45 7.82 10.80
C22 PCW K . -23.55 7.78 12.08
C23 PCW K . -24.09 8.49 13.35
C24 PCW K . -24.79 7.64 14.36
C25 PCW K . -25.01 8.14 15.82
C26 PCW K . -25.18 7.09 16.89
C27 PCW K . -26.53 7.01 17.65
C28 PCW K . -26.31 6.49 19.06
C31 PCW K . -30.02 12.68 0.55
C32 PCW K . -28.58 12.50 1.07
C33 PCW K . -28.37 12.77 2.63
C34 PCW K . -27.29 11.91 3.27
C35 PCW K . -26.38 12.90 4.10
C36 PCW K . -25.63 12.20 5.26
C37 PCW K . -24.72 13.14 6.13
C38 PCW K . -25.22 13.25 7.52
C39 PCW K . -24.37 14.15 8.39
C40 PCW K . -23.24 13.83 9.02
C41 PCW K . -22.60 12.45 8.99
C42 PCW K . -21.62 12.34 10.24
C43 PCW K . -20.13 12.41 10.03
C44 PCW K . -19.46 12.28 11.39
C45 PCW K . -18.79 13.52 11.91
C46 PCW K . -17.32 13.35 12.16
C47 PCW K . -16.92 12.65 13.44
C48 PCW K . -15.40 12.53 13.57
N PCW K . -34.29 15.94 -3.73
O2 PCW K . -30.50 11.49 0.24
O3 PCW K . -32.60 10.59 1.88
O11 PCW K . -33.10 8.42 2.35
O31 PCW K . -30.62 13.80 0.43
O1P PCW K . -34.73 10.52 -4.08
O2P PCW K . -35.39 10.69 -1.69
O3P PCW K . -32.91 10.39 -2.33
O4P PCW K . -34.13 12.50 -2.63
P PCW K . -34.36 11.00 -2.71
C1 PCW L . -12.31 23.36 -24.76
C2 PCW L . -11.35 23.41 -23.50
C3 PCW L . -10.25 24.51 -23.71
C4 PCW L . -14.49 24.36 -27.90
C5 PCW L . -13.58 24.29 -29.12
C6 PCW L . -14.93 23.09 -30.92
C7 PCW L . -13.55 25.04 -31.49
C8 PCW L . -12.98 23.39 -30.86
C11 PCW L . -8.12 24.99 -22.74
C12 PCW L . -7.38 24.97 -21.43
C13 PCW L . -6.01 24.21 -21.65
C14 PCW L . -5.13 24.09 -20.40
C15 PCW L . -4.13 25.27 -20.17
C16 PCW L . -2.80 24.75 -19.53
C17 PCW L . -1.97 25.79 -18.68
C18 PCW L . -2.18 25.65 -17.17
C19 PCW L . -1.12 24.76 -16.48
C20 PCW L . 0.12 25.24 -16.10
C21 PCW L . 0.74 26.58 -16.22
C22 PCW L . 1.84 26.67 -15.11
C23 PCW L . 3.10 25.79 -15.28
C24 PCW L . 4.43 26.49 -15.26
C25 PCW L . 5.72 25.77 -14.77
C26 PCW L . 6.71 26.62 -14.00
C27 PCW L . 7.32 26.05 -12.70
C28 PCW L . 7.56 27.17 -11.70
C31 PCW L . -12.46 22.72 -21.54
C32 PCW L . -13.20 23.23 -20.30
C33 PCW L . -12.40 23.05 -18.92
C34 PCW L . -13.28 22.60 -17.76
C35 PCW L . -13.45 21.04 -17.97
C36 PCW L . -12.44 20.21 -17.13
C37 PCW L . -12.56 18.66 -17.29
C38 PCW L . -11.23 17.97 -17.29
C39 PCW L . -11.33 16.48 -17.46
C40 PCW L . -11.58 15.57 -16.52
C41 PCW L . -11.82 15.91 -15.06
C42 PCW L . -10.84 15.01 -14.18
C43 PCW L . -9.47 15.56 -13.82
C44 PCW L . -8.79 14.49 -12.98
C45 PCW L . -7.29 14.50 -13.02
C46 PCW L . -6.65 14.87 -11.71
C47 PCW L . -5.14 14.89 -11.66
C48 PCW L . -4.64 15.28 -10.27
N PCW L . -14.14 24.24 -30.43
O2 PCW L . -12.10 23.77 -22.27
O3 PCW L . -9.39 24.54 -22.56
O11 PCW L . -7.66 25.38 -23.79
O31 PCW L . -12.26 21.51 -21.82
O1P PCW L . -15.73 24.91 -25.34
O2P PCW L . -13.67 26.28 -24.96
O3P PCW L . -13.67 23.76 -24.50
O4P PCW L . -13.66 24.68 -26.75
P PCW L . -14.24 24.98 -25.38
C1 PCW M . -35.56 18.22 3.99
C2 PCW M . -34.18 18.69 4.61
C3 PCW M . -34.48 19.52 5.92
C4 PCW M . -37.45 20.02 1.70
C5 PCW M . -37.62 20.80 2.99
C6 PCW M . -37.75 23.13 1.94
C7 PCW M . -38.67 22.72 4.17
C8 PCW M . -36.91 22.62 3.62
C11 PCW M . -33.20 21.32 6.87
C12 PCW M . -31.89 21.61 7.57
C13 PCW M . -31.18 22.83 6.85
C14 PCW M . -29.84 23.23 7.45
C15 PCW M . -28.70 23.56 6.43
C16 PCW M . -27.35 23.84 7.18
C17 PCW M . -26.32 24.81 6.49
C18 PCW M . -24.88 24.62 7.00
C19 PCW M . -24.56 25.53 8.22
C20 PCW M . -23.46 25.31 9.04
C21 PCW M . -22.38 24.29 9.02
C22 PCW M . -22.11 23.89 10.50
C23 PCW M . -21.16 22.68 10.73
C24 PCW M . -21.68 21.55 11.56
C25 PCW M . -20.71 20.51 12.17
C26 PCW M . -21.00 20.03 13.58
C27 PCW M . -20.38 18.69 14.02
C28 PCW M . -19.31 18.93 15.06
C31 PCW M . -32.58 17.00 4.03
C32 PCW M . -31.83 15.78 4.58
C33 PCW M . -30.40 16.08 5.21
C34 PCW M . -29.47 14.86 5.23
C35 PCW M . -28.04 15.43 5.64
C36 PCW M . -27.42 16.34 4.55
C37 PCW M . -26.01 16.94 4.88
C38 PCW M . -25.94 17.50 6.26
C39 PCW M . -24.57 18.07 6.58
C40 PCW M . -24.13 18.48 7.76
C41 PCW M . -24.95 18.43 9.04
C42 PCW M . -24.05 17.77 10.18
C43 PCW M . -24.73 16.90 11.23
C44 PCW M . -23.64 16.41 12.17
C45 PCW M . -23.88 15.07 12.81
C46 PCW M . -23.83 15.10 14.32
C47 PCW M . -24.93 15.87 15.01
C48 PCW M . -24.77 15.83 16.54
N PCW M . -38.14 22.14 2.95
O2 PCW M . -33.37 17.49 4.99
O3 PCW M . -33.27 19.99 6.54
O11 PCW M . -34.07 22.13 6.68
O31 PCW M . -32.47 17.46 2.86
O1P PCW M . -35.26 18.41 0.63
O2P PCW M . -36.89 16.54 0.91
O3P PCW M . -35.44 17.30 2.89
O4P PCW M . -37.33 18.61 2.05
P PCW M . -36.22 17.70 1.54
C1 17F N . -22.99 -8.28 -22.76
N1 17F N . -24.38 -6.90 -24.31
O1 17F N . -23.24 -11.84 -23.78
P1 17F N . -22.81 -10.83 -22.76
C2 17F N . -24.40 -7.92 -23.27
O2 17F N . -23.75 -10.59 -21.60
C3 17F N . -25.27 -7.45 -22.11
O3 17F N . -22.50 -9.43 -23.38
C4 17F N . -20.82 -10.42 -21.08
O4 17F N . -25.43 -8.15 -21.11
C5 17F N . -19.48 -10.99 -20.54
O5 17F N . -25.87 -6.31 -22.11
C6 17F N . -19.38 -10.66 -19.02
O6 17F N . -21.43 -11.23 -22.08
C7 17F N . -18.15 -11.32 -17.16
O7 17F N . -18.18 -11.14 -18.44
C8 17F N . -16.74 -11.80 -16.77
O8 17F N . -19.01 -11.17 -16.33
C9 17F N . -16.74 -12.79 -15.56
O9 17F N . -19.31 -12.39 -20.78
C10 17F N . -15.34 -13.33 -15.09
O10 17F N . -18.16 -12.02 -22.74
C11 17F N . -14.24 -12.21 -14.91
C12 17F N . -12.86 -12.80 -14.41
C17 17F N . -18.39 -12.63 -21.70
C18 17F N . -17.55 -13.85 -21.34
C19 17F N . -16.73 -13.69 -20.04
C20 17F N . -15.46 -14.63 -20.02
C1X 17F N . -11.82 -11.68 -14.26
C1Y 17F N . -14.68 -14.43 -18.70
C1Z 17F N . -13.42 -15.30 -18.64
C2X 17F N . -10.40 -12.23 -13.74
C21 17F N . -9.88 -13.43 -14.59
C22 17F N . -8.96 -13.35 -15.48
C23 17F N . -8.23 -12.16 -15.91
C24 17F N . -8.70 -11.58 -17.25
C25 17F N . -7.99 -10.34 -17.73
C26 17F N . -8.94 -9.21 -18.35
C27 17F N . -8.23 -7.97 -18.83
C28 17F N . -9.32 -6.99 -19.41
C29 17F N . -9.53 -5.91 -18.42
C30 17F N . -10.56 -4.89 -18.82
C31 17F N . -12.11 -14.60 -18.14
C32 17F N . -10.84 -15.48 -18.09
C33 17F N . -10.06 -15.35 -19.39
C34 17F N . -8.92 -15.98 -19.65
C35 17F N . -8.18 -16.91 -18.73
C36 17F N . -8.63 -18.40 -18.83
C37 17F N . -8.96 -18.89 -17.47
C38 17F N . -8.26 -20.21 -17.06
C39 17F N . -8.67 -20.63 -15.64
C40 17F N . -7.49 -20.51 -14.66
C41 17F N . -7.59 -21.62 -13.54
C42 17F N . -8.58 -21.43 -12.38
C1 PCW O . 3.72 12.13 7.57
C2 PCW O . 2.43 13.02 7.37
C3 PCW O . 2.80 14.52 7.59
C4 PCW O . 3.98 8.91 6.21
C5 PCW O . 4.72 7.58 6.35
C6 PCW O . 6.20 6.40 4.66
C7 PCW O . 7.18 7.85 6.37
C8 PCW O . 6.26 6.26 6.60
C11 PCW O . 0.75 15.39 8.47
C12 PCW O . -0.38 16.30 8.11
C13 PCW O . -0.29 17.57 9.05
C14 PCW O . -1.38 18.62 8.83
C15 PCW O . -2.69 18.12 8.16
C16 PCW O . -3.13 19.10 7.01
C17 PCW O . -3.95 20.37 7.42
C18 PCW O . -4.09 21.39 6.29
C19 PCW O . -5.36 22.25 6.41
C20 PCW O . -6.22 22.48 5.34
C21 PCW O . -6.18 22.04 3.92
C22 PCW O . -6.07 23.31 3.05
C23 PCW O . -7.13 23.51 1.95
C24 PCW O . -7.05 24.78 1.16
C25 PCW O . -6.51 24.77 -0.30
C26 PCW O . -7.32 25.56 -1.32
C27 PCW O . -6.70 25.76 -2.71
C28 PCW O . -7.32 24.83 -3.72
C31 PCW O . 1.02 11.93 5.81
C32 PCW O . 0.61 11.92 4.32
C33 PCW O . -0.03 10.55 3.80
C34 PCW O . -1.43 10.28 4.35
C35 PCW O . -2.36 11.34 3.64
C36 PCW O . -3.77 10.77 3.31
C37 PCW O . -4.75 11.77 2.61
C38 PCW O . -5.54 11.11 1.54
C39 PCW O . -6.49 12.05 0.85
C40 PCW O . -6.69 12.16 -0.45
C41 PCW O . -5.95 11.35 -1.49
C42 PCW O . -7.03 10.77 -2.53
C43 PCW O . -7.61 11.70 -3.56
C44 PCW O . -8.58 10.88 -4.39
C45 PCW O . -8.13 10.59 -5.80
C46 PCW O . -8.58 11.61 -6.81
C47 PCW O . -7.58 12.67 -7.16
C48 PCW O . -8.17 13.64 -8.21
N PCW O . 5.98 7.42 5.70
O2 PCW O . 1.94 12.89 5.97
O3 PCW O . 1.63 15.33 7.42
O11 PCW O . 0.89 14.82 9.51
O31 PCW O . 0.58 11.16 6.70
O1P PCW O . 3.87 11.27 4.51
O2P PCW O . 6.34 11.29 4.89
O3P PCW O . 4.76 12.37 6.59
O4P PCW O . 4.98 9.96 6.35
P PCW O . 4.99 11.22 5.50
C1 PCW P . 9.33 23.66 4.22
C2 PCW P . 7.81 23.79 4.63
C3 PCW P . 7.11 24.85 3.71
C4 PCW P . 9.63 23.22 8.52
C5 PCW P . 8.18 23.55 8.92
C6 PCW P . 7.60 25.64 10.25
C7 PCW P . 6.98 25.45 7.88
C8 PCW P . 6.38 24.43 9.30
C11 PCW P . 4.76 24.72 3.15
C12 PCW P . 3.40 24.94 3.76
C13 PCW P . 2.42 23.86 3.18
C14 PCW P . 0.98 23.94 3.71
C15 PCW P . -0.05 24.58 2.75
C16 PCW P . -0.65 25.89 3.38
C17 PCW P . 0.08 27.24 3.06
C18 PCW P . -0.88 28.39 2.71
C19 PCW P . -1.83 28.77 3.88
C20 PCW P . -2.80 29.74 3.76
C21 PCW P . -3.23 30.61 2.62
C22 PCW P . -4.38 29.87 1.89
C23 PCW P . -4.07 29.29 0.48
C24 PCW P . -5.24 28.85 -0.34
C25 PCW P . -6.00 29.85 -1.25
C26 PCW P . -7.48 30.02 -0.96
C27 PCW P . -7.90 31.13 0.02
C28 PCW P . -9.40 31.32 -0.03
C31 PCW P . 6.41 22.06 5.46
C32 PCW P . 5.76 20.72 5.08
C33 PCW P . 4.18 20.63 5.31
C34 PCW P . 3.37 20.64 4.02
C35 PCW P . 2.72 19.20 3.92
C36 PCW P . 3.61 18.20 3.14
C37 PCW P . 3.03 16.76 2.98
C38 PCW P . 3.22 16.24 1.59
C39 PCW P . 2.67 14.84 1.39
C40 PCW P . 1.66 14.50 0.63
C41 PCW P . 0.84 15.48 -0.21
C42 PCW P . 0.47 14.78 -1.60
C43 PCW P . 0.24 15.65 -2.81
C44 PCW P . -0.10 14.72 -3.97
C45 PCW P . 1.08 14.07 -4.65
C46 PCW P . 1.91 15.01 -5.47
C47 PCW P . 3.32 15.26 -5.00
C48 PCW P . 4.04 16.23 -5.93
N PCW P . 7.76 24.90 8.97
O2 PCW P . 7.12 22.49 4.42
O3 PCW P . 5.72 24.97 4.09
O11 PCW P . 4.97 24.38 2.02
O31 PCW P . 6.29 22.64 6.58
O1P PCW P . 11.74 22.16 6.81
O2P PCW P . 11.73 24.47 5.88
O3P PCW P . 10.06 22.69 5.02
O4P PCW P . 9.84 23.77 7.20
P PCW P . 10.91 23.28 6.25
C1 PCW Q . -3.47 -1.90 14.27
C2 PCW Q . -4.65 -2.20 13.25
C3 PCW Q . -5.19 -3.66 13.42
C4 PCW Q . -3.39 -5.16 17.09
C5 PCW Q . -1.92 -5.46 16.82
C6 PCW Q . 0.29 -4.20 16.94
C7 PCW Q . -0.75 -5.07 18.97
C8 PCW Q . -0.08 -6.03 17.53
C11 PCW Q . -6.44 -5.18 12.03
C12 PCW Q . -7.63 -5.22 11.10
C13 PCW Q . -7.68 -6.63 10.39
C14 PCW Q . -8.86 -6.81 9.41
C15 PCW Q . -8.81 -8.09 8.53
C16 PCW Q . -10.13 -8.24 7.69
C17 PCW Q . -10.65 -9.69 7.40
C18 PCW Q . -12.11 -9.90 7.78
C19 PCW Q . -12.78 -11.06 7.01
C20 PCW Q . -13.83 -11.81 7.54
C21 PCW Q . -14.55 -11.75 8.84
C22 PCW Q . -16.06 -11.71 8.50
C23 PCW Q . -16.97 -12.75 9.20
C24 PCW Q . -18.37 -12.88 8.67
C25 PCW Q . -19.52 -13.42 9.57
C26 PCW Q . -19.34 -14.83 10.10
C27 PCW Q . -20.50 -15.82 9.92
C28 PCW Q . -20.04 -17.22 10.24
C31 PCW Q . -5.64 -0.05 13.00
C32 PCW Q . -6.89 0.77 13.37
C33 PCW Q . -6.61 2.08 14.25
C34 PCW Q . -7.06 3.36 13.56
C35 PCW Q . -8.64 3.28 13.49
C36 PCW Q . -9.30 4.65 13.24
C37 PCW Q . -10.87 4.62 13.16
C38 PCW Q . -11.38 5.33 11.95
C39 PCW Q . -12.89 5.29 11.87
C40 PCW Q . -13.69 6.20 11.34
C41 PCW Q . -13.21 7.49 10.69
C42 PCW Q . -14.50 8.35 10.29
C43 PCW Q . -14.39 9.85 10.32
C44 PCW Q . -15.74 10.40 9.89
C45 PCW Q . -15.72 11.34 8.69
C46 PCW Q . -15.90 10.65 7.37
C47 PCW Q . -14.64 10.31 6.61
C48 PCW Q . -14.96 9.61 5.28
N PCW Q . -0.91 -4.78 17.56
O2 PCW Q . -5.79 -1.27 13.53
O3 PCW Q . -6.26 -3.91 12.50
O11 PCW Q . -5.77 -6.13 12.34
O31 PCW Q . -4.65 0.35 12.32
O1P PCW Q . -3.92 -2.25 18.13
O2P PCW Q . -2.54 -2.68 16.69
O3P PCW Q . -3.89 -1.49 15.59
O4P PCW Q . -3.76 -4.06 16.21
P PCW Q . -4.03 -2.65 16.68
C1 PCW R . -7.18 5.85 19.39
C2 PCW R . -8.13 5.48 18.18
C3 PCW R . -9.14 4.35 18.62
C4 PCW R . -4.72 6.33 16.79
C5 PCW R . -4.57 4.83 16.59
C6 PCW R . -3.37 2.75 16.91
C7 PCW R . -2.54 4.70 17.88
C8 PCW R . -2.31 4.49 15.62
C11 PCW R . -11.12 3.34 17.75
C12 PCW R . -11.89 3.16 16.47
C13 PCW R . -13.00 4.29 16.43
C14 PCW R . -13.89 4.28 15.18
C15 PCW R . -15.31 4.89 15.37
C16 PCW R . -15.20 6.40 15.81
C17 PCW R . -14.70 7.43 14.75
C18 PCW R . -15.70 8.54 14.46
C19 PCW R . -16.58 8.25 13.22
C20 PCW R . -17.89 8.69 13.10
C21 PCW R . -18.76 9.48 14.00
C22 PCW R . -19.91 8.54 14.47
C23 PCW R . -19.55 7.43 15.49
C24 PCW R . -19.25 7.86 16.89
C25 PCW R . -20.19 8.83 17.66
C26 PCW R . -20.76 8.34 18.97
C27 PCW R . -22.21 7.81 18.98
C28 PCW R . -22.81 7.93 20.36
C31 PCW R . -8.67 7.13 16.57
C32 PCW R . -9.57 8.34 16.30
C33 PCW R . -9.41 9.03 14.87
C34 PCW R . -10.50 10.05 14.56
C35 PCW R . -10.70 9.99 12.99
C36 PCW R . -10.65 11.38 12.32
C37 PCW R . -10.85 11.39 10.78
C38 PCW R . -11.83 12.44 10.36
C39 PCW R . -12.05 12.46 8.87
C40 PCW R . -12.42 13.52 8.14
C41 PCW R . -12.70 14.89 8.72
C42 PCW R . -14.10 15.39 8.15
C43 PCW R . -14.99 16.20 9.06
C44 PCW R . -16.24 16.54 8.28
C45 PCW R . -17.51 16.57 9.10
C46 PCW R . -18.60 15.69 8.56
C47 PCW R . -19.66 16.38 7.73
C48 PCW R . -20.71 15.39 7.23
N PCW R . -3.26 4.22 16.74
O2 PCW R . -8.95 6.66 17.79
O3 PCW R . -9.99 4.04 17.50
O11 PCW R . -11.47 2.93 18.83
O31 PCW R . -7.81 6.66 15.77
O1P PCW R . -5.96 8.81 17.74
O2P PCW R . -4.59 8.34 19.76
O3P PCW R . -6.90 7.27 19.50
O4P PCW R . -4.93 6.54 18.21
P PCW R . -5.56 7.80 18.78
C1 PCW S . 2.78 -8.61 2.18
C2 PCW S . 1.58 -7.62 1.92
C3 PCW S . 2.11 -6.15 1.79
C4 PCW S . 5.58 -6.38 0.95
C5 PCW S . 5.83 -5.27 -0.08
C6 PCW S . 7.48 -3.77 0.87
C7 PCW S . 7.34 -3.98 -1.45
C8 PCW S . 8.25 -5.72 -0.30
C11 PCW S . 0.66 -4.40 2.56
C12 PCW S . -0.50 -3.55 2.11
C13 PCW S . 0.05 -2.10 1.81
C14 PCW S . -1.00 -1.09 1.33
C15 PCW S . -1.55 -1.31 -0.11
C16 PCW S . -3.11 -1.22 -0.12
C17 PCW S . -3.75 -0.01 -0.89
C18 PCW S . -5.27 0.02 -0.80
C19 PCW S . -5.90 1.20 -1.59
C20 PCW S . -6.26 2.39 -0.98
C21 PCW S . -6.18 2.85 0.43
C22 PCW S . -7.33 3.87 0.63
C23 PCW S . -8.30 3.62 1.81
C24 PCW S . -9.73 3.96 1.59
C25 PCW S . -10.65 4.31 2.80
C26 PCW S . -12.02 4.85 2.48
C27 PCW S . -12.17 6.37 2.27
C28 PCW S . -12.15 6.69 0.80
C31 PCW S . -0.34 -8.46 0.81
C32 PCW S . -0.93 -8.75 -0.59
C33 PCW S . -0.29 -10.01 -1.36
C34 PCW S . -1.26 -11.17 -1.53
C35 PCW S . -1.42 -11.36 -3.09
C36 PCW S . -0.85 -12.70 -3.59
C37 PCW S . -0.99 -12.96 -5.12
C38 PCW S . -2.15 -13.84 -5.44
C39 PCW S . -2.29 -14.10 -6.92
C40 PCW S . -3.40 -14.44 -7.56
C41 PCW S . -4.76 -14.63 -6.89
C42 PCW S . -5.42 -13.19 -6.66
C43 PCW S . -5.71 -12.75 -5.24
C44 PCW S . -6.33 -11.36 -5.32
C45 PCW S . -6.99 -10.88 -4.05
C46 PCW S . -6.12 -9.98 -3.22
C47 PCW S . -5.59 -10.56 -1.92
C48 PCW S . -4.71 -9.55 -1.18
N PCW S . 7.15 -4.71 -0.23
O2 PCW S . 0.89 -7.96 0.64
O3 PCW S . 1.01 -5.25 1.56
O11 PCW S . 1.20 -4.33 3.63
O31 PCW S . -0.92 -8.66 1.92
O1P PCW S . 5.61 -9.06 2.07
O2P PCW S . 5.49 -9.75 -0.32
O3P PCW S . 3.35 -9.17 0.97
O4P PCW S . 4.94 -7.48 0.23
P PCW S . 4.92 -8.91 0.75
C1 PCW T . 18.69 15.58 -12.45
C2 PCW T . 17.59 16.18 -13.42
C3 PCW T . 16.71 15.04 -14.01
C4 PCW T . 17.37 12.38 -9.21
C5 PCW T . 16.89 12.20 -7.76
C6 PCW T . 14.95 10.57 -7.49
C7 PCW T . 17.07 10.20 -6.31
C8 PCW T . 15.89 11.59 -6.09
C11 PCW T . 15.68 15.15 -16.18
C12 PCW T . 14.59 15.84 -16.93
C13 PCW T . 13.75 14.75 -17.68
C14 PCW T . 12.58 15.28 -18.50
C15 PCW T . 12.76 15.24 -20.06
C16 PCW T . 12.93 13.76 -20.56
C17 PCW T . 14.37 13.31 -20.98
C18 PCW T . 14.45 11.84 -21.40
C19 PCW T . 13.80 11.57 -22.78
C20 PCW T . 12.64 10.81 -22.93
C21 PCW T . 11.78 10.12 -21.95
C22 PCW T . 12.18 8.62 -21.99
C23 PCW T . 11.81 7.74 -20.76
C24 PCW T . 11.88 6.25 -20.96
C25 PCW T . 11.16 5.56 -22.17
C26 PCW T . 10.89 4.08 -22.05
C27 PCW T . 9.42 3.63 -21.83
C28 PCW T . 9.23 3.17 -20.41
C31 PCW T . 16.55 18.31 -13.18
C32 PCW T . 15.61 19.12 -12.28
C33 PCW T . 14.04 18.87 -12.53
C34 PCW T . 13.45 19.76 -13.62
C35 PCW T . 13.10 18.81 -14.83
C36 PCW T . 11.94 19.34 -15.70
C37 PCW T . 11.55 18.45 -16.92
C38 PCW T . 10.51 19.07 -17.78
C39 PCW T . 10.13 18.21 -18.95
C40 PCW T . 9.40 18.56 -20.01
C41 PCW T . 8.79 19.94 -20.20
C42 PCW T . 7.65 19.83 -21.32
C43 PCW T . 6.83 21.06 -21.63
C44 PCW T . 5.83 20.65 -22.71
C45 PCW T . 5.55 21.70 -23.75
C46 PCW T . 6.24 21.47 -25.07
C47 PCW T . 5.44 21.77 -26.31
C48 PCW T . 6.26 21.47 -27.59
N PCW T . 16.37 10.95 -7.34
O2 PCW T . 16.69 17.10 -12.65
O3 PCW T . 15.71 15.59 -14.88
O11 PCW T . 16.44 14.33 -16.63
O31 PCW T . 17.09 18.72 -14.26
O1P PCW T . 19.27 13.01 -11.35
O2P PCW T . 20.21 14.57 -9.65
O3P PCW T . 18.23 15.29 -11.12
O4P PCW T . 18.00 13.69 -9.27
P PCW T . 19.00 14.09 -10.35
C1 PCW U . -3.44 -8.58 8.63
C2 PCW U . -3.76 -7.82 7.29
C3 PCW U . -4.60 -8.75 6.34
C4 PCW U . 0.23 -10.31 9.85
C5 PCW U . -0.03 -11.07 11.15
C6 PCW U . 1.37 -10.95 13.12
C7 PCW U . 2.28 -11.76 11.13
C8 PCW U . 0.83 -13.12 12.23
C11 PCW U . -4.05 -8.26 4.06
C12 PCW U . -4.51 -7.46 2.88
C13 PCW U . -3.47 -6.28 2.66
C14 PCW U . -3.79 -5.35 1.49
C15 PCW U . -3.46 -5.91 0.08
C16 PCW U . -3.69 -4.82 -1.03
C17 PCW U . -5.18 -4.47 -1.40
C18 PCW U . -5.41 -4.27 -2.89
C19 PCW U . -6.82 -3.73 -3.22
C20 PCW U . -7.89 -4.59 -3.45
C21 PCW U . -8.01 -6.07 -3.48
C22 PCW U . -8.99 -6.45 -2.34
C23 PCW U . -9.08 -7.94 -1.92
C24 PCW U . -10.45 -8.51 -1.72
C25 PCW U . -10.67 -10.02 -1.42
C26 PCW U . -11.33 -10.86 -2.51
C27 PCW U . -10.42 -11.56 -3.54
C28 PCW U . -10.23 -13.01 -3.17
C31 PCW U . -4.09 -5.48 7.10
C32 PCW U . -5.04 -4.34 7.50
C33 PCW U . -6.21 -4.02 6.46
C34 PCW U . -7.49 -3.52 7.13
C35 PCW U . -8.62 -4.53 6.69
C36 PCW U . -9.88 -3.82 6.13
C37 PCW U . -11.04 -4.76 5.68
C38 PCW U . -12.36 -4.07 5.66
C39 PCW U . -13.47 -4.98 5.24
C40 PCW U . -14.77 -4.83 5.50
C41 PCW U . -15.36 -3.67 6.29
C42 PCW U . -16.94 -3.74 6.14
C43 PCW U . -17.57 -3.27 4.85
C44 PCW U . -19.08 -3.45 5.00
C45 PCW U . -19.88 -3.18 3.74
C46 PCW U . -21.04 -2.25 3.95
C47 PCW U . -22.34 -2.89 4.43
C48 PCW U . -23.43 -1.83 4.60
N PCW U . 1.06 -11.69 11.87
O2 PCW U . -4.59 -6.61 7.59
O3 PCW U . -4.88 -8.06 5.11
O11 PCW U . -3.08 -8.99 4.07
O31 PCW U . -3.04 -5.36 6.40
O1P PCW U . -0.93 -8.91 7.62
O2P PCW U . -0.15 -6.88 8.83
O3P PCW U . -2.42 -7.96 9.42
O4P PCW U . -0.28 -8.96 10.04
P PCW U . -0.91 -8.16 8.91
C1 PCW V . 12.65 6.68 -7.74
C2 PCW V . 11.86 7.41 -8.89
C3 PCW V . 10.86 6.41 -9.56
C4 PCW V . 15.29 4.60 -5.30
C5 PCW V . 14.79 4.10 -3.94
C6 PCW V . 16.66 4.36 -2.46
C7 PCW V . 16.44 2.38 -3.68
C8 PCW V . 15.02 2.69 -1.93
C11 PCW V . 9.81 6.35 -11.72
C12 PCW V . 9.01 7.22 -12.66
C13 PCW V . 9.90 8.43 -13.11
C14 PCW V . 9.22 9.40 -14.09
C15 PCW V . 10.18 10.18 -15.03
C16 PCW V . 9.45 10.61 -16.36
C17 PCW V . 9.82 12.01 -16.97
C18 PCW V . 8.89 12.44 -18.10
C19 PCW V . 9.58 12.43 -19.48
C20 PCW V . 9.40 13.44 -20.42
C21 PCW V . 8.60 14.68 -20.39
C22 PCW V . 7.70 14.65 -21.66
C23 PCW V . 8.30 15.21 -22.97
C24 PCW V . 7.61 16.40 -23.55
C25 PCW V . 7.67 16.70 -25.07
C26 PCW V . 6.35 16.70 -25.82
C27 PCW V . 5.41 17.90 -25.63
C28 PCW V . 4.33 17.90 -26.68
C31 PCW V . 11.27 9.71 -8.93
C32 PCW V . 10.35 10.76 -8.25
C33 PCW V . 10.23 12.16 -9.02
C34 PCW V . 10.04 13.35 -8.07
C35 PCW V . 9.21 14.42 -8.89
C36 PCW V . 7.84 14.76 -8.23
C37 PCW V . 6.98 15.81 -9.00
C38 PCW V . 5.52 15.45 -9.00
C39 PCW V . 4.68 16.47 -9.73
C40 PCW V . 3.35 16.48 -9.84
C41 PCW V . 2.42 15.46 -9.23
C42 PCW V . 1.16 15.29 -10.19
C43 PCW V . -0.16 15.92 -9.77
C44 PCW V . -1.15 15.59 -10.88
C45 PCW V . -1.20 16.59 -12.01
C46 PCW V . -2.18 17.70 -11.77
C47 PCW V . -2.88 18.24 -13.00
C48 PCW V . -3.85 19.36 -12.62
N PCW V . 15.67 3.42 -3.05
O2 PCW V . 11.05 8.53 -8.35
O3 PCW V . 10.11 7.07 -10.60
O11 PCW V . 10.12 5.21 -11.91
O31 PCW V . 12.09 9.95 -9.86
O1P PCW V . 16.38 6.83 -6.83
O2P PCW V . 14.53 8.07 -5.71
O3P PCW V . 14.08 6.75 -7.88
O4P PCW V . 14.43 5.68 -5.70
P PCW V . 14.91 6.88 -6.50
C1 PCW W . 13.71 -10.26 -13.48
C2 PCW W . 12.94 -11.33 -14.35
C3 PCW W . 11.43 -11.36 -13.93
C4 PCW W . 16.53 -9.17 -10.89
C5 PCW W . 16.37 -7.70 -10.51
C6 PCW W . 13.90 -7.26 -10.04
C7 PCW W . 15.63 -6.48 -8.48
C8 PCW W . 15.36 -5.96 -10.23
C11 PCW W . 9.42 -12.53 -14.48
C12 PCW W . 8.88 -13.60 -15.39
C13 PCW W . 7.41 -13.21 -15.79
C14 PCW W . 6.72 -14.20 -16.73
C15 PCW W . 5.41 -13.70 -17.41
C16 PCW W . 5.11 -14.53 -18.70
C17 PCW W . 3.64 -14.49 -19.24
C18 PCW W . 3.54 -13.95 -20.67
C19 PCW W . 3.98 -14.98 -21.74
C20 PCW W . 3.12 -15.94 -22.25
C21 PCW W . 1.69 -16.28 -21.99
C22 PCW W . 0.85 -15.30 -22.86
C23 PCW W . 0.06 -15.90 -24.05
C24 PCW W . 0.74 -15.94 -25.38
C25 PCW W . 0.44 -17.08 -26.39
C26 PCW W . 0.83 -18.48 -25.96
C27 PCW W . 1.92 -19.21 -26.78
C28 PCW W . 1.44 -19.45 -28.19
C31 PCW W . 13.71 -11.77 -16.54
C32 PCW W . 13.69 -11.24 -17.99
C33 PCW W . 12.27 -10.66 -18.48
C34 PCW W . 12.41 -9.61 -19.59
C35 PCW W . 11.68 -10.23 -20.86
C36 PCW W . 10.62 -9.27 -21.45
C37 PCW W . 9.86 -9.81 -22.70
C38 PCW W . 8.96 -8.78 -23.31
C39 PCW W . 8.23 -9.30 -24.52
C40 PCW W . 7.83 -8.60 -25.57
C41 PCW W . 8.03 -7.12 -25.76
C42 PCW W . 8.00 -6.82 -27.32
C43 PCW W . 6.69 -6.92 -28.07
C44 PCW W . 6.96 -6.60 -29.53
C45 PCW W . 7.43 -7.76 -30.37
C46 PCW W . 6.33 -8.64 -30.87
C47 PCW W . 6.74 -9.89 -31.61
C48 PCW W . 5.50 -10.68 -32.05
N PCW W . 15.32 -7.31 -9.63
O2 PCW W . 13.00 -10.94 -15.78
O3 PCW W . 10.75 -12.34 -14.72
O11 PCW W . 8.78 -11.95 -13.65
O31 PCW W . 14.31 -12.82 -16.16
O1P PCW W . 15.86 -11.62 -12.32
O2P PCW W . 17.47 -10.70 -13.99
O3P PCW W . 15.01 -9.94 -14.01
O4P PCW W . 16.61 -9.21 -12.33
P PCW W . 16.28 -10.44 -13.15
C1 PCW X . 7.87 -10.01 -2.36
C2 PCW X . 7.30 -9.63 -3.79
C3 PCW X . 7.58 -10.79 -4.80
C4 PCW X . 8.89 -11.79 0.55
C5 PCW X . 7.37 -11.96 0.45
C6 PCW X . 5.63 -12.62 -1.28
C7 PCW X . 7.10 -14.31 -0.27
C8 PCW X . 5.82 -13.27 0.57
C11 PCW X . 6.08 -11.27 -6.60
C12 PCW X . 5.65 -10.76 -7.95
C13 PCW X . 6.38 -11.62 -9.06
C14 PCW X . 6.05 -11.23 -10.49
C15 PCW X . 6.59 -9.83 -10.95
C16 PCW X . 5.42 -8.81 -11.11
C17 PCW X . 5.79 -7.29 -10.98
C18 PCW X . 4.89 -6.37 -11.82
C19 PCW X . 5.05 -4.88 -11.43
C20 PCW X . 5.05 -3.86 -12.38
C21 PCW X . 4.93 -3.88 -13.85
C22 PCW X . 4.65 -2.41 -14.29
C23 PCW X . 3.22 -2.08 -14.80
C24 PCW X . 2.45 -1.06 -14.02
C25 PCW X . 1.84 0.18 -14.73
C26 PCW X . 2.03 1.53 -14.04
C27 PCW X . 3.45 2.12 -13.99
C28 PCW X . 3.54 3.32 -14.91
C31 PCW X . 5.41 -8.35 -3.09
C32 PCW X . 3.87 -8.33 -3.08
C33 PCW X . 3.21 -6.88 -2.98
C34 PCW X . 1.70 -6.92 -2.78
C35 PCW X . 1.07 -7.02 -4.23
C36 PCW X . 1.03 -5.65 -4.95
C37 PCW X . 0.43 -5.68 -6.39
C38 PCW X . 1.42 -5.20 -7.41
C39 PCW X . 0.86 -5.22 -8.81
C40 PCW X . 1.03 -4.30 -9.75
C41 PCW X . 1.84 -3.03 -9.56
C42 PCW X . 1.19 -1.87 -10.45
C43 PCW X . -0.05 -1.16 -9.92
C44 PCW X . -0.45 -0.14 -10.97
C45 PCW X . -1.76 -0.41 -11.67
C46 PCW X . -1.61 -0.66 -13.14
C47 PCW X . -1.46 -2.10 -13.55
C48 PCW X . -1.32 -2.23 -15.08
N PCW X . 6.83 -12.90 -0.47
O2 PCW X . 5.81 -9.46 -3.70
O3 PCW X . 7.05 -10.47 -6.09
O11 PCW X . 5.62 -12.24 -6.05
O31 PCW X . 6.17 -7.46 -2.60
O1P PCW X . 10.58 -11.25 -1.73
O2P PCW X . 11.12 -9.16 -0.46
O3P PCW X . 9.04 -9.27 -1.98
O4P PCW X . 9.17 -10.41 0.18
P PCW X . 10.06 -10.04 -0.99
C1 PCW Y . -9.16 0.38 18.08
C2 PCW Y . -10.02 -0.77 17.40
C3 PCW Y . -11.17 -1.23 18.38
C4 PCW Y . -5.71 -1.65 20.83
C5 PCW Y . -6.56 -2.33 21.91
C6 PCW Y . -5.76 -4.55 21.43
C7 PCW Y . -7.90 -3.93 20.75
C8 PCW Y . -7.59 -4.31 22.97
C11 PCW Y . -12.71 -3.07 18.54
C12 PCW Y . -13.42 -4.07 17.68
C13 PCW Y . -13.06 -5.51 18.20
C14 PCW Y . -13.71 -6.67 17.42
C15 PCW Y . -12.90 -8.00 17.38
C16 PCW Y . -13.76 -9.19 17.92
C17 PCW Y . -14.62 -9.99 16.88
C18 PCW Y . -14.31 -11.49 16.86
C19 PCW Y . -13.47 -11.93 15.64
C20 PCW Y . -14.02 -12.65 14.58
C21 PCW Y . -15.38 -13.16 14.32
C22 PCW Y . -15.98 -12.29 13.18
C23 PCW Y . -17.13 -11.32 13.56
C24 PCW Y . -18.51 -11.68 13.11
C25 PCW Y . -19.59 -10.59 12.85
C26 PCW Y . -20.90 -10.76 13.60
C27 PCW Y . -22.02 -9.74 13.31
C28 PCW Y . -22.47 -9.09 14.59
C31 PCW Y . -9.98 -0.54 15.04
C32 PCW Y . -10.75 0.04 13.85
C33 PCW Y . -11.19 -1.01 12.73
C34 PCW Y . -10.26 -1.04 11.52
C35 PCW Y . -10.25 -2.54 11.04
C36 PCW Y . -11.34 -2.82 9.97
C37 PCW Y . -11.40 -4.28 9.45
C38 PCW Y . -12.77 -4.86 9.57
C39 PCW Y . -12.86 -6.28 9.07
C40 PCW Y . -13.95 -7.01 8.90
C41 PCW Y . -15.36 -6.53 9.17
C42 PCW Y . -16.29 -7.80 9.41
C43 PCW Y . -17.77 -7.57 9.63
C44 PCW Y . -18.42 -8.94 9.83
C45 PCW Y . -19.39 -9.36 8.75
C46 PCW Y . -20.83 -9.18 9.14
C47 PCW Y . -21.73 -10.38 8.98
C48 PCW Y . -23.17 -10.05 9.40
N PCW Y . -6.93 -3.71 21.77
O2 PCW Y . -10.65 -0.26 16.15
O3 PCW Y . -11.93 -2.26 17.75
O11 PCW Y . -12.82 -2.97 19.73
O31 PCW Y . -8.89 -1.18 14.97
O1P PCW Y . -6.48 -1.12 18.07
O2P PCW Y . -6.24 1.27 18.78
O3P PCW Y . -8.41 -0.05 19.24
O4P PCW Y . -6.38 -0.42 20.49
P PCW Y . -6.80 -0.06 19.08
C1 PCW Z . 11.31 20.29 3.37
C2 PCW Z . 10.50 20.04 2.04
C3 PCW Z . 10.21 18.51 1.86
C4 PCW Z . 9.99 16.47 4.43
C5 PCW Z . 8.61 15.81 4.47
C6 PCW Z . 7.17 16.24 2.41
C7 PCW Z . 7.72 13.94 3.09
C8 PCW Z . 6.71 15.18 4.01
C11 PCW Z . 10.11 17.93 -0.47
C12 PCW Z . 9.12 17.81 -1.59
C13 PCW Z . 7.99 16.81 -1.13
C14 PCW Z . 6.88 16.57 -2.16
C15 PCW Z . 5.75 17.64 -2.19
C16 PCW Z . 4.37 17.01 -1.81
C17 PCW Z . 3.12 17.95 -1.86
C18 PCW Z . 2.88 18.56 -3.25
C19 PCW Z . 1.97 19.81 -3.21
C20 PCW Z . 1.31 20.29 -4.32
C21 PCW Z . 1.27 19.83 -5.73
C22 PCW Z . 0.11 18.79 -5.83
C23 PCW Z . -0.39 18.42 -7.25
C24 PCW Z . -1.68 19.06 -7.70
C25 PCW Z . -1.71 20.53 -8.20
C26 PCW Z . -2.91 20.93 -9.03
C27 PCW Z . -2.90 22.32 -9.69
C28 PCW Z . -4.29 22.72 -10.11
C31 PCW Z . 8.89 21.42 0.97
C32 PCW Z . 7.51 22.07 1.16
C33 PCW Z . 6.27 21.06 1.00
C34 PCW Z . 5.18 21.57 0.05
C35 PCW Z . 3.82 21.09 0.70
C36 PCW Z . 2.58 21.66 -0.02
C37 PCW Z . 1.20 21.22 0.59
C38 PCW Z . 1.07 19.73 0.66
C39 PCW Z . -0.26 19.29 1.23
C40 PCW Z . -1.31 18.81 0.57
C41 PCW Z . -1.34 18.61 -0.94
C42 PCW Z . -1.50 20.05 -1.63
C43 PCW Z . -2.35 20.17 -2.88
C44 PCW Z . -2.31 21.63 -3.30
C45 PCW Z . -2.38 21.87 -4.78
C46 PCW Z . -3.79 21.97 -5.31
C47 PCW Z . -4.14 23.25 -6.04
C48 PCW Z . -5.60 23.21 -6.51
N PCW Z . 8.00 15.35 3.26
O2 PCW Z . 9.18 20.73 2.08
O3 PCW Z . 9.46 18.32 0.66
O11 PCW Z . 11.29 17.73 -0.56
O31 PCW Z . 9.64 21.53 -0.05
O1P PCW Z . 12.32 18.17 4.75
O2P PCW Z . 11.16 18.91 6.84
O3P PCW Z . 10.58 19.99 4.58
O4P PCW Z . 9.88 17.73 5.16
P PCW Z . 11.06 18.68 5.38
C1 PCW AA . 14.20 -17.56 -16.30
C2 PCW AA . 13.11 -16.51 -16.77
C3 PCW AA . 13.63 -15.73 -18.02
C4 PCW AA . 16.51 -16.65 -12.87
C5 PCW AA . 17.13 -15.31 -13.25
C6 PCW AA . 19.27 -13.93 -13.36
C7 PCW AA . 19.23 -16.22 -14.23
C8 PCW AA . 18.29 -14.75 -14.85
C11 PCW AA . 11.93 -15.07 -19.58
C12 PCW AA . 10.98 -13.94 -19.88
C13 PCW AA . 9.51 -14.45 -19.63
C14 PCW AA . 8.42 -13.40 -19.89
C15 PCW AA . 8.76 -11.95 -19.43
C16 PCW AA . 7.43 -11.16 -19.10
C17 PCW AA . 6.47 -10.84 -20.29
C18 PCW AA . 5.39 -9.83 -19.92
C19 PCW AA . 4.12 -9.97 -20.81
C20 PCW AA . 3.10 -9.03 -20.79
C21 PCW AA . 2.93 -7.76 -20.03
C22 PCW AA . 1.56 -7.17 -20.48
C23 PCW AA . 1.59 -5.97 -21.47
C24 PCW AA . 0.34 -5.72 -22.27
C25 PCW AA . 0.42 -5.40 -23.78
C26 PCW AA . -0.59 -4.40 -24.33
C27 PCW AA . -1.99 -4.37 -23.68
C28 PCW AA . -3.04 -4.06 -24.72
C31 PCW AA . 10.94 -17.29 -16.21
C32 PCW AA . 9.74 -18.05 -16.77
C33 PCW AA . 8.48 -17.15 -17.19
C34 PCW AA . 7.15 -17.76 -16.76
C35 PCW AA . 6.50 -18.34 -18.08
C36 PCW AA . 4.98 -18.16 -18.13
C37 PCW AA . 4.27 -18.71 -19.40
C38 PCW AA . 3.02 -19.45 -19.09
C39 PCW AA . 2.33 -19.99 -20.32
C40 PCW AA . 1.05 -19.84 -20.67
C41 PCW AA . 0.04 -19.06 -19.85
C42 PCW AA . -1.35 -19.05 -20.65
C43 PCW AA . -1.37 -18.46 -22.06
C44 PCW AA . -2.80 -18.57 -22.56
C45 PCW AA . -2.95 -18.74 -24.05
C46 PCW AA . -3.09 -17.45 -24.80
C47 PCW AA . -3.93 -17.48 -26.06
C48 PCW AA . -3.99 -16.11 -26.72
N PCW AA . 18.55 -15.21 -13.45
O2 PCW AA . 11.87 -17.22 -17.16
O3 PCW AA . 12.65 -14.79 -18.45
O11 PCW AA . 12.05 -16.06 -20.24
O31 PCW AA . 11.04 -16.81 -15.04
O1P PCW AA . 14.92 -19.09 -12.85
O2P PCW AA . 16.10 -19.52 -15.00
O3P PCW AA . 13.99 -18.06 -14.95
O4P PCW AA . 16.14 -17.29 -14.12
P PCW AA . 15.31 -18.57 -14.19
C1 PCW BA . 6.76 -25.98 -5.08
C2 PCW BA . 6.26 -25.49 -6.49
C3 PCW BA . 6.78 -26.45 -7.61
C4 PCW BA . 7.81 -21.80 -2.68
C5 PCW BA . 7.68 -20.33 -3.07
C6 PCW BA . 9.88 -19.44 -2.68
C7 PCW BA . 8.32 -19.40 -0.96
C8 PCW BA . 8.02 -17.92 -2.66
C11 PCW BA . 6.82 -24.85 -9.39
C12 PCW BA . 6.21 -24.59 -10.76
C13 PCW BA . 7.09 -23.51 -11.48
C14 PCW BA . 6.63 -23.15 -12.89
C15 PCW BA . 7.50 -23.73 -14.05
C16 PCW BA . 6.70 -23.79 -15.38
C17 PCW BA . 6.42 -25.21 -15.98
C18 PCW BA . 5.32 -25.24 -17.04
C19 PCW BA . 4.02 -24.55 -16.59
C20 PCW BA . 2.99 -24.26 -17.47
C21 PCW BA . 2.84 -24.47 -18.93
C22 PCW BA . 3.63 -23.34 -19.66
C23 PCW BA . 3.53 -23.28 -21.20
C24 PCW BA . 4.82 -23.16 -21.95
C25 PCW BA . 5.06 -23.95 -23.28
C26 PCW BA . 5.63 -23.16 -24.45
C27 PCW BA . 4.66 -22.27 -25.26
C28 PCW BA . 5.39 -21.12 -25.89
C31 PCW BA . 4.17 -24.41 -6.07
C32 PCW BA . 2.65 -24.58 -6.18
C33 PCW BA . 2.13 -26.08 -6.48
C34 PCW BA . 2.20 -26.45 -7.96
C35 PCW BA . 0.91 -25.82 -8.62
C36 PCW BA . 0.35 -26.69 -9.77
C37 PCW BA . -0.93 -26.13 -10.47
C38 PCW BA . -0.71 -25.96 -11.94
C39 PCW BA . -1.93 -25.43 -12.64
C40 PCW BA . -2.95 -26.13 -13.12
C41 PCW BA . -3.08 -27.64 -13.03
C42 PCW BA . -4.09 -28.12 -14.16
C43 PCW BA . -3.65 -28.02 -15.61
C44 PCW BA . -4.80 -28.53 -16.46
C45 PCW BA . -5.86 -27.52 -16.78
C46 PCW BA . -6.86 -27.99 -17.78
C47 PCW BA . -7.57 -26.93 -18.59
C48 PCW BA . -8.56 -27.55 -19.57
N PCW BA . 8.44 -19.33 -2.39
O2 PCW BA . 4.76 -25.52 -6.54
O3 PCW BA . 6.32 -26.02 -8.90
O11 PCW BA . 7.62 -24.14 -8.83
O31 PCW BA . 4.76 -23.40 -5.59
O1P PCW BA . 9.13 -24.33 -3.24
O2P PCW BA . 8.56 -23.77 -5.59
O3P PCW BA . 6.82 -24.94 -4.08
O4P PCW BA . 7.43 -22.58 -3.84
P PCW BA . 8.06 -23.92 -4.21
C1 PCW CA . 17.82 6.08 -11.51
C2 PCW CA . 16.80 6.72 -12.54
C3 PCW CA . 15.34 6.65 -11.97
C4 PCW CA . 18.76 3.41 -14.79
C5 PCW CA . 17.94 4.21 -15.80
C6 PCW CA . 19.42 4.52 -17.86
C7 PCW CA . 17.07 3.90 -18.10
C8 PCW CA . 17.76 5.47 -17.40
C11 PCW CA . 14.02 6.47 -13.96
C12 PCW CA . 13.09 7.27 -14.84
C13 PCW CA . 12.09 6.28 -15.55
C14 PCW CA . 11.06 6.94 -16.47
C15 PCW CA . 10.24 5.96 -17.37
C16 PCW CA . 8.76 6.48 -17.54
C17 PCW CA . 8.50 7.59 -18.61
C18 PCW CA . 7.41 7.22 -19.62
C19 PCW CA . 7.90 7.29 -21.08
C20 PCW CA . 7.71 8.41 -21.88
C21 PCW CA . 7.09 9.73 -21.63
C22 PCW CA . 7.93 10.80 -22.40
C23 PCW CA . 7.81 10.82 -23.94
C24 PCW CA . 7.09 11.98 -24.55
C25 PCW CA . 5.54 11.93 -24.77
C26 PCW CA . 4.82 13.26 -24.83
C27 PCW CA . 4.27 13.86 -23.53
C28 PCW CA . 3.36 15.03 -23.83
C31 PCW CA . 17.29 8.52 -14.01
C32 PCW CA . 17.63 10.02 -14.05
C33 PCW CA . 16.43 11.00 -13.66
C34 PCW CA . 15.37 11.11 -14.75
C35 PCW CA . 13.99 11.26 -13.98
C36 PCW CA . 13.43 12.70 -14.05
C37 PCW CA . 12.07 12.92 -13.32
C38 PCW CA . 11.38 14.16 -13.76
C39 PCW CA . 10.07 14.39 -13.05
C40 PCW CA . 9.26 15.43 -13.18
C41 PCW CA . 9.51 16.63 -14.10
C42 PCW CA . 8.77 16.35 -15.49
C43 PCW CA . 7.26 16.15 -15.48
C44 PCW CA . 6.83 15.92 -16.91
C45 PCW CA . 6.45 17.16 -17.69
C46 PCW CA . 5.13 17.03 -18.41
C47 PCW CA . 5.20 16.57 -19.85
C48 PCW CA . 3.79 16.49 -20.47
N PCW CA . 18.19 4.05 -17.20
O2 PCW CA . 17.14 8.16 -12.74
O3 PCW CA . 14.43 7.23 -12.92
O11 PCW CA . 14.35 5.33 -14.17
O31 PCW CA . 17.19 7.75 -15.01
O1P PCW CA . 20.76 3.93 -12.74
O2P PCW CA . 18.92 3.32 -11.18
O3P PCW CA . 19.10 5.72 -12.10
O4P PCW CA . 18.35 3.84 -13.46
P PCW CA . 19.33 4.14 -12.34
C1 PCW DA . 7.15 -14.93 -6.47
C2 PCW DA . 6.51 -15.05 -7.91
C3 PCW DA . 7.49 -15.80 -8.88
C4 PCW DA . 10.65 -14.58 -7.05
C5 PCW DA . 12.10 -14.85 -6.66
C6 PCW DA . 14.44 -14.20 -7.45
C7 PCW DA . 13.05 -12.60 -6.23
C8 PCW DA . 13.73 -14.20 -5.61
C11 PCW DA . 7.34 -15.08 -11.16
C12 PCW DA . 6.60 -15.38 -12.44
C13 PCW DA . 5.19 -14.68 -12.38
C14 PCW DA . 4.31 -14.89 -13.63
C15 PCW DA . 2.95 -14.13 -13.64
C16 PCW DA . 2.42 -13.95 -15.10
C17 PCW DA . 1.43 -12.77 -15.37
C18 PCW DA . 1.65 -12.08 -16.72
C19 PCW DA . 0.42 -11.26 -17.18
C20 PCW DA . -0.56 -11.81 -18.00
C21 PCW DA . -0.72 -13.16 -18.60
C22 PCW DA . -2.03 -13.76 -18.03
C23 PCW DA . -2.14 -15.30 -17.95
C24 PCW DA . -3.36 -15.93 -18.54
C25 PCW DA . -4.08 -17.12 -17.83
C26 PCW DA . -3.20 -18.30 -17.46
C27 PCW DA . -3.89 -19.52 -16.81
C28 PCW DA . -3.92 -20.67 -17.79
C31 PCW DA . 4.20 -15.24 -8.39
C32 PCW DA . 2.99 -16.17 -8.25
C33 PCW DA . 2.45 -16.80 -9.63
C34 PCW DA . 1.33 -15.99 -10.26
C35 PCW DA . -0.01 -16.45 -9.55
C36 PCW DA . -0.62 -17.72 -10.20
C37 PCW DA . -1.92 -18.25 -9.55
C38 PCW DA . -1.64 -19.28 -8.52
C39 PCW DA . -2.90 -19.82 -7.89
C40 PCW DA . -3.10 -21.05 -7.40
C41 PCW DA . -2.04 -22.14 -7.42
C42 PCW DA . -2.74 -23.51 -7.88
C43 PCW DA . -4.11 -23.86 -7.33
C44 PCW DA . -4.50 -25.20 -7.95
C45 PCW DA . -5.33 -25.12 -9.21
C46 PCW DA . -6.67 -25.78 -9.10
C47 PCW DA . -7.76 -24.97 -8.44
C48 PCW DA . -9.09 -25.75 -8.40
N PCW DA . 13.10 -13.86 -6.92
O2 PCW DA . 5.25 -15.85 -7.85
O3 PCW DA . 6.89 -15.91 -10.17
O11 PCW DA . 8.20 -14.25 -11.03
O31 PCW DA . 4.18 -14.09 -8.92
O1P PCW DA . 9.39 -15.08 -4.48
O2P PCW DA . 9.74 -17.47 -5.12
O3P PCW DA . 7.67 -16.18 -5.95
O4P PCW DA . 9.90 -15.80 -6.83
P PCW DA . 9.22 -16.14 -5.52
C1 PCW EA . -4.75 -11.88 11.35
C2 PCW EA . -6.24 -12.41 11.23
C3 PCW EA . -6.62 -12.58 9.73
C4 PCW EA . -3.64 -15.19 13.99
C5 PCW EA . -2.60 -15.84 14.92
C6 PCW EA . -2.00 -16.88 17.16
C7 PCW EA . -4.33 -16.40 16.61
C8 PCW EA . -3.21 -17.60 15.78
C11 PCW EA . -8.99 -12.17 9.73
C12 PCW EA . -10.31 -12.89 9.64
C13 PCW EA . -10.33 -13.76 8.32
C14 PCW EA . -11.61 -14.55 8.10
C15 PCW EA . -11.44 -15.96 7.46
C16 PCW EA . -12.77 -16.79 7.57
C17 PCW EA . -14.11 -16.00 7.42
C18 PCW EA . -15.05 -16.61 6.38
C19 PCW EA . -14.43 -16.68 4.96
C20 PCW EA . -14.66 -15.72 4.00
C21 PCW EA . -15.47 -14.48 3.99
C22 PCW EA . -16.21 -14.44 2.62
C23 PCW EA . -15.58 -13.59 1.50
C24 PCW EA . -15.45 -12.12 1.75
C25 PCW EA . -15.64 -11.09 0.62
C26 PCW EA . -14.42 -10.28 0.23
C27 PCW EA . -14.42 -9.55 -1.13
C28 PCW EA . -15.40 -8.40 -1.10
C31 PCW EA . -7.12 -13.74 12.99
C32 PCW EA . -7.19 -15.17 13.55
C33 PCW EA . -8.13 -15.37 14.84
C34 PCW EA . -9.54 -14.82 14.67
C35 PCW EA . -10.51 -16.02 14.99
C36 PCW EA . -11.96 -15.55 15.26
C37 PCW EA . -12.99 -16.69 15.58
C38 PCW EA . -14.02 -16.83 14.52
C39 PCW EA . -15.03 -17.91 14.81
C40 PCW EA . -16.28 -17.75 15.20
C41 PCW EA . -16.94 -16.40 15.43
C42 PCW EA . -18.31 -16.37 14.61
C43 PCW EA . -18.91 -15.02 14.27
C44 PCW EA . -20.20 -15.29 13.50
C45 PCW EA . -21.34 -14.35 13.82
C46 PCW EA . -22.61 -14.71 13.09
C47 PCW EA . -23.74 -13.71 13.22
C48 PCW EA . -24.98 -14.17 12.43
N PCW EA . -2.95 -16.21 16.26
O2 PCW EA . -6.38 -13.75 11.88
O3 PCW EA . -7.98 -13.07 9.64
O11 PCW EA . -8.86 -10.99 9.87
O31 PCW EA . -7.68 -12.72 13.50
O1P PCW EA . -2.74 -13.71 11.67
O2P PCW EA . -1.76 -12.19 13.38
O3P PCW EA . -4.23 -11.94 12.69
O4P PCW EA . -3.43 -13.76 14.08
P PCW EA . -2.97 -12.91 12.91
C1 PCW FA . -0.99 -16.19 8.10
C2 PCW FA . -2.52 -16.46 7.85
C3 PCW FA . -3.36 -15.24 8.37
C4 PCW FA . 2.00 -19.75 6.42
C5 PCW FA . 2.37 -18.92 5.19
C6 PCW FA . 3.63 -20.64 3.79
C7 PCW FA . 2.34 -18.84 2.73
C8 PCW FA . 3.84 -18.70 3.80
C11 PCW FA . -5.53 -15.91 9.18
C12 PCW FA . -6.93 -16.16 8.68
C13 PCW FA . -6.88 -17.35 7.65
C14 PCW FA . -8.22 -17.74 7.03
C15 PCW FA . -8.23 -17.93 5.50
C16 PCW FA . -9.69 -18.04 4.95
C17 PCW FA . -10.19 -16.91 3.98
C18 PCW FA . -9.16 -16.51 2.94
C19 PCW FA . -9.75 -15.66 1.80
C20 PCW FA . -10.43 -16.22 0.72
C21 PCW FA . -10.77 -17.62 0.36
C22 PCW FA . -11.44 -17.58 -1.04
C23 PCW FA . -12.99 -17.68 -1.09
C24 PCW FA . -13.68 -16.90 -2.16
C25 PCW FA . -13.19 -15.49 -2.57
C26 PCW FA . -13.94 -14.32 -1.97
C27 PCW FA . -14.16 -13.08 -2.87
C28 PCW FA . -15.61 -12.65 -2.80
C31 PCW FA . -2.92 -17.86 5.98
C32 PCW FA . -3.18 -17.85 4.47
C33 PCW FA . -4.68 -18.23 4.04
C34 PCW FA . -4.80 -18.75 2.61
C35 PCW FA . -5.68 -20.06 2.71
C36 PCW FA . -6.96 -19.97 1.87
C37 PCW FA . -7.88 -21.24 1.92
C38 PCW FA . -8.93 -21.21 0.85
C39 PCW FA . -9.82 -22.42 0.89
C40 PCW FA . -10.78 -22.74 0.02
C41 PCW FA . -11.14 -21.91 -1.21
C42 PCW FA . -12.36 -22.62 -1.96
C43 PCW FA . -13.71 -21.93 -1.96
C44 PCW FA . -14.67 -22.83 -2.72
C45 PCW FA . -15.19 -22.26 -4.02
C46 PCW FA . -16.65 -21.89 -3.99
C47 PCW FA . -16.97 -20.43 -3.75
C48 PCW FA . -18.49 -20.20 -3.73
N PCW FA . 2.63 -19.56 3.94
O2 PCW FA . -2.78 -16.60 6.39
O3 PCW FA . -4.75 -15.51 8.13
O11 PCW FA . -5.17 -16.06 10.31
O31 PCW FA . -2.85 -18.90 6.72
O1P PCW FA . 1.83 -17.85 8.65
O2P PCW FA . -0.39 -18.93 9.00
O3P PCW FA . -0.13 -17.01 7.29
O4P PCW FA . 0.70 -19.26 6.89
P PCW FA . 0.52 -18.29 8.03
C1 PCW GA . 2.21 4.58 5.92
C2 PCW GA . 1.12 4.35 4.79
C3 PCW GA . -0.28 4.10 5.45
C4 PCW GA . 3.20 1.19 6.17
C5 PCW GA . 3.83 0.20 7.16
C6 PCW GA . 5.11 -1.95 6.70
C7 PCW GA . 6.31 0.15 7.10
C8 PCW GA . 5.25 -0.77 8.27
C11 PCW GA . -1.42 2.63 3.93
C12 PCW GA . -2.46 2.63 2.86
C13 PCW GA . -1.79 3.13 1.52
C14 PCW GA . -2.72 3.19 0.31
C15 PCW GA . -2.45 4.35 -0.70
C16 PCW GA . -2.92 3.93 -2.14
C17 PCW GA . -3.44 5.07 -3.09
C18 PCW GA . -4.89 5.46 -2.84
C19 PCW GA . -5.25 6.86 -3.40
C20 PCW GA . -5.49 7.08 -4.74
C21 PCW GA . -5.48 6.18 -5.92
C22 PCW GA . -6.95 5.72 -6.15
C23 PCW GA . -7.42 5.55 -7.61
C24 PCW GA . -8.61 6.35 -8.03
C25 PCW GA . -9.06 6.41 -9.52
C26 PCW GA . -9.93 5.26 -10.00
C27 PCW GA . -11.13 5.60 -10.92
C28 PCW GA . -12.38 4.87 -10.45
C31 PCW GA . 1.12 5.33 2.64
C32 PCW GA . 0.97 6.67 1.91
C33 PCW GA . -0.15 6.70 0.76
C34 PCW GA . -1.30 7.67 1.03
C35 PCW GA . -1.91 7.23 2.42
C36 PCW GA . -3.38 6.77 2.29
C37 PCW GA . -4.06 6.33 3.63
C38 PCW GA . -4.77 7.46 4.28
C39 PCW GA . -5.43 7.07 5.58
C40 PCW GA . -6.52 6.33 5.74
C41 PCW GA . -7.32 5.74 4.58
C42 PCW GA . -8.23 6.88 3.96
C43 PCW GA . -8.09 7.18 2.48
C44 PCW GA . -9.07 8.30 2.14
C45 PCW GA . -8.65 9.18 0.99
C46 PCW GA . -9.70 9.34 -0.07
C47 PCW GA . -10.23 10.73 -0.30
C48 PCW GA . -11.29 10.73 -1.41
N PCW GA . 5.03 -0.48 6.83
O2 PCW GA . 1.01 5.57 3.94
O3 PCW GA . -1.25 3.89 4.42
O11 PCW GA . -0.80 1.66 4.29
O31 PCW GA . 1.30 4.21 2.09
O1P PCW GA . 3.73 2.76 3.78
O2P PCW GA . 5.76 3.45 5.05
O3P PCW GA . 3.56 4.68 5.42
O4P PCW GA . 3.97 2.41 6.27
P PCW GA . 4.30 3.29 5.06
C1 PCW HA . -0.39 2.62 9.18
C2 PCW HA . -1.54 1.70 8.61
C3 PCW HA . -2.59 2.58 7.82
C4 PCW HA . 3.17 2.33 12.39
C5 PCW HA . 2.39 2.18 13.70
C6 PCW HA . -0.05 1.46 13.54
C7 PCW HA . 1.61 0.03 14.63
C8 PCW HA . 1.04 1.71 15.16
C11 PCW HA . -4.60 1.32 8.16
C12 PCW HA . -5.56 0.41 7.45
C13 PCW HA . -7.00 1.02 7.57
C14 PCW HA . -8.11 0.22 6.89
C15 PCW HA . -9.54 0.84 6.97
C16 PCW HA . -9.58 2.22 6.22
C17 PCW HA . -9.11 3.49 7.02
C18 PCW HA . -10.25 4.24 7.68
C19 PCW HA . -10.55 5.60 7.00
C20 PCW HA . -11.83 6.13 6.93
C21 PCW HA . -13.14 5.64 7.41
C22 PCW HA . -14.21 6.18 6.42
C23 PCW HA . -15.24 5.16 5.87
C24 PCW HA . -15.12 4.80 4.42
C25 PCW HA . -16.18 5.25 3.38
C26 PCW HA . -15.86 6.48 2.58
C27 PCW HA . -16.45 6.61 1.16
C28 PCW HA . -15.81 7.76 0.43
C31 PCW HA . -0.93 -0.54 8.13
C32 PCW HA . -0.36 -1.45 7.04
C33 PCW HA . -0.89 -1.18 5.54
C34 PCW HA . -1.84 -2.26 5.03
C35 PCW HA . -3.30 -1.72 5.33
C36 PCW HA . -4.09 -1.35 4.05
C37 PCW HA . -5.54 -0.82 4.31
C38 PCW HA . -6.30 -0.58 3.04
C39 PCW HA . -7.69 -0.06 3.31
C40 PCW HA . -8.67 0.13 2.44
C41 PCW HA . -8.59 -0.15 0.96
C42 PCW HA . -9.99 0.24 0.31
C43 PCW HA . -10.01 1.12 -0.92
C44 PCW HA . -11.47 1.31 -1.30
C45 PCW HA . -11.78 1.16 -2.77
C46 PCW HA . -13.14 0.54 -3.02
C47 PCW HA . -13.29 -0.21 -4.33
C48 PCW HA . -14.71 -0.78 -4.47
N PCW HA . 1.38 1.18 13.80
O2 PCW HA . -0.98 0.70 7.65
O3 PCW HA . -3.62 1.72 7.30
O11 PCW HA . -4.67 1.63 9.32
O31 PCW HA . -1.30 -0.91 9.28
O1P PCW HA . 2.86 1.16 9.77
O2P PCW HA . 2.29 3.49 9.11
O3P PCW HA . 0.49 1.92 10.09
O4P PCW HA . 2.25 2.92 11.44
P PCW HA . 2.03 2.37 10.04
C1 PCW IA . 7.27 3.41 -1.10
C2 PCW IA . 7.31 4.28 -2.42
C3 PCW IA . 8.78 4.71 -2.72
C4 PCW IA . 9.89 1.12 0.09
C5 PCW IA . 11.16 0.89 -0.73
C6 PCW IA . 11.34 -1.30 0.31
C7 PCW IA . 13.18 -0.39 -0.81
C8 PCW IA . 11.46 -1.15 -2.09
C11 PCW IA . 9.63 5.09 -4.91
C12 PCW IA . 9.55 6.07 -6.06
C13 PCW IA . 8.17 5.90 -6.79
C14 PCW IA . 7.94 6.85 -7.97
C15 PCW IA . 6.69 6.57 -8.86
C16 PCW IA . 5.97 7.90 -9.25
C17 PCW IA . 6.86 9.18 -9.49
C18 PCW IA . 6.47 9.96 -10.74
C19 PCW IA . 7.17 11.34 -10.83
C20 PCW IA . 6.90 12.24 -11.85
C21 PCW IA . 6.00 12.18 -13.03
C22 PCW IA . 5.83 13.64 -13.53
C23 PCW IA . 4.55 14.40 -13.12
C24 PCW IA . 3.27 13.99 -13.78
C25 PCW IA . 1.96 14.81 -13.60
C26 PCW IA . 1.26 15.24 -14.87
C27 PCW IA . 1.36 16.71 -15.29
C28 PCW IA . 2.15 16.83 -16.58
C31 PCW IA . 5.81 4.00 -4.25
C32 PCW IA . 5.45 3.06 -5.41
C33 PCW IA . 4.06 3.39 -6.14
C34 PCW IA . 4.22 3.75 -7.62
C35 PCW IA . 2.78 4.20 -8.10
C36 PCW IA . 2.33 3.46 -9.38
C37 PCW IA . 0.91 3.85 -9.92
C38 PCW IA . 0.76 3.49 -11.37
C39 PCW IA . -0.60 3.85 -11.93
C40 PCW IA . -0.86 4.37 -13.12
C41 PCW IA . 0.19 4.71 -14.17
C42 PCW IA . 0.08 6.26 -14.51
C43 PCW IA . 0.73 6.78 -15.77
C44 PCW IA . 0.47 8.29 -15.82
C45 PCW IA . -0.65 8.71 -16.74
C46 PCW IA . -0.80 10.20 -16.86
C47 PCW IA . -1.33 10.72 -18.18
C48 PCW IA . -1.42 12.25 -18.18
N PCW IA . 11.75 -0.42 -0.82
O2 PCW IA . 6.83 3.47 -3.59
O3 PCW IA . 8.83 5.51 -3.91
O11 PCW IA . 10.32 4.11 -4.89
O31 PCW IA . 5.23 5.10 -4.00
O1P PCW IA . 7.22 1.41 1.12
O2P PCW IA . 6.70 -0.38 -0.53
O3P PCW IA . 6.75 2.08 -1.28
O4P PCW IA . 8.77 0.82 -0.77
P PCW IA . 7.34 0.95 -0.31
C1 PCW JA . -3.65 -21.97 11.28
C2 PCW JA . -4.63 -23.00 10.60
C3 PCW JA . -5.61 -23.62 11.66
C4 PCW JA . -0.05 -22.65 8.10
C5 PCW JA . -0.35 -22.99 6.63
C6 PCW JA . -0.23 -25.50 7.13
C7 PCW JA . -0.22 -24.69 4.82
C8 PCW JA . 1.05 -24.42 6.11
C11 PCW JA . -6.13 -25.88 11.00
C12 PCW JA . -7.16 -26.64 10.22
C13 PCW JA . -7.59 -27.91 11.04
C14 PCW JA . -8.64 -28.79 10.38
C15 PCW JA . -8.24 -29.47 9.03
C16 PCW JA . -9.20 -29.01 7.87
C17 PCW JA . -8.87 -29.50 6.43
C18 PCW JA . -9.95 -29.13 5.40
C19 PCW JA . -10.73 -30.36 4.87
C20 PCW JA . -11.82 -30.24 4.04
C21 PCW JA . -12.51 -29.07 3.45
C22 PCW JA . -13.98 -29.51 3.17
C23 PCW JA . -15.07 -29.00 4.16
C24 PCW JA . -15.89 -27.82 3.71
C25 PCW JA . -17.22 -28.02 2.93
C26 PCW JA . -18.50 -27.63 3.64
C27 PCW JA . -19.59 -26.91 2.83
C28 PCW JA . -20.69 -27.87 2.46
C31 PCW JA . -5.32 -22.84 8.35
C32 PCW JA . -6.23 -22.05 7.39
C33 PCW JA . -6.85 -22.89 6.18
C34 PCW JA . -7.59 -24.14 6.64
C35 PCW JA . -9.09 -23.69 6.82
C36 PCW JA . -9.86 -23.58 5.48
C37 PCW JA . -11.35 -23.14 5.60
C38 PCW JA . -11.78 -22.28 4.47
C39 PCW JA . -13.21 -21.83 4.58
C40 PCW JA . -14.00 -21.41 3.60
C41 PCW JA . -13.59 -21.30 2.15
C42 PCW JA . -14.88 -20.88 1.30
C43 PCW JA . -16.08 -21.81 1.33
C44 PCW JA . -17.15 -21.19 0.45
C45 PCW JA . -18.06 -22.16 -0.25
C46 PCW JA . -19.40 -22.32 0.42
C47 PCW JA . -20.51 -22.91 -0.41
C48 PCW JA . -21.80 -22.99 0.40
N PCW JA . -0.44 -24.36 6.21
O2 PCW JA . -5.46 -22.32 9.57
O3 PCW JA . -6.47 -24.55 10.99
O11 PCW JA . -5.16 -26.35 11.53
O31 PCW JA . -4.56 -23.79 8.01
O1P PCW JA . -0.08 -22.06 10.94
O2P PCW JA . -1.69 -23.97 11.02
O3P PCW JA . -2.52 -21.60 10.46
O4P PCW JA . -1.23 -22.96 8.88
P PCW JA . -1.34 -22.68 10.37
C1 17F KA . -4.65 14.41 21.89
N1 17F KA . -5.42 15.92 23.73
O1 17F KA . -3.53 18.06 21.86
P1 17F KA . -4.07 16.79 21.20
C2 17F KA . -5.72 14.73 22.94
O2 17F KA . -2.75 16.57 20.50
C3 17F KA . -5.87 13.53 23.89
O3 17F KA . -3.68 15.41 21.80
C4 17F KA . -5.04 15.71 19.00
O4 17F KA . -6.13 12.42 23.45
C5 17F KA . -5.44 15.99 17.52
O5 17F KA . -5.75 13.64 25.17
C6 17F KA . -6.24 14.78 16.97
O6 17F KA . -4.52 16.86 19.68
C7 17F KA . -7.62 14.29 15.15
O7 17F KA . -6.63 14.97 15.62
C8 17F KA . -7.81 14.66 13.66
O8 17F KA . -8.34 13.48 15.69
C9 17F KA . -7.09 13.67 12.71
O9 17F KA . -6.17 17.23 17.32
C10 17F KA . -7.24 13.98 11.17
O10 17F KA . -7.12 17.91 19.31
C11 17F KA . -7.06 12.72 10.24
C12 17F KA . -7.22 13.11 8.72
C17 17F KA . -7.16 17.42 18.17
C18 17F KA . -8.50 17.00 17.61
C19 17F KA . -8.98 17.83 16.39
C20 17F KA . -10.47 17.47 15.97
C1X 17F KA . -7.04 11.86 7.85
C1Y 17F KA . -10.90 18.31 14.75
C1Z 17F KA . -11.48 19.65 15.21
C2X 17F KA . -7.20 12.19 6.28
C21 17F KA . -7.15 10.91 5.40
C22 17F KA . -8.04 10.60 4.53
C23 17F KA . -9.26 11.34 4.19
C24 17F KA . -10.56 10.69 4.64
C25 17F KA . -11.84 11.44 4.30
C26 17F KA . -12.46 11.14 2.85
C27 17F KA . -13.73 11.89 2.52
C28 17F KA . -14.17 11.46 1.07
C29 17F KA . -14.63 12.65 0.34
C30 17F KA . -15.06 12.38 -1.07
C31 17F KA . -10.73 20.94 14.70
C32 17F KA . -11.34 22.29 15.18
C33 17F KA . -10.22 23.29 15.41
C34 17F KA . -10.41 24.55 15.82
C35 17F KA . -11.73 25.22 16.11
C36 17F KA . -11.89 26.64 15.48
C37 17F KA . -12.96 26.57 14.46
C38 17F KA . -12.81 27.59 13.30
C39 17F KA . -13.95 27.46 12.29
C40 17F KA . -14.43 28.84 11.83
C41 17F KA . -16.00 28.89 11.73
C42 17F KA . -16.69 30.18 11.27
C1 17F LA . 10.89 -7.60 -4.21
N1 17F LA . 11.66 -9.54 -5.59
O1 17F LA . 11.24 -3.90 -4.30
P1 17F LA . 10.35 -5.12 -4.12
C2 17F LA . 12.06 -8.47 -4.70
O2 17F LA . 10.07 -5.53 -2.69
C3 17F LA . 12.82 -9.05 -3.50
O3 17F LA . 10.89 -6.36 -4.86
C4 17F LA . 7.90 -5.87 -4.72
O4 17F LA . 13.25 -8.32 -2.60
C5 17F LA . 6.58 -5.42 -5.41
O5 17F LA . 13.02 -10.31 -3.35
C6 17F LA . 6.27 -3.96 -5.00
O6 17F LA . 8.92 -4.87 -4.76
C7 17F LA . 5.05 -2.25 -6.03
O7 17F LA . 5.07 -3.48 -5.59
C8 17F LA . 3.64 -1.97 -6.58
O8 17F LA . 5.91 -1.40 -6.02
C9 17F LA . 2.54 -2.00 -5.49
O9 17F LA . 6.60 -5.58 -6.84
C10 17F LA . 1.08 -1.70 -5.99
O10 17F LA . 6.96 -7.81 -7.32
C11 17F LA . -0.02 -1.74 -4.85
C12 17F LA . -1.45 -1.43 -5.41
C17 17F LA . 6.25 -6.79 -7.21
C18 17F LA . 4.78 -6.90 -7.53
C19 17F LA . 3.98 -7.87 -6.62
C20 17F LA . 2.96 -8.75 -7.43
C1X 17F LA . -2.50 -1.46 -4.28
C1Y 17F LA . 2.20 -9.70 -6.45
C1Z 17F LA . 1.29 -10.66 -7.23
C2X 17F LA . -3.98 -1.15 -4.81
C21 17F LA . -4.37 0.34 -4.58
C22 17F LA . -5.01 1.08 -5.42
C23 17F LA . -5.49 0.71 -6.75
C24 17F LA . -6.23 1.83 -7.47
C25 17F LA . -6.75 1.51 -8.87
C26 17F LA . -5.69 1.61 -10.06
C27 17F LA . -6.24 1.28 -11.43
C28 17F LA . -5.05 1.45 -12.46
C29 17F LA . -5.58 1.28 -13.82
C30 17F LA . -4.55 1.41 -14.91
C31 17F LA . 0.26 -10.04 -8.23
C32 17F LA . -0.64 -11.04 -8.99
C33 17F LA . 0.08 -11.57 -10.22
C34 17F LA . -0.43 -12.46 -11.06
C35 17F LA . -1.81 -13.08 -10.99
C36 17F LA . -2.96 -12.15 -11.43
C37 17F LA . -3.84 -11.87 -10.26
C38 17F LA . -4.31 -10.40 -10.13
C39 17F LA . -5.20 -10.20 -8.89
C40 17F LA . -6.08 -8.96 -9.06
C41 17F LA . -5.71 -7.86 -7.99
C42 17F LA . -6.32 -7.96 -6.59
C1 17F MA . 1.06 12.64 14.52
N1 17F MA . 0.79 10.42 13.37
O1 17F MA . 1.39 12.65 11.45
P1 17F MA . 0.48 13.57 12.23
C2 17F MA . 1.30 11.11 14.54
O2 17F MA . 1.00 14.95 12.53
C3 17F MA . 0.69 10.50 15.80
O3 17F MA . 0.07 12.97 13.61
C4 17F MA . -1.93 14.60 12.06
O4 17F MA . 0.97 10.93 16.92
C5 17F MA . -3.22 14.67 11.18
O5 17F MA . -0.15 9.52 15.75
C6 17F MA . -3.79 16.11 11.18
O6 17F MA . -0.91 13.78 11.50
C7 17F MA . -5.46 17.40 10.18
O7 17F MA . -4.97 16.21 10.41
C8 17F MA . -6.77 17.24 9.36
O8 17F MA . -5.08 18.48 10.54
C9 17F MA . -8.03 17.59 10.17
O9 17F MA . -3.01 14.20 9.84
C10 17F MA . -9.41 17.47 9.41
O10 17F MA . -3.82 12.11 10.40
C11 17F MA . -10.33 18.74 9.55
C12 17F MA . -11.70 18.60 8.78
C17 17F MA . -3.17 12.90 9.69
C18 17F MA . -2.45 12.38 8.47
C19 17F MA . -3.22 12.60 7.14
C20 17F MA . -2.92 14.01 6.53
C1X 17F MA . -12.55 19.88 8.96
C1Y 17F MA . -3.71 14.22 5.21
C1Z 17F MA . -5.04 14.93 5.48
C2X 17F MA . -13.96 19.80 8.21
C21 17F MA . -15.16 19.99 9.19
C22 17F MA . -16.33 20.43 8.85
C23 17F MA . -16.79 20.82 7.52
C24 17F MA . -18.01 21.73 7.52
C25 17F MA . -18.54 22.18 6.16
C26 17F MA . -20.13 22.30 6.03
C27 17F MA . -20.62 22.75 4.67
C28 17F MA . -22.20 22.82 4.72
C29 17F MA . -22.69 23.21 3.40
C30 17F MA . -24.19 23.32 3.30
C31 17F MA . -5.00 16.48 5.57
C32 17F MA . -6.38 17.17 5.83
C33 17F MA . -6.71 18.09 4.68
C34 17F MA . -7.80 18.82 4.58
C35 17F MA . -8.94 18.89 5.58
C36 17F MA . -10.28 19.43 5.00
C37 17F MA . -10.62 20.71 5.69
C38 17F MA . -10.28 21.99 4.88
C39 17F MA . -10.66 23.27 5.65
C40 17F MA . -10.23 24.51 4.88
C41 17F MA . -11.50 25.34 4.42
C42 17F MA . -12.07 25.11 3.01
C1 17F NA . 14.63 17.45 -4.28
N1 17F NA . 15.18 15.75 -6.04
O1 17F NA . 12.86 20.54 -5.51
P1 17F NA . 12.90 19.24 -4.75
C2 17F NA . 15.69 16.56 -4.95
O2 17F NA . 13.02 19.37 -3.25
C3 17F NA . 16.32 15.63 -3.90
O3 17F NA . 14.03 18.29 -5.21
C4 17F NA . 11.37 17.12 -4.38
O4 17F NA . 16.84 16.09 -2.87
C5 17F NA . 10.00 16.49 -4.76
O5 17F NA . 16.36 14.35 -4.03
C6 17F NA . 9.79 15.19 -3.95
O6 17F NA . 11.57 18.39 -4.99
C7 17F NA . 8.27 13.45 -3.62
O7 17F NA . 8.56 14.56 -4.23
C8 17F NA . 6.85 13.02 -4.04
O8 17F NA . 8.91 12.82 -2.82
C9 17F NA . 5.88 12.94 -2.83
O9 17F NA . 8.91 17.40 -4.58
C10 17F NA . 4.40 12.50 -3.15
O10 17F NA . 9.16 18.32 -6.68
C11 17F NA . 3.59 11.98 -1.92
C12 17F NA . 2.12 11.56 -2.30
C17 17F NA . 8.49 17.94 -5.71
C18 17F NA . 6.99 18.11 -5.74
C19 17F NA . 6.51 19.57 -5.97
C20 17F NA . 5.06 19.62 -6.59
C1X 17F NA . 1.37 11.06 -1.06
C1Y 17F NA . 4.61 21.08 -6.81
C1Z 17F NA . 4.20 21.31 -8.27
C2X 17F NA . -0.15 10.63 -1.40
C21 17F NA . -1.09 10.76 -0.17
C22 17F NA . -2.01 11.66 -0.04
C23 17F NA . -2.37 12.72 -0.99
C24 17F NA . -2.89 14.00 -0.35
C25 17F NA . -3.27 15.13 -1.29
C26 17F NA . -4.82 15.21 -1.70
C27 17F NA . -5.18 16.33 -2.64
C28 17F NA . -6.73 16.24 -2.93
C29 17F NA . -6.95 15.24 -4.01
C30 17F NA . -8.38 15.04 -4.38
C31 17F NA . 3.04 20.41 -8.82
C32 17F NA . 2.65 20.66 -10.31
C33 17F NA . 1.16 20.39 -10.50
C34 17F NA . 0.51 20.51 -11.65
C35 17F NA . 1.09 20.92 -12.99
C36 17F NA . 0.04 21.35 -14.05
C37 17F NA . 0.07 20.40 -15.19
C38 17F NA . -0.42 20.99 -16.55
C39 17F NA . -0.35 19.95 -17.68
C40 17F NA . 1.09 19.82 -18.20
C41 17F NA . 1.12 19.79 -19.78
C42 17F NA . 2.35 20.31 -20.50
C1 17F OA . 15.31 -0.89 -6.90
N1 17F OA . 13.75 0.84 -5.99
O1 17F OA . 16.51 -3.23 -8.10
P1 17F OA . 15.81 -2.22 -8.99
C2 17F OA . 14.07 -0.57 -6.03
O2 17F OA . 16.67 -1.42 -9.91
C3 17F OA . 14.30 -1.09 -4.61
O3 17F OA . 14.95 -1.22 -8.19
C4 17F OA . 13.96 -2.21 -10.87
O4 17F OA . 14.59 -2.27 -4.40
C5 17F OA . 12.99 -3.13 -11.69
O5 17F OA . 14.21 -0.34 -3.57
C6 17F OA . 11.87 -3.64 -10.74
O6 17F OA . 14.75 -2.95 -9.94
C7 17F OA . 10.31 -5.37 -10.68
O7 17F OA . 10.96 -4.50 -11.40
C8 17F OA . 9.39 -6.19 -11.61
O8 17F OA . 10.35 -5.59 -9.49
C9 17F OA . 10.01 -7.54 -12.04
O9 17F OA . 12.43 -2.48 -12.84
C10 17F OA . 9.13 -8.43 -13.00
O10 17F OA . 12.14 -4.16 -14.37
C11 17F OA . 8.11 -7.64 -13.90
C12 17F OA . 7.27 -8.58 -14.82
C17 17F OA . 12.69 -3.13 -13.95
C18 17F OA . 13.79 -2.50 -14.76
C19 17F OA . 13.33 -1.41 -15.77
C20 17F OA . 13.71 -1.78 -17.25
C1X 17F OA . 6.30 -7.75 -15.67
C1Y 17F OA . 13.25 -0.69 -18.24
C1Z 17F OA . 12.61 -1.31 -19.49
C2X 17F OA . 5.39 -8.66 -16.64
C21 17F OA . 4.18 -9.30 -15.88
C22 17F OA . 3.20 -8.64 -15.36
C23 17F OA . 3.00 -7.18 -15.36
C24 17F OA . 2.26 -6.65 -16.58
C25 17F OA . 2.03 -5.15 -16.65
C26 17F OA . 1.08 -4.62 -17.83
C27 17F OA . 0.87 -3.12 -17.87
C28 17F OA . -0.08 -2.81 -19.09
C29 17F OA . 0.75 -2.40 -20.23
C30 17F OA . -0.03 -2.07 -21.47
C31 17F OA . 11.61 -0.41 -20.29
C32 17F OA . 10.96 -1.06 -21.54
C33 17F OA . 9.44 -0.91 -21.43
C34 17F OA . 8.57 -1.36 -22.32
C35 17F OA . 8.87 -2.08 -23.61
C36 17F OA . 7.61 -2.56 -24.41
C37 17F OA . 7.71 -2.07 -25.80
C38 17F OA . 7.40 -3.12 -26.90
C39 17F OA . 7.54 -2.52 -28.31
C40 17F OA . 8.58 -3.29 -29.12
C41 17F OA . 9.24 -2.36 -30.22
C42 17F OA . 8.81 -2.48 -31.69
C1 17F PA . 3.61 17.55 10.33
N1 17F PA . 4.69 15.40 11.01
O1 17F PA . 3.57 17.49 6.53
P1 17F PA . 3.72 18.19 7.85
C2 17F PA . 4.90 16.75 10.53
O2 17F PA . 5.12 18.56 8.25
C3 17F PA . 5.82 17.51 11.51
O3 17F PA . 3.10 17.39 9.04
C4 17F PA . 2.92 20.41 9.02
O4 17F PA . 6.13 18.67 11.30
C5 17F PA . 2.10 21.73 8.83
O5 17F PA . 6.28 16.95 12.57
C6 17F PA . 3.08 22.93 8.82
O6 17F PA . 2.93 19.57 7.86
C7 17F PA . 2.81 24.99 7.76
O7 17F PA . 2.41 24.16 8.67
C8 17F PA . 1.94 26.26 7.88
O8 17F PA . 3.70 24.91 6.95
C9 17F PA . 1.56 26.93 6.52
O9 17F PA . 1.28 21.71 7.65
C10 17F PA . 0.67 28.20 6.65
O10 17F PA . -0.69 21.65 8.85
C11 17F PA . -0.51 28.05 7.69
C12 17F PA . -1.39 29.34 7.82
C17 17F PA . 0.03 22.04 7.92
C18 17F PA . -0.53 22.99 6.89
C19 17F PA . -1.37 24.15 7.46
C20 17F PA . -2.46 24.67 6.45
C1X 17F PA . -2.51 29.09 8.85
C1Y 17F PA . -3.28 25.83 7.06
C1Z 17F PA . -4.04 26.57 5.96
C2X 17F PA . -3.47 30.36 9.06
C21 17F PA . -4.11 30.38 10.49
C22 17F PA . -4.90 31.29 10.92
C23 17F PA . -5.39 32.48 10.21
C24 17F PA . -6.42 33.29 11.00
C25 17F PA . -6.97 34.53 10.31
C26 17F PA . -8.21 34.29 9.32
C27 17F PA . -8.73 35.54 8.66
C28 17F PA . -9.92 35.12 7.73
C29 17F PA . -10.28 36.26 6.88
C30 17F PA . -11.42 35.99 5.94
C31 17F PA . -5.54 26.15 5.74
C32 17F PA . -6.29 26.92 4.63
C33 17F PA . -7.66 27.35 5.12
C34 17F PA . -8.54 28.02 4.39
C35 17F PA . -8.38 28.49 2.96
C36 17F PA . -8.99 27.55 1.88
C37 17F PA . -10.30 28.09 1.44
C38 17F PA . -10.76 27.60 0.04
C39 17F PA . -12.12 28.20 -0.34
C40 17F PA . -12.18 28.48 -1.85
C41 17F PA . -13.50 29.27 -2.22
C42 17F PA . -13.62 29.92 -3.61
C1 17F QA . -6.18 -9.46 20.60
N1 17F QA . -4.00 -8.33 21.10
O1 17F QA . -5.07 -6.54 19.08
P1 17F QA . -6.35 -7.34 19.23
C2 17F QA . -4.80 -9.52 21.28
O2 17F QA . -7.25 -6.95 20.36
C3 17F QA . -4.02 -10.74 20.75
O3 17F QA . -6.10 -8.86 19.35
C4 17F QA . -8.51 -7.88 17.84
O4 17F QA . -4.51 -11.86 20.81
C5 17F QA . -9.25 -7.62 16.50
O5 17F QA . -2.84 -10.63 20.25
C6 17F QA . -9.88 -6.21 16.57
O6 17F QA . -7.26 -7.21 17.94
C7 17F QA . -10.75 -4.61 15.12
O7 17F QA . -10.59 -5.86 15.39
C8 17F QA . -11.59 -4.48 13.82
O8 17F QA . -10.37 -3.64 15.72
C9 17F QA . -13.10 -4.34 14.11
O9 17F QA . -8.40 -7.76 15.36
C10 17F QA . -14.03 -4.18 12.85
O10 17F QA . -8.26 -10.05 15.56
C11 17F QA . -14.28 -2.67 12.44
C12 17F QA . -15.19 -2.54 11.18
C17 17F QA . -8.36 -8.99 14.91
C18 17F QA . -8.43 -9.07 13.40
C19 17F QA . -9.68 -9.79 12.86
C20 17F QA . -10.54 -8.84 11.93
C1X 17F QA . -15.38 -1.05 10.85
C1Y 17F QA . -11.79 -9.60 11.40
C1Z 17F QA . -12.91 -9.53 12.43
C2X 17F QA . -16.31 -0.81 9.57
C21 17F QA . -16.01 0.55 8.88
C22 17F QA . -16.82 1.17 8.09
C23 17F QA . -18.16 0.76 7.68
C24 17F QA . -18.66 1.45 6.42
C25 17F QA . -20.04 1.07 5.93
C26 17F QA . -20.84 2.21 5.13
C27 17F QA . -22.22 1.82 4.65
C28 17F QA . -22.83 3.06 3.91
C29 17F QA . -23.72 2.58 2.83
C30 17F QA . -24.37 3.65 2.03
C31 17F QA . -13.50 -8.11 12.75
C32 17F QA . -14.64 -8.08 13.80
C33 17F QA . -15.96 -7.80 13.09
C34 17F QA . -17.13 -7.71 13.69
C35 17F QA . -17.40 -7.84 15.17
C36 17F QA . -18.43 -6.82 15.75
C37 17F QA . -17.86 -5.46 15.66
C38 17F QA . -18.85 -4.36 15.18
C39 17F QA . -18.19 -2.98 15.10
C40 17F QA . -18.13 -2.34 16.50
C41 17F QA . -16.67 -1.84 16.82
C42 17F QA . -16.22 -1.77 18.28
C1 17F RA . 8.76 8.25 2.83
N1 17F RA . 8.93 10.37 1.50
O1 17F RA . 7.75 5.66 2.15
P1 17F RA . 8.40 6.48 1.06
C2 17F RA . 8.54 9.77 2.76
O2 17F RA . 9.38 5.76 0.18
C3 17F RA . 9.31 10.44 3.91
O3 17F RA . 9.12 7.73 1.59
C4 17F RA . 7.70 7.88 -1.04
O4 17F RA . 9.14 10.09 5.08
C5 17F RA . 6.48 8.36 -1.89
O5 17F RA . 10.15 11.40 3.72
C6 17F RA . 6.99 9.23 -3.06
O6 17F RA . 7.32 7.07 0.07
C7 17F RA . 5.79 9.22 -5.06
O7 17F RA . 5.93 9.70 -3.87
C8 17F RA . 4.56 9.90 -5.70
O8 17F RA . 6.42 8.39 -5.66
C9 17F RA . 4.92 11.16 -6.54
O9 17F RA . 5.68 7.27 -2.35
C10 17F RA . 3.70 11.90 -7.21
O10 17F RA . 3.46 7.90 -2.47
C11 17F RA . 2.40 11.02 -7.37
C12 17F RA . 1.22 11.80 -8.03
C17 17F RA . 4.43 7.36 -1.93
C18 17F RA . 4.23 6.67 -0.59
C19 17F RA . 3.22 5.50 -0.60
C20 17F RA . 3.92 4.12 -0.95
C1X 17F RA . -0.03 10.91 -8.14
C1Y 17F RA . 2.90 2.95 -0.95
C1Z 17F RA . 1.89 3.07 -2.10
C2X 17F RA . -1.27 11.67 -8.82
C21 17F RA . -2.61 11.31 -8.13
C22 17F RA . -3.32 12.13 -7.43
C23 17F RA . -3.03 13.55 -7.15
C24 17F RA . -4.26 14.39 -6.85
C25 17F RA . -4.02 15.86 -6.55
C26 17F RA . -5.24 16.85 -6.93
C27 17F RA . -4.99 18.31 -6.63
C28 17F RA . -6.28 19.12 -7.07
C29 17F RA . -6.20 19.40 -8.51
C30 17F RA . -7.36 20.17 -9.05
C31 17F RA . 1.08 1.78 -2.46
C32 17F RA . 0.06 1.92 -3.62
C33 17F RA . 0.82 2.05 -4.93
C34 17F RA . 0.25 2.18 -6.12
C35 17F RA . -1.23 2.23 -6.41
C36 17F RA . -1.77 3.65 -6.77
C37 17F RA . -2.39 3.59 -8.13
C38 17F RA . -3.10 4.89 -8.58
C39 17F RA . -3.70 4.74 -9.99
C40 17F RA . -4.92 5.65 -10.16
C41 17F RA . -5.75 5.25 -11.45
C42 17F RA . -6.20 6.35 -12.41
C1 PCW SA . -35.20 5.73 -1.59
C2 PCW SA . -33.66 5.46 -1.33
C3 PCW SA . -33.36 3.93 -1.51
C4 PCW SA . -36.91 3.85 -4.25
C5 PCW SA . -36.49 2.80 -5.28
C6 PCW SA . -37.18 0.74 -6.61
C7 PCW SA . -38.71 2.64 -6.39
C8 PCW SA . -37.06 2.59 -7.24
C11 PCW SA . -31.58 2.49 -0.73
C12 PCW SA . -30.08 2.44 -0.59
C13 PCW SA . -29.76 2.10 0.91
C14 PCW SA . -28.27 2.02 1.26
C15 PCW SA . -27.86 2.72 2.59
C16 PCW SA . -27.75 1.67 3.76
C17 PCW SA . -26.82 2.02 4.97
C18 PCW SA . -25.78 0.95 5.27
C19 PCW SA . -25.59 0.69 6.78
C20 PCW SA . -24.89 1.58 7.58
C21 PCW SA . -24.22 2.86 7.29
C22 PCW SA . -23.46 3.27 8.58
C23 PCW SA . -22.19 4.14 8.42
C24 PCW SA . -22.07 5.36 9.29
C25 PCW SA . -21.20 5.37 10.58
C26 PCW SA . -19.74 5.00 10.43
C27 PCW SA . -18.72 6.15 10.29
C28 PCW SA . -17.47 5.66 9.60
C31 PCW SA . -32.05 7.13 -1.76
C32 PCW SA . -31.24 7.79 -2.89
C33 PCW SA . -29.87 7.03 -3.25
C34 PCW SA . -28.68 7.98 -3.39
C35 PCW SA . -28.52 8.68 -1.98
C36 PCW SA . -27.04 8.92 -1.61
C37 PCW SA . -26.81 9.60 -0.24
C38 PCW SA . -25.42 9.42 0.27
C39 PCW SA . -25.19 10.08 1.60
C40 PCW SA . -24.04 10.26 2.24
C41 PCW SA . -22.68 9.82 1.71
C42 PCW SA . -21.69 9.63 2.94
C43 PCW SA . -20.22 9.94 2.75
C44 PCW SA . -19.54 9.68 4.09
C45 PCW SA . -18.54 8.55 4.08
C46 PCW SA . -19.12 7.24 4.54
C47 PCW SA . -18.73 6.78 5.93
C48 PCW SA . -19.38 5.45 6.28
N PCW SA . -37.49 2.01 -5.93
O2 PCW SA . -32.83 6.20 -2.30
O3 PCW SA . -31.96 3.69 -1.27
O11 PCW SA . -32.34 1.59 -0.44
O31 PCW SA . -31.97 7.42 -0.52
O1P PCW SA . -36.78 6.70 -4.77
O2P PCW SA . -34.33 6.28 -4.91
O3P PCW SA . -35.46 6.69 -2.64
O4P PCW SA . -35.72 4.60 -3.89
P PCW SA . -35.57 6.09 -4.13
C1 PCW TA . -26.57 -1.03 -9.15
C2 PCW TA . -25.45 -1.22 -8.04
C3 PCW TA . -24.80 0.17 -7.68
C4 PCW TA . -30.18 -2.25 -6.34
C5 PCW TA . -30.99 -3.22 -7.21
C6 PCW TA . -33.24 -4.27 -7.78
C7 PCW TA . -33.12 -2.32 -6.28
C8 PCW TA . -32.67 -2.40 -8.07
C11 PCW TA . -23.60 1.00 -5.78
C12 PCW TA . -22.51 0.63 -4.81
C13 PCW TA . -23.17 0.13 -3.47
C14 PCW TA . -22.18 -0.29 -2.37
C15 PCW TA . -20.85 -0.94 -2.87
C16 PCW TA . -19.63 -0.44 -2.02
C17 PCW TA . -18.49 -1.48 -1.71
C18 PCW TA . -17.22 -0.82 -1.15
C19 PCW TA . -17.05 -1.02 0.38
C20 PCW TA . -15.81 -1.16 0.98
C21 PCW TA . -14.42 -1.17 0.43
C22 PCW TA . -13.51 -0.45 1.46
C23 PCW TA . -12.81 -1.32 2.55
C24 PCW TA . -12.35 -2.68 2.16
C25 PCW TA . -10.84 -3.08 2.24
C26 PCW TA . -10.20 -3.57 0.95
C27 PCW TA . -8.94 -4.45 1.06
C28 PCW TA . -7.70 -3.60 0.85
C31 PCW TA . -26.10 -3.09 -6.74
C32 PCW TA . -26.74 -3.49 -5.40
C33 PCW TA . -25.74 -4.11 -4.31
C34 PCW TA . -24.30 -3.60 -4.44
C35 PCW TA . -23.53 -4.22 -3.21
C36 PCW TA . -22.37 -5.15 -3.64
C37 PCW TA . -21.57 -5.80 -2.47
C38 PCW TA . -20.92 -4.77 -1.61
C39 PCW TA . -20.14 -5.36 -0.48
C40 PCW TA . -18.88 -5.81 -0.51
C41 PCW TA . -18.00 -5.79 -1.75
C42 PCW TA . -16.73 -4.88 -1.44
C43 PCW TA . -15.53 -4.98 -2.36
C44 PCW TA . -14.48 -4.00 -1.83
C45 PCW TA . -13.08 -4.54 -1.74
C46 PCW TA . -12.16 -3.98 -2.77
C47 PCW TA . -11.37 -2.77 -2.37
C48 PCW TA . -10.46 -2.28 -3.53
N PCW TA . -32.40 -3.38 -6.96
O2 PCW TA . -26.06 -1.76 -6.78
O3 PCW TA . -23.80 -0.02 -6.66
O11 PCW TA . -24.20 2.04 -5.78
O31 PCW TA . -25.67 -3.89 -7.62
O1P PCW TA . -30.32 -0.46 -8.94
O2P PCW TA . -29.22 0.03 -7.30
O3P PCW TA . -27.68 -0.21 -8.74
O4P PCW TA . -28.99 -1.85 -7.10
P PCW TA . -29.02 -1.00 -8.35
C1 PCW UA . -26.14 11.40 -13.29
C2 PCW UA . -25.57 11.22 -11.83
C3 PCW UA . -25.13 9.73 -11.61
C4 PCW UA . -27.79 15.17 -11.23
C5 PCW UA . -28.78 15.16 -10.07
C6 PCW UA . -29.69 13.57 -8.29
C7 PCW UA . -27.42 14.46 -8.12
C8 PCW UA . -29.00 15.39 -8.04
C11 PCW UA . -24.35 8.33 -9.83
C12 PCW UA . -23.84 8.38 -8.42
C13 PCW UA . -22.29 8.13 -8.46
C14 PCW UA . -21.61 8.15 -7.09
C15 PCW UA . -21.02 6.79 -6.60
C16 PCW UA . -20.07 7.01 -5.37
C17 PCW UA . -18.78 6.12 -5.29
C18 PCW UA . -17.53 6.82 -5.83
C19 PCW UA . -17.14 8.06 -4.99
C20 PCW UA . -15.90 8.19 -4.39
C21 PCW UA . -14.71 7.30 -4.36
C22 PCW UA . -14.48 6.92 -2.86
C23 PCW UA . -13.52 5.74 -2.56
C24 PCW UA . -12.10 5.90 -3.05
C25 PCW UA . -11.13 4.68 -3.09
C26 PCW UA . -9.86 4.86 -3.89
C27 PCW UA . -8.69 3.90 -3.62
C28 PCW UA . -8.67 2.80 -4.65
C31 PCW UA . -24.34 12.74 -10.49
C32 PCW UA . -23.03 13.56 -10.44
C33 PCW UA . -23.03 14.82 -9.46
C34 PCW UA . -21.73 15.61 -9.46
C35 PCW UA . -20.88 15.03 -8.27
C36 PCW UA . -21.15 15.77 -6.94
C37 PCW UA . -20.33 15.24 -5.72
C38 PCW UA . -21.22 14.88 -4.58
C39 PCW UA . -20.47 14.35 -3.39
C40 PCW UA . -20.74 14.57 -2.10
C41 PCW UA . -21.90 15.42 -1.61
C42 PCW UA . -21.69 15.74 -0.07
C43 PCW UA . -20.28 15.68 0.50
C44 PCW UA . -20.37 16.03 1.98
C45 PCW UA . -19.06 16.17 2.70
C46 PCW UA . -18.15 14.98 2.54
C47 PCW UA . -18.56 13.71 3.27
C48 PCW UA . -17.56 12.58 3.02
N PCW UA . -28.58 14.28 -8.95
O2 PCW UA . -24.36 12.07 -11.63
O3 PCW UA . -24.62 9.59 -10.27
O11 PCW UA . -24.51 7.32 -10.47
O31 PCW UA . -25.23 12.71 -9.58
O1P PCW UA . -28.63 14.19 -13.87
O2P PCW UA . -28.85 12.04 -12.63
O3P PCW UA . -26.57 12.75 -13.59
O4P PCW UA . -27.57 13.78 -11.61
P PCW UA . -27.97 13.19 -12.96
C1 17F VA . -27.77 0.90 -16.65
N1 17F VA . -27.49 -0.99 -15.00
O1 17F VA . -26.75 3.37 -15.58
P1 17F VA . -25.81 2.47 -16.34
C2 17F VA . -28.25 0.21 -15.36
O2 17F VA . -25.30 2.98 -17.66
C3 17F VA . -29.74 -0.17 -15.51
O3 17F VA . -26.39 1.06 -16.61
C4 17F VA . -23.46 1.33 -15.99
O4 17F VA . -30.58 0.68 -15.81
C5 17F VA . -22.29 1.16 -14.97
O5 17F VA . -30.17 -1.37 -15.33
C6 17F VA . -20.96 0.96 -15.76
O6 17F VA . -24.51 2.15 -15.49
C7 17F VA . -18.70 1.22 -15.28
O7 17F VA . -19.86 0.80 -14.89
C8 17F VA . -17.66 0.91 -14.17
O8 17F VA . -18.37 1.75 -16.31
C9 17F VA . -17.68 -0.57 -13.70
O9 17F VA . -22.19 2.24 -14.03
C10 17F VA . -16.63 -0.93 -12.57
O10 17F VA . -24.04 1.82 -12.72
C11 17F VA . -16.09 0.31 -11.77
C12 17F VA . -15.05 -0.10 -10.67
C17 17F VA . -22.82 1.99 -12.90
C18 17F VA . -21.90 1.94 -11.72
C19 17F VA . -21.86 0.57 -10.99
C20 17F VA . -20.55 -0.25 -11.33
C1X 17F VA . -14.55 1.15 -9.92
C1Y 17F VA . -20.55 -1.61 -10.59
C1Z 17F VA . -19.13 -1.97 -10.15
C2X 17F VA . -13.48 0.83 -8.78
C21 17F VA . -13.75 -0.52 -8.04
C22 17F VA . -12.88 -1.46 -7.90
C23 17F VA . -11.50 -1.46 -8.41
C24 17F VA . -10.46 -1.87 -7.37
C25 17F VA . -9.01 -1.89 -7.85
C26 17F VA . -8.02 -2.88 -7.05
C27 17F VA . -6.60 -2.88 -7.54
C28 17F VA . -5.79 -3.90 -6.65
C29 17F VA . -4.42 -4.03 -7.18
C30 17F VA . -3.54 -4.98 -6.42
C31 17F VA . -18.73 -3.48 -10.26
C32 17F VA . -17.27 -3.81 -9.81
C33 17F VA . -17.01 -5.29 -10.02
C34 17F VA . -15.86 -5.89 -9.76
C35 17F VA . -14.61 -5.26 -9.19
C36 17F VA . -13.97 -4.16 -10.10
C37 17F VA . -12.81 -4.75 -10.83
C38 17F VA . -11.47 -4.70 -10.06
C39 17F VA . -10.32 -5.33 -10.87
C40 17F VA . -9.02 -5.34 -10.05
C41 17F VA . -7.92 -4.43 -10.75
C42 17F VA . -6.45 -4.84 -10.65
PG GNP WA . 31.10 5.64 4.70
O1G GNP WA . 30.01 5.33 3.69
O2G GNP WA . 30.61 6.49 5.83
O3G GNP WA . 32.28 6.34 4.17
N3B GNP WA . 31.69 4.24 5.27
PB GNP WA . 31.71 3.71 6.78
O1B GNP WA . 30.52 2.91 7.13
O2B GNP WA . 31.88 4.89 7.64
O3A GNP WA . 32.99 2.85 6.94
PA GNP WA . 33.46 1.50 6.27
O1A GNP WA . 33.74 1.65 4.83
O2A GNP WA . 32.59 0.38 6.70
O5' GNP WA . 34.86 1.19 6.88
C5' GNP WA . 35.96 2.10 6.64
C4' GNP WA . 37.26 1.45 7.04
O4' GNP WA . 37.19 1.04 8.44
C3' GNP WA . 37.61 0.18 6.26
O3' GNP WA . 38.98 0.19 5.91
C2' GNP WA . 37.20 -0.94 7.20
O2' GNP WA . 37.86 -2.17 7.02
C1' GNP WA . 37.46 -0.36 8.58
N9 GNP WA . 36.60 -0.90 9.66
C8 GNP WA . 35.26 -0.69 9.78
N7 GNP WA . 34.74 -1.28 10.82
C5 GNP WA . 35.81 -1.94 11.42
C6 GNP WA . 35.86 -2.75 12.61
O6 GNP WA . 34.97 -3.07 13.37
N1 GNP WA . 37.12 -3.21 12.89
C2 GNP WA . 38.23 -2.95 12.13
N2 GNP WA . 39.37 -3.50 12.58
N3 GNP WA . 38.22 -2.20 11.03
C4 GNP WA . 36.97 -1.72 10.73
MG MG XA . 26.66 3.26 2.37
CAC EWS YA . 14.59 7.34 2.12
CAD EWS YA . 13.19 7.94 1.87
CAE EWS YA . 15.27 6.95 0.81
CAF EWS YA . 15.44 8.20 -0.07
CAH EWS YA . 13.09 8.65 0.51
CAI EWS YA . 11.95 9.69 0.56
CAJ EWS YA . 11.74 10.32 -0.66
CAK EWS YA . 10.95 9.68 -1.66
CAL EWS YA . 12.31 11.60 -0.90
CAM EWS YA . 12.10 12.24 -2.14
CAN EWS YA . 11.32 11.59 -3.11
CAO EWS YA . 10.73 10.32 -2.89
CAQ EWS YA . 13.90 3.04 3.09
CAR EWS YA . 13.17 1.83 3.15
CAS EWS YA . 13.09 1.13 4.38
CAT EWS YA . 13.76 1.65 5.50
CAU EWS YA . 14.45 2.80 5.38
CAV EWS YA . 14.53 3.50 4.21
CAX EWS YA . 15.66 4.57 5.72
CAZ EWS YA . 15.53 5.61 3.62
NAA EWS YA . 14.47 6.20 3.06
NAG EWS YA . 14.40 9.23 0.12
NAW EWS YA . 15.16 3.48 6.29
OAB EWS YA . 16.70 5.93 3.36
CBA EWS YA . 15.27 4.58 4.45
CLA EWS YA . 11.06 12.37 -4.64
BRA EWS YA . 12.27 1.20 1.64
HAC EWS YA . 15.19 8.11 2.59
HAD EWS YA . 12.50 7.10 1.83
HAE EWS YA . 12.98 8.66 2.65
HAF EWS YA . 16.27 6.60 1.07
HAG EWS YA . 14.66 6.21 0.29
HAI EWS YA . 16.38 8.65 0.23
HAH EWS YA . 15.42 7.89 -1.11
HAJ EWS YA . 12.81 7.90 -0.24
HAL EWS YA . 11.04 9.14 0.81
HAK EWS YA . 12.21 10.45 1.30
HAM EWS YA . 10.51 8.70 -1.47
HAN EWS YA . 12.91 12.08 -0.13
HAO EWS YA . 12.52 13.22 -2.33
HAP EWS YA . 10.14 9.83 -3.66
HAQ EWS YA . 13.98 3.60 2.16
HAS EWS YA . 12.53 0.21 4.46
HAT EWS YA . 13.73 1.11 6.47
HAX EWS YA . 16.29 5.32 6.21
HAA EWS YA . 13.55 5.87 3.27
HAZ EWS YA . 14.69 9.87 0.82
HAY EWS YA . 14.28 9.74 -0.74
HAW EWS YA . 15.27 3.21 7.24
C1 PCW ZA . 23.94 7.26 -22.89
C2 PCW ZA . 22.63 7.64 -23.70
C3 PCW ZA . 23.02 8.24 -25.10
C4 PCW ZA . 24.43 3.98 -19.25
C5 PCW ZA . 25.16 3.92 -17.90
C6 PCW ZA . 25.34 3.56 -15.53
C7 PCW ZA . 24.14 2.03 -16.82
C8 PCW ZA . 23.18 4.06 -16.44
C11 PCW ZA . 21.59 7.94 -27.01
C12 PCW ZA . 20.29 8.41 -27.60
C13 PCW ZA . 20.59 9.55 -28.64
C14 PCW ZA . 19.37 10.15 -29.33
C15 PCW ZA . 18.80 11.47 -28.71
C16 PCW ZA . 18.69 12.60 -29.79
C17 PCW ZA . 17.94 12.25 -31.12
C18 PCW ZA . 17.42 13.49 -31.87
C19 PCW ZA . 16.58 13.14 -33.11
C20 PCW ZA . 15.46 13.88 -33.48
C21 PCW ZA . 14.81 15.07 -32.88
C22 PCW ZA . 13.27 14.78 -32.85
C23 PCW ZA . 12.40 15.37 -33.98
C24 PCW ZA . 11.45 16.48 -33.61
C25 PCW ZA . 9.96 16.45 -34.08
C26 PCW ZA . 9.05 17.51 -33.51
C27 PCW ZA . 7.58 17.12 -33.22
C28 PCW ZA . 6.73 18.37 -33.08
C31 PCW ZA . 20.66 6.39 -23.29
C32 PCW ZA . 19.95 5.08 -23.66
C33 PCW ZA . 19.94 3.95 -22.51
C34 PCW ZA . 18.98 4.24 -21.36
C35 PCW ZA . 17.59 4.56 -22.04
C36 PCW ZA . 16.93 5.83 -21.45
C37 PCW ZA . 15.55 6.23 -22.08
C38 PCW ZA . 15.57 6.10 -23.57
C39 PCW ZA . 14.26 6.48 -24.21
C40 PCW ZA . 14.02 7.57 -24.94
C41 PCW ZA . 15.08 8.62 -25.26
C42 PCW ZA . 14.75 9.21 -26.70
C43 PCW ZA . 15.17 10.63 -27.00
C44 PCW ZA . 14.72 10.92 -28.44
C45 PCW ZA . 14.08 12.27 -28.65
C46 PCW ZA . 15.04 13.34 -29.09
C47 PCW ZA . 14.73 14.74 -28.63
C48 PCW ZA . 15.79 15.72 -29.15
N PCW ZA . 24.49 3.42 -16.73
O2 PCW ZA . 21.81 6.41 -23.95
O3 PCW ZA . 21.82 8.57 -25.83
O11 PCW ZA . 22.31 7.11 -27.51
O31 PCW ZA . 20.23 7.27 -22.49
O1P PCW ZA . 25.41 4.59 -21.93
O2P PCW ZA . 26.09 6.74 -20.84
O3P PCW ZA . 23.69 6.43 -21.73
O4P PCW ZA . 24.50 5.35 -19.70
P PCW ZA . 25.01 5.76 -21.07
C1 PCW AB . 19.31 -1.23 -20.04
C2 PCW AB . 17.99 -0.83 -20.80
C3 PCW AB . 18.33 -0.26 -22.22
C4 PCW AB . 18.30 -2.65 -15.60
C5 PCW AB . 19.16 -2.21 -14.41
C6 PCW AB . 18.73 -0.31 -13.01
C7 PCW AB . 19.11 -2.39 -12.02
C8 PCW AB . 17.10 -2.07 -13.04
C11 PCW AB . 16.34 1.11 -22.44
C12 PCW AB . 15.19 1.34 -23.38
C13 PCW AB . 15.68 2.33 -24.50
C14 PCW AB . 14.63 2.69 -25.56
C15 PCW AB . 14.99 3.89 -26.49
C16 PCW AB . 16.33 3.63 -27.26
C17 PCW AB . 17.43 4.76 -27.18
C18 PCW AB . 17.05 6.02 -27.96
C19 PCW AB . 17.66 6.06 -29.38
C20 PCW AB . 17.16 6.90 -30.38
C21 PCW AB . 16.04 7.87 -30.40
C22 PCW AB . 16.29 8.83 -31.61
C23 PCW AB . 15.12 9.73 -32.06
C24 PCW AB . 14.03 9.07 -32.86
C25 PCW AB . 12.62 9.72 -33.01
C26 PCW AB . 12.47 11.14 -32.51
C27 PCW AB . 11.07 11.59 -32.06
C28 PCW AB . 11.12 12.14 -30.65
C31 PCW AB . 17.58 -3.01 -21.73
C32 PCW AB . 16.52 -4.14 -21.77
C33 PCW AB . 15.79 -4.36 -23.19
C34 PCW AB . 14.34 -3.89 -23.18
C35 PCW AB . 14.25 -2.81 -24.32
C36 PCW AB . 12.84 -2.74 -24.97
C37 PCW AB . 12.70 -1.68 -26.11
C38 PCW AB . 12.31 -0.34 -25.59
C39 PCW AB . 12.18 0.69 -26.68
C40 PCW AB . 11.06 1.25 -27.12
C41 PCW AB . 9.67 0.96 -26.57
C42 PCW AB . 8.61 1.34 -27.69
C43 PCW AB . 8.95 1.08 -29.15
C44 PCW AB . 7.76 1.55 -29.97
C45 PCW AB . 8.10 1.94 -31.39
C46 PCW AB . 7.72 0.91 -32.41
C47 PCW AB . 7.67 1.38 -33.85
C48 PCW AB . 7.26 0.23 -34.79
N PCW AB . 18.55 -1.77 -13.19
O2 PCW AB . 17.09 -2.04 -20.97
O3 PCW AB . 17.14 0.11 -22.94
O11 PCW AB . 16.56 1.72 -21.43
O31 PCW AB . 18.69 -3.04 -22.32
O1P PCW AB . 20.67 -3.16 -17.23
O2P PCW AB . 20.56 -0.67 -17.58
O3P PCW AB . 19.14 -2.26 -19.04
O4P PCW AB . 18.62 -1.76 -16.71
P PCW AB . 19.83 -1.96 -17.61
C1 PCW BB . 0.84 -27.11 2.00
C2 PCW BB . -0.53 -27.50 1.33
C3 PCW BB . -1.26 -28.59 2.18
C4 PCW BB . 4.73 -26.68 0.85
C5 PCW BB . 5.97 -26.11 1.54
C6 PCW BB . 7.92 -25.05 0.26
C7 PCW BB . 6.36 -23.67 1.55
C8 PCW BB . 7.52 -24.95 2.18
C11 PCW BB . -2.62 -30.10 0.88
C12 PCW BB . -3.99 -30.20 0.27
C13 PCW BB . -5.05 -30.19 1.44
C14 PCW BB . -6.51 -30.28 0.98
C15 PCW BB . -7.24 -31.61 1.32
C16 PCW BB . -8.80 -31.39 1.39
C17 PCW BB . -9.51 -30.93 0.07
C18 PCW BB . -10.62 -31.89 -0.38
C19 PCW BB . -11.99 -31.60 0.29
C20 PCW BB . -12.98 -30.84 -0.32
C21 PCW BB . -13.04 -30.14 -1.63
C22 PCW BB . -14.09 -30.90 -2.49
C23 PCW BB . -13.63 -31.41 -3.88
C24 PCW BB . -14.48 -32.48 -4.51
C25 PCW BB . -14.17 -33.99 -4.29
C26 PCW BB . -15.24 -34.97 -4.74
C27 PCW BB . -14.78 -36.35 -5.28
C28 PCW BB . -15.28 -36.53 -6.69
C31 PCW BB . -2.15 -26.24 0.14
C32 PCW BB . -3.02 -24.98 0.20
C33 PCW BB . -4.55 -25.17 -0.26
C34 PCW BB . -5.46 -24.01 0.17
C35 PCW BB . -5.40 -22.96 -1.01
C36 PCW BB . -6.77 -22.82 -1.74
C37 PCW BB . -6.78 -21.80 -2.92
C38 PCW BB . -7.82 -22.14 -3.94
C39 PCW BB . -7.86 -21.18 -5.09
C40 PCW BB . -8.92 -20.64 -5.66
C41 PCW BB . -10.35 -20.92 -5.23
C42 PCW BB . -11.27 -19.73 -5.78
C43 PCW BB . -12.16 -19.00 -4.80
C44 PCW BB . -12.90 -17.93 -5.61
C45 PCW BB . -14.37 -18.17 -5.78
C46 PCW BB . -14.72 -18.84 -7.08
C47 PCW BB . -15.14 -20.29 -6.99
C48 PCW BB . -15.46 -20.86 -8.37
N PCW BB . 6.63 -24.97 0.99
O2 PCW BB . -1.43 -26.30 1.26
O3 PCW BB . -2.51 -28.91 1.55
O11 PCW BB . -1.75 -30.91 0.77
O31 PCW BB . -2.14 -27.07 -0.82
O1P PCW BB . 2.15 -27.09 -0.44
O2P PCW BB . 2.14 -24.60 -0.53
O3P PCW BB . 1.35 -25.81 1.60
O4P PCW BB . 3.70 -25.67 0.95
P PCW BB . 2.33 -25.80 0.32
C1 PCW CB . -28.08 7.88 -10.46
C2 PCW CB . -28.02 7.04 -9.11
C3 PCW CB . -27.03 5.83 -9.27
C4 PCW CB . -32.07 6.33 -11.47
C5 PCW CB . -31.81 5.23 -10.44
C6 PCW CB . -33.13 3.44 -9.20
C7 PCW CB . -32.52 3.14 -11.57
C8 PCW CB . -31.39 3.26 -10.10
C11 PCW CB . -27.75 3.94 -7.97
C12 PCW CB . -27.51 3.28 -6.64
C13 PCW CB . -28.30 4.09 -5.54
C14 PCW CB . -28.14 3.54 -4.11
C15 PCW CB . -26.75 3.75 -3.45
C16 PCW CB . -26.78 5.00 -2.49
C17 PCW CB . -25.86 4.94 -1.22
C18 PCW CB . -26.31 5.88 -0.10
C19 PCW CB . -27.77 5.62 0.38
C20 PCW CB . -28.37 6.31 1.41
C21 PCW CB . -27.88 7.40 2.29
C22 PCW CB . -27.46 6.75 3.65
C23 PCW CB . -25.95 6.82 4.03
C24 PCW CB . -25.62 7.51 5.32
C25 PCW CB . -24.45 8.54 5.40
C26 PCW CB . -23.38 8.27 6.43
C27 PCW CB . -22.40 9.41 6.76
C28 PCW CB . -21.30 8.92 7.67
C31 PCW CB . -28.46 8.61 -7.37
C32 PCW CB . -27.77 9.43 -6.27
C33 PCW CB . -28.11 11.01 -6.28
C34 PCW CB . -28.47 11.58 -4.91
C35 PCW CB . -27.16 11.45 -4.04
C36 PCW CB . -27.03 12.57 -2.99
C37 PCW CB . -25.75 12.51 -2.09
C38 PCW CB . -24.59 11.90 -2.80
C39 PCW CB . -23.35 11.82 -1.95
C40 PCW CB . -22.57 10.75 -1.77
C41 PCW CB . -22.83 9.39 -2.40
C42 PCW CB . -21.76 8.36 -1.82
C43 PCW CB . -22.20 7.35 -0.77
C44 PCW CB . -20.98 6.52 -0.42
C45 PCW CB . -20.49 6.61 1.01
C46 PCW CB . -20.44 5.29 1.72
C47 PCW CB . -19.59 4.22 1.08
C48 PCW CB . -19.62 2.91 1.90
N PCW CB . -32.61 4.05 -10.44
O2 PCW CB . -27.51 7.91 -8.01
O3 PCW CB . -26.98 5.07 -8.05
O11 PCW CB . -28.46 3.52 -8.83
O31 PCW CB . -29.70 8.59 -7.61
O1P PCW CB . -30.55 8.79 -11.27
O2P PCW CB . -29.86 8.20 -13.60
O3P PCW CB . -28.61 7.18 -11.60
O4P PCW CB . -30.85 6.48 -12.24
P PCW CB . -30.00 7.73 -12.20
C1 PCW DB . -22.03 9.74 -20.15
C2 PCW DB . -21.06 9.33 -18.96
C3 PCW DB . -21.37 10.20 -17.70
C4 PCW DB . -25.17 8.29 -18.38
C5 PCW DB . -25.27 7.14 -17.37
C6 PCW DB . -23.79 6.19 -15.51
C7 PCW DB . -25.15 8.20 -15.13
C8 PCW DB . -25.73 6.47 -15.48
C11 PCW DB . -21.02 9.24 -15.53
C12 PCW DB . -19.92 8.97 -14.52
C13 PCW DB . -19.64 10.31 -13.74
C14 PCW DB . -18.54 10.21 -12.67
C15 PCW DB . -17.12 10.68 -13.13
C16 PCW DB . -16.24 11.08 -11.89
C17 PCW DB . -15.24 12.27 -12.06
C18 PCW DB . -14.41 12.57 -10.81
C19 PCW DB . -13.15 13.43 -11.10
C20 PCW DB . -12.01 12.88 -11.67
C21 PCW DB . -11.68 11.52 -12.13
C22 PCW DB . -10.13 11.38 -12.03
C23 PCW DB . -9.52 9.99 -12.32
C24 PCW DB . -8.47 9.51 -11.38
C25 PCW DB . -7.09 10.24 -11.26
C26 PCW DB . -6.02 9.52 -10.47
C27 PCW DB . -6.10 9.59 -8.93
C28 PCW DB . -5.02 8.74 -8.31
C31 PCW DB . -20.25 7.11 -18.82
C32 PCW DB . -20.62 5.68 -18.41
C33 PCW DB . -20.59 5.39 -16.83
C34 PCW DB . -19.26 4.81 -16.35
C35 PCW DB . -18.56 5.96 -15.54
C36 PCW DB . -18.00 5.50 -14.17
C37 PCW DB . -17.29 6.61 -13.32
C38 PCW DB . -16.16 6.07 -12.51
C39 PCW DB . -15.47 7.14 -11.71
C40 PCW DB . -14.30 7.74 -11.98
C41 PCW DB . -13.44 7.41 -13.19
C42 PCW DB . -14.18 7.92 -14.52
C43 PCW DB . -14.18 7.02 -15.74
C44 PCW DB . -14.94 7.75 -16.84
C45 PCW DB . -15.73 6.86 -17.76
C46 PCW DB . -15.20 6.82 -19.17
C47 PCW DB . -15.76 5.72 -20.05
C48 PCW DB . -15.15 5.77 -21.46
N PCW DB . -24.62 7.26 -16.10
O2 PCW DB . -21.30 7.90 -18.60
O3 PCW DB . -20.48 9.84 -16.63
O11 PCW DB . -22.17 8.97 -15.38
O31 PCW DB . -19.12 7.47 -19.29
O1P PCW DB . -24.74 10.00 -20.72
O2P PCW DB . -24.84 7.83 -21.94
O3P PCW DB . -22.63 8.62 -20.85
O4P PCW DB . -24.51 7.76 -19.57
P PCW DB . -24.24 8.59 -20.82
C1 PCW EB . -29.47 20.47 -3.74
C2 PCW EB . -28.55 21.43 -2.88
C3 PCW EB . -29.11 21.51 -1.41
C4 PCW EB . -31.71 22.69 -5.27
C5 PCW EB . -33.13 22.74 -5.84
C6 PCW EB . -34.71 24.34 -7.03
C7 PCW EB . -32.74 23.43 -8.19
C8 PCW EB . -34.22 22.52 -7.56
C11 PCW EB . -28.63 23.69 -0.53
C12 PCW EB . -27.68 24.41 0.39
C13 PCW EB . -28.50 24.92 1.64
C14 PCW EB . -27.70 25.68 2.70
C15 PCW EB . -26.35 26.30 2.22
C16 PCW EB . -26.45 27.85 2.07
C17 PCW EB . -25.17 28.61 1.59
C18 PCW EB . -23.88 28.10 2.24
C19 PCW EB . -23.59 28.74 3.61
C20 PCW EB . -22.84 28.10 4.59
C21 PCW EB . -22.17 26.78 4.64
C22 PCW EB . -21.66 26.59 6.09
C23 PCW EB . -20.53 27.53 6.59
C24 PCW EB . -19.65 27.02 7.69
C25 PCW EB . -18.72 27.98 8.50
C26 PCW EB . -17.45 28.41 7.80
C27 PCW EB . -16.12 27.77 8.25
C28 PCW EB . -14.96 28.57 7.72
C31 PCW EB . -26.39 21.22 -3.84
C32 PCW EB . -25.00 20.56 -3.65
C33 PCW EB . -24.04 20.66 -4.92
C34 PCW EB . -23.69 19.31 -5.54
C35 PCW EB . -22.12 19.17 -5.39
C36 PCW EB . -21.36 20.20 -6.26
C37 PCW EB . -19.80 20.12 -6.16
C38 PCW EB . -19.28 20.94 -5.01
C39 PCW EB . -17.78 20.88 -4.88
C40 PCW EB . -17.08 20.62 -3.77
C41 PCW EB . -17.70 20.33 -2.40
C42 PCW EB . -17.80 21.70 -1.60
C43 PCW EB . -18.73 21.77 -0.40
C44 PCW EB . -18.63 23.17 0.16
C45 PCW EB . -17.75 23.30 1.36
C46 PCW EB . -17.09 24.64 1.49
C47 PCW EB . -15.59 24.67 1.34
C48 PCW EB . -15.05 26.11 1.50
N PCW EB . -33.43 23.61 -6.92
O2 PCW EB . -27.17 20.87 -2.82
O3 PCW EB . -28.29 22.38 -0.60
O11 PCW EB . -29.56 24.20 -1.08
O31 PCW EB . -26.70 21.96 -4.81
O1P PCW EB . -28.95 22.65 -6.09
O2P PCW EB . -29.72 20.75 -7.54
O3P PCW EB . -29.04 20.31 -5.10
O4P PCW EB . -31.12 21.44 -5.72
P PCW EB . -29.67 21.34 -6.18
C1 PCW FB . -19.53 5.79 -24.91
C2 PCW FB . -19.37 4.47 -24.05
C3 PCW FB . -20.76 3.77 -23.87
C4 PCW FB . -17.94 8.48 -26.74
C5 PCW FB . -17.62 9.40 -25.56
C6 PCW FB . -16.24 8.11 -23.85
C7 PCW FB . -15.54 10.33 -24.59
C8 PCW FB . -17.06 9.89 -23.65
C11 PCW FB . -20.98 2.61 -21.77
C12 PCW FB . -20.77 1.26 -21.17
C13 PCW FB . -19.40 1.29 -20.39
C14 PCW FB . -19.03 -0.04 -19.71
C15 PCW FB . -17.74 -0.01 -18.83
C16 PCW FB . -16.45 -0.36 -19.66
C17 PCW FB . -15.60 0.85 -20.22
C18 PCW FB . -14.12 0.51 -20.42
C19 PCW FB . -13.21 1.12 -19.33
C20 PCW FB . -12.19 0.39 -18.73
C21 PCW FB . -11.70 -1.01 -18.91
C22 PCW FB . -10.29 -1.07 -18.28
C23 PCW FB . -10.19 -1.17 -16.73
C24 PCW FB . -9.46 -2.34 -16.18
C25 PCW FB . -10.16 -3.33 -15.20
C26 PCW FB . -9.68 -3.31 -13.77
C27 PCW FB . -9.97 -2.04 -12.93
C28 PCW FB . -8.68 -1.34 -12.58
C31 PCW FB . -17.20 3.81 -24.72
C32 PCW FB . -16.43 2.69 -25.46
C33 PCW FB . -15.94 1.49 -24.54
C34 PCW FB . -17.01 0.96 -23.59
C35 PCW FB . -17.08 -0.60 -23.85
C36 PCW FB . -18.41 -1.22 -23.38
C37 PCW FB . -18.56 -2.76 -23.59
C38 PCW FB . -18.78 -3.12 -25.03
C39 PCW FB . -18.92 -4.61 -25.26
C40 PCW FB . -17.98 -5.54 -25.14
C41 PCW FB . -16.54 -5.26 -24.73
C42 PCW FB . -15.62 -6.39 -25.37
C43 PCW FB . -15.32 -7.63 -24.54
C44 PCW FB . -14.43 -8.52 -25.38
C45 PCW FB . -12.96 -8.20 -25.32
C46 PCW FB . -12.20 -9.09 -24.39
C47 PCW FB . -10.70 -9.18 -24.63
C48 PCW FB . -10.03 -10.11 -23.62
N PCW FB . -16.42 9.20 -24.82
O2 PCW FB . -18.49 3.49 -24.74
O3 PCW FB . -20.61 2.58 -23.09
O11 PCW FB . -21.43 3.57 -21.20
O31 PCW FB . -16.67 4.83 -24.21
O1P PCW FB . -18.95 6.33 -28.42
O2P PCW FB . -21.16 7.29 -27.80
O3P PCW FB . -20.01 5.56 -26.26
O4P PCW FB . -19.26 7.90 -26.48
P PCW FB . -19.85 6.78 -27.31
C1 PCW GB . -9.20 16.13 -31.90
C2 PCW GB . -7.94 16.55 -31.05
C3 PCW GB . -8.40 17.47 -29.86
C4 PCW GB . -9.85 15.74 -35.40
C5 PCW GB . -8.48 15.80 -36.07
C6 PCW GB . -8.09 16.42 -38.52
C7 PCW GB . -7.60 18.02 -36.73
C8 PCW GB . -6.78 16.39 -37.05
C11 PCW GB . -6.97 19.19 -29.00
C12 PCW GB . -5.75 19.37 -28.16
C13 PCW GB . -6.16 20.13 -26.85
C14 PCW GB . -5.02 20.41 -25.86
C15 PCW GB . -3.96 19.29 -25.71
C16 PCW GB . -2.51 19.86 -25.92
C17 PCW GB . -2.04 20.06 -27.40
C18 PCW GB . -1.86 21.53 -27.79
C19 PCW GB . -2.49 21.86 -29.16
C20 PCW GB . -2.17 23.01 -29.86
C21 PCW GB . -1.26 24.14 -29.57
C22 PCW GB . -0.31 24.27 -30.80
C23 PCW GB . 0.89 23.29 -30.89
C24 PCW GB . 2.23 23.90 -31.16
C25 PCW GB . 3.53 23.27 -30.55
C26 PCW GB . 4.28 22.28 -31.42
C27 PCW GB . 4.39 22.56 -32.93
C28 PCW GB . 5.59 21.84 -33.50
C31 PCW GB . -6.00 15.39 -30.31
C32 PCW GB . -5.53 14.07 -29.69
C33 PCW GB . -5.79 13.90 -28.12
C34 PCW GB . -6.50 12.58 -27.77
C35 PCW GB . -5.36 11.57 -27.39
C36 PCW GB . -5.66 10.76 -26.10
C37 PCW GB . -4.55 9.74 -25.67
C38 PCW GB . -3.36 10.42 -25.08
C39 PCW GB . -2.27 9.47 -24.67
C40 PCW GB . -1.49 9.56 -23.60
C41 PCW GB . -1.58 10.69 -22.59
C42 PCW GB . -0.22 10.73 -21.75
C43 PCW GB . 0.34 9.45 -21.17
C44 PCW GB . 1.62 9.83 -20.44
C45 PCW GB . 2.85 9.91 -21.31
C46 PCW GB . 3.63 11.18 -21.13
C47 PCW GB . 4.45 11.29 -19.87
C48 PCW GB . 5.19 12.63 -19.82
N PCW GB . -8.23 16.77 -37.10
O2 PCW GB . -7.33 15.32 -30.45
O3 PCW GB . -7.26 17.86 -29.08
O11 PCW GB . -7.58 20.07 -29.54
O31 PCW GB . -5.26 16.37 -30.63
O1P PCW GB . -11.90 15.90 -33.33
O2P PCW GB . -11.74 18.33 -33.80
O3P PCW GB . -10.10 17.22 -32.16
O4P PCW GB . -9.96 16.93 -34.58
P PCW GB . -11.00 17.09 -33.49
C1 PCW HB . -10.56 8.00 -33.50
C2 PCW HB . -9.39 7.13 -32.91
C3 PCW HB . -8.50 6.58 -34.07
C4 PCW HB . -13.74 6.87 -30.31
C5 PCW HB . -13.67 5.50 -29.65
C6 PCW HB . -15.60 4.30 -30.46
C7 PCW HB . -15.80 5.68 -28.59
C8 PCW HB . -14.70 3.71 -28.31
C11 PCW HB . -7.71 4.55 -33.04
C12 PCW HB . -6.45 3.90 -32.55
C13 PCW HB . -6.40 2.44 -33.13
C14 PCW HB . -5.16 1.62 -32.74
C15 PCW HB . -4.21 1.22 -33.90
C16 PCW HB . -2.99 0.38 -33.38
C17 PCW HB . -1.63 0.55 -34.13
C18 PCW HB . -0.78 1.73 -33.64
C19 PCW HB . -0.22 1.50 -32.22
C20 PCW HB . 1.14 1.61 -31.94
C21 PCW HB . 2.31 1.94 -32.79
C22 PCW HB . 3.34 0.79 -32.58
C23 PCW HB . 3.01 -0.58 -33.22
C24 PCW HB . 4.12 -1.28 -33.94
C25 PCW HB . 4.21 -2.82 -33.92
C26 PCW HB . 5.57 -3.42 -33.58
C27 PCW HB . 5.66 -4.40 -32.40
C28 PCW HB . 4.89 -5.67 -32.71
C31 PCW HB . -8.62 7.63 -30.73
C32 PCW HB . -7.68 8.56 -29.93
C33 PCW HB . -6.53 9.31 -30.78
C34 PCW HB . -5.34 8.42 -31.10
C35 PCW HB . -4.42 8.44 -29.81
C36 PCW HB . -3.22 9.40 -29.96
C37 PCW HB . -2.27 9.47 -28.74
C38 PCW HB . -1.25 8.37 -28.76
C39 PCW HB . -0.30 8.42 -27.59
C40 PCW HB . 0.75 9.21 -27.45
C41 PCW HB . 1.19 10.25 -28.46
C42 PCW HB . 2.77 10.43 -28.33
C43 PCW HB . 3.67 9.31 -28.82
C44 PCW HB . 5.10 9.77 -28.58
C45 PCW HB . 6.10 8.66 -28.43
C46 PCW HB . 7.16 8.92 -27.39
C47 PCW HB . 7.87 7.71 -26.84
C48 PCW HB . 8.91 8.11 -25.79
N PCW HB . -14.89 4.83 -29.28
O2 PCW HB . -8.53 7.95 -32.02
O3 PCW HB . -7.42 5.79 -33.55
O11 PCW HB . -8.81 4.07 -32.98
O31 PCW HB . -9.34 6.73 -30.22
O1P PCW HB . -13.95 8.96 -32.28
O2P PCW HB . -13.25 7.16 -33.86
O3P PCW HB . -11.49 8.48 -32.50
O4P PCW HB . -12.93 6.80 -31.50
P PCW HB . -12.98 7.85 -32.57
C1 PCW IB . -45.38 -6.35 8.36
C2 PCW IB . -44.05 -7.12 8.76
C3 PCW IB . -44.12 -7.56 10.26
C4 PCW IB . -42.46 -4.20 6.25
C5 PCW IB . -41.91 -2.80 6.54
C6 PCW IB . -41.00 -0.65 5.93
C7 PCW IB . -42.14 -1.90 4.33
C8 PCW IB . -40.06 -2.61 4.92
C11 PCW IB . -42.10 -7.71 11.55
C12 PCW IB . -40.89 -8.57 11.73
C13 PCW IB . -39.86 -8.17 10.61
C14 PCW IB . -38.54 -8.95 10.64
C15 PCW IB . -37.25 -8.08 10.66
C16 PCW IB . -36.83 -7.75 12.14
C17 PCW IB . -35.43 -8.27 12.62
C18 PCW IB . -35.50 -9.17 13.85
C19 PCW IB . -34.14 -9.83 14.19
C20 PCW IB . -33.32 -9.38 15.22
C21 PCW IB . -33.47 -8.27 16.20
C22 PCW IB . -32.47 -8.55 17.34
C23 PCW IB . -31.13 -7.76 17.32
C24 PCW IB . -29.92 -8.48 17.83
C25 PCW IB . -29.13 -7.96 19.06
C26 PCW IB . -28.13 -8.93 19.69
C27 PCW IB . -26.88 -8.35 20.35
C28 PCW IB . -27.23 -7.75 21.69
C31 PCW IB . -42.74 -8.45 7.29
C32 PCW IB . -42.75 -9.77 6.50
C33 PCW IB . -42.34 -11.08 7.33
C34 PCW IB . -40.96 -11.63 6.96
C35 PCW IB . -40.81 -12.97 7.78
C36 PCW IB . -39.33 -13.35 8.04
C37 PCW IB . -39.11 -14.67 8.85
C38 PCW IB . -37.71 -15.18 8.71
C39 PCW IB . -37.47 -16.45 9.48
C40 PCW IB . -36.33 -16.84 10.06
C41 PCW IB . -35.06 -16.02 10.04
C42 PCW IB . -34.43 -16.04 11.51
C43 PCW IB . -34.36 -14.76 12.29
C44 PCW IB . -33.72 -15.08 13.64
C45 PCW IB . -33.66 -13.93 14.61
C46 PCW IB . -34.63 -14.04 15.76
C47 PCW IB . -34.34 -15.11 16.78
C48 PCW IB . -35.40 -15.10 17.89
N PCW IB . -41.31 -2.03 5.49
O2 PCW IB . -43.91 -8.34 7.94
O3 PCW IB . -42.91 -8.26 10.60
O11 PCW IB . -42.33 -6.70 12.16
O31 PCW IB . -41.80 -7.61 7.30
O1P PCW IB . -45.07 -4.37 5.06
O2P PCW IB . -45.82 -3.47 7.27
O3P PCW IB . -45.44 -6.00 6.95
O4P PCW IB . -43.61 -4.39 7.10
P PCW IB . -45.02 -4.50 6.56
C1 PCW JB . -15.72 -4.96 -29.63
C2 PCW JB . -14.80 -4.02 -28.75
C3 PCW JB . -15.63 -3.33 -27.61
C4 PCW JB . -17.01 -7.46 -31.91
C5 PCW JB . -18.10 -7.88 -32.91
C6 PCW JB . -17.88 -10.34 -32.25
C7 PCW JB . -19.39 -9.67 -34.05
C8 PCW JB . -17.55 -9.52 -34.02
C11 PCW JB . -14.60 -1.19 -27.21
C12 PCW JB . -13.67 -0.50 -26.25
C13 PCW JB . -13.28 0.92 -26.83
C14 PCW JB . -12.33 1.75 -25.95
C15 PCW JB . -10.89 1.97 -26.52
C16 PCW JB . -9.82 1.63 -25.43
C17 PCW JB . -8.39 2.24 -25.63
C18 PCW JB . -7.26 1.25 -25.34
C19 PCW JB . -6.62 1.48 -23.96
C20 PCW JB . -5.96 0.48 -23.26
C21 PCW JB . -5.72 -0.95 -23.57
C22 PCW JB . -4.61 -1.44 -22.60
C23 PCW JB . -4.93 -1.45 -21.08
C24 PCW JB . -3.76 -1.52 -20.16
C25 PCW JB . -3.91 -1.20 -18.64
C26 PCW JB . -5.16 -1.73 -17.96
C27 PCW JB . -5.15 -1.81 -16.43
C28 PCW JB . -5.89 -3.04 -15.97
C31 PCW JB . -12.53 -4.65 -28.65
C32 PCW JB . -11.53 -5.53 -27.89
C33 PCW JB . -10.04 -5.51 -28.45
C34 PCW JB . -8.99 -5.04 -27.44
C35 PCW JB . -8.86 -6.22 -26.38
C36 PCW JB . -7.51 -6.20 -25.64
C37 PCW JB . -7.30 -7.33 -24.58
C38 PCW JB . -5.92 -7.34 -24.01
C39 PCW JB . -5.69 -8.43 -22.99
C40 PCW JB . -4.66 -8.53 -22.14
C41 PCW JB . -3.52 -7.53 -22.10
C42 PCW JB . -2.19 -8.30 -21.70
C43 PCW JB . -1.55 -9.22 -22.71
C44 PCW JB . -0.32 -9.81 -22.05
C45 PCW JB . -0.29 -11.31 -21.96
C46 PCW JB . 0.50 -11.94 -23.07
C47 PCW JB . 2.00 -11.90 -22.94
C48 PCW JB . 2.69 -12.58 -24.14
N PCW JB . -18.57 -9.23 -32.94
O2 PCW JB . -13.73 -4.83 -28.10
O3 PCW JB . -14.76 -2.49 -26.83
O11 PCW JB . -15.14 -0.67 -28.15
O31 PCW JB . -12.27 -3.89 -29.62
O1P PCW JB . -16.09 -7.94 -29.18
O2P PCW JB . -18.48 -7.49 -28.63
O3P PCW JB . -16.83 -5.54 -28.91
O4P PCW JB . -17.69 -6.82 -30.79
P PCW JB . -17.27 -7.02 -29.34
C1 PCW KB . -28.25 -22.38 -16.79
C2 PCW KB . -27.05 -23.39 -16.68
C3 PCW KB . -25.71 -22.69 -17.11
C4 PCW KB . -31.14 -20.02 -13.79
C5 PCW KB . -32.65 -19.81 -13.98
C6 PCW KB . -34.47 -18.34 -13.43
C7 PCW KB . -33.39 -18.10 -15.49
C8 PCW KB . -32.27 -17.39 -13.62
C11 PCW KB . -23.81 -23.77 -18.08
C12 PCW KB . -22.73 -24.78 -17.76
C13 PCW KB . -23.08 -26.13 -18.47
C14 PCW KB . -22.08 -27.27 -18.23
C15 PCW KB . -20.79 -27.23 -19.11
C16 PCW KB . -20.16 -28.66 -19.22
C17 PCW KB . -19.42 -29.03 -20.55
C18 PCW KB . -18.87 -30.46 -20.57
C19 PCW KB . -18.06 -30.77 -21.84
C20 PCW KB . -16.69 -30.99 -21.80
C21 PCW KB . -15.71 -30.99 -20.68
C22 PCW KB . -14.46 -31.78 -21.17
C23 PCW KB . -13.17 -31.68 -20.32
C24 PCW KB . -12.20 -30.60 -20.69
C25 PCW KB . -10.79 -30.52 -20.03
C26 PCW KB . -10.77 -30.54 -18.52
C27 PCW KB . -9.82 -31.54 -17.82
C28 PCW KB . -8.94 -30.81 -16.84
C31 PCW KB . -27.61 -24.90 -14.95
C32 PCW KB . -27.35 -25.25 -13.47
C33 PCW KB . -26.32 -24.29 -12.69
C34 PCW KB . -25.04 -25.01 -12.26
C35 PCW KB . -25.30 -25.49 -10.78
C36 PCW KB . -25.09 -27.02 -10.61
C37 PCW KB . -25.34 -27.56 -9.16
C38 PCW KB . -24.27 -28.53 -8.74
C39 PCW KB . -24.47 -29.07 -7.36
C40 PCW KB . -23.91 -28.64 -6.23
C41 PCW KB . -22.93 -27.47 -6.16
C42 PCW KB . -21.58 -28.00 -5.50
C43 PCW KB . -20.36 -27.10 -5.53
C44 PCW KB . -19.24 -27.85 -4.83
C45 PCW KB . -18.02 -27.03 -4.48
C46 PCW KB . -16.72 -27.76 -4.66
C47 PCW KB . -15.52 -26.92 -5.03
C48 PCW KB . -14.26 -27.80 -5.17
N PCW KB . -33.17 -18.47 -14.12
O2 PCW KB . -26.88 -23.84 -15.27
O3 PCW KB . -24.62 -23.61 -17.01
O11 PCW KB . -23.92 -23.21 -19.13
O31 PCW KB . -28.41 -25.52 -15.72
O1P PCW KB . -30.50 -20.49 -16.59
O2P PCW KB . -31.37 -22.78 -16.11
O3P PCW KB . -28.94 -22.16 -15.55
O4P PCW KB . -30.83 -21.36 -14.24
P PCW KB . -30.48 -21.68 -15.68
C1 PCW LB . -23.33 25.81 -11.14
C2 PCW LB . -21.78 25.67 -11.34
C3 PCW LB . -21.14 27.08 -11.54
C4 PCW LB . -26.43 23.29 -13.96
C5 PCW LB . -25.92 22.72 -15.30
C6 PCW LB . -25.63 20.68 -16.79
C7 PCW LB . -26.31 20.41 -14.46
C8 PCW LB . -27.24 21.25 -15.82
C11 PCW LB . -19.00 28.01 -12.18
C12 PCW LB . -17.55 27.63 -12.29
C13 PCW LB . -17.05 27.25 -10.84
C14 PCW LB . -15.57 26.83 -10.79
C15 PCW LB . -15.29 25.48 -10.05
C16 PCW LB . -15.01 25.73 -8.53
C17 PCW LB . -13.52 25.67 -8.04
C18 PCW LB . -13.36 25.67 -6.52
C19 PCW LB . -12.02 25.04 -6.07
C20 PCW LB . -10.98 25.81 -5.60
C21 PCW LB . -10.83 27.28 -5.40
C22 PCW LB . -9.61 27.48 -4.44
C23 PCW LB . -8.65 28.66 -4.74
C24 PCW LB . -7.36 28.31 -5.43
C25 PCW LB . -6.04 29.07 -5.08
C26 PCW LB . -5.50 30.00 -6.14
C27 PCW LB . -4.42 31.03 -5.72
C28 PCW LB . -4.50 32.25 -6.58
C31 PCW LB . -20.34 24.05 -10.39
C32 PCW LB . -19.79 23.54 -9.06
C33 PCW LB . -18.25 23.89 -8.79
C34 PCW LB . -17.70 23.28 -7.51
C35 PCW LB . -16.54 22.30 -7.99
C36 PCW LB . -15.34 22.25 -7.00
C37 PCW LB . -14.18 21.31 -7.42
C38 PCW LB . -13.03 22.07 -8.01
C39 PCW LB . -11.90 21.17 -8.43
C40 PCW LB . -10.65 21.19 -7.98
C41 PCW LB . -10.14 22.17 -6.93
C42 PCW LB . -9.51 21.31 -5.73
C43 PCW LB . -9.29 21.98 -4.39
C44 PCW LB . -8.69 20.93 -3.46
C45 PCW LB . -7.22 20.64 -3.68
C46 PCW LB . -6.32 21.34 -2.71
C47 PCW LB . -5.99 20.60 -1.43
C48 PCW LB . -5.05 21.43 -0.53
N PCW LB . -25.79 21.30 -15.47
O2 PCW LB . -21.17 25.07 -10.13
O3 PCW LB . -19.72 26.94 -11.73
O11 PCW LB . -19.47 29.08 -12.47
O31 PCW LB . -20.05 23.59 -11.53
O1P PCW LB . -26.54 24.47 -11.32
O2P PCW LB . -25.75 26.53 -12.51
O3P PCW LB . -24.08 24.72 -11.73
O4P PCW LB . -25.55 24.41 -13.64
P PCW LB . -25.55 25.08 -12.27
C1 PCW MB . -38.79 -8.20 1.01
C2 PCW MB . -38.35 -8.69 2.45
C3 PCW MB . -39.62 -8.97 3.32
C4 PCW MB . -39.27 -11.84 -0.16
C5 PCW MB . -39.45 -12.80 -1.31
C6 PCW MB . -37.77 -14.59 -2.03
C7 PCW MB . -39.79 -15.20 -0.79
C8 PCW MB . -39.68 -14.47 -2.48
C11 PCW MB . -38.78 -8.50 5.53
C12 PCW MB . -38.48 -9.20 6.84
C13 PCW MB . -37.13 -9.99 6.68
C14 PCW MB . -36.70 -10.77 7.94
C15 PCW MB . -35.18 -11.03 8.09
C16 PCW MB . -34.89 -11.94 9.34
C17 PCW MB . -35.63 -11.58 10.67
C18 PCW MB . -36.82 -12.51 10.97
C19 PCW MB . -37.55 -12.14 12.29
C20 PCW MB . -38.94 -12.09 12.37
C21 PCW MB . -40.01 -12.37 11.39
C22 PCW MB . -41.34 -12.52 12.18
C23 PCW MB . -42.02 -13.91 12.24
C24 PCW MB . -41.20 -15.08 11.78
C25 PCW MB . -40.99 -16.34 12.69
C26 PCW MB . -41.12 -16.13 14.18
C27 PCW MB . -40.69 -17.28 15.11
C28 PCW MB . -39.93 -16.75 16.29
C31 PCW MB . -36.34 -9.92 2.77
C32 PCW MB . -35.70 -11.31 2.60
C33 PCW MB . -36.02 -12.36 3.78
C34 PCW MB . -37.51 -12.59 3.97
C35 PCW MB . -37.65 -14.01 4.67
C36 PCW MB . -39.09 -14.57 4.57
C37 PCW MB . -39.32 -15.98 5.22
C38 PCW MB . -40.65 -16.08 5.88
C39 PCW MB . -40.88 -17.42 6.53
C40 PCW MB . -41.98 -17.83 7.15
C41 PCW MB . -43.23 -16.98 7.32
C42 PCW MB . -43.61 -16.98 8.87
C43 PCW MB . -43.62 -18.30 9.62
C44 PCW MB . -44.03 -17.99 11.06
C45 PCW MB . -43.75 -19.09 12.06
C46 PCW MB . -44.70 -19.09 13.22
C47 PCW MB . -44.09 -18.82 14.59
C48 PCW MB . -45.18 -18.85 15.69
N PCW MB . -38.93 -14.13 -1.24
O2 PCW MB . -37.60 -9.98 2.33
O3 PCW MB . -39.24 -9.43 4.63
O11 PCW MB . -38.65 -7.33 5.34
O31 PCW MB . -35.76 -8.90 3.26
O1P PCW MB . -39.92 -9.26 -1.33
O2P PCW MB . -37.68 -9.52 -2.42
O3P PCW MB . -37.87 -8.57 -0.05
O4P PCW MB . -38.20 -10.93 -0.54
P PCW MB . -38.47 -9.56 -1.16
C1 PCW NB . -27.39 28.12 -3.61
C2 PCW NB . -26.37 27.93 -2.41
C3 PCW NB . -24.94 27.54 -2.92
C4 PCW NB . -29.18 28.25 -7.21
C5 PCW NB . -28.66 28.01 -8.63
C6 PCW NB . -28.27 28.73 -10.89
C7 PCW NB . -29.24 30.22 -9.39
C8 PCW NB . -30.54 28.50 -10.14
C11 PCW NB . -22.76 27.03 -2.04
C12 PCW NB . -22.04 26.85 -0.72
C13 PCW NB . -21.37 28.22 -0.33
C14 PCW NB . -20.60 28.18 0.99
C15 PCW NB . -19.85 29.48 1.39
C16 PCW NB . -19.03 29.25 2.71
C17 PCW NB . -18.07 28.00 2.76
C18 PCW NB . -17.51 27.73 4.16
C19 PCW NB . -17.83 26.30 4.67
C20 PCW NB . -16.83 25.44 5.13
C21 PCW NB . -15.37 25.59 5.27
C22 PCW NB . -14.84 24.25 5.87
C23 PCW NB . -15.19 22.94 5.12
C24 PCW NB . -14.06 22.00 4.84
C25 PCW NB . -13.90 21.32 3.45
C26 PCW NB . -14.09 19.81 3.42
C27 PCW NB . -13.26 19.02 2.38
C28 PCW NB . -12.86 17.69 2.96
C31 PCW NB . -25.60 30.22 -2.15
C32 PCW NB . -25.61 31.39 -1.16
C33 PCW NB . -24.60 32.59 -1.49
C34 PCW NB . -23.56 32.82 -0.38
C35 PCW NB . -22.18 32.35 -0.98
C36 PCW NB . -20.99 33.14 -0.38
C37 PCW NB . -19.58 32.73 -0.93
C38 PCW NB . -18.50 32.97 0.06
C39 PCW NB . -17.14 32.59 -0.44
C40 PCW NB . -16.16 32.01 0.25
C41 PCW NB . -16.27 31.62 1.72
C42 PCW NB . -15.25 30.43 1.99
C43 PCW NB . -14.89 30.11 3.43
C44 PCW NB . -13.91 28.95 3.40
C45 PCW NB . -12.95 28.88 4.57
C46 PCW NB . -11.66 29.63 4.36
C47 PCW NB . -11.41 30.81 5.27
C48 PCW NB . -10.07 31.48 4.94
N PCW NB . -29.15 28.82 -9.71
O2 PCW NB . -26.27 29.20 -1.60
O3 PCW NB . -24.06 27.35 -1.79
O11 PCW NB . -22.26 26.89 -3.11
O31 PCW NB . -25.06 30.25 -3.30
O1P PCW NB . -27.06 30.19 -6.83
O2P PCW NB . -25.70 28.16 -6.30
O3P PCW NB . -27.13 29.27 -4.48
O4P PCW NB . -28.08 27.96 -6.30
P PCW NB . -26.94 28.91 -6.04
C1 PCW OB . -15.45 28.84 -21.18
C2 PCW OB . -14.49 29.67 -20.24
C3 PCW OB . -13.76 30.79 -21.06
C4 PCW OB . -18.92 30.03 -21.89
C5 PCW OB . -18.74 31.46 -21.34
C6 PCW OB . -21.25 31.86 -21.44
C7 PCW OB . -19.68 33.75 -21.29
C8 PCW OB . -19.88 32.54 -22.67
C11 PCW OB . -12.25 32.61 -20.68
C12 PCW OB . -11.40 33.23 -19.59
C13 PCW OB . -12.38 33.85 -18.51
C14 PCW OB . -11.67 34.53 -17.33
C15 PCW OB . -11.92 33.88 -15.93
C16 PCW OB . -10.55 33.55 -15.23
C17 PCW OB . -10.61 32.68 -13.93
C18 PCW OB . -10.67 31.18 -14.20
C19 PCW OB . -10.08 30.32 -13.05
C20 PCW OB . -8.71 30.13 -12.88
C21 PCW OB . -7.53 30.60 -13.66
C22 PCW OB . -7.10 29.41 -14.57
C23 PCW OB . -6.08 28.40 -13.99
C24 PCW OB . -4.81 28.20 -14.76
C25 PCW OB . -3.49 27.83 -14.05
C26 PCW OB . -3.24 26.35 -13.79
C27 PCW OB . -2.63 25.96 -12.43
C28 PCW OB . -1.12 26.05 -12.50
C31 PCW OB . -14.97 29.93 -17.94
C32 PCW OB . -15.85 30.70 -16.94
C33 PCW OB . -15.09 31.31 -15.65
C34 PCW OB . -15.34 30.50 -14.37
C35 PCW OB . -14.53 31.25 -13.23
C36 PCW OB . -15.44 31.99 -12.23
C37 PCW OB . -14.70 32.75 -11.07
C38 PCW OB . -13.73 33.76 -11.59
C39 PCW OB . -13.01 34.49 -10.48
C40 PCW OB . -11.83 34.21 -9.96
C41 PCW OB . -10.95 33.06 -10.41
C42 PCW OB . -9.42 33.48 -10.19
C43 PCW OB . -8.41 32.42 -9.82
C44 PCW OB . -7.06 33.10 -9.68
C45 PCW OB . -6.09 32.86 -10.80
C46 PCW OB . -4.93 31.97 -10.42
C47 PCW OB . -4.08 31.45 -11.56
C48 PCW OB . -2.95 30.55 -11.04
N PCW OB . -19.87 32.32 -21.19
O2 PCW OB . -15.27 30.35 -19.16
O3 PCW OB . -12.90 31.52 -20.18
O11 PCW OB . -12.32 33.00 -21.81
O31 PCW OB . -14.11 29.06 -17.64
O1P PCW OB . -17.63 27.57 -22.62
O2P PCW OB . -18.62 26.75 -20.47
O3P PCW OB . -16.37 28.00 -20.46
O4P PCW OB . -18.51 29.12 -20.84
P PCW OB . -17.81 27.80 -21.14
C1 PCW PB . -12.04 0.42 -33.47
C2 PCW PB . -10.66 -0.29 -33.17
C3 PCW PB . -9.67 -0.08 -34.37
C4 PCW PB . -15.01 -1.18 -31.16
C5 PCW PB . -16.50 -1.45 -30.97
C6 PCW PB . -18.20 -1.38 -29.07
C7 PCW PB . -17.43 0.71 -30.12
C8 PCW PB . -18.40 -0.67 -30.89
C11 PCW PB . -7.95 -1.65 -34.98
C12 PCW PB . -6.64 -2.20 -34.49
C13 PCW PB . -6.66 -3.76 -34.70
C14 PCW PB . -5.38 -4.49 -34.27
C15 PCW PB . -5.51 -5.35 -32.98
C16 PCW PB . -4.30 -5.09 -32.01
C17 PCW PB . -3.92 -6.22 -31.00
C18 PCW PB . -2.85 -5.82 -29.99
C19 PCW PB . -2.70 -6.83 -28.83
C20 PCW PB . -1.50 -7.01 -28.14
C21 PCW PB . -0.18 -6.36 -28.28
C22 PCW PB . 0.83 -7.50 -28.61
C23 PCW PB . 2.32 -7.28 -28.18
C24 PCW PB . 3.35 -8.07 -28.92
C25 PCW PB . 3.38 -9.63 -28.87
C26 PCW PB . 4.49 -10.26 -28.03
C27 PCW PB . 4.70 -11.78 -28.12
C28 PCW PB . 5.24 -12.31 -26.82
C31 PCW PB . -10.65 0.04 -30.82
C32 PCW PB . -9.89 0.73 -29.68
C33 PCW PB . -9.01 -0.24 -28.75
C34 PCW PB . -9.70 -1.59 -28.48
C35 PCW PB . -10.07 -1.59 -26.94
C36 PCW PB . -8.86 -1.87 -26.03
C37 PCW PB . -9.16 -1.89 -24.49
C38 PCW PB . -8.77 -3.19 -23.89
C39 PCW PB . -9.04 -3.25 -22.40
C40 PCW PB . -8.31 -3.88 -21.50
C41 PCW PB . -7.04 -4.68 -21.82
C42 PCW PB . -6.42 -5.17 -20.44
C43 PCW PB . -4.93 -4.96 -20.20
C44 PCW PB . -4.63 -5.52 -18.82
C45 PCW PB . -3.23 -5.21 -18.32
C46 PCW PB . -2.41 -6.44 -18.07
C47 PCW PB . -1.91 -6.61 -16.66
C48 PCW PB . -1.08 -7.90 -16.52
N PCW PB . -17.22 -0.72 -29.96
O2 PCW PB . -10.03 0.32 -31.97
O3 PCW PB . -8.42 -0.72 -34.09
O11 PCW PB . -8.50 -1.97 -35.99
O31 PCW PB . -11.71 -0.66 -30.69
O1P PCW PB . -14.67 1.10 -32.92
O2P PCW PB . -15.51 -0.49 -34.66
O3P PCW PB . -13.02 -0.46 -34.03
O4P PCW PB . -14.73 -1.39 -32.58
P PCW PB . -14.54 -0.25 -33.56
C1 PCW QB . -40.79 2.54 7.17
C2 PCW QB . -39.78 2.98 8.30
C3 PCW QB . -40.53 3.13 9.67
C4 PCW QB . -41.85 4.75 3.31
C5 PCW QB . -41.98 4.20 1.89
C6 PCW QB . -44.54 4.34 1.91
C7 PCW QB . -43.33 3.80 -0.15
C8 PCW QB . -43.41 2.81 1.41
C11 PCW QB . -39.96 3.36 11.99
C12 PCW QB . -38.83 3.85 12.87
C13 PCW QB . -39.17 3.50 14.37
C14 PCW QB . -38.11 3.95 15.38
C15 PCW QB . -38.43 3.64 16.88
C16 PCW QB . -37.35 4.31 17.82
C17 PCW QB . -37.40 3.94 19.34
C18 PCW QB . -36.01 3.65 19.93
C19 PCW QB . -36.09 2.72 21.17
C20 PCW QB . -34.97 2.12 21.72
C21 PCW QB . -33.53 2.15 21.35
C22 PCW QB . -32.80 2.96 22.46
C23 PCW QB . -33.02 4.50 22.51
C24 PCW QB . -32.20 5.28 23.50
C25 PCW QB . -32.79 6.52 24.22
C26 PCW QB . -32.23 6.82 25.61
C27 PCW QB . -31.78 8.27 25.90
C28 PCW QB . -31.39 8.40 27.35
C31 PCW QB . -37.69 2.07 7.65
C32 PCW QB . -36.71 0.92 7.93
C33 PCW QB . -35.17 1.22 7.64
C34 PCW QB . -34.20 0.22 8.28
C35 PCW QB . -32.80 0.96 8.32
C36 PCW QB . -31.75 0.20 9.14
C37 PCW QB . -30.33 0.88 9.21
C38 PCW QB . -29.25 -0.12 9.49
C39 PCW QB . -27.88 0.51 9.57
C40 PCW QB . -27.28 0.98 10.66
C41 PCW QB . -27.89 0.96 12.05
C42 PCW QB . -27.03 1.93 12.99
C43 PCW QB . -27.07 1.68 14.49
C44 PCW QB . -26.17 2.73 15.13
C45 PCW QB . -24.71 2.35 15.26
C46 PCW QB . -23.89 3.34 16.02
C47 PCW QB . -22.98 4.24 15.20
C48 PCW QB . -22.21 5.19 16.11
N PCW QB . -43.24 4.28 1.21
O2 PCW QB . -38.74 1.93 8.46
O3 PCW QB . -39.60 3.53 10.68
O11 PCW QB . -41.00 2.88 12.37
O31 PCW QB . -37.52 2.98 6.80
O1P PCW QB . -41.29 5.07 6.14
O2P PCW QB . -38.92 4.89 5.38
O3P PCW QB . -40.32 2.76 5.83
O4P PCW QB . -40.64 4.18 3.88
P PCW QB . -40.27 4.30 5.34
C1 PCW RB . -30.37 -1.16 -0.68
C2 PCW RB . -29.82 -1.75 0.67
C3 PCW RB . -30.93 -1.66 1.78
C4 PCW RB . -34.06 -0.79 -0.35
C5 PCW RB . -35.49 -1.26 -0.18
C6 PCW RB . -36.89 0.83 -0.62
C7 PCW RB . -37.63 -1.36 -1.45
C8 PCW RB . -37.44 -0.82 0.30
C11 PCW RB . -31.26 -2.15 4.09
C12 PCW RB . -30.55 -2.75 5.27
C13 PCW RB . -31.63 -3.34 6.25
C14 PCW RB . -31.07 -4.00 7.53
C15 PCW RB . -32.13 -4.59 8.50
C16 PCW RB . -32.49 -6.06 8.08
C17 PCW RB . -32.05 -7.23 9.03
C18 PCW RB . -31.76 -6.78 10.46
C19 PCW RB . -31.95 -7.91 11.50
C20 PCW RB . -31.01 -8.92 11.69
C21 PCW RB . -29.71 -9.21 11.05
C22 PCW RB . -28.61 -8.66 12.01
C23 PCW RB . -27.14 -8.67 11.50
C24 PCW RB . -26.22 -7.61 12.05
C25 PCW RB . -24.72 -7.60 11.67
C26 PCW RB . -24.02 -6.25 11.68
C27 PCW RB . -22.47 -6.22 11.72
C28 PCW RB . -21.98 -5.18 12.69
C31 PCW RB . -28.17 -3.44 0.41
C32 PCW RB . -27.98 -4.97 0.24
C33 PCW RB . -26.48 -5.45 -0.06
C34 PCW RB . -26.32 -6.09 -1.43
C35 PCW RB . -25.06 -7.06 -1.30
C36 PCW RB . -25.41 -8.39 -0.58
C37 PCW RB . -24.23 -9.40 -0.41
C38 PCW RB . -23.40 -9.13 0.81
C39 PCW RB . -22.28 -10.11 0.98
C40 PCW RB . -21.18 -9.96 1.72
C41 PCW RB . -20.89 -8.73 2.56
C42 PCW RB . -19.34 -8.76 2.97
C43 PCW RB . -18.34 -8.07 2.06
C44 PCW RB . -16.97 -8.27 2.69
C45 PCW RB . -16.11 -7.03 2.74
C46 PCW RB . -14.68 -7.27 2.37
C47 PCW RB . -13.99 -6.15 1.62
C48 PCW RB . -12.53 -6.52 1.30
N PCW RB . -36.56 -0.59 -0.87
O2 PCW RB . -29.48 -3.20 0.51
O3 PCW RB . -30.44 -2.20 3.01
O11 PCW RB . -32.37 -1.69 4.11
O31 PCW RB . -27.24 -2.58 0.44
O1P PCW RB . -32.39 -0.40 -2.70
O2P PCW RB . -32.89 -2.81 -3.09
O3P PCW RB . -30.96 -2.14 -1.55
O4P PCW RB . -33.31 -1.92 -0.91
P PCW RB . -32.42 -1.78 -2.13
C1 PCW SB . -39.69 13.35 7.22
C2 PCW SB . -38.41 12.44 7.36
C3 PCW SB . -37.47 13.00 8.50
C4 PCW SB . -37.42 13.00 4.05
C5 PCW SB . -36.70 13.38 2.77
C6 PCW SB . -36.57 11.20 1.44
C7 PCW SB . -37.07 13.31 0.31
C8 PCW SB . -35.51 12.84 1.19
C11 PCW SB . -35.41 12.16 7.60
C12 PCW SB . -34.26 11.25 7.93
C13 PCW SB . -33.19 12.13 8.69
C14 PCW SB . -31.93 11.37 9.14
C15 PCW SB . -30.66 12.25 9.37
C16 PCW SB . -30.91 13.32 10.49
C17 PCW SB . -30.62 12.90 11.97
C18 PCW SB . -29.92 13.99 12.78
C19 PCW SB . -30.36 14.00 14.26
C20 PCW SB . -29.71 13.27 15.24
C21 PCW SB . -28.53 12.37 15.20
C22 PCW SB . -27.46 13.00 16.14
C23 PCW SB . -26.19 12.17 16.43
C24 PCW SB . -25.60 12.29 17.80
C25 PCW SB . -24.08 12.08 18.03
C26 PCW SB . -23.41 12.99 19.04
C27 PCW SB . -21.87 13.04 19.03
C28 PCW SB . -21.40 14.41 18.55
C31 PCW SB . -38.95 10.24 6.70
C32 PCW SB . -39.38 8.86 7.26
C33 PCW SB . -38.18 7.96 7.84
C34 PCW SB . -38.55 7.20 9.11
C35 PCW SB . -37.88 5.78 8.97
C36 PCW SB . -36.83 5.50 10.08
C37 PCW SB . -36.12 4.10 10.00
C38 PCW SB . -35.87 3.51 11.34
C39 PCW SB . -35.18 2.17 11.26
C40 PCW SB . -35.46 1.06 11.94
C41 PCW SB . -36.58 0.95 12.96
C42 PCW SB . -35.94 0.65 14.38
C43 PCW SB . -35.22 1.78 15.11
C44 PCW SB . -34.73 1.20 16.43
C45 PCW SB . -33.33 1.59 16.82
C46 PCW SB . -33.23 2.97 17.41
C47 PCW SB . -32.03 3.25 18.26
C48 PCW SB . -32.06 4.68 18.77
N PCW SB . -36.94 12.63 1.58
O2 PCW SB . -38.80 11.06 7.75
O3 PCW SB . -36.31 12.16 8.62
O11 PCW SB . -35.51 12.80 6.58
O31 PCW SB . -38.78 10.51 5.48
O1P PCW SB . -40.28 13.22 4.49
O2P PCW SB . -39.83 15.66 4.18
O3P PCW SB . -39.48 14.56 6.48
O4P PCW SB . -37.97 14.22 4.61
P PCW SB . -39.45 14.41 4.88
C1 PCW TB . -33.61 -13.59 -4.07
C2 PCW TB . -32.26 -12.89 -3.61
C3 PCW TB . -32.50 -12.11 -2.28
C4 PCW TB . -36.17 -14.39 -7.93
C5 PCW TB . -35.00 -14.75 -8.85
C6 PCW TB . -33.50 -16.18 -7.35
C7 PCW TB . -33.78 -16.74 -9.71
C8 PCW TB . -33.01 -15.22 -9.00
C11 PCW TB . -31.41 -10.29 -1.17
C12 PCW TB . -30.03 -9.77 -0.82
C13 PCW TB . -30.01 -9.45 0.72
C14 PCW TB . -28.68 -8.91 1.24
C15 PCW TB . -28.40 -9.14 2.76
C16 PCW TB . -26.89 -8.85 3.08
C17 PCW TB . -26.54 -7.43 3.60
C18 PCW TB . -25.13 -7.35 4.20
C19 PCW TB . -25.08 -7.69 5.70
C20 PCW TB . -23.89 -7.87 6.38
C21 PCW TB . -22.47 -7.79 5.96
C22 PCW TB . -22.03 -6.32 6.12
C23 PCW TB . -21.31 -5.93 7.44
C24 PCW TB . -21.15 -4.46 7.72
C25 PCW TB . -21.43 -3.89 9.13
C26 PCW TB . -21.12 -2.41 9.33
C27 PCW TB . -22.27 -1.47 9.78
C28 PCW TB . -23.29 -1.34 8.67
C31 PCW TB . -30.44 -14.16 -4.42
C32 PCW TB . -29.44 -15.26 -4.04
C33 PCW TB . -28.18 -14.79 -3.16
C34 PCW TB . -27.42 -15.95 -2.53
C35 PCW TB . -28.07 -16.16 -1.11
C36 PCW TB . -27.01 -16.28 0.02
C37 PCW TB . -27.60 -16.49 1.45
C38 PCW TB . -27.12 -15.44 2.41
C39 PCW TB . -27.67 -15.62 3.80
C40 PCW TB . -27.86 -14.67 4.71
C41 PCW TB . -27.55 -13.19 4.47
C42 PCW TB . -26.10 -12.89 5.06
C43 PCW TB . -25.38 -11.64 4.58
C44 PCW TB . -24.03 -11.60 5.28
C45 PCW TB . -22.88 -12.25 4.54
C46 PCW TB . -21.53 -11.94 5.10
C47 PCW TB . -20.35 -12.58 4.41
C48 PCW TB . -19.02 -12.17 5.07
N PCW TB . -34.25 -15.95 -8.60
O2 PCW TB . -31.22 -13.93 -3.38
O3 PCW TB . -31.29 -11.46 -1.86
O11 PCW TB . -32.44 -9.76 -0.86
O31 PCW TB . -30.52 -13.61 -5.56
O1P PCW TB . -36.10 -14.63 -5.04
O2P PCW TB . -36.43 -12.15 -5.10
O3P PCW TB . -34.08 -13.17 -5.36
O4P PCW TB . -35.72 -13.26 -7.13
P PCW TB . -35.66 -13.32 -5.61
C1 PCW UB . -24.43 31.27 -10.10
C2 PCW UB . -23.55 30.64 -8.97
C3 PCW UB . -22.38 29.80 -9.59
C4 PCW UB . -25.39 32.95 -13.23
C5 PCW UB . -23.96 32.54 -13.55
C6 PCW UB . -24.03 32.80 -16.08
C7 PCW UB . -21.92 33.04 -14.87
C8 PCW UB . -22.98 31.53 -15.02
C11 PCW UB . -21.94 28.01 -8.05
C12 PCW UB . -20.96 27.58 -6.99
C13 PCW UB . -19.56 27.35 -7.69
C14 PCW UB . -18.44 26.93 -6.75
C15 PCW UB . -17.67 28.09 -6.04
C16 PCW UB . -16.95 29.00 -7.10
C17 PCW UB . -15.38 29.08 -7.02
C18 PCW UB . -14.76 29.79 -8.24
C19 PCW UB . -13.39 29.20 -8.60
C20 PCW UB . -12.19 29.86 -8.28
C21 PCW UB . -11.92 31.13 -7.59
C22 PCW UB . -10.65 30.92 -6.71
C23 PCW UB . -10.63 31.58 -5.31
C24 PCW UB . -9.43 32.42 -4.99
C25 PCW UB . -8.72 32.33 -3.60
C26 PCW UB . -7.35 32.97 -3.52
C27 PCW UB . -7.22 34.48 -3.85
C28 PCW UB . -5.80 34.94 -3.65
C31 PCW UB . -23.46 31.85 -6.94
C32 PCW UB . -22.71 32.98 -6.21
C33 PCW UB . -21.36 32.54 -5.47
C34 PCW UB . -21.41 31.12 -4.90
C35 PCW UB . -20.05 30.93 -4.10
C36 PCW UB . -19.93 29.52 -3.47
C37 PCW UB . -18.62 29.26 -2.67
C38 PCW UB . -18.40 27.81 -2.39
C39 PCW UB . -17.14 27.54 -1.63
C40 PCW UB . -16.27 26.56 -1.81
C41 PCW UB . -16.40 25.48 -2.87
C42 PCW UB . -14.94 24.89 -3.19
C43 PCW UB . -13.87 25.00 -2.12
C44 PCW UB . -12.61 24.36 -2.69
C45 PCW UB . -11.36 24.53 -1.86
C46 PCW UB . -10.86 23.25 -1.27
C47 PCW UB . -10.93 23.13 0.23
C48 PCW UB . -10.38 21.78 0.70
N PCW UB . -23.36 32.95 -14.78
O2 PCW UB . -22.91 31.71 -8.15
O3 PCW UB . -21.58 29.22 -8.55
O11 PCW UB . -22.89 27.36 -8.42
O31 PCW UB . -24.44 31.20 -6.47
O1P PCW UB . -27.09 31.81 -11.14
O2P PCW UB . -27.01 34.14 -10.23
O3P PCW UB . -25.12 32.48 -9.71
O4P PCW UB . -25.39 33.53 -11.90
P PCW UB . -26.24 32.98 -10.76
C1 PCW VB . -15.01 -15.47 -32.41
C2 PCW VB . -13.46 -15.76 -32.49
C3 PCW VB . -12.68 -14.56 -31.87
C4 PCW VB . -15.22 -18.48 -35.52
C5 PCW VB . -15.18 -18.18 -37.02
C6 PCW VB . -14.09 -18.25 -39.16
C7 PCW VB . -12.91 -18.93 -37.27
C8 PCW VB . -13.28 -16.69 -37.52
C11 PCW VB . -10.59 -14.50 -33.07
C12 PCW VB . -9.13 -14.84 -32.92
C13 PCW VB . -8.28 -13.69 -33.57
C14 PCW VB . -6.76 -13.89 -33.50
C15 PCW VB . -6.27 -15.37 -33.63
C16 PCW VB . -5.15 -15.49 -34.73
C17 PCW VB . -5.33 -16.61 -35.80
C18 PCW VB . -4.04 -17.39 -36.09
C19 PCW VB . -3.81 -17.64 -37.60
C20 PCW VB . -2.53 -17.74 -38.15
C21 PCW VB . -1.18 -17.65 -37.56
C22 PCW VB . -0.45 -18.99 -37.87
C23 PCW VB . -0.80 -20.21 -36.99
C24 PCW VB . -0.09 -21.49 -37.30
C25 PCW VB . 1.15 -21.94 -36.47
C26 PCW VB . 2.40 -22.30 -37.26
C27 PCW VB . 3.51 -23.07 -36.52
C28 PCW VB . 4.65 -22.14 -36.16
C31 PCW VB . -12.66 -18.00 -32.40
C32 PCW VB . -12.35 -19.15 -31.45
C33 PCW VB . -10.79 -19.47 -31.22
C34 PCW VB . -10.49 -20.93 -30.89
C35 PCW VB . -9.23 -21.32 -31.76
C36 PCW VB . -8.89 -22.82 -31.69
C37 PCW VB . -7.65 -23.27 -32.55
C38 PCW VB . -7.24 -24.67 -32.24
C39 PCW VB . -6.05 -25.12 -33.05
C40 PCW VB . -4.82 -25.33 -32.62
C41 PCW VB . -4.37 -25.15 -31.18
C42 PCW VB . -2.83 -24.74 -31.18
C43 PCW VB . -2.04 -24.88 -29.90
C44 PCW VB . -0.62 -24.43 -30.19
C45 PCW VB . -0.23 -23.11 -29.59
C46 PCW VB . 1.25 -22.83 -29.66
C47 PCW VB . 1.74 -22.07 -30.87
C48 PCW VB . 3.26 -21.86 -30.82
N PCW VB . -13.94 -18.02 -37.71
O2 PCW VB . -13.13 -16.98 -31.68
O3 PCW VB . -11.26 -14.82 -31.92
O11 PCW VB . -11.09 -14.02 -34.05
O31 PCW VB . -12.49 -18.01 -33.65
O1P PCW VB . -17.55 -17.98 -33.82
O2P PCW VB . -17.15 -15.62 -34.51
O3P PCW VB . -15.85 -16.65 -32.53
O4P PCW VB . -15.38 -17.20 -34.85
P PCW VB . -16.55 -16.87 -33.96
C1 PCW WB . -19.72 -13.96 -26.87
C2 PCW WB . -19.60 -13.93 -25.29
C3 PCW WB . -20.82 -14.68 -24.66
C4 PCW WB . -21.16 -18.43 -28.02
C5 PCW WB . -20.20 -19.60 -28.21
C6 PCW WB . -21.28 -20.00 -30.33
C7 PCW WB . -20.90 -21.79 -28.88
C8 PCW WB . -19.10 -20.93 -29.96
C11 PCW WB . -21.59 -15.41 -22.51
C12 PCW WB . -21.30 -15.26 -21.05
C13 PCW WB . -22.21 -14.12 -20.48
C14 PCW WB . -22.03 -13.83 -18.98
C15 PCW WB . -22.78 -12.58 -18.44
C16 PCW WB . -22.36 -12.27 -16.96
C17 PCW WB . -22.41 -13.44 -15.93
C18 PCW WB . -21.58 -13.19 -14.69
C19 PCW WB . -20.28 -14.03 -14.64
C20 PCW WB . -20.11 -15.06 -13.72
C21 PCW WB . -20.98 -15.60 -12.65
C22 PCW WB . -20.09 -16.52 -11.76
C23 PCW WB . -19.76 -16.04 -10.32
C24 PCW WB . -20.00 -17.00 -9.21
C25 PCW WB . -19.43 -18.44 -9.28
C26 PCW WB . -20.39 -19.56 -8.91
C27 PCW WB . -20.43 -20.02 -7.44
C28 PCW WB . -21.67 -19.48 -6.74
C31 PCW WB . -17.23 -14.00 -25.16
C32 PCW WB . -16.04 -14.84 -24.65
C33 PCW WB . -16.22 -16.44 -24.69
C34 PCW WB . -14.99 -17.20 -24.23
C35 PCW WB . -15.38 -17.85 -22.84
C36 PCW WB . -14.33 -18.89 -22.36
C37 PCW WB . -14.65 -19.58 -20.99
C38 PCW WB . -13.41 -19.97 -20.26
C39 PCW WB . -13.69 -20.64 -18.95
C40 PCW WB . -13.45 -20.16 -17.74
C41 PCW WB . -12.81 -18.81 -17.46
C42 PCW WB . -12.57 -18.68 -15.89
C43 PCW WB . -12.12 -17.34 -15.33
C44 PCW WB . -11.97 -17.52 -13.83
C45 PCW WB . -10.55 -17.56 -13.32
C46 PCW WB . -10.11 -16.33 -12.58
C47 PCW WB . -10.86 -16.00 -11.31
C48 PCW WB . -10.31 -14.71 -10.67
N PCW WB . -20.37 -20.52 -29.29
O2 PCW WB . -18.36 -14.65 -24.86
O3 PCW WB . -20.71 -14.67 -23.23
O11 PCW WB . -22.46 -16.08 -22.98
O31 PCW WB . -17.13 -12.90 -25.75
O1P PCW WB . -22.08 -15.76 -27.28
O2P PCW WB . -21.14 -15.15 -29.51
O3P PCW WB . -19.61 -15.27 -27.45
O4P PCW WB . -20.50 -17.25 -28.54
P PCW WB . -20.91 -15.83 -28.21
C1 PCW XB . -26.67 -8.84 -13.00
C2 PCW XB . -25.37 -8.67 -12.11
C3 PCW XB . -24.93 -7.17 -12.13
C4 PCW XB . -29.72 -9.86 -10.99
C5 PCW XB . -30.38 -11.21 -11.19
C6 PCW XB . -28.39 -12.69 -11.76
C7 PCW XB . -30.22 -13.54 -10.36
C8 PCW XB . -30.30 -13.04 -12.12
C11 PCW XB . -22.71 -6.32 -11.85
C12 PCW XB . -21.65 -6.17 -10.79
C13 PCW XB . -22.21 -5.22 -9.67
C14 PCW XB . -21.27 -4.94 -8.50
C15 PCW XB . -21.81 -3.94 -7.44
C16 PCW XB . -20.62 -3.26 -6.66
C17 PCW XB . -20.56 -1.69 -6.66
C18 PCW XB . -19.24 -1.15 -6.13
C19 PCW XB . -18.43 -0.36 -7.19
C20 PCW XB . -18.20 1.00 -7.08
C21 PCW XB . -18.60 2.01 -6.07
C22 PCW XB . -17.62 1.86 -4.87
C23 PCW XB . -16.58 3.00 -4.66
C24 PCW XB . -15.33 2.94 -5.48
C25 PCW XB . -14.76 4.23 -6.14
C26 PCW XB . -13.47 4.07 -6.95
C27 PCW XB . -12.30 3.30 -6.31
C28 PCW XB . -11.17 3.18 -7.30
C31 PCW XB . -25.58 -10.35 -10.44
C32 PCW XB . -25.89 -10.57 -8.95
C33 PCW XB . -26.10 -12.09 -8.50
C34 PCW XB . -24.86 -12.97 -8.70
C35 PCW XB . -23.95 -12.72 -7.42
C36 PCW XB . -22.53 -13.28 -7.59
C37 PCW XB . -21.57 -13.09 -6.37
C38 PCW XB . -20.26 -12.47 -6.76
C39 PCW XB . -19.33 -12.28 -5.59
C40 PCW XB . -18.00 -12.32 -5.62
C41 PCW XB . -17.18 -12.58 -6.88
C42 PCW XB . -15.70 -12.94 -6.44
C43 PCW XB . -14.90 -13.88 -7.32
C44 PCW XB . -13.53 -14.05 -6.67
C45 PCW XB . -12.54 -14.86 -7.47
C46 PCW XB . -11.12 -14.64 -7.05
C47 PCW XB . -10.21 -15.85 -7.07
C48 PCW XB . -8.79 -15.47 -6.62
N PCW XB . -29.61 -12.39 -10.97
O2 PCW XB . -25.65 -9.05 -10.70
O3 PCW XB . -23.77 -6.99 -11.31
O11 PCW XB . -22.66 -5.86 -12.96
O31 PCW XB . -25.31 -11.27 -11.28
O1P PCW XB . -29.77 -7.06 -11.86
O2P PCW XB . -29.80 -8.09 -14.13
O3P PCW XB . -27.57 -7.72 -12.90
O4P PCW XB . -29.17 -9.48 -12.27
P PCW XB . -29.14 -8.05 -12.79
C1 PCW YB . -22.10 15.68 -15.02
C2 PCW YB . -21.49 16.03 -13.60
C3 PCW YB . -19.94 16.24 -13.73
C4 PCW YB . -24.46 14.42 -18.11
C5 PCW YB . -25.47 14.62 -19.24
C6 PCW YB . -23.85 15.78 -20.84
C7 PCW YB . -25.92 14.77 -21.67
C8 PCW YB . -25.75 16.19 -20.51
C11 PCW YB . -18.77 15.54 -11.76
C12 PCW YB . -18.18 16.07 -10.48
C13 PCW YB . -16.81 15.36 -10.23
C14 PCW YB . -16.07 15.78 -8.95
C15 PCW YB . -16.03 14.73 -7.81
C16 PCW YB . -14.62 14.70 -7.12
C17 PCW YB . -14.59 14.94 -5.57
C18 PCW YB . -13.40 14.27 -4.89
C19 PCW YB . -12.23 15.24 -4.64
C20 PCW YB . -11.81 15.59 -3.36
C21 PCW YB . -12.28 15.19 -2.01
C22 PCW YB . -11.00 14.96 -1.16
C23 PCW YB . -11.18 14.33 0.26
C24 PCW YB . -10.47 15.00 1.39
C25 PCW YB . -10.84 14.68 2.87
C26 PCW YB . -9.99 15.36 3.94
C27 PCW YB . -10.59 15.52 5.34
C28 PCW YB . -9.57 15.16 6.39
C31 PCW YB . -23.25 17.17 -12.47
C32 PCW YB . -23.69 18.56 -12.01
C33 PCW YB . -23.64 18.80 -10.42
C34 PCW YB . -22.68 19.92 -10.01
C35 PCW YB . -21.22 19.34 -10.20
C36 PCW YB . -20.36 20.17 -11.18
C37 PCW YB . -18.90 19.65 -11.41
C38 PCW YB . -18.01 19.93 -10.26
C39 PCW YB . -16.60 19.43 -10.45
C40 PCW YB . -15.55 20.10 -10.88
C41 PCW YB . -15.59 21.58 -11.28
C42 PCW YB . -14.08 22.10 -11.35
C43 PCW YB . -13.75 23.20 -12.33
C44 PCW YB . -12.26 23.48 -12.17
C45 PCW YB . -11.90 24.50 -11.10
C46 PCW YB . -10.52 25.09 -11.28
C47 PCW YB . -9.36 24.21 -10.89
C48 PCW YB . -8.01 24.92 -11.13
N PCW YB . -25.00 14.90 -20.57
O2 PCW YB . -22.06 17.30 -13.09
O3 PCW YB . -19.36 16.55 -12.45
O11 PCW YB . -18.70 14.40 -12.13
O31 PCW YB . -23.88 16.09 -12.30
O1P PCW YB . -24.18 13.89 -15.29
O2P PCW YB . -25.88 15.72 -15.08
O3P PCW YB . -23.38 16.29 -15.29
O4P PCW YB . -24.71 15.48 -17.15
P PCW YB . -24.59 15.29 -15.66
C1 PCW ZB . -20.25 18.96 -24.34
C2 PCW ZB . -19.70 18.33 -23.01
C3 PCW ZB . -19.64 16.76 -23.13
C4 PCW ZB . -21.32 22.57 -21.87
C5 PCW ZB . -21.55 22.25 -20.40
C6 PCW ZB . -23.11 23.89 -19.19
C7 PCW ZB . -23.63 21.49 -19.29
C8 PCW ZB . -22.19 22.32 -18.45
C11 PCW ZB . -19.79 15.18 -21.33
C12 PCW ZB . -19.08 14.77 -20.06
C13 PCW ZB . -19.07 16.00 -19.10
C14 PCW ZB . -18.39 15.75 -17.75
C15 PCW ZB . -17.43 16.89 -17.27
C16 PCW ZB . -18.25 18.01 -16.52
C17 PCW ZB . -17.45 19.24 -15.99
C18 PCW ZB . -16.47 18.89 -14.88
C19 PCW ZB . -15.26 19.86 -14.83
C20 PCW ZB . -14.09 19.54 -14.16
C21 PCW ZB . -13.67 18.35 -13.38
C22 PCW ZB . -12.45 18.79 -12.52
C23 PCW ZB . -11.65 17.69 -11.77
C24 PCW ZB . -11.99 17.48 -10.33
C25 PCW ZB . -11.00 16.74 -9.37
C26 PCW ZB . -11.18 17.01 -7.89
C27 PCW ZB . -9.95 16.84 -6.97
C28 PCW ZB . -9.91 17.94 -5.94
C31 PCW ZB . -18.17 19.36 -21.53
C32 PCW ZB . -16.69 19.79 -21.38
C33 PCW ZB . -15.63 18.61 -21.51
C34 PCW ZB . -14.53 18.67 -20.44
C35 PCW ZB . -13.24 18.07 -21.13
C36 PCW ZB . -11.94 18.77 -20.67
C37 PCW ZB . -10.62 18.26 -21.31
C38 PCW ZB . -10.27 16.89 -20.81
C39 PCW ZB . -8.98 16.36 -21.40
C40 PCW ZB . -8.35 15.24 -21.07
C41 PCW ZB . -8.84 14.27 -19.99
C42 PCW ZB . -7.95 14.51 -18.68
C43 PCW ZB . -7.87 15.91 -18.08
C44 PCW ZB . -6.98 15.83 -16.84
C45 PCW ZB . -5.55 16.27 -17.05
C46 PCW ZB . -4.67 15.95 -15.88
C47 PCW ZB . -3.39 15.20 -16.18
C48 PCW ZB . -2.59 14.95 -14.89
N PCW ZB . -22.80 22.57 -19.79
O2 PCW ZB . -18.31 18.80 -22.74
O3 PCW ZB . -19.12 16.21 -21.91
O11 PCW ZB . -20.78 14.65 -21.76
O31 PCW ZB . -19.07 19.51 -20.65
O1P PCW ZB . -21.31 22.60 -24.78
O2P PCW ZB . -22.67 20.52 -24.49
O3P PCW ZB . -20.10 20.40 -24.41
O4P PCW ZB . -21.43 21.32 -22.59
P PCW ZB . -21.43 21.25 -24.11
C1 PCW AC . -17.29 20.23 -28.89
C2 PCW AC . -16.06 19.97 -27.93
C3 PCW AC . -16.49 19.11 -26.69
C4 PCW AC . -17.46 15.71 -29.29
C5 PCW AC . -17.29 15.48 -27.80
C6 PCW AC . -18.33 13.17 -27.56
C7 PCW AC . -16.47 13.84 -26.12
C8 PCW AC . -18.18 14.57 -26.20
C11 PCW AC . -15.24 17.67 -25.23
C12 PCW AC . -13.96 17.63 -24.45
C13 PCW AC . -13.35 16.18 -24.57
C14 PCW AC . -12.02 15.97 -23.83
C15 PCW AC . -11.71 14.51 -23.41
C16 PCW AC . -10.70 13.84 -24.42
C17 PCW AC . -9.57 12.93 -23.83
C18 PCW AC . -10.08 11.78 -22.97
C19 PCW AC . -10.78 10.68 -23.81
C20 PCW AC . -10.08 9.71 -24.52
C21 PCW AC . -8.63 9.45 -24.69
C22 PCW AC . -8.39 7.94 -24.41
C23 PCW AC . -7.72 7.54 -23.07
C24 PCW AC . -8.39 6.50 -22.25
C25 PCW AC . -8.86 5.16 -22.89
C26 PCW AC . -9.35 4.09 -21.93
C27 PCW AC . -10.63 3.31 -22.33
C28 PCW AC . -10.50 1.86 -21.91
C31 PCW AC . -13.89 19.90 -28.87
C32 PCW AC . -12.88 19.00 -29.59
C33 PCW AC . -11.39 19.01 -28.98
C34 PCW AC . -11.32 18.45 -27.55
C35 PCW AC . -10.62 19.57 -26.69
C36 PCW AC . -9.88 19.00 -25.45
C37 PCW AC . -9.16 20.05 -24.55
C38 PCW AC . -8.15 19.41 -23.65
C39 PCW AC . -7.45 20.40 -22.76
C40 PCW AC . -6.70 20.12 -21.69
C41 PCW AC . -6.42 18.72 -21.17
C42 PCW AC . -4.96 18.70 -20.53
C43 PCW AC . -4.11 17.46 -20.68
C44 PCW AC . -2.79 17.72 -19.98
C45 PCW AC . -1.56 17.60 -20.85
C46 PCW AC . -1.34 16.20 -21.39
C47 PCW AC . 0.10 15.79 -21.58
C48 PCW AC . 0.19 14.35 -22.12
N PCW AC . -17.26 14.14 -27.29
O2 PCW AC . -14.99 19.20 -28.65
O3 PCW AC . -15.34 18.88 -25.86
O11 PCW AC . -16.04 16.77 -25.31
O31 PCW AC . -13.69 21.11 -28.55
O1P PCW AC . -19.44 17.51 -30.42
O2P PCW AC . -17.43 18.68 -31.32
O3P PCW AC . -18.26 19.15 -28.93
O4P PCW AC . -17.12 17.10 -29.55
P PCW AC . -18.09 18.10 -30.13
C1 PCW BC . -38.24 -19.54 -1.88
C2 PCW BC . -36.82 -19.19 -1.28
C3 PCW BC . -36.93 -18.89 0.26
C4 PCW BC . -36.51 -21.22 -5.80
C5 PCW BC . -36.24 -20.89 -7.28
C6 PCW BC . -33.85 -20.53 -7.38
C7 PCW BC . -35.00 -21.09 -9.33
C8 PCW BC . -34.69 -22.75 -7.79
C11 PCW BC . -35.37 -17.26 1.06
C12 PCW BC . -33.95 -17.13 1.57
C13 PCW BC . -33.44 -15.67 1.25
C14 PCW BC . -32.02 -15.37 1.71
C15 PCW BC . -30.95 -15.27 0.58
C16 PCW BC . -30.64 -13.77 0.24
C17 PCW BC . -29.39 -13.12 0.93
C18 PCW BC . -28.27 -12.76 -0.05
C19 PCW BC . -26.97 -12.31 0.65
C20 PCW BC . -25.71 -12.53 0.09
C21 PCW BC . -25.27 -13.14 -1.20
C22 PCW BC . -24.08 -14.09 -0.86
C23 PCW BC . -22.88 -13.48 -0.09
C24 PCW BC . -21.58 -14.23 -0.15
C25 PCW BC . -20.22 -13.50 0.09
C26 PCW BC . -18.97 -14.30 -0.18
C27 PCW BC . -18.64 -14.66 -1.64
C28 PCW BC . -17.66 -15.81 -1.70
C31 PCW BC . -35.06 -20.25 -2.44
C32 PCW BC . -34.19 -21.52 -2.45
C33 PCW BC . -32.82 -21.42 -1.63
C34 PCW BC . -31.86 -20.37 -2.18
C35 PCW BC . -30.47 -20.65 -1.48
C36 PCW BC . -29.29 -20.66 -2.49
C37 PCW BC . -27.88 -20.94 -1.89
C38 PCW BC . -27.03 -19.71 -1.90
C39 PCW BC . -25.65 -19.95 -1.32
C40 PCW BC . -25.32 -19.95 -0.04
C41 PCW BC . -26.29 -19.73 1.10
C42 PCW BC . -26.06 -20.87 2.20
C43 PCW BC . -24.83 -20.76 3.09
C44 PCW BC . -24.86 -21.96 4.02
C45 PCW BC . -23.72 -22.94 3.85
C46 PCW BC . -24.06 -24.34 4.29
C47 PCW BC . -23.21 -24.91 5.40
C48 PCW BC . -23.65 -26.33 5.77
N PCW BC . -35.02 -21.29 -7.90
O2 PCW BC . -35.90 -20.35 -1.43
O3 PCW BC . -35.63 -18.57 0.77
O11 PCW BC . -36.14 -16.37 0.92
O31 PCW BC . -34.96 -19.29 -3.25
O1P PCW BC . -37.92 -21.91 -3.34
O2P PCW BC . -39.89 -21.00 -4.57
O3P PCW BC . -38.32 -19.41 -3.31
O4P PCW BC . -37.70 -20.48 -5.42
P PCW BC . -38.49 -20.78 -4.15
C1 17F CC . -6.48 12.51 -40.31
N1 17F CC . -7.30 12.88 -37.96
O1 17F CC . -6.24 11.08 -42.75
P1 17F CC . -6.49 10.27 -41.50
C2 17F CC . -7.48 13.21 -39.37
O2 17F CC . -7.71 9.39 -41.49
C3 17F CC . -8.91 12.86 -39.79
O3 17F CC . -6.57 11.13 -40.22
C4 17F CC . -5.31 8.43 -40.06
O4 17F CC . -9.29 13.05 -40.95
C5 17F CC . -4.03 7.55 -39.91
O5 17F CC . -9.78 12.37 -38.97
C6 17F CC . -2.97 7.95 -40.98
O6 17F CC . -5.28 9.29 -41.19
C7 17F CC . -0.94 7.17 -41.82
O7 17F CC . -1.80 7.17 -40.86
C8 17F CC . 0.26 6.30 -41.38
O8 17F CC . -0.94 7.74 -42.88
C9 17F CC . 1.00 6.91 -40.17
O9 17F CC . -3.48 7.60 -38.58
C10 17F CC . 2.23 6.11 -39.62
O10 17F CC . -3.71 5.30 -38.49
C11 17F CC . 2.36 6.14 -38.06
C12 17F CC . 3.59 5.32 -37.54
C17 17F CC . -3.47 6.41 -38.01
C18 17F CC . -3.10 6.51 -36.54
C19 17F CC . -1.67 6.04 -36.20
C20 17F CC . -1.12 6.70 -34.88
C1X 17F CC . 3.66 5.39 -36.01
C1Y 17F CC . 0.31 6.21 -34.57
C1Z 17F CC . 0.33 5.30 -33.33
C2X 17F CC . 4.90 4.57 -35.41
C21 17F CC . 4.64 4.12 -33.94
C22 17F CC . 5.46 4.29 -32.96
C23 17F CC . 6.78 4.93 -33.00
C24 17F CC . 6.79 6.41 -32.68
C25 17F CC . 8.13 7.10 -32.72
C26 17F CC . 9.13 6.77 -31.52
C27 17F CC . 10.47 7.46 -31.57
C28 17F CC . 11.29 7.00 -30.32
C29 17F CC . 11.14 8.02 -29.25
C30 17F CC . 11.87 7.71 -27.99
C31 17F CC . 0.43 6.03 -31.94
C32 17F CC . 0.44 5.08 -30.70
C33 17F CC . 1.39 5.68 -29.66
C34 17F CC . 1.65 5.12 -28.48
C35 17F CC . 1.08 3.84 -27.93
C36 17F CC . 1.85 2.55 -28.32
C37 17F CC . 1.73 1.56 -27.21
C38 17F CC . 0.41 0.74 -27.19
C39 17F CC . 0.35 -0.25 -26.02
C40 17F CC . -1.10 -0.66 -25.72
C41 17F CC . -1.84 -1.14 -27.03
C42 17F CC . -1.49 -2.51 -27.64
C1 17F DC . -25.77 -1.33 -22.12
N1 17F DC . -24.44 -0.85 -20.04
O1 17F DC . -23.19 -0.94 -24.89
P1 17F DC . -23.89 -1.76 -23.82
C2 17F DC . -25.77 -0.91 -20.64
O2 17F DC . -24.89 -2.79 -24.30
C3 17F DC . -26.64 -1.88 -19.83
O3 17F DC . -24.64 -0.86 -22.78
C4 17F DC . -23.26 -3.43 -21.88
O4 17F DC . -27.81 -2.08 -20.15
C5 17F DC . -22.06 -4.11 -21.16
O5 17F DC . -26.21 -2.51 -18.80
C6 17F DC . -21.30 -5.04 -22.14
O6 17F DC . -22.84 -2.58 -22.94
C7 17F DC . -19.60 -6.69 -21.99
O7 17F DC . -20.20 -5.65 -21.49
C8 17F DC . -18.41 -6.95 -21.04
O8 17F DC . -19.81 -7.35 -22.98
C9 17F DC . -17.39 -5.79 -21.11
O9 17F DC . -21.18 -3.17 -20.54
C10 17F DC . -16.13 -5.89 -20.18
O10 17F DC . -21.86 -2.61 -18.41
C11 17F DC . -15.95 -4.59 -19.31
C12 17F DC . -14.72 -4.66 -18.35
C17 17F DC . -21.20 -3.26 -19.23
C18 17F DC . -20.24 -4.31 -18.71
C19 17F DC . -20.57 -4.87 -17.32
C20 17F DC . -19.36 -4.68 -16.32
C1X 17F DC . -14.64 -3.35 -17.55
C1Y 17F DC . -19.70 -5.24 -14.92
C1Z 17F DC . -18.44 -5.51 -14.12
C2X 17F DC . -13.42 -3.34 -16.52
C21 17F DC . -13.93 -3.53 -15.06
C22 17F DC . -13.79 -2.67 -14.10
C23 17F DC . -13.15 -1.35 -14.16
C24 17F DC . -13.84 -0.28 -15.01
C25 17F DC . -13.16 1.07 -15.05
C26 17F DC . -11.91 1.24 -14.04
C27 17F DC . -11.22 2.58 -14.05
C28 17F DC . -10.05 2.50 -12.99
C29 17F DC . -10.62 2.01 -11.72
C30 17F DC . -9.64 1.87 -10.60
C31 17F DC . -17.50 -6.67 -14.64
C32 17F DC . -16.22 -6.90 -13.80
C33 17F DC . -15.91 -8.39 -13.76
C34 17F DC . -14.88 -8.94 -13.12
C35 17F DC . -13.83 -8.21 -12.32
C36 17F DC . -12.49 -8.98 -12.17
C37 17F DC . -12.25 -9.24 -10.73
C38 17F DC . -10.90 -8.73 -10.19
C39 17F DC . -10.74 -9.03 -8.69
C40 17F DC . -9.64 -8.15 -8.07
C41 17F DC . -10.14 -7.52 -6.71
C42 17F DC . -10.40 -6.01 -6.63
C1 17F EC . -11.07 1.98 -37.51
N1 17F EC . -12.57 3.91 -36.96
O1 17F EC . -9.17 4.13 -36.97
P1 17F EC . -9.08 3.35 -38.27
C2 17F EC . -12.49 2.56 -37.50
O2 17F EC . -8.80 4.14 -39.53
C3 17F EC . -13.43 1.64 -36.70
O3 17F EC . -10.34 2.50 -38.57
C4 17F EC . -7.65 1.41 -39.33
O4 17F EC . -13.53 0.45 -36.97
C5 17F EC . -6.47 0.42 -39.07
O5 17F EC . -14.14 2.07 -35.72
C6 17F EC . -6.45 -0.66 -40.18
O6 17F EC . -7.91 2.26 -38.22
C7 17F EC . -4.45 -1.67 -40.89
O7 17F EC . -5.38 -1.59 -39.99
C8 17F EC . -3.43 -2.73 -40.41
O8 17F EC . -4.30 -1.08 -41.93
C9 17F EC . -4.04 -4.14 -40.25
O9 17F EC . -5.20 1.08 -38.97
C10 17F EC . -3.05 -5.25 -39.74
O10 17F EC . -4.76 -0.08 -37.02
C11 17F EC . -3.07 -5.44 -38.18
C12 17F EC . -2.07 -6.55 -37.71
C17 17F EC . -4.63 0.87 -37.80
C18 17F EC . -3.68 2.00 -37.43
C19 17F EC . -2.50 2.20 -38.41
C20 17F EC . -1.64 0.89 -38.58
C1X 17F EC . -2.16 -6.71 -36.17
C1Y 17F EC . -0.47 1.12 -39.56
C1Z 17F EC . 0.44 -0.12 -39.60
C2X 17F EC . -1.16 -7.83 -35.62
C21 17F EC . -1.51 -8.27 -34.18
C22 17F EC . -1.21 -7.61 -33.11
C23 17F EC . -0.48 -6.33 -33.02
C24 17F EC . 0.59 -6.29 -31.96
C25 17F EC . 1.38 -4.99 -31.82
C26 17F EC . 2.11 -4.79 -30.41
C27 17F EC . 2.89 -3.51 -30.24
C28 17F EC . 3.53 -3.52 -28.80
C29 17F EC . 2.55 -2.99 -27.83
C30 17F EC . 3.03 -2.93 -26.42
C31 17F EC . 1.87 0.05 -38.99
C32 17F EC . 2.77 -1.22 -39.04
C33 17F EC . 4.20 -0.81 -39.36
C34 17F EC . 5.21 -1.66 -39.48
C35 17F EC . 5.16 -3.16 -39.33
C36 17F EC . 5.35 -3.65 -37.86
C37 17F EC . 6.80 -3.66 -37.53
C38 17F EC . 7.47 -5.06 -37.54
C39 17F EC . 8.97 -4.97 -37.19
C40 17F EC . 9.71 -6.20 -37.73
C41 17F EC . 10.51 -5.85 -39.04
C42 17F EC . 11.65 -4.83 -38.98
C1 17F FC . -35.25 28.58 -1.97
N1 17F FC . -33.42 28.20 -3.66
O1 17F FC . -32.09 30.46 -0.80
P1 17F FC . -33.11 29.32 -0.75
C2 17F FC . -34.32 27.58 -2.69
O2 17F FC . -33.72 29.91 0.50
C3 17F FC . -35.17 26.49 -3.39
O3 17F FC . -34.55 29.57 -1.26
C4 17F FC . -33.74 27.05 0.40
O4 17F FC . -35.99 25.84 -2.76
C5 17F FC . -33.32 25.98 1.45
O5 17F FC . -35.04 26.22 -4.64
C6 17F FC . -32.47 24.90 0.73
O6 17F FC . -32.85 28.15 0.28
C7 17F FC . -32.71 22.76 1.61
O7 17F FC . -32.03 23.86 1.60
C8 17F FC . -32.03 21.77 2.58
O8 17F FC . -33.70 22.45 0.98
C9 17F FC . -30.80 21.05 1.95
O9 17F FC . -32.60 26.55 2.55
C10 17F FC . -30.06 20.00 2.88
O10 17F FC . -34.23 26.12 4.14
C11 17F FC . -30.24 20.27 4.42
C12 17F FC . -29.49 19.18 5.29
C17 17F FC . -33.40 26.84 3.57
C18 17F FC . -33.20 28.26 4.06
C19 17F FC . -34.14 28.69 5.21
C20 17F FC . -33.37 29.06 6.52
C1X 17F FC . -29.70 19.46 6.79
C1Y 17F FC . -34.35 29.48 7.64
C1Z 17F FC . -33.74 30.57 8.52
C2X 17F FC . -28.98 18.38 7.72
C21 17F FC . -29.98 17.28 8.21
C22 17F FC . -30.43 17.19 9.41
C23 17F FC . -30.12 18.07 10.55
C24 17F FC . -31.02 19.28 10.68
C25 17F FC . -30.72 20.22 11.84
C26 17F FC . -29.31 19.97 12.55
C27 17F FC . -28.98 20.88 13.71
C28 17F FC . -27.56 20.45 14.25
C29 17F FC . -26.55 20.70 13.19
C30 17F FC . -25.15 20.34 13.55
C31 17F FC . -33.09 30.10 9.87
C32 17F FC . -32.46 31.21 10.75
C33 17F FC . -31.46 30.57 11.71
C34 17F FC . -30.74 31.23 12.61
C35 17F FC . -30.75 32.71 12.88
C36 17F FC . -30.26 33.12 14.30
C37 17F FC . -28.85 33.58 14.20
C38 17F FC . -28.62 35.05 14.63
C39 17F FC . -27.14 35.45 14.51
C40 17F FC . -26.90 36.85 15.08
C41 17F FC . -27.16 37.96 13.98
C42 17F FC . -26.13 38.17 12.87
C1 17F GC . -27.42 -18.18 -20.72
N1 17F GC . -28.70 -17.07 -22.57
O1 17F GC . -24.98 -16.07 -19.80
P1 17F GC . -25.51 -17.37 -19.28
C2 17F GC . -27.42 -17.18 -21.90
O2 17F GC . -24.82 -18.63 -19.76
C3 17F GC . -26.34 -17.56 -22.93
O3 17F GC . -27.02 -17.58 -19.53
C4 17F GC . -25.81 -18.60 -16.96
O4 17F GC . -25.17 -17.72 -22.58
C5 17F GC . -25.57 -18.47 -15.42
O5 17F GC . -26.61 -17.75 -24.17
C6 17F GC . -26.56 -19.38 -14.64
O6 17F GC . -25.38 -17.46 -17.69
C7 17F GC . -27.18 -19.89 -12.44
O7 17F GC . -26.37 -19.28 -13.24
C8 17F GC . -26.72 -19.61 -11.00
O8 17F GC . -28.15 -20.58 -12.68
C9 17F GC . -27.39 -20.49 -9.92
O9 17F GC . -24.23 -18.75 -15.05
C10 17F GC . -26.91 -20.23 -8.45
O10 17F GC . -23.36 -16.64 -14.76
C11 17F GC . -26.42 -18.75 -8.18
C12 17F GC . -25.95 -18.54 -6.70
C17 17F GC . -23.42 -17.74 -15.30
C18 17F GC . -22.47 -18.06 -16.44
C19 17F GC . -20.97 -17.81 -16.12
C20 17F GC . -20.01 -18.47 -17.19
C1X 17F GC . -25.48 -17.08 -6.52
C1Y 17F GC . -18.52 -18.19 -16.84
C1Z 17F GC . -18.03 -19.16 -15.73
C2X 17F GC . -24.98 -16.79 -5.04
C21 17F GC . -23.65 -15.96 -5.05
C22 17F GC . -22.72 -16.04 -4.18
C23 17F GC . -22.67 -16.90 -2.99
C24 17F GC . -21.49 -17.86 -2.96
C25 17F GC . -21.39 -18.77 -1.74
C26 17F GC . -20.86 -18.06 -0.40
C27 17F GC . -20.76 -18.96 0.80
C28 17F GC . -20.22 -18.09 2.00
C29 17F GC . -21.26 -17.11 2.38
C30 17F GC . -20.90 -16.20 3.52
C31 17F GC . -17.15 -20.37 -16.18
C32 17F GC . -16.68 -21.31 -15.04
C33 17F GC . -15.42 -20.73 -14.42
C34 17F GC . -14.73 -21.27 -13.42
C35 17F GC . -15.05 -22.54 -12.68
C36 17F GC . -14.28 -23.80 -13.18
C37 17F GC . -12.83 -23.60 -12.98
C38 17F GC . -11.96 -24.86 -13.24
C39 17F GC . -10.46 -24.57 -13.00
C40 17F GC . -9.60 -25.66 -13.64
C41 17F GC . -8.52 -26.19 -12.62
C42 17F GC . -7.25 -26.86 -13.15
C1 17F HC . -15.53 -9.04 -37.14
N1 17F HC . -15.31 -7.28 -35.37
O1 17F HC . -13.53 -9.93 -39.01
P1 17F HC . -13.53 -10.52 -37.63
C2 17F HC . -15.40 -7.55 -36.80
O2 17F HC . -13.89 -11.98 -37.51
C3 17F HC . -16.59 -6.77 -37.38
O3 17F HC . -14.46 -9.77 -36.64
C4 17F HC . -11.87 -10.90 -35.63
O4 17F HC . -16.87 -6.84 -38.58
C5 17F HC . -10.41 -10.68 -35.13
O5 17F HC . -17.35 -6.02 -36.65
C6 17F HC . -9.93 -9.25 -35.44
O6 17F HC . -12.11 -10.40 -36.95
C7 17F HC . -7.61 -9.42 -35.74
O7 17F HC . -8.60 -9.01 -35.00
C8 17F HC . -6.30 -9.04 -35.01
O8 17F HC . -7.61 -9.98 -36.80
C9 17F HC . -6.14 -9.73 -33.62
O9 17F HC . -10.23 -11.00 -33.73
C10 17F HC . -4.82 -9.39 -32.85
O10 17F HC . -11.75 -9.37 -33.12
C11 17F HC . -4.49 -10.36 -31.65
C12 17F HC . -3.17 -9.95 -30.92
C17 17F HC . -11.05 -10.37 -32.91
C18 17F HC . -11.11 -11.01 -31.54
C19 17F HC . -10.55 -10.15 -30.38
C20 17F HC . -9.48 -10.94 -29.52
C1X 17F HC . -2.87 -10.91 -29.76
C1Y 17F HC . -8.94 -10.07 -28.36
C1Z 17F HC . -8.09 -10.92 -27.40
C2X 17F HC . -1.52 -10.52 -28.99
C21 17F HC . -0.95 -11.72 -28.16
C22 17F HC . -0.37 -11.58 -27.02
C23 17F HC . -0.12 -10.33 -26.28
C24 17F HC . 1.36 -10.06 -25.97
C25 17F HC . 1.67 -8.79 -25.22
C26 17F HC . 3.20 -8.59 -24.77
C27 17F HC . 3.49 -7.31 -24.02
C28 17F HC . 5.02 -7.28 -23.66
C29 17F HC . 5.26 -6.28 -22.62
C30 17F HC . 6.69 -6.15 -22.19
C31 17F HC . -6.59 -11.15 -27.80
C32 17F HC . -5.76 -12.01 -26.80
C33 17F HC . -5.89 -11.44 -25.39
C34 17F HC . -5.30 -11.95 -24.33
C35 17F HC . -4.39 -13.16 -24.28
C36 17F HC . -4.89 -14.32 -23.37
C37 17F HC . -6.05 -14.99 -24.03
C38 17F HC . -7.22 -15.34 -23.08
C39 17F HC . -8.38 -16.02 -23.83
C40 17F HC . -8.27 -17.54 -23.74
C41 17F HC . -9.52 -18.14 -22.99
C42 17F HC . -10.93 -17.81 -23.52
N LEU A 3 -34.53 10.09 40.08
CA LEU A 3 -35.93 9.71 40.33
C LEU A 3 -36.36 8.64 39.35
N LYS A 4 -36.27 8.98 38.06
CA LYS A 4 -36.65 8.07 36.99
C LYS A 4 -35.78 6.82 37.04
N LEU A 5 -34.47 7.03 37.19
CA LEU A 5 -33.52 5.93 37.25
C LEU A 5 -33.45 5.31 38.64
N LEU A 6 -34.32 5.76 39.54
CA LEU A 6 -34.35 5.23 40.89
C LEU A 6 -35.47 4.21 41.04
N ASP A 7 -36.68 4.62 40.64
CA ASP A 7 -37.83 3.73 40.74
C ASP A 7 -37.80 2.67 39.65
N ASN A 8 -37.49 3.10 38.42
CA ASN A 8 -37.44 2.18 37.29
C ASN A 8 -36.30 1.17 37.43
N TRP A 9 -35.25 1.54 38.15
CA TRP A 9 -34.14 0.63 38.35
C TRP A 9 -34.56 -0.48 39.30
N ASP A 10 -35.48 -0.15 40.20
CA ASP A 10 -35.97 -1.11 41.18
C ASP A 10 -36.80 -2.16 40.45
N SER A 11 -37.56 -1.73 39.45
CA SER A 11 -38.39 -2.64 38.67
C SER A 11 -37.52 -3.66 37.95
N VAL A 12 -36.34 -3.21 37.52
CA VAL A 12 -35.40 -4.08 36.83
C VAL A 12 -34.75 -5.02 37.85
N THR A 13 -34.38 -4.46 38.99
CA THR A 13 -33.76 -5.24 40.06
C THR A 13 -34.69 -6.32 40.60
N SER A 14 -35.96 -5.98 40.80
CA SER A 14 -36.92 -6.94 41.31
C SER A 14 -37.12 -8.06 40.30
N THR A 15 -37.14 -7.69 39.02
CA THR A 15 -37.29 -8.66 37.96
C THR A 15 -36.04 -9.56 37.90
N PHE A 16 -34.90 -8.98 38.25
CA PHE A 16 -33.64 -9.73 38.27
C PHE A 16 -33.71 -10.85 39.29
N SER A 17 -34.25 -10.54 40.47
CA SER A 17 -34.39 -11.53 41.50
C SER A 17 -35.46 -12.53 41.10
N LYS A 18 -36.53 -12.04 40.46
CA LYS A 18 -37.60 -12.91 39.99
C LYS A 18 -37.05 -13.87 38.95
N LEU A 19 -36.07 -13.39 38.19
CA LEU A 19 -35.40 -14.20 37.19
C LEU A 19 -34.59 -15.27 37.89
N ARG A 20 -33.85 -14.87 38.93
CA ARG A 20 -33.03 -15.80 39.69
C ARG A 20 -33.91 -16.83 40.40
N GLU A 21 -35.07 -16.39 40.88
CA GLU A 21 -36.01 -17.28 41.57
C GLU A 21 -36.47 -18.38 40.65
N GLN A 22 -36.44 -18.11 39.34
CA GLN A 22 -36.83 -19.09 38.34
C GLN A 22 -35.60 -19.81 37.83
N LEU A 23 -34.49 -19.07 37.72
CA LEU A 23 -33.24 -19.63 37.24
C LEU A 23 -32.72 -20.72 38.16
N GLY A 24 -32.99 -20.59 39.46
CA GLY A 24 -32.56 -21.59 40.42
C GLY A 24 -33.08 -22.96 40.05
N PRO A 25 -34.41 -23.17 40.14
CA PRO A 25 -35.03 -24.44 39.76
C PRO A 25 -34.72 -24.78 38.30
N VAL A 26 -34.69 -23.75 37.44
CA VAL A 26 -34.40 -23.94 36.02
C VAL A 26 -33.05 -24.63 35.82
N THR A 27 -32.05 -24.22 36.61
CA THR A 27 -30.73 -24.82 36.51
C THR A 27 -30.80 -26.30 36.87
N GLN A 28 -31.58 -26.61 37.91
CA GLN A 28 -31.75 -27.98 38.35
C GLN A 28 -32.55 -28.78 37.32
N GLU A 29 -33.60 -28.16 36.79
CA GLU A 29 -34.44 -28.80 35.78
C GLU A 29 -33.64 -29.01 34.50
N PHE A 30 -32.79 -28.05 34.19
CA PHE A 30 -31.94 -28.14 33.00
C PHE A 30 -30.98 -29.31 33.18
N TRP A 31 -30.29 -29.33 34.30
CA TRP A 31 -29.35 -30.42 34.59
C TRP A 31 -30.08 -31.75 34.68
N ASP A 32 -31.29 -31.73 35.23
CA ASP A 32 -32.11 -32.94 35.34
C ASP A 32 -32.30 -33.56 33.96
N ASN A 33 -32.76 -32.74 33.02
CA ASN A 33 -32.98 -33.18 31.65
C ASN A 33 -31.67 -33.50 30.96
N LEU A 34 -30.67 -32.65 31.16
CA LEU A 34 -29.36 -32.84 30.55
C LEU A 34 -28.71 -34.13 31.03
N GLU A 35 -28.88 -34.43 32.32
CA GLU A 35 -28.32 -35.64 32.89
C GLU A 35 -29.02 -36.87 32.32
N LYS A 36 -30.34 -36.79 32.17
CA LYS A 36 -31.10 -37.91 31.60
C LYS A 36 -30.67 -38.13 30.16
N GLU A 37 -30.39 -37.02 29.47
CA GLU A 37 -29.94 -37.06 28.10
C GLU A 37 -28.55 -37.68 28.03
N THR A 38 -27.64 -37.18 28.85
CA THR A 38 -26.28 -37.70 28.88
C THR A 38 -26.23 -39.12 29.44
N GLU A 39 -27.16 -39.44 30.33
CA GLU A 39 -27.24 -40.79 30.90
C GLU A 39 -27.50 -41.77 29.78
N GLY A 40 -28.51 -41.47 28.97
CA GLY A 40 -28.82 -42.30 27.84
C GLY A 40 -27.66 -42.27 26.86
N LEU A 41 -27.13 -41.07 26.65
CA LEU A 41 -25.99 -40.88 25.75
C LEU A 41 -24.76 -41.62 26.22
N ARG A 42 -24.70 -41.96 27.51
CA ARG A 42 -23.56 -42.72 28.04
C ARG A 42 -23.63 -44.13 27.51
N GLN A 43 -24.83 -44.71 27.54
CA GLN A 43 -25.04 -46.04 27.01
C GLN A 43 -24.91 -45.96 25.50
N GLU A 44 -25.38 -44.85 24.96
CA GLU A 44 -25.31 -44.58 23.53
C GLU A 44 -23.87 -44.53 23.07
N MET A 45 -23.06 -43.73 23.77
CA MET A 45 -21.64 -43.60 23.44
C MET A 45 -20.94 -44.94 23.57
N SER A 46 -21.38 -45.73 24.55
CA SER A 46 -20.82 -47.05 24.76
C SER A 46 -21.15 -47.94 23.57
N LYS A 47 -22.36 -47.77 23.04
CA LYS A 47 -22.81 -48.51 21.87
C LYS A 47 -22.08 -47.99 20.65
N ASP A 48 -22.05 -46.66 20.53
CA ASP A 48 -21.37 -45.99 19.42
C ASP A 48 -19.93 -46.48 19.33
N LEU A 49 -19.20 -46.33 20.41
CA LEU A 49 -17.80 -46.75 20.48
C LEU A 49 -17.66 -48.25 20.20
N GLU A 50 -18.55 -49.05 20.76
CA GLU A 50 -18.50 -50.49 20.59
C GLU A 50 -18.76 -50.88 19.14
N GLU A 51 -19.89 -50.45 18.61
CA GLU A 51 -20.27 -50.77 17.24
C GLU A 51 -19.31 -50.17 16.22
N VAL A 52 -18.66 -49.08 16.59
CA VAL A 52 -17.70 -48.43 15.71
C VAL A 52 -16.31 -49.07 15.81
N LYS A 53 -15.83 -49.28 17.03
CA LYS A 53 -14.49 -49.86 17.24
C LYS A 53 -14.44 -51.36 16.99
N ALA A 54 -15.41 -52.10 17.52
CA ALA A 54 -15.43 -53.55 17.33
C ALA A 54 -15.55 -53.88 15.86
N LYS A 55 -16.16 -52.98 15.10
CA LYS A 55 -16.33 -53.17 13.68
C LYS A 55 -15.33 -52.34 12.90
N VAL A 56 -14.54 -51.52 13.60
CA VAL A 56 -13.54 -50.70 12.94
C VAL A 56 -12.40 -51.57 12.46
N GLN A 57 -12.21 -52.70 13.15
CA GLN A 57 -11.17 -53.64 12.77
C GLN A 57 -11.43 -54.15 11.35
N PRO A 58 -12.59 -54.80 11.09
CA PRO A 58 -12.92 -55.28 9.74
C PRO A 58 -13.03 -54.12 8.75
N TYR A 59 -13.42 -52.94 9.24
CA TYR A 59 -13.53 -51.76 8.38
C TYR A 59 -12.15 -51.39 7.86
N LEU A 60 -11.19 -51.26 8.78
CA LEU A 60 -9.83 -50.92 8.42
C LEU A 60 -9.12 -52.09 7.76
N ASP A 61 -9.39 -53.29 8.25
CA ASP A 61 -8.79 -54.50 7.69
C ASP A 61 -9.16 -54.66 6.22
N ASP A 62 -10.44 -54.49 5.92
CA ASP A 62 -10.92 -54.59 4.55
C ASP A 62 -10.23 -53.54 3.69
N PHE A 63 -10.22 -52.31 4.19
CA PHE A 63 -9.60 -51.19 3.49
C PHE A 63 -8.10 -51.43 3.32
N GLN A 64 -7.46 -51.97 4.36
CA GLN A 64 -6.03 -52.27 4.33
C GLN A 64 -5.73 -53.39 3.35
N LYS A 65 -6.56 -54.42 3.35
CA LYS A 65 -6.40 -55.55 2.44
C LYS A 65 -6.48 -55.06 1.01
N LYS A 66 -7.47 -54.20 0.76
CA LYS A 66 -7.67 -53.63 -0.55
C LYS A 66 -6.54 -52.66 -0.90
N TRP A 67 -6.20 -51.79 0.05
CA TRP A 67 -5.12 -50.82 -0.16
C TRP A 67 -3.79 -51.53 -0.41
N GLN A 68 -3.60 -52.69 0.22
CA GLN A 68 -2.38 -53.46 0.02
C GLN A 68 -2.29 -53.84 -1.45
N GLU A 69 -3.40 -54.36 -1.98
CA GLU A 69 -3.46 -54.75 -3.38
C GLU A 69 -3.35 -53.50 -4.25
N GLU A 70 -4.06 -52.45 -3.84
CA GLU A 70 -4.05 -51.19 -4.57
C GLU A 70 -2.64 -50.65 -4.72
N MET A 71 -1.86 -50.73 -3.63
CA MET A 71 -0.49 -50.27 -3.64
C MET A 71 0.39 -51.19 -4.47
N GLU A 72 0.17 -52.50 -4.34
CA GLU A 72 0.93 -53.49 -5.09
C GLU A 72 0.66 -53.35 -6.59
N LEU A 73 -0.61 -53.25 -6.94
CA LEU A 73 -1.01 -53.09 -8.33
C LEU A 73 -0.51 -51.75 -8.85
N TYR A 74 -0.44 -50.77 -7.96
CA TYR A 74 0.05 -49.45 -8.33
C TYR A 74 1.53 -49.56 -8.67
N ARG A 75 2.28 -50.25 -7.81
CA ARG A 75 3.72 -50.46 -8.03
C ARG A 75 3.94 -51.25 -9.32
N GLN A 76 3.11 -52.28 -9.48
CA GLN A 76 3.17 -53.16 -10.65
C GLN A 76 2.93 -52.39 -11.95
N LYS A 77 2.23 -51.27 -11.85
CA LYS A 77 1.95 -50.45 -13.01
C LYS A 77 2.89 -49.26 -13.09
N VAL A 78 3.18 -48.64 -11.95
CA VAL A 78 4.05 -47.46 -11.88
C VAL A 78 5.43 -47.74 -12.49
N GLU A 79 6.00 -48.90 -12.22
CA GLU A 79 7.31 -49.25 -12.76
C GLU A 79 7.29 -49.24 -14.30
N PRO A 80 6.46 -50.08 -14.95
CA PRO A 80 6.34 -50.10 -16.41
C PRO A 80 5.82 -48.76 -16.92
N LEU A 81 5.03 -48.08 -16.09
CA LEU A 81 4.49 -46.78 -16.43
C LEU A 81 5.65 -45.82 -16.67
N ARG A 82 6.53 -45.75 -15.68
CA ARG A 82 7.70 -44.89 -15.76
C ARG A 82 8.65 -45.38 -16.86
N ALA A 83 8.74 -46.69 -17.02
CA ALA A 83 9.59 -47.27 -18.05
C ALA A 83 9.14 -46.79 -19.42
N GLU A 84 7.85 -46.98 -19.71
CA GLU A 84 7.29 -46.55 -20.99
C GLU A 84 7.34 -45.04 -21.12
N LEU A 85 7.07 -44.34 -20.02
CA LEU A 85 7.10 -42.89 -20.01
C LEU A 85 8.51 -42.39 -20.30
N GLN A 86 9.50 -42.98 -19.64
CA GLN A 86 10.89 -42.61 -19.85
C GLN A 86 11.32 -42.93 -21.26
N GLU A 87 11.02 -44.14 -21.72
CA GLU A 87 11.38 -44.56 -23.08
C GLU A 87 10.73 -43.64 -24.10
N GLY A 88 9.45 -43.36 -23.90
CA GLY A 88 8.73 -42.48 -24.80
C GLY A 88 9.29 -41.07 -24.73
N ALA A 89 9.55 -40.60 -23.51
CA ALA A 89 10.10 -39.27 -23.31
C ALA A 89 11.49 -39.19 -23.92
N ARG A 90 12.23 -40.28 -23.84
CA ARG A 90 13.57 -40.33 -24.40
C ARG A 90 13.51 -40.09 -25.91
N GLN A 91 12.60 -40.79 -26.57
CA GLN A 91 12.44 -40.65 -28.01
C GLN A 91 11.90 -39.26 -28.33
N LYS A 92 10.94 -38.81 -27.55
CA LYS A 92 10.34 -37.49 -27.73
C LYS A 92 11.37 -36.39 -27.52
N LEU A 93 12.15 -36.51 -26.45
CA LEU A 93 13.19 -35.53 -26.14
C LEU A 93 14.30 -35.61 -27.17
N HIS A 94 14.57 -36.82 -27.66
CA HIS A 94 15.60 -37.03 -28.66
C HIS A 94 15.25 -36.24 -29.91
N GLU A 95 14.09 -36.56 -30.48
CA GLU A 95 13.62 -35.91 -31.68
C GLU A 95 13.43 -34.41 -31.48
N LEU A 96 13.04 -34.02 -30.27
CA LEU A 96 12.84 -32.60 -29.95
C LEU A 96 14.16 -31.86 -29.84
N GLN A 97 15.06 -32.35 -28.99
CA GLN A 97 16.36 -31.71 -28.80
C GLN A 97 17.18 -31.71 -30.08
N GLU A 98 17.14 -32.83 -30.80
CA GLU A 98 17.89 -32.98 -32.04
C GLU A 98 17.28 -32.11 -33.14
N LYS A 99 16.09 -31.58 -32.88
CA LYS A 99 15.43 -30.70 -33.84
C LYS A 99 15.65 -29.26 -33.39
N LEU A 100 15.62 -29.05 -32.07
CA LEU A 100 15.82 -27.74 -31.49
C LEU A 100 17.25 -27.27 -31.72
N SER A 101 18.14 -28.20 -32.03
CA SER A 101 19.53 -27.85 -32.29
C SER A 101 19.68 -27.13 -33.64
N PRO A 102 19.35 -27.79 -34.78
CA PRO A 102 19.44 -27.15 -36.11
C PRO A 102 18.46 -25.99 -36.22
N LEU A 103 17.24 -26.18 -35.70
CA LEU A 103 16.23 -25.14 -35.74
C LEU A 103 16.60 -24.00 -34.81
N GLY A 104 17.38 -24.32 -33.78
CA GLY A 104 17.83 -23.32 -32.84
C GLY A 104 18.84 -22.41 -33.50
N GLU A 105 19.80 -23.02 -34.19
CA GLU A 105 20.81 -22.24 -34.90
C GLU A 105 20.16 -21.47 -36.03
N GLU A 106 19.15 -22.08 -36.62
CA GLU A 106 18.39 -21.45 -37.69
C GLU A 106 17.68 -20.23 -37.12
N MET A 107 17.07 -20.41 -35.95
CA MET A 107 16.37 -19.33 -35.28
C MET A 107 17.36 -18.23 -34.91
N ARG A 108 18.57 -18.64 -34.53
CA ARG A 108 19.62 -17.69 -34.18
C ARG A 108 20.02 -16.87 -35.39
N ASP A 109 20.14 -17.53 -36.55
CA ASP A 109 20.49 -16.83 -37.78
C ASP A 109 19.36 -15.91 -38.20
N ARG A 110 18.14 -16.38 -37.99
CA ARG A 110 16.97 -15.57 -38.30
C ARG A 110 16.93 -14.38 -37.36
N ALA A 111 17.33 -14.61 -36.11
CA ALA A 111 17.40 -13.57 -35.12
C ALA A 111 18.47 -12.57 -35.53
N ARG A 112 19.55 -13.09 -36.12
CA ARG A 112 20.64 -12.26 -36.61
C ARG A 112 20.08 -11.30 -37.64
N ALA A 113 19.44 -11.85 -38.68
CA ALA A 113 18.86 -11.02 -39.73
C ALA A 113 17.81 -10.08 -39.16
N HIS A 114 16.98 -10.63 -38.27
CA HIS A 114 15.91 -9.86 -37.62
C HIS A 114 16.48 -8.64 -36.88
N VAL A 115 17.44 -8.89 -36.01
CA VAL A 115 18.05 -7.85 -35.20
C VAL A 115 19.05 -7.00 -35.98
N ASP A 116 19.89 -7.62 -36.79
CA ASP A 116 20.89 -6.88 -37.58
C ASP A 116 20.20 -5.85 -38.46
N ALA A 117 19.14 -6.27 -39.14
CA ALA A 117 18.38 -5.38 -40.00
C ALA A 117 17.74 -4.29 -39.15
N LEU A 118 17.37 -4.63 -37.93
CA LEU A 118 16.77 -3.68 -37.01
C LEU A 118 17.83 -2.71 -36.48
N ARG A 119 19.03 -3.24 -36.27
CA ARG A 119 20.14 -2.42 -35.78
C ARG A 119 20.49 -1.35 -36.82
N THR A 120 20.62 -1.78 -38.07
CA THR A 120 20.94 -0.87 -39.15
C THR A 120 19.72 -0.01 -39.51
N HIS A 121 18.59 -0.35 -38.92
CA HIS A 121 17.36 0.40 -39.14
C HIS A 121 17.20 1.45 -38.05
N LEU A 122 17.45 1.03 -36.81
CA LEU A 122 17.35 1.92 -35.66
C LEU A 122 18.45 2.97 -35.67
N ALA A 123 19.62 2.63 -36.20
CA ALA A 123 20.74 3.57 -36.28
C ALA A 123 20.33 4.89 -36.94
N PRO A 124 19.86 4.87 -38.22
CA PRO A 124 19.41 6.09 -38.87
C PRO A 124 18.09 6.58 -38.27
N TYR A 125 17.23 5.64 -37.89
CA TYR A 125 15.94 5.99 -37.29
C TYR A 125 16.09 6.87 -36.07
N SER A 126 16.95 6.44 -35.15
CA SER A 126 17.20 7.18 -33.93
C SER A 126 17.89 8.50 -34.25
N ASP A 127 18.81 8.47 -35.19
CA ASP A 127 19.54 9.66 -35.60
C ASP A 127 18.57 10.68 -36.17
N GLU A 128 17.67 10.22 -37.02
CA GLU A 128 16.65 11.08 -37.59
C GLU A 128 15.74 11.57 -36.49
N LEU A 129 15.45 10.69 -35.53
CA LEU A 129 14.61 11.05 -34.39
C LEU A 129 15.30 12.12 -33.55
N ARG A 130 16.62 12.05 -33.47
CA ARG A 130 17.41 13.04 -32.74
C ARG A 130 17.19 14.40 -33.37
N GLN A 131 17.29 14.44 -34.70
CA GLN A 131 17.10 15.68 -35.44
C GLN A 131 15.67 16.16 -35.28
N ARG A 132 14.74 15.20 -35.23
CA ARG A 132 13.33 15.52 -35.05
C ARG A 132 13.11 16.12 -33.67
N LEU A 133 13.70 15.48 -32.66
CA LEU A 133 13.59 15.95 -31.29
C LEU A 133 14.25 17.32 -31.19
N ALA A 134 15.36 17.48 -31.91
CA ALA A 134 16.08 18.73 -31.93
C ALA A 134 15.19 19.82 -32.53
N ALA A 135 14.58 19.51 -33.67
CA ALA A 135 13.69 20.45 -34.35
C ALA A 135 12.49 20.75 -33.46
N ARG A 136 11.96 19.71 -32.82
CA ARG A 136 10.84 19.87 -31.91
C ARG A 136 11.23 20.83 -30.80
N LEU A 137 12.41 20.58 -30.22
CA LEU A 137 12.92 21.41 -29.15
C LEU A 137 13.23 22.82 -29.65
N GLU A 138 13.60 22.94 -30.93
CA GLU A 138 13.89 24.24 -31.51
C GLU A 138 12.61 25.06 -31.51
N ALA A 139 11.52 24.44 -31.94
CA ALA A 139 10.23 25.08 -31.95
C ALA A 139 9.78 25.31 -30.51
N LEU A 140 10.09 24.34 -29.65
CA LEU A 140 9.75 24.41 -28.23
C LEU A 140 10.53 25.52 -27.53
N LYS A 141 11.66 25.91 -28.10
CA LYS A 141 12.46 26.98 -27.53
C LYS A 141 11.70 28.29 -27.65
N GLU A 142 11.20 28.53 -28.86
CA GLU A 142 10.42 29.72 -29.13
C GLU A 142 9.05 29.60 -28.49
N ASN A 143 8.46 28.41 -28.62
CA ASN A 143 7.15 28.12 -28.06
C ASN A 143 7.17 28.27 -26.54
N GLY A 144 8.07 27.55 -25.90
CA GLY A 144 8.19 27.60 -24.46
C GLY A 144 8.65 28.96 -23.98
N GLY A 145 9.61 29.54 -24.70
CA GLY A 145 10.11 30.85 -24.34
C GLY A 145 9.02 31.89 -24.39
N ALA A 146 8.25 31.88 -25.47
CA ALA A 146 7.15 32.81 -25.62
C ALA A 146 6.08 32.51 -24.59
N ARG A 147 5.79 31.22 -24.40
CA ARG A 147 4.80 30.79 -23.43
C ARG A 147 5.14 31.33 -22.05
N LEU A 148 6.38 31.10 -21.63
CA LEU A 148 6.85 31.56 -20.33
C LEU A 148 6.79 33.08 -20.23
N ALA A 149 7.31 33.76 -21.25
CA ALA A 149 7.31 35.22 -21.27
C ALA A 149 5.88 35.74 -21.18
N GLU A 150 4.98 35.09 -21.92
CA GLU A 150 3.59 35.48 -21.92
C GLU A 150 2.93 35.12 -20.59
N TYR A 151 3.33 33.98 -20.02
CA TYR A 151 2.80 33.53 -18.75
C TYR A 151 3.14 34.53 -17.67
N HIS A 152 4.39 35.00 -17.68
CA HIS A 152 4.84 35.98 -16.70
C HIS A 152 4.09 37.30 -16.86
N ALA A 153 3.87 37.69 -18.11
CA ALA A 153 3.15 38.93 -18.42
C ALA A 153 1.69 38.83 -17.98
N LYS A 154 1.12 37.64 -18.12
CA LYS A 154 -0.26 37.42 -17.72
C LYS A 154 -0.33 37.24 -16.22
N ALA A 155 0.76 36.79 -15.62
CA ALA A 155 0.85 36.59 -14.18
C ALA A 155 0.76 37.93 -13.47
N THR A 156 1.47 38.93 -13.98
CA THR A 156 1.46 40.25 -13.39
C THR A 156 0.06 40.86 -13.49
N GLU A 157 -0.61 40.60 -14.61
CA GLU A 157 -1.97 41.08 -14.80
C GLU A 157 -2.91 40.36 -13.83
N HIS A 158 -2.69 39.06 -13.68
CA HIS A 158 -3.49 38.24 -12.78
C HIS A 158 -3.24 38.68 -11.34
N LEU A 159 -2.00 39.06 -11.04
CA LEU A 159 -1.63 39.52 -9.71
C LEU A 159 -2.27 40.88 -9.43
N SER A 160 -2.38 41.71 -10.46
CA SER A 160 -3.00 43.01 -10.33
C SER A 160 -4.48 42.85 -9.98
N THR A 161 -5.15 41.95 -10.68
CA THR A 161 -6.55 41.67 -10.41
C THR A 161 -6.68 40.98 -9.05
N LEU A 162 -5.66 40.20 -8.69
CA LEU A 162 -5.64 39.50 -7.42
C LEU A 162 -5.50 40.52 -6.29
N SER A 163 -4.72 41.57 -6.54
CA SER A 163 -4.52 42.63 -5.56
C SER A 163 -5.83 43.35 -5.30
N GLU A 164 -6.65 43.46 -6.34
CA GLU A 164 -7.96 44.10 -6.23
C GLU A 164 -8.87 43.26 -5.35
N LYS A 165 -8.44 42.04 -5.06
CA LYS A 165 -9.19 41.13 -4.21
C LYS A 165 -8.50 41.02 -2.85
N ALA A 166 -7.19 41.16 -2.85
CA ALA A 166 -6.39 41.07 -1.63
C ALA A 166 -6.45 42.36 -0.82
N LYS A 167 -6.79 43.47 -1.47
CA LYS A 167 -6.87 44.74 -0.78
C LYS A 167 -8.32 45.23 -0.63
N PRO A 168 -8.97 45.70 -1.72
CA PRO A 168 -10.36 46.20 -1.65
C PRO A 168 -11.33 45.15 -1.14
N ALA A 169 -11.35 43.99 -1.81
CA ALA A 169 -12.26 42.92 -1.42
C ALA A 169 -11.97 42.40 -0.02
N LEU A 170 -10.68 42.26 0.32
CA LEU A 170 -10.30 41.79 1.64
C LEU A 170 -10.66 42.79 2.72
N GLU A 171 -10.37 44.06 2.48
CA GLU A 171 -10.70 45.11 3.43
C GLU A 171 -12.21 45.16 3.63
N ASP A 172 -12.93 44.98 2.52
CA ASP A 172 -14.39 44.96 2.56
C ASP A 172 -14.85 43.78 3.40
N LEU A 173 -14.29 42.61 3.12
CA LEU A 173 -14.63 41.39 3.86
C LEU A 173 -14.37 41.59 5.34
N ARG A 174 -13.27 42.26 5.66
CA ARG A 174 -12.91 42.55 7.05
C ARG A 174 -13.94 43.49 7.66
N GLN A 175 -14.34 44.49 6.88
CA GLN A 175 -15.33 45.45 7.34
C GLN A 175 -16.72 44.83 7.44
N GLY A 176 -16.91 43.71 6.76
CA GLY A 176 -18.17 42.99 6.79
C GLY A 176 -18.14 42.00 7.95
N LEU A 177 -17.00 41.32 8.11
CA LEU A 177 -16.83 40.34 9.17
C LEU A 177 -17.04 40.94 10.56
N LEU A 178 -16.65 42.20 10.72
CA LEU A 178 -16.81 42.88 12.01
C LEU A 178 -18.27 42.89 12.48
N PRO A 179 -19.19 43.57 11.78
CA PRO A 179 -20.61 43.60 12.17
C PRO A 179 -21.23 42.20 12.16
N VAL A 180 -20.78 41.36 11.25
CA VAL A 180 -21.30 40.00 11.16
C VAL A 180 -20.90 39.22 12.41
N LEU A 181 -19.64 39.35 12.82
CA LEU A 181 -19.14 38.69 14.01
C LEU A 181 -19.85 39.21 15.25
N GLU A 182 -20.12 40.52 15.27
CA GLU A 182 -20.84 41.12 16.38
C GLU A 182 -22.23 40.52 16.49
N SER A 183 -22.89 40.39 15.36
CA SER A 183 -24.23 39.81 15.31
C SER A 183 -24.14 38.34 15.72
N PHE A 184 -23.08 37.68 15.28
CA PHE A 184 -22.84 36.28 15.61
C PHE A 184 -22.68 36.14 17.11
N LYS A 185 -21.92 37.06 17.71
CA LYS A 185 -21.70 37.07 19.15
C LYS A 185 -23.03 37.19 19.88
N VAL A 186 -23.81 38.19 19.49
CA VAL A 186 -25.11 38.44 20.10
C VAL A 186 -25.99 37.20 19.99
N SER A 187 -26.03 36.59 18.81
CA SER A 187 -26.83 35.40 18.57
C SER A 187 -26.33 34.21 19.40
N PHE A 188 -25.02 33.99 19.37
CA PHE A 188 -24.42 32.88 20.11
C PHE A 188 -24.56 33.06 21.61
N LEU A 189 -24.22 34.24 22.11
CA LEU A 189 -24.28 34.52 23.54
C LEU A 189 -25.68 34.33 24.10
N SER A 190 -26.68 34.74 23.34
CA SER A 190 -28.06 34.59 23.78
C SER A 190 -28.52 33.15 23.66
N ALA A 191 -28.21 32.51 22.53
CA ALA A 191 -28.59 31.12 22.28
C ALA A 191 -27.94 30.20 23.30
N LEU A 192 -26.71 30.51 23.68
CA LEU A 192 -25.98 29.69 24.65
C LEU A 192 -26.71 29.69 25.99
N GLU A 193 -27.36 30.80 26.31
CA GLU A 193 -28.10 30.91 27.56
C GLU A 193 -29.39 30.08 27.48
N GLU A 194 -30.03 30.09 26.31
CA GLU A 194 -31.24 29.33 26.11
C GLU A 194 -30.94 27.84 26.21
N TYR A 195 -29.72 27.47 25.80
CA TYR A 195 -29.27 26.09 25.84
C TYR A 195 -29.13 25.59 27.29
N THR A 196 -28.43 26.36 28.11
CA THR A 196 -28.22 26.00 29.50
C THR A 196 -29.52 26.06 30.28
N LYS A 197 -30.39 26.99 29.88
CA LYS A 197 -31.69 27.16 30.53
C LYS A 197 -32.69 26.11 30.07
N LYS A 198 -32.26 25.23 29.19
CA LYS A 198 -33.10 24.18 28.68
C LYS A 198 -32.68 22.80 29.19
N LEU A 199 -31.37 22.59 29.25
CA LEU A 199 -30.81 21.33 29.73
C LEU A 199 -31.01 21.17 31.23
N ASN A 200 -30.69 22.20 31.99
CA ASN A 200 -30.82 22.15 33.44
C ASN A 200 -29.65 21.40 34.04
N MET B 3 4.03 -11.60 5.87
CA MET B 3 5.32 -11.17 6.45
C MET B 3 5.19 -9.79 7.07
N THR B 4 6.11 -9.47 7.96
CA THR B 4 6.10 -8.17 8.62
C THR B 4 7.32 -7.38 8.19
N GLU B 5 7.11 -6.18 7.66
CA GLU B 5 8.21 -5.34 7.19
C GLU B 5 8.74 -4.45 8.32
N TYR B 6 10.05 -4.32 8.39
CA TYR B 6 10.71 -3.50 9.39
C TYR B 6 11.68 -2.53 8.74
N LYS B 7 11.60 -1.26 9.13
CA LYS B 7 12.46 -0.23 8.55
C LYS B 7 13.60 0.17 9.49
N LEU B 8 14.82 -0.16 9.09
CA LEU B 8 15.99 0.17 9.91
C LEU B 8 16.95 1.09 9.15
N VAL B 9 17.52 2.04 9.87
CA VAL B 9 18.47 2.99 9.27
C VAL B 9 19.76 3.01 10.09
N VAL B 10 20.91 2.97 9.42
CA VAL B 10 22.19 2.99 10.11
C VAL B 10 22.96 4.26 9.79
N VAL B 11 23.33 4.99 10.84
CA VAL B 11 24.09 6.23 10.70
C VAL B 11 25.38 6.14 11.50
N GLY B 12 26.29 7.08 11.26
CA GLY B 12 27.55 7.10 11.97
C GLY B 12 28.55 7.99 11.27
N ALA B 13 29.82 7.68 11.45
CA ALA B 13 30.88 8.45 10.81
C ALA B 13 31.20 7.88 9.43
N VAL B 14 32.20 8.44 8.78
CA VAL B 14 32.58 7.99 7.45
C VAL B 14 33.65 6.89 7.51
N GLY B 15 34.36 6.83 8.64
CA GLY B 15 35.42 5.83 8.78
C GLY B 15 34.94 4.50 9.32
N VAL B 16 33.72 4.48 9.84
CA VAL B 16 33.16 3.23 10.37
C VAL B 16 32.67 2.32 9.25
N GLY B 17 32.58 1.03 9.54
CA GLY B 17 32.14 0.07 8.57
C GLY B 17 30.64 0.04 8.38
N LYS B 18 30.07 1.21 8.08
CA LYS B 18 28.63 1.34 7.86
C LYS B 18 28.16 0.41 6.75
N SER B 19 28.81 0.50 5.60
CA SER B 19 28.45 -0.33 4.46
C SER B 19 28.98 -1.76 4.64
N ALA B 20 30.12 -1.89 5.31
CA ALA B 20 30.72 -3.20 5.54
C ALA B 20 29.79 -4.12 6.33
N LEU B 21 29.12 -3.58 7.33
CA LEU B 21 28.20 -4.35 8.15
C LEU B 21 27.00 -4.82 7.34
N THR B 22 26.39 -3.89 6.62
CA THR B 22 25.21 -4.20 5.82
C THR B 22 25.52 -5.20 4.70
N ILE B 23 26.59 -4.96 3.95
CA ILE B 23 26.95 -5.84 2.86
C ILE B 23 27.30 -7.24 3.37
N GLN B 24 27.88 -7.30 4.57
CA GLN B 24 28.25 -8.56 5.18
C GLN B 24 27.01 -9.31 5.67
N LEU B 25 26.02 -8.56 6.14
CA LEU B 25 24.78 -9.15 6.64
C LEU B 25 23.84 -9.55 5.51
N ILE B 26 23.85 -8.77 4.43
CA ILE B 26 22.97 -9.04 3.30
C ILE B 26 23.63 -9.96 2.27
N GLN B 27 24.60 -9.42 1.54
CA GLN B 27 25.29 -10.17 0.49
C GLN B 27 26.30 -11.17 1.06
N ASN B 28 26.55 -11.09 2.36
CA ASN B 28 27.50 -11.97 3.04
C ASN B 28 28.91 -11.78 2.50
N HIS B 29 29.21 -10.55 2.10
CA HIS B 29 30.52 -10.22 1.55
C HIS B 29 31.12 -9.05 2.30
N PHE B 30 32.38 -9.20 2.71
CA PHE B 30 33.06 -8.14 3.43
C PHE B 30 33.74 -7.21 2.44
N VAL B 31 33.57 -5.92 2.62
CA VAL B 31 34.17 -4.94 1.74
C VAL B 31 35.34 -4.23 2.42
N ASP B 32 36.53 -4.45 1.87
CA ASP B 32 37.74 -3.84 2.41
C ASP B 32 37.95 -2.48 1.77
N GLU B 33 37.22 -2.27 0.68
CA GLU B 33 37.27 -1.02 -0.06
C GLU B 33 36.41 0.04 0.61
N TYR B 34 36.79 1.30 0.45
CA TYR B 34 36.08 2.41 1.05
C TYR B 34 35.02 2.93 0.09
N ASP B 35 33.75 2.83 0.49
CA ASP B 35 32.65 3.30 -0.33
C ASP B 35 31.94 4.49 0.31
N PRO B 36 32.06 5.67 -0.31
CA PRO B 36 31.39 6.88 0.16
C PRO B 36 29.96 6.91 -0.33
N THR B 37 29.08 6.28 0.41
CA THR B 37 27.67 6.19 0.06
C THR B 37 26.87 7.41 0.51
N ILE B 38 25.94 7.81 -0.35
CA ILE B 38 25.05 8.92 -0.06
C ILE B 38 23.60 8.41 -0.12
N GLU B 39 23.40 7.39 -0.95
CA GLU B 39 22.10 6.76 -1.12
C GLU B 39 22.29 5.27 -1.35
N ASP B 40 21.67 4.45 -0.51
CA ASP B 40 21.78 3.00 -0.63
C ASP B 40 20.72 2.31 0.22
N SER B 41 20.28 1.13 -0.20
CA SER B 41 19.27 0.36 0.52
C SER B 41 19.32 -1.10 0.10
N TYR B 42 19.30 -2.00 1.07
CA TYR B 42 19.33 -3.42 0.80
C TYR B 42 18.13 -4.12 1.41
N ARG B 43 17.58 -5.08 0.66
CA ARG B 43 16.40 -5.80 1.12
C ARG B 43 16.73 -7.27 1.33
N LYS B 44 16.34 -7.79 2.50
CA LYS B 44 16.58 -9.19 2.82
C LYS B 44 15.55 -9.67 3.84
N GLN B 45 15.09 -10.90 3.67
CA GLN B 45 14.09 -11.48 4.58
C GLN B 45 14.79 -12.33 5.64
N VAL B 46 14.41 -12.15 6.89
CA VAL B 46 15.01 -12.91 7.99
C VAL B 46 13.95 -13.43 8.95
N VAL B 47 14.35 -14.37 9.79
CA VAL B 47 13.44 -14.94 10.78
C VAL B 47 13.91 -14.54 12.17
N ILE B 48 13.22 -13.60 12.79
CA ILE B 48 13.60 -13.12 14.10
C ILE B 48 12.55 -13.48 15.14
N ASP B 49 12.99 -14.14 16.20
CA ASP B 49 12.12 -14.54 17.30
C ASP B 49 10.96 -15.43 16.82
N GLY B 50 11.24 -16.29 15.84
CA GLY B 50 10.24 -17.21 15.33
C GLY B 50 9.28 -16.61 14.31
N GLU B 51 9.44 -15.34 13.99
CA GLU B 51 8.57 -14.69 13.02
C GLU B 51 9.31 -14.21 11.78
N THR B 52 8.71 -14.44 10.61
CA THR B 52 9.29 -14.04 9.34
C THR B 52 9.15 -12.53 9.15
N CYS B 53 10.28 -11.83 9.15
CA CYS B 53 10.26 -10.39 9.01
C CYS B 53 11.10 -9.95 7.81
N LEU B 54 10.66 -8.89 7.15
CA LEU B 54 11.37 -8.34 6.00
C LEU B 54 12.23 -7.16 6.45
N LEU B 55 13.47 -7.14 6.01
CA LEU B 55 14.38 -6.08 6.39
C LEU B 55 14.84 -5.26 5.20
N ASP B 56 14.79 -3.95 5.38
CA ASP B 56 15.23 -3.00 4.38
C ASP B 56 16.02 -1.92 5.12
N ILE B 57 17.32 -1.87 4.86
CA ILE B 57 18.18 -0.91 5.54
C ILE B 57 18.72 0.16 4.60
N LEU B 58 18.47 1.42 4.94
CA LEU B 58 18.94 2.54 4.14
C LEU B 58 20.31 3.02 4.64
N ASP B 59 21.24 3.19 3.71
CA ASP B 59 22.59 3.64 4.02
C ASP B 59 22.69 5.13 3.73
N THR B 60 22.52 5.94 4.76
CA THR B 60 22.57 7.39 4.64
C THR B 60 24.00 7.91 4.61
N ALA B 61 24.17 9.06 3.97
CA ALA B 61 25.49 9.69 3.86
C ALA B 61 25.97 10.15 5.25
N GLY B 62 27.28 10.09 5.46
CA GLY B 62 27.83 10.48 6.74
C GLY B 62 27.98 11.98 6.90
N GLN B 63 28.84 12.58 6.08
CA GLN B 63 29.08 14.02 6.15
C GLN B 63 28.06 14.80 5.33
N GLU B 64 26.99 15.24 5.98
CA GLU B 64 25.96 16.02 5.31
C GLU B 64 25.24 16.91 6.31
N GLU B 65 24.80 18.08 5.84
CA GLU B 65 24.09 19.03 6.67
C GLU B 65 22.58 18.88 6.49
N TYR B 66 21.90 19.99 6.26
CA TYR B 66 20.46 19.98 6.07
C TYR B 66 20.12 19.89 4.59
N SER B 67 19.26 18.94 4.26
CA SER B 67 18.83 18.75 2.88
C SER B 67 17.39 18.24 2.84
N ALA B 68 16.62 18.74 1.88
CA ALA B 68 15.22 18.34 1.73
C ALA B 68 15.10 16.83 1.48
N MET B 69 16.08 16.29 0.76
CA MET B 69 16.10 14.87 0.45
C MET B 69 16.28 14.02 1.70
N ARG B 70 17.26 14.39 2.52
CA ARG B 70 17.57 13.68 3.76
C ARG B 70 16.38 13.72 4.72
N ASP B 71 15.80 14.91 4.84
CA ASP B 71 14.65 15.11 5.72
C ASP B 71 13.47 14.27 5.24
N GLN B 72 13.39 14.08 3.93
CA GLN B 72 12.32 13.33 3.31
C GLN B 72 12.46 11.82 3.52
N TYR B 73 13.56 11.25 3.04
CA TYR B 73 13.76 9.81 3.13
C TYR B 73 13.78 9.25 4.55
N MET B 74 14.40 9.95 5.48
CA MET B 74 14.50 9.47 6.86
C MET B 74 13.18 9.52 7.62
N ARG B 75 12.14 10.06 6.98
CA ARG B 75 10.83 10.15 7.60
C ARG B 75 10.14 8.79 7.63
N THR B 76 10.51 7.91 6.70
CA THR B 76 9.92 6.58 6.62
C THR B 76 10.53 5.62 7.63
N GLY B 77 11.81 5.83 7.96
CA GLY B 77 12.50 4.97 8.89
C GLY B 77 11.84 4.90 10.26
N GLU B 78 11.86 3.71 10.87
CA GLU B 78 11.28 3.51 12.19
C GLU B 78 12.36 3.34 13.24
N GLY B 79 13.31 2.46 12.98
CA GLY B 79 14.39 2.23 13.91
C GLY B 79 15.70 2.81 13.42
N PHE B 80 16.35 3.58 14.27
CA PHE B 80 17.62 4.19 13.90
C PHE B 80 18.74 3.75 14.85
N LEU B 81 19.83 3.28 14.27
CA LEU B 81 20.98 2.81 15.04
C LEU B 81 22.02 3.92 15.19
N CYS B 82 22.49 4.10 16.42
CA CYS B 82 23.51 5.10 16.70
C CYS B 82 24.87 4.40 16.81
N VAL B 83 25.53 4.22 15.67
CA VAL B 83 26.81 3.53 15.63
C VAL B 83 27.96 4.51 15.85
N PHE B 84 28.88 4.14 16.74
CA PHE B 84 30.05 4.95 17.03
C PHE B 84 31.23 4.05 17.36
N ALA B 85 32.44 4.54 17.16
CA ALA B 85 33.63 3.77 17.44
C ALA B 85 34.14 4.08 18.83
N ILE B 86 34.41 3.05 19.63
CA ILE B 86 34.89 3.24 20.99
C ILE B 86 36.33 3.72 21.01
N ASN B 87 36.95 3.75 19.84
CA ASN B 87 38.33 4.20 19.69
C ASN B 87 38.37 5.62 19.15
N ASN B 88 37.19 6.22 19.02
CA ASN B 88 37.07 7.58 18.52
C ASN B 88 36.03 8.36 19.32
N THR B 89 36.50 9.30 20.11
CA THR B 89 35.62 10.11 20.95
C THR B 89 34.76 11.06 20.12
N LYS B 90 35.24 11.41 18.92
CA LYS B 90 34.50 12.31 18.04
C LYS B 90 33.13 11.72 17.72
N SER B 91 33.10 10.45 17.35
CA SER B 91 31.86 9.77 17.03
C SER B 91 31.00 9.59 18.28
N PHE B 92 31.66 9.45 19.42
CA PHE B 92 30.97 9.28 20.68
C PHE B 92 30.16 10.54 21.02
N GLU B 93 30.80 11.70 20.88
CA GLU B 93 30.16 12.96 21.16
C GLU B 93 29.16 13.31 20.06
N ASP B 94 29.36 12.74 18.88
CA ASP B 94 28.49 12.99 17.75
C ASP B 94 27.16 12.25 17.90
N ILE B 95 27.12 11.31 18.85
CA ILE B 95 25.91 10.55 19.12
C ILE B 95 24.82 11.51 19.55
N HIS B 96 25.21 12.53 20.31
CA HIS B 96 24.29 13.55 20.79
C HIS B 96 23.68 14.26 19.58
N HIS B 97 24.56 14.65 18.65
CA HIS B 97 24.16 15.35 17.43
C HIS B 97 23.26 14.46 16.56
N TYR B 98 23.62 13.20 16.45
CA TYR B 98 22.86 12.25 15.63
C TYR B 98 21.48 11.97 16.21
N ARG B 99 21.40 11.82 17.53
CA ARG B 99 20.13 11.53 18.20
C ARG B 99 19.12 12.66 18.01
N GLU B 100 19.56 13.89 18.27
CA GLU B 100 18.68 15.06 18.15
C GLU B 100 18.18 15.22 16.71
N GLN B 101 19.01 14.81 15.74
CA GLN B 101 18.61 14.89 14.33
C GLN B 101 17.44 13.95 14.06
N ILE B 102 17.52 12.74 14.60
CA ILE B 102 16.47 11.74 14.43
C ILE B 102 15.17 12.26 15.02
N LYS B 103 15.24 12.79 16.24
CA LYS B 103 14.08 13.34 16.92
C LYS B 103 13.45 14.45 16.11
N ARG B 104 14.29 15.32 15.55
CA ARG B 104 13.83 16.44 14.76
C ARG B 104 13.08 16.01 13.50
N VAL B 105 13.68 15.10 12.74
CA VAL B 105 13.06 14.64 11.49
C VAL B 105 11.83 13.76 11.72
N LYS B 106 11.82 13.04 12.83
CA LYS B 106 10.70 12.14 13.13
C LYS B 106 9.58 12.87 13.88
N ASP B 107 9.90 14.02 14.46
CA ASP B 107 8.93 14.82 15.22
C ASP B 107 8.48 14.07 16.47
N SER B 108 9.42 13.37 17.08
CA SER B 108 9.16 12.59 18.28
C SER B 108 10.45 12.39 19.08
N GLU B 109 10.32 12.40 20.39
CA GLU B 109 11.47 12.23 21.27
C GLU B 109 11.49 10.82 21.84
N ASP B 110 10.69 9.93 21.26
CA ASP B 110 10.61 8.55 21.73
C ASP B 110 10.84 7.55 20.61
N VAL B 111 11.58 7.98 19.59
CA VAL B 111 11.90 7.12 18.45
C VAL B 111 12.84 6.00 18.89
N PRO B 112 12.56 4.74 18.49
CA PRO B 112 13.39 3.58 18.84
C PRO B 112 14.82 3.73 18.34
N MET B 113 15.76 3.79 19.28
CA MET B 113 17.17 3.95 18.94
C MET B 113 18.00 2.99 19.77
N VAL B 114 19.15 2.57 19.23
CA VAL B 114 20.04 1.67 19.93
C VAL B 114 21.47 2.15 19.78
N LEU B 115 22.19 2.23 20.90
CA LEU B 115 23.58 2.66 20.88
C LEU B 115 24.48 1.51 20.47
N VAL B 116 25.25 1.72 19.40
CA VAL B 116 26.13 0.69 18.88
C VAL B 116 27.60 1.10 18.97
N GLY B 117 28.31 0.52 19.93
CA GLY B 117 29.72 0.83 20.08
C GLY B 117 30.55 -0.18 19.33
N ASN B 118 31.03 0.20 18.15
CA ASN B 118 31.81 -0.71 17.31
C ASN B 118 33.31 -0.60 17.56
N LYS B 119 34.05 -1.57 17.02
CA LYS B 119 35.51 -1.65 17.16
C LYS B 119 35.93 -1.89 18.60
N CYS B 120 35.18 -2.75 19.28
CA CYS B 120 35.45 -3.08 20.68
C CYS B 120 36.70 -3.95 20.82
N ASP B 121 37.09 -4.61 19.75
CA ASP B 121 38.26 -5.48 19.78
C ASP B 121 39.56 -4.71 19.57
N LEU B 122 39.45 -3.40 19.40
CA LEU B 122 40.62 -2.56 19.18
C LEU B 122 41.22 -2.10 20.51
N PRO B 123 42.54 -2.28 20.69
CA PRO B 123 43.23 -1.88 21.92
C PRO B 123 43.25 -0.37 22.12
N SER B 124 43.02 0.39 21.05
CA SER B 124 43.02 1.85 21.12
C SER B 124 41.68 2.39 21.65
N ARG B 125 41.11 1.71 22.63
CA ARG B 125 39.84 2.12 23.22
C ARG B 125 39.99 3.43 23.98
N THR B 126 39.20 4.42 23.60
CA THR B 126 39.23 5.72 24.26
C THR B 126 37.99 5.92 25.11
N VAL B 127 36.89 5.34 24.66
CA VAL B 127 35.62 5.46 25.36
C VAL B 127 35.35 4.20 26.17
N ASP B 128 35.06 4.38 27.45
CA ASP B 128 34.78 3.25 28.33
C ASP B 128 33.31 2.86 28.20
N THR B 129 33.02 1.58 28.45
CA THR B 129 31.67 1.05 28.37
C THR B 129 30.72 1.81 29.31
N LYS B 130 31.24 2.20 30.47
CA LYS B 130 30.44 2.93 31.45
C LYS B 130 29.99 4.28 30.92
N GLN B 131 30.89 4.96 30.22
CA GLN B 131 30.60 6.28 29.66
C GLN B 131 29.48 6.19 28.62
N ALA B 132 29.52 5.13 27.83
CA ALA B 132 28.52 4.90 26.80
C ALA B 132 27.20 4.46 27.41
N GLN B 133 27.27 3.54 28.36
CA GLN B 133 26.08 3.03 29.04
C GLN B 133 25.33 4.14 29.75
N ASP B 134 26.06 5.01 30.44
CA ASP B 134 25.47 6.11 31.16
C ASP B 134 24.73 7.05 30.22
N LEU B 135 25.33 7.30 29.07
CA LEU B 135 24.73 8.17 28.06
C LEU B 135 23.47 7.54 27.49
N ALA B 136 23.55 6.24 27.18
CA ALA B 136 22.41 5.51 26.65
C ALA B 136 21.29 5.44 27.67
N ARG B 137 21.68 5.33 28.94
CA ARG B 137 20.72 5.25 30.03
C ARG B 137 19.87 6.53 30.10
N SER B 138 20.53 7.67 29.96
CA SER B 138 19.84 8.95 30.01
C SER B 138 18.95 9.17 28.78
N TYR B 139 19.19 8.38 27.75
CA TYR B 139 18.42 8.49 26.51
C TYR B 139 17.31 7.45 26.48
N GLY B 140 17.33 6.53 27.44
CA GLY B 140 16.31 5.49 27.52
C GLY B 140 16.48 4.44 26.42
N ILE B 141 17.69 4.32 25.91
CA ILE B 141 17.98 3.37 24.84
C ILE B 141 19.03 2.36 25.30
N PRO B 142 19.04 1.16 24.69
CA PRO B 142 20.02 0.12 25.04
C PRO B 142 21.38 0.34 24.37
N PHE B 143 22.41 -0.29 24.91
CA PHE B 143 23.76 -0.17 24.35
C PHE B 143 24.44 -1.53 24.28
N ILE B 144 24.98 -1.85 23.11
CA ILE B 144 25.66 -3.13 22.90
C ILE B 144 27.02 -2.89 22.25
N GLU B 145 28.05 -3.58 22.75
CA GLU B 145 29.39 -3.46 22.18
C GLU B 145 29.47 -4.35 20.94
N THR B 146 29.97 -3.80 19.84
CA THR B 146 30.05 -4.55 18.60
C THR B 146 31.41 -4.43 17.94
N SER B 147 31.62 -5.28 16.94
CA SER B 147 32.86 -5.28 16.17
C SER B 147 32.59 -5.77 14.76
N ALA B 148 33.12 -5.07 13.78
CA ALA B 148 32.92 -5.45 12.38
C ALA B 148 33.95 -6.49 11.95
N LYS B 149 34.89 -6.79 12.83
CA LYS B 149 35.93 -7.76 12.53
C LYS B 149 35.57 -9.14 13.08
N THR B 150 35.34 -9.20 14.38
CA THR B 150 34.99 -10.46 15.04
C THR B 150 33.49 -10.71 15.05
N ARG B 151 32.73 -9.72 14.59
CA ARG B 151 31.27 -9.82 14.54
C ARG B 151 30.71 -10.10 15.94
N GLN B 152 30.94 -9.16 16.85
CA GLN B 152 30.47 -9.30 18.21
C GLN B 152 29.21 -8.47 18.42
N GLY B 153 28.12 -9.14 18.78
CA GLY B 153 26.86 -8.47 19.05
C GLY B 153 26.25 -7.74 17.86
N VAL B 154 26.81 -7.94 16.68
CA VAL B 154 26.30 -7.28 15.47
C VAL B 154 24.89 -7.75 15.18
N ASP B 155 24.69 -9.05 15.26
CA ASP B 155 23.38 -9.65 15.01
C ASP B 155 22.43 -9.29 16.14
N ASP B 156 22.96 -9.22 17.36
CA ASP B 156 22.16 -8.89 18.53
C ASP B 156 21.66 -7.45 18.47
N ALA B 157 22.52 -6.55 18.01
CA ALA B 157 22.17 -5.14 17.88
C ALA B 157 20.98 -4.97 16.93
N PHE B 158 21.07 -5.62 15.78
CA PHE B 158 20.00 -5.55 14.79
C PHE B 158 18.72 -6.18 15.33
N TYR B 159 18.88 -7.26 16.10
CA TYR B 159 17.74 -7.94 16.71
C TYR B 159 17.06 -7.03 17.73
N THR B 160 17.86 -6.41 18.58
CA THR B 160 17.36 -5.52 19.62
C THR B 160 16.62 -4.33 19.01
N LEU B 161 17.15 -3.77 17.92
CA LEU B 161 16.52 -2.64 17.25
C LEU B 161 15.10 -2.98 16.84
N VAL B 162 14.93 -4.15 16.23
CA VAL B 162 13.60 -4.60 15.80
C VAL B 162 12.69 -4.78 17.00
N ARG B 163 13.24 -5.28 18.09
CA ARG B 163 12.48 -5.50 19.31
C ARG B 163 12.03 -4.17 19.91
N GLU B 164 12.89 -3.17 19.86
CA GLU B 164 12.57 -1.84 20.38
C GLU B 164 11.35 -1.28 19.66
N ILE B 165 11.32 -1.46 18.35
CA ILE B 165 10.21 -0.99 17.53
C ILE B 165 8.93 -1.72 17.91
N ARG B 166 9.04 -3.03 18.13
CA ARG B 166 7.90 -3.85 18.52
C ARG B 166 7.28 -3.35 19.82
N LYS B 167 8.13 -3.08 20.81
CA LYS B 167 7.66 -2.59 22.10
C LYS B 167 7.09 -1.19 21.96
N HIS B 168 7.73 -0.40 21.09
CA HIS B 168 7.30 0.97 20.84
C HIS B 168 5.86 0.99 20.32
N LYS B 169 5.58 0.12 19.36
CA LYS B 169 4.23 0.05 18.78
C LYS B 169 3.25 -0.53 19.79
N GLU B 170 3.73 -1.41 20.66
CA GLU B 170 2.90 -2.01 21.68
C GLU B 170 2.45 -0.93 22.66
N LYS B 171 3.36 -0.03 23.00
CA LYS B 171 3.06 1.07 23.91
C LYS B 171 2.03 2.00 23.29
N MET B 172 2.17 2.25 21.99
CA MET B 172 1.27 3.12 21.27
C MET B 172 -0.14 2.52 21.21
N SER B 173 -0.21 1.20 21.12
CA SER B 173 -1.48 0.50 21.06
C SER B 173 -2.19 0.53 22.42
N LYS B 174 -1.42 0.75 23.47
CA LYS B 174 -1.96 0.81 24.82
C LYS B 174 -1.92 2.23 25.35
N ASP B 175 -1.66 3.18 24.46
CA ASP B 175 -1.57 4.59 24.84
C ASP B 175 -2.89 5.31 24.64
N GLY B 176 -3.15 6.30 25.50
CA GLY B 176 -4.37 7.05 25.40
C GLY B 176 -4.12 8.54 25.49
N LYS B 177 -5.05 9.25 26.11
CA LYS B 177 -4.93 10.69 26.25
C LYS B 177 -5.45 11.10 27.63
N LYS B 178 -4.66 11.91 28.33
CA LYS B 178 -5.04 12.39 29.68
C LYS B 178 -5.32 11.21 30.62
N LYS B 179 -6.24 11.41 31.56
CA LYS B 179 -6.61 10.35 32.50
C LYS B 179 -8.01 9.83 32.22
N LYS B 180 -8.25 8.58 32.59
CA LYS B 180 -9.53 7.93 32.36
C LYS B 180 -10.59 8.46 33.32
N LYS B 181 -11.81 8.53 32.83
CA LYS B 181 -12.94 8.99 33.62
C LYS B 181 -13.55 7.86 34.43
N LYS B 182 -13.58 8.04 35.75
CA LYS B 182 -14.13 7.03 36.65
C LYS B 182 -15.64 7.21 36.77
N SER B 183 -16.08 8.45 36.79
CA SER B 183 -17.50 8.75 36.90
C SER B 183 -18.14 8.87 35.52
N LYS B 184 -19.12 8.03 35.27
CA LYS B 184 -19.83 8.04 33.99
C LYS B 184 -20.88 9.15 33.97
N THR B 185 -21.57 9.31 35.10
CA THR B 185 -22.61 10.32 35.23
C THR B 185 -22.00 11.72 35.21
N LYS B 186 -22.69 12.65 34.58
CA LYS B 186 -22.21 14.02 34.51
C LYS B 186 -22.60 14.79 35.77
N CYS B 187 -21.60 15.18 36.55
CA CYS B 187 -21.82 15.91 37.79
C CYS B 187 -22.12 17.37 37.49
N LEU C 3 -29.69 42.62 4.71
CA LEU C 3 -28.41 42.03 5.06
C LEU C 3 -27.27 42.71 4.30
N LYS C 4 -26.04 42.34 4.63
CA LYS C 4 -24.88 42.94 3.98
C LYS C 4 -24.57 42.27 2.65
N LEU C 5 -25.57 41.61 2.09
CA LEU C 5 -25.44 40.93 0.81
C LEU C 5 -25.21 41.94 -0.31
N LEU C 6 -25.79 43.13 -0.14
CA LEU C 6 -25.68 44.20 -1.11
C LEU C 6 -24.22 44.59 -1.32
N ASP C 7 -23.47 44.64 -0.22
CA ASP C 7 -22.06 45.00 -0.27
C ASP C 7 -21.22 43.83 -0.74
N ASN C 8 -21.55 42.65 -0.24
CA ASN C 8 -20.83 41.44 -0.60
C ASN C 8 -20.93 41.17 -2.09
N TRP C 9 -22.15 41.20 -2.61
CA TRP C 9 -22.38 40.95 -4.03
C TRP C 9 -21.81 42.06 -4.89
N ASP C 10 -21.80 43.29 -4.37
CA ASP C 10 -21.25 44.43 -5.09
C ASP C 10 -19.78 44.20 -5.35
N SER C 11 -19.11 43.61 -4.37
CA SER C 11 -17.69 43.31 -4.50
C SER C 11 -17.50 42.15 -5.47
N VAL C 12 -18.48 41.25 -5.50
CA VAL C 12 -18.46 40.12 -6.40
C VAL C 12 -18.55 40.58 -7.84
N THR C 13 -19.49 41.48 -8.11
CA THR C 13 -19.66 42.02 -9.46
C THR C 13 -18.42 42.80 -9.88
N SER C 14 -17.86 43.56 -8.94
CA SER C 14 -16.66 44.35 -9.21
C SER C 14 -15.49 43.42 -9.55
N THR C 15 -15.31 42.38 -8.76
CA THR C 15 -14.22 41.44 -8.97
C THR C 15 -14.44 40.62 -10.25
N PHE C 16 -15.70 40.35 -10.55
CA PHE C 16 -16.06 39.60 -11.75
C PHE C 16 -15.76 40.45 -12.98
N SER C 17 -16.14 41.72 -12.93
CA SER C 17 -15.89 42.64 -14.02
C SER C 17 -14.39 42.83 -14.22
N LYS C 18 -13.66 42.98 -13.11
CA LYS C 18 -12.22 43.15 -13.16
C LYS C 18 -11.56 41.88 -13.68
N LEU C 19 -12.18 40.74 -13.41
CA LEU C 19 -11.67 39.46 -13.89
C LEU C 19 -11.85 39.42 -15.40
N ARG C 20 -13.00 39.91 -15.86
CA ARG C 20 -13.30 39.95 -17.29
C ARG C 20 -12.33 40.90 -17.98
N GLU C 21 -11.99 41.99 -17.28
CA GLU C 21 -11.06 42.99 -17.80
C GLU C 21 -9.73 42.34 -18.14
N GLN C 22 -9.31 41.41 -17.28
CA GLN C 22 -8.07 40.69 -17.46
C GLN C 22 -8.27 39.54 -18.44
N LEU C 23 -9.38 38.82 -18.29
CA LEU C 23 -9.70 37.68 -19.14
C LEU C 23 -9.63 38.03 -20.63
N GLY C 24 -10.07 39.23 -20.98
CA GLY C 24 -10.05 39.67 -22.36
C GLY C 24 -8.66 39.59 -22.97
N PRO C 25 -7.75 40.52 -22.61
CA PRO C 25 -6.37 40.54 -23.11
C PRO C 25 -5.63 39.24 -22.83
N VAL C 26 -5.89 38.63 -21.68
CA VAL C 26 -5.23 37.38 -21.31
C VAL C 26 -5.60 36.26 -22.29
N THR C 27 -6.89 36.08 -22.56
CA THR C 27 -7.34 35.06 -23.48
C THR C 27 -6.95 35.42 -24.91
N GLN C 28 -6.95 36.72 -25.21
CA GLN C 28 -6.56 37.19 -26.53
C GLN C 28 -5.10 36.88 -26.77
N GLU C 29 -4.26 37.23 -25.80
CA GLU C 29 -2.84 36.94 -25.88
C GLU C 29 -2.63 35.43 -25.86
N PHE C 30 -3.51 34.74 -25.14
CA PHE C 30 -3.45 33.29 -25.06
C PHE C 30 -3.74 32.71 -26.44
N TRP C 31 -4.68 33.31 -27.14
CA TRP C 31 -5.02 32.88 -28.50
C TRP C 31 -3.84 33.16 -29.40
N ASP C 32 -3.23 34.33 -29.21
CA ASP C 32 -2.05 34.72 -29.99
C ASP C 32 -0.90 33.78 -29.64
N ASN C 33 -0.88 33.32 -28.41
CA ASN C 33 0.14 32.38 -27.95
C ASN C 33 -0.13 31.04 -28.59
N LEU C 34 -1.42 30.70 -28.67
CA LEU C 34 -1.83 29.45 -29.30
C LEU C 34 -1.51 29.50 -30.79
N GLU C 35 -1.48 30.71 -31.34
CA GLU C 35 -1.13 30.90 -32.74
C GLU C 35 0.33 30.51 -32.93
N LYS C 36 1.15 30.79 -31.91
CA LYS C 36 2.55 30.44 -31.94
C LYS C 36 2.67 28.95 -31.65
N GLU C 37 1.84 28.47 -30.74
CA GLU C 37 1.79 27.07 -30.37
C GLU C 37 1.48 26.22 -31.59
N THR C 38 0.38 26.54 -32.25
CA THR C 38 -0.04 25.83 -33.44
C THR C 38 1.01 25.93 -34.53
N GLU C 39 1.60 27.11 -34.68
CA GLU C 39 2.65 27.31 -35.68
C GLU C 39 3.80 26.34 -35.43
N GLY C 40 4.25 26.30 -34.17
CA GLY C 40 5.33 25.41 -33.79
C GLY C 40 4.91 23.95 -33.90
N LEU C 41 3.73 23.64 -33.38
CA LEU C 41 3.21 22.28 -33.42
C LEU C 41 3.06 21.80 -34.85
N ARG C 42 2.56 22.68 -35.72
CA ARG C 42 2.39 22.33 -37.13
C ARG C 42 3.73 22.19 -37.80
N GLN C 43 4.69 23.01 -37.39
CA GLN C 43 6.04 22.95 -37.94
C GLN C 43 6.66 21.60 -37.58
N GLU C 44 6.46 21.18 -36.33
CA GLU C 44 6.95 19.90 -35.87
C GLU C 44 6.19 18.78 -36.55
N MET C 45 4.86 18.90 -36.52
CA MET C 45 3.97 17.89 -37.09
C MET C 45 4.14 17.70 -38.60
N SER C 46 4.31 18.78 -39.35
CA SER C 46 4.48 18.67 -40.80
C SER C 46 5.70 17.80 -41.11
N LYS C 47 6.81 18.11 -40.46
CA LYS C 47 8.02 17.36 -40.65
C LYS C 47 7.85 15.95 -40.09
N ASP C 48 7.24 15.87 -38.91
CA ASP C 48 7.00 14.60 -38.23
C ASP C 48 6.13 13.67 -39.08
N LEU C 49 4.94 14.13 -39.43
CA LEU C 49 3.99 13.34 -40.22
C LEU C 49 4.59 12.85 -41.52
N GLU C 50 5.27 13.75 -42.24
CA GLU C 50 5.89 13.38 -43.52
C GLU C 50 7.03 12.40 -43.30
N GLU C 51 7.88 12.68 -42.32
CA GLU C 51 8.99 11.79 -42.01
C GLU C 51 8.47 10.47 -41.47
N VAL C 52 7.30 10.50 -40.85
CA VAL C 52 6.67 9.31 -40.31
C VAL C 52 6.38 8.35 -41.46
N LYS C 53 5.86 8.87 -42.56
CA LYS C 53 5.57 8.05 -43.72
C LYS C 53 6.85 7.50 -44.32
N ALA C 54 7.89 8.33 -44.31
CA ALA C 54 9.20 7.93 -44.83
C ALA C 54 9.87 6.95 -43.88
N LYS C 55 9.30 6.78 -42.70
CA LYS C 55 9.82 5.86 -41.70
C LYS C 55 8.96 4.60 -41.64
N VAL C 56 7.66 4.77 -41.81
CA VAL C 56 6.73 3.65 -41.77
C VAL C 56 6.94 2.73 -42.96
N GLN C 57 7.20 3.30 -44.12
CA GLN C 57 7.44 2.52 -45.34
C GLN C 57 8.57 1.50 -45.14
N PRO C 58 9.81 1.96 -44.84
CA PRO C 58 10.94 1.05 -44.63
C PRO C 58 10.78 0.22 -43.37
N TYR C 59 9.90 0.66 -42.47
CA TYR C 59 9.66 -0.07 -41.22
C TYR C 59 8.73 -1.24 -41.49
N LEU C 60 7.64 -0.96 -42.21
CA LEU C 60 6.68 -2.00 -42.56
C LEU C 60 7.32 -2.98 -43.52
N ASP C 61 8.27 -2.48 -44.31
CA ASP C 61 9.00 -3.31 -45.26
C ASP C 61 9.96 -4.22 -44.50
N ASP C 62 10.70 -3.62 -43.56
CA ASP C 62 11.65 -4.35 -42.73
C ASP C 62 10.91 -5.37 -41.88
N PHE C 63 9.78 -4.94 -41.32
CA PHE C 63 8.96 -5.82 -40.51
C PHE C 63 8.34 -6.91 -41.38
N GLN C 64 8.01 -6.56 -42.62
CA GLN C 64 7.44 -7.52 -43.55
C GLN C 64 8.44 -8.62 -43.82
N LYS C 65 9.68 -8.22 -44.10
CA LYS C 65 10.76 -9.16 -44.36
C LYS C 65 10.97 -10.05 -43.15
N LYS C 66 10.99 -9.44 -41.97
CA LYS C 66 11.16 -10.18 -40.73
C LYS C 66 9.98 -11.11 -40.51
N TRP C 67 8.78 -10.62 -40.82
CA TRP C 67 7.57 -11.41 -40.66
C TRP C 67 7.57 -12.58 -41.64
N GLN C 68 8.22 -12.41 -42.78
CA GLN C 68 8.31 -13.49 -43.76
C GLN C 68 9.15 -14.62 -43.18
N GLU C 69 10.25 -14.24 -42.53
CA GLU C 69 11.14 -15.22 -41.90
C GLU C 69 10.43 -15.84 -40.71
N GLU C 70 9.71 -15.02 -39.96
CA GLU C 70 8.97 -15.47 -38.79
C GLU C 70 7.84 -16.41 -39.19
N MET C 71 7.03 -15.98 -40.17
CA MET C 71 5.91 -16.78 -40.66
C MET C 71 6.40 -18.10 -41.23
N GLU C 72 7.35 -18.03 -42.17
CA GLU C 72 7.89 -19.24 -42.77
C GLU C 72 8.55 -20.09 -41.71
N LEU C 73 9.24 -19.44 -40.78
CA LEU C 73 9.91 -20.11 -39.68
C LEU C 73 8.90 -20.91 -38.88
N TYR C 74 7.75 -20.32 -38.61
CA TYR C 74 6.69 -21.00 -37.88
C TYR C 74 6.17 -22.16 -38.72
N ARG C 75 6.06 -21.95 -40.02
CA ARG C 75 5.57 -22.98 -40.92
C ARG C 75 6.55 -24.14 -41.02
N GLN C 76 7.84 -23.81 -41.00
CA GLN C 76 8.89 -24.82 -41.11
C GLN C 76 9.36 -25.33 -39.75
N LYS C 77 8.69 -24.88 -38.69
CA LYS C 77 9.03 -25.31 -37.34
C LYS C 77 7.83 -25.89 -36.62
N VAL C 78 6.74 -25.13 -36.57
CA VAL C 78 5.52 -25.57 -35.91
C VAL C 78 4.90 -26.78 -36.63
N GLU C 79 4.94 -26.77 -37.96
CA GLU C 79 4.38 -27.88 -38.73
C GLU C 79 5.09 -29.21 -38.40
N PRO C 80 6.43 -29.30 -38.58
CA PRO C 80 7.17 -30.51 -38.24
C PRO C 80 7.07 -30.81 -36.74
N LEU C 81 6.97 -29.75 -35.93
CA LEU C 81 6.82 -29.91 -34.49
C LEU C 81 5.48 -30.55 -34.21
N ARG C 82 4.46 -30.15 -34.97
CA ARG C 82 3.12 -30.71 -34.81
C ARG C 82 3.14 -32.17 -35.22
N ALA C 83 4.00 -32.50 -36.18
CA ALA C 83 4.14 -33.88 -36.60
C ALA C 83 4.77 -34.69 -35.48
N GLU C 84 5.82 -34.11 -34.89
CA GLU C 84 6.50 -34.74 -33.76
C GLU C 84 5.56 -34.84 -32.57
N LEU C 85 4.79 -33.77 -32.37
CA LEU C 85 3.82 -33.72 -31.29
C LEU C 85 2.72 -34.74 -31.55
N GLN C 86 2.36 -34.90 -32.82
CA GLN C 86 1.34 -35.88 -33.20
C GLN C 86 1.83 -37.27 -32.84
N GLU C 87 3.07 -37.58 -33.20
CA GLU C 87 3.66 -38.86 -32.90
C GLU C 87 3.80 -39.02 -31.39
N GLY C 88 4.28 -37.96 -30.74
CA GLY C 88 4.44 -37.98 -29.31
C GLY C 88 3.11 -38.18 -28.60
N ALA C 89 2.08 -37.52 -29.11
CA ALA C 89 0.74 -37.63 -28.58
C ALA C 89 0.20 -39.02 -28.87
N ARG C 90 0.40 -39.48 -30.09
CA ARG C 90 -0.04 -40.81 -30.50
C ARG C 90 0.58 -41.86 -29.58
N GLN C 91 1.87 -41.71 -29.34
CA GLN C 91 2.59 -42.63 -28.48
C GLN C 91 2.00 -42.56 -27.07
N LYS C 92 1.83 -41.35 -26.57
CA LYS C 92 1.27 -41.14 -25.23
C LYS C 92 -0.16 -41.65 -25.17
N LEU C 93 -0.92 -41.41 -26.23
CA LEU C 93 -2.30 -41.87 -26.31
C LEU C 93 -2.35 -43.38 -26.30
N HIS C 94 -1.47 -44.01 -27.08
CA HIS C 94 -1.41 -45.46 -27.14
C HIS C 94 -1.02 -45.99 -25.76
N GLU C 95 -0.07 -45.30 -25.13
CA GLU C 95 0.36 -45.66 -23.79
C GLU C 95 -0.82 -45.55 -22.84
N LEU C 96 -1.51 -44.41 -22.92
CA LEU C 96 -2.68 -44.17 -22.09
C LEU C 96 -3.76 -45.22 -22.34
N GLN C 97 -3.96 -45.58 -23.59
CA GLN C 97 -4.95 -46.59 -23.94
C GLN C 97 -4.60 -47.94 -23.32
N GLU C 98 -3.31 -48.27 -23.30
CA GLU C 98 -2.85 -49.53 -22.74
C GLU C 98 -2.65 -49.42 -21.23
N LYS C 99 -2.93 -48.26 -20.67
CA LYS C 99 -2.76 -48.04 -19.24
C LYS C 99 -4.09 -47.70 -18.55
N LEU C 100 -4.85 -46.79 -19.15
CA LEU C 100 -6.13 -46.36 -18.60
C LEU C 100 -7.15 -47.48 -18.64
N SER C 101 -7.05 -48.36 -19.63
CA SER C 101 -7.98 -49.48 -19.74
C SER C 101 -7.79 -50.47 -18.57
N PRO C 102 -6.57 -51.04 -18.38
CA PRO C 102 -6.33 -51.96 -17.27
C PRO C 102 -6.53 -51.25 -15.94
N LEU C 103 -6.16 -49.97 -15.88
CA LEU C 103 -6.33 -49.18 -14.67
C LEU C 103 -7.80 -48.93 -14.43
N GLY C 104 -8.56 -48.75 -15.50
CA GLY C 104 -9.98 -48.54 -15.39
C GLY C 104 -10.66 -49.78 -14.85
N GLU C 105 -10.31 -50.93 -15.43
CA GLU C 105 -10.87 -52.20 -14.99
C GLU C 105 -10.46 -52.46 -13.55
N GLU C 106 -9.21 -52.10 -13.24
CA GLU C 106 -8.68 -52.25 -11.90
C GLU C 106 -9.44 -51.32 -10.95
N MET C 107 -9.62 -50.07 -11.39
CA MET C 107 -10.36 -49.08 -10.60
C MET C 107 -11.78 -49.55 -10.37
N ARG C 108 -12.34 -50.24 -11.36
CA ARG C 108 -13.68 -50.79 -11.24
C ARG C 108 -13.71 -51.82 -10.13
N ASP C 109 -12.74 -52.73 -10.17
CA ASP C 109 -12.64 -53.77 -9.16
C ASP C 109 -12.31 -53.15 -7.81
N ARG C 110 -11.47 -52.12 -7.82
CA ARG C 110 -11.11 -51.40 -6.61
C ARG C 110 -12.38 -50.80 -6.03
N ALA C 111 -13.15 -50.16 -6.90
CA ALA C 111 -14.40 -49.53 -6.52
C ALA C 111 -15.37 -50.58 -6.01
N ARG C 112 -15.45 -51.71 -6.70
CA ARG C 112 -16.32 -52.80 -6.29
C ARG C 112 -15.93 -53.27 -4.90
N ALA C 113 -14.64 -53.51 -4.72
CA ALA C 113 -14.10 -53.97 -3.45
C ALA C 113 -14.14 -52.87 -2.38
N HIS C 114 -14.55 -51.67 -2.76
CA HIS C 114 -14.65 -50.57 -1.82
C HIS C 114 -16.11 -50.24 -1.55
N VAL C 115 -16.87 -50.05 -2.62
CA VAL C 115 -18.28 -49.71 -2.53
C VAL C 115 -19.10 -50.89 -1.99
N ASP C 116 -18.85 -52.08 -2.52
CA ASP C 116 -19.56 -53.27 -2.05
C ASP C 116 -19.21 -53.54 -0.61
N ALA C 117 -17.94 -53.30 -0.27
CA ALA C 117 -17.49 -53.47 1.10
C ALA C 117 -18.19 -52.43 1.96
N LEU C 118 -18.25 -51.20 1.44
CA LEU C 118 -18.92 -50.11 2.13
C LEU C 118 -20.40 -50.41 2.28
N ARG C 119 -20.97 -51.12 1.32
CA ARG C 119 -22.37 -51.48 1.39
C ARG C 119 -22.63 -52.33 2.63
N THR C 120 -21.79 -53.34 2.82
CA THR C 120 -21.91 -54.23 3.97
C THR C 120 -21.25 -53.59 5.22
N HIS C 121 -20.86 -52.34 5.10
CA HIS C 121 -20.25 -51.62 6.21
C HIS C 121 -21.12 -50.44 6.62
N LEU C 122 -21.81 -49.87 5.65
CA LEU C 122 -22.69 -48.73 5.89
C LEU C 122 -24.11 -49.17 6.21
N ALA C 123 -24.59 -50.23 5.54
CA ALA C 123 -25.94 -50.74 5.80
C ALA C 123 -26.11 -51.12 7.27
N PRO C 124 -25.27 -52.02 7.82
CA PRO C 124 -25.38 -52.41 9.23
C PRO C 124 -25.11 -51.21 10.12
N TYR C 125 -24.21 -50.32 9.69
CA TYR C 125 -23.88 -49.13 10.46
C TYR C 125 -25.09 -48.20 10.54
N SER C 126 -25.80 -48.06 9.42
CA SER C 126 -26.98 -47.21 9.38
C SER C 126 -28.06 -47.84 10.24
N ASP C 127 -28.09 -49.17 10.24
CA ASP C 127 -29.06 -49.90 11.05
C ASP C 127 -28.74 -49.68 12.52
N GLU C 128 -27.44 -49.65 12.83
CA GLU C 128 -26.99 -49.40 14.18
C GLU C 128 -27.32 -47.96 14.53
N LEU C 129 -27.15 -47.07 13.55
CA LEU C 129 -27.46 -45.67 13.73
C LEU C 129 -28.95 -45.51 13.99
N ARG C 130 -29.74 -46.41 13.40
CA ARG C 130 -31.18 -46.40 13.60
C ARG C 130 -31.48 -46.67 15.06
N GLN C 131 -30.75 -47.62 15.64
CA GLN C 131 -30.90 -47.98 17.05
C GLN C 131 -30.45 -46.81 17.93
N ARG C 132 -29.28 -46.27 17.62
CA ARG C 132 -28.73 -45.16 18.37
C ARG C 132 -29.63 -43.94 18.25
N LEU C 133 -30.04 -43.61 17.04
CA LEU C 133 -30.92 -42.46 16.82
C LEU C 133 -32.27 -42.70 17.46
N ALA C 134 -32.67 -43.96 17.56
CA ALA C 134 -33.95 -44.30 18.18
C ALA C 134 -33.90 -43.97 19.67
N ALA C 135 -32.79 -44.32 20.30
CA ALA C 135 -32.60 -44.03 21.71
C ALA C 135 -32.44 -42.54 21.92
N ARG C 136 -31.68 -41.92 21.02
CA ARG C 136 -31.44 -40.49 21.06
C ARG C 136 -32.76 -39.73 20.92
N LEU C 137 -33.57 -40.15 19.95
CA LEU C 137 -34.87 -39.54 19.71
C LEU C 137 -35.78 -39.78 20.91
N GLU C 138 -35.62 -40.95 21.52
CA GLU C 138 -36.41 -41.28 22.70
C GLU C 138 -36.07 -40.31 23.82
N ALA C 139 -34.78 -40.12 24.06
CA ALA C 139 -34.33 -39.20 25.09
C ALA C 139 -34.80 -37.79 24.76
N LEU C 140 -34.69 -37.41 23.49
CA LEU C 140 -35.12 -36.09 23.04
C LEU C 140 -36.62 -35.91 23.22
N LYS C 141 -37.37 -37.00 23.19
CA LYS C 141 -38.82 -36.96 23.36
C LYS C 141 -39.19 -37.03 24.83
N GLU C 142 -38.47 -37.85 25.58
CA GLU C 142 -38.72 -38.00 27.01
C GLU C 142 -38.37 -36.70 27.72
N ASN C 143 -37.16 -36.23 27.47
CA ASN C 143 -36.68 -34.98 28.05
C ASN C 143 -37.38 -33.83 27.37
N GLY C 144 -37.72 -34.03 26.10
CA GLY C 144 -38.42 -33.00 25.35
C GLY C 144 -39.79 -32.75 25.92
N GLY C 145 -40.51 -33.83 26.23
CA GLY C 145 -41.82 -33.71 26.82
C GLY C 145 -41.75 -33.00 28.15
N ALA C 146 -40.76 -33.35 28.94
CA ALA C 146 -40.55 -32.71 30.23
C ALA C 146 -40.24 -31.23 30.01
N ARG C 147 -39.33 -30.97 29.07
CA ARG C 147 -38.95 -29.60 28.73
C ARG C 147 -40.17 -28.78 28.32
N LEU C 148 -41.00 -29.35 27.45
CA LEU C 148 -42.21 -28.67 26.97
C LEU C 148 -43.14 -28.31 28.13
N ALA C 149 -43.23 -29.20 29.10
CA ALA C 149 -44.08 -28.98 30.27
C ALA C 149 -43.43 -27.98 31.23
N GLU C 150 -42.17 -28.23 31.55
CA GLU C 150 -41.42 -27.37 32.45
C GLU C 150 -41.28 -25.96 31.89
N TYR C 151 -41.08 -25.86 30.58
CA TYR C 151 -40.95 -24.56 29.92
C TYR C 151 -42.25 -23.78 30.05
N HIS C 152 -43.38 -24.47 29.89
CA HIS C 152 -44.69 -23.84 30.00
C HIS C 152 -44.92 -23.40 31.44
N ALA C 153 -44.44 -24.21 32.38
CA ALA C 153 -44.58 -23.90 33.79
C ALA C 153 -43.77 -22.64 34.09
N LYS C 154 -42.53 -22.63 33.62
CA LYS C 154 -41.64 -21.49 33.81
C LYS C 154 -42.16 -20.27 33.06
N ALA C 155 -42.81 -20.50 31.93
CA ALA C 155 -43.39 -19.43 31.14
C ALA C 155 -44.51 -18.80 31.95
N THR C 156 -45.32 -19.64 32.57
CA THR C 156 -46.40 -19.18 33.43
C THR C 156 -45.82 -18.39 34.59
N GLU C 157 -44.79 -18.96 35.22
CA GLU C 157 -44.11 -18.31 36.33
C GLU C 157 -43.56 -16.96 35.88
N HIS C 158 -43.08 -16.92 34.65
CA HIS C 158 -42.53 -15.71 34.06
C HIS C 158 -43.64 -14.71 33.78
N LEU C 159 -44.78 -15.18 33.30
CA LEU C 159 -45.91 -14.33 33.00
C LEU C 159 -46.46 -13.71 34.29
N SER C 160 -46.54 -14.54 35.33
CA SER C 160 -47.02 -14.09 36.62
C SER C 160 -46.07 -13.08 37.26
N THR C 161 -44.80 -13.16 36.89
CA THR C 161 -43.81 -12.25 37.44
C THR C 161 -43.63 -11.01 36.55
N LEU C 162 -43.99 -11.15 35.29
CA LEU C 162 -43.89 -10.03 34.35
C LEU C 162 -45.10 -9.12 34.48
N SER C 163 -46.26 -9.70 34.80
CA SER C 163 -47.48 -8.93 34.96
C SER C 163 -47.36 -7.90 36.07
N GLU C 164 -46.49 -8.19 37.04
CA GLU C 164 -46.25 -7.29 38.16
C GLU C 164 -45.64 -5.98 37.66
N LYS C 165 -44.99 -6.06 36.51
CA LYS C 165 -44.36 -4.91 35.89
C LYS C 165 -45.18 -4.43 34.69
N ALA C 166 -45.92 -5.36 34.10
CA ALA C 166 -46.76 -5.05 32.93
C ALA C 166 -48.03 -4.31 33.33
N LYS C 167 -48.45 -4.44 34.58
CA LYS C 167 -49.66 -3.76 35.05
C LYS C 167 -49.33 -2.68 36.09
N PRO C 168 -48.93 -3.05 37.33
CA PRO C 168 -48.61 -2.06 38.38
C PRO C 168 -47.48 -1.12 37.97
N ALA C 169 -46.34 -1.68 37.56
CA ALA C 169 -45.20 -0.88 37.15
C ALA C 169 -45.52 -0.03 35.93
N LEU C 170 -46.34 -0.56 35.02
CA LEU C 170 -46.71 0.18 33.83
C LEU C 170 -47.57 1.38 34.22
N GLU C 171 -48.47 1.16 35.17
CA GLU C 171 -49.32 2.22 35.67
C GLU C 171 -48.47 3.28 36.34
N ASP C 172 -47.41 2.83 37.02
CA ASP C 172 -46.49 3.73 37.69
C ASP C 172 -45.72 4.52 36.64
N LEU C 173 -45.32 3.83 35.57
CA LEU C 173 -44.60 4.46 34.47
C LEU C 173 -45.47 5.52 33.82
N ARG C 174 -46.75 5.20 33.65
CA ARG C 174 -47.70 6.16 33.07
C ARG C 174 -47.88 7.32 34.03
N GLN C 175 -47.89 6.99 35.32
CA GLN C 175 -48.03 7.99 36.36
C GLN C 175 -46.81 8.89 36.41
N GLY C 176 -45.70 8.40 35.87
CA GLY C 176 -44.47 9.16 35.80
C GLY C 176 -44.49 9.99 34.53
N LEU C 177 -44.92 9.36 33.44
CA LEU C 177 -45.01 10.02 32.14
C LEU C 177 -45.94 11.24 32.19
N LEU C 178 -47.02 11.15 32.96
CA LEU C 178 -47.97 12.26 33.08
C LEU C 178 -47.28 13.57 33.48
N PRO C 179 -46.67 13.66 34.68
CA PRO C 179 -45.98 14.88 35.10
C PRO C 179 -44.73 15.13 34.25
N VAL C 180 -44.13 14.06 33.74
CA VAL C 180 -42.93 14.18 32.91
C VAL C 180 -43.26 14.91 31.61
N LEU C 181 -44.35 14.51 30.96
CA LEU C 181 -44.78 15.16 29.73
C LEU C 181 -45.16 16.60 30.02
N GLU C 182 -45.75 16.83 31.18
CA GLU C 182 -46.16 18.17 31.58
C GLU C 182 -44.94 19.05 31.84
N SER C 183 -43.98 18.53 32.62
CA SER C 183 -42.77 19.29 32.93
C SER C 183 -41.97 19.56 31.66
N PHE C 184 -41.90 18.54 30.80
CA PHE C 184 -41.17 18.67 29.54
C PHE C 184 -41.89 19.65 28.63
N LYS C 185 -43.22 19.68 28.73
CA LYS C 185 -44.04 20.58 27.94
C LYS C 185 -43.69 22.02 28.31
N VAL C 186 -43.50 22.26 29.60
CA VAL C 186 -43.14 23.60 30.10
C VAL C 186 -41.80 23.99 29.49
N SER C 187 -40.88 23.02 29.43
CA SER C 187 -39.57 23.26 28.86
C SER C 187 -39.68 23.54 27.37
N PHE C 188 -40.50 22.75 26.68
CA PHE C 188 -40.70 22.92 25.24
C PHE C 188 -41.41 24.23 24.94
N LEU C 189 -42.46 24.53 25.69
CA LEU C 189 -43.22 25.77 25.48
C LEU C 189 -42.33 26.98 25.63
N SER C 190 -41.50 27.00 26.66
CA SER C 190 -40.60 28.11 26.88
C SER C 190 -39.53 28.15 25.78
N ALA C 191 -39.03 26.97 25.42
CA ALA C 191 -38.00 26.86 24.41
C ALA C 191 -38.51 27.36 23.06
N LEU C 192 -39.71 26.94 22.69
CA LEU C 192 -40.32 27.34 21.43
C LEU C 192 -40.42 28.86 21.33
N GLU C 193 -40.57 29.51 22.46
CA GLU C 193 -40.67 30.95 22.51
C GLU C 193 -39.28 31.58 22.53
N GLU C 194 -38.43 31.08 23.43
CA GLU C 194 -37.08 31.58 23.60
C GLU C 194 -36.25 31.45 22.32
N TYR C 195 -36.30 30.28 21.70
CA TYR C 195 -35.54 30.04 20.46
C TYR C 195 -36.05 30.92 19.33
N THR C 196 -37.36 31.06 19.23
CA THR C 196 -37.97 31.89 18.18
C THR C 196 -37.63 33.37 18.38
N LYS C 197 -37.44 33.77 19.63
CA LYS C 197 -37.11 35.15 19.95
C LYS C 197 -35.76 35.55 19.35
N LYS C 198 -34.94 34.55 19.05
CA LYS C 198 -33.63 34.78 18.46
C LYS C 198 -33.65 34.53 16.96
N LEU C 199 -34.57 33.67 16.54
CA LEU C 199 -34.69 33.35 15.12
C LEU C 199 -35.86 34.08 14.48
N ASN C 200 -36.07 35.32 14.90
CA ASN C 200 -37.15 36.14 14.38
C ASN C 200 -36.62 37.51 13.98
C1 PCW D . 4.78 19.24 -4.89
C2 PCW D . 3.55 20.23 -4.74
C3 PCW D . 3.31 20.98 -6.09
C4 PCW D . 8.14 17.17 -2.15
C5 PCW D . 9.10 17.38 -0.99
C6 PCW D . 11.27 16.56 0.07
C7 PCW D . 11.25 17.36 -2.24
C8 PCW D . 10.89 18.32 -0.71
C11 PCW D . 2.43 23.21 -6.09
C12 PCW D . 1.14 23.97 -5.90
C13 PCW D . 1.18 24.64 -4.47
C14 PCW D . -0.06 25.45 -4.11
C15 PCW D . 0.16 26.61 -3.09
C16 PCW D . -0.48 27.95 -3.60
C17 PCW D . -2.00 28.17 -3.29
C18 PCW D . -2.74 28.96 -4.38
C19 PCW D . -2.78 28.23 -5.74
C20 PCW D . -3.66 27.19 -6.00
C21 PCW D . -4.70 26.53 -5.17
C22 PCW D . -6.07 27.17 -5.55
C23 PCW D . -7.03 26.32 -6.43
C24 PCW D . -7.22 26.77 -7.84
C25 PCW D . -7.80 28.19 -8.16
C26 PCW D . -7.95 28.55 -9.63
C27 PCW D . -9.37 28.86 -10.14
C28 PCW D . -9.59 30.36 -10.17
C31 PCW D . 1.69 19.86 -3.31
C32 PCW D . 0.46 18.97 -3.11
C33 PCW D . -0.96 19.71 -3.29
C34 PCW D . -2.13 18.75 -3.48
C35 PCW D . -3.09 19.45 -4.52
C36 PCW D . -4.02 20.48 -3.84
C37 PCW D . -4.99 21.23 -4.81
C38 PCW D . -6.42 20.95 -4.49
C39 PCW D . -7.38 21.67 -5.40
C40 PCW D . -7.66 21.35 -6.66
C41 PCW D . -7.05 20.18 -7.40
C42 PCW D . -7.47 20.28 -8.93
C43 PCW D . -8.21 19.12 -9.55
C44 PCW D . -8.49 19.47 -11.00
C45 PCW D . -9.90 19.22 -11.47
C46 PCW D . -10.60 20.47 -11.91
C47 PCW D . -12.10 20.52 -11.70
C48 PCW D . -12.67 21.86 -12.20
N PCW D . 10.47 16.94 -1.10
O2 PCW D . 2.33 19.45 -4.41
O3 PCW D . 2.20 21.88 -5.94
O11 PCW D . 3.50 23.71 -6.33
O31 PCW D . 2.05 20.81 -2.56
O1P PCW D . 7.57 18.23 -4.79
O2P PCW D . 7.50 20.41 -3.57
O3P PCW D . 5.42 18.90 -3.64
O4P PCW D . 7.36 18.39 -2.29
P PCW D . 7.02 19.01 -3.62
C1 PCW E . 10.92 -33.83 -2.74
C2 PCW E . 9.73 -33.64 -3.76
C3 PCW E . 8.87 -34.95 -3.81
C4 PCW E . 9.14 -30.88 0.65
C5 PCW E . 7.67 -31.22 0.88
C6 PCW E . 5.99 -30.11 2.43
C7 PCW E . 6.12 -29.46 0.08
C8 PCW E . 5.63 -31.09 0.76
C11 PCW E . 6.52 -34.71 -4.21
C12 PCW E . 5.54 -34.56 -5.34
C13 PCW E . 5.22 -35.98 -5.93
C14 PCW E . 4.23 -36.01 -7.09
C15 PCW E . 2.84 -35.36 -6.83
C16 PCW E . 1.72 -36.46 -6.69
C17 PCW E . 1.15 -37.11 -8.00
C18 PCW E . 0.01 -36.30 -8.63
C19 PCW E . -1.16 -37.19 -9.12
C20 PCW E . -2.40 -36.67 -9.47
C21 PCW E . -2.94 -35.29 -9.47
C22 PCW E . -3.51 -35.03 -10.90
C23 PCW E . -3.99 -33.59 -11.23
C24 PCW E . -4.35 -33.32 -12.66
C25 PCW E . -5.70 -33.79 -13.25
C26 PCW E . -6.83 -32.78 -13.29
C27 PCW E . -7.97 -32.99 -14.29
C28 PCW E . -7.48 -32.71 -15.70
C31 PCW E . 8.74 -31.52 -4.14
C32 PCW E . 7.81 -30.48 -3.51
C33 PCW E . 6.38 -30.34 -4.20
C34 PCW E . 6.44 -29.77 -5.62
C35 PCW E . 5.23 -30.45 -6.40
C36 PCW E . 4.88 -29.71 -7.70
C37 PCW E . 3.69 -30.32 -8.52
C38 PCW E . 3.23 -29.37 -9.59
C39 PCW E . 2.09 -29.92 -10.40
C40 PCW E . 1.50 -29.35 -11.44
C41 PCW E . 1.90 -28.00 -12.01
C42 PCW E . 2.65 -28.24 -13.39
C43 PCW E . 1.93 -27.90 -14.67
C44 PCW E . 2.88 -28.22 -15.82
C45 PCW E . 2.59 -27.50 -17.11
C46 PCW E . 1.85 -28.34 -18.11
C47 PCW E . 0.34 -28.25 -18.07
C48 PCW E . -0.29 -29.15 -19.14
N PCW E . 6.75 -30.18 1.17
O2 PCW E . 8.84 -32.54 -3.29
O3 PCW E . 7.78 -34.78 -4.72
O11 PCW E . 6.24 -34.79 -3.04
O31 PCW E . 9.30 -31.43 -5.27
O1P PCW E . 11.87 -31.76 0.04
O2P PCW E . 11.24 -31.06 -2.27
O3P PCW E . 10.62 -33.41 -1.40
O4P PCW E . 9.47 -31.37 -0.68
P PCW E . 10.86 -31.85 -1.08
C1 PCW F . -13.86 5.55 25.62
C2 PCW F . -15.33 5.88 25.13
C3 PCW F . -16.13 6.59 26.29
C4 PCW F . -10.96 9.48 25.04
C5 PCW F . -10.00 10.11 26.03
C6 PCW F . -11.33 11.64 27.56
C7 PCW F . -9.68 10.09 28.49
C8 PCW F . -9.38 11.53 27.38
C11 PCW F . -18.16 7.85 26.50
C12 PCW F . -19.51 8.01 25.87
C13 PCW F . -19.53 9.39 25.10
C14 PCW F . -20.84 9.72 24.40
C15 PCW F . -20.81 10.96 23.45
C16 PCW F . -19.72 10.76 22.34
C17 PCW F . -19.75 11.75 21.12
C18 PCW F . -21.02 11.65 20.28
C19 PCW F . -21.42 12.99 19.63
C20 PCW F . -22.16 13.96 20.29
C21 PCW F . -22.75 14.00 21.65
C22 PCW F . -23.60 15.31 21.73
C23 PCW F . -23.35 16.25 22.93
C24 PCW F . -23.00 17.67 22.61
C25 PCW F . -24.04 18.81 22.77
C26 PCW F . -23.74 20.10 22.04
C27 PCW F . -24.82 21.19 22.03
C28 PCW F . -25.22 21.53 20.61
C31 PCW F . -15.84 6.33 22.88
C32 PCW F . -15.73 7.40 21.78
C33 PCW F . -16.42 7.03 20.39
C34 PCW F . -17.55 7.96 19.99
C35 PCW F . -18.70 7.72 21.06
C36 PCW F . -19.79 6.73 20.57
C37 PCW F . -20.95 6.45 21.59
C38 PCW F . -21.73 5.23 21.22
C39 PCW F . -22.86 4.95 22.19
C40 PCW F . -23.54 3.82 22.29
C41 PCW F . -23.30 2.60 21.43
C42 PCW F . -24.64 1.74 21.39
C43 PCW F . -24.71 0.54 20.46
C44 PCW F . -26.08 -0.08 20.63
C45 PCW F . -26.31 -1.35 19.85
C46 PCW F . -26.94 -1.14 18.51
C47 PCW F . -25.99 -1.08 17.33
C48 PCW F . -26.76 -0.85 16.02
N PCW F . -10.45 10.49 27.33
O2 PCW F . -15.29 6.82 23.98
O3 PCW F . -17.45 6.88 25.83
O11 PCW F . -17.74 8.46 27.44
O31 PCW F . -16.35 5.18 22.73
O1P PCW F . -13.27 8.52 26.50
O2P PCW F . -11.66 6.80 27.34
O3P PCW F . -12.86 6.47 25.10
O4P PCW F . -11.07 8.07 25.39
P PCW F . -12.24 7.50 26.15
C1 PCW G . -17.01 -8.51 31.53
C2 PCW G . -18.41 -8.97 32.08
C3 PCW G . -19.10 -7.77 32.82
C4 PCW G . -13.89 -6.05 31.86
C5 PCW G . -13.61 -4.77 32.63
C6 PCW G . -14.59 -2.80 31.64
C7 PCW G . -12.69 -3.73 30.66
C8 PCW G . -12.39 -2.62 32.62
C11 PCW G . -20.61 -8.03 34.65
C12 PCW G . -22.02 -8.48 34.96
C13 PCW G . -22.96 -7.23 34.79
C14 PCW G . -24.45 -7.47 35.06
C15 PCW G . -24.91 -8.95 35.09
C16 PCW G . -26.38 -9.07 34.60
C17 PCW G . -26.69 -10.11 33.46
C18 PCW G . -28.14 -10.08 33.01
C19 PCW G . -28.42 -9.00 31.93
C20 PCW G . -28.98 -9.31 30.69
C21 PCW G . -29.43 -10.58 30.07
C22 PCW G . -30.70 -10.25 29.26
C23 PCW G . -32.06 -10.79 29.79
C24 PCW G . -32.76 -9.99 30.85
C25 PCW G . -34.07 -9.21 30.53
C26 PCW G . -34.79 -8.59 31.72
C27 PCW G . -36.18 -7.97 31.48
C28 PCW G . -37.23 -9.04 31.44
C31 PCW G . -19.35 -10.67 30.72
C32 PCW G . -20.29 -10.91 29.53
C33 PCW G . -20.00 -12.23 28.66
C34 PCW G . -20.42 -12.12 27.20
C35 PCW G . -21.92 -12.62 27.17
C36 PCW G . -22.04 -14.15 26.92
C37 PCW G . -23.51 -14.69 26.89
C38 PCW G . -24.16 -14.53 25.57
C39 PCW G . -25.57 -15.05 25.54
C40 PCW G . -25.99 -16.23 25.08
C41 PCW G . -25.06 -17.27 24.48
C42 PCW G . -24.93 -18.47 25.53
C43 PCW G . -26.20 -19.12 26.01
C44 PCW G . -25.79 -20.21 26.98
C45 PCW G . -26.21 -21.61 26.59
C46 PCW G . -25.10 -22.43 26.00
C47 PCW G . -25.49 -23.38 24.88
C48 PCW G . -24.26 -24.14 24.37
N PCW G . -13.33 -3.54 31.92
O2 PCW G . -19.29 -9.35 30.94
O3 PCW G . -20.38 -8.17 33.33
O11 PCW G . -19.84 -7.59 35.46
O31 PCW G . -18.75 -11.57 31.38
O1P PCW G . -14.78 -8.04 29.91
O2P PCW G . -15.86 -6.04 28.84
O3P PCW G . -17.04 -7.29 30.75
O4P PCW G . -15.13 -5.84 31.12
P PCW G . -15.65 -6.82 30.09
C1 PCW H . -12.99 -21.82 25.44
C2 PCW H . -13.73 -23.13 24.95
C3 PCW H . -13.63 -23.23 23.38
C4 PCW H . -8.77 -23.87 26.46
C5 PCW H . -7.35 -23.61 26.96
C6 PCW H . -5.52 -24.93 28.16
C7 PCW H . -5.94 -25.28 25.77
C8 PCW H . -5.35 -23.74 26.62
C11 PCW H . -15.66 -24.36 22.72
C12 PCW H . -16.15 -25.71 22.26
C13 PCW H . -16.44 -25.64 20.73
C14 PCW H . -16.96 -26.93 20.09
C15 PCW H . -18.48 -26.98 19.81
C16 PCW H . -18.78 -26.96 18.27
C17 PCW H . -19.77 -28.03 17.72
C18 PCW H . -21.19 -27.49 17.54
C19 PCW H . -21.56 -27.24 16.07
C20 PCW H . -22.08 -26.03 15.61
C21 PCW H . -22.40 -24.76 16.30
C22 PCW H . -23.58 -24.12 15.53
C23 PCW H . -24.76 -23.54 16.36
C24 PCW H . -25.43 -22.31 15.82
C25 PCW H . -26.98 -22.26 15.65
C26 PCW H . -27.60 -20.89 15.47
C27 PCW H . -28.10 -20.14 16.72
C28 PCW H . -27.19 -18.98 17.03
C31 PCW H . -13.84 -25.15 26.18
C32 PCW H . -12.98 -26.32 26.71
C33 PCW H . -13.05 -27.68 25.86
C34 PCW H . -14.43 -28.34 25.90
C35 PCW H . -14.72 -28.76 24.40
C36 PCW H . -16.23 -28.94 24.12
C37 PCW H . -16.59 -29.35 22.66
C38 PCW H . -17.22 -30.70 22.59
C39 PCW H . -17.56 -31.08 21.18
C40 PCW H . -18.79 -31.18 20.64
C41 PCW H . -20.07 -30.91 21.39
C42 PCW H . -21.29 -31.27 20.42
C43 PCW H . -21.55 -32.74 20.10
C44 PCW H . -22.75 -32.78 19.17
C45 PCW H . -22.87 -34.03 18.33
C46 PCW H . -24.27 -34.30 17.84
C47 PCW H . -24.40 -35.12 16.58
C48 PCW H . -25.87 -35.32 16.19
N PCW H . -6.42 -24.70 27.01
O2 PCW H . -13.04 -24.32 25.52
O3 PCW H . -14.30 -24.43 22.94
O11 PCW H . -16.33 -23.39 22.86
O31 PCW H . -15.09 -25.01 26.36
O1P PCW H . -10.59 -23.13 24.33
O2P PCW H . -9.96 -20.82 24.99
O3P PCW H . -11.83 -22.07 26.24
O4P PCW H . -9.46 -22.60 26.51
P PCW H . -10.43 -22.14 25.43
C1 PCW I . 10.25 12.00 -9.98
C2 PCW I . 8.68 12.23 -10.08
C3 PCW I . 8.33 12.95 -11.42
C4 PCW I . 14.09 11.41 -9.01
C5 PCW I . 15.28 10.79 -8.27
C6 PCW I . 16.58 12.07 -6.49
C7 PCW I . 15.13 10.20 -5.86
C8 PCW I . 16.67 10.16 -6.90
C11 PCW I . 6.41 13.71 -12.64
C12 PCW I . 4.91 13.83 -12.52
C13 PCW I . 4.27 13.16 -13.79
C14 PCW I . 2.73 13.18 -13.85
C15 PCW I . 2.00 13.81 -12.63
C16 PCW I . 0.46 13.91 -12.91
C17 PCW I . -0.38 14.86 -11.99
C18 PCW I . -1.49 15.59 -12.72
C19 PCW I . -1.94 16.88 -11.98
C20 PCW I . -2.36 18.03 -12.65
C21 PCW I . -2.52 18.35 -14.08
C22 PCW I . -1.63 19.60 -14.36
C23 PCW I . -1.46 20.04 -15.84
C24 PCW I . -0.14 20.64 -16.21
C25 PCW I . 0.04 21.43 -17.55
C26 PCW I . 1.43 21.41 -18.16
C27 PCW I . 1.53 21.36 -19.70
C28 PCW I . 2.21 22.61 -20.22
C31 PCW I . 7.51 10.59 -8.86
C32 PCW I . 6.78 9.23 -8.99
C33 PCW I . 5.19 9.33 -9.11
C34 PCW I . 4.72 10.61 -9.80
C35 PCW I . 3.16 10.41 -10.05
C36 PCW I . 2.86 9.89 -11.49
C37 PCW I . 1.36 9.67 -11.81
C38 PCW I . 1.07 9.98 -13.24
C39 PCW I . -0.38 9.78 -13.61
C40 PCW I . -0.91 9.89 -14.82
C41 PCW I . -0.13 10.26 -16.07
C42 PCW I . -1.13 10.88 -17.13
C43 PCW I . -1.01 12.36 -17.47
C44 PCW I . -2.09 12.67 -18.49
C45 PCW I . -1.57 13.04 -19.86
C46 PCW I . -2.59 13.72 -20.72
C47 PCW I . -2.31 15.16 -21.09
C48 PCW I . -3.43 15.73 -21.98
N PCW I . 15.53 11.13 -6.91
O2 PCW I . 7.96 10.93 -10.06
O3 PCW I . 6.92 13.17 -11.50
O11 PCW I . 7.06 14.03 -13.61
O31 PCW I . 7.63 11.24 -7.79
O1P PCW I . 11.70 12.26 -7.65
O2P PCW I . 11.50 9.83 -7.12
O3P PCW I . 10.61 10.75 -9.36
O4P PCW I . 12.99 10.49 -8.87
P PCW I . 11.69 10.85 -8.16
C1 PCW J . -9.76 19.83 14.82
C2 PCW J . -11.03 19.28 15.60
C3 PCW J . -11.93 20.49 16.05
C4 PCW J . -5.60 17.25 15.45
C5 PCW J . -4.91 16.80 16.74
C6 PCW J . -3.01 18.15 16.06
C7 PCW J . -2.70 16.39 17.55
C8 PCW J . -3.73 18.26 18.35
C11 PCW J . -13.89 20.90 17.39
C12 PCW J . -15.07 20.18 18.02
C13 PCW J . -14.76 19.94 19.54
C14 PCW J . -15.86 19.23 20.34
C15 PCW J . -16.72 18.20 19.55
C16 PCW J . -18.24 18.61 19.60
C17 PCW J . -19.30 17.52 19.18
C18 PCW J . -20.44 18.07 18.33
C19 PCW J . -21.51 17.00 17.99
C20 PCW J . -22.87 17.22 18.18
C21 PCW J . -23.64 18.38 18.69
C22 PCW J . -25.14 18.08 18.40
C23 PCW J . -25.92 17.26 19.46
C24 PCW J . -27.37 17.56 19.62
C25 PCW J . -27.87 19.02 19.85
C26 PCW J . -28.73 19.24 21.07
C27 PCW J . -29.03 20.70 21.48
C28 PCW J . -30.52 20.92 21.55
C31 PCW J . -11.46 17.17 14.59
C32 PCW J . -12.43 16.44 13.64
C33 PCW J . -13.45 17.36 12.82
C34 PCW J . -12.91 17.85 11.48
C35 PCW J . -13.62 19.23 11.19
C36 PCW J . -12.68 20.43 11.37
C37 PCW J . -13.29 21.84 11.10
C38 PCW J . -12.72 22.46 9.85
C39 PCW J . -13.30 23.81 9.55
C40 PCW J . -14.22 24.12 8.64
C41 PCW J . -14.88 23.09 7.73
C42 PCW J . -16.20 22.57 8.45
C43 PCW J . -16.31 21.09 8.77
C44 PCW J . -17.65 20.88 9.46
C45 PCW J . -18.62 19.98 8.72
C46 PCW J . -19.89 19.72 9.48
C47 PCW J . -21.10 20.54 9.08
C48 PCW J . -22.32 20.18 9.92
N PCW J . -3.65 17.37 17.15
O2 PCW J . -11.87 18.43 14.71
O3 PCW J . -13.09 20.00 16.76
O11 PCW J . -13.72 22.09 17.42
O31 PCW J . -10.45 16.65 15.16
O1P PCW J . -6.58 19.97 15.48
O2P PCW J . -8.14 19.07 17.19
O3P PCW J . -8.69 18.86 14.69
O4P PCW J . -6.98 17.51 15.80
P PCW J . -7.57 18.91 15.83
C1 PCW K . -37.02 6.02 1.29
C2 PCW K . -36.74 6.53 2.75
C3 PCW K . -37.26 5.49 3.80
C4 PCW K . -37.98 8.17 -2.56
C5 PCW K . -37.94 9.68 -2.28
C6 PCW K . -39.55 10.18 -4.20
C7 PCW K . -38.48 12.00 -2.97
C8 PCW K . -37.67 10.71 -4.03
C11 PCW K . -36.94 5.08 6.15
C12 PCW K . -36.65 5.81 7.43
C13 PCW K . -35.18 6.37 7.35
C14 PCW K . -34.72 7.15 8.58
C15 PCW K . -33.49 6.56 9.33
C16 PCW K . -32.46 7.70 9.69
C17 PCW K . -30.95 7.28 9.81
C18 PCW K . -30.59 6.70 11.18
C19 PCW K . -29.45 7.47 11.89
C20 PCW K . -28.70 6.88 12.91
C21 PCW K . -28.74 5.54 13.55
C22 PCW K . -28.20 5.73 15.00
C23 PCW K . -29.10 6.48 16.02
C24 PCW K . -28.41 7.06 17.22
C25 PCW K . -29.22 7.62 18.41
C26 PCW K . -29.66 6.61 19.45
C27 PCW K . -30.39 7.14 20.70
C28 PCW K . -31.13 6.02 21.38
C31 PCW K . -34.90 7.90 3.38
C32 PCW K . -33.38 7.89 3.56
C33 PCW K . -32.87 8.45 4.97
C34 PCW K . -31.56 7.85 5.44
C35 PCW K . -30.79 9.03 6.17
C36 PCW K . -29.38 8.63 6.66
C37 PCW K . -28.58 9.76 7.40
C38 PCW K . -29.17 10.10 8.72
C39 PCW K . -28.40 11.17 9.44
C40 PCW K . -27.38 11.00 10.27
C41 PCW K . -26.79 9.65 10.65
C42 PCW K . -25.25 9.85 10.95
C43 PCW K . -24.84 10.69 12.15
C44 PCW K . -23.33 10.72 12.18
C45 PCW K . -22.69 10.27 13.47
C46 PCW K . -21.63 11.20 13.98
C47 PCW K . -20.25 10.60 14.22
C48 PCW K . -19.27 11.66 14.73
N PCW K . -38.77 10.58 -3.02
O2 PCW K . -35.27 6.68 2.97
O3 PCW K . -36.99 5.98 5.13
O11 PCW K . -37.09 3.89 6.05
O31 PCW K . -35.67 8.88 3.57
O1P PCW K . -37.24 5.57 -1.43
O2P PCW K . -39.69 5.42 -1.00
O3P PCW K . -38.15 6.66 0.65
O4P PCW K . -38.78 7.57 -1.51
P PCW K . -38.46 6.24 -0.86
C1 PCW L . -17.18 11.66 -25.12
C2 PCW L . -16.11 11.76 -23.96
C3 PCW L . -14.89 12.62 -24.44
C4 PCW L . -19.18 11.80 -28.39
C5 PCW L . -18.45 11.00 -29.47
C6 PCW L . -19.98 9.59 -30.94
C7 PCW L . -18.52 11.30 -31.92
C8 PCW L . -18.03 9.75 -31.02
C11 PCW L . -13.18 13.84 -23.28
C12 PCW L . -12.20 13.70 -22.16
C13 PCW L . -10.81 13.29 -22.77
C14 PCW L . -9.68 13.11 -21.77
C15 PCW L . -9.00 14.42 -21.30
C16 PCW L . -7.90 14.12 -20.23
C17 PCW L . -8.06 14.78 -18.81
C18 PCW L . -7.20 14.13 -17.73
C19 PCW L . -5.75 13.84 -18.20
C20 PCW L . -4.72 14.75 -18.05
C21 PCW L . -4.66 16.11 -17.45
C22 PCW L . -3.35 16.16 -16.62
C23 PCW L . -2.04 16.54 -17.38
C24 PCW L . -0.77 15.92 -16.87
C25 PCW L . 0.52 16.77 -16.66
C26 PCW L . 1.03 16.89 -15.24
C27 PCW L . 2.54 17.07 -15.02
C28 PCW L . 2.81 17.55 -13.61
C31 PCW L . -17.02 11.62 -21.77
C32 PCW L . -17.63 12.46 -20.64
C33 PCW L . -17.09 12.12 -19.16
C34 PCW L . -18.20 11.92 -18.13
C35 PCW L . -18.44 10.36 -18.06
C36 PCW L . -17.53 9.66 -17.04
C37 PCW L . -17.72 8.11 -16.92
C38 PCW L . -16.45 7.41 -16.53
C39 PCW L . -16.62 5.92 -16.43
C40 PCW L . -16.82 5.21 -15.32
C41 PCW L . -16.90 5.81 -13.93
C42 PCW L . -15.42 6.12 -13.42
C43 PCW L . -14.71 5.08 -12.57
C44 PCW L . -13.34 5.64 -12.24
C45 PCW L . -13.29 6.51 -11.00
C46 PCW L . -11.97 6.45 -10.29
C47 PCW L . -10.78 7.04 -11.01
C48 PCW L . -9.51 6.92 -10.18
N PCW L . -19.10 10.75 -30.72
O2 PCW L . -16.71 12.45 -22.77
O3 PCW L . -13.91 12.70 -23.39
O11 PCW L . -13.29 14.80 -23.99
O31 PCW L . -16.86 10.37 -21.76
O1P PCW L . -19.89 13.91 -26.52
O2P PCW L . -17.48 14.53 -26.80
O3P PCW L . -18.17 12.71 -25.10
O4P PCW L . -18.17 12.35 -27.51
P PCW L . -18.45 13.45 -26.50
C1 PCW M . -39.76 14.25 4.90
C2 PCW M . -38.40 14.94 5.34
C3 PCW M . -38.71 16.11 6.35
C4 PCW M . -41.82 14.92 2.17
C5 PCW M . -42.21 16.06 3.12
C6 PCW M . -42.08 17.77 1.23
C7 PCW M . -42.56 18.48 3.53
C8 PCW M . -41.01 17.71 2.88
C11 PCW M . -37.42 18.12 6.66
C12 PCW M . -36.11 18.60 7.23
C13 PCW M . -35.23 19.17 6.06
C14 PCW M . -33.85 19.70 6.49
C15 PCW M . -32.94 20.23 5.34
C16 PCW M . -31.68 20.95 5.95
C17 PCW M . -30.68 21.64 4.95
C18 PCW M . -29.22 21.46 5.35
C19 PCW M . -28.78 22.35 6.53
C20 PCW M . -27.88 21.91 7.50
C21 PCW M . -27.16 20.62 7.65
C22 PCW M . -26.39 20.70 9.00
C23 PCW M . -25.86 19.37 9.59
C24 PCW M . -25.77 19.28 11.07
C25 PCW M . -25.64 17.90 11.78
C26 PCW M . -25.81 17.90 13.28
C27 PCW M . -24.79 17.09 14.12
C28 PCW M . -23.47 17.81 14.17
C31 PCW M . -36.70 13.28 5.21
C32 PCW M . -35.86 12.31 6.07
C33 PCW M . -34.35 12.08 5.57
C34 PCW M . -33.45 11.41 6.62
C35 PCW M . -32.37 12.50 7.02
C36 PCW M . -31.39 12.85 5.88
C37 PCW M . -30.29 13.93 6.23
C38 PCW M . -30.72 14.84 7.33
C39 PCW M . -29.69 15.88 7.67
C40 PCW M . -28.67 15.76 8.54
C41 PCW M . -28.39 14.52 9.36
C42 PCW M . -28.64 14.87 10.90
C43 PCW M . -27.86 14.09 11.94
C44 PCW M . -28.30 14.61 13.31
C45 PCW M . -27.30 14.40 14.42
C46 PCW M . -27.94 14.14 15.76
C47 PCW M . -28.76 15.27 16.36
C48 PCW M . -29.34 14.87 17.72
N PCW M . -42.44 17.37 2.60
O2 PCW M . -37.52 13.94 6.02
O3 PCW M . -37.49 16.75 6.77
O11 PCW M . -38.28 18.83 6.23
O31 PCW M . -36.61 13.43 3.96
O1P PCW M . -39.44 13.32 1.72
O2P PCW M . -40.88 11.47 2.58
O3P PCW M . -39.60 12.99 4.23
O4P PCW M . -41.58 13.73 2.98
P PCW M . -40.36 12.84 2.81
C1 17F N . -27.82 -18.85 -14.39
N1 17F N . -28.66 -17.86 -16.54
O1 17F N . -27.06 -22.30 -15.55
P1 17F N . -27.08 -21.28 -14.44
C2 17F N . -29.02 -18.52 -15.29
O2 17F N . -28.25 -21.34 -13.49
C3 17F N . -30.03 -17.64 -14.54
O3 17F N . -27.02 -19.81 -14.97
C4 17F N . -25.57 -20.53 -12.40
O4 17F N . -30.49 -18.00 -13.45
C5 17F N . -24.25 -20.83 -11.64
O5 17F N . -30.44 -16.51 -14.99
C6 17F N . -24.20 -20.02 -10.32
O6 17F N . -25.79 -21.39 -13.52
C7 17F N . -23.09 -20.77 -8.41
O7 17F N . -23.00 -20.26 -9.59
C8 17F N . -21.66 -20.93 -7.83
O8 17F N . -24.06 -21.10 -7.77
C9 17F N . -21.60 -21.87 -6.59
O9 17F N . -24.07 -22.24 -11.42
C10 17F N . -20.18 -22.09 -5.94
O10 17F N . -22.97 -22.46 -13.44
C11 17F N . -19.10 -21.00 -6.30
C12 17F N . -17.72 -21.29 -5.60
C17 17F N . -23.21 -22.78 -12.27
C18 17F N . -22.47 -23.95 -11.66
C19 17F N . -21.66 -23.60 -10.39
C20 17F N . -20.11 -23.52 -10.66
C1X 17F N . -16.71 -20.20 -5.97
C1Y 17F N . -19.33 -23.16 -9.37
C1Z 17F N . -18.09 -24.03 -9.21
C2X 17F N . -15.29 -20.45 -5.27
C21 17F N . -14.49 -21.60 -5.96
C22 17F N . -13.67 -21.44 -6.93
C23 17F N . -13.31 -20.19 -7.61
C24 17F N . -12.87 -20.37 -9.05
C25 17F N . -12.48 -19.11 -9.80
C26 17F N . -13.67 -18.36 -10.58
C27 17F N . -13.26 -17.10 -11.31
C28 17F N . -14.56 -16.51 -11.99
C29 17F N . -14.66 -15.09 -11.64
C30 17F N . -15.85 -14.40 -12.22
C31 17F N . -16.72 -23.30 -8.98
C32 17F N . -15.47 -24.22 -8.82
C33 17F N . -15.10 -24.82 -10.16
C34 17F N . -14.08 -25.65 -10.37
C35 17F N . -13.12 -26.16 -9.32
C36 17F N . -13.62 -27.41 -8.53
C37 17F N . -12.72 -27.65 -7.38
C38 17F N . -13.37 -28.45 -6.22
C39 17F N . -12.36 -28.67 -5.07
C40 17F N . -13.07 -28.63 -3.71
C41 17F N . -12.09 -29.09 -2.56
C42 17F N . -12.53 -28.93 -1.11
C1 PCW O . -0.91 8.76 8.71
C2 PCW O . -2.06 9.76 8.33
C3 PCW O . -1.53 11.24 8.30
C4 PCW O . 1.11 6.15 10.04
C5 PCW O . 1.87 6.38 11.34
C6 PCW O . 3.38 4.37 11.82
C7 PCW O . 4.29 6.65 11.83
C8 PCW O . 3.04 5.93 12.98
C11 PCW O . -3.64 12.31 8.81
C12 PCW O . -4.58 13.33 8.26
C13 PCW O . -4.67 14.52 9.29
C14 PCW O . -5.60 15.68 8.88
C15 PCW O . -7.09 15.30 8.63
C16 PCW O . -7.52 15.75 7.19
C17 PCW O . -8.48 16.99 7.09
C18 PCW O . -9.78 16.68 6.33
C19 PCW O . -10.25 17.85 5.44
C20 PCW O . -9.96 17.90 4.08
C21 PCW O . -9.21 17.00 3.17
C22 PCW O . -9.93 17.08 1.78
C23 PCW O . -9.37 18.09 0.75
C24 PCW O . -10.07 18.17 -0.57
C25 PCW O . -9.28 18.26 -1.91
C26 PCW O . -9.86 19.16 -2.98
C27 PCW O . -11.21 18.76 -3.62
C28 PCW O . -11.10 18.74 -5.13
C31 PCW O . -3.80 8.87 6.99
C32 PCW O . -4.21 8.59 5.53
C33 PCW O . -4.71 7.10 5.24
C34 PCW O . -6.09 6.79 5.82
C35 PCW O . -7.12 7.58 4.91
C36 PCW O . -8.57 7.08 5.09
C37 PCW O . -9.64 7.82 4.23
C38 PCW O . -10.99 7.23 4.41
C39 PCW O . -12.04 7.92 3.58
C40 PCW O . -12.57 7.51 2.44
C41 PCW O . -12.21 6.21 1.75
C42 PCW O . -13.27 5.96 0.58
C43 PCW O . -12.80 5.24 -0.67
C44 PCW O . -13.98 5.14 -1.61
C45 PCW O . -13.78 4.24 -2.82
C46 PCW O . -14.17 4.89 -4.11
C47 PCW O . -13.03 5.40 -4.99
C48 PCW O . -13.56 6.04 -6.27
N PCW O . 3.18 5.80 11.49
O2 PCW O . -2.60 9.44 6.98
O3 PCW O . -2.59 12.15 7.96
O11 PCW O . -3.77 11.74 9.86
O31 PCW O . -4.50 8.62 8.01
O1P PCW O . 0.16 6.18 7.27
O2P PCW O . 2.27 7.50 6.92
O3P PCW O . 0.13 8.69 7.71
O4P PCW O . 1.48 7.24 9.15
P PCW O . 1.03 7.34 7.71
C1 PCW P . 3.93 19.72 1.78
C2 PCW P . 2.42 19.82 2.24
C3 PCW P . 1.49 19.98 1.00
C4 PCW P . 4.75 21.60 5.72
C5 PCW P . 3.40 22.07 6.27
C6 PCW P . 2.85 24.55 6.55
C7 PCW P . 1.72 23.20 4.85
C8 PCW P . 1.64 23.01 6.69
C11 PCW P . -0.74 20.79 0.66
C12 PCW P . -2.11 20.80 1.30
C13 PCW P . -2.80 19.40 1.06
C14 PCW P . -4.21 19.27 1.65
C15 PCW P . -5.37 19.10 0.61
C16 PCW P . -6.26 20.39 0.57
C17 PCW P . -6.18 21.28 -0.72
C18 PCW P . -5.16 22.42 -0.61
C19 PCW P . -5.28 23.23 0.70
C20 PCW P . -5.81 24.52 0.74
C21 PCW P . -6.35 25.41 -0.30
C22 PCW P . -7.78 24.91 -0.65
C23 PCW P . -8.21 24.96 -2.15
C24 PCW P . -9.02 23.81 -2.64
C25 PCW P . -10.18 24.03 -3.67
C26 PCW P . -11.58 24.05 -3.11
C27 PCW P . -11.94 25.13 -2.06
C28 PCW P . -13.40 25.49 -2.15
C31 PCW P . 1.85 18.72 4.25
C32 PCW P . 1.44 17.36 4.83
C33 PCW P . -0.06 17.24 5.36
C34 PCW P . -1.07 16.79 4.29
C35 PCW P . -1.46 15.30 4.68
C36 PCW P . -0.73 14.26 3.80
C37 PCW P . -1.05 12.77 4.11
C38 PCW P . -1.47 12.01 2.90
C39 PCW P . -1.77 10.57 3.19
C40 PCW P . -2.70 9.81 2.63
C41 PCW P . -3.65 10.31 1.54
C42 PCW P . -3.67 9.22 0.37
C43 PCW P . -4.42 9.56 -0.91
C44 PCW P . -4.27 8.35 -1.83
C45 PCW P . -4.39 8.65 -3.30
C46 PCW P . -3.07 8.80 -4.00
C47 PCW P . -3.10 9.36 -5.40
C48 PCW P . -1.69 9.45 -5.98
N PCW P . 2.80 23.28 5.80
O2 PCW P . 2.03 18.58 2.95
O3 PCW P . 0.12 20.08 1.43
O11 PCW P . -0.46 21.34 -0.37
O31 PCW P . 1.95 19.80 4.92
O1P PCW P . 6.86 20.35 4.15
O2P PCW P . 5.89 21.77 2.32
O3P PCW P . 4.86 19.48 2.85
O4P PCW P . 4.58 21.43 4.29
P PCW P . 5.62 20.79 3.40
C1 PCW Q . -8.01 -3.75 18.83
C2 PCW Q . -8.96 -4.31 17.70
C3 PCW Q . -9.82 -5.50 18.27
C4 PCW Q . -8.43 -5.85 22.59
C5 PCW Q . -6.94 -6.01 22.93
C6 PCW Q . -5.21 -4.89 21.42
C7 PCW Q . -5.47 -4.17 23.75
C8 PCW Q . -4.92 -5.83 23.13
C11 PCW Q . -10.93 -7.35 17.23
C12 PCW Q . -11.88 -7.66 16.11
C13 PCW Q . -11.78 -9.20 15.78
C14 PCW Q . -12.69 -9.69 14.65
C15 PCW Q . -13.69 -10.82 15.03
C16 PCW Q . -14.15 -11.62 13.76
C17 PCW Q . -14.91 -12.96 13.99
C18 PCW Q . -16.32 -12.79 14.53
C19 PCW Q . -17.41 -13.29 13.56
C20 PCW Q . -18.42 -14.16 13.95
C21 PCW Q . -18.72 -14.80 15.25
C22 PCW Q . -20.26 -14.67 15.45
C23 PCW Q . -20.83 -15.16 16.81
C24 PCW Q . -22.28 -15.53 16.82
C25 PCW Q . -22.72 -17.03 16.94
C26 PCW Q . -22.85 -17.81 15.66
C27 PCW Q . -23.19 -19.31 15.76
C28 PCW Q . -21.97 -20.16 15.47
C31 PCW Q . -9.40 -2.44 16.36
C32 PCW Q . -10.46 -1.38 16.03
C33 PCW Q . -10.38 -0.05 16.92
C34 PCW Q . -10.54 1.24 16.11
C35 PCW Q . -12.08 1.60 16.21
C36 PCW Q . -12.63 2.25 14.92
C37 PCW Q . -14.14 2.62 14.96
C38 PCW Q . -14.85 2.18 13.73
C39 PCW Q . -16.31 2.52 13.73
C40 PCW Q . -16.86 3.73 13.69
C41 PCW Q . -16.07 5.02 13.63
C42 PCW Q . -16.40 5.74 12.24
C43 PCW Q . -17.84 5.78 11.76
C44 PCW Q . -17.83 6.51 10.43
C45 PCW Q . -17.31 5.71 9.25
C46 PCW Q . -18.39 5.06 8.44
C47 PCW Q . -18.43 5.42 6.98
C48 PCW Q . -19.57 4.69 6.25
N PCW Q . -6.02 -4.94 22.65
O2 PCW Q . -9.90 -3.24 17.28
O3 PCW Q . -10.70 -6.01 17.27
O11 PCW Q . -10.46 -8.15 17.99
O31 PCW Q . -8.25 -2.52 15.83
O1P PCW Q . -9.92 -3.09 22.19
O2P PCW Q . -7.95 -3.38 21.79
O3P PCW Q . -8.70 -2.98 19.84
O4P PCW Q . -8.50 -5.16 21.32
P PCW Q . -9.20 -3.83 21.10
C1 PCW R . -11.20 5.92 22.66
C2 PCW R . -11.97 5.49 21.34
C3 PCW R . -12.98 4.33 21.68
C4 PCW R . -6.94 5.16 22.00
C5 PCW R . -6.89 3.80 21.31
C6 PCW R . -5.60 2.58 22.94
C7 PCW R . -4.51 3.53 21.11
C8 PCW R . -5.77 1.69 20.72
C11 PCW R . -14.44 2.82 20.54
C12 PCW R . -15.10 2.60 19.21
C13 PCW R . -16.49 3.35 19.21
C14 PCW R . -17.29 3.23 17.92
C15 PCW R . -17.29 4.49 17.00
C16 PCW R . -18.58 5.35 17.21
C17 PCW R . -18.60 6.78 16.56
C18 PCW R . -19.88 7.56 16.83
C19 PCW R . -21.09 7.03 16.03
C20 PCW R . -22.34 7.64 16.09
C21 PCW R . -22.85 8.82 16.82
C22 PCW R . -24.19 8.39 17.50
C23 PCW R . -24.11 7.77 18.92
C24 PCW R . -23.64 8.66 20.02
C25 PCW R . -24.64 9.27 21.05
C26 PCW R . -25.18 8.34 22.11
C27 PCW R . -25.90 8.97 23.32
C28 PCW R . -27.33 9.30 22.96
C31 PCW R . -12.33 7.10 19.64
C32 PCW R . -13.23 8.28 19.21
C33 PCW R . -14.01 8.07 17.83
C34 PCW R . -14.35 9.39 17.12
C35 PCW R . -14.61 9.00 15.61
C36 PCW R . -15.64 9.94 14.92
C37 PCW R . -15.94 9.62 13.43
C38 PCW R . -16.37 10.83 12.67
C39 PCW R . -16.67 10.54 11.23
C40 PCW R . -17.47 11.24 10.41
C41 PCW R . -18.23 12.48 10.82
C42 PCW R . -19.48 12.63 9.83
C43 PCW R . -20.86 12.77 10.46
C44 PCW R . -21.85 12.90 9.32
C45 PCW R . -23.12 13.63 9.66
C46 PCW R . -24.00 13.89 8.48
C47 PCW R . -25.07 12.86 8.22
C48 PCW R . -25.90 13.25 6.98
N PCW R . -5.75 2.94 21.52
O2 PCW R . -12.77 6.63 20.81
O3 PCW R . -13.67 3.96 20.49
O11 PCW R . -14.56 2.12 21.51
O31 PCW R . -11.33 6.67 18.99
O1P PCW R . -7.84 7.67 23.17
O2P PCW R . -9.10 6.15 24.71
O3P PCW R . -10.08 6.80 22.41
O4P PCW R . -8.23 5.23 22.67
P PCW R . -8.78 6.49 23.30
C1 PCW S . -2.21 -13.72 10.63
C2 PCW S . -3.44 -12.87 10.14
C3 PCW S . -3.27 -11.37 10.60
C4 PCW S . -0.84 -10.64 8.14
C5 PCW S . 0.37 -9.74 7.92
C6 PCW S . -0.70 -7.57 7.80
C7 PCW S . 1.60 -7.69 8.19
C8 PCW S . 0.23 -8.26 9.92
C11 PCW S . -4.12 -9.34 9.65
C12 PCW S . -5.40 -8.67 9.24
C13 PCW S . -5.30 -8.34 7.69
C14 PCW S . -6.53 -7.65 7.10
C15 PCW S . -6.26 -6.35 6.28
C16 PCW S . -7.17 -6.29 5.01
C17 PCW S . -7.53 -4.87 4.45
C18 PCW S . -8.83 -4.31 5.03
C19 PCW S . -9.77 -3.76 3.93
C20 PCW S . -10.56 -2.63 4.12
C21 PCW S . -10.73 -1.71 5.28
C22 PCW S . -11.75 -0.63 4.83
C23 PCW S . -12.96 -0.37 5.75
C24 PCW S . -14.32 -0.61 5.16
C25 PCW S . -15.55 -0.82 6.09
C26 PCW S . -16.83 -0.11 5.68
C27 PCW S . -16.71 1.31 5.07
C28 PCW S . -16.72 2.34 6.18
C31 PCW S . -4.25 -13.86 8.16
C32 PCW S . -4.25 -13.74 6.63
C33 PCW S . -4.11 -15.11 5.82
C34 PCW S . -5.39 -15.96 5.85
C35 PCW S . -5.73 -16.29 4.33
C36 PCW S . -5.74 -17.81 4.05
C37 PCW S . -6.06 -18.20 2.58
C38 PCW S . -5.99 -19.68 2.37
C39 PCW S . -6.31 -20.08 0.94
C40 PCW S . -7.41 -20.67 0.51
C41 PCW S . -8.58 -21.08 1.40
C42 PCW S . -9.57 -19.83 1.53
C43 PCW S . -9.56 -19.02 2.82
C44 PCW S . -10.59 -17.92 2.66
C45 PCW S . -10.98 -17.22 3.93
C46 PCW S . -10.19 -15.97 4.20
C47 PCW S . -9.86 -15.69 5.65
C48 PCW S . -9.05 -14.39 5.79
N PCW S . 0.37 -8.39 8.43
O2 PCW S . -3.52 -12.87 8.66
O3 PCW S . -4.38 -10.59 10.15
O11 PCW S . -3.01 -8.86 9.58
O31 PCW S . -4.84 -14.76 8.83
O1P PCW S . -0.34 -11.74 10.79
O2P PCW S . 1.32 -13.14 9.56
O3P PCW S . -1.14 -13.84 9.66
O4P PCW S . -0.35 -12.00 8.28
P PCW S . -0.06 -12.65 9.63
C1 PCW T . 14.35 7.37 -12.21
C2 PCW T . 13.05 7.64 -13.06
C3 PCW T . 12.00 6.51 -12.83
C4 PCW T . 12.58 6.20 -8.55
C5 PCW T . 12.69 5.95 -7.05
C6 PCW T . 11.76 4.29 -5.35
C7 PCW T . 13.60 3.65 -6.83
C8 PCW T . 13.60 4.95 -5.52
C11 PCW T . 10.68 6.11 -14.80
C12 PCW T . 9.40 6.55 -15.47
C13 PCW T . 8.57 5.26 -15.82
C14 PCW T . 7.23 5.53 -16.51
C15 PCW T . 7.14 5.09 -18.00
C16 PCW T . 6.47 3.68 -18.12
C17 PCW T . 6.73 2.87 -19.43
C18 PCW T . 6.62 1.36 -19.25
C19 PCW T . 7.75 0.58 -19.96
C20 PCW T . 7.55 -0.60 -20.65
C21 PCW T . 6.33 -1.42 -20.89
C22 PCW T . 6.28 -2.48 -19.75
C23 PCW T . 5.94 -3.94 -20.16
C24 PCW T . 5.97 -4.96 -19.06
C25 PCW T . 5.14 -6.27 -19.16
C26 PCW T . 3.93 -6.36 -18.26
C27 PCW T . 4.14 -6.85 -16.82
C28 PCW T . 3.72 -8.28 -16.68
C31 PCW T . 12.92 10.00 -13.25
C32 PCW T . 12.18 11.24 -12.72
C33 PCW T . 11.00 11.79 -13.65
C34 PCW T . 10.24 10.70 -14.40
C35 PCW T . 8.79 11.28 -14.65
C36 PCW T . 7.96 10.39 -15.60
C37 PCW T . 6.51 10.89 -15.88
C38 PCW T . 5.51 9.78 -15.78
C39 PCW T . 4.11 10.24 -16.06
C40 PCW T . 3.25 9.67 -16.91
C41 PCW T . 3.57 8.45 -17.75
C42 PCW T . 2.76 8.58 -19.12
C43 PCW T . 1.26 8.43 -19.09
C44 PCW T . 0.77 8.58 -20.53
C45 PCW T . -0.22 9.72 -20.74
C46 PCW T . -1.08 9.53 -21.97
C47 PCW T . -0.35 9.46 -23.29
C48 PCW T . -1.34 9.28 -24.46
N PCW T . 12.56 4.62 -6.54
O2 PCW T . 12.42 8.93 -12.63
O3 PCW T . 10.83 6.78 -13.62
O11 PCW T . 11.45 5.29 -15.24
O31 PCW T . 13.83 10.00 -14.13
O1P PCW T . 15.03 5.83 -10.08
O2P PCW T . 15.77 7.83 -8.82
O3P PCW T . 14.40 8.10 -10.96
O4P PCW T . 13.43 7.33 -8.86
P PCW T . 14.72 7.23 -9.65
C1 PCW U . -6.26 -10.38 14.70
C2 PCW U . -6.96 -10.30 13.28
C3 PCW U . -7.32 -11.75 12.80
C4 PCW U . -2.73 -10.65 15.26
C5 PCW U . -1.60 -10.89 16.27
C6 PCW U . 0.37 -11.98 17.12
C7 PCW U . 0.19 -11.62 14.83
C8 PCW U . -1.12 -13.25 15.73
C11 PCW U . -7.54 -12.55 10.54
C12 PCW U . -8.35 -12.33 9.28
C13 PCW U . -8.22 -10.82 8.86
C14 PCW U . -9.00 -10.43 7.60
C15 PCW U . -8.28 -10.71 6.25
C16 PCW U . -8.79 -9.73 5.14
C17 PCW U . -9.47 -10.38 3.88
C18 PCW U . -9.69 -9.40 2.74
C19 PCW U . -11.19 -9.09 2.48
C20 PCW U . -12.11 -10.06 2.14
C21 PCW U . -11.99 -11.53 1.92
C22 PCW U . -13.19 -12.19 2.68
C23 PCW U . -13.10 -12.25 4.23
C24 PCW U . -13.92 -13.30 4.91
C25 PCW U . -13.66 -14.81 4.67
C26 PCW U . -14.85 -15.74 4.83
C27 PCW U . -14.74 -17.14 4.22
C28 PCW U . -15.13 -17.12 2.77
C31 PCW U . -8.11 -8.24 13.05
C32 PCW U . -9.51 -7.61 13.16
C33 PCW U . -10.61 -8.21 12.17
C34 PCW U . -11.74 -7.23 11.85
C35 PCW U . -12.91 -8.11 11.23
C36 PCW U . -14.31 -7.54 11.55
C37 PCW U . -15.51 -8.36 10.99
C38 PCW U . -16.82 -7.78 11.42
C39 PCW U . -18.00 -8.55 10.90
C40 PCW U . -19.29 -8.30 11.11
C41 PCW U . -19.80 -7.15 11.95
C42 PCW U . -21.38 -7.04 11.72
C43 PCW U . -21.88 -6.29 10.49
C44 PCW U . -23.40 -6.34 10.53
C45 PCW U . -24.06 -6.57 9.19
C46 PCW U . -25.52 -6.90 9.30
C47 PCW U . -26.28 -7.01 8.00
C48 PCW U . -27.76 -7.36 8.26
N PCW U . -0.59 -11.88 16.01
O2 PCW U . -8.24 -9.54 13.35
O3 PCW U . -7.95 -11.68 11.51
O11 PCW U . -6.67 -13.36 10.67
O31 PCW U . -7.05 -7.64 12.72
O1P PCW U . -4.01 -8.60 13.71
O2P PCW U . -4.10 -7.40 15.90
O3P PCW U . -5.93 -9.09 15.26
O4P PCW U . -3.67 -9.76 15.90
P PCW U . -4.39 -8.65 15.15
C1 PCW V . 7.36 0.35 -3.23
C2 PCW V . 6.57 0.88 -4.49
C3 PCW V . 5.65 -0.24 -5.09
C4 PCW V . 11.31 -1.16 -1.62
C5 PCW V . 12.14 -0.36 -0.61
C6 PCW V . 13.46 0.85 -2.23
C7 PCW V . 14.40 -0.96 -1.13
C8 PCW V . 14.11 0.95 0.08
C11 PCW V . 4.43 -0.57 -7.14
C12 PCW V . 3.65 0.22 -8.17
C13 PCW V . 4.67 0.94 -9.12
C14 PCW V . 4.03 1.79 -10.23
C15 PCW V . 4.54 1.50 -11.69
C16 PCW V . 3.81 2.45 -12.72
C17 PCW V . 4.15 2.25 -14.24
C18 PCW V . 2.92 2.31 -15.14
C19 PCW V . 3.22 1.85 -16.59
C20 PCW V . 3.00 2.68 -17.69
C21 PCW V . 2.50 4.07 -17.82
C22 PCW V . 1.80 4.18 -19.21
C23 PCW V . 2.72 4.10 -20.47
C24 PCW V . 2.26 4.85 -21.69
C25 PCW V . 1.64 4.09 -22.89
C26 PCW V . 0.69 4.90 -23.76
C27 PCW V . -0.79 4.96 -23.32
C28 PCW V . -1.68 4.97 -24.55
C31 PCW V . 6.24 3.22 -4.26
C32 PCW V . 5.21 4.28 -3.82
C33 PCW V . 4.24 4.83 -4.97
C34 PCW V . 4.86 5.95 -5.80
C35 PCW V . 4.03 6.00 -7.16
C36 PCW V . 2.88 7.03 -7.09
C37 PCW V . 2.01 7.15 -8.39
C38 PCW V . 0.62 7.61 -8.08
C39 PCW V . -0.24 7.74 -9.33
C40 PCW V . -1.52 7.40 -9.47
C41 PCW V . -2.37 6.80 -8.36
C42 PCW V . -3.90 6.93 -8.81
C43 PCW V . -4.63 8.23 -8.56
C44 PCW V . -6.04 8.06 -9.08
C45 PCW V . -6.27 8.49 -10.51
C46 PCW V . -7.23 9.63 -10.66
C47 PCW V . -7.78 9.88 -12.05
C48 PCW V . -8.75 11.07 -12.06
N PCW V . 13.45 0.09 -0.95
O2 PCW V . 5.69 2.02 -4.11
O3 PCW V . 4.93 0.29 -6.22
O11 PCW V . 4.54 -1.76 -7.11
O31 PCW V . 7.42 3.46 -4.67
O1P PCW V . 10.63 -1.13 -4.44
O2P PCW V . 10.01 1.23 -3.94
O3P PCW V . 8.32 -0.68 -3.52
O4P PCW V . 10.27 -0.28 -2.11
P PCW V . 9.86 -0.20 -3.56
C1 PCW W . 8.70 -18.22 -5.08
C2 PCW W . 7.94 -19.45 -5.70
C3 PCW W . 6.52 -19.59 -5.06
C4 PCW W . 11.09 -15.96 -3.07
C5 PCW W . 10.87 -14.46 -2.90
C6 PCW W . 8.64 -14.26 -4.14
C7 PCW W . 9.26 -12.63 -2.43
C8 PCW W . 10.10 -12.96 -4.04
C11 PCW W . 4.69 -20.47 -6.32
C12 PCW W . 4.10 -21.78 -6.78
C13 PCW W . 2.53 -21.62 -6.84
C14 PCW W . 1.77 -22.87 -7.30
C15 PCW W . 0.63 -22.63 -8.34
C16 PCW W . 0.54 -23.85 -9.34
C17 PCW W . -0.86 -24.17 -9.95
C18 PCW W . -1.13 -23.47 -11.29
C19 PCW W . -0.19 -23.94 -12.43
C20 PCW W . -0.36 -25.16 -13.07
C21 PCW W . -1.33 -26.25 -12.89
C22 PCW W . -2.37 -26.12 -14.04
C23 PCW W . -3.51 -27.16 -14.09
C24 PCW W . -3.92 -27.64 -15.45
C25 PCW W . -4.91 -28.84 -15.62
C26 PCW W . -4.46 -30.18 -15.06
C27 PCW W . -2.99 -30.61 -15.28
C28 PCW W . -2.71 -30.80 -16.75
C31 PCW W . 8.70 -19.79 -7.92
C32 PCW W . 8.37 -19.50 -9.40
C33 PCW W . 9.08 -20.45 -10.48
C34 PCW W . 8.69 -20.12 -11.91
C35 PCW W . 8.15 -21.48 -12.54
C36 PCW W . 6.77 -21.31 -13.21
C37 PCW W . 6.18 -22.61 -13.86
C38 PCW W . 5.29 -22.29 -15.03
C39 PCW W . 4.70 -23.52 -15.68
C40 PCW W . 4.14 -23.59 -16.88
C41 PCW W . 3.99 -22.40 -17.82
C42 PCW W . 4.08 -22.94 -19.32
C43 PCW W . 2.81 -23.40 -19.99
C44 PCW W . 3.18 -23.85 -21.39
C45 PCW W . 2.36 -25.00 -21.92
C46 PCW W . 1.10 -24.57 -22.62
C47 PCW W . -0.09 -25.50 -22.48
C48 PCW W . -1.30 -24.95 -23.25
N PCW W . 9.55 -13.91 -3.04
O2 PCW W . 7.74 -19.25 -7.17
O3 PCW W . 5.83 -20.71 -5.61
O11 PCW W . 4.22 -19.39 -6.53
O31 PCW W . 9.72 -20.41 -7.51
O1P PCW W . 11.29 -18.71 -4.07
O2P PCW W . 12.37 -17.61 -6.02
O3P PCW W . 9.80 -17.75 -5.87
O4P PCW W . 11.13 -16.23 -4.50
P PCW W . 11.22 -17.63 -5.09
C1 PCW X . 3.39 -16.08 5.56
C2 PCW X . 2.76 -15.97 4.11
C3 PCW X . 2.63 -17.39 3.45
C4 PCW X . 2.87 -18.54 8.03
C5 PCW X . 1.83 -17.47 8.39
C6 PCW X . -0.06 -16.37 7.07
C7 PCW X . -0.43 -18.49 8.25
C8 PCW X . -0.02 -16.84 8.98
C11 PCW X . 1.07 -18.16 1.80
C12 PCW X . 0.61 -17.87 0.39
C13 PCW X . 1.62 -18.57 -0.60
C14 PCW X . 1.31 -18.39 -2.08
C15 PCW X . 1.74 -17.02 -2.69
C16 PCW X . 0.54 -16.34 -3.44
C17 PCW X . 0.68 -14.83 -3.79
C18 PCW X . -0.41 -14.32 -4.73
C19 PCW X . -0.72 -12.81 -4.55
C20 PCW X . -0.89 -11.96 -5.62
C21 PCW X . -0.86 -12.16 -7.09
C22 PCW X . -0.83 -10.75 -7.74
C23 PCW X . -2.02 -10.35 -8.64
C24 PCW X . -2.64 -9.00 -8.37
C25 PCW X . -2.22 -7.74 -9.19
C26 PCW X . -1.28 -6.77 -8.52
C27 PCW X . -1.14 -5.36 -9.12
C28 PCW X . -1.22 -4.32 -8.04
C31 PCW X . 1.30 -14.11 3.94
C32 PCW X . -0.17 -13.69 4.07
C33 PCW X . -0.45 -12.12 3.97
C34 PCW X . -1.91 -11.73 4.23
C35 PCW X . -2.75 -12.58 3.19
C36 PCW X . -4.20 -12.08 3.04
C37 PCW X . -5.09 -12.88 2.03
C38 PCW X . -4.56 -12.80 0.63
C39 PCW X . -5.41 -13.58 -0.35
C40 PCW X . -5.18 -13.75 -1.66
C41 PCW X . -3.99 -13.18 -2.39
C42 PCW X . -4.53 -12.19 -3.53
C43 PCW X . -4.82 -10.74 -3.16
C44 PCW X . -5.30 -10.04 -4.42
C45 PCW X . -6.76 -10.22 -4.74
C46 PCW X . -7.06 -10.25 -6.21
C47 PCW X . -6.57 -11.46 -6.97
C48 PCW X . -6.94 -11.37 -8.46
N PCW X . 0.54 -17.53 7.78
O2 PCW X . 1.38 -15.42 4.20
O3 PCW X . 2.06 -17.27 2.14
O11 PCW X . 0.63 -19.02 2.51
O31 PCW X . 2.26 -13.35 3.64
O1P PCW X . 4.15 -19.13 5.51
O2P PCW X . 6.23 -18.43 6.73
O3P PCW X . 4.70 -16.67 5.61
O4P PCW X . 4.09 -17.84 7.66
P PCW X . 4.82 -18.09 6.36
C1 PCW Y . -11.67 0.05 21.81
C2 PCW Y . -12.70 -1.16 21.70
C3 PCW Y . -13.89 -0.98 22.71
C4 PCW Y . -10.49 -0.13 26.27
C5 PCW Y . -11.74 -1.03 26.41
C6 PCW Y . -10.31 -2.93 26.88
C7 PCW Y . -11.65 -2.95 24.97
C8 PCW Y . -12.69 -3.24 26.97
C11 PCW Y . -15.20 -2.72 23.73
C12 PCW Y . -16.19 -3.81 23.39
C13 PCW Y . -16.12 -4.92 24.51
C14 PCW Y . -17.07 -6.11 24.31
C15 PCW Y . -16.64 -7.17 23.25
C16 PCW Y . -16.67 -8.62 23.85
C17 PCW Y . -16.43 -9.80 22.86
C18 PCW Y . -17.21 -11.07 23.22
C19 PCW Y . -16.87 -12.27 22.31
C20 PCW Y . -17.85 -13.08 21.74
C21 PCW Y . -19.33 -13.06 21.81
C22 PCW Y . -19.82 -12.67 20.38
C23 PCW Y . -20.88 -11.55 20.29
C24 PCW Y . -22.26 -11.95 19.84
C25 PCW Y . -23.49 -11.67 20.74
C26 PCW Y . -24.57 -10.77 20.16
C27 PCW Y . -25.62 -10.19 21.12
C28 PCW Y . -25.24 -8.79 21.54
C31 PCW Y . -12.62 -1.96 19.46
C32 PCW Y . -13.35 -1.89 18.11
C33 PCW Y . -13.57 -3.30 17.38
C34 PCW Y . -14.08 -3.19 15.95
C35 PCW Y . -14.10 -4.67 15.41
C36 PCW Y . -15.55 -5.21 15.22
C37 PCW Y . -15.65 -6.68 14.68
C38 PCW Y . -16.72 -7.45 15.38
C39 PCW Y . -16.82 -8.87 14.87
C40 PCW Y . -17.93 -9.61 14.76
C41 PCW Y . -19.31 -9.15 15.13
C42 PCW Y . -20.27 -10.42 15.18
C43 PCW Y . -21.76 -10.21 15.21
C44 PCW Y . -22.41 -11.59 15.26
C45 PCW Y . -23.49 -11.76 16.29
C46 PCW Y . -24.87 -11.90 15.73
C47 PCW Y . -26.00 -12.01 16.72
C48 PCW Y . -27.35 -12.14 16.01
N PCW Y . -11.59 -2.46 26.32
O2 PCW Y . -13.29 -1.19 20.32
O3 PCW Y . -14.81 -2.08 22.58
O11 PCW Y . -14.82 -2.45 24.83
O31 PCW Y . -11.58 -2.64 19.71
O1P PCW Y . -9.50 -0.29 23.57
O2P PCW Y . -9.67 2.20 23.68
O3P PCW Y . -11.74 0.78 23.06
O4P PCW Y . -10.84 0.92 25.32
P PCW Y . -10.36 0.91 23.88
C1 PCW Z . 8.10 13.94 0.58
C2 PCW Z . 6.62 13.98 0.05
C3 PCW Z . 6.19 12.59 -0.52
C4 PCW Z . 6.11 11.75 2.99
C5 PCW Z . 5.10 11.50 4.11
C6 PCW Z . 2.63 11.82 3.59
C7 PCW Z . 3.49 9.62 4.21
C8 PCW Z . 3.44 11.14 5.25
C11 PCW Z . 4.51 13.48 -2.01
C12 PCW Z . 3.03 13.43 -2.24
C13 PCW Z . 2.56 11.94 -2.05
C14 PCW Z . 1.07 11.69 -2.22
C15 PCW Z . 0.20 11.89 -0.95
C16 PCW Z . -1.23 11.31 -1.16
C17 PCW Z . -2.44 12.30 -1.04
C18 PCW Z . -2.59 13.22 -2.27
C19 PCW Z . -2.94 12.46 -3.56
C20 PCW Z . -3.07 13.11 -4.77
C21 PCW Z . -2.92 14.55 -5.13
C22 PCW Z . -3.95 14.84 -6.27
C23 PCW Z . -3.88 16.25 -6.92
C24 PCW Z . -4.43 16.37 -8.32
C25 PCW Z . -4.10 15.31 -9.39
C26 PCW Z . -5.10 15.16 -10.52
C27 PCW Z . -6.38 14.36 -10.25
C28 PCW Z . -7.31 14.45 -11.43
C31 PCW Z . 5.07 15.48 0.98
C32 PCW Z . 4.14 15.71 2.18
C33 PCW Z . 2.60 15.34 1.96
C34 PCW Z . 1.96 16.09 0.79
C35 PCW Z . 0.62 15.31 0.47
C36 PCW Z . -0.61 16.23 0.50
C37 PCW Z . -1.97 15.51 0.20
C38 PCW Z . -3.03 15.88 1.18
C39 PCW Z . -4.33 15.19 0.90
C40 PCW Z . -5.14 15.39 -0.13
C41 PCW Z . -4.88 16.39 -1.25
C42 PCW Z . -6.12 16.36 -2.26
C43 PCW Z . -5.87 16.72 -3.71
C44 PCW Z . -7.21 16.62 -4.44
C45 PCW Z . -7.20 17.03 -5.89
C46 PCW Z . -8.51 16.83 -6.59
C47 PCW Z . -8.49 15.99 -7.84
C48 PCW Z . -9.90 15.87 -8.45
N PCW Z . 3.81 10.97 3.82
O2 PCW Z . 5.67 14.32 1.15
O3 PCW Z . 4.82 12.66 -0.96
O11 PCW Z . 5.27 14.17 -2.61
O31 PCW Z . 5.23 16.28 0.01
O1P PCW Z . 8.97 12.12 2.65
O2P PCW Z . 8.65 13.84 4.41
O3P PCW Z . 8.25 14.43 1.93
O4P PCW Z . 6.72 13.04 3.26
P PCW Z . 8.20 13.32 3.10
C1 PCW AA . 9.59 -25.06 -5.44
C2 PCW AA . 8.36 -24.28 -6.05
C3 PCW AA . 8.78 -23.60 -7.40
C4 PCW AA . 11.39 -22.94 -3.23
C5 PCW AA . 11.99 -22.34 -4.50
C6 PCW AA . 13.87 -20.89 -5.46
C7 PCW AA . 14.38 -22.80 -4.00
C8 PCW AA . 13.59 -22.83 -5.68
C11 PCW AA . 7.21 -23.28 -9.20
C12 PCW AA . 6.03 -22.43 -9.59
C13 PCW AA . 4.88 -23.38 -10.10
C14 PCW AA . 3.61 -22.66 -10.55
C15 PCW AA . 3.81 -21.28 -11.23
C16 PCW AA . 2.63 -20.31 -10.90
C17 PCW AA . 1.22 -20.67 -11.51
C18 PCW AA . 0.36 -19.44 -11.82
C19 PCW AA . -1.05 -19.81 -12.36
C20 PCW AA . -2.05 -18.87 -12.56
C21 PCW AA . -2.09 -17.39 -12.34
C22 PCW AA . -3.44 -16.89 -12.93
C23 PCW AA . -3.44 -16.25 -14.34
C24 PCW AA . -4.42 -16.81 -15.33
C25 PCW AA . -4.53 -16.26 -16.78
C26 PCW AA . -5.86 -16.46 -17.48
C27 PCW AA . -7.04 -15.55 -17.09
C28 PCW AA . -8.22 -15.79 -18.02
C31 PCW AA . 6.35 -25.37 -5.38
C32 PCW AA . 5.30 -26.39 -5.86
C33 PCW AA . 4.18 -25.80 -6.83
C34 PCW AA . 2.76 -25.98 -6.28
C35 PCW AA . 2.10 -27.08 -7.21
C36 PCW AA . 0.56 -26.97 -7.26
C37 PCW AA . -0.15 -28.03 -8.14
C38 PCW AA . -1.63 -27.99 -7.98
C39 PCW AA . -2.35 -29.01 -8.82
C40 PCW AA . -3.51 -28.85 -9.46
C41 PCW AA . -4.32 -27.55 -9.45
C42 PCW AA . -5.78 -27.89 -9.97
C43 PCW AA . -5.97 -28.21 -11.44
C44 PCW AA . -7.45 -28.49 -11.64
C45 PCW AA . -7.86 -28.84 -13.05
C46 PCW AA . -8.05 -27.65 -13.94
C47 PCW AA . -8.41 -27.95 -15.38
C48 PCW AA . -8.58 -26.66 -16.18
N PCW AA . 13.37 -21.92 -4.52
O2 PCW AA . 7.25 -25.23 -6.36
O3 PCW AA . 7.66 -22.90 -7.96
O11 PCW AA . 7.67 -24.17 -9.85
O31 PCW AA . 6.35 -24.79 -4.27
O1P PCW AA . 9.19 -24.41 -2.02
O2P PCW AA . 10.79 -26.32 -2.17
O3P PCW AA . 9.31 -25.72 -4.19
O4P PCW AA . 11.24 -24.38 -3.48
P PCW AA . 10.13 -25.21 -2.89
C1 PCW BA . 2.40 -31.25 5.94
C2 PCW BA . 1.83 -30.68 4.58
C3 PCW BA . 2.49 -31.43 3.37
C4 PCW BA . 3.24 -26.80 7.46
C5 PCW BA . 2.68 -25.58 6.73
C6 PCW BA . 4.74 -24.41 6.29
C7 PCW BA . 3.46 -23.82 8.15
C8 PCW BA . 2.66 -23.20 6.11
C11 PCW BA . 1.74 -31.77 1.11
C12 PCW BA . 1.24 -31.00 -0.09
C13 PCW BA . 2.48 -30.42 -0.85
C14 PCW BA . 2.15 -29.61 -2.11
C15 PCW BA . 2.64 -30.21 -3.46
C16 PCW BA . 2.32 -31.75 -3.52
C17 PCW BA . 2.22 -32.40 -4.95
C18 PCW BA . 1.39 -31.58 -5.93
C19 PCW BA . -0.11 -31.48 -5.52
C20 PCW BA . -1.11 -32.20 -6.16
C21 PCW BA . -1.08 -33.17 -7.28
C22 PCW BA . -0.88 -32.35 -8.60
C23 PCW BA . 0.33 -32.72 -9.49
C24 PCW BA . 0.03 -33.19 -10.88
C25 PCW BA . 1.17 -33.56 -11.87
C26 PCW BA . 0.79 -33.71 -13.33
C27 PCW BA . -0.02 -32.57 -13.99
C28 PCW BA . 0.76 -31.97 -15.15
C31 PCW BA . -0.30 -29.94 3.91
C32 PCW BA . -1.79 -30.30 3.92
C33 PCW BA . -2.14 -31.82 4.31
C34 PCW BA . -2.08 -32.78 3.13
C35 PCW BA . -3.39 -32.48 2.28
C36 PCW BA . -3.46 -33.30 0.97
C37 PCW BA . -4.73 -33.04 0.09
C38 PCW BA . -6.00 -33.09 0.89
C39 PCW BA . -7.23 -32.84 0.06
C40 PCW BA . -8.01 -33.76 -0.50
C41 PCW BA . -7.77 -35.26 -0.39
C42 PCW BA . -8.66 -35.99 -1.50
C43 PCW BA . -8.12 -36.09 -2.91
C44 PCW BA . -9.18 -36.82 -3.73
C45 PCW BA . -9.64 -36.09 -4.97
C46 PCW BA . -11.11 -35.83 -5.00
C47 PCW BA . -11.79 -35.98 -6.34
C48 PCW BA . -13.30 -35.67 -6.23
N PCW BA . 3.36 -24.32 6.81
O2 PCW BA . 0.37 -30.91 4.53
O3 PCW BA . 1.98 -30.90 2.13
O11 PCW BA . 1.91 -32.95 1.15
O31 PCW BA . 0.19 -28.89 3.38
O1P PCW BA . 4.60 -29.29 8.06
O2P PCW BA . 4.59 -29.54 5.57
O3P PCW BA . 2.54 -30.25 6.97
O4P PCW BA . 3.12 -27.93 6.55
P PCW BA . 3.79 -29.26 6.79
C1 PCW CA . 12.88 0.26 -5.96
C2 PCW CA . 11.90 0.04 -7.18
C3 PCW CA . 10.54 0.76 -6.91
C4 PCW CA . 14.52 -3.33 -7.88
C5 PCW CA . 14.01 -2.91 -9.27
C6 PCW CA . 14.74 -4.60 -11.03
C7 PCW CA . 12.37 -3.97 -10.80
C8 PCW CA . 13.80 -2.89 -11.29
C11 PCW CA . 8.76 -0.47 -7.92
C12 PCW CA . 7.91 -0.53 -9.16
C13 PCW CA . 7.86 -2.02 -9.65
C14 PCW CA . 7.03 -2.27 -10.92
C15 PCW CA . 5.54 -2.64 -10.68
C16 PCW CA . 4.79 -2.88 -12.05
C17 PCW CA . 3.55 -1.96 -12.34
C18 PCW CA . 3.01 -2.11 -13.76
C19 PCW CA . 4.06 -1.77 -14.85
C20 PCW CA . 3.95 -2.18 -16.16
C21 PCW CA . 2.91 -2.97 -16.87
C22 PCW CA . 2.72 -2.32 -18.28
C23 PCW CA . 1.82 -1.06 -18.37
C24 PCW CA . 1.64 -0.47 -19.73
C25 PCW CA . 0.24 -0.52 -20.43
C26 PCW CA . -0.14 0.70 -21.26
C27 PCW CA . -1.52 1.34 -21.00
C28 PCW CA . -1.34 2.68 -20.32
C31 PCW CA . 12.19 -0.02 -9.53
C32 PCW CA . 12.85 0.70 -10.72
C33 PCW CA . 12.05 1.99 -11.27
C34 PCW CA . 10.71 1.63 -11.92
C35 PCW CA . 9.64 2.52 -11.15
C36 PCW CA . 9.43 3.90 -11.82
C37 PCW CA . 8.38 4.82 -11.11
C38 PCW CA . 6.99 4.56 -11.59
C39 PCW CA . 5.98 5.46 -10.90
C40 PCW CA . 5.08 6.24 -11.46
C41 PCW CA . 4.88 6.38 -12.97
C42 PCW CA . 3.35 6.12 -13.29
C43 PCW CA . 2.86 6.34 -14.72
C44 PCW CA . 1.38 6.02 -14.74
C45 PCW CA . 0.59 6.71 -15.83
C46 PCW CA . -0.73 6.05 -16.11
C47 PCW CA . -1.20 6.07 -17.55
C48 PCW CA . -2.56 5.36 -17.69
N PCW CA . 13.70 -3.93 -10.22
O2 PCW CA . 12.49 0.64 -8.42
O3 PCW CA . 9.65 0.56 -8.02
O11 PCW CA . 8.66 -1.22 -6.98
O31 PCW CA . 11.50 -1.08 -9.61
O1P PCW CA . 15.98 -1.98 -5.77
O2P PCW CA . 13.83 -2.18 -4.55
O3P PCW CA . 14.22 -0.21 -6.17
O4P PCW CA . 13.81 -2.50 -6.92
P PCW CA . 14.50 -1.76 -5.79
C1 PCW DA . 3.25 -21.17 2.05
C2 PCW DA . 2.28 -21.65 0.89
C3 PCW DA . 3.09 -22.48 -0.17
C4 PCW DA . 6.68 -20.67 1.50
C5 PCW DA . 8.12 -21.10 1.74
C6 PCW DA . 10.60 -20.76 1.28
C7 PCW DA . 9.07 -18.85 1.26
C8 PCW DA . 9.50 -19.94 2.69
C11 PCW DA . 2.61 -22.76 -2.50
C12 PCW DA . 1.54 -23.25 -3.44
C13 PCW DA . 0.43 -22.15 -3.52
C14 PCW DA . -0.76 -22.49 -4.44
C15 PCW DA . -1.38 -21.29 -5.21
C16 PCW DA . -2.39 -21.79 -6.30
C17 PCW DA . -3.08 -20.71 -7.17
C18 PCW DA . -2.74 -20.82 -8.66
C19 PCW DA . -3.97 -20.58 -9.57
C20 PCW DA . -5.01 -21.49 -9.68
C21 PCW DA . -5.25 -22.81 -9.05
C22 PCW DA . -6.68 -22.78 -8.47
C23 PCW DA . -7.24 -24.10 -7.88
C24 PCW DA . -8.73 -24.22 -7.75
C25 PCW DA . -9.40 -25.59 -7.48
C26 PCW DA . -8.48 -26.78 -7.27
C27 PCW DA . -9.12 -28.12 -6.82
C28 PCW DA . -8.44 -29.27 -7.51
C31 PCW DA . -0.01 -22.28 1.03
C32 PCW DA . -0.98 -23.28 1.69
C33 PCW DA . -1.64 -24.35 0.70
C34 PCW DA . -2.78 -23.78 -0.14
C35 PCW DA . -4.10 -24.05 0.69
C36 PCW DA . -4.86 -25.31 0.22
C37 PCW DA . -6.17 -25.64 1.00
C38 PCW DA . -5.88 -26.20 2.36
C39 PCW DA . -7.13 -26.52 3.13
C40 PCW DA . -7.58 -27.73 3.44
C41 PCW DA . -6.90 -29.04 3.04
C42 PCW DA . -8.02 -30.11 2.68
C43 PCW DA . -8.86 -30.70 3.81
C44 PCW DA . -9.83 -31.68 3.16
C45 PCW DA . -10.51 -32.62 4.13
C46 PCW DA . -11.94 -32.25 4.42
C47 PCW DA . -12.16 -31.14 5.41
C48 PCW DA . -13.65 -30.87 5.62
N PCW DA . 9.21 -20.29 1.27
O2 PCW DA . 1.24 -22.55 1.46
O3 PCW DA . 2.20 -22.92 -1.21
O11 PCW DA . 3.66 -22.29 -2.85
O31 PCW DA . -0.33 -21.37 0.22
O1P PCW DA . 5.79 -21.52 4.16
O2P PCW DA . 5.79 -23.77 3.10
O3P PCW DA . 3.74 -22.23 2.88
O4P PCW DA . 5.85 -21.86 1.66
P PCW DA . 5.35 -22.36 3.00
C1 PCW EA . -7.94 -12.97 19.10
C2 PCW EA . -9.45 -13.45 19.17
C3 PCW EA . -9.91 -13.96 17.76
C4 PCW EA . -7.13 -14.71 23.11
C5 PCW EA . -5.85 -15.45 23.50
C6 PCW EA . -4.75 -17.45 24.63
C7 PCW EA . -6.97 -17.68 23.64
C8 PCW EA . -5.39 -17.32 22.77
C11 PCW EA . -12.26 -13.47 17.56
C12 PCW EA . -13.61 -14.13 17.71
C13 PCW EA . -13.73 -15.24 16.60
C14 PCW EA . -15.05 -16.02 16.60
C15 PCW EA . -14.91 -17.57 16.66
C16 PCW EA . -15.92 -18.26 15.67
C17 PCW EA . -17.28 -18.76 16.28
C18 PCW EA . -18.48 -18.47 15.38
C19 PCW EA . -18.26 -18.91 13.91
C20 PCW EA . -19.02 -18.42 12.86
C21 PCW EA . -20.16 -17.45 12.81
C22 PCW EA . -20.83 -17.63 11.42
C23 PCW EA . -19.96 -17.35 10.17
C24 PCW EA . -19.39 -15.96 10.02
C25 PCW EA . -19.47 -15.21 8.67
C26 PCW EA . -18.25 -14.39 8.29
C27 PCW EA . -17.56 -14.71 6.94
C28 PCW EA . -17.89 -13.66 5.92
C31 PCW EA . -10.40 -14.34 21.15
C32 PCW EA . -10.46 -15.60 22.04
C33 PCW EA . -11.59 -15.60 23.17
C34 PCW EA . -12.98 -15.20 22.66
C35 PCW EA . -13.99 -16.23 23.29
C36 PCW EA . -15.39 -15.60 23.51
C37 PCW EA . -16.47 -16.56 24.13
C38 PCW EA . -17.76 -16.48 23.37
C39 PCW EA . -18.84 -17.40 23.92
C40 PCW EA . -20.14 -17.13 23.99
C41 PCW EA . -20.77 -15.83 23.52
C42 PCW EA . -22.08 -16.18 22.66
C43 PCW EA . -22.68 -15.09 21.79
C44 PCW EA . -23.90 -15.68 21.11
C45 PCW EA . -25.22 -15.18 21.61
C46 PCW EA . -26.15 -14.71 20.53
C47 PCW EA . -27.48 -14.16 20.98
C48 PCW EA . -28.33 -13.72 19.78
N PCW EA . -5.92 -16.77 24.06
O2 PCW EA . -9.59 -14.59 20.12
O3 PCW EA . -11.28 -14.39 17.83
O11 PCW EA . -12.07 -12.32 17.27
O31 PCW EA . -11.02 -13.25 21.37
O1P PCW EA . -6.24 -14.70 20.32
O2P PCW EA . -4.95 -12.69 21.03
O3P PCW EA . -7.42 -12.48 20.34
O4P PCW EA . -6.73 -13.47 22.46
P PCW EA . -6.26 -13.37 21.02
C1 PCW FA . -4.65 -17.33 16.11
C2 PCW FA . -6.15 -17.73 15.82
C3 PCW FA . -7.08 -16.49 16.07
C4 PCW FA . -0.87 -20.32 15.41
C5 PCW FA . -0.11 -19.49 14.38
C6 PCW FA . 2.12 -20.22 13.38
C7 PCW FA . 0.08 -20.25 12.03
C8 PCW FA . 0.93 -18.79 12.76
C11 PCW FA . -9.20 -17.28 16.87
C12 PCW FA . -10.61 -17.60 16.39
C13 PCW FA . -10.51 -18.81 15.39
C14 PCW FA . -11.84 -19.27 14.80
C15 PCW FA . -12.11 -18.83 13.33
C16 PCW FA . -13.54 -19.26 12.87
C17 PCW FA . -14.25 -18.36 11.80
C18 PCW FA . -13.73 -18.55 10.38
C19 PCW FA . -14.41 -17.63 9.34
C20 PCW FA . -14.50 -17.95 8.00
C21 PCW FA . -14.02 -19.11 7.21
C22 PCW FA . -15.19 -20.16 7.22
C23 PCW FA . -15.98 -20.35 5.90
C24 PCW FA . -17.46 -20.17 5.96
C25 PCW FA . -18.09 -18.87 6.56
C26 PCW FA . -19.51 -18.56 6.15
C27 PCW FA . -19.75 -17.36 5.21
C28 PCW FA . -21.00 -16.62 5.63
C31 PCW FA . -6.99 -19.26 14.22
C32 PCW FA . -7.07 -19.53 12.71
C33 PCW FA . -7.95 -20.82 12.29
C34 PCW FA . -8.98 -20.53 11.20
C35 PCW FA . -9.87 -21.83 11.11
C36 PCW FA . -11.31 -21.52 10.60
C37 PCW FA . -12.27 -22.74 10.48
C38 PCW FA . -13.65 -22.33 10.09
C39 PCW FA . -14.59 -23.50 9.97
C40 PCW FA . -15.92 -23.49 10.12
C41 PCW FA . -16.73 -22.25 10.44
C42 PCW FA . -17.78 -22.03 9.26
C43 PCW FA . -18.86 -23.08 9.04
C44 PCW FA . -19.70 -22.60 7.87
C45 PCW FA . -20.26 -23.69 6.98
C46 PCW FA . -21.46 -23.25 6.18
C47 PCW FA . -21.25 -23.05 4.70
C48 PCW FA . -22.55 -22.60 4.01
N PCW FA . 0.65 -20.13 13.35
O2 PCW FA . -6.31 -18.12 14.39
O3 PCW FA . -8.45 -16.86 15.81
O11 PCW FA . -8.83 -17.36 18.00
O31 PCW FA . -7.47 -19.99 15.13
O1P PCW FA . -2.54 -19.10 17.43
O2P PCW FA . -4.33 -20.45 16.33
O3P PCW FA . -3.68 -18.14 15.40
O4P PCW FA . -2.28 -20.12 15.15
P PCW FA . -3.22 -19.49 16.15
C1 PCW GA . -1.33 1.44 7.81
C2 PCW GA . -2.58 0.90 7.02
C3 PCW GA . -3.68 0.42 8.05
C4 PCW GA . 2.38 -0.45 9.38
C5 PCW GA . 3.83 -0.90 9.22
C6 PCW GA . 4.90 -0.87 6.91
C7 PCW GA . 5.72 0.62 8.68
C8 PCW GA . 5.77 -1.24 8.63
C11 PCW GA . -4.85 -1.39 6.99
C12 PCW GA . -6.13 -1.68 6.24
C13 PCW GA . -6.08 -0.90 4.87
C14 PCW GA . -7.30 -1.08 3.97
C15 PCW GA . -7.38 -0.13 2.74
C16 PCW GA . -8.53 -0.58 1.76
C17 PCW GA . -9.83 0.28 1.76
C18 PCW GA . -9.65 1.67 1.14
C19 PCW GA . -10.93 2.20 0.46
C20 PCW GA . -11.27 1.84 -0.82
C21 PCW GA . -10.63 0.96 -1.83
C22 PCW GA . -11.43 -0.37 -1.83
C23 PCW GA . -12.11 -0.80 -3.16
C24 PCW GA . -13.60 -0.78 -3.17
C25 PCW GA . -14.38 0.35 -3.90
C26 PCW GA . -15.74 0.71 -3.33
C27 PCW GA . -16.87 1.07 -4.30
C28 PCW GA . -17.96 0.04 -4.24
C31 PCW GA . -3.38 1.65 4.93
C32 PCW GA . -4.02 2.87 4.22
C33 PCW GA . -5.50 2.64 3.68
C34 PCW GA . -6.50 3.68 4.16
C35 PCW GA . -7.28 3.02 5.37
C36 PCW GA . -6.62 3.34 6.74
C37 PCW GA . -7.35 2.72 7.98
C38 PCW GA . -8.51 3.56 8.42
C39 PCW GA . -9.23 3.00 9.61
C40 PCW GA . -10.21 2.09 9.61
C41 PCW GA . -10.79 1.47 8.35
C42 PCW GA . -11.76 2.53 7.65
C43 PCW GA . -11.47 2.94 6.22
C44 PCW GA . -12.53 3.94 5.82
C45 PCW GA . -13.14 3.74 4.45
C46 PCW GA . -14.46 4.42 4.25
C47 PCW GA . -15.24 4.07 3.01
C48 PCW GA . -16.57 4.83 2.94
N PCW GA . 4.68 -0.29 8.24
O2 PCW GA . -3.19 1.98 6.21
O3 PCW GA . -4.82 -0.07 7.33
O11 PCW GA . -3.99 -2.19 7.24
O31 PCW GA . -3.10 0.55 4.38
O1P PCW GA . -0.40 -0.96 8.78
O2P PCW GA . 0.48 -1.37 6.49
O3P PCW GA . -0.06 1.02 7.25
O4P PCW GA . 1.88 -0.21 8.04
P PCW GA . 0.43 -0.46 7.64
C1 PCW HA . -4.01 1.63 11.21
C2 PCW HA . -5.07 0.52 11.59
C3 PCW HA . -6.52 1.01 11.21
C4 PCW HA . -0.61 0.28 14.36
C5 PCW HA . -1.57 0.52 15.54
C6 PCW HA . -4.06 0.03 15.33
C7 PCW HA . -2.61 -1.39 16.72
C8 PCW HA . -3.02 0.38 16.96
C11 PCW HA . -8.21 0.17 12.69
C12 PCW HA . -9.16 -1.00 12.83
C13 PCW HA . -10.62 -0.50 12.52
C14 PCW HA . -11.70 -1.58 12.63
C15 PCW HA . -13.16 -1.09 12.47
C16 PCW HA . -13.45 -0.67 10.99
C17 PCW HA . -14.90 -0.22 10.63
C18 PCW HA . -14.96 0.77 9.46
C19 PCW HA . -15.96 1.93 9.71
C20 PCW HA . -17.32 1.73 9.79
C21 PCW HA . -18.16 0.51 9.68
C22 PCW HA . -19.59 0.98 9.25
C23 PCW HA . -20.22 0.31 8.01
C24 PCW HA . -20.46 1.19 6.82
C25 PCW HA . -20.50 0.59 5.38
C26 PCW HA . -20.24 1.55 4.24
C27 PCW HA . -21.43 1.96 3.36
C28 PCW HA . -21.55 3.46 3.31
C31 PCW HA . -4.94 -1.85 11.50
C32 PCW HA . -4.65 -3.03 10.56
C33 PCW HA . -5.93 -3.68 9.84
C34 PCW HA . -6.45 -4.93 10.53
C35 PCW HA . -7.96 -5.07 10.09
C36 PCW HA . -8.91 -4.16 10.91
C37 PCW HA . -10.41 -4.25 10.53
C38 PCW HA . -10.76 -3.34 9.40
C39 PCW HA . -12.21 -3.40 9.01
C40 PCW HA . -12.75 -4.16 8.05
C41 PCW HA . -11.97 -5.09 7.15
C42 PCW HA . -12.63 -5.10 5.70
C43 PCW HA . -13.80 -4.16 5.42
C44 PCW HA . -14.22 -4.39 3.98
C45 PCW HA . -15.55 -3.77 3.59
C46 PCW HA . -16.52 -4.76 3.03
C47 PCW HA . -16.70 -4.76 1.53
C48 PCW HA . -17.74 -5.81 1.10
N PCW HA . -2.68 -0.35 15.72
O2 PCW HA . -4.82 -0.73 10.79
O3 PCW HA . -7.48 0.00 11.55
O11 PCW HA . -8.13 1.09 13.44
O31 PCW HA . -5.24 -1.94 12.73
O1P PCW HA . -2.01 -0.48 11.96
O2P PCW HA . -0.77 1.45 10.96
O3P PCW HA . -3.00 1.83 12.22
O4P PCW HA . -0.90 1.29 13.36
P PCW HA . -1.65 0.97 12.06
C1 PCW IA . 2.72 -3.87 3.08
C2 PCW IA . 2.48 -3.13 1.71
C3 PCW IA . 3.75 -2.31 1.32
C4 PCW IA . 5.43 -6.40 2.76
C5 PCW IA . 5.85 -5.57 1.54
C6 PCW IA . 4.61 -6.28 -0.42
C7 PCW IA . 6.44 -7.54 0.29
C8 PCW IA . 6.88 -5.53 -0.71
C11 PCW IA . 4.11 -2.11 -1.05
C12 PCW IA . 3.78 -1.22 -2.22
C13 PCW IA . 2.67 -1.90 -3.09
C14 PCW IA . 2.24 -1.11 -4.33
C15 PCW IA . 0.79 -0.56 -4.32
C16 PCW IA . 0.37 -0.07 -5.76
C17 PCW IA . 0.80 1.38 -6.18
C18 PCW IA . 0.10 1.86 -7.45
C19 PCW IA . 0.90 2.96 -8.18
C20 PCW IA . 0.51 3.47 -9.41
C21 PCW IA . -0.63 3.15 -10.31
C22 PCW IA . -0.47 4.07 -11.55
C23 PCW IA . -1.58 3.98 -12.64
C24 PCW IA . -2.55 5.11 -12.72
C25 PCW IA . -3.89 4.98 -13.50
C26 PCW IA . -3.97 3.88 -14.53
C27 PCW IA . -5.35 3.26 -14.82
C28 PCW IA . -5.33 2.51 -16.13
C31 PCW IA . 1.19 -3.89 -0.14
C32 PCW IA . 1.09 -5.01 -1.20
C33 PCW IA . 0.06 -4.72 -2.39
C34 PCW IA . -0.57 -5.98 -2.96
C35 PCW IA . -2.06 -5.58 -3.33
C36 PCW IA . -2.43 -5.93 -4.79
C37 PCW IA . -3.89 -5.55 -5.21
C38 PCW IA . -4.61 -6.71 -5.83
C39 PCW IA . -6.02 -6.37 -6.26
C40 PCW IA . -6.45 -6.17 -7.49
C41 PCW IA . -5.57 -6.24 -8.73
C42 PCW IA . -5.72 -4.87 -9.52
C43 PCW IA . -6.87 -4.74 -10.50
C44 PCW IA . -6.78 -3.34 -11.11
C45 PCW IA . -7.76 -3.06 -12.22
C46 PCW IA . -7.57 -1.73 -12.88
C47 PCW IA . -7.65 -1.69 -14.39
C48 PCW IA . -7.43 -0.26 -14.92
N PCW IA . 5.94 -6.20 0.24
O2 PCW IA . 2.25 -4.14 0.62
O3 PCW IA . 3.54 -1.62 0.07
O11 PCW IA . 4.78 -3.10 -1.11
O31 PCW IA . 0.39 -2.91 -0.04
O1P PCW IA . 3.71 -5.80 5.02
O2P PCW IA . 2.27 -7.59 4.03
O3P PCW IA . 2.11 -5.17 3.16
O4P PCW IA . 4.00 -6.62 2.65
P PCW IA . 3.04 -6.33 3.79
C1 PCW JA . -7.05 -24.15 22.26
C2 PCW JA . -8.12 -25.18 21.72
C3 PCW JA . -9.11 -25.58 22.87
C4 PCW JA . -4.59 -25.09 18.32
C5 PCW JA . -5.14 -26.04 17.26
C6 PCW JA . -3.99 -28.05 18.33
C7 PCW JA . -4.92 -28.23 16.08
C8 PCW JA . -3.52 -27.16 16.64
C11 PCW JA . -10.41 -27.57 23.17
C12 PCW JA . -11.43 -28.43 22.46
C13 PCW JA . -11.17 -29.93 22.84
C14 PCW JA . -12.12 -30.95 22.21
C15 PCW JA . -13.29 -30.37 21.38
C16 PCW JA . -13.77 -31.40 20.29
C17 PCW JA . -12.77 -31.74 19.14
C18 PCW JA . -13.42 -31.70 17.75
C19 PCW JA . -14.18 -33.00 17.40
C20 PCW JA . -15.40 -32.99 16.74
C21 PCW JA . -16.25 -31.89 16.22
C22 PCW JA . -17.70 -32.17 16.71
C23 PCW JA . -18.87 -31.69 15.80
C24 PCW JA . -20.24 -32.18 16.15
C25 PCW JA . -21.40 -32.10 15.12
C26 PCW JA . -22.48 -31.08 15.39
C27 PCW JA . -23.13 -30.37 14.18
C28 PCW JA . -24.54 -30.87 13.98
C31 PCW JA . -9.00 -25.30 19.53
C32 PCW JA . -9.85 -24.55 18.51
C33 PCW JA . -10.72 -25.46 17.51
C34 PCW JA . -11.66 -26.43 18.23
C35 PCW JA . -13.09 -25.75 18.17
C36 PCW JA . -14.01 -26.41 17.11
C37 PCW JA . -15.46 -25.82 16.99
C38 PCW JA . -15.67 -25.13 15.68
C39 PCW JA . -17.06 -24.57 15.55
C40 PCW JA . -17.86 -24.66 14.50
C41 PCW JA . -17.48 -25.37 13.21
C42 PCW JA . -18.71 -25.20 12.19
C43 PCW JA . -19.79 -26.26 12.16
C44 PCW JA . -20.81 -25.85 11.11
C45 PCW JA . -21.93 -26.84 10.89
C46 PCW JA . -23.21 -26.44 11.56
C47 PCW JA . -24.49 -26.77 10.81
C48 PCW JA . -25.73 -26.32 11.60
N PCW JA . -4.84 -27.44 17.29
O2 PCW JA . -8.92 -24.56 20.64
O3 PCW JA . -10.06 -26.54 22.37
O11 PCW JA . -9.98 -27.78 24.28
O31 PCW JA . -8.45 -26.44 19.36
O1P PCW JA . -3.62 -24.15 20.88
O2P PCW JA . -4.99 -26.03 21.75
O3P PCW JA . -6.08 -23.74 21.27
O4P PCW JA . -5.39 -25.30 19.51
P PCW JA . -4.95 -24.83 20.88
C1 17F KA . -9.51 15.19 22.82
N1 17F KA . -9.47 16.78 24.76
O1 17F KA . -7.10 17.96 21.64
P1 17F KA . -8.18 16.90 21.49
C2 17F KA . -10.02 15.54 24.23
O2 17F KA . -7.17 15.93 20.95
C3 17F KA . -9.71 14.39 25.19
O3 17F KA . -8.28 15.78 22.56
C4 17F KA . -9.81 15.66 19.84
O4 17F KA . -10.09 13.25 24.96
C5 17F KA . -10.28 15.54 18.35
O5 17F KA . -9.07 14.56 26.29
C6 17F KA . -10.81 14.11 18.11
O6 17F KA . -8.79 16.64 20.05
C7 17F KA . -12.36 13.28 16.59
O7 17F KA . -11.25 13.91 16.78
C8 17F KA . -12.59 13.13 15.07
O8 17F KA . -13.13 12.80 17.38
C9 17F KA . -12.19 11.73 14.54
O9 17F KA . -11.24 16.54 17.97
C10 17F KA . -12.39 11.47 13.01
O10 17F KA . -12.13 17.43 19.92
C11 17F KA . -11.56 10.25 12.45
C12 17F KA . -11.78 10.02 10.91
C17 17F KA . -12.19 16.76 18.87
C18 17F KA . -13.49 16.10 18.50
C19 17F KA . -14.02 16.45 17.09
C20 17F KA . -15.55 16.10 16.91
C1X 17F KA . -10.96 8.82 10.44
C1Y 17F KA . -16.03 16.48 15.49
C1Z 17F KA . -16.53 17.92 15.45
C2X 17F KA . -11.13 8.52 8.87
C21 17F KA . -11.32 7.01 8.57
C22 17F KA . -12.45 6.45 8.31
C23 17F KA . -13.77 7.10 8.21
C24 17F KA . -14.30 7.23 6.79
C25 17F KA . -15.66 7.90 6.62
C26 17F KA . -16.36 7.68 5.20
C27 17F KA . -17.71 8.35 5.05
C28 17F KA . -18.25 8.02 3.60
C29 17F KA . -19.64 7.57 3.72
C30 17F KA . -20.29 7.23 2.40
C31 17F KA . -16.55 18.61 14.04
C32 17F KA . -17.07 20.08 13.99
C33 17F KA . -15.93 21.03 14.34
C34 17F KA . -16.03 22.35 14.40
C35 17F KA . -17.27 23.18 14.13
C36 17F KA . -17.31 23.81 12.71
C37 17F KA . -18.64 23.57 12.10
C38 17F KA . -19.29 24.81 11.43
C39 17F KA . -20.67 24.48 10.83
C40 17F KA . -20.99 25.42 9.66
C41 17F KA . -22.45 26.03 9.82
C42 17F KA . -22.81 27.29 9.04
C1 17F LA . 5.37 -15.21 0.96
N1 17F LA . 6.07 -17.52 0.32
O1 17F LA . 6.55 -14.10 -1.66
P1 17F LA . 6.05 -13.25 -0.50
C2 17F LA . 6.32 -16.39 1.20
O2 17F LA . 6.76 -11.94 -0.27
C3 17F LA . 6.23 -16.83 2.66
O3 17F LA . 6.09 -14.02 0.85
C4 17F LA . 3.85 -12.08 0.30
O4 17F LA . 6.41 -16.03 3.58
C5 17F LA . 2.34 -11.82 -0.03
O5 17F LA . 5.96 -18.04 3.00
C6 17F LA . 2.16 -10.35 -0.53
O6 17F LA . 4.52 -12.87 -0.67
C7 17F LA . 0.19 -9.13 -0.21
O7 17F LA . 0.79 -10.08 -0.85
C8 17F LA . -1.26 -9.04 -0.74
O8 17F LA . 0.58 -8.40 0.67
C9 17F LA . -2.32 -9.05 0.39
O9 17F LA . 1.82 -12.76 -0.98
C10 17F LA . -3.83 -8.95 -0.07
O10 17F LA . 1.65 -14.74 0.17
C11 17F LA . -4.68 -7.86 0.68
C12 17F LA . -6.17 -7.83 0.18
C17 17F LA . 1.18 -13.74 -0.39
C18 17F LA . -0.32 -13.56 -0.44
C19 17F LA . -1.13 -14.50 0.50
C20 17F LA . -2.06 -15.49 -0.29
C1X 17F LA . -6.97 -6.75 0.93
C1Y 17F LA . -2.84 -16.42 0.66
C1Z 17F LA . -3.47 -17.60 -0.09
C2X 17F LA . -8.50 -6.68 0.45
C21 17F LA . -8.99 -5.21 0.21
C22 17F LA . -9.88 -4.87 -0.66
C23 17F LA . -10.61 -5.74 -1.59
C24 17F LA . -10.37 -5.45 -3.06
C25 17F LA . -11.11 -6.34 -4.05
C26 17F LA . -10.26 -6.83 -5.32
C27 17F LA . -11.02 -7.71 -6.28
C28 17F LA . -10.04 -8.08 -7.46
C29 17F LA . -10.61 -7.58 -8.72
C30 17F LA . -9.79 -7.86 -9.94
C31 17F LA . -4.34 -17.25 -1.36
C32 17F LA . -4.97 -18.46 -2.09
C33 17F LA . -4.75 -18.31 -3.59
C34 17F LA . -5.16 -19.18 -4.50
C35 17F LA . -5.92 -20.47 -4.24
C36 17F LA . -7.46 -20.38 -4.45
C37 17F LA . -8.10 -20.03 -3.15
C38 17F LA . -8.50 -18.54 -3.02
C39 17F LA . -9.16 -18.25 -1.66
C40 17F LA . -8.86 -16.82 -1.19
C41 17F LA . -10.20 -16.00 -1.00
C42 17F LA . -10.12 -14.51 -0.67
C1 17F MA . -3.37 11.97 15.71
N1 17F MA . -3.89 9.55 15.46
O1 17F MA . -2.88 13.29 12.90
P1 17F MA . -4.16 13.26 13.69
C2 17F MA . -2.97 10.52 16.01
O2 17F MA . -4.45 14.46 14.55
C3 17F MA . -2.86 10.31 17.53
O3 17F MA . -4.24 12.04 14.64
C4 17F MA . -6.76 13.05 13.30
O4 17F MA . -2.12 11.03 18.21
C5 17F MA . -7.88 12.91 12.23
O5 17F MA . -3.51 9.39 18.15
C6 17F MA . -8.81 14.15 12.29
O6 17F MA . -5.44 13.10 12.76
C7 17F MA . -10.15 15.20 10.68
O7 17F MA . -9.87 14.12 11.34
C8 17F MA . -11.38 14.91 9.78
O8 17F MA . -9.64 16.29 10.72
C9 17F MA . -12.62 14.45 10.58
O9 17F MA . -7.37 12.71 10.90
C10 17F MA . -13.92 14.15 9.76
O10 17F MA . -9.32 11.77 10.13
C11 17F MA . -14.75 15.43 9.37
C12 17F MA . -16.05 15.10 8.56
C17 17F MA . -8.09 11.86 10.21
C18 17F MA . -7.24 10.89 9.41
C19 17F MA . -7.85 10.47 8.06
C20 17F MA . -7.33 11.38 6.87
C1X 17F MA . -16.78 16.40 8.22
C1Y 17F MA . -7.97 10.94 5.53
C1Z 17F MA . -9.42 11.45 5.42
C2X 17F MA . -18.14 16.15 7.40
C21 17F MA . -19.34 15.95 8.36
C22 17F MA . -20.58 16.18 8.07
C23 17F MA . -21.13 16.67 6.80
C24 17F MA . -22.49 17.35 6.93
C25 17F MA . -23.12 17.87 5.65
C26 17F MA . -24.66 17.46 5.42
C27 17F MA . -25.29 17.97 4.15
C28 17F MA . -26.78 17.46 4.12
C29 17F MA . -27.57 18.37 3.27
C30 17F MA . -29.02 18.02 3.14
C31 17F MA . -9.59 13.00 5.22
C32 17F MA . -11.06 13.49 5.12
C33 17F MA . -11.33 14.01 3.71
C34 17F MA . -12.50 14.50 3.31
C35 17F MA . -13.74 14.67 4.13
C36 17F MA . -14.78 15.66 3.52
C37 17F MA . -14.67 16.95 4.25
C38 17F MA . -13.99 18.09 3.44
C39 17F MA . -13.94 19.39 4.26
C40 17F MA . -15.30 20.09 4.25
C41 17F MA . -15.50 20.93 2.93
C42 17F MA . -16.88 20.99 2.28
C1 17F NA . 10.19 14.26 -5.62
N1 17F NA . 10.69 11.95 -4.77
O1 17F NA . 7.57 15.30 -7.56
P1 17F NA . 7.76 14.52 -6.29
C2 17F NA . 10.65 13.37 -4.45
O2 17F NA . 7.70 15.32 -5.01
C3 17F NA . 9.74 13.60 -3.24
O3 17F NA . 9.09 13.72 -6.25
C4 17F NA . 6.65 12.53 -4.97
O4 17F NA . 9.57 14.73 -2.79
C5 17F NA . 5.47 11.50 -4.98
O5 17F NA . 9.12 12.64 -2.64
C6 17F NA . 5.53 10.61 -3.72
O6 17F NA . 6.66 13.40 -6.11
C7 17F NA . 4.43 8.79 -2.73
O7 17F NA . 4.47 9.66 -3.69
C8 17F NA . 3.17 7.92 -2.92
O8 17F NA . 5.18 8.61 -1.80
C9 17F NA . 2.07 8.21 -1.87
O9 17F NA . 4.19 12.13 -5.11
C10 17F NA . 0.74 7.38 -1.99
O10 17F NA . 4.05 12.62 -7.36
C11 17F NA . -0.04 7.18 -0.64
C12 17F NA . -1.35 6.34 -0.83
C17 17F NA . 3.72 12.02 -6.32
C18 17F NA . 2.60 10.99 -6.41
C19 17F NA . 1.18 11.60 -6.32
C20 17F NA . 0.78 12.40 -7.62
C1X 17F NA . -2.08 6.17 0.51
C1Y 17F NA . -0.64 12.98 -7.49
C1Z 17F NA . -1.28 13.15 -8.88
C2X 17F NA . -3.43 5.32 0.37
C21 17F NA . -4.30 5.34 1.66
C22 17F NA . -5.40 6.03 1.80
C23 17F NA . -6.04 6.90 0.82
C24 17F NA . -6.90 8.02 1.42
C25 17F NA . -7.57 8.95 0.43
C26 17F NA . -9.11 8.62 0.07
C27 17F NA . -9.75 9.57 -0.92
C28 17F NA . -11.24 9.10 -1.14
C29 17F NA . -11.44 8.86 -2.58
C30 17F NA . -12.82 8.40 -2.95
C31 17F NA . -1.80 11.86 -9.57
C32 17F NA . -2.43 12.09 -10.97
C33 17F NA . -3.90 11.63 -10.94
C34 17F NA . -4.73 11.69 -11.96
C35 17F NA . -4.43 12.20 -13.35
C36 17F NA . -5.46 11.76 -14.44
C37 17F NA . -4.73 11.04 -15.51
C38 17F NA . -4.94 9.50 -15.51
C39 17F NA . -4.16 8.82 -16.64
C40 17F NA . -4.95 8.87 -17.95
C41 17F NA . -4.08 9.46 -19.13
C42 17F NA . -4.69 10.53 -20.05
C1 17F OA . 11.55 -8.71 -3.21
N1 17F OA . 9.04 -8.84 -3.04
O1 17F OA . 12.93 -10.38 -5.09
P1 17F OA . 11.74 -9.58 -5.58
C2 17F OA . 10.31 -9.15 -2.40
O2 17F OA . 11.93 -8.81 -6.86
C3 17F OA . 10.36 -8.49 -1.01
O3 17F OA . 11.21 -8.56 -4.54
C4 17F OA . 9.25 -9.99 -6.31
O4 17F OA . 11.35 -8.61 -0.29
C5 17F OA . 8.15 -11.09 -6.50
O5 17F OA . 9.40 -7.77 -0.54
C6 17F OA . 7.05 -10.88 -5.45
O6 17F OA . 10.48 -10.51 -5.85
C7 17F OA . 5.46 -12.29 -4.48
O7 17F OA . 6.01 -11.85 -5.57
C8 17F OA . 4.39 -13.33 -4.89
O8 17F OA . 5.65 -12.00 -3.33
C9 17F OA . 4.92 -14.79 -4.78
O9 17F OA . 7.61 -11.10 -7.85
C10 17F OA . 3.89 -15.91 -5.18
O10 17F OA . 9.65 -11.29 -8.92
C11 17F OA . 3.14 -15.67 -6.55
C12 17F OA . 2.14 -16.84 -6.86
C17 17F OA . 8.46 -11.58 -8.73
C18 17F OA . 7.82 -12.65 -9.61
C19 17F OA . 8.33 -12.67 -11.08
C20 17F OA . 7.58 -11.63 -11.99
C1X 17F OA . 1.42 -16.56 -8.20
C1Y 17F OA . 8.13 -11.69 -13.43
C1Z 17F OA . 7.06 -12.23 -14.40
C2X 17F OA . 0.37 -17.72 -8.57
C21 17F OA . -0.91 -17.66 -7.68
C22 17F OA . -1.73 -16.65 -7.63
C23 17F OA . -1.65 -15.39 -8.37
C24 17F OA . -2.78 -15.16 -9.36
C25 17F OA . -2.74 -13.87 -10.15
C26 17F OA . -3.88 -13.68 -11.26
C27 17F OA . -3.80 -12.37 -12.02
C28 17F OA . -4.98 -12.38 -13.06
C29 17F OA . -4.45 -12.66 -14.39
C30 17F OA . -5.47 -12.70 -15.49
C31 17F OA . 6.35 -11.19 -15.32
C32 17F OA . 5.28 -11.76 -16.29
C33 17F OA . 4.16 -12.42 -15.50
C34 17F OA . 3.10 -13.01 -16.04
C35 17F OA . 2.79 -13.14 -17.51
C36 17F OA . 2.25 -14.54 -17.94
C37 17F OA . 2.41 -14.71 -19.40
C38 17F OA . 3.76 -15.36 -19.84
C39 17F OA . 3.84 -15.48 -21.36
C40 17F OA . 4.54 -16.79 -21.77
C41 17F OA . 5.90 -16.48 -22.49
C42 17F OA . 7.21 -16.61 -21.71
C1 17F PA . -1.51 15.30 10.99
N1 17F PA . 0.54 14.96 12.41
O1 17F PA . -0.15 13.92 7.72
P1 17F PA . -0.18 14.97 8.80
C2 17F PA . -0.45 15.90 11.93
O2 17F PA . 1.17 15.46 9.28
C3 17F PA . -1.14 16.58 13.13
O3 17F PA . -0.93 14.44 10.06
C4 17F PA . -1.10 17.45 9.14
O4 17F PA . -2.01 17.41 12.95
C5 17F PA . -1.87 18.62 8.47
O5 17F PA . -0.84 16.29 14.34
C6 17F PA . -0.85 19.59 7.82
O6 17F PA . -0.94 16.29 8.32
C7 17F PA . -1.50 20.82 5.92
O7 17F PA . -1.51 20.69 7.21
C8 17F PA . -2.25 22.12 5.61
O8 17F PA . -1.02 20.13 5.06
C9 17F PA . -2.77 22.25 4.16
O9 17F PA . -2.85 18.17 7.52
C10 17F PA . -3.53 23.59 3.85
O10 17F PA . -4.52 19.29 8.64
C11 17F PA . -4.12 24.27 5.14
C12 17F PA . -4.87 25.62 4.86
C17 17F PA . -4.01 18.77 7.65
C18 17F PA . -4.79 18.74 6.35
C19 17F PA . -5.78 19.91 6.17
C20 17F PA . -6.08 20.22 4.65
C1X 17F PA . -5.39 26.17 6.19
C1Y 17F PA . -7.09 21.39 4.52
C1Z 17F PA . -8.34 20.92 3.78
C2X 17F PA . -6.17 27.57 6.02
C21 17F PA . -5.84 28.55 7.19
C22 17F PA . -6.71 29.22 7.86
C23 17F PA . -8.17 29.23 7.68
C24 17F PA . -8.63 29.91 6.41
C25 17F PA . -10.12 29.96 6.16
C26 17F PA . -10.73 31.43 5.98
C27 17F PA . -12.23 31.47 5.73
C28 17F PA . -12.63 32.98 5.60
C29 17F PA . -13.52 33.13 4.43
C30 17F PA . -14.00 34.52 4.18
C31 17F PA . -8.95 21.89 2.72
C32 17F PA . -10.21 21.37 1.99
C33 17F PA . -11.15 22.55 1.70
C34 17F PA . -12.31 22.45 1.08
C35 17F PA . -12.97 21.18 0.56
C36 17F PA . -12.87 20.99 -0.98
C37 17F PA . -14.19 21.22 -1.61
C38 17F PA . -14.19 21.25 -3.17
C39 17F PA . -15.59 21.51 -3.73
C40 17F PA . -15.67 22.92 -4.33
C41 17F PA . -17.18 23.37 -4.55
C42 17F PA . -18.28 22.79 -3.64
C1 17F QA . -10.39 -8.47 27.09
N1 17F QA . -8.99 -6.77 28.30
O1 17F QA . -9.29 -5.39 25.37
P1 17F QA . -10.38 -6.41 25.59
C2 17F QA . -9.66 -8.06 28.39
O2 17F QA . -11.44 -6.02 26.59
C3 17F QA . -8.65 -9.13 28.78
O3 17F QA . -9.84 -7.81 25.99
C4 17F QA . -12.27 -7.64 24.23
O4 17F QA . -8.99 -10.30 28.93
C5 17F QA . -12.97 -7.78 22.85
O5 17F QA . -7.40 -8.87 28.98
C6 17F QA . -13.55 -6.40 22.43
O6 17F QA . -11.19 -6.69 24.25
C7 17F QA . -14.39 -5.35 20.54
O7 17F QA . -14.23 -6.45 21.18
C8 17F QA . -15.25 -5.62 19.30
O8 17F QA . -14.03 -4.22 20.81
C9 17F QA . -16.61 -4.87 19.34
O9 17F QA . -12.10 -8.31 21.83
C10 17F QA . -17.57 -5.08 18.12
O10 17F QA . -12.55 -10.54 22.22
C11 17F QA . -18.17 -3.75 17.53
C12 17F QA . -19.12 -4.03 16.30
C17 17F QA . -12.42 -9.54 21.50
C18 17F QA . -12.64 -9.68 20.00
C19 17F QA . -13.85 -10.56 19.61
C20 17F QA . -14.68 -9.96 18.42
C1X 17F QA . -19.67 -2.70 15.76
C1Y 17F QA . -15.87 -10.87 18.06
C1Z 17F QA . -17.15 -10.43 18.79
C2X 17F QA . -20.65 -2.93 14.51
C21 17F QA . -20.22 -2.11 13.26
C22 17F QA . -20.85 -2.11 12.12
C23 17F QA . -22.06 -2.85 11.77
C24 17F QA . -23.24 -1.98 11.36
C25 17F QA . -24.52 -2.70 10.99
C26 17F QA . -25.20 -2.22 9.61
C27 17F QA . -26.47 -2.95 9.23
C28 17F QA . -26.97 -2.33 7.87
C29 17F QA . -27.76 -3.34 7.15
C30 17F QA . -28.30 -2.89 5.82
C31 17F QA . -17.47 -8.90 18.78
C32 17F QA . -18.77 -8.48 19.52
C33 17F QA . -19.90 -8.44 18.51
C34 17F QA . -21.17 -8.12 18.81
C35 17F QA . -21.73 -7.75 20.15
C36 17F QA . -22.74 -6.57 20.13
C37 17F QA . -22.09 -5.35 19.60
C38 17F QA . -22.98 -4.48 18.68
C39 17F QA . -22.25 -3.24 18.17
C40 17F QA . -22.54 -2.04 19.10
C41 17F QA . -21.20 -1.55 19.80
C42 17F QA . -21.30 -0.76 21.10
C1 17F RA . 8.50 0.90 1.57
N1 17F RA . 9.18 2.18 -0.48
O1 17F RA . 7.13 2.83 3.27
P1 17F RA . 6.37 1.64 2.74
C2 17F RA . 9.04 2.22 0.97
O2 17F RA . 6.00 0.58 3.76
C3 17F RA . 10.39 2.54 1.61
O3 17F RA . 7.11 0.90 1.60
C4 17F RA . 4.11 1.12 1.53
O4 17F RA . 10.51 2.62 2.83
C5 17F RA . 2.83 1.75 0.93
O5 17F RA . 11.46 2.75 0.91
C6 17F RA . 3.13 2.20 -0.53
O6 17F RA . 5.00 2.08 2.09
C7 17F RA . 1.90 2.74 -2.43
O7 17F RA . 2.00 2.78 -1.15
C8 17F RA . 0.59 3.44 -2.85
O8 17F RA . 2.63 2.25 -3.25
C9 17F RA . 0.76 4.39 -4.07
O9 17F RA . 1.70 0.88 0.99
C10 17F RA . -0.55 5.12 -4.53
O10 17F RA . 0.23 2.05 2.34
C11 17F RA . -1.76 4.16 -4.80
C12 17F RA . -3.05 4.93 -5.26
C17 17F RA . 0.96 1.09 2.07
C18 17F RA . 1.05 -0.07 3.03
C19 17F RA . -0.31 -0.65 3.48
C20 17F RA . -0.90 -1.69 2.45
C1X 17F RA . -4.19 3.93 -5.49
C1Y 17F RA . -2.25 -2.25 2.96
C1Z 17F RA . -3.30 -2.24 1.85
C2X 17F RA . -5.54 4.64 -5.96
C21 17F RA . -6.78 4.10 -5.17
C22 17F RA . -7.54 4.81 -4.42
C23 17F RA . -7.43 6.24 -4.14
C24 17F RA . -8.22 7.13 -5.09
C25 17F RA . -8.16 8.63 -4.85
C26 17F RA . -9.06 9.51 -5.84
C27 17F RA . -9.02 11.00 -5.62
C28 17F RA . -9.96 11.65 -6.70
C29 17F RA . -9.20 11.84 -7.94
C30 17F RA . -9.97 12.45 -9.07
C31 17F RA . -4.18 -3.53 1.68
C32 17F RA . -5.24 -3.49 0.55
C33 17F RA . -4.55 -3.79 -0.79
C34 17F RA . -5.17 -3.83 -1.97
C35 17F RA . -6.64 -3.60 -2.24
C36 17F RA . -7.00 -2.17 -2.74
C37 17F RA . -7.27 -2.22 -4.21
C38 17F RA . -8.73 -1.87 -4.61
C39 17F RA . -8.92 -1.95 -6.13
C40 17F RA . -10.26 -2.61 -6.47
C41 17F RA . -10.13 -3.51 -7.77
C42 17F RA . -11.19 -3.39 -8.87
C1 PCW SA . -39.64 0.45 2.59
C2 PCW SA . -38.11 0.38 2.97
C3 PCW SA . -37.79 -1.03 3.58
C4 PCW SA . -41.29 -2.30 1.19
C5 PCW SA . -41.06 -3.60 0.43
C6 PCW SA . -41.98 -5.74 -0.59
C7 PCW SA . -43.44 -3.82 -0.21
C8 PCW SA . -41.98 -3.93 -1.35
C11 PCW SA . -35.87 -2.32 4.20
C12 PCW SA . -34.41 -2.18 4.49
C13 PCW SA . -34.22 -2.21 6.05
C14 PCW SA . -32.76 -2.07 6.51
C15 PCW SA . -32.36 -2.96 7.72
C16 PCW SA . -32.40 -2.13 9.06
C17 PCW SA . -31.18 -1.20 9.37
C18 PCW SA . -30.10 -1.89 10.22
C19 PCW SA . -30.15 -1.49 11.71
C20 PCW SA . -29.10 -0.82 12.34
C21 PCW SA . -27.78 -0.35 11.85
C22 PCW SA . -27.18 0.54 12.98
C23 PCW SA . -26.63 1.93 12.57
C24 PCW SA . -26.06 2.77 13.67
C25 PCW SA . -25.11 3.95 13.36
C26 PCW SA . -23.63 3.64 13.27
C27 PCW SA . -22.64 4.78 13.55
C28 PCW SA . -21.31 4.48 12.91
C31 PCW SA . -36.23 1.34 1.93
C32 PCW SA . -35.45 1.42 0.60
C33 PCW SA . -34.56 2.73 0.39
C34 PCW SA . -33.12 2.57 0.87
C35 PCW SA . -32.75 3.94 1.56
C36 PCW SA . -31.25 4.06 1.84
C37 PCW SA . -30.80 5.39 2.52
C38 PCW SA . -29.36 5.35 2.96
C39 PCW SA . -28.94 6.64 3.62
C40 PCW SA . -27.72 6.98 4.02
C41 PCW SA . -26.49 6.12 3.86
C42 PCW SA . -25.75 6.01 5.26
C43 PCW SA . -24.29 6.43 5.34
C44 PCW SA . -23.85 6.22 6.77
C45 PCW SA . -22.86 5.11 6.98
C46 PCW SA . -23.39 3.98 7.81
C47 PCW SA . -22.59 3.63 9.03
C48 PCW SA . -23.24 2.46 9.79
N PCW SA . -42.15 -4.42 0.05
O2 PCW SA . -37.27 0.53 1.75
O3 PCW SA . -36.40 -1.09 3.92
O11 PCW SA . -36.48 -3.35 4.19
O31 PCW SA . -35.93 1.93 3.01
O1P PCW SA . -42.16 0.37 0.40
O2P PCW SA . -40.21 0.21 -1.15
O3P PCW SA . -39.89 1.01 1.28
O4P PCW SA . -40.32 -1.34 0.69
P PCW SA . -40.70 0.07 0.25
C1 PCW TA . -31.50 -8.50 -3.56
C2 PCW TA . -30.35 -8.24 -2.50
C3 PCW TA . -29.66 -6.86 -2.80
C4 PCW TA . -35.42 -8.28 -0.67
C5 PCW TA . -36.08 -9.63 -1.01
C6 PCW TA . -38.19 -11.07 -1.07
C7 PCW TA . -38.36 -8.64 -0.91
C8 PCW TA . -37.67 -9.63 -2.31
C11 PCW TA . -28.78 -5.63 -0.92
C12 PCW TA . -27.54 -5.52 -0.06
C13 PCW TA . -27.97 -5.58 1.45
C14 PCW TA . -26.82 -5.48 2.46
C15 PCW TA . -25.69 -6.52 2.30
C16 PCW TA . -24.28 -5.87 2.58
C17 PCW TA . -23.05 -6.83 2.71
C18 PCW TA . -21.82 -6.16 3.33
C19 PCW TA . -21.94 -5.95 4.86
C20 PCW TA . -20.85 -6.01 5.71
C21 PCW TA . -19.41 -6.26 5.47
C22 PCW TA . -18.64 -5.64 6.68
C23 PCW TA . -17.11 -5.52 6.56
C24 PCW TA . -16.29 -6.59 7.23
C25 PCW TA . -15.47 -7.62 6.38
C26 PCW TA . -14.60 -8.60 7.16
C27 PCW TA . -13.58 -9.45 6.39
C28 PCW TA . -12.23 -8.78 6.43
C31 PCW TA . -31.32 -9.35 -0.65
C32 PCW TA . -31.89 -9.13 0.76
C33 PCW TA . -31.19 -9.97 1.95
C34 PCW TA . -29.75 -10.40 1.64
C35 PCW TA . -28.84 -9.66 2.70
C36 PCW TA . -27.42 -10.27 2.81
C37 PCW TA . -26.45 -9.59 3.83
C38 PCW TA . -26.25 -10.43 5.05
C39 PCW TA . -25.31 -9.80 6.07
C40 PCW TA . -23.99 -9.91 6.13
C41 PCW TA . -23.16 -10.70 5.14
C42 PCW TA . -21.78 -9.91 4.93
C43 PCW TA . -20.76 -10.47 3.97
C44 PCW TA . -19.58 -9.52 3.99
C45 PCW TA . -18.26 -10.10 3.57
C46 PCW TA . -17.45 -9.21 2.69
C47 PCW TA . -15.99 -9.55 2.53
C48 PCW TA . -15.27 -8.56 1.60
N PCW TA . -37.50 -9.79 -0.83
O2 PCW TA . -30.92 -8.17 -1.12
O3 PCW TA . -28.60 -6.62 -1.85
O11 PCW TA . -29.76 -4.94 -0.83
O31 PCW TA . -31.27 -10.46 -1.25
O1P PCW TA . -35.14 -8.22 -3.84
O2P PCW TA . -34.38 -6.79 -2.60
O3P PCW TA . -32.61 -7.57 -3.44
O4P PCW TA . -34.14 -8.23 -1.36
P PCW TA . -33.98 -8.18 -2.87
C1 PCW UA . -30.83 1.94 -9.99
C2 PCW UA . -29.88 2.38 -8.80
C3 PCW UA . -29.20 1.14 -8.15
C4 PCW UA . -32.98 5.80 -9.54
C5 PCW UA . -32.36 6.37 -8.25
C6 PCW UA . -34.52 6.05 -6.93
C7 PCW UA . -32.52 6.93 -5.84
C8 PCW UA . -33.49 7.70 -7.20
C11 PCW UA . -28.92 1.82 -5.88
C12 PCW UA . -27.86 2.25 -4.90
C13 PCW UA . -27.05 0.97 -4.45
C14 PCW UA . -25.93 1.26 -3.45
C15 PCW UA . -25.03 0.05 -3.09
C16 PCW UA . -24.16 0.39 -1.82
C17 PCW UA . -22.82 -0.40 -1.67
C18 PCW UA . -21.71 0.11 -2.58
C19 PCW UA . -21.39 1.61 -2.39
C20 PCW UA . -20.72 2.10 -1.27
C21 PCW UA . -20.16 1.44 -0.06
C22 PCW UA . -18.90 2.25 0.36
C23 PCW UA . -17.95 1.59 1.40
C24 PCW UA . -16.53 1.36 0.96
C25 PCW UA . -15.99 -0.08 0.63
C26 PCW UA . -14.50 -0.20 0.41
C27 PCW UA . -13.64 -0.86 1.52
C28 PCW UA . -13.10 -2.18 1.05
C31 PCW UA . -28.71 4.45 -8.76
C32 PCW UA . -27.55 5.22 -9.42
C33 PCW UA . -26.69 6.15 -8.44
C34 PCW UA . -27.38 7.47 -8.09
C35 PCW UA . -26.34 8.29 -7.24
C36 PCW UA . -26.81 8.53 -5.79
C37 PCW UA . -25.83 9.33 -4.89
C38 PCW UA . -26.11 9.12 -3.43
C39 PCW UA . -25.17 9.89 -2.55
C40 PCW UA . -25.30 10.14 -1.25
C41 PCW UA . -26.47 9.64 -0.42
C42 PCW UA . -26.21 10.05 1.10
C43 PCW UA . -25.08 9.37 1.86
C44 PCW UA . -25.08 9.95 3.26
C45 PCW UA . -23.86 10.76 3.62
C46 PCW UA . -22.97 10.08 4.62
C47 PCW UA . -23.31 10.30 6.08
C48 PCW UA . -22.32 9.55 6.99
N PCW UA . -33.07 6.29 -7.01
O2 PCW UA . -28.80 3.25 -9.34
O3 PCW UA . -28.34 1.56 -7.09
O11 PCW UA . -30.09 1.73 -5.63
O31 PCW UA . -29.45 4.87 -7.82
O1P PCW UA . -33.08 4.23 -12.03
O2P PCW UA . -33.67 2.39 -10.46
O3P PCW UA . -31.21 3.00 -10.87
O4P PCW UA . -32.71 4.37 -9.54
P PCW UA . -32.74 3.50 -10.77
C1 17F VA . -32.96 -8.46 -11.51
N1 17F VA . -32.49 -9.90 -9.52
O1 17F VA . -31.77 -5.96 -10.71
P1 17F VA . -30.91 -6.99 -11.42
C2 17F VA . -33.47 -9.06 -10.18
O2 17F VA . -30.45 -6.65 -12.82
C3 17F VA . -34.75 -9.86 -10.45
O3 17F VA . -31.57 -8.38 -11.50
C4 17F VA . -28.61 -8.20 -11.08
O4 17F VA . -35.72 -9.34 -11.00
C5 17F VA . -27.37 -8.34 -10.15
O5 17F VA . -34.87 -11.09 -10.10
C6 17F VA . -26.11 -8.61 -10.99
O6 17F VA . -29.58 -7.27 -10.62
C7 17F VA . -23.92 -7.98 -10.52
O7 17F VA . -24.93 -8.73 -10.21
C8 17F VA . -22.72 -8.32 -9.60
O8 17F VA . -23.80 -7.15 -11.40
C9 17F VA . -23.06 -8.38 -8.09
O9 17F VA . -27.18 -7.20 -9.29
C10 17F VA . -21.84 -8.71 -7.15
O10 17F VA . -28.73 -8.12 -7.86
C11 17F VA . -21.07 -7.43 -6.64
C12 17F VA . -19.84 -7.78 -5.72
C17 17F VA . -27.89 -7.27 -8.18
C18 17F VA . -27.58 -6.15 -7.22
C19 17F VA . -27.13 -6.59 -5.80
C20 17F VA . -25.87 -7.55 -5.84
C1X 17F VA . -19.16 -6.47 -5.28
C1Y 17F VA . -25.47 -7.97 -4.40
C1Z 17F VA . -24.09 -8.63 -4.37
C2X 17F VA . -17.88 -6.69 -4.36
C21 17F VA . -18.17 -7.52 -3.07
C22 17F VA . -17.31 -8.34 -2.55
C23 17F VA . -15.97 -8.63 -3.05
C24 17F VA . -14.83 -8.31 -2.09
C25 17F VA . -13.43 -8.60 -2.60
C26 17F VA . -12.40 -9.21 -1.54
C27 17F VA . -11.01 -9.49 -2.09
C28 17F VA . -10.13 -10.08 -0.93
C29 17F VA . -8.85 -10.56 -1.48
C30 17F VA . -7.92 -11.15 -0.46
C31 17F VA . -24.07 -10.19 -4.30
C32 17F VA . -22.66 -10.84 -4.27
C33 17F VA . -22.46 -11.52 -2.92
C34 17F VA . -21.37 -12.17 -2.56
C35 17F VA . -20.12 -12.36 -3.39
C36 17F VA . -18.81 -11.85 -2.73
C37 17F VA . -17.77 -11.69 -3.78
C38 17F VA . -16.47 -12.46 -3.51
C39 17F VA . -15.45 -12.24 -4.64
C40 17F VA . -14.16 -13.04 -4.36
C41 17F VA . -13.01 -12.08 -3.87
C42 17F VA . -11.57 -12.33 -4.35
PG GNP WA . 30.89 6.77 3.97
O1G GNP WA . 29.69 6.29 3.15
O2G GNP WA . 30.47 7.53 5.19
O3G GNP WA . 31.84 7.64 3.25
N3B GNP WA . 31.78 5.47 4.38
PB GNP WA . 31.29 4.20 5.25
O1B GNP WA . 30.35 3.31 4.50
O2B GNP WA . 30.71 4.73 6.48
O3A GNP WA . 32.55 3.39 5.62
PA GNP WA . 33.19 2.06 5.07
O1A GNP WA . 33.72 2.21 3.71
O2A GNP WA . 32.31 0.90 5.36
O5' GNP WA . 34.47 1.82 5.93
C5' GNP WA . 35.55 2.78 5.89
C4' GNP WA . 36.86 2.06 5.70
O4' GNP WA . 37.19 1.37 6.93
C3' GNP WA . 36.83 0.99 4.60
O3' GNP WA . 38.01 1.08 3.80
C2' GNP WA . 36.70 -0.33 5.38
O2' GNP WA . 37.25 -1.48 4.77
C1' GNP WA . 37.39 -0.03 6.71
N9 GNP WA . 36.79 -0.75 7.87
C8 GNP WA . 35.48 -0.74 8.22
N7 GNP WA . 35.22 -1.45 9.28
C5 GNP WA . 36.46 -1.96 9.66
C6 GNP WA . 36.82 -2.82 10.77
O6 GNP WA . 36.11 -3.31 11.63
N1 GNP WA . 38.16 -3.11 10.80
C2 GNP WA . 39.09 -2.65 9.90
N2 GNP WA . 40.34 -3.06 10.13
N3 GNP WA . 38.78 -1.86 8.88
C4 GNP WA . 37.45 -1.55 8.81
MG MG XA . 26.74 1.56 2.08
CAC EWS YA . 12.63 6.57 1.55
CAD EWS YA . 11.10 6.67 1.43
CAE EWS YA . 13.24 5.97 0.28
CAF EWS YA . 12.91 6.90 -0.92
CAH EWS YA . 10.63 6.87 -0.01
CAI EWS YA . 9.23 7.54 0.00
CAJ EWS YA . 8.69 7.67 -1.27
CAK EWS YA . 8.03 6.57 -1.88
CAL EWS YA . 8.81 8.92 -1.95
CAM EWS YA . 8.28 9.06 -3.24
CAN EWS YA . 7.61 7.96 -3.83
CAO EWS YA . 7.49 6.71 -3.16
CAQ EWS YA . 13.43 2.77 3.74
CAR EWS YA . 13.13 1.50 4.27
CAS EWS YA . 13.42 1.21 5.63
CAT EWS YA . 14.03 2.22 6.40
CAU EWS YA . 14.29 3.41 5.85
CAV EWS YA . 14.02 3.69 4.55
CAX EWS YA . 14.93 5.45 5.46
CAZ EWS YA . 14.25 5.70 3.24
NAA EWS YA . 12.99 5.79 2.76
NAG EWS YA . 11.63 7.62 -0.80
NAW EWS YA . 14.86 4.50 6.38
OAB EWS YA . 15.22 6.22 2.66
CBA EWS YA . 14.41 4.96 4.34
CLA EWS YA . 6.95 8.13 -5.42
BRA EWS YA . 12.30 0.21 3.21
HAC EWS YA . 13.03 7.58 1.67
HAD EWS YA . 10.71 5.72 1.77
HAE EWS YA . 10.76 7.52 2.03
HAF EWS YA . 14.33 6.00 0.41
HAG EWS YA . 12.84 4.98 0.11
HAI EWS YA . 13.69 7.64 -0.95
HAH EWS YA . 12.87 6.27 -1.81
HAJ EWS YA . 10.51 5.88 -0.45
HAL EWS YA . 8.58 6.87 0.57
HAK EWS YA . 9.32 8.53 0.44
HAM EWS YA . 7.95 5.62 -1.35
HAN EWS YA . 9.32 9.76 -1.48
HAO EWS YA . 8.34 10.01 -3.77
HAP EWS YA . 6.99 5.88 -3.65
HAQ EWS YA . 13.23 3.01 2.69
HAS EWS YA . 13.18 0.24 6.06
HAT EWS YA . 14.27 2.03 7.46
HAX EWS YA . 15.36 6.44 5.60
HAA EWS YA . 12.24 5.31 3.24
HAZ EWS YA . 11.80 8.50 -0.36
HAY EWS YA . 11.26 7.79 -1.71
HAW EWS YA . 15.17 4.58 7.33
C1 PCW ZA . 18.64 -3.53 -20.35
C2 PCW ZA . 17.30 -3.53 -21.19
C3 PCW ZA . 17.62 -3.28 -22.70
C4 PCW ZA . 18.56 -6.23 -17.17
C5 PCW ZA . 18.07 -5.68 -15.82
C6 PCW ZA . 19.36 -7.04 -14.29
C7 PCW ZA . 17.21 -7.72 -14.90
C8 PCW ZA . 17.37 -5.96 -13.47
C11 PCW ZA . 16.01 -4.44 -24.08
C12 PCW ZA . 14.74 -4.21 -24.83
C13 PCW ZA . 15.10 -3.83 -26.32
C14 PCW ZA . 13.90 -3.56 -27.23
C15 PCW ZA . 13.83 -2.13 -27.86
C16 PCW ZA . 13.72 -2.21 -29.41
C17 PCW ZA . 12.27 -2.25 -30.02
C18 PCW ZA . 12.21 -1.86 -31.50
C19 PCW ZA . 10.95 -2.41 -32.22
C20 PCW ZA . 9.94 -1.57 -32.66
C21 PCW ZA . 9.78 -0.10 -32.62
C22 PCW ZA . 8.31 0.20 -33.06
C23 PCW ZA . 7.75 1.60 -32.75
C24 PCW ZA . 7.01 1.77 -31.46
C25 PCW ZA . 5.49 1.40 -31.35
C26 PCW ZA . 4.51 2.50 -31.73
C27 PCW ZA . 3.27 2.69 -30.83
C28 PCW ZA . 2.44 3.85 -31.35
C31 PCW ZA . 15.88 -5.00 -19.98
C32 PCW ZA . 15.27 -6.41 -20.02
C33 PCW ZA . 14.55 -6.89 -18.67
C34 PCW ZA . 13.27 -6.11 -18.35
C35 PCW ZA . 12.25 -6.46 -19.51
C36 PCW ZA . 11.13 -5.42 -19.67
C37 PCW ZA . 10.09 -5.70 -20.80
C38 PCW ZA . 9.89 -4.51 -21.67
C39 PCW ZA . 8.89 -4.75 -22.78
C40 PCW ZA . 9.07 -4.54 -24.07
C41 PCW ZA . 10.35 -3.99 -24.68
C42 PCW ZA . 9.96 -3.15 -25.98
C43 PCW ZA . 9.86 -1.64 -25.87
C44 PCW ZA . 9.48 -1.11 -27.24
C45 PCW ZA . 9.69 0.37 -27.44
C46 PCW ZA . 10.14 0.74 -28.82
C47 PCW ZA . 11.39 1.60 -28.91
C48 PCW ZA . 11.74 1.90 -30.37
N PCW ZA . 18.01 -6.56 -14.68
O2 PCW ZA . 16.63 -4.85 -21.08
O3 PCW ZA . 16.40 -3.28 -23.47
O11 PCW ZA . 16.61 -5.49 -24.04
O31 PCW ZA . 15.71 -4.14 -19.07
O1P PCW ZA . 20.65 -6.57 -19.15
O2P PCW ZA . 21.13 -4.20 -18.62
O3P PCW ZA . 19.33 -4.80 -20.35
O4P PCW ZA . 19.01 -5.09 -17.95
P PCW ZA . 20.11 -5.19 -19.00
C1 PCW AB . 13.91 -11.74 -12.82
C2 PCW AB . 12.69 -11.66 -13.83
C3 PCW AB . 13.22 -11.44 -15.29
C4 PCW AB . 13.98 -10.51 -8.31
C5 PCW AB . 15.21 -10.02 -7.55
C6 PCW AB . 16.80 -8.20 -7.60
C7 PCW AB . 15.14 -8.20 -5.96
C8 PCW AB . 14.50 -7.70 -8.09
C11 PCW AB . 11.70 -10.11 -16.58
C12 PCW AB . 10.54 -10.24 -17.54
C13 PCW AB . 11.11 -10.21 -19.01
C14 PCW AB . 10.06 -10.33 -20.12
C15 PCW AB . 10.60 -10.53 -21.57
C16 PCW AB . 9.92 -9.52 -22.56
C17 PCW AB . 10.86 -8.79 -23.60
C18 PCW AB . 10.08 -8.14 -24.75
C19 PCW AB . 10.96 -7.90 -26.00
C20 PCW AB . 10.46 -7.34 -27.16
C21 PCW AB . 9.12 -6.85 -27.55
C22 PCW AB . 9.34 -5.72 -28.60
C23 PCW AB . 8.30 -5.58 -29.74
C24 PCW AB . 8.31 -4.29 -30.50
C25 PCW AB . 7.41 -3.09 -30.06
C26 PCW AB . 6.27 -2.72 -30.99
C27 PCW AB . 4.83 -2.94 -30.50
C28 PCW AB . 4.33 -1.73 -29.75
C31 PCW AB . 12.57 -14.06 -14.16
C32 PCW AB . 11.58 -15.22 -14.05
C33 PCW AB . 10.80 -15.59 -15.40
C34 PCW AB . 9.40 -14.96 -15.48
C35 PCW AB . 9.46 -13.99 -16.73
C36 PCW AB . 8.13 -13.95 -17.50
C37 PCW AB . 8.12 -13.01 -18.75
C38 PCW AB . 6.91 -13.20 -19.61
C39 PCW AB . 6.90 -12.31 -20.82
C40 PCW AB . 5.93 -11.47 -21.19
C41 PCW AB . 4.62 -11.28 -20.44
C42 PCW AB . 3.43 -11.66 -21.42
C43 PCW AB . 2.07 -11.03 -21.20
C44 PCW AB . 1.14 -11.58 -22.28
C45 PCW AB . 0.73 -10.58 -23.34
C46 PCW AB . 1.15 -10.98 -24.73
C47 PCW AB . 2.63 -10.91 -25.04
C48 PCW AB . 2.91 -11.34 -26.49
N PCW AB . 15.40 -8.60 -7.32
O2 PCW AB . 11.91 -12.94 -13.80
O3 PCW AB . 12.12 -11.35 -16.20
O11 PCW AB . 12.19 -9.07 -16.22
O31 PCW AB . 13.77 -14.15 -14.52
O1P PCW AB . 14.54 -13.14 -9.40
O2P PCW AB . 16.02 -11.84 -10.92
O3P PCW AB . 13.52 -12.11 -11.47
O4P PCW AB . 14.35 -10.64 -9.70
P PCW AB . 14.67 -11.98 -10.34
C1 PCW BB . -2.64 -31.97 12.98
C2 PCW BB . -4.13 -32.51 12.93
C3 PCW BB . -4.41 -33.41 14.19
C4 PCW BB . 0.88 -30.37 12.38
C5 PCW BB . 2.07 -29.45 12.64
C6 PCW BB . 3.72 -28.37 11.04
C7 PCW BB . 1.72 -27.17 11.76
C8 PCW BB . 3.14 -27.72 12.80
C11 PCW BB . -6.01 -35.11 14.76
C12 PCW BB . -7.48 -35.44 14.59
C13 PCW BB . -8.16 -35.39 16.00
C14 PCW BB . -9.66 -35.72 16.01
C15 PCW BB . -10.09 -37.01 15.25
C16 PCW BB . -11.48 -37.51 15.77
C17 PCW BB . -12.67 -36.50 15.71
C18 PCW BB . -13.77 -36.91 14.73
C19 PCW BB . -15.16 -36.39 15.15
C20 PCW BB . -16.09 -35.93 14.23
C21 PCW BB . -16.05 -35.77 12.76
C22 PCW BB . -17.13 -36.74 12.20
C23 PCW BB . -16.68 -38.17 11.80
C24 PCW BB . -17.51 -39.30 12.31
C25 PCW BB . -17.08 -40.78 12.10
C26 PCW BB . -17.97 -41.64 11.22
C27 PCW BB . -17.74 -41.60 9.69
C28 PCW BB . -18.96 -42.13 8.96
C31 PCW BB . -6.07 -31.49 12.07
C32 PCW BB . -6.99 -30.27 12.21
C33 PCW BB . -8.54 -30.55 11.90
C34 PCW BB . -9.49 -29.85 12.87
C35 PCW BB . -10.09 -28.63 12.06
C36 PCW BB . -11.63 -28.74 11.93
C37 PCW BB . -12.34 -27.58 11.15
C38 PCW BB . -12.83 -28.02 9.80
C39 PCW BB . -13.52 -26.92 9.05
C40 PCW BB . -14.49 -27.04 8.15
C41 PCW BB . -15.10 -28.36 7.71
C42 PCW BB . -16.16 -28.08 6.54
C43 PCW BB . -16.55 -26.65 6.22
C44 PCW BB . -17.56 -26.70 5.08
C45 PCW BB . -19.01 -26.53 5.49
C46 PCW BB . -19.86 -27.74 5.28
C47 PCW BB . -21.21 -27.75 5.96
C48 PCW BB . -21.97 -29.05 5.66
N PCW BB . 2.41 -28.44 11.70
O2 PCW BB . -5.10 -31.38 12.97
O3 PCW BB . -5.75 -33.92 14.15
O11 PCW BB . -5.21 -35.79 15.33
O31 PCW BB . -6.21 -32.43 11.22
O1P PCW BB . -1.70 -30.12 11.05
O2P PCW BB . -1.95 -28.20 12.62
O3P PCW BB . -2.54 -30.58 13.38
O4P PCW BB . -0.25 -29.81 13.09
P PCW BB . -1.62 -29.63 12.47
C1 PCW CB . -32.47 -0.01 -6.98
C2 PCW CB . -32.92 -0.12 -5.45
C3 PCW CB . -31.82 -0.88 -4.63
C4 PCW CB . -36.40 -1.78 -7.02
C5 PCW CB . -36.79 -3.20 -6.58
C6 PCW CB . -36.23 -2.80 -4.12
C7 PCW CB . -37.33 -4.86 -4.83
C8 PCW CB . -35.64 -4.28 -5.27
C11 PCW CB . -32.88 -2.10 -2.85
C12 PCW CB . -33.22 -2.00 -1.38
C13 PCW CB . -32.13 -2.78 -0.57
C14 PCW CB . -32.31 -2.79 0.96
C15 PCW CB . -32.32 -1.39 1.64
C16 PCW CB . -31.03 -1.16 2.49
C17 PCW CB . -30.40 0.27 2.47
C18 PCW CB . -30.45 0.97 3.83
C19 PCW CB . -31.86 1.05 4.44
C20 PCW CB . -32.33 2.17 5.09
C21 PCW CB . -31.72 3.50 5.37
C22 PCW CB . -30.77 3.30 6.58
C23 PCW CB . -29.36 3.96 6.49
C24 PCW CB . -29.06 5.02 7.50
C25 PCW CB . -28.31 4.69 8.82
C26 PCW CB . -26.89 5.20 8.91
C27 PCW CB . -26.29 5.41 10.33
C28 PCW CB . -25.11 6.34 10.24
C31 PCW CB . -34.03 1.36 -3.98
C32 PCW CB . -34.04 2.81 -3.47
C33 PCW CB . -32.65 3.34 -2.86
C34 PCW CB . -32.66 4.83 -2.53
C35 PCW CB . -31.26 5.10 -1.82
C36 PCW CB . -31.11 6.55 -1.35
C37 PCW CB . -29.76 6.90 -0.63
C38 PCW CB . -28.67 5.92 -0.94
C39 PCW CB . -27.38 6.25 -0.25
C40 PCW CB . -26.49 5.40 0.26
C41 PCW CB . -26.64 3.89 0.26
C42 PCW CB . -26.49 3.39 1.76
C43 PCW CB . -26.78 1.94 2.07
C44 PCW CB . -26.55 1.75 3.55
C45 PCW CB . -25.10 1.83 3.99
C46 PCW CB . -24.89 1.42 5.41
C47 PCW CB . -24.04 0.19 5.62
C48 PCW CB . -23.89 -0.12 7.12
N PCW CB . -36.93 -3.53 -5.20
O2 PCW CB . -33.05 1.24 -4.87
O3 PCW CB . -32.22 -0.98 -3.25
O11 PCW CB . -33.17 -3.03 -3.55
O31 PCW CB . -34.83 0.45 -3.61
O1P PCW CB . -34.93 0.58 -7.94
O2P PCW CB . -34.47 -0.87 -9.91
O3P PCW CB . -33.01 -1.06 -7.82
O4P PCW CB . -35.28 -1.92 -7.92
P PCW CB . -34.47 -0.76 -8.44
C1 PCW DB . -26.51 -0.98 -17.02
C2 PCW DB . -25.53 -0.97 -15.79
C3 PCW DB . -25.69 0.36 -14.99
C4 PCW DB . -29.17 -3.30 -14.11
C5 PCW DB . -30.37 -2.56 -13.50
C6 PCW DB . -28.97 -1.35 -11.74
C7 PCW DB . -31.29 -0.68 -12.14
C8 PCW DB . -30.69 -2.30 -11.49
C11 PCW DB . -25.33 0.54 -12.62
C12 PCW DB . -24.23 0.54 -11.59
C13 PCW DB . -24.33 1.88 -10.77
C14 PCW DB . -23.28 2.02 -9.66
C15 PCW DB . -21.82 2.30 -10.14
C16 PCW DB . -21.18 3.42 -9.24
C17 PCW DB . -20.06 4.30 -9.89
C18 PCW DB . -19.09 4.90 -8.87
C19 PCW DB . -17.82 5.47 -9.52
C20 PCW DB . -16.61 4.81 -9.52
C21 PCW DB . -16.18 3.50 -8.96
C22 PCW DB . -14.67 3.64 -8.61
C23 PCW DB . -13.66 3.17 -9.68
C24 PCW DB . -12.38 2.53 -9.19
C25 PCW DB . -11.81 2.87 -7.78
C26 PCW DB . -11.67 1.71 -6.80
C27 PCW DB . -11.22 2.05 -5.36
C28 PCW DB . -9.73 1.87 -5.20
C31 PCW DB . -24.80 -2.67 -14.31
C32 PCW DB . -25.27 -3.82 -13.39
C33 PCW DB . -25.47 -3.43 -11.84
C34 PCW DB . -24.35 -3.95 -10.94
C35 PCW DB . -23.48 -2.67 -10.60
C36 PCW DB . -22.98 -2.65 -9.14
C37 PCW DB . -22.11 -1.42 -8.75
C38 PCW DB . -20.88 -1.83 -8.02
C39 PCW DB . -20.03 -0.64 -7.63
C40 PCW DB . -18.78 -0.39 -8.00
C41 PCW DB . -17.96 -1.28 -8.92
C42 PCW DB . -18.65 -1.31 -10.35
C43 PCW DB . -17.96 -2.09 -11.46
C44 PCW DB . -18.82 -1.97 -12.70
C45 PCW DB . -19.23 -3.29 -13.30
C46 PCW DB . -19.58 -3.20 -14.75
C47 PCW DB . -20.83 -3.93 -15.18
C48 PCW DB . -21.09 -3.77 -16.68
N PCW DB . -30.16 -1.45 -12.61
O2 PCW DB . -25.88 -2.10 -14.86
O3 PCW DB . -24.79 0.37 -13.85
O11 PCW DB . -26.50 0.69 -12.39
O31 PCW DB . -23.60 -2.34 -14.52
O1P PCW DB . -28.50 -0.67 -15.10
O2P PCW DB . -29.97 -1.31 -17.00
O3P PCW DB . -27.51 -2.04 -16.98
O4P PCW DB . -29.19 -3.04 -15.54
P PCW DB . -28.84 -1.69 -16.14
C1 PCW EB . -33.54 14.84 -4.68
C2 PCW EB . -32.59 15.61 -3.70
C3 PCW EB . -33.16 15.50 -2.24
C4 PCW EB . -36.21 16.89 -5.68
C5 PCW EB . -37.68 16.54 -5.94
C6 PCW EB . -39.44 17.53 -7.50
C7 PCW EB . -37.97 15.73 -8.27
C8 PCW EB . -39.24 15.66 -6.93
C11 PCW EB . -32.80 17.38 -0.82
C12 PCW EB . -31.78 17.98 0.11
C13 PCW EB . -32.27 19.42 0.52
C14 PCW EB . -31.36 20.18 1.48
C15 PCW EB . -31.37 21.73 1.33
C16 PCW EB . -30.20 22.20 0.40
C17 PCW EB . -28.76 21.69 0.73
C18 PCW EB . -27.71 22.81 0.75
C19 PCW EB . -27.59 23.50 2.13
C20 PCW EB . -26.82 22.98 3.16
C21 PCW EB . -25.98 21.77 3.28
C22 PCW EB . -25.25 21.87 4.64
C23 PCW EB . -24.06 22.87 4.74
C24 PCW EB . -23.63 23.29 6.11
C25 PCW EB . -22.26 22.84 6.68
C26 PCW EB . -21.06 23.72 6.36
C27 PCW EB . -19.66 23.23 6.78
C28 PCW EB . -18.65 23.65 5.75
C31 PCW EB . -30.35 15.60 -4.46
C32 PCW EB . -29.03 14.82 -4.40
C33 PCW EB . -28.51 14.26 -5.81
C34 PCW EB . -28.14 12.79 -5.77
C35 PCW EB . -26.64 12.73 -5.26
C36 PCW EB . -25.63 12.86 -6.44
C37 PCW EB . -24.13 12.81 -6.01
C38 PCW EB . -23.72 14.06 -5.33
C39 PCW EB . -22.27 14.04 -4.91
C40 PCW EB . -21.80 14.16 -3.67
C41 PCW EB . -22.67 14.33 -2.44
C42 PCW EB . -22.62 15.87 -2.03
C43 PCW EB . -23.25 16.29 -0.71
C44 PCW EB . -23.04 17.79 -0.59
C45 PCW EB . -22.04 18.21 0.45
C46 PCW EB . -20.61 18.21 -0.06
C47 PCW EB . -19.91 19.55 -0.08
C48 PCW EB . -18.48 19.40 -0.62
N PCW EB . -38.24 16.72 -7.25
O2 PCW EB . -31.25 14.96 -3.71
O3 PCW EB . -32.32 16.21 -1.33
O11 PCW EB . -33.87 17.86 -1.08
O31 PCW EB . -30.54 16.67 -5.11
O1P PCW EB . -33.44 17.55 -6.19
O2P PCW EB . -33.81 16.22 -8.28
O3P PCW EB . -33.22 15.03 -6.07
O4P PCW EB . -35.40 16.01 -6.49
P PCW EB . -33.94 16.28 -6.80
C1 PCW FB . -24.59 -5.97 -20.56
C2 PCW FB . -24.36 -6.96 -19.36
C3 PCW FB . -25.56 -7.96 -19.24
C4 PCW FB . -22.80 -3.21 -23.17
C5 PCW FB . -22.40 -2.16 -22.13
C6 PCW FB . -21.62 -3.43 -20.06
C7 PCW FB . -20.36 -1.51 -20.90
C8 PCW FB . -22.08 -1.53 -20.21
C11 PCW FB . -25.91 -8.56 -16.94
C12 PCW FB . -25.56 -9.64 -15.95
C13 PCW FB . -24.63 -9.02 -14.85
C14 PCW FB . -24.17 -9.99 -13.75
C15 PCW FB . -22.66 -10.36 -13.73
C16 PCW FB . -21.84 -9.43 -14.71
C17 PCW FB . -20.28 -9.48 -14.61
C18 PCW FB . -19.68 -8.18 -14.07
C19 PCW FB . -18.15 -8.14 -14.20
C20 PCW FB . -17.31 -9.06 -13.57
C21 PCW FB . -17.57 -10.22 -12.69
C22 PCW FB . -16.20 -10.87 -12.37
C23 PCW FB . -15.49 -10.46 -11.05
C24 PCW FB . -14.72 -11.53 -10.34
C25 PCW FB . -14.94 -11.80 -8.82
C26 PCW FB . -14.03 -11.04 -7.86
C27 PCW FB . -14.32 -9.55 -7.62
C28 PCW FB . -14.32 -9.24 -6.14
C31 PCW FB . -22.13 -7.45 -18.79
C32 PCW FB . -20.93 -8.35 -19.11
C33 PCW FB . -21.10 -9.90 -18.72
C34 PCW FB . -22.10 -10.64 -19.61
C35 PCW FB . -22.35 -12.03 -18.91
C36 PCW FB . -23.85 -12.38 -18.80
C37 PCW FB . -24.17 -13.74 -18.12
C38 PCW FB . -24.06 -14.87 -19.09
C39 PCW FB . -24.36 -16.20 -18.47
C40 PCW FB . -23.49 -17.03 -17.90
C41 PCW FB . -22.00 -16.74 -17.80
C42 PCW FB . -21.23 -18.11 -17.55
C43 PCW FB . -19.79 -18.21 -17.99
C44 PCW FB . -19.30 -19.60 -17.64
C45 PCW FB . -17.85 -19.86 -17.96
C46 PCW FB . -16.93 -19.66 -16.79
C47 PCW FB . -15.46 -19.91 -17.03
C48 PCW FB . -14.64 -19.68 -15.75
N PCW FB . -21.40 -2.47 -21.16
O2 PCW FB . -23.13 -7.76 -19.58
O3 PCW FB . -25.35 -8.86 -18.15
O11 PCW FB . -26.58 -7.60 -16.71
O31 PCW FB . -22.14 -6.54 -17.90
O1P PCW FB . -23.34 -5.87 -24.19
O2P PCW FB . -25.65 -5.42 -23.37
O3P PCW FB . -23.85 -6.30 -21.76
O4P PCW FB . -23.86 -4.01 -22.58
P PCW FB . -24.20 -5.42 -23.05
C1 PCW GB . -14.03 3.26 -31.26
C2 PCW GB . -13.11 3.57 -30.01
C3 PCW GB . -13.62 4.87 -29.29
C4 PCW GB . -15.56 1.16 -34.14
C5 PCW GB . -14.11 0.78 -34.45
C6 PCW GB . -13.41 0.35 -36.85
C7 PCW GB . -12.52 2.26 -35.62
C8 PCW GB . -12.27 0.48 -35.25
C11 PCW GB . -11.88 6.16 -28.27
C12 PCW GB . -11.08 6.25 -26.99
C13 PCW GB . -10.79 7.78 -26.70
C14 PCW GB . -9.98 8.05 -25.42
C15 PCW GB . -8.80 7.07 -25.15
C16 PCW GB . -7.42 7.71 -25.54
C17 PCW GB . -7.36 8.58 -26.85
C18 PCW GB . -6.45 8.00 -27.92
C19 PCW GB . -7.19 7.79 -29.27
C20 PCW GB . -7.16 8.75 -30.29
C21 PCW GB . -6.52 10.07 -30.39
C22 PCW GB . -5.16 9.85 -31.13
C23 PCW GB . -3.87 10.36 -30.42
C24 PCW GB . -2.60 10.36 -31.22
C25 PCW GB . -1.31 9.71 -30.65
C26 PCW GB . -0.78 8.49 -31.38
C27 PCW GB . -0.59 8.59 -32.91
C28 PCW GB . 0.74 7.99 -33.31
C31 PCW GB . -12.02 1.88 -28.74
C32 PCW GB . -12.27 0.75 -27.73
C33 PCW GB . -11.08 0.48 -26.69
C34 PCW GB . -11.56 0.28 -25.25
C35 PCW GB . -10.45 -0.61 -24.56
C36 PCW GB . -10.77 -0.88 -23.07
C37 PCW GB . -9.71 -1.76 -22.31
C38 PCW GB . -8.34 -1.16 -22.37
C39 PCW GB . -7.32 -2.00 -21.63
C40 PCW GB . -6.64 -1.65 -20.55
C41 PCW GB . -6.77 -0.30 -19.84
C42 PCW GB . -5.56 -0.12 -18.82
C43 PCW GB . -5.11 -1.32 -18.01
C44 PCW GB . -3.94 -0.87 -17.13
C45 PCW GB . -2.66 -0.53 -17.87
C46 PCW GB . -1.56 -0.04 -16.97
C47 PCW GB . -1.75 1.34 -16.37
C48 PCW GB . -0.55 1.72 -15.49
N PCW GB . -13.50 1.21 -35.65
O2 PCW GB . -13.19 2.45 -29.03
O3 PCW GB . -12.78 5.14 -28.16
O11 PCW GB . -11.73 6.87 -29.24
O31 PCW GB . -10.89 2.22 -29.21
O1P PCW GB . -17.32 1.45 -31.83
O2P PCW GB . -17.06 3.88 -32.33
O3P PCW GB . -15.30 2.64 -30.92
O4P PCW GB . -15.51 2.35 -33.33
P PCW GB . -16.39 2.58 -32.11
C1 PCW HB . -15.84 -6.15 -29.53
C2 PCW HB . -14.72 -6.77 -28.61
C3 PCW HB . -13.68 -7.55 -29.50
C4 PCW HB . -19.49 -6.70 -26.37
C5 PCW HB . -19.29 -6.92 -24.87
C6 PCW HB . -19.27 -9.32 -24.61
C7 PCW HB . -21.31 -8.17 -24.50
C8 PCW HB . -19.91 -7.98 -22.73
C11 PCW HB . -12.95 -9.24 -27.94
C12 PCW HB . -11.73 -9.70 -27.19
C13 PCW HB . -11.06 -10.85 -28.04
C14 PCW HB . -9.80 -11.44 -27.44
C15 PCW HB . -8.50 -10.59 -27.64
C16 PCW HB . -7.68 -11.11 -28.86
C17 PCW HB . -7.04 -12.55 -28.73
C18 PCW HB . -5.59 -12.52 -28.28
C19 PCW HB . -5.44 -12.52 -26.74
C20 PCW HB . -4.45 -11.81 -26.09
C21 PCW HB . -3.36 -10.93 -26.60
C22 PCW HB . -2.03 -11.68 -26.33
C23 PCW HB . -1.33 -12.33 -27.56
C24 PCW HB . -0.80 -13.73 -27.37
C25 PCW HB . -0.13 -14.16 -26.04
C26 PCW HB . 0.92 -15.26 -26.12
C27 PCW HB . 0.47 -16.71 -25.89
C28 PCW HB . 0.89 -17.17 -24.51
C31 PCW HB . -13.89 -5.83 -26.60
C32 PCW HB . -13.12 -4.62 -26.02
C33 PCW HB . -12.41 -3.66 -27.09
C34 PCW HB . -11.09 -4.21 -27.63
C35 PCW HB . -10.01 -3.94 -26.48
C36 PCW HB . -8.71 -3.32 -27.03
C37 PCW HB . -7.61 -3.02 -25.97
C38 PCW HB . -6.63 -4.15 -25.81
C39 PCW HB . -5.56 -3.85 -24.79
C40 PCW HB . -4.58 -2.97 -24.90
C41 PCW HB . -4.37 -2.07 -26.11
C42 PCW HB . -2.90 -1.48 -26.04
C43 PCW HB . -1.73 -2.44 -25.96
C44 PCW HB . -0.47 -1.60 -25.91
C45 PCW HB . 0.81 -2.37 -25.70
C46 PCW HB . 1.77 -1.70 -24.76
C47 PCW HB . 2.30 -2.55 -23.62
C48 PCW HB . 3.25 -1.73 -22.74
N PCW HB . -19.91 -8.04 -24.21
O2 PCW HB . -13.98 -5.68 -27.92
O3 PCW HB . -12.66 -8.12 -28.68
O11 PCW HB . -14.02 -9.77 -27.92
O31 PCW HB . -14.35 -6.80 -25.93
O1P PCW HB . -19.29 -6.89 -29.26
O2P PCW HB . -17.37 -8.39 -28.73
O3P PCW HB . -17.05 -5.83 -28.81
O4P PCW HB . -18.21 -6.96 -27.00
P PCW HB . -18.02 -7.08 -28.49
C1 PCW IB . -49.27 -8.73 15.07
C2 PCW IB . -48.02 -9.40 15.74
C3 PCW IB . -48.20 -9.48 17.30
C4 PCW IB . -45.97 -7.34 12.49
C5 PCW IB . -45.35 -5.95 12.47
C6 PCW IB . -46.17 -4.40 10.82
C7 PCW IB . -44.89 -6.22 10.13
C8 PCW IB . -43.80 -4.52 11.17
C11 PCW IB . -46.37 -9.40 18.84
C12 PCW IB . -45.15 -10.17 19.26
C13 PCW IB . -43.92 -9.61 18.47
C14 PCW IB . -42.58 -10.29 18.78
C15 PCW IB . -41.31 -9.39 18.64
C16 PCW IB . -40.61 -9.18 20.03
C17 PCW IB . -39.07 -8.89 20.02
C18 PCW IB . -38.23 -10.04 20.58
C19 PCW IB . -38.51 -10.30 22.08
C20 PCW IB . -38.05 -9.46 23.09
C21 PCW IB . -37.25 -8.21 23.07
C22 PCW IB . -36.44 -8.17 24.40
C23 PCW IB . -35.06 -7.49 24.36
C24 PCW IB . -34.13 -7.77 25.51
C25 PCW IB . -32.61 -8.00 25.26
C26 PCW IB . -31.76 -8.24 26.48
C27 PCW IB . -30.66 -7.21 26.81
C28 PCW IB . -31.09 -6.36 27.98
C31 PCW IB . -46.61 -11.14 14.93
C32 PCW IB . -46.63 -12.59 14.44
C33 PCW IB . -46.27 -13.69 15.55
C34 PCW IB . -44.92 -14.38 15.30
C35 PCW IB . -44.67 -15.29 16.57
C36 PCW IB . -43.17 -15.48 16.88
C37 PCW IB . -42.84 -16.37 18.13
C38 PCW IB . -41.48 -16.97 18.04
C39 PCW IB . -41.14 -17.82 19.23
C40 PCW IB . -39.94 -18.01 19.78
C41 PCW IB . -38.66 -17.35 19.27
C42 PCW IB . -37.89 -16.74 20.52
C43 PCW IB . -38.62 -15.79 21.45
C44 PCW IB . -37.64 -15.37 22.54
C45 PCW IB . -37.79 -13.95 23.02
C46 PCW IB . -38.35 -13.84 24.43
C47 PCW IB . -39.42 -14.83 24.81
C48 PCW IB . -39.89 -14.61 26.25
N PCW IB . -45.07 -5.31 11.21
O2 PCW IB . -47.86 -10.80 15.25
O3 PCW IB . -47.04 -10.09 17.87
O11 PCW IB . -46.67 -8.30 19.25
O31 PCW IB . -45.59 -10.38 15.01
O1P PCW IB . -48.75 -6.87 11.78
O2P PCW IB . -48.89 -5.98 14.11
O3P PCW IB . -49.13 -8.51 13.65
O4P PCW IB . -47.00 -7.34 13.52
P PCW IB . -48.46 -7.10 13.24
C1 PCW JB . -20.71 -17.47 -22.08
C2 PCW JB . -19.81 -16.25 -21.67
C3 PCW JB . -20.62 -15.26 -20.76
C4 PCW JB . -23.07 -20.69 -22.79
C5 PCW JB . -23.39 -20.86 -24.27
C6 PCW JB . -22.21 -22.96 -25.02
C7 PCW JB . -24.53 -22.56 -25.66
C8 PCW JB . -23.04 -21.59 -26.14
C11 PCW JB . -19.69 -13.11 -21.27
C12 PCW JB . -18.77 -12.05 -20.70
C13 PCW JB . -18.22 -11.20 -21.90
C14 PCW JB . -17.26 -10.05 -21.55
C15 PCW JB . -16.40 -10.23 -20.27
C16 PCW JB . -15.35 -9.08 -20.13
C17 PCW JB . -13.92 -9.33 -20.75
C18 PCW JB . -12.81 -9.37 -19.70
C19 PCW JB . -13.00 -10.50 -18.65
C20 PCW JB . -11.97 -10.95 -17.85
C21 PCW JB . -10.55 -10.58 -17.74
C22 PCW JB . -9.95 -11.46 -16.59
C23 PCW JB . -9.73 -10.78 -15.22
C24 PCW JB . -8.55 -11.24 -14.42
C25 PCW JB . -8.71 -11.76 -12.96
C26 PCW JB . -9.46 -10.84 -11.99
C27 PCW JB . -10.71 -11.41 -11.30
C28 PCW JB . -10.38 -11.83 -9.90
C31 PCW JB . -17.46 -16.42 -21.44
C32 PCW JB . -16.35 -16.96 -20.52
C33 PCW JB . -15.10 -17.64 -21.26
C34 PCW JB . -13.75 -17.16 -20.72
C35 PCW JB . -13.51 -18.00 -19.40
C36 PCW JB . -12.11 -17.79 -18.78
C37 PCW JB . -11.84 -18.60 -17.47
C38 PCW JB . -10.89 -17.91 -16.54
C39 PCW JB . -10.63 -18.70 -15.29
C40 PCW JB . -9.50 -18.80 -14.61
C41 PCW JB . -8.22 -18.10 -15.00
C42 PCW JB . -7.01 -19.10 -14.76
C43 PCW JB . -6.42 -19.21 -13.36
C44 PCW JB . -5.29 -20.22 -13.42
C45 PCW JB . -5.69 -21.66 -13.16
C46 PCW JB . -5.90 -22.46 -14.41
C47 PCW JB . -5.47 -23.91 -14.37
C48 PCW JB . -5.74 -24.62 -15.70
N PCW JB . -23.43 -22.17 -24.82
O2 PCW JB . -18.64 -16.71 -20.88
O3 PCW JB . -19.79 -14.15 -20.39
O11 PCW JB . -20.24 -13.04 -22.34
O31 PCW JB . -17.29 -15.79 -22.52
O1P PCW JB . -23.29 -19.55 -20.15
O2P PCW JB . -23.76 -17.46 -21.43
O3P PCW JB . -21.33 -18.17 -20.98
O4P PCW JB . -22.77 -19.29 -22.58
P PCW JB . -22.86 -18.62 -21.23
C1 PCW KB . -33.11 -30.62 -5.38
C2 PCW KB . -32.02 -31.64 -4.89
C3 PCW KB . -30.65 -31.33 -5.58
C4 PCW KB . -36.76 -27.94 -4.75
C5 PCW KB . -36.74 -26.86 -3.66
C6 PCW KB . -38.76 -26.05 -2.61
C7 PCW KB . -38.46 -25.69 -4.90
C8 PCW KB . -37.21 -24.43 -3.47
C11 PCW KB . -28.42 -32.20 -5.70
C12 PCW KB . -27.55 -33.28 -5.10
C13 PCW KB . -27.57 -34.52 -6.07
C14 PCW KB . -26.73 -35.70 -5.62
C15 PCW KB . -25.35 -35.87 -6.33
C16 PCW KB . -24.66 -37.22 -5.90
C17 PCW KB . -23.88 -38.01 -7.00
C18 PCW KB . -22.77 -38.91 -6.45
C19 PCW KB . -22.10 -39.77 -7.55
C20 PCW KB . -21.02 -40.62 -7.28
C21 PCW KB . -20.29 -40.94 -6.04
C22 PCW KB . -19.07 -39.97 -5.99
C23 PCW KB . -17.67 -40.57 -6.25
C24 PCW KB . -16.64 -39.64 -6.81
C25 PCW KB . -15.20 -39.57 -6.22
C26 PCW KB . -15.07 -39.04 -4.81
C27 PCW KB . -13.78 -39.37 -4.03
C28 PCW KB . -13.37 -38.21 -3.17
C31 PCW KB . -32.06 -32.63 -2.73
C32 PCW KB . -31.79 -32.34 -1.24
C33 PCW KB . -30.26 -32.08 -0.85
C34 PCW KB . -29.54 -33.32 -0.31
C35 PCW KB . -29.93 -33.40 1.22
C36 PCW KB . -28.72 -33.22 2.17
C37 PCW KB . -29.06 -33.29 3.69
C38 PCW KB . -28.22 -34.28 4.41
C39 PCW KB . -28.53 -34.37 5.88
C40 PCW KB . -28.03 -33.60 6.84
C41 PCW KB . -27.03 -32.49 6.60
C42 PCW KB . -25.57 -33.02 7.01
C43 PCW KB . -24.41 -32.05 6.98
C44 PCW KB . -23.17 -32.82 7.41
C45 PCW KB . -22.07 -32.92 6.38
C46 PCW KB . -20.70 -33.16 6.97
C47 PCW KB . -19.85 -31.94 7.20
C48 PCW KB . -18.49 -32.32 7.81
N PCW KB . -37.74 -25.82 -3.66
O2 PCW KB . -31.81 -31.51 -3.42
O3 PCW KB . -29.66 -32.28 -5.14
O11 PCW KB . -28.07 -31.41 -6.52
O31 PCW KB . -32.44 -33.73 -3.21
O1P PCW KB . -35.60 -30.02 -6.41
O2P PCW KB . -36.39 -31.51 -4.58
O3P PCW KB . -34.12 -30.31 -4.40
O4P PCW KB . -36.25 -29.15 -4.14
P PCW KB . -35.63 -30.28 -4.94
C1 PCW LB . -28.10 16.43 -12.83
C2 PCW LB . -26.54 16.55 -12.97
C3 PCW LB . -26.15 17.96 -13.51
C4 PCW LB . -30.46 14.02 -13.96
C5 PCW LB . -29.91 12.79 -14.72
C6 PCW LB . -32.28 12.10 -15.41
C7 PCW LB . -30.38 10.63 -15.86
C8 PCW LB . -31.04 11.15 -14.21
C11 PCW LB . -24.20 19.27 -13.98
C12 PCW LB . -22.70 19.16 -14.09
C13 PCW LB . -22.13 18.85 -12.66
C14 PCW LB . -20.61 18.70 -12.57
C15 PCW LB . -20.11 17.52 -11.71
C16 PCW LB . -18.66 17.78 -11.21
C17 PCW LB . -18.37 17.53 -9.69
C18 PCW LB . -17.34 18.50 -9.11
C19 PCW LB . -16.91 18.13 -7.68
C20 PCW LB . -16.09 18.95 -6.91
C21 PCW LB . -15.47 20.27 -7.17
C22 PCW LB . -13.96 20.12 -6.81
C23 PCW LB . -13.06 21.38 -6.98
C24 PCW LB . -12.12 21.39 -8.13
C25 PCW LB . -10.86 22.31 -8.13
C26 PCW LB . -10.92 23.54 -9.02
C27 PCW LB . -9.59 24.09 -9.58
C28 PCW LB . -9.86 25.23 -10.53
C31 PCW LB . -24.90 15.52 -11.60
C32 PCW LB . -24.36 15.45 -10.16
C33 PCW LB . -22.91 16.11 -9.94
C34 PCW LB . -22.31 15.82 -8.56
C35 PCW LB . -21.13 14.80 -8.83
C36 PCW LB . -20.09 14.77 -7.67
C37 PCW LB . -18.90 13.77 -7.88
C38 PCW LB . -17.74 14.41 -8.57
C39 PCW LB . -16.59 13.47 -8.77
C40 PCW LB . -15.33 13.65 -8.39
C41 PCW LB . -14.81 14.86 -7.64
C42 PCW LB . -13.72 14.37 -6.59
C43 PCW LB . -13.52 15.18 -5.32
C44 PCW LB . -12.43 14.49 -4.52
C45 PCW LB . -11.03 14.62 -5.07
C46 PCW LB . -9.93 14.41 -4.06
C47 PCW LB . -10.33 14.14 -2.63
C48 PCW LB . -9.11 13.96 -1.73
N PCW LB . -30.81 11.95 -15.46
O2 PCW LB . -25.90 16.39 -11.63
O3 PCW LB . -24.73 18.06 -13.65
O11 PCW LB . -24.84 20.27 -14.17
O31 PCW LB . -24.45 14.86 -12.59
O1P PCW LB . -31.15 16.65 -12.95
O2P PCW LB . -30.89 17.30 -15.35
O3P PCW LB . -28.84 17.18 -13.81
O4P PCW LB . -29.97 15.20 -14.65
P PCW LB . -30.29 16.60 -14.18
C1 PCW MB . -42.08 -13.10 8.06
C2 PCW MB . -41.49 -12.77 9.49
C3 PCW MB . -42.65 -12.32 10.44
C4 PCW MB . -44.45 -17.34 8.39
C5 PCW MB . -43.44 -18.48 8.48
C6 PCW MB . -43.86 -19.78 6.34
C7 PCW MB . -41.60 -19.54 7.23
C8 PCW MB . -43.05 -20.41 8.00
C11 PCW MB . -42.94 -12.26 12.81
C12 PCW MB . -42.23 -11.87 14.09
C13 PCW MB . -41.04 -12.86 14.32
C14 PCW MB . -40.21 -12.59 15.58
C15 PCW MB . -39.90 -13.83 16.47
C16 PCW MB . -38.91 -13.45 17.63
C17 PCW MB . -39.51 -12.99 19.00
C18 PCW MB . -40.83 -13.70 19.34
C19 PCW MB . -41.42 -13.26 20.70
C20 PCW MB . -42.79 -13.24 20.94
C21 PCW MB . -43.96 -13.57 20.09
C22 PCW MB . -44.99 -14.30 21.01
C23 PCW MB . -45.50 -15.69 20.53
C24 PCW MB . -44.85 -16.88 21.16
C25 PCW MB . -45.11 -17.25 22.64
C26 PCW MB . -44.36 -16.45 23.68
C27 PCW MB . -44.79 -16.59 25.15
C28 PCW MB . -43.86 -15.82 26.04
C31 PCW MB . -39.56 -13.95 10.22
C32 PCW MB . -39.08 -15.28 10.84
C33 PCW MB . -39.86 -15.73 12.17
C34 PCW MB . -40.83 -16.89 11.93
C35 PCW MB . -40.95 -17.66 13.31
C36 PCW MB . -42.42 -17.93 13.72
C37 PCW MB . -42.63 -18.68 15.07
C38 PCW MB . -44.07 -18.82 15.42
C39 PCW MB . -44.28 -19.55 16.72
C40 PCW MB . -45.38 -19.57 17.47
C41 PCW MB . -46.66 -18.83 17.13
C42 PCW MB . -47.79 -19.32 18.13
C43 PCW MB . -47.63 -19.04 19.61
C44 PCW MB . -48.86 -19.62 20.31
C45 PCW MB . -48.70 -19.90 21.78
C46 PCW MB . -49.30 -18.84 22.65
C47 PCW MB . -49.56 -19.22 24.09
C48 PCW MB . -50.18 -18.04 24.85
N PCW MB . -42.97 -19.09 7.29
O2 PCW MB . -40.88 -14.00 10.09
O3 PCW MB . -42.13 -12.02 11.74
O11 PCW MB . -44.06 -12.71 12.74
O31 PCW MB . -38.80 -12.97 9.90
O1P PCW MB . -44.60 -14.50 9.02
O2P PCW MB . -44.55 -14.28 6.53
O3P PCW MB . -42.36 -14.50 7.86
O4P PCW MB . -43.89 -16.37 7.48
P PCW MB . -43.92 -14.88 7.73
C1 PCW NB . -32.10 21.70 -6.56
C2 PCW NB . -31.20 21.58 -5.26
C3 PCW NB . -29.75 21.10 -5.64
C4 PCW NB . -34.40 19.81 -10.03
C5 PCW NB . -33.91 19.14 -11.31
C6 PCW NB . -33.43 19.07 -13.67
C7 PCW NB . -33.52 21.14 -12.59
C8 PCW NB . -35.50 20.07 -12.95
C11 PCW NB . -27.88 21.81 -4.31
C12 PCW NB . -27.20 21.51 -2.99
C13 PCW NB . -26.02 22.54 -2.80
C14 PCW NB . -25.23 22.37 -1.51
C15 PCW NB . -23.84 23.07 -1.47
C16 PCW NB . -23.83 24.22 -0.41
C17 PCW NB . -23.69 23.79 1.10
C18 PCW NB . -22.37 23.09 1.42
C19 PCW NB . -22.55 21.60 1.78
C20 PCW NB . -21.68 20.93 2.64
C21 PCW NB . -20.49 21.38 3.41
C22 PCW NB . -20.19 20.29 4.48
C23 PCW NB . -20.01 18.83 3.98
C24 PCW NB . -18.63 18.28 3.98
C25 PCW NB . -18.20 17.12 3.04
C26 PCW NB . -18.59 15.72 3.47
C27 PCW NB . -18.28 14.55 2.52
C28 PCW NB . -17.85 13.34 3.32
C31 PCW NB . -30.65 23.93 -5.36
C32 PCW NB . -30.59 25.20 -4.49
C33 PCW NB . -29.54 26.32 -4.96
C34 PCW NB . -28.55 26.73 -3.86
C35 PCW NB . -27.16 26.92 -4.59
C36 PCW NB . -25.98 26.42 -3.73
C37 PCW NB . -24.56 26.58 -4.37
C38 PCW NB . -23.53 25.77 -3.67
C39 PCW NB . -22.16 25.90 -4.28
C40 PCW NB . -21.03 26.23 -3.67
C41 PCW NB . -20.93 26.52 -2.19
C42 PCW NB . -20.12 25.34 -1.49
C43 PCW NB . -19.84 25.44 -0.01
C44 PCW NB . -19.08 24.20 0.40
C45 PCW NB . -17.59 24.25 0.19
C46 PCW NB . -16.89 25.33 0.99
C47 PCW NB . -16.29 26.47 0.20
C48 PCW NB . -15.61 27.49 1.12
N PCW NB . -34.09 19.82 -12.57
O2 PCW NB . -31.08 22.91 -4.58
O3 PCW NB . -28.95 20.98 -4.45
O11 PCW NB . -27.53 22.63 -5.11
O31 PCW NB . -30.34 23.87 -6.58
O1P PCW NB . -32.02 21.28 -9.31
O2P PCW NB . -31.20 19.02 -8.61
O3P PCW NB . -32.63 20.44 -7.01
O4P PCW NB . -33.55 19.32 -8.96
P PCW NB . -32.28 20.03 -8.52
C1 PCW OB . -20.71 16.98 -22.83
C2 PCW OB . -19.66 18.07 -22.39
C3 PCW OB . -19.10 18.82 -23.64
C4 PCW OB . -24.05 18.24 -23.37
C5 PCW OB . -23.72 19.73 -23.45
C6 PCW OB . -26.16 20.30 -23.97
C7 PCW OB . -24.44 22.05 -23.98
C8 PCW OB . -24.58 20.59 -25.11
C11 PCW OB . -18.39 21.10 -23.59
C12 PCW OB . -17.30 21.99 -23.05
C13 PCW OB . -17.91 22.85 -21.88
C14 PCW OB . -16.94 23.82 -21.20
C15 PCW OB . -16.99 23.88 -19.65
C16 PCW OB . -15.85 23.00 -19.02
C17 PCW OB . -16.15 22.34 -17.64
C18 PCW OB . -14.97 22.48 -16.66
C19 PCW OB . -14.55 21.11 -16.06
C20 PCW OB . -13.22 20.70 -16.02
C21 PCW OB . -11.97 21.34 -16.50
C22 PCW OB . -10.81 20.37 -16.09
C23 PCW OB . -10.14 19.54 -17.21
C24 PCW OB . -9.95 18.08 -16.94
C25 PCW OB . -8.53 17.51 -16.65
C26 PCW OB . -7.95 17.85 -15.29
C27 PCW OB . -7.20 16.72 -14.52
C28 PCW OB . -6.21 17.32 -13.56
C31 PCW OB . -19.80 19.16 -20.30
C32 PCW OB . -20.56 20.24 -19.51
C33 PCW OB . -19.96 20.62 -18.08
C34 PCW OB . -21.04 20.91 -17.02
C35 PCW OB . -20.54 22.19 -16.24
C36 PCW OB . -20.11 21.88 -14.79
C37 PCW OB . -19.61 23.10 -13.96
C38 PCW OB . -18.61 23.93 -14.71
C39 PCW OB . -18.11 25.12 -13.94
C40 PCW OB . -16.92 25.25 -13.36
C41 PCW OB . -15.85 24.17 -13.39
C42 PCW OB . -14.43 24.87 -13.22
C43 PCW OB . -13.46 24.82 -14.38
C44 PCW OB . -12.19 25.54 -13.93
C45 PCW OB . -10.94 25.17 -14.68
C46 PCW OB . -10.11 24.12 -13.99
C47 PCW OB . -9.08 23.42 -14.83
C48 PCW OB . -8.31 22.38 -14.00
N PCW OB . -24.77 20.69 -23.63
O2 PCW OB . -20.32 19.08 -21.52
O3 PCW OB . -18.15 19.81 -23.23
O11 PCW OB . -19.33 21.47 -24.25
O31 PCW OB . -18.84 18.47 -19.84
O1P PCW OB . -23.30 15.45 -23.18
O2P PCW OB . -23.75 15.79 -20.75
O3P PCW OB . -21.46 16.41 -21.73
O4P PCW OB . -23.47 17.73 -22.13
P PCW OB . -23.05 16.29 -21.95
C1 PCW PB . -17.17 -12.69 -27.58
C2 PCW PB . -16.27 -13.73 -26.81
C3 PCW PB . -15.54 -14.65 -27.84
C4 PCW PB . -20.09 -13.06 -25.64
C5 PCW PB . -21.39 -13.75 -25.22
C6 PCW PB . -23.01 -13.91 -23.25
C7 PCW PB . -22.78 -11.82 -24.49
C8 PCW PB . -23.40 -13.44 -25.12
C11 PCW PB . -13.60 -16.08 -27.76
C12 PCW PB . -12.92 -17.09 -26.86
C13 PCW PB . -11.40 -17.20 -27.28
C14 PCW PB . -10.57 -18.20 -26.48
C15 PCW PB . -10.72 -18.13 -24.92
C16 PCW PB . -9.45 -18.70 -24.18
C17 PCW PB . -9.50 -18.78 -22.63
C18 PCW PB . -8.29 -18.16 -21.93
C19 PCW PB . -7.88 -18.89 -20.63
C20 PCW PB . -6.57 -18.96 -20.20
C21 PCW PB . -5.32 -18.42 -20.75
C22 PCW PB . -4.18 -19.32 -20.19
C23 PCW PB . -3.24 -20.02 -21.20
C24 PCW PB . -1.99 -20.62 -20.66
C25 PCW PB . -1.79 -22.17 -20.64
C26 PCW PB . -0.62 -22.70 -19.81
C27 PCW PB . -0.89 -23.82 -18.81
C28 PCW PB . -0.10 -23.57 -17.53
C31 PCW PB . -15.70 -12.36 -24.97
C32 PCW PB . -14.50 -11.70 -24.27
C33 PCW PB . -14.31 -12.08 -22.72
C34 PCW PB . -14.66 -13.53 -22.41
C35 PCW PB . -15.17 -13.52 -20.91
C36 PCW PB . -14.03 -13.70 -19.90
C37 PCW PB . -14.46 -13.69 -18.39
C38 PCW PB . -13.95 -14.89 -17.66
C39 PCW PB . -14.35 -14.92 -16.22
C40 PCW PB . -13.53 -14.90 -15.17
C41 PCW PB . -12.01 -14.85 -15.28
C42 PCW PB . -11.42 -14.52 -13.84
C43 PCW PB . -10.51 -15.55 -13.18
C44 PCW PB . -10.10 -14.98 -11.84
C45 PCW PB . -9.72 -15.99 -10.78
C46 PCW PB . -8.60 -15.55 -9.89
C47 PCW PB . -7.25 -16.18 -10.16
C48 PCW PB . -6.18 -15.66 -9.19
N PCW PB . -22.24 -13.14 -24.24
O2 PCW PB . -15.23 -13.02 -26.02
O3 PCW PB . -14.72 -15.62 -27.14
O11 PCW PB . -13.23 -15.74 -28.85
O31 PCW PB . -16.91 -12.29 -24.60
O1P PCW PB . -20.27 -12.15 -28.39
O2P PCW PB . -20.23 -14.59 -28.88
O3P PCW PB . -18.03 -13.29 -28.58
O4P PCW PB . -19.52 -13.86 -26.71
P PCW PB . -19.58 -13.46 -28.18
C1 PCW QB . -45.03 0.35 11.55
C2 PCW QB . -44.06 0.55 12.79
C3 PCW QB . -44.89 0.51 14.12
C4 PCW QB . -46.41 1.23 8.35
C5 PCW QB . -47.36 1.05 7.17
C6 PCW QB . -46.89 -1.13 5.95
C7 PCW QB . -49.17 -0.57 6.65
C8 PCW QB . -48.12 0.33 5.42
C11 PCW QB . -44.53 1.21 16.41
C12 PCW QB . -43.45 1.29 17.45
C13 PCW QB . -43.19 2.80 17.78
C14 PCW QB . -42.10 3.05 18.83
C15 PCW QB . -42.60 3.47 20.24
C16 PCW QB . -41.38 3.83 21.18
C17 PCW QB . -41.47 3.41 22.68
C18 PCW QB . -40.14 2.90 23.24
C19 PCW QB . -39.95 3.23 24.73
C20 PCW QB . -38.69 3.34 25.31
C21 PCW QB . -37.31 3.21 24.76
C22 PCW QB . -36.35 3.77 25.86
C23 PCW QB . -35.96 5.26 25.77
C24 PCW QB . -36.20 6.09 27.00
C25 PCW QB . -36.43 7.63 26.92
C26 PCW QB . -35.61 8.48 27.87
C27 PCW QB . -36.24 9.78 28.39
C28 PCW QB . -35.17 10.85 28.52
C31 PCW QB . -42.02 -0.39 12.04
C32 PCW QB . -41.09 -1.61 12.22
C33 PCW QB . -39.53 -1.27 12.14
C34 PCW QB . -38.66 -2.30 12.86
C35 PCW QB . -37.18 -1.74 12.80
C36 PCW QB . -36.27 -2.36 13.88
C37 PCW QB . -34.79 -1.87 13.88
C38 PCW QB . -33.86 -2.88 14.47
C39 PCW QB . -32.43 -2.42 14.49
C40 PCW QB . -31.85 -1.60 15.37
C41 PCW QB . -32.58 -0.97 16.54
C42 PCW QB . -31.74 0.29 17.03
C43 PCW QB . -31.75 0.66 18.51
C44 PCW QB . -30.87 1.89 18.67
C45 PCW QB . -29.43 1.61 18.97
C46 PCW QB . -28.55 2.83 18.90
C47 PCW QB . -27.29 2.71 18.08
C48 PCW QB . -26.50 4.02 18.09
N PCW QB . -47.76 -0.25 6.76
O2 PCW QB . -43.07 -0.55 12.86
O3 PCW QB . -44.01 0.69 15.26
O11 PCW QB . -45.68 1.55 16.56
O31 PCW QB . -41.82 0.57 11.26
O1P PCW QB . -43.68 0.34 8.79
O2P PCW QB . -44.68 -1.92 8.42
O3P PCW QB . -44.75 -0.84 10.76
O4P PCW QB . -46.15 -0.09 8.90
P PCW QB . -44.75 -0.63 9.16
C1 PCW RB . -35.41 -5.84 5.69
C2 PCW RB . -34.72 -5.98 7.11
C3 PCW RB . -35.76 -5.70 8.23
C4 PCW RB . -38.88 -5.17 5.23
C5 PCW RB . -40.21 -5.29 5.97
C6 PCW RB . -42.32 -4.03 6.65
C7 PCW RB . -41.71 -4.21 4.29
C8 PCW RB . -42.17 -5.58 5.45
C11 PCW RB . -35.46 -4.95 10.49
C12 PCW RB . -34.70 -5.26 11.74
C13 PCW RB . -35.65 -6.01 12.73
C14 PCW RB . -35.03 -6.41 14.08
C15 PCW RB . -36.04 -6.76 15.22
C16 PCW RB . -36.21 -8.30 15.34
C17 PCW RB . -36.53 -8.88 16.76
C18 PCW RB . -35.44 -9.78 17.32
C19 PCW RB . -35.11 -9.46 18.79
C20 PCW RB . -34.07 -10.09 19.47
C21 PCW RB . -33.09 -11.12 19.08
C22 PCW RB . -31.88 -10.37 18.45
C23 PCW RB . -30.45 -10.78 18.91
C24 PCW RB . -29.50 -9.67 19.23
C25 PCW RB . -28.35 -9.30 18.24
C26 PCW RB . -27.85 -7.87 18.28
C27 PCW RB . -26.48 -7.57 17.63
C28 PCW RB . -25.99 -6.21 18.05
C31 PCW RB . -33.03 -7.59 6.74
C32 PCW RB . -32.64 -9.06 7.01
C33 PCW RB . -31.16 -9.48 6.59
C34 PCW RB . -31.12 -10.59 5.53
C35 PCW RB . -29.82 -11.44 5.85
C36 PCW RB . -30.15 -12.83 6.47
C37 PCW RB . -28.91 -13.72 6.80
C38 PCW RB . -28.42 -13.48 8.19
C39 PCW RB . -27.23 -14.34 8.54
C40 PCW RB . -26.08 -13.93 9.08
C41 PCW RB . -25.78 -12.48 9.43
C42 PCW RB . -24.24 -12.37 9.82
C43 PCW RB . -23.22 -12.47 8.70
C44 PCW RB . -21.85 -12.34 9.34
C45 PCW RB . -21.21 -10.98 9.21
C46 PCW RB . -19.76 -11.02 8.83
C47 PCW RB . -19.34 -10.18 7.65
C48 PCW RB . -17.83 -10.33 7.39
N PCW RB . -41.29 -4.39 5.66
O2 PCW RB . -34.21 -7.37 7.29
O3 PCW RB . -35.12 -5.84 9.52
O11 PCW RB . -36.26 -4.05 10.37
O31 PCW RB . -32.34 -6.76 6.07
O1P PCW RB . -37.13 -6.20 3.12
O2P PCW RB . -37.79 -8.40 4.06
O3P PCW RB . -35.85 -7.08 5.11
O4P PCW RB . -38.19 -6.45 5.40
P PCW RB . -37.26 -7.05 4.34
C1 PCW SB . -44.10 9.65 8.53
C2 PCW SB . -42.87 8.83 9.06
C3 PCW SB . -41.95 9.77 9.92
C4 PCW SB . -42.54 8.36 5.44
C5 PCW SB . -41.34 8.19 4.52
C6 PCW SB . -40.85 6.03 3.27
C7 PCW SB . -41.69 8.00 2.07
C8 PCW SB . -40.08 7.79 2.95
C11 PCW SB . -39.74 8.89 9.58
C12 PCW SB . -38.68 8.10 10.28
C13 PCW SB . -37.63 9.11 10.87
C14 PCW SB . -36.46 8.46 11.62
C15 PCW SB . -35.13 9.26 11.60
C16 PCW SB . -35.07 10.29 12.78
C17 PCW SB . -33.69 10.94 13.10
C18 PCW SB . -33.71 11.82 14.36
C19 PCW SB . -34.02 11.03 15.65
C20 PCW SB . -33.29 11.19 16.82
C21 PCW SB . -32.13 12.05 17.16
C22 PCW SB . -30.95 11.10 17.52
C23 PCW SB . -30.72 10.78 19.02
C24 PCW SB . -29.49 11.36 19.65
C25 PCW SB . -28.07 11.01 19.13
C26 PCW SB . -26.95 11.91 19.57
C27 PCW SB . -25.65 11.95 18.73
C28 PCW SB . -25.32 13.37 18.36
C31 PCW SB . -43.15 6.52 9.46
C32 PCW SB . -43.69 5.51 10.48
C33 PCW SB . -42.62 4.46 11.05
C34 PCW SB . -42.69 4.27 12.56
C35 PCW SB . -41.48 3.31 12.92
C36 PCW SB . -41.53 2.82 14.38
C37 PCW SB . -40.36 1.87 14.78
C38 PCW SB . -40.87 0.56 15.30
C39 PCW SB . -39.76 -0.38 15.70
C40 PCW SB . -39.59 -0.95 16.88
C41 PCW SB . -40.52 -0.75 18.06
C42 PCW SB . -39.64 -0.37 19.33
C43 PCW SB . -38.97 0.99 19.36
C44 PCW SB . -38.21 1.08 20.68
C45 PCW SB . -36.74 1.39 20.56
C46 PCW SB . -36.36 2.73 21.14
C47 PCW SB . -34.92 2.89 21.59
C48 PCW SB . -34.68 4.29 22.16
N PCW SB . -41.45 7.37 3.36
O2 PCW SB . -43.34 7.74 9.95
O3 PCW SB . -40.82 9.04 10.41
O11 PCW SB . -39.66 9.33 8.47
O31 PCW SB . -42.62 6.23 8.34
O1P PCW SB . -44.93 10.00 5.69
O2P PCW SB . -43.29 11.87 5.47
O3P PCW SB . -43.75 10.82 7.76
O4P PCW SB . -42.45 9.69 6.01
P PCW SB . -43.65 10.61 6.18
C1 PCW TB . -38.34 -18.74 5.44
C2 PCW TB . -36.95 -18.01 5.61
C3 PCW TB . -37.13 -16.77 6.56
C4 PCW TB . -38.39 -21.42 2.99
C5 PCW TB . -38.94 -22.15 1.76
C6 PCW TB . -38.77 -20.48 -0.16
C7 PCW TB . -38.21 -22.84 -0.50
C8 PCW TB . -39.86 -22.11 -0.06
C11 PCW TB . -35.77 -14.83 6.24
C12 PCW TB . -34.42 -14.28 6.56
C13 PCW TB . -34.58 -13.28 7.77
C14 PCW TB . -33.29 -12.62 8.25
C15 PCW TB . -32.98 -12.76 9.77
C16 PCW TB . -31.47 -12.44 10.05
C17 PCW TB . -31.03 -10.93 9.99
C18 PCW TB . -29.57 -10.69 10.38
C19 PCW TB . -29.39 -10.41 11.89
C20 PCW TB . -28.13 -10.33 12.48
C21 PCW TB . -26.76 -10.46 11.95
C22 PCW TB . -26.02 -9.13 12.23
C23 PCW TB . -25.29 -9.01 13.60
C24 PCW TB . -25.13 -7.64 14.17
C25 PCW TB . -25.92 -6.42 13.58
C26 PCW TB . -25.47 -5.04 14.01
C27 PCW TB . -26.48 -4.16 14.76
C28 PCW TB . -27.70 -3.92 13.90
C31 PCW TB . -35.10 -19.48 5.40
C32 PCW TB . -34.20 -20.43 6.20
C33 PCW TB . -32.63 -20.21 6.02
C34 PCW TB . -31.78 -20.94 7.06
C35 PCW TB . -32.43 -20.62 8.46
C36 PCW TB . -31.40 -20.56 9.62
C37 PCW TB . -32.00 -20.25 11.02
C38 PCW TB . -31.40 -19.02 11.62
C39 PCW TB . -31.97 -18.70 12.97
C40 PCW TB . -31.30 -18.26 14.03
C41 PCW TB . -29.81 -18.00 14.05
C42 PCW TB . -29.56 -16.45 13.74
C43 PCW TB . -29.00 -16.08 12.38
C44 PCW TB . -28.86 -14.55 12.34
C45 PCW TB . -27.55 -14.02 12.89
C46 PCW TB . -26.34 -14.84 12.55
C47 PCW TB . -25.00 -14.34 13.03
C48 PCW TB . -23.88 -15.30 12.60
N PCW TB . -38.50 -21.80 0.46
O2 PCW TB . -35.98 -18.94 6.25
O3 PCW TB . -35.88 -16.09 6.74
O11 PCW TB . -36.63 -14.23 5.66
O31 PCW TB . -35.01 -19.26 4.16
O1P PCW TB . -40.70 -20.23 4.31
O2P PCW TB . -40.65 -18.71 2.34
O3P PCW TB . -39.16 -18.21 4.38
O4P PCW TB . -38.70 -20.02 2.80
P PCW TB . -39.88 -19.31 3.45
C1 PCW UB . -30.01 22.52 -11.31
C2 PCW UB . -28.65 21.94 -10.74
C3 PCW UB . -28.12 20.78 -11.69
C4 PCW UB . -30.02 24.41 -15.83
C5 PCW UB . -28.75 24.32 -16.67
C6 PCW UB . -29.20 21.90 -17.31
C7 PCW UB . -27.30 23.09 -18.28
C8 PCW UB . -27.57 22.65 -16.51
C11 PCW UB . -26.94 19.31 -10.19
C12 PCW UB . -25.54 18.90 -9.81
C13 PCW UB . -24.98 19.94 -8.77
C14 PCW UB . -23.55 19.66 -8.29
C15 PCW UB . -22.56 20.86 -8.44
C16 PCW UB . -22.06 20.99 -9.92
C17 PCW UB . -20.89 21.98 -10.21
C18 PCW UB . -19.54 21.50 -9.66
C19 PCW UB . -18.41 21.58 -10.71
C20 PCW UB . -17.40 22.53 -10.67
C21 PCW UB . -17.13 23.64 -9.73
C22 PCW UB . -15.60 23.59 -9.40
C23 PCW UB . -14.91 24.91 -8.96
C24 PCW UB . -14.86 25.18 -7.49
C25 PCW UB . -13.53 25.01 -6.70
C26 PCW UB . -12.82 26.29 -6.29
C27 PCW UB . -11.90 26.95 -7.34
C28 PCW UB . -11.20 28.14 -6.72
C31 PCW UB . -27.76 23.92 -9.77
C32 PCW UB . -26.59 24.90 -9.86
C33 PCW UB . -25.56 24.89 -8.61
C34 PCW UB . -25.74 23.67 -7.69
C35 PCW UB . -24.46 23.64 -6.75
C36 PCW UB . -24.39 22.34 -5.91
C37 PCW UB . -23.15 22.23 -4.97
C38 PCW UB . -22.99 20.85 -4.42
C39 PCW UB . -21.80 20.73 -3.52
C40 PCW UB . -20.96 19.70 -3.43
C41 PCW UB . -21.07 18.42 -4.25
C42 PCW UB . -19.75 17.56 -4.02
C43 PCW UB . -18.39 18.25 -4.14
C44 PCW UB . -17.33 17.19 -3.87
C45 PCW UB . -15.99 17.75 -3.44
C46 PCW UB . -15.17 16.79 -2.61
C47 PCW UB . -14.89 17.24 -1.19
C48 PCW UB . -14.06 16.19 -0.43
N PCW UB . -28.53 23.19 -17.52
O2 PCW UB . -27.59 22.98 -10.71
O3 PCW UB . -26.88 20.26 -11.16
O11 PCW UB . -27.95 18.87 -9.70
O31 PCW UB . -28.72 24.00 -8.95
O1P PCW UB . -31.98 23.94 -13.71
O2P PCW UB . -30.32 25.21 -12.33
O3P PCW UB . -30.03 22.68 -12.74
O4P PCW UB . -29.59 24.35 -14.44
P PCW UB . -30.55 24.10 -13.29
C1 PCW VB . -19.83 -27.90 -21.90
C2 PCW VB . -18.29 -28.18 -22.09
C3 PCW VB . -17.48 -26.85 -21.96
C4 PCW VB . -20.26 -31.38 -24.55
C5 PCW VB . -20.04 -31.31 -26.07
C6 PCW VB . -19.42 -33.49 -26.89
C7 PCW VB . -17.80 -32.14 -25.90
C8 PCW VB . -18.50 -31.55 -27.98
C11 PCW VB . -15.61 -27.43 -23.37
C12 PCW VB . -14.13 -27.65 -23.30
C13 PCW VB . -13.40 -26.34 -23.79
C14 PCW VB . -11.87 -26.41 -23.77
C15 PCW VB . -11.24 -27.83 -23.77
C16 PCW VB . -10.22 -28.01 -24.95
C17 PCW VB . -10.26 -29.36 -25.73
C18 PCW VB . -8.93 -30.10 -25.71
C19 PCW VB . -9.00 -31.51 -26.35
C20 PCW VB . -7.91 -32.13 -26.92
C21 PCW VB . -6.49 -31.70 -27.07
C22 PCW VB . -5.62 -32.98 -26.88
C23 PCW VB . -5.51 -33.56 -25.44
C24 PCW VB . -4.76 -34.84 -25.29
C25 PCW VB . -3.21 -34.89 -25.48
C26 PCW VB . -2.54 -36.25 -25.32
C27 PCW VB . -1.01 -36.31 -25.34
C28 PCW VB . -0.46 -36.05 -23.96
C31 PCW VB . -17.51 -30.31 -21.42
C32 PCW VB . -17.02 -31.12 -20.20
C33 PCW VB . -15.69 -31.98 -20.44
C34 PCW VB . -15.70 -33.32 -19.70
C35 PCW VB . -14.65 -34.21 -20.45
C36 PCW VB . -14.26 -35.48 -19.64
C37 PCW VB . -13.21 -36.41 -20.32
C38 PCW VB . -11.81 -35.94 -20.08
C39 PCW VB . -10.78 -36.83 -20.74
C40 PCW VB . -9.68 -37.31 -20.18
C41 PCW VB . -9.26 -37.05 -18.75
C42 PCW VB . -7.71 -36.68 -18.74
C43 PCW VB . -7.11 -36.08 -17.49
C44 PCW VB . -5.63 -35.84 -17.77
C45 PCW VB . -5.30 -34.55 -18.46
C46 PCW VB . -3.96 -33.98 -18.08
C47 PCW VB . -2.76 -34.62 -18.73
C48 PCW VB . -1.45 -33.96 -18.27
N PCW VB . -19.00 -32.08 -26.67
O2 PCW VB . -17.80 -29.09 -21.01
O3 PCW VB . -16.07 -27.11 -22.13
O11 PCW VB . -16.28 -27.52 -24.35
O31 PCW VB . -17.62 -30.74 -22.61
O1P PCW VB . -22.48 -30.45 -22.95
O2P PCW VB . -21.90 -28.25 -23.97
O3P PCW VB . -20.64 -29.09 -21.87
O4P PCW VB . -20.29 -30.01 -24.09
P PCW VB . -21.41 -29.44 -23.24
C1 PCW WB . -24.80 -25.61 -16.93
C2 PCW WB . -24.61 -25.22 -15.41
C3 PCW WB . -25.88 -25.63 -14.59
C4 PCW WB . -25.17 -29.89 -16.50
C5 PCW WB . -25.02 -31.34 -16.97
C6 PCW WB . -27.22 -31.12 -17.98
C7 PCW WB . -26.27 -33.24 -17.72
C8 PCW WB . -25.39 -31.91 -19.35
C11 PCW WB . -26.82 -25.16 -12.43
C12 PCW WB . -26.42 -24.80 -11.02
C13 PCW WB . -27.13 -23.44 -10.64
C14 PCW WB . -26.83 -22.93 -9.23
C15 PCW WB . -27.40 -21.52 -8.89
C16 PCW WB . -27.85 -21.46 -7.38
C17 PCW WB . -27.01 -22.28 -6.35
C18 PCW WB . -26.64 -21.48 -5.09
C19 PCW WB . -25.13 -21.54 -4.76
C20 PCW WB . -24.60 -22.39 -3.80
C21 PCW WB . -25.22 -23.37 -2.88
C22 PCW WB . -24.11 -23.83 -1.90
C23 PCW WB . -23.86 -22.98 -0.63
C24 PCW WB . -23.01 -23.59 0.44
C25 PCW WB . -23.41 -24.94 1.10
C26 PCW WB . -24.78 -25.00 1.74
C27 PCW WB . -25.01 -26.03 2.86
C28 PCW WB . -25.20 -25.31 4.18
C31 PCW WB . -22.27 -25.43 -15.15
C32 PCW WB . -21.19 -26.28 -14.45
C33 PCW WB . -21.31 -27.87 -14.66
C34 PCW WB . -20.01 -28.62 -14.37
C35 PCW WB . -20.11 -29.07 -12.85
C36 PCW WB . -18.72 -29.22 -12.18
C37 PCW WB . -18.75 -29.66 -10.68
C38 PCW WB . -17.69 -28.97 -9.88
C39 PCW WB . -17.69 -29.39 -8.43
C40 PCW WB . -17.96 -28.62 -7.38
C41 PCW WB . -18.33 -27.15 -7.45
C42 PCW WB . -17.86 -26.44 -6.10
C43 PCW WB . -16.40 -26.13 -5.90
C44 PCW WB . -16.26 -25.47 -4.54
C45 PCW WB . -14.83 -25.24 -4.07
C46 PCW WB . -14.75 -24.68 -2.67
C47 PCW WB . -14.96 -23.19 -2.55
C48 PCW WB . -14.85 -22.73 -1.09
N PCW WB . -25.93 -31.86 -17.95
O2 PCW WB . -23.46 -25.94 -14.83
O3 PCW WB . -25.71 -25.28 -13.20
O11 PCW WB . -27.95 -25.32 -12.81
O31 PCW WB . -22.05 -24.43 -15.88
O1P PCW WB . -26.14 -27.67 -18.09
O2P PCW WB . -24.12 -28.17 -19.47
O3P PCW WB . -23.93 -26.68 -17.37
O4P PCW WB . -24.23 -29.08 -17.26
P PCW WB . -24.66 -27.91 -18.11
C1 PCW XB . -31.94 -16.43 -4.69
C2 PCW XB . -30.54 -16.01 -4.10
C3 PCW XB . -30.17 -14.57 -4.61
C4 PCW XB . -34.25 -18.00 -1.93
C5 PCW XB . -34.78 -19.44 -1.97
C6 PCW XB . -32.61 -20.48 -2.82
C7 PCW XB . -34.34 -21.88 -1.81
C8 PCW XB . -34.43 -20.91 -3.37
C11 PCW XB . -28.03 -13.54 -4.88
C12 PCW XB . -26.81 -13.17 -4.09
C13 PCW XB . -27.28 -12.22 -2.92
C14 PCW XB . -26.16 -11.73 -1.99
C15 PCW XB . -26.56 -10.60 -1.00
C16 PCW XB . -25.32 -9.70 -0.63
C17 PCW XB . -25.45 -8.17 -0.92
C18 PCW XB . -24.11 -7.42 -0.91
C19 PCW XB . -24.18 -6.03 -1.57
C20 PCW XB . -23.13 -5.11 -1.49
C21 PCW XB . -21.79 -5.19 -0.85
C22 PCW XB . -21.70 -3.97 0.13
C23 PCW XB . -20.30 -3.51 0.61
C24 PCW XB . -19.75 -2.27 -0.03
C25 PCW XB . -19.30 -2.27 -1.51
C26 PCW XB . -18.33 -3.37 -1.91
C27 PCW XB . -16.86 -2.98 -2.12
C28 PCW XB . -16.02 -4.21 -2.32
C31 PCW XB . -30.48 -17.14 -2.03
C32 PCW XB . -30.56 -16.93 -0.51
C33 PCW XB . -30.58 -18.25 0.40
C34 PCW XB . -29.29 -19.08 0.32
C35 PCW XB . -28.19 -18.27 1.14
C36 PCW XB . -27.15 -19.20 1.80
C37 PCW XB . -26.02 -18.50 2.61
C38 PCW XB . -24.88 -18.13 1.74
C39 PCW XB . -23.76 -17.46 2.50
C40 PCW XB . -22.47 -17.72 2.42
C41 PCW XB . -21.86 -18.79 1.52
C42 PCW XB . -20.28 -18.71 1.67
C43 PCW XB . -19.52 -19.98 2.01
C44 PCW XB . -18.05 -19.60 2.09
C45 PCW XB . -17.11 -20.78 2.20
C46 PCW XB . -15.74 -20.52 1.64
C47 PCW XB . -14.58 -21.17 2.36
C48 PCW XB . -13.24 -20.85 1.68
N PCW XB . -33.86 -20.54 -2.05
O2 PCW XB . -30.61 -15.96 -2.62
O3 PCW XB . -28.90 -14.20 -4.06
O11 PCW XB . -28.22 -13.26 -6.02
O31 PCW XB . -30.32 -18.25 -2.62
O1P PCW XB . -35.18 -15.43 -2.97
O2P PCW XB . -35.17 -16.67 -5.14
O3P PCW XB . -33.02 -15.59 -4.24
O4P PCW XB . -33.97 -17.63 -3.30
P PCW XB . -34.41 -16.30 -3.92
C1 PCW YB . -27.05 6.82 -13.46
C2 PCW YB . -26.40 7.43 -12.15
C3 PCW YB . -24.84 7.42 -12.29
C4 PCW YB . -29.29 4.36 -15.70
C5 PCW YB . -30.28 4.18 -16.84
C6 PCW YB . -28.77 5.17 -18.64
C7 PCW YB . -30.68 3.78 -19.26
C8 PCW YB . -30.70 5.42 -18.42
C11 PCW YB . -23.46 7.12 -10.35
C12 PCW YB . -22.89 7.86 -9.16
C13 PCW YB . -21.33 7.66 -9.17
C14 PCW YB . -20.57 8.34 -8.03
C15 PCW YB . -20.15 7.41 -6.85
C16 PCW YB . -18.89 7.99 -6.09
C17 PCW YB . -18.92 7.99 -4.53
C18 PCW YB . -17.53 7.90 -3.89
C19 PCW YB . -16.91 9.29 -3.60
C20 PCW YB . -16.33 9.60 -2.36
C21 PCW YB . -16.16 8.82 -1.12
C22 PCW YB . -15.27 9.69 -0.16
C23 PCW YB . -15.65 9.74 1.34
C24 PCW YB . -14.82 10.63 2.22
C25 PCW YB . -14.66 10.35 3.73
C26 PCW YB . -14.85 11.54 4.65
C27 PCW YB . -14.78 11.31 6.18
C28 PCW YB . -13.35 11.17 6.62
C31 PCW YB . -28.00 8.99 -11.34
C32 PCW YB . -28.30 10.49 -11.26
C33 PCW YB . -28.16 11.12 -9.80
C34 PCW YB . -27.14 12.26 -9.73
C35 PCW YB . -25.72 11.56 -9.72
C36 PCW YB . -24.91 11.86 -11.00
C37 PCW YB . -23.49 11.20 -11.07
C38 PCW YB . -22.53 11.83 -10.12
C39 PCW YB . -21.15 11.21 -10.18
C40 PCW YB . -20.10 11.67 -10.84
C41 PCW YB . -20.10 12.93 -11.67
C42 PCW YB . -18.59 13.33 -11.98
C43 PCW YB . -18.32 14.38 -13.03
C44 PCW YB . -16.82 14.55 -13.12
C45 PCW YB . -16.31 15.96 -13.06
C46 PCW YB . -15.23 16.17 -12.04
C47 PCW YB . -13.80 16.04 -12.54
C48 PCW YB . -12.79 16.27 -11.40
N PCW YB . -29.82 4.23 -18.20
O2 PCW YB . -26.84 8.84 -11.98
O3 PCW YB . -24.24 7.96 -11.10
O11 PCW YB . -23.25 5.97 -10.61
O31 PCW YB . -28.72 8.06 -10.87
O1P PCW YB . -28.70 4.67 -12.87
O2P PCW YB . -30.75 6.10 -12.92
O3P PCW YB . -28.47 7.09 -13.58
O4P PCW YB . -29.70 5.56 -15.00
P PCW YB . -29.44 5.81 -13.53
C1 PCW ZB . -25.65 6.89 -23.11
C2 PCW ZB . -24.92 6.60 -21.75
C3 PCW ZB . -24.82 5.06 -21.51
C4 PCW ZB . -26.23 10.79 -21.24
C5 PCW ZB . -27.56 11.40 -20.78
C6 PCW ZB . -29.19 11.84 -18.86
C7 PCW ZB . -27.34 10.27 -18.57
C8 PCW ZB . -27.25 12.09 -18.86
C11 PCW ZB . -24.87 4.29 -19.24
C12 PCW ZB . -23.97 4.14 -18.04
C13 PCW ZB . -23.70 5.57 -17.44
C14 PCW ZB . -22.80 5.59 -16.21
C15 PCW ZB . -21.87 6.84 -16.08
C16 PCW ZB . -22.08 7.54 -14.69
C17 PCW ZB . -22.29 9.09 -14.70
C18 PCW ZB . -21.35 9.85 -13.76
C19 PCW ZB . -19.95 10.07 -14.37
C20 PCW ZB . -18.81 9.58 -13.76
C21 PCW ZB . -18.59 8.79 -12.53
C22 PCW ZB . -17.10 8.97 -12.13
C23 PCW ZB . -16.79 9.82 -10.88
C24 PCW ZB . -16.20 9.11 -9.71
C25 PCW ZB . -16.43 9.63 -8.26
C26 PCW ZB . -15.22 9.63 -7.34
C27 PCW ZB . -15.11 10.74 -6.29
C28 PCW ZB . -13.80 10.65 -5.56
C31 PCW ZB . -23.16 7.86 -20.76
C32 PCW ZB . -21.71 8.32 -20.97
C33 PCW ZB . -20.60 7.21 -20.69
C34 PCW ZB . -19.35 7.76 -20.00
C35 PCW ZB . -18.16 6.81 -20.43
C36 PCW ZB . -16.78 7.50 -20.35
C37 PCW ZB . -15.56 6.62 -20.78
C38 PCW ZB . -15.06 5.77 -19.66
C39 PCW ZB . -13.88 4.92 -20.05
C40 PCW ZB . -13.18 4.10 -19.26
C41 PCW ZB . -13.48 3.87 -17.79
C42 PCW ZB . -13.14 5.22 -16.99
C43 PCW ZB . -12.05 5.17 -15.94
C44 PCW ZB . -11.95 6.56 -15.33
C45 PCW ZB . -10.56 7.15 -15.31
C46 PCW ZB . -9.55 6.31 -14.58
C47 PCW ZB . -8.34 7.04 -14.03
C48 PCW ZB . -7.39 6.07 -13.31
N PCW ZB . -28.12 11.05 -19.49
O2 PCW ZB . -23.53 7.12 -21.81
O3 PCW ZB . -24.15 4.83 -20.26
O11 PCW ZB . -26.03 3.97 -19.27
O31 PCW ZB . -23.89 8.14 -19.76
O1P PCW ZB . -26.39 10.51 -24.13
O2P PCW ZB . -27.98 8.66 -23.57
O3P PCW ZB . -25.45 8.22 -23.60
O4P PCW ZB . -26.55 9.49 -21.83
P PCW ZB . -26.65 9.26 -23.33
C1 PCW AC . -22.83 7.25 -28.46
C2 PCW AC . -21.49 7.15 -27.63
C3 PCW AC . -21.78 6.73 -26.14
C4 PCW AC . -23.56 2.89 -27.08
C5 PCW AC . -23.27 3.07 -25.59
C6 PCW AC . -23.20 0.66 -24.77
C7 PCW AC . -21.77 2.36 -23.74
C8 PCW AC . -23.62 2.27 -23.73
C11 PCW AC . -20.56 5.94 -24.23
C12 PCW AC . -19.16 5.94 -23.66
C13 PCW AC . -18.73 4.44 -23.46
C14 PCW AC . -17.33 4.24 -22.87
C15 PCW AC . -16.69 2.84 -23.13
C16 PCW AC . -15.60 2.53 -22.04
C17 PCW AC . -16.10 1.86 -20.72
C18 PCW AC . -15.42 0.51 -20.43
C19 PCW AC . -15.86 -0.62 -21.39
C20 PCW AC . -15.08 -1.75 -21.61
C21 PCW AC . -13.75 -2.16 -21.10
C22 PCW AC . -14.02 -2.94 -19.78
C23 PCW AC . -12.89 -3.87 -19.27
C24 PCW AC . -13.21 -4.72 -18.08
C25 PCW AC . -13.61 -6.21 -18.28
C26 PCW AC . -14.84 -6.68 -17.53
C27 PCW AC . -14.64 -7.70 -16.38
C28 PCW AC . -15.45 -8.95 -16.64
C31 PCW AC . -19.38 6.56 -28.54
C32 PCW AC . -18.56 5.38 -29.10
C33 PCW AC . -17.05 5.27 -28.59
C34 PCW AC . -16.93 5.08 -27.08
C35 PCW AC . -16.29 6.42 -26.53
C36 PCW AC . -15.17 6.17 -25.49
C37 PCW AC . -14.50 7.44 -24.90
C38 PCW AC . -13.54 7.10 -23.81
C39 PCW AC . -12.86 8.30 -23.22
C40 PCW AC . -12.01 8.34 -22.20
C41 PCW AC . -11.56 7.10 -21.45
C42 PCW AC . -10.23 7.48 -20.66
C43 PCW AC . -8.92 6.85 -21.11
C44 PCW AC . -7.81 7.37 -20.20
C45 PCW AC . -6.43 6.86 -20.50
C46 PCW AC . -6.29 5.36 -20.44
C47 PCW AC . -5.06 4.77 -21.08
C48 PCW AC . -5.05 3.24 -20.95
N PCW AC . -22.65 2.02 -24.85
O2 PCW AC . -20.60 6.10 -28.20
O3 PCW AC . -20.55 6.62 -25.42
O11 PCW AC . -21.52 5.44 -23.73
O31 PCW AC . -18.97 7.76 -28.42
O1P PCW AC . -25.09 4.33 -29.11
O2P PCW AC . -22.82 4.86 -30.01
O3P PCW AC . -23.84 6.28 -28.11
O4P PCW AC . -22.98 4.04 -27.76
P PCW AC . -23.71 4.84 -28.82
C1 PCW BC . -42.45 -24.05 8.35
C2 PCW BC . -40.94 -23.67 8.55
C3 PCW BC . -40.82 -22.54 9.64
C4 PCW BC . -40.57 -26.62 5.27
C5 PCW BC . -40.17 -26.56 3.79
C6 PCW BC . -37.75 -26.57 3.85
C7 PCW BC . -38.86 -27.29 1.92
C8 PCW BC . -38.90 -28.69 3.73
C11 PCW BC . -39.03 -21.76 11.05
C12 PCW BC . -37.55 -21.46 11.00
C13 PCW BC . -37.38 -19.89 10.99
C14 PCW BC . -35.93 -19.38 10.94
C15 PCW BC . -35.41 -19.01 9.52
C16 PCW BC . -35.00 -17.50 9.46
C17 PCW BC . -33.53 -17.13 9.88
C18 PCW BC . -32.79 -16.27 8.86
C19 PCW BC . -32.16 -17.09 7.70
C20 PCW BC . -30.81 -17.41 7.68
C21 PCW BC . -29.69 -17.10 8.61
C22 PCW BC . -28.40 -17.59 7.91
C23 PCW BC . -27.40 -18.46 8.73
C24 PCW BC . -26.01 -18.56 8.20
C25 PCW BC . -24.79 -18.05 9.03
C26 PCW BC . -23.43 -18.16 8.37
C27 PCW BC . -22.83 -19.57 8.15
C28 PCW BC . -22.91 -19.94 6.69
C31 PCW BC . -39.22 -25.27 8.22
C32 PCW BC . -38.54 -26.49 8.88
C33 PCW BC . -37.06 -26.21 9.43
C34 PCW BC . -36.14 -25.58 8.39
C35 PCW BC . -34.66 -25.97 8.83
C36 PCW BC . -33.77 -24.74 9.10
C37 PCW BC . -32.31 -25.05 9.53
C38 PCW BC . -31.33 -24.12 8.90
C39 PCW BC . -29.90 -24.39 9.31
C40 PCW BC . -29.33 -24.06 10.46
C41 PCW BC . -30.02 -23.31 11.58
C42 PCW BC . -29.94 -24.20 12.90
C43 PCW BC . -28.71 -25.06 13.13
C44 PCW BC . -28.90 -25.78 14.45
C45 PCW BC . -27.63 -26.01 15.24
C46 PCW BC . -27.78 -27.09 16.28
C47 PCW BC . -26.88 -28.30 16.14
C48 PCW BC . -27.12 -29.32 17.27
N PCW BC . -38.97 -27.24 3.35
O2 PCW BC . -40.17 -24.84 9.05
O3 PCW BC . -39.43 -22.20 9.82
O11 PCW BC . -39.73 -21.64 12.01
O31 PCW BC . -38.94 -24.78 7.09
O1P PCW BC . -42.07 -26.71 7.78
O2P PCW BC . -44.04 -26.53 6.24
O3P PCW BC . -42.79 -24.40 7.00
O4P PCW BC . -41.88 -25.97 5.37
P PCW BC . -42.72 -25.97 6.63
C1 17F CC . -13.06 -5.08 -35.88
N1 17F CC . -13.29 -2.60 -35.63
O1 17F CC . -11.95 -5.29 -38.72
P1 17F CC . -12.30 -6.47 -37.85
C2 17F CC . -13.59 -3.75 -36.47
O2 17F CC . -12.85 -7.68 -38.54
C3 17F CC . -15.12 -3.84 -36.67
O3 17F CC . -13.32 -6.13 -36.73
C4 17F CC . -11.11 -8.09 -36.16
O4 17F CC . -15.62 -4.73 -37.35
C5 17F CC . -9.75 -8.45 -35.49
O5 17F CC . -15.93 -3.00 -36.14
C6 17F CC . -8.63 -8.43 -36.56
O6 17F CC . -11.03 -6.99 -37.05
C7 17F CC . -6.46 -9.29 -36.77
O7 17F CC . -7.36 -8.75 -36.01
C8 17F CC . -5.19 -9.52 -35.94
O8 17F CC . -6.50 -9.58 -37.94
C9 17F CC . -4.14 -8.38 -36.09
O9 17F CC . -9.43 -7.62 -34.38
C10 17F CC . -2.83 -8.57 -35.25
O10 17F CC . -10.27 -9.25 -32.98
C11 17F CC . -3.04 -8.56 -33.68
C12 17F CC . -1.69 -8.74 -32.91
C17 17F CC . -9.62 -8.23 -33.22
C18 17F CC . -8.91 -7.52 -32.08
C19 17F CC . -7.47 -8.03 -31.81
C20 17F CC . -6.90 -7.50 -30.44
C1X 17F CC . -1.94 -8.73 -31.39
C1Y 17F CC . -5.47 -8.01 -30.19
C1Z 17F CC . -5.30 -8.50 -28.74
C2X 17F CC . -0.59 -8.92 -30.57
C21 17F CC . -0.84 -9.08 -29.03
C22 17F CC . -0.14 -8.49 -28.12
C23 17F CC . 1.02 -7.59 -28.32
C24 17F CC . 2.33 -8.31 -28.62
C25 17F CC . 3.56 -7.42 -28.83
C26 17F CC . 4.07 -6.61 -27.55
C27 17F CC . 5.29 -5.75 -27.79
C28 17F CC . 5.64 -5.02 -26.43
C29 17F CC . 5.63 -3.57 -26.67
C30 17F CC . 5.95 -2.73 -25.45
C31 17F CC . -5.20 -7.38 -27.63
C32 17F CC . -5.03 -7.92 -26.18
C33 17F CC . -3.93 -7.13 -25.49
C34 17F CC . -3.51 -7.32 -24.24
C35 17F CC . -4.05 -8.33 -23.25
C36 17F CC . -2.96 -9.25 -22.61
C37 17F CC . -3.33 -9.51 -21.20
C38 17F CC . -4.43 -10.59 -21.02
C39 17F CC . -4.77 -10.82 -19.53
C40 17F CC . -5.83 -11.94 -19.40
C41 17F CC . -5.13 -13.35 -19.30
C42 17F CC . -5.39 -14.38 -20.41
C1 17F DC . -29.68 -11.98 -15.40
N1 17F DC . -30.51 -9.73 -14.73
O1 17F DC . -27.98 -11.62 -18.05
P1 17F DC . -28.49 -12.91 -17.45
C2 17F DC . -30.87 -11.03 -15.25
O2 17F DC . -28.79 -14.03 -18.40
C3 17F DC . -31.92 -11.69 -14.32
O3 17F DC . -29.77 -12.70 -16.59
C4 17F DC . -27.70 -14.73 -15.71
O4 17F DC . -32.38 -12.79 -14.57
C5 17F DC . -26.54 -15.11 -14.75
O5 17F DC . -32.37 -11.10 -13.27
C6 17F DC . -25.78 -16.34 -15.27
O6 17F DC . -27.45 -13.52 -16.41
C7 17F DC . -24.06 -17.76 -14.45
O7 17F DC . -24.71 -16.64 -14.39
C8 17F DC . -22.95 -17.63 -13.39
O8 17F DC . -24.16 -18.72 -15.16
C9 17F DC . -21.73 -16.85 -13.93
O9 17F DC . -25.64 -14.01 -14.50
C10 17F DC . -20.57 -16.59 -12.91
O10 17F DC . -26.75 -12.76 -12.93
C11 17F DC . -20.59 -15.09 -12.45
C12 17F DC . -19.48 -14.70 -11.41
C17 17F DC . -25.83 -13.49 -13.31
C18 17F DC . -24.72 -13.87 -12.34
C19 17F DC . -25.12 -13.88 -10.84
C20 17F DC . -23.95 -13.41 -9.90
C1X 17F DC . -19.67 -13.21 -11.08
C1Y 17F DC . -24.39 -13.43 -8.41
C1Z 17F DC . -23.48 -14.31 -7.57
C2X 17F DC . -18.62 -12.66 -10.01
C21 17F DC . -19.36 -12.01 -8.80
C22 17F DC . -19.18 -10.79 -8.37
C23 17F DC . -18.27 -9.78 -8.90
C24 17F DC . -18.94 -8.60 -9.61
C25 17F DC . -18.01 -7.53 -10.14
C26 17F DC . -16.73 -7.23 -9.23
C27 17F DC . -15.80 -6.16 -9.75
C28 17F DC . -14.61 -6.02 -8.72
C29 17F DC . -15.15 -5.53 -7.44
C30 17F DC . -14.13 -5.35 -6.36
C31 17F DC . -22.09 -13.70 -7.14
C32 17F DC . -21.17 -14.61 -6.30
C33 17F DC . -19.74 -14.15 -6.46
C34 17F DC . -18.69 -14.71 -5.87
C35 17F DC . -18.71 -15.89 -4.93
C36 17F DC . -17.32 -16.54 -4.69
C37 17F DC . -17.04 -16.56 -3.24
C38 17F DC . -15.66 -15.99 -2.84
C39 17F DC . -15.44 -16.05 -1.32
C40 17F DC . -14.31 -15.11 -0.89
C41 17F DC . -14.88 -13.87 -0.08
C42 17F DC . -14.59 -12.46 -0.58
C1 17F EC . -16.28 -12.76 -32.35
N1 17F EC . -17.42 -10.81 -33.44
O1 17F EC . -14.46 -10.91 -31.12
P1 17F EC . -14.06 -11.53 -32.43
C2 17F EC . -17.58 -12.16 -32.93
O2 17F EC . -13.53 -10.60 -33.48
C3 17F EC . -18.68 -12.19 -31.86
O3 17F EC . -15.17 -12.37 -33.10
C4 17F EC . -12.34 -13.30 -33.33
O4 17F EC . -18.99 -13.24 -31.30
C5 17F EC . -11.21 -14.27 -32.90
O5 17F EC . -19.33 -11.14 -31.51
C6 17F EC . -11.38 -15.63 -33.61
O6 17F EC . -12.89 -12.59 -32.22
C7 17F EC . -9.58 -17.03 -34.13
O7 17F EC . -10.35 -16.52 -33.23
C8 17F EC . -8.52 -17.90 -33.41
O8 17F EC . -9.56 -16.89 -35.33
C9 17F EC . -9.15 -19.16 -32.73
O9 17F EC . -9.90 -13.72 -33.13
C10 17F EC . -8.14 -20.09 -31.96
O10 17F EC . -9.33 -13.85 -30.90
C11 17F EC . -8.20 -19.93 -30.39
C12 17F EC . -7.19 -20.88 -29.66
C17 17F EC . -9.33 -13.32 -32.02
C18 17F EC . -8.59 -12.01 -32.21
C19 17F EC . -7.29 -12.13 -33.05
C20 17F EC . -6.29 -13.19 -32.47
C1X 17F EC . -7.28 -20.70 -28.14
C1Y 17F EC . -5.02 -13.28 -33.33
C1Z 17F EC . -4.18 -14.50 -32.91
C2X 17F EC . -6.26 -21.64 -27.34
C21 17F EC . -6.62 -21.75 -25.82
C22 17F EC . -6.43 -20.81 -24.95
C23 17F EC . -5.86 -19.47 -25.18
C24 17F EC . -4.55 -19.21 -24.45
C25 17F EC . -3.91 -17.85 -24.64
C26 17F EC . -3.27 -17.22 -23.32
C27 17F EC . -2.64 -15.86 -23.49
C28 17F EC . -2.08 -15.43 -22.08
C29 17F EC . -2.05 -13.95 -22.01
C30 17F EC . -1.53 -13.40 -20.72
C31 17F EC . -2.78 -14.66 -33.60
C32 17F EC . -1.97 -15.90 -33.16
C33 17F EC . -0.50 -15.71 -33.58
C34 17F EC . 0.47 -16.60 -33.37
C35 17F EC . 0.35 -17.94 -32.68
C36 17F EC . 0.39 -17.87 -31.12
C37 17F EC . 1.27 -18.95 -30.61
C38 17F EC . 2.74 -18.52 -30.37
C39 17F EC . 3.59 -19.68 -29.85
C40 17F EC . 5.06 -19.27 -29.77
C41 17F EC . 5.88 -19.88 -30.98
C42 17F EC . 7.42 -19.90 -30.90
C1 17F FC . -39.72 21.95 -4.76
N1 17F FC . -38.21 19.96 -5.02
O1 17F FC . -36.88 24.01 -4.06
P1 17F FC . -37.82 23.00 -3.42
C2 17F FC . -39.30 20.55 -4.26
O2 17F FC . -38.38 24.06 -2.52
C3 17F FC . -40.51 19.61 -4.29
O3 17F FC . -39.30 22.94 -3.86
C4 17F FC . -38.31 21.43 -1.38
O4 17F FC . -41.56 19.90 -3.71
C5 17F FC . -37.76 20.90 -0.01
O5 17F FC . -40.51 18.48 -4.92
C6 17F FC . -37.01 19.57 -0.26
O6 17F FC . -37.45 22.37 -2.01
C7 17F FC . -36.97 17.88 1.33
O7 17F FC . -36.49 19.01 0.93
C8 17F FC . -36.16 17.44 2.58
O8 17F FC . -37.82 17.18 0.86
C9 17F FC . -34.94 16.55 2.22
O9 17F FC . -36.93 21.85 0.69
C10 17F FC . -34.06 16.06 3.43
O10 17F FC . -38.30 21.63 2.53
C11 17F FC . -34.81 16.03 4.80
C12 17F FC . -33.91 15.53 5.98
C17 17F FC . -37.43 22.21 1.86
C18 17F FC . -36.79 23.48 2.40
C19 17F FC . -37.81 24.54 2.89
C20 17F FC . -37.76 24.72 4.45
C1X 17F FC . -34.73 15.55 7.27
C1Y 17F FC . -38.78 25.79 4.91
C1Z 17F FC . -38.31 26.48 6.20
C2X 17F FC . -33.90 15.04 8.56
C21 17F FC . -34.74 14.04 9.42
C22 17F FC . -34.94 14.15 10.70
C23 17F FC . -34.44 15.20 11.58
C24 17F FC . -35.01 16.59 11.30
C25 17F FC . -34.51 17.72 12.19
C26 17F FC . -32.95 17.70 12.51
C27 17F FC . -32.45 18.81 13.39
C28 17F FC . -30.89 18.61 13.57
C29 17F FC . -30.25 19.94 13.59
C30 17F FC . -28.75 19.90 13.76
C31 17F FC . -37.09 27.46 6.06
C32 17F FC . -36.64 28.15 7.37
C33 17F FC . -35.12 28.18 7.41
C34 17F FC . -34.38 28.70 8.40
C35 17F FC . -34.89 29.36 9.65
C36 17F FC . -34.77 30.90 9.68
C37 17F FC . -33.35 31.28 9.96
C38 17F FC . -32.88 32.54 9.20
C39 17F FC . -31.40 32.88 9.53
C40 17F FC . -31.29 34.29 10.12
C41 17F FC . -30.51 35.26 9.14
C42 17F FC . -31.16 35.64 7.79
C1 17F GC . -31.75 -27.21 -10.13
N1 17F GC . -33.73 -28.60 -10.76
O1 17F GC . -31.20 -23.87 -9.13
P1 17F GC . -30.82 -25.29 -8.77
C2 17F GC . -33.03 -27.35 -10.98
O2 17F GC . -29.55 -25.82 -9.38
C3 17F GC . -32.67 -27.19 -12.47
O3 17F GC . -31.94 -26.32 -9.08
C4 17F GC . -30.26 -26.69 -6.61
O4 17F GC . -32.07 -26.20 -12.87
C5 17F GC . -30.09 -26.61 -5.06
O5 17F GC . -32.98 -28.09 -13.35
C6 17F GC . -31.10 -27.55 -4.36
O6 17F GC . -30.61 -25.43 -7.19
C7 17F GC . -31.89 -27.89 -2.17
O7 17F GC . -30.93 -27.49 -2.96
C8 17F GC . -31.41 -27.66 -0.72
O8 17F GC . -32.97 -28.35 -2.42
C9 17F GC . -31.93 -26.34 -0.10
O9 17F GC . -28.75 -26.89 -4.64
C10 17F GC . -31.47 -26.04 1.36
O10 17F GC . -27.89 -24.74 -4.55
C11 17F GC . -30.70 -24.67 1.49
C12 17F GC . -30.23 -24.35 2.97
C17 17F GC . -27.92 -25.91 -4.97
C18 17F GC . -26.89 -26.36 -5.99
C19 17F GC . -25.44 -25.91 -5.68
C20 17F GC . -24.43 -26.30 -6.82
C1X 17F GC . -29.50 -23.01 2.97
C1Y 17F GC . -22.99 -25.83 -6.48
C1Z 17F GC . -22.22 -26.94 -5.77
C2X 17F GC . -28.96 -22.58 4.43
C21 17F GC . -27.60 -21.83 4.32
C22 17F GC . -26.83 -21.53 5.31
C23 17F GC . -27.04 -21.83 6.73
C24 17F GC . -25.97 -22.71 7.35
C25 17F GC . -26.14 -23.05 8.83
C26 17F GC . -25.49 -22.01 9.85
C27 17F GC . -25.65 -22.34 11.31
C28 17F GC . -24.94 -21.19 12.12
C29 17F GC . -25.82 -20.01 12.13
C30 17F GC . -25.26 -18.83 12.87
C31 17F GC . -22.38 -27.04 -4.21
C32 17F GC . -21.58 -28.19 -3.53
C33 17F GC . -20.10 -27.80 -3.54
C34 17F GC . -19.13 -28.56 -3.03
C35 17F GC . -19.28 -29.91 -2.37
C36 17F GC . -18.21 -30.96 -2.79
C37 17F GC . -17.01 -30.80 -1.93
C38 17F GC . -16.07 -32.04 -1.90
C39 17F GC . -14.84 -31.80 -1.00
C40 17F GC . -14.20 -33.14 -0.60
C41 17F GC . -12.79 -33.31 -1.29
C42 17F GC . -11.84 -34.39 -0.78
C1 17F HC . -20.09 -23.54 -28.39
N1 17F HC . -19.76 -21.72 -26.70
O1 17F HC . -19.17 -26.24 -28.77
P1 17F HC . -19.09 -25.63 -27.39
C2 17F HC . -19.71 -22.07 -28.11
O2 17F HC . -19.53 -26.52 -26.24
C3 17F HC . -20.64 -21.14 -28.91
O3 17F HC . -19.90 -24.32 -27.26
C4 17F HC . -17.31 -24.61 -25.77
O4 17F HC . -20.76 -21.26 -30.12
C5 17F HC . -15.81 -24.26 -25.58
O5 17F HC . -21.32 -20.21 -28.36
C6 17F HC . -15.35 -23.24 -26.65
O6 17F HC . -17.62 -25.20 -27.02
C7 17F HC . -13.10 -23.44 -27.26
O7 17F HC . -13.98 -22.92 -26.47
C8 17F HC . -11.70 -22.94 -26.81
O8 17F HC . -13.22 -24.21 -28.19
C9 17F HC . -11.53 -22.98 -25.27
O9 17F HC . -15.47 -23.82 -24.25
C10 17F HC . -10.14 -22.49 -24.70
O10 17F HC . -16.80 -21.93 -24.45
C11 17F HC . -9.75 -23.13 -23.31
C12 17F HC . -8.36 -22.61 -22.78
C17 17F HC . -16.22 -22.82 -23.81
C18 17F HC . -16.31 -22.83 -22.30
C19 17F HC . -15.33 -21.86 -21.59
C20 17F HC . -13.82 -22.27 -21.80
C1X 17F HC . -8.01 -23.26 -21.43
C1Y 17F HC . -12.89 -21.29 -21.06
C1Z 17F HC . -12.31 -21.93 -19.80
C2X 17F HC . -6.61 -22.74 -20.86
C21 17F HC . -5.90 -23.78 -19.95
C22 17F HC . -5.24 -23.49 -18.88
C23 17F HC . -5.04 -22.16 -18.31
C24 17F HC . -3.74 -21.99 -17.54
C25 17F HC . -3.48 -20.61 -16.93
C26 17F HC . -1.94 -20.16 -16.84
C27 17F HC . -1.72 -18.80 -16.23
C28 17F HC . -0.17 -18.51 -16.20
C29 17F HC . 0.06 -17.28 -15.42
C30 17F HC . 1.50 -16.87 -15.30
C31 17F HC . -10.81 -21.60 -19.47
C32 17F HC . -10.24 -22.26 -18.18
C33 17F HC . -11.14 -21.91 -17.00
C34 17F HC . -10.95 -22.30 -15.75
C35 17F HC . -9.83 -23.16 -15.22
C36 17F HC . -10.24 -24.07 -14.03
C37 17F HC . -11.29 -25.03 -14.47
C38 17F HC . -11.71 -26.08 -13.42
C39 17F HC . -12.80 -27.01 -13.96
C40 17F HC . -13.10 -28.13 -12.95
C41 17F HC . -14.42 -28.89 -13.35
C42 17F HC . -15.66 -28.08 -13.71
N LEU A 3 -26.52 -31.43 33.80
CA LEU A 3 -27.56 -32.45 33.73
C LEU A 3 -28.00 -32.66 32.29
N LYS A 4 -28.53 -31.60 31.69
CA LYS A 4 -29.00 -31.65 30.31
C LYS A 4 -27.85 -31.95 29.37
N LEU A 5 -26.70 -31.35 29.65
CA LEU A 5 -25.51 -31.55 28.85
C LEU A 5 -24.94 -32.94 29.04
N LEU A 6 -25.12 -33.47 30.24
CA LEU A 6 -24.61 -34.80 30.57
C LEU A 6 -25.31 -35.87 29.74
N ASP A 7 -26.64 -35.85 29.75
CA ASP A 7 -27.43 -36.82 28.99
C ASP A 7 -27.29 -36.58 27.49
N ASN A 8 -27.18 -35.31 27.11
CA ASN A 8 -27.03 -34.95 25.71
C ASN A 8 -25.73 -35.51 25.16
N TRP A 9 -24.65 -35.33 25.91
CA TRP A 9 -23.34 -35.81 25.50
C TRP A 9 -23.24 -37.33 25.62
N ASP A 10 -24.09 -37.94 26.43
CA ASP A 10 -24.09 -39.39 26.58
C ASP A 10 -24.34 -40.05 25.24
N SER A 11 -25.32 -39.51 24.52
CA SER A 11 -25.67 -40.00 23.19
C SER A 11 -24.51 -39.76 22.22
N VAL A 12 -23.72 -38.74 22.51
CA VAL A 12 -22.56 -38.42 21.69
C VAL A 12 -21.47 -39.46 21.91
N THR A 13 -21.31 -39.85 23.16
CA THR A 13 -20.31 -40.86 23.52
C THR A 13 -20.65 -42.19 22.85
N SER A 14 -21.94 -42.54 22.85
CA SER A 14 -22.39 -43.79 22.24
C SER A 14 -22.24 -43.76 20.72
N THR A 15 -22.48 -42.60 20.12
CA THR A 15 -22.34 -42.48 18.68
C THR A 15 -20.86 -42.49 18.29
N PHE A 16 -20.04 -41.86 19.13
CA PHE A 16 -18.60 -41.81 18.90
C PHE A 16 -17.98 -43.20 19.01
N SER A 17 -18.42 -43.96 20.02
CA SER A 17 -17.91 -45.31 20.21
C SER A 17 -18.32 -46.19 19.04
N LYS A 18 -19.58 -46.10 18.65
CA LYS A 18 -20.07 -46.87 17.52
C LYS A 18 -19.39 -46.43 16.23
N LEU A 19 -19.03 -45.16 16.15
CA LEU A 19 -18.34 -44.63 15.00
C LEU A 19 -16.95 -45.24 14.93
N ARG A 20 -16.26 -45.27 16.06
CA ARG A 20 -14.91 -45.85 16.13
C ARG A 20 -14.98 -47.36 15.94
N GLU A 21 -16.01 -47.98 16.51
CA GLU A 21 -16.22 -49.42 16.38
C GLU A 21 -16.43 -49.78 14.92
N GLN A 22 -17.07 -48.88 14.19
CA GLN A 22 -17.32 -49.08 12.78
C GLN A 22 -16.09 -48.69 11.97
N LEU A 23 -15.38 -47.65 12.44
CA LEU A 23 -14.18 -47.18 11.78
C LEU A 23 -13.13 -48.27 11.68
N GLY A 24 -13.14 -49.18 12.65
CA GLY A 24 -12.21 -50.29 12.64
C GLY A 24 -12.33 -51.08 11.36
N PRO A 25 -13.43 -51.83 11.19
CA PRO A 25 -13.68 -52.60 9.97
C PRO A 25 -13.63 -51.70 8.73
N VAL A 26 -14.15 -50.47 8.87
CA VAL A 26 -14.16 -49.51 7.77
C VAL A 26 -12.75 -49.28 7.23
N THR A 27 -11.81 -48.95 8.11
CA THR A 27 -10.44 -48.71 7.68
C THR A 27 -9.80 -49.99 7.16
N GLN A 28 -10.10 -51.12 7.81
CA GLN A 28 -9.57 -52.41 7.41
C GLN A 28 -10.02 -52.76 5.99
N GLU A 29 -11.33 -52.65 5.76
CA GLU A 29 -11.93 -52.95 4.47
C GLU A 29 -11.54 -51.91 3.43
N PHE A 30 -11.51 -50.64 3.84
CA PHE A 30 -11.13 -49.56 2.95
C PHE A 30 -9.69 -49.74 2.50
N TRP A 31 -8.82 -50.09 3.45
CA TRP A 31 -7.42 -50.33 3.14
C TRP A 31 -7.27 -51.54 2.25
N ASP A 32 -8.12 -52.54 2.45
CA ASP A 32 -8.07 -53.75 1.62
C ASP A 32 -8.36 -53.37 0.17
N ASN A 33 -9.37 -52.53 -0.02
CA ASN A 33 -9.73 -52.06 -1.35
C ASN A 33 -8.59 -51.20 -1.89
N LEU A 34 -8.01 -50.38 -1.02
CA LEU A 34 -6.90 -49.52 -1.38
C LEU A 34 -5.71 -50.36 -1.81
N GLU A 35 -5.48 -51.47 -1.12
CA GLU A 35 -4.38 -52.36 -1.44
C GLU A 35 -4.55 -52.92 -2.85
N LYS A 36 -5.76 -53.32 -3.18
CA LYS A 36 -6.06 -53.84 -4.50
C LYS A 36 -5.90 -52.72 -5.53
N GLU A 37 -6.37 -51.54 -5.17
CA GLU A 37 -6.28 -50.37 -6.02
C GLU A 37 -4.82 -50.01 -6.29
N THR A 38 -4.05 -49.84 -5.21
CA THR A 38 -2.65 -49.50 -5.32
C THR A 38 -1.87 -50.60 -6.02
N GLU A 39 -2.27 -51.85 -5.81
CA GLU A 39 -1.62 -52.98 -6.46
C GLU A 39 -1.85 -52.89 -7.96
N GLY A 40 -3.10 -52.65 -8.33
CA GLY A 40 -3.44 -52.51 -9.73
C GLY A 40 -2.68 -51.36 -10.34
N LEU A 41 -2.67 -50.23 -9.62
CA LEU A 41 -1.95 -49.05 -10.08
C LEU A 41 -0.46 -49.31 -10.13
N ARG A 42 0.03 -50.16 -9.24
CA ARG A 42 1.44 -50.52 -9.21
C ARG A 42 1.77 -51.33 -10.46
N GLN A 43 0.91 -52.29 -10.78
CA GLN A 43 1.08 -53.11 -11.97
C GLN A 43 0.99 -52.19 -13.18
N GLU A 44 0.03 -51.27 -13.12
CA GLU A 44 -0.17 -50.30 -14.16
C GLU A 44 1.09 -49.49 -14.36
N MET A 45 1.60 -48.92 -13.27
CA MET A 45 2.82 -48.12 -13.30
C MET A 45 3.99 -48.92 -13.82
N SER A 46 3.98 -50.22 -13.58
CA SER A 46 5.05 -51.10 -14.05
C SER A 46 5.02 -51.22 -15.57
N LYS A 47 3.85 -50.94 -16.16
CA LYS A 47 3.68 -51.00 -17.60
C LYS A 47 3.66 -49.58 -18.17
N ASP A 48 2.93 -48.71 -17.51
CA ASP A 48 2.80 -47.29 -17.90
C ASP A 48 4.16 -46.64 -17.97
N LEU A 49 4.84 -46.55 -16.83
CA LEU A 49 6.16 -45.94 -16.76
C LEU A 49 7.14 -46.64 -17.70
N GLU A 50 7.02 -47.96 -17.83
CA GLU A 50 7.89 -48.72 -18.70
C GLU A 50 7.68 -48.30 -20.15
N GLU A 51 6.44 -48.30 -20.59
CA GLU A 51 6.12 -47.91 -21.95
C GLU A 51 6.44 -46.43 -22.17
N VAL A 52 6.16 -45.62 -21.15
CA VAL A 52 6.43 -44.19 -21.22
C VAL A 52 7.93 -43.95 -21.39
N LYS A 53 8.75 -44.66 -20.63
CA LYS A 53 10.20 -44.51 -20.72
C LYS A 53 10.72 -45.11 -22.03
N ALA A 54 10.25 -46.30 -22.36
CA ALA A 54 10.68 -46.96 -23.58
C ALA A 54 10.30 -46.16 -24.82
N LYS A 55 9.16 -45.49 -24.75
CA LYS A 55 8.69 -44.68 -25.87
C LYS A 55 9.19 -43.25 -25.76
N VAL A 56 9.57 -42.82 -24.55
CA VAL A 56 10.08 -41.46 -24.35
C VAL A 56 11.42 -41.31 -25.04
N GLN A 57 12.12 -42.43 -25.20
CA GLN A 57 13.40 -42.42 -25.89
C GLN A 57 13.18 -41.95 -27.33
N PRO A 58 12.36 -42.66 -28.14
CA PRO A 58 12.06 -42.24 -29.51
C PRO A 58 11.36 -40.88 -29.52
N TYR A 59 10.55 -40.62 -28.49
CA TYR A 59 9.85 -39.34 -28.36
C TYR A 59 10.85 -38.20 -28.34
N LEU A 60 11.76 -38.27 -27.37
CA LEU A 60 12.79 -37.25 -27.20
C LEU A 60 13.79 -37.30 -28.33
N ASP A 61 14.12 -38.51 -28.80
CA ASP A 61 15.08 -38.67 -29.89
C ASP A 61 14.56 -38.01 -31.15
N ASP A 62 13.32 -38.31 -31.51
CA ASP A 62 12.69 -37.73 -32.69
C ASP A 62 12.57 -36.23 -32.52
N PHE A 63 12.08 -35.81 -31.36
CA PHE A 63 11.91 -34.39 -31.07
C PHE A 63 13.26 -33.67 -31.12
N GLN A 64 14.29 -34.29 -30.56
CA GLN A 64 15.63 -33.70 -30.56
C GLN A 64 16.17 -33.64 -31.98
N LYS A 65 15.95 -34.68 -32.76
CA LYS A 65 16.41 -34.71 -34.14
C LYS A 65 15.73 -33.61 -34.93
N LYS A 66 14.42 -33.50 -34.73
CA LYS A 66 13.61 -32.49 -35.40
C LYS A 66 14.04 -31.10 -34.94
N TRP A 67 14.10 -30.89 -33.63
CA TRP A 67 14.50 -29.60 -33.07
C TRP A 67 15.92 -29.24 -33.47
N GLN A 68 16.78 -30.25 -33.60
CA GLN A 68 18.16 -30.03 -34.00
C GLN A 68 18.17 -29.43 -35.40
N GLU A 69 17.43 -30.06 -36.30
CA GLU A 69 17.34 -29.59 -37.67
C GLU A 69 16.59 -28.26 -37.70
N GLU A 70 15.58 -28.14 -36.84
CA GLU A 70 14.79 -26.92 -36.74
C GLU A 70 15.68 -25.75 -36.36
N MET A 71 16.50 -25.95 -35.34
CA MET A 71 17.41 -24.92 -34.86
C MET A 71 18.51 -24.67 -35.88
N GLU A 72 18.94 -25.73 -36.56
CA GLU A 72 19.96 -25.59 -37.60
C GLU A 72 19.41 -24.74 -38.72
N LEU A 73 18.23 -25.11 -39.21
CA LEU A 73 17.57 -24.37 -40.28
C LEU A 73 17.24 -22.96 -39.81
N TYR A 74 17.04 -22.82 -38.51
CA TYR A 74 16.75 -21.53 -37.91
C TYR A 74 17.99 -20.65 -38.00
N ARG A 75 19.11 -21.16 -37.48
CA ARG A 75 20.37 -20.42 -37.50
C ARG A 75 20.83 -20.19 -38.94
N GLN A 76 20.52 -21.16 -39.80
CA GLN A 76 20.86 -21.08 -41.21
C GLN A 76 20.21 -19.87 -41.84
N LYS A 77 19.10 -19.45 -41.23
CA LYS A 77 18.37 -18.28 -41.70
C LYS A 77 18.72 -17.07 -40.83
N VAL A 78 18.95 -17.31 -39.55
CA VAL A 78 19.30 -16.25 -38.60
C VAL A 78 20.45 -15.41 -39.13
N GLU A 79 21.46 -16.07 -39.71
CA GLU A 79 22.61 -15.37 -40.26
C GLU A 79 22.21 -14.38 -41.36
N PRO A 80 21.65 -14.85 -42.50
CA PRO A 80 21.22 -13.96 -43.58
C PRO A 80 20.10 -13.01 -43.16
N LEU A 81 19.15 -13.50 -42.35
CA LEU A 81 18.04 -12.67 -41.89
C LEU A 81 18.57 -11.49 -41.07
N ARG A 82 19.57 -11.76 -40.23
CA ARG A 82 20.16 -10.72 -39.42
C ARG A 82 20.88 -9.72 -40.31
N ALA A 83 21.45 -10.23 -41.40
CA ALA A 83 22.14 -9.37 -42.36
C ALA A 83 21.14 -8.48 -43.08
N GLU A 84 20.00 -9.06 -43.48
CA GLU A 84 18.96 -8.32 -44.16
C GLU A 84 18.43 -7.23 -43.24
N LEU A 85 18.18 -7.61 -41.98
CA LEU A 85 17.68 -6.69 -40.98
C LEU A 85 18.74 -5.64 -40.67
N GLN A 86 20.00 -6.05 -40.67
CA GLN A 86 21.10 -5.14 -40.40
C GLN A 86 21.23 -4.11 -41.51
N GLU A 87 21.32 -4.59 -42.75
CA GLU A 87 21.43 -3.69 -43.90
C GLU A 87 20.21 -2.79 -43.96
N GLY A 88 19.04 -3.37 -43.72
CA GLY A 88 17.81 -2.61 -43.72
C GLY A 88 17.79 -1.59 -42.61
N ALA A 89 18.23 -2.00 -41.42
CA ALA A 89 18.27 -1.11 -40.27
C ALA A 89 19.22 0.05 -40.54
N ARG A 90 20.36 -0.27 -41.15
CA ARG A 90 21.35 0.75 -41.49
C ARG A 90 20.72 1.79 -42.40
N GLN A 91 19.96 1.32 -43.38
CA GLN A 91 19.29 2.22 -44.32
C GLN A 91 18.21 3.03 -43.61
N LYS A 92 17.37 2.33 -42.87
CA LYS A 92 16.28 2.96 -42.14
C LYS A 92 16.81 4.00 -41.15
N LEU A 93 17.87 3.62 -40.42
CA LEU A 93 18.49 4.53 -39.46
C LEU A 93 19.25 5.62 -40.18
N HIS A 94 19.76 5.31 -41.36
CA HIS A 94 20.50 6.27 -42.16
C HIS A 94 19.59 7.42 -42.53
N GLU A 95 18.47 7.09 -43.16
CA GLU A 95 17.51 8.11 -43.56
C GLU A 95 16.95 8.83 -42.35
N LEU A 96 16.75 8.10 -41.26
CA LEU A 96 16.25 8.69 -40.03
C LEU A 96 17.21 9.76 -39.52
N GLN A 97 18.49 9.40 -39.45
CA GLN A 97 19.52 10.34 -39.00
C GLN A 97 19.66 11.49 -40.00
N GLU A 98 19.57 11.15 -41.28
CA GLU A 98 19.66 12.13 -42.35
C GLU A 98 18.51 13.13 -42.28
N LYS A 99 17.42 12.72 -41.64
CA LYS A 99 16.26 13.60 -41.48
C LYS A 99 16.30 14.27 -40.12
N LEU A 100 16.87 13.57 -39.14
CA LEU A 100 17.00 14.08 -37.78
C LEU A 100 17.91 15.31 -37.78
N SER A 101 18.74 15.44 -38.80
CA SER A 101 19.63 16.58 -38.91
C SER A 101 18.89 17.84 -39.35
N PRO A 102 18.37 17.92 -40.60
CA PRO A 102 17.65 19.10 -41.07
C PRO A 102 16.31 19.28 -40.36
N LEU A 103 15.46 18.25 -40.40
CA LEU A 103 14.16 18.31 -39.75
C LEU A 103 14.30 18.44 -38.23
N GLY A 104 15.50 18.16 -37.74
CA GLY A 104 15.76 18.29 -36.32
C GLY A 104 16.19 19.71 -36.01
N GLU A 105 17.14 20.22 -36.79
CA GLU A 105 17.62 21.59 -36.60
C GLU A 105 16.51 22.58 -36.93
N GLU A 106 15.76 22.30 -37.98
CA GLU A 106 14.66 23.16 -38.38
C GLU A 106 13.60 23.17 -37.29
N MET A 107 13.41 22.02 -36.64
CA MET A 107 12.45 21.92 -35.56
C MET A 107 12.90 22.81 -34.41
N ARG A 108 14.22 22.90 -34.24
CA ARG A 108 14.80 23.73 -33.21
C ARG A 108 14.73 25.20 -33.63
N ASP A 109 14.89 25.45 -34.93
CA ASP A 109 14.82 26.82 -35.46
C ASP A 109 13.40 27.33 -35.29
N ARG A 110 12.43 26.44 -35.52
CA ARG A 110 11.02 26.77 -35.36
C ARG A 110 10.72 26.88 -33.87
N ALA A 111 11.42 26.07 -33.07
CA ALA A 111 11.25 26.08 -31.63
C ALA A 111 11.77 27.39 -31.07
N ARG A 112 12.80 27.94 -31.72
CA ARG A 112 13.36 29.22 -31.33
C ARG A 112 12.28 30.27 -31.39
N ALA A 113 11.59 30.32 -32.52
CA ALA A 113 10.50 31.27 -32.71
C ALA A 113 9.35 30.93 -31.77
N HIS A 114 9.10 29.62 -31.63
CA HIS A 114 8.05 29.11 -30.76
C HIS A 114 8.21 29.67 -29.34
N VAL A 115 9.40 29.50 -28.78
CA VAL A 115 9.71 29.97 -27.43
C VAL A 115 9.96 31.48 -27.40
N ASP A 116 10.63 32.01 -28.42
CA ASP A 116 10.92 33.44 -28.47
C ASP A 116 9.63 34.25 -28.51
N ALA A 117 8.68 33.80 -29.33
CA ALA A 117 7.40 34.47 -29.43
C ALA A 117 6.69 34.35 -28.09
N LEU A 118 6.96 33.24 -27.40
CA LEU A 118 6.36 33.00 -26.09
C LEU A 118 6.99 33.97 -25.09
N ARG A 119 8.26 34.28 -25.26
CA ARG A 119 8.95 35.20 -24.37
C ARG A 119 8.32 36.57 -24.48
N THR A 120 8.22 37.07 -25.72
CA THR A 120 7.64 38.37 -25.99
C THR A 120 6.14 38.41 -25.70
N HIS A 121 5.56 37.25 -25.40
CA HIS A 121 4.14 37.16 -25.08
C HIS A 121 3.93 36.95 -23.59
N LEU A 122 4.64 36.00 -23.02
CA LEU A 122 4.52 35.70 -21.59
C LEU A 122 5.00 36.85 -20.73
N ALA A 123 6.02 37.57 -21.20
CA ALA A 123 6.55 38.71 -20.45
C ALA A 123 5.46 39.76 -20.15
N PRO A 124 4.83 40.35 -21.19
CA PRO A 124 3.77 41.35 -20.98
C PRO A 124 2.55 40.72 -20.33
N TYR A 125 2.26 39.46 -20.70
CA TYR A 125 1.11 38.76 -20.15
C TYR A 125 1.25 38.60 -18.64
N SER A 126 2.40 38.11 -18.19
CA SER A 126 2.65 37.92 -16.76
C SER A 126 2.68 39.27 -16.05
N ASP A 127 3.24 40.28 -16.71
CA ASP A 127 3.29 41.62 -16.13
C ASP A 127 1.88 42.15 -15.93
N GLU A 128 1.05 41.98 -16.95
CA GLU A 128 -0.34 42.40 -16.88
C GLU A 128 -1.07 41.53 -15.85
N LEU A 129 -0.68 40.25 -15.79
CA LEU A 129 -1.27 39.33 -14.83
C LEU A 129 -0.99 39.82 -13.42
N ARG A 130 0.20 40.40 -13.23
CA ARG A 130 0.58 40.95 -11.95
C ARG A 130 -0.31 42.14 -11.63
N GLN A 131 -0.53 42.98 -12.66
CA GLN A 131 -1.39 44.14 -12.51
C GLN A 131 -2.81 43.70 -12.17
N ARG A 132 -3.26 42.64 -12.85
CA ARG A 132 -4.58 42.08 -12.60
C ARG A 132 -4.63 41.53 -11.19
N LEU A 133 -3.62 40.76 -10.83
CA LEU A 133 -3.53 40.18 -9.50
C LEU A 133 -3.51 41.27 -8.44
N ALA A 134 -2.80 42.34 -8.73
CA ALA A 134 -2.73 43.48 -7.82
C ALA A 134 -4.12 44.09 -7.64
N ALA A 135 -4.81 44.28 -8.77
CA ALA A 135 -6.15 44.84 -8.74
C ALA A 135 -7.11 43.89 -8.02
N ARG A 136 -6.96 42.60 -8.29
CA ARG A 136 -7.78 41.57 -7.66
C ARG A 136 -7.50 41.54 -6.17
N LEU A 137 -6.23 41.42 -5.82
CA LEU A 137 -5.82 41.37 -4.41
C LEU A 137 -6.20 42.63 -3.66
N GLU A 138 -6.04 43.79 -4.30
CA GLU A 138 -6.40 45.06 -3.68
C GLU A 138 -7.89 45.09 -3.36
N ALA A 139 -8.68 44.58 -4.29
CA ALA A 139 -10.12 44.53 -4.11
C ALA A 139 -10.47 43.49 -3.07
N LEU A 140 -9.87 42.30 -3.20
CA LEU A 140 -10.09 41.20 -2.27
C LEU A 140 -9.62 41.54 -0.86
N LYS A 141 -8.60 42.37 -0.75
CA LYS A 141 -8.08 42.79 0.55
C LYS A 141 -9.09 43.67 1.26
N GLU A 142 -9.56 44.70 0.56
CA GLU A 142 -10.55 45.61 1.12
C GLU A 142 -11.87 44.88 1.32
N ASN A 143 -12.22 44.06 0.33
CA ASN A 143 -13.45 43.27 0.38
C ASN A 143 -13.38 42.30 1.54
N GLY A 144 -12.26 41.58 1.62
CA GLY A 144 -12.03 40.62 2.67
C GLY A 144 -11.99 41.28 4.03
N GLY A 145 -11.34 42.45 4.10
CA GLY A 145 -11.25 43.17 5.35
C GLY A 145 -12.63 43.55 5.84
N ALA A 146 -13.48 43.97 4.93
CA ALA A 146 -14.86 44.32 5.26
C ALA A 146 -15.60 43.07 5.72
N ARG A 147 -15.34 41.97 5.02
CA ARG A 147 -15.96 40.68 5.34
C ARG A 147 -15.51 40.23 6.72
N LEU A 148 -14.22 40.41 7.01
CA LEU A 148 -13.67 40.02 8.31
C LEU A 148 -14.29 40.86 9.41
N ALA A 149 -14.44 42.15 9.15
CA ALA A 149 -15.07 43.05 10.11
C ALA A 149 -16.49 42.58 10.36
N GLU A 150 -17.16 42.19 9.29
CA GLU A 150 -18.52 41.70 9.36
C GLU A 150 -18.54 40.35 10.10
N TYR A 151 -17.60 39.48 9.76
CA TYR A 151 -17.49 38.17 10.39
C TYR A 151 -17.36 38.32 11.90
N HIS A 152 -16.62 39.33 12.33
CA HIS A 152 -16.45 39.58 13.76
C HIS A 152 -17.80 39.87 14.39
N ALA A 153 -18.62 40.64 13.69
CA ALA A 153 -19.95 40.99 14.17
C ALA A 153 -20.88 39.78 14.06
N LYS A 154 -20.82 39.09 12.93
CA LYS A 154 -21.64 37.91 12.70
C LYS A 154 -21.35 36.85 13.74
N ALA A 155 -20.08 36.74 14.14
CA ALA A 155 -19.67 35.79 15.15
C ALA A 155 -20.07 36.28 16.54
N THR A 156 -19.86 37.57 16.79
CA THR A 156 -20.21 38.15 18.08
C THR A 156 -21.72 38.08 18.31
N GLU A 157 -22.49 38.42 17.28
CA GLU A 157 -23.93 38.35 17.37
C GLU A 157 -24.43 36.92 17.38
N HIS A 158 -23.55 36.00 17.03
CA HIS A 158 -23.88 34.59 17.06
C HIS A 158 -23.55 34.07 18.46
N LEU A 159 -22.49 34.62 19.03
CA LEU A 159 -22.05 34.24 20.36
C LEU A 159 -22.97 34.84 21.41
N SER A 160 -23.52 36.02 21.14
CA SER A 160 -24.44 36.67 22.06
C SER A 160 -25.70 35.84 22.18
N THR A 161 -26.12 35.26 21.06
CA THR A 161 -27.29 34.41 21.04
C THR A 161 -26.91 32.99 21.44
N LEU A 162 -25.63 32.69 21.34
CA LEU A 162 -25.11 31.38 21.73
C LEU A 162 -24.99 31.29 23.23
N SER A 163 -24.64 32.40 23.87
CA SER A 163 -24.54 32.44 25.32
C SER A 163 -25.95 32.31 25.89
N GLU A 164 -26.91 32.81 25.12
CA GLU A 164 -28.32 32.73 25.48
C GLU A 164 -28.85 31.33 25.22
N LYS A 165 -27.93 30.45 24.86
CA LYS A 165 -28.23 29.05 24.63
C LYS A 165 -27.38 28.20 25.57
N ALA A 166 -26.11 28.57 25.67
CA ALA A 166 -25.17 27.89 26.54
C ALA A 166 -25.55 28.06 28.01
N LYS A 167 -26.41 29.03 28.29
CA LYS A 167 -26.86 29.25 29.66
C LYS A 167 -28.28 28.69 29.86
N PRO A 168 -29.34 29.31 29.27
CA PRO A 168 -30.72 28.84 29.42
C PRO A 168 -30.94 27.41 28.94
N ALA A 169 -30.45 27.10 27.75
CA ALA A 169 -30.62 25.75 27.20
C ALA A 169 -29.84 24.71 28.00
N LEU A 170 -28.64 25.06 28.45
CA LEU A 170 -27.85 24.12 29.25
C LEU A 170 -28.49 23.95 30.63
N GLU A 171 -29.01 25.04 31.18
CA GLU A 171 -29.68 25.00 32.47
C GLU A 171 -30.91 24.13 32.34
N ASP A 172 -31.58 24.25 31.20
CA ASP A 172 -32.77 23.47 30.90
C ASP A 172 -32.39 22.01 30.70
N LEU A 173 -31.29 21.78 29.99
CA LEU A 173 -30.82 20.43 29.74
C LEU A 173 -30.42 19.76 31.05
N ARG A 174 -29.76 20.50 31.92
CA ARG A 174 -29.35 19.97 33.22
C ARG A 174 -30.59 19.74 34.06
N GLN A 175 -31.57 20.62 33.91
CA GLN A 175 -32.82 20.50 34.64
C GLN A 175 -33.62 19.31 34.14
N GLY A 176 -33.28 18.87 32.93
CA GLY A 176 -33.91 17.72 32.32
C GLY A 176 -33.15 16.47 32.75
N LEU A 177 -31.82 16.57 32.72
CA LEU A 177 -30.95 15.47 33.11
C LEU A 177 -31.27 14.92 34.48
N LEU A 178 -31.55 15.81 35.44
CA LEU A 178 -31.87 15.39 36.80
C LEU A 178 -33.04 14.38 36.85
N PRO A 179 -34.27 14.79 36.47
CA PRO A 179 -35.42 13.88 36.48
C PRO A 179 -35.27 12.76 35.46
N VAL A 180 -34.72 13.07 34.29
CA VAL A 180 -34.54 12.07 33.24
C VAL A 180 -33.61 10.94 33.69
N LEU A 181 -32.43 11.30 34.18
CA LEU A 181 -31.47 10.30 34.65
C LEU A 181 -32.04 9.54 35.84
N GLU A 182 -32.77 10.24 36.70
CA GLU A 182 -33.38 9.60 37.87
C GLU A 182 -34.40 8.57 37.41
N SER A 183 -35.29 8.96 36.51
CA SER A 183 -36.30 8.06 35.99
C SER A 183 -35.65 6.88 35.29
N PHE A 184 -34.58 7.16 34.55
CA PHE A 184 -33.83 6.13 33.85
C PHE A 184 -33.21 5.16 34.85
N LYS A 185 -32.60 5.71 35.89
CA LYS A 185 -31.97 4.89 36.92
C LYS A 185 -33.00 4.02 37.62
N VAL A 186 -34.14 4.61 37.97
CA VAL A 186 -35.22 3.87 38.62
C VAL A 186 -35.65 2.69 37.75
N SER A 187 -35.80 2.96 36.47
CA SER A 187 -36.21 1.93 35.51
C SER A 187 -35.08 0.91 35.28
N PHE A 188 -33.85 1.38 35.31
CA PHE A 188 -32.69 0.52 35.12
C PHE A 188 -32.54 -0.44 36.29
N LEU A 189 -32.62 0.09 37.50
CA LEU A 189 -32.50 -0.71 38.71
C LEU A 189 -33.57 -1.78 38.80
N SER A 190 -34.75 -1.49 38.29
CA SER A 190 -35.86 -2.43 38.33
C SER A 190 -35.78 -3.41 37.14
N ALA A 191 -35.04 -3.02 36.11
CA ALA A 191 -34.88 -3.87 34.94
C ALA A 191 -33.69 -4.81 35.10
N LEU A 192 -32.60 -4.28 35.65
CA LEU A 192 -31.39 -5.07 35.86
C LEU A 192 -31.64 -6.23 36.83
N GLU A 193 -32.38 -5.94 37.90
CA GLU A 193 -32.70 -6.96 38.88
C GLU A 193 -33.56 -8.06 38.25
N GLU A 194 -34.42 -7.65 37.32
CA GLU A 194 -35.32 -8.56 36.65
C GLU A 194 -34.55 -9.38 35.61
N TYR A 195 -33.53 -8.74 35.02
CA TYR A 195 -32.70 -9.39 34.01
C TYR A 195 -31.93 -10.56 34.63
N THR A 196 -31.16 -10.28 35.68
CA THR A 196 -30.37 -11.29 36.34
C THR A 196 -31.23 -12.30 37.08
N LYS A 197 -32.48 -11.92 37.30
CA LYS A 197 -33.43 -12.78 38.01
C LYS A 197 -33.89 -13.95 37.14
N LYS A 198 -33.80 -13.79 35.83
CA LYS A 198 -34.23 -14.83 34.90
C LYS A 198 -33.14 -15.88 34.72
N LEU A 199 -31.91 -15.43 34.55
CA LEU A 199 -30.78 -16.33 34.34
C LEU A 199 -30.00 -16.55 35.63
N ASN A 200 -30.70 -17.03 36.63
CA ASN A 200 -30.07 -17.31 37.93
C ASN A 200 -30.95 -18.21 38.79
N MET B 3 4.51 -10.96 4.47
CA MET B 3 5.21 -10.89 5.78
C MET B 3 5.39 -9.46 6.22
N THR B 4 5.77 -9.27 7.48
CA THR B 4 5.97 -7.95 8.04
C THR B 4 7.23 -7.28 7.49
N GLU B 5 7.13 -6.01 7.14
CA GLU B 5 8.25 -5.25 6.61
C GLU B 5 8.79 -4.32 7.69
N TYR B 6 10.11 -4.27 7.83
CA TYR B 6 10.73 -3.42 8.82
C TYR B 6 11.62 -2.37 8.17
N LYS B 7 11.40 -1.11 8.55
CA LYS B 7 12.16 0.01 8.02
C LYS B 7 13.26 0.45 8.99
N LEU B 8 14.51 0.21 8.63
CA LEU B 8 15.64 0.59 9.48
C LEU B 8 16.65 1.47 8.73
N VAL B 9 17.24 2.42 9.44
CA VAL B 9 18.24 3.31 8.87
C VAL B 9 19.42 3.48 9.82
N VAL B 10 20.63 3.26 9.32
CA VAL B 10 21.83 3.38 10.15
C VAL B 10 22.49 4.75 9.98
N VAL B 11 22.76 5.42 11.10
CA VAL B 11 23.38 6.73 11.07
C VAL B 11 24.71 6.72 11.83
N GLY B 12 25.60 7.63 11.45
CA GLY B 12 26.89 7.70 12.12
C GLY B 12 27.86 8.56 11.36
N ALA B 13 29.09 8.62 11.86
CA ALA B 13 30.13 9.42 11.22
C ALA B 13 30.89 8.59 10.19
N VAL B 14 31.60 9.27 9.30
CA VAL B 14 32.35 8.60 8.25
C VAL B 14 33.57 7.88 8.84
N GLY B 15 33.56 6.55 8.76
CA GLY B 15 34.68 5.78 9.27
C GLY B 15 34.31 4.75 10.32
N VAL B 16 33.13 4.91 10.92
CA VAL B 16 32.68 3.98 11.96
C VAL B 16 32.40 2.58 11.42
N GLY B 17 32.32 2.46 10.09
CA GLY B 17 32.08 1.18 9.48
C GLY B 17 30.60 0.85 9.36
N LYS B 18 29.82 1.81 8.87
CA LYS B 18 28.39 1.61 8.71
C LYS B 18 28.08 0.52 7.70
N SER B 19 28.61 0.66 6.49
CA SER B 19 28.39 -0.32 5.43
C SER B 19 28.98 -1.69 5.77
N ALA B 20 30.00 -1.69 6.62
CA ALA B 20 30.65 -2.93 7.02
C ALA B 20 29.70 -3.84 7.79
N LEU B 21 28.90 -3.23 8.67
CA LEU B 21 27.94 -3.99 9.47
C LEU B 21 26.82 -4.56 8.61
N THR B 22 26.30 -3.75 7.70
CA THR B 22 25.22 -4.18 6.83
C THR B 22 25.63 -5.33 5.93
N ILE B 23 26.74 -5.15 5.21
CA ILE B 23 27.23 -6.18 4.30
C ILE B 23 27.62 -7.45 5.06
N GLN B 24 28.02 -7.29 6.32
CA GLN B 24 28.40 -8.42 7.16
C GLN B 24 27.17 -9.26 7.51
N LEU B 25 26.01 -8.62 7.55
CA LEU B 25 24.76 -9.30 7.86
C LEU B 25 24.10 -9.83 6.59
N ILE B 26 24.11 -9.02 5.54
CA ILE B 26 23.49 -9.38 4.27
C ILE B 26 24.24 -10.50 3.55
N GLN B 27 25.43 -10.19 3.04
CA GLN B 27 26.22 -11.17 2.30
C GLN B 27 27.27 -11.85 3.15
N ASN B 28 27.40 -11.40 4.40
CA ASN B 28 28.37 -11.96 5.34
C ASN B 28 29.79 -11.75 4.83
N HIS B 29 30.04 -10.54 4.35
CA HIS B 29 31.35 -10.19 3.83
C HIS B 29 31.95 -9.01 4.58
N PHE B 30 33.13 -9.20 5.14
CA PHE B 30 33.80 -8.12 5.87
C PHE B 30 34.33 -7.10 4.86
N VAL B 31 33.84 -5.87 4.97
CA VAL B 31 34.26 -4.82 4.07
C VAL B 31 35.47 -4.07 4.61
N ASP B 32 36.65 -4.50 4.19
CA ASP B 32 37.89 -3.86 4.62
C ASP B 32 38.20 -2.68 3.71
N GLU B 33 37.61 -2.70 2.52
CA GLU B 33 37.79 -1.65 1.54
C GLU B 33 36.94 -0.44 1.94
N TYR B 34 37.41 0.76 1.60
CA TYR B 34 36.69 1.97 1.95
C TYR B 34 35.83 2.47 0.80
N ASP B 35 34.52 2.29 0.92
CA ASP B 35 33.58 2.74 -0.10
C ASP B 35 32.59 3.72 0.49
N PRO B 36 32.57 4.97 -0.02
CA PRO B 36 31.66 6.01 0.45
C PRO B 36 30.22 5.71 0.04
N THR B 37 29.32 5.74 1.01
CA THR B 37 27.92 5.47 0.71
C THR B 37 27.13 6.76 0.42
N ILE B 38 26.36 6.74 -0.66
CA ILE B 38 25.54 7.88 -1.03
C ILE B 38 24.07 7.45 -1.04
N GLU B 39 23.83 6.29 -1.61
CA GLU B 39 22.49 5.72 -1.69
C GLU B 39 22.58 4.20 -1.72
N ASP B 40 22.23 3.56 -0.62
CA ASP B 40 22.30 2.10 -0.54
C ASP B 40 21.07 1.52 0.13
N SER B 41 20.58 0.41 -0.39
CA SER B 41 19.41 -0.26 0.17
C SER B 41 19.63 -1.78 0.13
N TYR B 42 19.32 -2.45 1.23
CA TYR B 42 19.51 -3.89 1.31
C TYR B 42 18.28 -4.57 1.90
N ARG B 43 17.70 -5.51 1.15
CA ARG B 43 16.52 -6.23 1.60
C ARG B 43 16.88 -7.66 1.96
N LYS B 44 16.52 -8.10 3.16
CA LYS B 44 16.81 -9.46 3.60
C LYS B 44 15.64 -10.05 4.37
N GLN B 45 15.58 -11.38 4.44
CA GLN B 45 14.54 -12.08 5.16
C GLN B 45 15.15 -12.89 6.30
N VAL B 46 14.74 -12.59 7.53
CA VAL B 46 15.27 -13.29 8.70
C VAL B 46 14.15 -13.71 9.65
N VAL B 47 14.43 -14.71 10.48
CA VAL B 47 13.45 -15.21 11.44
C VAL B 47 13.83 -14.74 12.85
N ILE B 48 12.99 -13.86 13.40
CA ILE B 48 13.23 -13.34 14.73
C ILE B 48 12.09 -13.71 15.67
N ASP B 49 12.41 -14.41 16.74
CA ASP B 49 11.42 -14.83 17.75
C ASP B 49 10.45 -15.86 17.17
N GLY B 50 10.89 -16.55 16.13
CA GLY B 50 10.06 -17.56 15.50
C GLY B 50 9.28 -17.03 14.31
N GLU B 51 9.31 -15.71 14.13
CA GLU B 51 8.59 -15.08 13.02
C GLU B 51 9.55 -14.64 11.91
N THR B 52 9.23 -15.05 10.69
CA THR B 52 10.03 -14.67 9.54
C THR B 52 9.53 -13.32 9.01
N CYS B 53 10.45 -12.39 8.79
CA CYS B 53 10.08 -11.06 8.35
C CYS B 53 11.04 -10.52 7.29
N LEU B 54 10.64 -9.44 6.64
CA LEU B 54 11.43 -8.81 5.61
C LEU B 54 11.86 -7.41 6.08
N LEU B 55 13.14 -7.11 5.98
CA LEU B 55 13.64 -5.82 6.42
C LEU B 55 14.57 -5.18 5.39
N ASP B 56 14.52 -3.87 5.30
CA ASP B 56 15.37 -3.11 4.37
C ASP B 56 16.11 -2.03 5.13
N ILE B 57 17.41 -1.93 4.93
CA ILE B 57 18.21 -0.93 5.62
C ILE B 57 18.94 -0.03 4.65
N LEU B 58 18.56 1.24 4.64
CA LEU B 58 19.20 2.23 3.79
C LEU B 58 20.41 2.84 4.47
N ASP B 59 21.53 2.88 3.78
CA ASP B 59 22.74 3.45 4.33
C ASP B 59 22.82 4.93 4.02
N THR B 60 22.69 5.75 5.04
CA THR B 60 22.72 7.19 4.89
C THR B 60 24.14 7.72 4.88
N ALA B 61 24.32 8.94 4.40
CA ALA B 61 25.63 9.55 4.34
C ALA B 61 26.03 10.06 5.71
N GLY B 62 27.32 9.97 6.01
CA GLY B 62 27.82 10.42 7.30
C GLY B 62 28.12 11.91 7.32
N GLN B 63 28.83 12.36 6.30
CA GLN B 63 29.18 13.76 6.17
C GLN B 63 28.18 14.47 5.26
N GLU B 64 27.08 14.92 5.84
CA GLU B 64 26.04 15.60 5.10
C GLU B 64 25.43 16.70 5.96
N GLU B 65 24.93 17.75 5.32
CA GLU B 65 24.32 18.87 6.03
C GLU B 65 22.81 18.87 5.83
N TYR B 66 22.21 20.05 5.96
CA TYR B 66 20.76 20.19 5.79
C TYR B 66 20.37 20.00 4.33
N SER B 67 19.84 18.84 4.03
CA SER B 67 19.42 18.52 2.69
C SER B 67 17.95 18.13 2.68
N ALA B 68 17.19 18.71 1.75
CA ALA B 68 15.76 18.42 1.63
C ALA B 68 15.53 16.94 1.33
N MET B 69 16.49 16.33 0.65
CA MET B 69 16.39 14.92 0.31
C MET B 69 16.76 14.06 1.51
N ARG B 70 17.77 14.49 2.24
CA ARG B 70 18.24 13.77 3.43
C ARG B 70 17.15 13.74 4.49
N ASP B 71 16.49 14.87 4.66
CA ASP B 71 15.41 15.00 5.63
C ASP B 71 14.17 14.24 5.19
N GLN B 72 14.13 13.93 3.90
CA GLN B 72 13.01 13.21 3.33
C GLN B 72 13.24 11.69 3.36
N TYR B 73 14.41 11.25 2.91
CA TYR B 73 14.70 9.83 2.89
C TYR B 73 14.71 9.16 4.25
N MET B 74 15.29 9.83 5.24
CA MET B 74 15.36 9.28 6.59
C MET B 74 14.05 9.41 7.36
N ARG B 75 13.03 9.92 6.69
CA ARG B 75 11.71 10.07 7.31
C ARG B 75 10.86 8.86 6.96
N THR B 76 11.49 7.89 6.32
CA THR B 76 10.83 6.67 5.89
C THR B 76 11.35 5.47 6.69
N GLY B 77 11.75 5.73 7.93
CA GLY B 77 12.27 4.67 8.77
C GLY B 77 11.78 4.78 10.20
N GLU B 78 11.72 3.65 10.88
CA GLU B 78 11.26 3.62 12.27
C GLU B 78 12.43 3.38 13.22
N GLY B 79 13.32 2.47 12.86
CA GLY B 79 14.45 2.16 13.71
C GLY B 79 15.72 2.83 13.24
N PHE B 80 16.41 3.49 14.17
CA PHE B 80 17.65 4.18 13.84
C PHE B 80 18.82 3.63 14.64
N LEU B 81 19.90 3.28 13.94
CA LEU B 81 21.08 2.74 14.60
C LEU B 81 22.11 3.83 14.81
N CYS B 82 22.45 4.09 16.07
CA CYS B 82 23.43 5.10 16.42
C CYS B 82 24.77 4.42 16.74
N VAL B 83 25.60 4.27 15.72
CA VAL B 83 26.88 3.61 15.91
C VAL B 83 28.02 4.62 16.04
N PHE B 84 28.91 4.39 16.99
CA PHE B 84 30.06 5.26 17.22
C PHE B 84 31.34 4.45 17.22
N ALA B 85 32.46 5.12 17.41
CA ALA B 85 33.76 4.47 17.43
C ALA B 85 34.40 4.65 18.80
N ILE B 86 34.78 3.54 19.43
CA ILE B 86 35.41 3.59 20.74
C ILE B 86 36.83 4.15 20.67
N ASN B 87 37.37 4.18 19.46
CA ASN B 87 38.71 4.67 19.24
C ASN B 87 38.70 6.14 18.81
N ASN B 88 37.52 6.76 18.88
CA ASN B 88 37.38 8.15 18.50
C ASN B 88 36.29 8.85 19.31
N THR B 89 36.71 9.69 20.24
CA THR B 89 35.78 10.42 21.09
C THR B 89 34.88 11.35 20.27
N LYS B 90 35.36 11.77 19.11
CA LYS B 90 34.60 12.66 18.23
C LYS B 90 33.29 12.01 17.81
N SER B 91 33.35 10.74 17.44
CA SER B 91 32.17 10.01 17.03
C SER B 91 31.25 9.75 18.23
N PHE B 92 31.85 9.67 19.40
CA PHE B 92 31.10 9.43 20.63
C PHE B 92 30.27 10.65 21.00
N GLU B 93 30.83 11.84 20.78
CA GLU B 93 30.14 13.09 21.07
C GLU B 93 29.14 13.44 19.98
N ASP B 94 29.39 12.94 18.77
CA ASP B 94 28.51 13.21 17.63
C ASP B 94 27.16 12.52 17.79
N ILE B 95 27.11 11.54 18.69
CA ILE B 95 25.89 10.79 18.96
C ILE B 95 24.75 11.74 19.32
N HIS B 96 25.04 12.74 20.16
CA HIS B 96 24.03 13.70 20.57
C HIS B 96 23.55 14.51 19.37
N HIS B 97 24.46 14.82 18.46
CA HIS B 97 24.14 15.58 17.25
C HIS B 97 23.13 14.80 16.42
N TYR B 98 23.37 13.52 16.24
CA TYR B 98 22.48 12.67 15.48
C TYR B 98 21.17 12.44 16.23
N ARG B 99 21.25 12.35 17.54
CA ARG B 99 20.08 12.16 18.39
C ARG B 99 19.08 13.28 18.17
N GLU B 100 19.57 14.52 18.17
CA GLU B 100 18.73 15.69 17.96
C GLU B 100 18.22 15.75 16.53
N GLN B 101 19.05 15.28 15.59
CA GLN B 101 18.67 15.27 14.18
C GLN B 101 17.52 14.30 13.93
N ILE B 102 17.66 13.09 14.46
CA ILE B 102 16.64 12.06 14.29
C ILE B 102 15.35 12.49 15.00
N LYS B 103 15.48 13.07 16.18
CA LYS B 103 14.33 13.52 16.95
C LYS B 103 13.58 14.62 16.22
N ARG B 104 14.32 15.44 15.47
CA ARG B 104 13.72 16.53 14.72
C ARG B 104 12.91 16.04 13.52
N VAL B 105 13.53 15.17 12.72
CA VAL B 105 12.85 14.63 11.52
C VAL B 105 11.63 13.79 11.89
N LYS B 106 11.67 13.17 13.07
CA LYS B 106 10.57 12.35 13.52
C LYS B 106 9.54 13.19 14.27
N ASP B 107 10.00 14.32 14.82
CA ASP B 107 9.16 15.25 15.57
C ASP B 107 8.53 14.57 16.79
N SER B 108 9.11 13.43 17.17
CA SER B 108 8.63 12.66 18.30
C SER B 108 9.71 12.57 19.37
N GLU B 109 9.29 12.48 20.62
CA GLU B 109 10.21 12.39 21.74
C GLU B 109 10.77 10.97 21.89
N ASP B 110 9.90 9.99 21.82
CA ASP B 110 10.29 8.60 21.97
C ASP B 110 10.47 7.90 20.62
N VAL B 111 11.71 7.85 20.17
CA VAL B 111 12.04 7.21 18.89
C VAL B 111 12.88 5.96 19.15
N PRO B 112 12.53 4.83 18.51
CA PRO B 112 13.26 3.57 18.66
C PRO B 112 14.70 3.66 18.14
N MET B 113 15.62 3.86 19.06
CA MET B 113 17.04 3.97 18.72
C MET B 113 17.86 3.08 19.62
N VAL B 114 19.05 2.72 19.15
CA VAL B 114 19.95 1.87 19.91
C VAL B 114 21.38 2.40 19.80
N LEU B 115 22.09 2.43 20.93
CA LEU B 115 23.46 2.90 20.95
C LEU B 115 24.39 1.73 20.65
N VAL B 116 25.18 1.85 19.60
CA VAL B 116 26.07 0.78 19.20
C VAL B 116 27.53 1.24 19.16
N GLY B 117 28.39 0.50 19.85
CA GLY B 117 29.80 0.82 19.86
C GLY B 117 30.59 -0.18 19.06
N ASN B 118 31.05 0.24 17.88
CA ASN B 118 31.80 -0.65 16.99
C ASN B 118 33.30 -0.51 17.21
N LYS B 119 34.06 -1.43 16.64
CA LYS B 119 35.52 -1.44 16.73
C LYS B 119 36.00 -1.76 18.15
N CYS B 120 35.22 -2.59 18.85
CA CYS B 120 35.56 -2.96 20.22
C CYS B 120 36.79 -3.87 20.28
N ASP B 121 37.18 -4.42 19.15
CA ASP B 121 38.33 -5.30 19.09
C ASP B 121 39.63 -4.51 18.97
N LEU B 122 39.49 -3.19 18.87
CA LEU B 122 40.66 -2.32 18.74
C LEU B 122 41.28 -2.05 20.11
N PRO B 123 42.61 -1.99 20.18
CA PRO B 123 43.34 -1.73 21.43
C PRO B 123 43.37 -0.25 21.79
N SER B 124 42.64 0.55 21.04
CA SER B 124 42.59 1.98 21.28
C SER B 124 41.23 2.41 21.83
N ARG B 125 40.84 1.83 22.97
CA ARG B 125 39.57 2.18 23.58
C ARG B 125 39.66 3.50 24.34
N THR B 126 39.36 4.58 23.65
CA THR B 126 39.41 5.90 24.24
C THR B 126 38.25 6.10 25.21
N VAL B 127 37.05 5.69 24.79
CA VAL B 127 35.88 5.82 25.64
C VAL B 127 35.60 4.51 26.35
N ASP B 128 35.41 4.59 27.66
CA ASP B 128 35.15 3.39 28.47
C ASP B 128 33.71 2.89 28.30
N THR B 129 33.50 1.63 28.67
CA THR B 129 32.18 1.00 28.57
C THR B 129 31.15 1.74 29.41
N LYS B 130 31.55 2.15 30.62
CA LYS B 130 30.66 2.86 31.52
C LYS B 130 30.17 4.15 30.90
N GLN B 131 31.05 4.83 30.17
CA GLN B 131 30.72 6.09 29.52
C GLN B 131 29.54 5.89 28.57
N ALA B 132 29.58 4.78 27.83
CA ALA B 132 28.53 4.45 26.87
C ALA B 132 27.28 3.95 27.57
N GLN B 133 27.47 3.13 28.59
CA GLN B 133 26.35 2.58 29.36
C GLN B 133 25.54 3.68 30.03
N ASP B 134 26.25 4.65 30.61
CA ASP B 134 25.60 5.76 31.30
C ASP B 134 24.94 6.70 30.29
N LEU B 135 25.53 6.79 29.10
CA LEU B 135 25.00 7.63 28.03
C LEU B 135 23.70 7.03 27.51
N ALA B 136 23.73 5.75 27.18
CA ALA B 136 22.56 5.05 26.67
C ALA B 136 21.43 5.06 27.70
N ARG B 137 21.79 4.90 28.96
CA ARG B 137 20.82 4.89 30.04
C ARG B 137 20.08 6.23 30.12
N SER B 138 20.82 7.30 29.94
CA SER B 138 20.23 8.64 29.98
C SER B 138 19.26 8.83 28.82
N TYR B 139 19.58 8.24 27.68
CA TYR B 139 18.74 8.33 26.50
C TYR B 139 17.57 7.35 26.57
N GLY B 140 17.65 6.42 27.51
CA GLY B 140 16.60 5.43 27.68
C GLY B 140 16.65 4.35 26.62
N ILE B 141 17.80 4.24 25.96
CA ILE B 141 17.98 3.27 24.91
C ILE B 141 19.01 2.22 25.31
N PRO B 142 18.95 1.03 24.69
CA PRO B 142 19.90 -0.05 24.98
C PRO B 142 21.27 0.20 24.35
N PHE B 143 22.31 -0.38 24.96
CA PHE B 143 23.66 -0.22 24.46
C PHE B 143 24.21 -1.57 23.99
N ILE B 144 24.67 -1.62 22.75
CA ILE B 144 25.20 -2.85 22.18
C ILE B 144 26.66 -2.67 21.77
N GLU B 145 27.51 -3.59 22.18
CA GLU B 145 28.92 -3.55 21.81
C GLU B 145 29.13 -4.42 20.58
N THR B 146 29.72 -3.86 19.54
CA THR B 146 29.91 -4.60 18.30
C THR B 146 31.33 -4.50 17.74
N SER B 147 31.59 -5.38 16.80
CA SER B 147 32.86 -5.44 16.07
C SER B 147 32.58 -6.10 14.73
N ALA B 148 32.64 -5.33 13.67
CA ALA B 148 32.40 -5.84 12.32
C ALA B 148 33.50 -6.78 11.89
N LYS B 149 34.67 -6.63 12.50
CA LYS B 149 35.81 -7.45 12.17
C LYS B 149 35.70 -8.86 12.76
N THR B 150 35.32 -8.95 14.04
CA THR B 150 35.19 -10.25 14.69
C THR B 150 33.74 -10.74 14.70
N ARG B 151 32.87 -9.95 14.08
CA ARG B 151 31.44 -10.26 13.99
C ARG B 151 30.82 -10.53 15.36
N GLN B 152 31.07 -9.62 16.30
CA GLN B 152 30.54 -9.75 17.64
C GLN B 152 29.42 -8.74 17.87
N GLY B 153 28.26 -9.24 18.29
CA GLY B 153 27.14 -8.38 18.57
C GLY B 153 26.49 -7.81 17.33
N VAL B 154 26.96 -8.22 16.16
CA VAL B 154 26.43 -7.73 14.90
C VAL B 154 24.96 -8.12 14.73
N ASP B 155 24.66 -9.39 14.96
CA ASP B 155 23.29 -9.89 14.82
C ASP B 155 22.40 -9.21 15.86
N ASP B 156 22.89 -9.13 17.09
CA ASP B 156 22.15 -8.52 18.19
C ASP B 156 21.87 -7.05 17.92
N ALA B 157 22.82 -6.37 17.29
CA ALA B 157 22.69 -4.95 16.96
C ALA B 157 21.50 -4.68 16.04
N PHE B 158 21.06 -5.71 15.34
CA PHE B 158 19.93 -5.58 14.46
C PHE B 158 18.65 -6.11 15.11
N TYR B 159 18.76 -7.27 15.74
CA TYR B 159 17.62 -7.92 16.39
C TYR B 159 17.04 -7.08 17.53
N THR B 160 17.92 -6.52 18.36
CA THR B 160 17.48 -5.71 19.48
C THR B 160 16.66 -4.50 19.02
N LEU B 161 17.15 -3.81 17.99
CA LEU B 161 16.43 -2.65 17.46
C LEU B 161 15.05 -3.06 16.97
N VAL B 162 14.97 -4.21 16.32
CA VAL B 162 13.69 -4.71 15.82
C VAL B 162 12.73 -4.93 16.98
N ARG B 163 13.24 -5.51 18.06
CA ARG B 163 12.44 -5.78 19.24
C ARG B 163 12.00 -4.47 19.91
N GLU B 164 12.87 -3.46 19.89
CA GLU B 164 12.54 -2.17 20.47
C GLU B 164 11.34 -1.57 19.76
N ILE B 165 11.38 -1.62 18.42
CA ILE B 165 10.31 -1.10 17.59
C ILE B 165 9.02 -1.90 17.81
N ARG B 166 9.17 -3.22 17.95
CA ARG B 166 8.02 -4.10 18.17
C ARG B 166 7.29 -3.72 19.45
N LYS B 167 8.05 -3.36 20.48
CA LYS B 167 7.46 -2.95 21.74
C LYS B 167 6.81 -1.58 21.60
N HIS B 168 7.46 -0.72 20.83
CA HIS B 168 6.94 0.62 20.57
C HIS B 168 5.57 0.57 19.92
N LYS B 169 5.45 -0.25 18.89
CA LYS B 169 4.20 -0.41 18.17
C LYS B 169 3.10 -0.94 19.09
N GLU B 170 3.44 -1.93 19.91
CA GLU B 170 2.49 -2.53 20.84
C GLU B 170 2.01 -1.50 21.86
N LYS B 171 2.94 -0.74 22.42
CA LYS B 171 2.62 0.27 23.42
C LYS B 171 1.75 1.38 22.82
N MET B 172 2.05 1.74 21.58
CA MET B 172 1.30 2.79 20.89
C MET B 172 -0.17 2.44 20.69
N SER B 173 -0.48 1.15 20.70
CA SER B 173 -1.86 0.70 20.50
C SER B 173 -2.65 0.71 21.82
N LYS B 174 -1.93 0.77 22.93
CA LYS B 174 -2.57 0.77 24.25
C LYS B 174 -2.45 2.13 24.93
N ASP B 175 -1.37 2.83 24.63
CA ASP B 175 -1.12 4.14 25.21
C ASP B 175 -1.27 5.22 24.15
N GLY B 176 -2.33 6.02 24.27
CA GLY B 176 -2.57 7.08 23.32
C GLY B 176 -1.78 8.33 23.64
N LYS B 177 -1.89 9.34 22.80
CA LYS B 177 -1.18 10.59 22.98
C LYS B 177 -1.77 11.38 24.16
N LYS B 178 -0.96 11.58 25.19
CA LYS B 178 -1.41 12.31 26.37
C LYS B 178 -1.23 13.81 26.17
N LYS B 179 -2.35 14.52 26.09
CA LYS B 179 -2.32 15.97 25.90
C LYS B 179 -3.15 16.66 26.98
N LYS B 180 -3.26 17.98 26.87
CA LYS B 180 -4.02 18.78 27.85
C LYS B 180 -5.50 18.45 27.70
N LYS B 181 -6.12 18.02 28.78
CA LYS B 181 -7.52 17.64 28.76
C LYS B 181 -8.18 17.90 30.13
N LYS B 182 -9.52 17.81 30.14
CA LYS B 182 -10.32 18.01 31.35
C LYS B 182 -10.37 19.47 31.78
N SER B 183 -9.23 19.98 32.22
CA SER B 183 -9.15 21.37 32.66
C SER B 183 -9.07 22.30 31.46
N LYS B 184 -10.15 23.03 31.22
CA LYS B 184 -10.21 23.98 30.11
C LYS B 184 -9.60 25.31 30.52
N THR B 185 -10.01 25.80 31.68
CA THR B 185 -9.50 27.07 32.21
C THR B 185 -9.66 28.20 31.19
N LYS B 186 -10.86 28.29 30.61
CA LYS B 186 -11.16 29.31 29.62
C LYS B 186 -10.32 29.13 28.35
N CYS B 187 -10.88 28.44 27.38
CA CYS B 187 -10.19 28.20 26.11
C CYS B 187 -10.60 29.24 25.08
N LEU C 3 -41.30 13.02 29.80
CA LEU C 3 -42.60 13.55 30.22
C LEU C 3 -42.64 15.06 29.97
N LYS C 4 -41.51 15.71 30.21
CA LYS C 4 -41.40 17.14 30.03
C LYS C 4 -41.08 17.50 28.58
N LEU C 5 -41.70 16.79 27.64
CA LEU C 5 -41.47 17.02 26.21
C LEU C 5 -41.94 18.41 25.81
N LEU C 6 -42.97 18.89 26.49
CA LEU C 6 -43.50 20.22 26.22
C LEU C 6 -42.48 21.28 26.63
N ASP C 7 -41.78 21.01 27.74
CA ASP C 7 -40.76 21.93 28.25
C ASP C 7 -39.52 21.85 27.38
N ASN C 8 -39.13 20.62 27.04
CA ASN C 8 -37.96 20.38 26.20
C ASN C 8 -38.14 21.06 24.85
N TRP C 9 -39.34 20.90 24.27
CA TRP C 9 -39.65 21.51 22.99
C TRP C 9 -39.72 23.02 23.11
N ASP C 10 -40.09 23.51 24.29
CA ASP C 10 -40.15 24.94 24.53
C ASP C 10 -38.76 25.54 24.43
N SER C 11 -37.79 24.86 25.04
CA SER C 11 -36.41 25.30 25.01
C SER C 11 -35.94 25.36 23.55
N VAL C 12 -36.38 24.40 22.75
CA VAL C 12 -36.05 24.34 21.33
C VAL C 12 -36.77 25.47 20.59
N THR C 13 -37.99 25.77 21.02
CA THR C 13 -38.77 26.84 20.41
C THR C 13 -38.10 28.19 20.67
N SER C 14 -37.63 28.38 21.91
CA SER C 14 -36.96 29.61 22.29
C SER C 14 -35.65 29.77 21.54
N THR C 15 -34.99 28.66 21.25
CA THR C 15 -33.73 28.70 20.52
C THR C 15 -33.98 28.89 19.03
N PHE C 16 -35.12 28.36 18.56
CA PHE C 16 -35.50 28.47 17.16
C PHE C 16 -35.78 29.94 16.81
N SER C 17 -36.47 30.64 17.70
CA SER C 17 -36.76 32.05 17.49
C SER C 17 -35.45 32.82 17.45
N LYS C 18 -34.56 32.47 18.37
CA LYS C 18 -33.25 33.11 18.43
C LYS C 18 -32.49 32.86 17.13
N LEU C 19 -32.64 31.65 16.58
CA LEU C 19 -31.99 31.29 15.32
C LEU C 19 -32.48 32.20 14.20
N ARG C 20 -33.79 32.43 14.17
CA ARG C 20 -34.38 33.29 13.17
C ARG C 20 -33.91 34.73 13.35
N GLU C 21 -33.66 35.09 14.60
CA GLU C 21 -33.16 36.42 14.92
C GLU C 21 -31.74 36.56 14.40
N GLN C 22 -30.97 35.46 14.46
CA GLN C 22 -29.60 35.46 13.93
C GLN C 22 -29.70 35.51 12.42
N LEU C 23 -30.75 34.92 11.89
CA LEU C 23 -31.00 34.89 10.46
C LEU C 23 -31.59 36.22 9.99
N GLY C 24 -31.58 37.20 10.88
CA GLY C 24 -32.09 38.51 10.55
C GLY C 24 -30.99 39.45 10.14
N PRO C 25 -30.48 40.27 11.08
CA PRO C 25 -29.41 41.23 10.82
C PRO C 25 -28.16 40.57 10.22
N VAL C 26 -27.83 39.38 10.71
CA VAL C 26 -26.66 38.65 10.23
C VAL C 26 -26.77 38.32 8.74
N THR C 27 -27.96 37.95 8.29
CA THR C 27 -28.14 37.63 6.88
C THR C 27 -28.27 38.91 6.06
N GLN C 28 -28.81 39.95 6.69
CA GLN C 28 -28.97 41.24 6.02
C GLN C 28 -27.59 41.79 5.69
N GLU C 29 -26.70 41.80 6.68
CA GLU C 29 -25.34 42.26 6.46
C GLU C 29 -24.61 41.29 5.55
N PHE C 30 -25.05 40.03 5.54
CA PHE C 30 -24.46 39.01 4.69
C PHE C 30 -24.84 39.30 3.24
N TRP C 31 -26.02 39.87 3.05
CA TRP C 31 -26.48 40.24 1.72
C TRP C 31 -25.74 41.50 1.28
N ASP C 32 -25.38 42.31 2.26
CA ASP C 32 -24.61 43.52 2.00
C ASP C 32 -23.17 43.10 1.74
N ASN C 33 -22.83 41.92 2.25
CA ASN C 33 -21.52 41.31 2.05
C ASN C 33 -21.48 40.81 0.62
N LEU C 34 -22.59 40.19 0.20
CA LEU C 34 -22.75 39.69 -1.15
C LEU C 34 -22.72 40.86 -2.13
N GLU C 35 -23.17 42.02 -1.66
CA GLU C 35 -23.13 43.23 -2.46
C GLU C 35 -21.68 43.59 -2.73
N LYS C 36 -20.87 43.55 -1.68
CA LYS C 36 -19.45 43.83 -1.80
C LYS C 36 -18.78 42.75 -2.65
N GLU C 37 -19.26 41.52 -2.48
CA GLU C 37 -18.77 40.37 -3.24
C GLU C 37 -18.97 40.65 -4.73
N THR C 38 -20.23 40.86 -5.09
CA THR C 38 -20.60 41.13 -6.47
C THR C 38 -19.99 42.42 -6.99
N GLU C 39 -20.05 43.49 -6.20
CA GLU C 39 -19.49 44.77 -6.61
C GLU C 39 -18.00 44.66 -6.88
N GLY C 40 -17.27 44.08 -5.93
CA GLY C 40 -15.84 43.90 -6.10
C GLY C 40 -15.56 43.03 -7.30
N LEU C 41 -16.26 41.90 -7.37
CA LEU C 41 -16.10 40.98 -8.48
C LEU C 41 -16.49 41.62 -9.80
N ARG C 42 -17.37 42.61 -9.76
CA ARG C 42 -17.78 43.32 -10.96
C ARG C 42 -16.62 44.14 -11.50
N GLN C 43 -15.96 44.86 -10.60
CA GLN C 43 -14.81 45.67 -10.96
C GLN C 43 -13.66 44.78 -11.40
N GLU C 44 -13.55 43.64 -10.72
CA GLU C 44 -12.51 42.67 -11.02
C GLU C 44 -12.78 41.95 -12.34
N MET C 45 -13.96 41.35 -12.45
CA MET C 45 -14.34 40.58 -13.63
C MET C 45 -14.43 41.42 -14.90
N SER C 46 -14.85 42.67 -14.80
CA SER C 46 -14.93 43.53 -15.97
C SER C 46 -13.56 43.66 -16.61
N LYS C 47 -12.58 44.04 -15.80
CA LYS C 47 -11.21 44.19 -16.29
C LYS C 47 -10.60 42.82 -16.57
N ASP C 48 -10.94 41.85 -15.74
CA ASP C 48 -10.44 40.48 -15.90
C ASP C 48 -10.81 39.93 -17.27
N LEU C 49 -12.12 39.87 -17.55
CA LEU C 49 -12.62 39.37 -18.81
C LEU C 49 -12.19 40.25 -19.98
N GLU C 50 -12.17 41.57 -19.76
CA GLU C 50 -11.75 42.50 -20.80
C GLU C 50 -10.33 42.19 -21.20
N GLU C 51 -9.47 42.00 -20.20
CA GLU C 51 -8.07 41.68 -20.43
C GLU C 51 -7.94 40.28 -20.99
N VAL C 52 -8.87 39.40 -20.64
CA VAL C 52 -8.85 38.05 -21.15
C VAL C 52 -9.06 38.09 -22.66
N LYS C 53 -10.02 38.91 -23.08
CA LYS C 53 -10.32 39.07 -24.50
C LYS C 53 -9.19 39.82 -25.19
N ALA C 54 -8.75 40.91 -24.57
CA ALA C 54 -7.68 41.73 -25.10
C ALA C 54 -6.36 40.96 -25.23
N LYS C 55 -6.20 39.93 -24.41
CA LYS C 55 -5.01 39.12 -24.45
C LYS C 55 -5.23 37.82 -25.21
N VAL C 56 -6.48 37.41 -25.36
CA VAL C 56 -6.79 36.18 -26.08
C VAL C 56 -6.62 36.39 -27.58
N GLN C 57 -6.89 37.62 -28.04
CA GLN C 57 -6.72 37.94 -29.45
C GLN C 57 -5.28 37.70 -29.91
N PRO C 58 -4.28 38.35 -29.27
CA PRO C 58 -2.87 38.14 -29.62
C PRO C 58 -2.39 36.76 -29.19
N TYR C 59 -3.08 36.14 -28.24
CA TYR C 59 -2.72 34.81 -27.77
C TYR C 59 -3.11 33.76 -28.80
N LEU C 60 -4.35 33.84 -29.28
CA LEU C 60 -4.84 32.92 -30.29
C LEU C 60 -4.06 33.14 -31.58
N ASP C 61 -3.67 34.38 -31.81
CA ASP C 61 -2.89 34.74 -32.98
C ASP C 61 -1.51 34.09 -32.90
N ASP C 62 -0.87 34.27 -31.76
CA ASP C 62 0.46 33.70 -31.50
C ASP C 62 0.38 32.17 -31.54
N PHE C 63 -0.64 31.64 -30.89
CA PHE C 63 -0.85 30.19 -30.86
C PHE C 63 -1.11 29.67 -32.26
N GLN C 64 -1.88 30.42 -33.05
CA GLN C 64 -2.19 30.06 -34.42
C GLN C 64 -0.91 30.03 -35.24
N LYS C 65 -0.10 31.08 -35.11
CA LYS C 65 1.17 31.16 -35.82
C LYS C 65 2.04 29.97 -35.47
N LYS C 66 2.13 29.66 -34.19
CA LYS C 66 2.91 28.52 -33.72
C LYS C 66 2.30 27.24 -34.25
N TRP C 67 0.98 27.18 -34.29
CA TRP C 67 0.25 26.03 -34.80
C TRP C 67 0.59 25.84 -36.28
N GLN C 68 0.69 26.95 -37.00
CA GLN C 68 1.05 26.92 -38.41
C GLN C 68 2.46 26.38 -38.57
N GLU C 69 3.36 26.83 -37.69
CA GLU C 69 4.74 26.38 -37.71
C GLU C 69 4.80 24.86 -37.57
N GLU C 70 4.08 24.35 -36.58
CA GLU C 70 4.07 22.91 -36.34
C GLU C 70 3.23 22.15 -37.35
N MET C 71 2.13 22.75 -37.80
CA MET C 71 1.26 22.09 -38.78
C MET C 71 2.04 21.84 -40.07
N GLU C 72 2.69 22.90 -40.55
CA GLU C 72 3.50 22.80 -41.76
C GLU C 72 4.71 21.92 -41.48
N LEU C 73 5.28 22.10 -40.29
CA LEU C 73 6.42 21.31 -39.85
C LEU C 73 6.08 19.82 -39.88
N TYR C 74 4.92 19.49 -39.33
CA TYR C 74 4.46 18.11 -39.30
C TYR C 74 4.18 17.62 -40.71
N ARG C 75 3.57 18.46 -41.53
CA ARG C 75 3.27 18.09 -42.91
C ARG C 75 4.56 17.81 -43.68
N GLN C 76 5.54 18.70 -43.53
CA GLN C 76 6.81 18.55 -44.23
C GLN C 76 7.74 17.56 -43.53
N LYS C 77 7.25 16.96 -42.45
CA LYS C 77 8.03 15.97 -41.70
C LYS C 77 7.41 14.59 -41.87
N VAL C 78 6.13 14.50 -41.57
CA VAL C 78 5.39 13.25 -41.67
C VAL C 78 5.22 12.81 -43.12
N GLU C 79 5.16 13.76 -44.05
CA GLU C 79 5.01 13.42 -45.46
C GLU C 79 6.21 12.58 -45.94
N PRO C 80 7.45 13.12 -45.89
CA PRO C 80 8.63 12.36 -46.31
C PRO C 80 8.84 11.15 -45.40
N LEU C 81 8.41 11.27 -44.14
CA LEU C 81 8.52 10.18 -43.19
C LEU C 81 7.57 9.06 -43.58
N ARG C 82 6.42 9.42 -44.15
CA ARG C 82 5.45 8.44 -44.60
C ARG C 82 6.04 7.69 -45.77
N ALA C 83 6.90 8.36 -46.53
CA ALA C 83 7.58 7.74 -47.65
C ALA C 83 8.57 6.73 -47.12
N GLU C 84 9.30 7.13 -46.08
CA GLU C 84 10.26 6.23 -45.43
C GLU C 84 9.50 5.09 -44.77
N LEU C 85 8.35 5.42 -44.20
CA LEU C 85 7.49 4.44 -43.55
C LEU C 85 6.65 3.68 -44.57
N GLN C 86 7.01 3.82 -45.83
CA GLN C 86 6.34 3.12 -46.92
C GLN C 86 7.36 2.33 -47.71
N GLU C 87 8.39 3.02 -48.20
CA GLU C 87 9.45 2.38 -48.96
C GLU C 87 10.29 1.54 -48.01
N GLY C 88 10.62 2.14 -46.87
CA GLY C 88 11.39 1.45 -45.86
C GLY C 88 10.56 0.36 -45.23
N ALA C 89 9.25 0.60 -45.17
CA ALA C 89 8.32 -0.38 -44.64
C ALA C 89 8.13 -1.49 -45.64
N ARG C 90 8.20 -1.16 -46.93
CA ARG C 90 8.09 -2.15 -47.98
C ARG C 90 9.27 -3.09 -47.88
N GLN C 91 10.42 -2.53 -47.53
CA GLN C 91 11.62 -3.33 -47.34
C GLN C 91 11.38 -4.25 -46.16
N LYS C 92 10.77 -3.70 -45.12
CA LYS C 92 10.45 -4.46 -43.92
C LYS C 92 9.44 -5.57 -44.26
N LEU C 93 8.46 -5.22 -45.08
CA LEU C 93 7.44 -6.16 -45.52
C LEU C 93 8.09 -7.25 -46.37
N HIS C 94 8.99 -6.83 -47.26
CA HIS C 94 9.70 -7.78 -48.11
C HIS C 94 10.63 -8.62 -47.24
N GLU C 95 11.21 -7.99 -46.23
CA GLU C 95 12.07 -8.68 -45.29
C GLU C 95 11.26 -9.78 -44.63
N LEU C 96 10.04 -9.44 -44.26
CA LEU C 96 9.13 -10.39 -43.65
C LEU C 96 8.71 -11.46 -44.66
N GLN C 97 8.49 -11.04 -45.91
CA GLN C 97 8.10 -11.97 -46.98
C GLN C 97 9.16 -13.04 -47.17
N GLU C 98 10.43 -12.63 -47.23
CA GLU C 98 11.54 -13.56 -47.42
C GLU C 98 11.79 -14.41 -46.18
N LYS C 99 11.02 -14.17 -45.14
CA LYS C 99 11.14 -14.92 -43.90
C LYS C 99 9.90 -15.79 -43.67
N LEU C 100 8.74 -15.18 -43.77
CA LEU C 100 7.47 -15.87 -43.56
C LEU C 100 7.23 -16.96 -44.60
N SER C 101 7.70 -16.74 -45.82
CA SER C 101 7.53 -17.74 -46.88
C SER C 101 8.36 -19.00 -46.61
N PRO C 102 9.71 -18.91 -46.55
CA PRO C 102 10.57 -20.07 -46.30
C PRO C 102 10.28 -20.69 -44.93
N LEU C 103 10.19 -19.86 -43.90
CA LEU C 103 9.92 -20.36 -42.55
C LEU C 103 8.51 -20.91 -42.45
N GLY C 104 7.59 -20.35 -43.22
CA GLY C 104 6.22 -20.82 -43.20
C GLY C 104 6.09 -22.19 -43.79
N GLU C 105 6.65 -22.37 -44.98
CA GLU C 105 6.61 -23.65 -45.66
C GLU C 105 7.45 -24.67 -44.88
N GLU C 106 8.51 -24.18 -44.24
CA GLU C 106 9.36 -25.03 -43.42
C GLU C 106 8.60 -25.43 -42.17
N MET C 107 7.84 -24.50 -41.61
CA MET C 107 7.03 -24.74 -40.42
C MET C 107 6.01 -25.82 -40.70
N ARG C 108 5.43 -25.77 -41.90
CA ARG C 108 4.44 -26.77 -42.31
C ARG C 108 5.08 -28.15 -42.31
N ASP C 109 6.34 -28.19 -42.74
CA ASP C 109 7.09 -29.45 -42.77
C ASP C 109 7.49 -29.84 -41.36
N ARG C 110 7.81 -28.83 -40.54
CA ARG C 110 8.18 -29.06 -39.15
C ARG C 110 6.98 -29.69 -38.43
N ALA C 111 5.79 -29.25 -38.81
CA ALA C 111 4.55 -29.77 -38.24
C ALA C 111 4.37 -31.22 -38.67
N ARG C 112 4.79 -31.53 -39.88
CA ARG C 112 4.69 -32.90 -40.40
C ARG C 112 5.72 -33.77 -39.70
N ALA C 113 6.73 -33.13 -39.12
CA ALA C 113 7.78 -33.83 -38.41
C ALA C 113 7.52 -33.80 -36.91
N HIS C 114 6.45 -33.12 -36.51
CA HIS C 114 6.08 -33.00 -35.10
C HIS C 114 4.69 -33.54 -34.86
N VAL C 115 3.69 -32.84 -35.37
CA VAL C 115 2.29 -33.23 -35.21
C VAL C 115 2.03 -34.59 -35.85
N ASP C 116 2.48 -34.76 -37.10
CA ASP C 116 2.29 -36.02 -37.81
C ASP C 116 3.03 -37.15 -37.10
N ALA C 117 4.18 -36.83 -36.54
CA ALA C 117 4.97 -37.81 -35.80
C ALA C 117 4.25 -38.14 -34.50
N LEU C 118 3.64 -37.12 -33.90
CA LEU C 118 2.89 -37.29 -32.68
C LEU C 118 1.64 -38.12 -32.94
N ARG C 119 1.12 -38.04 -34.15
CA ARG C 119 -0.08 -38.80 -34.52
C ARG C 119 0.20 -40.28 -34.34
N THR C 120 1.33 -40.73 -34.87
CA THR C 120 1.71 -42.13 -34.78
C THR C 120 2.34 -42.44 -33.42
N HIS C 121 2.30 -41.47 -32.52
CA HIS C 121 2.86 -41.64 -31.18
C HIS C 121 1.76 -41.59 -30.13
N LEU C 122 0.83 -40.66 -30.32
CA LEU C 122 -0.30 -40.49 -29.42
C LEU C 122 -1.37 -41.53 -29.68
N ALA C 123 -1.51 -41.95 -30.94
CA ALA C 123 -2.49 -42.97 -31.29
C ALA C 123 -2.24 -44.25 -30.49
N PRO C 124 -1.03 -44.86 -30.59
CA PRO C 124 -0.71 -46.07 -29.82
C PRO C 124 -0.71 -45.76 -28.33
N TYR C 125 -0.36 -44.51 -27.98
CA TYR C 125 -0.35 -44.09 -26.58
C TYR C 125 -1.76 -44.12 -26.03
N SER C 126 -2.72 -43.72 -26.86
CA SER C 126 -4.12 -43.73 -26.47
C SER C 126 -4.57 -45.18 -26.30
N ASP C 127 -4.00 -46.05 -27.14
CA ASP C 127 -4.30 -47.48 -27.08
C ASP C 127 -3.77 -48.02 -25.76
N GLU C 128 -2.55 -47.60 -25.41
CA GLU C 128 -1.92 -47.99 -24.16
C GLU C 128 -2.74 -47.44 -23.00
N LEU C 129 -3.17 -46.20 -23.15
CA LEU C 129 -3.99 -45.55 -22.13
C LEU C 129 -5.27 -46.33 -21.93
N ARG C 130 -5.88 -46.76 -23.04
CA ARG C 130 -7.12 -47.54 -22.98
C ARG C 130 -6.85 -48.86 -22.27
N GLN C 131 -5.71 -49.45 -22.53
CA GLN C 131 -5.33 -50.71 -21.90
C GLN C 131 -5.16 -50.54 -20.40
N ARG C 132 -4.48 -49.46 -20.02
CA ARG C 132 -4.23 -49.16 -18.62
C ARG C 132 -5.53 -48.72 -17.94
N LEU C 133 -6.25 -47.82 -18.59
CA LEU C 133 -7.51 -47.31 -18.04
C LEU C 133 -8.53 -48.44 -17.90
N ALA C 134 -8.45 -49.44 -18.77
CA ALA C 134 -9.36 -50.57 -18.70
C ALA C 134 -9.10 -51.33 -17.41
N ALA C 135 -7.82 -51.52 -17.10
CA ALA C 135 -7.42 -52.20 -15.88
C ALA C 135 -7.81 -51.35 -14.68
N ARG C 136 -7.64 -50.05 -14.83
CA ARG C 136 -7.98 -49.10 -13.78
C ARG C 136 -9.48 -49.16 -13.53
N LEU C 137 -10.25 -49.23 -14.62
CA LEU C 137 -11.70 -49.33 -14.54
C LEU C 137 -12.09 -50.61 -13.85
N GLU C 138 -11.38 -51.70 -14.17
CA GLU C 138 -11.65 -52.99 -13.55
C GLU C 138 -11.40 -52.89 -12.05
N ALA C 139 -10.29 -52.28 -11.67
CA ALA C 139 -9.97 -52.10 -10.27
C ALA C 139 -11.07 -51.29 -9.59
N LEU C 140 -11.53 -50.24 -10.26
CA LEU C 140 -12.59 -49.39 -9.76
C LEU C 140 -13.92 -50.14 -9.71
N LYS C 141 -14.02 -51.21 -10.47
CA LYS C 141 -15.22 -52.04 -10.50
C LYS C 141 -15.15 -53.07 -9.38
N GLU C 142 -13.97 -53.65 -9.20
CA GLU C 142 -13.75 -54.65 -8.16
C GLU C 142 -13.88 -53.98 -6.80
N ASN C 143 -13.05 -52.97 -6.58
CA ASN C 143 -13.05 -52.22 -5.34
C ASN C 143 -14.33 -51.42 -5.21
N GLY C 144 -14.81 -50.92 -6.35
CA GLY C 144 -16.03 -50.15 -6.35
C GLY C 144 -17.22 -50.99 -5.96
N GLY C 145 -17.32 -52.17 -6.57
CA GLY C 145 -18.40 -53.08 -6.24
C GLY C 145 -18.34 -53.51 -4.80
N ALA C 146 -17.12 -53.80 -4.33
CA ALA C 146 -16.91 -54.20 -2.96
C ALA C 146 -17.26 -53.04 -2.03
N ARG C 147 -16.79 -51.85 -2.37
CA ARG C 147 -17.06 -50.65 -1.60
C ARG C 147 -18.56 -50.45 -1.46
N LEU C 148 -19.29 -50.63 -2.56
CA LEU C 148 -20.74 -50.49 -2.55
C LEU C 148 -21.38 -51.46 -1.56
N ALA C 149 -20.88 -52.69 -1.54
CA ALA C 149 -21.39 -53.70 -0.63
C ALA C 149 -21.01 -53.36 0.81
N GLU C 150 -19.72 -53.06 1.01
CA GLU C 150 -19.20 -52.70 2.32
C GLU C 150 -19.92 -51.48 2.86
N TYR C 151 -20.03 -50.44 2.03
CA TYR C 151 -20.70 -49.21 2.43
C TYR C 151 -22.16 -49.48 2.71
N HIS C 152 -22.77 -50.36 1.92
CA HIS C 152 -24.17 -50.73 2.12
C HIS C 152 -24.37 -51.34 3.49
N ALA C 153 -23.47 -52.26 3.84
CA ALA C 153 -23.52 -52.93 5.13
C ALA C 153 -23.30 -51.90 6.23
N LYS C 154 -22.24 -51.09 6.08
CA LYS C 154 -21.91 -50.06 7.05
C LYS C 154 -23.06 -49.06 7.20
N ALA C 155 -23.73 -48.76 6.09
CA ALA C 155 -24.85 -47.85 6.10
C ALA C 155 -25.97 -48.42 6.95
N THR C 156 -26.24 -49.71 6.78
CA THR C 156 -27.27 -50.38 7.54
C THR C 156 -26.87 -50.47 9.01
N GLU C 157 -25.61 -50.81 9.26
CA GLU C 157 -25.08 -50.91 10.63
C GLU C 157 -25.06 -49.55 11.29
N HIS C 158 -24.97 -48.50 10.48
CA HIS C 158 -24.96 -47.13 10.99
C HIS C 158 -26.39 -46.62 11.14
N LEU C 159 -27.26 -47.05 10.24
CA LEU C 159 -28.67 -46.65 10.29
C LEU C 159 -29.35 -47.27 11.50
N SER C 160 -29.00 -48.51 11.80
CA SER C 160 -29.55 -49.21 12.94
C SER C 160 -29.10 -48.52 14.23
N THR C 161 -27.82 -48.18 14.30
CA THR C 161 -27.28 -47.50 15.46
C THR C 161 -27.87 -46.09 15.56
N LEU C 162 -28.11 -45.48 14.41
CA LEU C 162 -28.70 -44.15 14.36
C LEU C 162 -30.11 -44.18 14.91
N SER C 163 -30.91 -45.13 14.46
CA SER C 163 -32.28 -45.25 14.93
C SER C 163 -32.31 -45.77 16.36
N GLU C 164 -31.39 -46.67 16.68
CA GLU C 164 -31.27 -47.24 18.02
C GLU C 164 -30.99 -46.14 19.03
N LYS C 165 -30.39 -45.07 18.55
CA LYS C 165 -30.07 -43.93 19.39
C LYS C 165 -31.12 -42.84 19.24
N ALA C 166 -31.60 -42.65 18.00
CA ALA C 166 -32.61 -41.65 17.70
C ALA C 166 -33.90 -41.89 18.46
N LYS C 167 -34.29 -43.14 18.57
CA LYS C 167 -35.52 -43.49 19.30
C LYS C 167 -35.47 -42.98 20.74
N PRO C 168 -34.52 -43.45 21.58
CA PRO C 168 -34.40 -42.99 22.96
C PRO C 168 -34.03 -41.51 23.03
N ALA C 169 -33.19 -41.06 22.09
CA ALA C 169 -32.78 -39.65 22.07
C ALA C 169 -33.99 -38.75 21.88
N LEU C 170 -34.87 -39.11 20.95
CA LEU C 170 -36.06 -38.32 20.69
C LEU C 170 -37.02 -38.41 21.86
N GLU C 171 -37.13 -39.60 22.45
CA GLU C 171 -38.00 -39.81 23.60
C GLU C 171 -37.47 -39.06 24.81
N ASP C 172 -36.16 -39.09 24.99
CA ASP C 172 -35.53 -38.38 26.09
C ASP C 172 -35.61 -36.89 25.82
N LEU C 173 -35.47 -36.54 24.54
CA LEU C 173 -35.56 -35.14 24.11
C LEU C 173 -36.94 -34.61 24.45
N ARG C 174 -37.96 -35.41 24.15
CA ARG C 174 -39.33 -35.05 24.44
C ARG C 174 -39.56 -35.06 25.94
N GLN C 175 -38.91 -36.01 26.62
CA GLN C 175 -39.01 -36.13 28.05
C GLN C 175 -38.35 -34.95 28.75
N GLY C 176 -37.42 -34.33 28.04
CA GLY C 176 -36.71 -33.16 28.55
C GLY C 176 -37.46 -31.91 28.10
N LEU C 177 -38.04 -31.98 26.91
CA LEU C 177 -38.80 -30.89 26.33
C LEU C 177 -40.03 -30.57 27.14
N LEU C 178 -40.74 -31.61 27.59
CA LEU C 178 -41.95 -31.41 28.38
C LEU C 178 -41.70 -30.52 29.60
N PRO C 179 -40.81 -30.90 30.53
CA PRO C 179 -40.51 -30.08 31.70
C PRO C 179 -39.77 -28.79 31.34
N VAL C 180 -38.92 -28.84 30.30
CA VAL C 180 -38.19 -27.66 29.87
C VAL C 180 -39.12 -26.61 29.28
N LEU C 181 -40.15 -27.06 28.58
CA LEU C 181 -41.12 -26.14 27.99
C LEU C 181 -41.95 -25.52 29.11
N GLU C 182 -42.17 -26.30 30.16
CA GLU C 182 -42.92 -25.82 31.31
C GLU C 182 -42.09 -24.82 32.10
N SER C 183 -40.85 -25.18 32.41
CA SER C 183 -39.97 -24.29 33.16
C SER C 183 -39.70 -23.03 32.36
N PHE C 184 -39.45 -23.18 31.06
CA PHE C 184 -39.23 -22.05 30.18
C PHE C 184 -40.47 -21.18 30.14
N LYS C 185 -41.63 -21.83 30.07
CA LYS C 185 -42.89 -21.11 30.04
C LYS C 185 -43.09 -20.35 31.34
N VAL C 186 -42.76 -20.97 32.46
CA VAL C 186 -42.87 -20.33 33.77
C VAL C 186 -41.94 -19.12 33.82
N SER C 187 -40.72 -19.28 33.31
CA SER C 187 -39.75 -18.20 33.28
C SER C 187 -40.21 -17.09 32.34
N PHE C 188 -40.84 -17.48 31.22
CA PHE C 188 -41.34 -16.53 30.25
C PHE C 188 -42.58 -15.82 30.78
N LEU C 189 -43.46 -16.57 31.41
CA LEU C 189 -44.69 -16.03 31.97
C LEU C 189 -44.39 -14.91 32.97
N SER C 190 -43.37 -15.12 33.80
CA SER C 190 -42.98 -14.12 34.78
C SER C 190 -42.27 -12.95 34.09
N ALA C 191 -41.54 -13.25 33.02
CA ALA C 191 -40.83 -12.24 32.27
C ALA C 191 -41.83 -11.30 31.58
N LEU C 192 -42.89 -11.89 31.07
CA LEU C 192 -43.95 -11.13 30.39
C LEU C 192 -44.91 -10.53 31.41
N GLU C 193 -44.61 -10.74 32.69
CA GLU C 193 -45.44 -10.22 33.77
C GLU C 193 -44.78 -9.02 34.44
N GLU C 194 -43.49 -9.15 34.73
CA GLU C 194 -42.74 -8.09 35.39
C GLU C 194 -42.31 -6.99 34.42
N TYR C 195 -41.71 -7.39 33.30
CA TYR C 195 -41.22 -6.43 32.31
C TYR C 195 -42.35 -5.58 31.72
N THR C 196 -43.56 -6.15 31.64
CA THR C 196 -44.68 -5.42 31.10
C THR C 196 -45.01 -4.22 31.99
N LYS C 197 -44.74 -4.37 33.28
CA LYS C 197 -44.97 -3.31 34.25
C LYS C 197 -43.92 -2.23 34.13
N LYS C 198 -42.75 -2.62 33.62
CA LYS C 198 -41.65 -1.69 33.43
C LYS C 198 -41.90 -0.85 32.18
N LEU C 199 -42.52 -1.48 31.19
CA LEU C 199 -42.83 -0.81 29.94
C LEU C 199 -44.18 -0.10 29.99
N ASN C 200 -44.88 -0.27 31.11
CA ASN C 200 -46.18 0.37 31.28
C ASN C 200 -46.01 1.77 31.85
C1 PCW D . -6.25 21.23 10.96
C2 PCW D . -7.49 21.44 11.91
C3 PCW D . -7.87 22.96 11.98
C4 PCW D . -2.32 18.42 11.66
C5 PCW D . -1.06 18.84 12.42
C6 PCW D . 0.98 18.01 13.71
C7 PCW D . 0.49 17.16 11.46
C8 PCW D . 0.93 18.90 11.96
C11 PCW D . -8.77 23.64 14.10
C12 PCW D . -10.09 23.70 14.83
C13 PCW D . -10.68 25.15 14.66
C14 PCW D . -12.02 25.39 15.35
C15 PCW D . -12.05 25.15 16.89
C16 PCW D . -13.51 25.27 17.45
C17 PCW D . -14.44 24.02 17.27
C18 PCW D . -15.93 24.37 17.23
C19 PCW D . -16.30 25.38 16.13
C20 PCW D . -17.33 25.16 15.23
C21 PCW D . -18.28 24.04 15.05
C22 PCW D . -19.53 24.62 14.35
C23 PCW D . -19.64 24.46 12.81
C24 PCW D . -20.67 25.30 12.11
C25 PCW D . -21.77 24.64 11.24
C26 PCW D . -23.11 25.35 11.18
C27 PCW D . -23.37 26.30 10.00
C28 PCW D . -24.86 26.50 9.81
C31 PCW D . -9.33 19.96 12.26
C32 PCW D . -10.51 19.29 11.54
C33 PCW D . -10.94 17.84 12.09
C34 PCW D . -11.64 16.99 11.03
C35 PCW D . -13.18 17.10 11.34
C36 PCW D . -14.01 15.97 10.71
C37 PCW D . -15.55 16.03 10.98
C38 PCW D . -16.29 14.97 10.22
C39 PCW D . -17.78 15.01 10.47
C40 PCW D . -18.69 15.73 9.80
C41 PCW D . -18.36 16.67 8.65
C42 PCW D . -19.68 17.49 8.30
C43 PCW D . -20.12 17.57 6.85
C44 PCW D . -21.38 18.41 6.80
C45 PCW D . -22.25 18.20 5.58
C46 PCW D . -23.70 18.46 5.83
C47 PCW D . -24.67 17.38 5.42
C48 PCW D . -26.12 17.78 5.74
N PCW D . 0.01 17.92 12.60
O2 PCW D . -8.69 20.72 11.37
O3 PCW D . -9.00 23.13 12.85
O11 PCW D . -7.71 23.95 14.54
O31 PCW D . -9.03 19.80 13.48
O1P PCW D . -3.18 21.02 10.67
O2P PCW D . -3.95 21.32 13.04
O3P PCW D . -5.44 20.10 11.31
O4P PCW D . -3.45 19.10 12.28
P PCW D . -3.95 20.46 11.82
C1 PCW E . 19.89 -7.17 -19.86
C2 PCW E . 18.58 -7.52 -20.70
C3 PCW E . 18.93 -8.53 -21.86
C4 PCW E . 18.52 -10.00 -16.34
C5 PCW E . 18.19 -11.27 -17.12
C6 PCW E . 17.46 -13.61 -16.44
C7 PCW E . 15.80 -11.84 -16.79
C8 PCW E . 16.93 -12.59 -18.05
C11 PCW E . 17.36 -10.13 -22.75
C12 PCW E . 16.05 -10.19 -23.49
C13 PCW E . 16.27 -10.99 -24.84
C14 PCW E . 15.01 -11.14 -25.69
C15 PCW E . 15.22 -11.68 -27.15
C16 PCW E . 13.95 -11.39 -28.02
C17 PCW E . 13.05 -12.60 -28.43
C18 PCW E . 12.02 -12.25 -29.52
C19 PCW E . 11.10 -13.45 -29.88
C20 PCW E . 9.84 -13.30 -30.44
C21 PCW E . 9.06 -12.08 -30.82
C22 PCW E . 7.58 -12.35 -30.43
C23 PCW E . 6.67 -11.11 -30.19
C24 PCW E . 6.03 -10.50 -31.40
C25 PCW E . 4.56 -10.00 -31.38
C26 PCW E . 4.24 -8.82 -32.27
C27 PCW E . 2.95 -8.01 -31.98
C28 PCW E . 3.27 -6.54 -31.87
C31 PCW E . 16.38 -7.60 -19.81
C32 PCW E . 15.46 -8.41 -18.89
C33 PCW E . 14.61 -9.56 -19.63
C34 PCW E . 13.18 -9.14 -19.95
C35 PCW E . 13.15 -8.98 -21.53
C36 PCW E . 11.72 -9.07 -22.12
C37 PCW E . 11.67 -8.91 -23.67
C38 PCW E . 11.07 -7.59 -24.07
C39 PCW E . 11.01 -7.42 -25.56
C40 PCW E . 10.04 -6.86 -26.28
C41 PCW E . 8.75 -6.29 -25.73
C42 PCW E . 8.16 -5.28 -26.81
C43 PCW E . 7.49 -5.85 -28.06
C44 PCW E . 7.03 -4.67 -28.89
C45 PCW E . 5.85 -3.91 -28.35
C46 PCW E . 5.59 -2.62 -29.08
C47 PCW E . 4.65 -2.68 -30.26
C48 PCW E . 4.49 -1.29 -30.91
N PCW E . 17.20 -12.17 -16.63
O2 PCW E . 17.58 -8.21 -19.83
O3 PCW E . 17.73 -8.82 -22.59
O11 PCW E . 17.97 -11.06 -22.33
O31 PCW E . 16.06 -6.54 -20.42
O1P PCW E . 20.67 -8.02 -16.32
O2P PCW E . 18.90 -6.54 -17.27
O3P PCW E . 20.23 -8.12 -18.82
O4P PCW E . 18.52 -8.91 -17.29
P PCW E . 19.59 -7.84 -17.36
C1 PCW F . -9.98 -17.29 24.67
C2 PCW F . -11.42 -17.71 24.13
C3 PCW F . -12.48 -17.56 25.28
C4 PCW F . -9.99 -13.09 25.54
C5 PCW F . -9.38 -11.71 25.60
C6 PCW F . -9.13 -11.70 28.14
C7 PCW F . -7.94 -10.05 26.77
C8 PCW F . -9.77 -10.25 26.97
C11 PCW F . -14.74 -16.99 24.70
C12 PCW F . -16.01 -17.59 24.15
C13 PCW F . -17.08 -17.60 25.30
C14 PCW F . -18.43 -18.20 24.92
C15 PCW F . -19.04 -17.72 23.57
C16 PCW F . -20.05 -16.54 23.81
C17 PCW F . -19.98 -15.31 22.83
C18 PCW F . -20.85 -15.48 21.58
C19 PCW F . -21.46 -14.15 21.08
C20 PCW F . -22.61 -13.60 21.64
C21 PCW F . -23.50 -14.05 22.74
C22 PCW F . -23.21 -13.12 23.96
C23 PCW F . -23.86 -13.48 25.32
C24 PCW F . -23.06 -13.22 26.55
C25 PCW F . -23.39 -12.03 27.49
C26 PCW F . -23.65 -12.36 28.95
C27 PCW F . -25.00 -11.93 29.56
C28 PCW F . -24.88 -10.54 30.13
C31 PCW F . -12.32 -17.43 21.96
C32 PCW F . -12.69 -16.36 20.92
C33 PCW F . -13.84 -16.77 19.89
C34 PCW F . -15.24 -16.70 20.47
C35 PCW F . -15.88 -18.12 20.19
C36 PCW F . -17.38 -18.03 19.83
C37 PCW F . -18.06 -19.41 19.53
C38 PCW F . -19.39 -19.24 18.88
C39 PCW F . -20.06 -20.55 18.59
C40 PCW F . -20.11 -21.20 17.42
C41 PCW F . -19.46 -20.70 16.15
C42 PCW F . -20.36 -21.14 14.91
C43 PCW F . -19.83 -22.25 14.00
C44 PCW F . -20.88 -22.46 12.92
C45 PCW F . -20.41 -22.18 11.52
C46 PCW F . -21.42 -21.41 10.71
C47 PCW F . -21.27 -19.91 10.73
C48 PCW F . -22.35 -19.24 9.87
N PCW F . -8.70 -11.27 26.79
O2 PCW F . -11.83 -16.80 23.02
O3 PCW F . -13.78 -17.94 24.78
O11 PCW F . -14.61 -15.84 25.01
O31 PCW F . -12.44 -18.68 21.82
O1P PCW F . -8.65 -15.55 26.27
O2P PCW F . -7.15 -14.97 24.36
O3P PCW F . -9.37 -16.21 23.93
O4P PCW F . -9.28 -13.84 24.53
P PCW F . -8.54 -15.15 24.83
C1 PCW G . -6.03 -29.15 16.94
C2 PCW G . -7.11 -30.27 16.72
C3 PCW G . -8.12 -30.30 17.92
C4 PCW G . -3.92 -26.65 18.40
C5 PCW G . -4.40 -26.00 19.71
C6 PCW G . -5.19 -23.77 20.16
C7 PCW G . -3.15 -24.06 19.08
C8 PCW G . -3.21 -24.52 21.30
C11 PCW G . -9.23 -32.30 18.66
C12 PCW G . -10.32 -33.26 18.23
C13 PCW G . -11.68 -32.73 18.79
C14 PCW G . -12.92 -33.57 18.46
C15 PCW G . -12.70 -35.11 18.40
C16 PCW G . -13.97 -35.81 17.79
C17 PCW G . -14.00 -36.05 16.24
C18 PCW G . -14.49 -34.84 15.45
C19 PCW G . -16.03 -34.66 15.52
C20 PCW G . -16.87 -34.94 14.44
C21 PCW G . -16.60 -35.43 13.08
C22 PCW G . -17.91 -35.28 12.26
C23 PCW G . -19.04 -36.31 12.52
C24 PCW G . -20.31 -35.78 13.12
C25 PCW G . -21.16 -36.64 14.10
C26 PCW G . -22.54 -37.03 13.61
C27 PCW G . -23.51 -37.63 14.64
C28 PCW G . -24.39 -38.66 13.96
C31 PCW G . -7.48 -30.68 14.41
C32 PCW G . -8.37 -30.30 13.22
C33 PCW G . -7.99 -30.98 11.82
C34 PCW G . -8.56 -30.22 10.62
C35 PCW G . -9.87 -31.03 10.19
C36 PCW G . -9.58 -32.07 9.10
C37 PCW G . -10.82 -32.89 8.62
C38 PCW G . -11.47 -32.28 7.42
C39 PCW G . -12.68 -33.06 6.95
C40 PCW G . -12.85 -33.63 5.76
C41 PCW G . -11.81 -33.60 4.65
C42 PCW G . -10.91 -34.91 4.76
C43 PCW G . -11.32 -36.17 4.01
C44 PCW G . -10.27 -37.23 4.32
C45 PCW G . -9.00 -37.14 3.52
C46 PCW G . -9.20 -37.29 2.04
C47 PCW G . -8.04 -37.83 1.25
C48 PCW G . -8.39 -37.94 -0.24
N PCW G . -4.01 -24.65 20.04
O2 PCW G . -7.90 -30.00 15.48
O3 PCW G . -9.09 -31.34 17.71
O11 PCW G . -8.60 -32.38 19.67
O31 PCW G . -6.51 -31.51 14.37
O1P PCW G . -3.60 -27.71 15.72
O2P PCW G . -5.15 -25.83 15.13
O3P PCW G . -6.09 -28.09 15.95
O4P PCW G . -4.98 -26.49 17.43
P PCW G . -4.90 -27.00 16.01
C1 PCW H . 1.11 -32.18 5.00
C2 PCW H . 0.78 -32.96 3.66
C3 PCW H . 0.14 -31.99 2.61
C4 PCW H . 5.58 -31.43 3.90
C5 PCW H . 6.95 -30.90 4.34
C6 PCW H . 9.38 -30.40 3.77
C7 PCW H . 7.65 -30.27 2.04
C8 PCW H . 7.83 -29.22 3.54
C11 PCW H . -1.28 -33.47 1.34
C12 PCW H . -1.39 -34.15 -0.01
C13 PCW H . -1.96 -33.10 -1.03
C14 PCW H . -2.13 -33.60 -2.47
C15 PCW H . -3.36 -33.04 -3.25
C16 PCW H . -2.90 -31.97 -4.31
C17 PCW H . -3.46 -32.10 -5.77
C18 PCW H . -4.99 -32.16 -5.83
C19 PCW H . -5.51 -33.39 -6.61
C20 PCW H . -6.65 -33.33 -7.39
C21 PCW H . -7.61 -32.25 -7.67
C22 PCW H . -9.04 -32.86 -7.54
C23 PCW H . -9.77 -32.70 -6.19
C24 PCW H . -10.72 -31.55 -6.06
C25 PCW H . -12.20 -31.78 -5.63
C26 PCW H . -12.49 -31.72 -4.14
C27 PCW H . -13.85 -32.26 -3.66
C28 PCW H . -13.80 -33.76 -3.50
C31 PCW H . 2.26 -34.77 3.35
C32 PCW H . 3.57 -35.20 2.67
C33 PCW H . 3.59 -35.06 1.07
C34 PCW H . 2.28 -35.46 0.40
C35 PCW H . 2.65 -36.58 -0.65
C36 PCW H . 1.46 -37.52 -0.96
C37 PCW H . 1.76 -38.65 -2.00
C38 PCW H . 0.60 -38.85 -2.93
C39 PCW H . 0.84 -39.93 -3.94
C40 PCW H . -0.04 -40.78 -4.44
C41 PCW H . -1.52 -40.80 -4.04
C42 PCW H . -2.37 -41.31 -5.29
C43 PCW H . -2.30 -40.55 -6.61
C44 PCW H . -3.21 -41.25 -7.59
C45 PCW H . -3.16 -40.72 -9.00
C46 PCW H . -4.09 -39.56 -9.23
C47 PCW H . -5.56 -39.89 -9.27
C48 PCW H . -6.41 -38.63 -9.51
N PCW H . 7.99 -30.69 3.38
O2 PCW H . 2.03 -33.50 3.05
O3 PCW H . -0.15 -32.72 1.39
O11 PCW H . -2.09 -33.60 2.22
O31 PCW H . 1.54 -35.51 4.09
O1P PCW H . 2.93 -30.26 4.04
O2P PCW H . 3.43 -30.15 6.48
O3P PCW H . 2.48 -32.31 5.44
O4P PCW H . 4.78 -31.57 5.11
P PCW H . 3.39 -30.99 5.26
C1 PCW I . -1.59 22.54 4.94
C2 PCW I . -2.90 21.89 4.34
C3 PCW I . -3.93 23.01 4.00
C4 PCW I . 2.59 24.00 5.08
C5 PCW I . 3.67 24.50 4.12
C6 PCW I . 6.18 24.58 4.50
C7 PCW I . 5.17 22.71 3.29
C8 PCW I . 5.24 24.49 2.79
C11 PCW I . -5.75 23.07 2.43
C12 PCW I . -6.97 22.28 2.03
C13 PCW I . -7.41 22.72 0.58
C14 PCW I . -8.65 22.00 0.03
C15 PCW I . -9.30 20.93 0.96
C16 PCW I . -10.83 20.76 0.62
C17 PCW I . -11.73 20.09 1.71
C18 PCW I . -13.06 20.82 1.92
C19 PCW I . -13.28 21.24 3.39
C20 PCW I . -14.08 22.31 3.74
C21 PCW I . -14.90 23.26 2.94
C22 PCW I . -14.69 24.66 3.60
C23 PCW I . -14.33 25.83 2.65
C24 PCW I . -15.47 26.67 2.16
C25 PCW I . -15.46 27.32 0.74
C26 PCW I . -14.36 28.35 0.48
C27 PCW I . -14.23 28.91 -0.95
C28 PCW I . -14.26 30.42 -0.93
C31 PCW I . -2.76 19.87 3.11
C32 PCW I . -2.41 19.29 1.73
C33 PCW I . -3.51 18.34 1.09
C34 PCW I . -4.94 18.63 1.55
C35 PCW I . -5.89 17.98 0.47
C36 PCW I . -6.64 19.03 -0.38
C37 PCW I . -7.62 18.47 -1.47
C38 PCW I . -7.79 19.44 -2.59
C39 PCW I . -8.73 18.94 -3.65
C40 PCW I . -9.93 19.45 -3.95
C41 PCW I . -10.54 20.65 -3.23
C42 PCW I . -11.45 21.44 -4.27
C43 PCW I . -11.86 22.86 -3.93
C44 PCW I . -12.73 23.37 -5.08
C45 PCW I . -13.51 24.62 -4.79
C46 PCW I . -14.76 24.75 -5.61
C47 PCW I . -15.88 25.59 -5.02
C48 PCW I . -17.09 25.63 -5.96
N PCW I . 4.95 23.87 4.12
O2 PCW I . -2.59 21.19 3.06
O3 PCW I . -5.12 22.43 3.45
O11 PCW I . -5.39 24.11 1.93
O31 PCW I . -3.15 19.20 4.11
O1P PCW I . 0.65 22.41 6.54
O2P PCW I . 1.46 20.59 5.02
O3P PCW I . -0.37 22.21 4.23
O4P PCW I . 1.96 22.86 4.44
P PCW I . 0.93 21.98 5.14
C1 PCW J . -14.80 2.73 24.68
C2 PCW J . -15.43 1.30 24.44
C3 PCW J . -16.55 1.07 25.52
C4 PCW J . -10.11 3.27 25.64
C5 PCW J . -8.77 3.26 24.89
C6 PCW J . -6.46 4.00 24.82
C7 PCW J . -7.03 2.12 26.08
C8 PCW J . -7.64 4.15 26.91
C11 PCW J . -17.73 -0.75 26.50
C12 PCW J . -18.29 -2.12 26.20
C13 PCW J . -19.81 -2.15 26.61
C14 PCW J . -20.52 -3.49 26.37
C15 PCW J . -20.79 -3.87 24.88
C16 PCW J . -22.20 -4.57 24.73
C17 PCW J . -22.26 -5.86 23.84
C18 PCW J . -23.45 -6.77 24.17
C19 PCW J . -23.07 -8.27 24.19
C20 PCW J . -24.01 -9.28 24.05
C21 PCW J . -25.48 -9.25 23.87
C22 PCW J . -26.13 -9.38 25.28
C23 PCW J . -26.44 -10.80 25.80
C24 PCW J . -27.85 -11.06 26.23
C25 PCW J . -28.22 -11.09 27.74
C26 PCW J . -29.48 -11.86 28.11
C27 PCW J . -30.48 -11.20 29.09
C28 PCW J . -31.74 -12.03 29.19
C31 PCW J . -15.19 1.08 22.10
C32 PCW J . -15.96 1.14 20.76
C33 PCW J . -16.41 -0.26 20.12
C34 PCW J . -17.72 -0.19 19.33
C35 PCW J . -18.75 0.59 20.25
C36 PCW J . -19.00 2.04 19.80
C37 PCW J . -19.99 2.85 20.68
C38 PCW J . -19.56 4.27 20.84
C39 PCW J . -20.51 5.07 21.71
C40 PCW J . -21.67 5.63 21.34
C41 PCW J . -22.26 5.54 19.95
C42 PCW J . -23.63 4.70 20.04
C43 PCW J . -24.83 5.32 20.74
C44 PCW J . -25.95 4.29 20.66
C45 PCW J . -26.62 4.16 19.32
C46 PCW J . -27.83 3.28 19.33
C47 PCW J . -28.11 2.53 18.05
C48 PCW J . -29.37 1.66 18.19
N PCW J . -7.54 3.38 25.63
O2 PCW J . -16.06 1.30 23.10
O3 PCW J . -17.15 -0.22 25.39
O11 PCW J . -17.77 -0.21 27.57
O31 PCW J . -13.95 0.85 22.22
O1P PCW J . -12.70 2.56 26.77
O2P PCW J . -12.49 0.58 25.29
O3P PCW J . -13.39 2.81 24.37
O4P PCW J . -11.04 2.46 24.88
P PCW J . -12.41 2.05 25.39
C1 PCW K . -35.73 -9.93 1.02
C2 PCW K . -35.69 -10.31 2.55
C3 PCW K . -35.48 -11.87 2.67
C4 PCW K . -40.24 -8.36 0.22
C5 PCW K . -40.60 -7.45 1.39
C6 PCW K . -41.77 -5.80 -0.16
C7 PCW K . -41.60 -5.34 2.24
C8 PCW K . -40.23 -5.47 1.02
C11 PCW K . -35.27 -13.54 4.38
C12 PCW K . -35.19 -13.68 5.88
C13 PCW K . -33.72 -13.37 6.33
C14 PCW K . -33.46 -13.46 7.82
C15 PCW K . -32.04 -13.94 8.25
C16 PCW K . -31.63 -13.33 9.63
C17 PCW K . -30.22 -12.66 9.73
C18 PCW K . -29.55 -12.83 11.09
C19 PCW K . -28.02 -12.54 11.05
C20 PCW K . -27.07 -13.53 11.22
C21 PCW K . -27.16 -14.98 11.47
C22 PCW K . -26.18 -15.30 12.62
C23 PCW K . -26.74 -15.25 14.07
C24 PCW K . -25.80 -15.62 15.17
C25 PCW K . -26.32 -16.14 16.54
C26 PCW K . -26.05 -17.59 16.86
C27 PCW K . -26.99 -18.29 17.87
C28 PCW K . -27.94 -19.21 17.15
C31 PCW K . -34.82 -9.20 4.45
C32 PCW K . -33.55 -8.56 5.01
C33 PCW K . -33.38 -8.73 6.60
C34 PCW K . -32.29 -9.73 6.99
C35 PCW K . -32.33 -9.77 8.58
C36 PCW K . -31.08 -9.11 9.23
C37 PCW K . -31.06 -9.14 10.79
C38 PCW K . -30.24 -8.02 11.36
C39 PCW K . -30.23 -8.02 12.87
C40 PCW K . -29.26 -8.46 13.68
C41 PCW K . -27.93 -9.04 13.22
C42 PCW K . -26.77 -8.22 13.93
C43 PCW K . -26.23 -8.73 15.26
C44 PCW K . -25.14 -7.76 15.67
C45 PCW K . -24.91 -7.64 17.16
C46 PCW K . -23.47 -7.73 17.55
C47 PCW K . -22.74 -6.42 17.74
C48 PCW K . -21.28 -6.66 18.13
N PCW K . -41.45 -6.31 1.18
O2 PCW K . -34.55 -9.65 3.22
O3 PCW K . -35.44 -12.23 4.06
O11 PCW K . -35.14 -14.44 3.60
O31 PCW K . -35.92 -9.29 5.05
O1P PCW K . -38.03 -9.04 -1.53
O2P PCW K . -38.00 -11.16 -0.17
O3P PCW K . -36.80 -9.02 0.68
O4P PCW K . -39.21 -9.27 0.68
P PCW K . -38.02 -9.68 -0.16
C1 PCW L . -27.77 19.64 -11.52
C2 PCW L . -26.56 19.45 -10.52
C3 PCW L . -26.03 20.85 -10.05
C4 PCW L . -29.81 20.32 -14.52
C5 PCW L . -29.29 21.06 -15.74
C6 PCW L . -30.24 20.26 -17.98
C7 PCW L . -30.54 22.58 -17.25
C8 PCW L . -28.95 21.70 -17.65
C11 PCW L . -24.37 21.80 -8.60
C12 PCW L . -23.26 21.40 -7.67
C13 PCW L . -21.96 22.18 -8.08
C14 PCW L . -20.73 21.90 -7.22
C15 PCW L . -20.66 22.67 -5.86
C16 PCW L . -19.97 21.81 -4.77
C17 PCW L . -19.42 22.55 -3.50
C18 PCW L . -18.46 21.70 -2.66
C19 PCW L . -17.01 21.74 -3.19
C20 PCW L . -16.06 22.64 -2.70
C21 PCW L . -16.13 23.70 -1.66
C22 PCW L . -14.95 23.44 -0.69
C23 PCW L . -13.67 24.29 -0.88
C24 PCW L . -12.40 23.71 -0.36
C25 PCW L . -11.18 24.63 -0.04
C26 PCW L . -11.03 25.10 1.39
C27 PCW L . -10.78 24.03 2.48
C28 PCW L . -9.87 24.59 3.54
C31 PCW L . -27.24 17.41 -9.48
C32 PCW L . -27.68 16.81 -8.13
C33 PCW L . -26.50 16.29 -7.17
C34 PCW L . -26.88 15.06 -6.34
C35 PCW L . -26.46 13.82 -7.22
C36 PCW L . -25.08 13.24 -6.82
C37 PCW L . -24.61 12.01 -7.65
C38 PCW L . -23.13 11.88 -7.68
C39 PCW L . -22.66 10.69 -8.49
C40 PCW L . -22.30 9.50 -8.04
C41 PCW L . -22.31 9.10 -6.58
C42 PCW L . -20.88 9.44 -5.96
C43 PCW L . -19.67 8.65 -6.42
C44 PCW L . -18.47 9.20 -5.66
C45 PCW L . -18.40 8.79 -4.22
C46 PCW L . -17.54 9.67 -3.37
C47 PCW L . -16.05 9.70 -3.71
C48 PCW L . -15.30 10.64 -2.76
N PCW L . -30.15 21.24 -16.88
O2 PCW L . -27.00 18.72 -9.30
O3 PCW L . -24.93 20.68 -9.14
O11 PCW L . -24.71 22.93 -8.83
O31 PCW L . -27.14 16.77 -10.57
O1P PCW L . -30.72 19.52 -11.84
O2P PCW L . -30.85 22.00 -11.50
O3P PCW L . -28.61 20.76 -11.19
O4P PCW L . -29.58 21.19 -13.38
P PCW L . -30.02 20.85 -11.96
C1 PCW M . -42.27 -8.49 9.53
C2 PCW M . -41.27 -7.68 10.46
C3 PCW M . -41.78 -7.74 11.95
C4 PCW M . -45.85 -7.04 8.88
C5 PCW M . -45.59 -6.35 10.22
C6 PCW M . -46.43 -3.99 9.72
C7 PCW M . -46.59 -4.92 11.98
C8 PCW M . -45.05 -4.55 11.02
C11 PCW M . -41.35 -5.88 13.41
C12 PCW M . -40.27 -5.32 14.30
C13 PCW M . -40.35 -3.75 14.29
C14 PCW M . -39.30 -3.06 15.17
C15 PCW M . -38.47 -1.94 14.48
C16 PCW M . -37.12 -1.71 15.25
C17 PCW M . -36.62 -0.24 15.42
C18 PCW M . -35.21 -0.14 15.99
C19 PCW M . -35.15 0.48 17.41
C20 PCW M . -33.99 0.50 18.17
C21 PCW M . -32.62 0.00 17.91
C22 PCW M . -32.19 -0.84 19.14
C23 PCW M . -31.56 -2.24 18.88
C24 PCW M . -30.43 -2.64 19.78
C25 PCW M . -29.61 -3.94 19.49
C26 PCW M . -29.58 -4.99 20.58
C27 PCW M . -28.38 -5.94 20.65
C28 PCW M . -27.54 -5.65 21.87
C31 PCW M . -39.15 -7.86 9.42
C32 PCW M . -37.80 -8.61 9.50
C33 PCW M . -36.50 -7.67 9.52
C34 PCW M . -35.19 -8.44 9.69
C35 PCW M . -34.37 -7.68 10.82
C36 PCW M . -33.94 -6.24 10.40
C37 PCW M . -33.13 -5.43 11.47
C38 PCW M . -33.93 -5.18 12.72
C39 PCW M . -33.17 -4.39 13.76
C40 PCW M . -32.59 -4.83 14.87
C41 PCW M . -32.58 -6.28 15.33
C42 PCW M . -31.23 -6.53 16.14
C43 PCW M . -31.12 -7.77 16.99
C44 PCW M . -29.73 -7.73 17.64
C45 PCW M . -29.11 -9.07 17.91
C46 PCW M . -29.85 -9.90 18.92
C47 PCW M . -29.78 -9.43 20.36
C48 PCW M . -30.59 -10.35 21.28
N PCW M . -46.33 -5.19 10.58
O2 PCW M . -39.92 -8.31 10.41
O3 PCW M . -40.89 -7.01 12.81
O11 PCW M . -42.46 -5.43 13.29
O31 PCW M . -39.45 -6.98 8.58
O1P PCW M . -44.14 -7.11 6.52
O2P PCW M . -44.04 -9.55 7.02
O3P PCW M . -42.46 -7.91 8.23
O4P PCW M . -44.84 -8.07 8.75
P PCW M . -43.90 -8.18 7.55
C1 17F N . -22.55 -11.27 -24.62
N1 17F N . -24.18 -10.20 -26.19
O1 17F N . -20.82 -12.14 -27.77
P1 17F N . -20.86 -12.27 -26.26
C2 17F N . -23.93 -11.31 -25.28
O2 17F N . -21.52 -13.52 -25.72
C3 17F N . -25.01 -11.32 -24.18
O3 17F N . -21.54 -11.06 -25.57
C4 17F N . -19.18 -12.41 -24.24
O4 17F N . -25.00 -12.17 -23.29
C5 17F N . -17.67 -12.41 -23.84
O5 17F N . -25.96 -10.44 -24.13
C6 17F N . -17.54 -12.64 -22.32
O6 17F N . -19.39 -12.29 -25.64
C7 17F N . -15.83 -13.41 -20.91
O7 17F N . -16.17 -12.65 -21.91
C8 17F N . -14.31 -13.26 -20.68
O8 17F N . -16.51 -14.15 -20.23
C9 17F N . -13.61 -14.60 -20.34
O9 17F N . -16.91 -13.37 -24.58
C10 17F N . -12.06 -14.55 -20.09
O10 17F N . -16.34 -11.81 -26.18
C11 17F N . -11.61 -13.50 -18.99
C12 17F N . -10.05 -13.51 -18.78
C17 17F N . -16.12 -12.78 -25.46
C18 17F N . -14.76 -13.45 -25.52
C19 17F N . -13.91 -13.25 -24.26
C20 17F N . -12.36 -13.33 -24.56
C1X 17F N . -9.66 -12.47 -17.71
C1Y 17F N . -11.56 -13.11 -23.25
C1Z 17F N . -10.06 -13.36 -23.46
C2X 17F N . -8.08 -12.41 -17.44
C21 17F N . -7.23 -12.39 -18.75
C22 17F N . -6.99 -11.33 -19.46
C23 17F N . -7.46 -9.97 -19.19
C24 17F N . -6.71 -8.87 -19.93
C25 17F N . -7.19 -7.45 -19.66
C26 17F N . -8.76 -7.23 -19.81
C27 17F N . -9.25 -5.83 -19.55
C28 17F N . -10.82 -5.84 -19.75
C29 17F N . -11.35 -4.51 -19.41
C30 17F N . -12.84 -4.39 -19.57
C31 17F N . -9.09 -12.68 -22.45
C32 17F N . -7.59 -12.93 -22.68
C33 17F N . -7.05 -11.89 -23.65
C34 17F N . -5.79 -11.82 -24.08
C35 17F N . -4.64 -12.73 -23.70
C36 17F N . -4.66 -14.12 -24.40
C37 17F N . -3.40 -14.83 -24.08
C38 17F N . -3.51 -15.81 -22.88
C39 17F N . -2.16 -16.51 -22.60
C40 17F N . -2.37 -17.69 -21.65
C41 17F N . -0.99 -18.09 -20.97
C42 17F N . -1.00 -18.55 -19.50
C1 PCW O . -4.55 2.87 14.10
C2 PCW O . -6.06 3.32 13.92
C3 PCW O . -6.37 4.50 14.90
C4 PCW O . -1.50 0.94 13.88
C5 PCW O . -0.21 0.65 14.65
C6 PCW O . 1.45 1.30 12.81
C7 PCW O . 2.11 1.36 15.17
C8 PCW O . 1.63 -0.12 14.16
C11 PCW O . -8.64 4.50 15.65
C12 PCW O . -10.00 5.04 15.30
C13 PCW O . -10.54 5.84 16.54
C14 PCW O . -11.92 6.47 16.36
C15 PCW O . -13.01 6.05 17.40
C16 PCW O . -14.44 6.01 16.75
C17 PCW O . -14.65 6.73 15.37
C18 PCW O . -15.15 8.17 15.51
C19 PCW O . -16.64 8.24 15.95
C20 PCW O . -17.65 8.64 15.07
C21 PCW O . -17.62 9.03 13.64
C22 PCW O . -18.67 8.14 12.91
C23 PCW O . -19.79 8.86 12.11
C24 PCW O . -20.89 9.50 12.90
C25 PCW O . -20.77 10.97 13.40
C26 PCW O . -20.70 12.06 12.34
C27 PCW O . -21.73 12.01 11.18
C28 PCW O . -22.05 13.41 10.72
C31 PCW O . -6.86 2.93 11.73
C32 PCW O . -7.05 3.59 10.35
C33 PCW O . -8.52 3.49 9.74
C34 PCW O . -8.73 2.26 8.85
C35 PCW O . -10.23 1.80 9.09
C36 PCW O . -10.83 1.07 7.86
C37 PCW O . -12.31 0.59 8.03
C38 PCW O . -13.26 1.39 7.20
C39 PCW O . -14.69 0.94 7.34
C40 PCW O . -15.58 0.78 6.37
C41 PCW O . -15.30 1.03 4.90
C42 PCW O . -16.56 1.78 4.26
C43 PCW O . -16.41 2.36 2.87
C44 PCW O . -17.73 3.01 2.50
C45 PCW O . -17.87 3.43 1.07
C46 PCW O . -17.34 4.80 0.80
C47 PCW O . -16.57 5.00 -0.49
C48 PCW O . -16.08 6.44 -0.63
N PCW O . 1.03 1.25 14.23
O2 PCW O . -6.28 3.81 12.54
O3 PCW O . -7.73 4.91 14.73
O11 PCW O . -8.40 3.81 16.60
O31 PCW O . -7.21 1.75 12.04
O1P PCW O . -2.86 2.22 11.66
O2P PCW O . -1.39 4.14 12.28
O3P PCW O . -3.61 3.79 13.49
O4P PCW O . -1.66 2.38 13.87
P PCW O . -2.35 3.13 12.75
C1 PCW P . -6.38 16.39 16.44
C2 PCW P . -7.78 15.68 16.61
C3 PCW P . -8.90 16.50 15.88
C4 PCW P . -6.63 15.50 20.29
C5 PCW P . -8.15 15.51 20.21
C6 PCW P . -8.63 17.70 21.42
C7 PCW P . -10.15 16.88 19.69
C8 PCW P . -9.76 16.09 21.32
C11 PCW P . -11.30 16.51 15.79
C12 PCW P . -12.48 15.62 16.05
C13 PCW P . -12.39 14.38 15.08
C14 PCW P . -13.54 13.37 15.23
C15 PCW P . -14.62 13.40 14.11
C16 PCW P . -15.85 14.28 14.55
C17 PCW P . -15.63 15.82 14.63
C18 PCW P . -16.57 16.53 15.61
C19 PCW P . -16.66 15.84 17.00
C20 PCW P . -17.76 16.00 17.83
C21 PCW P . -19.02 16.75 17.68
C22 PCW P . -20.04 15.81 16.98
C23 PCW P . -19.91 15.64 15.44
C24 PCW P . -20.13 16.86 14.62
C25 PCW P . -20.77 16.78 13.19
C26 PCW P . -22.13 16.14 13.07
C27 PCW P . -23.37 17.02 13.35
C28 PCW P . -23.82 16.86 14.78
C31 PCW P . -7.85 13.33 16.87
C32 PCW P . -7.82 12.01 16.09
C33 PCW P . -9.20 11.20 16.09
C34 PCW P . -10.07 11.48 14.85
C35 PCW P . -9.81 10.24 13.89
C36 PCW P . -8.77 10.58 12.79
C37 PCW P . -8.46 9.41 11.80
C38 PCW P . -8.27 9.90 10.40
C39 PCW P . -7.97 8.78 9.43
C40 PCW P . -8.84 7.96 8.86
C41 PCW P . -10.34 8.02 9.11
C42 PCW P . -11.03 8.66 7.82
C43 PCW P . -10.61 10.06 7.39
C44 PCW P . -11.42 10.40 6.16
C45 PCW P . -10.66 10.45 4.87
C46 PCW P . -10.06 11.79 4.58
C47 PCW P . -9.02 11.86 3.49
C48 PCW P . -8.50 13.30 3.32
N PCW P . -8.85 16.74 20.32
O2 PCW P . -7.76 14.33 15.99
O3 PCW P . -10.15 15.83 16.06
O11 PCW P . -11.36 17.65 15.41
O31 PCW P . -7.95 13.44 18.12
O1P PCW P . -4.12 14.81 19.07
O2P PCW P . -4.03 17.24 18.53
O3P PCW P . -5.28 15.61 16.97
O4P PCW P . -6.13 16.29 19.17
P PCW P . -4.82 15.98 18.47
C1 PCW Q . -3.91 -14.74 12.37
C2 PCW Q . -4.36 -14.57 10.86
C3 PCW Q . -4.98 -15.93 10.34
C4 PCW Q . 0.13 -14.96 10.80
C5 PCW Q . 1.00 -16.03 11.46
C6 PCW Q . 1.59 -14.61 13.48
C7 PCW Q . 1.94 -17.02 13.53
C8 PCW Q . 2.76 -15.78 12.45
C11 PCW Q . -5.25 -16.87 8.16
C12 PCW Q . -5.73 -16.51 6.78
C13 PCW Q . -6.18 -17.83 6.05
C14 PCW Q . -6.70 -17.63 4.62
C15 PCW Q . -6.50 -18.85 3.66
C16 PCW Q . -7.89 -19.47 3.26
C17 PCW Q . -8.93 -18.51 2.59
C18 PCW Q . -9.33 -18.95 1.18
C19 PCW Q . -10.80 -19.40 1.09
C20 PCW Q . -11.19 -20.70 1.37
C21 PCW Q . -10.42 -21.91 1.78
C22 PCW Q . -11.20 -23.14 1.24
C23 PCW Q . -10.61 -23.86 -0.02
C24 PCW Q . -10.74 -25.35 -0.05
C25 PCW Q . -10.62 -26.14 -1.39
C26 PCW Q . -11.40 -27.42 -1.49
C27 PCW Q . -10.90 -28.51 -2.46
C28 PCW Q . -9.66 -29.18 -1.88
C31 PCW Q . -5.02 -12.29 10.97
C32 PCW Q . -6.23 -11.35 10.84
C33 PCW Q . -7.29 -11.43 12.04
C34 PCW Q . -7.22 -10.24 13.01
C35 PCW Q . -8.27 -9.20 12.47
C36 PCW Q . -9.62 -9.28 13.24
C37 PCW Q . -10.71 -8.27 12.76
C38 PCW Q . -12.09 -8.82 12.92
C39 PCW Q . -13.15 -7.86 12.46
C40 PCW Q . -14.40 -8.15 12.09
C41 PCW Q . -14.97 -9.57 12.07
C42 PCW Q . -16.55 -9.48 11.93
C43 PCW Q . -17.14 -9.19 10.57
C44 PCW Q . -18.66 -9.15 10.73
C45 PCW Q . -19.28 -7.80 10.53
C46 PCW Q . -19.50 -7.44 9.09
C47 PCW Q . -19.97 -6.03 8.82
C48 PCW Q . -20.16 -5.78 7.32
N PCW Q . 1.33 -15.90 12.84
O2 PCW Q . -5.43 -13.53 10.76
O3 PCW Q . -5.38 -15.79 8.98
O11 PCW Q . -4.81 -17.94 8.50
O31 PCW Q . -3.83 -11.91 11.23
O1P PCW Q . -0.98 -17.29 12.80
O2P PCW Q . -1.32 -15.30 13.05
O3P PCW Q . -3.30 -16.02 12.67
O4P PCW Q . -1.28 -15.20 11.13
P PCW Q . -1.84 -16.28 12.06
C1 PCW R . -10.37 -12.06 21.94
C2 PCW R . -10.75 -11.94 20.42
C3 PCW R . -11.77 -13.07 20.04
C4 PCW R . -6.72 -9.43 20.71
C5 PCW R . -5.75 -9.79 19.59
C6 PCW R . -3.97 -10.01 21.22
C7 PCW R . -3.75 -8.45 19.49
C8 PCW R . -3.52 -10.66 18.95
C11 PCW R . -11.84 -13.99 17.82
C12 PCW R . -12.29 -13.65 16.43
C13 PCW R . -13.86 -13.50 16.46
C14 PCW R . -14.51 -13.14 15.12
C15 PCW R . -15.17 -11.74 15.04
C16 PCW R . -16.22 -11.57 16.18
C17 PCW R . -17.64 -11.03 15.78
C18 PCW R . -18.36 -10.30 16.91
C19 PCW R . -19.57 -9.46 16.42
C20 PCW R . -20.86 -9.95 16.44
C21 PCW R . -21.44 -11.25 16.88
C22 PCW R . -21.38 -12.20 15.65
C23 PCW R . -22.17 -13.54 15.75
C24 PCW R . -21.79 -14.48 16.85
C25 PCW R . -22.82 -15.50 17.43
C26 PCW R . -22.25 -16.67 18.22
C27 PCW R . -23.07 -17.20 19.41
C28 PCW R . -23.32 -18.68 19.25
C31 PCW R . -11.13 -10.08 18.99
C32 PCW R . -11.89 -8.75 18.88
C33 PCW R . -12.10 -8.20 17.38
C34 PCW R . -12.77 -6.83 17.32
C35 PCW R . -13.57 -6.81 15.95
C36 PCW R . -15.07 -6.49 16.14
C37 PCW R . -15.90 -6.44 14.82
C38 PCW R . -17.19 -5.70 14.99
C39 PCW R . -18.01 -5.65 13.73
C40 PCW R . -19.32 -5.55 13.63
C41 PCW R . -20.25 -5.45 14.83
C42 PCW R . -21.76 -5.48 14.31
C43 PCW R . -22.07 -6.16 13.00
C44 PCW R . -23.56 -6.05 12.76
C45 PCW R . -24.17 -7.17 11.98
C46 PCW R . -24.89 -6.72 10.72
C47 PCW R . -26.38 -6.51 10.84
C48 PCW R . -26.98 -6.04 9.52
N PCW R . -4.32 -9.73 19.81
O2 PCW R . -11.43 -10.63 20.16
O3 PCW R . -12.12 -12.96 18.66
O11 PCW R . -11.30 -15.01 18.14
O31 PCW R . -10.35 -10.55 18.12
O1P PCW R . -7.04 -10.91 23.20
O2P PCW R . -7.65 -12.77 21.66
O3P PCW R . -9.44 -11.06 22.39
O4P PCW R . -7.66 -10.53 20.80
P PCW R . -7.89 -11.35 22.05
C1 PCW S . 4.01 -11.53 0.09
C2 PCW S . 2.51 -11.07 -0.18
C3 PCW S . 2.03 -10.14 0.98
C4 PCW S . 4.64 -7.23 0.55
C5 PCW S . 4.91 -5.94 -0.21
C6 PCW S . 5.83 -4.45 1.45
C7 PCW S . 6.29 -4.08 -0.82
C8 PCW S . 7.34 -5.83 0.17
C11 PCW S . 0.45 -8.39 0.55
C12 PCW S . -1.03 -8.16 0.34
C13 PCW S . -1.21 -6.86 -0.53
C14 PCW S . -2.65 -6.48 -0.83
C15 PCW S . -3.46 -5.91 0.37
C16 PCW S . -4.91 -6.54 0.42
C17 PCW S . -6.10 -5.63 0.05
C18 PCW S . -7.33 -5.84 0.93
C19 PCW S . -8.48 -4.86 0.59
C20 PCW S . -9.53 -4.62 1.48
C21 PCW S . -9.82 -5.12 2.84
C22 PCW S . -11.36 -5.01 3.02
C23 PCW S . -11.99 -5.77 4.22
C24 PCW S . -12.03 -7.26 4.13
C25 PCW S . -13.37 -8.03 4.11
C26 PCW S . -14.03 -8.21 2.76
C27 PCW S . -15.26 -7.32 2.44
C28 PCW S . -14.84 -5.90 2.25
C31 PCW S . 1.94 -10.98 -2.48
C32 PCW S . 1.94 -10.05 -3.70
C33 PCW S . 2.61 -10.66 -5.01
C34 PCW S . 1.85 -11.85 -5.62
C35 PCW S . 1.26 -11.32 -6.98
C36 PCW S . 1.73 -12.14 -8.21
C37 PCW S . 1.18 -11.65 -9.58
C38 PCW S . 2.02 -12.11 -10.73
C39 PCW S . 1.50 -11.66 -12.06
C40 PCW S . 0.88 -12.41 -12.98
C41 PCW S . 0.61 -13.89 -12.80
C42 PCW S . -0.83 -14.05 -12.12
C43 PCW S . -0.96 -14.93 -10.90
C44 PCW S . -2.42 -14.89 -10.47
C45 PCW S . -2.69 -15.50 -9.11
C46 PCW S . -2.40 -14.58 -7.96
C47 PCW S . -2.35 -15.22 -6.60
C48 PCW S . -2.05 -14.18 -5.51
N PCW S . 6.04 -5.12 0.14
O2 PCW S . 2.45 -10.29 -1.44
O3 PCW S . 0.68 -9.72 0.73
O11 PCW S . 1.28 -7.53 0.58
O31 PCW S . 1.53 -12.17 -2.47
O1P PCW S . 5.08 -9.77 1.93
O2P PCW S . 7.18 -9.74 0.55
O3P PCW S . 4.99 -10.64 -0.46
O4P PCW S . 5.42 -8.26 -0.08
P PCW S . 5.71 -9.61 0.56
C1 PCW T . 4.36 22.58 -0.59
C2 PCW T . 3.05 23.09 -1.32
C3 PCW T . 2.84 22.27 -2.64
C4 PCW T . 5.85 17.91 -0.41
C5 PCW T . 6.12 16.82 0.61
C6 PCW T . 7.56 14.75 0.93
C7 PCW T . 8.59 16.98 0.91
C8 PCW T . 7.39 16.29 2.14
C11 PCW T . 1.52 22.47 -4.65
C12 PCW T . 0.20 23.02 -5.14
C13 PCW T . 0.35 23.31 -6.69
C14 PCW T . -0.90 23.89 -7.38
C15 PCW T . -0.69 24.29 -8.87
C16 PCW T . -0.07 23.11 -9.69
C17 PCW T . -0.69 22.81 -11.10
C18 PCW T . -0.54 21.35 -11.54
C19 PCW T . 0.92 20.99 -11.95
C20 PCW T . 1.22 20.26 -13.09
C21 PCW T . 0.38 19.67 -14.15
C22 PCW T . 0.63 18.12 -14.10
C23 PCW T . 0.03 17.26 -15.24
C24 PCW T . 0.37 15.81 -15.23
C25 PCW T . 0.26 14.95 -16.53
C26 PCW T . 0.85 13.56 -16.46
C27 PCW T . 0.04 12.46 -15.73
C28 PCW T . 0.95 11.66 -14.84
C31 PCW T . 1.73 23.73 0.55
C32 PCW T . 0.46 23.37 1.35
C33 PCW T . -0.86 24.16 0.91
C34 PCW T . -1.11 24.14 -0.60
C35 PCW T . -2.56 23.53 -0.77
C36 PCW T . -2.76 22.84 -2.15
C37 PCW T . -4.17 22.22 -2.39
C38 PCW T . -5.10 23.19 -3.02
C39 PCW T . -6.48 22.61 -3.25
C40 PCW T . -7.13 22.56 -4.41
C41 PCW T . -6.60 23.10 -5.73
C42 PCW T . -7.80 23.86 -6.47
C43 PCW T . -9.02 23.06 -6.87
C44 PCW T . -9.97 24.03 -7.55
C45 PCW T . -10.81 23.44 -8.65
C46 PCW T . -10.77 24.24 -9.93
C47 PCW T . -12.10 24.77 -10.41
C48 PCW T . -11.93 25.56 -11.71
N PCW T . 7.40 16.19 0.65
O2 PCW T . 1.86 22.86 -0.45
O3 PCW T . 1.65 22.73 -3.31
O11 PCW T . 2.32 21.88 -5.33
O31 PCW T . 2.51 24.69 0.80
O1P PCW T . 6.52 20.51 -1.51
O2P PCW T . 6.61 21.17 0.89
O3P PCW T . 4.37 21.16 -0.34
O4P PCW T . 5.52 19.11 0.32
P PCW T . 5.84 20.51 -0.17
C1 PCW U . -0.11 -14.74 4.95
C2 PCW U . -1.03 -14.12 3.82
C3 PCW U . -0.69 -14.80 2.45
C4 PCW U . 3.33 -15.39 4.70
C5 PCW U . 3.45 -16.91 4.60
C6 PCW U . 4.85 -17.70 6.42
C7 PCW U . 5.86 -16.86 4.49
C8 PCW U . 4.88 -18.91 4.35
C11 PCW U . -0.93 -13.81 0.28
C12 PCW U . -1.98 -13.27 -0.66
C13 PCW U . -2.30 -11.78 -0.23
C14 PCW U . -3.36 -11.08 -1.08
C15 PCW U . -2.88 -10.56 -2.47
C16 PCW U . -4.12 -10.13 -3.33
C17 PCW U . -4.74 -8.72 -3.04
C18 PCW U . -5.64 -8.22 -4.16
C19 PCW U . -7.13 -8.60 -3.97
C20 PCW U . -7.81 -9.42 -4.84
C21 PCW U . -7.42 -10.12 -6.09
C22 PCW U . -7.50 -11.64 -5.78
C23 PCW U . -6.20 -12.36 -5.32
C24 PCW U . -6.08 -13.82 -5.63
C25 PCW U . -5.94 -14.33 -7.09
C26 PCW U . -7.17 -14.98 -7.71
C27 PCW U . -7.30 -14.97 -9.25
C28 PCW U . -6.63 -16.20 -9.83
C31 PCW U . -3.18 -13.34 4.46
C32 PCW U . -4.62 -13.81 4.73
C33 PCW U . -5.63 -13.64 3.48
C34 PCW U . -6.98 -13.04 3.88
C35 PCW U . -7.90 -14.28 4.25
C36 PCW U . -9.27 -14.24 3.55
C37 PCW U . -10.23 -15.42 3.88
C38 PCW U . -11.66 -15.11 3.54
C39 PCW U . -12.60 -16.24 3.84
C40 PCW U . -13.75 -16.51 3.25
C41 PCW U . -14.33 -15.69 2.11
C42 PCW U . -15.85 -16.15 1.91
C43 PCW U . -16.22 -16.96 0.68
C44 PCW U . -17.71 -17.24 0.76
C45 PCW U . -18.28 -18.03 -0.39
C46 PCW U . -19.76 -17.88 -0.57
C47 PCW U . -20.22 -16.67 -1.35
C48 PCW U . -21.76 -16.64 -1.45
N PCW U . 4.70 -17.55 4.95
O2 PCW U . -2.46 -14.42 4.12
O3 PCW U . -1.53 -14.24 1.42
O11 PCW U . 0.24 -13.85 0.04
O31 PCW U . -2.75 -12.16 4.54
O1P PCW U . 2.53 -12.65 5.24
O2P PCW U . 2.31 -13.51 7.57
O3P PCW U . 0.37 -13.78 5.92
O4P PCW U . 2.43 -15.10 5.80
P PCW U . 1.96 -13.71 6.15
C1 PCW V . 3.06 9.00 -1.68
C2 PCW V . 2.16 10.15 -2.29
C3 PCW V . 1.55 9.68 -3.64
C4 PCW V . 7.30 8.67 0.56
C5 PCW V . 7.41 8.81 2.08
C6 PCW V . 6.72 10.74 3.35
C7 PCW V . 8.36 10.99 1.72
C8 PCW V . 8.97 9.93 3.64
C11 PCW V . 1.12 11.27 -5.38
C12 PCW V . 0.11 12.31 -5.80
C13 PCW V . 0.75 13.74 -5.61
C14 PCW V . -0.18 14.90 -5.99
C15 PCW V . -0.06 15.40 -7.47
C16 PCW V . -1.35 16.22 -7.87
C17 PCW V . -1.48 17.68 -7.32
C18 PCW V . -2.51 18.53 -8.06
C19 PCW V . -2.03 20.00 -8.27
C20 PCW V . -2.89 21.00 -8.69
C21 PCW V . -4.34 21.02 -9.02
C22 PCW V . -4.72 22.52 -9.23
C23 PCW V . -5.05 22.97 -10.68
C24 PCW V . -6.48 23.27 -10.99
C25 PCW V . -7.02 23.08 -12.44
C26 PCW V . -8.51 23.29 -12.63
C27 PCW V . -9.41 22.04 -12.61
C28 PCW V . -9.87 21.70 -14.01
C31 PCW V . 1.11 11.68 -0.82
C32 PCW V . -0.13 11.86 0.09
C33 PCW V . -0.61 13.37 0.34
C34 PCW V . -1.34 13.56 1.66
C35 PCW V . -2.58 14.49 1.35
C36 PCW V . -3.93 13.75 1.60
C37 PCW V . -5.21 14.61 1.32
C38 PCW V . -6.12 13.98 0.32
C39 PCW V . -7.35 14.81 0.06
C40 PCW V . -8.45 14.44 -0.59
C41 PCW V . -8.68 13.07 -1.19
C42 PCW V . -9.91 13.17 -2.21
C43 PCW V . -11.32 12.97 -1.68
C44 PCW V . -12.27 13.11 -2.85
C45 PCW V . -13.17 14.32 -2.82
C46 PCW V . -14.62 13.99 -2.68
C47 PCW V . -15.60 15.13 -2.83
C48 PCW V . -17.03 14.66 -2.65
N PCW V . 7.84 10.05 2.67
O2 PCW V . 1.04 10.46 -1.37
O3 PCW V . 0.73 10.71 -4.20
O11 PCW V . 2.10 10.97 -6.01
O31 PCW V . 2.02 12.54 -0.99
O1P PCW V . 5.38 10.85 0.39
O2P PCW V . 3.75 9.08 1.05
O3P PCW V . 4.42 9.38 -1.42
O4P PCW V . 5.91 8.39 0.24
P PCW V . 4.84 9.46 0.13
C1 PCW W . 12.38 0.46 -12.88
C2 PCW W . 12.01 -0.12 -14.31
C3 PCW W . 10.86 -1.18 -14.16
C4 PCW W . 13.64 0.49 -9.44
C5 PCW W . 13.56 1.25 -8.11
C6 PCW W . 11.21 2.24 -8.26
C7 PCW W . 12.18 1.63 -6.08
C8 PCW W . 12.77 2.92 -7.25
C11 PCW W . 9.65 -2.78 -15.48
C12 PCW W . 9.43 -3.21 -16.90
C13 PCW W . 7.90 -3.36 -17.17
C14 PCW W . 7.53 -3.80 -18.58
C15 PCW W . 6.01 -3.84 -18.91
C16 PCW W . 5.77 -3.82 -20.46
C17 PCW W . 4.56 -4.63 -21.02
C18 PCW W . 3.74 -3.86 -22.05
C19 PCW W . 4.42 -3.82 -23.45
C20 PCW W . 4.16 -4.76 -24.43
C21 PCW W . 3.26 -5.95 -24.47
C22 PCW W . 1.80 -5.42 -24.49
C23 PCW W . 0.70 -6.39 -24.99
C24 PCW W . -0.09 -5.96 -26.20
C25 PCW W . 0.61 -5.34 -27.45
C26 PCW W . 1.55 -6.25 -28.22
C27 PCW W . 3.06 -5.97 -28.13
C28 PCW W . 3.84 -7.27 -28.15
C31 PCW W . 12.34 1.36 -16.14
C32 PCW W . 11.68 2.50 -16.92
C33 PCW W . 11.80 2.41 -18.52
C34 PCW W . 10.97 3.45 -19.26
C35 PCW W . 10.80 2.91 -20.74
C36 PCW W . 9.42 3.29 -21.35
C37 PCW W . 9.18 2.79 -22.80
C38 PCW W . 7.73 2.51 -23.06
C39 PCW W . 7.47 2.02 -24.48
C40 PCW W . 6.70 2.60 -25.39
C41 PCW W . 5.91 3.88 -25.15
C42 PCW W . 5.85 4.68 -26.53
C43 PCW W . 4.48 4.91 -27.16
C44 PCW W . 4.70 5.69 -28.45
C45 PCW W . 4.86 4.84 -29.69
C46 PCW W . 3.61 4.73 -30.51
C47 PCW W . 3.50 3.52 -31.40
C48 PCW W . 2.18 3.52 -32.19
N PCW W . 12.30 1.54 -7.52
O2 PCW W . 11.50 0.99 -15.17
O3 PCW W . 10.51 -1.72 -15.44
O11 PCW W . 9.15 -3.30 -14.51
O31 PCW W . 13.48 0.86 -16.39
O1P PCW W . 15.01 -0.33 -11.91
O2P PCW W . 15.78 2.03 -11.92
O3P PCW W . 13.48 1.40 -12.89
O4P PCW W . 13.92 1.45 -10.49
P PCW W . 14.63 1.10 -11.79
C1 PCW X . 8.55 -8.01 -4.93
C2 PCW X . 7.75 -7.14 -5.98
C3 PCW X . 8.17 -7.54 -7.44
C4 PCW X . 9.89 -11.21 -4.41
C5 PCW X . 8.69 -11.50 -3.52
C6 PCW X . 6.16 -11.30 -3.75
C7 PCW X . 7.34 -13.24 -4.67
C8 PCW X . 7.18 -12.74 -2.89
C11 PCW X . 7.08 -7.40 -9.57
C12 PCW X . 6.30 -6.45 -10.43
C13 PCW X . 7.19 -6.04 -11.66
C14 PCW X . 6.53 -5.08 -12.65
C15 PCW X . 6.28 -3.63 -12.13
C16 PCW X . 4.79 -3.20 -12.37
C17 PCW X . 4.06 -2.48 -11.19
C18 PCW X . 3.08 -1.39 -11.63
C19 PCW X . 3.01 -0.20 -10.65
C20 PCW X . 2.00 0.74 -10.68
C21 PCW X . 0.81 0.90 -11.55
C22 PCW X . 0.79 2.39 -12.02
C23 PCW X . -0.21 3.34 -11.31
C24 PCW X . -1.64 3.24 -11.72
C25 PCW X . -2.79 3.20 -10.66
C26 PCW X . -2.62 4.11 -9.45
C27 PCW X . -2.90 5.61 -9.63
C28 PCW X . -3.72 6.11 -8.46
C31 PCW X . 5.72 -6.92 -4.74
C32 PCW X . 4.22 -7.28 -4.77
C33 PCW X . 3.27 -6.33 -3.89
C34 PCW X . 1.79 -6.46 -4.23
C35 PCW X . 1.61 -5.74 -5.63
C36 PCW X . 0.17 -5.84 -6.18
C37 PCW X . -0.08 -5.16 -7.57
C38 PCW X . 0.22 -3.70 -7.55
C39 PCW X . -0.01 -3.03 -8.87
C40 PCW X . -0.59 -1.85 -9.09
C41 PCW X . -1.13 -0.96 -7.99
C42 PCW X . -2.39 -0.17 -8.57
C43 PCW X . -3.71 -0.92 -8.70
C44 PCW X . -4.72 0.07 -9.27
C45 PCW X . -5.52 -0.43 -10.44
C46 PCW X . -5.80 0.62 -11.47
C47 PCW X . -5.41 0.29 -12.89
C48 PCW X . -5.75 1.45 -13.84
N PCW X . 7.45 -11.91 -4.11
O2 PCW X . 6.27 -7.42 -5.85
O3 PCW X . 7.43 -6.78 -8.40
O11 PCW X . 7.36 -8.53 -9.86
O31 PCW X . 6.30 -6.27 -3.83
O1P PCW X . 10.96 -9.35 -6.39
O2P PCW X . 12.34 -8.57 -4.46
O3P PCW X . 9.94 -7.66 -4.81
O4P PCW X . 10.41 -9.92 -4.00
P PCW X . 10.98 -8.90 -4.96
C1 PCW Y . -7.45 -14.97 17.41
C2 PCW Y . -7.59 -16.08 16.30
C3 PCW Y . -8.77 -17.05 16.65
C4 PCW Y . -3.69 -17.30 18.61
C5 PCW Y . -4.44 -18.62 18.83
C6 PCW Y . -2.79 -20.22 18.08
C7 PCW Y . -4.39 -19.44 16.57
C8 PCW Y . -5.10 -20.90 18.16
C11 PCW Y . -8.38 -19.31 15.83
C12 PCW Y . -8.70 -20.17 14.64
C13 PCW Y . -8.68 -21.68 15.06
C14 PCW Y . -8.99 -22.66 13.93
C15 PCW Y . -7.93 -23.78 13.66
C16 PCW Y . -8.34 -24.66 12.43
C17 PCW Y . -7.47 -24.54 11.13
C18 PCW Y . -7.86 -25.54 10.04
C19 PCW Y . -7.07 -25.32 8.73
C20 PCW Y . -7.38 -26.01 7.56
C21 PCW Y . -8.39 -27.05 7.23
C22 PCW Y . -9.36 -26.42 6.18
C23 PCW Y . -10.83 -26.19 6.61
C24 PCW Y . -11.88 -26.26 5.55
C25 PCW Y . -13.38 -25.99 5.89
C26 PCW Y . -14.34 -27.15 5.73
C27 PCW Y . -14.50 -28.13 6.93
C28 PCW Y . -15.62 -27.66 7.83
C31 PCW Y . -7.01 -15.69 14.05
C32 PCW Y . -7.45 -14.97 12.76
C33 PCW Y . -8.99 -15.14 12.36
C34 PCW Y . -9.35 -14.47 11.03
C35 PCW Y . -8.97 -15.53 9.91
C36 PCW Y . -9.66 -15.25 8.56
C37 PCW Y . -9.33 -16.26 7.41
C38 PCW Y . -10.33 -17.37 7.32
C39 PCW Y . -10.01 -18.35 6.23
C40 PCW Y . -10.86 -19.16 5.59
C41 PCW Y . -12.35 -19.23 5.88
C42 PCW Y . -12.86 -20.71 5.56
C43 PCW Y . -13.92 -20.89 4.50
C44 PCW Y . -14.22 -22.38 4.41
C45 PCW Y . -14.23 -22.95 3.01
C46 PCW Y . -15.03 -24.22 2.89
C47 PCW Y . -14.94 -24.95 1.58
C48 PCW Y . -15.80 -26.22 1.60
N PCW Y . -4.19 -19.74 17.95
O2 PCW Y . -7.91 -15.43 14.99
O3 PCW Y . -8.91 -18.05 15.63
O11 PCW Y . -7.78 -19.66 16.82
O31 PCW Y . -5.98 -16.41 14.18
O1P PCW Y . -4.67 -15.07 17.02
O2P PCW Y . -4.67 -13.88 19.22
O3P PCW Y . -6.66 -15.36 18.55
O4P PCW Y . -4.52 -16.27 19.22
P PCW Y . -5.07 -15.09 18.46
C1 PCW Z . -0.57 14.37 15.18
C2 PCW Z . -1.56 14.63 13.97
C3 PCW Z . -0.96 14.06 12.64
C4 PCW Z . -1.62 10.11 14.81
C5 PCW Z . -3.12 10.09 14.52
C6 PCW Z . -4.21 10.22 12.21
C7 PCW Z . -3.95 8.06 13.35
C8 PCW Z . -4.97 9.50 13.88
C11 PCW Z . -1.51 13.94 10.31
C12 PCW Z . -2.60 14.32 9.34
C13 PCW Z . -3.60 13.11 9.22
C14 PCW Z . -4.78 13.33 8.27
C15 PCW Z . -6.05 13.93 8.91
C16 PCW Z . -7.29 12.98 8.71
C17 PCW Z . -8.05 13.06 7.35
C18 PCW Z . -8.92 14.31 7.21
C19 PCW Z . -10.32 14.15 7.85
C20 PCW Z . -11.33 15.09 7.68
C21 PCW Z . -11.40 16.36 6.93
C22 PCW Z . -12.15 16.05 5.60
C23 PCW Z . -12.94 17.21 4.94
C24 PCW Z . -14.41 16.98 4.72
C25 PCW Z . -14.95 16.52 3.35
C26 PCW Z . -15.42 17.61 2.39
C27 PCW Z . -15.63 17.23 0.92
C28 PCW Z . -16.66 16.12 0.80
C31 PCW Z . -3.93 14.66 13.82
C32 PCW Z . -5.19 13.84 14.11
C33 PCW Z . -6.10 13.49 12.83
C34 PCW Z . -6.97 14.65 12.38
C35 PCW Z . -8.45 14.24 12.76
C36 PCW Z . -9.35 14.03 11.52
C37 PCW Z . -10.83 13.62 11.82
C38 PCW Z . -11.26 12.43 11.03
C39 PCW Z . -12.68 12.02 11.33
C40 PCW Z . -13.61 11.66 10.44
C41 PCW Z . -13.38 11.58 8.94
C42 PCW Z . -14.13 12.81 8.26
C43 PCW Z . -14.71 12.64 6.87
C44 PCW Z . -15.36 13.96 6.49
C45 PCW Z . -16.85 13.92 6.25
C46 PCW Z . -17.23 13.53 4.84
C47 PCW Z . -18.70 13.45 4.54
C48 PCW Z . -18.95 13.06 3.08
N PCW Z . -3.59 9.46 13.32
O2 PCW Z . -2.87 13.96 14.20
O3 PCW Z . -1.87 14.33 11.56
O11 PCW Z . -0.49 13.38 10.02
O31 PCW Z . -3.90 15.82 13.29
O1P PCW Z . 0.64 11.92 14.91
O2P PCW Z . 0.39 11.63 17.37
O3P PCW Z . -1.04 13.37 16.13
O4P PCW Z . -1.44 10.97 15.96
P PCW Z . -0.29 11.94 16.09
C1 PCW AA . 16.00 -4.46 -17.68
C2 PCW AA . 14.55 -3.82 -17.66
C3 PCW AA . 14.63 -2.31 -18.03
C4 PCW AA . 17.37 -2.50 -13.92
C5 PCW AA . 17.35 -0.97 -13.87
C6 PCW AA . 18.77 0.68 -12.52
C7 PCW AA . 19.47 -0.04 -14.76
C8 PCW AA . 17.96 0.93 -14.30
C11 PCW AA . 12.58 -1.65 -19.14
C12 PCW AA . 11.27 -0.95 -18.82
C13 PCW AA . 10.41 -0.84 -20.13
C14 PCW AA . 9.07 -0.15 -19.95
C15 PCW AA . 7.86 -0.79 -20.69
C16 PCW AA . 6.51 -0.26 -20.07
C17 PCW AA . 5.25 -0.21 -21.00
C18 PCW AA . 3.96 0.12 -20.26
C19 PCW AA . 2.76 -0.76 -20.70
C20 PCW AA . 1.45 -0.50 -20.31
C21 PCW AA . 0.84 0.56 -19.46
C22 PCW AA . -0.70 0.48 -19.69
C23 PCW AA . -1.28 1.17 -20.96
C24 PCW AA . -2.67 1.71 -20.85
C25 PCW AA . -3.31 2.53 -22.02
C26 PCW AA . -4.01 1.73 -23.11
C27 PCW AA . -5.34 2.30 -23.67
C28 PCW AA . -6.49 1.92 -22.78
C31 PCW AA . 12.89 -5.43 -18.20
C32 PCW AA . 12.10 -5.99 -19.39
C33 PCW AA . 10.58 -5.48 -19.54
C34 PCW AA . 9.57 -6.61 -19.64
C35 PCW AA . 9.07 -6.62 -21.14
C36 PCW AA . 7.72 -7.35 -21.33
C37 PCW AA . 7.18 -7.40 -22.79
C38 PCW AA . 6.30 -8.59 -23.04
C39 PCW AA . 5.79 -8.65 -24.46
C40 PCW AA . 4.64 -9.17 -24.89
C41 PCW AA . 3.59 -9.83 -24.02
C42 PCW AA . 2.17 -9.68 -24.72
C43 PCW AA . 2.04 -10.04 -26.19
C44 PCW AA . 0.59 -9.80 -26.58
C45 PCW AA . 0.32 -9.69 -28.05
C46 PCW AA . -1.08 -9.27 -28.40
C47 PCW AA . -1.23 -8.35 -29.59
C48 PCW AA . -2.70 -8.00 -29.83
N PCW AA . 18.58 -0.26 -13.64
O2 PCW AA . 13.70 -4.48 -18.69
O3 PCW AA . 13.33 -1.71 -17.99
O11 PCW AA . 12.93 -2.06 -20.22
O31 PCW AA . 12.79 -5.80 -17.00
O1P PCW AA . 18.40 -5.07 -14.77
O2P PCW AA . 18.77 -3.86 -16.93
O3P PCW AA . 16.46 -4.91 -16.39
O4P PCW AA . 17.29 -2.88 -15.32
P PCW AA . 17.81 -4.20 -15.85
C1 PCW BA . 14.33 -18.93 -14.91
C2 PCW BA . 13.50 -17.90 -15.77
C3 PCW BA . 14.06 -17.83 -17.23
C4 PCW BA . 12.96 -16.64 -10.93
C5 PCW BA . 12.69 -15.15 -10.76
C6 PCW BA . 14.67 -14.62 -9.47
C7 PCW BA . 12.63 -14.93 -8.36
C8 PCW BA . 12.90 -13.00 -9.55
C11 PCW BA . 13.58 -15.56 -17.89
C12 PCW BA . 12.61 -14.77 -18.73
C13 PCW BA . 13.30 -13.43 -19.16
C14 PCW BA . 12.45 -12.49 -20.02
C15 PCW BA . 11.97 -13.05 -21.38
C16 PCW BA . 13.07 -12.88 -22.49
C17 PCW BA . 12.84 -13.60 -23.85
C18 PCW BA . 11.82 -12.89 -24.74
C19 PCW BA . 10.37 -13.17 -24.32
C20 PCW BA . 9.33 -13.18 -25.23
C21 PCW BA . 9.30 -12.95 -26.70
C22 PCW BA . 8.69 -11.53 -26.92
C23 PCW BA . 9.69 -10.36 -27.19
C24 PCW BA . 9.48 -9.57 -28.45
C25 PCW BA . 10.67 -8.88 -29.18
C26 PCW BA . 10.45 -8.54 -30.63
C27 PCW BA . 9.52 -7.34 -30.96
C28 PCW BA . 10.32 -6.05 -31.01
C31 PCW BA . 11.20 -17.44 -15.48
C32 PCW BA . 9.79 -18.04 -15.63
C33 PCW BA . 9.66 -19.31 -16.60
C34 PCW BA . 10.17 -19.05 -18.02
C35 PCW BA . 8.97 -18.34 -18.79
C36 PCW BA . 8.70 -18.95 -20.18
C37 PCW BA . 7.54 -18.30 -20.99
C38 PCW BA . 6.25 -19.04 -20.81
C39 PCW BA . 5.11 -18.44 -21.58
C40 PCW BA . 4.40 -19.02 -22.53
C41 PCW BA . 4.63 -20.45 -23.03
C42 PCW BA . 4.74 -20.39 -24.62
C43 PCW BA . 3.53 -19.92 -25.41
C44 PCW BA . 3.90 -19.98 -26.88
C45 PCW BA . 3.30 -18.90 -27.74
C46 PCW BA . 1.83 -19.08 -27.98
C47 PCW BA . 1.09 -17.83 -28.42
C48 PCW BA . -0.40 -18.12 -28.66
N PCW BA . 13.19 -14.46 -9.60
O2 PCW BA . 12.09 -18.36 -15.85
O3 PCW BA . 13.27 -16.88 -17.99
O11 PCW BA . 14.48 -15.09 -17.24
O31 PCW BA . 11.46 -16.27 -15.08
O1P PCW BA . 15.47 -17.93 -11.60
O2P PCW BA . 15.27 -16.56 -13.68
O3P PCW BA . 14.08 -18.84 -13.49
O4P PCW BA . 13.32 -16.84 -12.33
P PCW BA . 14.61 -17.51 -12.75
C1 PCW CA . 6.90 14.93 -2.86
C2 PCW CA . 6.13 15.36 -4.17
C3 PCW CA . 4.86 14.45 -4.36
C4 PCW CA . 9.61 14.30 -6.03
C5 PCW CA . 8.71 15.08 -6.97
C6 PCW CA . 9.31 15.98 -9.28
C7 PCW CA . 8.06 13.88 -9.04
C8 PCW CA . 7.52 15.60 -8.56
C11 PCW CA . 4.59 14.30 -6.74
C12 PCW CA . 3.74 14.82 -7.86
C13 PCW CA . 3.18 13.58 -8.66
C14 PCW CA . 2.29 13.91 -9.86
C15 PCW CA . 1.65 12.68 -10.57
C16 PCW CA . 0.65 13.14 -11.70
C17 PCW CA . -0.88 12.99 -11.41
C18 PCW CA . -1.74 14.04 -12.12
C19 PCW CA . -1.22 15.48 -11.95
C20 PCW CA . -2.06 16.59 -11.97
C21 PCW CA . -3.52 16.74 -12.13
C22 PCW CA . -3.95 18.05 -11.40
C23 PCW CA . -4.39 19.26 -12.28
C24 PCW CA . -5.85 19.38 -12.59
C25 PCW CA . -6.63 18.22 -13.28
C26 PCW CA . -8.12 18.39 -13.43
C27 PCW CA . -9.03 17.37 -12.73
C28 PCW CA . -9.33 17.82 -11.32
C31 PCW CA . 6.22 17.59 -4.93
C32 PCW CA . 5.66 19.00 -4.68
C33 PCW CA . 4.06 19.10 -4.64
C34 PCW CA . 3.38 18.51 -5.87
C35 PCW CA . 2.19 17.63 -5.33
C36 PCW CA . 1.17 18.45 -4.47
C37 PCW CA . -0.03 17.64 -3.90
C38 PCW CA . -0.97 18.52 -3.13
C39 PCW CA . -2.14 17.76 -2.57
C40 PCW CA . -3.42 17.97 -2.84
C41 PCW CA . -3.93 19.03 -3.79
C42 PCW CA . -5.01 18.38 -4.76
C43 PCW CA . -5.50 19.18 -5.94
C44 PCW CA . -6.50 18.30 -6.69
C45 PCW CA . -7.46 19.05 -7.58
C46 PCW CA . -8.77 18.33 -7.79
C47 PCW CA . -10.02 19.17 -7.62
C48 PCW CA . -11.28 18.33 -7.87
N PCW CA . 8.84 14.91 -8.38
O2 PCW CA . 5.67 16.77 -4.04
O3 PCW CA . 4.16 14.84 -5.56
O11 PCW CA . 5.50 13.52 -6.86
O31 PCW CA . 7.07 17.28 -5.81
O1P PCW CA . 10.70 14.71 -3.36
O2P PCW CA . 9.12 12.88 -2.76
O3P PCW CA . 8.29 15.30 -2.87
O4P PCW CA . 8.81 13.98 -4.87
P PCW CA . 9.30 14.17 -3.43
C1 PCW DA . 11.22 -10.04 -11.95
C2 PCW DA . 10.16 -9.50 -12.98
C3 PCW DA . 10.89 -8.88 -14.23
C4 PCW DA . 13.66 -7.41 -11.79
C5 PCW DA . 15.13 -7.06 -11.55
C6 PCW DA . 16.98 -5.30 -11.45
C7 PCW DA . 14.65 -4.68 -11.05
C8 PCW DA . 15.70 -5.81 -10.03
C11 PCW DA . 9.73 -7.06 -15.26
C12 PCW DA . 8.69 -6.77 -16.32
C13 PCW DA . 7.30 -7.31 -15.81
C14 PCW DA . 6.14 -7.10 -16.78
C15 PCW DA . 4.80 -6.66 -16.13
C16 PCW DA . 3.68 -6.49 -17.21
C17 PCW DA . 2.64 -5.35 -16.98
C18 PCW DA . 2.00 -4.84 -18.27
C19 PCW DA . 0.46 -4.95 -18.27
C20 PCW DA . -0.25 -5.50 -19.34
C21 PCW DA . 0.17 -6.08 -20.64
C22 PCW DA . -0.88 -7.16 -21.01
C23 PCW DA . -0.79 -8.52 -20.26
C24 PCW DA . -1.98 -9.43 -20.37
C25 PCW DA . -2.09 -10.48 -21.51
C26 PCW DA . -0.97 -11.50 -21.61
C27 PCW DA . -1.00 -12.51 -22.76
C28 PCW DA . 0.40 -12.96 -23.09
C31 PCW DA . 8.01 -10.44 -13.29
C32 PCW DA . 7.27 -11.66 -13.85
C33 PCW DA . 6.47 -11.42 -15.22
C34 PCW DA . 4.95 -11.36 -15.03
C35 PCW DA . 4.50 -12.79 -14.51
C36 PCW DA . 4.23 -13.80 -15.64
C37 PCW DA . 3.78 -15.23 -15.19
C38 PCW DA . 4.96 -16.16 -15.09
C39 PCW DA . 4.57 -17.54 -14.65
C40 PCW DA . 4.84 -18.69 -15.28
C41 PCW DA . 5.59 -18.77 -16.60
C42 PCW DA . 5.10 -20.06 -17.39
C43 PCW DA . 3.70 -20.09 -17.95
C44 PCW DA . 3.52 -21.44 -18.64
C45 PCW DA . 2.77 -22.46 -17.83
C46 PCW DA . 1.60 -23.06 -18.57
C47 PCW DA . 0.73 -24.01 -17.78
C48 PCW DA . -0.42 -24.55 -18.64
N PCW DA . 15.55 -5.69 -11.52
O2 PCW DA . 9.32 -10.63 -13.48
O3 PCW DA . 9.91 -8.41 -15.16
O11 PCW DA . 10.31 -6.22 -14.63
O31 PCW DA . 7.47 -9.42 -12.77
O1P PCW DA . 14.02 -10.11 -10.73
O2P PCW DA . 14.89 -10.57 -13.01
O3P PCW DA . 12.37 -10.66 -12.55
O4P PCW DA . 13.62 -8.56 -12.69
P PCW DA . 13.80 -9.99 -12.21
C1 PCW EA . 0.07 -20.30 6.13
C2 PCW EA . -0.82 -21.31 5.31
C3 PCW EA . -1.09 -20.74 3.88
C4 PCW EA . 3.11 -23.41 6.33
C5 PCW EA . 4.43 -23.97 6.88
C6 PCW EA . 6.13 -25.89 6.84
C7 PCW EA . 3.83 -26.26 6.06
C8 PCW EA . 5.12 -25.15 5.32
C11 PCW EA . -3.27 -21.45 3.14
C12 PCW EA . -3.94 -22.51 2.30
C13 PCW EA . -3.72 -22.14 0.79
C14 PCW EA . -4.36 -23.10 -0.22
C15 PCW EA . -3.81 -24.57 -0.19
C16 PCW EA . -4.99 -25.61 -0.32
C17 PCW EA . -5.47 -25.97 -1.77
C18 PCW EA . -6.80 -25.32 -2.14
C19 PCW EA . -6.91 -25.00 -3.65
C20 PCW EA . -7.89 -24.16 -4.16
C21 PCW EA . -8.99 -23.40 -3.54
C22 PCW EA . -10.04 -23.12 -4.65
C23 PCW EA . -10.03 -21.73 -5.33
C24 PCW EA . -9.87 -20.53 -4.45
C25 PCW EA . -10.44 -19.15 -4.89
C26 PCW EA . -9.58 -17.94 -4.60
C27 PCW EA . -9.18 -17.05 -5.80
C28 PCW EA . -10.37 -16.26 -6.27
C31 PCW EA . -0.87 -23.67 5.50
C32 PCW EA . -0.04 -24.94 5.28
C33 PCW EA . -0.05 -26.02 6.46
C34 PCW EA . -1.44 -26.52 6.84
C35 PCW EA . -1.79 -27.66 5.80
C36 PCW EA . -3.10 -28.39 6.16
C37 PCW EA . -3.53 -29.54 5.20
C38 PCW EA . -4.99 -29.84 5.33
C39 PCW EA . -5.44 -30.95 4.41
C40 PCW EA . -6.66 -31.49 4.35
C41 PCW EA . -7.82 -31.06 5.23
C42 PCW EA . -9.14 -31.07 4.33
C43 PCW EA . -9.88 -29.75 4.12
C44 PCW EA . -11.09 -30.06 3.24
C45 PCW EA . -12.40 -30.14 3.98
C46 PCW EA . -13.62 -30.05 3.08
C47 PCW EA . -14.95 -30.30 3.76
C48 PCW EA . -16.10 -30.18 2.76
N PCW EA . 4.75 -25.37 6.75
O2 PCW EA . -0.13 -22.62 5.14
O3 PCW EA . -1.92 -21.65 3.14
O11 PCW EA . -3.85 -20.57 3.72
O31 PCW EA . -2.04 -23.63 5.95
O1P PCW EA . 2.75 -20.59 5.70
O2P PCW EA . 3.10 -20.32 8.17
O3P PCW EA . 0.76 -20.90 7.24
O4P PCW EA . 2.59 -22.51 7.33
P PCW EA . 2.36 -21.03 7.09
C1 PCW FA . 5.31 -18.87 0.45
C2 PCW FA . 3.99 -19.61 -0.01
C3 PCW FA . 2.85 -19.37 1.04
C4 PCW FA . 9.77 -20.65 -0.25
C5 PCW FA . 10.33 -19.44 -1.01
C6 PCW FA . 10.91 -19.71 -3.48
C7 PCW FA . 9.13 -18.18 -2.78
C8 PCW FA . 10.94 -18.07 -2.40
C11 PCW FA . 1.51 -21.37 0.90
C12 PCW FA . 0.21 -21.86 0.33
C13 PCW FA . 0.33 -21.89 -1.23
C14 PCW FA . -0.91 -22.36 -1.99
C15 PCW FA . -1.64 -21.25 -2.82
C16 PCW FA . -2.85 -21.87 -3.61
C17 PCW FA . -3.84 -20.86 -4.27
C18 PCW FA . -3.22 -20.03 -5.40
C19 PCW FA . -3.68 -18.56 -5.38
C20 PCW FA . -4.99 -18.16 -5.62
C21 PCW FA . -6.22 -18.93 -5.93
C22 PCW FA . -6.39 -18.88 -7.48
C23 PCW FA . -6.82 -20.17 -8.22
C24 PCW FA . -8.29 -20.42 -8.36
C25 PCW FA . -9.27 -19.29 -8.75
C26 PCW FA . -10.61 -19.74 -9.31
C27 PCW FA . -11.88 -19.07 -8.78
C28 PCW FA . -12.57 -19.96 -7.78
C31 PCW FA . 3.72 -19.87 -2.35
C32 PCW FA . 3.18 -19.16 -3.61
C33 PCW FA . 2.81 -20.11 -4.84
C34 PCW FA . 1.35 -19.98 -5.28
C35 PCW FA . 0.92 -21.43 -5.78
C36 PCW FA . -0.22 -21.36 -6.85
C37 PCW FA . -0.70 -22.75 -7.39
C38 PCW FA . -2.04 -22.67 -8.05
C39 PCW FA . -2.51 -24.00 -8.58
C40 PCW FA . -3.76 -24.43 -8.69
C41 PCW FA . -4.98 -23.61 -8.27
C42 PCW FA . -6.28 -24.38 -8.79
C43 PCW FA . -7.12 -23.74 -9.88
C44 PCW FA . -8.29 -24.68 -10.15
C45 PCW FA . -8.56 -24.95 -11.62
C46 PCW FA . -10.01 -24.87 -11.97
C47 PCW FA . -10.46 -23.61 -12.69
C48 PCW FA . -11.96 -23.66 -13.00
N PCW FA . 10.02 -19.25 -2.40
O2 PCW FA . 3.52 -19.06 -1.31
O3 PCW FA . 1.66 -20.05 0.61
O11 PCW FA . 2.31 -22.04 1.49
O31 PCW FA . 4.26 -21.01 -2.33
O1P PCW FA . 7.66 -20.26 1.75
O2P PCW FA . 6.39 -21.81 0.24
O3P PCW FA . 6.49 -19.30 -0.26
O4P PCW FA . 8.37 -20.77 -0.63
P PCW FA . 7.22 -20.59 0.34
C1 PCW GA . -1.46 -1.44 7.42
C2 PCW GA . -2.54 -1.54 6.27
C3 PCW GA . -3.44 -2.80 6.49
C4 PCW GA . 2.51 -1.40 7.05
C5 PCW GA . 3.90 -0.98 7.52
C6 PCW GA . 5.00 -1.53 5.28
C7 PCW GA . 6.25 -0.38 7.03
C8 PCW GA . 5.56 -2.10 7.07
C11 PCW GA . -4.05 -3.41 4.24
C12 PCW GA . -5.22 -3.43 3.30
C13 PCW GA . -5.24 -2.07 2.52
C14 PCW GA . -6.38 -1.91 1.52
C15 PCW GA . -7.09 -0.52 1.49
C16 PCW GA . -8.61 -0.69 1.15
C17 PCW GA . -9.64 -0.55 2.33
C18 PCW GA . -10.91 -1.36 2.11
C19 PCW GA . -12.10 -0.88 2.99
C20 PCW GA . -12.93 0.15 2.58
C21 PCW GA . -12.95 1.00 1.37
C22 PCW GA . -14.00 0.39 0.41
C23 PCW GA . -14.82 1.37 -0.48
C24 PCW GA . -16.05 0.83 -1.13
C25 PCW GA . -16.04 0.42 -2.63
C26 PCW GA . -17.40 0.36 -3.32
C27 PCW GA . -17.61 -0.70 -4.41
C28 PCW GA . -18.57 -1.75 -3.92
C31 PCW GA . -3.38 0.39 5.20
C32 PCW GA . -4.35 1.58 5.35
C33 PCW GA . -5.76 1.41 4.64
C34 PCW GA . -6.95 1.48 5.61
C35 PCW GA . -7.23 -0.02 6.04
C36 PCW GA . -6.73 -0.33 7.48
C37 PCW GA . -6.97 -1.78 7.98
C38 PCW GA . -8.25 -1.90 8.74
C39 PCW GA . -8.52 -3.30 9.25
C40 PCW GA . -9.14 -4.29 8.62
C41 PCW GA . -9.73 -4.18 7.22
C42 PCW GA . -11.31 -4.07 7.32
C43 PCW GA . -12.02 -2.98 6.53
C44 PCW GA . -13.51 -3.11 6.81
C45 PCW GA . -14.43 -2.75 5.67
C46 PCW GA . -15.80 -3.35 5.78
C47 PCW GA . -16.52 -3.67 4.49
C48 PCW GA . -17.91 -4.28 4.77
N PCW GA . 4.96 -0.82 6.58
O2 PCW GA . -3.43 -0.34 6.30
O3 PCW GA . -4.42 -2.88 5.44
O11 PCW GA . -2.95 -3.83 3.98
O31 PCW GA . -2.65 0.17 4.19
O1P PCW GA . 0.27 -0.79 5.32
O2P PCW GA . 0.62 1.52 6.19
O3P PCW GA . -0.82 -0.16 7.53
O4P PCW GA . 1.62 -0.30 7.37
P PCW GA . 0.42 0.09 6.52
C1 PCW HA . -3.16 -4.96 9.30
C2 PCW HA . -3.85 -6.20 8.62
C3 PCW HA . -5.40 -5.96 8.52
C4 PCW HA . 0.61 -6.23 10.78
C5 PCW HA . 0.35 -7.38 11.76
C6 PCW HA . -1.02 -9.37 11.00
C7 PCW HA . 1.35 -9.63 11.51
C8 PCW HA . -0.01 -9.17 12.67
C11 PCW HA . -6.41 -8.15 8.67
C12 PCW HA . -7.06 -9.20 7.81
C13 PCW HA . -8.49 -9.48 8.41
C14 PCW HA . -9.32 -10.53 7.65
C15 PCW HA . -10.86 -10.32 7.66
C16 PCW HA . -11.23 -8.82 7.37
C17 PCW HA . -12.26 -8.13 8.34
C18 PCW HA . -13.14 -7.09 7.64
C19 PCW HA . -14.48 -6.84 8.37
C20 PCW HA . -15.69 -6.95 7.71
C21 PCW HA . -16.05 -7.29 6.31
C22 PCW HA . -17.35 -8.13 6.37
C23 PCW HA . -17.43 -9.40 5.49
C24 PCW HA . -18.61 -9.55 4.59
C25 PCW HA . -19.22 -8.32 3.86
C26 PCW HA . -20.58 -7.85 4.36
C27 PCW HA . -21.44 -6.97 3.42
C28 PCW HA . -21.99 -5.80 4.19
C31 PCW HA . -2.50 -7.40 7.09
C32 PCW HA . -2.06 -7.47 5.61
C33 PCW HA . -2.59 -8.74 4.81
C34 PCW HA . -3.34 -8.37 3.53
C35 PCW HA . -4.67 -9.22 3.56
C36 PCW HA . -5.93 -8.37 3.87
C37 PCW HA . -7.27 -9.17 3.91
C38 PCW HA . -8.13 -8.86 2.73
C39 PCW HA . -9.42 -9.64 2.74
C40 PCW HA . -10.45 -9.49 1.93
C41 PCW HA . -10.51 -8.49 0.78
C42 PCW HA . -11.90 -8.69 0.01
C43 PCW HA . -12.52 -7.49 -0.68
C44 PCW HA . -13.82 -7.96 -1.31
C45 PCW HA . -14.00 -7.60 -2.78
C46 PCW HA . -14.78 -8.62 -3.56
C47 PCW HA . -14.80 -8.47 -5.06
C48 PCW HA . -15.64 -9.59 -5.72
N PCW HA . 0.27 -8.71 11.27
O2 PCW HA . -3.34 -6.38 7.23
O3 PCW HA . -6.02 -7.09 7.89
O11 PCW HA . -6.25 -8.21 9.86
O31 PCW HA . -2.13 -8.19 8.01
O1P PCW HA . 0.50 -3.82 9.15
O2P PCW HA . -1.24 -3.15 10.79
O3P PCW HA . -1.85 -4.64 8.78
O4P PCW HA . -0.62 -5.46 10.71
P PCW HA . -0.75 -4.20 9.88
C1 PCW IA . 3.96 1.41 0.11
C2 PCW IA . 2.76 2.40 -0.10
C3 PCW IA . 3.03 3.74 0.68
C4 PCW IA . 7.02 -0.83 0.62
C5 PCW IA . 7.19 0.69 0.58
C6 PCW IA . 9.54 0.42 0.01
C7 PCW IA . 8.70 2.55 0.44
C8 PCW IA . 8.10 1.59 -1.54
C11 PCW IA . 2.21 5.96 0.28
C12 PCW IA . 0.93 6.73 0.15
C13 PCW IA . 0.21 6.26 -1.17
C14 PCW IA . -1.13 6.94 -1.46
C15 PCW IA . -1.34 7.44 -2.92
C16 PCW IA . -2.65 8.30 -3.04
C17 PCW IA . -2.64 9.74 -2.41
C18 PCW IA . -2.68 10.86 -3.45
C19 PCW IA . -2.24 12.23 -2.90
C20 PCW IA . -2.62 13.43 -3.49
C21 PCW IA . -3.46 13.74 -4.68
C22 PCW IA . -4.75 14.43 -4.16
C23 PCW IA . -5.78 14.89 -5.22
C24 PCW IA . -7.17 14.37 -5.07
C25 PCW IA . -8.38 15.22 -5.55
C26 PCW IA . -9.38 14.52 -6.46
C27 PCW IA . -10.87 14.70 -6.17
C28 PCW IA . -11.66 14.63 -7.45
C31 PCW IA . 1.47 2.46 -2.09
C32 PCW IA . 1.52 2.85 -3.57
C33 PCW IA . 0.19 2.54 -4.42
C34 PCW IA . -0.77 3.72 -4.49
C35 PCW IA . -2.23 3.09 -4.46
C36 PCW IA . -3.03 3.37 -5.74
C37 PCW IA . -4.47 2.77 -5.79
C38 PCW IA . -5.14 3.07 -7.08
C39 PCW IA . -6.54 2.50 -7.15
C40 PCW IA . -7.39 2.60 -8.17
C41 PCW IA . -7.09 3.32 -9.47
C42 PCW IA . -7.28 4.89 -9.24
C43 PCW IA . -7.01 5.83 -10.39
C44 PCW IA . -7.28 7.24 -9.89
C45 PCW IA . -7.67 8.23 -10.96
C46 PCW IA . -8.78 9.15 -10.56
C47 PCW IA . -9.94 9.26 -11.51
C48 PCW IA . -11.01 10.23 -10.98
N PCW IA . 8.33 1.27 -0.10
O2 PCW IA . 2.65 2.74 -1.55
O3 PCW IA . 1.94 4.65 0.49
O11 PCW IA . 3.32 6.44 0.24
O31 PCW IA . 0.47 1.95 -1.49
O1P PCW IA . 4.44 -0.67 1.99
O2P PCW IA . 3.80 -2.43 0.32
O3P PCW IA . 3.70 0.06 -0.31
O4P PCW IA . 5.79 -1.15 -0.09
P PCW IA . 4.41 -1.10 0.54
C1 PCW JA . 5.43 -27.21 1.13
C2 PCW JA . 5.17 -28.20 -0.08
C3 PCW JA . 4.41 -29.46 0.43
C4 PCW JA . 8.06 -24.24 -1.61
C5 PCW JA . 7.62 -24.07 -3.06
C6 PCW JA . 9.60 -25.44 -3.90
C7 PCW JA . 8.13 -24.29 -5.48
C8 PCW JA . 9.23 -23.54 -4.22
C11 PCW JA . 4.69 -31.62 -0.58
C12 PCW JA . 4.33 -32.40 -1.81
C13 PCW JA . 5.46 -32.16 -2.88
C14 PCW JA . 5.24 -32.89 -4.22
C15 PCW JA . 3.77 -32.94 -4.73
C16 PCW JA . 3.73 -33.20 -6.29
C17 PCW JA . 3.55 -31.94 -7.21
C18 PCW JA . 2.39 -32.06 -8.20
C19 PCW JA . 2.48 -33.32 -9.09
C20 PCW JA . 1.57 -33.61 -10.08
C21 PCW JA . 0.36 -32.88 -10.57
C22 PCW JA . -0.76 -33.95 -10.72
C23 PCW JA . -2.20 -33.54 -10.35
C24 PCW JA . -3.17 -34.65 -10.09
C25 PCW JA . -4.33 -34.95 -11.08
C26 PCW JA . -5.75 -34.66 -10.59
C27 PCW JA . -6.92 -35.24 -11.41
C28 PCW JA . -8.09 -34.28 -11.41
C31 PCW JA . 4.85 -27.42 -2.29
C32 PCW JA . 3.84 -26.72 -3.23
C33 PCW JA . 3.44 -27.52 -4.55
C34 PCW JA . 2.55 -28.75 -4.28
C35 PCW JA . 1.12 -28.18 -3.97
C36 PCW JA . 0.08 -28.56 -5.05
C37 PCW JA . -1.37 -28.03 -4.79
C38 PCW JA . -2.32 -28.43 -5.87
C39 PCW JA . -3.72 -27.93 -5.63
C40 PCW JA . -4.72 -27.91 -6.50
C41 PCW JA . -4.61 -28.43 -7.93
C42 PCW JA . -5.91 -27.94 -8.72
C43 PCW JA . -6.97 -28.99 -9.07
C44 PCW JA . -8.09 -28.26 -9.80
C45 PCW JA . -8.56 -28.92 -11.07
C46 PCW JA . -9.22 -30.26 -10.86
C47 PCW JA . -10.38 -30.58 -11.76
C48 PCW JA . -10.95 -31.97 -11.43
N PCW JA . 8.33 -24.72 -4.12
O2 PCW JA . 4.30 -27.53 -1.09
O3 PCW JA . 4.18 -30.36 -0.67
O11 PCW JA . 5.32 -32.05 0.35
O31 PCW JA . 6.01 -27.81 -2.62
O1P PCW JA . 8.23 -24.94 1.23
O2P PCW JA . 8.14 -27.27 0.33
O3P PCW JA . 5.97 -25.93 0.72
O4P PCW JA . 7.47 -25.48 -1.13
P PCW JA . 7.52 -25.92 0.33
C1 17F KA . -8.44 -5.14 26.42
N1 17F KA . -10.37 -5.33 28.01
O1 17F KA . -8.57 -1.45 27.73
P1 17F KA . -9.00 -2.69 26.97
C2 17F KA . -9.27 -6.03 27.36
O2 17F KA . -8.00 -2.39 25.88
C3 17F KA . -8.34 -6.63 28.44
O3 17F KA . -8.08 -3.94 27.05
C4 17F KA . -10.45 -3.55 24.93
O4 17F KA . -7.34 -7.28 28.12
C5 17F KA . -11.39 -3.12 23.76
O5 17F KA . -8.57 -6.49 29.70
C6 17F KA . -11.74 -4.38 22.92
O6 17F KA . -9.97 -2.47 25.72
C7 17F KA . -13.00 -5.03 21.08
O7 17F KA . -12.58 -4.06 21.83
C8 17F KA . -13.84 -4.42 19.94
O8 17F KA . -12.79 -6.21 21.12
C9 17F KA . -13.00 -3.49 19.02
O9 17F KA . -12.58 -2.41 24.18
C10 17F KA . -13.77 -2.80 17.84
O10 17F KA . -13.08 -3.38 26.22
C11 17F KA . -13.05 -2.94 16.44
C12 17F KA . -13.85 -2.23 15.30
C17 17F KA . -13.32 -3.10 25.03
C18 17F KA . -14.63 -3.56 24.42
C19 17F KA . -15.42 -2.47 23.63
C20 17F KA . -16.93 -2.86 23.38
C1X 17F KA . -13.11 -2.40 13.98
C1Y 17F KA . -17.67 -1.74 22.60
C1Z 17F KA . -19.13 -1.59 23.02
C2X 17F KA . -13.87 -1.70 12.74
C21 17F KA . -13.08 -1.89 11.40
C22 17F KA . -13.63 -2.05 10.25
C23 17F KA . -15.06 -2.10 9.94
C24 17F KA . -15.70 -3.47 10.10
C25 17F KA . -17.19 -3.57 9.80
C26 17F KA . -17.75 -2.55 8.68
C27 17F KA . -19.23 -2.65 8.41
C28 17F KA . -19.57 -1.58 7.31
C29 17F KA . -20.65 -2.11 6.46
C30 17F KA . -21.09 -1.20 5.35
C31 17F KA . -19.63 -0.13 23.33
C32 17F KA . -21.12 0.02 23.74
C33 17F KA . -21.43 1.50 23.94
C34 17F KA . -22.62 2.00 24.29
C35 17F KA . -23.89 1.24 24.57
C36 17F KA . -25.17 2.13 24.70
C37 17F KA . -26.08 1.85 23.55
C38 17F KA . -27.59 1.83 23.91
C39 17F KA . -28.46 1.54 22.68
C40 17F KA . -29.69 2.44 22.65
C41 17F KA . -30.84 1.80 21.79
C42 17F KA . -31.85 2.72 21.07
C1 17F LA . 11.19 -2.70 -4.39
N1 17F LA . 12.18 -1.69 -6.47
O1 17F LA . 9.33 -0.01 -3.70
P1 17F LA . 9.04 -1.49 -3.78
C2 17F LA . 12.31 -1.86 -5.04
O2 17F LA . 9.12 -2.25 -2.48
C3 17F LA . 13.69 -2.50 -4.73
O3 17F LA . 9.94 -2.24 -4.79
C4 17F LA . 7.09 -3.10 -4.48
O4 17F LA . 14.02 -2.75 -3.57
C5 17F LA . 5.64 -3.18 -5.03
O5 17F LA . 14.52 -2.82 -5.65
C6 17F LA . 4.68 -2.48 -4.04
O6 17F LA . 7.58 -1.77 -4.33
C7 17F LA . 2.51 -1.63 -3.99
O7 17F LA . 3.33 -2.51 -4.49
C8 17F LA . 1.13 -1.86 -4.66
O8 17F LA . 2.67 -0.77 -3.17
C9 17F LA . 0.09 -2.53 -3.73
O9 17F LA . 5.51 -2.62 -6.35
C10 17F LA . -1.33 -2.78 -4.35
O10 17F LA . 6.89 -3.99 -7.58
C11 17F LA . -2.40 -3.39 -3.37
C12 17F LA . -3.80 -3.61 -4.07
C17 17F LA . 5.79 -3.51 -7.28
C18 17F LA . 4.56 -3.92 -8.06
C19 17F LA . 4.16 -5.42 -7.88
C20 17F LA . 3.19 -5.92 -9.02
C1X 17F LA . -4.82 -4.20 -3.08
C1Y 17F LA . 2.82 -7.41 -8.78
C1Z 17F LA . 2.41 -8.10 -10.10
C2X 17F LA . -6.25 -4.43 -3.77
C21 17F LA . -7.38 -3.70 -3.00
C22 17F LA . -8.39 -3.11 -3.55
C23 17F LA . -8.69 -3.00 -4.99
C24 17F LA . -7.79 -2.04 -5.76
C25 17F LA . -8.07 -1.90 -7.24
C26 17F LA . -9.06 -0.69 -7.64
C27 17F LA . -9.34 -0.56 -9.12
C28 17F LA . -10.32 0.66 -9.31
C29 17F LA . -10.42 0.97 -10.75
C30 17F LA . -11.32 2.12 -11.09
C31 17F LA . 1.23 -7.47 -10.91
C32 17F LA . 0.86 -8.20 -12.22
C33 17F LA . 1.07 -7.28 -13.41
C34 17F LA . 0.84 -7.59 -14.67
C35 17F LA . 0.32 -8.90 -15.22
C36 17F LA . -1.22 -8.94 -15.45
C37 17F LA . -1.77 -10.21 -14.88
C38 17F LA . -2.66 -10.02 -13.63
C39 17F LA . -3.20 -11.38 -13.10
C40 17F LA . -3.35 -11.35 -11.57
C41 17F LA . -4.70 -10.65 -11.16
C42 17F LA . -4.95 -10.32 -9.68
C1 17F MA . -6.30 -0.42 19.93
N1 17F MA . -6.05 -2.56 18.63
O1 17F MA . -6.15 1.34 17.19
P1 17F MA . -7.26 1.18 18.20
C2 17F MA . -5.57 -1.76 19.75
O2 17F MA . -7.37 2.21 19.31
C3 17F MA . -5.67 -2.58 21.05
O3 17F MA . -7.22 -0.20 18.92
C4 17F MA . -9.89 1.05 18.26
O4 17F MA . -5.32 -2.12 22.12
C5 17F MA . -11.19 1.09 17.39
O5 17F MA . -6.14 -3.79 21.06
C6 17F MA . -12.27 1.91 18.13
O6 17F MA . -8.68 1.19 17.51
C7 17F MA . -14.46 2.69 17.85
O7 17F MA . -13.48 1.98 17.38
C8 17F MA . -15.66 2.60 16.88
O8 17F MA . -14.53 3.34 18.87
C9 17F MA . -16.22 1.16 16.72
O9 17F MA . -10.95 1.60 16.07
C10 17F MA . -17.46 1.01 15.75
O10 17F MA . -11.01 -0.56 15.25
C11 17F MA . -18.85 1.31 16.44
C12 17F MA . -20.08 1.15 15.47
C17 17F MA . -10.70 0.64 15.20
C18 17F MA . -9.92 1.14 14.01
C19 17F MA . -10.79 1.56 12.79
C20 17F MA . -11.38 3.00 12.94
C1X 17F MA . -21.39 1.45 16.21
C1Y 17F MA . -12.25 3.38 11.71
C1Z 17F MA . -13.73 3.13 11.99
C2X 17F MA . -22.69 1.30 15.28
C21 17F MA . -23.56 0.07 15.67
C22 17F MA . -24.85 0.01 15.59
C23 17F MA . -25.76 1.06 15.13
C24 17F MA . -27.19 0.58 14.85
C25 17F MA . -28.16 1.63 14.36
C26 17F MA . -29.70 1.18 14.34
C27 17F MA . -30.66 2.24 13.85
C28 17F MA . -32.10 1.61 13.91
C29 17F MA . -32.77 1.82 12.61
C30 17F MA . -34.15 1.28 12.51
C31 17F MA . -14.73 4.27 11.59
C32 17F MA . -16.23 3.97 11.89
C33 17F MA . -16.54 4.40 13.32
C34 17F MA . -17.73 4.29 13.90
C35 17F MA . -18.99 3.73 13.28
C36 17F MA . -20.19 4.73 13.22
C37 17F MA . -20.64 5.04 14.59
C38 17F MA . -21.18 6.48 14.80
C39 17F MA . -21.62 6.72 16.24
C40 17F MA . -22.46 8.00 16.34
C41 17F MA . -23.94 7.73 15.85
C42 17F MA . -24.97 8.86 15.92
C1 17F NA . 1.49 18.62 8.32
N1 17F NA . 2.91 17.42 6.64
O1 17F NA . -1.35 20.90 7.51
P1 17F NA . -0.83 19.51 7.82
C2 17F NA . 2.89 18.41 7.71
O2 17F NA . -0.97 19.07 9.26
C3 17F NA . 3.86 17.99 8.82
O3 17F NA . 0.65 19.31 7.44
C4 17F NA . -1.30 17.03 7.10
O4 17F NA . 4.00 18.68 9.82
C5 17F NA . -2.18 16.12 6.19
O5 17F NA . 4.57 16.91 8.75
C6 17F NA . -1.53 14.72 6.11
O6 17F NA . -1.61 18.41 6.98
C7 17F NA . -2.00 12.56 5.37
O7 17F NA . -2.31 13.83 5.33
C8 17F NA . -3.04 11.78 4.55
O8 17F NA . -1.13 11.99 5.99
C9 17F NA . -4.40 11.62 5.29
O9 17F NA . -3.53 16.04 6.64
C10 17F NA . -5.51 10.82 4.52
O10 17F NA . -4.54 16.56 4.63
C11 17F NA . -6.12 9.63 5.36
C12 17F NA . -7.23 8.83 4.59
C17 17F NA . -4.36 16.69 5.85
C18 17F NA . -5.13 17.74 6.60
C19 17F NA . -6.68 17.61 6.50
C20 17F NA . -7.25 18.20 5.17
C1X 17F NA . -7.76 7.70 5.48
C1Y 17F NA . -8.78 18.06 5.12
C1Z 17F NA . -9.30 18.23 3.68
C2X 17F NA . -8.90 6.84 4.77
C21 17F NA . -8.86 5.35 5.24
C22 17F NA . -9.84 4.72 5.80
C23 17F NA . -11.18 5.24 6.10
C24 17F NA . -11.81 4.67 7.38
C25 17F NA . -13.20 5.17 7.74
C26 17F NA . -14.35 4.96 6.63
C27 17F NA . -15.71 5.45 7.01
C28 17F NA . -16.69 5.15 5.80
C29 17F NA . -17.07 6.42 5.17
C30 17F NA . -18.01 6.27 4.00
C31 17F NA . -9.53 16.93 2.86
C32 17F NA . -10.06 17.14 1.42
C33 17F NA . -11.42 16.48 1.28
C34 17F NA . -12.16 16.48 0.18
C35 17F NA . -11.80 17.12 -1.15
C36 17F NA . -12.85 18.14 -1.69
C37 17F NA . -13.07 17.91 -3.14
C38 17F NA . -14.05 18.91 -3.82
C39 17F NA . -14.23 18.60 -5.32
C40 17F NA . -14.91 19.78 -6.02
C41 17F NA . -14.56 19.79 -7.56
C42 17F NA . -14.19 21.12 -8.23
C1 17F OA . 11.48 4.92 -4.56
N1 17F OA . 9.31 4.96 -3.32
O1 17F OA . 13.00 6.46 -6.49
P1 17F OA . 11.50 6.64 -6.42
C2 17F OA . 10.51 4.19 -3.63
O2 17F OA . 10.98 8.05 -6.51
C3 17F OA . 11.22 3.84 -2.32
O3 17F OA . 10.88 6.03 -5.13
C4 17F OA . 9.34 5.87 -7.71
O4 17F OA . 12.28 3.18 -2.34
C5 17F OA . 8.83 5.04 -8.91
O5 17F OA . 10.78 4.19 -1.17
C6 17F OA . 8.03 3.83 -8.39
O6 17F OA . 10.77 5.85 -7.59
C7 17F OA . 7.20 1.81 -9.21
O7 17F OA . 7.54 3.04 -9.46
C8 17F OA . 6.73 1.17 -10.53
O8 17F OA . 7.22 1.19 -8.17
C9 17F OA . 7.89 0.79 -11.48
O9 17F OA . 8.05 5.82 -9.84
C10 17F OA . 7.46 0.13 -12.84
O10 17F OA . 9.69 5.51 -11.45
C11 17F OA . 5.97 0.37 -13.23
C12 17F OA . 5.58 -0.31 -14.59
C17 17F OA . 8.54 5.77 -11.07
C18 17F OA . 7.49 6.10 -12.11
C19 17F OA . 7.92 7.18 -13.15
C20 17F OA . 6.68 7.78 -13.93
C1X 17F OA . 4.10 -0.03 -14.90
C1Y 17F OA . 7.13 8.85 -14.95
C1Z 17F OA . 6.14 8.93 -16.11
C2X 17F OA . 3.63 -0.72 -16.27
C21 17F OA . 2.71 -1.96 -16.03
C22 17F OA . 1.54 -1.92 -15.48
C23 17F OA . 0.83 -0.75 -14.96
C24 17F OA . -0.08 -0.05 -15.97
C25 17F OA . -0.84 1.17 -15.48
C26 17F OA . -2.03 1.66 -16.43
C27 17F OA . -2.79 2.87 -15.93
C28 17F OA . -3.90 3.20 -17.00
C29 17F OA . -4.65 4.39 -16.56
C30 17F OA . -5.74 4.82 -17.49
C31 17F OA . 4.80 9.71 -15.85
C32 17F OA . 3.81 9.77 -17.05
C33 17F OA . 2.53 9.04 -16.67
C34 17F OA . 1.48 8.90 -17.46
C35 17F OA . 1.33 9.42 -18.86
C36 17F OA . 1.17 8.31 -19.94
C37 17F OA . 1.32 8.92 -21.29
C38 17F OA . 2.76 8.93 -21.84
C39 17F OA . 2.82 9.57 -23.24
C40 17F OA . 3.36 11.00 -23.15
C41 17F OA . 4.65 11.17 -24.04
C42 17F OA . 5.68 12.24 -23.67
C1 17F PA . -6.79 6.46 18.96
N1 17F PA . -4.85 4.94 18.58
O1 17F PA . -7.18 7.91 15.44
P1 17F PA . -7.12 7.99 16.94
C2 17F PA . -5.29 6.19 19.15
O2 17F PA . -5.94 8.74 17.52
C3 17F PA . -4.95 6.23 20.65
O3 17F PA . -7.12 6.59 17.61
C4 17F PA . -8.61 8.92 18.95
O4 17F PA . -5.24 7.20 21.33
C5 17F PA . -9.94 9.64 19.32
O5 17F PA . -4.37 5.25 21.24
C6 17F PA . -9.64 11.12 19.68
O6 17F PA . -8.42 8.71 17.55
C7 17F PA . -11.30 12.72 19.23
O7 17F PA . -10.81 11.84 20.05
C8 17F PA . -12.57 13.30 19.89
O8 17F PA . -10.93 13.09 18.15
C9 17F PA . -13.03 14.65 19.30
O9 17F PA . -10.93 9.55 18.29
C10 17F PA . -14.33 15.26 19.95
O10 17F PA . -12.43 8.42 19.62
C11 17F PA . -15.14 14.24 20.82
C12 17F PA . -16.43 14.86 21.47
C17 17F PA . -12.13 9.23 18.75
C18 17F PA . -13.23 10.01 18.04
C19 17F PA . -14.53 10.18 18.87
C20 17F PA . -15.62 11.05 18.13
C1X 17F PA . -17.17 13.80 22.30
C1Y 17F PA . -16.89 11.20 19.01
C1Z 17F PA . -17.96 12.03 18.30
C2X 17F PA . -18.49 14.38 23.00
C21 17F PA . -18.55 14.00 24.51
C22 17F PA . -19.56 14.19 25.28
C23 17F PA . -20.86 14.77 24.91
C24 17F PA . -22.06 13.90 25.25
C25 17F PA . -23.42 14.47 24.89
C26 17F PA . -24.42 13.46 24.13
C27 17F PA . -25.76 14.05 23.78
C28 17F PA . -26.59 12.93 23.04
C29 17F PA . -27.98 13.40 22.88
C30 17F PA . -28.88 12.42 22.19
C31 17F PA . -19.38 11.39 18.18
C32 17F PA . -20.44 12.24 17.45
C33 17F PA . -21.81 11.57 17.58
C34 17F PA . -22.94 12.04 17.07
C35 17F PA . -23.12 13.31 16.26
C36 17F PA . -23.20 13.11 14.72
C37 17F PA . -24.48 12.43 14.37
C38 17F PA . -25.27 13.10 13.21
C39 17F PA . -26.57 12.33 12.90
C40 17F PA . -27.21 12.85 11.61
C41 17F PA . -28.60 12.14 11.34
C42 17F PA . -29.59 12.77 10.36
C1 17F QA . -1.93 -24.55 14.63
N1 17F QA . -0.83 -24.46 16.90
O1 17F QA . -1.17 -20.87 15.30
P1 17F QA . -2.09 -22.03 15.00
C2 17F QA . -1.35 -25.32 15.84
O2 17F QA . -2.98 -22.47 16.13
C3 17F QA . -0.23 -26.26 15.35
O3 17F QA . -1.33 -23.29 14.50
C4 17F QA . -4.06 -22.60 13.35
O4 17F QA . -0.43 -27.08 14.46
C5 17F QA . -4.96 -22.07 12.21
O5 17F QA . 0.97 -26.24 15.85
C6 17F QA . -5.93 -21.02 12.79
O6 17F QA . -3.09 -21.67 13.82
C7 17F QA . -6.79 -19.20 11.63
O7 17F QA . -6.80 -20.48 11.83
C8 17F QA . -7.95 -18.88 10.66
O8 17F QA . -6.14 -18.32 12.14
C9 17F QA . -9.34 -19.18 11.30
O9 17F QA . -4.19 -21.52 11.11
C10 17F QA . -10.60 -18.88 10.39
O10 17F QA . -4.48 -23.28 9.65
C11 17F QA . -11.51 -17.73 10.97
C12 17F QA . -12.77 -17.44 10.06
C17 17F QA . -4.50 -22.07 9.96
C18 17F QA . -4.93 -21.05 8.93
C19 17F QA . -5.77 -21.61 7.76
C20 17F QA . -7.28 -21.13 7.82
C1X 17F QA . -13.60 -16.32 10.67
C1Y 17F QA . -8.08 -21.71 6.63
C1Z 17F QA . -9.23 -22.61 7.10
C2X 17F QA . -14.89 -15.97 9.79
C21 17F QA . -16.11 -15.56 10.67
C22 17F QA . -17.10 -14.84 10.26
C23 17F QA . -17.28 -14.27 8.91
C24 17F QA . -17.84 -15.25 7.88
C25 17F QA . -18.04 -14.73 6.48
C26 17F QA . -19.46 -15.06 5.81
C27 17F QA . -19.65 -14.52 4.42
C28 17F QA . -21.09 -14.95 3.95
C29 17F QA . -20.94 -15.92 2.85
C30 17F QA . -22.24 -16.42 2.30
C31 17F QA . -9.99 -22.18 8.40
C32 17F QA . -11.15 -23.11 8.84
C33 17F QA . -12.47 -22.47 8.43
C34 17F QA . -13.67 -22.99 8.65
C35 17F QA . -13.98 -24.30 9.34
C36 17F QA . -15.20 -24.24 10.33
C37 17F QA . -14.79 -23.48 11.54
C38 17F QA . -15.74 -22.31 11.90
C39 17F QA . -15.26 -21.56 13.16
C40 17F QA . -16.24 -21.80 14.32
C41 17F QA . -15.59 -22.73 15.42
C42 17F QA . -15.89 -22.46 16.90
C1 17F RA . 5.55 5.79 7.19
N1 17F RA . 7.82 5.54 6.15
O1 17F RA . 4.15 3.53 8.32
P1 17F RA . 4.23 3.66 6.82
C2 17F RA . 7.07 6.01 7.31
O2 17F RA . 4.55 2.41 6.04
C3 17F RA . 7.60 5.33 8.57
O3 17F RA . 5.26 4.73 6.35
C4 17F RA . 2.67 4.39 4.82
O4 17F RA . 7.12 5.58 9.68
C5 17F RA . 1.24 4.89 4.46
O5 17F RA . 8.56 4.47 8.55
C6 17F RA . 1.21 6.44 4.50
O6 17F RA . 2.86 4.18 6.22
C7 17F RA . -0.17 8.10 3.59
O7 17F RA . -0.08 6.95 4.19
C8 17F RA . -1.68 8.41 3.39
O8 17F RA . 0.68 8.87 3.22
C9 17F RA . -1.98 9.17 2.08
O9 17F RA . 0.79 4.40 3.21
C10 17F RA . -3.51 9.51 1.83
O10 17F RA . -1.18 3.28 3.67
C11 17F RA . -4.21 8.62 0.75
C12 17F RA . -5.72 9.01 0.56
C17 17F RA . 0.01 3.34 3.33
C18 17F RA . 0.77 2.06 3.02
C19 17F RA . -0.11 0.91 2.45
C20 17F RA . 0.75 -0.28 1.90
C1X 17F RA . -6.37 8.11 -0.50
C1Y 17F RA . -0.14 -1.42 1.35
C1Z 17F RA . -0.97 -0.93 0.16
C2X 17F RA . -7.92 8.45 -0.72
C21 17F RA . -8.84 7.28 -0.27
C22 17F RA . -10.10 7.38 0.01
C23 17F RA . -10.93 8.60 -0.03
C24 17F RA . -10.99 9.35 1.29
C25 17F RA . -11.85 10.61 1.31
C26 17F RA . -13.39 10.38 1.64
C27 17F RA . -14.25 11.62 1.66
C28 17F RA . -15.71 11.16 2.01
C29 17F RA . -16.35 10.66 0.79
C30 17F RA . -17.76 10.19 0.97
C31 17F RA . -2.53 -1.09 0.26
C32 17F RA . -3.33 -0.59 -0.96
C33 17F RA . -4.07 0.69 -0.58
C34 17F RA . -4.86 1.39 -1.38
C35 17F RA . -5.17 1.09 -2.82
C36 17F RA . -6.44 0.20 -3.04
C37 17F RA . -7.43 0.94 -3.87
C38 17F RA . -8.89 0.86 -3.37
C39 17F RA . -9.85 1.64 -4.28
C40 17F RA . -11.30 1.33 -3.90
C41 17F RA . -11.98 0.42 -4.99
C42 17F RA . -12.85 1.09 -6.07
C1 PCW SA . -36.08 -15.77 -2.34
C2 PCW SA . -34.55 -15.46 -2.06
C3 PCW SA . -33.66 -16.17 -3.14
C4 PCW SA . -36.54 -17.80 -5.35
C5 PCW SA . -37.50 -18.16 -6.48
C6 PCW SA . -36.06 -17.22 -8.36
C7 PCW SA . -37.80 -18.87 -8.83
C8 PCW SA . -38.02 -17.16 -8.17
C11 PCW SA . -31.61 -16.67 -2.01
C12 PCW SA . -30.18 -16.21 -1.91
C13 PCW SA . -29.62 -16.57 -0.49
C14 PCW SA . -28.17 -16.18 -0.24
C15 PCW SA . -27.74 -16.06 1.25
C16 PCW SA . -26.53 -17.02 1.55
C17 PCW SA . -26.49 -17.69 2.96
C18 PCW SA . -25.24 -17.34 3.76
C19 PCW SA . -25.11 -18.15 5.07
C20 PCW SA . -24.32 -17.75 6.13
C21 PCW SA . -23.47 -16.55 6.33
C22 PCW SA . -23.32 -16.35 7.88
C23 PCW SA . -23.50 -14.90 8.41
C24 PCW SA . -23.66 -14.74 9.89
C25 PCW SA . -23.14 -13.46 10.63
C26 PCW SA . -21.73 -13.54 11.21
C27 PCW SA . -20.96 -12.23 11.43
C28 PCW SA . -19.47 -12.51 11.51
C31 PCW SA . -34.59 -13.29 -1.09
C32 PCW SA . -34.21 -11.82 -1.36
C33 PCW SA . -32.64 -11.55 -1.50
C34 PCW SA . -32.22 -10.18 -1.01
C35 PCW SA . -32.27 -10.26 0.57
C36 PCW SA . -31.06 -9.54 1.23
C37 PCW SA . -31.04 -9.57 2.79
C38 PCW SA . -29.96 -8.72 3.36
C39 PCW SA . -29.93 -8.76 4.88
C40 PCW SA . -29.01 -8.25 5.69
C41 PCW SA . -27.78 -7.50 5.23
C42 PCW SA . -26.60 -7.82 6.26
C43 PCW SA . -25.24 -7.21 6.05
C44 PCW SA . -24.36 -7.72 7.19
C45 PCW SA . -23.02 -8.28 6.76
C46 PCW SA . -22.58 -9.48 7.56
C47 PCW SA . -21.75 -10.52 6.82
C48 PCW SA . -21.35 -11.68 7.75
N PCW SA . -37.01 -18.20 -7.82
O2 PCW SA . -34.27 -14.00 -2.16
O3 PCW SA . -32.28 -15.88 -2.89
O11 PCW SA . -32.08 -17.59 -1.41
O31 PCW SA . -35.12 -13.73 -0.02
O1P PCW SA . -38.60 -16.45 -3.77
O2P PCW SA . -38.17 -14.60 -5.38
O3P PCW SA . -36.69 -14.87 -3.30
O4P PCW SA . -36.54 -16.36 -5.24
P PCW SA . -37.57 -15.57 -4.44
C1 PCW TA . -26.69 -13.04 -10.02
C2 PCW TA . -25.48 -13.16 -9.01
C3 PCW TA . -25.45 -11.90 -8.07
C4 PCW TA . -29.31 -16.84 -8.34
C5 PCW TA . -29.41 -17.63 -9.65
C6 PCW TA . -30.65 -19.35 -11.07
C7 PCW TA . -31.79 -18.20 -9.25
C8 PCW TA . -31.10 -17.45 -10.80
C11 PCW TA . -24.63 -11.93 -5.82
C12 PCW TA . -23.35 -11.98 -5.04
C13 PCW TA . -23.34 -13.30 -4.18
C14 PCW TA . -22.09 -13.50 -3.31
C15 PCW TA . -20.72 -13.45 -4.06
C16 PCW TA . -19.73 -12.49 -3.32
C17 PCW TA . -18.23 -12.50 -3.80
C18 PCW TA . -17.28 -11.77 -2.84
C19 PCW TA . -17.34 -12.36 -1.40
C20 PCW TA . -16.23 -12.40 -0.57
C21 PCW TA . -14.83 -11.96 -0.74
C22 PCW TA . -14.12 -12.20 0.63
C23 PCW TA . -12.59 -12.00 0.69
C24 PCW TA . -11.74 -13.22 0.58
C25 PCW TA . -10.25 -13.14 0.12
C26 PCW TA . -9.94 -12.13 -0.98
C27 PCW TA . -8.46 -11.94 -1.39
C28 PCW TA . -7.64 -11.40 -0.24
C31 PCW TA . -25.32 -15.51 -8.75
C32 PCW TA . -25.57 -16.66 -7.77
C33 PCW TA . -24.32 -17.09 -6.86
C34 PCW TA . -22.97 -16.87 -7.53
C35 PCW TA . -21.95 -16.73 -6.34
C36 PCW TA . -20.53 -16.37 -6.81
C37 PCW TA . -19.48 -16.23 -5.67
C38 PCW TA . -18.97 -17.56 -5.23
C39 PCW TA . -17.94 -17.45 -4.12
C40 PCW TA . -16.76 -16.85 -4.17
C41 PCW TA . -16.20 -16.15 -5.40
C42 PCW TA . -15.53 -14.78 -4.93
C43 PCW TA . -14.59 -14.07 -5.87
C44 PCW TA . -14.12 -12.82 -5.15
C45 PCW TA . -12.62 -12.71 -4.96
C46 PCW TA . -12.20 -11.63 -4.00
C47 PCW TA . -11.39 -10.50 -4.58
C48 PCW TA . -11.02 -9.47 -3.51
N PCW TA . -30.53 -18.49 -9.88
O2 PCW TA . -25.67 -14.37 -8.16
O3 PCW TA . -24.35 -12.00 -7.15
O11 PCW TA . -25.73 -11.79 -5.35
O31 PCW TA . -24.86 -15.62 -9.92
O1P PCW TA . -29.94 -14.61 -10.47
O2P PCW TA . -29.60 -14.20 -8.51
O3P PCW TA . -27.99 -13.19 -9.39
O4P PCW TA . -28.42 -15.70 -8.59
P PCW TA . -28.70 -14.61 -9.61
C1 PCW UA . -32.39 -2.08 -8.45
C2 PCW UA . -31.41 -2.35 -7.24
C3 PCW UA . -30.23 -3.27 -7.69
C4 PCW UA . -34.77 -1.09 -5.08
C5 PCW UA . -35.81 -2.01 -4.42
C6 PCW UA . -35.47 -3.92 -2.77
C7 PCW UA . -35.96 -1.65 -1.97
C8 PCW UA . -37.03 -2.77 -2.97
C11 PCW UA . -29.65 -4.53 -5.73
C12 PCW UA . -28.60 -4.61 -4.66
C13 PCW UA . -27.20 -4.78 -5.36
C14 PCW UA . -26.00 -4.89 -4.41
C15 PCW UA . -24.65 -5.29 -5.07
C16 PCW UA . -23.54 -5.48 -3.98
C17 PCW UA . -22.38 -4.45 -3.96
C18 PCW UA . -21.38 -4.67 -2.82
C19 PCW UA . -21.82 -3.98 -1.51
C20 PCW UA . -20.91 -3.37 -0.65
C21 PCW UA . -19.43 -3.20 -0.70
C22 PCW UA . -18.84 -3.98 0.51
C23 PCW UA . -17.36 -4.45 0.41
C24 PCW UA . -16.35 -3.41 0.07
C25 PCW UA . -15.18 -3.70 -0.91
C26 PCW UA . -13.86 -3.03 -0.60
C27 PCW UA . -12.57 -3.88 -0.65
C28 PCW UA . -12.14 -4.06 -2.08
C31 PCW UA . -30.83 -0.92 -5.44
C32 PCW UA . -30.19 0.44 -5.10
C33 PCW UA . -29.69 0.61 -3.59
C34 PCW UA . -30.48 1.67 -2.82
C35 PCW UA . -29.63 2.00 -1.54
C36 PCW UA . -29.95 1.05 -0.36
C37 PCW UA . -29.15 1.31 0.95
C38 PCW UA . -29.61 0.44 2.07
C39 PCW UA . -28.84 0.69 3.34
C40 PCW UA . -28.59 -0.18 4.31
C41 PCW UA . -29.06 -1.62 4.30
C42 PCW UA . -28.29 -2.41 5.45
C43 PCW UA . -28.24 -1.82 6.85
C44 PCW UA . -27.44 -2.78 7.71
C45 PCW UA . -26.29 -2.17 8.46
C46 PCW UA . -24.99 -2.91 8.30
C47 PCW UA . -24.28 -3.30 9.57
C48 PCW UA . -22.98 -4.05 9.25
N PCW UA . -35.58 -2.48 -3.09
O2 PCW UA . -30.82 -1.07 -6.76
O3 PCW UA . -29.35 -3.51 -6.58
O11 PCW UA . -30.60 -5.25 -5.83
O31 PCW UA . -31.28 -1.75 -4.58
O1P PCW UA . -35.40 0.14 -7.66
O2P PCW UA . -35.41 -2.22 -8.42
O3P PCW UA . -33.20 -0.90 -8.29
O4P PCW UA . -34.38 -1.73 -6.31
P PCW UA . -34.67 -1.17 -7.69
C1 17F VA . -29.45 -9.84 -16.63
N1 17F VA . -28.36 -11.82 -15.54
O1 17F VA . -29.61 -8.31 -14.09
P1 17F VA . -28.61 -7.94 -15.17
C2 17F VA . -29.61 -11.10 -15.76
O2 17F VA . -28.91 -6.71 -15.97
C3 17F VA . -30.65 -12.04 -16.40
O3 17F VA . -28.38 -9.08 -16.19
C4 17F VA . -26.07 -7.32 -15.36
O4 17F VA . -31.78 -11.63 -16.67
C5 17F VA . -24.74 -7.13 -14.55
O5 17F VA . -30.40 -13.27 -16.67
C6 17F VA . -23.66 -6.54 -15.48
O6 17F VA . -27.18 -7.69 -14.55
C7 17F VA . -22.09 -5.14 -14.44
O7 17F VA . -22.42 -6.34 -14.81
C8 17F VA . -20.66 -5.20 -13.82
O8 17F VA . -22.67 -4.09 -14.54
C9 17F VA . -20.33 -6.51 -13.07
O9 17F VA . -24.93 -6.34 -13.37
C10 17F VA . -18.89 -6.58 -12.45
O10 17F VA . -26.29 -7.66 -12.06
C11 17F VA . -18.76 -5.95 -11.01
C12 17F VA . -17.29 -6.05 -10.44
C17 17F VA . -25.24 -7.07 -12.31
C18 17F VA . -24.11 -7.13 -11.30
C19 17F VA . -23.54 -8.55 -11.05
C20 17F VA . -21.97 -8.55 -10.89
C1X 17F VA . -17.21 -5.42 -9.04
C1Y 17F VA . -21.45 -9.98 -10.65
C1Z 17F VA . -20.02 -10.13 -11.15
C2X 17F VA . -15.72 -5.49 -8.43
C21 17F VA . -15.14 -6.94 -8.38
C22 17F VA . -13.89 -7.24 -8.34
C23 17F VA . -12.74 -6.32 -8.31
C24 17F VA . -11.44 -6.95 -7.83
C25 17F VA . -10.22 -6.03 -7.79
C26 17F VA . -8.81 -6.76 -7.65
C27 17F VA . -7.61 -5.86 -7.61
C28 17F VA . -6.34 -6.77 -7.46
C29 17F VA . -5.14 -5.96 -7.74
C30 17F VA . -3.85 -6.72 -7.65
C31 17F VA . -18.87 -9.94 -10.09
C32 17F VA . -17.43 -10.10 -10.62
C33 17F VA . -16.91 -11.48 -10.25
C34 17F VA . -15.70 -11.93 -10.55
C35 17F VA . -14.62 -11.19 -11.32
C36 17F VA . -14.01 -9.97 -10.56
C37 17F VA . -13.41 -9.04 -11.55
C38 17F VA . -11.89 -8.78 -11.37
C39 17F VA . -11.34 -7.81 -12.43
C40 17F VA . -9.81 -7.96 -12.54
C41 17F VA . -9.08 -6.97 -11.53
C42 17F VA . -8.01 -6.03 -12.09
PG GNP WA . 31.60 5.65 4.58
O1G GNP WA . 31.21 6.54 5.75
O2G GNP WA . 32.36 6.39 3.52
O3G GNP WA . 30.47 5.00 3.88
N3B GNP WA . 32.47 4.42 5.16
PB GNP WA . 32.16 3.49 6.43
O1B GNP WA . 31.00 2.60 6.22
O2B GNP WA . 31.99 4.38 7.57
O3A GNP WA . 33.44 2.64 6.70
PA GNP WA . 34.09 1.39 5.98
O1A GNP WA . 34.62 1.73 4.65
O2A GNP WA . 33.22 0.21 6.11
O5' GNP WA . 35.37 1.06 6.80
C5' GNP WA . 36.44 2.02 6.88
C4' GNP WA . 37.69 1.34 7.35
O4' GNP WA . 37.49 0.89 8.73
C3' GNP WA . 38.07 0.10 6.55
O3' GNP WA . 39.46 0.11 6.28
C2' GNP WA . 37.61 -1.06 7.43
O2' GNP WA . 38.30 -2.27 7.27
C1' GNP WA . 37.73 -0.51 8.84
N9 GNP WA . 36.72 -1.07 9.79
C8 GNP WA . 35.38 -0.90 9.70
N7 GNP WA . 34.71 -1.49 10.65
C5 GNP WA . 35.70 -2.10 11.43
C6 GNP WA . 35.59 -2.90 12.62
O6 GNP WA . 34.60 -3.24 13.24
N1 GNP WA . 36.80 -3.32 13.10
C2 GNP WA . 38.02 -3.03 12.52
N2 GNP WA . 39.08 -3.55 13.16
N3 GNP WA . 38.14 -2.30 11.42
C4 GNP WA . 36.94 -1.86 10.92
MG MG XA . 27.29 2.18 3.09
CAC EWS YA . 13.81 6.77 1.13
CAD EWS YA . 12.36 7.26 0.99
CAE EWS YA . 14.29 6.09 -0.15
CAF EWS YA . 14.23 7.10 -1.31
CAH EWS YA . 11.98 7.62 -0.45
CAI EWS YA . 10.80 8.61 -0.44
CAJ EWS YA . 10.35 8.93 -1.72
CAK EWS YA . 9.45 8.05 -2.38
CAL EWS YA . 10.79 10.13 -2.34
CAM EWS YA . 10.34 10.45 -3.62
CAN EWS YA . 9.44 9.57 -4.28
CAO EWS YA . 9.00 8.37 -3.67
CAQ EWS YA . 13.59 2.81 3.17
CAR EWS YA . 12.95 1.64 3.64
CAS EWS YA . 13.13 1.24 4.98
CAT EWS YA . 13.94 2.04 5.82
CAU EWS YA . 14.52 3.15 5.32
CAV EWS YA . 14.36 3.54 4.01
CAX EWS YA . 15.65 4.97 5.02
CAZ EWS YA . 15.11 5.47 2.80
NAA EWS YA . 13.93 5.89 2.30
NAG EWS YA . 13.17 8.12 -1.20
NAW EWS YA . 15.32 4.04 5.90
OAB EWS YA . 16.20 5.75 2.27
CBA EWS YA . 15.05 4.67 3.87
CLA EWS YA . 8.89 9.95 -5.88
BRA EWS YA . 11.86 0.64 2.50
HAC EWS YA . 14.44 7.64 1.30
HAD EWS YA . 11.72 6.41 1.27
HAE EWS YA . 12.22 8.14 1.62
HAF EWS YA . 15.34 5.84 0.00
HAG EWS YA . 13.66 5.24 -0.37
HAI EWS YA . 15.17 7.64 -1.30
HAH EWS YA . 14.06 6.55 -2.24
HAJ EWS YA . 11.63 6.71 -0.94
HAL EWS YA . 9.99 8.11 0.09
HAK EWS YA . 11.13 9.54 0.05
HAM EWS YA . 9.13 7.14 -1.90
HAN EWS YA . 11.48 10.80 -1.82
HAO EWS YA . 10.66 11.37 -4.11
HAP EWS YA . 8.31 7.70 -4.20
HAQ EWS YA . 13.47 3.13 2.12
HAS EWS YA . 12.65 0.34 5.36
HAT EWS YA . 14.10 1.74 6.87
HAX EWS YA . 16.31 5.82 5.21
HAA EWS YA . 13.07 5.58 2.75
HAZ EWS YA . 13.54 8.92 -0.71
HAY EWS YA . 12.88 8.41 -2.11
HAW EWS YA . 15.61 4.00 6.86
C1 PCW ZA . 11.29 23.45 -13.70
C2 PCW ZA . 9.87 23.24 -14.34
C3 PCW ZA . 9.64 24.32 -15.46
C4 PCW ZA . 13.07 19.30 -13.86
C5 PCW ZA . 13.90 18.65 -12.76
C6 PCW ZA . 14.53 16.35 -12.36
C7 PCW ZA . 12.29 16.86 -12.76
C8 PCW ZA . 13.14 17.45 -10.73
C11 PCW ZA . 8.27 24.04 -17.40
C12 PCW ZA . 6.85 23.86 -17.81
C13 PCW ZA . 6.20 25.28 -17.98
C14 PCW ZA . 4.73 25.28 -18.41
C15 PCW ZA . 3.81 26.30 -17.68
C16 PCW ZA . 3.48 27.53 -18.60
C17 PCW ZA . 2.65 27.25 -19.90
C18 PCW ZA . 1.77 28.43 -20.33
C19 PCW ZA . 1.31 28.32 -21.81
C20 PCW ZA . 0.08 28.79 -22.26
C21 PCW ZA . -1.03 29.48 -21.56
C22 PCW ZA . -2.33 28.78 -22.04
C23 PCW ZA . -3.64 29.60 -21.95
C24 PCW ZA . -4.81 28.92 -21.31
C25 PCW ZA . -5.51 27.72 -21.98
C26 PCW ZA . -6.46 26.93 -21.08
C27 PCW ZA . -7.61 26.15 -21.76
C28 PCW ZA . -8.93 26.79 -21.43
C31 PCW ZA . 9.24 20.95 -14.26
C32 PCW ZA . 9.25 19.66 -15.09
C33 PCW ZA . 9.32 18.29 -14.26
C34 PCW ZA . 7.99 17.90 -13.62
C35 PCW ZA . 6.94 17.88 -14.80
C36 PCW ZA . 5.84 16.81 -14.61
C37 PCW ZA . 4.76 16.75 -15.73
C38 PCW ZA . 4.12 18.08 -15.96
C39 PCW ZA . 3.08 18.05 -17.05
C40 PCW ZA . 2.60 19.10 -17.71
C41 PCW ZA . 3.06 20.53 -17.48
C42 PCW ZA . 1.77 21.47 -17.55
C43 PCW ZA . 1.90 22.91 -17.08
C44 PCW ZA . 0.53 23.55 -17.26
C45 PCW ZA . 0.41 24.96 -16.72
C46 PCW ZA . -0.45 25.85 -17.56
C47 PCW ZA . -0.81 27.19 -16.95
C48 PCW ZA . -1.70 28.01 -17.90
N PCW ZA . 13.49 17.39 -12.19
O2 PCW ZA . 9.79 21.91 -15.00
O3 PCW ZA . 8.35 24.13 -16.04
O11 PCW ZA . 9.21 24.10 -18.15
O31 PCW ZA . 8.79 21.08 -13.09
O1P PCW ZA . 14.63 21.72 -14.23
O2P PCW ZA . 13.52 22.43 -12.12
O3P PCW ZA . 12.34 22.75 -14.39
O4P PCW ZA . 12.58 20.57 -13.33
P PCW ZA . 13.35 21.87 -13.49
C1 PCW AB . 13.20 11.80 -14.87
C2 PCW AB . 11.77 12.08 -15.46
C3 PCW AB . 11.81 13.29 -16.47
C4 PCW AB . 14.19 9.57 -10.67
C5 PCW AB . 14.86 9.81 -9.31
C6 PCW AB . 14.19 11.56 -7.79
C7 PCW AB . 14.42 9.37 -7.01
C8 PCW AB . 12.60 9.82 -8.30
C11 PCW AB . 9.71 14.44 -16.35
C12 PCW AB . 8.37 14.51 -17.00
C13 PCW AB . 8.35 15.77 -17.94
C14 PCW AB . 7.03 15.99 -18.69
C15 PCW AB . 7.08 17.06 -19.82
C16 PCW AB . 5.90 18.09 -19.67
C17 PCW AB . 6.19 19.57 -20.10
C18 PCW AB . 4.97 20.28 -20.66
C19 PCW AB . 5.32 21.60 -21.40
C20 PCW AB . 4.48 22.70 -21.40
C21 PCW AB . 3.16 22.95 -20.79
C22 PCW AB . 2.18 23.24 -21.97
C23 PCW AB . 1.32 24.53 -21.87
C24 PCW AB . 0.01 24.42 -21.16
C25 PCW AB . -1.22 25.24 -21.63
C26 PCW AB . -2.37 24.46 -22.24
C27 PCW AB . -3.28 23.66 -21.29
C28 PCW AB . -3.80 24.55 -20.19
C31 PCW AB . 12.03 10.46 -17.22
C32 PCW AB . 11.34 9.24 -17.86
C33 PCW AB . 10.40 9.58 -19.11
C34 PCW AB . 8.92 9.50 -18.78
C35 PCW AB . 8.38 10.98 -18.93
C36 PCW AB . 6.95 11.04 -19.49
C37 PCW AB . 6.36 12.47 -19.68
C38 PCW AB . 4.94 12.43 -20.16
C39 PCW AB . 4.36 13.81 -20.34
C40 PCW AB . 3.10 14.17 -20.18
C41 PCW AB . 1.98 13.22 -19.76
C42 PCW AB . 1.06 12.93 -21.04
C43 PCW AB . -0.42 13.23 -20.94
C44 PCW AB . -1.04 12.87 -22.29
C45 PCW AB . -1.50 14.02 -23.12
C46 PCW AB . -0.95 14.00 -24.53
C47 PCW AB . 0.35 14.72 -24.75
C48 PCW AB . 0.79 14.62 -26.22
N PCW AB . 14.06 10.12 -8.16
O2 PCW AB . 11.26 10.88 -16.20
O3 PCW AB . 10.48 13.51 -16.97
O11 PCW AB . 10.05 15.10 -15.39
O31 PCW AB . 13.12 10.96 -17.61
O1P PCW AB . 14.88 9.63 -13.50
O2P PCW AB . 15.69 11.93 -12.93
O3P PCW AB . 13.20 11.51 -13.45
O4P PCW AB . 14.22 10.83 -11.38
P PCW AB . 14.57 10.95 -12.85
C1 PCW BB . 10.71 -25.36 -11.05
C2 PCW BB . 9.53 -26.34 -11.42
C3 PCW BB . 9.76 -27.73 -10.74
C4 PCW BB . 13.84 -23.90 -10.86
C5 PCW BB . 14.72 -22.83 -10.20
C6 PCW BB . 15.72 -21.14 -11.83
C7 PCW BB . 14.30 -20.39 -9.98
C8 PCW BB . 15.95 -21.23 -9.88
C11 PCW BB . 8.69 -29.20 -12.32
C12 PCW BB . 7.48 -30.07 -12.46
C13 PCW BB . 7.90 -31.56 -12.20
C14 PCW BB . 6.77 -32.59 -12.30
C15 PCW BB . 5.98 -32.60 -13.63
C16 PCW BB . 4.83 -33.68 -13.57
C17 PCW BB . 3.36 -33.14 -13.66
C18 PCW BB . 2.52 -33.80 -14.76
C19 PCW BB . 1.14 -34.27 -14.28
C20 PCW BB . -0.04 -33.64 -14.64
C21 PCW BB . -0.31 -32.46 -15.51
C22 PCW BB . -0.77 -33.01 -16.89
C23 PCW BB . 0.34 -33.48 -17.88
C24 PCW BB . -0.12 -33.93 -19.22
C25 PCW BB . 0.83 -34.72 -20.16
C26 PCW BB . 0.26 -35.96 -20.81
C27 PCW BB . 1.15 -36.73 -21.82
C28 PCW BB . 0.45 -36.79 -23.17
C31 PCW BB . 7.35 -25.53 -11.88
C32 PCW BB . 6.08 -25.00 -11.20
C33 PCW BB . 4.99 -26.11 -10.79
C34 PCW BB . 4.23 -25.79 -9.51
C35 PCW BB . 3.48 -24.42 -9.81
C36 PCW BB . 2.02 -24.63 -10.26
C37 PCW BB . 1.24 -23.31 -10.57
C38 PCW BB . 0.67 -23.30 -11.95
C39 PCW BB . -0.07 -22.03 -12.26
C40 PCW BB . -1.39 -21.88 -12.35
C41 PCW BB . -2.40 -23.01 -12.15
C42 PCW BB . -3.85 -22.36 -12.11
C43 PCW BB . -4.40 -21.74 -13.39
C44 PCW BB . -5.79 -21.22 -13.07
C45 PCW BB . -6.90 -22.24 -13.16
C46 PCW BB . -7.42 -22.43 -14.56
C47 PCW BB . -7.62 -23.86 -15.01
C48 PCW BB . -8.16 -23.91 -16.44
N PCW BB . 14.77 -21.51 -10.76
O2 PCW BB . 8.24 -25.81 -10.92
O3 PCW BB . 8.70 -28.63 -11.08
O11 PCW BB . 9.53 -29.03 -13.17
O31 PCW BB . 7.51 -25.68 -13.12
O1P PCW BB . 11.52 -22.38 -10.03
O2P PCW BB . 11.85 -23.58 -7.87
O3P PCW BB . 10.53 -24.68 -9.79
O4P PCW BB . 12.96 -24.42 -9.83
P PCW BB . 11.73 -23.69 -9.34
C1 PCW CB . -32.94 -6.96 -7.62
C2 PCW CB . -32.05 -8.05 -6.88
C3 PCW CB . -30.62 -8.13 -7.53
C4 PCW CB . -35.77 -8.81 -9.69
C5 PCW CB . -35.74 -10.26 -10.18
C6 PCW CB . -33.78 -10.92 -8.68
C7 PCW CB . -35.11 -12.64 -9.81
C8 PCW CB . -34.06 -11.34 -10.59
C11 PCW CB . -29.73 -10.36 -7.39
C12 PCW CB . -28.82 -11.22 -6.55
C13 PCW CB . -29.70 -11.92 -5.45
C14 PCW CB . -28.93 -12.84 -4.51
C15 PCW CB . -28.12 -12.12 -3.38
C16 PCW CB . -28.49 -12.68 -1.97
C17 PCW CB . -28.54 -11.65 -0.79
C18 PCW CB . -28.57 -12.30 0.59
C19 PCW CB . -29.95 -12.93 0.92
C20 PCW CB . -30.23 -13.48 2.16
C21 PCW CB . -29.42 -13.63 3.40
C22 PCW CB . -29.85 -12.49 4.37
C23 PCW CB . -29.23 -12.48 5.79
C24 PCW CB . -27.88 -11.84 5.95
C25 PCW CB . -26.97 -12.17 7.17
C26 PCW CB . -25.96 -11.12 7.56
C27 PCW CB . -25.32 -11.20 8.97
C28 PCW CB . -25.84 -10.08 9.84
C31 PCW CB . -32.62 -8.33 -4.61
C32 PCW CB . -32.33 -7.81 -3.18
C33 PCW CB . -33.30 -6.65 -2.66
C34 PCW CB . -33.98 -6.97 -1.32
C35 PCW CB . -32.87 -6.70 -0.21
C36 PCW CB . -33.48 -6.31 1.16
C37 PCW CB . -32.44 -6.03 2.29
C38 PCW CB . -31.31 -5.18 1.81
C39 PCW CB . -30.29 -4.91 2.89
C40 PCW CB . -28.98 -5.13 2.83
C41 PCW CB . -28.27 -5.69 1.60
C42 PCW CB . -26.98 -6.49 2.09
C43 PCW CB . -26.86 -7.95 1.71
C44 PCW CB . -25.56 -8.48 2.30
C45 PCW CB . -25.70 -9.73 3.11
C46 PCW CB . -24.42 -10.24 3.68
C47 PCW CB . -23.47 -10.91 2.72
C48 PCW CB . -22.20 -11.38 3.44
N PCW CB . -35.00 -11.24 -9.44
O2 PCW CB . -31.87 -7.65 -5.46
O3 PCW CB . -29.83 -9.11 -6.85
O11 PCW CB . -30.27 -10.72 -8.40
O31 PCW CB . -33.43 -9.27 -4.90
O1P PCW CB . -35.17 -6.04 -9.00
O2P PCW CB . -33.96 -6.06 -11.18
O3P PCW CB . -32.81 -6.95 -9.05
O4P PCW CB . -34.57 -8.17 -10.20
P PCW CB . -34.18 -6.74 -9.87
C1 PCW DB . -29.12 0.91 -15.00
C2 PCW DB . -27.98 1.01 -13.93
C3 PCW DB . -28.59 1.36 -12.54
C4 PCW DB . -29.72 -3.92 -14.94
C5 PCW DB . -30.50 -4.27 -13.68
C6 PCW DB . -28.49 -4.52 -12.14
C7 PCW DB . -30.69 -4.00 -11.22
C8 PCW DB . -30.19 -5.53 -12.11
C11 PCW DB . -27.51 0.51 -10.58
C12 PCW DB . -26.33 0.77 -9.66
C13 PCW DB . -26.64 0.15 -8.24
C14 PCW DB . -25.54 0.32 -7.19
C15 PCW DB . -24.63 1.58 -7.33
C16 PCW DB . -23.92 1.92 -5.96
C17 PCW DB . -23.76 3.42 -5.59
C18 PCW DB . -22.42 3.76 -4.96
C19 PCW DB . -22.04 5.26 -5.08
C20 PCW DB . -20.78 5.73 -4.79
C21 PCW DB . -19.55 5.04 -4.30
C22 PCW DB . -18.96 4.28 -5.52
C23 PCW DB . -17.51 4.62 -5.94
C24 PCW DB . -16.43 4.26 -4.97
C25 PCW DB . -15.05 5.00 -5.00
C26 PCW DB . -14.37 5.23 -3.68
C27 PCW DB . -13.45 4.13 -3.12
C28 PCW DB . -12.36 4.73 -2.27
C31 PCW DB . -26.19 -0.42 -14.52
C32 PCW DB . -25.57 -1.81 -14.26
C33 PCW DB . -25.73 -2.37 -12.76
C34 PCW DB . -24.44 -2.98 -12.21
C35 PCW DB . -24.05 -2.10 -10.95
C36 PCW DB . -22.96 -2.76 -10.07
C37 PCW DB . -22.53 -1.94 -8.81
C38 PCW DB . -21.60 -0.82 -9.18
C39 PCW DB . -21.14 0.00 -8.02
C40 PCW DB . -20.04 0.76 -7.94
C41 PCW DB . -19.02 0.93 -9.07
C42 PCW DB . -19.71 1.73 -10.26
C43 PCW DB . -19.69 1.12 -11.65
C44 PCW DB . -20.41 2.11 -12.56
C45 PCW DB . -20.28 1.81 -14.04
C46 PCW DB . -21.51 2.15 -14.82
C47 PCW DB . -21.83 1.24 -15.98
C48 PCW DB . -23.11 1.68 -16.70
N PCW DB . -29.88 -4.10 -12.41
O2 PCW DB . -27.28 -0.31 -13.78
O3 PCW DB . -27.53 1.44 -11.57
O11 PCW DB . -28.31 -0.38 -10.45
O31 PCW DB . -25.72 0.46 -15.29
O1P PCW DB . -29.72 -1.53 -13.29
O2P PCW DB . -31.70 -0.90 -14.67
O3P PCW DB . -29.32 -0.42 -15.52
O4P PCW DB . -30.26 -2.66 -15.46
P PCW DB . -30.29 -1.37 -14.66
C1 PCW EB . -38.47 -0.59 4.26
C2 PCW EB . -37.92 0.20 5.51
C3 PCW EB . -37.88 -0.74 6.77
C4 PCW EB . -41.97 0.04 3.03
C5 PCW EB . -43.04 -0.30 2.02
C6 PCW EB . -44.47 1.82 2.04
C7 PCW EB . -44.17 0.53 -0.02
C8 PCW EB . -45.01 0.00 1.55
C11 PCW EB . -38.31 0.46 8.80
C12 PCW EB . -37.61 1.20 9.92
C13 PCW EB . -38.60 1.32 11.14
C14 PCW EB . -38.04 2.04 12.36
C15 PCW EB . -38.73 3.39 12.74
C16 PCW EB . -37.89 4.62 12.21
C17 PCW EB . -37.58 5.75 13.24
C18 PCW EB . -36.18 5.63 13.86
C19 PCW EB . -36.16 5.91 15.38
C20 PCW EB . -35.12 5.49 16.19
C21 PCW EB . -33.87 4.74 15.89
C22 PCW EB . -33.40 4.10 17.24
C23 PCW EB . -32.06 4.60 17.82
C24 PCW EB . -32.07 5.97 18.46
C25 PCW EB . -30.95 6.39 19.45
C26 PCW EB . -29.59 6.68 18.84
C27 PCW EB . -28.56 7.43 19.72
C28 PCW EB . -27.76 8.39 18.87
C31 PCW EB . -36.42 1.84 4.65
C32 PCW EB . -34.93 2.15 4.41
C33 PCW EB . -34.63 2.93 3.04
C34 PCW EB . -33.57 2.26 2.17
C35 PCW EB . -32.18 2.75 2.76
C36 PCW EB . -31.80 4.16 2.27
C37 PCW EB . -30.43 4.71 2.82
C38 PCW EB . -30.04 4.05 4.12
C39 PCW EB . -28.74 4.57 4.67
C40 PCW EB . -28.58 5.27 5.79
C41 PCW EB . -29.72 5.67 6.70
C42 PCW EB . -29.58 4.84 8.05
C43 PCW EB . -30.64 4.99 9.13
C44 PCW EB . -30.24 4.09 10.29
C45 PCW EB . -28.95 4.46 10.99
C46 PCW EB . -28.94 5.86 11.55
C47 PCW EB . -27.63 6.61 11.42
C48 PCW EB . -27.75 8.02 12.03
N PCW EB . -43.74 0.75 1.34
O2 PCW EB . -36.51 0.65 5.24
O3 PCW EB . -37.39 -0.02 7.91
O11 PCW EB . -39.49 0.31 8.71
O31 PCW EB . -37.39 2.59 4.34
O1P PCW EB . -39.97 1.89 4.01
O2P PCW EB . -39.38 2.08 1.59
O3P PCW EB . -38.41 0.15 3.03
O4P PCW EB . -40.73 0.22 2.30
P PCW EB . -39.63 1.16 2.74
C1 PCW FB . -26.13 2.33 -19.87
C2 PCW FB . -25.03 1.19 -19.77
C3 PCW FB . -25.69 -0.22 -19.92
C4 PCW FB . -26.61 5.47 -21.56
C5 PCW FB . -26.50 6.18 -20.21
C6 PCW FB . -23.95 6.15 -20.09
C7 PCW FB . -25.23 7.74 -18.75
C8 PCW FB . -25.24 5.90 -18.63
C11 PCW FB . -24.77 -2.15 -18.83
C12 PCW FB . -23.61 -3.10 -18.91
C13 PCW FB . -22.59 -2.70 -17.78
C14 PCW FB . -21.33 -3.58 -17.71
C15 PCW FB . -19.99 -2.82 -17.45
C16 PCW FB . -19.59 -1.94 -18.69
C17 PCW FB . -19.45 -0.40 -18.44
C18 PCW FB . -18.01 0.07 -18.34
C19 PCW FB . -17.40 -0.16 -16.94
C20 PCW FB . -16.20 -0.85 -16.77
C21 PCW FB . -15.27 -1.50 -17.72
C22 PCW FB . -14.51 -2.61 -16.93
C23 PCW FB . -13.17 -2.23 -16.28
C24 PCW FB . -12.18 -3.33 -16.05
C25 PCW FB . -12.39 -4.38 -14.91
C26 PCW FB . -11.40 -4.34 -13.76
C27 PCW FB . -11.97 -4.23 -12.33
C28 PCW FB . -11.06 -3.35 -11.49
C31 PCW FB . -23.13 2.30 -20.67
C32 PCW FB . -22.17 2.30 -21.87
C33 PCW FB . -20.93 1.30 -21.73
C34 PCW FB . -21.34 -0.17 -21.66
C35 PCW FB . -20.79 -0.80 -22.99
C36 PCW FB . -21.33 -2.23 -23.24
C37 PCW FB . -20.83 -2.91 -24.54
C38 PCW FB . -21.72 -4.03 -24.97
C39 PCW FB . -21.24 -4.71 -26.23
C40 PCW FB . -20.17 -5.48 -26.37
C41 PCW FB . -19.20 -5.81 -25.25
C42 PCW FB . -17.80 -6.21 -25.90
C43 PCW FB . -16.65 -5.23 -25.78
C44 PCW FB . -15.46 -5.87 -26.47
C45 PCW FB . -14.29 -4.95 -26.71
C46 PCW FB . -13.09 -5.27 -25.89
C47 PCW FB . -11.75 -4.85 -26.42
C48 PCW FB . -10.62 -5.26 -25.46
N PCW FB . -25.26 6.78 -19.83
O2 PCW FB . -24.03 1.34 -20.86
O3 PCW FB . -24.67 -1.24 -19.82
O11 PCW FB . -25.65 -2.20 -18.01
O31 PCW FB . -23.07 3.09 -19.68
O1P PCW FB . -26.13 2.93 -22.87
O2P PCW FB . -28.62 2.76 -22.80
O3P PCW FB . -27.22 2.03 -20.77
O4P PCW FB . -27.55 4.37 -21.39
P PCW FB . -27.37 3.02 -22.04
C1 PCW GB . -23.30 18.59 -20.74
C2 PCW GB . -22.20 18.55 -19.60
C3 PCW GB . -22.87 18.34 -18.20
C4 PCW GB . -23.09 18.40 -24.89
C5 PCW GB . -22.03 19.52 -25.03
C6 PCW GB . -22.42 21.23 -26.89
C7 PCW GB . -22.40 21.91 -24.53
C8 PCW GB . -21.01 21.22 -25.54
C11 PCW GB . -21.65 19.46 -16.48
C12 PCW GB . -20.53 19.23 -15.48
C13 PCW GB . -20.68 20.29 -14.33
C14 PCW GB . -19.62 20.21 -13.21
C15 PCW GB . -18.16 20.57 -13.62
C16 PCW GB . -18.12 21.96 -14.36
C17 PCW GB . -18.11 23.25 -13.47
C18 PCW GB . -17.45 24.45 -14.15
C19 PCW GB . -18.00 24.73 -15.57
C20 PCW GB . -18.71 25.89 -15.87
C21 PCW GB . -19.11 27.06 -15.06
C22 PCW GB . -18.02 28.15 -15.28
C23 PCW GB . -16.80 28.13 -14.31
C24 PCW GB . -15.89 29.32 -14.34
C25 PCW GB . -14.63 29.36 -15.26
C26 PCW GB . -14.88 29.67 -16.72
C27 PCW GB . -13.66 30.08 -17.58
C28 PCW GB . -13.45 31.58 -17.50
C31 PCW GB . -19.99 17.66 -19.68
C32 PCW GB . -19.20 16.38 -19.94
C33 PCW GB . -17.93 16.16 -18.99
C34 PCW GB . -18.00 14.85 -18.19
C35 PCW GB . -16.52 14.29 -18.18
C36 PCW GB . -16.44 12.87 -17.58
C37 PCW GB . -15.00 12.24 -17.55
C38 PCW GB . -14.10 13.00 -16.63
C39 PCW GB . -12.71 12.41 -16.58
C40 PCW GB . -11.79 12.63 -15.65
C41 PCW GB . -11.98 13.53 -14.45
C42 PCW GB . -10.90 13.13 -13.35
C43 PCW GB . -9.50 13.70 -13.46
C44 PCW GB . -8.70 13.16 -12.29
C45 PCW GB . -7.23 13.46 -12.32
C46 PCW GB . -6.83 14.63 -11.47
C47 PCW GB . -6.75 14.38 -9.98
C48 PCW GB . -6.33 15.65 -9.23
N PCW GB . -22.45 20.82 -25.47
O2 PCW GB . -21.29 17.39 -19.82
O3 PCW GB . -21.86 18.31 -17.19
O11 PCW GB . -22.25 20.49 -16.64
O31 PCW GB . -19.49 18.80 -19.39
O1P PCW GB . -24.29 16.13 -23.53
O2P PCW GB . -25.73 17.88 -22.50
O3P PCW GB . -23.41 17.37 -21.51
O4P PCW GB . -23.71 18.58 -23.59
P PCW GB . -24.35 17.45 -22.81
C1 PCW HB . -19.93 12.05 -26.37
C2 PCW HB . -18.56 11.41 -25.93
C3 PCW HB . -17.48 11.64 -27.05
C4 PCW HB . -21.79 8.44 -24.28
C5 PCW HB . -21.20 7.04 -24.46
C6 PCW HB . -22.41 6.08 -26.30
C7 PCW HB . -23.27 5.87 -24.15
C8 PCW HB . -21.46 4.60 -24.67
C11 PCW HB . -16.00 9.74 -26.97
C12 PCW HB . -14.64 9.35 -26.48
C13 PCW HB . -13.60 9.66 -27.62
C14 PCW HB . -12.15 9.31 -27.29
C15 PCW HB . -11.07 10.00 -28.16
C16 PCW HB . -10.37 11.16 -27.36
C17 PCW HB . -9.61 12.26 -28.20
C18 PCW HB . -8.08 12.14 -28.15
C19 PCW HB . -7.56 11.13 -27.10
C20 PCW HB . -6.71 11.49 -26.07
C21 PCW HB . -6.09 12.79 -25.68
C22 PCW HB . -4.55 12.55 -25.59
C23 PCW HB . -3.87 11.76 -26.74
C24 PCW HB . -2.86 12.51 -27.57
C25 PCW HB . -2.03 11.77 -28.65
C26 PCW HB . -0.51 11.79 -28.48
C27 PCW HB . 0.25 10.46 -28.64
C28 PCW HB . 0.30 9.73 -27.33
C31 PCW HB . -18.53 11.53 -23.56
C32 PCW HB . -17.93 12.29 -22.37
C33 PCW HB . -17.75 13.87 -22.59
C34 PCW HB . -16.37 14.24 -23.14
C35 PCW HB . -15.39 14.15 -21.89
C36 PCW HB . -14.74 15.51 -21.57
C37 PCW HB . -13.77 15.51 -20.34
C38 PCW HB . -12.44 14.88 -20.68
C39 PCW HB . -11.51 14.87 -19.50
C40 PCW HB . -10.77 15.89 -19.05
C41 PCW HB . -10.74 17.27 -19.68
C42 PCW HB . -9.67 18.14 -18.89
C43 PCW HB . -8.33 18.43 -19.56
C44 PCW HB . -7.52 19.27 -18.58
C45 PCW HB . -6.94 18.51 -17.41
C46 PCW HB . -5.56 18.96 -17.02
C47 PCW HB . -4.72 17.99 -16.23
C48 PCW HB . -3.35 18.58 -15.87
N PCW HB . -22.04 5.96 -24.87
O2 PCW HB . -18.06 12.06 -24.69
O3 PCW HB . -16.23 11.05 -26.66
O11 PCW HB . -16.76 9.04 -27.57
O31 PCW HB . -19.33 10.54 -23.49
O1P PCW HB . -23.31 10.57 -25.53
O2P PCW HB . -21.78 10.13 -27.44
O3P PCW HB . -21.06 11.70 -25.53
O4P PCW HB . -21.17 9.27 -25.29
P PCW HB . -21.90 10.40 -26.00
C1 PCW IB . -37.95 -33.33 0.32
C2 PCW IB . -36.39 -33.18 0.39
C3 PCW IB . -35.82 -33.82 1.69
C4 PCW IB . -37.16 -29.23 -0.70
C5 PCW IB . -36.46 -28.29 0.29
C6 PCW IB . -37.76 -26.32 0.79
C7 PCW IB . -36.65 -26.46 -1.26
C8 PCW IB . -35.38 -26.08 0.58
C11 PCW IB . -33.67 -34.46 2.54
C12 PCW IB . -32.21 -34.12 2.41
C13 PCW IB . -31.81 -33.24 3.63
C14 PCW IB . -30.34 -32.80 3.65
C15 PCW IB . -30.08 -31.28 3.88
C16 PCW IB . -28.55 -30.98 3.92
C17 PCW IB . -27.79 -31.30 5.25
C18 PCW IB . -26.70 -32.35 5.10
C19 PCW IB . -26.96 -33.62 5.95
C20 PCW IB . -26.86 -33.62 7.33
C21 PCW IB . -26.52 -32.55 8.31
C22 PCW IB . -25.45 -33.14 9.28
C23 PCW IB . -24.52 -32.14 10.01
C24 PCW IB . -23.29 -32.70 10.65
C25 PCW IB . -22.48 -31.87 11.70
C26 PCW IB . -21.01 -32.19 11.82
C27 PCW IB . -20.09 -31.14 12.48
C28 PCW IB . -19.94 -31.43 13.96
C31 PCW IB . -34.86 -33.15 -1.41
C32 PCW IB . -34.29 -34.00 -2.57
C33 PCW IB . -33.28 -35.17 -2.12
C34 PCW IB . -31.81 -34.80 -2.32
C35 PCW IB . -31.00 -36.15 -2.13
C36 PCW IB . -29.51 -35.91 -1.78
C37 PCW IB . -28.65 -37.20 -1.58
C38 PCW IB . -27.19 -36.92 -1.65
C39 PCW IB . -26.34 -38.14 -1.46
C40 PCW IB . -25.12 -38.21 -0.93
C41 PCW IB . -24.35 -37.00 -0.42
C42 PCW IB . -24.07 -37.21 1.14
C43 PCW IB . -23.28 -36.16 1.89
C44 PCW IB . -23.17 -36.62 3.34
C45 PCW IB . -24.32 -36.22 4.23
C46 PCW IB . -24.62 -37.22 5.32
C47 PCW IB . -24.93 -38.63 4.88
C48 PCW IB . -25.24 -39.53 6.09
N PCW IB . -36.57 -26.86 0.11
O2 PCW IB . -35.75 -33.88 -0.76
O3 PCW IB . -34.40 -33.67 1.72
O11 PCW IB . -34.12 -35.31 3.26
O31 PCW IB . -34.52 -31.96 -1.15
O1P PCW IB . -39.78 -30.35 -1.25
O2P PCW IB . -39.67 -31.04 1.15
O3P PCW IB . -38.57 -32.49 -0.66
O4P PCW IB . -37.63 -30.37 0.07
P PCW IB . -38.98 -31.01 -0.16
C1 PCW JB . -18.10 -2.60 -28.94
C2 PCW JB . -17.59 -1.56 -27.85
C3 PCW JB . -18.36 -1.76 -26.49
C4 PCW JB . -17.83 -4.31 -32.03
C5 PCW JB . -18.92 -4.07 -33.08
C6 PCW JB . -18.19 -6.07 -34.47
C7 PCW JB . -20.19 -4.80 -35.08
C8 PCW JB . -18.44 -4.21 -35.07
C11 PCW JB . -18.39 0.44 -25.50
C12 PCW JB . -17.77 1.22 -24.37
C13 PCW JB . -18.73 2.42 -23.99
C14 PCW JB . -18.27 3.30 -22.84
C15 PCW JB . -16.96 4.13 -23.08
C16 PCW JB . -15.98 4.00 -21.86
C17 PCW JB . -15.06 5.23 -21.54
C18 PCW JB . -13.58 4.98 -21.85
C19 PCW JB . -12.65 5.28 -20.65
C20 PCW JB . -11.47 4.59 -20.44
C21 PCW JB . -10.79 3.50 -21.19
C22 PCW JB . -10.31 2.46 -20.13
C23 PCW JB . -8.81 2.49 -19.73
C24 PCW JB . -8.50 2.54 -18.27
C25 PCW JB . -9.03 1.45 -17.28
C26 PCW JB . -8.02 0.44 -16.78
C27 PCW JB . -8.46 -0.56 -15.69
C28 PCW JB . -8.93 -1.85 -16.32
C31 PCW JB . -15.41 -0.68 -27.73
C32 PCW JB . -13.94 -1.04 -27.43
C33 PCW JB . -12.85 0.02 -27.93
C34 PCW JB . -11.86 0.43 -26.85
C35 PCW JB . -11.09 -0.91 -26.47
C36 PCW JB . -9.97 -0.66 -25.44
C37 PCW JB . -9.17 -1.93 -25.01
C38 PCW JB . -7.92 -1.58 -24.27
C39 PCW JB . -7.13 -2.81 -23.87
C40 PCW JB . -5.98 -2.86 -23.22
C41 PCW JB . -5.21 -1.64 -22.73
C42 PCW JB . -3.78 -2.13 -22.23
C43 PCW JB . -2.66 -2.22 -23.24
C44 PCW JB . -1.43 -2.70 -22.49
C45 PCW JB . -0.12 -2.13 -22.98
C46 PCW JB . 0.15 -2.42 -24.43
C47 PCW JB . 1.32 -1.70 -25.06
C48 PCW JB . 1.46 -2.09 -26.54
N PCW JB . -19.18 -5.05 -34.08
O2 PCW JB . -16.14 -1.77 -27.59
O3 PCW JB . -17.87 -0.82 -25.52
O11 PCW JB . -19.22 0.85 -26.26
O31 PCW JB . -15.83 0.46 -28.06
O1P PCW JB . -16.34 -5.21 -29.71
O2P PCW JB . -18.46 -6.44 -29.22
O3P PCW JB . -18.18 -3.97 -28.48
O4P PCW JB . -18.53 -4.66 -30.81
P PCW JB . -17.82 -5.13 -29.56
C1 PCW KB . -19.41 -26.21 -26.68
C2 PCW KB . -17.86 -26.53 -26.79
C3 PCW KB . -17.02 -25.26 -26.46
C4 PCW KB . -22.27 -26.53 -24.58
C5 PCW KB . -23.07 -27.42 -23.63
C6 PCW KB . -24.96 -27.87 -22.20
C7 PCW KB . -25.30 -27.61 -24.48
C8 PCW KB . -24.85 -25.73 -23.28
C11 PCW KB . -15.06 -25.63 -27.81
C12 PCW KB . -13.59 -25.95 -27.70
C13 PCW KB . -13.04 -26.17 -29.17
C14 PCW KB . -11.54 -26.52 -29.26
C15 PCW KB . -11.04 -26.93 -30.68
C16 PCW KB . -9.48 -26.76 -30.78
C17 PCW KB . -8.91 -26.26 -32.15
C18 PCW KB . -7.40 -26.49 -32.30
C19 PCW KB . -6.83 -25.90 -33.63
C20 PCW KB . -5.62 -25.23 -33.67
C21 PCW KB . -4.61 -24.90 -32.64
C22 PCW KB . -3.30 -24.52 -33.39
C23 PCW KB . -1.98 -24.63 -32.61
C24 PCW KB . -1.87 -23.80 -31.36
C25 PCW KB . -0.47 -23.32 -30.83
C26 PCW KB . -0.12 -23.71 -29.41
C27 PCW KB . 1.30 -24.23 -29.13
C28 PCW KB . 1.82 -23.66 -27.84
C31 PCW KB . -16.88 -28.64 -26.30
C32 PCW KB . -16.58 -29.62 -25.16
C33 PCW KB . -15.75 -29.01 -23.94
C34 PCW KB . -14.30 -29.49 -23.89
C35 PCW KB . -14.29 -30.67 -22.83
C36 PCW KB . -12.85 -31.16 -22.54
C37 PCW KB . -12.74 -32.33 -21.51
C38 PCW KB . -11.34 -32.87 -21.43
C39 PCW KB . -11.22 -33.99 -20.44
C40 PCW KB . -10.87 -33.90 -19.17
C41 PCW KB . -10.54 -32.58 -18.46
C42 PCW KB . -8.95 -32.48 -18.36
C43 PCW KB . -8.34 -31.78 -17.16
C44 PCW KB . -6.83 -31.84 -17.33
C45 PCW KB . -6.13 -30.50 -17.40
C46 PCW KB . -4.82 -30.53 -18.14
C47 PCW KB . -3.75 -29.56 -17.66
C48 PCW KB . -2.47 -29.70 -18.50
N PCW KB . -24.47 -27.16 -23.41
O2 PCW KB . -17.51 -27.59 -25.79
O3 PCW KB . -15.61 -25.56 -26.56
O11 PCW KB . -15.66 -25.45 -28.85
O31 PCW KB . -16.58 -28.82 -27.53
O1P PCW KB . -22.74 -26.71 -27.45
O2P PCW KB . -21.83 -29.01 -27.15
O3P PCW KB . -20.24 -27.02 -27.53
O4P PCW KB . -21.45 -27.41 -25.40
P PCW KB . -21.63 -27.56 -26.90
C1 PCW LB . -35.68 9.03 -1.20
C2 PCW LB . -34.46 9.97 -0.88
C3 PCW LB . -34.96 11.42 -0.49
C4 PCW LB . -37.49 7.39 -4.01
C5 PCW LB . -36.51 7.63 -5.18
C6 PCW LB . -37.59 5.80 -6.59
C7 PCW LB . -35.75 7.14 -7.49
C8 PCW LB . -35.71 5.97 -6.06
C11 PCW LB . -34.03 13.40 0.51
C12 PCW LB . -32.72 14.11 0.71
C13 PCW LB . -31.98 13.47 1.94
C14 PCW LB . -30.63 14.09 2.28
C15 PCW LB . -29.41 13.11 2.26
C16 PCW LB . -29.02 12.71 3.72
C17 PCW LB . -27.61 13.16 4.23
C18 PCW LB . -27.58 13.44 5.74
C19 PCW LB . -26.24 13.06 6.41
C20 PCW LB . -25.77 13.68 7.55
C21 PCW LB . -26.32 14.78 8.39
C22 PCW LB . -25.24 15.14 9.43
C23 PCW LB . -24.23 16.26 9.06
C24 PCW LB . -24.36 17.55 9.82
C25 PCW LB . -23.19 18.56 9.90
C26 PCW LB . -23.37 19.75 10.82
C27 PCW LB . -23.54 21.15 10.18
C28 PCW LB . -24.96 21.62 10.32
C31 PCW LB . -32.37 9.49 0.12
C32 PCW LB . -31.74 8.89 1.40
C33 PCW LB . -30.32 9.50 1.80
C34 PCW LB . -29.59 8.68 2.88
C35 PCW LB . -28.06 8.73 2.48
C36 PCW LB . -27.15 9.19 3.64
C37 PCW LB . -25.62 9.26 3.32
C38 PCW LB . -25.01 10.53 3.80
C39 PCW LB . -23.53 10.61 3.50
C40 PCW LB . -22.61 11.28 4.19
C41 PCW LB . -22.91 12.09 5.42
C42 PCW LB . -21.79 11.79 6.53
C43 PCW LB . -21.24 10.38 6.66
C44 PCW LB . -20.21 10.42 7.78
C45 PCW LB . -19.05 11.37 7.57
C46 PCW LB . -17.90 11.14 8.50
C47 PCW LB . -18.18 11.37 9.97
C48 PCW LB . -16.93 11.09 10.81
N PCW LB . -36.73 6.98 -6.44
O2 PCW LB . -33.70 9.43 0.28
O3 PCW LB . -33.82 12.25 -0.20
O11 PCW LB . -35.10 13.77 0.93
O31 PCW LB . -31.75 9.95 -0.87
O1P PCW LB . -38.23 7.53 -1.21
O2P PCW LB . -39.45 9.58 -1.96
O3P PCW LB . -36.95 9.72 -1.36
O4P PCW LB . -37.77 8.68 -3.41
P PCW LB . -38.16 8.84 -1.95
C1 PCW MB . -32.83 -29.33 -5.83
C2 PCW MB . -31.73 -29.90 -4.85
C3 PCW MB . -32.35 -31.05 -3.98
C4 PCW MB . -31.08 -32.02 -8.79
C5 PCW MB . -31.07 -32.55 -10.23
C6 PCW MB . -28.63 -31.96 -10.65
C7 PCW MB . -29.81 -33.52 -12.14
C8 PCW MB . -30.15 -31.72 -11.87
C11 PCW MB . -31.11 -30.89 -1.94
C12 PCW MB . -30.07 -31.62 -1.14
C13 PCW MB . -28.69 -30.89 -1.32
C14 PCW MB . -27.50 -31.52 -0.57
C15 PCW MB . -27.69 -32.99 -0.08
C16 PCW MB . -27.29 -33.13 1.43
C17 PCW MB . -26.56 -34.45 1.86
C18 PCW MB . -27.42 -35.71 1.73
C19 PCW MB . -28.33 -35.95 2.96
C20 PCW MB . -29.60 -36.52 2.86
C21 PCW MB . -30.40 -37.00 1.71
C22 PCW MB . -31.02 -38.36 2.14
C23 PCW MB . -30.74 -39.58 1.23
C24 PCW MB . -29.32 -39.86 0.88
C25 PCW MB . -28.55 -41.06 1.51
C26 PCW MB . -28.34 -41.00 3.01
C27 PCW MB . -27.99 -42.32 3.73
C28 PCW MB . -26.52 -42.36 4.06
C31 PCW MB . -29.47 -29.74 -5.57
C32 PCW MB . -28.39 -30.45 -6.39
C33 PCW MB . -27.50 -31.52 -5.60
C34 PCW MB . -28.30 -32.35 -4.60
C35 PCW MB . -27.72 -33.82 -4.71
C36 PCW MB . -28.76 -34.84 -5.21
C37 PCW MB . -28.27 -36.32 -5.36
C38 PCW MB . -29.39 -37.28 -5.25
C39 PCW MB . -28.95 -38.72 -5.38
C40 PCW MB . -29.69 -39.80 -5.13
C41 PCW MB . -31.13 -39.75 -4.65
C42 PCW MB . -31.48 -41.15 -3.97
C43 PCW MB . -31.46 -41.25 -2.45
C44 PCW MB . -31.84 -42.68 -2.09
C45 PCW MB . -30.69 -43.57 -1.71
C46 PCW MB . -31.05 -44.64 -0.71
C47 PCW MB . -30.79 -44.33 0.74
C48 PCW MB . -31.19 -45.50 1.64
N PCW MB . -29.83 -32.80 -10.88
O2 PCW MB . -30.58 -30.48 -5.61
O3 PCW MB . -31.37 -31.58 -3.07
O11 PCW MB . -31.63 -29.86 -1.61
O31 PCW MB . -29.33 -28.63 -4.97
O1P PCW MB . -33.63 -31.22 -7.66
O2P PCW MB . -33.51 -29.44 -9.43
O3P PCW MB . -32.33 -29.09 -7.17
O4P PCW MB . -31.50 -30.63 -8.87
P PCW MB . -32.82 -30.13 -8.31
C1 PCW NB . -40.34 5.97 7.53
C2 PCW NB . -39.30 5.71 8.71
C3 PCW NB . -37.85 6.11 8.26
C4 PCW NB . -42.30 7.00 4.17
C5 PCW NB . -41.84 7.61 2.85
C6 PCW NB . -42.14 8.90 0.83
C7 PCW NB . -43.51 9.32 2.67
C8 PCW NB . -43.90 7.40 1.50
C11 PCW NB . -35.70 6.44 9.29
C12 PCW NB . -34.89 6.03 10.49
C13 PCW NB . -34.31 7.34 11.14
C14 PCW NB . -33.45 7.12 12.38
C15 PCW NB . -33.48 8.26 13.44
C16 PCW NB . -32.40 8.01 14.56
C17 PCW NB . -30.89 8.03 14.14
C18 PCW NB . -29.95 7.49 15.23
C19 PCW NB . -29.74 5.96 15.14
C20 PCW NB . -28.54 5.35 15.51
C21 PCW NB . -27.27 5.89 16.05
C22 PCW NB . -26.19 4.80 15.82
C23 PCW NB . -25.80 4.48 14.36
C24 PCW NB . -24.35 4.43 14.05
C25 PCW NB . -23.83 4.69 12.61
C26 PCW NB . -23.52 3.47 11.80
C27 PCW NB . -22.65 3.65 10.53
C28 PCW NB . -21.62 2.56 10.47
C31 PCW NB . -39.46 7.86 9.85
C32 PCW NB . -39.89 8.45 11.21
C33 PCW NB . -39.47 9.98 11.45
C34 PCW NB . -39.09 10.29 12.89
C35 PCW NB . -38.05 11.49 12.79
C36 PCW NB . -36.61 11.07 13.16
C37 PCW NB . -35.54 12.21 13.07
C38 PCW NB . -34.18 11.71 13.40
C39 PCW NB . -33.13 12.80 13.31
C40 PCW NB . -32.11 12.99 14.15
C41 PCW NB . -31.82 12.12 15.36
C42 PCW NB . -30.29 11.68 15.30
C43 PCW NB . -29.64 11.08 16.53
C44 PCW NB . -28.20 10.75 16.17
C45 PCW NB . -27.21 11.88 16.36
C46 PCW NB . -26.99 12.26 17.79
C47 PCW NB . -26.55 13.69 18.05
C48 PCW NB . -26.36 13.94 19.55
N PCW NB . -42.79 8.28 2.00
O2 PCW NB . -39.66 6.53 9.93
O3 PCW NB . -36.94 5.86 9.35
O11 PCW NB . -35.31 7.14 8.39
O31 PCW NB . -39.01 8.50 8.87
O1P PCW NB . -41.58 9.21 5.92
O2P PCW NB . -39.28 8.27 5.63
O3P PCW NB . -40.86 7.31 7.42
O4P PCW NB . -41.14 6.90 5.04
P PCW NB . -40.69 8.00 5.97
C1 PCW OB . -32.48 19.22 -6.43
C2 PCW OB . -31.82 20.01 -5.23
C3 PCW OB . -31.66 21.53 -5.59
C4 PCW OB . -36.03 20.09 -6.10
C5 PCW OB . -37.47 20.06 -5.58
C6 PCW OB . -38.19 22.49 -5.85
C7 PCW OB . -39.77 20.66 -6.31
C8 PCW OB . -39.00 21.09 -4.70
C11 PCW OB . -31.21 23.59 -4.40
C12 PCW OB . -30.51 24.10 -3.16
C13 PCW OB . -31.52 23.99 -1.95
C14 PCW OB . -30.97 24.49 -0.61
C15 PCW OB . -30.97 23.43 0.53
C16 PCW OB . -29.51 22.95 0.85
C17 PCW OB . -29.34 21.75 1.83
C18 PCW OB . -28.09 21.85 2.71
C19 PCW OB . -27.21 20.58 2.68
C20 PCW OB . -25.89 20.61 2.28
C21 PCW OB . -25.00 21.71 1.82
C22 PCW OB . -23.76 21.05 1.17
C23 PCW OB . -22.58 21.98 0.80
C24 PCW OB . -21.58 21.43 -0.17
C25 PCW OB . -20.43 20.49 0.31
C26 PCW OB . -19.26 21.16 1.01
C27 PCW OB . -18.28 20.28 1.80
C28 PCW OB . -17.98 20.90 3.14
C31 PCW OB . -32.00 19.87 -2.87
C32 PCW OB . -33.02 19.78 -1.73
C33 PCW OB . -32.49 19.09 -0.38
C34 PCW OB . -33.60 18.52 0.51
C35 PCW OB . -33.48 19.31 1.88
C36 PCW OB . -32.99 18.41 3.04
C37 PCW OB . -32.85 19.12 4.41
C38 PCW OB . -31.80 20.18 4.39
C39 PCW OB . -31.65 20.88 5.72
C40 PCW OB . -30.52 21.09 6.39
C41 PCW OB . -29.14 20.66 5.89
C42 PCW OB . -28.07 21.73 6.39
C43 PCW OB . -26.61 21.35 6.41
C44 PCW OB . -25.84 22.56 6.92
C45 PCW OB . -24.86 23.17 5.94
C46 PCW OB . -23.64 22.33 5.69
C47 PCW OB . -22.71 22.81 4.61
C48 PCW OB . -21.50 21.87 4.46
N PCW OB . -38.39 21.04 -6.06
O2 PCW OB . -32.68 19.91 -4.03
O3 PCW OB . -31.06 22.23 -4.48
O11 PCW OB . -31.82 24.27 -5.18
O31 PCW OB . -30.74 19.93 -2.74
O1P PCW OB . -34.80 18.20 -7.94
O2P PCW OB . -35.31 16.57 -6.11
O3P PCW OB . -33.15 18.00 -6.03
O4P PCW OB . -35.36 18.91 -5.58
P PCW OB . -34.71 17.87 -6.46
C1 PCW PB . -18.08 6.05 -28.86
C2 PCW PB . -16.64 5.42 -29.00
C3 PCW PB . -15.86 6.09 -30.20
C4 PCW PB . -20.09 3.15 -28.26
C5 PCW PB . -20.70 1.86 -28.79
C6 PCW PB . -21.53 -0.46 -28.10
C7 PCW PB . -22.53 1.55 -27.12
C8 PCW PB . -22.58 1.00 -28.88
C11 PCW PB . -14.02 5.25 -31.51
C12 PCW PB . -12.66 4.63 -31.35
C13 PCW PB . -11.59 5.62 -31.95
C14 PCW PB . -10.13 5.14 -31.86
C15 PCW PB . -9.90 3.73 -31.23
C16 PCW PB . -8.40 3.54 -30.84
C17 PCW PB . -8.06 2.43 -29.79
C18 PCW PB . -6.88 2.79 -28.88
C19 PCW PB . -5.86 1.63 -28.77
C20 PCW PB . -4.61 1.80 -28.21
C21 PCW PB . -3.92 2.97 -27.62
C22 PCW PB . -2.49 3.00 -28.22
C23 PCW PB . -1.45 3.96 -27.58
C24 PCW PB . -0.05 3.92 -28.11
C25 PCW PB . 0.64 2.57 -28.46
C26 PCW PB . 1.88 2.21 -27.67
C27 PCW PB . 2.91 1.27 -28.33
C28 PCW PB . 3.90 0.77 -27.29
C31 PCW PB . -16.03 4.80 -26.80
C32 PCW PB . -15.14 5.20 -25.62
C33 PCW PB . -13.78 4.37 -25.46
C34 PCW PB . -13.98 2.86 -25.47
C35 PCW PB . -13.55 2.37 -24.03
C36 PCW PB . -14.03 0.93 -23.73
C37 PCW PB . -13.65 0.39 -22.31
C38 PCW PB . -12.41 -0.46 -22.34
C39 PCW PB . -12.04 -0.99 -20.98
C40 PCW PB . -10.82 -1.27 -20.54
C41 PCW PB . -9.56 -1.12 -21.37
C42 PCW PB . -8.30 -1.11 -20.39
C43 PCW PB . -7.66 -2.42 -20.02
C44 PCW PB . -6.50 -2.11 -19.08
C45 PCW PB . -5.95 -3.29 -18.32
C46 PCW PB . -5.06 -2.91 -17.18
C47 PCW PB . -3.57 -2.85 -17.46
C48 PCW PB . -2.80 -2.45 -16.20
N PCW PB . -21.45 1.00 -27.91
O2 PCW PB . -15.83 5.68 -27.77
O3 PCW PB . -14.56 5.49 -30.28
O11 PCW PB . -14.55 5.50 -32.56
O31 PCW PB . -16.82 3.80 -26.83
O1P PCW PB . -21.19 5.03 -30.19
O2P PCW PB . -19.42 4.09 -31.67
O3P PCW PB . -18.86 6.02 -30.07
O4P PCW PB . -19.24 3.70 -29.32
P PCW PB . -19.74 4.69 -30.36
C1 PCW QB . -38.37 -24.92 4.11
C2 PCW QB . -37.54 -24.63 5.41
C3 PCW QB . -38.03 -25.54 6.58
C4 PCW QB . -41.43 -22.62 2.30
C5 PCW QB . -42.04 -21.89 1.11
C6 PCW QB . -41.39 -22.06 -1.35
C7 PCW QB . -43.28 -23.35 -0.47
C8 PCW QB . -43.13 -21.52 -0.59
C11 PCW QB . -37.97 -25.10 8.95
C12 PCW QB . -37.01 -24.76 10.06
C13 PCW QB . -37.11 -25.88 11.16
C14 PCW QB . -36.18 -25.68 12.37
C15 PCW QB . -36.78 -26.05 13.75
C16 PCW QB . -35.72 -25.85 14.90
C17 PCW QB . -35.06 -27.14 15.48
C18 PCW QB . -34.08 -26.85 16.62
C19 PCW QB . -32.81 -27.72 16.57
C20 PCW QB . -31.82 -27.68 17.54
C21 PCW QB . -31.68 -26.88 18.78
C22 PCW QB . -30.29 -26.17 18.70
C23 PCW QB . -29.91 -25.20 19.85
C24 PCW QB . -30.11 -25.67 21.25
C25 PCW QB . -31.33 -25.18 22.09
C26 PCW QB . -31.40 -25.66 23.53
C27 PCW QB . -32.17 -24.79 24.54
C28 PCW QB . -31.23 -24.33 25.63
C31 PCW QB . -35.42 -23.99 4.53
C32 PCW QB . -33.97 -24.48 4.36
C33 PCW QB . -32.85 -23.37 4.63
C34 PCW QB . -31.52 -23.94 5.09
C35 PCW QB . -30.64 -22.70 5.53
C36 PCW QB . -29.22 -23.11 5.99
C37 PCW QB . -28.28 -21.93 6.42
C38 PCW QB . -26.84 -22.33 6.40
C39 PCW QB . -25.91 -21.22 6.81
C40 PCW QB . -25.66 -20.79 8.04
C41 PCW QB . -26.30 -21.38 9.28
C42 PCW QB . -25.37 -21.03 10.52
C43 PCW QB . -25.80 -21.44 11.90
C44 PCW QB . -24.72 -20.96 12.85
C45 PCW QB . -24.88 -19.56 13.35
C46 PCW QB . -23.64 -19.02 14.00
C47 PCW QB . -23.03 -17.81 13.36
C48 PCW QB . -21.79 -17.35 14.13
N PCW QB . -42.12 -22.54 -0.16
O2 PCW QB . -36.10 -24.95 5.16
O3 PCW QB . -37.29 -25.26 7.78
O11 PCW QB . -39.17 -25.16 9.07
O31 PCW QB . -35.87 -22.87 4.16
O1P PCW QB . -39.74 -22.63 4.65
O2P PCW QB . -38.20 -21.34 3.17
O3P PCW QB . -38.22 -23.92 3.09
O4P PCW QB . -39.99 -22.55 2.15
P PCW QB . -39.04 -22.54 3.32
C1 PCW RB . -28.76 -19.28 -2.74
C2 PCW RB . -27.78 -20.06 -1.78
C3 PCW RB . -28.53 -21.27 -1.12
C4 PCW RB . -32.20 -20.38 -2.76
C5 PCW RB . -33.31 -21.44 -2.88
C6 PCW RB . -35.54 -20.40 -2.21
C7 PCW RB . -35.34 -21.70 -4.27
C8 PCW RB . -35.13 -22.29 -2.52
C11 PCW RB . -27.87 -21.90 1.09
C12 PCW RB . -26.83 -22.69 1.83
C13 PCW RB . -27.52 -23.97 2.45
C14 PCW RB . -26.58 -24.90 3.24
C15 PCW RB . -26.97 -26.40 3.28
C16 PCW RB . -26.19 -27.21 2.20
C17 PCW RB . -26.03 -28.76 2.42
C18 PCW RB . -24.58 -29.19 2.58
C19 PCW RB . -24.35 -30.09 3.82
C20 PCW RB . -23.09 -30.46 4.25
C21 PCW RB . -21.74 -30.14 3.74
C22 PCW RB . -21.10 -29.15 4.76
C23 PCW RB . -20.12 -28.08 4.18
C24 PCW RB . -19.71 -26.98 5.11
C25 PCW RB . -18.26 -26.43 5.11
C26 PCW RB . -18.09 -24.93 5.26
C27 PCW RB . -16.92 -24.43 6.13
C28 PCW RB . -17.44 -23.62 7.29
C31 PCW RB . -25.45 -20.34 -2.03
C32 PCW RB . -24.38 -20.96 -2.93
C33 PCW RB . -23.44 -19.93 -3.71
C34 PCW RB . -23.49 -20.11 -5.23
C35 PCW RB . -21.97 -20.29 -5.67
C36 PCW RB . -21.64 -21.77 -5.99
C37 PCW RB . -20.18 -22.05 -6.46
C38 PCW RB . -19.22 -22.07 -5.31
C39 PCW RB . -17.81 -22.34 -5.75
C40 PCW RB . -16.71 -22.18 -5.02
C41 PCW RB . -16.72 -21.68 -3.58
C42 PCW RB . -15.69 -20.46 -3.48
C43 PCW RB . -14.37 -20.68 -2.76
C44 PCW RB . -13.61 -19.36 -2.82
C45 PCW RB . -13.05 -18.88 -1.51
C46 PCW RB . -12.89 -17.38 -1.43
C47 PCW RB . -11.97 -16.75 -2.46
C48 PCW RB . -11.91 -15.23 -2.27
N PCW RB . -34.64 -21.04 -3.19
O2 PCW RB . -26.65 -20.62 -2.55
O3 PCW RB . -27.64 -21.97 -0.24
O11 PCW RB . -28.77 -21.30 1.61
O31 PCW RB . -25.23 -19.66 -0.99
O1P PCW RB . -30.95 -18.50 -4.61
O2P PCW RB . -30.52 -20.56 -5.94
O3P PCW RB . -28.92 -19.87 -4.05
O4P PCW RB . -31.12 -20.82 -3.63
P PCW RB . -30.43 -19.91 -4.62
C1 PCW SB . -43.28 -16.22 8.39
C2 PCW SB . -41.70 -16.21 8.34
C3 PCW SB . -41.12 -15.68 9.70
C4 PCW SB . -41.63 -14.13 5.58
C5 PCW SB . -41.26 -12.91 4.73
C6 PCW SB . -39.19 -12.86 3.24
C7 PCW SB . -41.44 -13.04 2.25
C8 PCW SB . -40.74 -11.63 3.22
C11 PCW SB . -39.09 -14.65 8.99
C12 PCW SB . -37.59 -14.82 9.07
C13 PCW SB . -37.13 -14.37 10.50
C14 PCW SB . -35.62 -14.48 10.76
C15 PCW SB . -34.93 -13.23 11.37
C16 PCW SB . -35.11 -13.22 12.93
C17 PCW SB . -33.82 -13.09 13.80
C18 PCW SB . -34.12 -13.01 15.30
C19 PCW SB . -34.00 -14.39 16.01
C20 PCW SB . -32.78 -14.99 16.30
C21 PCW SB . -31.38 -14.58 16.05
C22 PCW SB . -30.88 -13.90 17.35
C23 PCW SB . -29.36 -13.60 17.45
C24 PCW SB . -28.63 -14.13 18.66
C25 PCW SB . -28.36 -13.21 19.89
C26 PCW SB . -26.98 -13.31 20.53
C27 PCW SB . -25.86 -12.41 19.99
C28 PCW SB . -26.01 -11.01 20.53
C31 PCW SB . -41.10 -17.96 6.87
C32 PCW SB . -40.55 -19.40 6.83
C33 PCW SB . -38.96 -19.51 6.89
C34 PCW SB . -38.46 -20.36 8.06
C35 PCW SB . -37.44 -21.39 7.42
C36 PCW SB . -36.13 -21.54 8.22
C37 PCW SB . -35.11 -22.55 7.63
C38 PCW SB . -34.33 -23.26 8.69
C39 PCW SB . -33.33 -24.25 8.13
C40 PCW SB . -33.02 -25.44 8.63
C41 PCW SB . -33.63 -26.04 9.88
C42 PCW SB . -32.48 -26.21 10.97
C43 PCW SB . -32.27 -25.08 11.95
C44 PCW SB . -31.12 -25.51 12.85
C45 PCW SB . -31.37 -25.36 14.33
C46 PCW SB . -30.37 -24.48 15.00
C47 PCW SB . -30.89 -23.53 16.05
C48 PCW SB . -29.75 -22.70 16.64
N PCW SB . -40.63 -13.10 3.47
O2 PCW SB . -41.18 -17.59 8.14
O3 PCW SB . -39.69 -15.67 9.64
O11 PCW SB . -39.65 -13.73 8.43
O31 PCW SB . -41.39 -17.25 5.86
O1P PCW SB . -44.19 -15.51 5.79
O2P PCW SB . -44.98 -13.27 6.58
O3P PCW SB . -43.89 -14.92 8.23
O4P PCW SB . -42.62 -13.69 6.54
P PCW SB . -43.97 -14.35 6.72
C1 PCW TB . -26.20 -28.59 -11.87
C2 PCW TB . -25.35 -27.52 -11.09
C3 PCW TB . -25.61 -27.67 -9.55
C4 PCW TB . -25.79 -28.55 -15.37
C5 PCW TB . -26.52 -28.73 -16.69
C6 PCW TB . -26.46 -26.27 -17.37
C7 PCW TB . -26.94 -28.00 -19.04
C8 PCW TB . -27.96 -27.55 -17.56
C11 PCW TB . -25.41 -25.48 -8.57
C12 PCW TB . -24.47 -24.65 -7.75
C13 PCW TB . -24.61 -25.12 -6.25
C14 PCW TB . -23.71 -24.38 -5.25
C15 PCW TB . -23.93 -24.75 -3.75
C16 PCW TB . -22.58 -24.72 -2.97
C17 PCW TB . -22.42 -23.62 -1.86
C18 PCW TB . -20.96 -23.28 -1.51
C19 PCW TB . -20.59 -23.67 -0.07
C20 PCW TB . -19.51 -23.11 0.60
C21 PCW TB . -18.50 -22.10 0.19
C22 PCW TB . -18.18 -21.24 1.45
C23 PCW TB . -17.77 -21.98 2.75
C24 PCW TB . -17.84 -21.18 4.02
C25 PCW TB . -19.13 -21.16 4.89
C26 PCW TB . -19.33 -19.94 5.77
C27 PCW TB . -20.45 -20.00 6.84
C28 PCW TB . -21.79 -20.24 6.19
C31 PCW TB . -23.42 -27.12 -12.41
C32 PCW TB . -21.92 -27.43 -12.55
C33 PCW TB . -21.16 -27.94 -11.24
C34 PCW TB . -20.46 -29.29 -11.43
C35 PCW TB . -19.59 -29.51 -10.13
C36 PCW TB . -20.11 -30.66 -9.25
C37 PCW TB . -19.29 -30.94 -7.96
C38 PCW TB . -20.15 -30.95 -6.73
C39 PCW TB . -19.36 -31.24 -5.48
C40 PCW TB . -19.27 -30.47 -4.39
C41 PCW TB . -19.96 -29.12 -4.21
C42 PCW TB . -19.26 -28.36 -2.98
C43 PCW TB . -19.07 -26.86 -3.08
C44 PCW TB . -18.40 -26.43 -1.78
C45 PCW TB . -17.58 -25.16 -1.86
C46 PCW TB . -16.17 -25.38 -2.36
C47 PCW TB . -15.15 -24.33 -1.95
C48 PCW TB . -13.76 -24.67 -2.52
N PCW TB . -26.47 -27.72 -17.70
O2 PCW TB . -23.89 -27.74 -11.32
O3 PCW TB . -24.85 -26.70 -8.82
O11 PCW TB . -26.50 -25.14 -8.92
O31 PCW TB . -24.10 -26.40 -13.21
O1P PCW TB . -28.10 -29.78 -14.08
O2P PCW TB . -29.02 -27.46 -14.22
O3P PCW TB . -27.51 -28.14 -12.25
O4P PCW TB . -26.66 -27.75 -14.52
P PCW TB . -27.88 -28.32 -13.80
C1 PCW UB . -40.52 11.89 3.64
C2 PCW UB . -38.97 11.77 3.96
C3 PCW UB . -38.14 12.29 2.73
C4 PCW UB . -41.75 15.16 0.83
C5 PCW UB . -40.31 15.68 0.67
C6 PCW UB . -40.60 16.75 -1.63
C7 PCW UB . -38.83 17.50 -0.12
C8 PCW UB . -39.03 15.83 -0.90
C11 PCW UB . -36.15 10.97 2.91
C12 PCW UB . -34.68 11.09 3.21
C13 PCW UB . -34.43 10.65 4.69
C14 PCW UB . -32.97 10.71 5.14
C15 PCW UB . -32.68 11.58 6.39
C16 PCW UB . -31.71 12.76 6.06
C17 PCW UB . -32.35 14.11 5.57
C18 PCW UB . -31.80 15.34 6.29
C19 PCW UB . -30.42 15.78 5.75
C20 PCW UB . -29.68 16.80 6.35
C21 PCW UB . -29.93 17.66 7.52
C22 PCW UB . -28.71 17.45 8.47
C23 PCW UB . -29.00 17.36 9.99
C24 PCW UB . -28.14 18.20 10.87
C25 PCW UB . -27.76 17.71 12.30
C26 PCW UB . -26.95 18.68 13.15
C27 PCW UB . -27.39 20.16 13.17
C28 PCW UB . -26.35 21.00 13.88
C31 PCW UB . -38.95 12.11 6.32
C32 PCW UB . -38.51 13.10 7.42
C33 PCW UB . -37.77 12.44 8.68
C34 PCW UB . -36.97 11.18 8.35
C35 PCW UB . -35.60 11.36 9.11
C36 PCW UB . -34.63 10.17 8.85
C37 PCW UB . -33.25 10.26 9.56
C38 PCW UB . -32.33 9.16 9.12
C39 PCW UB . -30.99 9.21 9.79
C40 PCW UB . -29.79 9.13 9.21
C41 PCW UB . -29.59 8.96 7.71
C42 PCW UB . -28.03 8.72 7.46
C43 PCW UB . -27.07 9.86 7.73
C44 PCW UB . -25.68 9.35 7.42
C45 PCW UB . -24.64 9.68 8.44
C46 PCW UB . -24.20 8.50 9.28
C47 PCW UB . -22.73 8.39 9.54
C48 PCW UB . -22.43 7.15 10.40
N PCW UB . -40.04 16.72 -0.27
O2 PCW UB . -38.62 12.63 5.13
O3 PCW UB . -36.74 12.19 3.02
O11 PCW UB . -36.70 9.96 2.61
O31 PCW UB . -39.56 11.02 6.52
O1P PCW UB . -42.46 12.50 1.77
O2P PCW UB . -43.55 13.78 3.62
O3P PCW UB . -41.04 13.24 3.72
O4P PCW UB . -41.95 14.92 2.24
P PCW UB . -42.32 13.57 2.81
C1 PCW VB . -12.76 -8.77 -35.96
C2 PCW VB . -11.31 -8.13 -35.98
C3 PCW VB . -11.14 -7.18 -34.74
C4 PCW VB . -11.64 -9.70 -40.00
C5 PCW VB . -12.11 -8.99 -41.26
C6 PCW VB . -11.62 -7.34 -42.96
C7 PCW VB . -10.51 -7.22 -40.92
C8 PCW VB . -12.70 -6.61 -40.93
C11 PCW VB . -9.58 -5.60 -35.66
C12 PCW VB . -8.14 -5.15 -35.53
C13 PCW VB . -8.09 -3.59 -35.66
C14 PCW VB . -6.70 -2.98 -35.56
C15 PCW VB . -5.67 -3.46 -36.64
C16 PCW VB . -4.76 -2.28 -37.12
C17 PCW VB . -4.27 -2.31 -38.61
C18 PCW VB . -2.78 -2.61 -38.75
C19 PCW VB . -2.36 -2.93 -40.21
C20 PCW VB . -1.28 -2.30 -40.82
C21 PCW VB . -0.32 -1.28 -40.34
C22 PCW VB . 1.08 -1.95 -40.28
C23 PCW VB . 1.73 -2.40 -41.61
C24 PCW VB . 2.92 -3.30 -41.53
C25 PCW VB . 4.37 -2.71 -41.60
C26 PCW VB . 5.50 -3.72 -41.72
C27 PCW VB . 6.94 -3.22 -41.44
C28 PCW VB . 7.13 -3.04 -39.95
C31 PCW VB . -9.41 -9.22 -36.89
C32 PCW VB . -8.41 -10.35 -36.64
C33 PCW VB . -6.94 -10.12 -37.23
C34 PCW VB . -6.25 -11.41 -37.67
C35 PCW VB . -5.12 -10.97 -38.69
C36 PCW VB . -3.94 -11.96 -38.74
C37 PCW VB . -2.79 -11.58 -39.72
C38 PCW VB . -1.83 -10.63 -39.10
C39 PCW VB . -0.70 -10.25 -40.03
C40 PCW VB . 0.56 -10.70 -39.97
C41 PCW VB . 1.07 -11.70 -38.93
C42 PCW VB . 2.41 -11.11 -38.32
C43 PCW VB . 2.61 -11.15 -36.81
C44 PCW VB . 3.96 -10.53 -36.52
C45 PCW VB . 4.05 -9.05 -36.75
C46 PCW VB . 5.17 -8.37 -36.03
C47 PCW VB . 5.05 -6.86 -35.88
C48 PCW VB . 6.25 -6.29 -35.11
N PCW VB . -11.75 -7.61 -41.51
O2 PCW VB . -10.27 -9.19 -35.88
O3 PCW VB . -9.82 -6.60 -34.77
O11 PCW VB . -10.38 -5.15 -36.43
O31 PCW VB . -9.42 -8.45 -37.90
O1P PCW VB . -13.59 -11.38 -38.65
O2P PCW VB . -14.71 -9.19 -38.20
O3P PCW VB . -12.83 -10.04 -36.66
O4P PCW VB . -12.41 -9.17 -38.89
P PCW VB . -13.45 -9.97 -38.14
C1 PCW WB . -16.97 -11.91 -30.54
C2 PCW WB . -16.77 -12.65 -29.16
C3 PCW WB . -17.73 -13.89 -29.08
C4 PCW WB . -17.22 -15.19 -34.01
C5 PCW WB . -16.04 -15.95 -34.62
C6 PCW WB . -17.37 -16.86 -36.43
C7 PCW WB . -15.07 -17.29 -36.35
C8 PCW WB . -15.71 -15.18 -36.95
C11 PCW WB . -17.04 -15.82 -27.82
C12 PCW WB . -16.92 -16.32 -26.42
C13 PCW WB . -18.36 -16.62 -25.88
C14 PCW WB . -18.41 -17.14 -24.44
C15 PCW WB . -19.10 -16.21 -23.40
C16 PCW WB . -18.29 -16.19 -22.06
C17 PCW WB . -18.57 -17.35 -21.03
C18 PCW WB . -17.44 -18.35 -20.92
C19 PCW WB . -16.43 -18.02 -19.78
C20 PCW WB . -15.49 -18.94 -19.34
C21 PCW WB . -15.18 -20.33 -19.76
C22 PCW WB . -14.56 -21.05 -18.52
C23 PCW WB . -13.15 -21.68 -18.68
C24 PCW WB . -12.37 -21.89 -17.42
C25 PCW WB . -11.93 -23.31 -16.98
C26 PCW WB . -12.92 -24.43 -17.20
C27 PCW WB . -12.55 -25.84 -16.70
C28 PCW WB . -13.39 -26.21 -15.51
C31 PCW WB . -14.44 -12.23 -28.94
C32 PCW WB . -13.07 -12.91 -28.83
C33 PCW WB . -12.57 -13.70 -30.13
C34 PCW WB . -11.08 -14.03 -30.10
C35 PCW WB . -10.94 -15.31 -29.18
C36 PCW WB . -9.51 -15.51 -28.63
C37 PCW WB . -9.31 -16.76 -27.72
C38 PCW WB . -8.12 -16.60 -26.80
C39 PCW WB . -7.91 -17.80 -25.91
C40 PCW WB . -7.69 -17.79 -24.60
C41 PCW WB . -7.62 -16.52 -23.76
C42 PCW WB . -7.43 -16.96 -22.24
C43 PCW WB . -6.65 -16.03 -21.31
C44 PCW WB . -6.63 -16.68 -19.95
C45 PCW WB . -5.43 -16.35 -19.10
C46 PCW WB . -5.76 -15.48 -17.92
C47 PCW WB . -6.69 -16.09 -16.89
C48 PCW WB . -6.94 -15.11 -15.74
N PCW WB . -16.06 -16.30 -36.01
O2 PCW WB . -15.37 -13.17 -29.05
O3 PCW WB . -17.53 -14.55 -27.82
O11 PCW WB . -16.75 -16.45 -28.81
O31 PCW WB . -14.64 -10.97 -28.91
O1P PCW WB . -18.78 -13.46 -32.29
O2P PCW WB . -17.75 -11.65 -33.68
O3P PCW WB . -16.47 -12.64 -31.67
O4P PCW WB . -16.77 -13.84 -33.76
P PCW WB . -17.53 -12.87 -32.87
C1 PCW XB . -23.82 -17.66 -17.29
C2 PCW XB . -22.70 -17.20 -16.28
C3 PCW XB . -23.12 -15.87 -15.57
C4 PCW XB . -24.89 -20.84 -16.28
C5 PCW XB . -24.91 -21.96 -17.32
C6 PCW XB . -23.86 -21.98 -19.65
C7 PCW XB . -22.67 -22.95 -17.76
C8 PCW XB . -24.26 -23.52 -18.50
C11 PCW XB . -21.75 -14.15 -14.61
C12 PCW XB . -20.69 -13.96 -13.56
C13 PCW XB . -21.38 -14.10 -12.14
C14 PCW XB . -20.44 -13.93 -10.95
C15 PCW XB . -21.14 -13.87 -9.55
C16 PCW XB . -20.26 -13.08 -8.53
C17 PCW XB . -21.01 -12.24 -7.44
C18 PCW XB . -20.28 -10.96 -7.04
C19 PCW XB . -21.20 -9.72 -7.04
C20 PCW XB . -20.76 -8.47 -6.64
C21 PCW XB . -19.44 -7.99 -6.16
C22 PCW XB . -19.23 -8.59 -4.73
C23 PCW XB . -18.23 -7.88 -3.79
C24 PCW XB . -18.47 -6.43 -3.49
C25 PCW XB . -17.28 -5.45 -3.34
C26 PCW XB . -16.64 -4.95 -4.61
C27 PCW XB . -15.16 -4.56 -4.56
C28 PCW XB . -14.94 -3.23 -5.26
C31 PCW XB . -21.51 -19.05 -15.43
C32 PCW XB . -21.42 -20.04 -14.25
C33 PCW XB . -21.01 -21.55 -14.64
C34 PCW XB . -19.51 -21.78 -14.78
C35 PCW XB . -18.86 -21.19 -13.45
C36 PCW XB . -17.31 -21.17 -13.52
C37 PCW XB . -16.58 -20.61 -12.26
C38 PCW XB . -15.93 -19.29 -12.56
C39 PCW XB . -15.20 -18.71 -11.39
C40 PCW XB . -14.02 -18.09 -11.41
C41 PCW XB . -13.18 -17.87 -12.67
C42 PCW XB . -11.64 -17.88 -12.27
C43 PCW XB . -10.67 -18.63 -13.16
C44 PCW XB . -9.28 -18.47 -12.55
C45 PCW XB . -8.16 -18.32 -13.53
C46 PCW XB . -6.96 -17.59 -12.99
C47 PCW XB . -5.65 -17.80 -13.71
C48 PCW XB . -4.52 -17.00 -13.06
N PCW XB . -23.78 -22.14 -18.18
O2 PCW XB . -22.51 -18.22 -15.21
O3 PCW XB . -22.10 -15.46 -14.66
O11 PCW XB . -22.24 -13.28 -15.28
O31 PCW XB . -20.74 -19.05 -16.44
O1P PCW XB . -25.42 -18.47 -14.66
O2P PCW XB . -27.44 -18.29 -16.13
O3P PCW XB . -25.17 -17.34 -16.89
O4P PCW XB . -25.64 -19.74 -16.83
P PCW XB . -25.96 -18.46 -16.05
C1 PCW YB . -31.85 4.97 -7.41
C2 PCW YB . -31.14 4.40 -6.11
C3 PCW YB . -29.84 5.22 -5.81
C4 PCW YB . -32.81 2.71 -11.38
C5 PCW YB . -34.04 3.50 -11.84
C6 PCW YB . -33.36 5.58 -13.16
C7 PCW YB . -34.98 4.01 -14.07
C8 PCW YB . -35.16 5.04 -12.56
C11 PCW YB . -27.84 4.50 -4.71
C12 PCW YB . -27.33 3.97 -3.40
C13 PCW YB . -26.16 4.91 -2.92
C14 PCW YB . -25.51 4.52 -1.58
C15 PCW YB . -23.99 4.20 -1.65
C16 PCW YB . -23.32 4.37 -0.23
C17 PCW YB . -21.90 3.73 -0.02
C18 PCW YB . -21.76 3.05 1.34
C19 PCW YB . -22.01 4.02 2.52
C20 PCW YB . -21.66 3.71 3.83
C21 PCW YB . -21.00 2.52 4.43
C22 PCW YB . -19.93 3.06 5.42
C23 PCW YB . -19.83 2.36 6.80
C24 PCW YB . -18.49 2.43 7.47
C25 PCW YB . -18.37 2.55 9.01
C26 PCW YB . -18.30 1.25 9.78
C27 PCW YB . -16.91 0.81 10.30
C28 PCW YB . -16.96 0.51 11.77
C31 PCW YB . -32.97 3.60 -4.82
C32 PCW YB . -33.83 3.92 -3.58
C33 PCW YB . -33.12 3.70 -2.16
C34 PCW YB . -32.92 4.99 -1.38
C35 PCW YB . -31.41 5.41 -1.65
C36 PCW YB . -31.29 6.83 -2.23
C37 PCW YB . -29.83 7.30 -2.53
C38 PCW YB . -29.05 7.53 -1.26
C39 PCW YB . -27.63 7.97 -1.52
C40 PCW YB . -27.13 9.19 -1.42
C41 PCW YB . -27.93 10.41 -1.02
C42 PCW YB . -26.89 11.54 -0.59
C43 PCW YB . -27.29 13.00 -0.73
C44 PCW YB . -26.11 13.83 -0.25
C45 PCW YB . -25.76 13.69 1.22
C46 PCW YB . -25.00 14.85 1.78
C47 PCW YB . -23.54 14.60 2.13
C48 PCW YB . -22.88 15.87 2.69
N PCW YB . -33.99 4.25 -13.05
O2 PCW YB . -32.05 4.56 -4.94
O3 PCW YB . -29.19 4.71 -4.64
O11 PCW YB . -27.17 4.70 -5.69
O31 PCW YB . -33.14 2.60 -5.59
O1P PCW YB . -30.71 3.58 -9.60
O2P PCW YB . -31.53 1.71 -8.17
O3P PCW YB . -32.68 4.01 -8.09
O4P PCW YB . -32.94 2.47 -9.96
P PCW YB . -31.89 2.91 -8.95
C1 PCW ZB . -32.95 11.88 -14.12
C2 PCW ZB . -31.83 11.10 -13.32
C3 PCW ZB . -31.18 10.02 -14.24
C4 PCW ZB . -33.93 12.73 -10.59
C5 PCW ZB . -35.27 12.53 -9.87
C6 PCW ZB . -35.23 10.47 -8.37
C7 PCW ZB . -35.86 12.66 -7.46
C8 PCW ZB . -36.75 11.68 -8.76
C11 PCW ZB . -30.55 8.37 -12.62
C12 PCW ZB . -29.34 7.79 -11.94
C13 PCW ZB . -29.12 8.55 -10.59
C14 PCW ZB . -27.93 8.10 -9.75
C15 PCW ZB . -27.72 8.86 -8.41
C16 PCW ZB . -28.85 8.50 -7.38
C17 PCW ZB . -28.95 9.38 -6.08
C18 PCW ZB . -27.73 9.26 -5.17
C19 PCW ZB . -27.02 10.62 -4.92
C20 PCW ZB . -25.72 10.70 -4.44
C21 PCW ZB . -24.73 9.67 -4.06
C22 PCW ZB . -23.52 10.41 -3.44
C23 PCW ZB . -23.03 9.92 -2.05
C24 PCW ZB . -22.29 8.62 -2.01
C25 PCW ZB . -22.13 7.85 -0.68
C26 PCW ZB . -20.86 8.12 0.11
C27 PCW ZB . -20.58 7.23 1.35
C28 PCW ZB . -21.12 7.90 2.59
C31 PCW ZB . -30.55 12.09 -11.60
C32 PCW ZB . -29.41 13.10 -11.33
C33 PCW ZB . -27.93 12.53 -11.51
C34 PCW ZB . -26.98 12.91 -10.38
C35 PCW ZB . -25.59 13.21 -11.08
C36 PCW ZB . -24.80 14.33 -10.36
C37 PCW ZB . -23.41 14.68 -10.99
C38 PCW ZB . -22.49 13.50 -11.02
C39 PCW ZB . -21.14 13.81 -11.63
C40 PCW ZB . -20.09 13.00 -11.68
C41 PCW ZB . -20.07 11.59 -11.12
C42 PCW ZB . -19.48 11.62 -9.63
C43 PCW ZB . -19.78 12.81 -8.73
C44 PCW ZB . -19.09 12.55 -7.38
C45 PCW ZB . -17.91 13.43 -7.08
C46 PCW ZB . -16.67 12.65 -6.74
C47 PCW ZB . -15.42 13.43 -6.39
C48 PCW ZB . -14.25 12.49 -6.09
N PCW ZB . -35.28 11.93 -8.58
O2 PCW ZB . -30.76 12.04 -12.91
O3 PCW ZB . -30.16 9.33 -13.50
O11 PCW ZB . -31.68 8.03 -12.41
O31 PCW ZB . -31.16 11.42 -10.72
O1P PCW ZB . -33.21 15.06 -12.16
O2P PCW ZB . -35.21 14.37 -13.51
O3P PCW ZB . -32.90 13.31 -13.97
O4P PCW ZB . -34.26 12.78 -12.00
P PCW ZB . -33.92 13.96 -12.90
C1 PCW AC . -32.07 15.15 -16.99
C2 PCW AC . -30.66 15.40 -16.31
C3 PCW AC . -30.27 14.17 -15.41
C4 PCW AC . -29.57 11.92 -19.20
C5 PCW AC . -29.49 10.98 -18.00
C6 PCW AC . -28.91 8.50 -18.17
C7 PCW AC . -27.26 10.12 -17.35
C8 PCW AC . -28.86 9.64 -16.57
C11 PCW AC . -28.01 13.50 -15.11
C12 PCW AC . -26.72 13.90 -14.44
C13 PCW AC . -25.58 12.95 -14.95
C14 PCW AC . -24.20 13.22 -14.36
C15 PCW AC . -23.30 11.97 -14.17
C16 PCW AC . -21.98 12.14 -15.00
C17 PCW AC . -20.89 11.02 -14.86
C18 PCW AC . -21.19 9.76 -15.69
C19 PCW AC . -21.36 10.06 -17.19
C20 PCW AC . -20.27 10.24 -18.05
C21 PCW AC . -18.81 10.20 -17.84
C22 PCW AC . -18.35 8.73 -18.05
C23 PCW AC . -16.88 8.38 -17.72
C24 PCW AC . -16.34 7.11 -18.27
C25 PCW AC . -16.43 5.77 -17.47
C26 PCW AC . -15.42 4.70 -17.84
C27 PCW AC . -15.93 3.25 -17.93
C28 PCW AC . -15.01 2.44 -18.81
C31 PCW AC . -29.03 16.74 -17.36
C32 PCW AC . -27.97 16.73 -18.48
C33 PCW AC . -26.52 17.27 -18.08
C34 PCW AC . -25.82 16.40 -17.04
C35 PCW AC . -25.76 17.28 -15.72
C36 PCW AC . -24.40 17.18 -15.01
C37 PCW AC . -24.26 18.01 -13.69
C38 PCW AC . -23.00 17.67 -12.96
C39 PCW AC . -22.83 18.44 -11.67
C40 PCW AC . -21.89 18.25 -10.75
C41 PCW AC . -20.81 17.18 -10.85
C42 PCW AC . -19.43 17.81 -10.37
C43 PCW AC . -18.15 17.05 -10.62
C44 PCW AC . -17.02 17.89 -10.06
C45 PCW AC . -16.15 18.55 -11.08
C46 PCW AC . -15.13 17.63 -11.71
C47 PCW AC . -13.79 18.24 -12.05
C48 PCW AC . -12.85 17.20 -12.66
N PCW AC . -28.53 9.92 -18.00
O2 PCW AC . -29.61 15.55 -17.34
O3 PCW AC . -28.98 14.40 -14.83
O11 PCW AC . -28.15 12.54 -15.81
O31 PCW AC . -29.27 17.71 -16.58
O1P PCW AC . -32.05 13.12 -20.16
O2P PCW AC . -30.89 15.25 -19.63
O3P PCW AC . -32.14 13.95 -17.78
O4P PCW AC . -30.00 13.22 -18.69
P PCW AC . -31.28 13.91 -19.14
C1 PCW BC . -27.33 -35.60 -13.84
C2 PCW BC . -26.19 -34.82 -13.07
C3 PCW BC . -26.28 -35.10 -11.53
C4 PCW BC . -25.89 -34.49 -17.91
C5 PCW BC . -25.82 -33.27 -18.83
C6 PCW BC . -23.80 -32.14 -18.14
C7 PCW BC . -24.63 -31.79 -20.30
C8 PCW BC . -23.65 -33.79 -19.87
C11 PCW BC . -25.25 -34.34 -9.48
C12 PCW BC . -24.09 -33.53 -8.98
C13 PCW BC . -24.65 -32.24 -8.27
C14 PCW BC . -23.58 -31.30 -7.70
C15 PCW BC . -23.45 -29.91 -8.38
C16 PCW BC . -22.84 -28.85 -7.41
C17 PCW BC . -22.12 -27.61 -8.07
C18 PCW BC . -21.24 -26.83 -7.10
C19 PCW BC . -19.78 -27.33 -7.08
C20 PCW BC . -18.77 -26.74 -7.82
C21 PCW BC . -18.76 -25.59 -8.75
C22 PCW BC . -17.27 -25.17 -8.91
C23 PCW BC . -16.48 -24.85 -7.62
C24 PCW BC . -15.03 -25.24 -7.61
C25 PCW BC . -14.00 -24.45 -6.76
C26 PCW BC . -13.20 -23.40 -7.50
C27 PCW BC . -12.49 -23.83 -8.81
C28 PCW BC . -11.13 -23.21 -8.88
C31 PCW BC . -24.28 -34.49 -14.41
C32 PCW BC . -22.92 -35.09 -14.78
C33 PCW BC . -21.73 -34.79 -13.75
C34 PCW BC . -20.40 -34.47 -14.43
C35 PCW BC . -19.82 -33.21 -13.66
C36 PCW BC . -18.58 -32.61 -14.37
C37 PCW BC . -17.95 -31.38 -13.66
C38 PCW BC . -16.96 -31.80 -12.61
C39 PCW BC . -16.33 -30.64 -11.91
C40 PCW BC . -16.09 -30.51 -10.59
C41 PCW BC . -16.43 -31.59 -9.58
C42 PCW BC . -15.07 -32.14 -8.95
C43 PCW BC . -14.66 -33.56 -9.26
C44 PCW BC . -13.34 -33.81 -8.54
C45 PCW BC . -13.08 -35.25 -8.20
C46 PCW BC . -11.86 -35.83 -8.87
C47 PCW BC . -10.65 -36.06 -7.99
C48 PCW BC . -9.49 -36.64 -8.81
N PCW BC . -24.54 -32.77 -19.26
O2 PCW BC . -24.86 -35.29 -13.52
O3 PCW BC . -25.24 -34.38 -10.86
O11 PCW BC . -26.08 -34.87 -8.79
O31 PCW BC . -24.75 -33.41 -14.89
O1P PCW BC . -26.78 -36.74 -16.29
O2P PCW BC . -29.05 -35.95 -16.96
O3P PCW BC . -27.85 -34.87 -14.97
O4P PCW BC . -27.19 -34.46 -17.28
P PCW BC . -27.73 -35.58 -16.41
C1 17F CC . -19.91 18.70 -29.61
N1 17F CC . -21.09 16.78 -28.49
O1 17F CC . -19.72 19.58 -32.40
P1 17F CC . -19.08 18.29 -31.96
C2 17F CC . -21.09 18.22 -28.74
O2 17F CC . -19.20 17.13 -32.91
C3 17F CC . -22.42 18.63 -29.39
O3 17F CC . -19.60 17.78 -30.59
C4 17F CC . -16.73 17.35 -31.29
O4 17F CC . -22.65 19.80 -29.69
C5 17F CC . -15.22 17.67 -31.08
O5 17F CC . -23.36 17.78 -29.65
C6 17F CC . -14.95 19.19 -31.24
O6 17F CC . -17.53 18.45 -31.71
C7 17F CC . -12.78 19.55 -32.08
O7 17F CC . -13.58 19.48 -31.05
C8 17F CC . -11.35 19.77 -31.56
O8 17F CC . -13.01 19.41 -33.25
C9 17F CC . -10.66 18.44 -31.15
O9 17F CC . -14.71 17.18 -29.83
C10 17F CC . -9.19 18.56 -30.61
O10 17F CC . -13.04 16.12 -31.02
C11 17F CC . -8.98 17.94 -29.17
C12 17F CC . -7.49 18.07 -28.69
C17 17F CC . -13.69 16.37 -29.99
C18 17F CC . -13.29 15.68 -28.71
C19 17F CC . -12.00 16.24 -28.05
C20 17F CC . -11.57 15.39 -26.79
C1X 17F CC . -7.35 17.45 -27.28
C1Y 17F CC . -10.29 15.98 -26.15
C1Z 17F CC . -9.51 14.88 -25.42
C2X 17F CC . -5.86 17.55 -26.72
C21 17F CC . -5.49 16.33 -25.82
C22 17F CC . -4.79 16.41 -24.75
C23 17F CC . -4.22 17.62 -24.15
C24 17F CC . -2.85 18.02 -24.71
C25 17F CC . -2.23 19.27 -24.12
C26 17F CC . -1.84 19.19 -22.56
C27 17F CC . -1.22 20.45 -22.01
C28 17F CC . -0.90 20.19 -20.49
C29 17F CC . -1.98 20.79 -19.68
C30 17F CC . -1.82 20.63 -18.20
C31 17F CC . -10.00 14.50 -23.97
C32 17F CC . -9.18 13.39 -23.27
C33 17F CC . -8.73 13.89 -21.91
C34 17F CC . -8.01 13.19 -21.04
C35 17F CC . -7.51 11.78 -21.19
C36 17F CC . -5.97 11.66 -21.44
C37 17F CC . -5.48 10.43 -20.78
C38 17F CC . -6.00 9.11 -21.40
C39 17F CC . -5.44 7.88 -20.65
C40 17F CC . -6.24 6.63 -21.03
C41 17F CC . -5.55 5.88 -22.24
C42 17F CC . -6.26 5.89 -23.61
C1 17F DC . -27.15 -7.27 -22.32
N1 17F DC . -26.94 -6.59 -19.91
O1 17F DC . -25.38 -4.57 -24.29
P1 17F DC . -25.51 -5.99 -23.79
C2 17F DC . -27.76 -7.27 -20.91
O2 17F DC . -25.97 -7.01 -24.79
C3 17F DC . -28.01 -8.71 -20.45
O3 17F DC . -26.46 -6.10 -22.56
C4 17F DC . -23.99 -7.86 -22.71
O4 17F DC . -28.68 -9.48 -21.12
C5 17F DC . -22.55 -8.16 -22.20
O5 17F DC . -27.54 -9.19 -19.34
C6 17F DC . -21.54 -8.18 -23.38
O6 17F DC . -24.13 -6.54 -23.23
C7 17F DC . -19.29 -8.83 -23.66
O7 17F DC . -20.25 -8.44 -22.89
C8 17F DC . -18.03 -8.92 -22.78
O8 17F DC . -19.27 -9.07 -24.84
C9 17F DC . -17.71 -7.53 -22.15
O9 17F DC . -22.11 -7.26 -21.18
C10 17F DC . -16.49 -7.45 -21.19
O10 17F DC . -23.07 -7.80 -19.14
C11 17F DC . -16.91 -6.84 -19.80
C12 17F DC . -15.74 -6.74 -18.76
C17 17F DC . -22.15 -7.82 -19.98
C18 17F DC . -20.86 -8.58 -19.66
C19 17F DC . -20.91 -9.48 -18.39
C20 17F DC . -19.57 -9.41 -17.55
C1X 17F DC . -16.29 -6.14 -17.47
C1Y 17F DC . -19.66 -10.31 -16.30
C1Z 17F DC . -18.30 -10.43 -15.60
C2X 17F DC . -15.18 -6.01 -16.32
C21 17F DC . -15.62 -6.73 -15.02
C22 17F DC . -15.74 -6.17 -13.86
C23 17F DC . -15.47 -4.76 -13.51
C24 17F DC . -16.63 -3.81 -13.79
C25 17F DC . -16.39 -2.35 -13.43
C26 17F DC . -15.33 -2.11 -12.25
C27 17F DC . -15.07 -0.68 -11.87
C28 17F DC . -14.01 -0.70 -10.70
C29 17F DC . -14.62 -1.35 -9.51
C30 17F DC . -13.71 -1.44 -8.32
C31 17F DC . -17.24 -11.38 -16.28
C32 17F DC . -15.87 -11.50 -15.56
C33 17F DC . -14.92 -10.41 -16.06
C34 17F DC . -13.67 -10.28 -15.63
C35 17F DC . -12.97 -11.13 -14.60
C36 17F DC . -11.42 -10.98 -14.56
C37 17F DC . -10.89 -11.88 -13.49
C38 17F DC . -9.50 -11.49 -12.93
C39 17F DC . -9.04 -12.47 -11.83
C40 17F DC . -9.79 -12.21 -10.52
C41 17F DC . -9.00 -11.19 -9.62
C42 17F DC . -9.80 -10.18 -8.78
C1 17F EC . -18.04 9.38 -32.94
N1 17F EC . -20.18 9.62 -31.70
O1 17F EC . -17.51 11.59 -31.08
P1 17F EC . -17.03 11.66 -32.50
C2 17F EC . -19.56 9.16 -32.92
O2 17F EC . -17.14 12.99 -33.19
C3 17F EC . -19.87 7.66 -33.13
O3 17F EC . -17.72 10.63 -33.44
C4 17F EC . -14.80 11.26 -33.86
O4 17F EC . -19.44 7.05 -34.10
C5 17F EC . -13.29 10.84 -33.72
O5 17F EC . -20.59 6.99 -32.30
C6 17F EC . -12.73 10.45 -35.12
O6 17F EC . -15.49 11.28 -32.61
C7 17F EC . -10.51 10.73 -35.72
O7 17F EC . -11.38 10.07 -35.04
C8 17F EC . -9.11 10.11 -35.46
O8 17F EC . -10.64 11.68 -36.46
C9 17F EC . -8.76 8.97 -36.44
O9 17F EC . -12.50 11.85 -33.10
C10 17F EC . -7.36 8.29 -36.21
O10 17F EC . -12.34 10.53 -31.21
C11 17F EC . -7.26 7.39 -34.92
C12 17F EC . -5.83 6.76 -34.77
C17 17F EC . -12.25 11.59 -31.83
C18 17F EC . -11.79 12.83 -31.09
C19 17F EC . -10.94 13.81 -31.93
C20 17F EC . -9.49 13.27 -32.22
C1X 17F EC . -5.74 5.88 -33.51
C1Y 17F EC . -8.68 14.29 -33.06
C1Z 17F EC . -7.25 13.78 -33.28
C2X 17F EC . -4.30 5.23 -33.33
C21 17F EC . -4.29 4.10 -32.26
C22 17F EC . -4.42 4.27 -30.98
C23 17F EC . -4.59 5.53 -30.24
C24 17F EC . -3.34 6.02 -29.53
C25 17F EC . -3.45 7.31 -28.73
C26 17F EC . -3.07 7.19 -27.17
C27 17F EC . -3.19 8.47 -26.38
C28 17F EC . -2.78 8.14 -24.90
C29 17F EC . -2.75 9.39 -24.12
C30 17F EC . -2.37 9.21 -22.68
C31 17F EC . -6.18 14.16 -32.20
C32 17F EC . -4.75 13.63 -32.46
C33 17F EC . -3.82 14.82 -32.74
C34 17F EC . -2.51 14.71 -33.00
C35 17F EC . -1.71 13.44 -33.08
C36 17F EC . -0.67 13.25 -31.94
C37 17F EC . 0.48 12.47 -32.47
C38 17F EC . 1.76 13.30 -32.74
C39 17F EC . 2.90 12.42 -33.28
C40 17F EC . 4.10 12.44 -32.34
C41 17F EC . 5.28 13.29 -32.97
C42 17F EC . 5.21 14.81 -32.92
C1 17F FC . -47.41 1.69 7.78
N1 17F FC . -46.33 3.02 5.94
O1 17F FC . -45.83 4.64 9.67
P1 17F FC . -46.04 3.17 9.35
C2 17F FC . -46.24 1.84 6.78
O2 17F FC . -46.81 2.97 10.63
C3 17F FC . -46.14 0.57 5.90
O3 17F FC . -47.38 2.69 8.76
C4 17F FC . -45.27 0.69 9.83
O4 17F FC . -46.06 -0.54 6.41
C5 17F FC . -44.29 -0.19 10.63
O5 17F FC . -46.16 0.62 4.61
C6 17F FC . -43.04 -0.41 9.75
O6 17F FC . -45.12 2.09 10.08
C7 17F FC . -41.96 -2.46 9.96
O7 17F FC . -42.08 -1.24 10.37
C8 17F FC . -40.80 -3.13 10.73
O8 17F FC . -42.57 -3.05 9.10
C9 17F FC . -39.41 -2.85 10.10
O9 17F FC . -43.95 0.36 11.89
C10 17F FC . -38.19 -3.51 10.84
O10 17F FC . -45.75 -0.79 12.78
C11 17F FC . -38.51 -4.95 11.39
C12 17F FC . -37.29 -5.60 12.14
C17 17F FC . -44.74 -0.08 12.86
C18 17F FC . -44.28 0.39 14.23
C19 17F FC . -45.35 0.30 15.35
C20 17F FC . -44.82 -0.46 16.63
C1X 17F FC . -37.70 -6.98 12.66
C1Y 17F FC . -45.92 -0.52 17.73
C1Z 17F FC . -45.30 -0.58 19.13
C2X 17F FC . -36.53 -7.75 13.44
C21 17F FC . -36.86 -9.26 13.61
C22 17F FC . -37.24 -9.80 14.72
C23 17F FC . -37.45 -9.12 16.00
C24 17F FC . -36.56 -9.61 17.13
C25 17F FC . -36.72 -8.92 18.46
C26 17F FC . -35.48 -8.02 18.95
C27 17F FC . -35.67 -7.34 20.29
C28 17F FC . -34.36 -6.52 20.58
C29 17F FC . -34.18 -6.43 22.05
C30 17F FC . -32.96 -5.66 22.48
C31 17F FC . -45.11 0.76 19.90
C32 17F FC . -44.48 0.64 21.31
C33 17F FC . -43.29 1.59 21.41
C34 17F FC . -42.53 1.75 22.48
C35 17F FC . -42.67 1.02 23.80
C36 17F FC . -43.48 1.81 24.89
C37 17F FC . -42.52 2.46 25.82
C38 17F FC . -42.52 4.01 25.77
C39 17F FC . -41.50 4.61 26.76
C40 17F FC . -42.22 5.21 27.97
C41 17F FC . -41.52 6.55 28.42
C42 17F FC . -42.00 7.88 27.84
C1 17F GC . -21.21 -21.82 -28.17
N1 17F GC . -22.91 -21.80 -30.01
O1 17F GC . -21.91 -19.34 -25.49
P1 17F GC . -20.98 -20.38 -26.07
C2 17F GC . -21.90 -21.04 -29.29
O2 17F GC . -19.84 -19.87 -26.90
C3 17F GC . -20.84 -20.53 -30.30
O3 17F GC . -21.71 -21.46 -26.91
C4 17F GC . -19.36 -22.27 -25.20
O4 17F GC . -19.88 -19.86 -29.93
C5 17F GC . -18.78 -22.94 -23.92
O5 17F GC . -20.91 -20.78 -31.57
C6 17F GC . -19.31 -24.39 -23.76
O6 17F GC . -20.28 -21.22 -24.91
C7 17F GC . -18.78 -26.28 -22.48
O7 17F GC . -18.78 -24.99 -22.59
C8 17F GC . -18.05 -26.63 -21.16
O8 17F GC . -19.21 -27.16 -23.20
C9 17F GC . -18.94 -27.36 -20.11
O9 17F GC . -17.35 -22.90 -23.88
C10 17F GC . -18.20 -27.69 -18.76
O10 17F GC . -17.13 -21.54 -22.03
C11 17F GC . -18.59 -26.78 -17.54
C12 17F GC . -17.81 -27.15 -16.23
C17 17F GC . -16.92 -21.85 -23.21
C18 17F GC . -16.08 -20.94 -24.08
C19 17F GC . -15.15 -19.98 -23.29
C20 17F GC . -13.67 -19.99 -23.86
C1X 17F GC . -18.23 -26.22 -15.08
C1Y 17F GC . -12.77 -19.03 -23.06
C1Z 17F GC . -11.29 -19.34 -23.29
C2X 17F GC . -17.46 -26.54 -13.71
C21 17F GC . -16.59 -25.33 -13.26
C22 17F GC . -15.64 -25.37 -12.39
C23 17F GC . -15.13 -26.54 -11.66
C24 17F GC . -13.68 -26.88 -11.93
C25 17F GC . -13.11 -28.07 -11.18
C26 17F GC . -12.69 -27.77 -9.67
C27 17F GC . -12.12 -28.95 -8.91
C28 17F GC . -11.78 -28.44 -7.46
C29 17F GC . -13.04 -28.27 -6.69
C30 17F GC . -12.86 -27.78 -5.29
C31 17F GC . -10.78 -20.77 -22.89
C32 17F GC . -9.28 -21.04 -23.15
C33 17F GC . -8.48 -20.52 -21.96
C34 17F GC . -7.16 -20.58 -21.85
C35 17F GC . -6.18 -21.16 -22.83
C36 17F GC . -5.46 -22.46 -22.35
C37 17F GC . -4.16 -22.09 -21.74
C38 17F GC . -2.96 -22.20 -22.71
C39 17F GC . -1.63 -21.81 -22.03
C40 17F GC . -0.52 -22.79 -22.45
C41 17F GC . 0.69 -22.00 -23.11
C42 17F GC . 1.81 -22.80 -23.79
C1 17F HC . -16.90 -1.83 -37.08
N1 17F HC . -17.63 -0.61 -35.02
O1 17F HC . -14.84 -0.88 -38.91
P1 17F HC . -14.49 -1.90 -37.85
C2 17F HC . -17.42 -0.52 -36.45
O2 17F HC . -14.23 -3.31 -38.32
C3 17F HC . -18.74 -0.12 -37.15
O3 17F HC . -15.56 -2.02 -36.74
C4 17F HC . -12.66 -2.32 -36.00
O4 17F HC . -18.79 0.02 -38.36
C5 17F HC . -11.37 -1.74 -35.35
O5 17F HC . -19.84 0.10 -36.49
C6 17F HC . -11.64 -0.32 -34.79
O6 17F HC . -13.18 -1.50 -37.05
C7 17F HC . -9.84 1.16 -34.81
O7 17F HC . -10.48 0.22 -34.19
C8 17F HC . -8.60 1.52 -33.97
O8 17F HC . -10.06 1.71 -35.87
C9 17F HC . -7.43 0.53 -34.21
O9 17F HC . -10.81 -2.61 -34.35
C10 17F HC . -6.12 0.80 -33.39
O10 17F HC . -12.72 -2.40 -33.05
C11 17F HC . -5.76 -0.33 -32.36
C12 17F HC . -4.44 -0.02 -31.57
C17 17F HC . -11.60 -2.87 -33.33
C18 17F HC . -11.01 -3.92 -32.41
C19 17F HC . -10.69 -3.44 -30.98
C20 17F HC . -9.36 -2.60 -30.92
C1X 17F HC . -4.15 -1.16 -30.59
C1Y 17F HC . -9.07 -2.13 -29.47
C1Z 17F HC . -7.72 -2.70 -28.99
C2X 17F HC . -2.81 -0.93 -29.74
C21 17F HC . -2.77 -1.79 -28.45
C22 17F HC . -2.28 -1.40 -27.33
C23 17F HC . -1.67 -0.10 -27.03
C24 17F HC . -1.72 0.32 -25.57
C25 17F HC . -1.10 1.66 -25.23
C26 17F HC . 0.08 1.67 -24.15
C27 17F HC . 0.65 3.04 -23.86
C28 17F HC . 1.78 2.86 -22.77
C29 17F HC . 1.49 3.75 -21.63
C30 17F HC . 2.50 3.68 -20.52
C31 17F HC . -7.69 -4.22 -28.59
C32 17F HC . -6.31 -4.75 -28.11
C33 17F HC . -6.26 -4.69 -26.59
C34 17F HC . -5.21 -5.07 -25.85
C35 17F HC . -3.91 -5.64 -26.34
C36 17F HC . -3.69 -7.15 -26.03
C37 17F HC . -4.59 -7.95 -26.89
C38 17F HC . -4.62 -9.47 -26.60
C39 17F HC . -5.57 -10.21 -27.55
C40 17F HC . -5.00 -11.57 -27.94
C41 17F HC . -6.06 -12.44 -28.74
C42 17F HC . -7.55 -12.21 -28.49
N LEU A 3 -31.50 14.95 39.75
CA LEU A 3 -32.57 14.29 40.47
C LEU A 3 -33.28 13.28 39.57
N LYS A 4 -33.29 13.57 38.27
CA LYS A 4 -33.92 12.69 37.30
C LYS A 4 -33.18 11.37 37.21
N LEU A 5 -31.85 11.44 37.31
CA LEU A 5 -31.00 10.26 37.24
C LEU A 5 -31.22 9.37 38.46
N LEU A 6 -31.53 9.99 39.60
CA LEU A 6 -31.77 9.25 40.83
C LEU A 6 -33.05 8.44 40.73
N ASP A 7 -34.13 9.11 40.32
CA ASP A 7 -35.43 8.46 40.16
C ASP A 7 -35.36 7.40 39.06
N ASN A 8 -34.65 7.73 37.98
CA ASN A 8 -34.49 6.81 36.87
C ASN A 8 -33.75 5.55 37.30
N TRP A 9 -32.65 5.74 38.04
CA TRP A 9 -31.86 4.62 38.53
C TRP A 9 -32.68 3.71 39.42
N ASP A 10 -33.58 4.30 40.21
CA ASP A 10 -34.44 3.51 41.09
C ASP A 10 -35.38 2.67 40.24
N SER A 11 -35.85 3.25 39.15
CA SER A 11 -36.75 2.56 38.24
C SER A 11 -36.02 1.41 37.54
N VAL A 12 -34.73 1.61 37.31
CA VAL A 12 -33.91 0.59 36.67
C VAL A 12 -33.62 -0.53 37.66
N THR A 13 -33.24 -0.15 38.89
CA THR A 13 -32.93 -1.11 39.92
C THR A 13 -34.17 -1.92 40.33
N SER A 14 -35.33 -1.26 40.40
CA SER A 14 -36.57 -1.92 40.76
C SER A 14 -37.01 -2.90 39.69
N THR A 15 -36.42 -2.78 38.51
CA THR A 15 -36.71 -3.68 37.41
C THR A 15 -35.65 -4.76 37.37
N PHE A 16 -34.41 -4.37 37.65
CA PHE A 16 -33.28 -5.29 37.68
C PHE A 16 -33.47 -6.32 38.78
N SER A 17 -34.09 -5.90 39.87
CA SER A 17 -34.36 -6.81 40.98
C SER A 17 -35.37 -7.85 40.54
N LYS A 18 -36.40 -7.41 39.80
CA LYS A 18 -37.42 -8.31 39.30
C LYS A 18 -36.79 -9.27 38.30
N LEU A 19 -35.81 -8.77 37.57
CA LEU A 19 -35.09 -9.57 36.59
C LEU A 19 -34.28 -10.63 37.33
N ARG A 20 -33.58 -10.22 38.37
CA ARG A 20 -32.77 -11.14 39.17
C ARG A 20 -33.67 -12.16 39.87
N GLU A 21 -34.78 -11.67 40.44
CA GLU A 21 -35.74 -12.54 41.12
C GLU A 21 -36.27 -13.61 40.18
N GLN A 22 -36.34 -13.28 38.90
CA GLN A 22 -36.82 -14.22 37.90
C GLN A 22 -35.69 -15.04 37.32
N LEU A 23 -34.51 -14.43 37.20
CA LEU A 23 -33.33 -15.10 36.66
C LEU A 23 -32.98 -16.33 37.48
N GLY A 24 -33.15 -16.22 38.80
CA GLY A 24 -32.87 -17.34 39.68
C GLY A 24 -33.63 -18.58 39.25
N PRO A 25 -34.96 -18.59 39.37
CA PRO A 25 -35.78 -19.72 38.95
C PRO A 25 -35.62 -20.00 37.45
N VAL A 26 -35.47 -18.95 36.65
CA VAL A 26 -35.31 -19.08 35.21
C VAL A 26 -34.12 -19.94 34.85
N THR A 27 -32.97 -19.69 35.48
CA THR A 27 -31.78 -20.47 35.19
C THR A 27 -31.97 -21.92 35.66
N GLN A 28 -32.75 -22.09 36.71
CA GLN A 28 -33.04 -23.41 37.24
C GLN A 28 -34.02 -24.15 36.34
N GLU A 29 -35.08 -23.46 35.92
CA GLU A 29 -36.08 -24.04 35.03
C GLU A 29 -35.43 -24.40 33.70
N PHE A 30 -34.62 -23.49 33.19
CA PHE A 30 -33.91 -23.70 31.94
C PHE A 30 -32.93 -24.87 32.12
N TRP A 31 -32.34 -24.96 33.31
CA TRP A 31 -31.40 -26.02 33.62
C TRP A 31 -32.10 -27.36 33.70
N ASP A 32 -33.26 -27.39 34.36
CA ASP A 32 -34.01 -28.63 34.47
C ASP A 32 -34.39 -29.15 33.10
N ASN A 33 -34.78 -28.24 32.22
CA ASN A 33 -35.13 -28.60 30.85
C ASN A 33 -33.88 -29.10 30.14
N LEU A 34 -32.76 -28.39 30.35
CA LEU A 34 -31.50 -28.77 29.75
C LEU A 34 -31.07 -30.12 30.28
N GLU A 35 -31.38 -30.36 31.55
CA GLU A 35 -31.06 -31.63 32.18
C GLU A 35 -31.81 -32.76 31.49
N LYS A 36 -33.07 -32.51 31.19
CA LYS A 36 -33.89 -33.49 30.49
C LYS A 36 -33.38 -33.66 29.07
N GLU A 37 -33.03 -32.53 28.45
CA GLU A 37 -32.48 -32.54 27.10
C GLU A 37 -31.21 -33.36 27.06
N THR A 38 -30.28 -33.02 27.96
CA THR A 38 -29.01 -33.72 28.05
C THR A 38 -29.23 -35.17 28.49
N GLU A 39 -30.23 -35.40 29.33
CA GLU A 39 -30.55 -36.75 29.78
C GLU A 39 -30.90 -37.59 28.56
N GLY A 40 -31.79 -37.06 27.74
CA GLY A 40 -32.17 -37.74 26.53
C GLY A 40 -30.96 -37.89 25.64
N LEU A 41 -30.20 -36.81 25.50
CA LEU A 41 -28.99 -36.82 24.67
C LEU A 41 -27.97 -37.83 25.19
N ARG A 42 -28.00 -38.10 26.48
CA ARG A 42 -27.08 -39.08 27.07
C ARG A 42 -27.46 -40.47 26.60
N GLN A 43 -28.75 -40.78 26.64
CA GLN A 43 -29.25 -42.07 26.21
C GLN A 43 -29.15 -42.17 24.69
N GLU A 44 -29.20 -41.02 24.04
CA GLU A 44 -29.12 -40.93 22.60
C GLU A 44 -27.68 -41.05 22.11
N MET A 45 -26.79 -40.21 22.65
CA MET A 45 -25.38 -40.21 22.27
C MET A 45 -24.73 -41.57 22.47
N SER A 46 -25.15 -42.29 23.49
CA SER A 46 -24.61 -43.61 23.76
C SER A 46 -24.98 -44.54 22.62
N LYS A 47 -26.21 -44.41 22.14
CA LYS A 47 -26.69 -45.22 21.02
C LYS A 47 -26.11 -44.70 19.72
N ASP A 48 -26.06 -43.37 19.60
CA ASP A 48 -25.50 -42.70 18.43
C ASP A 48 -24.08 -43.19 18.20
N LEU A 49 -23.25 -43.00 19.22
CA LEU A 49 -21.85 -43.42 19.16
C LEU A 49 -21.74 -44.92 18.97
N GLU A 50 -22.55 -45.69 19.68
CA GLU A 50 -22.51 -47.14 19.57
C GLU A 50 -22.85 -47.60 18.16
N GLU A 51 -23.97 -47.11 17.63
CA GLU A 51 -24.39 -47.48 16.29
C GLU A 51 -23.40 -46.97 15.25
N VAL A 52 -22.90 -45.75 15.45
CA VAL A 52 -21.94 -45.16 14.54
C VAL A 52 -20.62 -45.94 14.57
N LYS A 53 -20.16 -46.30 15.76
CA LYS A 53 -18.92 -47.04 15.91
C LYS A 53 -19.07 -48.49 15.44
N ALA A 54 -20.20 -49.11 15.77
CA ALA A 54 -20.45 -50.49 15.36
C ALA A 54 -20.53 -50.58 13.84
N LYS A 55 -21.10 -49.55 13.23
CA LYS A 55 -21.23 -49.51 11.78
C LYS A 55 -20.00 -48.87 11.13
N VAL A 56 -19.19 -48.16 11.93
CA VAL A 56 -17.99 -47.53 11.40
C VAL A 56 -16.98 -48.58 10.98
N GLN A 57 -17.09 -49.75 11.63
CA GLN A 57 -16.21 -50.86 11.30
C GLN A 57 -16.46 -51.26 9.84
N PRO A 58 -17.69 -51.73 9.48
CA PRO A 58 -18.00 -52.08 8.09
C PRO A 58 -17.89 -50.86 7.18
N TYR A 59 -18.06 -49.66 7.73
CA TYR A 59 -17.95 -48.43 6.96
C TYR A 59 -16.55 -48.35 6.37
N LEU A 60 -15.56 -48.35 7.25
CA LEU A 60 -14.16 -48.26 6.86
C LEU A 60 -13.70 -49.57 6.24
N ASP A 61 -14.14 -50.69 6.80
CA ASP A 61 -13.78 -52.01 6.31
C ASP A 61 -14.18 -52.19 4.85
N ASP A 62 -15.44 -51.89 4.54
CA ASP A 62 -15.93 -52.02 3.18
C ASP A 62 -15.26 -51.00 2.28
N PHE A 63 -15.07 -49.79 2.79
CA PHE A 63 -14.42 -48.74 2.03
C PHE A 63 -13.00 -49.19 1.69
N GLN A 64 -12.35 -49.86 2.64
CA GLN A 64 -11.01 -50.37 2.44
C GLN A 64 -11.01 -51.45 1.37
N LYS A 65 -12.04 -52.30 1.37
CA LYS A 65 -12.17 -53.35 0.37
C LYS A 65 -12.16 -52.71 -1.01
N LYS A 66 -13.00 -51.70 -1.16
CA LYS A 66 -13.11 -50.96 -2.42
C LYS A 66 -11.81 -50.22 -2.72
N TRP A 67 -11.32 -49.46 -1.74
CA TRP A 67 -10.08 -48.71 -1.91
C TRP A 67 -8.91 -49.59 -2.27
N GLN A 68 -8.87 -50.80 -1.70
CA GLN A 68 -7.80 -51.74 -2.02
C GLN A 68 -7.82 -52.04 -3.51
N GLU A 69 -9.01 -52.36 -4.01
CA GLU A 69 -9.17 -52.65 -5.43
C GLU A 69 -8.92 -51.40 -6.24
N GLU A 70 -9.45 -50.27 -5.77
CA GLU A 70 -9.29 -48.99 -6.45
C GLU A 70 -7.82 -48.64 -6.60
N MET A 71 -7.06 -48.76 -5.52
CA MET A 71 -5.63 -48.45 -5.54
C MET A 71 -4.86 -49.47 -6.34
N GLU A 72 -5.11 -50.76 -6.08
CA GLU A 72 -4.42 -51.83 -6.79
C GLU A 72 -4.66 -51.75 -8.29
N LEU A 73 -5.93 -51.63 -8.66
CA LEU A 73 -6.29 -51.55 -10.08
C LEU A 73 -5.71 -50.28 -10.69
N TYR A 74 -5.71 -49.20 -9.91
CA TYR A 74 -5.16 -47.94 -10.37
C TYR A 74 -3.67 -48.11 -10.68
N ARG A 75 -2.93 -48.70 -9.75
CA ARG A 75 -1.50 -48.92 -9.94
C ARG A 75 -1.26 -49.88 -11.10
N GLN A 76 -2.14 -50.88 -11.21
CA GLN A 76 -2.05 -51.88 -12.27
C GLN A 76 -2.21 -51.22 -13.64
N LYS A 77 -2.87 -50.07 -13.65
CA LYS A 77 -3.07 -49.32 -14.88
C LYS A 77 -2.00 -48.23 -14.99
N VAL A 78 -1.77 -47.51 -13.90
CA VAL A 78 -0.79 -46.43 -13.85
C VAL A 78 0.57 -46.85 -14.41
N GLU A 79 1.02 -48.05 -14.06
CA GLU A 79 2.31 -48.52 -14.56
C GLU A 79 2.35 -48.59 -16.09
N PRO A 80 1.52 -49.44 -16.75
CA PRO A 80 1.49 -49.52 -18.21
C PRO A 80 1.08 -48.20 -18.85
N LEU A 81 0.19 -47.45 -18.18
CA LEU A 81 -0.26 -46.16 -18.68
C LEU A 81 0.91 -45.19 -18.74
N ARG A 82 1.70 -45.18 -17.68
CA ARG A 82 2.89 -44.33 -17.60
C ARG A 82 3.86 -44.75 -18.70
N ALA A 83 3.95 -46.05 -18.92
CA ALA A 83 4.82 -46.58 -19.97
C ALA A 83 4.34 -46.09 -21.33
N GLU A 84 3.02 -46.18 -21.55
CA GLU A 84 2.41 -45.73 -22.80
C GLU A 84 2.64 -44.23 -22.98
N LEU A 85 2.40 -43.48 -21.89
CA LEU A 85 2.59 -42.04 -21.91
C LEU A 85 4.05 -41.72 -22.23
N GLN A 86 4.96 -42.49 -21.64
CA GLN A 86 6.38 -42.31 -21.87
C GLN A 86 6.73 -42.63 -23.32
N GLU A 87 6.22 -43.76 -23.83
CA GLU A 87 6.46 -44.14 -25.21
C GLU A 87 5.96 -43.05 -26.14
N GLY A 88 4.75 -42.58 -25.89
CA GLY A 88 4.17 -41.53 -26.68
C GLY A 88 4.96 -40.24 -26.56
N ALA A 89 5.28 -39.88 -25.32
CA ALA A 89 6.05 -38.66 -25.04
C ALA A 89 7.41 -38.71 -25.70
N ARG A 90 8.06 -39.87 -25.65
CA ARG A 90 9.39 -40.05 -26.25
C ARG A 90 9.33 -39.71 -27.74
N GLN A 91 8.30 -40.18 -28.41
CA GLN A 91 8.12 -39.93 -29.84
C GLN A 91 7.69 -38.49 -30.10
N LYS A 92 6.70 -38.03 -29.34
CA LYS A 92 6.18 -36.68 -29.47
C LYS A 92 7.28 -35.65 -29.21
N LEU A 93 8.08 -35.89 -28.17
CA LEU A 93 9.17 -35.00 -27.84
C LEU A 93 10.28 -35.13 -28.86
N HIS A 94 10.45 -36.33 -29.40
CA HIS A 94 11.47 -36.59 -30.41
C HIS A 94 11.17 -35.76 -31.65
N GLU A 95 9.90 -35.74 -32.03
CA GLU A 95 9.46 -34.98 -33.19
C GLU A 95 9.64 -33.50 -32.92
N LEU A 96 9.33 -33.08 -31.69
CA LEU A 96 9.49 -31.69 -31.28
C LEU A 96 10.97 -31.31 -31.31
N GLN A 97 11.81 -32.23 -30.85
CA GLN A 97 13.25 -32.03 -30.85
C GLN A 97 13.77 -31.93 -32.27
N GLU A 98 13.32 -32.84 -33.12
CA GLU A 98 13.73 -32.86 -34.52
C GLU A 98 13.02 -31.77 -35.32
N LYS A 99 12.32 -30.91 -34.61
CA LYS A 99 11.62 -29.79 -35.21
C LYS A 99 12.27 -28.50 -34.72
N LEU A 100 12.65 -28.50 -33.44
CA LEU A 100 13.30 -27.36 -32.82
C LEU A 100 14.65 -27.07 -33.47
N SER A 101 15.27 -28.11 -34.03
CA SER A 101 16.56 -27.94 -34.67
C SER A 101 16.43 -27.32 -36.08
N PRO A 102 15.78 -28.01 -37.05
CA PRO A 102 15.63 -27.47 -38.42
C PRO A 102 14.77 -26.22 -38.45
N LEU A 103 13.58 -26.29 -37.87
CA LEU A 103 12.67 -25.16 -37.84
C LEU A 103 13.23 -24.06 -36.95
N GLY A 104 14.04 -24.47 -35.97
CA GLY A 104 14.67 -23.52 -35.08
C GLY A 104 15.76 -22.76 -35.78
N GLU A 105 16.58 -23.48 -36.53
CA GLU A 105 17.66 -22.87 -37.31
C GLU A 105 17.08 -21.89 -38.30
N GLU A 106 15.92 -22.25 -38.87
CA GLU A 106 15.23 -21.38 -39.81
C GLU A 106 14.82 -20.11 -39.09
N MET A 107 14.33 -20.27 -37.86
CA MET A 107 13.90 -19.14 -37.06
C MET A 107 15.10 -18.27 -36.70
N ARG A 108 16.25 -18.91 -36.47
CA ARG A 108 17.48 -18.19 -36.15
C ARG A 108 17.96 -17.43 -37.37
N ASP A 109 17.86 -18.07 -38.53
CA ASP A 109 18.25 -17.45 -39.80
C ASP A 109 17.35 -16.26 -40.07
N ARG A 110 16.06 -16.44 -39.81
CA ARG A 110 15.08 -15.38 -40.00
C ARG A 110 15.25 -14.30 -38.94
N ALA A 111 15.65 -14.70 -37.74
CA ALA A 111 15.89 -13.77 -36.65
C ALA A 111 17.08 -12.88 -36.99
N ARG A 112 18.10 -13.50 -37.57
CA ARG A 112 19.29 -12.77 -37.99
C ARG A 112 18.90 -11.73 -39.02
N ALA A 113 18.17 -12.15 -40.04
CA ALA A 113 17.71 -11.24 -41.08
C ALA A 113 16.81 -10.17 -40.47
N HIS A 114 15.98 -10.60 -39.52
CA HIS A 114 15.06 -9.70 -38.83
C HIS A 114 15.83 -8.59 -38.13
N VAL A 115 16.79 -8.97 -37.30
CA VAL A 115 17.58 -8.00 -36.55
C VAL A 115 18.59 -7.28 -37.44
N ASP A 116 19.26 -8.00 -38.33
CA ASP A 116 20.26 -7.41 -39.20
C ASP A 116 19.68 -6.36 -40.14
N ALA A 117 18.53 -6.66 -40.73
CA ALA A 117 17.87 -5.71 -41.61
C ALA A 117 17.38 -4.52 -40.79
N LEU A 118 16.99 -4.81 -39.54
CA LEU A 118 16.53 -3.78 -38.63
C LEU A 118 17.71 -2.91 -38.24
N ARG A 119 18.90 -3.50 -38.21
CA ARG A 119 20.12 -2.77 -37.88
C ARG A 119 20.36 -1.70 -38.93
N THR A 120 20.22 -2.10 -40.20
CA THR A 120 20.40 -1.18 -41.32
C THR A 120 19.24 -0.20 -41.40
N HIS A 121 18.26 -0.38 -40.52
CA HIS A 121 17.10 0.50 -40.46
C HIS A 121 17.22 1.43 -39.27
N LEU A 122 17.53 0.86 -38.12
CA LEU A 122 17.67 1.61 -36.88
C LEU A 122 18.83 2.60 -36.97
N ALA A 123 19.91 2.21 -37.65
CA ALA A 123 21.07 3.07 -37.81
C ALA A 123 20.69 4.42 -38.44
N PRO A 124 20.15 4.44 -39.68
CA PRO A 124 19.72 5.70 -40.31
C PRO A 124 18.53 6.30 -39.57
N TYR A 125 17.66 5.45 -39.04
CA TYR A 125 16.49 5.93 -38.31
C TYR A 125 16.89 6.75 -37.09
N SER A 126 17.85 6.23 -36.32
CA SER A 126 18.33 6.93 -35.15
C SER A 126 19.04 8.21 -35.55
N ASP A 127 19.83 8.15 -36.61
CA ASP A 127 20.54 9.32 -37.11
C ASP A 127 19.55 10.39 -37.56
N GLU A 128 18.53 9.96 -38.30
CA GLU A 128 17.49 10.87 -38.76
C GLU A 128 16.75 11.43 -37.56
N LEU A 129 16.53 10.58 -36.55
CA LEU A 129 15.86 11.01 -35.34
C LEU A 129 16.71 12.05 -34.62
N ARG A 130 18.03 11.87 -34.69
CA ARG A 130 18.96 12.82 -34.09
C ARG A 130 18.86 14.15 -34.82
N GLN A 131 18.72 14.07 -36.13
CA GLN A 131 18.58 15.26 -36.96
C GLN A 131 17.25 15.94 -36.62
N ARG A 132 16.20 15.13 -36.61
CA ARG A 132 14.85 15.62 -36.32
C ARG A 132 14.80 16.20 -34.91
N LEU A 133 15.41 15.51 -33.96
CA LEU A 133 15.45 15.98 -32.59
C LEU A 133 16.26 17.26 -32.49
N ALA A 134 17.33 17.34 -33.28
CA ALA A 134 18.17 18.52 -33.29
C ALA A 134 17.36 19.71 -33.81
N ALA A 135 16.59 19.46 -34.86
CA ALA A 135 15.74 20.50 -35.45
C ALA A 135 14.64 20.88 -34.46
N ARG A 136 14.06 19.88 -33.82
CA ARG A 136 13.01 20.11 -32.83
C ARG A 136 13.57 20.88 -31.64
N LEU A 137 14.73 20.43 -31.15
CA LEU A 137 15.40 21.08 -30.04
C LEU A 137 15.81 22.49 -30.43
N GLU A 138 16.11 22.67 -31.71
CA GLU A 138 16.49 23.98 -32.23
C GLU A 138 15.30 24.91 -32.08
N ALA A 139 14.13 24.41 -32.45
CA ALA A 139 12.90 25.18 -32.32
C ALA A 139 12.61 25.37 -30.84
N LEU A 140 12.81 24.30 -30.06
CA LEU A 140 12.60 24.35 -28.62
C LEU A 140 13.57 25.33 -27.96
N LYS A 141 14.64 25.66 -28.65
CA LYS A 141 15.62 26.61 -28.14
C LYS A 141 15.22 28.02 -28.51
N GLU A 142 14.93 28.22 -29.80
CA GLU A 142 14.51 29.53 -30.29
C GLU A 142 13.21 29.93 -29.63
N ASN A 143 12.25 29.03 -29.67
CA ASN A 143 10.96 29.28 -29.04
C ASN A 143 11.13 29.26 -27.54
N GLY A 144 12.02 28.39 -27.06
CA GLY A 144 12.27 28.28 -25.64
C GLY A 144 12.77 29.58 -25.05
N GLY A 145 13.76 30.18 -25.70
CA GLY A 145 14.29 31.44 -25.25
C GLY A 145 13.21 32.49 -25.22
N ALA A 146 12.36 32.46 -26.24
CA ALA A 146 11.25 33.40 -26.32
C ALA A 146 10.24 33.11 -25.21
N ARG A 147 9.96 31.82 -25.00
CA ARG A 147 9.03 31.40 -23.96
C ARG A 147 9.50 31.91 -22.61
N LEU A 148 10.78 31.74 -22.33
CA LEU A 148 11.35 32.19 -21.06
C LEU A 148 11.35 33.72 -20.94
N ALA A 149 11.81 34.39 -21.99
CA ALA A 149 11.85 35.85 -21.99
C ALA A 149 10.44 36.41 -21.84
N GLU A 150 9.51 35.85 -22.59
CA GLU A 150 8.12 36.29 -22.53
C GLU A 150 7.51 35.94 -21.19
N TYR A 151 7.75 34.72 -20.72
CA TYR A 151 7.20 34.29 -19.44
C TYR A 151 7.67 35.19 -18.31
N HIS A 152 8.94 35.58 -18.35
CA HIS A 152 9.48 36.47 -17.34
C HIS A 152 8.81 37.83 -17.42
N ALA A 153 8.62 38.31 -18.65
CA ALA A 153 7.98 39.58 -18.88
C ALA A 153 6.53 39.52 -18.42
N LYS A 154 5.82 38.46 -18.83
CA LYS A 154 4.44 38.25 -18.43
C LYS A 154 4.35 38.10 -16.92
N ALA A 155 5.36 37.46 -16.34
CA ALA A 155 5.42 37.27 -14.90
C ALA A 155 5.60 38.62 -14.23
N THR A 156 6.37 39.50 -14.87
CA THR A 156 6.59 40.84 -14.35
C THR A 156 5.27 41.59 -14.35
N GLU A 157 4.56 41.54 -15.48
CA GLU A 157 3.26 42.19 -15.59
C GLU A 157 2.30 41.60 -14.57
N HIS A 158 2.43 40.31 -14.33
CA HIS A 158 1.58 39.62 -13.37
C HIS A 158 1.92 40.06 -11.95
N LEU A 159 3.22 40.17 -11.67
CA LEU A 159 3.68 40.56 -10.34
C LEU A 159 3.39 42.04 -10.06
N SER A 160 3.56 42.89 -11.06
CA SER A 160 3.31 44.31 -10.89
C SER A 160 1.83 44.53 -10.59
N THR A 161 0.97 43.92 -11.40
CA THR A 161 -0.46 44.03 -11.20
C THR A 161 -0.89 43.29 -9.96
N LEU A 162 -0.12 42.26 -9.58
CA LEU A 162 -0.41 41.50 -8.37
C LEU A 162 -0.14 42.38 -7.17
N SER A 163 0.97 43.10 -7.21
CA SER A 163 1.33 44.02 -6.14
C SER A 163 0.29 45.14 -6.10
N GLU A 164 -0.22 45.48 -7.29
CA GLU A 164 -1.24 46.51 -7.42
C GLU A 164 -2.58 46.01 -6.89
N LYS A 165 -2.66 44.71 -6.63
CA LYS A 165 -3.85 44.10 -6.09
C LYS A 165 -3.65 43.82 -4.62
N ALA A 166 -2.62 43.04 -4.31
CA ALA A 166 -2.31 42.64 -2.95
C ALA A 166 -2.13 43.83 -2.00
N LYS A 167 -1.38 44.84 -2.42
CA LYS A 167 -1.14 46.00 -1.56
C LYS A 167 -2.43 46.70 -1.11
N PRO A 168 -3.24 47.26 -2.03
CA PRO A 168 -4.49 47.93 -1.66
C PRO A 168 -5.54 46.96 -1.12
N ALA A 169 -5.61 45.76 -1.69
CA ALA A 169 -6.59 44.77 -1.26
C ALA A 169 -6.32 44.29 0.15
N LEU A 170 -5.09 43.89 0.45
CA LEU A 170 -4.75 43.42 1.79
C LEU A 170 -4.88 44.54 2.80
N GLU A 171 -4.54 45.75 2.38
CA GLU A 171 -4.63 46.91 3.24
C GLU A 171 -6.10 47.20 3.55
N ASP A 172 -6.93 47.14 2.52
CA ASP A 172 -8.37 47.36 2.69
C ASP A 172 -8.99 46.19 3.43
N LEU A 173 -8.45 44.99 3.16
CA LEU A 173 -8.93 43.79 3.83
C LEU A 173 -8.66 43.90 5.31
N ARG A 174 -7.50 44.46 5.67
CA ARG A 174 -7.16 44.68 7.07
C ARG A 174 -8.09 45.74 7.63
N GLN A 175 -8.38 46.74 6.80
CA GLN A 175 -9.28 47.82 7.19
C GLN A 175 -10.71 47.33 7.28
N GLY A 176 -10.95 46.15 6.73
CA GLY A 176 -12.27 45.53 6.78
C GLY A 176 -12.29 44.54 7.94
N LEU A 177 -11.21 43.79 8.07
CA LEU A 177 -11.06 42.80 9.13
C LEU A 177 -11.12 43.45 10.51
N LEU A 178 -10.56 44.65 10.65
CA LEU A 178 -10.57 45.34 11.93
C LEU A 178 -12.00 45.54 12.45
N PRO A 179 -12.87 46.27 11.71
CA PRO A 179 -14.26 46.47 12.14
C PRO A 179 -15.06 45.17 12.09
N VAL A 180 -14.75 44.30 11.13
CA VAL A 180 -15.44 43.02 11.00
C VAL A 180 -15.17 42.15 12.23
N LEU A 181 -13.91 41.98 12.56
CA LEU A 181 -13.53 41.18 13.73
C LEU A 181 -14.07 41.79 14.99
N GLU A 182 -14.10 43.12 15.03
CA GLU A 182 -14.61 43.84 16.19
C GLU A 182 -16.11 43.58 16.35
N SER A 183 -16.89 43.84 15.30
CA SER A 183 -18.33 43.60 15.35
C SER A 183 -18.63 42.13 15.58
N PHE A 184 -17.82 41.26 14.99
CA PHE A 184 -17.98 39.83 15.16
C PHE A 184 -17.70 39.42 16.59
N LYS A 185 -16.61 39.94 17.15
CA LYS A 185 -16.25 39.64 18.53
C LYS A 185 -17.32 40.18 19.48
N VAL A 186 -17.84 41.35 19.16
CA VAL A 186 -18.90 41.97 19.96
C VAL A 186 -20.12 41.06 20.03
N SER A 187 -20.46 40.45 18.90
CA SER A 187 -21.59 39.55 18.83
C SER A 187 -21.24 38.19 19.42
N PHE A 188 -19.99 37.76 19.22
CA PHE A 188 -19.53 36.48 19.74
C PHE A 188 -19.50 36.50 21.27
N LEU A 189 -18.98 37.58 21.84
CA LEU A 189 -18.89 37.72 23.28
C LEU A 189 -20.28 37.69 23.91
N SER A 190 -21.24 38.34 23.27
CA SER A 190 -22.60 38.36 23.78
C SER A 190 -23.27 37.01 23.55
N ALA A 191 -23.01 36.39 22.40
CA ALA A 191 -23.58 35.08 22.09
C ALA A 191 -23.07 34.05 23.08
N LEU A 192 -21.77 34.12 23.40
CA LEU A 192 -21.17 33.20 24.35
C LEU A 192 -21.80 33.39 25.73
N GLU A 193 -22.08 34.65 26.06
CA GLU A 193 -22.71 34.98 27.33
C GLU A 193 -24.10 34.37 27.40
N GLU A 194 -24.80 34.41 26.27
CA GLU A 194 -26.14 33.86 26.15
C GLU A 194 -26.11 32.35 26.38
N TYR A 195 -25.11 31.71 25.77
CA TYR A 195 -24.95 30.26 25.87
C TYR A 195 -24.70 29.78 27.30
N THR A 196 -23.86 30.50 28.04
CA THR A 196 -23.55 30.13 29.42
C THR A 196 -24.79 30.18 30.31
N LYS A 197 -25.69 31.11 30.01
CA LYS A 197 -26.92 31.26 30.78
C LYS A 197 -27.95 30.18 30.44
N LYS A 198 -27.72 29.49 29.33
CA LYS A 198 -28.64 28.46 28.89
C LYS A 198 -28.19 27.07 29.34
N LEU A 199 -26.89 26.90 29.48
CA LEU A 199 -26.34 25.62 29.90
C LEU A 199 -26.10 25.57 31.41
N ASN A 200 -26.07 26.73 32.04
CA ASN A 200 -25.83 26.83 33.47
C ASN A 200 -26.46 28.09 34.09
N MET B 3 4.54 -9.29 2.25
CA MET B 3 5.37 -9.83 3.35
C MET B 3 5.77 -8.71 4.31
N THR B 4 6.35 -9.07 5.44
CA THR B 4 6.79 -8.08 6.42
C THR B 4 8.16 -7.50 6.05
N GLU B 5 8.23 -6.19 5.94
CA GLU B 5 9.47 -5.51 5.59
C GLU B 5 10.00 -4.76 6.80
N TYR B 6 11.22 -5.10 7.23
CA TYR B 6 11.82 -4.46 8.38
C TYR B 6 12.66 -3.25 7.94
N LYS B 7 12.00 -2.11 7.81
CA LYS B 7 12.65 -0.87 7.41
C LYS B 7 13.68 -0.45 8.45
N LEU B 8 14.92 -0.23 8.03
CA LEU B 8 15.97 0.16 8.95
C LEU B 8 16.97 1.13 8.31
N VAL B 9 17.46 2.07 9.11
CA VAL B 9 18.44 3.05 8.64
C VAL B 9 19.55 3.18 9.68
N VAL B 10 20.78 2.94 9.27
CA VAL B 10 21.92 3.03 10.18
C VAL B 10 22.63 4.38 10.05
N VAL B 11 22.78 5.06 11.17
CA VAL B 11 23.44 6.36 11.19
C VAL B 11 24.76 6.29 11.94
N GLY B 12 25.62 7.27 11.71
CA GLY B 12 26.91 7.31 12.36
C GLY B 12 27.87 8.22 11.64
N ALA B 13 29.08 8.36 12.20
CA ALA B 13 30.10 9.22 11.62
C ALA B 13 30.72 8.60 10.37
N VAL B 14 31.42 9.43 9.61
CA VAL B 14 32.06 9.00 8.37
C VAL B 14 33.34 8.20 8.67
N GLY B 15 33.18 6.90 8.85
CA GLY B 15 34.33 6.05 9.13
C GLY B 15 34.07 5.00 10.19
N VAL B 16 32.92 5.10 10.86
CA VAL B 16 32.57 4.13 11.91
C VAL B 16 32.45 2.71 11.38
N GLY B 17 32.15 2.57 10.09
CA GLY B 17 32.04 1.25 9.50
C GLY B 17 30.59 0.84 9.24
N LYS B 18 29.77 1.82 8.87
CA LYS B 18 28.36 1.56 8.57
C LYS B 18 28.18 0.56 7.43
N SER B 19 28.97 0.71 6.37
CA SER B 19 28.88 -0.18 5.23
C SER B 19 29.35 -1.60 5.60
N ALA B 20 30.29 -1.69 6.53
CA ALA B 20 30.82 -2.98 6.96
C ALA B 20 29.77 -3.76 7.74
N LEU B 21 29.01 -3.05 8.56
CA LEU B 21 27.97 -3.68 9.37
C LEU B 21 26.87 -4.28 8.49
N THR B 22 26.53 -3.58 7.42
CA THR B 22 25.50 -4.04 6.50
C THR B 22 25.98 -5.19 5.61
N ILE B 23 27.18 -5.03 5.05
CA ILE B 23 27.73 -6.05 4.17
C ILE B 23 28.03 -7.35 4.90
N GLN B 24 28.48 -7.26 6.15
CA GLN B 24 28.79 -8.44 6.94
C GLN B 24 27.51 -9.18 7.34
N LEU B 25 26.40 -8.46 7.38
CA LEU B 25 25.12 -9.06 7.76
C LEU B 25 24.40 -9.63 6.53
N ILE B 26 24.35 -8.84 5.47
CA ILE B 26 23.65 -9.24 4.23
C ILE B 26 24.48 -10.21 3.39
N GLN B 27 25.66 -9.78 2.97
CA GLN B 27 26.52 -10.62 2.14
C GLN B 27 27.44 -11.52 2.95
N ASN B 28 27.34 -11.42 4.28
CA ASN B 28 28.14 -12.24 5.19
C ASN B 28 29.65 -12.11 4.93
N HIS B 29 30.07 -10.91 4.54
CA HIS B 29 31.47 -10.67 4.24
C HIS B 29 31.92 -9.31 4.76
N PHE B 30 33.02 -9.29 5.49
CA PHE B 30 33.55 -8.04 6.02
C PHE B 30 34.41 -7.33 4.97
N VAL B 31 34.02 -6.10 4.65
CA VAL B 31 34.76 -5.30 3.68
C VAL B 31 35.93 -4.59 4.36
N ASP B 32 37.14 -5.00 4.00
CA ASP B 32 38.35 -4.44 4.58
C ASP B 32 38.72 -3.11 3.93
N GLU B 33 38.14 -2.84 2.77
CA GLU B 33 38.43 -1.60 2.05
C GLU B 33 37.46 -0.49 2.46
N TYR B 34 37.91 0.76 2.35
CA TYR B 34 37.09 1.91 2.70
C TYR B 34 36.22 2.29 1.51
N ASP B 35 34.90 2.33 1.72
CA ASP B 35 33.98 2.67 0.66
C ASP B 35 32.95 3.70 1.12
N PRO B 36 32.93 4.87 0.45
CA PRO B 36 31.99 5.95 0.78
C PRO B 36 30.59 5.61 0.29
N THR B 37 29.57 5.93 1.07
CA THR B 37 28.20 5.64 0.68
C THR B 37 27.34 6.89 0.64
N ILE B 38 26.69 7.11 -0.49
CA ILE B 38 25.79 8.25 -0.67
C ILE B 38 24.37 7.71 -0.61
N GLU B 39 24.20 6.54 -1.18
CA GLU B 39 22.92 5.85 -1.22
C GLU B 39 23.20 4.36 -1.35
N ASP B 40 22.40 3.53 -0.70
CA ASP B 40 22.61 2.09 -0.77
C ASP B 40 21.33 1.33 -0.48
N SER B 41 21.33 0.04 -0.83
CA SER B 41 20.18 -0.81 -0.63
C SER B 41 20.60 -2.28 -0.75
N TYR B 42 20.30 -3.06 0.27
CA TYR B 42 20.64 -4.48 0.28
C TYR B 42 19.45 -5.31 0.73
N ARG B 43 18.53 -5.54 -0.21
CA ARG B 43 17.33 -6.32 0.09
C ARG B 43 17.63 -7.81 0.19
N LYS B 44 17.43 -8.36 1.38
CA LYS B 44 17.68 -9.77 1.64
C LYS B 44 16.53 -10.35 2.48
N GLN B 45 16.27 -11.65 2.31
CA GLN B 45 15.21 -12.31 3.06
C GLN B 45 15.75 -13.44 3.94
N VAL B 46 15.64 -13.27 5.24
CA VAL B 46 16.11 -14.27 6.21
C VAL B 46 14.99 -14.60 7.18
N VAL B 47 15.34 -15.30 8.26
CA VAL B 47 14.38 -15.68 9.29
C VAL B 47 14.76 -14.99 10.60
N ILE B 48 13.84 -14.21 11.13
CA ILE B 48 14.08 -13.48 12.38
C ILE B 48 13.09 -13.90 13.46
N ASP B 49 13.64 -14.46 14.55
CA ASP B 49 12.84 -14.90 15.70
C ASP B 49 11.82 -15.97 15.33
N GLY B 50 12.05 -16.64 14.21
CA GLY B 50 11.15 -17.68 13.77
C GLY B 50 10.23 -17.23 12.65
N GLU B 51 10.27 -15.95 12.32
CA GLU B 51 9.44 -15.41 11.24
C GLU B 51 10.30 -14.87 10.12
N THR B 52 10.00 -15.28 8.89
CA THR B 52 10.72 -14.82 7.73
C THR B 52 10.26 -13.40 7.36
N CYS B 53 11.22 -12.55 7.06
CA CYS B 53 10.91 -11.17 6.71
C CYS B 53 11.87 -10.64 5.66
N LEU B 54 11.61 -9.43 5.18
CA LEU B 54 12.45 -8.79 4.18
C LEU B 54 13.24 -7.66 4.84
N LEU B 55 14.48 -7.49 4.44
CA LEU B 55 15.33 -6.45 5.00
C LEU B 55 15.95 -5.57 3.92
N ASP B 56 15.90 -4.27 4.13
CA ASP B 56 16.50 -3.30 3.20
C ASP B 56 16.95 -2.07 3.97
N ILE B 57 18.25 -1.95 4.18
CA ILE B 57 18.82 -0.84 4.92
C ILE B 57 19.54 0.14 4.01
N LEU B 58 19.09 1.39 4.03
CA LEU B 58 19.69 2.45 3.22
C LEU B 58 20.85 3.10 3.98
N ASP B 59 22.07 2.85 3.50
CA ASP B 59 23.27 3.41 4.11
C ASP B 59 23.46 4.86 3.66
N THR B 60 22.93 5.78 4.44
CA THR B 60 23.00 7.20 4.13
C THR B 60 24.27 7.83 4.72
N ALA B 61 24.48 9.11 4.45
CA ALA B 61 25.65 9.82 4.96
C ALA B 61 25.39 10.33 6.39
N GLY B 62 26.31 11.13 6.92
CA GLY B 62 26.15 11.64 8.27
C GLY B 62 26.26 13.16 8.36
N GLN B 63 27.40 13.68 7.97
CA GLN B 63 27.64 15.12 8.03
C GLN B 63 26.97 15.85 6.87
N GLU B 64 25.68 16.08 6.99
CA GLU B 64 24.91 16.77 5.96
C GLU B 64 24.01 17.82 6.60
N GLU B 65 23.33 18.59 5.77
CA GLU B 65 22.44 19.62 6.26
C GLU B 65 21.00 19.33 5.84
N TYR B 66 20.13 20.32 5.99
CA TYR B 66 18.72 20.15 5.63
C TYR B 66 18.59 19.93 4.13
N SER B 67 17.91 18.85 3.76
CA SER B 67 17.72 18.52 2.37
C SER B 67 16.29 18.05 2.13
N ALA B 68 15.74 18.41 0.98
CA ALA B 68 14.39 18.02 0.62
C ALA B 68 14.38 16.57 0.13
N MET B 69 15.49 15.88 0.32
CA MET B 69 15.64 14.50 -0.07
C MET B 69 16.09 13.67 1.13
N ARG B 70 17.10 14.18 1.84
CA ARG B 70 17.64 13.49 3.02
C ARG B 70 16.59 13.39 4.12
N ASP B 71 15.96 14.52 4.42
CA ASP B 71 14.96 14.58 5.47
C ASP B 71 13.64 13.98 5.01
N GLN B 72 13.68 13.39 3.82
CA GLN B 72 12.51 12.75 3.25
C GLN B 72 12.61 11.24 3.36
N TYR B 73 13.60 10.66 2.70
CA TYR B 73 13.77 9.21 2.70
C TYR B 73 14.14 8.63 4.05
N MET B 74 14.85 9.39 4.88
CA MET B 74 15.28 8.91 6.18
C MET B 74 14.15 8.90 7.21
N ARG B 75 12.95 9.23 6.78
CA ARG B 75 11.80 9.23 7.67
C ARG B 75 10.98 7.96 7.51
N THR B 76 11.35 7.15 6.53
CA THR B 76 10.65 5.90 6.26
C THR B 76 10.92 4.90 7.38
N GLY B 77 12.09 5.03 8.00
CA GLY B 77 12.46 4.14 9.07
C GLY B 77 11.91 4.59 10.41
N GLU B 78 11.66 3.64 11.29
CA GLU B 78 11.14 3.91 12.62
C GLU B 78 12.20 3.63 13.68
N GLY B 79 13.17 2.80 13.34
CA GLY B 79 14.23 2.46 14.27
C GLY B 79 15.59 2.89 13.74
N PHE B 80 16.37 3.57 14.57
CA PHE B 80 17.68 4.04 14.13
C PHE B 80 18.80 3.57 15.03
N LEU B 81 19.88 3.09 14.41
CA LEU B 81 21.05 2.61 15.16
C LEU B 81 22.11 3.71 15.19
N CYS B 82 22.51 4.08 16.40
CA CYS B 82 23.53 5.11 16.58
C CYS B 82 24.90 4.46 16.70
N VAL B 83 25.54 4.26 15.57
CA VAL B 83 26.84 3.62 15.52
C VAL B 83 27.98 4.63 15.70
N PHE B 84 28.84 4.37 16.67
CA PHE B 84 29.98 5.23 16.93
C PHE B 84 31.22 4.39 17.16
N ALA B 85 32.38 5.00 17.02
CA ALA B 85 33.64 4.31 17.24
C ALA B 85 34.16 4.60 18.63
N ILE B 86 34.37 3.55 19.41
CA ILE B 86 34.86 3.70 20.78
C ILE B 86 36.32 4.15 20.83
N ASN B 87 36.93 4.32 19.67
CA ASN B 87 38.31 4.77 19.56
C ASN B 87 38.37 6.20 19.05
N ASN B 88 37.21 6.85 19.01
CA ASN B 88 37.10 8.22 18.55
C ASN B 88 36.13 8.98 19.45
N THR B 89 36.67 9.85 20.29
CA THR B 89 35.84 10.63 21.20
C THR B 89 34.89 11.54 20.43
N LYS B 90 35.34 12.05 19.29
CA LYS B 90 34.51 12.92 18.46
C LYS B 90 33.31 12.15 17.90
N SER B 91 33.49 10.85 17.71
CA SER B 91 32.43 10.00 17.20
C SER B 91 31.40 9.74 18.30
N PHE B 92 31.88 9.55 19.52
CA PHE B 92 31.03 9.30 20.67
C PHE B 92 30.23 10.55 21.03
N GLU B 93 30.88 11.70 20.92
CA GLU B 93 30.23 12.98 21.24
C GLU B 93 29.30 13.44 20.13
N ASP B 94 29.43 12.83 18.94
CA ASP B 94 28.59 13.21 17.80
C ASP B 94 27.26 12.49 17.83
N ILE B 95 27.10 11.58 18.79
CA ILE B 95 25.86 10.81 18.93
C ILE B 95 24.68 11.74 19.21
N HIS B 96 24.86 12.68 20.13
CA HIS B 96 23.79 13.62 20.47
C HIS B 96 23.49 14.50 19.26
N HIS B 97 24.52 14.77 18.45
CA HIS B 97 24.37 15.58 17.25
C HIS B 97 23.42 14.90 16.27
N TYR B 98 23.56 13.59 16.11
CA TYR B 98 22.69 12.84 15.21
C TYR B 98 21.34 12.58 15.86
N ARG B 99 21.34 12.42 17.18
CA ARG B 99 20.13 12.17 17.94
C ARG B 99 19.11 13.30 17.77
N GLU B 100 19.58 14.54 17.89
CA GLU B 100 18.72 15.70 17.75
C GLU B 100 18.11 15.76 16.35
N GLN B 101 18.90 15.34 15.36
CA GLN B 101 18.45 15.32 13.98
C GLN B 101 17.33 14.30 13.81
N ILE B 102 17.50 13.13 14.42
CA ILE B 102 16.51 12.07 14.35
C ILE B 102 15.23 12.50 15.05
N LYS B 103 15.37 13.14 16.20
CA LYS B 103 14.24 13.63 16.96
C LYS B 103 13.44 14.64 16.16
N ARG B 104 14.15 15.46 15.38
CA ARG B 104 13.53 16.47 14.55
C ARG B 104 12.79 15.87 13.37
N VAL B 105 13.43 14.94 12.66
CA VAL B 105 12.81 14.31 11.50
C VAL B 105 11.61 13.45 11.88
N LYS B 106 11.65 12.84 13.06
CA LYS B 106 10.56 12.00 13.51
C LYS B 106 9.50 12.82 14.26
N ASP B 107 9.89 14.02 14.68
CA ASP B 107 8.98 14.93 15.39
C ASP B 107 8.37 14.27 16.62
N SER B 108 9.19 13.61 17.41
CA SER B 108 8.72 12.91 18.61
C SER B 108 9.79 12.88 19.71
N GLU B 109 9.34 12.61 20.93
CA GLU B 109 10.23 12.53 22.08
C GLU B 109 10.69 11.11 22.29
N ASP B 110 9.82 10.16 21.97
CA ASP B 110 10.14 8.75 22.12
C ASP B 110 10.30 8.06 20.76
N VAL B 111 11.54 7.87 20.36
CA VAL B 111 11.86 7.23 19.09
C VAL B 111 12.72 5.99 19.35
N PRO B 112 12.38 4.85 18.72
CA PRO B 112 13.13 3.60 18.88
C PRO B 112 14.56 3.73 18.34
N MET B 113 15.52 3.80 19.24
CA MET B 113 16.93 3.93 18.87
C MET B 113 17.79 3.04 19.75
N VAL B 114 18.90 2.57 19.20
CA VAL B 114 19.83 1.71 19.92
C VAL B 114 21.26 2.23 19.73
N LEU B 115 22.05 2.22 20.80
CA LEU B 115 23.43 2.68 20.75
C LEU B 115 24.34 1.55 20.32
N VAL B 116 25.19 1.80 19.32
CA VAL B 116 26.11 0.79 18.81
C VAL B 116 27.56 1.25 18.91
N GLY B 117 28.37 0.50 19.63
CA GLY B 117 29.77 0.84 19.77
C GLY B 117 30.62 -0.09 18.92
N ASN B 118 30.95 0.34 17.71
CA ASN B 118 31.73 -0.49 16.79
C ASN B 118 33.23 -0.35 17.02
N LYS B 119 33.98 -1.32 16.48
CA LYS B 119 35.44 -1.35 16.58
C LYS B 119 35.92 -1.64 18.01
N CYS B 120 35.25 -2.59 18.66
CA CYS B 120 35.60 -2.96 20.03
C CYS B 120 36.85 -3.83 20.06
N ASP B 121 37.16 -4.43 18.93
CA ASP B 121 38.34 -5.30 18.82
C ASP B 121 39.62 -4.50 18.78
N LEU B 122 39.52 -3.22 18.44
CA LEU B 122 40.69 -2.35 18.37
C LEU B 122 41.16 -1.97 19.77
N PRO B 123 42.48 -2.10 20.02
CA PRO B 123 43.07 -1.79 21.33
C PRO B 123 43.27 -0.29 21.55
N SER B 124 42.78 0.52 20.63
CA SER B 124 42.91 1.96 20.72
C SER B 124 41.64 2.58 21.30
N ARG B 125 40.92 1.78 22.08
CA ARG B 125 39.67 2.20 22.70
C ARG B 125 39.89 3.38 23.65
N THR B 126 39.20 4.48 23.37
CA THR B 126 39.31 5.67 24.20
C THR B 126 38.05 5.85 25.05
N VAL B 127 36.95 5.27 24.59
CA VAL B 127 35.67 5.34 25.29
C VAL B 127 35.41 4.04 26.05
N ASP B 128 35.28 4.15 27.38
CA ASP B 128 35.02 2.98 28.21
C ASP B 128 33.56 2.56 28.12
N THR B 129 33.31 1.27 28.31
CA THR B 129 31.97 0.72 28.25
C THR B 129 31.01 1.41 29.22
N LYS B 130 31.51 1.77 30.40
CA LYS B 130 30.69 2.42 31.41
C LYS B 130 30.17 3.77 30.92
N GLN B 131 31.01 4.49 30.19
CA GLN B 131 30.65 5.80 29.66
C GLN B 131 29.47 5.70 28.70
N ALA B 132 29.55 4.74 27.78
CA ALA B 132 28.50 4.53 26.79
C ALA B 132 27.22 4.02 27.44
N GLN B 133 27.34 3.06 28.35
CA GLN B 133 26.17 2.51 29.03
C GLN B 133 25.47 3.56 29.88
N ASP B 134 26.25 4.41 30.53
CA ASP B 134 25.73 5.47 31.38
C ASP B 134 24.87 6.44 30.57
N LEU B 135 25.40 6.88 29.44
CA LEU B 135 24.70 7.80 28.57
C LEU B 135 23.45 7.16 27.95
N ALA B 136 23.56 5.89 27.59
CA ALA B 136 22.45 5.16 26.99
C ALA B 136 21.31 4.99 27.99
N ARG B 137 21.66 4.69 29.23
CA ARG B 137 20.66 4.50 30.28
C ARG B 137 19.86 5.78 30.55
N SER B 138 20.51 6.92 30.37
CA SER B 138 19.85 8.21 30.59
C SER B 138 18.83 8.51 29.50
N TYR B 139 19.07 8.00 28.31
CA TYR B 139 18.16 8.22 27.20
C TYR B 139 17.08 7.14 27.17
N GLY B 140 17.32 6.05 27.88
CA GLY B 140 16.36 4.96 27.90
C GLY B 140 16.49 4.06 26.69
N ILE B 141 17.69 3.99 26.13
CA ILE B 141 17.95 3.17 24.96
C ILE B 141 19.00 2.11 25.26
N PRO B 142 18.92 0.95 24.61
CA PRO B 142 19.87 -0.14 24.81
C PRO B 142 21.21 0.14 24.12
N PHE B 143 22.26 -0.48 24.64
CA PHE B 143 23.60 -0.33 24.08
C PHE B 143 24.29 -1.69 24.00
N ILE B 144 24.73 -2.04 22.80
CA ILE B 144 25.42 -3.30 22.57
C ILE B 144 26.74 -3.03 21.87
N GLU B 145 27.81 -3.68 22.34
CA GLU B 145 29.12 -3.52 21.71
C GLU B 145 29.11 -4.26 20.39
N THR B 146 29.78 -3.70 19.39
CA THR B 146 29.77 -4.32 18.08
C THR B 146 31.13 -4.24 17.37
N SER B 147 31.41 -5.26 16.58
CA SER B 147 32.63 -5.32 15.79
C SER B 147 32.29 -5.92 14.43
N ALA B 148 32.50 -5.15 13.38
CA ALA B 148 32.21 -5.61 12.03
C ALA B 148 33.29 -6.56 11.52
N LYS B 149 34.41 -6.61 12.23
CA LYS B 149 35.51 -7.46 11.84
C LYS B 149 35.29 -8.91 12.26
N THR B 150 35.13 -9.13 13.56
CA THR B 150 34.92 -10.48 14.09
C THR B 150 33.45 -10.82 14.26
N ARG B 151 32.59 -9.86 13.90
CA ARG B 151 31.14 -10.04 14.02
C ARG B 151 30.71 -10.27 15.46
N GLN B 152 30.83 -9.22 16.26
CA GLN B 152 30.46 -9.29 17.66
C GLN B 152 29.30 -8.35 17.92
N GLY B 153 28.18 -8.90 18.38
CA GLY B 153 27.00 -8.10 18.68
C GLY B 153 26.36 -7.49 17.46
N VAL B 154 26.77 -7.93 16.28
CA VAL B 154 26.23 -7.41 15.03
C VAL B 154 24.76 -7.78 14.90
N ASP B 155 24.49 -9.07 14.85
CA ASP B 155 23.13 -9.58 14.72
C ASP B 155 22.30 -9.11 15.92
N ASP B 156 22.94 -9.12 17.09
CA ASP B 156 22.27 -8.71 18.33
C ASP B 156 21.74 -7.28 18.26
N ALA B 157 22.61 -6.35 17.84
CA ALA B 157 22.23 -4.95 17.72
C ALA B 157 21.03 -4.78 16.79
N PHE B 158 21.11 -5.45 15.65
CA PHE B 158 20.04 -5.39 14.66
C PHE B 158 18.73 -5.96 15.22
N TYR B 159 18.84 -7.09 15.92
CA TYR B 159 17.67 -7.74 16.51
C TYR B 159 17.08 -6.90 17.63
N THR B 160 17.94 -6.30 18.44
CA THR B 160 17.51 -5.46 19.55
C THR B 160 16.70 -4.28 19.04
N LEU B 161 17.20 -3.62 18.00
CA LEU B 161 16.51 -2.47 17.44
C LEU B 161 15.08 -2.80 17.06
N VAL B 162 14.90 -3.87 16.29
CA VAL B 162 13.57 -4.28 15.86
C VAL B 162 12.70 -4.67 17.06
N ARG B 163 13.33 -5.30 18.05
CA ARG B 163 12.62 -5.72 19.26
C ARG B 163 12.13 -4.51 20.07
N GLU B 164 12.87 -3.41 19.97
CA GLU B 164 12.48 -2.19 20.66
C GLU B 164 11.28 -1.58 19.93
N ILE B 165 11.35 -1.63 18.61
CA ILE B 165 10.26 -1.11 17.77
C ILE B 165 8.97 -1.88 18.05
N ARG B 166 9.09 -3.19 18.23
CA ARG B 166 7.94 -4.04 18.52
C ARG B 166 7.24 -3.57 19.80
N LYS B 167 8.04 -3.15 20.79
CA LYS B 167 7.50 -2.67 22.06
C LYS B 167 6.89 -1.29 21.89
N HIS B 168 7.44 -0.51 20.95
CA HIS B 168 6.94 0.82 20.67
C HIS B 168 5.55 0.75 20.04
N LYS B 169 5.37 -0.26 19.19
CA LYS B 169 4.10 -0.47 18.52
C LYS B 169 3.00 -0.78 19.54
N GLU B 170 3.33 -1.64 20.49
CA GLU B 170 2.40 -2.01 21.54
C GLU B 170 2.09 -0.81 22.42
N LYS B 171 3.14 -0.06 22.76
CA LYS B 171 3.01 1.12 23.59
C LYS B 171 2.02 2.12 22.98
N MET B 172 2.13 2.31 21.67
CA MET B 172 1.27 3.24 20.95
C MET B 172 -0.18 2.74 20.89
N SER B 173 -0.36 1.43 21.06
CA SER B 173 -1.70 0.84 21.02
C SER B 173 -2.41 0.96 22.38
N LYS B 174 -1.62 1.09 23.44
CA LYS B 174 -2.16 1.22 24.79
C LYS B 174 -2.09 2.67 25.27
N ASP B 175 -1.42 3.51 24.47
CA ASP B 175 -1.25 4.94 24.78
C ASP B 175 -0.31 5.15 25.96
N GLY B 176 0.42 4.10 26.31
CA GLY B 176 1.36 4.17 27.41
C GLY B 176 0.66 4.16 28.76
N LYS B 177 0.15 5.32 29.15
CA LYS B 177 -0.56 5.47 30.41
C LYS B 177 -1.66 6.51 30.25
N LYS B 178 -2.87 6.15 30.63
CA LYS B 178 -4.01 7.06 30.52
C LYS B 178 -4.25 7.80 31.82
N LYS B 179 -4.12 7.09 32.93
CA LYS B 179 -4.32 7.69 34.24
C LYS B 179 -3.13 8.54 34.64
N LYS B 180 -3.33 9.85 34.67
CA LYS B 180 -2.28 10.78 35.04
C LYS B 180 -2.45 11.23 36.47
N LYS B 181 -1.42 11.02 37.28
CA LYS B 181 -1.44 11.40 38.68
C LYS B 181 -1.00 12.85 38.86
N LYS B 182 -1.77 13.61 39.62
CA LYS B 182 -1.46 15.01 39.86
C LYS B 182 -0.98 15.22 41.29
N SER B 183 -0.25 14.25 41.79
CA SER B 183 0.27 14.30 43.15
C SER B 183 1.76 14.54 43.12
N LYS B 184 2.27 15.16 44.17
CA LYS B 184 3.69 15.44 44.29
C LYS B 184 4.41 14.23 44.89
N THR B 185 3.62 13.21 45.21
CA THR B 185 4.12 11.97 45.82
C THR B 185 4.97 12.26 47.06
N LYS B 186 6.27 12.01 46.98
CA LYS B 186 7.16 12.25 48.10
C LYS B 186 8.51 12.78 47.62
N CYS B 187 9.26 13.38 48.53
CA CYS B 187 10.55 13.92 48.20
C CYS B 187 11.64 12.94 48.60
N LEU C 3 -21.96 44.20 5.53
CA LEU C 3 -22.34 45.60 5.31
C LEU C 3 -21.19 46.30 4.62
N LYS C 4 -20.01 45.69 4.71
CA LYS C 4 -18.80 46.22 4.11
C LYS C 4 -18.61 45.61 2.73
N LEU C 5 -19.58 44.80 2.31
CA LEU C 5 -19.55 44.14 1.00
C LEU C 5 -19.41 45.15 -0.13
N LEU C 6 -19.92 46.35 0.10
CA LEU C 6 -19.85 47.42 -0.88
C LEU C 6 -18.39 47.79 -1.12
N ASP C 7 -17.64 47.87 -0.04
CA ASP C 7 -16.22 48.22 -0.09
C ASP C 7 -15.45 47.05 -0.66
N ASN C 8 -15.84 45.85 -0.26
CA ASN C 8 -15.21 44.62 -0.73
C ASN C 8 -15.36 44.51 -2.25
N TRP C 9 -16.60 44.68 -2.72
CA TRP C 9 -16.87 44.61 -4.16
C TRP C 9 -16.16 45.72 -4.90
N ASP C 10 -16.00 46.87 -4.25
CA ASP C 10 -15.29 47.99 -4.85
C ASP C 10 -13.85 47.59 -5.12
N SER C 11 -13.27 46.87 -4.16
CA SER C 11 -11.90 46.38 -4.28
C SER C 11 -11.83 45.30 -5.35
N VAL C 12 -12.93 44.56 -5.51
CA VAL C 12 -13.01 43.51 -6.52
C VAL C 12 -13.03 44.15 -7.91
N THR C 13 -13.78 45.22 -8.04
CA THR C 13 -13.88 45.93 -9.31
C THR C 13 -12.51 46.50 -9.73
N SER C 14 -11.77 47.04 -8.76
CA SER C 14 -10.45 47.58 -9.04
C SER C 14 -9.48 46.46 -9.40
N THR C 15 -9.55 45.36 -8.67
CA THR C 15 -8.66 44.22 -8.94
C THR C 15 -8.99 43.60 -10.29
N PHE C 16 -10.27 43.61 -10.64
CA PHE C 16 -10.74 43.07 -11.92
C PHE C 16 -10.26 43.95 -13.06
N SER C 17 -10.24 45.26 -12.83
CA SER C 17 -9.77 46.19 -13.83
C SER C 17 -8.28 45.96 -14.04
N LYS C 18 -7.57 45.72 -12.94
CA LYS C 18 -6.13 45.44 -12.98
C LYS C 18 -5.89 44.00 -13.40
N LEU C 19 -6.97 43.30 -13.74
CA LEU C 19 -6.92 41.94 -14.22
C LEU C 19 -7.10 41.97 -15.73
N ARG C 20 -7.99 42.85 -16.17
CA ARG C 20 -8.25 43.03 -17.59
C ARG C 20 -7.03 43.65 -18.24
N GLU C 21 -6.44 44.63 -17.56
CA GLU C 21 -5.24 45.30 -18.04
C GLU C 21 -4.01 44.41 -17.80
N GLN C 22 -4.25 43.27 -17.19
CA GLN C 22 -3.19 42.32 -16.90
C GLN C 22 -3.21 41.22 -17.96
N LEU C 23 -4.39 40.65 -18.17
CA LEU C 23 -4.57 39.59 -19.14
C LEU C 23 -4.48 40.15 -20.56
N GLY C 24 -4.95 41.38 -20.74
CA GLY C 24 -4.93 42.04 -22.04
C GLY C 24 -3.58 41.98 -22.73
N PRO C 25 -2.61 42.79 -22.28
CA PRO C 25 -1.26 42.81 -22.86
C PRO C 25 -0.65 41.41 -22.91
N VAL C 26 -0.84 40.65 -21.83
CA VAL C 26 -0.31 39.29 -21.73
C VAL C 26 -0.82 38.40 -22.86
N THR C 27 -2.13 38.39 -23.08
CA THR C 27 -2.72 37.57 -24.15
C THR C 27 -2.31 38.09 -25.52
N GLN C 28 -2.17 39.41 -25.63
CA GLN C 28 -1.77 40.04 -26.88
C GLN C 28 -0.43 39.48 -27.35
N GLU C 29 0.56 39.49 -26.46
CA GLU C 29 1.86 38.94 -26.80
C GLU C 29 1.88 37.42 -26.66
N PHE C 30 0.91 36.88 -25.94
CA PHE C 30 0.79 35.43 -25.78
C PHE C 30 0.44 34.83 -27.13
N TRP C 31 -0.41 35.53 -27.88
CA TRP C 31 -0.79 35.10 -29.21
C TRP C 31 0.42 35.18 -30.12
N ASP C 32 1.29 36.15 -29.82
CA ASP C 32 2.52 36.35 -30.57
C ASP C 32 3.48 35.22 -30.22
N ASN C 33 3.38 34.75 -28.97
CA ASN C 33 4.19 33.62 -28.52
C ASN C 33 3.68 32.38 -29.22
N LEU C 34 2.37 32.24 -29.29
CA LEU C 34 1.73 31.14 -29.96
C LEU C 34 2.06 31.19 -31.45
N GLU C 35 2.31 32.41 -31.94
CA GLU C 35 2.69 32.61 -33.32
C GLU C 35 4.02 31.92 -33.56
N LYS C 36 4.97 32.15 -32.66
CA LYS C 36 6.27 31.53 -32.74
C LYS C 36 6.10 30.03 -32.54
N GLU C 37 5.22 29.68 -31.61
CA GLU C 37 4.93 28.29 -31.30
C GLU C 37 4.44 27.54 -32.54
N THR C 38 3.39 28.07 -33.17
CA THR C 38 2.84 27.45 -34.35
C THR C 38 3.85 27.43 -35.49
N GLU C 39 4.57 28.54 -35.66
CA GLU C 39 5.59 28.63 -36.70
C GLU C 39 6.72 27.64 -36.44
N GLY C 40 7.13 27.56 -35.18
CA GLY C 40 8.18 26.63 -34.80
C GLY C 40 7.73 25.20 -35.00
N LEU C 41 6.52 24.92 -34.52
CA LEU C 41 5.93 23.60 -34.65
C LEU C 41 5.73 23.27 -36.13
N ARG C 42 5.47 24.29 -36.94
CA ARG C 42 5.30 24.09 -38.38
C ARG C 42 6.62 23.65 -38.99
N GLN C 43 7.70 24.26 -38.53
CA GLN C 43 9.04 23.91 -39.01
C GLN C 43 9.38 22.50 -38.54
N GLU C 44 8.97 22.19 -37.32
CA GLU C 44 9.21 20.86 -36.76
C GLU C 44 8.37 19.82 -37.50
N MET C 45 7.06 20.04 -37.51
CA MET C 45 6.11 19.12 -38.14
C MET C 45 6.33 18.94 -39.63
N SER C 46 6.76 19.98 -40.33
CA SER C 46 7.00 19.84 -41.76
C SER C 46 8.11 18.83 -42.01
N LYS C 47 9.26 19.07 -41.38
CA LYS C 47 10.39 18.16 -41.50
C LYS C 47 10.00 16.79 -40.95
N ASP C 48 9.21 16.83 -39.88
CA ASP C 48 8.74 15.62 -39.21
C ASP C 48 7.95 14.75 -40.17
N LEU C 49 6.93 15.34 -40.78
CA LEU C 49 6.07 14.64 -41.73
C LEU C 49 6.82 14.27 -43.00
N GLU C 50 7.62 15.20 -43.52
CA GLU C 50 8.39 14.95 -44.73
C GLU C 50 9.32 13.75 -44.51
N GLU C 51 10.00 13.75 -43.38
CA GLU C 51 10.91 12.67 -43.04
C GLU C 51 10.10 11.43 -42.65
N VAL C 52 8.89 11.65 -42.17
CA VAL C 52 8.01 10.55 -41.79
C VAL C 52 7.70 9.68 -43.01
N LYS C 53 7.51 10.33 -44.16
CA LYS C 53 7.24 9.61 -45.39
C LYS C 53 8.46 8.76 -45.77
N ALA C 54 9.64 9.33 -45.56
CA ALA C 54 10.89 8.66 -45.87
C ALA C 54 11.23 7.63 -44.78
N LYS C 55 10.42 7.60 -43.74
CA LYS C 55 10.62 6.67 -42.64
C LYS C 55 9.61 5.54 -42.69
N VAL C 56 8.34 5.91 -42.84
CA VAL C 56 7.25 4.94 -42.88
C VAL C 56 7.36 4.02 -44.10
N GLN C 57 7.80 4.57 -45.23
CA GLN C 57 7.95 3.76 -46.44
C GLN C 57 8.88 2.57 -46.22
N PRO C 58 10.19 2.79 -45.93
CA PRO C 58 11.13 1.70 -45.69
C PRO C 58 10.78 0.91 -44.41
N TYR C 59 10.00 1.54 -43.54
CA TYR C 59 9.57 0.90 -42.30
C TYR C 59 8.56 -0.19 -42.63
N LEU C 60 7.50 0.20 -43.34
CA LEU C 60 6.47 -0.73 -43.74
C LEU C 60 6.98 -1.69 -44.80
N ASP C 61 7.90 -1.20 -45.64
CA ASP C 61 8.48 -2.04 -46.68
C ASP C 61 9.25 -3.19 -46.05
N ASP C 62 10.06 -2.86 -45.03
CA ASP C 62 10.82 -3.89 -44.33
C ASP C 62 9.90 -4.69 -43.43
N PHE C 63 8.95 -4.00 -42.80
CA PHE C 63 7.98 -4.67 -41.95
C PHE C 63 7.23 -5.72 -42.74
N GLN C 64 6.92 -5.40 -43.99
CA GLN C 64 6.24 -6.34 -44.87
C GLN C 64 7.14 -7.54 -45.12
N LYS C 65 8.42 -7.28 -45.30
CA LYS C 65 9.40 -8.33 -45.52
C LYS C 65 9.51 -9.18 -44.26
N LYS C 66 9.67 -8.50 -43.12
CA LYS C 66 9.77 -9.16 -41.83
C LYS C 66 8.51 -9.95 -41.55
N TRP C 67 7.36 -9.36 -41.87
CA TRP C 67 6.09 -10.02 -41.68
C TRP C 67 6.02 -11.26 -42.57
N GLN C 68 6.51 -11.14 -43.79
CA GLN C 68 6.52 -12.27 -44.72
C GLN C 68 7.44 -13.36 -44.17
N GLU C 69 8.60 -12.94 -43.67
CA GLU C 69 9.58 -13.87 -43.08
C GLU C 69 8.92 -14.68 -41.96
N GLU C 70 8.16 -13.99 -41.12
CA GLU C 70 7.49 -14.65 -40.01
C GLU C 70 6.20 -15.34 -40.44
N MET C 71 5.44 -14.75 -41.35
CA MET C 71 4.20 -15.36 -41.81
C MET C 71 4.50 -16.69 -42.50
N GLU C 72 5.52 -16.69 -43.35
CA GLU C 72 5.95 -17.89 -44.04
C GLU C 72 6.55 -18.84 -43.02
N LEU C 73 7.43 -18.29 -42.18
CA LEU C 73 8.10 -19.06 -41.13
C LEU C 73 7.08 -19.74 -40.21
N TYR C 74 6.02 -19.00 -39.88
CA TYR C 74 4.96 -19.52 -39.03
C TYR C 74 4.16 -20.57 -39.78
N ARG C 75 3.86 -20.32 -41.04
CA ARG C 75 3.13 -21.27 -41.85
C ARG C 75 3.94 -22.55 -41.99
N GLN C 76 5.23 -22.39 -42.28
CA GLN C 76 6.14 -23.51 -42.42
C GLN C 76 6.56 -24.07 -41.06
N LYS C 77 5.81 -23.69 -40.03
CA LYS C 77 6.06 -24.15 -38.67
C LYS C 77 4.77 -24.74 -38.11
N VAL C 78 3.72 -23.95 -38.15
CA VAL C 78 2.40 -24.35 -37.66
C VAL C 78 1.86 -25.51 -38.48
N GLU C 79 2.07 -25.49 -39.78
CA GLU C 79 1.58 -26.57 -40.64
C GLU C 79 2.19 -27.92 -40.27
N PRO C 80 3.54 -28.07 -40.32
CA PRO C 80 4.20 -29.33 -39.95
C PRO C 80 3.92 -29.68 -38.49
N LEU C 81 3.88 -28.67 -37.62
CA LEU C 81 3.61 -28.90 -36.21
C LEU C 81 2.17 -29.32 -36.00
N ARG C 82 1.26 -28.81 -36.84
CA ARG C 82 -0.15 -29.18 -36.74
C ARG C 82 -0.31 -30.65 -37.05
N ALA C 83 0.49 -31.13 -38.01
CA ALA C 83 0.48 -32.53 -38.39
C ALA C 83 1.07 -33.36 -37.25
N GLU C 84 2.18 -32.88 -36.72
CA GLU C 84 2.86 -33.56 -35.61
C GLU C 84 1.95 -33.62 -34.39
N LEU C 85 1.36 -32.48 -34.07
CA LEU C 85 0.46 -32.39 -32.94
C LEU C 85 -0.82 -33.17 -33.22
N GLN C 86 -1.16 -33.30 -34.50
CA GLN C 86 -2.34 -34.06 -34.90
C GLN C 86 -2.13 -35.53 -34.60
N GLU C 87 -0.98 -36.05 -34.99
CA GLU C 87 -0.64 -37.44 -34.73
C GLU C 87 -0.51 -37.63 -33.23
N GLY C 88 0.10 -36.65 -32.57
CA GLY C 88 0.25 -36.70 -31.13
C GLY C 88 -1.09 -36.66 -30.45
N ALA C 89 -2.00 -35.85 -30.98
CA ALA C 89 -3.36 -35.73 -30.44
C ALA C 89 -4.11 -37.02 -30.69
N ARG C 90 -3.89 -37.63 -31.86
CA ARG C 90 -4.52 -38.89 -32.19
C ARG C 90 -4.09 -39.94 -31.18
N GLN C 91 -2.80 -39.97 -30.90
CA GLN C 91 -2.24 -40.88 -29.92
C GLN C 91 -2.82 -40.55 -28.56
N LYS C 92 -2.79 -39.27 -28.20
CA LYS C 92 -3.32 -38.81 -26.92
C LYS C 92 -4.79 -39.19 -26.78
N LEU C 93 -5.54 -39.05 -27.87
CA LEU C 93 -6.95 -39.39 -27.88
C LEU C 93 -7.11 -40.88 -27.63
N HIS C 94 -6.18 -41.67 -28.15
CA HIS C 94 -6.20 -43.12 -27.95
C HIS C 94 -5.73 -43.45 -26.55
N GLU C 95 -4.75 -42.67 -26.07
CA GLU C 95 -4.21 -42.82 -24.73
C GLU C 95 -5.30 -42.50 -23.71
N LEU C 96 -6.27 -41.71 -24.14
CA LEU C 96 -7.39 -41.34 -23.29
C LEU C 96 -8.58 -42.26 -23.53
N GLN C 97 -8.98 -42.41 -24.79
CA GLN C 97 -10.12 -43.24 -25.16
C GLN C 97 -9.99 -44.68 -24.66
N GLU C 98 -8.87 -45.33 -24.99
CA GLU C 98 -8.64 -46.71 -24.59
C GLU C 98 -8.32 -46.84 -23.12
N LYS C 99 -8.44 -45.74 -22.39
CA LYS C 99 -8.20 -45.73 -20.96
C LYS C 99 -9.45 -45.32 -20.21
N LEU C 100 -10.08 -44.24 -20.67
CA LEU C 100 -11.30 -43.73 -20.05
C LEU C 100 -12.45 -44.72 -20.20
N SER C 101 -12.35 -45.59 -21.20
CA SER C 101 -13.39 -46.60 -21.40
C SER C 101 -13.28 -47.71 -20.35
N PRO C 102 -12.16 -48.47 -20.31
CA PRO C 102 -11.99 -49.54 -19.32
C PRO C 102 -11.98 -48.97 -17.89
N LEU C 103 -11.25 -47.87 -17.69
CA LEU C 103 -11.19 -47.24 -16.39
C LEU C 103 -12.52 -46.59 -16.05
N GLY C 104 -13.25 -46.20 -17.09
CA GLY C 104 -14.55 -45.60 -16.89
C GLY C 104 -15.50 -46.63 -16.33
N GLU C 105 -15.46 -47.83 -16.92
CA GLU C 105 -16.28 -48.94 -16.46
C GLU C 105 -15.83 -49.31 -15.06
N GLU C 106 -14.52 -49.23 -14.83
CA GLU C 106 -13.94 -49.52 -13.55
C GLU C 106 -14.44 -48.52 -12.51
N MET C 107 -14.33 -47.23 -12.84
CA MET C 107 -14.79 -46.16 -11.96
C MET C 107 -16.27 -46.32 -11.70
N ARG C 108 -17.00 -46.74 -12.73
CA ARG C 108 -18.42 -46.97 -12.60
C ARG C 108 -18.67 -48.16 -11.68
N ASP C 109 -17.86 -49.20 -11.83
CA ASP C 109 -17.96 -50.39 -11.00
C ASP C 109 -17.70 -50.00 -9.55
N ARG C 110 -16.68 -49.18 -9.36
CA ARG C 110 -16.33 -48.68 -8.04
C ARG C 110 -17.49 -47.84 -7.51
N ALA C 111 -18.05 -47.02 -8.39
CA ALA C 111 -19.18 -46.17 -8.05
C ALA C 111 -20.37 -47.03 -7.66
N ARG C 112 -20.61 -48.08 -8.43
CA ARG C 112 -21.72 -49.01 -8.14
C ARG C 112 -21.54 -49.56 -6.74
N ALA C 113 -20.32 -49.99 -6.46
CA ALA C 113 -19.99 -50.55 -5.15
C ALA C 113 -20.08 -49.47 -4.07
N HIS C 114 -19.61 -48.26 -4.40
CA HIS C 114 -19.64 -47.14 -3.47
C HIS C 114 -21.10 -46.79 -3.13
N VAL C 115 -21.90 -46.61 -4.16
CA VAL C 115 -23.31 -46.28 -3.98
C VAL C 115 -24.04 -47.43 -3.30
N ASP C 116 -23.74 -48.66 -3.71
CA ASP C 116 -24.36 -49.83 -3.11
C ASP C 116 -24.04 -49.88 -1.62
N ALA C 117 -22.78 -49.61 -1.30
CA ALA C 117 -22.34 -49.56 0.08
C ALA C 117 -23.12 -48.48 0.80
N LEU C 118 -23.23 -47.32 0.15
CA LEU C 118 -23.97 -46.20 0.71
C LEU C 118 -25.44 -46.56 0.90
N ARG C 119 -25.98 -47.38 0.00
CA ARG C 119 -27.37 -47.80 0.08
C ARG C 119 -27.60 -48.59 1.36
N THR C 120 -26.73 -49.55 1.62
CA THR C 120 -26.84 -50.38 2.81
C THR C 120 -26.13 -49.74 4.01
N HIS C 121 -25.82 -48.45 3.91
CA HIS C 121 -25.15 -47.75 5.00
C HIS C 121 -25.89 -46.46 5.37
N LEU C 122 -26.20 -45.65 4.36
CA LEU C 122 -26.90 -44.39 4.57
C LEU C 122 -28.38 -44.59 4.78
N ALA C 123 -28.98 -45.51 4.02
CA ALA C 123 -30.41 -45.80 4.18
C ALA C 123 -30.74 -46.21 5.62
N PRO C 124 -30.07 -47.24 6.17
CA PRO C 124 -30.29 -47.66 7.55
C PRO C 124 -29.91 -46.53 8.52
N TYR C 125 -28.90 -45.75 8.15
CA TYR C 125 -28.44 -44.64 8.97
C TYR C 125 -29.55 -43.59 9.10
N SER C 126 -30.26 -43.38 7.99
CA SER C 126 -31.37 -42.43 7.97
C SER C 126 -32.49 -42.96 8.87
N ASP C 127 -32.63 -44.28 8.90
CA ASP C 127 -33.64 -44.93 9.73
C ASP C 127 -33.21 -44.86 11.19
N GLU C 128 -31.90 -45.03 11.42
CA GLU C 128 -31.34 -44.93 12.76
C GLU C 128 -31.54 -43.51 13.26
N LEU C 129 -31.33 -42.56 12.36
CA LEU C 129 -31.52 -41.16 12.68
C LEU C 129 -32.98 -40.88 12.98
N ARG C 130 -33.87 -41.68 12.38
CA ARG C 130 -35.30 -41.51 12.61
C ARG C 130 -35.65 -41.77 14.07
N GLN C 131 -35.16 -42.89 14.61
CA GLN C 131 -35.43 -43.23 16.01
C GLN C 131 -34.75 -42.23 16.94
N ARG C 132 -33.61 -41.70 16.50
CA ARG C 132 -32.86 -40.72 17.27
C ARG C 132 -33.54 -39.36 17.22
N LEU C 133 -33.90 -38.92 16.01
CA LEU C 133 -34.58 -37.65 15.83
C LEU C 133 -35.94 -37.68 16.51
N ALA C 134 -36.57 -38.84 16.51
CA ALA C 134 -37.88 -38.99 17.14
C ALA C 134 -37.76 -38.72 18.64
N ALA C 135 -36.76 -39.32 19.26
CA ALA C 135 -36.53 -39.14 20.70
C ALA C 135 -36.11 -37.70 20.95
N ARG C 136 -35.20 -37.20 20.14
CA ARG C 136 -34.72 -35.83 20.24
C ARG C 136 -35.88 -34.85 20.14
N LEU C 137 -36.74 -35.08 19.15
CA LEU C 137 -37.90 -34.22 18.94
C LEU C 137 -38.89 -34.35 20.10
N GLU C 138 -39.06 -35.57 20.61
CA GLU C 138 -39.96 -35.79 21.73
C GLU C 138 -39.45 -35.04 22.97
N ALA C 139 -38.14 -35.07 23.17
CA ALA C 139 -37.53 -34.38 24.27
C ALA C 139 -37.75 -32.88 24.11
N LEU C 140 -37.53 -32.40 22.88
CA LEU C 140 -37.73 -31.00 22.56
C LEU C 140 -39.20 -30.62 22.67
N LYS C 141 -40.08 -31.61 22.55
CA LYS C 141 -41.51 -31.40 22.67
C LYS C 141 -41.90 -31.28 24.14
N GLU C 142 -41.42 -32.22 24.94
CA GLU C 142 -41.69 -32.24 26.37
C GLU C 142 -41.09 -30.99 27.01
N ASN C 143 -39.81 -30.76 26.74
CA ASN C 143 -39.12 -29.60 27.28
C ASN C 143 -39.69 -28.34 26.67
N GLY C 144 -40.11 -28.44 25.42
CA GLY C 144 -40.69 -27.31 24.73
C GLY C 144 -42.00 -26.90 25.38
N GLY C 145 -42.85 -27.88 25.63
CA GLY C 145 -44.13 -27.61 26.28
C GLY C 145 -43.93 -27.08 27.67
N ALA C 146 -42.94 -27.64 28.38
CA ALA C 146 -42.63 -27.20 29.72
C ALA C 146 -42.10 -25.77 29.67
N ARG C 147 -41.13 -25.54 28.79
CA ARG C 147 -40.55 -24.21 28.61
C ARG C 147 -41.61 -23.20 28.24
N LEU C 148 -42.51 -23.57 27.33
CA LEU C 148 -43.58 -22.67 26.92
C LEU C 148 -44.41 -22.27 28.12
N ALA C 149 -44.71 -23.23 29.00
CA ALA C 149 -45.48 -22.96 30.19
C ALA C 149 -44.68 -22.05 31.12
N GLU C 150 -43.40 -22.37 31.28
CA GLU C 150 -42.50 -21.58 32.12
C GLU C 150 -42.37 -20.16 31.58
N TYR C 151 -42.04 -20.05 30.29
CA TYR C 151 -41.89 -18.76 29.65
C TYR C 151 -43.18 -17.95 29.74
N HIS C 152 -44.31 -18.63 29.55
CA HIS C 152 -45.62 -17.97 29.64
C HIS C 152 -45.81 -17.41 31.03
N ALA C 153 -45.50 -18.22 32.03
CA ALA C 153 -45.62 -17.81 33.42
C ALA C 153 -44.66 -16.67 33.72
N LYS C 154 -43.41 -16.83 33.30
CA LYS C 154 -42.39 -15.81 33.52
C LYS C 154 -42.76 -14.53 32.79
N ALA C 155 -43.46 -14.67 31.67
CA ALA C 155 -43.91 -13.52 30.91
C ALA C 155 -45.03 -12.84 31.66
N THR C 156 -45.89 -13.64 32.27
CA THR C 156 -47.01 -13.13 33.06
C THR C 156 -46.45 -12.33 34.24
N GLU C 157 -45.47 -12.92 34.92
CA GLU C 157 -44.83 -12.26 36.04
C GLU C 157 -44.18 -10.98 35.56
N HIS C 158 -43.52 -11.07 34.39
CA HIS C 158 -42.86 -9.92 33.80
C HIS C 158 -43.85 -8.81 33.50
N LEU C 159 -45.00 -9.17 32.95
CA LEU C 159 -46.03 -8.20 32.63
C LEU C 159 -46.43 -7.41 33.87
N SER C 160 -46.62 -8.12 34.97
CA SER C 160 -46.98 -7.50 36.23
C SER C 160 -45.82 -6.67 36.77
N THR C 161 -44.61 -7.22 36.74
CA THR C 161 -43.43 -6.52 37.23
C THR C 161 -43.13 -5.29 36.38
N LEU C 162 -43.56 -5.33 35.12
CA LEU C 162 -43.37 -4.21 34.21
C LEU C 162 -44.44 -3.17 34.46
N SER C 163 -45.63 -3.63 34.84
CA SER C 163 -46.75 -2.74 35.13
C SER C 163 -46.43 -1.80 36.29
N GLU C 164 -45.53 -2.24 37.17
CA GLU C 164 -45.10 -1.43 38.31
C GLU C 164 -44.42 -0.16 37.80
N LYS C 165 -43.91 -0.22 36.58
CA LYS C 165 -43.24 0.91 35.97
C LYS C 165 -44.07 1.47 34.82
N ALA C 166 -44.84 0.60 34.17
CA ALA C 166 -45.69 0.99 33.05
C ALA C 166 -46.77 1.98 33.48
N LYS C 167 -47.10 1.98 34.75
CA LYS C 167 -48.11 2.91 35.26
C LYS C 167 -47.51 3.94 36.24
N PRO C 168 -47.10 3.52 37.47
CA PRO C 168 -46.55 4.45 38.46
C PRO C 168 -45.34 5.22 37.94
N ALA C 169 -44.35 4.51 37.38
CA ALA C 169 -43.16 5.17 36.86
C ALA C 169 -43.48 6.07 35.68
N LEU C 170 -44.31 5.57 34.75
CA LEU C 170 -44.68 6.36 33.58
C LEU C 170 -45.46 7.61 33.98
N GLU C 171 -46.33 7.47 34.99
CA GLU C 171 -47.10 8.61 35.48
C GLU C 171 -46.19 9.59 36.17
N ASP C 172 -45.18 9.06 36.87
CA ASP C 172 -44.21 9.88 37.57
C ASP C 172 -43.39 10.66 36.55
N LEU C 173 -42.99 9.97 35.48
CA LEU C 173 -42.23 10.60 34.42
C LEU C 173 -43.06 11.71 33.79
N ARG C 174 -44.34 11.43 33.59
CA ARG C 174 -45.26 12.41 33.01
C ARG C 174 -45.43 13.58 33.96
N GLN C 175 -45.50 13.28 35.26
CA GLN C 175 -45.65 14.31 36.26
C GLN C 175 -44.41 15.15 36.37
N GLY C 176 -43.26 14.52 36.19
CA GLY C 176 -41.98 15.20 36.24
C GLY C 176 -41.74 15.97 34.95
N LEU C 177 -42.28 15.46 33.86
CA LEU C 177 -42.13 16.11 32.56
C LEU C 177 -42.87 17.44 32.53
N LEU C 178 -43.92 17.54 33.33
CA LEU C 178 -44.70 18.78 33.40
C LEU C 178 -43.82 20.00 33.76
N PRO C 179 -43.19 20.02 34.95
CA PRO C 179 -42.32 21.14 35.33
C PRO C 179 -41.10 21.21 34.42
N VAL C 180 -40.65 20.06 33.93
CA VAL C 180 -39.49 20.01 33.04
C VAL C 180 -39.80 20.73 31.73
N LEU C 181 -40.96 20.40 31.13
CA LEU C 181 -41.37 21.03 29.89
C LEU C 181 -41.54 22.52 30.09
N GLU C 182 -42.05 22.92 31.25
CA GLU C 182 -42.24 24.32 31.56
C GLU C 182 -40.89 25.00 31.76
N SER C 183 -39.99 24.36 32.49
CA SER C 183 -38.66 24.90 32.72
C SER C 183 -37.94 25.05 31.39
N PHE C 184 -38.07 24.03 30.55
CA PHE C 184 -37.45 24.04 29.25
C PHE C 184 -38.11 25.10 28.38
N LYS C 185 -39.42 25.29 28.57
CA LYS C 185 -40.17 26.29 27.83
C LYS C 185 -39.66 27.68 28.20
N VAL C 186 -39.54 27.92 29.51
CA VAL C 186 -39.06 29.21 30.00
C VAL C 186 -37.64 29.46 29.48
N SER C 187 -36.83 28.41 29.51
CA SER C 187 -35.46 28.48 29.02
C SER C 187 -35.44 28.75 27.51
N PHE C 188 -36.38 28.13 26.80
CA PHE C 188 -36.47 28.32 25.35
C PHE C 188 -37.00 29.71 25.04
N LEU C 189 -38.02 30.13 25.78
CA LEU C 189 -38.62 31.45 25.59
C LEU C 189 -37.58 32.55 25.78
N SER C 190 -36.78 32.42 26.83
CA SER C 190 -35.74 33.39 27.11
C SER C 190 -34.65 33.29 26.03
N ALA C 191 -34.26 32.07 25.70
CA ALA C 191 -33.24 31.83 24.69
C ALA C 191 -33.66 32.40 23.33
N LEU C 192 -34.92 32.21 22.99
CA LEU C 192 -35.45 32.71 21.73
C LEU C 192 -35.35 34.22 21.67
N GLU C 193 -35.69 34.87 22.78
CA GLU C 193 -35.63 36.32 22.87
C GLU C 193 -34.19 36.82 22.86
N GLU C 194 -33.35 36.18 23.67
CA GLU C 194 -31.94 36.56 23.76
C GLU C 194 -31.21 36.31 22.45
N TYR C 195 -31.52 35.19 21.81
CA TYR C 195 -30.89 34.82 20.55
C TYR C 195 -31.30 35.75 19.42
N THR C 196 -32.57 36.12 19.37
CA THR C 196 -33.05 37.03 18.32
C THR C 196 -32.39 38.40 18.44
N LYS C 197 -32.03 38.77 19.66
CA LYS C 197 -31.37 40.06 19.91
C LYS C 197 -29.97 40.07 19.29
N LYS C 198 -29.48 38.89 18.94
CA LYS C 198 -28.17 38.75 18.34
C LYS C 198 -28.27 38.48 16.84
N LEU C 199 -29.51 38.45 16.34
CA LEU C 199 -29.74 38.19 14.92
C LEU C 199 -30.36 39.41 14.22
N ASN C 200 -30.97 40.28 15.01
CA ASN C 200 -31.60 41.48 14.50
C ASN C 200 -30.60 42.62 14.39
C1 PCW D . 7.65 20.02 -3.18
C2 PCW D . 7.09 21.24 -4.01
C3 PCW D . 7.95 21.46 -5.30
C4 PCW D . 10.76 18.12 -3.42
C5 PCW D . 11.27 16.73 -3.01
C6 PCW D . 13.67 17.34 -3.72
C7 PCW D . 13.00 15.01 -3.43
C8 PCW D . 12.38 16.21 -4.67
C11 PCW D . 8.08 23.78 -5.92
C12 PCW D . 7.39 24.81 -6.79
C13 PCW D . 6.70 25.88 -5.86
C14 PCW D . 5.96 26.99 -6.60
C15 PCW D . 5.68 28.29 -5.78
C16 PCW D . 5.04 29.39 -6.69
C17 PCW D . 3.47 29.50 -6.65
C18 PCW D . 2.95 30.89 -7.05
C19 PCW D . 2.47 30.94 -8.53
C20 PCW D . 1.23 30.47 -8.93
C21 PCW D . 0.11 29.84 -8.19
C22 PCW D . -1.09 30.81 -8.29
C23 PCW D . -1.96 30.71 -9.58
C24 PCW D . -2.24 31.99 -10.31
C25 PCW D . -1.17 32.63 -11.24
C26 PCW D . -1.67 33.18 -12.55
C27 PCW D . -2.51 34.48 -12.53
C28 PCW D . -3.83 34.27 -13.22
C31 PCW D . 4.87 22.01 -4.41
C32 PCW D . 3.48 21.55 -4.89
C33 PCW D . 2.32 21.61 -3.79
C34 PCW D . 1.10 20.76 -4.15
C35 PCW D . 0.31 21.60 -5.25
C36 PCW D . -0.33 22.89 -4.67
C37 PCW D . -1.13 23.76 -5.69
C38 PCW D . -2.60 23.61 -5.51
C39 PCW D . -3.39 24.45 -6.49
C40 PCW D . -4.03 24.00 -7.58
C41 PCW D . -4.06 22.55 -8.01
C42 PCW D . -4.51 22.49 -9.54
C43 PCW D . -5.58 21.49 -9.92
C44 PCW D . -5.83 21.63 -11.42
C45 PCW D . -7.19 21.18 -11.90
C46 PCW D . -8.02 22.29 -12.49
C47 PCW D . -9.05 22.92 -11.57
C48 PCW D . -9.81 24.03 -12.30
N PCW D . 12.65 16.38 -3.21
O2 PCW D . 5.68 20.96 -4.45
O3 PCW D . 7.44 22.59 -6.03
O11 PCW D . 9.06 23.99 -5.24
O31 PCW D . 5.17 23.19 -4.05
O1P PCW D . 10.48 20.99 -3.29
O2P PCW D . 10.66 20.60 -0.84
O3P PCW D . 8.38 20.39 -2.00
O4P PCW D . 10.17 18.72 -2.24
P PCW D . 9.98 20.22 -2.09
C1 PCW E . 8.85 -29.90 -5.53
C2 PCW E . 7.44 -29.89 -6.24
C3 PCW E . 6.90 -31.35 -6.40
C4 PCW E . 6.84 -30.36 -1.40
C5 PCW E . 5.32 -30.48 -1.63
C6 PCW E . 3.39 -30.78 0.01
C7 PCW E . 4.09 -28.54 -0.69
C8 PCW E . 3.37 -29.88 -1.74
C11 PCW E . 4.96 -32.48 -7.21
C12 PCW E . 3.66 -32.22 -7.94
C13 PCW E . 2.63 -33.36 -7.60
C14 PCW E . 1.27 -33.23 -8.28
C15 PCW E . 0.59 -34.57 -8.72
C16 PCW E . -0.46 -34.30 -9.84
C17 PCW E . -1.91 -34.87 -9.62
C18 PCW E . -2.65 -35.22 -10.92
C19 PCW E . -4.13 -35.55 -10.67
C20 PCW E . -5.13 -35.17 -11.56
C21 PCW E . -5.11 -34.42 -12.84
C22 PCW E . -6.39 -33.53 -12.85
C23 PCW E . -6.29 -32.15 -13.55
C24 PCW E . -7.54 -31.60 -14.16
C25 PCW E . -7.70 -31.46 -15.71
C26 PCW E . -6.96 -30.33 -16.39
C27 PCW E . -7.78 -29.19 -17.02
C28 PCW E . -7.25 -28.85 -18.40
C31 PCW E . 5.56 -28.45 -6.13
C32 PCW E . 4.62 -27.74 -5.15
C33 PCW E . 3.21 -28.44 -4.93
C34 PCW E . 2.07 -27.78 -5.72
C35 PCW E . 2.07 -28.48 -7.13
C36 PCW E . 0.65 -28.75 -7.67
C37 PCW E . 0.60 -29.46 -9.07
C38 PCW E . -0.10 -28.62 -10.08
C39 PCW E . -0.15 -29.27 -11.45
C40 PCW E . -0.71 -28.79 -12.55
C41 PCW E . -1.42 -27.45 -12.63
C42 PCW E . -1.42 -26.96 -14.15
C43 PCW E . -2.56 -27.38 -15.05
C44 PCW E . -2.29 -26.78 -16.42
C45 PCW E . -2.69 -27.66 -17.58
C46 PCW E . -2.87 -26.92 -18.87
C47 PCW E . -4.03 -25.94 -18.93
C48 PCW E . -4.10 -25.25 -20.30
N PCW E . 4.41 -29.94 -0.67
O2 PCW E . 6.46 -29.13 -5.42
O3 PCW E . 5.63 -31.32 -7.06
O11 PCW E . 5.34 -33.56 -6.84
O31 PCW E . 5.49 -28.40 -7.39
O1P PCW E . 9.68 -30.56 -1.91
O2P PCW E . 9.33 -28.42 -3.14
O3P PCW E . 8.89 -30.67 -4.31
O4P PCW E . 7.40 -29.76 -2.59
P PCW E . 8.89 -29.82 -2.94
C1 PCW F . -11.80 7.35 25.33
C2 PCW F . -13.32 7.77 25.24
C3 PCW F . -13.76 8.43 26.59
C4 PCW F . -9.36 11.58 25.31
C5 PCW F . -7.98 12.11 25.71
C6 PCW F . -8.22 12.94 28.11
C7 PCW F . -6.24 11.67 27.43
C8 PCW F . -6.78 13.33 26.84
C11 PCW F . -15.67 9.46 27.57
C12 PCW F . -17.11 9.81 27.27
C13 PCW F . -17.14 11.27 26.69
C14 PCW F . -18.54 11.78 26.33
C15 PCW F . -18.82 11.96 24.81
C16 PCW F . -18.45 13.40 24.34
C17 PCW F . -18.13 13.61 22.83
C18 PCW F . -19.36 13.48 21.93
C19 PCW F . -19.87 14.85 21.40
C20 PCW F . -20.88 15.55 22.05
C21 PCW F . -21.66 15.27 23.27
C22 PCW F . -22.04 16.64 23.89
C23 PCW F . -20.97 17.37 24.70
C24 PCW F . -21.19 18.84 24.95
C25 PCW F . -20.02 19.86 24.84
C26 PCW F . -19.94 20.93 25.92
C27 PCW F . -20.91 22.12 25.80
C28 PCW F . -20.23 23.40 26.24
C31 PCW F . -13.82 8.26 22.99
C32 PCW F . -13.97 9.40 21.98
C33 PCW F . -14.94 9.11 20.73
C34 PCW F . -16.02 10.18 20.54
C35 PCW F . -16.99 10.04 21.78
C36 PCW F . -18.07 8.96 21.57
C37 PCW F . -19.06 8.76 22.76
C38 PCW F . -20.48 9.11 22.37
C39 PCW F . -21.45 8.92 23.49
C40 PCW F . -22.24 7.86 23.70
C41 PCW F . -22.28 6.63 22.82
C42 PCW F . -23.66 5.88 23.08
C43 PCW F . -24.25 5.06 21.96
C44 PCW F . -25.55 4.46 22.47
C45 PCW F . -26.48 3.90 21.42
C46 PCW F . -25.90 2.78 20.62
C47 PCW F . -25.81 3.00 19.12
C48 PCW F . -25.20 1.79 18.42
N PCW F . -7.58 12.09 27.09
O2 PCW F . -13.50 8.79 24.16
O3 PCW F . -15.14 8.82 26.50
O11 PCW F . -15.08 9.74 28.58
O31 PCW F . -13.97 7.02 22.74
O1P PCW F . -11.19 9.94 26.85
O2P PCW F . -9.26 8.36 26.86
O3P PCW F . -10.89 8.38 24.88
O4P PCW F . -9.25 10.14 25.28
P PCW F . -10.16 9.21 26.04
C1 PCW G . -17.54 -5.09 31.38
C2 PCW G . -19.03 -5.60 31.44
C3 PCW G . -19.88 -4.65 32.35
C4 PCW G . -14.20 -3.74 32.06
C5 PCW G . -13.70 -2.56 32.92
C6 PCW G . -11.90 -1.63 31.62
C7 PCW G . -11.44 -3.33 33.14
C8 PCW G . -11.89 -1.27 34.00
C11 PCW G . -21.54 -6.11 33.30
C12 PCW G . -22.99 -6.44 33.21
C13 PCW G . -23.79 -5.32 33.99
C14 PCW G . -25.31 -5.51 33.99
C15 PCW G . -26.05 -5.02 32.71
C16 PCW G . -27.60 -5.01 32.93
C17 PCW G . -28.47 -5.96 32.02
C18 PCW G . -28.17 -5.81 30.52
C19 PCW G . -29.18 -4.92 29.78
C20 PCW G . -30.02 -5.40 28.79
C21 PCW G . -30.19 -6.76 28.20
C22 PCW G . -31.26 -6.61 27.07
C23 PCW G . -32.75 -6.85 27.45
C24 PCW G . -33.60 -5.64 27.66
C25 PCW G . -35.10 -5.77 28.03
C26 PCW G . -35.85 -4.48 28.31
C27 PCW G . -36.25 -4.19 29.77
C28 PCW G . -37.29 -3.10 29.83
C31 PCW G . -19.60 -6.78 29.45
C32 PCW G . -20.27 -6.61 28.07
C33 PCW G . -19.91 -7.74 26.99
C34 PCW G . -21.02 -8.00 25.98
C35 PCW G . -22.16 -8.76 26.79
C36 PCW G . -22.96 -9.76 25.91
C37 PCW G . -24.09 -10.53 26.65
C38 PCW G . -25.36 -10.61 25.87
C39 PCW G . -26.44 -11.35 26.59
C40 PCW G . -27.26 -12.27 26.08
C41 PCW G . -27.23 -12.74 24.64
C42 PCW G . -26.47 -14.14 24.59
C43 PCW G . -26.10 -14.73 23.25
C44 PCW G . -25.40 -16.05 23.52
C45 PCW G . -25.88 -17.21 22.69
C46 PCW G . -24.85 -17.75 21.73
C47 PCW G . -25.32 -18.02 20.32
C48 PCW G . -24.18 -18.56 19.45
N PCW G . -12.31 -2.22 32.92
O2 PCW G . -19.65 -5.59 30.07
O3 PCW G . -21.24 -5.13 32.41
O11 PCW G . -20.75 -6.63 34.05
O31 PCW G . -19.10 -7.83 29.91
O1P PCW G . -15.08 -5.32 29.78
O2P PCW G . -15.50 -3.08 28.77
O3P PCW G . -17.27 -4.18 30.29
O4P PCW G . -15.20 -3.20 31.15
P PCW G . -15.72 -3.96 29.93
C1 PCW H . -13.88 -20.21 24.63
C2 PCW H . -14.82 -21.43 24.29
C3 PCW H . -14.91 -21.62 22.74
C4 PCW H . -11.01 -23.20 25.49
C5 PCW H . -9.48 -23.16 25.52
C6 PCW H . -7.76 -24.82 26.39
C7 PCW H . -8.49 -24.90 24.05
C8 PCW H . -7.57 -23.54 24.90
C11 PCW H . -17.11 -22.59 22.67
C12 PCW H . -17.81 -23.86 22.27
C13 PCW H . -18.25 -23.72 20.77
C14 PCW H . -18.98 -24.92 20.18
C15 PCW H . -20.45 -24.68 19.75
C16 PCW H . -20.56 -24.57 18.19
C17 PCW H . -21.98 -24.78 17.55
C18 PCW H . -22.46 -23.59 16.72
C19 PCW H . -23.86 -23.81 16.11
C20 PCW H . -24.89 -22.89 16.29
C21 PCW H . -24.97 -21.60 17.01
C22 PCW H . -26.45 -21.14 16.92
C23 PCW H . -26.72 -19.62 16.73
C24 PCW H . -27.11 -19.16 15.36
C25 PCW H . -28.28 -18.16 15.16
C26 PCW H . -28.29 -16.93 16.07
C27 PCW H . -28.44 -15.55 15.41
C28 PCW H . -28.50 -14.48 16.46
C31 PCW H . -14.96 -23.14 25.92
C32 PCW H . -14.29 -24.44 26.40
C33 PCW H . -14.44 -25.70 25.43
C34 PCW H . -15.67 -26.55 25.74
C35 PCW H . -16.22 -27.01 24.34
C36 PCW H . -17.71 -27.41 24.39
C37 PCW H . -18.33 -27.87 23.03
C38 PCW H . -19.78 -27.54 22.95
C39 PCW H . -20.40 -27.99 21.65
C40 PCW H . -21.52 -28.69 21.50
C41 PCW H . -22.38 -29.18 22.65
C42 PCW H . -23.90 -29.15 22.18
C43 PCW H . -24.70 -30.44 22.24
C44 PCW H . -26.10 -30.12 21.74
C45 PCW H . -26.48 -30.76 20.42
C46 PCW H . -27.94 -31.11 20.33
C47 PCW H . -28.87 -30.03 19.81
C48 PCW H . -30.33 -30.53 19.77
N PCW H . -8.73 -24.36 25.38
O2 PCW H . -14.27 -22.69 24.86
O3 PCW H . -15.78 -22.72 22.43
O11 PCW H . -17.65 -21.61 23.14
O31 PCW H . -15.98 -22.61 26.43
O1P PCW H . -11.17 -20.54 24.33
O2P PCW H . -10.79 -19.83 26.69
O3P PCW H . -13.17 -20.36 25.88
O4P PCW H . -11.49 -22.08 26.29
P PCW H . -11.59 -20.66 25.77
C1 PCW I . 11.61 12.86 -9.65
C2 PCW I . 10.11 12.51 -9.99
C3 PCW I . 9.69 13.25 -11.31
C4 PCW I . 15.42 13.23 -9.56
C5 PCW I . 16.61 12.59 -10.28
C6 PCW I . 18.93 12.16 -9.34
C7 PCW I . 17.28 10.36 -9.44
C8 PCW I . 18.05 11.27 -10.85
C11 PCW I . 7.67 13.77 -12.49
C12 PCW I . 6.25 13.26 -12.69
C13 PCW I . 5.79 13.64 -14.15
C14 PCW I . 4.37 13.22 -14.53
C15 PCW I . 3.24 13.79 -13.61
C16 PCW I . 1.95 14.13 -14.45
C17 PCW I . 0.79 14.86 -13.70
C18 PCW I . 0.47 16.24 -14.26
C19 PCW I . 0.27 17.31 -13.14
C20 PCW I . 0.12 18.66 -13.44
C21 PCW I . 0.12 19.41 -14.71
C22 PCW I . 1.38 20.32 -14.70
C23 PCW I . 1.60 21.26 -15.92
C24 PCW I . 2.70 20.89 -16.86
C25 PCW I . 2.66 21.36 -18.35
C26 PCW I . 3.06 20.34 -19.40
C27 PCW I . 2.17 20.20 -20.65
C28 PCW I . 3.01 20.26 -21.89
C31 PCW I . 9.16 10.43 -9.38
C32 PCW I . 9.12 8.95 -9.76
C33 PCW I . 7.71 8.43 -10.31
C34 PCW I . 7.28 9.16 -11.58
C35 PCW I . 5.74 9.47 -11.40
C36 PCW I . 5.06 9.84 -12.74
C37 PCW I . 3.54 10.16 -12.65
C38 PCW I . 2.85 9.85 -13.95
C39 PCW I . 1.37 10.14 -13.93
C40 PCW I . 0.59 10.35 -14.98
C41 PCW I . 1.07 10.32 -16.43
C42 PCW I . 0.58 11.66 -17.13
C43 PCW I . 1.12 11.98 -18.51
C44 PCW I . 0.49 13.30 -18.94
C45 PCW I . 0.82 13.73 -20.36
C46 PCW I . -0.39 13.77 -21.27
C47 PCW I . -0.24 14.58 -22.54
C48 PCW I . -1.53 14.52 -23.37
N PCW I . 17.52 11.78 -9.54
O2 PCW I . 9.98 11.05 -10.24
O3 PCW I . 8.32 12.94 -11.63
O11 PCW I . 8.13 14.73 -13.03
O31 PCW I . 8.51 10.96 -8.44
O1P PCW I . 14.45 11.17 -7.80
O2P PCW I . 13.59 10.16 -9.90
O3P PCW I . 12.21 11.97 -8.68
O4P PCW I . 14.24 12.47 -9.93
P PCW I . 13.66 11.37 -9.06
C1 PCW J . -5.39 21.51 15.96
C2 PCW J . -6.95 21.24 16.09
C3 PCW J . -7.67 22.61 16.34
C4 PCW J . -1.41 20.54 15.62
C5 PCW J . -0.44 19.39 15.39
C6 PCW J . 1.87 19.81 15.97
C7 PCW J . 0.92 17.74 16.48
C8 PCW J . 0.29 19.52 17.76
C11 PCW J . -9.67 22.91 17.62
C12 PCW J . -11.15 22.63 17.61
C13 PCW J . -11.49 21.70 18.84
C14 PCW J . -12.96 21.30 18.99
C15 PCW J . -13.92 21.71 17.83
C16 PCW J . -14.82 20.50 17.38
C17 PCW J . -15.83 19.93 18.44
C18 PCW J . -17.17 20.65 18.46
C19 PCW J . -17.55 21.18 19.86
C20 PCW J . -18.74 20.82 20.49
C21 PCW J . -19.86 19.95 20.09
C22 PCW J . -20.95 20.07 21.19
C23 PCW J . -21.46 21.48 21.55
C24 PCW J . -22.81 21.57 22.21
C25 PCW J . -23.59 22.91 22.23
C26 PCW J . -24.08 23.39 23.59
C27 PCW J . -24.49 24.87 23.72
C28 PCW J . -25.90 24.97 24.25
C31 PCW J . -7.23 19.35 14.68
C32 PCW J . -7.78 18.89 13.32
C33 PCW J . -9.28 18.32 13.31
C34 PCW J . -10.20 18.99 12.28
C35 PCW J . -9.59 20.43 12.02
C36 PCW J . -10.32 21.21 10.91
C37 PCW J . -9.74 22.64 10.63
C38 PCW J . -10.45 23.32 9.50
C39 PCW J . -9.91 24.70 9.23
C40 PCW J . -9.99 25.36 8.09
C41 PCW J . -10.67 24.84 6.84
C42 PCW J . -12.09 25.56 6.69
C43 PCW J . -13.28 25.01 7.45
C44 PCW J . -14.47 25.90 7.13
C45 PCW J . -15.70 25.69 7.98
C46 PCW J . -16.99 25.92 7.25
C47 PCW J . -18.26 25.66 8.03
C48 PCW J . -19.49 25.93 7.16
N PCW J . 0.61 19.13 16.35
O2 PCW J . -7.45 20.66 14.81
O3 PCW J . -9.09 22.42 16.49
O11 PCW J . -9.10 23.50 18.50
O31 PCW J . -6.66 18.60 15.53
O1P PCW J . -3.88 19.28 16.39
O2P PCW J . -3.97 18.66 13.96
O3P PCW J . -4.80 20.98 14.75
O4P PCW J . -2.47 20.39 14.63
P PCW J . -3.79 19.74 14.96
C1 PCW K . -34.39 11.23 0.62
C2 PCW K . -34.14 11.97 1.99
C3 PCW K . -35.20 11.56 3.06
C4 PCW K . -35.78 14.52 -1.04
C5 PCW K . -36.44 15.08 -2.31
C6 PCW K . -36.62 16.98 -3.99
C7 PCW K . -34.44 16.26 -3.16
C8 PCW K . -35.64 15.30 -4.18
C11 PCW K . -35.30 11.65 5.46
C12 PCW K . -34.89 12.51 6.62
C13 PCW K . -33.52 11.96 7.15
C14 PCW K . -32.95 12.72 8.35
C15 PCW K . -31.40 12.90 8.37
C16 PCW K . -30.77 12.04 9.52
C17 PCW K . -29.40 12.52 10.12
C18 PCW K . -28.80 11.52 11.11
C19 PCW K . -27.65 12.13 11.96
C20 PCW K . -26.95 11.38 12.89
C21 PCW K . -27.05 9.97 13.34
C22 PCW K . -26.20 9.86 14.64
C23 PCW K . -26.88 10.25 15.97
C24 PCW K . -25.99 10.79 17.05
C25 PCW K . -26.59 11.43 18.33
C26 PCW K . -27.53 10.54 19.14
C27 PCW K . -27.72 10.87 20.64
C28 PCW K . -29.19 10.97 20.95
C31 PCW K . -32.03 12.70 2.78
C32 PCW K . -30.69 12.23 3.35
C33 PCW K . -30.60 12.28 4.95
C34 PCW K . -29.28 11.80 5.52
C35 PCW K . -28.61 13.06 6.20
C36 PCW K . -27.13 12.82 6.58
C37 PCW K . -26.40 14.02 7.25
C38 PCW K . -26.41 13.91 8.75
C39 PCW K . -25.70 15.07 9.41
C40 PCW K . -24.76 15.01 10.35
C41 PCW K . -24.23 13.71 10.92
C42 PCW K . -23.19 14.06 12.09
C43 PCW K . -21.93 13.23 12.21
C44 PCW K . -21.14 13.79 13.39
C45 PCW K . -20.11 14.82 13.04
C46 PCW K . -18.70 14.39 13.36
C47 PCW K . -18.31 14.36 14.82
C48 PCW K . -16.87 13.90 15.00
N PCW K . -35.87 16.19 -3.00
O2 PCW K . -32.80 11.63 2.55
O3 PCW K . -34.93 12.26 4.29
O11 PCW K . -35.83 10.58 5.54
O31 PCW K . -32.34 13.90 2.53
O1P PCW K . -34.96 11.92 -2.06
O2P PCW K . -37.39 11.40 -1.77
O3P PCW K . -35.77 11.17 0.22
O4P PCW K . -36.51 13.33 -0.66
P PCW K . -36.16 11.94 -1.14
C1 PCW L . -15.79 15.43 -25.89
C2 PCW L . -14.69 15.48 -24.76
C3 PCW L . -13.57 16.51 -25.14
C4 PCW L . -17.12 14.90 -29.15
C5 PCW L . -16.90 15.14 -30.65
C6 PCW L . -18.97 13.85 -31.40
C7 PCW L . -17.87 15.44 -32.91
C8 PCW L . -17.18 13.86 -32.22
C11 PCW L . -11.29 16.29 -24.45
C12 PCW L . -10.40 16.38 -23.23
C13 PCW L . -9.24 15.33 -23.39
C14 PCW L . -8.24 15.28 -22.22
C15 PCW L . -7.31 16.52 -22.08
C16 PCW L . -6.60 16.54 -20.69
C17 PCW L . -5.16 17.17 -20.62
C18 PCW L . -4.58 17.25 -19.22
C19 PCW L . -3.67 16.05 -18.87
C20 PCW L . -2.28 16.14 -18.88
C21 PCW L . -1.35 17.27 -19.18
C22 PCW L . -0.46 17.45 -17.90
C23 PCW L . 0.82 16.58 -17.80
C24 PCW L . 2.09 17.32 -17.48
C25 PCW L . 3.36 16.58 -16.97
C26 PCW L . 4.29 17.38 -16.09
C27 PCW L . 4.04 17.37 -14.57
C28 PCW L . 5.34 17.36 -13.81
C31 PCW L . -15.66 14.94 -22.68
C32 PCW L . -16.24 15.55 -21.39
C33 PCW L . -15.36 15.31 -20.07
C34 PCW L . -16.07 15.74 -18.79
C35 PCW L . -16.78 14.43 -18.23
C36 PCW L . -15.76 13.39 -17.70
C37 PCW L . -16.38 12.07 -17.14
C38 PCW L . -15.36 11.00 -16.96
C39 PCW L . -15.94 9.72 -16.41
C40 PCW L . -15.34 8.85 -15.62
C41 PCW L . -13.92 9.00 -15.10
C42 PCW L . -13.83 8.36 -13.65
C43 PCW L . -12.88 8.99 -12.65
C44 PCW L . -12.98 8.20 -11.36
C45 PCW L . -12.23 8.77 -10.17
C46 PCW L . -10.89 9.34 -10.52
C47 PCW L . -9.85 8.35 -11.01
C48 PCW L . -8.53 9.07 -11.33
N PCW L . -17.98 14.93 -31.56
O2 PCW L . -15.28 15.93 -23.48
O3 PCW L . -12.57 16.53 -24.10
O11 PCW L . -10.90 16.05 -25.57
O31 PCW L . -15.55 13.70 -22.93
O1P PCW L . -18.40 17.04 -27.69
O2P PCW L . -16.29 18.27 -28.15
O3P PCW L . -16.47 16.69 -26.12
O4P PCW L . -16.31 15.88 -28.44
P PCW L . -16.91 17.02 -27.64
C1 PCW M . -36.96 19.37 4.75
C2 PCW M . -35.54 19.99 5.10
C3 PCW M . -35.72 21.14 6.15
C4 PCW M . -38.89 20.97 2.14
C5 PCW M . -38.65 22.15 3.07
C6 PCW M . -39.07 24.10 1.47
C7 PCW M . -39.56 24.34 3.86
C8 PCW M . -37.92 24.07 3.06
C11 PCW M . -34.32 23.09 6.48
C12 PCW M . -32.94 23.49 6.94
C13 PCW M . -32.23 24.29 5.79
C14 PCW M . -30.82 24.76 6.12
C15 PCW M . -30.04 25.42 4.94
C16 PCW M . -28.61 24.79 4.77
C17 PCW M . -27.40 25.79 4.71
C18 PCW M . -26.70 25.96 6.06
C19 PCW M . -25.27 26.52 5.92
C20 PCW M . -24.16 25.85 6.43
C21 PCW M . -24.03 24.57 7.16
C22 PCW M . -22.87 24.76 8.18
C23 PCW M . -23.10 24.22 9.62
C24 PCW M . -23.10 22.74 9.80
C25 PCW M . -22.17 22.05 10.86
C26 PCW M . -22.84 21.51 12.10
C27 PCW M . -22.01 20.55 12.98
C28 PCW M . -20.79 21.24 13.54
C31 PCW M . -34.06 18.15 4.81
C32 PCW M . -33.23 17.12 5.60
C33 PCW M . -32.17 16.28 4.72
C34 PCW M . -31.08 15.60 5.55
C35 PCW M . -30.39 16.74 6.39
C36 PCW M . -28.90 16.93 6.08
C37 PCW M . -28.20 18.07 6.89
C38 PCW M . -27.55 19.08 5.99
C39 PCW M . -26.88 20.21 6.75
C40 PCW M . -25.99 20.14 7.73
C41 PCW M . -25.44 18.84 8.32
C42 PCW M . -25.99 18.70 9.81
C43 PCW M . -24.99 18.59 10.94
C44 PCW M . -25.79 18.48 12.23
C45 PCW M . -24.99 18.14 13.46
C46 PCW M . -25.75 18.36 14.74
C47 PCW M . -24.93 18.81 15.94
C48 PCW M . -25.82 18.99 17.18
N PCW M . -39.23 23.43 2.77
O2 PCW M . -34.68 18.93 5.70
O3 PCW M . -34.45 21.73 6.51
O11 PCW M . -35.20 23.86 6.17
O31 PCW M . -34.14 18.24 3.55
O1P PCW M . -37.35 18.67 1.22
O2P PCW M . -39.02 17.39 2.55
O3P PCW M . -36.92 18.38 3.69
O4P PCW M . -38.82 19.76 2.95
P PCW M . -38.04 18.51 2.54
C1 17F N . -29.49 -13.91 -15.17
N1 17F N . -30.97 -12.99 -16.98
O1 17F N . -29.51 -17.52 -16.16
P1 17F N . -29.26 -16.46 -15.13
C2 17F N . -30.92 -13.65 -15.70
O2 17F N . -30.33 -16.24 -14.09
C3 17F N . -31.71 -12.82 -14.66
O3 17F N . -28.95 -15.06 -15.75
C4 17F N . -27.50 -15.92 -13.24
O4 17F N . -31.80 -13.19 -13.50
C5 17F N . -26.20 -16.41 -12.53
O5 17F N . -32.28 -11.71 -14.97
C6 17F N . -26.09 -15.73 -11.15
O6 17F N . -27.95 -16.78 -14.28
C7 17F N . -25.02 -16.38 -9.16
O7 17F N . -24.92 -16.15 -10.44
C8 17F N . -23.63 -16.86 -8.65
O8 17F N . -25.96 -16.30 -8.41
C9 17F N . -23.54 -16.94 -7.11
O9 17F N . -26.16 -17.85 -12.41
C10 17F N . -22.16 -17.43 -6.52
O10 17F N . -25.31 -18.10 -14.54
C11 17F N . -20.93 -16.52 -6.92
C12 17F N . -19.59 -17.08 -6.31
C17 17F N . -25.42 -18.40 -13.35
C18 17F N . -24.63 -19.59 -12.82
C19 17F N . -23.78 -19.27 -11.57
C20 17F N . -22.33 -19.86 -11.65
C1X 17F N . -18.41 -16.18 -6.71
C1Y 17F N . -21.52 -19.51 -10.37
C1Z 17F N . -20.37 -20.50 -10.16
C2X 17F N . -17.01 -16.69 -6.11
C21 17F N . -16.70 -18.17 -6.49
C22 17F N . -15.89 -18.53 -7.42
C23 17F N . -15.09 -17.66 -8.30
C24 17F N . -15.60 -17.58 -9.73
C25 17F N . -14.82 -16.69 -10.69
C26 17F N . -15.34 -15.18 -10.82
C27 17F N . -14.55 -14.33 -11.78
C28 17F N . -15.20 -12.90 -11.79
C29 17F N . -16.08 -12.79 -12.98
C30 17F N . -16.78 -11.46 -13.12
C31 17F N . -18.98 -19.89 -9.79
C32 17F N . -17.83 -20.91 -9.58
C33 17F N . -17.16 -21.22 -10.91
C34 17F N . -16.14 -22.05 -11.08
C35 17F N . -15.43 -22.86 -10.03
C36 17F N . -16.20 -24.12 -9.53
C37 17F N . -15.47 -24.72 -8.39
C38 17F N . -16.23 -24.67 -7.04
C39 17F N . -15.40 -25.30 -5.90
C40 17F N . -16.29 -25.59 -4.69
C41 17F N . -15.44 -25.54 -3.36
C42 17F N . -16.15 -25.25 -2.03
C1 PCW O . 1.66 10.34 8.17
C2 PCW O . 0.32 11.14 7.85
C3 PCW O . 0.67 12.61 7.44
C4 PCW O . 2.32 6.45 8.61
C5 PCW O . 2.52 5.97 10.05
C6 PCW O . 3.62 3.79 10.80
C7 PCW O . 4.87 5.90 10.84
C8 PCW O . 3.37 5.45 11.82
C11 PCW O . -1.19 13.90 8.20
C12 PCW O . -2.37 14.66 7.68
C13 PCW O . -1.91 16.13 7.37
C14 PCW O . -3.00 17.06 6.83
C15 PCW O . -4.19 17.33 7.78
C16 PCW O . -5.49 17.67 6.98
C17 PCW O . -5.78 19.18 6.69
C18 PCW O . -6.75 19.40 5.52
C19 PCW O . -6.55 20.76 4.84
C20 PCW O . -7.13 21.06 3.61
C21 PCW O . -7.98 20.26 2.69
C22 PCW O . -7.27 20.25 1.31
C23 PCW O . -8.03 20.84 0.10
C24 PCW O . -7.37 21.99 -0.61
C25 PCW O . -7.74 22.34 -2.07
C26 PCW O . -6.86 21.78 -3.17
C27 PCW O . -6.65 22.66 -4.43
C28 PCW O . -6.67 21.78 -5.66
C31 PCW O . -1.70 10.51 6.78
C32 PCW O . -2.26 9.83 5.52
C33 PCW O . -2.92 8.38 5.76
C34 PCW O . -3.67 7.85 4.54
C35 PCW O . -4.94 8.79 4.40
C36 PCW O . -6.15 8.30 5.23
C37 PCW O . -7.43 9.18 5.12
C38 PCW O . -7.90 9.28 3.71
C39 PCW O . -9.13 10.13 3.55
C40 PCW O . -10.13 9.94 2.69
C41 PCW O . -10.18 8.80 1.70
C42 PCW O . -10.53 9.40 0.27
C43 PCW O . -10.81 8.45 -0.87
C44 PCW O . -11.10 9.29 -2.09
C45 PCW O . -10.09 9.19 -3.21
C46 PCW O . -10.70 9.05 -4.57
C47 PCW O . -10.80 7.66 -5.14
C48 PCW O . -11.44 7.66 -6.53
N PCW O . 3.68 5.22 10.39
O2 PCW O . -0.38 10.50 6.69
O3 PCW O . -0.52 13.34 7.15
O11 PCW O . -0.84 13.84 9.35
O31 PCW O . -2.40 10.97 7.73
O1P PCW O . 3.42 7.62 6.18
O2P PCW O . 4.62 9.09 7.78
O3P PCW O . 2.23 9.67 7.02
O4P PCW O . 2.73 7.85 8.59
P PCW O . 3.31 8.53 7.35
C1 PCW P . 8.18 19.80 1.38
C2 PCW P . 6.83 20.59 1.63
C3 PCW P . 6.52 21.51 0.41
C4 PCW P . 8.58 20.00 5.37
C5 PCW P . 7.51 21.09 5.36
C6 PCW P . 8.00 23.05 6.91
C7 PCW P . 7.68 23.41 4.51
C8 PCW P . 6.44 22.79 5.74
C11 PCW P . 4.27 22.04 -0.25
C12 PCW P . 3.09 22.85 0.18
C13 PCW P . 1.81 21.93 0.15
C14 PCW P . 0.50 22.61 0.56
C15 PCW P . -0.52 22.87 -0.61
C16 PCW P . -1.28 24.23 -0.39
C17 PCW P . -1.09 25.34 -1.47
C18 PCW P . -2.38 26.09 -1.82
C19 PCW P . -2.87 27.01 -0.66
C20 PCW P . -2.77 28.39 -0.73
C21 PCW P . -2.23 29.32 -1.78
C22 PCW P . -3.36 29.51 -2.83
C23 PCW P . -2.99 29.25 -4.33
C24 PCW P . -3.46 27.97 -4.92
C25 PCW P . -4.70 27.91 -5.85
C26 PCW P . -6.05 28.02 -5.18
C27 PCW P . -6.70 26.73 -4.64
C28 PCW P . -7.78 27.08 -3.65
C31 PCW P . 4.91 19.86 2.79
C32 PCW P . 3.82 18.78 2.80
C33 PCW P . 2.54 19.09 3.72
C34 PCW P . 1.24 19.16 2.93
C35 PCW P . 0.40 17.90 3.39
C36 PCW P . 0.96 16.57 2.80
C37 PCW P . 0.16 15.29 3.20
C38 PCW P . 0.20 14.25 2.12
C39 PCW P . -0.56 13.00 2.48
C40 PCW P . -1.48 12.38 1.73
C41 PCW P . -1.90 12.86 0.35
C42 PCW P . -1.65 11.67 -0.69
C43 PCW P . -2.61 11.51 -1.85
C44 PCW P . -2.12 10.32 -2.66
C45 PCW P . -2.08 10.50 -4.15
C46 PCW P . -0.86 11.23 -4.64
C47 PCW P . -0.28 10.76 -5.95
C48 PCW P . 0.97 11.58 -6.32
N PCW P . 7.89 22.45 5.56
O2 PCW P . 5.71 19.61 1.77
O3 PCW P . 5.29 22.21 0.64
O11 PCW P . 4.31 21.33 -1.22
O31 PCW P . 5.01 20.82 3.61
O1P PCW P . 9.02 17.39 4.22
O2P PCW P . 10.75 18.58 2.89
O3P PCW P . 8.28 18.57 2.11
O4P PCW P . 9.07 19.89 4.01
P PCW P . 9.33 18.56 3.34
C1 PCW Q . -7.21 -1.30 17.81
C2 PCW Q . -8.22 -1.75 16.68
C3 PCW Q . -8.91 -3.09 17.09
C4 PCW Q . -7.85 -4.12 21.03
C5 PCW Q . -6.39 -4.59 21.12
C6 PCW Q . -4.37 -3.43 20.11
C7 PCW Q . -4.87 -3.17 22.48
C8 PCW Q . -4.41 -4.73 21.60
C11 PCW Q . -9.97 -4.86 15.91
C12 PCW Q . -10.98 -5.13 14.82
C13 PCW Q . -11.50 -6.62 14.99
C14 PCW Q . -12.54 -7.07 13.96
C15 PCW Q . -13.44 -8.26 14.39
C16 PCW Q . -13.95 -9.05 13.12
C17 PCW Q . -15.19 -10.00 13.32
C18 PCW Q . -16.44 -9.50 12.58
C19 PCW Q . -17.32 -10.66 12.04
C20 PCW Q . -18.23 -11.33 12.85
C21 PCW Q . -18.59 -11.18 14.28
C22 PCW Q . -19.89 -12.01 14.51
C23 PCW Q . -21.25 -11.26 14.40
C24 PCW Q . -22.13 -11.25 15.61
C25 PCW Q . -22.72 -12.57 16.19
C26 PCW Q . -23.37 -13.51 15.20
C27 PCW Q . -23.02 -15.01 15.30
C28 PCW Q . -24.25 -15.80 15.67
C31 PCW Q . -8.88 0.34 15.82
C32 PCW Q . -10.07 1.32 15.73
C33 PCW Q . -9.83 2.76 16.39
C34 PCW Q . -9.63 3.87 15.36
C35 PCW Q . -10.87 3.77 14.38
C36 PCW Q . -11.71 5.06 14.33
C37 PCW Q . -12.94 5.00 13.36
C38 PCW Q . -14.19 4.66 14.11
C39 PCW Q . -15.41 4.58 13.21
C40 PCW Q . -15.96 5.56 12.49
C41 PCW Q . -15.44 6.99 12.43
C42 PCW Q . -15.30 7.39 10.90
C43 PCW Q . -16.55 7.75 10.12
C44 PCW Q . -16.12 8.08 8.70
C45 PCW Q . -15.93 6.88 7.80
C46 PCW Q . -17.03 6.72 6.78
C47 PCW Q . -16.78 7.33 5.41
C48 PCW Q . -17.98 7.10 4.48
N PCW Q . -5.33 -3.64 21.20
O2 PCW Q . -9.27 -0.72 16.51
O3 PCW Q . -9.82 -3.51 16.07
O11 PCW Q . -9.39 -5.70 16.54
O31 PCW Q . -7.74 0.52 15.31
O1P PCW Q . -8.67 -1.12 21.44
O2P PCW Q . -6.91 -1.69 20.58
O3P PCW Q . -7.86 -0.69 18.96
O4P PCW Q . -7.92 -3.17 19.93
P PCW Q . -8.32 -1.72 20.10
C1 PCW R . -9.51 8.12 21.95
C2 PCW R . -10.31 7.59 20.71
C3 PCW R . -11.17 6.34 21.10
C4 PCW R . -5.88 8.80 20.22
C5 PCW R . -5.95 7.55 19.33
C6 PCW R . -4.98 5.49 20.11
C7 PCW R . -3.58 7.27 19.57
C8 PCW R . -4.56 6.17 17.84
C11 PCW R . -12.94 5.03 20.14
C12 PCW R . -13.61 4.74 18.82
C13 PCW R . -14.62 5.90 18.53
C14 PCW R . -15.40 5.77 17.22
C15 PCW R . -15.77 7.11 16.50
C16 PCW R . -16.94 7.83 17.28
C17 PCW R . -17.10 9.38 17.08
C18 PCW R . -18.46 9.90 17.52
C19 PCW R . -19.44 10.11 16.34
C20 PCW R . -20.41 11.09 16.35
C21 PCW R . -20.77 12.13 17.35
C22 PCW R . -22.18 11.76 17.89
C23 PCW R . -22.26 11.06 19.28
C24 PCW R . -22.56 11.93 20.45
C25 PCW R . -23.96 11.91 21.13
C26 PCW R . -24.02 11.38 22.55
C27 PCW R . -25.27 11.71 23.39
C28 PCW R . -25.41 10.70 24.50
C31 PCW R . -11.01 9.04 18.96
C32 PCW R . -12.05 10.13 18.61
C33 PCW R . -12.91 9.85 17.28
C34 PCW R . -12.76 10.93 16.21
C35 PCW R . -13.70 10.51 15.02
C36 PCW R . -13.63 11.50 13.84
C37 PCW R . -14.54 11.15 12.61
C38 PCW R . -14.79 12.34 11.74
C39 PCW R . -15.65 12.03 10.55
C40 PCW R . -16.50 12.84 9.93
C41 PCW R . -16.75 14.28 10.33
C42 PCW R . -17.88 14.88 9.37
C43 PCW R . -18.57 16.16 9.78
C44 PCW R . -19.57 16.47 8.68
C45 PCW R . -20.88 17.05 9.15
C46 PCW R . -22.05 16.67 8.29
C47 PCW R . -22.25 17.49 7.02
C48 PCW R . -23.47 16.99 6.24
N PCW R . -4.82 6.67 19.22
O2 PCW R . -11.25 8.66 20.22
O3 PCW R . -11.91 5.89 19.96
O11 PCW R . -13.30 4.59 21.20
O31 PCW R . -10.11 8.61 18.19
O1P PCW R . -7.06 11.07 21.65
O2P PCW R . -7.12 9.44 23.54
O3P PCW R . -9.01 9.48 21.79
O4P PCW R . -6.78 8.57 21.33
P PCW R . -7.45 9.69 22.11
C1 PCW S . -2.96 -12.61 9.36
C2 PCW S . -4.03 -11.51 8.95
C3 PCW S . -3.67 -10.13 9.62
C4 PCW S . -1.39 -9.87 6.68
C5 PCW S . -0.16 -9.28 6.00
C6 PCW S . -0.57 -6.89 6.00
C7 PCW S . 1.63 -7.69 5.86
C8 PCW S . 0.57 -7.86 7.88
C11 PCW S . -4.18 -8.02 8.61
C12 PCW S . -5.34 -7.12 8.28
C13 PCW S . -5.60 -7.23 6.73
C14 PCW S . -6.75 -6.37 6.21
C15 PCW S . -6.38 -5.36 5.08
C16 PCW S . -7.67 -4.91 4.29
C17 PCW S . -7.56 -3.57 3.46
C18 PCW S . -8.49 -2.46 3.97
C19 PCW S . -8.91 -1.48 2.85
C20 PCW S . -9.04 -0.12 3.07
C21 PCW S . -8.83 0.74 4.27
C22 PCW S . -9.97 1.79 4.27
C23 PCW S . -11.08 1.63 5.33
C24 PCW S . -12.47 1.96 4.89
C25 PCW S . -13.68 1.05 5.27
C26 PCW S . -15.06 1.60 4.97
C27 PCW S . -15.48 2.93 5.63
C28 PCW S . -15.70 3.99 4.58
C31 PCW S . -5.03 -11.91 6.85
C32 PCW S . -4.89 -11.61 5.34
C33 PCW S . -4.34 -12.83 4.45
C34 PCW S . -5.11 -14.13 4.69
C35 PCW S . -5.36 -14.74 3.25
C36 PCW S . -6.66 -15.58 3.19
C37 PCW S . -7.00 -16.22 1.82
C38 PCW S . -6.98 -17.72 1.88
C39 PCW S . -7.30 -18.37 0.56
C40 PCW S . -8.40 -19.05 0.23
C41 PCW S . -9.56 -19.29 1.19
C42 PCW S . -10.47 -18.00 1.21
C43 PCW S . -11.01 -17.51 2.55
C44 PCW S . -11.85 -16.28 2.27
C45 PCW S . -12.11 -15.40 3.46
C46 PCW S . -10.99 -14.45 3.78
C47 PCW S . -11.10 -13.68 5.08
C48 PCW S . -9.89 -12.76 5.27
N PCW S . 0.34 -7.99 6.41
O2 PCW S . -4.02 -11.30 7.48
O3 PCW S . -4.63 -9.14 9.24
O11 PCW S . -3.02 -7.80 8.35
O31 PCW S . -5.95 -12.60 7.37
O1P PCW S . -0.64 -11.12 9.20
O2P PCW S . 0.42 -12.80 7.70
O3P PCW S . -2.08 -12.98 8.28
O4P PCW S . -1.19 -11.30 6.75
P PCW S . -0.80 -12.03 8.03
C1 PCW T . 15.32 6.44 -12.62
C2 PCW T . 14.30 7.13 -13.62
C3 PCW T . 12.99 6.28 -13.70
C4 PCW T . 13.64 5.92 -8.39
C5 PCW T . 13.98 5.67 -6.92
C6 PCW T . 13.05 3.82 -5.42
C7 PCW T . 15.25 3.58 -6.47
C8 PCW T . 14.72 4.82 -5.21
C11 PCW T . 12.17 6.60 -15.93
C12 PCW T . 11.12 7.34 -16.71
C13 PCW T . 10.29 6.29 -17.52
C14 PCW T . 9.17 6.86 -18.40
C15 PCW T . 9.26 6.53 -19.91
C16 PCW T . 8.95 5.01 -20.17
C17 PCW T . 9.96 4.21 -21.08
C18 PCW T . 9.32 3.02 -21.79
C19 PCW T . 9.61 1.68 -21.10
C20 PCW T . 8.69 0.64 -21.06
C21 PCW T . 7.32 0.50 -21.62
C22 PCW T . 6.53 -0.42 -20.65
C23 PCW T . 5.05 -0.72 -20.99
C24 PCW T . 4.75 -2.05 -21.61
C25 PCW T . 3.83 -3.08 -20.90
C26 PCW T . 4.45 -4.43 -20.60
C27 PCW T . 4.10 -5.11 -19.26
C28 PCW T . 5.32 -5.81 -18.70
C31 PCW T . 14.09 9.46 -13.98
C32 PCW T . 13.67 10.78 -13.30
C33 PCW T . 12.09 10.94 -13.02
C34 PCW T . 11.35 11.60 -14.17
C35 PCW T . 10.09 10.67 -14.44
C36 PCW T . 9.14 11.24 -15.52
C37 PCW T . 7.88 10.37 -15.83
C38 PCW T . 7.52 10.41 -17.29
C39 PCW T . 6.31 9.57 -17.61
C40 PCW T . 5.30 9.87 -18.41
C41 PCW T . 5.19 11.17 -19.21
C42 PCW T . 4.52 10.82 -20.63
C43 PCW T . 3.23 10.03 -20.64
C44 PCW T . 2.84 9.86 -22.10
C45 PCW T . 1.52 10.46 -22.50
C46 PCW T . 1.46 10.88 -23.94
C47 PCW T . 0.17 10.59 -24.67
C48 PCW T . 0.24 11.06 -26.13
N PCW T . 14.01 4.33 -6.42
O2 PCW T . 13.93 8.48 -13.10
O3 PCW T . 12.07 6.92 -14.61
O11 PCW T . 12.97 5.83 -16.40
O31 PCW T . 14.51 9.35 -15.17
O1P PCW T . 15.14 4.64 -10.49
O2P PCW T . 17.01 6.05 -9.62
O3P PCW T . 15.34 7.04 -11.30
O4P PCW T . 14.76 6.61 -8.98
P PCW T . 15.60 6.01 -10.09
C1 PCW U . -6.54 -8.83 13.34
C2 PCW U . -7.34 -8.84 11.99
C3 PCW U . -7.85 -10.30 11.69
C4 PCW U . -3.41 -10.23 14.10
C5 PCW U . -3.59 -11.26 15.23
C6 PCW U . -2.81 -10.57 17.40
C7 PCW U . -1.25 -11.10 15.75
C8 PCW U . -2.38 -12.83 16.71
C11 PCW U . -8.28 -11.24 9.53
C12 PCW U . -9.16 -11.04 8.32
C13 PCW U . -9.00 -9.55 7.84
C14 PCW U . -9.81 -9.17 6.61
C15 PCW U . -9.03 -9.14 5.27
C16 PCW U . -9.83 -8.37 4.17
C17 PCW U . -9.85 -8.99 2.73
C18 PCW U . -9.94 -7.95 1.61
C19 PCW U . -11.35 -7.31 1.49
C20 PCW U . -12.50 -8.05 1.25
C21 PCW U . -12.74 -9.49 1.05
C22 PCW U . -13.62 -9.97 2.24
C23 PCW U . -13.26 -11.30 2.92
C24 PCW U . -14.10 -12.49 2.57
C25 PCW U . -15.63 -12.48 2.78
C26 PCW U . -16.30 -13.83 2.96
C27 PCW U . -16.30 -14.81 1.75
C28 PCW U . -17.48 -14.53 0.86
C31 PCW U . -8.76 -7.21 11.02
C32 PCW U . -10.02 -6.38 11.26
C33 PCW U . -11.31 -6.85 10.43
C34 PCW U . -12.43 -5.81 10.40
C35 PCW U . -13.77 -6.64 10.25
C36 PCW U . -15.03 -5.75 10.17
C37 PCW U . -16.37 -6.53 10.02
C38 PCW U . -17.51 -5.88 10.73
C39 PCW U . -18.79 -6.65 10.57
C40 PCW U . -20.04 -6.17 10.62
C41 PCW U . -20.40 -4.71 10.85
C42 PCW U . -21.93 -4.52 10.47
C43 PCW U . -22.28 -3.89 9.14
C44 PCW U . -23.80 -3.82 9.05
C45 PCW U . -24.34 -3.08 7.86
C46 PCW U . -25.74 -3.50 7.46
C47 PCW U . -26.79 -2.41 7.41
C48 PCW U . -28.15 -2.98 6.99
N PCW U . -2.56 -11.43 16.23
O2 PCW U . -8.55 -7.98 12.09
O3 PCW U . -8.59 -10.29 10.46
O11 PCW U . -7.44 -12.08 9.66
O31 PCW U . -8.05 -7.17 9.98
O1P PCW U . -3.67 -8.02 12.28
O2P PCW U . -3.54 -6.64 14.34
O3P PCW U . -5.79 -7.61 13.57
O4P PCW U . -4.03 -8.99 14.56
P PCW U . -4.19 -7.78 13.66
C1 PCW V . 9.71 1.58 -5.82
C2 PCW V . 8.51 1.76 -6.85
C3 PCW V . 7.99 0.36 -7.34
C4 PCW V . 11.08 -1.17 -2.29
C5 PCW V . 12.42 -0.70 -1.71
C6 PCW V . 13.80 0.21 0.03
C7 PCW V . 12.56 -1.73 0.44
C8 PCW V . 11.42 0.25 0.34
C11 PCW V . 6.65 -0.47 -9.16
C12 PCW V . 5.48 -0.10 -10.03
C13 PCW V . 6.01 0.80 -11.21
C14 PCW V . 4.92 1.27 -12.19
C15 PCW V . 5.21 1.00 -13.70
C16 PCW V . 5.51 2.33 -14.45
C17 PCW V . 6.39 2.23 -15.75
C18 PCW V . 6.13 3.37 -16.74
C19 PCW V . 6.47 3.00 -18.20
C20 PCW V . 5.87 3.61 -19.29
C21 PCW V . 4.85 4.68 -19.38
C22 PCW V . 4.20 4.55 -20.79
C23 PCW V . 3.79 5.86 -21.52
C24 PCW V . 2.37 5.95 -21.99
C25 PCW V . 1.98 5.65 -23.45
C26 PCW V . 1.03 6.63 -24.12
C27 PCW V . -0.31 6.92 -23.41
C28 PCW V . -1.41 7.08 -24.43
C31 PCW V . 7.37 3.78 -6.35
C32 PCW V . 6.14 4.36 -5.61
C33 PCW V . 5.16 5.25 -6.51
C34 PCW V . 5.61 6.71 -6.64
C35 PCW V . 4.87 7.28 -7.93
C36 PCW V . 3.67 8.18 -7.57
C37 PCW V . 2.90 8.79 -8.78
C38 PCW V . 1.42 8.75 -8.58
C39 PCW V . 0.66 9.34 -9.75
C40 PCW V . -0.65 9.36 -9.94
C41 PCW V . -1.66 8.77 -8.97
C42 PCW V . -3.11 9.34 -9.38
C43 PCW V . -3.37 9.69 -10.83
C44 PCW V . -4.79 10.19 -10.93
C45 PCW V . -5.35 10.26 -12.33
C46 PCW V . -5.92 11.59 -12.69
C47 PCW V . -7.20 11.57 -13.51
C48 PCW V . -7.68 12.99 -13.82
N PCW V . 12.55 -0.50 -0.30
O2 PCW V . 7.37 2.45 -6.19
O3 PCW V . 6.91 0.54 -8.27
O11 PCW V . 7.27 -1.50 -9.23
O31 PCW V . 8.22 4.46 -6.98
O1P PCW V . 8.60 -1.36 -3.81
O2P PCW V . 10.14 -1.24 -5.76
O3P PCW V . 9.34 0.92 -4.59
O4P PCW V . 10.98 -0.59 -3.62
P PCW V . 9.73 -0.65 -4.47
C1 PCW W . 7.64 -16.94 -7.14
C2 PCW W . 6.71 -18.10 -7.67
C3 PCW W . 5.26 -17.90 -7.10
C4 PCW W . 9.28 -15.27 -4.46
C5 PCW W . 9.59 -13.80 -4.17
C6 PCW W . 7.38 -12.75 -3.43
C7 PCW W . 9.47 -12.23 -2.25
C8 PCW W . 9.03 -11.84 -3.99
C11 PCW W . 3.11 -18.95 -7.12
C12 PCW W . 2.39 -20.14 -7.71
C13 PCW W . 1.16 -19.62 -8.55
C14 PCW W . 0.34 -20.73 -9.22
C15 PCW W . -1.13 -20.38 -9.58
C16 PCW W . -1.76 -21.50 -10.47
C17 PCW W . -3.33 -21.65 -10.47
C18 PCW W . -3.99 -21.18 -11.76
C19 PCW W . -4.35 -22.34 -12.71
C20 PCW W . -5.66 -22.74 -12.94
C21 PCW W . -6.96 -22.23 -12.42
C22 PCW W . -8.09 -22.86 -13.28
C23 PCW W . -8.43 -22.17 -14.62
C24 PCW W . -8.85 -23.06 -15.75
C25 PCW W . -7.94 -23.25 -17.00
C26 PCW W . -6.62 -23.94 -16.77
C27 PCW W . -6.63 -25.43 -16.34
C28 PCW W . -5.70 -25.64 -15.17
C31 PCW W . 7.39 -18.93 -9.79
C32 PCW W . 7.20 -18.73 -11.30
C33 PCW W . 5.75 -18.24 -11.79
C34 PCW W . 5.78 -17.47 -13.12
C35 PCW W . 5.39 -18.53 -14.23
C36 PCW W . 4.15 -18.10 -15.06
C37 PCW W . 3.71 -19.09 -16.18
C38 PCW W . 2.34 -18.80 -16.69
C39 PCW W . 1.90 -19.75 -17.78
C40 PCW W . 1.30 -19.45 -18.92
C41 PCW W . 0.93 -18.04 -19.35
C42 PCW W . -0.14 -18.13 -20.53
C43 PCW W . 0.07 -17.29 -21.77
C44 PCW W . -1.08 -17.57 -22.73
C45 PCW W . -0.81 -18.63 -23.78
C46 PCW W . -1.92 -18.78 -24.77
C47 PCW W . -2.04 -20.12 -25.46
C48 PCW W . -3.21 -20.14 -26.45
N PCW W . 8.80 -13.09 -3.21
O2 PCW W . 6.61 -18.03 -9.15
O3 PCW W . 4.40 -18.95 -7.57
O11 PCW W . 2.63 -18.14 -6.38
O31 PCW W . 8.15 -19.78 -9.25
O1P PCW W . 9.86 -18.00 -5.34
O2P PCW W . 11.48 -16.83 -6.83
O3P PCW W . 9.01 -17.07 -7.52
O4P PCW W . 9.75 -15.53 -5.81
P PCW W . 10.09 -16.91 -6.34
C1 PCW X . 2.80 -15.69 3.57
C2 PCW X . 1.95 -15.35 2.28
C3 PCW X . 1.43 -16.69 1.64
C4 PCW X . 3.10 -16.04 7.16
C5 PCW X . 1.69 -15.76 7.63
C6 PCW X . -0.32 -15.56 6.07
C7 PCW X . -0.02 -17.56 7.45
C8 PCW X . -0.31 -15.83 8.03
C11 PCW X . -0.48 -17.15 0.26
C12 PCW X . -1.17 -16.67 -0.99
C13 PCW X . -0.32 -17.15 -2.23
C14 PCW X . -0.88 -16.74 -3.60
C15 PCW X . -0.15 -15.57 -4.32
C16 PCW X . -1.19 -14.62 -5.03
C17 PCW X . -0.61 -13.36 -5.78
C18 PCW X . -1.51 -12.11 -5.68
C19 PCW X . -0.70 -10.79 -5.63
C20 PCW X . -0.35 -10.10 -6.78
C21 PCW X . -0.59 -10.37 -8.22
C22 PCW X . -0.80 -8.98 -8.89
C23 PCW X . -1.73 -8.93 -10.13
C24 PCW X . -3.08 -8.31 -9.94
C25 PCW X . -3.40 -6.89 -10.50
C26 PCW X . -2.62 -5.74 -9.90
C27 PCW X . -1.70 -4.92 -10.83
C28 PCW X . -0.47 -4.49 -10.08
C31 PCW X . 0.99 -13.25 2.84
C32 PCW X . -0.33 -12.56 3.17
C33 PCW X . -0.71 -11.32 2.23
C34 PCW X . -1.62 -10.30 2.91
C35 PCW X . -2.56 -9.74 1.76
C36 PCW X . -3.92 -10.49 1.72
C37 PCW X . -4.92 -10.00 0.61
C38 PCW X . -4.46 -10.34 -0.76
C39 PCW X . -5.43 -9.88 -1.82
C40 PCW X . -5.13 -9.40 -3.04
C41 PCW X . -3.73 -9.22 -3.57
C42 PCW X . -3.84 -8.64 -5.04
C43 PCW X . -4.49 -7.30 -5.25
C44 PCW X . -4.47 -6.99 -6.73
C45 PCW X . -5.71 -7.41 -7.49
C46 PCW X . -6.27 -6.35 -8.39
C47 PCW X . -7.15 -6.82 -9.52
C48 PCW X . -7.67 -5.66 -10.38
N PCW X . 0.58 -16.35 6.94
O2 PCW X . 0.75 -14.54 2.63
O3 PCW X . 0.65 -16.40 0.47
O11 PCW X . -0.87 -18.02 0.99
O31 PCW X . 2.12 -12.67 2.78
O1P PCW X . 5.20 -16.34 5.20
O2P PCW X . 5.53 -13.89 5.63
O3P PCW X . 3.76 -14.68 3.94
O4P PCW X . 3.48 -14.90 6.34
P PCW X . 4.58 -14.97 5.30
C1 PCW Y . -10.74 2.43 21.41
C2 PCW Y . -11.79 1.26 21.42
C3 PCW Y . -12.80 1.44 22.59
C4 PCW Y . -8.35 1.58 25.29
C5 PCW Y . -9.53 0.87 25.94
C6 PCW Y . -8.53 -1.32 26.15
C7 PCW Y . -10.00 -0.89 24.38
C8 PCW Y . -10.91 -1.12 26.46
C11 PCW Y . -13.96 -0.29 23.78
C12 PCW Y . -15.02 -1.36 23.61
C13 PCW Y . -14.54 -2.67 24.33
C14 PCW Y . -15.52 -3.85 24.25
C15 PCW Y . -15.06 -5.04 23.35
C16 PCW Y . -15.67 -6.40 23.85
C17 PCW Y . -15.31 -7.69 23.03
C18 PCW Y . -16.38 -8.77 23.12
C19 PCW Y . -16.54 -9.55 21.79
C20 PCW Y . -17.79 -9.87 21.27
C21 PCW Y . -19.16 -9.63 21.76
C22 PCW Y . -20.07 -9.48 20.50
C23 PCW Y . -21.34 -8.59 20.63
C24 PCW Y . -22.48 -8.89 19.69
C25 PCW Y . -23.48 -7.78 19.29
C26 PCW Y . -24.49 -7.34 20.32
C27 PCW Y . -25.42 -6.15 19.99
C28 PCW Y . -26.72 -6.28 20.73
C31 PCW Y . -12.05 0.56 19.17
C32 PCW Y . -12.96 0.70 17.93
C33 PCW Y . -13.33 -0.69 17.20
C34 PCW Y . -12.98 -0.71 15.71
C35 PCW Y . -13.36 -2.18 15.23
C36 PCW Y . -14.29 -2.18 14.00
C37 PCW Y . -14.71 -3.60 13.48
C38 PCW Y . -15.48 -4.34 14.49
C39 PCW Y . -15.90 -5.71 14.03
C40 PCW Y . -17.04 -6.33 14.30
C41 PCW Y . -18.15 -5.71 15.13
C42 PCW Y . -19.47 -6.59 14.94
C43 PCW Y . -20.81 -5.90 15.09
C44 PCW Y . -21.88 -6.96 14.86
C45 PCW Y . -23.13 -6.80 15.72
C46 PCW Y . -24.37 -7.29 15.06
C47 PCW Y . -25.42 -7.90 15.97
C48 PCW Y . -26.64 -8.37 15.16
N PCW Y . -9.72 -0.54 25.75
O2 PCW Y . -12.58 1.29 20.14
O3 PCW Y . -13.77 0.38 22.61
O11 PCW Y . -13.37 -0.07 24.81
O31 PCW Y . -11.00 -0.15 19.23
O1P PCW Y . -8.19 1.78 22.38
O2P PCW Y . -8.19 4.24 22.83
O3P PCW Y . -10.40 2.92 22.73
O4P PCW Y . -8.88 2.75 24.61
P PCW Y . -8.84 2.93 23.09
C1 PCW Z . 8.85 14.57 2.33
C2 PCW Z . 8.35 15.17 0.96
C3 PCW Z . 8.52 14.11 -0.16
C4 PCW Z . 6.34 11.98 5.41
C5 PCW Z . 4.92 12.51 5.27
C6 PCW Z . 4.28 13.51 3.01
C7 PCW Z . 3.14 11.52 3.87
C8 PCW Z . 3.13 13.22 4.58
C11 PCW Z . 7.33 13.78 -2.18
C12 PCW Z . 6.81 14.50 -3.39
C13 PCW Z . 5.25 14.33 -3.38
C14 PCW Z . 4.50 14.99 -4.54
C15 PCW Z . 2.99 14.61 -4.68
C16 PCW Z . 2.30 14.48 -3.27
C17 PCW Z . 0.82 13.99 -3.22
C18 PCW Z . -0.20 15.10 -3.46
C19 PCW Z . -1.29 14.71 -4.49
C20 PCW Z . -1.24 15.09 -5.82
C21 PCW Z . -0.26 15.89 -6.60
C22 PCW Z . -0.89 16.15 -7.99
C23 PCW Z . -0.78 17.58 -8.57
C24 PCW Z . -1.77 17.97 -9.61
C25 PCW Z . -2.26 16.96 -10.68
C26 PCW Z . -3.28 17.46 -11.68
C27 PCW Z . -4.52 16.59 -11.97
C28 PCW Z . -5.78 17.42 -11.84
C31 PCW Z . 6.53 16.53 0.27
C32 PCW Z . 5.01 16.74 0.47
C33 PCW Z . 4.10 16.37 -0.80
C34 PCW Z . 3.77 17.58 -1.67
C35 PCW Z . 2.52 18.27 -0.98
C36 PCW Z . 1.19 17.84 -1.60
C37 PCW Z . -0.08 18.49 -0.96
C38 PCW Z . -0.87 17.50 -0.17
C39 PCW Z . -2.10 18.12 0.45
C40 PCW Z . -3.36 17.97 0.05
C41 PCW Z . -3.79 17.13 -1.13
C42 PCW Z . -3.86 18.09 -2.42
C43 PCW Z . -2.99 17.75 -3.61
C44 PCW Z . -3.26 18.81 -4.66
C45 PCW Z . -3.50 18.30 -6.05
C46 PCW Z . -4.92 18.45 -6.53
C47 PCW Z . -5.20 18.06 -7.95
C48 PCW Z . -6.67 18.26 -8.32
N PCW Z . 4.25 12.42 4.01
O2 PCW Z . 6.90 15.50 1.04
O3 PCW Z . 8.05 14.63 -1.40
O11 PCW Z . 7.10 12.63 -1.91
O31 PCW Z . 7.28 17.22 -0.47
O1P PCW Z . 8.75 11.25 3.92
O2P PCW Z . 9.60 13.41 4.83
O3P PCW Z . 8.15 13.35 2.69
O4P PCW Z . 7.23 13.01 4.91
P PCW Z . 8.50 12.71 4.12
C1 PCW AA . 7.18 -25.49 -6.85
C2 PCW AA . 6.30 -24.25 -7.29
C3 PCW AA . 6.81 -23.72 -8.68
C4 PCW AA . 9.14 -22.31 -5.14
C5 PCW AA . 9.55 -21.30 -6.21
C6 PCW AA . 11.44 -20.03 -7.38
C7 PCW AA . 11.85 -22.24 -6.41
C8 PCW AA . 10.73 -21.81 -7.81
C11 PCW AA . 5.13 -22.74 -10.11
C12 PCW AA . 4.42 -21.44 -10.35
C13 PCW AA . 3.58 -21.56 -11.69
C14 PCW AA . 2.81 -20.30 -12.07
C15 PCW AA . 1.38 -20.51 -12.68
C16 PCW AA . 0.64 -19.14 -12.79
C17 PCW AA . -0.87 -19.16 -13.24
C18 PCW AA . -1.59 -17.84 -13.04
C19 PCW AA . -3.00 -17.82 -13.68
C20 PCW AA . -3.68 -16.64 -13.97
C21 PCW AA . -3.30 -15.21 -13.80
C22 PCW AA . -4.49 -14.37 -14.32
C23 PCW AA . -4.54 -14.05 -15.84
C24 PCW AA . -5.88 -13.99 -16.48
C25 PCW AA . -6.04 -13.94 -18.03
C26 PCW AA . -7.45 -14.09 -18.57
C27 PCW AA . -8.42 -12.91 -18.39
C28 PCW AA . -9.71 -13.18 -19.13
C31 PCW AA . 4.01 -24.00 -6.73
C32 PCW AA . 2.60 -24.56 -7.01
C33 PCW AA . 2.08 -24.46 -8.53
C34 PCW AA . 0.64 -23.98 -8.65
C35 PCW AA . -0.22 -25.30 -8.85
C36 PCW AA . -1.74 -25.01 -8.97
C37 PCW AA . -2.65 -26.25 -9.15
C38 PCW AA . -3.81 -25.96 -10.06
C39 PCW AA . -4.71 -27.16 -10.26
C40 PCW AA . -5.83 -27.21 -10.94
C41 PCW AA . -6.43 -26.03 -11.70
C42 PCW AA . -8.02 -26.21 -11.70
C43 PCW AA . -8.71 -26.46 -13.04
C44 PCW AA . -10.20 -26.58 -12.75
C45 PCW AA . -11.05 -26.90 -13.95
C46 PCW AA . -11.18 -25.76 -14.93
C47 PCW AA . -11.58 -26.13 -16.34
C48 PCW AA . -11.66 -24.88 -17.23
N PCW AA . 10.94 -21.12 -6.51
O2 PCW AA . 4.88 -24.70 -7.46
O3 PCW AA . 6.01 -22.59 -9.08
O11 PCW AA . 4.96 -23.76 -10.73
O31 PCW AA . 4.28 -23.04 -5.95
O1P PCW AA . 9.03 -24.77 -3.56
O2P PCW AA . 10.07 -25.75 -5.60
O3P PCW AA . 7.50 -25.49 -5.44
O4P PCW AA . 9.02 -23.60 -5.79
P PCW AA . 8.96 -24.92 -5.05
C1 PCW BA . -0.57 -29.98 4.60
C2 PCW BA . -0.99 -29.51 3.16
C3 PCW BA . -0.48 -30.55 2.10
C4 PCW BA . 0.97 -25.62 5.79
C5 PCW BA . 1.52 -24.56 4.83
C6 PCW BA . 3.66 -23.72 5.57
C7 PCW BA . 1.73 -22.93 6.60
C8 PCW BA . 2.15 -22.19 4.48
C11 PCW BA . -0.18 -29.10 0.20
C12 PCW BA . -0.72 -28.85 -1.19
C13 PCW BA . -0.07 -29.92 -2.13
C14 PCW BA . -0.49 -29.86 -3.60
C15 PCW BA . 0.16 -30.94 -4.52
C16 PCW BA . -0.74 -31.21 -5.77
C17 PCW BA . -1.65 -32.49 -5.74
C18 PCW BA . -2.71 -32.51 -6.83
C19 PCW BA . -3.62 -31.26 -6.81
C20 PCW BA . -4.58 -31.02 -7.79
C21 PCW BA . -4.98 -31.79 -8.99
C22 PCW BA . -4.44 -31.01 -10.22
C23 PCW BA . -3.07 -31.47 -10.80
C24 PCW BA . -2.97 -31.62 -12.28
C25 PCW BA . -1.74 -32.33 -12.92
C26 PCW BA . -1.94 -32.94 -14.28
C27 PCW BA . -2.78 -32.15 -15.31
C28 PCW BA . -1.99 -30.96 -15.81
C31 PCW BA . -2.95 -28.29 2.66
C32 PCW BA . -4.49 -28.38 2.61
C33 PCW BA . -5.11 -29.83 2.85
C34 PCW BA . -5.32 -30.62 1.57
C35 PCW BA . -6.71 -30.11 0.98
C36 PCW BA . -7.26 -31.02 -0.12
C37 PCW BA . -8.63 -30.56 -0.74
C38 PCW BA . -8.52 -30.27 -2.20
C39 PCW BA . -9.82 -29.83 -2.82
C40 PCW BA . -10.90 -30.59 -3.01
C41 PCW BA . -11.00 -32.06 -2.63
C42 PCW BA . -11.90 -32.79 -3.73
C43 PCW BA . -11.26 -33.22 -5.04
C44 PCW BA . -12.35 -33.89 -5.86
C45 PCW BA . -12.82 -33.09 -7.06
C46 PCW BA . -14.29 -32.77 -7.02
C47 PCW BA . -14.97 -32.61 -8.36
C48 PCW BA . -16.46 -32.28 -8.19
N PCW BA . 2.24 -23.41 5.34
O2 PCW BA . -2.47 -29.47 3.07
O3 PCW BA . -0.88 -30.12 0.78
O11 PCW BA . 0.73 -28.50 0.70
O31 PCW BA . -2.26 -27.27 2.37
O1P PCW BA . 1.55 -28.21 6.97
O2P PCW BA . 2.02 -28.85 4.60
O3P PCW BA . -0.40 -28.90 5.54
O4P PCW BA . 0.78 -26.83 5.01
P PCW BA . 1.06 -28.22 5.55
C1 PCW CA . 13.11 -0.04 -8.20
C2 PCW CA . 12.42 -0.33 -9.59
C3 PCW CA . 10.86 -0.19 -9.45
C4 PCW CA . 15.11 -3.75 -9.25
C5 PCW CA . 14.62 -3.71 -10.70
C6 PCW CA . 14.85 -6.07 -11.65
C7 PCW CA . 12.79 -4.79 -12.00
C8 PCW CA . 14.49 -4.39 -12.63
C11 PCW CA . 10.18 -1.76 -11.13
C12 PCW CA . 9.45 -1.83 -12.45
C13 PCW CA . 8.14 -2.66 -12.24
C14 PCW CA . 7.26 -2.82 -13.48
C15 PCW CA . 5.74 -2.54 -13.26
C16 PCW CA . 4.86 -3.24 -14.37
C17 PCW CA . 3.64 -2.42 -14.92
C18 PCW CA . 4.02 -1.46 -16.05
C19 PCW CA . 3.07 -1.55 -17.26
C20 PCW CA . 2.80 -0.46 -18.08
C21 PCW CA . 3.25 0.95 -18.07
C22 PCW CA . 2.13 1.79 -18.72
C23 PCW CA . 1.88 1.59 -20.24
C24 PCW CA . 0.73 2.33 -20.83
C25 PCW CA . 0.28 2.07 -22.30
C26 PCW CA . -1.17 1.66 -22.51
C27 PCW CA . -2.13 2.70 -23.15
C28 PCW CA . -1.69 2.99 -24.57
C31 PCW CA . 13.33 0.12 -11.73
C32 PCW CA . 13.74 1.26 -12.69
C33 PCW CA . 12.54 2.24 -13.15
C34 PCW CA . 11.40 1.51 -13.84
C35 PCW CA . 10.07 2.09 -13.20
C36 PCW CA . 9.73 3.50 -13.73
C37 PCW CA . 8.43 4.13 -13.14
C38 PCW CA . 8.13 5.44 -13.77
C39 PCW CA . 6.87 6.07 -13.23
C40 PCW CA . 5.86 6.58 -13.93
C41 PCW CA . 5.81 6.62 -15.45
C42 PCW CA . 4.32 6.96 -15.90
C43 PCW CA . 3.30 5.83 -15.97
C44 PCW CA . 1.98 6.45 -16.41
C45 PCW CA . 1.73 6.42 -17.89
C46 PCW CA . 0.49 5.68 -18.28
C47 PCW CA . -0.38 6.36 -19.31
C48 PCW CA . -1.62 5.51 -19.63
N PCW CA . 14.04 -4.89 -11.29
O2 PCW CA . 12.86 0.67 -10.61
O3 PCW CA . 10.23 -0.46 -10.70
O11 PCW CA . 10.62 -2.70 -10.54
O31 PCW CA . 13.42 -1.11 -11.98
O1P PCW CA . 16.31 -1.95 -7.29
O2P PCW CA . 14.05 -2.07 -6.24
O3P PCW CA . 14.51 -0.41 -8.16
O4P PCW CA . 14.28 -2.81 -8.52
P PCW CA . 14.82 -1.84 -7.49
C1 PCW DA . 1.93 -21.13 0.55
C2 PCW DA . 1.02 -21.32 -0.73
C3 PCW DA . 1.72 -22.27 -1.76
C4 PCW DA . 5.45 -22.04 -0.62
C5 PCW DA . 6.82 -22.28 0.01
C6 PCW DA . 9.36 -22.31 -0.28
C7 PCW DA . 7.96 -20.97 -1.77
C8 PCW DA . 8.19 -20.76 0.06
C11 PCW DA . 1.28 -21.80 -4.06
C12 PCW DA . 0.26 -22.06 -5.14
C13 PCW DA . -0.85 -20.95 -5.03
C14 PCW DA . -1.98 -21.05 -6.06
C15 PCW DA . -3.29 -20.29 -5.70
C16 PCW DA . -4.24 -20.21 -6.95
C17 PCW DA . -4.63 -18.78 -7.45
C18 PCW DA . -4.31 -18.55 -8.93
C19 PCW DA . -5.40 -17.72 -9.66
C20 PCW DA . -6.58 -18.29 -10.10
C21 PCW DA . -7.13 -19.67 -10.05
C22 PCW DA . -8.33 -19.63 -9.06
C23 PCW DA . -9.59 -20.45 -9.44
C24 PCW DA . -10.88 -20.05 -8.80
C25 PCW DA . -11.85 -21.11 -8.21
C26 PCW DA . -11.26 -22.11 -7.23
C27 PCW DA . -12.16 -23.28 -6.78
C28 PCW DA . -11.97 -24.46 -7.69
C31 PCW DA . -1.36 -21.25 -0.72
C32 PCW DA . -2.61 -22.03 -0.27
C33 PCW DA . -3.55 -22.55 -1.45
C34 PCW DA . -4.62 -21.55 -1.88
C35 PCW DA . -5.80 -21.69 -0.82
C36 PCW DA . -6.99 -22.50 -1.37
C37 PCW DA . -8.19 -22.66 -0.38
C38 PCW DA . -8.05 -23.88 0.47
C39 PCW DA . -9.21 -24.04 1.42
C40 PCW DA . -9.52 -25.12 2.13
C41 PCW DA . -8.72 -26.41 2.11
C42 PCW DA . -9.75 -27.62 1.88
C43 PCW DA . -10.96 -27.74 2.77
C44 PCW DA . -11.73 -28.97 2.32
C45 PCW DA . -13.10 -28.71 1.76
C46 PCW DA . -14.20 -28.88 2.77
C47 PCW DA . -15.03 -27.65 3.07
C48 PCW DA . -16.11 -27.98 4.11
N PCW DA . 8.00 -22.00 -0.76
O2 PCW DA . -0.28 -21.94 -0.35
O3 PCW DA . 0.90 -22.44 -2.92
O11 PCW DA . 2.26 -21.12 -4.19
O31 PCW DA . -1.36 -20.16 -1.35
O1P PCW DA . 4.42 -21.19 1.98
O2P PCW DA . 4.22 -23.64 2.37
O3P PCW DA . 2.36 -22.38 1.13
O4P PCW DA . 4.51 -22.87 0.11
P PCW DA . 3.93 -22.50 1.45
C1 PCW EA . -8.55 -10.33 18.81
C2 PCW EA . -10.09 -10.74 18.87
C3 PCW EA . -10.54 -11.30 17.49
C4 PCW EA . -7.70 -12.03 23.06
C5 PCW EA . -6.72 -13.19 23.17
C6 PCW EA . -6.10 -15.38 24.35
C7 PCW EA . -8.42 -14.92 23.71
C8 PCW EA . -6.96 -15.15 22.60
C11 PCW EA . -12.67 -11.51 16.42
C12 PCW EA . -14.08 -11.96 16.70
C13 PCW EA . -14.41 -13.13 15.71
C14 PCW EA . -15.82 -13.72 15.85
C15 PCW EA . -16.15 -14.89 14.88
C16 PCW EA . -17.18 -15.87 15.55
C17 PCW EA . -18.69 -15.50 15.44
C18 PCW EA . -19.50 -16.44 14.53
C19 PCW EA . -18.96 -16.48 13.07
C20 PCW EA . -19.52 -15.72 12.06
C21 PCW EA . -20.65 -14.76 12.02
C22 PCW EA . -21.11 -14.66 10.55
C23 PCW EA . -21.36 -13.25 9.96
C24 PCW EA . -20.91 -13.00 8.55
C25 PCW EA . -19.59 -12.24 8.25
C26 PCW EA . -19.56 -11.39 7.00
C27 PCW EA . -18.20 -11.07 6.37
C28 PCW EA . -18.37 -10.50 4.99
C31 PCW EA . -11.42 -11.66 20.61
C32 PCW EA . -11.52 -12.84 21.59
C33 PCW EA . -12.21 -12.54 23.00
C34 PCW EA . -13.62 -11.97 22.88
C35 PCW EA . -14.59 -13.20 23.09
C36 PCW EA . -16.07 -12.78 23.16
C37 PCW EA . -17.09 -13.94 23.37
C38 PCW EA . -18.44 -13.59 22.82
C39 PCW EA . -19.45 -14.69 23.00
C40 PCW EA . -20.74 -14.55 23.26
C41 PCW EA . -21.44 -13.22 23.44
C42 PCW EA . -22.67 -13.15 22.42
C43 PCW EA . -23.21 -11.79 22.02
C44 PCW EA . -24.36 -12.05 21.05
C45 PCW EA . -25.67 -11.40 21.43
C46 PCW EA . -26.49 -10.94 20.25
C47 PCW EA . -27.55 -9.91 20.54
C48 PCW EA . -28.31 -9.54 19.26
N PCW EA . -7.09 -14.39 23.88
O2 PCW EA . -10.31 -11.82 19.89
O3 PCW EA . -11.93 -11.67 17.55
O11 PCW EA . -12.26 -11.10 15.38
O31 PCW EA . -12.26 -10.72 20.51
O1P PCW EA . -7.51 -12.56 20.21
O2P PCW EA . -5.55 -11.01 20.35
O3P PCW EA . -7.94 -10.07 20.10
O4P PCW EA . -7.12 -11.04 22.17
P PCW EA . -6.98 -11.24 20.67
C1 PCW FA . -5.10 -16.02 14.92
C2 PCW FA . -6.66 -15.99 14.68
C3 PCW FA . -7.23 -14.58 15.07
C4 PCW FA . -2.90 -20.41 14.70
C5 PCW FA . -2.52 -20.66 13.23
C6 PCW FA . -1.48 -22.93 13.80
C7 PCW FA . -1.46 -22.10 11.50
C8 PCW FA . -0.61 -21.38 12.97
C11 PCW FA . -9.48 -14.83 15.88
C12 PCW FA . -10.91 -14.76 15.40
C13 PCW FA . -11.10 -15.87 14.30
C14 PCW FA . -12.51 -15.95 13.68
C15 PCW FA . -12.71 -15.19 12.33
C16 PCW FA . -13.92 -15.79 11.53
C17 PCW FA . -14.35 -15.04 10.22
C18 PCW FA . -14.22 -15.90 8.95
C19 PCW FA . -14.04 -15.06 7.67
C20 PCW FA . -14.97 -15.09 6.63
C21 PCW FA . -16.24 -15.82 6.45
C22 PCW FA . -17.34 -14.74 6.24
C23 PCW FA . -18.79 -15.25 6.04
C24 PCW FA . -19.38 -15.08 4.67
C25 PCW FA . -19.70 -13.66 4.11
C26 PCW FA . -21.15 -13.32 3.92
C27 PCW FA . -21.55 -11.83 3.89
C28 PCW FA . -22.84 -11.64 4.65
C31 PCW FA . -7.69 -17.27 12.98
C32 PCW FA . -7.91 -17.36 11.46
C33 PCW FA . -8.97 -18.45 10.98
C34 PCW FA . -10.20 -17.85 10.32
C35 PCW FA . -11.43 -18.75 10.78
C36 PCW FA . -12.43 -19.01 9.64
C37 PCW FA . -13.66 -19.89 10.01
C38 PCW FA . -14.95 -19.18 9.72
C39 PCW FA . -16.16 -20.01 10.07
C40 PCW FA . -17.45 -19.64 9.96
C41 PCW FA . -17.91 -18.28 9.45
C42 PCW FA . -19.46 -18.39 9.08
C43 PCW FA . -19.85 -18.93 7.72
C44 PCW FA . -21.38 -18.91 7.66
C45 PCW FA . -22.00 -19.90 6.70
C46 PCW FA . -23.11 -19.31 5.87
C47 PCW FA . -22.96 -19.41 4.37
C48 PCW FA . -24.15 -18.77 3.65
N PCW FA . -1.99 -21.94 12.84
O2 PCW FA . -6.95 -16.20 13.23
O3 PCW FA . -8.65 -14.56 14.83
O11 PCW FA . -9.14 -15.08 17.00
O31 PCW FA . -8.15 -18.09 13.84
O1P PCW FA . -3.05 -18.04 16.36
O2P PCW FA . -5.48 -18.58 16.40
O3P PCW FA . -4.46 -17.22 14.46
O4P PCW FA . -4.11 -19.62 14.71
P PCW FA . -4.27 -18.37 15.56
C1 PCW GA . -1.32 2.93 7.79
C2 PCW GA . -2.25 2.32 6.69
C3 PCW GA . -3.52 1.68 7.35
C4 PCW GA . 0.87 0.16 7.90
C5 PCW GA . 1.95 -0.55 8.71
C6 PCW GA . 2.99 -2.36 7.22
C7 PCW GA . 4.41 -0.83 8.49
C8 PCW GA . 3.22 -2.09 9.14
C11 PCW GA . -4.15 -0.17 5.95
C12 PCW GA . -5.10 -0.53 4.84
C13 PCW GA . -4.52 0.06 3.50
C14 PCW GA . -5.35 -0.21 2.25
C15 PCW GA . -4.86 0.47 0.94
C16 PCW GA . -6.06 0.86 0.03
C17 PCW GA . -6.71 2.26 0.28
C18 PCW GA . -8.25 2.21 0.36
C19 PCW GA . -8.93 2.88 -0.85
C20 PCW GA . -9.36 2.16 -1.95
C21 PCW GA . -9.31 0.71 -2.30
C22 PCW GA . -10.78 0.22 -2.41
C23 PCW GA . -11.57 0.57 -3.70
C24 PCW GA . -12.70 1.56 -3.56
C25 PCW GA . -13.47 2.06 -4.81
C26 PCW GA . -14.81 2.74 -4.55
C27 PCW GA . -15.92 2.57 -5.60
C28 PCW GA . -17.23 3.10 -5.05
C31 PCW GA . -2.57 3.09 4.47
C32 PCW GA . -3.09 4.27 3.63
C33 PCW GA . -4.37 3.93 2.72
C34 PCW GA . -5.53 4.90 2.94
C35 PCW GA . -5.89 4.84 4.47
C36 PCW GA . -7.21 4.10 4.75
C37 PCW GA . -7.62 4.00 6.26
C38 PCW GA . -8.43 5.18 6.70
C39 PCW GA . -8.85 5.11 8.14
C40 PCW GA . -10.02 4.69 8.62
C41 PCW GA . -11.16 4.18 7.77
C42 PCW GA . -11.89 5.44 7.09
C43 PCW GA . -12.03 5.46 5.59
C44 PCW GA . -12.74 6.75 5.23
C45 PCW GA . -12.54 7.21 3.81
C46 PCW GA . -13.82 7.43 3.06
C47 PCW GA . -13.91 8.70 2.24
C48 PCW GA . -15.27 8.80 1.53
N PCW GA . 3.08 -1.13 8.02
O2 PCW GA . -2.73 3.40 5.76
O3 PCW GA . -4.36 1.13 6.33
O11 PCW GA . -3.31 -0.90 6.41
O31 PCW GA . -2.08 2.02 4.02
O1P PCW GA . 1.37 2.11 5.83
O2P PCW GA . 2.40 3.40 7.70
O3P PCW GA . -0.13 3.57 7.26
O4P PCW GA . 0.94 1.58 8.25
P PCW GA . 1.21 2.67 7.21
C1 PCW HA . -2.34 2.63 11.32
C2 PCW HA . -3.57 1.67 11.56
C3 PCW HA . -4.92 2.44 11.38
C4 PCW HA . 0.87 3.07 13.58
C5 PCW HA . -0.12 2.62 14.66
C6 PCW HA . -1.34 0.42 15.06
C7 PCW HA . 0.87 0.81 16.04
C8 PCW HA . -0.70 1.71 16.40
C11 PCW HA . -7.21 2.05 11.99
C12 PCW HA . -8.19 0.93 12.19
C13 PCW HA . -9.65 1.49 11.96
C14 PCW HA . -10.77 0.45 12.15
C15 PCW HA . -12.21 1.04 12.31
C16 PCW HA . -13.07 0.75 11.03
C17 PCW HA . -13.03 1.82 9.88
C18 PCW HA . -14.31 1.84 9.03
C19 PCW HA . -15.23 3.04 9.35
C20 PCW HA . -16.62 2.92 9.37
C21 PCW HA . -17.53 1.78 9.14
C22 PCW HA . -18.84 2.36 8.55
C23 PCW HA . -19.31 1.82 7.18
C24 PCW HA . -19.03 2.67 5.98
C25 PCW HA . -19.13 2.09 4.55
C26 PCW HA . -20.49 2.19 3.86
C27 PCW HA . -20.63 1.56 2.47
C28 PCW HA . -21.47 2.45 1.58
C31 PCW HA . -3.39 -0.63 11.08
C32 PCW HA . -3.38 -1.65 9.91
C33 PCW HA . -4.77 -2.34 9.59
C34 PCW HA . -5.07 -3.56 10.46
C35 PCW HA . -6.62 -3.87 10.24
C36 PCW HA . -7.53 -2.91 11.04
C37 PCW HA . -9.06 -3.14 10.87
C38 PCW HA . -9.68 -2.13 9.96
C39 PCW HA . -11.16 -2.34 9.79
C40 PCW HA . -11.84 -2.22 8.67
C41 PCW HA . -11.23 -1.85 7.34
C42 PCW HA . -12.34 -2.05 6.20
C43 PCW HA . -11.90 -2.10 4.76
C44 PCW HA . -13.16 -2.28 3.92
C45 PCW HA . -13.14 -1.62 2.57
C46 PCW HA . -13.24 -2.58 1.41
C47 PCW HA . -12.47 -2.23 0.16
C48 PCW HA . -12.66 -3.30 -0.92
N PCW HA . -0.13 1.27 15.09
O2 PCW HA . -3.55 0.57 10.54
O3 PCW HA . -6.01 1.54 11.60
O11 PCW HA . -7.45 3.22 12.15
O31 PCW HA . -3.26 -0.91 12.30
O1P PCW HA . 1.32 1.61 11.11
O2P PCW HA . 0.52 3.72 10.06
O3P PCW HA . -1.16 1.93 10.87
O4P PCW HA . 0.08 3.39 12.40
P PCW HA . 0.26 2.67 11.07
C1 PCW IA . 3.12 -1.52 1.79
C2 PCW IA . 3.16 -1.05 0.27
C3 PCW IA . 4.53 -0.32 -0.04
C4 PCW IA . 6.04 -3.87 1.95
C5 PCW IA . 6.54 -3.24 0.64
C6 PCW IA . 7.74 -5.24 -0.04
C7 PCW IA . 7.71 -3.37 -1.45
C8 PCW IA . 5.79 -4.58 -1.29
C11 PCW IA . 5.77 0.14 -2.04
C12 PCW IA . 5.58 0.58 -3.47
C13 PCW IA . 4.99 -0.62 -4.29
C14 PCW IA . 4.73 -0.33 -5.77
C15 PCW IA . 3.24 -0.10 -6.18
C16 PCW IA . 3.14 0.62 -7.56
C17 PCW IA . 3.73 2.06 -7.68
C18 PCW IA . 3.26 2.82 -8.92
C19 PCW IA . 4.37 3.71 -9.53
C20 PCW IA . 4.19 4.41 -10.72
C21 PCW IA . 3.05 4.50 -11.67
C22 PCW IA . 2.89 6.02 -12.01
C23 PCW IA . 1.48 6.64 -11.83
C24 PCW IA . 0.43 6.25 -12.83
C25 PCW IA . -1.07 6.59 -12.59
C26 PCW IA . -1.66 7.70 -13.44
C27 PCW IA . -2.69 7.30 -14.52
C28 PCW IA . -2.83 8.42 -15.52
C31 PCW IA . 2.04 -2.18 -1.48
C32 PCW IA . 2.08 -3.46 -2.35
C33 PCW IA . 0.67 -3.97 -2.89
C34 PCW IA . 0.55 -3.95 -4.41
C35 PCW IA . -1.01 -3.98 -4.72
C36 PCW IA . -1.32 -3.78 -6.22
C37 PCW IA . -2.84 -3.80 -6.59
C38 PCW IA . -3.28 -2.50 -7.19
C39 PCW IA . -4.74 -2.50 -7.56
C40 PCW IA . -5.26 -2.52 -8.78
C41 PCW IA . -4.42 -2.58 -10.05
C42 PCW IA . -5.27 -1.88 -11.21
C43 PCW IA . -4.51 -1.10 -12.26
C44 PCW IA . -5.54 -0.56 -13.24
C45 PCW IA . -5.00 0.33 -14.32
C46 PCW IA . -6.04 1.21 -14.95
C47 PCW IA . -5.56 2.56 -15.44
C48 PCW IA . -6.72 3.36 -16.05
N PCW IA . 6.93 -4.08 -0.47
O2 PCW IA . 3.07 -2.23 -0.63
O3 PCW IA . 4.56 0.09 -1.41
O11 PCW IA . 6.82 -0.12 -1.54
O31 PCW IA . 1.18 -1.25 -1.58
O1P PCW IA . 4.07 -3.22 4.01
O2P PCW IA . 2.89 -5.17 3.05
O3P PCW IA . 2.59 -2.85 1.98
O4P PCW IA . 4.63 -4.19 1.75
P PCW IA . 3.55 -3.88 2.77
C1 PCW JA . -8.87 -22.06 21.08
C2 PCW JA . -10.12 -23.00 20.84
C3 PCW JA . -11.18 -22.78 21.98
C4 PCW JA . -6.49 -24.01 17.39
C5 PCW JA . -7.10 -24.90 16.30
C6 PCW JA . -6.37 -27.02 17.53
C7 PCW JA . -6.89 -27.08 15.13
C8 PCW JA . -5.52 -26.18 15.96
C11 PCW JA . -12.33 -24.86 22.37
C12 PCW JA . -13.60 -25.59 21.99
C13 PCW JA . -13.20 -27.02 21.45
C14 PCW JA . -14.38 -27.91 21.02
C15 PCW JA . -15.53 -27.19 20.24
C16 PCW JA . -16.42 -28.22 19.47
C17 PCW JA . -15.86 -28.77 18.12
C18 PCW JA . -16.49 -30.08 17.66
C19 PCW JA . -16.95 -30.06 16.18
C20 PCW JA . -18.22 -29.61 15.81
C21 PCW JA . -19.37 -29.11 16.58
C22 PCW JA . -20.58 -29.05 15.61
C23 PCW JA . -20.97 -27.66 15.03
C24 PCW JA . -22.28 -27.57 14.31
C25 PCW JA . -23.63 -27.52 15.09
C26 PCW JA . -24.89 -27.39 14.26
C27 PCW JA . -26.10 -26.69 14.91
C28 PCW JA . -27.39 -27.36 14.49
C31 PCW JA . -10.83 -23.65 18.67
C32 PCW JA . -11.54 -23.14 17.40
C33 PCW JA . -12.63 -24.14 16.78
C34 PCW JA . -13.93 -24.20 17.57
C35 PCW JA . -14.79 -22.97 17.06
C36 PCW JA . -15.89 -23.39 16.06
C37 PCW JA . -16.78 -22.23 15.51
C38 PCW JA . -16.78 -22.15 14.03
C39 PCW JA . -17.63 -21.03 13.50
C40 PCW JA . -18.78 -21.11 12.84
C41 PCW JA . -19.48 -22.41 12.49
C42 PCW JA . -20.98 -22.08 12.06
C43 PCW JA . -21.31 -21.97 10.58
C44 PCW JA . -22.79 -21.65 10.49
C45 PCW JA . -23.59 -22.59 9.64
C46 PCW JA . -24.92 -22.96 10.22
C47 PCW JA . -26.10 -22.14 9.77
C48 PCW JA . -27.40 -22.62 10.45
N PCW JA . -6.96 -26.32 16.36
O2 PCW JA . -10.78 -22.65 19.55
O3 PCW JA . -12.31 -23.65 21.74
O11 PCW JA . -11.48 -25.27 23.11
O31 PCW JA . -10.39 -24.81 18.83
O1P PCW JA . -5.62 -23.19 20.00
O2P PCW JA . -7.55 -24.54 20.78
O3P PCW JA . -7.88 -22.09 20.03
O4P PCW JA . -7.46 -23.91 18.46
P PCW JA . -7.08 -23.48 19.87
C1 17F KA . -4.52 14.88 22.27
N1 17F KA . -5.15 16.58 24.02
O1 17F KA . -3.62 18.50 21.33
P1 17F KA . -4.31 17.16 21.16
C2 17F KA . -5.09 15.17 23.67
O2 17F KA . -3.30 16.75 20.11
C3 17F KA . -4.24 14.43 24.72
O3 17F KA . -3.69 15.91 21.84
C4 17F KA . -5.95 15.73 19.64
O4 17F KA . -4.05 13.22 24.64
C5 17F KA . -6.82 15.76 18.35
O5 17F KA . -3.71 15.03 25.73
C6 17F KA . -8.07 14.85 18.54
O6 17F KA . -5.24 16.95 19.90
C7 17F KA . -10.05 14.22 17.48
O7 17F KA . -8.90 14.82 17.41
C8 17F KA . -10.73 14.27 16.09
O8 17F KA . -10.57 13.66 18.41
C9 17F KA . -10.06 13.31 15.09
O9 17F KA . -7.19 17.09 17.93
C10 17F KA . -10.67 13.28 13.63
O10 17F KA . -8.37 17.43 19.90
C11 17F KA . -9.90 12.37 12.62
C12 17F KA . -10.57 12.38 11.19
C17 17F KA . -8.07 17.70 18.73
C18 17F KA . -8.75 18.85 18.05
C19 17F KA . -9.99 18.48 17.18
C20 17F KA . -10.45 19.67 16.26
C1X 17F KA . -9.79 11.48 10.23
C1Y 17F KA . -11.69 19.29 15.39
C1Z 17F KA . -12.45 20.54 14.93
C2X 17F KA . -10.43 11.45 8.76
C21 17F KA . -10.82 10.01 8.32
C22 17F KA . -11.98 9.67 7.85
C23 17F KA . -13.14 10.55 7.64
C24 17F KA . -14.11 10.05 6.57
C25 17F KA . -15.34 10.92 6.30
C26 17F KA . -15.80 10.98 4.78
C27 17F KA . -17.02 11.84 4.50
C28 17F KA . -17.30 11.76 2.95
C29 17F KA . -17.43 13.14 2.43
C30 17F KA . -17.70 13.22 0.96
C31 17F KA . -11.61 21.75 14.38
C32 17F KA . -12.44 22.98 13.93
C33 17F KA . -11.50 24.16 13.68
C34 17F KA . -11.88 25.37 13.28
C35 17F KA . -13.30 25.84 13.00
C36 17F KA . -13.40 27.28 12.43
C37 17F KA . -14.78 27.51 11.94
C38 17F KA . -14.90 28.54 10.79
C39 17F KA . -16.37 28.73 10.34
C40 17F KA . -16.42 29.40 8.96
C41 17F KA . -17.90 29.37 8.39
C42 17F KA . -18.79 30.61 8.52
C1 17F LA . 5.69 -14.79 1.39
N1 17F LA . 4.75 -17.13 1.30
O1 17F LA . 5.40 -14.47 -1.76
P1 17F LA . 4.97 -13.51 -0.68
C2 17F LA . 5.87 -16.27 0.96
O2 17F LA . 5.92 -12.38 -0.37
C3 17F LA . 7.16 -16.83 1.59
O3 17F LA . 4.65 -14.20 0.67
C4 17F LA . 3.02 -11.82 -0.17
O4 17F LA . 8.24 -16.26 1.43
C5 17F LA . 1.67 -11.23 -0.69
O5 17F LA . 7.18 -17.91 2.29
C6 17F LA . 1.75 -9.69 -0.71
O6 17F LA . 3.61 -12.78 -1.04
C7 17F LA . 0.59 -7.90 -1.65
O7 17F LA . 0.55 -9.10 -1.18
C8 17F LA . -0.83 -7.50 -2.10
O8 17F LA . 1.51 -7.12 -1.75
C9 17F LA . -1.61 -6.69 -1.05
O9 17F LA . 1.30 -11.74 -1.99
C10 17F LA . -3.06 -6.24 -1.43
O10 17F LA . 0.81 -13.96 -1.67
C11 17F LA . -4.08 -6.24 -0.24
C12 17F LA . -5.52 -5.78 -0.69
C17 17F LA . 0.51 -12.79 -1.90
C18 17F LA . -0.94 -12.44 -2.13
C19 17F LA . -1.93 -13.11 -1.14
C20 17F LA . -3.12 -13.84 -1.87
C1X 17F LA . -6.48 -5.80 0.50
C1Y 17F LA . -4.07 -14.49 -0.84
C1Z 17F LA . -4.71 -15.76 -1.39
C2X 17F LA . -7.97 -5.33 0.10
C21 17F LA . -8.05 -3.80 -0.17
C22 17F LA . -8.67 -3.25 -1.16
C23 17F LA . -9.42 -3.95 -2.23
C24 17F LA . -9.70 -3.09 -3.46
C25 17F LA . -10.48 -3.77 -4.58
C26 17F LA . -9.92 -3.53 -6.05
C27 17F LA . -10.71 -4.21 -7.14
C28 17F LA . -10.02 -3.86 -8.50
C29 17F LA . -11.07 -3.75 -9.54
C30 17F LA . -10.57 -3.41 -10.91
C31 17F LA . -6.12 -15.61 -2.05
C32 17F LA . -6.75 -16.93 -2.59
C33 17F LA . -6.47 -17.07 -4.07
C34 17F LA . -6.88 -18.09 -4.82
C35 17F LA . -7.69 -19.28 -4.37
C36 17F LA . -9.21 -19.19 -4.68
C37 17F LA . -9.91 -18.63 -3.49
C38 17F LA . -10.33 -17.14 -3.64
C39 17F LA . -11.05 -16.63 -2.38
C40 17F LA . -11.09 -15.09 -2.37
C41 17F LA . -12.21 -14.57 -1.40
C42 17F LA . -11.95 -13.34 -0.54
C1 17F MA . -2.32 12.89 14.59
N1 17F MA . -1.91 10.50 15.13
O1 17F MA . -1.86 11.74 11.35
P1 17F MA . -2.50 12.92 12.07
C2 17F MA . -1.30 11.80 14.94
O2 17F MA . -1.63 14.14 12.26
C3 17F MA . -0.52 12.21 16.20
O3 17F MA . -3.05 12.55 13.47
C4 17F MA . -4.56 14.56 11.78
O4 17F MA . 0.07 13.28 16.25
C5 17F MA . -5.76 14.92 10.86
O5 17F MA . -0.44 11.46 17.24
C6 17F MA . -6.16 16.40 11.09
O6 17F MA . -3.78 13.45 11.29
C7 17F MA . -7.34 18.04 9.91
O7 17F MA . -7.27 16.80 10.27
C8 17F MA . -8.61 18.25 9.04
O8 17F MA . -6.61 18.97 10.17
C9 17F MA . -9.78 17.30 9.37
O9 17F MA . -5.50 14.66 9.48
C10 17F MA . -11.09 17.51 8.51
O10 17F MA . -7.62 13.95 8.95
C11 17F MA . -11.72 18.94 8.67
C12 17F MA . -13.02 19.14 7.81
C17 17F MA . -6.39 13.84 8.97
C18 17F MA . -5.76 12.61 8.36
C19 17F MA . -6.22 12.30 6.91
C20 17F MA . -5.40 13.11 5.84
C1X 17F MA . -13.58 20.56 8.03
C1Y 17F MA . -5.89 12.77 4.41
C1Z 17F MA . -7.22 13.46 4.11
C2X 17F MA . -14.92 20.84 7.21
C21 17F MA . -15.88 21.79 7.98
C22 17F MA . -17.17 21.83 7.83
C23 17F MA . -18.01 21.03 6.93
C24 17F MA . -19.46 21.49 6.85
C25 17F MA . -20.39 20.71 5.94
C26 17F MA . -21.77 21.45 5.55
C27 17F MA . -22.69 20.66 4.64
C28 17F MA . -23.97 21.54 4.39
C29 17F MA . -24.81 20.87 3.38
C30 17F MA . -26.07 21.59 3.03
C31 17F MA . -7.21 15.02 4.06
C32 17F MA . -8.57 15.69 3.76
C33 17F MA . -8.93 16.64 4.89
C34 17F MA . -10.04 17.37 4.95
C35 17F MA . -11.15 17.43 3.92
C36 17F MA . -11.15 18.71 3.03
C37 17F MA . -11.89 19.79 3.74
C38 17F MA . -11.38 21.23 3.42
C39 17F MA . -12.18 22.29 4.18
C40 17F MA . -12.05 23.65 3.48
C41 17F MA . -13.23 23.89 2.47
C42 17F MA . -13.04 23.49 1.00
C1 17F NA . 11.62 11.79 -4.70
N1 17F NA . 11.84 9.32 -4.32
O1 17F NA . 10.66 14.39 -7.22
P1 17F NA . 10.29 13.48 -6.07
C2 17F NA . 12.48 10.53 -4.81
O2 17F NA . 10.26 14.13 -4.71
C3 17F NA . 13.81 10.73 -4.06
O3 17F NA . 11.21 12.24 -5.95
C4 17F NA . 8.29 11.98 -5.28
O4 17F NA . 14.54 11.70 -4.29
C5 17F NA . 6.85 11.45 -5.59
O5 17F NA . 14.22 9.92 -3.13
C6 17F NA . 6.24 10.96 -4.27
O6 17F NA . 8.83 12.86 -6.25
C7 17F NA . 4.71 9.22 -4.12
O7 17F NA . 4.92 10.47 -4.40
C8 17F NA . 3.19 8.96 -4.20
O8 17F NA . 5.48 8.36 -3.75
C9 17F NA . 2.80 7.52 -3.77
O9 17F NA . 6.02 12.45 -6.23
C10 17F NA . 1.28 7.19 -3.80
O10 17F NA . 5.36 11.23 -8.07
C11 17F NA . 0.59 7.23 -2.38
C12 17F NA . -0.94 6.89 -2.42
C17 17F NA . 5.87 12.21 -7.51
C18 17F NA . 6.42 13.35 -8.37
C19 17F NA . 5.37 14.38 -8.87
C20 17F NA . 4.01 14.32 -8.08
C1X 17F NA . -1.51 6.95 -1.00
C1Y 17F NA . 3.01 15.37 -8.60
C1Z 17F NA . 2.20 14.81 -9.78
C2X 17F NA . -3.07 6.63 -0.95
C21 17F NA . -3.63 6.75 0.51
C22 17F NA . -4.21 7.80 0.99
C23 17F NA . -4.48 9.07 0.29
C24 17F NA . -5.27 10.08 1.10
C25 17F NA . -5.57 11.41 0.44
C26 17F NA . -6.91 11.47 -0.43
C27 17F NA . -7.20 12.80 -1.10
C28 17F NA . -8.56 12.64 -1.90
C29 17F NA . -8.37 13.14 -3.27
C30 17F NA . -9.60 13.04 -4.14
C31 17F NA . 1.36 13.51 -9.51
C32 17F NA . 0.56 12.99 -10.73
C33 17F NA . -0.92 13.32 -10.53
C34 17F NA . -1.88 13.01 -11.38
C35 17F NA . -1.75 12.30 -12.71
C36 17F NA . -2.29 13.10 -13.93
C37 17F NA . -2.93 12.16 -14.89
C38 17F NA . -2.88 12.61 -16.37
C39 17F NA . -3.55 11.59 -17.31
C40 17F NA . -3.16 11.86 -18.76
C41 17F NA . -2.29 10.68 -19.33
C42 17F NA . -2.37 10.36 -20.84
C1 17F OA . 11.10 -7.71 -3.58
N1 17F OA . 8.62 -7.60 -3.86
O1 17F OA . 12.84 -9.52 -5.09
P1 17F OA . 11.87 -8.61 -5.81
C2 17F OA . 9.77 -7.07 -3.15
O2 17F OA . 12.35 -7.98 -7.09
C3 17F OA . 9.86 -5.54 -3.37
O3 17F OA . 11.35 -7.46 -4.92
C4 17F OA . 9.49 -8.76 -6.91
O4 17F OA . 10.76 -4.89 -2.85
C5 17F OA . 8.29 -9.69 -7.21
O5 17F OA . 9.00 -4.89 -4.09
C6 17F OA . 7.28 -9.67 -6.04
O6 17F OA . 10.55 -9.41 -6.22
C7 17F OA . 5.23 -10.62 -5.41
O7 17F OA . 6.17 -10.52 -6.30
C8 17F OA . 4.16 -11.61 -5.90
O8 17F OA . 5.13 -10.08 -4.33
C9 17F OA . 4.44 -13.09 -5.53
O9 17F OA . 7.65 -9.38 -8.46
C10 17F OA . 3.39 -14.15 -5.99
O10 17F OA . 8.65 -11.25 -9.37
C11 17F OA . 2.72 -13.87 -7.39
C12 17F OA . 1.67 -14.96 -7.80
C17 17F OA . 7.84 -10.31 -9.37
C18 17F OA . 6.92 -10.13 -10.55
C19 17F OA . 7.62 -10.18 -11.94
C20 17F OA . 6.59 -10.33 -13.12
C1X 17F OA . 1.05 -14.63 -9.16
C1Y 17F OA . 7.31 -10.38 -14.49
C1Z 17F OA . 6.31 -10.69 -15.60
C2X 17F OA . -0.03 -15.73 -9.62
C21 17F OA . -1.41 -15.51 -8.92
C22 17F OA . -2.25 -14.58 -9.26
C23 17F OA . -2.10 -13.58 -10.32
C24 17F OA . -3.38 -12.79 -10.61
C25 17F OA . -3.28 -11.73 -11.70
C26 17F OA . -4.65 -11.02 -12.11
C27 17F OA . -4.53 -9.98 -13.20
C28 17F OA . -5.96 -9.39 -13.46
C29 17F OA . -5.87 -7.92 -13.49
C30 17F OA . -7.16 -7.22 -13.75
C31 17F OA . 5.68 -9.47 -16.36
C32 17F OA . 4.67 -9.83 -17.48
C33 17F OA . 3.36 -9.09 -17.21
C34 17F OA . 2.28 -9.16 -17.96
C35 17F OA . 2.09 -9.99 -19.22
C36 17F OA . 1.04 -11.13 -19.11
C37 17F OA . 0.87 -11.77 -20.43
C38 17F OA . 1.49 -13.19 -20.54
C39 17F OA . 1.29 -13.80 -21.93
C40 17F OA . 2.51 -14.62 -22.34
C41 17F OA . 2.41 -15.06 -23.86
C42 17F OA . 3.12 -14.23 -24.92
C1 17F PA . 1.54 17.39 9.78
N1 17F PA . 3.28 17.49 11.59
O1 17F PA . 1.34 15.60 7.12
P1 17F PA . 2.24 16.76 7.42
C2 17F PA . 2.20 18.20 10.92
O2 17F PA . 3.59 16.78 6.75
C3 17F PA . 1.13 18.59 11.96
O3 17F PA . 2.53 16.89 8.94
C4 17F PA . 2.26 19.38 7.23
O4 17F PA . 0.11 19.20 11.62
C5 17F PA . 1.45 20.63 6.79
O5 17F PA . 1.25 18.30 13.21
C6 17F PA . 2.41 21.65 6.12
O6 17F PA . 1.57 18.15 7.03
C7 17F PA . 1.96 23.36 4.56
O7 17F PA . 1.74 22.83 5.71
C8 17F PA . 1.15 24.66 4.47
O8 17F PA . 2.68 23.00 3.65
C9 17F PA . 0.06 24.67 3.38
O9 17F PA . 0.35 20.31 5.93
C10 17F PA . -0.78 25.98 3.31
O10 17F PA . -1.14 21.14 7.50
C11 17F PA . -1.37 26.39 4.72
C12 17F PA . -2.20 27.71 4.70
C17 17F PA . -0.80 20.81 6.35
C18 17F PA . -1.79 20.98 5.21
C19 17F PA . -2.25 22.44 4.97
C20 17F PA . -3.37 22.55 3.86
C1X 17F PA . -2.71 27.98 6.13
C1Y 17F PA . -3.79 24.03 3.65
C1Z 17F PA . -5.26 24.13 3.23
C2X 17F PA . -3.59 29.31 6.26
C21 17F PA . -3.53 29.91 7.70
C22 17F PA . -3.50 31.17 7.97
C23 17F PA . -3.53 32.30 7.04
C24 17F PA . -4.92 32.69 6.56
C25 17F PA . -5.01 33.86 5.59
C26 17F PA . -6.47 34.45 5.35
C27 17F PA . -6.54 35.62 4.39
C28 17F PA . -8.06 36.04 4.30
C29 17F PA . -8.15 37.32 3.58
C30 17F PA . -9.55 37.83 3.41
C31 17F PA . -5.53 24.78 1.83
C32 17F PA . -7.02 24.87 1.41
C33 17F PA . -7.28 26.24 0.77
C34 17F PA . -8.44 26.63 0.29
C35 17F PA . -9.74 25.86 0.30
C36 17F PA . -9.88 24.79 -0.81
C37 17F PA . -11.07 25.08 -1.65
C38 17F PA . -10.82 25.04 -3.18
C39 17F PA . -12.09 25.36 -3.98
C40 17F PA . -12.01 26.76 -4.59
C41 17F PA . -13.32 27.60 -4.27
C42 17F PA . -14.63 27.20 -4.95
C1 17F QA . -8.25 -6.31 25.48
N1 17F QA . -6.22 -5.26 24.41
O1 17F QA . -8.36 -3.39 24.08
P1 17F QA . -9.41 -4.47 24.16
C2 17F QA . -6.78 -5.88 25.60
O2 17F QA . -10.42 -4.34 25.28
C3 17F QA . -5.91 -7.09 25.99
O3 17F QA . -8.80 -5.89 24.26
C4 17F QA . -11.33 -5.49 22.68
O4 17F QA . -6.19 -7.78 26.97
C5 17F QA . -12.08 -5.40 21.31
O5 17F QA . -4.87 -7.44 25.32
C6 17F QA . -12.63 -3.96 21.15
O6 17F QA . -10.27 -4.54 22.83
C7 17F QA . -14.56 -3.39 19.97
O7 17F QA . -13.32 -3.78 19.93
C8 17F QA . -15.09 -3.24 18.53
O8 17F QA . -15.25 -3.13 20.93
C9 17F QA . -16.38 -2.37 18.44
O9 17F QA . -11.24 -5.77 20.20
C10 17F QA . -16.99 -2.17 17.01
O10 17F QA . -10.99 -8.00 20.69
C11 17F QA . -18.01 -0.97 16.90
C12 17F QA . -18.60 -0.81 15.44
C17 17F QA . -11.28 -7.06 19.95
C18 17F QA . -11.79 -7.35 18.55
C19 17F QA . -13.18 -8.03 18.49
C20 17F QA . -14.33 -7.00 18.18
C1X 17F QA . -19.58 0.36 15.39
C1Y 17F QA . -15.70 -7.70 18.12
C1Z 17F QA . -16.84 -6.68 18.27
C2X 17F QA . -20.20 0.56 13.91
C21 17F QA . -20.38 2.06 13.54
C22 17F QA . -21.00 2.47 12.48
C23 17F QA . -21.66 1.65 11.46
C24 17F QA . -23.04 2.14 11.04
C25 17F QA . -23.76 1.32 9.98
C26 17F QA . -24.76 2.12 9.02
C27 17F QA . -25.45 1.26 7.98
C28 17F QA . -26.38 2.21 7.13
C29 17F QA . -26.89 1.46 5.97
C30 17F QA . -27.80 2.23 5.07
C31 17F QA . -17.47 -6.54 19.70
C32 17F QA . -18.61 -5.50 19.84
C33 17F QA . -19.74 -5.86 18.86
C34 17F QA . -20.86 -5.16 18.74
C35 17F QA . -21.25 -3.93 19.50
C36 17F QA . -21.89 -2.81 18.63
C37 17F QA . -22.27 -1.68 19.51
C38 17F QA . -21.69 -0.30 19.06
C39 17F QA . -22.12 0.82 20.03
C40 17F QA . -21.16 2.01 19.91
C41 17F QA . -21.33 2.99 21.13
C42 17F QA . -20.39 2.84 22.34
C1 17F RA . 8.63 3.75 1.22
N1 17F RA . 8.11 1.48 2.21
O1 17F RA . 6.72 5.81 2.19
P1 17F RA . 6.26 4.43 1.78
C2 17F RA . 9.14 2.35 1.63
O2 17F RA . 5.92 3.46 2.89
C3 17F RA . 10.29 2.50 2.63
O3 17F RA . 7.28 3.70 0.88
C4 17F RA . 4.35 3.34 0.36
O4 17F RA . 11.27 3.19 2.36
C5 17F RA . 3.10 3.63 -0.51
O5 17F RA . 10.29 1.93 3.79
C6 17F RA . 3.51 3.74 -2.00
O6 17F RA . 4.97 4.50 0.88
C7 17F RA . 2.17 3.21 -3.83
O7 17F RA . 2.41 4.01 -2.84
C8 17F RA . 0.92 3.71 -4.57
O8 17F RA . 2.77 2.22 -4.19
C9 17F RA . 1.16 4.00 -6.08
O9 17F RA . 2.06 2.67 -0.33
C10 17F RA . -0.10 4.52 -6.87
O10 17F RA . 0.26 4.08 0.01
C11 17F RA . -1.44 3.82 -6.46
C12 17F RA . -2.67 4.37 -7.28
C17 17F RA . 1.03 3.17 0.33
C18 17F RA . 0.84 2.48 1.66
C19 17F RA . 0.39 1.00 1.57
C20 17F RA . 0.18 0.34 2.98
C1X 17F RA . -3.95 3.64 -6.83
C1Y 17F RA . -0.27 -1.14 2.85
C1Z 17F RA . -1.44 -1.29 1.86
C2X 17F RA . -5.23 4.16 -7.64
C21 17F RA . -6.44 4.45 -6.69
C22 17F RA . -6.76 5.63 -6.27
C23 17F RA . -6.10 6.90 -6.58
C24 17F RA . -5.48 7.60 -5.37
C25 17F RA . -4.79 8.92 -5.65
C26 17F RA . -5.72 10.22 -5.60
C27 17F RA . -5.00 11.52 -5.87
C28 17F RA . -6.04 12.68 -5.78
C29 17F RA . -6.37 13.13 -7.15
C30 17F RA . -7.36 14.25 -7.21
C31 17F RA . -1.43 -2.57 0.95
C32 17F RA . -2.61 -2.68 -0.05
C33 17F RA . -2.26 -1.93 -1.33
C34 17F RA . -3.05 -1.83 -2.39
C35 17F RA . -4.43 -2.43 -2.56
C36 17F RA . -5.58 -1.40 -2.64
C37 17F RA . -6.28 -1.55 -3.94
C38 17F RA . -6.51 -0.23 -4.72
C39 17F RA . -7.23 -0.48 -6.05
C40 17F RA . -8.55 0.32 -6.10
C41 17F RA . -9.33 0.01 -7.43
C42 17F RA . -10.88 -0.02 -7.40
C1 PCW SA . -38.33 6.94 3.00
C2 PCW SA . -36.85 6.48 3.30
C3 PCW SA . -36.79 4.93 3.53
C4 PCW SA . -40.17 4.77 0.82
C5 PCW SA . -40.07 3.84 -0.37
C6 PCW SA . -40.81 1.64 -1.45
C7 PCW SA . -42.43 3.06 -0.30
C8 PCW SA . -41.46 3.45 -1.83
C11 PCW SA . -35.00 3.31 3.34
C12 PCW SA . -33.56 3.12 3.72
C13 PCW SA . -33.47 2.91 5.27
C14 PCW SA . -32.06 2.70 5.82
C15 PCW SA . -31.76 3.36 7.19
C16 PCW SA . -30.32 3.00 7.69
C17 PCW SA . -29.98 3.28 9.19
C18 PCW SA . -28.94 2.32 9.76
C19 PCW SA . -28.69 2.53 11.28
C20 PCW SA . -27.77 3.47 11.75
C21 PCW SA . -26.85 4.42 11.08
C22 PCW SA . -25.56 4.49 11.93
C23 PCW SA . -24.67 5.75 11.77
C24 PCW SA . -23.63 5.97 12.83
C25 PCW SA . -23.14 7.40 13.18
C26 PCW SA . -21.65 7.55 13.44
C27 PCW SA . -20.72 7.68 12.21
C28 PCW SA . -19.28 7.55 12.65
C31 PCW SA . -34.87 7.48 2.47
C32 PCW SA . -34.06 7.71 1.17
C33 PCW SA . -32.93 6.62 0.88
C34 PCW SA . -31.68 7.19 0.22
C35 PCW SA . -31.17 8.34 1.19
C36 PCW SA . -29.63 8.40 1.30
C37 PCW SA . -29.08 9.50 2.25
C38 PCW SA . -27.67 9.26 2.67
C39 PCW SA . -27.17 10.34 3.59
C40 PCW SA . -25.91 10.67 3.87
C41 PCW SA . -24.70 9.98 3.28
C42 PCW SA . -23.52 10.04 4.36
C43 PCW SA . -23.78 9.48 5.74
C44 PCW SA . -22.50 9.66 6.53
C45 PCW SA . -21.62 8.44 6.64
C46 PCW SA . -22.21 7.33 7.46
C47 PCW SA . -21.30 6.65 8.45
C48 PCW SA . -22.03 5.53 9.21
N PCW SA . -41.04 2.79 -0.55
O2 PCW SA . -35.97 6.79 2.14
O3 PCW SA . -35.44 4.53 3.80
O11 PCW SA . -35.67 2.52 2.72
O31 PCW SA . -34.55 7.89 3.61
O1P PCW SA . -40.20 7.55 0.02
O2P PCW SA . -37.83 7.09 -0.59
O3P PCW SA . -38.45 7.76 1.81
O4P PCW SA . -38.94 5.55 0.86
P PCW SA . -38.88 7.01 0.45
C1 PCW TA . -31.58 -3.40 -3.88
C2 PCW TA . -30.34 -3.36 -2.91
C3 PCW TA . -29.59 -1.99 -3.06
C4 PCW TA . -35.38 -3.51 -0.97
C5 PCW TA . -36.09 -4.81 -1.39
C6 PCW TA . -38.26 -6.15 -1.58
C7 PCW TA . -38.33 -3.73 -1.20
C8 PCW TA . -37.67 -4.63 -2.67
C11 PCW TA . -28.59 -1.29 -0.98
C12 PCW TA . -27.28 -1.33 -0.23
C13 PCW TA . -27.51 -0.80 1.24
C14 PCW TA . -26.27 -0.79 2.13
C15 PCW TA . -25.42 -2.09 2.16
C16 PCW TA . -23.88 -1.76 2.14
C17 PCW TA . -22.88 -2.90 2.54
C18 PCW TA . -21.50 -2.40 2.93
C19 PCW TA . -21.24 -2.45 4.46
C20 PCW TA . -20.02 -2.08 5.01
C21 PCW TA . -18.75 -1.58 4.42
C22 PCW TA . -17.62 -1.88 5.46
C23 PCW TA . -17.29 -3.36 5.75
C24 PCW TA . -15.85 -3.77 5.79
C25 PCW TA . -15.27 -4.75 4.75
C26 PCW TA . -14.73 -6.07 5.27
C27 PCW TA . -13.28 -6.10 5.80
C28 PCW TA . -12.31 -5.86 4.65
C31 PCW TA . -31.20 -4.70 -1.16
C32 PCW TA . -31.62 -4.66 0.33
C33 PCW TA . -30.45 -4.37 1.38
C34 PCW TA . -29.06 -4.77 0.87
C35 PCW TA . -28.38 -5.50 2.09
C36 PCW TA . -26.86 -5.72 1.86
C37 PCW TA . -26.12 -6.44 3.03
C38 PCW TA . -25.41 -5.47 3.92
C39 PCW TA . -24.67 -6.13 5.05
C40 PCW TA . -23.61 -6.94 4.97
C41 PCW TA . -22.93 -7.33 3.66
C42 PCW TA . -21.65 -6.40 3.47
C43 PCW TA . -20.41 -7.03 2.87
C44 PCW TA . -19.34 -5.94 2.80
C45 PCW TA . -17.92 -6.45 2.74
C46 PCW TA . -17.23 -6.13 1.43
C47 PCW TA . -16.42 -4.86 1.41
C48 PCW TA . -15.79 -4.65 0.03
N PCW TA . -37.52 -4.92 -1.22
O2 PCW TA . -30.79 -3.48 -1.50
O3 PCW TA . -28.46 -1.95 -2.17
O11 PCW TA . -29.59 -0.72 -0.61
O31 PCW TA . -31.24 -5.72 -1.90
O1P PCW TA . -35.17 -2.32 -3.88
O2P PCW TA . -34.05 -1.65 -2.30
O3P PCW TA . -32.55 -2.37 -3.60
O4P PCW TA . -34.12 -3.46 -1.71
P PCW TA . -33.99 -2.89 -3.11
C1 PCW UA . -29.11 6.50 -11.05
C2 PCW UA . -28.44 6.77 -9.65
C3 PCW UA . -28.28 5.41 -8.87
C4 PCW UA . -30.79 10.67 -10.08
C5 PCW UA . -31.83 10.99 -9.00
C6 PCW UA . -32.26 10.34 -6.59
C7 PCW UA . -30.59 12.06 -7.13
C8 PCW UA . -32.41 12.12 -7.40
C11 PCW UA . -27.65 4.65 -6.69
C12 PCW UA . -26.96 5.09 -5.43
C13 PCW UA . -25.63 4.28 -5.28
C14 PCW UA . -24.79 4.62 -4.04
C15 PCW UA . -23.63 3.64 -3.73
C16 PCW UA . -22.91 4.03 -2.40
C17 PCW UA . -21.37 3.72 -2.30
C18 PCW UA . -20.51 4.61 -3.19
C19 PCW UA . -20.17 5.97 -2.52
C20 PCW UA . -19.08 6.12 -1.67
C21 PCW UA . -18.06 5.16 -1.19
C22 PCW UA . -18.18 5.12 0.37
C23 PCW UA . -16.87 4.93 1.18
C24 PCW UA . -15.69 4.33 0.48
C25 PCW UA . -14.29 4.25 1.17
C26 PCW UA . -13.74 2.87 1.43
C27 PCW UA . -12.74 2.30 0.40
C28 PCW UA . -11.80 1.33 1.08
C31 PCW UA . -26.79 8.35 -9.03
C32 PCW UA . -25.37 8.81 -9.35
C33 PCW UA . -24.78 9.96 -8.39
C34 PCW UA . -25.52 11.29 -8.54
C35 PCW UA . -24.63 12.34 -7.77
C36 PCW UA . -25.04 12.48 -6.29
C37 PCW UA . -24.21 13.51 -5.45
C38 PCW UA . -24.37 13.28 -3.99
C39 PCW UA . -23.58 14.26 -3.16
C40 PCW UA . -23.82 14.62 -1.91
C41 PCW UA . -24.97 14.09 -1.07
C42 PCW UA . -24.60 14.24 0.48
C43 PCW UA . -23.39 13.51 1.01
C44 PCW UA . -23.27 13.83 2.49
C45 PCW UA . -22.15 14.76 2.87
C46 PCW UA . -21.10 14.13 3.74
C47 PCW UA . -21.04 14.60 5.17
C48 PCW UA . -19.93 13.88 5.94
N PCW UA . -31.45 11.01 -7.63
O2 PCW UA . -27.08 7.33 -9.84
O3 PCW UA . -27.67 5.66 -7.59
O11 PCW UA . -28.10 3.55 -6.88
O31 PCW UA . -27.55 8.85 -8.14
O1P PCW UA . -31.81 8.88 -12.17
O2P PCW UA . -31.77 7.20 -10.32
O3P PCW UA . -29.64 7.69 -11.68
O4P PCW UA . -30.53 9.24 -10.02
P PCW UA . -31.03 8.24 -11.07
C1 17F VA . -33.12 -3.20 -11.44
N1 17F VA . -33.02 -4.61 -9.37
O1 17F VA . -31.77 -0.63 -11.63
P1 17F VA . -30.98 -1.91 -11.86
C2 17F VA . -33.68 -3.50 -10.03
O2 17F VA . -30.50 -2.16 -13.27
C3 17F VA . -35.19 -3.76 -10.10
O3 17F VA . -31.74 -3.18 -11.41
C4 17F VA . -28.79 -3.07 -11.05
O4 17F VA . -35.96 -2.97 -10.62
C5 17F VA . -27.55 -2.98 -10.12
O5 17F VA . -35.72 -4.85 -9.63
C6 17F VA . -26.36 -3.71 -10.81
O6 17F VA . -29.67 -1.95 -10.98
C7 17F VA . -24.03 -3.76 -10.61
O7 17F VA . -25.18 -3.67 -10.02
C8 17F VA . -22.94 -3.76 -9.52
O8 17F VA . -23.75 -3.86 -11.78
C9 17F VA . -23.04 -4.98 -8.55
O9 17F VA . -27.20 -1.64 -9.77
C10 17F VA . -21.97 -5.07 -7.41
O10 17F VA . -28.76 -0.89 -8.26
C11 17F VA . -21.05 -3.79 -7.22
C12 17F VA . -20.01 -4.00 -6.06
C17 17F VA . -27.64 -1.30 -8.58
C18 17F VA . -26.58 -1.46 -7.51
C19 17F VA . -26.64 -2.81 -6.75
C20 17F VA . -25.23 -3.22 -6.18
C1X 17F VA . -19.12 -2.75 -5.90
C1Y 17F VA . -25.33 -4.58 -5.44
C1Z 17F VA . -23.99 -4.90 -4.76
C2X 17F VA . -18.03 -2.91 -4.72
C21 17F VA . -18.31 -4.11 -3.77
C22 17F VA . -17.44 -5.04 -3.48
C23 17F VA . -16.06 -5.16 -3.99
C24 17F VA . -15.09 -5.81 -3.01
C25 17F VA . -13.65 -5.96 -3.46
C26 17F VA . -12.70 -6.82 -2.51
C27 17F VA . -11.28 -6.94 -2.99
C28 17F VA . -10.51 -7.82 -1.92
C29 17F VA . -9.64 -8.78 -2.63
C30 17F VA . -8.85 -9.67 -1.72
C31 17F VA . -23.64 -6.42 -4.59
C32 17F VA . -22.28 -6.73 -3.89
C33 17F VA . -22.28 -8.14 -3.35
C34 17F VA . -21.27 -8.70 -2.69
C35 17F VA . -19.95 -8.06 -2.36
C36 17F VA . -18.72 -8.99 -2.56
C37 17F VA . -18.10 -8.68 -3.87
C38 17F VA . -16.88 -9.56 -4.22
C39 17F VA . -16.28 -9.18 -5.59
C40 17F VA . -14.97 -8.44 -5.40
C41 17F VA . -13.74 -9.40 -5.61
C42 17F VA . -12.36 -8.81 -5.91
PG GNP WA . 31.57 6.08 4.57
O1G GNP WA . 30.51 5.25 3.85
O2G GNP WA . 30.98 7.13 5.44
O3G GNP WA . 32.54 6.78 3.69
N3B GNP WA . 32.50 5.08 5.46
PB GNP WA . 32.01 3.98 6.52
O1B GNP WA . 30.92 3.12 5.99
O2B GNP WA . 31.61 4.70 7.72
O3A GNP WA . 33.24 3.10 6.89
PA GNP WA . 33.84 1.78 6.28
O1A GNP WA . 34.41 2.00 4.93
O2A GNP WA . 32.89 0.67 6.46
O5' GNP WA . 35.09 1.42 7.13
C5' GNP WA . 36.22 2.32 7.17
C4' GNP WA . 37.47 1.52 7.43
O4' GNP WA . 37.39 0.97 8.79
C3' GNP WA . 37.66 0.32 6.50
O3' GNP WA . 39.01 0.27 6.05
C2' GNP WA . 37.24 -0.88 7.34
O2' GNP WA . 37.85 -2.11 7.04
C1' GNP WA . 37.53 -0.46 8.78
N9 GNP WA . 36.57 -1.01 9.77
C8 GNP WA . 35.23 -0.75 9.79
N7 GNP WA . 34.61 -1.36 10.77
C5 GNP WA . 35.61 -2.06 11.45
C6 GNP WA . 35.55 -2.90 12.60
O6 GNP WA . 34.59 -3.22 13.27
N1 GNP WA . 36.77 -3.42 12.96
C2 GNP WA . 37.95 -3.16 12.30
N2 GNP WA . 39.02 -3.77 12.83
N3 GNP WA . 38.04 -2.38 11.23
C4 GNP WA . 36.83 -1.85 10.85
MG MG XA . 27.95 2.28 2.91
CAC EWS YA . 13.47 6.03 0.21
CAD EWS YA . 11.95 6.28 0.18
CAE EWS YA . 13.92 5.18 -0.98
CAF EWS YA . 13.58 5.93 -2.29
CAH EWS YA . 11.37 6.30 -1.25
CAI EWS YA . 10.06 7.11 -1.26
CAJ EWS YA . 9.44 7.11 -2.50
CAK EWS YA . 8.62 6.01 -2.87
CAL EWS YA . 9.62 8.21 -3.39
CAM EWS YA . 8.99 8.21 -4.64
CAN EWS YA . 8.19 7.10 -4.99
CAO EWS YA . 7.99 6.01 -4.13
CAQ EWS YA . 14.07 2.55 2.93
CAR EWS YA . 13.67 1.42 3.69
CAS EWS YA . 14.05 1.32 5.04
CAT EWS YA . 14.82 2.36 5.61
CAU EWS YA . 15.16 3.42 4.84
CAV EWS YA . 14.80 3.53 3.54
CAX EWS YA . 15.96 5.29 4.09
CAZ EWS YA . 15.12 5.27 1.90
NAA EWS YA . 13.84 5.42 1.50
NAG EWS YA . 12.39 6.81 -2.22
NAW EWS YA . 15.87 4.50 5.16
OAB EWS YA . 16.08 5.58 1.19
CBA EWS YA . 15.30 4.68 3.10
CLA EWS YA . 7.42 7.09 -6.55
BRA EWS YA . 12.64 0.08 2.89
HAC EWS YA . 13.97 7.00 0.14
HAD EWS YA . 11.49 5.44 0.68
HAE EWS YA . 11.75 7.25 0.65
HAF EWS YA . 15.00 5.11 -0.93
HAG EWS YA . 13.40 4.22 -0.97
HAI EWS YA . 14.42 6.58 -2.49
HAH EWS YA . 13.40 5.19 -3.07
HAJ EWS YA . 11.13 5.28 -1.52
HAL EWS YA . 9.40 6.62 -0.55
HAK EWS YA . 10.30 8.14 -0.99
HAM EWS YA . 8.49 5.17 -2.20
HAN EWS YA . 10.25 9.06 -3.09
HAO EWS YA . 9.12 9.05 -5.31
HAP EWS YA . 7.37 5.17 -4.43
HAQ EWS YA . 13.80 2.65 1.87
HAS EWS YA . 13.76 0.46 5.65
HAT EWS YA . 15.12 2.31 6.67
HAX EWS YA . 16.49 6.24 4.03
HAA EWS YA . 13.09 5.10 2.09
HAZ EWS YA . 12.67 7.72 -1.94
HAY EWS YA . 11.96 6.86 -3.12
HAW EWS YA . 16.26 4.70 6.05
C1 PCW ZA . 18.23 -3.77 -21.32
C2 PCW ZA . 16.86 -3.66 -22.11
C3 PCW ZA . 17.13 -3.28 -23.60
C4 PCW ZA . 18.48 -7.49 -18.69
C5 PCW ZA . 18.93 -7.50 -17.23
C6 PCW ZA . 18.58 -7.99 -14.90
C7 PCW ZA . 16.92 -8.56 -16.44
C8 PCW ZA . 17.17 -6.34 -15.95
C11 PCW ZA . 15.62 -4.10 -25.29
C12 PCW ZA . 14.28 -3.82 -25.90
C13 PCW ZA . 14.47 -3.64 -27.44
C14 PCW ZA . 13.19 -3.34 -28.23
C15 PCW ZA . 13.01 -1.87 -28.69
C16 PCW ZA . 13.44 -1.68 -30.19
C17 PCW ZA . 12.31 -1.51 -31.25
C18 PCW ZA . 12.82 -0.98 -32.59
C19 PCW ZA . 11.93 -1.42 -33.79
C20 PCW ZA . 10.84 -0.67 -34.22
C21 PCW ZA . 10.25 0.60 -33.73
C22 PCW ZA . 8.71 0.40 -33.68
C23 PCW ZA . 7.85 1.28 -34.64
C24 PCW ZA . 6.80 2.13 -34.00
C25 PCW ZA . 5.31 1.97 -34.37
C26 PCW ZA . 4.30 2.22 -33.27
C27 PCW ZA . 2.81 2.03 -33.58
C28 PCW ZA . 2.02 3.24 -33.13
C31 PCW ZA . 15.01 -4.98 -21.43
C32 PCW ZA . 14.40 -6.38 -21.53
C33 PCW ZA . 14.37 -7.23 -20.16
C34 PCW ZA . 13.24 -6.82 -19.21
C35 PCW ZA . 11.91 -6.84 -20.06
C36 PCW ZA . 10.73 -6.15 -19.33
C37 PCW ZA . 9.38 -6.14 -20.11
C38 PCW ZA . 9.33 -5.05 -21.13
C39 PCW ZA . 8.02 -5.02 -21.89
C40 PCW ZA . 7.65 -4.11 -22.77
C41 PCW ZA . 8.49 -2.92 -23.18
C42 PCW ZA . 8.57 -2.88 -24.77
C43 PCW ZA . 9.64 -2.02 -25.42
C44 PCW ZA . 9.47 -2.17 -26.93
C45 PCW ZA . 8.71 -1.08 -27.61
C46 PCW ZA . 9.58 -0.03 -28.24
C47 PCW ZA . 9.06 0.60 -29.51
C48 PCW ZA . 10.04 1.65 -30.06
N PCW ZA . 17.95 -7.59 -16.19
O2 PCW ZA . 16.15 -4.97 -22.11
O3 PCW ZA . 15.89 -3.18 -24.32
O11 PCW ZA . 16.36 -5.00 -25.59
O31 PCW ZA . 14.50 -3.99 -20.81
O1P PCW ZA . 20.65 -6.52 -20.37
O2P PCW ZA . 20.13 -4.35 -19.25
O3P PCW ZA . 18.80 -5.10 -21.32
O4P PCW ZA . 18.51 -6.10 -19.12
P PCW ZA . 19.60 -5.52 -19.98
C1 PCW AB . 13.63 -12.27 -15.19
C2 PCW AB . 12.23 -11.86 -15.79
C3 PCW AB . 12.30 -11.93 -17.36
C4 PCW AB . 14.57 -12.40 -10.36
C5 PCW AB . 15.27 -11.36 -9.47
C6 PCW AB . 14.17 -9.24 -9.60
C7 PCW AB . 15.17 -9.88 -7.60
C8 PCW AB . 13.22 -10.92 -8.18
C11 PCW AB . 10.78 -10.22 -18.10
C12 PCW AB . 9.44 -10.04 -18.77
C13 PCW AB . 9.66 -10.01 -20.33
C14 PCW AB . 8.40 -9.84 -21.17
C15 PCW AB . 8.58 -10.07 -22.70
C16 PCW AB . 8.24 -8.75 -23.50
C17 PCW AB . 8.28 -8.84 -25.07
C18 PCW AB . 8.52 -7.50 -25.76
C19 PCW AB . 9.27 -7.64 -27.10
C20 PCW AB . 9.18 -6.69 -28.12
C21 PCW AB . 8.42 -5.43 -28.23
C22 PCW AB . 8.88 -4.73 -29.55
C23 PCW AB . 7.79 -4.45 -30.63
C24 PCW AB . 7.65 -3.04 -31.10
C25 PCW AB . 6.46 -2.63 -32.02
C26 PCW AB . 5.85 -1.25 -31.76
C27 PCW AB . 4.37 -1.18 -31.36
C28 PCW AB . 4.18 -0.14 -30.27
C31 PCW AB . 11.35 -14.10 -15.62
C32 PCW AB . 10.16 -14.89 -15.06
C33 PCW AB . 8.95 -15.14 -16.08
C34 PCW AB . 8.17 -13.86 -16.40
C35 PCW AB . 8.40 -13.61 -17.94
C36 PCW AB . 7.09 -13.70 -18.76
C37 PCW AB . 7.24 -13.46 -20.30
C38 PCW AB . 5.92 -13.42 -20.98
C39 PCW AB . 6.05 -13.19 -22.47
C40 PCW AB . 5.64 -12.14 -23.16
C41 PCW AB . 4.94 -10.93 -22.54
C42 PCW AB . 3.44 -10.92 -23.07
C43 PCW AB . 3.00 -9.79 -23.98
C44 PCW AB . 1.54 -10.03 -24.32
C45 PCW AB . 1.17 -9.90 -25.77
C46 PCW AB . 1.72 -10.99 -26.65
C47 PCW AB . 2.46 -10.55 -27.89
C48 PCW AB . 2.97 -11.77 -28.69
N PCW AB . 14.50 -10.40 -8.75
O2 PCW AB . 11.16 -12.80 -15.32
O3 PCW AB . 11.04 -11.55 -17.94
O11 PCW AB . 11.52 -9.32 -17.78
O31 PCW AB . 12.33 -14.59 -16.25
O1P PCW AB . 15.70 -13.59 -12.74
O2P PCW AB . 15.73 -11.23 -13.54
O3P PCW AB . 13.59 -12.66 -13.79
O4P PCW AB . 14.36 -11.77 -11.65
P PCW AB . 14.92 -12.32 -12.94
C1 PCW BB . -6.45 -30.63 11.50
C2 PCW BB . -8.01 -30.58 11.27
C3 PCW BB . -8.74 -30.25 12.61
C4 PCW BB . -2.48 -30.18 11.47
C5 PCW BB . -1.29 -29.27 11.15
C6 PCW BB . 0.21 -30.32 9.39
C7 PCW BB . -0.65 -28.05 9.09
C8 PCW BB . 0.51 -28.66 10.40
C11 PCW BB . -10.87 -31.35 12.53
C12 PCW BB . -12.32 -31.08 12.26
C13 PCW BB . -13.04 -30.82 13.64
C14 PCW BB . -14.53 -30.53 13.54
C15 PCW BB . -15.44 -31.76 13.29
C16 PCW BB . -16.33 -31.55 12.00
C17 PCW BB . -17.70 -30.83 12.19
C18 PCW BB . -18.90 -31.76 12.02
C19 PCW BB . -20.21 -31.15 12.55
C20 PCW BB . -21.15 -30.56 11.72
C21 PCW BB . -21.20 -30.35 10.26
C22 PCW BB . -22.24 -31.36 9.69
C23 PCW BB . -21.75 -32.80 9.39
C24 PCW BB . -22.78 -33.78 8.91
C25 PCW BB . -22.60 -35.30 9.15
C26 PCW BB . -23.87 -36.10 9.43
C27 PCW BB . -23.83 -37.61 9.18
C28 PCW BB . -25.09 -38.05 8.44
C31 PCW BB . -9.16 -29.85 9.32
C32 PCW BB . -9.40 -28.61 8.44
C33 PCW BB . -10.92 -28.36 8.01
C34 PCW BB . -11.61 -27.27 8.83
C35 PCW BB . -11.48 -25.95 7.96
C36 PCW BB . -12.38 -25.96 6.71
C37 PCW BB . -12.30 -24.69 5.80
C38 PCW BB . -13.50 -24.57 4.92
C39 PCW BB . -13.46 -23.36 4.03
C40 PCW BB . -14.16 -22.24 4.18
C41 PCW BB . -15.15 -22.00 5.31
C42 PCW BB . -16.57 -22.55 4.86
C43 PCW BB . -17.80 -21.95 5.49
C44 PCW BB . -19.00 -22.65 4.89
C45 PCW BB . -19.88 -21.80 4.02
C46 PCW BB . -20.53 -22.56 2.90
C47 PCW BB . -21.53 -21.81 2.06
C48 PCW BB . -22.11 -22.71 0.95
N PCW BB . -0.73 -29.28 9.84
O2 PCW BB . -8.35 -29.49 10.31
O3 PCW BB . -10.16 -30.20 12.40
O11 PCW BB . -10.41 -32.42 12.83
O31 PCW BB . -9.65 -31.00 9.13
O1P PCW BB . -4.70 -29.08 9.96
O2P PCW BB . -4.60 -27.29 11.69
O3P PCW BB . -5.90 -29.47 12.15
O4P PCW BB . -3.47 -29.36 12.14
P PCW BB . -4.66 -28.76 11.42
C1 PCW CB . -31.81 5.69 -7.26
C2 PCW CB . -31.86 5.22 -5.75
C3 PCW CB . -31.01 3.92 -5.55
C4 PCW CB . -35.85 4.42 -6.83
C5 PCW CB . -36.38 3.02 -6.50
C6 PCW CB . -35.45 2.86 -4.12
C7 PCW CB . -37.41 1.55 -4.79
C8 PCW CB . -35.69 1.41 -5.44
C11 PCW CB . -31.74 2.34 -3.90
C12 PCW CB . -31.63 2.04 -2.42
C13 PCW CB . -32.07 3.33 -1.62
C14 PCW CB . -32.02 3.20 -0.10
C15 PCW CB . -30.59 3.23 0.52
C16 PCW CB . -30.59 3.93 1.92
C17 PCW CB . -29.44 4.96 2.23
C18 PCW CB . -29.45 5.49 3.66
C19 PCW CB . -30.87 5.87 4.16
C20 PCW CB . -31.14 7.05 4.84
C21 PCW CB . -30.28 8.19 5.24
C22 PCW CB . -29.55 7.77 6.55
C23 PCW CB . -28.86 8.88 7.38
C24 PCW CB . -27.39 8.75 7.61
C25 PCW CB . -26.74 9.27 8.92
C26 PCW CB . -25.34 8.76 9.21
C27 PCW CB . -24.60 9.36 10.42
C28 PCW CB . -23.51 10.29 9.94
C31 PCW CB . -32.08 6.75 -3.93
C32 PCW CB . -31.31 7.81 -3.12
C33 PCW CB . -31.76 9.32 -3.37
C34 PCW CB . -31.62 10.22 -2.14
C35 PCW CB . -30.08 10.44 -1.96
C36 PCW CB . -29.74 11.48 -0.86
C37 PCW CB . -28.21 11.75 -0.63
C38 PCW CB . -27.41 10.50 -0.69
C39 PCW CB . -25.93 10.70 -0.46
C40 PCW CB . -25.01 9.76 -0.29
C41 PCW CB . -25.31 8.27 -0.29
C42 PCW CB . -24.55 7.60 0.94
C43 PCW CB . -25.32 6.62 1.82
C44 PCW CB . -24.36 6.14 2.90
C45 PCW CB . -24.95 6.02 4.27
C46 PCW CB . -23.99 5.44 5.28
C47 PCW CB . -23.74 3.96 5.20
C48 PCW CB . -22.75 3.50 6.29
N PCW CB . -36.51 2.62 -5.13
O2 PCW CB . -31.26 6.27 -4.88
O3 PCW CB . -31.05 3.49 -4.19
O11 PCW CB . -32.31 1.67 -4.71
O31 PCW CB . -33.28 6.41 -3.75
O1P PCW CB . -34.33 6.68 -7.78
O2P PCW CB . -34.39 5.45 -9.95
O3P PCW CB . -32.59 4.89 -8.17
O4P PCW CB . -34.92 4.26 -7.94
P PCW CB . -34.09 5.39 -8.50
C1 PCW DB . -26.12 3.21 -17.70
C2 PCW DB . -25.06 3.27 -16.53
C3 PCW DB . -25.17 4.63 -15.75
C4 PCW DB . -30.07 3.28 -15.23
C5 PCW DB . -29.97 2.20 -14.16
C6 PCW DB . -28.10 0.99 -12.90
C7 PCW DB . -28.76 3.26 -12.26
C8 PCW DB . -29.78 1.73 -12.17
C11 PCW DB . -24.59 4.32 -13.44
C12 PCW DB . -23.41 4.40 -12.50
C13 PCW DB . -23.84 5.23 -11.23
C14 PCW DB . -22.74 5.42 -10.17
C15 PCW DB . -21.82 6.67 -10.33
C16 PCW DB . -20.58 6.59 -9.38
C17 PCW DB . -19.34 7.46 -9.74
C18 PCW DB . -18.26 7.46 -8.67
C19 PCW DB . -16.99 8.26 -9.08
C20 PCW DB . -15.71 7.77 -8.86
C21 PCW DB . -15.23 6.52 -8.24
C22 PCW DB . -14.70 5.62 -9.41
C23 PCW DB . -13.81 4.42 -9.04
C24 PCW DB . -12.51 4.73 -8.38
C25 PCW DB . -11.32 3.73 -8.40
C26 PCW DB . -10.27 3.91 -7.33
C27 PCW DB . -10.72 3.75 -5.86
C28 PCW DB . -9.56 4.00 -4.93
C31 PCW DB . -24.35 1.28 -15.49
C32 PCW DB . -24.74 0.23 -14.43
C33 PCW DB . -24.30 0.57 -12.93
C34 PCW DB . -23.46 -0.53 -12.29
C35 PCW DB . -22.32 0.22 -11.47
C36 PCW DB . -22.29 -0.20 -9.97
C37 PCW DB . -21.21 0.49 -9.09
C38 PCW DB . -21.06 1.96 -9.41
C39 PCW DB . -20.01 2.64 -8.56
C40 PCW DB . -18.68 2.47 -8.61
C41 PCW DB . -17.95 1.52 -9.54
C42 PCW DB . -18.17 2.03 -11.05
C43 PCW DB . -18.26 0.99 -12.15
C44 PCW DB . -18.47 1.73 -13.46
C45 PCW DB . -19.59 1.19 -14.32
C46 PCW DB . -19.84 2.01 -15.55
C47 PCW DB . -20.13 1.23 -16.80
C48 PCW DB . -20.36 2.17 -18.00
N PCW DB . -28.86 2.20 -13.25
O2 PCW DB . -25.32 2.19 -15.54
O3 PCW DB . -24.19 4.66 -14.69
O11 PCW DB . -25.71 4.00 -13.12
O31 PCW DB . -23.29 1.27 -16.18
O1P PCW DB . -28.34 4.81 -16.99
O2P PCW DB . -29.36 3.35 -18.74
O3P PCW DB . -27.34 2.53 -17.37
O4P PCW DB . -29.58 2.68 -16.46
P PCW DB . -28.68 3.40 -17.43
C1 PCW EB . -31.08 20.26 -4.68
C2 PCW EB . -30.10 21.10 -3.77
C3 PCW EB . -30.68 21.19 -2.32
C4 PCW EB . -33.97 21.95 -6.11
C5 PCW EB . -35.32 21.48 -6.60
C6 PCW EB . -35.90 23.25 -8.34
C7 PCW EB . -36.51 20.90 -8.69
C8 PCW EB . -37.13 22.03 -7.38
C11 PCW EB . -30.13 23.28 -1.29
C12 PCW EB . -29.11 23.95 -0.40
C13 PCW EB . -29.70 25.33 0.08
C14 PCW EB . -28.80 26.16 0.98
C15 PCW EB . -28.52 27.61 0.51
C16 PCW EB . -27.82 27.62 -0.90
C17 PCW EB . -26.43 28.31 -1.00
C18 PCW EB . -25.40 27.76 -0.02
C19 PCW EB . -25.05 28.76 1.10
C20 PCW EB . -23.97 28.58 1.96
C21 PCW EB . -22.95 27.51 2.07
C22 PCW EB . -22.53 27.45 3.57
C23 PCW EB . -21.07 27.90 3.92
C24 PCW EB . -20.84 29.36 4.07
C25 PCW EB . -19.59 29.88 4.82
C26 PCW EB . -18.28 29.84 4.05
C27 PCW EB . -17.10 29.07 4.70
C28 PCW EB . -16.05 28.79 3.65
C31 PCW EB . -27.96 20.68 -4.71
C32 PCW EB . -26.66 19.88 -4.48
C33 PCW EB . -26.14 19.07 -5.77
C34 PCW EB . -26.07 17.56 -5.54
C35 PCW EB . -24.59 17.29 -5.03
C36 PCW EB . -23.57 17.12 -6.18
C37 PCW EB . -22.09 16.87 -5.74
C38 PCW EB . -21.42 18.14 -5.32
C39 PCW EB . -19.99 17.94 -4.88
C40 PCW EB . -19.53 18.05 -3.65
C41 PCW EB . -20.38 18.41 -2.44
C42 PCW EB . -19.98 19.87 -1.96
C43 PCW EB . -20.69 20.45 -0.75
C44 PCW EB . -20.11 21.84 -0.53
C45 PCW EB . -18.86 21.91 0.31
C46 PCW EB . -18.08 23.19 0.14
C47 PCW EB . -16.77 23.07 -0.61
C48 PCW EB . -16.09 24.43 -0.72
N PCW EB . -35.75 21.84 -7.91
O2 PCW EB . -28.79 20.41 -3.69
O3 PCW EB . -29.80 21.97 -1.49
O11 PCW EB . -31.10 23.82 -1.76
O31 PCW EB . -28.19 21.47 -5.67
O1P PCW EB . -31.21 22.84 -6.16
O2P PCW EB . -31.17 21.60 -8.32
O3P PCW EB . -30.79 20.35 -6.09
O4P PCW EB . -32.96 21.16 -6.81
P PCW EB . -31.50 21.55 -6.88
C1 PCW FB . -25.45 -1.19 -20.82
C2 PCW FB . -25.11 -2.32 -19.77
C3 PCW FB . -26.42 -2.75 -19.03
C4 PCW FB . -23.54 -0.09 -23.53
C5 PCW FB . -23.20 1.23 -22.83
C6 PCW FB . -21.15 0.73 -21.40
C7 PCW FB . -21.33 2.84 -22.63
C8 PCW FB . -22.39 2.24 -21.25
C11 PCW FB . -26.45 -3.56 -16.76
C12 PCW FB . -26.03 -4.74 -15.93
C13 PCW FB . -24.46 -4.69 -15.76
C14 PCW FB . -23.88 -5.85 -14.93
C15 PCW FB . -22.50 -5.58 -14.26
C16 PCW FB . -21.33 -6.17 -15.12
C17 PCW FB . -20.67 -5.23 -16.17
C18 PCW FB . -19.17 -5.47 -16.33
C19 PCW FB . -18.35 -4.92 -15.15
C20 PCW FB . -17.73 -5.76 -14.23
C21 PCW FB . -17.65 -7.23 -14.09
C22 PCW FB . -16.19 -7.55 -13.68
C23 PCW FB . -15.83 -7.39 -12.17
C24 PCW FB . -15.77 -8.63 -11.35
C25 PCW FB . -14.60 -8.87 -10.34
C26 PCW FB . -14.80 -8.33 -8.94
C27 PCW FB . -14.88 -6.80 -8.75
C28 PCW FB . -13.57 -6.25 -8.24
C31 PCW FB . -23.25 -3.50 -20.67
C32 PCW FB . -22.86 -4.81 -21.38
C33 PCW FB . -22.26 -5.98 -20.44
C34 PCW FB . -23.08 -6.22 -19.17
C35 PCW FB . -23.54 -7.73 -19.23
C36 PCW FB . -24.90 -7.96 -18.55
C37 PCW FB . -25.45 -9.43 -18.55
C38 PCW FB . -24.97 -10.21 -19.74
C39 PCW FB . -25.50 -11.62 -19.73
C40 PCW FB . -25.03 -12.65 -19.03
C41 PCW FB . -23.86 -12.57 -18.08
C42 PCW FB . -23.10 -13.97 -18.10
C43 PCW FB . -21.63 -14.01 -17.75
C44 PCW FB . -21.19 -15.47 -17.85
C45 PCW FB . -19.88 -15.72 -18.56
C46 PCW FB . -18.68 -15.78 -17.65
C47 PCW FB . -17.51 -16.60 -18.14
C48 PCW FB . -16.36 -16.57 -17.12
N PCW FB . -21.86 1.51 -22.43
O2 PCW FB . -24.57 -3.52 -20.47
O3 PCW FB . -26.11 -3.77 -18.06
O11 PCW FB . -27.01 -2.58 -16.35
O31 PCW FB . -22.45 -2.57 -20.35
O1P PCW FB . -24.74 -2.77 -23.48
O2P PCW FB . -26.71 -1.53 -24.41
O3P PCW FB . -26.31 -1.62 -21.89
O4P PCW FB . -24.97 -0.26 -23.40
P PCW FB . -25.67 -1.60 -23.36
C1 PCW GB . -13.57 6.09 -30.96
C2 PCW GB . -12.50 6.47 -29.86
C3 PCW GB . -13.03 7.64 -28.98
C4 PCW GB . -14.28 5.48 -34.70
C5 PCW GB . -12.79 5.33 -35.06
C6 PCW GB . -12.52 3.67 -36.97
C7 PCW GB . -11.47 5.90 -37.08
C8 PCW GB . -11.11 4.53 -35.90
C11 PCW GB . -10.94 8.66 -28.38
C12 PCW GB . -10.06 8.94 -27.20
C13 PCW GB . -9.61 10.45 -27.24
C14 PCW GB . -8.71 10.91 -26.09
C15 PCW GB . -7.71 9.85 -25.52
C16 PCW GB . -6.60 9.54 -26.59
C17 PCW GB . -5.74 10.73 -27.10
C18 PCW GB . -4.63 10.30 -28.07
C19 PCW GB . -5.15 10.08 -29.51
C20 PCW GB . -5.26 11.11 -30.42
C21 PCW GB . -4.96 12.56 -30.32
C22 PCW GB . -3.70 12.83 -31.20
C23 PCW GB . -2.32 12.84 -30.49
C24 PCW GB . -1.55 11.56 -30.49
C25 PCW GB . -0.04 11.52 -30.89
C26 PCW GB . 0.48 10.20 -31.42
C27 PCW GB . 0.49 9.98 -32.96
C28 PCW GB . 1.79 10.47 -33.53
C31 PCW GB . -11.12 4.66 -29.20
C32 PCW GB . -11.02 3.49 -28.19
C33 PCW GB . -10.49 3.89 -26.73
C34 PCW GB . -11.40 3.39 -25.61
C35 PCW GB . -10.63 2.18 -24.96
C36 PCW GB . -10.65 2.23 -23.41
C37 PCW GB . -9.91 1.07 -22.70
C38 PCW GB . -8.44 1.31 -22.61
C39 PCW GB . -7.71 0.19 -21.92
C40 PCW GB . -6.62 0.30 -21.16
C41 PCW GB . -5.91 1.61 -20.88
C42 PCW GB . -5.21 1.48 -19.45
C43 PCW GB . -3.81 0.91 -19.39
C44 PCW GB . -3.39 0.91 -17.92
C45 PCW GB . -1.92 0.74 -17.67
C46 PCW GB . -1.25 1.98 -17.13
C47 PCW GB . -1.74 2.49 -15.80
C48 PCW GB . -0.99 3.76 -15.38
N PCW GB . -12.42 5.03 -36.40
O2 PCW GB . -12.26 5.30 -28.96
O3 PCW GB . -12.06 8.00 -27.98
O11 PCW GB . -10.69 8.97 -29.53
O31 PCW GB . -10.27 4.94 -30.09
O1P PCW GB . -16.01 5.69 -32.35
O2P PCW GB . -16.14 8.09 -33.03
O3P PCW GB . -14.16 7.23 -31.61
O4P PCW GB . -14.39 6.74 -33.97
P PCW GB . -15.26 6.93 -32.74
C1 PCW HB . -15.90 -2.45 -30.45
C2 PCW HB . -14.90 -3.31 -29.59
C3 PCW HB . -14.07 -4.25 -30.54
C4 PCW HB . -19.24 -2.55 -27.13
C5 PCW HB . -19.40 -3.72 -26.14
C6 PCW HB . -21.40 -4.67 -27.11
C7 PCW HB . -21.58 -3.32 -25.21
C8 PCW HB . -20.72 -5.41 -24.93
C11 PCW HB . -13.64 -5.88 -28.80
C12 PCW HB . -12.50 -6.62 -28.16
C13 PCW HB . -12.46 -8.06 -28.79
C14 PCW HB . -11.34 -8.96 -28.25
C15 PCW HB . -10.35 -9.51 -29.31
C16 PCW HB . -9.03 -8.66 -29.32
C17 PCW HB . -7.69 -9.43 -29.59
C18 PCW HB . -6.46 -8.79 -28.94
C19 PCW HB . -6.36 -9.09 -27.42
C20 PCW HB . -5.14 -9.09 -26.76
C21 PCW HB . -3.75 -8.85 -27.21
C22 PCW HB . -2.96 -10.18 -26.97
C23 PCW HB . -2.77 -11.13 -28.18
C24 PCW HB . -1.45 -11.84 -28.29
C25 PCW HB . -1.37 -13.37 -28.49
C26 PCW HB . -0.15 -14.07 -27.91
C27 PCW HB . -0.23 -14.54 -26.44
C28 PCW HB . -1.23 -15.66 -26.31
C31 PCW HB . -14.32 -2.07 -27.66
C32 PCW HB . -13.23 -1.15 -27.06
C33 PCW HB . -12.51 -0.15 -28.08
C34 PCW HB . -11.34 -0.78 -28.84
C35 PCW HB . -10.15 -0.85 -27.79
C36 PCW HB . -8.85 -1.41 -28.41
C37 PCW HB . -7.62 -1.52 -27.43
C38 PCW HB . -7.50 -0.31 -26.56
C39 PCW HB . -6.33 -0.38 -25.61
C40 PCW HB . -5.12 0.14 -25.80
C41 PCW HB . -4.71 0.91 -27.04
C42 PCW HB . -3.12 0.89 -27.15
C43 PCW HB . -2.43 -0.43 -27.46
C44 PCW HB . -0.94 -0.17 -27.51
C45 PCW HB . -0.10 -0.98 -26.55
C46 PCW HB . 0.70 -0.14 -25.60
C47 PCW HB . 2.02 -0.73 -25.14
C48 PCW HB . 2.74 0.23 -24.17
N PCW HB . -20.71 -4.26 -25.87
O2 PCW HB . -13.93 -2.42 -28.88
O3 PCW HB . -13.15 -5.05 -29.77
O11 PCW HB . -14.80 -6.01 -28.52
O31 PCW HB . -15.38 -2.42 -27.07
O1P PCW HB . -19.38 -1.37 -29.78
O2P PCW HB . -18.46 -3.59 -30.50
O3P PCW HB . -16.88 -1.73 -29.68
O4P PCW HB . -18.32 -3.00 -28.17
P PCW HB . -18.33 -2.43 -29.58
C1 PCW IB . -48.83 -2.77 14.80
C2 PCW IB . -47.52 -3.36 15.47
C3 PCW IB . -47.61 -3.22 17.03
C4 PCW IB . -46.34 -0.98 11.54
C5 PCW IB . -45.40 0.20 11.81
C6 PCW IB . -45.22 2.55 11.35
C7 PCW IB . -46.09 1.14 9.71
C8 PCW IB . -43.83 1.03 10.09
C11 PCW IB . -45.34 -2.95 17.79
C12 PCW IB . -44.21 -3.71 18.42
C13 PCW IB . -42.94 -3.58 17.50
C14 PCW IB . -41.68 -4.30 17.99
C15 PCW IB . -40.35 -3.53 17.80
C16 PCW IB . -39.75 -3.11 19.18
C17 PCW IB . -38.19 -3.01 19.29
C18 PCW IB . -37.57 -4.10 20.18
C19 PCW IB . -38.03 -4.02 21.66
C20 PCW IB . -37.29 -3.35 22.61
C21 PCW IB . -36.02 -2.59 22.54
C22 PCW IB . -34.94 -3.45 23.24
C23 PCW IB . -34.76 -3.28 24.78
C24 PCW IB . -33.48 -2.64 25.23
C25 PCW IB . -32.13 -3.40 25.12
C26 PCW IB . -31.08 -3.05 26.15
C27 PCW IB . -29.92 -2.14 25.72
C28 PCW IB . -29.91 -0.88 26.55
C31 PCW IB . -46.73 -5.10 14.07
C32 PCW IB . -46.72 -6.62 13.88
C33 PCW IB . -46.22 -7.46 15.15
C34 PCW IB . -44.88 -8.16 14.94
C35 PCW IB . -44.60 -8.94 16.29
C36 PCW IB . -43.10 -9.22 16.49
C37 PCW IB . -42.73 -10.00 17.79
C38 PCW IB . -41.53 -10.87 17.60
C39 PCW IB . -41.15 -11.63 18.84
C40 PCW IB . -39.92 -11.82 19.33
C41 PCW IB . -38.66 -11.28 18.67
C42 PCW IB . -37.72 -10.63 19.79
C43 PCW IB . -38.35 -10.15 21.09
C44 PCW IB . -37.22 -9.59 21.94
C45 PCW IB . -37.49 -8.25 22.56
C46 PCW IB . -37.65 -8.29 24.06
C47 PCW IB . -38.87 -9.02 24.58
C48 PCW IB . -38.91 -9.01 26.12
N PCW IB . -45.15 1.17 10.80
O2 PCW IB . -47.43 -4.82 15.16
O3 PCW IB . -46.42 -3.76 17.64
O11 PCW IB . -45.29 -1.80 17.46
O31 PCW IB . -46.16 -4.25 13.30
O1P PCW IB . -49.17 -1.55 11.20
O2P PCW IB . -49.36 -0.30 13.36
O3P PCW IB . -48.80 -2.82 13.36
O4P PCW IB . -47.20 -1.09 12.71
P PCW IB . -48.69 -1.39 12.62
C1 PCW JB . -22.81 -12.82 -22.42
C2 PCW JB . -21.48 -11.98 -22.25
C3 PCW JB . -21.79 -10.66 -21.45
C4 PCW JB . -23.85 -15.93 -24.03
C5 PCW JB . -25.24 -16.11 -24.65
C6 PCW JB . -24.87 -18.56 -25.24
C7 PCW JB . -27.13 -17.62 -25.26
C8 PCW JB . -25.71 -17.17 -26.35
C11 PCW JB . -20.24 -9.01 -22.28
C12 PCW JB . -18.96 -8.33 -21.89
C13 PCW JB . -19.26 -6.80 -21.79
C14 PCW JB . -18.07 -5.93 -21.38
C15 PCW JB . -16.76 -6.15 -22.19
C16 PCW JB . -15.52 -6.24 -21.22
C17 PCW JB . -14.09 -6.07 -21.85
C18 PCW JB . -13.06 -7.06 -21.30
C19 PCW JB . -12.11 -6.44 -20.26
C20 PCW JB . -11.59 -7.17 -19.20
C21 PCW JB . -11.75 -8.58 -18.79
C22 PCW JB . -10.41 -9.01 -18.11
C23 PCW JB . -10.00 -8.29 -16.79
C24 PCW JB . -11.02 -8.22 -15.70
C25 PCW JB . -10.63 -7.72 -14.28
C26 PCW JB . -10.64 -8.75 -13.16
C27 PCW JB . -10.08 -8.30 -11.79
C28 PCW JB . -10.79 -9.00 -10.65
C31 PCW JB . -19.25 -12.72 -21.98
C32 PCW JB . -18.32 -13.56 -21.08
C33 PCW JB . -17.03 -14.17 -21.81
C34 PCW JB . -15.72 -13.55 -21.33
C35 PCW JB . -15.56 -14.04 -19.83
C36 PCW JB . -14.22 -13.62 -19.21
C37 PCW JB . -13.97 -14.05 -17.73
C38 PCW JB . -12.78 -14.95 -17.59
C39 PCW JB . -12.54 -15.36 -16.16
C40 PCW JB . -11.37 -15.63 -15.60
C41 PCW JB . -10.04 -15.56 -16.34
C42 PCW JB . -8.89 -16.06 -15.35
C43 PCW JB . -8.25 -17.41 -15.62
C44 PCW JB . -7.20 -17.61 -14.53
C45 PCW JB . -6.66 -19.02 -14.42
C46 PCW JB . -6.18 -19.59 -15.72
C47 PCW JB . -4.92 -20.42 -15.65
C48 PCW JB . -4.53 -20.96 -17.04
N PCW JB . -25.75 -17.43 -24.88
O2 PCW JB . -20.47 -12.75 -21.46
O3 PCW JB . -20.58 -9.90 -21.31
O11 PCW JB . -20.86 -8.81 -23.28
O31 PCW JB . -18.89 -12.11 -23.03
O1P PCW JB . -21.57 -15.54 -22.30
O2P PCW JB . -23.20 -16.19 -20.54
O3P PCW JB . -23.05 -13.75 -21.33
O4P PCW JB . -24.06 -15.53 -22.66
P PCW JB . -22.91 -15.30 -21.69
C1 PCW KB . -35.65 -25.39 -5.87
C2 PCW KB . -34.39 -26.30 -5.59
C3 PCW KB . -33.09 -25.59 -6.11
C4 PCW KB . -37.84 -22.40 -4.50
C5 PCW KB . -39.01 -21.69 -3.81
C6 PCW KB . -40.52 -19.83 -3.53
C7 PCW KB . -38.89 -19.73 -5.19
C8 PCW KB . -38.19 -19.50 -3.03
C11 PCW KB . -31.59 -27.31 -6.83
C12 PCW KB . -30.39 -28.11 -6.38
C13 PCW KB . -30.68 -29.62 -6.68
C14 PCW KB . -29.55 -30.58 -6.28
C15 PCW KB . -28.72 -31.17 -7.47
C16 PCW KB . -27.93 -32.44 -7.01
C17 PCW KB . -27.46 -33.42 -8.15
C18 PCW KB . -26.75 -34.66 -7.61
C19 PCW KB . -26.11 -35.53 -8.72
C20 PCW KB . -24.79 -35.94 -8.68
C21 PCW KB . -23.69 -35.69 -7.71
C22 PCW KB . -22.74 -36.93 -7.79
C23 PCW KB . -21.39 -36.74 -8.53
C24 PCW KB . -20.14 -36.78 -7.70
C25 PCW KB . -19.98 -35.86 -6.46
C26 PCW KB . -18.56 -35.41 -6.14
C27 PCW KB . -17.84 -36.10 -4.97
C28 PCW KB . -16.58 -35.34 -4.63
C31 PCW KB . -34.43 -27.76 -3.74
C32 PCW KB . -34.25 -27.84 -2.22
C33 PCW KB . -33.20 -26.80 -1.60
C34 PCW KB . -32.00 -27.48 -0.94
C35 PCW KB . -32.49 -27.90 0.51
C36 PCW KB . -31.69 -29.10 1.09
C37 PCW KB . -32.13 -29.56 2.53
C38 PCW KB . -31.23 -28.99 3.59
C39 PCW KB . -31.64 -29.42 4.97
C40 PCW KB . -31.10 -29.01 6.12
C41 PCW KB . -29.96 -28.01 6.23
C42 PCW KB . -28.59 -28.82 6.05
C43 PCW KB . -27.37 -28.36 6.82
C44 PCW KB . -26.24 -29.30 6.45
C45 PCW KB . -24.95 -28.61 6.02
C46 PCW KB . -23.73 -29.48 6.14
C47 PCW KB . -22.42 -28.75 6.40
C48 PCW KB . -21.25 -29.74 6.49
N PCW KB . -39.15 -20.26 -3.89
O2 PCW KB . -34.24 -26.50 -4.13
O3 PCW KB . -31.96 -26.45 -5.85
O11 PCW KB . -32.12 -27.42 -7.90
O31 PCW KB . -34.72 -28.74 -4.50
O1P PCW KB . -38.11 -24.32 -6.67
O2P PCW KB . -39.36 -25.64 -4.95
O3P PCW KB . -36.80 -25.76 -5.06
O4P PCW KB . -37.98 -23.81 -4.21
P PCW KB . -38.12 -24.88 -5.28
C1 PCW LB . -25.74 21.07 -13.08
C2 PCW LB . -24.16 20.95 -13.22
C3 PCW LB . -23.58 22.25 -13.91
C4 PCW LB . -28.35 19.03 -14.45
C5 PCW LB . -27.98 17.82 -15.33
C6 PCW LB . -29.71 16.28 -14.26
C7 PCW LB . -28.48 15.57 -16.25
C8 PCW LB . -27.79 15.93 -14.57
C11 PCW LB . -21.42 23.29 -14.16
C12 PCW LB . -19.97 22.96 -14.29
C13 PCW LB . -19.40 22.61 -12.87
C14 PCW LB . -17.91 22.25 -12.83
C15 PCW LB . -17.50 21.09 -11.86
C16 PCW LB . -16.92 21.67 -10.53
C17 PCW LB . -15.36 21.74 -10.42
C18 PCW LB . -14.86 22.51 -9.19
C19 PCW LB . -13.58 21.89 -8.60
C20 PCW LB . -12.59 22.66 -8.00
C21 PCW LB . -12.46 24.12 -7.75
C22 PCW LB . -11.04 24.53 -8.26
C23 PCW LB . -9.81 23.89 -7.57
C24 PCW LB . -8.58 24.74 -7.47
C25 PCW LB . -7.62 24.92 -8.68
C26 PCW LB . -7.08 26.32 -8.92
C27 PCW LB . -6.23 26.56 -10.18
C28 PCW LB . -6.62 27.86 -10.84
C31 PCW LB . -22.71 19.83 -11.73
C32 PCW LB . -22.17 19.86 -10.29
C33 PCW LB . -20.57 19.99 -10.17
C34 PCW LB . -20.02 19.63 -8.79
C35 PCW LB . -18.87 18.59 -9.07
C36 PCW LB . -17.92 18.42 -7.86
C37 PCW LB . -16.74 17.40 -8.06
C38 PCW LB . -15.60 18.00 -8.80
C39 PCW LB . -14.46 17.03 -9.01
C40 PCW LB . -13.24 17.13 -8.50
C41 PCW LB . -12.78 18.26 -7.60
C42 PCW LB . -11.88 17.65 -6.43
C43 PCW LB . -10.43 17.34 -6.73
C44 PCW LB . -9.82 16.78 -5.46
C45 PCW LB . -8.32 16.95 -5.35
C46 PCW LB . -7.89 17.69 -4.11
C47 PCW LB . -7.82 16.89 -2.84
C48 PCW LB . -7.36 17.76 -1.66
N PCW LB . -28.82 16.67 -15.37
O2 PCW LB . -23.54 20.86 -11.88
O3 PCW LB . -22.15 22.13 -14.04
O11 PCW LB . -21.89 24.40 -14.16
O31 PCW LB . -22.42 18.97 -12.61
O1P PCW LB . -28.78 21.69 -13.32
O2P PCW LB . -28.28 22.43 -15.65
O3P PCW LB . -26.36 21.99 -14.01
O4P PCW LB . -27.68 20.18 -15.03
P PCW LB . -27.85 21.60 -14.50
C1 PCW MB . -44.38 -7.19 9.11
C2 PCW MB . -43.09 -6.99 9.99
C3 PCW MB . -43.50 -6.69 11.48
C4 PCW MB . -44.78 -10.60 7.87
C5 PCW MB . -43.90 -11.84 7.67
C6 PCW MB . -44.82 -14.22 7.46
C7 PCW MB . -43.99 -13.03 5.48
C8 PCW MB . -43.03 -13.54 6.98
C11 PCW MB . -42.41 -5.81 13.44
C12 PCW MB . -41.04 -5.71 14.09
C13 PCW MB . -40.81 -7.01 14.95
C14 PCW MB . -39.47 -7.08 15.67
C15 PCW MB . -39.49 -7.83 17.04
C16 PCW MB . -38.96 -6.89 18.20
C17 PCW MB . -39.56 -7.10 19.64
C18 PCW MB . -40.98 -7.67 19.63
C19 PCW MB . -41.87 -7.09 20.75
C20 PCW MB . -43.24 -6.93 20.61
C21 PCW MB . -44.16 -7.19 19.47
C22 PCW MB . -45.59 -7.26 20.08
C23 PCW MB . -46.01 -8.57 20.80
C24 PCW MB . -45.43 -9.85 20.29
C25 PCW MB . -45.19 -11.06 21.24
C26 PCW MB . -44.70 -10.73 22.63
C27 PCW MB . -45.24 -11.59 23.81
C28 PCW MB . -44.85 -10.97 25.13
C31 PCW MB . -40.97 -8.04 9.85
C32 PCW MB . -40.28 -9.41 9.86
C33 PCW MB . -40.42 -10.23 11.24
C34 PCW MB . -41.78 -10.90 11.42
C35 PCW MB . -41.90 -11.24 12.96
C36 PCW MB . -43.14 -12.09 13.29
C37 PCW MB . -43.31 -12.46 14.80
C38 PCW MB . -44.73 -12.31 15.27
C39 PCW MB . -44.89 -12.67 16.73
C40 PCW MB . -46.02 -12.73 17.42
C41 PCW MB . -47.40 -12.45 16.84
C42 PCW MB . -48.49 -12.76 17.97
C43 PCW MB . -48.37 -12.03 19.30
C44 PCW MB . -49.51 -12.52 20.17
C45 PCW MB . -49.10 -13.27 21.41
C46 PCW MB . -49.73 -12.75 22.66
C47 PCW MB . -48.79 -12.30 23.76
C48 PCW MB . -49.58 -11.80 24.99
N PCW MB . -44.38 -12.93 6.87
O2 PCW MB . -42.28 -8.24 9.99
O3 PCW MB . -42.30 -6.50 12.26
O11 PCW MB . -43.43 -5.34 13.88
O31 PCW MB . -40.39 -6.93 9.72
O1P PCW MB . -46.28 -8.24 7.04
O2P PCW MB . -44.45 -8.06 5.34
O3P PCW MB . -44.13 -7.09 7.69
O4P PCW MB . -44.09 -9.48 7.23
P PCW MB . -44.80 -8.23 6.77
C1 PCW NB . -28.51 26.52 -5.56
C2 PCW NB . -27.49 26.67 -4.35
C3 PCW NB . -26.15 25.89 -4.62
C4 PCW NB . -30.68 25.53 -8.68
C5 PCW NB . -30.44 24.66 -9.92
C6 PCW NB . -30.54 24.23 -12.29
C7 PCW NB . -30.97 26.38 -11.51
C8 PCW NB . -32.58 24.80 -11.15
C11 PCW NB . -24.10 25.37 -3.45
C12 PCW NB . -23.39 25.67 -2.15
C13 PCW NB . -21.85 25.75 -2.45
C14 PCW NB . -20.96 26.05 -1.25
C15 PCW NB . -20.40 27.51 -1.18
C16 PCW NB . -18.97 27.51 -0.56
C17 PCW NB . -18.86 27.59 0.99
C18 PCW NB . -17.99 26.49 1.59
C19 PCW NB . -18.66 25.78 2.79
C20 PCW NB . -17.95 25.01 3.70
C21 PCW NB . -16.51 24.67 3.80
C22 PCW NB . -16.44 23.24 4.40
C23 PCW NB . -16.63 22.04 3.44
C24 PCW NB . -15.62 20.94 3.53
C25 PCW NB . -15.58 19.80 2.46
C26 PCW NB . -15.27 18.41 2.98
C27 PCW NB . -15.66 17.20 2.08
C28 PCW NB . -14.90 15.98 2.52
C31 PCW NB . -26.35 28.72 -4.97
C32 PCW NB . -26.16 30.17 -4.49
C33 PCW NB . -25.00 31.01 -5.23
C34 PCW NB . -24.04 31.70 -4.25
C35 PCW NB . -22.60 31.53 -4.91
C36 PCW NB . -21.49 31.37 -3.85
C37 PCW NB . -20.05 31.20 -4.41
C38 PCW NB . -19.13 30.51 -3.45
C39 PCW NB . -17.73 30.33 -4.01
C40 PCW NB . -16.60 30.16 -3.32
C41 PCW NB . -16.53 30.10 -1.80
C42 PCW NB . -15.50 28.93 -1.40
C43 PCW NB . -15.17 28.75 0.07
C44 PCW NB . -14.18 27.58 0.15
C45 PCW NB . -12.75 27.93 -0.15
C46 PCW NB . -12.04 28.60 0.99
C47 PCW NB . -10.93 29.55 0.61
C48 PCW NB . -10.28 30.18 1.87
N PCW NB . -31.10 24.99 -11.15
O2 PCW NB . -27.16 28.11 -4.10
O3 PCW NB . -25.28 26.05 -3.48
O11 PCW NB . -23.69 24.64 -4.30
O31 PCW NB . -25.81 28.22 -6.00
O1P PCW NB . -28.25 27.00 -9.32
O2P PCW NB . -27.13 25.09 -8.17
O3P PCW NB . -28.06 27.08 -6.81
O4P PCW NB . -29.49 25.39 -7.84
P PCW NB . -28.20 26.12 -8.11
C1 PCW OB . -18.45 21.22 -23.74
C2 PCW OB . -17.22 21.95 -23.09
C3 PCW OB . -16.35 22.64 -24.19
C4 PCW OB . -21.89 22.12 -23.77
C5 PCW OB . -21.72 23.61 -24.05
C6 PCW OB . -24.17 23.87 -24.73
C7 PCW OB . -22.68 25.81 -24.67
C8 PCW OB . -22.57 24.33 -25.78
C11 PCW OB . -14.93 24.57 -24.01
C12 PCW OB . -13.75 25.09 -23.22
C13 PCW OB . -14.31 25.90 -22.00
C14 PCW OB . -13.26 26.53 -21.08
C15 PCW OB . -13.81 27.32 -19.85
C16 PCW OB . -12.77 27.35 -18.69
C17 PCW OB . -12.66 26.07 -17.79
C18 PCW OB . -11.29 25.91 -17.13
C19 PCW OB . -11.24 24.75 -16.11
C20 PCW OB . -10.14 23.90 -16.00
C21 PCW OB . -8.85 23.87 -16.71
C22 PCW OB . -8.64 22.39 -17.16
C23 PCW OB . -7.20 22.00 -17.63
C24 PCW OB . -6.65 20.68 -17.18
C25 PCW OB . -6.51 20.33 -15.67
C26 PCW OB . -5.51 19.25 -15.29
C27 PCW OB . -4.02 19.54 -15.54
C28 PCW OB . -3.50 20.56 -14.55
C31 PCW OB . -17.11 23.01 -20.97
C32 PCW OB . -17.70 24.16 -20.12
C33 PCW OB . -16.74 24.74 -18.99
C34 PCW OB . -17.40 24.82 -17.62
C35 PCW OB . -16.81 26.12 -16.94
C36 PCW OB . -16.69 25.98 -15.40
C37 PCW OB . -16.11 27.22 -14.65
C38 PCW OB . -14.85 27.72 -15.29
C39 PCW OB . -14.26 28.92 -14.59
C40 PCW OB . -13.10 28.95 -13.93
C41 PCW OB . -12.16 27.76 -13.77
C42 PCW OB . -10.69 28.21 -14.23
C43 PCW OB . -9.51 27.33 -13.83
C44 PCW OB . -8.27 27.99 -14.41
C45 PCW OB . -7.32 27.07 -15.14
C46 PCW OB . -6.49 26.22 -14.22
C47 PCW OB . -5.51 25.27 -14.88
C48 PCW OB . -4.73 24.47 -13.83
N PCW OB . -22.87 24.42 -24.32
O2 PCW OB . -17.70 23.02 -22.16
O3 PCW OB . -15.23 23.31 -23.57
O11 PCW OB . -15.50 25.17 -24.88
O31 PCW OB . -16.21 22.20 -20.58
O1P PCW OB . -21.37 19.32 -23.26
O2P PCW OB . -20.70 20.18 -21.01
O3P PCW OB . -18.99 20.16 -22.93
O4P PCW OB . -20.88 21.75 -22.80
P PCW OB . -20.54 20.31 -22.47
C1 PCW PB . -18.02 -8.31 -27.99
C2 PCW PB . -16.90 -9.40 -27.72
C3 PCW PB . -15.99 -9.58 -28.98
C4 PCW PB . -22.14 -8.46 -27.03
C5 PCW PB . -22.76 -9.09 -25.78
C6 PCW PB . -24.08 -8.32 -23.74
C7 PCW PB . -25.19 -8.53 -25.90
C8 PCW PB . -24.43 -9.87 -24.88
C11 PCW PB . -15.24 -11.86 -29.06
C12 PCW PB . -14.07 -12.74 -28.70
C13 PCW PB . -14.63 -14.04 -28.00
C14 PCW PB . -13.57 -15.06 -27.57
C15 PCW PB . -12.84 -14.75 -26.22
C16 PCW PB . -11.48 -15.53 -26.15
C17 PCW PB . -11.20 -16.38 -24.87
C18 PCW PB . -10.11 -15.80 -23.98
C19 PCW PB . -10.12 -16.43 -22.57
C20 PCW PB . -8.95 -16.67 -21.87
C21 PCW PB . -7.53 -16.43 -22.17
C22 PCW PB . -6.89 -17.82 -22.47
C23 PCW PB . -5.34 -17.90 -22.49
C24 PCW PB . -4.74 -19.28 -22.49
C25 PCW PB . -3.73 -19.70 -21.37
C26 PCW PB . -3.31 -21.14 -21.37
C27 PCW PB . -2.63 -21.70 -20.10
C28 PCW PB . -1.26 -22.25 -20.45
C31 PCW PB . -16.56 -9.11 -25.40
C32 PCW PB . -15.55 -8.61 -24.35
C33 PCW PB . -14.89 -9.74 -23.42
C34 PCW PB . -15.86 -10.33 -22.40
C35 PCW PB . -15.43 -9.71 -21.01
C36 PCW PB . -16.35 -10.15 -19.84
C37 PCW PB . -15.96 -9.57 -18.44
C38 PCW PB . -15.50 -10.64 -17.50
C39 PCW PB . -15.14 -10.12 -16.14
C40 PCW PB . -14.03 -10.36 -15.43
C41 PCW PB . -12.90 -11.25 -15.93
C42 PCW PB . -12.27 -12.01 -14.66
C43 PCW PB . -10.77 -12.12 -14.56
C44 PCW PB . -10.46 -12.88 -13.28
C45 PCW PB . -9.57 -12.16 -12.31
C46 PCW PB . -8.19 -12.74 -12.22
C47 PCW PB . -8.05 -13.97 -11.36
C48 PCW PB . -6.61 -14.48 -11.34
N PCW PB . -23.93 -8.50 -25.20
O2 PCW PB . -16.02 -8.94 -26.61
O3 PCW PB . -14.98 -10.56 -28.70
O11 PCW PB . -16.25 -12.23 -29.59
O31 PCW PB . -17.69 -9.60 -25.13
O1P PCW PB . -21.21 -10.09 -29.24
O2P PCW PB . -19.61 -10.95 -27.54
O3P PCW PB . -19.08 -8.78 -28.86
O4P PCW PB . -20.76 -8.89 -27.08
P PCW PB . -20.19 -9.75 -28.19
C1 PCW QB . -43.71 6.05 11.35
C2 PCW QB . -42.60 6.60 12.31
C3 PCW QB . -43.23 7.10 13.67
C4 PCW QB . -44.17 7.46 8.16
C5 PCW QB . -45.53 7.90 7.61
C6 PCW QB . -45.99 6.02 5.95
C7 PCW QB . -47.84 7.15 7.12
C8 PCW QB . -46.67 7.86 5.89
C11 PCW QB . -42.58 8.38 15.60
C12 PCW QB . -41.34 8.89 16.29
C13 PCW QB . -41.46 8.60 17.84
C14 PCW QB . -40.26 9.07 18.68
C15 PCW QB . -40.21 8.56 20.15
C16 PCW QB . -38.81 8.87 20.80
C17 PCW QB . -38.71 8.84 22.36
C18 PCW QB . -37.43 8.19 22.87
C19 PCW QB . -37.44 7.93 24.40
C20 PCW QB . -36.27 7.79 25.14
C21 PCW QB . -34.84 7.84 24.75
C22 PCW QB . -34.30 9.22 25.25
C23 PCW QB . -33.77 9.31 26.71
C24 PCW QB . -33.03 10.55 27.09
C25 PCW QB . -33.75 11.93 27.23
C26 PCW QB . -33.53 12.69 28.52
C27 PCW QB . -33.27 14.21 28.42
C28 PCW QB . -31.88 14.54 28.89
C31 PCW QB . -40.58 5.44 11.83
C32 PCW QB . -39.68 4.29 12.28
C33 PCW QB . -38.16 4.34 11.75
C34 PCW QB . -37.37 3.07 12.06
C35 PCW QB . -35.85 3.53 12.16
C36 PCW QB . -35.05 2.66 13.14
C37 PCW QB . -33.54 3.04 13.28
C38 PCW QB . -32.70 1.88 13.69
C39 PCW QB . -31.24 2.21 13.83
C40 PCW QB . -30.65 2.86 14.82
C41 PCW QB . -31.38 3.40 16.05
C42 PCW QB . -30.53 4.60 16.66
C43 PCW QB . -30.51 4.79 18.16
C44 PCW QB . -29.63 6.00 18.45
C45 PCW QB . -28.16 5.79 18.24
C46 PCW QB . -27.31 6.66 19.12
C47 PCW QB . -25.93 6.98 18.61
C48 PCW QB . -25.15 7.86 19.61
N PCW QB . -46.41 6.94 7.04
O2 PCW QB . -41.63 5.52 12.64
O3 PCW QB . -42.20 7.61 14.53
O11 PCW QB . -43.71 8.67 15.88
O31 PCW QB . -40.36 6.20 10.84
O1P PCW QB . -41.85 5.77 8.63
O2P PCW QB . -43.49 3.94 8.19
O3P PCW QB . -43.29 4.93 10.55
O4P PCW QB . -44.34 6.12 8.68
P PCW QB . -43.20 5.18 8.96
C1 PCW RB . -34.57 -0.42 5.51
C2 PCW RB . -33.90 -0.75 6.91
C3 PCW RB . -34.93 -0.56 8.06
C4 PCW RB . -37.99 0.40 4.55
C5 PCW RB . -39.39 0.35 5.16
C6 PCW RB . -40.79 2.34 4.38
C7 PCW RB . -41.65 0.05 4.17
C8 PCW RB . -41.25 0.99 5.73
C11 PCW RB . -34.64 -0.09 10.40
C12 PCW RB . -33.87 -0.56 11.62
C13 PCW RB . -34.91 -1.18 12.62
C14 PCW RB . -34.31 -1.73 13.92
C15 PCW RB . -35.35 -2.05 15.05
C16 PCW RB . -35.95 -3.49 14.85
C17 PCW RB . -36.13 -4.38 16.12
C18 PCW RB . -34.89 -5.22 16.45
C19 PCW RB . -35.09 -6.14 17.68
C20 PCW RB . -34.08 -6.96 18.15
C21 PCW RB . -32.68 -7.19 17.71
C22 PCW RB . -31.81 -6.14 18.43
C23 PCW RB . -30.27 -6.28 18.31
C24 PCW RB . -29.58 -5.34 17.37
C25 PCW RB . -28.08 -5.51 17.00
C26 PCW RB . -27.29 -4.24 16.75
C27 PCW RB . -25.76 -4.27 16.99
C28 PCW RB . -25.27 -2.92 17.43
C31 PCW RB . -32.16 -2.34 6.65
C32 PCW RB . -31.85 -3.84 6.69
C33 PCW RB . -31.28 -4.47 5.33
C34 PCW RB . -31.58 -5.96 5.18
C35 PCW RB . -30.16 -6.66 5.03
C36 PCW RB . -29.94 -7.79 6.05
C37 PCW RB . -28.57 -8.52 5.95
C38 PCW RB . -28.41 -9.54 7.03
C39 PCW RB . -27.09 -10.26 6.95
C40 PCW RB . -25.96 -9.92 7.55
C41 PCW RB . -25.81 -8.70 8.46
C42 PCW RB . -24.25 -8.40 8.66
C43 PCW RB . -23.26 -9.54 8.47
C44 PCW RB . -21.87 -8.95 8.73
C45 PCW RB . -21.42 -7.91 7.74
C46 PCW RB . -19.96 -8.02 7.40
C47 PCW RB . -19.36 -6.86 6.63
C48 PCW RB . -17.87 -7.11 6.37
N PCW RB . -40.50 0.89 4.45
O2 PCW RB . -33.46 -2.18 6.92
O3 PCW RB . -34.29 -0.85 9.33
O11 PCW RB . -35.42 0.82 10.38
O31 PCW RB . -31.34 -1.42 6.39
O1P PCW RB . -36.89 -1.91 3.15
O2P PCW RB . -37.08 -2.97 5.38
O3P PCW RB . -34.98 -1.59 4.77
O4P PCW RB . -37.19 -0.59 5.26
P PCW RB . -36.57 -1.81 4.60
C1 PCW SB . -41.82 15.84 9.02
C2 PCW SB . -40.62 14.89 9.39
C3 PCW SB . -39.57 15.68 10.24
C4 PCW SB . -39.71 14.57 5.83
C5 PCW SB . -39.11 14.61 4.42
C6 PCW SB . -38.62 12.28 3.53
C7 PCW SB . -40.02 13.82 2.27
C8 PCW SB . -38.23 14.01 2.69
C11 PCW SB . -37.63 14.42 9.57
C12 PCW SB . -36.54 13.55 10.14
C13 PCW SB . -35.42 14.49 10.71
C14 PCW SB . -34.23 13.76 11.34
C15 PCW SB . -32.85 14.49 11.24
C16 PCW SB . -32.67 15.52 12.42
C17 PCW SB . -31.28 15.52 13.14
C18 PCW SB . -30.91 16.87 13.76
C19 PCW SB . -31.51 17.07 15.17
C20 PCW SB . -31.06 16.35 16.28
C21 PCW SB . -30.02 15.31 16.44
C22 PCW SB . -28.87 15.97 17.23
C23 PCW SB . -27.67 15.08 17.63
C24 PCW SB . -26.83 15.52 18.77
C25 PCW SB . -25.40 14.97 18.97
C26 PCW SB . -24.33 15.95 19.40
C27 PCW SB . -22.99 15.94 18.66
C28 PCW SB . -22.20 17.19 18.97
C31 PCW SB . -41.27 12.63 9.55
C32 PCW SB . -41.76 11.56 10.54
C33 PCW SB . -40.69 10.42 10.89
C34 PCW SB . -40.29 10.38 12.36
C35 PCW SB . -39.81 8.89 12.60
C36 PCW SB . -38.85 8.75 13.81
C37 PCW SB . -38.35 7.29 14.07
C38 PCW SB . -39.22 6.60 15.07
C39 PCW SB . -38.79 5.19 15.36
C40 PCW SB . -38.70 4.60 16.56
C41 PCW SB . -39.02 5.29 17.88
C42 PCW SB . -37.72 5.19 18.81
C43 PCW SB . -36.53 6.07 18.48
C44 PCW SB . -35.46 5.77 19.52
C45 PCW SB . -35.18 6.89 20.48
C46 PCW SB . -33.73 7.29 20.55
C47 PCW SB . -33.44 8.65 21.14
C48 PCW SB . -31.93 8.94 21.16
N PCW SB . -39.38 13.54 3.52
O2 PCW SB . -41.10 13.76 10.23
O3 PCW SB . -38.48 14.81 10.58
O11 PCW SB . -37.72 14.75 8.42
O31 PCW SB . -41.08 12.47 8.31
O1P PCW SB . -42.49 14.90 6.51
O2P PCW SB . -42.15 17.15 5.48
O3P PCW SB . -41.54 16.76 7.96
O4P PCW SB . -40.21 15.90 6.11
P PCW SB . -41.66 16.17 6.47
C1 PCW TB . -39.09 -12.74 5.11
C2 PCW TB . -37.59 -12.28 5.17
C3 PCW TB . -37.46 -11.12 6.21
C4 PCW TB . -38.90 -15.57 2.23
C5 PCW TB . -39.79 -16.52 1.44
C6 PCW TB . -39.49 -15.32 -0.79
C7 PCW TB . -40.36 -17.61 -0.71
C8 PCW TB . -41.14 -16.07 -0.03
C11 PCW TB . -35.72 -9.59 5.59
C12 PCW TB . -34.29 -9.28 5.90
C13 PCW TB . -34.27 -8.53 7.29
C14 PCW TB . -32.89 -8.12 7.79
C15 PCW TB . -32.66 -8.20 9.32
C16 PCW TB . -31.25 -7.63 9.70
C17 PCW TB . -31.17 -6.16 10.20
C18 PCW TB . -29.96 -5.89 11.09
C19 PCW TB . -29.07 -4.75 10.55
C20 PCW TB . -27.69 -4.86 10.51
C21 PCW TB . -26.77 -5.95 10.89
C22 PCW TB . -26.19 -5.58 12.29
C23 PCW TB . -25.06 -4.52 12.35
C24 PCW TB . -24.98 -3.67 13.58
C25 PCW TB . -25.78 -2.34 13.70
C26 PCW TB . -25.00 -1.13 14.16
C27 PCW TB . -25.75 -0.06 14.99
C28 PCW TB . -26.13 1.09 14.09
C31 PCW TB . -36.22 -14.15 4.64
C32 PCW TB . -35.37 -15.27 5.26
C33 PCW TB . -33.79 -15.09 5.20
C34 PCW TB . -33.03 -16.05 6.13
C35 PCW TB . -33.54 -15.71 7.59
C36 PCW TB . -32.40 -15.72 8.66
C37 PCW TB . -32.84 -15.38 10.11
C38 PCW TB . -32.29 -14.06 10.57
C39 PCW TB . -32.70 -13.69 11.97
C40 PCW TB . -31.91 -13.45 13.01
C41 PCW TB . -30.40 -13.52 12.95
C42 PCW TB . -29.82 -12.04 13.12
C43 PCW TB . -29.42 -11.27 11.87
C44 PCW TB . -28.90 -9.91 12.34
C45 PCW TB . -27.57 -9.50 11.77
C46 PCW TB . -26.59 -10.62 11.61
C47 PCW TB . -25.17 -10.36 12.04
C48 PCW TB . -24.29 -11.61 11.82
N PCW TB . -39.71 -16.53 0.01
O2 PCW TB . -36.74 -13.41 5.64
O3 PCW TB . -36.11 -10.68 6.30
O11 PCW TB . -36.42 -8.94 4.85
O31 PCW TB . -36.39 -13.94 3.41
O1P PCW TB . -40.77 -14.75 4.30
O2P PCW TB . -41.73 -13.35 2.46
O3P PCW TB . -39.73 -12.50 3.84
O4P PCW TB . -39.52 -14.26 2.17
P PCW TB . -40.50 -13.76 3.20
C1 PCW UB . -26.72 27.66 -11.76
C2 PCW UB . -25.46 26.87 -11.21
C3 PCW UB . -24.97 25.82 -12.27
C4 PCW UB . -26.16 27.54 -15.85
C5 PCW UB . -25.81 28.06 -17.25
C6 PCW UB . -24.15 28.23 -19.18
C7 PCW UB . -23.83 26.56 -17.40
C8 PCW UB . -25.21 26.66 -18.64
C11 PCW UB . -24.04 24.14 -10.82
C12 PCW UB . -22.73 23.50 -10.47
C13 PCW UB . -21.98 24.42 -9.44
C14 PCW UB . -20.62 23.86 -8.99
C15 PCW UB . -19.57 24.94 -8.58
C16 PCW UB . -18.24 24.75 -9.39
C17 PCW UB . -18.21 25.31 -10.86
C18 PCW UB . -17.02 26.23 -11.12
C19 PCW UB . -15.73 25.45 -11.49
C20 PCW UB . -14.48 25.90 -11.11
C21 PCW UB . -14.04 27.10 -10.36
C22 PCW UB . -12.48 27.08 -10.35
C23 PCW UB . -11.76 28.34 -9.80
C24 PCW UB . -11.83 28.57 -8.32
C25 PCW UB . -10.61 28.30 -7.39
C26 PCW UB . -9.73 29.49 -7.05
C27 PCW UB . -8.76 30.02 -8.14
C28 PCW UB . -7.62 30.80 -7.50
C31 PCW UB . -24.44 28.48 -9.81
C32 PCW UB . -23.23 29.41 -9.70
C33 PCW UB . -22.08 28.94 -8.70
C34 PCW UB . -22.61 28.46 -7.34
C35 PCW UB . -21.33 28.18 -6.45
C36 PCW UB . -21.18 26.69 -6.08
C37 PCW UB . -19.94 26.33 -5.21
C38 PCW UB . -19.78 24.86 -5.05
C39 PCW UB . -18.58 24.50 -4.20
C40 PCW UB . -17.91 23.36 -4.18
C41 PCW UB . -18.25 22.17 -5.06
C42 PCW UB . -17.13 21.05 -4.82
C43 PCW UB . -15.84 21.15 -5.61
C44 PCW UB . -14.98 19.97 -5.17
C45 PCW UB . -13.76 20.34 -4.36
C46 PCW UB . -13.83 19.89 -2.91
C47 PCW UB . -13.13 20.77 -1.90
C48 PCW UB . -13.29 20.20 -0.48
N PCW UB . -24.54 27.75 -17.84
O2 PCW UB . -24.34 27.81 -10.96
O3 PCW UB . -23.83 25.11 -11.76
O11 PCW UB . -25.10 23.84 -10.36
O31 PCW UB . -25.37 28.36 -8.95
O1P PCW UB . -28.31 27.98 -13.95
O2P PCW UB . -27.65 30.37 -14.20
O3P PCW UB . -26.39 28.83 -12.55
O4P PCW UB . -26.11 28.68 -14.95
P PCW UB . -27.20 28.98 -13.93
C1 PCW VB . -22.53 -23.96 -22.34
C2 PCW VB . -21.07 -24.49 -22.63
C3 PCW VB . -20.03 -23.32 -22.48
C4 PCW VB . -23.10 -27.06 -25.45
C5 PCW VB . -22.48 -26.97 -26.85
C6 PCW VB . -23.46 -29.02 -27.66
C7 PCW VB . -21.20 -28.99 -27.08
C8 PCW VB . -21.80 -27.95 -29.01
C11 PCW VB . -18.33 -24.02 -24.03
C12 PCW VB . -16.91 -24.53 -24.04
C13 PCW VB . -16.01 -23.44 -24.74
C14 PCW VB . -14.53 -23.79 -24.84
C15 PCW VB . -14.21 -25.28 -25.17
C16 PCW VB . -13.29 -25.39 -26.42
C17 PCW VB . -12.06 -26.36 -26.32
C18 PCW VB . -12.30 -27.73 -26.94
C19 PCW VB . -11.58 -27.91 -28.29
C20 PCW VB . -10.80 -29.04 -28.59
C21 PCW VB . -10.46 -30.24 -27.80
C22 PCW VB . -8.92 -30.40 -27.84
C23 PCW VB . -8.26 -31.28 -26.75
C24 PCW VB . -7.64 -32.58 -27.20
C25 PCW VB . -6.25 -32.60 -27.88
C26 PCW VB . -5.06 -32.87 -26.98
C27 PCW VB . -4.66 -34.34 -26.74
C28 PCW VB . -5.41 -34.89 -25.54
C31 PCW VB . -20.42 -26.72 -22.16
C32 PCW VB . -20.11 -27.69 -21.01
C33 PCW VB . -18.85 -28.64 -21.24
C34 PCW VB . -19.10 -30.08 -20.82
C35 PCW VB . -17.91 -30.91 -21.47
C36 PCW VB . -18.27 -32.40 -21.68
C37 PCW VB . -17.15 -33.29 -22.32
C38 PCW VB . -15.77 -32.83 -21.94
C39 PCW VB . -14.68 -33.67 -22.54
C40 PCW VB . -13.64 -34.20 -21.90
C41 PCW VB . -13.41 -34.06 -20.42
C42 PCW VB . -11.83 -34.02 -20.16
C43 PCW VB . -11.33 -33.87 -18.74
C44 PCW VB . -9.80 -33.87 -18.81
C45 PCW VB . -9.19 -32.63 -19.40
C46 PCW VB . -7.70 -32.56 -19.21
C47 PCW VB . -6.91 -32.13 -20.40
C48 PCW VB . -5.40 -32.07 -20.08
N PCW VB . -22.25 -28.17 -27.61
O2 PCW VB . -20.72 -25.54 -21.63
O3 PCW VB . -18.71 -23.82 -22.74
O11 PCW VB . -19.01 -23.82 -25.00
O31 PCW VB . -20.40 -27.01 -23.40
O1P PCW VB . -25.36 -25.68 -24.25
O2P PCW VB . -24.04 -23.65 -24.82
O3P PCW VB . -23.58 -24.91 -22.63
O4P PCW VB . -22.91 -25.75 -24.82
P PCW VB . -24.04 -24.98 -24.17
C1 PCW WB . -27.20 -20.67 -18.12
C2 PCW WB . -26.87 -20.45 -16.59
C3 PCW WB . -28.08 -20.90 -15.70
C4 PCW WB . -29.35 -24.89 -18.17
C5 PCW WB . -28.61 -26.21 -17.95
C6 PCW WB . -30.49 -27.31 -19.02
C7 PCW WB . -29.13 -28.52 -17.57
C8 PCW WB . -28.27 -28.01 -19.61
C11 PCW WB . -28.83 -20.73 -13.43
C12 PCW WB . -28.32 -20.48 -12.04
C13 PCW WB . -29.01 -19.16 -11.50
C14 PCW WB . -28.61 -18.75 -10.08
C15 PCW WB . -29.01 -17.30 -9.66
C16 PCW WB . -29.68 -17.30 -8.24
C17 PCW WB . -28.95 -18.09 -7.10
C18 PCW WB . -29.24 -17.54 -5.69
C19 PCW WB . -28.00 -16.90 -5.04
C20 PCW WB . -26.95 -17.66 -4.52
C21 PCW WB . -26.70 -19.13 -4.45
C22 PCW WB . -27.16 -19.60 -3.05
C23 PCW WB . -26.11 -20.32 -2.15
C24 PCW WB . -25.67 -19.62 -0.91
C25 PCW WB . -25.22 -20.42 0.34
C26 PCW WB . -26.29 -21.22 1.06
C27 PCW WB . -27.32 -20.45 1.93
C28 PCW WB . -28.03 -21.41 2.85
C31 PCW WB . -24.52 -20.72 -16.45
C32 PCW WB . -23.40 -21.70 -16.02
C33 PCW WB . -23.77 -22.71 -14.85
C34 PCW WB . -22.69 -23.79 -14.62
C35 PCW WB . -22.79 -24.17 -13.09
C36 PCW WB . -21.87 -25.35 -12.72
C37 PCW WB . -21.91 -25.79 -11.22
C38 PCW WB . -20.54 -25.89 -10.63
C39 PCW WB . -20.56 -26.32 -9.19
C40 PCW WB . -20.36 -25.55 -8.13
C41 PCW WB . -20.07 -24.06 -8.20
C42 PCW WB . -19.67 -23.57 -6.73
C43 PCW WB . -19.10 -22.17 -6.57
C44 PCW WB . -18.81 -21.98 -5.09
C45 PCW WB . -17.41 -21.54 -4.74
C46 PCW WB . -17.26 -21.10 -3.31
C47 PCW WB . -17.62 -19.67 -3.01
C48 PCW WB . -17.43 -19.35 -1.52
N PCW WB . -29.11 -27.44 -18.51
O2 PCW WB . -25.70 -21.30 -16.22
O3 PCW WB . -27.78 -20.71 -14.31
O11 PCW WB . -29.97 -20.91 -13.73
O31 PCW WB . -24.35 -19.56 -16.92
O1P PCW WB . -29.73 -22.01 -18.29
O2P PCW WB . -28.76 -22.28 -20.58
O3P PCW WB . -27.23 -22.05 -18.53
O4P PCW WB . -28.49 -24.08 -19.01
P PCW WB . -28.62 -22.57 -19.14
C1 PCW XB . -32.30 -11.80 -6.23
C2 PCW XB . -30.97 -11.28 -5.54
C3 PCW XB . -30.48 -9.94 -6.20
C4 PCW XB . -35.06 -11.58 -4.10
C5 PCW XB . -36.26 -12.50 -3.88
C6 PCW XB . -36.20 -14.70 -5.15
C7 PCW XB . -36.30 -14.69 -2.71
C8 PCW XB . -37.57 -14.07 -3.91
C11 PCW XB . -28.37 -8.79 -6.27
C12 PCW XB . -27.24 -8.41 -5.36
C13 PCW XB . -27.83 -7.55 -4.18
C14 PCW XB . -26.81 -7.06 -3.14
C15 PCW XB . -27.11 -5.67 -2.48
C16 PCW XB . -25.91 -5.23 -1.56
C17 PCW XB . -25.36 -3.77 -1.73
C18 PCW XB . -24.01 -3.54 -1.06
C19 PCW XB . -22.88 -3.20 -2.06
C20 PCW XB . -22.32 -1.94 -2.14
C21 PCW XB . -22.57 -0.67 -1.41
C22 PCW XB . -21.29 -0.38 -0.57
C23 PCW XB . -19.94 -0.32 -1.33
C24 PCW XB . -19.14 0.93 -1.18
C25 PCW XB . -17.79 1.11 -1.95
C26 PCW XB . -17.21 -0.14 -2.58
C27 PCW XB . -15.68 -0.17 -2.81
C28 PCW XB . -15.21 -1.59 -3.06
C31 PCW XB . -31.11 -12.06 -3.29
C32 PCW XB . -31.39 -11.60 -1.85
C33 PCW XB . -32.04 -12.71 -0.89
C34 PCW XB . -31.13 -13.91 -0.67
C35 PCW XB . -29.96 -13.42 0.28
C36 PCW XB . -29.38 -14.57 1.13
C37 PCW XB . -28.21 -14.18 2.09
C38 PCW XB . -26.91 -14.14 1.38
C39 PCW XB . -25.76 -13.78 2.28
C40 PCW XB . -24.48 -14.09 2.11
C41 PCW XB . -23.96 -14.89 0.94
C42 PCW XB . -22.42 -15.22 1.21
C43 PCW XB . -22.01 -16.66 1.49
C44 PCW XB . -20.50 -16.66 1.70
C45 PCW XB . -19.84 -18.01 1.56
C46 PCW XB . -18.37 -17.99 1.87
C47 PCW XB . -17.74 -19.32 2.24
C48 PCW XB . -16.24 -19.15 2.54
N PCW XB . -36.08 -13.92 -3.92
O2 PCW XB . -31.23 -10.99 -4.09
O3 PCW XB . -29.30 -9.49 -5.55
O11 PCW XB . -28.46 -8.52 -7.44
O31 PCW XB . -30.83 -13.23 -3.65
O1P PCW XB . -33.67 -9.23 -5.03
O2P PCW XB . -35.23 -9.42 -6.96
O3P PCW XB . -33.05 -10.78 -6.92
O4P PCW XB . -34.98 -11.32 -5.52
P PCW XB . -34.26 -10.11 -6.09
C1 PCW YB . -25.63 11.59 -14.12
C2 PCW YB . -24.92 11.91 -12.75
C3 PCW YB . -23.37 11.88 -12.93
C4 PCW YB . -28.47 8.88 -15.54
C5 PCW YB . -29.23 8.93 -16.86
C6 PCW YB . -27.41 9.82 -18.41
C7 PCW YB . -29.17 8.35 -19.27
C8 PCW YB . -29.35 10.06 -18.56
C11 PCW YB . -22.21 11.13 -10.98
C12 PCW YB . -21.55 11.65 -9.72
C13 PCW YB . -20.00 11.64 -9.94
C14 PCW YB . -19.18 12.14 -8.75
C15 PCW YB . -18.74 11.07 -7.70
C16 PCW YB . -18.00 11.74 -6.49
C17 PCW YB . -16.56 11.24 -6.15
C18 PCW YB . -15.92 11.95 -4.95
C19 PCW YB . -14.68 11.22 -4.40
C20 PCW YB . -14.19 11.43 -3.12
C21 PCW YB . -14.62 12.32 -2.01
C22 PCW YB . -13.53 12.25 -0.90
C23 PCW YB . -13.97 12.53 0.56
C24 PCW YB . -12.94 12.32 1.63
C25 PCW YB . -13.26 12.65 3.11
C26 PCW YB . -12.17 13.38 3.87
C27 PCW YB . -11.63 12.73 5.16
C28 PCW YB . -11.10 13.78 6.09
C31 PCW YB . -26.36 13.34 -11.52
C32 PCW YB . -26.60 14.80 -11.14
C33 PCW YB . -26.11 15.19 -9.67
C34 PCW YB . -25.02 16.26 -9.64
C35 PCW YB . -23.66 15.48 -9.83
C36 PCW YB . -22.86 15.95 -11.06
C37 PCW YB . -21.51 15.22 -11.29
C38 PCW YB . -20.39 15.86 -10.54
C39 PCW YB . -19.08 15.16 -10.74
C40 PCW YB . -18.01 15.62 -11.37
C41 PCW YB . -17.92 16.98 -12.05
C42 PCW YB . -16.39 17.26 -12.39
C43 PCW YB . -16.05 17.76 -13.78
C44 PCW YB . -14.54 17.96 -13.82
C45 PCW YB . -14.05 19.28 -13.30
C46 PCW YB . -12.61 19.57 -13.62
C47 PCW YB . -11.59 18.79 -12.82
C48 PCW YB . -10.17 19.18 -13.24
N PCW YB . -28.52 8.90 -18.10
O2 PCW YB . -25.29 13.28 -12.29
O3 PCW YB . -22.72 12.17 -11.69
O11 PCW YB . -22.27 9.97 -11.30
O31 PCW YB . -27.07 12.36 -11.14
O1P PCW YB . -27.08 9.51 -13.05
O2P PCW YB . -29.07 11.01 -12.71
O3P PCW YB . -27.07 11.81 -14.12
O4P PCW YB . -28.67 10.16 -14.90
P PCW YB . -27.98 10.58 -13.61
C1 PCW ZB . -24.43 11.67 -23.47
C2 PCW ZB . -23.74 11.42 -22.07
C3 PCW ZB . -23.72 9.88 -21.75
C4 PCW ZB . -24.10 15.79 -21.72
C5 PCW ZB . -24.29 16.03 -20.22
C6 PCW ZB . -25.55 18.00 -19.22
C7 PCW ZB . -26.57 15.78 -19.29
C8 PCW ZB . -25.06 16.32 -18.35
C11 PCW ZB . -23.61 8.79 -19.61
C12 PCW ZB . -22.80 8.81 -18.33
C13 PCW ZB . -22.73 10.30 -17.82
C14 PCW ZB . -21.94 10.51 -16.54
C15 PCW ZB . -20.85 11.62 -16.60
C16 PCW ZB . -21.35 12.91 -15.84
C17 PCW ZB . -20.26 13.90 -15.30
C18 PCW ZB . -19.20 13.23 -14.42
C19 PCW ZB . -17.84 13.97 -14.47
C20 PCW ZB . -16.68 13.41 -13.97
C21 PCW ZB . -16.40 12.11 -13.32
C22 PCW ZB . -14.93 12.17 -12.81
C23 PCW ZB . -14.68 11.85 -11.31
C24 PCW ZB . -14.64 13.02 -10.38
C25 PCW ZB . -14.29 12.84 -8.88
C26 PCW ZB . -12.86 12.46 -8.56
C27 PCW ZB . -12.41 12.42 -7.09
C28 PCW ZB . -12.27 13.83 -6.56
C31 PCW ZB . -21.97 12.63 -21.07
C32 PCW ZB . -20.49 13.02 -21.25
C33 PCW ZB . -19.45 11.81 -21.16
C34 PCW ZB . -18.09 12.21 -20.60
C35 PCW ZB . -17.03 11.27 -21.30
C36 PCW ZB . -15.66 11.27 -20.60
C37 PCW ZB . -14.58 10.35 -21.25
C38 PCW ZB . -14.34 9.12 -20.45
C39 PCW ZB . -13.30 8.22 -21.05
C40 PCW ZB . -12.54 7.33 -20.43
C41 PCW ZB . -12.59 7.07 -18.93
C42 PCW ZB . -11.73 8.19 -18.20
C43 PCW ZB . -11.16 7.87 -16.83
C44 PCW ZB . -10.39 9.10 -16.37
C45 PCW ZB . -8.89 8.96 -16.37
C46 PCW ZB . -8.37 7.94 -15.39
C47 PCW ZB . -6.96 8.12 -14.89
C48 PCW ZB . -6.56 7.02 -13.91
N PCW ZB . -25.49 16.64 -19.75
O2 PCW ZB . -22.33 11.87 -22.11
O3 PCW ZB . -23.08 9.69 -20.48
O11 PCW ZB . -24.59 8.12 -19.82
O31 PCW ZB . -22.70 12.98 -20.10
O1P PCW ZB . -25.41 15.26 -24.25
O2P PCW ZB . -26.61 13.51 -22.93
O3P PCW ZB . -24.30 13.02 -23.94
O4P PCW ZB . -24.61 14.46 -22.01
P PCW ZB . -25.31 14.11 -23.31
C1 PCW AC . -21.58 11.45 -28.81
C2 PCW AC . -20.30 11.23 -27.90
C3 PCW AC . -20.72 10.74 -26.47
C4 PCW AC . -22.19 7.00 -27.75
C5 PCW AC . -22.52 7.28 -26.28
C6 PCW AC . -23.06 5.01 -25.26
C7 PCW AC . -21.69 6.63 -24.03
C8 PCW AC . -23.46 6.78 -24.54
C11 PCW AC . -19.10 9.27 -25.48
C12 PCW AC . -17.86 9.31 -24.61
C13 PCW AC . -17.85 7.99 -23.73
C14 PCW AC . -16.66 7.86 -22.79
C15 PCW AC . -16.49 6.49 -22.08
C16 PCW AC . -15.45 5.60 -22.84
C17 PCW AC . -14.47 4.73 -21.97
C18 PCW AC . -15.16 3.61 -21.19
C19 PCW AC . -15.85 2.58 -22.12
C20 PCW AC . -15.18 1.47 -22.65
C21 PCW AC . -13.78 0.99 -22.51
C22 PCW AC . -13.86 -0.43 -21.88
C23 PCW AC . -14.13 -0.52 -20.37
C24 PCW AC . -13.72 -1.79 -19.68
C25 PCW AC . -14.73 -2.96 -19.48
C26 PCW AC . -14.63 -3.70 -18.15
C27 PCW AC . -15.54 -4.93 -17.94
C28 PCW AC . -14.82 -5.96 -17.13
C31 PCW AC . -18.35 10.66 -29.12
C32 PCW AC . -17.55 9.47 -29.67
C33 PCW AC . -16.05 9.35 -29.16
C34 PCW AC . -15.93 9.11 -27.65
C35 PCW AC . -15.12 10.35 -27.09
C36 PCW AC . -14.19 9.95 -25.91
C37 PCW AC . -13.35 11.11 -25.29
C38 PCW AC . -12.31 10.59 -24.37
C39 PCW AC . -11.47 11.67 -23.75
C40 PCW AC . -10.74 11.59 -22.64
C41 PCW AC . -10.63 10.33 -21.79
C42 PCW AC . -9.17 10.30 -21.15
C43 PCW AC . -8.17 9.29 -21.70
C44 PCW AC . -6.88 9.48 -20.92
C45 PCW AC . -5.67 8.84 -21.53
C46 PCW AC . -5.67 7.33 -21.47
C47 PCW AC . -4.46 6.62 -22.02
C48 PCW AC . -4.61 5.10 -21.90
N PCW AC . -22.29 6.26 -25.31
O2 PCW AC . -19.43 10.18 -28.49
O3 PCW AC . -19.55 10.54 -25.67
O11 PCW AC . -19.61 8.29 -25.92
O31 PCW AC . -18.04 11.88 -29.24
O1P PCW AC . -23.54 8.41 -29.90
O2P PCW AC . -21.23 9.12 -30.48
O3P PCW AC . -22.58 10.42 -28.69
O4P PCW AC . -21.61 8.22 -28.30
P PCW AC . -22.25 9.00 -29.42
C1 PCW BC . -43.92 -17.59 7.73
C2 PCW BC . -42.44 -17.37 8.26
C3 PCW BC . -42.47 -16.51 9.56
C4 PCW BC . -42.16 -19.47 3.98
C5 PCW BC . -42.59 -20.63 3.09
C6 PCW BC . -40.47 -21.38 2.22
C7 PCW BC . -42.30 -22.84 2.20
C8 PCW BC . -41.32 -22.43 4.22
C11 PCW BC . -40.61 -15.04 9.95
C12 PCW BC . -39.21 -15.04 10.51
C13 PCW BC . -38.54 -13.66 10.11
C14 PCW BC . -37.10 -13.48 10.59
C15 PCW BC . -36.00 -13.97 9.61
C16 PCW BC . -35.66 -12.85 8.55
C17 PCW BC . -34.31 -12.08 8.72
C18 PCW BC . -33.37 -12.25 7.52
C19 PCW BC . -32.02 -11.52 7.72
C20 PCW BC . -30.81 -12.11 7.37
C21 PCW BC . -30.45 -13.42 6.79
C22 PCW BC . -29.44 -14.09 7.77
C23 PCW BC . -28.08 -14.55 7.19
C24 PCW BC . -26.90 -13.68 7.46
C25 PCW BC . -25.64 -14.25 8.16
C26 PCW BC . -24.36 -14.30 7.33
C27 PCW BC . -24.42 -14.99 5.95
C28 PCW BC . -23.17 -15.79 5.71
C31 PCW BC . -40.85 -19.05 7.79
C32 PCW BC . -40.32 -20.42 8.26
C33 PCW BC . -38.80 -20.43 8.80
C34 PCW BC . -37.76 -20.53 7.68
C35 PCW BC . -36.34 -20.39 8.36
C36 PCW BC . -35.22 -20.97 7.49
C37 PCW BC . -33.78 -20.87 8.07
C38 PCW BC . -33.10 -19.57 7.70
C39 PCW BC . -31.72 -19.46 8.27
C40 PCW BC . -31.38 -19.19 9.52
C41 PCW BC . -32.37 -18.93 10.65
C42 PCW BC . -32.22 -20.09 11.73
C43 PCW BC . -31.00 -20.08 12.61
C44 PCW BC . -31.12 -21.28 13.54
C45 PCW BC . -29.93 -21.50 14.45
C46 PCW BC . -30.05 -22.72 15.30
C47 PCW BC . -28.82 -23.62 15.33
C48 PCW BC . -29.06 -24.84 16.23
N PCW BC . -41.71 -21.76 2.94
O2 PCW BC . -41.84 -18.68 8.60
O3 PCW BC . -41.13 -16.30 10.04
O11 PCW BC . -41.19 -14.08 9.52
O31 PCW BC . -40.41 -18.39 6.80
O1P PCW BC . -43.65 -20.02 6.40
O2P PCW BC . -45.57 -19.17 5.05
O3P PCW BC . -44.04 -17.52 6.29
O4P PCW BC . -43.35 -18.71 4.28
P PCW BC . -44.20 -18.93 5.52
C1 17F CC . -13.03 -0.86 -37.92
N1 17F CC . -14.64 0.27 -36.36
O1 17F CC . -13.54 -3.03 -39.85
P1 17F CC . -13.47 -3.30 -38.37
C2 17F CC . -13.95 0.33 -37.64
O2 17F CC . -14.44 -4.31 -37.82
C3 17F CC . -14.97 0.49 -38.78
O3 17F CC . -13.64 -2.04 -37.51
C4 17F CC . -11.72 -4.16 -36.60
O4 17F CC . -14.60 0.56 -39.95
C5 17F CC . -10.27 -4.65 -36.38
O5 17F CC . -16.24 0.55 -38.56
C6 17F CC . -9.32 -4.02 -37.42
O6 17F CC . -12.03 -3.84 -37.95
C7 17F CC . -7.41 -5.16 -38.14
O7 17F CC . -7.99 -4.47 -37.21
C8 17F CC . -6.00 -5.53 -37.64
O8 17F CC . -7.80 -5.51 -39.22
C9 17F CC . -6.02 -6.71 -36.64
O9 17F CC . -9.80 -4.41 -35.04
C10 17F CC . -4.62 -7.14 -36.06
O10 17F CC . -8.86 -6.52 -35.01
C11 17F CC . -4.36 -6.65 -34.58
C12 17F CC . -2.96 -7.11 -34.06
C17 17F CC . -9.32 -5.51 -34.47
C18 17F CC . -9.38 -5.43 -32.97
C19 17F CC . -8.18 -4.70 -32.33
C20 17F CC . -7.01 -5.67 -31.92
C1X 17F CC . -2.73 -6.61 -32.63
C1Y 17F CC . -5.85 -4.87 -31.29
C1Z 17F CC . -5.40 -5.52 -29.96
C2X 17F CC . -1.31 -7.05 -32.03
C21 17F CC . -1.44 -7.57 -30.57
C22 17F CC . -0.50 -7.56 -29.70
C23 17F CC . 0.86 -7.05 -29.87
C24 17F CC . 0.96 -5.54 -30.11
C25 17F CC . 2.35 -4.97 -30.29
C26 17F CC . 3.14 -4.68 -28.92
C27 17F CC . 4.52 -4.10 -29.11
C28 17F CC . 5.15 -3.89 -27.68
C29 17F CC . 4.76 -2.57 -27.19
C30 17F CC . 5.28 -2.23 -25.81
C31 17F CC . -5.70 -4.71 -28.64
C32 17F CC . -5.24 -5.38 -27.32
C33 17F CC . -4.88 -4.32 -26.29
C34 17F CC . -4.46 -4.58 -25.06
C35 17F CC . -4.27 -5.95 -24.44
C36 17F CC . -4.00 -5.94 -22.91
C37 17F CC . -4.08 -7.33 -22.40
C38 17F CC . -4.80 -7.47 -21.04
C39 17F CC . -4.84 -8.93 -20.57
C40 17F CC . -6.30 -9.41 -20.42
C41 17F CC . -6.47 -10.85 -21.03
C42 17F CC . -7.78 -11.22 -21.74
C1 17F DC . -30.45 -7.47 -16.00
N1 17F DC . -31.08 -5.04 -16.00
O1 17F DC . -28.81 -7.39 -18.73
P1 17F DC . -29.40 -8.60 -18.02
C2 17F DC . -31.56 -6.40 -15.85
O2 17F DC . -29.80 -9.76 -18.89
C3 17F DC . -32.23 -6.57 -14.47
O3 17F DC . -30.64 -8.23 -17.16
C4 17F DC . -28.71 -10.35 -16.17
O4 17F DC . -32.71 -7.64 -14.13
C5 17F DC . -27.55 -10.75 -15.21
O5 17F DC . -32.32 -5.59 -13.63
C6 17F DC . -26.81 -11.99 -15.76
O6 17F DC . -28.38 -9.21 -16.97
C7 17F DC . -25.20 -13.48 -14.90
O7 17F DC . -25.75 -12.31 -14.89
C8 17F DC . -24.02 -13.38 -13.91
O8 17F DC . -25.41 -14.47 -15.56
C9 17F DC . -23.06 -12.26 -14.35
O9 17F DC . -26.65 -9.67 -14.95
C10 17F DC . -21.82 -11.98 -13.44
O10 17F DC . -27.63 -8.46 -13.26
C11 17F DC . -21.71 -10.46 -13.10
C12 17F DC . -20.49 -10.10 -12.17
C17 17F DC . -26.77 -9.21 -13.72
C18 17F DC . -25.65 -9.70 -12.82
C19 17F DC . -25.86 -9.42 -11.31
C20 17F DC . -24.54 -8.91 -10.61
C1X 17F DC . -20.51 -8.59 -11.92
C1Y 17F DC . -24.77 -8.64 -9.11
C1Z 17F DC . -23.58 -9.11 -8.27
C2X 17F DC . -19.31 -8.11 -10.96
C21 17F DC . -19.85 -7.65 -9.57
C22 17F DC . -19.46 -6.59 -8.95
C23 17F DC . -18.45 -5.61 -9.37
C24 17F DC . -18.96 -4.51 -10.29
C25 17F DC . -17.94 -3.47 -10.74
C26 17F DC . -16.61 -3.41 -9.85
C27 17F DC . -15.58 -2.37 -10.27
C28 17F DC . -14.37 -2.50 -9.26
C29 17F DC . -14.88 -2.26 -7.89
C30 17F DC . -13.84 -2.34 -6.80
C31 17F DC . -23.83 -10.32 -7.29
C32 17F DC . -22.60 -10.78 -6.46
C33 17F DC . -21.34 -10.71 -7.31
C34 17F DC . -20.12 -11.03 -6.89
C35 17F DC . -19.74 -11.53 -5.51
C36 17F DC . -18.81 -12.79 -5.52
C37 17F DC . -18.25 -13.00 -4.16
C38 17F DC . -16.71 -13.17 -4.12
C39 17F DC . -16.21 -13.38 -2.68
C40 17F DC . -15.23 -12.28 -2.29
C41 17F DC . -15.60 -11.63 -0.90
C42 17F DC . -15.79 -10.12 -0.80
C1 17F EC . -16.97 -9.48 -33.55
N1 17F EC . -18.29 -7.38 -33.94
O1 17F EC . -15.11 -7.44 -32.52
P1 17F EC . -14.83 -8.16 -33.82
C2 17F EC . -18.35 -8.79 -33.62
O2 17F EC . -14.25 -7.34 -34.94
C3 17F EC . -19.07 -9.00 -32.29
O3 17F EC . -16.07 -8.86 -34.41
C4 17F EC . -13.39 -10.18 -34.69
O4 17F EC . -19.23 -10.13 -31.81
C5 17F EC . -12.38 -11.27 -34.25
O5 17F EC . -19.54 -8.01 -31.60
C6 17F EC . -12.53 -12.51 -35.16
O6 17F EC . -13.80 -9.35 -33.61
C7 17F EC . -11.08 -14.26 -35.70
O7 17F EC . -11.62 -13.52 -34.78
C8 17F EC . -10.11 -15.25 -35.00
O8 17F EC . -11.21 -14.25 -36.90
C9 17F EC . -10.81 -16.15 -33.93
O9 17F EC . -11.03 -10.80 -34.23
C10 17F EC . -9.89 -17.17 -33.18
O10 17F EC . -10.89 -11.24 -31.97
C11 17F EC . -10.01 -17.11 -31.60
C12 17F EC . -9.07 -18.14 -30.89
C17 17F EC . -10.59 -10.62 -33.00
C18 17F EC . -9.56 -9.51 -32.93
C19 17F EC . -8.41 -9.63 -33.96
C20 17F EC . -7.48 -10.86 -33.70
C1X 17F EC . -9.21 -18.06 -29.37
C1Y 17F EC . -6.35 -10.92 -34.75
C1Z 17F EC . -5.51 -12.20 -34.58
C2X 17F EC . -8.25 -19.10 -28.62
C21 17F EC . -8.56 -19.20 -27.10
C22 17F EC . -8.28 -18.30 -26.22
C23 17F EC . -7.64 -17.00 -26.43
C24 17F EC . -6.37 -16.79 -25.61
C25 17F EC . -5.65 -15.47 -25.77
C26 17F EC . -5.08 -14.85 -24.39
C27 17F EC . -4.35 -13.53 -24.55
C28 17F EC . -3.88 -13.08 -23.11
C29 17F EC . -3.02 -11.90 -23.26
C30 17F EC . -2.50 -11.35 -21.96
C31 17F EC . -4.05 -12.02 -34.04
C32 17F EC . -3.23 -13.33 -33.88
C33 17F EC . -1.76 -12.98 -33.71
C34 17F EC . -0.78 -13.87 -33.54
C35 17F EC . -0.92 -15.37 -33.45
C36 17F EC . -1.06 -15.94 -32.01
C37 17F EC . 0.25 -15.83 -31.32
C38 17F EC . 1.13 -17.10 -31.41
C39 17F EC . 2.47 -16.90 -30.68
C40 17F EC . 3.26 -18.22 -30.65
C41 17F EC . 4.81 -17.93 -30.79
C42 17F EC . 5.31 -17.16 -32.01
C1 17F FC . -35.46 27.82 -4.79
N1 17F FC . -37.18 27.04 -3.12
O1 17F FC . -33.18 30.29 -3.39
P1 17F FC . -34.01 29.04 -3.12
C2 17F FC . -36.63 26.87 -4.45
O2 17F FC . -34.90 29.81 -2.21
C3 17F FC . -36.17 25.42 -4.66
O3 17F FC . -35.36 28.84 -3.86
C4 17F FC . -34.54 27.06 -1.48
O4 17F FC . -35.65 25.07 -5.72
C5 17F FC . -34.20 26.39 -0.13
O5 17F FC . -36.29 24.52 -3.74
C6 17F FC . -33.65 24.97 -0.43
O6 17F FC . -33.79 28.25 -1.77
C7 17F FC . -34.12 23.32 1.15
O7 17F FC . -33.29 24.22 0.72
C8 17F FC . -33.43 22.56 2.31
O8 17F FC . -35.19 22.98 0.74
C9 17F FC . -32.34 21.58 1.81
O9 17F FC . -33.29 27.15 0.67
C10 17F FC . -31.59 20.74 2.90
O10 17F FC . -34.40 26.82 2.68
C11 17F FC . -32.01 21.06 4.39
C12 17F FC . -31.22 20.18 5.43
C17 17F FC . -33.82 27.52 1.83
C18 17F FC . -33.66 29.00 2.08
C19 17F FC . -34.68 29.61 3.07
C20 17F FC . -34.02 30.62 4.08
C1X 17F FC . -31.65 20.52 6.85
C1Y 17F FC . -35.09 31.20 5.04
C1Z 17F FC . -34.49 32.21 6.01
C2X 17F FC . -30.89 19.65 7.96
C21 17F FC . -31.86 18.68 8.69
C22 17F FC . -32.11 18.72 9.95
C23 17F FC . -31.57 19.64 10.95
C24 17F FC . -31.94 21.11 10.73
C25 17F FC . -31.38 22.10 11.74
C26 17F FC . -29.81 22.01 12.00
C27 17F FC . -29.26 22.99 13.00
C28 17F FC . -27.70 22.74 13.09
C29 17F FC . -26.99 24.00 12.76
C30 17F FC . -25.51 23.89 12.81
C31 17F FC . -33.27 31.72 6.88
C32 17F FC . -32.70 32.77 7.85
C33 17F FC . -31.22 32.96 7.55
C34 17F FC . -30.41 33.80 8.20
C35 17F FC . -30.77 34.71 9.35
C36 17F FC . -30.65 36.23 9.04
C37 17F FC . -29.21 36.55 8.77
C38 17F FC . -28.58 37.54 9.77
C39 17F FC . -27.10 37.82 9.41
C40 17F FC . -26.64 39.14 10.03
C41 17F FC . -26.50 40.26 8.91
C42 17F FC . -25.77 39.93 7.61
C1 17F GC . -34.65 -22.18 -10.52
N1 17F GC . -36.47 -22.80 -12.09
O1 17F GC . -33.63 -18.79 -9.76
P1 17F GC . -33.42 -20.25 -9.43
C2 17F GC . -35.42 -21.85 -11.80
O2 17F GC . -32.29 -20.95 -10.17
C3 17F GC . -34.47 -21.79 -13.01
O3 17F GC . -34.70 -21.12 -9.63
C4 17F GC . -32.84 -21.74 -7.34
O4 17F GC . -33.48 -21.05 -13.00
C5 17F GC . -32.48 -21.69 -5.81
O5 17F GC . -34.65 -22.51 -14.05
C6 17F GC . -33.70 -22.03 -4.93
O6 17F GC . -33.07 -20.45 -7.90
C7 17F GC . -34.04 -22.65 -2.68
O7 17F GC . -33.35 -21.98 -3.55
C8 17F GC . -33.36 -22.44 -1.30
O8 17F GC . -35.01 -23.35 -2.81
C9 17F GC . -34.21 -21.60 -0.31
O9 17F GC . -31.36 -22.53 -5.49
C10 17F GC . -33.55 -21.36 1.10
O10 17F GC . -29.72 -21.17 -4.62
C11 17F GC . -32.75 -20.01 1.18
C12 17F GC . -32.08 -19.78 2.58
C17 17F GC . -30.23 -21.86 -5.51
C18 17F GC . -29.51 -22.01 -6.84
C19 17F GC . -28.05 -21.49 -6.85
C20 17F GC . -27.01 -22.65 -6.62
C1X 17F GC . -31.33 -18.45 2.59
C1Y 17F GC . -25.57 -22.10 -6.64
C1Z 17F GC . -24.73 -22.75 -5.54
C2X 17F GC . -30.59 -18.15 3.98
C21 17F GC . -29.16 -17.58 3.75
C22 17F GC . -28.21 -17.55 4.63
C23 17F GC . -28.25 -18.01 6.02
C24 17F GC . -26.90 -18.49 6.54
C25 17F GC . -26.85 -18.98 7.98
C26 17F GC . -25.99 -18.07 8.97
C27 17F GC . -25.95 -18.55 10.40
C28 17F GC . -25.07 -17.53 11.23
C29 17F GC . -25.83 -16.28 11.40
C30 17F GC . -25.11 -15.20 12.17
C31 17F GC . -24.89 -24.30 -5.35
C32 17F GC . -24.02 -24.93 -4.23
C33 17F GC . -22.54 -24.70 -4.53
C34 17F GC . -21.54 -25.13 -3.77
C35 17F GC . -21.64 -25.91 -2.48
C36 17F GC . -21.22 -27.40 -2.58
C37 17F GC . -19.74 -27.48 -2.43
C38 17F GC . -19.08 -28.62 -3.25
C39 17F GC . -17.56 -28.64 -3.06
C40 17F GC . -17.09 -30.00 -2.55
C41 17F GC . -15.62 -29.92 -1.98
C42 17F GC . -14.95 -31.20 -1.46
C1 17F HC . -21.77 -19.52 -30.06
N1 17F HC . -21.77 -18.02 -28.03
O1 17F HC . -21.07 -22.30 -30.65
P1 17F HC . -21.13 -21.82 -29.22
C2 17F HC . -21.84 -18.09 -29.49
O2 17F HC . -21.75 -22.76 -28.22
C3 17F HC . -23.15 -17.42 -29.96
O3 17F HC . -21.85 -20.46 -29.04
C4 17F HC . -19.46 -21.08 -27.33
O4 17F HC . -23.43 -17.36 -31.16
C5 17F HC . -17.95 -20.87 -27.00
O5 17F HC . -24.01 -16.90 -29.15
C6 17F HC . -17.45 -19.53 -27.60
O6 17F HC . -19.67 -21.54 -28.67
C7 17F HC . -15.19 -19.74 -28.16
O7 17F HC . -16.08 -19.31 -27.32
C8 17F HC . -13.79 -19.40 -27.59
O8 17F HC . -15.31 -20.33 -29.20
C9 17F HC . -13.37 -20.35 -26.44
O9 17F HC . -17.66 -20.96 -25.60
C10 17F HC . -11.97 -20.08 -25.78
O10 17F HC . -19.04 -19.16 -25.20
C11 17F HC . -11.84 -20.57 -24.30
C12 17F HC . -10.42 -20.28 -23.69
C17 17F HC . -18.27 -20.05 -24.86
C18 17F HC . -17.92 -20.19 -23.40
C19 17F HC . -16.63 -19.43 -22.98
C20 17F HC . -16.87 -18.47 -21.75
C1X 17F HC . -10.36 -20.77 -22.23
C1Y 17F HC . -15.57 -17.73 -21.36
C1Z 17F HC . -14.84 -18.49 -20.24
C2X 17F HC . -8.93 -20.50 -21.56
C21 17F HC . -8.90 -20.86 -20.04
C22 17F HC . -7.99 -20.47 -19.21
C23 17F HC . -6.82 -19.63 -19.52
C24 17F HC . -6.82 -18.28 -18.82
C25 17F HC . -5.63 -17.37 -19.11
C26 17F HC . -4.38 -17.53 -18.12
C27 17F HC . -3.22 -16.62 -18.45
C28 17F HC . -2.09 -16.90 -17.40
C29 17F HC . -1.31 -15.67 -17.21
C30 17F HC . -0.19 -15.80 -16.22
C31 17F HC . -13.29 -18.63 -20.40
C32 17F HC . -12.57 -19.40 -19.26
C33 17F HC . -12.82 -18.68 -17.94
C34 17F HC . -12.36 -19.06 -16.75
C35 17F HC . -11.49 -20.26 -16.46
C36 17F HC . -11.95 -21.10 -15.23
C37 17F HC . -13.11 -21.95 -15.61
C38 17F HC . -13.87 -22.59 -14.42
C39 17F HC . -15.05 -23.45 -14.89
C40 17F HC . -15.37 -24.54 -13.86
C41 17F HC . -16.72 -25.27 -14.21
C42 17F HC . -18.03 -24.52 -14.02
N LEU A 3 -5.14 52.42 9.29
CA LEU A 3 -6.33 53.20 9.65
C LEU A 3 -7.58 52.34 9.58
N LYS A 4 -7.76 51.65 8.45
CA LYS A 4 -8.92 50.80 8.24
C LYS A 4 -8.98 49.69 9.28
N LEU A 5 -7.84 49.05 9.52
CA LEU A 5 -7.78 47.97 10.49
C LEU A 5 -8.05 48.49 11.91
N LEU A 6 -7.66 49.73 12.15
CA LEU A 6 -7.86 50.35 13.46
C LEU A 6 -9.34 50.55 13.75
N ASP A 7 -10.04 51.22 12.83
CA ASP A 7 -11.47 51.48 12.99
C ASP A 7 -12.27 50.19 13.00
N ASN A 8 -11.89 49.25 12.14
CA ASN A 8 -12.56 47.96 12.06
C ASN A 8 -12.38 47.21 13.37
N TRP A 9 -11.14 47.05 13.81
CA TRP A 9 -10.84 46.34 15.04
C TRP A 9 -11.41 47.03 16.27
N ASP A 10 -11.51 48.35 16.22
CA ASP A 10 -12.08 49.11 17.33
C ASP A 10 -13.55 48.75 17.46
N SER A 11 -14.24 48.73 16.33
CA SER A 11 -15.65 48.37 16.29
C SER A 11 -15.83 46.92 16.73
N VAL A 12 -14.84 46.09 16.40
CA VAL A 12 -14.87 44.67 16.79
C VAL A 12 -14.61 44.53 18.29
N THR A 13 -13.68 45.33 18.80
CA THR A 13 -13.35 45.30 20.21
C THR A 13 -14.56 45.72 21.05
N SER A 14 -15.28 46.73 20.57
CA SER A 14 -16.47 47.20 21.27
C SER A 14 -17.58 46.16 21.23
N THR A 15 -17.68 45.43 20.13
CA THR A 15 -18.70 44.39 20.01
C THR A 15 -18.31 43.20 20.90
N PHE A 16 -17.01 42.89 20.92
CA PHE A 16 -16.49 41.81 21.76
C PHE A 16 -16.83 42.09 23.22
N SER A 17 -16.67 43.34 23.61
CA SER A 17 -16.96 43.76 24.97
C SER A 17 -18.45 43.55 25.27
N LYS A 18 -19.30 44.01 24.35
CA LYS A 18 -20.74 43.88 24.50
C LYS A 18 -21.14 42.41 24.49
N LEU A 19 -20.40 41.60 23.75
CA LEU A 19 -20.65 40.17 23.68
C LEU A 19 -20.43 39.56 25.06
N ARG A 20 -19.34 39.97 25.70
CA ARG A 20 -19.01 39.49 27.03
C ARG A 20 -20.02 40.01 28.04
N GLU A 21 -20.41 41.27 27.87
CA GLU A 21 -21.41 41.90 28.74
C GLU A 21 -22.70 41.12 28.73
N GLN A 22 -22.95 40.43 27.61
CA GLN A 22 -24.15 39.63 27.46
C GLN A 22 -23.87 38.17 27.81
N LEU A 23 -22.66 37.70 27.49
CA LEU A 23 -22.26 36.32 27.77
C LEU A 23 -22.23 36.05 29.27
N GLY A 24 -21.82 37.05 30.05
CA GLY A 24 -21.79 36.89 31.49
C GLY A 24 -23.14 36.45 32.03
N PRO A 25 -24.17 37.31 31.92
CA PRO A 25 -25.53 36.97 32.37
C PRO A 25 -26.06 35.74 31.64
N VAL A 26 -25.69 35.59 30.36
CA VAL A 26 -26.12 34.43 29.57
C VAL A 26 -25.67 33.15 30.26
N THR A 27 -24.43 33.13 30.70
CA THR A 27 -23.89 31.97 31.39
C THR A 27 -24.64 31.74 32.70
N GLN A 28 -25.01 32.84 33.35
CA GLN A 28 -25.76 32.78 34.62
C GLN A 28 -27.16 32.22 34.37
N GLU A 29 -27.83 32.78 33.35
CA GLU A 29 -29.18 32.36 33.00
C GLU A 29 -29.17 30.90 32.54
N PHE A 30 -28.19 30.56 31.70
CA PHE A 30 -28.06 29.20 31.21
C PHE A 30 -27.71 28.27 32.38
N TRP A 31 -26.90 28.76 33.31
CA TRP A 31 -26.50 27.98 34.47
C TRP A 31 -27.73 27.70 35.34
N ASP A 32 -28.55 28.73 35.52
CA ASP A 32 -29.76 28.60 36.32
C ASP A 32 -30.68 27.57 35.69
N ASN A 33 -30.84 27.66 34.37
CA ASN A 33 -31.67 26.71 33.64
C ASN A 33 -31.04 25.33 33.64
N LEU A 34 -29.73 25.27 33.47
CA LEU A 34 -29.00 24.01 33.49
C LEU A 34 -29.15 23.34 34.84
N GLU A 35 -29.17 24.15 35.90
CA GLU A 35 -29.35 23.63 37.24
C GLU A 35 -30.75 23.07 37.42
N LYS A 36 -31.73 23.68 36.74
CA LYS A 36 -33.09 23.20 36.77
C LYS A 36 -33.16 21.88 36.01
N GLU A 37 -32.49 21.86 34.86
CA GLU A 37 -32.42 20.68 34.02
C GLU A 37 -31.78 19.54 34.81
N THR A 38 -30.64 19.83 35.42
CA THR A 38 -29.93 18.85 36.21
C THR A 38 -30.73 18.47 37.44
N GLU A 39 -31.38 19.44 38.08
CA GLU A 39 -32.20 19.17 39.26
C GLU A 39 -33.29 18.17 38.91
N GLY A 40 -33.94 18.40 37.76
CA GLY A 40 -34.98 17.50 37.31
C GLY A 40 -34.39 16.15 36.97
N LEU A 41 -33.30 16.16 36.23
CA LEU A 41 -32.62 14.93 35.82
C LEU A 41 -32.06 14.18 37.02
N ARG A 42 -31.62 14.91 38.04
CA ARG A 42 -31.08 14.30 39.25
C ARG A 42 -32.17 13.49 39.93
N GLN A 43 -33.32 14.12 40.14
CA GLN A 43 -34.45 13.46 40.78
C GLN A 43 -34.93 12.33 39.88
N GLU A 44 -34.94 12.60 38.58
CA GLU A 44 -35.34 11.62 37.60
C GLU A 44 -34.42 10.41 37.65
N MET A 45 -33.12 10.67 37.70
CA MET A 45 -32.12 9.61 37.76
C MET A 45 -32.27 8.78 39.03
N SER A 46 -32.52 9.45 40.16
CA SER A 46 -32.70 8.74 41.43
C SER A 46 -33.92 7.82 41.40
N LYS A 47 -34.78 8.05 40.42
CA LYS A 47 -35.97 7.23 40.24
C LYS A 47 -35.74 6.24 39.11
N ASP A 48 -35.27 6.76 37.97
CA ASP A 48 -34.98 5.97 36.78
C ASP A 48 -34.01 4.85 37.11
N LEU A 49 -32.85 5.21 37.65
CA LEU A 49 -31.83 4.23 38.00
C LEU A 49 -32.35 3.28 39.07
N GLU A 50 -33.07 3.80 40.05
CA GLU A 50 -33.62 2.97 41.11
C GLU A 50 -34.60 1.96 40.54
N GLU A 51 -35.52 2.44 39.71
CA GLU A 51 -36.52 1.57 39.08
C GLU A 51 -35.82 0.56 38.18
N VAL A 52 -34.85 1.03 37.40
CA VAL A 52 -34.10 0.18 36.50
C VAL A 52 -33.32 -0.88 37.27
N LYS A 53 -32.70 -0.48 38.38
CA LYS A 53 -31.93 -1.41 39.19
C LYS A 53 -32.82 -2.38 39.97
N ALA A 54 -33.94 -1.86 40.46
CA ALA A 54 -34.88 -2.68 41.21
C ALA A 54 -35.55 -3.70 40.28
N LYS A 55 -35.78 -3.27 39.05
CA LYS A 55 -36.40 -4.14 38.05
C LYS A 55 -35.36 -4.97 37.34
N VAL A 56 -34.12 -4.51 37.34
CA VAL A 56 -33.04 -5.25 36.68
C VAL A 56 -32.87 -6.62 37.32
N GLN A 57 -33.21 -6.73 38.60
CA GLN A 57 -33.10 -7.99 39.31
C GLN A 57 -34.02 -9.02 38.69
N PRO A 58 -35.37 -8.82 38.70
CA PRO A 58 -36.30 -9.77 38.08
C PRO A 58 -36.08 -9.86 36.58
N TYR A 59 -35.63 -8.77 35.95
CA TYR A 59 -35.37 -8.76 34.52
C TYR A 59 -34.24 -9.72 34.18
N LEU A 60 -33.10 -9.54 34.85
CA LEU A 60 -31.93 -10.38 34.63
C LEU A 60 -32.18 -11.79 35.15
N ASP A 61 -32.86 -11.89 36.29
CA ASP A 61 -33.15 -13.19 36.89
C ASP A 61 -34.06 -14.00 36.00
N ASP A 62 -35.09 -13.34 35.45
CA ASP A 62 -36.03 -14.01 34.56
C ASP A 62 -35.30 -14.51 33.33
N PHE A 63 -34.54 -13.61 32.69
CA PHE A 63 -33.79 -13.96 31.51
C PHE A 63 -32.73 -15.00 31.84
N GLN A 64 -32.18 -14.95 33.04
CA GLN A 64 -31.19 -15.92 33.48
C GLN A 64 -31.83 -17.28 33.65
N LYS A 65 -33.05 -17.29 34.20
CA LYS A 65 -33.79 -18.53 34.38
C LYS A 65 -34.15 -19.12 33.02
N LYS A 66 -34.55 -18.24 32.10
CA LYS A 66 -34.88 -18.66 30.75
C LYS A 66 -33.63 -19.19 30.08
N TRP A 67 -32.55 -18.41 30.17
CA TRP A 67 -31.25 -18.78 29.60
C TRP A 67 -30.77 -20.10 30.20
N GLN A 68 -31.04 -20.28 31.48
CA GLN A 68 -30.66 -21.50 32.19
C GLN A 68 -31.36 -22.68 31.55
N GLU A 69 -32.69 -22.58 31.41
CA GLU A 69 -33.48 -23.63 30.79
C GLU A 69 -33.01 -23.84 29.37
N GLU A 70 -32.79 -22.73 28.67
CA GLU A 70 -32.34 -22.75 27.29
C GLU A 70 -31.01 -23.50 27.16
N MET A 71 -30.06 -23.16 28.01
CA MET A 71 -28.75 -23.80 27.99
C MET A 71 -28.85 -25.26 28.42
N GLU A 72 -29.63 -25.53 29.47
CA GLU A 72 -29.80 -26.88 29.96
C GLU A 72 -30.41 -27.77 28.88
N LEU A 73 -31.47 -27.28 28.25
CA LEU A 73 -32.15 -28.03 27.21
C LEU A 73 -31.28 -28.10 25.95
N TYR A 74 -30.55 -27.02 25.67
CA TYR A 74 -29.67 -26.99 24.51
C TYR A 74 -28.58 -28.03 24.67
N ARG A 75 -27.94 -28.05 25.83
CA ARG A 75 -26.88 -29.02 26.11
C ARG A 75 -27.45 -30.43 26.08
N GLN A 76 -28.63 -30.58 26.67
CA GLN A 76 -29.32 -31.86 26.72
C GLN A 76 -29.58 -32.40 25.32
N LYS A 77 -29.75 -31.48 24.37
CA LYS A 77 -29.99 -31.85 22.99
C LYS A 77 -28.67 -31.97 22.23
N VAL A 78 -27.76 -31.05 22.50
CA VAL A 78 -26.44 -31.04 21.85
C VAL A 78 -25.74 -32.39 21.96
N GLU A 79 -25.84 -33.02 23.12
CA GLU A 79 -25.21 -34.32 23.32
C GLU A 79 -25.66 -35.36 22.27
N PRO A 80 -26.96 -35.73 22.23
CA PRO A 80 -27.46 -36.69 21.24
C PRO A 80 -27.33 -36.16 19.81
N LEU A 81 -27.49 -34.84 19.65
CA LEU A 81 -27.37 -34.23 18.32
C LEU A 81 -25.95 -34.37 17.80
N ARG A 82 -24.99 -34.22 18.71
CA ARG A 82 -23.58 -34.36 18.38
C ARG A 82 -23.32 -35.80 17.97
N ALA A 83 -24.01 -36.72 18.63
CA ALA A 83 -23.89 -38.13 18.33
C ALA A 83 -24.40 -38.38 16.92
N GLU A 84 -25.58 -37.85 16.61
CA GLU A 84 -26.18 -38.00 15.29
C GLU A 84 -25.24 -37.47 14.22
N LEU A 85 -24.70 -36.29 14.45
CA LEU A 85 -23.78 -35.65 13.52
C LEU A 85 -22.50 -36.47 13.39
N GLN A 86 -21.98 -36.94 14.52
CA GLN A 86 -20.75 -37.72 14.53
C GLN A 86 -20.95 -39.09 13.90
N GLU A 87 -21.94 -39.84 14.38
CA GLU A 87 -22.22 -41.16 13.85
C GLU A 87 -22.60 -41.07 12.39
N GLY A 88 -23.43 -40.09 12.06
CA GLY A 88 -23.83 -39.88 10.69
C GLY A 88 -22.65 -39.52 9.83
N ALA A 89 -21.74 -38.74 10.41
CA ALA A 89 -20.53 -38.34 9.70
C ALA A 89 -19.64 -39.53 9.43
N ARG A 90 -19.65 -40.50 10.35
CA ARG A 90 -18.85 -41.70 10.18
C ARG A 90 -19.24 -42.42 8.90
N GLN A 91 -20.54 -42.58 8.71
CA GLN A 91 -21.07 -43.23 7.50
C GLN A 91 -20.75 -42.39 6.27
N LYS A 92 -21.02 -41.10 6.38
CA LYS A 92 -20.77 -40.18 5.27
C LYS A 92 -19.29 -40.14 4.91
N LEU A 93 -18.43 -40.17 5.93
CA LEU A 93 -17.00 -40.17 5.73
C LEU A 93 -16.53 -41.51 5.19
N HIS A 94 -17.13 -42.59 5.69
CA HIS A 94 -16.79 -43.93 5.25
C HIS A 94 -17.12 -44.09 3.77
N GLU A 95 -18.30 -43.60 3.38
CA GLU A 95 -18.72 -43.68 1.99
C GLU A 95 -17.79 -42.88 1.08
N LEU A 96 -17.13 -41.87 1.66
CA LEU A 96 -16.19 -41.05 0.92
C LEU A 96 -14.80 -41.69 0.94
N GLN A 97 -14.40 -42.18 2.10
CA GLN A 97 -13.10 -42.82 2.27
C GLN A 97 -13.00 -44.09 1.45
N GLU A 98 -14.08 -44.87 1.44
CA GLU A 98 -14.12 -46.10 0.67
C GLU A 98 -14.12 -45.81 -0.83
N LYS A 99 -14.22 -44.53 -1.17
CA LYS A 99 -14.20 -44.11 -2.56
C LYS A 99 -12.91 -43.36 -2.87
N LEU A 100 -12.30 -42.78 -1.84
CA LEU A 100 -11.06 -42.04 -2.01
C LEU A 100 -9.96 -42.95 -2.53
N SER A 101 -10.02 -44.22 -2.16
CA SER A 101 -9.04 -45.20 -2.61
C SER A 101 -9.28 -45.59 -4.09
N PRO A 102 -10.45 -46.18 -4.43
CA PRO A 102 -10.74 -46.59 -5.82
C PRO A 102 -10.78 -45.39 -6.77
N LEU A 103 -11.57 -44.38 -6.44
CA LEU A 103 -11.67 -43.19 -7.29
C LEU A 103 -10.33 -42.46 -7.35
N GLY A 104 -9.53 -42.67 -6.30
CA GLY A 104 -8.22 -42.07 -6.25
C GLY A 104 -7.28 -42.80 -7.18
N GLU A 105 -7.32 -44.13 -7.11
CA GLU A 105 -6.50 -44.97 -7.97
C GLU A 105 -6.89 -44.75 -9.41
N GLU A 106 -8.19 -44.64 -9.67
CA GLU A 106 -8.69 -44.39 -11.02
C GLU A 106 -8.20 -43.05 -11.50
N MET A 107 -8.15 -42.07 -10.61
CA MET A 107 -7.67 -40.74 -10.95
C MET A 107 -6.19 -40.79 -11.29
N ARG A 108 -5.46 -41.63 -10.57
CA ARG A 108 -4.03 -41.80 -10.80
C ARG A 108 -3.79 -42.62 -12.06
N ASP A 109 -4.68 -43.57 -12.31
CA ASP A 109 -4.59 -44.42 -13.50
C ASP A 109 -4.86 -43.58 -14.75
N ARG A 110 -5.92 -42.79 -14.70
CA ARG A 110 -6.28 -41.93 -15.82
C ARG A 110 -5.27 -40.81 -15.97
N ALA A 111 -4.52 -40.57 -14.90
CA ALA A 111 -3.48 -39.55 -14.90
C ALA A 111 -2.34 -39.99 -15.81
N ARG A 112 -2.24 -41.30 -16.03
CA ARG A 112 -1.23 -41.85 -16.90
C ARG A 112 -1.58 -41.47 -18.33
N ALA A 113 -2.84 -41.66 -18.69
CA ALA A 113 -3.32 -41.32 -20.02
C ALA A 113 -3.59 -39.82 -20.11
N HIS A 114 -3.26 -39.10 -19.05
CA HIS A 114 -3.45 -37.67 -18.98
C HIS A 114 -2.11 -36.94 -18.99
N VAL A 115 -1.33 -37.12 -17.93
CA VAL A 115 -0.04 -36.47 -17.79
C VAL A 115 1.06 -37.25 -18.52
N ASP A 116 1.14 -38.54 -18.26
CA ASP A 116 2.17 -39.37 -18.91
C ASP A 116 1.99 -39.39 -20.42
N ALA A 117 0.74 -39.46 -20.86
CA ALA A 117 0.41 -39.44 -22.28
C ALA A 117 0.80 -38.09 -22.86
N LEU A 118 0.67 -37.05 -22.03
CA LEU A 118 1.03 -35.70 -22.45
C LEU A 118 2.53 -35.58 -22.63
N ARG A 119 3.28 -36.43 -21.94
CA ARG A 119 4.74 -36.42 -22.06
C ARG A 119 5.12 -36.86 -23.46
N THR A 120 4.49 -37.93 -23.92
CA THR A 120 4.75 -38.46 -25.25
C THR A 120 4.16 -37.54 -26.31
N HIS A 121 3.32 -36.60 -25.85
CA HIS A 121 2.70 -35.64 -26.74
C HIS A 121 3.53 -34.35 -26.79
N LEU A 122 4.01 -33.94 -25.62
CA LEU A 122 4.81 -32.74 -25.51
C LEU A 122 6.23 -32.94 -26.02
N ALA A 123 6.74 -34.17 -25.94
CA ALA A 123 8.08 -34.48 -26.42
C ALA A 123 8.27 -34.02 -27.87
N PRO A 124 7.44 -34.51 -28.83
CA PRO A 124 7.55 -34.08 -30.22
C PRO A 124 7.11 -32.62 -30.36
N TYR A 125 6.09 -32.23 -29.59
CA TYR A 125 5.58 -30.87 -29.63
C TYR A 125 6.67 -29.85 -29.31
N SER A 126 7.39 -30.09 -28.22
CA SER A 126 8.45 -29.20 -27.80
C SER A 126 9.57 -29.15 -28.82
N ASP A 127 9.93 -30.31 -29.38
CA ASP A 127 10.98 -30.35 -30.39
C ASP A 127 10.54 -29.61 -31.64
N GLU A 128 9.28 -29.79 -32.02
CA GLU A 128 8.73 -29.09 -33.17
C GLU A 128 8.76 -27.60 -32.88
N LEU A 129 8.52 -27.25 -31.61
CA LEU A 129 8.55 -25.87 -31.17
C LEU A 129 9.98 -25.35 -31.29
N ARG A 130 10.94 -26.18 -30.91
CA ARG A 130 12.35 -25.82 -31.00
C ARG A 130 12.72 -25.55 -32.46
N GLN A 131 12.17 -26.38 -33.35
CA GLN A 131 12.42 -26.25 -34.77
C GLN A 131 11.78 -24.97 -35.31
N ARG A 132 10.50 -24.76 -34.99
CA ARG A 132 9.80 -23.56 -35.45
C ARG A 132 10.42 -22.30 -34.85
N LEU A 133 10.83 -22.39 -33.60
CA LEU A 133 11.46 -21.26 -32.93
C LEU A 133 12.80 -20.97 -33.58
N ALA A 134 13.45 -22.02 -34.08
CA ALA A 134 14.73 -21.88 -34.75
C ALA A 134 14.51 -21.16 -36.07
N ALA A 135 13.47 -21.58 -36.79
CA ALA A 135 13.12 -20.96 -38.06
C ALA A 135 12.72 -19.52 -37.83
N ARG A 136 11.92 -19.30 -36.78
CA ARG A 136 11.47 -17.97 -36.42
C ARG A 136 12.65 -17.10 -36.01
N LEU A 137 13.53 -17.65 -35.17
CA LEU A 137 14.72 -16.92 -34.73
C LEU A 137 15.64 -16.63 -35.90
N GLU A 138 15.73 -17.59 -36.82
CA GLU A 138 16.56 -17.42 -38.01
C GLU A 138 16.02 -16.29 -38.85
N ALA A 139 14.70 -16.27 -39.04
CA ALA A 139 14.05 -15.21 -39.80
C ALA A 139 14.17 -13.90 -39.04
N LEU A 140 14.08 -13.99 -37.71
CA LEU A 140 14.20 -12.83 -36.85
C LEU A 140 15.61 -12.28 -36.91
N LYS A 141 16.57 -13.14 -37.25
CA LYS A 141 17.96 -12.74 -37.36
C LYS A 141 18.22 -12.17 -38.75
N GLU A 142 17.66 -12.82 -39.77
CA GLU A 142 17.79 -12.36 -41.14
C GLU A 142 17.17 -10.98 -41.24
N ASN A 143 15.91 -10.90 -40.83
CA ASN A 143 15.18 -9.65 -40.84
C ASN A 143 15.77 -8.71 -39.81
N GLY A 144 16.21 -9.27 -38.69
CA GLY A 144 16.81 -8.49 -37.63
C GLY A 144 18.03 -7.74 -38.11
N GLY A 145 18.93 -8.45 -38.79
CA GLY A 145 20.13 -7.82 -39.30
C GLY A 145 19.78 -6.72 -40.27
N ALA A 146 18.82 -7.00 -41.14
CA ALA A 146 18.36 -6.03 -42.12
C ALA A 146 17.72 -4.84 -41.41
N ARG A 147 16.87 -5.13 -40.43
CA ARG A 147 16.19 -4.09 -39.67
C ARG A 147 17.20 -3.23 -38.93
N LEU A 148 18.21 -3.86 -38.35
CA LEU A 148 19.25 -3.14 -37.61
C LEU A 148 20.09 -2.29 -38.54
N ALA A 149 20.49 -2.86 -39.69
CA ALA A 149 21.27 -2.13 -40.66
C ALA A 149 20.47 -0.94 -41.18
N GLU A 150 19.19 -1.21 -41.50
CA GLU A 150 18.29 -0.19 -41.99
C GLU A 150 18.03 0.85 -40.91
N TYR A 151 17.89 0.38 -39.67
CA TYR A 151 17.66 1.27 -38.54
C TYR A 151 18.84 2.21 -38.38
N HIS A 152 20.04 1.67 -38.58
CA HIS A 152 21.25 2.47 -38.48
C HIS A 152 21.29 3.50 -39.60
N ALA A 153 20.89 3.07 -40.79
CA ALA A 153 20.85 3.96 -41.95
C ALA A 153 19.77 5.02 -41.76
N LYS A 154 18.59 4.58 -41.33
CA LYS A 154 17.47 5.47 -41.08
C LYS A 154 17.83 6.45 -39.96
N ALA A 155 18.68 6.00 -39.05
CA ALA A 155 19.13 6.83 -37.93
C ALA A 155 20.17 7.83 -38.40
N THR A 156 21.14 7.39 -39.20
CA THR A 156 22.17 8.27 -39.71
C THR A 156 21.56 9.34 -40.60
N GLU A 157 20.65 8.92 -41.48
CA GLU A 157 19.97 9.84 -42.39
C GLU A 157 19.07 10.78 -41.60
N HIS A 158 18.67 10.35 -40.42
CA HIS A 158 17.83 11.18 -39.56
C HIS A 158 18.72 12.15 -38.79
N LEU A 159 19.88 11.67 -38.38
CA LEU A 159 20.83 12.49 -37.64
C LEU A 159 21.46 13.55 -38.52
N SER A 160 21.77 13.18 -39.76
CA SER A 160 22.35 14.13 -40.70
C SER A 160 21.37 15.28 -40.95
N THR A 161 20.14 14.91 -41.25
CA THR A 161 19.10 15.89 -41.48
C THR A 161 18.77 16.62 -40.18
N LEU A 162 18.99 15.95 -39.05
CA LEU A 162 18.75 16.54 -37.74
C LEU A 162 19.77 17.65 -37.51
N SER A 163 21.01 17.39 -37.91
CA SER A 163 22.07 18.38 -37.77
C SER A 163 21.74 19.56 -38.67
N GLU A 164 21.17 19.25 -39.83
CA GLU A 164 20.78 20.26 -40.82
C GLU A 164 19.47 20.95 -40.41
N LYS A 165 18.94 20.59 -39.25
CA LYS A 165 17.72 21.19 -38.75
C LYS A 165 18.00 21.88 -37.42
N ALA A 166 18.65 21.15 -36.52
CA ALA A 166 18.98 21.68 -35.20
C ALA A 166 19.95 22.85 -35.28
N LYS A 167 21.01 22.72 -36.07
CA LYS A 167 22.00 23.78 -36.21
C LYS A 167 21.38 25.11 -36.66
N PRO A 168 20.73 25.16 -37.85
CA PRO A 168 20.10 26.39 -38.32
C PRO A 168 19.00 26.86 -37.38
N ALA A 169 18.23 25.92 -36.83
CA ALA A 169 17.17 26.25 -35.89
C ALA A 169 17.74 26.89 -34.65
N LEU A 170 18.81 26.29 -34.12
CA LEU A 170 19.47 26.82 -32.92
C LEU A 170 19.99 28.21 -33.20
N GLU A 171 20.60 28.40 -34.36
CA GLU A 171 21.13 29.70 -34.73
C GLU A 171 20.00 30.71 -34.85
N ASP A 172 18.91 30.27 -35.46
CA ASP A 172 17.74 31.13 -35.63
C ASP A 172 17.11 31.42 -34.28
N LEU A 173 17.00 30.40 -33.45
CA LEU A 173 16.42 30.55 -32.12
C LEU A 173 17.28 31.47 -31.27
N ARG A 174 18.59 31.31 -31.36
CA ARG A 174 19.52 32.16 -30.60
C ARG A 174 19.50 33.57 -31.18
N GLN A 175 19.39 33.66 -32.50
CA GLN A 175 19.33 34.95 -33.16
C GLN A 175 18.01 35.65 -32.87
N GLY A 176 16.99 34.86 -32.56
CA GLY A 176 15.67 35.39 -32.23
C GLY A 176 15.63 35.69 -30.74
N LEU A 177 16.36 34.89 -29.96
CA LEU A 177 16.42 35.06 -28.52
C LEU A 177 16.99 36.41 -28.14
N LEU A 178 17.94 36.91 -28.95
CA LEU A 178 18.55 38.20 -28.67
C LEU A 178 17.50 39.32 -28.63
N PRO A 179 16.75 39.58 -29.74
CA PRO A 179 15.72 40.61 -29.76
C PRO A 179 14.52 40.25 -28.88
N VAL A 180 14.15 38.97 -28.83
CA VAL A 180 13.01 38.54 -28.03
C VAL A 180 13.27 38.70 -26.54
N LEU A 181 14.48 38.37 -26.09
CA LEU A 181 14.82 38.52 -24.67
C LEU A 181 14.94 40.00 -24.36
N GLU A 182 15.37 40.79 -25.33
CA GLU A 182 15.50 42.22 -25.16
C GLU A 182 14.12 42.85 -25.00
N SER A 183 13.20 42.49 -25.89
CA SER A 183 11.84 43.01 -25.83
C SER A 183 11.16 42.49 -24.56
N PHE A 184 11.47 41.24 -24.20
CA PHE A 184 10.93 40.63 -22.99
C PHE A 184 11.42 41.41 -21.79
N LYS A 185 12.70 41.74 -21.78
CA LYS A 185 13.29 42.51 -20.69
C LYS A 185 12.68 43.90 -20.65
N VAL A 186 12.44 44.48 -21.82
CA VAL A 186 11.83 45.81 -21.92
C VAL A 186 10.44 45.77 -21.28
N SER A 187 9.68 44.74 -21.59
CA SER A 187 8.34 44.59 -21.04
C SER A 187 8.39 44.21 -19.57
N PHE A 188 9.33 43.35 -19.20
CA PHE A 188 9.49 42.93 -17.81
C PHE A 188 9.86 44.11 -16.92
N LEU A 189 10.83 44.89 -17.39
CA LEU A 189 11.29 46.05 -16.64
C LEU A 189 10.19 47.08 -16.47
N SER A 190 9.40 47.30 -17.52
CA SER A 190 8.30 48.25 -17.47
C SER A 190 7.16 47.72 -16.61
N ALA A 191 6.91 46.41 -16.69
CA ALA A 191 5.86 45.78 -15.90
C ALA A 191 6.22 45.86 -14.42
N LEU A 192 7.51 45.77 -14.13
CA LEU A 192 8.00 45.86 -12.76
C LEU A 192 7.75 47.24 -12.17
N GLU A 193 7.64 48.22 -13.05
CA GLU A 193 7.37 49.60 -12.62
C GLU A 193 5.92 49.73 -12.17
N GLU A 194 5.05 48.99 -12.83
CA GLU A 194 3.63 49.02 -12.49
C GLU A 194 3.37 48.16 -11.25
N TYR A 195 4.33 47.30 -10.92
CA TYR A 195 4.22 46.44 -9.75
C TYR A 195 4.44 47.27 -8.50
N THR A 196 5.43 48.18 -8.56
CA THR A 196 5.70 49.11 -7.47
C THR A 196 4.65 50.21 -7.53
N LYS A 197 4.23 50.51 -8.77
CA LYS A 197 3.21 51.52 -9.04
C LYS A 197 1.86 51.12 -8.42
N LYS A 198 1.60 49.82 -8.37
CA LYS A 198 0.36 49.25 -7.81
C LYS A 198 -0.03 49.91 -6.48
N LEU A 199 0.93 49.93 -5.56
CA LEU A 199 0.74 50.49 -4.21
C LEU A 199 2.05 51.10 -3.76
N ASN A 200 2.05 52.42 -3.64
CA ASN A 200 3.23 53.17 -3.22
C ASN A 200 3.88 52.55 -2.02
N MET B 3 4.03 -11.09 6.73
CA MET B 3 5.39 -10.70 7.16
C MET B 3 5.41 -9.24 7.57
N THR B 4 6.13 -8.92 8.63
CA THR B 4 6.22 -7.55 9.10
C THR B 4 7.33 -6.80 8.38
N GLU B 5 7.02 -5.59 7.93
CA GLU B 5 8.01 -4.77 7.23
C GLU B 5 8.80 -3.94 8.22
N TYR B 6 10.10 -3.84 8.00
CA TYR B 6 10.97 -3.08 8.87
C TYR B 6 11.84 -2.11 8.08
N LYS B 7 11.66 -0.82 8.36
CA LYS B 7 12.43 0.24 7.70
C LYS B 7 13.53 0.70 8.65
N LEU B 8 14.76 0.27 8.39
CA LEU B 8 15.87 0.62 9.25
C LEU B 8 16.93 1.42 8.51
N VAL B 9 17.63 2.26 9.24
CA VAL B 9 18.68 3.10 8.67
C VAL B 9 19.87 3.20 9.64
N VAL B 10 21.06 2.88 9.15
CA VAL B 10 22.26 2.95 9.97
C VAL B 10 22.97 4.28 9.79
N VAL B 11 22.94 5.12 10.82
CA VAL B 11 23.58 6.42 10.78
C VAL B 11 24.80 6.45 11.69
N GLY B 12 25.93 6.88 11.13
CA GLY B 12 27.15 6.95 11.89
C GLY B 12 28.18 7.81 11.19
N ALA B 13 29.40 7.81 11.70
CA ALA B 13 30.48 8.60 11.12
C ALA B 13 31.09 7.92 9.91
N VAL B 14 32.10 8.54 9.33
CA VAL B 14 32.77 7.97 8.17
C VAL B 14 33.95 7.10 8.59
N GLY B 15 34.13 5.97 7.92
CA GLY B 15 35.24 5.08 8.24
C GLY B 15 34.92 4.09 9.34
N VAL B 16 33.72 4.18 9.90
CA VAL B 16 33.31 3.29 10.98
C VAL B 16 33.13 1.85 10.49
N GLY B 17 32.53 1.70 9.31
CA GLY B 17 32.33 0.37 8.75
C GLY B 17 30.87 0.01 8.63
N LYS B 18 30.04 0.97 8.22
CA LYS B 18 28.61 0.74 8.06
C LYS B 18 28.32 -0.31 6.99
N SER B 19 28.91 -0.12 5.81
CA SER B 19 28.71 -1.04 4.70
C SER B 19 29.28 -2.42 5.02
N ALA B 20 30.30 -2.45 5.88
CA ALA B 20 30.93 -3.69 6.28
C ALA B 20 29.98 -4.55 7.10
N LEU B 21 28.98 -3.91 7.68
CA LEU B 21 27.98 -4.61 8.49
C LEU B 21 26.80 -5.02 7.61
N THR B 22 26.35 -4.11 6.77
CA THR B 22 25.22 -4.37 5.89
C THR B 22 25.52 -5.48 4.89
N ILE B 23 26.66 -5.38 4.20
CA ILE B 23 27.03 -6.38 3.21
C ILE B 23 27.26 -7.75 3.88
N GLN B 24 27.78 -7.71 5.10
CA GLN B 24 28.04 -8.92 5.87
C GLN B 24 26.74 -9.63 6.22
N LEU B 25 25.71 -8.86 6.50
CA LEU B 25 24.41 -9.40 6.85
C LEU B 25 23.65 -9.86 5.61
N ILE B 26 23.75 -9.10 4.54
CA ILE B 26 23.05 -9.40 3.30
C ILE B 26 23.66 -10.56 2.51
N GLN B 27 24.93 -10.44 2.15
CA GLN B 27 25.58 -11.47 1.35
C GLN B 27 26.53 -12.34 2.16
N ASN B 28 26.67 -12.05 3.45
CA ASN B 28 27.55 -12.81 4.34
C ASN B 28 29.01 -12.71 3.90
N HIS B 29 29.35 -11.61 3.24
CA HIS B 29 30.70 -11.37 2.77
C HIS B 29 31.25 -10.10 3.39
N PHE B 30 32.46 -10.18 3.92
CA PHE B 30 33.10 -9.03 4.53
C PHE B 30 33.91 -8.27 3.49
N VAL B 31 33.76 -6.96 3.47
CA VAL B 31 34.48 -6.13 2.52
C VAL B 31 35.74 -5.55 3.16
N ASP B 32 36.79 -5.43 2.37
CA ASP B 32 38.06 -4.89 2.83
C ASP B 32 38.35 -3.57 2.13
N GLU B 33 37.68 -3.37 1.00
CA GLU B 33 37.84 -2.16 0.22
C GLU B 33 36.94 -1.04 0.73
N TYR B 34 37.53 0.14 0.92
CA TYR B 34 36.79 1.29 1.39
C TYR B 34 36.00 1.87 0.22
N ASP B 35 34.69 1.91 0.38
CA ASP B 35 33.83 2.44 -0.68
C ASP B 35 32.91 3.53 -0.13
N PRO B 36 33.01 4.75 -0.67
CA PRO B 36 32.18 5.89 -0.25
C PRO B 36 30.70 5.60 -0.47
N THR B 37 29.86 6.04 0.46
CA THR B 37 28.43 5.81 0.35
C THR B 37 27.65 7.12 0.26
N ILE B 38 26.63 7.11 -0.60
CA ILE B 38 25.77 8.26 -0.80
C ILE B 38 24.33 7.86 -0.51
N GLU B 39 23.86 6.81 -1.19
CA GLU B 39 22.51 6.31 -1.01
C GLU B 39 22.39 4.89 -1.54
N ASP B 40 22.35 3.93 -0.62
CA ASP B 40 22.22 2.52 -0.99
C ASP B 40 21.38 1.77 0.02
N SER B 41 20.51 0.89 -0.46
CA SER B 41 19.65 0.11 0.42
C SER B 41 19.74 -1.38 0.09
N TYR B 42 19.61 -2.21 1.11
CA TYR B 42 19.66 -3.66 0.94
C TYR B 42 18.52 -4.32 1.71
N ARG B 43 17.61 -4.96 0.98
CA ARG B 43 16.47 -5.62 1.59
C ARG B 43 16.75 -7.11 1.79
N LYS B 44 16.26 -7.65 2.89
CA LYS B 44 16.45 -9.07 3.19
C LYS B 44 15.27 -9.62 3.98
N GLN B 45 15.00 -10.89 3.82
CA GLN B 45 13.92 -11.56 4.50
C GLN B 45 14.46 -12.54 5.54
N VAL B 46 14.37 -12.17 6.81
CA VAL B 46 14.86 -13.02 7.90
C VAL B 46 13.74 -13.34 8.88
N VAL B 47 14.02 -14.27 9.79
CA VAL B 47 13.05 -14.68 10.78
C VAL B 47 13.57 -14.37 12.18
N ILE B 48 12.84 -13.53 12.90
CA ILE B 48 13.25 -13.14 14.24
C ILE B 48 12.28 -13.66 15.29
N ASP B 49 12.76 -14.57 16.13
CA ASP B 49 11.95 -15.16 17.21
C ASP B 49 10.75 -15.92 16.69
N GLY B 50 10.91 -16.52 15.52
CA GLY B 50 9.83 -17.28 14.92
C GLY B 50 9.02 -16.43 13.95
N GLU B 51 8.95 -15.13 14.23
CA GLU B 51 8.19 -14.20 13.41
C GLU B 51 8.98 -13.81 12.17
N THR B 52 8.50 -14.25 11.02
CA THR B 52 9.14 -13.93 9.75
C THR B 52 8.84 -12.48 9.38
N CYS B 53 9.82 -11.81 8.79
CA CYS B 53 9.65 -10.41 8.43
C CYS B 53 10.48 -10.03 7.21
N LEU B 54 10.25 -8.82 6.72
CA LEU B 54 10.96 -8.29 5.56
C LEU B 54 11.54 -6.93 5.93
N LEU B 55 12.85 -6.82 5.96
CA LEU B 55 13.47 -5.57 6.34
C LEU B 55 14.38 -5.03 5.26
N ASP B 56 14.49 -3.72 5.20
CA ASP B 56 15.34 -3.04 4.24
C ASP B 56 16.15 -2.01 5.00
N ILE B 57 17.44 -1.96 4.73
CA ILE B 57 18.32 -1.02 5.43
C ILE B 57 18.92 -0.02 4.46
N LEU B 58 18.60 1.26 4.68
CA LEU B 58 19.11 2.34 3.85
C LEU B 58 20.40 2.90 4.45
N ASP B 59 21.49 2.69 3.76
CA ASP B 59 22.79 3.18 4.20
C ASP B 59 23.10 4.49 3.51
N THR B 60 22.83 5.58 4.20
CA THR B 60 23.05 6.92 3.67
C THR B 60 24.37 7.51 4.16
N ALA B 61 24.75 8.64 3.59
CA ALA B 61 25.98 9.32 3.95
C ALA B 61 25.91 9.90 5.35
N GLY B 62 27.03 9.89 6.06
CA GLY B 62 27.05 10.43 7.41
C GLY B 62 27.39 11.89 7.42
N GLN B 63 28.33 12.28 6.55
CA GLN B 63 28.76 13.66 6.44
C GLN B 63 27.98 14.38 5.33
N GLU B 64 26.81 14.89 5.69
CA GLU B 64 25.97 15.61 4.77
C GLU B 64 25.29 16.77 5.50
N GLU B 65 25.06 17.86 4.78
CA GLU B 65 24.43 19.04 5.36
C GLU B 65 22.92 18.99 5.15
N TYR B 66 22.25 20.11 5.44
CA TYR B 66 20.81 20.21 5.28
C TYR B 66 20.41 20.02 3.82
N SER B 67 19.51 19.09 3.57
CA SER B 67 19.04 18.81 2.22
C SER B 67 17.55 18.44 2.26
N ALA B 68 16.81 18.92 1.28
CA ALA B 68 15.37 18.65 1.19
C ALA B 68 15.10 17.15 1.08
N MET B 69 16.01 16.44 0.42
CA MET B 69 15.85 15.00 0.25
C MET B 69 16.33 14.27 1.51
N ARG B 70 17.35 14.82 2.16
CA ARG B 70 17.90 14.22 3.37
C ARG B 70 16.86 14.11 4.47
N ASP B 71 16.21 15.23 4.78
CA ASP B 71 15.21 15.28 5.84
C ASP B 71 14.06 14.32 5.55
N GLN B 72 13.78 14.12 4.28
CA GLN B 72 12.70 13.23 3.89
C GLN B 72 13.08 11.76 4.06
N TYR B 73 14.34 11.42 3.76
CA TYR B 73 14.80 10.03 3.89
C TYR B 73 15.02 9.60 5.34
N MET B 74 14.70 10.50 6.28
CA MET B 74 14.85 10.21 7.69
C MET B 74 13.50 10.04 8.36
N ARG B 75 12.44 10.14 7.56
CA ARG B 75 11.09 10.01 8.09
C ARG B 75 10.44 8.72 7.57
N THR B 76 11.14 8.04 6.69
CA THR B 76 10.67 6.79 6.11
C THR B 76 10.95 5.61 7.05
N GLY B 77 12.07 5.71 7.77
CA GLY B 77 12.46 4.65 8.68
C GLY B 77 11.74 4.75 10.02
N GLU B 78 11.63 3.62 10.70
CA GLU B 78 10.98 3.58 12.01
C GLU B 78 11.99 3.46 13.14
N GLY B 79 13.04 2.69 12.90
CA GLY B 79 14.08 2.52 13.89
C GLY B 79 15.40 3.12 13.44
N PHE B 80 16.17 3.64 14.40
CA PHE B 80 17.44 4.26 14.07
C PHE B 80 18.58 3.69 14.92
N LEU B 81 19.66 3.32 14.26
CA LEU B 81 20.83 2.77 14.93
C LEU B 81 21.92 3.83 15.06
N CYS B 82 22.36 4.08 16.28
CA CYS B 82 23.42 5.04 16.52
C CYS B 82 24.74 4.31 16.67
N VAL B 83 25.50 4.24 15.59
CA VAL B 83 26.78 3.54 15.59
C VAL B 83 27.97 4.51 15.67
N PHE B 84 28.81 4.28 16.67
CA PHE B 84 30.00 5.09 16.86
C PHE B 84 31.20 4.20 17.14
N ALA B 85 32.38 4.76 17.07
CA ALA B 85 33.60 4.02 17.32
C ALA B 85 34.14 4.36 18.71
N ILE B 86 34.43 3.32 19.50
CA ILE B 86 34.94 3.52 20.85
C ILE B 86 36.39 4.00 20.86
N ASN B 87 36.98 4.09 19.68
CA ASN B 87 38.35 4.54 19.55
C ASN B 87 38.38 6.03 19.21
N ASN B 88 37.20 6.61 19.04
CA ASN B 88 37.08 8.03 18.70
C ASN B 88 35.97 8.69 19.49
N THR B 89 36.34 9.54 20.44
CA THR B 89 35.38 10.23 21.28
C THR B 89 34.50 11.20 20.48
N LYS B 90 35.00 11.67 19.34
CA LYS B 90 34.25 12.61 18.51
C LYS B 90 32.90 12.03 18.09
N SER B 91 32.91 10.80 17.60
CA SER B 91 31.69 10.14 17.16
C SER B 91 30.78 9.82 18.34
N PHE B 92 31.39 9.60 19.51
CA PHE B 92 30.64 9.30 20.72
C PHE B 92 29.81 10.51 21.15
N GLU B 93 30.40 11.69 21.07
CA GLU B 93 29.70 12.91 21.45
C GLU B 93 28.78 13.39 20.35
N ASP B 94 29.15 13.13 19.10
CA ASP B 94 28.35 13.54 17.95
C ASP B 94 27.00 12.85 17.91
N ILE B 95 26.88 11.73 18.62
CA ILE B 95 25.62 11.00 18.68
C ILE B 95 24.52 11.92 19.22
N HIS B 96 24.91 12.81 20.14
CA HIS B 96 23.97 13.77 20.73
C HIS B 96 23.41 14.65 19.61
N HIS B 97 24.30 15.05 18.72
CA HIS B 97 23.95 15.90 17.58
C HIS B 97 23.05 15.15 16.58
N TYR B 98 23.30 13.86 16.41
CA TYR B 98 22.49 13.06 15.51
C TYR B 98 21.12 12.74 16.11
N ARG B 99 21.11 12.49 17.41
CA ARG B 99 19.88 12.18 18.14
C ARG B 99 18.84 13.29 17.97
N GLU B 100 19.26 14.53 18.18
CA GLU B 100 18.37 15.69 18.06
C GLU B 100 17.84 15.83 16.64
N GLN B 101 18.68 15.48 15.67
CA GLN B 101 18.30 15.56 14.26
C GLN B 101 17.21 14.53 13.97
N ILE B 102 17.39 13.32 14.49
CA ILE B 102 16.42 12.26 14.29
C ILE B 102 15.11 12.61 14.99
N LYS B 103 15.20 13.20 16.17
CA LYS B 103 14.02 13.59 16.92
C LYS B 103 13.17 14.58 16.15
N ARG B 104 13.83 15.52 15.49
CA ARG B 104 13.15 16.56 14.72
C ARG B 104 12.44 15.98 13.49
N VAL B 105 13.15 15.14 12.74
CA VAL B 105 12.57 14.54 11.53
C VAL B 105 11.44 13.56 11.85
N LYS B 106 11.55 12.86 12.98
CA LYS B 106 10.53 11.92 13.38
C LYS B 106 9.37 12.64 14.05
N ASP B 107 9.64 13.88 14.48
CA ASP B 107 8.65 14.73 15.14
C ASP B 107 8.01 14.01 16.33
N SER B 108 8.85 13.30 17.08
CA SER B 108 8.40 12.56 18.23
C SER B 108 9.40 12.71 19.38
N GLU B 109 8.96 12.41 20.59
CA GLU B 109 9.81 12.51 21.75
C GLU B 109 10.67 11.26 21.89
N ASP B 110 10.00 10.12 21.94
CA ASP B 110 10.66 8.83 22.07
C ASP B 110 10.66 8.09 20.74
N VAL B 111 11.85 7.74 20.29
CA VAL B 111 12.02 7.03 19.03
C VAL B 111 12.87 5.78 19.25
N PRO B 112 12.48 4.63 18.65
CA PRO B 112 13.23 3.37 18.79
C PRO B 112 14.66 3.50 18.28
N MET B 113 15.60 3.65 19.23
CA MET B 113 17.01 3.79 18.90
C MET B 113 17.85 2.87 19.76
N VAL B 114 19.01 2.50 19.27
CA VAL B 114 19.93 1.64 19.99
C VAL B 114 21.36 2.18 19.85
N LEU B 115 22.07 2.26 20.97
CA LEU B 115 23.43 2.75 20.96
C LEU B 115 24.38 1.60 20.67
N VAL B 116 25.15 1.71 19.59
CA VAL B 116 26.06 0.66 19.20
C VAL B 116 27.50 1.16 19.11
N GLY B 117 28.40 0.50 19.84
CA GLY B 117 29.80 0.86 19.82
C GLY B 117 30.58 -0.12 18.98
N ASN B 118 31.07 0.33 17.84
CA ASN B 118 31.83 -0.53 16.94
C ASN B 118 33.32 -0.43 17.18
N LYS B 119 34.06 -1.45 16.71
CA LYS B 119 35.51 -1.50 16.83
C LYS B 119 35.96 -1.70 18.27
N CYS B 120 35.26 -2.57 18.98
CA CYS B 120 35.59 -2.87 20.37
C CYS B 120 36.83 -3.76 20.46
N ASP B 121 37.28 -4.25 19.32
CA ASP B 121 38.45 -5.11 19.25
C ASP B 121 39.73 -4.28 19.25
N LEU B 122 39.60 -3.01 18.91
CA LEU B 122 40.75 -2.11 18.87
C LEU B 122 41.25 -1.79 20.27
N PRO B 123 42.55 -1.99 20.51
CA PRO B 123 43.17 -1.72 21.81
C PRO B 123 43.25 -0.22 22.11
N SER B 124 42.95 0.58 21.10
CA SER B 124 42.97 2.03 21.22
C SER B 124 41.61 2.54 21.71
N ARG B 125 41.10 1.89 22.76
CA ARG B 125 39.80 2.26 23.31
C ARG B 125 39.89 3.52 24.17
N THR B 126 39.26 4.58 23.68
CA THR B 126 39.27 5.85 24.38
C THR B 126 37.96 6.05 25.16
N VAL B 127 36.94 5.28 24.79
CA VAL B 127 35.64 5.37 25.44
C VAL B 127 35.38 4.13 26.29
N ASP B 128 35.13 4.33 27.58
CA ASP B 128 34.83 3.24 28.50
C ASP B 128 33.38 2.81 28.33
N THR B 129 33.12 1.53 28.54
CA THR B 129 31.77 0.99 28.40
C THR B 129 30.77 1.69 29.33
N LYS B 130 31.23 2.07 30.52
CA LYS B 130 30.36 2.74 31.48
C LYS B 130 29.92 4.10 30.95
N GLN B 131 30.82 4.78 30.24
CA GLN B 131 30.52 6.09 29.66
C GLN B 131 29.34 5.97 28.70
N ALA B 132 29.37 4.94 27.87
CA ALA B 132 28.31 4.71 26.91
C ALA B 132 27.06 4.18 27.58
N GLN B 133 27.25 3.25 28.53
CA GLN B 133 26.13 2.65 29.25
C GLN B 133 25.34 3.71 30.03
N ASP B 134 26.06 4.64 30.64
CA ASP B 134 25.43 5.71 31.41
C ASP B 134 24.64 6.62 30.49
N LEU B 135 25.20 6.92 29.33
CA LEU B 135 24.54 7.78 28.37
C LEU B 135 23.33 7.07 27.77
N ALA B 136 23.49 5.79 27.47
CA ALA B 136 22.41 4.99 26.92
C ALA B 136 21.26 4.91 27.91
N ARG B 137 21.59 4.72 29.19
CA ARG B 137 20.59 4.66 30.25
C ARG B 137 19.85 5.99 30.34
N SER B 138 20.60 7.08 30.28
CA SER B 138 20.02 8.42 30.35
C SER B 138 19.13 8.71 29.14
N TYR B 139 19.42 8.06 28.02
CA TYR B 139 18.64 8.25 26.80
C TYR B 139 17.52 7.23 26.67
N GLY B 140 17.45 6.31 27.62
CA GLY B 140 16.42 5.28 27.58
C GLY B 140 16.58 4.35 26.40
N ILE B 141 17.84 4.01 26.10
CA ILE B 141 18.13 3.11 24.99
C ILE B 141 19.16 2.08 25.43
N PRO B 142 19.22 0.93 24.74
CA PRO B 142 20.17 -0.13 25.04
C PRO B 142 21.53 0.12 24.39
N PHE B 143 22.59 -0.41 24.98
CA PHE B 143 23.94 -0.26 24.46
C PHE B 143 24.57 -1.61 24.17
N ILE B 144 25.04 -1.79 22.93
CA ILE B 144 25.66 -3.03 22.52
C ILE B 144 27.04 -2.77 21.92
N GLU B 145 28.03 -3.55 22.36
CA GLU B 145 29.38 -3.43 21.83
C GLU B 145 29.53 -4.37 20.64
N THR B 146 30.05 -3.85 19.53
CA THR B 146 30.18 -4.64 18.32
C THR B 146 31.54 -4.47 17.64
N SER B 147 31.81 -5.35 16.69
CA SER B 147 33.03 -5.33 15.91
C SER B 147 32.73 -5.92 14.52
N ALA B 148 33.05 -5.18 13.47
CA ALA B 148 32.79 -5.64 12.12
C ALA B 148 33.85 -6.65 11.68
N LYS B 149 34.80 -6.92 12.55
CA LYS B 149 35.87 -7.86 12.26
C LYS B 149 35.46 -9.30 12.56
N THR B 150 34.83 -9.49 13.72
CA THR B 150 34.40 -10.80 14.14
C THR B 150 32.87 -10.91 14.18
N ARG B 151 32.19 -9.81 13.86
CA ARG B 151 30.72 -9.76 13.88
C ARG B 151 30.18 -9.98 15.30
N GLN B 152 31.02 -9.70 16.29
CA GLN B 152 30.63 -9.87 17.68
C GLN B 152 29.56 -8.87 18.08
N GLY B 153 28.39 -9.38 18.43
CA GLY B 153 27.29 -8.54 18.86
C GLY B 153 26.60 -7.83 17.71
N VAL B 154 27.11 -7.99 16.50
CA VAL B 154 26.54 -7.34 15.33
C VAL B 154 25.10 -7.81 15.08
N ASP B 155 24.92 -9.14 15.10
CA ASP B 155 23.60 -9.72 14.88
C ASP B 155 22.67 -9.29 16.00
N ASP B 156 23.19 -9.36 17.22
CA ASP B 156 22.43 -8.98 18.41
C ASP B 156 21.99 -7.52 18.35
N ALA B 157 22.87 -6.64 17.90
CA ALA B 157 22.56 -5.22 17.78
C ALA B 157 21.36 -5.01 16.87
N PHE B 158 21.33 -5.72 15.76
CA PHE B 158 20.22 -5.62 14.82
C PHE B 158 18.93 -6.09 15.47
N TYR B 159 19.01 -7.23 16.15
CA TYR B 159 17.84 -7.80 16.83
C TYR B 159 17.33 -6.88 17.93
N THR B 160 18.25 -6.26 18.66
CA THR B 160 17.91 -5.36 19.76
C THR B 160 17.02 -4.21 19.28
N LEU B 161 17.34 -3.67 18.10
CA LEU B 161 16.56 -2.58 17.54
C LEU B 161 15.13 -3.04 17.25
N VAL B 162 15.00 -4.23 16.68
CA VAL B 162 13.70 -4.80 16.36
C VAL B 162 12.86 -4.96 17.63
N ARG B 163 13.50 -5.39 18.72
CA ARG B 163 12.83 -5.57 19.99
C ARG B 163 12.26 -4.23 20.48
N GLU B 164 13.03 -3.16 20.32
CA GLU B 164 12.60 -1.83 20.74
C GLU B 164 11.39 -1.38 19.92
N ILE B 165 11.44 -1.62 18.62
CA ILE B 165 10.35 -1.25 17.73
C ILE B 165 9.09 -2.04 18.08
N ARG B 166 9.26 -3.32 18.34
CA ARG B 166 8.15 -4.20 18.70
C ARG B 166 7.46 -3.68 19.96
N LYS B 167 8.25 -3.45 21.00
CA LYS B 167 7.72 -2.96 22.27
C LYS B 167 7.08 -1.59 22.11
N HIS B 168 7.57 -0.82 21.16
CA HIS B 168 7.01 0.51 20.91
C HIS B 168 5.57 0.39 20.42
N LYS B 169 5.32 -0.65 19.62
CA LYS B 169 3.98 -0.90 19.08
C LYS B 169 3.05 -1.38 20.18
N GLU B 170 3.60 -2.10 21.15
CA GLU B 170 2.80 -2.59 22.26
C GLU B 170 2.35 -1.42 23.11
N LYS B 171 3.28 -0.54 23.42
CA LYS B 171 2.98 0.65 24.19
C LYS B 171 1.98 1.53 23.44
N MET B 172 2.10 1.55 22.12
CA MET B 172 1.20 2.34 21.28
C MET B 172 -0.23 1.79 21.29
N SER B 173 -0.39 0.57 21.80
CA SER B 173 -1.69 -0.06 21.88
C SER B 173 -2.36 0.26 23.22
N LYS B 174 -1.55 0.67 24.18
CA LYS B 174 -2.04 1.02 25.50
C LYS B 174 -2.16 2.53 25.62
N ASP B 175 -1.19 3.23 25.04
CA ASP B 175 -1.16 4.68 25.06
C ASP B 175 -2.09 5.25 23.98
N GLY B 176 -2.01 6.56 23.77
CA GLY B 176 -2.84 7.20 22.78
C GLY B 176 -2.30 8.56 22.37
N LYS B 177 -2.59 9.57 23.19
CA LYS B 177 -2.13 10.92 22.92
C LYS B 177 -2.42 11.80 24.13
N LYS B 178 -1.42 11.94 24.99
CA LYS B 178 -1.54 12.75 26.20
C LYS B 178 -1.25 14.21 25.87
N LYS B 179 -2.24 15.05 26.09
CA LYS B 179 -2.13 16.48 25.81
C LYS B 179 -2.90 17.28 26.86
N LYS B 180 -2.97 18.59 26.67
CA LYS B 180 -3.71 19.45 27.58
C LYS B 180 -5.20 19.13 27.50
N LYS B 181 -5.86 19.07 28.64
CA LYS B 181 -7.30 18.76 28.70
C LYS B 181 -7.88 19.07 30.08
N LYS B 182 -9.17 18.77 30.24
CA LYS B 182 -9.90 19.00 31.49
C LYS B 182 -10.06 20.48 31.79
N SER B 183 -8.98 21.13 32.21
CA SER B 183 -9.01 22.54 32.53
C SER B 183 -8.47 23.35 31.35
N LYS B 184 -9.39 23.86 30.54
CA LYS B 184 -9.03 24.65 29.37
C LYS B 184 -8.44 25.99 29.78
N THR B 185 -8.79 26.43 31.00
CA THR B 185 -8.31 27.69 31.56
C THR B 185 -8.72 28.86 30.66
N LYS B 186 -9.85 28.67 29.97
CA LYS B 186 -10.38 29.68 29.07
C LYS B 186 -9.40 30.02 27.95
N CYS B 187 -9.41 29.22 26.88
CA CYS B 187 -8.52 29.46 25.74
C CYS B 187 -8.92 30.75 25.04
N LEU C 3 7.68 39.87 -38.58
CA LEU C 3 7.97 39.78 -37.16
C LEU C 3 8.57 38.41 -36.83
N LYS C 4 8.49 38.03 -35.56
CA LYS C 4 8.98 36.75 -35.10
C LYS C 4 8.26 35.61 -35.83
N LEU C 5 6.94 35.71 -35.89
CA LEU C 5 6.11 34.69 -36.53
C LEU C 5 6.40 34.56 -38.02
N LEU C 6 6.92 35.60 -38.65
CA LEU C 6 7.20 35.55 -40.07
C LEU C 6 8.54 34.90 -40.38
N ASP C 7 9.57 35.30 -39.65
CA ASP C 7 10.89 34.73 -39.88
C ASP C 7 11.02 33.31 -39.35
N ASN C 8 10.62 33.12 -38.10
CA ASN C 8 10.70 31.81 -37.45
C ASN C 8 9.91 30.75 -38.22
N TRP C 9 8.74 31.14 -38.72
CA TRP C 9 7.88 30.21 -39.46
C TRP C 9 8.55 29.73 -40.74
N ASP C 10 9.39 30.55 -41.33
CA ASP C 10 10.09 30.17 -42.56
C ASP C 10 11.09 29.08 -42.26
N SER C 11 11.74 29.18 -41.11
CA SER C 11 12.71 28.18 -40.68
C SER C 11 11.98 26.87 -40.40
N VAL C 12 10.83 26.99 -39.73
CA VAL C 12 10.01 25.82 -39.40
C VAL C 12 9.57 25.10 -40.66
N THR C 13 9.04 25.85 -41.63
CA THR C 13 8.59 25.25 -42.88
C THR C 13 9.76 24.61 -43.62
N SER C 14 10.92 25.25 -43.55
CA SER C 14 12.13 24.71 -44.19
C SER C 14 12.53 23.40 -43.54
N THR C 15 12.54 23.37 -42.20
CA THR C 15 12.89 22.16 -41.48
C THR C 15 11.83 21.09 -41.70
N PHE C 16 10.59 21.53 -41.89
CA PHE C 16 9.48 20.64 -42.13
C PHE C 16 9.64 19.99 -43.49
N SER C 17 10.13 20.78 -44.45
CA SER C 17 10.38 20.29 -45.79
C SER C 17 11.43 19.19 -45.72
N LYS C 18 12.47 19.44 -44.92
CA LYS C 18 13.54 18.47 -44.72
C LYS C 18 13.01 17.22 -44.03
N LEU C 19 12.03 17.41 -43.15
CA LEU C 19 11.41 16.29 -42.45
C LEU C 19 10.77 15.36 -43.47
N ARG C 20 10.12 15.97 -44.46
CA ARG C 20 9.48 15.23 -45.53
C ARG C 20 10.54 14.59 -46.42
N GLU C 21 11.67 15.27 -46.55
CA GLU C 21 12.78 14.77 -47.36
C GLU C 21 13.30 13.46 -46.79
N GLN C 22 13.26 13.34 -45.47
CA GLN C 22 13.69 12.11 -44.81
C GLN C 22 12.62 11.05 -44.99
N LEU C 23 11.37 11.48 -44.84
CA LEU C 23 10.21 10.58 -44.96
C LEU C 23 10.24 9.79 -46.25
N GLY C 24 10.68 10.42 -47.34
CA GLY C 24 10.75 9.73 -48.63
C GLY C 24 11.54 8.43 -48.53
N PRO C 25 12.88 8.51 -48.47
CA PRO C 25 13.72 7.32 -48.35
C PRO C 25 13.37 6.48 -47.12
N VAL C 26 12.95 7.13 -46.05
CA VAL C 26 12.57 6.43 -44.83
C VAL C 26 11.39 5.50 -45.07
N THR C 27 10.34 6.02 -45.73
CA THR C 27 9.16 5.21 -46.02
C THR C 27 9.48 4.18 -47.10
N GLN C 28 10.29 4.58 -48.07
CA GLN C 28 10.69 3.68 -49.15
C GLN C 28 11.43 2.48 -48.55
N GLU C 29 12.39 2.78 -47.70
CA GLU C 29 13.16 1.75 -47.03
C GLU C 29 12.27 0.99 -46.04
N PHE C 30 11.31 1.70 -45.45
CA PHE C 30 10.38 1.09 -44.50
C PHE C 30 9.49 0.08 -45.23
N TRP C 31 9.10 0.44 -46.45
CA TRP C 31 8.27 -0.45 -47.27
C TRP C 31 9.11 -1.67 -47.64
N ASP C 32 10.37 -1.43 -47.94
CA ASP C 32 11.30 -2.51 -48.27
C ASP C 32 11.48 -3.38 -47.04
N ASN C 33 11.54 -2.73 -45.89
CA ASN C 33 11.67 -3.43 -44.61
C ASN C 33 10.44 -4.28 -44.38
N LEU C 34 9.28 -3.68 -44.62
CA LEU C 34 8.01 -4.38 -44.47
C LEU C 34 7.96 -5.56 -45.42
N GLU C 35 8.58 -5.39 -46.59
CA GLU C 35 8.65 -6.46 -47.57
C GLU C 35 9.45 -7.62 -46.99
N LYS C 36 10.55 -7.28 -46.33
CA LYS C 36 11.39 -8.28 -45.68
C LYS C 36 10.60 -8.92 -44.55
N GLU C 37 9.94 -8.07 -43.76
CA GLU C 37 9.14 -8.52 -42.64
C GLU C 37 8.07 -9.50 -43.10
N THR C 38 7.31 -9.10 -44.10
CA THR C 38 6.25 -9.95 -44.62
C THR C 38 6.81 -11.23 -45.24
N GLU C 39 7.92 -11.10 -45.98
CA GLU C 39 8.56 -12.27 -46.59
C GLU C 39 8.99 -13.27 -45.52
N GLY C 40 9.62 -12.75 -44.47
CA GLY C 40 10.05 -13.61 -43.39
C GLY C 40 8.87 -14.17 -42.63
N LEU C 41 7.92 -13.30 -42.30
CA LEU C 41 6.71 -13.70 -41.59
C LEU C 41 5.90 -14.70 -42.40
N ARG C 42 5.95 -14.58 -43.72
CA ARG C 42 5.24 -15.50 -44.60
C ARG C 42 5.78 -16.91 -44.41
N GLN C 43 7.10 -17.02 -44.29
CA GLN C 43 7.73 -18.31 -44.09
C GLN C 43 7.46 -18.80 -42.68
N GLU C 44 7.54 -17.88 -41.72
CA GLU C 44 7.29 -18.21 -40.32
C GLU C 44 5.85 -18.66 -40.14
N MET C 45 4.91 -17.89 -40.67
CA MET C 45 3.49 -18.18 -40.55
C MET C 45 3.05 -19.39 -41.37
N SER C 46 3.63 -19.59 -42.55
CA SER C 46 3.25 -20.73 -43.37
C SER C 46 3.56 -22.03 -42.63
N LYS C 47 4.75 -22.09 -42.05
CA LYS C 47 5.15 -23.25 -41.28
C LYS C 47 4.34 -23.31 -39.99
N ASP C 48 4.14 -22.14 -39.39
CA ASP C 48 3.37 -22.03 -38.16
C ASP C 48 1.95 -22.56 -38.35
N LEU C 49 1.25 -22.03 -39.34
CA LEU C 49 -0.12 -22.45 -39.64
C LEU C 49 -0.21 -23.93 -39.97
N GLU C 50 0.66 -24.40 -40.85
CA GLU C 50 0.67 -25.79 -41.25
C GLU C 50 0.96 -26.71 -40.07
N GLU C 51 1.97 -26.34 -39.27
CA GLU C 51 2.33 -27.13 -38.10
C GLU C 51 1.22 -27.08 -37.07
N VAL C 52 0.61 -25.91 -36.91
CA VAL C 52 -0.49 -25.73 -35.97
C VAL C 52 -1.64 -26.66 -36.32
N LYS C 53 -1.94 -26.77 -37.61
CA LYS C 53 -3.01 -27.65 -38.06
C LYS C 53 -2.67 -29.10 -37.73
N ALA C 54 -1.39 -29.44 -37.88
CA ALA C 54 -0.91 -30.79 -37.61
C ALA C 54 -0.64 -30.98 -36.11
N LYS C 55 -0.81 -29.91 -35.34
CA LYS C 55 -0.61 -29.93 -33.90
C LYS C 55 -1.95 -29.95 -33.18
N VAL C 56 -2.88 -29.14 -33.68
CA VAL C 56 -4.21 -29.05 -33.09
C VAL C 56 -4.99 -30.34 -33.28
N GLN C 57 -4.81 -31.00 -34.43
CA GLN C 57 -5.50 -32.26 -34.69
C GLN C 57 -5.23 -33.29 -33.59
N PRO C 58 -3.95 -33.69 -33.37
CA PRO C 58 -3.61 -34.65 -32.31
C PRO C 58 -3.81 -34.06 -30.92
N TYR C 59 -3.84 -32.73 -30.84
CA TYR C 59 -4.06 -32.05 -29.57
C TYR C 59 -5.51 -32.20 -29.16
N LEU C 60 -6.41 -31.85 -30.07
CA LEU C 60 -7.84 -31.95 -29.82
C LEU C 60 -8.23 -33.41 -29.65
N ASP C 61 -7.58 -34.28 -30.41
CA ASP C 61 -7.83 -35.71 -30.33
C ASP C 61 -7.47 -36.21 -28.95
N ASP C 62 -6.26 -35.90 -28.53
CA ASP C 62 -5.76 -36.31 -27.23
C ASP C 62 -6.57 -35.66 -26.12
N PHE C 63 -6.84 -34.37 -26.27
CA PHE C 63 -7.63 -33.63 -25.29
C PHE C 63 -9.03 -34.21 -25.20
N GLN C 64 -9.58 -34.62 -26.34
CA GLN C 64 -10.90 -35.22 -26.39
C GLN C 64 -10.89 -36.55 -25.66
N LYS C 65 -9.84 -37.33 -25.87
CA LYS C 65 -9.70 -38.62 -25.20
C LYS C 65 -9.59 -38.40 -23.71
N LYS C 66 -8.80 -37.40 -23.34
CA LYS C 66 -8.61 -37.05 -21.94
C LYS C 66 -9.91 -36.51 -21.35
N TRP C 67 -10.61 -35.70 -22.13
CA TRP C 67 -11.89 -35.14 -21.72
C TRP C 67 -12.89 -36.28 -21.55
N GLN C 68 -12.82 -37.26 -22.44
CA GLN C 68 -13.69 -38.42 -22.38
C GLN C 68 -13.41 -39.19 -21.10
N GLU C 69 -12.13 -39.31 -20.76
CA GLU C 69 -11.71 -39.99 -19.54
C GLU C 69 -12.30 -39.27 -18.35
N GLU C 70 -12.26 -37.94 -18.41
CA GLU C 70 -12.78 -37.12 -17.33
C GLU C 70 -14.30 -37.16 -17.33
N MET C 71 -14.92 -37.14 -18.50
CA MET C 71 -16.37 -37.21 -18.61
C MET C 71 -16.84 -38.52 -18.00
N GLU C 72 -16.16 -39.61 -18.37
CA GLU C 72 -16.47 -40.92 -17.83
C GLU C 72 -16.15 -40.92 -16.34
N LEU C 73 -15.03 -40.26 -16.01
CA LEU C 73 -14.58 -40.13 -14.64
C LEU C 73 -15.65 -39.46 -13.79
N TYR C 74 -16.21 -38.36 -14.31
CA TYR C 74 -17.26 -37.62 -13.63
C TYR C 74 -18.52 -38.47 -13.54
N ARG C 75 -18.76 -39.28 -14.56
CA ARG C 75 -19.93 -40.16 -14.58
C ARG C 75 -19.75 -41.29 -13.57
N GLN C 76 -18.49 -41.70 -13.37
CA GLN C 76 -18.16 -42.76 -12.42
C GLN C 76 -17.88 -42.21 -11.03
N LYS C 77 -17.93 -40.89 -10.90
CA LYS C 77 -17.67 -40.25 -9.62
C LYS C 77 -18.84 -39.40 -9.16
N VAL C 78 -19.14 -38.35 -9.93
CA VAL C 78 -20.22 -37.43 -9.59
C VAL C 78 -21.56 -38.15 -9.48
N GLU C 79 -21.85 -39.06 -10.41
CA GLU C 79 -23.11 -39.80 -10.38
C GLU C 79 -23.28 -40.62 -9.09
N PRO C 80 -22.37 -41.58 -8.80
CA PRO C 80 -22.46 -42.36 -7.56
C PRO C 80 -22.33 -41.46 -6.34
N LEU C 81 -21.57 -40.37 -6.47
CA LEU C 81 -21.42 -39.43 -5.38
C LEU C 81 -22.75 -38.75 -5.11
N ARG C 82 -23.46 -38.40 -6.17
CA ARG C 82 -24.76 -37.76 -6.04
C ARG C 82 -25.73 -38.67 -5.30
N ALA C 83 -25.57 -39.98 -5.49
CA ALA C 83 -26.41 -40.96 -4.83
C ALA C 83 -26.10 -40.97 -3.33
N GLU C 84 -24.82 -41.17 -3.02
CA GLU C 84 -24.38 -41.19 -1.63
C GLU C 84 -24.59 -39.83 -0.97
N LEU C 85 -24.39 -38.77 -1.73
CA LEU C 85 -24.58 -37.41 -1.23
C LEU C 85 -26.06 -37.16 -1.03
N GLN C 86 -26.90 -37.80 -1.84
CA GLN C 86 -28.34 -37.64 -1.69
C GLN C 86 -28.77 -38.31 -0.41
N GLU C 87 -28.24 -39.51 -0.17
CA GLU C 87 -28.54 -40.24 1.06
C GLU C 87 -27.98 -39.48 2.24
N GLY C 88 -26.76 -38.96 2.08
CA GLY C 88 -26.13 -38.18 3.11
C GLY C 88 -26.90 -36.90 3.38
N ALA C 89 -27.39 -36.29 2.32
CA ALA C 89 -28.17 -35.07 2.42
C ALA C 89 -29.52 -35.39 3.05
N ARG C 90 -30.11 -36.50 2.62
CA ARG C 90 -31.40 -36.94 3.16
C ARG C 90 -31.24 -37.20 4.64
N GLN C 91 -30.14 -37.83 5.01
CA GLN C 91 -29.84 -38.11 6.40
C GLN C 91 -29.66 -36.79 7.13
N LYS C 92 -28.84 -35.92 6.58
CA LYS C 92 -28.58 -34.62 7.19
C LYS C 92 -29.86 -33.80 7.30
N LEU C 93 -30.68 -33.84 6.25
CA LEU C 93 -31.96 -33.14 6.25
C LEU C 93 -32.84 -33.68 7.36
N HIS C 94 -32.83 -35.00 7.51
CA HIS C 94 -33.59 -35.64 8.56
C HIS C 94 -32.98 -35.28 9.91
N GLU C 95 -31.65 -35.30 9.96
CA GLU C 95 -30.92 -34.93 11.18
C GLU C 95 -31.30 -33.52 11.58
N LEU C 96 -31.36 -32.64 10.59
CA LEU C 96 -31.73 -31.25 10.81
C LEU C 96 -33.20 -31.15 11.21
N GLN C 97 -34.05 -31.89 10.51
CA GLN C 97 -35.48 -31.90 10.80
C GLN C 97 -35.75 -32.43 12.20
N GLU C 98 -34.98 -33.43 12.63
CA GLU C 98 -35.12 -34.02 13.95
C GLU C 98 -34.70 -33.01 15.02
N LYS C 99 -34.05 -31.95 14.59
CA LYS C 99 -33.62 -30.90 15.48
C LYS C 99 -34.57 -29.73 15.37
N LEU C 100 -34.98 -29.43 14.14
CA LEU C 100 -35.89 -28.33 13.85
C LEU C 100 -37.26 -28.53 14.51
N SER C 101 -37.65 -29.78 14.71
CA SER C 101 -38.94 -30.06 15.35
C SER C 101 -38.93 -29.72 16.84
N PRO C 102 -38.09 -30.37 17.68
CA PRO C 102 -38.03 -30.08 19.11
C PRO C 102 -37.46 -28.69 19.39
N LEU C 103 -36.36 -28.34 18.73
CA LEU C 103 -35.74 -27.04 18.92
C LEU C 103 -36.64 -25.95 18.38
N GLY C 104 -37.45 -26.28 17.38
CA GLY C 104 -38.37 -25.33 16.82
C GLY C 104 -39.42 -24.96 17.84
N GLU C 105 -40.08 -25.97 18.39
CA GLU C 105 -41.10 -25.76 19.41
C GLU C 105 -40.46 -25.12 20.65
N GLU C 106 -39.24 -25.55 20.93
CA GLU C 106 -38.50 -25.03 22.06
C GLU C 106 -38.18 -23.57 21.86
N MET C 107 -37.63 -23.22 20.69
CA MET C 107 -37.29 -21.84 20.37
C MET C 107 -38.54 -20.97 20.41
N ARG C 108 -39.64 -21.53 19.91
CA ARG C 108 -40.91 -20.82 19.91
C ARG C 108 -41.37 -20.58 21.34
N ASP C 109 -41.14 -21.56 22.20
CA ASP C 109 -41.52 -21.43 23.61
C ASP C 109 -40.55 -20.49 24.31
N ARG C 110 -39.29 -20.54 23.89
CA ARG C 110 -38.27 -19.66 24.43
C ARG C 110 -38.67 -18.24 24.09
N ALA C 111 -39.05 -18.05 22.83
CA ALA C 111 -39.51 -16.75 22.34
C ALA C 111 -40.80 -16.37 23.04
N ARG C 112 -41.66 -17.36 23.27
CA ARG C 112 -42.92 -17.13 23.97
C ARG C 112 -42.63 -16.49 25.31
N ALA C 113 -41.77 -17.15 26.08
CA ALA C 113 -41.39 -16.66 27.40
C ALA C 113 -40.62 -15.35 27.27
N HIS C 114 -39.73 -15.28 26.28
CA HIS C 114 -38.93 -14.08 26.04
C HIS C 114 -39.83 -12.88 25.78
N VAL C 115 -40.73 -13.01 24.80
CA VAL C 115 -41.64 -11.94 24.44
C VAL C 115 -42.67 -11.67 25.54
N ASP C 116 -43.19 -12.74 26.15
CA ASP C 116 -44.17 -12.58 27.23
C ASP C 116 -43.53 -11.85 28.40
N ALA C 117 -42.28 -12.18 28.68
CA ALA C 117 -41.56 -11.51 29.74
C ALA C 117 -41.27 -10.09 29.29
N LEU C 118 -40.82 -9.96 28.04
CA LEU C 118 -40.53 -8.65 27.46
C LEU C 118 -41.73 -7.73 27.56
N ARG C 119 -42.92 -8.31 27.42
CA ARG C 119 -44.16 -7.53 27.53
C ARG C 119 -44.24 -6.88 28.89
N THR C 120 -44.16 -7.71 29.93
CA THR C 120 -44.22 -7.22 31.30
C THR C 120 -42.88 -6.58 31.73
N HIS C 121 -41.95 -6.48 30.80
CA HIS C 121 -40.64 -5.88 31.08
C HIS C 121 -40.50 -4.54 30.35
N LEU C 122 -41.11 -4.44 29.18
CA LEU C 122 -41.03 -3.23 28.36
C LEU C 122 -42.27 -2.36 28.47
N ALA C 123 -43.45 -2.97 28.52
CA ALA C 123 -44.70 -2.20 28.62
C ALA C 123 -44.70 -1.27 29.82
N PRO C 124 -44.54 -1.80 31.06
CA PRO C 124 -44.50 -0.97 32.26
C PRO C 124 -43.28 -0.05 32.23
N TYR C 125 -42.19 -0.55 31.66
CA TYR C 125 -40.94 0.20 31.54
C TYR C 125 -41.18 1.46 30.71
N SER C 126 -41.89 1.28 29.60
CA SER C 126 -42.21 2.40 28.72
C SER C 126 -43.17 3.35 29.43
N ASP C 127 -44.10 2.79 30.18
CA ASP C 127 -45.07 3.59 30.92
C ASP C 127 -44.36 4.43 31.96
N GLU C 128 -43.50 3.78 32.74
CA GLU C 128 -42.72 4.47 33.77
C GLU C 128 -41.79 5.48 33.11
N LEU C 129 -41.26 5.10 31.95
CA LEU C 129 -40.38 5.99 31.20
C LEU C 129 -41.16 7.22 30.76
N ARG C 130 -42.42 7.02 30.37
CA ARG C 130 -43.29 8.12 29.96
C ARG C 130 -43.47 9.07 31.13
N GLN C 131 -43.64 8.51 32.32
CA GLN C 131 -43.82 9.30 33.54
C GLN C 131 -42.59 10.16 33.80
N ARG C 132 -41.41 9.58 33.56
CA ARG C 132 -40.15 10.28 33.74
C ARG C 132 -39.95 11.29 32.62
N LEU C 133 -40.17 10.83 31.38
CA LEU C 133 -40.04 11.68 30.19
C LEU C 133 -40.95 12.88 30.27
N ALA C 134 -42.15 12.69 30.81
CA ALA C 134 -43.11 13.78 30.95
C ALA C 134 -42.50 14.87 31.82
N ALA C 135 -41.94 14.48 32.96
CA ALA C 135 -41.33 15.43 33.87
C ALA C 135 -40.13 16.09 33.20
N ARG C 136 -39.34 15.29 32.51
CA ARG C 136 -38.17 15.78 31.79
C ARG C 136 -38.60 16.82 30.76
N LEU C 137 -39.66 16.49 30.02
CA LEU C 137 -40.19 17.39 29.01
C LEU C 137 -40.78 18.64 29.65
N GLU C 138 -41.48 18.46 30.76
CA GLU C 138 -42.08 19.59 31.47
C GLU C 138 -41.00 20.52 31.97
N ALA C 139 -39.92 19.96 32.48
CA ALA C 139 -38.80 20.75 32.95
C ALA C 139 -38.23 21.53 31.77
N LEU C 140 -38.13 20.85 30.63
CA LEU C 140 -37.62 21.46 29.40
C LEU C 140 -38.62 22.47 28.86
N LYS C 141 -39.88 22.34 29.27
CA LYS C 141 -40.92 23.27 28.83
C LYS C 141 -40.80 24.57 29.62
N GLU C 142 -40.73 24.43 30.94
CA GLU C 142 -40.59 25.59 31.81
C GLU C 142 -39.25 26.27 31.55
N ASN C 143 -38.22 25.44 31.32
CA ASN C 143 -36.89 25.94 31.02
C ASN C 143 -36.89 26.51 29.61
N GLY C 144 -37.68 25.92 28.74
CA GLY C 144 -37.79 26.38 27.37
C GLY C 144 -38.43 27.74 27.32
N GLY C 145 -39.51 27.92 28.09
CA GLY C 145 -40.19 29.18 28.15
C GLY C 145 -39.26 30.26 28.67
N ALA C 146 -38.49 29.90 29.70
CA ALA C 146 -37.53 30.81 30.30
C ALA C 146 -36.46 31.14 29.27
N ARG C 147 -35.92 30.12 28.63
CA ARG C 147 -34.90 30.29 27.61
C ARG C 147 -35.42 31.14 26.46
N LEU C 148 -36.68 30.96 26.12
CA LEU C 148 -37.30 31.75 25.06
C LEU C 148 -37.33 33.22 25.45
N ALA C 149 -37.63 33.46 26.73
CA ALA C 149 -37.66 34.80 27.26
C ALA C 149 -36.26 35.37 27.27
N GLU C 150 -35.30 34.54 27.71
CA GLU C 150 -33.90 34.93 27.75
C GLU C 150 -33.41 35.23 26.34
N TYR C 151 -33.70 34.31 25.41
CA TYR C 151 -33.30 34.48 24.02
C TYR C 151 -33.87 35.77 23.46
N HIS C 152 -35.15 36.03 23.75
CA HIS C 152 -35.81 37.24 23.29
C HIS C 152 -35.14 38.47 23.90
N ALA C 153 -34.77 38.37 25.17
CA ALA C 153 -34.11 39.45 25.86
C ALA C 153 -32.74 39.71 25.24
N LYS C 154 -31.96 38.64 25.12
CA LYS C 154 -30.62 38.72 24.54
C LYS C 154 -30.68 39.16 23.09
N ALA C 155 -31.72 38.74 22.38
CA ALA C 155 -31.89 39.12 20.99
C ALA C 155 -32.07 40.61 20.90
N THR C 156 -32.92 41.16 21.78
CA THR C 156 -33.16 42.59 21.80
C THR C 156 -31.89 43.33 22.23
N GLU C 157 -31.18 42.76 23.20
CA GLU C 157 -29.93 43.35 23.68
C GLU C 157 -28.87 43.31 22.59
N HIS C 158 -29.00 42.33 21.70
CA HIS C 158 -28.07 42.19 20.59
C HIS C 158 -28.52 43.03 19.41
N LEU C 159 -29.83 43.28 19.32
CA LEU C 159 -30.38 44.10 18.25
C LEU C 159 -29.95 45.54 18.42
N SER C 160 -29.92 46.00 19.68
CA SER C 160 -29.51 47.35 19.97
C SER C 160 -28.03 47.52 19.68
N THR C 161 -27.25 46.48 19.98
CA THR C 161 -25.82 46.51 19.73
C THR C 161 -25.54 46.37 18.23
N LEU C 162 -26.38 45.58 17.55
CA LEU C 162 -26.25 45.39 16.12
C LEU C 162 -26.49 46.71 15.41
N SER C 163 -27.54 47.41 15.82
CA SER C 163 -27.87 48.70 15.23
C SER C 163 -26.84 49.75 15.65
N GLU C 164 -26.23 49.53 16.83
CA GLU C 164 -25.21 50.43 17.35
C GLU C 164 -23.96 50.34 16.50
N LYS C 165 -23.89 49.30 15.68
CA LYS C 165 -22.77 49.10 14.78
C LYS C 165 -23.22 49.30 13.34
N ALA C 166 -24.47 48.94 13.07
CA ALA C 166 -25.04 49.09 11.75
C ALA C 166 -25.29 50.55 11.42
N LYS C 167 -25.17 51.41 12.42
CA LYS C 167 -25.36 52.84 12.21
C LYS C 167 -24.03 53.60 12.15
N PRO C 168 -23.39 53.95 13.29
CA PRO C 168 -22.13 54.72 13.27
C PRO C 168 -21.00 54.02 12.52
N ALA C 169 -20.79 52.73 12.80
CA ALA C 169 -19.73 51.99 12.15
C ALA C 169 -19.98 51.89 10.65
N LEU C 170 -21.22 51.61 10.25
CA LEU C 170 -21.56 51.52 8.84
C LEU C 170 -21.44 52.89 8.17
N GLU C 171 -21.80 53.94 8.90
CA GLU C 171 -21.69 55.30 8.38
C GLU C 171 -20.25 55.65 8.14
N ASP C 172 -19.39 55.30 9.10
CA ASP C 172 -17.96 55.55 8.99
C ASP C 172 -17.39 54.71 7.86
N LEU C 173 -17.87 53.47 7.76
CA LEU C 173 -17.42 52.57 6.69
C LEU C 173 -17.77 53.17 5.34
N ARG C 174 -18.98 53.71 5.22
CA ARG C 174 -19.42 54.34 3.97
C ARG C 174 -18.58 55.58 3.72
N GLN C 175 -18.34 56.33 4.80
CA GLN C 175 -17.55 57.54 4.71
C GLN C 175 -16.11 57.24 4.36
N GLY C 176 -15.69 56.00 4.58
CA GLY C 176 -14.33 55.60 4.27
C GLY C 176 -14.28 54.94 2.89
N LEU C 177 -15.31 54.19 2.55
CA LEU C 177 -15.39 53.50 1.27
C LEU C 177 -15.37 54.50 0.11
N LEU C 178 -16.06 55.62 0.28
CA LEU C 178 -16.12 56.64 -0.76
C LEU C 178 -14.74 57.18 -1.13
N PRO C 179 -14.01 57.83 -0.19
CA PRO C 179 -12.67 58.36 -0.48
C PRO C 179 -11.70 57.24 -0.88
N VAL C 180 -11.95 56.04 -0.37
CA VAL C 180 -11.13 54.89 -0.72
C VAL C 180 -11.34 54.54 -2.18
N LEU C 181 -12.60 54.46 -2.60
CA LEU C 181 -12.92 54.14 -3.98
C LEU C 181 -12.45 55.27 -4.88
N GLU C 182 -12.49 56.49 -4.37
CA GLU C 182 -12.03 57.66 -5.12
C GLU C 182 -10.53 57.57 -5.35
N SER C 183 -9.78 57.29 -4.28
CA SER C 183 -8.33 57.16 -4.37
C SER C 183 -7.98 55.91 -5.19
N PHE C 184 -8.74 54.84 -4.98
CA PHE C 184 -8.53 53.61 -5.72
C PHE C 184 -8.78 53.86 -7.20
N LYS C 185 -9.80 54.66 -7.49
CA LYS C 185 -10.14 55.00 -8.86
C LYS C 185 -8.96 55.71 -9.51
N VAL C 186 -8.40 56.69 -8.80
CA VAL C 186 -7.25 57.43 -9.31
C VAL C 186 -6.07 56.48 -9.53
N SER C 187 -5.85 55.57 -8.58
CA SER C 187 -4.77 54.61 -8.68
C SER C 187 -4.99 53.66 -9.85
N PHE C 188 -6.21 53.12 -9.94
CA PHE C 188 -6.56 52.19 -11.01
C PHE C 188 -6.50 52.85 -12.37
N LEU C 189 -7.00 54.08 -12.46
CA LEU C 189 -6.99 54.83 -13.72
C LEU C 189 -5.55 55.00 -14.20
N SER C 190 -4.65 55.34 -13.28
CA SER C 190 -3.25 55.51 -13.61
C SER C 190 -2.64 54.19 -14.06
N ALA C 191 -2.96 53.13 -13.33
CA ALA C 191 -2.44 51.80 -13.65
C ALA C 191 -2.97 51.31 -14.99
N LEU C 192 -4.27 51.52 -15.21
CA LEU C 192 -4.92 51.11 -16.45
C LEU C 192 -4.26 51.78 -17.64
N GLU C 193 -4.07 53.09 -17.55
CA GLU C 193 -3.46 53.86 -18.63
C GLU C 193 -2.02 53.37 -18.90
N GLU C 194 -1.28 53.15 -17.83
CA GLU C 194 0.08 52.66 -17.93
C GLU C 194 0.12 51.28 -18.57
N TYR C 195 -0.75 50.40 -18.10
CA TYR C 195 -0.84 49.04 -18.63
C TYR C 195 -1.16 49.03 -20.11
N THR C 196 -2.08 49.88 -20.55
CA THR C 196 -2.46 49.93 -21.96
C THR C 196 -1.29 50.36 -22.84
N LYS C 197 -0.44 51.24 -22.31
CA LYS C 197 0.73 51.70 -23.06
C LYS C 197 1.76 50.59 -23.22
N LYS C 198 1.94 49.81 -22.16
CA LYS C 198 2.90 48.72 -22.15
C LYS C 198 2.38 47.49 -22.91
N LEU C 199 1.08 47.27 -22.85
CA LEU C 199 0.48 46.12 -23.53
C LEU C 199 0.20 46.42 -25.00
N ASN C 200 0.52 47.62 -25.43
CA ASN C 200 0.31 48.01 -26.82
C ASN C 200 1.60 47.85 -27.62
C1 PCW D . 16.09 3.39 -17.59
C2 PCW D . 16.06 4.38 -18.82
C3 PCW D . 16.61 3.67 -20.11
C4 PCW D . 16.91 2.64 -13.56
C5 PCW D . 17.72 3.01 -12.32
C6 PCW D . 18.52 2.37 -9.98
C7 PCW D . 18.17 0.65 -11.68
C8 PCW D . 19.41 2.02 -11.70
C11 PCW D . 17.56 5.52 -21.31
C12 PCW D . 17.29 6.41 -22.50
C13 PCW D . 18.35 6.08 -23.62
C14 PCW D . 18.21 6.90 -24.90
C15 PCW D . 18.58 8.41 -24.76
C16 PCW D . 17.54 9.31 -25.51
C17 PCW D . 18.08 10.49 -26.37
C18 PCW D . 17.04 11.07 -27.32
C19 PCW D . 16.74 10.15 -28.53
C20 PCW D . 15.46 9.73 -28.84
C21 PCW D . 14.15 10.00 -28.19
C22 PCW D . 13.18 10.46 -29.32
C23 PCW D . 12.03 9.49 -29.71
C24 PCW D . 11.14 9.92 -30.83
C25 PCW D . 9.84 9.14 -31.16
C26 PCW D . 9.35 9.19 -32.60
C27 PCW D . 10.38 8.89 -33.72
C28 PCW D . 9.97 9.58 -35.00
C31 PCW D . 14.49 6.12 -19.18
C32 PCW D . 13.01 6.39 -19.49
C33 PCW D . 12.51 7.89 -19.25
C34 PCW D . 11.01 7.99 -18.98
C35 PCW D . 10.41 8.85 -20.17
C36 PCW D . 9.16 9.65 -19.74
C37 PCW D . 8.51 10.52 -20.87
C38 PCW D . 7.04 10.70 -20.68
C39 PCW D . 6.40 11.53 -21.76
C40 PCW D . 5.87 11.09 -22.90
C41 PCW D . 5.83 9.64 -23.32
C42 PCW D . 5.29 9.56 -24.83
C43 PCW D . 4.23 8.52 -25.17
C44 PCW D . 3.91 8.68 -26.65
C45 PCW D . 2.45 8.57 -26.99
C46 PCW D . 2.06 9.25 -28.28
C47 PCW D . 0.99 10.31 -28.17
C48 PCW D . 0.69 10.92 -29.55
N PCW D . 17.97 2.03 -11.30
O2 PCW D . 14.67 4.80 -19.11
O3 PCW D . 16.57 4.59 -21.20
O11 PCW D . 18.49 5.62 -20.56
O31 PCW D . 15.39 6.99 -19.02
O1P PCW D . 16.31 1.17 -16.00
O2P PCW D . 18.79 1.16 -16.25
O3P PCW D . 17.42 3.19 -17.04
O4P PCW D . 17.81 2.70 -14.69
P PCW D . 17.58 1.97 -16.00
C1 PCW E . -8.08 -22.28 18.59
C2 PCW E . -9.42 -22.12 17.77
C3 PCW E . -10.65 -22.59 18.62
C4 PCW E . -8.54 -18.41 20.43
C5 PCW E . -9.07 -17.47 19.33
C6 PCW E . -10.57 -15.91 20.71
C7 PCW E . -9.37 -15.08 18.73
C8 PCW E . -10.70 -16.37 18.80
C11 PCW E . -12.96 -21.92 18.47
C12 PCW E . -14.09 -21.84 17.48
C13 PCW E . -15.40 -21.43 18.24
C14 PCW E . -16.65 -21.30 17.34
C15 PCW E . -17.95 -22.01 17.86
C16 PCW E . -19.06 -21.99 16.76
C17 PCW E . -20.50 -21.58 17.20
C18 PCW E . -21.58 -21.83 16.14
C19 PCW E . -22.41 -20.56 15.83
C20 PCW E . -23.15 -20.41 14.68
C21 PCW E . -23.39 -21.29 13.50
C22 PCW E . -23.56 -20.36 12.26
C23 PCW E . -23.88 -21.05 10.92
C24 PCW E . -24.10 -20.17 9.72
C25 PCW E . -24.97 -20.66 8.53
C26 PCW E . -24.39 -21.78 7.70
C27 PCW E . -24.41 -21.62 6.17
C28 PCW E . -23.79 -22.83 5.50
C31 PCW E . -9.67 -20.43 16.11
C32 PCW E . -9.90 -18.91 15.92
C33 PCW E . -11.33 -18.50 15.33
C34 PCW E . -12.33 -19.66 15.23
C35 PCW E . -13.55 -19.09 14.41
C36 PCW E . -14.65 -20.15 14.13
C37 PCW E . -15.88 -19.64 13.33
C38 PCW E . -15.80 -19.97 11.88
C39 PCW E . -17.01 -19.48 11.10
C40 PCW E . -17.38 -19.84 9.89
C41 PCW E . -16.65 -20.85 9.01
C42 PCW E . -17.64 -22.06 8.69
C43 PCW E . -18.95 -21.78 7.97
C44 PCW E . -19.66 -23.11 7.82
C45 PCW E . -19.17 -23.96 6.68
C46 PCW E . -20.21 -24.25 5.64
C47 PCW E . -19.86 -23.89 4.22
C48 PCW E . -21.01 -24.22 3.26
N PCW E . -9.53 -16.16 19.68
O2 PCW E . -9.64 -20.68 17.43
O3 PCW E . -11.85 -22.44 17.86
O11 PCW E . -13.00 -21.58 19.62
O31 PCW E . -9.53 -21.28 15.19
O1P PCW E . -7.39 -20.60 21.96
O2P PCW E . -5.87 -20.78 19.99
O3P PCW E . -8.19 -21.92 19.98
O4P PCW E . -7.91 -19.51 19.75
P PCW E . -7.28 -20.69 20.47
C1 PCW F . 4.32 28.59 10.03
C2 PCW F . 3.03 29.03 9.22
C3 PCW F . 3.01 30.59 9.05
C4 PCW F . 6.17 28.84 6.44
C5 PCW F . 7.67 29.12 6.27
C6 PCW F . 7.84 31.66 5.98
C7 PCW F . 9.45 30.46 7.36
C8 PCW F . 9.18 30.30 5.53
C11 PCW F . 1.96 31.37 7.02
C12 PCW F . 0.61 31.70 6.46
C13 PCW F . 0.76 32.88 5.42
C14 PCW F . -0.54 33.33 4.75
C15 PCW F . -0.36 34.18 3.45
C16 PCW F . 0.00 33.26 2.24
C17 PCW F . -0.07 33.91 0.80
C18 PCW F . -1.44 33.78 0.14
C19 PCW F . -1.35 33.77 -1.41
C20 PCW F . -1.59 34.90 -2.17
C21 PCW F . -1.95 36.29 -1.80
C22 PCW F . -0.72 37.18 -2.16
C23 PCW F . 0.08 37.80 -0.98
C24 PCW F . 1.21 38.71 -1.34
C25 PCW F . 2.28 38.30 -2.41
C26 PCW F . 2.24 39.04 -3.73
C27 PCW F . 2.64 40.53 -3.74
C28 PCW F . 1.70 41.32 -4.61
C31 PCW F . 2.20 27.45 7.68
C32 PCW F . 2.33 26.98 6.22
C33 PCW F . 1.69 27.96 5.12
C34 PCW F . 0.30 27.54 4.65
C35 PCW F . -0.50 28.90 4.46
C36 PCW F . -2.03 28.69 4.46
C37 PCW F . -2.89 29.99 4.29
C38 PCW F . -3.71 30.26 5.49
C39 PCW F . -4.55 31.51 5.37
C40 PCW F . -5.88 31.58 5.33
C41 PCW F . -6.81 30.38 5.43
C42 PCW F . -8.27 30.86 4.98
C43 PCW F . -9.47 30.36 5.78
C44 PCW F . -10.71 30.97 5.13
C45 PCW F . -11.95 30.11 5.21
C46 PCW F . -12.42 29.61 3.88
C47 PCW F . -12.41 28.12 3.67
C48 PCW F . -12.92 27.74 2.27
N PCW F . 8.19 30.40 6.65
O2 PCW F . 3.05 28.45 7.85
O3 PCW F . 1.82 30.97 8.32
O11 PCW F . 3.00 31.45 6.42
O31 PCW F . 1.42 26.96 8.55
O1P PCW F . 6.92 28.99 9.23
O2P PCW F . 7.34 26.55 8.96
O3P PCW F . 4.97 27.41 9.49
O4P PCW F . 6.02 27.67 7.30
P PCW F . 6.39 27.67 8.77
C1 PCW G . -6.72 29.08 21.79
C2 PCW G . -7.80 30.05 21.13
C3 PCW G . -7.10 31.36 20.63
C4 PCW G . -2.17 27.78 21.31
C5 PCW G . -1.36 28.92 20.72
C6 PCW G . -0.38 27.67 18.90
C7 PCW G . 0.89 28.12 20.81
C8 PCW G . 0.50 29.85 19.38
C11 PCW G . -8.36 33.40 20.66
C12 PCW G . -9.40 34.16 19.87
C13 PCW G . -9.74 35.50 20.63
C14 PCW G . -10.78 36.40 19.97
C15 PCW G . -11.61 35.76 18.81
C16 PCW G . -13.14 35.75 19.15
C17 PCW G . -14.04 34.71 18.40
C18 PCW G . -14.46 35.17 17.01
C19 PCW G . -15.46 36.35 17.02
C20 PCW G . -16.80 36.19 17.35
C21 PCW G . -17.60 34.99 17.72
C22 PCW G . -18.17 34.40 16.39
C23 PCW G . -19.65 34.71 16.07
C24 PCW G . -19.93 35.91 15.21
C25 PCW G . -19.91 37.34 15.81
C26 PCW G . -21.08 38.24 15.45
C27 PCW G . -20.99 39.73 15.82
C28 PCW G . -20.89 40.57 14.57
C31 PCW G . -9.48 28.62 20.25
C32 PCW G . -10.00 28.00 18.94
C33 PCW G . -10.78 26.62 19.10
C34 PCW G . -11.57 26.21 17.85
C35 PCW G . -12.98 26.92 17.99
C36 PCW G . -14.16 25.94 17.78
C37 PCW G . -15.58 26.58 17.90
C38 PCW G . -16.44 26.28 16.72
C39 PCW G . -17.82 26.88 16.83
C40 PCW G . -18.91 26.31 17.31
C41 PCW G . -18.97 24.89 17.85
C42 PCW G . -19.45 24.96 19.37
C43 PCW G . -20.37 23.88 19.90
C44 PCW G . -20.66 24.20 21.35
C45 PCW G . -21.73 23.35 22.00
C46 PCW G . -21.18 22.27 22.89
C47 PCW G . -20.72 21.00 22.18
C48 PCW G . -20.18 19.97 23.19
N PCW G . -0.15 28.65 19.99
O2 PCW G . -8.42 29.38 19.95
O3 PCW G . -8.08 32.23 20.03
O11 PCW G . -7.85 33.79 21.69
O31 PCW G . -9.96 28.44 21.39
O1P PCW G . -4.67 27.28 22.75
O2P PCW G . -5.38 26.32 20.57
O3P PCW G . -5.56 28.86 20.98
O4P PCW G . -3.44 27.73 20.59
P PCW G . -4.77 27.48 21.26
C1 PCW H . -11.99 15.02 25.38
C2 PCW H . -13.50 14.83 25.80
C3 PCW H . -14.20 13.77 24.88
C4 PCW H . -10.61 12.05 28.54
C5 PCW H . -9.41 11.14 28.84
C6 PCW H . -7.93 11.21 30.91
C7 PCW H . -9.69 9.53 30.71
C8 PCW H . -8.19 9.73 29.65
C11 PCW H . -16.49 14.54 24.94
C12 PCW H . -17.83 14.15 25.49
C13 PCW H . -18.55 13.25 24.41
C14 PCW H . -19.95 12.75 24.80
C15 PCW H . -21.14 13.59 24.26
C16 PCW H . -21.63 13.04 22.87
C17 PCW H . -23.18 13.01 22.61
C18 PCW H . -23.54 12.50 21.21
C19 PCW H . -24.96 12.93 20.78
C20 PCW H . -25.19 13.97 19.87
C21 PCW H . -24.25 14.87 19.14
C22 PCW H . -25.06 15.47 17.96
C23 PCW H . -24.63 16.87 17.46
C24 PCW H . -25.36 17.42 16.27
C25 PCW H . -25.09 18.86 15.76
C26 PCW H . -24.32 18.99 14.46
C27 PCW H . -22.85 19.45 14.53
C28 PCW H . -22.49 20.23 13.29
C31 PCW H . -14.12 15.17 28.08
C32 PCW H . -14.13 14.50 29.46
C33 PCW H . -15.39 13.55 29.77
C34 PCW H . -16.70 14.32 29.98
C35 PCW H . -17.75 13.63 29.04
C36 PCW H . -19.21 14.09 29.31
C37 PCW H . -20.29 13.44 28.39
C38 PCW H . -21.58 14.18 28.43
C39 PCW H . -22.64 13.57 27.55
C40 PCW H . -23.96 13.58 27.73
C41 PCW H . -24.66 14.24 28.91
C42 PCW H . -26.10 14.72 28.43
C43 PCW H . -27.22 13.70 28.37
C44 PCW H . -28.46 14.43 27.88
C45 PCW H . -29.51 13.57 27.21
C46 PCW H . -30.91 14.13 27.30
C47 PCW H . -31.77 14.02 26.06
C48 PCW H . -33.16 14.61 26.30
N PCW H . -9.13 10.76 30.19
O2 PCW H . -13.58 14.31 27.21
O3 PCW H . -15.56 13.60 25.29
O11 PCW H . -16.26 15.54 24.31
O31 PCW H . -14.55 16.32 27.81
O1P PCW H . -10.77 12.56 25.66
O2P PCW H . -8.72 13.89 26.10
O3P PCW H . -11.04 14.93 26.47
O4P PCW H . -10.07 13.28 27.97
P PCW H . -10.12 13.62 26.50
C1 PCW I . 14.00 -3.21 -14.90
C2 PCW I . 12.84 -2.98 -15.94
C3 PCW I . 13.44 -2.62 -17.33
C4 PCW I . 16.97 -5.95 -15.94
C5 PCW I . 17.87 -7.17 -15.73
C6 PCW I . 20.23 -7.92 -16.39
C7 PCW I . 19.91 -6.24 -14.64
C8 PCW I . 19.37 -8.02 -14.63
C11 PCW I . 12.66 -2.49 -19.60
C12 PCW I . 11.43 -2.18 -20.41
C13 PCW I . 10.86 -3.53 -20.99
C14 PCW I . 9.59 -3.41 -21.85
C15 PCW I . 8.78 -2.08 -21.68
C16 PCW I . 7.88 -1.81 -22.94
C17 PCW I . 7.29 -0.38 -23.09
C18 PCW I . 7.30 0.13 -24.53
C19 PCW I . 8.60 0.84 -24.92
C20 PCW I . 9.10 0.80 -26.20
C21 PCW I . 8.62 0.15 -27.45
C22 PCW I . 9.85 0.05 -28.40
C23 PCW I . 10.87 -1.10 -28.13
C24 PCW I . 10.57 -2.41 -28.78
C25 PCW I . 11.57 -3.08 -29.79
C26 PCW I . 11.20 -3.03 -31.25
C27 PCW I . 12.00 -3.93 -32.22
C28 PCW I . 12.53 -3.12 -33.38
C31 PCW I . 10.99 -4.33 -15.31
C32 PCW I . 10.29 -5.65 -15.64
C33 PCW I . 8.80 -5.52 -16.18
C34 PCW I . 8.72 -5.00 -17.61
C35 PCW I . 7.21 -4.59 -17.82
C36 PCW I . 6.82 -4.53 -19.32
C37 PCW I . 5.34 -4.13 -19.59
C38 PCW I . 4.61 -5.20 -20.34
C39 PCW I . 3.16 -4.85 -20.61
C40 PCW I . 2.70 -4.03 -21.54
C41 PCW I . 3.58 -3.27 -22.53
C42 PCW I . 2.96 -3.47 -23.99
C43 PCW I . 3.24 -4.78 -24.72
C44 PCW I . 2.53 -4.69 -26.06
C45 PCW I . 3.13 -5.56 -27.15
C46 PCW I . 3.67 -4.80 -28.32
C47 PCW I . 2.66 -4.28 -29.32
C48 PCW I . 3.35 -3.53 -30.47
N PCW I . 19.30 -7.00 -15.71
O2 PCW I . 12.04 -4.23 -16.12
O3 PCW I . 12.37 -2.42 -18.27
O11 PCW I . 13.75 -2.72 -20.06
O31 PCW I . 10.64 -3.50 -14.44
O1P PCW I . 16.50 -3.88 -13.98
O2P PCW I . 15.54 -5.78 -12.66
O3P PCW I . 14.08 -4.56 -14.40
O4P PCW I . 15.87 -6.08 -15.00
P PCW I . 15.55 -5.05 -13.95
C1 PCW J . 12.19 25.73 -7.90
C2 PCW J . 10.78 26.43 -7.84
C3 PCW J . 10.85 27.80 -8.61
C4 PCW J . 14.37 21.72 -6.65
C5 PCW J . 14.85 21.48 -5.21
C6 PCW J . 17.15 20.92 -5.66
C7 PCW J . 16.50 21.46 -3.48
C8 PCW J . 16.64 23.17 -4.96
C11 PCW J . 9.60 29.79 -8.14
C12 PCW J . 8.22 30.39 -8.24
C13 PCW J . 7.79 30.88 -6.81
C14 PCW J . 6.40 31.51 -6.73
C15 PCW J . 5.26 30.72 -7.44
C16 PCW J . 4.13 31.69 -7.92
C17 PCW J . 2.74 31.63 -7.17
C18 PCW J . 1.81 32.80 -7.53
C19 PCW J . 2.36 34.17 -7.07
C20 PCW J . 1.55 35.22 -6.67
C21 PCW J . 0.08 35.36 -6.56
C22 PCW J . -0.17 36.83 -6.10
C23 PCW J . -0.62 37.84 -7.18
C24 PCW J . -0.65 39.28 -6.78
C25 PCW J . -0.29 40.40 -7.80
C26 PCW J . -0.88 41.76 -7.55
C27 PCW J . -0.15 42.99 -8.11
C28 PCW J . -1.15 44.07 -8.44
C31 PCW J . 9.23 24.62 -7.77
C32 PCW J . 8.23 23.82 -8.61
C33 PCW J . 6.71 23.91 -8.12
C34 PCW J . 5.69 23.77 -9.25
C35 PCW J . 6.24 24.67 -10.44
C36 PCW J . 6.11 24.00 -11.83
C37 PCW J . 6.64 24.86 -13.03
C38 PCW J . 7.27 24.01 -14.07
C39 PCW J . 7.80 24.82 -15.24
C40 PCW J . 7.28 24.92 -16.46
C41 PCW J . 6.03 24.20 -16.93
C42 PCW J . 5.18 25.21 -17.82
C43 PCW J . 3.93 25.85 -17.23
C44 PCW J . 3.34 26.75 -18.30
C45 PCW J . 2.21 27.65 -17.87
C46 PCW J . 1.14 27.79 -18.92
C47 PCW J . -0.04 28.66 -18.57
C48 PCW J . -1.05 28.70 -19.73
N PCW J . 16.22 21.74 -4.85
O2 PCW J . 9.78 25.57 -8.55
O3 PCW J . 9.59 28.49 -8.57
O11 PCW J . 10.57 30.39 -7.80
O31 PCW J . 9.49 24.42 -6.54
O1P PCW J . 14.14 24.55 -6.14
O2P PCW J . 11.96 23.90 -5.13
O3P PCW J . 12.16 24.30 -7.67
O4P PCW J . 13.07 22.33 -6.56
P PCW J . 12.86 23.81 -6.31
C1 PCW K . -22.13 26.44 -15.21
C2 PCW K . -21.23 27.56 -14.57
C3 PCW K . -21.96 28.22 -13.36
C4 PCW K . -23.57 26.49 -19.20
C5 PCW K . -22.77 27.72 -19.63
C6 PCW K . -23.03 27.09 -22.09
C7 PCW K . -21.68 29.03 -21.44
C8 PCW K . -21.37 27.24 -21.06
C11 PCW K . -21.36 29.64 -11.53
C12 PCW K . -20.30 30.60 -11.10
C13 PCW K . -19.21 29.77 -10.32
C14 PCW K . -18.02 30.58 -9.79
C15 PCW K . -16.84 29.74 -9.21
C16 PCW K . -15.55 30.61 -9.07
C17 PCW K . -14.19 29.86 -8.91
C18 PCW K . -13.43 30.24 -7.64
C19 PCW K . -11.91 29.98 -7.75
C20 PCW K . -11.15 29.51 -6.69
C21 PCW K . -11.50 29.13 -5.29
C22 PCW K . -10.45 29.80 -4.37
C23 PCW K . -10.89 31.06 -3.57
C24 PCW K . -10.03 32.28 -3.70
C25 PCW K . -9.31 32.89 -2.45
C26 PCW K . -10.09 33.91 -1.66
C27 PCW K . -9.50 35.32 -1.50
C28 PCW K . -10.56 36.30 -1.09
C31 PCW K . -18.87 27.43 -14.69
C32 PCW K . -17.63 26.79 -14.05
C33 PCW K . -16.86 27.74 -13.01
C34 PCW K . -15.77 27.02 -12.22
C35 PCW K . -14.41 27.64 -12.73
C36 PCW K . -13.22 27.28 -11.81
C37 PCW K . -11.84 27.84 -12.24
C38 PCW K . -11.26 28.74 -11.19
C39 PCW K . -9.92 29.29 -11.60
C40 PCW K . -8.84 29.41 -10.84
C41 PCW K . -8.77 28.98 -9.38
C42 PCW K . -7.28 28.53 -9.07
C43 PCW K . -6.89 28.21 -7.64
C44 PCW K . -5.42 27.81 -7.65
C45 PCW K . -4.44 28.92 -7.92
C46 PCW K . -3.00 28.55 -7.67
C47 PCW K . -2.55 28.54 -6.22
C48 PCW K . -1.08 28.13 -6.09
N PCW K . -22.64 28.03 -21.02
O2 PCW K . -19.95 27.00 -14.04
O3 PCW K . -21.11 29.23 -12.79
O11 PCW K . -22.26 29.25 -10.84
O31 PCW K . -18.84 28.22 -15.68
O1P PCW K . -23.42 24.70 -16.92
O2P PCW K . -25.61 25.73 -16.33
O3P PCW K . -23.43 26.89 -15.65
O4P PCW K . -24.23 26.85 -17.94
P PCW K . -24.20 25.96 -16.72
C1 PCW L . -12.13 0.19 -32.90
C2 PCW L . -10.83 0.45 -32.01
C3 PCW L . -9.54 -0.11 -32.70
C4 PCW L . -14.50 -1.66 -34.64
C5 PCW L . -14.74 -2.70 -35.74
C6 PCW L . -17.20 -3.39 -35.65
C7 PCW L . -16.15 -2.78 -37.78
C8 PCW L . -15.75 -4.21 -36.69
C11 PCW L . -7.36 -0.73 -31.89
C12 PCW L . -6.30 -0.25 -30.94
C13 PCW L . -4.97 -1.04 -31.22
C14 PCW L . -3.79 -0.66 -30.32
C15 PCW L . -2.59 -1.65 -30.32
C16 PCW L . -1.34 -1.00 -29.63
C17 PCW L . -1.50 -0.56 -28.13
C18 PCW L . -0.22 0.05 -27.54
C19 PCW L . 0.68 -1.00 -26.87
C20 PCW L . 2.06 -1.00 -27.02
C21 PCW L . 3.00 -0.13 -27.78
C22 PCW L . 4.39 -0.24 -27.09
C23 PCW L . 5.23 -1.51 -27.36
C24 PCW L . 5.63 -2.32 -26.17
C25 PCW L . 6.61 -3.53 -26.31
C26 PCW L . 8.09 -3.20 -26.34
C27 PCW L . 9.06 -4.16 -25.62
C28 PCW L . 10.34 -3.44 -25.27
C31 PCW L . -11.36 2.46 -30.84
C32 PCW L . -11.01 3.96 -30.75
C33 PCW L . -9.79 4.31 -29.77
C34 PCW L . -10.07 5.52 -28.86
C35 PCW L . -11.14 5.03 -27.81
C36 PCW L . -10.60 4.98 -26.36
C37 PCW L . -11.63 4.49 -25.28
C38 PCW L . -11.00 3.60 -24.27
C39 PCW L . -11.97 3.10 -23.23
C40 PCW L . -12.13 3.58 -22.00
C41 PCW L . -11.35 4.74 -21.42
C42 PCW L . -10.44 4.20 -20.24
C43 PCW L . -8.92 4.23 -20.40
C44 PCW L . -8.33 3.66 -19.12
C45 PCW L . -7.63 4.66 -18.24
C46 PCW L . -6.14 4.45 -18.15
C47 PCW L . -5.66 3.33 -17.26
C48 PCW L . -4.13 3.23 -17.27
N PCW L . -16.03 -2.79 -36.34
O2 PCW L . -10.62 1.92 -31.81
O3 PCW L . -8.40 0.15 -31.87
O11 PCW L . -7.30 -1.74 -32.55
O31 PCW L . -12.19 1.86 -30.10
O1P PCW L . -14.69 1.24 -34.69
O2P PCW L . -13.01 1.00 -36.51
O3P PCW L . -12.25 1.06 -34.05
O4P PCW L . -13.37 -0.86 -35.07
P PCW L . -13.39 0.66 -35.13
C1 PCW M . -18.05 34.62 -19.79
C2 PCW M . -16.49 34.46 -19.58
C3 PCW M . -15.78 35.84 -19.85
C4 PCW M . -19.92 35.50 -23.20
C5 PCW M . -18.88 36.58 -23.49
C6 PCW M . -17.63 35.17 -25.22
C7 PCW M . -17.11 37.56 -24.94
C8 PCW M . -16.88 36.18 -23.72
C11 PCW M . -13.52 35.98 -20.70
C12 PCW M . -12.09 35.85 -20.25
C13 PCW M . -11.36 34.80 -21.17
C14 PCW M . -9.88 34.56 -20.84
C15 PCW M . -9.08 33.74 -21.90
C16 PCW M . -7.63 33.43 -21.38
C17 PCW M . -6.82 32.30 -22.09
C18 PCW M . -5.74 31.67 -21.21
C19 PCW M . -4.45 32.52 -21.13
C20 PCW M . -3.48 32.32 -20.16
C21 PCW M . -3.36 31.35 -19.06
C22 PCW M . -2.34 31.95 -18.05
C23 PCW M . -2.35 31.40 -16.60
C24 PCW M . -1.91 32.33 -15.51
C25 PCW M . -2.33 32.08 -14.02
C26 PCW M . -1.84 33.09 -13.01
C27 PCW M . -2.34 32.95 -11.55
C28 PCW M . -1.30 32.26 -10.71
C31 PCW M . -16.38 32.78 -17.89
C32 PCW M . -16.05 32.57 -16.41
C33 PCW M . -15.28 31.21 -16.06
C34 PCW M . -14.90 31.06 -14.58
C35 PCW M . -13.31 30.97 -14.52
C36 PCW M . -12.74 29.79 -15.35
C37 PCW M . -11.19 29.63 -15.35
C38 PCW M . -10.52 30.50 -16.38
C39 PCW M . -9.02 30.37 -16.41
C40 PCW M . -8.13 30.90 -15.57
C41 PCW M . -8.48 31.78 -14.38
C42 PCW M . -7.22 31.80 -13.41
C43 PCW M . -7.39 32.40 -12.03
C44 PCW M . -6.04 32.28 -11.33
C45 PCW M . -6.08 32.48 -9.83
C46 PCW M . -6.20 33.92 -9.41
C47 PCW M . -5.02 34.82 -9.71
C48 PCW M . -5.27 36.25 -9.22
N PCW M . -18.03 36.47 -24.64
O2 PCW M . -16.20 34.09 -18.16
O3 PCW M . -14.36 35.71 -19.65
O11 PCW M . -13.88 36.32 -21.79
O31 PCW M . -16.74 31.88 -18.71
O1P PCW M . -20.40 32.80 -22.17
O2P PCW M . -21.16 34.01 -20.14
O3P PCW M . -18.66 33.54 -20.52
O4P PCW M . -19.87 35.23 -21.78
P PCW M . -20.10 33.86 -21.16
C1 17F N . -34.37 0.77 -7.32
N1 17F N . -35.92 -0.27 -8.99
O1 17F N . -35.44 -2.64 -6.69
P1 17F N . -34.80 -1.42 -6.05
C2 17F N . -35.70 0.85 -8.09
O2 17F N . -35.74 -0.47 -5.33
C3 17F N . -35.75 2.17 -8.86
O3 17F N . -34.00 -0.55 -7.08
C4 17F N . -32.98 -0.82 -4.25
O4 17F N . -35.60 3.24 -8.28
C5 17F N . -31.97 -1.41 -3.22
O5 17F N . -35.97 2.22 -10.13
C6 17F N . -31.13 -0.25 -2.63
O6 17F N . -33.72 -1.81 -4.97
C7 17F N . -29.71 0.13 -0.82
O7 17F N . -30.18 -0.72 -1.67
C8 17F N . -28.74 -0.62 0.13
O8 17F N . -29.94 1.31 -0.68
C9 17F N . -28.05 0.32 1.16
O9 17F N . -32.60 -2.16 -2.19
C10 17F N . -27.05 -0.36 2.16
O10 17F N . -32.39 -4.14 -3.37
C11 17F N . -25.64 -0.72 1.54
C12 17F N . -24.69 -1.39 2.61
C17 17F N . -32.42 -3.46 -2.32
C18 17F N . -32.26 -4.16 -0.99
C19 17F N . -31.20 -3.55 -0.05
C20 17F N . -30.20 -4.63 0.50
C1X 17F N . -23.34 -1.74 1.98
C1Y 17F N . -29.15 -3.99 1.42
C1Z 17F N . -28.53 -5.03 2.35
C2X 17F N . -22.34 -2.43 3.04
C21 17F N . -22.96 -3.67 3.75
C22 17F N . -22.74 -4.90 3.42
C23 17F N . -21.89 -5.39 2.34
C24 17F N . -22.63 -5.75 1.06
C25 17F N . -21.79 -6.25 -0.10
C26 17F N . -21.72 -5.30 -1.38
C27 17F N . -20.89 -5.82 -2.52
C28 17F N . -20.95 -4.75 -3.67
C29 17F N . -22.12 -5.03 -4.50
C30 17F N . -22.32 -4.08 -5.65
C31 17F N . -26.97 -5.00 2.49
C32 17F N . -26.36 -6.05 3.44
C33 17F N . -26.74 -7.45 2.95
C34 17F N . -26.38 -8.58 3.55
C35 17F N . -25.54 -8.70 4.80
C36 17F N . -26.36 -8.84 6.12
C37 17F N . -25.43 -8.75 7.28
C38 17F N . -25.96 -7.95 8.50
C39 17F N . -24.93 -7.92 9.65
C40 17F N . -25.00 -6.58 10.40
C41 17F N . -24.37 -6.71 11.85
C42 17F N . -24.03 -5.44 12.63
C1 PCW O . 9.12 11.77 -4.08
C2 PCW O . 8.75 12.35 -5.50
C3 PCW O . 9.99 12.24 -6.46
C4 PCW O . 7.25 9.74 -1.79
C5 PCW O . 7.15 9.14 -0.39
C6 PCW O . 8.67 8.07 1.35
C7 PCW O . 8.75 10.48 0.93
C8 PCW O . 7.34 9.51 1.61
C11 PCW O . 9.91 14.08 -8.01
C12 PCW O . 9.54 14.40 -9.42
C13 PCW O . 8.22 15.25 -9.41
C14 PCW O . 7.71 15.66 -10.78
C15 PCW O . 7.82 17.17 -11.12
C16 PCW O . 8.49 17.38 -12.53
C17 PCW O . 7.55 17.67 -13.74
C18 PCW O . 6.90 16.43 -14.32
C19 PCW O . 7.53 16.00 -15.67
C20 PCW O . 6.81 16.05 -16.86
C21 PCW O . 5.43 16.48 -17.18
C22 PCW O . 5.54 17.45 -18.38
C23 PCW O . 4.43 17.37 -19.47
C24 PCW O . 4.16 16.02 -20.06
C25 PCW O . 3.84 15.85 -21.57
C26 PCW O . 4.36 14.60 -22.24
C27 PCW O . 3.36 13.67 -22.94
C28 PCW O . 2.36 14.48 -23.73
C31 PCW O . 6.46 11.74 -5.54
C32 PCW O . 5.43 10.85 -6.25
C33 PCW O . 4.03 10.72 -5.50
C34 PCW O . 3.00 9.91 -6.30
C35 PCW O . 2.42 10.90 -7.39
C36 PCW O . 1.00 11.39 -7.06
C37 PCW O . 0.36 12.37 -8.09
C38 PCW O . 0.27 11.77 -9.46
C39 PCW O . -0.35 12.70 -10.47
C40 PCW O . -1.60 12.65 -10.93
C41 PCW O . -2.63 11.62 -10.49
C42 PCW O . -3.71 11.47 -11.65
C43 PCW O . -4.45 10.16 -11.78
C44 PCW O . -5.41 10.30 -12.94
C45 PCW O . -6.27 9.08 -13.24
C46 PCW O . -5.48 7.82 -13.39
C47 PCW O . -5.45 7.20 -14.77
C48 PCW O . -4.62 5.92 -14.79
N PCW O . 8.27 9.20 0.48
O2 PCW O . 7.66 11.54 -6.10
O3 PCW O . 9.66 12.76 -7.76
O11 PCW O . 10.37 14.85 -7.21
O31 PCW O . 6.21 12.53 -4.58
O1P PCW O . 7.84 9.02 -4.54
O2P PCW O . 9.89 8.02 -3.53
O3P PCW O . 9.83 10.51 -4.12
O4P PCW O . 8.63 9.58 -2.22
P PCW O . 9.01 9.22 -3.64
C1 PCW P . 16.41 7.93 -12.67
C2 PCW P . 15.76 9.28 -13.17
C3 PCW P . 15.26 9.14 -14.65
C4 PCW P . 18.67 10.29 -10.05
C5 PCW P . 18.25 11.58 -10.75
C6 PCW P . 20.27 12.94 -11.51
C7 PCW P . 18.54 12.28 -13.10
C8 PCW P . 18.36 13.40 -11.65
C11 PCW P . 14.33 10.49 -16.39
C12 PCW P . 13.73 11.85 -16.63
C13 PCW P . 12.18 11.67 -16.86
C14 PCW P . 11.41 12.97 -17.13
C15 PCW P . 10.51 12.98 -18.40
C16 PCW P . 11.09 13.96 -19.49
C17 PCW P . 12.30 13.45 -20.35
C18 PCW P . 12.24 13.90 -21.81
C19 PCW P . 12.69 15.36 -22.01
C20 PCW P . 11.95 16.28 -22.73
C21 PCW P . 10.65 16.18 -23.45
C22 PCW P . 9.53 16.22 -22.37
C23 PCW P . 8.35 15.23 -22.51
C24 PCW P . 8.42 14.22 -23.63
C25 PCW P . 7.27 14.08 -24.67
C26 PCW P . 6.63 15.37 -25.14
C27 PCW P . 7.01 15.88 -26.55
C28 PCW P . 7.38 17.34 -26.50
C31 PCW P . 14.54 10.88 -11.93
C32 PCW P . 13.27 11.07 -11.10
C33 PCW P . 12.18 12.07 -11.71
C34 PCW P . 10.94 11.37 -12.24
C35 PCW P . 10.09 10.99 -10.96
C36 PCW P . 9.72 9.49 -10.93
C37 PCW P . 8.86 9.05 -9.70
C38 PCW P . 7.96 7.90 -10.05
C39 PCW P . 7.11 7.43 -8.90
C40 PCW P . 5.80 7.23 -8.91
C41 PCW P . 4.92 7.47 -10.13
C42 PCW P . 4.31 6.06 -10.59
C43 PCW P . 4.07 5.84 -12.07
C44 PCW P . 3.48 4.44 -12.22
C45 PCW P . 4.46 3.34 -12.55
C46 PCW P . 4.21 2.67 -13.86
C47 PCW P . 5.24 1.66 -14.32
C48 PCW P . 4.85 1.06 -15.68
N PCW P . 19.09 12.11 -11.78
O2 PCW P . 14.58 9.61 -12.33
O3 PCW P . 14.67 10.37 -15.08
O11 PCW P . 14.49 9.64 -17.24
O31 PCW P . 15.40 11.77 -12.20
O1P PCW P . 17.70 7.74 -9.04
O2P PCW P . 18.82 6.85 -11.09
O3P PCW P . 16.43 7.77 -11.23
O4P PCW P . 18.39 9.20 -10.97
P PCW P . 17.87 7.85 -10.53
C1 PCW Q . 0.54 14.15 9.44
C2 PCW Q . -0.95 14.48 9.04
C3 PCW Q . -1.86 14.37 10.32
C4 PCW Q . 2.39 15.11 13.28
C5 PCW Q . 3.15 13.79 13.49
C6 PCW Q . 3.58 11.97 11.77
C7 PCW Q . 5.31 13.64 12.26
C8 PCW Q . 4.61 12.37 13.40
C11 PCW Q . -4.05 15.08 10.96
C12 PCW Q . -5.44 15.30 10.42
C13 PCW Q . -6.39 14.24 11.08
C14 PCW Q . -7.85 14.32 10.64
C15 PCW Q . -8.82 13.28 11.29
C16 PCW Q . -10.11 13.09 10.43
C17 PCW Q . -11.20 14.21 10.52
C18 PCW Q . -12.32 14.04 9.49
C19 PCW Q . -13.59 13.37 10.09
C20 PCW Q . -14.52 14.08 10.83
C21 PCW Q . -14.60 15.51 11.24
C22 PCW Q . -16.12 15.83 11.38
C23 PCW Q . -16.49 17.28 11.77
C24 PCW Q . -17.22 17.47 13.07
C25 PCW Q . -18.77 17.62 13.11
C26 PCW Q . -19.42 17.62 14.47
C27 PCW Q . -20.36 16.45 14.81
C28 PCW Q . -20.83 16.57 16.25
C31 PCW Q . -0.86 16.01 7.23
C32 PCW Q . -0.99 17.51 6.87
C33 PCW Q . 0.31 18.18 6.22
C34 PCW Q . 0.44 17.96 4.70
C35 PCW Q . -1.00 18.20 4.09
C36 PCW Q . -0.98 18.45 2.56
C37 PCW Q . -2.38 18.69 1.91
C38 PCW Q . -2.30 19.58 0.71
C39 PCW Q . -3.65 19.81 0.10
C40 PCW Q . -3.92 20.36 -1.08
C41 PCW Q . -2.88 20.87 -2.05
C42 PCW Q . -3.43 20.65 -3.54
C43 PCW Q . -4.84 21.09 -3.86
C44 PCW Q . -5.08 20.74 -5.33
C45 PCW Q . -5.28 19.28 -5.62
C46 PCW Q . -6.68 18.92 -6.03
C47 PCW Q . -6.92 18.71 -7.51
C48 PCW Q . -8.37 18.34 -7.80
N PCW Q . 3.92 13.25 12.42
O2 PCW Q . -1.06 15.89 8.55
O3 PCW Q . -3.23 14.68 9.97
O11 PCW Q . -3.72 15.22 12.11
O31 PCW Q . -0.60 15.08 6.41
O1P PCW Q . 2.99 16.92 10.78
O2P PCW Q . 3.03 14.88 10.71
O3P PCW Q . 1.43 15.29 9.39
O4P PCW Q . 1.65 14.99 12.04
P PCW Q . 1.91 15.85 10.82
C1 PCW R . 4.12 24.70 3.78
C2 PCW R . 2.80 23.86 3.58
C3 PCW R . 1.62 24.79 3.19
C4 PCW R . 6.23 21.00 5.80
C5 PCW R . 5.49 19.71 5.45
C6 PCW R . 6.43 17.98 6.84
C7 PCW R . 4.23 17.79 6.10
C8 PCW R . 4.64 19.32 7.73
C11 PCW R . -0.39 23.81 4.08
C12 PCW R . -1.58 23.01 3.65
C13 PCW R . -2.71 24.02 3.21
C14 PCW R . -4.01 23.38 2.73
C15 PCW R . -4.14 23.14 1.20
C16 PCW R . -4.10 24.50 0.42
C17 PCW R . -3.44 24.48 -1.02
C18 PCW R . -3.57 25.82 -1.75
C19 PCW R . -4.52 25.74 -2.97
C20 PCW R . -5.00 26.88 -3.61
C21 PCW R . -4.79 28.32 -3.36
C22 PCW R . -5.82 29.08 -4.23
C23 PCW R . -6.16 30.54 -3.84
C24 PCW R . -5.29 31.19 -2.80
C25 PCW R . -5.90 31.71 -1.46
C26 PCW R . -5.67 33.17 -1.14
C27 PCW R . -6.41 33.77 0.07
C28 PCW R . -5.43 34.44 1.01
C31 PCW R . 2.69 21.63 2.79
C32 PCW R . 2.94 20.76 1.55
C33 PCW R . 1.74 20.74 0.47
C34 PCW R . 1.36 22.12 -0.05
C35 PCW R . 1.35 21.99 -1.63
C36 PCW R . 0.82 23.28 -2.32
C37 PCW R . 0.78 23.23 -3.88
C38 PCW R . -0.33 22.36 -4.38
C39 PCW R . -0.41 22.30 -5.90
C40 PCW R . -0.99 23.19 -6.70
C41 PCW R . -1.70 24.45 -6.23
C42 PCW R . -3.27 24.16 -6.17
C43 PCW R . -4.11 24.41 -7.41
C44 PCW R . -5.55 24.04 -7.05
C45 PCW R . -6.39 23.53 -8.20
C46 PCW R . -7.48 24.47 -8.61
C47 PCW R . -7.99 24.30 -10.02
C48 PCW R . -9.11 25.32 -10.34
N PCW R . 5.22 18.75 6.48
O2 PCW R . 2.99 22.88 2.47
O3 PCW R . 0.43 24.01 3.01
O11 PCW R . -0.20 24.23 5.19
O31 PCW R . 2.27 21.22 3.91
O1P PCW R . 7.15 23.77 5.69
O2P PCW R . 4.82 24.23 6.48
O3P PCW R . 5.30 23.90 3.97
O4P PCW R . 5.28 22.08 5.57
P PCW R . 5.66 23.53 5.50
C1 PCW S . -2.05 2.29 12.89
C2 PCW S . -2.97 2.75 11.70
C3 PCW S . -2.10 3.27 10.50
C4 PCW S . 1.46 0.54 10.44
C5 PCW S . 2.50 -0.55 10.20
C6 PCW S . 4.04 0.90 9.03
C7 PCW S . 2.87 -0.72 7.84
C8 PCW S . 4.56 -1.45 9.18
C11 PCW S . -2.64 4.85 8.78
C12 PCW S . -3.63 5.10 7.68
C13 PCW S . -2.88 4.95 6.31
C14 PCW S . -3.75 5.17 5.06
C15 PCW S . -3.14 4.70 3.72
C16 PCW S . -3.58 5.65 2.55
C17 PCW S . -4.73 5.14 1.61
C18 PCW S . -4.72 5.80 0.24
C19 PCW S . -5.63 7.06 0.18
C20 PCW S . -5.76 7.83 -0.97
C21 PCW S . -5.17 7.73 -2.33
C22 PCW S . -5.07 9.18 -2.87
C23 PCW S . -6.40 9.93 -3.16
C24 PCW S . -6.32 11.30 -3.76
C25 PCW S . -7.57 11.93 -4.45
C26 PCW S . -7.86 13.37 -4.12
C27 PCW S . -7.51 14.44 -5.19
C28 PCW S . -6.38 15.31 -4.69
C31 PCW S . -5.08 1.88 11.04
C32 PCW S . -5.77 0.61 10.51
C33 PCW S . -7.06 0.12 11.33
C34 PCW S . -8.38 0.65 10.77
C35 PCW S . -9.19 -0.63 10.30
C36 PCW S . -10.71 -0.37 10.22
C37 PCW S . -11.58 -1.58 9.76
C38 PCW S . -12.61 -1.94 10.79
C39 PCW S . -13.47 -3.10 10.36
C40 PCW S . -14.80 -3.14 10.28
C41 PCW S . -15.72 -1.97 10.62
C42 PCW S . -15.60 -0.89 9.45
C43 PCW S . -15.31 0.55 9.83
C44 PCW S . -15.25 1.35 8.53
C45 PCW S . -15.02 2.83 8.71
C46 PCW S . -14.05 3.41 7.73
C47 PCW S . -13.40 4.72 8.13
C48 PCW S . -12.43 5.22 7.05
N PCW S . 3.44 -0.46 9.12
O2 PCW S . -3.78 1.61 11.19
O3 PCW S . -2.94 3.69 9.41
O11 PCW S . -1.71 5.56 9.06
O31 PCW S . -5.65 2.98 11.29
O1P PCW S . 0.66 2.64 12.28
O2P PCW S . 0.87 0.83 13.98
O3P PCW S . -1.30 1.08 12.63
O4P PCW S . 0.76 0.20 11.67
P PCW S . 0.31 1.24 12.67
C1 PCW T . 13.32 -12.20 -14.38
C2 PCW T . 12.15 -12.03 -15.40
C3 PCW T . 10.77 -11.92 -14.64
C4 PCW T . 11.54 -10.03 -10.64
C5 PCW T . 11.47 -8.61 -10.07
C6 PCW T . 12.80 -9.24 -7.97
C7 PCW T . 12.13 -6.91 -8.39
C8 PCW T . 11.04 -8.37 -8.08
C11 PCW T . 8.84 -12.80 -15.75
C12 PCW T . 7.80 -12.42 -16.79
C13 PCW T . 7.07 -13.72 -17.26
C14 PCW T . 5.96 -13.50 -18.31
C15 PCW T . 4.84 -14.58 -18.36
C16 PCW T . 3.80 -14.37 -17.20
C17 PCW T . 2.61 -15.38 -17.10
C18 PCW T . 1.91 -15.36 -15.74
C19 PCW T . 1.93 -16.73 -15.03
C20 PCW T . 0.85 -17.21 -14.31
C21 PCW T . -0.50 -16.65 -14.03
C22 PCW T . -1.00 -17.32 -12.71
C23 PCW T . -0.65 -16.61 -11.38
C24 PCW T . -1.56 -16.87 -10.22
C25 PCW T . -3.11 -17.00 -10.42
C26 PCW T . -3.99 -16.19 -9.50
C27 PCW T . -5.52 -16.32 -9.66
C28 PCW T . -5.97 -15.66 -10.95
C31 PCW T . 12.22 -10.90 -17.49
C32 PCW T . 12.42 -9.51 -18.13
C33 PCW T . 11.42 -8.36 -17.63
C34 PCW T . 10.37 -7.99 -18.67
C35 PCW T . 9.31 -9.16 -18.65
C36 PCW T . 8.76 -9.48 -20.05
C37 PCW T . 7.71 -10.64 -20.11
C38 PCW T . 6.62 -10.38 -21.10
C39 PCW T . 5.61 -11.48 -21.16
C40 PCW T . 4.38 -11.40 -21.67
C41 PCW T . 3.78 -10.16 -22.28
C42 PCW T . 2.22 -10.39 -22.45
C43 PCW T . 1.38 -9.27 -23.05
C44 PCW T . -0.06 -9.76 -23.09
C45 PCW T . -0.75 -9.60 -24.42
C46 PCW T . -0.59 -10.77 -25.34
C47 PCW T . 0.01 -10.49 -26.70
C48 PCW T . 0.12 -11.78 -27.54
N PCW T . 12.26 -8.24 -8.93
O2 PCW T . 12.32 -10.76 -16.16
O3 PCW T . 9.71 -11.76 -15.59
O11 PCW T . 8.89 -13.86 -15.18
O31 PCW T . 12.01 -11.98 -18.11
O1P PCW T . 12.40 -12.61 -11.74
O2P PCW T . 14.68 -11.68 -11.29
O3P PCW T . 13.45 -11.09 -13.46
O4P PCW T . 12.82 -10.16 -11.30
P PCW T . 13.35 -11.46 -11.90
C1 PCW U . -4.68 9.60 12.20
C2 PCW U . -5.28 9.29 10.77
C3 PCW U . -6.64 8.53 10.90
C4 PCW U . -2.43 7.35 14.80
C5 PCW U . -3.00 8.15 15.97
C6 PCW U . -1.85 9.72 17.40
C7 PCW U . -1.01 7.55 17.21
C8 PCW U . -2.92 7.82 18.42
C11 PCW U . -7.15 6.97 9.14
C12 PCW U . -7.79 6.90 7.77
C13 PCW U . -6.70 7.21 6.69
C14 PCW U . -7.20 7.17 5.24
C15 PCW U . -8.00 5.91 4.82
C16 PCW U . -8.22 5.87 3.26
C17 PCW U . -9.50 5.16 2.74
C18 PCW U . -10.36 6.05 1.83
C19 PCW U . -11.74 5.42 1.50
C20 PCW U . -12.83 5.55 2.33
C21 PCW U . -13.04 6.24 3.62
C22 PCW U . -14.13 7.32 3.39
C23 PCW U . -14.98 7.76 4.61
C24 PCW U . -16.39 8.17 4.33
C25 PCW U . -17.56 7.16 4.52
C26 PCW U . -17.60 6.44 5.85
C27 PCW U . -18.37 5.09 5.91
C28 PCW U . -17.93 4.31 7.12
C31 PCW U . -4.81 10.73 8.95
C32 PCW U . -5.19 12.08 8.32
C33 PCW U . -6.63 12.11 7.60
C34 PCW U . -7.02 13.47 7.03
C35 PCW U . -8.60 13.57 7.21
C36 PCW U . -9.32 14.09 5.94
C37 PCW U . -10.88 14.21 6.07
C38 PCW U . -11.42 15.43 5.38
C39 PCW U . -12.92 15.53 5.51
C40 PCW U . -13.71 16.49 5.04
C41 PCW U . -13.22 17.69 4.25
C42 PCW U . -14.49 18.34 3.51
C43 PCW U . -14.75 17.94 2.08
C44 PCW U . -16.02 18.68 1.64
C45 PCW U . -16.95 17.88 0.77
C46 PCW U . -18.19 18.62 0.39
C47 PCW U . -19.01 18.03 -0.73
C48 PCW U . -20.25 18.90 -1.03
N PCW U . -2.22 8.30 17.18
O2 PCW U . -5.55 10.57 10.05
O3 PCW U . -7.18 8.26 9.60
O11 PCW U . -6.70 6.04 9.74
O31 PCW U . -3.95 9.93 8.50
O1P PCW U . -3.40 7.16 12.07
O2P PCW U . -1.22 8.23 11.54
O3P PCW U . -3.23 9.68 12.22
O4P PCW U . -1.99 8.31 13.80
P PCW U . -2.45 8.28 12.36
C1 PCW V . 7.03 -7.08 -5.28
C2 PCW V . 6.38 -7.51 -6.65
C3 PCW V . 4.83 -7.69 -6.49
C4 PCW V . 8.40 -9.39 -1.26
C5 PCW V . 9.88 -9.77 -1.09
C6 PCW V . 9.89 -12.03 -1.94
C7 PCW V . 9.54 -11.66 0.34
C8 PCW V . 11.67 -11.36 -0.45
C11 PCW V . 3.26 -9.00 -7.76
C12 PCW V . 2.80 -9.22 -9.18
C13 PCW V . 4.04 -9.67 -10.04
C14 PCW V . 3.74 -9.94 -11.52
C15 PCW V . 2.75 -11.10 -11.81
C16 PCW V . 1.86 -10.77 -13.06
C17 PCW V . 2.39 -11.25 -14.46
C18 PCW V . 1.52 -10.77 -15.62
C19 PCW V . 0.46 -11.81 -16.04
C20 PCW V . 0.33 -12.23 -17.34
C21 PCW V . 1.04 -11.89 -18.60
C22 PCW V . 0.24 -12.53 -19.75
C23 PCW V . 0.79 -13.85 -20.38
C24 PCW V . -0.02 -14.44 -21.49
C25 PCW V . -0.44 -13.57 -22.71
C26 PCW V . -1.46 -14.17 -23.68
C27 PCW V . -2.63 -13.28 -24.14
C28 PCW V . -3.79 -14.14 -24.57
C31 PCW V . 7.46 -6.75 -8.64
C32 PCW V . 7.57 -5.55 -9.58
C33 PCW V . 7.37 -5.89 -11.14
C34 PCW V . 7.57 -4.68 -12.06
C35 PCW V . 6.62 -4.94 -13.29
C36 PCW V . 5.95 -3.65 -13.81
C37 PCW V . 5.01 -3.84 -15.04
C38 PCW V . 4.41 -2.54 -15.49
C39 PCW V . 3.49 -2.71 -16.68
C40 PCW V . 2.45 -1.97 -17.00
C41 PCW V . 1.95 -0.76 -16.20
C42 PCW V . 0.59 -0.28 -16.86
C43 PCW V . 0.55 1.07 -17.53
C44 PCW V . -0.86 1.26 -18.06
C45 PCW V . -0.98 2.00 -19.35
C46 PCW V . -2.24 1.70 -20.11
C47 PCW V . -2.20 1.91 -21.61
C48 PCW V . -3.54 1.56 -22.25
N PCW V . 10.23 -11.13 -0.81
O2 PCW V . 6.59 -6.43 -7.67
O3 PCW V . 4.25 -8.06 -7.75
O11 PCW V . 2.81 -9.55 -6.80
O31 PCW V . 8.09 -7.84 -8.75
O1P PCW V . 8.78 -9.94 -4.09
O2P PCW V . 9.58 -7.59 -4.16
O3P PCW V . 7.05 -8.12 -4.30
O4P PCW V . 8.33 -8.32 -2.23
P PCW V . 8.51 -8.52 -3.73
C1 PCW W . -3.99 -15.41 6.74
C2 PCW W . -5.52 -15.79 6.78
C3 PCW W . -6.39 -14.52 6.99
C4 PCW W . -0.85 -14.02 8.48
C5 PCW W . -0.15 -13.38 7.28
C6 PCW W . -2.04 -11.73 6.76
C7 PCW W . 0.19 -11.41 5.82
C8 PCW W . -0.98 -12.81 5.50
C11 PCW W . -8.55 -14.35 8.03
C12 PCW W . -9.96 -14.86 7.90
C13 PCW W . -10.85 -13.71 7.28
C14 PCW W . -12.33 -14.06 7.08
C15 PCW W . -12.68 -14.78 5.74
C16 PCW W . -14.24 -15.01 5.62
C17 PCW W . -14.73 -16.39 5.05
C18 PCW W . -15.13 -17.39 6.12
C19 PCW W . -14.39 -18.74 5.98
C20 PCW W . -14.97 -19.85 5.37
C21 PCW W . -16.29 -20.08 4.75
C22 PCW W . -16.25 -19.42 3.34
C23 PCW W . -17.60 -18.91 2.75
C24 PCW W . -18.39 -17.96 3.59
C25 PCW W . -19.41 -18.46 4.65
C26 PCW W . -20.82 -17.88 4.56
C27 PCW W . -21.99 -18.74 5.08
C28 PCW W . -21.93 -18.81 6.60
C31 PCW W . -6.08 -17.72 5.52
C32 PCW W . -6.49 -18.17 4.10
C33 PCW W . -6.55 -19.75 3.89
C34 PCW W . -6.79 -20.15 2.44
C35 PCW W . -7.94 -21.25 2.50
C36 PCW W . -7.84 -22.28 1.35
C37 PCW W . -8.93 -23.40 1.35
C38 PCW W . -10.05 -23.07 0.43
C39 PCW W . -11.13 -24.14 0.40
C40 PCW W . -12.41 -23.95 0.13
C41 PCW W . -13.04 -22.61 -0.20
C42 PCW W . -14.22 -22.84 -1.26
C43 PCW W . -14.02 -23.86 -2.38
C44 PCW W . -15.29 -23.85 -3.21
C45 PCW W . -15.67 -25.18 -3.81
C46 PCW W . -17.09 -25.22 -4.34
C47 PCW W . -18.15 -25.63 -3.35
C48 PCW W . -19.54 -25.64 -4.01
N PCW W . -0.61 -12.12 6.78
O2 PCW W . -5.93 -16.39 5.48
O3 PCW W . -7.79 -14.87 7.04
O11 PCW W . -8.16 -13.60 8.88
O31 PCW W . -5.93 -18.47 6.52
O1P PCW W . -3.23 -15.35 9.47
O2P PCW W . -1.83 -17.41 9.23
O3P PCW W . -3.11 -16.45 7.21
O4P PCW W . -1.11 -15.40 8.11
P PCW W . -2.33 -16.17 8.59
C1 PCW X . -3.74 -6.43 12.67
C2 PCW X . -4.47 -6.57 11.28
C3 PCW X . -5.76 -7.45 11.44
C4 PCW X . -2.40 -3.85 15.06
C5 PCW X . -2.65 -2.42 14.57
C6 PCW X . -3.56 -1.71 12.31
C7 PCW X . -5.04 -1.84 14.25
C8 PCW X . -3.60 -0.71 13.99
C11 PCW X . -7.65 -7.07 10.03
C12 PCW X . -8.13 -7.30 8.63
C13 PCW X . -8.21 -8.86 8.39
C14 PCW X . -8.69 -9.28 7.00
C15 PCW X . -7.58 -9.51 5.94
C16 PCW X . -7.98 -8.84 4.58
C17 PCW X . -6.84 -8.64 3.52
C18 PCW X . -7.35 -8.22 2.15
C19 PCW X . -6.20 -7.94 1.15
C20 PCW X . -5.99 -8.71 0.03
C21 PCW X . -6.69 -9.91 -0.51
C22 PCW X . -6.44 -9.92 -2.04
C23 PCW X . -7.59 -9.44 -2.96
C24 PCW X . -7.66 -7.96 -3.24
C25 PCW X . -7.61 -7.41 -4.69
C26 PCW X . -6.23 -7.26 -5.31
C27 PCW X . -5.51 -8.54 -5.78
C28 PCW X . -4.83 -8.30 -7.10
C31 PCW X . -4.24 -4.81 9.71
C32 PCW X . -4.77 -3.42 9.33
C33 PCW X . -4.16 -2.78 8.00
C34 PCW X . -4.71 -1.40 7.67
C35 PCW X . -6.05 -1.66 6.89
C36 PCW X . -6.00 -1.19 5.42
C37 PCW X . -7.30 -1.42 4.59
C38 PCW X . -7.17 -2.62 3.69
C39 PCW X . -8.42 -2.87 2.88
C40 PCW X . -8.53 -3.65 1.80
C41 PCW X . -7.37 -4.43 1.22
C42 PCW X . -7.72 -4.78 -0.31
C43 PCW X . -7.97 -3.65 -1.28
C44 PCW X . -8.27 -4.29 -2.62
C45 PCW X . -9.46 -3.72 -3.34
C46 PCW X . -10.20 -4.73 -4.17
C47 PCW X . -10.91 -5.81 -3.41
C48 PCW X . -11.62 -6.77 -4.37
N PCW X . -3.75 -2.16 13.70
O2 PCW X . -4.89 -5.22 10.79
O3 PCW X . -6.40 -7.58 10.18
O11 PCW X . -8.26 -6.50 10.89
O31 PCW X . -3.34 -5.46 9.09
O1P PCW X . -2.23 -6.72 15.11
O2P PCW X . -0.08 -6.33 13.90
O3P PCW X . -2.30 -6.42 12.60
O4P PCW X . -1.67 -4.53 14.01
P PCW X . -1.53 -6.04 13.96
C1 PCW Y . 0.05 23.25 8.79
C2 PCW Y . -1.48 22.97 9.12
C3 PCW Y . -2.19 24.31 9.55
C4 PCW Y . 2.16 24.11 12.82
C5 PCW Y . 1.03 24.71 13.66
C6 PCW Y . 1.03 23.04 15.40
C7 PCW Y . -0.58 22.94 13.71
C8 PCW Y . -0.83 24.56 15.29
C11 PCW Y . -4.18 24.85 10.77
C12 PCW Y . -5.62 24.42 10.95
C13 PCW Y . -5.90 24.23 12.49
C14 PCW Y . -7.33 23.78 12.84
C15 PCW Y . -7.53 23.31 14.30
C16 PCW Y . -8.99 22.76 14.53
C17 PCW Y . -9.14 21.47 15.41
C18 PCW Y . -9.83 21.73 16.75
C19 PCW Y . -10.50 20.45 17.33
C20 PCW Y . -11.85 20.18 17.16
C21 PCW Y . -12.95 20.92 16.47
C22 PCW Y . -13.07 20.30 15.04
C23 PCW Y . -13.16 21.29 13.85
C24 PCW Y . -14.54 21.61 13.33
C25 PCW Y . -15.10 23.05 13.42
C26 PCW Y . -15.51 23.70 12.11
C27 PCW Y . -15.92 25.19 12.14
C28 PCW Y . -14.70 26.06 12.03
C31 PCW Y . -2.23 21.14 7.87
C32 PCW Y . -2.94 20.74 6.57
C33 PCW Y . -4.41 20.13 6.76
C34 PCW Y . -4.61 18.80 6.02
C35 PCW Y . -5.57 17.95 6.94
C36 PCW Y . -7.04 18.01 6.47
C37 PCW Y . -8.05 17.20 7.34
C38 PCW Y . -9.32 17.94 7.59
C39 PCW Y . -10.29 17.16 8.43
C40 PCW Y . -11.56 17.48 8.71
C41 PCW Y . -12.26 18.72 8.18
C42 PCW Y . -13.75 18.72 8.72
C43 PCW Y . -14.74 19.72 8.14
C44 PCW Y . -16.07 19.49 8.84
C45 PCW Y . -16.39 20.44 9.96
C46 PCW Y . -17.86 20.57 10.25
C47 PCW Y . -18.42 21.97 10.30
C48 PCW Y . -19.93 21.97 10.61
N PCW Y . 0.21 23.85 14.47
O2 PCW Y . -2.16 22.46 7.90
O3 PCW Y . -3.57 24.04 9.86
O11 PCW Y . -3.66 25.77 11.35
O31 PCW Y . -1.80 20.33 8.75
O1P PCW Y . 2.19 22.45 10.45
O2P PCW Y . 3.23 24.45 9.41
O3P PCW Y . 0.66 24.27 9.61
O4P PCW Y . 2.09 24.72 11.51
P PCW Y . 2.12 23.93 10.22
C1 PCW Z . 16.00 4.23 -8.52
C2 PCW Z . 14.84 4.01 -9.56
C3 PCW Z . 13.91 2.83 -9.09
C4 PCW Z . 13.69 5.99 -4.80
C5 PCW Z . 12.72 6.89 -5.58
C6 PCW Z . 11.81 5.18 -7.20
C7 PCW Z . 10.44 7.08 -6.52
C8 PCW Z . 12.00 7.11 -7.48
C11 PCW Z . 13.16 2.30 -11.33
C12 PCW Z . 11.89 2.16 -12.13
C13 PCW Z . 10.94 3.36 -11.77
C14 PCW Z . 9.60 3.38 -12.51
C15 PCW Z . 9.08 4.79 -12.89
C16 PCW Z . 7.60 4.71 -13.44
C17 PCW Z . 7.43 4.56 -14.99
C18 PCW Z . 6.80 5.78 -15.66
C19 PCW Z . 5.26 5.70 -15.77
C20 PCW Z . 4.63 4.94 -16.75
C21 PCW Z . 5.16 4.09 -17.84
C22 PCW Z . 3.93 3.53 -18.61
C23 PCW Z . 3.71 4.04 -20.06
C24 PCW Z . 2.33 3.90 -20.62
C25 PCW Z . 1.89 4.72 -21.87
C26 PCW Z . 0.41 4.77 -22.16
C27 PCW Z . -0.07 4.20 -23.51
C28 PCW Z . -0.65 5.31 -24.36
C31 PCW Z . 13.96 5.76 -10.88
C32 PCW Z . 13.07 7.00 -10.85
C33 PCW Z . 11.88 7.02 -11.93
C34 PCW Z . 12.35 6.88 -13.37
C35 PCW Z . 11.73 8.11 -14.16
C36 PCW Z . 10.52 7.72 -15.03
C37 PCW Z . 9.87 8.89 -15.84
C38 PCW Z . 9.20 9.89 -14.96
C39 PCW Z . 8.57 11.02 -15.72
C40 PCW Z . 7.30 11.13 -16.10
C41 PCW Z . 6.23 10.10 -15.79
C42 PCW Z . 6.14 9.09 -17.02
C43 PCW Z . 4.83 8.94 -17.76
C44 PCW Z . 5.05 7.90 -18.86
C45 PCW Z . 4.50 8.27 -20.21
C46 PCW Z . 3.00 8.15 -20.30
C47 PCW Z . 2.36 8.60 -21.60
C48 PCW Z . 0.83 8.42 -21.55
N PCW Z . 11.63 6.31 -6.28
O2 PCW Z . 13.99 5.23 -9.65
O3 PCW Z . 12.85 2.64 -10.04
O11 PCW Z . 14.27 2.12 -11.75
O31 PCW Z . 14.58 5.30 -11.90
O1P PCW Z . 14.98 3.63 -5.91
O2P PCW Z . 17.06 4.91 -5.41
O3P PCW Z . 15.78 5.32 -7.61
O4P PCW Z . 14.98 6.11 -5.44
P PCW Z . 15.73 4.92 -6.04
C1 PCW AA . -7.48 -19.83 12.37
C2 PCW AA . -7.80 -19.33 10.91
C3 PCW AA . -7.64 -20.51 9.88
C4 PCW AA . -3.29 -19.15 13.12
C5 PCW AA . -2.74 -19.40 11.72
C6 PCW AA . -0.79 -20.17 10.27
C7 PCW AA . -1.15 -21.15 12.47
C8 PCW AA . -2.26 -21.26 11.01
C11 PCW AA . -9.12 -20.36 7.98
C12 PCW AA . -9.15 -19.84 6.57
C13 PCW AA . -9.84 -18.43 6.57
C14 PCW AA . -9.95 -17.75 5.20
C15 PCW AA . -11.28 -17.97 4.42
C16 PCW AA . -11.27 -17.13 3.09
C17 PCW AA . -12.61 -17.02 2.29
C18 PCW AA . -12.58 -15.93 1.21
C19 PCW AA . -13.91 -15.16 1.09
C20 PCW AA . -14.14 -14.22 0.10
C21 PCW AA . -13.32 -13.70 -1.03
C22 PCW AA . -14.30 -13.13 -2.08
C23 PCW AA . -14.51 -13.94 -3.39
C24 PCW AA . -15.93 -14.17 -3.82
C25 PCW AA . -16.26 -14.81 -5.20
C26 PCW AA . -17.55 -14.35 -5.86
C27 PCW AA . -17.54 -12.99 -6.59
C28 PCW AA . -18.84 -12.77 -7.31
C31 PCW AA . -9.41 -17.62 11.29
C32 PCW AA . -10.90 -17.27 11.16
C33 PCW AA . -11.65 -17.84 9.86
C34 PCW AA . -12.59 -16.83 9.22
C35 PCW AA . -14.00 -17.02 9.93
C36 PCW AA . -15.04 -15.98 9.47
C37 PCW AA . -16.45 -16.11 10.13
C38 PCW AA . -17.56 -15.91 9.14
C39 PCW AA . -18.91 -16.04 9.77
C40 PCW AA . -20.08 -15.64 9.28
C41 PCW AA . -20.25 -14.95 7.94
C42 PCW AA . -21.82 -14.72 7.69
C43 PCW AA . -22.46 -15.37 6.48
C44 PCW AA . -23.93 -14.99 6.50
C45 PCW AA . -24.83 -15.84 5.62
C46 PCW AA . -24.70 -15.52 4.15
C47 PCW AA . -25.11 -16.61 3.19
C48 PCW AA . -24.93 -16.15 1.73
N PCW AA . -1.50 -20.09 11.56
O2 PCW AA . -9.22 -18.86 10.83
O3 PCW AA . -7.92 -20.07 8.55
O11 PCW AA . -10.00 -20.98 8.50
O31 PCW AA . -8.52 -16.86 11.77
O1P PCW AA . -5.24 -18.32 15.09
O2P PCW AA . -6.04 -20.67 14.86
O3P PCW AA . -6.83 -18.85 13.20
O4P PCW AA . -4.59 -19.79 13.16
P PCW AA . -5.67 -19.42 14.16
C1 PCW BA . -11.56 -11.18 23.13
C2 PCW BA . -12.47 -11.43 21.87
C3 PCW BA . -13.07 -12.87 21.94
C4 PCW BA . -9.51 -8.66 20.01
C5 PCW BA . -9.06 -9.17 18.65
C6 PCW BA . -6.74 -9.84 18.79
C7 PCW BA . -7.26 -7.57 18.52
C8 PCW BA . -7.56 -8.92 16.70
C11 PCW BA . -13.29 -13.37 19.60
C12 PCW BA . -14.32 -13.59 18.54
C13 PCW BA . -14.10 -15.04 17.93
C14 PCW BA . -15.07 -15.43 16.81
C15 PCW BA . -15.52 -16.93 16.81
C16 PCW BA . -16.73 -17.16 17.77
C17 PCW BA . -18.05 -16.35 17.48
C18 PCW BA . -19.01 -17.08 16.53
C19 PCW BA . -19.81 -16.10 15.62
C20 PCW BA . -19.85 -16.22 14.24
C21 PCW BA . -19.24 -17.19 13.30
C22 PCW BA . -20.18 -18.42 13.25
C23 PCW BA . -19.56 -19.81 13.55
C24 PCW BA . -19.88 -20.92 12.61
C25 PCW BA . -19.18 -22.30 12.74
C26 PCW BA . -20.08 -23.49 13.05
C27 PCW BA . -20.30 -24.51 11.91
C28 PCW BA . -21.71 -24.44 11.41
C31 PCW BA . -13.81 -9.84 20.72
C32 PCW BA . -15.02 -8.90 20.89
C33 PCW BA . -16.42 -9.61 21.17
C34 PCW BA . -16.87 -10.56 20.04
C35 PCW BA . -17.88 -9.73 19.15
C36 PCW BA . -19.33 -10.23 19.25
C37 PCW BA . -20.39 -9.45 18.39
C38 PCW BA . -21.43 -10.36 17.83
C39 PCW BA . -22.46 -9.65 17.00
C40 PCW BA . -23.77 -9.82 17.05
C41 PCW BA . -24.47 -10.79 17.98
C42 PCW BA . -25.91 -11.09 17.37
C43 PCW BA . -26.08 -12.30 16.47
C44 PCW BA . -27.54 -12.33 16.06
C45 PCW BA . -27.80 -12.07 14.59
C46 PCW BA . -28.13 -10.63 14.28
C47 PCW BA . -28.97 -10.39 13.05
C48 PCW BA . -29.23 -8.89 12.84
N PCW BA . -7.72 -8.89 18.19
O2 PCW BA . -13.60 -10.46 21.87
O3 PCW BA . -13.90 -13.10 20.79
O11 PCW BA . -12.11 -13.43 19.44
O31 PCW BA . -13.13 -9.99 19.66
O1P PCW BA . -8.51 -8.97 22.71
O2P PCW BA . -8.83 -11.40 22.23
O3P PCW BA . -10.79 -9.97 23.06
O4P PCW BA . -9.90 -9.82 20.79
P PCW BA . -9.42 -10.05 22.21
C1 PCW CA . 8.65 -14.10 -5.15
C2 PCW CA . 7.54 -14.07 -6.27
C3 PCW CA . 6.83 -12.67 -6.29
C4 PCW CA . 6.59 -17.70 -4.20
C5 PCW CA . 5.15 -17.44 -4.66
C6 PCW CA . 4.98 -19.29 -6.42
C7 PCW CA . 2.99 -18.51 -5.24
C8 PCW CA . 4.07 -17.55 -6.39
C11 PCW CA . 4.63 -13.25 -7.04
C12 PCW CA . 3.73 -13.13 -8.25
C13 PCW CA . 2.24 -13.00 -7.73
C14 PCW CA . 1.19 -12.85 -8.83
C15 PCW CA . -0.29 -12.93 -8.34
C16 PCW CA . -1.25 -13.21 -9.55
C17 PCW CA . -2.06 -12.00 -10.12
C18 PCW CA . -2.37 -12.12 -11.62
C19 PCW CA . -3.01 -13.47 -12.00
C20 PCW CA . -3.28 -13.82 -13.31
C21 PCW CA . -3.08 -13.10 -14.60
C22 PCW CA . -3.10 -14.17 -15.72
C23 PCW CA . -4.43 -14.34 -16.51
C24 PCW CA . -4.33 -14.97 -17.87
C25 PCW CA . -3.45 -14.34 -19.00
C26 PCW CA . -4.15 -13.36 -19.92
C27 PCW CA . -3.33 -12.16 -20.44
C28 PCW CA . -4.23 -10.96 -20.60
C31 PCW CA . 7.61 -15.28 -8.30
C32 PCW CA . 8.34 -15.36 -9.65
C33 PCW CA . 8.18 -14.08 -10.60
C34 PCW CA . 6.74 -13.79 -11.00
C35 PCW CA . 6.68 -12.21 -11.19
C36 PCW CA . 7.25 -11.76 -12.55
C37 PCW CA . 7.22 -10.21 -12.81
C38 PCW CA . 6.67 -9.89 -14.15
C39 PCW CA . 6.64 -8.40 -14.42
C40 PCW CA . 6.41 -7.82 -15.59
C41 PCW CA . 6.14 -8.55 -16.89
C42 PCW CA . 4.90 -7.83 -17.60
C43 PCW CA . 3.50 -8.36 -17.33
C44 PCW CA . 2.53 -7.51 -18.12
C45 PCW CA . 2.06 -8.12 -19.42
C46 PCW CA . 0.65 -7.74 -19.78
C47 PCW CA . -0.45 -8.60 -19.19
C48 PCW CA . -1.83 -8.11 -19.63
N PCW CA . 4.43 -18.50 -5.30
O2 PCW CA . 8.15 -14.28 -7.61
O3 PCW CA . 5.82 -12.64 -7.31
O11 PCW CA . 4.35 -13.81 -6.01
O31 PCW CA . 6.65 -16.02 -7.93
O1P PCW CA . 9.39 -17.52 -3.52
O2P PCW CA . 8.70 -15.39 -2.39
O3P PCW CA . 9.21 -15.42 -4.93
O4P PCW CA . 7.19 -16.39 -3.99
P PCW CA . 8.66 -16.21 -3.64
C1 PCW DA . -7.53 -11.35 12.87
C2 PCW DA . -9.05 -11.19 12.48
C3 PCW DA . -9.89 -12.42 12.97
C4 PCW DA . -4.27 -12.64 13.03
C5 PCW DA . -2.94 -12.80 13.74
C6 PCW DA . -2.20 -15.10 14.54
C7 PCW DA . -1.03 -14.01 12.70
C8 PCW DA . -1.14 -13.45 14.46
C11 PCW DA . -11.84 -13.17 11.81
C12 PCW DA . -13.28 -12.79 11.54
C13 PCW DA . -13.38 -12.15 10.11
C14 PCW DA . -14.78 -11.70 9.69
C15 PCW DA . -15.22 -12.13 8.26
C16 PCW DA . -14.92 -10.98 7.23
C17 PCW DA . -15.88 -10.83 6.01
C18 PCW DA . -15.39 -11.57 4.76
C19 PCW DA . -16.20 -11.21 3.49
C20 PCW DA . -17.48 -11.71 3.26
C21 PCW DA . -18.36 -12.61 4.05
C22 PCW DA . -19.73 -12.59 3.34
C23 PCW DA . -20.91 -13.26 4.06
C24 PCW DA . -22.27 -12.70 3.76
C25 PCW DA . -23.10 -11.98 4.86
C26 PCW DA . -22.40 -10.89 5.63
C27 PCW DA . -21.80 -11.24 7.00
C28 PCW DA . -22.89 -11.22 8.05
C31 PCW DA . -10.15 -9.11 12.30
C32 PCW DA . -10.70 -7.91 13.11
C33 PCW DA . -12.28 -7.91 13.35
C34 PCW DA . -13.09 -8.06 12.07
C35 PCW DA . -14.20 -6.93 12.13
C36 PCW DA . -15.41 -7.22 11.20
C37 PCW DA . -16.54 -6.15 11.22
C38 PCW DA . -17.14 -5.99 12.57
C39 PCW DA . -18.23 -4.95 12.61
C40 PCW DA . -19.01 -4.64 13.65
C41 PCW DA . -18.91 -5.30 15.01
C42 PCW DA . -20.39 -5.66 15.49
C43 PCW DA . -20.84 -5.19 16.86
C44 PCW DA . -22.27 -5.67 17.06
C45 PCW DA . -23.33 -4.75 16.52
C46 PCW DA . -23.54 -3.52 17.37
C47 PCW DA . -23.13 -2.21 16.75
C48 PCW DA . -23.38 -1.04 17.73
N PCW DA . -2.19 -14.01 13.56
O2 PCW DA . -9.62 -9.98 13.15
O3 PCW DA . -11.26 -12.23 12.61
O11 PCW DA . -11.30 -14.15 11.38
O31 PCW DA . -10.21 -9.22 11.04
O1P PCW DA . -4.99 -10.07 14.25
O2P PCW DA . -5.59 -11.51 16.19
O3P PCW DA . -7.27 -11.13 14.27
O4P PCW DA . -5.30 -12.57 14.06
P PCW DA . -5.73 -11.28 14.73
C1 PCW EA . -6.78 12.55 15.90
C2 PCW EA . -8.28 13.03 15.87
C3 PCW EA . -9.11 12.15 14.87
C4 PCW EA . -6.43 13.32 20.45
C5 PCW EA . -6.04 12.19 21.40
C6 PCW EA . -6.94 11.28 23.60
C7 PCW EA . -7.97 10.63 21.48
C8 PCW EA . -6.25 10.27 22.06
C11 PCW EA . -10.79 13.85 14.44
C12 PCW EA . -12.28 14.07 14.52
C13 PCW EA . -12.75 13.67 15.97
C14 PCW EA . -14.25 13.82 16.23
C15 PCW EA . -14.75 13.30 17.62
C16 PCW EA . -16.30 13.03 17.60
C17 PCW EA . -16.81 11.87 16.66
C18 PCW EA . -18.32 11.80 16.56
C19 PCW EA . -18.82 10.95 15.37
C20 PCW EA . -19.29 11.52 14.20
C21 PCW EA . -19.45 12.93 13.78
C22 PCW EA . -20.35 12.92 12.51
C23 PCW EA . -19.87 12.09 11.30
C24 PCW EA . -18.99 12.78 10.30
C25 PCW EA . -17.50 12.38 10.14
C26 PCW EA . -17.03 12.08 8.74
C27 PCW EA . -16.03 10.92 8.54
C28 PCW EA . -16.25 10.27 7.20
C31 PCW EA . -8.92 13.99 17.95
C32 PCW EA . -9.61 13.68 19.30
C33 PCW EA . -10.43 14.90 19.94
C34 PCW EA . -11.36 15.59 18.97
C35 PCW EA . -12.52 16.22 19.85
C36 PCW EA . -12.57 17.75 19.74
C37 PCW EA . -13.69 18.45 20.58
C38 PCW EA . -14.10 19.75 19.98
C39 PCW EA . -15.18 20.45 20.75
C40 PCW EA . -15.93 21.47 20.34
C41 PCW EA . -15.81 22.12 18.97
C42 PCW EA . -16.94 21.48 18.02
C43 PCW EA . -16.82 21.67 16.52
C44 PCW EA . -18.03 20.98 15.89
C45 PCW EA . -18.44 21.53 14.54
C46 PCW EA . -19.58 22.50 14.62
C47 PCW EA . -19.38 23.83 13.93
C48 PCW EA . -20.62 24.72 14.09
N PCW EA . -7.06 11.53 22.16
O2 PCW EA . -8.91 12.88 17.22
O3 PCW EA . -10.49 12.59 14.86
O11 PCW EA . -9.98 14.67 14.07
O31 PCW EA . -8.42 15.11 17.62
O1P PCW EA . -6.80 11.28 18.41
O2P PCW EA . -4.33 11.55 18.11
O3P PCW EA . -5.97 13.16 16.93
O4P PCW EA . -5.52 13.25 19.31
P PCW EA . -5.64 12.23 18.21
C1 PCW FA . -7.18 6.82 18.74
C2 PCW FA . -8.59 7.39 18.33
C3 PCW FA . -8.41 8.71 17.51
C4 PCW FA . -4.39 3.48 20.20
C5 PCW FA . -3.93 2.66 18.99
C6 PCW FA . -4.67 0.33 19.74
C7 PCW FA . -4.53 0.89 17.36
C8 PCW FA . -3.15 0.81 18.60
C11 PCW FA . -10.39 9.99 18.03
C12 PCW FA . -11.71 10.41 17.41
C13 PCW FA . -12.67 9.17 17.41
C14 PCW FA . -14.06 9.42 16.82
C15 PCW FA . -14.30 8.87 15.39
C16 PCW FA . -15.83 8.80 15.06
C17 PCW FA . -16.23 8.59 13.56
C18 PCW FA . -16.20 7.13 13.12
C19 PCW FA . -15.14 6.85 12.02
C20 PCW FA . -15.49 6.34 10.78
C21 PCW FA . -16.80 5.95 10.20
C22 PCW FA . -17.35 7.22 9.48
C23 PCW FA . -18.25 8.18 10.30
C24 PCW FA . -19.51 8.63 9.64
C25 PCW FA . -19.50 9.38 8.29
C26 PCW FA . -20.75 9.29 7.44
C27 PCW FA . -21.34 10.59 6.86
C28 PCW FA . -20.64 10.94 5.57
C31 PCW FA . -10.54 6.12 17.84
C32 PCW FA . -11.13 5.10 16.85
C33 PCW FA . -12.62 4.58 17.19
C34 PCW FA . -13.70 5.28 16.38
C35 PCW FA . -15.08 4.90 17.07
C36 PCW FA . -16.30 5.44 16.31
C37 PCW FA . -17.70 5.10 16.94
C38 PCW FA . -18.76 6.07 16.54
C39 PCW FA . -20.10 5.75 17.16
C40 PCW FA . -21.29 6.23 16.78
C41 PCW FA . -21.51 7.22 15.66
C42 PCW FA . -23.08 7.34 15.39
C43 PCW FA . -23.55 8.20 14.24
C44 PCW FA . -25.06 8.13 14.21
C45 PCW FA . -25.65 7.14 13.24
C46 PCW FA . -25.85 7.69 11.85
C47 PCW FA . -26.29 6.70 10.80
C48 PCW FA . -26.47 7.39 9.43
N PCW FA . -4.52 1.39 18.72
O2 PCW FA . -9.30 6.40 17.44
O3 PCW FA . -9.71 9.22 17.13
O11 PCW FA . -10.02 10.30 19.13
O31 PCW FA . -11.13 6.59 18.86
O1P PCW FA . -5.62 6.02 20.89
O2P PCW FA . -7.60 4.58 21.39
O3P PCW FA . -7.16 5.39 18.99
O4P PCW FA . -5.83 3.65 20.06
P PCW FA . -6.54 4.94 20.41
C1 PCW GA . 4.47 7.88 1.56
C2 PCW GA . 3.14 7.40 0.85
C3 PCW GA . 1.99 8.44 1.15
C4 PCW GA . 4.91 6.80 5.09
C5 PCW GA . 5.54 6.15 6.31
C6 PCW GA . 3.67 5.25 7.82
C7 PCW GA . 5.60 3.84 7.22
C8 PCW GA . 5.60 5.40 8.21
C11 PCW GA . 0.03 7.02 1.07
C12 PCW GA . -1.19 6.74 0.22
C13 PCW GA . -0.72 6.09 -1.12
C14 PCW GA . -1.85 5.75 -2.11
C15 PCW GA . -1.52 4.63 -3.15
C16 PCW GA . -0.93 5.24 -4.48
C17 PCW GA . -1.69 6.46 -5.11
C18 PCW GA . -2.66 6.06 -6.22
C19 PCW GA . -4.05 6.72 -6.06
C20 PCW GA . -5.11 6.43 -6.90
C21 PCW GA . -5.23 5.52 -8.07
C22 PCW GA . -6.72 5.08 -8.13
C23 PCW GA . -7.67 5.90 -9.04
C24 PCW GA . -9.06 5.36 -9.24
C25 PCW GA . -10.28 6.32 -9.36
C26 PCW GA . -10.90 6.43 -10.75
C27 PCW GA . -11.18 7.85 -11.30
C28 PCW GA . -12.58 8.26 -10.96
C31 PCW GA . 3.92 6.28 -1.09
C32 PCW GA . 4.03 6.39 -2.61
C33 PCW GA . 2.67 6.04 -3.41
C34 PCW GA . 2.13 7.21 -4.24
C35 PCW GA . 1.81 8.37 -3.21
C36 PCW GA . 0.41 9.00 -3.45
C37 PCW GA . 0.03 10.15 -2.47
C38 PCW GA . -0.01 11.48 -3.16
C39 PCW GA . -0.37 12.62 -2.25
C40 PCW GA . -1.60 13.04 -1.93
C41 PCW GA . -2.88 12.43 -2.48
C42 PCW GA . -3.07 12.92 -3.98
C43 PCW GA . -2.95 11.89 -5.09
C44 PCW GA . -3.17 12.61 -6.41
C45 PCW GA . -4.04 11.88 -7.41
C46 PCW GA . -5.45 12.41 -7.49
C47 PCW GA . -5.77 13.23 -8.72
C48 PCW GA . -7.23 13.71 -8.66
N PCW GA . 4.87 5.05 6.96
O2 PCW GA . 3.32 7.38 -0.63
O3 PCW GA . 0.77 8.01 0.50
O11 PCW GA . 0.31 6.45 2.09
O31 PCW GA . 4.33 5.30 -0.39
O1P PCW GA . 4.00 5.26 2.82
O2P PCW GA . 6.43 4.70 2.62
O3P PCW GA . 5.51 6.88 1.58
O4P PCW GA . 5.81 6.57 3.97
P PCW GA . 5.42 5.77 2.74
C1 PCW HA . 2.69 12.01 2.33
C2 PCW HA . 1.15 12.19 2.66
C3 PCW HA . 0.42 12.83 1.42
C4 PCW HA . 5.99 12.49 5.92
C5 PCW HA . 5.04 13.58 6.41
C6 PCW HA . 2.50 13.84 6.20
C7 PCW HA . 3.48 12.75 8.16
C8 PCW HA . 3.67 14.51 7.61
C11 PCW HA . -1.38 14.18 2.29
C12 PCW HA . -2.87 14.15 2.49
C13 PCW HA . -3.25 15.32 3.47
C14 PCW HA . -4.76 15.44 3.78
C15 PCW HA . -5.47 16.68 3.17
C16 PCW HA . -6.32 16.27 1.90
C17 PCW HA . -5.53 15.92 0.59
C18 PCW HA . -6.39 16.03 -0.68
C19 PCW HA . -5.92 17.15 -1.62
C20 PCW HA . -6.77 18.18 -2.01
C21 PCW HA . -8.18 18.50 -1.68
C22 PCW HA . -8.77 19.21 -2.92
C23 PCW HA . -10.15 18.70 -3.45
C24 PCW HA . -10.15 18.03 -4.77
C25 PCW HA . -10.57 16.54 -4.91
C26 PCW HA . -10.59 15.97 -6.31
C27 PCW HA . -11.96 15.55 -6.90
C28 PCW HA . -12.14 16.13 -8.27
C31 PCW HA . 0.38 10.55 4.18
C32 PCW HA . -0.28 9.16 4.26
C33 PCW HA . -1.77 9.08 3.68
C34 PCW HA . -2.82 8.76 4.74
C35 PCW HA . -4.17 9.43 4.24
C36 PCW HA . -4.22 10.94 4.53
C37 PCW HA . -5.53 11.67 4.07
C38 PCW HA . -5.60 11.81 2.58
C39 PCW HA . -6.84 12.52 2.14
C40 PCW HA . -7.78 12.05 1.32
C41 PCW HA . -7.76 10.68 0.68
C42 PCW HA . -9.16 10.44 -0.05
C43 PCW HA . -9.46 11.22 -1.31
C44 PCW HA . -10.84 10.80 -1.78
C45 PCW HA . -10.99 10.68 -3.27
C46 PCW HA . -11.78 9.47 -3.71
C47 PCW HA . -11.17 8.12 -3.38
C48 PCW HA . -12.08 6.98 -3.88
N PCW HA . 3.70 13.25 6.83
O2 PCW HA . 0.52 10.86 2.89
O3 PCW HA . -0.98 13.00 1.71
O11 PCW HA . -0.65 15.08 2.57
O31 PCW HA . 0.74 11.25 5.17
O1P PCW HA . 3.62 10.98 5.34
O2P PCW HA . 4.87 10.30 3.29
O3P PCW HA . 3.57 12.51 3.35
O4P PCW HA . 5.66 12.20 4.54
P PCW HA . 4.42 11.42 4.14
C1 PCW IA . 3.32 -0.69 1.77
C2 PCW IA . 3.32 -1.31 0.31
C3 PCW IA . 4.64 -2.15 0.09
C4 PCW IA . 1.69 -3.23 4.04
C5 PCW IA . 2.22 -4.10 2.90
C6 PCW IA . 2.94 -5.80 4.45
C7 PCW IA . 3.31 -6.09 2.17
C8 PCW IA . 1.18 -6.34 2.91
C11 PCW IA . 4.47 -4.03 -1.39
C12 PCW IA . 4.59 -4.41 -2.84
C13 PCW IA . 3.18 -4.83 -3.37
C14 PCW IA . 3.14 -5.24 -4.84
C15 PCW IA . 2.07 -4.52 -5.73
C16 PCW IA . 1.83 -5.31 -7.07
C17 PCW IA . 2.77 -4.99 -8.28
C18 PCW IA . 2.19 -5.41 -9.63
C19 PCW IA . 3.26 -5.39 -10.76
C20 PCW IA . 2.99 -5.86 -12.03
C21 PCW IA . 1.78 -6.44 -12.65
C22 PCW IA . 1.92 -6.30 -14.20
C23 PCW IA . 0.63 -6.11 -15.02
C24 PCW IA . 0.47 -4.79 -15.73
C25 PCW IA . 0.05 -4.74 -17.22
C26 PCW IA . -1.42 -4.60 -17.49
C27 PCW IA . -1.88 -4.42 -18.96
C28 PCW IA . -2.21 -2.97 -19.21
C31 PCW IA . 1.26 -1.88 -0.72
C32 PCW IA . 0.15 -2.94 -0.73
C33 PCW IA . -1.23 -2.49 -1.42
C34 PCW IA . -1.28 -2.78 -2.92
C35 PCW IA . -2.58 -2.05 -3.44
C36 PCW IA . -3.30 -2.82 -4.57
C37 PCW IA . -4.59 -2.15 -5.13
C38 PCW IA . -5.53 -3.15 -5.73
C39 PCW IA . -6.79 -2.50 -6.27
C40 PCW IA . -7.61 -3.01 -7.18
C41 PCW IA . -7.42 -4.37 -7.81
C42 PCW IA . -7.12 -4.15 -9.37
C43 PCW IA . -7.00 -5.37 -10.25
C44 PCW IA . -6.72 -4.86 -11.66
C45 PCW IA . -6.98 -5.85 -12.77
C46 PCW IA . -6.18 -5.59 -14.02
C47 PCW IA . -6.95 -5.51 -15.32
C48 PCW IA . -6.01 -5.24 -16.50
N PCW IA . 2.41 -5.51 3.10
O2 PCW IA . 2.17 -2.25 0.18
O3 PCW IA . 4.66 -2.69 -1.23
O11 PCW IA . 4.27 -4.81 -0.48
O31 PCW IA . 1.29 -0.84 -1.44
O1P PCW IA . 2.75 -0.57 4.58
O2P PCW IA . 0.40 0.15 4.16
O3P PCW IA . 2.05 -0.18 2.20
O4P PCW IA . 1.08 -2.06 3.43
P PCW IA . 1.57 -0.63 3.67
C1 PCW JA . -10.57 8.37 26.39
C2 PCW JA . -12.07 8.05 26.80
C3 PCW JA . -12.62 9.17 27.75
C4 PCW JA . -10.27 3.83 27.19
C5 PCW JA . -10.93 3.42 25.88
C6 PCW JA . -12.08 1.33 26.79
C7 PCW JA . -12.86 2.37 24.72
C8 PCW JA . -11.22 1.57 25.04
C11 PCW JA . -14.22 8.49 29.40
C12 PCW JA . -15.68 8.24 29.60
C13 PCW JA . -16.37 9.62 29.89
C14 PCW JA . -17.88 9.56 30.11
C15 PCW JA . -18.76 9.93 28.87
C16 PCW JA . -20.04 9.03 28.83
C17 PCW JA . -19.85 7.53 28.42
C18 PCW JA . -20.84 7.07 27.36
C19 PCW JA . -22.19 6.58 27.95
C20 PCW JA . -23.39 6.77 27.30
C21 PCW JA . -23.75 7.40 26.00
C22 PCW JA . -24.06 8.89 26.31
C23 PCW JA . -24.26 9.83 25.10
C24 PCW JA . -25.11 11.05 25.31
C25 PCW JA . -26.60 11.08 24.88
C26 PCW JA . -26.89 11.60 23.49
C27 PCW JA . -28.27 12.23 23.23
C28 PCW JA . -29.26 11.17 22.81
C31 PCW JA . -13.76 6.97 25.53
C32 PCW JA . -14.58 7.08 24.23
C33 PCW JA . -16.17 7.03 24.41
C34 PCW JA . -16.71 8.07 25.40
C35 PCW JA . -17.17 9.30 24.50
C36 PCW JA . -18.42 8.99 23.66
C37 PCW JA . -18.93 10.17 22.76
C38 PCW JA . -18.66 9.92 21.31
C39 PCW JA . -19.15 11.05 20.44
C40 PCW JA . -20.06 10.99 19.48
C41 PCW JA . -20.79 9.72 19.06
C42 PCW JA . -21.94 10.12 18.03
C43 PCW JA . -23.38 10.02 18.48
C44 PCW JA . -24.25 10.46 17.31
C45 PCW JA . -25.67 9.93 17.33
C46 PCW JA . -26.71 10.97 17.05
C47 PCW JA . -28.02 10.47 16.48
C48 PCW JA . -29.00 11.63 16.24
N PCW JA . -12.03 2.50 25.89
O2 PCW JA . -12.93 8.02 25.59
O3 PCW JA . -13.97 8.87 28.12
O11 PCW JA . -13.38 8.40 30.27
O31 PCW JA . -13.86 6.05 26.40
O1P PCW JA . -8.07 5.74 27.35
O2P PCW JA . -9.69 7.03 28.74
O3P PCW JA . -9.75 7.21 26.17
O4P PCW JA . -10.54 5.25 27.37
P PCW JA . -9.46 6.30 27.47
C1 17F KA . 11.81 27.11 1.15
N1 17F KA . 12.48 29.52 1.11
O1 17F KA . 13.39 28.44 -2.03
P1 17F KA . 12.38 27.59 -1.29
C2 17F KA . 11.43 28.58 1.46
O2 17F KA . 13.11 26.34 -1.69
C3 17F KA . 11.08 28.72 2.94
O3 17F KA . 12.74 27.04 0.11
C4 17F KA . 10.26 26.03 -1.52
O4 17F KA . 10.22 28.02 3.46
C5 17F KA . 9.27 25.39 -2.53
O5 17F KA . 11.67 29.57 3.71
C6 17F KA . 7.91 25.13 -1.85
O6 17F KA . 11.27 26.85 -2.13
C7 17F KA . 5.70 24.78 -2.56
O7 17F KA . 6.96 24.55 -2.73
C8 17F KA . 4.91 23.98 -3.61
O8 17F KA . 5.12 25.44 -1.72
C9 17F KA . 5.04 22.45 -3.43
O9 17F KA . 9.13 26.17 -3.75
C10 17F KA . 4.28 21.55 -4.47
O10 17F KA . 8.83 28.26 -2.80
C11 17F KA . 3.82 20.15 -3.91
C12 17F KA . 3.07 19.29 -4.99
C17 17F KA . 8.52 27.34 -3.58
C18 17F KA . 7.31 27.51 -4.48
C19 17F KA . 7.51 27.04 -5.93
C20 17F KA . 6.44 27.61 -6.95
C1X 17F KA . 2.64 17.94 -4.39
C1Y 17F KA . 6.72 27.08 -8.37
C1Z 17F KA . 6.25 28.03 -9.48
C2X 17F KA . 1.87 17.02 -5.46
C21 17F KA . 0.75 16.15 -4.79
C22 17F KA . -0.50 16.19 -5.10
C23 17F KA . -1.14 17.03 -6.12
C24 17F KA . -2.40 16.45 -6.72
C25 17F KA . -3.09 17.29 -7.78
C26 17F KA . -4.15 16.54 -8.72
C27 17F KA . -4.81 17.41 -9.76
C28 17F KA . -5.81 16.52 -10.59
C29 17F KA . -6.49 17.38 -11.57
C30 17F KA . -7.48 16.67 -12.45
C31 17F KA . 7.07 28.03 -10.82
C32 17F KA . 6.58 29.00 -11.92
C33 17F KA . 7.68 29.14 -12.98
C34 17F KA . 7.60 29.90 -14.06
C35 17F KA . 6.46 30.77 -14.50
C36 17F KA . 6.48 31.15 -16.00
C37 17F KA . 5.09 31.11 -16.52
C38 17F KA . 4.96 30.95 -18.05
C39 17F KA . 3.49 30.91 -18.49
C40 17F KA . 3.39 31.04 -20.01
C41 17F KA . 1.98 31.62 -20.43
C42 17F KA . 1.92 32.97 -21.15
C1 17F LA . 1.06 -8.83 9.35
N1 17F LA . -0.42 -10.87 9.28
O1 17F LA . 1.65 -8.80 6.18
P1 17F LA . 0.92 -7.81 7.04
C2 17F LA . 0.87 -10.34 9.65
O2 17F LA . 1.73 -6.63 7.53
C3 17F LA . 1.14 -10.58 11.15
O3 17F LA . 0.25 -8.44 8.28
C4 17F LA . -1.14 -6.17 6.90
O4 17F LA . 2.17 -10.20 11.68
C5 17F LA . -2.29 -5.65 6.00
O5 17F LA . 0.29 -11.19 11.90
C6 17F LA . -1.70 -4.79 4.85
O6 17F LA . -0.31 -7.15 6.27
C7 17F LA . -2.36 -3.70 2.88
O7 17F LA . -2.71 -4.27 3.99
C8 17F LA . -3.64 -3.24 2.15
O8 17F LA . -1.27 -3.50 2.41
C9 17F LA . -3.74 -1.70 2.01
O9 17F LA . -3.13 -6.69 5.49
C10 17F LA . -5.03 -1.17 1.27
O10 17F LA . -4.59 -7.21 7.20
C11 17F LA . -5.31 0.37 1.42
C12 17F LA . -6.60 0.81 0.66
C17 17F LA . -4.30 -6.72 6.10
C18 17F LA . -5.38 -6.05 5.29
C19 17F LA . -6.36 -5.18 6.11
C20 17F LA . -7.86 -5.40 5.70
C1X 17F LA . -6.85 2.31 0.82
C1Y 17F LA . -8.81 -4.51 6.54
C1Z 17F LA . -10.22 -5.10 6.59
C2X 17F LA . -8.17 2.80 0.06
C21 17F LA . -7.89 3.96 -0.94
C22 17F LA . -8.66 4.27 -1.94
C23 17F LA . -9.90 3.60 -2.36
C24 17F LA . -9.71 2.40 -3.27
C25 17F LA . -10.96 1.67 -3.73
C26 17F LA . -10.72 0.43 -4.71
C27 17F LA . -11.97 -0.29 -5.16
C28 17F LA . -11.53 -1.47 -6.10
C29 17F LA . -12.07 -1.23 -7.45
C30 17F LA . -11.72 -2.29 -8.46
C31 17F LA . -11.20 -4.67 5.44
C32 17F LA . -12.62 -5.29 5.51
C33 17F LA . -12.76 -6.36 4.42
C34 17F LA . -13.85 -7.09 4.20
C35 17F LA . -15.15 -7.03 4.97
C36 17F LA . -16.26 -6.17 4.31
C37 17F LA . -16.33 -4.85 4.99
C38 17F LA . -16.20 -3.63 4.05
C39 17F LA . -16.29 -2.29 4.82
C40 17F LA . -16.02 -1.11 3.88
C41 17F LA . -14.89 -0.17 4.46
C42 17F LA . -14.52 1.10 3.67
C1 17F MA . 10.52 19.37 -1.93
N1 17F MA . 9.91 18.67 0.40
O1 17F MA . 10.12 15.79 -2.74
P1 17F MA . 10.26 17.21 -3.25
C2 17F MA . 10.35 19.77 -0.45
O2 17F MA . 11.64 17.66 -3.67
C3 17F MA . 9.35 20.94 -0.33
O3 17F MA . 9.74 18.27 -2.24
C4 17F MA . 9.31 18.72 -5.19
O4 17F MA . 9.51 21.97 -0.96
C5 17F MA . 8.34 18.78 -6.42
O5 17F MA . 8.30 20.87 0.41
C6 17F MA . 9.05 19.41 -7.64
O6 17F MA . 9.34 17.45 -4.52
C7 17F MA . 7.13 20.23 -8.73
O7 17F MA . 8.22 19.51 -8.79
C8 17F MA . 6.45 20.23 -10.12
O8 17F MA . 6.67 20.85 -7.81
C9 17F MA . 4.95 20.62 -10.04
O9 17F MA . 7.77 17.50 -6.75
C10 17F MA . 4.15 20.69 -11.41
O10 17F MA . 5.62 18.28 -6.56
C11 17F MA . 3.29 22.00 -11.55
C12 17F MA . 2.49 22.08 -12.92
C17 17F MA . 6.50 17.42 -6.42
C18 17F MA . 6.16 16.09 -5.80
C19 17F MA . 4.91 15.42 -6.43
C20 17F MA . 5.29 14.55 -7.69
C1X 17F MA . 1.68 23.38 -12.98
C1Y 17F MA . 4.01 13.91 -8.29
C1Z 17F MA . 3.34 14.87 -9.30
C2X 17F MA . 0.85 23.55 -14.34
C21 17F MA . 1.06 24.96 -14.98
C22 17F MA . 0.11 25.74 -15.38
C23 17F MA . -1.34 25.51 -15.37
C24 17F MA . -2.11 26.26 -16.45
C25 17F MA . -3.61 26.07 -16.49
C26 17F MA . -4.41 26.99 -17.54
C27 17F MA . -5.91 26.80 -17.55
C28 17F MA . -6.51 27.77 -18.63
C29 17F MA . -7.96 27.55 -18.72
C30 17F MA . -8.67 28.42 -19.71
C31 17F MA . 4.31 15.75 -10.17
C32 17F MA . 3.64 16.71 -11.19
C33 17F MA . 3.03 15.90 -12.33
C34 17F MA . 2.39 16.42 -13.36
C35 17F MA . 2.15 17.88 -13.64
C36 17F MA . 3.37 18.65 -14.23
C37 17F MA . 2.91 19.51 -15.34
C38 17F MA . 4.05 20.26 -16.08
C39 17F MA . 3.51 21.14 -17.22
C40 17F MA . 4.47 21.12 -18.40
C41 17F MA . 3.92 22.03 -19.58
C42 17F MA . 2.97 21.40 -20.60
C1 17F NA . 15.86 -3.32 -10.66
N1 17F NA . 13.81 -4.27 -9.54
O1 17F NA . 15.49 -0.73 -12.81
P1 17F NA . 14.69 -1.32 -11.67
C2 17F NA . 15.24 -4.04 -9.44
O2 17F NA . 14.95 -0.71 -10.31
C3 17F NA . 15.55 -3.23 -8.17
O3 17F NA . 14.87 -2.84 -11.52
C4 17F NA . 12.17 -1.62 -10.96
O4 17F NA . 16.71 -2.92 -7.88
C5 17F NA . 10.70 -1.36 -11.36
O5 17F NA . 14.63 -2.84 -7.35
C6 17F NA . 9.97 -0.72 -10.15
O6 17F NA . 13.14 -1.15 -11.91
C7 17F NA . 7.69 -1.26 -10.04
O7 17F NA . 8.60 -0.42 -10.42
C8 17F NA . 6.32 -0.64 -10.38
O8 17F NA . 7.79 -2.32 -9.48
C9 17F NA . 5.95 0.55 -9.45
O9 17F NA . 10.58 -0.55 -12.54
C10 17F NA . 4.58 1.25 -9.69
O10 17F NA . 8.77 -1.85 -13.18
C11 17F NA . 4.26 2.41 -8.67
C12 17F NA . 2.87 3.10 -8.94
C17 17F NA . 9.54 -0.89 -13.29
C18 17F NA . 9.30 0.10 -14.42
C19 17F NA . 9.50 -0.48 -15.84
C20 17F NA . 8.18 -0.42 -16.71
C1X 17F NA . 2.63 4.21 -7.91
C1Y 17F NA . 8.44 -1.02 -18.12
C1Z 17F NA . 7.20 -0.89 -19.01
C2X 17F NA . 1.22 4.94 -8.15
C21 17F NA . 1.23 6.42 -7.66
C22 17F NA . 1.03 7.44 -8.43
C23 17F NA . 0.76 7.42 -9.87
C24 17F NA . 1.40 8.59 -10.63
C25 17F NA . 1.16 8.65 -12.12
C26 17F NA . -0.24 9.29 -12.58
C27 17F NA . -0.45 9.34 -14.07
C28 17F NA . -1.85 10.00 -14.33
C29 17F NA . -2.34 9.52 -15.63
C30 17F NA . -3.68 10.07 -16.02
C31 17F NA . 6.68 0.56 -19.32
C32 17F NA . 5.43 0.63 -20.25
C33 17F NA . 4.31 -0.20 -19.66
C34 17F NA . 3.11 -0.34 -20.22
C35 17F NA . 2.62 0.29 -21.50
C36 17F NA . 1.07 0.27 -21.68
C37 17F NA . 0.71 -0.66 -22.76
C38 17F NA . -0.61 -1.43 -22.55
C39 17F NA . -0.92 -2.37 -23.72
C40 17F NA . -1.31 -3.76 -23.22
C41 17F NA . -1.09 -4.84 -24.36
C42 17F NA . -0.18 -6.04 -24.08
C1 17F OA . 3.92 -11.95 0.44
N1 17F OA . 3.78 -12.09 -2.06
O1 17F OA . 4.13 -13.46 2.94
P1 17F OA . 3.53 -14.09 1.72
C2 17F OA . 3.39 -11.34 -0.87
O2 17F OA . 3.88 -15.53 1.47
C3 17F OA . 3.85 -9.89 -1.00
O3 17F OA . 3.84 -13.33 0.41
C4 17F OA . 1.12 -14.61 0.75
O4 17F OA . 3.63 -9.07 -0.10
C5 17F OA . -0.39 -14.47 1.06
O5 17F OA . 4.50 -9.45 -2.02
C6 17F OA . -0.70 -12.99 1.44
O6 17F OA . 1.94 -14.07 1.80
C7 17F OA . -2.49 -11.57 1.94
O7 17F OA . -2.07 -12.79 1.75
C8 17F OA . -4.00 -11.63 2.27
O8 17F OA . -1.89 -10.52 1.90
C9 17F OA . -4.28 -11.92 3.77
O9 17F OA . -1.21 -14.92 -0.02
C10 17F OA . -5.79 -11.99 4.20
O10 17F OA . -1.40 -17.03 0.88
C11 17F OA . -6.79 -12.35 3.03
C12 17F OA . -8.28 -12.39 3.54
C17 17F OA . -1.82 -16.06 0.24
C18 17F OA . -3.19 -16.12 -0.39
C19 17F OA . -3.20 -16.55 -1.88
C20 17F OA . -3.29 -18.12 -2.04
C1X 17F OA . -9.22 -12.74 2.38
C1Y 17F OA . -3.30 -18.51 -3.54
C1Z 17F OA . -4.70 -18.32 -4.13
C2X 17F OA . -10.75 -12.80 2.84
C21 17F OA . -11.39 -11.38 2.96
C22 17F OA . -11.56 -10.57 1.97
C23 17F OA . -11.19 -10.79 0.56
C24 17F OA . -11.47 -9.61 -0.36
C25 17F OA . -11.11 -9.77 -1.83
C26 17F OA . -12.31 -10.23 -2.80
C27 17F OA . -11.93 -10.39 -4.26
C28 17F OA . -13.23 -10.84 -5.04
C29 17F OA . -12.81 -11.63 -6.22
C30 17F OA . -13.94 -12.13 -7.06
C31 17F OA . -4.78 -17.73 -5.57
C32 17F OA . -6.20 -17.54 -6.14
C33 17F OA . -6.70 -16.15 -5.79
C34 17F OA . -7.89 -15.67 -6.13
C35 17F OA . -8.97 -16.38 -6.93
C36 17F OA . -9.87 -17.34 -6.09
C37 17F OA . -10.07 -18.60 -6.84
C38 17F OA . -10.25 -19.86 -5.96
C39 17F OA . -10.45 -21.12 -6.82
C40 17F OA . -9.22 -22.03 -6.74
C41 17F OA . -9.48 -23.40 -7.49
C42 17F OA . -8.32 -24.41 -7.59
C1 17F PA . 15.20 14.86 -6.97
N1 17F PA . 14.57 17.29 -6.83
O1 17F PA . 12.77 12.85 -8.45
P1 17F PA . 14.01 13.63 -8.85
C2 17F PA . 15.21 16.16 -6.15
O2 17F PA . 15.31 12.87 -8.87
C3 17F PA . 16.64 16.54 -5.79
O3 17F PA . 14.23 14.89 -7.96
C4 17F PA . 14.93 15.01 -10.87
O4 17F PA . 17.39 15.75 -5.20
C5 17F PA . 14.65 15.53 -12.32
O5 17F PA . 17.15 17.70 -6.07
C6 17F PA . 15.94 15.39 -13.16
O6 17F PA . 13.87 14.24 -10.32
C7 17F PA . 15.90 15.04 -15.49
O7 17F PA . 15.78 15.86 -14.50
C8 17F PA . 15.78 15.89 -16.78
O8 17F PA . 16.15 13.86 -15.53
C9 17F PA . 14.45 15.72 -17.54
O9 17F PA . 13.54 14.86 -12.94
C10 17F PA . 14.33 16.60 -18.83
O10 17F PA . 11.96 16.31 -12.10
C11 17F PA . 14.56 18.13 -18.55
C12 17F PA . 14.46 19.04 -19.83
C17 17F PA . 12.46 15.60 -13.00
C18 17F PA . 11.78 15.53 -14.34
C19 17F PA . 11.70 16.87 -15.12
C20 17F PA . 11.00 16.72 -16.51
C1X 17F PA . 14.70 20.50 -19.43
C1Y 17F PA . 10.93 18.07 -17.27
C1Z 17F PA . 10.22 17.90 -18.62
C2X 17F PA . 14.62 21.51 -20.67
C21 17F PA . 15.48 22.78 -20.40
C22 17F PA . 15.58 23.80 -21.20
C23 17F PA . 14.94 23.97 -22.50
C24 17F PA . 14.45 25.39 -22.78
C25 17F PA . 13.78 25.61 -24.13
C26 17F PA . 12.18 25.49 -24.15
C27 17F PA . 11.55 25.71 -25.50
C28 17F PA . 10.00 25.57 -25.35
C29 17F PA . 9.37 25.74 -26.67
C30 17F PA . 7.88 25.62 -26.69
C31 17F PA . 9.41 19.13 -19.16
C32 17F PA . 8.70 18.94 -20.52
C33 17F PA . 7.45 19.81 -20.56
C34 17F PA . 6.61 19.88 -21.58
C35 17F PA . 6.71 19.15 -22.91
C36 17F PA . 5.50 18.22 -23.23
C37 17F PA . 4.36 19.04 -23.70
C38 17F PA . 3.33 18.28 -24.59
C39 17F PA . 2.17 19.21 -25.03
C40 17F PA . 0.94 18.37 -25.38
C41 17F PA . 0.03 19.14 -26.42
C42 17F PA . 0.08 18.74 -27.89
C1 17F QA . -2.06 19.87 18.70
N1 17F QA . 0.40 20.37 18.93
O1 17F QA . 0.02 20.02 15.65
P1 17F QA . -1.32 20.26 16.30
C2 17F QA . -0.88 20.27 19.61
O2 17F QA . -1.60 21.67 16.75
C3 17F QA . -0.77 19.27 20.78
O3 17F QA . -1.61 19.33 17.51
C4 17F QA . -3.87 20.08 15.65
O4 17F QA . -1.73 19.03 21.51
C5 17F QA . -4.86 19.70 14.50
O5 17F QA . 0.33 18.64 21.04
C6 17F QA . -4.76 20.75 13.38
O6 17F QA . -2.50 19.93 15.28
C7 17F QA . -5.22 20.70 11.08
O7 17F QA . -5.64 20.48 12.30
C8 17F QA . -6.37 20.35 10.12
O8 17F QA . -4.17 21.10 10.68
C9 17F QA . -6.85 21.55 9.28
O9 17F QA . -4.64 18.37 14.00
C10 17F QA . -8.03 21.26 8.28
O10 17F QA . -5.81 17.06 15.51
C11 17F QA . -7.76 21.67 6.79
C12 17F QA . -9.00 21.34 5.87
C17 17F QA . -5.59 17.53 14.38
C18 17F QA . -6.50 17.14 13.23
C19 17F QA . -7.99 17.52 13.41
C20 17F QA . -8.82 17.36 12.08
C1X 17F QA . -8.73 21.75 4.41
C1Y 17F QA . -10.29 17.75 12.31
C1Z 17F QA . -10.45 19.26 12.47
C2X 17F QA . -9.98 21.42 3.45
C21 17F QA . -9.56 20.59 2.21
C22 17F QA . -10.37 20.16 1.31
C23 17F QA . -11.83 20.34 1.27
C24 17F QA . -12.32 21.14 0.06
C25 17F QA . -13.82 21.37 -0.04
C26 17F QA . -14.46 21.24 -1.49
C27 17F QA . -15.95 21.47 -1.55
C28 17F QA . -16.39 21.31 -3.06
C29 17F QA . -17.68 20.58 -3.10
C30 17F QA . -18.21 20.35 -4.49
C31 17F QA . -10.27 20.13 11.18
C32 17F QA . -10.43 21.66 11.37
C33 17F QA . -11.57 22.18 10.49
C34 17F QA . -11.96 23.45 10.43
C35 17F QA . -11.38 24.61 11.21
C36 17F QA . -10.91 25.82 10.34
C37 17F QA . -9.52 25.58 9.87
C38 17F QA . -9.36 25.59 8.33
C39 17F QA . -7.90 25.33 7.91
C40 17F QA . -7.26 26.62 7.38
C41 17F QA . -6.28 27.23 8.47
C42 17F QA . -6.41 28.72 8.81
C1 17F RA . 9.86 -0.11 -2.61
N1 17F RA . 8.56 -1.98 -3.66
O1 17F RA . 8.95 1.86 -0.51
P1 17F RA . 8.20 0.59 -0.81
C2 17F RA . 9.40 -0.82 -3.90
O2 17F RA . 7.56 -0.11 0.36
C3 17F RA . 10.63 -1.23 -4.72
O3 17F RA . 9.06 -0.48 -1.53
C4 17F RA . 6.15 -0.20 -2.27
O4 17F RA . 11.49 -0.41 -5.04
C5 17F RA . 5.05 0.27 -3.27
O5 17F RA . 10.83 -2.44 -5.11
C6 17F RA . 4.87 -0.80 -4.38
O6 17F RA . 7.00 0.86 -1.83
C7 17F RA . 3.74 -1.15 -6.38
O7 17F RA . 3.87 -0.43 -5.32
C8 17F RA . 2.59 -0.54 -7.24
O8 17F RA . 4.33 -2.13 -6.74
C9 17F RA . 2.13 -1.46 -8.41
O9 17F RA . 3.79 0.55 -2.63
C10 17F RA . 0.97 -0.90 -9.31
O10 17F RA . 3.19 2.55 -3.62
C11 17F RA . 0.48 0.55 -8.93
C12 17F RA . -0.67 1.05 -9.88
C17 17F RA . 3.51 1.84 -2.65
C18 17F RA . 3.60 2.45 -1.28
C19 17F RA . 2.39 2.16 -0.34
C20 17F RA . 2.20 3.25 0.78
C1X 17F RA . -1.11 2.46 -9.46
C1Y 17F RA . 0.98 2.90 1.68
C1Z 17F RA . -0.33 2.97 0.88
C2X 17F RA . -2.28 3.02 -10.40
C21 17F RA . -2.26 4.58 -10.50
C22 17F RA . -2.02 5.23 -11.59
C23 17F RA . -1.73 4.67 -12.91
C24 17F RA . -0.52 5.29 -13.61
C25 17F RA . -0.18 4.75 -14.99
C26 17F RA . -0.63 5.65 -16.24
C27 17F RA . -0.28 5.09 -17.60
C28 17F RA . -0.79 6.11 -18.68
C29 17F RA . -2.25 5.99 -18.80
C30 17F RA . -2.89 6.91 -19.79
C31 17F RA . -1.13 1.63 0.72
C32 17F RA . -2.45 1.73 -0.10
C33 17F RA . -2.14 1.39 -1.56
C34 17F RA . -3.05 1.37 -2.52
C35 17F RA . -4.52 1.69 -2.40
C36 17F RA . -5.10 2.55 -3.56
C37 17F RA . -6.15 1.76 -4.25
C38 17F RA . -6.20 1.95 -5.79
C39 17F RA . -7.32 1.10 -6.42
C40 17F RA . -7.51 1.48 -7.90
C41 17F RA . -9.05 1.57 -8.25
C42 17F RA . -9.50 1.22 -9.67
C1 PCW SA . -26.67 26.77 -11.25
C2 PCW SA . -25.56 25.94 -10.50
C3 PCW SA . -26.22 24.90 -9.52
C4 PCW SA . -30.07 25.57 -11.45
C5 PCW SA . -30.62 24.22 -11.02
C6 PCW SA . -32.18 23.39 -9.18
C7 PCW SA . -33.09 24.28 -11.27
C8 PCW SA . -32.05 22.77 -11.04
C11 PCW SA . -25.29 24.00 -7.50
C12 PCW SA . -24.11 23.21 -7.00
C13 PCW SA . -23.25 24.17 -6.09
C14 PCW SA . -21.98 23.54 -5.48
C15 PCW SA . -21.06 24.52 -4.70
C16 PCW SA . -19.96 23.73 -3.89
C17 PCW SA . -19.64 24.24 -2.44
C18 PCW SA . -18.14 24.30 -2.14
C19 PCW SA . -17.74 25.51 -1.27
C20 PCW SA . -16.49 26.12 -1.39
C21 PCW SA . -15.32 25.84 -2.26
C22 PCW SA . -14.16 25.41 -1.32
C23 PCW SA . -12.74 25.26 -1.96
C24 PCW SA . -11.80 26.41 -1.81
C25 PCW SA . -10.39 26.39 -2.47
C26 PCW SA . -9.42 25.36 -1.92
C27 PCW SA . -8.24 24.92 -2.83
C28 PCW SA . -7.79 23.52 -2.46
C31 PCW SA . -23.44 25.17 -11.20
C32 PCW SA . -22.74 24.32 -12.27
C33 PCW SA . -22.07 22.97 -11.74
C34 PCW SA . -20.86 22.51 -12.55
C35 PCW SA . -19.68 23.54 -12.24
C36 PCW SA . -18.30 22.84 -12.24
C37 PCW SA . -17.09 23.78 -11.94
C38 PCW SA . -16.01 23.07 -11.18
C39 PCW SA . -14.84 23.97 -10.90
C40 PCW SA . -13.55 23.77 -11.17
C41 PCW SA . -13.00 22.53 -11.83
C42 PCW SA . -12.32 21.64 -10.69
C43 PCW SA . -10.91 21.96 -10.26
C44 PCW SA . -10.57 20.94 -9.18
C45 PCW SA . -9.79 21.48 -8.01
C46 PCW SA . -10.62 21.65 -6.77
C47 PCW SA . -9.88 22.19 -5.54
C48 PCW SA . -10.82 22.31 -4.34
N PCW SA . -31.92 24.13 -10.44
O2 PCW SA . -24.75 25.15 -11.47
O3 PCW SA . -25.19 24.17 -8.84
O11 PCW SA . -26.19 24.41 -6.81
O31 PCW SA . -22.86 25.78 -10.26
O1P PCW SA . -28.95 27.79 -12.88
O2P PCW SA . -28.46 26.06 -14.61
O3P PCW SA . -26.83 26.42 -12.65
O4P PCW SA . -29.00 25.32 -12.39
P PCW SA . -28.36 26.45 -13.19
C1 PCW TA . -27.74 14.75 -7.59
C2 PCW TA . -26.45 14.66 -6.68
C3 PCW TA . -25.17 14.84 -7.56
C4 PCW TA . -29.87 18.42 -5.78
C5 PCW TA . -31.37 18.13 -5.86
C6 PCW TA . -33.75 19.00 -5.86
C7 PCW TA . -31.88 20.54 -6.27
C8 PCW TA . -32.43 19.11 -7.31
C11 PCW TA . -23.42 15.94 -6.33
C12 PCW TA . -22.20 15.63 -5.50
C13 PCW TA . -21.11 16.73 -5.79
C14 PCW TA . -19.79 16.57 -5.03
C15 PCW TA . -19.86 15.89 -3.64
C16 PCW TA . -18.67 14.87 -3.47
C17 PCW TA . -18.35 14.35 -2.04
C18 PCW TA . -16.87 13.96 -1.87
C19 PCW TA . -16.00 15.14 -1.40
C20 PCW TA . -14.78 14.95 -0.77
C21 PCW TA . -14.00 13.73 -0.42
C22 PCW TA . -12.83 14.18 0.48
C23 PCW TA . -11.88 13.09 1.02
C24 PCW TA . -11.40 13.22 2.43
C25 PCW TA . -10.85 12.00 3.22
C26 PCW TA . -11.82 10.85 3.45
C27 PCW TA . -11.33 9.64 4.27
C28 PCW TA . -10.21 8.94 3.54
C31 PCW TA . -27.18 15.48 -4.59
C32 PCW TA . -27.11 16.69 -3.64
C33 PCW TA . -25.99 16.60 -2.48
C34 PCW TA . -25.07 15.39 -2.61
C35 PCW TA . -23.70 15.83 -1.95
C36 PCW TA . -23.15 14.77 -0.96
C37 PCW TA . -21.80 15.14 -0.27
C38 PCW TA . -21.94 15.32 1.21
C39 PCW TA . -20.65 15.69 1.89
C40 PCW TA . -19.71 14.86 2.32
C41 PCW TA . -19.77 13.35 2.21
C42 PCW TA . -18.46 12.86 1.42
C43 PCW TA . -17.92 11.47 1.70
C44 PCW TA . -16.70 11.30 0.81
C45 PCW TA . -15.49 10.74 1.52
C46 PCW TA . -14.50 10.09 0.59
C47 PCW TA . -14.83 8.67 0.15
C48 PCW TA . -13.74 8.13 -0.78
N PCW TA . -32.30 19.21 -5.82
O2 PCW TA . -26.46 15.76 -5.67
O3 PCW TA . -23.99 14.76 -6.73
O11 PCW TA . -23.82 17.03 -6.61
O31 PCW TA . -27.83 14.42 -4.38
O1P PCW TA . -29.72 17.82 -8.86
O2P PCW TA . -28.07 18.02 -7.66
O3P PCW TA . -27.88 16.00 -8.28
O4P PCW TA . -29.18 17.26 -6.31
P PCW TA . -29.09 16.94 -7.79
C1 PCW UA . -23.07 13.94 -19.15
C2 PCW UA . -21.81 14.38 -18.31
C3 PCW UA . -21.80 13.62 -16.94
C4 PCW UA . -21.10 17.12 -21.54
C5 PCW UA . -21.54 18.59 -21.61
C6 PCW UA . -21.46 20.13 -19.58
C7 PCW UA . -19.88 20.43 -21.43
C8 PCW UA . -21.71 20.62 -21.47
C11 PCW UA . -20.68 15.21 -15.51
C12 PCW UA . -19.39 15.46 -14.81
C13 PCW UA . -19.27 14.44 -13.61
C14 PCW UA . -17.98 14.54 -12.77
C15 PCW UA . -17.54 13.24 -12.06
C16 PCW UA . -16.54 13.54 -10.90
C17 PCW UA . -15.97 12.33 -10.08
C18 PCW UA . -14.65 11.77 -10.63
C19 PCW UA . -13.69 12.87 -11.14
C20 PCW UA . -12.33 12.82 -10.88
C21 PCW UA . -11.47 11.87 -10.15
C22 PCW UA . -10.94 12.62 -8.90
C23 PCW UA . -10.69 11.79 -7.61
C24 PCW UA . -9.49 10.89 -7.60
C25 PCW UA . -9.61 9.39 -7.21
C26 PCW UA . -8.52 8.84 -6.32
C27 PCW UA . -8.60 7.35 -5.93
C28 PCW UA . -8.00 7.13 -4.56
C31 PCW UA . -19.60 14.93 -18.98
C32 PCW UA . -18.39 14.39 -19.76
C33 PCW UA . -16.98 15.00 -19.30
C34 PCW UA . -15.98 15.09 -20.43
C35 PCW UA . -14.58 15.37 -19.74
C36 PCW UA . -14.04 16.78 -20.06
C37 PCW UA . -12.67 17.12 -19.41
C38 PCW UA . -12.82 17.95 -18.18
C39 PCW UA . -11.50 18.30 -17.55
C40 PCW UA . -11.19 19.43 -16.93
C41 PCW UA . -12.13 20.60 -16.72
C42 PCW UA . -11.30 21.79 -16.08
C43 PCW UA . -10.55 21.52 -14.80
C44 PCW UA . -9.84 22.81 -14.40
C45 PCW UA . -8.35 22.70 -14.24
C46 PCW UA . -7.91 21.75 -13.15
C47 PCW UA . -6.63 22.10 -12.42
C48 PCW UA . -6.30 21.06 -11.34
N PCW UA . -20.88 19.58 -20.82
O2 PCW UA . -20.56 14.01 -19.03
O3 PCW UA . -20.64 14.02 -16.18
O11 PCW UA . -21.63 15.95 -15.50
O31 PCW UA . -19.68 16.05 -18.42
O1P PCW UA . -23.51 15.72 -22.51
O2P PCW UA . -24.35 16.33 -20.25
O3P PCW UA . -22.94 14.21 -20.57
O4P PCW UA . -21.99 16.46 -20.62
P PCW UA . -23.25 15.71 -21.03
C1 17F VA . -30.76 10.30 -12.39
N1 17F VA . -31.19 10.80 -9.97
O1 17F VA . -28.25 11.11 -13.70
P1 17F VA . -28.43 9.69 -13.19
C2 17F VA . -30.91 11.36 -11.28
O2 17F VA . -28.60 8.62 -14.25
C3 17F VA . -32.02 12.35 -11.67
O3 17F VA . -29.62 9.53 -12.20
C4 17F VA . -27.14 7.92 -11.76
O4 17F VA . -31.98 12.94 -12.75
C5 17F VA . -25.83 7.62 -10.95
O5 17F VA . -33.01 12.63 -10.90
C6 17F VA . -25.68 6.10 -10.78
O6 17F VA . -27.19 9.22 -12.33
C7 17F VA . -23.66 4.93 -10.59
O7 17F VA . -24.51 5.75 -10.05
C8 17F VA . -22.52 4.64 -9.58
O8 17F VA . -23.68 4.39 -11.67
C9 17F VA . -22.66 5.36 -8.22
O9 17F VA . -24.67 8.21 -11.55
C10 17F VA . -21.51 5.06 -7.18
O10 17F VA . -25.07 10.45 -11.22
C11 17F VA . -20.10 5.62 -7.59
C12 17F VA . -18.99 5.27 -6.51
C17 17F VA . -24.41 9.42 -11.08
C18 17F VA . -23.12 9.46 -10.32
C19 17F VA . -23.30 9.81 -8.81
C20 17F VA . -22.72 8.67 -7.87
C1X 17F VA . -17.63 5.82 -6.93
C1Y 17F VA . -22.93 9.04 -6.38
C1Z 17F VA . -21.85 8.39 -5.51
C2X 17F VA . -16.48 5.48 -5.85
C21 17F VA . -16.28 6.61 -4.79
C22 17F VA . -16.09 6.41 -3.53
C23 17F VA . -16.01 5.11 -2.84
C24 17F VA . -14.64 4.77 -2.27
C25 17F VA . -14.52 3.43 -1.56
C26 17F VA . -13.16 3.18 -0.77
C27 17F VA . -13.06 1.85 -0.05
C28 17F VA . -11.66 1.79 0.67
C29 17F VA . -11.36 0.39 1.01
C30 17F VA . -10.04 0.19 1.71
C31 17F VA . -22.29 8.00 -4.05
C32 17F VA . -21.19 7.34 -3.17
C33 17F VA . -21.80 6.96 -1.83
C34 17F VA . -21.15 6.37 -0.84
C35 17F VA . -19.70 5.95 -0.81
C36 17F VA . -19.27 5.00 -1.95
C37 17F VA . -19.46 3.60 -1.52
C38 17F VA . -18.87 2.53 -2.48
C39 17F VA . -19.10 1.10 -1.97
C40 17F VA . -18.20 0.80 -0.76
C41 17F VA . -16.71 0.62 -1.22
C42 17F VA . -15.92 -0.60 -0.71
PG GNP WA . 30.42 3.44 3.87
O1G GNP WA . 30.49 4.96 3.73
O2G GNP WA . 30.00 2.77 2.60
O3G GNP WA . 29.49 2.96 4.91
N3B GNP WA . 31.87 2.91 4.36
PB GNP WA . 32.61 3.20 5.75
O1B GNP WA . 31.66 3.37 6.88
O2B GNP WA . 33.46 4.37 5.55
O3A GNP WA . 33.55 1.99 6.05
PA GNP WA . 33.70 0.57 5.39
O1A GNP WA . 34.24 0.63 4.02
O2A GNP WA . 32.50 -0.24 5.63
O5' GNP WA . 34.84 -0.14 6.20
C5' GNP WA . 36.18 0.38 6.18
C4' GNP WA . 37.15 -0.76 5.96
O4' GNP WA . 37.87 -1.02 7.20
C3' GNP WA . 36.48 -2.08 5.56
O3' GNP WA . 36.56 -2.26 4.15
C2' GNP WA . 37.22 -3.14 6.39
O2' GNP WA . 38.27 -3.82 5.74
C1' GNP WA . 37.70 -2.39 7.61
N9 GNP WA . 36.77 -2.42 8.76
C8 GNP WA . 35.43 -2.16 8.71
N7 GNP WA . 34.84 -2.25 9.86
C5 GNP WA . 35.85 -2.62 10.76
C6 GNP WA . 35.83 -2.88 12.16
O6 GNP WA . 34.88 -2.83 12.94
N1 GNP WA . 37.06 -3.21 12.68
C2 GNP WA . 38.22 -3.29 11.94
N2 GNP WA . 39.30 -3.64 12.64
N3 GNP WA . 38.26 -3.06 10.64
C4 GNP WA . 37.05 -2.73 10.11
MG MG XA . 26.24 2.50 1.46
CAC EWS YA . 14.08 7.59 1.95
CAD EWS YA . 12.82 7.77 1.07
CAE EWS YA . 15.35 7.73 1.11
CAF EWS YA . 15.40 9.14 0.49
CAH EWS YA . 13.05 8.70 -0.12
CAI EWS YA . 11.70 9.30 -0.57
CAJ EWS YA . 11.81 10.09 -1.71
CAK EWS YA . 11.83 9.48 -2.98
CAL EWS YA . 11.89 11.50 -1.57
CAM EWS YA . 12.02 12.30 -2.72
CAN EWS YA . 12.03 11.68 -3.98
CAO EWS YA . 11.94 10.28 -4.13
CAQ EWS YA . 14.73 3.19 2.24
CAR EWS YA . 14.56 1.83 1.88
CAS EWS YA . 14.24 0.88 2.88
CAT EWS YA . 14.11 1.32 4.21
CAU EWS YA . 14.29 2.63 4.50
CAV EWS YA . 14.60 3.55 3.54
CAX EWS YA . 14.46 4.55 5.47
CAZ EWS YA . 14.88 5.95 3.63
NAA EWS YA . 14.02 6.29 2.65
NAG EWS YA . 14.07 9.73 0.20
NAW EWS YA . 14.23 3.27 5.67
OAB EWS YA . 15.83 6.66 3.98
CBA EWS YA . 14.69 4.73 4.16
CLA EWS YA . 12.18 12.67 -5.40
BRA EWS YA . 14.71 1.31 0.10
HAC EWS YA . 14.09 8.38 2.69
HAD EWS YA . 12.58 6.79 0.67
HAE EWS YA . 12.03 8.20 1.70
HAF EWS YA . 16.19 7.67 1.80
HAG EWS YA . 15.35 6.97 0.32
HAI EWS YA . 15.87 9.79 1.23
HAH EWS YA . 15.95 9.08 -0.45
HAJ EWS YA . 13.43 8.09 -0.95
HAL EWS YA . 11.05 8.45 -0.80
HAK EWS YA . 11.31 9.91 0.25
HAM EWS YA . 11.76 8.40 -3.08
HAN EWS YA . 11.88 11.96 -0.57
HAO EWS YA . 12.07 13.38 -2.64
HAP EWS YA . 11.97 9.82 -5.13
HAQ EWS YA . 14.99 3.94 1.48
HAS EWS YA . 14.10 -0.17 2.63
HAT EWS YA . 13.88 0.60 5.01
HAX EWS YA . 14.50 5.33 6.24
HAA EWS YA . 13.29 5.65 2.37
HAZ EWS YA . 13.76 10.25 0.99
HAY EWS YA . 14.15 10.35 -0.58
HAW EWS YA . 14.02 2.84 6.55
C1 PCW ZA . 7.29 -24.61 -10.00
C2 PCW ZA . 6.76 -24.96 -11.45
C3 PCW ZA . 7.22 -26.41 -11.84
C4 PCW ZA . 7.53 -24.08 -5.68
C5 PCW ZA . 8.93 -23.89 -5.07
C6 PCW ZA . 8.84 -24.31 -2.69
C7 PCW ZA . 8.18 -22.22 -3.51
C8 PCW ZA . 10.41 -22.67 -3.50
C11 PCW ZA . 5.60 -27.44 -13.29
C12 PCW ZA . 5.34 -27.72 -14.76
C13 PCW ZA . 4.21 -26.74 -15.27
C14 PCW ZA . 3.84 -26.90 -16.75
C15 PCW ZA . 2.41 -27.43 -17.04
C16 PCW ZA . 2.30 -28.00 -18.50
C17 PCW ZA . 1.28 -27.30 -19.47
C18 PCW ZA . 1.68 -27.38 -20.94
C19 PCW ZA . 0.74 -28.28 -21.79
C20 PCW ZA . -0.09 -27.76 -22.78
C21 PCW ZA . -0.30 -26.40 -23.32
C22 PCW ZA . -1.71 -26.38 -23.96
C23 PCW ZA . -1.94 -25.43 -25.16
C24 PCW ZA . -1.94 -23.97 -24.86
C25 PCW ZA . -3.22 -23.12 -25.02
C26 PCW ZA . -3.15 -21.96 -25.99
C27 PCW ZA . -4.46 -21.48 -26.62
C28 PCW ZA . -4.20 -20.35 -27.59
C31 PCW ZA . 4.72 -23.74 -11.63
C32 PCW ZA . 3.19 -23.90 -11.64
C33 PCW ZA . 2.45 -23.59 -10.25
C34 PCW ZA . 2.37 -22.10 -9.91
C35 PCW ZA . 1.35 -21.47 -10.94
C36 PCW ZA . -0.03 -21.18 -10.30
C37 PCW ZA . -1.10 -20.57 -11.27
C38 PCW ZA . -1.53 -21.53 -12.33
C39 PCW ZA . -2.56 -20.96 -13.27
C40 PCW ZA . -2.57 -21.03 -14.60
C41 PCW ZA . -1.52 -21.74 -15.43
C42 PCW ZA . -0.87 -20.68 -16.43
C43 PCW ZA . 0.22 -21.15 -17.37
C44 PCW ZA . 0.67 -19.95 -18.19
C45 PCW ZA . 1.26 -20.26 -19.56
C46 PCW ZA . 1.74 -21.68 -19.71
C47 PCW ZA . 1.59 -22.32 -21.08
C48 PCW ZA . 2.13 -23.75 -21.08
N PCW ZA . 9.08 -23.30 -3.77
O2 PCW ZA . 5.27 -24.95 -11.47
O3 PCW ZA . 6.75 -26.73 -13.16
O11 PCW ZA . 4.92 -27.83 -12.39
O31 PCW ZA . 5.35 -22.65 -11.77
O1P PCW ZA . 5.47 -25.78 -6.83
O2P PCW ZA . 7.43 -26.81 -7.99
O3P PCW ZA . 6.29 -24.70 -8.96
O4P PCW ZA . 7.73 -24.66 -6.99
P PCW ZA . 6.70 -25.56 -7.67
C1 PCW AB . 2.03 -23.55 -1.21
C2 PCW AB . 1.06 -23.05 -2.36
C3 PCW AB . 1.02 -24.08 -3.54
C4 PCW AB . 3.46 -20.32 1.33
C5 PCW AB . 4.94 -19.92 1.49
C6 PCW AB . 6.55 -19.41 -0.24
C7 PCW AB . 6.16 -17.86 1.45
C8 PCW AB . 4.54 -18.09 -0.14
C11 PCW AB . 0.68 -23.03 -5.67
C12 PCW AB . -0.42 -22.60 -6.62
C13 PCW AB . -0.92 -23.89 -7.39
C14 PCW AB . -2.04 -23.64 -8.40
C15 PCW AB . -2.26 -24.77 -9.45
C16 PCW AB . -1.05 -24.84 -10.46
C17 PCW AB . -1.24 -25.69 -11.77
C18 PCW AB . -0.45 -25.17 -12.95
C19 PCW AB . -0.09 -26.27 -13.97
C20 PCW AB . -0.56 -26.27 -15.27
C21 PCW AB . -1.43 -25.32 -16.02
C22 PCW AB . -0.66 -24.94 -17.30
C23 PCW AB . -1.44 -24.96 -18.64
C24 PCW AB . -1.58 -23.66 -19.39
C25 PCW AB . -2.45 -23.57 -20.68
C26 PCW AB . -2.51 -22.22 -21.36
C27 PCW AB . -3.88 -21.52 -21.46
C28 PCW AB . -3.84 -20.19 -20.75
C31 PCW AB . -0.91 -23.98 -1.33
C32 PCW AB . -2.32 -23.61 -0.86
C33 PCW AB . -3.42 -23.53 -2.02
C34 PCW AB . -3.57 -22.14 -2.64
C35 PCW AB . -3.43 -22.37 -4.20
C36 PCW AB . -4.71 -21.99 -4.97
C37 PCW AB . -4.64 -22.17 -6.52
C38 PCW AB . -5.63 -21.31 -7.23
C39 PCW AB . -5.58 -21.47 -8.72
C40 PCW AB . -6.27 -20.79 -9.64
C41 PCW AB . -7.28 -19.70 -9.32
C42 PCW AB . -8.63 -20.02 -10.10
C43 PCW AB . -9.10 -19.05 -11.16
C44 PCW AB . -10.40 -19.61 -11.73
C45 PCW AB . -10.26 -20.45 -12.97
C46 PCW AB . -10.91 -21.80 -12.87
C47 PCW AB . -10.40 -22.86 -13.82
C48 PCW AB . -11.13 -24.19 -13.62
N PCW AB . 5.52 -18.88 0.68
O2 PCW AB . -0.34 -22.88 -1.84
O3 PCW AB . 0.13 -23.60 -4.56
O11 PCW AB . 1.86 -22.88 -5.87
O31 PCW AB . -0.39 -25.13 -1.26
O1P PCW AB . 2.24 -22.69 2.52
O2P PCW AB . 3.90 -23.88 1.07
O3P PCW AB . 1.64 -23.11 0.12
O4P PCW AB . 3.45 -21.58 0.61
P PCW AB . 2.84 -22.85 1.15
C1 PCW BB . -14.58 -2.56 26.81
C2 PCW BB . -15.95 -1.98 26.28
C3 PCW BB . -16.51 -0.89 27.26
C4 PCW BB . -12.55 -5.51 26.44
C5 PCW BB . -11.27 -6.35 26.54
C6 PCW BB . -10.74 -8.81 26.14
C7 PCW BB . -10.75 -7.22 24.28
C8 PCW BB . -9.61 -7.25 25.75
C11 PCW BB . -18.91 -1.01 27.09
C12 PCW BB . -20.07 -0.32 26.40
C13 PCW BB . -20.53 0.88 27.32
C14 PCW BB . -21.71 1.69 26.77
C15 PCW BB . -23.00 1.68 27.64
C16 PCW BB . -24.28 1.93 26.74
C17 PCW BB . -24.67 3.41 26.45
C18 PCW BB . -26.18 3.66 26.45
C19 PCW BB . -26.63 4.62 25.34
C20 PCW BB . -27.20 4.19 24.15
C21 PCW BB . -27.52 2.82 23.64
C22 PCW BB . -29.07 2.69 23.65
C23 PCW BB . -29.68 1.64 24.62
C24 PCW BB . -30.95 0.99 24.20
C25 PCW BB . -31.33 -0.43 24.71
C26 PCW BB . -32.73 -0.59 25.30
C27 PCW BB . -32.85 -1.16 26.73
C28 PCW BB . -34.24 -1.67 26.96
C31 PCW BB . -16.56 -1.77 24.00
C32 PCW BB . -16.26 -1.00 22.71
C33 PCW BB . -17.29 0.17 22.35
C34 PCW BB . -16.82 1.08 21.22
C35 PCW BB . -17.27 0.38 19.88
C36 PCW BB . -17.73 1.39 18.80
C37 PCW BB . -18.19 0.75 17.46
C38 PCW BB . -19.26 1.54 16.79
C39 PCW BB . -19.73 0.93 15.49
C40 PCW BB . -19.43 1.33 14.26
C41 PCW BB . -18.56 2.53 13.92
C42 PCW BB . -19.34 3.41 12.85
C43 PCW BB . -19.70 4.84 13.21
C44 PCW BB . -20.43 5.44 12.03
C45 PCW BB . -21.91 5.66 12.24
C46 PCW BB . -22.77 4.52 11.82
C47 PCW BB . -23.64 3.90 12.88
C48 PCW BB . -24.48 2.74 12.31
N PCW BB . -11.10 -7.45 25.67
O2 PCW BB . -15.76 -1.32 24.96
O3 PCW BB . -17.74 -0.38 26.75
O11 PCW BB . -18.99 -1.97 27.78
O31 PCW BB . -17.42 -2.69 24.12
O1P PCW BB . -13.46 -3.80 24.30
O2P PCW BB . -11.32 -2.60 24.75
O3P PCW BB . -13.42 -2.06 26.13
O4P PCW BB . -12.13 -4.12 26.41
P PCW BB . -12.56 -3.16 25.31
C1 PCW CB . -24.73 17.17 -16.17
C2 PCW CB . -24.30 17.63 -14.73
C3 PCW CB . -24.15 16.40 -13.78
C4 PCW CB . -28.72 18.08 -15.62
C5 PCW CB . -29.57 17.86 -14.37
C6 PCW CB . -27.84 17.78 -12.50
C7 PCW CB . -30.00 18.86 -12.15
C8 PCW CB . -29.65 17.07 -12.49
C11 PCW CB . -24.62 16.57 -11.43
C12 PCW CB . -24.02 17.09 -10.15
C13 PCW CB . -23.83 18.64 -10.27
C14 PCW CB . -23.23 19.30 -9.03
C15 PCW CB . -21.69 19.50 -9.04
C16 PCW CB . -21.32 20.99 -8.68
C17 PCW CB . -19.83 21.27 -8.26
C18 PCW CB . -19.25 22.53 -8.90
C19 PCW CB . -19.70 23.83 -8.16
C20 PCW CB . -19.04 25.03 -8.29
C21 PCW CB . -17.84 25.44 -9.05
C22 PCW CB . -16.72 25.70 -8.00
C23 PCW CB . -15.45 26.45 -8.47
C24 PCW CB . -14.20 26.22 -7.68
C25 PCW CB . -12.81 26.14 -8.37
C26 PCW CB . -11.76 25.28 -7.71
C27 PCW CB . -11.37 25.60 -6.25
C28 PCW CB . -9.91 25.91 -6.17
C31 PCW CB . -23.06 19.65 -14.67
C32 PCW CB . -21.63 20.21 -14.75
C33 PCW CB . -21.16 20.69 -16.21
C34 PCW CB . -20.29 21.95 -16.17
C35 PCW CB . -18.83 21.45 -15.84
C36 PCW CB . -17.78 22.58 -15.82
C37 PCW CB . -16.31 22.13 -15.50
C38 PCW CB . -16.27 21.10 -14.42
C39 PCW CB . -14.88 20.64 -14.08
C40 PCW CB . -14.54 19.69 -13.21
C41 PCW CB . -15.54 18.89 -12.39
C42 PCW CB . -15.51 19.42 -10.88
C43 PCW CB . -15.28 18.43 -9.76
C44 PCW CB . -15.30 19.23 -8.45
C45 PCW CB . -13.95 19.47 -7.80
C46 PCW CB . -13.80 18.84 -6.44
C47 PCW CB . -13.81 19.76 -5.24
C48 PCW CB . -13.65 18.96 -3.94
N PCW CB . -29.08 18.31 -13.11
O2 PCW CB . -22.99 18.32 -14.78
O3 PCW CB . -23.77 16.83 -12.47
O11 PCW CB . -25.67 15.99 -11.52
O31 PCW CB . -24.11 20.33 -14.51
O1P PCW CB . -26.83 17.81 -17.82
O2P PCW CB . -27.63 15.44 -17.83
O3P PCW CB . -25.77 16.18 -16.20
O4P PCW CB . -28.09 16.79 -15.90
P PCW CB . -27.10 16.57 -17.02
C1 PCW DB . -23.91 5.57 -20.49
C2 PCW DB . -22.77 5.89 -19.45
C3 PCW DB . -22.08 7.25 -19.81
C4 PCW DB . -25.31 8.98 -18.46
C5 PCW DB . -25.83 9.35 -17.07
C6 PCW DB . -25.02 9.74 -14.70
C7 PCW DB . -24.35 11.26 -16.51
C8 PCW DB . -26.04 10.96 -15.83
C11 PCW DB . -21.15 8.66 -18.10
C12 PCW DB . -19.97 8.75 -17.17
C13 PCW DB . -18.68 9.05 -18.03
C14 PCW DB . -17.39 9.17 -17.20
C15 PCW DB . -16.20 8.28 -17.65
C16 PCW DB . -14.88 8.70 -16.93
C17 PCW DB . -13.74 9.31 -17.82
C18 PCW DB . -12.34 9.05 -17.25
C19 PCW DB . -11.51 8.07 -18.10
C20 PCW DB . -10.65 7.13 -17.53
C21 PCW DB . -10.31 6.80 -16.12
C22 PCW DB . -11.06 5.48 -15.78
C23 PCW DB . -10.42 4.53 -14.73
C24 PCW DB . -9.12 3.89 -15.10
C25 PCW DB . -8.39 2.96 -14.10
C26 PCW DB . -7.09 3.48 -13.52
C27 PCW DB . -7.01 3.71 -11.99
C28 PCW DB . -5.68 4.29 -11.62
C31 PCW DB . -22.66 5.34 -17.16
C32 PCW DB . -23.36 5.54 -15.81
C33 PCW DB . -22.69 6.62 -14.83
C34 PCW DB . -21.80 6.00 -13.74
C35 PCW DB . -20.31 6.36 -14.16
C36 PCW DB . -19.76 7.60 -13.41
C37 PCW DB . -18.30 8.00 -13.79
C38 PCW DB . -17.30 7.23 -12.99
C39 PCW DB . -15.87 7.59 -13.35
C40 PCW DB . -14.87 6.75 -13.60
C41 PCW DB . -14.98 5.24 -13.60
C42 PCW DB . -15.95 4.77 -14.78
C43 PCW DB . -16.51 3.36 -14.75
C44 PCW DB . -17.39 3.20 -15.97
C45 PCW DB . -18.81 2.81 -15.69
C46 PCW DB . -19.48 2.09 -16.82
C47 PCW DB . -20.86 1.51 -16.54
C48 PCW DB . -21.44 0.80 -17.78
N PCW DB . -24.95 9.99 -16.15
O2 PCW DB . -23.34 6.01 -18.09
O3 PCW DB . -21.05 7.53 -18.86
O11 PCW DB . -22.04 9.47 -18.17
O31 PCW DB . -21.62 4.65 -17.36
O1P PCW DB . -24.98 7.97 -21.17
O2P PCW DB . -27.29 7.09 -20.84
O3P PCW DB . -25.25 5.77 -19.98
O4P PCW DB . -26.03 7.80 -18.89
P PCW DB . -25.91 7.20 -20.29
C1 PCW EB . -15.85 25.70 -23.37
C2 PCW EB . -14.39 25.88 -23.95
C3 PCW EB . -13.84 27.30 -23.55
C4 PCW EB . -18.37 26.66 -25.83
C5 PCW EB . -19.64 26.59 -26.66
C6 PCW EB . -19.31 27.49 -29.04
C7 PCW EB . -20.20 25.23 -28.66
C8 PCW EB . -20.98 26.84 -28.19
C11 PCW EB . -11.61 28.17 -23.31
C12 PCW EB . -10.30 28.28 -24.04
C13 PCW EB . -10.06 29.82 -24.32
C14 PCW EB . -8.77 30.15 -25.07
C15 PCW EB . -8.91 30.26 -26.61
C16 PCW EB . -7.56 29.88 -27.33
C17 PCW EB . -6.75 28.66 -26.74
C18 PCW EB . -5.27 28.68 -27.10
C19 PCW EB . -4.52 29.91 -26.50
C20 PCW EB . -3.93 29.89 -25.25
C21 PCW EB . -3.81 28.82 -24.21
C22 PCW EB . -2.55 29.18 -23.35
C23 PCW EB . -1.15 28.93 -23.97
C24 PCW EB . 0.00 29.66 -23.35
C25 PCW EB . 1.12 28.91 -22.58
C26 PCW EB . 2.13 28.15 -23.43
C27 PCW EB . 3.31 27.47 -22.70
C28 PCW EB . 3.27 25.98 -22.90
C31 PCW EB . -13.53 23.67 -23.97
C32 PCW EB . -12.54 22.72 -23.25
C33 PCW EB . -12.77 21.15 -23.54
C34 PCW EB . -13.08 20.34 -22.29
C35 PCW EB . -11.75 19.58 -21.92
C36 PCW EB . -11.57 18.27 -22.71
C37 PCW EB . -10.28 17.45 -22.41
C38 PCW EB . -9.04 18.24 -22.73
C39 PCW EB . -7.77 17.47 -22.44
C40 PCW EB . -6.78 17.81 -21.62
C41 PCW EB . -6.74 19.08 -20.78
C42 PCW EB . -5.73 20.11 -21.49
C43 PCW EB . -5.89 21.60 -21.22
C44 PCW EB . -4.81 22.31 -22.01
C45 PCW EB . -3.45 22.37 -21.34
C46 PCW EB . -2.30 22.18 -22.28
C47 PCW EB . -1.18 21.25 -21.82
C48 PCW EB . -0.07 21.16 -22.88
N PCW EB . -19.56 26.38 -28.07
O2 PCW EB . -13.48 24.85 -23.36
O3 PCW EB . -12.51 27.48 -24.07
O11 PCW EB . -11.84 28.62 -22.22
O31 PCW EB . -14.25 23.36 -24.97
O1P PCW EB . -16.15 24.85 -26.23
O2P PCW EB . -17.82 23.13 -25.54
O3P PCW EB . -16.49 24.45 -23.75
O4P PCW EB . -18.30 25.43 -25.07
P PCW EB . -17.17 24.43 -25.22
C1 PCW FB . -25.50 0.38 -19.53
C2 PCW FB . -25.64 0.27 -17.95
C3 PCW FB . -26.79 1.21 -17.45
C4 PCW FB . -24.65 -1.65 -22.44
C5 PCW FB . -23.46 -0.71 -22.62
C6 PCW FB . -22.20 -1.40 -20.50
C7 PCW FB . -21.01 -0.39 -22.39
C8 PCW FB . -22.31 0.37 -21.32
C11 PCW FB . -27.26 2.24 -15.33
C12 PCW FB . -27.36 1.93 -13.87
C13 PCW FB . -25.90 1.86 -13.31
C14 PCW FB . -25.78 1.55 -11.82
C15 PCW FB . -24.40 0.99 -11.37
C16 PCW FB . -24.36 -0.57 -11.52
C17 PCW FB . -23.38 -1.17 -12.58
C18 PCW FB . -22.04 -1.64 -11.99
C19 PCW FB . -22.21 -2.82 -11.00
C20 PCW FB . -21.51 -2.88 -9.80
C21 PCW FB . -20.52 -1.97 -9.17
C22 PCW FB . -19.78 -2.81 -8.08
C23 PCW FB . -18.86 -2.04 -7.10
C24 PCW FB . -19.17 -2.20 -5.63
C25 PCW FB . -18.14 -1.75 -4.55
C26 PCW FB . -17.48 -0.40 -4.76
C27 PCW FB . -15.99 -0.38 -5.20
C28 PCW FB . -15.27 0.78 -4.56
C31 PCW FB . -24.99 -1.83 -17.06
C32 PCW FB . -25.54 -3.21 -16.69
C33 PCW FB . -26.66 -3.20 -15.53
C34 PCW FB . -26.36 -2.21 -14.41
C35 PCW FB . -27.40 -2.55 -13.26
C36 PCW FB . -28.44 -1.43 -13.03
C37 PCW FB . -29.49 -1.71 -11.90
C38 PCW FB . -30.26 -2.96 -12.16
C39 PCW FB . -31.27 -3.25 -11.09
C40 PCW FB . -31.04 -3.77 -9.88
C41 PCW FB . -29.66 -4.19 -9.38
C42 PCW FB . -29.79 -5.64 -8.73
C43 PCW FB . -29.51 -5.79 -7.25
C44 PCW FB . -29.69 -7.27 -6.91
C45 PCW FB . -28.45 -8.11 -6.97
C46 PCW FB . -27.81 -8.35 -5.64
C47 PCW FB . -26.30 -8.31 -5.60
C48 PCW FB . -25.78 -8.58 -4.18
N PCW FB . -22.24 -0.98 -21.92
O2 PCW FB . -26.01 -1.10 -17.55
O3 PCW FB . -26.92 1.11 -16.02
O11 PCW FB . -27.46 3.32 -15.83
O31 PCW FB . -23.79 -1.46 -16.94
O1P PCW FB . -26.57 -2.28 -20.36
O2P PCW FB . -28.17 -1.13 -21.89
O3P PCW FB . -26.75 0.23 -20.24
O4P PCW FB . -25.82 -0.80 -22.25
P PCW FB . -26.87 -1.06 -21.19
C1 PCW GB . -16.31 -9.54 -30.45
C2 PCW GB . -15.03 -9.10 -29.64
C3 PCW GB . -14.50 -7.73 -30.18
C4 PCW GB . -19.18 -11.89 -30.76
C5 PCW GB . -18.22 -13.06 -30.92
C6 PCW GB . -19.03 -15.25 -31.95
C7 PCW GB . -17.42 -13.83 -33.14
C8 PCW GB . -17.17 -14.71 -31.54
C11 PCW GB . -12.13 -7.80 -29.84
C12 PCW GB . -11.05 -7.30 -28.93
C13 PCW GB . -9.92 -6.62 -29.80
C14 PCW GB . -8.74 -6.05 -29.01
C15 PCW GB . -8.35 -6.84 -27.72
C16 PCW GB . -7.97 -8.33 -28.04
C17 PCW GB . -7.10 -8.60 -29.31
C18 PCW GB . -7.07 -10.07 -29.74
C19 PCW GB . -8.33 -10.49 -30.53
C20 PCW GB . -8.34 -10.55 -31.92
C21 PCW GB . -7.30 -10.27 -32.94
C22 PCW GB . -6.43 -11.54 -33.04
C23 PCW GB . -4.92 -11.36 -33.37
C24 PCW GB . -3.94 -11.95 -32.39
C25 PCW GB . -4.12 -13.39 -31.85
C26 PCW GB . -3.04 -14.40 -32.22
C27 PCW GB . -3.44 -15.57 -33.13
C28 PCW GB . -2.36 -16.63 -33.14
C31 PCW GB . -15.20 -9.99 -27.44
C32 PCW GB . -15.58 -9.62 -26.00
C33 PCW GB . -14.36 -9.60 -24.96
C34 PCW GB . -14.59 -8.68 -23.76
C35 PCW GB . -14.10 -9.49 -22.49
C36 PCW GB . -13.73 -8.57 -21.31
C37 PCW GB . -13.22 -9.29 -20.02
C38 PCW GB . -11.90 -9.95 -20.24
C39 PCW GB . -11.40 -10.66 -19.00
C40 PCW GB . -10.48 -10.22 -18.14
C41 PCW GB . -9.77 -8.89 -18.25
C42 PCW GB . -8.20 -9.15 -18.23
C43 PCW GB . -7.52 -9.40 -16.91
C44 PCW GB . -6.05 -9.60 -17.21
C45 PCW GB . -5.28 -10.33 -16.15
C46 PCW GB . -3.80 -10.06 -16.17
C47 PCW GB . -3.36 -8.68 -15.74
C48 PCW GB . -1.83 -8.53 -15.81
N PCW GB . -18.35 -13.94 -32.04
O2 PCW GB . -15.36 -8.90 -28.20
O3 PCW GB . -13.34 -7.35 -29.43
O11 PCW GB . -11.95 -8.51 -30.81
O31 PCW GB . -14.82 -11.12 -27.84
O1P PCW GB . -19.98 -9.22 -29.84
O2P PCW GB . -19.10 -8.54 -32.09
O3P PCW GB . -17.51 -8.83 -30.07
O4P PCW GB . -18.50 -10.72 -31.26
P PCW GB . -18.85 -9.30 -30.83
C1 PCW HB . -21.86 -12.20 -23.18
C2 PCW HB . -21.22 -12.66 -21.82
C3 PCW HB . -21.48 -14.18 -21.58
C4 PCW HB . -23.19 -7.86 -21.59
C5 PCW HB . -23.68 -7.49 -20.19
C6 PCW HB . -26.00 -7.18 -20.79
C7 PCW HB . -24.63 -5.32 -20.53
C8 PCW HB . -25.27 -6.42 -18.65
C11 PCW HB . -21.38 -14.06 -19.18
C12 PCW HB . -20.63 -14.63 -18.01
C13 PCW HB . -21.28 -16.02 -17.64
C14 PCW HB . -20.63 -16.75 -16.46
C15 PCW HB . -21.43 -17.97 -15.91
C16 PCW HB . -20.46 -19.09 -15.40
C17 PCW HB . -19.24 -19.44 -16.33
C18 PCW HB . -18.11 -20.16 -15.58
C19 PCW HB . -17.61 -19.37 -14.35
C20 PCW HB . -16.26 -19.28 -14.03
C21 PCW HB . -15.04 -19.84 -14.65
C22 PCW HB . -14.51 -20.95 -13.69
C23 PCW HB . -14.88 -22.40 -14.02
C24 PCW HB . -15.68 -23.16 -13.00
C25 PCW HB . -14.98 -23.78 -11.76
C26 PCW HB . -15.88 -24.20 -10.61
C27 PCW HB . -15.20 -24.78 -9.36
C28 PCW HB . -15.74 -24.08 -8.12
C31 PCW HB . -19.33 -11.31 -21.35
C32 PCW HB . -17.79 -11.25 -21.45
C33 PCW HB . -17.18 -11.63 -22.87
C34 PCW HB . -16.44 -12.97 -22.87
C35 PCW HB . -15.24 -12.81 -21.85
C36 PCW HB . -15.15 -13.98 -20.83
C37 PCW HB . -13.99 -13.88 -19.79
C38 PCW HB . -12.87 -14.81 -20.12
C39 PCW HB . -11.72 -14.72 -19.13
C40 PCW HB . -10.44 -14.95 -19.36
C41 PCW HB . -9.88 -15.37 -20.71
C42 PCW HB . -8.60 -16.30 -20.47
C43 PCW HB . -8.62 -17.27 -19.30
C44 PCW HB . -7.30 -18.02 -19.35
C45 PCW HB . -6.87 -18.63 -18.04
C46 PCW HB . -5.39 -18.52 -17.80
C47 PCW HB . -4.96 -18.25 -16.38
C48 PCW HB . -3.43 -18.16 -16.28
N PCW HB . -24.83 -6.65 -20.05
O2 PCW HB . -19.74 -12.47 -21.86
O3 PCW HB . -20.89 -14.59 -20.33
O11 PCW HB . -22.28 -13.28 -19.10
O31 PCW HB . -20.06 -10.41 -20.87
O1P PCW HB . -24.22 -9.53 -23.73
O2P PCW HB . -24.20 -11.28 -21.94
O3P PCW HB . -22.06 -10.78 -23.29
O4P PCW HB . -22.94 -9.29 -21.58
P PCW HB . -23.44 -10.23 -22.65
C1 PCW IB . -35.21 36.66 1.24
C2 PCW IB . -34.30 36.03 2.37
C3 PCW IB . -33.89 37.13 3.40
C4 PCW IB . -33.80 33.33 -1.31
C5 PCW IB . -32.28 33.11 -1.39
C6 PCW IB . -30.95 33.98 -3.20
C7 PCW IB . -32.58 32.38 -3.66
C8 PCW IB . -30.69 31.66 -2.61
C11 PCW IB . -31.82 37.06 4.62
C12 PCW IB . -31.12 36.30 5.71
C13 PCW IB . -30.08 35.34 5.02
C14 PCW IB . -29.27 34.47 5.98
C15 PCW IB . -28.00 33.80 5.37
C16 PCW IB . -27.20 33.03 6.48
C17 PCW IB . -25.89 33.71 7.01
C18 PCW IB . -26.14 35.03 7.75
C19 PCW IB . -25.76 34.94 9.26
C20 PCW IB . -24.45 34.97 9.70
C21 PCW IB . -23.15 35.06 9.01
C22 PCW IB . -22.11 35.48 10.09
C23 PCW IB . -20.97 34.49 10.42
C24 PCW IB . -19.58 35.00 10.24
C25 PCW IB . -18.64 35.17 11.47
C26 PCW IB . -17.53 34.14 11.62
C27 PCW IB . -16.41 34.43 12.62
C28 PCW IB . -15.29 35.21 11.95
C31 PCW IB . -34.38 33.87 3.32
C32 PCW IB . -35.30 32.90 4.07
C33 PCW IB . -35.27 33.04 5.67
C34 PCW IB . -33.95 32.57 6.29
C35 PCW IB . -34.18 32.56 7.86
C36 PCW IB . -33.22 31.59 8.58
C37 PCW IB . -33.37 31.52 10.13
C38 PCW IB . -32.48 30.48 10.73
C39 PCW IB . -32.60 30.39 12.23
C40 PCW IB . -31.62 30.12 13.09
C41 PCW IB . -30.18 29.84 12.68
C42 PCW IB . -29.23 30.82 13.51
C43 PCW IB . -27.80 31.03 13.03
C44 PCW IB . -27.13 31.99 13.99
C45 PCW IB . -26.34 33.10 13.35
C46 PCW IB . -27.12 34.39 13.17
C47 PCW IB . -27.84 34.93 14.37
C48 PCW IB . -28.58 36.22 14.04
N PCW IB . -31.66 32.81 -2.65
O2 PCW IB . -35.08 34.99 3.10
O3 PCW IB . -33.07 36.54 4.43
O11 PCW IB . -31.35 37.97 4.00
O31 PCW IB . -33.20 33.64 2.96
O1P PCW IB . -36.26 34.75 -1.90
O2P PCW IB . -34.79 36.77 -1.67
O3P PCW IB . -35.87 35.68 0.40
O4P PCW IB . -34.00 34.68 -0.80
P PCW IB . -35.25 35.49 -1.07
C1 PCW JB . -30.46 -7.94 -12.00
C2 PCW JB . -28.89 -7.73 -12.21
C3 PCW JB . -28.53 -6.22 -12.36
C4 PCW JB . -33.85 -8.96 -11.16
C5 PCW JB . -35.06 -9.59 -11.83
C6 PCW JB . -35.36 -11.80 -10.60
C7 PCW JB . -37.31 -10.44 -11.21
C8 PCW JB . -36.11 -11.27 -12.34
C11 PCW JB . -26.60 -6.19 -13.78
C12 PCW JB . -25.09 -5.99 -13.72
C13 PCW JB . -24.44 -6.59 -15.03
C14 PCW JB . -22.90 -6.45 -15.11
C15 PCW JB . -22.14 -7.64 -15.77
C16 PCW JB . -20.62 -7.63 -15.36
C17 PCW JB . -20.26 -8.01 -13.89
C18 PCW JB . -19.22 -9.13 -13.77
C19 PCW JB . -17.92 -8.66 -13.06
C20 PCW JB . -17.59 -9.04 -11.78
C21 PCW JB . -18.25 -9.91 -10.78
C22 PCW JB . -17.94 -9.30 -9.39
C23 PCW JB . -16.54 -9.57 -8.78
C24 PCW JB . -16.23 -8.91 -7.49
C25 PCW JB . -15.11 -7.84 -7.38
C26 PCW JB . -15.53 -6.46 -6.91
C27 PCW JB . -15.03 -6.00 -5.53
C28 PCW JB . -16.01 -5.01 -4.93
C31 PCW JB . -27.24 -9.16 -11.32
C32 PCW JB . -26.55 -9.60 -10.01
C33 PCW JB . -26.13 -11.15 -9.94
C34 PCW JB . -24.67 -11.36 -9.57
C35 PCW JB . -24.53 -10.90 -8.06
C36 PCW JB . -23.08 -10.93 -7.55
C37 PCW JB . -22.88 -10.49 -6.07
C38 PCW JB . -21.65 -11.08 -5.47
C39 PCW JB . -21.44 -10.67 -4.04
C40 PCW JB . -20.49 -11.10 -3.22
C41 PCW JB . -19.42 -12.11 -3.61
C42 PCW JB . -18.79 -12.70 -2.27
C43 PCW JB . -19.18 -14.11 -1.85
C44 PCW JB . -18.43 -14.40 -0.55
C45 PCW JB . -19.31 -14.66 0.64
C46 PCW JB . -19.69 -16.10 0.81
C47 PCW JB . -21.17 -16.39 0.89
C48 PCW JB . -21.41 -17.90 1.06
N PCW JB . -35.87 -10.50 -11.09
O2 PCW JB . -28.15 -8.25 -11.01
O3 PCW JB . -27.11 -6.07 -12.52
O11 PCW JB . -27.24 -6.41 -14.78
O31 PCW JB . -26.98 -9.61 -12.47
O1P PCW JB . -32.38 -6.76 -10.00
O2P PCW JB . -33.44 -5.47 -11.87
O3P PCW JB . -31.25 -6.76 -12.27
O4P PCW JB . -33.42 -7.86 -12.00
P PCW JB . -32.66 -6.66 -11.47
C1 PCW KB . -41.27 3.93 5.96
C2 PCW KB . -40.79 2.95 7.10
C3 PCW KB . -39.52 2.17 6.62
C4 PCW KB . -42.26 7.53 3.84
C5 PCW KB . -42.44 9.04 3.81
C6 PCW KB . -42.51 11.18 2.71
C7 PCW KB . -42.32 9.25 1.43
C8 PCW KB . -40.47 9.90 2.59
C11 PCW KB . -39.55 0.01 7.66
C12 PCW KB . -38.96 -0.75 8.82
C13 PCW KB . -40.13 -1.37 9.66
C14 PCW KB . -39.70 -2.20 10.88
C15 PCW KB . -39.61 -3.73 10.65
C16 PCW KB . -39.45 -4.49 12.01
C17 PCW KB . -39.81 -6.01 12.02
C18 PCW KB . -39.71 -6.65 13.41
C19 PCW KB . -40.37 -8.05 13.48
C20 PCW KB . -39.63 -9.22 13.55
C21 PCW KB . -38.17 -9.49 13.57
C22 PCW KB . -37.97 -10.77 14.43
C23 PCW KB . -36.89 -10.71 15.55
C24 PCW KB . -35.53 -11.24 15.22
C25 PCW KB . -34.48 -11.50 16.33
C26 PCW KB . -33.09 -10.94 16.09
C27 PCW KB . -32.05 -11.05 17.22
C28 PCW KB . -31.03 -9.95 17.11
C31 PCW KB . -41.28 3.67 9.31
C32 PCW KB . -40.76 4.53 10.48
C33 PCW KB . -39.23 5.01 10.37
C34 PCW KB . -38.34 4.42 11.47
C35 PCW KB . -38.37 5.47 12.65
C36 PCW KB . -38.48 4.80 14.04
C37 PCW KB . -38.52 5.80 15.26
C38 PCW KB . -37.27 5.70 16.07
C39 PCW KB . -37.28 6.65 17.25
C40 PCW KB . -36.24 7.28 17.80
C41 PCW KB . -34.81 7.15 17.30
C42 PCW KB . -34.09 6.01 18.15
C43 PCW KB . -32.63 6.21 18.53
C44 PCW KB . -32.20 4.98 19.34
C45 PCW KB . -31.33 4.00 18.59
C46 PCW KB . -30.38 3.23 19.47
C47 PCW KB . -29.06 2.85 18.84
C48 PCW KB . -28.19 2.07 19.83
N PCW KB . -41.96 9.80 2.69
O2 PCW KB . -40.40 3.74 8.32
O3 PCW KB . -39.08 1.28 7.66
O11 PCW KB . -40.33 -0.44 6.86
O31 PCW KB . -42.36 3.01 9.31
O1P PCW KB . -43.21 4.83 4.28
O2P PCW KB . -44.37 5.87 6.23
O3P PCW KB . -41.92 5.12 6.43
O4P PCW KB . -42.60 7.09 5.18
P PCW KB . -43.10 5.71 5.49
C1 PCW LB . -13.52 16.43 -30.26
C2 PCW LB . -12.26 15.49 -30.00
C3 PCW LB . -11.32 15.49 -31.25
C4 PCW LB . -17.07 15.74 -29.95
C5 PCW LB . -17.47 14.33 -29.50
C6 PCW LB . -19.64 15.19 -28.47
C7 PCW LB . -18.91 12.88 -28.09
C8 PCW LB . -18.09 14.44 -27.54
C11 PCW LB . -9.29 14.45 -31.99
C12 PCW LB . -8.21 13.53 -31.52
C13 PCW LB . -7.24 14.33 -30.57
C14 PCW LB . -6.08 13.53 -29.99
C15 PCW LB . -5.93 13.57 -28.44
C16 PCW LB . -4.42 13.49 -28.02
C17 PCW LB . -3.98 14.21 -26.72
C18 PCW LB . -2.60 14.85 -26.81
C19 PCW LB . -1.51 14.08 -26.03
C20 PCW LB . -0.16 14.22 -26.34
C21 PCW LB . 0.55 15.03 -27.35
C22 PCW LB . 2.07 14.82 -27.13
C23 PCW LB . 2.63 13.37 -27.26
C24 PCW LB . 4.11 13.23 -27.45
C25 PCW LB . 4.72 11.98 -28.17
C26 PCW LB . 5.42 12.23 -29.49
C27 PCW LB . 6.16 11.03 -30.15
C28 PCW LB . 6.74 11.47 -31.48
C31 PCW LB . -11.01 15.03 -28.03
C32 PCW LB . -10.21 15.70 -26.90
C33 PCW LB . -8.65 15.35 -26.88
C34 PCW LB . -7.93 15.86 -25.62
C35 PCW LB . -7.57 14.57 -24.79
C36 PCW LB . -6.24 14.71 -24.03
C37 PCW LB . -5.80 13.47 -23.18
C38 PCW LB . -4.82 12.62 -23.91
C39 PCW LB . -4.38 11.42 -23.14
C40 PCW LB . -3.19 11.24 -22.57
C41 PCW LB . -2.06 12.26 -22.62
C42 PCW LB . -1.26 12.21 -21.24
C43 PCW LB . 0.16 12.71 -21.21
C44 PCW LB . 0.67 12.54 -19.78
C45 PCW LB . 1.79 11.53 -19.61
C46 PCW LB . 2.86 11.95 -18.65
C47 PCW LB . 4.12 12.54 -19.27
C48 PCW LB . 5.14 12.93 -18.18
N PCW LB . -18.72 14.09 -28.85
O2 PCW LB . -11.47 16.00 -28.85
O3 PCW LB . -10.20 14.63 -31.00
O11 PCW LB . -9.35 14.95 -33.08
O31 PCW LB . -11.21 13.80 -28.16
O1P PCW LB . -15.91 18.08 -31.24
O2P PCW LB . -15.98 16.60 -33.26
O3P PCW LB . -13.98 16.46 -31.63
O4P PCW LB . -16.21 15.58 -31.10
P PCW LB . -15.56 16.75 -31.84
C1 PCW MB . -34.72 27.08 0.98
C2 PCW MB . -33.51 27.62 1.85
C3 PCW MB . -33.71 29.14 2.16
C4 PCW MB . -37.37 25.74 4.67
C5 PCW MB . -38.73 25.18 5.10
C6 PCW MB . -38.85 22.79 4.20
C7 PCW MB . -39.58 23.30 6.47
C8 PCW MB . -40.31 23.90 4.89
C11 PCW MB . -32.83 29.81 4.28
C12 PCW MB . -31.58 30.38 4.91
C13 PCW MB . -30.87 29.24 5.75
C14 PCW MB . -29.59 29.66 6.46
C15 PCW MB . -29.80 30.31 7.86
C16 PCW MB . -28.43 30.47 8.61
C17 PCW MB . -28.24 31.74 9.50
C18 PCW MB . -29.55 32.39 9.93
C19 PCW MB . -29.38 33.83 10.46
C20 PCW MB . -30.29 34.84 10.18
C21 PCW MB . -31.56 34.87 9.40
C22 PCW MB . -32.51 35.86 10.12
C23 PCW MB . -33.78 35.29 10.81
C24 PCW MB . -33.61 34.71 12.20
C25 PCW MB . -33.84 35.59 13.46
C26 PCW MB . -32.63 36.33 14.00
C27 PCW MB . -32.78 37.07 15.35
C28 PCW MB . -31.52 37.82 15.68
C31 PCW MB . -32.29 26.37 3.45
C32 PCW MB . -32.41 25.63 4.80
C33 PCW MB . -32.72 26.56 6.08
C34 PCW MB . -34.21 26.69 6.39
C35 PCW MB . -34.28 27.18 7.90
C36 PCW MB . -35.49 28.13 8.16
C37 PCW MB . -35.63 28.65 9.62
C38 PCW MB . -36.61 29.78 9.72
C39 PCW MB . -36.77 30.30 11.12
C40 PCW MB . -37.45 31.38 11.49
C41 PCW MB . -38.20 32.28 10.53
C42 PCW MB . -38.77 33.53 11.37
C43 PCW MB . -37.78 34.47 12.01
C44 PCW MB . -38.59 35.54 12.72
C45 PCW MB . -38.09 35.91 14.10
C46 PCW MB . -37.75 37.38 14.24
C47 PCW MB . -36.76 37.73 15.33
C48 PCW MB . -36.50 39.24 15.36
N PCW MB . -38.88 23.77 5.30
O2 PCW MB . -33.49 26.89 3.16
O3 PCW MB . -32.61 29.64 2.94
O11 PCW MB . -33.86 29.58 4.86
O31 PCW MB . -31.24 26.44 2.74
O1P PCW MB . -36.75 27.92 2.85
O2P PCW MB . -38.01 26.51 1.21
O3P PCW MB . -35.51 26.07 1.64
O4P PCW MB . -37.25 25.49 3.24
P PCW MB . -36.93 26.57 2.22
C1 PCW NB . -11.13 26.19 -28.96
C2 PCW NB . -9.78 26.51 -28.18
C3 PCW NB . -9.01 25.18 -27.85
C4 PCW NB . -14.27 25.62 -31.80
C5 PCW NB . -15.12 24.35 -31.80
C6 PCW NB . -16.69 22.79 -32.74
C7 PCW NB . -15.00 23.66 -34.08
C8 PCW NB . -16.73 25.05 -33.55
C11 PCW NB . -7.23 24.48 -26.40
C12 PCW NB . -6.00 25.00 -25.69
C13 PCW NB . -4.87 25.18 -26.76
C14 PCW NB . -3.55 25.70 -26.20
C15 PCW NB . -2.34 24.72 -26.31
C16 PCW NB . -1.10 25.29 -25.54
C17 PCW NB . -0.73 24.61 -24.18
C18 PCW NB . -0.34 25.62 -23.10
C19 PCW NB . -1.25 25.56 -21.85
C20 PCW NB . -0.82 25.05 -20.64
C21 PCW NB . 0.49 24.47 -20.21
C22 PCW NB . 0.39 24.28 -18.67
C23 PCW NB . -0.48 23.11 -18.15
C24 PCW NB . 0.20 21.78 -18.01
C25 PCW NB . -0.58 20.55 -17.48
C26 PCW NB . -1.11 20.65 -16.07
C27 PCW NB . -2.22 19.67 -15.65
C28 PCW NB . -1.62 18.40 -15.09
C31 PCW NB . -8.36 26.85 -30.12
C32 PCW NB . -7.47 27.92 -30.79
C33 PCW NB . -6.10 27.37 -31.39
C34 PCW NB . -4.87 27.88 -30.64
C35 PCW NB . -3.64 27.01 -31.17
C36 PCW NB . -3.30 25.85 -30.21
C37 PCW NB . -2.09 24.94 -30.65
C38 PCW NB . -1.61 24.06 -29.54
C39 PCW NB . -0.46 23.19 -29.94
C40 PCW NB . 0.70 23.05 -29.31
C41 PCW NB . 1.08 23.80 -28.05
C42 PCW NB . 2.08 22.89 -27.21
C43 PCW NB . 2.70 23.48 -25.96
C44 PCW NB . 3.60 22.40 -25.38
C45 PCW NB . 4.20 22.73 -24.03
C46 PCW NB . 5.67 23.02 -24.09
C47 PCW NB . 6.53 22.04 -24.85
C48 PCW NB . 8.00 22.44 -24.84
N PCW NB . -15.85 23.98 -32.98
O2 PCW NB . -8.88 27.39 -29.01
O3 PCW NB . -7.80 25.47 -27.13
O11 PCW NB . -7.66 23.35 -26.31
O31 PCW NB . -8.56 25.68 -30.57
O1P PCW NB . -11.62 26.33 -32.77
O2P PCW NB . -10.95 24.38 -31.36
O3P PCW NB . -11.21 26.72 -30.30
O4P PCW NB . -13.10 25.33 -30.98
P PCW NB . -11.68 25.66 -31.42
C1 PCW OB . -10.61 6.10 -35.69
C2 PCW OB . -9.03 6.09 -35.69
C3 PCW OB . -8.49 5.02 -36.70
C4 PCW OB . -12.29 7.82 -38.47
C5 PCW OB . -11.59 8.63 -39.56
C6 PCW OB . -13.62 8.42 -41.09
C7 PCW OB . -11.55 9.45 -41.91
C8 PCW OB . -11.81 7.70 -41.37
C11 PCW OB . -6.38 5.16 -37.85
C12 PCW OB . -4.90 5.21 -37.57
C13 PCW OB . -4.48 6.72 -37.49
C14 PCW OB . -2.99 6.98 -37.21
C15 PCW OB . -2.57 8.47 -37.17
C16 PCW OB . -1.49 8.72 -36.06
C17 PCW OB . -1.94 9.50 -34.78
C18 PCW OB . -2.41 8.60 -33.64
C19 PCW OB . -1.77 8.95 -32.28
C20 PCW OB . -0.69 8.24 -31.76
C21 PCW OB . 0.09 7.08 -32.25
C22 PCW OB . 0.55 6.27 -31.01
C23 PCW OB . 0.02 4.82 -30.86
C24 PCW OB . -0.06 4.26 -29.47
C25 PCW OB . 1.20 3.68 -28.76
C26 PCW OB . 1.72 4.47 -27.57
C27 PCW OB . 2.20 3.67 -26.34
C28 PCW OB . 3.72 3.63 -26.29
C31 PCW OB . -7.88 8.09 -35.20
C32 PCW OB . -7.43 9.43 -35.80
C33 PCW OB . -6.00 9.96 -35.31
C34 PCW OB . -6.09 11.20 -34.42
C35 PCW OB . -4.60 11.74 -34.31
C36 PCW OB . -4.52 13.28 -34.43
C37 PCW OB . -3.09 13.89 -34.33
C38 PCW OB . -2.18 13.34 -35.39
C39 PCW OB . -0.79 13.91 -35.33
C40 PCW OB . 0.26 13.44 -34.66
C41 PCW OB . 0.22 12.19 -33.80
C42 PCW OB . 1.50 11.30 -34.14
C43 PCW OB . 2.28 10.69 -33.00
C44 PCW OB . 3.43 9.91 -33.62
C45 PCW OB . 3.48 8.46 -33.26
C46 PCW OB . 4.12 8.20 -31.93
C47 PCW OB . 4.28 6.75 -31.53
C48 PCW OB . 4.95 6.62 -30.16
N PCW OB . -12.30 8.97 -40.76
O2 PCW OB . -8.53 7.42 -36.14
O3 PCW OB . -7.05 5.04 -36.66
O11 PCW OB . -6.89 5.25 -38.93
O31 PCW OB . -7.67 7.71 -34.01
O1P PCW OB . -13.48 6.80 -36.02
O2P PCW OB . -13.00 9.10 -35.19
O3P PCW OB . -11.18 7.29 -35.11
O4P PCW OB . -11.89 8.37 -37.19
P PCW OB . -12.47 7.91 -35.88
C1 PCW PB . -26.56 -11.82 -17.68
C2 PCW PB . -26.06 -12.71 -16.46
C3 PCW PB . -26.03 -14.22 -16.90
C4 PCW PB . -28.30 -8.67 -17.04
C5 PCW PB . -29.46 -8.03 -16.29
C6 PCW PB . -30.39 -5.83 -15.37
C7 PCW PB . -29.73 -6.02 -17.72
C8 PCW PB . -31.09 -6.92 -16.85
C11 PCW PB . -26.11 -16.28 -15.69
C12 PCW PB . -25.51 -16.98 -14.50
C13 PCW PB . -26.56 -16.92 -13.31
C14 PCW PB . -26.11 -17.60 -12.01
C15 PCW PB . -24.63 -17.36 -11.60
C16 PCW PB . -24.30 -18.12 -10.27
C17 PCW PB . -23.74 -17.27 -9.08
C18 PCW PB . -22.41 -17.78 -8.52
C19 PCW PB . -21.75 -16.80 -7.54
C20 PCW PB . -20.85 -17.20 -6.56
C21 PCW PB . -20.30 -18.53 -6.18
C22 PCW PB . -18.84 -18.29 -5.72
C23 PCW PB . -17.96 -19.54 -5.47
C24 PCW PB . -18.63 -20.70 -4.79
C25 PCW PB . -17.86 -21.58 -3.75
C26 PCW PB . -18.62 -22.01 -2.52
C27 PCW PB . -17.88 -21.98 -1.17
C28 PCW PB . -18.74 -22.59 -0.09
C31 PCW PB . -24.50 -11.09 -15.67
C32 PCW PB . -23.01 -10.93 -15.31
C33 PCW PB . -22.67 -10.84 -13.75
C34 PCW PB . -23.77 -10.20 -12.90
C35 PCW PB . -23.10 -8.92 -12.23
C36 PCW PB . -22.14 -9.29 -11.08
C37 PCW PB . -21.45 -8.08 -10.35
C38 PCW PB . -21.87 -7.95 -8.93
C39 PCW PB . -21.23 -6.79 -8.21
C40 PCW PB . -20.40 -6.85 -7.16
C41 PCW PB . -19.94 -8.15 -6.51
C42 PCW PB . -19.08 -7.80 -5.22
C43 PCW PB . -18.21 -8.87 -4.60
C44 PCW PB . -17.52 -8.24 -3.41
C45 PCW PB . -16.12 -8.77 -3.13
C46 PCW PB . -15.68 -8.52 -1.72
C47 PCW PB . -15.70 -9.73 -0.80
C48 PCW PB . -15.23 -9.33 0.60
N PCW PB . -29.69 -6.63 -16.41
O2 PCW PB . -24.67 -12.35 -16.08
O3 PCW PB . -25.59 -15.03 -15.80
O11 PCW PB . -26.92 -16.77 -16.45
O31 PCW PB . -25.38 -10.19 -15.60
O1P PCW PB . -29.80 -10.55 -18.69
O2P PCW PB . -29.96 -11.83 -16.55
O3P PCW PB . -27.90 -12.09 -18.10
O4P PCW PB . -28.31 -10.10 -16.70
P PCW PB . -29.07 -11.13 -17.51
C1 PCW QB . -28.25 36.28 -5.47
C2 PCW QB . -26.81 36.49 -4.87
C3 PCW QB . -26.74 37.90 -4.18
C4 PCW QB . -29.59 35.35 -9.21
C5 PCW QB . -30.75 34.76 -10.01
C6 PCW QB . -32.56 33.54 -8.69
C7 PCW QB . -33.08 35.58 -9.93
C8 PCW QB . -32.53 33.96 -10.61
C11 PCW QB . -25.01 39.41 -3.43
C12 PCW QB . -23.62 39.41 -2.86
C13 PCW QB . -22.70 40.26 -3.82
C14 PCW QB . -21.24 40.37 -3.38
C15 PCW QB . -21.00 40.95 -1.96
C16 PCW QB . -19.79 41.95 -1.95
C17 PCW QB . -18.55 41.54 -1.08
C18 PCW QB . -18.80 41.68 0.43
C19 PCW QB . -17.99 42.82 1.08
C20 PCW QB . -16.89 42.58 1.88
C21 PCW QB . -16.20 41.34 2.31
C22 PCW QB . -14.72 41.70 2.60
C23 PCW QB . -13.80 41.98 1.37
C24 PCW QB . -12.54 42.75 1.65
C25 PCW QB . -11.98 43.79 0.63
C26 PCW QB . -10.64 44.41 0.96
C27 PCW QB . -9.70 44.75 -0.21
C28 PCW QB . -8.69 45.80 0.23
C31 PCW QB . -25.93 34.37 -4.25
C32 PCW QB . -25.75 33.42 -3.06
C33 PCW QB . -24.50 32.43 -3.15
C34 PCW QB . -24.10 31.85 -1.80
C35 PCW QB . -22.65 31.21 -2.02
C36 PCW QB . -21.89 31.01 -0.69
C37 PCW QB . -20.46 30.39 -0.84
C38 PCW QB . -20.08 29.61 0.37
C39 PCW QB . -18.71 28.99 0.26
C40 PCW QB . -17.54 29.59 0.52
C41 PCW QB . -17.41 31.03 0.99
C42 PCW QB . -15.98 31.56 0.53
C43 PCW QB . -14.73 31.04 1.23
C44 PCW QB . -13.53 31.72 0.58
C45 PCW QB . -12.44 30.78 0.15
C46 PCW QB . -11.11 31.07 0.78
C47 PCW QB . -9.94 30.23 0.30
C48 PCW QB . -8.66 30.62 1.03
N PCW QB . -32.05 34.72 -9.41
O2 PCW QB . -26.54 35.47 -3.82
O3 PCW QB . -25.42 38.11 -3.64
O11 PCW QB . -25.66 40.39 -3.68
O31 PCW QB . -25.56 34.13 -5.44
O1P PCW QB . -27.05 35.42 -7.81
O2P PCW QB . -27.61 33.03 -7.33
O3P PCW QB . -28.55 34.91 -5.83
O4P PCW QB . -29.37 34.48 -8.08
P PCW QB . -28.07 34.45 -7.29
C1 PCW RB . -26.07 23.24 -3.78
C2 PCW RB . -25.15 23.75 -2.61
C3 PCW RB . -25.51 25.24 -2.27
C4 PCW RB . -27.97 25.96 -5.04
C5 PCW RB . -29.01 27.09 -4.98
C6 PCW RB . -29.55 28.41 -7.10
C7 PCW RB . -31.22 26.95 -6.09
C8 PCW RB . -30.48 28.47 -5.37
C11 PCW RB . -25.00 26.90 -0.60
C12 PCW RB . -24.01 27.22 0.48
C13 PCW RB . -24.77 27.93 1.67
C14 PCW RB . -23.89 28.33 2.85
C15 PCW RB . -24.44 29.49 3.72
C16 PCW RB . -25.77 29.07 4.44
C17 PCW RB . -26.02 29.64 5.88
C18 PCW RB . -24.94 29.22 6.88
C19 PCW RB . -24.74 30.25 8.01
C20 PCW RB . -24.14 29.93 9.22
C21 PCW RB . -23.57 28.66 9.75
C22 PCW RB . -22.07 28.66 9.39
C23 PCW RB . -21.36 27.28 9.25
C24 PCW RB . -19.90 27.30 8.92
C25 PCW RB . -19.06 25.99 8.86
C26 PCW RB . -17.57 26.14 8.67
C27 PCW RB . -16.76 24.93 8.14
C28 PCW RB . -15.29 25.16 8.34
C31 PCW RB . -24.58 21.87 -1.29
C32 PCW RB . -24.93 21.13 0.02
C33 PCW RB . -24.52 19.57 0.04
C34 PCW RB . -25.62 18.68 0.62
C35 PCW RB . -24.91 17.76 1.69
C36 PCW RB . -25.82 17.45 2.90
C37 PCW RB . -25.17 16.53 4.00
C38 PCW RB . -24.62 17.33 5.14
C39 PCW RB . -23.99 16.47 6.20
C40 PCW RB . -22.69 16.29 6.43
C41 PCW RB . -21.59 16.98 5.65
C42 PCW RB . -20.19 16.36 6.11
C43 PCW RB . -19.96 14.87 5.93
C44 PCW RB . -18.57 14.55 6.46
C45 PCW RB . -17.44 14.88 5.52
C46 PCW RB . -16.24 13.99 5.67
C47 PCW RB . -15.91 13.11 4.48
C48 PCW RB . -14.67 12.25 4.74
N PCW RB . -29.84 27.34 -6.11
O2 PCW RB . -25.38 22.94 -1.38
O3 PCW RB . -24.67 25.72 -1.21
O11 PCW RB . -25.95 27.57 -0.89
O31 PCW RB . -23.70 21.53 -2.13
O1P PCW RB . -28.75 23.19 -5.45
O2P PCW RB . -29.87 23.49 -3.25
O3P PCW RB . -27.38 22.84 -3.35
O4P PCW RB . -28.20 25.09 -3.89
P PCW RB . -28.62 23.63 -4.03
C1 PCW SB . -22.69 37.80 -14.95
C2 PCW SB . -22.14 36.96 -13.74
C3 PCW SB . -20.60 37.24 -13.58
C4 PCW SB . -23.42 33.75 -15.15
C5 PCW SB . -23.16 32.35 -15.72
C6 PCW SB . -24.47 30.38 -14.77
C7 PCW SB . -24.78 31.06 -17.10
C8 PCW SB . -23.24 30.40 -16.30
C11 PCW SB . -20.01 35.13 -12.60
C12 PCW SB . -19.38 34.56 -11.36
C13 PCW SB . -17.82 34.54 -11.59
C14 PCW SB . -17.00 33.99 -10.43
C15 PCW SB . -15.53 33.60 -10.80
C16 PCW SB . -14.66 34.87 -11.10
C17 PCW SB . -13.11 34.66 -11.18
C18 PCW SB . -12.37 35.00 -9.89
C19 PCW SB . -11.70 36.41 -9.92
C20 PCW SB . -11.14 36.97 -8.79
C21 PCW SB . -11.02 36.51 -7.38
C22 PCW SB . -9.53 36.68 -6.98
C23 PCW SB . -8.93 35.65 -5.98
C24 PCW SB . -7.48 35.33 -6.13
C25 PCW SB . -6.71 34.55 -5.03
C26 PCW SB . -5.19 34.62 -5.07
C27 PCW SB . -4.42 33.34 -5.47
C28 PCW SB . -3.42 33.65 -6.56
C31 PCW SB . -23.80 36.59 -12.11
C32 PCW SB . -24.42 37.15 -10.82
C33 PCW SB . -24.26 36.23 -9.52
C34 PCW SB . -24.18 37.03 -8.22
C35 PCW SB . -23.50 36.05 -7.16
C36 PCW SB . -23.01 36.81 -5.90
C37 PCW SB . -22.33 35.93 -4.81
C38 PCW SB . -22.97 36.10 -3.47
C39 PCW SB . -22.34 35.26 -2.39
C40 PCW SB . -22.20 35.57 -1.12
C41 PCW SB . -22.69 36.89 -0.51
C42 PCW SB . -21.45 37.59 0.19
C43 PCW SB . -20.55 36.77 1.11
C44 PCW SB . -19.45 37.69 1.64
C45 PCW SB . -18.43 38.11 0.61
C46 PCW SB . -17.01 37.80 1.02
C47 PCW SB . -15.93 38.37 0.12
C48 PCW SB . -14.53 37.99 0.61
N PCW SB . -24.23 31.40 -15.81
O2 PCW SB . -22.82 37.38 -12.49
O3 PCW SB . -20.07 36.48 -12.48
O11 PCW SB . -20.38 34.49 -13.55
O31 PCW SB . -24.19 35.53 -12.70
O1P PCW SB . -24.92 36.23 -15.37
O2P PCW SB . -24.37 35.98 -17.79
O3P PCW SB . -22.68 37.08 -16.20
O4P PCW SB . -23.12 34.68 -16.22
P PCW SB . -23.85 35.99 -16.41
C1 PCW TB . -35.05 19.53 2.82
C2 PCW TB . -33.57 19.12 3.17
C3 PCW TB . -32.63 20.38 3.06
C4 PCW TB . -38.81 16.66 4.03
C5 PCW TB . -39.84 15.80 3.31
C6 PCW TB . -38.73 15.26 1.08
C7 PCW TB . -40.08 13.58 2.24
C8 PCW TB . -40.65 15.20 1.54
C11 PCW TB . -30.43 19.77 2.32
C12 PCW TB . -29.07 19.47 2.84
C13 PCW TB . -28.37 20.83 3.21
C14 PCW TB . -26.95 20.71 3.76
C15 PCW TB . -26.56 21.76 4.85
C16 PCW TB . -25.09 22.26 4.63
C17 PCW TB . -23.97 21.17 4.48
C18 PCW TB . -22.56 21.75 4.36
C19 PCW TB . -22.03 22.31 5.71
C20 PCW TB . -21.06 21.66 6.45
C21 PCW TB . -20.32 20.39 6.22
C22 PCW TB . -18.83 20.66 6.58
C23 PCW TB . -17.84 20.89 5.41
C24 PCW TB . -17.11 22.20 5.39
C25 PCW TB . -15.79 22.37 4.60
C26 PCW TB . -15.09 23.71 4.72
C27 PCW TB . -15.71 24.93 3.99
C28 PCW TB . -15.37 26.21 4.71
C31 PCW TB . -33.40 17.29 4.68
C32 PCW TB . -33.35 16.93 6.17
C33 PCW TB . -32.23 15.84 6.56
C34 PCW TB . -32.13 15.57 8.06
C35 PCW TB . -32.01 17.00 8.76
C36 PCW TB . -30.72 17.13 9.63
C37 PCW TB . -30.54 18.50 10.34
C38 PCW TB . -29.12 18.97 10.33
C39 PCW TB . -28.93 20.29 11.02
C40 PCW TB . -27.87 20.71 11.70
C41 PCW TB . -26.60 19.89 11.90
C42 PCW TB . -25.52 20.34 10.82
C43 PCW TB . -24.73 19.26 10.10
C44 PCW TB . -23.78 19.97 9.13
C45 PCW TB . -22.32 19.64 9.31
C46 PCW TB . -22.05 18.19 9.64
C47 PCW TB . -20.59 17.79 9.72
C48 PCW TB . -20.46 16.30 10.05
N PCW TB . -39.42 14.85 2.33
O2 PCW TB . -33.50 18.61 4.57
O3 PCW TB . -31.28 20.01 3.37
O11 PCW TB . -30.74 19.84 1.16
O31 PCW TB . -33.36 16.46 3.72
O1P PCW TB . -37.40 19.08 4.84
O2P PCW TB . -38.08 19.90 2.58
O3P PCW TB . -35.98 18.44 2.86
O4P PCW TB . -38.21 17.54 3.03
P PCW TB . -37.46 18.80 3.37
C1 PCW UB . -11.08 21.19 -34.29
C2 PCW UB . -10.31 20.57 -33.06
C3 PCW UB . -10.69 19.06 -32.88
C4 PCW UB . -12.64 18.80 -38.05
C5 PCW UB . -12.01 17.73 -38.94
C6 PCW UB . -10.77 15.49 -39.06
C7 PCW UB . -10.81 16.77 -36.97
C8 PCW UB . -12.24 15.99 -37.86
C11 PCW UB . -10.35 18.88 -30.51
C12 PCW UB . -9.46 18.18 -29.51
C13 PCW UB . -8.16 19.04 -29.30
C14 PCW UB . -7.17 18.45 -28.30
C15 PCW UB . -5.67 18.60 -28.68
C16 PCW UB . -5.00 17.19 -28.85
C17 PCW UB . -4.23 16.93 -30.18
C18 PCW UB . -2.77 16.52 -29.96
C19 PCW UB . -2.47 15.09 -30.45
C20 PCW UB . -1.41 14.80 -31.31
C21 PCW UB . -0.39 15.66 -31.95
C22 PCW UB . 0.98 15.26 -31.33
C23 PCW UB . 1.97 16.41 -31.01
C24 PCW UB . 3.22 16.01 -30.29
C25 PCW UB . 4.20 17.10 -29.76
C26 PCW UB . 5.68 16.83 -29.97
C27 PCW UB . 6.24 16.94 -31.40
C28 PCW UB . 7.41 15.98 -31.57
C31 PCW UB . -8.30 21.83 -33.08
C32 PCW UB . -6.78 21.75 -33.34
C33 PCW UB . -5.87 22.65 -32.38
C34 PCW UB . -6.40 22.74 -30.94
C35 PCW UB . -5.13 22.59 -30.02
C36 PCW UB . -5.49 22.04 -28.62
C37 PCW UB . -4.28 21.87 -27.64
C38 PCW UB . -4.66 21.11 -26.41
C39 PCW UB . -3.51 20.94 -25.45
C40 PCW UB . -3.26 19.89 -24.68
C41 PCW UB . -4.12 18.63 -24.64
C42 PCW UB . -3.52 17.65 -23.54
C43 PCW UB . -2.06 17.22 -23.68
C44 PCW UB . -1.75 16.29 -22.52
C45 PCW UB . -0.29 16.20 -22.16
C46 PCW UB . 0.00 16.33 -20.69
C47 PCW UB . 0.56 17.64 -20.21
C48 PCW UB . 0.78 17.61 -18.69
N PCW UB . -11.08 16.77 -38.39
O2 PCW UB . -8.83 20.62 -33.28
O3 PCW UB . -9.98 18.51 -31.76
O11 PCW UB . -11.23 19.64 -30.24
O31 PCW UB . -8.94 22.87 -32.75
O1P PCW UB . -13.22 20.93 -36.17
O2P PCW UB . -11.47 22.15 -37.48
O3P PCW UB . -10.80 20.55 -35.56
O4P PCW UB . -11.60 19.76 -37.72
P PCW UB . -11.83 20.91 -36.74
C1 PCW VB . -35.99 -13.28 -3.76
C2 PCW VB . -34.99 -14.44 -3.34
C3 PCW VB . -33.51 -14.00 -3.63
C4 PCW VB . -38.45 -16.78 -3.39
C5 PCW VB . -39.11 -17.58 -4.50
C6 PCW VB . -39.12 -19.58 -5.86
C7 PCW VB . -37.19 -19.01 -4.69
C8 PCW VB . -37.70 -17.74 -6.52
C11 PCW VB . -32.52 -16.16 -4.05
C12 PCW VB . -31.53 -17.13 -3.46
C13 PCW VB . -30.52 -17.55 -4.59
C14 PCW VB . -29.43 -18.54 -4.17
C15 PCW VB . -29.74 -19.44 -2.94
C16 PCW VB . -29.55 -20.96 -3.29
C17 PCW VB . -30.45 -21.99 -2.53
C18 PCW VB . -29.74 -23.31 -2.24
C19 PCW VB . -30.72 -24.49 -2.05
C20 PCW VB . -30.29 -25.78 -1.77
C21 PCW VB . -28.94 -26.37 -1.58
C22 PCW VB . -29.13 -27.71 -0.84
C23 PCW VB . -29.57 -27.65 0.66
C24 PCW VB . -29.73 -28.96 1.36
C25 PCW VB . -28.69 -29.43 2.41
C26 PCW VB . -28.60 -30.93 2.65
C27 PCW VB . -28.46 -31.41 4.12
C28 PCW VB . -27.09 -31.09 4.65
C31 PCW VB . -35.35 -15.97 -1.57
C32 PCW VB . -35.43 -16.06 -0.02
C33 PCW VB . -35.05 -17.49 0.59
C34 PCW VB . -35.72 -17.78 1.93
C35 PCW VB . -35.56 -19.34 2.15
C36 PCW VB . -36.23 -19.82 3.46
C37 PCW VB . -36.13 -21.35 3.75
C38 PCW VB . -34.71 -21.83 3.73
C39 PCW VB . -34.57 -23.31 4.01
C40 PCW VB . -34.08 -23.87 5.11
C41 PCW VB . -33.57 -23.09 6.31
C42 PCW VB . -32.18 -23.75 6.75
C43 PCW VB . -31.25 -22.96 7.66
C44 PCW VB . -30.03 -23.82 7.91
C45 PCW VB . -28.91 -23.66 6.90
C46 PCW VB . -27.75 -24.59 7.15
C47 PCW VB . -27.09 -25.17 5.91
C48 PCW VB . -25.92 -26.09 6.29
N PCW VB . -38.32 -18.43 -5.35
O2 PCW VB . -35.10 -14.69 -1.89
O3 PCW VB . -32.62 -15.06 -3.25
O11 PCW VB . -33.14 -16.33 -5.07
O31 PCW VB . -35.48 -16.94 -2.36
O1P PCW VB . -39.69 -14.15 -3.38
O2P PCW VB . -38.37 -13.84 -5.48
O3P PCW VB . -37.30 -13.40 -3.18
O4P PCW VB . -37.78 -15.65 -4.01
P PCW VB . -38.36 -14.25 -4.05
C1 PCW WB . -36.44 -6.22 -4.19
C2 PCW WB . -35.61 -5.31 -3.21
C3 PCW WB . -36.35 -3.95 -2.98
C4 PCW WB . -39.44 -7.30 -0.81
C5 PCW WB . -40.03 -8.43 0.02
C6 PCW WB . -42.16 -7.96 -1.05
C7 PCW WB . -42.12 -9.20 0.93
C8 PCW WB . -41.41 -10.24 -0.96
C11 PCW WB . -36.11 -2.91 -0.83
C12 PCW WB . -35.18 -2.02 -0.05
C13 PCW WB . -35.21 -0.59 -0.69
C14 PCW WB . -34.32 0.46 -0.03
C15 PCW WB . -33.72 1.54 -0.97
C16 PCW WB . -33.77 2.95 -0.31
C17 PCW WB . -32.43 3.53 0.26
C18 PCW WB . -32.32 3.42 1.78
C19 PCW WB . -30.98 2.80 2.25
C20 PCW WB . -30.68 2.60 3.59
C21 PCW WB . -31.43 2.90 4.84
C22 PCW WB . -30.61 3.94 5.64
C23 PCW WB . -30.14 3.55 7.06
C24 PCW WB . -29.12 4.44 7.70
C25 PCW WB . -29.32 4.97 9.14
C26 PCW WB . -30.01 6.33 9.26
C27 PCW WB . -30.95 6.56 10.46
C28 PCW WB . -30.82 7.98 10.95
C31 PCW WB . -34.48 -6.87 -1.83
C32 PCW WB . -34.47 -7.47 -0.41
C33 PCW WB . -33.03 -7.91 0.14
C34 PCW WB . -33.09 -8.73 1.42
C35 PCW WB . -32.78 -7.72 2.59
C36 PCW WB . -32.55 -8.42 3.94
C37 PCW WB . -32.25 -7.47 5.14
C38 PCW WB . -30.99 -7.86 5.86
C39 PCW WB . -30.70 -6.94 7.02
C40 PCW WB . -29.87 -5.90 7.05
C41 PCW WB . -29.05 -5.45 5.86
C42 PCW WB . -28.22 -4.15 6.30
C43 PCW WB . -26.78 -4.31 6.75
C44 PCW WB . -26.26 -2.93 7.11
C45 PCW WB . -25.11 -2.90 8.09
C46 PCW WB . -23.76 -2.73 7.43
C47 PCW WB . -23.13 -1.36 7.58
C48 PCW WB . -21.77 -1.30 6.86
N PCW WB . -41.36 -8.93 -0.26
O2 PCW WB . -35.47 -5.97 -1.89
O3 PCW WB . -35.60 -3.12 -2.08
O11 PCW WB . -37.14 -3.37 -0.41
O31 PCW WB . -33.69 -7.19 -2.76
O1P PCW WB . -38.96 -5.61 -3.11
O2P PCW WB . -39.53 -7.68 -4.38
O3P PCW WB . -37.13 -7.30 -3.52
O4P PCW WB . -38.98 -7.89 -2.05
P PCW WB . -38.70 -7.08 -3.30
C1 PCW XB . -32.83 9.68 -2.94
C2 PCW XB . -31.34 9.54 -2.43
C3 PCW XB . -30.33 9.84 -3.59
C4 PCW XB . -34.02 12.62 -1.02
C5 PCW XB . -35.04 12.45 0.11
C6 PCW XB . -35.53 9.96 0.26
C7 PCW XB . -35.10 11.25 2.29
C8 PCW XB . -36.50 11.43 1.12
C11 PCW XB . -28.29 8.58 -3.42
C12 PCW XB . -26.90 8.68 -2.86
C13 PCW XB . -26.17 9.86 -3.62
C14 PCW XB . -24.74 10.11 -3.17
C15 PCW XB . -24.05 11.38 -3.78
C16 PCW XB . -22.57 11.51 -3.27
C17 PCW XB . -21.66 12.58 -3.96
C18 PCW XB . -21.03 12.10 -5.28
C19 PCW XB . -19.81 11.17 -5.06
C20 PCW XB . -18.55 11.44 -5.56
C21 PCW XB . -18.00 12.57 -6.36
C22 PCW XB . -16.62 12.93 -5.74
C23 PCW XB . -15.36 12.65 -6.60
C24 PCW XB . -14.49 11.51 -6.18
C25 PCW XB . -14.13 10.36 -7.17
C26 PCW XB . -13.98 8.97 -6.59
C27 PCW XB . -13.01 7.99 -7.28
C28 PCW XB . -13.74 6.74 -7.70
C31 PCW XB . -31.50 10.17 -0.14
C32 PCW XB . -31.13 11.29 0.86
C33 PCW XB . -29.87 10.98 1.79
C34 PCW XB . -30.26 10.33 3.13
C35 PCW XB . -28.89 9.92 3.81
C36 PCW XB . -28.17 11.12 4.47
C37 PCW XB . -26.80 10.81 5.18
C38 PCW XB . -26.28 9.43 4.89
C39 PCW XB . -24.97 9.15 5.57
C40 PCW XB . -24.47 7.96 5.90
C41 PCW XB . -25.16 6.63 5.65
C42 PCW XB . -24.08 5.47 5.82
C43 PCW XB . -24.03 4.72 7.14
C44 PCW XB . -22.92 3.69 7.01
C45 PCW XB . -22.74 2.80 8.22
C46 PCW XB . -21.33 2.36 8.47
C47 PCW XB . -21.10 1.52 9.70
C48 PCW XB . -19.61 1.14 9.84
N PCW XB . -35.05 11.22 0.85
O2 PCW XB . -31.06 10.53 -1.34
O3 PCW XB . -28.98 9.71 -3.12
O11 PCW XB . -28.71 7.64 -4.06
O31 PCW XB . -32.12 9.11 0.16
O1P PCW XB . -33.43 13.21 -3.81
O2P PCW XB . -35.38 11.72 -4.22
O3P PCW XB . -33.03 10.73 -3.92
O4P PCW XB . -34.35 11.66 -2.06
P PCW XB . -34.08 11.88 -3.54
C1 PCW YB . -18.12 11.83 -24.30
C2 PCW YB . -16.99 12.54 -23.46
C3 PCW YB . -15.74 11.59 -23.36
C4 PCW YB . -22.06 10.61 -24.01
C5 PCW YB . -22.04 9.81 -25.31
C6 PCW YB . -23.33 8.17 -26.77
C7 PCW YB . -24.38 10.25 -26.00
C8 PCW YB . -22.94 10.06 -27.14
C11 PCW YB . -14.41 11.69 -21.37
C12 PCW YB . -13.29 12.48 -20.73
C13 PCW YB . -12.11 11.50 -20.38
C14 PCW YB . -10.91 12.16 -19.72
C15 PCW YB . -10.88 12.15 -18.16
C16 PCW YB . -9.41 12.04 -17.62
C17 PCW YB . -8.93 13.13 -16.60
C18 PCW YB . -7.79 12.65 -15.69
C19 PCW YB . -6.40 12.88 -16.32
C20 PCW YB . -5.36 13.48 -15.62
C21 PCW YB . -5.26 14.03 -14.25
C22 PCW YB . -3.80 14.56 -14.09
C23 PCW YB . -3.53 15.56 -12.94
C24 PCW YB . -2.10 15.93 -12.68
C25 PCW YB . -1.68 16.61 -11.35
C26 PCW YB . -0.62 17.69 -11.43
C27 PCW YB . -0.41 18.58 -10.19
C28 PCW YB . 1.06 18.88 -10.03
C31 PCW YB . -17.21 14.87 -23.77
C32 PCW YB . -16.65 16.07 -24.54
C33 PCW YB . -15.24 16.61 -24.01
C34 PCW YB . -14.08 16.29 -24.95
C35 PCW YB . -13.23 15.18 -24.22
C36 PCW YB . -12.99 13.94 -25.10
C37 PCW YB . -12.15 12.80 -24.43
C38 PCW YB . -10.84 13.31 -23.91
C39 PCW YB . -10.00 12.22 -23.27
C40 PCW YB . -9.13 11.42 -23.88
C41 PCW YB . -8.84 11.46 -25.37
C42 PCW YB . -7.57 10.54 -25.64
C43 PCW YB . -7.16 10.29 -27.08
C44 PCW YB . -5.94 9.38 -27.05
C45 PCW YB . -4.64 10.07 -26.78
C46 PCW YB . -3.44 9.35 -27.33
C47 PCW YB . -2.80 8.32 -26.42
C48 PCW YB . -1.61 7.65 -27.10
N PCW YB . -23.26 9.34 -25.87
O2 PCW YB . -16.54 13.78 -24.14
O3 PCW YB . -14.71 12.23 -22.59
O11 PCW YB . -14.93 10.74 -20.89
O31 PCW YB . -18.16 14.92 -22.94
O1P PCW YB . -20.00 11.82 -22.34
O2P PCW YB . -20.98 13.97 -23.22
O3P PCW YB . -19.25 12.68 -24.59
O4P PCW YB . -21.53 11.92 -24.35
P PCW YB . -20.46 12.62 -23.53
C1 PCW ZB . -20.38 4.21 -30.63
C2 PCW ZB . -19.65 4.57 -29.28
C3 PCW ZB . -20.51 4.12 -28.04
C4 PCW ZB . -17.89 7.37 -31.61
C5 PCW ZB . -18.03 8.45 -32.68
C6 PCW ZB . -18.31 10.91 -33.25
C7 PCW ZB . -18.67 10.13 -30.96
C8 PCW ZB . -17.10 10.12 -31.93
C11 PCW ZB . -19.94 5.74 -26.36
C12 PCW ZB . -19.09 5.91 -25.13
C13 PCW ZB . -17.69 6.48 -25.59
C14 PCW ZB . -16.68 6.71 -24.48
C15 PCW ZB . -15.21 6.96 -24.94
C16 PCW ZB . -15.02 8.44 -25.46
C17 PCW ZB . -13.56 9.02 -25.45
C18 PCW ZB . -12.47 7.95 -25.43
C19 PCW ZB . -11.04 8.53 -25.46
C20 PCW ZB . -10.07 8.15 -24.56
C21 PCW ZB . -10.08 7.19 -23.43
C22 PCW ZB . -9.85 8.04 -22.14
C23 PCW ZB . -8.52 7.83 -21.36
C24 PCW ZB . -7.47 8.90 -21.50
C25 PCW ZB . -6.99 9.70 -20.26
C26 PCW ZB . -5.49 9.75 -20.03
C27 PCW ZB . -4.95 10.78 -19.00
C28 PCW ZB . -4.88 12.15 -19.63
C31 PCW ZB . -17.31 4.65 -28.96
C32 PCW ZB . -16.05 3.77 -28.91
C33 PCW ZB . -15.59 3.31 -27.45
C34 PCW ZB . -14.08 3.31 -27.26
C35 PCW ZB . -13.72 1.86 -26.73
C36 PCW ZB . -12.23 1.50 -26.97
C37 PCW ZB . -11.77 0.10 -26.47
C38 PCW ZB . -11.89 -0.04 -25.00
C39 PCW ZB . -11.44 -1.39 -24.49
C40 PCW ZB . -11.31 -1.77 -23.23
C41 PCW ZB . -11.60 -0.86 -22.03
C42 PCW ZB . -10.22 -0.25 -21.52
C43 PCW ZB . -9.33 0.49 -22.50
C44 PCW ZB . -8.11 0.97 -21.72
C45 PCW ZB . -7.11 -0.10 -21.37
C46 PCW ZB . -6.44 0.12 -20.04
C47 PCW ZB . -5.35 -0.86 -19.66
C48 PCW ZB . -4.76 -0.51 -18.28
N PCW ZB . -18.49 9.76 -32.35
O2 PCW ZB . -18.35 3.85 -29.20
O3 PCW ZB . -19.81 4.47 -26.83
O11 PCW ZB . -20.61 6.61 -26.86
O31 PCW ZB . -17.34 5.90 -28.79
O1P PCW ZB . -18.40 5.42 -33.70
O2P PCW ZB . -20.80 5.92 -33.18
O3P PCW ZB . -19.49 4.20 -31.78
O4P PCW ZB . -19.12 6.60 -31.59
P PCW ZB . -19.46 5.55 -32.65
C1 PCW AC . -19.50 -0.53 -33.24
C2 PCW AC . -18.24 -0.67 -32.29
C3 PCW AC . -18.23 0.51 -31.26
C4 PCW AC . -21.84 -1.94 -29.52
C5 PCW AC . -21.22 -0.95 -28.54
C6 PCW AC . -22.52 -1.44 -26.40
C7 PCW AC . -20.15 -0.84 -26.31
C8 PCW AC . -21.56 0.20 -26.88
C11 PCW AC . -17.35 0.28 -29.05
C12 PCW AC . -16.05 0.04 -28.31
C13 PCW AC . -16.32 -1.01 -27.17
C14 PCW AC . -15.11 -1.36 -26.31
C15 PCW AC . -15.35 -1.48 -24.79
C16 PCW AC . -14.97 -2.91 -24.28
C17 PCW AC . -14.49 -3.03 -22.79
C18 PCW AC . -15.61 -2.88 -21.77
C19 PCW AC . -16.60 -4.07 -21.80
C20 PCW AC . -16.37 -5.24 -21.09
C21 PCW AC . -15.28 -5.67 -20.20
C22 PCW AC . -15.94 -6.18 -18.89
C23 PCW AC . -16.22 -5.13 -17.78
C24 PCW AC . -16.54 -5.65 -16.41
C25 PCW AC . -16.70 -4.69 -15.20
C26 PCW AC . -17.46 -5.23 -14.00
C27 PCW AC . -18.85 -4.65 -13.70
C28 PCW AC . -19.13 -4.68 -12.22
C31 PCW AC . -17.27 -2.77 -31.72
C32 PCW AC . -17.46 -4.01 -30.84
C33 PCW AC . -16.10 -4.67 -30.32
C34 PCW AC . -15.49 -3.97 -29.09
C35 PCW AC . -14.04 -3.53 -29.53
C36 PCW AC . -13.07 -3.45 -28.33
C37 PCW AC . -11.61 -3.01 -28.67
C38 PCW AC . -10.70 -3.20 -27.51
C39 PCW AC . -9.28 -2.79 -27.81
C40 PCW AC . -8.29 -2.64 -26.94
C41 PCW AC . -8.41 -2.88 -25.44
C42 PCW AC . -6.96 -3.22 -24.87
C43 PCW AC . -6.74 -3.20 -23.37
C44 PCW AC . -5.28 -3.56 -23.13
C45 PCW AC . -4.98 -5.03 -22.99
C46 PCW AC . -5.25 -5.58 -21.62
C47 PCW AC . -5.32 -7.09 -21.49
C48 PCW AC . -5.59 -7.50 -20.05
N PCW AC . -21.26 -1.24 -27.14
O2 PCW AC . -18.30 -1.94 -31.50
O3 PCW AC . -17.09 0.36 -30.39
O11 PCW AC . -18.44 0.32 -28.54
O31 PCW AC . -16.32 -2.58 -32.54
O1P PCW AC . -22.95 -1.53 -32.18
O2P PCW AC . -21.00 -2.92 -32.89
O3P PCW AC . -20.74 -0.38 -32.53
O4P PCW AC . -20.97 -1.95 -30.69
P PCW AC . -21.47 -1.75 -32.11
C1 PCW BC . -40.90 21.35 9.00
C2 PCW BC . -39.42 20.89 9.28
C3 PCW BC . -38.54 22.12 9.68
C4 PCW BC . -41.08 17.44 6.87
C5 PCW BC . -42.13 16.31 6.81
C6 PCW BC . -40.76 14.85 8.17
C7 PCW BC . -42.85 14.11 7.45
C8 PCW BC . -42.82 15.68 9.09
C11 PCW BC . -36.18 22.47 9.44
C12 PCW BC . -34.86 21.86 9.78
C13 PCW BC . -34.13 21.53 8.42
C14 PCW BC . -32.74 20.89 8.56
C15 PCW BC . -32.11 20.39 7.23
C16 PCW BC . -30.54 20.38 7.32
C17 PCW BC . -29.77 19.62 6.20
C18 PCW BC . -29.71 18.11 6.41
C19 PCW BC . -28.46 17.45 5.80
C20 PCW BC . -27.83 16.38 6.40
C21 PCW BC . -28.12 15.61 7.64
C22 PCW BC . -26.79 15.50 8.42
C23 PCW BC . -26.05 14.14 8.39
C24 PCW BC . -25.04 13.89 9.47
C25 PCW BC . -23.57 13.48 9.13
C26 PCW BC . -23.07 12.18 9.73
C27 PCW BC . -24.10 11.10 10.09
C28 PCW BC . -24.46 10.31 8.85
C31 PCW BC . -39.09 18.68 10.07
C32 PCW BC . -39.11 17.81 11.34
C33 PCW BC . -37.68 17.36 11.88
C34 PCW BC . -36.87 16.57 10.85
C35 PCW BC . -35.52 16.17 11.57
C36 PCW BC . -35.21 14.67 11.45
C37 PCW BC . -33.88 14.21 12.14
C38 PCW BC . -32.73 14.20 11.19
C39 PCW BC . -31.44 13.75 11.84
C40 PCW BC . -30.61 14.48 12.57
C41 PCW BC . -30.84 15.95 12.91
C42 PCW BC . -30.94 16.10 14.49
C43 PCW BC . -29.66 16.00 15.31
C44 PCW BC . -30.07 16.16 16.77
C45 PCW BC . -29.62 15.05 17.68
C46 PCW BC . -30.26 15.09 19.04
C47 PCW BC . -29.35 14.86 20.23
C48 PCW BC . -30.15 14.95 21.53
N PCW BC . -42.13 15.29 7.83
O2 PCW BC . -39.40 19.93 10.42
O3 PCW BC . -37.19 21.69 9.93
O11 PCW BC . -36.34 23.51 8.83
O31 PCW BC . -38.86 18.26 8.90
O1P PCW BC . -42.10 18.88 9.17
O2P PCW BC . -43.77 19.76 7.54
O3P PCW BC . -41.45 20.86 7.76
O4P PCW BC . -41.79 18.70 6.69
P PCW BC . -42.33 19.51 7.85
C1 17F CC . -22.38 -15.40 -28.28
N1 17F CC . -21.50 -13.87 -30.07
O1 17F CC . -23.20 -17.88 -29.64
P1 17F CC . -23.73 -17.56 -28.26
C2 17F CC . -22.52 -14.85 -29.73
O2 17F CC . -25.17 -17.87 -27.98
C3 17F CC . -23.91 -14.20 -29.91
O3 17F CC . -23.53 -16.07 -27.88
C4 17F CC . -23.22 -18.19 -25.76
O4 17F CC . -24.94 -14.81 -29.68
C5 17F CC . -22.29 -19.04 -24.83
O5 17F CC . -24.05 -12.97 -30.30
C6 17F CC . -21.83 -20.32 -25.56
O6 17F CC . -22.91 -18.33 -27.14
C7 17F CC . -20.41 -22.17 -25.24
O7 17F CC . -20.98 -21.12 -24.74
C8 17F CC . -19.49 -22.77 -24.16
O8 17F CC . -20.48 -22.65 -26.34
C9 17F CC . -20.27 -23.47 -23.00
O9 17F CC . -21.18 -18.29 -24.32
C10 17F CC . -19.37 -24.09 -21.87
O10 17F CC . -22.19 -18.41 -22.25
C11 17F CC . -18.05 -23.28 -21.59
C12 17F CC . -17.17 -23.90 -20.45
C17 17F CC . -21.28 -18.07 -23.04
C18 17F CC . -20.11 -17.29 -22.50
C19 17F CC . -19.06 -18.14 -21.74
C20 17F CC . -17.81 -17.30 -21.28
C1X 17F CC . -15.91 -23.04 -20.25
C1Y 17F CC . -16.79 -18.18 -20.54
C1Z 17F CC . -16.61 -17.71 -19.09
C2X 17F CC . -14.97 -23.61 -19.08
C21 17F CC . -14.64 -22.51 -18.02
C22 17F CC . -13.55 -22.44 -17.35
C23 17F CC . -12.39 -23.35 -17.44
C24 17F CC . -11.43 -23.05 -18.59
C25 17F CC . -10.22 -23.97 -18.71
C26 17F CC . -8.92 -23.51 -17.91
C27 17F CC . -7.72 -24.43 -18.04
C28 17F CC . -6.57 -23.80 -17.17
C29 17F CC . -5.77 -22.89 -18.03
C30 17F CC . -4.64 -22.21 -17.32
C31 17F CC . -15.14 -17.62 -18.55
C32 17F CC . -15.00 -17.14 -17.08
C33 17F CC . -13.53 -16.87 -16.77
C34 17F CC . -13.06 -16.45 -15.60
C35 17F CC . -13.86 -16.13 -14.36
C36 17F CC . -13.40 -16.91 -13.09
C37 17F CC . -13.50 -16.00 -11.92
C38 17F CC . -14.89 -16.02 -11.22
C39 17F CC . -14.94 -15.06 -10.02
C40 17F CC . -16.40 -14.73 -9.69
C41 17F CC . -17.14 -16.01 -9.13
C42 17F CC . -18.63 -16.21 -9.45
C1 17F DC . -32.81 3.99 -13.25
N1 17F DC . -30.66 5.27 -12.98
O1 17F DC . -31.39 0.87 -14.90
P1 17F DC . -32.03 1.61 -13.74
C2 17F DC . -32.09 5.26 -12.72
O2 17F DC . -33.48 1.31 -13.47
C3 17F DC . -32.32 5.37 -11.20
O3 17F DC . -31.92 3.16 -13.92
C4 17F DC . -31.70 1.93 -11.15
O4 17F DC . -33.45 5.37 -10.74
C5 17F DC . -30.81 1.53 -9.93
O5 17F DC . -31.35 5.48 -10.36
C6 17F DC . -31.27 0.18 -9.33
O6 17F DC . -31.27 1.34 -12.37
C7 17F DC . -30.72 -1.16 -7.46
O7 17F DC . -30.43 -0.15 -8.24
C8 17F DC . -29.53 -1.28 -6.48
O8 17F DC . -31.64 -1.94 -7.47
C9 17F DC . -28.21 -1.46 -7.27
O9 17F DC . -29.41 1.53 -10.23
C10 17F DC . -26.89 -1.57 -6.44
O10 17F DC . -28.87 3.77 -10.20
C11 17F DC . -25.71 -0.76 -7.11
C12 17F DC . -24.37 -0.84 -6.31
C17 17F DC . -28.80 2.60 -9.79
C18 17F DC . -27.90 2.29 -8.60
C19 17F DC . -27.83 3.43 -7.54
C20 17F DC . -26.79 3.12 -6.40
C1X 17F DC . -23.29 -0.03 -7.04
C1Y 17F DC . -26.75 4.27 -5.37
C1Z 17F DC . -26.19 3.78 -4.03
C2X 17F DC . -21.89 -0.05 -6.27
C21 17F DC . -21.57 1.33 -5.61
C22 17F DC . -20.50 2.02 -5.82
C23 17F DC . -19.36 1.67 -6.68
C24 17F DC . -19.54 1.98 -8.16
C25 17F DC . -18.38 1.64 -9.07
C26 17F DC . -16.93 1.59 -8.37
C27 17F DC . -15.78 1.25 -9.28
C28 17F DC . -14.46 1.25 -8.39
C29 17F DC . -14.19 2.64 -7.95
C30 17F DC . -12.98 2.80 -7.09
C31 17F DC . -24.96 4.56 -3.45
C32 17F DC . -24.42 4.04 -2.09
C33 17F DC . -23.60 2.77 -2.31
C34 17F DC . -23.00 2.09 -1.35
C35 17F DC . -22.98 2.40 0.13
C36 17F DC . -22.00 1.52 0.97
C37 17F DC . -21.06 2.40 1.71
C38 17F DC . -19.83 1.67 2.31
C39 17F DC . -18.92 2.66 3.07
C40 17F DC . -17.54 2.74 2.39
C41 17F DC . -16.99 4.22 2.43
C42 17F DC . -16.63 4.91 1.11
C1 17F EC . -26.97 -15.94 -21.49
N1 17F EC . -26.72 -13.84 -22.83
O1 17F EC . -24.39 -16.51 -22.85
P1 17F EC . -25.40 -17.60 -22.60
C2 17F EC . -27.65 -14.79 -22.24
O2 17F EC . -25.56 -18.65 -23.66
C3 17F EC . -28.59 -14.05 -21.28
O3 17F EC . -26.83 -17.05 -22.32
C4 17F EC . -25.87 -19.48 -20.83
O4 17F EC . -29.46 -14.64 -20.66
C5 17F EC . -25.36 -20.14 -19.52
O5 17F EC . -28.52 -12.77 -21.08
C6 17F EC . -26.33 -21.27 -19.08
O6 17F EC . -25.05 -18.40 -21.28
C7 17F EC . -26.09 -23.17 -17.75
O7 17F EC . -25.88 -21.90 -17.89
C8 17F EC . -25.50 -23.62 -16.40
O8 17F EC . -26.61 -23.97 -18.49
C9 17F EC . -26.56 -23.66 -15.27
O9 17F EC . -24.01 -20.63 -19.62
C10 17F EC . -26.06 -24.11 -13.85
O10 17F EC . -23.38 -18.87 -18.27
C11 17F EC . -25.60 -22.95 -12.89
C12 17F EC . -25.11 -23.48 -11.49
C17 17F EC . -23.16 -19.88 -18.96
C18 17F EC . -21.73 -20.36 -19.12
C19 17F EC . -21.58 -21.87 -19.42
C20 17F EC . -21.09 -22.69 -18.17
C1X 17F EC . -24.68 -22.32 -10.59
C1Y 17F EC . -20.94 -24.18 -18.50
C1Z 17F EC . -20.93 -25.02 -17.22
C2X 17F EC . -24.17 -22.85 -9.15
C21 17F EC . -23.87 -21.69 -8.15
C22 17F EC . -22.69 -21.26 -7.85
C23 17F EC . -21.39 -21.75 -8.35
C24 17F EC . -20.51 -20.67 -8.95
C25 17F EC . -19.16 -21.11 -9.47
C26 17F EC . -17.91 -20.22 -8.97
C27 17F EC . -16.56 -20.64 -9.50
C28 17F EC . -15.49 -19.66 -8.90
C29 17F EC . -14.31 -19.63 -9.80
C30 17F EC . -13.20 -18.72 -9.36
C31 17F EC . -19.53 -25.51 -16.71
C32 17F EC . -19.53 -26.36 -15.42
C33 17F EC . -18.72 -27.63 -15.66
C34 17F EC . -18.51 -28.58 -14.77
C35 17F EC . -19.03 -28.64 -13.35
C36 17F EC . -18.25 -27.76 -12.32
C37 17F EC . -17.01 -28.46 -11.93
C38 17F EC . -17.08 -29.22 -10.57
C39 17F EC . -15.75 -29.92 -10.24
C40 17F EC . -15.95 -30.97 -9.14
C41 17F EC . -15.45 -32.39 -9.63
C42 17F EC . -16.30 -33.17 -10.64
C1 17F FC . -16.15 32.65 -31.02
N1 17F FC . -15.42 30.37 -31.73
O1 17F FC . -12.38 32.57 -31.76
P1 17F FC . -13.61 32.74 -30.87
C2 17F FC . -16.04 31.15 -30.69
O2 17F FC . -13.43 34.24 -30.87
C3 17F FC . -17.43 30.58 -30.34
O3 17F FC . -14.96 33.18 -31.49
C4 17F FC . -14.45 33.18 -28.43
O4 17F FC . -18.12 31.09 -29.46
C5 17F FC . -14.02 33.43 -26.95
O5 17F FC . -17.91 29.55 -30.95
C6 17F FC . -14.32 32.13 -26.14
O6 17F FC . -13.36 33.02 -29.33
C7 17F FC . -14.92 32.49 -23.91
O7 17F FC . -13.97 32.25 -24.77
C8 17F FC . -14.26 32.51 -22.51
O8 17F FC . -16.10 32.65 -24.06
C9 17F FC . -14.17 31.10 -21.87
O9 17F FC . -12.64 33.82 -26.82
C10 17F FC . -13.52 31.03 -20.44
O10 17F FC . -13.23 35.96 -26.17
C11 17F FC . -13.42 32.41 -19.70
C12 17F FC . -12.77 32.29 -18.28
C17 17F FC . -12.48 35.12 -26.69
C18 17F FC . -11.17 35.59 -27.31
C19 17F FC . -11.10 37.10 -27.62
C20 17F FC . -9.74 37.73 -27.14
C1X 17F FC . -12.70 33.67 -17.62
C1Y 17F FC . -9.70 39.25 -27.47
C1Z 17F FC . -8.44 39.90 -26.87
C2X 17F FC . -12.06 33.63 -16.14
C21 17F FC . -12.87 34.51 -15.14
C22 17F FC . -12.66 35.77 -14.93
C23 17F FC . -11.62 36.60 -15.56
C24 17F FC . -10.40 36.85 -14.69
C25 17F FC . -9.30 37.70 -15.30
C26 17F FC . -7.82 37.19 -15.03
C27 17F FC . -6.72 38.01 -15.64
C28 17F FC . -5.35 37.33 -15.24
C29 17F FC . -5.19 36.06 -15.97
C30 17F FC . -3.92 35.33 -15.67
C31 17F FC . -7.19 40.04 -27.82
C32 17F FC . -5.93 40.71 -27.20
C33 17F FC . -5.20 39.70 -26.33
C34 17F FC . -4.07 39.94 -25.65
C35 17F FC . -3.29 41.24 -25.61
C36 17F FC . -2.40 41.52 -26.85
C37 17F FC . -1.02 41.04 -26.59
C38 17F FC . 0.05 41.61 -27.54
C39 17F FC . 1.45 41.07 -27.20
C40 17F FC . 2.39 41.24 -28.40
C41 17F FC . 2.64 39.85 -29.13
C42 17F FC . 2.29 39.73 -30.61
C1 17F GC . -40.53 1.95 1.27
N1 17F GC . -42.72 0.79 0.89
O1 17F GC . -41.40 5.58 0.77
P1 17F GC . -40.41 4.48 1.07
C2 17F GC . -41.45 1.16 0.32
O2 17F GC . -39.48 4.10 -0.05
C3 17F GC . -40.72 -0.10 -0.18
O3 17F GC . -41.09 3.19 1.58
C4 17F GC . -38.43 4.01 2.73
O4 17F GC . -39.61 -0.01 -0.70
C5 17F GC . -37.58 4.58 3.90
O5 17F GC . -41.23 -1.27 -0.06
C6 17F GC . -38.29 5.80 4.54
O6 17F GC . -39.45 4.88 2.26
C7 17F GC . -38.05 6.51 6.76
O7 17F GC . -37.52 6.33 5.60
C8 17F GC . -36.96 7.08 7.68
O8 17F GC . -39.17 6.29 7.16
C9 17F GC . -36.67 8.59 7.41
O9 17F GC . -37.26 3.59 4.89
C10 17F GC . -35.54 9.22 8.28
O10 17F GC . -35.00 3.68 5.35
C11 17F GC . -34.35 9.80 7.44
C12 17F GC . -33.21 10.42 8.31
C17 17F GC . -36.01 3.20 4.80
C18 17F GC . -35.86 1.99 3.91
C19 17F GC . -34.47 1.29 3.96
C20 17F GC . -34.37 0.23 5.10
C1X 17F GC . -32.09 10.96 7.41
C1Y 17F GC . -32.97 -0.44 5.10
C1Z 17F GC . -32.36 -0.38 6.51
C2X 17F GC . -30.88 11.60 8.23
C21 17F GC . -29.53 10.88 7.90
C22 17F GC . -28.47 10.90 8.63
C23 17F GC . -28.28 11.59 9.91
C24 17F GC . -27.97 10.66 11.08
C25 17F GC . -27.75 11.34 12.43
C26 17F GC . -26.38 12.13 12.58
C27 17F GC . -26.18 12.80 13.93
C28 17F GC . -24.78 13.51 13.88
C29 17F GC . -24.94 14.84 13.27
C30 17F GC . -23.68 15.64 13.17
C31 17F GC . -32.19 -1.74 7.25
C32 17F GC . -31.57 -1.66 8.68
C33 17F GC . -30.16 -2.24 8.64
C34 17F GC . -29.34 -2.32 9.68
C35 17F GC . -29.63 -1.87 11.08
C36 17F GC . -30.02 -3.02 12.07
C37 17F GC . -28.78 -3.59 12.65
C38 17F GC . -28.94 -5.00 13.26
C39 17F GC . -27.62 -5.53 13.85
C40 17F GC . -27.85 -6.21 15.21
C41 17F GC . -26.62 -7.11 15.60
C42 17F GC . -26.17 -7.16 17.07
C1 17F HC . -36.03 -14.84 -12.11
N1 17F HC . -33.94 -14.26 -13.33
O1 17F HC . -35.64 -17.73 -12.23
P1 17F HC . -35.35 -17.00 -10.95
C2 17F HC . -35.28 -14.81 -13.45
O2 17F HC . -36.30 -17.23 -9.80
C3 17F HC . -36.08 -13.98 -14.48
O3 17F HC . -35.27 -15.45 -11.12
C4 17F HC . -33.44 -16.79 -9.17
O4 17F HC . -37.25 -14.26 -14.75
C5 17F HC . -32.01 -17.26 -8.75
O5 17F HC . -35.56 -12.98 -15.11
C6 17F HC . -31.07 -17.29 -9.99
O6 17F HC . -33.92 -17.36 -10.38
C7 17F HC . -29.50 -18.97 -9.51
O7 17F HC . -29.76 -17.71 -9.66
C8 17F HC . -28.01 -19.09 -9.11
O8 17F HC . -30.20 -19.94 -9.61
C9 17F HC . -27.79 -18.99 -7.58
O9 17F HC . -31.44 -16.47 -7.69
C10 17F HC . -26.31 -19.08 -7.08
O10 17F HC . -31.55 -14.59 -9.03
C11 17F HC . -26.02 -18.21 -5.80
C12 17F HC . -24.53 -18.30 -5.31
C17 17F HC . -31.27 -15.20 -7.98
C18 17F HC . -30.64 -14.43 -6.84
C19 17F HC . -29.13 -14.73 -6.63
C20 17F HC . -28.23 -13.44 -6.74
C1X 17F HC . -24.34 -17.42 -4.06
C1Y 17F HC . -26.75 -13.81 -6.52
C1Z 17F HC . -26.40 -13.78 -5.03
C2X 17F HC . -22.84 -17.42 -3.50
C21 17F HC . -22.42 -18.79 -2.91
C22 17F HC . -21.24 -19.03 -2.44
C23 17F HC . -20.12 -18.08 -2.39
C24 17F HC . -18.85 -18.65 -1.76
C25 17F HC . -17.66 -17.71 -1.67
C26 17F HC . -16.25 -18.32 -2.13
C27 17F HC . -15.09 -17.36 -2.04
C28 17F HC . -13.79 -18.12 -2.52
C29 17F HC . -12.65 -17.20 -2.45
C30 17F HC . -11.34 -17.79 -2.88
C31 17F HC . -24.89 -13.98 -4.66
C32 17F HC . -24.58 -13.96 -3.13
C33 17F HC . -24.05 -12.59 -2.75
C34 17F HC . -23.69 -12.22 -1.52
C35 17F HC . -23.73 -13.06 -0.27
C36 17F HC . -24.09 -12.27 1.02
C37 17F HC . -25.57 -12.14 1.11
C38 17F HC . -26.17 -12.60 2.47
C39 17F HC . -27.70 -12.43 2.49
C40 17F HC . -28.14 -11.68 3.74
C41 17F HC . -29.64 -11.18 3.60
C42 17F HC . -30.17 -10.69 2.25
N LEU A 3 31.16 35.98 -26.65
CA LEU A 3 30.52 37.18 -27.18
C LEU A 3 29.00 37.07 -27.12
N LYS A 4 28.50 35.93 -27.62
CA LYS A 4 27.07 35.69 -27.66
C LYS A 4 26.47 35.62 -26.26
N LEU A 5 27.05 34.77 -25.41
CA LEU A 5 26.56 34.60 -24.05
C LEU A 5 26.55 35.92 -23.27
N LEU A 6 27.50 36.80 -23.59
CA LEU A 6 27.60 38.08 -22.93
C LEU A 6 26.50 39.03 -23.37
N ASP A 7 26.50 39.36 -24.66
CA ASP A 7 25.52 40.29 -25.23
C ASP A 7 24.09 39.78 -25.12
N ASN A 8 23.89 38.49 -25.30
CA ASN A 8 22.56 37.90 -25.21
C ASN A 8 22.01 37.98 -23.79
N TRP A 9 22.84 37.62 -22.82
CA TRP A 9 22.43 37.65 -21.42
C TRP A 9 22.15 39.07 -20.96
N ASP A 10 22.95 40.02 -21.44
CA ASP A 10 22.77 41.41 -21.08
C ASP A 10 21.40 41.90 -21.56
N SER A 11 20.99 41.43 -22.74
CA SER A 11 19.69 41.79 -23.29
C SER A 11 18.59 41.27 -22.37
N VAL A 12 18.77 40.05 -21.87
CA VAL A 12 17.83 39.44 -20.96
C VAL A 12 17.84 40.19 -19.62
N THR A 13 19.04 40.54 -19.17
CA THR A 13 19.22 41.28 -17.92
C THR A 13 18.51 42.63 -18.00
N SER A 14 18.69 43.33 -19.13
CA SER A 14 18.06 44.63 -19.34
C SER A 14 16.54 44.48 -19.30
N THR A 15 16.06 43.32 -19.76
CA THR A 15 14.64 43.04 -19.75
C THR A 15 14.18 42.74 -18.32
N PHE A 16 15.06 42.13 -17.53
CA PHE A 16 14.77 41.81 -16.14
C PHE A 16 14.55 43.09 -15.36
N SER A 17 15.37 44.10 -15.64
CA SER A 17 15.24 45.39 -14.98
C SER A 17 13.90 46.01 -15.36
N LYS A 18 13.57 45.93 -16.64
CA LYS A 18 12.31 46.45 -17.15
C LYS A 18 11.15 45.72 -16.50
N LEU A 19 11.33 44.42 -16.31
CA LEU A 19 10.31 43.60 -15.68
C LEU A 19 10.12 44.05 -14.25
N ARG A 20 11.23 44.28 -13.54
CA ARG A 20 11.19 44.72 -12.15
C ARG A 20 10.60 46.12 -12.03
N GLU A 21 10.94 46.98 -12.99
CA GLU A 21 10.44 48.36 -13.00
C GLU A 21 8.91 48.36 -13.08
N GLN A 22 8.37 47.35 -13.75
CA GLN A 22 6.93 47.23 -13.89
C GLN A 22 6.34 46.34 -12.80
N LEU A 23 7.13 45.37 -12.33
CA LEU A 23 6.69 44.46 -11.28
C LEU A 23 6.32 45.23 -10.02
N GLY A 24 7.11 46.26 -9.72
CA GLY A 24 6.84 47.09 -8.56
C GLY A 24 5.41 47.60 -8.56
N PRO A 25 5.08 48.52 -9.48
CA PRO A 25 3.73 49.06 -9.62
C PRO A 25 2.70 47.94 -9.76
N VAL A 26 3.04 46.90 -10.53
CA VAL A 26 2.14 45.77 -10.74
C VAL A 26 1.71 45.16 -9.41
N THR A 27 2.68 44.85 -8.56
CA THR A 27 2.37 44.26 -7.26
C THR A 27 1.57 45.22 -6.38
N GLN A 28 1.84 46.52 -6.52
CA GLN A 28 1.15 47.54 -5.75
C GLN A 28 -0.29 47.72 -6.24
N GLU A 29 -0.44 47.79 -7.55
CA GLU A 29 -1.76 47.93 -8.17
C GLU A 29 -2.58 46.68 -7.91
N PHE A 30 -1.91 45.53 -8.01
CA PHE A 30 -2.56 44.25 -7.76
C PHE A 30 -2.97 44.17 -6.29
N TRP A 31 -2.07 44.61 -5.41
CA TRP A 31 -2.33 44.61 -3.97
C TRP A 31 -3.49 45.54 -3.66
N ASP A 32 -3.47 46.73 -4.26
CA ASP A 32 -4.55 47.71 -4.07
C ASP A 32 -5.89 47.07 -4.42
N ASN A 33 -5.90 46.34 -5.53
CA ASN A 33 -7.10 45.67 -5.98
C ASN A 33 -7.44 44.56 -5.00
N LEU A 34 -6.41 43.89 -4.49
CA LEU A 34 -6.59 42.82 -3.51
C LEU A 34 -7.15 43.39 -2.20
N GLU A 35 -6.77 44.62 -1.89
CA GLU A 35 -7.24 45.28 -0.69
C GLU A 35 -8.73 45.55 -0.81
N LYS A 36 -9.15 46.02 -1.98
CA LYS A 36 -10.56 46.28 -2.25
C LYS A 36 -11.29 44.95 -2.33
N GLU A 37 -10.60 43.93 -2.84
CA GLU A 37 -11.15 42.59 -2.95
C GLU A 37 -11.41 42.05 -1.55
N THR A 38 -10.41 42.16 -0.68
CA THR A 38 -10.53 41.69 0.69
C THR A 38 -11.56 42.54 1.45
N GLU A 39 -11.68 43.81 1.07
CA GLU A 39 -12.66 44.69 1.69
C GLU A 39 -14.04 44.15 1.39
N GLY A 40 -14.29 43.88 0.12
CA GLY A 40 -15.57 43.34 -0.30
C GLY A 40 -15.80 41.98 0.32
N LEU A 41 -14.79 41.12 0.24
CA LEU A 41 -14.87 39.77 0.80
C LEU A 41 -15.10 39.82 2.30
N ARG A 42 -14.42 40.73 3.00
CA ARG A 42 -14.59 40.86 4.43
C ARG A 42 -15.99 41.37 4.75
N GLN A 43 -16.46 42.31 3.94
CA GLN A 43 -17.79 42.85 4.09
C GLN A 43 -18.79 41.72 3.90
N GLU A 44 -18.50 40.86 2.93
CA GLU A 44 -19.33 39.71 2.65
C GLU A 44 -19.29 38.75 3.82
N MET A 45 -18.09 38.43 4.29
CA MET A 45 -17.89 37.52 5.42
C MET A 45 -18.60 38.02 6.67
N SER A 46 -18.74 39.34 6.79
CA SER A 46 -19.42 39.93 7.93
C SER A 46 -20.88 39.51 7.93
N LYS A 47 -21.45 39.39 6.73
CA LYS A 47 -22.83 38.98 6.57
C LYS A 47 -22.91 37.47 6.46
N ASP A 48 -22.01 36.91 5.64
CA ASP A 48 -21.93 35.47 5.40
C ASP A 48 -21.91 34.70 6.70
N LEU A 49 -20.86 34.88 7.50
CA LEU A 49 -20.73 34.18 8.76
C LEU A 49 -21.91 34.45 9.69
N GLU A 50 -22.36 35.70 9.73
CA GLU A 50 -23.49 36.07 10.57
C GLU A 50 -24.75 35.33 10.16
N GLU A 51 -25.08 35.39 8.88
CA GLU A 51 -26.27 34.73 8.37
C GLU A 51 -26.14 33.22 8.44
N VAL A 52 -24.97 32.69 8.06
CA VAL A 52 -24.74 31.26 8.10
C VAL A 52 -24.88 30.72 9.52
N LYS A 53 -24.27 31.40 10.49
CA LYS A 53 -24.35 30.96 11.88
C LYS A 53 -25.75 31.17 12.46
N ALA A 54 -26.39 32.26 12.06
CA ALA A 54 -27.73 32.57 12.53
C ALA A 54 -28.71 31.52 12.02
N LYS A 55 -28.49 31.10 10.79
CA LYS A 55 -29.35 30.09 10.16
C LYS A 55 -28.89 28.69 10.52
N VAL A 56 -27.64 28.56 10.96
CA VAL A 56 -27.09 27.27 11.34
C VAL A 56 -27.73 26.80 12.64
N GLN A 57 -28.17 27.75 13.45
CA GLN A 57 -28.82 27.42 14.71
C GLN A 57 -30.09 26.61 14.44
N PRO A 58 -31.09 27.18 13.70
CA PRO A 58 -32.31 26.45 13.36
C PRO A 58 -31.98 25.25 12.48
N TYR A 59 -30.87 25.34 11.75
CA TYR A 59 -30.43 24.23 10.91
C TYR A 59 -30.15 23.03 11.78
N LEU A 60 -29.17 23.18 12.67
CA LEU A 60 -28.79 22.11 13.58
C LEU A 60 -29.96 21.76 14.50
N ASP A 61 -30.68 22.77 14.96
CA ASP A 61 -31.82 22.57 15.83
C ASP A 61 -32.89 21.71 15.16
N ASP A 62 -33.29 22.08 13.96
CA ASP A 62 -34.31 21.33 13.23
C ASP A 62 -33.78 20.00 12.75
N PHE A 63 -32.52 19.97 12.31
CA PHE A 63 -31.90 18.74 11.86
C PHE A 63 -31.86 17.74 12.99
N GLN A 64 -31.38 18.18 14.16
CA GLN A 64 -31.31 17.32 15.33
C GLN A 64 -32.70 17.02 15.84
N LYS A 65 -33.61 17.99 15.68
CA LYS A 65 -35.00 17.82 16.09
C LYS A 65 -35.60 16.65 15.33
N LYS A 66 -35.39 16.67 14.01
CA LYS A 66 -35.87 15.61 13.15
C LYS A 66 -35.10 14.33 13.44
N TRP A 67 -33.78 14.44 13.53
CA TRP A 67 -32.92 13.29 13.81
C TRP A 67 -33.30 12.63 15.13
N GLN A 68 -33.73 13.43 16.10
CA GLN A 68 -34.15 12.89 17.39
C GLN A 68 -35.36 12.00 17.17
N GLU A 69 -36.35 12.53 16.45
CA GLU A 69 -37.56 11.77 16.15
C GLU A 69 -37.19 10.58 15.28
N GLU A 70 -36.31 10.82 14.33
CA GLU A 70 -35.85 9.78 13.40
C GLU A 70 -35.17 8.65 14.18
N MET A 71 -34.27 9.01 15.08
CA MET A 71 -33.56 8.03 15.88
C MET A 71 -34.52 7.32 16.83
N GLU A 72 -35.43 8.07 17.43
CA GLU A 72 -36.41 7.50 18.34
C GLU A 72 -37.32 6.55 17.59
N LEU A 73 -37.81 6.99 16.43
CA LEU A 73 -38.67 6.16 15.61
C LEU A 73 -37.91 4.94 15.11
N TYR A 74 -36.60 5.12 14.91
CA TYR A 74 -35.74 4.02 14.49
C TYR A 74 -35.61 3.02 15.64
N ARG A 75 -35.28 3.54 16.82
CA ARG A 75 -35.13 2.70 18.02
C ARG A 75 -36.43 1.98 18.35
N GLN A 76 -37.53 2.72 18.26
CA GLN A 76 -38.86 2.20 18.54
C GLN A 76 -39.19 1.06 17.57
N LYS A 77 -38.54 1.07 16.43
CA LYS A 77 -38.75 0.03 15.42
C LYS A 77 -37.69 -1.04 15.54
N VAL A 78 -36.45 -0.63 15.84
CA VAL A 78 -35.32 -1.54 15.98
C VAL A 78 -35.66 -2.70 16.92
N GLU A 79 -36.32 -2.40 18.03
CA GLU A 79 -36.70 -3.44 18.99
C GLU A 79 -37.58 -4.52 18.35
N PRO A 80 -38.82 -4.19 17.92
CA PRO A 80 -39.69 -5.18 17.29
C PRO A 80 -39.16 -5.69 15.95
N LEU A 81 -38.51 -4.81 15.18
CA LEU A 81 -37.96 -5.20 13.88
C LEU A 81 -36.88 -6.25 14.05
N ARG A 82 -35.98 -6.03 15.00
CA ARG A 82 -34.91 -6.97 15.26
C ARG A 82 -35.50 -8.25 15.83
N ALA A 83 -36.54 -8.09 16.65
CA ALA A 83 -37.21 -9.23 17.25
C ALA A 83 -37.81 -10.12 16.17
N GLU A 84 -38.40 -9.50 15.15
CA GLU A 84 -38.99 -10.24 14.04
C GLU A 84 -37.90 -11.04 13.32
N LEU A 85 -36.75 -10.41 13.14
CA LEU A 85 -35.64 -11.07 12.49
C LEU A 85 -35.09 -12.19 13.36
N GLN A 86 -34.93 -11.90 14.65
CA GLN A 86 -34.43 -12.88 15.61
C GLN A 86 -35.37 -14.07 15.74
N GLU A 87 -36.65 -13.79 15.93
CA GLU A 87 -37.66 -14.84 16.06
C GLU A 87 -37.85 -15.57 14.74
N GLY A 88 -37.78 -14.83 13.64
CA GLY A 88 -37.90 -15.43 12.34
C GLY A 88 -36.72 -16.33 12.07
N ALA A 89 -35.52 -15.80 12.30
CA ALA A 89 -34.30 -16.57 12.10
C ALA A 89 -34.26 -17.72 13.08
N ARG A 90 -34.84 -17.53 14.25
CA ARG A 90 -34.89 -18.56 15.28
C ARG A 90 -35.52 -19.82 14.69
N GLN A 91 -36.67 -19.64 14.06
CA GLN A 91 -37.38 -20.74 13.43
C GLN A 91 -36.63 -21.22 12.20
N LYS A 92 -36.34 -20.29 11.29
CA LYS A 92 -35.63 -20.60 10.06
C LYS A 92 -34.30 -21.33 10.29
N LEU A 93 -33.49 -20.82 11.21
CA LEU A 93 -32.21 -21.43 11.53
C LEU A 93 -32.41 -22.80 12.17
N HIS A 94 -33.43 -22.90 13.02
CA HIS A 94 -33.72 -24.18 13.68
C HIS A 94 -34.13 -25.21 12.65
N GLU A 95 -34.97 -24.81 11.71
CA GLU A 95 -35.41 -25.69 10.64
C GLU A 95 -34.21 -26.11 9.79
N LEU A 96 -33.31 -25.16 9.58
CA LEU A 96 -32.09 -25.43 8.81
C LEU A 96 -31.23 -26.43 9.59
N GLN A 97 -31.20 -26.27 10.91
CA GLN A 97 -30.45 -27.18 11.78
C GLN A 97 -31.07 -28.56 11.72
N GLU A 98 -32.40 -28.60 11.60
CA GLU A 98 -33.13 -29.85 11.50
C GLU A 98 -32.76 -30.57 10.20
N LYS A 99 -32.12 -29.83 9.31
CA LYS A 99 -31.68 -30.39 8.04
C LYS A 99 -30.17 -30.65 8.07
N LEU A 100 -29.44 -29.75 8.72
CA LEU A 100 -27.99 -29.86 8.84
C LEU A 100 -27.55 -31.22 9.39
N SER A 101 -28.25 -31.69 10.40
CA SER A 101 -27.91 -32.98 11.00
C SER A 101 -28.17 -34.16 10.04
N PRO A 102 -29.43 -34.42 9.63
CA PRO A 102 -29.74 -35.54 8.73
C PRO A 102 -29.05 -35.41 7.37
N LEU A 103 -29.17 -34.25 6.72
CA LEU A 103 -28.54 -34.04 5.42
C LEU A 103 -27.02 -34.12 5.55
N GLY A 104 -26.52 -33.71 6.71
CA GLY A 104 -25.10 -33.78 6.96
C GLY A 104 -24.66 -35.22 7.11
N GLU A 105 -25.41 -35.99 7.90
CA GLU A 105 -25.12 -37.40 8.11
C GLU A 105 -25.22 -38.15 6.79
N GLU A 106 -26.20 -37.77 5.98
CA GLU A 106 -26.39 -38.38 4.66
C GLU A 106 -25.16 -38.14 3.80
N MET A 107 -24.62 -36.93 3.89
CA MET A 107 -23.44 -36.58 3.12
C MET A 107 -22.24 -37.39 3.61
N ARG A 108 -22.17 -37.59 4.91
CA ARG A 108 -21.10 -38.37 5.53
C ARG A 108 -21.24 -39.84 5.20
N ASP A 109 -22.49 -40.31 5.20
CA ASP A 109 -22.78 -41.71 4.90
C ASP A 109 -22.53 -42.01 3.43
N ARG A 110 -23.07 -41.17 2.56
CA ARG A 110 -22.88 -41.35 1.12
C ARG A 110 -21.42 -41.11 0.75
N ALA A 111 -20.67 -40.49 1.65
CA ALA A 111 -19.25 -40.25 1.44
C ALA A 111 -18.50 -41.57 1.49
N ARG A 112 -19.13 -42.56 2.11
CA ARG A 112 -18.56 -43.90 2.21
C ARG A 112 -18.69 -44.60 0.85
N ALA A 113 -19.65 -44.14 0.06
CA ALA A 113 -19.86 -44.68 -1.28
C ALA A 113 -19.26 -43.71 -2.29
N HIS A 114 -18.86 -42.56 -1.78
CA HIS A 114 -18.26 -41.51 -2.59
C HIS A 114 -16.74 -41.59 -2.52
N VAL A 115 -16.19 -41.11 -1.40
CA VAL A 115 -14.75 -41.07 -1.19
C VAL A 115 -14.22 -42.43 -0.76
N ASP A 116 -14.91 -43.10 0.15
CA ASP A 116 -14.46 -44.41 0.63
C ASP A 116 -14.48 -45.44 -0.49
N ALA A 117 -15.52 -45.40 -1.33
CA ALA A 117 -15.61 -46.31 -2.46
C ALA A 117 -14.52 -45.97 -3.45
N LEU A 118 -14.15 -44.69 -3.48
CA LEU A 118 -13.09 -44.21 -4.36
C LEU A 118 -11.75 -44.71 -3.85
N ARG A 119 -11.67 -45.00 -2.56
CA ARG A 119 -10.44 -45.50 -1.97
C ARG A 119 -10.13 -46.88 -2.54
N THR A 120 -11.14 -47.74 -2.54
CA THR A 120 -11.01 -49.09 -3.07
C THR A 120 -10.93 -49.04 -4.60
N HIS A 121 -11.30 -47.90 -5.15
CA HIS A 121 -11.28 -47.70 -6.59
C HIS A 121 -9.93 -47.14 -7.04
N LEU A 122 -9.33 -46.31 -6.19
CA LEU A 122 -8.05 -45.71 -6.48
C LEU A 122 -6.90 -46.65 -6.16
N ALA A 123 -7.17 -47.63 -5.30
CA ALA A 123 -6.16 -48.62 -4.93
C ALA A 123 -5.63 -49.35 -6.17
N PRO A 124 -6.50 -50.04 -6.95
CA PRO A 124 -6.05 -50.73 -8.16
C PRO A 124 -5.56 -49.72 -9.20
N TYR A 125 -6.22 -48.56 -9.23
CA TYR A 125 -5.87 -47.50 -10.17
C TYR A 125 -4.41 -47.06 -9.99
N SER A 126 -4.02 -46.83 -8.73
CA SER A 126 -2.67 -46.39 -8.44
C SER A 126 -1.69 -47.55 -8.64
N ASP A 127 -2.13 -48.76 -8.33
CA ASP A 127 -1.30 -49.95 -8.52
C ASP A 127 -1.02 -50.13 -10.00
N GLU A 128 -2.07 -50.00 -10.80
CA GLU A 128 -1.94 -50.10 -12.25
C GLU A 128 -1.08 -48.95 -12.74
N LEU A 129 -1.21 -47.80 -12.08
CA LEU A 129 -0.43 -46.62 -12.41
C LEU A 129 1.05 -46.90 -12.20
N ARG A 130 1.36 -47.69 -11.18
CA ARG A 130 2.74 -48.06 -10.88
C ARG A 130 3.27 -48.92 -12.02
N GLN A 131 2.41 -49.79 -12.54
CA GLN A 131 2.77 -50.65 -13.65
C GLN A 131 2.95 -49.80 -14.89
N ARG A 132 2.10 -48.78 -15.02
CA ARG A 132 2.17 -47.84 -16.13
C ARG A 132 3.48 -47.08 -16.05
N LEU A 133 3.76 -46.55 -14.86
CA LEU A 133 4.99 -45.81 -14.63
C LEU A 133 6.18 -46.69 -14.96
N ALA A 134 6.12 -47.94 -14.50
CA ALA A 134 7.18 -48.89 -14.77
C ALA A 134 7.35 -49.08 -16.28
N ALA A 135 6.23 -49.29 -16.98
CA ALA A 135 6.25 -49.46 -18.42
C ALA A 135 6.87 -48.25 -19.10
N ARG A 136 6.39 -47.07 -18.72
CA ARG A 136 6.90 -45.82 -19.29
C ARG A 136 8.37 -45.64 -18.95
N LEU A 137 8.70 -45.79 -17.66
CA LEU A 137 10.06 -45.63 -17.19
C LEU A 137 11.02 -46.61 -17.86
N GLU A 138 10.65 -47.88 -17.91
CA GLU A 138 11.51 -48.88 -18.53
C GLU A 138 11.74 -48.58 -20.01
N ALA A 139 10.67 -48.23 -20.72
CA ALA A 139 10.77 -47.90 -22.13
C ALA A 139 11.63 -46.66 -22.32
N LEU A 140 11.35 -45.63 -21.52
CA LEU A 140 12.09 -44.38 -21.59
C LEU A 140 13.52 -44.55 -21.09
N LYS A 141 13.76 -45.60 -20.30
CA LYS A 141 15.10 -45.87 -19.80
C LYS A 141 15.97 -46.43 -20.92
N GLU A 142 15.39 -47.34 -21.70
CA GLU A 142 16.11 -47.92 -22.83
C GLU A 142 16.22 -46.89 -23.93
N ASN A 143 15.11 -46.22 -24.19
CA ASN A 143 15.06 -45.18 -25.21
C ASN A 143 16.00 -44.04 -24.82
N GLY A 144 15.96 -43.69 -23.54
CA GLY A 144 16.80 -42.63 -23.04
C GLY A 144 18.26 -43.04 -22.99
N GLY A 145 18.52 -44.28 -22.60
CA GLY A 145 19.88 -44.78 -22.55
C GLY A 145 20.54 -44.69 -23.90
N ALA A 146 19.83 -45.15 -24.91
CA ALA A 146 20.33 -45.10 -26.27
C ALA A 146 20.39 -43.65 -26.73
N ARG A 147 19.44 -42.84 -26.26
CA ARG A 147 19.39 -41.43 -26.59
C ARG A 147 20.60 -40.69 -26.05
N LEU A 148 21.06 -41.09 -24.87
CA LEU A 148 22.23 -40.49 -24.25
C LEU A 148 23.45 -40.71 -25.13
N ALA A 149 23.59 -41.94 -25.62
CA ALA A 149 24.70 -42.29 -26.50
C ALA A 149 24.51 -41.60 -27.85
N GLU A 150 23.26 -41.57 -28.31
CA GLU A 150 22.91 -40.93 -29.56
C GLU A 150 23.26 -39.44 -29.51
N TYR A 151 22.88 -38.79 -28.43
CA TYR A 151 23.17 -37.37 -28.25
C TYR A 151 24.66 -37.17 -28.10
N HIS A 152 25.31 -38.12 -27.43
CA HIS A 152 26.75 -38.07 -27.22
C HIS A 152 27.48 -38.13 -28.56
N ALA A 153 27.06 -39.06 -29.42
CA ALA A 153 27.65 -39.22 -30.73
C ALA A 153 27.45 -37.96 -31.56
N LYS A 154 26.24 -37.42 -31.52
CA LYS A 154 25.92 -36.20 -32.25
C LYS A 154 26.73 -35.04 -31.67
N ALA A 155 26.99 -35.11 -30.37
CA ALA A 155 27.78 -34.10 -29.68
C ALA A 155 29.23 -34.16 -30.14
N THR A 156 29.79 -35.37 -30.21
CA THR A 156 31.17 -35.54 -30.64
C THR A 156 31.32 -35.08 -32.09
N GLU A 157 30.31 -35.35 -32.91
CA GLU A 157 30.32 -34.94 -34.30
C GLU A 157 30.24 -33.42 -34.38
N HIS A 158 29.50 -32.83 -33.45
CA HIS A 158 29.35 -31.39 -33.38
C HIS A 158 30.65 -30.78 -32.86
N LEU A 159 31.25 -31.43 -31.88
CA LEU A 159 32.49 -30.96 -31.28
C LEU A 159 33.64 -31.04 -32.27
N SER A 160 33.74 -32.15 -32.99
CA SER A 160 34.80 -32.33 -33.98
C SER A 160 34.69 -31.27 -35.08
N THR A 161 33.47 -31.04 -35.54
CA THR A 161 33.23 -30.05 -36.58
C THR A 161 33.35 -28.65 -36.00
N LEU A 162 33.25 -28.54 -34.67
CA LEU A 162 33.40 -27.25 -34.00
C LEU A 162 34.85 -26.83 -34.05
N SER A 163 35.74 -27.81 -33.90
CA SER A 163 37.18 -27.55 -33.99
C SER A 163 37.50 -27.09 -35.41
N GLU A 164 36.74 -27.62 -36.37
CA GLU A 164 36.90 -27.26 -37.77
C GLU A 164 36.32 -25.86 -38.04
N LYS A 165 35.91 -25.20 -36.97
CA LYS A 165 35.39 -23.84 -37.05
C LYS A 165 36.23 -22.94 -36.13
N ALA A 166 36.55 -23.48 -34.95
CA ALA A 166 37.35 -22.77 -33.96
C ALA A 166 38.78 -22.58 -34.44
N LYS A 167 39.18 -23.38 -35.42
CA LYS A 167 40.50 -23.27 -35.99
C LYS A 167 40.50 -22.42 -37.26
N PRO A 168 39.86 -22.86 -38.36
CA PRO A 168 39.83 -22.09 -39.61
C PRO A 168 39.07 -20.77 -39.49
N ALA A 169 37.77 -20.87 -39.21
CA ALA A 169 36.92 -19.70 -39.10
C ALA A 169 37.41 -18.70 -38.06
N LEU A 170 37.75 -19.18 -36.86
CA LEU A 170 38.22 -18.30 -35.80
C LEU A 170 39.57 -17.68 -36.11
N GLU A 171 40.50 -18.46 -36.63
CA GLU A 171 41.82 -17.94 -36.98
C GLU A 171 41.71 -16.94 -38.11
N ASP A 172 40.89 -17.28 -39.10
CA ASP A 172 40.68 -16.39 -40.23
C ASP A 172 39.97 -15.11 -39.76
N LEU A 173 39.08 -15.27 -38.77
CA LEU A 173 38.36 -14.15 -38.19
C LEU A 173 39.36 -13.19 -37.55
N ARG A 174 40.27 -13.75 -36.75
CA ARG A 174 41.30 -12.94 -36.10
C ARG A 174 42.24 -12.37 -37.16
N GLN A 175 42.55 -13.19 -38.16
CA GLN A 175 43.43 -12.77 -39.25
C GLN A 175 42.78 -11.74 -40.14
N GLY A 176 41.47 -11.60 -39.99
CA GLY A 176 40.71 -10.62 -40.75
C GLY A 176 40.55 -9.38 -39.89
N LEU A 177 40.33 -9.61 -38.60
CA LEU A 177 40.16 -8.53 -37.63
C LEU A 177 41.45 -7.74 -37.43
N LEU A 178 42.59 -8.43 -37.42
CA LEU A 178 43.87 -7.75 -37.25
C LEU A 178 44.07 -6.60 -38.26
N PRO A 179 44.06 -6.89 -39.58
CA PRO A 179 44.22 -5.85 -40.60
C PRO A 179 43.02 -4.91 -40.63
N VAL A 180 41.84 -5.43 -40.29
CA VAL A 180 40.64 -4.60 -40.28
C VAL A 180 40.71 -3.57 -39.14
N LEU A 181 41.31 -3.97 -38.03
CA LEU A 181 41.49 -3.09 -36.89
C LEU A 181 42.43 -1.96 -37.27
N GLU A 182 43.41 -2.29 -38.10
CA GLU A 182 44.37 -1.29 -38.57
C GLU A 182 43.64 -0.24 -39.39
N SER A 183 42.82 -0.69 -40.35
CA SER A 183 42.05 0.22 -41.18
C SER A 183 41.10 1.04 -40.32
N PHE A 184 40.50 0.40 -39.32
CA PHE A 184 39.59 1.08 -38.41
C PHE A 184 40.33 2.11 -37.58
N LYS A 185 41.53 1.74 -37.14
CA LYS A 185 42.37 2.64 -36.35
C LYS A 185 42.76 3.85 -37.17
N VAL A 186 43.20 3.60 -38.40
CA VAL A 186 43.61 4.68 -39.30
C VAL A 186 42.43 5.63 -39.53
N SER A 187 41.25 5.06 -39.72
CA SER A 187 40.05 5.84 -39.93
C SER A 187 39.67 6.58 -38.66
N PHE A 188 39.88 5.93 -37.51
CA PHE A 188 39.56 6.51 -36.22
C PHE A 188 40.47 7.69 -35.94
N LEU A 189 41.77 7.51 -36.20
CA LEU A 189 42.75 8.56 -35.98
C LEU A 189 42.42 9.81 -36.78
N SER A 190 41.99 9.63 -38.02
CA SER A 190 41.65 10.73 -38.88
C SER A 190 40.29 11.33 -38.51
N ALA A 191 39.35 10.46 -38.16
CA ALA A 191 38.00 10.90 -37.78
C ALA A 191 38.04 11.72 -36.48
N LEU A 192 38.81 11.21 -35.50
CA LEU A 192 38.93 11.88 -34.22
C LEU A 192 39.63 13.22 -34.39
N GLU A 193 40.58 13.26 -35.31
CA GLU A 193 41.31 14.49 -35.60
C GLU A 193 40.35 15.53 -36.14
N GLU A 194 39.54 15.11 -37.11
CA GLU A 194 38.56 15.98 -37.73
C GLU A 194 37.52 16.49 -36.74
N TYR A 195 37.03 15.58 -35.91
CA TYR A 195 36.03 15.94 -34.92
C TYR A 195 36.51 17.08 -34.02
N THR A 196 37.68 16.88 -33.43
CA THR A 196 38.25 17.90 -32.54
C THR A 196 38.66 19.14 -33.33
N LYS A 197 39.10 18.95 -34.57
CA LYS A 197 39.53 20.05 -35.42
C LYS A 197 38.39 21.02 -35.69
N LYS A 198 37.17 20.51 -35.70
CA LYS A 198 36.00 21.34 -35.94
C LYS A 198 35.41 21.88 -34.65
N LEU A 199 35.83 21.28 -33.55
CA LEU A 199 35.36 21.70 -32.23
C LEU A 199 36.15 22.90 -31.75
N ASN A 200 37.47 22.76 -31.75
CA ASN A 200 38.36 23.82 -31.30
C ASN A 200 39.81 23.51 -31.64
N MET B 3 4.49 -12.18 6.06
CA MET B 3 5.79 -11.74 6.61
C MET B 3 5.77 -10.26 6.89
N THR B 4 6.60 -9.83 7.83
CA THR B 4 6.68 -8.43 8.22
C THR B 4 7.75 -7.69 7.40
N GLU B 5 7.84 -6.39 7.64
CA GLU B 5 8.80 -5.53 6.94
C GLU B 5 9.29 -4.44 7.88
N TYR B 6 10.58 -4.38 8.09
CA TYR B 6 11.17 -3.40 9.00
C TYR B 6 12.00 -2.38 8.22
N LYS B 7 11.70 -1.10 8.43
CA LYS B 7 12.41 -0.01 7.76
C LYS B 7 13.62 0.39 8.61
N LEU B 8 14.80 -0.02 8.17
CA LEU B 8 16.03 0.27 8.90
C LEU B 8 17.01 1.07 8.05
N VAL B 9 17.51 2.16 8.60
CA VAL B 9 18.47 3.01 7.91
C VAL B 9 19.68 3.24 8.81
N VAL B 10 20.87 3.00 8.27
CA VAL B 10 22.09 3.16 9.05
C VAL B 10 22.74 4.52 8.83
N VAL B 11 22.67 5.36 9.86
CA VAL B 11 23.27 6.68 9.82
C VAL B 11 24.58 6.68 10.60
N GLY B 12 25.44 7.64 10.32
CA GLY B 12 26.72 7.70 11.02
C GLY B 12 27.69 8.62 10.34
N ALA B 13 28.94 8.60 10.78
CA ALA B 13 29.98 9.44 10.22
C ALA B 13 30.84 8.67 9.22
N VAL B 14 31.93 9.29 8.79
CA VAL B 14 32.85 8.67 7.85
C VAL B 14 33.91 7.87 8.58
N GLY B 15 33.99 6.59 8.24
CA GLY B 15 34.98 5.72 8.85
C GLY B 15 34.42 4.86 9.97
N VAL B 16 33.14 4.99 10.24
CA VAL B 16 32.52 4.21 11.31
C VAL B 16 32.44 2.71 10.99
N GLY B 17 32.09 2.39 9.74
CA GLY B 17 32.00 1.01 9.34
C GLY B 17 30.59 0.54 9.03
N LYS B 18 29.72 1.47 8.65
CA LYS B 18 28.33 1.13 8.32
C LYS B 18 28.28 0.15 7.16
N SER B 19 29.07 0.41 6.12
CA SER B 19 29.11 -0.44 4.94
C SER B 19 29.42 -1.88 5.31
N ALA B 20 30.40 -2.07 6.18
CA ALA B 20 30.80 -3.40 6.61
C ALA B 20 29.70 -4.08 7.41
N LEU B 21 29.03 -3.31 8.27
CA LEU B 21 27.96 -3.84 9.11
C LEU B 21 26.82 -4.44 8.28
N THR B 22 26.31 -3.68 7.33
CA THR B 22 25.20 -4.15 6.49
C THR B 22 25.60 -5.35 5.64
N ILE B 23 26.76 -5.28 5.00
CA ILE B 23 27.22 -6.37 4.15
C ILE B 23 27.53 -7.63 4.96
N GLN B 24 27.90 -7.44 6.22
CA GLN B 24 28.22 -8.56 7.11
C GLN B 24 26.97 -9.39 7.45
N LEU B 25 25.81 -8.76 7.37
CA LEU B 25 24.55 -9.45 7.66
C LEU B 25 23.80 -9.79 6.38
N ILE B 26 23.85 -8.89 5.41
CA ILE B 26 23.16 -9.11 4.15
C ILE B 26 23.83 -10.20 3.31
N GLN B 27 25.14 -10.09 3.13
CA GLN B 27 25.87 -11.06 2.32
C GLN B 27 26.85 -11.88 3.16
N ASN B 28 26.91 -11.58 4.45
CA ASN B 28 27.82 -12.27 5.38
C ASN B 28 29.27 -12.17 4.88
N HIS B 29 29.63 -10.98 4.42
CA HIS B 29 30.96 -10.75 3.89
C HIS B 29 31.56 -9.46 4.46
N PHE B 30 32.74 -9.56 5.03
CA PHE B 30 33.41 -8.41 5.61
C PHE B 30 34.31 -7.74 4.57
N VAL B 31 34.02 -6.49 4.26
CA VAL B 31 34.81 -5.75 3.30
C VAL B 31 36.04 -5.15 3.96
N ASP B 32 37.21 -5.44 3.40
CA ASP B 32 38.47 -4.94 3.93
C ASP B 32 38.81 -3.62 3.27
N GLU B 33 38.15 -3.35 2.16
CA GLU B 33 38.37 -2.13 1.41
C GLU B 33 37.39 -1.04 1.85
N TYR B 34 37.77 0.20 1.59
CA TYR B 34 36.94 1.35 1.93
C TYR B 34 36.41 2.00 0.67
N ASP B 35 35.10 1.99 0.51
CA ASP B 35 34.47 2.58 -0.67
C ASP B 35 33.59 3.75 -0.27
N PRO B 36 33.67 4.87 -1.03
CA PRO B 36 32.88 6.07 -0.76
C PRO B 36 31.40 5.78 -0.82
N THR B 37 30.74 5.84 0.33
CA THR B 37 29.32 5.56 0.41
C THR B 37 28.49 6.80 0.08
N ILE B 38 27.56 6.64 -0.86
CA ILE B 38 26.68 7.72 -1.26
C ILE B 38 25.25 7.39 -0.86
N GLU B 39 24.71 6.31 -1.43
CA GLU B 39 23.36 5.86 -1.15
C GLU B 39 23.15 4.43 -1.64
N ASP B 40 23.15 3.48 -0.72
CA ASP B 40 22.95 2.07 -1.06
C ASP B 40 21.67 1.55 -0.42
N SER B 41 21.08 0.56 -1.06
CA SER B 41 19.86 -0.07 -0.55
C SER B 41 20.01 -1.59 -0.62
N TYR B 42 20.00 -2.26 0.53
CA TYR B 42 20.14 -3.70 0.57
C TYR B 42 18.90 -4.35 1.14
N ARG B 43 18.23 -5.14 0.31
CA ARG B 43 17.02 -5.82 0.72
C ARG B 43 17.21 -7.34 0.73
N LYS B 44 16.93 -7.96 1.87
CA LYS B 44 17.05 -9.41 1.99
C LYS B 44 16.04 -9.94 3.00
N GLN B 45 15.56 -11.14 2.79
CA GLN B 45 14.60 -11.76 3.67
C GLN B 45 15.28 -12.77 4.59
N VAL B 46 15.04 -12.65 5.89
CA VAL B 46 15.63 -13.55 6.87
C VAL B 46 14.61 -13.93 7.93
N VAL B 47 15.04 -14.70 8.91
CA VAL B 47 14.16 -15.14 10.00
C VAL B 47 14.66 -14.56 11.32
N ILE B 48 13.87 -13.68 11.92
CA ILE B 48 14.24 -13.05 13.17
C ILE B 48 13.21 -13.38 14.25
N ASP B 49 13.69 -13.96 15.36
CA ASP B 49 12.84 -14.32 16.49
C ASP B 49 11.75 -15.32 16.09
N GLY B 50 12.03 -16.10 15.06
CA GLY B 50 11.07 -17.09 14.58
C GLY B 50 10.08 -16.51 13.61
N GLU B 51 10.26 -15.24 13.25
CA GLU B 51 9.36 -14.57 12.32
C GLU B 51 10.09 -14.21 11.04
N THR B 52 9.51 -14.57 9.90
CA THR B 52 10.12 -14.24 8.62
C THR B 52 9.79 -12.80 8.26
N CYS B 53 10.81 -12.02 7.94
CA CYS B 53 10.61 -10.61 7.62
C CYS B 53 11.54 -10.15 6.51
N LEU B 54 11.09 -9.18 5.74
CA LEU B 54 11.89 -8.62 4.68
C LEU B 54 12.60 -7.39 5.22
N LEU B 55 13.91 -7.34 5.05
CA LEU B 55 14.69 -6.22 5.56
C LEU B 55 15.33 -5.41 4.45
N ASP B 56 14.96 -4.15 4.37
CA ASP B 56 15.52 -3.24 3.38
C ASP B 56 16.24 -2.13 4.14
N ILE B 57 17.56 -2.11 4.04
CA ILE B 57 18.36 -1.12 4.77
C ILE B 57 19.05 -0.14 3.84
N LEU B 58 18.86 1.14 4.11
CA LEU B 58 19.48 2.19 3.31
C LEU B 58 20.80 2.63 3.95
N ASP B 59 21.85 2.60 3.17
CA ASP B 59 23.17 2.99 3.63
C ASP B 59 23.60 4.27 2.92
N THR B 60 23.42 5.40 3.59
CA THR B 60 23.77 6.69 3.02
C THR B 60 25.17 7.16 3.47
N ALA B 61 25.57 8.33 2.97
CA ALA B 61 26.87 8.89 3.29
C ALA B 61 26.92 9.46 4.71
N GLY B 62 28.14 9.62 5.21
CA GLY B 62 28.33 10.16 6.54
C GLY B 62 28.57 11.66 6.51
N GLN B 63 29.44 12.10 5.61
CA GLN B 63 29.75 13.52 5.46
C GLN B 63 28.84 14.15 4.42
N GLU B 64 27.77 14.76 4.88
CA GLU B 64 26.82 15.42 4.02
C GLU B 64 26.18 16.58 4.77
N GLU B 65 26.07 17.72 4.12
CA GLU B 65 25.48 18.90 4.76
C GLU B 65 23.97 18.76 4.92
N TYR B 66 23.43 19.51 5.88
CA TYR B 66 21.99 19.49 6.15
C TYR B 66 21.18 19.80 4.90
N SER B 67 20.44 18.81 4.44
CA SER B 67 19.60 18.95 3.26
C SER B 67 18.22 18.39 3.57
N ALA B 68 17.20 18.87 2.86
CA ALA B 68 15.82 18.43 3.07
C ALA B 68 15.66 16.94 2.84
N MET B 69 16.36 16.41 1.83
CA MET B 69 16.30 14.99 1.50
C MET B 69 16.69 14.14 2.70
N ARG B 70 17.72 14.58 3.42
CA ARG B 70 18.20 13.88 4.60
C ARG B 70 17.11 13.74 5.65
N ASP B 71 16.28 14.77 5.77
CA ASP B 71 15.18 14.77 6.74
C ASP B 71 14.07 13.82 6.30
N GLN B 72 13.76 13.88 5.00
CA GLN B 72 12.70 13.05 4.43
C GLN B 72 13.00 11.56 4.54
N TYR B 73 14.21 11.17 4.15
CA TYR B 73 14.58 9.76 4.21
C TYR B 73 14.66 9.25 5.65
N MET B 74 15.14 10.08 6.56
CA MET B 74 15.24 9.68 7.96
C MET B 74 13.86 9.58 8.61
N ARG B 75 12.89 10.29 8.04
CA ARG B 75 11.53 10.26 8.56
C ARG B 75 10.78 9.04 8.04
N THR B 76 11.37 8.40 7.04
CA THR B 76 10.77 7.22 6.42
C THR B 76 11.12 5.94 7.19
N GLY B 77 12.27 5.95 7.85
CA GLY B 77 12.69 4.80 8.62
C GLY B 77 11.95 4.73 9.94
N GLU B 78 11.96 3.55 10.57
CA GLU B 78 11.28 3.37 11.84
C GLU B 78 12.23 3.54 13.02
N GLY B 79 13.05 2.53 13.27
CA GLY B 79 14.00 2.60 14.36
C GLY B 79 15.36 3.01 13.86
N PHE B 80 16.17 3.60 14.72
CA PHE B 80 17.50 4.05 14.32
C PHE B 80 18.59 3.59 15.28
N LEU B 81 19.78 3.38 14.74
CA LEU B 81 20.92 2.94 15.51
C LEU B 81 21.94 4.06 15.62
N CYS B 82 22.37 4.36 16.83
CA CYS B 82 23.36 5.38 17.06
C CYS B 82 24.73 4.72 17.21
N VAL B 83 25.41 4.55 16.09
CA VAL B 83 26.71 3.90 16.06
C VAL B 83 27.84 4.91 16.23
N PHE B 84 28.68 4.66 17.22
CA PHE B 84 29.83 5.51 17.47
C PHE B 84 31.06 4.63 17.61
N ALA B 85 32.23 5.23 17.46
CA ALA B 85 33.47 4.48 17.58
C ALA B 85 34.03 4.60 18.98
N ILE B 86 34.30 3.48 19.62
CA ILE B 86 34.84 3.49 20.98
C ILE B 86 36.29 3.99 20.98
N ASN B 87 36.84 4.12 19.77
CA ASN B 87 38.19 4.61 19.58
C ASN B 87 38.17 6.03 19.04
N ASN B 88 36.99 6.63 19.03
CA ASN B 88 36.83 8.00 18.54
C ASN B 88 35.84 8.75 19.41
N THR B 89 36.36 9.58 20.30
CA THR B 89 35.52 10.36 21.21
C THR B 89 34.63 11.34 20.44
N LYS B 90 35.08 11.77 19.26
CA LYS B 90 34.30 12.70 18.44
C LYS B 90 32.94 12.11 18.12
N SER B 91 32.90 10.83 17.77
CA SER B 91 31.64 10.16 17.45
C SER B 91 30.79 9.94 18.69
N PHE B 92 31.45 9.84 19.85
CA PHE B 92 30.76 9.65 21.11
C PHE B 92 29.97 10.90 21.46
N GLU B 93 30.53 12.05 21.11
CA GLU B 93 29.87 13.32 21.37
C GLU B 93 28.83 13.59 20.29
N ASP B 94 29.10 13.10 19.08
CA ASP B 94 28.20 13.27 17.93
C ASP B 94 26.85 12.61 18.19
N ILE B 95 26.83 11.70 19.15
CA ILE B 95 25.60 10.98 19.52
C ILE B 95 24.45 11.93 19.84
N HIS B 96 24.76 13.01 20.58
CA HIS B 96 23.73 13.98 20.95
C HIS B 96 23.11 14.64 19.71
N HIS B 97 23.97 14.96 18.74
CA HIS B 97 23.53 15.57 17.50
C HIS B 97 22.66 14.59 16.69
N TYR B 98 22.95 13.30 16.83
CA TYR B 98 22.21 12.27 16.12
C TYR B 98 20.79 12.16 16.66
N ARG B 99 20.67 11.95 17.96
CA ARG B 99 19.36 11.81 18.60
C ARG B 99 18.47 13.02 18.40
N GLU B 100 19.02 14.21 18.64
CA GLU B 100 18.25 15.45 18.47
C GLU B 100 17.72 15.57 17.04
N GLN B 101 18.52 15.11 16.09
CA GLN B 101 18.14 15.14 14.69
C GLN B 101 16.95 14.21 14.44
N ILE B 102 17.08 12.97 14.89
CA ILE B 102 16.02 11.97 14.71
C ILE B 102 14.74 12.42 15.42
N LYS B 103 14.91 12.98 16.61
CA LYS B 103 13.76 13.45 17.40
C LYS B 103 13.01 14.55 16.66
N ARG B 104 13.74 15.38 15.94
CA ARG B 104 13.13 16.47 15.20
C ARG B 104 12.53 16.02 13.87
N VAL B 105 13.25 15.16 13.15
CA VAL B 105 12.78 14.66 11.86
C VAL B 105 11.46 13.90 11.99
N LYS B 106 11.34 13.12 13.06
CA LYS B 106 10.12 12.35 13.31
C LYS B 106 9.13 13.17 14.12
N ASP B 107 9.62 14.28 14.67
CA ASP B 107 8.81 15.20 15.47
C ASP B 107 8.23 14.49 16.69
N SER B 108 9.05 13.64 17.30
CA SER B 108 8.63 12.89 18.48
C SER B 108 9.84 12.53 19.34
N GLU B 109 9.61 12.22 20.60
CA GLU B 109 10.68 11.87 21.52
C GLU B 109 10.52 10.43 22.00
N ASP B 110 9.69 9.69 21.30
CA ASP B 110 9.43 8.29 21.65
C ASP B 110 9.91 7.34 20.55
N VAL B 111 10.78 7.82 19.69
CA VAL B 111 11.31 7.02 18.59
C VAL B 111 12.36 6.04 19.11
N PRO B 112 12.17 4.73 18.86
CA PRO B 112 13.10 3.67 19.29
C PRO B 112 14.50 3.82 18.68
N MET B 113 15.50 3.85 19.55
CA MET B 113 16.89 3.99 19.11
C MET B 113 17.79 3.07 19.95
N VAL B 114 18.90 2.65 19.38
CA VAL B 114 19.83 1.79 20.08
C VAL B 114 21.25 2.34 19.96
N LEU B 115 21.96 2.40 21.08
CA LEU B 115 23.33 2.90 21.08
C LEU B 115 24.28 1.75 20.81
N VAL B 116 25.16 1.92 19.84
CA VAL B 116 26.10 0.86 19.48
C VAL B 116 27.53 1.39 19.32
N GLY B 117 28.45 0.73 20.00
CA GLY B 117 29.85 1.10 19.91
C GLY B 117 30.59 0.12 19.03
N ASN B 118 31.09 0.59 17.90
CA ASN B 118 31.79 -0.27 16.96
C ASN B 118 33.30 -0.24 17.12
N LYS B 119 33.95 -1.26 16.58
CA LYS B 119 35.41 -1.40 16.60
C LYS B 119 35.94 -1.64 18.01
N CYS B 120 35.28 -2.52 18.76
CA CYS B 120 35.71 -2.83 20.12
C CYS B 120 36.99 -3.65 20.12
N ASP B 121 37.36 -4.14 18.94
CA ASP B 121 38.56 -4.94 18.77
C ASP B 121 39.79 -4.04 18.68
N LEU B 122 39.57 -2.75 18.46
CA LEU B 122 40.66 -1.80 18.36
C LEU B 122 41.17 -1.44 19.75
N PRO B 123 42.48 -1.65 19.99
CA PRO B 123 43.11 -1.39 21.28
C PRO B 123 43.17 0.10 21.63
N SER B 124 43.02 0.96 20.64
CA SER B 124 43.05 2.39 20.84
C SER B 124 41.70 2.92 21.34
N ARG B 125 41.15 2.25 22.35
CA ARG B 125 39.87 2.64 22.92
C ARG B 125 40.00 3.89 23.76
N THR B 126 39.25 4.92 23.41
CA THR B 126 39.27 6.16 24.15
C THR B 126 37.97 6.33 24.94
N VAL B 127 36.91 5.69 24.46
CA VAL B 127 35.61 5.75 25.11
C VAL B 127 35.40 4.50 25.97
N ASP B 128 35.15 4.71 27.25
CA ASP B 128 34.94 3.61 28.18
C ASP B 128 33.50 3.11 28.12
N THR B 129 33.34 1.81 28.35
CA THR B 129 32.03 1.16 28.34
C THR B 129 31.10 1.83 29.35
N LYS B 130 31.63 2.12 30.53
CA LYS B 130 30.86 2.76 31.59
C LYS B 130 30.28 4.10 31.14
N GLN B 131 31.07 4.84 30.37
CA GLN B 131 30.65 6.15 29.87
C GLN B 131 29.52 5.99 28.86
N ALA B 132 29.68 5.02 27.96
CA ALA B 132 28.68 4.76 26.93
C ALA B 132 27.37 4.26 27.53
N GLN B 133 27.48 3.30 28.44
CA GLN B 133 26.31 2.73 29.09
C GLN B 133 25.55 3.76 29.90
N ASP B 134 26.28 4.63 30.59
CA ASP B 134 25.65 5.68 31.39
C ASP B 134 24.87 6.62 30.50
N LEU B 135 25.46 6.96 29.36
CA LEU B 135 24.81 7.85 28.39
C LEU B 135 23.53 7.21 27.87
N ALA B 136 23.58 5.90 27.63
CA ALA B 136 22.42 5.16 27.13
C ALA B 136 21.32 5.11 28.19
N ARG B 137 21.70 4.75 29.42
CA ARG B 137 20.75 4.67 30.53
C ARG B 137 20.06 6.01 30.78
N SER B 138 20.81 7.08 30.72
CA SER B 138 20.28 8.41 30.96
C SER B 138 19.37 8.88 29.82
N TYR B 139 19.52 8.28 28.64
CA TYR B 139 18.72 8.66 27.49
C TYR B 139 17.48 7.78 27.36
N GLY B 140 17.55 6.57 27.90
CA GLY B 140 16.42 5.66 27.85
C GLY B 140 16.53 4.66 26.71
N ILE B 141 17.75 4.39 26.27
CA ILE B 141 17.98 3.45 25.19
C ILE B 141 19.00 2.40 25.59
N PRO B 142 18.98 1.23 24.94
CA PRO B 142 19.92 0.15 25.24
C PRO B 142 21.27 0.37 24.53
N PHE B 143 22.31 -0.21 25.09
CA PHE B 143 23.65 -0.09 24.52
C PHE B 143 24.21 -1.46 24.18
N ILE B 144 24.74 -1.58 22.97
CA ILE B 144 25.31 -2.83 22.50
C ILE B 144 26.72 -2.59 21.95
N GLU B 145 27.65 -3.46 22.30
CA GLU B 145 29.01 -3.36 21.79
C GLU B 145 29.07 -4.11 20.47
N THR B 146 29.77 -3.56 19.49
CA THR B 146 29.82 -4.19 18.19
C THR B 146 31.20 -4.13 17.54
N SER B 147 31.42 -5.06 16.62
CA SER B 147 32.65 -5.14 15.86
C SER B 147 32.36 -5.86 14.55
N ALA B 148 32.38 -5.12 13.46
CA ALA B 148 32.12 -5.68 12.14
C ALA B 148 33.21 -6.67 11.73
N LYS B 149 34.38 -6.52 12.33
CA LYS B 149 35.51 -7.39 12.04
C LYS B 149 35.31 -8.79 12.60
N THR B 150 34.80 -8.87 13.82
CA THR B 150 34.56 -10.15 14.46
C THR B 150 33.10 -10.58 14.35
N ARG B 151 32.29 -9.67 13.80
CA ARG B 151 30.85 -9.91 13.61
C ARG B 151 30.15 -10.04 14.97
N GLN B 152 30.79 -9.52 16.01
CA GLN B 152 30.24 -9.59 17.36
C GLN B 152 29.29 -8.44 17.65
N GLY B 153 28.13 -8.78 18.21
CA GLY B 153 27.16 -7.77 18.60
C GLY B 153 26.27 -7.31 17.46
N VAL B 154 26.77 -7.41 16.23
CA VAL B 154 26.02 -6.98 15.04
C VAL B 154 24.63 -7.61 14.97
N ASP B 155 24.57 -8.92 15.16
CA ASP B 155 23.31 -9.66 15.12
C ASP B 155 22.37 -9.23 16.24
N ASP B 156 22.89 -9.23 17.45
CA ASP B 156 22.09 -8.86 18.63
C ASP B 156 21.59 -7.42 18.55
N ALA B 157 22.45 -6.51 18.08
CA ALA B 157 22.08 -5.10 17.95
C ALA B 157 20.85 -4.92 17.07
N PHE B 158 20.85 -5.58 15.93
CA PHE B 158 19.72 -5.50 15.02
C PHE B 158 18.45 -6.06 15.66
N TYR B 159 18.58 -7.21 16.32
CA TYR B 159 17.45 -7.84 16.98
C TYR B 159 16.91 -6.95 18.09
N THR B 160 17.82 -6.28 18.79
CA THR B 160 17.43 -5.39 19.88
C THR B 160 16.55 -4.27 19.36
N LEU B 161 16.95 -3.67 18.24
CA LEU B 161 16.19 -2.59 17.63
C LEU B 161 14.77 -3.04 17.30
N VAL B 162 14.67 -4.20 16.66
CA VAL B 162 13.37 -4.76 16.29
C VAL B 162 12.49 -4.93 17.52
N ARG B 163 13.09 -5.45 18.59
CA ARG B 163 12.38 -5.68 19.83
C ARG B 163 11.94 -4.38 20.50
N GLU B 164 12.83 -3.38 20.47
CA GLU B 164 12.51 -2.08 21.06
C GLU B 164 11.30 -1.48 20.35
N ILE B 165 11.31 -1.54 19.02
CA ILE B 165 10.20 -1.02 18.22
C ILE B 165 8.93 -1.82 18.49
N ARG B 166 9.09 -3.14 18.67
CA ARG B 166 7.96 -4.01 18.95
C ARG B 166 7.23 -3.57 20.21
N LYS B 167 7.99 -3.37 21.28
CA LYS B 167 7.42 -2.94 22.55
C LYS B 167 6.83 -1.54 22.42
N HIS B 168 7.45 -0.71 21.58
CA HIS B 168 6.97 0.63 21.34
C HIS B 168 5.59 0.58 20.67
N LYS B 169 5.43 -0.37 19.75
CA LYS B 169 4.16 -0.55 19.06
C LYS B 169 3.10 -0.96 20.07
N GLU B 170 3.48 -1.87 20.96
CA GLU B 170 2.59 -2.38 22.00
C GLU B 170 2.16 -1.24 22.92
N LYS B 171 3.12 -0.40 23.31
CA LYS B 171 2.83 0.73 24.19
C LYS B 171 1.83 1.67 23.55
N MET B 172 1.97 1.90 22.25
CA MET B 172 1.06 2.78 21.52
C MET B 172 -0.34 2.19 21.42
N SER B 173 -0.46 0.89 21.68
CA SER B 173 -1.76 0.23 21.64
C SER B 173 -2.48 0.45 22.97
N LYS B 174 -1.67 0.58 24.02
CA LYS B 174 -2.20 0.81 25.36
C LYS B 174 -2.39 2.30 25.59
N ASP B 175 -1.33 3.07 25.36
CA ASP B 175 -1.36 4.51 25.55
C ASP B 175 -1.56 5.19 24.20
N GLY B 176 -2.81 5.24 23.75
CA GLY B 176 -3.10 5.85 22.48
C GLY B 176 -3.65 7.25 22.61
N LYS B 177 -2.83 8.25 22.30
CA LYS B 177 -3.26 9.64 22.37
C LYS B 177 -4.04 10.03 21.11
N LYS B 178 -5.21 9.46 20.97
CA LYS B 178 -6.08 9.73 19.83
C LYS B 178 -7.06 10.84 20.18
N LYS B 179 -7.35 11.68 19.20
CA LYS B 179 -8.27 12.79 19.39
C LYS B 179 -9.71 12.35 19.19
N LYS B 180 -10.45 12.30 20.29
CA LYS B 180 -11.85 11.89 20.28
C LYS B 180 -12.61 12.64 21.37
N LYS B 181 -13.86 12.24 21.57
CA LYS B 181 -14.69 12.86 22.61
C LYS B 181 -14.70 11.98 23.84
N LYS B 182 -14.28 12.54 24.98
CA LYS B 182 -14.24 11.79 26.22
C LYS B 182 -15.62 11.29 26.63
N SER B 183 -15.79 9.98 26.57
CA SER B 183 -17.06 9.36 26.91
C SER B 183 -16.84 8.22 27.91
N LYS B 184 -17.93 7.63 28.39
CA LYS B 184 -17.85 6.53 29.33
C LYS B 184 -18.05 5.21 28.59
N THR B 185 -16.96 4.55 28.27
CA THR B 185 -17.02 3.28 27.56
C THR B 185 -17.27 2.13 28.54
N LYS B 186 -16.37 2.00 29.50
CA LYS B 186 -16.48 0.94 30.50
C LYS B 186 -16.65 1.56 31.88
N CYS B 187 -17.56 0.99 32.67
CA CYS B 187 -17.86 1.47 34.01
C CYS B 187 -18.53 2.85 33.96
N LEU C 3 35.11 -6.38 -49.90
CA LEU C 3 36.37 -6.92 -50.35
C LEU C 3 36.87 -7.93 -49.34
N LYS C 4 36.93 -7.53 -48.08
CA LYS C 4 37.36 -8.41 -47.01
C LYS C 4 36.24 -9.39 -46.67
N LEU C 5 35.02 -8.99 -47.03
CA LEU C 5 33.84 -9.82 -46.78
C LEU C 5 33.88 -11.07 -47.64
N LEU C 6 34.63 -11.02 -48.73
CA LEU C 6 34.75 -12.16 -49.62
C LEU C 6 35.48 -13.29 -48.93
N ASP C 7 36.50 -12.93 -48.16
CA ASP C 7 37.28 -13.90 -47.41
C ASP C 7 36.39 -14.53 -46.34
N ASN C 8 35.60 -13.67 -45.70
CA ASN C 8 34.68 -14.10 -44.66
C ASN C 8 33.61 -15.01 -45.24
N TRP C 9 33.12 -14.64 -46.43
CA TRP C 9 32.10 -15.42 -47.13
C TRP C 9 32.58 -16.85 -47.35
N ASP C 10 33.87 -17.00 -47.63
CA ASP C 10 34.45 -18.32 -47.85
C ASP C 10 34.42 -19.13 -46.56
N SER C 11 34.67 -18.44 -45.44
CA SER C 11 34.65 -19.08 -44.14
C SER C 11 33.22 -19.45 -43.76
N VAL C 12 32.27 -18.63 -44.21
CA VAL C 12 30.86 -18.88 -43.95
C VAL C 12 30.36 -20.05 -44.79
N THR C 13 30.82 -20.13 -46.03
CA THR C 13 30.42 -21.20 -46.91
C THR C 13 30.99 -22.54 -46.46
N SER C 14 32.25 -22.54 -46.03
CA SER C 14 32.90 -23.76 -45.56
C SER C 14 32.21 -24.27 -44.30
N THR C 15 31.91 -23.36 -43.38
CA THR C 15 31.25 -23.74 -42.15
C THR C 15 29.83 -24.22 -42.44
N PHE C 16 29.17 -23.57 -43.41
CA PHE C 16 27.83 -23.95 -43.80
C PHE C 16 27.84 -25.37 -44.38
N SER C 17 28.86 -25.65 -45.17
CA SER C 17 29.01 -26.97 -45.76
C SER C 17 29.23 -27.99 -44.65
N LYS C 18 30.03 -27.59 -43.66
CA LYS C 18 30.31 -28.45 -42.51
C LYS C 18 29.06 -28.63 -41.66
N LEU C 19 28.18 -27.63 -41.69
CA LEU C 19 26.93 -27.71 -40.96
C LEU C 19 26.06 -28.78 -41.60
N ARG C 20 26.11 -28.82 -42.93
CA ARG C 20 25.37 -29.80 -43.70
C ARG C 20 26.00 -31.18 -43.53
N GLU C 21 27.31 -31.19 -43.26
CA GLU C 21 28.03 -32.43 -43.03
C GLU C 21 27.49 -33.09 -41.76
N GLN C 22 27.15 -32.25 -40.79
CA GLN C 22 26.59 -32.72 -39.54
C GLN C 22 25.14 -33.13 -39.76
N LEU C 23 24.41 -32.28 -40.49
CA LEU C 23 23.00 -32.51 -40.78
C LEU C 23 22.75 -33.91 -41.35
N GLY C 24 23.66 -34.38 -42.20
CA GLY C 24 23.51 -35.70 -42.79
C GLY C 24 23.33 -36.80 -41.75
N PRO C 25 24.42 -37.20 -41.07
CA PRO C 25 24.38 -38.24 -40.04
C PRO C 25 23.48 -37.86 -38.85
N VAL C 26 23.50 -36.59 -38.45
CA VAL C 26 22.68 -36.13 -37.33
C VAL C 26 21.20 -36.37 -37.59
N THR C 27 20.71 -35.96 -38.76
CA THR C 27 19.32 -36.17 -39.11
C THR C 27 19.03 -37.64 -39.35
N GLN C 28 20.01 -38.35 -39.90
CA GLN C 28 19.88 -39.78 -40.16
C GLN C 28 19.66 -40.51 -38.84
N GLU C 29 20.48 -40.17 -37.86
CA GLU C 29 20.37 -40.76 -36.54
C GLU C 29 19.10 -40.26 -35.87
N PHE C 30 18.75 -39.01 -36.14
CA PHE C 30 17.55 -38.40 -35.60
C PHE C 30 16.33 -39.19 -36.06
N TRP C 31 16.38 -39.70 -37.29
CA TRP C 31 15.28 -40.49 -37.81
C TRP C 31 15.12 -41.77 -37.00
N ASP C 32 16.25 -42.34 -36.59
CA ASP C 32 16.23 -43.55 -35.78
C ASP C 32 15.86 -43.20 -34.35
N ASN C 33 16.30 -42.04 -33.90
CA ASN C 33 15.97 -41.57 -32.57
C ASN C 33 14.47 -41.37 -32.49
N LEU C 34 13.92 -40.80 -33.55
CA LEU C 34 12.49 -40.58 -33.64
C LEU C 34 11.80 -41.94 -33.76
N GLU C 35 12.50 -42.89 -34.40
CA GLU C 35 11.98 -44.23 -34.55
C GLU C 35 11.83 -44.85 -33.17
N LYS C 36 12.90 -44.76 -32.38
CA LYS C 36 12.90 -45.27 -31.01
C LYS C 36 11.76 -44.60 -30.24
N GLU C 37 11.59 -43.30 -30.47
CA GLU C 37 10.53 -42.54 -29.83
C GLU C 37 9.19 -43.11 -30.23
N THR C 38 9.02 -43.32 -31.54
CA THR C 38 7.78 -43.85 -32.08
C THR C 38 7.50 -45.25 -31.53
N GLU C 39 8.45 -46.15 -31.67
CA GLU C 39 8.30 -47.53 -31.19
C GLU C 39 8.05 -47.57 -29.69
N GLY C 40 8.93 -46.93 -28.93
CA GLY C 40 8.80 -46.90 -27.49
C GLY C 40 7.46 -46.34 -27.05
N LEU C 41 7.18 -45.11 -27.48
CA LEU C 41 5.93 -44.45 -27.12
C LEU C 41 4.71 -45.22 -27.61
N ARG C 42 4.85 -45.92 -28.73
CA ARG C 42 3.75 -46.71 -29.26
C ARG C 42 3.46 -47.89 -28.36
N GLN C 43 4.52 -48.55 -27.89
CA GLN C 43 4.37 -49.69 -27.00
C GLN C 43 3.77 -49.22 -25.67
N GLU C 44 4.11 -47.99 -25.30
CA GLU C 44 3.58 -47.40 -24.08
C GLU C 44 2.13 -46.99 -24.30
N MET C 45 1.91 -46.20 -25.36
CA MET C 45 0.58 -45.69 -25.70
C MET C 45 -0.45 -46.78 -26.01
N SER C 46 0.00 -47.88 -26.61
CA SER C 46 -0.92 -48.96 -26.92
C SER C 46 -1.54 -49.49 -25.64
N LYS C 47 -0.68 -49.81 -24.67
CA LYS C 47 -1.13 -50.31 -23.39
C LYS C 47 -1.82 -49.19 -22.61
N ASP C 48 -1.32 -47.97 -22.78
CA ASP C 48 -1.87 -46.80 -22.10
C ASP C 48 -3.32 -46.59 -22.52
N LEU C 49 -3.56 -46.47 -23.82
CA LEU C 49 -4.91 -46.25 -24.34
C LEU C 49 -5.84 -47.41 -24.02
N GLU C 50 -5.32 -48.63 -24.14
CA GLU C 50 -6.12 -49.81 -23.85
C GLU C 50 -6.48 -49.88 -22.37
N GLU C 51 -5.49 -49.67 -21.52
CA GLU C 51 -5.72 -49.69 -20.08
C GLU C 51 -6.51 -48.48 -19.65
N VAL C 52 -6.34 -47.36 -20.34
CA VAL C 52 -7.07 -46.14 -20.01
C VAL C 52 -8.55 -46.34 -20.27
N LYS C 53 -8.87 -47.14 -21.28
CA LYS C 53 -10.26 -47.44 -21.60
C LYS C 53 -10.83 -48.33 -20.51
N ALA C 54 -10.00 -49.27 -20.05
CA ALA C 54 -10.39 -50.18 -18.98
C ALA C 54 -10.41 -49.46 -17.65
N LYS C 55 -9.90 -48.24 -17.64
CA LYS C 55 -9.88 -47.40 -16.45
C LYS C 55 -11.02 -46.40 -16.48
N VAL C 56 -11.21 -45.78 -17.64
CA VAL C 56 -12.26 -44.78 -17.83
C VAL C 56 -13.65 -45.41 -17.70
N GLN C 57 -13.82 -46.63 -18.22
CA GLN C 57 -15.11 -47.31 -18.13
C GLN C 57 -15.61 -47.40 -16.68
N PRO C 58 -14.88 -48.09 -15.78
CA PRO C 58 -15.29 -48.19 -14.38
C PRO C 58 -15.16 -46.84 -13.66
N TYR C 59 -14.35 -45.94 -14.21
CA TYR C 59 -14.19 -44.62 -13.62
C TYR C 59 -15.47 -43.83 -13.81
N LEU C 60 -15.95 -43.82 -15.04
CA LEU C 60 -17.19 -43.12 -15.37
C LEU C 60 -18.35 -43.84 -14.71
N ASP C 61 -18.25 -45.16 -14.61
CA ASP C 61 -19.29 -45.96 -13.97
C ASP C 61 -19.38 -45.62 -12.49
N ASP C 62 -18.24 -45.66 -11.81
CA ASP C 62 -18.18 -45.34 -10.39
C ASP C 62 -18.54 -43.88 -10.16
N PHE C 63 -18.12 -43.04 -11.10
CA PHE C 63 -18.41 -41.61 -11.03
C PHE C 63 -19.89 -41.37 -11.26
N GLN C 64 -20.48 -42.14 -12.17
CA GLN C 64 -21.91 -42.03 -12.47
C GLN C 64 -22.73 -42.44 -11.26
N LYS C 65 -22.30 -43.50 -10.58
CA LYS C 65 -23.00 -43.95 -9.39
C LYS C 65 -22.96 -42.83 -8.36
N LYS C 66 -21.80 -42.20 -8.24
CA LYS C 66 -21.62 -41.09 -7.32
C LYS C 66 -22.40 -39.87 -7.81
N TRP C 67 -22.47 -39.72 -9.13
CA TRP C 67 -23.20 -38.62 -9.74
C TRP C 67 -24.66 -38.73 -9.37
N GLN C 68 -25.15 -39.97 -9.29
CA GLN C 68 -26.53 -40.21 -8.91
C GLN C 68 -26.72 -39.76 -7.46
N GLU C 69 -25.77 -40.12 -6.61
CA GLU C 69 -25.82 -39.74 -5.20
C GLU C 69 -25.77 -38.23 -5.08
N GLU C 70 -24.99 -37.60 -5.95
CA GLU C 70 -24.85 -36.15 -5.97
C GLU C 70 -26.14 -35.51 -6.48
N MET C 71 -26.58 -35.90 -7.67
CA MET C 71 -27.78 -35.35 -8.27
C MET C 71 -29.00 -35.58 -7.40
N GLU C 72 -29.24 -36.84 -7.03
CA GLU C 72 -30.38 -37.18 -6.19
C GLU C 72 -30.24 -36.55 -4.82
N LEU C 73 -29.01 -36.59 -4.30
CA LEU C 73 -28.70 -36.00 -3.00
C LEU C 73 -29.03 -34.52 -3.00
N TYR C 74 -28.62 -33.84 -4.07
CA TYR C 74 -28.88 -32.41 -4.20
C TYR C 74 -30.38 -32.17 -4.35
N ARG C 75 -31.07 -33.05 -5.06
CA ARG C 75 -32.51 -32.91 -5.25
C ARG C 75 -33.23 -33.07 -3.92
N GLN C 76 -32.82 -34.08 -3.15
CA GLN C 76 -33.43 -34.35 -1.86
C GLN C 76 -32.94 -33.39 -0.77
N LYS C 77 -32.11 -32.43 -1.16
CA LYS C 77 -31.61 -31.44 -0.23
C LYS C 77 -32.04 -30.05 -0.65
N VAL C 78 -31.68 -29.69 -1.87
CA VAL C 78 -32.00 -28.39 -2.42
C VAL C 78 -33.51 -28.18 -2.55
N GLU C 79 -34.25 -29.21 -2.97
CA GLU C 79 -35.70 -29.07 -3.11
C GLU C 79 -36.40 -28.79 -1.78
N PRO C 80 -36.24 -29.66 -0.75
CA PRO C 80 -36.85 -29.42 0.56
C PRO C 80 -36.39 -28.09 1.13
N LEU C 81 -35.09 -27.83 1.02
CA LEU C 81 -34.53 -26.58 1.50
C LEU C 81 -35.07 -25.41 0.72
N ARG C 82 -35.37 -25.63 -0.56
CA ARG C 82 -35.92 -24.59 -1.42
C ARG C 82 -37.28 -24.19 -0.88
N ALA C 83 -38.07 -25.17 -0.50
CA ALA C 83 -39.40 -24.93 0.05
C ALA C 83 -39.27 -24.19 1.37
N GLU C 84 -38.40 -24.70 2.25
CA GLU C 84 -38.17 -24.09 3.55
C GLU C 84 -37.60 -22.68 3.40
N LEU C 85 -36.65 -22.53 2.48
CA LEU C 85 -36.04 -21.22 2.22
C LEU C 85 -37.06 -20.29 1.61
N GLN C 86 -37.95 -20.83 0.79
CA GLN C 86 -39.00 -20.04 0.16
C GLN C 86 -39.96 -19.55 1.24
N GLU C 87 -40.33 -20.44 2.15
CA GLU C 87 -41.21 -20.07 3.24
C GLU C 87 -40.52 -19.06 4.13
N GLY C 88 -39.26 -19.32 4.42
CA GLY C 88 -38.47 -18.42 5.23
C GLY C 88 -38.30 -17.09 4.54
N ALA C 89 -38.20 -17.14 3.20
CA ALA C 89 -38.07 -15.94 2.39
C ALA C 89 -39.39 -15.20 2.36
N ARG C 90 -40.49 -15.94 2.27
CA ARG C 90 -41.82 -15.37 2.27
C ARG C 90 -42.05 -14.67 3.60
N GLN C 91 -41.64 -15.33 4.68
CA GLN C 91 -41.73 -14.77 6.01
C GLN C 91 -40.84 -13.55 6.09
N LYS C 92 -39.63 -13.67 5.56
CA LYS C 92 -38.66 -12.58 5.56
C LYS C 92 -39.20 -11.42 4.73
N LEU C 93 -39.85 -11.74 3.61
CA LEU C 93 -40.44 -10.73 2.76
C LEU C 93 -41.55 -10.03 3.53
N HIS C 94 -42.35 -10.81 4.25
CA HIS C 94 -43.43 -10.26 5.05
C HIS C 94 -42.83 -9.41 6.16
N GLU C 95 -41.78 -9.91 6.78
CA GLU C 95 -41.07 -9.19 7.83
C GLU C 95 -40.58 -7.87 7.28
N LEU C 96 -39.93 -7.94 6.12
CA LEU C 96 -39.41 -6.75 5.44
C LEU C 96 -40.55 -5.83 5.01
N GLN C 97 -41.66 -6.40 4.56
CA GLN C 97 -42.82 -5.63 4.15
C GLN C 97 -43.36 -4.84 5.32
N GLU C 98 -43.41 -5.48 6.47
CA GLU C 98 -43.88 -4.85 7.70
C GLU C 98 -42.89 -3.81 8.20
N LYS C 99 -41.75 -3.73 7.51
CA LYS C 99 -40.72 -2.74 7.85
C LYS C 99 -40.72 -1.65 6.81
N LEU C 100 -40.62 -2.05 5.54
CA LEU C 100 -40.57 -1.11 4.41
C LEU C 100 -41.83 -0.27 4.29
N SER C 101 -42.99 -0.85 4.61
CA SER C 101 -44.24 -0.10 4.52
C SER C 101 -44.24 1.11 5.48
N PRO C 102 -44.16 0.88 6.82
CA PRO C 102 -44.14 1.99 7.78
C PRO C 102 -42.92 2.87 7.58
N LEU C 103 -41.78 2.25 7.31
CA LEU C 103 -40.55 2.99 7.09
C LEU C 103 -40.66 3.86 5.85
N GLY C 104 -41.31 3.35 4.82
CA GLY C 104 -41.49 4.10 3.60
C GLY C 104 -42.28 5.37 3.86
N GLU C 105 -43.42 5.23 4.53
CA GLU C 105 -44.27 6.36 4.85
C GLU C 105 -43.54 7.30 5.80
N GLU C 106 -42.79 6.72 6.73
CA GLU C 106 -42.03 7.49 7.70
C GLU C 106 -40.90 8.26 7.00
N MET C 107 -40.16 7.57 6.14
CA MET C 107 -39.07 8.19 5.39
C MET C 107 -39.62 9.30 4.52
N ARG C 108 -40.84 9.11 4.02
CA ARG C 108 -41.50 10.11 3.21
C ARG C 108 -41.76 11.35 4.06
N ASP C 109 -42.27 11.12 5.27
CA ASP C 109 -42.54 12.22 6.20
C ASP C 109 -41.23 12.90 6.60
N ARG C 110 -40.20 12.08 6.82
CA ARG C 110 -38.89 12.59 7.17
C ARG C 110 -38.37 13.45 6.04
N ALA C 111 -38.64 13.00 4.81
CA ALA C 111 -38.23 13.72 3.62
C ALA C 111 -38.91 15.09 3.56
N ARG C 112 -40.15 15.15 4.02
CA ARG C 112 -40.88 16.41 4.03
C ARG C 112 -40.21 17.35 5.02
N ALA C 113 -39.91 16.82 6.20
CA ALA C 113 -39.26 17.61 7.25
C ALA C 113 -37.75 17.75 6.99
N HIS C 114 -37.31 17.34 5.81
CA HIS C 114 -35.90 17.44 5.43
C HIS C 114 -35.75 18.23 4.15
N VAL C 115 -36.33 17.70 3.07
CA VAL C 115 -36.25 18.34 1.76
C VAL C 115 -37.08 19.62 1.72
N ASP C 116 -38.31 19.55 2.19
CA ASP C 116 -39.19 20.73 2.20
C ASP C 116 -38.66 21.76 3.19
N ALA C 117 -38.10 21.26 4.29
CA ALA C 117 -37.51 22.13 5.29
C ALA C 117 -36.30 22.83 4.67
N LEU C 118 -35.57 22.09 3.84
CA LEU C 118 -34.41 22.64 3.16
C LEU C 118 -34.86 23.58 2.05
N ARG C 119 -36.04 23.34 1.52
CA ARG C 119 -36.59 24.19 0.46
C ARG C 119 -36.76 25.62 0.98
N THR C 120 -37.37 25.75 2.14
CA THR C 120 -37.61 27.05 2.73
C THR C 120 -36.39 27.62 3.45
N HIS C 121 -35.28 26.87 3.40
CA HIS C 121 -34.04 27.31 4.05
C HIS C 121 -32.94 27.58 3.02
N LEU C 122 -32.81 26.67 2.06
CA LEU C 122 -31.81 26.80 1.01
C LEU C 122 -32.21 27.84 -0.02
N ALA C 123 -33.52 27.99 -0.24
CA ALA C 123 -34.01 28.99 -1.19
C ALA C 123 -33.57 30.39 -0.76
N PRO C 124 -33.89 30.84 0.47
CA PRO C 124 -33.45 32.15 0.95
C PRO C 124 -31.94 32.18 1.07
N TYR C 125 -31.33 31.01 1.32
CA TYR C 125 -29.89 30.91 1.45
C TYR C 125 -29.20 31.21 0.11
N SER C 126 -29.70 30.61 -0.96
CA SER C 126 -29.14 30.86 -2.27
C SER C 126 -29.43 32.30 -2.67
N ASP C 127 -30.51 32.84 -2.12
CA ASP C 127 -30.89 34.22 -2.36
C ASP C 127 -29.89 35.13 -1.66
N GLU C 128 -29.55 34.77 -0.43
CA GLU C 128 -28.57 35.52 0.35
C GLU C 128 -27.23 35.44 -0.38
N LEU C 129 -26.98 34.27 -0.97
CA LEU C 129 -25.76 34.05 -1.73
C LEU C 129 -25.74 34.99 -2.92
N ARG C 130 -26.92 35.29 -3.47
CA ARG C 130 -27.03 36.21 -4.60
C ARG C 130 -26.62 37.60 -4.14
N GLN C 131 -27.06 37.98 -2.95
CA GLN C 131 -26.73 39.29 -2.38
C GLN C 131 -25.23 39.39 -2.19
N ARG C 132 -24.63 38.32 -1.68
CA ARG C 132 -23.18 38.27 -1.47
C ARG C 132 -22.46 38.26 -2.81
N LEU C 133 -22.91 37.39 -3.71
CA LEU C 133 -22.33 37.28 -5.04
C LEU C 133 -22.45 38.60 -5.79
N ALA C 134 -23.50 39.37 -5.48
CA ALA C 134 -23.70 40.66 -6.11
C ALA C 134 -22.57 41.59 -5.73
N ALA C 135 -22.20 41.57 -4.45
CA ALA C 135 -21.10 42.39 -3.95
C ALA C 135 -19.78 41.84 -4.49
N ARG C 136 -19.71 40.51 -4.55
CA ARG C 136 -18.52 39.83 -5.06
C ARG C 136 -18.30 40.17 -6.53
N LEU C 137 -19.36 40.02 -7.33
CA LEU C 137 -19.30 40.34 -8.75
C LEU C 137 -19.03 41.81 -8.94
N GLU C 138 -19.59 42.62 -8.04
CA GLU C 138 -19.39 44.06 -8.07
C GLU C 138 -17.91 44.37 -7.86
N ALA C 139 -17.34 43.77 -6.82
CA ALA C 139 -15.92 43.95 -6.52
C ALA C 139 -15.07 43.45 -7.68
N LEU C 140 -15.46 42.31 -8.24
CA LEU C 140 -14.75 41.72 -9.37
C LEU C 140 -14.84 42.62 -10.60
N LYS C 141 -15.90 43.41 -10.67
CA LYS C 141 -16.09 44.34 -11.78
C LYS C 141 -15.34 45.63 -11.51
N GLU C 142 -15.36 46.07 -10.26
CA GLU C 142 -14.65 47.28 -9.85
C GLU C 142 -13.16 47.09 -10.05
N ASN C 143 -12.63 46.05 -9.40
CA ASN C 143 -11.21 45.73 -9.51
C ASN C 143 -10.90 45.21 -10.90
N GLY C 144 -11.86 44.51 -11.49
CA GLY C 144 -11.68 43.98 -12.82
C GLY C 144 -11.52 45.06 -13.85
N GLY C 145 -12.40 46.06 -13.79
CA GLY C 145 -12.34 47.18 -14.71
C GLY C 145 -11.02 47.91 -14.60
N ALA C 146 -10.58 48.11 -13.36
CA ALA C 146 -9.32 48.76 -13.09
C ALA C 146 -8.17 47.90 -13.60
N ARG C 147 -8.23 46.61 -13.28
CA ARG C 147 -7.21 45.66 -13.71
C ARG C 147 -7.10 45.63 -15.22
N LEU C 148 -8.23 45.71 -15.91
CA LEU C 148 -8.24 45.71 -17.37
C LEU C 148 -7.42 46.88 -17.89
N ALA C 149 -7.55 48.02 -17.23
CA ALA C 149 -6.80 49.21 -17.60
C ALA C 149 -5.34 49.04 -17.22
N GLU C 150 -5.12 48.42 -16.07
CA GLU C 150 -3.78 48.17 -15.57
C GLU C 150 -3.05 47.22 -16.52
N TYR C 151 -3.71 46.11 -16.86
CA TYR C 151 -3.14 45.13 -17.77
C TYR C 151 -2.84 45.79 -19.10
N HIS C 152 -3.75 46.65 -19.54
CA HIS C 152 -3.58 47.36 -20.80
C HIS C 152 -2.39 48.31 -20.73
N ALA C 153 -2.29 49.03 -19.62
CA ALA C 153 -1.19 49.97 -19.41
C ALA C 153 0.14 49.22 -19.35
N LYS C 154 0.19 48.17 -18.54
CA LYS C 154 1.39 47.37 -18.39
C LYS C 154 1.72 46.65 -19.70
N ALA C 155 0.69 46.39 -20.50
CA ALA C 155 0.89 45.74 -21.79
C ALA C 155 1.72 46.64 -22.67
N THR C 156 1.31 47.90 -22.75
CA THR C 156 2.03 48.90 -23.54
C THR C 156 3.42 49.09 -22.96
N GLU C 157 3.52 49.13 -21.63
CA GLU C 157 4.79 49.30 -20.95
C GLU C 157 5.72 48.13 -21.27
N HIS C 158 5.13 46.95 -21.39
CA HIS C 158 5.90 45.74 -21.70
C HIS C 158 6.22 45.66 -23.19
N LEU C 159 5.31 46.18 -24.01
CA LEU C 159 5.50 46.19 -25.45
C LEU C 159 6.62 47.13 -25.85
N SER C 160 6.61 48.33 -25.28
CA SER C 160 7.63 49.33 -25.59
C SER C 160 9.01 48.83 -25.15
N THR C 161 9.05 48.11 -24.03
CA THR C 161 10.29 47.57 -23.51
C THR C 161 10.67 46.28 -24.23
N LEU C 162 9.74 45.78 -25.04
CA LEU C 162 9.98 44.57 -25.81
C LEU C 162 10.54 44.93 -27.17
N SER C 163 10.05 46.02 -27.74
CA SER C 163 10.51 46.49 -29.04
C SER C 163 12.01 46.73 -29.05
N GLU C 164 12.54 47.13 -27.89
CA GLU C 164 13.98 47.38 -27.75
C GLU C 164 14.77 46.10 -28.05
N LYS C 165 14.14 44.97 -27.81
CA LYS C 165 14.78 43.67 -28.04
C LYS C 165 14.19 42.99 -29.28
N ALA C 166 13.04 43.48 -29.73
CA ALA C 166 12.38 42.91 -30.90
C ALA C 166 12.87 43.53 -32.19
N LYS C 167 13.45 44.73 -32.09
CA LYS C 167 13.96 45.42 -33.27
C LYS C 167 15.48 45.61 -33.20
N PRO C 168 16.01 46.51 -32.32
CA PRO C 168 17.46 46.74 -32.22
C PRO C 168 18.22 45.47 -31.85
N ALA C 169 17.81 44.82 -30.76
CA ALA C 169 18.48 43.60 -30.31
C ALA C 169 18.35 42.49 -31.34
N LEU C 170 17.17 42.36 -31.96
CA LEU C 170 16.95 41.33 -32.96
C LEU C 170 17.81 41.61 -34.18
N GLU C 171 17.92 42.88 -34.56
CA GLU C 171 18.74 43.27 -35.70
C GLU C 171 20.20 42.99 -35.38
N ASP C 172 20.56 43.21 -34.13
CA ASP C 172 21.92 42.97 -33.66
C ASP C 172 22.21 41.48 -33.75
N LEU C 173 21.22 40.67 -33.38
CA LEU C 173 21.34 39.23 -33.45
C LEU C 173 21.50 38.81 -34.90
N ARG C 174 20.71 39.44 -35.77
CA ARG C 174 20.78 39.17 -37.21
C ARG C 174 22.16 39.56 -37.73
N GLN C 175 22.67 40.69 -37.22
CA GLN C 175 23.99 41.15 -37.60
C GLN C 175 25.08 40.23 -37.11
N GLY C 176 24.87 39.65 -35.94
CA GLY C 176 25.83 38.72 -35.35
C GLY C 176 25.80 37.42 -36.15
N LEU C 177 24.61 37.02 -36.58
CA LEU C 177 24.41 35.81 -37.35
C LEU C 177 25.12 35.88 -38.71
N LEU C 178 25.29 37.09 -39.24
CA LEU C 178 25.95 37.28 -40.53
C LEU C 178 27.36 36.66 -40.56
N PRO C 179 28.31 37.14 -39.73
CA PRO C 179 29.66 36.59 -39.70
C PRO C 179 29.69 35.22 -39.02
N VAL C 180 28.73 34.99 -38.12
CA VAL C 180 28.63 33.73 -37.40
C VAL C 180 28.26 32.59 -38.34
N LEU C 181 27.22 32.80 -39.13
CA LEU C 181 26.80 31.77 -40.08
C LEU C 181 27.84 31.63 -41.18
N GLU C 182 28.62 32.69 -41.38
CA GLU C 182 29.68 32.69 -42.37
C GLU C 182 30.82 31.80 -41.88
N SER C 183 31.24 32.01 -40.63
CA SER C 183 32.31 31.21 -40.05
C SER C 183 31.84 29.76 -39.94
N PHE C 184 30.56 29.59 -39.65
CA PHE C 184 29.97 28.27 -39.56
C PHE C 184 30.03 27.60 -40.92
N LYS C 185 29.76 28.38 -41.96
CA LYS C 185 29.82 27.88 -43.33
C LYS C 185 31.23 27.39 -43.63
N VAL C 186 32.22 28.20 -43.24
CA VAL C 186 33.62 27.85 -43.44
C VAL C 186 33.93 26.54 -42.74
N SER C 187 33.49 26.41 -41.49
CA SER C 187 33.71 25.21 -40.71
C SER C 187 32.99 24.02 -41.34
N PHE C 188 31.77 24.26 -41.85
CA PHE C 188 30.99 23.21 -42.48
C PHE C 188 31.65 22.76 -43.77
N LEU C 189 32.10 23.72 -44.57
CA LEU C 189 32.76 23.42 -45.84
C LEU C 189 33.98 22.55 -45.63
N SER C 190 34.84 22.96 -44.70
CA SER C 190 36.04 22.21 -44.40
C SER C 190 35.71 20.83 -43.81
N ALA C 191 34.69 20.77 -42.97
CA ALA C 191 34.27 19.52 -42.35
C ALA C 191 33.72 18.56 -43.41
N LEU C 192 32.78 19.05 -44.20
CA LEU C 192 32.16 18.23 -45.23
C LEU C 192 33.17 17.71 -46.24
N GLU C 193 34.01 18.61 -46.77
CA GLU C 193 35.01 18.23 -47.76
C GLU C 193 36.10 17.33 -47.20
N GLU C 194 36.49 17.54 -45.95
CA GLU C 194 37.53 16.73 -45.33
C GLU C 194 36.99 15.37 -44.86
N TYR C 195 35.82 15.38 -44.25
CA TYR C 195 35.23 14.15 -43.75
C TYR C 195 34.87 13.18 -44.87
N THR C 196 34.43 13.70 -46.01
CA THR C 196 34.06 12.85 -47.14
C THR C 196 35.27 12.08 -47.67
N LYS C 197 36.45 12.67 -47.52
CA LYS C 197 37.69 12.04 -47.97
C LYS C 197 38.04 10.86 -47.08
N LYS C 198 37.49 10.85 -45.87
CA LYS C 198 37.75 9.77 -44.94
C LYS C 198 36.79 8.59 -45.18
N LEU C 199 35.75 8.85 -45.98
CA LEU C 199 34.74 7.85 -46.29
C LEU C 199 34.98 7.23 -47.66
N ASN C 200 36.12 7.55 -48.25
CA ASN C 200 36.48 7.04 -49.57
C ASN C 200 37.34 5.80 -49.45
C1 PCW D . 22.44 -23.39 -13.80
C2 PCW D . 23.05 -23.58 -15.25
C3 PCW D . 22.92 -25.10 -15.67
C4 PCW D . 23.19 -21.84 -9.40
C5 PCW D . 24.11 -21.96 -8.17
C6 PCW D . 24.45 -21.66 -5.68
C7 PCW D . 22.19 -21.70 -6.62
C8 PCW D . 23.43 -23.07 -6.58
C11 PCW D . 24.45 -26.21 -17.18
C12 PCW D . 24.78 -26.26 -18.64
C13 PCW D . 25.92 -25.22 -18.93
C14 PCW D . 26.38 -25.17 -20.40
C15 PCW D . 27.91 -25.09 -20.63
C16 PCW D . 28.25 -25.20 -22.16
C17 PCW D . 27.45 -24.29 -23.14
C18 PCW D . 27.58 -24.71 -24.61
C19 PCW D . 26.48 -25.70 -25.07
C20 PCW D . 25.31 -25.27 -25.68
C21 PCW D . 24.80 -23.93 -26.06
C22 PCW D . 24.25 -24.05 -27.52
C23 PCW D . 22.93 -24.83 -27.72
C24 PCW D . 22.53 -25.10 -29.14
C25 PCW D . 21.05 -25.35 -29.53
C26 PCW D . 20.77 -26.56 -30.40
C27 PCW D . 21.40 -26.59 -31.81
C28 PCW D . 20.38 -26.99 -32.83
C31 PCW D . 23.02 -22.14 -17.15
C32 PCW D . 22.07 -21.38 -18.10
C33 PCW D . 22.13 -19.79 -17.98
C34 PCW D . 20.87 -19.09 -18.51
C35 PCW D . 21.05 -19.01 -20.08
C36 PCW D . 20.29 -17.81 -20.71
C37 PCW D . 20.42 -17.68 -22.25
C38 PCW D . 19.33 -16.83 -22.83
C39 PCW D . 19.44 -16.69 -24.33
C40 PCW D . 18.47 -16.88 -25.22
C41 PCW D . 17.06 -17.32 -24.85
C42 PCW D . 16.59 -18.44 -25.88
C43 PCW D . 15.22 -18.30 -26.54
C44 PCW D . 15.05 -19.49 -27.47
C45 PCW D . 13.91 -19.39 -28.46
C46 PCW D . 14.36 -19.27 -29.89
C47 PCW D . 13.57 -18.33 -30.77
C48 PCW D . 14.14 -18.30 -32.18
N PCW D . 23.61 -21.61 -6.89
O2 PCW D . 22.27 -22.80 -16.25
O3 PCW D . 23.45 -25.28 -16.98
O11 PCW D . 24.94 -26.88 -16.32
O31 PCW D . 24.28 -22.13 -17.21
O1P PCW D . 22.09 -23.99 -11.01
O2P PCW D . 24.51 -24.52 -11.38
O3P PCW D . 23.35 -22.77 -12.85
O4P PCW D . 23.96 -22.36 -10.52
P PCW D . 23.45 -23.48 -11.41
C1 PCW E . -15.42 -5.65 17.25
C2 PCW E . -16.27 -5.45 15.94
C3 PCW E . -17.66 -4.83 16.27
C4 PCW E . -13.21 -1.71 16.69
C5 PCW E . -14.01 -1.11 15.54
C6 PCW E . -13.68 1.36 15.01
C7 PCW E . -13.05 -0.36 13.38
C8 PCW E . -14.74 0.04 14.01
C11 PCW E . -18.86 -3.42 14.75
C12 PCW E . -19.57 -3.47 13.43
C13 PCW E . -20.84 -2.57 13.53
C14 PCW E . -21.68 -2.50 12.25
C15 PCW E . -23.22 -2.53 12.45
C16 PCW E . -23.95 -2.38 11.07
C17 PCW E . -25.23 -1.46 11.00
C18 PCW E . -25.54 -0.98 9.58
C19 PCW E . -27.05 -0.94 9.27
C20 PCW E . -27.53 -0.86 7.97
C21 PCW E . -26.85 -0.80 6.65
C22 PCW E . -27.60 -1.77 5.69
C23 PCW E . -27.18 -1.76 4.19
C24 PCW E . -28.21 -2.20 3.19
C25 PCW E . -27.86 -3.16 2.01
C26 PCW E . -28.64 -4.48 1.98
C27 PCW E . -28.57 -5.31 0.69
C28 PCW E . -28.17 -6.73 1.02
C31 PCW E . -15.47 -4.98 13.76
C32 PCW E . -14.74 -3.92 12.92
C33 PCW E . -15.63 -3.21 11.78
C34 PCW E . -15.75 -4.04 10.50
C35 PCW E . -17.31 -4.30 10.33
C36 PCW E . -17.82 -3.90 8.92
C37 PCW E . -19.35 -4.14 8.68
C38 PCW E . -19.64 -5.50 8.17
C39 PCW E . -21.12 -5.73 7.96
C40 PCW E . -21.71 -6.16 6.85
C41 PCW E . -20.99 -6.54 5.57
C42 PCW E . -21.71 -7.84 4.98
C43 PCW E . -23.02 -7.67 4.25
C44 PCW E . -23.47 -9.04 3.81
C45 PCW E . -24.91 -9.14 3.35
C46 PCW E . -25.16 -10.26 2.39
C47 PCW E . -25.14 -9.89 0.92
C48 PCW E . -25.41 -11.12 0.04
N PCW E . -13.44 -0.07 14.74
O2 PCW E . -15.58 -4.52 15.00
O3 PCW E . -18.40 -4.67 15.05
O11 PCW E . -18.71 -2.45 15.42
O31 PCW E . -15.90 -6.10 13.34
O1P PCW E . -13.36 -3.16 19.20
O2P PCW E . -12.65 -5.10 17.81
O3P PCW E . -15.13 -4.42 17.95
O4P PCW E . -13.49 -3.13 16.69
P PCW E . -13.58 -3.96 17.97
C1 PCW F . 25.81 17.64 -10.29
C2 PCW F . 25.12 17.80 -11.71
C3 PCW F . 26.17 18.21 -12.79
C4 PCW F . 27.58 13.29 -11.25
C5 PCW F . 28.84 13.82 -11.95
C6 PCW F . 29.68 16.22 -12.01
C7 PCW F . 30.61 14.62 -10.40
C8 PCW F . 30.72 14.57 -12.25
C11 PCW F . 25.17 19.59 -14.50
C12 PCW F . 24.46 19.48 -15.83
C13 PCW F . 25.52 19.13 -16.94
C14 PCW F . 24.96 18.98 -18.36
C15 PCW F . 24.49 17.54 -18.74
C16 PCW F . 25.52 16.85 -19.69
C17 PCW F . 25.00 15.68 -20.59
C18 PCW F . 24.57 16.13 -21.99
C19 PCW F . 24.33 14.95 -22.95
C20 PCW F . 24.45 15.08 -24.32
C21 PCW F . 24.80 16.22 -25.20
C22 PCW F . 26.33 16.16 -25.42
C23 PCW F . 27.19 17.22 -24.69
C24 PCW F . 28.65 17.26 -25.04
C25 PCW F . 29.32 16.15 -25.90
C26 PCW F . 30.82 16.20 -26.03
C27 PCW F . 31.43 16.96 -27.23
C28 PCW F . 31.43 16.08 -28.46
C31 PCW F . 23.20 16.51 -12.19
C32 PCW F . 22.75 15.12 -12.66
C33 PCW F . 22.59 14.96 -14.24
C34 PCW F . 21.21 15.33 -14.75
C35 PCW F . 21.45 16.11 -16.11
C36 PCW F . 20.14 16.34 -16.89
C37 PCW F . 20.30 17.11 -18.25
C38 PCW F . 20.26 18.59 -18.06
C39 PCW F . 20.40 19.36 -19.34
C40 PCW F . 19.53 20.22 -19.86
C41 PCW F . 18.22 20.60 -19.21
C42 PCW F . 17.20 21.08 -20.35
C43 PCW F . 15.72 21.18 -20.02
C44 PCW F . 15.02 21.66 -21.27
C45 PCW F . 13.55 21.32 -21.35
C46 PCW F . 13.27 20.01 -22.01
C47 PCW F . 11.88 19.45 -21.81
C48 PCW F . 11.73 18.10 -22.53
N PCW F . 29.56 14.90 -11.36
O2 PCW F . 24.53 16.51 -12.14
O3 PCW F . 25.51 18.35 -14.07
O11 PCW F . 25.39 20.62 -13.92
O31 PCW F . 22.45 17.49 -11.92
O1P PCW F . 26.90 14.54 -8.72
O2P PCW F . 24.74 15.02 -9.86
O3P PCW F . 26.78 16.57 -10.22
O4P PCW F . 26.62 14.37 -11.22
P PCW F . 26.21 15.08 -9.95
C1 PCW G . 15.82 26.88 -5.11
C2 PCW G . 15.28 27.79 -6.29
C3 PCW G . 16.45 28.13 -7.29
C4 PCW G . 18.09 23.60 -4.66
C5 PCW G . 19.58 23.96 -4.86
C6 PCW G . 21.27 22.63 -5.96
C7 PCW G . 20.12 21.73 -4.13
C8 PCW G . 21.67 23.34 -3.69
C11 PCW G . 15.95 30.31 -8.18
C12 PCW G . 15.39 30.97 -9.42
C13 PCW G . 16.58 31.33 -10.36
C14 PCW G . 16.19 32.00 -11.68
C15 PCW G . 16.10 33.55 -11.63
C16 PCW G . 14.61 34.02 -11.45
C17 PCW G . 13.94 34.79 -12.64
C18 PCW G . 12.75 34.04 -13.23
C19 PCW G . 13.00 33.55 -14.66
C20 PCW G . 11.96 33.20 -15.52
C21 PCW G . 10.49 33.18 -15.36
C22 PCW G . 9.90 33.03 -16.80
C23 PCW G . 9.73 34.32 -17.65
C24 PCW G . 10.82 34.63 -18.65
C25 PCW G . 10.48 35.20 -20.05
C26 PCW G . 11.55 36.02 -20.74
C27 PCW G . 11.75 37.49 -20.27
C28 PCW G . 10.84 38.41 -21.06
C31 PCW G . 13.00 27.52 -6.85
C32 PCW G . 12.03 26.68 -7.70
C33 PCW G . 10.54 27.28 -7.81
C34 PCW G . 9.61 26.40 -8.63
C35 PCW G . 8.82 27.39 -9.58
C36 PCW G . 7.53 27.93 -8.93
C37 PCW G . 6.70 28.92 -9.81
C38 PCW G . 6.23 28.29 -11.07
C39 PCW G . 5.42 29.24 -11.93
C40 PCW G . 4.10 29.42 -11.91
C41 PCW G . 3.16 28.67 -10.98
C42 PCW G . 2.72 29.68 -9.81
C43 PCW G . 1.55 30.62 -10.07
C44 PCW G . 1.38 31.45 -8.81
C45 PCW G . 0.00 32.03 -8.61
C46 PCW G . -0.68 31.55 -7.36
C47 PCW G . -2.20 31.60 -7.36
C48 PCW G . -2.77 31.09 -6.04
N PCW G . 20.61 22.96 -4.67
O2 PCW G . 14.23 27.06 -7.06
O3 PCW G . 15.95 28.95 -8.35
O11 PCW G . 16.32 30.89 -7.20
O31 PCW G . 12.68 28.48 -6.09
O1P PCW G . 15.29 23.10 -5.24
O2P PCW G . 15.77 24.49 -7.26
O3P PCW G . 15.16 25.59 -5.01
O4P PCW G . 17.34 24.56 -5.44
P PCW G . 15.87 24.37 -5.78
C1 PCW H . 3.56 26.22 2.03
C2 PCW H . 2.11 26.81 1.78
C3 PCW H . 1.21 25.74 1.07
C4 PCW H . 2.51 25.82 6.50
C5 PCW H . 2.71 24.63 7.44
C6 PCW H . 2.69 23.97 9.91
C7 PCW H . 0.66 24.83 8.83
C8 PCW H . 1.57 23.27 8.45
C11 PCW H . -0.37 26.85 -0.35
C12 PCW H . -1.81 27.32 -0.37
C13 PCW H . -2.70 26.16 -0.95
C14 PCW H . -4.19 26.47 -1.05
C15 PCW H . -4.83 26.24 -2.46
C16 PCW H . -5.46 24.81 -2.56
C17 PCW H . -6.97 24.71 -2.99
C18 PCW H . -7.21 25.18 -4.42
C19 PCW H . -8.54 24.65 -5.03
C20 PCW H . -9.03 25.10 -6.25
C21 PCW H . -8.52 26.10 -7.23
C22 PCW H . -7.28 25.45 -7.92
C23 PCW H . -7.24 25.44 -9.47
C24 PCW H . -6.15 24.59 -10.09
C25 PCW H . -5.80 24.72 -11.61
C26 PCW H . -5.76 26.12 -12.19
C27 PCW H . -4.54 26.54 -13.03
C28 PCW H . -3.55 27.30 -12.18
C31 PCW H . 1.30 28.44 3.30
C32 PCW H . 0.60 28.63 4.66
C33 PCW H . -1.00 28.65 4.60
C34 PCW H . -1.56 29.25 3.31
C35 PCW H . -3.12 29.39 3.54
C36 PCW H . -3.87 29.89 2.29
C37 PCW H . -5.41 30.05 2.45
C38 PCW H . -5.89 31.31 1.81
C39 PCW H . -7.37 31.51 1.95
C40 PCW H . -8.15 32.29 1.21
C41 PCW H . -7.66 33.16 0.07
C42 PCW H . -8.89 33.45 -0.91
C43 PCW H . -9.66 32.26 -1.46
C44 PCW H . -10.76 32.84 -2.34
C45 PCW H . -11.78 31.83 -2.82
C46 PCW H . -11.80 31.65 -4.31
C47 PCW H . -11.10 30.42 -4.84
C48 PCW H . -11.19 30.36 -6.37
N PCW H . 2.09 24.64 8.73
O2 PCW H . 1.45 27.14 3.09
O3 PCW H . -0.10 26.28 0.85
O11 PCW H . 0.40 26.94 -1.26
O31 PCW H . 1.65 29.38 2.52
O1P PCW H . 2.77 24.38 3.99
O2P PCW H . 5.22 24.48 4.55
O3P PCW H . 4.08 26.46 3.37
O4P PCW H . 3.72 25.94 5.72
P PCW H . 3.94 25.23 4.39
C1 PCW I . 15.41 -24.22 -8.75
C2 PCW I . 14.92 -24.23 -10.25
C3 PCW I . 16.00 -24.92 -11.16
C4 PCW I . 17.54 -28.19 -7.24
C5 PCW I . 17.20 -29.56 -6.66
C6 PCW I . 17.95 -31.58 -5.29
C7 PCW I . 18.78 -29.34 -4.76
C8 PCW I . 17.04 -29.96 -4.65
C11 PCW I . 15.84 -26.04 -13.26
C12 PCW I . 15.29 -25.87 -14.65
C13 PCW I . 13.90 -26.61 -14.69
C14 PCW I . 13.16 -26.57 -16.03
C15 PCW I . 13.29 -25.26 -16.85
C16 PCW I . 12.66 -25.42 -18.28
C17 PCW I . 13.60 -25.14 -19.50
C18 PCW I . 12.85 -25.05 -20.84
C19 PCW I . 13.78 -25.12 -22.08
C20 PCW I . 14.44 -26.29 -22.45
C21 PCW I . 14.48 -27.65 -21.88
C22 PCW I . 14.49 -28.65 -23.08
C23 PCW I . 14.23 -30.15 -22.76
C24 PCW I . 15.33 -30.91 -22.08
C25 PCW I . 15.61 -32.40 -22.43
C26 PCW I . 14.41 -33.31 -22.58
C27 PCW I . 13.98 -33.71 -24.01
C28 PCW I . 13.76 -35.20 -24.10
C31 PCW I . 12.56 -24.29 -10.30
C32 PCW I . 11.36 -25.23 -10.42
C33 PCW I . 10.35 -24.91 -11.62
C34 PCW I . 11.05 -24.81 -12.96
C35 PCW I . 10.07 -24.04 -13.92
C36 PCW I . 9.45 -24.96 -14.99
C37 PCW I . 8.45 -24.27 -15.97
C38 PCW I . 7.43 -25.22 -16.49
C39 PCW I . 6.45 -24.58 -17.44
C40 PCW I . 6.61 -24.41 -18.75
C41 PCW I . 7.83 -24.85 -19.53
C42 PCW I . 7.34 -25.68 -20.80
C43 PCW I . 7.28 -27.20 -20.69
C44 PCW I . 6.77 -27.70 -22.04
C45 PCW I . 7.22 -29.10 -22.42
C46 PCW I . 7.39 -29.28 -23.89
C47 PCW I . 8.67 -29.95 -24.35
C48 PCW I . 8.73 -30.09 -25.88
N PCW I . 18.08 -30.17 -5.71
O2 PCW I . 13.66 -25.02 -10.36
O3 PCW I . 15.56 -24.93 -12.52
O11 PCW I . 16.43 -27.01 -12.86
O31 PCW I . 12.50 -23.03 -10.17
O1P PCW I . 17.81 -25.30 -7.48
O2P PCW I . 16.11 -25.31 -5.65
O3P PCW I . 15.36 -25.53 -8.11
O4P PCW I . 16.43 -27.32 -6.90
P PCW I . 16.49 -25.81 -6.99
C1 PCW J . 30.54 0.08 -19.32
C2 PCW J . 30.00 1.56 -19.51
C3 PCW J . 30.53 2.10 -20.88
C4 PCW J . 31.20 -1.54 -14.74
C5 PCW J . 30.68 -1.26 -13.33
C6 PCW J . 31.99 -1.97 -11.43
C7 PCW J . 31.04 0.16 -11.44
C8 PCW J . 32.83 -0.17 -12.80
C11 PCW J . 31.07 4.39 -21.28
C12 PCW J . 30.43 5.73 -21.56
C13 PCW J . 30.45 5.97 -23.13
C14 PCW J . 29.84 7.28 -23.61
C15 PCW J . 29.10 7.22 -24.99
C16 PCW J . 27.98 8.31 -25.07
C17 PCW J . 27.40 8.65 -26.49
C18 PCW J . 26.42 9.81 -26.48
C19 PCW J . 27.08 11.15 -26.08
C20 PCW J . 27.08 12.27 -26.89
C21 PCW J . 26.53 12.52 -28.24
C22 PCW J . 26.60 14.06 -28.48
C23 PCW J . 27.83 14.61 -29.26
C24 PCW J . 27.55 15.59 -30.35
C25 PCW J . 28.70 16.39 -31.03
C26 PCW J . 29.00 16.03 -32.47
C27 PCW J . 30.29 16.59 -33.11
C28 PCW J . 29.99 17.24 -34.42
C31 PCW J . 27.92 1.41 -18.36
C32 PCW J . 26.39 1.38 -18.56
C33 PCW J . 25.83 2.14 -19.86
C34 PCW J . 25.22 1.20 -20.90
C35 PCW J . 26.44 0.61 -21.71
C36 PCW J . 25.99 -0.29 -22.89
C37 PCW J . 27.12 -0.92 -23.73
C38 PCW J . 26.64 -1.36 -25.07
C39 PCW J . 27.73 -1.97 -25.91
C40 PCW J . 27.57 -2.82 -26.93
C41 PCW J . 26.23 -3.34 -27.41
C42 PCW J . 26.04 -2.89 -28.93
C43 PCW J . 25.99 -1.41 -29.24
C44 PCW J . 25.82 -1.26 -30.74
C45 PCW J . 24.94 -0.11 -31.16
C46 PCW J . 24.71 -0.03 -32.65
C47 PCW J . 23.34 0.43 -33.09
C48 PCW J . 23.25 0.46 -34.62
N PCW J . 31.59 -0.84 -12.30
O2 PCW J . 28.51 1.54 -19.55
O3 PCW J . 30.10 3.45 -21.12
O11 PCW J . 32.25 4.19 -21.25
O31 PCW J . 28.50 1.35 -17.24
O1P PCW J . 32.63 -0.67 -17.13
O2P PCW J . 31.37 1.44 -16.71
O3P PCW J . 30.28 -0.49 -18.03
O4P PCW J . 30.62 -0.54 -15.61
P PCW J . 31.29 -0.03 -16.87
C1 PCW K . 3.94 10.44 -39.45
C2 PCW K . 5.30 11.05 -38.92
C3 PCW K . 5.13 12.58 -38.63
C4 PCW K . 4.06 7.65 -42.25
C5 PCW K . 5.14 7.22 -43.27
C6 PCW K . 3.42 7.10 -45.16
C7 PCW K . 5.61 6.02 -45.39
C8 PCW K . 4.26 5.60 -44.21
C11 PCW K . 6.32 14.20 -37.33
C12 PCW K . 7.72 14.59 -36.93
C13 PCW K . 8.31 13.44 -36.02
C14 PCW K . 9.73 13.68 -35.54
C15 PCW K . 9.95 13.66 -33.99
C16 PCW K . 11.49 13.72 -33.68
C17 PCW K . 11.98 13.00 -32.37
C18 PCW K . 12.67 13.94 -31.39
C19 PCW K . 13.76 13.22 -30.55
C20 PCW K . 14.47 13.85 -29.54
C21 PCW K . 14.44 15.22 -28.98
C22 PCW K . 14.75 15.10 -27.46
C23 PCW K . 16.13 15.63 -26.98
C24 PCW K . 17.15 15.96 -28.02
C25 PCW K . 17.28 17.39 -28.61
C26 PCW K . 18.12 18.36 -27.82
C27 PCW K . 18.90 19.44 -28.60
C28 PCW K . 18.23 20.79 -28.42
C31 PCW K . 6.96 10.02 -37.60
C32 PCW K . 7.22 9.39 -36.22
C33 PCW K . 8.74 9.04 -35.88
C34 PCW K . 9.39 10.00 -34.87
C35 PCW K . 10.94 9.72 -34.96
C36 PCW K . 11.52 9.18 -33.64
C37 PCW K . 13.06 8.88 -33.67
C38 PCW K . 13.86 9.97 -33.04
C39 PCW K . 15.34 9.70 -33.06
C40 PCW K . 16.17 9.69 -32.02
C41 PCW K . 15.75 9.93 -30.58
C42 PCW K . 17.03 9.77 -29.65
C43 PCW K . 17.55 8.37 -29.36
C44 PCW K . 18.76 8.51 -28.46
C45 PCW K . 18.48 8.44 -26.98
C46 PCW K . 19.51 7.69 -26.19
C47 PCW K . 20.40 8.52 -25.29
C48 PCW K . 21.42 7.64 -24.55
N PCW K . 4.78 6.93 -44.63
O2 PCW K . 5.69 10.41 -37.63
O3 PCW K . 6.37 13.12 -38.15
O11 PCW K . 5.32 14.76 -36.97
O31 PCW K . 7.81 10.13 -38.53
O1P PCW K . 1.92 8.97 -40.78
O2P PCW K . 1.96 10.52 -42.72
O3P PCW K . 3.58 10.89 -40.77
O4P PCW K . 3.85 9.08 -42.41
P PCW K . 2.76 9.84 -41.68
C1 PCW L . -3.00 -22.35 -34.86
C2 PCW L . -1.74 -22.15 -33.94
C3 PCW L . -0.89 -23.46 -33.88
C4 PCW L . -4.81 -23.42 -38.35
C5 PCW L . -5.57 -24.68 -37.95
C6 PCW L . -7.87 -24.21 -38.95
C7 PCW L . -7.00 -26.50 -38.83
C8 PCW L . -7.42 -25.38 -37.43
C11 PCW L . 1.22 -24.24 -33.03
C12 PCW L . 2.31 -23.86 -32.08
C13 PCW L . 2.02 -24.58 -30.71
C14 PCW L . 3.04 -24.31 -29.60
C15 PCW L . 4.51 -24.72 -29.89
C16 PCW L . 5.49 -24.04 -28.88
C17 PCW L . 6.65 -24.92 -28.28
C18 PCW L . 7.17 -24.41 -26.93
C19 PCW L . 7.01 -25.43 -25.79
C20 PCW L . 8.06 -25.78 -24.96
C21 PCW L . 9.48 -25.34 -24.92
C22 PCW L . 10.29 -26.50 -24.27
C23 PCW L . 10.32 -26.57 -22.72
C24 PCW L . 10.75 -27.87 -22.12
C25 PCW L . 10.74 -28.10 -20.58
C26 PCW L . 11.55 -29.27 -20.06
C27 PCW L . 12.15 -29.16 -18.65
C28 PCW L . 13.66 -29.28 -18.70
C31 PCW L . -0.41 -20.21 -33.59
C32 PCW L . 0.48 -19.18 -34.31
C33 PCW L . 1.66 -18.58 -33.43
C34 PCW L . 2.09 -17.16 -33.84
C35 PCW L . 0.99 -16.20 -33.23
C36 PCW L . 1.37 -15.65 -31.84
C37 PCW L . 0.31 -14.68 -31.20
C38 PCW L . 0.16 -14.89 -29.73
C39 PCW L . -0.87 -13.98 -29.10
C40 PCW L . -0.66 -12.81 -28.52
C41 PCW L . 0.71 -12.16 -28.36
C42 PCW L . 1.16 -12.29 -26.84
C43 PCW L . 2.41 -13.09 -26.53
C44 PCW L . 2.62 -13.04 -25.02
C45 PCW L . 3.73 -12.13 -24.55
C46 PCW L . 4.18 -12.43 -23.16
C47 PCW L . 5.04 -13.67 -22.99
C48 PCW L . 5.44 -13.87 -21.52
N PCW L . -6.70 -25.09 -38.70
O2 PCW L . -0.86 -21.07 -34.50
O3 PCW L . 0.25 -23.28 -33.04
O11 PCW L . 1.20 -25.25 -33.68
O31 PCW L . -0.65 -20.23 -32.34
O1P PCW L . -3.13 -21.06 -38.48
O2P PCW L . -1.39 -22.60 -37.56
O3P PCW L . -3.07 -21.43 -35.98
O4P PCW L . -3.70 -23.28 -37.44
P PCW L . -2.77 -22.07 -37.43
C1 PCW M . 12.23 10.99 -45.34
C2 PCW M . 13.26 10.34 -44.34
C3 PCW M . 14.72 10.78 -44.73
C4 PCW M . 10.83 10.07 -48.48
C5 PCW M . 12.34 10.09 -48.73
C6 PCW M . 12.24 8.35 -50.59
C7 PCW M . 14.27 9.65 -50.21
C8 PCW M . 13.49 8.43 -49.06
C11 PCW M . 16.71 9.47 -44.35
C12 PCW M . 17.59 8.99 -43.23
C13 PCW M . 17.85 7.44 -43.41
C14 PCW M . 18.74 6.80 -42.34
C15 PCW M . 19.63 5.61 -42.81
C16 PCW M . 19.36 4.33 -41.92
C17 PCW M . 20.23 4.18 -40.63
C18 PCW M . 20.21 2.76 -40.06
C19 PCW M . 21.63 2.22 -39.74
C20 PCW M . 22.41 2.75 -38.73
C21 PCW M . 22.20 3.83 -37.75
C22 PCW M . 23.17 3.57 -36.56
C23 PCW M . 22.79 4.15 -35.19
C24 PCW M . 23.02 5.61 -35.00
C25 PCW M . 22.59 6.33 -33.69
C26 PCW M . 23.70 6.75 -32.75
C27 PCW M . 23.35 7.78 -31.64
C28 PCW M . 24.62 8.43 -31.11
C31 PCW M . 12.11 10.08 -42.28
C32 PCW M . 11.95 10.70 -40.87
C33 PCW M . 11.55 9.66 -39.72
C34 PCW M . 12.21 9.96 -38.37
C35 PCW M . 12.92 8.61 -37.93
C36 PCW M . 14.07 8.84 -36.92
C37 PCW M . 14.82 7.56 -36.44
C38 PCW M . 16.29 7.78 -36.35
C39 PCW M . 17.04 6.56 -35.90
C40 PCW M . 18.32 6.50 -35.52
C41 PCW M . 19.25 7.70 -35.47
C42 PCW M . 19.41 8.17 -33.95
C43 PCW M . 19.99 9.53 -33.66
C44 PCW M . 20.02 9.68 -32.14
C45 PCW M . 19.85 11.09 -31.63
C46 PCW M . 20.78 12.10 -32.25
C47 PCW M . 22.23 12.05 -31.81
C48 PCW M . 23.05 13.14 -32.52
N PCW M . 12.87 9.50 -49.91
O2 PCW M . 13.00 10.82 -42.95
O3 PCW M . 15.67 10.20 -43.82
O11 PCW M . 16.88 9.28 -45.52
O31 PCW M . 11.50 9.05 -42.70
O1P PCW M . 9.28 9.22 -46.17
O2P PCW M . 8.67 11.63 -46.09
O3P PCW M . 10.84 10.80 -44.96
O4P PCW M . 10.57 11.01 -47.40
P PCW M . 9.77 10.64 -46.17
C1 17F N . -21.72 3.66 -25.05
N1 17F N . -22.22 2.09 -26.95
O1 17F N . -24.50 2.12 -23.11
P1 17F N . -23.37 3.09 -23.20
C2 17F N . -22.11 3.47 -26.53
O2 17F N . -23.74 4.53 -23.47
C3 17F N . -21.10 4.21 -27.43
O3 17F N . -22.31 2.69 -24.26
C4 17F N . -21.40 3.99 -21.69
O4 17F N . -20.85 5.39 -27.25
C5 17F N . -20.73 3.89 -20.30
O5 17F N . -20.48 3.62 -28.39
C6 17F N . -19.39 4.65 -20.29
O6 17F N . -22.53 3.14 -21.85
C7 17F N . -18.68 5.65 -18.30
O7 17F N . -18.74 4.58 -19.03
C8 17F N . -17.90 5.32 -17.01
O8 17F N . -19.10 6.77 -18.51
C9 17F N . -17.20 6.57 -16.39
O9 17F N . -21.58 4.34 -19.24
C10 17F N . -16.38 6.35 -15.07
O10 17F N . -22.36 2.18 -18.98
C11 17F N . -16.18 4.85 -14.62
C12 17F N . -15.34 4.74 -13.29
C17 17F N . -22.15 3.34 -18.60
C18 17F N . -22.59 3.74 -17.20
C19 17F N . -21.56 4.60 -16.43
C20 17F N . -21.16 3.94 -15.05
C1X 17F N . -15.16 3.27 -12.87
C1Y 17F N . -20.13 4.84 -14.31
C1Z 17F N . -20.15 4.56 -12.81
C2X 17F N . -14.31 3.12 -11.52
C21 17F N . -15.24 3.00 -10.26
C22 17F N . -15.47 1.91 -9.63
C23 17F N . -14.95 0.56 -9.93
C24 17F N . -15.75 -0.21 -10.97
C25 17F N . -15.27 -1.60 -11.33
C26 17F N . -15.55 -2.07 -12.84
C27 17F N . -15.05 -3.45 -13.19
C28 17F N . -15.43 -3.71 -14.70
C29 17F N . -14.27 -3.39 -15.55
C30 17F N . -14.49 -3.59 -17.02
C31 17F N . -19.10 3.53 -12.26
C32 17F N . -19.15 3.28 -10.72
C33 17F N . -19.85 1.95 -10.45
C34 17F N . -20.06 1.43 -9.24
C35 17F N . -19.67 2.03 -7.92
C36 17F N . -20.83 2.75 -7.15
C37 17F N . -20.46 4.18 -6.95
C38 17F N . -19.69 4.49 -5.65
C39 17F N . -19.35 5.98 -5.51
C40 17F N . -19.06 6.33 -4.04
C41 17F N . -19.23 7.89 -3.78
C42 17F N . -18.05 8.82 -4.11
C1 PCW O . 20.72 -5.22 -10.34
C2 PCW O . 20.50 -5.36 -11.90
C3 PCW O . 21.44 -6.48 -12.47
C4 PCW O . 19.36 -1.69 -8.09
C5 PCW O . 19.83 -1.27 -6.69
C6 PCW O . 18.22 -0.91 -4.74
C7 PCW O . 19.68 -2.87 -4.79
C8 PCW O . 20.19 -1.09 -4.69
C11 PCW O . 21.60 -5.55 -14.69
C12 PCW O . 21.37 -5.90 -16.13
C13 PCW O . 22.77 -6.07 -16.82
C14 PCW O . 22.74 -6.44 -18.30
C15 PCW O . 24.12 -6.69 -18.95
C16 PCW O . 24.37 -5.72 -20.16
C17 PCW O . 25.56 -6.05 -21.11
C18 PCW O . 25.46 -7.43 -21.76
C19 PCW O . 25.35 -7.35 -23.30
C20 PCW O . 24.16 -7.61 -23.98
C21 PCW O . 22.81 -8.00 -23.50
C22 PCW O . 22.09 -8.68 -24.70
C23 PCW O . 21.16 -9.88 -24.37
C24 PCW O . 21.36 -11.13 -25.19
C25 PCW O . 20.29 -12.25 -25.18
C26 PCW O . 19.63 -12.57 -26.52
C27 PCW O . 18.14 -12.22 -26.69
C28 PCW O . 17.33 -13.48 -26.90
C31 PCW O . 18.29 -4.74 -12.47
C32 PCW O . 16.88 -5.30 -12.76
C33 PCW O . 15.70 -4.21 -12.84
C34 PCW O . 14.35 -4.77 -13.30
C35 PCW O . 14.51 -4.98 -14.87
C36 PCW O . 13.71 -3.94 -15.70
C37 PCW O . 13.83 -4.08 -17.25
C38 PCW O . 13.61 -2.79 -17.95
C39 PCW O . 13.74 -2.91 -19.45
C40 PCW O . 12.81 -3.33 -20.31
C41 PCW O . 11.41 -3.77 -19.90
C42 PCW O . 10.64 -4.21 -21.21
C43 PCW O . 9.13 -4.20 -21.23
C44 PCW O . 8.69 -4.66 -22.61
C45 PCW O . 8.73 -6.15 -22.85
C46 PCW O . 7.38 -6.82 -22.84
C47 PCW O . 7.36 -8.32 -22.99
C48 PCW O . 5.92 -8.85 -22.96
N PCW O . 19.15 -1.75 -5.53
O2 PCW O . 19.09 -5.76 -12.20
O3 PCW O . 21.26 -6.60 -13.90
O11 PCW O . 22.05 -4.51 -14.29
O31 PCW O . 18.61 -3.52 -12.48
O1P PCW O . 18.44 -4.34 -7.41
O2P PCW O . 20.88 -4.85 -7.41
O3P PCW O . 19.52 -4.91 -9.61
O4P PCW O . 20.14 -2.85 -8.47
P PCW O . 19.74 -4.27 -8.16
C1 PCW P . 25.02 -16.53 -12.90
C2 PCW P . 24.88 -15.49 -14.07
C3 PCW P . 24.53 -16.23 -15.40
C4 PCW P . 26.65 -13.62 -11.00
C5 PCW P . 27.95 -13.40 -11.77
C6 PCW P . 30.29 -14.02 -10.98
C7 PCW P . 29.11 -15.44 -12.61
C8 PCW P . 29.68 -13.69 -12.83
C11 PCW P . 24.28 -15.71 -17.74
C12 PCW P . 24.14 -14.54 -18.68
C13 PCW P . 22.62 -14.17 -18.76
C14 PCW P . 22.27 -12.98 -19.66
C15 PCW P . 21.47 -13.32 -20.95
C16 PCW P . 22.43 -13.51 -22.17
C17 PCW P . 23.00 -14.95 -22.44
C18 PCW P . 23.95 -15.01 -23.62
C19 PCW P . 25.43 -14.69 -23.23
C20 PCW P . 26.50 -15.03 -24.04
C21 PCW P . 26.58 -15.69 -25.36
C22 PCW P . 26.61 -14.57 -26.42
C23 PCW P . 25.57 -14.64 -27.58
C24 PCW P . 24.19 -14.15 -27.27
C25 PCW P . 22.95 -15.07 -27.45
C26 PCW P . 22.39 -15.21 -28.84
C27 PCW P . 21.72 -13.97 -29.48
C28 PCW P . 22.44 -13.60 -30.76
C31 PCW P . 24.15 -13.28 -13.70
C32 PCW P . 22.90 -12.42 -13.41
C33 PCW P . 23.02 -10.86 -13.74
C34 PCW P . 22.23 -10.44 -14.97
C35 PCW P . 21.01 -9.58 -14.44
C36 PCW P . 19.83 -10.46 -13.94
C37 PCW P . 18.59 -9.68 -13.40
C38 PCW P . 17.41 -10.57 -13.24
C39 PCW P . 16.20 -9.86 -12.72
C40 PCW P . 14.94 -10.06 -13.08
C41 PCW P . 14.49 -11.09 -14.10
C42 PCW P . 13.01 -11.56 -13.74
C43 PCW P . 12.19 -12.26 -14.81
C44 PCW P . 10.83 -12.59 -14.21
C45 PCW P . 10.68 -13.98 -13.64
C46 PCW P . 11.15 -15.08 -14.56
C47 PCW P . 11.55 -16.38 -13.90
C48 PCW P . 11.99 -17.40 -14.96
N PCW P . 29.01 -14.35 -11.66
O2 PCW P . 23.76 -14.55 -13.78
O3 PCW P . 24.40 -15.25 -16.47
O11 PCW P . 24.29 -16.86 -18.08
O31 PCW P . 25.32 -12.84 -13.84
O1P PCW P . 24.27 -14.70 -9.67
O2P PCW P . 25.66 -16.78 -9.64
O3P PCW P . 24.26 -16.19 -11.71
O4P PCW P . 26.32 -15.03 -11.11
P PCW P . 25.11 -15.67 -10.45
C1 PCW Q . 14.56 12.52 -7.46
C2 PCW Q . 13.11 12.10 -7.93
C3 PCW Q . 12.20 13.37 -8.03
C4 PCW Q . 14.23 10.91 -3.33
C5 PCW Q . 15.52 10.10 -3.24
C6 PCW Q . 17.10 10.21 -5.26
C7 PCW Q . 17.83 11.00 -3.06
C8 PCW Q . 17.35 9.28 -3.55
C11 PCW Q . 9.85 13.82 -8.10
C12 PCW Q . 8.55 13.23 -8.62
C13 PCW Q . 7.35 13.93 -7.87
C14 PCW Q . 5.96 13.44 -8.27
C15 PCW Q . 4.76 14.27 -7.72
C16 PCW Q . 4.25 15.30 -8.80
C17 PCW Q . 2.94 14.93 -9.57
C18 PCW Q . 2.90 15.53 -10.98
C19 PCW Q . 1.49 15.46 -11.60
C20 PCW Q . 0.57 16.47 -11.44
C21 PCW Q . 0.66 17.77 -10.72
C22 PCW Q . 1.02 18.86 -11.77
C23 PCW Q . 0.33 20.23 -11.64
C24 PCW Q . 0.64 21.26 -12.68
C25 PCW Q . -0.46 22.17 -13.31
C26 PCW Q . -0.74 23.48 -12.61
C27 PCW Q . -1.34 23.40 -11.18
C28 PCW Q . -1.34 24.76 -10.54
C31 PCW Q . 13.44 10.18 -9.28
C32 PCW Q . 13.48 9.71 -10.75
C33 PCW Q . 14.95 9.58 -11.39
C34 PCW Q . 15.12 8.35 -12.28
C35 PCW Q . 15.22 8.92 -13.75
C36 PCW Q . 14.73 7.92 -14.82
C37 PCW Q . 14.79 8.42 -16.30
C38 PCW Q . 13.43 8.53 -16.91
C39 PCW Q . 13.44 9.01 -18.32
C40 PCW Q . 13.88 8.34 -19.40
C41 PCW Q . 14.45 6.94 -19.34
C42 PCW Q . 13.64 6.01 -20.35
C43 PCW Q . 13.14 6.58 -21.67
C44 PCW Q . 12.42 5.47 -22.41
C45 PCW Q . 11.17 4.96 -21.74
C46 PCW Q . 9.94 5.12 -22.58
C47 PCW Q . 9.63 4.00 -23.54
C48 PCW Q . 8.35 4.31 -24.33
N PCW Q . 16.71 10.58 -3.88
O2 PCW Q . 13.18 11.49 -9.29
O3 PCW Q . 10.88 13.00 -8.45
O11 PCW Q . 9.94 14.84 -7.48
O31 PCW Q . 13.65 9.47 -8.27
O1P PCW Q . 14.02 13.99 -3.84
O2P PCW Q . 15.53 12.81 -4.63
O3P PCW Q . 14.56 13.49 -6.38
O4P PCW Q . 14.18 11.48 -4.67
P PCW Q . 14.08 12.96 -4.95
C1 PCW R . 22.36 9.96 -11.71
C2 PCW R . 21.23 10.39 -12.70
C3 PCW R . 21.40 11.91 -13.08
C4 PCW R . 23.13 7.14 -8.86
C5 PCW R . 21.69 7.28 -8.37
C6 PCW R . 22.45 7.43 -6.08
C7 PCW R . 21.04 5.67 -6.71
C8 PCW R . 20.12 7.75 -6.53
C11 PCW R . 19.08 12.35 -13.57
C12 PCW R . 18.20 12.82 -14.71
C13 PCW R . 18.23 11.73 -15.85
C14 PCW R . 17.39 12.04 -17.08
C15 PCW R . 16.98 10.83 -17.95
C16 PCW R . 17.88 10.73 -19.24
C17 PCW R . 17.66 9.52 -20.19
C18 PCW R . 18.48 9.58 -21.47
C19 PCW R . 17.60 9.50 -22.76
C20 PCW R . 17.70 10.41 -23.80
C21 PCW R . 18.57 11.59 -24.01
C22 PCW R . 17.62 12.83 -24.15
C23 PCW R . 18.07 14.14 -23.48
C24 PCW R . 19.29 14.81 -24.06
C25 PCW R . 19.23 16.27 -24.60
C26 PCW R . 20.11 17.28 -23.89
C27 PCW R . 21.04 18.15 -24.75
C28 PCW R . 21.67 19.22 -23.89
C31 PCW R . 20.19 8.96 -14.27
C32 PCW R . 20.42 8.22 -15.59
C33 PCW R . 19.16 7.41 -16.16
C34 PCW R . 19.22 5.91 -15.86
C35 PCW R . 18.18 5.21 -16.82
C36 PCW R . 18.51 5.41 -18.32
C37 PCW R . 17.52 4.73 -19.31
C38 PCW R . 18.20 4.26 -20.55
C39 PCW R . 17.26 3.58 -21.52
C40 PCW R . 16.85 4.03 -22.70
C41 PCW R . 17.25 5.35 -23.32
C42 PCW R . 16.18 5.67 -24.46
C43 PCW R . 15.60 7.07 -24.55
C44 PCW R . 14.62 7.07 -25.72
C45 PCW R . 15.24 6.93 -27.09
C46 PCW R . 14.34 7.38 -28.20
C47 PCW R . 14.27 6.48 -29.42
C48 PCW R . 13.32 7.06 -30.47
N PCW R . 21.35 7.05 -7.00
O2 PCW R . 21.31 9.62 -13.97
O3 PCW R . 20.38 12.31 -14.00
O11 PCW R . 18.69 12.07 -12.47
O31 PCW R . 19.13 8.95 -13.58
O1P PCW R . 24.54 6.83 -11.39
O2P PCW R . 25.28 9.19 -10.93
O3P PCW R . 23.01 8.72 -12.05
O4P PCW R . 23.40 8.30 -9.69
P PCW R . 24.13 8.23 -11.01
C1 PCW S . 3.79 4.75 1.40
C2 PCW S . 3.65 4.57 -0.17
C3 PCW S . 5.06 4.25 -0.80
C4 PCW S . 7.63 3.00 2.00
C5 PCW S . 8.03 1.93 1.00
C6 PCW S . 9.26 -0.03 0.29
C7 PCW S . 7.88 -0.15 2.16
C8 PCW S . 9.83 0.99 2.39
C11 PCW S . 6.05 4.18 -2.98
C12 PCW S . 5.69 4.00 -4.43
C13 PCW S . 5.97 2.52 -4.84
C14 PCW S . 5.65 2.18 -6.31
C15 PCW S . 5.42 0.66 -6.61
C16 PCW S . 4.21 0.47 -7.59
C17 PCW S . 4.51 -0.19 -8.98
C18 PCW S . 4.81 0.81 -10.09
C19 PCW S . 4.47 0.29 -11.51
C20 PCW S . 5.33 0.44 -12.59
C21 PCW S . 6.67 1.08 -12.71
C22 PCW S . 7.01 1.13 -14.22
C23 PCW S . 7.49 2.51 -14.80
C24 PCW S . 7.11 2.81 -16.21
C25 PCW S . 7.20 4.27 -16.77
C26 PCW S . 7.31 4.41 -18.27
C27 PCW S . 8.06 3.31 -19.06
C28 PCW S . 7.71 3.39 -20.52
C31 PCW S . 1.53 3.78 -0.89
C32 PCW S . 0.72 2.50 -1.15
C33 PCW S . -0.85 2.61 -0.89
C34 PCW S . -1.61 3.26 -2.05
C35 PCW S . -3.05 2.62 -2.05
C36 PCW S . -4.03 3.36 -2.98
C37 PCW S . -5.48 2.78 -3.03
C38 PCW S . -6.48 3.73 -2.48
C39 PCW S . -7.89 3.19 -2.51
C40 PCW S . -8.96 3.78 -3.01
C41 PCW S . -8.96 5.15 -3.67
C42 PCW S . -8.54 4.96 -5.19
C43 PCW S . -7.39 5.76 -5.72
C44 PCW S . -7.21 5.39 -7.18
C45 PCW S . -5.98 5.94 -7.86
C46 PCW S . -4.69 5.29 -7.42
C47 PCW S . -3.71 6.16 -6.67
C48 PCW S . -2.47 5.35 -6.29
N PCW S . 8.72 0.75 1.43
O2 PCW S . 2.75 3.42 -0.47
O3 PCW S . 4.93 4.09 -2.22
O11 PCW S . 7.15 4.38 -2.56
O31 PCW S . 1.12 4.97 -1.05
O1P PCW S . 5.88 5.01 3.14
O2P PCW S . 5.02 3.09 4.47
O3P PCW S . 4.10 3.53 2.11
O4P PCW S . 6.33 2.61 2.52
P PCW S . 5.35 3.60 3.12
C1 PCW T . 9.91 -28.46 -3.96
C2 PCW T . 9.24 -28.83 -5.34
C3 PCW T . 8.24 -27.71 -5.78
C4 PCW T . 8.79 -25.13 -3.25
C5 PCW T . 9.02 -23.66 -2.88
C6 PCW T . 7.55 -22.43 -1.20
C7 PCW T . 9.84 -23.04 -0.63
C8 PCW T . 9.27 -21.86 -1.93
C11 PCW T . 6.27 -28.18 -7.06
C12 PCW T . 5.83 -28.52 -8.45
C13 PCW T . 4.41 -29.19 -8.39
C14 PCW T . 3.82 -29.60 -9.73
C15 PCW T . 2.30 -29.89 -9.74
C16 PCW T . 1.48 -28.58 -10.08
C17 PCW T . -0.07 -28.65 -9.90
C18 PCW T . -0.63 -27.56 -8.98
C19 PCW T . -1.66 -28.09 -7.96
C20 PCW T . -2.95 -27.58 -7.87
C21 PCW T . -3.66 -26.50 -8.60
C22 PCW T . -4.77 -25.98 -7.67
C23 PCW T . -4.59 -24.56 -7.07
C24 PCW T . -5.45 -24.20 -5.90
C25 PCW T . -6.97 -23.91 -6.07
C26 PCW T . -7.51 -22.69 -5.35
C27 PCW T . -8.20 -21.60 -6.20
C28 PCW T . -7.39 -20.32 -6.16
C31 PCW T . 10.34 -30.14 -6.98
C32 PCW T . 11.45 -30.09 -8.04
C33 PCW T . 11.18 -29.11 -9.27
C34 PCW T . 10.39 -29.77 -10.41
C35 PCW T . 9.05 -28.93 -10.51
C36 PCW T . 8.24 -29.27 -11.78
C37 PCW T . 6.91 -28.48 -11.93
C38 PCW T . 6.03 -29.03 -13.00
C39 PCW T . 4.75 -28.25 -13.13
C40 PCW T . 3.67 -28.58 -13.84
C41 PCW T . 3.55 -29.83 -14.69
C42 PCW T . 2.23 -29.70 -15.58
C43 PCW T . 1.99 -28.38 -16.30
C44 PCW T . 0.68 -28.53 -17.08
C45 PCW T . 0.85 -28.97 -18.51
C46 PCW T . 0.35 -30.37 -18.77
C47 PCW T . 0.25 -30.80 -20.21
C48 PCW T . -0.27 -32.25 -20.32
N PCW T . 8.74 -23.21 -1.55
O2 PCW T . 10.28 -28.94 -6.40
O3 PCW T . 7.63 -28.05 -7.03
O11 PCW T . 5.54 -28.04 -6.12
O31 PCW T . 9.62 -31.15 -6.71
O1P PCW T . 11.02 -26.43 -1.92
O2P PCW T . 12.34 -25.45 -3.79
O3P PCW T . 11.13 -27.71 -4.09
O4P PCW T . 9.94 -25.56 -4.02
P PCW T . 11.15 -26.26 -3.40
C1 PCW U . 6.46 9.09 -2.24
C2 PCW U . 5.73 8.44 -3.47
C3 PCW U . 4.17 8.50 -3.27
C4 PCW U . 6.22 9.51 1.56
C5 PCW U . 7.01 10.51 2.39
C6 PCW U . 8.55 11.02 4.19
C7 PCW U . 7.88 8.82 3.86
C8 PCW U . 6.34 10.23 4.75
C11 PCW U . 2.94 6.69 -4.23
C12 PCW U . 2.31 6.25 -5.51
C13 PCW U . 3.45 5.67 -6.43
C14 PCW U . 2.98 5.16 -7.80
C15 PCW U . 1.57 4.51 -7.83
C16 PCW U . 1.67 2.99 -8.23
C17 PCW U . 1.72 2.66 -9.76
C18 PCW U . 0.38 2.20 -10.32
C19 PCW U . 0.05 2.83 -11.69
C20 PCW U . -1.13 3.54 -11.89
C21 PCW U . -2.28 3.86 -11.01
C22 PCW U . -2.65 5.34 -11.27
C23 PCW U . -2.43 6.35 -10.13
C24 PCW U . -2.80 7.77 -10.41
C25 PCW U . -4.25 8.16 -10.81
C26 PCW U . -4.96 9.13 -9.89
C27 PCW U . -6.49 9.15 -9.92
C28 PCW U . -7.03 9.33 -8.51
C31 PCW U . 6.50 8.42 -5.70
C32 PCW U . 6.77 9.32 -6.92
C33 PCW U . 5.50 9.64 -7.84
C34 PCW U . 5.77 9.51 -9.33
C35 PCW U . 5.03 10.74 -9.99
C36 PCW U . 5.85 11.42 -11.11
C37 PCW U . 5.17 12.65 -11.79
C38 PCW U . 5.80 13.00 -13.09
C39 PCW U . 5.14 14.19 -13.75
C40 PCW U . 4.48 14.21 -14.91
C41 PCW U . 4.27 12.99 -15.79
C42 PCW U . 3.97 13.52 -17.28
C43 PCW U . 2.59 13.29 -17.86
C44 PCW U . 2.59 13.88 -19.26
C45 PCW U . 1.79 13.13 -20.28
C46 PCW U . 1.08 14.01 -21.26
C47 PCW U . 0.85 13.43 -22.64
C48 PCW U . 0.13 14.43 -23.56
N PCW U . 7.43 10.17 3.73
O2 PCW U . 6.04 9.19 -4.72
O3 PCW U . 3.52 7.90 -4.40
O11 PCW U . 2.92 6.07 -3.19
O31 PCW U . 6.67 7.17 -5.66
O1P PCW U . 5.37 7.36 -0.22
O2P PCW U . 7.63 6.45 0.33
O3P PCW U . 7.36 8.20 -1.56
O4P PCW U . 7.20 8.75 0.80
P PCW U . 6.85 7.62 -0.13
C1 PCW V . 8.33 -17.41 -2.33
C2 PCW V . 7.47 -18.05 -3.48
C3 PCW V . 6.40 -17.02 -3.97
C4 PCW V . 10.11 -17.30 1.43
C5 PCW V . 9.88 -18.24 2.62
C6 PCW V . 8.02 -18.52 4.15
C7 PCW V . 8.84 -16.38 3.76
C8 PCW V . 10.12 -17.76 5.04
C11 PCW V . 4.54 -18.37 -4.67
C12 PCW V . 3.84 -18.84 -5.91
C13 PCW V . 4.29 -20.31 -6.21
C14 PCW V . 3.67 -20.94 -7.45
C15 PCW V . 2.24 -21.54 -7.25
C16 PCW V . 1.68 -22.09 -8.61
C17 PCW V . 1.48 -23.63 -8.75
C18 PCW V . 1.41 -24.12 -10.19
C19 PCW V . -0.02 -24.09 -10.77
C20 PCW V . -0.40 -24.89 -11.84
C21 PCW V . 0.33 -25.88 -12.67
C22 PCW V . -0.69 -26.46 -13.69
C23 PCW V . -1.55 -27.67 -13.24
C24 PCW V . -1.56 -28.86 -14.14
C25 PCW V . -2.87 -29.31 -14.85
C26 PCW V . -2.72 -29.94 -16.22
C27 PCW V . -3.30 -29.17 -17.43
C28 PCW V . -3.40 -30.09 -18.62
C31 PCW V . 8.35 -19.65 -4.99
C32 PCW V . 9.30 -19.81 -6.18
C33 PCW V . 8.60 -19.96 -7.61
C34 PCW V . 9.59 -20.00 -8.76
C35 PCW V . 8.74 -20.35 -10.04
C36 PCW V . 9.04 -19.42 -11.24
C37 PCW V . 8.23 -19.72 -12.54
C38 PCW V . 9.11 -19.95 -13.71
C39 PCW V . 8.33 -20.23 -14.97
C40 PCW V . 8.14 -19.40 -15.99
C41 PCW V . 8.67 -17.99 -16.05
C42 PCW V . 8.06 -17.28 -17.34
C43 PCW V . 8.96 -17.05 -18.54
C44 PCW V . 8.10 -16.37 -19.59
C45 PCW V . 7.25 -17.30 -20.43
C46 PCW V . 7.14 -16.90 -21.88
C47 PCW V . 6.42 -17.86 -22.80
C48 PCW V . 6.39 -17.33 -24.24
N PCW V . 9.25 -17.74 3.83
O2 PCW V . 8.35 -18.37 -4.63
O3 PCW V . 5.60 -17.59 -5.03
O11 PCW V . 4.23 -18.64 -3.54
O31 PCW V . 7.70 -20.58 -4.43
O1P PCW V . 7.21 -17.55 1.34
O2P PCW V . 7.72 -19.51 -0.10
O3P PCW V . 7.60 -17.14 -1.12
O4P PCW V . 9.47 -17.90 0.27
P PCW V . 7.96 -18.08 0.15
C1 PCW W . -6.95 -9.36 6.32
C2 PCW W . -8.47 -9.26 5.91
C3 PCW W . -8.65 -8.13 4.83
C4 PCW W . -3.37 -8.91 7.13
C5 PCW W . -2.21 -9.73 6.53
C6 PCW W . -3.41 -10.15 4.30
C7 PCW W . -1.04 -10.74 4.58
C8 PCW W . -2.51 -11.45 5.45
C11 PCW W . -10.39 -7.37 3.35
C12 PCW W . -11.89 -7.35 3.26
C13 PCW W . -12.33 -6.41 2.09
C14 PCW W . -13.85 -6.29 1.91
C15 PCW W . -14.38 -6.42 0.44
C16 PCW W . -15.85 -5.90 0.34
C17 PCW W . -17.00 -6.91 0.74
C18 PCW W . -17.52 -7.72 -0.45
C19 PCW W . -18.25 -9.01 -0.01
C20 PCW W . -19.55 -9.31 -0.42
C21 PCW W . -20.51 -8.60 -1.29
C22 PCW W . -21.29 -7.60 -0.40
C23 PCW W . -22.84 -7.63 -0.48
C24 PCW W . -23.50 -6.44 -1.13
C25 PCW W . -23.41 -5.04 -0.47
C26 PCW W . -24.57 -4.64 0.44
C27 PCW W . -24.79 -5.50 1.71
C28 PCW W . -24.60 -4.65 2.94
C31 PCW W . -9.80 -11.22 5.98
C32 PCW W . -10.12 -12.51 5.21
C33 PCW W . -11.64 -13.00 5.27
C34 PCW W . -12.07 -13.76 4.02
C35 PCW W . -13.65 -13.75 4.03
C36 PCW W . -14.27 -13.52 2.64
C37 PCW W . -15.82 -13.51 2.59
C38 PCW W . -16.37 -12.31 1.88
C39 PCW W . -17.87 -12.28 1.84
C40 PCW W . -18.65 -12.64 0.82
C41 PCW W . -18.12 -13.14 -0.52
C42 PCW W . -18.62 -14.63 -0.73
C43 PCW W . -18.71 -15.55 0.49
C44 PCW W . -19.21 -16.89 0.01
C45 PCW W . -20.57 -17.28 0.51
C46 PCW W . -21.70 -16.75 -0.33
C47 PCW W . -22.91 -17.63 -0.44
C48 PCW W . -23.98 -16.98 -1.33
N PCW W . -2.18 -10.03 5.13
O2 PCW W . -8.90 -10.54 5.28
O3 PCW W . -10.04 -8.05 4.48
O11 PCW W . -9.63 -6.83 2.59
O31 PCW W . -10.30 -10.87 7.10
O1P PCW W . -5.71 -7.97 8.65
O2P PCW W . -5.44 -10.17 9.79
O3P PCW W . -6.74 -10.03 7.59
O4P PCW W . -4.31 -9.86 7.69
P PCW W . -5.54 -9.45 8.50
C1 PCW X . -3.21 0.29 5.01
C2 PCW X . -3.63 -0.72 3.86
C3 PCW X . -5.16 -0.55 3.54
C4 PCW X . -2.07 3.48 5.79
C5 PCW X . -1.69 4.48 4.70
C6 PCW X . -2.55 5.94 2.78
C7 PCW X . -3.72 5.91 4.94
C8 PCW X . -2.01 6.51 4.58
C11 PCW X . -6.27 -2.58 2.86
C12 PCW X . -6.60 -3.39 1.63
C13 PCW X . -6.44 -4.91 1.98
C14 PCW X . -6.75 -5.88 0.83
C15 PCW X . -5.61 -6.88 0.45
C16 PCW X . -5.51 -7.04 -1.11
C17 PCW X . -4.21 -7.72 -1.68
C18 PCW X . -4.53 -8.75 -2.77
C19 PCW X . -3.46 -9.87 -2.88
C20 PCW X . -3.71 -11.06 -3.55
C21 PCW X . -4.90 -11.58 -4.27
C22 PCW X . -5.05 -10.73 -5.56
C23 PCW X . -5.06 -11.48 -6.91
C24 PCW X . -3.98 -11.11 -7.90
C25 PCW X . -2.53 -11.65 -7.75
C26 PCW X . -2.34 -13.13 -8.05
C27 PCW X . -0.94 -13.61 -8.51
C28 PCW X . -1.00 -14.09 -9.93
C31 PCW X . -1.82 -1.21 2.39
C32 PCW X . -1.14 -0.76 1.07
C33 PCW X . -0.03 -1.77 0.47
C34 PCW X . 0.30 -1.53 -1.01
C35 PCW X . -1.01 -1.96 -1.81
C36 PCW X . -0.76 -3.13 -2.79
C37 PCW X . -2.01 -3.58 -3.59
C38 PCW X . -1.81 -4.89 -4.27
C39 PCW X . -3.04 -5.33 -5.03
C40 PCW X . -3.10 -5.87 -6.25
C41 PCW X . -1.91 -6.15 -7.14
C42 PCW X . -2.42 -7.07 -8.35
C43 PCW X . -3.80 -6.82 -8.94
C44 PCW X . -4.00 -7.82 -10.07
C45 PCW X . -5.26 -7.65 -10.87
C46 PCW X . -6.29 -8.71 -10.63
C47 PCW X . -7.53 -8.28 -9.88
C48 PCW X . -8.49 -9.46 -9.70
N PCW X . -2.72 5.29 4.10
O2 PCW X . -2.87 -0.41 2.61
O3 PCW X . -5.56 -1.46 2.51
O11 PCW X . -6.61 -2.86 3.99
O31 PCW X . -1.44 -2.17 3.13
O1P PCW X . -2.10 1.34 7.76
O2P PCW X . 0.16 0.81 6.80
O3P PCW X . -1.99 -0.08 5.68
O4P PCW X . -1.32 2.26 5.54
P PCW X . -1.28 1.09 6.52
C1 PCW Y . 17.93 14.73 -11.09
C2 PCW Y . 16.82 15.85 -10.86
C3 PCW Y . 17.35 17.22 -11.40
C4 PCW Y . 21.07 16.21 -7.83
C5 PCW Y . 22.36 17.05 -7.99
C6 PCW Y . 22.12 18.36 -5.97
C7 PCW Y . 21.55 19.31 -8.02
C8 PCW Y . 23.76 19.04 -7.58
C11 PCW Y . 16.69 19.33 -10.45
C12 PCW Y . 15.53 20.29 -10.43
C13 PCW Y . 15.23 20.69 -8.94
C14 PCW Y . 14.07 21.68 -8.75
C15 PCW Y . 12.65 21.07 -8.94
C16 PCW Y . 11.55 22.19 -8.88
C17 PCW Y . 10.37 21.97 -7.87
C18 PCW Y . 9.33 23.09 -7.91
C19 PCW Y . 7.88 22.56 -7.89
C20 PCW Y . 6.90 23.09 -8.72
C21 PCW Y . 6.91 24.16 -9.73
C22 PCW Y . 7.31 23.50 -11.08
C23 PCW Y . 7.84 24.44 -12.21
C24 PCW Y . 7.16 24.34 -13.55
C25 PCW Y . 7.09 25.57 -14.50
C26 PCW Y . 6.79 25.27 -15.96
C27 PCW Y . 7.38 26.22 -17.03
C28 PCW Y . 7.65 25.45 -18.30
C31 PCW Y . 14.97 14.38 -11.27
C32 PCW Y . 13.73 14.20 -12.14
C33 PCW Y . 12.35 14.11 -11.34
C34 PCW Y . 11.11 14.24 -12.22
C35 PCW Y . 10.07 15.11 -11.38
C36 PCW Y . 8.75 15.36 -12.14
C37 PCW Y . 7.68 16.20 -11.38
C38 PCW Y . 6.74 16.88 -12.34
C39 PCW Y . 5.68 17.71 -11.64
C40 PCW Y . 4.94 18.68 -12.20
C41 PCW Y . 5.07 19.10 -13.65
C42 PCW Y . 4.47 20.57 -13.81
C43 PCW Y . 3.78 20.92 -15.10
C44 PCW Y . 3.31 22.35 -14.98
C45 PCW Y . 3.71 23.26 -16.11
C46 PCW Y . 2.65 23.42 -17.17
C47 PCW Y . 1.35 24.06 -16.71
C48 PCW Y . 0.35 24.17 -17.86
N PCW Y . 22.44 18.37 -7.41
O2 PCW Y . 15.59 15.52 -11.64
O3 PCW Y . 16.37 18.23 -11.21
O11 PCW Y . 17.75 19.51 -9.91
O31 PCW Y . 15.35 13.58 -10.36
O1P PCW Y . 18.71 14.59 -8.26
O2P PCW Y . 20.33 13.11 -9.47
O3P PCW Y . 19.25 15.12 -10.67
O4P PCW Y . 20.99 15.37 -8.99
P PCW Y . 19.79 14.48 -9.30
C1 PCW Z . 22.74 -18.50 -8.92
C2 PCW Z . 21.58 -18.80 -9.94
C3 PCW Z . 20.17 -18.57 -9.26
C4 PCW Z . 20.44 -14.86 -7.99
C5 PCW Z . 20.23 -13.49 -8.62
C6 PCW Z . 21.33 -14.16 -10.83
C7 PCW Z . 20.23 -11.98 -10.60
C8 PCW Z . 21.73 -12.60 -9.70
C11 PCW Z . 19.01 -20.07 -10.77
C12 PCW Z . 17.83 -20.10 -11.70
C13 PCW Z . 18.02 -18.95 -12.76
C14 PCW Z . 16.91 -18.83 -13.80
C15 PCW Z . 16.05 -17.54 -13.73
C16 PCW Z . 16.81 -16.32 -14.35
C17 PCW Z . 16.19 -14.91 -14.14
C18 PCW Z . 14.92 -14.71 -14.95
C19 PCW Z . 15.12 -13.82 -16.21
C20 PCW Z . 14.48 -14.09 -17.40
C21 PCW Z . 13.51 -15.14 -17.82
C22 PCW Z . 14.29 -16.06 -18.80
C23 PCW Z . 13.69 -17.47 -19.07
C24 PCW Z . 13.33 -17.78 -20.49
C25 PCW Z . 12.03 -18.57 -20.83
C26 PCW Z . 11.16 -18.00 -21.91
C27 PCW Z . 10.20 -18.96 -22.65
C28 PCW Z . 10.09 -18.58 -24.10
C31 PCW Z . 21.83 -18.49 -12.27
C32 PCW Z . 21.91 -17.43 -13.38
C33 PCW Z . 20.52 -16.84 -13.87
C34 PCW Z . 20.29 -17.02 -15.36
C35 PCW Z . 20.67 -15.62 -16.02
C36 PCW Z . 19.55 -14.57 -15.84
C37 PCW Z . 19.84 -13.17 -16.45
C38 PCW Z . 18.59 -12.46 -16.85
C39 PCW Z . 18.85 -11.11 -17.45
C40 PCW Z . 18.12 -10.47 -18.37
C41 PCW Z . 16.85 -11.02 -18.98
C42 PCW Z . 17.24 -12.24 -19.93
C43 PCW Z . 16.15 -13.20 -20.36
C44 PCW Z . 16.81 -14.26 -21.24
C45 PCW Z . 16.28 -14.36 -22.65
C46 PCW Z . 14.94 -15.02 -22.75
C47 PCW Z . 14.36 -15.15 -24.13
C48 PCW Z . 12.99 -15.85 -24.12
N PCW Z . 20.44 -13.29 -10.03
O2 PCW Z . 21.67 -17.87 -11.10
O3 PCW Z . 19.11 -18.83 -10.19
O11 PCW Z . 19.75 -20.99 -10.57
O31 PCW Z . 21.91 -19.74 -12.46
O1P PCW Z . 21.54 -17.28 -6.79
O2P PCW Z . 23.58 -15.88 -6.57
O3P PCW Z . 23.08 -17.11 -8.78
O4P PCW Z . 21.86 -15.12 -8.06
P PCW Z . 22.51 -16.36 -7.46
C1 PCW AA . -13.38 -7.04 11.45
C2 PCW AA . -13.09 -7.66 10.03
C3 PCW AA . -13.58 -9.15 9.99
C4 PCW AA . -9.73 -8.07 12.82
C5 PCW AA . -9.72 -9.59 12.61
C6 PCW AA . -8.80 -11.83 13.40
C7 PCW AA . -9.63 -10.20 15.01
C8 PCW AA . -10.58 -11.10 13.70
C11 PCW AA . -14.37 -9.96 7.86
C12 PCW AA . -13.86 -10.62 6.62
C13 PCW AA . -14.08 -9.66 5.40
C14 PCW AA . -13.60 -10.21 4.05
C15 PCW AA . -14.34 -9.66 2.79
C16 PCW AA . -13.49 -9.95 1.51
C17 PCW AA . -14.27 -10.26 0.18
C18 PCW AA . -13.49 -9.88 -1.08
C19 PCW AA . -14.28 -8.97 -2.04
C20 PCW AA . -13.85 -8.69 -3.33
C21 PCW AA . -12.68 -9.12 -4.12
C22 PCW AA . -13.16 -9.29 -5.59
C23 PCW AA . -13.47 -10.73 -6.07
C24 PCW AA . -13.89 -10.89 -7.49
C25 PCW AA . -14.80 -12.07 -7.94
C26 PCW AA . -15.75 -11.82 -9.08
C27 PCW AA . -15.14 -11.47 -10.46
C28 PCW AA . -16.23 -11.06 -11.42
C31 PCW AA . -13.20 -5.86 8.51
C32 PCW AA . -14.11 -5.16 7.47
C33 PCW AA . -14.83 -6.11 6.40
C34 PCW AA . -15.06 -5.42 5.05
C35 PCW AA . -16.56 -4.91 5.09
C36 PCW AA . -16.89 -3.93 3.94
C37 PCW AA . -18.35 -3.40 3.92
C38 PCW AA . -18.77 -2.96 2.55
C39 PCW AA . -20.19 -2.43 2.52
C40 PCW AA . -20.76 -1.76 1.54
C41 PCW AA . -20.08 -1.39 0.23
C42 PCW AA . -20.90 -2.06 -0.97
C43 PCW AA . -21.92 -1.21 -1.71
C44 PCW AA . -22.52 -2.11 -2.77
C45 PCW AA . -23.35 -1.40 -3.82
C46 PCW AA . -23.74 -2.28 -4.98
C47 PCW AA . -23.92 -3.75 -4.69
C48 PCW AA . -24.32 -4.52 -5.96
N PCW AA . -9.23 -10.46 13.65
O2 PCW AA . -13.86 -6.91 9.00
O3 PCW AA . -13.32 -9.72 8.71
O11 PCW AA . -15.52 -9.72 8.10
O31 PCW AA . -12.03 -5.48 8.81
O1P PCW AA . -10.46 -5.27 13.17
O2P PCW AA . -12.41 -6.27 14.37
O3P PCW AA . -12.45 -5.99 11.82
O4P PCW AA . -11.12 -7.69 12.95
P PCW AA . -11.58 -6.26 13.14
C1 PCW BA . -12.61 6.92 12.49
C2 PCW BA . -13.20 5.90 11.43
C3 PCW BA . -14.53 5.27 11.97
C4 PCW BA . -8.43 5.30 11.16
C5 PCW BA . -8.34 4.11 10.20
C6 PCW BA . -7.64 2.22 11.53
C7 PCW BA . -6.03 3.67 10.67
C8 PCW BA . -7.05 2.28 9.19
C11 PCW BA . -14.63 3.05 11.05
C12 PCW BA . -15.30 2.25 9.95
C13 PCW BA . -16.32 1.26 10.62
C14 PCW BA . -17.10 0.38 9.64
C15 PCW BA . -18.08 -0.64 10.28
C16 PCW BA . -19.19 0.09 11.13
C17 PCW BA . -20.35 0.80 10.35
C18 PCW BA . -21.02 -0.10 9.31
C19 PCW BA . -20.88 0.44 7.87
C20 PCW BA . -21.88 0.27 6.92
C21 PCW BA . -23.21 -0.39 6.97
C22 PCW BA . -23.01 -1.83 6.44
C23 PCW BA . -23.51 -2.98 7.35
C24 PCW BA . -24.58 -3.88 6.79
C25 PCW BA . -25.51 -4.69 7.74
C26 PCW BA . -26.77 -5.26 7.12
C27 PCW BA . -27.06 -6.76 7.36
C28 PCW BA . -26.15 -7.61 6.50
C31 PCW BA . -13.24 5.92 9.06
C32 PCW BA . -13.63 6.78 7.84
C33 PCW BA . -14.72 7.93 8.10
C34 PCW BA . -16.16 7.42 8.05
C35 PCW BA . -16.43 7.07 6.53
C36 PCW BA . -17.88 6.60 6.28
C37 PCW BA . -18.23 6.23 4.81
C38 PCW BA . -19.11 7.26 4.16
C39 PCW BA . -19.45 6.92 2.73
C40 PCW BA . -20.67 6.73 2.24
C41 PCW BA . -21.94 6.83 3.06
C42 PCW BA . -23.17 7.01 2.06
C43 PCW BA . -24.44 6.22 2.34
C44 PCW BA . -25.42 6.58 1.23
C45 PCW BA . -25.91 5.42 0.41
C46 PCW BA . -26.22 5.77 -1.02
C47 PCW BA . -27.59 5.38 -1.54
C48 PCW BA . -27.76 5.80 -3.01
N PCW BA . -7.32 3.12 10.39
O2 PCW BA . -13.51 6.63 10.17
O3 PCW BA . -15.06 4.34 11.00
O11 PCW BA . -13.83 2.61 11.83
O31 PCW BA . -12.76 4.75 9.01
O1P PCW BA . -9.05 6.76 13.58
O2P PCW BA . -10.88 5.08 13.77
O3P PCW BA . -11.19 7.19 12.33
O4P PCW BA . -9.79 5.32 11.65
P PCW BA . -10.20 6.07 12.90
C1 PCW CA . 4.16 -21.90 1.78
C2 PCW CA . 3.45 -22.09 0.38
C3 PCW CA . 3.67 -20.80 -0.51
C4 PCW CA . 0.58 -22.64 3.71
C5 PCW CA . -0.02 -22.90 2.33
C6 PCW CA . -1.60 -24.79 2.98
C7 PCW CA . -2.05 -23.44 0.99
C8 PCW CA . -0.60 -24.56 1.31
C11 PCW CA . 1.66 -20.74 -1.85
C12 PCW CA . 1.18 -21.00 -3.26
C13 PCW CA . -0.08 -20.10 -3.51
C14 PCW CA . -0.69 -20.23 -4.91
C15 PCW CA . -1.90 -19.29 -5.21
C16 PCW CA . -2.68 -19.78 -6.49
C17 PCW CA . -1.84 -20.19 -7.74
C18 PCW CA . -2.67 -20.39 -9.01
C19 PCW CA . -3.82 -21.40 -8.82
C20 PCW CA . -4.20 -22.29 -9.81
C21 PCW CA . -3.69 -22.54 -11.19
C22 PCW CA . -4.29 -23.90 -11.64
C23 PCW CA . -5.54 -23.85 -12.56
C24 PCW CA . -5.93 -25.13 -13.24
C25 PCW CA . -5.50 -25.43 -14.70
C26 PCW CA . -4.01 -25.51 -14.95
C27 PCW CA . -3.53 -25.62 -16.41
C28 PCW CA . -3.38 -24.25 -17.02
C31 PCW CA . 3.17 -24.18 -0.69
C32 PCW CA . 3.93 -25.30 -1.41
C33 PCW CA . 4.70 -24.85 -2.75
C34 PCW CA . 4.38 -25.73 -3.97
C35 PCW CA . 4.35 -24.73 -5.19
C36 PCW CA . 5.71 -24.66 -5.93
C37 PCW CA . 5.77 -23.71 -7.16
C38 PCW CA . 6.82 -24.10 -8.15
C39 PCW CA . 6.87 -23.18 -9.32
C40 PCW CA . 6.90 -23.52 -10.61
C41 PCW CA . 6.88 -24.95 -11.11
C42 PCW CA . 6.26 -24.93 -12.59
C43 PCW CA . 4.79 -24.60 -12.75
C44 PCW CA . 4.51 -24.67 -14.25
C45 PCW CA . 3.44 -23.72 -14.73
C46 PCW CA . 2.39 -24.38 -15.58
C47 PCW CA . 1.28 -23.50 -16.10
C48 PCW CA . 0.29 -24.31 -16.96
N PCW CA . -1.27 -23.58 2.21
O2 PCW CA . 4.05 -23.24 -0.35
O3 PCW CA . 3.01 -20.98 -1.78
O11 PCW CA . 0.97 -20.40 -0.93
O31 PCW CA . 1.92 -24.16 -0.46
O1P PCW CA . 2.92 -24.00 4.75
O2P PCW CA . 3.86 -21.69 4.86
O3P PCW CA . 3.96 -23.03 2.66
O4P PCW CA . 1.90 -22.07 3.51
P PCW CA . 3.18 -22.71 4.02
C1 PCW DA . -7.36 -1.16 6.66
C2 PCW DA . -8.69 -1.35 5.84
C3 PCW DA . -9.56 -2.50 6.44
C4 PCW DA . -6.10 -4.03 8.65
C5 PCW DA . -5.18 -4.42 9.80
C6 PCW DA . -6.36 -6.32 11.02
C7 PCW DA . -3.94 -6.40 10.61
C8 PCW DA . -4.89 -5.21 11.67
C11 PCW DA . -10.90 -3.74 4.89
C12 PCW DA . -12.19 -3.66 4.14
C13 PCW DA . -11.92 -2.90 2.79
C14 PCW DA . -13.14 -2.72 1.88
C15 PCW DA . -12.84 -2.88 0.35
C16 PCW DA . -14.16 -2.74 -0.49
C17 PCW DA . -14.05 -3.03 -2.03
C18 PCW DA . -14.45 -4.46 -2.41
C19 PCW DA . -14.60 -4.68 -3.93
C20 PCW DA . -15.83 -4.89 -4.54
C21 PCW DA . -17.22 -4.96 -4.02
C22 PCW DA . -18.16 -4.44 -5.15
C23 PCW DA . -18.93 -3.12 -4.89
C24 PCW DA . -18.93 -2.11 -6.00
C25 PCW DA . -18.12 -0.78 -5.88
C26 PCW DA . -18.06 -0.15 -4.50
C27 PCW DA . -18.63 1.28 -4.33
C28 PCW DA . -19.91 1.23 -3.53
C31 PCW DA . -9.36 0.71 4.86
C32 PCW DA . -10.26 1.93 5.07
C33 PCW DA . -10.90 2.55 3.74
C34 PCW DA . -11.89 1.64 3.03
C35 PCW DA . -12.66 2.57 2.01
C36 PCW DA . -11.84 2.88 0.74
C37 PCW DA . -12.55 3.79 -0.30
C38 PCW DA . -12.50 5.22 0.10
C39 PCW DA . -13.18 6.13 -0.90
C40 PCW DA . -13.96 7.17 -0.63
C41 PCW DA . -14.29 7.64 0.78
C42 PCW DA . -15.75 8.28 0.75
C43 PCW DA . -15.90 9.78 0.94
C44 PCW DA . -17.38 10.10 0.86
C45 PCW DA . -17.87 10.49 -0.50
C46 PCW DA . -17.98 11.97 -0.70
C47 PCW DA . -17.55 12.50 -2.05
C48 PCW DA . -17.71 14.03 -2.11
N PCW DA . -5.19 -5.75 10.31
O2 PCW DA . -9.52 -0.11 5.91
O3 PCW DA . -10.76 -2.64 5.66
O11 PCW DA . -10.09 -4.63 4.81
O31 PCW DA . -8.58 0.51 3.87
O1P PCW DA . -5.12 -1.29 8.48
O2P PCW DA . -6.61 -0.95 10.45
O3P PCW DA . -7.55 -0.84 8.06
O4P PCW DA . -6.92 -2.92 9.12
P PCW DA . -6.48 -1.47 9.08
C1 PCW EA . 6.54 14.77 -0.60
C2 PCW EA . 5.96 15.79 -1.67
C3 PCW EA . 4.76 15.14 -2.41
C4 PCW EA . 7.05 17.85 2.96
C5 PCW EA . 6.46 17.67 4.36
C6 PCW EA . 5.99 19.28 6.28
C7 PCW EA . 4.34 18.96 4.49
C8 PCW EA . 4.94 17.72 5.73
C11 PCW EA . 3.60 15.55 -4.48
C12 PCW EA . 3.12 16.68 -5.34
C13 PCW EA . 1.93 17.40 -4.60
C14 PCW EA . 1.30 18.58 -5.34
C15 PCW EA . -0.06 19.09 -4.77
C16 PCW EA . -1.20 18.89 -5.82
C17 PCW EA . -2.66 18.77 -5.28
C18 PCW EA . -3.71 19.35 -6.21
C19 PCW EA . -4.71 18.30 -6.75
C20 PCW EA . -4.71 17.85 -8.06
C21 PCW EA . -3.85 18.20 -9.22
C22 PCW EA . -4.65 17.79 -10.49
C23 PCW EA . -4.51 16.33 -11.00
C24 PCW EA . -3.16 15.70 -10.88
C25 PCW EA . -2.77 14.46 -11.75
C26 PCW EA . -1.83 13.45 -11.11
C27 PCW EA . -2.39 12.05 -10.80
C28 PCW EA . -2.59 11.27 -12.07
C31 PCW EA . 6.21 18.10 -1.13
C32 PCW EA . 5.53 19.26 -0.40
C33 PCW EA . 5.73 20.71 -1.05
C34 PCW EA . 5.62 20.70 -2.58
C35 PCW EA . 4.86 22.04 -2.97
C36 PCW EA . 5.12 22.45 -4.43
C37 PCW EA . 4.40 23.76 -4.90
C38 PCW EA . 5.11 24.38 -6.06
C39 PCW EA . 4.44 25.65 -6.56
C40 PCW EA . 3.71 25.77 -7.66
C41 PCW EA . 3.41 24.62 -8.62
C42 PCW EA . 2.85 25.24 -9.97
C43 PCW EA . 3.11 24.50 -11.27
C44 PCW EA . 2.47 25.31 -12.39
C45 PCW EA . 3.42 25.92 -13.40
C46 PCW EA . 2.74 26.66 -14.51
C47 PCW EA . 3.59 27.02 -15.71
C48 PCW EA . 2.79 27.79 -16.77
N PCW EA . 5.70 18.74 4.95
O2 PCW EA . 5.44 17.01 -1.00
O3 PCW EA . 4.23 16.06 -3.38
O11 PCW EA . 3.46 14.38 -4.71
O31 PCW EA . 7.32 18.16 -1.75
O1P PCW EA . 5.26 15.94 1.72
O2P PCW EA . 6.84 14.27 2.69
O3P PCW EA . 7.36 15.39 0.42
O4P PCW EA . 7.56 16.56 2.53
P PCW EA . 6.68 15.50 1.88
C1 PCW FA . 2.44 13.13 3.49
C2 PCW FA . 1.65 13.74 2.26
C3 PCW FA . 2.66 14.18 1.14
C4 PCW FA . 3.43 11.48 7.32
C5 PCW FA . 3.45 10.32 8.32
C6 PCW FA . 4.69 11.06 10.43
C7 PCW FA . 2.51 9.96 10.59
C8 PCW FA . 4.09 9.25 9.95
C11 PCW FA . 1.55 16.02 0.06
C12 PCW FA . 0.85 16.38 -1.22
C13 PCW FA . -0.65 15.92 -1.11
C14 PCW FA . -1.52 16.21 -2.35
C15 PCW FA . -1.80 14.99 -3.27
C16 PCW FA . -2.93 15.31 -4.31
C17 PCW FA . -3.12 14.30 -5.50
C18 PCW FA . -3.72 12.97 -5.05
C19 PCW FA . -3.70 11.91 -6.18
C20 PCW FA . -4.73 11.78 -7.09
C21 PCW FA . -6.01 12.51 -7.27
C22 PCW FA . -5.87 13.38 -8.55
C23 PCW FA . -6.82 13.07 -9.72
C24 PCW FA . -6.21 13.06 -11.09
C25 PCW FA . -6.78 12.12 -12.20
C26 PCW FA . -5.91 11.91 -13.42
C27 PCW FA . -5.68 13.10 -14.37
C28 PCW FA . -5.42 12.60 -15.78
C31 PCW FA . -0.52 13.06 1.58
C32 PCW FA . -1.31 11.91 0.95
C33 PCW FA . -2.10 12.26 -0.40
C34 PCW FA . -3.62 12.23 -0.24
C35 PCW FA . -4.12 13.64 -0.75
C36 PCW FA . -5.41 13.55 -1.60
C37 PCW FA . -5.96 14.91 -2.14
C38 PCW FA . -6.87 14.71 -3.30
C39 PCW FA . -7.41 16.01 -3.86
C40 PCW FA . -8.18 16.18 -4.92
C41 PCW FA . -8.67 15.04 -5.81
C42 PCW FA . -9.05 15.67 -7.24
C43 PCW FA . -10.51 15.87 -7.59
C44 PCW FA . -10.56 16.46 -8.98
C45 PCW FA . -11.84 16.21 -9.76
C46 PCW FA . -11.62 15.63 -11.13
C47 PCW FA . -12.65 14.64 -11.61
C48 PCW FA . -12.30 14.14 -13.03
N PCW FA . 3.48 10.59 9.73
O2 PCW FA . 0.76 12.70 1.66
O3 PCW FA . 1.95 14.72 0.01
O11 PCW FA . 1.74 16.78 0.98
O31 PCW FA . -1.00 14.17 1.96
O1P PCW FA . 2.15 13.78 6.13
O2P PCW FA . 0.12 12.33 6.27
O3P PCW FA . 1.71 12.14 4.26
O4P PCW FA . 2.26 11.30 6.48
P PCW FA . 1.53 12.45 5.82
C1 PCW GA . 12.89 -0.61 -6.51
C2 PCW GA . 11.62 -1.05 -7.34
C3 PCW GA . 11.21 0.09 -8.32
C4 PCW GA . 12.81 0.05 -2.99
C5 PCW GA . 13.43 1.41 -2.65
C6 PCW GA . 14.54 2.82 -0.85
C7 PCW GA . 15.31 0.55 -1.29
C8 PCW GA . 15.37 2.00 -2.43
C11 PCW GA . 8.86 -0.42 -8.48
C12 PCW GA . 7.82 -0.82 -9.50
C13 PCW GA . 7.82 -2.38 -9.62
C14 PCW GA . 6.81 -2.97 -10.62
C15 PCW GA . 7.14 -2.71 -12.12
C16 PCW GA . 6.95 -4.02 -12.97
C17 PCW GA . 7.73 -4.12 -14.32
C18 PCW GA . 7.37 -3.02 -15.32
C19 PCW GA . 7.41 -3.51 -16.80
C20 PCW GA . 6.35 -4.19 -17.38
C21 PCW GA . 5.02 -4.61 -16.86
C22 PCW GA . 4.15 -4.96 -18.09
C23 PCW GA . 2.69 -4.43 -18.11
C24 PCW GA . 2.29 -3.59 -19.27
C25 PCW GA . 1.75 -4.23 -20.58
C26 PCW GA . 2.11 -3.53 -21.87
C27 PCW GA . 1.15 -3.68 -23.06
C28 PCW GA . 1.06 -2.38 -23.82
C31 PCW GA . 11.13 -3.29 -7.95
C32 PCW GA . 11.53 -4.43 -8.90
C33 PCW GA . 10.56 -4.63 -10.16
C34 PCW GA . 11.20 -4.27 -11.50
C35 PCW GA . 11.17 -2.70 -11.59
C36 PCW GA . 12.59 -2.09 -11.66
C37 PCW GA . 12.68 -0.54 -11.76
C38 PCW GA . 12.97 -0.11 -13.16
C39 PCW GA . 13.07 1.40 -13.30
C40 PCW GA . 12.18 2.22 -13.86
C41 PCW GA . 10.88 1.76 -14.49
C42 PCW GA . 11.11 1.58 -16.05
C43 PCW GA . 10.62 0.31 -16.70
C44 PCW GA . 10.97 0.40 -18.18
C45 PCW GA . 10.15 -0.47 -19.09
C46 PCW GA . 9.94 0.12 -20.46
C47 PCW GA . 8.62 -0.17 -21.12
C48 PCW GA . 8.55 0.48 -22.51
N PCW GA . 14.29 1.53 -1.51
O2 PCW GA . 11.93 -2.25 -8.19
O3 PCW GA . 10.06 -0.30 -9.09
O11 PCW GA . 8.64 -0.21 -7.31
O31 PCW GA . 10.20 -3.33 -7.10
O1P PCW GA . 12.12 -2.52 -4.17
O2P PCW GA . 14.58 -2.94 -3.92
O3P PCW GA . 13.68 -1.72 -5.99
O4P PCW GA . 13.80 -0.67 -3.77
P PCW GA . 13.52 -2.03 -4.42
C1 PCW HA . 14.75 1.67 -9.01
C2 PCW HA . 13.80 2.94 -8.99
C3 PCW HA . 13.22 3.18 -10.44
C4 PCW HA . 17.64 2.92 -5.49
C5 PCW HA . 17.60 4.37 -5.97
C6 PCW HA . 15.94 6.10 -6.84
C7 PCW HA . 15.86 5.36 -4.50
C8 PCW HA . 17.21 6.28 -5.35
C11 PCW HA . 12.94 5.58 -10.43
C12 PCW HA . 11.86 6.62 -10.48
C13 PCW HA . 11.30 6.67 -11.94
C14 PCW HA . 10.19 7.69 -12.16
C15 PCW HA . 9.64 7.75 -13.62
C16 PCW HA . 9.15 6.34 -14.09
C17 PCW HA . 10.13 5.48 -14.97
C18 PCW HA . 10.90 6.29 -16.01
C19 PCW HA . 10.85 5.68 -17.43
C20 PCW HA . 10.36 6.37 -18.53
C21 PCW HA . 9.79 7.73 -18.69
C22 PCW HA . 9.19 7.82 -20.11
C23 PCW HA . 7.64 7.76 -20.23
C24 PCW HA . 7.08 6.89 -21.31
C25 PCW HA . 5.55 6.66 -21.43
C26 PCW HA . 5.12 5.46 -22.25
C27 PCW HA . 3.80 5.55 -23.03
C28 PCW HA . 3.98 4.96 -24.41
C31 PCW HA . 12.78 3.34 -6.90
C32 PCW HA . 11.53 3.02 -6.06
C33 PCW HA . 10.13 3.21 -6.82
C34 PCW HA . 9.13 4.08 -6.06
C35 PCW HA . 8.14 4.67 -7.15
C36 PCW HA . 8.74 5.88 -7.91
C37 PCW HA . 7.83 6.53 -9.01
C38 PCW HA . 7.71 5.70 -10.24
C39 PCW HA . 6.84 6.33 -11.30
C40 PCW HA . 5.78 5.79 -11.91
C41 PCW HA . 5.27 4.39 -11.61
C42 PCW HA . 4.12 4.06 -12.67
C43 PCW HA . 4.44 4.22 -14.15
C44 PCW HA . 3.18 3.83 -14.92
C45 PCW HA . 3.41 3.04 -16.18
C46 PCW HA . 2.15 2.47 -16.79
C47 PCW HA . 1.74 1.10 -16.33
C48 PCW HA . 0.44 0.64 -17.01
N PCW HA . 16.40 5.13 -5.82
O2 PCW HA . 12.65 2.71 -8.07
O3 PCW HA . 12.37 4.34 -10.43
O11 PCW HA . 14.12 5.79 -10.42
O31 PCW HA . 13.76 4.05 -6.53
O1P PCW HA . 15.29 1.41 -6.20
O2P PCW HA . 16.93 -0.13 -7.24
O3P PCW HA . 16.08 1.93 -8.53
O4P PCW HA . 17.66 2.08 -6.68
P PCW HA . 16.46 1.27 -7.12
C1 PCW IA . 7.46 -6.80 -1.93
C2 PCW IA . 7.20 -8.18 -2.62
C3 PCW IA . 7.60 -9.34 -1.64
C4 PCW IA . 6.51 -4.75 1.19
C5 PCW IA . 6.01 -6.00 1.93
C6 PCW IA . 4.15 -4.63 2.69
C7 PCW IA . 5.23 -6.06 4.19
C8 PCW IA . 3.89 -7.03 2.63
C11 PCW IA . 6.40 -11.41 -1.76
C12 PCW IA . 6.35 -12.71 -2.55
C13 PCW IA . 5.46 -12.47 -3.82
C14 PCW IA . 5.31 -13.68 -4.73
C15 PCW IA . 4.10 -13.66 -5.71
C16 PCW IA . 4.53 -14.06 -7.16
C17 PCW IA . 5.19 -15.47 -7.36
C18 PCW IA . 4.89 -16.10 -8.72
C19 PCW IA . 5.95 -17.12 -9.17
C20 PCW IA . 5.63 -18.28 -9.86
C21 PCW IA . 4.33 -18.85 -10.32
C22 PCW IA . 4.70 -20.00 -11.30
C23 PCW IA . 3.82 -20.16 -12.58
C24 PCW IA . 4.52 -20.02 -13.90
C25 PCW IA . 3.77 -20.23 -15.24
C26 PCW IA . 4.29 -19.44 -16.43
C27 PCW IA . 4.78 -20.24 -17.67
C28 PCW IA . 4.39 -19.53 -18.93
C31 PCW IA . 5.48 -8.68 -4.17
C32 PCW IA . 3.96 -8.79 -4.32
C33 PCW IA . 3.36 -8.23 -5.70
C34 PCW IA . 3.24 -9.29 -6.79
C35 PCW IA . 1.91 -8.95 -7.56
C36 PCW IA . 1.66 -9.89 -8.76
C37 PCW IA . 0.34 -9.63 -9.57
C38 PCW IA . 0.56 -9.75 -11.04
C39 PCW IA . -0.68 -9.50 -11.84
C40 PCW IA . -1.34 -10.37 -12.62
C41 PCW IA . -0.91 -11.81 -12.82
C42 PCW IA . -2.12 -12.58 -13.54
C43 PCW IA . -1.97 -14.06 -13.82
C44 PCW IA . -3.25 -14.51 -14.51
C45 PCW IA . -3.27 -15.96 -14.93
C46 PCW IA . -3.85 -16.17 -16.31
C47 PCW IA . -2.99 -15.72 -17.47
C48 PCW IA . -3.69 -16.00 -18.81
N PCW IA . 4.88 -5.93 2.81
O2 PCW IA . 5.75 -8.33 -2.91
O3 PCW IA . 7.36 -10.61 -2.28
O11 PCW IA . 5.71 -11.16 -0.80
O31 PCW IA . 6.33 -8.87 -5.10
O1P PCW IA . 8.05 -4.12 -1.16
O2P PCW IA . 5.86 -3.30 -2.01
O3P PCW IA . 6.47 -5.79 -2.22
O4P PCW IA . 5.85 -4.74 -0.11
P PCW IA . 6.60 -4.42 -1.39
C1 PCW JA . 0.86 20.27 5.87
C2 PCW JA . -0.62 20.77 5.66
C3 PCW JA . -0.63 22.33 5.61
C4 PCW JA . -1.29 16.56 7.25
C5 PCW JA . -2.39 16.60 8.31
C6 PCW JA . -4.91 16.99 8.37
C7 PCW JA . -4.00 14.82 7.68
C8 PCW JA . -3.87 15.64 9.34
C11 PCW JA . -2.57 23.44 6.47
C12 PCW JA . -3.95 23.90 6.04
C13 PCW JA . -3.81 25.32 5.37
C14 PCW JA . -5.12 25.94 4.89
C15 PCW JA . -5.95 25.09 3.87
C16 PCW JA . -7.37 24.73 4.46
C17 PCW JA . -8.36 23.98 3.52
C18 PCW JA . -9.73 24.68 3.41
C19 PCW JA . -10.85 23.74 2.90
C20 PCW JA . -11.20 23.66 1.56
C21 PCW JA . -10.69 24.34 0.34
C22 PCW JA . -11.94 24.77 -0.47
C23 PCW JA . -11.68 25.42 -1.86
C24 PCW JA . -12.88 25.63 -2.73
C25 PCW JA . -12.78 26.42 -4.07
C26 PCW JA . -12.75 25.58 -5.34
C27 PCW JA . -13.72 25.96 -6.47
C28 PCW JA . -13.10 27.02 -7.34
C31 PCW JA . -2.44 19.95 4.40
C32 PCW JA . -2.86 19.46 2.99
C33 PCW JA . -4.42 19.58 2.64
C34 PCW JA . -4.88 21.03 2.40
C35 PCW JA . -4.56 21.32 0.87
C36 PCW JA . -5.74 20.96 -0.05
C37 PCW JA . -5.50 21.22 -1.58
C38 PCW JA . -6.64 20.75 -2.40
C39 PCW JA . -6.45 20.97 -3.88
C40 PCW JA . -7.26 20.62 -4.87
C41 PCW JA . -8.58 19.91 -4.66
C42 PCW JA . -9.22 19.63 -6.09
C43 PCW JA . -9.68 20.80 -6.93
C44 PCW JA . -10.24 20.22 -8.22
C45 PCW JA . -11.69 20.51 -8.47
C46 PCW JA . -11.93 21.32 -9.71
C47 PCW JA . -13.08 22.30 -9.67
C48 PCW JA . -13.20 23.07 -11.00
N PCW JA . -3.72 16.21 7.97
O2 PCW JA . -1.16 20.28 4.36
O3 PCW JA . -1.98 22.81 5.42
O11 PCW JA . -2.08 23.62 7.54
O31 PCW JA . -3.21 20.02 5.40
O1P PCW JA . 1.61 16.75 7.03
O2P PCW JA . 1.29 18.85 8.34
O3P PCW JA . 1.01 18.84 5.77
O4P PCW JA . -0.63 17.86 7.27
P PCW JA . 0.87 18.04 7.16
C1 17F KA . 30.06 7.68 -12.63
N1 17F KA . 32.32 8.70 -12.18
O1 17F KA . 32.58 4.99 -13.61
P1 17F KA . 31.22 5.66 -13.64
C2 17F KA . 31.00 8.88 -12.78
O2 17F KA . 30.63 4.59 -12.76
C3 17F KA . 30.34 10.13 -12.18
O3 17F KA . 30.77 6.51 -12.42
C4 17F KA . 28.81 5.64 -14.70
O4 17F KA . 29.21 10.48 -12.53
C5 17F KA . 27.84 4.94 -15.69
O5 17F KA . 30.90 10.86 -11.26
C6 17F KA . 26.53 5.78 -15.74
O6 17F KA . 30.11 5.06 -14.61
C7 17F KA . 24.44 5.89 -16.76
O7 17F KA . 25.55 5.23 -16.61
C8 17F KA . 23.51 5.05 -17.67
O8 17F KA . 24.07 6.93 -16.28
C9 17F KA . 23.00 3.77 -16.97
O9 17F KA . 28.39 4.73 -17.01
C10 17F KA . 22.03 2.87 -17.81
O10 17F KA . 29.67 6.62 -17.39
C11 17F KA . 20.62 2.70 -17.16
C12 17F KA . 19.64 1.79 -18.01
C17 17F KA . 28.74 5.84 -17.64
C18 17F KA . 27.83 6.15 -18.84
C19 17F KA . 27.55 4.94 -19.77
C20 17F KA . 27.22 5.36 -21.26
C1X 17F KA . 18.29 1.67 -17.29
C1Y 17F KA . 26.95 4.09 -22.11
C1Z 17F KA . 27.58 4.20 -23.52
C2X 17F KA . 17.25 0.76 -18.11
C21 17F KA . 15.91 0.54 -17.34
C22 17F KA . 14.75 0.57 -17.89
C23 17F KA . 14.45 0.80 -19.30
C24 17F KA . 14.16 2.26 -19.66
C25 17F KA . 13.86 2.56 -21.13
C26 17F KA . 13.01 1.44 -21.93
C27 17F KA . 12.74 1.78 -23.37
C28 17F KA . 11.91 0.60 -23.99
C29 17F KA . 11.72 0.86 -25.43
C30 17F KA . 10.95 -0.19 -26.17
C31 17F KA . 27.74 2.84 -24.30
C32 17F KA . 28.37 2.93 -25.72
C33 17F KA . 28.49 1.53 -26.32
C34 17F KA . 28.98 1.24 -27.52
C35 17F KA . 29.53 2.18 -28.57
C36 17F KA . 30.30 1.46 -29.72
C37 17F KA . 29.36 1.20 -30.84
C38 17F KA . 30.04 1.01 -32.22
C39 17F KA . 28.99 0.75 -33.32
C40 17F KA . 29.02 -0.71 -33.77
C41 17F KA . 28.46 -0.83 -35.24
C42 17F KA . 29.25 -1.67 -36.26
C1 17F LA . -0.18 -5.67 6.45
N1 17F LA . -1.77 -5.90 8.37
O1 17F LA . 0.94 -8.43 4.78
P1 17F LA . 0.84 -6.95 4.52
C2 17F LA . -0.73 -6.55 7.59
O2 17F LA . 2.05 -6.12 4.86
C3 17F LA . 0.43 -6.97 8.52
O3 17F LA . -0.37 -6.30 5.23
C4 17F LA . 0.42 -5.31 2.52
O4 17F LA . 1.43 -7.53 8.08
C5 17F LA . 0.15 -5.22 0.98
O5 17F LA . 0.40 -6.75 9.79
C6 17F LA . 1.44 -5.67 0.23
O6 17F LA . 0.56 -6.65 2.98
C7 17F LA . 2.25 -5.99 -1.93
O7 17F LA . 1.27 -5.61 -1.18
C8 17F LA . 1.79 -5.85 -3.41
O8 17F LA . 3.34 -6.42 -1.65
C9 17F LA . 2.36 -4.59 -4.11
O9 17F LA . -1.01 -5.97 0.58
C10 17F LA . 1.93 -4.40 -5.61
O10 17F LA . -2.63 -5.30 2.08
C11 17F LA . 1.44 -2.96 -5.97
C12 17F LA . 1.03 -2.85 -7.49
C17 17F LA . -2.14 -5.39 0.95
C18 17F LA . -2.88 -4.78 -0.22
C19 17F LA . -3.43 -3.36 0.02
C20 17F LA . -4.37 -2.85 -1.15
C1X 17F LA . 0.56 -1.43 -7.82
C1Y 17F LA . -4.89 -1.43 -0.84
C1Z 17F LA . -6.00 -1.00 -1.80
C2X 17F LA . 0.13 -1.27 -9.35
C21 17F LA . 1.36 -1.32 -10.31
C22 17F LA . 1.28 -1.44 -11.59
C23 17F LA . 0.06 -1.55 -12.40
C24 17F LA . -0.25 -2.98 -12.86
C25 17F LA . -1.50 -3.18 -13.70
C26 17F LA . -2.32 -4.51 -13.41
C27 17F LA . -3.57 -4.70 -14.24
C28 17F LA . -4.25 -6.05 -13.83
C29 17F LA . -3.64 -7.14 -14.62
C30 17F LA . -4.18 -8.51 -14.35
C31 17F LA . -7.47 -1.39 -1.39
C32 17F LA . -8.58 -0.95 -2.38
C33 17F LA . -9.66 -2.01 -2.40
C34 17F LA . -10.77 -1.96 -3.14
C35 17F LA . -11.18 -0.84 -4.08
C36 17F LA . -11.10 -1.22 -5.58
C37 17F LA . -11.10 0.03 -6.38
C38 17F LA . -10.10 0.04 -7.58
C39 17F LA . -10.18 1.37 -8.37
C40 17F LA . -8.87 2.16 -8.21
C41 17F LA . -7.68 1.40 -8.91
C42 17F LA . -6.27 2.01 -8.82
C1 17F MA . 25.06 -1.52 -10.03
N1 17F MA . 23.08 -1.92 -8.54
O1 17F MA . 25.38 -4.37 -11.77
P1 17F MA . 25.22 -2.91 -12.14
C2 17F MA . 24.52 -2.04 -8.69
O2 17F MA . 26.50 -2.14 -12.34
C3 17F MA . 25.21 -1.28 -7.54
O3 17F MA . 24.40 -2.12 -11.10
C4 17F MA . 24.14 -1.44 -14.02
O4 17F MA . 26.43 -1.24 -7.46
C5 17F MA . 23.32 -1.47 -15.33
O5 17F MA . 24.55 -0.67 -6.63
C6 17F MA . 24.10 -2.26 -16.41
O6 17F MA . 24.41 -2.73 -13.48
C7 17F MA . 24.11 -2.33 -18.73
O7 17F MA . 23.40 -2.32 -17.66
C8 17F MA . 23.16 -2.35 -19.96
O8 17F MA . 25.30 -2.33 -18.88
C9 17F MA . 22.90 -0.93 -20.53
O9 17F MA . 22.00 -2.00 -15.15
C10 17F MA . 21.96 -0.85 -21.79
O10 17F MA . 21.19 -0.16 -16.30
C11 17F MA . 22.67 -0.25 -23.06
C12 17F MA . 21.73 -0.19 -24.32
C17 17F MA . 21.07 -1.21 -15.65
C18 17F MA . 19.67 -1.72 -15.34
C19 17F MA . 19.09 -2.67 -16.41
C20 17F MA . 19.02 -2.00 -17.83
C1X 17F MA . 22.51 0.40 -25.51
C1Y 17F MA . 18.43 -2.98 -18.87
C1Z 17F MA . 19.25 -2.93 -20.18
C2X 17F MA . 21.61 0.51 -26.85
C21 17F MA . 21.85 1.84 -27.62
C22 17F MA . 21.27 2.15 -28.74
C23 17F MA . 20.30 1.35 -29.50
C24 17F MA . 19.14 2.14 -30.08
C25 17F MA . 18.12 1.32 -30.87
C26 17F MA . 18.31 1.33 -32.46
C27 17F MA . 17.29 0.51 -33.22
C28 17F MA . 17.60 0.63 -34.76
C29 17F MA . 18.61 -0.38 -35.12
C30 17F MA . 19.02 -0.38 -36.56
C31 17F MA . 18.97 -4.06 -21.22
C32 17F MA . 19.82 -3.98 -22.51
C33 17F MA . 21.26 -4.33 -22.20
C34 17F MA . 22.26 -4.37 -23.08
C35 17F MA . 22.17 -4.06 -24.55
C36 17F MA . 21.42 -5.13 -25.40
C37 17F MA . 21.59 -4.83 -26.84
C38 17F MA . 22.17 -5.99 -27.68
C39 17F MA . 22.31 -5.59 -29.15
C40 17F MA . 21.25 -6.30 -30.01
C41 17F MA . 19.78 -5.87 -29.56
C42 17F MA . 18.64 -5.95 -30.58
C1 17F NA . 17.72 -22.50 -5.62
N1 17F NA . 15.77 -22.94 -4.09
O1 17F NA . 18.06 -22.85 -8.92
P1 17F NA . 17.51 -21.76 -8.02
C2 17F NA . 16.98 -22.17 -4.30
O2 17F NA . 18.48 -20.67 -7.62
C3 17F NA . 16.63 -20.66 -4.25
O3 17F NA . 16.89 -22.31 -6.72
C4 17F NA . 15.63 -19.91 -8.06
O4 17F NA . 17.51 -19.81 -4.40
C5 17F NA . 14.48 -19.26 -8.91
O5 17F NA . 15.44 -20.23 -4.05
C6 17F NA . 14.46 -17.74 -8.58
O6 17F NA . 16.31 -20.99 -8.73
C7 17F NA . 12.44 -16.55 -8.60
O7 17F NA . 13.44 -17.03 -9.29
C8 17F NA . 11.55 -15.72 -9.54
O8 17F NA . 12.20 -16.63 -7.41
C9 17F NA . 11.61 -14.20 -9.23
O9 17F NA . 14.62 -19.51 -10.32
C10 17F NA . 10.74 -13.25 -10.14
O10 17F NA . 12.51 -20.41 -10.35
C11 17F NA . 11.36 -11.81 -10.36
C12 17F NA . 10.46 -10.91 -11.27
C17 17F NA . 13.48 -19.86 -10.87
C18 17F NA . 13.43 -19.53 -12.35
C19 17F NA . 13.65 -20.75 -13.30
C20 17F NA . 12.67 -20.72 -14.55
C1X 17F NA . 11.11 -9.53 -11.45
C1Y 17F NA . 12.92 -21.96 -15.46
C1Z 17F NA . 11.81 -22.09 -16.52
C2X 17F NA . 10.24 -8.56 -12.38
C21 17F NA . 11.06 -7.33 -12.89
C22 17F NA . 11.64 -7.26 -14.04
C23 17F NA . 11.66 -8.28 -15.09
C24 17F NA . 12.88 -8.24 -15.99
C25 17F NA . 12.93 -9.28 -17.10
C26 17F NA . 13.01 -8.71 -18.59
C27 17F NA . 13.06 -9.75 -19.68
C28 17F NA . 13.14 -9.00 -21.06
C29 17F NA . 11.78 -8.87 -21.62
C30 17F NA . 11.71 -8.15 -22.94
C31 17F NA . 12.21 -21.76 -18.01
C32 17F NA . 11.07 -21.92 -19.07
C33 17F NA . 9.99 -20.87 -18.81
C34 17F NA . 8.88 -20.73 -19.53
C35 17F NA . 8.46 -21.56 -20.73
C36 17F NA . 7.02 -21.29 -21.23
C37 17F NA . 6.55 -22.44 -22.04
C38 17F NA . 5.05 -22.76 -21.91
C39 17F NA . 4.63 -23.96 -22.78
C40 17F NA . 3.51 -24.74 -22.11
C41 17F NA . 3.49 -26.25 -22.58
C42 17F NA . 2.97 -27.33 -21.62
C1 17F OA . 3.56 -14.26 2.62
N1 17F OA . 2.17 -12.39 1.69
O1 17F OA . 2.57 -14.08 5.27
P1 17F OA . 1.80 -14.93 4.29
C2 17F OA . 3.21 -13.37 1.42
O2 17F OA . 1.39 -16.30 4.75
C3 17F OA . 2.77 -14.25 0.23
O3 17F OA . 2.51 -15.11 2.94
C4 17F OA . -0.48 -14.83 2.97
O4 17F OA . 3.51 -15.16 -0.17
C5 17F OA . -1.75 -13.95 2.73
O5 17F OA . 1.65 -14.09 -0.37
C6 17F OA . -1.43 -12.80 1.76
O6 17F OA . 0.43 -14.22 3.89
C7 17F OA . -3.22 -12.07 0.43
O7 17F OA . -2.55 -11.97 1.54
C8 17F OA . -4.34 -11.01 0.45
O8 17F OA . -3.05 -12.80 -0.51
C9 17F OA . -5.58 -11.45 1.29
O9 17F OA . -2.87 -14.72 2.29
C10 17F OA . -6.75 -10.40 1.34
O10 17F OA . -3.92 -14.39 4.31
C11 17F OA . -7.38 -10.06 -0.06
C12 17F OA . -8.55 -9.01 0.06
C17 17F OA . -3.90 -14.64 3.10
C18 17F OA . -5.21 -14.88 2.38
C19 17F OA . -5.44 -16.34 1.91
C20 17F OA . -6.93 -16.62 1.54
C1X 17F OA . -9.14 -8.70 -1.32
C1Y 17F OA . -7.12 -18.09 1.07
C1Z 17F OA . -8.26 -18.21 0.06
C2X 17F OA . -10.31 -7.62 -1.27
C21 17F OA . -9.89 -6.27 -1.92
C22 17F OA . -9.57 -6.11 -3.17
C23 17F OA . -9.54 -7.15 -4.22
C24 17F OA . -8.17 -7.76 -4.48
C25 17F OA . -8.11 -8.82 -5.56
C26 17F OA . -8.91 -10.18 -5.27
C27 17F OA . -8.84 -11.23 -6.34
C28 17F OA . -9.68 -12.46 -5.86
C29 17F OA . -10.58 -12.88 -6.96
C30 17F OA . -11.45 -14.05 -6.64
C31 17F OA . -8.05 -19.19 -1.14
C32 17F OA . -9.23 -19.27 -2.15
C33 17F OA . -9.06 -18.19 -3.21
C34 17F OA . -9.88 -17.97 -4.22
C35 17F OA . -11.14 -18.74 -4.55
C36 17F OA . -12.45 -17.89 -4.53
C37 17F OA . -13.59 -18.74 -4.94
C38 17F OA . -14.16 -19.64 -3.82
C39 17F OA . -15.33 -20.49 -4.33
C40 17F OA . -16.00 -21.23 -3.17
C41 17F OA . -16.28 -22.73 -3.56
C42 17F OA . -16.80 -23.69 -2.47
C1 17F PA . 25.66 -7.63 -10.19
N1 17F PA . 23.60 -7.11 -8.86
O1 17F PA . 25.25 -11.10 -10.27
P1 17F PA . 26.01 -10.02 -10.99
C2 17F PA . 24.91 -7.72 -8.84
O2 17F PA . 27.42 -9.73 -10.48
C3 17F PA . 25.77 -7.06 -7.75
O3 17F PA . 25.26 -8.66 -11.03
C4 17F PA . 26.93 -9.47 -13.39
O4 17F PA . 26.93 -7.42 -7.55
C5 17F PA . 27.05 -9.97 -14.86
O5 17F PA . 25.32 -6.11 -7.00
C6 17F PA . 27.84 -11.30 -14.92
O6 17F PA . 26.23 -10.37 -12.52
C7 17F PA . 27.76 -13.00 -16.54
O7 17F PA . 27.98 -11.76 -16.25
C8 17F PA . 27.98 -13.14 -18.06
O8 17F PA . 27.44 -13.94 -15.85
C9 17F PA . 28.28 -14.58 -18.55
O9 17F PA . 25.77 -10.10 -15.51
C10 17F PA . 28.51 -14.68 -20.11
O10 17F PA . 26.03 -8.30 -16.92
C11 17F PA . 29.24 -13.42 -20.70
C12 17F PA . 29.46 -13.50 -22.26
C17 17F PA . 25.72 -9.46 -16.66
C18 17F PA . 25.19 -10.35 -17.77
C19 17F PA . 26.03 -10.37 -19.06
C20 17F PA . 25.25 -10.99 -20.29
C1X 17F PA . 30.17 -12.22 -22.71
C1Y 17F PA . 26.13 -10.98 -21.57
C1Z 17F PA . 25.26 -11.02 -22.82
C2X 17F PA . 30.46 -12.16 -24.29
C21 17F PA . 31.16 -10.83 -24.69
C22 17F PA . 31.62 -10.55 -25.86
C23 17F PA . 31.60 -11.41 -27.06
C24 17F PA . 32.19 -10.75 -28.30
C25 17F PA . 32.20 -11.58 -29.58
C26 17F PA . 31.15 -11.13 -30.70
C27 17F PA . 31.17 -11.96 -31.96
C28 17F PA . 30.08 -11.37 -32.93
C29 17F PA . 30.50 -11.62 -34.32
C30 17F PA . 29.55 -11.11 -35.37
C31 17F PA . 26.02 -10.94 -24.20
C32 17F PA . 25.11 -11.00 -25.46
C33 17F PA . 25.51 -9.87 -26.41
C34 17F PA . 24.92 -9.64 -27.59
C35 17F PA . 23.78 -10.41 -28.19
C36 17F PA . 22.48 -9.57 -28.41
C37 17F PA . 21.59 -10.27 -29.37
C38 17F PA . 20.18 -9.66 -29.53
C39 17F PA . 19.33 -10.45 -30.53
C40 17F PA . 19.64 -10.00 -31.97
C41 17F PA . 18.31 -9.75 -32.77
C42 17F PA . 18.27 -10.12 -34.26
C1 17F QA . 15.62 19.11 -1.56
N1 17F QA . 17.27 19.74 0.22
O1 17F QA . 16.31 15.49 -2.63
P1 17F QA . 16.14 16.98 -2.88
C2 17F QA . 17.04 19.62 -1.21
O2 17F QA . 17.38 17.71 -3.33
C3 17F QA . 17.28 20.98 -1.88
O3 17F QA . 15.59 17.73 -1.64
C4 17F QA . 14.74 18.57 -4.46
O4 17F QA . 17.15 21.12 -3.09
C5 17F QA . 13.70 18.62 -5.61
O5 17F QA . 17.64 22.02 -1.21
C6 17F QA . 14.33 18.05 -6.90
O6 17F QA . 15.07 17.24 -4.04
C7 17F QA . 13.48 17.08 -8.83
O7 17F QA . 13.45 18.06 -8.01
C8 17F QA . 12.47 17.36 -9.98
O8 17F QA . 14.16 16.07 -8.84
C9 17F QA . 13.15 17.87 -11.27
O9 17F QA . 12.47 17.95 -5.28
C10 17F QA . 12.20 18.17 -12.49
O10 17F QA . 11.08 19.79 -5.26
C11 17F QA . 12.33 17.15 -13.69
C12 17F QA . 11.37 17.47 -14.89
C17 17F QA . 11.42 18.66 -5.64
C18 17F QA . 10.58 17.92 -6.66
C19 17F QA . 9.32 18.68 -7.15
C20 17F QA . 8.97 18.33 -8.65
C1X 17F QA . 11.57 16.42 -16.00
C1Y 17F QA . 7.70 19.10 -9.11
C1Z 17F QA . 8.00 20.05 -10.28
C2X 17F QA . 10.64 16.68 -17.28
C21 17F QA . 11.23 16.05 -18.58
C22 17F QA . 10.55 15.48 -19.52
C23 17F QA . 9.10 15.29 -19.58
C24 17F QA . 8.65 14.29 -20.63
C25 17F QA . 7.15 14.05 -20.76
C26 17F QA . 6.63 13.88 -22.27
C27 17F QA . 5.14 13.64 -22.40
C28 17F QA . 4.82 13.50 -23.93
C29 17F QA . 4.06 12.26 -24.15
C30 17F QA . 3.69 12.00 -25.59
C31 17F QA . 9.19 19.67 -11.23
C32 17F QA . 9.46 20.66 -12.41
C33 17F QA . 8.73 20.18 -13.66
C34 17F QA . 8.76 20.80 -14.83
C35 17F QA . 9.49 22.09 -15.17
C36 17F QA . 10.38 22.00 -16.45
C37 17F QA . 11.69 21.42 -16.07
C38 17F QA . 12.58 20.98 -17.26
C39 17F QA . 13.92 20.38 -16.78
C40 17F QA . 14.87 21.50 -16.33
C41 17F QA . 16.02 20.93 -15.40
C42 17F QA . 15.63 20.11 -14.16
C1 17F RA . 13.06 -12.15 -1.13
N1 17F RA . 12.06 -13.71 -2.82
O1 17F RA . 13.39 -9.46 -1.95
P1 17F RA . 11.99 -10.02 -2.00
C2 17F RA . 13.14 -13.50 -1.88
O2 17F RA . 10.93 -9.24 -1.27
C3 17F RA . 13.17 -14.64 -0.85
O3 17F RA . 11.90 -11.47 -1.46
C4 17F RA . 10.15 -10.64 -3.78
O4 17F RA . 14.01 -14.67 0.05
C5 17F RA . 9.83 -10.65 -5.30
O5 17F RA . 12.32 -15.61 -0.87
C6 17F RA . 9.16 -11.99 -5.70
O6 17F RA . 11.45 -10.14 -3.49
C7 17F RA . 7.65 -11.77 -7.47
O7 17F RA . 8.87 -12.01 -7.09
C8 17F RA . 7.63 -11.77 -9.01
O8 17F RA . 6.66 -11.53 -6.82
C9 17F RA . 7.09 -13.08 -9.65
O9 17F RA . 9.04 -9.53 -5.70
C10 17F RA . 7.07 -13.09 -11.23
O10 17F RA . 9.67 -9.06 -7.86
C11 17F RA . 6.68 -11.71 -11.87
C12 17F RA . 6.68 -11.78 -13.44
C17 17F RA . 9.61 -8.83 -6.64
C18 17F RA . 10.29 -7.59 -6.10
C19 17F RA . 9.48 -6.28 -6.27
C20 17F RA . 8.15 -6.30 -5.45
C1X 17F RA . 6.31 -10.41 -14.04
C1Y 17F RA . 7.36 -4.98 -5.64
C1Z 17F RA . 6.57 -5.01 -6.95
C2X 17F RA . 6.29 -10.42 -15.64
C21 17F RA . 7.16 -9.29 -16.25
C22 17F RA . 8.07 -9.44 -17.15
C23 17F RA . 8.47 -10.70 -17.79
C24 17F RA . 9.87 -11.16 -17.42
C25 17F RA . 10.34 -12.46 -18.05
C26 17F RA . 10.44 -12.48 -19.64
C27 17F RA . 10.91 -13.78 -20.24
C28 17F RA . 10.96 -13.61 -21.81
C29 17F RA . 9.80 -14.31 -22.40
C30 17F RA . 9.72 -14.22 -23.89
C31 17F RA . 5.30 -4.07 -7.02
C32 17F RA . 4.51 -4.11 -8.35
C33 17F RA . 3.87 -5.48 -8.51
C34 17F RA . 3.11 -5.85 -9.54
C35 17F RA . 2.74 -5.01 -10.75
C36 17F RA . 3.17 -5.63 -12.11
C37 17F RA . 1.94 -5.94 -12.90
C38 17F RA . 2.06 -7.19 -13.81
C39 17F RA . 0.77 -7.44 -14.59
C40 17F RA . 0.82 -6.77 -15.97
C41 17F RA . -0.63 -6.39 -16.47
C42 17F RA . -1.00 -6.71 -17.93
C1 PCW SA . 1.18 14.46 -38.40
C2 PCW SA . 1.46 14.03 -36.90
C3 PCW SA . 0.44 14.70 -35.92
C4 PCW SA . -2.49 14.93 -38.76
C5 PCW SA . -3.96 14.51 -38.65
C6 PCW SA . -5.89 15.03 -37.06
C7 PCW SA . -5.31 16.58 -38.85
C8 PCW SA . -5.94 14.85 -39.02
C11 PCW SA . 0.03 14.90 -33.56
C12 PCW SA . 0.44 14.30 -32.24
C13 PCW SA . 1.64 15.14 -31.64
C14 PCW SA . 2.16 14.64 -30.30
C15 PCW SA . 2.67 15.73 -29.32
C16 PCW SA . 3.75 15.12 -28.35
C17 PCW SA . 4.86 16.09 -27.79
C18 PCW SA . 5.65 15.48 -26.64
C19 PCW SA . 6.57 16.50 -25.92
C20 PCW SA . 7.85 16.18 -25.50
C21 PCW SA . 8.66 14.94 -25.58
C22 PCW SA . 9.67 15.01 -24.40
C23 PCW SA . 11.19 14.94 -24.74
C24 PCW SA . 11.80 13.58 -24.82
C25 PCW SA . 13.20 13.28 -24.19
C26 PCW SA . 13.59 11.83 -24.09
C27 PCW SA . 14.23 11.35 -22.78
C28 PCW SA . 13.94 9.88 -22.55
C31 PCW SA . 2.38 11.97 -36.20
C32 PCW SA . 2.08 10.47 -36.08
C33 PCW SA . 1.68 9.98 -34.60
C34 PCW SA . 2.30 8.64 -34.21
C35 PCW SA . 3.86 8.84 -34.32
C36 PCW SA . 4.64 8.21 -33.14
C37 PCW SA . 6.19 8.38 -33.22
C38 PCW SA . 6.89 7.73 -32.08
C39 PCW SA . 8.39 7.89 -32.15
C40 PCW SA . 9.30 7.43 -31.28
C41 PCW SA . 8.95 6.66 -30.03
C42 PCW SA . 10.04 6.99 -28.93
C43 PCW SA . 10.16 6.08 -27.72
C44 PCW SA . 11.26 6.65 -26.85
C45 PCW SA . 10.89 6.87 -25.40
C46 PCW SA . 10.33 8.25 -25.14
C47 PCW SA . 10.55 8.81 -23.76
C48 PCW SA . 9.94 10.21 -23.65
N PCW SA . -4.92 15.42 -38.09
O2 PCW SA . 1.31 12.56 -36.73
O3 PCW SA . 0.71 14.30 -34.58
O11 PCW SA . -0.78 15.78 -33.70
O31 PCW SA . 3.45 12.54 -35.84
O1P PCW SA . -0.42 15.07 -40.79
O2P PCW SA . -0.96 12.65 -41.09
O3P PCW SA . 0.68 13.39 -39.25
O4P PCW SA . -1.73 13.75 -39.10
P PCW SA . -0.63 13.74 -40.14
C1 PCW TA . -8.94 9.49 -30.39
C2 PCW TA . -8.03 9.36 -29.10
C3 PCW TA . -7.01 8.19 -29.29
C4 PCW TA . -7.75 13.82 -32.06
C5 PCW TA . -9.05 14.63 -31.84
C6 PCW TA . -10.63 16.49 -32.56
C7 PCW TA . -8.85 15.74 -34.07
C8 PCW TA . -10.31 14.78 -33.46
C11 PCW TA . -4.95 8.64 -28.14
C12 PCW TA . -4.26 8.37 -26.82
C13 PCW TA . -2.71 8.57 -27.01
C14 PCW TA . -1.86 8.32 -25.75
C15 PCW TA . -1.94 9.41 -24.64
C16 PCW TA . -0.81 9.19 -23.56
C17 PCW TA . -1.19 9.36 -22.05
C18 PCW TA . -0.85 8.15 -21.18
C19 PCW TA . 0.67 7.85 -21.11
C20 PCW TA . 1.40 8.01 -19.94
C21 PCW TA . 1.04 8.45 -18.57
C22 PCW TA . 2.32 8.31 -17.71
C23 PCW TA . 2.30 7.27 -16.56
C24 PCW TA . 2.26 7.80 -15.17
C25 PCW TA . 1.85 6.89 -13.97
C26 PCW TA . 1.06 7.54 -12.87
C27 PCW TA . 0.85 6.74 -11.57
C28 PCW TA . 2.11 6.74 -10.75
C31 PCW TA . -7.95 11.63 -28.43
C32 PCW TA . -7.01 12.84 -28.29
C33 PCW TA . -6.32 13.00 -26.84
C34 PCW TA . -6.62 11.86 -25.87
C35 PCW TA . -5.30 11.71 -25.01
C36 PCW TA . -5.58 11.85 -23.49
C37 PCW TA . -4.31 11.71 -22.58
C38 PCW TA . -3.98 13.00 -21.91
C39 PCW TA . -2.76 12.89 -21.03
C40 PCW TA . -2.69 12.36 -19.81
C41 PCW TA . -3.87 11.76 -19.06
C42 PCW TA . -3.60 10.20 -18.87
C43 PCW TA . -2.77 9.75 -17.68
C44 PCW TA . -2.69 8.24 -17.74
C45 PCW TA . -2.23 7.58 -16.47
C46 PCW TA . -2.01 6.10 -16.61
C47 PCW TA . -1.23 5.44 -15.50
C48 PCW TA . -1.07 3.93 -15.78
N PCW TA . -9.39 15.70 -32.72
O2 PCW TA . -7.24 10.61 -28.91
O3 PCW TA . -6.18 8.07 -28.13
O11 PCW TA . -4.48 9.25 -29.06
O31 PCW TA . -9.19 11.62 -28.15
O1P PCW TA . -8.97 11.39 -33.63
O2P PCW TA . -7.14 11.31 -32.69
O3P PCW TA . -8.22 9.86 -31.59
O4P PCW TA . -7.95 12.52 -31.44
P PCW TA . -8.54 11.33 -32.16
C1 PCW UA . -3.97 -0.71 -36.83
C2 PCW UA . -2.68 -0.32 -36.01
C3 PCW UA . -3.06 0.67 -34.86
C4 PCW UA . -0.91 -0.22 -40.01
C5 PCW UA . -0.28 1.11 -40.42
C6 PCW UA . 0.88 2.90 -39.01
C7 PCW UA . 2.18 1.14 -40.13
C8 PCW UA . 1.15 2.48 -40.91
C11 PCW UA . -2.05 1.83 -33.02
C12 PCW UA . -0.72 2.06 -32.38
C13 PCW UA . -0.88 1.86 -30.82
C14 PCW UA . 0.40 2.05 -30.00
C15 PCW UA . 0.47 1.28 -28.64
C16 PCW UA . 0.25 2.26 -27.43
C17 PCW UA . 1.38 2.33 -26.35
C18 PCW UA . 1.74 0.97 -25.77
C19 PCW UA . 3.22 0.59 -26.03
C20 PCW UA . 4.08 0.25 -25.00
C21 PCW UA . 3.89 0.15 -23.53
C22 PCW UA . 4.79 1.26 -22.91
C23 PCW UA . 4.45 1.72 -21.47
C24 PCW UA . 5.19 1.05 -20.36
C25 PCW UA . 4.92 -0.44 -19.99
C26 PCW UA . 4.32 -0.71 -18.62
C27 PCW UA . 5.19 -0.45 -17.38
C28 PCW UA . 4.53 -1.01 -16.16
C31 PCW UA . -0.75 -1.52 -35.33
C32 PCW UA . -0.29 -2.82 -34.65
C33 PCW UA . 1.22 -2.81 -34.10
C34 PCW UA . 2.27 -2.73 -35.21
C35 PCW UA . 3.66 -2.97 -34.49
C36 PCW UA . 4.69 -1.84 -34.78
C37 PCW UA . 6.09 -2.01 -34.11
C38 PCW UA . 6.99 -0.84 -34.39
C39 PCW UA . 8.35 -0.99 -33.75
C40 PCW UA . 9.32 -0.09 -33.71
C41 PCW UA . 9.23 1.29 -34.33
C42 PCW UA . 9.94 2.33 -33.35
C43 PCW UA . 11.23 1.92 -32.67
C44 PCW UA . 11.68 3.11 -31.82
C45 PCW UA . 11.63 2.89 -30.33
C46 PCW UA . 12.96 3.06 -29.66
C47 PCW UA . 12.94 3.02 -28.14
C48 PCW UA . 14.36 3.19 -27.58
N PCW UA . 0.86 1.61 -39.73
O2 PCW UA . -2.09 -1.53 -35.38
O3 PCW UA . -1.90 1.03 -34.12
O11 PCW UA . -3.10 2.28 -32.64
O31 PCW UA . 0.00 -0.60 -35.75
O1P PCW UA . -3.60 -1.15 -40.61
O2P PCW UA . -4.25 0.86 -39.27
O3P PCW UA . -3.69 -1.36 -38.09
O4P PCW UA . -1.99 0.07 -39.10
P PCW UA . -3.43 -0.36 -39.33
C1 17F VA . -12.71 4.96 -33.22
N1 17F VA . -12.68 6.45 -31.19
O1 17F VA . -10.00 4.02 -33.12
P1 17F VA . -11.07 3.23 -32.39
C2 17F VA . -12.45 6.36 -32.62
O2 17F VA . -11.37 1.86 -32.93
C3 17F VA . -13.31 7.39 -33.35
O3 17F VA . -12.43 3.97 -32.30
C4 17F VA . -11.53 2.28 -29.97
O4 17F VA . -13.27 7.49 -34.58
C5 17F VA . -10.96 2.20 -28.51
O5 17F VA . -14.11 8.19 -32.73
C6 17F VA . -11.63 1.02 -27.75
O6 17F VA . -10.68 3.01 -30.87
C7 17F VA . -10.62 -0.19 -26.01
O7 17F VA . -11.14 0.93 -26.42
C8 17F VA . -10.21 0.01 -24.53
O8 17F VA . -10.46 -1.25 -26.56
C9 17F VA . -9.11 1.09 -24.34
O9 17F VA . -9.54 2.08 -28.48
C10 17F VA . -8.65 1.37 -22.87
O10 17F VA . -9.43 4.38 -28.24
C11 17F VA . -7.18 0.92 -22.52
C12 17F VA . -6.82 1.25 -21.03
C17 17F VA . -8.93 3.24 -28.34
C18 17F VA . -7.42 3.10 -28.33
C19 17F VA . -6.70 4.01 -27.31
C20 17F VA . -7.18 3.74 -25.83
C1X 17F VA . -5.39 0.80 -20.69
C1Y 17F VA . -6.44 4.67 -24.84
C1Z 17F VA . -6.75 4.29 -23.38
C2X 17F VA . -5.02 1.12 -19.16
C21 17F VA . -3.48 0.99 -18.87
C22 17F VA . -2.95 1.12 -17.71
C23 17F VA . -3.63 1.42 -16.43
C24 17F VA . -3.04 0.72 -15.22
C25 17F VA . -3.71 0.99 -13.88
C26 17F VA . -3.13 0.18 -12.62
C27 17F VA . -3.82 0.48 -11.31
C28 17F VA . -3.13 -0.40 -10.21
C29 17F VA . -4.15 -1.19 -9.50
C30 17F VA . -3.62 -2.09 -8.42
C31 17F VA . -7.76 5.18 -22.60
C32 17F VA . -8.02 4.76 -21.14
C33 17F VA . -7.37 5.78 -20.22
C34 17F VA . -7.39 5.74 -18.89
C35 17F VA . -8.04 4.70 -18.03
C36 17F VA . -7.04 3.81 -17.26
C37 17F VA . -7.72 3.20 -16.09
C38 17F VA . -7.63 1.65 -16.03
C39 17F VA . -8.36 1.10 -14.79
C40 17F VA . -7.36 0.88 -13.65
C41 17F VA . -7.91 -0.20 -12.63
C42 17F VA . -7.03 -1.41 -12.29
PG GNP WA . 31.73 5.63 4.44
O1G GNP WA . 30.27 5.70 4.86
O2G GNP WA . 32.55 6.71 5.07
O3G GNP WA . 32.00 5.71 2.99
N3B GNP WA . 32.31 4.17 4.88
PB GNP WA . 32.19 3.45 6.31
O1B GNP WA . 30.89 2.76 6.50
O2B GNP WA . 32.43 4.48 7.31
O3A GNP WA . 33.35 2.43 6.41
PA GNP WA . 33.64 1.03 5.72
O1A GNP WA . 33.90 1.17 4.28
O2A GNP WA . 32.65 0.03 6.17
O5' GNP WA . 35.00 0.55 6.29
C5' GNP WA . 36.20 1.33 6.04
C4' GNP WA . 37.40 0.60 6.59
O4' GNP WA . 37.19 0.32 8.01
C3' GNP WA . 37.69 -0.74 5.91
O3' GNP WA . 39.07 -0.84 5.63
C2' GNP WA . 37.17 -1.77 6.92
O2' GNP WA . 37.82 -3.02 6.89
C1' GNP WA . 37.34 -1.08 8.26
N9 GNP WA . 36.32 -1.46 9.27
C8 GNP WA . 34.97 -1.31 9.13
N7 GNP WA . 34.28 -1.72 10.16
C5 GNP WA . 35.24 -2.19 11.05
C6 GNP WA . 35.11 -2.75 12.36
O6 GNP WA . 34.11 -2.99 13.01
N1 GNP WA . 36.31 -3.08 12.93
C2 GNP WA . 37.54 -2.90 12.34
N2 GNP WA . 38.58 -3.29 13.08
N3 GNP WA . 37.69 -2.37 11.13
C4 GNP WA . 36.51 -2.03 10.53
MG MG XA . 27.04 1.33 1.46
CAC EWS YA . 13.08 7.54 1.60
CAD EWS YA . 11.60 7.85 1.32
CAE EWS YA . 13.88 7.44 0.29
CAF EWS YA . 13.80 8.78 -0.45
CAH EWS YA . 11.39 8.66 0.03
CAI EWS YA . 10.06 9.43 0.13
CAJ EWS YA . 9.74 10.13 -1.04
CAK EWS YA . 9.15 9.45 -2.13
CAL EWS YA . 10.04 11.52 -1.11
CAM EWS YA . 9.74 12.23 -2.30
CAN EWS YA . 9.15 11.54 -3.37
CAO EWS YA . 8.85 10.15 -3.31
CAQ EWS YA . 13.31 3.11 2.10
CAR EWS YA . 12.85 1.78 2.01
CAS EWS YA . 12.89 0.95 3.16
CAT EWS YA . 13.40 1.48 4.35
CAU EWS YA . 13.82 2.76 4.39
CAV EWS YA . 13.79 3.57 3.29
CAX EWS YA . 14.61 4.69 4.96
CAZ EWS YA . 14.34 5.90 2.97
NAA EWS YA . 13.18 6.31 2.41
NAG EWS YA . 12.56 9.55 -0.23
NAW EWS YA . 14.34 3.47 5.39
OAB EWS YA . 15.42 6.48 2.80
CBA EWS YA . 14.27 4.75 3.68
CLA EWS YA . 8.78 12.40 -4.83
BRA EWS YA . 12.16 1.13 0.40
HAC EWS YA . 13.50 8.36 2.17
HAD EWS YA . 11.11 6.90 1.17
HAE EWS YA . 11.21 8.43 2.16
HAF EWS YA . 14.93 7.28 0.57
HAG EWS YA . 13.45 6.65 -0.33
HAI EWS YA . 14.62 9.39 -0.06
HAH EWS YA . 13.88 8.59 -1.52
HAJ EWS YA . 11.30 7.96 -0.79
HAL EWS YA . 9.28 8.68 0.28
HAK EWS YA . 10.12 10.15 0.95
HAM EWS YA . 8.94 8.39 -2.06
HAN EWS YA . 10.51 12.04 -0.27
HAO EWS YA . 9.96 13.29 -2.36
HAP EWS YA . 8.40 9.64 -4.16
HAQ EWS YA . 13.29 3.78 1.23
HAS EWS YA . 12.54 -0.08 3.11
HAT EWS YA . 13.45 0.85 5.25
HAX EWS YA . 15.05 5.49 5.55
HAA EWS YA . 12.35 5.77 2.53
HAZ EWS YA . 12.68 10.16 0.56
HAY EWS YA . 12.36 10.12 -1.04
HAW EWS YA . 14.48 3.13 6.32
C1 PCW ZA . -2.67 -33.21 2.30
C2 PCW ZA . -3.38 -33.01 0.90
C3 PCW ZA . -4.21 -34.28 0.55
C4 PCW ZA . -3.33 -29.60 5.28
C5 PCW ZA . -2.30 -29.30 6.39
C6 PCW ZA . -1.40 -27.89 8.12
C7 PCW ZA . -3.25 -27.16 6.90
C8 PCW ZA . -1.24 -27.15 5.83
C11 PCW ZA . -6.20 -34.36 -0.81
C12 PCW ZA . -6.67 -34.08 -2.22
C13 PCW ZA . -7.05 -35.46 -2.88
C14 PCW ZA . -7.57 -35.36 -4.32
C15 PCW ZA . -6.56 -35.81 -5.42
C16 PCW ZA . -6.91 -37.24 -5.96
C17 PCW ZA . -7.93 -37.33 -7.15
C18 PCW ZA . -8.23 -38.77 -7.57
C19 PCW ZA . -9.65 -38.93 -8.18
C20 PCW ZA . -9.97 -38.46 -9.45
C21 PCW ZA . -9.17 -37.77 -10.48
C22 PCW ZA . -9.73 -38.21 -11.86
C23 PCW ZA . -8.71 -38.39 -13.02
C24 PCW ZA . -7.92 -37.18 -13.43
C25 PCW ZA . -8.45 -36.23 -14.54
C26 PCW ZA . -7.70 -36.26 -15.85
C27 PCW ZA . -8.53 -36.39 -17.15
C28 PCW ZA . -8.69 -35.03 -17.80
C31 PCW ZA . -3.76 -30.66 0.82
C32 PCW ZA . -4.88 -29.60 0.93
C33 PCW ZA . -4.41 -28.16 1.48
C34 PCW ZA . -4.02 -27.19 0.37
C35 PCW ZA . -5.27 -27.10 -0.59
C36 PCW ZA . -4.89 -26.71 -2.05
C37 PCW ZA . -6.08 -26.61 -3.05
C38 PCW ZA . -5.99 -27.66 -4.12
C39 PCW ZA . -7.11 -27.60 -5.12
C40 PCW ZA . -7.56 -28.60 -5.87
C41 PCW ZA . -7.01 -30.02 -5.84
C42 PCW ZA . -6.32 -30.31 -7.24
C43 PCW ZA . -6.29 -31.74 -7.78
C44 PCW ZA . -5.59 -31.71 -9.12
C45 PCW ZA . -4.57 -32.81 -9.34
C46 PCW ZA . -5.12 -34.00 -10.08
C47 PCW ZA . -5.08 -35.32 -9.34
C48 PCW ZA . -5.65 -36.45 -10.19
N PCW ZA . -2.07 -27.94 6.79
O2 PCW ZA . -4.32 -31.86 0.98
O3 PCW ZA . -4.87 -34.08 -0.72
O11 PCW ZA . -6.89 -34.76 0.08
O31 PCW ZA . -2.53 -30.43 0.63
O1P PCW ZA . -3.04 -32.43 5.90
O2P PCW ZA . -1.04 -32.23 4.41
O3P PCW ZA . -3.39 -32.64 3.41
O4P PCW ZA . -2.68 -30.49 4.33
P PCW ZA . -2.50 -31.97 4.58
C1 PCW AB . -6.44 -22.18 6.01
C2 PCW AB . -6.94 -22.16 4.51
C3 PCW AB . -7.67 -23.50 4.17
C4 PCW AB . -2.91 -19.20 7.72
C5 PCW AB . -1.43 -19.58 7.89
C6 PCW AB . -0.05 -20.03 5.96
C7 PCW AB . 0.79 -18.68 7.66
C8 PCW AB . -0.79 -17.77 6.31
C11 PCW AB . -7.78 -24.46 1.97
C12 PCW AB . -8.36 -24.22 0.60
C13 PCW AB . -9.27 -25.44 0.24
C14 PCW AB . -9.94 -25.36 -1.14
C15 PCW AB . -9.48 -26.41 -2.18
C16 PCW AB . -10.69 -27.25 -2.71
C17 PCW AB . -10.81 -28.72 -2.19
C18 PCW AB . -10.19 -29.75 -3.13
C19 PCW AB . -10.35 -31.20 -2.62
C20 PCW AB . -10.11 -32.30 -3.43
C21 PCW AB . -9.67 -32.45 -4.85
C22 PCW AB . -10.44 -33.68 -5.42
C23 PCW AB . -10.80 -33.66 -6.93
C24 PCW AB . -9.72 -34.04 -7.89
C25 PCW AB . -9.98 -34.03 -9.43
C26 PCW AB . -8.75 -33.92 -10.31
C27 PCW AB . -8.96 -33.89 -11.84
C28 PCW AB . -8.89 -32.46 -12.35
C31 PCW AB . -9.01 -21.06 5.10
C32 PCW AB . -9.87 -19.83 4.73
C33 PCW AB . -11.02 -20.09 3.65
C34 PCW AB . -10.52 -19.94 2.22
C35 PCW AB . -10.83 -21.33 1.53
C36 PCW AB . -11.59 -21.17 0.20
C37 PCW AB . -11.94 -22.49 -0.55
C38 PCW AB . -12.14 -22.23 -2.01
C39 PCW AB . -12.47 -23.48 -2.77
C40 PCW AB . -12.24 -23.74 -4.06
C41 PCW AB . -11.56 -22.78 -5.01
C42 PCW AB . -12.62 -22.28 -6.09
C43 PCW AB . -12.86 -23.13 -7.33
C44 PCW AB . -13.92 -22.41 -8.15
C45 PCW AB . -14.93 -23.29 -8.84
C46 PCW AB . -16.09 -23.67 -7.95
C47 PCW AB . -16.68 -25.05 -8.17
C48 PCW AB . -17.85 -25.30 -7.20
N PCW AB . -0.43 -19.05 7.00
O2 PCW AB . -7.91 -21.03 4.32
O3 PCW AB . -8.13 -23.45 2.80
O11 PCW AB . -7.11 -25.41 2.28
O31 PCW AB . -9.29 -21.91 5.98
O1P PCW AB . -4.30 -21.66 8.41
O2P PCW AB . -3.48 -22.39 6.17
O3P PCW AB . -5.64 -21.02 6.39
O4P PCW AB . -3.44 -20.05 6.68
P PCW AB . -4.18 -21.34 6.95
C1 PCW BB . -10.89 14.79 10.33
C2 PCW BB . -11.56 15.54 9.10
C3 PCW BB . -11.48 17.08 9.31
C4 PCW BB . -9.67 12.13 12.51
C5 PCW BB . -8.96 11.58 13.75
C6 PCW BB . -10.36 9.64 14.60
C7 PCW BB . -7.92 9.44 14.44
C8 PCW BB . -8.89 10.57 15.53
C11 PCW BB . -13.29 18.35 8.35
C12 PCW BB . -13.72 18.98 7.06
C13 PCW BB . -12.77 20.22 6.77
C14 PCW BB . -13.06 20.98 5.48
C15 PCW BB . -14.17 22.08 5.56
C16 PCW BB . -15.21 21.92 4.39
C17 PCW BB . -14.76 22.37 2.96
C18 PCW BB . -15.66 23.43 2.35
C19 PCW BB . -15.36 23.69 0.84
C20 PCW BB . -15.97 22.97 -0.16
C21 PCW BB . -16.98 21.88 -0.14
C22 PCW BB . -18.36 22.52 -0.49
C23 PCW BB . -19.63 21.84 0.11
C24 PCW BB . -20.93 22.56 -0.10
C25 PCW BB . -21.61 23.31 1.08
C26 PCW BB . -23.13 23.39 1.05
C27 PCW BB . -23.80 24.67 1.57
C28 PCW BB . -25.04 24.96 0.76
C31 PCW BB . -11.63 14.93 6.82
C32 PCW BB . -10.75 14.63 5.60
C33 PCW BB . -11.21 15.33 4.23
C34 PCW BB . -10.10 16.11 3.54
C35 PCW BB . -9.52 15.14 2.44
C36 PCW BB . -10.09 15.44 1.02
C37 PCW BB . -9.57 14.52 -0.12
C38 PCW BB . -10.69 14.00 -0.96
C39 PCW BB . -10.22 13.10 -2.07
C40 PCW BB . -10.97 12.53 -3.01
C41 PCW BB . -12.47 12.70 -3.14
C42 PCW BB . -12.88 12.37 -4.64
C43 PCW BB . -12.30 13.21 -5.75
C44 PCW BB . -12.86 12.68 -7.06
C45 PCW BB . -13.61 13.69 -7.90
C46 PCW BB . -14.71 13.10 -8.73
C47 PCW BB . -16.12 13.50 -8.34
C48 PCW BB . -17.14 12.82 -9.26
N PCW BB . -9.10 10.21 14.09
O2 PCW BB . -10.83 15.22 7.85
O3 PCW BB . -12.09 17.75 8.18
O11 PCW BB . -13.92 18.39 9.38
O31 PCW BB . -12.89 14.90 6.83
O1P PCW BB . -8.87 12.64 9.76
O2P PCW BB . -7.12 14.05 10.85
O3P PCW BB . -9.46 15.01 10.42
O4P PCW BB . -9.01 13.38 12.16
P PCW BB . -8.57 13.73 10.76
C1 PCW CB . -2.92 4.38 -35.48
C2 PCW CB . -2.39 5.63 -34.67
C3 PCW CB . -2.97 5.59 -33.20
C4 PCW CB . -5.82 6.76 -37.73
C5 PCW CB . -6.79 7.78 -37.13
C6 PCW CB . -4.94 9.15 -36.02
C7 PCW CB . -7.22 10.04 -36.19
C8 PCW CB . -6.65 8.56 -35.24
C11 PCW CB . -3.26 7.85 -32.45
C12 PCW CB . -2.60 8.90 -31.60
C13 PCW CB . -1.40 9.52 -32.40
C14 PCW CB . -0.62 10.61 -31.66
C15 PCW CB . 0.24 10.12 -30.45
C16 PCW CB . 1.58 10.93 -30.34
C17 PCW CB . 2.91 10.11 -30.33
C18 PCW CB . 4.14 10.98 -30.62
C19 PCW CB . 4.14 11.57 -32.05
C20 PCW CB . 5.16 12.37 -32.52
C21 PCW CB . 6.42 12.88 -31.90
C22 PCW CB . 7.47 11.74 -32.02
C23 PCW CB . 7.94 11.06 -30.70
C24 PCW CB . 9.25 11.51 -30.14
C25 PCW CB . 9.49 11.55 -28.60
C26 PCW CB . 10.34 10.44 -28.02
C27 PCW CB . 11.82 10.36 -28.44
C28 PCW CB . 12.72 10.40 -27.22
C31 PCW CB . -0.25 5.79 -35.71
C32 PCW CB . 1.26 5.66 -35.43
C33 PCW CB . 2.13 5.00 -36.60
C34 PCW CB . 3.41 5.77 -36.93
C35 PCW CB . 4.34 5.60 -35.67
C36 PCW CB . 5.80 5.19 -36.03
C37 PCW CB . 6.75 5.02 -34.80
C38 PCW CB . 6.15 4.16 -33.74
C39 PCW CB . 7.05 3.99 -32.55
C40 PCW CB . 6.73 4.19 -31.28
C41 PCW CB . 5.36 4.64 -30.82
C42 PCW CB . 5.50 5.34 -29.38
C43 PCW CB . 4.91 6.71 -29.18
C44 PCW CB . 5.19 7.11 -27.75
C45 PCW CB . 6.56 7.71 -27.51
C46 PCW CB . 6.85 7.96 -26.06
C47 PCW CB . 6.02 9.04 -25.39
C48 PCW CB . 6.42 9.20 -23.91
N PCW CB . -6.29 9.02 -36.62
O2 PCW CB . -0.90 5.55 -34.57
O3 PCW CB . -2.49 6.72 -32.46
O11 PCW CB . -4.31 8.00 -33.03
O31 PCW CB . -0.77 6.07 -36.83
O1P PCW CB . -3.88 4.59 -38.03
O2P PCW CB . -5.80 3.16 -37.33
O3P PCW CB . -4.37 4.33 -35.56
O4P PCW CB . -5.96 5.54 -36.95
P PCW CB . -4.99 4.36 -37.04
C1 PCW DB . -9.23 -5.74 -33.71
C2 PCW DB . -8.28 -5.59 -32.44
C3 PCW DB . -6.83 -5.25 -32.90
C4 PCW DB . -10.41 -1.04 -34.19
C5 PCW DB . -9.14 -0.34 -34.67
C6 PCW DB . -8.04 0.09 -32.39
C7 PCW DB . -6.66 -0.17 -34.40
C8 PCW DB . -7.90 1.16 -34.03
C11 PCW DB . -5.01 -4.15 -31.80
C12 PCW DB . -4.24 -4.18 -30.51
C13 PCW DB . -2.83 -3.52 -30.76
C14 PCW DB . -1.92 -3.46 -29.52
C15 PCW DB . -1.70 -4.81 -28.77
C16 PCW DB . -0.29 -4.81 -28.08
C17 PCW DB . 0.86 -5.63 -28.77
C18 PCW DB . 1.83 -6.25 -27.77
C19 PCW DB . 2.07 -7.76 -28.04
C20 PCW DB . 2.37 -8.67 -27.03
C21 PCW DB . 2.53 -8.51 -25.56
C22 PCW DB . 1.31 -9.23 -24.90
C23 PCW DB . 0.93 -8.84 -23.44
C24 PCW DB . 1.73 -9.45 -22.34
C25 PCW DB . 1.44 -9.11 -20.85
C26 PCW DB . 2.55 -9.38 -19.85
C27 PCW DB . 2.77 -8.37 -18.71
C28 PCW DB . 4.05 -8.68 -17.97
C31 PCW DB . -8.58 -4.67 -30.28
C32 PCW DB . -9.11 -3.43 -29.52
C33 PCW DB . -8.11 -2.18 -29.44
C34 PCW DB . -7.66 -1.85 -28.03
C35 PCW DB . -6.22 -2.50 -27.89
C36 PCW DB . -5.42 -1.98 -26.68
C37 PCW DB . -4.00 -2.61 -26.52
C38 PCW DB . -3.75 -3.09 -25.13
C39 PCW DB . -2.39 -3.70 -24.96
C40 PCW DB . -2.10 -4.89 -24.43
C41 PCW DB . -3.13 -5.88 -23.92
C42 PCW DB . -4.04 -6.35 -25.14
C43 PCW DB . -5.39 -6.97 -24.85
C44 PCW DB . -6.02 -7.31 -26.19
C45 PCW DB . -7.27 -6.54 -26.51
C46 PCW DB . -8.38 -7.39 -27.08
C47 PCW DB . -9.75 -6.74 -27.15
C48 PCW DB . -10.78 -7.71 -27.76
N PCW DB . -7.98 -0.31 -33.82
O2 PCW DB . -8.77 -4.47 -31.58
O3 PCW DB . -5.98 -5.11 -31.77
O11 PCW DB . -4.81 -3.40 -32.71
O31 PCW DB . -8.06 -5.69 -29.74
O1P PCW DB . -8.19 -2.93 -34.00
O2P PCW DB . -9.10 -3.77 -36.19
O3P PCW DB . -10.07 -4.60 -33.95
O4P PCW DB . -10.49 -2.36 -34.83
P PCW DB . -9.39 -3.40 -34.77
C1 PCW EB . 8.88 0.75 -43.86
C2 PCW EB . 10.32 0.27 -43.42
C3 PCW EB . 11.34 1.46 -43.52
C4 PCW EB . 8.48 0.18 -47.48
C5 PCW EB . 7.58 0.44 -48.69
C6 PCW EB . 7.67 -0.46 -51.07
C7 PCW EB . 6.33 -1.60 -49.35
C8 PCW EB . 6.08 0.08 -50.05
C11 PCW EB . 13.46 0.58 -44.15
C12 PCW EB . 14.80 0.21 -43.59
C13 PCW EB . 15.90 1.02 -44.39
C14 PCW EB . 17.34 0.77 -43.95
C15 PCW EB . 18.21 -0.11 -44.90
C16 PCW EB . 19.20 -1.04 -44.10
C17 PCW EB . 18.71 -1.57 -42.71
C18 PCW EB . 19.26 -2.97 -42.37
C19 PCW EB . 20.81 -3.00 -42.33
C20 PCW EB . 21.54 -2.54 -41.23
C21 PCW EB . 21.11 -1.96 -39.93
C22 PCW EB . 22.24 -2.31 -38.91
C23 PCW EB . 22.74 -1.17 -37.98
C24 PCW EB . 24.22 -1.11 -37.75
C25 PCW EB . 24.99 -2.34 -37.17
C26 PCW EB . 24.91 -2.54 -35.66
C27 PCW EB . 25.65 -3.75 -35.04
C28 PCW EB . 24.98 -4.17 -33.76
C31 PCW EB . 9.75 -1.38 -41.82
C32 PCW EB . 9.75 -1.71 -40.32
C33 PCW EB . 8.51 -2.59 -39.82
C34 PCW EB . 7.71 -1.91 -38.71
C35 PCW EB . 8.39 -2.38 -37.37
C36 PCW EB . 7.93 -3.79 -36.92
C37 PCW EB . 8.57 -4.31 -35.60
C38 PCW EB . 9.97 -4.79 -35.83
C39 PCW EB . 10.64 -5.30 -34.58
C40 PCW EB . 11.65 -4.73 -33.92
C41 PCW EB . 12.31 -3.43 -34.35
C42 PCW EB . 13.87 -3.72 -34.58
C43 PCW EB . 14.80 -2.55 -34.81
C44 PCW EB . 16.20 -3.11 -34.97
C45 PCW EB . 16.91 -3.50 -33.70
C46 PCW EB . 18.14 -4.34 -33.91
C47 PCW EB . 17.91 -5.83 -33.95
C48 PCW EB . 19.24 -6.59 -34.17
N PCW EB . 7.34 -0.60 -49.64
O2 PCW EB . 10.27 -0.17 -41.99
O3 PCW EB . 12.65 1.03 -43.16
O11 PCW EB . 13.15 0.49 -45.31
O31 PCW EB . 9.30 -2.15 -42.73
O1P PCW EB . 9.56 -1.60 -45.48
O2P PCW EB . 7.21 -2.42 -45.33
O3P PCW EB . 7.93 -0.33 -44.01
O4P PCW EB . 7.62 -0.31 -46.42
P PCW EB . 8.11 -1.24 -45.33
C1 PCW FB . -14.47 -7.32 -31.24
C2 PCW FB . -14.47 -6.40 -29.95
C3 PCW FB . -14.87 -4.94 -30.36
C4 PCW FB . -13.75 -11.19 -32.64
C5 PCW FB . -12.29 -11.19 -32.22
C6 PCW FB . -12.32 -11.50 -29.69
C7 PCW FB . -10.66 -12.66 -31.07
C8 PCW FB . -10.86 -10.84 -30.81
C11 PCW FB . -14.02 -3.04 -29.14
C12 PCW FB . -14.22 -2.31 -27.84
C13 PCW FB . -13.41 -3.06 -26.72
C14 PCW FB . -13.51 -2.44 -25.33
C15 PCW FB . -12.80 -3.23 -24.18
C16 PCW FB . -13.45 -4.63 -23.96
C17 PCW FB . -12.54 -5.89 -24.18
C18 PCW FB . -12.40 -6.77 -22.94
C19 PCW FB . -11.10 -6.51 -22.14
C20 PCW FB . -11.08 -6.18 -20.80
C21 PCW FB . -12.16 -6.01 -19.80
C22 PCW FB . -11.88 -4.70 -19.04
C23 PCW FB . -10.96 -4.77 -17.80
C24 PCW FB . -10.22 -3.52 -17.43
C25 PCW FB . -9.64 -3.30 -16.01
C26 PCW FB . -8.53 -2.27 -15.89
C27 PCW FB . -7.08 -2.76 -16.12
C28 PCW FB . -6.76 -3.89 -15.18
C31 PCW FB . -15.06 -7.83 -28.14
C32 PCW FB . -16.23 -8.19 -27.21
C33 PCW FB . -16.41 -7.25 -25.92
C34 PCW FB . -16.16 -5.76 -26.19
C35 PCW FB . -17.39 -4.99 -25.55
C36 PCW FB . -17.69 -3.66 -26.28
C37 PCW FB . -18.89 -2.84 -25.71
C38 PCW FB . -20.15 -3.63 -25.66
C39 PCW FB . -21.32 -2.86 -25.12
C40 PCW FB . -21.54 -2.48 -23.85
C41 PCW FB . -20.60 -2.79 -22.70
C42 PCW FB . -21.47 -2.89 -21.36
C43 PCW FB . -20.76 -3.11 -20.03
C44 PCW FB . -21.82 -3.17 -18.94
C45 PCW FB . -21.69 -4.33 -17.99
C46 PCW FB . -20.45 -4.29 -17.15
C47 PCW FB . -20.58 -4.77 -15.72
C48 PCW FB . -19.23 -4.68 -14.99
N PCW FB . -11.89 -11.89 -31.05
O2 PCW FB . -15.49 -6.87 -28.97
O3 PCW FB . -14.88 -4.10 -29.19
O11 PCW FB . -13.22 -2.74 -29.99
O31 PCW FB . -13.90 -8.35 -28.13
O1P PCW FB . -16.50 -10.47 -32.12
O2P PCW FB . -15.98 -8.56 -33.66
O3P PCW FB . -15.40 -8.43 -31.15
O4P PCW FB . -14.15 -9.80 -32.73
P PCW FB . -15.56 -9.34 -32.47
C1 PCW GB . -10.83 -24.18 -31.21
C2 PCW GB . -9.91 -24.53 -29.97
C3 PCW GB . -8.41 -24.26 -30.37
C4 PCW GB . -15.22 -25.87 -31.32
C5 PCW GB . -15.24 -26.87 -30.16
C6 PCW GB . -16.99 -28.70 -29.81
C7 PCW GB . -14.81 -29.23 -30.77
C8 PCW GB . -15.17 -28.60 -29.07
C11 PCW GB . -6.71 -25.60 -29.37
C12 PCW GB . -5.89 -25.73 -28.11
C13 PCW GB . -4.57 -24.90 -28.32
C14 PCW GB . -3.58 -24.89 -27.14
C15 PCW GB . -3.99 -25.70 -25.89
C16 PCW GB . -2.98 -26.87 -25.63
C17 PCW GB . -3.13 -28.16 -26.50
C18 PCW GB . -4.22 -29.12 -26.00
C19 PCW GB . -4.82 -29.99 -27.13
C20 PCW GB . -4.22 -31.14 -27.59
C21 PCW GB . -2.97 -31.83 -27.21
C22 PCW GB . -3.36 -33.27 -26.75
C23 PCW GB . -4.02 -33.42 -25.35
C24 PCW GB . -3.12 -33.80 -24.22
C25 PCW GB . -3.71 -34.31 -22.87
C26 PCW GB . -3.95 -35.81 -22.76
C27 PCW GB . -5.11 -36.43 -23.59
C28 PCW GB . -5.23 -37.91 -23.29
C31 PCW GB . -10.63 -24.30 -27.74
C32 PCW GB . -10.94 -23.26 -26.64
C33 PCW GB . -9.91 -23.21 -25.42
C34 PCW GB . -9.40 -21.80 -25.11
C35 PCW GB . -9.41 -21.69 -23.53
C36 PCW GB . -9.49 -20.23 -23.03
C37 PCW GB . -9.50 -20.07 -21.48
C38 PCW GB . -8.13 -19.97 -20.92
C39 PCW GB . -8.13 -19.81 -19.42
C40 PCW GB . -7.13 -20.06 -18.58
C41 PCW GB . -5.76 -20.57 -18.98
C42 PCW GB . -4.72 -20.14 -17.85
C43 PCW GB . -5.09 -20.37 -16.40
C44 PCW GB . -3.93 -19.87 -15.55
C45 PCW GB . -3.41 -20.86 -14.53
C46 PCW GB . -2.23 -20.38 -13.75
C47 PCW GB . -0.92 -21.09 -14.01
C48 PCW GB . 0.21 -20.51 -13.14
N PCW GB . -15.73 -28.19 -30.39
O2 PCW GB . -10.24 -23.64 -28.83
O3 PCW GB . -7.57 -24.56 -29.25
O11 PCW GB . -6.60 -26.30 -30.34
O31 PCW GB . -10.73 -25.56 -27.61
O1P PCW GB . -14.31 -23.21 -32.07
O2P PCW GB . -12.60 -24.50 -33.36
O3P PCW GB . -12.22 -23.99 -30.87
O4P PCW GB . -13.83 -25.65 -31.66
P PCW GB . -13.27 -24.30 -32.06
C1 PCW HB . -17.46 -20.13 -26.52
C2 PCW HB . -17.32 -19.62 -25.03
C3 PCW HB . -18.46 -20.22 -24.13
C4 PCW HB . -16.22 -15.75 -27.97
C5 PCW HB . -16.25 -14.47 -27.13
C6 PCW HB . -17.96 -12.88 -27.68
C7 PCW HB . -16.14 -13.16 -29.13
C8 PCW HB . -15.77 -12.05 -27.17
C11 PCW HB . -17.84 -20.60 -21.84
C12 PCW HB . -17.75 -19.88 -20.53
C13 PCW HB . -19.16 -19.26 -20.21
C14 PCW HB . -19.25 -18.49 -18.88
C15 PCW HB . -20.53 -18.75 -18.04
C16 PCW HB . -20.18 -19.46 -16.68
C17 PCW HB . -19.45 -20.84 -16.77
C18 PCW HB . -19.32 -21.54 -15.41
C19 PCW HB . -18.56 -20.69 -14.36
C20 PCW HB . -17.69 -21.25 -13.44
C21 PCW HB . -17.26 -22.64 -13.17
C22 PCW HB . -17.86 -23.04 -11.80
C23 PCW HB . -19.40 -23.24 -11.74
C24 PCW HB . -20.13 -22.55 -10.63
C25 PCW HB . -19.92 -22.97 -9.15
C26 PCW HB . -20.94 -22.45 -8.15
C27 PCW HB . -20.41 -21.96 -6.79
C28 PCW HB . -20.85 -20.54 -6.54
C31 PCW HB . -15.17 -19.09 -24.23
C32 PCW HB . -13.89 -19.70 -23.65
C33 PCW HB . -13.48 -21.14 -24.24
C34 PCW HB . -13.75 -22.29 -23.26
C35 PCW HB . -12.53 -22.27 -22.24
C36 PCW HB . -12.81 -23.08 -20.96
C37 PCW HB . -11.64 -23.09 -19.92
C38 PCW HB . -12.14 -23.21 -18.51
C39 PCW HB . -11.03 -23.21 -17.50
C40 PCW HB . -10.34 -24.26 -17.08
C41 PCW HB . -10.56 -25.68 -17.57
C42 PCW HB . -9.91 -26.69 -16.52
C43 PCW HB . -10.65 -26.96 -15.23
C44 PCW HB . -9.81 -27.95 -14.43
C45 PCW HB . -9.34 -27.47 -13.08
C46 PCW HB . -8.02 -28.03 -12.66
C47 PCW HB . -7.52 -27.61 -11.29
C48 PCW HB . -6.17 -28.26 -10.98
N PCW HB . -16.52 -13.20 -27.74
O2 PCW HB . -16.03 -20.08 -24.45
O3 PCW HB . -18.31 -19.74 -22.80
O11 PCW HB . -17.56 -21.75 -22.03
O31 PCW HB . -15.37 -17.86 -24.44
O1P PCW HB . -17.99 -17.68 -29.18
O2P PCW HB . -18.97 -17.77 -26.88
O3P PCW HB . -16.90 -19.21 -27.48
O4P PCW HB . -16.80 -16.80 -27.15
P PCW HB . -17.73 -17.85 -27.71
C1 PCW IB . -2.13 32.05 -36.89
C2 PCW IB . -1.99 31.91 -35.33
C3 PCW IB . -0.70 32.64 -34.84
C4 PCW IB . -2.06 27.81 -35.99
C5 PCW IB . -0.91 26.82 -36.23
C6 PCW IB . -1.29 25.78 -38.36
C7 PCW IB . -2.39 24.96 -36.49
C8 PCW IB . -0.18 24.51 -36.66
C11 PCW IB . 0.22 33.35 -32.75
C12 PCW IB . 0.19 33.02 -31.27
C13 PCW IB . 0.48 31.47 -31.11
C14 PCW IB . 0.49 30.97 -29.66
C15 PCW IB . 1.71 30.11 -29.24
C16 PCW IB . 2.82 31.01 -28.59
C17 PCW IB . 3.58 30.41 -27.36
C18 PCW IB . 3.56 31.32 -26.13
C19 PCW IB . 4.75 32.32 -26.09
C20 PCW IB . 6.00 31.95 -25.63
C21 PCW IB . 6.54 30.67 -25.10
C22 PCW IB . 8.09 30.79 -25.16
C23 PCW IB . 8.81 31.46 -23.95
C24 PCW IB . 9.05 30.60 -22.76
C25 PCW IB . 10.33 30.79 -21.89
C26 PCW IB . 10.21 30.48 -20.42
C27 PCW IB . 11.35 30.94 -19.49
C28 PCW IB . 12.53 29.99 -19.60
C31 PCW IB . -3.76 31.76 -33.76
C32 PCW IB . -4.93 32.55 -33.14
C33 PCW IB . -4.57 33.34 -31.80
C34 PCW IB . -4.88 32.56 -30.52
C35 PCW IB . -4.97 33.64 -29.38
C36 PCW IB . -4.74 33.03 -27.96
C37 PCW IB . -4.81 34.04 -26.78
C38 PCW IB . -4.32 33.44 -25.50
C39 PCW IB . -4.37 34.39 -24.33
C40 PCW IB . -3.68 34.31 -23.20
C41 PCW IB . -2.67 33.21 -22.89
C42 PCW IB . -1.27 33.90 -22.54
C43 PCW IB . -0.19 33.07 -21.89
C44 PCW IB . 1.02 33.98 -21.69
C45 PCW IB . 1.94 34.09 -22.88
C46 PCW IB . 3.04 35.11 -22.70
C47 PCW IB . 2.77 36.49 -23.26
C48 PCW IB . 3.97 37.42 -23.01
N PCW IB . -1.18 25.58 -36.90
O2 PCW IB . -3.14 32.54 -34.64
O3 PCW IB . -0.58 32.48 -33.42
O11 PCW IB . 0.83 34.26 -33.24
O31 PCW IB . -3.44 30.57 -33.47
O1P PCW IB . -2.56 28.69 -38.69
O2P PCW IB . -0.47 30.03 -38.32
O3P PCW IB . -2.75 30.92 -37.54
O4P PCW IB . -1.59 29.12 -36.41
P PCW IB . -1.81 29.64 -37.81
C1 PCW JB . -22.80 -5.75 -22.99
C2 PCW JB . -21.66 -6.77 -22.62
C3 PCW JB . -20.29 -6.33 -23.26
C4 PCW JB . -26.53 -6.14 -23.42
C5 PCW JB . -27.87 -5.93 -24.12
C6 PCW JB . -28.62 -4.03 -22.59
C7 PCW JB . -29.74 -4.41 -24.73
C8 PCW JB . -29.70 -5.53 -23.27
C11 PCW JB . -19.09 -8.35 -23.74
C12 PCW JB . -17.98 -9.22 -23.20
C13 PCW JB . -17.91 -10.54 -24.05
C14 PCW JB . -16.83 -11.54 -23.65
C15 PCW JB . -15.76 -11.03 -22.64
C16 PCW JB . -15.04 -12.24 -21.94
C17 PCW JB . -14.21 -11.95 -20.65
C18 PCW JB . -14.66 -12.78 -19.44
C19 PCW JB . -13.51 -13.13 -18.46
C20 PCW JB . -13.33 -12.48 -17.25
C21 PCW JB . -14.08 -11.39 -16.57
C22 PCW JB . -13.47 -11.22 -15.15
C23 PCW JB . -12.12 -10.47 -15.04
C24 PCW JB . -11.35 -10.68 -13.77
C25 PCW JB . -10.74 -9.47 -12.98
C26 PCW JB . -9.55 -8.78 -13.63
C27 PCW JB . -9.32 -7.29 -13.30
C28 PCW JB . -10.15 -6.43 -14.21
C31 PCW JB . -21.42 -8.04 -20.62
C32 PCW JB . -21.21 -7.91 -19.11
C33 PCW JB . -21.40 -9.25 -18.26
C34 PCW JB . -20.25 -9.50 -17.28
C35 PCW JB . -20.51 -8.51 -16.07
C36 PCW JB . -19.61 -8.84 -14.85
C37 PCW JB . -19.82 -7.91 -13.61
C38 PCW JB . -18.53 -7.64 -12.88
C39 PCW JB . -18.72 -6.74 -11.69
C40 PCW JB . -17.92 -6.59 -10.65
C41 PCW JB . -16.62 -7.35 -10.45
C42 PCW JB . -16.77 -8.25 -9.14
C43 PCW JB . -16.59 -7.60 -7.79
C44 PCW JB . -16.79 -8.68 -6.74
C45 PCW JB . -17.53 -8.24 -5.50
C46 PCW JB . -18.97 -7.87 -5.76
C47 PCW JB . -19.91 -7.99 -4.57
C48 PCW JB . -21.34 -7.58 -4.95
N PCW JB . -28.61 -4.73 -23.89
O2 PCW JB . -21.46 -6.81 -21.14
O3 PCW JB . -19.27 -7.27 -22.92
O11 PCW JB . -19.73 -8.57 -24.74
O31 PCW JB . -21.54 -9.12 -21.28
O1P PCW JB . -24.77 -3.87 -23.91
O2P PCW JB . -24.70 -4.81 -26.21
O3P PCW JB . -23.12 -5.72 -24.40
O4P PCW JB . -25.51 -6.21 -24.46
P PCW JB . -24.56 -5.08 -24.76
C1 PCW KB . -26.29 16.62 -20.57
C2 PCW KB . -26.39 16.74 -19.01
C3 PCW KB . -25.89 15.43 -18.32
C4 PCW KB . -24.99 19.72 -24.05
C5 PCW KB . -23.48 19.54 -24.29
C6 PCW KB . -22.85 20.71 -26.30
C7 PCW KB . -23.82 18.59 -26.46
C8 PCW KB . -21.67 18.70 -25.70
C11 PCW KB . -27.22 15.49 -16.33
C12 PCW KB . -27.09 15.66 -14.84
C13 PCW KB . -28.17 14.74 -14.15
C14 PCW KB . -28.18 14.79 -12.64
C15 PCW KB . -29.23 13.88 -11.94
C16 PCW KB . -29.96 14.66 -10.79
C17 PCW KB . -31.18 13.95 -10.11
C18 PCW KB . -31.02 13.79 -8.60
C19 PCW KB . -32.37 13.63 -7.86
C20 PCW KB . -32.50 12.94 -6.67
C21 PCW KB . -31.53 12.22 -5.81
C22 PCW KB . -32.35 11.43 -4.75
C23 PCW KB . -31.70 11.22 -3.35
C24 PCW KB . -30.91 9.97 -3.15
C25 PCW KB . -29.89 9.84 -1.98
C26 PCW KB . -28.77 10.87 -1.91
C27 PCW KB . -27.88 10.90 -0.65
C28 PCW KB . -26.57 10.19 -0.91
C31 PCW KB . -26.13 18.77 -17.80
C32 PCW KB . -25.11 19.83 -17.40
C33 PCW KB . -23.91 19.33 -16.46
C34 PCW KB . -24.13 19.65 -14.98
C35 PCW KB . -23.64 21.13 -14.78
C36 PCW KB . -23.56 21.55 -13.29
C37 PCW KB . -23.09 23.01 -13.03
C38 PCW KB . -22.25 23.11 -11.80
C39 PCW KB . -21.78 24.51 -11.52
C40 PCW KB . -20.63 24.88 -10.99
C41 PCW KB . -19.55 23.91 -10.53
C42 PCW KB . -19.95 23.34 -9.09
C43 PCW KB . -18.99 22.39 -8.40
C44 PCW KB . -19.61 22.03 -7.06
C45 PCW KB . -19.39 20.61 -6.61
C46 PCW KB . -19.25 20.46 -5.12
C47 PCW KB . -17.90 20.03 -4.63
C48 PCW KB . -17.89 19.92 -3.09
N PCW KB . -22.98 19.40 -25.62
O2 PCW KB . -25.51 17.86 -18.54
O3 PCW KB . -25.99 15.57 -16.90
O11 PCW KB . -28.24 15.30 -16.91
O31 PCW KB . -27.36 18.77 -17.48
O1P PCW KB . -27.18 18.12 -22.99
O2P PCW KB . -27.02 19.72 -21.09
O3P PCW KB . -25.50 17.64 -21.20
O4P PCW KB . -25.18 19.60 -22.62
P PCW KB . -26.30 18.78 -21.99
C1 PCW LB . 5.68 -9.14 -41.48
C2 PCW LB . 6.42 -10.15 -40.54
C3 PCW LB . 7.25 -11.19 -41.37
C4 PCW LB . 3.03 -8.56 -44.05
C5 PCW LB . 2.19 -8.17 -42.82
C6 PCW LB . 0.00 -8.23 -44.12
C7 PCW LB . 0.00 -7.90 -41.69
C8 PCW LB . 0.70 -6.79 -42.99
C11 PCW LB . 8.75 -13.04 -41.01
C12 PCW LB . 9.30 -13.89 -39.89
C13 PCW LB . 9.78 -12.94 -38.74
C14 PCW LB . 10.36 -13.65 -37.52
C15 PCW LB . 10.06 -12.99 -36.15
C16 PCW LB . 11.17 -13.36 -35.10
C17 PCW LB . 11.87 -12.17 -34.35
C18 PCW LB . 13.33 -12.43 -34.01
C19 PCW LB . 13.55 -12.68 -32.50
C20 PCW LB . 14.82 -12.77 -31.93
C21 PCW LB . 16.18 -12.69 -32.50
C22 PCW LB . 17.13 -13.42 -31.51
C23 PCW LB . 16.92 -14.93 -31.28
C24 PCW LB . 17.48 -15.50 -30.02
C25 PCW LB . 17.17 -16.98 -29.59
C26 PCW LB . 18.35 -17.93 -29.54
C27 PCW LB . 18.17 -19.34 -30.14
C28 PCW LB . 19.43 -19.77 -30.85
C31 PCW LB . 7.32 -9.73 -38.39
C32 PCW LB . 8.36 -8.88 -37.63
C33 PCW LB . 9.21 -9.65 -36.51
C34 PCW LB . 9.53 -8.79 -35.30
C35 PCW LB . 9.14 -9.67 -34.05
C36 PCW LB . 9.52 -9.02 -32.70
C37 PCW LB . 9.15 -9.86 -31.42
C38 PCW LB . 9.77 -11.22 -31.46
C39 PCW LB . 9.43 -12.06 -30.25
C40 PCW LB . 10.25 -12.46 -29.30
C41 PCW LB . 11.74 -12.15 -29.28
C42 PCW LB . 12.08 -11.39 -27.92
C43 PCW LB . 13.22 -11.91 -27.07
C44 PCW LB . 13.31 -11.01 -25.85
C45 PCW LB . 13.41 -11.70 -24.52
C46 PCW LB . 14.44 -11.10 -23.60
C47 PCW LB . 15.85 -10.98 -24.15
C48 PCW LB . 16.79 -10.36 -23.11
N PCW LB . 0.77 -8.27 -42.86
O2 PCW LB . 7.38 -9.41 -39.67
O3 PCW LB . 7.90 -12.10 -40.48
O11 PCW LB . 9.01 -13.18 -42.17
O31 PCW LB . 6.54 -10.59 -37.86
O1P PCW LB . 5.72 -8.26 -45.11
O2P PCW LB . 5.91 -10.69 -44.55
O3P PCW LB . 6.35 -8.90 -42.75
O4P PCW LB . 4.10 -9.43 -43.57
P PCW LB . 5.53 -9.34 -44.07
C1 PCW MB . -7.34 26.64 -32.70
C2 PCW MB . -6.44 27.25 -31.56
C3 PCW MB . -6.02 28.71 -31.95
C4 PCW MB . -10.72 28.94 -30.91
C5 PCW MB . -11.73 28.82 -29.76
C6 PCW MB . -14.24 29.24 -29.62
C7 PCW MB . -13.38 27.04 -30.28
C8 PCW MB . -13.18 27.89 -28.65
C11 PCW MB . -3.87 28.87 -30.87
C12 PCW MB . -3.16 29.63 -29.77
C13 PCW MB . -3.53 28.99 -28.39
C14 PCW MB . -2.89 29.64 -27.16
C15 PCW MB . -1.46 29.14 -26.77
C16 PCW MB . -1.00 29.77 -25.40
C17 PCW MB . -0.14 31.07 -25.45
C18 PCW MB . -0.92 32.31 -25.93
C19 PCW MB . -0.01 33.46 -26.40
C20 PCW MB . -0.32 34.25 -27.50
C21 PCW MB . -1.45 34.24 -28.45
C22 PCW MB . -1.31 35.52 -29.33
C23 PCW MB . -2.51 36.50 -29.38
C24 PCW MB . -2.43 37.72 -28.52
C25 PCW MB . -2.36 37.62 -26.96
C26 PCW MB . -1.45 38.60 -26.27
C27 PCW MB . -0.09 38.09 -25.76
C28 PCW MB . 0.73 39.24 -25.21
C31 PCW MB . -6.78 26.46 -29.36
C32 PCW MB . -7.67 26.63 -28.11
C33 PCW MB . -7.99 28.14 -27.66
C34 PCW MB . -6.72 28.97 -27.41
C35 PCW MB . -7.23 30.32 -26.78
C36 PCW MB . -7.98 31.20 -27.80
C37 PCW MB . -8.49 32.57 -27.25
C38 PCW MB . -8.34 33.66 -28.27
C39 PCW MB . -8.82 34.99 -27.79
C40 PCW MB . -8.51 36.18 -28.29
C41 PCW MB . -7.54 36.38 -29.45
C42 PCW MB . -7.18 37.93 -29.54
C43 PCW MB . -6.13 38.48 -28.59
C44 PCW MB . -5.99 39.97 -28.90
C45 PCW MB . -5.34 40.79 -27.81
C46 PCW MB . -4.41 41.86 -28.33
C47 PCW MB . -3.00 41.85 -27.77
C48 PCW MB . -2.15 42.97 -28.39
N PCW MB . -13.08 28.44 -30.05
O2 PCW MB . -7.21 27.31 -30.29
O3 PCW MB . -5.17 29.28 -30.93
O11 PCW MB . -3.37 28.05 -31.59
O31 PCW MB . -5.80 25.67 -29.45
O1P PCW MB . -9.20 28.58 -33.37
O2P PCW MB . -10.80 26.69 -33.71
O3P PCW MB . -8.70 26.34 -32.27
O4P PCW MB . -10.61 27.63 -31.52
P PCW MB . -9.84 27.35 -32.80
C1 PCW NB . 13.91 -4.31 -45.50
C2 PCW NB . 14.96 -3.92 -44.37
C3 PCW NB . 14.73 -4.77 -43.06
C4 PCW NB . 10.58 -4.81 -47.33
C5 PCW NB . 9.19 -5.39 -47.05
C6 PCW NB . 8.34 -7.65 -46.97
C7 PCW NB . 9.58 -6.97 -48.82
C8 PCW NB . 7.46 -6.16 -48.64
C11 PCW NB . 15.37 -4.56 -40.75
C12 PCW NB . 16.50 -4.09 -39.89
C13 PCW NB . 17.64 -5.17 -39.96
C14 PCW NB . 18.89 -4.85 -39.14
C15 PCW NB . 19.48 -6.03 -38.31
C16 PCW NB . 20.71 -5.53 -37.45
C17 PCW NB . 20.50 -4.24 -36.61
C18 PCW NB . 21.50 -4.09 -35.45
C19 PCW NB . 21.43 -2.68 -34.78
C20 PCW NB . 21.40 -2.51 -33.41
C21 PCW NB . 21.41 -3.46 -32.28
C22 PCW NB . 22.13 -2.72 -31.10
C23 PCW NB . 21.25 -1.88 -30.14
C24 PCW NB . 19.80 -2.23 -30.04
C25 PCW NB . 19.07 -2.28 -28.67
C26 PCW NB . 17.63 -1.80 -28.64
C27 PCW NB . 16.52 -2.83 -28.94
C28 PCW NB . 15.47 -2.81 -27.85
C31 PCW NB . 16.72 -5.45 -45.04
C32 PCW NB . 18.17 -5.47 -45.53
C33 PCW NB . 18.90 -6.89 -45.41
C34 PCW NB . 20.00 -6.91 -44.34
C35 PCW NB . 19.32 -7.53 -43.04
C36 PCW NB . 20.33 -8.32 -42.18
C37 PCW NB . 19.73 -8.95 -40.88
C38 PCW NB . 20.78 -9.64 -40.06
C39 PCW NB . 20.22 -10.25 -38.80
C40 PCW NB . 20.79 -10.27 -37.59
C41 PCW NB . 22.15 -9.67 -37.25
C42 PCW NB . 21.97 -8.74 -35.96
C43 PCW NB . 23.21 -8.14 -35.34
C44 PCW NB . 22.76 -7.32 -34.14
C45 PCW NB . 22.93 -7.99 -32.80
C46 PCW NB . 24.34 -8.47 -32.55
C47 PCW NB . 24.51 -9.95 -32.31
C48 PCW NB . 25.99 -10.29 -32.07
N PCW NB . 8.67 -6.48 -47.82
O2 PCW NB . 16.37 -4.16 -44.86
O3 PCW NB . 15.70 -4.39 -42.06
O11 PCW NB . 14.33 -5.01 -40.35
O31 PCW NB . 15.99 -6.46 -44.86
O1P PCW NB . 11.82 -7.28 -46.49
O2P PCW NB . 11.50 -6.32 -44.19
O3P PCW NB . 13.59 -5.72 -45.59
O4P PCW NB . 11.34 -4.86 -46.08
P PCW NB . 12.02 -6.11 -45.56
C1 PCW OB . 2.93 -21.29 -40.20
C2 PCW OB . 4.34 -21.77 -39.66
C3 PCW OB . 4.54 -23.29 -39.93
C4 PCW OB . 2.93 -20.93 -43.71
C5 PCW OB . 4.04 -21.31 -44.69
C6 PCW OB . 2.54 -20.87 -46.70
C7 PCW OB . 4.85 -21.64 -47.00
C8 PCW OB . 3.46 -22.55 -46.21
C11 PCW OB . 6.50 -24.65 -40.16
C12 PCW OB . 7.81 -24.95 -39.47
C13 PCW OB . 8.94 -24.14 -40.21
C14 PCW OB . 10.35 -24.32 -39.63
C15 PCW OB . 10.64 -23.64 -38.26
C16 PCW OB . 11.62 -22.42 -38.43
C17 PCW OB . 12.47 -22.02 -37.19
C18 PCW OB . 11.70 -21.17 -36.17
C19 PCW OB . 12.57 -20.72 -34.99
C20 PCW OB . 12.68 -21.45 -33.81
C21 PCW OB . 12.07 -22.73 -33.37
C22 PCW OB . 11.20 -22.41 -32.12
C23 PCW OB . 10.85 -23.59 -31.19
C24 PCW OB . 9.80 -23.34 -30.14
C25 PCW OB . 10.10 -22.41 -28.93
C26 PCW OB . 10.67 -23.08 -27.69
C27 PCW OB . 11.02 -22.19 -26.47
C28 PCW OB . 12.43 -22.47 -26.00
C31 PCW OB . 6.04 -20.12 -39.62
C32 PCW OB . 7.15 -19.49 -40.48
C33 PCW OB . 8.58 -19.38 -39.77
C34 PCW OB . 9.28 -18.05 -40.04
C35 PCW OB . 10.77 -18.43 -40.37
C36 PCW OB . 11.80 -17.61 -39.55
C37 PCW OB . 13.30 -17.93 -39.82
C38 PCW OB . 13.75 -19.15 -39.09
C39 PCW OB . 15.19 -19.50 -39.31
C40 PCW OB . 16.14 -19.58 -38.39
C41 PCW OB . 15.91 -19.33 -36.91
C42 PCW OB . 16.63 -20.51 -36.10
C43 PCW OB . 16.62 -20.47 -34.58
C44 PCW OB . 17.40 -21.70 -34.10
C45 PCW OB . 16.58 -22.77 -33.44
C46 PCW OB . 16.36 -22.53 -31.96
C47 PCW OB . 15.24 -23.31 -31.30
C48 PCW OB . 15.13 -22.96 -29.81
N PCW OB . 3.86 -21.11 -46.09
O2 PCW OB . 5.45 -21.06 -40.36
O3 PCW OB . 5.82 -23.72 -39.44
O11 PCW OB . 6.12 -25.16 -41.17
O31 PCW OB . 5.75 -19.81 -38.43
O1P PCW OB . 1.53 -18.84 -42.23
O2P PCW OB . 3.86 -18.04 -41.79
O3P PCW OB . 2.79 -19.84 -40.28
O4P PCW OB . 3.58 -20.28 -42.58
P PCW OB . 2.92 -19.18 -41.75
C1 PCW PB . -22.28 -14.57 -24.25
C2 PCW PB . -22.21 -14.46 -22.68
C3 PCW PB . -22.94 -15.67 -22.01
C4 PCW PB . -22.12 -10.62 -25.39
C5 PCW PB . -22.43 -9.47 -26.36
C6 PCW PB . -21.49 -7.64 -27.88
C7 PCW PB . -20.46 -9.87 -27.82
C8 PCW PB . -22.16 -9.42 -28.40
C11 PCW PB . -24.01 -15.73 -19.86
C12 PCW PB . -23.70 -15.63 -18.39
C13 PCW PB . -25.00 -15.17 -17.63
C14 PCW PB . -24.85 -15.02 -16.12
C15 PCW PB . -24.07 -13.76 -15.63
C16 PCW PB . -22.96 -14.16 -14.61
C17 PCW PB . -22.67 -13.18 -13.43
C18 PCW PB . -21.72 -13.76 -12.38
C19 PCW PB . -21.04 -12.69 -11.51
C20 PCW PB . -20.49 -12.97 -10.27
C21 PCW PB . -20.37 -14.23 -9.48
C22 PCW PB . -21.13 -13.99 -8.14
C23 PCW PB . -21.38 -15.22 -7.20
C24 PCW PB . -20.94 -15.08 -5.78
C25 PCW PB . -21.97 -14.72 -4.65
C26 PCW PB . -21.38 -14.21 -3.34
C27 PCW PB . -22.31 -13.38 -2.43
C28 PCW PB . -21.66 -12.06 -2.10
C31 PCW PB . -20.40 -13.34 -21.63
C32 PCW PB . -18.93 -13.51 -21.21
C33 PCW PB . -18.52 -12.80 -19.83
C34 PCW PB . -18.66 -11.28 -19.86
C35 PCW PB . -17.37 -10.72 -19.13
C36 PCW PB . -17.20 -9.20 -19.35
C37 PCW PB . -15.94 -8.58 -18.66
C38 PCW PB . -16.31 -7.67 -17.53
C39 PCW PB . -15.10 -7.07 -16.88
C40 PCW PB . -14.69 -7.25 -15.62
C41 PCW PB . -15.40 -8.13 -14.61
C42 PCW PB . -14.52 -8.21 -13.28
C43 PCW PB . -13.94 -6.94 -12.71
C44 PCW PB . -13.16 -7.31 -11.48
C45 PCW PB . -12.30 -6.21 -10.90
C46 PCW PB . -11.46 -6.66 -9.75
C47 PCW PB . -11.94 -6.29 -8.37
C48 PCW PB . -10.98 -6.81 -7.30
N PCW PB . -21.39 -8.95 -27.20
O2 PCW PB . -20.79 -14.47 -22.21
O3 PCW PB . -22.87 -15.55 -20.58
O11 PCW PB . -25.09 -16.00 -20.32
O31 PCW PB . -21.10 -12.30 -21.47
O1P PCW PB . -21.79 -13.22 -26.65
O2P PCW PB . -24.23 -12.97 -27.10
O3P PCW PB . -23.43 -13.90 -24.83
O4P PCW PB . -23.23 -11.55 -25.44
P PCW PB . -23.14 -12.93 -26.08
C1 PCW QB . 3.62 25.10 -38.65
C2 PCW QB . 5.05 24.74 -38.08
C3 PCW QB . 6.07 25.88 -38.43
C4 PCW QB . 1.73 23.21 -41.76
C5 PCW QB . 0.75 22.26 -42.47
C6 PCW QB . -1.66 22.81 -41.92
C7 PCW QB . -0.91 22.71 -44.25
C8 PCW QB . -0.99 21.34 -43.03
C11 PCW QB . 8.37 26.49 -38.06
C12 PCW QB . 9.65 25.95 -37.50
C13 PCW QB . 10.38 27.11 -36.72
C14 PCW QB . 11.71 26.73 -36.07
C15 PCW QB . 12.47 27.89 -35.34
C16 PCW QB . 13.95 27.46 -35.02
C17 PCW QB . 14.96 28.59 -34.64
C18 PCW QB . 14.88 29.01 -33.18
C19 PCW QB . 16.01 29.98 -32.77
C20 PCW QB . 16.66 29.90 -31.54
C21 PCW QB . 16.50 29.00 -30.39
C22 PCW QB . 17.70 28.00 -30.41
C23 PCW QB . 19.11 28.56 -30.07
C24 PCW QB . 20.26 27.58 -30.09
C25 PCW QB . 21.19 27.46 -31.33
C26 PCW QB . 22.60 27.99 -31.16
C27 PCW QB . 23.78 27.03 -31.47
C28 PCW QB . 24.58 27.54 -32.64
C31 PCW QB . 4.63 23.43 -36.13
C32 PCW QB . 4.61 23.50 -34.60
C33 PCW QB . 4.84 22.11 -33.85
C34 PCW QB . 4.53 22.17 -32.35
C35 PCW QB . 5.49 21.10 -31.66
C36 PCW QB . 5.70 21.38 -30.16
C37 PCW QB . 6.62 20.37 -29.40
C38 PCW QB . 6.74 20.69 -27.94
C39 PCW QB . 7.63 19.72 -27.20
C40 PCW QB . 8.88 19.91 -26.81
C41 PCW QB . 9.67 21.19 -27.04
C42 PCW QB . 11.21 20.79 -27.20
C43 PCW QB . 12.08 20.74 -25.96
C44 PCW QB . 13.48 20.35 -26.41
C45 PCW QB . 13.85 18.90 -26.17
C46 PCW QB . 14.93 18.73 -25.16
C47 PCW QB . 14.81 17.52 -24.26
C48 PCW QB . 15.99 17.45 -23.26
N PCW QB . -0.53 22.74 -42.86
O2 PCW QB . 4.98 24.64 -36.59
O3 PCW QB . 7.38 25.56 -37.92
O11 PCW QB . 8.26 27.57 -38.59
O31 PCW QB . 4.40 22.41 -36.83
O1P PCW QB . 4.01 22.73 -40.05
O2P PCW QB . 2.29 21.54 -38.65
O3P PCW QB . 2.61 24.09 -38.43
O4P PCW QB . 1.53 23.05 -40.35
P PCW QB . 2.66 22.78 -39.38
C1 PCW RB . -1.93 16.72 -31.00
C2 PCW RB . -1.22 17.56 -29.86
C3 PCW RB . -0.62 18.87 -30.45
C4 PCW RB . -3.64 18.35 -34.18
C5 PCW RB . -3.57 19.78 -34.71
C6 PCW RB . -3.30 19.32 -37.21
C7 PCW RB . -4.46 21.33 -36.43
C8 PCW RB . -2.68 20.88 -36.18
C11 PCW RB . 1.34 19.94 -29.58
C12 PCW RB . 1.81 20.74 -28.39
C13 PCW RB . 1.77 22.26 -28.78
C14 PCW RB . 2.23 23.23 -27.66
C15 PCW RB . 1.96 24.74 -27.92
C16 PCW RB . 1.28 25.41 -26.67
C17 PCW RB . 2.18 25.65 -25.39
C18 PCW RB . 1.82 26.93 -24.63
C19 PCW RB . 3.06 27.82 -24.37
C20 PCW RB . 3.48 28.13 -23.08
C21 PCW RB . 2.95 27.78 -21.73
C22 PCW RB . 3.87 26.63 -21.20
C23 PCW RB . 3.58 25.19 -21.67
C24 PCW RB . 3.82 24.10 -20.67
C25 PCW RB . 5.27 23.71 -20.24
C26 PCW RB . 5.61 22.23 -20.28
C27 PCW RB . 5.60 21.46 -18.94
C28 PCW RB . 7.02 21.14 -18.51
C31 PCW RB . -2.30 17.11 -27.79
C32 PCW RB . -3.37 17.63 -26.82
C33 PCW RB . -3.39 16.91 -25.39
C34 PCW RB . -4.68 16.14 -25.13
C35 PCW RB . -4.81 16.05 -23.56
C36 PCW RB . -5.61 17.25 -22.97
C37 PCW RB . -5.78 17.23 -21.42
C38 PCW RB . -4.70 17.98 -20.73
C39 PCW RB . -4.85 17.97 -19.23
C40 PCW RB . -4.22 17.18 -18.36
C41 PCW RB . -3.21 16.13 -18.76
C42 PCW RB . -2.21 15.93 -17.53
C43 PCW RB . -2.40 14.75 -16.61
C44 PCW RB . -1.31 14.82 -15.56
C45 PCW RB . -0.19 13.82 -15.73
C46 PCW RB . -0.38 12.57 -14.90
C47 PCW RB . -0.23 11.27 -15.64
C48 PCW RB . -0.44 10.08 -14.69
N PCW RB . -3.91 20.03 -36.08
O2 PCW RB . -2.23 17.95 -28.83
O3 PCW RB . 0.03 19.63 -29.41
O11 PCW RB . 2.01 19.64 -30.52
O31 PCW RB . -1.59 16.07 -27.63
O1P PCW RB . -5.44 17.86 -31.99
O2P PCW RB . -3.85 19.32 -30.74
O3P PCW RB . -3.37 16.80 -30.99
O4P PCW RB . -3.13 18.39 -32.82
P PCW RB . -4.01 18.14 -31.62
C1 PCW SB . 9.93 18.01 -45.06
C2 PCW SB . 9.91 17.98 -43.50
C3 PCW SB . 11.36 17.86 -42.94
C4 PCW SB . 7.59 15.06 -43.47
C5 PCW SB . 7.17 13.61 -43.20
C6 PCW SB . 4.94 13.50 -42.00
C7 PCW SB . 5.30 12.24 -44.07
C8 PCW SB . 6.16 12.03 -42.45
C11 PCW SB . 10.79 16.74 -40.89
C12 PCW SB . 10.90 16.89 -39.39
C13 PCW SB . 11.76 15.69 -38.85
C14 PCW SB . 11.98 15.67 -37.33
C15 PCW SB . 13.08 14.70 -36.83
C16 PCW SB . 14.49 15.38 -36.86
C17 PCW SB . 15.37 15.27 -35.58
C18 PCW SB . 16.83 14.90 -35.87
C19 PCW SB . 17.75 16.14 -36.02
C20 PCW SB . 18.27 16.81 -34.92
C21 PCW SB . 18.12 16.60 -33.46
C22 PCW SB . 19.51 16.11 -32.95
C23 PCW SB . 19.65 15.85 -31.43
C24 PCW SB . 20.99 16.12 -30.83
C25 PCW SB . 21.15 16.35 -29.30
C26 PCW SB . 22.18 15.49 -28.58
C27 PCW SB . 21.68 14.23 -27.84
C28 PCW SB . 22.80 13.23 -27.71
C31 PCW SB . 8.18 19.12 -42.34
C32 PCW SB . 7.73 20.50 -41.87
C33 PCW SB . 7.50 20.64 -40.29
C34 PCW SB . 8.26 21.80 -39.66
C35 PCW SB . 7.62 22.01 -38.24
C36 PCW SB . 8.69 22.28 -37.15
C37 PCW SB . 8.11 22.50 -35.72
C38 PCW SB . 8.50 23.82 -35.15
C39 PCW SB . 7.95 24.05 -33.78
C40 PCW SB . 8.01 25.17 -33.07
C41 PCW SB . 8.68 26.45 -33.55
C42 PCW SB . 9.77 26.88 -32.46
C43 PCW SB . 10.87 25.89 -32.13
C44 PCW SB . 11.76 26.55 -31.08
C45 PCW SB . 13.25 26.48 -31.38
C46 PCW SB . 14.02 25.65 -30.38
C47 PCW SB . 15.36 25.12 -30.85
C48 PCW SB . 16.04 24.30 -29.75
N PCW SB . 5.79 13.27 -43.18
O2 PCW SB . 9.34 19.25 -42.97
O3 PCW SB . 11.35 17.82 -41.50
O11 PCW SB . 10.30 15.79 -41.45
O31 PCW SB . 7.53 18.04 -42.17
O1P PCW SB . 7.36 17.15 -45.46
O2P PCW SB . 8.11 15.33 -46.99
O3P PCW SB . 9.84 16.71 -45.68
O4P PCW SB . 8.43 15.02 -44.64
P PCW SB . 8.38 16.07 -45.73
C1 PCW TB . -12.38 23.25 -27.39
C2 PCW TB . -11.43 22.36 -26.50
C3 PCW TB . -9.93 22.73 -26.80
C4 PCW TB . -15.96 22.93 -26.78
C5 PCW TB . -17.40 22.76 -27.24
C6 PCW TB . -17.50 20.23 -27.53
C7 PCW TB . -19.50 21.49 -26.94
C8 PCW TB . -18.51 21.60 -28.50
C11 PCW TB . -8.36 20.92 -26.62
C12 PCW TB . -7.47 20.23 -25.64
C13 PCW TB . -6.10 21.00 -25.60
C14 PCW TB . -5.07 20.44 -24.63
C15 PCW TB . -4.10 21.47 -23.98
C16 PCW TB . -3.27 20.81 -22.82
C17 PCW TB . -2.15 19.79 -23.23
C18 PCW TB . -1.49 19.10 -22.03
C19 PCW TB . -0.26 19.87 -21.49
C20 PCW TB . 0.50 19.41 -20.42
C21 PCW TB . 0.39 18.22 -19.55
C22 PCW TB . 1.76 17.48 -19.62
C23 PCW TB . 2.93 18.04 -18.76
C24 PCW TB . 4.16 17.20 -18.67
C25 PCW TB . 5.01 16.89 -19.93
C26 PCW TB . 5.65 18.08 -20.63
C27 PCW TB . 6.90 17.83 -21.50
C28 PCW TB . 6.83 18.68 -22.74
C31 PCW TB . -12.62 21.87 -24.49
C32 PCW TB . -12.76 22.29 -23.02
C33 PCW TB . -12.05 21.32 -21.96
C34 PCW TB . -12.06 21.85 -20.53
C35 PCW TB . -11.08 23.10 -20.53
C36 PCW TB . -9.99 23.02 -19.42
C37 PCW TB . -8.98 24.21 -19.37
C38 PCW TB . -7.62 23.75 -18.99
C39 PCW TB . -6.61 24.87 -18.93
C40 PCW TB . -5.33 24.81 -19.28
C41 PCW TB . -4.66 23.56 -19.84
C42 PCW TB . -3.73 22.95 -18.70
C43 PCW TB . -3.04 21.63 -18.96
C44 PCW TB . -2.24 21.29 -17.70
C45 PCW TB . -3.07 20.96 -16.49
C46 PCW TB . -2.90 19.55 -16.00
C47 PCW TB . -2.25 19.39 -14.65
C48 PCW TB . -2.13 17.91 -14.25
N PCW TB . -18.07 21.51 -27.08
O2 PCW TB . -11.68 22.64 -25.05
O3 PCW TB . -9.05 21.91 -26.00
O11 PCW TB . -8.42 20.67 -27.80
O31 PCW TB . -13.29 20.96 -25.06
O1P PCW TB . -14.68 24.32 -29.00
O2P PCW TB . -14.86 22.09 -30.10
O3P PCW TB . -12.87 22.59 -28.56
O4P PCW TB . -15.13 22.19 -27.72
P PCW TB . -14.43 22.84 -28.89
C1 PCW UB . 11.03 -10.06 -46.05
C2 PCW UB . 11.36 -9.95 -44.51
C3 PCW UB . 10.24 -10.66 -43.68
C4 PCW UB . 9.72 -13.37 -47.76
C5 PCW UB . 9.81 -14.89 -47.96
C6 PCW UB . 9.64 -17.22 -46.96
C7 PCW UB . 9.45 -15.25 -45.53
C8 PCW UB . 8.31 -15.78 -46.87
C11 PCW UB . 10.25 -9.41 -41.63
C12 PCW UB . 10.57 -9.58 -40.17
C13 PCW UB . 12.10 -9.32 -39.95
C14 PCW UB . 12.57 -9.45 -38.51
C15 PCW UB . 12.91 -10.89 -38.05
C16 PCW UB . 13.97 -11.56 -39.01
C17 PCW UB . 14.58 -12.94 -38.58
C18 PCW UB . 14.00 -13.53 -37.30
C19 PCW UB . 13.87 -15.08 -37.35
C20 PCW UB . 14.53 -15.91 -36.45
C21 PCW UB . 15.43 -15.63 -35.31
C22 PCW UB . 16.87 -15.74 -35.86
C23 PCW UB . 18.02 -15.15 -35.02
C24 PCW UB . 18.95 -16.11 -34.37
C25 PCW UB . 20.07 -15.63 -33.43
C26 PCW UB . 21.45 -16.24 -33.65
C27 PCW UB . 21.81 -17.49 -32.84
C28 PCW UB . 23.24 -17.38 -32.37
C31 PCW UB . 13.72 -9.85 -44.28
C32 PCW UB . 14.96 -10.69 -43.94
C33 PCW UB . 15.58 -10.44 -42.47
C34 PCW UB . 15.77 -8.96 -42.15
C35 PCW UB . 16.35 -8.92 -40.67
C36 PCW UB . 15.52 -8.00 -39.72
C37 PCW UB . 16.03 -7.91 -38.26
C38 PCW UB . 15.05 -7.21 -37.36
C39 PCW UB . 15.55 -7.12 -35.94
C40 PCW UB . 14.95 -7.56 -34.84
C41 PCW UB . 13.62 -8.29 -34.81
C42 PCW UB . 13.25 -8.54 -33.27
C43 PCW UB . 14.34 -9.05 -32.33
C44 PCW UB . 13.71 -9.19 -30.95
C45 PCW UB . 14.69 -9.44 -29.84
C46 PCW UB . 14.82 -8.30 -28.85
C47 PCW UB . 16.08 -7.48 -28.93
C48 PCW UB . 16.07 -6.36 -27.88
N PCW UB . 9.81 -15.76 -46.83
O2 PCW UB . 12.65 -10.64 -44.20
O3 PCW UB . 10.53 -10.58 -42.28
O11 PCW UB . 9.78 -8.43 -42.13
O31 PCW UB . 13.73 -8.63 -44.60
O1P PCW UB . 10.19 -10.65 -48.61
O2P PCW UB . 12.42 -11.55 -49.27
O3P PCW UB . 11.98 -10.81 -46.83
O4P PCW UB . 11.08 -12.86 -47.77
P PCW UB . 11.41 -11.44 -48.20
C1 PCW VB . -31.36 -2.83 -16.90
C2 PCW VB . -31.41 -3.69 -15.58
C3 PCW VB . -29.99 -4.31 -15.30
C4 PCW VB . -35.41 -3.66 -17.02
C5 PCW VB . -35.88 -4.98 -17.64
C6 PCW VB . -36.05 -7.38 -17.78
C7 PCW VB . -36.32 -6.34 -15.72
C8 PCW VB . -34.21 -6.43 -16.55
C11 PCW VB . -30.58 -6.34 -14.14
C12 PCW VB . -30.52 -6.97 -12.77
C13 PCW VB . -29.58 -8.23 -12.85
C14 PCW VB . -29.40 -8.99 -11.53
C15 PCW VB . -30.69 -9.70 -10.99
C16 PCW VB . -30.39 -10.45 -9.65
C17 PCW VB . -31.50 -11.40 -9.10
C18 PCW VB . -32.20 -10.87 -7.85
C19 PCW VB . -33.70 -11.22 -7.79
C20 PCW VB . -34.20 -12.22 -6.97
C21 PCW VB . -33.56 -13.16 -6.04
C22 PCW VB . -34.49 -13.28 -4.79
C23 PCW VB . -34.49 -12.09 -3.78
C24 PCW VB . -35.62 -12.04 -2.82
C25 PCW VB . -35.99 -13.28 -1.93
C26 PCW VB . -36.47 -12.97 -0.52
C27 PCW VB . -35.50 -13.23 0.65
C28 PCW VB . -34.55 -12.07 0.80
C31 PCW VB . -32.89 -3.17 -13.82
C32 PCW VB . -33.11 -2.19 -12.66
C33 PCW VB . -33.22 -2.87 -11.21
C34 PCW VB . -34.04 -2.06 -10.22
C35 PCW VB . -34.54 -3.10 -9.14
C36 PCW VB . -34.87 -2.43 -7.79
C37 PCW VB . -35.36 -3.40 -6.67
C38 PCW VB . -36.64 -2.93 -6.05
C39 PCW VB . -37.14 -3.86 -4.97
C40 PCW VB . -36.65 -3.99 -3.73
C41 PCW VB . -35.48 -3.21 -3.18
C42 PCW VB . -34.86 -4.00 -1.94
C43 PCW VB . -33.54 -3.54 -1.37
C44 PCW VB . -33.22 -4.47 -0.21
C45 PCW VB . -32.33 -5.64 -0.55
C46 PCW VB . -32.09 -6.57 0.60
C47 PCW VB . -31.69 -7.99 0.26
C48 PCW VB . -31.49 -8.82 1.53
N PCW VB . -35.63 -6.22 -16.96
O2 PCW VB . -31.76 -2.82 -14.42
O3 PCW VB . -30.03 -5.09 -14.09
O11 PCW VB . -31.05 -6.85 -15.12
O31 PCW VB . -33.65 -4.13 -14.13
O1P PCW VB . -34.60 -0.96 -17.80
O2P PCW VB . -33.12 -2.21 -19.38
O3P PCW VB . -32.37 -1.79 -16.95
O4P PCW VB . -34.08 -3.42 -17.55
P PCW VB . -33.58 -2.06 -17.98
C1 PCW WB . -27.02 2.09 -20.49
C2 PCW WB . -25.72 2.84 -20.01
C3 PCW WB . -25.81 4.34 -20.45
C4 PCW WB . -30.89 4.81 -19.51
C5 PCW WB . -31.81 4.84 -18.29
C6 PCW WB . -33.65 4.69 -19.86
C7 PCW WB . -34.00 5.65 -17.76
C8 PCW WB . -33.75 3.40 -17.83
C11 PCW WB . -24.74 6.40 -19.86
C12 PCW WB . -23.41 6.96 -19.43
C13 PCW WB . -22.63 7.41 -20.73
C14 PCW WB . -21.24 8.01 -20.45
C15 PCW WB . -20.24 8.00 -21.65
C16 PCW WB . -18.83 8.56 -21.21
C17 PCW WB . -18.81 9.80 -20.24
C18 PCW WB . -17.44 10.06 -19.63
C19 PCW WB . -17.38 9.65 -18.13
C20 PCW WB . -17.51 10.58 -17.10
C21 PCW WB . -17.72 12.05 -17.09
C22 PCW WB . -16.84 12.60 -15.93
C23 PCW WB . -17.54 13.01 -14.62
C24 PCW WB . -16.73 12.94 -13.36
C25 PCW WB . -16.33 14.24 -12.58
C26 PCW WB . -17.01 15.52 -13.01
C27 PCW WB . -16.32 16.86 -12.67
C28 PCW WB . -16.24 17.73 -13.89
C31 PCW WB . -25.59 1.60 -17.96
C32 PCW WB . -25.50 1.77 -16.44
C33 PCW WB . -26.60 2.73 -15.77
C34 PCW WB . -26.46 2.81 -14.25
C35 PCW WB . -25.71 4.18 -13.96
C36 PCW WB . -25.88 4.65 -12.50
C37 PCW WB . -25.17 5.99 -12.12
C38 PCW WB . -24.64 5.98 -10.73
C39 PCW WB . -23.95 7.28 -10.37
C40 PCW WB . -22.68 7.45 -10.04
C41 PCW WB . -21.66 6.33 -9.97
C42 PCW WB . -20.20 6.98 -10.17
C43 PCW WB . -19.12 6.61 -9.18
C44 PCW WB . -17.87 7.36 -9.60
C45 PCW WB . -16.93 7.72 -8.47
C46 PCW WB . -15.62 7.01 -8.53
C47 PCW WB . -14.73 7.33 -9.72
C48 PCW WB . -13.42 6.54 -9.67
N PCW WB . -33.23 4.65 -18.44
O2 PCW WB . -25.64 2.82 -18.52
O3 PCW WB . -24.63 5.05 -20.02
O11 PCW WB . -25.73 7.05 -20.05
O31 PCW WB . -25.63 0.49 -18.57
O1P PCW WB . -28.89 4.17 -21.51
O2P PCW WB . -30.03 1.95 -21.51
O3P PCW WB . -28.21 2.47 -19.78
O4P PCW WB . -30.44 3.43 -19.67
P PCW WB . -29.41 3.03 -20.70
C1 PCW XB . -15.59 11.35 -25.28
C2 PCW XB . -14.41 10.96 -24.30
C3 PCW XB . -13.60 9.75 -24.86
C4 PCW XB . -14.71 14.54 -26.56
C5 PCW XB . -15.85 15.53 -26.31
C6 PCW XB . -17.51 14.80 -24.53
C7 PCW XB . -16.29 16.91 -24.30
C8 PCW XB . -17.53 16.45 -25.58
C11 PCW XB . -12.05 8.14 -23.98
C12 PCW XB . -10.90 8.01 -23.02
C13 PCW XB . -9.63 8.63 -23.70
C14 PCW XB . -8.36 8.60 -22.86
C15 PCW XB . -7.01 8.54 -23.66
C16 PCW XB . -5.82 8.26 -22.69
C17 PCW XB . -4.66 7.37 -23.25
C18 PCW XB . -3.79 6.76 -22.13
C19 PCW XB . -3.77 5.21 -22.17
C20 PCW XB . -2.83 4.49 -22.89
C21 PCW XB . -1.69 4.90 -23.75
C22 PCW XB . -0.40 4.75 -22.91
C23 PCW XB . 0.45 3.46 -23.10
C24 PCW XB . -0.20 2.15 -22.72
C25 PCW XB . 0.53 1.13 -21.81
C26 PCW XB . -0.29 0.48 -20.71
C27 PCW XB . -0.77 -0.96 -20.93
C28 PCW XB . -0.96 -1.65 -19.59
C31 PCW XB . -13.90 13.09 -23.35
C32 PCW XB . -12.80 14.16 -23.27
C33 PCW XB . -13.08 15.37 -22.25
C34 PCW XB . -13.33 14.92 -20.82
C35 PCW XB . -11.95 14.36 -20.30
C36 PCW XB . -11.81 14.45 -18.76
C37 PCW XB . -10.46 13.92 -18.17
C38 PCW XB . -10.64 13.38 -16.79
C39 PCW XB . -9.36 12.85 -16.19
C40 PCW XB . -9.23 11.83 -15.34
C41 PCW XB . -10.41 11.02 -14.81
C42 PCW XB . -9.99 10.37 -13.41
C43 PCW XB . -10.72 10.82 -12.16
C44 PCW XB . -10.13 10.06 -10.99
C45 PCW XB . -11.12 9.54 -9.98
C46 PCW XB . -10.50 8.67 -8.93
C47 PCW XB . -10.66 9.10 -7.49
C48 PCW XB . -9.97 8.10 -6.54
N PCW XB . -16.41 15.65 -25.00
O2 PCW XB . -13.45 12.09 -24.12
O3 PCW XB . -12.53 9.41 -23.96
O11 PCW XB . -12.44 7.26 -24.70
O31 PCW XB . -15.03 13.16 -22.79
O1P PCW XB . -13.11 12.16 -27.03
O2P PCW XB . -14.62 11.90 -29.00
O3P PCW XB . -15.35 11.03 -26.68
O4P PCW XB . -15.29 13.41 -27.25
P PCW XB . -14.52 12.13 -27.54
C1 PCW YB . -1.03 -6.83 -37.04
C2 PCW YB . 0.24 -6.26 -36.32
C3 PCW YB . 0.69 -7.25 -35.20
C4 PCW YB . -4.73 -6.85 -38.69
C5 PCW YB . -5.80 -6.59 -39.76
C6 PCW YB . -6.69 -8.94 -40.18
C7 PCW YB . -8.17 -7.01 -40.34
C8 PCW YB . -6.71 -7.41 -41.39
C11 PCW YB . 1.75 -6.49 -33.18
C12 PCW YB . 3.06 -5.98 -32.67
C13 PCW YB . 3.62 -7.01 -31.62
C14 PCW YB . 4.96 -6.63 -30.98
C15 PCW YB . 4.96 -5.33 -30.11
C16 PCW YB . 5.73 -5.56 -28.77
C17 PCW YB . 6.98 -4.65 -28.49
C18 PCW YB . 7.41 -4.67 -27.03
C19 PCW YB . 8.55 -5.69 -26.76
C20 PCW YB . 9.81 -5.31 -26.32
C21 PCW YB . 10.41 -3.98 -26.01
C22 PCW YB . 11.62 -4.23 -25.07
C23 PCW YB . 12.22 -3.01 -24.33
C24 PCW YB . 13.68 -3.06 -23.99
C25 PCW YB . 14.58 -1.79 -24.07
C26 PCW YB . 15.53 -1.56 -22.92
C27 PCW YB . 16.17 -0.16 -22.77
C28 PCW YB . 17.30 -0.20 -21.77
C31 PCW YB . 1.40 -4.96 -37.94
C32 PCW YB . 2.60 -4.97 -38.90
C33 PCW YB . 4.00 -4.60 -38.22
C34 PCW YB . 4.98 -5.78 -38.19
C35 PCW YB . 4.80 -6.43 -36.76
C36 PCW YB . 4.54 -7.95 -36.82
C37 PCW YB . 4.35 -8.66 -35.44
C38 PCW YB . 5.62 -9.28 -34.95
C39 PCW YB . 5.47 -9.95 -33.62
C40 PCW YB . 5.89 -11.17 -33.27
C41 PCW YB . 6.62 -12.12 -34.18
C42 PCW YB . 7.16 -13.34 -33.30
C43 PCW YB . 7.79 -14.52 -34.01
C44 PCW YB . 8.20 -15.52 -32.94
C45 PCW YB . 9.66 -15.48 -32.54
C46 PCW YB . 9.90 -15.63 -31.08
C47 PCW YB . 9.61 -16.99 -30.48
C48 PCW YB . 9.91 -17.00 -28.98
N PCW YB . -6.88 -7.51 -39.91
O2 PCW YB . 1.37 -6.13 -37.30
O3 PCW YB . 1.85 -6.74 -34.52
O11 PCW YB . 0.76 -6.66 -32.53
O31 PCW YB . 0.59 -4.00 -37.80
O1P PCW YB . -3.08 -4.98 -37.19
O2P PCW YB . -2.35 -4.26 -39.48
O3P PCW YB . -1.24 -6.29 -38.36
O4P PCW YB . -3.48 -6.36 -39.27
P PCW YB . -2.56 -5.39 -38.55
C1 PCW ZB . -6.25 -14.85 -39.21
C2 PCW ZB . -5.58 -14.00 -38.05
C3 PCW ZB . -6.66 -13.10 -37.36
C4 PCW ZB . -2.31 -14.29 -40.90
C5 PCW ZB . -1.94 -13.81 -42.30
C6 PCW ZB . -0.95 -11.99 -43.79
C7 PCW ZB . -1.43 -11.53 -41.43
C8 PCW ZB . -0.21 -12.71 -42.12
C11 PCW ZB . -5.39 -11.18 -36.64
C12 PCW ZB . -4.80 -10.57 -35.39
C13 PCW ZB . -3.31 -11.05 -35.27
C14 PCW ZB . -2.56 -10.52 -34.04
C15 PCW ZB . -1.10 -11.03 -33.87
C16 PCW ZB . -0.24 -10.70 -35.15
C17 PCW ZB . 1.14 -11.43 -35.29
C18 PCW ZB . 2.08 -11.18 -34.11
C19 PCW ZB . 2.53 -12.50 -33.41
C20 PCW ZB . 2.92 -12.54 -32.08
C21 PCW ZB . 3.01 -11.50 -31.02
C22 PCW ZB . 4.13 -11.96 -30.04
C23 PCW ZB . 4.40 -11.09 -28.79
C24 PCW ZB . 5.84 -10.88 -28.43
C25 PCW ZB . 6.38 -9.47 -28.07
C26 PCW ZB . 7.24 -9.39 -26.81
C27 PCW ZB . 8.70 -9.88 -26.89
C28 PCW ZB . 9.55 -8.90 -27.66
C31 PCW ZB . -3.73 -14.72 -36.78
C32 PCW ZB . -3.30 -15.72 -35.70
C33 PCW ZB . -3.47 -15.23 -34.18
C34 PCW ZB . -2.25 -15.52 -33.31
C35 PCW ZB . -2.80 -16.18 -31.98
C36 PCW ZB . -1.94 -17.37 -31.50
C37 PCW ZB . -2.43 -18.07 -30.19
C38 PCW ZB . -2.40 -17.14 -29.01
C39 PCW ZB . -2.88 -17.80 -27.74
C40 PCW ZB . -2.90 -17.26 -26.52
C41 PCW ZB . -2.44 -15.84 -26.20
C42 PCW ZB . -1.02 -15.93 -25.49
C43 PCW ZB . 0.17 -16.41 -26.30
C44 PCW ZB . 1.39 -16.40 -25.39
C45 PCW ZB . 1.49 -17.56 -24.44
C46 PCW ZB . 1.60 -17.16 -23.00
C47 PCW ZB . 2.99 -16.94 -22.46
C48 PCW ZB . 2.96 -16.54 -20.98
N PCW ZB . -1.61 -12.43 -42.54
O2 PCW ZB . -5.02 -14.91 -37.02
O3 PCW ZB . -6.03 -12.34 -36.31
O11 PCW ZB . -5.28 -10.73 -37.74
O31 PCW ZB . -2.97 -13.87 -37.33
O1P PCW ZB . -3.92 -16.56 -41.77
O2P PCW ZB . -5.65 -14.79 -42.15
O3P PCW ZB . -5.36 -15.82 -39.82
O4P PCW ZB . -3.76 -14.24 -40.78
P PCW ZB . -4.67 -15.38 -41.20
C1 PCW AC . -7.90 -20.41 -38.13
C2 PCW AC . -7.07 -20.25 -36.80
C3 PCW AC . -6.58 -18.77 -36.64
C4 PCW AC . -11.10 -17.69 -36.15
C5 PCW AC . -10.18 -16.64 -35.54
C6 PCW AC . -11.49 -14.70 -34.57
C7 PCW AC . -9.86 -15.90 -33.20
C8 PCW AC . -9.54 -14.89 -34.72
C11 PCW AC . -6.31 -17.74 -34.50
C12 PCW AC . -5.46 -17.80 -33.27
C13 PCW AC . -6.41 -17.58 -32.02
C14 PCW AC . -5.73 -17.61 -30.66
C15 PCW AC . -6.33 -16.66 -29.59
C16 PCW AC . -6.91 -17.48 -28.38
C17 PCW AC . -6.55 -16.98 -26.94
C18 PCW AC . -7.26 -15.68 -26.55
C19 PCW AC . -8.81 -15.80 -26.61
C20 PCW AC . -9.56 -16.18 -25.50
C21 PCW AC . -9.18 -16.56 -24.12
C22 PCW AC . -9.69 -15.41 -23.20
C23 PCW AC . -8.93 -14.05 -23.25
C24 PCW AC . -9.01 -13.19 -22.03
C25 PCW AC . -10.18 -12.20 -21.83
C26 PCW AC . -9.93 -11.05 -20.86
C27 PCW AC . -10.92 -10.88 -19.68
C28 PCW AC . -11.24 -9.43 -19.47
C31 PCW AC . -7.81 -21.81 -35.16
C32 PCW AC . -8.73 -21.95 -33.95
C33 PCW AC . -8.02 -21.81 -32.51
C34 PCW AC . -6.66 -21.11 -32.56
C35 PCW AC . -5.63 -22.10 -31.89
C36 PCW AC . -4.45 -21.36 -31.23
C37 PCW AC . -3.38 -22.28 -30.55
C38 PCW AC . -2.49 -21.51 -29.63
C39 PCW AC . -1.46 -22.37 -28.96
C40 PCW AC . -0.58 -21.99 -28.04
C41 PCW AC . -0.47 -20.58 -27.49
C42 PCW AC . -0.75 -20.65 -25.91
C43 PCW AC . 0.26 -21.32 -25.01
C44 PCW AC . -0.26 -21.23 -23.59
C45 PCW AC . 0.32 -22.23 -22.62
C46 PCW AC . -0.67 -22.85 -21.69
C47 PCW AC . -1.45 -21.90 -20.79
C48 PCW AC . -2.42 -22.67 -19.90
N PCW AC . -10.62 -15.88 -34.42
O2 PCW AC . -7.92 -20.55 -35.61
O3 PCW AC . -5.85 -18.64 -35.41
O11 PCW AC . -7.26 -17.04 -34.65
O31 PCW AC . -7.09 -22.72 -35.65
O1P PCW AC . -11.32 -19.04 -38.73
O2P PCW AC . -10.58 -21.03 -37.42
O3P PCW AC . -8.86 -19.36 -38.36
O4P PCW AC . -10.27 -18.85 -36.43
P PCW AC . -10.33 -19.61 -37.75
C1 PCW BC . -15.89 30.08 -26.38
C2 PCW BC . -15.13 29.13 -25.37
C3 PCW BC . -13.60 29.50 -25.34
C4 PCW BC . -19.40 27.71 -25.35
C5 PCW BC . -20.01 26.33 -25.60
C6 PCW BC . -20.16 25.23 -23.46
C7 PCW BC . -21.66 24.67 -25.14
C8 PCW BC . -21.97 26.69 -24.13
C11 PCW BC . -11.86 27.89 -24.88
C12 PCW BC . -11.30 27.05 -23.77
C13 PCW BC . -9.91 26.46 -24.25
C14 PCW BC . -9.20 25.58 -23.23
C15 PCW BC . -8.32 24.43 -23.82
C16 PCW BC . -7.91 23.41 -22.71
C17 PCW BC . -8.68 22.04 -22.68
C18 PCW BC . -7.80 20.83 -22.40
C19 PCW BC . -7.08 20.90 -21.03
C20 PCW BC . -7.56 20.28 -19.88
C21 PCW BC . -8.76 19.45 -19.62
C22 PCW BC . -8.40 18.53 -18.42
C23 PCW BC . -8.33 19.18 -17.02
C24 PCW BC . -7.34 18.63 -16.04
C25 PCW BC . -7.06 17.09 -15.97
C26 PCW BC . -7.08 16.45 -14.60
C27 PCW BC . -8.43 16.33 -13.86
C28 PCW BC . -8.20 16.02 -12.40
C31 PCW BC . -16.32 28.26 -23.52
C32 PCW BC . -16.80 28.61 -22.09
C33 PCW BC . -15.72 28.39 -20.93
C34 PCW BC . -14.88 27.12 -21.10
C35 PCW BC . -14.52 26.64 -19.64
C36 PCW BC . -14.98 25.19 -19.36
C37 PCW BC . -14.65 24.65 -17.93
C38 PCW BC . -13.79 23.43 -17.98
C39 PCW BC . -13.46 22.89 -16.61
C40 PCW BC . -12.35 23.10 -15.91
C41 PCW BC . -11.19 23.94 -16.39
C42 PCW BC . -11.23 25.34 -15.63
C43 PCW BC . -10.73 25.40 -14.20
C44 PCW BC . -10.89 26.83 -13.73
C45 PCW BC . -11.75 27.00 -12.50
C46 PCW BC . -10.99 27.57 -11.32
C47 PCW BC . -11.32 28.99 -10.95
C48 PCW BC . -10.50 29.45 -9.75
N PCW BC . -20.90 25.76 -24.63
O2 PCW BC . -15.66 29.32 -24.00
O3 PCW BC . -12.91 28.63 -24.42
O11 PCW BC . -11.45 27.92 -26.01
O31 PCW BC . -16.51 27.16 -24.12
O1P PCW BC . -18.50 30.44 -25.58
O2P PCW BC . -19.20 30.15 -27.96
O3P PCW BC . -16.86 29.39 -27.21
O4P PCW BC . -18.90 28.19 -26.62
P PCW BC . -18.41 29.61 -26.82
C1 17F CC . -21.06 -25.84 -28.91
N1 17F CC . -18.57 -26.08 -28.90
O1 17F CC . -23.72 -26.82 -27.59
P1 17F CC . -22.68 -25.92 -26.97
C2 17F CC . -19.83 -26.60 -29.41
O2 17F CC . -22.97 -24.44 -27.02
C3 17F CC . -19.81 -26.60 -30.95
O3 17F CC . -21.27 -26.11 -27.57
C4 17F CC . -21.55 -25.53 -24.63
O4 17F CC . -20.77 -27.00 -31.60
C5 17F CC . -21.49 -26.02 -23.16
O5 17F CC . -18.79 -26.19 -31.62
C6 17F CC . -21.36 -27.57 -23.10
O6 17F CC . -22.48 -26.25 -25.43
C7 17F CC . -22.21 -28.84 -21.33
O7 17F CC . -21.28 -28.04 -21.77
C8 17F CC . -21.86 -29.17 -19.85
O8 17F CC . -23.17 -29.30 -21.87
C9 17F CC . -21.86 -27.91 -18.96
O9 17F CC . -20.44 -25.38 -22.42
C10 17F CC . -21.53 -28.15 -17.45
O10 17F CC . -22.07 -24.23 -21.25
C11 17F CC . -20.09 -27.68 -17.03
C12 17F CC . -19.82 -27.94 -15.50
C17 17F CC . -20.90 -24.50 -21.55
C18 17F CC . -19.77 -23.74 -20.88
C19 17F CC . -19.31 -24.32 -19.51
C20 17F CC . -17.77 -24.12 -19.24
C1X 17F CC . -18.40 -27.47 -15.12
C1Y 17F CC . -17.37 -24.72 -17.87
C1Z 17F CC . -16.86 -23.62 -16.92
C2X 17F CC . -18.06 -27.71 -13.58
C21 17F CC . -17.33 -26.49 -12.95
C22 17F CC . -16.24 -26.56 -12.25
C23 17F CC . -15.47 -27.76 -11.92
C24 17F CC . -16.03 -28.58 -10.76
C25 17F CC . -15.24 -29.83 -10.39
C26 17F CC . -13.84 -29.58 -9.66
C27 17F CC . -13.09 -30.85 -9.30
C28 17F CC . -11.74 -30.42 -8.61
C29 17F CC . -10.73 -30.13 -9.65
C30 17F CC . -9.39 -29.71 -9.11
C31 17F CC . -15.35 -23.23 -17.04
C32 17F CC . -14.87 -22.11 -16.08
C33 17F CC . -13.83 -22.68 -15.12
C34 17F CC . -13.21 -21.98 -14.18
C35 17F CC . -13.42 -20.53 -13.86
C36 17F CC . -14.01 -20.26 -12.44
C37 17F CC . -13.37 -19.07 -11.84
C38 17F CC . -13.99 -17.72 -12.25
C39 17F CC . -13.26 -16.53 -11.58
C40 17F CC . -13.53 -15.23 -12.36
C41 17F CC . -15.01 -14.74 -12.16
C42 17F CC . -15.79 -14.23 -13.37
C1 17F DC . -17.89 1.49 -29.88
N1 17F DC . -15.47 0.90 -29.77
O1 17F DC . -18.42 -1.80 -29.90
P1 17F DC . -19.21 -0.63 -29.38
C2 17F DC . -16.63 1.04 -30.64
O2 17F DC . -20.70 -0.80 -29.29
C3 17F DC . -16.33 2.05 -31.76
O3 17F DC . -18.98 0.66 -30.20
C4 17F DC . -19.38 0.83 -27.20
O4 17F DC . -17.18 2.31 -32.60
C5 17F DC . -18.80 1.04 -25.78
O5 17F DC . -15.19 2.64 -31.86
C6 17F DC . -19.84 0.61 -24.71
O6 17F DC . -18.77 -0.25 -27.91
C7 17F DC . -20.06 0.70 -22.35
O7 17F DC . -19.31 0.78 -23.40
C8 17F DC . -19.10 0.75 -21.15
O8 17F DC . -21.25 0.49 -22.21
C9 17F DC . -18.11 -0.45 -21.23
O9 17F DC . -17.53 0.38 -25.58
C10 17F DC . -17.01 -0.54 -20.12
O10 17F DC . -16.10 1.84 -26.66
C11 17F DC . -15.58 -0.75 -20.73
C12 17F DC . -14.43 -0.84 -19.66
C17 17F DC . -16.51 1.22 -25.67
C18 17F DC . -15.79 1.36 -24.35
C19 17F DC . -14.73 2.50 -24.27
C20 17F DC . -13.70 2.27 -23.10
C1X 17F DC . -13.10 -1.03 -20.39
C1Y 17F DC . -12.66 3.42 -23.04
C1Z 17F DC . -12.09 3.56 -21.62
C2X 17F DC . -11.86 -1.12 -19.37
C21 17F DC . -10.79 -0.03 -19.68
C22 17F DC . -9.53 -0.25 -19.84
C23 17F DC . -8.82 -1.52 -19.77
C24 17F DC . -8.98 -2.43 -20.99
C25 17F DC . -8.25 -3.76 -20.93
C26 17F DC . -7.14 -3.90 -19.78
C27 17F DC . -6.43 -5.24 -19.74
C28 17F DC . -5.37 -5.18 -18.56
C29 17F DC . -4.38 -4.13 -18.86
C30 17F DC . -3.31 -3.97 -17.81
C31 17F DC . -12.70 4.70 -20.72
C32 17F DC . -12.10 4.80 -19.29
C33 17F DC . -12.50 3.55 -18.49
C34 17F DC . -12.16 3.33 -17.23
C35 17F DC . -11.34 4.22 -16.35
C36 17F DC . -11.60 4.04 -14.83
C37 17F DC . -10.64 4.88 -14.07
C38 17F DC . -9.72 4.09 -13.08
C39 17F DC . -8.77 5.04 -12.35
C40 17F DC . -7.38 4.39 -12.18
C41 17F DC . -6.33 5.11 -13.12
C42 17F DC . -5.16 4.28 -13.68
C1 17F EC . -24.70 -18.75 -24.88
N1 17F EC . -23.18 -18.55 -26.85
O1 17F EC . -22.23 -20.29 -24.52
P1 17F EC . -23.55 -20.92 -24.21
C2 17F EC . -24.51 -18.28 -26.33
O2 17F EC . -23.74 -22.35 -24.60
C3 17F EC . -24.80 -16.77 -26.41
O3 17F EC . -24.75 -20.15 -24.82
C4 17F EC . -25.07 -21.42 -22.13
O4 17F EC . -25.87 -16.31 -26.02
C5 17F EC . -25.19 -21.27 -20.58
O5 17F EC . -23.95 -15.92 -26.89
C6 17F EC . -26.63 -21.62 -20.13
O6 17F EC . -23.87 -20.87 -22.66
C7 17F EC . -27.66 -22.25 -18.13
O7 17F EC . -26.79 -21.49 -18.73
C8 17F EC . -27.63 -21.89 -16.63
O8 17F EC . -28.39 -23.10 -18.57
C9 17F EC . -28.32 -20.56 -16.30
O9 17F EC . -24.22 -22.07 -19.87
C10 17F EC . -28.33 -20.15 -14.79
O10 17F EC . -22.81 -20.25 -19.88
C11 17F EC . -27.35 -18.96 -14.43
C12 17F EC . -27.41 -18.61 -12.90
C17 17F EC . -23.16 -21.38 -19.52
C18 17F EC . -22.28 -22.13 -18.52
C19 17F EC . -22.80 -23.53 -18.11
C20 17F EC . -23.74 -23.46 -16.85
C1X 17F EC . -26.45 -17.45 -12.59
C1Y 17F EC . -24.24 -24.86 -16.44
C1Z 17F EC . -24.75 -24.86 -15.00
C2X 17F EC . -26.45 -17.05 -11.04
C21 17F EC . -25.60 -15.77 -10.76
C22 17F EC . -24.39 -15.77 -10.31
C23 17F EC . -23.56 -16.94 -9.99
C24 17F EC . -22.15 -16.91 -10.54
C25 17F EC . -21.26 -18.10 -10.21
C26 17F EC . -19.83 -17.77 -9.56
C27 17F EC . -18.97 -18.97 -9.26
C28 17F EC . -17.62 -18.45 -8.63
C29 17F EC . -16.50 -19.27 -9.12
C30 17F EC . -15.15 -18.86 -8.59
C31 17F EC . -23.68 -25.14 -13.88
C32 17F EC . -24.24 -25.13 -12.43
C33 17F EC . -23.99 -26.48 -11.77
C34 17F EC . -24.34 -26.80 -10.54
C35 17F EC . -25.06 -25.89 -9.54
C36 17F EC . -24.14 -24.89 -8.78
C37 17F EC . -23.90 -25.41 -7.41
C38 17F EC . -24.67 -24.67 -6.28
C39 17F EC . -24.36 -25.26 -4.89
C40 17F EC . -25.64 -25.84 -4.27
C41 17F EC . -25.27 -26.79 -3.06
C42 17F EC . -24.48 -28.08 -3.34
C1 17F FC . 12.88 0.88 -51.77
N1 17F FC . 12.07 1.69 -49.53
O1 17F FC . 16.46 0.15 -52.16
P1 17F FC . 15.39 0.98 -51.46
C2 17F FC . 12.12 1.95 -50.96
O2 17F FC . 15.89 2.21 -52.16
C3 17F FC . 10.70 2.09 -51.51
O3 17F FC . 14.11 1.37 -52.21
C4 17F FC . 14.84 2.64 -49.53
O4 17F FC . 10.50 2.32 -52.71
C5 17F FC . 15.38 3.47 -48.34
O5 17F FC . 9.66 1.99 -50.76
C6 17F FC . 14.50 3.17 -47.09
O6 17F FC . 15.81 1.86 -50.22
C7 17F FC . 14.08 4.78 -45.49
O7 17F FC . 14.91 3.90 -45.96
C8 17F FC . 14.70 5.47 -44.27
O8 17F FC . 12.97 5.07 -45.86
C9 17F FC . 13.94 5.17 -42.95
O9 17F FC . 16.77 3.22 -48.07
C10 17F FC . 14.52 5.86 -41.67
O10 17F FC . 17.27 4.82 -49.67
C11 17F FC . 14.62 7.42 -41.76
C12 17F FC . 15.20 8.07 -40.47
C17 17F FC . 17.56 4.01 -48.77
C18 17F FC . 19.01 3.86 -48.37
C19 17F FC . 20.04 4.34 -49.42
C20 17F FC . 20.87 5.57 -48.92
C1X 17F FC . 15.26 9.59 -40.65
C1Y 17F FC . 21.89 6.02 -50.01
C1Z 17F FC . 23.28 6.24 -49.40
C2X 17F FC . 15.85 10.34 -39.36
C21 17F FC . 15.58 11.87 -39.39
C22 17F FC . 16.45 12.77 -39.71
C23 17F FC . 17.85 12.54 -40.12
C24 17F FC . 18.75 12.03 -39.00
C25 17F FC . 20.20 11.77 -39.35
C26 17F FC . 21.19 11.57 -38.11
C27 17F FC . 22.63 11.30 -38.48
C28 17F FC . 23.42 11.13 -37.13
C29 17F FC . 23.47 9.71 -36.79
C30 17F FC . 24.20 9.40 -35.52
C31 17F FC . 24.04 4.96 -48.94
C32 17F FC . 25.44 5.21 -48.32
C33 17F FC . 25.37 5.04 -46.81
C34 17F FC . 26.40 5.19 -46.00
C35 17F FC . 27.83 5.54 -46.38
C36 17F FC . 28.62 4.40 -47.10
C37 17F FC . 29.49 3.72 -46.11
C38 17F FC . 30.67 2.89 -46.71
C39 17F FC . 31.51 2.23 -45.60
C40 17F FC . 32.97 2.13 -46.04
C41 17F FC . 33.18 0.87 -46.98
C42 17F FC . 33.29 -0.52 -46.35
C1 17F GC . -26.52 12.24 -22.44
N1 17F GC . -28.98 12.42 -22.86
O1 17F GC . -24.44 13.79 -25.14
P1 17F GC . -24.55 13.12 -23.79
C2 17F GC . -27.75 11.70 -23.19
O2 17F GC . -24.23 11.64 -23.74
C3 17F GC . -27.93 10.21 -22.90
O3 17F GC . -25.94 13.29 -23.13
C4 17F GC . -23.47 13.31 -21.39
O4 17F GC . -27.02 9.41 -23.10
C5 17F GC . -22.44 14.07 -20.51
O5 17F GC . -29.04 9.73 -22.43
C6 17F GC . -22.68 15.60 -20.61
O6 17F GC . -23.55 13.78 -22.73
C7 17F GC . -21.93 17.55 -19.55
O7 17F GC . -21.74 16.30 -19.81
C8 17F GC . -20.76 17.99 -18.64
O8 17F GC . -22.79 18.32 -19.88
C9 17F GC . -19.64 18.76 -19.40
O9 17F GC . -22.44 13.62 -19.15
C10 17F GC . -18.42 19.21 -18.51
O10 17F GC . -20.22 13.10 -18.82
C11 17F GC . -17.04 18.67 -19.03
C12 17F GC . -15.85 19.13 -18.10
C17 17F GC . -21.43 12.82 -18.90
C18 17F GC . -21.87 11.40 -18.67
C19 17F GC . -21.14 10.68 -17.49
C20 17F GC . -22.12 10.32 -16.31
C1X 17F GC . -14.53 18.58 -18.65
C1Y 17F GC . -21.36 9.62 -15.16
C1Z 17F GC . -21.27 10.55 -13.94
C2X 17F GC . -13.28 19.00 -17.73
C21 17F GC . -12.90 17.87 -16.72
C22 17F GC . -12.19 18.03 -15.65
C23 17F GC . -11.58 19.27 -15.15
C24 17F GC . -11.22 19.24 -13.67
C25 17F GC . -10.57 20.49 -13.11
C26 17F GC . -9.07 20.30 -12.59
C27 17F GC . -8.42 21.54 -12.02
C28 17F GC . -6.96 21.14 -11.57
C29 17F GC . -6.06 21.20 -12.75
C30 17F GC . -4.64 20.84 -12.45
C31 17F GC . -22.05 10.09 -12.65
C32 17F GC . -21.93 11.04 -11.44
C33 17F GC . -20.73 10.61 -10.60
C34 17F GC . -20.33 11.20 -9.48
C35 17F GC . -20.94 12.42 -8.81
C36 17F GC . -21.83 12.09 -7.57
C37 17F GC . -20.95 11.96 -6.37
C38 17F GC . -21.69 11.50 -5.09
C39 17F GC . -20.73 11.40 -3.89
C40 17F GC . -21.48 11.62 -2.58
C41 17F GC . -21.38 10.35 -1.65
C42 17F GC . -22.18 10.32 -0.34
C1 17F HC . -31.25 -9.20 -22.14
N1 17F HC . -28.93 -8.83 -21.26
O1 17F HC . -33.52 -10.18 -20.67
P1 17F HC . -32.65 -9.12 -20.03
C2 17F HC . -29.80 -9.71 -22.02
O2 17F HC . -33.36 -7.96 -19.37
C3 17F HC . -29.21 -9.93 -23.43
O3 17F HC . -31.62 -8.49 -21.01
C4 17F HC . -30.85 -8.90 -18.14
O4 17F HC . -29.78 -10.64 -24.25
C5 17F HC . -30.03 -9.65 -17.05
O5 17F HC . -28.10 -9.37 -23.80
C6 17F HC . -29.21 -10.80 -17.69
O6 17F HC . -31.74 -9.73 -18.88
C7 17F HC . -29.03 -12.35 -15.94
O7 17F HC . -28.44 -11.52 -16.74
C8 17F HC . -27.95 -12.92 -14.99
O8 17F HC . -30.18 -12.67 -15.85
C9 17F HC . -27.51 -11.90 -13.92
O9 17F HC . -29.19 -8.78 -16.27
C10 17F HC . -26.41 -12.39 -12.91
O10 17F HC . -28.06 -8.15 -18.20
C11 17F HC . -25.98 -11.32 -11.84
C12 17F HC . -24.88 -11.87 -10.86
C17 17F HC . -28.30 -8.10 -16.98
C18 17F HC . -27.47 -7.18 -16.12
C19 17F HC . -25.96 -7.47 -16.18
C20 17F HC . -25.34 -7.74 -14.75
C1X 17F HC . -24.48 -10.81 -9.83
C1Y 17F HC . -23.83 -8.04 -14.87
C1Z 17F HC . -23.03 -7.27 -13.81
C2X 17F HC . -23.35 -11.33 -8.83
C21 17F HC . -23.70 -11.12 -7.32
C22 17F HC . -22.82 -10.91 -6.40
C23 17F HC . -21.36 -10.83 -6.58
C24 17F HC . -20.54 -11.61 -5.57
C25 17F HC . -19.03 -11.54 -5.74
C26 17F HC . -18.17 -12.20 -4.56
C27 17F HC . -16.67 -12.11 -4.75
C28 17F HC . -15.99 -12.81 -3.52
C29 17F HC . -14.84 -13.59 -3.99
C30 17F HC . -14.09 -14.33 -2.92
C31 17F HC . -23.19 -7.74 -12.32
C32 17F HC . -22.36 -6.94 -11.28
C33 17F HC . -22.37 -5.46 -11.62
C34 17F HC . -21.75 -4.52 -10.92
C35 17F HC . -20.92 -4.72 -9.67
C36 17F HC . -21.62 -4.27 -8.35
C37 17F HC . -21.66 -2.79 -8.30
C38 17F HC . -23.05 -2.17 -8.60
C39 17F HC . -23.01 -0.63 -8.52
C40 17F HC . -23.47 -0.01 -9.84
C41 17F HC . -25.01 0.34 -9.79
C42 17F HC . -25.43 1.82 -9.88
N LEU A 3 18.23 -24.83 -30.75
CA LEU A 3 18.05 -24.92 -32.21
C LEU A 3 17.09 -23.85 -32.71
N LYS A 4 15.83 -23.93 -32.27
CA LYS A 4 14.83 -22.97 -32.67
C LYS A 4 15.15 -21.59 -32.09
N LEU A 5 15.63 -21.58 -30.87
CA LEU A 5 15.99 -20.34 -30.19
C LEU A 5 17.17 -19.68 -30.88
N LEU A 6 18.01 -20.50 -31.51
CA LEU A 6 19.18 -20.01 -32.22
C LEU A 6 18.75 -19.26 -33.47
N ASP A 7 17.87 -19.88 -34.25
CA ASP A 7 17.35 -19.26 -35.48
C ASP A 7 16.52 -18.04 -35.15
N ASN A 8 15.74 -18.16 -34.08
CA ASN A 8 14.91 -17.06 -33.62
C ASN A 8 15.79 -15.88 -33.22
N TRP A 9 16.74 -16.14 -32.33
CA TRP A 9 17.66 -15.11 -31.87
C TRP A 9 18.48 -14.54 -33.02
N ASP A 10 18.75 -15.38 -34.02
CA ASP A 10 19.51 -14.95 -35.19
C ASP A 10 18.74 -13.85 -35.91
N SER A 11 17.45 -14.11 -36.10
CA SER A 11 16.58 -13.16 -36.76
C SER A 11 16.46 -11.88 -35.93
N VAL A 12 16.40 -12.05 -34.62
CA VAL A 12 16.29 -10.90 -33.72
C VAL A 12 17.57 -10.07 -33.75
N THR A 13 18.72 -10.75 -33.68
CA THR A 13 20.01 -10.06 -33.71
C THR A 13 20.23 -9.32 -35.02
N SER A 14 19.92 -9.97 -36.14
CA SER A 14 20.08 -9.33 -37.44
C SER A 14 19.16 -8.12 -37.55
N THR A 15 17.93 -8.26 -37.09
CA THR A 15 16.97 -7.16 -37.12
C THR A 15 17.45 -6.03 -36.20
N PHE A 16 17.94 -6.39 -35.02
CA PHE A 16 18.45 -5.41 -34.07
C PHE A 16 19.61 -4.64 -34.69
N SER A 17 20.44 -5.36 -35.43
CA SER A 17 21.58 -4.76 -36.11
C SER A 17 21.08 -3.79 -37.18
N LYS A 18 20.09 -4.23 -37.96
CA LYS A 18 19.52 -3.39 -39.01
C LYS A 18 18.85 -2.16 -38.40
N LEU A 19 18.26 -2.35 -37.22
CA LEU A 19 17.62 -1.26 -36.50
C LEU A 19 18.67 -0.29 -36.00
N ARG A 20 19.78 -0.83 -35.52
CA ARG A 20 20.89 -0.03 -35.02
C ARG A 20 21.51 0.77 -36.16
N GLU A 21 21.64 0.12 -37.31
CA GLU A 21 22.20 0.75 -38.50
C GLU A 21 21.30 1.88 -38.97
N GLN A 22 20.06 1.86 -38.52
CA GLN A 22 19.10 2.90 -38.86
C GLN A 22 19.08 3.94 -37.75
N LEU A 23 19.24 3.48 -36.51
CA LEU A 23 19.25 4.36 -35.34
C LEU A 23 20.35 5.39 -35.46
N GLY A 24 21.48 4.99 -36.03
CA GLY A 24 22.60 5.89 -36.23
C GLY A 24 22.18 7.12 -37.02
N PRO A 25 21.88 6.96 -38.32
CA PRO A 25 21.42 8.07 -39.16
C PRO A 25 20.17 8.71 -38.58
N VAL A 26 19.27 7.89 -38.03
CA VAL A 26 18.02 8.39 -37.43
C VAL A 26 18.30 9.42 -36.34
N THR A 27 19.23 9.11 -35.44
CA THR A 27 19.57 10.04 -34.37
C THR A 27 20.23 11.29 -34.94
N GLN A 28 21.00 11.11 -36.00
CA GLN A 28 21.66 12.22 -36.68
C GLN A 28 20.61 13.12 -37.32
N GLU A 29 19.69 12.50 -38.06
CA GLU A 29 18.62 13.22 -38.71
C GLU A 29 17.69 13.85 -37.69
N PHE A 30 17.45 13.12 -36.60
CA PHE A 30 16.60 13.63 -35.53
C PHE A 30 17.26 14.84 -34.89
N TRP A 31 18.55 14.72 -34.57
CA TRP A 31 19.30 15.82 -33.97
C TRP A 31 19.40 17.00 -34.93
N ASP A 32 19.60 16.69 -36.21
CA ASP A 32 19.67 17.73 -37.24
C ASP A 32 18.37 18.50 -37.28
N ASN A 33 17.26 17.76 -37.19
CA ASN A 33 15.95 18.38 -37.18
C ASN A 33 15.76 19.13 -35.85
N LEU A 34 16.21 18.52 -34.77
CA LEU A 34 16.13 19.13 -33.44
C LEU A 34 16.94 20.43 -33.41
N GLU A 35 18.00 20.47 -34.22
CA GLU A 35 18.83 21.66 -34.31
C GLU A 35 18.03 22.81 -34.90
N LYS A 36 17.31 22.52 -35.98
CA LYS A 36 16.48 23.53 -36.62
C LYS A 36 15.41 23.99 -35.63
N GLU A 37 14.87 23.03 -34.89
CA GLU A 37 13.85 23.30 -33.89
C GLU A 37 14.41 24.19 -32.79
N THR A 38 15.55 23.79 -32.23
CA THR A 38 16.18 24.55 -31.17
C THR A 38 16.63 25.91 -31.67
N GLU A 39 17.13 25.97 -32.90
CA GLU A 39 17.56 27.22 -33.51
C GLU A 39 16.40 28.19 -33.57
N GLY A 40 15.27 27.71 -34.08
CA GLY A 40 14.09 28.54 -34.17
C GLY A 40 13.64 28.95 -32.79
N LEU A 41 13.58 27.99 -31.88
CA LEU A 41 13.18 28.25 -30.51
C LEU A 41 14.12 29.25 -29.84
N ARG A 42 15.39 29.20 -30.19
CA ARG A 42 16.37 30.13 -29.63
C ARG A 42 16.11 31.54 -30.11
N GLN A 43 15.80 31.67 -31.40
CA GLN A 43 15.52 32.97 -31.99
C GLN A 43 14.17 33.50 -31.53
N GLU A 44 13.27 32.59 -31.20
CA GLU A 44 11.95 32.96 -30.74
C GLU A 44 11.96 33.24 -29.24
N MET A 45 12.62 32.39 -28.46
CA MET A 45 12.69 32.54 -27.02
C MET A 45 13.38 33.84 -26.61
N SER A 46 14.31 34.30 -27.43
CA SER A 46 14.99 35.55 -27.14
C SER A 46 13.98 36.69 -27.19
N LYS A 47 13.12 36.65 -28.19
CA LYS A 47 12.07 37.64 -28.35
C LYS A 47 10.98 37.39 -27.31
N ASP A 48 10.73 36.11 -27.05
CA ASP A 48 9.74 35.70 -26.05
C ASP A 48 10.10 36.31 -24.72
N LEU A 49 11.36 36.12 -24.32
CA LEU A 49 11.87 36.65 -23.06
C LEU A 49 11.99 38.17 -23.10
N GLU A 50 12.45 38.70 -24.23
CA GLU A 50 12.59 40.14 -24.38
C GLU A 50 11.25 40.83 -24.22
N GLU A 51 10.30 40.43 -25.05
CA GLU A 51 8.97 41.01 -25.03
C GLU A 51 8.21 40.67 -23.75
N VAL A 52 8.45 39.48 -23.19
CA VAL A 52 7.77 39.10 -21.95
C VAL A 52 8.18 40.01 -20.81
N LYS A 53 9.46 40.37 -20.76
CA LYS A 53 9.97 41.26 -19.73
C LYS A 53 9.65 42.71 -20.06
N ALA A 54 9.71 43.04 -21.34
CA ALA A 54 9.40 44.38 -21.79
C ALA A 54 7.93 44.70 -21.54
N LYS A 55 7.08 43.70 -21.70
CA LYS A 55 5.65 43.86 -21.48
C LYS A 55 5.30 43.68 -20.01
N VAL A 56 6.10 42.86 -19.32
CA VAL A 56 5.86 42.61 -17.89
C VAL A 56 6.20 43.83 -17.05
N GLN A 57 7.09 44.69 -17.56
CA GLN A 57 7.47 45.89 -16.83
C GLN A 57 6.24 46.77 -16.58
N PRO A 58 5.57 47.29 -17.63
CA PRO A 58 4.37 48.12 -17.45
C PRO A 58 3.21 47.29 -16.91
N TYR A 59 3.29 45.98 -17.12
CA TYR A 59 2.26 45.06 -16.65
C TYR A 59 2.28 45.02 -15.13
N LEU A 60 3.45 44.73 -14.57
CA LEU A 60 3.63 44.66 -13.13
C LEU A 60 3.54 46.06 -12.54
N ASP A 61 4.03 47.04 -13.29
CA ASP A 61 4.00 48.43 -12.85
C ASP A 61 2.56 48.87 -12.65
N ASP A 62 1.72 48.59 -13.65
CA ASP A 62 0.30 48.94 -13.59
C ASP A 62 -0.38 48.09 -12.53
N PHE A 63 -0.02 46.82 -12.49
CA PHE A 63 -0.56 45.86 -11.53
C PHE A 63 -0.27 46.33 -10.11
N GLN A 64 0.96 46.77 -9.88
CA GLN A 64 1.37 47.25 -8.56
C GLN A 64 0.59 48.49 -8.18
N LYS A 65 0.46 49.44 -9.11
CA LYS A 65 -0.29 50.67 -8.84
C LYS A 65 -1.73 50.33 -8.53
N LYS A 66 -2.32 49.47 -9.36
CA LYS A 66 -3.69 49.03 -9.15
C LYS A 66 -3.81 48.31 -7.82
N TRP A 67 -2.90 47.38 -7.56
CA TRP A 67 -2.89 46.64 -6.31
C TRP A 67 -2.75 47.57 -5.12
N GLN A 68 -1.91 48.60 -5.28
CA GLN A 68 -1.72 49.58 -4.23
C GLN A 68 -3.02 50.33 -3.99
N GLU A 69 -3.63 50.79 -5.08
CA GLU A 69 -4.90 51.51 -4.98
C GLU A 69 -5.93 50.59 -4.33
N GLU A 70 -5.94 49.35 -4.79
CA GLU A 70 -6.85 48.34 -4.27
C GLU A 70 -6.64 48.14 -2.77
N MET A 71 -5.37 48.00 -2.38
CA MET A 71 -5.02 47.79 -0.97
C MET A 71 -5.30 49.03 -0.14
N GLU A 72 -4.88 50.19 -0.63
CA GLU A 72 -5.08 51.44 0.08
C GLU A 72 -6.58 51.72 0.25
N LEU A 73 -7.33 51.56 -0.83
CA LEU A 73 -8.76 51.78 -0.80
C LEU A 73 -9.46 50.71 0.02
N TYR A 74 -8.87 49.52 0.04
CA TYR A 74 -9.42 48.41 0.82
C TYR A 74 -9.27 48.73 2.30
N ARG A 75 -8.05 49.06 2.71
CA ARG A 75 -7.75 49.39 4.09
C ARG A 75 -8.56 50.59 4.55
N GLN A 76 -8.78 51.53 3.62
CA GLN A 76 -9.54 52.74 3.88
C GLN A 76 -11.01 52.38 4.15
N LYS A 77 -11.35 51.13 3.90
CA LYS A 77 -12.70 50.64 4.13
C LYS A 77 -12.68 49.58 5.22
N VAL A 78 -11.70 48.69 5.16
CA VAL A 78 -11.55 47.62 6.13
C VAL A 78 -11.60 48.15 7.56
N GLU A 79 -10.89 49.24 7.83
CA GLU A 79 -10.88 49.82 9.16
C GLU A 79 -12.24 50.43 9.54
N PRO A 80 -12.75 51.42 8.78
CA PRO A 80 -14.06 52.04 9.06
C PRO A 80 -15.21 51.01 9.06
N LEU A 81 -15.19 50.09 8.11
CA LEU A 81 -16.22 49.06 8.03
C LEU A 81 -16.08 48.06 9.16
N ARG A 82 -14.86 47.94 9.68
CA ARG A 82 -14.59 47.05 10.80
C ARG A 82 -15.16 47.67 12.06
N ALA A 83 -15.15 49.00 12.08
CA ALA A 83 -15.69 49.75 13.21
C ALA A 83 -17.18 49.44 13.34
N GLU A 84 -17.86 49.40 12.20
CA GLU A 84 -19.29 49.08 12.18
C GLU A 84 -19.48 47.64 12.64
N LEU A 85 -18.61 46.76 12.15
CA LEU A 85 -18.65 45.35 12.49
C LEU A 85 -18.40 45.15 13.99
N GLN A 86 -17.38 45.83 14.52
CA GLN A 86 -17.02 45.73 15.92
C GLN A 86 -18.07 46.38 16.82
N GLU A 87 -18.39 47.64 16.53
CA GLU A 87 -19.38 48.37 17.33
C GLU A 87 -20.72 47.67 17.23
N GLY A 88 -21.04 47.21 16.03
CA GLY A 88 -22.28 46.49 15.81
C GLY A 88 -22.26 45.17 16.55
N ALA A 89 -21.12 44.49 16.50
CA ALA A 89 -20.96 43.22 17.19
C ALA A 89 -21.09 43.43 18.69
N ARG A 90 -20.57 44.56 19.17
CA ARG A 90 -20.66 44.91 20.58
C ARG A 90 -22.11 44.97 20.99
N GLN A 91 -22.93 45.60 20.15
CA GLN A 91 -24.36 45.71 20.40
C GLN A 91 -25.00 44.33 20.35
N LYS A 92 -24.73 43.61 19.27
CA LYS A 92 -25.26 42.27 19.06
C LYS A 92 -24.90 41.36 20.23
N LEU A 93 -23.62 41.35 20.60
CA LEU A 93 -23.14 40.54 21.71
C LEU A 93 -23.66 41.04 23.04
N HIS A 94 -23.76 42.36 23.19
CA HIS A 94 -24.26 42.95 24.43
C HIS A 94 -25.68 42.48 24.68
N GLU A 95 -26.53 42.63 23.69
CA GLU A 95 -27.92 42.19 23.80
C GLU A 95 -27.98 40.69 24.01
N LEU A 96 -27.12 39.95 23.30
CA LEU A 96 -27.07 38.50 23.43
C LEU A 96 -26.64 38.11 24.85
N GLN A 97 -25.61 38.77 25.36
CA GLN A 97 -25.12 38.49 26.71
C GLN A 97 -26.16 38.89 27.75
N GLU A 98 -26.88 39.98 27.46
CA GLU A 98 -27.93 40.45 28.36
C GLU A 98 -29.09 39.46 28.37
N LYS A 99 -29.15 38.63 27.32
CA LYS A 99 -30.17 37.62 27.21
C LYS A 99 -29.63 36.32 27.78
N LEU A 100 -28.32 36.10 27.62
CA LEU A 100 -27.66 34.90 28.13
C LEU A 100 -27.85 34.75 29.63
N SER A 101 -27.98 35.88 30.32
CA SER A 101 -28.18 35.86 31.77
C SER A 101 -29.57 35.28 32.12
N PRO A 102 -30.68 35.97 31.75
CA PRO A 102 -32.03 35.46 32.05
C PRO A 102 -32.32 34.13 31.36
N LEU A 103 -31.95 34.02 30.08
CA LEU A 103 -32.18 32.78 29.33
C LEU A 103 -31.39 31.64 29.97
N GLY A 104 -30.20 31.96 30.46
CA GLY A 104 -29.37 30.99 31.12
C GLY A 104 -29.97 30.58 32.44
N GLU A 105 -30.48 31.56 33.18
CA GLU A 105 -31.13 31.31 34.46
C GLU A 105 -32.33 30.41 34.23
N GLU A 106 -33.11 30.72 33.20
CA GLU A 106 -34.28 29.92 32.85
C GLU A 106 -33.84 28.51 32.49
N MET A 107 -32.76 28.41 31.74
CA MET A 107 -32.24 27.12 31.32
C MET A 107 -31.89 26.27 32.53
N ARG A 108 -31.20 26.89 33.49
CA ARG A 108 -30.80 26.20 34.71
C ARG A 108 -32.01 25.93 35.60
N ASP A 109 -32.92 26.90 35.66
CA ASP A 109 -34.14 26.75 36.45
C ASP A 109 -34.97 25.60 35.93
N ARG A 110 -35.11 25.55 34.61
CA ARG A 110 -35.85 24.48 33.96
C ARG A 110 -35.07 23.18 34.03
N ALA A 111 -33.74 23.28 34.02
CA ALA A 111 -32.87 22.11 34.10
C ALA A 111 -33.01 21.47 35.47
N ARG A 112 -33.05 22.30 36.51
CA ARG A 112 -33.21 21.81 37.87
C ARG A 112 -34.49 21.02 37.98
N ALA A 113 -35.55 21.54 37.36
CA ALA A 113 -36.84 20.87 37.36
C ALA A 113 -36.80 19.65 36.46
N HIS A 114 -36.14 19.78 35.32
CA HIS A 114 -35.98 18.69 34.36
C HIS A 114 -35.29 17.51 35.02
N VAL A 115 -34.16 17.77 35.65
CA VAL A 115 -33.38 16.73 36.31
C VAL A 115 -34.10 16.26 37.58
N ASP A 116 -34.78 17.17 38.27
CA ASP A 116 -35.53 16.81 39.48
C ASP A 116 -36.62 15.83 39.13
N ALA A 117 -37.35 16.13 38.06
CA ALA A 117 -38.42 15.27 37.58
C ALA A 117 -37.81 13.96 37.10
N LEU A 118 -36.56 14.01 36.67
CA LEU A 118 -35.85 12.83 36.23
C LEU A 118 -35.49 11.99 37.44
N ARG A 119 -35.05 12.65 38.49
CA ARG A 119 -34.67 11.98 39.73
C ARG A 119 -35.88 11.27 40.35
N THR A 120 -37.04 11.91 40.26
CA THR A 120 -38.27 11.35 40.79
C THR A 120 -38.87 10.30 39.86
N HIS A 121 -38.22 10.06 38.73
CA HIS A 121 -38.69 9.07 37.78
C HIS A 121 -37.68 7.96 37.58
N LEU A 122 -36.42 8.32 37.40
CA LEU A 122 -35.35 7.35 37.18
C LEU A 122 -35.21 6.42 38.39
N ALA A 123 -35.34 6.98 39.59
CA ALA A 123 -35.23 6.17 40.80
C ALA A 123 -36.28 5.05 40.84
N PRO A 124 -37.59 5.38 40.83
CA PRO A 124 -38.64 4.34 40.84
C PRO A 124 -38.56 3.46 39.60
N TYR A 125 -38.14 4.04 38.48
CA TYR A 125 -38.02 3.29 37.24
C TYR A 125 -36.96 2.21 37.38
N SER A 126 -35.79 2.58 37.88
CA SER A 126 -34.71 1.63 38.06
C SER A 126 -35.02 0.66 39.20
N ASP A 127 -35.71 1.16 40.23
CA ASP A 127 -36.10 0.31 41.36
C ASP A 127 -37.04 -0.77 40.88
N GLU A 128 -38.07 -0.37 40.15
CA GLU A 128 -39.03 -1.32 39.60
C GLU A 128 -38.31 -2.21 38.58
N LEU A 129 -37.34 -1.62 37.88
CA LEU A 129 -36.55 -2.37 36.91
C LEU A 129 -35.74 -3.43 37.61
N ARG A 130 -35.34 -3.15 38.85
CA ARG A 130 -34.58 -4.11 39.64
C ARG A 130 -35.46 -5.31 39.94
N GLN A 131 -36.73 -5.04 40.24
CA GLN A 131 -37.70 -6.08 40.52
C GLN A 131 -37.94 -6.90 39.25
N ARG A 132 -38.04 -6.18 38.12
CA ARG A 132 -38.23 -6.82 36.83
C ARG A 132 -37.00 -7.63 36.47
N LEU A 133 -35.81 -7.03 36.69
CA LEU A 133 -34.55 -7.70 36.42
C LEU A 133 -34.47 -8.98 37.24
N ALA A 134 -34.92 -8.89 38.49
CA ALA A 134 -34.94 -10.04 39.37
C ALA A 134 -35.82 -11.12 38.76
N ALA A 135 -36.97 -10.71 38.24
CA ALA A 135 -37.90 -11.64 37.61
C ALA A 135 -37.25 -12.27 36.38
N ARG A 136 -36.56 -11.44 35.60
CA ARG A 136 -35.87 -11.92 34.41
C ARG A 136 -34.79 -12.91 34.83
N LEU A 137 -34.06 -12.56 35.89
CA LEU A 137 -33.01 -13.42 36.41
C LEU A 137 -33.60 -14.74 36.90
N GLU A 138 -34.76 -14.68 37.57
CA GLU A 138 -35.44 -15.87 38.05
C GLU A 138 -35.80 -16.77 36.88
N ALA A 139 -36.32 -16.17 35.82
CA ALA A 139 -36.69 -16.91 34.63
C ALA A 139 -35.43 -17.50 33.99
N LEU A 140 -34.39 -16.67 33.89
CA LEU A 140 -33.12 -17.10 33.31
C LEU A 140 -32.48 -18.20 34.14
N LYS A 141 -32.78 -18.23 35.44
CA LYS A 141 -32.24 -19.25 36.32
C LYS A 141 -32.94 -20.57 36.07
N GLU A 142 -34.27 -20.55 36.09
CA GLU A 142 -35.06 -21.75 35.85
C GLU A 142 -34.87 -22.24 34.42
N ASN A 143 -35.06 -21.34 33.46
CA ASN A 143 -34.91 -21.67 32.05
C ASN A 143 -33.47 -22.05 31.77
N GLY A 144 -32.54 -21.26 32.30
CA GLY A 144 -31.13 -21.53 32.09
C GLY A 144 -30.72 -22.85 32.68
N GLY A 145 -31.20 -23.14 33.88
CA GLY A 145 -30.90 -24.41 34.52
C GLY A 145 -31.41 -25.55 33.69
N ALA A 146 -32.62 -25.38 33.15
CA ALA A 146 -33.22 -26.39 32.29
C ALA A 146 -32.41 -26.52 31.01
N ARG A 147 -32.05 -25.37 30.43
CA ARG A 147 -31.25 -25.32 29.21
C ARG A 147 -29.97 -26.14 29.39
N LEU A 148 -29.29 -25.93 30.51
CA LEU A 148 -28.05 -26.64 30.80
C LEU A 148 -28.27 -28.14 30.86
N ALA A 149 -29.33 -28.55 31.58
CA ALA A 149 -29.66 -29.96 31.71
C ALA A 149 -30.05 -30.55 30.36
N GLU A 150 -30.91 -29.84 29.64
CA GLU A 150 -31.37 -30.26 28.33
C GLU A 150 -30.21 -30.32 27.35
N TYR A 151 -29.38 -29.29 27.38
CA TYR A 151 -28.21 -29.22 26.49
C TYR A 151 -27.25 -30.36 26.79
N HIS A 152 -27.06 -30.65 28.07
CA HIS A 152 -26.17 -31.74 28.48
C HIS A 152 -26.68 -33.07 27.97
N ALA A 153 -27.99 -33.29 28.08
CA ALA A 153 -28.61 -34.51 27.61
C ALA A 153 -28.46 -34.59 26.08
N LYS A 154 -28.77 -33.50 25.41
CA LYS A 154 -28.67 -33.43 23.95
C LYS A 154 -27.22 -33.60 23.51
N ALA A 155 -26.31 -33.04 24.28
CA ALA A 155 -24.88 -33.14 23.99
C ALA A 155 -24.43 -34.58 24.10
N THR A 156 -24.86 -35.25 25.17
CA THR A 156 -24.52 -36.64 25.39
C THR A 156 -25.03 -37.48 24.23
N GLU A 157 -26.32 -37.31 23.92
CA GLU A 157 -26.94 -38.05 22.81
C GLU A 157 -26.24 -37.73 21.49
N HIS A 158 -25.92 -36.44 21.30
CA HIS A 158 -25.23 -35.99 20.09
C HIS A 158 -23.86 -36.64 20.00
N LEU A 159 -23.17 -36.73 21.14
CA LEU A 159 -21.86 -37.33 21.18
C LEU A 159 -21.93 -38.84 21.02
N SER A 160 -22.99 -39.44 21.54
CA SER A 160 -23.19 -40.88 21.43
C SER A 160 -23.38 -41.24 19.96
N THR A 161 -24.30 -40.55 19.31
CA THR A 161 -24.57 -40.78 17.89
C THR A 161 -23.35 -40.39 17.05
N LEU A 162 -22.58 -39.42 17.55
CA LEU A 162 -21.38 -38.97 16.87
C LEU A 162 -20.30 -40.03 16.99
N SER A 163 -20.25 -40.71 18.12
CA SER A 163 -19.28 -41.77 18.35
C SER A 163 -19.60 -42.95 17.43
N GLU A 164 -20.88 -43.10 17.12
CA GLU A 164 -21.34 -44.16 16.23
C GLU A 164 -21.01 -43.78 14.78
N LYS A 165 -20.35 -42.65 14.63
CA LYS A 165 -19.92 -42.15 13.33
C LYS A 165 -18.39 -42.06 13.34
N ALA A 166 -17.85 -41.51 14.43
CA ALA A 166 -16.42 -41.33 14.60
C ALA A 166 -15.70 -42.67 14.71
N LYS A 167 -16.45 -43.74 14.94
CA LYS A 167 -15.85 -45.06 15.03
C LYS A 167 -16.24 -45.93 13.82
N PRO A 168 -17.51 -46.38 13.71
CA PRO A 168 -17.95 -47.22 12.58
C PRO A 168 -17.78 -46.53 11.23
N ALA A 169 -18.35 -45.33 11.08
CA ALA A 169 -18.28 -44.60 9.82
C ALA A 169 -16.84 -44.21 9.50
N LEU A 170 -16.09 -43.75 10.48
CA LEU A 170 -14.70 -43.38 10.26
C LEU A 170 -13.86 -44.59 9.91
N GLU A 171 -14.14 -45.73 10.55
CA GLU A 171 -13.41 -46.95 10.25
C GLU A 171 -13.72 -47.40 8.83
N ASP A 172 -14.97 -47.25 8.43
CA ASP A 172 -15.40 -47.60 7.08
C ASP A 172 -14.70 -46.70 6.09
N LEU A 173 -14.59 -45.42 6.46
CA LEU A 173 -13.92 -44.43 5.63
C LEU A 173 -12.44 -44.78 5.51
N ARG A 174 -11.83 -45.14 6.65
CA ARG A 174 -10.43 -45.52 6.66
C ARG A 174 -10.24 -46.76 5.81
N GLN A 175 -11.21 -47.67 5.90
CA GLN A 175 -11.18 -48.90 5.12
C GLN A 175 -11.36 -48.62 3.65
N GLY A 176 -12.11 -47.59 3.32
CA GLY A 176 -12.34 -47.22 1.92
C GLY A 176 -11.11 -46.49 1.41
N LEU A 177 -10.50 -45.69 2.28
CA LEU A 177 -9.30 -44.93 1.94
C LEU A 177 -8.15 -45.83 1.53
N LEU A 178 -8.10 -47.04 2.07
CA LEU A 178 -7.05 -47.99 1.74
C LEU A 178 -7.00 -48.25 0.23
N PRO A 179 -8.05 -48.84 -0.38
CA PRO A 179 -8.08 -49.08 -1.83
C PRO A 179 -8.14 -47.76 -2.61
N VAL A 180 -8.72 -46.72 -2.00
CA VAL A 180 -8.81 -45.42 -2.64
C VAL A 180 -7.42 -44.84 -2.85
N LEU A 181 -6.61 -44.82 -1.78
CA LEU A 181 -5.25 -44.32 -1.86
C LEU A 181 -4.42 -45.23 -2.77
N GLU A 182 -4.72 -46.52 -2.72
CA GLU A 182 -4.03 -47.49 -3.54
C GLU A 182 -4.28 -47.19 -5.02
N SER A 183 -5.55 -47.12 -5.40
CA SER A 183 -5.92 -46.84 -6.77
C SER A 183 -5.43 -45.45 -7.19
N PHE A 184 -5.47 -44.51 -6.24
CA PHE A 184 -5.00 -43.15 -6.47
C PHE A 184 -3.51 -43.16 -6.77
N LYS A 185 -2.77 -43.97 -6.03
CA LYS A 185 -1.34 -44.09 -6.22
C LYS A 185 -1.07 -44.71 -7.59
N VAL A 186 -1.81 -45.76 -7.91
CA VAL A 186 -1.67 -46.44 -9.19
C VAL A 186 -1.90 -45.46 -10.35
N SER A 187 -2.95 -44.66 -10.25
CA SER A 187 -3.27 -43.69 -11.28
C SER A 187 -2.23 -42.57 -11.33
N PHE A 188 -1.79 -42.12 -10.15
CA PHE A 188 -0.79 -41.06 -10.06
C PHE A 188 0.54 -41.53 -10.63
N LEU A 189 0.96 -42.73 -10.25
CA LEU A 189 2.21 -43.29 -10.74
C LEU A 189 2.17 -43.47 -12.25
N SER A 190 1.07 -44.02 -12.76
CA SER A 190 0.92 -44.23 -14.19
C SER A 190 0.81 -42.91 -14.94
N ALA A 191 0.30 -41.88 -14.25
CA ALA A 191 0.18 -40.56 -14.85
C ALA A 191 1.53 -39.89 -14.90
N LEU A 192 2.33 -40.11 -13.85
CA LEU A 192 3.67 -39.55 -13.77
C LEU A 192 4.51 -40.07 -14.94
N GLU A 193 4.33 -41.34 -15.26
CA GLU A 193 5.04 -41.95 -16.37
C GLU A 193 4.74 -41.19 -17.65
N GLU A 194 3.46 -41.00 -17.93
CA GLU A 194 3.01 -40.31 -19.12
C GLU A 194 3.45 -38.84 -19.12
N TYR A 195 3.35 -38.18 -17.97
CA TYR A 195 3.76 -36.78 -17.86
C TYR A 195 5.26 -36.60 -18.12
N THR A 196 6.06 -37.49 -17.53
CA THR A 196 7.51 -37.42 -17.68
C THR A 196 7.95 -37.73 -19.12
N LYS A 197 7.33 -38.74 -19.73
CA LYS A 197 7.69 -39.12 -21.10
C LYS A 197 7.21 -38.09 -22.13
N LYS A 198 6.35 -37.17 -21.69
CA LYS A 198 5.85 -36.12 -22.57
C LYS A 198 6.63 -34.84 -22.31
N LEU A 199 7.45 -34.85 -21.28
CA LEU A 199 8.26 -33.70 -20.91
C LEU A 199 9.53 -33.66 -21.77
N ASN A 200 9.99 -34.83 -22.17
CA ASN A 200 11.17 -34.96 -23.02
C ASN A 200 12.39 -35.36 -22.20
N MET B 3 3.69 -10.86 6.22
CA MET B 3 4.87 -10.65 7.10
C MET B 3 4.97 -9.19 7.55
N THR B 4 5.84 -8.93 8.51
CA THR B 4 6.05 -7.59 9.02
C THR B 4 7.18 -6.90 8.26
N GLU B 5 7.10 -5.59 8.13
CA GLU B 5 8.12 -4.82 7.42
C GLU B 5 8.78 -3.83 8.37
N TYR B 6 10.11 -3.81 8.39
CA TYR B 6 10.86 -2.92 9.25
C TYR B 6 11.96 -2.21 8.45
N LYS B 7 11.87 -0.88 8.36
CA LYS B 7 12.87 -0.11 7.63
C LYS B 7 13.98 0.39 8.56
N LEU B 8 15.21 -0.03 8.29
CA LEU B 8 16.35 0.37 9.10
C LEU B 8 17.30 1.29 8.34
N VAL B 9 17.21 2.58 8.62
CA VAL B 9 18.09 3.56 7.97
C VAL B 9 19.26 3.85 8.92
N VAL B 10 20.46 3.45 8.53
CA VAL B 10 21.64 3.62 9.38
C VAL B 10 22.45 4.88 9.04
N VAL B 11 22.55 5.77 10.02
CA VAL B 11 23.30 7.00 9.86
C VAL B 11 24.67 6.84 10.53
N GLY B 12 25.53 7.83 10.36
CA GLY B 12 26.84 7.77 10.97
C GLY B 12 27.87 8.58 10.21
N ALA B 13 29.10 8.56 10.69
CA ALA B 13 30.18 9.31 10.07
C ALA B 13 31.07 8.40 9.23
N VAL B 14 32.24 8.89 8.87
CA VAL B 14 33.18 8.13 8.07
C VAL B 14 34.25 7.53 8.98
N GLY B 15 34.69 6.32 8.66
CA GLY B 15 35.71 5.66 9.45
C GLY B 15 35.19 4.40 10.13
N VAL B 16 33.88 4.32 10.26
CA VAL B 16 33.23 3.18 10.87
C VAL B 16 32.92 2.10 9.83
N GLY B 17 32.23 1.05 10.26
CA GLY B 17 31.92 -0.02 9.34
C GLY B 17 30.46 -0.05 8.93
N LYS B 18 29.92 1.11 8.57
CA LYS B 18 28.53 1.22 8.16
C LYS B 18 28.25 0.33 6.94
N SER B 19 29.05 0.51 5.90
CA SER B 19 28.90 -0.27 4.68
C SER B 19 29.36 -1.71 4.91
N ALA B 20 30.15 -1.92 5.97
CA ALA B 20 30.65 -3.24 6.30
C ALA B 20 29.59 -4.10 6.97
N LEU B 21 28.93 -3.54 7.98
CA LEU B 21 27.89 -4.27 8.72
C LEU B 21 26.78 -4.74 7.80
N THR B 22 26.42 -3.89 6.84
CA THR B 22 25.36 -4.22 5.90
C THR B 22 25.72 -5.41 5.03
N ILE B 23 26.87 -5.33 4.37
CA ILE B 23 27.34 -6.41 3.50
C ILE B 23 27.63 -7.69 4.30
N GLN B 24 28.06 -7.50 5.54
CA GLN B 24 28.37 -8.63 6.43
C GLN B 24 27.11 -9.36 6.84
N LEU B 25 25.98 -8.65 6.83
CA LEU B 25 24.72 -9.23 7.20
C LEU B 25 23.98 -9.78 5.98
N ILE B 26 23.93 -8.99 4.93
CA ILE B 26 23.23 -9.37 3.70
C ILE B 26 23.97 -10.44 2.89
N GLN B 27 25.27 -10.26 2.69
CA GLN B 27 26.05 -11.20 1.90
C GLN B 27 26.98 -12.04 2.76
N ASN B 28 27.04 -11.72 4.06
CA ASN B 28 27.90 -12.44 5.00
C ASN B 28 29.37 -12.28 4.62
N HIS B 29 29.72 -11.10 4.13
CA HIS B 29 31.08 -10.83 3.71
C HIS B 29 31.55 -9.48 4.26
N PHE B 30 32.79 -9.44 4.75
CA PHE B 30 33.36 -8.21 5.29
C PHE B 30 34.30 -7.58 4.27
N VAL B 31 34.01 -6.35 3.87
CA VAL B 31 34.84 -5.63 2.91
C VAL B 31 36.15 -5.20 3.57
N ASP B 32 37.22 -5.18 2.81
CA ASP B 32 38.53 -4.79 3.33
C ASP B 32 39.00 -3.48 2.73
N GLU B 33 38.29 -3.02 1.71
CA GLU B 33 38.63 -1.78 1.03
C GLU B 33 37.68 -0.66 1.46
N TYR B 34 38.10 0.58 1.24
CA TYR B 34 37.28 1.73 1.59
C TYR B 34 36.20 1.94 0.54
N ASP B 35 34.96 2.02 0.98
CA ASP B 35 33.85 2.22 0.06
C ASP B 35 32.86 3.23 0.63
N PRO B 36 32.70 4.40 -0.05
CA PRO B 36 31.78 5.45 0.38
C PRO B 36 30.33 5.07 0.07
N THR B 37 29.38 5.88 0.51
CA THR B 37 27.98 5.60 0.27
C THR B 37 27.13 6.87 0.27
N ILE B 38 26.31 7.03 -0.76
CA ILE B 38 25.42 8.16 -0.87
C ILE B 38 24.01 7.73 -0.50
N GLU B 39 23.55 6.65 -1.14
CA GLU B 39 22.22 6.12 -0.89
C GLU B 39 22.10 4.70 -1.42
N ASP B 40 22.37 3.73 -0.57
CA ASP B 40 22.28 2.32 -0.96
C ASP B 40 21.56 1.52 0.10
N SER B 41 20.56 0.74 -0.31
CA SER B 41 19.80 -0.08 0.61
C SER B 41 19.94 -1.56 0.28
N TYR B 42 19.93 -2.38 1.32
CA TYR B 42 20.06 -3.83 1.17
C TYR B 42 18.94 -4.50 1.97
N ARG B 43 18.33 -5.51 1.38
CA ARG B 43 17.24 -6.21 2.03
C ARG B 43 17.55 -7.69 2.28
N LYS B 44 17.03 -8.21 3.39
CA LYS B 44 17.20 -9.60 3.75
C LYS B 44 15.96 -10.08 4.49
N GLN B 45 15.50 -11.27 4.14
CA GLN B 45 14.32 -11.86 4.76
C GLN B 45 14.76 -12.82 5.86
N VAL B 46 14.59 -12.41 7.11
CA VAL B 46 14.99 -13.23 8.24
C VAL B 46 13.91 -13.37 9.30
N VAL B 47 14.01 -14.42 10.08
CA VAL B 47 13.07 -14.69 11.16
C VAL B 47 13.71 -14.28 12.47
N ILE B 48 13.02 -13.41 13.21
CA ILE B 48 13.52 -12.92 14.47
C ILE B 48 12.56 -13.24 15.61
N ASP B 49 13.07 -13.93 16.63
CA ASP B 49 12.30 -14.30 17.81
C ASP B 49 11.13 -15.23 17.48
N GLY B 50 11.18 -15.86 16.32
CA GLY B 50 10.13 -16.77 15.92
C GLY B 50 9.22 -16.21 14.84
N GLU B 51 9.30 -14.90 14.61
CA GLU B 51 8.48 -14.26 13.59
C GLU B 51 9.31 -13.76 12.41
N THR B 52 8.83 -13.99 11.21
CA THR B 52 9.53 -13.56 10.01
C THR B 52 9.29 -12.07 9.76
N CYS B 53 10.32 -11.39 9.30
CA CYS B 53 10.22 -9.95 9.04
C CYS B 53 11.10 -9.52 7.90
N LEU B 54 10.63 -8.56 7.13
CA LEU B 54 11.37 -8.04 6.00
C LEU B 54 12.25 -6.88 6.46
N LEU B 55 13.55 -7.09 6.46
CA LEU B 55 14.49 -6.06 6.90
C LEU B 55 15.19 -5.40 5.73
N ASP B 56 14.95 -4.11 5.60
CA ASP B 56 15.59 -3.31 4.55
C ASP B 56 16.46 -2.26 5.23
N ILE B 57 17.74 -2.24 4.90
CA ILE B 57 18.67 -1.32 5.52
C ILE B 57 19.30 -0.35 4.51
N LEU B 58 19.14 0.94 4.74
CA LEU B 58 19.72 1.95 3.87
C LEU B 58 20.91 2.63 4.54
N ASP B 59 22.05 2.63 3.85
CA ASP B 59 23.27 3.24 4.35
C ASP B 59 23.30 4.72 3.95
N THR B 60 22.79 5.57 4.83
CA THR B 60 22.71 7.00 4.59
C THR B 60 23.96 7.72 5.11
N ALA B 61 24.30 8.84 4.47
CA ALA B 61 25.46 9.64 4.86
C ALA B 61 25.16 10.47 6.11
N GLY B 62 26.18 11.15 6.63
CA GLY B 62 26.00 11.93 7.83
C GLY B 62 26.44 13.38 7.69
N GLN B 63 27.57 13.59 7.02
CA GLN B 63 28.12 14.94 6.85
C GLN B 63 27.36 15.72 5.76
N GLU B 64 26.10 15.99 6.02
CA GLU B 64 25.25 16.73 5.10
C GLU B 64 24.55 17.88 5.82
N GLU B 65 24.06 18.83 5.05
CA GLU B 65 23.38 20.00 5.59
C GLU B 65 21.86 19.86 5.46
N TYR B 66 21.22 20.95 5.03
CA TYR B 66 19.77 20.97 4.86
C TYR B 66 19.39 20.54 3.45
N SER B 67 18.38 19.69 3.34
CA SER B 67 17.94 19.20 2.05
C SER B 67 16.54 18.59 2.13
N ALA B 68 15.74 18.82 1.10
CA ALA B 68 14.40 18.27 1.04
C ALA B 68 14.45 16.75 0.92
N MET B 69 15.57 16.26 0.39
CA MET B 69 15.77 14.82 0.24
C MET B 69 16.27 14.24 1.55
N ARG B 70 17.06 15.02 2.27
CA ARG B 70 17.62 14.60 3.54
C ARG B 70 16.50 14.26 4.53
N ASP B 71 15.56 15.18 4.67
CA ASP B 71 14.43 15.00 5.59
C ASP B 71 13.40 14.02 5.04
N GLN B 72 13.66 13.47 3.86
CA GLN B 72 12.76 12.52 3.23
C GLN B 72 13.08 11.09 3.69
N TYR B 73 14.28 10.63 3.38
CA TYR B 73 14.69 9.28 3.77
C TYR B 73 14.88 9.15 5.28
N MET B 74 15.06 10.27 5.96
CA MET B 74 15.22 10.25 7.40
C MET B 74 13.86 10.17 8.09
N ARG B 75 12.81 10.14 7.28
CA ARG B 75 11.44 10.07 7.78
C ARG B 75 10.77 8.76 7.38
N THR B 76 11.36 8.08 6.39
CA THR B 76 10.83 6.81 5.90
C THR B 76 11.24 5.65 6.81
N GLY B 77 12.20 5.89 7.70
CA GLY B 77 12.67 4.84 8.57
C GLY B 77 11.87 4.71 9.86
N GLU B 78 12.07 3.60 10.56
CA GLU B 78 11.36 3.35 11.81
C GLU B 78 12.35 3.25 12.98
N GLY B 79 13.38 2.44 12.81
CA GLY B 79 14.37 2.27 13.85
C GLY B 79 15.71 2.86 13.46
N PHE B 80 16.39 3.48 14.42
CA PHE B 80 17.67 4.10 14.16
C PHE B 80 18.76 3.61 15.12
N LEU B 81 19.89 3.21 14.56
CA LEU B 81 21.03 2.73 15.33
C LEU B 81 22.09 3.81 15.46
N CYS B 82 22.48 4.12 16.69
CA CYS B 82 23.51 5.13 16.91
C CYS B 82 24.85 4.44 17.12
N VAL B 83 25.62 4.35 16.04
CA VAL B 83 26.91 3.68 16.09
C VAL B 83 28.05 4.68 16.23
N PHE B 84 28.97 4.38 17.13
CA PHE B 84 30.13 5.24 17.37
C PHE B 84 31.35 4.39 17.69
N ALA B 85 32.51 4.84 17.25
CA ALA B 85 33.75 4.13 17.50
C ALA B 85 34.26 4.50 18.89
N ILE B 86 34.47 3.51 19.73
CA ILE B 86 34.94 3.73 21.09
C ILE B 86 36.40 4.20 21.12
N ASN B 87 37.05 4.11 19.97
CA ASN B 87 38.44 4.53 19.85
C ASN B 87 38.51 6.00 19.45
N ASN B 88 37.34 6.61 19.25
CA ASN B 88 37.26 8.01 18.88
C ASN B 88 36.16 8.71 19.67
N THR B 89 36.57 9.46 20.67
CA THR B 89 35.65 10.18 21.55
C THR B 89 34.73 11.14 20.79
N LYS B 90 35.20 11.64 19.64
CA LYS B 90 34.40 12.57 18.85
C LYS B 90 33.10 11.92 18.38
N SER B 91 33.17 10.63 18.03
CA SER B 91 32.01 9.89 17.58
C SER B 91 31.01 9.74 18.71
N PHE B 92 31.53 9.66 19.94
CA PHE B 92 30.69 9.53 21.12
C PHE B 92 29.94 10.83 21.39
N GLU B 93 30.60 11.95 21.12
CA GLU B 93 30.00 13.27 21.32
C GLU B 93 29.00 13.57 20.21
N ASP B 94 29.24 13.00 19.03
CA ASP B 94 28.35 13.20 17.88
C ASP B 94 27.02 12.47 18.08
N ILE B 95 26.98 11.59 19.07
CA ILE B 95 25.78 10.81 19.37
C ILE B 95 24.60 11.73 19.66
N HIS B 96 24.81 12.73 20.52
CA HIS B 96 23.74 13.66 20.88
C HIS B 96 23.29 14.45 19.66
N HIS B 97 24.24 14.76 18.79
CA HIS B 97 23.96 15.51 17.58
C HIS B 97 22.99 14.74 16.68
N TYR B 98 23.27 13.46 16.48
CA TYR B 98 22.41 12.63 15.64
C TYR B 98 21.11 12.28 16.37
N ARG B 99 21.20 12.16 17.69
CA ARG B 99 20.04 11.85 18.53
C ARG B 99 18.94 12.90 18.31
N GLU B 100 19.31 14.16 18.43
CA GLU B 100 18.37 15.25 18.25
C GLU B 100 17.97 15.40 16.78
N GLN B 101 18.88 15.05 15.88
CA GLN B 101 18.63 15.13 14.45
C GLN B 101 17.48 14.21 14.07
N ILE B 102 17.56 12.97 14.57
CA ILE B 102 16.53 11.98 14.30
C ILE B 102 15.22 12.37 15.01
N LYS B 103 15.35 12.96 16.19
CA LYS B 103 14.20 13.40 16.94
C LYS B 103 13.44 14.49 16.19
N ARG B 104 14.21 15.33 15.48
CA ARG B 104 13.62 16.42 14.71
C ARG B 104 12.86 15.91 13.50
N VAL B 105 13.47 14.99 12.75
CA VAL B 105 12.84 14.43 11.56
C VAL B 105 11.60 13.59 11.90
N LYS B 106 11.60 12.99 13.08
CA LYS B 106 10.47 12.16 13.51
C LYS B 106 9.43 12.99 14.25
N ASP B 107 9.86 14.15 14.75
CA ASP B 107 8.99 15.07 15.49
C ASP B 107 8.39 14.36 16.70
N SER B 108 9.13 13.40 17.25
CA SER B 108 8.66 12.63 18.40
C SER B 108 9.69 12.66 19.51
N GLU B 109 9.22 12.54 20.74
CA GLU B 109 10.09 12.54 21.91
C GLU B 109 10.67 11.16 22.15
N ASP B 110 9.94 10.14 21.71
CA ASP B 110 10.35 8.75 21.87
C ASP B 110 10.46 8.04 20.52
N VAL B 111 11.70 7.76 20.12
CA VAL B 111 11.97 7.07 18.86
C VAL B 111 12.85 5.85 19.11
N PRO B 112 12.50 4.68 18.55
CA PRO B 112 13.27 3.44 18.72
C PRO B 112 14.73 3.60 18.29
N MET B 113 15.64 3.59 19.25
CA MET B 113 17.07 3.75 18.97
C MET B 113 17.88 2.79 19.82
N VAL B 114 19.09 2.49 19.36
CA VAL B 114 19.99 1.59 20.09
C VAL B 114 21.42 2.15 19.99
N LEU B 115 22.11 2.19 21.13
CA LEU B 115 23.48 2.69 21.16
C LEU B 115 24.43 1.55 20.80
N VAL B 116 25.23 1.75 19.77
CA VAL B 116 26.15 0.71 19.32
C VAL B 116 27.60 1.21 19.29
N GLY B 117 28.48 0.46 19.93
CA GLY B 117 29.89 0.81 19.95
C GLY B 117 30.64 -0.04 18.95
N ASN B 118 31.60 0.53 18.24
CA ASN B 118 32.37 -0.22 17.26
C ASN B 118 33.86 -0.19 17.55
N LYS B 119 34.57 -1.19 17.03
CA LYS B 119 36.01 -1.32 17.18
C LYS B 119 36.43 -1.55 18.65
N CYS B 120 35.80 -2.54 19.27
CA CYS B 120 36.09 -2.87 20.66
C CYS B 120 37.33 -3.75 20.77
N ASP B 121 37.76 -4.30 19.65
CA ASP B 121 38.93 -5.17 19.61
C ASP B 121 40.21 -4.38 19.38
N LEU B 122 40.07 -3.09 19.16
CA LEU B 122 41.22 -2.22 18.94
C LEU B 122 41.75 -1.72 20.28
N PRO B 123 43.08 -1.79 20.48
CA PRO B 123 43.70 -1.34 21.72
C PRO B 123 43.80 0.18 21.79
N SER B 124 42.66 0.84 21.63
CA SER B 124 42.62 2.30 21.67
C SER B 124 41.26 2.75 22.20
N ARG B 125 40.73 2.02 23.17
CA ARG B 125 39.44 2.35 23.77
C ARG B 125 39.52 3.65 24.56
N THR B 126 39.04 4.72 23.97
CA THR B 126 39.05 6.03 24.59
C THR B 126 37.78 6.23 25.41
N VAL B 127 36.68 5.65 24.93
CA VAL B 127 35.40 5.77 25.62
C VAL B 127 35.17 4.54 26.48
N ASP B 128 34.97 4.77 27.78
CA ASP B 128 34.74 3.67 28.72
C ASP B 128 33.35 3.09 28.54
N THR B 129 33.19 1.82 28.91
CA THR B 129 31.91 1.15 28.78
C THR B 129 30.87 1.76 29.73
N LYS B 130 31.30 2.09 30.94
CA LYS B 130 30.41 2.69 31.92
C LYS B 130 29.87 4.01 31.40
N GLN B 131 30.69 4.74 30.65
CA GLN B 131 30.29 6.02 30.08
C GLN B 131 29.19 5.82 29.05
N ALA B 132 29.42 4.89 28.13
CA ALA B 132 28.46 4.60 27.07
C ALA B 132 27.16 4.05 27.66
N GLN B 133 27.28 3.14 28.61
CA GLN B 133 26.13 2.54 29.27
C GLN B 133 25.33 3.59 30.03
N ASP B 134 26.03 4.53 30.64
CA ASP B 134 25.39 5.61 31.39
C ASP B 134 24.58 6.50 30.46
N LEU B 135 25.17 6.85 29.30
CA LEU B 135 24.49 7.68 28.33
C LEU B 135 23.28 6.97 27.75
N ALA B 136 23.44 5.67 27.49
CA ALA B 136 22.35 4.86 26.96
C ALA B 136 21.19 4.83 27.96
N ARG B 137 21.52 4.63 29.23
CA ARG B 137 20.51 4.58 30.29
C ARG B 137 19.83 5.95 30.47
N SER B 138 20.56 7.01 30.15
CA SER B 138 20.03 8.36 30.28
C SER B 138 19.07 8.65 29.13
N TYR B 139 19.35 8.07 27.97
CA TYR B 139 18.51 8.25 26.79
C TYR B 139 17.30 7.33 26.83
N GLY B 140 17.45 6.19 27.49
CA GLY B 140 16.36 5.23 27.58
C GLY B 140 16.47 4.19 26.49
N ILE B 141 17.69 3.93 26.06
CA ILE B 141 17.95 2.96 25.01
C ILE B 141 19.03 1.97 25.45
N PRO B 142 19.08 0.78 24.84
CA PRO B 142 20.09 -0.23 25.18
C PRO B 142 21.41 0.03 24.47
N PHE B 143 22.50 -0.45 25.05
CA PHE B 143 23.83 -0.28 24.47
C PHE B 143 24.46 -1.63 24.14
N ILE B 144 24.89 -1.79 22.90
CA ILE B 144 25.51 -3.02 22.45
C ILE B 144 26.90 -2.74 21.87
N GLU B 145 27.92 -3.31 22.48
CA GLU B 145 29.29 -3.14 22.01
C GLU B 145 29.56 -4.16 20.91
N THR B 146 29.92 -3.68 19.74
CA THR B 146 30.16 -4.55 18.60
C THR B 146 31.50 -4.28 17.93
N SER B 147 31.82 -5.10 16.94
CA SER B 147 33.03 -4.98 16.16
C SER B 147 32.77 -5.54 14.76
N ALA B 148 33.10 -4.76 13.75
CA ALA B 148 32.90 -5.18 12.37
C ALA B 148 34.00 -6.15 11.92
N LYS B 149 34.96 -6.37 12.80
CA LYS B 149 36.06 -7.27 12.48
C LYS B 149 35.77 -8.69 12.99
N THR B 150 35.20 -8.78 14.18
CA THR B 150 34.89 -10.08 14.78
C THR B 150 33.43 -10.46 14.53
N ARG B 151 32.62 -9.49 14.12
CA ARG B 151 31.20 -9.71 13.85
C ARG B 151 30.45 -10.08 15.13
N GLN B 152 31.03 -9.70 16.27
CA GLN B 152 30.45 -10.02 17.56
C GLN B 152 29.45 -8.93 18.01
N GLY B 153 28.23 -9.36 18.30
CA GLY B 153 27.20 -8.43 18.76
C GLY B 153 26.48 -7.73 17.64
N VAL B 154 26.96 -7.90 16.41
CA VAL B 154 26.35 -7.25 15.25
C VAL B 154 24.90 -7.70 15.05
N ASP B 155 24.66 -9.00 15.09
CA ASP B 155 23.32 -9.54 14.90
C ASP B 155 22.41 -9.04 16.02
N ASP B 156 22.95 -9.02 17.24
CA ASP B 156 22.19 -8.57 18.39
C ASP B 156 21.77 -7.11 18.24
N ALA B 157 22.69 -6.28 17.76
CA ALA B 157 22.41 -4.86 17.57
C ALA B 157 21.21 -4.65 16.64
N PHE B 158 21.15 -5.42 15.56
CA PHE B 158 20.05 -5.33 14.62
C PHE B 158 18.77 -5.91 15.20
N TYR B 159 18.90 -7.07 15.84
CA TYR B 159 17.76 -7.75 16.44
C TYR B 159 17.15 -6.92 17.57
N THR B 160 18.02 -6.33 18.39
CA THR B 160 17.58 -5.51 19.51
C THR B 160 16.81 -4.29 19.02
N LEU B 161 17.26 -3.69 17.91
CA LEU B 161 16.58 -2.53 17.36
C LEU B 161 15.15 -2.90 16.97
N VAL B 162 15.00 -4.07 16.33
CA VAL B 162 13.69 -4.55 15.92
C VAL B 162 12.80 -4.74 17.15
N ARG B 163 13.40 -5.22 18.24
CA ARG B 163 12.68 -5.44 19.48
C ARG B 163 12.21 -4.11 20.07
N GLU B 164 13.05 -3.08 19.95
CA GLU B 164 12.70 -1.77 20.47
C GLU B 164 11.50 -1.22 19.70
N ILE B 165 11.48 -1.46 18.40
CA ILE B 165 10.38 -1.03 17.54
C ILE B 165 9.12 -1.79 17.93
N ARG B 166 9.28 -3.08 18.18
CA ARG B 166 8.17 -3.95 18.58
C ARG B 166 7.48 -3.42 19.83
N LYS B 167 8.27 -3.24 20.88
CA LYS B 167 7.76 -2.74 22.16
C LYS B 167 7.12 -1.37 22.00
N HIS B 168 7.69 -0.56 21.13
CA HIS B 168 7.18 0.78 20.89
C HIS B 168 5.80 0.73 20.24
N LYS B 169 5.67 -0.11 19.22
CA LYS B 169 4.40 -0.25 18.51
C LYS B 169 3.36 -0.95 19.36
N GLU B 170 3.81 -1.89 20.17
CA GLU B 170 2.93 -2.63 21.07
C GLU B 170 2.35 -1.71 22.13
N LYS B 171 3.17 -0.77 22.59
CA LYS B 171 2.74 0.18 23.60
C LYS B 171 1.66 1.08 23.03
N MET B 172 1.82 1.43 21.76
CA MET B 172 0.86 2.30 21.07
C MET B 172 -0.50 1.64 20.90
N SER B 173 -0.57 0.33 21.12
CA SER B 173 -1.82 -0.39 21.00
C SER B 173 -2.74 -0.05 22.18
N LYS B 174 -2.14 0.37 23.29
CA LYS B 174 -2.89 0.72 24.49
C LYS B 174 -2.66 2.18 24.87
N ASP B 175 -1.43 2.64 24.73
CA ASP B 175 -1.08 4.01 25.07
C ASP B 175 -1.06 4.88 23.82
N GLY B 176 -2.07 5.71 23.68
CA GLY B 176 -2.13 6.60 22.53
C GLY B 176 -1.31 7.84 22.75
N LYS B 177 -1.28 8.72 21.76
CA LYS B 177 -0.52 9.95 21.90
C LYS B 177 -1.22 10.91 22.84
N LYS B 178 -0.81 10.89 24.11
CA LYS B 178 -1.40 11.74 25.12
C LYS B 178 -1.04 13.21 24.89
N LYS B 179 -2.05 14.02 24.66
CA LYS B 179 -1.89 15.44 24.44
C LYS B 179 -2.68 16.21 25.48
N LYS B 180 -2.60 17.54 25.43
CA LYS B 180 -3.33 18.38 26.37
C LYS B 180 -4.82 18.28 26.11
N LYS B 181 -5.58 18.03 27.17
CA LYS B 181 -7.02 17.92 27.08
C LYS B 181 -7.69 18.34 28.39
N LYS B 182 -8.99 18.59 28.32
CA LYS B 182 -9.79 18.99 29.48
C LYS B 182 -9.53 20.43 29.92
N SER B 183 -8.30 20.74 30.30
CA SER B 183 -7.94 22.07 30.74
C SER B 183 -7.83 23.04 29.56
N LYS B 184 -8.94 23.69 29.24
CA LYS B 184 -8.99 24.62 28.14
C LYS B 184 -8.29 25.92 28.49
N THR B 185 -8.52 26.40 29.70
CA THR B 185 -7.93 27.65 30.19
C THR B 185 -8.37 28.83 29.32
N LYS B 186 -9.67 28.91 29.09
CA LYS B 186 -10.29 29.96 28.29
C LYS B 186 -9.80 29.98 26.84
N CYS B 187 -10.57 29.34 25.97
CA CYS B 187 -10.25 29.28 24.55
C CYS B 187 -11.15 30.23 23.78
N LEU C 3 -18.50 -48.92 -6.97
CA LEU C 3 -18.23 -49.70 -5.77
C LEU C 3 -18.10 -48.80 -4.54
N LYS C 4 -17.03 -48.00 -4.50
CA LYS C 4 -16.78 -47.08 -3.39
C LYS C 4 -17.96 -46.17 -3.16
N LEU C 5 -18.60 -45.76 -4.26
CA LEU C 5 -19.75 -44.87 -4.18
C LEU C 5 -20.88 -45.51 -3.36
N LEU C 6 -21.05 -46.83 -3.51
CA LEU C 6 -22.10 -47.54 -2.79
C LEU C 6 -21.73 -47.71 -1.32
N ASP C 7 -20.46 -48.05 -1.08
CA ASP C 7 -19.97 -48.23 0.30
C ASP C 7 -20.15 -46.95 1.08
N ASN C 8 -19.70 -45.84 0.49
CA ASN C 8 -19.82 -44.53 1.12
C ASN C 8 -21.28 -44.16 1.34
N TRP C 9 -22.12 -44.47 0.35
CA TRP C 9 -23.54 -44.16 0.44
C TRP C 9 -24.19 -44.94 1.57
N ASP C 10 -23.74 -46.19 1.76
CA ASP C 10 -24.26 -47.03 2.82
C ASP C 10 -24.04 -46.36 4.17
N SER C 11 -22.81 -45.88 4.38
CA SER C 11 -22.48 -45.20 5.62
C SER C 11 -23.20 -43.86 5.72
N VAL C 12 -23.40 -43.20 4.58
CA VAL C 12 -24.13 -41.92 4.55
C VAL C 12 -25.57 -42.14 5.03
N THR C 13 -26.20 -43.17 4.50
CA THR C 13 -27.56 -43.51 4.88
C THR C 13 -27.62 -43.86 6.37
N SER C 14 -26.61 -44.60 6.83
CA SER C 14 -26.51 -44.98 8.23
C SER C 14 -26.37 -43.73 9.10
N THR C 15 -25.65 -42.75 8.58
CA THR C 15 -25.44 -41.49 9.26
C THR C 15 -26.76 -40.73 9.34
N PHE C 16 -27.55 -40.81 8.27
CA PHE C 16 -28.85 -40.17 8.21
C PHE C 16 -29.76 -40.72 9.30
N SER C 17 -29.70 -42.02 9.51
CA SER C 17 -30.49 -42.68 10.54
C SER C 17 -30.06 -42.18 11.92
N LYS C 18 -28.76 -41.96 12.09
CA LYS C 18 -28.22 -41.47 13.36
C LYS C 18 -28.59 -40.00 13.56
N LEU C 19 -29.18 -39.40 12.54
CA LEU C 19 -29.60 -38.01 12.60
C LEU C 19 -31.12 -37.94 12.76
N ARG C 20 -31.83 -38.62 11.88
CA ARG C 20 -33.30 -38.62 11.91
C ARG C 20 -33.84 -39.25 13.20
N GLU C 21 -33.22 -40.34 13.63
CA GLU C 21 -33.66 -41.02 14.85
C GLU C 21 -33.18 -40.29 16.11
N GLN C 22 -32.27 -39.36 15.92
CA GLN C 22 -31.72 -38.59 17.04
C GLN C 22 -32.43 -37.25 17.15
N LEU C 23 -32.59 -36.58 16.02
CA LEU C 23 -33.25 -35.29 15.97
C LEU C 23 -34.67 -35.39 16.50
N GLY C 24 -35.32 -36.53 16.24
CA GLY C 24 -36.67 -36.76 16.71
C GLY C 24 -36.80 -36.49 18.21
N PRO C 25 -36.23 -37.36 19.05
CA PRO C 25 -36.27 -37.19 20.51
C PRO C 25 -35.65 -35.85 20.93
N VAL C 26 -34.52 -35.50 20.32
CA VAL C 26 -33.84 -34.25 20.65
C VAL C 26 -34.75 -33.04 20.47
N THR C 27 -35.46 -32.96 19.35
CA THR C 27 -36.36 -31.85 19.10
C THR C 27 -37.57 -31.91 20.01
N GLN C 28 -37.94 -33.12 20.42
CA GLN C 28 -39.08 -33.31 21.30
C GLN C 28 -38.82 -32.59 22.62
N GLU C 29 -37.66 -32.84 23.21
CA GLU C 29 -37.31 -32.18 24.47
C GLU C 29 -36.91 -30.73 24.19
N PHE C 30 -36.33 -30.49 23.02
CA PHE C 30 -35.93 -29.13 22.64
C PHE C 30 -37.16 -28.23 22.59
N TRP C 31 -38.21 -28.72 21.94
CA TRP C 31 -39.46 -27.97 21.84
C TRP C 31 -40.15 -27.92 23.19
N ASP C 32 -39.87 -28.92 24.03
CA ASP C 32 -40.43 -28.97 25.37
C ASP C 32 -39.76 -27.90 26.21
N ASN C 33 -38.46 -27.73 26.01
CA ASN C 33 -37.71 -26.69 26.70
C ASN C 33 -38.20 -25.34 26.20
N LEU C 34 -38.58 -25.31 24.93
CA LEU C 34 -39.13 -24.09 24.32
C LEU C 34 -40.44 -23.74 25.00
N GLU C 35 -41.10 -24.76 25.55
CA GLU C 35 -42.34 -24.55 26.28
C GLU C 35 -42.01 -23.88 27.60
N LYS C 36 -40.92 -24.35 28.21
CA LYS C 36 -40.44 -23.76 29.46
C LYS C 36 -40.03 -22.32 29.17
N GLU C 37 -39.39 -22.13 28.01
CA GLU C 37 -38.95 -20.83 27.57
C GLU C 37 -40.16 -19.91 27.39
N THR C 38 -41.16 -20.37 26.66
CA THR C 38 -42.36 -19.56 26.44
C THR C 38 -43.07 -19.24 27.75
N GLU C 39 -43.08 -20.19 28.67
CA GLU C 39 -43.70 -19.99 29.97
C GLU C 39 -42.92 -18.91 30.72
N GLY C 40 -41.60 -19.05 30.74
CA GLY C 40 -40.75 -18.07 31.39
C GLY C 40 -40.88 -16.72 30.72
N LEU C 41 -40.85 -16.74 29.37
CA LEU C 41 -40.99 -15.53 28.58
C LEU C 41 -42.33 -14.87 28.86
N ARG C 42 -43.35 -15.69 29.10
CA ARG C 42 -44.68 -15.17 29.41
C ARG C 42 -44.66 -14.46 30.76
N GLN C 43 -43.94 -15.06 31.72
CA GLN C 43 -43.81 -14.46 33.04
C GLN C 43 -43.09 -13.13 32.93
N GLU C 44 -42.11 -13.09 32.04
CA GLU C 44 -41.36 -11.87 31.79
C GLU C 44 -42.26 -10.87 31.07
N MET C 45 -42.82 -11.32 29.94
CA MET C 45 -43.68 -10.50 29.10
C MET C 45 -44.84 -9.88 29.87
N SER C 46 -45.52 -10.66 30.70
CA SER C 46 -46.64 -10.15 31.48
C SER C 46 -46.18 -9.02 32.40
N LYS C 47 -45.10 -9.26 33.12
CA LYS C 47 -44.53 -8.27 34.03
C LYS C 47 -44.04 -7.07 33.24
N ASP C 48 -43.24 -7.35 32.22
CA ASP C 48 -42.66 -6.33 31.36
C ASP C 48 -43.74 -5.45 30.73
N LEU C 49 -44.74 -6.08 30.11
CA LEU C 49 -45.82 -5.35 29.46
C LEU C 49 -46.61 -4.49 30.43
N GLU C 50 -47.07 -5.10 31.52
CA GLU C 50 -47.84 -4.37 32.51
C GLU C 50 -47.02 -3.25 33.13
N GLU C 51 -45.76 -3.55 33.43
CA GLU C 51 -44.86 -2.55 34.00
C GLU C 51 -44.59 -1.47 32.97
N VAL C 52 -44.45 -1.88 31.71
CA VAL C 52 -44.22 -0.96 30.62
C VAL C 52 -45.37 0.03 30.52
N LYS C 53 -46.58 -0.46 30.66
CA LYS C 53 -47.76 0.40 30.61
C LYS C 53 -47.73 1.37 31.79
N ALA C 54 -47.28 0.88 32.94
CA ALA C 54 -47.19 1.70 34.13
C ALA C 54 -45.87 2.48 34.16
N LYS C 55 -45.16 2.48 33.05
CA LYS C 55 -43.90 3.19 32.92
C LYS C 55 -43.95 4.18 31.77
N VAL C 56 -44.49 3.74 30.64
CA VAL C 56 -44.62 4.58 29.46
C VAL C 56 -45.59 5.72 29.69
N GLN C 57 -46.74 5.42 30.30
CA GLN C 57 -47.74 6.45 30.59
C GLN C 57 -47.15 7.58 31.45
N PRO C 58 -46.62 7.27 32.66
CA PRO C 58 -46.02 8.28 33.52
C PRO C 58 -44.82 8.94 32.86
N TYR C 59 -44.10 8.18 32.03
CA TYR C 59 -42.95 8.71 31.33
C TYR C 59 -43.39 9.72 30.30
N LEU C 60 -44.45 9.38 29.56
CA LEU C 60 -44.99 10.27 28.55
C LEU C 60 -45.52 11.53 29.19
N ASP C 61 -46.10 11.39 30.38
CA ASP C 61 -46.63 12.54 31.11
C ASP C 61 -45.48 13.42 31.55
N ASP C 62 -44.44 12.79 32.09
CA ASP C 62 -43.25 13.51 32.54
C ASP C 62 -42.56 14.13 31.34
N PHE C 63 -42.41 13.35 30.28
CA PHE C 63 -41.79 13.78 29.05
C PHE C 63 -42.60 14.92 28.44
N GLN C 64 -43.93 14.84 28.56
CA GLN C 64 -44.80 15.88 28.05
C GLN C 64 -44.56 17.18 28.80
N LYS C 65 -44.41 17.07 30.12
CA LYS C 65 -44.13 18.22 30.95
C LYS C 65 -42.78 18.82 30.57
N LYS C 66 -41.81 17.94 30.35
CA LYS C 66 -40.47 18.35 29.95
C LYS C 66 -40.53 19.00 28.58
N TRP C 67 -41.26 18.36 27.67
CA TRP C 67 -41.44 18.86 26.31
C TRP C 67 -42.12 20.21 26.36
N GLN C 68 -43.11 20.33 27.23
CA GLN C 68 -43.84 21.57 27.41
C GLN C 68 -42.89 22.67 27.87
N GLU C 69 -42.07 22.35 28.86
CA GLU C 69 -41.08 23.29 29.38
C GLU C 69 -40.10 23.68 28.28
N GLU C 70 -39.66 22.68 27.52
CA GLU C 70 -38.72 22.87 26.43
C GLU C 70 -39.35 23.77 25.37
N MET C 71 -40.53 23.40 24.90
CA MET C 71 -41.24 24.17 23.89
C MET C 71 -41.60 25.56 24.40
N GLU C 72 -42.07 25.64 25.64
CA GLU C 72 -42.43 26.92 26.24
C GLU C 72 -41.19 27.81 26.24
N LEU C 73 -40.10 27.27 26.76
CA LEU C 73 -38.83 27.97 26.82
C LEU C 73 -38.42 28.39 25.42
N TYR C 74 -38.40 27.45 24.49
CA TYR C 74 -38.02 27.73 23.12
C TYR C 74 -38.91 28.80 22.49
N ARG C 75 -40.19 28.77 22.79
CA ARG C 75 -41.12 29.76 22.26
C ARG C 75 -40.83 31.14 22.85
N GLN C 76 -40.33 31.15 24.08
CA GLN C 76 -39.99 32.38 24.77
C GLN C 76 -38.49 32.68 24.65
N LYS C 77 -37.81 31.93 23.79
CA LYS C 77 -36.38 32.12 23.57
C LYS C 77 -36.10 32.34 22.09
N VAL C 78 -36.54 31.40 21.27
CA VAL C 78 -36.34 31.47 19.83
C VAL C 78 -37.03 32.70 19.24
N GLU C 79 -38.22 33.03 19.75
CA GLU C 79 -38.95 34.19 19.26
C GLU C 79 -38.18 35.50 19.50
N PRO C 80 -37.88 35.86 20.77
CA PRO C 80 -37.11 37.07 21.06
C PRO C 80 -35.73 37.03 20.39
N LEU C 81 -35.12 35.84 20.37
CA LEU C 81 -33.82 35.68 19.74
C LEU C 81 -33.94 35.90 18.23
N ARG C 82 -35.06 35.48 17.66
CA ARG C 82 -35.32 35.67 16.24
C ARG C 82 -35.44 37.16 15.96
N ALA C 83 -36.02 37.88 16.91
CA ALA C 83 -36.17 39.32 16.79
C ALA C 83 -34.79 39.97 16.84
N GLU C 84 -34.00 39.56 17.82
CA GLU C 84 -32.64 40.07 17.98
C GLU C 84 -31.81 39.70 16.76
N LEU C 85 -31.97 38.46 16.30
CA LEU C 85 -31.26 37.99 15.12
C LEU C 85 -31.71 38.76 13.89
N GLN C 86 -33.01 39.03 13.81
CA GLN C 86 -33.56 39.78 12.69
C GLN C 86 -33.02 41.19 12.68
N GLU C 87 -33.06 41.86 13.83
CA GLU C 87 -32.56 43.21 13.94
C GLU C 87 -31.05 43.23 13.72
N GLY C 88 -30.36 42.27 14.34
CA GLY C 88 -28.93 42.16 14.18
C GLY C 88 -28.57 41.88 12.74
N ALA C 89 -29.35 41.03 12.09
CA ALA C 89 -29.13 40.70 10.68
C ALA C 89 -29.45 41.90 9.81
N ARG C 90 -30.49 42.63 10.18
CA ARG C 90 -30.89 43.82 9.43
C ARG C 90 -29.79 44.86 9.51
N GLN C 91 -29.20 44.97 10.69
CA GLN C 91 -28.10 45.89 10.91
C GLN C 91 -26.86 45.39 10.19
N LYS C 92 -26.61 44.09 10.28
CA LYS C 92 -25.47 43.48 9.61
C LYS C 92 -25.64 43.54 8.10
N LEU C 93 -26.89 43.39 7.65
CA LEU C 93 -27.19 43.46 6.23
C LEU C 93 -27.02 44.90 5.78
N HIS C 94 -27.43 45.83 6.62
CA HIS C 94 -27.27 47.25 6.32
C HIS C 94 -25.78 47.54 6.25
N GLU C 95 -25.03 46.90 7.14
CA GLU C 95 -23.59 47.01 7.16
C GLU C 95 -23.08 46.49 5.83
N LEU C 96 -23.48 45.26 5.51
CA LEU C 96 -23.08 44.61 4.28
C LEU C 96 -23.47 45.45 3.07
N GLN C 97 -24.62 46.10 3.13
CA GLN C 97 -25.07 46.96 2.05
C GLN C 97 -24.14 48.15 1.91
N GLU C 98 -23.83 48.80 3.03
CA GLU C 98 -22.95 49.96 3.03
C GLU C 98 -21.48 49.56 2.82
N LYS C 99 -21.22 48.26 2.81
CA LYS C 99 -19.88 47.75 2.59
C LYS C 99 -19.75 47.20 1.17
N LEU C 100 -20.69 46.36 0.78
CA LEU C 100 -20.70 45.74 -0.55
C LEU C 100 -21.00 46.72 -1.66
N SER C 101 -21.83 47.73 -1.39
CA SER C 101 -22.16 48.72 -2.43
C SER C 101 -20.90 49.45 -2.91
N PRO C 102 -20.16 50.14 -2.01
CA PRO C 102 -18.94 50.84 -2.40
C PRO C 102 -17.87 49.84 -2.85
N LEU C 103 -17.84 48.67 -2.21
CA LEU C 103 -16.87 47.64 -2.56
C LEU C 103 -17.14 47.17 -3.98
N GLY C 104 -18.41 46.95 -4.30
CA GLY C 104 -18.78 46.50 -5.63
C GLY C 104 -18.47 47.56 -6.67
N GLU C 105 -18.84 48.79 -6.37
CA GLU C 105 -18.59 49.90 -7.28
C GLU C 105 -17.09 50.06 -7.50
N GLU C 106 -16.33 49.90 -6.43
CA GLU C 106 -14.88 49.99 -6.49
C GLU C 106 -14.32 48.80 -7.25
N MET C 107 -14.80 47.60 -6.92
CA MET C 107 -14.37 46.38 -7.59
C MET C 107 -14.63 46.50 -9.07
N ARG C 108 -15.73 47.14 -9.43
CA ARG C 108 -16.08 47.35 -10.83
C ARG C 108 -15.01 48.19 -11.51
N ASP C 109 -14.62 49.30 -10.87
CA ASP C 109 -13.60 50.18 -11.41
C ASP C 109 -12.27 49.45 -11.48
N ARG C 110 -11.96 48.70 -10.42
CA ARG C 110 -10.74 47.92 -10.36
C ARG C 110 -10.74 46.91 -11.50
N ALA C 111 -11.89 46.26 -11.69
CA ALA C 111 -12.05 45.28 -12.75
C ALA C 111 -11.89 45.96 -14.11
N ARG C 112 -12.46 47.15 -14.24
CA ARG C 112 -12.35 47.92 -15.48
C ARG C 112 -10.87 48.16 -15.78
N ALA C 113 -10.17 48.68 -14.79
CA ALA C 113 -8.75 48.98 -14.93
C ALA C 113 -7.94 47.71 -15.17
N HIS C 114 -8.30 46.63 -14.50
CA HIS C 114 -7.59 45.36 -14.65
C HIS C 114 -7.89 44.71 -15.99
N VAL C 115 -9.18 44.52 -16.29
CA VAL C 115 -9.59 43.90 -17.53
C VAL C 115 -9.14 44.70 -18.74
N ASP C 116 -9.28 46.03 -18.66
CA ASP C 116 -8.86 46.87 -19.77
C ASP C 116 -7.35 46.83 -19.91
N ALA C 117 -6.65 46.65 -18.78
CA ALA C 117 -5.20 46.53 -18.80
C ALA C 117 -4.84 45.21 -19.47
N LEU C 118 -5.67 44.20 -19.22
CA LEU C 118 -5.46 42.89 -19.83
C LEU C 118 -5.66 43.03 -21.34
N ARG C 119 -6.50 43.98 -21.73
CA ARG C 119 -6.76 44.23 -23.14
C ARG C 119 -5.60 44.97 -23.78
N THR C 120 -4.92 45.81 -23.01
CA THR C 120 -3.79 46.56 -23.52
C THR C 120 -2.48 45.81 -23.29
N HIS C 121 -2.58 44.60 -22.77
CA HIS C 121 -1.40 43.79 -22.50
C HIS C 121 -1.53 42.40 -23.13
N LEU C 122 -2.57 41.66 -22.75
CA LEU C 122 -2.78 40.31 -23.26
C LEU C 122 -3.20 40.30 -24.72
N ALA C 123 -4.09 41.20 -25.12
CA ALA C 123 -4.55 41.26 -26.51
C ALA C 123 -3.38 41.42 -27.50
N PRO C 124 -2.56 42.49 -27.37
CA PRO C 124 -1.41 42.68 -28.26
C PRO C 124 -0.41 41.54 -28.10
N TYR C 125 -0.29 41.04 -26.88
CA TYR C 125 0.63 39.94 -26.59
C TYR C 125 0.17 38.67 -27.29
N SER C 126 -1.14 38.52 -27.45
CA SER C 126 -1.69 37.36 -28.12
C SER C 126 -1.25 37.39 -29.58
N ASP C 127 -1.23 38.58 -30.16
CA ASP C 127 -0.80 38.75 -31.54
C ASP C 127 0.71 38.58 -31.61
N GLU C 128 1.41 39.05 -30.58
CA GLU C 128 2.85 38.91 -30.51
C GLU C 128 3.19 37.42 -30.38
N LEU C 129 2.31 36.70 -29.70
CA LEU C 129 2.46 35.25 -29.53
C LEU C 129 2.24 34.59 -30.87
N ARG C 130 1.27 35.12 -31.63
CA ARG C 130 0.97 34.61 -32.96
C ARG C 130 2.21 34.76 -33.84
N GLN C 131 2.87 35.91 -33.69
CA GLN C 131 4.09 36.20 -34.44
C GLN C 131 5.16 35.17 -34.13
N ARG C 132 5.17 34.68 -32.90
CA ARG C 132 6.14 33.67 -32.48
C ARG C 132 5.66 32.29 -32.93
N LEU C 133 4.36 32.05 -32.81
CA LEU C 133 3.76 30.79 -33.22
C LEU C 133 3.91 30.60 -34.73
N ALA C 134 3.81 31.69 -35.46
CA ALA C 134 3.96 31.66 -36.91
C ALA C 134 5.33 31.11 -37.28
N ALA C 135 6.34 31.58 -36.55
CA ALA C 135 7.72 31.14 -36.78
C ALA C 135 7.91 29.73 -36.23
N ARG C 136 7.32 29.47 -35.08
CA ARG C 136 7.40 28.16 -34.44
C ARG C 136 6.81 27.11 -35.37
N LEU C 137 5.60 27.38 -35.87
CA LEU C 137 4.94 26.48 -36.79
C LEU C 137 5.68 26.45 -38.12
N GLU C 138 6.27 27.58 -38.50
CA GLU C 138 7.04 27.67 -39.73
C GLU C 138 8.21 26.70 -39.67
N ALA C 139 8.94 26.74 -38.55
CA ALA C 139 10.06 25.85 -38.35
C ALA C 139 9.56 24.42 -38.29
N LEU C 140 8.44 24.23 -37.59
CA LEU C 140 7.82 22.91 -37.46
C LEU C 140 7.36 22.38 -38.82
N LYS C 141 7.07 23.28 -39.75
CA LYS C 141 6.63 22.89 -41.08
C LYS C 141 7.83 22.46 -41.91
N GLU C 142 8.92 23.20 -41.80
CA GLU C 142 10.14 22.87 -42.53
C GLU C 142 10.72 21.61 -41.93
N ASN C 143 10.71 21.53 -40.60
CA ASN C 143 11.20 20.39 -39.88
C ASN C 143 10.27 19.21 -40.12
N GLY C 144 8.98 19.52 -40.21
CA GLY C 144 7.98 18.49 -40.46
C GLY C 144 8.15 17.90 -41.84
N GLY C 145 8.34 18.77 -42.83
CA GLY C 145 8.53 18.31 -44.19
C GLY C 145 9.76 17.45 -44.29
N ALA C 146 10.84 17.91 -43.66
CA ALA C 146 12.09 17.17 -43.64
C ALA C 146 11.88 15.84 -42.93
N ARG C 147 11.25 15.90 -41.76
CA ARG C 147 10.96 14.70 -40.98
C ARG C 147 10.12 13.73 -41.78
N LEU C 148 9.07 14.23 -42.42
CA LEU C 148 8.18 13.38 -43.22
C LEU C 148 8.94 12.71 -44.34
N ALA C 149 9.82 13.46 -45.01
CA ALA C 149 10.62 12.91 -46.09
C ALA C 149 11.60 11.89 -45.51
N GLU C 150 12.19 12.22 -44.36
CA GLU C 150 13.11 11.34 -43.69
C GLU C 150 12.38 10.05 -43.30
N TYR C 151 11.21 10.21 -42.68
CA TYR C 151 10.39 9.08 -42.26
C TYR C 151 10.01 8.24 -43.47
N HIS C 152 9.76 8.88 -44.60
CA HIS C 152 9.41 8.18 -45.83
C HIS C 152 10.55 7.25 -46.22
N ALA C 153 11.77 7.77 -46.16
CA ALA C 153 12.94 6.99 -46.48
C ALA C 153 13.15 5.92 -45.43
N LYS C 154 13.10 6.33 -44.15
CA LYS C 154 13.28 5.40 -43.03
C LYS C 154 12.25 4.29 -43.07
N ALA C 155 11.02 4.62 -43.43
CA ALA C 155 9.95 3.65 -43.53
C ALA C 155 10.28 2.64 -44.61
N THR C 156 10.77 3.15 -45.75
CA THR C 156 11.15 2.30 -46.86
C THR C 156 12.31 1.40 -46.43
N GLU C 157 13.31 1.99 -45.80
CA GLU C 157 14.47 1.23 -45.32
C GLU C 157 14.00 0.13 -44.38
N HIS C 158 13.07 0.49 -43.49
CA HIS C 158 12.51 -0.44 -42.52
C HIS C 158 11.71 -1.52 -43.23
N LEU C 159 10.88 -1.13 -44.18
CA LEU C 159 10.06 -2.06 -44.94
C LEU C 159 10.95 -3.01 -45.74
N SER C 160 11.99 -2.47 -46.36
CA SER C 160 12.92 -3.27 -47.14
C SER C 160 13.64 -4.29 -46.27
N THR C 161 14.00 -3.88 -45.06
CA THR C 161 14.69 -4.78 -44.14
C THR C 161 13.70 -5.76 -43.51
N LEU C 162 12.49 -5.27 -43.25
CA LEU C 162 11.45 -6.10 -42.67
C LEU C 162 11.11 -7.24 -43.61
N SER C 163 10.94 -6.93 -44.89
CA SER C 163 10.63 -7.95 -45.88
C SER C 163 11.85 -8.83 -46.11
N GLU C 164 13.04 -8.22 -46.02
CA GLU C 164 14.30 -8.92 -46.17
C GLU C 164 14.42 -10.00 -45.11
N LYS C 165 13.81 -9.75 -43.96
CA LYS C 165 13.83 -10.69 -42.85
C LYS C 165 12.59 -11.57 -42.86
N ALA C 166 11.43 -10.94 -42.99
CA ALA C 166 10.14 -11.65 -42.99
C ALA C 166 10.08 -12.81 -43.97
N LYS C 167 10.55 -12.60 -45.19
CA LYS C 167 10.51 -13.64 -46.21
C LYS C 167 11.27 -14.90 -45.79
N PRO C 168 12.61 -14.84 -45.60
CA PRO C 168 13.38 -16.00 -45.20
C PRO C 168 12.97 -16.51 -43.81
N ALA C 169 12.64 -15.58 -42.91
CA ALA C 169 12.23 -15.96 -41.55
C ALA C 169 10.93 -16.74 -41.58
N LEU C 170 9.95 -16.26 -42.33
CA LEU C 170 8.66 -16.94 -42.44
C LEU C 170 8.85 -18.29 -43.13
N GLU C 171 9.69 -18.33 -44.15
CA GLU C 171 9.97 -19.57 -44.85
C GLU C 171 10.67 -20.55 -43.91
N ASP C 172 11.59 -20.01 -43.11
CA ASP C 172 12.32 -20.81 -42.13
C ASP C 172 11.36 -21.32 -41.06
N LEU C 173 10.50 -20.43 -40.59
CA LEU C 173 9.50 -20.77 -39.58
C LEU C 173 8.54 -21.82 -40.10
N ARG C 174 8.05 -21.61 -41.33
CA ARG C 174 7.14 -22.54 -41.97
C ARG C 174 7.87 -23.86 -42.20
N GLN C 175 9.14 -23.76 -42.60
CA GLN C 175 9.93 -24.94 -42.84
C GLN C 175 10.18 -25.71 -41.56
N GLY C 176 10.26 -24.98 -40.45
CA GLY C 176 10.47 -25.59 -39.14
C GLY C 176 9.15 -26.13 -38.61
N LEU C 177 8.07 -25.45 -38.95
CA LEU C 177 6.74 -25.85 -38.54
C LEU C 177 6.35 -27.20 -39.11
N LEU C 178 6.75 -27.47 -40.35
CA LEU C 178 6.45 -28.74 -40.99
C LEU C 178 6.85 -29.95 -40.12
N PRO C 179 8.16 -30.11 -39.79
CA PRO C 179 8.61 -31.21 -38.96
C PRO C 179 8.21 -31.06 -37.49
N VAL C 180 8.19 -29.82 -36.99
CA VAL C 180 7.82 -29.59 -35.59
C VAL C 180 6.36 -29.94 -35.33
N LEU C 181 5.48 -29.62 -36.27
CA LEU C 181 4.08 -29.95 -36.12
C LEU C 181 3.89 -31.44 -36.27
N GLU C 182 4.76 -32.06 -37.06
CA GLU C 182 4.71 -33.49 -37.27
C GLU C 182 5.17 -34.21 -36.02
N SER C 183 6.31 -33.77 -35.47
CA SER C 183 6.85 -34.36 -34.25
C SER C 183 5.88 -34.12 -33.09
N PHE C 184 5.36 -32.89 -33.01
CA PHE C 184 4.40 -32.53 -31.99
C PHE C 184 3.17 -33.41 -32.11
N LYS C 185 2.76 -33.66 -33.36
CA LYS C 185 1.61 -34.50 -33.63
C LYS C 185 1.88 -35.92 -33.12
N VAL C 186 3.12 -36.37 -33.29
CA VAL C 186 3.53 -37.69 -32.81
C VAL C 186 3.41 -37.76 -31.30
N SER C 187 3.93 -36.74 -30.62
CA SER C 187 3.86 -36.69 -29.17
C SER C 187 2.42 -36.56 -28.69
N PHE C 188 1.61 -35.81 -29.45
CA PHE C 188 0.21 -35.63 -29.11
C PHE C 188 -0.57 -36.92 -29.31
N LEU C 189 -0.35 -37.58 -30.45
CA LEU C 189 -1.01 -38.83 -30.77
C LEU C 189 -0.73 -39.86 -29.69
N SER C 190 0.54 -40.02 -29.36
CA SER C 190 0.95 -40.96 -28.33
C SER C 190 0.37 -40.55 -26.99
N ALA C 191 0.44 -39.25 -26.68
CA ALA C 191 -0.09 -38.73 -25.42
C ALA C 191 -1.56 -39.09 -25.25
N LEU C 192 -2.36 -38.83 -26.29
CA LEU C 192 -3.79 -39.12 -26.25
C LEU C 192 -4.05 -40.60 -26.00
N GLU C 193 -3.39 -41.44 -26.79
CA GLU C 193 -3.56 -42.89 -26.66
C GLU C 193 -3.07 -43.36 -25.29
N GLU C 194 -1.99 -42.78 -24.81
CA GLU C 194 -1.43 -43.13 -23.52
C GLU C 194 -2.32 -42.64 -22.37
N TYR C 195 -2.95 -41.48 -22.55
CA TYR C 195 -3.85 -40.94 -21.54
C TYR C 195 -5.09 -41.80 -21.45
N THR C 196 -5.33 -42.56 -22.51
CA THR C 196 -6.48 -43.46 -22.57
C THR C 196 -6.30 -44.60 -21.57
N LYS C 197 -5.03 -44.90 -21.24
CA LYS C 197 -4.71 -45.95 -20.29
C LYS C 197 -5.10 -45.52 -18.88
N LYS C 198 -5.19 -44.21 -18.70
CA LYS C 198 -5.55 -43.64 -17.41
C LYS C 198 -7.07 -43.45 -17.32
N LEU C 199 -7.67 -43.03 -18.43
CA LEU C 199 -9.11 -42.82 -18.48
C LEU C 199 -9.83 -44.12 -18.82
N ASN C 200 -9.74 -45.09 -17.92
CA ASN C 200 -10.36 -46.38 -18.10
C ASN C 200 -10.76 -46.98 -16.76
C1 PCW D . -12.08 -17.89 22.23
C2 PCW D . -12.54 -19.22 21.50
C3 PCW D . -13.56 -19.99 22.39
C4 PCW D . -8.18 -15.10 22.66
C5 PCW D . -6.70 -15.14 23.05
C6 PCW D . -4.77 -13.47 22.95
C7 PCW D . -6.35 -13.44 24.83
C8 PCW D . -5.18 -14.79 24.36
C11 PCW D . -13.10 -22.25 21.63
C12 PCW D . -13.76 -23.39 20.94
C13 PCW D . -14.57 -24.21 22.00
C14 PCW D . -15.32 -25.43 21.45
C15 PCW D . -14.48 -26.74 21.36
C16 PCW D . -15.33 -27.89 20.71
C17 PCW D . -15.34 -27.98 19.15
C18 PCW D . -16.48 -28.83 18.59
C19 PCW D . -17.88 -28.26 18.93
C20 PCW D . -18.68 -27.65 17.98
C21 PCW D . -18.48 -27.40 16.52
C22 PCW D . -19.83 -27.73 15.82
C23 PCW D . -20.99 -26.71 16.02
C24 PCW D . -22.37 -27.29 16.16
C25 PCW D . -23.58 -26.71 15.39
C26 PCW D . -24.38 -27.68 14.55
C27 PCW D . -25.32 -28.67 15.27
C28 PCW D . -26.59 -27.95 15.68
C31 PCW D . -12.64 -19.44 19.14
C32 PCW D . -13.45 -19.02 17.90
C33 PCW D . -13.38 -20.04 16.66
C34 PCW D . -13.52 -19.36 15.30
C35 PCW D . -14.41 -20.33 14.41
C36 PCW D . -14.69 -19.76 13.01
C37 PCW D . -15.57 -20.68 12.10
C38 PCW D . -15.82 -20.07 10.76
C39 PCW D . -16.66 -20.95 9.88
C40 PCW D . -17.97 -20.89 9.71
C41 PCW D . -18.89 -19.90 10.43
C42 PCW D . -20.36 -20.52 10.43
C43 PCW D . -21.42 -19.82 9.62
C44 PCW D . -22.70 -20.62 9.79
C45 PCW D . -23.84 -20.19 8.89
C46 PCW D . -24.54 -21.33 8.22
C47 PCW D . -25.00 -21.09 6.80
C48 PCW D . -25.68 -22.33 6.22
N PCW D . -6.06 -13.95 23.50
O2 PCW D . -13.22 -18.89 20.21
O3 PCW D . -13.97 -21.21 21.73
O11 PCW D . -11.97 -22.25 22.06
O31 PCW D . -11.61 -20.17 19.14
O1P PCW D . -10.47 -16.22 24.03
O2P PCW D . -9.25 -18.37 23.70
O3P PCW D . -10.77 -17.44 21.85
O4P PCW D . -8.58 -16.48 22.40
P PCW D . -9.77 -17.14 23.07
C1 PCW E . -3.07 32.97 14.73
C2 PCW E . -4.25 32.75 13.69
C3 PCW E . -4.38 33.99 12.75
C4 PCW E . -0.23 30.25 12.30
C5 PCW E . -0.82 30.43 10.90
C6 PCW E . -0.01 30.98 8.55
C7 PCW E . 0.39 28.77 9.51
C8 PCW E . -1.24 29.56 9.10
C11 PCW E . -5.13 33.77 10.50
C12 PCW E . -6.37 33.45 9.69
C13 PCW E . -6.81 34.74 8.90
C14 PCW E . -8.05 34.57 8.02
C15 PCW E . -8.89 35.86 7.79
C16 PCW E . -10.22 35.53 7.03
C17 PCW E . -10.27 35.84 5.49
C18 PCW E . -11.67 36.23 4.98
C19 PCW E . -11.80 36.07 3.45
C20 PCW E . -12.97 35.63 2.85
C21 PCW E . -14.28 35.21 3.40
C22 PCW E . -14.95 34.28 2.35
C23 PCW E . -15.78 33.09 2.88
C24 PCW E . -16.76 32.48 1.94
C25 PCW E . -18.29 32.47 2.25
C26 PCW E . -18.74 31.54 3.37
C27 PCW E . -20.25 31.34 3.55
C28 PCW E . -20.56 30.90 4.96
C31 PCW E . -4.75 30.51 13.12
C32 PCW E . -4.38 29.36 12.18
C33 PCW E . -5.42 29.09 10.99
C34 PCW E . -6.65 30.00 11.03
C35 PCW E . -7.65 29.44 9.93
C36 PCW E . -8.58 30.54 9.38
C37 PCW E . -9.59 30.08 8.29
C38 PCW E . -11.00 30.27 8.72
C39 PCW E . -12.00 29.83 7.67
C40 PCW E . -13.28 29.55 7.88
C41 PCW E . -13.97 29.62 9.24
C42 PCW E . -15.46 30.12 9.02
C43 PCW E . -16.37 29.30 8.13
C44 PCW E . -17.72 30.00 8.08
C45 PCW E . -18.68 29.63 9.19
C46 PCW E . -20.12 29.97 8.90
C47 PCW E . -20.97 28.86 8.32
C48 PCW E . -22.41 29.34 8.07
N PCW E . -0.02 30.13 9.75
O2 PCW E . -3.96 31.56 12.84
O3 PCW E . -5.44 33.76 11.81
O11 PCW E . -4.04 33.98 10.04
O31 PCW E . -5.66 30.48 14.01
O1P PCW E . 0.48 31.83 14.63
O2P PCW E . -1.54 30.75 15.62
O3P PCW E . -1.76 32.85 14.15
O4P PCW E . -1.26 30.66 13.24
P PCW E . -0.97 31.48 14.47
C1 PCW F . 13.90 -12.27 -8.06
C2 PCW F . 13.01 -12.66 -9.31
C3 PCW F . 13.84 -13.51 -10.34
C4 PCW F . 12.48 -15.37 -4.55
C5 PCW F . 13.77 -16.15 -4.76
C6 PCW F . 13.51 -18.63 -5.33
C7 PCW F . 14.65 -17.12 -6.86
C8 PCW F . 15.17 -17.59 -5.14
C11 PCW F . 12.66 -15.16 -11.63
C12 PCW F . 11.80 -15.30 -12.86
C13 PCW F . 10.40 -15.91 -12.46
C14 PCW F . 9.41 -16.10 -13.61
C15 PCW F . 8.96 -17.57 -13.89
C16 PCW F . 7.40 -17.65 -13.98
C17 PCW F . 6.75 -19.01 -13.56
C18 PCW F . 5.30 -19.15 -14.02
C19 PCW F . 4.56 -20.29 -13.26
C20 PCW F . 4.09 -21.42 -13.91
C21 PCW F . 4.11 -21.86 -15.33
C22 PCW F . 5.43 -22.67 -15.53
C23 PCW F . 5.46 -24.13 -14.99
C24 PCW F . 6.77 -24.85 -15.05
C25 PCW F . 6.97 -26.18 -14.26
C26 PCW F . 6.02 -27.31 -14.57
C27 PCW F . 6.62 -28.62 -15.11
C28 PCW F . 5.59 -29.40 -15.86
C31 PCW F . 10.68 -13.07 -9.34
C32 PCW F . 9.58 -14.03 -8.81
C33 PCW F . 8.10 -13.41 -8.80
C34 PCW F . 7.17 -14.00 -9.86
C35 PCW F . 7.83 -13.66 -11.27
C36 PCW F . 6.84 -12.98 -12.24
C37 PCW F . 7.42 -12.62 -13.65
C38 PCW F . 7.06 -13.64 -14.68
C39 PCW F . 7.60 -13.29 -16.05
C40 PCW F . 6.88 -13.03 -17.13
C41 PCW F . 5.36 -13.04 -17.16
C42 PCW F . 4.87 -11.66 -17.80
C43 PCW F . 3.90 -11.72 -18.96
C44 PCW F . 3.61 -10.28 -19.36
C45 PCW F . 2.78 -10.11 -20.61
C46 PCW F . 1.60 -9.19 -20.45
C47 PCW F . 0.52 -9.62 -19.47
C48 PCW F . -0.62 -8.59 -19.41
N PCW F . 13.82 -17.23 -5.69
O2 PCW F . 11.86 -13.50 -8.88
O3 PCW F . 13.01 -13.85 -11.47
O11 PCW F . 12.97 -16.06 -10.91
O31 PCW F . 10.49 -12.07 -10.07
O1P PCW F . 13.52 -12.61 -4.62
O2P PCW F . 11.66 -12.29 -6.26
O3P PCW F . 13.92 -13.26 -7.02
O4P PCW F . 12.31 -14.54 -5.73
P PCW F . 12.82 -13.11 -5.86
C1 PCW G . 18.17 -3.00 -16.38
C2 PCW G . 17.64 -2.74 -17.84
C3 PCW G . 17.81 -4.02 -18.73
C4 PCW G . 18.86 -3.62 -12.38
C5 PCW G . 19.48 -4.72 -11.52
C6 PCW G . 18.13 -4.83 -9.53
C7 PCW G . 19.90 -3.30 -9.64
C8 PCW G . 20.45 -5.50 -9.39
C11 PCW G . 18.23 -3.56 -21.04
C12 PCW G . 17.51 -3.31 -22.34
C13 PCW G . 17.67 -4.59 -23.24
C14 PCW G . 17.00 -4.51 -24.61
C15 PCW G . 15.46 -4.37 -24.60
C16 PCW G . 14.80 -5.25 -25.73
C17 PCW G . 14.59 -4.59 -27.13
C18 PCW G . 13.22 -3.92 -27.29
C19 PCW G . 12.21 -4.83 -28.04
C20 PCW G . 11.54 -4.42 -29.18
C21 PCW G . 11.58 -3.16 -29.96
C22 PCW G . 10.15 -2.56 -29.91
C23 PCW G . 9.34 -2.49 -31.24
C24 PCW G . 10.03 -2.97 -32.48
C25 PCW G . 9.48 -4.18 -33.29
C26 PCW G . 10.14 -5.52 -33.02
C27 PCW G . 9.77 -6.70 -33.94
C28 PCW G . 10.24 -6.43 -35.36
C31 PCW G . 15.89 -1.25 -18.42
C32 PCW G . 14.36 -1.04 -18.32
C33 PCW G . 13.81 0.31 -18.99
C34 PCW G . 12.42 0.15 -19.62
C35 PCW G . 12.55 0.69 -21.10
C36 PCW G . 11.43 1.66 -21.49
C37 PCW G . 11.51 2.23 -22.94
C38 PCW G . 10.16 2.37 -23.57
C39 PCW G . 10.21 2.90 -24.98
C40 PCW G . 9.72 4.05 -25.43
C41 PCW G . 8.97 5.05 -24.56
C42 PCW G . 9.74 6.44 -24.65
C43 PCW G . 8.95 7.71 -24.39
C44 PCW G . 9.92 8.87 -24.55
C45 PCW G . 9.29 10.24 -24.52
C46 PCW G . 9.85 11.14 -23.45
C47 PCW G . 8.89 11.53 -22.35
C48 PCW G . 9.59 12.44 -21.33
N PCW G . 19.48 -4.59 -10.09
O2 PCW G . 16.18 -2.41 -17.82
O3 PCW G . 17.31 -3.75 -20.05
O11 PCW G . 19.42 -3.59 -20.90
O31 PCW G . 16.70 -0.46 -18.96
O1P PCW G . 17.15 -1.97 -14.02
O2P PCW G . 15.57 -3.88 -13.78
O3P PCW G . 17.37 -3.93 -15.62
O4P PCW G . 17.87 -4.25 -13.24
P PCW G . 16.94 -3.46 -14.14
C1 PCW H . 16.51 12.03 -15.57
C2 PCW H . 15.75 13.07 -16.48
C3 PCW H . 14.21 13.00 -16.20
C4 PCW H . 17.82 15.11 -12.05
C5 PCW H . 18.27 15.18 -10.59
C6 PCW H . 19.38 16.59 -8.77
C7 PCW H . 17.76 17.60 -10.31
C8 PCW H . 17.46 16.26 -9.05
C11 PCW H . 13.37 13.70 -18.34
C12 PCW H . 12.57 14.81 -18.98
C13 PCW H . 11.08 14.67 -18.49
C14 PCW H . 10.11 15.72 -19.03
C15 PCW H . 8.60 15.44 -18.76
C16 PCW H . 7.99 16.52 -17.80
C17 PCW H . 7.08 17.62 -18.42
C18 PCW H . 5.94 17.06 -19.28
C19 PCW H . 6.09 17.43 -20.77
C20 PCW H . 5.12 17.12 -21.72
C21 PCW H . 3.81 16.43 -21.61
C22 PCW H . 3.51 15.81 -23.02
C23 PCW H . 4.08 14.40 -23.30
C24 PCW H . 3.51 13.27 -22.49
C25 PCW H . 2.44 12.31 -23.08
C26 PCW H . 2.82 11.57 -24.35
C27 PCW H . 2.11 10.24 -24.65
C28 PCW H . 3.12 9.20 -25.07
C31 PCW H . 17.33 14.81 -16.75
C32 PCW H . 17.66 16.25 -16.30
C33 PCW H . 16.65 17.39 -16.84
C34 PCW H . 16.75 17.61 -18.35
C35 PCW H . 15.78 18.81 -18.67
C36 PCW H . 14.76 18.46 -19.79
C37 PCW H . 13.76 19.59 -20.16
C38 PCW H . 14.35 20.58 -21.12
C39 PCW H . 13.38 21.67 -21.49
C40 PCW H . 12.87 21.93 -22.69
C41 PCW H . 13.20 21.12 -23.94
C42 PCW H . 12.01 21.29 -24.99
C43 PCW H . 10.90 22.30 -24.73
C44 PCW H . 9.94 22.22 -25.89
C45 PCW H . 8.49 22.50 -25.55
C46 PCW H . 7.51 21.80 -26.45
C47 PCW H . 6.92 20.51 -25.94
C48 PCW H . 5.94 19.92 -26.95
N PCW H . 18.60 16.45 -10.01
O2 PCW H . 16.20 14.45 -16.15
O3 PCW H . 13.51 13.96 -17.01
O11 PCW H . 13.79 12.74 -18.92
O31 PCW H . 18.02 14.12 -17.54
O1P PCW H . 15.58 14.16 -13.59
O2P PCW H . 16.04 12.00 -12.44
O3P PCW H . 17.35 12.64 -14.57
O4P PCW H . 17.75 13.70 -12.41
P PCW H . 16.60 13.13 -13.23
C1 PCW I . -12.24 -9.86 23.53
C2 PCW I . -13.46 -10.44 22.70
C3 PCW I . -13.84 -11.86 23.22
C4 PCW I . -13.20 -10.50 28.07
C5 PCW I . -13.18 -9.95 29.49
C6 PCW I . -12.80 -11.41 31.54
C7 PCW I . -11.03 -9.92 30.73
C8 PCW I . -12.67 -9.45 31.40
C11 PCW I . -16.06 -12.76 23.16
C12 PCW I . -17.08 -13.32 22.20
C13 PCW I . -18.41 -12.52 22.38
C14 PCW I . -19.57 -12.96 21.48
C15 PCW I . -19.63 -12.32 20.07
C16 PCW I . -20.93 -12.77 19.31
C17 PCW I . -20.80 -13.94 18.27
C18 PCW I . -21.93 -14.96 18.34
C19 PCW I . -21.45 -16.36 18.78
C20 PCW I . -22.32 -17.35 19.24
C21 PCW I . -23.79 -17.38 19.43
C22 PCW I . -24.06 -17.95 20.85
C23 PCW I . -25.28 -17.36 21.63
C24 PCW I . -25.12 -17.21 23.11
C25 PCW I . -25.39 -18.41 24.07
C26 PCW I . -26.69 -18.36 24.86
C27 PCW I . -27.92 -19.08 24.27
C28 PCW I . -28.31 -20.26 25.15
C31 PCW I . -14.56 -8.37 22.29
C32 PCW I . -15.84 -7.58 22.60
C33 PCW I . -16.78 -7.24 21.36
C34 PCW I . -17.85 -8.29 21.09
C35 PCW I . -18.80 -7.65 20.00
C36 PCW I . -19.94 -8.59 19.59
C37 PCW I . -20.91 -8.01 18.51
C38 PCW I . -22.27 -7.76 19.06
C39 PCW I . -23.22 -7.20 18.03
C40 PCW I . -24.14 -7.88 17.35
C41 PCW I . -24.40 -9.37 17.51
C42 PCW I . -25.94 -9.58 17.88
C43 PCW I . -26.75 -10.60 17.11
C44 PCW I . -28.16 -10.58 17.68
C45 PCW I . -28.43 -11.58 18.79
C46 PCW I . -29.17 -12.81 18.33
C47 PCW I . -29.12 -14.01 19.25
C48 PCW I . -29.90 -15.20 18.67
N PCW I . -12.31 -10.54 30.45
O2 PCW I . -14.64 -9.55 22.90
O3 PCW I . -14.95 -12.39 22.48
O11 PCW I . -16.21 -12.69 24.35
O31 PCW I . -13.60 -7.96 21.57
O1P PCW I . -11.36 -11.14 25.92
O2P PCW I . -10.59 -8.79 26.32
O3P PCW I . -12.62 -9.25 24.78
O4P PCW I . -12.70 -9.44 27.21
P PCW I . -11.74 -9.69 26.07
C1 PCW J . 2.16 -24.59 2.15
C2 PCW J . 1.94 -24.35 0.61
C3 PCW J . 1.73 -25.75 -0.09
C4 PCW J . 3.67 -21.60 5.67
C5 PCW J . 5.11 -21.14 5.92
C6 PCW J . 5.42 -22.14 8.08
C7 PCW J . 7.27 -21.30 6.93
C8 PCW J . 6.36 -23.25 6.18
C11 PCW J . 2.15 -26.55 -2.29
C12 PCW J . 1.83 -26.30 -3.75
C13 PCW J . 3.17 -26.12 -4.54
C14 PCW J . 3.03 -25.86 -6.06
C15 PCW J . 1.64 -25.36 -6.55
C16 PCW J . 1.37 -25.78 -8.04
C17 PCW J . 0.37 -24.88 -8.86
C18 PCW J . 0.24 -25.30 -10.33
C19 PCW J . 1.60 -25.33 -11.08
C20 PCW J . 1.69 -25.37 -12.47
C21 PCW J . 0.67 -25.38 -13.54
C22 PCW J . 1.36 -25.97 -14.81
C23 PCW J . 1.04 -27.45 -15.17
C24 PCW J . 1.90 -28.08 -16.22
C25 PCW J . 1.88 -29.63 -16.43
C26 PCW J . 2.48 -30.15 -17.72
C27 PCW J . 2.19 -31.61 -18.13
C28 PCW J . 1.65 -31.67 -19.54
C31 PCW J . 0.89 -22.23 0.56
C32 PCW J . -0.45 -21.52 0.35
C33 PCW J . -0.82 -21.13 -1.16
C34 PCW J . -2.22 -21.55 -1.58
C35 PCW J . -2.38 -23.06 -1.11
C36 PCW J . -3.75 -23.66 -1.48
C37 PCW J . -3.98 -25.14 -1.06
C38 PCW J . -5.01 -25.25 0.02
C39 PCW J . -5.23 -26.69 0.43
C40 PCW J . -6.41 -27.29 0.61
C41 PCW J . -7.74 -26.60 0.42
C42 PCW J . -8.50 -27.29 -0.81
C43 PCW J . -7.69 -27.94 -1.92
C44 PCW J . -8.68 -28.50 -2.93
C45 PCW J . -9.06 -27.54 -4.04
C46 PCW J . -10.00 -28.14 -5.04
C47 PCW J . -10.14 -27.39 -6.34
C48 PCW J . -11.13 -28.09 -7.29
N PCW J . 5.99 -21.92 6.74
O2 PCW J . 0.70 -23.54 0.41
O3 PCW J . 1.54 -25.62 -1.50
O11 PCW J . 2.83 -27.46 -1.89
O31 PCW J . 1.99 -21.65 0.81
O1P PCW J . 4.13 -24.18 4.39
O2P PCW J . 4.70 -22.77 2.42
O3P PCW J . 2.26 -23.39 2.93
O4P PCW J . 3.50 -21.75 4.23
P PCW J . 3.72 -23.05 3.49
C1 PCW K . -19.45 -13.98 -22.44
C2 PCW K . -18.10 -14.79 -22.54
C3 PCW K . -17.23 -14.31 -23.76
C4 PCW K . -22.89 -14.96 -22.73
C5 PCW K . -23.13 -16.42 -22.37
C6 PCW K . -25.17 -16.37 -20.82
C7 PCW K . -24.92 -18.14 -22.48
C8 PCW K . -23.84 -17.79 -21.03
C11 PCW K . -15.09 -14.82 -24.73
C12 PCW K . -13.87 -15.69 -24.51
C13 PCW K . -13.08 -15.12 -23.28
C14 PCW K . -11.80 -15.87 -22.89
C15 PCW K . -11.40 -15.80 -21.39
C16 PCW K . -9.94 -15.27 -21.22
C17 PCW K . -9.08 -15.87 -20.05
C18 PCW K . -7.87 -15.01 -19.68
C19 PCW K . -7.12 -15.55 -18.44
C20 PCW K . -5.81 -15.22 -18.17
C21 PCW K . -4.83 -14.37 -18.87
C22 PCW K . -3.44 -15.01 -18.64
C23 PCW K . -2.75 -15.63 -19.88
C24 PCW K . -1.58 -16.53 -19.61
C25 PCW K . -1.02 -17.46 -20.73
C26 PCW K . 0.49 -17.49 -20.90
C27 PCW K . 1.10 -18.74 -21.57
C28 PCW K . 2.13 -18.34 -22.59
C31 PCW K . -16.89 -15.73 -20.76
C32 PCW K . -16.02 -15.39 -19.53
C33 PCW K . -14.44 -15.51 -19.77
C34 PCW K . -13.60 -15.00 -18.60
C35 PCW K . -13.19 -16.29 -17.79
C36 PCW K . -11.71 -16.24 -17.32
C37 PCW K . -11.22 -17.49 -16.52
C38 PCW K . -9.83 -17.89 -16.88
C39 PCW K . -9.36 -19.09 -16.11
C40 PCW K . -8.21 -19.24 -15.47
C41 PCW K . -7.12 -18.17 -15.39
C42 PCW K . -6.25 -18.47 -14.09
C43 PCW K . -5.27 -17.42 -13.63
C44 PCW K . -4.59 -17.97 -12.39
C45 PCW K . -3.54 -19.01 -12.64
C46 PCW K . -2.77 -19.41 -11.41
C47 PCW K . -2.21 -18.28 -10.57
C48 PCW K . -1.45 -18.81 -9.34
N PCW K . -24.45 -16.86 -22.01
O2 PCW K . -17.26 -14.59 -21.33
O3 PCW K . -16.01 -15.07 -23.77
O11 PCW K . -15.19 -14.00 -25.60
O31 PCW K . -17.19 -16.90 -21.14
O1P PCW K . -22.19 -12.56 -24.18
O2P PCW K . -21.09 -14.16 -25.73
O3P PCW K . -19.83 -13.30 -23.67
O4P PCW K . -21.68 -14.93 -23.54
P PCW K . -21.25 -13.71 -24.33
C1 PCW L . -38.13 -11.81 4.83
C2 PCW L . -36.73 -11.85 5.55
C3 PCW L . -36.85 -12.51 6.96
C4 PCW L . -41.49 -10.12 4.16
C5 PCW L . -42.65 -9.27 4.70
C6 PCW L . -43.99 -8.75 2.60
C7 PCW L . -45.12 -9.14 4.73
C8 PCW L . -43.95 -7.76 4.30
C11 PCW L . -35.57 -12.38 8.98
C12 PCW L . -34.14 -12.45 9.47
C13 PCW L . -34.00 -11.50 10.71
C14 PCW L . -32.60 -11.46 11.34
C15 PCW L . -32.17 -12.75 12.11
C16 PCW L . -30.94 -13.41 11.41
C17 PCW L . -29.51 -13.01 11.94
C18 PCW L . -29.06 -13.87 13.13
C19 PCW L . -28.49 -13.03 14.30
C20 PCW L . -27.52 -13.52 15.16
C21 PCW L . -26.81 -14.82 15.25
C22 PCW L . -26.77 -15.21 16.76
C23 PCW L . -25.45 -14.94 17.54
C24 PCW L . -25.27 -13.58 18.14
C25 PCW L . -25.43 -13.35 19.66
C26 PCW L . -24.44 -14.06 20.58
C27 PCW L . -23.79 -13.24 21.71
C28 PCW L . -22.85 -14.12 22.52
C31 PCW L . -35.15 -12.00 3.77
C32 PCW L . -34.23 -12.98 3.04
C33 PCW L . -33.68 -12.46 1.63
C34 PCW L . -32.23 -12.87 1.37
C35 PCW L . -31.58 -11.64 0.62
C36 PCW L . -30.48 -10.96 1.46
C37 PCW L . -29.80 -9.73 0.78
C38 PCW L . -29.06 -8.87 1.77
C39 PCW L . -28.39 -7.69 1.13
C40 PCW L . -27.23 -7.16 1.47
C41 PCW L . -26.35 -7.68 2.60
C42 PCW L . -24.84 -7.27 2.29
C43 PCW L . -23.96 -6.83 3.44
C44 PCW L . -22.59 -6.50 2.86
C45 PCW L . -21.64 -7.68 2.75
C46 PCW L . -21.34 -8.34 4.06
C47 PCW L . -20.55 -7.53 5.07
C48 PCW L . -20.31 -8.32 6.36
N PCW L . -43.88 -9.22 3.99
O2 PCW L . -35.78 -12.67 4.74
O3 PCW L . -35.58 -12.54 7.62
O11 PCW L . -36.54 -12.20 9.66
O31 PCW L . -35.29 -10.78 3.49
O1P PCW L . -40.45 -12.74 3.43
O2P PCW L . -41.56 -13.42 5.56
O3P PCW L . -39.19 -12.42 5.60
O4P PCW L . -41.18 -11.08 5.19
P PCW L . -40.64 -12.47 4.90
C1 PCW M . -17.65 -22.97 -24.70
C2 PCW M . -17.12 -23.39 -23.27
C3 PCW M . -16.54 -24.85 -23.35
C4 PCW M . -20.94 -23.95 -25.27
C5 PCW M . -20.22 -25.25 -25.57
C6 PCW M . -21.77 -26.82 -24.29
C7 PCW M . -20.37 -27.65 -26.13
C8 PCW M . -19.83 -26.94 -24.50
C11 PCW M . -16.45 -26.48 -21.60
C12 PCW M . -15.73 -26.77 -20.30
C13 PCW M . -16.67 -27.63 -19.37
C14 PCW M . -16.07 -28.00 -18.00
C15 PCW M . -15.83 -26.82 -17.01
C16 PCW M . -14.92 -27.27 -15.81
C17 PCW M . -15.59 -27.50 -14.41
C18 PCW M . -14.65 -27.23 -13.23
C19 PCW M . -14.03 -28.51 -12.64
C20 PCW M . -12.90 -28.48 -11.81
C21 PCW M . -12.07 -27.37 -11.29
C22 PCW M . -10.70 -27.99 -10.87
C23 PCW M . -9.45 -27.64 -11.72
C24 PCW M . -8.52 -26.60 -11.16
C25 PCW M . -7.08 -26.42 -11.72
C26 PCW M . -6.56 -25.01 -11.81
C27 PCW M . -5.21 -24.78 -12.52
C28 PCW M . -4.08 -25.36 -11.69
C31 PCW M . -16.40 -21.36 -22.27
C32 PCW M . -15.14 -20.54 -21.91
C33 PCW M . -15.11 -19.97 -20.42
C34 PCW M . -13.88 -19.10 -20.12
C35 PCW M . -13.17 -19.74 -18.84
C36 PCW M . -14.08 -19.74 -17.58
C37 PCW M . -13.45 -20.34 -16.28
C38 PCW M . -13.25 -21.82 -16.39
C39 PCW M . -12.66 -22.43 -15.15
C40 PCW M . -11.44 -22.92 -14.97
C41 PCW M . -10.36 -22.97 -16.04
C42 PCW M . -8.95 -22.84 -15.32
C43 PCW M . -7.69 -22.82 -16.18
C44 PCW M . -6.51 -22.69 -15.24
C45 PCW M . -5.26 -22.11 -15.86
C46 PCW M . -4.16 -23.10 -16.04
C47 PCW M . -4.19 -23.91 -17.32
C48 PCW M . -3.00 -24.89 -17.39
N PCW M . -20.90 -26.49 -25.44
O2 PCW M . -16.00 -22.48 -22.87
O3 PCW M . -16.04 -25.27 -22.08
O11 PCW M . -17.20 -27.23 -22.15
O31 PCW M . -17.59 -21.01 -22.04
O1P PCW M . -20.55 -21.56 -23.68
O2P PCW M . -20.24 -20.50 -25.92
O3P PCW M . -18.26 -21.65 -24.75
O4P PCW M . -20.11 -22.88 -25.78
P PCW M . -19.85 -21.60 -25.00
C1 17F N . -27.79 14.56 -15.32
N1 17F N . -30.29 14.60 -15.58
O1 17F N . -27.69 18.16 -15.77
P1 17F N . -26.88 16.93 -15.43
C2 17F N . -29.01 14.51 -16.26
O2 17F N . -26.13 16.28 -16.57
C3 17F N . -28.96 13.20 -17.08
O3 17F N . -27.71 15.82 -14.72
C4 17F N . -24.87 16.25 -13.88
O4 17F N . -27.99 12.90 -17.75
C5 17F N . -23.84 16.77 -12.84
O5 17F N . -29.96 12.37 -17.09
C6 17F N . -22.51 15.99 -13.03
O6 17F N . -25.76 17.26 -14.36
C7 17F N . -20.32 15.85 -12.24
O7 17F N . -21.50 16.38 -12.12
C8 17F N . -19.41 16.44 -11.14
O8 17F N . -19.90 15.04 -13.04
C9 17F N . -17.91 16.50 -11.55
O9 17F N . -23.64 18.18 -12.90
C10 17F N . -16.93 17.08 -10.47
O10 17F N . -25.27 18.65 -11.34
C11 17F N . -16.80 16.22 -9.16
C12 17F N . -15.78 16.86 -8.14
C17 17F N . -24.16 18.81 -11.87
C18 17F N . -23.24 19.87 -11.30
C19 17F N . -21.77 19.41 -11.08
C20 17F N . -21.15 19.97 -9.75
C1X 17F N . -15.67 16.00 -6.87
C1Y 17F N . -19.69 19.48 -9.59
C1Z 17F N . -18.93 20.32 -8.57
C2X 17F N . -14.65 16.61 -5.80
C21 17F N . -15.25 17.82 -5.00
C22 17F N . -16.04 17.69 -3.99
C23 17F N . -16.53 16.43 -3.42
C24 17F N . -17.82 16.56 -2.61
C25 17F N . -18.37 15.29 -2.00
C26 17F N . -19.18 14.32 -3.00
C27 17F N . -19.71 13.05 -2.38
C28 17F N . -20.46 12.24 -3.52
C29 17F N . -21.89 12.66 -3.52
C30 17F N . -22.74 11.98 -4.54
C31 17F N . -18.36 19.55 -7.32
C32 17F N . -17.60 20.44 -6.29
C33 17F N . -18.58 20.88 -5.21
C34 17F N . -18.26 21.65 -4.18
C35 17F N . -16.91 22.24 -3.86
C36 17F N . -16.43 23.34 -4.87
C37 17F N . -15.02 23.71 -4.53
C38 17F N . -14.26 24.45 -5.66
C39 17F N . -12.83 24.80 -5.24
C40 17F N . -11.84 24.47 -6.35
C41 17F N . -10.53 25.33 -6.19
C42 17F N . -9.23 24.64 -5.75
C1 PCW O . -1.31 -11.38 8.77
C2 PCW O . -1.97 -12.58 7.99
C3 PCW O . -1.86 -13.90 8.85
C4 PCW O . -1.08 -7.80 8.37
C5 PCW O . 0.15 -6.95 8.73
C6 PCW O . 1.35 -6.03 10.78
C7 PCW O . 1.48 -8.41 10.23
C8 PCW O . 2.13 -6.98 9.25
C11 PCW O . -1.85 -15.44 7.00
C12 PCW O . -2.65 -16.58 6.43
C13 PCW O . -2.09 -17.92 7.05
C14 PCW O . -2.79 -19.21 6.59
C15 PCW O . -4.19 -19.04 5.93
C16 PCW O . -4.90 -20.43 5.74
C17 PCW O . -6.13 -20.48 4.77
C18 PCW O . -7.44 -20.89 5.46
C19 PCW O . -8.05 -22.17 4.86
C20 PCW O . -9.41 -22.44 4.90
C21 PCW O . -10.56 -21.68 5.45
C22 PCW O . -11.28 -21.04 4.23
C23 PCW O . -12.83 -20.89 4.32
C24 PCW O . -13.64 -22.15 4.30
C25 PCW O . -14.28 -22.72 5.60
C26 PCW O . -15.72 -22.34 5.88
C27 PCW O . -16.63 -21.92 4.72
C28 PCW O . -18.04 -21.72 5.21
C31 PCW O . -3.68 -11.78 6.56
C32 PCW O . -5.21 -11.58 6.45
C33 PCW O . -5.70 -10.30 5.62
C34 PCW O . -5.35 -10.36 4.12
C35 PCW O . -6.64 -10.98 3.42
C36 PCW O . -6.44 -11.14 1.90
C37 PCW O . -7.66 -11.73 1.12
C38 PCW O . -8.70 -10.68 0.82
C39 PCW O . -9.88 -11.24 0.09
C40 PCW O . -11.13 -10.79 0.11
C41 PCW O . -11.58 -9.59 0.94
C42 PCW O . -12.89 -8.99 0.26
C43 PCW O . -14.09 -9.91 0.05
C44 PCW O . -15.18 -9.08 -0.60
C45 PCW O . -16.13 -8.39 0.35
C46 PCW O . -17.07 -9.32 1.04
C47 PCW O . -17.04 -9.29 2.55
C48 PCW O . -18.05 -10.29 3.15
N PCW O . 0.83 -7.15 9.97
O2 PCW O . -3.42 -12.33 7.74
O3 PCW O . -2.46 -14.99 8.14
O11 PCW O . -0.84 -14.99 6.53
O31 PCW O . -2.83 -11.46 5.68
O1P PCW O . -3.53 -9.39 8.39
O2P PCW O . -3.45 -8.92 10.84
O3P PCW O . -2.13 -10.87 9.85
O4P PCW O . -1.46 -8.55 9.57
P PCW O . -2.73 -9.39 9.65
C1 PCW P . -5.00 -19.25 16.70
C2 PCW P . -5.47 -19.84 15.31
C3 PCW P . -6.94 -20.34 15.42
C4 PCW P . -1.27 -20.20 15.92
C5 PCW P . -1.11 -21.72 16.05
C6 PCW P . -2.19 -23.29 17.74
C7 PCW P . -3.17 -23.00 15.52
C8 PCW P . -1.52 -23.72 15.95
C11 PCW P . -8.72 -21.05 13.97
C12 PCW P . -8.98 -21.58 12.59
C13 PCW P . -9.13 -20.36 11.61
C14 PCW P . -9.40 -20.74 10.15
C15 PCW P . -10.87 -20.51 9.65
C16 PCW P . -11.59 -21.88 9.42
C17 PCW P . -12.53 -22.38 10.58
C18 PCW P . -12.93 -23.85 10.46
C19 PCW P . -11.77 -24.81 10.82
C20 PCW P . -11.94 -26.19 10.85
C21 PCW P . -13.10 -27.07 10.61
C22 PCW P . -13.15 -27.35 9.08
C23 PCW P . -14.54 -27.36 8.40
C24 PCW P . -15.08 -26.04 7.93
C25 PCW P . -16.60 -25.71 8.01
C26 PCW P . -17.40 -25.85 6.73
C27 PCW P . -17.68 -27.29 6.22
C28 PCW P . -18.64 -27.25 5.05
C31 PCW P . -4.33 -18.81 13.52
C32 PCW P . -4.42 -17.66 12.49
C33 PCW P . -4.35 -18.11 10.96
C34 PCW P . -5.53 -17.63 10.13
C35 PCW P . -5.21 -16.12 9.75
C36 PCW P . -6.41 -15.18 10.05
C37 PCW P . -6.19 -13.67 9.71
C38 PCW P . -7.48 -12.91 9.79
C39 PCW P . -7.31 -11.45 9.48
C40 PCW P . -8.23 -10.64 8.96
C41 PCW P . -9.64 -11.08 8.59
C42 PCW P . -10.64 -9.86 8.85
C43 PCW P . -12.10 -10.16 9.17
C44 PCW P . -12.81 -8.84 9.38
C45 PCW P . -12.55 -8.16 10.70
C46 PCW P . -13.37 -8.70 11.83
C47 PCW P . -13.08 -8.13 13.20
C48 PCW P . -13.97 -8.77 14.27
N PCW P . -2.22 -22.51 16.49
O2 PCW P . -5.43 -18.77 14.26
O3 PCW P . -7.39 -20.85 14.15
O11 PCW P . -9.57 -20.82 14.80
O31 PCW P . -3.37 -19.62 13.63
O1P PCW P . -1.67 -17.40 16.58
O2P PCW P . -2.60 -18.33 18.69
O3P PCW P . -4.09 -18.14 16.58
O4P PCW P . -2.33 -19.81 16.81
P PCW P . -2.62 -18.38 17.20
C1 PCW Q . 7.89 -2.74 -2.70
C2 PCW Q . 6.66 -2.30 -3.59
C3 PCW Q . 7.10 -1.14 -4.54
C4 PCW Q . 12.00 -1.44 -2.45
C5 PCW Q . 11.88 -1.06 -0.96
C6 PCW Q . 9.55 -0.64 -0.02
C7 PCW Q . 10.95 -2.45 0.85
C8 PCW Q . 11.28 -0.64 0.93
C11 PCW Q . 6.26 -0.40 -6.66
C12 PCW Q . 5.00 0.03 -7.35
C13 PCW Q . 5.01 1.59 -7.49
C14 PCW Q . 3.79 2.19 -8.19
C15 PCW Q . 3.96 3.63 -8.75
C16 PCW Q . 2.59 4.18 -9.26
C17 PCW Q . 2.58 4.93 -10.64
C18 PCW Q . 1.37 4.60 -11.52
C19 PCW Q . 0.67 5.86 -12.08
C20 PCW Q . 1.14 6.55 -13.20
C21 PCW Q . 2.31 6.33 -14.09
C22 PCW Q . 1.78 5.56 -15.32
C23 PCW Q . 1.66 6.32 -16.67
C24 PCW Q . 2.90 7.02 -17.15
C25 PCW Q . 2.81 8.31 -18.03
C26 PCW Q . 4.01 9.24 -18.00
C27 PCW Q . 3.76 10.75 -18.25
C28 PCW Q . 4.78 11.29 -19.21
C31 PCW Q . 5.64 -4.43 -3.78
C32 PCW Q . 5.26 -5.53 -4.78
C33 PCW Q . 6.19 -6.84 -4.75
C34 PCW Q . 5.54 -8.06 -4.07
C35 PCW Q . 3.99 -7.97 -4.41
C36 PCW Q . 3.33 -9.35 -4.60
C37 PCW Q . 1.80 -9.30 -4.92
C38 PCW Q . 1.53 -8.46 -6.13
C39 PCW Q . 0.07 -8.40 -6.48
C40 PCW Q . -0.67 -9.30 -7.11
C41 PCW Q . -0.13 -10.63 -7.62
C42 PCW Q . -1.30 -11.71 -7.48
C43 PCW Q . -2.51 -11.56 -8.38
C44 PCW Q . -3.46 -12.69 -8.04
C45 PCW Q . -4.51 -12.34 -7.01
C46 PCW Q . -5.89 -12.17 -7.59
C47 PCW Q . -6.74 -13.41 -7.67
C48 PCW Q . -8.12 -13.11 -8.28
N PCW Q . 10.76 -1.47 -0.19
O2 PCW Q . 6.22 -3.44 -4.45
O3 PCW Q . 6.00 -0.72 -5.36
O11 PCW Q . 7.36 -0.44 -7.17
O31 PCW Q . 5.45 -4.48 -2.53
O1P PCW Q . 11.36 -4.30 -3.59
O2P PCW Q . 10.41 -3.49 -1.98
O3P PCW Q . 8.79 -3.67 -3.33
O4P PCW Q . 10.66 -1.83 -2.89
P PCW Q . 10.32 -3.20 -3.44
C1 PCW R . 8.89 -13.64 -4.28
C2 PCW R . 7.57 -12.94 -4.76
C3 PCW R . 7.90 -11.78 -5.77
C4 PCW R . 8.65 -10.80 -1.49
C5 PCW R . 8.71 -9.47 -2.25
C6 PCW R . 10.50 -8.61 -0.88
C7 PCW R . 8.38 -7.69 -0.67
C8 PCW R . 9.55 -7.16 -2.54
C11 PCW R . 6.72 -10.39 -7.33
C12 PCW R . 5.34 -9.85 -7.62
C13 PCW R . 4.65 -10.86 -8.61
C14 PCW R . 3.22 -10.48 -9.03
C15 PCW R . 2.73 -11.04 -10.39
C16 PCW R . 2.77 -12.60 -10.41
C17 PCW R . 1.52 -13.36 -9.87
C18 PCW R . 1.41 -14.80 -10.38
C19 PCW R . -0.05 -15.27 -10.57
C20 PCW R . -0.56 -15.58 -11.81
C21 PCW R . 0.04 -15.57 -13.16
C22 PCW R . -0.09 -17.01 -13.73
C23 PCW R . 0.34 -17.25 -15.20
C24 PCW R . 1.78 -17.57 -15.45
C25 PCW R . 2.23 -18.27 -16.76
C26 PCW R . 3.56 -17.82 -17.35
C27 PCW R . 3.53 -16.81 -18.51
C28 PCW R . 4.54 -17.20 -19.56
C31 PCW R . 5.47 -14.06 -4.96
C32 PCW R . 4.70 -15.08 -5.80
C33 PCW R . 3.15 -15.25 -5.45
C34 PCW R . 2.22 -14.48 -6.40
C35 PCW R . 0.80 -14.50 -5.72
C36 PCW R . -0.28 -15.18 -6.60
C37 PCW R . -1.72 -15.25 -5.99
C38 PCW R . -2.64 -16.10 -6.80
C39 PCW R . -4.03 -16.17 -6.21
C40 PCW R . -5.03 -16.95 -6.61
C41 PCW R . -4.94 -17.93 -7.76
C42 PCW R . -6.42 -18.36 -8.19
C43 PCW R . -6.58 -19.22 -9.43
C44 PCW R . -8.08 -19.46 -9.59
C45 PCW R . -8.56 -19.56 -11.02
C46 PCW R . -8.89 -18.22 -11.63
C47 PCW R . -10.15 -18.15 -12.46
C48 PCW R . -10.37 -16.74 -13.00
N PCW R . 9.26 -8.30 -1.62
O2 PCW R . 6.69 -13.91 -5.48
O3 PCW R . 6.68 -11.15 -6.20
O11 PCW R . 7.70 -10.21 -8.00
O31 PCW R . 5.02 -13.46 -3.93
O1P PCW R . 9.24 -13.49 -0.48
O2P PCW R . 11.16 -13.32 -2.07
O3P PCW R . 8.86 -14.08 -2.90
O4P PCW R . 9.36 -11.76 -2.32
P PCW R . 9.71 -13.17 -1.88
C1 PCW S . 4.64 9.42 2.62
C2 PCW S . 3.26 8.78 2.21
C3 PCW S . 3.33 7.22 2.34
C4 PCW S . 3.32 8.12 6.30
C5 PCW S . 2.34 8.33 7.45
C6 PCW S . 3.14 6.37 8.61
C7 PCW S . 1.40 7.62 9.54
C8 PCW S . 3.49 8.52 9.63
C11 PCW S . 1.95 5.28 2.01
C12 PCW S . 0.56 4.89 1.56
C13 PCW S . -0.04 3.90 2.64
C14 PCW S . -1.45 3.40 2.34
C15 PCW S . -1.73 1.91 2.71
C16 PCW S . -3.18 1.74 3.28
C17 PCW S . -4.36 1.90 2.28
C18 PCW S . -4.72 0.60 1.54
C19 PCW S . -6.12 0.66 0.87
C20 PCW S . -6.63 -0.39 0.11
C21 PCW S . -6.08 -1.73 -0.25
C22 PCW S . -6.79 -2.17 -1.57
C23 PCW S . -7.06 -3.68 -1.76
C24 PCW S . -7.78 -4.08 -3.01
C25 PCW S . -7.15 -5.09 -4.01
C26 PCW S . -8.05 -5.60 -5.12
C27 PCW S . -8.37 -7.12 -5.15
C28 PCW S . -7.19 -7.89 -5.69
C31 PCW S . 1.34 10.11 2.53
C32 PCW S . 0.29 10.54 3.57
C33 PCW S . -0.66 11.75 3.12
C34 PCW S . -1.73 11.35 2.11
C35 PCW S . -2.82 12.49 2.16
C36 PCW S . -2.71 13.46 0.96
C37 PCW S . -3.75 14.62 0.93
C38 PCW S . -3.28 15.80 0.15
C39 PCW S . -4.30 16.92 0.12
C40 PCW S . -4.77 17.53 -0.95
C41 PCW S . -4.36 17.20 -2.38
C42 PCW S . -5.15 15.88 -2.83
C43 PCW S . -5.01 15.44 -4.27
C44 PCW S . -5.85 14.18 -4.42
C45 PCW S . -5.35 13.21 -5.46
C46 PCW S . -5.09 11.82 -4.94
C47 PCW S . -3.77 11.20 -5.32
C48 PCW S . -3.63 9.80 -4.72
N PCW S . 2.58 7.74 8.74
O2 PCW S . 2.19 9.27 3.12
O3 PCW S . 2.07 6.63 1.97
O11 PCW S . 2.81 4.51 2.33
O31 PCW S . 1.39 10.51 1.34
O1P PCW S . 5.84 8.42 4.88
O2P PCW S . 5.83 10.66 5.97
O3P PCW S . 4.57 10.30 3.76
O4P PCW S . 3.77 9.44 5.90
P PCW S . 5.07 9.69 5.16
C1 PCW T . -16.14 -2.78 29.07
C2 PCW T . -17.45 -3.17 28.28
C3 PCW T . -17.50 -2.40 26.91
C4 PCW T . -12.62 -2.11 27.09
C5 PCW T . -11.76 -2.58 25.92
C6 PCW T . -11.47 -0.51 24.44
C7 PCW T . -9.59 -2.02 24.88
C8 PCW T . -11.15 -2.40 23.97
C11 PCW T . -19.80 -1.98 26.43
C12 PCW T . -20.95 -2.49 25.60
C13 PCW T . -21.45 -1.29 24.71
C14 PCW T . -22.64 -1.60 23.77
C15 PCW T . -23.70 -0.47 23.64
C16 PCW T . -23.01 0.93 23.38
C17 PCW T . -23.00 1.94 24.58
C18 PCW T . -22.67 3.38 24.15
C19 PCW T . -23.85 4.10 23.48
C20 PCW T . -23.76 4.69 22.23
C21 PCW T . -22.64 4.78 21.25
C22 PCW T . -22.38 6.29 21.00
C23 PCW T . -21.12 6.92 21.64
C24 PCW T . -20.44 8.02 20.87
C25 PCW T . -21.26 9.09 20.10
C26 PCW T . -20.51 9.91 19.08
C27 PCW T . -21.28 10.38 17.83
C28 PCW T . -20.44 10.15 16.59
C31 PCW T . -18.33 -5.32 28.71
C32 PCW T . -18.24 -6.80 28.29
C33 PCW T . -19.33 -7.29 27.23
C34 PCW T . -20.74 -7.33 27.80
C35 PCW T . -21.67 -7.80 26.61
C36 PCW T . -22.48 -6.64 25.99
C37 PCW T . -23.42 -7.03 24.80
C38 PCW T . -23.63 -5.89 23.87
C39 PCW T . -24.54 -6.24 22.72
C40 PCW T . -25.15 -5.38 21.91
C41 PCW T . -25.03 -3.88 22.03
C42 PCW T . -26.45 -3.22 21.77
C43 PCW T . -26.91 -3.04 20.33
C44 PCW T . -28.29 -2.40 20.39
C45 PCW T . -29.33 -3.04 19.49
C46 PCW T . -30.10 -4.15 20.15
C47 PCW T . -31.40 -4.57 19.48
C48 PCW T . -32.08 -5.70 20.26
N PCW T . -10.93 -1.64 25.23
O2 PCW T . -17.46 -4.63 27.98
O3 PCW T . -18.70 -2.74 26.21
O11 PCW T . -19.85 -1.03 27.16
O31 PCW T . -19.13 -4.85 29.57
O1P PCW T . -13.68 -1.85 29.78
O2P PCW T . -12.78 -4.17 30.05
O3P PCW T . -15.10 -3.79 29.00
O4P PCW T . -13.03 -3.30 27.81
P PCW T . -13.60 -3.25 29.23
C1 PCW U . 4.07 5.92 -3.04
C2 PCW U . 2.73 5.09 -2.93
C3 PCW U . 1.49 6.05 -2.95
C4 PCW U . 6.22 7.56 -0.13
C5 PCW U . 7.36 8.55 -0.36
C6 PCW U . 9.54 9.34 0.34
C7 PCW U . 8.23 8.14 1.85
C8 PCW U . 7.60 10.28 1.40
C11 PCW U . -0.88 5.91 -2.57
C12 PCW U . -2.00 4.91 -2.52
C13 PCW U . -2.42 4.74 -1.01
C14 PCW U . -3.58 3.76 -0.76
C15 PCW U . -4.96 4.15 -1.39
C16 PCW U . -5.42 5.56 -0.90
C17 PCW U . -5.46 6.71 -1.96
C18 PCW U . -6.88 7.16 -2.33
C19 PCW U . -7.59 6.21 -3.32
C20 PCW U . -7.38 6.25 -4.68
C21 PCW U . -6.51 7.11 -5.53
C22 PCW U . -6.69 6.64 -7.00
C23 PCW U . -5.79 7.32 -8.08
C24 PCW U . -6.43 8.35 -8.95
C25 PCW U . -7.04 9.65 -8.34
C26 PCW U . -7.42 10.75 -9.31
C27 PCW U . -7.50 12.19 -8.78
C28 PCW U . -6.26 12.97 -9.17
C31 PCW U . 2.32 2.90 -3.79
C32 PCW U . 2.20 2.09 -5.10
C33 PCW U . 0.73 2.05 -5.73
C34 PCW U . 0.54 0.91 -6.75
C35 PCW U . -0.03 1.61 -8.05
C36 PCW U . -0.76 0.62 -8.99
C37 PCW U . -1.36 1.26 -10.30
C38 PCW U . -1.41 0.28 -11.42
C39 PCW U . -1.98 0.90 -12.69
C40 PCW U . -2.20 0.29 -13.85
C41 PCW U . -1.93 -1.17 -14.11
C42 PCW U . -3.20 -1.78 -14.85
C43 PCW U . -4.52 -1.80 -14.11
C44 PCW U . -5.55 -2.43 -15.05
C45 PCW U . -6.75 -1.58 -15.35
C46 PCW U . -7.20 -1.65 -16.77
C47 PCW U . -8.68 -1.46 -17.03
C48 PCW U . -9.01 -1.55 -18.53
N PCW U . 8.14 9.06 0.75
O2 PCW U . 2.59 4.17 -4.12
O3 PCW U . 0.29 5.27 -2.86
O11 PCW U . -0.99 7.10 -2.41
O31 PCW U . 2.19 2.44 -2.63
O1P PCW U . 4.33 5.31 -0.29
O2P PCW U . 6.41 4.00 -0.70
O3P PCW U . 5.25 5.20 -2.65
O4P PCW U . 6.52 6.39 -0.94
P PCW U . 5.61 5.18 -1.07
C1 PCW V . -8.70 0.21 19.38
C2 PCW V . -10.25 0.30 19.05
C3 PCW V . -10.52 1.31 17.88
C4 PCW V . -5.60 3.06 20.97
C5 PCW V . -5.51 3.49 22.44
C6 PCW V . -7.46 4.84 22.86
C7 PCW V . -5.54 5.85 22.01
C8 PCW V . -5.50 5.21 24.20
C11 PCW V . -12.69 2.26 18.27
C12 PCW V . -14.13 2.15 17.80
C13 PCW V . -15.04 1.78 19.02
C14 PCW V . -16.53 1.64 18.68
C15 PCW V . -17.54 1.85 19.87
C16 PCW V . -19.02 1.81 19.34
C17 PCW V . -20.11 1.30 20.34
C18 PCW V . -21.00 0.17 19.77
C19 PCW V . -22.00 0.67 18.70
C20 PCW V . -23.37 0.64 18.90
C21 PCW V . -24.22 0.19 20.04
C22 PCW V . -25.65 0.74 19.77
C23 PCW V . -26.25 1.71 20.82
C24 PCW V . -27.58 1.35 21.39
C25 PCW V . -28.89 2.02 20.88
C26 PCW V . -30.15 1.17 20.95
C27 PCW V . -30.92 0.92 19.64
C28 PCW V . -32.29 1.56 19.70
C31 PCW V . -10.92 -1.90 19.61
C32 PCW V . -11.45 -3.21 19.01
C33 PCW V . -12.98 -3.53 19.35
C34 PCW V . -13.25 -5.02 19.57
C35 PCW V . -14.76 -5.24 19.12
C36 PCW V . -14.88 -5.92 17.74
C37 PCW V . -16.33 -6.17 17.25
C38 PCW V . -16.40 -6.34 15.76
C39 PCW V . -17.80 -6.58 15.25
C40 PCW V . -18.16 -6.93 14.02
C41 PCW V . -17.18 -7.14 12.87
C42 PCW V . -18.01 -7.59 11.58
C43 PCW V . -17.91 -9.03 11.12
C44 PCW V . -18.82 -9.15 9.89
C45 PCW V . -20.29 -9.35 10.18
C46 PCW V . -20.89 -10.50 9.43
C47 PCW V . -22.40 -10.65 9.51
C48 PCW V . -22.86 -11.87 8.70
N PCW V . -5.99 4.78 22.85
O2 PCW V . -10.77 -1.03 18.61
O3 PCW V . -11.92 1.36 17.60
O11 PCW V . -12.30 3.04 19.10
O31 PCW V . -10.67 -1.70 20.83
O1P PCW V . -7.50 3.79 18.90
O2P PCW V . -9.14 2.85 20.52
O3P PCW V . -7.90 1.30 18.88
O4P PCW V . -6.83 2.32 20.83
P PCW V . -7.88 2.64 19.78
C1 PCW W . -7.43 18.42 16.55
C2 PCW W . -7.95 19.64 15.69
C3 PCW W . -8.17 19.17 14.20
C4 PCW W . -4.00 16.92 17.09
C5 PCW W . -3.91 15.44 17.46
C6 PCW W . -4.20 14.15 15.26
C7 PCW W . -2.52 13.45 16.92
C8 PCW W . -4.37 13.46 17.09
C11 PCW W . -8.33 20.27 12.08
C12 PCW W . -8.91 21.48 11.41
C13 PCW W . -9.69 21.02 10.13
C14 PCW W . -10.34 22.15 9.33
C15 PCW W . -11.70 21.81 8.65
C16 PCW W . -12.65 23.06 8.65
C17 PCW W . -13.18 23.56 7.26
C18 PCW W . -14.60 23.06 6.95
C19 PCW W . -15.56 24.18 6.50
C20 PCW W . -15.82 24.46 5.16
C21 PCW W . -15.32 23.85 3.90
C22 PCW W . -16.58 23.30 3.15
C23 PCW W . -17.20 24.20 2.06
C24 PCW W . -18.70 24.15 1.90
C25 PCW W . -19.63 25.04 2.75
C26 PCW W . -19.21 26.49 2.92
C27 PCW W . -19.33 27.12 4.34
C28 PCW W . -18.14 28.00 4.62
C31 PCW W . -9.22 21.30 16.81
C32 PCW W . -10.64 21.64 17.31
C33 PCW W . -11.80 21.50 16.21
C34 PCW W . -13.13 21.01 16.78
C35 PCW W . -14.22 22.04 16.28
C36 PCW W . -15.51 21.36 15.77
C37 PCW W . -16.64 22.32 15.26
C38 PCW W . -17.64 21.62 14.39
C39 PCW W . -18.72 22.54 13.88
C40 PCW W . -20.01 22.24 13.69
C41 PCW W . -20.62 20.88 13.94
C42 PCW W . -22.12 21.10 14.44
C43 PCW W . -23.21 21.24 13.40
C44 PCW W . -24.52 21.43 14.14
C45 PCW W . -24.89 22.87 14.42
C46 PCW W . -25.70 23.52 13.33
C47 PCW W . -25.77 25.03 13.35
C48 PCW W . -26.62 25.56 12.19
N PCW W . -3.44 14.49 16.49
O2 PCW W . -9.26 20.11 16.21
O3 PCW W . -8.64 20.27 13.41
O11 PCW W . -7.69 19.41 11.53
O31 PCW W . -8.19 22.03 16.97
O1P PCW W . -4.87 19.71 16.74
O2P PCW W . -4.96 19.66 19.25
O3P PCW W . -6.95 18.79 17.87
O4P PCW W . -4.85 17.56 18.08
P PCW W . -5.35 18.99 17.97
C1 PCW X . 0.74 14.33 7.25
C2 PCW X . -0.83 14.35 7.10
C3 PCW X . -1.27 15.57 6.22
C4 PCW X . 4.06 13.68 3.76
C5 PCW X . 3.42 13.00 2.54
C6 PCW X . 2.07 13.27 0.40
C7 PCW X . 3.82 14.88 0.98
C8 PCW X . 4.01 13.09 0.58
C11 PCW X . -3.40 16.45 6.90
C12 PCW X . -4.87 16.35 6.59
C13 PCW X . -5.65 16.11 7.94
C14 PCW X . -7.17 15.98 7.80
C15 PCW X . -7.92 15.59 9.12
C16 PCW X . -8.92 14.40 8.85
C17 PCW X . -8.97 13.26 9.92
C18 PCW X . -10.39 12.73 10.18
C19 PCW X . -10.49 11.94 11.50
C20 PCW X . -11.69 11.77 12.17
C21 PCW X . -13.08 12.20 11.88
C22 PCW X . -13.95 10.92 11.83
C23 PCW X . -14.25 10.29 10.43
C24 PCW X . -15.50 9.50 10.29
C25 PCW X . -15.56 8.01 10.73
C26 PCW X . -15.81 7.74 12.20
C27 PCW X . -16.99 6.81 12.58
C28 PCW X . -16.68 5.40 12.15
C31 PCW X . -1.31 12.02 7.20
C32 PCW X . -1.79 10.83 6.36
C33 PCW X . -3.06 10.04 6.93
C34 PCW X . -3.43 8.81 6.10
C35 PCW X . -4.70 9.23 5.26
C36 PCW X . -6.02 9.07 6.05
C37 PCW X . -7.33 9.46 5.30
C38 PCW X . -8.55 8.97 6.00
C39 PCW X . -9.82 9.34 5.30
C40 PCW X . -11.04 8.86 5.53
C41 PCW X . -11.38 7.82 6.58
C42 PCW X . -12.94 7.94 6.92
C43 PCW X . -13.87 8.51 5.87
C44 PCW X . -15.26 8.51 6.46
C45 PCW X . -16.34 9.06 5.56
C46 PCW X . -17.01 10.27 6.12
C47 PCW X . -17.51 11.29 5.11
C48 PCW X . -18.17 12.48 5.83
N PCW X . 3.00 13.79 1.42
O2 PCW X . -1.30 13.11 6.42
O3 PCW X . -2.70 15.60 6.09
O11 PCW X . -2.92 17.18 7.73
O31 PCW X . -0.95 11.97 8.42
O1P PCW X . 3.30 15.36 5.99
O2P PCW X . 3.71 13.27 7.30
O3P PCW X . 1.43 13.67 6.16
O4P PCW X . 3.45 13.07 4.93
P PCW X . 3.02 13.89 6.15
C1 PCW Y . 9.47 -7.70 -7.00
C2 PCW Y . 9.12 -6.91 -8.32
C3 PCW Y . 9.96 -7.44 -9.53
C4 PCW Y . 13.98 -8.94 -6.25
C5 PCW Y . 14.14 -8.11 -7.52
C6 PCW Y . 16.15 -6.81 -7.18
C7 PCW Y . 14.10 -5.95 -6.47
C8 PCW Y . 14.50 -5.98 -8.71
C11 PCW Y . 10.59 -5.98 -11.33
C12 PCW Y . 10.04 -5.32 -12.57
C13 PCW Y . 10.62 -3.86 -12.66
C14 PCW Y . 10.15 -3.06 -13.87
C15 PCW Y . 9.41 -1.72 -13.58
C16 PCW Y . 10.11 -0.53 -14.31
C17 PCW Y . 10.28 0.81 -13.51
C18 PCW Y . 10.72 1.98 -14.38
C19 PCW Y . 9.88 3.27 -14.16
C20 PCW Y . 9.11 3.83 -15.16
C21 PCW Y . 8.87 3.44 -16.58
C22 PCW Y . 7.52 2.68 -16.61
C23 PCW Y . 7.21 1.84 -17.88
C24 PCW Y . 5.79 1.81 -18.35
C25 PCW Y . 5.42 1.19 -19.73
C26 PCW Y . 5.59 -0.31 -19.86
C27 PCW Y . 5.05 -0.99 -21.14
C28 PCW Y . 6.20 -1.49 -21.98
C31 PCW Y . 6.87 -6.19 -8.16
C32 PCW Y . 5.43 -6.53 -8.59
C33 PCW Y . 4.54 -5.26 -9.01
C34 PCW Y . 3.61 -4.77 -7.91
C35 PCW Y . 3.53 -3.20 -8.08
C36 PCW Y . 2.49 -2.79 -9.15
C37 PCW Y . 2.36 -1.26 -9.40
C38 PCW Y . 2.65 -0.90 -10.82
C39 PCW Y . 2.55 0.58 -11.07
C40 PCW Y . 2.17 1.18 -12.20
C41 PCW Y . 1.80 0.45 -13.47
C42 PCW Y . 1.46 1.55 -14.57
C43 PCW Y . 1.74 1.20 -16.03
C44 PCW Y . 1.32 2.39 -16.87
C45 PCW Y . 1.95 2.45 -18.24
C46 PCW Y . 1.03 1.96 -19.33
C47 PCW Y . 1.39 2.36 -20.74
C48 PCW Y . 0.37 1.81 -21.75
N PCW Y . 14.69 -6.78 -7.47
O2 PCW Y . 7.68 -7.11 -8.67
O3 PCW Y . 9.61 -6.71 -10.73
O11 PCW Y . 11.74 -5.90 -10.94
O31 PCW Y . 7.21 -5.21 -7.43
O1P PCW Y . 11.69 -7.52 -5.17
O2P PCW Y . 10.79 -9.80 -4.82
O3P PCW Y . 10.55 -8.65 -7.10
O4P PCW Y . 12.66 -9.53 -6.29
P PCW Y . 11.41 -8.86 -5.76
C1 PCW Z . -5.26 -15.47 19.90
C2 PCW Z . -6.69 -15.18 19.29
C3 PCW Z . -6.79 -13.69 18.83
C4 PCW Z . -3.42 -12.56 17.13
C5 PCW Z . -3.15 -12.48 15.63
C6 PCW Z . -5.36 -13.00 14.46
C7 PCW Z . -3.95 -11.13 13.73
C8 PCW Z . -3.57 -12.93 13.68
C11 PCW Z . -9.16 -13.34 19.09
C12 PCW Z . -10.41 -13.05 18.27
C13 PCW Z . -9.98 -12.40 16.91
C14 PCW Z . -11.13 -12.05 15.96
C15 PCW Z . -10.83 -10.92 14.93
C16 PCW Z . -9.43 -11.12 14.24
C17 PCW Z . -9.42 -11.78 12.81
C18 PCW Z . -10.74 -11.65 12.05
C19 PCW Z . -11.41 -13.03 11.81
C20 PCW Z . -12.67 -13.33 12.31
C21 PCW Z . -13.63 -12.57 13.14
C22 PCW Z . -14.78 -12.15 12.20
C23 PCW Z . -16.20 -12.08 12.80
C24 PCW Z . -17.34 -12.52 11.92
C25 PCW Z . -18.22 -13.74 12.31
C26 PCW Z . -19.56 -13.43 12.96
C27 PCW Z . -20.78 -13.25 12.03
C28 PCW Z . -21.89 -14.18 12.47
C31 PCW Z . -8.08 -16.72 18.18
C32 PCW Z . -8.22 -17.55 16.89
C33 PCW Z . -7.71 -16.82 15.56
C34 PCW Z . -8.80 -16.03 14.84
C35 PCW Z . -9.05 -16.81 13.49
C36 PCW Z . -10.09 -16.10 12.59
C37 PCW Z . -10.39 -16.81 11.23
C38 PCW Z . -9.62 -16.19 10.11
C39 PCW Z . -9.89 -16.84 8.78
C40 PCW Z . -10.89 -16.54 7.94
C41 PCW Z . -11.93 -15.48 8.22
C42 PCW Z . -13.21 -16.19 8.87
C43 PCW Z . -14.02 -15.42 9.88
C44 PCW Z . -15.16 -16.30 10.33
C45 PCW Z . -16.23 -16.56 9.30
C46 PCW Z . -17.53 -15.87 9.59
C47 PCW Z . -18.78 -16.51 8.99
C48 PCW Z . -20.03 -15.70 9.36
N PCW Z . -4.21 -12.12 14.75
O2 PCW Z . -6.94 -16.03 18.10
O3 PCW Z . -8.08 -13.43 18.26
O11 PCW Z . -9.14 -13.48 20.28
O31 PCW Z . -8.90 -16.72 19.14
O1P PCW Z . -3.59 -13.31 19.92
O2P PCW Z . -1.76 -14.91 19.32
O3P PCW Z . -4.22 -15.53 18.89
O4P PCW Z . -3.04 -13.91 17.54
P PCW Z . -3.09 -14.37 18.98
C1 PCW AA . -6.78 26.83 14.17
C2 PCW AA . -7.64 25.75 13.41
C3 PCW AA . -8.95 25.45 14.20
C4 PCW AA . -5.16 24.73 16.57
C5 PCW AA . -6.12 24.86 17.75
C6 PCW AA . -5.66 22.87 19.28
C7 PCW AA . -5.94 25.12 20.21
C8 PCW AA . -7.19 24.10 19.30
C11 PCW AA . -11.06 24.41 13.69
C12 PCW AA . -11.64 23.31 12.85
C13 PCW AA . -13.18 23.21 13.13
C14 PCW AA . -13.91 22.13 12.33
C15 PCW AA . -15.27 22.55 11.71
C16 PCW AA . -15.46 21.93 10.28
C17 PCW AA . -16.38 20.67 10.16
C18 PCW AA . -15.94 19.67 9.10
C19 PCW AA . -16.73 19.80 7.78
C20 PCW AA . -17.10 18.69 7.02
C21 PCW AA . -16.87 17.24 7.19
C22 PCW AA . -17.77 16.52 6.14
C23 PCW AA . -19.00 15.74 6.66
C24 PCW AA . -20.06 16.55 7.34
C25 PCW AA . -21.48 15.96 7.61
C26 PCW AA . -22.65 16.78 7.10
C27 PCW AA . -24.00 16.04 6.88
C28 PCW AA . -23.91 15.16 5.66
C31 PCW AA . -7.73 25.43 11.06
C32 PCW AA . -8.19 26.08 9.75
C33 PCW AA . -9.76 25.96 9.44
C34 PCW AA . -10.06 25.42 8.04
C35 PCW AA . -10.36 26.69 7.14
C36 PCW AA . -11.19 26.34 5.87
C37 PCW AA . -11.51 27.54 4.92
C38 PCW AA . -12.70 27.28 4.08
C39 PCW AA . -13.03 28.44 3.16
C40 PCW AA . -14.11 28.57 2.40
C41 PCW AA . -15.22 27.55 2.32
C42 PCW AA . -16.04 27.80 0.97
C43 PCW AA . -17.20 28.78 1.00
C44 PCW AA . -17.79 28.81 -0.40
C45 PCW AA . -19.28 29.12 -0.47
C46 PCW AA . -20.14 27.93 -0.18
C47 PCW AA . -21.63 28.18 -0.09
C48 PCW AA . -22.39 26.87 0.20
N PCW AA . -5.74 24.31 19.02
O2 PCW AA . -8.03 26.25 12.07
O3 PCW AA . -9.72 24.45 13.50
O11 PCW AA . -11.68 25.14 14.40
O31 PCW AA . -7.15 24.31 11.17
O1P PCW AA . -3.64 25.12 14.14
O2P PCW AA . -3.30 27.40 15.11
O3P PCW AA . -5.40 26.89 13.71
O4P PCW AA . -5.05 26.06 15.99
P PCW AA . -4.27 26.35 14.73
C1 PCW BA . 2.18 27.25 4.12
C2 PCW BA . 0.61 27.30 4.05
C3 PCW BA . 0.09 28.60 4.76
C4 PCW BA . 2.94 22.67 5.13
C5 PCW BA . 1.85 21.80 5.77
C6 PCW BA . 3.07 20.32 7.23
C7 PCW BA . 2.70 19.69 5.02
C8 PCW BA . 0.91 19.61 6.43
C11 PCW BA . -2.08 27.82 5.48
C12 PCW BA . -3.55 28.07 5.27
C13 PCW BA . -4.12 28.73 6.57
C14 PCW BA . -5.61 29.06 6.53
C15 PCW BA . -6.01 30.53 6.85
C16 PCW BA . -5.81 31.47 5.61
C17 PCW BA . -7.01 32.38 5.19
C18 PCW BA . -8.38 31.69 5.32
C19 PCW BA . -8.66 30.68 4.18
C20 PCW BA . -9.58 30.94 3.17
C21 PCW BA . -10.47 32.10 2.90
C22 PCW BA . -11.79 31.84 3.69
C23 PCW BA . -11.89 32.46 5.11
C24 PCW BA . -13.26 32.61 5.67
C25 PCW BA . -13.52 33.55 6.89
C26 PCW BA . -14.90 34.18 6.99
C27 PCW BA . -16.06 33.28 7.43
C28 PCW BA . -17.33 33.66 6.70
C31 PCW BA . -0.08 26.20 2.07
C32 PCW BA . -0.54 26.44 0.62
C33 PCW BA . 0.08 27.71 -0.12
C34 PCW BA . -0.89 28.89 -0.23
C35 PCW BA . -2.16 28.33 -0.99
C36 PCW BA . -3.23 29.42 -1.26
C37 PCW BA . -4.51 28.92 -2.01
C38 PCW BA . -5.65 29.89 -1.89
C39 PCW BA . -6.88 29.42 -2.60
C40 PCW BA . -7.17 29.58 -3.90
C41 PCW BA . -6.27 30.28 -4.90
C42 PCW BA . -7.11 31.46 -5.58
C43 PCW BA . -7.62 32.58 -4.70
C44 PCW BA . -8.38 33.54 -5.60
C45 PCW BA . -9.89 33.43 -5.55
C46 PCW BA . -10.50 32.91 -6.83
C47 PCW BA . -12.00 33.04 -6.94
C48 PCW BA . -12.51 32.48 -8.28
N PCW BA . 2.12 20.42 6.10
O2 PCW BA . 0.15 27.39 2.64
O3 PCW BA . -1.35 28.68 4.71
O11 PCW BA . -1.62 26.98 6.22
O31 PCW BA . 0.05 25.07 2.63
O1P PCW BA . 4.84 24.77 4.55
O2P PCW BA . 3.52 26.04 6.26
O3P PCW BA . 2.74 25.95 3.81
O4P PCW BA . 2.54 24.05 5.31
P PCW BA . 3.48 25.21 5.03
C1 PCW CA . -10.71 4.71 25.23
C2 PCW CA . -12.16 4.77 24.61
C3 PCW CA . -12.11 4.34 23.11
C4 PCW CA . -12.06 8.73 26.12
C5 PCW CA . -13.12 9.15 25.10
C6 PCW CA . -15.48 8.66 25.92
C7 PCW CA . -14.87 10.91 25.19
C8 PCW CA . -14.93 9.38 24.17
C11 PCW CA . -13.95 5.61 22.26
C12 PCW CA . -15.32 5.44 21.65
C13 PCW CA . -15.24 5.75 20.12
C14 PCW CA . -16.56 5.62 19.35
C15 PCW CA . -16.69 6.49 18.07
C16 PCW CA . -18.20 6.70 17.67
C17 PCW CA . -18.91 5.49 16.95
C18 PCW CA . -20.22 5.88 16.26
C19 PCW CA . -21.27 6.46 17.23
C20 PCW CA . -22.52 5.88 17.41
C21 PCW CA . -23.15 4.68 16.81
C22 PCW CA . -24.42 4.38 17.66
C23 PCW CA . -25.79 4.82 17.08
C24 PCW CA . -27.00 4.06 17.55
C25 PCW CA . -28.04 3.49 16.54
C26 PCW CA . -28.77 2.24 16.95
C27 PCW CA . -27.95 0.94 17.13
C28 PCW CA . -27.89 0.19 15.82
C31 PCW CA . -14.18 4.38 25.79
C32 PCW CA . -15.01 3.28 26.49
C33 PCW CA . -16.39 2.91 25.78
C34 PCW CA . -16.82 1.48 26.04
C35 PCW CA . -16.55 0.69 24.70
C36 PCW CA . -17.85 0.14 24.07
C37 PCW CA . -17.68 -0.65 22.74
C38 PCW CA . -17.80 -2.13 22.96
C39 PCW CA . -17.64 -2.91 21.69
C40 PCW CA . -18.39 -3.93 21.27
C41 PCW CA . -19.57 -4.49 22.05
C42 PCW CA . -20.79 -4.71 21.03
C43 PCW CA . -21.35 -3.50 20.31
C44 PCW CA . -22.48 -4.01 19.42
C45 PCW CA . -23.01 -3.01 18.43
C46 PCW CA . -24.29 -3.46 17.77
C47 PCW CA . -24.89 -2.52 16.74
C48 PCW CA . -26.18 -3.10 16.15
N PCW CA . -14.40 9.59 25.56
O2 PCW CA . -13.07 3.82 25.33
O3 PCW CA . -13.42 4.39 22.54
O11 PCW CA . -13.41 6.66 22.44
O31 PCW CA . -14.51 5.59 25.68
O1P PCW CA . -9.72 7.67 27.48
O2P PCW CA . -8.96 7.15 25.16
O3P PCW CA . -10.53 5.53 26.41
O4P PCW CA . -11.29 7.66 25.50
P PCW CA . -10.06 7.05 26.14
C1 PCW DA . -2.03 20.91 8.49
C2 PCW DA . -3.40 21.34 7.83
C3 PCW DA . -3.64 22.88 8.05
C4 PCW DA . -0.88 22.13 11.70
C5 PCW DA . -0.09 23.00 12.67
C6 PCW DA . -0.60 24.82 14.39
C7 PCW DA . -0.94 22.45 14.93
C8 PCW DA . 0.64 23.31 14.55
C11 PCW DA . -6.06 22.93 8.03
C12 PCW DA . -7.20 23.48 7.23
C13 PCW DA . -7.82 22.33 6.37
C14 PCW DA . -9.00 22.74 5.50
C15 PCW DA . -10.06 21.65 5.20
C16 PCW DA . -11.33 22.26 4.49
C17 PCW DA . -12.36 21.26 3.87
C18 PCW DA . -13.14 20.46 4.93
C19 PCW DA . -13.34 18.98 4.52
C20 PCW DA . -14.50 18.54 3.90
C21 PCW DA . -15.74 19.23 3.47
C22 PCW DA . -16.25 18.50 2.20
C23 PCW DA . -16.43 19.34 0.91
C24 PCW DA . -15.19 19.67 0.13
C25 PCW DA . -14.41 20.99 0.42
C26 PCW DA . -14.95 22.25 -0.24
C27 PCW DA . -13.94 23.18 -0.95
C28 PCW DA . -14.48 24.60 -0.98
C31 PCW DA . -4.35 20.35 5.90
C32 PCW DA . -4.16 20.19 4.39
C33 PCW DA . -5.32 20.84 3.51
C34 PCW DA . -6.59 19.98 3.48
C35 PCW DA . -6.86 19.69 1.96
C36 PCW DA . -8.09 20.47 1.44
C37 PCW DA . -8.44 20.25 -0.07
C38 PCW DA . -7.73 21.24 -0.94
C39 PCW DA . -8.03 21.05 -2.40
C40 PCW DA . -7.48 21.73 -3.41
C41 PCW DA . -6.45 22.81 -3.25
C42 PCW DA . -5.35 22.65 -4.41
C43 PCW DA . -5.50 23.50 -5.66
C44 PCW DA . -4.33 23.15 -6.57
C45 PCW DA . -4.48 23.54 -8.01
C46 PCW DA . -4.17 22.42 -8.98
C47 PCW DA . -5.25 21.39 -9.15
C48 PCW DA . -4.82 20.30 -10.15
N PCW DA . -0.69 23.43 13.89
O2 PCW DA . -3.34 21.11 6.36
O3 PCW DA . -4.87 23.28 7.43
O11 PCW DA . -6.15 22.30 9.05
O31 PCW DA . -5.28 19.84 6.59
O1P PCW DA . 0.73 20.65 9.74
O2P PCW DA . 1.25 22.93 8.89
O3P PCW DA . -0.90 21.73 8.14
O4P PCW DA . -0.63 22.69 10.37
P PCW DA . 0.18 21.99 9.30
C1 PCW EA . 8.44 7.88 -6.60
C2 PCW EA . 8.00 7.73 -8.10
C3 PCW EA . 6.57 8.36 -8.29
C4 PCW EA . 13.31 7.52 -5.99
C5 PCW EA . 14.03 8.85 -5.73
C6 PCW EA . 16.06 9.51 -7.12
C7 PCW EA . 13.95 10.73 -7.36
C8 PCW EA . 15.02 10.63 -5.87
C11 PCW EA . 5.92 6.99 -10.17
C12 PCW EA . 5.53 7.10 -11.62
C13 PCW EA . 6.71 7.85 -12.37
C14 PCW EA . 6.49 8.06 -13.87
C15 PCW EA . 7.07 9.39 -14.46
C16 PCW EA . 5.95 10.24 -15.13
C17 PCW EA . 4.92 10.96 -14.19
C18 PCW EA . 3.48 10.42 -14.32
C19 PCW EA . 2.48 11.46 -14.88
C20 PCW EA . 1.20 11.12 -15.25
C21 PCW EA . 0.47 9.83 -15.24
C22 PCW EA . -0.91 10.09 -15.92
C23 PCW EA . -2.18 9.81 -15.09
C24 PCW EA . -2.76 8.44 -15.17
C25 PCW EA . -2.46 7.36 -14.09
C26 PCW EA . -2.40 7.84 -12.65
C27 PCW EA . -3.48 7.34 -11.67
C28 PCW EA . -2.85 6.48 -10.60
C31 PCW EA . 9.80 7.69 -9.64
C32 PCW EA . 10.67 8.59 -10.52
C33 PCW EA . 11.53 7.84 -11.64
C34 PCW EA . 10.69 6.92 -12.54
C35 PCW EA . 10.79 7.57 -13.99
C36 PCW EA . 11.57 6.67 -14.98
C37 PCW EA . 11.72 7.23 -16.43
C38 PCW EA . 10.45 7.10 -17.22
C39 PCW EA . 10.57 7.63 -18.64
C40 PCW EA . 10.29 6.98 -19.76
C41 PCW EA . 9.79 5.55 -19.80
C42 PCW EA . 8.52 5.49 -20.78
C43 PCW EA . 7.74 4.19 -20.87
C44 PCW EA . 6.61 4.42 -21.86
C45 PCW EA . 6.27 3.23 -22.74
C46 PCW EA . 4.99 3.39 -23.51
C47 PCW EA . 4.19 2.14 -23.75
C48 PCW EA . 2.91 2.44 -24.54
N PCW EA . 14.62 9.56 -6.83
O2 PCW EA . 8.92 8.47 -9.00
O3 PCW EA . 6.16 8.23 -9.66
O11 PCW EA . 6.01 5.96 -9.56
O31 PCW EA . 9.90 6.43 -9.54
O1P PCW EA . 11.27 9.15 -7.23
O2P PCW EA . 10.44 9.38 -4.90
O3P PCW EA . 9.76 7.36 -6.32
O4P PCW EA . 11.99 7.63 -5.38
P PCW EA . 10.87 8.47 -5.97
C1 PCW FA . 8.93 13.53 -4.03
C2 PCW FA . 8.23 13.24 -5.41
C3 PCW FA . 8.54 11.76 -5.87
C4 PCW FA . 9.45 16.55 -0.78
C5 PCW FA . 9.17 16.51 0.72
C6 PCW FA . 9.24 18.61 2.17
C7 PCW FA . 7.11 17.52 1.66
C8 PCW FA . 8.52 16.83 2.63
C11 PCW FA . 8.47 12.00 -8.27
C12 PCW FA . 7.66 11.60 -9.47
C13 PCW FA . 6.41 12.53 -9.54
C14 PCW FA . 5.46 12.25 -10.71
C15 PCW FA . 4.40 11.13 -10.45
C16 PCW FA . 2.96 11.75 -10.37
C17 PCW FA . 2.10 11.43 -9.10
C18 PCW FA . 0.71 12.05 -9.12
C19 PCW FA . -0.39 11.13 -8.53
C20 PCW FA . -1.72 11.21 -8.94
C21 PCW FA . -2.41 12.08 -9.92
C22 PCW FA . -3.40 11.18 -10.72
C23 PCW FA . -3.78 11.65 -12.15
C24 PCW FA . -5.21 11.50 -12.56
C25 PCW FA . -5.61 10.59 -13.75
C26 PCW FA . -6.82 9.71 -13.55
C27 PCW FA . -6.66 8.20 -13.85
C28 PCW FA . -8.01 7.58 -14.14
C31 PCW FA . 6.21 14.29 -6.05
C32 PCW FA . 4.70 14.31 -5.80
C33 PCW FA . 3.80 13.99 -7.10
C34 PCW FA . 2.54 14.84 -7.19
C35 PCW FA . 2.93 16.11 -8.06
C36 PCW FA . 2.73 15.86 -9.58
C37 PCW FA . 3.09 17.05 -10.52
C38 PCW FA . 2.17 17.13 -11.69
C39 PCW FA . 2.49 18.28 -12.62
C40 PCW FA . 1.96 18.49 -13.83
C41 PCW FA . 0.94 17.59 -14.49
C42 PCW FA . -0.15 18.51 -15.19
C43 PCW FA . -1.34 17.83 -15.83
C44 PCW FA . -2.22 18.92 -16.41
C45 PCW FA . -3.70 18.65 -16.33
C46 PCW FA . -4.15 17.53 -17.22
C47 PCW FA . -5.47 16.89 -16.90
C48 PCW FA . -5.79 15.76 -17.90
N PCW FA . 8.52 17.61 1.36
O2 PCW FA . 6.75 13.36 -5.28
O3 PCW FA . 7.90 11.50 -7.14
O11 PCW FA . 9.48 12.67 -8.31
O31 PCW FA . 6.83 15.05 -6.86
O1P PCW FA . 9.48 16.23 -3.66
O2P PCW FA . 7.01 16.51 -3.41
O3P PCW FA . 8.08 14.18 -3.06
O4P PCW FA . 8.29 15.99 -1.46
P PCW FA . 8.23 15.78 -2.95
C1 PCW GA . 1.14 -4.06 6.57
C2 PCW GA . -0.25 -3.72 5.91
C3 PCW GA . -0.24 -4.05 4.37
C4 PCW GA . 3.41 -1.15 7.20
C5 PCW GA . 4.88 -0.97 6.78
C6 PCW GA . 5.48 0.34 8.89
C7 PCW GA . 7.23 -0.43 7.34
C8 PCW GA . 5.88 0.79 7.01
C11 PCW GA . -1.88 -2.43 3.67
C12 PCW GA . -3.22 -2.33 3.00
C13 PCW GA . -4.29 -3.02 3.92
C14 PCW GA . -5.71 -2.99 3.38
C15 PCW GA . -6.70 -4.02 4.01
C16 PCW GA . -8.14 -3.82 3.45
C17 PCW GA . -8.36 -4.16 1.94
C18 PCW GA . -9.54 -3.42 1.31
C19 PCW GA . -10.69 -4.38 0.92
C20 PCW GA . -12.00 -3.95 0.88
C21 PCW GA . -12.64 -2.64 1.15
C22 PCW GA . -14.09 -2.70 0.59
C23 PCW GA . -14.52 -1.60 -0.41
C24 PCW GA . -15.22 -2.05 -1.65
C25 PCW GA . -16.23 -3.23 -1.62
C26 PCW GA . -17.36 -3.19 -2.65
C27 PCW GA . -17.62 -4.45 -3.49
C28 PCW GA . -17.95 -4.06 -4.91
C31 PCW GA . -1.92 -3.99 7.57
C32 PCW GA . -3.02 -4.96 8.07
C33 PCW GA . -4.18 -5.29 7.02
C34 PCW GA . -4.09 -6.69 6.44
C35 PCW GA . -3.27 -6.54 5.08
C36 PCW GA . -4.01 -7.18 3.88
C37 PCW GA . -3.26 -7.07 2.52
C38 PCW GA . -3.72 -8.11 1.55
C39 PCW GA . -3.01 -8.02 0.23
C40 PCW GA . -3.32 -7.23 -0.81
C41 PCW GA . -4.47 -6.24 -0.81
C42 PCW GA . -5.76 -6.98 -1.37
C43 PCW GA . -6.99 -7.06 -0.47
C44 PCW GA . -8.06 -7.80 -1.25
C45 PCW GA . -9.48 -7.40 -0.92
C46 PCW GA . -10.37 -7.29 -2.12
C47 PCW GA . -10.90 -8.58 -2.71
C48 PCW GA . -11.80 -8.32 -3.91
N PCW GA . 5.84 -0.51 7.73
O2 PCW GA . -1.33 -4.55 6.52
O3 PCW GA . -1.52 -3.74 3.78
O11 PCW GA . -1.23 -1.50 4.04
O31 PCW GA . -1.64 -2.87 8.09
O1P PCW GA . 2.14 -2.14 9.60
O2P PCW GA . 3.47 -4.18 9.09
O3P PCW GA . 1.18 -3.84 7.99
O4P PCW GA . 3.19 -2.56 7.36
P PCW GA . 2.53 -3.17 8.58
C1 PCW HA . 1.14 -6.96 2.00
C2 PCW HA . 1.25 -5.90 0.84
C3 PCW HA . 0.25 -6.24 -0.32
C4 PCW HA . 5.06 -5.95 4.15
C5 PCW HA . 6.00 -5.69 2.97
C6 PCW HA . 5.10 -6.01 0.61
C7 PCW HA . 5.75 -3.79 1.38
C8 PCW HA . 6.83 -5.26 1.15
C11 PCW HA . 1.33 -5.46 -2.31
C12 PCW HA . 1.26 -4.34 -3.32
C13 PCW HA . 0.67 -4.95 -4.65
C14 PCW HA . 0.51 -3.97 -5.82
C15 PCW HA . -0.27 -4.51 -7.05
C16 PCW HA . -1.81 -4.55 -6.78
C17 PCW HA . -2.43 -5.93 -6.36
C18 PCW HA . -3.81 -6.19 -6.96
C19 PCW HA . -3.97 -7.63 -7.49
C20 PCW HA . -4.29 -7.90 -8.81
C21 PCW HA . -4.56 -7.02 -9.97
C22 PCW HA . -6.07 -6.65 -9.92
C23 PCW HA . -7.08 -7.74 -10.35
C24 PCW HA . -7.98 -8.30 -9.29
C25 PCW HA . -9.42 -7.76 -9.10
C26 PCW HA . -10.45 -8.71 -8.54
C27 PCW HA . -11.91 -8.54 -9.01
C28 PCW HA . -12.19 -9.48 -10.16
C31 PCW HA . 1.76 -3.57 1.05
C32 PCW HA . 1.24 -2.26 1.64
C33 PCW HA . 0.12 -1.51 0.78
C34 PCW HA . 0.49 -0.08 0.40
C35 PCW HA . -0.15 0.16 -1.03
C36 PCW HA . 0.42 -0.80 -2.11
C37 PCW HA . -0.17 -0.62 -3.55
C38 PCW HA . -1.40 -1.42 -3.75
C39 PCW HA . -1.98 -1.25 -5.14
C40 PCW HA . -3.25 -1.33 -5.50
C41 PCW HA . -4.40 -1.63 -4.54
C42 PCW HA . -5.64 -2.11 -5.40
C43 PCW HA . -6.93 -1.29 -5.35
C44 PCW HA . -7.93 -1.98 -6.26
C45 PCW HA . -9.33 -1.43 -6.19
C46 PCW HA . -9.79 -0.80 -7.49
C47 PCW HA . -10.89 0.23 -7.38
C48 PCW HA . -11.26 0.78 -8.76
N PCW HA . 5.47 -5.16 1.74
O2 PCW HA . 0.88 -4.54 1.36
O3 PCW HA . 0.36 -5.27 -1.37
O11 PCW HA . 2.11 -6.37 -2.34
O31 PCW HA . 2.82 -3.71 0.36
O1P PCW HA . 2.19 -6.01 4.42
O2P PCW HA . 2.55 -8.44 4.81
O3P PCW HA . 2.41 -7.51 2.41
O4P PCW HA . 4.33 -7.15 3.83
P PCW HA . 2.82 -7.27 3.94
C1 PCW IA . -3.36 1.74 11.50
C2 PCW IA . -4.87 1.29 11.59
C3 PCW IA . -5.39 1.40 13.06
C4 PCW IA . -2.34 4.87 13.10
C5 PCW IA . -3.22 5.99 13.69
C6 PCW IA . -2.02 6.28 15.77
C7 PCW IA . -3.99 5.04 15.75
C8 PCW IA . -4.19 7.29 15.54
C11 PCW IA . -7.65 1.79 13.71
C12 PCW IA . -9.03 1.16 13.65
C13 PCW IA . -9.16 0.15 14.84
C14 PCW IA . -10.49 -0.61 14.93
C15 PCW IA . -11.77 0.21 14.52
C16 PCW IA . -13.00 -0.74 14.36
C17 PCW IA . -13.44 -1.58 15.61
C18 PCW IA . -14.92 -1.43 15.95
C19 PCW IA . -15.25 -1.83 17.41
C20 PCW IA . -16.53 -1.85 17.90
C21 PCW IA . -17.84 -1.55 17.28
C22 PCW IA . -18.43 -2.90 16.77
C23 PCW IA . -19.96 -2.97 16.50
C24 PCW IA . -20.37 -3.59 15.19
C25 PCW IA . -21.86 -3.96 14.92
C26 PCW IA . -22.15 -5.43 14.63
C27 PCW IA . -22.30 -5.86 13.16
C28 PCW IA . -23.63 -5.42 12.61
C31 PCW IA . -6.60 1.53 9.98
C32 PCW IA . -7.39 2.56 9.17
C33 PCW IA . -8.95 2.65 9.52
C34 PCW IA . -9.69 3.67 8.67
C35 PCW IA . -10.78 2.84 7.87
C36 PCW IA . -12.04 3.65 7.56
C37 PCW IA . -13.16 2.88 6.77
C38 PCW IA . -14.39 3.71 6.58
C39 PCW IA . -15.47 2.98 5.82
C40 PCW IA . -16.47 2.28 6.34
C41 PCW IA . -16.70 2.08 7.83
C42 PCW IA . -18.26 2.19 8.12
C43 PCW IA . -18.91 3.57 8.10
C44 PCW IA . -20.39 3.38 8.41
C45 PCW IA . -21.21 2.73 7.33
C46 PCW IA . -22.53 2.21 7.82
C47 PCW IA . -23.04 0.93 7.19
C48 PCW IA . -24.40 0.53 7.79
N PCW IA . -3.35 6.14 15.11
O2 PCW IA . -5.72 2.17 10.74
O3 PCW IA . -6.76 0.98 13.11
O11 PCW IA . -7.41 2.85 14.21
O31 PCW IA . -6.76 0.27 9.91
O1P PCW IA . -0.77 3.16 11.32
O2P PCW IA . -1.71 4.65 9.55
O3P PCW IA . -3.05 2.63 10.41
O4P PCW IA . -2.76 4.67 11.72
P PCW IA . -1.99 3.79 10.73
C1 PCW JA . 12.97 14.75 -9.12
C2 PCW JA . 12.67 16.18 -9.70
C3 PCW JA . 13.25 16.30 -11.15
C4 PCW JA . 11.94 16.52 -5.12
C5 PCW JA . 12.19 18.02 -5.04
C6 PCW JA . 11.54 20.37 -5.76
C7 PCW JA . 9.84 18.62 -5.59
C8 PCW JA . 10.85 19.35 -4.23
C11 PCW JA . 13.99 18.36 -12.15
C12 PCW JA . 13.46 19.67 -12.66
C13 PCW JA . 13.74 19.73 -14.22
C14 PCW JA . 13.25 21.02 -14.91
C15 PCW JA . 12.66 20.84 -16.34
C16 PCW JA . 11.64 21.99 -16.66
C17 PCW JA . 10.47 22.23 -15.64
C18 PCW JA . 9.10 21.81 -16.18
C19 PCW JA . 8.44 22.91 -17.04
C20 PCW JA . 7.37 22.64 -17.88
C21 PCW JA . 6.62 21.40 -18.19
C22 PCW JA . 5.21 21.84 -18.69
C23 PCW JA . 4.45 20.87 -19.64
C24 PCW JA . 4.39 21.25 -21.08
C25 PCW JA . 3.53 20.44 -22.10
C26 PCW JA . 2.15 20.97 -22.38
C27 PCW JA . 1.12 20.00 -23.01
C28 PCW JA . 0.29 20.72 -24.05
C31 PCW JA . 10.76 17.49 -9.21
C32 PCW JA . 9.23 17.56 -9.42
C33 PCW JA . 8.72 18.47 -10.62
C34 PCW JA . 9.54 18.34 -11.91
C35 PCW JA . 8.97 17.07 -12.66
C36 PCW JA . 7.76 17.40 -13.55
C37 PCW JA . 7.15 16.18 -14.32
C38 PCW JA . 5.72 15.96 -13.94
C39 PCW JA . 5.10 14.80 -14.67
C40 PCW JA . 4.28 14.86 -15.72
C41 PCW JA . 3.83 16.16 -16.36
C42 PCW JA . 2.52 15.87 -17.20
C43 PCW JA . 2.13 16.84 -18.30
C44 PCW JA . 0.84 16.32 -18.91
C45 PCW JA . -0.10 17.37 -19.42
C46 PCW JA . -0.62 17.13 -20.80
C47 PCW JA . -1.87 17.89 -21.19
C48 PCW JA . -2.30 17.55 -22.62
N PCW JA . 11.25 18.93 -5.61
O2 PCW JA . 11.20 16.39 -9.81
O3 PCW JA . 12.97 17.60 -11.69
O11 PCW JA . 15.14 18.02 -12.16
O31 PCW JA . 11.46 18.34 -8.58
O1P PCW JA . 12.18 13.64 -5.57
O2P PCW JA . 14.35 14.30 -6.61
O3P PCW JA . 12.17 14.39 -7.97
O4P PCW JA . 12.71 16.02 -6.23
P PCW JA . 12.89 14.54 -6.55
C1 17F KA . 10.57 -19.11 -0.92
N1 17F KA . 12.18 -21.03 -0.99
O1 17F KA . 10.02 -21.66 1.89
P1 17F KA . 9.59 -20.74 0.75
C2 17F KA . 11.73 -19.81 -1.64
O2 17F KA . 9.05 -19.74 1.73
C3 17F KA . 12.92 -18.85 -1.79
O3 17F KA . 10.46 -19.52 0.40
C4 17F KA . 7.57 -19.90 -0.72
O4 17F KA . 12.78 -17.75 -2.31
C5 17F KA . 6.04 -20.00 -0.99
O5 17F KA . 14.11 -19.14 -1.37
C6 17F KA . 5.54 -18.60 -1.42
O6 17F KA . 8.04 -20.72 0.35
C7 17F KA . 3.74 -18.62 -2.92
O7 17F KA . 4.15 -18.53 -1.69
C8 17F KA . 2.21 -18.36 -2.92
O8 17F KA . 4.36 -18.76 -3.95
C9 17F KA . 1.90 -16.90 -2.53
O9 17F KA . 5.72 -20.99 -1.97
C10 17F KA . 0.38 -16.47 -2.48
O10 17F KA . 4.34 -22.09 -0.48
C11 17F KA . 0.17 -15.02 -1.94
C12 17F KA . -1.35 -14.58 -1.89
C17 17F KA . 4.69 -21.75 -1.62
C18 17F KA . 3.91 -22.25 -2.83
C19 17F KA . 2.37 -22.24 -2.68
C20 17F KA . 1.64 -22.93 -3.90
C1X 17F KA . -1.44 -13.15 -1.35
C1Y 17F KA . 0.10 -22.91 -3.72
C1Z 17F KA . -0.55 -24.13 -4.40
C2X 17F KA . -2.95 -12.62 -1.25
C21 17F KA . -3.06 -11.13 -1.73
C22 17F KA . -3.84 -10.73 -2.67
C23 17F KA . -4.77 -11.53 -3.47
C24 17F KA . -6.23 -11.39 -3.06
C25 17F KA . -7.23 -12.20 -3.85
C26 17F KA . -8.48 -11.38 -4.42
C27 17F KA . -9.47 -12.22 -5.21
C28 17F KA . -10.62 -11.25 -5.70
C29 17F KA . -11.89 -12.00 -5.65
C30 17F KA . -13.09 -11.21 -6.09
C31 17F KA . -1.26 -25.18 -3.46
C32 17F KA . -1.91 -26.41 -4.17
C33 17F KA . -1.54 -27.67 -3.39
C34 17F KA . -1.93 -28.91 -3.71
C35 17F KA . -2.80 -29.31 -4.88
C36 17F KA . -3.76 -30.51 -4.61
C37 17F KA . -5.14 -30.11 -5.00
C38 17F KA . -6.00 -31.25 -5.61
C39 17F KA . -7.41 -30.75 -5.98
C40 17F KA . -8.03 -31.65 -7.05
C41 17F KA . -9.59 -31.84 -6.78
C42 17F KA . -10.50 -32.22 -7.96
C1 17F LA . -1.16 12.37 12.60
N1 17F LA . -1.29 14.49 13.92
O1 17F LA . -3.41 10.52 14.97
P1 17F LA . -2.73 10.63 13.62
C2 17F LA . -0.42 13.50 13.32
O2 17F LA . -1.48 9.81 13.42
C3 17F LA . 0.54 14.20 12.33
O3 17F LA . -2.36 12.10 13.26
C4 17F LA . -3.27 10.25 11.07
O4 17F LA . 1.38 13.54 11.71
C5 17F LA . -4.36 9.80 10.05
O5 17F LA . 0.51 15.47 12.11
C6 17F LA . -4.71 8.32 10.28
O6 17F LA . -3.70 10.20 12.44
C7 17F LA . -5.67 6.62 8.99
O7 17F LA . -5.71 7.86 9.37
C8 17F LA . -6.88 6.38 8.06
O8 17F LA . -4.91 5.72 9.28
C9 17F LA . -6.51 5.61 6.77
O9 17F LA . -5.54 10.62 10.09
C10 17F LA . -7.70 5.35 5.76
O10 17F LA . -4.63 12.73 9.83
C11 17F LA . -7.26 5.17 4.26
C12 17F LA . -8.49 4.92 3.31
C17 17F LA . -5.36 11.78 9.49
C18 17F LA . -6.19 11.92 8.23
C19 17F LA . -5.45 12.56 7.03
C20 17F LA . -6.39 12.76 5.78
C1X 17F LA . -8.02 4.78 1.86
C1Y 17F LA . -5.61 13.39 4.60
C1Z 17F LA . -6.54 14.17 3.66
C2X 17F LA . -9.24 4.54 0.84
C21 17F LA . -9.20 3.14 0.15
C22 17F LA . -10.20 2.61 -0.46
C23 17F LA . -11.55 3.19 -0.62
C24 17F LA . -12.63 2.50 0.21
C25 17F LA . -14.03 3.07 0.09
C26 17F LA . -14.66 3.64 1.44
C27 17F LA . -16.06 4.20 1.30
C28 17F LA . -16.50 4.71 2.72
C29 17F LA . -17.86 4.21 3.00
C30 17F LA . -18.41 4.62 4.33
C31 17F LA . -7.34 15.36 4.28
C32 17F LA . -8.26 16.14 3.32
C33 17F LA . -9.72 15.97 3.75
C34 17F LA . -10.76 16.52 3.13
C35 17F LA . -10.73 17.39 1.90
C36 17F LA . -11.92 17.19 0.93
C37 17F LA . -11.39 17.05 -0.45
C38 17F LA . -11.54 15.63 -1.08
C39 17F LA . -10.98 15.58 -2.51
C40 17F LA . -10.04 14.39 -2.67
C41 17F LA . -10.84 13.03 -2.74
C42 17F LA . -10.11 11.71 -2.49
C1 17F MA . 4.63 -16.57 5.01
N1 17F MA . 5.48 -14.21 5.02
O1 17F MA . 1.97 -15.54 7.01
P1 17F MA . 2.26 -16.53 5.91
C2 17F MA . 5.64 -15.55 5.58
O2 17F MA . 2.66 -17.92 6.34
C3 17F MA . 7.06 -16.04 5.33
O3 17F MA . 3.36 -16.04 4.93
C4 17F MA . 1.09 -17.66 3.85
O4 17F MA . 7.42 -17.16 5.72
C5 17F MA . -0.22 -17.74 3.02
O5 17F MA . 7.95 -15.35 4.71
C6 17F MA . -1.02 -19.01 3.44
O6 17F MA . 1.02 -16.76 4.96
C7 17F MA . -2.80 -20.33 2.70
O7 17F MA . -2.23 -19.16 2.71
C8 17F MA . -4.07 -20.28 1.82
O8 17F MA . -2.46 -21.37 3.23
C9 17F MA . -3.93 -19.40 0.55
O9 17F MA . -1.03 -16.57 3.12
C10 17F MA . -5.20 -19.35 -0.39
O10 17F MA . -1.22 -16.44 0.84
C11 17F MA . -5.48 -20.69 -1.15
C12 17F MA . -6.74 -20.64 -2.09
C17 17F MA . -1.17 -15.96 1.98
C18 17F MA . -1.27 -14.46 2.12
C19 17F MA . -2.72 -13.92 2.32
C20 17F MA . -3.44 -14.60 3.53
C1X 17F MA . -6.90 -22.00 -2.77
C1Y 17F MA . -4.88 -14.05 3.69
C1Z 17F MA . -5.82 -14.72 2.70
C2X 17F MA . -8.16 -22.06 -3.76
C21 17F MA . -8.10 -23.34 -4.67
C22 17F MA . -8.95 -23.65 -5.58
C23 17F MA . -10.16 -22.93 -6.00
C24 17F MA . -11.04 -23.70 -6.97
C25 17F MA . -12.31 -23.01 -7.46
C26 17F MA . -13.12 -23.77 -8.61
C27 17F MA . -14.38 -23.08 -9.07
C28 17F MA . -15.03 -23.97 -10.20
C29 17F MA . -16.44 -23.57 -10.39
C30 17F MA . -17.17 -24.36 -11.44
C31 17F MA . -6.64 -15.95 3.23
C32 17F MA . -7.59 -16.62 2.21
C33 17F MA . -7.46 -18.14 2.33
C34 17F MA . -8.12 -19.03 1.59
C35 17F MA . -9.14 -18.74 0.51
C36 17F MA . -10.50 -19.47 0.68
C37 17F MA . -10.38 -20.85 0.13
C38 17F MA . -9.83 -21.91 1.13
C39 17F MA . -9.73 -23.31 0.49
C40 17F MA . -10.51 -24.33 1.32
C41 17F MA . -11.90 -24.64 0.64
C42 17F MA . -13.04 -23.62 0.77
C1 17F NA . -7.86 -10.30 24.68
N1 17F NA . -7.89 -7.94 25.52
O1 17F NA . -10.21 -12.34 23.44
P1 17F NA . -9.22 -11.37 22.84
C2 17F NA . -7.11 -8.97 24.88
O2 17F NA . -7.88 -11.95 22.42
C3 17F NA . -6.60 -8.46 23.51
O3 17F NA . -8.90 -10.17 23.77
C4 17F NA . -9.03 -9.74 20.78
O4 17F NA . -5.91 -9.17 22.79
C5 17F NA . -9.77 -9.16 19.52
O5 17F NA . -6.88 -7.28 23.08
C6 17F NA . -8.83 -9.27 18.29
O6 17F NA . -9.80 -10.68 21.53
C7 17F NA . -8.79 -7.87 16.43
O7 17F NA . -9.43 -8.77 17.10
C8 17F NA . -9.62 -7.51 15.18
O8 17F NA . -7.72 -7.34 16.65
C9 17F NA . -8.74 -7.43 13.90
O9 17F NA . -11.04 -9.81 19.28
C10 17F NA . -9.49 -7.08 12.55
O10 17F NA . -12.03 -7.75 18.87
C11 17F NA . -8.57 -7.10 11.27
C12 17F NA . -9.36 -6.74 9.97
C17 17F NA . -11.93 -8.98 18.74
C18 17F NA . -12.90 -9.72 17.85
C19 17F NA . -14.37 -9.74 18.35
C20 17F NA . -15.38 -10.12 17.21
C1X 17F NA . -8.43 -6.78 8.75
C1Y 17F NA . -16.83 -10.14 17.74
C1Z 17F NA . -17.85 -10.11 16.59
C2X 17F NA . -9.20 -6.42 7.38
C21 17F NA . -8.48 -6.97 6.11
C22 17F NA . -8.91 -7.98 5.42
C23 17F NA . -10.12 -8.77 5.65
C24 17F NA . -10.13 -10.13 4.96
C25 17F NA . -11.35 -10.98 5.19
C26 17F NA . -12.29 -11.20 3.91
C27 17F NA . -13.51 -12.04 4.15
C28 17F NA . -14.28 -12.14 2.78
C29 17F NA . -15.19 -13.31 2.84
C30 17F NA . -15.99 -13.52 1.59
C31 17F NA . -19.11 -11.03 16.76
C32 17F NA . -20.13 -10.99 15.59
C33 17F NA . -20.65 -9.57 15.43
C34 17F NA . -21.55 -9.18 14.52
C35 17F NA . -22.24 -10.05 13.50
C36 17F NA . -23.46 -9.38 12.79
C37 17F NA . -24.61 -9.35 13.74
C38 17F NA . -25.67 -8.25 13.44
C39 17F NA . -26.82 -8.27 14.46
C40 17F NA . -26.99 -6.90 15.11
C41 17F NA . -28.12 -6.92 16.21
C42 17F NA . -27.90 -6.15 17.51
C1 17F OA . -4.96 10.06 20.48
N1 17F OA . -6.56 8.56 19.25
O1 17F OA . -4.92 12.70 21.67
P1 17F OA . -6.25 12.05 21.38
C2 17F OA . -5.26 9.21 19.23
O2 17F OA . -7.30 12.17 22.46
C3 17F OA . -4.16 8.15 19.04
O3 17F OA . -6.14 10.54 21.06
C4 17F OA . -8.18 12.20 19.59
O4 17F OA . -2.97 8.47 19.00
C5 17F OA . -8.64 12.94 18.30
O5 17F OA . -4.41 6.89 18.95
C6 17F OA . -7.99 12.30 17.05
O6 17F OA . -6.92 12.66 20.08
C7 17F OA . -7.70 12.73 14.78
O7 17F OA . -8.38 12.95 15.86
C8 17F OA . -8.28 13.60 13.64
O8 17F OA . -6.74 12.03 14.60
C9 17F OA . -7.99 15.11 13.83
O9 17F OA . -10.07 12.99 18.18
C10 17F OA . -8.55 16.06 12.71
O10 17F OA . -9.99 15.28 18.45
C11 17F OA . -10.12 16.10 12.59
C12 17F OA . -10.60 17.07 11.46
C17 17F OA . -10.52 14.22 18.09
C18 17F OA . -11.89 14.27 17.44
C19 17F OA . -13.07 14.37 18.42
C20 17F OA . -14.39 13.76 17.84
C1X 17F OA . -12.13 17.08 11.36
C1Y 17F OA . -15.56 13.87 18.84
C1Z 17F OA . -16.83 14.35 18.14
C2X 17F OA . -12.67 18.06 10.20
C21 17F OA . -12.02 17.76 8.80
C22 17F OA . -12.06 16.62 8.18
C23 17F OA . -12.70 15.36 8.61
C24 17F OA . -14.22 15.40 8.62
C25 17F OA . -14.93 14.14 9.05
C26 17F OA . -16.45 14.34 9.49
C27 17F OA . -17.15 13.07 9.92
C28 17F OA . -18.63 13.45 10.32
C29 17F OA . -19.57 12.81 9.38
C30 17F OA . -21.01 13.08 9.64
C31 17F OA . -17.94 13.27 17.84
C32 17F OA . -19.20 13.79 17.12
C33 17F OA . -19.03 13.57 15.62
C34 17F OA . -19.93 13.90 14.70
C35 17F OA . -21.27 14.55 14.94
C36 17F OA . -21.36 16.04 14.51
C37 17F OA . -22.64 16.61 15.01
C38 17F OA . -22.50 17.61 16.18
C39 17F OA . -23.88 18.15 16.64
C40 17F OA . -23.70 19.45 17.42
C41 17F OA . -24.21 19.29 18.90
C42 17F OA . -23.43 19.98 20.04
C1 17F PA . 1.35 -19.60 9.92
N1 17F PA . 3.71 -19.76 9.14
O1 17F PA . -1.52 -17.15 10.05
P1 17F PA . -0.85 -18.45 10.44
C2 17F PA . 2.66 -18.87 9.62
O2 17F PA . -0.25 -18.51 11.82
C3 17F PA . 3.15 -18.14 10.88
O3 17F PA . 0.26 -18.87 9.45
C4 17F PA . -1.47 -20.98 10.71
O4 17F PA . 2.43 -17.34 11.46
C5 17F PA . -2.60 -22.05 10.60
O5 17F PA . 4.32 -18.34 11.38
C6 17F PA . -2.79 -22.75 11.97
O6 17F PA . -1.87 -19.66 10.38
C7 17F PA . -4.93 -23.53 12.52
O7 17F PA . -3.80 -23.74 11.93
C8 17F PA . -5.80 -24.78 12.27
O8 17F PA . -5.34 -22.59 13.15
C9 17F PA . -7.26 -24.66 12.77
O9 17F PA . -3.84 -21.49 10.12
C10 17F PA . -8.16 -25.93 12.52
O10 17F PA . -3.65 -22.51 8.07
C11 17F PA . -7.79 -26.70 11.20
C12 17F PA . -8.69 -27.96 10.95
C17 17F PA . -4.29 -22.11 9.05
C18 17F PA . -5.78 -22.34 9.12
C19 17F PA . -6.26 -23.67 8.46
C20 17F PA . -7.83 -23.79 8.40
C1X 17F PA . -8.26 -28.64 9.66
C1Y 17F PA . -8.25 -25.14 7.76
C1Z 17F PA . -9.73 -25.08 7.34
C2X 17F PA . -9.12 -29.94 9.32
C21 17F PA . -8.22 -31.12 8.83
C22 17F PA . -8.66 -32.20 8.29
C23 17F PA . -10.07 -32.55 8.00
C24 17F PA . -10.29 -33.99 7.59
C25 17F PA . -11.72 -34.38 7.29
C26 17F PA . -12.22 -34.15 5.79
C27 17F PA . -13.65 -34.55 5.52
C28 17F PA . -13.96 -34.22 4.01
C29 17F PA . -15.01 -35.14 3.53
C30 17F PA . -15.39 -34.95 2.09
C31 17F PA . -10.11 -25.81 6.00
C32 17F PA . -11.60 -25.76 5.60
C33 17F PA . -11.93 -26.94 4.70
C34 17F PA . -13.12 -27.21 4.18
C35 17F PA . -14.38 -26.40 4.37
C36 17F PA . -14.77 -25.51 3.15
C37 17F PA . -16.25 -25.39 3.10
C38 17F PA . -16.78 -24.47 1.98
C39 17F PA . -18.32 -24.40 1.99
C40 17F PA . -18.91 -25.59 1.22
C41 17F PA . -20.46 -25.70 1.47
C42 17F PA . -21.11 -27.09 1.43
C1 17F QA . 15.92 -0.32 -7.20
N1 17F QA . 15.70 -0.41 -4.70
O1 17F QA . 13.69 -2.35 -5.69
P1 17F QA . 13.84 -1.75 -7.07
C2 17F QA . 16.62 -0.33 -5.82
O2 17F QA . 14.56 -2.59 -8.10
C3 17F QA . 17.49 0.93 -5.69
O3 17F QA . 14.54 -0.37 -7.07
C4 17F QA . 12.29 -0.86 -9.01
O4 17F QA . 18.33 1.21 -6.53
C5 17F QA . 10.80 -0.63 -9.43
O5 17F QA . 17.38 1.75 -4.70
C6 17F QA . 10.14 -2.01 -9.65
O6 17F QA . 12.42 -1.44 -7.71
C7 17F QA . 8.11 -3.02 -10.12
O7 17F QA . 8.78 -1.91 -10.04
C8 17F QA . 6.66 -2.69 -10.53
O8 17F QA . 8.45 -4.16 -9.90
C9 17F QA . 6.24 -3.40 -11.85
O9 17F QA . 10.07 0.14 -8.47
C10 17F QA . 4.77 -3.14 -12.34
O10 17F QA . 11.15 2.13 -8.85
C11 17F QA . 3.92 -4.44 -12.51
C12 17F QA . 2.44 -4.15 -12.98
C17 17F QA . 10.15 1.43 -8.72
C18 17F QA . 8.78 2.08 -8.80
C19 17F QA . 8.40 2.57 -10.22
C20 17F QA . 6.86 2.40 -10.51
C1X 17F QA . 1.68 -5.47 -13.13
C1Y 17F QA . 6.51 2.90 -11.93
C1Z 17F QA . 6.82 1.82 -12.98
C2X 17F QA . 0.17 -5.27 -13.60
C21 17F QA . -0.83 -6.06 -12.68
C22 17F QA . -2.10 -6.18 -12.90
C23 17F QA . -2.88 -5.61 -14.01
C24 17F QA . -4.16 -6.39 -14.33
C25 17F QA . -5.01 -5.85 -15.47
C26 17F QA . -6.51 -6.40 -15.53
C27 17F QA . -7.34 -5.86 -16.67
C28 17F QA . -8.77 -6.50 -16.57
C29 17F QA . -9.68 -5.79 -17.49
C30 17F QA . -11.10 -6.29 -17.51
C31 17F QA . 5.67 0.81 -13.33
C32 17F QA . 6.02 -0.27 -14.39
C33 17F QA . 4.81 -0.53 -15.27
C34 17F QA . 4.77 -1.40 -16.27
C35 17F QA . 5.89 -2.29 -16.74
C36 17F QA . 5.43 -3.60 -17.44
C37 17F QA . 5.52 -4.73 -16.47
C38 17F QA . 4.28 -5.65 -16.40
C39 17F QA . 4.47 -6.78 -15.38
C40 17F QA . 5.22 -7.96 -16.03
C41 17F QA . 6.68 -8.06 -15.46
C42 17F QA . 7.51 -9.33 -15.74
C1 17F RA . -3.06 -3.30 16.36
N1 17F RA . -4.59 -2.11 17.95
O1 17F RA . -1.39 -2.78 13.89
P1 17F RA . -2.65 -2.00 14.22
C2 17F RA . -4.24 -3.38 17.35
O2 17F RA . -2.64 -0.54 13.86
C3 17F RA . -3.90 -4.40 18.45
O3 17F RA . -3.03 -2.07 15.72
C4 17F RA . -5.21 -2.03 13.63
O4 17F RA . -3.59 -5.56 18.17
C5 17F RA . -6.31 -2.77 12.81
O5 17F RA . -3.96 -4.09 19.70
C6 17F RA . -7.66 -2.70 13.56
O6 17F RA . -3.92 -2.60 13.47
C7 17F RA . -9.48 -2.63 12.09
O7 17F RA . -8.70 -3.34 12.84
C8 17F RA . -10.52 -3.58 11.44
O8 17F RA . -9.49 -1.45 11.86
C9 17F RA . -11.82 -3.73 12.29
O9 17F RA . -6.42 -2.26 11.47
C10 17F RA . -12.91 -4.68 11.68
O10 17F RA . -5.71 -4.02 10.17
C11 17F RA . -13.60 -4.11 10.38
C12 17F RA . -14.68 -5.09 9.80
C17 17F RA . -5.61 -2.88 10.63
C18 17F RA . -4.44 -2.02 10.24
C19 17F RA . -4.35 -1.68 8.72
C20 17F RA . -3.68 -0.28 8.46
C1X 17F RA . -15.32 -4.49 8.54
C1Y 17F RA . -3.61 0.03 6.94
C1Z 17F RA . -4.91 -0.38 6.22
C2X 17F RA . -16.43 -5.46 7.90
C21 17F RA . -16.38 -5.44 6.33
C22 17F RA . -16.04 -6.44 5.60
C23 17F RA . -15.62 -7.79 6.03
C24 17F RA . -16.76 -8.67 6.53
C25 17F RA . -16.38 -10.07 6.98
C26 17F RA . -17.53 -11.18 6.78
C27 17F RA . -17.15 -12.58 7.22
C28 17F RA . -18.39 -13.50 6.94
C29 17F RA . -18.53 -13.71 5.49
C30 17F RA . -19.67 -14.58 5.08
C31 17F RA . -5.86 0.78 5.78
C32 17F RA . -7.16 0.33 5.05
C33 17F RA . -8.23 1.41 5.21
C34 17F RA . -9.45 1.33 4.70
C35 17F RA . -10.03 0.20 3.90
C36 17F RA . -11.39 -0.34 4.42
C37 17F RA . -12.46 0.07 3.49
C38 17F RA . -13.90 -0.15 4.02
C39 17F RA . -14.96 0.31 3.00
C40 17F RA . -16.31 -0.35 3.29
C41 17F RA . -17.50 0.57 2.81
C42 17F RA . -18.09 0.35 1.41
C1 PCW SA . -17.82 -9.26 -26.98
C2 PCW SA . -16.96 -8.95 -25.70
C3 PCW SA . -16.23 -7.57 -25.83
C4 PCW SA . -20.47 -7.13 -28.33
C5 PCW SA . -20.32 -5.62 -28.14
C6 PCW SA . -20.32 -3.30 -29.19
C7 PCW SA . -21.76 -5.06 -30.09
C8 PCW SA . -21.84 -4.28 -28.41
C11 PCW SA . -15.43 -6.03 -24.18
C12 PCW SA . -14.60 -5.97 -22.93
C13 PCW SA . -13.13 -6.38 -23.29
C14 PCW SA . -12.15 -6.35 -22.12
C15 PCW SA . -10.64 -6.49 -22.49
C16 PCW SA . -9.85 -7.22 -21.34
C17 PCW SA . -8.32 -7.46 -21.59
C18 PCW SA . -7.43 -6.99 -20.43
C19 PCW SA . -5.95 -7.32 -20.65
C20 PCW SA . -5.21 -8.04 -19.72
C21 PCW SA . -5.55 -8.64 -18.41
C22 PCW SA . -5.22 -10.15 -18.48
C23 PCW SA . -5.31 -10.95 -17.15
C24 PCW SA . -4.03 -11.57 -16.65
C25 PCW SA . -4.00 -12.38 -15.31
C26 PCW SA . -2.85 -12.07 -14.38
C27 PCW SA . -2.83 -12.81 -13.02
C28 PCW SA . -1.88 -12.12 -12.07
C31 PCW SA . -17.81 -9.95 -23.73
C32 PCW SA . -18.75 -9.71 -22.55
C33 PCW SA . -18.59 -10.75 -21.35
C34 PCW SA . -17.68 -10.24 -20.23
C35 PCW SA . -17.03 -11.55 -19.60
C36 PCW SA . -16.42 -11.31 -18.19
C37 PCW SA . -15.77 -12.55 -17.52
C38 PCW SA . -14.76 -12.19 -16.49
C39 PCW SA . -14.12 -13.39 -15.82
C40 PCW SA . -13.37 -13.41 -14.72
C41 PCW SA . -13.04 -12.17 -13.91
C42 PCW SA . -11.51 -12.26 -13.47
C43 PCW SA . -11.20 -12.77 -12.07
C44 PCW SA . -9.68 -12.75 -11.91
C45 PCW SA . -9.12 -11.50 -11.27
C46 PCW SA . -8.59 -10.49 -12.27
C47 PCW SA . -7.19 -10.74 -12.80
C48 PCW SA . -6.80 -9.64 -13.80
N PCW SA . -20.66 -4.74 -29.21
O2 PCW SA . -17.84 -8.86 -24.50
O3 PCW SA . -15.47 -7.31 -24.65
O11 PCW SA . -16.00 -5.10 -24.68
O31 PCW SA . -17.12 -10.99 -23.94
O1P PCW SA . -21.41 -9.77 -27.54
O2P PCW SA . -20.88 -8.96 -25.24
O3P PCW SA . -19.04 -9.99 -26.71
O4P PCW SA . -19.96 -7.76 -27.12
P PCW SA . -20.41 -9.13 -26.63
C1 PCW TA . -19.91 1.26 -19.55
C2 PCW TA . -18.52 1.18 -18.80
C3 PCW TA . -18.44 -0.12 -17.91
C4 PCW TA . -18.23 0.01 -24.05
C5 PCW TA . -18.57 1.31 -24.76
C6 PCW TA . -18.87 2.56 -26.98
C7 PCW TA . -19.17 0.14 -26.87
C8 PCW TA . -20.17 1.44 -26.04
C11 PCW TA . -16.78 -1.40 -16.71
C12 PCW TA . -15.46 -1.25 -16.02
C13 PCW TA . -14.32 -1.80 -16.97
C14 PCW TA . -12.89 -1.72 -16.40
C15 PCW TA . -12.60 -0.55 -15.40
C16 PCW TA . -11.41 -0.92 -14.46
C17 PCW TA . -10.95 0.16 -13.42
C18 PCW TA . -10.31 -0.43 -12.17
C19 PCW TA . -9.00 -1.20 -12.46
C20 PCW TA . -7.81 -0.93 -11.81
C21 PCW TA . -7.43 0.06 -10.76
C22 PCW TA . -5.92 -0.16 -10.45
C23 PCW TA . -5.51 -0.40 -8.97
C24 PCW TA . -4.78 0.71 -8.27
C25 PCW TA . -5.50 1.63 -7.24
C26 PCW TA . -5.01 3.07 -7.18
C27 PCW TA . -4.67 3.66 -5.80
C28 PCW TA . -3.28 4.24 -5.83
C31 PCW TA . -16.93 2.33 -20.16
C32 PCW TA . -15.80 2.09 -21.18
C33 PCW TA . -14.38 1.75 -20.54
C34 PCW TA . -13.91 2.79 -19.53
C35 PCW TA . -12.82 2.07 -18.64
C36 PCW TA . -12.05 3.06 -17.73
C37 PCW TA . -10.95 2.42 -16.82
C38 PCW TA . -9.58 2.81 -17.25
C39 PCW TA . -8.50 2.19 -16.40
C40 PCW TA . -8.03 2.65 -15.23
C41 PCW TA . -8.51 3.91 -14.53
C42 PCW TA . -9.10 3.51 -13.11
C43 PCW TA . -8.67 4.31 -11.89
C44 PCW TA . -9.39 3.71 -10.69
C45 PCW TA . -8.55 3.60 -9.44
C46 PCW TA . -9.29 3.93 -8.18
C47 PCW TA . -8.85 3.19 -6.94
C48 PCW TA . -9.69 3.62 -5.71
N PCW TA . -18.69 1.32 -26.20
O2 PCW TA . -17.40 1.12 -19.79
O3 PCW TA . -17.17 -0.18 -17.24
O11 PCW TA . -17.41 -2.42 -16.78
O31 PCW TA . -17.33 3.45 -19.74
O1P PCW TA . -21.08 0.84 -22.89
O2P PCW TA . -20.08 -0.84 -22.37
O3P PCW TA . -20.12 0.20 -20.50
O4P PCW TA . -18.50 0.19 -22.62
P PCW TA . -19.85 0.59 -22.05
C1 PCW UA . -27.27 -7.08 -15.14
C2 PCW UA . -25.90 -7.34 -14.38
C3 PCW UA . -25.05 -6.04 -14.35
C4 PCW UA . -27.62 -11.55 -15.37
C5 PCW UA . -27.11 -12.40 -16.54
C6 PCW UA . -25.25 -11.76 -18.17
C7 PCW UA . -24.81 -13.31 -16.33
C8 PCW UA . -25.95 -13.55 -17.76
C11 PCW UA . -22.70 -6.53 -14.40
C12 PCW UA . -21.53 -6.74 -13.49
C13 PCW UA . -20.98 -5.33 -13.06
C14 PCW UA . -19.78 -5.37 -12.12
C15 PCW UA . -18.70 -4.26 -12.35
C16 PCW UA . -17.33 -4.71 -11.74
C17 PCW UA . -16.98 -4.21 -10.30
C18 PCW UA . -17.61 -5.05 -9.18
C19 PCW UA . -16.86 -6.38 -8.94
C20 PCW UA . -15.83 -6.50 -8.03
C21 PCW UA . -15.19 -5.52 -7.11
C22 PCW UA . -13.94 -6.22 -6.51
C23 PCW UA . -12.61 -5.43 -6.46
C24 PCW UA . -12.11 -5.02 -5.11
C25 PCW UA . -11.96 -3.52 -4.74
C26 PCW UA . -11.98 -3.18 -3.26
C27 PCW UA . -10.74 -2.50 -2.66
C28 PCW UA . -11.14 -1.24 -1.92
C31 PCW UA . -25.49 -8.78 -12.53
C32 PCW UA . -25.89 -9.05 -11.07
C33 PCW UA . -24.85 -9.92 -10.22
C34 PCW UA . -24.78 -11.40 -10.63
C35 PCW UA . -23.73 -12.07 -9.67
C36 PCW UA . -22.79 -13.04 -10.42
C37 PCW UA . -21.71 -13.76 -9.54
C38 PCW UA . -20.73 -14.53 -10.37
C39 PCW UA . -19.69 -15.23 -9.55
C40 PCW UA . -18.50 -15.64 -9.97
C41 PCW UA . -18.00 -15.47 -11.39
C42 PCW UA . -16.50 -16.00 -11.47
C43 PCW UA . -15.39 -15.15 -10.86
C44 PCW UA . -14.09 -15.91 -11.10
C45 PCW UA . -13.59 -16.72 -9.93
C46 PCW UA . -12.48 -16.06 -9.16
C47 PCW UA . -11.10 -16.63 -9.36
C48 PCW UA . -10.06 -15.88 -8.52
N PCW UA . -25.72 -12.35 -16.90
O2 PCW UA . -26.18 -7.73 -12.97
O3 PCW UA . -23.82 -6.28 -13.66
O11 PCW UA . -22.66 -6.58 -15.60
O31 PCW UA . -24.62 -9.44 -13.19
O1P PCW UA . -29.89 -9.76 -15.88
O2P PCW UA . -28.24 -8.66 -17.38
O3P PCW UA . -28.29 -8.06 -14.88
O4P PCW UA . -27.39 -10.17 -15.73
P PCW UA . -28.51 -9.17 -16.02
C1 17F VA . -27.03 2.50 -19.10
N1 17F VA . -24.99 3.80 -19.74
O1 17F VA . -26.35 0.03 -17.76
P1 17F VA . -26.57 1.28 -16.93
C2 17F VA . -25.85 2.67 -20.08
O2 17F VA . -27.81 1.30 -16.08
C3 17F VA . -26.37 2.85 -21.52
O3 17F VA . -26.60 2.57 -17.79
C4 17F VA . -25.35 2.62 -15.02
O4 17F VA . -27.12 2.02 -22.02
C5 17F VA . -24.07 2.65 -14.12
O5 17F VA . -26.06 3.86 -22.25
C6 17F VA . -24.45 3.19 -12.72
O6 17F VA . -25.37 1.51 -15.92
C7 17F VA . -23.39 4.10 -10.86
O7 17F VA . -23.34 3.25 -11.84
C8 17F VA . -22.06 3.99 -10.06
O8 17F VA . -24.25 4.87 -10.54
C9 17F VA . -20.89 4.79 -10.70
O9 17F VA . -23.43 1.36 -14.04
C10 17F VA . -19.50 4.75 -9.94
O10 17F VA . -22.54 1.38 -16.17
C11 17F VA . -19.37 3.64 -8.83
C12 17F VA . -17.97 3.67 -8.13
C17 17F VA . -22.48 1.20 -14.94
C18 17F VA . -21.19 0.75 -14.32
C19 17F VA . -19.97 1.66 -14.62
C20 17F VA . -20.06 3.03 -13.86
C1X 17F VA . -17.88 2.58 -7.05
C1Y 17F VA . -18.83 3.90 -14.19
C1Z 17F VA . -18.00 4.17 -12.94
C2X 17F VA . -16.46 2.55 -6.28
C21 17F VA . -15.33 3.30 -7.07
C22 17F VA . -14.40 4.02 -6.53
C23 17F VA . -14.18 4.28 -5.11
C24 17F VA . -13.02 5.22 -4.80
C25 17F VA . -12.77 5.50 -3.33
C26 17F VA . -11.68 6.63 -3.00
C27 17F VA . -11.46 6.88 -1.52
C28 17F VA . -10.39 8.02 -1.40
C29 17F VA . -9.87 8.05 -0.02
C30 17F VA . -8.82 9.10 0.22
C31 17F VA . -16.80 5.18 -13.07
C32 17F VA . -15.99 5.43 -11.77
C33 17F VA . -15.23 6.73 -11.90
C34 17F VA . -14.43 7.25 -10.97
C35 17F VA . -14.12 6.68 -9.61
C36 17F VA . -15.34 6.60 -8.64
C37 17F VA . -15.48 7.90 -7.91
C38 17F VA . -14.64 8.00 -6.62
C39 17F VA . -14.84 9.37 -5.94
C40 17F VA . -13.80 9.57 -4.83
C41 17F VA . -14.28 8.91 -3.49
C42 17F VA . -14.52 9.80 -2.26
PG GNP WA . 31.59 5.72 4.10
O1G GNP WA . 30.41 5.02 3.45
O2G GNP WA . 31.18 6.65 5.19
O3G GNP WA . 32.44 6.52 3.18
N3B GNP WA . 32.61 4.58 4.67
PB GNP WA . 32.47 3.72 6.03
O1B GNP WA . 31.15 3.05 6.12
O2B GNP WA . 32.72 4.64 7.13
O3A GNP WA . 33.59 2.66 6.00
PA GNP WA . 33.68 1.17 5.47
O1A GNP WA . 33.61 1.12 4.00
O2A GNP WA . 32.77 0.29 6.23
O5' GNP WA . 35.12 0.69 5.79
C5' GNP WA . 36.24 1.37 5.17
C4' GNP WA . 37.52 0.72 5.62
O4' GNP WA . 37.53 0.60 7.09
C3' GNP WA . 37.77 -0.68 5.08
O3' GNP WA . 39.11 -0.80 4.64
C2' GNP WA . 37.40 -1.59 6.25
O2' GNP WA . 38.03 -2.85 6.26
C1' GNP WA . 37.77 -0.76 7.47
N9 GNP WA . 36.95 -1.05 8.67
C8 GNP WA . 35.68 -0.61 8.90
N7 GNP WA . 35.19 -1.00 10.03
C5 GNP WA . 36.21 -1.77 10.61
C6 GNP WA . 36.26 -2.48 11.87
O6 GNP WA . 35.42 -2.57 12.74
N1 GNP WA . 37.46 -3.12 12.07
C2 GNP WA . 38.52 -3.12 11.19
N2 GNP WA . 39.59 -3.82 11.58
N3 GNP WA . 38.49 -2.48 10.02
C4 GNP WA . 37.30 -1.82 9.79
MG MG XA . 27.78 2.24 2.49
CAC EWS YA . 12.31 5.63 0.75
CAD EWS YA . 10.99 4.93 0.38
CAE EWS YA . 13.23 5.74 -0.47
CAF EWS YA . 12.53 6.57 -1.56
CAH EWS YA . 10.57 5.15 -1.07
CAI EWS YA . 9.04 4.98 -1.22
CAJ EWS YA . 8.60 5.07 -2.53
CAK EWS YA . 8.70 3.95 -3.39
CAL EWS YA . 8.07 6.31 -2.99
CAM EWS YA . 7.62 6.41 -4.32
CAN EWS YA . 7.72 5.29 -5.16
CAO EWS YA . 8.25 4.06 -4.72
CAQ EWS YA . 14.91 2.45 2.47
CAR EWS YA . 15.33 1.13 2.75
CAS EWS YA . 15.64 0.76 4.08
CAT EWS YA . 15.54 1.73 5.09
CAU EWS YA . 15.14 2.98 4.77
CAV EWS YA . 14.84 3.35 3.49
CAX EWS YA . 14.58 5.07 4.79
CAZ EWS YA . 14.02 5.41 2.54
NAA EWS YA . 12.95 4.92 1.87
NAG EWS YA . 11.06 6.47 -1.57
NAW EWS YA . 14.98 4.06 5.55
OAB EWS YA . 14.58 6.46 2.22
CBA EWS YA . 14.49 4.64 3.53
CLA EWS YA . 7.18 5.43 -6.81
BRA EWS YA . 15.41 -0.14 1.38
HAC EWS YA . 12.07 6.64 1.08
HAD EWS YA . 11.15 3.87 0.50
HAE EWS YA . 10.20 5.33 1.03
HAF EWS YA . 14.11 6.30 -0.16
HAG EWS YA . 13.45 4.74 -0.86
HAI EWS YA . 12.78 7.61 -1.35
HAH EWS YA . 12.89 6.23 -2.53
HAJ EWS YA . 11.05 4.38 -1.68
HAL EWS YA . 8.83 3.96 -0.87
HAK EWS YA . 8.55 5.75 -0.63
HAM EWS YA . 9.11 3.02 -3.03
HAN EWS YA . 8.00 7.17 -2.31
HAO EWS YA . 7.20 7.35 -4.68
HAP EWS YA . 8.33 3.21 -5.40
HAQ EWS YA . 14.69 2.76 1.45
HAS EWS YA . 15.94 -0.25 4.32
HAT EWS YA . 15.77 1.47 6.13
HAX EWS YA . 14.37 6.09 5.13
HAA EWS YA . 12.56 4.03 2.14
HAZ EWS YA . 10.68 7.19 -0.98
HAY EWS YA . 10.72 6.61 -2.50
HAW EWS YA . 15.13 4.08 6.53
C1 PCW ZA . -19.51 10.61 32.96
C2 PCW ZA . -20.96 10.39 32.37
C3 PCW ZA . -22.03 10.65 33.48
C4 PCW ZA . -15.65 12.47 32.56
C5 PCW ZA . -14.49 11.52 32.30
C6 PCW ZA . -12.92 13.35 32.06
C7 PCW ZA . -13.42 12.00 30.21
C8 PCW ZA . -12.10 11.09 31.83
C11 PCW ZA . -24.26 11.45 33.13
C12 PCW ZA . -25.57 11.09 32.48
C13 PCW ZA . -26.08 9.74 33.11
C14 PCW ZA . -27.41 9.22 32.56
C15 PCW ZA . -27.77 9.65 31.10
C16 PCW ZA . -29.19 9.11 30.69
C17 PCW ZA . -30.33 10.16 30.50
C18 PCW ZA . -31.72 9.58 30.74
C19 PCW ZA . -32.72 9.91 29.60
C20 PCW ZA . -33.63 8.97 29.12
C21 PCW ZA . -33.89 7.56 29.48
C22 PCW ZA . -33.87 6.75 28.15
C23 PCW ZA . -35.16 5.96 27.78
C24 PCW ZA . -35.06 5.05 26.59
C25 PCW ZA . -35.71 5.46 25.24
C26 PCW ZA . -36.02 4.33 24.26
C27 PCW ZA . -37.45 3.77 24.26
C28 PCW ZA . -37.70 3.01 22.97
C31 PCW ZA . -21.59 10.77 30.11
C32 PCW ZA . -21.83 11.88 29.07
C33 PCW ZA . -20.79 11.90 27.84
C34 PCW ZA . -20.78 10.59 27.04
C35 PCW ZA . -21.89 10.77 25.92
C36 PCW ZA . -21.42 10.29 24.52
C37 PCW ZA . -22.47 10.42 23.39
C38 PCW ZA . -23.49 9.33 23.44
C39 PCW ZA . -24.52 9.45 22.36
C40 PCW ZA . -25.83 9.25 22.47
C41 PCW ZA . -26.54 8.86 23.77
C42 PCW ZA . -26.81 7.30 23.75
C43 PCW ZA . -27.20 6.63 25.06
C44 PCW ZA . -27.39 5.16 24.77
C45 PCW ZA . -28.58 4.52 25.44
C46 PCW ZA . -28.49 4.51 26.94
C47 PCW ZA . -29.33 5.53 27.68
C48 PCW ZA . -29.16 5.41 29.21
N PCW ZA . -13.30 11.97 31.64
O2 PCW ZA . -21.22 11.35 31.26
O3 PCW ZA . -23.36 10.46 32.94
O11 PCW ZA . -24.04 12.47 33.72
O31 PCW ZA . -21.73 9.53 29.91
O1P PCW ZA . -17.72 13.78 34.19
O2P PCW ZA . -17.86 11.53 35.28
O3P PCW ZA . -19.14 12.00 33.11
O4P PCW ZA . -16.73 11.70 33.16
P PCW ZA . -17.83 12.29 34.01
C1 PCW AB . -14.66 17.06 26.12
C2 PCW AB . -15.75 16.34 25.20
C3 PCW AB . -17.20 16.69 25.68
C4 PCW AB . -10.58 15.52 24.45
C5 PCW AB . -10.07 14.08 24.61
C6 PCW AB . -11.97 12.70 24.05
C7 PCW AB . -9.83 11.80 23.87
C8 PCW AB . -10.46 13.31 22.28
C11 PCW AB . -18.29 14.67 24.90
C12 PCW AB . -19.38 14.23 23.97
C13 PCW AB . -20.77 14.60 24.62
C14 PCW AB . -22.01 14.22 23.79
C15 PCW AB . -23.30 13.96 24.62
C16 PCW AB . -24.58 13.91 23.70
C17 PCW AB . -25.95 14.28 24.36
C18 PCW AB . -26.86 13.08 24.58
C19 PCW AB . -26.57 12.33 25.90
C20 PCW AB . -27.45 11.41 26.44
C21 PCW AB . -28.77 10.92 26.00
C22 PCW AB . -28.96 9.52 26.65
C23 PCW AB . -30.38 8.88 26.55
C24 PCW AB . -30.80 8.37 25.21
C25 PCW AB . -31.59 7.04 25.08
C26 PCW AB . -32.27 6.79 23.74
C27 PCW AB . -32.36 5.33 23.24
C28 PCW AB . -32.46 5.30 21.74
C31 PCW AB . -15.76 18.09 23.54
C32 PCW AB . -15.59 18.32 22.03
C33 PCW AB . -16.96 18.51 21.21
C34 PCW AB . -17.46 17.24 20.53
C35 PCW AB . -18.99 17.14 20.89
C36 PCW AB . -19.87 16.78 19.68
C37 PCW AB . -21.41 16.67 19.97
C38 PCW AB . -21.87 15.24 19.96
C39 PCW AB . -23.34 15.11 20.25
C40 PCW AB . -24.24 14.46 19.52
C41 PCW AB . -23.93 13.75 18.21
C42 PCW AB . -24.79 14.43 17.05
C43 PCW AB . -25.81 13.58 16.31
C44 PCW AB . -26.46 14.48 15.27
C45 PCW AB . -27.96 14.54 15.32
C46 PCW AB . -28.49 15.56 16.27
C47 PCW AB . -29.74 15.19 17.05
C48 PCW AB . -30.18 16.33 17.98
N PCW AB . -10.56 13.03 23.75
O2 PCW AB . -15.60 16.78 23.77
O3 PCW AB . -18.17 16.03 24.85
O11 PCW AB . -17.65 13.95 25.61
O31 PCW AB . -16.00 18.98 24.41
O1P PCW AB . -11.06 17.91 26.06
O2P PCW AB . -12.34 16.31 27.50
O3P PCW AB . -13.44 17.39 25.44
O4P PCW AB . -11.77 15.62 25.26
P PCW AB . -12.11 16.83 26.12
C1 PCW BB . 8.01 26.33 -3.53
C2 PCW BB . 7.42 26.54 -4.98
C3 PCW BB . 8.53 26.37 -6.07
C4 PCW BB . 6.31 28.27 0.67
C5 PCW BB . 6.75 29.43 1.55
C6 PCW BB . 5.83 31.22 3.13
C7 PCW BB . 5.55 28.84 3.64
C8 PCW BB . 7.14 29.80 3.52
C11 PCW BB . 7.82 27.86 -7.82
C12 PCW BB . 7.13 27.87 -9.16
C13 PCW BB . 7.85 28.91 -10.08
C14 PCW BB . 7.26 29.04 -11.49
C15 PCW BB . 8.20 29.63 -12.58
C16 PCW BB . 7.59 29.40 -14.01
C17 PCW BB . 7.51 27.91 -14.52
C18 PCW BB . 6.39 27.68 -15.54
C19 PCW BB . 6.62 26.41 -16.40
C20 PCW BB . 5.60 25.81 -17.13
C21 PCW BB . 4.16 26.14 -17.32
C22 PCW BB . 4.10 27.32 -18.33
C23 PCW BB . 3.33 28.59 -17.91
C24 PCW BB . 2.92 29.53 -19.00
C25 PCW BB . 3.25 31.06 -18.92
C26 PCW BB . 2.33 31.99 -19.66
C27 PCW BB . 2.48 32.10 -21.19
C28 PCW BB . 2.74 33.54 -21.60
C31 PCW BB . 5.16 26.07 -5.49
C32 PCW BB . 4.17 24.94 -5.78
C33 PCW BB . 3.55 24.94 -7.25
C34 PCW BB . 4.42 24.23 -8.28
C35 PCW BB . 3.91 22.73 -8.29
C36 PCW BB . 3.06 22.39 -9.53
C37 PCW BB . 2.54 20.93 -9.60
C38 PCW BB . 1.19 20.78 -8.96
C39 PCW BB . 0.68 19.36 -9.02
C40 PCW BB . -0.35 18.91 -9.73
C41 PCW BB . -1.20 19.77 -10.64
C42 PCW BB . -1.83 18.84 -11.77
C43 PCW BB . -2.29 17.44 -11.38
C44 PCW BB . -2.85 16.78 -12.64
C45 PCW BB . -4.01 15.84 -12.41
C46 PCW BB . -5.32 16.53 -12.26
C47 PCW BB . -5.79 17.36 -13.43
C48 PCW BB . -7.15 18.00 -13.14
N PCW BB . 5.92 29.82 2.65
O2 PCW BB . 6.36 25.54 -5.26
O3 PCW BB . 7.95 26.58 -7.37
O11 PCW BB . 8.17 28.85 -7.21
O31 PCW BB . 4.89 27.30 -5.47
O1P PCW BB . 7.73 25.89 -0.24
O2P PCW BB . 9.29 27.56 -1.21
O3P PCW BB . 7.17 26.87 -2.49
O4P PCW BB . 7.13 28.32 -0.53
P PCW BB . 7.89 27.13 -1.08
C1 PCW CB . -24.57 -6.37 -18.63
C2 PCW CB . -23.05 -6.09 -18.97
C3 PCW CB . -22.57 -4.77 -18.27
C4 PCW CB . -26.30 -4.95 -22.38
C5 PCW CB . -25.44 -3.82 -22.94
C6 PCW CB . -23.19 -4.97 -22.55
C7 PCW CB . -23.36 -3.08 -24.09
C8 PCW CB . -23.66 -3.07 -22.27
C11 PCW CB . -20.89 -3.43 -19.32
C12 PCW CB . -19.40 -3.34 -19.51
C13 PCW CB . -18.95 -4.50 -20.47
C14 PCW CB . -17.45 -4.59 -20.78
C15 PCW CB . -16.55 -5.21 -19.66
C16 PCW CB . -16.41 -6.76 -19.82
C17 PCW CB . -15.44 -7.51 -18.84
C18 PCW CB . -14.11 -7.91 -19.50
C19 PCW CB . -14.25 -9.18 -20.38
C20 PCW CB . -13.23 -10.11 -20.50
C21 PCW CB . -11.86 -10.18 -19.92
C22 PCW CB . -11.99 -10.87 -18.54
C23 PCW CB . -11.30 -12.25 -18.36
C24 PCW CB . -9.96 -12.27 -17.70
C25 PCW CB . -9.68 -13.25 -16.53
C26 PCW CB . -8.65 -12.83 -15.50
C27 PCW CB . -7.41 -13.73 -15.31
C28 PCW CB . -7.58 -14.61 -14.09
C31 PCW CB . -21.53 -7.86 -19.38
C32 PCW CB . -20.71 -8.97 -18.69
C33 PCW CB . -21.57 -10.18 -18.11
C34 PCW CB . -21.03 -11.57 -18.49
C35 PCW CB . -19.87 -11.88 -17.47
C36 PCW CB . -19.98 -13.29 -16.85
C37 PCW CB . -18.87 -13.69 -15.82
C38 PCW CB . -18.46 -12.55 -14.95
C39 PCW CB . -17.39 -12.92 -13.97
C40 PCW CB . -16.65 -12.09 -13.24
C41 PCW CB . -16.79 -10.58 -13.28
C42 PCW CB . -15.36 -9.93 -12.99
C43 PCW CB . -14.74 -9.06 -14.06
C44 PCW CB . -13.39 -8.59 -13.51
C45 PCW CB . -12.25 -8.57 -14.49
C46 PCW CB . -10.93 -8.14 -13.91
C47 PCW CB . -10.87 -6.76 -13.29
C48 PCW CB . -9.48 -6.46 -12.74
N PCW CB . -24.07 -4.06 -23.31
O2 PCW CB . -22.20 -7.20 -18.44
O3 PCW CB . -21.20 -4.53 -18.58
O11 PCW CB . -21.69 -2.63 -19.74
O31 PCW CB . -21.55 -7.62 -20.62
O1P PCW CB . -26.54 -7.07 -20.39
O2P PCW CB . -28.03 -5.42 -19.25
O3P PCW CB . -25.48 -5.29 -18.96
O4P PCW CB . -26.58 -4.63 -20.99
P PCW CB . -26.72 -5.67 -19.90
C1 PCW DB . -32.24 -1.55 -9.66
C2 PCW DB . -30.75 -1.63 -9.12
C3 PCW DB . -30.20 -3.08 -9.30
C4 PCW DB . -30.48 -2.31 -13.40
C5 PCW DB . -29.35 -1.62 -14.18
C6 PCW DB . -26.81 -1.40 -14.01
C7 PCW DB . -27.82 -3.47 -14.81
C8 PCW DB . -27.90 -1.79 -15.60
C11 PCW DB . -28.52 -4.20 -8.03
C12 PCW DB . -27.06 -4.07 -7.63
C13 PCW DB . -26.29 -5.36 -8.12
C14 PCW DB . -24.80 -5.37 -7.78
C15 PCW DB . -24.43 -5.03 -6.30
C16 PCW DB . -24.24 -6.35 -5.46
C17 PCW DB . -23.06 -6.37 -4.42
C18 PCW DB . -22.92 -7.71 -3.71
C19 PCW DB . -23.57 -7.71 -2.30
C20 PCW DB . -22.93 -7.17 -1.20
C21 PCW DB . -21.62 -6.49 -1.02
C22 PCW DB . -21.92 -5.06 -0.50
C23 PCW DB . -20.71 -4.16 -0.14
C24 PCW DB . -20.48 -3.89 1.32
C25 PCW DB . -19.53 -4.77 2.16
C26 PCW DB . -18.17 -4.19 2.46
C27 PCW DB . -16.99 -4.60 1.56
C28 PCW DB . -15.83 -5.09 2.40
C31 PCW DB . -28.96 -0.09 -9.17
C32 PCW DB . -28.13 0.81 -10.11
C33 PCW DB . -26.74 0.20 -10.60
C34 PCW DB . -25.54 0.70 -9.80
C35 PCW DB . -25.06 -0.54 -8.96
C36 PCW DB . -23.52 -0.72 -8.95
C37 PCW DB . -23.00 -1.94 -8.13
C38 PCW DB . -22.05 -1.55 -7.05
C39 PCW DB . -21.54 -2.73 -6.25
C40 PCW DB . -21.52 -2.87 -4.92
C41 PCW DB . -22.01 -1.82 -3.93
C42 PCW DB . -23.58 -1.60 -4.14
C43 PCW DB . -24.12 -0.19 -4.14
C44 PCW DB . -25.62 -0.27 -4.35
C45 PCW DB . -26.37 1.03 -4.18
C46 PCW DB . -27.50 1.23 -5.15
C47 PCW DB . -27.90 2.66 -5.39
C48 PCW DB . -29.06 2.75 -6.39
N PCW DB . -28.05 -2.20 -14.17
O2 PCW DB . -29.87 -0.72 -9.91
O3 PCW DB . -28.85 -3.14 -8.81
O11 PCW DB . -29.25 -5.09 -7.71
O31 PCW DB . -28.79 -0.20 -7.92
O1P PCW DB . -32.85 -2.99 -11.90
O2P PCW DB . -33.78 -0.96 -12.99
O3P PCW DB . -32.40 -0.74 -10.85
O4P PCW DB . -31.40 -1.26 -13.01
P PCW DB . -32.67 -1.53 -12.22
C1 PCW EB . -23.31 -20.45 -16.42
C2 PCW EB . -22.69 -21.57 -15.51
C3 PCW EB . -21.45 -22.21 -16.23
C4 PCW EB . -26.32 -21.29 -18.06
C5 PCW EB . -27.68 -21.05 -18.73
C6 PCW EB . -28.78 -23.30 -18.25
C7 PCW EB . -30.13 -21.28 -18.49
C8 PCW EB . -29.08 -22.09 -19.77
C11 PCW EB . -21.42 -24.49 -15.50
C12 PCW EB . -20.68 -25.44 -14.59
C13 PCW EB . -20.25 -26.69 -15.44
C14 PCW EB . -19.48 -27.76 -14.68
C15 PCW EB . -20.35 -28.94 -14.12
C16 PCW EB . -21.00 -28.56 -12.75
C17 PCW EB . -20.09 -27.83 -11.70
C18 PCW EB . -19.84 -28.64 -10.43
C19 PCW EB . -18.80 -29.77 -10.62
C20 PCW EB . -17.52 -29.70 -10.07
C21 PCW EB . -16.83 -28.68 -9.26
C22 PCW EB . -15.43 -29.28 -8.87
C23 PCW EB . -15.41 -30.46 -7.87
C24 PCW EB . -14.07 -30.90 -7.35
C25 PCW EB . -13.86 -31.27 -5.85
C26 PCW EB . -13.31 -30.18 -4.95
C27 PCW EB . -12.69 -30.62 -3.61
C28 PCW EB . -13.37 -29.91 -2.47
C31 PCW EB . -23.06 -21.02 -13.22
C32 PCW EB . -22.43 -20.33 -12.00
C33 PCW EB . -23.40 -19.31 -11.23
C34 PCW EB . -22.87 -17.88 -11.20
C35 PCW EB . -22.13 -17.74 -9.81
C36 PCW EB . -23.06 -17.25 -8.67
C37 PCW EB . -22.38 -17.11 -7.28
C38 PCW EB . -22.10 -18.44 -6.66
C39 PCW EB . -21.44 -18.35 -5.31
C40 PCW EB . -20.16 -18.60 -5.04
C41 PCW EB . -19.13 -19.04 -6.07
C42 PCW EB . -18.86 -20.59 -5.86
C43 PCW EB . -18.02 -21.33 -6.89
C44 PCW EB . -17.92 -22.77 -6.42
C45 PCW EB . -16.80 -23.07 -5.46
C46 PCW EB . -17.14 -24.11 -4.44
C47 PCW EB . -16.98 -23.72 -2.98
C48 PCW EB . -17.36 -24.88 -2.06
N PCW EB . -28.80 -21.82 -18.33
O2 PCW EB . -22.20 -20.94 -14.23
O3 PCW EB . -20.88 -23.24 -15.41
O11 PCW EB . -22.34 -24.80 -16.20
O31 PCW EB . -24.20 -21.57 -13.24
O1P PCW EB . -26.08 -21.21 -15.19
O2P PCW EB . -26.66 -18.79 -15.51
O3P PCW EB . -24.22 -19.58 -15.74
O4P PCW EB . -25.93 -20.05 -17.41
P PCW EB . -25.79 -19.92 -15.91
C1 PCW FB . -34.17 3.30 -7.14
C2 PCW FB . -32.92 4.17 -7.55
C3 PCW FB . -32.90 4.41 -9.09
C4 PCW FB . -36.88 2.57 -5.00
C5 PCW FB . -36.41 1.31 -4.28
C6 PCW FB . -34.32 2.30 -3.23
C7 PCW FB . -35.40 0.35 -2.23
C8 PCW FB . -34.60 0.48 -3.89
C11 PCW FB . -30.57 4.59 -9.67
C12 PCW FB . -29.53 5.62 -10.02
C13 PCW FB . -28.33 5.46 -9.03
C14 PCW FB . -27.17 6.44 -9.22
C15 PCW FB . -26.29 6.70 -7.97
C16 PCW FB . -27.08 7.52 -6.88
C17 PCW FB . -27.73 6.71 -5.71
C18 PCW FB . -26.73 6.35 -4.61
C19 PCW FB . -26.48 7.52 -3.64
C20 PCW FB . -25.21 8.10 -3.51
C21 PCW FB . -23.91 7.81 -4.14
C22 PCW FB . -22.84 8.60 -3.33
C23 PCW FB . -21.51 7.88 -3.01
C24 PCW FB . -20.29 8.75 -2.86
C25 PCW FB . -19.27 8.92 -4.03
C26 PCW FB . -17.84 8.51 -3.75
C27 PCW FB . -17.53 7.00 -3.59
C28 PCW FB . -17.16 6.71 -2.16
C31 PCW FB . -32.21 5.63 -5.83
C32 PCW FB . -32.37 7.06 -5.29
C33 PCW FB . -31.30 8.12 -5.82
C34 PCW FB . -30.98 7.99 -7.31
C35 PCW FB . -30.78 9.48 -7.84
C36 PCW FB . -30.08 9.51 -9.22
C37 PCW FB . -29.86 10.94 -9.84
C38 PCW FB . -31.13 11.73 -9.90
C39 PCW FB . -30.95 13.11 -10.49
C40 PCW FB . -30.26 14.12 -10.01
C41 PCW FB . -29.46 14.09 -8.72
C42 PCW FB . -28.37 15.26 -8.76
C43 PCW FB . -28.74 16.64 -8.28
C44 PCW FB . -27.52 17.52 -8.45
C45 PCW FB . -26.42 17.31 -7.43
C46 PCW FB . -26.53 18.21 -6.23
C47 PCW FB . -25.56 17.94 -5.10
C48 PCW FB . -25.78 18.92 -3.93
N PCW FB . -35.50 1.43 -3.18
O2 PCW FB . -32.98 5.50 -6.90
O3 PCW FB . -31.76 5.21 -9.44
O11 PCW FB . -30.37 3.41 -9.62
O31 PCW FB . -31.45 4.73 -5.34
O1P PCW FB . -36.89 4.82 -6.83
O2P PCW FB . -37.82 3.12 -8.42
O3P PCW FB . -35.27 3.35 -8.07
O4P PCW FB . -36.74 2.33 -6.42
P PCW FB . -36.75 3.46 -7.45
C1 PCW GB . -41.11 -0.32 7.24
C2 PCW GB . -39.77 -0.90 7.80
C3 PCW GB . -39.40 -2.25 7.10
C4 PCW GB . -44.68 0.78 6.49
C5 PCW GB . -44.73 1.80 7.64
C6 PCW GB . -46.86 2.81 8.62
C7 PCW GB . -45.65 1.05 9.82
C8 PCW GB . -45.07 2.76 9.40
C11 PCW GB . -38.21 -3.46 8.82
C12 PCW GB . -36.82 -3.88 9.20
C13 PCW GB . -36.89 -5.32 9.84
C14 PCW GB . -35.55 -5.89 10.30
C15 PCW GB . -35.55 -6.61 11.68
C16 PCW GB . -35.55 -5.55 12.85
C17 PCW GB . -36.46 -5.86 14.09
C18 PCW GB . -37.25 -4.65 14.59
C19 PCW GB . -38.61 -4.45 13.88
C20 PCW GB . -39.69 -5.28 14.11
C21 PCW GB . -39.89 -6.45 15.00
C22 PCW GB . -40.43 -5.91 16.36
C23 PCW GB . -39.90 -6.57 17.65
C24 PCW GB . -38.80 -5.85 18.38
C25 PCW GB . -38.98 -5.38 19.84
C26 PCW GB . -38.89 -3.90 20.09
C27 PCW GB . -39.91 -3.27 21.07
C28 PCW GB . -39.63 -3.73 22.49
C31 PCW GB . -38.11 0.54 8.64
C32 PCW GB . -36.98 1.50 8.23
C33 PCW GB . -35.62 0.79 7.73
C34 PCW GB . -34.93 1.55 6.60
C35 PCW GB . -33.95 2.58 7.32
C36 PCW GB . -32.47 2.23 7.11
C37 PCW GB . -31.44 3.20 7.79
C38 PCW GB . -31.18 2.81 9.21
C39 PCW GB . -30.20 3.72 9.89
C40 PCW GB . -28.98 3.42 10.30
C41 PCW GB . -28.34 2.05 10.16
C42 PCW GB . -26.93 2.09 10.88
C43 PCW GB . -26.89 2.37 12.38
C44 PCW GB . -25.42 2.34 12.79
C45 PCW GB . -25.18 2.30 14.28
C46 PCW GB . -23.82 1.76 14.64
C47 PCW GB . -23.68 0.26 14.76
C48 PCW GB . -22.25 -0.14 15.14
N PCW GB . -45.81 1.77 8.57
O2 PCW GB . -38.64 0.04 7.53
O3 PCW GB . -38.16 -2.76 7.64
O11 PCW GB . -39.21 -3.70 9.45
O31 PCW GB . -38.46 0.28 9.83
O1P PCW GB . -43.62 -1.12 4.53
O2P PCW GB . -43.45 -2.61 6.53
O3P PCW GB . -41.57 -0.92 6.01
O4P PCW GB . -43.75 -0.26 6.90
P PCW GB . -43.14 -1.28 5.95
C1 PCW HB . -39.33 7.48 3.93
C2 PCW HB . -38.02 8.31 4.30
C3 PCW HB . -38.43 9.65 5.02
C4 PCW HB . -36.93 6.33 0.30
C5 PCW HB . -36.16 7.40 -0.49
C6 PCW HB . -37.45 8.49 -2.22
C7 PCW HB . -36.71 6.30 -2.58
C8 PCW HB . -35.16 7.97 -2.68
C11 PCW HB . -36.90 11.44 4.57
C12 PCW HB . -35.63 12.05 5.10
C13 PCW HB . -36.00 12.88 6.38
C14 PCW HB . -34.83 13.59 7.06
C15 PCW HB . -35.20 14.78 7.98
C16 PCW HB . -35.35 14.32 9.47
C17 PCW HB . -35.08 15.39 10.58
C18 PCW HB . -33.85 16.26 10.30
C19 PCW HB . -32.53 15.45 10.23
C20 PCW HB . -31.93 14.90 11.36
C21 PCW HB . -32.30 14.90 12.80
C22 PCW HB . -31.29 15.85 13.52
C23 PCW HB . -31.86 17.15 14.14
C24 PCW HB . -30.86 18.06 14.79
C25 PCW HB . -31.29 19.46 15.32
C26 PCW HB . -30.88 20.65 14.48
C27 PCW HB . -29.75 21.56 15.02
C28 PCW HB . -28.41 21.07 14.53
C31 PCW HB . -36.30 6.73 4.66
C32 PCW HB . -35.51 5.98 5.74
C33 PCW HB . -36.40 5.40 6.96
C34 PCW HB . -36.34 6.28 8.21
C35 PCW HB . -34.86 6.15 8.76
C36 PCW HB . -34.83 5.73 10.25
C37 PCW HB . -33.41 5.57 10.86
C38 PCW HB . -33.12 6.58 11.92
C39 PCW HB . -31.75 6.44 12.51
C40 PCW HB . -31.44 5.92 13.69
C41 PCW HB . -32.46 5.38 14.67
C42 PCW HB . -32.02 5.82 16.15
C43 PCW HB . -32.25 7.26 16.56
C44 PCW HB . -31.73 7.40 17.99
C45 PCW HB . -30.38 8.04 18.12
C46 PCW HB . -29.39 7.21 18.90
C47 PCW HB . -28.06 7.87 19.21
C48 PCW HB . -27.15 6.92 20.00
N PCW HB . -36.36 7.53 -1.91
O2 PCW HB . -37.19 7.52 5.25
O3 PCW HB . -37.24 10.37 5.35
O11 PCW HB . -37.51 11.82 3.62
O31 PCW HB . -36.11 6.62 3.41
O1P PCW HB . -39.46 5.11 0.97
O2P PCW HB . -40.23 7.46 1.19
O3P PCW HB . -39.04 6.29 3.15
O4P PCW HB . -37.86 7.04 1.16
P PCW HB . -39.20 6.46 1.55
C1 PCW IB . -8.75 -4.50 -41.51
C2 PCW IB . -7.67 -3.92 -40.51
C3 PCW IB . -6.22 -4.19 -41.05
C4 PCW IB . -10.51 -4.71 -37.83
C5 PCW IB . -11.18 -5.89 -37.12
C6 PCW IB . -13.11 -6.96 -36.14
C7 PCW IB . -13.29 -4.78 -36.93
C8 PCW IB . -12.13 -5.09 -34.98
C11 PCW IB . -4.16 -4.38 -39.83
C12 PCW IB . -3.32 -3.64 -38.83
C13 PCW IB . -4.14 -3.56 -37.48
C14 PCW IB . -3.43 -2.83 -36.34
C15 PCW IB . -3.24 -3.64 -35.03
C16 PCW IB . -1.75 -4.07 -34.85
C17 PCW IB . -1.26 -4.37 -33.40
C18 PCW IB . 0.06 -3.68 -33.04
C19 PCW IB . 1.04 -3.53 -34.23
C20 PCW IB . 2.18 -4.31 -34.34
C21 PCW IB . 2.77 -5.37 -33.50
C22 PCW IB . 3.89 -4.71 -32.64
C23 PCW IB . 4.23 -5.37 -31.28
C24 PCW IB . 5.67 -5.54 -30.94
C25 PCW IB . 6.14 -5.63 -29.47
C26 PCW IB . 7.61 -5.38 -29.21
C27 PCW IB . 8.23 -5.96 -27.91
C28 PCW IB . 9.04 -7.20 -28.21
C31 PCW IB . -7.78 -2.01 -39.12
C32 PCW IB . -7.96 -0.49 -39.13
C33 PCW IB . -6.64 0.36 -39.45
C34 PCW IB . -6.05 1.07 -38.23
C35 PCW IB . -4.80 1.89 -38.74
C36 PCW IB . -3.80 2.24 -37.61
C37 PCW IB . -2.55 3.07 -38.04
C38 PCW IB . -1.86 3.68 -36.86
C39 PCW IB . -0.65 4.49 -37.26
C40 PCW IB . 0.42 4.77 -36.50
C41 PCW IB . 0.58 4.30 -35.06
C42 PCW IB . 1.88 3.37 -34.99
C43 PCW IB . 1.95 2.31 -33.92
C44 PCW IB . 3.28 1.59 -34.10
C45 PCW IB . 3.22 0.09 -33.99
C46 PCW IB . 3.59 -0.62 -35.26
C47 PCW IB . 4.84 -0.14 -35.98
C48 PCW IB . 5.09 -0.96 -37.25
N PCW IB . -12.37 -5.70 -36.33
O2 PCW IB . -7.83 -2.45 -40.38
O3 PCW IB . -5.28 -3.65 -40.12
O11 PCW IB . -3.91 -5.45 -40.30
O31 PCW IB . -7.61 -2.72 -38.09
O1P PCW IB . -12.26 -4.09 -40.03
O2P PCW IB . -11.34 -6.20 -40.97
O3P PCW IB . -10.07 -3.97 -41.29
O4P PCW IB . -10.17 -5.17 -39.16
P PCW IB . -11.03 -4.89 -40.37
C1 PCW JB . -31.78 15.87 -6.98
C2 PCW JB . -31.78 15.07 -5.62
C3 PCW JB . -31.59 13.54 -5.90
C4 PCW JB . -33.72 18.72 -8.14
C5 PCW JB . -35.02 19.51 -8.32
C6 PCW JB . -34.10 21.59 -9.49
C7 PCW JB . -36.37 20.84 -9.92
C8 PCW JB . -35.69 21.45 -8.32
C11 PCW JB . -32.66 12.02 -4.37
C12 PCW JB . -32.49 11.43 -3.00
C13 PCW JB . -32.22 9.88 -3.18
C14 PCW JB . -32.03 9.08 -1.89
C15 PCW JB . -31.36 9.84 -0.71
C16 PCW JB . -30.11 9.07 -0.17
C17 PCW JB . -30.07 8.73 1.35
C18 PCW JB . -29.45 9.83 2.21
C19 PCW JB . -28.25 9.35 3.06
C20 PCW JB . -27.04 10.04 3.11
C21 PCW JB . -26.59 11.30 2.46
C22 PCW JB . -25.26 11.72 3.16
C23 PCW JB . -23.95 11.14 2.60
C24 PCW JB . -23.02 10.46 3.56
C25 PCW JB . -21.48 10.42 3.32
C26 PCW JB . -21.04 9.97 1.94
C27 PCW JB . -19.56 10.18 1.55
C28 PCW JB . -19.43 10.35 0.06
C31 PCW JB . -30.91 15.61 -3.49
C32 PCW JB . -29.63 16.07 -2.77
C33 PCW JB . -29.85 16.87 -1.39
C34 PCW JB . -29.00 16.35 -0.24
C35 PCW JB . -27.50 16.55 -0.70
C36 PCW JB . -26.56 16.94 0.47
C37 PCW JB . -25.07 17.16 0.08
C38 PCW JB . -24.21 17.42 1.26
C39 PCW JB . -22.77 17.63 0.89
C40 PCW JB . -21.70 17.36 1.65
C41 PCW JB . -21.76 16.79 3.05
C42 PCW JB . -20.76 17.62 3.97
C43 PCW JB . -21.04 19.08 4.23
C44 PCW JB . -19.92 19.59 5.13
C45 PCW JB . -19.06 20.68 4.53
C46 PCW JB . -19.56 22.06 4.83
C47 PCW JB . -18.95 22.75 6.03
C48 PCW JB . -19.54 24.15 6.23
N PCW JB . -35.10 20.52 -9.33
O2 PCW JB . -30.62 15.51 -4.78
O3 PCW JB . -31.60 12.84 -4.64
O11 PCW JB . -33.59 11.82 -5.10
O31 PCW JB . -32.03 15.39 -2.95
O1P PCW JB . -31.92 17.05 -9.66
O2P PCW JB . -34.01 15.76 -10.14
O3P PCW JB . -32.70 15.34 -7.97
O4P PCW JB . -34.04 17.33 -8.32
P PCW JB . -33.15 16.38 -9.11
C1 PCW KB . -19.36 22.79 -24.99
C2 PCW KB . -18.35 23.89 -24.48
C3 PCW KB . -18.30 23.88 -22.91
C4 PCW KB . -20.20 20.08 -28.85
C5 PCW KB . -19.29 18.96 -28.34
C6 PCW KB . -19.31 17.41 -30.19
C7 PCW KB . -20.88 17.17 -28.47
C8 PCW KB . -18.73 16.58 -28.00
C11 PCW KB . -17.72 26.19 -22.63
C12 PCW KB . -16.65 27.07 -22.05
C13 PCW KB . -17.31 27.95 -20.93
C14 PCW KB . -16.36 28.92 -20.23
C15 PCW KB . -17.00 29.87 -19.19
C16 PCW KB . -16.66 31.37 -19.50
C17 PCW KB . -16.70 32.38 -18.30
C18 PCW KB . -16.16 33.76 -18.65
C19 PCW KB . -16.80 34.90 -17.84
C20 PCW KB . -16.40 35.20 -16.55
C21 PCW KB . -15.37 34.61 -15.65
C22 PCW KB . -14.63 35.79 -14.97
C23 PCW KB . -14.82 35.98 -13.44
C24 PCW KB . -13.60 35.94 -12.59
C25 PCW KB . -13.33 34.76 -11.62
C26 PCW KB . -11.89 34.28 -11.52
C27 PCW KB . -10.86 35.26 -10.93
C28 PCW KB . -9.73 34.49 -10.28
C31 PCW KB . -16.55 24.40 -25.94
C32 PCW KB . -15.13 23.97 -26.36
C33 PCW KB . -14.19 23.40 -25.18
C34 PCW KB . -13.25 24.46 -24.60
C35 PCW KB . -12.04 24.55 -25.60
C36 PCW KB . -10.75 25.08 -24.92
C37 PCW KB . -9.51 25.22 -25.86
C38 PCW KB . -8.23 25.26 -25.08
C39 PCW KB . -7.02 25.40 -25.96
C40 PCW KB . -5.84 24.80 -25.81
C41 PCW KB . -5.51 23.84 -24.69
C42 PCW KB . -5.16 24.70 -23.39
C43 PCW KB . -3.83 24.46 -22.71
C44 PCW KB . -3.75 25.40 -21.52
C45 PCW KB . -4.05 24.76 -20.19
C46 PCW KB . -3.78 25.67 -19.02
C47 PCW KB . -3.09 25.05 -17.83
C48 PCW KB . -2.89 26.08 -16.71
N PCW KB . -19.54 17.60 -28.73
O2 PCW KB . -16.97 23.58 -24.98
O3 PCW KB . -17.39 24.89 -22.45
O11 PCW KB . -18.72 26.59 -23.16
O31 PCW KB . -17.19 25.37 -26.43
O1P PCW KB . -21.41 21.67 -26.77
O2P PCW KB . -20.33 23.56 -27.98
O3P PCW KB . -19.01 22.21 -26.26
O4P PCW KB . -19.58 21.34 -28.46
P PCW KB . -20.16 22.22 -27.38
C1 PCW LB . -30.20 -18.99 -8.16
C2 PCW LB . -29.98 -19.00 -6.59
C3 PCW LB . -30.87 -20.09 -5.90
C4 PCW LB . -31.88 -17.51 -10.91
C5 PCW LB . -31.64 -16.33 -9.97
C6 PCW LB . -33.51 -14.91 -10.99
C7 PCW LB . -32.37 -14.20 -8.94
C8 PCW LB . -31.65 -14.39 -10.63
C11 PCW LB . -30.72 -21.25 -3.78
C12 PCW LB . -30.51 -20.97 -2.31
C13 PCW LB . -28.97 -20.84 -2.07
C14 PCW LB . -28.56 -20.57 -0.61
C15 PCW LB . -27.13 -19.98 -0.41
C16 PCW LB . -26.40 -20.69 0.79
C17 PCW LB . -24.87 -20.95 0.63
C18 PCW LB . -24.15 -21.18 1.96
C19 PCW LB . -22.95 -22.15 1.83
C20 PCW LB . -22.26 -22.64 2.93
C21 PCW LB . -22.42 -22.43 4.39
C22 PCW LB . -21.90 -23.72 5.08
C23 PCW LB . -21.13 -23.55 6.41
C24 PCW LB . -21.40 -24.55 7.49
C25 PCW LB . -22.43 -24.26 8.61
C26 PCW LB . -23.34 -25.41 9.00
C27 PCW LB . -23.22 -25.96 10.44
C28 PCW LB . -24.19 -27.11 10.62
C31 PCW LB . -28.01 -18.60 -5.32
C32 PCW LB . -26.55 -19.06 -5.15
C33 PCW LB . -26.08 -19.23 -3.63
C34 PCW LB . -24.57 -19.11 -3.45
C35 PCW LB . -24.36 -18.17 -2.19
C36 PCW LB . -22.89 -18.12 -1.71
C37 PCW LB . -22.61 -17.21 -0.48
C38 PCW LB . -23.23 -17.74 0.77
C39 PCW LB . -22.96 -16.89 1.98
C40 PCW LB . -21.97 -17.03 2.84
C41 PCW LB . -20.90 -18.10 2.73
C42 PCW LB . -19.51 -17.47 3.19
C43 PCW LB . -18.41 -18.41 3.64
C44 PCW LB . -17.22 -17.53 4.00
C45 PCW LB . -16.99 -17.34 5.48
C46 PCW LB . -15.58 -17.62 5.92
C47 PCW LB . -15.37 -18.86 6.77
C48 PCW LB . -13.90 -19.04 7.16
N PCW LB . -32.60 -15.27 -9.88
O2 PCW LB . -28.55 -19.33 -6.30
O3 PCW LB . -30.66 -20.06 -4.48
O11 PCW LB . -30.96 -22.32 -4.27
O31 PCW LB . -28.58 -17.69 -4.65
O1P PCW LB . -30.44 -20.06 -11.15
O2P PCW LB . -32.62 -21.01 -10.39
O3P PCW LB . -30.91 -20.15 -8.67
O4P PCW LB . -32.24 -18.65 -10.07
P PCW LB . -31.56 -20.01 -10.14
C1 PCW MB . -11.82 1.88 -34.92
C2 PCW MB . -10.45 1.51 -34.26
C3 PCW MB . -9.62 0.62 -35.25
C4 PCW MB . -11.37 6.01 -37.15
C5 PCW MB . -11.33 7.49 -36.78
C6 PCW MB . -12.15 9.55 -38.03
C7 PCW MB . -13.61 8.42 -36.42
C8 PCW MB . -12.01 9.29 -36.09
C11 PCW MB . -7.90 -0.99 -34.78
C12 PCW MB . -6.57 -1.13 -34.05
C13 PCW MB . -5.75 0.21 -34.18
C14 PCW MB . -4.40 0.22 -33.48
C15 PCW MB . -3.23 0.87 -34.28
C16 PCW MB . -1.84 0.51 -33.62
C17 PCW MB . -0.84 -0.34 -34.48
C18 PCW MB . -0.39 0.36 -35.77
C19 PCW MB . 0.16 -0.62 -36.83
C20 PCW MB . -0.50 -0.88 -38.01
C21 PCW MB . -1.78 -0.37 -38.58
C22 PCW MB . -1.62 -0.34 -40.12
C23 PCW MB . -0.34 0.30 -40.72
C24 PCW MB . -0.15 1.77 -40.50
C25 PCW MB . 1.26 2.43 -40.67
C26 PCW MB . 2.44 1.60 -40.21
C27 PCW MB . 3.37 1.01 -41.30
C28 PCW MB . 4.76 0.84 -40.74
C31 PCW MB . -8.97 2.77 -32.88
C32 PCW MB . -8.22 4.11 -32.81
C33 PCW MB . -6.83 4.17 -33.61
C34 PCW MB . -6.99 4.03 -35.11
C35 PCW MB . -5.68 4.66 -35.74
C36 PCW MB . -5.97 5.43 -37.05
C37 PCW MB . -4.73 6.07 -37.75
C38 PCW MB . -4.73 5.80 -39.22
C39 PCW MB . -3.54 6.39 -39.93
C40 PCW MB . -3.14 6.12 -41.17
C41 PCW MB . -3.85 5.13 -42.09
C42 PCW MB . -2.89 4.83 -43.32
C43 PCW MB . -1.74 3.86 -43.12
C44 PCW MB . -1.00 3.76 -44.45
C45 PCW MB . 0.27 4.58 -44.54
C46 PCW MB . 1.28 4.04 -45.51
C47 PCW MB . 2.15 2.91 -45.03
C48 PCW MB . 3.13 2.46 -46.12
N PCW MB . -12.38 8.36 -37.19
O2 PCW MB . -9.66 2.76 -34.03
O3 PCW MB . -8.36 0.28 -34.64
O11 PCW MB . -8.45 -1.87 -35.37
O31 PCW MB . -8.94 1.85 -32.02
O1P PCW MB . -11.98 3.18 -37.47
O2P PCW MB . -14.13 3.83 -36.40
O3P PCW MB . -12.10 3.30 -34.95
O4P PCW MB . -12.29 5.35 -36.24
P PCW MB . -12.66 3.89 -36.33
C1 PCW NB . -26.18 -26.14 -11.03
C2 PCW NB . -24.64 -26.45 -10.83
C3 PCW NB . -24.19 -26.01 -9.39
C4 PCW NB . -29.42 -25.20 -13.80
C5 PCW NB . -30.46 -24.13 -13.47
C6 PCW NB . -32.69 -23.25 -13.20
C7 PCW NB . -32.32 -25.53 -12.86
C8 PCW NB . -32.27 -24.77 -15.02
C11 PCW NB . -22.08 -25.42 -8.46
C12 PCW NB . -20.65 -25.88 -8.38
C13 PCW NB . -20.50 -26.76 -7.09
C14 PCW NB . -19.10 -27.33 -6.86
C15 PCW NB . -19.02 -28.57 -5.91
C16 PCW NB . -18.16 -28.24 -4.64
C17 PCW NB . -16.62 -28.54 -4.73
C18 PCW NB . -15.77 -27.46 -4.08
C19 PCW NB . -14.69 -26.89 -5.03
C20 PCW NB . -13.52 -26.31 -4.56
C21 PCW NB . -13.00 -26.06 -3.19
C22 PCW NB . -13.53 -24.67 -2.76
C23 PCW NB . -12.61 -23.44 -3.03
C24 PCW NB . -13.29 -22.13 -3.28
C25 PCW NB . -12.49 -20.80 -3.19
C26 PCW NB . -13.23 -19.60 -2.61
C27 PCW NB . -12.75 -18.19 -3.03
C28 PCW NB . -12.66 -17.31 -1.81
C31 PCW NB . -25.01 -28.72 -10.11
C32 PCW NB . -24.57 -30.16 -10.43
C33 PCW NB . -24.61 -31.16 -9.17
C34 PCW NB . -23.25 -31.30 -8.49
C35 PCW NB . -23.56 -31.41 -6.94
C36 PCW NB . -22.88 -30.29 -6.13
C37 PCW NB . -23.15 -30.34 -4.59
C38 PCW NB . -22.04 -29.73 -3.81
C39 PCW NB . -22.28 -29.76 -2.32
C40 PCW NB . -21.40 -30.05 -1.37
C41 PCW NB . -19.95 -30.41 -1.64
C42 PCW NB . -19.01 -29.28 -1.00
C43 PCW NB . -17.50 -29.42 -1.12
C44 PCW NB . -16.89 -28.22 -0.43
C45 PCW NB . -15.71 -28.49 0.47
C46 PCW NB . -16.09 -28.94 1.86
C47 PCW NB . -15.26 -30.06 2.44
C48 PCW NB . -15.76 -30.42 3.85
N PCW NB . -31.86 -24.41 -13.63
O2 PCW NB . -24.36 -27.91 -10.97
O3 PCW NB . -22.80 -26.28 -9.22
O11 PCW NB . -22.52 -24.44 -7.91
O31 PCW NB . -25.82 -28.37 -9.22
O1P PCW NB . -28.84 -27.98 -13.07
O2P PCW NB . -29.00 -27.06 -10.76
O3P PCW NB . -26.79 -26.91 -12.08
O4P PCW NB . -28.73 -25.50 -12.56
P PCW NB . -28.40 -26.91 -12.10
C1 PCW OB . -37.74 -17.05 2.20
C2 PCW OB . -37.33 -18.22 3.18
C3 PCW OB . -38.59 -18.78 3.92
C4 PCW OB . -40.45 -18.80 0.10
C5 PCW OB . -40.57 -20.32 0.24
C6 PCW OB . -42.31 -20.42 -1.63
C7 PCW OB . -41.69 -22.44 -0.40
C8 PCW OB . -42.53 -20.94 0.25
C11 PCW OB . -37.77 -19.52 6.05
C12 PCW OB . -37.39 -20.78 6.78
C13 PCW OB . -36.19 -21.46 6.03
C14 PCW OB . -35.68 -22.75 6.66
C15 PCW OB . -34.36 -23.33 6.06
C16 PCW OB . -33.14 -22.96 6.99
C17 PCW OB . -31.71 -23.30 6.45
C18 PCW OB . -30.89 -22.05 6.12
C19 PCW OB . -29.45 -22.09 6.68
C20 PCW OB . -29.10 -21.42 7.85
C21 PCW OB . -29.86 -20.58 8.78
C22 PCW OB . -28.97 -19.34 9.10
C23 PCW OB . -29.56 -18.27 10.06
C24 PCW OB . -28.63 -17.68 11.08
C25 PCW OB . -27.21 -17.22 10.69
C26 PCW OB . -26.41 -16.49 11.76
C27 PCW OB . -24.87 -16.52 11.67
C28 PCW OB . -24.32 -17.66 12.49
C31 PCW OB . -35.49 -19.65 2.76
C32 PCW OB . -35.01 -20.82 1.89
C33 PCW OB . -33.46 -21.22 2.05
C34 PCW OB . -33.01 -22.29 1.06
C35 PCW OB . -32.73 -23.58 1.93
C36 PCW OB . -31.58 -24.45 1.36
C37 PCW OB . -31.26 -25.74 2.18
C38 PCW OB . -30.88 -25.42 3.59
C39 PCW OB . -30.55 -26.64 4.41
C40 PCW OB . -29.66 -26.72 5.40
C41 PCW OB . -28.81 -25.56 5.87
C42 PCW OB . -28.55 -25.72 7.43
C43 PCW OB . -27.40 -24.97 8.07
C44 PCW OB . -27.39 -25.30 9.55
C45 PCW OB . -27.81 -24.18 10.48
C46 PCW OB . -26.69 -23.23 10.85
C47 PCW OB . -27.08 -22.01 11.65
C48 PCW OB . -25.86 -21.13 11.96
N PCW OB . -41.38 -21.06 -0.68
O2 PCW OB . -36.73 -19.35 2.40
O3 PCW OB . -38.20 -19.84 4.80
O11 PCW OB . -37.69 -18.41 6.50
O31 PCW OB . -34.82 -19.09 3.69
O1P PCW OB . -39.48 -16.06 0.19
O2P PCW OB . -37.95 -16.86 -1.63
O3P PCW OB . -37.34 -17.24 0.84
O4P PCW OB . -39.08 -18.51 -0.29
P PCW OB . -38.50 -17.11 -0.27
C1 PCW PB . -37.22 13.59 -0.15
C2 PCW PB . -36.02 14.48 0.35
C3 PCW PB . -36.54 15.55 1.36
C4 PCW PB . -35.97 13.62 -4.15
C5 PCW PB . -36.23 13.57 -5.67
C6 PCW PB . -35.52 12.35 -7.80
C7 PCW PB . -36.58 11.13 -5.95
C8 PCW PB . -37.32 12.46 -7.00
C11 PCW PB . -35.64 17.72 1.81
C12 PCW PB . -34.37 18.40 2.28
C13 PCW PB . -34.72 19.38 3.45
C14 PCW PB . -33.52 20.15 4.02
C15 PCW PB . -32.50 19.31 4.84
C16 PCW PB . -31.22 18.99 3.98
C17 PCW PB . -29.98 19.93 4.17
C18 PCW PB . -29.05 19.49 5.30
C19 PCW PB . -27.56 19.77 5.00
C20 PCW PB . -26.59 19.82 5.99
C21 PCW PB . -26.65 19.64 7.46
C22 PCW PB . -25.49 20.49 8.06
C23 PCW PB . -25.77 21.24 9.39
C24 PCW PB . -24.60 21.90 10.06
C25 PCW PB . -24.36 23.43 9.95
C26 PCW PB . -23.03 23.94 10.44
C27 PCW PB . -22.57 25.34 9.96
C28 PCW PB . -21.07 25.36 9.77
C31 PCW PB . -34.21 12.95 0.25
C32 PCW PB . -33.25 12.11 1.12
C33 PCW PB . -31.85 12.81 1.47
C34 PCW PB . -31.13 13.40 0.25
C35 PCW PB . -29.74 12.65 0.19
C36 PCW PB . -29.13 12.68 -1.24
C37 PCW PB . -27.75 11.96 -1.39
C38 PCW PB . -26.59 12.90 -1.20
C39 PCW PB . -25.27 12.19 -1.35
C40 PCW PB . -24.11 12.52 -0.80
C41 PCW PB . -23.89 13.71 0.11
C42 PCW PB . -22.33 14.02 0.17
C43 PCW PB . -21.53 13.56 1.37
C44 PCW PB . -20.10 14.01 1.14
C45 PCW PB . -19.20 13.94 2.35
C46 PCW PB . -17.73 14.02 1.99
C47 PCW PB . -16.85 14.68 3.01
C48 PCW PB . -15.38 14.70 2.53
N PCW PB . -35.96 12.36 -6.38
O2 PCW PB . -35.03 13.62 1.07
O3 PCW PB . -35.45 16.37 1.82
O11 PCW PB . -36.64 18.29 1.48
O31 PCW PB . -34.21 12.98 -1.01
O1P PCW PB . -37.55 11.96 -2.38
O2P PCW PB . -39.42 13.41 -3.21
O3P PCW PB . -37.96 14.20 -1.24
O4P PCW PB . -37.18 14.15 -3.55
P PCW PB . -38.06 13.35 -2.61
C1 PCW QB . -11.10 -11.03 -34.95
C2 PCW QB . -10.07 -11.80 -34.03
C3 PCW QB . -9.10 -12.66 -34.91
C4 PCW QB . -15.09 -11.24 -35.18
C5 PCW QB . -16.45 -11.30 -34.47
C6 PCW QB . -18.46 -9.83 -33.98
C7 PCW QB . -18.03 -10.62 -36.26
C8 PCW QB . -18.44 -11.63 -34.77
C11 PCW QB . -7.10 -13.98 -34.64
C12 PCW QB . -6.29 -14.67 -33.59
C13 PCW QB . -4.86 -15.00 -34.17
C14 PCW QB . -3.92 -15.70 -33.20
C15 PCW QB . -2.61 -16.28 -33.82
C16 PCW QB . -1.59 -16.69 -32.69
C17 PCW QB . -0.36 -17.56 -33.12
C18 PCW QB . 0.83 -17.46 -32.16
C19 PCW QB . 2.18 -17.39 -32.90
C20 PCW QB . 3.34 -16.94 -32.28
C21 PCW QB . 3.61 -16.44 -30.91
C22 PCW QB . 4.47 -17.55 -30.22
C23 PCW QB . 3.71 -18.64 -29.44
C24 PCW QB . 4.53 -19.76 -28.88
C25 PCW QB . 4.56 -21.17 -29.57
C26 PCW QB . 5.69 -22.09 -29.18
C27 PCW QB . 5.39 -23.61 -29.10
C28 PCW QB . 6.50 -24.39 -29.78
C31 PCW QB . -9.78 -10.38 -32.12
C32 PCW QB . -8.81 -9.38 -31.47
C33 PCW QB . -8.79 -9.39 -29.87
C34 PCW QB . -7.84 -8.37 -29.27
C35 PCW QB . -7.54 -8.89 -27.81
C36 PCW QB . -6.48 -8.02 -27.09
C37 PCW QB . -6.11 -8.46 -25.64
C38 PCW QB . -4.85 -7.80 -25.17
C39 PCW QB . -4.48 -8.21 -23.77
C40 PCW QB . -3.44 -8.95 -23.38
C41 PCW QB . -2.42 -9.54 -24.33
C42 PCW QB . -1.40 -10.40 -23.46
C43 PCW QB . -1.20 -11.86 -23.80
C44 PCW QB . -0.19 -12.41 -22.81
C45 PCW QB . -0.75 -12.71 -21.44
C46 PCW QB . 0.28 -13.24 -20.48
C47 PCW QB . -0.07 -13.19 -19.01
C48 PCW QB . 1.06 -13.78 -18.15
N PCW QB . -17.52 -10.47 -34.91
O2 PCW QB . -9.24 -10.81 -33.27
O3 PCW QB . -8.17 -13.36 -34.06
O11 PCW QB . -6.87 -14.00 -35.83
O31 PCW QB . -10.90 -10.74 -31.65
O1P PCW QB . -13.09 -12.04 -33.26
O2P PCW QB . -13.55 -9.79 -32.28
O3P PCW QB . -11.88 -10.03 -34.25
O4P PCW QB . -14.30 -10.24 -34.51
P PCW QB . -13.21 -10.57 -33.50
C1 PCW RB . -13.10 -3.36 -25.25
C2 PCW RB . -11.53 -3.31 -25.10
C3 PCW RB . -10.86 -3.75 -26.44
C4 PCW RB . -15.03 -3.54 -28.43
C5 PCW RB . -14.46 -4.53 -29.45
C6 PCW RB . -14.81 -6.03 -31.49
C7 PCW RB . -16.42 -4.26 -30.95
C8 PCW RB . -14.66 -4.07 -31.44
C11 PCW RB . -8.68 -4.48 -27.13
C12 PCW RB . -7.22 -4.31 -26.81
C13 PCW RB . -6.43 -4.14 -28.16
C14 PCW RB . -4.91 -3.94 -28.00
C15 PCW RB . -4.07 -4.10 -29.31
C16 PCW RB . -3.75 -2.68 -29.91
C17 PCW RB . -2.82 -1.74 -29.08
C18 PCW RB . -1.75 -1.05 -29.93
C19 PCW RB . -0.42 -1.84 -29.96
C20 PCW RB . 0.74 -1.36 -29.39
C21 PCW RB . 1.06 -0.12 -28.65
C22 PCW RB . 1.59 -0.55 -27.25
C23 PCW RB . 0.57 -0.56 -26.08
C24 PCW RB . 0.81 -1.57 -24.99
C25 PCW RB . 1.29 -1.11 -23.58
C26 PCW RB . 1.01 -2.05 -22.43
C27 PCW RB . 2.12 -3.05 -22.03
C28 PCW RB . 2.22 -3.12 -20.52
C31 PCW RB . -10.87 -1.67 -23.54
C32 PCW RB . -10.43 -0.21 -23.38
C33 PCW RB . -10.54 0.38 -21.90
C34 PCW RB . -10.94 1.85 -21.86
C35 PCW RB . -9.61 2.66 -21.57
C36 PCW RB . -9.60 4.05 -22.24
C37 PCW RB . -8.31 4.89 -21.99
C38 PCW RB . -8.03 5.09 -20.54
C39 PCW RB . -6.80 5.90 -20.29
C40 PCW RB . -5.68 5.50 -19.67
C41 PCW RB . -5.49 4.12 -19.08
C42 PCW RB . -5.62 4.23 -17.50
C43 PCW RB . -4.79 5.26 -16.76
C44 PCW RB . -5.13 5.13 -15.29
C45 PCW RB . -4.43 4.00 -14.56
C46 PCW RB . -4.45 4.17 -13.07
C47 PCW RB . -5.07 3.05 -12.27
C48 PCW RB . -5.03 3.34 -10.77
N PCW RB . -15.29 -5.04 -30.50
O2 PCW RB . -11.09 -1.92 -24.83
O3 PCW RB . -9.43 -3.70 -26.30
O11 PCW RB . -9.12 -5.21 -27.98
O31 PCW RB . -10.99 -2.51 -22.59
O1P PCW RB . -15.31 -0.98 -27.07
O2P PCW RB . -12.87 -0.80 -27.54
O3P PCW RB . -13.71 -2.07 -25.45
O4P PCW RB . -13.90 -2.96 -27.72
P PCW RB . -13.96 -1.64 -26.98
C1 PCW SB . -14.88 -20.57 -30.96
C2 PCW SB . -14.08 -19.65 -29.94
C3 PCW SB . -13.11 -20.53 -29.08
C4 PCW SB . -16.96 -18.47 -28.27
C5 PCW SB . -17.89 -18.22 -27.08
C6 PCW SB . -18.43 -15.75 -26.79
C7 PCW SB . -20.23 -17.40 -27.02
C8 PCW SB . -19.00 -17.25 -25.65
C11 PCW SB . -13.07 -19.17 -27.10
C12 PCW SB . -12.12 -18.34 -26.27
C13 PCW SB . -11.44 -19.30 -25.22
C14 PCW SB . -10.43 -18.62 -24.29
C15 PCW SB . -10.42 -19.12 -22.81
C16 PCW SB . -9.66 -20.48 -22.69
C17 PCW SB . -8.10 -20.44 -22.78
C18 PCW SB . -7.42 -21.69 -22.22
C19 PCW SB . -6.30 -22.24 -23.15
C20 PCW SB . -5.01 -21.76 -23.11
C21 PCW SB . -4.35 -20.70 -22.30
C22 PCW SB . -3.82 -21.39 -21.01
C23 PCW SB . -2.56 -20.77 -20.34
C24 PCW SB . -1.72 -21.69 -19.51
C25 PCW SB . -1.22 -21.25 -18.10
C26 PCW SB . -0.20 -22.14 -17.45
C27 PCW SB . 0.41 -21.66 -16.10
C28 PCW SB . -0.42 -22.16 -14.95
C31 PCW SB . -13.66 -17.38 -30.52
C32 PCW SB . -12.71 -16.49 -31.35
C33 PCW SB . -11.14 -16.80 -31.19
C34 PCW SB . -10.27 -16.06 -32.22
C35 PCW SB . -9.10 -15.39 -31.37
C36 PCW SB . -9.43 -13.92 -30.98
C37 PCW SB . -8.34 -13.19 -30.14
C38 PCW SB . -7.25 -12.63 -31.00
C39 PCW SB . -6.18 -11.93 -30.20
C40 PCW SB . -4.93 -11.68 -30.58
C41 PCW SB . -4.35 -12.09 -31.92
C42 PCW SB . -2.81 -12.43 -31.71
C43 PCW SB . -2.41 -13.21 -30.47
C44 PCW SB . -0.91 -13.41 -30.54
C45 PCW SB . -0.41 -14.67 -29.88
C46 PCW SB . 0.59 -14.44 -28.78
C47 PCW SB . 1.22 -15.69 -28.19
C48 PCW SB . 2.21 -15.33 -27.07
N PCW SB . -18.81 -17.13 -27.14
O2 PCW SB . -13.26 -18.65 -30.68
O3 PCW SB . -12.39 -19.69 -28.15
O11 PCW SB . -14.23 -19.34 -26.86
O31 PCW SB . -14.63 -16.98 -29.84
O1P PCW SB . -17.23 -19.04 -31.09
O2P PCW SB . -18.62 -20.95 -30.27
O3P PCW SB . -16.06 -21.18 -30.40
O4P PCW SB . -17.18 -19.83 -28.71
P PCW SB . -17.34 -20.22 -30.16
C1 PCW TB . -12.94 8.67 -30.87
C2 PCW TB . -12.27 8.23 -29.51
C3 PCW TB . -11.53 6.87 -29.72
C4 PCW TB . -14.66 11.62 -31.65
C5 PCW TB . -15.83 12.62 -31.60
C6 PCW TB . -16.46 12.33 -29.14
C7 PCW TB . -16.96 14.42 -30.32
C8 PCW TB . -17.63 12.73 -30.67
C11 PCW TB . -10.90 5.10 -28.24
C12 PCW TB . -10.22 4.86 -26.92
C13 PCW TB . -8.98 3.93 -27.16
C14 PCW TB . -8.17 3.58 -25.91
C15 PCW TB . -6.64 3.87 -25.99
C16 PCW TB . -5.90 3.28 -24.74
C17 PCW TB . -6.20 1.80 -24.36
C18 PCW TB . -5.70 1.42 -22.96
C19 PCW TB . -4.54 0.40 -22.99
C20 PCW TB . -3.60 0.31 -21.98
C21 PCW TB . -3.43 1.06 -20.70
C22 PCW TB . -3.43 -0.01 -19.56
C23 PCW TB . -2.10 -0.27 -18.83
C24 PCW TB . -1.10 -1.16 -19.52
C25 PCW TB . -1.17 -2.70 -19.37
C26 PCW TB . -1.89 -3.47 -20.46
C27 PCW TB . -1.54 -4.96 -20.65
C28 PCW TB . -2.62 -5.66 -21.42
C31 PCW TB . -11.73 10.24 -28.36
C32 PCW TB . -10.56 11.20 -28.05
C33 PCW TB . -9.75 10.88 -26.71
C34 PCW TB . -8.52 11.78 -26.53
C35 PCW TB . -7.35 11.07 -27.35
C36 PCW TB . -6.17 10.62 -26.45
C37 PCW TB . -4.99 9.92 -27.18
C38 PCW TB . -4.59 8.66 -26.47
C39 PCW TB . -3.45 7.93 -27.14
C40 PCW TB . -2.32 7.53 -26.57
C41 PCW TB . -1.96 7.75 -25.11
C42 PCW TB . -1.91 6.33 -24.37
C43 PCW TB . -2.99 6.01 -23.35
C44 PCW TB . -2.70 4.61 -22.80
C45 PCW TB . -1.86 4.57 -21.54
C46 PCW TB . -2.31 5.50 -20.46
C47 PCW TB . -1.25 5.97 -19.49
C48 PCW TB . -1.83 6.92 -18.42
N PCW TB . -16.25 13.16 -30.34
O2 PCW TB . -11.26 9.25 -29.11
O3 PCW TB . -10.92 6.45 -28.50
O11 PCW TB . -11.34 4.25 -28.96
O31 PCW TB . -12.92 10.38 -27.96
O1P PCW TB . -15.00 9.18 -33.26
O2P PCW TB . -16.73 8.67 -31.53
O3P PCW TB . -14.25 8.10 -31.09
O4P PCW TB . -15.13 10.38 -31.03
P PCW TB . -15.32 9.08 -31.79
C1 PCW UB . -31.38 -25.55 -8.67
C2 PCW UB . -30.15 -25.04 -7.83
C3 PCW UB . -30.37 -23.56 -7.37
C4 PCW UB . -35.97 -26.29 -7.89
C5 PCW UB . -35.98 -25.01 -7.04
C6 PCW UB . -36.92 -24.16 -4.84
C7 PCW UB . -35.00 -25.69 -4.84
C8 PCW UB . -35.08 -23.97 -5.53
C11 PCW UB . -28.09 -22.85 -7.27
C12 PCW UB . -27.04 -22.40 -6.29
C13 PCW UB . -26.72 -23.57 -5.30
C14 PCW UB . -25.66 -23.27 -4.24
C15 PCW UB . -26.22 -22.90 -2.83
C16 PCW UB . -26.45 -24.20 -1.98
C17 PCW UB . -27.20 -24.04 -0.60
C18 PCW UB . -26.49 -24.74 0.55
C19 PCW UB . -26.71 -24.03 1.91
C20 PCW UB . -26.62 -24.69 3.13
C21 PCW UB . -26.33 -26.09 3.48
C22 PCW UB . -25.02 -26.08 4.33
C23 PCW UB . -24.33 -27.44 4.59
C24 PCW UB . -23.19 -27.45 5.56
C25 PCW UB . -22.16 -28.62 5.58
C26 PCW UB . -21.47 -28.89 6.89
C27 PCW UB . -22.33 -29.36 8.09
C28 PCW UB . -21.43 -29.88 9.19
C31 PCW UB . -29.33 -26.99 -6.78
C32 PCW UB . -29.22 -27.73 -5.43
C33 PCW UB . -27.76 -28.27 -5.06
C34 PCW UB . -26.62 -27.42 -5.64
C35 PCW UB . -25.53 -27.33 -4.49
C36 PCW UB . -24.31 -26.49 -4.91
C37 PCW UB . -23.19 -26.35 -3.83
C38 PCW UB . -22.21 -25.27 -4.18
C39 PCW UB . -21.12 -25.11 -3.15
C40 PCW UB . -20.78 -24.01 -2.50
C41 PCW UB . -21.45 -22.65 -2.68
C42 PCW UB . -20.63 -21.56 -1.87
C43 PCW UB . -20.21 -21.86 -0.44
C44 PCW UB . -19.45 -20.65 0.08
C45 PCW UB . -18.31 -20.99 1.03
C46 PCW UB . -17.04 -20.23 0.77
C47 PCW UB . -15.74 -21.00 0.92
C48 PCW UB . -14.52 -20.12 0.61
N PCW UB . -36.08 -25.09 -5.61
O2 PCW UB . -29.99 -25.85 -6.58
O3 PCW UB . -29.25 -23.12 -6.61
O11 PCW UB . -27.92 -22.97 -8.46
O31 PCW UB . -28.87 -27.42 -7.88
O1P PCW UB . -33.88 -26.23 -9.93
O2P PCW UB . -33.22 -28.38 -8.87
O3P PCW UB . -32.42 -26.15 -7.87
O4P PCW UB . -34.70 -26.95 -7.66
P PCW UB . -33.57 -26.96 -8.67
C1 PCW VB . -30.77 26.68 -8.37
C2 PCW VB . -30.46 27.28 -6.95
C3 PCW VB . -30.38 26.15 -5.88
C4 PCW VB . -33.31 30.33 -8.37
C5 PCW VB . -33.39 30.90 -6.96
C6 PCW VB . -35.66 31.57 -7.51
C7 PCW VB . -34.50 32.70 -5.83
C8 PCW VB . -35.23 30.60 -5.34
C11 PCW VB . -31.07 27.33 -3.89
C12 PCW VB . -30.53 27.83 -2.60
C13 PCW VB . -30.96 26.84 -1.46
C14 PCW VB . -30.49 27.21 -0.05
C15 PCW VB . -31.12 28.49 0.55
C16 PCW VB . -30.06 29.31 1.38
C17 PCW VB . -30.28 30.85 1.52
C18 PCW VB . -30.97 31.25 2.83
C19 PCW VB . -31.62 32.65 2.75
C20 PCW VB . -31.71 33.49 3.86
C21 PCW VB . -31.27 33.34 5.27
C22 PCW VB . -30.63 34.70 5.68
C23 PCW VB . -29.16 34.96 5.27
C24 PCW VB . -28.67 36.38 5.36
C25 PCW VB . -28.56 37.08 6.75
C26 PCW VB . -27.16 37.38 7.25
C27 PCW VB . -27.00 38.45 8.35
C28 PCW VB . -26.10 37.94 9.44
C31 PCW VB . -29.21 29.29 -6.86
C32 PCW VB . -27.78 29.86 -6.89
C33 PCW VB . -27.46 30.95 -5.77
C34 PCW VB . -26.85 32.23 -6.34
C35 PCW VB . -27.02 33.32 -5.21
C36 PCW VB . -25.88 34.37 -5.22
C37 PCW VB . -25.97 35.49 -4.14
C38 PCW VB . -25.93 34.93 -2.75
C39 PCW VB . -26.00 35.99 -1.68
C40 PCW VB . -24.98 36.63 -1.12
C41 PCW VB . -23.53 36.39 -1.47
C42 PCW VB . -22.84 35.61 -0.26
C43 PCW VB . -21.63 36.22 0.40
C44 PCW VB . -21.20 35.27 1.51
C45 PCW VB . -22.07 35.29 2.74
C46 PCW VB . -21.31 35.12 4.02
C47 PCW VB . -22.03 34.38 5.12
C48 PCW VB . -21.15 34.27 6.38
N PCW VB . -34.63 31.41 -6.45
O2 PCW VB . -29.13 27.97 -6.98
O3 PCW VB . -30.08 26.70 -4.59
O11 PCW VB . -32.20 27.46 -4.28
O31 PCW VB . -30.27 29.97 -6.74
O1P PCW VB . -33.01 28.67 -10.74
O2P PCW VB . -33.58 26.84 -9.13
O3P PCW VB . -31.15 27.66 -9.36
O4P PCW VB . -32.89 28.95 -8.24
P PCW VB . -32.71 28.01 -9.41
C1 PCW WB . -28.42 22.33 -13.52
C2 PCW WB . -26.96 21.71 -13.49
C3 PCW WB . -26.39 21.66 -14.95
C4 PCW WB . -27.76 25.77 -15.87
C5 PCW WB . -27.40 27.09 -15.20
C6 PCW WB . -29.46 28.08 -15.99
C7 PCW WB . -27.41 28.92 -16.73
C8 PCW WB . -28.02 29.41 -14.59
C11 PCW WB . -24.64 20.52 -16.09
C12 PCW WB . -23.26 19.96 -15.90
C13 PCW WB . -23.23 18.51 -16.51
C14 PCW WB . -21.89 17.77 -16.40
C15 PCW WB . -21.98 16.22 -16.56
C16 PCW WB . -21.01 15.72 -17.68
C17 PCW WB . -19.77 14.88 -17.23
C18 PCW WB . -18.44 15.48 -17.68
C19 PCW WB . -17.23 14.85 -16.97
C20 PCW WB . -16.09 15.59 -16.66
C21 PCW WB . -15.73 17.01 -16.87
C22 PCW WB . -14.26 17.03 -17.38
C23 PCW WB . -13.21 17.71 -16.47
C24 PCW WB . -11.92 16.97 -16.27
C25 PCW WB . -10.55 17.68 -16.38
C26 PCW WB . -9.60 17.17 -17.45
C27 PCW WB . -9.29 18.10 -18.64
C28 PCW WB . -8.53 17.35 -19.71
C31 PCW WB . -25.97 22.21 -11.41
C32 PCW WB . -25.03 23.20 -10.67
C33 PCW WB . -23.63 23.49 -11.39
C34 PCW WB . -22.94 24.76 -10.90
C35 PCW WB . -21.41 24.58 -11.26
C36 PCW WB . -20.50 25.52 -10.43
C37 PCW WB . -18.97 25.39 -10.73
C38 PCW WB . -18.15 25.51 -9.49
C39 PCW WB . -16.68 25.39 -9.74
C40 PCW WB . -15.98 24.28 -9.88
C41 PCW WB . -16.60 22.89 -9.81
C42 PCW WB . -15.41 21.83 -9.71
C43 PCW WB . -14.92 21.43 -8.33
C44 PCW WB . -13.80 20.42 -8.54
C45 PCW WB . -12.53 20.71 -7.77
C46 PCW WB . -11.96 19.51 -7.05
C47 PCW WB . -11.48 18.37 -7.90
C48 PCW WB . -10.92 17.23 -7.04
N PCW WB . -28.04 28.31 -15.61
O2 PCW WB . -26.07 22.58 -12.67
O3 PCW WB . -25.08 21.09 -14.94
O11 PCW WB . -25.27 20.47 -17.12
O31 PCW WB . -26.53 21.21 -10.88
O1P PCW WB . -30.01 24.06 -16.57
O2P PCW WB . -30.62 24.39 -14.17
O3P PCW WB . -28.94 22.56 -14.85
O4P PCW WB . -28.39 24.94 -14.86
P PCW WB . -29.56 24.01 -15.14
C1 PCW XB . -20.50 9.69 -21.10
C2 PCW XB . -19.33 9.27 -20.12
C3 PCW XB . -19.74 7.98 -19.33
C4 PCW XB . -18.91 9.32 -24.39
C5 PCW XB . -18.66 10.49 -25.35
C6 PCW XB . -18.81 12.63 -23.97
C7 PCW XB . -17.04 12.35 -25.62
C8 PCW XB . -18.86 12.44 -25.93
C11 PCW XB . -18.93 7.58 -17.11
C12 PCW XB . -17.69 7.11 -16.38
C13 PCW XB . -17.23 5.74 -17.01
C14 PCW XB . -15.98 5.13 -16.39
C15 PCW XB . -15.82 3.59 -16.55
C16 PCW XB . -14.91 3.00 -15.41
C17 PCW XB . -15.50 1.83 -14.57
C18 PCW XB . -15.02 1.82 -13.12
C19 PCW XB . -16.06 1.20 -12.14
C20 PCW XB . -16.05 -0.15 -11.82
C21 PCW XB . -15.19 -1.28 -12.24
C22 PCW XB . -13.92 -1.25 -11.34
C23 PCW XB . -14.09 -0.96 -9.83
C24 PCW XB . -14.26 -2.14 -8.93
C25 PCW XB . -13.74 -2.12 -7.47
C26 PCW XB . -14.31 -1.06 -6.56
C27 PCW XB . -15.05 -1.52 -5.29
C28 PCW XB . -16.27 -0.66 -5.04
C31 PCW XB . -17.35 9.99 -21.23
C32 PCW XB . -16.12 9.48 -21.98
C33 PCW XB . -15.02 10.59 -22.36
C34 PCW XB . -14.63 11.48 -21.17
C35 PCW XB . -13.44 10.74 -20.45
C36 PCW XB . -12.53 11.72 -19.67
C37 PCW XB . -11.32 11.06 -18.91
C38 PCW XB . -11.13 11.65 -17.55
C39 PCW XB . -9.97 11.04 -16.81
C40 PCW XB . -9.79 11.02 -15.49
C41 PCW XB . -10.75 11.61 -14.47
C42 PCW XB . -9.88 12.42 -13.40
C43 PCW XB . -9.78 13.94 -13.54
C44 PCW XB . -8.90 14.43 -12.41
C45 PCW XB . -9.50 15.53 -11.55
C46 PCW XB . -9.14 15.43 -10.10
C47 PCW XB . -7.96 16.25 -9.63
C48 PCW XB . -7.73 16.05 -8.12
N PCW XB . -18.09 11.71 -24.87
O2 PCW XB . -18.09 8.93 -20.88
O3 PCW XB . -18.68 7.60 -18.45
O11 PCW XB . -19.97 7.87 -16.59
O31 PCW XB . -17.64 11.21 -20.99
O1P PCW XB . -20.69 7.13 -23.73
O2P PCW XB . -22.46 8.88 -23.94
O3P PCW XB . -21.18 8.57 -21.73
O4P PCW XB . -20.16 9.59 -23.71
P PCW XB . -21.15 8.49 -23.33
C1 PCW YB . -29.80 -10.12 -9.28
C2 PCW YB . -28.40 -10.80 -8.99
C3 PCW YB . -28.10 -10.71 -7.46
C4 PCW YB . -32.35 -7.74 -11.75
C5 PCW YB . -33.43 -8.00 -10.71
C6 PCW YB . -35.50 -6.88 -9.71
C7 PCW YB . -35.54 -7.76 -11.99
C8 PCW YB . -35.33 -8.70 -10.42
C11 PCW YB . -25.97 -10.65 -6.34
C12 PCW YB . -24.70 -11.45 -6.17
C13 PCW YB . -24.03 -11.02 -4.81
C14 PCW YB . -22.72 -11.73 -4.46
C15 PCW YB . -21.41 -10.95 -4.78
C16 PCW YB . -20.38 -11.06 -3.58
C17 PCW YB . -19.13 -12.00 -3.79
C18 PCW YB . -17.90 -11.58 -2.98
C19 PCW YB . -17.39 -12.69 -2.03
C20 PCW YB . -16.06 -13.07 -1.97
C21 PCW YB . -14.84 -12.61 -2.68
C22 PCW YB . -13.63 -13.11 -1.83
C23 PCW YB . -12.41 -13.70 -2.60
C24 PCW YB . -11.19 -14.00 -1.79
C25 PCW YB . -9.92 -14.60 -2.46
C26 PCW YB . -8.92 -15.27 -1.53
C27 PCW YB . -7.55 -15.66 -2.13
C28 PCW YB . -6.44 -15.25 -1.18
C31 PCW YB . -28.12 -12.50 -10.62
C32 PCW YB . -28.21 -14.02 -10.82
C33 PCW YB . -26.99 -14.88 -10.25
C34 PCW YB . -27.37 -15.74 -9.04
C35 PCW YB . -26.27 -15.44 -7.95
C36 PCW YB . -26.85 -15.44 -6.52
C37 PCW YB . -25.83 -15.15 -5.39
C38 PCW YB . -26.46 -14.56 -4.18
C39 PCW YB . -25.49 -14.28 -3.08
C40 PCW YB . -25.53 -14.73 -1.83
C41 PCW YB . -26.62 -15.63 -1.28
C42 PCW YB . -26.30 -15.88 0.26
C43 PCW YB . -27.25 -16.78 1.05
C44 PCW YB . -26.69 -16.84 2.47
C45 PCW YB . -26.76 -18.18 3.13
C46 PCW YB . -25.96 -18.26 4.40
C47 PCW YB . -26.45 -17.39 5.54
C48 PCW YB . -25.57 -17.54 6.80
N PCW YB . -34.73 -7.41 -10.85
O2 PCW YB . -28.44 -12.24 -9.35
O3 PCW YB . -26.82 -11.32 -7.18
O11 PCW YB . -26.22 -9.59 -5.83
O31 PCW YB . -27.81 -11.66 -11.50
O1P PCW YB . -29.52 -8.12 -11.14
O2P PCW YB . -29.67 -9.82 -12.99
O3P PCW YB . -30.36 -10.46 -10.58
O4P PCW YB . -31.71 -9.03 -12.01
P PCW YB . -30.24 -9.31 -11.72
C1 PCW ZB . -37.98 -8.31 -5.35
C2 PCW ZB . -36.46 -8.10 -4.96
C3 PCW ZB . -35.97 -6.69 -5.46
C4 PCW ZB . -36.81 -12.00 -5.12
C5 PCW ZB . -37.21 -13.33 -5.77
C6 PCW ZB . -37.10 -14.93 -7.74
C7 PCW ZB . -35.48 -13.11 -7.53
C8 PCW ZB . -35.71 -14.55 -6.42
C11 PCW ZB . -33.63 -6.87 -6.00
C12 PCW ZB . -32.28 -6.62 -5.40
C13 PCW ZB . -31.95 -7.82 -4.46
C14 PCW ZB . -30.59 -7.74 -3.76
C15 PCW ZB . -30.26 -8.94 -2.81
C16 PCW ZB . -30.48 -10.31 -3.55
C17 PCW ZB . -29.81 -11.57 -2.92
C18 PCW ZB . -28.33 -11.39 -2.62
C19 PCW ZB . -27.92 -11.98 -1.25
C20 PCW ZB . -26.85 -11.48 -0.53
C21 PCW ZB . -25.88 -10.39 -0.80
C22 PCW ZB . -24.96 -10.28 0.45
C23 PCW ZB . -23.87 -11.37 0.62
C24 PCW ZB . -22.45 -10.90 0.64
C25 PCW ZB . -21.35 -11.69 -0.11
C26 PCW ZB . -21.16 -13.15 0.29
C27 PCW ZB . -20.07 -13.46 1.33
C28 PCW ZB . -19.39 -14.77 1.01
C31 PCW ZB . -35.36 -8.91 -3.03
C32 PCW ZB . -35.30 -8.79 -1.50
C33 PCW ZB . -34.20 -7.77 -0.93
C34 PCW ZB . -33.24 -8.42 0.07
C35 PCW ZB . -33.09 -7.37 1.25
C36 PCW ZB . -32.49 -7.99 2.53
C37 PCW ZB . -32.32 -7.02 3.75
C38 PCW ZB . -31.16 -6.08 3.55
C39 PCW ZB . -30.97 -5.14 4.71
C40 PCW ZB . -29.89 -4.40 4.98
C41 PCW ZB . -28.64 -4.38 4.13
C42 PCW ZB . -27.46 -5.10 4.93
C43 PCW ZB . -27.72 -6.46 5.55
C44 PCW ZB . -26.44 -6.89 6.23
C45 PCW ZB . -26.46 -6.82 7.74
C46 PCW ZB . -25.20 -6.29 8.36
C47 PCW ZB . -24.07 -7.27 8.56
C48 PCW ZB . -22.84 -6.60 9.19
N PCW ZB . -36.72 -13.69 -7.06
O2 PCW ZB . -36.30 -8.10 -3.48
O3 PCW ZB . -34.59 -6.51 -5.11
O11 PCW ZB . -33.85 -7.35 -7.08
O31 PCW ZB . -34.62 -9.66 -3.74
O1P PCW ZB . -39.17 -11.41 -3.51
O2P PCW ZB . -40.15 -10.77 -5.73
O3P PCW ZB . -38.73 -9.09 -4.39
O4P PCW ZB . -37.75 -11.00 -5.57
P PCW ZB . -39.01 -10.63 -4.79
C1 PCW AC . -42.11 -7.26 -0.53
C2 PCW AC . -40.86 -7.21 0.42
C3 PCW AC . -39.54 -7.26 -0.42
C4 PCW AC . -40.52 -3.11 -1.80
C5 PCW AC . -39.35 -3.72 -2.57
C6 PCW AC . -37.84 -2.55 -4.26
C7 PCW AC . -37.12 -2.84 -1.93
C8 PCW AC . -37.46 -4.16 -3.19
C11 PCW AC . -37.71 -6.03 0.53
C12 PCW AC . -36.57 -6.16 1.51
C13 PCW AC . -35.93 -4.73 1.70
C14 PCW AC . -34.74 -4.67 2.67
C15 PCW AC . -33.61 -3.67 2.27
C16 PCW AC . -33.40 -2.62 3.41
C17 PCW AC . -32.02 -1.87 3.43
C18 PCW AC . -31.90 -0.80 2.34
C19 PCW AC . -32.87 0.38 2.54
C20 PCW AC . -32.49 1.55 3.19
C21 PCW AC . -31.22 1.97 3.81
C22 PCW AC . -30.64 3.08 2.90
C23 PCW AC . -29.47 2.70 1.96
C24 PCW AC . -28.31 3.63 1.91
C25 PCW AC . -28.51 5.15 1.62
C26 PCW AC . -27.28 5.94 1.23
C27 PCW AC . -27.30 6.70 -0.12
C28 PCW AC . -26.46 7.95 0.00
C31 PCW AC . -40.89 -6.14 2.53
C32 PCW AC . -40.86 -4.75 3.21
C33 PCW AC . -40.03 -4.68 4.59
C34 PCW AC . -38.53 -4.48 4.39
C35 PCW AC . -37.84 -5.67 5.19
C36 PCW AC . -36.41 -5.30 5.66
C37 PCW AC . -35.65 -6.42 6.45
C38 PCW AC . -34.25 -6.01 6.81
C39 PCW AC . -33.53 -7.08 7.58
C40 PCW AC . -32.34 -6.98 8.17
C41 PCW AC . -31.48 -5.73 8.16
C42 PCW AC . -30.32 -5.91 9.23
C43 PCW AC . -29.27 -4.81 9.35
C44 PCW AC . -28.29 -5.23 10.44
C45 PCW AC . -28.64 -4.79 11.84
C46 PCW AC . -29.17 -3.38 11.92
C47 PCW AC . -28.25 -2.35 12.53
C48 PCW AC . -28.90 -0.95 12.56
N PCW AC . -38.22 -2.91 -2.87
O2 PCW AC . -40.84 -5.95 1.21
O3 PCW AC . -38.40 -7.20 0.46
O11 PCW AC . -37.99 -5.04 -0.09
O31 PCW AC . -40.95 -7.25 3.11
O1P PCW AC . -43.15 -4.19 -2.41
O2P PCW AC . -43.19 -4.70 0.03
O3P PCW AC . -42.05 -6.31 -1.62
O4P PCW AC . -41.08 -4.18 -0.98
P PCW AC . -42.43 -4.79 -1.24
C1 PCW BC . -10.33 12.56 -36.74
C2 PCW BC . -9.66 12.23 -35.35
C3 PCW BC . -8.55 11.13 -35.55
C4 PCW BC . -13.19 16.10 -35.71
C5 PCW BC . -14.05 15.86 -34.48
C6 PCW BC . -12.88 16.39 -32.43
C7 PCW BC . -15.18 16.78 -32.57
C8 PCW BC . -13.83 18.20 -33.71
C11 PCW BC . -7.18 9.68 -34.23
C12 PCW BC . -6.61 9.52 -32.84
C13 PCW BC . -7.03 8.11 -32.29
C14 PCW BC . -6.54 7.78 -30.88
C15 PCW BC . -7.11 8.68 -29.74
C16 PCW BC . -8.15 7.89 -28.87
C17 PCW BC . -7.63 7.29 -27.51
C18 PCW BC . -8.38 7.80 -26.29
C19 PCW BC . -7.91 7.15 -24.97
C20 PCW BC . -7.64 7.88 -23.82
C21 PCW BC . -7.71 9.33 -23.52
C22 PCW BC . -7.29 9.49 -22.03
C23 PCW BC . -5.76 9.58 -21.73
C24 PCW BC . -5.31 9.10 -20.38
C25 PCW BC . -4.42 9.99 -19.48
C26 PCW BC . -4.90 10.21 -18.06
C27 PCW BC . -5.13 11.66 -17.58
C28 PCW BC . -6.58 12.05 -17.75
C31 PCW BC . -9.81 14.32 -34.23
C32 PCW BC . -8.97 15.51 -33.73
C33 PCW BC . -8.08 15.23 -32.43
C34 PCW BC . -8.44 16.14 -31.25
C35 PCW BC . -8.08 15.30 -29.96
C36 PCW BC . -8.38 16.07 -28.65
C37 PCW BC . -8.06 15.29 -27.34
C38 PCW BC . -6.62 15.40 -26.94
C39 PCW BC . -6.30 14.66 -25.67
C40 PCW BC . -5.19 13.98 -25.41
C41 PCW BC . -4.01 13.83 -26.35
C42 PCW BC . -2.70 14.23 -25.54
C43 PCW BC . -1.78 15.29 -26.12
C44 PCW BC . -0.62 15.46 -25.15
C45 PCW BC . 0.74 15.59 -25.80
C46 PCW BC . 0.99 16.96 -26.38
C47 PCW BC . 2.27 17.64 -25.95
C48 PCW BC . 2.40 19.03 -26.60
N PCW BC . -13.98 16.76 -33.36
O2 PCW BC . -8.99 13.45 -34.81
O3 PCW BC . -7.93 10.81 -34.30
O11 PCW BC . -6.99 8.92 -35.14
O31 PCW BC . -11.07 14.21 -34.11
O1P PCW BC . -10.84 15.30 -37.20
O2P PCW BC . -12.52 14.23 -38.71
O3P PCW BC . -11.70 13.00 -36.62
O4P PCW BC . -13.22 14.89 -36.51
P PCW BC . -12.04 14.40 -37.32
C1 17F CC . -44.28 7.43 6.31
N1 17F CC . -44.78 5.01 6.67
O1 17F CC . -46.74 8.09 7.82
P1 17F CC . -45.94 9.18 7.12
C2 17F CC . -45.14 6.21 5.93
O2 17F CC . -46.74 10.25 6.43
C3 17F CC . -45.02 5.94 4.43
O3 17F CC . -44.97 8.62 6.05
C4 17F CC . -44.15 11.02 7.69
O4 17F CC . -45.27 6.83 3.61
C5 17F CC . -43.32 11.65 8.85
O5 17F CC . -44.66 4.80 3.95
C6 17F CC . -44.11 11.55 10.17
O6 17F CC . -45.00 9.95 8.13
C7 17F CC . -43.99 12.91 12.07
O7 17F CC . -43.38 12.11 11.26
C8 17F CC . -42.97 13.36 13.16
O8 17F CC . -45.13 13.31 12.07
C9 17F CC . -41.76 14.13 12.60
O9 17F CC . -42.01 11.06 8.97
C10 17F CC . -40.71 14.61 13.68
O10 17F CC . -41.16 13.08 8.23
C11 17F CC . -39.36 13.79 13.71
C12 17F CC . -38.37 14.33 14.81
C17 17F CC . -41.06 11.91 8.64
C18 17F CC . -39.67 11.31 8.80
C19 17F CC . -39.07 11.45 10.23
C20 17F CC . -37.76 10.60 10.41
C1X 17F CC . -37.09 13.50 14.79
C1Y 17F CC . -37.18 10.77 11.85
C1Z 17F CC . -35.77 11.40 11.81
C2X 17F CC . -36.04 14.01 15.91
C21 17F CC . -34.57 13.98 15.38
C22 17F CC . -33.53 13.93 16.14
C23 17F CC . -33.50 13.89 17.61
C24 17F CC . -33.92 12.55 18.20
C25 17F CC . -33.92 12.44 19.71
C26 17F CC . -32.54 11.96 20.36
C27 17F CC . -32.53 11.85 21.86
C28 17F CC . -31.09 11.37 22.28
C29 17F CC . -30.91 9.97 21.82
C30 17F CC . -29.57 9.37 22.14
C31 17F CC . -34.62 10.57 11.14
C32 17F CC . -33.23 11.24 11.14
C33 17F CC . -32.16 10.21 11.47
C34 17F CC . -30.87 10.48 11.54
C35 17F CC . -30.22 11.82 11.32
C36 17F CC . -29.00 12.11 12.22
C37 17F CC . -28.18 13.16 11.57
C38 17F CC . -27.35 12.66 10.36
C39 17F CC . -26.54 13.80 9.72
C40 17F CC . -27.10 14.16 8.35
C41 17F CC . -27.51 15.68 8.29
C42 17F CC . -27.56 16.38 6.93
C1 17F DC . -30.00 7.57 -16.19
N1 17F DC . -30.34 5.37 -15.04
O1 17F DC . -32.17 7.70 -13.81
P1 17F DC . -31.60 8.81 -14.65
C2 17F DC . -30.32 6.06 -16.31
O2 17F DC . -32.49 10.01 -14.87
C3 17F DC . -29.33 5.38 -17.25
O3 17F DC . -31.17 8.33 -16.06
C4 17F DC . -29.55 10.47 -14.61
O4 17F DC . -29.14 5.79 -18.39
C5 17F DC . -28.26 10.83 -13.80
O5 17F DC . -28.66 4.34 -16.90
C6 17F DC . -28.53 12.04 -12.89
O6 17F DC . -30.27 9.40 -14.02
C7 17F DC . -27.10 13.55 -11.78
O7 17F DC . -27.36 12.34 -12.15
C8 17F DC . -25.81 13.49 -10.93
O8 17F DC . -27.69 14.59 -11.97
C9 17F DC . -26.00 12.54 -9.71
O9 17F DC . -27.75 9.72 -13.06
C10 17F DC . -24.77 12.35 -8.77
O10 17F DC . -26.42 8.83 -14.71
C11 17F DC . -24.32 10.84 -8.72
C12 17F DC . -23.09 10.58 -7.80
C17 17F DC . -26.63 9.27 -13.57
C18 17F DC . -25.47 9.33 -12.60
C19 17F DC . -24.06 9.27 -13.25
C20 17F DC . -23.01 8.47 -12.37
C1X 17F DC . -22.77 9.09 -7.84
C1Y 17F DC . -21.63 8.43 -13.06
C1Z 17F DC . -20.68 9.47 -12.45
C2X 17F DC . -21.52 8.70 -6.93
C21 17F DC . -20.48 7.85 -7.70
C22 17F DC . -19.95 6.77 -7.28
C23 17F DC . -20.19 6.10 -5.99
C24 17F DC . -21.45 5.23 -5.93
C25 17F DC . -21.71 4.54 -4.61
C26 17F DC . -20.44 4.37 -3.64
C27 17F DC . -20.73 3.66 -2.34
C28 17F DC . -19.37 3.60 -1.54
C29 17F DC . -18.37 2.90 -2.36
C30 17F DC . -17.03 2.77 -1.71
C31 17F DC . -19.14 9.18 -12.59
C32 17F DC . -18.18 10.24 -11.98
C33 17F DC . -17.80 9.82 -10.57
C34 17F DC . -16.99 10.50 -9.77
C35 17F DC . -16.29 11.80 -10.08
C36 17F DC . -15.26 12.25 -9.00
C37 17F DC . -13.95 11.63 -9.29
C38 17F DC . -12.98 11.53 -8.09
C39 17F DC . -11.65 10.87 -8.48
C40 17F DC . -10.89 10.40 -7.24
C41 17F DC . -10.82 8.82 -7.20
C42 17F DC . -10.26 8.13 -5.95
C1 17F EC . -41.15 14.07 2.58
N1 17F EC . -41.42 11.76 1.68
O1 17F EC . -40.86 12.34 4.96
P1 17F EC . -41.66 13.62 5.02
C2 17F EC . -41.69 13.17 1.47
O2 17F EC . -42.93 13.58 5.82
C3 17F EC . -41.09 13.61 0.12
O3 17F EC . -42.06 14.16 3.62
C4 17F EC . -41.37 16.11 5.81
O4 17F EC . -41.19 14.77 -0.27
C5 17F EC . -40.37 17.12 6.45
O5 17F EC . -40.46 12.80 -0.66
C6 17F EC . -40.90 18.56 6.30
O6 17F EC . -40.82 14.80 5.65
C7 17F EC . -40.41 20.23 7.85
O7 17F EC . -40.00 19.50 6.89
C8 17F EC . -39.23 21.12 8.33
O8 17F EC . -41.49 20.28 8.40
C9 17F EC . -38.70 22.08 7.23
O9 17F EC . -40.09 16.81 7.82
C10 17F EC . -37.51 23.00 7.64
O10 17F EC . -37.87 16.48 7.28
C11 17F EC . -36.14 22.68 6.92
C12 17F EC . -34.99 23.66 7.38
C17 17F EC . -38.88 16.29 7.97
C18 17F EC . -38.81 15.36 9.15
C19 17F EC . -39.24 15.99 10.50
C20 17F EC . -38.33 17.22 10.88
C1X 17F EC . -33.68 23.32 6.65
C1Y 17F EC . -38.78 17.85 12.23
C1Z 17F EC . -37.92 19.08 12.55
C2X 17F EC . -32.48 24.29 7.10
C21 17F EC . -31.10 23.86 6.52
C22 17F EC . -30.42 22.84 6.94
C23 17F EC . -30.80 21.88 7.99
C24 17F EC . -29.63 21.18 8.67
C25 17F EC . -29.97 20.19 9.76
C26 17F EC . -28.74 19.59 10.57
C27 17F EC . -29.11 18.60 11.65
C28 17F EC . -27.78 18.12 12.34
C29 17F EC . -27.36 16.86 11.71
C30 17F EC . -26.09 16.29 12.26
C31 17F EC . -37.92 19.55 14.03
C32 17F EC . -37.03 20.81 14.32
C33 17F EC . -36.71 20.87 15.81
C34 17F EC . -35.97 21.81 16.37
C35 17F EC . -35.31 23.00 15.68
C36 17F EC . -33.80 22.82 15.36
C37 17F EC . -33.01 22.91 16.62
C38 17F EC . -32.94 24.32 17.26
C39 17F EC . -32.12 24.33 18.56
C40 17F EC . -31.53 25.71 18.82
C41 17F EC . -32.47 26.53 19.81
C42 17F EC . -32.05 26.68 21.28
C1 17F FC . -26.85 -29.09 -20.31
N1 17F FC . -28.46 -28.02 -18.71
O1 17F FC . -25.88 -31.22 -17.25
P1 17F FC . -25.62 -30.26 -18.40
C2 17F FC . -27.16 -27.92 -19.35
O2 17F FC . -25.00 -31.36 -19.22
C3 17F FC . -27.07 -26.59 -20.13
O3 17F FC . -26.58 -30.27 -19.62
C4 17F FC . -23.85 -28.78 -19.65
O4 17F FC . -26.05 -26.29 -20.75
C5 17F FC . -22.38 -28.28 -19.68
O5 17F FC . -28.03 -25.73 -20.14
C6 17F FC . -22.37 -26.83 -19.16
O6 17F FC . -24.16 -29.68 -18.58
C7 17F FC . -20.83 -25.30 -19.98
O7 17F FC . -21.08 -26.25 -19.14
C8 17F FC . -19.38 -24.82 -19.74
O8 17F FC . -21.52 -24.79 -20.81
C9 17F FC . -19.29 -23.69 -18.67
O9 17F FC . -21.48 -29.13 -18.94
C10 17F FC . -17.84 -23.13 -18.38
O10 17F FC . -20.65 -30.07 -20.88
C11 17F FC . -16.75 -23.66 -19.38
C12 17F FC . -15.32 -23.09 -19.07
C17 17F FC . -20.98 -30.09 -19.68
C18 17F FC . -20.81 -31.38 -18.90
C19 17F FC . -20.60 -32.66 -19.75
C20 17F FC . -19.18 -33.32 -19.51
C1X 17F FC . -14.32 -23.65 -20.09
C1Y 17F FC . -19.02 -34.59 -20.38
C1Z 17F FC . -17.68 -35.29 -20.08
C2X 17F FC . -12.83 -23.12 -19.88
C21 17F FC . -12.22 -22.61 -21.22
C22 17F FC . -11.39 -23.27 -21.95
C23 17F FC . -10.87 -24.62 -21.69
C24 17F FC . -9.71 -24.67 -20.70
C25 17F FC . -9.12 -26.02 -20.38
C26 17F FC . -8.15 -26.06 -19.09
C27 17F FC . -7.55 -27.42 -18.76
C28 17F FC . -6.65 -27.24 -17.48
C29 17F FC . -7.47 -27.48 -16.28
C30 17F FC . -6.72 -27.35 -14.97
C31 17F FC . -17.53 -35.98 -18.69
C32 17F FC . -16.17 -36.67 -18.42
C33 17F FC . -15.50 -35.97 -17.25
C34 17F FC . -14.30 -36.30 -16.75
C35 17F FC . -13.38 -37.41 -17.22
C36 17F FC . -13.74 -38.83 -16.68
C37 17F FC . -13.13 -39.03 -15.35
C38 17F FC . -13.57 -40.32 -14.60
C39 17F FC . -12.88 -40.44 -13.24
C40 17F FC . -12.55 -41.91 -12.93
C41 17F FC . -13.58 -42.51 -11.90
C42 17F FC . -14.56 -43.60 -12.36
C1 17F GC . -23.17 21.44 -23.14
N1 17F GC . -25.09 22.11 -24.61
O1 17F GC . -23.13 18.26 -21.22
P1 17F GC . -22.46 19.56 -21.60
C2 17F GC . -24.69 21.67 -23.29
O2 17F GC . -22.61 20.70 -20.62
C3 17F GC . -25.15 22.69 -22.24
O3 17F GC . -22.89 20.09 -22.99
C4 17F GC . -20.03 20.45 -22.09
O4 17F GC . -24.94 22.51 -21.04
C5 17F GC . -18.53 20.04 -22.15
O5 17F GC . -25.80 23.76 -22.56
C6 17F GC . -18.05 19.89 -23.61
O6 17F GC . -20.89 19.37 -21.74
C7 17F GC . -15.94 19.92 -24.63
O7 17F GC . -16.68 19.52 -23.65
C8 17F GC . -14.51 19.40 -24.36
O8 17F GC . -16.19 20.61 -25.59
C9 17F GC . -13.75 18.94 -25.63
O9 17F GC . -17.69 20.94 -21.42
C10 17F GC . -12.29 18.41 -25.38
O10 17F GC . -16.06 19.90 -20.17
C11 17F GC . -12.24 16.98 -24.72
C12 17F GC . -10.78 16.48 -24.47
C17 17F GC . -17.18 20.39 -20.33
C18 17F GC . -18.17 20.38 -19.18
C19 17F GC . -17.60 19.85 -17.84
C20 17F GC . -17.84 20.85 -16.65
C1X 17F GC . -10.83 15.10 -23.83
C1Y 17F GC . -17.26 20.29 -15.33
C1Z 17F GC . -15.78 20.68 -15.18
C2X 17F GC . -9.38 14.48 -23.52
C21 17F GC . -9.36 13.75 -22.14
C22 17F GC . -8.30 13.35 -21.53
C23 17F GC . -6.90 13.47 -21.95
C24 17F GC . -6.16 14.66 -21.34
C25 17F GC . -4.70 14.81 -21.73
C26 17F GC . -3.75 13.59 -21.32
C27 17F GC . -2.30 13.75 -21.70
C28 17F GC . -1.54 12.46 -21.22
C29 17F GC . -1.63 11.43 -22.27
C30 17F GC . -0.95 10.13 -21.95
C31 17F GC . -15.46 22.22 -15.11
C32 17F GC . -13.97 22.58 -14.96
C33 17F GC . -13.64 22.72 -13.47
C34 17F GC . -12.44 23.03 -13.00
C35 17F GC . -11.17 23.29 -13.78
C36 17F GC . -10.54 24.70 -13.54
C37 17F GC . -10.20 24.86 -12.11
C38 17F GC . -9.99 26.33 -11.64
C39 17F GC . -9.63 26.40 -10.15
C40 17F GC . -8.32 27.16 -9.94
C41 17F GC . -8.10 27.50 -8.42
C42 17F GC . -6.92 28.39 -8.02
C1 17F HC . -37.98 23.02 -5.74
N1 17F HC . -36.34 21.16 -5.31
O1 17F HC . -38.53 25.35 -4.23
P1 17F HC . -37.11 25.16 -4.71
C2 17F HC . -37.69 21.66 -5.07
O2 17F HC . -36.49 26.31 -5.48
C3 17F HC . -38.72 20.63 -5.54
O3 17F HC . -36.92 23.89 -5.57
C4 17F HC . -34.73 24.73 -3.68
O4 17F HC . -39.91 20.83 -5.43
C5 17F HC . -33.93 24.54 -2.36
O5 17F HC . -38.37 19.49 -6.06
C6 17F HC . -34.51 23.33 -1.55
O6 17F HC . -36.13 24.94 -3.48
C7 17F HC . -34.00 23.95 0.65
O7 17F HC . -33.81 23.13 -0.34
C8 17F HC . -33.13 23.47 1.84
O8 17F HC . -34.68 24.94 0.73
C9 17F HC . -31.62 23.82 1.69
O9 17F HC . -32.52 24.42 -2.56
C10 17F HC . -30.69 23.36 2.86
O10 17F HC . -32.85 22.50 -3.81
C11 17F HC . -29.21 23.91 2.78
C12 17F HC . -28.31 23.40 3.97
C17 17F HC . -32.15 23.35 -3.24
C18 17F HC . -30.64 23.19 -3.27
C19 17F HC . -30.12 21.83 -2.75
C20 17F HC . -28.93 21.99 -1.73
C1X 17F HC . -26.89 23.96 3.85
C1Y 17F HC . -28.45 20.59 -1.24
C1Z 17F HC . -26.93 20.58 -1.04
C2X 17F HC . -25.95 23.46 5.05
C21 17F HC . -24.67 24.34 5.23
C22 17F HC . -23.52 23.88 5.59
C23 17F HC . -23.17 22.49 5.93
C24 17F HC . -22.39 22.32 7.22
C25 17F HC . -22.02 20.91 7.61
C26 17F HC . -21.09 20.77 8.90
C27 17F HC . -20.73 19.34 9.26
C28 17F HC . -19.81 19.37 10.52
C29 17F HC . -19.32 18.00 10.76
C30 17F HC . -18.42 17.85 11.95
C31 17F HC . -26.36 21.46 0.13
C32 17F HC . -24.82 21.43 0.33
C33 17F HC . -24.14 21.00 -0.96
C34 17F HC . -22.83 20.88 -1.11
C35 17F HC . -21.76 21.15 -0.07
C36 17F HC . -20.52 21.94 -0.59
C37 17F HC . -20.98 23.24 -1.15
C38 17F HC . -19.96 23.95 -2.09
C39 17F HC . -20.50 25.28 -2.63
C40 17F HC . -20.46 25.30 -4.17
C41 17F HC . -21.16 26.60 -4.72
C42 17F HC . -20.88 27.04 -6.17
N LEU A 3 22.71 35.43 -27.56
CA LEU A 3 22.08 35.95 -28.77
C LEU A 3 20.67 35.40 -28.92
N LYS A 4 20.57 34.10 -29.13
CA LYS A 4 19.28 33.45 -29.29
C LYS A 4 18.42 33.64 -28.05
N LEU A 5 18.87 33.06 -26.94
CA LEU A 5 18.13 33.18 -25.68
C LEU A 5 18.18 34.60 -25.13
N LEU A 6 19.25 35.33 -25.45
CA LEU A 6 19.42 36.69 -24.97
C LEU A 6 18.32 37.62 -25.47
N ASP A 7 18.05 37.58 -26.76
CA ASP A 7 17.03 38.44 -27.35
C ASP A 7 15.65 37.81 -27.29
N ASN A 8 15.60 36.48 -27.31
CA ASN A 8 14.32 35.78 -27.24
C ASN A 8 13.66 35.96 -25.88
N TRP A 9 14.45 35.79 -24.82
CA TRP A 9 13.94 35.94 -23.46
C TRP A 9 13.53 37.37 -23.20
N ASP A 10 14.11 38.31 -23.94
CA ASP A 10 13.77 39.71 -23.80
C ASP A 10 12.33 39.92 -24.21
N SER A 11 11.97 39.34 -25.36
CA SER A 11 10.61 39.42 -25.87
C SER A 11 9.64 38.74 -24.91
N VAL A 12 10.11 37.70 -24.25
CA VAL A 12 9.30 36.98 -23.28
C VAL A 12 9.04 37.86 -22.06
N THR A 13 10.10 38.51 -21.58
CA THR A 13 10.00 39.38 -20.41
C THR A 13 9.12 40.61 -20.70
N SER A 14 9.19 41.13 -21.92
CA SER A 14 8.38 42.27 -22.30
C SER A 14 6.92 41.86 -22.39
N THR A 15 6.69 40.62 -22.78
CA THR A 15 5.33 40.09 -22.86
C THR A 15 4.81 39.88 -21.44
N PHE A 16 5.71 39.52 -20.53
CA PHE A 16 5.36 39.31 -19.13
C PHE A 16 4.90 40.63 -18.51
N SER A 17 5.61 41.70 -18.83
CA SER A 17 5.27 43.03 -18.33
C SER A 17 3.94 43.48 -18.93
N LYS A 18 3.75 43.17 -20.22
CA LYS A 18 2.51 43.52 -20.91
C LYS A 18 1.36 42.70 -20.32
N LEU A 19 1.69 41.48 -19.88
CA LEU A 19 0.73 40.59 -19.25
C LEU A 19 0.31 41.20 -17.92
N ARG A 20 1.29 41.69 -17.18
CA ARG A 20 1.04 42.32 -15.88
C ARG A 20 0.15 43.54 -16.07
N GLU A 21 0.37 44.26 -17.17
CA GLU A 21 -0.42 45.44 -17.49
C GLU A 21 -1.88 45.07 -17.75
N GLN A 22 -2.10 43.82 -18.13
CA GLN A 22 -3.45 43.32 -18.39
C GLN A 22 -3.98 42.65 -17.13
N LEU A 23 -3.10 41.98 -16.40
CA LEU A 23 -3.45 41.29 -15.17
C LEU A 23 -3.93 42.27 -14.11
N GLY A 24 -3.34 43.45 -14.09
CA GLY A 24 -3.74 44.47 -13.15
C GLY A 24 -5.23 44.76 -13.22
N PRO A 25 -5.69 45.41 -14.31
CA PRO A 25 -7.11 45.72 -14.49
C PRO A 25 -7.98 44.46 -14.50
N VAL A 26 -7.50 43.38 -15.11
CA VAL A 26 -8.26 42.14 -15.17
C VAL A 26 -8.57 41.56 -13.78
N THR A 27 -7.63 41.67 -12.85
CA THR A 27 -7.87 41.17 -11.50
C THR A 27 -8.83 42.09 -10.77
N GLN A 28 -8.67 43.39 -10.98
CA GLN A 28 -9.53 44.38 -10.37
C GLN A 28 -10.95 44.18 -10.88
N GLU A 29 -11.08 43.98 -12.18
CA GLU A 29 -12.37 43.73 -12.80
C GLU A 29 -12.93 42.40 -12.32
N PHE A 30 -12.04 41.43 -12.15
CA PHE A 30 -12.44 40.12 -11.66
C PHE A 30 -12.94 40.24 -10.23
N TRP A 31 -12.26 41.05 -9.43
CA TRP A 31 -12.65 41.29 -8.04
C TRP A 31 -14.02 41.94 -8.01
N ASP A 32 -14.24 42.91 -8.88
CA ASP A 32 -15.53 43.61 -8.96
C ASP A 32 -16.61 42.65 -9.42
N ASN A 33 -16.31 41.86 -10.45
CA ASN A 33 -17.25 40.89 -10.97
C ASN A 33 -17.60 39.88 -9.89
N LEU A 34 -16.57 39.40 -9.20
CA LEU A 34 -16.75 38.44 -8.12
C LEU A 34 -17.47 39.09 -6.96
N GLU A 35 -17.28 40.41 -6.79
CA GLU A 35 -17.94 41.14 -5.72
C GLU A 35 -19.44 41.11 -5.97
N LYS A 36 -19.83 41.39 -7.19
CA LYS A 36 -21.24 41.37 -7.58
C LYS A 36 -21.77 39.95 -7.40
N GLU A 37 -20.94 38.98 -7.78
CA GLU A 37 -21.29 37.58 -7.66
C GLU A 37 -21.48 37.17 -6.21
N THR A 38 -20.51 37.50 -5.36
CA THR A 38 -20.57 37.16 -3.94
C THR A 38 -21.71 37.89 -3.24
N GLU A 39 -21.90 39.16 -3.59
CA GLU A 39 -22.99 39.94 -3.00
C GLU A 39 -24.33 39.34 -3.39
N GLY A 40 -24.46 38.96 -4.66
CA GLY A 40 -25.68 38.35 -5.13
C GLY A 40 -25.91 37.03 -4.43
N LEU A 41 -24.84 36.22 -4.37
CA LEU A 41 -24.90 34.92 -3.71
C LEU A 41 -25.25 35.09 -2.23
N ARG A 42 -24.69 36.12 -1.60
CA ARG A 42 -24.98 36.38 -0.20
C ARG A 42 -26.42 36.81 -0.02
N GLN A 43 -26.89 37.67 -0.93
CA GLN A 43 -28.27 38.14 -0.90
C GLN A 43 -29.20 36.94 -1.03
N GLU A 44 -28.84 36.03 -1.93
CA GLU A 44 -29.61 34.82 -2.14
C GLU A 44 -29.49 33.91 -0.92
N MET A 45 -28.28 33.80 -0.40
CA MET A 45 -28.01 32.97 0.77
C MET A 45 -28.82 33.43 1.97
N SER A 46 -29.05 34.74 2.06
CA SER A 46 -29.85 35.30 3.14
C SER A 46 -31.27 34.74 3.09
N LYS A 47 -31.74 34.46 1.90
CA LYS A 47 -33.06 33.88 1.71
C LYS A 47 -32.96 32.37 1.72
N ASP A 48 -31.92 31.86 1.06
CA ASP A 48 -31.65 30.43 0.95
C ASP A 48 -31.63 29.78 2.32
N LEU A 49 -30.86 30.36 3.24
CA LEU A 49 -30.75 29.83 4.59
C LEU A 49 -32.10 29.73 5.28
N GLU A 50 -32.99 30.68 5.00
CA GLU A 50 -34.31 30.70 5.61
C GLU A 50 -35.29 29.79 4.87
N GLU A 51 -35.23 29.81 3.55
CA GLU A 51 -36.12 28.99 2.75
C GLU A 51 -35.71 27.51 2.80
N VAL A 52 -34.47 27.27 3.23
CA VAL A 52 -33.94 25.92 3.34
C VAL A 52 -33.87 25.45 4.79
N LYS A 53 -33.17 26.19 5.64
CA LYS A 53 -33.00 25.79 7.04
C LYS A 53 -34.24 26.04 7.88
N ALA A 54 -34.78 27.26 7.83
CA ALA A 54 -35.98 27.58 8.61
C ALA A 54 -37.14 26.71 8.14
N LYS A 55 -37.11 26.37 6.85
CA LYS A 55 -38.14 25.53 6.27
C LYS A 55 -37.78 24.05 6.39
N VAL A 56 -36.56 23.77 6.84
CA VAL A 56 -36.12 22.39 7.02
C VAL A 56 -36.71 21.83 8.31
N GLN A 57 -37.10 22.75 9.20
CA GLN A 57 -37.70 22.37 10.47
C GLN A 57 -38.97 21.55 10.23
N PRO A 58 -39.98 22.09 9.49
CA PRO A 58 -41.19 21.34 9.21
C PRO A 58 -40.89 20.10 8.37
N TYR A 59 -39.80 20.16 7.61
CA TYR A 59 -39.38 19.03 6.79
C TYR A 59 -38.92 17.89 7.69
N LEU A 60 -37.97 18.21 8.57
CA LEU A 60 -37.42 17.24 9.50
C LEU A 60 -38.49 16.79 10.49
N ASP A 61 -39.26 17.74 11.00
CA ASP A 61 -40.33 17.43 11.95
C ASP A 61 -41.32 16.46 11.33
N ASP A 62 -41.64 16.69 10.06
CA ASP A 62 -42.56 15.83 9.33
C ASP A 62 -41.97 14.43 9.23
N PHE A 63 -40.72 14.36 8.78
CA PHE A 63 -40.02 13.09 8.65
C PHE A 63 -39.86 12.41 10.01
N GLN A 64 -39.69 13.20 11.06
CA GLN A 64 -39.56 12.67 12.41
C GLN A 64 -40.85 11.98 12.82
N LYS A 65 -41.97 12.66 12.58
CA LYS A 65 -43.28 12.12 12.90
C LYS A 65 -43.53 10.85 12.10
N LYS A 66 -43.25 10.94 10.79
CA LYS A 66 -43.42 9.80 9.91
C LYS A 66 -42.51 8.65 10.35
N TRP A 67 -41.27 8.98 10.66
CA TRP A 67 -40.30 7.99 11.11
C TRP A 67 -40.72 7.38 12.44
N GLN A 68 -41.40 8.17 13.27
CA GLN A 68 -41.89 7.67 14.55
C GLN A 68 -42.89 6.57 14.27
N GLU A 69 -43.81 6.83 13.34
CA GLU A 69 -44.81 5.85 12.96
C GLU A 69 -44.09 4.63 12.39
N GLU A 70 -43.14 4.90 11.50
CA GLU A 70 -42.36 3.86 10.85
C GLU A 70 -41.62 2.98 11.87
N MET A 71 -40.98 3.62 12.85
CA MET A 71 -40.24 2.91 13.88
C MET A 71 -41.18 2.23 14.88
N GLU A 72 -42.21 2.93 15.30
CA GLU A 72 -43.18 2.39 16.25
C GLU A 72 -43.87 1.16 15.67
N LEU A 73 -44.36 1.30 14.45
CA LEU A 73 -45.03 0.21 13.77
C LEU A 73 -44.05 -0.94 13.54
N TYR A 74 -42.82 -0.59 13.20
CA TYR A 74 -41.79 -1.59 12.98
C TYR A 74 -41.52 -2.36 14.26
N ARG A 75 -41.29 -1.64 15.36
CA ARG A 75 -41.02 -2.25 16.65
C ARG A 75 -42.21 -3.10 17.11
N GLN A 76 -43.39 -2.53 16.96
CA GLN A 76 -44.62 -3.19 17.38
C GLN A 76 -44.84 -4.51 16.63
N LYS A 77 -44.42 -4.55 15.38
CA LYS A 77 -44.59 -5.75 14.57
C LYS A 77 -43.34 -6.63 14.57
N VAL A 78 -42.17 -6.03 14.73
CA VAL A 78 -40.91 -6.77 14.75
C VAL A 78 -40.95 -7.86 15.80
N GLU A 79 -41.51 -7.55 16.97
CA GLU A 79 -41.60 -8.53 18.06
C GLU A 79 -42.40 -9.78 17.66
N PRO A 80 -43.71 -9.65 17.36
CA PRO A 80 -44.53 -10.80 16.96
C PRO A 80 -43.98 -11.49 15.71
N LEU A 81 -43.41 -10.71 14.80
CA LEU A 81 -42.84 -11.24 13.57
C LEU A 81 -41.59 -12.05 13.87
N ARG A 82 -40.73 -11.51 14.74
CA ARG A 82 -39.51 -12.20 15.12
C ARG A 82 -39.85 -13.43 15.94
N ALA A 83 -40.87 -13.30 16.79
CA ALA A 83 -41.33 -14.40 17.61
C ALA A 83 -41.86 -15.50 16.70
N GLU A 84 -42.64 -15.11 15.71
CA GLU A 84 -43.19 -16.03 14.73
C GLU A 84 -42.04 -16.73 14.00
N LEU A 85 -41.04 -15.95 13.62
CA LEU A 85 -39.87 -16.48 12.93
C LEU A 85 -39.18 -17.49 13.84
N GLN A 86 -39.11 -17.16 15.13
CA GLN A 86 -38.49 -18.04 16.11
C GLN A 86 -39.30 -19.33 16.25
N GLU A 87 -40.63 -19.20 16.33
CA GLU A 87 -41.50 -20.35 16.46
C GLU A 87 -41.34 -21.26 15.25
N GLY A 88 -41.35 -20.63 14.07
CA GLY A 88 -41.19 -21.38 12.85
C GLY A 88 -39.80 -21.98 12.75
N ALA A 89 -38.80 -21.20 13.14
CA ALA A 89 -37.42 -21.65 13.13
C ALA A 89 -37.23 -22.80 14.11
N ARG A 90 -37.92 -22.72 15.25
CA ARG A 90 -37.85 -23.75 16.26
C ARG A 90 -38.23 -25.09 15.66
N GLN A 91 -39.31 -25.08 14.87
CA GLN A 91 -39.77 -26.29 14.20
C GLN A 91 -38.71 -26.78 13.23
N LYS A 92 -38.30 -25.88 12.34
CA LYS A 92 -37.28 -26.19 11.32
C LYS A 92 -35.99 -26.70 11.96
N LEU A 93 -35.56 -26.04 13.03
CA LEU A 93 -34.35 -26.44 13.74
C LEU A 93 -34.56 -27.78 14.42
N HIS A 94 -35.76 -27.99 14.97
CA HIS A 94 -36.09 -29.24 15.63
C HIS A 94 -36.07 -30.38 14.63
N GLU A 95 -36.58 -30.09 13.43
CA GLU A 95 -36.62 -31.08 12.36
C GLU A 95 -35.20 -31.37 11.88
N LEU A 96 -34.36 -30.33 11.84
CA LEU A 96 -32.97 -30.48 11.43
C LEU A 96 -32.21 -31.27 12.49
N GLN A 97 -32.50 -30.97 13.75
CA GLN A 97 -31.87 -31.67 14.87
C GLN A 97 -32.25 -33.14 14.83
N GLU A 98 -33.50 -33.39 14.44
CA GLU A 98 -34.00 -34.75 14.34
C GLU A 98 -33.69 -35.32 12.97
N LYS A 99 -32.75 -34.71 12.27
CA LYS A 99 -32.33 -35.15 10.96
C LYS A 99 -30.84 -35.46 11.01
N LEU A 100 -30.10 -34.59 11.69
CA LEU A 100 -28.66 -34.74 11.83
C LEU A 100 -28.31 -35.99 12.65
N SER A 101 -29.26 -36.44 13.46
CA SER A 101 -29.03 -37.62 14.28
C SER A 101 -29.33 -38.92 13.54
N PRO A 102 -30.61 -39.21 13.17
CA PRO A 102 -30.95 -40.46 12.47
C PRO A 102 -30.31 -40.54 11.08
N LEU A 103 -30.46 -39.48 10.30
CA LEU A 103 -29.89 -39.45 8.95
C LEU A 103 -28.40 -39.16 9.01
N GLY A 104 -27.95 -38.63 10.13
CA GLY A 104 -26.55 -38.34 10.31
C GLY A 104 -25.79 -39.58 10.70
N GLU A 105 -26.37 -40.37 11.60
CA GLU A 105 -25.74 -41.61 12.05
C GLU A 105 -25.57 -42.56 10.88
N GLU A 106 -26.61 -42.70 10.05
CA GLU A 106 -26.54 -43.58 8.90
C GLU A 106 -25.47 -43.09 7.93
N MET A 107 -25.37 -41.76 7.78
CA MET A 107 -24.38 -41.17 6.90
C MET A 107 -22.98 -41.46 7.44
N ARG A 108 -22.80 -41.27 8.74
CA ARG A 108 -21.52 -41.52 9.39
C ARG A 108 -21.20 -43.01 9.35
N ASP A 109 -22.22 -43.83 9.51
CA ASP A 109 -22.04 -45.28 9.48
C ASP A 109 -21.65 -45.72 8.07
N ARG A 110 -22.25 -45.08 7.08
CA ARG A 110 -21.92 -45.37 5.68
C ARG A 110 -20.50 -44.90 5.42
N ALA A 111 -20.13 -43.80 6.08
CA ALA A 111 -18.78 -43.27 5.96
C ALA A 111 -17.79 -44.26 6.56
N ARG A 112 -18.23 -44.95 7.62
CA ARG A 112 -17.41 -45.95 8.27
C ARG A 112 -17.10 -47.05 7.27
N ALA A 113 -18.14 -47.53 6.58
CA ALA A 113 -17.98 -48.57 5.58
C ALA A 113 -17.18 -48.03 4.40
N HIS A 114 -17.46 -46.77 4.07
CA HIS A 114 -16.78 -46.08 2.97
C HIS A 114 -15.28 -46.11 3.19
N VAL A 115 -14.85 -45.66 4.37
CA VAL A 115 -13.44 -45.63 4.74
C VAL A 115 -12.92 -47.03 5.02
N ASP A 116 -13.77 -47.88 5.59
CA ASP A 116 -13.37 -49.26 5.89
C ASP A 116 -12.99 -49.99 4.62
N ALA A 117 -13.83 -49.85 3.61
CA ALA A 117 -13.57 -50.47 2.31
C ALA A 117 -12.35 -49.82 1.69
N LEU A 118 -12.15 -48.54 2.00
CA LEU A 118 -10.99 -47.81 1.50
C LEU A 118 -9.72 -48.35 2.12
N ARG A 119 -9.80 -48.76 3.39
CA ARG A 119 -8.65 -49.33 4.08
C ARG A 119 -8.27 -50.64 3.43
N THR A 120 -9.27 -51.48 3.18
CA THR A 120 -9.07 -52.77 2.55
C THR A 120 -8.67 -52.60 1.09
N HIS A 121 -8.92 -51.41 0.56
CA HIS A 121 -8.59 -51.10 -0.83
C HIS A 121 -7.19 -50.50 -0.92
N LEU A 122 -6.93 -49.48 -0.12
CA LEU A 122 -5.64 -48.81 -0.10
C LEU A 122 -4.50 -49.72 0.34
N ALA A 123 -4.81 -50.68 1.22
CA ALA A 123 -3.79 -51.61 1.70
C ALA A 123 -3.06 -52.32 0.55
N PRO A 124 -3.76 -53.12 -0.27
CA PRO A 124 -3.13 -53.80 -1.40
C PRO A 124 -2.73 -52.80 -2.49
N TYR A 125 -3.55 -51.76 -2.67
CA TYR A 125 -3.28 -50.74 -3.68
C TYR A 125 -1.91 -50.09 -3.46
N SER A 126 -1.66 -49.64 -2.23
CA SER A 126 -0.40 -49.00 -1.90
C SER A 126 0.75 -50.00 -1.93
N ASP A 127 0.50 -51.22 -1.47
CA ASP A 127 1.53 -52.26 -1.47
C ASP A 127 1.94 -52.61 -2.89
N GLU A 128 0.94 -52.81 -3.74
CA GLU A 128 1.19 -53.12 -5.14
C GLU A 128 1.83 -51.91 -5.82
N LEU A 129 1.45 -50.72 -5.36
CA LEU A 129 2.02 -49.49 -5.91
C LEU A 129 3.50 -49.44 -5.60
N ARG A 130 3.87 -49.91 -4.41
CA ARG A 130 5.26 -49.96 -3.99
C ARG A 130 6.03 -50.87 -4.94
N GLN A 131 5.44 -52.02 -5.24
CA GLN A 131 6.04 -52.98 -6.15
C GLN A 131 6.20 -52.35 -7.53
N ARG A 132 5.19 -51.59 -7.93
CA ARG A 132 5.21 -50.90 -9.22
C ARG A 132 6.30 -49.84 -9.21
N LEU A 133 6.39 -49.11 -8.11
CA LEU A 133 7.40 -48.08 -7.95
C LEU A 133 8.78 -48.71 -7.99
N ALA A 134 8.91 -49.86 -7.33
CA ALA A 134 10.16 -50.59 -7.29
C ALA A 134 10.55 -51.00 -8.71
N ALA A 135 9.57 -51.44 -9.49
CA ALA A 135 9.81 -51.85 -10.87
C ALA A 135 10.29 -50.64 -11.67
N ARG A 136 9.64 -49.50 -11.44
CA ARG A 136 10.01 -48.26 -12.11
C ARG A 136 11.41 -47.84 -11.67
N LEU A 137 11.68 -47.98 -10.38
CA LEU A 137 12.97 -47.64 -9.81
C LEU A 137 14.06 -48.50 -10.41
N GLU A 138 13.75 -49.76 -10.69
CA GLU A 138 14.71 -50.67 -11.31
C GLU A 138 15.15 -50.11 -12.65
N ALA A 139 14.20 -49.62 -13.43
CA ALA A 139 14.49 -49.03 -14.71
C ALA A 139 15.21 -47.70 -14.53
N LEU A 140 14.77 -46.94 -13.53
CA LEU A 140 15.39 -45.64 -13.23
C LEU A 140 16.81 -45.80 -12.71
N LYS A 141 17.16 -46.99 -12.25
CA LYS A 141 18.49 -47.26 -11.75
C LYS A 141 19.35 -47.88 -12.84
N GLU A 142 18.86 -48.96 -13.45
CA GLU A 142 19.59 -49.65 -14.51
C GLU A 142 19.64 -48.79 -15.77
N ASN A 143 18.47 -48.54 -16.34
CA ASN A 143 18.37 -47.72 -17.55
C ASN A 143 18.76 -46.29 -17.21
N GLY A 144 18.41 -45.85 -16.01
CA GLY A 144 18.76 -44.51 -15.56
C GLY A 144 20.26 -44.36 -15.51
N GLY A 145 20.94 -45.38 -15.01
CA GLY A 145 22.38 -45.37 -14.95
C GLY A 145 22.97 -45.40 -16.34
N ALA A 146 22.30 -46.13 -17.23
CA ALA A 146 22.73 -46.21 -18.62
C ALA A 146 22.61 -44.83 -19.26
N ARG A 147 21.53 -44.12 -18.93
CA ARG A 147 21.30 -42.78 -19.44
C ARG A 147 22.44 -41.87 -19.02
N LEU A 148 22.81 -41.96 -17.74
CA LEU A 148 23.91 -41.16 -17.21
C LEU A 148 25.20 -41.48 -17.94
N ALA A 149 25.43 -42.76 -18.23
CA ALA A 149 26.61 -43.18 -18.96
C ALA A 149 26.57 -42.59 -20.36
N GLU A 150 25.38 -42.61 -20.96
CA GLU A 150 25.18 -42.05 -22.29
C GLU A 150 25.47 -40.56 -22.25
N TYR A 151 24.96 -39.89 -21.22
CA TYR A 151 25.16 -38.47 -21.04
C TYR A 151 26.65 -38.16 -20.88
N HIS A 152 27.36 -39.02 -20.16
CA HIS A 152 28.78 -38.85 -19.94
C HIS A 152 29.54 -38.92 -21.26
N ALA A 153 29.22 -39.92 -22.08
CA ALA A 153 29.85 -40.08 -23.38
C ALA A 153 29.56 -38.87 -24.25
N LYS A 154 28.32 -38.43 -24.24
CA LYS A 154 27.91 -37.27 -25.02
C LYS A 154 28.55 -36.00 -24.49
N ALA A 155 28.65 -35.89 -23.17
CA ALA A 155 29.27 -34.73 -22.54
C ALA A 155 30.73 -34.67 -22.94
N THR A 156 31.37 -35.84 -22.96
CA THR A 156 32.76 -35.94 -23.35
C THR A 156 32.94 -35.42 -24.77
N GLU A 157 32.06 -35.87 -25.67
CA GLU A 157 32.11 -35.43 -27.06
C GLU A 157 31.73 -33.96 -27.20
N HIS A 158 30.92 -33.47 -26.28
CA HIS A 158 30.52 -32.06 -26.29
C HIS A 158 31.71 -31.21 -25.87
N LEU A 159 32.41 -31.66 -24.84
CA LEU A 159 33.57 -30.94 -24.32
C LEU A 159 34.75 -31.04 -25.28
N SER A 160 34.93 -32.20 -25.89
CA SER A 160 36.02 -32.39 -26.84
C SER A 160 35.84 -31.45 -28.03
N THR A 161 34.64 -31.46 -28.59
CA THR A 161 34.33 -30.59 -29.71
C THR A 161 34.37 -29.13 -29.25
N LEU A 162 34.05 -28.91 -27.98
CA LEU A 162 34.07 -27.57 -27.42
C LEU A 162 35.52 -27.09 -27.35
N SER A 163 36.44 -28.04 -27.20
CA SER A 163 37.86 -27.70 -27.16
C SER A 163 38.31 -27.26 -28.54
N GLU A 164 37.64 -27.79 -29.56
CA GLU A 164 37.92 -27.45 -30.94
C GLU A 164 37.25 -26.13 -31.30
N LYS A 165 36.60 -25.52 -30.32
CA LYS A 165 35.92 -24.25 -30.50
C LYS A 165 36.55 -23.21 -29.58
N ALA A 166 36.71 -23.59 -28.32
CA ALA A 166 37.28 -22.72 -27.30
C ALA A 166 38.78 -22.51 -27.49
N LYS A 167 39.35 -23.13 -28.51
CA LYS A 167 40.78 -22.95 -28.78
C LYS A 167 41.01 -22.45 -30.21
N PRO A 168 40.77 -23.27 -31.26
CA PRO A 168 40.97 -22.85 -32.65
C PRO A 168 40.10 -21.67 -33.01
N ALA A 169 38.80 -21.80 -32.77
CA ALA A 169 37.85 -20.74 -33.07
C ALA A 169 38.10 -19.52 -32.19
N LEU A 170 38.54 -19.76 -30.94
CA LEU A 170 38.82 -18.67 -30.02
C LEU A 170 39.97 -17.82 -30.55
N GLU A 171 41.01 -18.49 -31.04
CA GLU A 171 42.16 -17.80 -31.61
C GLU A 171 41.76 -17.09 -32.89
N ASP A 172 40.83 -17.70 -33.63
CA ASP A 172 40.32 -17.10 -34.86
C ASP A 172 39.59 -15.82 -34.51
N LEU A 173 38.85 -15.87 -33.40
CA LEU A 173 38.13 -14.72 -32.91
C LEU A 173 39.12 -13.66 -32.45
N ARG A 174 40.24 -14.10 -31.89
CA ARG A 174 41.28 -13.18 -31.46
C ARG A 174 41.87 -12.51 -32.69
N GLN A 175 42.11 -13.30 -33.72
CA GLN A 175 42.65 -12.79 -34.97
C GLN A 175 41.66 -11.91 -35.70
N GLY A 176 40.42 -11.90 -35.22
CA GLY A 176 39.37 -11.07 -35.80
C GLY A 176 39.17 -9.84 -34.93
N LEU A 177 39.13 -10.06 -33.62
CA LEU A 177 38.95 -8.99 -32.66
C LEU A 177 40.10 -7.99 -32.70
N LEU A 178 41.33 -8.49 -32.83
CA LEU A 178 42.49 -7.62 -32.89
C LEU A 178 42.36 -6.55 -33.98
N PRO A 179 42.23 -6.95 -35.27
CA PRO A 179 42.06 -5.97 -36.36
C PRO A 179 40.78 -5.17 -36.20
N VAL A 180 39.71 -5.83 -35.76
CA VAL A 180 38.43 -5.17 -35.55
C VAL A 180 38.58 -4.03 -34.55
N LEU A 181 39.20 -4.32 -33.42
CA LEU A 181 39.43 -3.30 -32.39
C LEU A 181 40.25 -2.15 -32.95
N GLU A 182 41.27 -2.50 -33.74
CA GLU A 182 42.13 -1.49 -34.35
C GLU A 182 41.36 -0.63 -35.33
N SER A 183 40.64 -1.28 -36.25
CA SER A 183 39.85 -0.55 -37.24
C SER A 183 38.76 0.27 -36.58
N PHE A 184 38.16 -0.28 -35.51
CA PHE A 184 37.11 0.41 -34.79
C PHE A 184 37.66 1.61 -34.05
N LYS A 185 38.85 1.46 -33.47
CA LYS A 185 39.49 2.56 -32.76
C LYS A 185 39.81 3.69 -33.72
N VAL A 186 40.32 3.34 -34.89
CA VAL A 186 40.65 4.34 -35.92
C VAL A 186 39.40 5.13 -36.33
N SER A 187 38.30 4.42 -36.54
CA SER A 187 37.03 5.05 -36.94
C SER A 187 36.41 5.83 -35.78
N PHE A 188 36.45 5.26 -34.58
CA PHE A 188 35.89 5.92 -33.40
C PHE A 188 36.64 7.22 -33.11
N LEU A 189 37.95 7.16 -33.20
CA LEU A 189 38.79 8.34 -32.93
C LEU A 189 38.47 9.46 -33.91
N SER A 190 38.26 9.11 -35.18
CA SER A 190 37.95 10.10 -36.20
C SER A 190 36.51 10.61 -36.05
N ALA A 191 35.66 9.77 -35.49
CA ALA A 191 34.26 10.15 -35.26
C ALA A 191 34.17 11.06 -34.05
N LEU A 192 35.00 10.78 -33.05
CA LEU A 192 35.05 11.58 -31.83
C LEU A 192 35.42 13.03 -32.13
N GLU A 193 36.47 13.23 -32.93
CA GLU A 193 36.90 14.57 -33.29
C GLU A 193 35.84 15.24 -34.16
N GLU A 194 35.15 14.43 -34.97
CA GLU A 194 34.09 14.93 -35.84
C GLU A 194 32.98 15.57 -35.02
N TYR A 195 32.43 14.80 -34.10
CA TYR A 195 31.37 15.27 -33.22
C TYR A 195 31.80 16.51 -32.45
N THR A 196 33.01 16.46 -31.90
CA THR A 196 33.55 17.55 -31.11
C THR A 196 33.67 18.85 -31.90
N LYS A 197 34.24 18.78 -33.10
CA LYS A 197 34.43 19.99 -33.91
C LYS A 197 33.14 20.46 -34.58
N LYS A 198 32.10 19.65 -34.57
CA LYS A 198 30.84 20.03 -35.18
C LYS A 198 29.86 20.55 -34.14
N LEU A 199 29.99 20.07 -32.91
CA LEU A 199 29.12 20.50 -31.83
C LEU A 199 29.68 21.74 -31.14
N ASN A 200 30.98 21.94 -31.26
CA ASN A 200 31.64 23.09 -30.65
C ASN A 200 32.66 23.70 -31.61
N MET B 3 3.90 -11.23 7.23
CA MET B 3 5.12 -10.82 7.96
C MET B 3 5.25 -9.31 7.98
N THR B 4 5.67 -8.76 9.10
CA THR B 4 5.82 -7.32 9.24
C THR B 4 7.17 -6.87 8.67
N GLU B 5 7.19 -5.66 8.14
CA GLU B 5 8.42 -5.10 7.58
C GLU B 5 8.98 -4.00 8.48
N TYR B 6 10.29 -3.93 8.59
CA TYR B 6 10.94 -2.93 9.43
C TYR B 6 11.96 -2.12 8.64
N LYS B 7 11.70 -0.84 8.49
CA LYS B 7 12.60 0.04 7.77
C LYS B 7 13.61 0.65 8.73
N LEU B 8 14.89 0.36 8.51
CA LEU B 8 15.94 0.86 9.38
C LEU B 8 17.01 1.60 8.57
N VAL B 9 17.76 2.47 9.25
CA VAL B 9 18.83 3.24 8.62
C VAL B 9 19.99 3.39 9.60
N VAL B 10 21.20 3.17 9.12
CA VAL B 10 22.39 3.28 9.96
C VAL B 10 23.06 4.63 9.77
N VAL B 11 23.10 5.44 10.82
CA VAL B 11 23.72 6.74 10.76
C VAL B 11 24.98 6.78 11.63
N GLY B 12 25.83 7.77 11.38
CA GLY B 12 27.06 7.91 12.12
C GLY B 12 28.10 8.65 11.31
N ALA B 13 29.26 8.87 11.91
CA ALA B 13 30.35 9.58 11.26
C ALA B 13 31.06 8.71 10.23
N VAL B 14 31.99 9.29 9.50
CA VAL B 14 32.74 8.58 8.49
C VAL B 14 33.87 7.76 9.13
N GLY B 15 34.10 6.57 8.62
CA GLY B 15 35.17 5.74 9.15
C GLY B 15 34.71 4.74 10.19
N VAL B 16 33.55 4.98 10.80
CA VAL B 16 33.04 4.07 11.84
C VAL B 16 32.84 2.65 11.31
N GLY B 17 32.40 2.54 10.06
CA GLY B 17 32.20 1.23 9.47
C GLY B 17 30.73 0.86 9.36
N LYS B 18 29.92 1.81 8.93
CA LYS B 18 28.48 1.58 8.78
C LYS B 18 28.20 0.53 7.71
N SER B 19 28.86 0.66 6.57
CA SER B 19 28.70 -0.26 5.46
C SER B 19 29.19 -1.66 5.83
N ALA B 20 30.30 -1.69 6.56
CA ALA B 20 30.89 -2.96 6.99
C ALA B 20 29.90 -3.77 7.81
N LEU B 21 29.23 -3.11 8.74
CA LEU B 21 28.25 -3.77 9.61
C LEU B 21 27.08 -4.34 8.81
N THR B 22 26.72 -3.68 7.72
CA THR B 22 25.60 -4.13 6.90
C THR B 22 26.01 -5.28 5.99
N ILE B 23 27.10 -5.10 5.24
CA ILE B 23 27.58 -6.14 4.32
C ILE B 23 27.93 -7.42 5.09
N GLN B 24 28.43 -7.24 6.31
CA GLN B 24 28.81 -8.36 7.16
C GLN B 24 27.57 -9.11 7.63
N LEU B 25 26.43 -8.43 7.65
CA LEU B 25 25.19 -9.04 8.08
C LEU B 25 24.37 -9.55 6.91
N ILE B 26 24.58 -8.97 5.74
CA ILE B 26 23.84 -9.36 4.55
C ILE B 26 24.52 -10.51 3.81
N GLN B 27 25.83 -10.41 3.58
CA GLN B 27 26.57 -11.46 2.88
C GLN B 27 27.61 -12.12 3.76
N ASN B 28 27.74 -11.63 4.99
CA ASN B 28 28.71 -12.17 5.95
C ASN B 28 30.13 -11.94 5.45
N HIS B 29 30.31 -10.88 4.68
CA HIS B 29 31.61 -10.54 4.13
C HIS B 29 32.11 -9.21 4.68
N PHE B 30 33.32 -9.22 5.23
CA PHE B 30 33.92 -8.01 5.77
C PHE B 30 34.75 -7.30 4.70
N VAL B 31 34.50 -6.02 4.54
CA VAL B 31 35.22 -5.23 3.55
C VAL B 31 36.51 -4.67 4.15
N ASP B 32 37.51 -4.51 3.30
CA ASP B 32 38.81 -3.99 3.73
C ASP B 32 39.05 -2.65 3.04
N GLU B 33 38.52 -2.54 1.84
CA GLU B 33 38.63 -1.33 1.04
C GLU B 33 37.77 -0.22 1.61
N TYR B 34 37.98 1.00 1.16
CA TYR B 34 37.23 2.14 1.65
C TYR B 34 36.35 2.73 0.54
N ASP B 35 35.16 2.16 0.35
CA ASP B 35 34.25 2.65 -0.66
C ASP B 35 33.28 3.67 -0.06
N PRO B 36 33.17 4.86 -0.68
CA PRO B 36 32.28 5.93 -0.21
C PRO B 36 30.83 5.63 -0.52
N THR B 37 30.02 5.48 0.52
CA THR B 37 28.61 5.21 0.35
C THR B 37 27.81 6.51 0.33
N ILE B 38 26.91 6.63 -0.64
CA ILE B 38 26.08 7.81 -0.78
C ILE B 38 24.68 7.55 -0.23
N GLU B 39 23.97 6.65 -0.88
CA GLU B 39 22.63 6.27 -0.47
C GLU B 39 22.34 4.88 -1.02
N ASP B 40 22.30 3.89 -0.15
CA ASP B 40 22.03 2.51 -0.56
C ASP B 40 21.35 1.69 0.53
N SER B 41 20.45 0.81 0.14
CA SER B 41 19.72 -0.02 1.08
C SER B 41 20.02 -1.50 0.88
N TYR B 42 19.94 -2.26 1.96
CA TYR B 42 20.19 -3.69 1.92
C TYR B 42 19.01 -4.44 2.51
N ARG B 43 18.32 -5.20 1.67
CA ARG B 43 17.16 -5.97 2.12
C ARG B 43 17.54 -7.41 2.47
N LYS B 44 16.93 -7.93 3.54
CA LYS B 44 17.21 -9.29 3.99
C LYS B 44 16.00 -9.86 4.73
N GLN B 45 15.71 -11.12 4.48
CA GLN B 45 14.60 -11.81 5.14
C GLN B 45 15.13 -12.73 6.22
N VAL B 46 14.73 -12.47 7.47
CA VAL B 46 15.17 -13.27 8.60
C VAL B 46 14.03 -13.45 9.59
N VAL B 47 14.13 -14.46 10.44
CA VAL B 47 13.13 -14.75 11.45
C VAL B 47 13.63 -14.25 12.80
N ILE B 48 12.87 -13.37 13.43
CA ILE B 48 13.25 -12.80 14.72
C ILE B 48 12.14 -13.04 15.75
N ASP B 49 12.51 -13.59 16.90
CA ASP B 49 11.56 -13.87 17.97
C ASP B 49 10.52 -14.91 17.53
N GLY B 50 10.90 -15.73 16.56
CA GLY B 50 10.02 -16.77 16.05
C GLY B 50 9.18 -16.31 14.87
N GLU B 51 9.17 -15.01 14.61
CA GLU B 51 8.40 -14.46 13.51
C GLU B 51 9.30 -13.79 12.47
N THR B 52 9.12 -14.16 11.22
CA THR B 52 9.91 -13.59 10.14
C THR B 52 9.60 -12.10 9.98
N CYS B 53 10.64 -11.31 9.75
CA CYS B 53 10.48 -9.87 9.59
C CYS B 53 11.28 -9.39 8.39
N LEU B 54 10.67 -8.56 7.57
CA LEU B 54 11.35 -8.02 6.40
C LEU B 54 12.24 -6.85 6.81
N LEU B 55 13.54 -7.03 6.71
CA LEU B 55 14.47 -6.00 7.10
C LEU B 55 15.07 -5.28 5.90
N ASP B 56 14.83 -3.98 5.82
CA ASP B 56 15.37 -3.14 4.76
C ASP B 56 16.14 -2.01 5.42
N ILE B 57 17.46 -2.01 5.27
CA ILE B 57 18.28 -1.01 5.92
C ILE B 57 19.02 -0.13 4.92
N LEU B 58 18.73 1.16 4.94
CA LEU B 58 19.39 2.12 4.07
C LEU B 58 20.47 2.86 4.84
N ASP B 59 21.40 3.45 4.13
CA ASP B 59 22.49 4.20 4.77
C ASP B 59 22.88 5.39 3.90
N THR B 60 23.01 6.55 4.54
CA THR B 60 23.38 7.77 3.84
C THR B 60 24.59 8.43 4.52
N ALA B 61 24.94 9.64 4.07
CA ALA B 61 26.07 10.36 4.64
C ALA B 61 25.64 11.22 5.82
N GLY B 62 26.54 11.38 6.79
CA GLY B 62 26.24 12.18 7.96
C GLY B 62 26.56 13.64 7.74
N GLN B 63 27.53 13.91 6.88
CA GLN B 63 27.93 15.27 6.57
C GLN B 63 27.04 15.84 5.46
N GLU B 64 25.85 16.28 5.84
CA GLU B 64 24.91 16.85 4.89
C GLU B 64 24.15 17.99 5.55
N GLU B 65 23.99 19.09 4.84
CA GLU B 65 23.31 20.26 5.38
C GLU B 65 21.78 20.15 5.23
N TYR B 66 21.11 21.29 5.35
CA TYR B 66 19.66 21.36 5.24
C TYR B 66 19.19 21.03 3.82
N SER B 67 18.68 19.82 3.65
CA SER B 67 18.19 19.37 2.36
C SER B 67 16.81 18.74 2.50
N ALA B 68 15.87 19.17 1.66
CA ALA B 68 14.51 18.65 1.69
C ALA B 68 14.51 17.13 1.48
N MET B 69 15.37 16.67 0.58
CA MET B 69 15.49 15.24 0.29
C MET B 69 15.95 14.47 1.53
N ARG B 70 16.91 15.04 2.26
CA ARG B 70 17.44 14.41 3.47
C ARG B 70 16.37 14.32 4.54
N ASP B 71 15.65 15.41 4.72
CA ASP B 71 14.59 15.46 5.73
C ASP B 71 13.49 14.47 5.42
N GLN B 72 13.21 14.31 4.14
CA GLN B 72 12.17 13.41 3.70
C GLN B 72 12.63 11.95 3.70
N TYR B 73 13.88 11.70 3.35
CA TYR B 73 14.39 10.34 3.28
C TYR B 73 14.35 9.57 4.60
N MET B 74 14.72 10.22 5.68
CA MET B 74 14.75 9.56 6.99
C MET B 74 13.39 9.57 7.67
N ARG B 75 12.34 9.81 6.90
CA ARG B 75 10.99 9.83 7.43
C ARG B 75 10.26 8.55 7.05
N THR B 76 10.97 7.67 6.34
CA THR B 76 10.40 6.41 5.90
C THR B 76 10.82 5.27 6.83
N GLY B 77 11.70 5.56 7.78
CA GLY B 77 12.17 4.54 8.69
C GLY B 77 11.47 4.56 10.03
N GLU B 78 11.41 3.40 10.68
CA GLU B 78 10.78 3.29 11.98
C GLU B 78 11.81 3.42 13.09
N GLY B 79 12.92 2.72 12.93
CA GLY B 79 14.00 2.76 13.90
C GLY B 79 15.32 3.04 13.23
N PHE B 80 16.20 3.73 13.92
CA PHE B 80 17.50 4.05 13.37
C PHE B 80 18.62 3.62 14.32
N LEU B 81 19.78 3.35 13.76
CA LEU B 81 20.92 2.90 14.55
C LEU B 81 22.03 3.95 14.56
N CYS B 82 22.64 4.14 15.73
CA CYS B 82 23.73 5.09 15.89
C CYS B 82 25.01 4.34 16.24
N VAL B 83 25.94 4.32 15.30
CA VAL B 83 27.20 3.63 15.49
C VAL B 83 28.36 4.59 15.76
N PHE B 84 29.14 4.29 16.78
CA PHE B 84 30.29 5.11 17.13
C PHE B 84 31.48 4.20 17.43
N ALA B 85 32.68 4.69 17.16
CA ALA B 85 33.88 3.91 17.41
C ALA B 85 34.36 4.07 18.84
N ILE B 86 34.76 2.97 19.46
CA ILE B 86 35.25 2.98 20.84
C ILE B 86 36.52 3.83 20.98
N ASN B 87 37.25 3.98 19.88
CA ASN B 87 38.49 4.74 19.86
C ASN B 87 38.28 6.11 19.22
N ASN B 88 37.03 6.54 19.12
CA ASN B 88 36.73 7.83 18.53
C ASN B 88 35.89 8.67 19.48
N THR B 89 36.54 9.60 20.15
CA THR B 89 35.90 10.47 21.12
C THR B 89 34.76 11.29 20.50
N LYS B 90 35.02 11.90 19.35
CA LYS B 90 34.01 12.72 18.69
C LYS B 90 32.79 11.90 18.29
N SER B 91 32.99 10.65 17.89
CA SER B 91 31.88 9.80 17.49
C SER B 91 30.91 9.61 18.65
N PHE B 92 31.44 9.57 19.87
CA PHE B 92 30.63 9.41 21.06
C PHE B 92 29.82 10.68 21.31
N GLU B 93 30.44 11.83 21.07
CA GLU B 93 29.80 13.13 21.27
C GLU B 93 28.82 13.42 20.12
N ASP B 94 29.10 12.84 18.96
CA ASP B 94 28.27 13.03 17.78
C ASP B 94 26.95 12.29 17.92
N ILE B 95 26.88 11.35 18.87
CA ILE B 95 25.68 10.57 19.10
C ILE B 95 24.48 11.49 19.39
N HIS B 96 24.68 12.41 20.32
CA HIS B 96 23.63 13.35 20.68
C HIS B 96 23.28 14.25 19.49
N HIS B 97 24.32 14.60 18.72
CA HIS B 97 24.15 15.44 17.54
C HIS B 97 23.20 14.80 16.52
N TYR B 98 23.34 13.49 16.35
CA TYR B 98 22.49 12.76 15.42
C TYR B 98 21.12 12.45 16.02
N ARG B 99 21.09 12.11 17.31
CA ARG B 99 19.85 11.80 18.01
C ARG B 99 18.86 12.96 17.92
N GLU B 100 19.36 14.18 18.12
CA GLU B 100 18.52 15.37 18.06
C GLU B 100 17.92 15.54 16.67
N GLN B 101 18.71 15.25 15.65
CA GLN B 101 18.26 15.37 14.26
C GLN B 101 17.15 14.37 14.00
N ILE B 102 17.34 13.14 14.48
CA ILE B 102 16.35 12.07 14.31
C ILE B 102 15.04 12.44 15.00
N LYS B 103 15.13 13.04 16.17
CA LYS B 103 13.95 13.44 16.93
C LYS B 103 13.16 14.51 16.17
N ARG B 104 13.87 15.35 15.44
CA ARG B 104 13.23 16.42 14.68
C ARG B 104 12.62 15.90 13.38
N VAL B 105 13.35 15.05 12.66
CA VAL B 105 12.86 14.51 11.39
C VAL B 105 11.68 13.56 11.58
N LYS B 106 11.69 12.82 12.68
CA LYS B 106 10.61 11.87 12.98
C LYS B 106 9.47 12.56 13.69
N ASP B 107 9.72 13.78 14.17
CA ASP B 107 8.73 14.57 14.89
C ASP B 107 8.27 13.84 16.15
N SER B 108 9.21 13.19 16.81
CA SER B 108 8.93 12.44 18.03
C SER B 108 10.15 12.44 18.93
N GLU B 109 9.95 12.65 20.22
CA GLU B 109 11.04 12.68 21.18
C GLU B 109 11.41 11.25 21.59
N ASP B 110 10.49 10.34 21.37
CA ASP B 110 10.69 8.93 21.70
C ASP B 110 10.64 8.07 20.45
N VAL B 111 11.79 7.82 19.86
CA VAL B 111 11.90 7.02 18.65
C VAL B 111 12.84 5.84 18.91
N PRO B 112 12.45 4.62 18.46
CA PRO B 112 13.26 3.41 18.64
C PRO B 112 14.69 3.62 18.15
N MET B 113 15.64 3.53 19.07
CA MET B 113 17.05 3.72 18.75
C MET B 113 17.93 2.88 19.67
N VAL B 114 19.02 2.37 19.15
CA VAL B 114 19.94 1.55 19.94
C VAL B 114 21.35 2.09 19.78
N LEU B 115 22.04 2.29 20.90
CA LEU B 115 23.40 2.77 20.87
C LEU B 115 24.33 1.59 20.61
N VAL B 116 25.06 1.62 19.51
CA VAL B 116 25.95 0.53 19.18
C VAL B 116 27.37 1.02 18.95
N GLY B 117 28.30 0.41 19.67
CA GLY B 117 29.70 0.76 19.51
C GLY B 117 30.37 -0.17 18.53
N ASN B 118 31.35 0.33 17.81
CA ASN B 118 32.05 -0.50 16.84
C ASN B 118 33.56 -0.43 17.04
N LYS B 119 34.27 -1.37 16.43
CA LYS B 119 35.73 -1.46 16.49
C LYS B 119 36.20 -1.93 17.86
N CYS B 120 35.38 -2.73 18.55
CA CYS B 120 35.74 -3.22 19.87
C CYS B 120 36.81 -4.31 19.79
N ASP B 121 37.22 -4.62 18.56
CA ASP B 121 38.24 -5.63 18.31
C ASP B 121 39.62 -4.97 18.34
N LEU B 122 39.63 -3.65 18.32
CA LEU B 122 40.87 -2.90 18.33
C LEU B 122 41.33 -2.66 19.76
N PRO B 123 42.65 -2.69 20.01
CA PRO B 123 43.22 -2.47 21.34
C PRO B 123 43.04 -1.03 21.80
N SER B 124 42.92 -0.11 20.86
CA SER B 124 42.73 1.29 21.17
C SER B 124 41.27 1.57 21.53
N ARG B 125 41.08 2.10 22.72
CA ARG B 125 39.75 2.44 23.20
C ARG B 125 39.82 3.66 24.11
N THR B 126 39.22 4.74 23.66
CA THR B 126 39.20 5.97 24.43
C THR B 126 37.93 6.06 25.26
N VAL B 127 36.83 5.61 24.68
CA VAL B 127 35.54 5.64 25.33
C VAL B 127 35.27 4.29 26.00
N ASP B 128 35.18 4.30 27.33
CA ASP B 128 34.94 3.08 28.10
C ASP B 128 33.50 2.63 27.95
N THR B 129 33.27 1.33 28.09
CA THR B 129 31.94 0.75 27.97
C THR B 129 30.93 1.40 28.92
N LYS B 130 31.39 1.73 30.13
CA LYS B 130 30.52 2.34 31.12
C LYS B 130 30.01 3.70 30.64
N GLN B 131 30.89 4.50 30.05
CA GLN B 131 30.52 5.82 29.53
C GLN B 131 29.35 5.73 28.58
N ALA B 132 29.39 4.76 27.69
CA ALA B 132 28.34 4.55 26.71
C ALA B 132 27.07 4.01 27.36
N GLN B 133 27.21 3.00 28.21
CA GLN B 133 26.07 2.41 28.90
C GLN B 133 25.36 3.46 29.76
N ASP B 134 26.15 4.32 30.40
CA ASP B 134 25.61 5.37 31.24
C ASP B 134 24.75 6.31 30.42
N LEU B 135 25.30 6.74 29.29
CA LEU B 135 24.59 7.66 28.40
C LEU B 135 23.35 7.00 27.79
N ALA B 136 23.50 5.74 27.40
CA ALA B 136 22.40 4.97 26.81
C ALA B 136 21.22 4.88 27.76
N ARG B 137 21.50 4.52 29.01
CA ARG B 137 20.45 4.40 30.02
C ARG B 137 19.79 5.75 30.30
N SER B 138 20.57 6.82 30.20
CA SER B 138 20.05 8.17 30.42
C SER B 138 19.06 8.55 29.32
N TYR B 139 19.24 7.98 28.14
CA TYR B 139 18.34 8.25 27.02
C TYR B 139 17.16 7.28 27.06
N GLY B 140 17.39 6.14 27.68
CA GLY B 140 16.36 5.12 27.78
C GLY B 140 16.47 4.13 26.64
N ILE B 141 17.67 4.01 26.09
CA ILE B 141 17.92 3.12 24.98
C ILE B 141 19.00 2.09 25.36
N PRO B 142 19.03 0.97 24.64
CA PRO B 142 20.00 -0.10 24.88
C PRO B 142 21.37 0.22 24.26
N PHE B 143 22.38 -0.54 24.66
CA PHE B 143 23.73 -0.33 24.16
C PHE B 143 24.43 -1.67 23.93
N ILE B 144 24.89 -1.87 22.71
CA ILE B 144 25.59 -3.11 22.33
C ILE B 144 26.97 -2.79 21.76
N GLU B 145 28.00 -3.43 22.32
CA GLU B 145 29.36 -3.24 21.84
C GLU B 145 29.64 -4.26 20.74
N THR B 146 29.81 -3.79 19.51
CA THR B 146 30.03 -4.69 18.39
C THR B 146 31.32 -4.39 17.62
N SER B 147 31.58 -5.21 16.63
CA SER B 147 32.75 -5.08 15.76
C SER B 147 32.45 -5.81 14.46
N ALA B 148 32.70 -5.16 13.34
CA ALA B 148 32.46 -5.75 12.03
C ALA B 148 33.49 -6.84 11.72
N LYS B 149 34.58 -6.84 12.48
CA LYS B 149 35.65 -7.80 12.28
C LYS B 149 35.35 -9.11 13.01
N THR B 150 35.03 -9.01 14.29
CA THR B 150 34.75 -10.20 15.09
C THR B 150 33.28 -10.63 14.96
N ARG B 151 32.42 -9.68 14.58
CA ARG B 151 30.99 -9.92 14.44
C ARG B 151 30.36 -10.17 15.82
N GLN B 152 31.02 -9.66 16.83
CA GLN B 152 30.56 -9.82 18.20
C GLN B 152 29.36 -8.92 18.47
N GLY B 153 28.21 -9.56 18.76
CA GLY B 153 27.00 -8.84 19.07
C GLY B 153 26.33 -8.19 17.88
N VAL B 154 26.96 -8.27 16.71
CA VAL B 154 26.41 -7.66 15.49
C VAL B 154 25.01 -8.20 15.19
N ASP B 155 24.82 -9.50 15.38
CA ASP B 155 23.54 -10.13 15.12
C ASP B 155 22.45 -9.59 16.05
N ASP B 156 22.77 -9.51 17.34
CA ASP B 156 21.81 -9.03 18.34
C ASP B 156 21.64 -7.51 18.31
N ALA B 157 22.66 -6.79 17.87
CA ALA B 157 22.61 -5.33 17.78
C ALA B 157 21.42 -4.90 16.92
N PHE B 158 21.37 -5.45 15.70
CA PHE B 158 20.28 -5.14 14.78
C PHE B 158 18.95 -5.71 15.30
N TYR B 159 19.03 -6.85 15.98
CA TYR B 159 17.85 -7.50 16.53
C TYR B 159 17.24 -6.65 17.63
N THR B 160 18.09 -6.06 18.45
CA THR B 160 17.65 -5.21 19.55
C THR B 160 16.78 -4.06 19.04
N LEU B 161 17.15 -3.51 17.89
CA LEU B 161 16.38 -2.43 17.30
C LEU B 161 14.98 -2.90 16.93
N VAL B 162 14.89 -4.12 16.40
CA VAL B 162 13.61 -4.69 16.02
C VAL B 162 12.73 -4.83 17.26
N ARG B 163 13.33 -5.29 18.35
CA ARG B 163 12.60 -5.47 19.61
C ARG B 163 12.10 -4.12 20.12
N GLU B 164 12.92 -3.09 19.94
CA GLU B 164 12.56 -1.74 20.35
C GLU B 164 11.32 -1.26 19.59
N ILE B 165 11.31 -1.49 18.29
CA ILE B 165 10.19 -1.10 17.45
C ILE B 165 8.95 -1.93 17.80
N ARG B 166 9.15 -3.21 18.07
CA ARG B 166 8.05 -4.10 18.43
C ARG B 166 7.35 -3.57 19.66
N LYS B 167 8.13 -3.26 20.70
CA LYS B 167 7.59 -2.73 21.94
C LYS B 167 6.96 -1.37 21.71
N HIS B 168 7.50 -0.62 20.75
CA HIS B 168 6.97 0.71 20.44
C HIS B 168 5.58 0.60 19.84
N LYS B 169 5.38 -0.39 18.96
CA LYS B 169 4.09 -0.61 18.33
C LYS B 169 3.07 -0.97 19.39
N GLU B 170 3.47 -1.87 20.28
CA GLU B 170 2.62 -2.31 21.38
C GLU B 170 2.32 -1.13 22.31
N LYS B 171 3.35 -0.34 22.58
CA LYS B 171 3.23 0.82 23.45
C LYS B 171 2.18 1.79 22.92
N MET B 172 2.12 1.92 21.60
CA MET B 172 1.14 2.82 20.97
C MET B 172 -0.28 2.30 21.17
N SER B 173 -0.45 0.99 21.10
CA SER B 173 -1.76 0.39 21.30
C SER B 173 -2.19 0.56 22.76
N LYS B 174 -1.20 0.57 23.65
CA LYS B 174 -1.42 0.73 25.09
C LYS B 174 -1.36 2.20 25.47
N ASP B 175 -1.27 3.07 24.48
CA ASP B 175 -1.18 4.50 24.71
C ASP B 175 -2.56 5.12 24.81
N GLY B 176 -3.35 4.98 23.76
CA GLY B 176 -4.69 5.52 23.74
C GLY B 176 -5.68 4.57 23.10
N LYS B 177 -6.93 4.67 23.52
CA LYS B 177 -7.97 3.81 23.00
C LYS B 177 -8.71 4.50 21.87
N LYS B 178 -8.74 3.86 20.71
CA LYS B 178 -9.42 4.40 19.54
C LYS B 178 -10.81 3.79 19.41
N LYS B 179 -10.95 2.57 19.90
CA LYS B 179 -12.21 1.85 19.83
C LYS B 179 -13.18 2.30 20.91
N LYS B 180 -14.04 3.24 20.55
CA LYS B 180 -15.04 3.77 21.48
C LYS B 180 -16.39 3.14 21.21
N LYS B 181 -16.80 2.22 22.08
CA LYS B 181 -18.07 1.53 21.94
C LYS B 181 -19.24 2.49 22.15
N LYS B 182 -20.41 2.12 21.61
CA LYS B 182 -21.60 2.95 21.73
C LYS B 182 -22.87 2.13 21.50
N SER B 183 -22.94 1.48 20.35
CA SER B 183 -24.10 0.66 20.01
C SER B 183 -23.67 -0.59 19.25
N LYS B 184 -24.57 -1.57 19.19
CA LYS B 184 -24.31 -2.84 18.49
C LYS B 184 -23.18 -3.62 19.16
N THR B 185 -23.49 -4.27 20.26
CA THR B 185 -22.49 -5.05 20.98
C THR B 185 -22.84 -6.54 21.01
N LYS B 186 -24.13 -6.86 21.01
CA LYS B 186 -24.56 -8.25 21.03
C LYS B 186 -25.83 -8.48 20.21
N CYS B 187 -26.80 -7.60 20.38
CA CYS B 187 -28.08 -7.69 19.67
C CYS B 187 -28.90 -8.88 20.17
N LEU C 3 35.24 -7.15 -44.04
CA LEU C 3 36.13 -7.48 -45.14
C LEU C 3 36.51 -8.93 -45.07
N LYS C 4 36.73 -9.40 -43.85
CA LYS C 4 37.11 -10.79 -43.62
C LYS C 4 35.92 -11.58 -43.11
N LEU C 5 34.77 -11.36 -43.73
CA LEU C 5 33.55 -12.05 -43.35
C LEU C 5 33.70 -13.54 -43.59
N LEU C 6 34.38 -13.89 -44.69
CA LEU C 6 34.62 -15.29 -45.03
C LEU C 6 35.52 -15.95 -43.98
N ASP C 7 36.34 -15.15 -43.32
CA ASP C 7 37.24 -15.66 -42.29
C ASP C 7 36.41 -16.09 -41.08
N ASN C 8 35.45 -15.25 -40.72
CA ASN C 8 34.57 -15.55 -39.59
C ASN C 8 33.70 -16.74 -39.94
N TRP C 9 33.20 -16.74 -41.18
CA TRP C 9 32.35 -17.82 -41.67
C TRP C 9 33.13 -19.12 -41.70
N ASP C 10 34.43 -19.03 -41.95
CA ASP C 10 35.30 -20.19 -41.98
C ASP C 10 35.33 -20.89 -40.63
N SER C 11 35.46 -20.10 -39.57
CA SER C 11 35.47 -20.63 -38.22
C SER C 11 34.10 -21.20 -37.87
N VAL C 12 33.06 -20.60 -38.43
CA VAL C 12 31.69 -21.05 -38.20
C VAL C 12 31.41 -22.35 -38.94
N THR C 13 31.77 -22.38 -40.22
CA THR C 13 31.55 -23.56 -41.04
C THR C 13 32.35 -24.76 -40.54
N SER C 14 33.62 -24.53 -40.20
CA SER C 14 34.48 -25.60 -39.70
C SER C 14 33.92 -26.21 -38.42
N THR C 15 33.53 -25.35 -37.47
CA THR C 15 32.98 -25.82 -36.21
C THR C 15 31.62 -26.48 -36.43
N PHE C 16 30.88 -25.98 -37.43
CA PHE C 16 29.58 -26.55 -37.76
C PHE C 16 29.73 -27.99 -38.21
N SER C 17 30.75 -28.27 -39.03
CA SER C 17 31.00 -29.62 -39.50
C SER C 17 31.32 -30.51 -38.30
N LYS C 18 32.09 -29.97 -37.37
CA LYS C 18 32.46 -30.71 -36.17
C LYS C 18 31.23 -31.03 -35.34
N LEU C 19 30.33 -30.05 -35.24
CA LEU C 19 29.09 -30.22 -34.50
C LEU C 19 28.22 -31.27 -35.19
N ARG C 20 28.14 -31.18 -36.51
CA ARG C 20 27.36 -32.14 -37.29
C ARG C 20 27.97 -33.53 -37.18
N GLU C 21 29.29 -33.59 -37.14
CA GLU C 21 29.99 -34.86 -36.99
C GLU C 21 29.67 -35.46 -35.63
N GLN C 22 29.82 -34.65 -34.59
CA GLN C 22 29.54 -35.08 -33.23
C GLN C 22 28.08 -35.51 -33.10
N LEU C 23 27.19 -34.76 -33.75
CA LEU C 23 25.77 -35.07 -33.72
C LEU C 23 25.49 -36.48 -34.20
N GLY C 24 26.36 -37.00 -35.06
CA GLY C 24 26.20 -38.35 -35.58
C GLY C 24 26.16 -39.36 -34.45
N PRO C 25 27.33 -39.68 -33.85
CA PRO C 25 27.41 -40.62 -32.74
C PRO C 25 26.47 -40.22 -31.60
N VAL C 26 26.35 -38.92 -31.36
CA VAL C 26 25.49 -38.41 -30.31
C VAL C 26 24.05 -38.89 -30.51
N THR C 27 23.52 -38.71 -31.72
CA THR C 27 22.15 -39.15 -32.00
C THR C 27 22.06 -40.66 -32.05
N GLN C 28 23.09 -41.31 -32.60
CA GLN C 28 23.12 -42.76 -32.68
C GLN C 28 23.01 -43.36 -31.28
N GLU C 29 23.78 -42.81 -30.35
CA GLU C 29 23.77 -43.26 -28.97
C GLU C 29 22.50 -42.79 -28.27
N PHE C 30 22.06 -41.58 -28.58
CA PHE C 30 20.85 -41.03 -27.98
C PHE C 30 19.64 -41.85 -28.37
N TRP C 31 19.57 -42.24 -29.63
CA TRP C 31 18.47 -43.06 -30.12
C TRP C 31 18.55 -44.44 -29.50
N ASP C 32 19.77 -44.92 -29.28
CA ASP C 32 20.00 -46.21 -28.65
C ASP C 32 19.52 -46.10 -27.21
N ASN C 33 19.83 -44.95 -26.60
CA ASN C 33 19.42 -44.66 -25.24
C ASN C 33 17.90 -44.57 -25.17
N LEU C 34 17.31 -43.94 -26.20
CA LEU C 34 15.86 -43.81 -26.29
C LEU C 34 15.23 -45.19 -26.37
N GLU C 35 15.92 -46.10 -27.05
CA GLU C 35 15.45 -47.48 -27.18
C GLU C 35 15.54 -48.16 -25.82
N LYS C 36 16.58 -47.82 -25.07
CA LYS C 36 16.77 -48.36 -23.73
C LYS C 36 15.68 -47.82 -22.81
N GLU C 37 15.37 -46.53 -22.98
CA GLU C 37 14.34 -45.86 -22.21
C GLU C 37 12.99 -46.49 -22.51
N THR C 38 12.67 -46.61 -23.80
CA THR C 38 11.42 -47.22 -24.23
C THR C 38 11.35 -48.68 -23.80
N GLU C 39 12.52 -49.32 -23.75
CA GLU C 39 12.61 -50.71 -23.31
C GLU C 39 12.16 -50.81 -21.86
N GLY C 40 12.65 -49.87 -21.04
CA GLY C 40 12.26 -49.84 -19.65
C GLY C 40 10.79 -49.53 -19.54
N LEU C 41 10.33 -48.57 -20.33
CA LEU C 41 8.92 -48.19 -20.34
C LEU C 41 8.05 -49.35 -20.83
N ARG C 42 8.63 -50.18 -21.69
CA ARG C 42 7.94 -51.34 -22.22
C ARG C 42 7.79 -52.41 -21.14
N GLN C 43 8.38 -52.15 -19.98
CA GLN C 43 8.30 -53.05 -18.85
C GLN C 43 7.53 -52.34 -17.74
N GLU C 44 7.79 -51.04 -17.60
CA GLU C 44 7.12 -50.23 -16.60
C GLU C 44 5.66 -50.01 -16.96
N MET C 45 5.42 -49.38 -18.10
CA MET C 45 4.07 -49.08 -18.56
C MET C 45 3.26 -50.31 -18.90
N SER C 46 3.92 -51.38 -19.35
CA SER C 46 3.20 -52.61 -19.67
C SER C 46 2.57 -53.17 -18.41
N LYS C 47 3.41 -53.34 -17.39
CA LYS C 47 2.96 -53.83 -16.10
C LYS C 47 1.98 -52.83 -15.50
N ASP C 48 2.28 -51.55 -15.69
CA ASP C 48 1.44 -50.48 -15.19
C ASP C 48 0.06 -50.57 -15.78
N LEU C 49 -0.04 -50.60 -17.11
CA LEU C 49 -1.32 -50.69 -17.79
C LEU C 49 -2.04 -51.98 -17.42
N GLU C 50 -1.31 -53.09 -17.39
CA GLU C 50 -1.88 -54.38 -17.05
C GLU C 50 -2.45 -54.36 -15.65
N GLU C 51 -1.64 -53.92 -14.69
CA GLU C 51 -2.08 -53.84 -13.31
C GLU C 51 -3.13 -52.77 -13.14
N VAL C 52 -3.08 -51.73 -13.98
CA VAL C 52 -4.06 -50.65 -13.93
C VAL C 52 -5.44 -51.20 -14.22
N LYS C 53 -5.54 -52.07 -15.22
CA LYS C 53 -6.81 -52.70 -15.56
C LYS C 53 -7.31 -53.52 -14.38
N ALA C 54 -6.38 -54.22 -13.72
CA ALA C 54 -6.70 -55.04 -12.55
C ALA C 54 -6.90 -54.17 -11.32
N LYS C 55 -6.71 -52.87 -11.49
CA LYS C 55 -6.88 -51.91 -10.40
C LYS C 55 -8.15 -51.09 -10.61
N VAL C 56 -8.45 -50.81 -11.87
CA VAL C 56 -9.63 -50.05 -12.24
C VAL C 56 -10.89 -50.87 -11.96
N GLN C 57 -10.82 -52.18 -12.20
CA GLN C 57 -11.96 -53.07 -11.97
C GLN C 57 -12.47 -52.95 -10.52
N PRO C 58 -11.63 -53.26 -9.50
CA PRO C 58 -12.04 -53.16 -8.10
C PRO C 58 -12.26 -51.70 -7.70
N TYR C 59 -11.59 -50.78 -8.41
CA TYR C 59 -11.74 -49.36 -8.12
C TYR C 59 -13.13 -48.90 -8.52
N LEU C 60 -13.55 -49.30 -9.72
CA LEU C 60 -14.85 -48.96 -10.23
C LEU C 60 -15.93 -49.67 -9.42
N ASP C 61 -15.65 -50.91 -9.04
CA ASP C 61 -16.59 -51.68 -8.23
C ASP C 61 -16.80 -51.00 -6.89
N ASP C 62 -15.70 -50.66 -6.24
CA ASP C 62 -15.76 -49.98 -4.95
C ASP C 62 -16.38 -48.60 -5.09
N PHE C 63 -16.02 -47.93 -6.18
CA PHE C 63 -16.56 -46.60 -6.46
C PHE C 63 -18.05 -46.69 -6.70
N GLN C 64 -18.48 -47.74 -7.40
CA GLN C 64 -19.89 -47.96 -7.67
C GLN C 64 -20.63 -48.19 -6.36
N LYS C 65 -20.01 -48.96 -5.47
CA LYS C 65 -20.59 -49.24 -4.16
C LYS C 65 -20.77 -47.93 -3.41
N LYS C 66 -19.71 -47.12 -3.42
CA LYS C 66 -19.73 -45.83 -2.77
C LYS C 66 -20.72 -44.90 -3.44
N TRP C 67 -20.75 -44.92 -4.77
CA TRP C 67 -21.65 -44.09 -5.54
C TRP C 67 -23.10 -44.45 -5.20
N GLN C 68 -23.39 -45.74 -5.13
CA GLN C 68 -24.72 -46.18 -4.79
C GLN C 68 -25.04 -45.83 -3.35
N GLU C 69 -24.03 -45.94 -2.49
CA GLU C 69 -24.19 -45.59 -1.08
C GLU C 69 -24.53 -44.10 -0.96
N GLU C 70 -23.76 -43.28 -1.67
CA GLU C 70 -23.95 -41.84 -1.68
C GLU C 70 -25.28 -41.48 -2.35
N MET C 71 -25.53 -42.07 -3.52
CA MET C 71 -26.77 -41.81 -4.26
C MET C 71 -27.99 -42.12 -3.42
N GLU C 72 -28.06 -43.33 -2.90
CA GLU C 72 -29.18 -43.74 -2.07
C GLU C 72 -29.21 -42.91 -0.80
N LEU C 73 -28.03 -42.64 -0.25
CA LEU C 73 -27.89 -41.82 0.94
C LEU C 73 -28.48 -40.45 0.72
N TYR C 74 -28.15 -39.87 -0.42
CA TYR C 74 -28.66 -38.55 -0.80
C TYR C 74 -30.16 -38.61 -1.02
N ARG C 75 -30.64 -39.71 -1.59
CA ARG C 75 -32.06 -39.89 -1.82
C ARG C 75 -32.78 -39.98 -0.47
N GLN C 76 -32.16 -40.68 0.47
CA GLN C 76 -32.70 -40.84 1.81
C GLN C 76 -32.24 -39.69 2.70
N LYS C 77 -32.09 -38.52 2.09
CA LYS C 77 -31.65 -37.34 2.82
C LYS C 77 -32.20 -36.07 2.15
N VAL C 78 -31.83 -35.89 0.89
CA VAL C 78 -32.25 -34.73 0.12
C VAL C 78 -33.76 -34.78 -0.19
N GLU C 79 -34.24 -35.95 -0.61
CA GLU C 79 -35.66 -36.11 -0.93
C GLU C 79 -36.56 -35.74 0.26
N PRO C 80 -36.38 -36.39 1.44
CA PRO C 80 -37.19 -36.08 2.62
C PRO C 80 -36.94 -34.63 3.05
N LEU C 81 -35.70 -34.17 2.91
CA LEU C 81 -35.35 -32.79 3.28
C LEU C 81 -36.10 -31.82 2.39
N ARG C 82 -36.31 -32.19 1.13
CA ARG C 82 -37.04 -31.36 0.19
C ARG C 82 -38.47 -31.19 0.66
N ALA C 83 -39.00 -32.23 1.29
CA ALA C 83 -40.36 -32.18 1.81
C ALA C 83 -40.41 -31.28 3.04
N GLU C 84 -39.48 -31.50 3.97
CA GLU C 84 -39.40 -30.71 5.18
C GLU C 84 -39.10 -29.25 4.83
N LEU C 85 -38.13 -29.05 3.95
CA LEU C 85 -37.76 -27.71 3.52
C LEU C 85 -38.90 -27.08 2.75
N GLN C 86 -39.72 -27.90 2.10
CA GLN C 86 -40.86 -27.40 1.36
C GLN C 86 -41.86 -26.81 2.35
N GLU C 87 -42.10 -27.53 3.44
CA GLU C 87 -42.99 -27.06 4.48
C GLU C 87 -42.35 -25.86 5.17
N GLY C 88 -41.05 -25.96 5.40
CA GLY C 88 -40.32 -24.88 6.02
C GLY C 88 -40.37 -23.63 5.16
N ALA C 89 -40.28 -23.83 3.85
CA ALA C 89 -40.34 -22.75 2.89
C ALA C 89 -41.76 -22.22 2.82
N ARG C 90 -42.72 -23.13 2.91
CA ARG C 90 -44.13 -22.75 2.90
C ARG C 90 -44.41 -21.88 4.11
N GLN C 91 -43.86 -22.30 5.25
CA GLN C 91 -44.00 -21.55 6.48
C GLN C 91 -43.28 -20.21 6.34
N LYS C 92 -42.10 -20.23 5.72
CA LYS C 92 -41.33 -19.02 5.50
C LYS C 92 -42.06 -18.10 4.54
N LEU C 93 -42.71 -18.68 3.54
CA LEU C 93 -43.49 -17.92 2.58
C LEU C 93 -44.69 -17.31 3.29
N HIS C 94 -45.28 -18.08 4.19
CA HIS C 94 -46.41 -17.61 4.98
C HIS C 94 -45.91 -16.50 5.90
N GLU C 95 -44.74 -16.74 6.50
CA GLU C 95 -44.11 -15.78 7.36
C GLU C 95 -43.86 -14.49 6.59
N LEU C 96 -43.35 -14.64 5.37
CA LEU C 96 -43.07 -13.51 4.51
C LEU C 96 -44.34 -12.81 4.08
N GLN C 97 -45.30 -13.58 3.58
CA GLN C 97 -46.57 -13.02 3.13
C GLN C 97 -47.33 -12.34 4.25
N GLU C 98 -47.23 -12.89 5.45
CA GLU C 98 -47.89 -12.32 6.62
C GLU C 98 -47.20 -11.03 7.06
N LYS C 99 -46.10 -10.72 6.38
CA LYS C 99 -45.34 -9.50 6.66
C LYS C 99 -45.42 -8.57 5.46
N LEU C 100 -45.23 -9.13 4.27
CA LEU C 100 -45.26 -8.37 3.03
C LEU C 100 -46.63 -7.72 2.79
N SER C 101 -47.68 -8.34 3.29
CA SER C 101 -49.02 -7.78 3.12
C SER C 101 -49.24 -6.55 4.01
N PRO C 102 -49.17 -6.69 5.36
CA PRO C 102 -49.36 -5.55 6.27
C PRO C 102 -48.27 -4.50 6.10
N LEU C 103 -47.02 -4.94 5.99
CA LEU C 103 -45.91 -4.01 5.81
C LEU C 103 -45.91 -3.46 4.39
N GLY C 104 -46.55 -4.17 3.48
CA GLY C 104 -46.63 -3.73 2.11
C GLY C 104 -47.55 -2.53 2.00
N GLU C 105 -48.75 -2.67 2.55
CA GLU C 105 -49.71 -1.58 2.54
C GLU C 105 -49.18 -0.44 3.40
N GLU C 106 -48.47 -0.83 4.46
CA GLU C 106 -47.88 0.15 5.36
C GLU C 106 -46.79 0.92 4.63
N MET C 107 -45.95 0.21 3.87
CA MET C 107 -44.90 0.84 3.10
C MET C 107 -45.51 1.80 2.09
N ARG C 108 -46.70 1.45 1.61
CA ARG C 108 -47.41 2.30 0.67
C ARG C 108 -47.83 3.58 1.39
N ASP C 109 -48.34 3.42 2.60
CA ASP C 109 -48.75 4.56 3.41
C ASP C 109 -47.53 5.40 3.77
N ARG C 110 -46.44 4.72 4.12
CA ARG C 110 -45.19 5.39 4.44
C ARG C 110 -44.76 6.20 3.23
N ALA C 111 -44.81 5.56 2.07
CA ALA C 111 -44.46 6.19 0.82
C ALA C 111 -45.40 7.35 0.54
N ARG C 112 -46.68 7.19 0.86
CA ARG C 112 -47.67 8.24 0.67
C ARG C 112 -47.29 9.43 1.54
N ALA C 113 -47.04 9.16 2.82
CA ALA C 113 -46.69 10.19 3.78
C ALA C 113 -45.30 10.78 3.50
N HIS C 114 -44.54 10.12 2.63
CA HIS C 114 -43.21 10.59 2.27
C HIS C 114 -43.27 11.34 0.94
N VAL C 115 -43.90 10.72 -0.05
CA VAL C 115 -44.02 11.30 -1.38
C VAL C 115 -44.93 12.53 -1.35
N ASP C 116 -46.07 12.43 -0.67
CA ASP C 116 -46.98 13.57 -0.57
C ASP C 116 -46.30 14.70 0.18
N ALA C 117 -45.48 14.33 1.15
CA ALA C 117 -44.72 15.31 1.90
C ALA C 117 -43.72 15.96 0.96
N LEU C 118 -43.04 15.13 0.18
CA LEU C 118 -42.07 15.61 -0.79
C LEU C 118 -42.75 16.52 -1.80
N ARG C 119 -44.00 16.23 -2.12
CA ARG C 119 -44.77 17.03 -3.07
C ARG C 119 -44.90 18.48 -2.57
N THR C 120 -45.15 18.63 -1.28
CA THR C 120 -45.29 19.96 -0.71
C THR C 120 -43.97 20.45 -0.12
N HIS C 121 -42.90 19.70 -0.35
CA HIS C 121 -41.59 20.08 0.17
C HIS C 121 -40.60 20.37 -0.96
N LEU C 122 -40.71 19.62 -2.04
CA LEU C 122 -39.83 19.78 -3.18
C LEU C 122 -40.39 20.79 -4.18
N ALA C 123 -41.71 20.79 -4.36
CA ALA C 123 -42.35 21.73 -5.28
C ALA C 123 -42.02 23.18 -4.94
N PRO C 124 -42.23 23.63 -3.68
CA PRO C 124 -41.88 24.99 -3.28
C PRO C 124 -40.37 25.17 -3.31
N TYR C 125 -39.64 24.08 -3.06
CA TYR C 125 -38.18 24.10 -3.05
C TYR C 125 -37.64 24.49 -4.42
N SER C 126 -38.11 23.81 -5.46
CA SER C 126 -37.67 24.10 -6.80
C SER C 126 -38.16 25.47 -7.22
N ASP C 127 -39.32 25.86 -6.73
CA ASP C 127 -39.89 27.17 -7.04
C ASP C 127 -39.04 28.25 -6.41
N GLU C 128 -38.63 28.03 -5.17
CA GLU C 128 -37.77 28.95 -4.45
C GLU C 128 -36.42 28.99 -5.15
N LEU C 129 -35.98 27.81 -5.59
CA LEU C 129 -34.72 27.68 -6.31
C LEU C 129 -34.79 28.47 -7.60
N ARG C 130 -35.95 28.47 -8.24
CA ARG C 130 -36.16 29.21 -9.48
C ARG C 130 -35.93 30.70 -9.23
N GLN C 131 -36.45 31.18 -8.10
CA GLN C 131 -36.30 32.57 -7.73
C GLN C 131 -34.84 32.91 -7.47
N ARG C 132 -34.16 32.02 -6.76
CA ARG C 132 -32.74 32.21 -6.46
C ARG C 132 -31.91 32.07 -7.73
N LEU C 133 -32.20 31.05 -8.52
CA LEU C 133 -31.48 30.80 -9.76
C LEU C 133 -31.67 31.95 -10.73
N ALA C 134 -32.87 32.52 -10.74
CA ALA C 134 -33.17 33.65 -11.62
C ALA C 134 -32.28 34.83 -11.25
N ALA C 135 -32.11 35.05 -9.94
CA ALA C 135 -31.27 36.13 -9.45
C ALA C 135 -29.80 35.80 -9.73
N ARG C 136 -29.46 34.53 -9.55
CA ARG C 136 -28.09 34.06 -9.79
C ARG C 136 -27.76 34.23 -11.27
N LEU C 137 -28.67 33.79 -12.13
CA LEU C 137 -28.50 33.90 -13.58
C LEU C 137 -28.49 35.37 -13.98
N GLU C 138 -29.26 36.18 -13.24
CA GLU C 138 -29.32 37.60 -13.50
C GLU C 138 -27.95 38.21 -13.25
N ALA C 139 -27.36 37.84 -12.13
CA ALA C 139 -26.03 38.32 -11.77
C ALA C 139 -25.03 37.81 -12.80
N LEU C 140 -25.22 36.55 -13.20
CA LEU C 140 -24.34 35.94 -14.20
C LEU C 140 -24.52 36.59 -15.57
N LYS C 141 -25.68 37.20 -15.79
CA LYS C 141 -25.95 37.88 -17.05
C LYS C 141 -25.33 39.26 -17.01
N GLU C 142 -25.39 39.90 -15.85
CA GLU C 142 -24.82 41.21 -15.66
C GLU C 142 -23.31 41.12 -15.66
N ASN C 143 -22.78 40.24 -14.81
CA ASN C 143 -21.35 40.04 -14.72
C ASN C 143 -20.85 39.39 -15.99
N GLY C 144 -21.64 38.48 -16.54
CA GLY C 144 -21.28 37.81 -17.76
C GLY C 144 -21.19 38.80 -18.91
N GLY C 145 -22.22 39.63 -19.04
CA GLY C 145 -22.26 40.64 -20.08
C GLY C 145 -21.11 41.61 -19.91
N ALA C 146 -20.84 41.96 -18.66
CA ALA C 146 -19.75 42.87 -18.35
C ALA C 146 -18.43 42.22 -18.75
N ARG C 147 -18.24 40.97 -18.33
CA ARG C 147 -17.04 40.21 -18.65
C ARG C 147 -16.89 40.08 -20.16
N LEU C 148 -18.00 39.96 -20.87
CA LEU C 148 -17.99 39.85 -22.32
C LEU C 148 -17.36 41.09 -22.95
N ALA C 149 -17.47 42.22 -22.26
CA ALA C 149 -16.90 43.47 -22.74
C ALA C 149 -15.50 43.66 -22.18
N GLU C 150 -15.34 43.39 -20.89
CA GLU C 150 -14.07 43.53 -20.21
C GLU C 150 -13.03 42.57 -20.80
N TYR C 151 -13.43 41.31 -20.96
CA TYR C 151 -12.54 40.31 -21.52
C TYR C 151 -12.28 40.58 -22.99
N HIS C 152 -13.30 41.08 -23.70
CA HIS C 152 -13.15 41.39 -25.12
C HIS C 152 -12.14 42.51 -25.29
N ALA C 153 -12.20 43.49 -24.40
CA ALA C 153 -11.28 44.62 -24.43
C ALA C 153 -9.87 44.10 -24.15
N LYS C 154 -9.75 43.30 -23.09
CA LYS C 154 -8.47 42.72 -22.71
C LYS C 154 -7.92 41.85 -23.83
N ALA C 155 -8.81 41.12 -24.50
CA ALA C 155 -8.43 40.27 -25.61
C ALA C 155 -7.86 41.12 -26.74
N THR C 156 -8.55 42.20 -27.04
CA THR C 156 -8.12 43.13 -28.09
C THR C 156 -6.78 43.75 -27.72
N GLU C 157 -6.66 44.22 -26.49
CA GLU C 157 -5.43 44.83 -26.01
C GLU C 157 -4.30 43.81 -26.05
N HIS C 158 -4.62 42.58 -25.66
CA HIS C 158 -3.64 41.50 -25.66
C HIS C 158 -3.28 41.10 -27.09
N LEU C 159 -4.26 41.17 -27.98
CA LEU C 159 -4.03 40.83 -29.39
C LEU C 159 -3.16 41.89 -30.05
N SER C 160 -3.45 43.15 -29.76
CA SER C 160 -2.70 44.26 -30.32
C SER C 160 -1.26 44.21 -29.82
N THR C 161 -1.06 43.86 -28.55
CA THR C 161 0.27 43.76 -27.99
C THR C 161 0.97 42.51 -28.54
N LEU C 162 0.19 41.46 -28.76
CA LEU C 162 0.72 40.22 -29.30
C LEU C 162 1.25 40.48 -30.70
N SER C 163 0.47 41.18 -31.52
CA SER C 163 0.88 41.50 -32.87
C SER C 163 2.01 42.53 -32.85
N GLU C 164 1.94 43.43 -31.87
CA GLU C 164 2.94 44.47 -31.70
C GLU C 164 4.30 43.84 -31.45
N LYS C 165 4.28 42.69 -30.78
CA LYS C 165 5.50 41.95 -30.50
C LYS C 165 5.79 40.97 -31.63
N ALA C 166 4.73 40.33 -32.15
CA ALA C 166 4.85 39.36 -33.22
C ALA C 166 5.51 39.93 -34.47
N LYS C 167 5.13 41.16 -34.86
CA LYS C 167 5.71 41.80 -36.05
C LYS C 167 7.24 41.83 -35.99
N PRO C 168 7.84 42.53 -35.01
CA PRO C 168 9.29 42.59 -34.88
C PRO C 168 9.89 41.23 -34.50
N ALA C 169 9.15 40.44 -33.72
CA ALA C 169 9.63 39.13 -33.31
C ALA C 169 9.79 38.22 -34.52
N LEU C 170 8.83 38.28 -35.43
CA LEU C 170 8.90 37.48 -36.65
C LEU C 170 10.03 37.99 -37.54
N GLU C 171 10.21 39.30 -37.52
CA GLU C 171 11.28 39.92 -38.30
C GLU C 171 12.63 39.54 -37.72
N ASP C 172 12.69 39.48 -36.40
CA ASP C 172 13.92 39.10 -35.69
C ASP C 172 14.18 37.62 -35.88
N LEU C 173 13.13 36.81 -35.73
CA LEU C 173 13.23 35.38 -35.90
C LEU C 173 13.67 35.04 -37.32
N ARG C 174 12.97 35.58 -38.30
CA ARG C 174 13.30 35.34 -39.69
C ARG C 174 14.65 35.98 -40.02
N GLN C 175 14.89 37.14 -39.44
CA GLN C 175 16.13 37.84 -39.66
C GLN C 175 17.31 37.08 -39.09
N GLY C 176 17.04 36.29 -38.05
CA GLY C 176 18.06 35.47 -37.44
C GLY C 176 18.17 34.16 -38.20
N LEU C 177 17.05 33.66 -38.68
CA LEU C 177 17.00 32.41 -39.43
C LEU C 177 17.87 32.49 -40.68
N LEU C 178 17.88 33.65 -41.34
CA LEU C 178 18.66 33.85 -42.55
C LEU C 178 20.15 33.49 -42.32
N PRO C 179 20.87 34.23 -41.44
CA PRO C 179 22.28 33.92 -41.17
C PRO C 179 22.45 32.60 -40.43
N VAL C 180 21.50 32.27 -39.55
CA VAL C 180 21.56 31.02 -38.79
C VAL C 180 21.52 29.82 -39.72
N LEU C 181 20.66 29.88 -40.73
CA LEU C 181 20.54 28.79 -41.70
C LEU C 181 21.85 28.63 -42.45
N GLU C 182 22.54 29.75 -42.67
CA GLU C 182 23.83 29.74 -43.35
C GLU C 182 24.84 28.99 -42.48
N SER C 183 24.90 29.38 -41.21
CA SER C 183 25.80 28.75 -40.26
C SER C 183 25.48 27.26 -40.16
N PHE C 184 24.19 26.95 -40.13
CA PHE C 184 23.75 25.57 -40.05
C PHE C 184 24.14 24.82 -41.31
N LYS C 185 23.93 25.44 -42.46
CA LYS C 185 24.27 24.84 -43.74
C LYS C 185 25.76 24.56 -43.82
N VAL C 186 26.58 25.56 -43.51
CA VAL C 186 28.03 25.41 -43.54
C VAL C 186 28.47 24.28 -42.61
N SER C 187 27.88 24.22 -41.43
CA SER C 187 28.21 23.20 -40.45
C SER C 187 27.73 21.82 -40.91
N PHE C 188 26.54 21.78 -41.49
CA PHE C 188 25.97 20.52 -41.97
C PHE C 188 26.71 20.02 -43.20
N LEU C 189 27.02 20.92 -44.13
CA LEU C 189 27.73 20.56 -45.35
C LEU C 189 29.08 19.93 -45.04
N SER C 190 29.83 20.56 -44.14
CA SER C 190 31.13 20.06 -43.75
C SER C 190 30.99 18.73 -43.01
N ALA C 191 29.98 18.66 -42.13
CA ALA C 191 29.72 17.46 -41.35
C ALA C 191 29.39 16.29 -42.27
N LEU C 192 28.45 16.51 -43.19
CA LEU C 192 28.04 15.48 -44.12
C LEU C 192 29.21 15.04 -45.00
N GLU C 193 30.00 16.02 -45.43
CA GLU C 193 31.17 15.75 -46.26
C GLU C 193 32.19 14.89 -45.51
N GLU C 194 32.59 15.35 -44.34
CA GLU C 194 33.57 14.64 -43.54
C GLU C 194 33.05 13.28 -43.07
N TYR C 195 31.76 13.22 -42.77
CA TYR C 195 31.14 11.98 -42.32
C TYR C 195 31.13 10.91 -43.42
N THR C 196 30.68 11.29 -44.61
CA THR C 196 30.61 10.36 -45.73
C THR C 196 31.99 9.84 -46.14
N LYS C 197 33.01 10.67 -45.94
CA LYS C 197 34.37 10.29 -46.29
C LYS C 197 34.93 9.31 -45.27
N LYS C 198 34.51 9.43 -44.02
CA LYS C 198 34.97 8.54 -42.96
C LYS C 198 34.18 7.23 -42.97
N LEU C 199 32.90 7.32 -43.32
CA LEU C 199 32.03 6.14 -43.38
C LEU C 199 32.14 5.47 -44.75
N ASN C 200 33.28 5.64 -45.39
CA ASN C 200 33.52 5.06 -46.70
C ASN C 200 34.28 3.75 -46.57
C1 PCW D . 20.63 -23.00 -8.71
C2 PCW D . 21.37 -23.02 -10.10
C3 PCW D . 21.27 -24.44 -10.74
C4 PCW D . 19.40 -22.79 -4.72
C5 PCW D . 19.39 -21.64 -3.71
C6 PCW D . 18.23 -20.59 -1.70
C7 PCW D . 18.62 -23.01 -1.78
C8 PCW D . 19.88 -21.66 -1.72
C11 PCW D . 23.24 -24.87 -12.04
C12 PCW D . 23.77 -24.78 -13.44
C13 PCW D . 24.34 -23.33 -13.67
C14 PCW D . 24.92 -23.07 -15.06
C15 PCW D . 26.43 -22.73 -15.10
C16 PCW D . 27.05 -23.08 -16.50
C17 PCW D . 27.15 -21.91 -17.55
C18 PCW D . 27.24 -22.41 -18.99
C19 PCW D . 25.98 -23.18 -19.45
C20 PCW D . 25.08 -22.65 -20.37
C21 PCW D . 25.03 -21.37 -21.10
C22 PCW D . 24.29 -21.65 -22.45
C23 PCW D . 22.75 -21.54 -22.46
C24 PCW D . 22.04 -22.04 -23.69
C25 PCW D . 22.22 -23.50 -24.18
C26 PCW D . 22.66 -23.69 -25.63
C27 PCW D . 23.72 -24.78 -25.92
C28 PCW D . 24.65 -24.31 -27.03
C31 PCW D . 21.58 -21.28 -11.70
C32 PCW D . 20.77 -20.35 -12.62
C33 PCW D . 20.78 -20.77 -14.17
C34 PCW D . 19.64 -20.14 -14.98
C35 PCW D . 19.55 -20.98 -16.32
C36 PCW D . 19.67 -20.10 -17.57
C37 PCW D . 19.59 -20.86 -18.94
C38 PCW D . 19.00 -20.01 -20.03
C39 PCW D . 18.91 -20.72 -21.35
C40 PCW D . 17.85 -21.35 -21.84
C41 PCW D . 16.51 -21.44 -21.13
C42 PCW D . 15.57 -22.43 -21.96
C43 PCW D . 14.43 -21.84 -22.75
C44 PCW D . 13.72 -23.01 -23.43
C45 PCW D . 12.81 -22.63 -24.57
C46 PCW D . 13.41 -22.87 -25.94
C47 PCW D . 13.59 -21.68 -26.82
C48 PCW D . 14.21 -22.07 -28.18
N PCW D . 18.61 -21.75 -2.51
O2 PCW D . 20.72 -22.05 -11.04
O3 PCW D . 21.95 -24.44 -12.01
O11 PCW D . 23.88 -25.24 -11.09
O31 PCW D . 22.84 -21.28 -11.59
O1P PCW D . 20.10 -24.80 -6.71
O2P PCW D . 22.39 -24.50 -5.76
O3P PCW D . 21.53 -22.89 -7.58
O4P PCW D . 20.74 -22.82 -5.28
P PCW D . 21.18 -23.84 -6.31
C1 PCW E . -22.64 -7.86 17.68
C2 PCW E . -23.36 -7.91 16.27
C3 PCW E . -24.62 -6.98 16.28
C4 PCW E . -19.68 -4.30 16.71
C5 PCW E . -20.21 -3.54 15.51
C6 PCW E . -18.66 -1.59 15.05
C7 PCW E . -19.39 -3.04 13.21
C8 PCW E . -20.42 -1.93 14.26
C11 PCW E . -25.94 -5.92 14.56
C12 PCW E . -26.54 -6.20 13.20
C13 PCW E . -28.03 -5.69 13.21
C14 PCW E . -28.82 -5.90 11.90
C15 PCW E . -28.02 -5.69 10.57
C16 PCW E . -28.96 -5.12 9.44
C17 PCW E . -30.51 -5.41 9.55
C18 PCW E . -31.12 -5.95 8.25
C19 PCW E . -31.27 -4.85 7.16
C20 PCW E . -31.67 -5.15 5.87
C21 PCW E . -32.02 -6.41 5.19
C22 PCW E . -32.11 -6.10 3.68
C23 PCW E . -31.97 -7.29 2.68
C24 PCW E . -32.38 -7.03 1.26
C25 PCW E . -31.55 -7.62 0.08
C26 PCW E . -32.14 -8.81 -0.64
C27 PCW E . -31.79 -9.00 -2.14
C28 PCW E . -31.75 -10.46 -2.49
C31 PCW E . -21.97 -8.36 14.40
C32 PCW E . -21.06 -7.69 13.37
C33 PCW E . -21.73 -7.43 11.93
C34 PCW E . -21.65 -8.65 11.02
C35 PCW E . -22.75 -8.42 9.90
C36 PCW E . -23.59 -9.69 9.61
C37 PCW E . -24.69 -9.53 8.52
C38 PCW E . -24.55 -10.55 7.45
C39 PCW E . -25.62 -10.43 6.38
C40 PCW E . -25.63 -11.02 5.18
C41 PCW E . -24.53 -11.94 4.67
C42 PCW E . -25.21 -13.02 3.72
C43 PCW E . -25.14 -14.48 4.13
C44 PCW E . -25.85 -15.29 3.05
C45 PCW E . -27.34 -15.47 3.24
C46 PCW E . -28.16 -14.92 2.12
C47 PCW E . -28.11 -15.68 0.81
C48 PCW E . -28.99 -15.02 -0.25
N PCW E . -19.31 -2.84 14.65
O2 PCW E . -22.45 -7.41 15.20
O3 PCW E . -25.27 -7.03 15.00
O11 PCW E . -26.02 -4.88 15.16
O31 PCW E . -22.21 -9.61 14.49
O1P PCW E . -19.96 -5.79 19.17
O2P PCW E . -19.81 -7.76 17.64
O3P PCW E . -22.08 -6.57 18.02
O4P PCW E . -20.28 -5.61 16.68
P PCW E . -20.47 -6.46 17.92
C1 PCW F . 17.48 16.82 -8.53
C2 PCW F . 16.95 17.03 -9.99
C3 PCW F . 17.77 18.16 -10.70
C4 PCW F . 20.81 13.64 -9.55
C5 PCW F . 21.84 14.77 -9.46
C6 PCW F . 21.51 15.88 -11.74
C7 PCW F . 22.25 17.20 -9.81
C8 PCW F . 23.15 15.82 -10.65
C11 PCW F . 18.22 18.46 -13.04
C12 PCW F . 17.51 18.66 -14.36
C13 PCW F . 18.11 17.64 -15.39
C14 PCW F . 17.49 17.71 -16.80
C15 PCW F . 17.93 16.57 -17.78
C16 PCW F . 18.98 17.10 -18.81
C17 PCW F . 19.55 16.08 -19.86
C18 PCW F . 18.46 15.27 -20.56
C19 PCW F . 19.03 14.15 -21.47
C20 PCW F . 19.33 14.36 -22.82
C21 PCW F . 19.19 15.54 -23.70
C22 PCW F . 20.64 15.91 -24.16
C23 PCW F . 21.33 17.09 -23.45
C24 PCW F . 22.74 16.88 -22.99
C25 PCW F . 23.72 15.96 -23.78
C26 PCW F . 25.10 16.52 -24.06
C27 PCW F . 25.25 17.55 -25.19
C28 PCW F . 26.12 16.99 -26.29
C31 PCW F . 16.00 15.37 -11.39
C32 PCW F . 16.33 14.10 -12.19
C33 PCW F . 15.16 13.60 -13.17
C34 PCW F . 15.63 13.40 -14.62
C35 PCW F . 15.49 14.83 -15.29
C36 PCW F . 14.32 14.90 -16.29
C37 PCW F . 14.13 16.28 -16.99
C38 PCW F . 12.72 16.50 -17.42
C39 PCW F . 12.51 17.84 -18.09
C40 PCW F . 12.07 18.05 -19.32
C41 PCW F . 11.68 16.96 -20.32
C42 PCW F . 10.52 17.53 -21.25
C43 PCW F . 9.11 17.57 -20.72
C44 PCW F . 8.23 18.14 -21.82
C45 PCW F . 6.76 17.85 -21.68
C46 PCW F . 6.30 16.70 -22.55
C47 PCW F . 6.27 15.34 -21.90
C48 PCW F . 5.79 14.26 -22.88
N PCW F . 21.71 15.95 -10.27
O2 PCW F . 17.12 15.78 -10.79
O3 PCW F . 17.29 18.36 -12.04
O11 PCW F . 19.42 18.40 -12.90
O31 PCW F . 14.86 15.91 -11.31
O1P PCW F . 20.11 14.78 -6.95
O2P PCW F . 17.79 14.16 -7.62
O3P PCW F . 18.85 16.36 -8.45
O4P PCW F . 19.50 14.21 -9.33
P PCW F . 19.05 14.81 -8.01
C1 PCW G . 8.56 26.36 -7.59
C2 PCW G . 7.63 27.36 -8.39
C3 PCW G . 8.49 28.22 -9.39
C4 PCW G . 10.89 24.98 -5.35
C5 PCW G . 12.40 24.90 -5.60
C6 PCW G . 13.08 22.64 -5.11
C7 PCW G . 12.87 24.17 -3.36
C8 PCW G . 14.66 24.42 -4.74
C11 PCW G . 7.93 30.45 -10.07
C12 PCW G . 6.92 31.21 -10.89
C13 PCW G . 7.62 31.66 -12.23
C14 PCW G . 6.74 32.45 -13.19
C15 PCW G . 5.82 31.60 -14.11
C16 PCW G . 5.54 32.36 -15.46
C17 PCW G . 4.05 32.47 -15.93
C18 PCW G . 3.51 31.15 -16.50
C19 PCW G . 3.62 31.08 -18.04
C20 PCW G . 2.52 30.82 -18.85
C21 PCW G . 1.08 30.57 -18.55
C22 PCW G . 0.43 30.06 -19.87
C23 PCW G . -0.20 31.11 -20.81
C24 PCW G . 0.44 31.28 -22.15
C25 PCW G . 0.42 32.66 -22.88
C26 PCW G . 1.76 33.26 -23.26
C27 PCW G . 1.78 34.71 -23.77
C28 PCW G . 2.24 34.75 -25.21
C31 PCW G . 5.39 27.10 -9.13
C32 PCW G . 4.47 26.24 -10.00
C33 PCW G . 2.92 26.29 -9.62
C34 PCW G . 2.03 25.62 -10.66
C35 PCW G . 1.03 26.76 -11.15
C36 PCW G . -0.43 26.27 -11.26
C37 PCW G . -1.45 27.35 -11.73
C38 PCW G . -1.62 27.34 -13.21
C39 PCW G . -2.61 28.38 -13.69
C40 PCW G . -3.93 28.30 -13.67
C41 PCW G . -4.70 27.11 -13.14
C42 PCW G . -5.33 27.52 -11.74
C43 PCW G . -6.78 27.14 -11.47
C44 PCW G . -7.12 27.65 -10.07
C45 PCW G . -8.57 27.57 -9.70
C46 PCW G . -8.84 26.86 -8.41
C47 PCW G . -10.21 26.25 -8.24
C48 PCW G . -10.34 25.55 -6.89
N PCW G . 13.21 24.07 -4.75
O2 PCW G . 6.63 26.61 -9.20
O3 PCW G . 7.64 29.12 -10.12
O11 PCW G . 8.84 30.94 -9.47
O31 PCW G . 5.02 28.10 -8.44
O1P PCW G . 8.06 24.30 -5.21
O2P PCW G . 8.71 22.58 -6.88
O3P PCW G . 8.13 24.99 -7.63
O4P PCW G . 10.23 24.40 -6.50
P PCW G . 8.76 24.02 -6.51
C1 PCW H . -4.43 24.99 -0.15
C2 PCW H . -5.96 25.17 -0.50
C3 PCW H . -6.52 23.85 -1.14
C4 PCW H . -5.76 23.42 3.91
C5 PCW H . -5.44 23.01 5.34
C6 PCW H . -6.17 22.75 7.78
C7 PCW H . -7.83 22.86 5.99
C8 PCW H . -6.54 21.55 6.26
C11 PCW H . -8.27 24.51 -2.68
C12 PCW H . -9.77 24.57 -2.79
C13 PCW H . -10.28 23.15 -3.24
C14 PCW H . -11.81 23.03 -3.40
C15 PCW H . -12.29 22.22 -4.65
C16 PCW H . -13.44 21.24 -4.25
C17 PCW H . -14.80 21.36 -5.04
C18 PCW H . -14.61 21.39 -6.56
C19 PCW H . -15.95 21.56 -7.33
C20 PCW H . -16.09 21.19 -8.65
C21 PCW H . -15.15 20.59 -9.63
C22 PCW H . -14.91 21.66 -10.73
C23 PCW H . -15.04 21.21 -12.21
C24 PCW H . -14.16 20.08 -12.66
C25 PCW H . -12.91 20.34 -13.55
C26 PCW H . -13.09 21.34 -14.68
C27 PCW H . -11.83 21.96 -15.31
C28 PCW H . -11.03 22.70 -14.27
C31 PCW H . -7.01 26.68 0.99
C32 PCW H . -7.81 26.76 2.30
C33 PCW H . -9.33 26.24 2.22
C34 PCW H . -9.98 26.44 0.85
C35 PCW H . -11.54 26.51 1.12
C36 PCW H . -12.34 27.05 -0.08
C37 PCW H . -13.88 27.15 0.12
C38 PCW H . -14.51 28.03 -0.90
C39 PCW H . -16.00 28.13 -0.73
C40 PCW H . -16.85 28.80 -1.49
C41 PCW H . -16.46 29.60 -2.71
C42 PCW H . -17.73 29.65 -3.69
C43 PCW H . -18.31 28.33 -4.16
C44 PCW H . -19.50 28.66 -5.06
C45 PCW H . -20.38 27.49 -5.39
C46 PCW H . -20.62 27.31 -6.86
C47 PCW H . -19.67 26.37 -7.57
C48 PCW H . -20.02 26.26 -9.06
N PCW H . -6.45 23.04 6.35
O2 PCW H . -6.73 25.40 0.75
O3 PCW H . -7.91 24.02 -1.46
O11 PCW H . -7.50 24.85 -3.54
O31 PCW H . -6.68 27.66 0.27
O1P PCW H . -4.51 22.69 1.37
O2P PCW H . -2.48 23.66 2.45
O3P PCW H . -4.13 25.19 1.25
O4P PCW H . -4.62 24.17 3.42
P PCW H . -3.90 23.86 2.11
C1 PCW I . 14.80 -25.15 -4.01
C2 PCW I . 14.22 -25.09 -5.47
C3 PCW I . 15.29 -25.58 -6.50
C4 PCW I . 15.96 -28.57 -1.71
C5 PCW I . 16.13 -29.12 -0.29
C6 PCW I . 17.88 -30.72 0.64
C7 PCW I . 18.21 -28.30 0.81
C8 PCW I . 16.89 -29.32 1.61
C11 PCW I . 14.78 -26.64 -8.58
C12 PCW I . 14.15 -26.36 -9.92
C13 PCW I . 14.17 -27.69 -10.76
C14 PCW I . 13.56 -27.57 -12.16
C15 PCW I . 12.04 -27.25 -12.21
C16 PCW I . 11.49 -27.42 -13.67
C17 PCW I . 12.20 -26.60 -14.80
C18 PCW I . 12.80 -27.48 -15.90
C19 PCW I . 14.36 -27.45 -15.89
C20 PCW I . 15.12 -28.53 -16.31
C21 PCW I . 14.75 -29.87 -16.85
C22 PCW I . 15.68 -30.90 -16.13
C23 PCW I . 15.13 -32.33 -15.90
C24 PCW I . 15.63 -33.39 -16.82
C25 PCW I . 16.45 -34.60 -16.29
C26 PCW I . 15.71 -35.92 -16.18
C27 PCW I . 15.44 -36.71 -17.49
C28 PCW I . 16.74 -37.04 -18.18
C31 PCW I . 11.88 -25.41 -5.24
C32 PCW I . 10.77 -26.46 -5.39
C33 PCW I . 9.69 -26.15 -6.54
C34 PCW I . 10.10 -26.66 -7.90
C35 PCW I . 9.03 -26.08 -8.91
C36 PCW I . 9.12 -26.70 -10.31
C37 PCW I . 8.07 -26.17 -11.35
C38 PCW I . 7.05 -27.21 -11.70
C39 PCW I . 6.04 -26.72 -12.70
C40 PCW I . 6.09 -26.87 -14.03
C41 PCW I . 7.22 -27.57 -14.77
C42 PCW I . 6.59 -28.81 -15.58
C43 PCW I . 7.53 -29.72 -16.35
C44 PCW I . 6.67 -30.78 -17.02
C45 PCW I . 7.36 -32.10 -17.26
C46 PCW I . 8.05 -32.18 -18.59
C47 PCW I . 9.13 -33.21 -18.74
C48 PCW I . 9.75 -33.17 -20.15
N PCW I . 17.45 -29.38 0.21
O2 PCW I . 13.04 -25.99 -5.57
O3 PCW I . 14.75 -25.52 -7.82
O11 PCW I . 15.22 -27.70 -8.24
O31 PCW I . 11.72 -24.20 -4.90
O1P PCW I . 16.04 -25.68 -1.63
O2P PCW I . 13.81 -25.95 -0.53
O3P PCW I . 14.00 -25.93 -3.10
O4P PCW I . 14.72 -27.81 -1.72
P PCW I . 14.68 -26.29 -1.69
C1 PCW J . 26.31 -0.92 -16.57
C2 PCW J . 25.91 0.59 -16.86
C3 PCW J . 26.57 1.07 -18.21
C4 PCW J . 26.51 -2.15 -11.81
C5 PCW J . 26.59 -1.40 -10.48
C6 PCW J . 28.70 -2.26 -9.67
C7 PCW J . 27.81 -0.33 -8.72
C8 PCW J . 28.68 -0.15 -10.81
C11 PCW J . 27.15 3.21 -19.13
C12 PCW J . 26.59 4.59 -19.33
C13 PCW J . 26.28 4.78 -20.86
C14 PCW J . 25.69 6.14 -21.24
C15 PCW J . 24.69 6.12 -22.43
C16 PCW J . 23.46 7.04 -22.15
C17 PCW J . 22.44 7.25 -23.32
C18 PCW J . 23.02 8.04 -24.49
C19 PCW J . 23.52 9.45 -24.08
C20 PCW J . 23.38 10.55 -24.91
C21 PCW J . 22.78 10.72 -26.24
C22 PCW J . 22.82 12.24 -26.59
C23 PCW J . 24.22 12.90 -26.77
C24 PCW J . 24.41 13.76 -27.99
C25 PCW J . 25.80 13.85 -28.67
C26 PCW J . 25.92 14.81 -29.84
C27 PCW J . 26.83 14.41 -31.02
C28 PCW J . 26.61 15.34 -32.19
C31 PCW J . 23.77 0.81 -15.86
C32 PCW J . 22.26 0.92 -16.18
C33 PCW J . 21.84 0.57 -17.69
C34 PCW J . 21.90 -0.93 -18.01
C35 PCW J . 22.94 -1.08 -19.19
C36 PCW J . 22.55 -2.20 -20.19
C37 PCW J . 23.54 -2.40 -21.37
C38 PCW J . 23.51 -3.81 -21.86
C39 PCW J . 24.47 -4.06 -23.01
C40 PCW J . 24.28 -4.83 -24.07
C41 PCW J . 23.02 -5.64 -24.33
C42 PCW J . 22.25 -4.96 -25.56
C43 PCW J . 23.05 -4.53 -26.78
C44 PCW J . 22.05 -3.95 -27.77
C45 PCW J . 22.11 -2.45 -27.93
C46 PCW J . 21.09 -1.92 -28.90
C47 PCW J . 21.41 -2.03 -30.36
C48 PCW J . 20.28 -1.44 -31.20
N PCW J . 27.87 -1.05 -9.95
O2 PCW J . 24.44 0.71 -17.01
O3 PCW J . 26.23 2.43 -18.48
O11 PCW J . 28.23 2.84 -19.50
O31 PCW J . 24.27 0.82 -14.69
O1P PCW J . 28.14 -2.15 -14.21
O2P PCW J . 27.63 0.29 -14.19
O3P PCW J . 25.98 -1.38 -15.25
O4P PCW J . 26.28 -1.15 -12.84
P PCW J . 27.08 -1.08 -14.12
C1 PCW K . 1.11 3.80 -38.80
C2 PCW K . 2.36 4.75 -38.64
C3 PCW K . 1.92 6.25 -38.75
C4 PCW K . 2.48 1.75 -41.37
C5 PCW K . 2.68 1.22 -42.79
C6 PCW K . 3.72 -1.10 -42.93
C7 PCW K . 1.51 -0.67 -43.90
C8 PCW K . 3.13 0.05 -44.41
C11 PCW K . 2.89 8.30 -37.97
C12 PCW K . 4.23 8.99 -37.82
C13 PCW K . 4.70 8.78 -36.34
C14 PCW K . 6.06 9.41 -36.00
C15 PCW K . 6.85 8.75 -34.83
C16 PCW K . 6.84 9.67 -33.56
C17 PCW K . 7.31 9.04 -32.20
C18 PCW K . 7.66 10.06 -31.13
C19 PCW K . 8.98 9.75 -30.40
C20 PCW K . 9.37 10.42 -29.24
C21 PCW K . 8.73 11.48 -28.45
C22 PCW K . 9.40 12.82 -28.85
C23 PCW K . 10.28 13.54 -27.79
C24 PCW K . 10.77 14.91 -28.15
C25 PCW K . 12.28 15.28 -28.02
C26 PCW K . 12.80 16.31 -29.01
C27 PCW K . 13.07 17.73 -28.50
C28 PCW K . 12.18 18.73 -29.21
C31 PCW K . 4.24 4.13 -37.36
C32 PCW K . 4.76 4.02 -35.92
C33 PCW K . 5.37 5.38 -35.34
C34 PCW K . 5.47 5.41 -33.82
C35 PCW K . 6.98 5.07 -33.49
C36 PCW K . 7.38 5.46 -32.05
C37 PCW K . 8.86 5.15 -31.66
C38 PCW K . 9.79 6.24 -32.09
C39 PCW K . 11.23 5.96 -31.72
C40 PCW K . 11.85 6.32 -30.60
C41 PCW K . 11.21 7.10 -29.47
C42 PCW K . 11.87 6.65 -28.09
C43 PCW K . 11.97 7.66 -26.97
C44 PCW K . 12.63 6.96 -25.79
C45 PCW K . 13.88 7.64 -25.29
C46 PCW K . 14.65 6.81 -24.30
C47 PCW K . 14.67 7.32 -22.88
C48 PCW K . 15.50 6.40 -21.96
N PCW K . 2.57 -0.18 -43.05
O2 PCW K . 2.99 4.58 -37.30
O3 PCW K . 3.07 7.09 -38.58
O11 PCW K . 1.85 8.73 -37.58
O31 PCW K . 4.91 3.86 -38.40
O1P PCW K . -0.35 1.81 -40.70
O2P PCW K . -0.39 3.68 -42.36
O3P PCW K . 0.25 4.14 -39.90
O4P PCW K . 1.75 3.00 -41.48
P PCW K . 0.26 3.11 -41.14
C1 PCW L . -1.00 -27.97 -31.68
C2 PCW L . -0.04 -27.57 -30.48
C3 PCW L . 0.84 -28.80 -30.05
C4 PCW L . -3.58 -29.87 -33.18
C5 PCW L . -4.19 -31.28 -33.22
C6 PCW L . -6.20 -30.78 -34.72
C7 PCW L . -5.29 -33.05 -34.58
C8 PCW L . -6.08 -32.06 -33.22
C11 PCW L . 2.72 -29.28 -28.64
C12 PCW L . 3.50 -28.69 -27.48
C13 PCW L . 3.02 -29.41 -26.16
C14 PCW L . 3.71 -28.94 -24.88
C15 PCW L . 5.24 -29.21 -24.79
C16 PCW L . 5.79 -28.77 -23.39
C17 PCW L . 7.35 -28.60 -23.25
C18 PCW L . 7.77 -27.75 -22.05
C19 PCW L . 7.42 -28.42 -20.70
C20 PCW L . 8.39 -28.88 -19.84
C21 PCW L . 9.87 -28.87 -19.90
C22 PCW L . 10.39 -28.99 -18.43
C23 PCW L . 11.53 -30.00 -18.15
C24 PCW L . 11.33 -30.96 -17.00
C25 PCW L . 10.82 -30.47 -15.62
C26 PCW L . 11.33 -31.22 -14.40
C27 PCW L . 12.64 -30.73 -13.77
C28 PCW L . 12.92 -31.50 -12.49
C31 PCW L . 0.42 -25.26 -30.70
C32 PCW L . 1.47 -24.25 -31.17
C33 PCW L . 2.36 -23.59 -30.01
C34 PCW L . 2.64 -22.09 -30.20
C35 PCW L . 1.29 -21.36 -29.84
C36 PCW L . 1.24 -20.86 -28.38
C37 PCW L . -0.09 -20.13 -27.97
C38 PCW L . -0.20 -19.97 -26.50
C39 PCW L . -1.47 -19.28 -26.08
C40 PCW L . -1.63 -18.02 -25.68
C41 PCW L . -0.49 -17.02 -25.58
C42 PCW L . -0.22 -16.72 -24.04
C43 PCW L . 1.10 -17.18 -23.44
C44 PCW L . 1.09 -16.77 -21.97
C45 PCW L . 2.15 -15.77 -21.60
C46 PCW L . 3.40 -16.39 -21.05
C47 PCW L . 3.21 -17.44 -19.96
C48 PCW L . 4.56 -17.98 -19.49
N PCW L . -5.09 -31.65 -34.27
O2 PCW L . 0.90 -26.48 -30.90
O3 PCW L . 1.70 -28.44 -28.97
O11 PCW L . 2.97 -30.32 -29.18
O31 PCW L . -0.71 -24.97 -30.21
O1P PCW L . -1.93 -28.08 -34.78
O2P PCW L . -0.42 -30.06 -34.85
O3P PCW L . -0.30 -28.43 -32.86
O4P PCW L . -2.14 -30.03 -33.19
P PCW L . -1.21 -29.15 -34.00
C1 PCW M . 8.79 5.79 -44.42
C2 PCW M . 9.74 5.32 -43.24
C3 PCW M . 11.21 5.76 -43.60
C4 PCW M . 7.92 4.42 -47.51
C5 PCW M . 9.40 4.74 -47.76
C6 PCW M . 10.10 2.29 -47.72
C7 PCW M . 11.73 4.04 -48.27
C8 PCW M . 10.86 3.76 -46.67
C11 PCW M . 13.28 4.74 -42.96
C12 PCW M . 14.12 4.43 -41.76
C13 PCW M . 14.57 2.92 -41.83
C14 PCW M . 15.45 2.43 -40.67
C15 PCW M . 15.76 0.91 -40.63
C16 PCW M . 16.70 0.57 -39.43
C17 PCW M . 16.21 -0.53 -38.41
C18 PCW M . 16.81 -0.39 -37.02
C19 PCW M . 18.06 -1.28 -36.81
C20 PCW M . 19.22 -0.80 -36.21
C21 PCW M . 19.58 0.52 -35.65
C22 PCW M . 19.42 0.42 -34.10
C23 PCW M . 18.55 1.50 -33.41
C24 PCW M . 19.14 2.14 -32.19
C25 PCW M . 18.58 3.49 -31.66
C26 PCW M . 19.59 4.46 -31.08
C27 PCW M . 19.25 5.11 -29.72
C28 PCW M . 19.99 4.42 -28.60
C31 PCW M . 8.32 5.45 -41.33
C32 PCW M . 7.99 6.30 -40.09
C33 PCW M . 8.91 6.07 -38.81
C34 PCW M . 8.11 5.90 -37.52
C35 PCW M . 8.83 4.73 -36.72
C36 PCW M . 10.00 5.23 -35.84
C37 PCW M . 10.75 4.13 -35.02
C38 PCW M . 12.24 4.20 -35.23
C39 PCW M . 12.99 3.14 -34.46
C40 PCW M . 14.23 3.21 -33.96
C41 PCW M . 15.13 4.42 -34.06
C42 PCW M . 14.66 5.50 -32.98
C43 PCW M . 15.72 6.32 -32.28
C44 PCW M . 15.00 7.26 -31.33
C45 PCW M . 15.90 8.09 -30.45
C46 PCW M . 16.50 9.26 -31.16
C47 PCW M . 17.66 9.94 -30.47
C48 PCW M . 18.16 11.11 -31.32
N PCW M . 10.33 3.70 -48.07
O2 PCW M . 9.32 6.05 -42.00
O3 PCW M . 12.13 5.36 -42.57
O11 PCW M . 13.58 4.48 -44.10
O31 PCW M . 7.76 4.36 -41.64
O1P PCW M . 6.18 3.71 -45.27
O2P PCW M . 5.27 6.01 -45.62
O3P PCW M . 7.38 5.63 -44.18
O4P PCW M . 7.39 5.45 -46.62
P PCW M . 6.49 5.17 -45.44
C1 17F N . -24.90 -4.22 -25.53
N1 17F N . -24.81 -5.83 -27.45
O1 17F N . -28.23 -5.06 -23.97
P1 17F N . -26.93 -4.28 -24.00
C2 17F N . -25.02 -4.45 -27.05
O2 17F N . -27.01 -2.86 -24.51
C3 17F N . -24.02 -3.54 -27.79
O3 17F N . -25.81 -4.98 -24.82
C4 17F N . -25.07 -3.44 -22.31
O4 17F N . -24.02 -2.32 -27.62
C5 17F N . -24.66 -3.43 -20.81
O5 17F N . -23.16 -4.01 -28.62
C6 17F N . -23.48 -2.45 -20.59
O6 17F N . -26.31 -4.15 -22.54
C7 17F N . -22.13 -1.62 -18.86
O7 17F N . -23.10 -2.40 -19.22
C8 17F N . -21.99 -1.73 -17.31
O8 17F N . -21.43 -0.87 -19.49
C9 17F N . -21.21 -0.55 -16.68
O9 17F N . -25.77 -3.12 -19.94
C10 17F N . -21.05 -0.59 -15.11
O10 17F N . -26.41 -5.33 -19.75
C11 17F N . -19.82 -1.40 -14.57
C12 17F N . -19.78 -1.37 -12.99
C17 17F N . -26.20 -4.19 -19.31
C18 17F N . -26.48 -3.92 -17.84
C19 17F N . -25.33 -3.20 -17.09
C20 17F N . -25.46 -3.37 -15.54
C1X 17F N . -18.58 -2.18 -12.47
C1Y 17F N . -24.30 -2.63 -14.82
C1Z 17F N . -24.49 -2.64 -13.30
C2X 17F N . -18.49 -2.17 -10.87
C21 17F N . -19.71 -2.89 -10.21
C22 17F N . -19.92 -4.17 -10.25
C23 17F N . -19.09 -5.19 -10.91
C24 17F N . -19.30 -6.60 -10.41
C25 17F N . -18.46 -7.69 -11.08
C26 17F N . -18.95 -8.12 -12.54
C27 17F N . -18.10 -9.18 -13.20
C28 17F N . -18.73 -9.48 -14.62
C29 17F N . -17.68 -9.29 -15.65
C30 17F N . -18.13 -9.53 -17.05
C31 17F N . -23.68 -3.70 -12.49
C32 17F N . -23.90 -3.67 -10.96
C33 17F N . -24.81 -4.82 -10.55
C34 17F N . -25.19 -5.08 -9.31
C35 17F N . -24.80 -4.30 -8.08
C36 17F N . -25.63 -3.01 -7.84
C37 17F N . -25.19 -2.36 -6.59
C38 17F N . -25.14 -0.81 -6.63
C39 17F N . -24.67 -0.22 -5.29
C40 17F N . -24.23 1.24 -5.47
C41 17F N . -24.18 1.97 -4.07
C42 17F N . -22.89 2.69 -3.66
C1 PCW O . 16.72 -5.16 -6.96
C2 PCW O . 16.99 -5.55 -8.47
C3 PCW O . 18.23 -6.50 -8.57
C4 PCW O . 15.06 -2.70 -4.92
C5 PCW O . 14.95 -2.13 -3.51
C6 PCW O . 17.25 -2.37 -2.44
C7 PCW O . 15.96 -0.30 -2.18
C8 PCW O . 15.54 -1.98 -1.55
C11 PCW O . 18.89 -5.93 -10.82
C12 PCW O . 19.12 -6.58 -12.16
C13 PCW O . 20.62 -6.40 -12.54
C14 PCW O . 21.04 -7.01 -13.89
C15 PCW O . 21.75 -6.05 -14.89
C16 PCW O . 21.11 -6.17 -16.31
C17 PCW O . 22.08 -6.27 -17.55
C18 PCW O . 22.24 -7.70 -18.07
C19 PCW O . 21.47 -7.96 -19.38
C20 PCW O . 20.53 -8.97 -19.49
C21 PCW O . 20.05 -9.99 -18.53
C22 PCW O . 19.15 -10.96 -19.34
C23 PCW O . 19.19 -12.47 -18.98
C24 PCW O . 18.46 -13.40 -19.91
C25 PCW O . 19.23 -14.34 -20.88
C26 PCW O . 18.52 -15.61 -21.31
C27 PCW O . 17.20 -15.47 -22.10
C28 PCW O . 16.71 -16.84 -22.51
C31 PCW O . 15.29 -5.74 -10.12
C32 PCW O . 14.10 -6.61 -10.56
C33 PCW O . 12.67 -5.92 -10.51
C34 PCW O . 12.48 -4.81 -11.56
C35 PCW O . 12.32 -5.55 -12.95
C36 PCW O . 11.09 -5.06 -13.75
C37 PCW O . 10.88 -5.75 -15.13
C38 PCW O . 9.46 -6.13 -15.38
C39 PCW O . 9.27 -6.80 -16.72
C40 PCW O . 8.13 -7.17 -17.28
C41 PCW O . 6.77 -6.99 -16.64
C42 PCW O . 5.82 -8.19 -17.11
C43 PCW O . 6.17 -8.97 -18.37
C44 PCW O . 5.10 -10.03 -18.53
C45 PCW O . 5.61 -11.43 -18.78
C46 PCW O . 4.79 -12.50 -18.11
C47 PCW O . 5.05 -13.93 -18.53
C48 PCW O . 4.15 -14.89 -17.76
N PCW O . 16.10 -1.56 -2.88
O2 PCW O . 15.81 -6.29 -9.02
O3 PCW O . 18.48 -6.88 -9.93
O11 PCW O . 19.08 -4.78 -10.57
O31 PCW O . 15.69 -4.70 -10.71
O1P PCW O . 13.80 -4.35 -6.97
O2P PCW O . 13.42 -5.90 -5.06
O3P PCW O . 15.66 -5.93 -6.33
O4P PCW O . 15.03 -4.14 -4.79
P PCW O . 14.40 -5.07 -5.81
C1 PCW P . 22.92 -15.98 -7.43
C2 PCW P . 23.04 -15.38 -8.89
C3 PCW P . 23.10 -16.54 -9.95
C4 PCW P . 25.54 -13.18 -5.93
C5 PCW P . 26.27 -12.97 -7.25
C6 PCW P . 28.62 -13.65 -7.98
C7 PCW P . 26.72 -15.13 -8.40
C8 PCW P . 27.03 -13.45 -9.09
C11 PCW P . 23.52 -16.80 -12.29
C12 PCW P . 23.56 -16.01 -13.58
C13 PCW P . 22.09 -15.96 -14.14
C14 PCW P . 21.94 -15.19 -15.45
C15 PCW P . 21.20 -15.95 -16.59
C16 PCW P . 21.69 -15.44 -17.99
C17 PCW P . 21.67 -16.47 -19.17
C18 PCW P . 22.99 -17.25 -19.31
C19 PCW P . 24.19 -16.33 -19.64
C20 PCW P . 25.10 -16.61 -20.66
C21 PCW P . 25.19 -17.70 -21.65
C22 PCW P . 24.44 -17.22 -22.91
C23 PCW P . 23.42 -18.20 -23.55
C24 PCW P . 21.97 -17.87 -23.37
C25 PCW P . 20.96 -18.08 -24.53
C26 PCW P . 20.17 -16.87 -24.97
C27 PCW P . 20.94 -15.58 -25.34
C28 PCW P . 20.81 -15.29 -26.82
C31 PCW P . 22.13 -13.26 -9.40
C32 PCW P . 20.79 -12.54 -9.72
C33 PCW P . 20.90 -10.99 -10.11
C34 PCW P . 19.97 -10.58 -11.24
C35 PCW P . 18.66 -10.02 -10.53
C36 PCW P . 17.36 -10.45 -11.26
C37 PCW P . 16.04 -9.93 -10.61
C38 PCW P . 14.94 -10.93 -10.72
C39 PCW P . 13.65 -10.46 -10.10
C40 PCW P . 12.42 -10.77 -10.46
C41 PCW P . 12.08 -11.70 -11.62
C42 PCW P . 10.98 -12.74 -11.10
C43 PCW P . 10.45 -13.77 -12.08
C44 PCW P . 9.44 -14.61 -11.32
C45 PCW P . 10.03 -15.68 -10.42
C46 PCW P . 10.43 -16.93 -11.15
C47 PCW P . 11.54 -17.73 -10.53
C48 PCW P . 11.85 -18.98 -11.37
N PCW P . 27.21 -13.96 -7.71
O2 PCW P . 21.85 -14.55 -9.21
O3 PCW P . 23.20 -15.97 -11.26
O11 PCW P . 23.73 -17.97 -12.20
O31 PCW P . 23.27 -12.72 -9.34
O1P PCW P . 23.10 -13.67 -4.38
O2P PCW P . 23.88 -16.05 -4.49
O3P PCW P . 22.54 -15.01 -6.43
O4P PCW P . 24.87 -14.46 -6.01
P PCW P . 23.60 -14.80 -5.23
C1 PCW Q . 8.54 11.21 -5.47
C2 PCW Q . 7.25 10.49 -6.03
C3 PCW Q . 6.23 11.56 -6.53
C4 PCW Q . 8.55 10.16 -0.42
C5 PCW Q . 7.64 10.86 0.59
C6 PCW Q . 5.25 11.00 -0.27
C7 PCW Q . 5.72 10.03 1.92
C8 PCW Q . 6.00 11.78 1.37
C11 PCW Q . 3.91 11.68 -7.12
C12 PCW Q . 2.77 10.85 -7.61
C13 PCW Q . 1.45 11.39 -6.93
C14 PCW Q . 0.16 10.66 -7.32
C15 PCW Q . -0.81 11.46 -8.25
C16 PCW Q . -2.31 11.16 -7.89
C17 PCW Q . -3.39 12.14 -8.48
C18 PCW Q . -3.40 12.18 -10.01
C19 PCW Q . -4.67 11.54 -10.62
C20 PCW Q . -5.62 12.28 -11.30
C21 PCW Q . -5.72 13.73 -11.60
C22 PCW Q . -5.70 13.86 -13.16
C23 PCW Q . -5.21 15.21 -13.76
C24 PCW Q . -5.56 16.46 -13.00
C25 PCW Q . -6.97 17.12 -13.15
C26 PCW Q . -7.23 18.35 -12.31
C27 PCW Q . -8.58 19.08 -12.51
C28 PCW Q . -8.47 20.52 -12.06
C31 PCW Q . 7.74 8.34 -6.92
C32 PCW Q . 8.14 7.63 -8.21
C33 PCW Q . 9.59 8.01 -8.77
C34 PCW Q . 10.26 6.91 -9.60
C35 PCW Q . 9.59 6.98 -11.02
C36 PCW Q . 10.22 6.00 -12.03
C37 PCW Q . 9.59 6.02 -13.47
C38 PCW Q . 9.51 7.41 -14.02
C39 PCW Q . 8.91 7.46 -15.40
C40 PCW Q . 9.45 7.05 -16.55
C41 PCW Q . 10.84 6.43 -16.66
C42 PCW Q . 10.65 4.92 -17.11
C43 PCW Q . 10.22 4.64 -18.54
C44 PCW Q . 10.12 3.14 -18.71
C45 PCW Q . 9.14 2.67 -19.76
C46 PCW Q . 9.71 2.71 -21.15
C47 PCW Q . 9.89 1.38 -21.85
C48 PCW Q . 10.47 1.58 -23.26
N PCW Q . 6.27 10.49 0.66
O2 PCW Q . 7.63 9.65 -7.19
O3 PCW Q . 5.04 10.92 -7.03
O11 PCW Q . 3.84 12.86 -6.83
O31 PCW Q . 7.53 7.79 -5.80
O1P PCW Q . 8.73 9.15 -3.36
O2P PCW Q . 7.33 10.50 -2.75
O3P PCW Q . 8.43 11.68 -4.11
O4P PCW Q . 8.71 11.07 -1.54
P PCW Q . 8.80 10.61 -2.97
C1 PCW R . 16.77 10.71 -9.97
C2 PCW R . 15.73 10.18 -11.04
C3 PCW R . 14.50 11.13 -11.12
C4 PCW R . 17.80 8.29 -7.18
C5 PCW R . 16.41 8.23 -6.54
C6 PCW R . 17.13 8.72 -4.29
C7 PCW R . 16.65 6.51 -4.88
C8 PCW R . 14.89 7.93 -4.62
C11 PCW R . 12.28 10.38 -11.72
C12 PCW R . 11.50 9.91 -12.91
C13 PCW R . 11.47 11.08 -13.97
C14 PCW R . 10.71 10.77 -15.26
C15 PCW R . 11.21 11.53 -16.53
C16 PCW R . 12.46 10.83 -17.14
C17 PCW R . 12.27 10.06 -18.50
C18 PCW R . 12.86 10.80 -19.70
C19 PCW R . 12.07 10.54 -21.02
C20 PCW R . 12.68 10.60 -22.27
C21 PCW R . 14.08 10.89 -22.69
C22 PCW R . 14.00 11.95 -23.83
C23 PCW R . 14.58 13.36 -23.55
C24 PCW R . 15.81 13.75 -24.31
C25 PCW R . 15.86 15.06 -25.15
C26 PCW R . 14.89 16.16 -24.74
C27 PCW R . 15.48 17.44 -24.12
C28 PCW R . 15.51 18.55 -25.15
C31 PCW R . 16.14 8.98 -13.03
C32 PCW R . 16.82 9.06 -14.40
C33 PCW R . 16.03 8.34 -15.61
C34 PCW R . 16.00 6.82 -15.48
C35 PCW R . 14.88 6.33 -16.48
C36 PCW R . 15.39 5.21 -17.42
C37 PCW R . 14.35 4.66 -18.45
C38 PCW R . 14.64 3.25 -18.82
C39 PCW R . 13.65 2.69 -19.82
C40 PCW R . 13.89 2.38 -21.09
C41 PCW R . 15.24 2.54 -21.77
C42 PCW R . 15.08 2.04 -23.29
C43 PCW R . 14.47 2.99 -24.30
C44 PCW R . 14.44 2.27 -25.63
C45 PCW R . 13.82 3.04 -26.78
C46 PCW R . 13.33 2.18 -27.90
C47 PCW R . 12.65 2.89 -29.06
C48 PCW R . 12.21 1.90 -30.14
N PCW R . 16.28 7.87 -5.14
O2 PCW R . 16.34 10.13 -12.40
O3 PCW R . 13.57 10.64 -12.11
O11 PCW R . 11.85 10.53 -10.61
O31 PCW R . 15.48 7.99 -12.59
O1P PCW R . 19.92 8.82 -9.10
O2P PCW R . 19.62 11.18 -8.32
O3P PCW R . 18.11 10.20 -10.16
O4P PCW R . 17.89 9.59 -7.82
P PCW R . 18.96 9.94 -8.83
C1 PCW S . -0.76 4.29 3.10
C2 PCW S . -1.00 3.93 1.58
C3 PCW S . 0.39 3.72 0.87
C4 PCW S . 1.28 1.58 4.32
C5 PCW S . 1.61 0.10 4.03
C6 PCW S . 3.76 -0.92 3.70
C7 PCW S . 2.36 -1.73 5.37
C8 PCW S . 3.40 0.26 5.75
C11 PCW S . 1.26 2.95 -1.22
C12 PCW S . 0.86 2.66 -2.65
C13 PCW S . 1.50 1.29 -3.09
C14 PCW S . 1.18 0.83 -4.51
C15 PCW S . 1.69 -0.58 -4.92
C16 PCW S . 2.10 -0.61 -6.43
C17 PCW S . 1.21 -1.46 -7.41
C18 PCW S . 2.01 -2.30 -8.39
C19 PCW S . 1.33 -2.40 -9.78
C20 PCW S . 2.05 -2.29 -10.96
C21 PCW S . 3.50 -2.07 -11.23
C22 PCW S . 3.57 -1.28 -12.57
C23 PCW S . 3.93 0.22 -12.49
C24 PCW S . 4.11 0.93 -13.80
C25 PCW S . 3.50 0.36 -15.11
C26 PCW S . 3.79 1.14 -16.38
C27 PCW S . 3.23 0.59 -17.71
C28 PCW S . 4.21 -0.37 -18.33
C31 PCW S . -3.01 2.77 1.06
C32 PCW S . -3.64 1.37 0.99
C33 PCW S . -5.25 1.33 0.96
C34 PCW S . -5.83 1.67 -0.42
C35 PCW S . -7.08 0.70 -0.60
C36 PCW S . -8.18 1.33 -1.49
C37 PCW S . -9.44 0.42 -1.72
C38 PCW S . -10.72 1.18 -1.57
C39 PCW S . -11.92 0.32 -1.79
C40 PCW S . -12.99 0.64 -2.52
C41 PCW S . -13.15 1.95 -3.26
C42 PCW S . -12.30 1.89 -4.59
C43 PCW S . -12.62 2.86 -5.70
C44 PCW S . -11.66 2.57 -6.86
C45 PCW S . -10.36 3.33 -6.82
C46 PCW S . -9.17 2.47 -7.11
C47 PCW S . -8.00 2.60 -6.18
C48 PCW S . -6.86 1.67 -6.59
N PCW S . 2.72 -0.53 4.68
O2 PCW S . -1.75 2.64 1.47
O3 PCW S . 0.19 3.38 -0.52
O11 PCW S . 2.37 2.82 -0.78
O31 PCW S . -3.60 3.86 0.79
O1P PCW S . -1.00 2.18 5.99
O2P PCW S . -2.27 1.13 4.14
O3P PCW S . -1.66 3.63 4.02
O4P PCW S . -0.02 1.82 3.71
P PCW S . -1.26 2.14 4.52
C1 PCW T . 8.39 -29.30 0.97
C2 PCW T . 7.76 -29.39 -0.48
C3 PCW T . 6.57 -28.38 -0.61
C4 PCW T . 8.47 -25.86 2.06
C5 PCW T . 8.96 -24.42 2.15
C6 PCW T . 7.27 -23.18 3.60
C7 PCW T . 9.68 -22.85 3.91
C8 PCW T . 8.66 -22.42 2.43
C11 PCW T . 5.00 -29.35 -2.14
C12 PCW T . 4.56 -29.27 -3.59
C13 PCW T . 3.32 -30.23 -3.78
C14 PCW T . 2.74 -30.28 -5.20
C15 PCW T . 1.44 -31.13 -5.38
C16 PCW T . 0.27 -30.56 -4.49
C17 PCW T . -0.55 -31.60 -3.64
C18 PCW T . -1.43 -30.93 -2.58
C19 PCW T . -2.68 -31.78 -2.21
C20 PCW T . -3.94 -31.52 -2.76
C21 PCW T . -4.43 -30.51 -3.73
C22 PCW T . -5.60 -29.77 -3.06
C23 PCW T . -5.24 -28.60 -2.09
C24 PCW T . -6.22 -27.48 -1.97
C25 PCW T . -6.68 -26.68 -3.23
C26 PCW T . -7.34 -25.34 -2.97
C27 PCW T . -6.45 -24.19 -2.44
C28 PCW T . -7.23 -22.88 -2.47
C31 PCW T . 9.57 -29.98 -1.89
C32 PCW T . 10.55 -29.42 -2.92
C33 PCW T . 11.02 -30.45 -4.06
C34 PCW T . 9.88 -31.32 -4.59
C35 PCW T . 9.33 -30.55 -5.86
C36 PCW T . 7.86 -30.12 -5.71
C37 PCW T . 7.25 -29.36 -6.93
C38 PCW T . 6.93 -30.28 -8.06
C39 PCW T . 6.36 -29.57 -9.25
C40 PCW T . 5.07 -29.44 -9.57
C41 PCW T . 3.93 -30.02 -8.75
C42 PCW T . 3.24 -31.18 -9.60
C43 PCW T . 2.77 -30.88 -11.01
C44 PCW T . 2.16 -32.16 -11.56
C45 PCW T . 1.04 -31.96 -12.56
C46 PCW T . 0.31 -33.22 -12.90
C47 PCW T . 0.80 -33.95 -14.14
C48 PCW T . -0.04 -35.22 -14.38
N PCW T . 8.65 -23.64 3.30
O2 PCW T . 8.78 -28.99 -1.50
O3 PCW T . 6.01 -28.46 -1.93
O11 PCW T . 4.51 -30.07 -1.30
O31 PCW T . 9.53 -31.18 -1.47
O1P PCW T . 9.82 -28.11 3.32
O2P PCW T . 11.69 -27.46 1.81
O3P PCW T . 9.80 -28.99 0.97
O4P PCW T . 9.49 -26.60 1.33
P PCW T . 10.24 -27.78 1.92
C1 PCW U . 0.26 7.58 -1.63
C2 PCW U . 0.19 6.59 -2.85
C3 PCW U . -1.27 6.05 -3.03
C4 PCW U . 0.85 8.51 2.06
C5 PCW U . 0.66 9.78 2.88
C6 PCW U . 2.77 10.33 3.90
C7 PCW U . 1.39 8.75 4.92
C8 PCW U . 0.76 10.94 5.08
C11 PCW U . -2.52 4.97 -4.76
C12 PCW U . -2.33 4.03 -5.93
C13 PCW U . -2.03 2.59 -5.37
C14 PCW U . -1.83 1.52 -6.43
C15 PCW U . -3.12 0.74 -6.87
C16 PCW U . -2.75 -0.48 -7.78
C17 PCW U . -3.29 -0.47 -9.26
C18 PCW U . -4.73 -0.98 -9.38
C19 PCW U . -5.19 -1.08 -10.85
C20 PCW U . -6.26 -0.34 -11.35
C21 PCW U . -7.15 0.66 -10.72
C22 PCW U . -6.73 2.06 -11.29
C23 PCW U . -7.85 2.96 -11.85
C24 PCW U . -8.06 4.27 -11.14
C25 PCW U . -9.32 4.51 -10.27
C26 PCW U . -10.63 4.67 -11.02
C27 PCW U . -11.94 4.34 -10.28
C28 PCW U . -12.37 5.52 -9.44
C31 PCW U . 1.36 6.60 -4.92
C32 PCW U . 1.62 7.44 -6.18
C33 PCW U . 0.99 6.85 -7.53
C34 PCW U . 1.39 7.63 -8.79
C35 PCW U . 0.03 7.98 -9.52
C36 PCW U . 0.14 7.92 -11.07
C37 PCW U . -1.18 8.25 -11.84
C38 PCW U . -0.92 8.98 -13.11
C39 PCW U . -2.19 9.31 -13.86
C40 PCW U . -2.31 9.73 -15.12
C41 PCW U . -1.15 9.97 -16.06
C42 PCW U . -1.74 10.37 -17.50
C43 PCW U . -2.23 9.26 -18.41
C44 PCW U . -2.73 9.91 -19.68
C45 PCW U . -2.94 8.97 -20.84
C46 PCW U . -4.24 9.17 -21.58
C47 PCW U . -4.13 9.47 -23.05
C48 PCW U . -5.52 9.65 -23.69
N PCW U . 1.36 9.95 4.13
O2 PCW U . 0.55 7.30 -4.12
O3 PCW U . -1.31 5.17 -4.15
O11 PCW U . -3.56 5.48 -4.44
O31 PCW U . 1.83 5.45 -4.68
O1P PCW U . 1.94 6.43 0.36
O2P PCW U . 3.73 8.11 -0.05
O3P PCW U . 1.56 8.19 -1.42
O4P PCW U . 1.67 8.87 0.92
P PCW U . 2.28 7.83 -0.01
C1 PCW V . 4.74 -17.43 0.95
C2 PCW V . 4.33 -18.41 -0.21
C3 PCW V . 3.04 -17.88 -0.92
C4 PCW V . 4.85 -16.82 5.61
C5 PCW V . 6.03 -17.25 6.48
C6 PCW V . 5.65 -19.57 7.05
C7 PCW V . 4.67 -17.90 8.35
C8 PCW V . 6.91 -18.20 8.58
C11 PCW V . 1.52 -19.50 -1.83
C12 PCW V . 1.28 -20.32 -3.07
C13 PCW V . 2.20 -21.60 -2.99
C14 PCW V . 2.08 -22.54 -4.19
C15 PCW V . 1.30 -23.86 -3.96
C16 PCW V . 1.31 -24.74 -5.25
C17 PCW V . 1.60 -26.28 -5.08
C18 PCW V . 1.36 -27.09 -6.36
C19 PCW V . -0.13 -27.47 -6.56
C20 PCW V . -0.55 -28.35 -7.55
C21 PCW V . 0.20 -29.10 -8.59
C22 PCW V . -0.80 -30.13 -9.20
C23 PCW V . -0.62 -31.62 -8.76
C24 PCW V . -1.84 -32.47 -8.78
C25 PCW V . -2.02 -33.59 -9.84
C26 PCW V . -3.23 -33.50 -10.74
C27 PCW V . -3.28 -32.35 -11.76
C28 PCW V . -4.20 -32.70 -12.91
C31 PCW V . 6.15 -19.57 -1.20
C32 PCW V . 7.23 -19.45 -2.29
C33 PCW V . 6.70 -19.52 -3.79
C34 PCW V . 7.78 -19.20 -4.82
C35 PCW V . 7.51 -20.17 -6.04
C36 PCW V . 8.10 -19.63 -7.36
C37 PCW V . 7.87 -20.53 -8.61
C38 PCW V . 8.39 -19.87 -9.86
C39 PCW V . 8.19 -20.71 -11.09
C40 PCW V . 7.72 -20.31 -12.27
C41 PCW V . 7.28 -18.89 -12.56
C42 PCW V . 6.61 -18.88 -14.01
C43 PCW V . 7.53 -18.87 -15.23
C44 PCW V . 6.62 -18.85 -16.45
C45 PCW V . 6.23 -20.19 -16.99
C46 PCW V . 6.81 -20.47 -18.35
C47 PCW V . 5.94 -21.24 -19.31
C48 PCW V . 6.66 -21.44 -20.65
N PCW V . 5.82 -18.19 7.56
O2 PCW V . 5.42 -18.45 -1.23
O3 PCW V . 2.66 -18.77 -1.97
O11 PCW V . 0.80 -19.46 -0.88
O31 PCW V . 5.99 -20.54 -0.41
O1P PCW V . 4.56 -19.29 4.19
O2P PCW V . 6.55 -18.48 2.93
O3P PCW V . 4.15 -17.75 2.24
O4P PCW V . 5.30 -16.90 4.22
P PCW V . 5.18 -18.17 3.41
C1 PCW W . -12.00 -13.07 8.91
C2 PCW W . -13.53 -12.91 8.54
C3 PCW W . -13.73 -11.51 7.84
C4 PCW W . -8.80 -12.05 10.78
C5 PCW W . -7.44 -12.56 10.33
C6 PCW W . -8.10 -12.79 7.88
C7 PCW W . -5.76 -13.01 8.55
C8 PCW W . -7.18 -14.10 9.01
C11 PCW W . -15.48 -11.53 6.20
C12 PCW W . -16.96 -11.28 6.06
C13 PCW W . -17.28 -10.96 4.55
C14 PCW W . -18.76 -10.68 4.24
C15 PCW W . -19.25 -11.08 2.82
C16 PCW W . -20.79 -11.37 2.83
C17 PCW W . -21.29 -12.64 2.05
C18 PCW W . -21.35 -12.43 0.54
C19 PCW W . -21.58 -13.74 -0.25
C20 PCW W . -22.83 -14.33 -0.36
C21 PCW W . -24.17 -13.96 0.17
C22 PCW W . -24.63 -12.70 -0.61
C23 PCW W . -26.16 -12.52 -0.85
C24 PCW W . -26.85 -11.45 -0.08
C25 PCW W . -28.25 -10.92 -0.51
C26 PCW W . -29.38 -11.12 0.47
C27 PCW W . -29.24 -10.52 1.88
C28 PCW W . -30.18 -11.21 2.84
C31 PCW W . -14.45 -15.07 8.13
C32 PCW W . -14.80 -16.05 7.00
C33 PCW W . -15.91 -17.16 7.37
C34 PCW W . -16.15 -18.17 6.25
C35 PCW W . -17.72 -18.15 5.97
C36 PCW W . -18.06 -18.03 4.47
C37 PCW W . -19.58 -18.01 4.14
C38 PCW W . -19.89 -17.03 3.05
C39 PCW W . -21.36 -16.98 2.70
C40 PCW W . -21.95 -17.45 1.62
C41 PCW W . -21.22 -18.15 0.49
C42 PCW W . -21.19 -19.72 0.82
C43 PCW W . -22.51 -20.45 0.84
C44 PCW W . -22.23 -21.91 1.19
C45 PCW W . -23.25 -22.90 0.69
C46 PCW W . -24.66 -22.60 1.12
C47 PCW W . -25.76 -23.18 0.26
C48 PCW W . -27.15 -22.80 0.80
N PCW W . -7.10 -12.61 8.94
O2 PCW W . -13.93 -13.97 7.56
O3 PCW W . -15.10 -11.32 7.50
O11 PCW W . -14.74 -11.86 5.31
O31 PCW W . -14.60 -15.27 9.36
O1P PCW W . -11.64 -11.79 11.44
O2P PCW W . -11.27 -13.97 12.58
O3P PCW W . -11.76 -13.91 10.07
O4P PCW W . -9.62 -13.24 10.99
P PCW W . -11.09 -13.18 11.34
C1 PCW X . -5.77 -0.76 5.84
C2 PCW X . -6.07 -2.01 4.92
C3 PCW X . -7.63 -2.15 4.74
C4 PCW X . -4.97 2.91 6.46
C5 PCW X . -5.07 3.56 5.08
C6 PCW X . -6.62 4.22 3.17
C7 PCW X . -7.11 4.94 5.46
C8 PCW X . -5.66 5.40 4.41
C11 PCW X . -8.65 -4.29 4.52
C12 PCW X . -8.94 -5.36 3.51
C13 PCW X . -8.94 -6.75 4.24
C14 PCW X . -9.24 -7.96 3.35
C15 PCW X . -8.09 -9.00 3.20
C16 PCW X . -8.26 -9.77 1.84
C17 PCW X . -6.98 -10.48 1.27
C18 PCW X . -7.25 -11.21 -0.05
C19 PCW X . -6.27 -12.39 -0.29
C20 PCW X . -6.64 -13.56 -0.93
C21 PCW X . -7.93 -14.02 -1.52
C22 PCW X . -7.57 -14.83 -2.78
C23 PCW X . -8.02 -14.25 -4.15
C24 PCW X . -6.93 -13.95 -5.13
C25 PCW X . -6.40 -15.05 -6.09
C26 PCW X . -5.28 -15.93 -5.55
C27 PCW X . -3.95 -15.98 -6.34
C28 PCW X . -4.21 -16.43 -7.77
C31 PCW X . -4.78 -2.81 3.09
C32 PCW X . -4.21 -2.41 1.72
C33 PCW X . -5.01 -2.99 0.46
C34 PCW X . -4.30 -4.16 -0.22
C35 PCW X . -4.81 -4.13 -1.72
C36 PCW X . -5.08 -5.55 -2.27
C37 PCW X . -5.59 -5.62 -3.74
C38 PCW X . -5.56 -7.01 -4.28
C39 PCW X . -6.06 -7.09 -5.70
C40 PCW X . -6.23 -8.19 -6.44
C41 PCW X . -5.94 -9.61 -5.97
C42 PCW X . -7.21 -10.51 -6.29
C43 PCW X . -7.91 -10.33 -7.62
C44 PCW X . -9.07 -11.31 -7.67
C45 PCW X . -10.25 -10.93 -6.81
C46 PCW X . -11.01 -12.10 -6.26
C47 PCW X . -12.51 -12.10 -6.51
C48 PCW X . -13.17 -13.35 -5.90
N PCW X . -6.31 4.07 4.60
O2 PCW X . -5.48 -1.79 3.57
O3 PCW X . -7.94 -3.28 3.92
O11 PCW X . -9.02 -4.28 5.66
O31 PCW X . -4.61 -3.93 3.66
O1P PCW X . -5.13 0.62 8.27
O2P PCW X . -2.69 0.45 7.82
O3P PCW X . -4.39 -0.61 6.19
O4P PCW X . -4.03 1.81 6.33
P PCW X . -4.05 0.58 7.23
C1 PCW Y . 11.98 13.41 -9.66
C2 PCW Y . 10.59 14.13 -9.87
C3 PCW Y . 10.81 15.46 -10.66
C4 PCW Y . 14.44 15.42 -6.38
C5 PCW Y . 14.12 16.90 -6.33
C6 PCW Y . 13.44 17.69 -4.14
C7 PCW Y . 11.94 16.45 -5.42
C8 PCW Y . 12.34 18.60 -6.08
C11 PCW Y . 9.31 17.25 -10.14
C12 PCW Y . 7.96 17.80 -10.51
C13 PCW Y . 7.47 18.71 -9.33
C14 PCW Y . 6.09 19.35 -9.54
C15 PCW Y . 4.87 18.47 -9.14
C16 PCW Y . 3.85 19.29 -8.27
C17 PCW Y . 2.33 19.13 -8.61
C18 PCW Y . 1.42 19.99 -7.72
C19 PCW Y . 0.09 19.29 -7.38
C20 PCW Y . -1.10 19.57 -8.04
C21 PCW Y . -1.43 20.50 -9.15
C22 PCW Y . -1.67 19.63 -10.41
C23 PCW Y . -0.68 19.79 -11.60
C24 PCW Y . -1.26 20.11 -12.94
C25 PCW Y . -0.43 20.84 -14.02
C26 PCW Y . -1.10 21.03 -15.37
C27 PCW Y . -0.20 20.98 -16.63
C28 PCW Y . -0.02 22.37 -17.18
C31 PCW Y . 9.07 12.32 -9.97
C32 PCW Y . 8.18 11.50 -10.93
C33 PCW Y . 6.85 10.90 -10.29
C34 PCW Y . 6.29 9.71 -11.06
C35 PCW Y . 4.72 9.72 -10.80
C36 PCW Y . 3.97 10.62 -11.79
C37 PCW Y . 2.42 10.68 -11.61
C38 PCW Y . 1.92 12.08 -11.62
C39 PCW Y . 0.42 12.17 -11.46
C40 PCW Y . -0.46 12.53 -12.38
C41 PCW Y . -0.11 12.93 -13.80
C42 PCW Y . -1.33 13.76 -14.40
C43 PCW Y . -1.16 14.41 -15.76
C44 PCW Y . -2.47 15.12 -16.08
C45 PCW Y . -2.39 16.62 -16.13
C46 PCW Y . -3.68 17.27 -16.55
C47 PCW Y . -3.79 18.77 -16.34
C48 PCW Y . -5.15 19.29 -16.80
N PCW Y . 13.03 17.39 -5.53
O2 PCW Y . 9.70 13.26 -10.68
O3 PCW Y . 9.55 16.11 -10.85
O11 PCW Y . 10.08 17.75 -9.37
O31 PCW Y . 9.17 12.12 -8.72
O1P PCW Y . 13.54 12.86 -7.44
O2P PCW Y . 15.39 13.21 -9.06
O3P PCW Y . 13.09 14.30 -9.45
O4P PCW Y . 14.65 15.09 -7.78
P PCW Y . 14.20 13.78 -8.40
C1 PCW Z . 19.89 -17.57 -3.57
C2 PCW Z . 18.94 -18.08 -4.73
C3 PCW Z . 17.50 -17.50 -4.55
C4 PCW Z . 18.12 -13.44 -3.99
C5 PCW Z . 18.28 -12.30 -5.00
C6 PCW Z . 18.28 -13.57 -7.22
C7 PCW Z . 17.30 -11.32 -7.07
C8 PCW Z . 19.08 -11.81 -6.82
C11 PCW Z . 16.41 -19.32 -5.75
C12 PCW Z . 15.51 -19.56 -6.94
C13 PCW Z . 16.00 -18.65 -8.13
C14 PCW Z . 15.18 -18.77 -9.42
C15 PCW Z . 15.32 -17.57 -10.41
C16 PCW Z . 14.97 -16.23 -9.70
C17 PCW Z . 14.86 -14.93 -10.58
C18 PCW Z . 13.70 -14.97 -11.56
C19 PCW Z . 14.11 -14.64 -13.01
C20 PCW Z . 14.29 -15.63 -13.98
C21 PCW Z . 14.16 -17.11 -13.92
C22 PCW Z . 13.46 -17.56 -15.23
C23 PCW Z . 13.57 -19.06 -15.63
C24 PCW Z . 12.31 -19.88 -15.52
C25 PCW Z . 11.27 -19.90 -16.68
C26 PCW Z . 11.41 -21.01 -17.70
C27 PCW Z . 10.52 -20.94 -18.96
C28 PCW Z . 10.08 -22.32 -19.36
C31 PCW Z . 19.79 -18.62 -6.87
C32 PCW Z . 20.29 -18.01 -8.19
C33 PCW Z . 19.21 -17.12 -8.97
C34 PCW Z . 18.99 -17.57 -10.42
C35 PCW Z . 19.34 -16.31 -11.32
C36 PCW Z . 18.30 -15.18 -11.18
C37 PCW Z . 18.58 -13.91 -12.05
C38 PCW Z . 18.62 -14.25 -13.51
C39 PCW Z . 18.88 -13.05 -14.37
C40 PCW Z . 18.21 -12.67 -15.46
C41 PCW Z . 17.01 -13.41 -16.02
C42 PCW Z . 17.52 -14.78 -16.67
C43 PCW Z . 16.66 -16.03 -16.47
C44 PCW Z . 17.38 -17.17 -17.19
C45 PCW Z . 16.92 -17.45 -18.60
C46 PCW Z . 15.43 -17.52 -18.77
C47 PCW Z . 14.90 -18.63 -19.64
C48 PCW Z . 13.37 -18.58 -19.71
N PCW Z . 17.82 -12.46 -6.34
O2 PCW Z . 19.45 -17.62 -6.04
O3 PCW Z . 16.64 -17.97 -5.62
O11 PCW Z . 16.86 -20.17 -5.04
O31 PCW Z . 19.73 -19.85 -6.61
O1P PCW Z . 18.44 -15.69 -2.17
O2P PCW Z . 20.67 -14.64 -1.73
O3P PCW Z . 20.34 -16.20 -3.74
O4P PCW Z . 19.45 -13.95 -3.68
P PCW Z . 19.70 -15.11 -2.74
C1 PCW AA . -19.01 -10.52 12.56
C2 PCW AA . -18.73 -11.39 11.28
C3 PCW AA . -19.76 -12.57 11.24
C4 PCW AA . -15.13 -11.31 12.75
C5 PCW AA . -14.78 -12.72 13.21
C6 PCW AA . -12.87 -13.02 14.86
C7 PCW AA . -15.17 -13.58 15.50
C8 PCW AA . -14.13 -14.38 14.20
C11 PCW AA . -20.40 -13.31 9.05
C12 PCW AA . -20.00 -14.30 7.99
C13 PCW AA . -18.69 -13.79 7.28
C14 PCW AA . -18.14 -14.69 6.17
C15 PCW AA . -18.43 -14.25 4.71
C16 PCW AA . -17.18 -14.50 3.78
C17 PCW AA . -17.35 -14.20 2.25
C18 PCW AA . -16.12 -13.55 1.61
C19 PCW AA . -16.48 -12.41 0.64
C20 PCW AA . -16.49 -12.57 -0.73
C21 PCW AA . -16.22 -13.74 -1.60
C22 PCW AA . -17.21 -13.64 -2.80
C23 PCW AA . -16.62 -13.64 -4.22
C24 PCW AA . -16.87 -14.87 -5.05
C25 PCW AA . -16.68 -14.83 -6.59
C26 PCW AA . -17.00 -16.11 -7.35
C27 PCW AA . -16.36 -16.27 -8.75
C28 PCW AA . -17.36 -16.87 -9.72
C31 PCW AA . -17.89 -9.84 9.68
C32 PCW AA . -18.25 -9.04 8.40
C33 PCW AA . -19.68 -9.33 7.75
C34 PCW AA . -20.10 -8.29 6.72
C35 PCW AA . -21.43 -8.85 6.07
C36 PCW AA . -21.93 -7.97 4.90
C37 PCW AA . -23.25 -8.45 4.21
C38 PCW AA . -23.70 -7.52 3.14
C39 PCW AA . -24.97 -7.97 2.45
C40 PCW AA . -25.13 -8.32 1.17
C41 PCW AA . -23.99 -8.33 0.16
C42 PCW AA . -24.62 -8.50 -1.31
C43 PCW AA . -25.75 -7.57 -1.72
C44 PCW AA . -26.14 -7.96 -3.14
C45 PCW AA . -27.29 -8.92 -3.25
C46 PCW AA . -27.44 -9.50 -4.63
C47 PCW AA . -28.30 -10.72 -4.79
C48 PCW AA . -28.35 -11.17 -6.26
N PCW AA . -14.30 -12.93 14.54
O2 PCW AA . -18.95 -10.57 10.04
O3 PCW AA . -19.54 -13.39 10.09
O11 PCW AA . -21.36 -12.57 9.00
O31 PCW AA . -16.78 -9.81 10.28
O1P PCW AA . -15.82 -8.53 13.23
O2P PCW AA . -17.18 -9.51 15.07
O3P PCW AA . -18.15 -9.37 12.69
O4P PCW AA . -16.41 -10.98 13.34
P PCW AA . -16.85 -9.55 13.62
C1 PCW BA . -17.73 4.28 11.18
C2 PCW BA . -18.41 3.18 10.28
C3 PCW BA . -19.77 2.72 10.92
C4 PCW BA . -13.03 3.13 10.51
C5 PCW BA . -12.51 2.32 9.33
C6 PCW BA . -10.20 2.83 9.82
C7 PCW BA . -10.69 1.35 8.09
C8 PCW BA . -10.99 0.59 10.22
C11 PCW BA . -20.35 0.42 10.54
C12 PCW BA . -21.03 -0.47 9.54
C13 PCW BA . -20.37 -1.90 9.61
C14 PCW BA . -20.95 -2.92 8.64
C15 PCW BA . -21.60 -4.18 9.30
C16 PCW BA . -22.95 -3.80 10.00
C17 PCW BA . -24.10 -4.86 9.97
C18 PCW BA . -25.01 -4.73 8.77
C19 PCW BA . -24.66 -5.73 7.64
C20 PCW BA . -25.38 -5.81 6.45
C21 PCW BA . -26.55 -5.07 5.94
C22 PCW BA . -27.77 -6.03 6.04
C23 PCW BA . -27.73 -7.33 5.19
C24 PCW BA . -28.85 -8.30 5.41
C25 PCW BA . -29.36 -8.64 6.84
C26 PCW BA . -28.90 -9.96 7.44
C27 PCW BA . -29.26 -11.25 6.68
C28 PCW BA . -29.22 -12.43 7.62
C31 PCW BA . -18.44 2.93 7.93
C32 PCW BA . -18.81 3.65 6.63
C33 PCW BA . -20.30 4.23 6.56
C34 PCW BA . -21.37 3.15 6.41
C35 PCW BA . -21.88 3.26 4.91
C36 PCW BA . -23.42 3.26 4.81
C37 PCW BA . -23.99 3.37 3.37
C38 PCW BA . -25.30 2.68 3.24
C39 PCW BA . -25.88 2.77 1.85
C40 PCW BA . -27.07 3.26 1.52
C41 PCW BA . -28.07 3.82 2.53
C42 PCW BA . -29.54 3.60 1.95
C43 PCW BA . -29.88 2.26 1.31
C44 PCW BA . -31.33 2.35 0.85
C45 PCW BA . -31.90 1.06 0.33
C46 PCW BA . -31.78 0.90 -1.16
C47 PCW BA . -33.07 0.77 -1.93
C48 PCW BA . -32.81 0.63 -3.43
N PCW BA . -11.17 1.80 9.36
O2 PCW BA . -18.72 3.75 8.94
O3 PCW BA . -20.37 1.71 10.10
O11 PCW BA . -19.87 0.05 11.58
O31 PCW BA . -17.96 1.76 8.01
O1P PCW BA . -14.57 4.23 12.71
O2P PCW BA . -16.05 2.27 12.25
O3P PCW BA . -16.32 4.46 10.92
O4P PCW BA . -14.47 2.91 10.57
P PCW BA . -15.34 3.44 11.69
C1 PCW CA . 3.77 -22.13 5.21
C2 PCW CA . 3.01 -22.73 3.97
C3 PCW CA . 2.94 -21.68 2.81
C4 PCW CA . 0.47 -24.15 7.15
C5 PCW CA . -0.12 -24.78 5.89
C6 PCW CA . -0.34 -27.31 5.63
C7 PCW CA . -2.33 -25.92 5.94
C8 PCW CA . -1.16 -25.90 4.52
C11 PCW CA . 0.89 -22.28 1.73
C12 PCW CA . 0.37 -22.94 0.48
C13 PCW CA . -0.97 -22.25 0.08
C14 PCW CA . -1.65 -22.80 -1.19
C15 PCW CA . -2.41 -21.75 -2.05
C16 PCW CA . -3.27 -22.46 -3.14
C17 PCW CA . -2.56 -23.53 -4.04
C18 PCW CA . -3.52 -24.35 -4.90
C19 PCW CA . -3.33 -25.87 -4.72
C20 PCW CA . -3.64 -26.78 -5.72
C21 PCW CA . -4.19 -26.60 -7.10
C22 PCW CA . -4.23 -28.02 -7.74
C23 PCW CA . -4.00 -28.10 -9.27
C24 PCW CA . -4.76 -29.16 -10.01
C25 PCW CA . -5.75 -28.78 -11.14
C26 PCW CA . -5.32 -29.11 -12.57
C27 PCW CA . -4.37 -28.14 -13.28
C28 PCW CA . -3.08 -28.83 -13.63
C31 PCW CA . 2.98 -24.99 3.23
C32 PCW CA . 3.89 -26.12 2.70
C33 PCW CA . 4.35 -25.97 1.17
C34 PCW CA . 3.19 -26.04 0.17
C35 PCW CA . 3.52 -24.93 -0.92
C36 PCW CA . 4.54 -25.42 -1.97
C37 PCW CA . 4.91 -24.39 -3.08
C38 PCW CA . 5.16 -25.04 -4.40
C39 PCW CA . 5.51 -24.05 -5.49
C40 PCW CA . 5.83 -24.32 -6.74
C41 PCW CA . 5.92 -25.74 -7.30
C42 PCW CA . 5.21 -25.76 -8.73
C43 PCW CA . 3.73 -26.02 -8.79
C44 PCW CA . 3.34 -25.99 -10.27
C45 PCW CA . 2.18 -26.87 -10.63
C46 PCW CA . 2.13 -27.22 -12.10
C47 PCW CA . 0.75 -27.44 -12.68
C48 PCW CA . 0.84 -27.79 -14.18
N PCW CA . -0.89 -25.99 5.99
O2 PCW CA . 3.75 -23.93 3.45
O3 PCW CA . 2.25 -22.25 1.69
O11 PCW CA . 0.21 -21.87 2.63
O31 PCW CA . 1.74 -25.08 3.42
O1P PCW CA . 2.84 -23.43 8.70
O2P PCW CA . 2.42 -21.18 7.71
O3P PCW CA . 3.74 -22.96 6.38
O4P PCW CA . 1.32 -23.07 6.71
P PCW CA . 2.57 -22.63 7.45
C1 PCW DA . -12.36 -4.11 8.19
C2 PCW DA . -13.42 -4.73 7.19
C3 PCW DA . -14.36 -5.72 7.94
C4 PCW DA . -11.95 -5.65 11.30
C5 PCW DA . -12.38 -6.13 12.69
C6 PCW DA . -12.91 -8.06 14.26
C7 PCW DA . -11.37 -8.38 12.38
C8 PCW DA . -11.15 -7.29 13.86
C11 PCW DA . -15.14 -7.53 6.56
C12 PCW DA . -16.24 -7.87 5.59
C13 PCW DA . -16.09 -6.93 4.33
C14 PCW DA . -17.15 -7.15 3.24
C15 PCW DA . -16.86 -8.31 2.23
C16 PCW DA . -17.54 -8.05 0.85
C17 PCW DA . -16.59 -7.91 -0.39
C18 PCW DA . -17.07 -8.69 -1.61
C19 PCW DA . -17.64 -7.80 -2.72
C20 PCW DA . -18.53 -8.27 -3.69
C21 PCW DA . -19.13 -9.61 -3.92
C22 PCW DA . -20.30 -9.42 -4.92
C23 PCW DA . -21.74 -9.35 -4.34
C24 PCW DA . -22.80 -8.76 -5.22
C25 PCW DA . -22.52 -7.44 -6.01
C26 PCW DA . -22.24 -6.20 -5.18
C27 PCW DA . -23.43 -5.51 -4.49
C28 PCW DA . -23.11 -5.29 -3.03
C31 PCW DA . -14.27 -3.60 5.30
C32 PCW DA . -15.20 -2.45 4.87
C33 PCW DA . -16.34 -2.85 3.81
C34 PCW DA . -15.82 -2.97 2.38
C35 PCW DA . -15.67 -1.50 1.85
C36 PCW DA . -16.67 -1.20 0.71
C37 PCW DA . -16.61 0.25 0.12
C38 PCW DA . -17.96 0.88 0.08
C39 PCW DA . -17.94 2.27 -0.50
C40 PCW DA . -18.68 3.31 -0.10
C41 PCW DA . -19.69 3.26 1.03
C42 PCW DA . -21.08 3.81 0.47
C43 PCW DA . -21.34 5.29 0.52
C44 PCW DA . -22.71 5.54 -0.08
C45 PCW DA . -22.72 5.88 -1.55
C46 PCW DA . -22.94 7.33 -1.83
C47 PCW DA . -22.30 7.88 -3.08
C48 PCW DA . -22.61 9.38 -3.24
N PCW DA . -12.35 -7.52 13.01
O2 PCW DA . -14.28 -3.66 6.62
O3 PCW DA . -15.31 -6.25 7.01
O11 PCW DA . -14.23 -8.25 6.88
O31 PCW DA . -13.61 -4.35 4.51
O1P PCW DA . -11.18 -2.87 10.89
O2P PCW DA . -13.58 -2.45 11.44
O3P PCW DA . -12.88 -3.06 9.03
O4P PCW DA . -12.93 -4.69 10.85
P PCW DA . -12.62 -3.22 10.62
C1 PCW EA . 0.54 14.39 -1.79
C2 PCW EA . -0.44 15.11 -2.80
C3 PCW EA . -1.75 14.26 -2.99
C4 PCW EA . -0.62 17.36 1.70
C5 PCW EA . -0.63 17.56 3.21
C6 PCW EA . -0.39 19.10 5.24
C7 PCW EA . -0.52 20.05 2.99
C8 PCW EA . -1.81 19.10 3.90
C11 PCW EA . -2.68 14.49 -5.17
C12 PCW EA . -3.67 15.31 -5.95
C13 PCW EA . -5.08 14.59 -5.87
C14 PCW EA . -6.22 15.30 -6.60
C15 PCW EA . -7.18 16.12 -5.70
C16 PCW EA . -8.47 16.57 -6.49
C17 PCW EA . -8.29 17.71 -7.55
C18 PCW EA . -8.35 17.20 -8.99
C19 PCW EA . -9.75 16.68 -9.37
C20 PCW EA . -9.96 15.45 -9.98
C21 PCW EA . -9.06 14.36 -10.42
C22 PCW EA . -9.32 14.15 -11.93
C23 PCW EA . -9.98 12.81 -12.37
C24 PCW EA . -9.06 11.77 -12.92
C25 PCW EA . -9.44 10.26 -12.91
C26 PCW EA . -8.38 9.31 -12.40
C27 PCW EA . -8.77 7.82 -12.24
C28 PCW EA . -8.63 7.09 -13.54
C31 PCW EA . -0.13 17.46 -2.67
C32 PCW EA . -0.68 18.75 -2.04
C33 PCW EA . -0.83 19.97 -3.05
C34 PCW EA . -2.27 20.47 -3.23
C35 PCW EA . -2.16 21.80 -4.08
C36 PCW EA . -2.82 21.66 -5.48
C37 PCW EA . -2.74 22.94 -6.37
C38 PCW EA . -4.09 23.39 -6.83
C39 PCW EA . -4.03 24.62 -7.70
C40 PCW EA . -3.89 24.65 -9.01
C41 PCW EA . -3.75 23.42 -9.89
C42 PCW EA . -4.40 23.74 -11.31
C43 PCW EA . -4.20 22.76 -12.44
C44 PCW EA . -4.91 23.32 -13.66
C45 PCW EA . -4.03 23.76 -14.80
C46 PCW EA . -4.32 23.06 -16.09
C47 PCW EA . -3.90 23.78 -17.36
C48 PCW EA . -4.26 22.96 -18.60
N PCW EA . -0.35 18.85 3.78
O2 PCW EA . -0.87 16.44 -2.24
O3 PCW EA . -2.63 14.92 -3.89
O11 PCW EA . -2.03 13.57 -5.62
O31 PCW EA . 0.86 17.40 -3.45
O1P PCW EA . -1.45 15.01 0.19
O2P PCW EA . 0.36 13.90 1.50
O3P PCW EA . 0.92 15.18 -0.65
O4P PCW EA . 0.32 16.30 1.42
P PCW EA . -0.02 15.04 0.64
C1 PCW FA . -4.38 11.41 3.12
C2 PCW FA . -5.09 11.98 1.84
C3 PCW FA . -4.03 12.34 0.74
C4 PCW FA . -6.44 11.48 7.56
C5 PCW FA . -6.66 9.96 7.64
C6 PCW FA . -8.73 9.99 9.15
C7 PCW FA . -8.27 8.09 7.68
C8 PCW FA . -7.27 8.68 9.11
C11 PCW FA . -5.25 14.09 -0.37
C12 PCW FA . -5.88 14.40 -1.69
C13 PCW FA . -7.25 13.62 -1.79
C14 PCW FA . -8.03 13.83 -3.08
C15 PCW FA . -8.16 12.57 -3.99
C16 PCW FA . -9.49 12.62 -4.85
C17 PCW FA . -9.58 11.65 -6.07
C18 PCW FA . -10.06 10.24 -5.71
C19 PCW FA . -9.56 9.16 -6.68
C20 PCW FA . -10.25 8.83 -7.84
C21 PCW FA . -11.51 9.35 -8.43
C22 PCW FA . -11.39 9.23 -9.98
C23 PCW FA . -12.54 9.81 -10.83
C24 PCW FA . -13.44 8.83 -11.52
C25 PCW FA . -12.89 7.88 -12.64
C26 PCW FA . -12.84 8.45 -14.04
C27 PCW FA . -11.76 7.90 -15.00
C28 PCW FA . -11.57 8.84 -16.16
C31 PCW FA . -7.26 11.34 1.10
C32 PCW FA . -8.06 10.16 0.51
C33 PCW FA . -8.84 10.49 -0.85
C34 PCW FA . -10.10 9.64 -1.04
C35 PCW FA . -11.25 10.67 -1.38
C36 PCW FA . -12.08 10.22 -2.62
C37 PCW FA . -13.24 11.19 -3.01
C38 PCW FA . -13.84 10.84 -4.33
C39 PCW FA . -14.95 11.77 -4.72
C40 PCW FA . -15.27 12.18 -5.95
C41 PCW FA . -14.53 11.76 -7.20
C42 PCW FA . -15.29 12.38 -8.46
C43 PCW FA . -15.54 11.48 -9.67
C44 PCW FA . -16.26 12.32 -10.70
C45 PCW FA . -17.61 11.80 -11.13
C46 PCW FA . -17.62 11.20 -12.51
C47 PCW FA . -17.81 9.71 -12.59
C48 PCW FA . -17.81 9.23 -14.05
N PCW FA . -7.94 9.45 8.03
O2 PCW FA . -6.00 10.94 1.26
O3 PCW FA . -4.68 12.85 -0.42
O11 PCW FA . -5.24 14.81 0.59
O31 PCW FA . -7.73 12.48 1.39
O1P PCW FA . -4.07 12.34 6.08
O2P PCW FA . -5.75 13.61 4.74
O3P PCW FA . -5.27 11.14 4.22
O4P PCW FA . -6.55 11.85 6.16
P PCW FA . -5.37 12.30 5.32
C1 PCW GA . 10.25 -2.68 -4.12
C2 PCW GA . 9.03 -3.14 -5.02
C3 PCW GA . 8.67 -2.02 -6.05
C4 PCW GA . 7.21 -1.58 -2.10
C5 PCW GA . 6.92 -1.04 -0.70
C6 PCW GA . 5.48 -2.61 0.72
C7 PCW GA . 7.66 -1.84 1.53
C8 PCW GA . 6.16 -0.82 1.18
C11 PCW GA . 6.33 -2.55 -6.32
C12 PCW GA . 5.34 -3.00 -7.36
C13 PCW GA . 5.77 -4.43 -7.86
C14 PCW GA . 4.84 -5.03 -8.92
C15 PCW GA . 5.53 -5.95 -9.99
C16 PCW GA . 4.63 -6.09 -11.26
C17 PCW GA . 5.26 -5.71 -12.64
C18 PCW GA . 4.39 -6.09 -13.84
C19 PCW GA . 3.77 -4.86 -14.54
C20 PCW GA . 2.66 -4.97 -15.36
C21 PCW GA . 1.84 -6.13 -15.77
C22 PCW GA . 0.53 -6.08 -14.93
C23 PCW GA . -0.61 -7.04 -15.32
C24 PCW GA . -1.36 -6.73 -16.58
C25 PCW GA . -1.15 -7.60 -17.86
C26 PCW GA . -0.52 -6.90 -19.04
C27 PCW GA . -1.14 -7.14 -20.45
C28 PCW GA . -0.77 -5.99 -21.37
C31 PCW GA . 9.08 -5.50 -5.18
C32 PCW GA . 9.50 -6.66 -6.10
C33 PCW GA . 8.78 -6.68 -7.52
C34 PCW GA . 9.70 -6.34 -8.69
C35 PCW GA . 9.74 -4.76 -8.77
C36 PCW GA . 8.95 -4.20 -9.97
C37 PCW GA . 8.95 -2.65 -10.11
C38 PCW GA . 9.54 -2.21 -11.41
C39 PCW GA . 9.55 -0.72 -11.55
C40 PCW GA . 8.61 0.05 -12.09
C41 PCW GA . 7.32 -0.48 -12.67
C42 PCW GA . 7.58 -0.87 -14.20
C43 PCW GA . 6.86 -2.07 -14.76
C44 PCW GA . 7.29 -2.21 -16.21
C45 PCW GA . 6.70 -3.40 -16.94
C46 PCW GA . 6.57 -3.21 -18.42
C47 PCW GA . 5.30 -3.72 -19.05
C48 PCW GA . 5.30 -3.46 -20.56
N PCW GA . 6.76 -1.95 0.41
O2 PCW GA . 9.39 -4.36 -5.79
O3 PCW GA . 7.58 -2.45 -6.87
O11 PCW GA . 6.07 -2.29 -5.18
O31 PCW GA . 8.53 -5.62 -4.05
O1P PCW GA . 8.86 -3.50 -0.74
O2P PCW GA . 10.58 -1.72 -0.86
O3P PCW GA . 10.28 -3.32 -2.83
O4P PCW GA . 8.65 -1.55 -2.29
P PCW GA . 9.60 -2.53 -1.60
C1 PCW HA . 11.27 2.02 -5.47
C2 PCW HA . 10.01 2.79 -6.05
C3 PCW HA . 10.32 3.31 -7.49
C4 PCW HA . 12.12 1.19 -0.71
C5 PCW HA . 12.13 2.37 0.26
C6 PCW HA . 10.51 4.21 0.94
C7 PCW HA . 10.35 1.98 1.93
C8 PCW HA . 11.74 3.18 2.09
C11 PCW HA . 8.48 3.46 -9.04
C12 PCW HA . 7.30 4.34 -9.37
C13 PCW HA . 7.18 4.47 -10.93
C14 PCW HA . 6.03 5.35 -11.44
C15 PCW HA . 6.11 5.81 -12.91
C16 PCW HA . 5.35 4.84 -13.87
C17 PCW HA . 6.22 4.05 -14.91
C18 PCW HA . 5.64 4.08 -16.32
C19 PCW HA . 6.71 4.43 -17.39
C20 PCW HA . 6.37 4.90 -18.65
C21 PCW HA . 5.07 5.21 -19.29
C22 PCW HA . 4.32 3.86 -19.46
C23 PCW HA . 4.12 3.32 -20.91
C24 PCW HA . 4.77 2.02 -21.23
C25 PCW HA . 4.09 0.98 -22.15
C26 PCW HA . 5.00 0.02 -22.89
C27 PCW HA . 4.92 -0.01 -24.43
C28 PCW HA . 5.57 -1.27 -24.95
C31 PCW HA . 7.81 2.21 -5.36
C32 PCW HA . 6.70 1.18 -5.56
C33 PCW HA . 5.53 1.62 -6.56
C34 PCW HA . 4.57 2.64 -5.95
C35 PCW HA . 3.57 3.05 -7.10
C36 PCW HA . 4.15 4.13 -8.03
C37 PCW HA . 3.21 4.60 -9.19
C38 PCW HA . 3.20 3.64 -10.32
C39 PCW HA . 2.30 4.08 -11.44
C40 PCW HA . 1.36 3.36 -12.06
C41 PCW HA . 1.01 1.92 -11.73
C42 PCW HA . 0.15 1.32 -12.92
C43 PCW HA . 0.36 1.84 -14.34
C44 PCW HA . -0.60 1.07 -15.23
C45 PCW HA . -0.56 1.45 -16.68
C46 PCW HA . -1.92 1.70 -17.27
C47 PCW HA . -2.69 0.49 -17.71
C48 PCW HA . -4.06 0.89 -18.28
N PCW HA . 10.93 2.79 0.89
O2 PCW HA . 8.85 1.87 -6.14
O3 PCW HA . 9.16 4.00 -7.99
O11 PCW HA . 8.76 2.44 -9.59
O31 PCW HA . 7.77 3.21 -4.59
O1P PCW HA . 11.45 -0.19 -3.18
O2P PCW HA . 13.60 0.78 -3.98
O3P PCW HA . 11.42 2.16 -4.05
O4P PCW HA . 12.60 1.69 -1.99
P PCW HA . 12.30 1.02 -3.31
C1 PCW IA . 4.02 -8.22 -0.18
C2 PCW IA . 4.01 -9.66 -0.83
C3 PCW IA . 4.53 -10.70 0.22
C4 PCW IA . 2.49 -7.77 3.46
C5 PCW IA . 1.76 -8.97 4.06
C6 PCW IA . 0.16 -7.66 5.34
C7 PCW IA . -0.05 -9.97 5.28
C8 PCW IA . -0.63 -8.84 3.41
C11 PCW IA . 3.70 -12.94 0.19
C12 PCW IA . 3.86 -14.23 -0.58
C13 PCW IA . 3.26 -14.02 -2.02
C14 PCW IA . 3.33 -15.24 -2.94
C15 PCW IA . 2.56 -15.11 -4.29
C16 PCW IA . 2.27 -16.53 -4.90
C17 PCW IA . 3.43 -17.23 -5.69
C18 PCW IA . 3.40 -18.76 -5.60
C19 PCW IA . 2.35 -19.39 -6.55
C20 PCW IA . 2.66 -20.45 -7.39
C21 PCW IA . 3.92 -21.22 -7.62
C22 PCW IA . 3.72 -22.02 -8.93
C23 PCW IA . 4.72 -21.75 -10.09
C24 PCW IA . 4.13 -21.64 -11.46
C25 PCW IA . 4.02 -22.88 -12.38
C26 PCW IA . 3.47 -22.65 -13.77
C27 PCW IA . 3.12 -23.88 -14.63
C28 PCW IA . 1.65 -23.89 -14.98
C31 PCW IA . 2.32 -9.92 -2.47
C32 PCW IA . 0.85 -10.35 -2.67
C33 PCW IA . 0.46 -10.82 -4.15
C34 PCW IA . 0.11 -12.29 -4.25
C35 PCW IA . -0.81 -12.42 -5.54
C36 PCW IA . -2.27 -12.00 -5.27
C37 PCW IA . -3.25 -12.10 -6.49
C38 PCW IA . -2.64 -11.54 -7.74
C39 PCW IA . -3.58 -11.61 -8.93
C40 PCW IA . -3.65 -12.59 -9.83
C41 PCW IA . -2.79 -13.84 -9.83
C42 PCW IA . -3.17 -14.68 -11.13
C43 PCW IA . -2.36 -15.93 -11.45
C44 PCW IA . -2.93 -16.52 -12.73
C45 PCW IA . -3.59 -17.86 -12.56
C46 PCW IA . -4.02 -18.50 -13.85
C47 PCW IA . -4.07 -20.01 -13.87
C48 PCW IA . -4.52 -20.54 -15.23
N PCW IA . 0.39 -8.86 4.50
O2 PCW IA . 2.62 -10.06 -1.18
O3 PCW IA . 4.51 -12.01 -0.36
O11 PCW IA . 2.99 -12.78 1.14
O31 PCW IA . 3.09 -9.49 -3.38
O1P PCW IA . 3.81 -6.02 1.54
O2P PCW IA . 1.47 -5.55 0.81
O3P PCW IA . 2.71 -7.61 -0.10
O4P PCW IA . 1.86 -7.50 2.18
P PCW IA . 2.48 -6.59 1.12
C1 PCW JA . -7.51 17.98 5.71
C2 PCW JA . -8.97 18.20 5.14
C3 PCW JA . -9.23 19.72 4.92
C4 PCW JA . -9.21 13.77 6.74
C5 PCW JA . -10.70 13.50 6.51
C6 PCW JA . -11.29 14.45 8.80
C7 PCW JA . -12.97 13.24 7.49
C8 PCW JA . -11.41 12.58 8.21
C11 PCW JA . -10.94 21.15 4.00
C12 PCW JA . -12.34 21.09 3.48
C13 PCW JA . -13.23 22.06 4.33
C14 PCW JA . -14.71 22.14 3.95
C15 PCW JA . -15.02 22.62 2.50
C16 PCW JA . -15.53 21.42 1.61
C17 PCW JA . -16.88 20.74 2.03
C18 PCW JA . -17.58 20.02 0.87
C19 PCW JA . -18.94 20.64 0.51
C20 PCW JA . -19.37 20.75 -0.80
C21 PCW JA . -18.75 20.36 -2.09
C22 PCW JA . -19.54 21.11 -3.21
C23 PCW JA . -18.72 21.83 -4.32
C24 PCW JA . -19.10 21.54 -5.74
C25 PCW JA . -20.20 22.38 -6.47
C26 PCW JA . -19.95 22.72 -7.92
C27 PCW JA . -20.04 21.59 -8.96
C28 PCW JA . -20.68 22.11 -10.23
C31 PCW JA . -10.22 16.81 3.69
C32 PCW JA . -10.21 16.18 2.28
C33 PCW JA . -11.65 16.01 1.61
C34 PCW JA . -12.31 17.35 1.26
C35 PCW JA . -11.86 17.68 -0.23
C36 PCW JA . -13.04 17.66 -1.23
C37 PCW JA . -12.66 17.96 -2.71
C38 PCW JA . -13.70 17.51 -3.67
C39 PCW JA . -13.34 17.81 -5.10
C40 PCW JA . -13.79 17.18 -6.19
C41 PCW JA . -14.79 16.04 -6.17
C42 PCW JA . -15.29 15.80 -7.66
C43 PCW JA . -16.72 16.16 -8.00
C44 PCW JA . -16.93 15.84 -9.48
C45 PCW JA . -18.22 16.34 -10.06
C46 PCW JA . -18.07 17.61 -10.86
C47 PCW JA . -18.77 17.64 -12.19
C48 PCW JA . -18.54 18.99 -12.90
N PCW JA . -11.66 13.86 7.49
O2 PCW JA . -9.10 17.52 3.81
O3 PCW JA . -10.55 19.90 4.39
O11 PCW JA . -10.25 22.14 4.04
O31 PCW JA . -11.11 16.67 4.56
O1P PCW JA . -6.78 14.94 7.80
O2P PCW JA . -8.29 16.89 8.22
O3P PCW JA . -7.17 16.60 5.92
O4P PCW JA . -9.03 15.21 6.70
P PCW JA . -7.79 15.90 7.23
C1 17F KA . 25.66 8.87 -12.24
N1 17F KA . 26.01 10.29 -10.19
O1 17F KA . 27.27 5.70 -11.04
P1 17F KA . 26.13 6.43 -11.72
C2 17F KA . 25.57 10.26 -11.57
O2 17F KA . 25.22 6.12 -10.55
C3 17F KA . 24.12 10.78 -11.65
O3 17F KA . 25.76 7.86 -11.27
C4 17F KA . 23.90 6.18 -13.13
O4 17F KA . 23.53 10.85 -12.72
C5 17F KA . 22.92 5.16 -13.78
O5 17F KA . 23.47 11.17 -10.61
C6 17F KA . 21.80 5.94 -14.52
O6 17F KA . 25.01 5.57 -12.45
C7 17F KA . 20.19 5.46 -16.16
O7 17F KA . 20.86 5.05 -15.12
C8 17F KA . 19.21 4.33 -16.55
O8 17F KA . 20.20 6.52 -16.74
C9 17F KA . 18.48 3.72 -15.32
O9 17F KA . 23.55 4.20 -14.66
C10 17F KA . 17.45 2.57 -15.60
O10 17F KA . 25.62 4.97 -15.29
C11 17F KA . 16.15 2.65 -14.71
C12 17F KA . 15.13 1.50 -15.02
C17 17F KA . 24.42 4.73 -15.49
C18 17F KA . 23.83 5.04 -16.85
C19 17F KA . 23.46 3.79 -17.68
C20 17F KA . 23.04 4.15 -19.16
C1X 17F KA . 13.89 1.65 -14.12
C1Y 17F KA . 22.68 2.87 -19.95
C1Z 17F KA . 23.43 2.84 -21.29
C2X 17F KA . 12.81 0.51 -14.38
C21 17F KA . 11.38 1.08 -14.66
C22 17F KA . 10.77 0.98 -15.80
C23 17F KA . 11.25 0.33 -17.03
C24 17F KA . 10.25 -0.62 -17.68
C25 17F KA . 10.70 -1.30 -18.96
C26 17F KA . 9.53 -1.70 -19.97
C27 17F KA . 10.00 -2.38 -21.24
C28 17F KA . 8.72 -2.69 -22.10
C29 17F KA . 9.14 -3.44 -23.30
C30 17F KA . 8.02 -3.81 -24.23
C31 17F KA . 24.33 1.59 -21.58
C32 17F KA . 25.08 1.61 -22.95
C33 17F KA . 26.56 1.33 -22.71
C34 17F KA . 27.50 1.27 -23.66
C35 17F KA . 27.31 1.46 -25.14
C36 17F KA . 27.77 0.25 -26.01
C37 17F KA . 26.73 0.00 -27.05
C38 17F KA . 26.78 -1.43 -27.66
C39 17F KA . 25.67 -1.63 -28.72
C40 17F KA . 26.12 -2.69 -29.74
C41 17F KA . 25.02 -2.87 -30.87
C42 17F KA . 25.19 -2.14 -32.22
C1 17F LA . -6.43 -7.98 6.94
N1 17F LA . -6.29 -10.02 8.39
O1 17F LA . -3.23 -9.12 6.07
P1 17F LA . -4.26 -8.12 5.61
C2 17F LA . -6.03 -8.59 8.29
O2 17F LA . -4.12 -6.71 6.14
C3 17F LA . -6.77 -7.84 9.42
O3 17F LA . -5.71 -8.56 5.90
C4 17F LA . -5.11 -7.05 3.35
O4 17F LA . -6.70 -6.63 9.53
C5 17F LA . -4.92 -7.02 1.80
O5 17F LA . -7.50 -8.46 10.28
C6 17F LA . -3.70 -7.89 1.39
O6 17F LA . -4.23 -7.94 4.03
C7 17F LA . -2.29 -7.83 -0.48
O7 17F LA . -3.49 -7.91 -0.01
C8 17F LA . -2.38 -7.89 -2.02
O8 17F LA . -1.24 -7.73 0.09
C9 17F LA . -1.51 -6.82 -2.74
O9 17F LA . -6.11 -7.43 1.09
C10 17F LA . -1.59 -6.85 -4.31
O10 17F LA . -6.83 -5.23 1.17
C11 17F LA . -2.45 -5.69 -4.93
C12 17F LA . -2.51 -5.76 -6.50
C17 17F LA . -6.95 -6.43 0.87
C18 17F LA . -8.21 -6.88 0.15
C19 17F LA . -8.17 -6.69 -1.39
C20 17F LA . -9.37 -5.82 -1.89
C1X 17F LA . -3.36 -4.62 -7.05
C1Y 17F LA . -9.33 -5.64 -3.43
C1Z 17F LA . -10.70 -5.17 -3.95
C2X 17F LA . -3.46 -4.66 -8.65
C21 17F LA . -2.25 -3.97 -9.36
C22 17F LA . -1.95 -4.10 -10.60
C23 17F LA . -2.65 -4.92 -11.61
C24 17F LA . -2.26 -6.38 -11.59
C25 17F LA . -2.94 -7.29 -12.59
C26 17F LA . -2.64 -8.86 -12.43
C27 17F LA . -3.33 -9.76 -13.45
C28 17F LA . -2.92 -11.25 -13.12
C29 17F LA . -1.50 -11.45 -13.49
C30 17F LA . -0.99 -12.82 -13.24
C31 17F LA . -11.76 -6.27 -4.28
C32 17F LA . -13.13 -5.75 -4.79
C33 17F LA . -13.73 -6.75 -5.77
C34 17F LA . -14.89 -6.61 -6.39
C35 17F LA . -15.86 -5.45 -6.26
C36 17F LA . -15.92 -4.50 -7.48
C37 17F LA . -15.34 -3.19 -7.10
C38 17F LA . -14.47 -2.52 -8.18
C39 17F LA . -13.91 -1.16 -7.71
C40 17F LA . -12.73 -0.73 -8.60
C41 17F LA . -11.35 -1.15 -7.95
C42 17F LA . -10.05 -0.89 -8.72
C1 17F MA . 20.02 -0.30 -6.75
N1 17F MA . 17.81 -0.96 -5.78
O1 17F MA . 19.69 -3.17 -8.12
P1 17F MA . 20.09 -1.85 -8.74
C2 17F MA . 19.25 -1.00 -5.61
O2 17F MA . 21.58 -1.57 -8.86
C3 17F MA . 19.65 -0.34 -4.28
O3 17F MA . 19.49 -0.64 -7.99
C4 17F MA . 19.79 -0.54 -11.00
O4 17F MA . 20.82 -0.26 -3.94
C5 17F MA . 19.15 -0.59 -12.42
O5 17F MA . 18.77 0.16 -3.46
C6 17F MA . 20.20 -1.10 -13.43
O6 17F MA . 19.52 -1.70 -10.21
C7 17F MA . 19.41 -2.33 -15.28
O7 17F MA . 19.68 -1.17 -14.76
C8 17F MA . 18.90 -2.10 -16.73
O8 17F MA . 19.52 -3.43 -14.81
C9 17F MA . 19.38 -3.20 -17.71
O9 17F MA . 17.95 -1.37 -12.47
C10 17F MA . 18.92 -3.06 -19.22
O10 17F MA . 16.74 0.50 -11.85
C11 17F MA . 19.05 -1.61 -19.83
C12 17F MA . 18.60 -1.57 -21.34
C17 17F MA . 16.90 -0.72 -12.00
C18 17F MA . 15.77 -1.67 -11.63
C19 17F MA . 14.67 -1.80 -12.71
C20 17F MA . 15.17 -2.53 -14.01
C1X 17F MA . 18.71 -0.15 -21.91
C1Y 17F MA . 14.03 -2.65 -15.05
C1Z 17F MA . 14.10 -3.97 -15.82
C2X 17F MA . 18.28 -0.08 -23.45
C21 17F MA . 19.49 -0.33 -24.40
C22 17F MA . 19.44 -0.27 -25.69
C23 17F MA . 18.30 0.03 -26.55
C24 17F MA . 18.67 0.75 -27.83
C25 17F MA . 17.55 1.09 -28.79
C26 17F MA . 17.03 -0.11 -29.72
C27 17F MA . 15.91 0.25 -30.66
C28 17F MA . 15.55 -1.05 -31.48
C29 17F MA . 16.72 -1.49 -32.27
C30 17F MA . 16.50 -2.72 -33.10
C31 17F MA . 15.41 -4.25 -16.64
C32 17F MA . 15.44 -5.61 -17.41
C33 17F MA . 16.84 -5.89 -17.89
C34 17F MA . 17.20 -6.96 -18.59
C35 17F MA . 16.28 -8.08 -19.02
C36 17F MA . 16.73 -8.87 -20.29
C37 17F MA . 17.11 -7.91 -21.36
C38 17F MA . 17.72 -8.58 -22.63
C39 17F MA . 18.08 -7.53 -23.69
C40 17F MA . 19.45 -7.85 -24.30
C41 17F MA . 19.39 -7.76 -25.88
C42 17F MA . 18.74 -8.90 -26.67
C1 17F NA . 15.43 -21.21 0.11
N1 17F NA . 13.39 -21.25 1.55
O1 17F NA . 13.84 -23.39 -1.43
P1 17F NA . 14.39 -22.12 -2.02
C2 17F NA . 14.75 -20.74 1.40
O2 17F NA . 15.69 -22.22 -2.79
C3 17F NA . 14.74 -19.20 1.46
O3 17F NA . 14.60 -20.99 -0.98
C4 17F NA . 13.66 -20.26 -3.71
O4 17F NA . 15.79 -18.56 1.37
C5 17F NA . 12.53 -19.75 -4.66
O5 17F NA . 13.66 -18.52 1.61
C6 17F NA . 12.48 -18.21 -4.55
O6 17F NA . 13.36 -21.47 -3.04
C7 17F NA . 11.85 -16.58 -6.06
O7 17F NA . 11.50 -17.61 -5.38
C8 17F NA . 10.63 -16.05 -6.85
O8 17F NA . 12.92 -16.01 -6.13
C9 17F NA . 10.51 -14.51 -6.76
O9 17F NA . 12.71 -20.19 -6.02
C10 17F NA . 9.31 -13.84 -7.54
O10 17F NA . 10.91 -21.63 -5.83
C11 17F NA . 9.60 -12.36 -8.01
C12 17F NA . 8.39 -11.74 -8.80
C17 17F NA . 11.69 -20.90 -6.46
C18 17F NA . 11.53 -20.77 -7.95
C19 17F NA . 12.12 -21.94 -8.77
C20 17F NA . 11.34 -22.18 -10.11
C1X 17F NA . 8.73 -10.31 -9.24
C1Y 17F NA . 11.95 -23.36 -10.91
C1Z 17F NA . 10.91 -23.96 -11.87
C2X 17F NA . 7.54 -9.61 -10.05
C21 17F NA . 8.03 -8.34 -10.82
C22 17F NA . 8.64 -8.36 -11.96
C23 17F NA . 9.02 -9.53 -12.75
C24 17F NA . 10.06 -9.26 -13.83
C25 17F NA . 10.46 -10.46 -14.68
C26 17F NA . 10.13 -10.34 -16.25
C27 17F NA . 10.53 -11.52 -17.09
C28 17F NA . 10.11 -11.19 -18.57
C29 17F NA . 9.36 -12.34 -19.12
C30 17F NA . 8.89 -12.18 -20.54
C31 17F NA . 10.78 -23.29 -13.28
C32 17F NA . 9.73 -23.92 -14.22
C33 17F NA . 9.09 -22.82 -15.07
C34 17F NA . 8.15 -23.02 -15.99
C35 17F NA . 7.54 -24.35 -16.39
C36 17F NA . 6.50 -24.28 -17.55
C37 17F NA . 5.26 -24.99 -17.14
C38 17F NA . 5.03 -26.35 -17.86
C39 17F NA . 3.72 -27.03 -17.38
C40 17F NA . 3.72 -28.52 -17.75
C41 17F NA . 2.73 -29.33 -16.81
C42 17F NA . 3.29 -30.08 -15.60
C1 17F OA . -0.42 -15.30 7.98
N1 17F OA . -0.01 -14.74 5.58
O1 17F OA . -2.39 -16.28 9.80
P1 17F OA . -2.38 -16.85 8.39
C2 17F OA . -0.33 -14.21 6.90
O2 17F OA . -2.41 -18.35 8.28
C3 17F OA . 0.74 -13.18 7.30
O3 17F OA . -1.17 -16.38 7.54
C4 17F OA . -3.84 -16.76 6.22
O4 17F OA . 0.67 -12.59 8.39
C5 17F OA . -5.14 -16.16 5.62
O5 17F OA . 1.72 -12.87 6.53
C6 17F OA . -4.78 -15.12 4.53
O6 17F OA . -3.63 -16.35 7.57
C7 17F OA . -6.27 -13.34 4.27
O7 17F OA . -5.94 -14.56 3.96
C8 17F OA . -7.59 -13.01 3.57
O8 17F OA . -5.72 -12.55 5.01
C9 17F OA . -8.84 -13.41 4.40
O9 17F OA . -6.03 -17.16 5.12
C10 17F OA . -10.24 -13.12 3.75
O10 17F OA . -7.82 -16.30 6.30
C11 17F OA . -10.19 -12.36 2.37
C12 17F OA . -11.62 -12.10 1.79
C17 17F OA . -7.30 -16.86 5.33
C18 17F OA . -8.16 -17.28 4.16
C19 17F OA . -8.95 -18.60 4.40
C20 17F OA . -8.95 -19.52 3.13
C1X 17F OA . -11.53 -11.37 0.46
C1Y 17F OA . -9.73 -20.83 3.39
C1Z 17F OA . -10.71 -21.12 2.23
C2X 17F OA . -12.98 -11.07 -0.20
C21 17F OA . -12.89 -10.70 -1.71
C22 17F OA . -12.32 -11.41 -2.63
C23 17F OA . -11.65 -12.72 -2.46
C24 17F OA . -12.59 -13.92 -2.35
C25 17F OA . -11.93 -15.27 -2.18
C26 17F OA . -12.16 -16.32 -3.36
C27 17F OA . -11.48 -17.67 -3.17
C28 17F OA . -11.84 -18.55 -4.43
C29 17F OA . -10.61 -19.19 -4.92
C30 17F OA . -10.80 -20.06 -6.14
C31 17F OA . -10.38 -22.36 1.35
C32 17F OA . -11.38 -22.63 0.19
C33 17F OA . -10.94 -21.85 -1.05
C34 17F OA . -11.57 -21.86 -2.22
C35 17F OA . -12.81 -22.63 -2.56
C36 17F OA . -14.15 -21.94 -2.13
C37 17F OA . -15.24 -22.94 -2.15
C38 17F OA . -15.75 -23.37 -0.74
C39 17F OA . -16.89 -24.42 -0.83
C40 17F OA . -16.98 -25.21 0.47
C41 17F OA . -17.66 -26.62 0.21
C42 17F OA . -17.12 -27.85 0.97
C1 17F PA . 24.85 -6.56 -8.47
N1 17F PA . 24.13 -5.20 -6.49
O1 17F PA . 22.47 -5.28 -10.09
P1 17F PA . 22.60 -6.72 -9.64
C2 17F PA . 25.22 -5.51 -7.40
O2 17F PA . 21.33 -7.46 -9.32
C3 17F PA . 25.68 -4.22 -8.10
O3 17F PA . 23.50 -6.88 -8.38
C4 17F PA . 23.56 -8.99 -10.56
O4 17F PA . 26.60 -4.24 -8.92
C5 17F PA . 24.27 -9.67 -11.76
O5 17F PA . 25.15 -3.07 -7.86
C6 17F PA . 25.25 -10.74 -11.24
O6 17F PA . 23.32 -7.60 -10.75
C7 17F PA . 25.76 -12.65 -12.52
O7 17F PA . 25.92 -11.39 -12.32
C8 17F PA . 26.58 -13.04 -13.76
O8 17F PA . 25.10 -13.46 -11.91
C9 17F PA . 26.82 -14.56 -13.91
O9 17F PA . 23.34 -10.22 -12.70
C10 17F PA . 27.64 -14.97 -15.18
O10 17F PA . 24.03 -8.88 -14.45
C11 17F PA . 27.14 -14.29 -16.51
C12 17F PA . 27.98 -14.70 -17.77
C17 17F PA . 23.68 -9.96 -13.95
C18 17F PA . 23.59 -11.20 -14.83
C19 17F PA . 23.87 -10.97 -16.33
C20 17F PA . 23.98 -12.33 -17.12
C1X 17F PA . 27.44 -14.00 -19.03
C1Y 17F PA . 24.27 -12.07 -18.64
C1Z 17F PA . 22.97 -11.86 -19.41
C2X 17F PA . 28.26 -14.39 -20.34
C21 17F PA . 29.47 -13.42 -20.59
C22 17F PA . 29.56 -12.59 -21.57
C23 17F PA . 28.59 -12.36 -22.65
C24 17F PA . 29.19 -11.74 -23.90
C25 17F PA . 28.24 -11.48 -25.06
C26 17F PA . 28.92 -11.45 -26.52
C27 17F PA . 27.96 -11.20 -27.66
C28 17F PA . 28.81 -11.20 -29.00
C29 17F PA . 28.43 -12.37 -29.81
C30 17F PA . 29.16 -12.50 -31.11
C31 17F PA . 23.02 -12.05 -20.96
C32 17F PA . 21.68 -11.82 -21.69
C33 17F PA . 21.80 -12.27 -23.14
C34 17F PA . 20.81 -12.21 -24.03
C35 17F PA . 19.41 -11.70 -23.79
C36 17F PA . 18.28 -12.65 -24.28
C37 17F PA . 17.99 -12.35 -25.71
C38 17F PA . 17.50 -13.56 -26.54
C39 17F PA . 17.22 -13.16 -28.00
C40 17F PA . 17.51 -14.33 -28.94
C41 17F PA . 16.51 -14.32 -30.17
C42 17F PA . 16.83 -15.16 -31.40
C1 17F QA . 7.33 17.33 -1.16
N1 17F QA . 9.24 16.70 0.35
O1 17F QA . 8.84 14.06 -2.25
P1 17F QA . 8.23 15.40 -2.57
C2 17F QA . 8.25 17.71 0.02
O2 17F QA . 9.18 16.50 -2.97
C3 17F QA . 7.40 18.01 1.25
O3 17F QA . 7.36 15.97 -1.41
C4 17F QA . 6.50 16.43 -4.29
O4 17F QA . 6.48 18.84 1.22
C5 17F QA . 5.57 16.10 -5.50
O5 17F QA . 7.59 17.42 2.39
C6 17F QA . 6.39 15.31 -6.56
O6 17F QA . 7.21 15.29 -3.79
C7 17F QA . 6.26 14.75 -8.81
O7 17F QA . 5.62 14.96 -7.69
C8 17F QA . 5.24 14.35 -9.90
O8 17F QA . 7.44 14.81 -9.03
C9 17F QA . 5.76 14.68 -11.32
O9 17F QA . 4.39 15.40 -5.11
C10 17F QA . 4.82 14.30 -12.53
O10 17F QA . 3.12 17.31 -5.36
C11 17F QA . 5.50 13.34 -13.58
C12 17F QA . 4.54 12.97 -14.78
C17 17F QA . 3.30 16.08 -5.39
C18 17F QA . 2.15 15.17 -5.79
C19 17F QA . 1.12 15.81 -6.75
C20 17F QA . 0.81 14.91 -8.00
C1X 17F QA . 5.27 12.04 -15.76
C1Y 17F QA . -0.22 15.58 -8.94
C1Z 17F QA . 0.48 16.46 -9.97
C2X 17F QA . 4.37 11.62 -17.01
C21 17F QA . 5.21 11.04 -18.17
C22 17F QA . 4.74 10.39 -19.18
C23 17F QA . 3.33 10.06 -19.44
C24 17F QA . 3.08 9.46 -20.82
C25 17F QA . 1.64 9.11 -21.15
C26 17F QA . 1.38 8.53 -22.62
C27 17F QA . -0.06 8.19 -22.91
C28 17F QA . -0.13 7.65 -24.39
C29 17F QA . -1.46 7.94 -24.94
C30 17F QA . -1.66 7.48 -26.36
C31 17F QA . 1.16 15.73 -11.18
C32 17F QA . 1.87 16.65 -12.21
C33 17F QA . 1.06 16.65 -13.51
C34 17F QA . 1.40 17.34 -14.60
C35 17F QA . 2.60 18.22 -14.80
C36 17F QA . 3.34 18.03 -16.16
C37 17F QA . 4.59 17.26 -15.93
C38 17F QA . 5.17 16.58 -17.20
C39 17F QA . 6.46 15.81 -16.89
C40 17F QA . 7.67 16.51 -17.53
C41 17F QA . 8.57 17.21 -16.44
C42 17F QA . 8.86 18.71 -16.58
C1 17F RA . 10.89 -10.11 0.73
N1 17F RA . 11.42 -12.11 -0.68
O1 17F RA . 9.32 -7.97 -0.25
P1 17F RA . 8.64 -9.32 -0.13
C2 17F RA . 11.87 -10.80 -0.23
O2 17F RA . 7.39 -9.37 0.72
C3 17F RA . 13.24 -10.95 0.46
O3 17F RA . 9.58 -10.43 0.41
C4 17F RA . 7.54 -11.11 -1.70
O4 17F RA . 13.82 -9.98 0.92
C5 17F RA . 7.21 -11.46 -3.18
O5 17F RA . 13.83 -12.09 0.58
C6 17F RA . 7.18 -13.00 -3.37
O6 17F RA . 8.20 -9.86 -1.55
C7 17F RA . 6.43 -14.55 -4.95
O7 17F RA . 6.88 -13.36 -4.72
C8 17F RA . 6.25 -14.71 -6.47
O8 17F RA . 6.17 -15.45 -4.19
C9 17F RA . 6.70 -16.10 -6.99
O9 17F RA . 6.00 -10.85 -3.64
C10 17F RA . 6.57 -16.34 -8.54
O10 17F RA . 6.16 -10.10 -5.82
C11 17F RA . 5.50 -15.45 -9.28
C12 17F RA . 5.45 -15.74 -10.82
C17 17F RA . 6.21 -9.96 -4.59
C18 17F RA . 6.59 -8.60 -4.01
C19 17F RA . 5.83 -7.39 -4.63
C20 17F RA . 5.00 -6.59 -3.54
C1X 17F RA . 4.40 -14.85 -11.49
C1Y 17F RA . 4.27 -5.39 -4.18
C1Z 17F RA . 3.49 -5.82 -5.42
C2X 17F RA . 4.30 -15.10 -13.07
C21 17F RA . 4.64 -13.81 -13.88
C22 17F RA . 5.58 -13.74 -14.76
C23 17F RA . 6.52 -14.81 -15.17
C24 17F RA . 7.79 -14.30 -15.82
C25 17F RA . 8.78 -15.35 -16.28
C26 17F RA . 8.86 -15.60 -17.86
C27 17F RA . 9.85 -16.66 -18.28
C28 17F RA . 9.78 -16.74 -19.86
C29 17F RA . 8.48 -17.32 -20.25
C30 17F RA . 8.29 -17.47 -21.73
C31 17F RA . 1.93 -5.72 -5.37
C32 17F RA . 1.18 -6.16 -6.65
C33 17F RA . 1.03 -7.68 -6.66
C34 17F RA . 0.44 -8.38 -7.63
C35 17F RA . -0.19 -7.84 -8.88
C36 17F RA . 0.82 -7.49 -10.02
C37 17F RA . 0.85 -8.60 -11.00
C38 17F RA . 2.18 -8.74 -11.78
C39 17F RA . 2.13 -9.92 -12.76
C40 17F RA . 2.71 -9.52 -14.12
C41 17F RA . 1.67 -9.81 -15.28
C42 17F RA . 2.08 -9.60 -16.74
C1 PCW SA . -3.29 8.38 -38.65
C2 PCW SA . -2.66 8.18 -37.21
C3 PCW SA . -3.60 8.81 -36.11
C4 PCW SA . -6.71 8.24 -39.23
C5 PCW SA . -8.04 7.53 -39.49
C6 PCW SA . -10.59 7.63 -39.23
C7 PCW SA . -9.33 9.60 -39.97
C8 PCW SA . -9.52 7.98 -40.84
C11 PCW SA . -3.82 8.59 -33.73
C12 PCW SA . -3.01 8.27 -32.50
C13 PCW SA . -3.02 9.52 -31.54
C14 PCW SA . -2.25 9.34 -30.23
C15 PCW SA . -1.12 10.38 -29.97
C16 PCW SA . -0.41 10.08 -28.61
C17 PCW SA . -0.55 11.16 -27.48
C18 PCW SA . 0.48 10.98 -26.36
C19 PCW SA . 1.59 12.06 -26.38
C20 PCW SA . 2.91 11.76 -26.07
C21 PCW SA . 3.58 10.50 -25.67
C22 PCW SA . 4.86 10.89 -24.88
C23 PCW SA . 6.17 10.14 -25.22
C24 PCW SA . 7.45 10.82 -24.81
C25 PCW SA . 8.70 9.99 -24.35
C26 PCW SA . 8.69 9.50 -22.91
C27 PCW SA . 9.35 8.13 -22.63
C28 PCW SA . 8.92 7.62 -21.27
C31 PCW SA . -1.29 6.36 -36.62
C32 PCW SA . -1.29 4.85 -36.31
C33 PCW SA . -1.26 4.49 -34.75
C34 PCW SA . -0.63 3.12 -34.46
C35 PCW SA . 0.93 3.37 -34.41
C36 PCW SA . 1.58 2.82 -33.12
C37 PCW SA . 3.12 3.04 -33.01
C38 PCW SA . 3.67 2.58 -31.70
C39 PCW SA . 5.17 2.78 -31.60
C40 PCW SA . 5.95 2.52 -30.56
C41 PCW SA . 5.48 1.96 -29.24
C42 PCW SA . 6.23 2.75 -28.08
C43 PCW SA . 6.79 1.95 -26.91
C44 PCW SA . 7.44 2.97 -25.97
C45 PCW SA . 6.82 3.05 -24.61
C46 PCW SA . 6.01 4.30 -24.38
C47 PCW SA . 6.60 5.34 -23.47
C48 PCW SA . 5.68 6.55 -23.32
N PCW SA . -9.26 8.27 -39.40
O2 PCW SA . -2.53 6.72 -36.90
O3 PCW SA . -3.01 8.59 -34.83
O11 PCW SA . -5.01 8.79 -33.75
O31 PCW SA . -0.26 7.10 -36.60
O1P PCW SA . -4.90 7.49 -41.39
O2P PCW SA . -4.85 5.29 -40.21
O3P PCW SA . -3.28 7.19 -39.47
O4P PCW SA . -5.70 7.20 -39.03
P PCW SA . -4.72 6.75 -40.09
C1 PCW TA . -11.97 3.05 -29.67
C2 PCW TA . -10.97 3.29 -28.48
C3 PCW TA . -9.70 2.38 -28.68
C4 PCW TA . -12.21 7.19 -31.46
C5 PCW TA . -13.40 7.30 -32.42
C6 PCW TA . -14.25 8.97 -34.16
C7 PCW TA . -12.45 7.41 -34.72
C8 PCW TA . -14.21 7.01 -34.27
C11 PCW TA . -7.64 3.32 -27.87
C12 PCW TA . -6.75 3.34 -26.64
C13 PCW TA . -6.06 4.75 -26.54
C14 PCW TA . -5.11 4.94 -25.36
C15 PCW TA . -5.77 4.96 -23.95
C16 PCW TA . -4.70 4.66 -22.83
C17 PCW TA . -5.11 4.91 -21.33
C18 PCW TA . -4.22 4.17 -20.33
C19 PCW TA . -2.87 4.89 -20.06
C20 PCW TA . -2.46 5.23 -18.79
C21 PCW TA . -3.07 5.06 -17.44
C22 PCW TA . -2.11 5.74 -16.42
C23 PCW TA . -1.46 4.83 -15.35
C24 PCW TA . -1.89 5.02 -13.93
C25 PCW TA . -2.75 3.97 -13.19
C26 PCW TA . -3.49 4.46 -11.94
C27 PCW TA . -3.44 3.58 -10.68
C28 PCW TA . -2.22 3.90 -9.84
C31 PCW TA . -11.39 5.56 -27.95
C32 PCW TA . -10.79 6.98 -28.02
C33 PCW TA . -9.87 7.39 -26.79
C34 PCW TA . -10.57 7.22 -25.44
C35 PCW TA . -9.42 7.36 -24.35
C36 PCW TA . -9.72 6.58 -23.05
C37 PCW TA . -8.62 6.68 -21.95
C38 PCW TA . -8.58 8.06 -21.35
C39 PCW TA . -7.52 8.19 -20.28
C40 PCW TA . -7.58 7.72 -19.03
C41 PCW TA . -8.75 6.93 -18.47
C42 PCW TA . -8.23 5.46 -18.12
C43 PCW TA . -7.19 5.30 -17.03
C44 PCW TA . -6.90 3.81 -16.91
C45 PCW TA . -7.16 3.21 -15.55
C46 PCW TA . -6.12 2.22 -15.10
C47 PCW TA . -6.43 0.76 -15.30
C48 PCW TA . -5.27 -0.14 -14.81
N PCW TA . -13.26 7.99 -33.66
O2 PCW TA . -10.52 4.71 -28.47
O3 PCW TA . -8.75 2.57 -27.61
O11 PCW TA . -7.39 3.85 -28.91
O31 PCW TA . -12.54 5.28 -27.47
O1P PCW TA . -11.67 4.66 -33.23
O2P PCW TA . -10.56 5.13 -31.58
O3P PCW TA . -11.41 3.29 -30.98
O4P PCW TA . -12.20 5.85 -30.91
P PCW TA . -11.93 4.60 -31.74
C1 PCW UA . -5.81 -6.85 -35.42
C2 PCW UA . -4.68 -6.28 -34.46
C3 PCW UA . -5.33 -5.49 -33.27
C4 PCW UA . -2.43 -6.93 -38.06
C5 PCW UA . -2.05 -5.82 -39.05
C6 PCW UA . -1.35 -3.38 -39.29
C7 PCW UA . -0.12 -4.87 -37.79
C8 PCW UA . -0.27 -5.00 -39.62
C11 PCW UA . -3.55 -3.94 -32.83
C12 PCW UA . -2.53 -3.59 -31.78
C13 PCW UA . -3.29 -3.12 -30.48
C14 PCW UA . -2.40 -2.72 -29.31
C15 PCW UA . -3.13 -2.37 -27.99
C16 PCW UA . -2.14 -1.68 -26.97
C17 PCW UA . -2.55 -1.64 -25.47
C18 PCW UA . -2.33 -2.96 -24.74
C19 PCW UA . -0.86 -3.47 -24.85
C20 PCW UA . 0.10 -3.17 -23.90
C21 PCW UA . 0.06 -2.39 -22.64
C22 PCW UA . 1.52 -2.03 -22.28
C23 PCW UA . 1.94 -2.04 -20.79
C24 PCW UA . 1.04 -2.78 -19.82
C25 PCW UA . 1.37 -2.84 -18.31
C26 PCW UA . 0.53 -1.94 -17.41
C27 PCW UA . 0.29 -2.39 -15.95
C28 PCW UA . -1.12 -2.89 -15.80
C31 PCW UA . -2.57 -7.29 -34.05
C32 PCW UA . -1.91 -8.50 -33.37
C33 PCW UA . -0.61 -8.14 -32.49
C34 PCW UA . 0.59 -9.04 -32.80
C35 PCW UA . 1.72 -8.62 -31.78
C36 PCW UA . 2.98 -8.07 -32.48
C37 PCW UA . 4.14 -7.65 -31.53
C38 PCW UA . 4.51 -6.21 -31.71
C39 PCW UA . 5.62 -5.78 -30.80
C40 PCW UA . 6.33 -4.65 -30.88
C41 PCW UA . 6.10 -3.58 -31.93
C42 PCW UA . 7.13 -2.39 -31.66
C43 PCW UA . 7.19 -1.79 -30.27
C44 PCW UA . 8.24 -0.68 -30.30
C45 PCW UA . 9.55 -1.02 -29.64
C46 PCW UA . 9.45 -1.24 -28.16
C47 PCW UA . 10.22 -0.29 -27.27
C48 PCW UA . 10.01 -0.63 -25.79
N PCW UA . -1.31 -4.68 -38.60
O2 PCW UA . -3.90 -7.39 -33.86
O3 PCW UA . -4.30 -4.98 -32.41
O11 PCW UA . -3.67 -3.38 -33.89
O31 PCW UA . -1.97 -6.35 -34.66
O1P PCW UA . -4.71 -8.69 -38.60
O2P PCW UA . -6.00 -6.57 -38.38
O3P PCW UA . -5.37 -7.91 -36.29
O4P PCW UA . -3.75 -6.61 -37.55
P PCW UA . -4.99 -7.46 -37.79
C1 17F VA . -15.64 -1.65 -33.09
N1 17F VA . -16.08 0.07 -31.32
O1 17F VA . -12.87 -2.26 -32.49
P1 17F VA . -13.96 -3.10 -31.88
C2 17F VA . -15.69 -0.16 -32.70
O2 17F VA . -14.11 -4.49 -32.42
C3 17F VA . -16.67 0.58 -33.63
O3 17F VA . -15.36 -2.44 -31.97
C4 17F VA . -14.66 -4.04 -29.51
O4 17F VA . -16.52 0.53 -34.85
C5 17F VA . -14.25 -4.09 -28.01
O5 17F VA . -17.65 1.28 -33.19
C6 17F VA . -14.38 -5.54 -27.47
O6 17F VA . -13.75 -3.29 -30.32
C7 17F VA . -12.83 -6.04 -25.82
O7 17F VA . -14.01 -5.61 -26.10
C8 17F VA . -12.65 -6.00 -24.27
O8 17F VA . -11.93 -6.41 -26.53
C9 17F VA . -11.78 -4.81 -23.81
O9 17F VA . -12.95 -3.55 -27.76
C10 17F VA . -11.56 -4.69 -22.26
O10 17F VA . -13.91 -1.54 -27.14
C11 17F VA . -10.04 -4.58 -21.81
C12 17F VA . -9.88 -4.47 -20.25
C17 17F VA . -12.98 -2.25 -27.53
C18 17F VA . -11.65 -1.61 -27.83
C19 17F VA . -10.59 -1.78 -26.71
C20 17F VA . -11.11 -1.24 -25.32
C1X 17F VA . -8.40 -4.36 -19.88
C1Y 17F VA . -10.03 -1.43 -24.23
C1Z 17F VA . -10.63 -1.27 -22.84
C2X 17F VA . -8.20 -4.25 -18.28
C21 17F VA . -7.80 -2.81 -17.84
C22 17F VA . -7.29 -2.53 -16.69
C23 17F VA . -7.01 -3.45 -15.59
C24 17F VA . -7.82 -3.21 -14.32
C25 17F VA . -7.56 -4.14 -13.15
C26 17F VA . -7.75 -3.51 -11.69
C27 17F VA . -7.48 -4.46 -10.54
C28 17F VA . -7.72 -3.68 -9.19
C29 17F VA . -7.55 -4.60 -8.06
C30 17F VA . -7.74 -3.98 -6.71
C31 17F VA . -9.67 -0.67 -21.74
C32 17F VA . -10.29 -0.51 -20.33
C33 17F VA . -11.63 0.20 -20.43
C34 17F VA . -12.41 0.49 -19.39
C35 17F VA . -12.13 0.18 -17.94
C36 17F VA . -11.95 -1.34 -17.62
C37 17F VA . -11.57 -1.48 -16.20
C38 17F VA . -11.79 -2.91 -15.61
C39 17F VA . -11.38 -2.97 -14.13
C40 17F VA . -12.05 -4.16 -13.43
C41 17F VA . -11.30 -4.50 -12.08
C42 17F VA . -11.85 -5.62 -11.20
PG GNP WA . 32.63 5.06 3.76
O1G GNP WA . 31.26 4.93 3.12
O2G GNP WA . 32.69 6.13 4.79
O3G GNP WA . 33.74 5.35 2.83
N3B GNP WA . 33.03 3.62 4.41
PB GNP WA . 33.08 3.24 5.96
O1B GNP WA . 31.76 2.81 6.49
O2B GNP WA . 33.63 4.39 6.67
O3A GNP WA . 34.11 2.08 6.09
PA GNP WA . 34.05 0.55 5.75
O1A GNP WA . 33.98 0.29 4.29
O2A GNP WA . 33.09 -0.15 6.63
O5' GNP WA . 35.45 -0.04 6.13
C5' GNP WA . 36.64 0.44 5.45
C4' GNP WA . 37.80 0.52 6.42
O4' GNP WA . 37.28 0.58 7.78
C3' GNP WA . 38.72 -0.70 6.39
O3' GNP WA . 40.08 -0.27 6.43
C2' GNP WA . 38.28 -1.52 7.59
O2' GNP WA . 39.25 -2.40 8.14
C1' GNP WA . 37.83 -0.48 8.59
N9 GNP WA . 36.78 -0.94 9.52
C8 GNP WA . 35.44 -0.74 9.38
N7 GNP WA . 34.74 -1.25 10.35
C5 GNP WA . 35.67 -1.85 11.20
C6 GNP WA . 35.50 -2.57 12.43
O6 GNP WA . 34.48 -2.84 13.03
N1 GNP WA . 36.69 -3.00 12.96
C2 GNP WA . 37.93 -2.79 12.40
N2 GNP WA . 38.97 -3.30 13.09
N3 GNP WA . 38.11 -2.12 11.27
C4 GNP WA . 36.94 -1.67 10.71
MG MG XA . 25.64 2.70 1.95
CAC EWS YA . 14.59 7.55 1.62
CAD EWS YA . 13.19 7.77 1.03
CAE EWS YA . 15.65 7.47 0.53
CAF EWS YA . 15.65 8.80 -0.26
CAH EWS YA . 13.22 8.54 -0.30
CAI EWS YA . 11.85 9.23 -0.52
CAJ EWS YA . 11.77 9.88 -1.75
CAK EWS YA . 11.46 9.14 -2.92
CAL EWS YA . 12.00 11.28 -1.81
CAM EWS YA . 11.92 11.94 -3.04
CAN EWS YA . 11.60 11.20 -4.20
CAO EWS YA . 11.38 9.81 -4.16
CAQ EWS YA . 14.94 3.16 2.31
CAR EWS YA . 14.58 1.81 2.18
CAS EWS YA . 14.43 0.99 3.33
CAT EWS YA . 14.63 1.58 4.58
CAU EWS YA . 14.95 2.89 4.67
CAV EWS YA . 15.12 3.66 3.56
CAX EWS YA . 15.50 4.87 5.34
CAZ EWS YA . 15.61 6.02 3.29
NAA EWS YA . 14.58 6.34 2.48
NAG EWS YA . 14.36 9.49 -0.33
NAW EWS YA . 15.21 3.63 5.74
OAB EWS YA . 16.66 6.67 3.34
CBA EWS YA . 15.45 4.89 4.01
CLA EWS YA . 11.52 12.02 -5.74
BRA EWS YA . 14.30 1.08 0.47
HAC EWS YA . 14.82 8.41 2.25
HAD EWS YA . 12.79 6.79 0.80
HAE EWS YA . 12.60 8.33 1.74
HAF EWS YA . 16.62 7.39 1.02
HAG EWS YA . 15.43 6.65 -0.15
HAI EWS YA . 16.34 9.46 0.28
HAH EWS YA . 15.99 8.59 -1.28
HAJ EWS YA . 13.35 7.82 -1.11
HAL EWS YA . 11.11 8.43 -0.52
HAK EWS YA . 11.69 9.96 0.27
HAM EWS YA . 11.29 8.07 -2.86
HAN EWS YA . 12.24 11.84 -0.90
HAO EWS YA . 12.08 13.02 -3.10
HAP EWS YA . 11.16 9.25 -5.06
HAQ EWS YA . 15.09 3.80 1.44
HAS EWS YA . 14.15 -0.05 3.24
HAT EWS YA . 14.51 0.98 5.50
HAX EWS YA . 15.77 5.71 5.98
HAA EWS YA . 13.77 5.76 2.44
HAZ EWS YA . 14.28 10.12 0.44
HAY EWS YA . 14.31 10.02 -1.18
HAW EWS YA . 15.16 3.32 6.68
C1 PCW ZA . -2.98 -33.50 7.30
C2 PCW ZA . -3.77 -34.23 6.14
C3 PCW ZA . -3.92 -35.76 6.45
C4 PCW ZA . -3.64 -29.96 10.50
C5 PCW ZA . -2.57 -29.22 11.29
C6 PCW ZA . -2.87 -27.44 12.90
C7 PCW ZA . -3.70 -27.15 10.75
C8 PCW ZA . -1.44 -27.03 11.01
C11 PCW ZA . -4.83 -37.75 5.44
C12 PCW ZA . -5.62 -38.21 4.24
C13 PCW ZA . -4.61 -38.88 3.22
C14 PCW ZA . -5.25 -39.41 1.94
C15 PCW ZA . -6.38 -40.45 2.13
C16 PCW ZA . -6.44 -41.45 0.92
C17 PCW ZA . -7.71 -41.42 0.01
C18 PCW ZA . -7.44 -40.96 -1.43
C19 PCW ZA . -8.72 -40.87 -2.29
C20 PCW ZA . -8.84 -41.50 -3.52
C21 PCW ZA . -7.90 -42.34 -4.31
C22 PCW ZA . -7.59 -41.54 -5.62
C23 PCW ZA . -8.50 -41.80 -6.84
C24 PCW ZA . -7.82 -42.31 -8.07
C25 PCW ZA . -8.57 -42.37 -9.44
C26 PCW ZA . -8.01 -41.52 -10.55
C27 PCW ZA . -8.88 -41.32 -11.81
C28 PCW ZA . -8.14 -41.77 -13.05
C31 PCW ZA . -5.34 -32.98 4.88
C32 PCW ZA . -6.79 -32.46 4.88
C33 PCW ZA . -6.97 -30.87 4.83
C34 PCW ZA . -6.46 -30.24 3.52
C35 PCW ZA . -7.56 -30.58 2.43
C36 PCW ZA . -7.98 -29.34 1.61
C37 PCW ZA . -9.06 -29.59 0.51
C38 PCW ZA . -8.52 -30.37 -0.64
C39 PCW ZA . -9.54 -30.63 -1.71
C40 PCW ZA . -9.71 -31.76 -2.39
C41 PCW ZA . -8.87 -33.00 -2.18
C42 PCW ZA . -8.24 -33.40 -3.59
C43 PCW ZA . -6.75 -33.69 -3.66
C44 PCW ZA . -6.44 -34.05 -5.10
C45 PCW ZA . -6.26 -35.52 -5.38
C46 PCW ZA . -5.21 -36.17 -4.54
C47 PCW ZA . -5.67 -37.28 -3.62
C48 PCW ZA . -4.50 -37.85 -2.80
N PCW ZA . -2.64 -27.79 11.47
O2 PCW ZA . -5.14 -33.66 6.02
O3 PCW ZA . -4.66 -36.39 5.38
O11 PCW ZA . -4.42 -38.47 6.30
O31 PCW ZA . -4.49 -32.79 3.98
O1P PCW ZA . -4.85 -32.60 10.22
O2P PCW ZA . -2.47 -33.33 10.05
O3P PCW ZA . -3.72 -32.46 7.96
O4P PCW ZA . -2.96 -31.00 9.75
P PCW ZA . -3.52 -32.39 9.56
C1 PCW AB . -7.45 -23.69 8.16
C2 PCW AB . -8.29 -24.14 6.89
C3 PCW AB . -8.69 -25.66 7.02
C4 PCW AB . -5.01 -20.62 10.21
C5 PCW AB . -4.00 -20.93 11.31
C6 PCW AB . -1.76 -21.47 12.05
C7 PCW AB . -2.23 -19.31 11.31
C8 PCW AB . -2.08 -20.94 9.73
C11 PCW AB . -9.11 -27.24 5.28
C12 PCW AB . -10.02 -27.48 4.09
C13 PCW AB . -10.91 -28.73 4.40
C14 PCW AB . -11.90 -29.12 3.29
C15 PCW AB . -12.49 -30.56 3.39
C16 PCW AB . -12.01 -31.45 2.18
C17 PCW AB . -11.04 -32.64 2.51
C18 PCW AB . -10.61 -33.43 1.28
C19 PCW AB . -11.54 -34.64 0.98
C20 PCW AB . -11.14 -35.69 0.19
C21 PCW AB . -9.87 -36.00 -0.52
C22 PCW AB . -10.20 -37.07 -1.61
C23 PCW AB . -10.08 -36.66 -3.10
C24 PCW AB . -9.50 -37.69 -4.03
C25 PCW AB . -9.83 -37.65 -5.56
C26 PCW AB . -8.67 -37.97 -6.49
C27 PCW AB . -8.91 -37.83 -8.01
C28 PCW AB . -8.92 -36.37 -8.40
C31 PCW AB . -10.42 -23.45 7.80
C32 PCW AB . -11.62 -22.55 7.48
C33 PCW AB . -12.70 -23.19 6.47
C34 PCW AB . -12.29 -23.11 5.01
C35 PCW AB . -12.64 -24.53 4.38
C36 PCW AB . -13.54 -24.42 3.13
C37 PCW AB . -13.92 -25.79 2.47
C38 PCW AB . -13.12 -26.05 1.23
C39 PCW AB . -13.47 -27.36 0.58
C40 PCW AB . -13.45 -27.62 -0.73
C41 PCW AB . -13.06 -26.60 -1.79
C42 PCW AB . -14.28 -26.46 -2.82
C43 PCW AB . -13.97 -26.08 -4.25
C44 PCW AB . -15.31 -26.02 -4.99
C45 PCW AB . -15.51 -27.10 -6.02
C46 PCW AB . -16.44 -28.19 -5.59
C47 PCW AB . -16.01 -29.61 -5.93
C48 PCW AB . -17.05 -30.63 -5.44
N PCW AB . -2.59 -20.68 11.11
O2 PCW AB . -9.54 -23.34 6.78
O3 PCW AB . -9.44 -26.06 5.87
O11 PCW AB . -8.24 -27.98 5.64
O31 PCW AB . -10.28 -24.16 8.84
O1P PCW AB . -7.93 -20.69 10.46
O2P PCW AB . -7.50 -23.10 11.02
O3P PCW AB . -7.68 -22.32 8.57
O4P PCW AB . -5.74 -21.86 9.95
P PCW AB . -7.25 -21.97 10.07
C1 PCW BB . -17.77 12.26 8.69
C2 PCW BB . -18.60 12.80 7.45
C3 PCW BB . -18.88 14.34 7.61
C4 PCW BB . -16.67 10.26 11.54
C5 PCW BB . -15.70 9.63 12.55
C6 PCW BB . -16.94 7.57 13.41
C7 PCW BB . -14.54 7.48 12.96
C8 PCW BB . -15.42 8.49 14.23
C11 PCW BB . -20.07 16.11 6.50
C12 PCW BB . -20.83 16.38 5.22
C13 PCW BB . -19.90 17.25 4.29
C14 PCW BB . -20.50 17.63 2.91
C15 PCW BB . -21.99 18.07 2.92
C16 PCW BB . -22.29 19.08 1.75
C17 PCW BB . -22.41 18.49 0.31
C18 PCW BB . -23.17 19.39 -0.66
C19 PCW BB . -22.98 18.97 -2.13
C20 PCW BB . -23.84 18.08 -2.77
C21 PCW BB . -25.05 17.34 -2.34
C22 PCW BB . -26.14 17.58 -3.42
C23 PCW BB . -27.16 18.72 -3.18
C24 PCW BB . -28.23 18.49 -2.15
C25 PCW BB . -29.68 18.15 -2.57
C26 PCW BB . -30.60 19.32 -2.87
C27 PCW BB . -31.96 19.38 -2.14
C28 PCW BB . -33.05 18.82 -3.01
C31 PCW BB . -18.56 12.26 5.14
C32 PCW BB . -17.61 12.10 3.94
C33 PCW BB . -17.94 13.06 2.68
C34 PCW BB . -16.73 13.34 1.78
C35 PCW BB . -16.33 11.94 1.15
C36 PCW BB . -16.56 11.91 -0.38
C37 PCW BB . -16.19 10.56 -1.09
C38 PCW BB . -17.34 9.97 -1.81
C39 PCW BB . -16.99 8.68 -2.50
C40 PCW BB . -17.37 8.29 -3.71
C41 PCW BB . -18.24 9.13 -4.63
C42 PCW BB . -18.15 8.51 -6.10
C43 PCW BB . -17.20 9.13 -7.10
C44 PCW BB . -17.33 8.33 -8.39
C45 PCW BB . -18.53 8.67 -9.26
C46 PCW BB . -19.36 7.48 -9.63
C47 PCW BB . -20.81 7.74 -9.96
C48 PCW BB . -21.55 6.44 -10.33
N PCW BB . -15.77 8.22 12.80
O2 PCW BB . -17.82 12.62 6.19
O3 PCW BB . -19.64 14.81 6.48
O11 PCW BB . -19.89 16.89 7.39
O31 PCW BB . -19.81 12.06 5.12
O1P PCW BB . -16.67 9.45 8.75
O2P PCW BB . -14.37 10.41 8.78
O3P PCW BB . -16.40 11.95 8.38
O4P PCW BB . -15.86 10.99 10.57
P PCW BB . -15.80 10.62 9.10
C1 PCW CB . -6.25 -2.44 -35.38
C2 PCW CB . -6.02 -1.01 -34.75
C3 PCW CB . -6.79 -0.92 -33.38
C4 PCW CB . -9.21 -0.22 -37.75
C5 PCW CB . -10.12 0.61 -36.86
C6 PCW CB . -9.49 3.06 -36.48
C7 PCW CB . -11.55 2.47 -37.67
C8 PCW CB . -11.11 2.12 -35.91
C11 PCW CB . -7.42 1.40 -33.18
C12 PCW CB . -7.05 2.65 -32.45
C13 PCW CB . -5.68 3.17 -33.04
C14 PCW CB . -5.13 4.45 -32.40
C15 PCW CB . -4.25 4.25 -31.13
C16 PCW CB . -2.75 3.94 -31.51
C17 PCW CB . -1.64 4.42 -30.51
C18 PCW CB . -0.34 4.85 -31.20
C19 PCW CB . -0.39 6.30 -31.75
C20 PCW CB . 0.71 6.94 -32.30
C21 PCW CB . 2.10 6.51 -32.53
C22 PCW CB . 2.71 6.20 -31.13
C23 PCW CB . 3.97 6.99 -30.70
C24 PCW CB . 4.53 6.66 -29.35
C25 PCW CB . 6.04 6.85 -29.03
C26 PCW CB . 6.44 6.75 -27.57
C27 PCW CB . 7.65 7.56 -27.09
C28 PCW CB . 8.55 6.70 -26.22
C31 PCW CB . -4.04 0.23 -35.14
C32 PCW CB . -2.55 0.30 -34.75
C33 PCW CB . -1.60 -0.77 -35.46
C34 PCW CB . -0.28 -0.19 -35.96
C35 PCW CB . 0.69 -0.26 -34.71
C36 PCW CB . 2.16 -0.55 -35.10
C37 PCW CB . 3.18 -0.64 -33.92
C38 PCW CB . 2.52 -1.04 -32.63
C39 PCW CB . 3.50 -1.12 -31.49
C40 PCW CB . 3.27 -0.82 -30.21
C41 PCW CB . 1.94 -0.33 -29.67
C42 PCW CB . 2.18 1.08 -28.97
C43 PCW CB . 1.35 1.43 -27.75
C44 PCW CB . 1.79 2.80 -27.29
C45 PCW CB . 2.86 2.81 -26.22
C46 PCW CB . 2.31 2.97 -24.83
C47 PCW CB . 2.00 4.39 -24.40
C48 PCW CB . 1.45 4.43 -22.96
N PCW CB . -10.29 2.01 -37.14
O2 PCW CB . -4.58 -0.79 -34.48
O3 PCW CB . -6.59 0.38 -32.79
O11 PCW CB . -8.32 1.30 -33.98
O31 PCW CB . -4.63 1.03 -35.92
O1P PCW CB . -6.85 -1.90 -37.99
O2P PCW CB . -8.52 -3.75 -37.90
O3P PCW CB . -7.63 -2.71 -35.72
O4P PCW CB . -9.21 -1.56 -37.19
P PCW CB . -8.03 -2.51 -37.27
C1 PCW DB . -10.81 -12.46 -32.32
C2 PCW DB . -9.93 -12.09 -31.06
C3 PCW DB . -8.53 -11.59 -31.54
C4 PCW DB . -10.98 -8.24 -33.40
C5 PCW DB . -11.29 -7.17 -32.36
C6 PCW DB . -9.61 -6.64 -30.52
C7 PCW DB . -10.09 -5.00 -32.27
C8 PCW DB . -11.24 -5.66 -30.99
C11 PCW DB . -7.31 -9.95 -30.27
C12 PCW DB . -6.56 -9.78 -28.98
C13 PCW DB . -5.04 -9.57 -29.31
C14 PCW DB . -4.12 -9.37 -28.09
C15 PCW DB . -3.68 -10.68 -27.37
C16 PCW DB . -2.35 -10.46 -26.57
C17 PCW DB . -1.31 -11.63 -26.58
C18 PCW DB . -0.20 -11.46 -25.53
C19 PCW DB . 0.24 -12.81 -24.91
C20 PCW DB . -0.17 -13.22 -23.66
C21 PCW DB . -1.04 -12.59 -22.64
C22 PCW DB . -1.98 -13.71 -22.10
C23 PCW DB . -1.49 -14.55 -20.90
C24 PCW DB . -0.71 -13.85 -19.84
C25 PCW DB . -0.93 -14.18 -18.35
C26 PCW DB . 0.31 -14.22 -17.48
C27 PCW DB . 0.55 -13.04 -16.52
C28 PCW DB . 1.65 -13.37 -15.55
C31 PCW DB . -11.08 -11.34 -29.14
C32 PCW DB . -11.69 -10.11 -28.45
C33 PCW DB . -10.64 -9.05 -27.86
C34 PCW DB . -10.40 -9.22 -26.36
C35 PCW DB . -8.83 -9.40 -26.19
C36 PCW DB . -8.11 -8.14 -25.65
C37 PCW DB . -6.56 -8.29 -25.45
C38 PCW DB . -6.23 -9.15 -24.27
C39 PCW DB . -4.74 -9.32 -24.06
C40 PCW DB . -4.12 -10.23 -23.30
C41 PCW DB . -4.82 -11.30 -22.48
C42 PCW DB . -5.57 -12.30 -23.47
C43 PCW DB . -6.82 -13.01 -22.97
C44 PCW DB . -7.32 -13.88 -24.10
C45 PCW DB . -8.42 -13.28 -24.95
C46 PCW DB . -9.38 -14.30 -25.47
C47 PCW DB . -10.82 -13.87 -25.60
C48 PCW DB . -11.67 -15.02 -26.16
N PCW DB . -10.24 -6.37 -31.83
O2 PCW DB . -10.56 -10.97 -30.30
O3 PCW DB . -7.74 -11.25 -30.39
O11 PCW DB . -7.54 -9.07 -31.06
O31 PCW DB . -11.07 -12.51 -28.65
O1P PCW DB . -10.50 -10.87 -34.51
O2P PCW DB . -12.98 -10.88 -34.79
O3P PCW DB . -11.92 -11.56 -32.53
O4P PCW DB . -12.01 -9.26 -33.31
P PCW DB . -11.84 -10.65 -33.87
C1 PCW EB . 7.06 -4.50 -42.00
C2 PCW EB . 8.44 -4.67 -41.23
C3 PCW EB . 9.31 -3.36 -41.39
C4 PCW EB . 7.17 -5.21 -45.63
C5 PCW EB . 6.47 -5.34 -46.97
C6 PCW EB . 6.83 -6.73 -49.08
C7 PCW EB . 5.62 -7.67 -47.17
C8 PCW EB . 5.13 -6.22 -48.23
C11 PCW EB . 11.63 -3.98 -41.43
C12 PCW EB . 12.86 -4.02 -40.57
C13 PCW EB . 14.05 -3.36 -41.38
C14 PCW EB . 15.39 -3.31 -40.64
C15 PCW EB . 15.80 -4.60 -39.87
C16 PCW EB . 16.81 -5.44 -40.72
C17 PCW EB . 17.16 -6.87 -40.22
C18 PCW EB . 17.66 -6.89 -38.77
C19 PCW EB . 19.12 -6.38 -38.65
C20 PCW EB . 19.57 -5.69 -37.54
C21 PCW EB . 18.90 -5.26 -36.29
C22 PCW EB . 19.92 -4.37 -35.51
C23 PCW EB . 21.15 -5.06 -34.88
C24 PCW EB . 21.76 -4.39 -33.68
C25 PCW EB . 23.02 -4.97 -32.98
C26 PCW EB . 22.81 -6.19 -32.11
C27 PCW EB . 23.01 -6.03 -30.58
C28 PCW EB . 22.38 -7.19 -29.86
C31 PCW EB . 7.92 -6.11 -39.46
C32 PCW EB . 7.65 -6.16 -37.93
C33 PCW EB . 6.17 -6.58 -37.51
C34 PCW EB . 5.81 -6.18 -36.08
C35 PCW EB . 6.84 -6.94 -35.15
C36 PCW EB . 6.29 -8.26 -34.58
C37 PCW EB . 7.27 -9.06 -33.67
C38 PCW EB . 7.83 -8.20 -32.57
C39 PCW EB . 8.81 -8.93 -31.69
C40 PCW EB . 10.11 -9.13 -31.94
C41 PCW EB . 10.82 -8.64 -33.18
C42 PCW EB . 12.32 -8.24 -32.77
C43 PCW EB . 12.86 -6.91 -33.24
C44 PCW EB . 14.28 -6.79 -32.70
C45 PCW EB . 14.39 -6.65 -31.20
C46 PCW EB . 15.58 -7.34 -30.62
C47 PCW EB . 15.50 -8.84 -30.55
C48 PCW EB . 16.79 -9.42 -29.95
N PCW EB . 6.46 -6.59 -47.66
O2 PCW EB . 8.18 -4.87 -39.79
O3 PCW EB . 10.57 -3.50 -40.70
O11 PCW EB . 11.58 -4.30 -42.59
O31 PCW EB . 7.91 -7.12 -40.23
O1P PCW EB . 8.32 -6.72 -43.44
O2P PCW EB . 6.15 -7.95 -43.52
O3P PCW EB . 6.35 -5.73 -42.21
O4P PCW EB . 6.30 -5.83 -44.64
P PCW EB . 6.82 -6.63 -43.47
C1 PCW FB . -14.93 -14.99 -30.12
C2 PCW FB . -15.25 -14.10 -28.87
C3 PCW FB . -15.64 -12.65 -29.31
C4 PCW FB . -14.89 -18.56 -30.27
C5 PCW FB . -13.40 -18.29 -30.12
C6 PCW FB . -13.17 -18.38 -27.57
C7 PCW FB . -11.35 -19.14 -29.03
C8 PCW FB . -12.03 -17.44 -28.87
C11 PCW FB . -16.47 -10.62 -28.31
C12 PCW FB . -16.69 -9.98 -26.96
C13 PCW FB . -15.29 -9.53 -26.41
C14 PCW FB . -15.33 -8.85 -25.04
C15 PCW FB . -14.47 -9.53 -23.93
C16 PCW FB . -14.91 -11.03 -23.74
C17 PCW FB . -15.80 -11.36 -22.49
C18 PCW FB . -15.10 -12.26 -21.48
C19 PCW FB . -13.82 -11.64 -20.87
C20 PCW FB . -13.76 -11.26 -19.53
C21 PCW FB . -14.75 -11.31 -18.43
C22 PCW FB . -14.46 -10.11 -17.49
C23 PCW FB . -13.15 -10.11 -16.68
C24 PCW FB . -13.13 -9.31 -15.40
C25 PCW FB . -12.45 -7.91 -15.34
C26 PCW FB . -11.28 -7.77 -14.38
C27 PCW FB . -10.02 -7.03 -14.86
C28 PCW FB . -8.87 -7.33 -13.93
C31 PCW FB . -16.10 -14.99 -26.86
C32 PCW FB . -17.37 -15.53 -26.21
C33 PCW FB . -17.55 -15.15 -24.66
C34 PCW FB . -17.79 -13.66 -24.43
C35 PCW FB . -19.34 -13.43 -24.67
C36 PCW FB . -19.72 -11.93 -24.69
C37 PCW FB . -21.23 -11.63 -24.92
C38 PCW FB . -21.61 -10.27 -24.41
C39 PCW FB . -23.07 -9.94 -24.61
C40 PCW FB . -24.09 -10.34 -23.86
C41 PCW FB . -23.94 -11.24 -22.64
C42 PCW FB . -24.12 -10.36 -21.32
C43 PCW FB . -24.31 -11.10 -20.01
C44 PCW FB . -24.45 -10.05 -18.92
C45 PCW FB . -23.26 -9.93 -18.00
C46 PCW FB . -23.42 -10.67 -16.71
C47 PCW FB . -22.86 -10.00 -15.49
C48 PCW FB . -23.07 -10.85 -14.23
N PCW FB . -12.73 -18.75 -28.94
O2 PCW FB . -16.39 -14.65 -28.11
O3 PCW FB . -15.93 -11.86 -28.14
O11 PCW FB . -16.73 -10.11 -29.37
O31 PCW FB . -14.97 -14.90 -26.30
O1P PCW FB . -17.24 -17.05 -29.60
O2P PCW FB . -17.59 -17.03 -32.06
O3P PCW FB . -16.08 -15.25 -30.97
O4P PCW FB . -15.42 -17.60 -31.23
P PCW FB . -16.65 -16.77 -30.96
C1 PCW GB . -10.20 -31.62 -26.81
C2 PCW GB . -9.08 -31.17 -25.77
C3 PCW GB . -7.81 -30.67 -26.53
C4 PCW GB . -13.73 -32.85 -27.95
C5 PCW GB . -13.66 -33.72 -26.71
C6 PCW GB . -14.52 -36.09 -27.12
C7 PCW GB . -12.29 -35.72 -26.19
C8 PCW GB . -13.92 -35.28 -25.42
C11 PCW GB . -5.97 -31.22 -25.07
C12 PCW GB . -4.97 -30.56 -24.14
C13 PCW GB . -3.53 -30.99 -24.60
C14 PCW GB . -2.37 -30.41 -23.77
C15 PCW GB . -2.71 -30.02 -22.29
C16 PCW GB . -2.69 -31.28 -21.35
C17 PCW GB . -1.95 -32.57 -21.86
C18 PCW GB . -2.54 -33.87 -21.31
C19 PCW GB . -3.83 -34.32 -22.06
C20 PCW GB . -3.82 -35.38 -22.97
C21 PCW GB . -2.74 -36.28 -23.43
C22 PCW GB . -2.75 -37.52 -22.49
C23 PCW GB . -1.85 -37.47 -21.22
C24 PCW GB . -1.90 -38.66 -20.32
C25 PCW GB . -2.12 -38.49 -18.78
C26 PCW GB . -3.18 -39.37 -18.14
C27 PCW GB . -3.31 -40.83 -18.65
C28 PCW GB . -2.30 -41.71 -17.95
C31 PCW GB . -9.34 -30.19 -23.65
C32 PCW GB . -9.88 -28.96 -22.90
C33 PCW GB . -8.77 -28.08 -22.17
C34 PCW GB . -9.07 -26.58 -22.16
C35 PCW GB . -9.58 -26.27 -20.69
C36 PCW GB . -8.91 -25.02 -20.09
C37 PCW GB . -9.37 -24.65 -18.65
C38 PCW GB . -8.68 -25.47 -17.61
C39 PCW GB . -9.11 -25.11 -16.22
C40 PCW GB . -8.33 -24.82 -15.19
C41 PCW GB . -6.82 -24.77 -15.26
C42 PCW GB . -6.26 -24.56 -13.78
C43 PCW GB . -4.97 -23.79 -13.60
C44 PCW GB . -4.69 -23.74 -12.10
C45 PCW GB . -4.15 -25.02 -11.51
C46 PCW GB . -2.91 -24.82 -10.66
C47 PCW GB . -1.59 -24.84 -11.38
C48 PCW GB . -0.42 -24.64 -10.41
N PCW GB . -13.44 -35.13 -26.83
O2 PCW GB . -9.58 -30.04 -24.94
O3 PCW GB . -6.80 -30.26 -25.60
O11 PCW GB . -6.02 -32.39 -25.32
O31 PCW GB . -8.73 -31.17 -23.10
O1P PCW GB . -13.26 -30.02 -28.42
O2P PCW GB . -11.35 -30.88 -29.77
O3P PCW GB . -11.09 -30.56 -27.23
O4P PCW GB . -12.39 -32.38 -28.22
P PCW GB . -12.05 -30.92 -28.48
C1 PCW HB . -18.81 -26.40 -23.78
C2 PCW HB . -18.36 -26.19 -22.27
C3 PCW HB . -19.34 -26.97 -21.32
C4 PCW HB . -16.62 -22.69 -26.12
C5 PCW HB . -16.71 -21.22 -25.73
C6 PCW HB . -18.82 -20.77 -26.84
C7 PCW HB . -16.82 -20.11 -27.86
C8 PCW HB . -17.51 -18.92 -26.05
C11 PCW HB . -18.88 -25.54 -19.42
C12 PCW HB . -18.54 -25.64 -17.96
C13 PCW HB . -19.90 -25.53 -17.17
C14 PCW HB . -19.78 -25.62 -15.65
C15 PCW HB . -21.05 -26.12 -14.91
C16 PCW HB . -20.86 -27.59 -14.42
C17 PCW HB . -21.62 -28.01 -13.11
C18 PCW HB . -20.72 -28.03 -11.88
C19 PCW HB . -20.05 -26.67 -11.58
C20 PCW HB . -18.84 -26.57 -10.90
C21 PCW HB . -17.94 -27.60 -10.32
C22 PCW HB . -18.28 -27.69 -8.80
C23 PCW HB . -19.30 -28.78 -8.36
C24 PCW HB . -20.05 -28.52 -7.09
C25 PCW HB . -21.49 -27.94 -7.11
C26 PCW HB . -22.20 -27.88 -5.77
C27 PCW HB . -22.09 -26.58 -4.95
C28 PCW HB . -21.17 -26.79 -3.76
C31 PCW HB . -16.01 -25.86 -22.14
C32 PCW HB . -14.67 -26.57 -21.92
C33 PCW HB . -14.64 -27.66 -20.73
C34 PCW HB . -13.30 -28.36 -20.59
C35 PCW HB . -12.57 -27.64 -19.37
C36 PCW HB . -12.66 -28.45 -18.05
C37 PCW HB . -11.97 -27.78 -16.82
C38 PCW HB . -12.14 -28.60 -15.58
C39 PCW HB . -11.47 -27.99 -14.39
C40 PCW HB . -10.33 -28.37 -13.83
C41 PCW HB . -9.48 -29.54 -14.30
C42 PCW HB . -9.16 -30.48 -13.05
C43 PCW HB . -9.07 -29.85 -11.66
C44 PCW HB . -8.75 -30.97 -10.68
C45 PCW HB . -9.31 -30.79 -9.29
C46 PCW HB . -8.59 -29.75 -8.49
C47 PCW HB . -7.96 -30.22 -7.19
C48 PCW HB . -7.27 -29.05 -6.47
N PCW HB . -17.44 -20.31 -26.57
O2 PCW HB . -16.99 -26.76 -22.07
O3 PCW HB . -18.95 -26.80 -19.94
O11 PCW HB . -19.10 -24.52 -20.01
O31 PCW HB . -16.15 -24.62 -22.37
O1P PCW HB . -19.32 -23.73 -25.84
O2P PCW HB . -18.83 -23.52 -23.41
O3P PCW HB . -18.06 -25.61 -24.72
O4P PCW HB . -16.99 -23.45 -24.94
P PCW HB . -18.36 -24.03 -24.72
C1 PCW IB . -8.19 25.23 -39.80
C2 PCW IB . -7.98 25.41 -38.24
C3 PCW IB . -7.34 26.83 -37.95
C4 PCW IB . -7.73 21.17 -38.77
C5 PCW IB . -6.34 20.56 -38.56
C6 PCW IB . -5.24 18.67 -39.59
C7 PCW IB . -7.38 18.39 -38.69
C8 PCW IB . -5.66 18.60 -37.22
C11 PCW IB . -5.86 27.11 -36.09
C12 PCW IB . -5.87 27.23 -34.58
C13 PCW IB . -6.23 25.82 -33.98
C14 PCW IB . -6.29 25.75 -32.46
C15 PCW IB . -5.12 24.98 -31.75
C16 PCW IB . -3.95 25.95 -31.40
C17 PCW IB . -2.97 25.53 -30.25
C18 PCW IB . -3.46 25.91 -28.85
C19 PCW IB . -3.06 27.34 -28.42
C20 PCW IB . -1.78 27.62 -27.94
C21 PCW IB . -0.59 26.78 -27.70
C22 PCW IB . 0.36 27.59 -26.79
C23 PCW IB . 0.81 26.92 -25.46
C24 PCW IB . 1.74 27.72 -24.59
C25 PCW IB . 2.10 27.22 -23.16
C26 PCW IB . 2.87 28.21 -22.30
C27 PCW IB . 4.04 27.66 -21.47
C28 PCW IB . 5.30 27.59 -22.31
C31 PCW IB . -9.28 24.60 -36.44
C32 PCW IB . -10.68 24.64 -35.82
C33 PCW IB . -10.94 25.85 -34.81
C34 PCW IB . -10.64 25.51 -33.36
C35 PCW IB . -10.92 26.81 -32.51
C36 PCW IB . -10.88 26.55 -30.99
C37 PCW IB . -11.15 27.78 -30.07
C38 PCW IB . -11.15 27.40 -28.62
C39 PCW IB . -11.41 28.58 -27.71
C40 PCW IB . -11.02 28.72 -26.44
C41 PCW IB . -10.20 27.69 -25.69
C42 PCW IB . -8.92 28.42 -25.05
C43 PCW IB . -7.56 28.08 -25.60
C44 PCW IB . -6.55 28.91 -24.82
C45 PCW IB . -5.25 29.19 -25.53
C46 PCW IB . -5.33 30.39 -26.45
C47 PCW IB . -5.36 31.74 -25.78
C48 PCW IB . -5.44 32.87 -26.84
N PCW IB . -6.16 19.13 -38.52
O2 PCW IB . -9.29 25.36 -37.52
O3 PCW IB . -7.14 26.98 -36.54
O11 PCW IB . -4.88 27.13 -36.78
O31 PCW IB . -8.29 23.94 -35.99
O1P PCW IB . -9.56 21.81 -40.94
O2P PCW IB . -7.57 23.02 -41.85
O3P PCW IB . -9.11 24.16 -40.14
O4P PCW IB . -7.54 22.40 -39.53
P PCW IB . -8.45 22.80 -40.68
C1 PCW JB . -24.94 -14.54 -22.42
C2 PCW JB . -23.57 -15.12 -21.90
C3 PCW JB . -22.36 -14.56 -22.73
C4 PCW JB . -28.46 -14.96 -23.60
C5 PCW JB . -29.65 -14.61 -24.49
C6 PCW JB . -30.37 -12.72 -22.93
C7 PCW JB . -31.74 -13.32 -24.88
C8 PCW JB . -31.36 -14.35 -23.39
C11 PCW JB . -20.71 -16.31 -22.74
C12 PCW JB . -19.39 -16.68 -22.09
C13 PCW JB . -18.79 -17.92 -22.86
C14 PCW JB . -17.45 -18.42 -22.33
C15 PCW JB . -17.46 -19.03 -20.88
C16 PCW JB . -16.33 -18.39 -20.01
C17 PCW JB . -15.73 -19.27 -18.86
C18 PCW JB . -16.14 -18.81 -17.46
C19 PCW JB . -15.09 -17.91 -16.77
C20 PCW JB . -15.16 -17.57 -15.42
C21 PCW JB . -16.13 -17.90 -14.35
C22 PCW JB . -16.15 -16.69 -13.37
C23 PCW JB . -14.87 -16.44 -12.52
C24 PCW JB . -14.72 -15.07 -11.92
C25 PCW JB . -13.36 -14.61 -11.31
C26 PCW JB . -13.31 -13.21 -10.73
C27 PCW JB . -12.43 -12.15 -11.44
C28 PCW JB . -13.28 -11.34 -12.39
C31 PCW JB . -23.32 -15.75 -19.63
C32 PCW JB . -23.12 -15.19 -18.21
C33 PCW JB . -23.30 -16.25 -17.02
C34 PCW JB . -22.05 -16.40 -16.16
C35 PCW JB . -21.86 -15.01 -15.41
C36 PCW JB . -21.79 -15.16 -13.88
C37 PCW JB . -21.62 -13.84 -13.07
C38 PCW JB . -21.49 -14.08 -11.60
C39 PCW JB . -21.32 -12.82 -10.81
C40 PCW JB . -20.52 -12.62 -9.78
C41 PCW JB . -19.61 -13.69 -9.20
C42 PCW JB . -20.14 -14.08 -7.75
C43 PCW JB . -20.14 -13.02 -6.66
C44 PCW JB . -20.69 -13.67 -5.40
C45 PCW JB . -21.67 -12.83 -4.61
C46 PCW JB . -23.08 -12.92 -5.10
C47 PCW JB . -24.16 -12.91 -4.03
C48 PCW JB . -25.56 -13.00 -4.66
N PCW JB . -30.46 -13.47 -24.20
O2 PCW JB . -23.36 -14.72 -20.48
O3 PCW JB . -21.13 -15.11 -22.23
O11 PCW JB . -21.27 -16.96 -23.58
O31 PCW JB . -23.44 -16.97 -19.93
O1P PCW JB . -26.83 -12.58 -23.45
O2P PCW JB . -26.26 -13.19 -25.80
O3P PCW JB . -24.97 -14.24 -23.84
O4P PCW JB . -27.26 -14.86 -24.41
P PCW JB . -26.36 -13.65 -24.39
C1 PCW KB . -32.03 8.84 -22.35
C2 PCW KB . -32.21 8.92 -20.78
C3 PCW KB . -31.36 7.79 -20.11
C4 PCW KB . -29.41 10.32 -25.97
C5 PCW KB . -29.22 11.48 -26.95
C6 PCW KB . -28.21 12.56 -28.84
C7 PCW KB . -29.37 10.57 -29.15
C8 PCW KB . -27.33 10.44 -28.14
C11 PCW KB . -32.33 6.93 -18.09
C12 PCW KB . -32.37 7.16 -16.61
C13 PCW KB . -33.86 7.38 -16.19
C14 PCW KB . -34.08 7.63 -14.69
C15 PCW KB . -35.49 7.25 -14.15
C16 PCW KB . -35.37 6.50 -12.78
C17 PCW KB . -36.63 5.70 -12.29
C18 PCW KB . -36.93 5.87 -10.80
C19 PCW KB . -38.27 5.21 -10.38
C20 PCW KB . -38.52 4.82 -9.08
C21 PCW KB . -37.70 4.89 -7.84
C22 PCW KB . -37.95 3.58 -7.04
C23 PCW KB . -37.35 3.50 -5.60
C24 PCW KB . -35.88 3.73 -5.48
C25 PCW KB . -35.14 3.48 -4.14
C26 PCW KB . -35.14 4.61 -3.13
C27 PCW KB . -33.81 5.37 -2.89
C28 PCW KB . -32.88 4.53 -2.07
C31 PCW KB . -32.45 10.78 -19.34
C32 PCW KB . -31.80 12.11 -18.92
C33 PCW KB . -30.21 12.07 -18.72
C34 PCW KB . -29.79 12.21 -17.25
C35 PCW KB . -29.48 13.75 -17.06
C36 PCW KB . -30.24 14.36 -15.86
C37 PCW KB . -29.98 15.88 -15.61
C38 PCW KB . -29.48 16.13 -14.22
C39 PCW KB . -29.23 17.59 -13.94
C40 PCW KB . -28.09 18.15 -13.53
C41 PCW KB . -26.81 17.37 -13.27
C42 PCW KB . -26.71 17.11 -11.70
C43 PCW KB . -25.33 17.09 -11.05
C44 PCW KB . -25.54 16.82 -9.57
C45 PCW KB . -25.75 15.37 -9.21
C46 PCW KB . -26.05 15.13 -7.75
C47 PCW KB . -24.87 14.78 -6.88
C48 PCW KB . -25.30 14.56 -5.43
N PCW KB . -28.56 11.28 -28.20
O2 PCW KB . -31.69 10.22 -20.28
O3 PCW KB . -31.51 7.85 -18.68
O11 PCW KB . -32.93 6.07 -18.67
O31 PCW KB . -33.52 10.30 -18.84
O1P PCW KB . -32.00 9.30 -25.16
O2P PCW KB . -32.27 11.59 -24.20
O3P PCW KB . -31.05 9.76 -22.87
O4P PCW KB . -30.06 10.86 -24.80
P PCW KB . -31.42 10.39 -24.31
C1 PCW LB . 5.98 -15.29 -39.13
C2 PCW LB . 6.43 -16.07 -37.82
C3 PCW LB . 7.41 -17.22 -38.22
C4 PCW LB . 2.86 -14.58 -41.55
C5 PCW LB . 2.10 -14.77 -40.23
C6 PCW LB . 0.01 -13.56 -41.13
C7 PCW LB . -0.07 -14.77 -39.00
C8 PCW LB . 0.95 -13.27 -39.43
C11 PCW LB . 8.97 -18.69 -37.12
C12 PCW LB . 9.20 -19.37 -35.79
C13 PCW LB . 9.25 -18.26 -34.67
C14 PCW LB . 9.50 -18.80 -33.27
C15 PCW LB . 9.39 -17.77 -32.11
C16 PCW LB . 10.59 -17.90 -31.12
C17 PCW LB . 11.30 -16.58 -30.65
C18 PCW LB . 12.66 -16.81 -29.99
C19 PCW LB . 12.56 -16.93 -28.46
C20 PCW LB . 13.68 -16.99 -27.64
C21 PCW LB . 15.14 -16.97 -27.94
C22 PCW LB . 15.86 -17.51 -26.67
C23 PCW LB . 16.10 -19.05 -26.59
C24 PCW LB . 16.79 -19.57 -25.38
C25 PCW LB . 17.91 -20.67 -25.50
C26 PCW LB . 17.48 -22.01 -26.07
C27 PCW LB . 17.45 -23.22 -25.12
C28 PCW LB . 18.73 -24.02 -25.25
C31 PCW LB . 6.92 -15.27 -35.62
C32 PCW LB . 7.75 -14.23 -34.86
C33 PCW LB . 8.11 -14.60 -33.35
C34 PCW LB . 8.53 -13.38 -32.51
C35 PCW LB . 7.92 -13.64 -31.08
C36 PCW LB . 8.99 -14.11 -30.07
C37 PCW LB . 8.46 -14.40 -28.62
C38 PCW LB . 8.84 -15.77 -28.17
C39 PCW LB . 8.35 -16.08 -26.77
C40 PCW LB . 9.09 -16.26 -25.68
C41 PCW LB . 10.61 -16.17 -25.66
C42 PCW LB . 11.04 -15.24 -24.43
C43 PCW LB . 12.29 -15.62 -23.66
C44 PCW LB . 12.48 -14.58 -22.56
C45 PCW LB . 12.84 -15.12 -21.21
C46 PCW LB . 13.16 -14.05 -20.20
C47 PCW LB . 14.62 -13.70 -20.03
C48 PCW LB . 14.79 -12.58 -18.99
N PCW LB . 0.68 -14.51 -40.21
O2 PCW LB . 7.17 -15.12 -36.93
O3 PCW LB . 7.83 -17.93 -37.04
O11 PCW LB . 9.66 -18.82 -38.08
O31 PCW LB . 6.13 -16.12 -35.09
O1P PCW LB . 5.69 -13.96 -41.59
O2P PCW LB . 5.84 -16.11 -42.86
O3P PCW LB . 5.83 -16.13 -40.29
O4P PCW LB . 3.84 -15.66 -41.62
P PCW LB . 5.34 -15.42 -41.65
C1 PCW MB . -13.47 20.29 -35.14
C2 PCW MB . -12.54 20.35 -33.87
C3 PCW MB . -11.56 21.58 -33.99
C4 PCW MB . -16.97 20.82 -34.19
C5 PCW MB . -17.95 20.68 -33.02
C6 PCW MB . -20.23 21.82 -32.99
C7 PCW MB . -20.05 19.40 -33.29
C8 PCW MB . -19.56 20.40 -31.81
C11 PCW MB . -9.36 21.69 -33.02
C12 PCW MB . -8.65 21.70 -31.71
C13 PCW MB . -9.04 23.01 -30.94
C14 PCW MB . -8.39 23.18 -29.55
C15 PCW MB . -9.00 24.31 -28.67
C16 PCW MB . -7.88 25.05 -27.86
C17 PCW MB . -6.96 26.05 -28.64
C18 PCW MB . -7.72 27.25 -29.19
C19 PCW MB . -6.79 28.43 -29.59
C20 PCW MB . -6.97 29.13 -30.78
C21 PCW MB . -7.95 29.00 -31.88
C22 PCW MB . -8.28 30.43 -32.38
C23 PCW MB . -9.74 30.94 -32.18
C24 PCW MB . -10.21 31.10 -30.77
C25 PCW MB . -10.56 32.50 -30.20
C26 PCW MB . -9.41 33.34 -29.71
C27 PCW MB . -9.66 34.26 -28.49
C28 PCW MB . -8.41 35.10 -28.22
C31 PCW MB . -12.95 19.88 -31.56
C32 PCW MB . -13.89 20.22 -30.39
C33 PCW MB . -13.44 21.46 -29.49
C34 PCW MB . -12.71 22.56 -30.28
C35 PCW MB . -13.14 23.92 -29.59
C36 PCW MB . -14.11 24.74 -30.47
C37 PCW MB . -14.57 26.11 -29.86
C38 PCW MB . -14.59 27.19 -30.90
C39 PCW MB . -15.04 28.51 -30.34
C40 PCW MB . -15.28 29.63 -31.04
C41 PCW MB . -15.16 29.74 -32.55
C42 PCW MB . -14.34 31.08 -32.88
C43 PCW MB . -14.81 32.39 -32.28
C44 PCW MB . -13.85 33.47 -32.77
C45 PCW MB . -13.34 34.41 -31.72
C46 PCW MB . -12.12 35.16 -32.15
C47 PCW MB . -11.82 36.45 -31.44
C48 PCW MB . -10.55 37.09 -32.00
N PCW MB . -19.35 20.67 -33.26
O2 PCW MB . -13.36 20.57 -32.64
O3 PCW MB . -10.71 21.62 -32.83
O11 PCW MB . -8.81 21.72 -34.10
O31 PCW MB . -11.96 19.08 -31.52
O1P PCW MB . -15.94 19.95 -36.77
O2P PCW MB . -16.26 17.68 -35.82
O3P PCW MB . -14.10 19.00 -35.33
O4P PCW MB . -16.25 19.55 -34.30
P PCW MB . -15.69 19.03 -35.62
C1 PCW NB . 13.07 -9.23 -43.02
C2 PCW NB . 13.88 -8.63 -41.79
C3 PCW NB . 13.35 -9.19 -40.43
C4 PCW NB . 10.30 -10.97 -45.18
C5 PCW NB . 8.89 -11.48 -44.85
C6 PCW NB . 7.34 -13.32 -44.65
C7 PCW NB . 9.39 -13.67 -45.71
C8 PCW NB . 7.83 -12.46 -46.85
C11 PCW NB . 13.85 -9.03 -38.08
C12 PCW NB . 14.70 -8.27 -37.11
C13 PCW NB . 15.91 -9.18 -36.65
C14 PCW NB . 16.85 -8.52 -35.64
C15 PCW NB . 18.26 -9.20 -35.48
C16 PCW NB . 19.13 -8.45 -34.42
C17 PCW NB . 18.64 -8.49 -32.92
C18 PCW NB . 19.34 -7.46 -32.04
C19 PCW NB . 18.69 -6.06 -32.10
C20 PCW NB . 18.69 -5.20 -31.01
C21 PCW NB . 19.24 -5.32 -29.64
C22 PCW NB . 18.06 -5.73 -28.71
C23 PCW NB . 17.64 -4.72 -27.60
C24 PCW NB . 16.95 -5.28 -26.39
C25 PCW NB . 15.52 -5.91 -26.50
C26 PCW NB . 14.38 -5.09 -25.93
C27 PCW NB . 13.10 -5.84 -25.49
C28 PCW NB . 12.04 -4.87 -25.05
C31 PCW NB . 15.70 -10.25 -41.71
C32 PCW NB . 17.23 -10.34 -41.90
C33 PCW NB . 17.96 -11.54 -41.15
C34 PCW NB . 19.20 -11.11 -40.37
C35 PCW NB . 19.51 -12.31 -39.37
C36 PCW NB . 19.00 -12.05 -37.95
C37 PCW NB . 19.27 -13.18 -36.91
C38 PCW NB . 19.33 -12.64 -35.52
C39 PCW NB . 19.59 -13.71 -34.48
C40 PCW NB . 20.33 -13.60 -33.39
C41 PCW NB . 21.06 -12.32 -32.99
C42 PCW NB . 20.48 -11.83 -31.58
C43 PCW NB . 21.37 -11.00 -30.68
C44 PCW NB . 20.56 -10.68 -29.43
C45 PCW NB . 20.82 -11.58 -28.26
C46 PCW NB . 22.03 -11.18 -27.46
C47 PCW NB . 23.09 -12.25 -27.27
C48 PCW NB . 24.26 -11.71 -26.44
N PCW NB . 8.39 -12.67 -45.47
O2 PCW NB . 15.35 -8.97 -41.93
O3 PCW NB . 14.11 -8.61 -39.34
O11 PCW NB . 13.03 -9.87 -37.78
O31 PCW NB . 14.96 -11.22 -41.41
O1P PCW NB . 12.32 -12.77 -44.17
O2P PCW NB . 11.54 -11.93 -41.95
O3P PCW NB . 13.31 -10.62 -43.30
O4P PCW NB . 10.95 -10.69 -43.91
P PCW NB . 12.01 -11.58 -43.31
C1 PCW OB . 3.93 -26.75 -36.03
C2 PCW OB . 5.33 -27.00 -35.35
C3 PCW OB . 5.60 -28.54 -35.25
C4 PCW OB . 4.11 -26.64 -39.69
C5 PCW OB . 5.02 -26.31 -40.87
C6 PCW OB . 6.09 -27.18 -43.02
C7 PCW OB . 3.72 -27.58 -42.58
C8 PCW OB . 4.57 -25.95 -42.84
C11 PCW OB . 7.78 -29.58 -35.25
C12 PCW OB . 9.04 -29.66 -34.42
C13 PCW OB . 10.21 -28.98 -35.22
C14 PCW OB . 11.57 -28.97 -34.49
C15 PCW OB . 12.19 -27.57 -34.20
C16 PCW OB . 12.99 -27.61 -32.84
C17 PCW OB . 13.27 -26.23 -32.15
C18 PCW OB . 12.01 -25.51 -31.68
C19 PCW OB . 12.26 -24.59 -30.46
C20 PCW OB . 12.37 -25.09 -29.17
C21 PCW OB . 12.31 -26.46 -28.62
C22 PCW OB . 11.94 -26.32 -27.11
C23 PCW OB . 10.87 -27.30 -26.55
C24 PCW OB . 10.20 -26.91 -25.27
C25 PCW OB . 10.79 -25.79 -24.37
C26 PCW OB . 11.19 -26.18 -22.97
C27 PCW OB . 10.61 -25.36 -21.79
C28 PCW OB . 11.49 -25.48 -20.57
C31 PCW OB . 7.10 -25.45 -35.58
C32 PCW OB . 8.17 -24.94 -36.56
C33 PCW OB . 9.52 -24.39 -35.89
C34 PCW OB . 9.99 -23.07 -36.48
C35 PCW OB . 11.56 -23.09 -36.32
C36 PCW OB . 12.11 -21.84 -35.59
C37 PCW OB . 13.66 -21.81 -35.40
C38 PCW OB . 14.17 -23.10 -34.85
C39 PCW OB . 15.67 -23.10 -34.65
C40 PCW OB . 16.31 -23.31 -33.51
C41 PCW OB . 15.62 -23.59 -32.18
C42 PCW OB . 16.57 -24.51 -31.29
C43 PCW OB . 16.48 -24.39 -29.78
C44 PCW OB . 17.49 -25.36 -29.19
C45 PCW OB . 16.89 -26.44 -28.32
C46 PCW OB . 16.06 -25.92 -27.18
C47 PCW OB . 15.79 -26.89 -26.05
C48 PCW OB . 14.92 -26.23 -24.96
N PCW OB . 4.99 -27.14 -42.03
O2 PCW OB . 6.41 -26.41 -36.19
O3 PCW OB . 6.88 -28.76 -34.63
O11 PCW OB . 7.61 -30.15 -36.29
O31 PCW OB . 6.93 -25.04 -34.40
O1P PCW OB . 1.86 -25.97 -38.00
O2P PCW OB . 2.83 -23.67 -38.11
O3P PCW OB . 3.71 -25.37 -36.39
O4P PCW OB . 4.22 -25.53 -38.76
P PCW OB . 3.08 -25.11 -37.85
C1 PCW PB . -22.37 -22.29 -22.62
C2 PCW PB . -22.58 -22.20 -21.06
C3 PCW PB . -22.94 -23.62 -20.48
C4 PCW PB . -22.64 -19.42 -24.77
C5 PCW PB . -23.58 -18.32 -25.28
C6 PCW PB . -23.82 -15.95 -26.19
C7 PCW PB . -21.99 -17.40 -26.95
C8 PCW PB . -23.81 -17.63 -27.19
C11 PCW PB . -24.37 -23.21 -18.58
C12 PCW PB . -24.33 -23.21 -17.08
C13 PCW PB . -25.69 -22.63 -16.54
C14 PCW PB . -25.83 -22.57 -15.01
C15 PCW PB . -25.71 -21.16 -14.36
C16 PCW PB . -24.93 -21.23 -13.00
C17 PCW PB . -24.68 -19.87 -12.24
C18 PCW PB . -24.04 -20.06 -10.87
C19 PCW PB . -23.53 -18.74 -10.25
C20 PCW PB . -22.87 -18.72 -9.04
C21 PCW PB . -22.48 -19.79 -8.08
C22 PCW PB . -23.40 -19.64 -6.85
C23 PCW PB . -22.84 -20.10 -5.47
C24 PCW PB . -23.80 -20.75 -4.52
C25 PCW PB . -25.02 -19.96 -3.97
C26 PCW PB . -24.93 -19.48 -2.54
C27 PCW PB . -25.92 -18.39 -2.08
C28 PCW PB . -25.24 -17.41 -1.16
C31 PCW PB . -21.44 -20.65 -19.68
C32 PCW PB . -20.06 -20.32 -19.08
C33 PCW PB . -20.02 -19.08 -18.06
C34 PCW PB . -20.09 -17.73 -18.76
C35 PCW PB . -18.94 -16.85 -18.13
C36 PCW PB . -19.16 -15.33 -18.35
C37 PCW PB . -18.08 -14.38 -17.77
C38 PCW PB . -18.20 -14.23 -16.28
C39 PCW PB . -17.16 -13.30 -15.70
C40 PCW PB . -17.01 -12.96 -14.42
C41 PCW PB . -17.88 -13.48 -13.29
C42 PCW PB . -17.90 -12.37 -12.14
C43 PCW PB . -16.77 -12.36 -11.13
C44 PCW PB . -17.04 -11.22 -10.17
C45 PCW PB . -15.83 -10.43 -9.75
C46 PCW PB . -15.42 -10.66 -8.32
C47 PCW PB . -16.35 -10.09 -7.26
C48 PCW PB . -15.82 -10.40 -5.85
N PCW PB . -23.06 -17.20 -25.98
O2 PCW PB . -21.31 -21.76 -20.40
O3 PCW PB . -23.13 -23.53 -19.06
O11 PCW PB . -25.32 -22.97 -19.25
O31 PCW PB . -22.49 -19.98 -19.52
O1P PCW PB . -24.34 -21.63 -25.57
O2P PCW PB . -25.61 -21.03 -23.52
O3P PCW PB . -23.57 -22.59 -23.38
O4P PCW PB . -23.38 -20.18 -23.77
P PCW PB . -24.28 -21.35 -24.11
C1 PCW QB . -1.04 18.50 -40.18
C2 PCW QB . 0.08 18.93 -39.16
C3 PCW QB . 0.49 20.42 -39.43
C4 PCW QB . -2.32 15.98 -42.79
C5 PCW QB . -2.96 14.68 -43.29
C6 PCW QB . -5.19 13.44 -43.19
C7 PCW QB . -4.96 15.47 -44.55
C8 PCW QB . -4.09 13.85 -44.77
C11 PCW QB . 2.70 21.25 -39.01
C12 PCW QB . 3.60 21.70 -37.89
C13 PCW QB . 5.08 21.31 -38.26
C14 PCW QB . 6.13 21.71 -37.20
C15 PCW QB . 6.51 23.21 -37.16
C16 PCW QB . 7.96 23.40 -36.58
C17 PCW QB . 8.33 24.80 -35.99
C18 PCW QB . 8.63 24.78 -34.49
C19 PCW QB . 8.42 26.14 -33.81
C20 PCW QB . 8.83 26.39 -32.50
C21 PCW QB . 9.52 25.56 -31.49
C22 PCW QB . 10.96 26.13 -31.36
C23 PCW QB . 12.14 25.20 -31.76
C24 PCW QB . 13.52 25.79 -31.71
C25 PCW QB . 14.77 24.93 -32.01
C26 PCW QB . 16.12 25.54 -31.66
C27 PCW QB . 17.25 25.44 -32.69
C28 PCW QB . 18.54 25.94 -32.09
C31 PCW QB . -0.47 17.64 -37.21
C32 PCW QB . -1.04 17.76 -35.78
C33 PCW QB . -0.38 16.77 -34.70
C34 PCW QB . -0.50 17.28 -33.25
C35 PCW QB . 0.58 16.48 -32.43
C36 PCW QB . 0.99 17.20 -31.13
C37 PCW QB . 2.06 16.45 -30.27
C38 PCW QB . 1.54 16.18 -28.89
C39 PCW QB . 2.53 15.45 -28.02
C40 PCW QB . 3.46 16.00 -27.24
C41 PCW QB . 3.68 17.49 -27.11
C42 PCW QB . 5.18 17.72 -26.60
C43 PCW QB . 6.32 17.51 -27.56
C44 PCW QB . 7.61 17.81 -26.80
C45 PCW QB . 7.99 16.76 -25.77
C46 PCW QB . 9.44 16.81 -25.37
C47 PCW QB . 9.96 15.66 -24.55
C48 PCW QB . 11.44 15.84 -24.21
N PCW QB . -4.37 14.62 -43.53
O2 PCW QB . -0.47 18.86 -37.76
O3 PCW QB . 1.50 20.84 -38.50
O11 PCW QB . 2.97 21.30 -40.17
O31 PCW QB . -0.10 16.58 -37.76
O1P PCW QB . -0.66 15.64 -40.43
O2P PCW QB . -2.84 15.18 -39.33
O3P PCW QB . -2.04 17.61 -39.63
O4P PCW QB . -2.86 16.25 -41.47
P PCW QB . -2.05 16.10 -40.19
C1 PCW RB . -5.92 11.28 -31.34
C2 PCW RB . -5.39 12.31 -30.25
C3 PCW RB . -4.90 13.63 -30.94
C4 PCW RB . -6.16 12.73 -34.62
C5 PCW RB . -7.10 13.53 -35.53
C6 PCW RB . -6.90 12.56 -37.87
C7 PCW RB . -9.11 12.99 -36.89
C8 PCW RB . -7.80 14.23 -37.31
C11 PCW RB . -3.41 15.39 -30.31
C12 PCW RB . -3.06 16.30 -29.16
C13 PCW RB . -3.91 17.61 -29.31
C14 PCW RB . -3.68 18.66 -28.22
C15 PCW RB . -3.73 20.15 -28.69
C16 PCW RB . -5.23 20.64 -28.80
C17 PCW RB . -5.63 21.89 -27.96
C18 PCW RB . -4.90 21.99 -26.62
C19 PCW RB . -4.31 23.38 -26.34
C20 PCW RB . -4.36 23.97 -25.08
C21 PCW RB . -4.90 23.50 -23.77
C22 PCW RB . -4.09 22.24 -23.36
C23 PCW RB . -3.84 21.99 -21.87
C24 PCW RB . -2.60 21.25 -21.49
C25 PCW RB . -2.65 19.88 -20.75
C26 PCW RB . -1.37 19.09 -20.69
C27 PCW RB . -0.95 18.50 -19.32
C28 PCW RB . 0.31 17.68 -19.46
C31 PCW RB . -6.64 11.83 -28.31
C32 PCW RB . -7.82 12.33 -27.44
C33 PCW RB . -8.11 11.45 -26.12
C34 PCW RB . -9.54 10.92 -26.05
C35 PCW RB . -10.23 11.70 -24.86
C36 PCW RB . -9.55 11.44 -23.49
C37 PCW RB . -10.19 12.19 -22.29
C38 PCW RB . -10.00 11.45 -21.00
C39 PCW RB . -10.60 12.18 -19.84
C40 PCW RB . -9.95 12.82 -18.88
C41 PCW RB . -8.44 12.94 -18.82
C42 PCW RB . -7.96 12.36 -17.41
C43 PCW RB . -7.77 10.86 -17.29
C44 PCW RB . -7.32 10.59 -15.86
C45 PCW RB . -5.90 10.12 -15.72
C46 PCW RB . -5.73 8.97 -14.76
C47 PCW RB . -5.27 7.67 -15.37
C48 PCW RB . -5.12 6.58 -14.31
N PCW RB . -7.68 12.89 -36.65
O2 PCW RB . -6.49 12.67 -29.32
O3 PCW RB . -4.43 14.56 -29.96
O11 PCW RB . -2.89 15.42 -31.40
O31 PCW RB . -5.96 10.79 -28.09
O1P PCW RB . -8.65 11.52 -33.70
O2P PCW RB . -8.67 13.47 -32.14
O3P PCW RB . -7.35 11.32 -31.54
O4P PCW RB . -6.61 12.93 -33.25
P PCW RB . -7.89 12.32 -32.69
C1 PCW SB . 6.65 12.57 -44.68
C2 PCW SB . 6.42 12.62 -43.11
C3 PCW SB . 7.79 12.81 -42.38
C4 PCW SB . 4.56 9.33 -43.64
C5 PCW SB . 4.21 7.85 -43.51
C6 PCW SB . 2.19 7.95 -41.95
C7 PCW SB . 2.32 6.25 -43.72
C8 PCW SB . 3.42 6.45 -42.24
C11 PCW SB . 7.07 11.75 -40.32
C12 PCW SB . 6.99 12.02 -38.85
C13 PCW SB . 8.37 11.60 -38.22
C14 PCW SB . 8.49 11.79 -36.71
C15 PCW SB . 9.64 10.99 -36.02
C16 PCW SB . 11.04 11.61 -36.38
C17 PCW SB . 12.18 11.49 -35.31
C18 PCW SB . 13.59 11.63 -35.91
C19 PCW SB . 14.17 13.07 -35.80
C20 PCW SB . 14.31 13.74 -34.60
C21 PCW SB . 13.99 13.36 -33.20
C22 PCW SB . 15.28 13.61 -32.36
C23 PCW SB . 15.10 14.15 -30.92
C24 PCW SB . 15.47 13.23 -29.80
C25 PCW SB . 16.10 13.79 -28.49
C26 PCW SB . 17.59 13.64 -28.33
C27 PCW SB . 18.11 12.71 -27.20
C28 PCW SB . 19.28 11.88 -27.70
C31 PCW SB . 4.36 13.45 -42.31
C32 PCW SB . 3.60 14.74 -41.97
C33 PCW SB . 4.06 15.46 -40.61
C34 PCW SB . 3.28 16.75 -40.35
C35 PCW SB . 2.86 16.65 -38.82
C36 PCW SB . 3.52 17.76 -37.97
C37 PCW SB . 3.16 17.74 -36.45
C38 PCW SB . 2.76 19.10 -35.96
C39 PCW SB . 2.41 19.11 -34.49
C40 PCW SB . 2.31 20.18 -33.69
C41 PCW SB . 2.55 21.61 -34.13
C42 PCW SB . 3.62 22.27 -33.13
C43 PCW SB . 5.09 22.13 -33.45
C44 PCW SB . 5.86 22.84 -32.35
C45 PCW SB . 6.58 21.93 -31.39
C46 PCW SB . 8.06 22.13 -31.37
C47 PCW SB . 8.83 21.55 -30.21
C48 PCW SB . 10.32 21.86 -30.34
N PCW SB . 2.86 7.47 -43.18
O2 PCW SB . 5.56 13.78 -42.75
O3 PCW SB . 7.61 12.85 -40.96
O11 PCW SB . 6.74 10.74 -40.87
O31 PCW SB . 3.91 12.27 -42.17
O1P PCW SB . 4.69 11.08 -45.93
O2P PCW SB . 6.36 9.40 -46.75
O3P PCW SB . 7.10 11.29 -45.16
O4P PCW SB . 5.78 9.39 -44.41
P PCW SB . 5.93 10.29 -45.63
C1 PCW TB . -18.05 16.37 -29.13
C2 PCW TB . -17.03 15.73 -28.10
C3 PCW TB . -15.61 16.37 -28.30
C4 PCW TB . -21.50 15.00 -28.79
C5 PCW TB . -22.79 14.38 -29.29
C6 PCW TB . -22.35 12.01 -30.13
C7 PCW TB . -24.18 12.45 -28.56
C8 PCW TB . -24.00 13.07 -30.30
C11 PCW TB . -13.94 14.72 -27.77
C12 PCW TB . -12.99 14.32 -26.67
C13 PCW TB . -11.72 15.23 -26.79
C14 PCW TB . -10.63 14.96 -25.74
C15 PCW TB . -9.53 16.06 -25.61
C16 PCW TB . -8.18 15.44 -25.08
C17 PCW TB . -8.01 15.34 -23.52
C18 PCW TB . -6.60 14.91 -23.10
C19 PCW TB . -5.66 16.11 -22.86
C20 PCW TB . -4.90 16.23 -21.70
C21 PCW TB . -4.77 15.40 -20.49
C22 PCW TB . -3.28 15.49 -20.03
C23 PCW TB . -2.60 14.20 -19.54
C24 PCW TB . -1.11 14.15 -19.59
C25 PCW TB . -0.36 13.94 -20.94
C26 PCW TB . 1.12 14.29 -20.95
C27 PCW TB . 1.94 13.97 -22.23
C28 PCW TB . 1.88 15.13 -23.18
C31 PCW TB . -18.18 15.06 -26.14
C32 PCW TB . -18.57 15.54 -24.73
C33 PCW TB . -17.74 14.90 -23.53
C34 PCW TB . -17.99 15.58 -22.19
C35 PCW TB . -17.33 17.01 -22.31
C36 PCW TB . -16.20 17.24 -21.29
C37 PCW TB . -15.50 18.63 -21.36
C38 PCW TB . -14.02 18.51 -21.34
C39 PCW TB . -13.32 19.84 -21.41
C40 PCW TB . -12.42 20.33 -20.56
C41 PCW TB . -11.94 19.59 -19.32
C42 PCW TB . -10.45 19.08 -19.59
C43 PCW TB . -10.26 17.63 -20.02
C44 PCW TB . -8.77 17.41 -20.19
C45 PCW TB . -7.98 17.27 -18.92
C46 PCW TB . -8.55 16.26 -17.96
C47 PCW TB . -8.46 16.60 -16.50
C48 PCW TB . -9.06 15.50 -15.62
N PCW TB . -22.99 12.97 -29.21
O2 PCW TB . -17.49 16.03 -26.72
O3 PCW TB . -14.68 15.80 -27.37
O11 PCW TB . -14.02 14.20 -28.85
O31 PCW TB . -18.47 13.93 -26.63
O1P PCW TB . -20.41 16.86 -30.77
O2P PCW TB . -19.99 14.76 -32.04
O3P PCW TB . -18.30 15.56 -30.29
O4P PCW TB . -20.45 14.57 -29.70
P PCW TB . -19.83 15.47 -30.76
C1 PCW UB . 11.26 -15.77 -43.00
C2 PCW UB . 11.44 -15.47 -41.46
C3 PCW UB . 10.32 -16.21 -40.65
C4 PCW UB . 10.23 -18.96 -44.93
C5 PCW UB . 10.26 -20.49 -44.97
C6 PCW UB . 10.04 -22.71 -43.72
C7 PCW UB . 9.81 -20.59 -42.52
C8 PCW UB . 8.72 -21.26 -43.85
C11 PCW UB . 9.97 -14.77 -38.75
C12 PCW UB . 10.22 -14.71 -37.27
C13 PCW UB . 11.75 -14.39 -37.03
C14 PCW UB . 12.16 -14.30 -35.56
C15 PCW UB . 13.27 -15.29 -35.11
C16 PCW UB . 12.76 -16.19 -33.93
C17 PCW UB . 12.91 -17.74 -34.09
C18 PCW UB . 14.15 -18.30 -33.37
C19 PCW UB . 13.77 -19.34 -32.29
C20 PCW UB . 14.72 -20.09 -31.63
C21 PCW UB . 16.20 -20.14 -31.72
C22 PCW UB . 16.76 -19.83 -30.30
C23 PCW UB . 17.78 -18.68 -30.18
C24 PCW UB . 18.78 -18.78 -29.08
C25 PCW UB . 20.24 -18.27 -29.28
C26 PCW UB . 21.26 -18.69 -28.24
C27 PCW UB . 21.43 -20.21 -27.98
C28 PCW UB . 22.63 -20.44 -27.09
C31 PCW UB . 13.78 -15.19 -41.23
C32 PCW UB . 15.04 -15.86 -40.66
C33 PCW UB . 15.88 -14.98 -39.61
C34 PCW UB . 15.07 -13.86 -38.95
C35 PCW UB . 15.65 -13.72 -37.48
C36 PCW UB . 14.98 -12.59 -36.69
C37 PCW UB . 15.48 -12.38 -35.23
C38 PCW UB . 14.45 -11.73 -34.37
C39 PCW UB . 14.93 -11.52 -32.96
C40 PCW UB . 14.31 -11.88 -31.83
C41 PCW UB . 12.98 -12.60 -31.78
C42 PCW UB . 12.37 -12.38 -30.32
C43 PCW UB . 13.23 -12.68 -29.10
C44 PCW UB . 12.39 -12.37 -27.87
C45 PCW UB . 12.95 -12.89 -26.57
C46 PCW UB . 13.21 -11.82 -25.55
C47 PCW UB . 14.54 -11.86 -24.84
C48 PCW UB . 14.66 -10.71 -23.83
N PCW UB . 10.20 -21.25 -43.74
O2 PCW UB . 12.75 -15.98 -40.96
O3 PCW UB . 10.48 -15.94 -39.25
O11 PCW UB . 9.39 -13.94 -39.39
O31 PCW UB . 13.75 -14.09 -41.85
O1P PCW UB . 11.11 -16.34 -45.78
O2P PCW UB . 13.37 -17.40 -45.76
O3P PCW UB . 12.38 -16.46 -43.59
O4P PCW UB . 11.58 -18.52 -44.61
P PCW UB . 12.11 -17.16 -45.02
C1 PCW VB . -34.18 -11.23 -17.23
C2 PCW VB . -34.04 -11.92 -15.82
C3 PCW VB . -32.54 -12.30 -15.55
C4 PCW VB . -38.33 -11.77 -16.19
C5 PCW VB . -39.38 -12.60 -16.90
C6 PCW VB . -40.78 -14.56 -16.98
C7 PCW VB . -39.05 -14.45 -15.41
C8 PCW VB . -38.45 -14.77 -17.60
C11 PCW VB . -32.83 -14.22 -14.14
C12 PCW VB . -32.64 -14.67 -12.72
C13 PCW VB . -32.67 -16.25 -12.69
C14 PCW VB . -32.49 -16.87 -11.31
C15 PCW VB . -33.57 -16.49 -10.26
C16 PCW VB . -33.61 -17.53 -9.08
C17 PCW VB . -34.96 -18.27 -8.83
C18 PCW VB . -35.40 -18.24 -7.36
C19 PCW VB . -36.91 -18.52 -7.20
C20 PCW VB . -37.38 -19.58 -6.42
C21 PCW VB . -36.70 -20.62 -5.63
C22 PCW VB . -37.42 -20.65 -4.26
C23 PCW VB . -36.99 -19.59 -3.21
C24 PCW VB . -37.95 -19.30 -2.10
C25 PCW VB . -37.64 -19.75 -0.65
C26 PCW VB . -38.74 -19.53 0.38
C27 PCW VB . -38.33 -19.46 1.86
C28 PCW VB . -37.91 -18.06 2.22
C31 PCW VB . -35.44 -11.42 -13.99
C32 PCW VB . -35.76 -10.33 -12.95
C33 PCW VB . -36.55 -10.80 -11.64
C34 PCW VB . -37.11 -9.64 -10.83
C35 PCW VB . -37.88 -10.31 -9.62
C36 PCW VB . -38.14 -9.32 -8.46
C37 PCW VB . -38.89 -9.91 -7.23
C38 PCW VB . -37.97 -10.64 -6.30
C39 PCW VB . -38.67 -11.22 -5.11
C40 PCW VB . -38.35 -11.04 -3.83
C41 PCW VB . -37.17 -10.20 -3.35
C42 PCW VB . -36.56 -10.93 -2.07
C43 PCW VB . -35.45 -10.22 -1.29
C44 PCW VB . -35.08 -11.14 -0.13
C45 PCW VB . -34.34 -12.40 -0.52
C46 PCW VB . -33.54 -13.01 0.59
C47 PCW VB . -33.11 -14.44 0.40
C48 PCW VB . -32.31 -14.94 1.61
N PCW VB . -39.42 -14.03 -16.73
O2 PCW VB . -34.46 -10.98 -14.76
O3 PCW VB . -32.44 -12.93 -14.26
O11 PCW VB . -33.26 -14.90 -15.04
O31 PCW VB . -36.03 -12.55 -14.08
O1P PCW VB . -37.59 -9.66 -18.07
O2P PCW VB . -36.40 -11.53 -19.24
O3P PCW VB . -35.27 -10.28 -17.29
O4P PCW VB . -37.09 -11.87 -16.96
P PCW VB . -36.64 -10.81 -17.96
C1 PCW WB . -30.74 -6.04 -20.74
C2 PCW WB . -29.66 -4.95 -20.34
C3 PCW WB . -29.90 -3.65 -21.19
C4 PCW WB . -35.07 -3.87 -21.13
C5 PCW WB . -35.89 -3.61 -19.86
C6 PCW WB . -37.91 -3.47 -21.21
C7 PCW WB . -37.99 -2.96 -18.93
C8 PCW WB . -37.77 -5.16 -19.49
C11 PCW WB . -28.77 -1.61 -21.73
C12 PCW WB . -27.76 -0.65 -21.18
C13 PCW WB . -26.70 -0.33 -22.30
C14 PCW WB . -25.60 0.64 -21.87
C15 PCW WB . -24.25 0.51 -22.64
C16 PCW WB . -23.13 1.36 -21.95
C17 PCW WB . -23.47 2.86 -21.61
C18 PCW WB . -22.33 3.59 -20.89
C19 PCW WB . -22.33 3.33 -19.36
C20 PCW WB . -22.35 4.36 -18.45
C21 PCW WB . -22.36 5.84 -18.58
C22 PCW WB . -22.44 6.40 -17.13
C23 PCW WB . -21.12 6.45 -16.32
C24 PCW WB . -20.90 7.66 -15.45
C25 PCW WB . -22.06 8.26 -14.58
C26 PCW WB . -22.46 9.68 -14.89
C27 PCW WB . -21.60 10.83 -14.34
C28 PCW WB . -21.19 11.75 -15.45
C31 PCW WB . -29.57 -5.57 -18.04
C32 PCW WB . -29.73 -5.02 -16.61
C33 PCW WB . -31.21 -5.09 -15.99
C34 PCW WB . -31.22 -5.12 -14.46
C35 PCW WB . -31.10 -3.61 -14.00
C36 PCW WB . -29.81 -3.33 -13.19
C37 PCW WB . -29.61 -1.85 -12.73
C38 PCW WB . -28.77 -1.76 -11.49
C39 PCW WB . -28.57 -0.35 -11.02
C40 PCW WB . -27.41 0.27 -10.86
C41 PCW WB . -26.05 -0.35 -11.15
C42 PCW WB . -24.92 0.55 -10.47
C43 PCW WB . -23.51 -0.01 -10.38
C44 PCW WB . -22.66 1.05 -9.69
C45 PCW WB . -21.85 0.56 -8.51
C46 PCW WB . -20.38 0.37 -8.81
C47 PCW WB . -19.59 1.61 -9.14
C48 PCW WB . -18.13 1.27 -9.43
N PCW WB . -37.31 -3.79 -19.87
O2 PCW WB . -29.80 -4.58 -18.90
O3 PCW WB . -28.94 -2.64 -20.86
O11 PCW WB . -29.36 -1.48 -22.77
O31 PCW WB . -29.26 -6.77 -18.33
O1P PCW WB . -32.62 -4.42 -22.52
O2P PCW WB . -33.36 -6.79 -22.32
O3P PCW WB . -32.10 -5.66 -20.39
O4P PCW WB . -34.40 -5.15 -20.92
P PCW WB . -33.11 -5.51 -21.63
C1 PCW XB . -19.67 3.91 -27.18
C2 PCW XB . -18.71 3.86 -25.93
C3 PCW XB . -17.40 3.10 -26.33
C4 PCW XB . -20.23 7.73 -28.59
C5 PCW XB . -21.44 8.47 -28.01
C6 PCW XB . -22.78 7.19 -26.28
C7 PCW XB . -21.68 9.30 -25.69
C8 PCW XB . -23.06 9.03 -26.90
C11 PCW XB . -16.39 1.85 -24.55
C12 PCW XB . -15.37 2.00 -23.45
C13 PCW XB . -13.96 2.18 -24.11
C14 PCW XB . -12.79 2.33 -23.13
C15 PCW XB . -11.61 3.22 -23.64
C16 PCW XB . -10.24 2.70 -23.07
C17 PCW XB . -9.14 2.28 -24.10
C18 PCW XB . -7.78 2.00 -23.47
C19 PCW XB . -7.28 0.56 -23.77
C20 PCW XB . -5.93 0.24 -23.87
C21 PCW XB . -4.70 1.06 -23.74
C22 PCW XB . -4.19 0.89 -22.28
C23 PCW XB . -3.15 -0.23 -21.99
C24 PCW XB . -3.67 -1.49 -21.39
C25 PCW XB . -2.91 -2.20 -20.23
C26 PCW XB . -3.76 -2.99 -19.25
C27 PCW XB . -3.42 -4.48 -19.07
C28 PCW XB . -4.62 -5.23 -18.58
C31 PCW XB . -19.18 5.84 -24.72
C32 PCW XB . -18.65 7.24 -24.39
C33 PCW XB . -19.43 8.03 -23.23
C34 PCW XB . -18.60 9.10 -22.53
C35 PCW XB . -17.35 8.34 -21.90
C36 PCW XB . -17.41 8.27 -20.36
C37 PCW XB . -16.20 7.54 -19.70
C38 PCW XB . -15.91 8.08 -18.34
C39 PCW XB . -14.73 7.37 -17.70
C40 PCW XB . -14.78 6.48 -16.71
C41 PCW XB . -16.07 6.01 -16.03
C42 PCW XB . -15.67 5.36 -14.63
C43 PCW XB . -16.07 6.08 -13.35
C44 PCW XB . -15.57 5.23 -12.20
C45 PCW XB . -16.62 4.82 -11.20
C46 PCW XB . -16.13 4.79 -9.78
C47 PCW XB . -17.19 4.70 -8.70
C48 PCW XB . -16.57 4.67 -7.30
N PCW XB . -21.82 8.24 -26.66
O2 PCW XB . -18.32 5.25 -25.53
O3 PCW XB . -16.50 3.04 -25.20
O11 PCW XB . -16.97 0.84 -24.82
O31 PCW XB . -20.27 5.36 -24.28
O1P PCW XB . -19.08 5.82 -30.46
O2P PCW XB . -21.12 4.50 -29.90
O3P PCW XB . -19.03 4.37 -28.39
O4P PCW XB . -20.51 6.31 -28.46
P PCW XB . -19.95 5.25 -29.38
C1 PCW YB . -2.32 -12.88 -34.52
C2 PCW YB . -1.02 -12.35 -33.79
C3 PCW YB . -0.67 -13.30 -32.59
C4 PCW YB . -6.05 -12.29 -36.28
C5 PCW YB . -6.70 -13.10 -37.40
C6 PCW YB . -6.05 -15.42 -36.59
C7 PCW YB . -8.01 -15.10 -38.02
C8 PCW YB . -6.24 -14.80 -38.43
C11 PCW YB . 0.36 -12.13 -30.77
C12 PCW YB . 1.71 -11.75 -30.20
C13 PCW YB . 1.79 -12.29 -28.73
C14 PCW YB . 3.11 -12.00 -28.00
C15 PCW YB . 3.29 -10.52 -27.52
C16 PCW YB . 3.99 -10.47 -26.12
C17 PCW YB . 5.23 -9.51 -25.97
C18 PCW YB . 5.85 -9.53 -24.58
C19 PCW YB . 7.38 -9.83 -24.61
C20 PCW YB . 8.24 -9.34 -23.65
C21 PCW YB . 8.05 -8.50 -22.44
C22 PCW YB . 9.46 -8.19 -21.86
C23 PCW YB . 10.00 -6.75 -22.03
C24 PCW YB . 11.49 -6.60 -22.07
C25 PCW YB . 12.29 -6.08 -20.83
C26 PCW YB . 12.87 -4.69 -20.93
C27 PCW YB . 13.06 -3.90 -19.62
C28 PCW YB . 14.18 -2.89 -19.78
C31 PCW YB . 0.28 -11.29 -35.48
C32 PCW YB . 1.52 -11.46 -36.36
C33 PCW YB . 2.81 -10.60 -35.94
C34 PCW YB . 4.04 -11.44 -35.63
C35 PCW YB . 3.74 -12.13 -34.23
C36 PCW YB . 3.95 -13.65 -34.27
C37 PCW YB . 3.66 -14.40 -32.93
C38 PCW YB . 4.51 -13.88 -31.81
C39 PCW YB . 4.24 -14.59 -30.51
C40 PCW YB . 4.83 -15.69 -30.07
C41 PCW YB . 5.92 -16.45 -30.82
C42 PCW YB . 6.38 -17.69 -29.93
C43 PCW YB . 6.41 -19.06 -30.57
C44 PCW YB . 6.87 -20.04 -29.49
C45 PCW YB . 8.36 -20.18 -29.35
C46 PCW YB . 8.86 -19.97 -27.95
C47 PCW YB . 9.76 -21.04 -27.39
C48 PCW YB . 10.19 -20.69 -25.96
N PCW YB . -7.01 -14.47 -37.19
O2 PCW YB . 0.15 -12.38 -34.72
O3 PCW YB . 0.52 -12.84 -31.92
O11 PCW YB . -0.69 -11.84 -30.26
O31 PCW YB . -0.48 -10.27 -35.47
O1P PCW YB . -4.22 -10.91 -34.53
O2P PCW YB . -3.31 -10.00 -36.68
O3P PCW YB . -2.54 -12.29 -35.82
O4P PCW YB . -4.74 -11.92 -36.77
P PCW YB . -3.72 -11.20 -35.91
C1 PCW ZB . -6.21 -22.22 -35.63
C2 PCW ZB . -5.72 -21.11 -34.62
C3 PCW ZB . -6.93 -20.58 -33.77
C4 PCW ZB . -2.23 -21.33 -37.51
C5 PCW ZB . -2.07 -20.91 -38.96
C6 PCW ZB . -0.28 -19.15 -38.48
C7 PCW ZB . -0.74 -19.86 -40.78
C8 PCW ZB . -1.87 -18.97 -39.60
C11 PCW ZB . -6.21 -18.33 -33.36
C12 PCW ZB . -5.72 -17.44 -32.25
C13 PCW ZB . -4.15 -17.46 -32.28
C14 PCW ZB . -3.47 -16.59 -31.21
C15 PCW ZB . -1.99 -16.95 -30.91
C16 PCW ZB . -1.10 -16.83 -32.20
C17 PCW ZB . 0.44 -16.73 -32.01
C18 PCW ZB . 0.87 -16.32 -30.60
C19 PCW ZB . 1.53 -17.48 -29.82
C20 PCW ZB . 2.09 -17.30 -28.56
C21 PCW ZB . 2.23 -16.11 -27.69
C22 PCW ZB . 2.87 -16.59 -26.37
C23 PCW ZB . 4.42 -16.52 -26.25
C24 PCW ZB . 5.02 -15.18 -25.99
C25 PCW ZB . 4.74 -14.42 -24.66
C26 PCW ZB . 5.70 -13.30 -24.32
C27 PCW ZB . 7.04 -13.68 -23.64
C28 PCW ZB . 8.20 -13.14 -24.45
C31 PCW ZB . -3.57 -21.02 -33.62
C32 PCW ZB . -2.65 -21.77 -32.64
C33 PCW ZB . -3.12 -21.78 -31.10
C34 PCW ZB . -1.99 -22.14 -30.15
C35 PCW ZB . -2.68 -22.60 -28.80
C36 PCW ZB . -1.70 -23.27 -27.82
C37 PCW ZB . -2.30 -23.74 -26.46
C38 PCW ZB . -2.46 -22.61 -25.51
C39 PCW ZB . -3.04 -23.04 -24.19
C40 PCW ZB . -3.22 -22.28 -23.11
C41 PCW ZB . -2.84 -20.82 -23.02
C42 PCW ZB . -1.47 -20.67 -22.21
C43 PCW ZB . -0.16 -20.93 -22.93
C44 PCW ZB . 0.96 -20.72 -21.93
C45 PCW ZB . 1.19 -21.86 -20.97
C46 PCW ZB . 0.95 -21.48 -19.53
C47 PCW ZB . 2.18 -21.28 -18.68
C48 PCW ZB . 1.80 -20.91 -17.24
N PCW ZB . -0.94 -20.12 -39.37
O2 PCW ZB . -4.72 -21.70 -33.69
O3 PCW ZB . -6.47 -19.57 -32.86
O11 PCW ZB . -6.33 -18.00 -34.52
O31 PCW ZB . -3.28 -19.97 -34.24
O1P PCW ZB . -3.85 -23.63 -38.28
O2P PCW ZB . -5.63 -21.88 -38.45
O3P PCW ZB . -5.12 -22.98 -36.18
O4P PCW ZB . -3.65 -21.33 -37.24
P PCW ZB . -4.57 -22.48 -37.62
C1 PCW AC . -7.37 -27.10 -34.79
C2 PCW AC . -6.62 -26.68 -33.47
C3 PCW AC . -6.41 -25.13 -33.41
C4 PCW AC . -11.17 -25.31 -33.09
C5 PCW AC . -10.44 -24.07 -32.57
C6 PCW AC . -11.91 -21.99 -32.46
C7 PCW AC . -10.76 -22.81 -30.45
C8 PCW AC . -10.00 -22.15 -32.00
C11 PCW AC . -6.46 -24.18 -31.21
C12 PCW AC . -5.57 -23.93 -30.02
C13 PCW AC . -6.45 -23.89 -28.72
C14 PCW AC . -5.68 -23.64 -27.42
C15 PCW AC . -6.00 -22.30 -26.70
C16 PCW AC . -7.04 -22.50 -25.56
C17 PCW AC . -6.73 -21.84 -24.16
C18 PCW AC . -7.97 -21.50 -23.35
C19 PCW AC . -8.87 -22.73 -23.05
C20 PCW AC . -10.07 -22.61 -22.39
C21 PCW AC . -10.81 -21.45 -21.82
C22 PCW AC . -10.04 -21.02 -20.54
C23 PCW AC . -9.81 -19.51 -20.32
C24 PCW AC . -10.76 -18.79 -19.41
C25 PCW AC . -11.88 -17.87 -19.99
C26 PCW AC . -12.36 -16.76 -19.08
C27 PCW AC . -13.45 -15.81 -19.62
C28 PCW AC . -13.93 -14.88 -18.53
C31 PCW AC . -7.00 -28.17 -31.69
C32 PCW AC . -7.89 -28.45 -30.46
C33 PCW AC . -7.08 -28.83 -29.14
C34 PCW AC . -6.40 -27.63 -28.47
C35 PCW AC . -4.91 -28.09 -28.18
C36 PCW AC . -4.31 -27.42 -26.91
C37 PCW AC . -2.83 -27.81 -26.56
C38 PCW AC . -2.30 -27.01 -25.41
C39 PCW AC . -0.88 -27.39 -25.05
C40 PCW AC . -0.13 -26.85 -24.09
C41 PCW AC . -0.60 -25.76 -23.16
C42 PCW AC . 0.27 -25.84 -21.81
C43 PCW AC . -0.32 -25.25 -20.54
C44 PCW AC . 0.71 -25.46 -19.44
C45 PCW AC . 0.24 -26.25 -18.24
C46 PCW AC . -0.96 -25.65 -17.55
C47 PCW AC . -1.64 -26.51 -16.51
C48 PCW AC . -2.84 -25.78 -15.90
N PCW AC . -11.15 -23.08 -31.82
O2 PCW AC . -7.42 -27.05 -32.27
O3 PCW AC . -5.74 -24.79 -32.19
O11 PCW AC . -7.62 -23.90 -31.27
O31 PCW AC . -6.04 -28.90 -32.07
O1P PCW AC . -10.83 -26.00 -35.89
O2P PCW AC . -10.05 -28.17 -34.96
O3P PCW AC . -8.42 -26.19 -35.19
O4P PCW AC . -10.16 -26.27 -33.48
P PCW AC . -9.93 -26.69 -34.91
C1 PCW BC . -22.77 22.50 -29.55
C2 PCW BC . -21.97 21.65 -28.50
C3 PCW BC . -20.43 21.87 -28.68
C4 PCW BC . -24.92 18.87 -28.72
C5 PCW BC . -26.32 18.27 -28.58
C6 PCW BC . -25.64 16.71 -26.86
C7 PCW BC . -27.90 16.85 -27.46
C8 PCW BC . -27.04 18.57 -26.24
C11 PCW BC . -18.39 20.84 -27.97
C12 PCW BC . -17.82 19.96 -26.87
C13 PCW BC . -16.77 20.81 -26.06
C14 PCW BC . -16.11 20.07 -24.89
C15 PCW BC . -14.83 19.25 -25.25
C16 PCW BC . -14.99 17.75 -24.84
C17 PCW BC . -13.70 16.97 -24.40
C18 PCW BC . -14.00 15.69 -23.63
C19 PCW BC . -12.89 15.34 -22.62
C20 PCW BC . -13.13 14.58 -21.49
C21 PCW BC . -14.37 13.95 -20.95
C22 PCW BC . -14.43 14.32 -19.44
C23 PCW BC . -13.11 14.35 -18.63
C24 PCW BC . -13.22 14.33 -17.15
C25 PCW BC . -12.22 13.52 -16.28
C26 PCW BC . -12.70 12.18 -15.78
C27 PCW BC . -14.15 12.10 -15.24
C28 PCW BC . -14.13 12.06 -13.74
C31 PCW BC . -22.76 21.07 -26.35
C32 PCW BC . -23.07 21.66 -24.95
C33 PCW BC . -22.03 21.25 -23.80
C34 PCW BC . -21.64 19.78 -23.84
C35 PCW BC . -20.94 19.49 -22.44
C36 PCW BC . -21.94 18.98 -21.36
C37 PCW BC . -21.31 18.67 -19.96
C38 PCW BC . -20.38 17.50 -20.02
C39 PCW BC . -19.77 17.18 -18.68
C40 PCW BC . -18.69 17.76 -18.14
C41 PCW BC . -17.90 18.85 -18.80
C42 PCW BC . -18.13 20.20 -17.97
C43 PCW BC . -17.25 20.45 -16.76
C44 PCW BC . -17.70 21.79 -16.18
C45 PCW BC . -17.49 21.95 -14.70
C46 PCW BC . -17.86 23.31 -14.18
C47 PCW BC . -18.51 23.37 -12.82
C48 PCW BC . -18.83 24.81 -12.43
N PCW BC . -26.70 17.63 -27.35
O2 PCW BC . -22.31 22.07 -27.12
O3 PCW BC . -19.70 21.08 -27.72
O11 PCW BC . -17.77 21.23 -28.92
O31 PCW BC . -22.91 19.87 -26.69
O1P PCW BC . -25.15 21.75 -28.41
O2P PCW BC . -26.17 21.62 -30.68
O3P PCW BC . -23.61 21.71 -30.42
O4P PCW BC . -24.91 19.73 -29.89
P PCW BC . -25.03 21.24 -29.82
C1 17F CC . -18.27 -32.78 -25.59
N1 17F CC . -16.75 -33.90 -27.24
O1 17F CC . -19.20 -35.40 -24.96
P1 17F CC . -20.15 -34.25 -24.75
C2 17F CC . -17.99 -33.17 -27.06
O2 17F CC . -21.53 -34.42 -25.33
C3 17F CC . -17.98 -31.91 -27.93
O3 17F CC . -19.62 -32.91 -25.30
C4 17F CC . -21.23 -32.93 -22.75
O4 17F CC . -18.93 -31.14 -27.93
C5 17F CC . -21.30 -32.84 -21.19
O5 17F CC . -16.97 -31.61 -28.68
C6 17F CC . -21.55 -34.26 -20.59
O6 17F CC . -20.37 -33.97 -23.21
C7 17F CC . -22.39 -35.07 -18.59
O7 17F CC . -21.61 -34.23 -19.18
C8 17F CC . -22.24 -34.87 -17.06
O8 17F CC . -23.12 -35.92 -19.04
C9 17F CC . -20.86 -35.33 -16.54
O9 17F CC . -20.13 -32.24 -20.62
C10 17F CC . -20.62 -35.15 -15.00
O10 17F CC . -21.50 -30.64 -19.67
C11 17F CC . -19.60 -34.00 -14.63
C12 17F CC . -19.41 -33.87 -13.08
C17 17F CC . -20.41 -31.18 -19.88
C18 17F CC . -19.17 -30.62 -19.21
C19 17F CC . -19.02 -31.01 -17.71
C20 17F CC . -17.68 -30.46 -17.10
C1X 17F CC . -18.41 -32.76 -12.74
C1Y 17F CC . -17.55 -30.87 -15.61
C1Z 17F CC . -17.55 -29.64 -14.71
C2X 17F CC . -18.21 -32.60 -11.15
C21 17F CC . -17.58 -31.22 -10.75
C22 17F CC . -16.49 -31.10 -10.06
C23 17F CC . -15.66 -32.17 -9.52
C24 17F CC . -16.28 -32.92 -8.34
C25 17F CC . -15.46 -34.04 -7.72
C26 17F CC . -14.07 -33.58 -7.08
C27 17F CC . -13.25 -34.70 -6.47
C28 17F CC . -11.93 -34.07 -5.90
C29 17F CC . -11.03 -33.73 -7.02
C30 17F CC . -9.73 -33.12 -6.62
C31 17F CC . -16.15 -29.02 -14.37
C32 17F CC . -16.18 -27.78 -13.44
C33 17F CC . -14.82 -27.10 -13.49
C34 17F CC . -14.49 -26.01 -12.80
C35 17F CC . -15.38 -25.22 -11.86
C36 17F CC . -14.74 -24.90 -10.49
C37 17F CC . -15.57 -23.87 -9.80
C38 17F CC . -15.05 -22.42 -9.94
C39 17F CC . -15.95 -21.41 -9.21
C40 17F CC . -16.70 -20.54 -10.22
C41 17F CC . -18.24 -20.90 -10.23
C42 17F CC . -19.26 -19.81 -10.63
C1 17F DC . -20.20 -6.89 -31.29
N1 17F DC . -17.82 -7.02 -32.13
O1 17F DC . -20.43 -10.33 -29.80
P1 17F DC . -20.79 -8.86 -29.77
C2 17F DC . -19.01 -6.18 -31.95
O2 17F DC . -22.17 -8.49 -30.23
C3 17F DC . -18.63 -4.94 -31.13
O3 17F DC . -19.77 -8.00 -30.57
C4 17F DC . -20.98 -6.89 -28.04
O4 17F DC . -19.47 -4.10 -30.85
C5 17F DC . -20.78 -6.52 -26.54
O5 17F DC . -17.43 -4.73 -30.70
C6 17F DC . -22.11 -6.69 -25.75
O6 17F DC . -20.68 -8.26 -28.31
C7 17F DC . -22.81 -6.52 -23.50
O7 17F DC . -21.88 -6.36 -24.40
C8 17F DC . -22.10 -6.28 -22.15
O8 17F DC . -23.95 -6.91 -23.58
C9 17F DC . -21.01 -7.36 -21.95
O9 17F DC . -19.72 -7.25 -25.92
C10 17F DC . -20.13 -7.26 -20.65
O10 17F DC . -17.65 -6.52 -26.66
C11 17F DC . -18.60 -7.29 -21.01
C12 17F DC . -17.65 -7.18 -19.77
C17 17F DC . -18.60 -6.54 -25.87
C18 17F DC . -18.54 -5.66 -24.63
C19 17F DC . -17.49 -4.52 -24.70
C20 17F DC . -17.29 -3.81 -23.31
C1X 17F DC . -16.20 -7.23 -20.27
C1Y 17F DC . -16.23 -2.67 -23.41
C1Z 17F DC . -15.68 -2.32 -22.01
C2X 17F DC . -15.14 -7.12 -19.08
C21 17F DC . -14.29 -5.82 -19.21
C22 17F DC . -13.01 -5.77 -19.08
C23 17F DC . -12.07 -6.86 -18.78
C24 17F DC . -11.68 -7.71 -19.98
C25 17F DC . -10.71 -8.84 -19.73
C26 17F DC . -9.71 -8.63 -18.51
C27 17F DC . -8.73 -9.75 -18.24
C28 17F DC . -7.84 -9.33 -17.02
C29 17F DC . -7.04 -8.15 -17.38
C30 17F DC . -6.13 -7.63 -16.30
C31 17F DC . -16.69 -1.68 -21.00
C32 17F DC . -16.12 -1.34 -19.60
C33 17F DC . -16.35 -2.51 -18.65
C34 17F DC . -15.98 -2.55 -17.37
C35 17F DC . -15.28 -1.47 -16.60
C36 17F DC . -15.80 -1.26 -15.14
C37 17F DC . -14.98 -0.22 -14.50
C38 17F DC . -14.51 -0.59 -13.07
C39 17F DC . -13.65 0.52 -12.45
C40 17F DC . -12.29 -0.03 -12.06
C41 17F DC . -11.14 0.65 -12.91
C42 17F DC . -9.78 -0.06 -13.02
C1 17F EC . -23.94 -26.83 -22.74
N1 17F EC . -22.46 -25.56 -24.30
O1 17F EC . -21.84 -28.82 -22.10
P1 17F EC . -23.31 -29.13 -21.89
C2 17F EC . -23.62 -26.42 -24.19
O2 17F EC . -23.76 -30.53 -22.24
C3 17F EC . -24.86 -25.72 -24.79
O3 17F EC . -24.25 -28.18 -22.66
C4 17F EC . -25.08 -29.17 -19.95
O4 17F EC . -25.95 -26.26 -24.80
C5 17F EC . -25.29 -28.93 -18.43
O5 17F EC . -24.79 -24.54 -25.31
C6 17F EC . -26.78 -29.16 -18.05
O6 17F EC . -23.74 -28.94 -20.38
C7 17F EC . -27.71 -29.79 -15.99
O7 17F EC . -26.99 -28.93 -16.67
C8 17F EC . -27.76 -29.29 -14.53
O8 17F EC . -28.26 -30.79 -16.34
C9 17F EC . -28.83 -28.20 -14.30
O9 17F EC . -24.42 -29.72 -17.61
C10 17F EC . -28.95 -27.65 -12.83
O10 17F EC . -23.06 -27.87 -17.38
C11 17F EC . -28.18 -26.30 -12.56
C12 17F EC . -28.35 -25.82 -11.07
C17 17F EC . -23.34 -29.07 -17.23
C18 17F EC . -22.35 -29.97 -16.52
C19 17F EC . -22.96 -31.16 -15.73
C20 17F EC . -23.67 -30.68 -14.41
C1X 17F EC . -27.59 -24.51 -10.85
C1Y 17F EC . -24.26 -31.89 -13.66
C1Z 17F EC . -24.55 -31.55 -12.18
C2X 17F EC . -27.72 -23.96 -9.34
C21 17F EC . -27.18 -22.50 -9.19
C22 17F EC . -26.05 -22.18 -8.66
C23 17F EC . -25.03 -23.10 -8.11
C24 17F EC . -23.62 -22.94 -8.70
C25 17F EC . -22.55 -23.87 -8.16
C26 17F EC . -21.32 -23.16 -7.42
C27 17F EC . -20.27 -24.10 -6.88
C28 17F EC . -19.16 -23.22 -6.18
C29 17F EC . -17.84 -23.72 -6.63
C30 17F EC . -16.67 -22.98 -6.04
C31 17F EC . -25.24 -32.67 -11.33
C32 17F EC . -25.52 -32.28 -9.85
C33 17F EC . -24.38 -32.80 -8.97
C34 17F EC . -24.30 -32.64 -7.66
C35 17F EC . -25.28 -31.94 -6.76
C36 17F EC . -24.79 -30.57 -6.19
C37 17F EC . -24.14 -30.80 -4.88
C38 17F EC . -25.12 -30.91 -3.68
C39 17F EC . -24.37 -31.15 -2.35
C40 17F EC . -25.35 -31.33 -1.19
C41 17F EC . -25.50 -32.86 -0.82
C42 17F EC . -24.33 -33.56 -0.10
C1 17F FC . 11.62 -5.09 -48.53
N1 17F FC . 9.74 -5.01 -50.18
O1 17F FC . 14.98 -4.16 -49.95
P1 17F FC . 13.82 -3.97 -48.99
C2 17F FC . 10.12 -4.85 -48.79
O2 17F FC . 13.40 -2.72 -49.72
C3 17F FC . 9.73 -3.44 -48.31
O3 17F FC . 12.40 -4.38 -49.42
C4 17F FC . 12.91 -2.67 -46.92
O4 17F FC . 9.96 -3.07 -47.16
C5 17F FC . 13.17 -1.58 -45.84
O5 17F FC . 9.14 -2.59 -49.07
C6 17F FC . 12.10 -1.75 -44.73
O6 17F FC . 13.97 -2.88 -47.84
C7 17F FC . 11.39 0.20 -43.73
O7 17F FC . 12.22 -0.79 -43.69
C8 17F FC . 11.64 1.09 -42.47
O8 17F FC . 10.54 0.48 -44.52
C9 17F FC . 10.54 0.91 -41.38
O9 17F FC . 14.50 -1.64 -45.31
C10 17F FC . 10.73 1.79 -40.08
O10 17F FC . 14.95 0.62 -45.27
C11 17F FC . 11.30 3.22 -40.38
C12 17F FC . 11.49 4.11 -39.08
C17 17F FC . 15.21 -0.55 -45.56
C18 17F FC . 16.49 -0.87 -46.30
C19 17F FC . 17.14 0.34 -47.02
C20 17F FC . 18.65 0.52 -46.62
C1X 17F FC . 12.05 5.48 -39.47
C1Y 17F FC . 19.26 1.74 -47.36
C1Z 17F FC . 20.76 1.88 -47.04
C2X 17F FC . 12.26 6.45 -38.21
C21 17F FC . 11.79 7.92 -38.50
C22 17F FC . 12.55 8.96 -38.42
C23 17F FC . 13.97 9.00 -38.05
C24 17F FC . 14.91 8.32 -39.04
C25 17F FC . 16.38 8.35 -38.67
C26 17F FC . 16.67 8.30 -37.10
C27 17F FC . 18.13 8.32 -36.71
C28 17F FC . 18.19 8.25 -35.14
C29 17F FC . 19.26 7.33 -34.76
C30 17F FC . 19.44 7.18 -33.28
C31 17F FC . 21.14 2.17 -45.55
C32 17F FC . 22.65 2.32 -45.26
C33 17F FC . 22.85 2.43 -43.74
C34 17F FC . 24.03 2.57 -43.14
C35 17F FC . 25.39 2.67 -43.81
C36 17F FC . 26.31 1.43 -43.63
C37 17F FC . 27.57 1.85 -42.97
C38 17F FC . 28.69 0.78 -42.96
C39 17F FC . 29.95 1.30 -42.25
C40 17F FC . 30.71 0.13 -41.60
C41 17F FC . 31.45 -0.72 -42.70
C42 17F FC . 31.35 -2.25 -42.69
C1 17F GC . -31.49 3.35 -24.45
N1 17F GC . -31.81 3.89 -26.88
O1 17F GC . -28.78 2.07 -23.39
P1 17F GC . -29.50 3.30 -22.89
C2 17F GC . -31.33 2.91 -25.92
O2 17F GC . -30.44 3.12 -21.73
C3 17F GC . -32.06 1.58 -26.14
O3 17F GC . -30.34 4.00 -24.00
C4 17F GC . -28.91 5.69 -21.91
O4 17F GC . -31.81 0.60 -25.44
C5 17F GC . -27.74 6.62 -21.50
O5 17F GC . -32.96 1.43 -27.06
C6 17F GC . -28.12 8.10 -21.72
O6 17F GC . -28.48 4.43 -22.42
C7 17F GC . -27.08 10.21 -21.68
O7 17F GC . -27.05 8.97 -21.33
C8 17F GC . -25.82 10.89 -21.12
O8 17F GC . -27.90 10.83 -22.31
C9 17F GC . -25.70 12.40 -21.45
O9 17F GC . -27.29 6.38 -20.15
C10 17F GC . -24.42 13.12 -20.88
O10 17F GC . -25.20 5.48 -20.51
C11 17F GC . -23.14 12.20 -20.82
C12 17F GC . -21.90 12.95 -20.24
C17 17F GC . -26.37 5.45 -20.09
C18 17F GC . -26.87 4.19 -19.42
C19 17F GC . -25.98 3.67 -18.26
C20 17F GC . -26.71 3.77 -16.87
C1X 17F GC . -20.68 12.01 -20.21
C1Y 17F GC . -25.78 3.25 -15.75
C1Z 17F GC . -25.80 4.18 -14.55
C2X 17F GC . -19.37 12.71 -19.62
C21 17F GC . -18.45 11.70 -18.87
C22 17F GC . -17.70 11.98 -17.86
C23 17F GC . -17.54 13.28 -17.19
C24 17F GC . -17.76 13.26 -15.68
C25 17F GC . -17.59 14.59 -14.96
C26 17F GC . -16.11 15.21 -14.99
C27 17F GC . -15.95 16.53 -14.27
C28 17F GC . -14.45 16.97 -14.42
C29 17F GC . -14.21 17.43 -15.80
C30 17F GC . -12.81 17.88 -16.07
C31 17F GC . -26.72 3.77 -13.35
C32 17F GC . -26.73 4.75 -12.14
C33 17F GC . -25.58 4.37 -11.20
C34 17F GC . -25.31 5.00 -10.06
C35 17F GC . -26.03 6.19 -9.47
C36 17F GC . -27.05 5.83 -8.35
C37 17F GC . -26.36 5.93 -7.03
C38 17F GC . -26.80 4.88 -5.99
C39 17F GC . -26.05 5.05 -4.67
C40 17F GC . -26.88 5.85 -3.66
C41 17F GC . -26.88 5.14 -2.25
C42 17F GC . -28.19 5.03 -1.48
C1 17F HC . -32.51 -19.24 -21.11
N1 17F HC . -32.01 -17.29 -22.60
O1 17F HC . -35.29 -20.03 -19.93
P1 17F HC . -34.51 -18.76 -19.65
C2 17F HC . -31.63 -18.64 -22.21
O2 17F HC . -35.34 -17.52 -19.36
C3 17F HC . -31.66 -19.55 -23.44
O3 17F HC . -33.55 -18.36 -20.79
C4 17F HC . -32.74 -17.82 -17.96
O4 17F HC . -31.36 -20.73 -23.36
C5 17F HC . -31.87 -18.16 -16.71
O5 17F HC . -31.99 -19.11 -24.61
C6 17F HC . -30.89 -19.32 -17.06
O6 17F HC . -33.56 -18.91 -18.40
C7 17F HC . -30.49 -20.53 -15.10
O7 17F HC . -30.07 -19.65 -15.95
C8 17F HC . -29.42 -20.68 -13.99
O8 17F HC . -31.51 -21.17 -15.07
C9 17F HC . -29.39 -19.47 -13.02
O9 17F HC . -31.17 -17.03 -16.16
C10 17F HC . -28.32 -19.54 -11.87
O10 17F HC . -29.94 -16.76 -18.11
C11 17F HC . -28.30 -18.29 -10.92
C12 17F HC . -27.20 -18.44 -9.81
C17 17F HC . -30.43 -16.37 -17.04
C18 17F HC . -30.16 -14.94 -16.59
C19 17F HC . -28.68 -14.64 -16.26
C20 17F HC . -28.28 -15.12 -14.82
C1X 17F HC . -27.18 -17.22 -8.89
C1Y 17F HC . -26.79 -14.81 -14.53
C1Z 17F HC . -26.65 -13.91 -13.29
C2X 17F HC . -26.05 -17.37 -7.75
C21 17F HC . -26.53 -16.90 -6.34
C22 17F HC . -25.74 -16.43 -5.44
C23 17F HC . -24.28 -16.23 -5.54
C24 17F HC . -23.49 -16.73 -4.35
C25 17F HC . -21.98 -16.55 -4.42
C26 17F HC . -21.14 -17.33 -3.30
C27 17F HC . -19.64 -17.13 -3.39
C28 17F HC . -18.98 -17.96 -2.23
C29 17F HC . -17.73 -17.28 -1.84
C30 17F HC . -16.96 -17.95 -0.73
C31 17F HC . -26.25 -14.61 -11.95
C32 17F HC . -26.13 -13.67 -10.72
C33 17F HC . -24.94 -12.73 -10.90
C34 17F HC . -24.56 -11.81 -10.02
C35 17F HC . -25.21 -11.48 -8.71
C36 17F HC . -25.08 -9.99 -8.25
C37 17F HC . -25.86 -9.12 -9.18
C38 17F HC . -27.33 -8.84 -8.73
C39 17F HC . -28.06 -7.95 -9.76
C40 17F HC . -28.97 -6.95 -9.04
C41 17F HC . -29.68 -5.99 -10.10
C42 17F HC . -30.04 -6.54 -11.48
N LEU A 3 10.73 53.40 -13.42
CA LEU A 3 9.84 54.55 -13.40
C LEU A 3 8.43 54.13 -13.02
N LYS A 4 7.80 53.36 -13.90
CA LYS A 4 6.45 52.87 -13.66
C LYS A 4 6.40 51.97 -12.44
N LEU A 5 7.52 51.31 -12.17
CA LEU A 5 7.62 50.41 -11.03
C LEU A 5 7.86 51.20 -9.75
N LEU A 6 8.28 52.45 -9.91
CA LEU A 6 8.54 53.31 -8.77
C LEU A 6 7.32 54.15 -8.43
N ASP A 7 6.72 54.76 -9.46
CA ASP A 7 5.54 55.58 -9.30
C ASP A 7 4.37 54.74 -8.82
N ASN A 8 4.22 53.55 -9.39
CA ASN A 8 3.15 52.64 -8.98
C ASN A 8 3.38 52.21 -7.54
N TRP A 9 4.65 52.00 -7.20
CA TRP A 9 5.01 51.59 -5.85
C TRP A 9 4.64 52.67 -4.84
N ASP A 10 4.84 53.93 -5.21
CA ASP A 10 4.49 55.05 -4.33
C ASP A 10 2.98 55.11 -4.16
N SER A 11 2.26 54.74 -5.22
CA SER A 11 0.81 54.73 -5.20
C SER A 11 0.33 53.65 -4.23
N VAL A 12 1.14 52.60 -4.07
CA VAL A 12 0.83 51.52 -3.16
C VAL A 12 1.28 51.91 -1.75
N THR A 13 2.40 52.61 -1.68
CA THR A 13 2.94 53.06 -0.40
C THR A 13 1.98 54.07 0.24
N SER A 14 1.39 54.93 -0.57
CA SER A 14 0.45 55.92 -0.09
C SER A 14 -0.85 55.27 0.37
N THR A 15 -1.23 54.17 -0.26
CA THR A 15 -2.45 53.46 0.13
C THR A 15 -2.18 52.67 1.40
N PHE A 16 -0.99 52.10 1.50
CA PHE A 16 -0.59 51.32 2.67
C PHE A 16 -0.52 52.23 3.90
N SER A 17 -0.01 53.44 3.70
CA SER A 17 0.08 54.40 4.80
C SER A 17 -1.31 54.85 5.21
N LYS A 18 -2.18 55.05 4.21
CA LYS A 18 -3.56 55.44 4.46
C LYS A 18 -4.27 54.31 5.18
N LEU A 19 -3.93 53.08 4.82
CA LEU A 19 -4.51 51.91 5.46
C LEU A 19 -4.12 51.90 6.92
N ARG A 20 -2.83 52.15 7.19
CA ARG A 20 -2.33 52.19 8.55
C ARG A 20 -2.99 53.33 9.31
N GLU A 21 -3.20 54.45 8.61
CA GLU A 21 -3.84 55.62 9.20
C GLU A 21 -5.21 55.23 9.75
N GLN A 22 -5.97 54.51 8.95
CA GLN A 22 -7.30 54.07 9.35
C GLN A 22 -7.23 52.87 10.29
N LEU A 23 -6.27 51.98 10.05
CA LEU A 23 -6.09 50.79 10.88
C LEU A 23 -5.94 51.15 12.35
N GLY A 24 -5.29 52.27 12.62
CA GLY A 24 -5.14 52.72 14.00
C GLY A 24 -6.48 52.85 14.69
N PRO A 25 -7.29 53.86 14.34
CA PRO A 25 -8.62 54.04 14.92
C PRO A 25 -9.46 52.79 14.72
N VAL A 26 -9.31 52.13 13.57
CA VAL A 26 -10.06 50.91 13.26
C VAL A 26 -9.88 49.85 14.35
N THR A 27 -8.63 49.61 14.74
CA THR A 27 -8.37 48.62 15.77
C THR A 27 -8.90 49.11 17.11
N GLN A 28 -8.76 50.41 17.35
CA GLN A 28 -9.25 51.01 18.59
C GLN A 28 -10.77 50.86 18.67
N GLU A 29 -11.44 51.15 17.56
CA GLU A 29 -12.89 51.03 17.48
C GLU A 29 -13.28 49.57 17.64
N PHE A 30 -12.52 48.68 17.00
CA PHE A 30 -12.77 47.25 17.10
C PHE A 30 -12.60 46.77 18.53
N TRP A 31 -11.52 47.23 19.17
CA TRP A 31 -11.25 46.87 20.55
C TRP A 31 -12.33 47.42 21.46
N ASP A 32 -12.76 48.66 21.18
CA ASP A 32 -13.82 49.30 21.96
C ASP A 32 -15.09 48.46 21.88
N ASN A 33 -15.43 48.06 20.66
CA ASN A 33 -16.62 47.24 20.43
C ASN A 33 -16.44 45.87 21.05
N LEU A 34 -15.26 45.30 20.88
CA LEU A 34 -14.96 43.98 21.43
C LEU A 34 -14.93 44.01 22.95
N GLU A 35 -14.49 45.12 23.53
CA GLU A 35 -14.46 45.26 24.98
C GLU A 35 -15.88 45.27 25.53
N LYS A 36 -16.77 45.96 24.81
CA LYS A 36 -18.17 46.01 25.22
C LYS A 36 -18.79 44.63 25.03
N GLU A 37 -18.39 43.97 23.95
CA GLU A 37 -18.86 42.64 23.63
C GLU A 37 -18.41 41.67 24.71
N THR A 38 -17.11 41.67 24.99
CA THR A 38 -16.55 40.79 26.00
C THR A 38 -17.11 41.11 27.38
N GLU A 39 -17.37 42.38 27.64
CA GLU A 39 -17.94 42.79 28.92
C GLU A 39 -19.29 42.13 29.09
N GLY A 40 -20.11 42.21 28.05
CA GLY A 40 -21.41 41.58 28.08
C GLY A 40 -21.25 40.08 28.18
N LEU A 41 -20.33 39.54 27.38
CA LEU A 41 -20.04 38.11 27.38
C LEU A 41 -19.58 37.64 28.75
N ARG A 42 -18.80 38.46 29.45
CA ARG A 42 -18.32 38.12 30.78
C ARG A 42 -19.49 38.03 31.74
N GLN A 43 -20.37 39.00 31.65
CA GLN A 43 -21.57 39.02 32.50
C GLN A 43 -22.46 37.85 32.16
N GLU A 44 -22.48 37.49 30.87
CA GLU A 44 -23.26 36.36 30.40
C GLU A 44 -22.63 35.06 30.86
N MET A 45 -21.33 34.92 30.62
CA MET A 45 -20.59 33.71 30.99
C MET A 45 -20.66 33.41 32.48
N SER A 46 -20.67 34.45 33.30
CA SER A 46 -20.76 34.23 34.74
C SER A 46 -22.10 33.58 35.07
N LYS A 47 -23.17 34.16 34.52
CA LYS A 47 -24.51 33.63 34.72
C LYS A 47 -24.61 32.26 34.06
N ASP A 48 -24.02 32.15 32.87
CA ASP A 48 -24.01 30.92 32.10
C ASP A 48 -23.41 29.81 32.95
N LEU A 49 -22.18 30.01 33.39
CA LEU A 49 -21.48 29.04 34.21
C LEU A 49 -22.26 28.75 35.49
N GLU A 50 -22.79 29.80 36.11
CA GLU A 50 -23.57 29.63 37.34
C GLU A 50 -24.80 28.77 37.11
N GLU A 51 -25.62 29.17 36.14
CA GLU A 51 -26.85 28.45 35.83
C GLU A 51 -26.58 27.07 35.22
N VAL A 52 -25.41 26.90 34.63
CA VAL A 52 -25.04 25.62 34.04
C VAL A 52 -24.48 24.69 35.10
N LYS A 53 -23.53 25.17 35.90
CA LYS A 53 -22.93 24.35 36.95
C LYS A 53 -23.93 24.01 38.05
N ALA A 54 -24.69 25.02 38.48
CA ALA A 54 -25.68 24.81 39.52
C ALA A 54 -26.79 23.88 39.04
N LYS A 55 -27.02 23.86 37.75
CA LYS A 55 -28.04 22.99 37.17
C LYS A 55 -27.44 21.66 36.75
N VAL A 56 -26.13 21.62 36.58
CA VAL A 56 -25.46 20.39 36.20
C VAL A 56 -25.44 19.43 37.38
N GLN A 57 -25.56 19.98 38.58
CA GLN A 57 -25.59 19.16 39.79
C GLN A 57 -26.76 18.18 39.71
N PRO A 58 -28.02 18.68 39.58
CA PRO A 58 -29.18 17.79 39.45
C PRO A 58 -29.12 17.02 38.13
N TYR A 59 -28.44 17.57 37.12
CA TYR A 59 -28.29 16.88 35.83
C TYR A 59 -27.54 15.58 36.05
N LEU A 60 -26.35 15.70 36.61
CA LEU A 60 -25.49 14.56 36.89
C LEU A 60 -26.11 13.66 37.94
N ASP A 61 -26.68 14.25 38.98
CA ASP A 61 -27.31 13.49 40.06
C ASP A 61 -28.49 12.69 39.54
N ASP A 62 -29.36 13.34 38.79
CA ASP A 62 -30.54 12.70 38.21
C ASP A 62 -30.13 11.59 37.26
N PHE A 63 -29.20 11.91 36.37
CA PHE A 63 -28.70 10.94 35.41
C PHE A 63 -27.95 9.80 36.11
N GLN A 64 -27.25 10.13 37.19
CA GLN A 64 -26.52 9.11 37.94
C GLN A 64 -27.50 8.17 38.64
N LYS A 65 -28.55 8.73 39.21
CA LYS A 65 -29.58 7.93 39.87
C LYS A 65 -30.18 6.97 38.86
N LYS A 66 -30.49 7.50 37.68
CA LYS A 66 -31.05 6.68 36.62
C LYS A 66 -30.03 5.67 36.13
N TRP A 67 -28.79 6.13 35.93
CA TRP A 67 -27.70 5.26 35.47
C TRP A 67 -27.50 4.11 36.45
N GLN A 68 -27.61 4.41 37.75
CA GLN A 68 -27.47 3.40 38.78
C GLN A 68 -28.53 2.35 38.59
N GLU A 69 -29.79 2.79 38.49
CA GLU A 69 -30.91 1.89 38.28
C GLU A 69 -30.74 1.13 36.98
N GLU A 70 -30.36 1.84 35.92
CA GLU A 70 -30.15 1.25 34.62
C GLU A 70 -29.08 0.16 34.67
N MET A 71 -28.01 0.43 35.41
CA MET A 71 -26.93 -0.53 35.56
C MET A 71 -27.35 -1.68 36.47
N GLU A 72 -28.12 -1.37 37.50
CA GLU A 72 -28.60 -2.38 38.43
C GLU A 72 -29.57 -3.31 37.73
N LEU A 73 -30.52 -2.71 37.02
CA LEU A 73 -31.52 -3.47 36.28
C LEU A 73 -30.83 -4.29 35.20
N TYR A 74 -29.70 -3.77 34.72
CA TYR A 74 -28.90 -4.47 33.73
C TYR A 74 -28.16 -5.61 34.41
N ARG A 75 -27.60 -5.33 35.58
CA ARG A 75 -26.88 -6.33 36.36
C ARG A 75 -27.80 -7.49 36.71
N GLN A 76 -29.02 -7.12 37.09
CA GLN A 76 -30.05 -8.08 37.45
C GLN A 76 -30.54 -8.85 36.22
N LYS A 77 -29.92 -8.57 35.08
CA LYS A 77 -30.25 -9.22 33.84
C LYS A 77 -29.01 -9.90 33.25
N VAL A 78 -27.89 -9.19 33.22
CA VAL A 78 -26.63 -9.72 32.70
C VAL A 78 -26.33 -11.10 33.27
N GLU A 79 -26.59 -11.29 34.56
CA GLU A 79 -26.34 -12.59 35.20
C GLU A 79 -27.34 -13.67 34.75
N PRO A 80 -28.66 -13.49 35.03
CA PRO A 80 -29.67 -14.49 34.63
C PRO A 80 -29.78 -14.67 33.12
N LEU A 81 -29.66 -13.58 32.37
CA LEU A 81 -29.74 -13.64 30.92
C LEU A 81 -28.55 -14.42 30.38
N ARG A 82 -27.41 -14.25 31.03
CA ARG A 82 -26.21 -14.97 30.64
C ARG A 82 -26.41 -16.45 30.91
N ALA A 83 -27.12 -16.74 32.00
CA ALA A 83 -27.42 -18.11 32.36
C ALA A 83 -28.28 -18.74 31.29
N GLU A 84 -29.30 -18.00 30.83
CA GLU A 84 -30.19 -18.48 29.77
C GLU A 84 -29.36 -18.76 28.52
N LEU A 85 -28.51 -17.79 28.18
CA LEU A 85 -27.65 -17.91 27.02
C LEU A 85 -26.67 -19.07 27.19
N GLN A 86 -26.14 -19.21 28.39
CA GLN A 86 -25.19 -20.29 28.69
C GLN A 86 -25.85 -21.65 28.55
N GLU A 87 -26.97 -21.85 29.22
CA GLU A 87 -27.69 -23.11 29.14
C GLU A 87 -28.13 -23.38 27.71
N GLY A 88 -28.69 -22.35 27.08
CA GLY A 88 -29.13 -22.47 25.72
C GLY A 88 -27.97 -22.78 24.79
N ALA A 89 -26.87 -22.08 24.96
CA ALA A 89 -25.69 -22.30 24.14
C ALA A 89 -25.12 -23.68 24.39
N ARG A 90 -25.12 -24.12 25.64
CA ARG A 90 -24.61 -25.45 25.98
C ARG A 90 -25.40 -26.52 25.24
N GLN A 91 -26.72 -26.34 25.18
CA GLN A 91 -27.58 -27.27 24.47
C GLN A 91 -27.31 -27.20 22.98
N LYS A 92 -27.34 -25.98 22.44
CA LYS A 92 -27.08 -25.76 21.02
C LYS A 92 -25.71 -26.30 20.63
N LEU A 93 -24.71 -26.00 21.44
CA LEU A 93 -23.35 -26.47 21.19
C LEU A 93 -23.27 -27.98 21.30
N HIS A 94 -23.91 -28.55 22.33
CA HIS A 94 -23.90 -30.00 22.53
C HIS A 94 -24.53 -30.70 21.34
N GLU A 95 -25.64 -30.16 20.86
CA GLU A 95 -26.34 -30.73 19.71
C GLU A 95 -25.45 -30.61 18.48
N LEU A 96 -24.68 -29.53 18.40
CA LEU A 96 -23.77 -29.30 17.29
C LEU A 96 -22.58 -30.25 17.40
N GLN A 97 -22.05 -30.40 18.61
CA GLN A 97 -20.92 -31.29 18.86
C GLN A 97 -21.27 -32.73 18.50
N GLU A 98 -22.45 -33.15 18.96
CA GLU A 98 -22.93 -34.50 18.71
C GLU A 98 -23.35 -34.66 17.24
N LYS A 99 -23.24 -33.58 16.48
CA LYS A 99 -23.55 -33.60 15.06
C LYS A 99 -22.26 -33.52 14.25
N LEU A 100 -21.32 -32.72 14.74
CA LEU A 100 -20.03 -32.55 14.08
C LEU A 100 -19.23 -33.85 14.12
N SER A 101 -19.54 -34.72 15.07
CA SER A 101 -18.86 -35.99 15.16
C SER A 101 -19.30 -36.95 14.04
N PRO A 102 -20.60 -37.36 13.98
CA PRO A 102 -21.08 -38.25 12.92
C PRO A 102 -20.97 -37.61 11.54
N LEU A 103 -21.46 -36.37 11.42
CA LEU A 103 -21.40 -35.66 10.15
C LEU A 103 -19.96 -35.38 9.75
N GLY A 104 -19.09 -35.24 10.76
CA GLY A 104 -17.69 -34.99 10.50
C GLY A 104 -16.99 -36.24 10.04
N GLU A 105 -17.20 -37.34 10.78
CA GLU A 105 -16.60 -38.61 10.43
C GLU A 105 -17.09 -39.07 9.06
N GLU A 106 -18.38 -38.87 8.82
CA GLU A 106 -18.97 -39.22 7.53
C GLU A 106 -18.44 -38.30 6.44
N MET A 107 -18.23 -37.04 6.78
CA MET A 107 -17.67 -36.07 5.83
C MET A 107 -16.26 -36.50 5.47
N ARG A 108 -15.53 -36.98 6.47
CA ARG A 108 -14.17 -37.46 6.27
C ARG A 108 -14.20 -38.71 5.42
N ASP A 109 -15.17 -39.59 5.67
CA ASP A 109 -15.29 -40.81 4.90
C ASP A 109 -15.67 -40.48 3.47
N ARG A 110 -16.51 -39.47 3.32
CA ARG A 110 -16.92 -39.01 2.00
C ARG A 110 -15.72 -38.38 1.32
N ALA A 111 -14.86 -37.76 2.13
CA ALA A 111 -13.64 -37.14 1.62
C ALA A 111 -12.67 -38.23 1.18
N ARG A 112 -12.71 -39.36 1.89
CA ARG A 112 -11.86 -40.50 1.54
C ARG A 112 -12.19 -40.92 0.12
N ALA A 113 -13.48 -41.18 -0.12
CA ALA A 113 -13.96 -41.59 -1.43
C ALA A 113 -13.74 -40.45 -2.43
N HIS A 114 -13.97 -39.23 -1.98
CA HIS A 114 -13.80 -38.04 -2.81
C HIS A 114 -12.37 -37.96 -3.33
N VAL A 115 -11.42 -37.96 -2.42
CA VAL A 115 -10.00 -37.87 -2.77
C VAL A 115 -9.48 -39.13 -3.44
N ASP A 116 -9.84 -40.29 -2.92
CA ASP A 116 -9.38 -41.56 -3.48
C ASP A 116 -9.84 -41.75 -4.91
N ALA A 117 -11.11 -41.44 -5.18
CA ALA A 117 -11.66 -41.57 -6.53
C ALA A 117 -10.99 -40.56 -7.45
N LEU A 118 -10.62 -39.42 -6.87
CA LEU A 118 -9.94 -38.38 -7.62
C LEU A 118 -8.50 -38.80 -7.88
N ARG A 119 -7.89 -39.44 -6.89
CA ARG A 119 -6.52 -39.93 -7.01
C ARG A 119 -6.39 -40.89 -8.18
N THR A 120 -7.27 -41.89 -8.20
CA THR A 120 -7.28 -42.90 -9.25
C THR A 120 -7.71 -42.32 -10.60
N HIS A 121 -8.17 -41.07 -10.59
CA HIS A 121 -8.58 -40.41 -11.82
C HIS A 121 -7.54 -39.40 -12.26
N LEU A 122 -6.96 -38.70 -11.30
CA LEU A 122 -5.92 -37.70 -11.58
C LEU A 122 -4.62 -38.37 -11.99
N ALA A 123 -4.34 -39.54 -11.43
CA ALA A 123 -3.13 -40.29 -11.77
C ALA A 123 -3.04 -40.53 -13.28
N PRO A 124 -4.04 -41.20 -13.90
CA PRO A 124 -4.04 -41.42 -15.34
C PRO A 124 -4.22 -40.09 -16.08
N TYR A 125 -4.96 -39.17 -15.47
CA TYR A 125 -5.19 -37.86 -16.08
C TYR A 125 -3.88 -37.13 -16.31
N SER A 126 -3.04 -37.09 -15.29
CA SER A 126 -1.75 -36.43 -15.40
C SER A 126 -0.85 -37.20 -16.35
N ASP A 127 -0.94 -38.53 -16.32
CA ASP A 127 -0.15 -39.37 -17.20
C ASP A 127 -0.51 -39.09 -18.66
N GLU A 128 -1.81 -39.04 -18.93
CA GLU A 128 -2.31 -38.75 -20.25
C GLU A 128 -1.99 -37.30 -20.60
N LEU A 129 -1.96 -36.45 -19.58
CA LEU A 129 -1.61 -35.04 -19.77
C LEU A 129 -0.17 -34.95 -20.23
N ARG A 130 0.67 -35.83 -19.69
CA ARG A 130 2.08 -35.88 -20.07
C ARG A 130 2.16 -36.27 -21.54
N GLN A 131 1.27 -37.17 -21.96
CA GLN A 131 1.19 -37.61 -23.35
C GLN A 131 0.88 -36.42 -24.23
N ARG A 132 -0.14 -35.65 -23.83
CA ARG A 132 -0.55 -34.46 -24.57
C ARG A 132 0.57 -33.44 -24.58
N LEU A 133 1.18 -33.23 -23.42
CA LEU A 133 2.28 -32.29 -23.29
C LEU A 133 3.44 -32.73 -24.18
N ALA A 134 3.69 -34.03 -24.23
CA ALA A 134 4.74 -34.58 -25.06
C ALA A 134 4.39 -34.39 -26.53
N ALA A 135 3.12 -34.67 -26.86
CA ALA A 135 2.64 -34.51 -28.22
C ALA A 135 2.80 -33.06 -28.66
N ARG A 136 2.39 -32.14 -27.78
CA ARG A 136 2.50 -30.72 -28.06
C ARG A 136 3.96 -30.32 -28.14
N LEU A 137 4.77 -30.83 -27.22
CA LEU A 137 6.19 -30.53 -27.18
C LEU A 137 6.89 -31.05 -28.43
N GLU A 138 6.49 -32.22 -28.91
CA GLU A 138 7.07 -32.80 -30.11
C GLU A 138 6.63 -32.00 -31.33
N ALA A 139 5.35 -31.64 -31.36
CA ALA A 139 4.82 -30.86 -32.47
C ALA A 139 5.48 -29.49 -32.47
N LEU A 140 5.48 -28.83 -31.30
CA LEU A 140 6.09 -27.52 -31.15
C LEU A 140 7.61 -27.59 -31.32
N LYS A 141 8.16 -28.79 -31.25
CA LYS A 141 9.59 -28.98 -31.42
C LYS A 141 9.94 -28.70 -32.87
N GLU A 142 9.18 -29.30 -33.77
CA GLU A 142 9.36 -29.10 -35.20
C GLU A 142 8.74 -27.77 -35.59
N ASN A 143 7.59 -27.47 -34.97
CA ASN A 143 6.87 -26.23 -35.21
C ASN A 143 7.76 -25.04 -34.87
N GLY A 144 8.34 -25.08 -33.67
CA GLY A 144 9.22 -24.02 -33.23
C GLY A 144 10.56 -24.09 -33.92
N GLY A 145 11.01 -25.32 -34.19
CA GLY A 145 12.28 -25.51 -34.87
C GLY A 145 12.28 -24.84 -36.23
N ALA A 146 11.24 -25.11 -37.01
CA ALA A 146 11.10 -24.53 -38.32
C ALA A 146 10.86 -23.03 -38.19
N ARG A 147 10.11 -22.65 -37.16
CA ARG A 147 9.82 -21.25 -36.90
C ARG A 147 11.09 -20.47 -36.62
N LEU A 148 11.95 -21.00 -35.76
CA LEU A 148 13.20 -20.36 -35.42
C LEU A 148 14.10 -20.25 -36.65
N ALA A 149 14.14 -21.33 -37.43
CA ALA A 149 14.92 -21.36 -38.65
C ALA A 149 14.44 -20.28 -39.60
N GLU A 150 13.13 -20.27 -39.81
CA GLU A 150 12.50 -19.28 -40.68
C GLU A 150 12.66 -17.88 -40.11
N TYR A 151 12.56 -17.76 -38.79
CA TYR A 151 12.71 -16.47 -38.14
C TYR A 151 14.09 -15.89 -38.45
N HIS A 152 15.08 -16.78 -38.51
CA HIS A 152 16.43 -16.36 -38.84
C HIS A 152 16.47 -15.83 -40.26
N ALA A 153 15.80 -16.54 -41.17
CA ALA A 153 15.73 -16.15 -42.57
C ALA A 153 14.98 -14.83 -42.73
N LYS A 154 13.82 -14.74 -42.08
CA LYS A 154 13.01 -13.54 -42.14
C LYS A 154 13.77 -12.36 -41.52
N ALA A 155 14.59 -12.67 -40.52
CA ALA A 155 15.39 -11.65 -39.87
C ALA A 155 16.54 -11.22 -40.77
N THR A 156 17.22 -12.18 -41.39
CA THR A 156 18.33 -11.86 -42.27
C THR A 156 17.85 -11.02 -43.44
N GLU A 157 16.71 -11.40 -44.02
CA GLU A 157 16.14 -10.66 -45.13
C GLU A 157 15.76 -9.26 -44.68
N HIS A 158 15.35 -9.14 -43.42
CA HIS A 158 14.98 -7.86 -42.84
C HIS A 158 16.21 -7.02 -42.55
N LEU A 159 17.23 -7.64 -41.96
CA LEU A 159 18.47 -6.95 -41.63
C LEU A 159 19.18 -6.47 -42.89
N SER A 160 19.18 -7.32 -43.92
CA SER A 160 19.80 -6.98 -45.18
C SER A 160 19.08 -5.82 -45.87
N THR A 161 17.75 -5.84 -45.82
CA THR A 161 16.97 -4.77 -46.42
C THR A 161 17.00 -3.54 -45.51
N LEU A 162 17.35 -3.77 -44.25
CA LEU A 162 17.43 -2.69 -43.27
C LEU A 162 18.72 -1.90 -43.50
N SER A 163 19.79 -2.60 -43.85
CA SER A 163 21.06 -1.95 -44.12
C SER A 163 20.93 -1.10 -45.38
N GLU A 164 20.00 -1.48 -46.25
CA GLU A 164 19.73 -0.76 -47.48
C GLU A 164 18.93 0.51 -47.18
N LYS A 165 18.66 0.71 -45.90
CA LYS A 165 17.94 1.89 -45.42
C LYS A 165 18.82 2.63 -44.42
N ALA A 166 19.40 1.87 -43.49
CA ALA A 166 20.27 2.41 -42.46
C ALA A 166 21.55 3.00 -43.04
N LYS A 167 21.80 2.76 -44.31
CA LYS A 167 22.98 3.31 -44.96
C LYS A 167 22.59 4.36 -46.00
N PRO A 168 21.96 3.98 -47.14
CA PRO A 168 21.57 4.93 -48.18
C PRO A 168 20.60 5.98 -47.68
N ALA A 169 19.53 5.54 -47.03
CA ALA A 169 18.52 6.45 -46.52
C ALA A 169 19.09 7.30 -45.39
N LEU A 170 19.90 6.70 -44.53
CA LEU A 170 20.50 7.44 -43.43
C LEU A 170 21.50 8.47 -43.93
N GLU A 171 22.29 8.10 -44.93
CA GLU A 171 23.26 9.03 -45.52
C GLU A 171 22.51 10.15 -46.21
N ASP A 172 21.38 9.80 -46.84
CA ASP A 172 20.54 10.77 -47.51
C ASP A 172 19.93 11.71 -46.48
N LEU A 173 19.48 11.14 -45.37
CA LEU A 173 18.90 11.91 -44.28
C LEU A 173 19.93 12.86 -43.70
N ARG A 174 21.12 12.34 -43.43
CA ARG A 174 22.21 13.15 -42.88
C ARG A 174 22.63 14.21 -43.90
N GLN A 175 22.57 13.82 -45.18
CA GLN A 175 22.92 14.71 -46.25
C GLN A 175 21.94 15.87 -46.35
N GLY A 176 20.71 15.65 -45.92
CA GLY A 176 19.69 16.68 -45.93
C GLY A 176 19.76 17.46 -44.62
N LEU A 177 19.93 16.72 -43.53
CA LEU A 177 20.01 17.30 -42.19
C LEU A 177 21.09 18.37 -42.08
N LEU A 178 22.22 18.15 -42.73
CA LEU A 178 23.32 19.13 -42.71
C LEU A 178 22.86 20.50 -43.21
N PRO A 179 22.48 20.65 -44.50
CA PRO A 179 22.01 21.93 -45.05
C PRO A 179 20.74 22.40 -44.36
N VAL A 180 19.91 21.46 -43.92
CA VAL A 180 18.67 21.80 -43.22
C VAL A 180 18.98 22.48 -41.89
N LEU A 181 19.90 21.90 -41.13
CA LEU A 181 20.29 22.47 -39.85
C LEU A 181 21.02 23.80 -40.07
N GLU A 182 21.70 23.90 -41.21
CA GLU A 182 22.42 25.11 -41.54
C GLU A 182 21.47 26.23 -41.90
N SER A 183 20.49 25.93 -42.75
CA SER A 183 19.50 26.92 -43.13
C SER A 183 18.69 27.33 -41.92
N PHE A 184 18.34 26.35 -41.09
CA PHE A 184 17.60 26.61 -39.87
C PHE A 184 18.43 27.45 -38.93
N LYS A 185 19.73 27.17 -38.89
CA LYS A 185 20.65 27.92 -38.05
C LYS A 185 20.67 29.39 -38.46
N VAL A 186 20.59 29.63 -39.76
CA VAL A 186 20.57 31.00 -40.29
C VAL A 186 19.35 31.74 -39.74
N SER A 187 18.21 31.05 -39.76
CA SER A 187 16.97 31.61 -39.26
C SER A 187 17.02 31.76 -37.74
N PHE A 188 17.62 30.78 -37.07
CA PHE A 188 17.74 30.81 -35.62
C PHE A 188 18.69 31.92 -35.19
N LEU A 189 19.80 32.06 -35.90
CA LEU A 189 20.79 33.10 -35.59
C LEU A 189 20.13 34.46 -35.65
N SER A 190 19.34 34.70 -36.69
CA SER A 190 18.66 35.97 -36.87
C SER A 190 17.52 36.11 -35.85
N ALA A 191 16.83 35.00 -35.58
CA ALA A 191 15.73 35.01 -34.62
C ALA A 191 16.23 35.37 -33.23
N LEU A 192 17.39 34.84 -32.87
CA LEU A 192 17.99 35.14 -31.57
C LEU A 192 18.29 36.63 -31.48
N GLU A 193 18.80 37.19 -32.58
CA GLU A 193 19.09 38.61 -32.64
C GLU A 193 17.82 39.41 -32.45
N GLU A 194 16.73 38.90 -33.02
CA GLU A 194 15.43 39.55 -32.91
C GLU A 194 15.05 39.71 -31.44
N TYR A 195 15.07 38.59 -30.71
CA TYR A 195 14.73 38.58 -29.29
C TYR A 195 15.62 39.54 -28.48
N THR A 196 16.88 39.63 -28.87
CA THR A 196 17.81 40.48 -28.15
C THR A 196 17.58 41.96 -28.47
N LYS A 197 17.01 42.25 -29.63
CA LYS A 197 16.76 43.63 -30.03
C LYS A 197 15.44 44.18 -29.50
N LYS A 198 14.36 43.45 -29.67
CA LYS A 198 13.04 43.92 -29.24
C LYS A 198 12.69 43.58 -27.79
N LEU A 199 13.72 43.26 -26.99
CA LEU A 199 13.51 42.94 -25.58
C LEU A 199 14.59 43.59 -24.73
N ASN A 200 15.48 44.33 -25.37
CA ASN A 200 16.58 44.99 -24.68
C ASN A 200 17.06 46.22 -25.43
N MET B 3 5.07 -9.54 4.11
CA MET B 3 5.46 -9.89 5.50
C MET B 3 5.78 -8.63 6.29
N THR B 4 6.18 -8.80 7.55
CA THR B 4 6.52 -7.69 8.40
C THR B 4 7.84 -7.04 7.96
N GLU B 5 7.73 -6.02 7.12
CA GLU B 5 8.89 -5.30 6.62
C GLU B 5 9.27 -4.17 7.56
N TYR B 6 10.55 -4.06 7.87
CA TYR B 6 11.03 -3.01 8.75
C TYR B 6 12.04 -2.14 8.03
N LYS B 7 11.63 -0.91 7.76
CA LYS B 7 12.46 0.04 7.04
C LYS B 7 13.35 0.81 8.00
N LEU B 8 14.66 0.67 7.80
CA LEU B 8 15.65 1.33 8.63
C LEU B 8 16.81 1.80 7.74
N VAL B 9 17.51 2.84 8.18
CA VAL B 9 18.65 3.35 7.44
C VAL B 9 19.80 3.64 8.41
N VAL B 10 21.02 3.34 7.99
CA VAL B 10 22.20 3.52 8.85
C VAL B 10 22.77 4.94 8.78
N VAL B 11 23.27 5.40 9.93
CA VAL B 11 23.88 6.74 10.05
C VAL B 11 25.23 6.59 10.77
N GLY B 12 26.07 7.61 10.70
CA GLY B 12 27.35 7.55 11.36
C GLY B 12 28.41 8.37 10.64
N ALA B 13 29.52 8.60 11.32
CA ALA B 13 30.63 9.38 10.75
C ALA B 13 31.33 8.60 9.64
N VAL B 14 31.98 9.32 8.74
CA VAL B 14 32.69 8.73 7.62
C VAL B 14 33.93 7.96 8.09
N GLY B 15 33.73 6.68 8.41
CA GLY B 15 34.83 5.86 8.86
C GLY B 15 34.43 4.86 9.93
N VAL B 16 33.25 5.05 10.51
CA VAL B 16 32.74 4.17 11.57
C VAL B 16 32.38 2.77 11.06
N GLY B 17 32.44 2.57 9.75
CA GLY B 17 32.12 1.26 9.20
C GLY B 17 30.65 1.16 8.84
N LYS B 18 30.19 2.13 8.06
CA LYS B 18 28.80 2.21 7.62
C LYS B 18 28.34 0.91 6.96
N SER B 19 28.84 0.66 5.74
CA SER B 19 28.45 -0.53 4.99
C SER B 19 29.18 -1.78 5.48
N ALA B 20 30.05 -1.62 6.46
CA ALA B 20 30.80 -2.74 7.01
C ALA B 20 29.86 -3.73 7.70
N LEU B 21 28.92 -3.19 8.45
CA LEU B 21 27.95 -4.02 9.15
C LEU B 21 26.83 -4.45 8.21
N THR B 22 26.63 -3.69 7.16
CA THR B 22 25.59 -3.99 6.18
C THR B 22 25.95 -5.22 5.35
N ILE B 23 27.11 -5.18 4.71
CA ILE B 23 27.58 -6.28 3.88
C ILE B 23 27.76 -7.55 4.72
N GLN B 24 28.15 -7.34 5.97
CA GLN B 24 28.37 -8.44 6.90
C GLN B 24 27.06 -9.16 7.23
N LEU B 25 25.95 -8.44 7.12
CA LEU B 25 24.64 -9.02 7.41
C LEU B 25 23.95 -9.49 6.13
N ILE B 26 24.12 -8.73 5.06
CA ILE B 26 23.50 -9.06 3.78
C ILE B 26 24.21 -10.20 3.07
N GLN B 27 25.48 -10.01 2.72
CA GLN B 27 26.23 -11.04 2.02
C GLN B 27 27.11 -11.86 2.96
N ASN B 28 27.08 -11.50 4.24
CA ASN B 28 27.87 -12.19 5.26
C ASN B 28 29.36 -12.10 4.95
N HIS B 29 29.75 -11.01 4.31
CA HIS B 29 31.15 -10.82 3.92
C HIS B 29 31.74 -9.58 4.57
N PHE B 30 32.97 -9.70 5.05
CA PHE B 30 33.66 -8.58 5.68
C PHE B 30 34.59 -7.91 4.66
N VAL B 31 34.41 -6.61 4.47
CA VAL B 31 35.23 -5.85 3.53
C VAL B 31 36.39 -5.17 4.24
N ASP B 32 37.45 -4.88 3.49
CA ASP B 32 38.63 -4.23 4.06
C ASP B 32 38.93 -2.94 3.29
N GLU B 33 38.33 -2.83 2.12
CA GLU B 33 38.51 -1.67 1.27
C GLU B 33 37.63 -0.50 1.72
N TYR B 34 38.13 0.71 1.49
CA TYR B 34 37.39 1.91 1.86
C TYR B 34 36.39 2.26 0.77
N ASP B 35 35.19 1.70 0.87
CA ASP B 35 34.14 1.95 -0.10
C ASP B 35 33.11 2.95 0.42
N PRO B 36 33.12 4.17 -0.09
CA PRO B 36 32.18 5.21 0.31
C PRO B 36 30.86 5.15 -0.47
N THR B 37 29.74 5.10 0.25
CA THR B 37 28.44 5.05 -0.40
C THR B 37 27.56 6.21 0.08
N ILE B 38 26.92 6.88 -0.87
CA ILE B 38 26.05 8.00 -0.57
C ILE B 38 24.59 7.54 -0.52
N GLU B 39 24.11 7.05 -1.66
CA GLU B 39 22.75 6.55 -1.77
C GLU B 39 22.81 5.09 -2.21
N ASP B 40 22.73 4.17 -1.25
CA ASP B 40 22.79 2.74 -1.54
C ASP B 40 21.56 2.04 -0.98
N SER B 41 21.26 0.86 -1.50
CA SER B 41 20.08 0.11 -1.06
C SER B 41 20.42 -1.34 -0.71
N TYR B 42 19.81 -1.84 0.36
CA TYR B 42 20.02 -3.22 0.82
C TYR B 42 18.74 -3.75 1.47
N ARG B 43 18.42 -5.02 1.22
CA ARG B 43 17.23 -5.64 1.79
C ARG B 43 17.41 -7.15 1.89
N LYS B 44 17.10 -7.71 3.05
CA LYS B 44 17.22 -9.15 3.28
C LYS B 44 16.13 -9.63 4.23
N GLN B 45 15.71 -10.88 4.07
CA GLN B 45 14.68 -11.46 4.95
C GLN B 45 15.33 -12.27 6.06
N VAL B 46 14.84 -12.10 7.28
CA VAL B 46 15.36 -12.82 8.44
C VAL B 46 14.22 -13.34 9.30
N VAL B 47 14.56 -14.12 10.31
CA VAL B 47 13.57 -14.67 11.22
C VAL B 47 13.98 -14.36 12.65
N ILE B 48 13.35 -13.35 13.23
CA ILE B 48 13.65 -12.95 14.60
C ILE B 48 12.54 -13.39 15.55
N ASP B 49 12.90 -14.28 16.47
CA ASP B 49 11.98 -14.81 17.48
C ASP B 49 10.93 -15.72 16.86
N GLY B 50 11.33 -16.42 15.81
CA GLY B 50 10.43 -17.32 15.13
C GLY B 50 9.54 -16.63 14.11
N GLU B 51 9.47 -15.31 14.20
CA GLU B 51 8.64 -14.52 13.30
C GLU B 51 9.44 -13.99 12.13
N THR B 52 8.92 -14.19 10.93
CA THR B 52 9.57 -13.72 9.72
C THR B 52 9.51 -12.20 9.62
N CYS B 53 10.62 -11.58 9.27
CA CYS B 53 10.69 -10.13 9.14
C CYS B 53 11.62 -9.75 7.99
N LEU B 54 11.23 -8.73 7.25
CA LEU B 54 12.03 -8.26 6.13
C LEU B 54 12.83 -7.03 6.55
N LEU B 55 14.14 -7.15 6.52
CA LEU B 55 15.01 -6.04 6.89
C LEU B 55 15.34 -5.17 5.69
N ASP B 56 14.65 -4.05 5.61
CA ASP B 56 14.86 -3.09 4.55
C ASP B 56 15.78 -2.00 5.11
N ILE B 57 17.04 -2.00 4.67
CA ILE B 57 17.99 -1.06 5.21
C ILE B 57 18.84 -0.35 4.15
N LEU B 58 18.37 0.78 3.66
CA LEU B 58 19.16 1.55 2.70
C LEU B 58 20.40 2.16 3.38
N ASP B 59 21.44 2.42 2.60
CA ASP B 59 22.68 2.97 3.13
C ASP B 59 22.75 4.47 2.85
N THR B 60 22.39 5.27 3.85
CA THR B 60 22.41 6.72 3.72
C THR B 60 23.72 7.32 4.19
N ALA B 61 24.29 8.22 3.40
CA ALA B 61 25.54 8.89 3.74
C ALA B 61 25.38 9.73 5.01
N GLY B 62 26.48 9.91 5.74
CA GLY B 62 26.44 10.68 6.96
C GLY B 62 26.76 12.14 6.74
N GLN B 63 27.70 12.40 5.85
CA GLN B 63 28.12 13.76 5.55
C GLN B 63 27.20 14.39 4.51
N GLU B 64 26.24 15.16 4.96
CA GLU B 64 25.29 15.84 4.09
C GLU B 64 24.56 16.92 4.87
N GLU B 65 24.36 18.08 4.25
CA GLU B 65 23.69 19.20 4.91
C GLU B 65 22.18 19.14 4.72
N TYR B 66 21.51 20.19 5.14
CA TYR B 66 20.06 20.27 5.03
C TYR B 66 19.62 20.58 3.60
N SER B 67 19.30 19.53 2.86
CA SER B 67 18.86 19.66 1.49
C SER B 67 17.41 19.23 1.37
N ALA B 68 16.87 19.29 0.16
CA ALA B 68 15.49 18.91 -0.08
C ALA B 68 15.30 17.41 0.01
N MET B 69 16.35 16.66 -0.33
CA MET B 69 16.29 15.21 -0.29
C MET B 69 16.63 14.67 1.10
N ARG B 70 17.59 15.32 1.76
CA ARG B 70 18.04 14.92 3.09
C ARG B 70 16.89 14.73 4.08
N ASP B 71 16.18 15.81 4.37
CA ASP B 71 15.09 15.76 5.33
C ASP B 71 13.88 15.00 4.78
N GLN B 72 13.80 14.90 3.45
CA GLN B 72 12.69 14.20 2.80
C GLN B 72 12.73 12.71 3.07
N TYR B 73 13.88 12.09 2.84
CA TYR B 73 14.01 10.66 3.02
C TYR B 73 14.05 10.26 4.49
N MET B 74 14.57 11.15 5.34
CA MET B 74 14.66 10.88 6.77
C MET B 74 13.30 10.95 7.43
N ARG B 75 12.57 9.84 7.39
CA ARG B 75 11.24 9.75 7.98
C ARG B 75 10.69 8.33 7.82
N THR B 76 11.06 7.68 6.72
CA THR B 76 10.61 6.33 6.40
C THR B 76 10.99 5.31 7.47
N GLY B 77 12.12 5.52 8.15
CA GLY B 77 12.58 4.59 9.14
C GLY B 77 11.89 4.72 10.48
N GLU B 78 11.68 3.57 11.12
CA GLU B 78 11.03 3.53 12.44
C GLU B 78 12.09 3.49 13.55
N GLY B 79 13.10 2.65 13.35
CA GLY B 79 14.16 2.51 14.34
C GLY B 79 15.46 3.07 13.83
N PHE B 80 16.35 3.44 14.74
CA PHE B 80 17.64 4.01 14.36
C PHE B 80 18.79 3.42 15.16
N LEU B 81 19.95 3.31 14.52
CA LEU B 81 21.13 2.77 15.16
C LEU B 81 22.27 3.78 15.12
N CYS B 82 22.75 4.19 16.29
CA CYS B 82 23.85 5.14 16.37
C CYS B 82 25.17 4.40 16.49
N VAL B 83 25.90 4.34 15.39
CA VAL B 83 27.18 3.65 15.36
C VAL B 83 28.34 4.59 15.66
N PHE B 84 29.04 4.31 16.76
CA PHE B 84 30.18 5.10 17.15
C PHE B 84 31.38 4.19 17.41
N ALA B 85 32.56 4.78 17.57
CA ALA B 85 33.76 4.00 17.81
C ALA B 85 34.28 4.19 19.22
N ILE B 86 34.61 3.09 19.88
CA ILE B 86 35.13 3.14 21.24
C ILE B 86 36.57 3.66 21.27
N ASN B 87 37.14 3.79 20.08
CA ASN B 87 38.50 4.28 19.93
C ASN B 87 38.50 5.70 19.34
N ASN B 88 37.32 6.29 19.34
CA ASN B 88 37.14 7.63 18.82
C ASN B 88 36.11 8.38 19.64
N THR B 89 36.58 9.15 20.62
CA THR B 89 35.70 9.90 21.50
C THR B 89 34.85 10.92 20.74
N LYS B 90 35.31 11.35 19.58
CA LYS B 90 34.58 12.29 18.76
C LYS B 90 33.21 11.72 18.39
N SER B 91 33.21 10.50 17.88
CA SER B 91 31.98 9.83 17.47
C SER B 91 31.04 9.63 18.67
N PHE B 92 31.62 9.50 19.86
CA PHE B 92 30.84 9.31 21.08
C PHE B 92 30.02 10.58 21.39
N GLU B 93 30.63 11.73 21.16
CA GLU B 93 29.96 13.00 21.39
C GLU B 93 29.07 13.34 20.20
N ASP B 94 29.44 12.81 19.04
CA ASP B 94 28.70 13.03 17.80
C ASP B 94 27.28 12.47 17.89
N ILE B 95 27.13 11.43 18.72
CA ILE B 95 25.84 10.76 18.90
C ILE B 95 24.73 11.74 19.29
N HIS B 96 25.06 12.71 20.14
CA HIS B 96 24.10 13.70 20.60
C HIS B 96 23.44 14.43 19.43
N HIS B 97 24.24 14.80 18.43
CA HIS B 97 23.73 15.51 17.26
C HIS B 97 22.80 14.65 16.43
N TYR B 98 23.16 13.37 16.26
CA TYR B 98 22.35 12.44 15.49
C TYR B 98 21.01 12.18 16.16
N ARG B 99 21.06 11.96 17.47
CA ARG B 99 19.86 11.70 18.25
C ARG B 99 18.85 12.85 18.14
N GLU B 100 19.33 14.08 18.33
CA GLU B 100 18.47 15.25 18.25
C GLU B 100 17.91 15.43 16.85
N GLN B 101 18.70 15.05 15.84
CA GLN B 101 18.26 15.15 14.46
C GLN B 101 17.09 14.20 14.20
N ILE B 102 17.21 12.98 14.73
CA ILE B 102 16.18 11.96 14.58
C ILE B 102 14.89 12.42 15.26
N LYS B 103 15.04 12.99 16.44
CA LYS B 103 13.88 13.49 17.21
C LYS B 103 13.12 14.55 16.44
N ARG B 104 13.84 15.38 15.70
CA ARG B 104 13.23 16.45 14.92
C ARG B 104 12.49 15.91 13.70
N VAL B 105 13.16 15.04 12.93
CA VAL B 105 12.57 14.48 11.72
C VAL B 105 11.37 13.57 12.00
N LYS B 106 11.42 12.83 13.11
CA LYS B 106 10.32 11.94 13.47
C LYS B 106 9.28 12.67 14.32
N ASP B 107 9.67 13.83 14.85
CA ASP B 107 8.79 14.65 15.69
C ASP B 107 8.25 13.85 16.87
N SER B 108 9.16 13.28 17.63
CA SER B 108 8.83 12.49 18.80
C SER B 108 10.07 12.25 19.63
N GLU B 109 9.94 12.37 20.95
CA GLU B 109 11.07 12.16 21.83
C GLU B 109 11.20 10.70 22.23
N ASP B 110 10.29 9.88 21.74
CA ASP B 110 10.31 8.45 22.04
C ASP B 110 10.48 7.65 20.76
N VAL B 111 11.73 7.50 20.34
CA VAL B 111 12.04 6.76 19.13
C VAL B 111 12.90 5.56 19.51
N PRO B 112 12.61 4.37 18.94
CA PRO B 112 13.39 3.16 19.21
C PRO B 112 14.81 3.30 18.67
N MET B 113 15.70 3.84 19.50
CA MET B 113 17.09 4.04 19.11
C MET B 113 17.98 3.01 19.79
N VAL B 114 18.98 2.55 19.06
CA VAL B 114 19.92 1.57 19.57
C VAL B 114 21.34 2.14 19.53
N LEU B 115 21.97 2.22 20.69
CA LEU B 115 23.33 2.73 20.80
C LEU B 115 24.31 1.56 20.64
N VAL B 116 25.17 1.64 19.65
CA VAL B 116 26.13 0.58 19.41
C VAL B 116 27.55 1.09 19.23
N GLY B 117 28.44 0.61 20.07
CA GLY B 117 29.84 1.00 19.98
C GLY B 117 30.60 -0.06 19.23
N ASN B 118 31.17 0.30 18.09
CA ASN B 118 31.89 -0.67 17.26
C ASN B 118 33.40 -0.58 17.47
N LYS B 119 34.10 -1.57 16.89
CA LYS B 119 35.56 -1.65 16.96
C LYS B 119 36.06 -1.79 18.39
N CYS B 120 35.30 -2.54 19.21
CA CYS B 120 35.69 -2.76 20.60
C CYS B 120 36.86 -3.72 20.71
N ASP B 121 37.24 -4.30 19.58
CA ASP B 121 38.36 -5.23 19.53
C ASP B 121 39.67 -4.49 19.38
N LEU B 122 39.58 -3.18 19.21
CA LEU B 122 40.76 -2.33 19.07
C LEU B 122 41.28 -1.91 20.44
N PRO B 123 42.59 -2.03 20.66
CA PRO B 123 43.22 -1.67 21.94
C PRO B 123 43.35 -0.16 22.13
N SER B 124 43.03 0.60 21.10
CA SER B 124 43.11 2.04 21.15
C SER B 124 41.84 2.64 21.78
N ARG B 125 41.28 1.90 22.72
CA ARG B 125 40.04 2.31 23.39
C ARG B 125 40.20 3.62 24.16
N THR B 126 39.34 4.58 23.87
CA THR B 126 39.35 5.86 24.55
C THR B 126 38.06 6.05 25.35
N VAL B 127 37.06 5.25 25.02
CA VAL B 127 35.76 5.30 25.69
C VAL B 127 35.50 4.00 26.45
N ASP B 128 35.22 4.12 27.74
CA ASP B 128 34.94 2.96 28.58
C ASP B 128 33.52 2.48 28.39
N THR B 129 33.23 1.29 28.90
CA THR B 129 31.91 0.71 28.77
C THR B 129 30.86 1.52 29.53
N LYS B 130 31.19 1.91 30.77
CA LYS B 130 30.27 2.68 31.59
C LYS B 130 29.93 4.03 30.95
N GLN B 131 30.88 4.61 30.25
CA GLN B 131 30.65 5.90 29.59
C GLN B 131 29.48 5.80 28.63
N ALA B 132 29.48 4.75 27.83
CA ALA B 132 28.42 4.54 26.85
C ALA B 132 27.16 3.98 27.52
N GLN B 133 27.35 3.06 28.46
CA GLN B 133 26.23 2.44 29.18
C GLN B 133 25.44 3.49 29.96
N ASP B 134 26.14 4.42 30.59
CA ASP B 134 25.50 5.48 31.37
C ASP B 134 24.77 6.44 30.45
N LEU B 135 25.41 6.74 29.31
CA LEU B 135 24.85 7.64 28.32
C LEU B 135 23.51 7.11 27.80
N ALA B 136 23.51 5.83 27.44
CA ALA B 136 22.30 5.19 26.93
C ALA B 136 21.22 5.14 28.02
N ARG B 137 21.66 4.91 29.25
CA ARG B 137 20.74 4.83 30.38
C ARG B 137 19.99 6.14 30.58
N SER B 138 20.65 7.26 30.34
CA SER B 138 20.02 8.56 30.47
C SER B 138 19.05 8.83 29.33
N TYR B 139 19.27 8.15 28.22
CA TYR B 139 18.40 8.30 27.04
C TYR B 139 17.16 7.43 27.17
N GLY B 140 17.32 6.30 27.85
CA GLY B 140 16.23 5.37 28.04
C GLY B 140 16.26 4.25 27.02
N ILE B 141 17.43 4.06 26.42
CA ILE B 141 17.64 3.03 25.40
C ILE B 141 18.79 2.12 25.80
N PRO B 142 18.89 0.92 25.22
CA PRO B 142 19.95 -0.04 25.52
C PRO B 142 21.24 0.26 24.76
N PHE B 143 22.33 -0.37 25.21
CA PHE B 143 23.63 -0.20 24.57
C PHE B 143 24.24 -1.55 24.27
N ILE B 144 24.71 -1.71 23.04
CA ILE B 144 25.31 -2.97 22.61
C ILE B 144 26.74 -2.72 22.10
N GLU B 145 27.67 -3.53 22.59
CA GLU B 145 29.07 -3.43 22.17
C GLU B 145 29.24 -4.30 20.94
N THR B 146 29.79 -3.74 19.86
CA THR B 146 29.93 -4.49 18.63
C THR B 146 31.32 -4.38 18.00
N SER B 147 31.59 -5.29 17.08
CA SER B 147 32.84 -5.32 16.35
C SER B 147 32.59 -5.96 14.99
N ALA B 148 32.75 -5.19 13.92
CA ALA B 148 32.53 -5.71 12.58
C ALA B 148 33.57 -6.76 12.22
N LYS B 149 34.75 -6.62 12.80
CA LYS B 149 35.85 -7.54 12.56
C LYS B 149 35.52 -8.97 13.00
N THR B 150 35.15 -9.13 14.26
CA THR B 150 34.83 -10.45 14.79
C THR B 150 33.35 -10.78 14.64
N ARG B 151 32.59 -9.81 14.14
CA ARG B 151 31.15 -9.98 13.94
C ARG B 151 30.42 -10.24 15.26
N GLN B 152 30.98 -9.72 16.34
CA GLN B 152 30.42 -9.90 17.66
C GLN B 152 29.41 -8.81 17.99
N GLY B 153 28.22 -9.22 18.40
CA GLY B 153 27.18 -8.28 18.77
C GLY B 153 26.45 -7.68 17.58
N VAL B 154 26.89 -8.01 16.38
CA VAL B 154 26.29 -7.48 15.16
C VAL B 154 24.82 -7.86 15.07
N ASP B 155 24.54 -9.15 15.13
CA ASP B 155 23.17 -9.65 15.05
C ASP B 155 22.37 -9.20 16.26
N ASP B 156 23.03 -9.21 17.42
CA ASP B 156 22.41 -8.81 18.68
C ASP B 156 21.87 -7.39 18.61
N ALA B 157 22.62 -6.50 17.98
CA ALA B 157 22.21 -5.11 17.82
C ALA B 157 20.90 -5.01 17.05
N PHE B 158 20.81 -5.74 15.94
CA PHE B 158 19.62 -5.74 15.10
C PHE B 158 18.43 -6.34 15.84
N TYR B 159 18.66 -7.44 16.54
CA TYR B 159 17.59 -8.10 17.29
C TYR B 159 17.00 -7.14 18.32
N THR B 160 17.89 -6.43 19.01
CA THR B 160 17.49 -5.48 20.03
C THR B 160 16.63 -4.38 19.42
N LEU B 161 17.07 -3.84 18.29
CA LEU B 161 16.34 -2.78 17.62
C LEU B 161 14.93 -3.21 17.28
N VAL B 162 14.80 -4.38 16.66
CA VAL B 162 13.48 -4.90 16.29
C VAL B 162 12.60 -5.07 17.52
N ARG B 163 13.19 -5.58 18.60
CA ARG B 163 12.44 -5.79 19.84
C ARG B 163 12.04 -4.48 20.50
N GLU B 164 12.90 -3.47 20.38
CA GLU B 164 12.61 -2.16 20.94
C GLU B 164 11.44 -1.52 20.19
N ILE B 165 11.43 -1.68 18.87
CA ILE B 165 10.35 -1.15 18.05
C ILE B 165 9.04 -1.84 18.39
N ARG B 166 9.10 -3.15 18.60
CA ARG B 166 7.92 -3.93 18.95
C ARG B 166 7.27 -3.36 20.22
N LYS B 167 8.10 -3.13 21.23
CA LYS B 167 7.64 -2.58 22.49
C LYS B 167 7.07 -1.19 22.29
N HIS B 168 7.69 -0.42 21.40
CA HIS B 168 7.22 0.93 21.10
C HIS B 168 5.84 0.89 20.46
N LYS B 169 5.64 -0.09 19.58
CA LYS B 169 4.36 -0.27 18.90
C LYS B 169 3.29 -0.63 19.93
N GLU B 170 3.63 -1.55 20.82
CA GLU B 170 2.72 -1.98 21.88
C GLU B 170 2.43 -0.81 22.81
N LYS B 171 3.44 0.02 23.01
CA LYS B 171 3.35 1.19 23.86
C LYS B 171 2.31 2.15 23.29
N MET B 172 2.24 2.25 21.97
CA MET B 172 1.28 3.14 21.32
C MET B 172 -0.11 2.51 21.27
N SER B 173 -0.20 1.22 21.57
CA SER B 173 -1.47 0.52 21.57
C SER B 173 -2.21 0.73 22.89
N LYS B 174 -1.44 0.76 23.98
CA LYS B 174 -2.00 0.97 25.30
C LYS B 174 -1.86 2.43 25.72
N ASP B 175 -0.80 3.06 25.22
CA ASP B 175 -0.48 4.46 25.51
C ASP B 175 -0.16 4.70 26.99
N GLY B 176 0.21 5.93 27.32
CA GLY B 176 0.56 6.27 28.68
C GLY B 176 0.49 7.75 28.91
N LYS B 177 0.03 8.14 30.10
CA LYS B 177 -0.09 9.55 30.45
C LYS B 177 1.28 10.22 30.52
N LYS B 178 2.13 9.75 31.42
CA LYS B 178 3.46 10.31 31.58
C LYS B 178 4.45 9.26 32.06
N LYS B 179 5.55 9.14 31.35
CA LYS B 179 6.59 8.17 31.71
C LYS B 179 7.77 8.90 32.34
N LYS B 180 8.51 8.19 33.17
CA LYS B 180 9.67 8.77 33.85
C LYS B 180 10.86 7.82 33.72
N LYS B 181 12.03 8.27 34.19
CA LYS B 181 13.24 7.48 34.12
C LYS B 181 13.18 6.31 35.11
N LYS B 182 12.65 6.59 36.29
CA LYS B 182 12.52 5.57 37.33
C LYS B 182 11.06 5.14 37.50
N SER B 183 10.77 3.91 37.09
CA SER B 183 9.42 3.39 37.19
C SER B 183 8.96 3.23 38.63
N LYS B 184 7.66 3.34 38.85
CA LYS B 184 7.08 3.22 40.16
C LYS B 184 6.02 2.11 40.17
N THR B 185 5.71 1.60 41.35
CA THR B 185 4.74 0.53 41.49
C THR B 185 3.35 0.99 41.06
N LYS B 186 2.95 2.17 41.51
CA LYS B 186 1.65 2.72 41.16
C LYS B 186 1.70 3.39 39.79
N CYS B 187 0.59 3.34 39.07
CA CYS B 187 0.52 3.94 37.74
C CYS B 187 0.37 5.45 37.83
N LEU C 3 12.35 22.43 -48.63
CA LEU C 3 12.60 22.62 -50.04
C LEU C 3 13.09 21.31 -50.63
N LYS C 4 13.69 20.49 -49.78
CA LYS C 4 14.20 19.20 -50.18
C LYS C 4 13.23 18.11 -49.71
N LEU C 5 11.97 18.50 -49.54
CA LEU C 5 10.94 17.60 -49.09
C LEU C 5 10.77 16.44 -50.06
N LEU C 6 10.81 16.75 -51.35
CA LEU C 6 10.69 15.73 -52.39
C LEU C 6 11.87 14.75 -52.30
N ASP C 7 13.02 15.28 -51.91
CA ASP C 7 14.23 14.50 -51.77
C ASP C 7 14.09 13.56 -50.59
N ASN C 8 13.55 14.08 -49.50
CA ASN C 8 13.33 13.29 -48.29
C ASN C 8 12.30 12.19 -48.58
N TRP C 9 11.27 12.56 -49.34
CA TRP C 9 10.22 11.62 -49.71
C TRP C 9 10.76 10.55 -50.66
N ASP C 10 11.86 10.86 -51.35
CA ASP C 10 12.48 9.91 -52.26
C ASP C 10 13.07 8.75 -51.46
N SER C 11 13.75 9.09 -50.38
CA SER C 11 14.33 8.07 -49.51
C SER C 11 13.21 7.24 -48.88
N VAL C 12 12.10 7.92 -48.60
CA VAL C 12 10.93 7.27 -48.02
C VAL C 12 10.26 6.35 -49.02
N THR C 13 10.13 6.80 -50.27
CA THR C 13 9.50 5.98 -51.31
C THR C 13 10.32 4.73 -51.57
N SER C 14 11.65 4.87 -51.57
CA SER C 14 12.53 3.73 -51.76
C SER C 14 12.35 2.78 -50.57
N THR C 15 12.15 3.38 -49.39
CA THR C 15 11.93 2.61 -48.18
C THR C 15 10.62 1.83 -48.29
N PHE C 16 9.59 2.47 -48.84
CA PHE C 16 8.30 1.83 -49.05
C PHE C 16 8.45 0.64 -49.96
N SER C 17 9.19 0.83 -51.05
CA SER C 17 9.44 -0.25 -52.00
C SER C 17 10.24 -1.36 -51.31
N LYS C 18 11.21 -0.96 -50.49
CA LYS C 18 12.02 -1.91 -49.75
C LYS C 18 11.16 -2.67 -48.75
N LEU C 19 10.16 -2.00 -48.20
CA LEU C 19 9.24 -2.64 -47.27
C LEU C 19 8.42 -3.68 -48.02
N ARG C 20 8.02 -3.32 -49.24
CA ARG C 20 7.25 -4.21 -50.10
C ARG C 20 8.07 -5.44 -50.47
N GLU C 21 9.39 -5.28 -50.51
CA GLU C 21 10.28 -6.40 -50.80
C GLU C 21 10.21 -7.40 -49.66
N GLN C 22 10.11 -6.88 -48.43
CA GLN C 22 10.01 -7.71 -47.25
C GLN C 22 8.60 -8.27 -47.13
N LEU C 23 7.66 -7.57 -47.76
CA LEU C 23 6.27 -7.98 -47.76
C LEU C 23 6.00 -9.02 -48.83
N GLY C 24 7.05 -9.49 -49.47
CA GLY C 24 6.93 -10.50 -50.50
C GLY C 24 7.32 -11.87 -49.99
N PRO C 25 8.59 -12.26 -50.17
CA PRO C 25 9.10 -13.57 -49.72
C PRO C 25 8.89 -13.81 -48.23
N VAL C 26 9.10 -12.78 -47.42
CA VAL C 26 8.95 -12.90 -45.98
C VAL C 26 7.50 -13.23 -45.58
N THR C 27 6.54 -12.57 -46.22
CA THR C 27 5.13 -12.82 -45.90
C THR C 27 4.70 -14.19 -46.38
N GLN C 28 5.12 -14.55 -47.60
CA GLN C 28 4.79 -15.85 -48.16
C GLN C 28 5.35 -16.94 -47.26
N GLU C 29 6.58 -16.74 -46.84
CA GLU C 29 7.25 -17.69 -45.95
C GLU C 29 6.51 -17.72 -44.62
N PHE C 30 6.04 -16.55 -44.18
CA PHE C 30 5.30 -16.44 -42.93
C PHE C 30 3.96 -17.16 -43.05
N TRP C 31 3.37 -17.13 -44.23
CA TRP C 31 2.10 -17.80 -44.48
C TRP C 31 2.30 -19.30 -44.38
N ASP C 32 3.40 -19.78 -44.94
CA ASP C 32 3.73 -21.21 -44.90
C ASP C 32 4.12 -21.56 -43.47
N ASN C 33 4.63 -20.57 -42.76
CA ASN C 33 5.01 -20.73 -41.35
C ASN C 33 3.77 -20.90 -40.51
N LEU C 34 2.78 -20.03 -40.74
CA LEU C 34 1.51 -20.08 -40.04
C LEU C 34 0.82 -21.39 -40.37
N GLU C 35 1.03 -21.87 -41.60
CA GLU C 35 0.48 -23.13 -42.04
C GLU C 35 1.10 -24.27 -41.25
N LYS C 36 2.41 -24.19 -41.03
CA LYS C 36 3.11 -25.20 -40.25
C LYS C 36 2.56 -25.19 -38.82
N GLU C 37 2.23 -24.00 -38.34
CA GLU C 37 1.64 -23.84 -37.03
C GLU C 37 0.29 -24.56 -37.03
N THR C 38 -0.49 -24.31 -38.08
CA THR C 38 -1.79 -24.94 -38.23
C THR C 38 -1.63 -26.46 -38.30
N GLU C 39 -0.63 -26.91 -39.04
CA GLU C 39 -0.35 -28.34 -39.17
C GLU C 39 0.02 -28.94 -37.82
N GLY C 40 0.87 -28.24 -37.09
CA GLY C 40 1.26 -28.69 -35.77
C GLY C 40 0.06 -28.71 -34.85
N LEU C 41 -0.71 -27.63 -34.89
CA LEU C 41 -1.91 -27.51 -34.07
C LEU C 41 -2.95 -28.55 -34.48
N ARG C 42 -2.92 -28.95 -35.74
CA ARG C 42 -3.84 -29.97 -36.23
C ARG C 42 -3.51 -31.31 -35.60
N GLN C 43 -2.25 -31.45 -35.17
CA GLN C 43 -1.78 -32.66 -34.50
C GLN C 43 -1.97 -32.52 -32.99
N GLU C 44 -1.80 -31.30 -32.50
CA GLU C 44 -1.94 -31.02 -31.08
C GLU C 44 -3.42 -30.97 -30.69
N MET C 45 -4.17 -30.10 -31.36
CA MET C 45 -5.60 -29.91 -31.08
C MET C 45 -6.41 -31.18 -31.27
N SER C 46 -6.05 -32.00 -32.25
CA SER C 46 -6.78 -33.24 -32.50
C SER C 46 -6.70 -34.13 -31.26
N LYS C 47 -5.47 -34.38 -30.82
CA LYS C 47 -5.25 -35.21 -29.64
C LYS C 47 -5.84 -34.53 -28.41
N ASP C 48 -5.61 -33.23 -28.29
CA ASP C 48 -6.13 -32.45 -27.16
C ASP C 48 -7.64 -32.54 -27.09
N LEU C 49 -8.31 -32.39 -28.23
CA LEU C 49 -9.77 -32.45 -28.28
C LEU C 49 -10.28 -33.86 -28.07
N GLU C 50 -9.71 -34.82 -28.79
CA GLU C 50 -10.13 -36.21 -28.68
C GLU C 50 -9.91 -36.73 -27.27
N GLU C 51 -8.81 -36.30 -26.66
CA GLU C 51 -8.49 -36.70 -25.30
C GLU C 51 -9.34 -35.93 -24.30
N VAL C 52 -9.60 -34.66 -24.59
CA VAL C 52 -10.42 -33.85 -23.69
C VAL C 52 -11.85 -34.38 -23.63
N LYS C 53 -12.35 -34.87 -24.76
CA LYS C 53 -13.69 -35.44 -24.80
C LYS C 53 -13.69 -36.73 -24.01
N ALA C 54 -12.62 -37.50 -24.13
CA ALA C 54 -12.46 -38.76 -23.43
C ALA C 54 -12.13 -38.53 -21.96
N LYS C 55 -11.77 -37.29 -21.63
CA LYS C 55 -11.44 -36.93 -20.25
C LYS C 55 -12.64 -36.29 -19.57
N VAL C 56 -13.33 -35.40 -20.29
CA VAL C 56 -14.49 -34.71 -19.77
C VAL C 56 -15.60 -35.70 -19.41
N GLN C 57 -15.76 -36.75 -20.22
CA GLN C 57 -16.79 -37.76 -19.96
C GLN C 57 -16.66 -38.34 -18.55
N PRO C 58 -15.54 -39.03 -18.22
CA PRO C 58 -15.35 -39.61 -16.90
C PRO C 58 -15.13 -38.53 -15.84
N TYR C 59 -14.64 -37.37 -16.27
CA TYR C 59 -14.41 -36.26 -15.35
C TYR C 59 -15.75 -35.80 -14.79
N LEU C 60 -16.68 -35.48 -15.67
CA LEU C 60 -18.00 -35.05 -15.27
C LEU C 60 -18.79 -36.21 -14.70
N ASP C 61 -18.50 -37.41 -15.20
CA ASP C 61 -19.17 -38.62 -14.72
C ASP C 61 -18.89 -38.79 -13.24
N ASP C 62 -17.61 -38.68 -12.86
CA ASP C 62 -17.23 -38.81 -11.47
C ASP C 62 -17.52 -37.51 -10.73
N PHE C 63 -17.49 -36.40 -11.46
CA PHE C 63 -17.79 -35.10 -10.87
C PHE C 63 -19.23 -35.11 -10.38
N GLN C 64 -20.10 -35.73 -11.16
CA GLN C 64 -21.50 -35.85 -10.82
C GLN C 64 -21.62 -36.68 -9.54
N LYS C 65 -20.82 -37.74 -9.46
CA LYS C 65 -20.80 -38.59 -8.29
C LYS C 65 -20.35 -37.78 -7.09
N LYS C 66 -19.26 -37.05 -7.26
CA LYS C 66 -18.70 -36.21 -6.20
C LYS C 66 -19.73 -35.15 -5.78
N TRP C 67 -20.36 -34.54 -6.77
CA TRP C 67 -21.36 -33.52 -6.50
C TRP C 67 -22.57 -34.13 -5.80
N GLN C 68 -22.93 -35.34 -6.19
CA GLN C 68 -24.05 -36.04 -5.56
C GLN C 68 -23.68 -36.47 -4.15
N GLU C 69 -22.41 -36.84 -3.96
CA GLU C 69 -21.91 -37.23 -2.64
C GLU C 69 -22.11 -36.06 -1.69
N GLU C 70 -21.71 -34.88 -2.15
CA GLU C 70 -21.84 -33.66 -1.37
C GLU C 70 -23.26 -33.13 -1.38
N MET C 71 -24.00 -33.42 -2.45
CA MET C 71 -25.40 -33.00 -2.55
C MET C 71 -26.18 -33.67 -1.44
N GLU C 72 -26.03 -34.99 -1.35
CA GLU C 72 -26.69 -35.77 -0.31
C GLU C 72 -26.07 -35.40 1.03
N LEU C 73 -24.76 -35.21 1.04
CA LEU C 73 -24.04 -34.83 2.24
C LEU C 73 -24.57 -33.51 2.81
N TYR C 74 -24.71 -32.52 1.95
CA TYR C 74 -25.21 -31.22 2.36
C TYR C 74 -26.69 -31.32 2.69
N ARG C 75 -27.41 -32.14 1.93
CA ARG C 75 -28.83 -32.33 2.17
C ARG C 75 -29.05 -32.95 3.55
N GLN C 76 -28.27 -33.97 3.85
CA GLN C 76 -28.36 -34.66 5.14
C GLN C 76 -27.65 -33.88 6.23
N LYS C 77 -27.18 -32.69 5.89
CA LYS C 77 -26.52 -31.82 6.84
C LYS C 77 -27.41 -30.62 7.11
N VAL C 78 -27.90 -30.01 6.03
CA VAL C 78 -28.77 -28.85 6.11
C VAL C 78 -30.10 -29.22 6.74
N GLU C 79 -30.64 -30.39 6.42
CA GLU C 79 -31.92 -30.82 7.00
C GLU C 79 -31.88 -30.82 8.53
N PRO C 80 -30.98 -31.61 9.17
CA PRO C 80 -30.87 -31.64 10.63
C PRO C 80 -30.39 -30.30 11.18
N LEU C 81 -29.43 -29.68 10.50
CA LEU C 81 -28.90 -28.39 10.94
C LEU C 81 -29.99 -27.34 10.93
N ARG C 82 -30.87 -27.39 9.94
CA ARG C 82 -31.99 -26.44 9.85
C ARG C 82 -32.91 -26.65 11.03
N ALA C 83 -33.06 -27.91 11.45
CA ALA C 83 -33.89 -28.23 12.59
C ALA C 83 -33.22 -27.70 13.85
N GLU C 84 -31.91 -27.95 13.97
CA GLU C 84 -31.13 -27.48 15.10
C GLU C 84 -31.13 -25.96 15.13
N LEU C 85 -30.97 -25.35 13.96
CA LEU C 85 -30.97 -23.91 13.81
C LEU C 85 -32.33 -23.35 14.17
N GLN C 86 -33.38 -24.06 13.75
CA GLN C 86 -34.74 -23.65 14.04
C GLN C 86 -35.01 -23.74 15.53
N GLU C 87 -34.65 -24.88 16.13
CA GLU C 87 -34.83 -25.06 17.57
C GLU C 87 -33.98 -24.07 18.33
N GLY C 88 -32.76 -23.87 17.85
CA GLY C 88 -31.86 -22.92 18.46
C GLY C 88 -32.37 -21.52 18.31
N ALA C 89 -32.98 -21.22 17.17
CA ALA C 89 -33.53 -19.91 16.90
C ALA C 89 -34.81 -19.70 17.69
N ARG C 90 -35.59 -20.77 17.84
CA ARG C 90 -36.83 -20.70 18.61
C ARG C 90 -36.50 -20.39 20.06
N GLN C 91 -35.49 -21.07 20.58
CA GLN C 91 -35.03 -20.82 21.94
C GLN C 91 -34.44 -19.43 22.01
N LYS C 92 -33.66 -19.07 20.98
CA LYS C 92 -33.04 -17.76 20.91
C LYS C 92 -34.11 -16.68 20.86
N LEU C 93 -35.22 -16.98 20.20
CA LEU C 93 -36.33 -16.05 20.10
C LEU C 93 -36.90 -15.85 21.48
N HIS C 94 -37.08 -16.95 22.21
CA HIS C 94 -37.58 -16.89 23.57
C HIS C 94 -36.57 -16.15 24.43
N GLU C 95 -35.30 -16.47 24.24
CA GLU C 95 -34.21 -15.82 24.97
C GLU C 95 -34.24 -14.32 24.70
N LEU C 96 -34.35 -13.95 23.43
CA LEU C 96 -34.40 -12.56 23.03
C LEU C 96 -35.68 -11.88 23.51
N GLN C 97 -36.82 -12.53 23.32
CA GLN C 97 -38.10 -11.96 23.76
C GLN C 97 -38.15 -11.79 25.27
N GLU C 98 -37.53 -12.72 25.98
CA GLU C 98 -37.47 -12.67 27.44
C GLU C 98 -36.59 -11.51 27.90
N LYS C 99 -35.95 -10.87 26.94
CA LYS C 99 -35.08 -9.74 27.21
C LYS C 99 -35.64 -8.47 26.58
N LEU C 100 -35.94 -8.56 25.29
CA LEU C 100 -36.48 -7.43 24.53
C LEU C 100 -37.79 -6.88 25.10
N SER C 101 -38.62 -7.76 25.64
CA SER C 101 -39.89 -7.31 26.22
C SER C 101 -39.67 -6.50 27.50
N PRO C 102 -39.07 -7.10 28.57
CA PRO C 102 -38.82 -6.38 29.82
C PRO C 102 -37.87 -5.21 29.60
N LEU C 103 -36.80 -5.42 28.83
CA LEU C 103 -35.84 -4.36 28.55
C LEU C 103 -36.47 -3.29 27.69
N GLY C 104 -37.44 -3.69 26.88
CA GLY C 104 -38.14 -2.75 26.03
C GLY C 104 -38.98 -1.80 26.86
N GLU C 105 -39.75 -2.38 27.79
CA GLU C 105 -40.58 -1.60 28.67
C GLU C 105 -39.70 -0.80 29.62
N GLU C 106 -38.62 -1.43 30.05
CA GLU C 106 -37.65 -0.79 30.94
C GLU C 106 -37.00 0.38 30.21
N MET C 107 -36.57 0.15 28.97
CA MET C 107 -35.95 1.19 28.17
C MET C 107 -36.94 2.32 27.94
N ARG C 108 -38.22 1.95 27.82
CA ARG C 108 -39.28 2.94 27.65
C ARG C 108 -39.35 3.79 28.90
N ASP C 109 -39.32 3.14 30.06
CA ASP C 109 -39.36 3.84 31.34
C ASP C 109 -38.10 4.69 31.49
N ARG C 110 -36.97 4.11 31.07
CA ARG C 110 -35.69 4.80 31.13
C ARG C 110 -35.76 6.03 30.24
N ALA C 111 -36.28 5.85 29.03
CA ALA C 111 -36.43 6.93 28.07
C ALA C 111 -37.40 7.96 28.62
N ARG C 112 -38.44 7.49 29.30
CA ARG C 112 -39.42 8.39 29.91
C ARG C 112 -38.70 9.26 30.92
N ALA C 113 -37.98 8.62 31.82
CA ALA C 113 -37.23 9.32 32.86
C ALA C 113 -36.12 10.17 32.25
N HIS C 114 -35.64 9.77 31.08
CA HIS C 114 -34.59 10.50 30.37
C HIS C 114 -35.17 11.74 29.71
N VAL C 115 -36.14 11.52 28.82
CA VAL C 115 -36.79 12.60 28.08
C VAL C 115 -37.58 13.53 29.00
N ASP C 116 -38.30 12.98 29.97
CA ASP C 116 -39.07 13.80 30.88
C ASP C 116 -38.15 14.73 31.66
N ALA C 117 -37.00 14.19 32.05
CA ALA C 117 -36.02 14.99 32.75
C ALA C 117 -35.46 16.02 31.79
N LEU C 118 -35.19 15.58 30.57
CA LEU C 118 -34.68 16.45 29.51
C LEU C 118 -35.64 17.60 29.27
N ARG C 119 -36.94 17.34 29.38
CA ARG C 119 -37.95 18.37 29.18
C ARG C 119 -37.70 19.52 30.16
N THR C 120 -37.54 19.18 31.43
CA THR C 120 -37.29 20.17 32.47
C THR C 120 -35.79 20.51 32.57
N HIS C 121 -35.01 19.99 31.64
CA HIS C 121 -33.57 20.25 31.62
C HIS C 121 -33.18 21.05 30.39
N LEU C 122 -34.03 20.99 29.37
CA LEU C 122 -33.79 21.71 28.12
C LEU C 122 -34.65 22.95 28.03
N ALA C 123 -35.87 22.87 28.56
CA ALA C 123 -36.78 24.02 28.54
C ALA C 123 -36.17 25.23 29.25
N PRO C 124 -35.73 25.11 30.52
CA PRO C 124 -35.12 26.22 31.23
C PRO C 124 -33.76 26.56 30.63
N TYR C 125 -33.09 25.56 30.08
CA TYR C 125 -31.78 25.73 29.45
C TYR C 125 -31.89 26.61 28.21
N SER C 126 -32.81 26.25 27.32
CA SER C 126 -33.02 27.02 26.10
C SER C 126 -33.53 28.41 26.44
N ASP C 127 -34.34 28.50 27.49
CA ASP C 127 -34.87 29.79 27.93
C ASP C 127 -33.73 30.65 28.48
N GLU C 128 -32.83 30.02 29.23
CA GLU C 128 -31.67 30.72 29.77
C GLU C 128 -30.83 31.23 28.61
N LEU C 129 -30.68 30.37 27.60
CA LEU C 129 -29.94 30.73 26.41
C LEU C 129 -30.61 31.89 25.71
N ARG C 130 -31.95 31.89 25.70
CA ARG C 130 -32.71 32.97 25.09
C ARG C 130 -32.40 34.29 25.77
N GLN C 131 -32.33 34.25 27.10
CA GLN C 131 -32.03 35.44 27.88
C GLN C 131 -30.62 35.93 27.59
N ARG C 132 -29.68 35.00 27.53
CA ARG C 132 -28.28 35.32 27.24
C ARG C 132 -28.16 35.80 25.80
N LEU C 133 -28.74 35.05 24.88
CA LEU C 133 -28.71 35.40 23.47
C LEU C 133 -29.36 36.75 23.23
N ALA C 134 -30.34 37.09 24.05
CA ALA C 134 -31.02 38.37 23.93
C ALA C 134 -30.03 39.48 24.21
N ALA C 135 -29.32 39.37 25.32
CA ALA C 135 -28.33 40.36 25.71
C ALA C 135 -27.17 40.33 24.71
N ARG C 136 -26.80 39.13 24.29
CA ARG C 136 -25.73 38.95 23.33
C ARG C 136 -26.08 39.62 22.01
N LEU C 137 -27.28 39.36 21.53
CA LEU C 137 -27.75 39.96 20.28
C LEU C 137 -27.86 41.46 20.44
N GLU C 138 -28.31 41.90 21.61
CA GLU C 138 -28.43 43.32 21.89
C GLU C 138 -27.05 43.98 21.89
N ALA C 139 -26.07 43.27 22.45
CA ALA C 139 -24.70 43.77 22.48
C ALA C 139 -24.19 43.87 21.05
N LEU C 140 -24.40 42.80 20.28
CA LEU C 140 -23.98 42.75 18.88
C LEU C 140 -24.73 43.79 18.07
N LYS C 141 -25.95 44.09 18.49
CA LYS C 141 -26.77 45.10 17.82
C LYS C 141 -26.24 46.49 18.11
N GLU C 142 -26.01 46.77 19.38
CA GLU C 142 -25.49 48.06 19.80
C GLU C 142 -24.13 48.31 19.18
N ASN C 143 -23.23 47.34 19.35
CA ASN C 143 -21.89 47.43 18.80
C ASN C 143 -21.95 47.39 17.28
N GLY C 144 -22.88 46.59 16.76
CA GLY C 144 -23.06 46.48 15.32
C GLY C 144 -23.52 47.79 14.72
N GLY C 145 -24.45 48.46 15.41
CA GLY C 145 -24.93 49.75 14.95
C GLY C 145 -23.81 50.77 14.95
N ALA C 146 -22.91 50.64 15.91
CA ALA C 146 -21.77 51.52 16.01
C ALA C 146 -20.80 51.16 14.89
N ARG C 147 -20.59 49.85 14.71
CA ARG C 147 -19.70 49.33 13.68
C ARG C 147 -20.17 49.80 12.31
N LEU C 148 -21.47 49.75 12.07
CA LEU C 148 -22.03 50.19 10.81
C LEU C 148 -21.65 51.63 10.53
N ALA C 149 -21.71 52.46 11.56
CA ALA C 149 -21.34 53.86 11.45
C ALA C 149 -19.85 53.98 11.22
N GLU C 150 -19.08 53.22 12.00
CA GLU C 150 -17.63 53.20 11.88
C GLU C 150 -17.21 52.76 10.48
N TYR C 151 -17.78 51.65 10.03
CA TYR C 151 -17.50 51.10 8.71
C TYR C 151 -17.81 52.14 7.64
N HIS C 152 -18.96 52.77 7.74
CA HIS C 152 -19.37 53.79 6.77
C HIS C 152 -18.41 54.97 6.80
N ALA C 153 -18.07 55.41 8.00
CA ALA C 153 -17.15 56.53 8.17
C ALA C 153 -15.79 56.20 7.57
N LYS C 154 -15.23 55.06 7.96
CA LYS C 154 -13.94 54.63 7.45
C LYS C 154 -14.00 54.35 5.95
N ALA C 155 -15.15 53.85 5.49
CA ALA C 155 -15.33 53.58 4.07
C ALA C 155 -15.30 54.87 3.29
N THR C 156 -15.95 55.90 3.85
CA THR C 156 -15.99 57.22 3.24
C THR C 156 -14.57 57.77 3.14
N GLU C 157 -13.82 57.63 4.23
CA GLU C 157 -12.44 58.09 4.27
C GLU C 157 -11.59 57.26 3.32
N HIS C 158 -11.95 55.98 3.19
CA HIS C 158 -11.24 55.08 2.30
C HIS C 158 -11.56 55.42 0.85
N LEU C 159 -12.78 55.90 0.62
CA LEU C 159 -13.20 56.28 -0.72
C LEU C 159 -12.44 57.51 -1.19
N SER C 160 -12.29 58.48 -0.30
CA SER C 160 -11.55 59.70 -0.63
C SER C 160 -10.08 59.39 -0.84
N THR C 161 -9.53 58.52 -0.01
CA THR C 161 -8.13 58.13 -0.12
C THR C 161 -7.89 57.29 -1.37
N LEU C 162 -8.93 56.56 -1.79
CA LEU C 162 -8.83 55.76 -3.00
C LEU C 162 -8.94 56.68 -4.21
N SER C 163 -9.71 57.73 -4.06
CA SER C 163 -9.89 58.72 -5.11
C SER C 163 -8.58 59.42 -5.46
N GLU C 164 -7.67 59.47 -4.49
CA GLU C 164 -6.36 60.08 -4.70
C GLU C 164 -5.59 59.26 -5.73
N LYS C 165 -5.95 58.00 -5.84
CA LYS C 165 -5.32 57.09 -6.77
C LYS C 165 -6.29 56.75 -7.89
N ALA C 166 -7.52 57.25 -7.78
CA ALA C 166 -8.56 56.99 -8.78
C ALA C 166 -8.64 58.13 -9.79
N LYS C 167 -8.00 59.24 -9.46
CA LYS C 167 -7.99 60.39 -10.36
C LYS C 167 -6.56 60.77 -10.76
N PRO C 168 -5.74 61.33 -9.84
CA PRO C 168 -4.36 61.74 -10.16
C PRO C 168 -3.53 60.55 -10.64
N ALA C 169 -3.58 59.46 -9.88
CA ALA C 169 -2.84 58.26 -10.22
C ALA C 169 -3.38 57.63 -11.50
N LEU C 170 -4.70 57.58 -11.64
CA LEU C 170 -5.31 57.00 -12.84
C LEU C 170 -4.96 57.82 -14.08
N GLU C 171 -5.02 59.14 -13.96
CA GLU C 171 -4.70 60.02 -15.06
C GLU C 171 -3.21 59.90 -15.39
N ASP C 172 -2.39 59.78 -14.37
CA ASP C 172 -0.95 59.64 -14.57
C ASP C 172 -0.64 58.28 -15.19
N LEU C 173 -1.41 57.27 -14.80
CA LEU C 173 -1.24 55.94 -15.34
C LEU C 173 -1.46 55.98 -16.85
N ARG C 174 -2.47 56.73 -17.26
CA ARG C 174 -2.77 56.88 -18.68
C ARG C 174 -1.70 57.74 -19.32
N GLN C 175 -1.27 58.77 -18.59
CA GLN C 175 -0.22 59.65 -19.07
C GLN C 175 1.09 58.93 -19.29
N GLY C 176 1.25 57.79 -18.62
CA GLY C 176 2.43 56.97 -18.76
C GLY C 176 2.16 55.88 -19.79
N LEU C 177 0.95 55.33 -19.75
CA LEU C 177 0.55 54.28 -20.68
C LEU C 177 0.57 54.75 -22.12
N LEU C 178 0.08 55.96 -22.37
CA LEU C 178 0.02 56.51 -23.72
C LEU C 178 1.39 56.51 -24.42
N PRO C 179 2.39 57.24 -23.90
CA PRO C 179 3.73 57.28 -24.52
C PRO C 179 4.35 55.90 -24.58
N VAL C 180 4.12 55.10 -23.54
CA VAL C 180 4.64 53.74 -23.48
C VAL C 180 4.03 52.88 -24.58
N LEU C 181 2.71 52.98 -24.75
CA LEU C 181 2.01 52.22 -25.77
C LEU C 181 2.52 52.62 -27.15
N GLU C 182 2.68 53.93 -27.36
CA GLU C 182 3.19 54.45 -28.62
C GLU C 182 4.59 53.89 -28.87
N SER C 183 5.42 53.92 -27.83
CA SER C 183 6.78 53.39 -27.93
C SER C 183 6.75 51.89 -28.18
N PHE C 184 5.81 51.22 -27.49
CA PHE C 184 5.64 49.78 -27.64
C PHE C 184 5.29 49.45 -29.07
N LYS C 185 4.41 50.26 -29.67
CA LYS C 185 4.00 50.07 -31.05
C LYS C 185 5.21 50.16 -31.97
N VAL C 186 6.11 51.09 -31.66
CA VAL C 186 7.34 51.26 -32.45
C VAL C 186 8.12 49.95 -32.44
N SER C 187 8.29 49.38 -31.25
CA SER C 187 9.00 48.12 -31.10
C SER C 187 8.25 47.00 -31.82
N PHE C 188 6.92 47.04 -31.72
CA PHE C 188 6.08 46.03 -32.36
C PHE C 188 6.21 46.14 -33.87
N LEU C 189 6.28 47.37 -34.38
CA LEU C 189 6.43 47.60 -35.80
C LEU C 189 7.76 47.02 -36.27
N SER C 190 8.83 47.32 -35.53
CA SER C 190 10.15 46.81 -35.85
C SER C 190 10.16 45.28 -35.75
N ALA C 191 9.40 44.76 -34.78
CA ALA C 191 9.30 43.33 -34.58
C ALA C 191 8.61 42.66 -35.75
N LEU C 192 7.43 43.14 -36.09
CA LEU C 192 6.65 42.58 -37.18
C LEU C 192 7.30 42.79 -38.54
N GLU C 193 8.17 43.79 -38.66
CA GLU C 193 8.85 44.07 -39.92
C GLU C 193 10.12 43.26 -40.10
N GLU C 194 10.87 43.09 -39.02
CA GLU C 194 12.12 42.35 -39.07
C GLU C 194 11.91 40.85 -38.97
N TYR C 195 10.89 40.44 -38.22
CA TYR C 195 10.60 39.02 -38.04
C TYR C 195 10.05 38.39 -39.31
N THR C 196 9.31 39.17 -40.10
CA THR C 196 8.74 38.68 -41.34
C THR C 196 9.83 38.23 -42.32
N LYS C 197 11.00 38.85 -42.21
CA LYS C 197 12.13 38.51 -43.06
C LYS C 197 12.61 37.08 -42.76
N LYS C 198 12.33 36.61 -41.56
CA LYS C 198 12.72 35.28 -41.12
C LYS C 198 11.64 34.27 -41.48
N LEU C 199 10.40 34.75 -41.58
CA LEU C 199 9.27 33.89 -41.90
C LEU C 199 9.15 33.73 -43.42
N ASN C 200 9.85 34.58 -44.16
CA ASN C 200 9.82 34.55 -45.61
C ASN C 200 10.53 33.29 -46.12
C1 PCW D . 16.12 -7.39 -19.92
C2 PCW D . 15.89 -6.80 -21.37
C3 PCW D . 16.00 -7.95 -22.44
C4 PCW D . 17.17 -6.87 -16.40
C5 PCW D . 18.15 -6.28 -15.38
C6 PCW D . 19.29 -6.45 -13.10
C7 PCW D . 17.47 -7.98 -13.69
C8 PCW D . 19.14 -7.83 -14.47
C11 PCW D . 16.89 -6.97 -24.43
C12 PCW D . 16.47 -6.48 -25.79
C13 PCW D . 17.05 -7.48 -26.85
C14 PCW D . 16.72 -7.15 -28.31
C15 PCW D . 17.90 -6.57 -29.14
C16 PCW D . 17.37 -5.97 -30.49
C17 PCW D . 16.62 -4.59 -30.43
C18 PCW D . 15.91 -4.22 -31.74
C19 PCW D . 14.97 -5.33 -32.24
C20 PCW D . 13.59 -5.25 -32.12
C21 PCW D . 12.70 -4.22 -31.55
C22 PCW D . 11.56 -3.98 -32.57
C23 PCW D . 10.30 -4.90 -32.47
C24 PCW D . 9.69 -5.33 -33.76
C25 PCW D . 8.19 -5.06 -34.07
C26 PCW D . 7.49 -6.07 -34.95
C27 PCW D . 8.13 -6.41 -36.31
C28 PCW D . 7.51 -5.57 -37.41
C31 PCW D . 14.45 -5.06 -22.13
C32 PCW D . 12.97 -4.62 -22.16
C33 PCW D . 12.67 -3.25 -22.93
C34 PCW D . 11.27 -2.70 -22.67
C35 PCW D . 10.73 -2.22 -24.09
C36 PCW D . 9.81 -0.98 -23.98
C37 PCW D . 9.25 -0.45 -25.34
C38 PCW D . 7.88 0.12 -25.20
C39 PCW D . 7.32 0.64 -26.50
C40 PCW D . 6.38 0.08 -27.24
C41 PCW D . 5.68 -1.23 -26.88
C42 PCW D . 4.18 -1.15 -27.41
C43 PCW D . 3.69 -2.18 -28.40
C44 PCW D . 2.24 -1.87 -28.70
C45 PCW D . 1.69 -2.51 -29.95
C46 PCW D . 1.28 -1.52 -31.02
C47 PCW D . -0.18 -1.15 -31.06
C48 PCW D . -0.45 -0.15 -32.19
N PCW D . 18.20 -6.77 -14.03
O2 PCW D . 14.51 -6.22 -21.49
O3 PCW D . 15.80 -7.42 -23.75
O11 PCW D . 18.02 -6.97 -24.02
O31 PCW D . 15.43 -4.42 -22.63
O1P PCW D . 16.57 -9.39 -17.74
O2P PCW D . 19.01 -9.34 -18.23
O3P PCW D . 17.37 -8.10 -19.77
O4P PCW D . 17.97 -7.30 -17.53
P PCW D . 17.73 -8.61 -18.28
C1 PCW E . -8.83 -8.28 24.90
C2 PCW E . -10.17 -8.09 24.08
C3 PCW E . -11.38 -7.90 25.06
C4 PCW E . -8.55 -3.95 25.61
C5 PCW E . -9.19 -3.24 24.41
C6 PCW E . -8.78 -0.89 23.50
C7 PCW E . -7.58 -2.81 22.56
C8 PCW E . -9.39 -2.48 22.51
C11 PCW E . -13.39 -6.67 24.62
C12 PCW E . -14.60 -6.68 23.71
C13 PCW E . -15.45 -5.39 24.00
C14 PCW E . -16.72 -5.24 23.15
C15 PCW E . -18.03 -5.83 23.78
C16 PCW E . -19.14 -5.98 22.69
C17 PCW E . -20.24 -4.85 22.62
C18 PCW E . -21.57 -5.36 22.04
C19 PCW E . -22.61 -4.24 21.82
C20 PCW E . -23.46 -4.20 20.71
C21 PCW E . -23.64 -5.10 19.55
C22 PCW E . -24.04 -4.18 18.35
C23 PCW E . -24.05 -4.83 16.94
C24 PCW E . -25.38 -4.93 16.26
C25 PCW E . -25.51 -5.65 14.89
C26 PCW E . -25.07 -7.11 14.85
C27 PCW E . -25.33 -7.91 13.56
C28 PCW E . -24.86 -9.33 13.74
C31 PCW E . -10.19 -7.11 21.93
C32 PCW E . -10.09 -5.78 21.17
C33 PCW E . -11.43 -5.30 20.42
C34 PCW E . -12.67 -6.12 20.77
C35 PCW E . -13.75 -5.76 19.67
C36 PCW E . -15.15 -6.34 20.01
C37 PCW E . -16.26 -6.00 18.96
C38 PCW E . -16.30 -6.98 17.84
C39 PCW E . -17.37 -6.64 16.83
C40 PCW E . -18.07 -7.47 16.08
C41 PCW E . -17.92 -8.99 16.10
C42 PCW E . -19.04 -9.59 15.14
C43 PCW E . -20.40 -9.91 15.73
C44 PCW E . -21.26 -10.46 14.60
C45 PCW E . -20.83 -11.81 14.08
C46 PCW E . -21.88 -12.53 13.29
C47 PCW E . -22.30 -11.90 11.98
C48 PCW E . -23.37 -12.74 11.28
N PCW E . -8.42 -2.32 23.64
O2 PCW E . -10.08 -6.87 23.24
O3 PCW E . -12.59 -7.72 24.30
O11 PCW E . -13.19 -5.87 25.48
O31 PCW E . -10.37 -8.24 21.40
O1P PCW E . -7.43 -5.85 27.50
O2P PCW E . -6.35 -6.82 25.46
O3P PCW E . -8.74 -7.48 26.10
O4P PCW E . -8.20 -5.30 25.17
P PCW E . -7.60 -6.34 26.10
C1 PCW F . 14.77 29.85 -4.18
C2 PCW F . 13.56 30.53 -4.94
C3 PCW F . 13.94 31.98 -5.42
C4 PCW F . 17.72 26.84 -6.71
C5 PCW F . 18.76 27.82 -7.28
C6 PCW F . 18.83 29.03 -9.53
C7 PCW F . 17.90 30.14 -7.55
C8 PCW F . 19.64 29.57 -7.82
C11 PCW F . 13.01 32.88 -7.43
C12 PCW F . 11.74 33.50 -7.97
C13 PCW F . 11.30 32.68 -9.24
C14 PCW F . 10.03 33.18 -9.93
C15 PCW F . 10.17 33.54 -11.44
C16 PCW F . 10.45 32.26 -12.29
C17 PCW F . 10.42 32.41 -13.85
C18 PCW F . 9.04 32.22 -14.45
C19 PCW F . 9.08 31.46 -15.80
C20 PCW F . 8.98 32.10 -17.02
C21 PCW F . 8.82 33.53 -17.39
C22 PCW F . 10.11 33.94 -18.16
C23 PCW F . 11.04 34.97 -17.48
C24 PCW F . 12.53 34.79 -17.67
C25 PCW F . 13.11 34.25 -19.01
C26 PCW F . 14.05 35.18 -19.75
C27 PCW F . 13.43 36.37 -20.52
C28 PCW F . 12.71 35.88 -21.75
C31 PCW F . 11.95 29.36 -6.22
C32 PCW F . 11.76 28.55 -7.51
C33 PCW F . 10.30 27.91 -7.72
C34 PCW F . 9.57 28.44 -8.95
C35 PCW F . 8.90 29.80 -8.49
C36 PCW F . 7.41 29.64 -8.10
C37 PCW F . 6.68 30.94 -7.64
C38 PCW F . 6.61 31.96 -8.73
C39 PCW F . 5.92 33.24 -8.32
C40 PCW F . 4.62 33.50 -8.40
C41 PCW F . 3.57 32.53 -8.91
C42 PCW F . 2.20 33.31 -9.10
C43 PCW F . 1.53 33.90 -7.88
C44 PCW F . 0.26 34.57 -8.35
C45 PCW F . -1.02 33.96 -7.83
C46 PCW F . -1.73 33.12 -8.85
C47 PCW F . -1.89 31.65 -8.51
C48 PCW F . -2.64 30.91 -9.63
N PCW F . 18.36 28.89 -8.13
O2 PCW F . 13.22 29.73 -6.16
O3 PCW F . 12.83 32.57 -6.12
O11 PCW F . 14.01 32.70 -8.07
O31 PCW F . 11.05 29.62 -5.36
O1P PCW F . 16.36 27.01 -4.12
O2P PCW F . 14.34 27.25 -5.56
O3P PCW F . 15.79 29.30 -5.04
O4P PCW F . 16.49 27.57 -6.59
P PCW F . 15.71 27.71 -5.29
C1 PCW G . 6.34 34.81 5.99
C2 PCW G . 5.54 36.17 5.84
C3 PCW G . 6.18 37.06 4.72
C4 PCW G . 9.22 32.67 5.29
C5 PCW G . 10.26 33.31 4.36
C6 PCW G . 11.41 32.79 2.29
C7 PCW G . 11.09 31.10 3.86
C8 PCW G . 12.65 32.68 4.35
C11 PCW G . 5.97 39.40 5.16
C12 PCW G . 5.07 40.58 4.91
C13 PCW G . 5.45 41.21 3.52
C14 PCW G . 4.62 42.43 3.08
C15 PCW G . 3.08 42.25 3.08
C16 PCW G . 2.39 43.39 3.91
C17 PCW G . 1.40 44.34 3.13
C18 PCW G . 0.00 43.74 2.96
C19 PCW G . -0.39 43.53 1.48
C20 PCW G . -1.68 43.24 1.09
C21 PCW G . -2.94 43.06 1.85
C22 PCW G . -4.12 43.33 0.88
C23 PCW G . -4.68 44.78 0.81
C24 PCW G . -3.97 45.72 -0.10
C25 PCW G . -4.70 46.31 -1.36
C26 PCW G . -4.10 47.58 -1.94
C27 PCW G . -4.03 48.83 -1.02
C28 PCW G . -5.15 49.77 -1.35
C31 PCW G . 3.22 36.52 6.14
C32 PCW G . 1.83 36.11 5.60
C33 PCW G . 1.03 35.03 6.47
C34 PCW G . -0.17 34.44 5.73
C35 PCW G . -1.31 35.55 5.81
C36 PCW G . -2.72 34.94 5.96
C37 PCW G . -3.88 35.99 6.05
C38 PCW G . -4.93 35.73 5.01
C39 PCW G . -6.05 36.74 5.06
C40 PCW G . -7.19 36.64 5.75
C41 PCW G . -7.55 35.47 6.65
C42 PCW G . -7.41 35.95 8.17
C43 PCW G . -8.41 36.94 8.71
C44 PCW G . -8.05 37.22 10.15
C45 PCW G . -9.20 37.12 11.12
C46 PCW G . -9.10 35.95 12.06
C47 PCW G . -10.15 35.87 13.13
C48 PCW G . -9.97 34.63 14.01
N PCW G . 11.29 32.51 3.75
O2 PCW G . 4.13 35.88 5.43
O3 PCW G . 5.44 38.28 4.60
O11 PCW G . 7.01 39.45 5.75
O31 PCW G . 3.42 37.32 7.10
O1P PCW G . 6.77 31.91 6.64
O2P PCW G . 6.04 31.33 4.31
O3P PCW G . 5.82 33.74 5.17
O4P PCW G . 7.95 32.73 4.58
P PCW G . 6.63 32.35 5.20
C1 PCW H . -0.77 28.79 17.10
C2 PCW H . -2.27 29.05 17.52
C3 PCW H . -3.21 27.98 16.86
C4 PCW H . 0.11 26.35 21.08
C5 PCW H . 0.87 25.09 21.49
C6 PCW H . 1.13 23.24 23.23
C7 PCW H . -1.09 23.88 22.43
C8 PCW H . 0.28 23.13 21.45
C11 PCW H . -5.34 29.01 16.46
C12 PCW H . -6.72 29.12 17.04
C13 PCW H . -7.49 27.78 16.71
C14 PCW H . -8.93 27.73 17.23
C15 PCW H . -10.02 28.27 16.24
C16 PCW H . -10.75 27.10 15.51
C17 PCW H . -11.86 27.49 14.48
C18 PCW H . -13.24 26.93 14.84
C19 PCW H . -14.22 28.02 15.31
C20 PCW H . -15.21 28.54 14.49
C21 PCW H . -15.59 28.25 13.09
C22 PCW H . -15.28 29.52 12.25
C23 PCW H . -15.81 29.59 10.81
C24 PCW H . -14.84 29.27 9.71
C25 PCW H . -14.89 30.01 8.35
C26 PCW H . -13.97 31.20 8.20
C27 PCW H . -13.64 31.67 6.76
C28 PCW H . -12.53 32.69 6.80
C31 PCW H . -2.88 30.02 19.60
C32 PCW H . -2.98 29.73 21.11
C33 PCW H . -4.22 28.82 21.56
C34 PCW H . -5.54 29.20 20.89
C35 PCW H . -6.51 29.65 22.05
C36 PCW H . -7.74 30.44 21.53
C37 PCW H . -8.74 30.91 22.64
C38 PCW H . -9.83 31.75 22.08
C39 PCW H . -10.79 32.22 23.13
C40 PCW H . -11.74 33.15 23.01
C41 PCW H . -12.02 33.93 21.73
C42 PCW H . -13.59 33.95 21.46
C43 PCW H . -14.35 32.63 21.42
C44 PCW H . -15.81 32.96 21.15
C45 PCW H . -16.57 31.90 20.38
C46 PCW H . -17.47 32.47 19.34
C47 PCW H . -17.19 32.09 17.91
C48 PCW H . -18.19 32.76 16.95
N PCW H . 0.31 24.22 22.47
O2 PCW H . -2.42 28.93 19.00
O3 PCW H . -4.58 28.22 17.26
O11 PCW H . -4.96 29.54 15.46
O31 PCW H . -3.21 31.11 19.04
O1P PCW H . -1.08 26.23 18.46
O2P PCW H . 1.30 26.24 17.71
O3P PCW H . 0.09 28.46 18.21
O4P PCW H . 0.82 26.92 19.94
P PCW H . 0.26 26.90 18.53
C1 PCW I . 11.94 -12.04 -16.23
C2 PCW I . 10.50 -11.41 -16.53
C3 PCW I . 10.00 -11.91 -17.93
C4 PCW I . 12.58 -15.99 -14.63
C5 PCW I . 12.36 -17.02 -13.53
C6 PCW I . 14.06 -18.92 -13.32
C7 PCW I . 13.81 -17.28 -11.53
C8 PCW I . 12.56 -18.50 -12.13
C11 PCW I . 7.66 -12.19 -18.42
C12 PCW I . 6.43 -11.37 -18.71
C13 PCW I . 5.37 -12.30 -19.43
C14 PCW I . 4.05 -11.61 -19.80
C15 PCW I . 4.16 -10.51 -20.89
C16 PCW I . 2.87 -9.63 -20.95
C17 PCW I . 3.00 -8.18 -21.54
C18 PCW I . 2.99 -8.13 -23.06
C19 PCW I . 4.33 -7.67 -23.67
C20 PCW I . 4.64 -7.83 -25.01
C21 PCW I . 3.88 -8.41 -26.14
C22 PCW I . 4.92 -8.84 -27.21
C23 PCW I . 4.99 -10.35 -27.60
C24 PCW I . 3.77 -10.94 -28.24
C25 PCW I . 3.90 -12.10 -29.27
C26 PCW I . 3.54 -13.49 -28.76
C27 PCW I . 2.96 -14.48 -29.78
C28 PCW I . 4.03 -15.44 -30.24
C31 PCW I . 8.89 -10.88 -14.88
C32 PCW I . 7.93 -11.50 -13.84
C33 PCW I . 6.43 -10.96 -13.88
C34 PCW I . 5.92 -10.63 -15.28
C35 PCW I . 4.36 -10.85 -15.23
C36 PCW I . 3.93 -12.12 -15.98
C37 PCW I . 2.40 -12.43 -15.99
C38 PCW I . 1.70 -11.75 -17.12
C39 PCW I . 0.22 -12.03 -17.17
C40 PCW I . -0.42 -12.78 -18.05
C41 PCW I . 0.25 -13.53 -19.18
C42 PCW I . -0.73 -13.51 -20.45
C43 PCW I . -0.17 -13.15 -21.80
C44 PCW I . -1.31 -13.23 -22.80
C45 PCW I . -1.17 -14.28 -23.87
C46 PCW I . -2.15 -14.14 -24.99
C47 PCW I . -1.57 -14.18 -26.39
C48 PCW I . -2.69 -14.02 -27.45
N PCW I . 13.49 -17.62 -12.90
O2 PCW I . 9.53 -11.87 -15.49
O3 PCW I . 8.70 -11.33 -18.19
O11 PCW I . 7.73 -13.38 -18.43
O31 PCW I . 9.02 -9.64 -15.10
O1P PCW I . 14.01 -13.80 -15.91
O2P PCW I . 14.28 -13.01 -13.55
O3P PCW I . 12.12 -12.46 -14.87
O4P PCW I . 12.62 -14.69 -14.00
P PCW I . 13.34 -13.49 -14.60
C1 PCW J . 18.14 18.31 -19.06
C2 PCW J . 17.00 19.38 -19.28
C3 PCW J . 17.36 20.25 -20.55
C4 PCW J . 19.49 15.01 -15.87
C5 PCW J . 20.23 15.31 -14.56
C6 PCW J . 21.93 13.59 -14.42
C7 PCW J . 22.25 15.60 -13.28
C8 PCW J . 22.48 15.65 -15.55
C11 PCW J . 16.73 22.58 -20.59
C12 PCW J . 15.60 23.48 -21.02
C13 PCW J . 15.40 24.62 -19.95
C14 PCW J . 14.28 25.62 -20.25
C15 PCW J . 12.89 24.99 -20.65
C16 PCW J . 11.70 25.81 -20.04
C17 PCW J . 10.54 26.23 -21.01
C18 PCW J . 10.06 27.67 -20.80
C19 PCW J . 11.06 28.72 -21.33
C20 PCW J . 10.82 30.09 -21.29
C21 PCW J . 9.66 30.88 -20.81
C22 PCW J . 9.24 31.81 -21.98
C23 PCW J . 9.98 33.17 -22.12
C24 PCW J . 9.31 34.21 -22.95
C25 PCW J . 10.04 34.88 -24.15
C26 PCW J . 9.89 36.38 -24.29
C27 PCW J . 10.68 37.07 -25.43
C28 PCW J . 9.93 38.30 -25.90
C31 PCW J . 15.10 18.22 -18.46
C32 PCW J . 13.81 17.52 -18.89
C33 PCW J . 12.46 18.16 -18.31
C34 PCW J . 11.22 17.83 -19.14
C35 PCW J . 11.49 18.40 -20.58
C36 PCW J . 11.65 17.29 -21.65
C37 PCW J . 11.93 17.80 -23.10
C38 PCW J . 12.58 16.74 -23.94
C39 PCW J . 12.86 17.21 -25.34
C40 PCW J . 12.27 16.80 -26.46
C41 PCW J . 11.18 15.74 -26.53
C42 PCW J . 10.06 16.22 -27.56
C43 PCW J . 10.14 17.62 -28.16
C44 PCW J . 8.94 17.78 -29.09
C45 PCW J . 8.53 19.21 -29.38
C46 PCW J . 7.08 19.48 -29.11
C47 PCW J . 6.35 20.28 -30.17
C48 PCW J . 4.87 20.49 -29.78
N PCW J . 21.65 15.05 -14.46
O2 PCW J . 15.70 18.69 -19.56
O3 PCW J . 16.37 21.27 -20.80
O11 PCW J . 17.81 22.94 -20.20
O31 PCW J . 15.51 18.34 -17.28
O1P PCW J . 20.26 17.47 -17.20
O2P PCW J . 18.46 18.45 -15.77
O3P PCW J . 17.86 17.33 -18.03
O4P PCW J . 18.51 16.07 -16.05
P PCW J . 18.83 17.39 -16.73
C1 PCW K . -15.32 25.53 -24.49
C2 PCW K . -14.12 26.55 -24.63
C3 PCW K . -14.32 27.77 -23.66
C4 PCW K . -17.54 25.79 -28.80
C5 PCW K . -16.55 24.83 -29.48
C6 PCW K . -17.79 24.89 -31.71
C7 PCW K . -15.66 23.71 -31.50
C8 PCW K . -17.25 23.32 -30.65
C11 PCW K . -13.16 29.75 -22.96
C12 PCW K . -11.90 30.52 -23.23
C13 PCW K . -10.72 29.81 -22.49
C14 PCW K . -9.36 30.49 -22.66
C15 PCW K . -8.11 29.59 -22.37
C16 PCW K . -7.53 29.92 -20.95
C17 PCW K . -6.33 29.06 -20.44
C18 PCW K . -5.12 29.90 -20.04
C19 PCW K . -3.90 29.04 -19.61
C20 PCW K . -3.25 29.24 -18.40
C21 PCW K . -3.48 30.19 -17.28
C22 PCW K . -2.13 30.35 -16.53
C23 PCW K . -1.12 31.40 -17.07
C24 PCW K . -0.20 32.03 -16.07
C25 PCW K . 0.69 33.26 -16.46
C26 PCW K . -0.02 34.59 -16.63
C27 PCW K . 0.86 35.86 -16.71
C28 PCW K . 0.08 37.07 -16.23
C31 PCW K . -11.85 26.06 -25.11
C32 PCW K . -10.62 25.32 -24.58
C33 PCW K . -9.30 26.21 -24.39
C34 PCW K . -8.54 25.93 -23.10
C35 PCW K . -7.04 25.67 -23.54
C36 PCW K . -6.02 26.35 -22.61
C37 PCW K . -4.51 26.15 -22.99
C38 PCW K . -3.76 27.44 -23.04
C39 PCW K . -2.31 27.26 -23.42
C40 PCW K . -1.28 27.00 -22.60
C41 PCW K . -1.39 26.82 -21.11
C42 PCW K . -0.15 25.95 -20.63
C43 PCW K . 0.50 26.27 -19.30
C44 PCW K . 1.65 25.29 -19.12
C45 PCW K . 2.99 25.76 -19.66
C46 PCW K . 4.14 24.87 -19.26
C47 PCW K . 5.44 25.56 -18.95
C48 PCW K . 6.53 24.53 -18.56
N PCW K . -16.59 24.64 -30.89
O2 PCW K . -12.84 25.88 -24.24
O3 PCW K . -13.22 28.67 -23.78
O11 PCW K . -13.97 30.02 -22.11
O31 PCW K . -11.91 26.73 -26.18
O1P PCW K . -18.30 24.70 -26.21
O2P PCW K . -17.59 26.96 -25.41
O3P PCW K . -15.85 25.08 -25.75
O4P PCW K . -16.90 26.28 -27.59
P PCW K . -17.24 25.77 -26.21
C1 PCW L . -15.03 -6.72 -30.95
C2 PCW L . -13.70 -6.68 -30.11
C3 PCW L . -12.76 -7.86 -30.53
C4 PCW L . -18.11 -8.25 -31.70
C5 PCW L . -18.88 -9.55 -31.90
C6 PCW L . -21.15 -8.50 -32.40
C7 PCW L . -20.63 -10.75 -33.21
C8 PCW L . -20.77 -10.18 -31.46
C11 PCW L . -10.37 -8.11 -30.39
C12 PCW L . -9.25 -8.00 -29.39
C13 PCW L . -9.14 -9.37 -28.63
C14 PCW L . -8.03 -9.43 -27.58
C15 PCW L . -6.63 -9.88 -28.08
C16 PCW L . -5.50 -9.20 -27.24
C17 PCW L . -4.13 -8.94 -27.96
C18 PCW L . -2.98 -8.68 -26.99
C19 PCW L . -2.76 -9.86 -26.00
C20 PCW L . -1.57 -10.58 -25.97
C21 PCW L . -0.31 -10.49 -26.75
C22 PCW L . 0.77 -9.96 -25.77
C23 PCW L . 1.25 -10.91 -24.64
C24 PCW L . 2.36 -11.85 -24.97
C25 PCW L . 3.50 -12.16 -23.95
C26 PCW L . 4.89 -11.67 -24.32
C27 PCW L . 6.07 -12.11 -23.43
C28 PCW L . 6.99 -10.94 -23.19
C31 PCW L . -13.42 -4.37 -29.69
C32 PCW L . -12.59 -3.13 -30.06
C33 PCW L . -11.82 -2.43 -28.84
C34 PCW L . -11.58 -0.93 -29.04
C35 PCW L . -12.36 -0.20 -27.86
C36 PCW L . -11.88 -0.67 -26.46
C37 PCW L . -12.62 0.01 -25.25
C38 PCW L . -11.87 -0.17 -23.97
C39 PCW L . -12.55 0.47 -22.80
C40 PCW L . -12.17 0.42 -21.52
C41 PCW L . -10.93 -0.31 -21.04
C42 PCW L . -9.87 0.78 -20.56
C43 PCW L . -8.51 0.30 -20.09
C44 PCW L . -7.71 1.55 -19.70
C45 PCW L . -6.31 1.61 -20.27
C46 PCW L . -5.36 0.60 -19.70
C47 PCW L . -5.04 0.73 -18.23
C48 PCW L . -4.05 -0.37 -17.79
N PCW L . -20.12 -9.52 -32.63
O2 PCW L . -12.97 -5.41 -30.39
O3 PCW L . -11.55 -7.81 -29.77
O11 PCW L . -10.25 -8.41 -31.55
O31 PCW L . -14.38 -4.40 -28.85
O1P PCW L . -17.03 -6.01 -33.21
O2P PCW L . -15.93 -7.81 -34.55
O3P PCW L . -14.86 -6.96 -32.35
O4P PCW L . -16.84 -8.38 -32.38
P PCW L . -16.21 -7.27 -33.19
C1 PCW M . -10.70 30.75 -31.69
C2 PCW M . -9.23 30.15 -31.65
C3 PCW M . -8.26 31.07 -32.50
C4 PCW M . -12.87 30.42 -34.72
C5 PCW M . -11.44 30.24 -35.27
C6 PCW M . -11.39 29.31 -37.65
C7 PCW M . -10.23 31.40 -37.09
C8 PCW M . -9.88 29.70 -36.45
C11 PCW M . -6.41 30.05 -33.63
C12 PCW M . -4.98 29.63 -33.40
C13 PCW M . -4.74 28.25 -34.12
C14 PCW M . -3.32 27.69 -33.98
C15 PCW M . -3.17 26.15 -33.96
C16 PCW M . -1.68 25.73 -34.18
C17 PCW M . -1.28 24.25 -33.85
C18 PCW M . -0.19 24.13 -32.79
C19 PCW M . 1.22 23.88 -33.39
C20 PCW M . 2.33 23.60 -32.61
C21 PCW M . 2.51 23.45 -31.15
C22 PCW M . 3.62 24.45 -30.71
C23 PCW M . 3.19 25.69 -29.89
C24 PCW M . 3.16 25.54 -28.39
C25 PCW M . 4.49 25.58 -27.58
C26 PCW M . 4.54 26.57 -26.43
C27 PCW M . 5.55 26.29 -25.29
C28 PCW M . 6.77 27.15 -25.47
C31 PCW M . -9.13 29.11 -29.52
C32 PCW M . -8.54 29.27 -28.10
C33 PCW M . -7.84 27.97 -27.49
C34 PCW M . -7.22 28.19 -26.11
C35 PCW M . -5.76 27.58 -26.16
C36 PCW M . -5.73 26.12 -26.68
C37 PCW M . -4.32 25.47 -26.75
C38 PCW M . -3.54 25.95 -27.94
C39 PCW M . -2.16 25.34 -28.03
C40 PCW M . -1.00 25.90 -27.68
C41 PCW M . -0.87 27.29 -27.09
C42 PCW M . 0.33 27.24 -26.03
C43 PCW M . 0.92 28.55 -25.56
C44 PCW M . 2.02 28.20 -24.57
C45 PCW M . 2.05 29.03 -23.30
C46 PCW M . 2.19 30.50 -23.54
C47 PCW M . 3.57 30.97 -23.96
C48 PCW M . 3.58 32.49 -24.17
N PCW M . -11.18 30.39 -36.66
O2 PCW M . -8.73 30.16 -30.25
O3 PCW M . -6.92 30.56 -32.47
O11 PCW M . -6.98 29.99 -34.68
O31 PCW M . -9.84 28.15 -29.92
O1P PCW M . -13.74 28.73 -32.50
O2P PCW M . -14.04 30.92 -31.34
O3P PCW M . -11.74 29.80 -31.40
O4P PCW M . -12.72 30.88 -33.35
P PCW M . -13.14 30.06 -32.14
C1 17F N . -32.04 9.39 -5.79
N1 17F N . -33.84 8.66 -7.38
O1 17F N . -33.95 7.14 -3.49
P1 17F N . -32.93 8.23 -3.71
C2 17F N . -33.22 9.79 -6.70
O2 17F N . -33.41 9.66 -3.49
C3 17F N . -32.75 10.82 -7.73
O3 17F N . -32.30 8.19 -5.13
C4 17F N . -30.60 8.99 -2.75
O4 17F N . -32.20 11.86 -7.36
C5 17F N . -29.49 8.66 -1.71
O5 17F N . -32.90 10.66 -9.00
C6 17F N . -28.32 9.66 -1.86
O6 17F N . -31.69 8.08 -2.73
C7 17F N . -26.59 10.40 -0.48
O7 17F N . -27.28 9.40 -0.92
C8 17F N . -25.55 9.86 0.53
O8 17F N . -26.67 11.58 -0.73
C9 17F N . -25.35 10.78 1.76
O9 17F N . -29.99 8.65 -0.36
C10 17F N . -24.31 10.29 2.83
O10 17F N . -30.59 6.43 -0.54
C11 17F N . -23.03 9.58 2.23
C12 17F N . -22.04 9.11 3.36
C17 17F N . -30.19 7.42 0.07
C18 17F N . -29.87 7.28 1.56
C19 17F N . -28.43 7.69 1.95
C20 17F N . -27.78 6.69 2.96
C1X 17F N . -20.81 8.43 2.74
C1Y 17F N . -26.36 7.17 3.31
C1Z 17F N . -25.86 6.51 4.60
C2X 17F N . -19.77 7.92 3.86
C21 17F N . -20.43 7.01 4.94
C22 17F N . -20.40 5.73 4.95
C23 17F N . -19.75 4.84 3.98
C24 17F N . -20.71 4.05 3.10
C25 17F N . -20.09 3.11 2.07
C26 17F N . -20.89 2.98 0.69
C27 17F N . -20.26 2.05 -0.32
C28 17F N . -21.17 2.05 -1.60
C29 17F N . -20.49 2.80 -2.67
C30 17F N . -21.26 2.89 -3.96
C31 17F N . -24.43 5.88 4.55
C32 17F N . -23.96 5.22 5.88
C33 17F N . -24.42 3.77 5.90
C34 17F N . -24.17 2.92 6.90
C35 17F N . -23.40 3.20 8.17
C36 17F N . -24.03 4.29 9.09
C37 17F N . -23.02 4.73 10.08
C38 17F N . -23.39 6.03 10.87
C39 17F N . -22.29 6.40 11.87
C40 17F N . -22.39 7.89 12.24
C41 17F N . -21.65 8.16 13.62
C42 17F N . -20.33 8.95 13.61
C1 PCW O . 12.61 7.45 -9.35
C2 PCW O . 12.12 7.98 -10.76
C3 PCW O . 12.93 7.26 -11.89
C4 PCW O . 12.94 6.33 -5.58
C5 PCW O . 12.84 5.43 -4.34
C6 PCW O . 14.02 3.61 -3.01
C7 PCW O . 15.16 5.72 -3.47
C8 PCW O . 13.63 5.46 -2.45
C11 PCW O . 12.81 9.01 -13.55
C12 PCW O . 12.32 9.24 -14.95
C13 PCW O . 13.53 9.00 -15.93
C14 PCW O . 13.23 9.19 -17.43
C15 PCW O . 12.11 10.22 -17.77
C16 PCW O . 11.78 10.18 -19.30
C17 PCW O . 12.36 11.33 -20.20
C18 PCW O . 12.60 10.90 -21.66
C19 PCW O . 11.42 11.25 -22.59
C20 PCW O . 10.47 10.31 -22.94
C21 PCW O . 10.29 8.89 -22.58
C22 PCW O . 9.04 8.38 -23.34
C23 PCW O . 8.94 6.86 -23.61
C24 PCW O . 8.02 6.42 -24.71
C25 PCW O . 8.12 4.98 -25.32
C26 PCW O . 7.41 4.76 -26.64
C27 PCW O . 5.92 4.33 -26.60
C28 PCW O . 5.52 3.70 -27.92
C31 PCW O . 9.83 8.64 -10.63
C32 PCW O . 8.39 8.14 -10.89
C33 PCW O . 7.26 8.77 -9.94
C34 PCW O . 6.72 10.12 -10.42
C35 PCW O . 6.26 9.89 -11.92
C36 PCW O . 4.91 10.56 -12.26
C37 PCW O . 4.43 10.36 -13.73
C38 PCW O . 2.98 10.66 -13.90
C39 PCW O . 2.52 10.46 -15.33
C40 PCW O . 1.27 10.55 -15.78
C41 PCW O . 0.07 10.87 -14.91
C42 PCW O . -1.24 10.41 -15.69
C43 PCW O . -1.89 9.09 -15.31
C44 PCW O . -3.10 8.92 -16.22
C45 PCW O . -3.95 7.70 -15.92
C46 PCW O . -4.06 6.74 -17.07
C47 PCW O . -4.04 5.27 -16.72
C48 PCW O . -4.16 4.40 -17.98
N PCW O . 14.02 4.88 -3.77
O2 PCW O . 10.67 7.65 -10.96
O3 PCW O . 12.50 7.73 -13.18
O11 PCW O . 13.40 9.81 -12.88
O31 PCW O . 10.15 9.77 -10.17
O1P PCW O . 10.74 7.16 -7.32
O2P PCW O . 10.53 4.70 -7.71
O3P PCW O . 12.21 6.09 -9.07
O4P PCW O . 12.56 5.51 -6.72
P PCW O . 11.43 5.88 -7.67
C1 PCW P . 17.46 -1.09 -17.66
C2 PCW P . 16.80 0.11 -18.45
C3 PCW P . 16.00 -0.45 -19.69
C4 PCW P . 20.59 0.99 -16.29
C5 PCW P . 20.50 1.89 -17.53
C6 PCW P . 22.86 1.92 -18.53
C7 PCW P . 20.88 1.75 -19.97
C8 PCW P . 21.37 3.16 -18.87
C11 PCW P . 14.13 0.47 -20.88
C12 PCW P . 13.67 1.74 -21.56
C13 PCW P . 12.57 2.40 -20.65
C14 PCW P . 11.99 3.71 -21.19
C15 PCW P . 10.76 3.57 -22.15
C16 PCW P . 11.18 3.83 -23.63
C17 PCW P . 11.51 2.59 -24.52
C18 PCW P . 11.84 2.95 -25.97
C19 PCW P . 13.35 2.82 -26.28
C20 PCW P . 13.80 2.26 -27.47
C21 PCW P . 13.11 1.69 -28.65
C22 PCW P . 13.03 2.82 -29.72
C23 PCW P . 11.66 3.08 -30.39
C24 PCW P . 10.57 3.64 -29.52
C25 PCW P . 9.08 3.55 -29.94
C26 PCW P . 8.69 4.24 -31.23
C27 PCW P . 8.54 5.78 -31.20
C28 PCW P . 8.48 6.33 -32.61
C31 PCW P . 16.29 1.94 -17.02
C32 PCW P . 15.18 2.53 -16.15
C33 PCW P . 14.87 4.09 -16.38
C34 PCW P . 13.69 4.35 -17.31
C35 PCW P . 12.59 5.08 -16.42
C36 PCW P . 12.07 4.18 -15.27
C37 PCW P . 10.98 4.83 -14.35
C38 PCW P . 9.95 3.84 -13.92
C39 PCW P . 8.89 4.43 -13.04
C40 PCW P . 7.57 4.36 -13.21
C41 PCW P . 6.91 3.64 -14.35
C42 PCW P . 5.46 3.16 -13.87
C43 PCW P . 4.40 2.84 -14.91
C44 PCW P . 3.15 2.43 -14.15
C45 PCW P . 3.12 0.99 -13.69
C46 PCW P . 2.88 0.01 -14.80
C47 PCW P . 2.96 -1.46 -14.43
C48 PCW P . 2.69 -2.34 -15.66
N PCW P . 21.40 1.69 -18.62
O2 PCW P . 15.83 0.82 -17.57
O3 PCW P . 15.40 0.65 -20.39
O11 PCW P . 13.48 -0.52 -20.76
O31 PCW P . 17.45 2.43 -17.19
O1P PCW P . 19.02 -0.34 -14.25
O2P PCW P . 19.54 -2.38 -15.59
O3P PCW P . 17.55 -0.87 -16.23
O4P PCW P . 19.86 -0.23 -16.61
P PCW P . 19.02 -0.99 -15.60
C1 PCW Q . 6.84 18.16 0.70
C2 PCW Q . 5.30 18.38 0.42
C3 PCW Q . 4.60 18.84 1.74
C4 PCW Q . 7.86 19.32 4.79
C5 PCW Q . 8.80 18.16 5.14
C6 PCW Q . 10.16 16.68 3.58
C7 PCW Q . 11.16 18.67 4.60
C8 PCW Q . 10.54 17.15 5.45
C11 PCW Q . 2.65 20.19 2.02
C12 PCW Q . 1.17 20.17 1.80
C13 PCW Q . 0.49 19.94 3.20
C14 PCW Q . -1.04 19.87 3.18
C15 PCW Q . -1.77 21.21 3.48
C16 PCW Q . -3.06 21.33 2.58
C17 PCW Q . -4.44 21.19 3.29
C18 PCW Q . -5.42 22.28 2.89
C19 PCW Q . -6.81 21.72 2.46
C20 PCW Q . -7.99 22.21 2.97
C21 PCW Q . -8.28 23.29 3.95
C22 PCW Q . -8.48 24.61 3.14
C23 PCW Q . -9.42 25.68 3.75
C24 PCW Q . -9.11 27.11 3.43
C25 PCW Q . -9.41 28.24 4.45
C26 PCW Q . -10.77 28.19 5.13
C27 PCW Q . -11.00 29.10 6.36
C28 PCW Q . -11.27 28.26 7.58
C31 PCW Q . 5.50 19.09 -1.82
C32 PCW Q . 5.27 20.27 -2.76
C33 PCW Q . 6.52 20.62 -3.72
C34 PCW Q . 6.58 19.78 -5.00
C35 PCW Q . 5.22 20.06 -5.76
C36 PCW Q . 5.30 19.78 -7.27
C37 PCW Q . 3.98 20.04 -8.07
C38 PCW Q . 3.62 21.50 -8.09
C39 PCW Q . 2.34 21.79 -8.83
C40 PCW Q . 2.14 21.74 -10.15
C41 PCW Q . 3.21 21.35 -11.15
C42 PCW Q . 2.52 21.28 -12.60
C43 PCW Q . 1.09 20.78 -12.69
C44 PCW Q . 0.71 20.82 -14.16
C45 PCW Q . 0.65 19.48 -14.85
C46 PCW Q . -0.68 18.78 -14.72
C47 PCW Q . -1.35 18.37 -16.01
C48 PCW Q . -2.69 17.67 -15.74
N PCW Q . 9.95 17.93 4.34
O2 PCW Q . 5.11 19.45 -0.59
O3 PCW Q . 3.19 19.04 1.53
O11 PCW Q . 3.26 21.06 2.58
O31 PCW Q . 5.96 17.96 -2.15
O1P PCW Q . 8.50 21.29 2.41
O2P PCW Q . 9.00 19.31 2.38
O3P PCW Q . 7.60 19.39 0.80
O4P PCW Q . 7.40 19.08 3.43
P PCW Q . 7.69 20.02 2.27
C1 PCW R . 12.55 23.26 -7.81
C2 PCW R . 10.99 23.10 -7.88
C3 PCW R . 10.35 24.33 -8.62
C4 PCW R . 14.31 19.07 -6.16
C5 PCW R . 13.29 17.96 -6.38
C6 PCW R . 13.58 17.13 -4.12
C7 PCW R . 12.12 16.04 -5.56
C8 PCW R . 11.44 18.05 -4.74
C11 PCW R . 8.20 24.34 -7.53
C12 PCW R . 6.74 24.13 -7.82
C13 PCW R . 6.14 25.49 -8.30
C14 PCW R . 4.64 25.47 -8.64
C15 PCW R . 4.25 24.60 -9.87
C16 PCW R . 3.96 25.50 -11.12
C17 PCW R . 4.33 24.93 -12.53
C18 PCW R . 4.29 25.98 -13.63
C19 PCW R . 3.24 25.66 -14.72
C20 PCW R . 3.09 26.44 -15.85
C21 PCW R . 3.78 27.66 -16.33
C22 PCW R . 2.72 28.54 -17.06
C23 PCW R . 3.01 30.05 -17.21
C24 PCW R . 3.52 30.76 -16.00
C25 PCW R . 4.64 31.84 -16.10
C26 PCW R . 4.61 32.94 -15.04
C27 PCW R . 4.64 34.40 -15.53
C28 PCW R . 5.99 35.02 -15.26
C31 PCW R . 10.13 20.89 -7.91
C32 PCW R . 9.79 19.71 -8.84
C33 PCW R . 8.46 19.87 -9.70
C34 PCW R . 8.69 19.72 -11.20
C35 PCW R . 7.78 20.82 -11.90
C36 PCW R . 8.02 20.90 -13.42
C37 PCW R . 7.16 21.96 -14.19
C38 PCW R . 5.90 21.37 -14.73
C39 PCW R . 5.07 22.37 -15.46
C40 PCW R . 4.27 22.15 -16.51
C41 PCW R . 4.09 20.78 -17.16
C42 PCW R . 2.62 20.72 -17.78
C43 PCW R . 2.38 21.37 -19.14
C44 PCW R . 0.92 21.15 -19.48
C45 PCW R . -0.04 22.13 -18.82
C46 PCW R . -1.43 22.09 -19.39
C47 PCW R . -1.64 22.86 -20.68
C48 PCW R . -3.09 22.75 -21.14
N PCW R . 12.65 17.33 -5.25
O2 PCW R . 10.62 21.88 -8.66
O3 PCW R . 8.91 24.16 -8.68
O11 PCW R . 8.66 24.63 -6.47
O31 PCW R . 9.96 20.91 -6.65
O1P PCW R . 15.61 21.50 -7.08
O2P PCW R . 14.04 22.58 -5.48
O3P PCW R . 13.27 22.01 -7.88
O4P PCW R . 13.59 20.33 -6.15
P PCW R . 14.20 21.64 -6.61
C1 PCW S . 0.78 9.73 9.49
C2 PCW S . 0.28 10.15 8.05
C3 PCW S . 1.48 10.23 7.05
C4 PCW S . 3.03 7.26 8.05
C5 PCW S . 3.41 6.01 7.27
C6 PCW S . 4.56 6.58 5.22
C7 PCW S . 5.15 4.62 6.36
C8 PCW S . 5.81 6.60 7.28
C11 PCW S . 1.94 10.80 4.77
C12 PCW S . 1.23 11.14 3.49
C13 PCW S . 1.18 9.85 2.61
C14 PCW S . 0.50 10.00 1.26
C15 PCW S . 1.12 9.19 0.07
C16 PCW S . 0.25 9.36 -1.22
C17 PCW S . 0.00 10.81 -1.74
C18 PCW S . -1.45 11.07 -2.17
C19 PCW S . -1.84 10.33 -3.48
C20 PCW S . -1.31 10.66 -4.72
C21 PCW S . -0.33 11.69 -5.15
C22 PCW S . -0.64 12.04 -6.63
C23 PCW S . -0.67 13.54 -7.03
C24 PCW S . -1.85 14.02 -7.83
C25 PCW S . -2.15 15.54 -7.97
C26 PCW S . -3.36 15.90 -8.81
C27 PCW S . -3.17 15.95 -10.34
C28 PCW S . -4.48 15.68 -11.03
C31 PCW S . -1.94 9.51 7.57
C32 PCW S . -2.80 8.37 7.00
C33 PCW S . -3.47 7.39 8.08
C34 PCW S . -4.62 8.04 8.86
C35 PCW S . -5.93 7.26 8.42
C36 PCW S . -7.12 7.55 9.35
C37 PCW S . -8.46 6.82 8.99
C38 PCW S . -9.42 6.81 10.14
C39 PCW S . -10.71 6.10 9.82
C40 PCW S . -11.93 6.65 9.77
C41 PCW S . -12.22 8.11 10.04
C42 PCW S . -12.26 8.87 8.63
C43 PCW S . -12.38 10.38 8.62
C44 PCW S . -12.39 10.81 7.15
C45 PCW S . -11.08 11.35 6.63
C46 PCW S . -10.01 10.31 6.44
C47 PCW S . -8.65 10.82 6.05
C48 PCW S . -7.66 9.67 5.89
N PCW S . 4.67 5.96 6.57
O2 PCW S . -0.67 9.13 7.52
O3 PCW S . 1.01 10.61 5.75
O11 PCW S . 3.12 10.69 4.90
O31 PCW S . -2.38 10.62 8.00
O1P PCW S . 2.39 7.55 10.88
O2P PCW S . 0.57 5.94 10.31
O3P PCW S . 0.23 8.47 9.95
O4P PCW S . 1.66 7.09 8.51
P PCW S . 1.24 7.22 9.97
C1 PCW T . 9.26 -19.13 -9.88
C2 PCW T . 7.87 -18.66 -10.48
C3 PCW T . 6.72 -18.99 -9.47
C4 PCW T . 8.87 -15.40 -8.37
C5 PCW T . 9.40 -14.13 -7.69
C6 PCW T . 8.45 -12.21 -6.31
C7 PCW T . 8.81 -14.41 -5.29
C8 PCW T . 10.08 -13.25 -5.98
C11 PCW T . 4.35 -18.68 -9.26
C12 PCW T . 3.15 -18.17 -10.00
C13 PCW T . 2.19 -19.37 -10.28
C14 PCW T . 0.91 -19.01 -11.05
C15 PCW T . -0.12 -20.17 -11.23
C16 PCW T . -0.50 -20.81 -9.85
C17 PCW T . -1.97 -20.61 -9.32
C18 PCW T . -2.05 -19.72 -8.09
C19 PCW T . -2.92 -20.31 -6.96
C20 PCW T . -4.28 -20.02 -6.83
C21 PCW T . -5.21 -19.16 -7.61
C22 PCW T . -5.47 -17.89 -6.75
C23 PCW T . -6.09 -18.09 -5.34
C24 PCW T . -7.58 -17.95 -5.23
C25 PCW T . -8.26 -17.70 -3.85
C26 PCW T . -8.26 -16.27 -3.34
C27 PCW T . -7.31 -15.92 -2.18
C28 PCW T . -8.07 -15.92 -0.88
C31 PCW T . 8.34 -16.81 -11.88
C32 PCW T . 8.27 -15.28 -11.95
C33 PCW T . 6.79 -14.66 -11.98
C34 PCW T . 6.10 -14.84 -13.33
C35 PCW T . 4.85 -15.78 -13.03
C36 PCW T . 3.78 -15.71 -14.14
C37 PCW T . 2.52 -16.59 -13.91
C38 PCW T . 1.61 -16.57 -15.09
C39 PCW T . 0.37 -17.41 -14.93
C40 PCW T . -0.73 -17.36 -15.67
C41 PCW T . -0.92 -16.43 -16.85
C42 PCW T . -2.46 -16.45 -17.26
C43 PCW T . -2.84 -16.86 -18.68
C44 PCW T . -4.35 -16.79 -18.78
C45 PCW T . -4.97 -17.63 -19.88
C46 PCW T . -6.46 -17.70 -19.81
C47 PCW T . -7.16 -18.23 -21.04
C48 PCW T . -8.69 -18.25 -20.83
N PCW T . 8.75 -13.64 -6.52
O2 PCW T . 7.88 -17.19 -10.68
O3 PCW T . 5.47 -18.55 -10.02
O11 PCW T . 4.32 -19.14 -8.14
O31 PCW T . 8.76 -17.58 -12.80
O1P PCW T . 10.11 -17.89 -7.55
O2P PCW T . 12.12 -16.92 -8.69
O3P PCW T . 10.34 -18.17 -10.06
O4P PCW T . 9.97 -15.94 -9.14
P PCW T . 10.67 -17.24 -8.79
C1 PCW U . 0.82 15.93 6.35
C2 PCW U . 0.27 14.91 5.27
C3 PCW U . -0.83 14.00 5.91
C4 PCW U . 3.65 15.69 9.48
C5 PCW U . 4.95 16.15 10.17
C6 PCW U . 4.04 17.55 11.91
C7 PCW U . 6.23 16.77 12.09
C8 PCW U . 4.55 15.26 12.44
C11 PCW U . -2.65 12.70 5.02
C12 PCW U . -2.97 11.74 3.90
C13 PCW U . -2.92 12.53 2.54
C14 PCW U . -3.24 11.68 1.31
C15 PCW U . -4.73 11.26 1.15
C16 PCW U . -4.86 10.03 0.18
C17 PCW U . -5.24 10.33 -1.31
C18 PCW U . -6.59 9.75 -1.74
C19 PCW U . -7.59 10.82 -2.22
C20 PCW U . -8.65 11.24 -1.44
C21 PCW U . -9.11 10.88 -0.09
C22 PCW U . -8.44 11.87 0.91
C23 PCW U . -8.82 11.75 2.40
C24 PCW U . -9.63 12.87 2.98
C25 PCW U . -11.19 12.81 3.00
C26 PCW U . -11.87 13.82 3.91
C27 PCW U . -13.32 14.23 3.57
C28 PCW U . -14.27 13.08 3.79
C31 PCW U . 0.42 15.77 3.07
C32 PCW U . -0.36 16.55 2.00
C33 PCW U . -1.92 16.20 1.88
C34 PCW U . -2.53 16.55 0.53
C35 PCW U . -2.80 18.11 0.56
C36 PCW U . -2.53 18.79 -0.80
C37 PCW U . -2.77 20.34 -0.83
C38 PCW U . -3.60 20.74 -2.00
C39 PCW U . -3.85 22.24 -2.05
C40 PCW U . -4.64 22.89 -2.89
C41 PCW U . -5.45 22.22 -3.98
C42 PCW U . -6.92 22.84 -3.95
C43 PCW U . -8.02 22.14 -4.72
C44 PCW U . -9.30 22.93 -4.52
C45 PCW U . -10.53 22.36 -5.16
C46 PCW U . -11.44 23.41 -5.75
C47 PCW U . -12.37 22.96 -6.86
C48 PCW U . -13.22 24.13 -7.36
N PCW U . 4.94 16.42 11.58
O2 PCW U . -0.36 15.65 4.14
O3 PCW U . -1.33 13.07 4.94
O11 PCW U . -3.43 13.10 5.84
O31 PCW U . 1.59 15.31 2.95
O1P PCW U . 2.42 13.99 7.46
O2P PCW U . 4.36 14.76 6.09
O3P PCW U . 2.24 16.20 6.23
O4P PCW U . 3.83 15.99 8.06
P PCW U . 3.23 15.15 6.96
C1 PCW V . 4.66 -6.41 -2.21
C2 PCW V . 4.20 -7.02 -3.60
C3 PCW V . 2.66 -7.27 -3.57
C4 PCW V . 8.21 -7.62 -0.15
C5 PCW V . 9.57 -7.81 -0.83
C6 PCW V . 9.46 -10.03 -1.77
C7 PCW V . 10.27 -9.73 0.41
C8 PCW V . 11.62 -9.07 -1.29
C11 PCW V . 1.27 -8.78 -4.81
C12 PCW V . 0.99 -9.26 -6.21
C13 PCW V . 0.82 -10.82 -6.17
C14 PCW V . 0.53 -11.49 -7.52
C15 PCW V . -0.75 -12.38 -7.56
C16 PCW V . -0.81 -13.20 -8.89
C17 PCW V . -0.54 -14.74 -8.80
C18 PCW V . -0.93 -15.49 -10.08
C19 PCW V . -2.04 -16.54 -9.84
C20 PCW V . -2.67 -17.21 -10.89
C21 PCW V . -2.51 -17.13 -12.37
C22 PCW V . -3.79 -17.76 -12.99
C23 PCW V . -3.77 -19.27 -13.30
C24 PCW V . -4.85 -19.78 -14.19
C25 PCW V . -6.35 -19.46 -13.90
C26 PCW V . -7.25 -19.26 -15.11
C27 PCW V . -8.20 -18.05 -15.10
C28 PCW V . -9.53 -18.43 -14.50
C31 PCW V . 5.76 -5.88 -4.96
C32 PCW V . 5.88 -4.88 -6.12
C33 PCW V . 5.16 -5.34 -7.48
C34 PCW V . 6.11 -5.39 -8.67
C35 PCW V . 5.35 -6.24 -9.78
C36 PCW V . 4.81 -5.35 -10.93
C37 PCW V . 4.04 -6.13 -12.06
C38 PCW V . 2.86 -5.36 -12.55
C39 PCW V . 2.10 -6.09 -13.65
C40 PCW V . 0.87 -5.84 -14.09
C41 PCW V . -0.03 -4.74 -13.55
C42 PCW V . -0.52 -3.85 -14.79
C43 PCW V . -1.03 -4.54 -16.04
C44 PCW V . -1.42 -3.45 -17.01
C45 PCW V . -1.13 -3.75 -18.46
C46 PCW V . -2.12 -3.13 -19.41
C47 PCW V . -2.65 -4.01 -20.50
C48 PCW V . -3.65 -3.26 -21.40
N PCW V . 10.19 -9.09 -0.87
O2 PCW V . 4.47 -6.07 -4.70
O3 PCW V . 2.25 -7.84 -4.83
O11 PCW V . 0.72 -9.18 -3.82
O31 PCW V . 6.73 -6.42 -4.35
O1P PCW V . 5.95 -9.42 -0.21
O2P PCW V . 6.10 -9.04 -2.66
O3P PCW V . 4.80 -7.39 -1.16
O4P PCW V . 7.23 -7.52 -1.22
P PCW V . 6.02 -8.42 -1.33
C1 PCW W . -3.35 -10.63 12.44
C2 PCW W . -4.91 -10.37 12.37
C3 PCW W . -5.19 -8.92 11.87
C4 PCW W . -1.12 -7.89 13.14
C5 PCW W . -0.25 -8.00 11.90
C6 PCW W . -0.86 -5.79 10.76
C7 PCW W . 1.35 -6.80 10.42
C8 PCW W . -0.31 -7.48 9.92
C11 PCW W . -7.12 -7.71 12.63
C12 PCW W . -8.62 -7.66 12.45
C13 PCW W . -9.06 -6.17 12.27
C14 PCW W . -10.57 -5.96 12.07
C15 PCW W . -10.98 -4.80 11.13
C16 PCW W . -12.33 -5.12 10.38
C17 PCW W . -13.65 -4.64 11.08
C18 PCW W . -14.84 -4.54 10.12
C19 PCW W . -16.11 -5.24 10.66
C20 PCW W . -17.39 -4.75 10.41
C21 PCW W . -17.88 -3.57 9.66
C22 PCW W . -18.87 -2.83 10.61
C23 PCW W . -20.29 -2.55 10.07
C24 PCW W . -21.06 -3.73 9.55
C25 PCW W . -22.48 -4.09 10.10
C26 PCW W . -22.54 -5.08 11.27
C27 PCW W . -21.40 -6.11 11.40
C28 PCW W . -21.92 -7.36 12.08
C31 PCW W . -6.30 -12.24 11.94
C32 PCW W . -6.86 -13.12 10.81
C33 PCW W . -8.12 -12.50 10.05
C34 PCW W . -8.79 -13.50 9.10
C35 PCW W . -10.26 -13.69 9.65
C36 PCW W . -11.35 -13.36 8.60
C37 PCW W . -12.82 -13.54 9.07
C38 PCW W . -13.79 -13.17 7.99
C39 PCW W . -15.23 -13.33 8.42
C40 PCW W . -16.30 -13.36 7.64
C41 PCW W . -16.26 -13.23 6.12
C42 PCW W . -16.95 -14.52 5.50
C43 PCW W . -18.33 -14.37 4.90
C44 PCW W . -18.76 -15.74 4.39
C45 PCW W . -19.76 -16.47 5.24
C46 PCW W . -21.16 -15.90 5.13
C47 PCW W . -21.92 -15.75 6.42
C48 PCW W . -23.32 -15.17 6.17
N PCW W . 0.12 -6.81 11.19
O2 PCW W . -5.53 -11.30 11.39
O3 PCW W . -6.61 -8.69 11.83
O11 PCW W . -6.48 -7.00 13.38
O31 PCW W . -6.53 -12.40 13.18
O1P PCW W . -3.38 -8.72 14.80
O2P PCW W . -1.65 -10.15 15.89
O3P PCW W . -2.86 -10.96 13.75
O4P PCW W . -1.14 -9.21 13.74
P PCW W . -2.28 -9.72 14.62
C1 PCW X . -1.69 3.75 13.04
C2 PCW X . -2.53 3.14 11.85
C3 PCW X . -4.05 3.33 12.15
C4 PCW X . -1.12 7.36 13.71
C5 PCW X . -1.75 8.30 12.68
C6 PCW X . -3.70 9.79 12.00
C7 PCW X . -3.30 9.26 14.36
C8 PCW X . -2.20 10.22 13.22
C11 PCW X . -5.72 1.80 11.44
C12 PCW X . -6.47 1.33 10.23
C13 PCW X . -6.37 -0.22 10.14
C14 PCW X . -7.09 -0.84 8.95
C15 PCW X . -6.31 -1.91 8.14
C16 PCW X . -6.86 -2.00 6.67
C17 PCW X . -5.87 -2.52 5.57
C18 PCW X . -6.58 -3.24 4.42
C19 PCW X . -6.05 -4.69 4.21
C20 PCW X . -6.78 -5.64 3.50
C21 PCW X . -8.10 -5.61 2.82
C22 PCW X . -7.83 -5.91 1.31
C23 PCW X . -8.11 -4.78 0.29
C24 PCW X . -8.11 -5.16 -1.17
C25 PCW X . -6.90 -4.82 -2.08
C26 PCW X . -6.36 -5.95 -2.93
C27 PCW X . -5.13 -5.67 -3.82
C28 PCW X . -5.56 -5.32 -5.23
C31 PCW X . -1.62 3.20 9.64
C32 PCW X . -1.38 4.14 8.44
C33 PCW X . -2.46 4.06 7.26
C34 PCW X . -1.90 3.52 5.95
C35 PCW X . -2.95 3.94 4.84
C36 PCW X . -3.49 2.72 4.05
C37 PCW X . -4.54 3.05 2.94
C38 PCW X . -4.55 2.02 1.85
C39 PCW X . -5.56 2.33 0.78
C40 PCW X . -6.01 1.51 -0.17
C41 PCW X . -5.58 0.07 -0.34
C42 PCW X . -6.85 -0.79 -0.77
C43 PCW X . -7.71 -0.30 -1.92
C44 PCW X . -8.84 -1.30 -2.10
C45 PCW X . -10.11 -0.97 -1.36
C46 PCW X . -11.28 -1.84 -1.74
C47 PCW X . -12.48 -1.80 -0.81
C48 PCW X . -13.59 -2.71 -1.31
N PCW X . -2.99 8.96 12.99
O2 PCW X . -2.23 3.91 10.60
O3 PCW X . -4.84 2.76 11.10
O11 PCW X . -5.88 1.37 12.57
O31 PCW X . -1.29 1.98 9.69
O1P PCW X . 0.02 5.04 15.01
O2P PCW X . 1.83 5.34 13.32
O3P PCW X . -0.31 4.03 12.72
O4P PCW X . -0.27 6.46 12.96
P PCW X . 0.37 5.22 13.57
C1 PCW Y . 8.75 24.69 -1.82
C2 PCW Y . 7.63 25.28 -0.87
C3 PCW Y . 7.82 26.83 -0.74
C4 PCW Y . 12.79 25.30 0.75
C5 PCW Y . 13.13 26.79 0.66
C6 PCW Y . 14.24 26.95 2.80
C7 PCW Y . 12.03 27.68 2.59
C8 PCW Y . 13.64 28.99 1.66
C11 PCW Y . 7.20 27.85 1.34
C12 PCW Y . 6.01 28.42 2.05
C13 PCW Y . 6.13 28.05 3.57
C14 PCW Y . 4.99 28.56 4.47
C15 PCW Y . 3.56 28.06 4.11
C16 PCW Y . 2.68 27.95 5.41
C17 PCW Y . 1.31 28.71 5.42
C18 PCW Y . 0.52 28.55 6.72
C19 PCW Y . -0.78 27.72 6.55
C20 PCW Y . -2.00 28.30 6.21
C21 PCW Y . -2.40 29.70 5.94
C22 PCW Y . -3.06 29.71 4.52
C23 PCW Y . -2.73 30.89 3.58
C24 PCW Y . -3.80 31.31 2.61
C25 PCW Y . -3.55 32.47 1.62
C26 PCW Y . -4.61 32.68 0.55
C27 PCW Y . -5.20 34.09 0.39
C28 PCW Y . -5.70 34.28 -1.03
C31 PCW Y . 5.88 23.78 -1.49
C32 PCW Y . 4.47 23.72 -2.10
C33 PCW Y . 3.37 22.95 -1.22
C34 PCW Y . 1.92 23.26 -1.62
C35 PCW Y . 1.10 23.37 -0.26
C36 PCW Y . -0.38 23.75 -0.48
C37 PCW Y . -1.23 23.87 0.83
C38 PCW Y . -2.36 24.82 0.68
C39 PCW Y . -3.17 24.94 1.96
C40 PCW Y . -4.37 25.48 2.11
C41 PCW Y . -5.16 26.11 0.98
C42 PCW Y . -5.71 27.52 1.48
C43 PCW Y . -6.89 28.12 0.75
C44 PCW Y . -7.21 29.44 1.43
C45 PCW Y . -7.55 30.57 0.48
C46 PCW Y . -8.93 30.46 -0.14
C47 PCW Y . -10.09 30.87 0.72
C48 PCW Y . -11.43 30.71 -0.04
N PCW Y . 13.25 27.56 1.87
O2 PCW Y . 6.27 25.05 -1.45
O3 PCW Y . 6.81 27.38 0.12
O11 PCW Y . 8.33 27.84 1.75
O31 PCW Y . 6.55 22.78 -1.08
O1P PCW Y . 10.36 23.77 0.57
O2P PCW Y . 11.40 22.94 -1.55
O3P PCW Y . 10.09 25.15 -1.53
O4P PCW Y . 12.29 24.91 -0.54
P PCW Y . 11.02 24.11 -0.73
C1 PCW Z . 17.25 -3.55 -12.73
C2 PCW Z . 15.85 -3.82 -13.40
C3 PCW Z . 14.85 -4.45 -12.37
C4 PCW Z . 15.09 -0.22 -10.98
C5 PCW Z . 14.50 1.07 -11.54
C6 PCW Z . 12.20 0.28 -12.30
C7 PCW Z . 12.52 2.55 -11.44
C8 PCW Z . 13.24 1.78 -12.98
C11 PCW Z . 13.50 -5.58 -14.04
C12 PCW Z . 12.07 -5.68 -14.50
C13 PCW Z . 11.50 -4.22 -14.69
C14 PCW Z . 10.04 -4.12 -15.16
C15 PCW Z . 9.14 -3.10 -14.39
C16 PCW Z . 9.54 -1.62 -14.75
C17 PCW Z . 8.63 -0.47 -14.21
C18 PCW Z . 7.13 -0.71 -14.42
C19 PCW Z . 6.57 0.08 -15.63
C20 PCW Z . 6.33 -0.52 -16.86
C21 PCW Z . 6.50 -1.90 -17.35
C22 PCW Z . 5.55 -2.06 -18.57
C23 PCW Z . 5.37 -3.49 -19.14
C24 PCW Z . 4.38 -3.63 -20.26
C25 PCW Z . 2.91 -4.04 -19.98
C26 PCW Z . 2.18 -4.79 -21.08
C27 PCW Z . 0.92 -4.13 -21.70
C28 PCW Z . 0.35 -5.00 -22.78
C31 PCW Z . 15.05 -2.47 -15.18
C32 PCW Z . 14.42 -1.11 -15.52
C33 PCW Z . 12.84 -1.13 -15.75
C34 PCW Z . 12.44 -1.21 -17.23
C35 PCW Z . 12.20 0.29 -17.68
C36 PCW Z . 10.79 0.81 -17.29
C37 PCW Z . 10.47 2.28 -17.72
C38 PCW Z . 9.10 2.69 -17.34
C39 PCW Z . 8.81 4.11 -17.75
C40 PCW Z . 7.69 4.58 -18.29
C41 PCW Z . 6.47 3.72 -18.58
C42 PCW Z . 6.67 3.04 -20.01
C43 PCW Z . 6.14 1.64 -20.22
C44 PCW Z . 6.47 1.25 -21.66
C45 PCW Z . 5.74 0.04 -22.18
C46 PCW Z . 4.26 0.12 -22.02
C47 PCW Z . 3.43 -0.73 -22.95
C48 PCW Z . 1.93 -0.54 -22.65
N PCW Z . 13.09 1.23 -11.60
O2 PCW Z . 15.25 -2.53 -13.85
O3 PCW Z . 13.57 -4.69 -12.99
O11 PCW Z . 14.44 -6.19 -14.49
O31 PCW Z . 15.33 -3.38 -16.01
O1P PCW Z . 16.73 -2.49 -10.28
O2P PCW Z . 18.61 -0.91 -10.63
O3P PCW Z . 17.60 -2.16 -12.63
O4P PCW Z . 16.44 -0.32 -11.51
P PCW Z . 17.37 -1.48 -11.18
C1 PCW AA . -9.92 -8.71 17.98
C2 PCW AA . -10.01 -8.62 16.41
C3 PCW AA . -9.82 -10.04 15.77
C4 PCW AA . -5.61 -10.05 18.33
C5 PCW AA . -5.21 -11.10 17.33
C6 PCW AA . -3.06 -12.47 17.36
C7 PCW AA . -5.15 -13.44 18.16
C8 PCW AA . -4.75 -12.90 16.45
C11 PCW AA . -10.72 -10.79 13.68
C12 PCW AA . -10.61 -10.53 12.21
C13 PCW AA . -11.72 -9.48 11.81
C14 PCW AA . -11.73 -9.11 10.33
C15 PCW AA . -12.68 -9.96 9.44
C16 PCW AA . -12.99 -9.23 8.09
C17 PCW AA . -14.08 -8.10 8.11
C18 PCW AA . -14.18 -7.30 6.81
C19 PCW AA . -15.53 -6.58 6.65
C20 PCW AA . -15.72 -5.56 5.73
C21 PCW AA . -14.82 -4.91 4.74
C22 PCW AA . -15.08 -5.61 3.38
C23 PCW AA . -15.88 -4.83 2.30
C24 PCW AA . -15.57 -5.15 0.88
C25 PCW AA . -16.63 -5.84 -0.04
C26 PCW AA . -17.62 -6.75 0.67
C27 PCW AA . -18.81 -7.29 -0.16
C28 PCW AA . -19.59 -6.14 -0.76
C31 PCW AA . -11.44 -6.79 15.89
C32 PCW AA . -12.88 -6.43 15.48
C33 PCW AA . -13.02 -5.10 14.58
C34 PCW AA . -13.90 -4.02 15.22
C35 PCW AA . -15.36 -4.60 15.20
C36 PCW AA . -16.29 -3.87 14.19
C37 PCW AA . -17.76 -4.41 14.13
C38 PCW AA . -18.77 -3.34 14.33
C39 PCW AA . -20.18 -3.87 14.27
C40 PCW AA . -21.29 -3.20 14.01
C41 PCW AA . -21.36 -1.71 13.70
C42 PCW AA . -22.88 -1.36 13.37
C43 PCW AA . -23.28 -1.22 11.92
C44 PCW AA . -24.77 -0.89 11.88
C45 PCW AA . -25.68 -2.08 11.66
C46 PCW AA . -26.02 -2.32 10.21
C47 PCW AA . -26.27 -3.76 9.82
C48 PCW AA . -26.61 -3.88 8.32
N PCW AA . -4.46 -12.24 17.76
O2 PCW AA . -11.35 -8.12 16.00
O3 PCW AA . -9.88 -9.95 14.34
O11 PCW AA . -11.43 -11.61 14.19
O31 PCW AA . -10.51 -5.96 16.08
O1P PCW AA . -7.02 -8.62 20.43
O2P PCW AA . -8.75 -10.39 20.04
O3P PCW AA . -8.67 -8.26 18.56
O4P PCW AA . -7.06 -10.06 18.37
P PCW AA . -7.87 -9.34 19.43
C1 PCW BA . -8.87 3.94 24.95
C2 PCW BA . -9.67 3.44 23.68
C3 PCW BA . -10.57 2.22 24.05
C4 PCW BA . -5.57 5.12 22.00
C5 PCW BA . -5.86 4.62 20.59
C6 PCW BA . -4.24 2.84 20.62
C7 PCW BA . -3.76 4.80 19.45
C8 PCW BA . -5.30 3.38 18.52
C11 PCW BA . -12.46 1.11 23.08
C12 PCW BA . -13.02 0.72 21.74
C13 PCW BA . -13.13 -0.85 21.72
C14 PCW BA . -13.70 -1.44 20.41
C15 PCW BA . -14.81 -2.53 20.59
C16 PCW BA . -16.12 -1.92 21.20
C17 PCW BA . -17.48 -2.43 20.61
C18 PCW BA . -18.55 -1.34 20.53
C19 PCW BA . -18.77 -0.81 19.10
C20 PCW BA . -19.75 -1.34 18.26
C21 PCW BA . -20.75 -2.42 18.43
C22 PCW BA . -20.10 -3.72 17.87
C23 PCW BA . -19.75 -4.85 18.88
C24 PCW BA . -20.33 -6.20 18.62
C25 PCW BA . -19.86 -7.45 19.42
C26 PCW BA . -20.94 -8.34 19.98
C27 PCW BA . -21.58 -9.39 19.04
C28 PCW BA . -22.79 -8.82 18.37
C31 PCW BA . -10.36 4.83 21.90
C32 PCW BA . -11.36 5.95 21.53
C33 PCW BA . -12.88 5.69 21.95
C34 PCW BA . -13.69 4.96 20.87
C35 PCW BA . -14.83 5.97 20.46
C36 PCW BA . -16.22 5.54 20.96
C37 PCW BA . -17.40 6.48 20.59
C38 PCW BA . -18.31 5.87 19.56
C39 PCW BA . -19.46 6.77 19.19
C40 PCW BA . -20.68 6.78 19.73
C41 PCW BA . -21.11 5.87 20.86
C42 PCW BA . -22.70 5.96 20.97
C43 PCW BA . -23.52 4.71 20.74
C44 PCW BA . -24.98 5.09 20.92
C45 PCW BA . -25.91 4.59 19.84
C46 PCW BA . -26.18 5.60 18.76
C47 PCW BA . -26.87 5.09 17.52
C48 PCW BA . -27.09 6.22 16.51
N PCW BA . -4.84 3.95 19.84
O2 PCW BA . -10.56 4.51 23.17
O3 PCW BA . -11.27 1.77 22.89
O11 PCW BA . -12.95 0.87 24.15
O31 PCW BA . -9.52 4.32 21.12
O1P PCW BA . -5.48 5.59 24.88
O2P PCW BA . -6.11 3.17 24.98
O3P PCW BA . -7.91 4.99 24.67
O4P PCW BA . -6.38 4.33 22.89
P PCW BA . -6.40 4.50 24.40
C1 PCW CA . 6.63 -12.45 -2.16
C2 PCW CA . 5.30 -13.15 -2.64
C3 PCW CA . 4.30 -12.08 -3.22
C4 PCW CA . 5.63 -14.24 1.35
C5 PCW CA . 4.70 -15.06 0.45
C6 PCW CA . 3.33 -16.07 2.35
C7 PCW CA . 2.42 -15.99 0.07
C8 PCW CA . 3.89 -16.93 0.68
C11 PCW CA . 2.15 -13.04 -2.73
C12 PCW CA . 1.00 -13.74 -3.40
C13 PCW CA . -0.27 -12.83 -3.29
C14 PCW CA . -1.53 -13.41 -3.94
C15 PCW CA . -2.81 -12.53 -3.87
C16 PCW CA . -4.09 -13.36 -4.23
C17 PCW CA . -4.86 -12.95 -5.54
C18 PCW CA . -5.37 -14.14 -6.35
C19 PCW CA . -4.49 -14.43 -7.59
C20 PCW CA . -5.02 -14.65 -8.85
C21 PCW CA . -6.41 -14.65 -9.38
C22 PCW CA . -6.34 -14.09 -10.83
C23 PCW CA . -6.65 -15.08 -11.98
C24 PCW CA . -8.09 -15.29 -12.33
C25 PCW CA . -8.87 -14.29 -13.23
C26 PCW CA . -10.29 -14.68 -13.58
C27 PCW CA . -10.87 -14.15 -14.92
C28 PCW CA . -10.86 -15.25 -15.95
C31 PCW CA . 5.00 -15.30 -3.58
C32 PCW CA . 5.42 -16.20 -4.76
C33 PCW CA . 4.98 -15.67 -6.21
C34 PCW CA . 3.53 -16.01 -6.57
C35 PCW CA . 2.95 -14.70 -7.25
C36 PCW CA . 3.38 -14.55 -8.73
C37 PCW CA . 2.85 -13.28 -9.46
C38 PCW CA . 3.18 -13.30 -10.91
C39 PCW CA . 2.66 -12.08 -11.63
C40 PCW CA . 1.57 -12.01 -12.40
C41 PCW CA . 0.65 -13.18 -12.68
C42 PCW CA . -0.78 -12.59 -13.08
C43 PCW CA . -1.72 -13.44 -13.90
C44 PCW CA . -2.98 -12.61 -14.12
C45 PCW CA . -3.40 -12.41 -15.55
C46 PCW CA . -4.86 -12.69 -15.79
C47 PCW CA . -5.20 -13.92 -16.62
C48 PCW CA . -6.71 -14.08 -16.77
N PCW CA . 3.46 -15.53 0.98
O2 PCW CA . 5.60 -14.12 -3.73
O3 PCW CA . 3.10 -12.73 -3.66
O11 PCW CA . 2.23 -12.80 -1.55
O31 PCW CA . 4.23 -15.63 -2.64
O1P PCW CA . 8.44 -14.38 0.62
O2P PCW CA . 8.23 -11.90 0.50
O3P PCW CA . 7.56 -13.35 -1.52
O4P PCW CA . 6.22 -13.20 0.50
P PCW CA . 7.67 -13.21 0.08
C1 PCW DA . -5.67 -1.44 16.21
C2 PCW DA . -7.12 -1.34 15.60
C3 PCW DA . -8.05 -2.43 16.24
C4 PCW DA . -2.15 -1.66 16.74
C5 PCW DA . -0.98 -2.38 17.41
C6 PCW DA . -1.18 -4.55 18.73
C7 PCW DA . -0.27 -4.55 16.44
C8 PCW DA . 0.45 -3.75 17.96
C11 PCW DA . -9.57 -2.78 14.42
C12 PCW DA . -11.01 -2.56 14.05
C13 PCW DA . -11.08 -1.49 12.90
C14 PCW DA . -12.51 -1.16 12.42
C15 PCW DA . -12.60 -0.34 11.10
C16 PCW DA . -13.98 -0.58 10.39
C17 PCW DA . -14.15 -0.01 8.95
C18 PCW DA . -14.59 -1.07 7.93
C19 PCW DA . -15.00 -0.46 6.58
C20 PCW DA . -16.16 -0.84 5.93
C21 PCW DA . -17.23 -1.81 6.30
C22 PCW DA . -18.51 -1.35 5.55
C23 PCW DA . -19.70 -0.87 6.41
C24 PCW DA . -19.74 0.58 6.75
C25 PCW DA . -18.96 1.13 7.99
C26 PCW DA . -19.68 2.16 8.83
C27 PCW DA . -20.01 1.81 10.30
C28 PCW DA . -19.96 3.05 11.16
C31 PCW DA . -8.29 0.59 14.87
C32 PCW DA . -8.85 1.94 15.33
C33 PCW DA . -10.43 2.14 15.13
C34 PCW DA . -10.83 2.33 13.66
C35 PCW DA . -11.49 3.77 13.58
C36 PCW DA . -12.86 3.74 12.84
C37 PCW DA . -13.58 5.13 12.72
C38 PCW DA . -14.39 5.45 13.94
C39 PCW DA . -15.09 6.77 13.85
C40 PCW DA . -15.54 7.51 14.85
C41 PCW DA . -15.39 7.14 16.31
C42 PCW DA . -16.46 7.97 17.15
C43 PCW DA . -16.33 9.49 17.18
C44 PCW DA . -17.46 10.02 18.04
C45 PCW DA . -18.76 10.27 17.31
C46 PCW DA . -19.36 11.62 17.59
C47 PCW DA . -19.09 12.70 16.57
C48 PCW DA . -19.75 14.02 16.99
N PCW DA . -0.97 -3.81 17.46
O2 PCW DA . -7.71 0.00 15.92
O3 PCW DA . -9.36 -2.32 15.69
O11 PCW DA . -8.74 -3.29 13.72
O31 PCW DA . -8.36 0.13 13.70
O1P PCW DA . -3.73 0.79 16.86
O2P PCW DA . -3.96 0.20 19.27
O3P PCW DA . -5.52 -0.84 17.52
O4P PCW DA . -3.19 -1.51 17.75
P PCW DA . -4.06 -0.27 17.87
C1 PCW EA . 1.93 20.83 9.40
C2 PCW EA . 0.75 21.78 8.95
C3 PCW EA . -0.50 20.93 8.54
C4 PCW EA . 3.04 23.15 12.92
C5 PCW EA . 3.85 22.87 14.18
C6 PCW EA . 5.11 23.78 16.19
C7 PCW EA . 3.31 25.09 15.16
C8 PCW EA . 3.18 23.47 16.03
C11 PCW EA . -2.64 21.22 7.55
C12 PCW EA . -3.65 22.28 7.19
C13 PCW EA . -4.92 22.07 8.10
C14 PCW EA . -6.07 23.07 7.87
C15 PCW EA . -6.86 23.49 9.14
C16 PCW EA . -7.39 24.97 9.01
C17 PCW EA . -8.94 25.18 9.04
C18 PCW EA . -9.64 24.78 7.75
C19 PCW EA . -10.69 23.66 7.96
C20 PCW EA . -11.44 23.12 6.92
C21 PCW EA . -11.47 23.40 5.46
C22 PCW EA . -12.87 22.94 4.94
C23 PCW EA . -12.94 21.58 4.23
C24 PCW EA . -11.95 21.34 3.12
C25 PCW EA . -12.16 20.17 2.11
C26 PCW EA . -11.45 18.87 2.43
C27 PCW EA . -11.01 17.97 1.26
C28 PCW EA . -11.87 16.72 1.20
C31 PCW EA . 0.67 23.94 9.97
C32 PCW EA . 0.15 24.69 11.21
C33 PCW EA . 0.68 26.19 11.41
C34 PCW EA . 0.28 27.13 10.28
C35 PCW EA . -0.95 27.96 10.83
C36 PCW EA . -1.22 29.24 9.98
C37 PCW EA . -2.43 30.12 10.46
C38 PCW EA . -3.29 30.51 9.30
C39 PCW EA . -4.48 31.36 9.69
C40 PCW EA . -5.19 32.14 8.88
C41 PCW EA . -4.91 32.31 7.40
C42 PCW EA . -6.27 32.05 6.59
C43 PCW EA . -6.26 32.28 5.10
C44 PCW EA . -7.66 31.97 4.58
C45 PCW EA . -8.46 33.16 4.13
C46 PCW EA . -8.34 33.46 2.66
C47 PCW EA . -9.32 34.46 2.09
C48 PCW EA . -9.09 34.66 0.59
N PCW EA . 4.19 23.95 15.05
O2 PCW EA . 0.32 22.65 10.09
O3 PCW EA . -1.56 21.79 8.14
O11 PCW EA . -2.77 20.05 7.34
O31 PCW EA . 1.32 24.44 9.01
O1P PCW EA . 2.66 20.42 11.98
O2P PCW EA . 5.03 20.65 11.25
O3P PCW EA . 3.14 21.52 9.76
O4P PCW EA . 3.81 22.65 11.80
P PCW EA . 3.68 21.25 11.25
C1 PCW FA . -0.07 17.41 15.35
C2 PCW FA . -1.32 18.05 14.64
C3 PCW FA . -1.06 18.22 13.11
C4 PCW FA . 0.74 13.68 17.78
C5 PCW FA . 0.71 12.16 17.99
C6 PCW FA . 0.02 12.07 20.44
C7 PCW FA . -0.59 10.25 18.92
C8 PCW FA . 1.11 10.78 19.45
C11 PCW FA . -2.13 20.09 12.03
C12 PCW FA . -3.45 20.50 11.43
C13 PCW FA . -4.52 20.60 12.58
C14 PCW FA . -5.92 21.01 12.12
C15 PCW FA . -6.92 19.84 11.87
C16 PCW FA . -8.33 20.38 11.45
C17 PCW FA . -9.43 19.31 11.11
C18 PCW FA . -9.93 19.40 9.67
C19 PCW FA . -10.26 18.01 9.07
C20 PCW FA . -11.56 17.60 8.81
C21 PCW FA . -12.88 18.25 9.02
C22 PCW FA . -13.12 19.16 7.79
C23 PCW FA . -14.46 18.99 7.02
C24 PCW FA . -14.61 17.74 6.20
C25 PCW FA . -14.19 17.70 4.71
C26 PCW FA . -15.27 17.38 3.71
C27 PCW FA . -15.14 17.96 2.28
C28 PCW FA . -15.80 19.31 2.21
C31 PCW FA . -3.52 17.75 15.47
C32 PCW FA . -4.68 16.74 15.55
C33 PCW FA . -6.15 17.38 15.56
C34 PCW FA . -7.09 16.77 14.52
C35 PCW FA . -8.54 16.86 15.13
C36 PCW FA . -9.34 18.07 14.57
C37 PCW FA . -10.78 18.22 15.14
C38 PCW FA . -11.68 18.99 14.22
C39 PCW FA . -13.08 19.14 14.78
C40 PCW FA . -14.23 18.80 14.18
C41 PCW FA . -14.31 18.18 12.79
C42 PCW FA . -15.11 19.19 11.84
C43 PCW FA . -16.31 18.68 11.06
C44 PCW FA . -16.84 19.85 10.26
C45 PCW FA . -18.36 19.92 10.18
C46 PCW FA . -18.88 20.27 8.82
C47 PCW FA . -19.77 19.25 8.15
C48 PCW FA . -20.21 19.75 6.76
N PCW FA . -0.07 11.60 19.05
O2 PCW FA . -2.52 17.19 14.79
O3 PCW FA . -2.22 18.80 12.49
O11 PCW FA . -1.17 20.79 12.12
O31 PCW FA . -3.53 18.90 15.98
O1P PCW FA . -1.11 15.86 17.40
O2P PCW FA . -1.95 14.42 15.53
O3P PCW FA . 0.06 15.99 15.15
O4P PCW FA . 0.20 13.93 16.45
P PCW FA . -0.77 15.05 16.18
C1 PCW GA . 8.16 7.21 -4.90
C2 PCW GA . 6.60 7.43 -4.86
C3 PCW GA . 6.28 8.92 -4.50
C4 PCW GA . 10.06 7.57 -1.65
C5 PCW GA . 11.34 7.40 -0.81
C6 PCW GA . 10.14 7.49 1.44
C7 PCW GA . 12.45 6.67 1.28
C8 PCW GA . 11.82 8.36 0.93
C11 PCW GA . 4.20 8.93 -3.32
C12 PCW GA . 2.73 9.14 -3.57
C13 PCW GA . 2.12 7.76 -4.00
C14 PCW GA . 0.61 7.77 -4.29
C15 PCW GA . 0.12 6.75 -5.36
C16 PCW GA . -1.22 7.24 -6.01
C17 PCW GA . -1.13 8.07 -7.32
C18 PCW GA . -2.47 8.65 -7.78
C19 PCW GA . -2.71 8.46 -9.29
C20 PCW GA . -3.34 7.33 -9.83
C21 PCW GA . -3.89 6.12 -9.19
C22 PCW GA . -5.42 6.35 -9.04
C23 PCW GA . -6.37 5.63 -10.03
C24 PCW GA . -7.59 6.37 -10.46
C25 PCW GA . -7.57 7.26 -11.74
C26 PCW GA . -8.82 8.07 -12.01
C27 PCW GA . -9.26 8.26 -13.48
C28 PCW GA . -10.15 9.47 -13.59
C31 PCW GA . 4.84 6.51 -6.14
C32 PCW GA . 4.31 6.31 -7.57
C33 PCW GA . 2.74 6.55 -7.74
C34 PCW GA . 2.37 7.51 -8.88
C35 PCW GA . 3.34 8.75 -8.73
C36 PCW GA . 2.72 9.91 -7.92
C37 PCW GA . 3.65 11.15 -7.74
C38 PCW GA . 3.83 11.91 -9.01
C39 PCW GA . 4.73 13.10 -8.87
C40 PCW GA . 4.37 14.36 -8.60
C41 PCW GA . 2.93 14.81 -8.38
C42 PCW GA . 2.23 15.02 -9.80
C43 PCW GA . 1.01 14.17 -10.14
C44 PCW GA . 0.56 14.58 -11.54
C45 PCW GA . -0.36 13.61 -12.23
C46 PCW GA . -1.45 14.27 -13.04
C47 PCW GA . -2.53 13.36 -13.58
C48 PCW GA . -3.58 14.16 -14.38
N PCW GA . 11.25 7.04 0.57
O2 PCW GA . 5.99 7.17 -6.20
O3 PCW GA . 4.86 9.11 -4.49
O11 PCW GA . 4.70 8.62 -2.27
O31 PCW GA . 4.27 6.10 -5.09
O1P PCW GA . 7.49 6.36 -2.20
O2P PCW GA . 8.84 4.29 -2.45
O3P PCW GA . 8.57 5.90 -4.44
O4P PCW GA . 9.99 6.40 -2.50
P PCW GA . 8.67 5.70 -2.84
C1 PCW HA . 7.98 11.71 -3.80
C2 PCW HA . 6.68 12.61 -3.67
C3 PCW HA . 6.02 12.82 -5.08
C4 PCW HA . 11.38 14.64 -2.47
C5 PCW HA . 10.18 15.58 -2.60
C6 PCW HA . 7.69 15.58 -2.08
C7 PCW HA . 9.33 15.84 -0.27
C8 PCW HA . 9.01 16.98 -1.69
C11 PCW HA . 4.96 14.98 -4.93
C12 PCW HA . 3.59 15.60 -4.77
C13 PCW HA . 3.78 17.05 -4.22
C14 PCW HA . 2.49 17.84 -3.98
C15 PCW HA . 1.94 18.61 -5.21
C16 PCW HA . 0.74 17.84 -5.85
C17 PCW HA . 0.84 17.50 -7.38
C18 PCW HA . 0.66 18.70 -8.28
C19 PCW HA . 0.41 18.30 -9.76
C20 PCW HA . -0.75 18.62 -10.43
C21 PCW HA . -1.97 19.36 -10.00
C22 PCW HA . -2.44 20.19 -11.22
C23 PCW HA . -3.93 20.11 -11.62
C24 PCW HA . -4.31 19.01 -12.58
C25 PCW HA . -5.74 18.90 -13.16
C26 PCW HA . -6.18 17.52 -13.62
C27 PCW HA . -7.14 17.43 -14.84
C28 PCW HA . -6.42 16.85 -16.03
C31 PCW HA . 5.84 12.19 -1.50
C32 PCW HA . 4.75 11.44 -0.73
C33 PCW HA . 3.28 12.10 -0.83
C34 PCW HA . 2.93 12.97 0.37
C35 PCW HA . 1.58 13.71 -0.01
C36 PCW HA . 1.79 14.89 -0.98
C37 PCW HA . 0.50 15.68 -1.39
C38 PCW HA . 0.10 15.44 -2.81
C39 PCW HA . -1.16 16.20 -3.19
C40 PCW HA . -2.30 15.70 -3.63
C41 PCW HA . -2.57 14.22 -3.84
C42 PCW HA . -3.97 14.09 -4.60
C43 PCW HA . -4.44 12.71 -5.02
C44 PCW HA . -5.78 12.90 -5.71
C45 PCW HA . -5.70 13.41 -7.13
C46 PCW HA . -6.51 14.65 -7.36
C47 PCW HA . -7.09 14.82 -8.74
C48 PCW HA . -7.89 16.13 -8.83
N PCW HA . 9.11 15.50 -1.66
O2 PCW HA . 5.68 11.94 -2.80
O3 PCW HA . 4.84 13.62 -4.95
O11 PCW HA . 5.98 15.58 -5.02
O31 PCW HA . 6.75 12.91 -0.99
O1P PCW HA . 9.81 12.31 -1.75
O2P PCW HA . 11.27 11.14 -3.41
O3P PCW HA . 9.18 12.42 -4.17
O4P PCW HA . 11.20 13.55 -3.44
P PCW HA . 10.39 12.30 -3.14
C1 PCW IA . 2.76 0.68 1.73
C2 PCW IA . 2.26 0.25 0.29
C3 PCW IA . 2.51 -1.30 0.09
C4 PCW IA . 5.60 0.37 3.93
C5 PCW IA . 5.25 -1.12 4.09
C6 PCW IA . 6.46 -1.50 6.16
C7 PCW IA . 4.93 -3.10 5.41
C8 PCW IA . 4.08 -1.17 6.27
C11 PCW IA . 1.83 -2.98 -1.50
C12 PCW IA . 1.33 -3.11 -2.91
C13 PCW IA . 2.57 -3.24 -3.87
C14 PCW IA . 2.24 -3.38 -5.36
C15 PCW IA . 1.40 -4.64 -5.74
C16 PCW IA . 1.19 -4.70 -7.30
C17 PCW IA . 0.72 -6.07 -7.89
C18 PCW IA . 1.23 -6.30 -9.32
C19 PCW IA . 1.66 -7.76 -9.56
C20 PCW IA . 0.78 -8.73 -9.99
C21 PCW IA . -0.67 -8.72 -10.32
C22 PCW IA . -0.79 -8.39 -11.83
C23 PCW IA . -2.10 -8.81 -12.54
C24 PCW IA . -2.48 -8.03 -13.76
C25 PCW IA . -2.99 -8.74 -15.05
C26 PCW IA . -4.49 -8.73 -15.29
C27 PCW IA . -5.12 -7.44 -15.85
C28 PCW IA . -6.22 -7.78 -16.84
C31 PCW IA . 0.40 0.77 -1.09
C32 PCW IA . -1.13 0.96 -1.06
C33 PCW IA . -1.97 -0.29 -1.58
C34 PCW IA . -1.55 -0.76 -2.98
C35 PCW IA . -2.76 -1.63 -3.52
C36 PCW IA . -3.97 -0.75 -3.91
C37 PCW IA . -5.21 -1.52 -4.46
C38 PCW IA . -6.00 -0.70 -5.42
C39 PCW IA . -7.20 -1.43 -5.97
C40 PCW IA . -7.35 -1.91 -7.19
C41 PCW IA . -6.29 -1.80 -8.29
C42 PCW IA . -6.12 -3.23 -8.94
C43 PCW IA . -7.14 -3.68 -9.97
C44 PCW IA . -6.73 -5.08 -10.42
C45 PCW IA . -7.86 -6.05 -10.64
C46 PCW IA . -8.81 -5.64 -11.72
C47 PCW IA . -9.19 -6.70 -12.72
C48 PCW IA . -10.18 -6.15 -13.77
N PCW IA . 5.18 -1.69 5.42
O2 PCW IA . 0.80 0.48 0.16
O3 PCW IA . 2.06 -1.66 -1.23
O11 PCW IA . 1.98 -3.89 -0.72
O31 PCW IA . 1.13 0.88 -2.11
O1P PCW IA . 5.51 2.89 2.46
O2P PCW IA . 3.63 3.37 4.01
O3P PCW IA . 3.21 2.05 1.82
O4P PCW IA . 4.35 1.09 3.79
P PCW IA . 4.22 2.41 3.04
C1 PCW JA . -1.86 21.69 18.58
C2 PCW JA . -3.30 21.93 19.16
C3 PCW JA . -3.54 23.47 19.38
C4 PCW JA . -3.07 17.29 19.38
C5 PCW JA . -4.46 16.99 19.95
C6 PCW JA . -3.43 16.07 22.10
C7 PCW JA . -5.85 15.93 21.71
C8 PCW JA . -4.50 15.10 20.77
C11 PCW JA . -5.01 23.57 21.27
C12 PCW JA . -6.44 23.84 21.64
C13 PCW JA . -6.48 25.05 22.64
C14 PCW JA . -7.88 25.45 23.12
C15 PCW JA . -8.84 26.04 22.04
C16 PCW JA . -10.34 25.86 22.46
C17 PCW JA . -10.82 24.39 22.74
C18 PCW JA . -11.70 23.81 21.64
C19 PCW JA . -13.16 23.55 22.08
C20 PCW JA . -14.23 24.33 21.66
C21 PCW JA . -14.29 25.50 20.74
C22 PCW JA . -15.79 25.69 20.37
C23 PCW JA . -16.19 25.49 18.88
C24 PCW JA . -16.69 26.69 18.14
C25 PCW JA . -18.22 26.93 17.95
C26 PCW JA . -18.61 28.14 17.15
C27 PCW JA . -18.63 28.03 15.61
C28 PCW JA . -19.69 28.94 15.03
C31 PCW JA . -5.26 20.66 18.75
C32 PCW JA . -6.25 20.27 17.64
C33 PCW JA . -7.79 20.57 17.94
C34 PCW JA . -8.06 22.04 18.28
C35 PCW JA . -8.29 22.76 16.89
C36 PCW JA . -9.79 22.86 16.50
C37 PCW JA . -10.08 23.56 15.15
C38 PCW JA . -11.22 22.92 14.41
C39 PCW JA . -11.50 23.61 13.10
C40 PCW JA . -12.68 23.82 12.54
C41 PCW JA . -14.00 23.37 13.13
C42 PCW JA . -15.19 24.02 12.29
C43 PCW JA . -16.59 23.47 12.47
C44 PCW JA . -17.49 24.26 11.54
C45 PCW JA . -18.97 24.20 11.85
C46 PCW JA . -19.82 24.97 10.88
C47 PCW JA . -20.50 26.21 11.42
C48 PCW JA . -21.33 26.90 10.33
N PCW JA . -4.59 16.50 21.29
O2 PCW JA . -4.33 21.45 18.20
O3 PCW JA . -4.86 23.68 19.92
O11 PCW JA . -4.13 23.31 22.05
O31 PCW JA . -5.33 20.33 19.96
O1P PCW JA . -0.36 18.31 19.24
O2P PCW JA . -1.25 20.03 20.82
O3P PCW JA . -1.56 20.30 18.26
O4P PCW JA . -2.82 18.70 19.59
P PCW JA . -1.44 19.31 19.53
C1 17F KA . 19.49 23.83 -11.56
N1 17F KA . 21.34 24.91 -12.87
O1 17F KA . 21.53 20.98 -13.19
P1 17F KA . 20.28 21.76 -12.80
C2 17F KA . 20.24 25.11 -11.94
O2 17F KA . 19.98 20.79 -11.69
C3 17F KA . 20.73 25.81 -10.67
O3 17F KA . 20.32 22.72 -11.59
C4 17F KA . 17.65 21.84 -12.98
O4 17F KA . 19.98 26.08 -9.75
C5 17F KA . 16.40 21.11 -13.53
O5 17F KA . 21.97 26.16 -10.52
C6 17F KA . 15.11 21.74 -12.96
O6 17F KA . 18.88 21.18 -13.28
C7 17F KA . 12.92 21.03 -12.65
O7 17F KA . 13.95 21.09 -13.43
C8 17F KA . 11.82 20.22 -13.36
O8 17F KA . 12.76 21.47 -11.54
C9 17F KA . 12.21 18.75 -13.64
O9 17F KA . 16.35 21.04 -14.98
C10 17F KA . 11.11 17.88 -14.35
O10 17F KA . 17.25 23.07 -15.66
C11 17F KA . 9.98 17.37 -13.37
C12 17F KA . 8.90 16.50 -14.11
C17 17F KA . 16.34 22.22 -15.58
C18 17F KA . 15.02 22.50 -16.27
C19 17F KA . 14.64 21.49 -17.39
C20 17F KA . 13.62 22.07 -18.44
C1X 17F KA . 7.83 16.04 -13.11
C1Y 17F KA . 13.29 21.01 -19.52
C1Z 17F KA . 12.86 21.65 -20.84
C2X 17F KA . 6.69 15.13 -13.80
C21 17F KA . 5.58 14.73 -12.78
C22 17F KA . 4.35 14.53 -13.09
C23 17F KA . 3.72 14.65 -14.42
C24 17F KA . 2.63 15.71 -14.50
C25 17F KA . 1.94 15.90 -15.83
C26 17F KA . 0.58 15.08 -16.03
C27 17F KA . -0.10 15.27 -17.37
C28 17F KA . -1.40 14.39 -17.36
C29 17F KA . -2.35 14.96 -18.33
C30 17F KA . -3.64 14.22 -18.44
C31 17F KA . 13.36 20.94 -22.16
C32 17F KA . 12.91 21.57 -23.50
C33 17F KA . 13.66 20.88 -24.65
C34 17F KA . 13.51 21.17 -25.94
C35 17F KA . 12.61 22.22 -26.56
C36 17F KA . 12.63 22.25 -28.12
C37 17F KA . 11.41 22.91 -28.61
C38 17F KA . 11.05 22.60 -30.08
C39 17F KA . 9.76 23.32 -30.52
C40 17F KA . 8.92 22.42 -31.43
C41 17F KA . 8.34 23.24 -32.65
C42 17F KA . 6.82 23.34 -32.82
C1 17F LA . 0.62 -1.73 11.56
N1 17F LA . -0.26 -3.59 12.98
O1 17F LA . 0.76 -4.00 8.92
P1 17F LA . 0.81 -2.52 9.14
C2 17F LA . 0.92 -3.00 12.38
O2 17F LA . 2.17 -1.89 9.30
C3 17F LA . 1.94 -2.66 13.48
O3 17F LA . -0.03 -2.06 10.38
C4 17F LA . 0.05 -0.32 7.92
O4 17F LA . 3.02 -2.15 13.20
C5 17F LA . -0.66 0.23 6.64
O5 17F LA . 1.71 -2.88 14.73
C6 17F LA . 0.37 0.22 5.48
O6 17F LA . 0.13 -1.75 7.94
C7 17F LA . 0.24 1.88 3.83
O7 17F LA . -0.18 0.73 4.26
C8 17F LA . -0.49 2.17 2.50
O8 17F LA . 1.04 2.63 4.29
C9 17F LA . -0.36 3.65 2.05
O9 17F LA . -1.85 -0.49 6.29
C10 17F LA . -1.08 4.00 0.70
O10 17F LA . -2.87 -0.62 8.37
C11 17F LA . -2.50 4.67 0.84
C12 17F LA . -3.14 4.97 -0.57
C17 17F LA . -2.82 -0.31 7.16
C18 17F LA . -4.03 0.37 6.55
C19 17F LA . -4.58 1.56 7.36
C20 17F LA . -5.78 2.30 6.65
C1X 17F LA . -4.52 5.61 -0.41
C1Y 17F LA . -6.27 3.49 7.51
C1Z 17F LA . -7.79 3.70 7.37
C2X 17F LA . -5.19 5.93 -1.84
C21 17F LA . -4.24 6.75 -2.78
C22 17F LA . -4.60 7.26 -3.91
C23 17F LA . -5.91 7.18 -4.55
C24 17F LA . -6.09 5.99 -5.49
C25 17F LA . -7.43 5.86 -6.17
C26 17F LA . -8.44 4.81 -5.51
C27 17F LA . -9.78 4.68 -6.19
C28 17F LA . -10.62 3.62 -5.39
C29 17F LA . -10.89 2.46 -6.26
C30 17F LA . -11.68 1.36 -5.61
C31 17F LA . -8.69 2.42 7.46
C32 17F LA . -10.21 2.69 7.31
C33 17F LA . -10.57 2.75 5.83
C34 17F LA . -11.78 2.96 5.36
C35 17F LA . -13.04 3.20 6.18
C36 17F LA . -14.18 3.96 5.44
C37 17F LA . -13.99 5.42 5.64
C38 17F LA . -13.55 6.20 4.38
C39 17F LA . -13.36 7.69 4.67
C40 17F LA . -11.89 8.06 4.54
C41 17F LA . -11.63 8.84 3.19
C42 17F LA . -10.74 8.21 2.12
C1 17F MA . 16.27 13.24 -9.94
N1 17F MA . 15.24 11.31 -8.69
O1 17F MA . 16.34 11.35 -12.71
P1 17F MA . 15.91 12.75 -12.40
C2 17F MA . 16.47 12.03 -8.99
O2 17F MA . 16.93 13.84 -12.60
C3 17F MA . 17.10 12.52 -7.68
O3 17F MA . 15.37 12.93 -10.95
C4 17F MA . 14.10 14.50 -13.19
O4 17F MA . 18.16 13.16 -7.69
C5 17F MA . 12.90 14.73 -14.15
O5 17F MA . 16.58 12.28 -6.54
C6 17F MA . 13.43 15.00 -15.58
O6 17F MA . 14.67 13.19 -13.29
C7 17F MA . 11.75 14.21 -17.03
O7 17F MA . 12.38 15.23 -16.53
C8 17F MA . 10.73 14.74 -18.09
O8 17F MA . 11.88 13.03 -16.84
C9 17F MA . 9.27 14.85 -17.56
O9 17F MA . 11.97 13.64 -14.13
C10 17F MA . 8.24 15.37 -18.62
O10 17F MA . 11.07 14.35 -12.14
C11 17F MA . 8.17 16.94 -18.73
C12 17F MA . 7.14 17.43 -19.81
C17 17F MA . 11.36 13.49 -12.98
C18 17F MA . 11.00 12.06 -12.71
C19 17F MA . 9.50 11.71 -12.96
C20 17F MA . 9.05 12.05 -14.42
C1X 17F MA . 7.12 18.96 -19.88
C1Y 17F MA . 7.55 11.69 -14.61
C1Z 17F MA . 7.08 12.05 -16.03
C2X 17F MA . 6.09 19.52 -20.96
C21 17F MA . 6.83 20.20 -22.16
C22 17F MA . 6.27 20.95 -23.05
C23 17F MA . 4.86 21.32 -23.18
C24 17F MA . 4.62 22.74 -23.68
C25 17F MA . 3.18 23.17 -23.83
C26 17F MA . 2.32 22.36 -24.90
C27 17F MA . 0.87 22.82 -25.04
C28 17F MA . 0.21 21.90 -26.13
C29 17F MA . 0.16 22.63 -27.40
C30 17F MA . -0.46 21.88 -28.54
C31 17F MA . 7.57 11.12 -17.20
C32 17F MA . 7.05 11.53 -18.61
C33 17F MA . 8.24 11.74 -19.54
C34 17F MA . 8.15 12.10 -20.81
C35 17F MA . 6.88 12.37 -21.58
C36 17F MA . 6.48 11.26 -22.59
C37 17F MA . 6.02 11.89 -23.85
C38 17F MA . 7.05 11.85 -25.01
C39 17F MA . 6.50 12.52 -26.27
C40 17F MA . 6.06 11.46 -27.29
C41 17F MA . 4.92 12.03 -28.23
C42 17F MA . 3.83 11.08 -28.73
C1 17F NA . 14.27 -10.68 -10.69
N1 17F NA . 13.05 -10.72 -8.49
O1 17F NA . 13.91 -9.30 -13.54
P1 17F NA . 13.51 -8.79 -12.18
C2 17F NA . 14.34 -10.61 -9.15
O2 17F NA . 14.49 -7.86 -11.50
C3 17F NA . 15.02 -9.29 -8.73
O3 17F NA . 13.21 -9.92 -11.17
C4 17F NA . 11.60 -7.40 -11.05
O4 17F NA . 16.13 -8.97 -9.17
C5 17F NA . 10.27 -6.62 -11.27
O5 17F NA . 14.46 -8.45 -7.92
C6 17F NA . 10.56 -5.12 -10.97
O6 17F NA . 12.15 -7.97 -12.23
C7 17F NA . 9.13 -3.47 -10.16
O7 17F NA . 9.43 -4.30 -11.13
C8 17F NA . 7.89 -2.65 -10.57
O8 17F NA . 9.67 -3.30 -9.10
C9 17F NA . 8.12 -1.12 -10.49
O9 17F NA . 9.72 -6.81 -12.58
C10 17F NA . 6.89 -0.22 -10.89
O10 17F NA . 7.93 -8.10 -11.92
C11 17F NA . 6.96 1.25 -10.31
C12 17F NA . 5.72 2.10 -10.74
C17 17F NA . 8.46 -7.17 -12.55
C18 17F NA . 7.59 -6.29 -13.41
C19 17F NA . 7.08 -6.96 -14.72
C20 17F NA . 5.66 -6.45 -15.15
C1X 17F NA . 5.83 3.52 -10.17
C1Y 17F NA . 5.21 -7.15 -16.45
C1Z 17F NA . 3.77 -6.75 -16.82
C2X 17F NA . 4.57 4.43 -10.57
C21 17F NA . 4.95 5.94 -10.68
C22 17F NA . 4.81 6.66 -11.75
C23 17F NA . 4.27 6.25 -13.04
C24 17F NA . 4.96 6.88 -14.25
C25 17F NA . 4.45 6.49 -15.62
C26 17F NA . 2.89 6.68 -15.88
C27 17F NA . 2.41 6.28 -17.26
C28 17F NA . 0.86 6.54 -17.33
C29 17F NA . 0.42 6.29 -18.72
C30 17F NA . -1.05 6.51 -18.94
C31 17F NA . 3.04 -7.68 -17.85
C32 17F NA . 1.58 -7.27 -18.23
C33 17F NA . 0.68 -8.50 -18.14
C34 17F NA . -0.62 -8.52 -18.39
C35 17F NA . -1.51 -7.37 -18.80
C36 17F NA . -3.01 -7.75 -19.00
C37 17F NA . -3.12 -8.96 -19.84
C38 17F NA . -3.99 -10.10 -19.26
C39 17F NA . -4.04 -11.33 -20.19
C40 17F NA . -5.43 -11.97 -20.16
C41 17F NA . -5.43 -13.32 -21.00
C42 17F NA . -6.73 -13.76 -21.69
C1 17F OA . 2.11 -8.89 6.85
N1 17F OA . 1.51 -8.50 4.46
O1 17F OA . 1.74 -11.04 8.99
P1 17F OA . 1.03 -11.03 7.65
C2 17F OA . 1.47 -7.96 5.81
O2 17F OA . 0.73 -12.37 7.04
C3 17F OA . 2.16 -6.59 5.85
O3 17F OA . 1.79 -10.21 6.60
C4 17F OA . -1.23 -10.18 6.61
O4 17F OA . 2.24 -5.96 6.90
C5 17F OA . -2.56 -9.44 6.91
O5 17F OA . 2.67 -6.06 4.79
C6 17F OA . -2.48 -8.01 6.32
O6 17F OA . -0.39 -10.30 7.75
C7 17F OA . -3.71 -6.51 7.62
O7 17F OA . -3.67 -7.27 6.58
C8 17F OA . -5.08 -5.80 7.67
O8 17F OA . -2.87 -6.32 8.46
C9 17F OA . -5.83 -6.01 9.01
O9 17F OA . -3.71 -10.14 6.42
C10 17F OA . -7.23 -5.29 9.10
O10 17F OA . -4.22 -10.83 8.56
C11 17F OA . -8.09 -5.36 7.79
C12 17F OA . -9.47 -4.61 7.95
C17 17F OA . -4.51 -10.55 7.39
C18 17F OA . -5.95 -10.66 6.93
C19 17F OA . -6.21 -11.81 5.93
C20 17F OA . -5.99 -11.40 4.43
C1X 17F OA . -10.29 -4.70 6.66
C1Y 17F OA . -6.27 -12.59 3.47
C1Z 17F OA . -7.67 -12.48 2.87
C2X 17F OA . -11.69 -3.94 6.78
C21 17F OA . -11.55 -2.39 6.65
C22 17F OA . -11.11 -1.78 5.60
C23 17F OA . -10.65 -2.37 4.32
C24 17F OA . -11.76 -2.94 3.45
C25 17F OA . -11.34 -3.56 2.14
C26 17F OA . -12.00 -4.98 1.79
C27 17F OA . -11.56 -5.60 0.49
C28 17F OA . -12.31 -6.98 0.31
C29 17F OA . -12.97 -7.00 -1.00
C30 17F OA . -13.73 -8.26 -1.31
C31 17F OA . -7.80 -12.73 1.32
C32 17F OA . -9.22 -12.63 0.74
C33 17F OA . -9.55 -11.15 0.50
C34 17F OA . -10.69 -10.70 0.00
C35 17F OA . -11.88 -11.52 -0.42
C36 17F OA . -13.09 -11.43 0.54
C37 17F OA . -13.81 -12.72 0.55
C38 17F OA . -14.78 -12.92 1.75
C39 17F OA . -15.49 -14.28 1.69
C40 17F OA . -14.52 -15.40 2.10
C41 17F OA . -15.19 -16.82 1.86
C42 17F OA . -15.64 -17.63 3.09
C1 17F PA . 18.20 8.60 -14.47
N1 17F PA . 20.62 8.87 -13.92
O1 17F PA . 15.51 7.11 -13.77
P1 17F PA . 16.73 6.54 -14.46
C2 17F PA . 19.64 8.83 -14.98
O2 17F PA . 17.00 5.07 -14.25
C3 17F PA . 19.70 10.14 -15.79
O3 17F PA . 18.03 7.27 -14.08
C4 17F PA . 17.68 6.24 -16.91
O4 17F PA . 18.96 10.33 -16.75
C5 17F PA . 17.42 6.51 -18.42
O5 17F PA . 20.53 11.08 -15.50
C6 17F PA . 17.89 5.30 -19.25
O6 17F PA . 16.64 6.71 -16.04
C7 17F PA . 17.68 4.52 -21.47
O7 17F PA . 17.70 5.51 -20.64
C8 17F PA . 17.55 5.11 -22.88
O8 17F PA . 17.82 3.33 -21.28
C9 17F PA . 17.04 4.13 -23.96
O9 17F PA . 16.04 6.83 -18.70
C10 17F PA . 16.89 4.74 -25.40
O10 17F PA . 16.58 8.71 -19.92
C11 17F PA . 17.63 6.13 -25.56
C12 17F PA . 17.50 6.75 -27.00
C17 17F PA . 15.91 7.69 -19.69
C18 17F PA . 14.75 7.34 -20.61
C19 17F PA . 14.87 7.86 -22.06
C20 17F PA . 14.06 6.98 -23.08
C1X 17F PA . 18.25 8.10 -27.04
C1Y 17F PA . 14.20 7.52 -24.53
C1Z 17F PA . 12.86 8.07 -25.03
C2X 17F PA . 18.17 8.82 -28.47
C21 17F PA . 18.41 10.35 -28.34
C22 17F PA . 18.81 11.12 -29.31
C23 17F PA . 19.13 10.73 -30.68
C24 17F PA . 18.03 11.01 -31.69
C25 17F PA . 18.31 10.62 -33.12
C26 17F PA . 17.17 10.97 -34.18
C27 17F PA . 17.50 10.57 -35.61
C28 17F PA . 16.27 11.00 -36.50
C29 17F PA . 16.65 10.90 -37.91
C30 17F PA . 15.57 11.29 -38.86
C31 17F PA . 12.17 7.28 -26.21
C32 17F PA . 10.82 7.86 -26.71
C33 17F PA . 10.90 8.15 -28.20
C34 17F PA . 9.91 8.65 -28.92
C35 17F PA . 8.53 9.04 -28.43
C36 17F PA . 7.46 7.91 -28.54
C37 17F PA . 6.33 8.39 -29.38
C38 17F PA . 5.22 7.34 -29.62
C39 17F PA . 4.09 7.91 -30.49
C40 17F PA . 4.02 7.17 -31.83
C41 17F PA . 3.97 8.20 -33.04
C42 17F PA . 2.61 8.73 -33.50
C1 17F QA . 9.80 23.66 7.96
N1 17F QA . 10.98 22.92 10.07
O1 17F QA . 7.98 20.37 8.04
P1 17F QA . 8.30 21.69 7.36
C2 17F QA . 10.67 24.04 9.19
O2 17F QA . 9.32 21.62 6.24
C3 17F QA . 9.98 25.15 9.99
O3 17F QA . 8.78 22.79 8.34
C4 17F QA . 7.07 23.56 5.98
O4 17F QA . 9.63 26.20 9.45
C5 17F QA . 5.71 24.02 5.37
O5 17F QA . 9.73 25.05 11.25
C6 17F QA . 5.98 24.71 4.02
O6 17F QA . 7.00 22.32 6.68
C7 17F QA . 4.68 24.92 2.10
O7 17F QA . 4.80 25.17 3.37
C8 17F QA . 3.36 25.55 1.60
O8 17F QA . 5.42 24.35 1.35
C9 17F QA . 3.57 26.51 0.40
O9 17F QA . 4.77 22.94 5.24
C10 17F QA . 2.29 27.20 -0.19
O10 17F QA . 3.78 23.36 7.28
C11 17F QA . 1.81 26.62 -1.58
C12 17F QA . 0.52 27.34 -2.11
C17 17F QA . 3.77 23.03 6.09
C18 17F QA . 2.45 22.66 5.45
C19 17F QA . 1.40 23.80 5.43
C20 17F QA . 1.02 24.23 3.97
C1X 17F QA . 0.09 26.75 -3.46
C1Y 17F QA . -0.03 25.36 3.98
C1Z 17F QA . 0.25 26.37 2.87
C2X 17F QA . -1.22 27.44 -4.06
C21 17F QA . -1.12 27.66 -5.59
C22 17F QA . -2.06 27.39 -6.44
C23 17F QA . -3.39 26.84 -6.18
C24 17F QA . -3.67 25.49 -6.85
C25 17F QA . -5.03 24.88 -6.60
C26 17F QA . -5.96 24.74 -7.91
C27 17F QA . -7.32 24.12 -7.67
C28 17F QA . -8.08 24.07 -9.06
C29 17F QA . -9.51 24.30 -8.83
C30 17F QA . -10.36 24.27 -10.07
C31 17F QA . -0.84 27.47 2.62
C32 17F QA . -0.52 28.48 1.48
C33 17F QA . -1.80 28.83 0.73
C34 17F QA . -1.87 29.67 -0.31
C35 17F QA . -0.72 30.43 -0.94
C36 17F QA . -1.10 31.82 -1.54
C37 17F QA . -0.08 32.19 -2.54
C38 17F QA . 0.84 33.37 -2.12
C39 17F QA . 1.87 33.70 -3.22
C40 17F QA . 2.13 35.21 -3.28
C41 17F QA . 1.74 35.78 -4.71
C42 17F QA . 0.42 36.54 -4.88
C1 17F RA . 11.32 -0.77 -4.73
N1 17F RA . 10.92 -1.46 -2.35
O1 17F RA . 12.46 1.81 -5.95
P1 17F RA . 11.24 1.74 -5.04
C2 17F RA . 11.34 -1.89 -3.68
O2 17F RA . 11.03 2.91 -4.12
C3 17F RA . 12.76 -2.50 -3.60
O3 17F RA . 11.24 0.47 -4.14
C4 17F RA . 8.63 1.52 -5.22
O4 17F RA . 13.31 -2.93 -4.60
C5 17F RA . 7.41 1.40 -6.20
O5 17F RA . 13.40 -2.58 -2.49
C6 17F RA . 7.36 -0.03 -6.79
O6 17F RA . 9.89 1.61 -5.88
C7 17F RA . 5.30 -0.96 -7.40
O7 17F RA . 6.28 -0.19 -7.70
C8 17F RA . 4.30 -0.95 -8.57
O8 17F RA . 5.10 -1.65 -6.42
C9 17F RA . 3.91 -2.37 -9.08
O9 17F RA . 6.16 1.75 -5.58
C10 17F RA . 2.90 -2.43 -10.28
O10 17F RA . 6.66 4.00 -5.36
C11 17F RA . 1.69 -1.43 -10.19
C12 17F RA . 0.74 -1.55 -11.43
C17 17F RA . 6.20 2.91 -4.96
C18 17F RA . 5.59 2.82 -3.57
C19 17F RA . 4.41 3.80 -3.33
C20 17F RA . 3.36 3.23 -2.32
C1X 17F RA . -0.43 -0.54 -11.30
C1Y 17F RA . 2.20 4.25 -2.11
C1Z 17F RA . 1.02 3.94 -3.04
C2X 17F RA . -1.44 -0.62 -12.55
C21 17F RA . -2.06 0.76 -12.88
C22 17F RA . -1.97 1.36 -14.02
C23 17F RA . -1.27 0.90 -15.22
C24 17F RA . -0.33 1.92 -15.85
C25 17F RA . 0.42 1.48 -17.10
C26 17F RA . -0.24 1.92 -18.48
C27 17F RA . 0.51 1.49 -19.72
C28 17F RA . -0.29 2.02 -20.98
C29 17F RA . -1.27 0.99 -21.37
C30 17F RA . -2.11 1.36 -22.55
C31 17F RA . -0.36 4.53 -2.60
C32 17F RA . -1.58 4.22 -3.52
C33 17F RA . -1.37 2.90 -4.24
C34 17F RA . -2.24 2.37 -5.09
C35 17F RA . -3.57 2.96 -5.51
C36 17F RA . -3.99 2.64 -6.98
C37 17F RA . -5.48 2.60 -7.06
C38 17F RA . -6.05 2.43 -8.49
C39 17F RA . -7.59 2.38 -8.48
C40 17F RA . -8.13 2.19 -9.89
C41 17F RA . -9.60 2.75 -10.02
C42 17F RA . -10.25 2.84 -11.42
C1 PCW SA . -18.56 29.44 -21.03
C2 PCW SA . -17.53 28.64 -20.14
C3 PCW SA . -17.87 28.79 -18.62
C4 PCW SA . -22.14 29.05 -20.07
C5 PCW SA . -23.02 28.07 -19.29
C6 PCW SA . -25.26 27.51 -18.22
C7 PCW SA . -25.15 29.06 -20.12
C8 PCW SA . -24.72 27.27 -20.10
C11 PCW SA . -17.34 27.47 -16.69
C12 PCW SA . -16.21 26.70 -16.06
C13 PCW SA . -15.36 27.69 -15.19
C14 PCW SA . -14.17 27.04 -14.48
C15 PCW SA . -13.16 28.02 -13.81
C16 PCW SA . -11.95 27.23 -13.22
C17 PCW SA . -10.58 27.98 -13.11
C18 PCW SA . -9.84 27.72 -11.79
C19 PCW SA . -8.79 28.81 -11.47
C20 PCW SA . -7.50 28.77 -11.98
C21 PCW SA . -6.80 27.81 -12.86
C22 PCW SA . -5.51 28.51 -13.37
C23 PCW SA . -4.16 27.83 -13.02
C24 PCW SA . -2.91 28.50 -13.52
C25 PCW SA . -1.51 27.81 -13.42
C26 PCW SA . -1.49 26.35 -12.98
C27 PCW SA . -0.20 25.54 -13.25
C28 PCW SA . 0.06 24.58 -12.12
C31 PCW SA . -16.38 26.64 -20.67
C32 PCW SA . -16.57 25.14 -20.96
C33 PCW SA . -16.04 24.15 -19.82
C34 PCW SA . -15.07 23.08 -20.33
C35 PCW SA . -13.74 23.84 -20.75
C36 PCW SA . -12.48 22.96 -20.59
C37 PCW SA . -11.13 23.65 -20.99
C38 PCW SA . -9.94 22.99 -20.36
C39 PCW SA . -8.65 23.68 -20.75
C40 PCW SA . -7.42 23.17 -20.70
C41 PCW SA . -7.07 21.78 -20.23
C42 PCW SA . -6.50 21.89 -18.75
C43 PCW SA . -5.11 21.37 -18.45
C44 PCW SA . -4.87 21.62 -16.97
C45 PCW SA . -3.55 21.13 -16.43
C46 PCW SA . -2.99 22.00 -15.32
C47 PCW SA . -3.96 22.42 -14.24
C48 PCW SA . -3.28 23.30 -13.18
N PCW SA . -24.42 28.34 -19.10
O2 PCW SA . -17.58 27.17 -20.45
O3 PCW SA . -16.92 28.04 -17.85
O11 PCW SA . -18.46 27.54 -16.25
O31 PCW SA . -15.27 27.25 -20.65
O1P PCW SA . -21.56 28.09 -22.73
O2P PCW SA . -20.23 26.37 -21.50
O3P PCW SA . -19.17 28.65 -22.08
O4P PCW SA . -20.88 28.36 -20.33
P PCW SA . -20.50 27.81 -21.69
C1 PCW TA . -22.70 19.80 -12.78
C2 PCW TA . -21.44 19.79 -11.82
C3 PCW TA . -20.14 19.51 -12.65
C4 PCW TA . -23.95 24.57 -12.40
C5 PCW TA . -25.40 24.37 -11.94
C6 PCW TA . -27.78 25.25 -11.76
C7 PCW TA . -26.14 26.41 -13.16
C8 PCW TA . -26.83 24.70 -13.38
C11 PCW TA . -18.01 20.39 -12.01
C12 PCW TA . -16.93 20.25 -10.97
C13 PCW TA . -15.75 21.23 -11.34
C14 PCW TA . -14.57 21.21 -10.38
C15 PCW TA . -14.10 19.80 -9.90
C16 PCW TA . -12.78 19.90 -9.06
C17 PCW TA . -12.69 19.02 -7.77
C18 PCW TA . -11.32 18.37 -7.56
C19 PCW TA . -10.16 19.39 -7.61
C20 PCW TA . -8.99 19.23 -6.86
C21 PCW TA . -8.55 18.19 -5.90
C22 PCW TA . -7.15 18.62 -5.39
C23 PCW TA . -6.13 17.51 -5.02
C24 PCW TA . -6.10 17.07 -3.60
C25 PCW TA . -6.83 15.77 -3.14
C26 PCW TA . -6.83 15.47 -1.65
C27 PCW TA . -6.31 14.10 -1.19
C28 PCW TA . -4.81 14.17 -0.99
C31 PCW TA . -21.86 21.24 -10.01
C32 PCW TA . -21.59 22.66 -9.46
C33 PCW TA . -20.46 22.77 -8.33
C34 PCW TA . -19.86 21.42 -7.92
C35 PCW TA . -18.33 21.71 -7.68
C36 PCW TA . -17.77 20.95 -6.46
C37 PCW TA . -16.25 21.18 -6.16
C38 PCW TA . -15.99 21.33 -4.69
C39 PCW TA . -14.53 21.55 -4.38
C40 PCW TA . -13.65 20.64 -3.98
C41 PCW TA . -13.99 19.17 -3.75
C42 PCW TA . -12.73 18.30 -4.20
C43 PCW TA . -12.29 17.16 -3.30
C44 PCW TA . -11.10 16.50 -3.97
C45 PCW TA . -10.66 15.19 -3.36
C46 PCW TA . -10.69 14.03 -4.31
C47 PCW TA . -9.45 13.82 -5.15
C48 PCW TA . -9.60 12.60 -6.08
N PCW TA . -26.36 25.40 -12.14
O2 PCW TA . -21.27 21.13 -11.19
O3 PCW TA . -19.01 19.50 -11.76
O11 PCW TA . -17.99 21.18 -12.92
O31 PCW TA . -22.54 20.35 -9.42
O1P PCW TA . -25.08 22.12 -14.09
O2P PCW TA . -23.21 22.90 -14.33
O3P PCW TA . -22.76 20.95 -13.66
O4P PCW TA . -23.30 23.26 -12.45
P PCW TA . -23.81 22.07 -13.25
C1 PCW UA . -20.33 13.89 -23.42
C2 PCW UA . -18.93 14.47 -22.99
C3 PCW UA . -18.96 14.86 -21.47
C4 PCW UA . -18.57 15.70 -27.14
C5 PCW UA . -18.50 17.21 -27.43
C6 PCW UA . -17.31 19.41 -26.93
C7 PCW UA . -16.02 17.40 -27.53
C8 PCW UA . -17.22 18.34 -28.58
C11 PCW UA . -17.32 15.28 -19.78
C12 PCW UA . -15.96 15.90 -19.58
C13 PCW UA . -15.48 15.62 -18.11
C14 PCW UA . -14.10 16.19 -17.75
C15 PCW UA . -13.70 16.09 -16.25
C16 PCW UA . -13.59 14.59 -15.81
C17 PCW UA . -12.71 14.27 -14.55
C18 PCW UA . -11.74 13.12 -14.78
C19 PCW UA . -10.62 13.46 -15.79
C20 PCW UA . -9.28 13.22 -15.52
C21 PCW UA . -8.59 12.62 -14.36
C22 PCW UA . -7.54 13.67 -13.87
C23 PCW UA . -6.94 13.49 -12.45
C24 PCW UA . -6.41 12.13 -12.11
C25 PCW UA . -5.78 11.85 -10.72
C26 PCW UA . -6.33 10.68 -9.94
C27 PCW UA . -5.64 10.30 -8.62
C28 PCW UA . -6.53 9.36 -7.82
C31 PCW UA . -16.87 13.81 -23.96
C32 PCW UA . -15.88 12.63 -24.03
C33 PCW UA . -14.42 12.99 -24.60
C34 PCW UA . -13.34 12.00 -24.16
C35 PCW UA . -12.04 12.41 -24.96
C36 PCW UA . -10.96 13.04 -24.06
C37 PCW UA . -9.64 13.48 -24.78
C38 PCW UA . -9.47 14.96 -24.75
C39 PCW UA . -8.20 15.40 -25.45
C40 PCW UA . -7.54 16.54 -25.27
C41 PCW UA . -7.96 17.62 -24.29
C42 PCW UA . -6.67 18.51 -23.93
C43 PCW UA . -5.50 17.85 -23.22
C44 PCW UA . -4.45 18.93 -23.01
C45 PCW UA . -3.03 18.50 -23.26
C46 PCW UA . -2.19 18.32 -22.01
C47 PCW UA . -2.82 18.73 -20.69
C48 PCW UA . -1.84 18.47 -19.52
N PCW UA . -17.30 17.94 -27.14
O2 PCW UA . -17.87 13.44 -23.17
O3 PCW UA . -17.68 15.38 -21.09
O11 PCW UA . -17.98 14.78 -18.91
O31 PCW UA . -16.74 14.92 -24.54
O1P PCW UA . -21.31 14.65 -27.01
O2P PCW UA . -21.42 16.08 -24.98
O3P PCW UA . -20.45 13.69 -24.84
O4P PCW UA . -19.25 15.56 -25.86
P PCW UA . -20.67 15.03 -25.71
C1 17F VA . -27.57 15.72 -15.38
N1 17F VA . -27.27 16.34 -12.96
O1 17F VA . -25.48 14.65 -17.04
P1 17F VA . -26.01 13.79 -15.92
C2 17F VA . -27.38 16.83 -14.33
O2 17F VA . -26.72 12.52 -16.32
C3 17F VA . -28.54 17.82 -14.42
O3 17F VA . -26.96 14.54 -14.96
C4 17F VA . -25.08 12.49 -13.82
O4 17F VA . -28.83 18.36 -15.49
C5 17F VA . -23.78 12.15 -13.00
O5 17F VA . -29.27 18.14 -13.40
C6 17F VA . -24.04 10.86 -12.17
O6 17F VA . -24.83 13.32 -14.96
C7 17F VA . -22.20 9.47 -11.82
O7 17F VA . -22.91 10.47 -11.39
C8 17F VA . -21.09 9.17 -10.79
O8 17F VA . -22.33 8.79 -12.81
C9 17F VA . -19.75 9.92 -11.07
O9 17F VA . -22.63 12.02 -13.84
C10 17F VA . -18.60 9.63 -10.04
O10 17F VA . -22.41 14.30 -14.12
C11 17F VA . -17.21 10.30 -10.39
C12 17F VA . -16.12 9.94 -9.31
C17 17F VA . -21.97 13.14 -13.98
C18 17F VA . -20.47 12.92 -13.98
C19 17F VA . -19.68 13.78 -12.98
C20 17F VA . -19.92 13.34 -11.49
C1X 17F VA . -14.77 10.59 -9.65
C1Y 17F VA . -19.10 14.23 -10.52
C1Z 17F VA . -18.68 13.44 -9.29
C2X 17F VA . -13.64 10.24 -8.56
C21 17F VA . -13.89 10.92 -7.17
C22 17F VA . -13.43 10.46 -6.05
C23 17F VA . -12.62 9.27 -5.83
C24 17F VA . -11.81 9.25 -4.53
C25 17F VA . -10.96 8.02 -4.28
C26 17F VA . -10.18 7.97 -2.88
C27 17F VA . -9.33 6.73 -2.66
C28 17F VA . -8.66 6.86 -1.25
C29 17F VA . -8.67 5.54 -0.60
C30 17F VA . -8.05 5.52 0.77
C31 17F VA . -19.15 14.00 -7.90
C32 17F VA . -18.70 13.19 -6.67
C33 17F VA . -17.64 13.99 -5.91
C34 17F VA . -17.04 13.60 -4.80
C35 17F VA . -17.24 12.30 -4.06
C36 17F VA . -15.94 11.67 -3.48
C37 17F VA . -16.15 10.21 -3.32
C38 17F VA . -14.99 9.44 -2.63
C39 17F VA . -15.28 7.94 -2.51
C40 17F VA . -14.37 7.29 -1.46
C41 17F VA . -13.96 5.82 -1.87
C42 17F VA . -12.50 5.38 -1.70
PG GNP WA . 33.26 5.14 3.72
O1G GNP WA . 31.78 4.94 3.40
O2G GNP WA . 33.74 6.50 3.33
O3G GNP WA . 34.19 4.19 3.07
N3B GNP WA . 33.47 4.89 5.31
PB GNP WA . 32.83 3.73 6.22
O1B GNP WA . 31.75 2.99 5.51
O2B GNP WA . 32.37 4.37 7.43
O3A GNP WA . 33.98 2.74 6.60
PA GNP WA . 34.60 1.47 5.90
O1A GNP WA . 35.31 1.79 4.66
O2A GNP WA . 33.61 0.37 5.88
O5' GNP WA . 35.73 0.98 6.86
C5' GNP WA . 36.87 1.85 7.10
C4' GNP WA . 38.11 1.01 7.34
O4' GNP WA . 38.00 0.34 8.63
C3' GNP WA . 38.33 -0.11 6.32
O3' GNP WA . 39.70 -0.12 5.91
C2' GNP WA . 37.87 -1.37 7.05
O2' GNP WA . 38.47 -2.57 6.62
C1' GNP WA . 38.17 -1.07 8.50
N9 GNP WA . 37.25 -1.73 9.47
C8 GNP WA . 35.95 -2.06 9.22
N7 GNP WA . 35.35 -2.63 10.22
C5 GNP WA . 36.34 -2.72 11.21
C6 GNP WA . 36.29 -3.25 12.53
O6 GNP WA . 35.38 -3.77 13.14
N1 GNP WA . 37.49 -3.14 13.20
C2 GNP WA . 38.63 -2.59 12.68
N2 GNP WA . 39.69 -2.58 13.51
N3 GNP WA . 38.70 -2.08 11.46
C4 GNP WA . 37.52 -2.17 10.76
MG MG XA . 27.49 1.76 1.68
CAC EWS YA . 12.77 3.13 0.14
CAD EWS YA . 11.31 3.57 0.09
CAE EWS YA . 12.91 1.72 0.74
CAF EWS YA . 12.13 0.73 -0.14
CAH EWS YA . 10.32 2.40 -0.07
CAI EWS YA . 9.01 2.89 -0.70
CAJ EWS YA . 8.04 1.90 -0.79
CAK EWS YA . 7.25 1.59 0.34
CAL EWS YA . 7.87 1.22 -2.03
CAM EWS YA . 6.90 0.21 -2.13
CAN EWS YA . 6.11 -0.09 -1.00
CAO EWS YA . 6.27 0.58 0.24
CAQ EWS YA . 14.43 4.90 3.88
CAR EWS YA . 14.39 5.52 5.15
CAS EWS YA . 15.16 6.68 5.40
CAT EWS YA . 15.96 7.18 4.37
CAU EWS YA . 15.97 6.55 3.18
CAV EWS YA . 15.24 5.44 2.92
CAX EWS YA . 16.36 5.95 1.12
CAZ EWS YA . 14.91 4.11 0.93
NAA EWS YA . 13.57 4.13 0.90
NAG EWS YA . 10.96 1.29 -0.83
NAW EWS YA . 16.65 6.85 2.06
OAB EWS YA . 15.59 3.24 0.40
CBA EWS YA . 15.49 5.10 1.66
CLA EWS YA . 4.91 -1.35 -1.11
BRA EWS YA . 13.27 4.83 6.48
HAC EWS YA . 13.15 3.10 -0.88
HAD EWS YA . 11.08 4.03 1.06
HAE EWS YA . 11.17 4.24 -0.76
HAF EWS YA . 13.96 1.45 0.68
HAG EWS YA . 12.50 1.71 1.75
HAI EWS YA . 12.83 0.41 -0.91
HAH EWS YA . 11.79 -0.09 0.49
HAJ EWS YA . 10.09 2.02 0.93
HAL EWS YA . 8.63 3.67 -0.02
HAK EWS YA . 9.22 3.27 -1.70
HAM EWS YA . 7.39 2.10 1.28
HAN EWS YA . 8.49 1.47 -2.89
HAO EWS YA . 6.74 -0.31 -3.07
HAP EWS YA . 5.66 0.31 1.10
HAQ EWS YA . 13.86 4.00 3.67
HAS EWS YA . 15.12 7.18 6.38
HAT EWS YA . 16.57 8.08 4.54
HAX EWS YA . 16.77 5.91 0.12
HAA EWS YA . 13.06 4.85 1.38
HAZ EWS YA . 11.24 1.63 -1.73
HAY EWS YA . 10.28 0.56 -0.97
HAW EWS YA . 17.28 7.62 1.95
C1 PCW ZA . 1.84 -26.14 -1.12
C2 PCW ZA . 0.52 -25.64 -1.82
C3 PCW ZA . -0.44 -26.87 -2.02
C4 PCW ZA . 2.26 -23.24 2.47
C5 PCW ZA . 2.82 -21.82 2.40
C6 PCW ZA . 3.06 -21.37 4.78
C7 PCW ZA . 1.14 -20.64 3.66
C8 PCW ZA . 3.08 -19.52 3.25
C11 PCW ZA . -2.55 -27.40 -3.02
C12 PCW ZA . -3.74 -26.75 -3.67
C13 PCW ZA . -4.08 -27.55 -4.98
C14 PCW ZA . -5.28 -27.02 -5.77
C15 PCW ZA . -5.23 -27.28 -7.31
C16 PCW ZA . -5.85 -28.68 -7.66
C17 PCW ZA . -6.89 -28.74 -8.82
C18 PCW ZA . -7.79 -29.98 -8.76
C19 PCW ZA . -9.25 -29.69 -9.17
C20 PCW ZA . -9.70 -29.81 -10.48
C21 PCW ZA . -9.03 -30.22 -11.74
C22 PCW ZA . -9.98 -29.81 -12.89
C23 PCW ZA . -9.82 -28.38 -13.49
C24 PCW ZA . -10.31 -28.19 -14.89
C25 PCW ZA . -11.56 -27.29 -15.20
C26 PCW ZA . -11.31 -26.08 -16.07
C27 PCW ZA . -12.31 -25.80 -17.21
C28 PCW ZA . -11.64 -24.97 -18.29
C31 PCW ZA . -0.03 -23.40 -1.31
C32 PCW ZA . -0.80 -22.52 -0.32
C33 PCW ZA . -0.09 -21.15 0.10
C34 PCW ZA . -0.23 -20.05 -0.96
C35 PCW ZA . -1.78 -19.79 -1.13
C36 PCW ZA . -2.30 -20.23 -2.51
C37 PCW ZA . -3.83 -20.01 -2.76
C38 PCW ZA . -4.51 -21.28 -3.14
C39 PCW ZA . -5.99 -21.09 -3.39
C40 PCW ZA . -6.81 -21.92 -4.02
C41 PCW ZA . -6.39 -23.26 -4.61
C42 PCW ZA . -6.90 -23.33 -6.12
C43 PCW ZA . -5.92 -23.74 -7.20
C44 PCW ZA . -6.66 -23.73 -8.52
C45 PCW ZA . -5.89 -24.27 -9.69
C46 PCW ZA . -6.67 -25.27 -10.51
C47 PCW ZA . -5.87 -26.13 -11.47
C48 PCW ZA . -6.78 -27.10 -12.23
N PCW ZA . 2.54 -20.88 3.47
O2 PCW ZA . -0.19 -24.67 -0.95
O3 PCW ZA . -1.65 -26.44 -2.67
O11 PCW ZA . -2.41 -28.58 -2.84
O31 PCW ZA . 0.65 -22.98 -2.29
O1P PCW ZA . 3.33 -25.91 2.32
O2P PCW ZA . 4.19 -25.13 0.11
O3P PCW ZA . 1.80 -26.04 0.32
O4P PCW ZA . 2.47 -23.86 1.16
P PCW ZA . 3.02 -25.25 1.01
C1 PCW AB . -2.79 -19.44 7.65
C2 PCW AB . -3.43 -19.05 6.26
C3 PCW AB . -4.60 -20.03 5.88
C4 PCW AB . 0.54 -15.87 7.80
C5 PCW AB . 1.90 -16.17 7.17
C6 PCW AB . 4.28 -15.75 7.08
C7 PCW AB . 2.92 -14.30 8.29
C8 PCW AB . 2.82 -14.18 6.01
C11 PCW AB . -4.83 -20.36 3.51
C12 PCW AB . -5.53 -19.81 2.30
C13 PCW AB . -6.50 -20.92 1.75
C14 PCW AB . -7.31 -20.53 0.51
C15 PCW AB . -8.71 -21.20 0.38
C16 PCW AB . -8.85 -21.98 -0.97
C17 PCW AB . -10.13 -22.86 -1.19
C18 PCW AB . -10.23 -23.43 -2.60
C19 PCW AB . -9.66 -24.86 -2.69
C20 PCW AB . -9.64 -25.57 -3.88
C21 PCW AB . -10.09 -25.24 -5.25
C22 PCW AB . -9.44 -26.29 -6.22
C23 PCW AB . -10.25 -26.69 -7.48
C24 PCW AB . -10.02 -25.87 -8.72
C25 PCW AB . -11.07 -25.84 -9.86
C26 PCW AB . -10.59 -25.39 -11.23
C27 PCW AB . -11.33 -24.21 -11.89
C28 PCW AB . -10.34 -23.13 -12.27
C31 PCW AB . -4.95 -17.47 7.27
C32 PCW AB . -5.40 -16.01 7.19
C33 PCW AB . -6.87 -15.78 6.60
C34 PCW AB . -6.92 -15.73 5.08
C35 PCW AB . -7.81 -16.96 4.64
C36 PCW AB . -8.54 -16.70 3.29
C37 PCW AB . -9.44 -17.87 2.79
C38 PCW AB . -10.70 -17.36 2.14
C39 PCW AB . -11.59 -18.47 1.64
C40 PCW AB . -12.13 -18.58 0.43
C41 PCW AB . -11.92 -17.58 -0.69
C42 PCW AB . -13.29 -17.47 -1.52
C43 PCW AB . -13.26 -17.87 -2.98
C44 PCW AB . -14.67 -17.67 -3.51
C45 PCW AB . -15.35 -18.91 -4.04
C46 PCW AB . -16.47 -19.41 -3.18
C47 PCW AB . -16.67 -20.90 -3.12
C48 PCW AB . -17.85 -21.27 -2.20
N PCW AB . 2.93 -15.15 7.13
O2 PCW AB . -4.01 -17.66 6.33
O3 PCW AB . -5.16 -19.64 4.62
O11 PCW AB . -4.09 -21.31 3.51
O31 PCW AB . -5.39 -18.33 8.08
O1P PCW AB . 0.55 -18.66 8.60
O2P PCW AB . -0.34 -19.00 6.29
O3P PCW AB . -1.94 -18.42 8.23
O4P PCW AB . -0.43 -16.80 7.21
P PCW AB . -0.48 -18.27 7.57
C1 PCW BB . -8.13 12.80 24.52
C2 PCW BB . -9.37 13.73 24.17
C3 PCW BB . -9.52 14.86 25.26
C4 PCW BB . -6.37 9.89 25.30
C5 PCW BB . -5.31 9.30 26.21
C6 PCW BB . -3.88 7.26 26.75
C7 PCW BB . -4.04 8.10 24.45
C8 PCW BB . -3.31 8.95 25.92
C11 PCW BB . -11.75 15.64 25.73
C12 PCW BB . -12.80 16.56 25.18
C13 PCW BB . -12.28 18.05 25.30
C14 PCW BB . -13.23 19.12 24.79
C15 PCW BB . -14.31 19.59 25.79
C16 PCW BB . -14.96 20.94 25.31
C17 PCW BB . -16.51 21.11 25.52
C18 PCW BB . -17.27 21.41 24.22
C19 PCW BB . -18.44 22.39 24.45
C20 PCW BB . -19.67 22.24 23.82
C21 PCW BB . -20.18 21.23 22.86
C22 PCW BB . -21.68 21.01 23.20
C23 PCW BB . -22.03 20.00 24.32
C24 PCW BB . -23.15 20.39 25.24
C25 PCW BB . -24.14 19.34 25.81
C26 PCW BB . -25.46 19.85 26.33
C27 PCW BB . -26.55 18.83 26.69
C28 PCW BB . -27.57 18.75 25.58
C31 PCW BB . -10.12 14.18 21.95
C32 PCW BB . -9.76 14.94 20.67
C33 PCW BB . -10.71 16.18 20.32
C34 PCW BB . -10.59 16.66 18.88
C35 PCW BB . -11.22 15.50 18.00
C36 PCW BB . -12.63 15.86 17.47
C37 PCW BB . -13.31 14.78 16.59
C38 PCW BB . -14.78 15.03 16.42
C39 PCW BB . -15.45 13.98 15.57
C40 PCW BB . -16.36 14.17 14.63
C41 PCW BB . -16.92 15.53 14.24
C42 PCW BB . -17.87 15.32 12.97
C43 PCW BB . -19.20 16.05 12.94
C44 PCW BB . -19.89 15.67 11.64
C45 PCW BB . -20.33 16.83 10.78
C46 PCW BB . -21.82 16.94 10.65
C47 PCW BB . -22.50 17.93 11.56
C48 PCW BB . -24.01 17.96 11.32
N PCW BB . -4.56 8.16 25.79
O2 PCW BB . -9.16 14.41 22.86
O3 PCW BB . -10.65 15.68 24.92
O11 PCW BB . -11.86 14.97 26.72
O31 PCW BB . -11.15 13.46 22.13
O1P PCW BB . -6.67 10.76 22.54
O2P PCW BB . -4.65 12.11 23.06
O3P PCW BB . -6.99 13.01 23.66
O4P PCW BB . -5.90 11.20 24.89
P PCW BB . -6.02 11.73 23.48
C1 PCW CB . -20.19 17.97 -21.18
C2 PCW CB . -19.52 19.00 -20.19
C3 PCW CB . -19.51 18.41 -18.73
C4 PCW CB . -23.87 20.29 -21.20
C5 PCW CB . -24.65 20.74 -19.95
C6 PCW CB . -22.61 22.04 -19.08
C7 PCW CB . -24.66 21.86 -17.73
C8 PCW CB . -23.52 20.50 -18.26
C11 PCW CB . -19.70 20.00 -16.93
C12 PCW CB . -18.87 20.89 -16.04
C13 PCW CB . -18.16 21.97 -16.94
C14 PCW CB . -17.26 22.97 -16.19
C15 PCW CB . -15.83 22.46 -15.82
C16 PCW CB . -14.76 23.12 -16.76
C17 PCW CB . -13.25 22.95 -16.36
C18 PCW CB . -12.31 23.88 -17.14
C19 PCW CB . -12.84 25.33 -17.24
C20 PCW CB . -12.20 26.32 -17.98
C21 PCW CB . -10.96 26.32 -18.78
C22 PCW CB . -9.80 26.61 -17.80
C23 PCW CB . -8.86 25.43 -17.41
C24 PCW CB . -7.40 25.72 -17.45
C25 PCW CB . -6.60 25.90 -16.12
C26 PCW CB . -5.19 25.33 -16.10
C27 PCW CB . -4.02 26.28 -16.43
C28 PCW CB . -2.75 25.48 -16.58
C31 PCW CB . -17.92 19.93 -21.69
C32 PCW CB . -16.40 20.05 -21.93
C33 PCW CB . -15.94 21.15 -23.00
C34 PCW CB . -14.84 20.67 -23.95
C35 PCW CB . -13.51 20.61 -23.06
C36 PCW CB . -12.23 20.86 -23.88
C37 PCW CB . -10.90 20.80 -23.08
C38 PCW CB . -10.76 19.54 -22.31
C39 PCW CB . -9.49 19.44 -21.53
C40 PCW CB . -9.36 19.24 -20.22
C41 PCW CB . -10.51 19.05 -19.24
C42 PCW CB . -9.97 19.34 -17.77
C43 PCW CB . -9.96 20.77 -17.27
C44 PCW CB . -9.40 20.76 -15.85
C45 PCW CB . -8.10 21.50 -15.66
C46 PCW CB . -7.89 21.98 -14.25
C47 PCW CB . -8.37 21.06 -13.15
C48 PCW CB . -8.10 21.65 -11.76
N PCW CB . -24.04 21.66 -19.03
O2 PCW CB . -18.09 19.21 -20.57
O3 PCW CB . -18.90 19.35 -17.82
O11 PCW CB . -20.88 19.86 -16.83
O31 PCW CB . -18.82 20.41 -22.43
O1P PCW CB . -22.01 18.91 -22.96
O2P PCW CB . -23.46 16.93 -22.44
O3P PCW CB . -21.55 17.62 -20.85
O4P PCW CB . -23.62 18.87 -21.03
P PCW CB . -22.68 18.08 -21.91
C1 PCW DB . -23.18 6.13 -20.76
C2 PCW DB . -21.86 6.34 -19.91
C3 PCW DB . -20.81 7.17 -20.73
C4 PCW DB . -24.14 9.75 -20.84
C5 PCW DB . -23.89 10.97 -19.96
C6 PCW DB . -22.05 11.15 -18.21
C7 PCW DB . -21.82 12.28 -20.37
C8 PCW DB . -23.08 12.60 -19.04
C11 PCW DB . -19.27 8.62 -19.60
C12 PCW DB . -18.03 8.59 -18.74
C13 PCW DB . -16.78 8.78 -19.67
C14 PCW DB . -15.43 8.76 -18.95
C15 PCW DB . -14.53 7.52 -19.20
C16 PCW DB . -13.03 7.83 -18.85
C17 PCW DB . -11.99 7.70 -20.02
C18 PCW DB . -11.66 6.24 -20.37
C19 PCW DB . -10.15 5.93 -20.38
C20 PCW DB . -9.45 5.50 -19.25
C21 PCW DB . -9.88 5.21 -17.85
C22 PCW DB . -9.57 3.71 -17.58
C23 PCW DB . -9.44 3.26 -16.10
C24 PCW DB . -8.40 2.22 -15.82
C25 PCW DB . -7.78 2.08 -14.39
C26 PCW DB . -6.33 2.51 -14.24
C27 PCW DB . -5.97 3.39 -13.03
C28 PCW DB . -4.53 3.82 -13.11
C31 PCW DB . -21.60 6.65 -17.57
C32 PCW DB . -22.01 7.55 -16.38
C33 PCW DB . -20.94 8.68 -15.98
C34 PCW DB . -20.02 8.26 -14.84
C35 PCW DB . -18.57 8.22 -15.47
C36 PCW DB . -17.49 8.84 -14.56
C37 PCW DB . -16.05 8.83 -15.13
C38 PCW DB . -15.07 8.18 -14.21
C39 PCW DB . -13.68 8.15 -14.77
C40 PCW DB . -12.85 7.11 -14.86
C41 PCW DB . -13.17 5.70 -14.39
C42 PCW DB . -14.40 5.13 -15.21
C43 PCW DB . -15.52 4.41 -14.46
C44 PCW DB . -16.56 3.98 -15.50
C45 PCW DB . -17.69 3.16 -14.95
C46 PCW DB . -18.96 3.28 -15.74
C47 PCW DB . -20.15 2.52 -15.19
C48 PCW DB . -21.39 2.71 -16.07
N PCW DB . -22.56 11.31 -19.57
O2 PCW DB . -22.18 7.13 -18.67
O3 PCW DB . -19.63 7.35 -19.93
O11 PCW DB . -19.86 9.61 -19.92
O31 PCW DB . -20.87 5.62 -17.49
O1P PCW DB . -25.39 7.42 -22.05
O2P PCW DB . -26.73 7.41 -19.93
O3P PCW DB . -24.41 6.32 -20.02
O4P PCW DB . -24.71 8.73 -19.99
P PCW DB . -25.38 7.48 -20.55
C1 PCW EB . -11.25 20.12 -33.83
C2 PCW EB . -9.68 20.06 -33.90
C3 PCW EB . -9.10 21.50 -33.71
C4 PCW EB . -13.29 20.73 -36.83
C5 PCW EB . -14.72 21.12 -37.17
C6 PCW EB . -15.29 19.48 -39.03
C7 PCW EB . -17.01 20.19 -37.45
C8 PCW EB . -16.11 21.23 -38.67
C11 PCW EB . -7.08 21.86 -34.95
C12 PCW EB . -5.58 21.76 -34.84
C13 PCW EB . -4.96 22.49 -36.10
C14 PCW EB . -3.42 22.49 -36.17
C15 PCW EB . -2.80 21.93 -37.48
C16 PCW EB . -3.08 20.39 -37.62
C17 PCW EB . -2.08 19.40 -36.95
C18 PCW EB . -0.85 19.10 -37.83
C19 PCW EB . 0.12 18.11 -37.15
C20 PCW EB . 1.05 18.52 -36.21
C21 PCW EB . 1.38 19.83 -35.61
C22 PCW EB . 2.38 19.57 -34.45
C23 PCW EB . 3.88 19.43 -34.81
C24 PCW EB . 4.87 19.41 -33.68
C25 PCW EB . 6.34 18.95 -33.92
C26 PCW EB . 6.89 17.96 -32.91
C27 PCW EB . 7.25 16.55 -33.41
C28 PCW EB . 7.83 15.72 -32.29
C31 PCW EB . -9.12 17.92 -33.04
C32 PCW EB . -8.60 17.19 -31.79
C33 PCW EB . -9.42 15.90 -31.35
C34 PCW EB . -10.00 16.00 -29.94
C35 PCW EB . -8.93 15.34 -28.98
C36 PCW EB . -8.92 13.80 -29.07
C37 PCW EB . -7.89 13.06 -28.16
C38 PCW EB . -6.48 13.46 -28.46
C39 PCW EB . -5.47 12.75 -27.59
C40 PCW EB . -4.34 13.26 -27.11
C41 PCW EB . -3.85 14.66 -27.37
C42 PCW EB . -2.57 14.57 -28.32
C43 PCW EB . -2.12 15.79 -29.08
C44 PCW EB . -0.90 15.38 -29.88
C45 PCW EB . 0.39 15.28 -29.09
C46 PCW EB . 1.24 14.09 -29.47
C47 PCW EB . 1.49 13.91 -30.95
C48 PCW EB . 2.37 12.67 -31.21
N PCW EB . -15.60 20.16 -37.76
O2 PCW EB . -9.17 19.22 -32.77
O3 PCW EB . -7.66 21.47 -33.78
O11 PCW EB . -7.69 22.23 -35.92
O31 PCW EB . -9.45 17.37 -34.13
O1P PCW EB . -11.01 18.96 -36.51
O2P PCW EB . -12.80 17.29 -35.97
O3P PCW EB . -11.90 18.87 -34.14
O4P PCW EB . -13.37 19.60 -35.93
P PCW EB . -12.23 18.63 -35.70
C1 PCW FB . -26.69 2.47 -18.17
C2 PCW FB . -26.45 2.96 -16.69
C3 PCW FB . -27.35 4.21 -16.39
C4 PCW FB . -25.87 -0.50 -19.82
C5 PCW FB . -24.59 0.23 -20.18
C6 PCW FB . -23.08 -0.05 -18.16
C7 PCW FB . -22.19 -0.28 -20.42
C8 PCW FB . -22.89 1.23 -19.63
C11 PCW FB . -26.52 5.86 -14.85
C12 PCW FB . -26.41 6.13 -13.38
C13 PCW FB . -24.88 6.13 -12.98
C14 PCW FB . -24.61 6.39 -11.49
C15 PCW FB . -23.26 5.84 -10.94
C16 PCW FB . -23.42 4.34 -10.50
C17 PCW FB . -22.51 3.28 -11.19
C18 PCW FB . -21.20 3.04 -10.45
C19 PCW FB . -21.17 1.69 -9.70
C20 PCW FB . -20.80 1.60 -8.36
C21 PCW FB . -20.38 2.62 -7.36
C22 PCW FB . -18.86 2.42 -7.13
C23 PCW FB . -18.11 3.55 -6.40
C24 PCW FB . -17.44 3.21 -5.10
C25 PCW FB . -16.76 4.32 -4.24
C26 PCW FB . -15.86 5.29 -4.99
C27 PCW FB . -14.56 4.73 -5.63
C28 PCW FB . -13.56 5.84 -5.79
C31 PCW FB . -25.87 1.44 -14.95
C32 PCW FB . -26.47 0.37 -14.01
C33 PCW FB . -26.34 0.69 -12.44
C34 PCW FB . -26.39 2.19 -12.10
C35 PCW FB . -27.43 2.33 -10.91
C36 PCW FB . -27.65 3.80 -10.49
C37 PCW FB . -28.66 4.04 -9.31
C38 PCW FB . -29.92 3.23 -9.47
C39 PCW FB . -30.91 3.45 -8.36
C40 PCW FB . -30.76 3.17 -7.06
C41 PCW FB . -29.50 2.56 -6.44
C42 PCW FB . -29.78 2.35 -4.87
C43 PCW FB . -28.58 2.29 -3.95
C44 PCW FB . -29.12 2.08 -2.54
C45 PCW FB . -29.04 0.68 -2.00
C46 PCW FB . -28.08 0.54 -0.84
C47 PCW FB . -27.20 -0.69 -0.84
C48 PCW FB . -26.29 -0.72 0.40
N PCW FB . -23.37 -0.19 -19.59
O2 PCW FB . -26.86 1.91 -15.71
O3 PCW FB . -27.14 4.65 -15.04
O11 PCW FB . -26.14 6.58 -15.72
O31 PCW FB . -24.65 1.77 -15.00
O1P PCW FB . -28.10 -0.47 -17.94
O2P PCW FB . -29.36 0.38 -19.93
O3P PCW FB . -28.03 2.00 -18.45
O4P PCW FB . -26.95 0.44 -20.01
P PCW FB . -28.15 0.52 -19.07
C1 PCW GB . -21.05 -12.96 -24.82
C2 PCW GB . -19.65 -12.63 -24.16
C3 PCW GB . -18.76 -11.81 -25.16
C4 PCW GB . -24.92 -13.97 -24.64
C5 PCW GB . -24.56 -15.23 -23.87
C6 PCW GB . -25.70 -17.44 -24.45
C7 PCW GB . -23.31 -17.09 -24.90
C8 PCW GB . -24.17 -17.14 -23.26
C11 PCW GB . -16.38 -12.03 -25.16
C12 PCW GB . -15.16 -11.61 -24.37
C13 PCW GB . -13.88 -12.04 -25.17
C14 PCW GB . -12.55 -11.69 -24.52
C15 PCW GB . -12.39 -12.06 -23.01
C16 PCW GB . -12.30 -13.61 -22.82
C17 PCW GB . -11.47 -14.42 -23.87
C18 PCW GB . -11.73 -15.93 -23.83
C19 PCW GB . -13.18 -16.31 -24.22
C20 PCW GB . -13.47 -17.08 -25.33
C21 PCW GB . -12.62 -17.71 -26.37
C22 PCW GB . -12.71 -19.24 -26.17
C23 PCW GB . -11.44 -20.07 -26.51
C24 PCW GB . -10.37 -20.13 -25.47
C25 PCW GB . -10.64 -20.75 -24.06
C26 PCW GB . -10.50 -22.26 -23.96
C27 PCW GB . -11.75 -23.12 -24.21
C28 PCW GB . -11.35 -24.52 -24.61
C31 PCW GB . -19.39 -12.33 -21.82
C32 PCW GB . -19.67 -11.34 -20.67
C33 PCW GB . -18.68 -11.45 -19.42
C34 PCW GB . -18.02 -10.13 -19.06
C35 PCW GB . -17.54 -10.29 -17.56
C36 PCW GB . -17.73 -8.99 -16.75
C37 PCW GB . -17.29 -9.07 -15.25
C38 PCW GB . -15.81 -9.28 -15.13
C39 PCW GB . -15.37 -9.36 -13.68
C40 PCW GB . -14.19 -9.73 -13.24
C41 PCW GB . -13.02 -10.18 -14.12
C42 PCW GB . -11.67 -9.76 -13.39
C43 PCW GB . -11.12 -10.68 -12.31
C44 PCW GB . -9.85 -10.03 -11.79
C45 PCW GB . -9.01 -10.90 -10.90
C46 PCW GB . -7.53 -10.63 -11.00
C47 PCW GB . -6.90 -10.89 -12.34
C48 PCW GB . -5.40 -10.56 -12.31
N PCW GB . -24.57 -16.49 -24.54
O2 PCW GB . -19.85 -11.78 -22.94
O3 PCW GB . -17.50 -11.52 -24.57
O11 PCW GB . -16.37 -12.71 -26.15
O31 PCW GB . -18.84 -13.46 -21.70
O1P PCW GB . -24.40 -11.13 -25.05
O2P PCW GB . -23.10 -11.96 -27.02
O3P PCW GB . -22.03 -11.92 -24.67
O4P PCW GB . -23.71 -13.54 -25.32
P PCW GB . -23.36 -12.08 -25.57
C1 PCW HB . -26.62 -10.07 -16.47
C2 PCW HB . -25.76 -10.08 -15.15
C3 PCW HB . -26.26 -11.22 -14.19
C4 PCW HB . -25.94 -5.77 -16.44
C5 PCW HB . -26.55 -4.94 -15.32
C6 PCW HB . -28.88 -4.51 -15.74
C7 PCW HB . -27.27 -3.23 -16.84
C8 PCW HB . -27.59 -2.81 -14.62
C11 PCW HB . -25.73 -10.30 -12.04
C12 PCW HB . -24.78 -10.49 -10.87
C13 PCW HB . -25.37 -11.61 -9.93
C14 PCW HB . -24.52 -11.91 -8.70
C15 PCW HB . -24.89 -13.21 -7.92
C16 PCW HB . -23.88 -14.36 -8.25
C17 PCW HB . -23.88 -15.60 -7.28
C18 PCW HB . -22.48 -16.09 -6.91
C19 PCW HB . -21.65 -15.03 -6.14
C20 PCW HB . -20.33 -15.25 -5.79
C21 PCW HB . -19.42 -16.40 -6.00
C22 PCW HB . -18.96 -16.88 -4.59
C23 PCW HB . -19.85 -17.91 -3.87
C24 PCW HB . -19.75 -17.95 -2.38
C25 PCW HB . -21.01 -18.26 -1.49
C26 PCW HB . -20.76 -18.52 -0.02
C27 PCW HB . -19.31 -18.49 0.49
C28 PCW HB . -19.02 -17.15 1.13
C31 PCW HB . -23.57 -9.30 -15.63
C32 PCW HB . -22.13 -9.79 -15.94
C33 PCW HB . -22.03 -11.25 -16.60
C34 PCW HB . -21.59 -12.33 -15.61
C35 PCW HB . -20.03 -12.13 -15.45
C36 PCW HB . -19.31 -13.41 -14.96
C37 PCW HB . -17.77 -13.27 -14.79
C38 PCW HB . -17.36 -13.13 -13.36
C39 PCW HB . -15.87 -12.99 -13.18
C40 PCW HB . -14.95 -13.90 -13.44
C41 PCW HB . -15.24 -15.30 -13.98
C42 PCW HB . -14.20 -16.32 -13.34
C43 PCW HB . -14.34 -16.66 -11.87
C44 PCW HB . -13.22 -17.64 -11.54
C45 PCW HB . -12.09 -17.05 -10.74
C46 PCW HB . -10.78 -17.78 -10.93
C47 PCW HB . -9.72 -17.50 -9.90
C48 PCW HB . -8.43 -18.30 -10.20
N PCW HB . -27.52 -3.93 -15.61
O2 PCW HB . -24.34 -10.38 -15.47
O3 PCW HB . -25.47 -11.23 -12.99
O11 PCW HB . -26.58 -9.46 -12.10
O31 PCW HB . -23.92 -8.09 -15.53
O1P PCW HB . -26.43 -7.16 -18.95
O2P PCW HB . -28.40 -8.06 -17.72
O3P PCW HB . -26.10 -9.18 -17.48
O4P PCW HB . -26.65 -7.04 -16.44
P PCW HB . -26.94 -7.82 -17.71
C1 PCW IB . -22.58 45.56 -12.63
C2 PCW IB . -21.72 44.95 -11.46
C3 PCW IB . -20.83 46.07 -10.81
C4 PCW IB . -22.35 41.32 -14.54
C5 PCW IB . -21.14 40.40 -14.44
C6 PCW IB . -20.98 39.59 -16.71
C7 PCW IB . -22.19 38.36 -15.14
C8 PCW IB . -19.91 38.32 -14.97
C11 PCW IB . -18.71 45.33 -9.94
C12 PCW IB . -18.10 44.75 -8.69
C13 PCW IB . -18.05 43.18 -8.85
C14 PCW IB . -17.45 42.43 -7.66
C15 PCW IB . -16.08 41.75 -7.91
C16 PCW IB . -14.92 42.56 -7.22
C17 PCW IB . -13.58 41.80 -6.92
C18 PCW IB . -13.28 41.66 -5.43
C19 PCW IB . -12.48 42.84 -4.86
C20 PCW IB . -11.13 42.74 -4.55
C21 PCW IB . -10.17 41.62 -4.65
C22 PCW IB . -8.83 42.22 -5.18
C23 PCW IB . -7.69 42.44 -4.17
C24 PCW IB . -7.27 41.27 -3.34
C25 PCW IB . -5.80 40.75 -3.37
C26 PCW IB . -4.82 41.43 -2.42
C27 PCW IB . -3.37 40.92 -2.41
C28 PCW IB . -2.51 41.79 -3.30
C31 PCW IB . -22.41 43.14 -10.11
C32 PCW IB . -23.39 42.74 -8.99
C33 PCW IB . -23.07 43.34 -7.55
C34 PCW IB . -21.79 42.75 -6.92
C35 PCW IB . -21.65 43.46 -5.51
C36 PCW IB . -20.95 42.55 -4.47
C37 PCW IB . -20.78 43.18 -3.05
C38 PCW IB . -20.51 42.14 -2.00
C39 PCW IB . -20.33 42.72 -0.63
C40 PCW IB . -19.42 42.39 0.27
C41 PCW IB . -18.35 41.33 0.04
C42 PCW IB . -16.92 41.98 0.31
C43 PCW IB . -15.70 41.09 0.25
C44 PCW IB . -14.48 41.96 0.54
C45 PCW IB . -13.71 42.42 -0.68
C46 PCW IB . -13.88 43.89 -0.97
C47 PCW IB . -13.30 44.84 0.05
C48 PCW IB . -13.52 46.31 -0.35
N PCW IB . -21.06 39.23 -15.27
O2 PCW IB . -22.62 44.43 -10.39
O3 PCW IB . -20.05 45.50 -9.74
O11 PCW IB . -18.12 45.61 -10.94
O31 PCW IB . -21.58 42.37 -10.67
O1P PCW IB . -23.38 43.74 -15.79
O2P PCW IB . -21.23 44.71 -14.99
O3P PCW IB . -23.28 44.58 -13.42
O4P PCW IB . -21.95 42.62 -14.04
P PCW IB . -22.44 43.93 -14.64
C1 PCW JB . -31.43 -0.84 -6.62
C2 PCW JB . -30.03 -1.36 -7.14
C3 PCW JB . -29.39 -0.33 -8.14
C4 PCW JB . -35.10 -1.52 -6.42
C5 PCW JB . -36.60 -1.22 -6.53
C6 PCW JB . -36.71 -0.43 -4.11
C7 PCW JB . -38.72 -0.40 -5.51
C8 PCW JB . -37.74 -1.87 -4.95
C11 PCW JB . -28.08 -1.48 -9.78
C12 PCW JB . -26.66 -1.89 -10.06
C13 PCW JB . -26.63 -2.73 -11.39
C14 PCW JB . -25.24 -3.21 -11.83
C15 PCW JB . -24.58 -4.29 -10.93
C16 PCW JB . -23.07 -3.94 -10.64
C17 PCW JB . -22.16 -5.09 -10.10
C18 PCW JB . -21.28 -4.68 -8.91
C19 PCW JB . -20.35 -5.80 -8.41
C20 PCW JB . -19.74 -5.76 -7.17
C21 PCW JB . -19.76 -4.77 -6.07
C22 PCW JB . -18.40 -4.03 -6.12
C23 PCW JB . -17.30 -4.47 -5.10
C24 PCW JB . -16.71 -3.39 -4.25
C25 PCW JB . -15.98 -2.18 -4.89
C26 PCW JB . -16.13 -0.85 -4.16
C27 PCW JB . -14.85 -0.07 -3.82
C28 PCW JB . -15.20 1.11 -2.97
C31 PCW JB . -28.62 -2.73 -5.83
C32 PCW JB . -27.67 -2.72 -4.62
C33 PCW JB . -27.19 -4.15 -4.12
C34 PCW JB . -25.67 -4.22 -3.87
C35 PCW JB . -25.41 -3.37 -2.56
C36 PCW JB . -24.14 -3.83 -1.81
C37 PCW JB . -23.81 -3.02 -0.51
C38 PCW JB . -22.36 -3.04 -0.19
C39 PCW JB . -22.02 -2.28 1.06
C40 PCW JB . -20.91 -2.37 1.79
C41 PCW JB . -19.76 -3.31 1.47
C42 PCW JB . -19.13 -3.81 2.86
C43 PCW JB . -20.01 -4.59 3.82
C44 PCW JB . -19.15 -4.92 5.03
C45 PCW JB . -19.77 -4.59 6.38
C46 PCW JB . -20.51 -5.74 7.00
C47 PCW JB . -19.69 -6.68 7.85
C48 PCW JB . -20.56 -7.81 8.43
N PCW JB . -37.28 -0.54 -5.46
O2 PCW JB . -29.09 -1.49 -6.00
O3 PCW JB . -28.13 -0.82 -8.59
O11 PCW JB . -29.02 -1.72 -10.48
O31 PCW JB . -28.90 -3.75 -6.54
O1P PCW JB . -33.58 0.83 -5.61
O2P PCW JB . -34.11 1.61 -7.92
O3P PCW JB . -32.10 0.06 -7.52
O4P PCW JB . -34.41 -0.73 -7.42
P PCW JB . -33.58 0.51 -7.08
C1 PCW KB . -36.39 19.34 5.06
C2 PCW KB . -35.86 18.93 6.49
C3 PCW KB . -35.05 17.59 6.37
C4 PCW KB . -35.29 22.44 1.61
C5 PCW KB . -35.74 23.77 1.01
C6 PCW KB . -36.11 25.30 -0.83
C7 PCW KB . -37.16 23.22 -0.84
C8 PCW KB . -34.94 23.25 -1.28
C11 PCW KB . -35.00 16.01 8.15
C12 PCW KB . -34.41 15.79 9.52
C13 PCW KB . -35.60 15.71 10.54
C14 PCW KB . -35.21 15.49 12.01
C15 PCW KB . -35.87 14.25 12.69
C16 PCW KB . -35.48 14.18 14.20
C17 PCW KB . -35.24 12.75 14.81
C18 PCW KB . -35.81 12.59 16.22
C19 PCW KB . -36.64 11.30 16.39
C20 PCW KB . -36.06 10.08 16.74
C21 PCW KB . -34.67 9.68 17.01
C22 PCW KB . -34.65 9.08 18.44
C23 PCW KB . -33.28 9.02 19.18
C24 PCW KB . -32.28 8.04 18.65
C25 PCW KB . -30.98 7.72 19.44
C26 PCW KB . -30.32 8.90 20.14
C27 PCW KB . -28.84 8.74 20.56
C28 PCW KB . -28.68 7.58 21.51
C31 PCW KB . -35.41 20.67 8.04
C32 PCW KB . -34.35 21.71 8.46
C33 PCW KB . -32.82 21.28 8.25
C34 PCW KB . -32.08 21.03 9.56
C35 PCW KB . -31.97 22.43 10.30
C36 PCW KB . -31.30 22.33 11.70
C37 PCW KB . -31.16 23.68 12.47
C38 PCW KB . -29.88 23.77 13.22
C39 PCW KB . -29.73 25.07 13.98
C40 PCW KB . -28.62 25.80 14.10
C41 PCW KB . -27.30 25.44 13.46
C42 PCW KB . -26.37 24.76 14.56
C43 PCW KB . -25.39 23.68 14.12
C44 PCW KB . -24.65 23.20 15.35
C45 PCW KB . -23.90 21.91 15.19
C46 PCW KB . -23.61 21.22 16.49
C47 PCW KB . -22.20 20.70 16.69
C48 PCW KB . -22.05 20.03 18.05
N PCW KB . -35.97 23.88 -0.41
O2 PCW KB . -34.94 19.98 7.01
O3 PCW KB . -34.58 17.20 7.67
O11 PCW KB . -35.73 15.25 7.58
O31 PCW KB . -36.55 20.53 8.58
O1P PCW KB . -37.09 20.32 2.42
O2P PCW KB . -37.90 22.03 4.05
O3P PCW KB . -35.85 20.59 4.57
O4P PCW KB . -35.79 22.40 2.97
P PCW KB . -36.74 21.33 3.47
C1 PCW LB . -11.48 9.64 -35.29
C2 PCW LB . -10.70 8.42 -34.69
C3 PCW LB . -9.89 7.70 -35.83
C4 PCW LB . -16.10 10.98 -34.28
C5 PCW LB . -16.45 10.47 -32.89
C6 PCW LB . -18.68 9.36 -33.45
C7 PCW LB . -17.40 8.65 -31.51
C8 PCW LB . -18.17 10.30 -31.81
C11 PCW LB . -8.41 5.84 -36.15
C12 PCW LB . -7.73 4.73 -35.40
C13 PCW LB . -6.58 5.37 -34.54
C14 PCW LB . -5.77 4.39 -33.68
C15 PCW LB . -5.79 4.65 -32.14
C16 PCW LB . -4.55 5.50 -31.71
C17 PCW LB . -3.38 4.75 -31.00
C18 PCW LB . -2.08 5.57 -30.94
C19 PCW LB . -1.18 5.16 -29.76
C20 PCW LB . 0.12 4.71 -29.95
C21 PCW LB . 0.95 4.52 -31.17
C22 PCW LB . 2.18 3.69 -30.74
C23 PCW LB . 2.51 2.43 -31.57
C24 PCW LB . 3.44 1.44 -30.96
C25 PCW LB . 4.75 1.01 -31.68
C26 PCW LB . 4.88 -0.46 -32.01
C27 PCW LB . 5.03 -0.87 -33.49
C28 PCW LB . 5.81 -2.15 -33.61
C31 PCW LB . -9.70 8.24 -32.54
C32 PCW LB . -8.65 8.88 -31.62
C33 PCW LB . -7.46 7.91 -31.18
C34 PCW LB . -6.51 8.52 -30.14
C35 PCW LB . -6.39 7.44 -28.99
C36 PCW LB . -5.04 7.51 -28.23
C37 PCW LB . -4.89 6.44 -27.10
C38 PCW LB . -4.60 5.08 -27.65
C39 PCW LB . -4.44 4.02 -26.59
C40 PCW LB . -3.31 3.65 -25.99
C41 PCW LB . -1.95 4.24 -26.28
C42 PCW LB . -1.11 4.19 -24.92
C43 PCW LB . -0.21 5.36 -24.58
C44 PCW LB . 0.44 5.03 -23.25
C45 PCW LB . 1.49 3.94 -23.28
C46 PCW LB . 2.89 4.47 -23.46
C47 PCW LB . 3.98 3.79 -22.67
C48 PCW LB . 5.35 4.43 -22.93
N PCW LB . -17.40 9.41 -32.72
O2 PCW LB . -9.71 8.92 -33.68
O3 PCW LB . -9.17 6.59 -35.29
O11 PCW LB . -8.30 6.03 -37.33
O31 PCW LB . -10.42 7.24 -32.25
O1P PCW LB . -13.76 11.93 -35.73
O2P PCW LB . -13.97 9.73 -36.90
O3P PCW LB . -12.74 9.89 -34.65
O4P PCW LB . -15.16 10.03 -34.84
P PCW LB . -13.92 10.45 -35.60
C1 PCW MB . -25.07 36.68 -9.29
C2 PCW MB . -23.83 37.09 -8.41
C3 PCW MB . -23.58 38.63 -8.49
C4 PCW MB . -27.98 37.02 -6.29
C5 PCW MB . -28.09 36.57 -4.83
C6 PCW MB . -29.92 36.85 -3.08
C7 PCW MB . -29.94 34.93 -4.60
C8 PCW MB . -28.68 35.35 -3.30
C11 PCW MB . -21.24 39.19 -8.31
C12 PCW MB . -20.19 39.48 -7.27
C13 PCW MB . -19.63 38.10 -6.75
C14 PCW MB . -18.53 38.19 -5.68
C15 PCW MB . -17.93 39.60 -5.41
C16 PCW MB . -17.18 39.64 -4.04
C17 PCW MB . -16.45 40.98 -3.66
C18 PCW MB . -17.31 42.21 -3.87
C19 PCW MB . -16.75 43.48 -3.18
C20 PCW MB . -17.14 44.77 -3.54
C21 PCW MB . -18.09 45.28 -4.56
C22 PCW MB . -18.41 46.75 -4.17
C23 PCW MB . -19.81 47.05 -3.56
C24 PCW MB . -20.08 46.52 -2.19
C25 PCW MB . -19.91 47.41 -0.92
C26 PCW MB . -18.79 48.42 -0.95
C27 PCW MB . -17.74 48.38 0.18
C28 PCW MB . -17.19 49.77 0.43
C31 PCW MB . -23.20 35.91 -6.45
C32 PCW MB . -23.60 35.68 -4.97
C33 PCW MB . -23.09 36.79 -3.93
C34 PCW MB . -23.08 38.21 -4.49
C35 PCW MB . -23.41 39.15 -3.26
C36 PCW MB . -23.85 40.56 -3.72
C37 PCW MB . -24.20 41.57 -2.58
C38 PCW MB . -24.51 42.93 -3.12
C39 PCW MB . -24.84 43.93 -2.06
C40 PCW MB . -24.89 45.26 -2.18
C41 PCW MB . -24.60 46.00 -3.48
C42 PCW MB . -24.24 47.53 -3.14
C43 PCW MB . -24.60 48.11 -1.79
C44 PCW MB . -24.13 49.56 -1.78
C45 PCW MB . -22.76 49.79 -1.19
C46 PCW MB . -22.27 51.20 -1.37
C47 PCW MB . -21.20 51.66 -0.40
C48 PCW MB . -20.78 53.10 -0.70
N PCW MB . -29.37 36.22 -4.29
O2 PCW MB . -24.09 36.76 -6.97
O3 PCW MB . -22.44 38.98 -7.68
O11 PCW MB . -21.06 39.14 -9.49
O31 PCW MB . -22.23 35.37 -7.04
O1P PCW MB . -27.75 37.18 -9.20
O2P PCW MB . -28.25 34.74 -9.05
O3P PCW MB . -25.84 35.58 -8.76
O4P PCW MB . -27.56 35.86 -7.05
P PCW MB . -27.42 35.85 -8.57
C1 PCW NB . -7.60 17.84 -37.39
C2 PCW NB . -6.10 18.06 -36.95
C3 PCW NB . -5.70 17.04 -35.83
C4 PCW NB . -11.20 16.17 -38.99
C5 PCW NB . -12.00 14.96 -38.50
C6 PCW NB . -13.49 13.08 -38.79
C7 PCW NB . -12.58 14.13 -40.66
C8 PCW NB . -14.21 15.26 -39.53
C11 PCW NB . -3.64 16.20 -34.92
C12 PCW NB . -2.26 16.66 -34.54
C13 PCW NB . -1.35 15.39 -34.36
C14 PCW NB . 0.11 15.68 -33.96
C15 PCW NB . 1.19 15.11 -34.92
C16 PCW NB . 2.57 14.94 -34.16
C17 PCW NB . 3.15 16.19 -33.43
C18 PCW NB . 3.98 15.85 -32.18
C19 PCW NB . 3.79 16.87 -31.04
C20 PCW NB . 4.40 16.71 -29.80
C21 PCW NB . 5.32 15.66 -29.26
C22 PCW NB . 5.78 16.15 -27.85
C23 PCW NB . 4.69 16.45 -26.80
C24 PCW NB . 4.51 15.44 -25.70
C25 PCW NB . 3.24 14.54 -25.63
C26 PCW NB . 2.13 15.00 -24.71
C27 PCW NB . 1.63 14.02 -23.63
C28 PCW NB . 2.71 13.82 -22.58
C31 PCW NB . -4.98 16.66 -38.60
C32 PCW NB . -3.99 16.72 -39.77
C33 PCW NB . -3.08 15.41 -39.97
C34 PCW NB . -1.58 15.71 -40.00
C35 PCW NB . -0.87 14.30 -39.88
C36 PCW NB . 0.27 14.28 -38.84
C37 PCW NB . 1.00 12.91 -38.69
C38 PCW NB . 1.58 12.72 -37.32
C39 PCW NB . 2.28 11.40 -37.17
C40 PCW NB . 3.47 11.16 -36.62
C41 PCW NB . 4.36 12.25 -36.02
C42 PCW NB . 4.69 11.84 -34.52
C43 PCW NB . 5.97 12.38 -33.89
C44 PCW NB . 6.03 11.85 -32.47
C45 PCW NB . 6.94 10.66 -32.27
C46 PCW NB . 8.39 11.00 -32.41
C47 PCW NB . 9.22 10.10 -33.30
C48 PCW NB . 10.68 10.56 -33.35
N PCW NB . -13.01 14.38 -39.32
O2 PCW NB . -5.16 17.90 -38.12
O3 PCW NB . -4.35 17.26 -35.43
O11 PCW NB . -4.06 15.09 -34.78
O31 PCW NB . -5.54 15.60 -38.19
O1P PCW NB . -8.65 14.97 -39.71
O2P PCW NB . -8.30 14.91 -37.24
O3P PCW NB . -7.78 17.05 -38.58
O4P PCW NB . -10.05 16.31 -38.11
P PCW NB . -8.69 15.73 -38.41
C1 PCW OB . -13.32 -3.11 -35.90
C2 PCW OB . -11.78 -3.34 -36.12
C3 PCW OB . -11.55 -4.71 -36.86
C4 PCW OB . -14.81 -1.08 -38.38
C5 PCW OB . -14.11 -1.71 -39.59
C6 PCW OB . -15.20 -0.05 -41.21
C7 PCW OB . -13.65 -1.77 -42.02
C8 PCW OB . -15.30 -2.02 -41.23
C11 PCW OB . -9.72 -5.05 -38.36
C12 PCW OB . -8.23 -5.32 -38.36
C13 PCW OB . -7.53 -4.25 -39.26
C14 PCW OB . -6.01 -4.37 -39.37
C15 PCW OB . -5.21 -4.03 -38.08
C16 PCW OB . -4.60 -2.58 -38.15
C17 PCW OB . -3.59 -2.18 -37.03
C18 PCW OB . -4.24 -2.03 -35.65
C19 PCW OB . -3.22 -1.73 -34.52
C20 PCW OB . -2.58 -2.74 -33.80
C21 PCW OB . -2.65 -4.21 -33.87
C22 PCW OB . -1.88 -4.75 -32.63
C23 PCW OB . -2.47 -5.99 -31.91
C24 PCW OB . -2.64 -5.90 -30.41
C25 PCW OB . -1.55 -5.22 -29.53
C26 PCW OB . -0.44 -6.12 -29.01
C27 PCW OB . 0.20 -5.75 -27.65
C28 PCW OB . 1.70 -5.84 -27.76
C31 PCW OB . -10.02 -1.82 -36.63
C32 PCW OB . -9.60 -0.72 -37.62
C33 PCW OB . -8.03 -0.44 -37.70
C34 PCW OB . -7.63 0.96 -37.21
C35 PCW OB . -6.26 1.28 -37.94
C36 PCW OB . -5.55 2.54 -37.39
C37 PCW OB . -4.18 2.89 -38.07
C38 PCW OB . -3.27 1.70 -38.13
C39 PCW OB . -1.95 2.02 -38.79
C40 PCW OB . -0.93 1.17 -38.98
C41 PCW OB . -0.96 -0.28 -38.56
C42 PCW OB . 0.34 -0.55 -37.66
C43 PCW OB . 0.32 -1.74 -36.72
C44 PCW OB . 1.65 -1.77 -36.00
C45 PCW OB . 2.23 -3.15 -35.82
C46 PCW OB . 2.45 -3.52 -34.38
C47 PCW OB . 1.91 -4.88 -33.97
C48 PCW OB . 2.19 -5.16 -32.49
N PCW OB . -14.19 -1.08 -40.87
O2 PCW OB . -11.22 -2.27 -36.99
O3 PCW OB . -10.16 -4.94 -37.08
O11 PCW OB . -10.40 -4.97 -39.34
O31 PCW OB . -9.34 -2.24 -35.64
O1P PCW OB . -15.65 -0.53 -35.66
O2P PCW OB . -13.43 0.59 -35.52
O3P PCW OB . -13.62 -1.94 -35.10
O4P PCW OB . -13.81 -0.92 -37.35
P PCW OB . -14.17 -0.64 -35.89
C1 PCW PB . -29.83 -7.42 -11.10
C2 PCW PB . -29.12 -8.06 -9.84
C3 PCW PB . -29.32 -9.62 -9.83
C4 PCW PB . -30.97 -3.78 -11.49
C5 PCW PB . -31.89 -2.56 -11.46
C6 PCW PB . -31.76 -0.02 -11.42
C7 PCW PB . -31.11 -1.26 -13.43
C8 PCW PB . -32.79 -1.16 -12.66
C11 PCW PB . -29.40 -10.37 -7.55
C12 PCW PB . -28.53 -11.03 -6.49
C13 PCW PB . -29.07 -10.63 -5.05
C14 PCW PB . -28.28 -11.22 -3.89
C15 PCW PB . -27.82 -10.22 -2.79
C16 PCW PB . -26.69 -10.86 -1.90
C17 PCW PB . -25.68 -9.89 -1.21
C18 PCW PB . -24.29 -10.48 -1.04
C19 PCW PB . -23.22 -9.44 -0.59
C20 PCW PB . -22.54 -9.54 0.61
C21 PCW PB . -22.59 -10.53 1.71
C22 PCW PB . -21.12 -10.81 2.14
C23 PCW PB . -20.87 -11.99 3.11
C24 PCW PB . -21.48 -11.90 4.47
C25 PCW PB . -20.61 -11.95 5.76
C26 PCW PB . -21.26 -11.44 7.03
C27 PCW PB . -21.02 -12.22 8.34
C28 PCW PB . -19.80 -11.69 9.05
C31 PCW PB . -27.14 -7.29 -8.77
C32 PCW PB . -25.64 -7.09 -8.99
C33 PCW PB . -24.85 -6.38 -7.78
C34 PCW PB . -25.35 -4.96 -7.48
C35 PCW PB . -24.08 -4.18 -6.94
C36 PCW PB . -24.21 -2.65 -7.11
C37 PCW PB . -23.00 -1.81 -6.59
C38 PCW PB . -23.19 -1.39 -5.17
C39 PCW PB . -22.03 -0.58 -4.65
C40 PCW PB . -21.05 -1.01 -3.86
C41 PCW PB . -20.92 -2.42 -3.31
C42 PCW PB . -19.56 -2.52 -2.47
C43 PCW PB . -19.12 -1.31 -1.66
C44 PCW PB . -17.82 -1.68 -0.97
C45 PCW PB . -17.15 -0.56 -0.22
C46 PCW PB . -16.12 -1.01 0.77
C47 PCW PB . -15.32 0.09 1.44
C48 PCW PB . -14.30 -0.49 2.42
N PCW PB . -31.44 -1.33 -12.03
O2 PCW PB . -27.66 -7.81 -9.90
O3 PCW PB . -28.67 -10.19 -8.68
O11 PCW PB . -30.56 -10.09 -7.40
O31 PCW PB . -27.78 -7.02 -7.72
O1P PCW PB . -31.31 -6.08 -13.19
O2P PCW PB . -33.45 -6.31 -11.92
O3P PCW PB . -31.27 -7.29 -10.95
O4P PCW PB . -31.75 -4.90 -11.02
P PCW PB . -31.98 -6.14 -11.84
C1 PCW QB . -17.76 39.32 -19.35
C2 PCW QB . -16.26 39.47 -18.88
C3 PCW QB . -15.91 41.00 -18.72
C4 PCW QB . -19.33 37.22 -21.73
C5 PCW QB . -20.56 37.15 -22.65
C6 PCW QB . -22.74 36.48 -21.52
C7 PCW QB . -22.57 38.61 -22.70
C8 PCW QB . -22.45 36.92 -23.41
C11 PCW QB . -13.81 42.14 -18.87
C12 PCW QB . -12.42 42.12 -18.30
C13 PCW QB . -11.40 42.12 -19.49
C14 PCW QB . -9.91 42.10 -19.10
C15 PCW QB . -9.27 43.47 -18.77
C16 PCW QB . -7.73 43.33 -18.54
C17 PCW QB . -6.96 44.55 -17.92
C18 PCW QB . -5.65 44.16 -17.24
C19 PCW QB . -4.82 45.39 -16.80
C20 PCW QB . -3.90 45.33 -15.76
C21 PCW QB . -3.48 44.23 -14.86
C22 PCW QB . -1.93 44.33 -14.71
C23 PCW QB . -1.06 43.61 -15.79
C24 PCW QB . 0.34 44.11 -15.96
C25 PCW QB . 0.98 44.19 -17.37
C26 PCW QB . 2.02 45.29 -17.58
C27 PCW QB . 2.89 45.23 -18.86
C28 PCW QB . 4.34 45.04 -18.48
C31 PCW QB . -15.65 37.55 -17.62
C32 PCW QB . -15.52 37.02 -16.18
C33 PCW QB . -14.30 35.99 -15.94
C34 PCW QB . -13.66 36.13 -14.56
C35 PCW QB . -12.53 35.02 -14.49
C36 PCW QB . -11.63 35.18 -13.24
C37 PCW QB . -10.50 34.12 -13.10
C38 PCW QB . -10.21 33.83 -11.67
C39 PCW QB . -9.11 32.81 -11.49
C40 PCW QB . -7.80 33.03 -11.51
C41 PCW QB . -7.17 34.40 -11.75
C42 PCW QB . -5.59 34.24 -11.62
C43 PCW QB . -4.70 35.35 -12.14
C44 PCW QB . -3.27 34.93 -11.89
C45 PCW QB . -2.51 34.48 -13.11
C46 PCW QB . -1.66 33.27 -12.90
C47 PCW QB . -0.20 33.53 -12.56
C48 PCW QB . 0.56 32.22 -12.36
N PCW QB . -21.86 37.48 -22.16
O2 PCW QB . -16.08 38.82 -17.55
O3 PCW QB . -14.55 41.15 -18.30
O11 PCW QB . -14.21 42.92 -19.69
O31 PCW QB . -15.39 36.92 -18.68
O1P PCW QB . -18.23 36.14 -19.28
O2P PCW QB . -20.45 36.80 -18.35
O3P PCW QB . -18.55 38.52 -18.47
O4P PCW QB . -19.78 37.74 -20.45
P PCW QB . -19.26 37.22 -19.12
C1 PCW RB . -17.97 28.16 -12.87
C2 PCW RB . -16.99 28.83 -11.82
C3 PCW RB . -17.04 30.39 -11.94
C4 PCW RB . -20.09 30.24 -14.71
C5 PCW RB . -20.89 31.54 -14.76
C6 PCW RB . -21.98 31.69 -17.05
C7 PCW RB . -23.28 32.14 -15.01
C8 PCW RB . -21.84 33.10 -15.68
C11 PCW RB . -15.17 31.79 -11.43
C12 PCW RB . -14.33 32.28 -10.28
C13 PCW RB . -14.32 33.86 -10.32
C14 PCW RB . -13.51 34.52 -9.19
C15 PCW RB . -13.83 36.03 -8.95
C16 PCW RB . -14.90 36.19 -7.83
C17 PCW RB . -14.65 37.28 -6.74
C18 PCW RB . -13.70 36.83 -5.63
C19 PCW RB . -12.45 37.72 -5.52
C20 PCW RB . -11.67 37.77 -4.37
C21 PCW RB . -11.78 37.09 -3.04
C22 PCW RB . -11.50 35.58 -3.28
C23 PCW RB . -10.11 35.02 -2.86
C24 PCW RB . -9.37 34.18 -3.87
C25 PCW RB . -8.95 32.73 -3.53
C26 PCW RB . -7.48 32.39 -3.73
C27 PCW RB . -7.03 30.93 -3.46
C28 PCW RB . -5.53 30.83 -3.55
C31 PCW RB . -16.67 27.53 -9.87
C32 PCW RB . -17.21 27.25 -8.46
C33 PCW RB . -16.92 25.77 -7.91
C34 PCW RB . -17.96 25.27 -6.92
C35 PCW RB . -17.19 25.13 -5.53
C36 PCW RB . -17.81 26.00 -4.42
C37 PCW RB . -17.11 25.92 -3.03
C38 PCW RB . -17.17 24.54 -2.45
C39 PCW RB . -16.48 24.43 -1.11
C40 PCW RB . -15.18 24.24 -0.89
C41 PCW RB . -14.14 24.10 -1.99
C42 PCW RB . -12.71 23.94 -1.30
C43 PCW RB . -12.28 22.56 -0.84
C44 PCW RB . -10.89 22.70 -0.22
C45 PCW RB . -9.76 22.14 -1.06
C46 PCW RB . -9.31 20.76 -0.63
C47 PCW RB . -9.04 19.78 -1.73
C48 PCW RB . -8.58 18.42 -1.16
N PCW RB . -22.05 31.62 -15.58
O2 PCW RB . -17.43 28.46 -10.44
O3 PCW RB . -16.15 30.96 -10.97
O11 PCW RB . -15.00 32.09 -12.59
O31 PCW RB . -15.65 26.98 -10.39
O1P PCW RB . -20.64 27.41 -14.39
O2P PCW RB . -21.77 28.15 -12.29
O3P PCW RB . -19.23 27.73 -12.33
O4P PCW RB . -20.25 29.68 -13.38
P PCW RB . -20.54 28.21 -13.13
C1 PCW SB . -13.73 36.69 -28.45
C2 PCW SB . -13.06 36.07 -27.16
C3 PCW SB . -11.50 36.15 -27.28
C4 PCW SB . -14.83 32.97 -27.64
C5 PCW SB . -14.87 31.45 -27.79
C6 PCW SB . -16.22 30.31 -25.96
C7 PCW SB . -16.78 29.97 -28.32
C8 PCW SB . -15.24 29.46 -27.43
C11 PCW SB . -10.86 34.23 -25.99
C12 PCW SB . -10.20 33.86 -24.69
C13 PCW SB . -8.64 33.99 -24.88
C14 PCW SB . -7.80 33.64 -23.66
C15 PCW SB . -6.58 32.72 -23.93
C16 PCW SB . -5.44 33.51 -24.67
C17 PCW SB . -3.97 33.21 -24.22
C18 PCW SB . -2.95 34.17 -24.84
C19 PCW SB . -2.41 35.21 -23.83
C20 PCW SB . -1.71 34.85 -22.68
C21 PCW SB . -1.32 33.53 -22.12
C22 PCW SB . 0.23 33.54 -21.96
C23 PCW SB . 0.83 32.90 -20.70
C24 PCW SB . 1.93 33.65 -20.00
C25 PCW SB . 3.42 33.43 -20.38
C26 PCW SB . 4.03 32.09 -19.98
C27 PCW SB . 5.57 31.97 -19.95
C28 PCW SB . 5.97 30.53 -19.87
C31 PCW SB . -14.60 36.43 -25.39
C32 PCW SB . -14.86 37.33 -24.17
C33 PCW SB . -13.69 37.32 -23.07
C34 PCW SB . -13.38 38.70 -22.52
C35 PCW SB . -13.67 38.61 -20.97
C36 PCW SB . -12.38 38.63 -20.10
C37 PCW SB . -12.63 38.53 -18.57
C38 PCW SB . -11.37 38.61 -17.77
C39 PCW SB . -11.62 38.51 -16.29
C40 PCW SB . -11.36 39.43 -15.37
C41 PCW SB . -10.75 40.79 -15.66
C42 PCW SB . -9.50 40.98 -14.70
C43 PCW SB . -8.14 41.25 -15.31
C44 PCW SB . -7.15 41.39 -14.16
C45 PCW SB . -5.71 41.60 -14.57
C46 PCW SB . -4.96 40.32 -14.82
C47 PCW SB . -3.65 40.46 -15.56
C48 PCW SB . -2.98 39.10 -15.75
N PCW SB . -16.03 30.74 -27.35
O2 PCW SB . -13.46 36.85 -25.95
O3 PCW SB . -10.90 35.59 -26.11
O11 PCW SB . -11.29 33.44 -26.80
O31 PCW SB . -15.32 35.47 -25.76
O1P PCW SB . -16.12 35.23 -28.95
O2P PCW SB . -15.15 34.18 -30.99
O3P PCW SB . -13.72 35.79 -29.58
O4P PCW SB . -14.28 33.51 -28.87
P PCW SB . -14.90 34.68 -29.62
C1 PCW TB . -27.26 30.12 -4.08
C2 PCW TB . -25.87 29.44 -3.78
C3 PCW TB . -24.72 30.29 -4.43
C4 PCW TB . -31.31 30.29 -1.40
C5 PCW TB . -32.25 29.28 -2.06
C6 PCW TB . -30.92 27.63 -3.47
C7 PCW TB . -32.53 26.82 -1.81
C8 PCW TB . -32.88 27.82 -3.33
C11 PCW TB . -22.82 29.05 -5.21
C12 PCW TB . -21.50 28.52 -4.73
C13 PCW TB . -20.38 29.60 -5.04
C14 PCW TB . -18.98 29.20 -4.62
C15 PCW TB . -18.05 30.36 -4.17
C16 PCW TB . -16.57 29.86 -4.02
C17 PCW TB . -15.86 29.29 -5.30
C18 PCW TB . -14.67 28.40 -4.98
C19 PCW TB . -13.47 29.19 -4.39
C20 PCW TB . -12.45 28.58 -3.68
C21 PCW TB . -12.21 27.17 -3.28
C22 PCW TB . -11.01 26.66 -4.15
C23 PCW TB . -9.58 26.92 -3.59
C24 PCW TB . -8.45 26.83 -4.56
C25 PCW TB . -8.20 27.95 -5.61
C26 PCW TB . -6.78 28.12 -6.09
C27 PCW TB . -6.44 29.35 -6.96
C28 PCW TB . -6.43 28.97 -8.43
C31 PCW TB . -25.86 28.24 -1.73
C32 PCW TB . -25.59 28.40 -0.22
C33 PCW TB . -24.54 27.35 0.41
C34 PCW TB . -24.14 27.67 1.86
C35 PCW TB . -23.53 29.13 1.82
C36 PCW TB . -22.10 29.20 2.42
C37 PCW TB . -21.46 30.62 2.39
C38 PCW TB . -20.22 30.66 1.57
C39 PCW TB . -19.58 32.02 1.52
C40 PCW TB . -18.33 32.34 1.82
C41 PCW TB . -17.28 31.34 2.28
C42 PCW TB . -16.68 30.61 0.99
C43 PCW TB . -16.05 29.24 1.20
C44 PCW TB . -15.56 28.76 -0.16
C45 PCW TB . -14.34 27.85 -0.11
C46 PCW TB . -14.25 27.01 1.13
C47 PCW TB . -12.87 26.72 1.65
C48 PCW TB . -12.91 25.85 2.91
N PCW TB . -31.79 27.95 -2.32
O2 PCW TB . -25.64 29.42 -2.30
O3 PCW TB . -23.45 29.70 -4.18
O11 PCW TB . -23.25 28.94 -6.32
O31 PCW TB . -26.24 27.18 -2.31
O1P PCW TB . -28.49 30.46 -0.78
O2P PCW TB . -28.51 32.21 -2.57
O3P PCW TB . -28.31 29.70 -3.18
O4P PCW TB . -30.37 30.71 -2.42
P PCW TB . -28.88 30.83 -2.18
C1 PCW UB . -8.53 11.96 -41.33
C2 PCW UB . -7.89 11.90 -39.88
C3 PCW UB . -8.86 11.17 -38.89
C4 PCW UB . -11.71 8.56 -42.83
C5 PCW UB . -11.37 7.18 -43.38
C6 PCW UB . -10.30 4.90 -43.01
C7 PCW UB . -10.18 6.61 -41.26
C8 PCW UB . -11.68 5.76 -41.92
C11 PCW UB . -7.62 9.98 -37.21
C12 PCW UB . -7.07 10.14 -35.81
C13 PCW UB . -6.18 8.90 -35.49
C14 PCW UB . -5.53 8.90 -34.09
C15 PCW UB . -3.99 9.13 -34.06
C16 PCW UB . -3.21 7.78 -33.92
C17 PCW UB . -3.02 6.92 -35.21
C18 PCW UB . -1.86 5.92 -35.13
C19 PCW UB . -2.29 4.55 -34.54
C20 PCW UB . -1.57 3.39 -34.80
C21 PCW UB . -0.35 3.12 -35.61
C22 PCW UB . 0.87 3.46 -34.70
C23 PCW UB . 2.03 4.26 -35.33
C24 PCW UB . 3.42 3.80 -35.02
C25 PCW UB . 4.67 4.62 -35.46
C26 PCW UB . 6.01 4.11 -34.99
C27 PCW UB . 6.45 2.70 -35.42
C28 PCW UB . 7.96 2.63 -35.49
C31 PCW UB . -5.59 11.75 -40.46
C32 PCW UB . -4.38 10.79 -40.43
C33 PCW UB . -3.13 11.27 -39.57
C34 PCW UB . -3.54 11.95 -38.27
C35 PCW UB . -2.30 11.77 -37.29
C36 PCW UB . -2.72 11.91 -35.80
C37 PCW UB . -1.56 11.74 -34.77
C38 PCW UB . -2.01 11.94 -33.36
C39 PCW UB . -0.89 11.79 -32.37
C40 PCW UB . -0.95 11.24 -31.15
C41 PCW UB . -2.22 10.66 -30.54
C42 PCW UB . -1.84 10.05 -29.11
C43 PCW UB . -1.02 8.77 -29.07
C44 PCW UB . -0.80 8.42 -27.61
C45 PCW UB . 0.62 8.06 -27.24
C46 PCW UB . 1.07 8.59 -25.91
C47 PCW UB . 2.00 9.78 -25.91
C48 PCW UB . 2.36 10.19 -24.48
N PCW UB . -10.49 6.31 -42.64
O2 PCW UB . -6.63 11.11 -39.93
O3 PCW UB . -8.25 11.13 -37.59
O11 PCW UB . -7.53 8.99 -37.89
O31 PCW UB . -5.59 12.94 -40.92
O1P PCW UB . -11.53 11.20 -41.63
O2P PCW UB . -10.37 11.76 -43.76
O3P PCW UB . -9.08 10.72 -41.80
O4P PCW UB . -10.62 9.45 -43.19
P PCW UB . -10.46 10.84 -42.61
C1 PCW VB . -36.92 -1.62 2.07
C2 PCW VB . -36.15 -2.72 2.89
C3 PCW VB . -34.74 -2.98 2.25
C4 PCW VB . -40.21 -3.25 4.74
C5 PCW VB . -41.34 -4.15 4.24
C6 PCW VB . -42.52 -6.25 4.33
C7 PCW VB . -40.42 -6.08 5.33
C8 PCW VB . -40.49 -6.14 3.05
C11 PCW VB . -34.45 -5.29 2.92
C12 PCW VB . -33.60 -6.14 3.82
C13 PCW VB . -33.58 -7.60 3.24
C14 PCW VB . -32.76 -8.60 4.04
C15 PCW VB . -33.29 -8.94 5.46
C16 PCW VB . -32.48 -10.12 6.09
C17 PCW VB . -33.01 -11.56 5.83
C18 PCW VB . -32.87 -12.49 7.05
C19 PCW VB . -34.01 -12.30 8.07
C20 PCW VB . -34.25 -13.21 9.10
C21 PCW VB . -33.59 -14.47 9.51
C22 PCW VB . -32.74 -14.14 10.77
C23 PCW VB . -33.48 -13.77 12.07
C24 PCW VB . -33.59 -14.85 13.11
C25 PCW VB . -32.32 -15.50 13.73
C26 PCW VB . -32.50 -16.19 15.06
C27 PCW VB . -31.24 -16.39 15.94
C28 PCW VB . -30.77 -15.07 16.48
C31 PCW VB . -36.26 -3.15 5.21
C32 PCW VB . -35.99 -2.54 6.59
C33 PCW VB . -35.98 -3.57 7.82
C34 PCW VB . -35.62 -2.93 9.16
C35 PCW VB . -35.90 -4.03 10.25
C36 PCW VB . -35.91 -3.45 11.68
C37 PCW VB . -36.19 -4.47 12.83
C38 PCW VB . -35.23 -5.61 12.81
C39 PCW VB . -35.48 -6.60 13.93
C40 PCW VB . -34.78 -6.72 15.05
C41 PCW VB . -33.58 -5.86 15.39
C42 PCW VB . -32.46 -6.78 16.05
C43 PCW VB . -31.14 -6.16 16.46
C44 PCW VB . -30.29 -7.28 17.05
C45 PCW VB . -29.47 -8.07 16.05
C46 PCW VB . -28.70 -9.21 16.67
C47 PCW VB . -28.21 -10.28 15.73
C48 PCW VB . -27.44 -11.38 16.50
N PCW VB . -41.21 -5.58 4.23
O2 PCW VB . -35.94 -2.25 4.29
O3 PCW VB . -34.04 -3.99 3.01
O11 PCW VB . -35.37 -5.68 2.25
O31 PCW VB . -36.70 -4.32 4.99
O1P PCW VB . -40.65 -1.34 2.58
O2P PCW VB . -39.31 -2.99 1.28
O3P PCW VB . -38.15 -1.19 2.70
O4P PCW VB . -39.24 -3.14 3.66
P PCW VB . -39.40 -2.17 2.50
C1 PCW WB . -35.17 5.06 -0.37
C2 PCW WB . -33.99 6.02 0.04
C3 PCW WB . -34.53 7.49 0.16
C4 PCW WB . -37.58 6.14 3.42
C5 PCW WB . -39.09 6.40 3.57
C6 PCW WB . -40.76 4.67 3.61
C7 PCW WB . -40.77 6.29 5.27
C8 PCW WB . -39.14 4.72 5.39
C11 PCW WB . -33.68 9.72 0.35
C12 PCW WB . -32.45 10.50 0.75
C13 PCW WB . -32.04 11.42 -0.46
C14 PCW WB . -30.80 12.29 -0.21
C15 PCW WB . -30.37 13.21 -1.40
C16 PCW WB . -28.92 13.77 -1.17
C17 PCW WB . -28.71 14.73 0.06
C18 PCW WB . -27.33 15.40 0.07
C19 PCW WB . -26.32 14.68 0.99
C20 PCW WB . -25.87 15.25 2.17
C21 PCW WB . -26.16 16.54 2.84
C22 PCW WB . -25.79 16.37 4.35
C23 PCW WB . -25.33 17.63 5.11
C24 PCW WB . -24.02 17.53 5.85
C25 PCW WB . -23.64 18.55 6.96
C26 PCW WB . -23.91 20.01 6.67
C27 PCW WB . -24.46 20.89 7.81
C28 PCW WB . -23.98 22.31 7.64
C31 PCW WB . -32.60 4.60 1.32
C32 PCW WB . -32.10 4.29 2.75
C33 PCW WB . -32.35 5.43 3.87
C34 PCW WB . -32.25 4.90 5.29
C35 PCW WB . -31.64 6.08 6.15
C36 PCW WB . -30.34 5.68 6.87
C37 PCW WB . -29.68 6.80 7.75
C38 PCW WB . -28.76 6.22 8.77
C39 PCW WB . -28.12 7.27 9.65
C40 PCW WB . -27.00 7.95 9.40
C41 PCW WB . -26.14 7.77 8.16
C42 PCW WB . -24.76 8.50 8.42
C43 PCW WB . -23.81 8.68 7.25
C44 PCW WB . -22.57 9.39 7.78
C45 PCW WB . -21.44 8.49 8.18
C46 PCW WB . -20.12 9.19 8.33
C47 PCW WB . -19.59 9.92 7.12
C48 PCW WB . -18.25 10.59 7.42
N PCW WB . -39.90 5.56 4.42
O2 PCW WB . -33.45 5.63 1.36
O3 PCW WB . -33.46 8.39 0.52
O11 PCW WB . -34.70 10.21 -0.08
O31 PCW WB . -32.24 3.97 0.28
O1P PCW WB . -37.44 6.44 0.52
O2P PCW WB . -38.41 4.13 0.53
O3P PCW WB . -35.87 4.47 0.76
O4P PCW WB . -37.44 4.97 2.56
P PCW WB . -37.36 5.04 1.05
C1 PCW XB . -28.27 17.95 -6.65
C2 PCW XB . -26.76 17.80 -6.26
C3 PCW XB . -25.92 17.32 -7.49
C4 PCW XB . -28.97 21.36 -6.09
C5 PCW XB . -30.17 22.15 -5.57
C6 PCW XB . -32.13 21.31 -4.17
C7 PCW XB . -30.25 22.45 -3.12
C8 PCW XB . -31.46 23.14 -4.33
C11 PCW XB . -24.04 15.93 -6.91
C12 PCW XB . -22.60 16.03 -6.53
C13 PCW XB . -21.87 16.95 -7.59
C14 PCW XB . -20.38 17.16 -7.36
C15 PCW XB . -19.62 17.87 -8.51
C16 PCW XB . -18.08 17.61 -8.41
C17 PCW XB . -17.37 17.03 -9.70
C18 PCW XB . -15.88 16.81 -9.53
C19 PCW XB . -15.53 15.31 -9.28
C20 PCW XB . -14.58 14.65 -10.04
C21 PCW XB . -13.73 15.07 -11.18
C22 PCW XB . -12.61 15.96 -10.59
C23 PCW XB . -11.20 15.87 -11.25
C24 PCW XB . -10.57 14.52 -11.31
C25 PCW XB . -10.50 13.60 -10.05
C26 PCW XB . -9.73 12.31 -10.19
C27 PCW XB . -10.49 10.98 -10.06
C28 PCW XB . -10.01 10.21 -8.86
C31 PCW XB . -26.43 19.42 -4.54
C32 PCW XB . -25.79 20.80 -4.24
C33 PCW XB . -26.17 21.45 -2.84
C34 PCW XB . -25.83 20.57 -1.64
C35 PCW XB . -24.34 20.92 -1.27
C36 PCW XB . -23.87 20.18 0.01
C37 PCW XB . -22.42 20.48 0.47
C38 PCW XB . -21.46 19.41 0.03
C39 PCW XB . -20.06 19.69 0.46
C40 PCW XB . -19.22 18.85 1.06
C41 PCW XB . -19.56 17.41 1.42
C42 PCW XB . -18.71 17.02 2.72
C43 PCW XB . -19.38 16.20 3.81
C44 PCW XB . -18.35 15.98 4.90
C45 PCW XB . -18.15 14.54 5.31
C46 PCW XB . -16.83 14.29 6.01
C47 PCW XB . -16.87 14.12 7.51
C48 PCW XB . -15.47 13.88 8.08
N PCW XB . -30.76 21.82 -4.31
O2 PCW XB . -26.19 19.12 -5.82
O3 PCW XB . -24.55 17.19 -7.12
O11 PCW XB . -24.67 14.91 -7.02
O31 PCW XB . -27.08 18.72 -3.71
O1P PCW XB . -27.29 20.57 -8.32
O2P PCW XB . -29.49 20.25 -9.47
O3P PCW XB . -28.51 18.37 -8.01
O4P PCW XB . -29.48 20.42 -7.07
P PCW XB . -28.66 19.95 -8.27
C1 PCW YB . -17.38 8.40 -26.23
C2 PCW YB . -15.89 8.89 -26.07
C3 PCW YB . -14.97 7.68 -25.66
C4 PCW YB . -21.44 8.61 -26.04
C5 PCW YB . -22.78 8.35 -26.73
C6 PCW YB . -22.01 6.16 -27.80
C7 PCW YB . -24.37 6.80 -27.82
C8 PCW YB . -22.96 7.66 -28.64
C11 PCW YB . -13.10 8.15 -24.26
C12 PCW YB . -11.69 8.69 -24.30
C13 PCW YB . -10.76 7.69 -23.50
C14 PCW YB . -9.28 8.09 -23.45
C15 PCW YB . -8.95 9.27 -22.49
C16 PCW YB . -8.13 8.78 -21.25
C17 PCW YB . -6.62 8.43 -21.47
C18 PCW YB . -5.67 9.41 -20.78
C19 PCW YB . -4.45 9.77 -21.65
C20 PCW YB . -3.21 10.07 -21.10
C21 PCW YB . -2.73 10.14 -19.69
C22 PCW YB . -1.18 10.10 -19.74
C23 PCW YB . -0.43 11.39 -20.18
C24 PCW YB . 0.47 12.03 -19.17
C25 PCW YB . 1.99 12.21 -19.43
C26 PCW YB . 2.63 13.45 -18.82
C27 PCW YB . 4.16 13.43 -18.59
C28 PCW YB . 4.76 14.70 -19.13
C31 PCW YB . -15.67 10.68 -27.61
C32 PCW YB . -15.08 11.05 -28.98
C33 PCW YB . -13.58 11.65 -28.95
C34 PCW YB . -12.57 10.78 -29.70
C35 PCW YB . -11.97 9.79 -28.61
C36 PCW YB . -11.85 8.35 -29.15
C37 PCW YB . -11.26 7.30 -28.15
C38 PCW YB . -9.82 7.56 -27.84
C39 PCW YB . -9.22 6.58 -26.87
C40 PCW YB . -8.74 5.37 -27.16
C41 PCW YB . -8.72 4.78 -28.55
C42 PCW YB . -7.80 3.48 -28.50
C43 PCW YB . -7.58 2.71 -29.80
C44 PCW YB . -6.68 1.53 -29.46
C45 PCW YB . -5.23 1.68 -29.85
C46 PCW YB . -4.31 0.74 -29.13
C47 PCW YB . -2.88 1.19 -28.95
C48 PCW YB . -2.05 0.14 -28.20
N PCW YB . -23.06 7.06 -27.28
O2 PCW YB . -15.37 9.40 -27.37
O3 PCW YB . -13.62 8.14 -25.51
O11 PCW YB . -13.68 7.82 -23.27
O31 PCW YB . -16.33 11.45 -26.87
O1P PCW YB . -19.18 10.23 -25.21
O2P PCW YB . -19.51 11.29 -27.46
O3P PCW YB . -18.13 9.12 -27.24
O4P PCW YB . -20.55 9.17 -27.04
P PCW YB . -19.35 10.03 -26.69
C1 PCW ZB . -21.35 0.18 -30.03
C2 PCW ZB . -20.31 0.70 -28.96
C3 PCW ZB . -21.03 0.94 -27.58
C4 PCW ZB . -18.37 2.09 -32.78
C5 PCW ZB . -18.62 3.33 -33.65
C6 PCW ZB . -18.78 5.86 -33.87
C7 PCW ZB . -18.11 4.84 -31.75
C8 PCW ZB . -17.21 4.78 -33.36
C11 PCW ZB . -20.19 2.66 -26.14
C12 PCW ZB . -19.09 2.94 -25.15
C13 PCW ZB . -17.84 3.47 -25.94
C14 PCW ZB . -16.61 3.80 -25.08
C15 PCW ZB . -15.25 3.29 -25.64
C16 PCW ZB . -14.79 4.17 -26.86
C17 PCW ZB . -13.32 3.98 -27.37
C18 PCW ZB . -12.28 4.11 -26.26
C19 PCW ZB . -11.19 2.99 -26.34
C20 PCW ZB . -10.29 2.75 -25.31
C21 PCW ZB . -10.10 3.39 -23.99
C22 PCW ZB . -8.78 2.79 -23.41
C23 PCW ZB . -7.45 3.46 -23.85
C24 PCW ZB . -6.68 4.20 -22.80
C25 PCW ZB . -5.18 4.54 -23.00
C26 PCW ZB . -4.44 5.12 -21.81
C27 PCW ZB . -3.06 5.78 -22.05
C28 PCW ZB . -3.17 6.87 -23.10
C31 PCW ZB . -18.03 0.09 -29.06
C32 PCW ZB . -17.04 -1.05 -28.77
C33 PCW ZB . -16.17 -0.84 -27.43
C34 PCW ZB . -15.20 -2.00 -27.15
C35 PCW ZB . -15.41 -2.40 -25.64
C36 PCW ZB . -14.34 -3.40 -25.13
C37 PCW ZB . -14.51 -3.84 -23.64
C38 PCW ZB . -14.00 -2.79 -22.69
C39 PCW ZB . -14.14 -3.18 -21.25
C40 PCW ZB . -13.39 -4.04 -20.57
C41 PCW ZB . -12.21 -4.81 -21.16
C42 PCW ZB . -10.86 -4.22 -20.55
C43 PCW ZB . -9.73 -3.88 -21.50
C44 PCW ZB . -8.58 -3.35 -20.66
C45 PCW ZB . -7.68 -4.40 -20.05
C46 PCW ZB . -7.19 -4.05 -18.67
C47 PCW ZB . -5.71 -4.22 -18.42
C48 PCW ZB . -5.35 -3.82 -16.98
N PCW ZB . -18.67 4.63 -33.07
O2 PCW ZB . -19.25 -0.31 -28.73
O3 PCW ZB . -20.07 1.40 -26.62
O11 PCW ZB . -21.04 3.45 -26.45
O31 PCW ZB . -17.72 1.22 -29.55
O1P PCW ZB . -20.75 0.69 -33.74
O2P PCW ZB . -21.89 2.15 -32.07
O3P PCW ZB . -20.80 -0.06 -31.33
O4P PCW ZB . -19.51 1.92 -31.91
P PCW ZB . -20.78 1.20 -32.33
C1 PCW AC . -22.82 -4.96 -30.34
C2 PCW AC . -21.51 -5.19 -29.50
C3 PCW AC . -21.07 -3.87 -28.80
C4 PCW AC . -24.56 -4.29 -26.16
C5 PCW AC . -23.68 -3.07 -25.89
C6 PCW AC . -24.65 -1.42 -24.21
C7 PCW AC . -22.48 -2.48 -23.81
C8 PCW AC . -22.95 -1.31 -25.17
C11 PCW AC . -19.71 -3.32 -26.90
C12 PCW AC . -18.47 -3.78 -26.18
C13 PCW AC . -18.93 -4.37 -24.78
C14 PCW AC . -17.80 -4.89 -23.89
C15 PCW AC . -17.90 -4.47 -22.39
C16 PCW AC . -17.12 -5.48 -21.47
C17 PCW AC . -16.92 -5.08 -19.98
C18 PCW AC . -17.93 -5.70 -19.03
C19 PCW AC . -18.82 -4.65 -18.33
C20 PCW AC . -19.01 -4.64 -16.96
C21 PCW AC . -18.47 -5.49 -15.86
C22 PCW AC . -17.24 -4.74 -15.28
C23 PCW AC . -17.40 -4.09 -13.88
C24 PCW AC . -18.35 -2.94 -13.77
C25 PCW AC . -19.38 -2.84 -12.60
C26 PCW AC . -19.24 -1.67 -11.65
C27 PCW AC . -20.18 -1.63 -10.43
C28 PCW AC . -19.36 -1.69 -9.15
C31 PCW AC . -21.04 -7.31 -28.55
C32 PCW AC . -21.40 -8.25 -27.39
C33 PCW AC . -20.15 -8.95 -26.67
C34 PCW AC . -19.29 -7.99 -25.85
C35 PCW AC . -17.83 -8.10 -26.47
C36 PCW AC . -16.72 -8.11 -25.39
C37 PCW AC . -15.26 -8.23 -25.93
C38 PCW AC . -14.25 -7.95 -24.86
C39 PCW AC . -12.83 -8.06 -25.34
C40 PCW AC . -11.72 -8.05 -24.60
C41 PCW AC . -11.72 -7.92 -23.09
C42 PCW AC . -10.29 -8.36 -22.55
C43 PCW AC . -9.93 -8.03 -21.11
C44 PCW AC . -8.53 -8.55 -20.87
C45 PCW AC . -8.44 -9.98 -20.39
C46 PCW AC . -9.07 -10.20 -19.04
C47 PCW AC . -9.41 -11.63 -18.68
C48 PCW AC . -10.05 -11.71 -17.30
N PCW AC . -23.69 -2.47 -24.60
O2 PCW AC . -21.76 -6.20 -28.42
O3 PCW AC . -19.90 -4.10 -28.01
O11 PCW AC . -20.44 -2.44 -26.54
O31 PCW AC . -20.21 -7.56 -29.48
O1P PCW AC . -26.13 -4.43 -28.58
O2P PCW AC . -24.80 -6.52 -28.98
O3P PCW AC . -23.84 -4.21 -29.65
O4P PCW AC . -24.02 -4.96 -27.33
P PCW AC . -24.78 -5.08 -28.64
C1 PCW BC . -31.29 35.93 0.18
C2 PCW BC . -29.93 35.21 0.56
C3 PCW BC . -28.72 36.10 0.14
C4 PCW BC . -33.92 32.68 2.15
C5 PCW BC . -34.17 31.26 1.64
C6 PCW BC . -32.46 29.65 2.22
C7 PCW BC . -34.70 29.01 2.28
C8 PCW BC . -33.98 30.38 3.94
C11 PCW BC . -26.37 35.79 -0.18
C12 PCW BC . -25.21 35.00 0.33
C13 PCW BC . -24.47 34.33 -0.89
C14 PCW BC . -23.25 33.48 -0.51
C15 PCW BC . -23.54 31.99 -0.10
C16 PCW BC . -23.25 31.01 -1.29
C17 PCW BC . -21.80 30.41 -1.39
C18 PCW BC . -21.76 28.89 -1.23
C19 PCW BC . -20.33 28.31 -1.33
C20 PCW BC . -19.90 27.31 -0.47
C21 PCW BC . -20.58 26.58 0.63
C22 PCW BC . -19.63 26.64 1.86
C23 PCW BC . -18.27 25.91 1.76
C24 PCW BC . -17.94 24.90 2.82
C25 PCW BC . -16.96 23.73 2.53
C26 PCW BC . -16.67 22.76 3.67
C27 PCW BC . -17.76 21.74 4.06
C28 PCW BC . -17.27 20.86 5.17
C31 PCW BC . -30.26 33.80 2.45
C32 PCW BC . -30.12 33.77 3.98
C33 PCW BC . -28.71 33.23 4.52
C34 PCW BC . -28.29 31.89 3.94
C35 PCW BC . -26.98 31.46 4.71
C36 PCW BC . -27.10 30.07 5.36
C37 PCW BC . -25.84 29.58 6.13
C38 PCW BC . -25.04 28.61 5.32
C39 PCW BC . -23.81 28.12 6.04
C40 PCW BC . -22.67 28.78 6.22
C41 PCW BC . -22.42 30.19 5.71
C42 PCW BC . -21.50 30.96 6.76
C43 PCW BC . -21.88 30.90 8.22
C44 PCW BC . -20.83 31.69 8.98
C45 PCW BC . -20.33 31.05 10.26
C46 PCW BC . -20.14 32.02 11.39
C47 PCW BC . -19.12 31.63 12.43
C48 PCW BC . -19.04 32.70 13.53
N PCW BC . -33.84 30.14 2.48
O2 PCW BC . -29.85 35.00 2.03
O3 PCW BC . -27.49 35.44 0.49
O11 PCW BC . -26.32 36.63 -1.05
O31 PCW BC . -30.70 32.86 1.72
O1P PCW BC . -32.94 35.39 2.37
O2P PCW BC . -34.71 35.84 0.67
O3P PCW BC . -32.38 35.02 -0.07
O4P PCW BC . -34.03 33.58 1.01
P PCW BC . -33.54 35.01 1.05
C1 17F CC . -27.30 -16.75 -19.44
N1 17F CC . -27.39 -17.04 -21.93
O1 17F CC . -28.38 -19.44 -19.56
P1 17F CC . -28.68 -18.56 -18.36
C2 17F CC . -27.87 -16.28 -20.79
O2 17F CC . -30.10 -18.57 -17.86
C3 17F CC . -27.57 -14.78 -21.00
O3 17F CC . -28.32 -17.07 -18.57
C4 17F CC . -27.90 -18.28 -15.86
O4 17F CC . -27.89 -13.95 -20.16
C5 17F CC . -26.95 -18.85 -14.76
O5 17F CC . -26.96 -14.34 -22.04
C6 17F CC . -26.79 -20.37 -14.94
O6 17F CC . -27.80 -18.97 -17.11
C7 17F CC . -26.34 -21.97 -13.30
O7 17F CC . -25.93 -20.94 -13.96
C8 17F CC . -25.21 -22.38 -12.33
O8 17F CC . -27.39 -22.58 -13.34
C9 17F CC . -25.27 -21.64 -10.97
O9 17F CC . -25.68 -18.20 -14.72
C10 17F CC . -24.14 -22.01 -9.95
O10 17F CC . -25.80 -18.13 -12.41
C11 17F CC . -22.86 -21.10 -10.04
C12 17F CC . -21.76 -21.51 -9.00
C17 17F CC . -25.35 -17.78 -13.51
C18 17F CC . -24.30 -16.69 -13.57
C19 17F CC . -22.90 -17.13 -13.07
C20 17F CC . -22.67 -16.77 -11.55
C1X 17F CC . -20.53 -20.61 -9.11
C1Y 17F CC . -21.27 -17.21 -11.09
C1Z 17F CC . -20.70 -16.23 -10.07
C2X 17F CC . -19.39 -21.02 -8.05
C21 17F CC . -18.74 -19.79 -7.35
C22 17F CC . -17.48 -19.63 -7.20
C23 17F CC . -16.40 -20.53 -7.64
C24 17F CC . -16.19 -21.77 -6.76
C25 17F CC . -15.08 -22.72 -7.19
C26 17F CC . -13.58 -22.19 -6.98
C27 17F CC . -12.49 -23.14 -7.42
C28 17F CC . -11.11 -22.43 -7.13
C29 17F CC . -10.58 -21.91 -8.40
C30 17F CC . -9.26 -21.22 -8.29
C31 17F CC . -19.29 -15.61 -10.37
C32 17F CC . -18.76 -14.63 -9.30
C33 17F CC . -17.25 -14.57 -9.37
C34 17F CC . -16.47 -13.84 -8.59
C35 17F CC . -16.90 -12.91 -7.50
C36 17F CC . -16.44 -13.35 -6.07
C37 17F CC . -16.01 -12.15 -5.31
C38 17F CC . -17.15 -11.19 -4.90
C39 17F CC . -16.63 -9.99 -4.10
C40 17F CC . -17.59 -8.80 -4.22
C41 17F CC . -18.82 -8.96 -3.24
C42 17F CC . -20.23 -8.94 -3.82
C1 17F DC . -31.49 9.04 -12.58
N1 17F DC . -29.90 9.45 -14.48
O1 17F DC . -31.44 5.26 -12.30
P1 17F DC . -31.51 6.65 -11.71
C2 17F DC . -30.52 10.01 -13.28
O2 17F DC . -32.84 7.09 -11.16
C3 17F DC . -29.43 10.44 -12.29
O3 17F DC . -31.05 7.73 -12.72
C4 17F DC . -30.39 8.03 -9.77
O4 17F DC . -29.72 10.94 -11.21
C5 17F DC . -29.32 7.95 -8.64
O5 17F DC . -28.17 10.30 -12.54
C6 17F DC . -29.81 7.02 -7.50
O6 17F DC . -30.50 6.82 -10.50
C7 17F DC . -29.05 6.32 -5.39
O7 17F DC . -28.82 6.94 -6.50
C8 17F DC . -27.70 6.29 -4.65
O8 17F DC . -30.03 5.77 -4.96
C9 17F DC . -26.65 5.53 -5.50
O9 17F DC . -28.03 7.55 -9.12
C10 17F DC . -25.19 5.42 -4.95
O10 17F DC . -27.11 9.48 -9.99
C11 17F DC . -24.14 5.90 -6.01
C12 17F DC . -22.66 5.84 -5.52
C17 17F DC . -27.17 8.56 -9.15
C18 17F DC . -26.18 8.52 -8.01
C19 17F DC . -25.89 9.89 -7.34
C20 17F DC . -24.36 10.13 -7.07
C1X 17F DC . -21.76 6.35 -6.66
C1Y 17F DC . -24.13 11.52 -6.41
C1Z 17F DC . -22.95 11.47 -5.42
C2X 17F DC . -20.21 6.32 -6.26
C21 17F DC . -19.55 7.71 -6.49
C22 17F DC . -18.43 7.90 -7.10
C23 17F DC . -17.53 6.88 -7.68
C24 17F DC . -17.96 6.36 -9.06
C25 17F DC . -17.06 5.31 -9.69
C26 17F DC . -15.52 5.35 -9.21
C27 17F DC . -14.63 4.30 -9.84
C28 17F DC . -13.17 4.49 -9.25
C29 17F DC . -12.63 5.79 -9.73
C30 17F DC . -11.25 6.10 -9.24
C31 17F DC . -23.30 11.18 -3.92
C32 17F DC . -22.11 11.14 -2.94
C33 17F DC . -21.16 10.02 -3.33
C34 17F DC . -20.03 9.72 -2.70
C35 17F DC . -19.46 10.40 -1.48
C36 17F DC . -19.03 9.42 -0.35
C37 17F DC . -17.96 10.04 0.47
C38 17F DC . -16.77 9.11 0.82
C39 17F DC . -15.71 9.83 1.67
C40 17F DC . -15.02 10.93 0.85
C41 17F DC . -13.50 10.57 0.58
C42 17F DC . -12.68 11.45 -0.37
C1 17F EC . -32.05 -12.11 -11.82
N1 17F EC . -32.32 -11.71 -14.28
O1 17F EC . -29.30 -12.53 -12.57
P1 17F EC . -30.17 -13.73 -12.29
C2 17F EC . -32.80 -11.38 -12.95
O2 17F EC . -30.04 -14.89 -13.25
C3 17F EC . -32.70 -9.86 -12.73
O3 17F EC . -31.68 -13.38 -12.24
C4 17F EC . -30.58 -15.48 -10.37
O4 17F EC . -33.04 -9.35 -11.68
C5 17F EC . -30.12 -15.88 -8.93
O5 17F EC . -32.24 -9.06 -13.65
C6 17F EC . -31.24 -16.67 -8.22
O6 17F EC . -29.88 -14.34 -10.85
C7 17F EC . -31.36 -18.12 -6.37
O7 17F EC . -30.85 -17.05 -6.91
C8 17F EC . -30.77 -18.25 -4.96
O8 17F EC . -32.15 -18.92 -6.81
C9 17F EC . -31.32 -17.17 -3.99
O9 17F EC . -28.88 -16.62 -8.93
C10 17F EC . -30.76 -17.21 -2.51
O10 17F EC . -27.72 -14.65 -8.58
C11 17F EC . -29.76 -16.04 -2.18
C12 17F EC . -29.24 -16.12 -0.70
C17 17F EC . -27.83 -15.84 -8.95
C18 17F EC . -26.61 -16.55 -9.51
C19 17F EC . -26.55 -18.07 -9.23
C20 17F EC . -26.31 -18.37 -7.70
C1X 17F EC . -28.26 -14.95 -0.43
C1Y 17F EC . -26.26 -19.91 -7.44
C1Z 17F EC . -26.28 -20.19 -5.95
C2X 17F EC . -27.69 -14.98 1.07
C21 17F EC . -27.20 -13.56 1.52
C22 17F EC . -26.05 -13.07 1.21
C23 17F EC . -24.99 -13.69 0.38
C24 17F EC . -23.68 -13.91 1.12
C25 17F EC . -22.56 -14.55 0.31
C26 17F EC . -21.32 -13.59 -0.03
C27 17F EC . -20.21 -14.23 -0.84
C28 17F EC . -19.10 -13.14 -1.09
C29 17F EC . -17.83 -13.84 -1.38
C30 17F EC . -16.67 -12.93 -1.64
C31 17F EC . -25.42 -21.40 -5.46
C32 17F EC . -25.45 -21.66 -3.92
C33 17F EC . -24.41 -22.70 -3.56
C34 17F EC . -24.18 -23.13 -2.32
C35 17F EC . -24.90 -22.71 -1.07
C36 17F EC . -24.32 -21.43 -0.40
C37 17F EC . -22.99 -21.73 0.17
C38 17F EC . -23.01 -22.59 1.46
C39 17F EC . -21.59 -22.87 1.99
C40 17F EC . -21.64 -23.84 3.17
C41 17F EC . -21.82 -25.33 2.67
C42 17F EC . -20.56 -26.15 2.34
C1 17F FC . -11.39 24.91 -41.98
N1 17F FC . -11.95 22.51 -41.53
O1 17F FC . -8.47 22.55 -42.71
P1 17F FC . -9.15 23.69 -41.97
C2 17F FC . -11.83 23.84 -40.96
O2 17F FC . -8.26 24.71 -42.65
C3 17F FC . -13.17 24.25 -40.32
O3 17F FC . -10.23 24.55 -42.67
C4 17F FC . -8.98 25.40 -39.98
O4 17F FC . -13.30 25.35 -39.77
C5 17F FC . -8.14 25.86 -38.77
O5 17F FC . -14.21 23.48 -40.33
C6 17F FC . -8.68 25.14 -37.52
O6 17F FC . -8.40 24.32 -40.72
C7 17F FC . -8.72 25.65 -35.27
O7 17F FC . -8.00 25.49 -36.33
C8 17F FC . -7.77 25.99 -34.10
O8 17F FC . -9.91 25.55 -35.11
C9 17F FC . -7.93 25.02 -32.90
O9 17F FC . -6.73 25.62 -38.94
C10 17F FC . -6.98 25.33 -31.68
O10 17F FC . -5.93 27.69 -38.30
C11 17F FC . -6.67 26.85 -31.49
C12 17F FC . -5.72 27.12 -30.27
C17 17F FC . -6.05 26.74 -39.09
C18 17F FC . -5.34 26.81 -40.43
C19 17F FC . -4.95 28.23 -40.92
C20 17F FC . -3.38 28.39 -41.11
C1X 17F FC . -5.45 28.63 -30.16
C1Y 17F FC . -3.04 29.81 -41.60
C1Z 17F FC . -1.59 30.20 -41.25
C2X 17F FC . -4.49 29.00 -28.94
C21 17F FC . -4.90 30.35 -28.26
C22 17F FC . -4.14 31.39 -28.21
C23 17F FC . -2.80 31.53 -28.77
C24 17F FC . -2.60 32.75 -29.64
C25 17F FC . -1.22 32.93 -30.24
C26 17F FC . 0.00 32.22 -29.47
C27 17F FC . 1.35 32.42 -30.11
C28 17F FC . 2.39 31.66 -29.22
C29 17F FC . 2.88 30.48 -29.96
C30 17F FC . 3.90 29.66 -29.23
C31 17F FC . -0.45 29.55 -42.11
C32 17F FC . 0.99 29.98 -41.74
C33 17F FC . 1.69 28.84 -41.01
C34 17F FC . 2.94 28.88 -40.55
C35 17F FC . 3.90 30.03 -40.64
C36 17F FC . 4.73 30.08 -41.98
C37 17F FC . 5.88 29.13 -41.88
C38 17F FC . 6.90 29.24 -43.04
C39 17F FC . 8.06 28.24 -42.87
C40 17F FC . 8.86 28.10 -44.17
C41 17F FC . 7.95 27.52 -45.32
C42 17F FC . 8.35 26.19 -45.99
C1 17F GC . -36.64 15.59 1.58
N1 17F GC . -38.90 15.27 0.53
O1 17F GC . -33.77 14.58 -0.40
P1 17F GC . -34.22 15.13 0.92
C2 17F GC . -37.58 14.69 0.75
O2 17F GC . -34.44 14.12 2.03
C3 17F GC . -37.73 13.32 1.43
O3 17F GC . -35.52 15.97 0.83
C4 17F GC . -33.37 16.79 2.78
O4 17F GC . -36.75 12.65 1.72
C5 17F GC . -32.19 17.73 3.19
O5 17F GC . -38.88 12.83 1.76
C6 17F GC . -32.72 19.14 3.52
O6 17F GC . -33.16 16.14 1.53
C7 17F GC . -31.92 21.16 4.42
O7 17F GC . -31.67 19.99 3.90
C8 17F GC . -30.57 21.83 4.75
O8 17F GC . -32.97 21.70 4.65
C9 17F GC . -30.51 23.34 4.44
O9 17F GC . -31.42 17.19 4.27
C10 17F GC . -29.14 24.05 4.77
O10 17F GC . -29.30 17.00 3.38
C11 17F GC . -27.96 23.58 3.84
C12 17F GC . -26.60 24.29 4.19
C17 17F GC . -30.36 16.54 3.83
C18 17F GC . -30.52 15.04 3.93
C19 17F GC . -29.22 14.26 4.28
C20 17F GC . -29.51 12.88 4.97
C1X 17F GC . -25.50 23.78 3.25
C1Y 17F GC . -28.19 12.15 5.30
C1Z 17F GC . -27.53 12.73 6.56
C2X 17F GC . -24.07 24.46 3.53
C21 17F GC . -22.90 23.50 3.12
C22 17F GC . -21.70 23.57 3.59
C23 17F GC . -21.17 24.50 4.58
C24 17F GC . -20.48 23.85 5.77
C25 17F GC . -19.90 24.79 6.81
C26 17F GC . -18.34 25.12 6.66
C27 17F GC . -17.77 26.05 7.69
C28 17F GC . -16.23 26.24 7.36
C29 17F GC . -16.10 27.12 6.19
C30 17F GC . -14.70 27.39 5.75
C31 17F GC . -28.02 12.17 7.94
C32 17F GC . -27.33 12.78 9.18
C33 17F GC . -26.20 11.86 9.62
C34 17F GC . -25.39 12.07 10.65
C35 17F GC . -25.42 13.26 11.60
C36 17F GC . -25.89 12.91 13.05
C37 17F GC . -24.91 11.99 13.67
C38 17F GC . -25.44 11.16 14.87
C39 17F GC . -24.35 10.23 15.44
C40 17F GC . -23.68 10.88 16.67
C41 17F GC . -22.80 9.83 17.44
C42 17F GC . -22.58 10.00 18.95
C1 17F HC . -38.15 -6.71 -3.72
N1 17F HC . -36.68 -4.74 -4.24
O1 17F HC . -38.92 -8.51 -1.64
P1 17F HC . -38.01 -7.36 -1.28
C2 17F HC . -37.28 -5.96 -4.74
O2 17F HC . -38.42 -6.55 -0.07
C3 17F HC . -38.13 -5.66 -5.99
O3 17F HC . -37.80 -6.35 -2.43
C4 17F HC . -35.52 -6.97 -0.57
O4 17F HC . -38.72 -6.55 -6.58
C5 17F HC . -34.16 -7.68 -0.27
O5 17F HC . -38.25 -4.46 -6.47
C6 17F HC . -33.77 -8.64 -1.42
O6 17F HC . -36.56 -7.87 -0.95
C7 17F HC . -32.53 -10.46 -0.63
O7 17F HC . -32.53 -9.26 -1.14
C8 17F HC . -31.06 -10.84 -0.35
O8 17F HC . -33.44 -11.19 -0.34
C9 17F HC . -30.40 -9.89 0.69
O9 17F HC . -33.08 -6.76 0.03
C10 17F HC . -28.91 -10.20 1.05
O10 17F HC . -33.22 -5.79 -2.08
C11 17F HC . -28.33 -9.33 2.23
C12 17F HC . -26.83 -9.69 2.53
C17 17F HC . -32.91 -5.81 -0.88
C18 17F HC . -32.22 -4.59 -0.28
C19 17F HC . -30.71 -4.51 -0.58
C20 17F HC . -29.83 -4.90 0.67
C1X 17F HC . -26.31 -8.81 3.68
C1Y 17F HC . -28.32 -4.81 0.34
C1Z 17F HC . -27.56 -4.15 1.49
C2X 17F HC . -24.79 -9.14 4.05
C21 17F HC . -24.35 -8.51 5.42
C22 17F HC . -23.22 -7.91 5.61
C23 17F HC . -22.13 -7.71 4.64
C24 17F HC . -20.85 -8.47 4.95
C25 17F HC . -19.69 -8.31 3.98
C26 17F HC . -18.33 -9.03 4.44
C27 17F HC . -17.17 -8.88 3.49
C28 17F HC . -15.95 -9.65 4.12
C29 17F HC . -14.72 -9.32 3.37
C30 17F HC . -13.48 -10.00 3.87
C31 17F HC . -26.95 -5.11 2.57
C32 17F HC . -26.17 -4.42 3.72
C33 17F HC . -24.92 -3.76 3.17
C34 17F HC . -24.03 -3.10 3.89
C35 17F HC . -24.07 -2.83 5.37
C36 17F HC . -23.85 -1.34 5.77
C37 17F HC . -25.17 -0.65 5.78
C38 17F HC . -25.76 -0.41 7.19
C39 17F HC . -27.11 0.30 7.10
C40 17F HC . -27.68 0.54 8.50
C41 17F HC . -28.73 1.71 8.48
C42 17F HC . -29.87 1.65 7.46
N LEU A 3 28.96 -32.79 -31.08
CA LEU A 3 29.60 -31.94 -32.07
C LEU A 3 28.55 -31.10 -32.78
N LYS A 4 27.29 -31.39 -32.50
CA LYS A 4 26.17 -30.68 -33.10
C LYS A 4 26.21 -29.20 -32.74
N LEU A 5 26.21 -28.92 -31.45
CA LEU A 5 26.23 -27.53 -30.98
C LEU A 5 27.57 -26.87 -31.30
N LEU A 6 28.62 -27.66 -31.33
CA LEU A 6 29.96 -27.13 -31.60
C LEU A 6 30.08 -26.56 -33.02
N ASP A 7 29.66 -27.34 -34.01
CA ASP A 7 29.72 -26.90 -35.40
C ASP A 7 28.69 -25.80 -35.66
N ASN A 8 27.51 -25.96 -35.06
CA ASN A 8 26.45 -24.98 -35.21
C ASN A 8 26.87 -23.64 -34.63
N TRP A 9 27.64 -23.67 -33.54
CA TRP A 9 28.14 -22.46 -32.91
C TRP A 9 29.11 -21.73 -33.83
N ASP A 10 29.82 -22.50 -34.66
CA ASP A 10 30.77 -21.93 -35.60
C ASP A 10 30.04 -21.05 -36.61
N SER A 11 28.87 -21.49 -37.04
CA SER A 11 28.05 -20.75 -37.98
C SER A 11 27.54 -19.47 -37.34
N VAL A 12 27.30 -19.52 -36.03
CA VAL A 12 26.84 -18.35 -35.30
C VAL A 12 28.01 -17.38 -35.10
N THR A 13 29.16 -17.94 -34.76
CA THR A 13 30.37 -17.15 -34.54
C THR A 13 30.76 -16.39 -35.81
N SER A 14 30.74 -17.08 -36.94
CA SER A 14 31.10 -16.44 -38.22
C SER A 14 30.11 -15.32 -38.53
N THR A 15 28.85 -15.53 -38.17
CA THR A 15 27.82 -14.52 -38.38
C THR A 15 28.13 -13.30 -37.52
N PHE A 16 28.55 -13.53 -36.29
CA PHE A 16 28.91 -12.44 -35.38
C PHE A 16 30.09 -11.67 -35.94
N SER A 17 31.05 -12.40 -36.49
CA SER A 17 32.22 -11.78 -37.09
C SER A 17 31.81 -10.93 -38.29
N LYS A 18 30.99 -11.50 -39.17
CA LYS A 18 30.50 -10.80 -40.34
C LYS A 18 29.72 -9.56 -39.92
N LEU A 19 28.91 -9.71 -38.87
CA LEU A 19 28.12 -8.61 -38.35
C LEU A 19 29.01 -7.54 -37.75
N ARG A 20 30.02 -7.96 -37.00
CA ARG A 20 30.96 -7.03 -36.37
C ARG A 20 31.74 -6.24 -37.42
N GLU A 21 32.08 -6.88 -38.51
CA GLU A 21 32.81 -6.23 -39.59
C GLU A 21 31.91 -5.25 -40.32
N GLN A 22 30.60 -5.48 -40.23
CA GLN A 22 29.62 -4.63 -40.86
C GLN A 22 29.21 -3.52 -39.91
N LEU A 23 29.15 -3.85 -38.61
CA LEU A 23 28.78 -2.89 -37.57
C LEU A 23 29.70 -1.67 -37.60
N GLY A 24 30.95 -1.90 -37.96
CA GLY A 24 31.90 -0.81 -38.06
C GLY A 24 31.39 0.24 -39.02
N PRO A 25 31.31 -0.08 -40.33
CA PRO A 25 30.78 0.83 -41.35
C PRO A 25 29.40 1.34 -40.95
N VAL A 26 28.58 0.46 -40.38
CA VAL A 26 27.23 0.84 -39.95
C VAL A 26 27.28 2.02 -39.00
N THR A 27 28.08 1.90 -37.94
CA THR A 27 28.20 2.98 -36.96
C THR A 27 28.90 4.19 -37.57
N GLN A 28 29.88 3.93 -38.44
CA GLN A 28 30.61 5.01 -39.10
C GLN A 28 29.67 5.87 -39.93
N GLU A 29 28.90 5.22 -40.78
CA GLU A 29 27.94 5.92 -41.64
C GLU A 29 26.77 6.49 -40.85
N PHE A 30 26.32 5.74 -39.85
CA PHE A 30 25.21 6.19 -39.02
C PHE A 30 25.62 7.43 -38.22
N TRP A 31 26.83 7.40 -37.68
CA TRP A 31 27.35 8.54 -36.93
C TRP A 31 27.52 9.73 -37.85
N ASP A 32 27.99 9.44 -39.07
CA ASP A 32 28.19 10.47 -40.09
C ASP A 32 26.87 11.15 -40.41
N ASN A 33 25.83 10.35 -40.61
CA ASN A 33 24.50 10.86 -40.90
C ASN A 33 23.91 11.57 -39.68
N LEU A 34 24.21 11.03 -38.49
CA LEU A 34 23.74 11.63 -37.26
C LEU A 34 24.42 12.97 -37.02
N GLU A 35 25.66 13.08 -37.47
CA GLU A 35 26.40 14.33 -37.35
C GLU A 35 25.71 15.41 -38.16
N LYS A 36 25.26 15.05 -39.35
CA LYS A 36 24.55 15.99 -40.21
C LYS A 36 23.23 16.36 -39.54
N GLU A 37 22.59 15.35 -38.95
CA GLU A 37 21.33 15.53 -38.25
C GLU A 37 21.51 16.51 -37.11
N THR A 38 22.48 16.22 -36.24
CA THR A 38 22.76 17.07 -35.09
C THR A 38 23.30 18.43 -35.53
N GLU A 39 24.05 18.44 -36.63
CA GLU A 39 24.59 19.68 -37.18
C GLU A 39 23.44 20.57 -37.60
N GLY A 40 22.51 19.98 -38.33
CA GLY A 40 21.34 20.71 -38.76
C GLY A 40 20.56 21.18 -37.56
N LEU A 41 20.37 20.28 -36.60
CA LEU A 41 19.65 20.58 -35.37
C LEU A 41 20.38 21.66 -34.57
N ARG A 42 21.69 21.76 -34.76
CA ARG A 42 22.48 22.78 -34.07
C ARG A 42 22.25 24.13 -34.73
N GLN A 43 22.17 24.12 -36.05
CA GLN A 43 21.88 25.35 -36.80
C GLN A 43 20.48 25.77 -36.47
N GLU A 44 19.60 24.78 -36.36
CA GLU A 44 18.21 25.00 -36.00
C GLU A 44 18.11 25.46 -34.56
N MET A 45 18.97 24.93 -33.70
CA MET A 45 19.00 25.32 -32.29
C MET A 45 19.34 26.79 -32.19
N SER A 46 20.13 27.26 -33.15
CA SER A 46 20.53 28.65 -33.22
C SER A 46 19.41 29.50 -33.84
N LYS A 47 18.24 28.90 -33.96
CA LYS A 47 17.05 29.55 -34.49
C LYS A 47 15.88 29.27 -33.55
N ASP A 48 15.67 28.00 -33.26
CA ASP A 48 14.61 27.53 -32.37
C ASP A 48 14.70 28.25 -31.04
N LEU A 49 15.81 28.01 -30.33
CA LEU A 49 16.03 28.62 -29.03
C LEU A 49 16.30 30.12 -29.15
N GLU A 50 16.98 30.52 -30.21
CA GLU A 50 17.31 31.92 -30.43
C GLU A 50 16.04 32.76 -30.58
N GLU A 51 15.18 32.37 -31.52
CA GLU A 51 13.95 33.10 -31.76
C GLU A 51 12.97 32.93 -30.61
N VAL A 52 12.95 31.75 -30.00
CA VAL A 52 12.04 31.51 -28.87
C VAL A 52 12.44 32.37 -27.68
N LYS A 53 13.75 32.66 -27.55
CA LYS A 53 14.24 33.48 -26.47
C LYS A 53 14.04 34.96 -26.80
N ALA A 54 14.21 35.29 -28.06
CA ALA A 54 14.02 36.67 -28.51
C ALA A 54 12.56 37.04 -28.42
N LYS A 55 11.71 36.03 -28.59
CA LYS A 55 10.27 36.24 -28.52
C LYS A 55 9.73 35.95 -27.13
N VAL A 56 10.48 35.20 -26.33
CA VAL A 56 10.03 34.88 -24.98
C VAL A 56 9.82 36.16 -24.17
N GLN A 57 10.60 37.18 -24.50
CA GLN A 57 10.51 38.46 -23.81
C GLN A 57 9.14 39.10 -24.07
N PRO A 58 8.79 39.46 -25.34
CA PRO A 58 7.49 40.05 -25.64
C PRO A 58 6.34 39.09 -25.35
N TYR A 59 6.59 37.79 -25.46
CA TYR A 59 5.58 36.80 -25.18
C TYR A 59 5.23 36.79 -23.70
N LEU A 60 6.25 36.62 -22.86
CA LEU A 60 6.06 36.58 -21.42
C LEU A 60 5.61 37.94 -20.91
N ASP A 61 6.20 39.01 -21.43
CA ASP A 61 5.84 40.36 -21.01
C ASP A 61 4.37 40.65 -21.33
N ASP A 62 3.90 40.11 -22.45
CA ASP A 62 2.52 40.30 -22.87
C ASP A 62 1.60 39.57 -21.91
N PHE A 63 1.88 38.29 -21.68
CA PHE A 63 1.10 37.47 -20.78
C PHE A 63 1.20 37.99 -19.34
N GLN A 64 2.39 38.43 -18.96
CA GLN A 64 2.63 38.95 -17.62
C GLN A 64 1.86 40.25 -17.41
N LYS A 65 1.93 41.13 -18.40
CA LYS A 65 1.22 42.41 -18.35
C LYS A 65 -0.26 42.18 -18.18
N LYS A 66 -0.80 41.30 -19.02
CA LYS A 66 -2.21 40.97 -18.97
C LYS A 66 -2.54 40.22 -17.68
N TRP A 67 -1.62 39.38 -17.22
CA TRP A 67 -1.81 38.63 -15.99
C TRP A 67 -1.87 39.60 -14.81
N GLN A 68 -1.05 40.65 -14.87
CA GLN A 68 -1.04 41.65 -13.83
C GLN A 68 -2.37 42.38 -13.82
N GLU A 69 -2.86 42.71 -15.01
CA GLU A 69 -4.16 43.36 -15.14
C GLU A 69 -5.23 42.43 -14.57
N GLU A 70 -5.15 41.16 -14.95
CA GLU A 70 -6.08 40.15 -14.49
C GLU A 70 -6.04 40.02 -12.97
N MET A 71 -4.82 40.03 -12.42
CA MET A 71 -4.65 39.94 -10.98
C MET A 71 -5.22 41.18 -10.30
N GLU A 72 -4.96 42.35 -10.88
CA GLU A 72 -5.47 43.60 -10.34
C GLU A 72 -6.99 43.58 -10.38
N LEU A 73 -7.55 43.23 -11.54
CA LEU A 73 -8.99 43.15 -11.70
C LEU A 73 -9.58 42.14 -10.72
N TYR A 74 -8.90 41.00 -10.57
CA TYR A 74 -9.35 39.96 -9.65
C TYR A 74 -9.33 40.48 -8.22
N ARG A 75 -8.27 41.20 -7.86
CA ARG A 75 -8.15 41.76 -6.51
C ARG A 75 -9.14 42.91 -6.30
N GLN A 76 -9.38 43.67 -7.36
CA GLN A 76 -10.32 44.79 -7.31
C GLN A 76 -11.74 44.27 -7.16
N LYS A 77 -11.95 43.03 -7.56
CA LYS A 77 -13.25 42.40 -7.46
C LYS A 77 -13.36 41.55 -6.21
N VAL A 78 -12.29 40.81 -5.89
CA VAL A 78 -12.29 39.93 -4.72
C VAL A 78 -12.66 40.65 -3.44
N GLU A 79 -12.27 41.92 -3.31
CA GLU A 79 -12.59 42.69 -2.11
C GLU A 79 -14.10 42.93 -1.98
N PRO A 80 -14.74 43.65 -2.93
CA PRO A 80 -16.19 43.90 -2.88
C PRO A 80 -16.97 42.58 -2.94
N LEU A 81 -16.48 41.63 -3.73
CA LEU A 81 -17.16 40.33 -3.85
C LEU A 81 -17.16 39.62 -2.51
N ARG A 82 -16.02 39.63 -1.83
CA ARG A 82 -15.91 39.00 -0.52
C ARG A 82 -16.77 39.76 0.48
N ALA A 83 -16.86 41.07 0.28
CA ALA A 83 -17.68 41.91 1.15
C ALA A 83 -19.15 41.51 1.00
N GLU A 84 -19.59 41.34 -0.24
CA GLU A 84 -20.96 40.93 -0.53
C GLU A 84 -21.18 39.53 0.04
N LEU A 85 -20.24 38.64 -0.22
CA LEU A 85 -20.32 37.27 0.26
C LEU A 85 -20.36 37.23 1.79
N GLN A 86 -19.56 38.08 2.42
CA GLN A 86 -19.51 38.15 3.88
C GLN A 86 -20.86 38.62 4.43
N GLU A 87 -21.39 39.69 3.86
CA GLU A 87 -22.67 40.22 4.28
C GLU A 87 -23.75 39.18 4.07
N GLY A 88 -23.72 38.55 2.89
CA GLY A 88 -24.67 37.52 2.56
C GLY A 88 -24.54 36.35 3.51
N ALA A 89 -23.30 35.97 3.79
CA ALA A 89 -23.03 34.86 4.70
C ALA A 89 -23.58 35.17 6.08
N ARG A 90 -23.34 36.39 6.56
CA ARG A 90 -23.83 36.80 7.87
C ARG A 90 -25.35 36.69 7.92
N GLN A 91 -26.00 37.18 6.86
CA GLN A 91 -27.45 37.15 6.75
C GLN A 91 -27.95 35.71 6.69
N LYS A 92 -27.39 34.94 5.77
CA LYS A 92 -27.78 33.54 5.58
C LYS A 92 -27.50 32.71 6.84
N LEU A 93 -26.33 32.91 7.43
CA LEU A 93 -25.97 32.18 8.65
C LEU A 93 -26.86 32.60 9.80
N HIS A 94 -27.23 33.87 9.83
CA HIS A 94 -28.11 34.38 10.87
C HIS A 94 -29.48 33.74 10.74
N GLU A 95 -29.94 33.62 9.49
CA GLU A 95 -31.23 32.98 9.23
C GLU A 95 -31.17 31.53 9.68
N LEU A 96 -30.01 30.91 9.49
CA LEU A 96 -29.81 29.53 9.90
C LEU A 96 -29.84 29.45 11.42
N GLN A 97 -29.22 30.42 12.08
CA GLN A 97 -29.20 30.47 13.54
C GLN A 97 -30.61 30.67 14.07
N GLU A 98 -31.41 31.40 13.29
CA GLU A 98 -32.81 31.67 13.64
C GLU A 98 -33.64 30.40 13.57
N LYS A 99 -33.03 29.33 13.06
CA LYS A 99 -33.69 28.05 12.94
C LYS A 99 -32.98 26.98 13.78
N LEU A 100 -31.66 27.02 13.79
CA LEU A 100 -30.86 26.07 14.55
C LEU A 100 -31.19 26.13 16.04
N SER A 101 -31.58 27.30 16.51
CA SER A 101 -31.92 27.48 17.92
C SER A 101 -33.32 26.94 18.25
N PRO A 102 -34.41 27.51 17.67
CA PRO A 102 -35.76 27.04 17.96
C PRO A 102 -36.02 25.63 17.43
N LEU A 103 -35.73 25.39 16.15
CA LEU A 103 -35.94 24.08 15.55
C LEU A 103 -35.00 23.06 16.18
N GLY A 104 -33.87 23.55 16.67
CA GLY A 104 -32.92 22.68 17.33
C GLY A 104 -33.49 22.18 18.64
N GLU A 105 -34.00 23.11 19.44
CA GLU A 105 -34.61 22.77 20.71
C GLU A 105 -35.87 21.96 20.46
N GLU A 106 -36.61 22.34 19.43
CA GLU A 106 -37.83 21.64 19.04
C GLU A 106 -37.49 20.19 18.71
N MET A 107 -36.39 20.01 17.99
CA MET A 107 -35.94 18.67 17.63
C MET A 107 -35.53 17.91 18.88
N ARG A 108 -34.87 18.61 19.80
CA ARG A 108 -34.43 18.00 21.04
C ARG A 108 -35.64 17.62 21.90
N ASP A 109 -36.62 18.51 21.94
CA ASP A 109 -37.84 18.27 22.70
C ASP A 109 -38.62 17.11 22.10
N ARG A 110 -38.72 17.09 20.77
CA ARG A 110 -39.41 16.02 20.08
C ARG A 110 -38.61 14.73 20.23
N ALA A 111 -37.28 14.86 20.25
CA ALA A 111 -36.40 13.71 20.42
C ALA A 111 -36.63 13.11 21.80
N ARG A 112 -36.93 13.99 22.76
CA ARG A 112 -37.24 13.55 24.11
C ARG A 112 -38.41 12.60 24.07
N ALA A 113 -39.45 13.01 23.35
CA ALA A 113 -40.65 12.20 23.20
C ALA A 113 -40.33 10.95 22.37
N HIS A 114 -39.55 11.14 21.31
CA HIS A 114 -39.16 10.03 20.43
C HIS A 114 -38.49 8.93 21.23
N VAL A 115 -37.48 9.31 22.00
CA VAL A 115 -36.72 8.38 22.81
C VAL A 115 -37.49 7.92 24.04
N ASP A 116 -38.30 8.81 24.62
CA ASP A 116 -39.09 8.45 25.79
C ASP A 116 -40.07 7.34 25.44
N ALA A 117 -40.72 7.50 24.30
CA ALA A 117 -41.65 6.49 23.81
C ALA A 117 -40.89 5.22 23.50
N LEU A 118 -39.66 5.38 23.02
CA LEU A 118 -38.81 4.25 22.71
C LEU A 118 -38.44 3.52 23.99
N ARG A 119 -38.05 4.26 25.01
CA ARG A 119 -37.67 3.67 26.29
C ARG A 119 -38.87 2.96 26.93
N THR A 120 -40.03 3.60 26.84
CA THR A 120 -41.26 3.03 27.40
C THR A 120 -41.73 1.83 26.58
N HIS A 121 -41.20 1.70 25.37
CA HIS A 121 -41.54 0.59 24.49
C HIS A 121 -40.50 -0.52 24.63
N LEU A 122 -39.23 -0.12 24.69
CA LEU A 122 -38.13 -1.06 24.81
C LEU A 122 -38.14 -1.78 26.15
N ALA A 123 -38.63 -1.09 27.19
CA ALA A 123 -38.69 -1.68 28.53
C ALA A 123 -39.50 -2.99 28.53
N PRO A 124 -40.80 -2.96 28.14
CA PRO A 124 -41.62 -4.17 28.09
C PRO A 124 -41.14 -5.10 26.98
N TYR A 125 -40.65 -4.50 25.88
CA TYR A 125 -40.17 -5.27 24.75
C TYR A 125 -39.02 -6.17 25.16
N SER A 126 -38.04 -5.62 25.87
CA SER A 126 -36.89 -6.37 26.32
C SER A 126 -37.32 -7.41 27.35
N ASP A 127 -38.29 -7.04 28.19
CA ASP A 127 -38.81 -7.96 29.19
C ASP A 127 -39.39 -9.18 28.52
N GLU A 128 -40.23 -8.94 27.52
CA GLU A 128 -40.84 -10.01 26.75
C GLU A 128 -39.77 -10.73 25.93
N LEU A 129 -38.76 -9.98 25.50
CA LEU A 129 -37.65 -10.56 24.74
C LEU A 129 -36.90 -11.57 25.59
N ARG A 130 -36.74 -11.23 26.86
CA ARG A 130 -36.06 -12.12 27.81
C ARG A 130 -36.89 -13.38 27.96
N GLN A 131 -38.22 -13.22 27.99
CA GLN A 131 -39.14 -14.34 28.09
C GLN A 131 -38.99 -15.21 26.86
N ARG A 132 -38.92 -14.57 25.70
CA ARG A 132 -38.75 -15.26 24.43
C ARG A 132 -37.45 -16.03 24.43
N LEU A 133 -36.37 -15.35 24.82
CA LEU A 133 -35.06 -15.97 24.88
C LEU A 133 -35.08 -17.14 25.85
N ALA A 134 -35.72 -16.95 27.00
CA ALA A 134 -35.83 -18.00 28.00
C ALA A 134 -36.57 -19.20 27.43
N ALA A 135 -37.69 -18.94 26.78
CA ALA A 135 -38.49 -20.00 26.17
C ALA A 135 -37.72 -20.70 25.05
N ARG A 136 -37.17 -19.90 24.15
CA ARG A 136 -36.41 -20.41 23.00
C ARG A 136 -35.21 -21.23 23.48
N LEU A 137 -34.40 -20.63 24.35
CA LEU A 137 -33.21 -21.30 24.86
C LEU A 137 -33.55 -22.57 25.62
N GLU A 138 -34.63 -22.54 26.40
CA GLU A 138 -35.03 -23.71 27.17
C GLU A 138 -35.56 -24.80 26.25
N ALA A 139 -36.32 -24.41 25.23
CA ALA A 139 -36.85 -25.38 24.28
C ALA A 139 -35.71 -26.01 23.52
N LEU A 140 -34.77 -25.16 23.08
CA LEU A 140 -33.59 -25.61 22.35
C LEU A 140 -32.65 -26.37 23.28
N LYS A 141 -32.83 -26.19 24.58
CA LYS A 141 -31.99 -26.86 25.57
C LYS A 141 -32.47 -28.29 25.78
N GLU A 142 -33.76 -28.44 26.08
CA GLU A 142 -34.33 -29.76 26.28
C GLU A 142 -34.15 -30.59 25.02
N ASN A 143 -34.40 -29.94 23.88
CA ASN A 143 -34.25 -30.59 22.59
C ASN A 143 -32.76 -30.74 22.27
N GLY A 144 -31.97 -29.77 22.71
CA GLY A 144 -30.54 -29.80 22.49
C GLY A 144 -29.89 -31.00 23.13
N GLY A 145 -30.26 -31.28 24.38
CA GLY A 145 -29.73 -32.42 25.08
C GLY A 145 -30.08 -33.71 24.37
N ALA A 146 -31.32 -33.80 23.90
CA ALA A 146 -31.80 -34.96 23.17
C ALA A 146 -31.04 -35.10 21.86
N ARG A 147 -30.87 -33.98 21.17
CA ARG A 147 -30.15 -33.96 19.90
C ARG A 147 -28.71 -34.40 20.09
N LEU A 148 -28.10 -33.94 21.18
CA LEU A 148 -26.72 -34.32 21.49
C LEU A 148 -26.63 -35.80 21.83
N ALA A 149 -27.59 -36.27 22.61
CA ALA A 149 -27.64 -37.68 22.99
C ALA A 149 -27.83 -38.53 21.74
N GLU A 150 -28.74 -38.09 20.88
CA GLU A 150 -29.01 -38.77 19.63
C GLU A 150 -27.77 -38.76 18.75
N TYR A 151 -27.12 -37.61 18.67
CA TYR A 151 -25.90 -37.46 17.88
C TYR A 151 -24.81 -38.38 18.42
N HIS A 152 -24.80 -38.56 19.74
CA HIS A 152 -23.83 -39.44 20.38
C HIS A 152 -24.07 -40.87 19.90
N ALA A 153 -25.34 -41.27 19.89
CA ALA A 153 -25.72 -42.59 19.43
C ALA A 153 -25.36 -42.74 17.95
N LYS A 154 -25.75 -41.74 17.16
CA LYS A 154 -25.46 -41.75 15.73
C LYS A 154 -23.96 -41.84 15.49
N ALA A 155 -23.19 -41.10 16.29
CA ALA A 155 -21.74 -41.11 16.19
C ALA A 155 -21.20 -42.48 16.58
N THR A 156 -21.81 -43.06 17.61
CA THR A 156 -21.39 -44.39 18.07
C THR A 156 -21.60 -45.41 16.97
N GLU A 157 -22.76 -45.34 16.31
CA GLU A 157 -23.08 -46.25 15.22
C GLU A 157 -22.17 -45.94 14.02
N HIS A 158 -21.87 -44.66 13.83
CA HIS A 158 -20.99 -44.22 12.76
C HIS A 158 -19.59 -44.78 12.96
N LEU A 159 -19.11 -44.72 14.20
CA LEU A 159 -17.79 -45.21 14.54
C LEU A 159 -17.70 -46.73 14.47
N SER A 160 -18.75 -47.43 14.89
CA SER A 160 -18.76 -48.88 14.84
C SER A 160 -18.73 -49.36 13.39
N THR A 161 -19.50 -48.68 12.53
CA THR A 161 -19.52 -49.01 11.13
C THR A 161 -18.24 -48.54 10.46
N LEU A 162 -17.65 -47.47 11.00
CA LEU A 162 -16.40 -46.96 10.48
C LEU A 162 -15.31 -47.97 10.78
N SER A 163 -15.53 -48.75 11.83
CA SER A 163 -14.60 -49.79 12.22
C SER A 163 -14.62 -50.92 11.21
N GLU A 164 -15.69 -50.99 10.43
CA GLU A 164 -15.82 -51.99 9.38
C GLU A 164 -14.99 -51.54 8.18
N LYS A 165 -14.57 -50.28 8.21
CA LYS A 165 -13.76 -49.69 7.17
C LYS A 165 -12.32 -49.57 7.65
N ALA A 166 -12.15 -49.16 8.91
CA ALA A 166 -10.82 -48.99 9.50
C ALA A 166 -10.12 -50.31 9.75
N LYS A 167 -10.88 -51.39 9.84
CA LYS A 167 -10.29 -52.70 10.07
C LYS A 167 -10.35 -53.61 8.83
N PRO A 168 -11.53 -54.14 8.45
CA PRO A 168 -11.65 -55.02 7.27
C PRO A 168 -11.29 -54.32 5.97
N ALA A 169 -12.00 -53.24 5.66
CA ALA A 169 -11.77 -52.48 4.42
C ALA A 169 -10.32 -52.01 4.30
N LEU A 170 -9.78 -51.45 5.37
CA LEU A 170 -8.39 -50.97 5.37
C LEU A 170 -7.42 -52.13 5.18
N GLU A 171 -7.68 -53.25 5.86
CA GLU A 171 -6.81 -54.41 5.73
C GLU A 171 -6.91 -54.97 4.31
N ASP A 172 -8.11 -54.92 3.76
CA ASP A 172 -8.35 -55.38 2.39
C ASP A 172 -7.58 -54.50 1.43
N LEU A 173 -7.67 -53.20 1.65
CA LEU A 173 -6.98 -52.22 0.84
C LEU A 173 -5.48 -52.47 0.90
N ARG A 174 -4.97 -52.72 2.11
CA ARG A 174 -3.55 -53.00 2.31
C ARG A 174 -3.17 -54.30 1.62
N GLN A 175 -4.06 -55.29 1.72
CA GLN A 175 -3.82 -56.58 1.09
C GLN A 175 -3.79 -56.45 -0.42
N GLY A 176 -4.44 -55.41 -0.92
CA GLY A 176 -4.46 -55.14 -2.35
C GLY A 176 -3.27 -54.26 -2.71
N LEU A 177 -2.98 -53.30 -1.84
CA LEU A 177 -1.87 -52.36 -2.02
C LEU A 177 -0.53 -53.07 -2.10
N LEU A 178 -0.32 -54.05 -1.24
CA LEU A 178 0.94 -54.80 -1.22
C LEU A 178 1.33 -55.31 -2.62
N PRO A 179 0.50 -56.19 -3.24
CA PRO A 179 0.79 -56.70 -4.58
C PRO A 179 0.73 -55.59 -5.64
N VAL A 180 -0.10 -54.58 -5.37
CA VAL A 180 -0.22 -53.45 -6.29
C VAL A 180 1.12 -52.69 -6.35
N LEU A 181 1.68 -52.45 -5.19
CA LEU A 181 2.96 -51.77 -5.09
C LEU A 181 4.04 -52.63 -5.70
N GLU A 182 3.95 -53.94 -5.50
CA GLU A 182 4.93 -54.86 -6.06
C GLU A 182 4.89 -54.82 -7.58
N SER A 183 3.69 -54.86 -8.15
CA SER A 183 3.55 -54.81 -9.60
C SER A 183 4.01 -53.46 -10.12
N PHE A 184 3.72 -52.40 -9.36
CA PHE A 184 4.14 -51.06 -9.71
C PHE A 184 5.65 -50.94 -9.64
N LYS A 185 6.25 -51.63 -8.68
CA LYS A 185 7.71 -51.62 -8.52
C LYS A 185 8.33 -52.24 -9.77
N VAL A 186 7.75 -53.34 -10.23
CA VAL A 186 8.23 -54.03 -11.41
C VAL A 186 8.20 -53.10 -12.63
N SER A 187 7.07 -52.43 -12.84
CA SER A 187 6.93 -51.52 -13.95
C SER A 187 7.83 -50.30 -13.79
N PHE A 188 7.91 -49.78 -12.57
CA PHE A 188 8.74 -48.62 -12.28
C PHE A 188 10.21 -48.92 -12.55
N LEU A 189 10.67 -50.08 -12.07
CA LEU A 189 12.05 -50.49 -12.24
C LEU A 189 12.42 -50.59 -13.72
N SER A 190 11.54 -51.24 -14.49
CA SER A 190 11.78 -51.41 -15.92
C SER A 190 11.65 -50.10 -16.67
N ALA A 191 10.69 -49.26 -16.26
CA ALA A 191 10.49 -47.96 -16.89
C ALA A 191 11.72 -47.08 -16.71
N LEU A 192 12.31 -47.13 -15.52
CA LEU A 192 13.51 -46.35 -15.23
C LEU A 192 14.64 -46.79 -16.15
N GLU A 193 14.73 -48.10 -16.36
CA GLU A 193 15.75 -48.67 -17.23
C GLU A 193 15.53 -48.18 -18.66
N GLU A 194 14.27 -48.17 -19.06
CA GLU A 194 13.88 -47.74 -20.41
C GLU A 194 14.32 -46.31 -20.69
N TYR A 195 13.93 -45.38 -19.82
CA TYR A 195 14.28 -43.98 -20.00
C TYR A 195 15.79 -43.79 -20.03
N THR A 196 16.50 -44.49 -19.15
CA THR A 196 17.94 -44.38 -19.07
C THR A 196 18.62 -44.97 -20.31
N LYS A 197 18.01 -46.00 -20.89
CA LYS A 197 18.56 -46.66 -22.07
C LYS A 197 18.43 -45.80 -23.33
N LYS A 198 17.43 -44.93 -23.36
CA LYS A 198 17.20 -44.09 -24.53
C LYS A 198 17.72 -42.67 -24.36
N LEU A 199 17.57 -42.12 -23.16
CA LEU A 199 18.02 -40.75 -22.89
C LEU A 199 19.52 -40.70 -22.62
N ASN A 200 20.13 -41.86 -22.47
CA ASN A 200 21.57 -41.96 -22.21
C ASN A 200 22.07 -43.36 -22.52
N MET B 3 3.73 -11.11 7.09
CA MET B 3 4.89 -10.63 7.88
C MET B 3 4.96 -9.11 7.86
N THR B 4 5.74 -8.55 8.78
CA THR B 4 5.89 -7.12 8.87
C THR B 4 7.26 -6.71 8.35
N GLU B 5 7.31 -5.61 7.61
CA GLU B 5 8.55 -5.10 7.05
C GLU B 5 9.08 -4.00 7.96
N TYR B 6 10.30 -4.19 8.45
CA TYR B 6 10.90 -3.22 9.34
C TYR B 6 11.91 -2.34 8.60
N LYS B 7 11.59 -1.06 8.50
CA LYS B 7 12.46 -0.10 7.84
C LYS B 7 13.57 0.33 8.78
N LEU B 8 14.72 -0.31 8.69
CA LEU B 8 15.85 -0.02 9.55
C LEU B 8 16.88 0.86 8.83
N VAL B 9 17.42 1.83 9.54
CA VAL B 9 18.41 2.72 8.96
C VAL B 9 19.55 2.89 9.94
N VAL B 10 20.76 3.03 9.43
CA VAL B 10 21.93 3.18 10.29
C VAL B 10 22.61 4.53 10.09
N VAL B 11 22.80 5.25 11.18
CA VAL B 11 23.45 6.56 11.14
C VAL B 11 24.74 6.52 11.95
N GLY B 12 25.70 7.34 11.56
CA GLY B 12 26.96 7.38 12.26
C GLY B 12 27.96 8.25 11.53
N ALA B 13 29.09 8.51 12.17
CA ALA B 13 30.13 9.33 11.58
C ALA B 13 30.87 8.59 10.47
N VAL B 14 31.48 9.35 9.57
CA VAL B 14 32.22 8.76 8.47
C VAL B 14 33.52 8.13 8.99
N GLY B 15 33.46 6.83 9.26
CA GLY B 15 34.61 6.12 9.76
C GLY B 15 34.23 5.11 10.82
N VAL B 16 32.95 5.10 11.20
CA VAL B 16 32.47 4.17 12.23
C VAL B 16 32.18 2.80 11.68
N GLY B 17 32.29 2.65 10.36
CA GLY B 17 32.02 1.37 9.72
C GLY B 17 30.57 1.26 9.32
N LYS B 18 30.12 2.19 8.48
CA LYS B 18 28.74 2.22 8.02
C LYS B 18 28.33 0.95 7.28
N SER B 19 28.82 0.80 6.04
CA SER B 19 28.46 -0.35 5.23
C SER B 19 29.11 -1.64 5.73
N ALA B 20 30.10 -1.50 6.62
CA ALA B 20 30.78 -2.65 7.17
C ALA B 20 29.83 -3.54 7.95
N LEU B 21 29.07 -2.96 8.87
CA LEU B 21 28.12 -3.72 9.67
C LEU B 21 26.96 -4.21 8.81
N THR B 22 26.69 -3.50 7.72
CA THR B 22 25.60 -3.86 6.83
C THR B 22 25.98 -5.08 5.99
N ILE B 23 27.09 -4.99 5.27
CA ILE B 23 27.55 -6.10 4.43
C ILE B 23 27.88 -7.34 5.25
N GLN B 24 28.32 -7.12 6.48
CA GLN B 24 28.68 -8.21 7.38
C GLN B 24 27.43 -8.97 7.83
N LEU B 25 26.27 -8.37 7.64
CA LEU B 25 25.02 -9.01 8.03
C LEU B 25 24.28 -9.56 6.81
N ILE B 26 24.42 -8.88 5.68
CA ILE B 26 23.76 -9.29 4.46
C ILE B 26 24.51 -10.41 3.75
N GLN B 27 25.66 -10.09 3.15
CA GLN B 27 26.44 -11.07 2.42
C GLN B 27 27.44 -11.78 3.33
N ASN B 28 27.57 -11.28 4.55
CA ASN B 28 28.49 -11.83 5.55
C ASN B 28 29.93 -11.69 5.07
N HIS B 29 30.33 -10.46 4.79
CA HIS B 29 31.67 -10.16 4.32
C HIS B 29 32.17 -8.85 4.95
N PHE B 30 33.44 -8.82 5.31
CA PHE B 30 34.04 -7.64 5.91
C PHE B 30 34.85 -6.87 4.85
N VAL B 31 34.60 -5.58 4.76
CA VAL B 31 35.29 -4.74 3.79
C VAL B 31 36.48 -4.02 4.42
N ASP B 32 37.57 -3.93 3.68
CA ASP B 32 38.78 -3.27 4.14
C ASP B 32 38.94 -1.94 3.41
N GLU B 33 38.29 -1.87 2.25
CA GLU B 33 38.33 -0.68 1.41
C GLU B 33 37.48 0.44 2.00
N TYR B 34 37.98 1.66 1.89
CA TYR B 34 37.28 2.83 2.39
C TYR B 34 36.25 3.27 1.37
N ASP B 35 35.04 2.75 1.51
CA ASP B 35 33.96 3.07 0.59
C ASP B 35 32.86 3.89 1.25
N PRO B 36 32.62 5.11 0.76
CA PRO B 36 31.58 6.00 1.30
C PRO B 36 30.21 5.67 0.70
N THR B 37 29.15 6.00 1.43
CA THR B 37 27.80 5.74 0.96
C THR B 37 26.92 6.97 1.06
N ILE B 38 26.24 7.28 -0.04
CA ILE B 38 25.33 8.42 -0.08
C ILE B 38 23.91 7.94 0.19
N GLU B 39 23.55 6.85 -0.47
CA GLU B 39 22.22 6.27 -0.33
C GLU B 39 22.21 4.84 -0.86
N ASP B 40 21.86 3.90 -0.01
CA ASP B 40 21.82 2.48 -0.40
C ASP B 40 20.90 1.71 0.53
N SER B 41 20.18 0.72 0.00
CA SER B 41 19.27 -0.08 0.81
C SER B 41 19.53 -1.57 0.60
N TYR B 42 19.64 -2.30 1.70
CA TYR B 42 19.89 -3.73 1.66
C TYR B 42 18.78 -4.48 2.40
N ARG B 43 18.08 -5.35 1.68
CA ARG B 43 16.97 -6.10 2.25
C ARG B 43 17.44 -7.46 2.78
N LYS B 44 16.86 -7.89 3.90
CA LYS B 44 17.20 -9.17 4.52
C LYS B 44 15.94 -9.77 5.16
N GLN B 45 15.86 -11.08 5.18
CA GLN B 45 14.72 -11.77 5.78
C GLN B 45 15.20 -12.73 6.85
N VAL B 46 14.85 -12.46 8.10
CA VAL B 46 15.27 -13.30 9.22
C VAL B 46 14.16 -13.49 10.24
N VAL B 47 14.24 -14.58 10.99
CA VAL B 47 13.26 -14.88 12.03
C VAL B 47 13.69 -14.17 13.32
N ILE B 48 12.82 -13.33 13.84
CA ILE B 48 13.12 -12.59 15.07
C ILE B 48 12.09 -12.89 16.14
N ASP B 49 12.55 -13.49 17.24
CA ASP B 49 11.69 -13.83 18.37
C ASP B 49 10.67 -14.90 18.01
N GLY B 50 11.07 -15.82 17.13
CA GLY B 50 10.19 -16.89 16.73
C GLY B 50 9.30 -16.54 15.56
N GLU B 51 9.36 -15.30 15.10
CA GLU B 51 8.53 -14.87 13.97
C GLU B 51 9.40 -14.30 12.86
N THR B 52 9.22 -14.85 11.66
CA THR B 52 9.98 -14.43 10.50
C THR B 52 9.46 -13.11 9.95
N CYS B 53 10.38 -12.22 9.59
CA CYS B 53 10.01 -10.90 9.07
C CYS B 53 11.01 -10.41 8.04
N LEU B 54 10.62 -9.38 7.29
CA LEU B 54 11.47 -8.80 6.26
C LEU B 54 11.92 -7.42 6.69
N LEU B 55 13.16 -7.08 6.40
CA LEU B 55 13.68 -5.77 6.77
C LEU B 55 14.57 -5.19 5.68
N ASP B 56 14.50 -3.88 5.50
CA ASP B 56 15.30 -3.18 4.51
C ASP B 56 16.12 -2.14 5.25
N ILE B 57 17.44 -2.22 5.13
CA ILE B 57 18.34 -1.31 5.82
C ILE B 57 18.98 -0.30 4.87
N LEU B 58 18.76 0.98 5.14
CA LEU B 58 19.33 2.04 4.32
C LEU B 58 20.62 2.57 4.95
N ASP B 59 21.68 2.58 4.15
CA ASP B 59 22.98 3.06 4.58
C ASP B 59 23.13 4.52 4.15
N THR B 60 23.00 5.43 5.10
CA THR B 60 23.08 6.85 4.82
C THR B 60 24.48 7.41 5.07
N ALA B 61 24.68 8.66 4.68
CA ALA B 61 25.97 9.32 4.85
C ALA B 61 26.01 10.05 6.18
N GLY B 62 27.20 10.10 6.79
CA GLY B 62 27.36 10.76 8.07
C GLY B 62 27.62 12.24 7.90
N GLN B 63 28.65 12.57 7.12
CA GLN B 63 29.00 13.95 6.87
C GLN B 63 28.16 14.53 5.75
N GLU B 64 26.99 15.02 6.12
CA GLU B 64 26.07 15.60 5.16
C GLU B 64 25.36 16.78 5.81
N GLU B 65 25.28 17.88 5.08
CA GLU B 65 24.64 19.09 5.60
C GLU B 65 23.13 19.01 5.41
N TYR B 66 22.43 20.01 5.93
CA TYR B 66 20.98 20.06 5.82
C TYR B 66 20.55 20.03 4.34
N SER B 67 19.93 18.93 3.96
CA SER B 67 19.49 18.75 2.59
C SER B 67 18.05 18.26 2.57
N ALA B 68 17.28 18.76 1.60
CA ALA B 68 15.88 18.40 1.46
C ALA B 68 15.72 16.89 1.26
N MET B 69 16.61 16.32 0.46
CA MET B 69 16.59 14.89 0.18
C MET B 69 16.90 14.06 1.43
N ARG B 70 17.78 14.60 2.27
CA ARG B 70 18.16 13.92 3.50
C ARG B 70 16.98 13.91 4.46
N ASP B 71 16.36 15.07 4.61
CA ASP B 71 15.21 15.22 5.49
C ASP B 71 14.01 14.48 4.91
N GLN B 72 14.11 14.15 3.63
CA GLN B 72 13.06 13.42 2.94
C GLN B 72 13.16 11.92 3.19
N TYR B 73 14.37 11.37 3.11
CA TYR B 73 14.55 9.94 3.32
C TYR B 73 14.35 9.52 4.78
N MET B 74 14.96 10.22 5.71
CA MET B 74 14.84 9.85 7.10
C MET B 74 13.55 10.36 7.72
N ARG B 75 12.51 9.54 7.56
CA ARG B 75 11.18 9.84 8.07
C ARG B 75 10.35 8.56 8.07
N THR B 76 10.49 7.78 7.01
CA THR B 76 9.76 6.53 6.89
C THR B 76 10.37 5.46 7.78
N GLY B 77 11.67 5.59 8.03
CA GLY B 77 12.39 4.64 8.86
C GLY B 77 11.77 4.53 10.24
N GLU B 78 11.65 3.31 10.74
CA GLU B 78 11.06 3.08 12.05
C GLU B 78 12.13 2.93 13.12
N GLY B 79 13.29 2.41 12.72
CA GLY B 79 14.37 2.22 13.66
C GLY B 79 15.68 2.72 13.10
N PHE B 80 16.34 3.57 13.86
CA PHE B 80 17.62 4.13 13.43
C PHE B 80 18.73 3.75 14.42
N LEU B 81 19.74 3.07 13.92
CA LEU B 81 20.85 2.64 14.75
C LEU B 81 21.91 3.73 14.88
N CYS B 82 22.32 4.00 16.10
CA CYS B 82 23.33 5.01 16.35
C CYS B 82 24.68 4.32 16.54
N VAL B 83 25.42 4.16 15.45
CA VAL B 83 26.71 3.50 15.49
C VAL B 83 27.86 4.49 15.60
N PHE B 84 28.71 4.27 16.60
CA PHE B 84 29.86 5.13 16.80
C PHE B 84 31.11 4.27 17.03
N ALA B 85 32.26 4.86 16.78
CA ALA B 85 33.52 4.16 16.97
C ALA B 85 34.05 4.43 18.38
N ILE B 86 34.20 3.37 19.17
CA ILE B 86 34.70 3.51 20.54
C ILE B 86 36.19 3.85 20.57
N ASN B 87 36.80 3.88 19.38
CA ASN B 87 38.21 4.18 19.27
C ASN B 87 38.42 5.69 19.07
N ASN B 88 37.33 6.40 18.77
CA ASN B 88 37.40 7.84 18.54
C ASN B 88 36.35 8.59 19.36
N THR B 89 36.82 9.44 20.28
CA THR B 89 35.94 10.22 21.14
C THR B 89 35.02 11.13 20.33
N LYS B 90 35.53 11.62 19.20
CA LYS B 90 34.76 12.50 18.32
C LYS B 90 33.47 11.81 17.86
N SER B 91 33.56 10.51 17.68
CA SER B 91 32.43 9.71 17.24
C SER B 91 31.40 9.54 18.36
N PHE B 92 31.89 9.39 19.58
CA PHE B 92 31.02 9.20 20.74
C PHE B 92 30.18 10.44 21.01
N GLU B 93 30.77 11.62 20.84
CA GLU B 93 30.07 12.87 21.07
C GLU B 93 29.10 13.21 19.93
N ASP B 94 29.41 12.74 18.73
CA ASP B 94 28.59 13.01 17.55
C ASP B 94 27.22 12.36 17.64
N ILE B 95 27.09 11.39 18.53
CA ILE B 95 25.82 10.70 18.71
C ILE B 95 24.74 11.69 19.16
N HIS B 96 25.13 12.67 19.97
CA HIS B 96 24.21 13.69 20.44
C HIS B 96 23.74 14.56 19.28
N HIS B 97 24.58 14.63 18.25
CA HIS B 97 24.28 15.41 17.06
C HIS B 97 23.22 14.68 16.21
N TYR B 98 23.40 13.38 16.08
CA TYR B 98 22.47 12.57 15.30
C TYR B 98 21.17 12.34 16.08
N ARG B 99 21.27 12.30 17.40
CA ARG B 99 20.12 12.10 18.27
C ARG B 99 19.05 13.17 18.03
N GLU B 100 19.49 14.43 18.09
CA GLU B 100 18.57 15.55 17.88
C GLU B 100 18.05 15.56 16.45
N GLN B 101 18.89 15.14 15.51
CA GLN B 101 18.54 15.10 14.10
C GLN B 101 17.38 14.13 13.85
N ILE B 102 17.51 12.92 14.36
CA ILE B 102 16.49 11.89 14.20
C ILE B 102 15.18 12.31 14.86
N LYS B 103 15.29 12.88 16.05
CA LYS B 103 14.12 13.35 16.79
C LYS B 103 13.40 14.45 16.02
N ARG B 104 14.18 15.30 15.36
CA ARG B 104 13.65 16.41 14.59
C ARG B 104 12.87 15.94 13.36
N VAL B 105 13.48 15.05 12.57
CA VAL B 105 12.85 14.55 11.35
C VAL B 105 11.60 13.72 11.62
N LYS B 106 11.60 12.97 12.71
CA LYS B 106 10.46 12.13 13.06
C LYS B 106 9.39 12.95 13.78
N ASP B 107 9.80 14.11 14.30
CA ASP B 107 8.89 15.01 15.03
C ASP B 107 8.30 14.30 16.24
N SER B 108 9.12 13.47 16.87
CA SER B 108 8.69 12.71 18.05
C SER B 108 9.73 12.80 19.15
N GLU B 109 9.29 12.66 20.39
CA GLU B 109 10.18 12.72 21.53
C GLU B 109 10.81 11.36 21.77
N ASP B 110 10.02 10.31 21.56
CA ASP B 110 10.47 8.94 21.75
C ASP B 110 10.55 8.21 20.42
N VAL B 111 11.77 7.90 20.00
CA VAL B 111 12.00 7.20 18.74
C VAL B 111 12.82 5.93 18.99
N PRO B 112 12.39 4.78 18.42
CA PRO B 112 13.10 3.50 18.57
C PRO B 112 14.53 3.57 18.06
N MET B 113 15.47 3.69 19.00
CA MET B 113 16.88 3.77 18.65
C MET B 113 17.70 2.91 19.60
N VAL B 114 18.90 2.54 19.15
CA VAL B 114 19.82 1.73 19.94
C VAL B 114 21.24 2.24 19.76
N LEU B 115 21.99 2.28 20.85
CA LEU B 115 23.37 2.75 20.81
C LEU B 115 24.29 1.59 20.45
N VAL B 116 25.09 1.77 19.41
CA VAL B 116 26.00 0.72 18.95
C VAL B 116 27.44 1.21 18.96
N GLY B 117 28.28 0.53 19.73
CA GLY B 117 29.68 0.88 19.80
C GLY B 117 30.53 -0.06 18.96
N ASN B 118 30.93 0.39 17.79
CA ASN B 118 31.72 -0.43 16.89
C ASN B 118 33.21 -0.33 17.17
N LYS B 119 33.97 -1.27 16.62
CA LYS B 119 35.42 -1.33 16.77
C LYS B 119 35.82 -1.77 18.17
N CYS B 120 35.05 -2.68 18.76
CA CYS B 120 35.33 -3.17 20.11
C CYS B 120 36.60 -4.02 20.13
N ASP B 121 37.00 -4.49 18.96
CA ASP B 121 38.19 -5.32 18.83
C ASP B 121 39.46 -4.48 18.72
N LEU B 122 39.29 -3.19 18.47
CA LEU B 122 40.43 -2.29 18.34
C LEU B 122 41.04 -1.97 19.70
N PRO B 123 42.37 -2.01 19.80
CA PRO B 123 43.10 -1.77 21.05
C PRO B 123 43.04 -0.29 21.49
N SER B 124 42.90 0.61 20.53
CA SER B 124 42.86 2.03 20.82
C SER B 124 41.47 2.48 21.27
N ARG B 125 40.95 1.85 22.31
CA ARG B 125 39.64 2.20 22.84
C ARG B 125 39.73 3.46 23.70
N THR B 126 39.07 4.52 23.27
CA THR B 126 39.08 5.76 24.01
C THR B 126 37.78 5.90 24.79
N VAL B 127 36.72 5.32 24.26
CA VAL B 127 35.42 5.37 24.90
C VAL B 127 35.23 4.14 25.79
N ASP B 128 35.15 4.36 27.08
CA ASP B 128 34.96 3.26 28.03
C ASP B 128 33.51 2.80 28.02
N THR B 129 33.31 1.51 28.22
CA THR B 129 31.98 0.92 28.24
C THR B 129 31.08 1.61 29.27
N LYS B 130 31.67 2.07 30.38
CA LYS B 130 30.92 2.75 31.42
C LYS B 130 30.28 4.02 30.90
N GLN B 131 31.01 4.76 30.08
CA GLN B 131 30.52 6.00 29.51
C GLN B 131 29.38 5.75 28.53
N ALA B 132 29.60 4.78 27.64
CA ALA B 132 28.60 4.43 26.64
C ALA B 132 27.29 3.97 27.29
N GLN B 133 27.40 3.07 28.25
CA GLN B 133 26.23 2.55 28.96
C GLN B 133 25.54 3.64 29.77
N ASP B 134 26.35 4.53 30.36
CA ASP B 134 25.82 5.62 31.17
C ASP B 134 24.96 6.55 30.34
N LEU B 135 25.47 6.94 29.18
CA LEU B 135 24.75 7.84 28.30
C LEU B 135 23.51 7.16 27.71
N ALA B 136 23.66 5.89 27.36
CA ALA B 136 22.54 5.12 26.81
C ALA B 136 21.40 5.05 27.81
N ARG B 137 21.76 4.91 29.08
CA ARG B 137 20.80 4.85 30.16
C ARG B 137 20.00 6.15 30.24
N SER B 138 20.70 7.27 30.07
CA SER B 138 20.08 8.58 30.10
C SER B 138 19.11 8.78 28.94
N TYR B 139 19.50 8.33 27.76
CA TYR B 139 18.65 8.45 26.58
C TYR B 139 17.48 7.48 26.63
N GLY B 140 17.64 6.42 27.42
CA GLY B 140 16.58 5.43 27.56
C GLY B 140 16.64 4.40 26.46
N ILE B 141 17.84 4.09 26.01
CA ILE B 141 18.05 3.11 24.94
C ILE B 141 19.15 2.13 25.32
N PRO B 142 19.11 0.91 24.77
CA PRO B 142 20.11 -0.11 25.06
C PRO B 142 21.41 0.16 24.30
N PHE B 143 22.50 -0.43 24.77
CA PHE B 143 23.80 -0.25 24.15
C PHE B 143 24.46 -1.62 23.92
N ILE B 144 24.97 -1.83 22.70
CA ILE B 144 25.64 -3.07 22.36
C ILE B 144 26.99 -2.79 21.70
N GLU B 145 28.04 -3.38 22.25
CA GLU B 145 29.39 -3.23 21.71
C GLU B 145 29.56 -4.22 20.56
N THR B 146 29.91 -3.71 19.39
CA THR B 146 30.04 -4.57 18.21
C THR B 146 31.36 -4.37 17.46
N SER B 147 31.57 -5.22 16.48
CA SER B 147 32.75 -5.18 15.63
C SER B 147 32.45 -5.94 14.34
N ALA B 148 32.62 -5.28 13.21
CA ALA B 148 32.38 -5.91 11.92
C ALA B 148 33.46 -6.91 11.57
N LYS B 149 34.57 -6.84 12.30
CA LYS B 149 35.69 -7.73 12.07
C LYS B 149 35.46 -9.09 12.72
N THR B 150 35.04 -9.07 13.98
CA THR B 150 34.81 -10.30 14.73
C THR B 150 33.36 -10.79 14.63
N ARG B 151 32.47 -9.92 14.12
CA ARG B 151 31.05 -10.26 13.95
C ARG B 151 30.32 -10.38 15.29
N GLN B 152 30.86 -9.74 16.31
CA GLN B 152 30.26 -9.78 17.64
C GLN B 152 29.20 -8.70 17.82
N GLY B 153 27.98 -9.14 18.09
CA GLY B 153 26.88 -8.21 18.33
C GLY B 153 26.31 -7.58 17.07
N VAL B 154 26.86 -7.94 15.93
CA VAL B 154 26.39 -7.39 14.66
C VAL B 154 24.92 -7.72 14.42
N ASP B 155 24.59 -9.00 14.55
CA ASP B 155 23.23 -9.47 14.35
C ASP B 155 22.33 -9.02 15.49
N ASP B 156 22.87 -9.08 16.71
CA ASP B 156 22.13 -8.70 17.90
C ASP B 156 21.67 -7.25 17.85
N ALA B 157 22.46 -6.39 17.23
CA ALA B 157 22.14 -4.97 17.11
C ALA B 157 20.84 -4.79 16.34
N PHE B 158 20.69 -5.52 15.24
CA PHE B 158 19.49 -5.44 14.42
C PHE B 158 18.33 -6.12 15.12
N TYR B 159 18.62 -7.25 15.77
CA TYR B 159 17.62 -8.01 16.51
C TYR B 159 16.98 -7.16 17.61
N THR B 160 17.83 -6.42 18.33
CA THR B 160 17.37 -5.55 19.39
C THR B 160 16.56 -4.39 18.83
N LEU B 161 17.01 -3.84 17.71
CA LEU B 161 16.32 -2.73 17.09
C LEU B 161 14.89 -3.09 16.70
N VAL B 162 14.73 -4.24 16.04
CA VAL B 162 13.41 -4.71 15.63
C VAL B 162 12.51 -4.93 16.84
N ARG B 163 13.09 -5.49 17.90
CA ARG B 163 12.34 -5.74 19.12
C ARG B 163 11.93 -4.42 19.78
N GLU B 164 12.82 -3.43 19.72
CA GLU B 164 12.54 -2.11 20.29
C GLU B 164 11.33 -1.48 19.58
N ILE B 165 11.28 -1.66 18.26
CA ILE B 165 10.19 -1.14 17.46
C ILE B 165 8.88 -1.85 17.81
N ARG B 166 8.95 -3.18 17.93
CA ARG B 166 7.78 -3.98 18.26
C ARG B 166 7.18 -3.56 19.61
N LYS B 167 8.05 -3.34 20.59
CA LYS B 167 7.60 -2.91 21.92
C LYS B 167 7.03 -1.50 21.85
N HIS B 168 7.58 -0.68 20.96
CA HIS B 168 7.12 0.69 20.80
C HIS B 168 5.72 0.73 20.17
N LYS B 169 5.50 -0.13 19.18
CA LYS B 169 4.20 -0.19 18.51
C LYS B 169 3.11 -0.61 19.49
N GLU B 170 3.47 -1.51 20.40
CA GLU B 170 2.54 -1.98 21.41
C GLU B 170 2.23 -0.84 22.38
N LYS B 171 3.27 -0.10 22.75
CA LYS B 171 3.11 1.03 23.65
C LYS B 171 2.25 2.12 23.02
N MET B 172 2.42 2.33 21.72
CA MET B 172 1.64 3.32 20.99
C MET B 172 0.17 2.92 20.93
N SER B 173 -0.07 1.61 21.03
CA SER B 173 -1.43 1.08 21.02
C SER B 173 -2.05 1.19 22.41
N LYS B 174 -1.21 1.45 23.40
CA LYS B 174 -1.65 1.59 24.77
C LYS B 174 -1.90 3.06 25.08
N ASP B 175 -0.92 3.89 24.77
CA ASP B 175 -1.02 5.32 24.99
C ASP B 175 -0.91 6.06 23.66
N GLY B 176 -2.05 6.44 23.09
CA GLY B 176 -2.05 7.13 21.83
C GLY B 176 -1.47 8.53 21.90
N LYS B 177 -2.28 9.48 22.31
CA LYS B 177 -1.83 10.86 22.40
C LYS B 177 -2.52 11.58 23.56
N LYS B 178 -1.77 11.81 24.63
CA LYS B 178 -2.29 12.50 25.80
C LYS B 178 -2.42 13.99 25.53
N LYS B 179 -3.65 14.49 25.55
CA LYS B 179 -3.91 15.90 25.30
C LYS B 179 -4.50 16.56 26.55
N LYS B 180 -4.68 17.87 26.48
CA LYS B 180 -5.25 18.62 27.58
C LYS B 180 -6.74 18.33 27.74
N LYS B 181 -7.17 18.21 28.98
CA LYS B 181 -8.57 17.93 29.30
C LYS B 181 -8.84 18.25 30.77
N LYS B 182 -10.12 18.20 31.16
CA LYS B 182 -10.55 18.47 32.54
C LYS B 182 -10.48 19.96 32.86
N SER B 183 -9.27 20.49 32.93
CA SER B 183 -9.05 21.90 33.23
C SER B 183 -9.30 22.77 32.00
N LYS B 184 -10.13 23.79 32.15
CA LYS B 184 -10.46 24.68 31.04
C LYS B 184 -9.69 26.00 31.15
N THR B 185 -9.83 26.70 32.27
CA THR B 185 -9.13 27.96 32.50
C THR B 185 -9.54 29.03 31.46
N LYS B 186 -10.83 29.03 31.09
CA LYS B 186 -11.36 29.98 30.11
C LYS B 186 -10.69 29.87 28.73
N CYS B 187 -11.21 28.96 27.92
CA CYS B 187 -10.67 28.76 26.58
C CYS B 187 -11.68 29.27 25.55
N LEU C 3 -6.97 -55.96 -11.97
CA LEU C 3 -7.25 -57.38 -11.95
C LEU C 3 -8.00 -57.75 -10.68
N LYS C 4 -7.64 -57.09 -9.59
CA LYS C 4 -8.28 -57.31 -8.31
C LYS C 4 -9.28 -56.20 -8.01
N LEU C 5 -9.70 -55.50 -9.05
CA LEU C 5 -10.64 -54.41 -8.92
C LEU C 5 -11.98 -54.92 -8.40
N LEU C 6 -12.30 -56.17 -8.72
CA LEU C 6 -13.54 -56.79 -8.27
C LEU C 6 -13.52 -56.94 -6.75
N ASP C 7 -12.36 -57.31 -6.22
CA ASP C 7 -12.18 -57.49 -4.79
C ASP C 7 -12.35 -56.14 -4.09
N ASN C 8 -11.71 -55.12 -4.65
CA ASN C 8 -11.78 -53.78 -4.09
C ASN C 8 -13.20 -53.24 -4.21
N TRP C 9 -13.82 -53.46 -5.36
CA TRP C 9 -15.19 -53.00 -5.59
C TRP C 9 -16.16 -53.64 -4.61
N ASP C 10 -15.93 -54.92 -4.30
CA ASP C 10 -16.78 -55.63 -3.34
C ASP C 10 -16.67 -54.96 -1.98
N SER C 11 -15.45 -54.60 -1.61
CA SER C 11 -15.20 -53.92 -0.35
C SER C 11 -15.99 -52.61 -0.31
N VAL C 12 -15.97 -51.88 -1.44
CA VAL C 12 -16.69 -50.62 -1.56
C VAL C 12 -18.20 -50.89 -1.48
N THR C 13 -18.63 -51.99 -2.08
CA THR C 13 -20.04 -52.38 -2.05
C THR C 13 -20.45 -52.67 -0.61
N SER C 14 -19.57 -53.35 0.11
CA SER C 14 -19.82 -53.68 1.51
C SER C 14 -19.97 -52.39 2.34
N THR C 15 -19.10 -51.42 2.07
CA THR C 15 -19.16 -50.15 2.78
C THR C 15 -20.46 -49.39 2.45
N PHE C 16 -20.95 -49.60 1.22
CA PHE C 16 -22.19 -48.96 0.80
C PHE C 16 -23.37 -49.60 1.54
N SER C 17 -23.33 -50.92 1.66
CA SER C 17 -24.36 -51.65 2.37
C SER C 17 -24.35 -51.23 3.85
N LYS C 18 -23.14 -51.09 4.40
CA LYS C 18 -22.97 -50.67 5.78
C LYS C 18 -23.51 -49.26 5.96
N LEU C 19 -23.38 -48.45 4.90
CA LEU C 19 -23.89 -47.09 4.92
C LEU C 19 -25.41 -47.12 4.96
N ARG C 20 -26.00 -48.03 4.20
CA ARG C 20 -27.45 -48.18 4.17
C ARG C 20 -27.95 -48.73 5.49
N GLU C 21 -27.14 -49.60 6.11
CA GLU C 21 -27.49 -50.17 7.41
C GLU C 21 -27.53 -49.07 8.46
N GLN C 22 -26.81 -47.98 8.17
CA GLN C 22 -26.78 -46.82 9.04
C GLN C 22 -27.93 -45.90 8.67
N LEU C 23 -28.03 -45.60 7.38
CA LEU C 23 -29.05 -44.72 6.83
C LEU C 23 -30.43 -45.02 7.39
N GLY C 24 -30.84 -46.28 7.36
CA GLY C 24 -32.14 -46.67 7.88
C GLY C 24 -32.39 -46.14 9.29
N PRO C 25 -31.76 -46.74 10.31
CA PRO C 25 -31.91 -46.31 11.71
C PRO C 25 -31.60 -44.82 11.90
N VAL C 26 -30.49 -44.37 11.31
CA VAL C 26 -30.08 -42.97 11.43
C VAL C 26 -31.16 -42.01 10.96
N THR C 27 -31.71 -42.23 9.78
CA THR C 27 -32.76 -41.36 9.27
C THR C 27 -34.03 -41.48 10.10
N GLN C 28 -34.30 -42.69 10.59
CA GLN C 28 -35.47 -42.93 11.42
C GLN C 28 -35.42 -42.04 12.65
N GLU C 29 -34.31 -42.12 13.38
CA GLU C 29 -34.15 -41.29 14.57
C GLU C 29 -33.94 -39.83 14.20
N PHE C 30 -33.33 -39.59 13.04
CA PHE C 30 -33.11 -38.22 12.56
C PHE C 30 -34.45 -37.57 12.31
N TRP C 31 -35.39 -38.34 11.77
CA TRP C 31 -36.74 -37.85 11.51
C TRP C 31 -37.43 -37.60 12.83
N ASP C 32 -37.17 -38.48 13.80
CA ASP C 32 -37.73 -38.35 15.14
C ASP C 32 -37.13 -37.12 15.80
N ASN C 33 -35.88 -36.86 15.47
CA ASN C 33 -35.17 -35.69 15.96
C ASN C 33 -35.78 -34.44 15.32
N LEU C 34 -35.99 -34.52 14.01
CA LEU C 34 -36.58 -33.43 13.25
C LEU C 34 -37.97 -33.10 13.79
N GLU C 35 -38.70 -34.12 14.24
CA GLU C 35 -40.03 -33.92 14.81
C GLU C 35 -39.92 -33.10 16.08
N LYS C 36 -38.92 -33.43 16.91
CA LYS C 36 -38.68 -32.70 18.14
C LYS C 36 -38.29 -31.27 17.82
N GLU C 37 -37.49 -31.11 16.77
CA GLU C 37 -37.05 -29.80 16.34
C GLU C 37 -38.20 -28.97 15.78
N THR C 38 -38.95 -29.55 14.84
CA THR C 38 -40.07 -28.85 14.24
C THR C 38 -41.12 -28.46 15.29
N GLU C 39 -41.57 -29.44 16.06
CA GLU C 39 -42.56 -29.20 17.10
C GLU C 39 -42.00 -28.28 18.17
N GLY C 40 -40.74 -28.51 18.55
CA GLY C 40 -40.10 -27.68 19.55
C GLY C 40 -40.01 -26.24 19.07
N LEU C 41 -39.55 -26.07 17.83
CA LEU C 41 -39.44 -24.75 17.24
C LEU C 41 -40.82 -24.13 17.11
N ARG C 42 -41.83 -24.96 16.89
CA ARG C 42 -43.20 -24.48 16.78
C ARG C 42 -43.68 -23.93 18.11
N GLN C 43 -43.20 -24.49 19.21
CA GLN C 43 -43.56 -24.01 20.54
C GLN C 43 -43.02 -22.60 20.71
N GLU C 44 -41.84 -22.38 20.15
CA GLU C 44 -41.20 -21.08 20.19
C GLU C 44 -41.85 -20.15 19.17
N MET C 45 -41.99 -20.66 17.93
CA MET C 45 -42.58 -19.91 16.83
C MET C 45 -44.00 -19.44 17.09
N SER C 46 -44.80 -20.27 17.77
CA SER C 46 -46.17 -19.89 18.07
C SER C 46 -46.17 -18.64 18.93
N LYS C 47 -45.48 -18.71 20.06
CA LYS C 47 -45.37 -17.58 20.96
C LYS C 47 -44.69 -16.43 20.27
N ASP C 48 -43.66 -16.74 19.49
CA ASP C 48 -42.91 -15.73 18.76
C ASP C 48 -43.81 -14.96 17.80
N LEU C 49 -44.50 -15.68 16.94
CA LEU C 49 -45.39 -15.07 15.96
C LEU C 49 -46.54 -14.33 16.63
N GLU C 50 -47.14 -14.96 17.65
CA GLU C 50 -48.26 -14.35 18.36
C GLU C 50 -47.80 -13.08 19.06
N GLU C 51 -46.64 -13.15 19.70
CA GLU C 51 -46.10 -11.99 20.39
C GLU C 51 -45.60 -10.96 19.38
N VAL C 52 -45.19 -11.44 18.20
CA VAL C 52 -44.73 -10.56 17.13
C VAL C 52 -45.88 -9.63 16.74
N LYS C 53 -47.08 -10.19 16.68
CA LYS C 53 -48.27 -9.40 16.34
C LYS C 53 -48.49 -8.35 17.42
N ALA C 54 -48.32 -8.75 18.67
CA ALA C 54 -48.49 -7.86 19.81
C ALA C 54 -47.28 -6.95 20.02
N LYS C 55 -46.28 -7.08 19.15
CA LYS C 55 -45.09 -6.27 19.23
C LYS C 55 -45.01 -5.32 18.04
N VAL C 56 -45.26 -5.85 16.85
CA VAL C 56 -45.21 -5.06 15.62
C VAL C 56 -46.33 -4.03 15.59
N GLN C 57 -47.52 -4.42 16.04
CA GLN C 57 -48.67 -3.51 16.06
C GLN C 57 -48.36 -2.22 16.85
N PRO C 58 -48.00 -2.31 18.14
CA PRO C 58 -47.68 -1.12 18.94
C PRO C 58 -46.34 -0.51 18.55
N TYR C 59 -45.54 -1.23 17.79
CA TYR C 59 -44.25 -0.73 17.34
C TYR C 59 -44.44 0.14 16.12
N LEU C 60 -45.27 -0.34 15.19
CA LEU C 60 -45.58 0.41 13.98
C LEU C 60 -46.35 1.66 14.35
N ASP C 61 -47.18 1.53 15.39
CA ASP C 61 -47.96 2.64 15.90
C ASP C 61 -47.01 3.67 16.51
N ASP C 62 -46.07 3.19 17.31
CA ASP C 62 -45.08 4.04 17.95
C ASP C 62 -44.20 4.69 16.90
N PHE C 63 -43.83 3.91 15.89
CA PHE C 63 -43.01 4.41 14.79
C PHE C 63 -43.80 5.43 13.98
N GLN C 64 -45.08 5.16 13.78
CA GLN C 64 -45.95 6.07 13.04
C GLN C 64 -46.07 7.39 13.78
N LYS C 65 -46.17 7.31 15.11
CA LYS C 65 -46.26 8.50 15.94
C LYS C 65 -44.99 9.32 15.75
N LYS C 66 -43.85 8.65 15.81
CA LYS C 66 -42.56 9.31 15.62
C LYS C 66 -42.44 9.81 14.19
N TRP C 67 -42.93 9.01 13.25
CA TRP C 67 -42.91 9.37 11.83
C TRP C 67 -43.71 10.64 11.61
N GLN C 68 -44.82 10.78 12.33
CA GLN C 68 -45.66 11.96 12.23
C GLN C 68 -44.89 13.15 12.78
N GLU C 69 -44.29 12.99 13.95
CA GLU C 69 -43.51 14.06 14.56
C GLU C 69 -42.38 14.49 13.62
N GLU C 70 -41.77 13.53 12.96
CA GLU C 70 -40.69 13.82 12.02
C GLU C 70 -41.23 14.43 10.73
N MET C 71 -42.30 13.86 10.19
CA MET C 71 -42.89 14.36 8.96
C MET C 71 -43.43 15.78 9.16
N GLU C 72 -44.20 15.96 10.23
CA GLU C 72 -44.75 17.28 10.55
C GLU C 72 -43.60 18.20 10.92
N LEU C 73 -42.60 17.62 11.59
CA LEU C 73 -41.40 18.36 11.98
C LEU C 73 -40.72 18.93 10.75
N TYR C 74 -40.62 18.09 9.72
CA TYR C 74 -40.00 18.49 8.46
C TYR C 74 -40.85 19.55 7.77
N ARG C 75 -42.14 19.56 8.05
CA ARG C 75 -43.04 20.55 7.48
C ARG C 75 -42.79 21.91 8.12
N GLN C 76 -42.36 21.87 9.38
CA GLN C 76 -42.08 23.08 10.13
C GLN C 76 -40.58 23.41 10.09
N LYS C 77 -39.84 22.63 9.33
CA LYS C 77 -38.40 22.82 9.21
C LYS C 77 -37.97 22.91 7.76
N VAL C 78 -38.12 21.81 7.02
CA VAL C 78 -37.74 21.75 5.62
C VAL C 78 -38.48 22.78 4.78
N GLU C 79 -39.79 22.90 5.00
CA GLU C 79 -40.61 23.85 4.23
C GLU C 79 -40.13 25.31 4.41
N PRO C 80 -40.07 25.83 5.65
CA PRO C 80 -39.58 27.19 5.88
C PRO C 80 -38.12 27.33 5.48
N LEU C 81 -37.34 26.28 5.71
CA LEU C 81 -35.93 26.28 5.34
C LEU C 81 -35.78 26.35 3.83
N ARG C 82 -36.75 25.76 3.13
CA ARG C 82 -36.76 25.79 1.67
C ARG C 82 -36.95 27.23 1.21
N ALA C 83 -37.69 27.99 2.01
CA ALA C 83 -37.94 29.38 1.71
C ALA C 83 -36.70 30.20 2.07
N GLU C 84 -36.09 29.89 3.22
CA GLU C 84 -34.88 30.56 3.67
C GLU C 84 -33.78 30.30 2.65
N LEU C 85 -33.62 29.03 2.29
CA LEU C 85 -32.61 28.63 1.32
C LEU C 85 -32.95 29.17 -0.06
N GLN C 86 -34.25 29.33 -0.34
CA GLN C 86 -34.68 29.86 -1.63
C GLN C 86 -34.25 31.31 -1.74
N GLU C 87 -34.56 32.09 -0.72
CA GLU C 87 -34.18 33.49 -0.69
C GLU C 87 -32.66 33.61 -0.67
N GLY C 88 -32.03 32.72 0.09
CA GLY C 88 -30.58 32.71 0.17
C GLY C 88 -29.95 32.36 -1.16
N ALA C 89 -30.56 31.40 -1.86
CA ALA C 89 -30.08 30.98 -3.17
C ALA C 89 -30.33 32.08 -4.17
N ARG C 90 -31.50 32.70 -4.10
CA ARG C 90 -31.84 33.80 -5.00
C ARG C 90 -30.86 34.95 -4.79
N GLN C 91 -30.52 35.19 -3.53
CA GLN C 91 -29.55 36.23 -3.19
C GLN C 91 -28.20 35.86 -3.75
N LYS C 92 -27.80 34.61 -3.51
CA LYS C 92 -26.53 34.11 -4.00
C LYS C 92 -26.49 34.14 -5.53
N LEU C 93 -27.61 33.80 -6.15
CA LEU C 93 -27.74 33.82 -7.60
C LEU C 93 -27.58 35.24 -8.08
N HIS C 94 -28.16 36.18 -7.34
CA HIS C 94 -28.05 37.59 -7.68
C HIS C 94 -26.60 38.01 -7.53
N GLU C 95 -25.97 37.55 -6.45
CA GLU C 95 -24.57 37.83 -6.18
C GLU C 95 -23.73 37.29 -7.33
N LEU C 96 -24.04 36.06 -7.74
CA LEU C 96 -23.33 35.41 -8.84
C LEU C 96 -23.61 36.09 -10.18
N GLN C 97 -24.86 36.45 -10.43
CA GLN C 97 -25.23 37.11 -11.67
C GLN C 97 -24.50 38.44 -11.82
N GLU C 98 -24.32 39.14 -10.70
CA GLU C 98 -23.62 40.41 -10.71
C GLU C 98 -22.12 40.20 -10.75
N LYS C 99 -21.71 38.95 -10.93
CA LYS C 99 -20.31 38.59 -11.04
C LYS C 99 -20.07 37.98 -12.42
N LEU C 100 -20.95 37.06 -12.81
CA LEU C 100 -20.86 36.37 -14.10
C LEU C 100 -21.02 37.33 -15.27
N SER C 101 -21.63 38.48 -15.02
CA SER C 101 -21.81 39.46 -16.08
C SER C 101 -20.54 40.31 -16.28
N PRO C 102 -20.09 41.07 -15.26
CA PRO C 102 -18.88 41.89 -15.39
C PRO C 102 -17.64 41.01 -15.57
N LEU C 103 -17.43 40.08 -14.64
CA LEU C 103 -16.29 39.18 -14.71
C LEU C 103 -16.39 38.27 -15.93
N GLY C 104 -17.61 37.96 -16.32
CA GLY C 104 -17.82 37.12 -17.49
C GLY C 104 -17.30 37.79 -18.74
N GLU C 105 -17.70 39.05 -18.95
CA GLU C 105 -17.23 39.81 -20.10
C GLU C 105 -15.76 40.13 -19.93
N GLU C 106 -15.35 40.31 -18.68
CA GLU C 106 -13.96 40.59 -18.36
C GLU C 106 -13.10 39.40 -18.77
N MET C 107 -13.54 38.20 -18.39
CA MET C 107 -12.83 36.98 -18.75
C MET C 107 -12.73 36.86 -20.25
N ARG C 108 -13.79 37.30 -20.93
CA ARG C 108 -13.83 37.27 -22.38
C ARG C 108 -12.85 38.29 -22.94
N ASP C 109 -12.78 39.45 -22.29
CA ASP C 109 -11.84 40.50 -22.69
C ASP C 109 -10.42 39.99 -22.49
N ARG C 110 -10.21 39.29 -21.38
CA ARG C 110 -8.92 38.69 -21.07
C ARG C 110 -8.61 37.66 -22.15
N ALA C 111 -9.62 36.85 -22.48
CA ALA C 111 -9.49 35.83 -23.50
C ALA C 111 -9.14 36.48 -24.82
N ARG C 112 -9.79 37.58 -25.15
CA ARG C 112 -9.51 38.31 -26.38
C ARG C 112 -8.05 38.72 -26.41
N ALA C 113 -7.60 39.30 -25.30
CA ALA C 113 -6.23 39.76 -25.17
C ALA C 113 -5.24 38.60 -25.22
N HIS C 114 -5.64 37.46 -24.68
CA HIS C 114 -4.77 36.28 -24.66
C HIS C 114 -4.79 35.57 -26.02
N VAL C 115 -5.98 35.41 -26.58
CA VAL C 115 -6.15 34.75 -27.88
C VAL C 115 -5.54 35.59 -28.99
N ASP C 116 -5.79 36.90 -28.98
CA ASP C 116 -5.22 37.77 -30.00
C ASP C 116 -3.71 37.73 -29.89
N ALA C 117 -3.23 37.64 -28.66
CA ALA C 117 -1.79 37.54 -28.43
C ALA C 117 -1.32 36.22 -29.01
N LEU C 118 -2.03 35.15 -28.68
CA LEU C 118 -1.71 33.82 -29.18
C LEU C 118 -1.72 33.80 -30.70
N ARG C 119 -2.57 34.63 -31.30
CA ARG C 119 -2.64 34.73 -32.75
C ARG C 119 -1.28 35.15 -33.30
N THR C 120 -0.78 36.26 -32.78
CA THR C 120 0.52 36.78 -33.22
C THR C 120 1.68 36.11 -32.47
N HIS C 121 1.37 35.10 -31.67
CA HIS C 121 2.39 34.39 -30.92
C HIS C 121 2.56 32.97 -31.44
N LEU C 122 1.45 32.37 -31.88
CA LEU C 122 1.47 31.01 -32.41
C LEU C 122 1.63 31.00 -33.92
N ALA C 123 0.87 31.83 -34.62
CA ALA C 123 0.95 31.88 -36.08
C ALA C 123 2.38 32.17 -36.57
N PRO C 124 2.98 33.31 -36.18
CA PRO C 124 4.35 33.64 -36.58
C PRO C 124 5.33 32.58 -36.12
N TYR C 125 5.10 32.04 -34.92
CA TYR C 125 5.99 31.01 -34.39
C TYR C 125 5.87 29.73 -35.19
N SER C 126 4.65 29.34 -35.54
CA SER C 126 4.43 28.14 -36.34
C SER C 126 5.02 28.33 -37.73
N ASP C 127 5.02 29.56 -38.21
CA ASP C 127 5.58 29.87 -39.51
C ASP C 127 7.09 29.71 -39.46
N GLU C 128 7.68 30.15 -38.33
CA GLU C 128 9.11 30.00 -38.12
C GLU C 128 9.42 28.53 -37.91
N LEU C 129 8.48 27.84 -37.26
CA LEU C 129 8.61 26.41 -37.04
C LEU C 129 8.60 25.70 -38.38
N ARG C 130 7.85 26.26 -39.33
CA ARG C 130 7.78 25.71 -40.67
C ARG C 130 9.15 25.81 -41.33
N GLN C 131 9.82 26.93 -41.07
CA GLN C 131 11.16 27.17 -41.61
C GLN C 131 12.12 26.14 -41.01
N ARG C 132 11.95 25.89 -39.72
CA ARG C 132 12.78 24.91 -39.01
C ARG C 132 12.45 23.51 -39.49
N LEU C 133 11.15 23.18 -39.51
CA LEU C 133 10.68 21.87 -39.96
C LEU C 133 11.17 21.58 -41.37
N ALA C 134 11.21 22.62 -42.20
CA ALA C 134 11.68 22.47 -43.56
C ALA C 134 13.13 22.02 -43.58
N ALA C 135 13.94 22.64 -42.74
CA ALA C 135 15.35 22.31 -42.64
C ALA C 135 15.50 20.92 -41.99
N ARG C 136 14.71 20.68 -40.96
CA ARG C 136 14.72 19.40 -40.25
C ARG C 136 14.37 18.28 -41.23
N LEU C 137 13.29 18.49 -41.98
CA LEU C 137 12.84 17.51 -42.96
C LEU C 137 13.85 17.41 -44.09
N GLU C 138 14.48 18.53 -44.44
CA GLU C 138 15.48 18.55 -45.49
C GLU C 138 16.66 17.69 -45.06
N ALA C 139 17.07 17.84 -43.80
CA ALA C 139 18.16 17.06 -43.24
C ALA C 139 17.76 15.60 -43.21
N LEU C 140 16.54 15.35 -42.76
CA LEU C 140 16.00 13.99 -42.68
C LEU C 140 15.89 13.37 -44.07
N LYS C 141 15.59 14.19 -45.06
CA LYS C 141 15.48 13.71 -46.44
C LYS C 141 16.87 13.43 -47.00
N GLU C 142 17.82 14.28 -46.65
CA GLU C 142 19.20 14.11 -47.11
C GLU C 142 19.80 12.86 -46.47
N ASN C 143 19.76 12.84 -45.14
CA ASN C 143 20.28 11.71 -44.38
C ASN C 143 19.46 10.47 -44.68
N GLY C 144 18.18 10.68 -44.96
CA GLY C 144 17.30 9.58 -45.29
C GLY C 144 17.67 8.98 -46.62
N GLY C 145 17.96 9.83 -47.60
CA GLY C 145 18.36 9.35 -48.91
C GLY C 145 19.67 8.58 -48.82
N ALA C 146 20.57 9.09 -48.00
CA ALA C 146 21.85 8.45 -47.76
C ALA C 146 21.63 7.14 -47.02
N ARG C 147 20.78 7.19 -45.98
CA ARG C 147 20.47 6.02 -45.18
C ARG C 147 19.80 4.94 -46.01
N LEU C 148 18.98 5.37 -46.98
CA LEU C 148 18.31 4.41 -47.86
C LEU C 148 19.36 3.66 -48.67
N ALA C 149 20.37 4.38 -49.12
CA ALA C 149 21.46 3.78 -49.89
C ALA C 149 22.29 2.90 -48.97
N GLU C 150 22.57 3.41 -47.78
CA GLU C 150 23.35 2.67 -46.78
C GLU C 150 22.62 1.39 -46.40
N TYR C 151 21.32 1.51 -46.16
CA TYR C 151 20.49 0.38 -45.83
C TYR C 151 20.43 -0.59 -46.99
N HIS C 152 20.38 -0.04 -48.20
CA HIS C 152 20.33 -0.87 -49.41
C HIS C 152 21.65 -1.62 -49.57
N ALA C 153 22.75 -0.92 -49.36
CA ALA C 153 24.07 -1.52 -49.45
C ALA C 153 24.22 -2.59 -48.39
N LYS C 154 23.89 -2.22 -47.15
CA LYS C 154 23.96 -3.15 -46.04
C LYS C 154 23.01 -4.33 -46.24
N ALA C 155 21.91 -4.07 -46.94
CA ALA C 155 20.94 -5.12 -47.23
C ALA C 155 21.58 -6.15 -48.14
N THR C 156 22.23 -5.69 -49.20
CA THR C 156 22.91 -6.59 -50.11
C THR C 156 24.08 -7.29 -49.42
N GLU C 157 24.79 -6.54 -48.56
CA GLU C 157 25.91 -7.09 -47.82
C GLU C 157 25.43 -8.13 -46.83
N HIS C 158 24.28 -7.87 -46.22
CA HIS C 158 23.70 -8.80 -45.25
C HIS C 158 23.07 -9.97 -45.98
N LEU C 159 22.53 -9.72 -47.16
CA LEU C 159 21.91 -10.76 -47.95
C LEU C 159 22.96 -11.72 -48.49
N SER C 160 24.11 -11.17 -48.90
CA SER C 160 25.19 -11.99 -49.40
C SER C 160 25.76 -12.86 -48.29
N THR C 161 25.87 -12.29 -47.10
CA THR C 161 26.38 -13.02 -45.94
C THR C 161 25.35 -14.06 -45.49
N LEU C 162 24.08 -13.74 -45.74
CA LEU C 162 23.00 -14.65 -45.39
C LEU C 162 22.98 -15.84 -46.34
N SER C 163 23.11 -15.58 -47.64
CA SER C 163 23.12 -16.65 -48.62
C SER C 163 24.42 -17.43 -48.48
N GLU C 164 25.48 -16.72 -48.10
CA GLU C 164 26.79 -17.31 -47.88
C GLU C 164 26.73 -18.26 -46.71
N LYS C 165 25.74 -18.08 -45.84
CA LYS C 165 25.57 -18.93 -44.69
C LYS C 165 24.50 -19.97 -44.95
N ALA C 166 23.38 -19.53 -45.52
CA ALA C 166 22.25 -20.39 -45.82
C ALA C 166 22.66 -21.66 -46.57
N LYS C 167 23.45 -21.52 -47.61
CA LYS C 167 23.89 -22.68 -48.39
C LYS C 167 24.65 -23.72 -47.55
N PRO C 168 25.83 -23.39 -46.98
CA PRO C 168 26.58 -24.33 -46.16
C PRO C 168 25.83 -24.74 -44.90
N ALA C 169 25.07 -23.81 -44.33
CA ALA C 169 24.29 -24.09 -43.13
C ALA C 169 23.25 -25.15 -43.43
N LEU C 170 22.47 -24.93 -44.49
CA LEU C 170 21.45 -25.89 -44.88
C LEU C 170 22.09 -27.21 -45.25
N GLU C 171 23.25 -27.13 -45.92
CA GLU C 171 23.99 -28.31 -46.32
C GLU C 171 24.39 -29.12 -45.10
N ASP C 172 25.06 -28.46 -44.16
CA ASP C 172 25.50 -29.10 -42.94
C ASP C 172 24.31 -29.52 -42.08
N LEU C 173 23.27 -28.68 -42.03
CA LEU C 173 22.08 -28.98 -41.25
C LEU C 173 21.40 -30.23 -41.78
N ARG C 174 21.15 -30.28 -43.08
CA ARG C 174 20.52 -31.44 -43.68
C ARG C 174 21.45 -32.64 -43.62
N GLN C 175 22.74 -32.37 -43.83
CA GLN C 175 23.73 -33.42 -43.77
C GLN C 175 23.86 -33.98 -42.37
N GLY C 176 23.34 -33.23 -41.40
CA GLY C 176 23.35 -33.62 -40.01
C GLY C 176 22.01 -34.26 -39.68
N LEU C 177 20.95 -33.64 -40.16
CA LEU C 177 19.59 -34.11 -39.93
C LEU C 177 19.36 -35.48 -40.54
N LEU C 178 19.91 -35.72 -41.72
CA LEU C 178 19.76 -37.01 -42.39
C LEU C 178 20.19 -38.18 -41.50
N PRO C 179 21.48 -38.23 -41.08
CA PRO C 179 21.94 -39.30 -40.21
C PRO C 179 21.33 -39.21 -38.81
N VAL C 180 21.14 -37.98 -38.31
CA VAL C 180 20.56 -37.78 -36.99
C VAL C 180 19.13 -38.30 -36.92
N LEU C 181 18.38 -38.13 -38.01
CA LEU C 181 17.00 -38.62 -38.07
C LEU C 181 17.00 -40.13 -38.05
N GLU C 182 17.97 -40.73 -38.74
CA GLU C 182 18.09 -42.18 -38.77
C GLU C 182 18.41 -42.68 -37.37
N SER C 183 19.33 -42.00 -36.70
CA SER C 183 19.70 -42.36 -35.34
C SER C 183 18.49 -42.19 -34.43
N PHE C 184 17.76 -41.08 -34.61
CA PHE C 184 16.57 -40.82 -33.83
C PHE C 184 15.54 -41.92 -34.05
N LYS C 185 15.36 -42.32 -35.31
CA LYS C 185 14.44 -43.39 -35.66
C LYS C 185 14.80 -44.66 -34.91
N VAL C 186 16.09 -44.97 -34.87
CA VAL C 186 16.58 -46.15 -34.16
C VAL C 186 16.22 -46.08 -32.68
N SER C 187 16.50 -44.94 -32.06
CA SER C 187 16.20 -44.75 -30.64
C SER C 187 14.69 -44.77 -30.40
N PHE C 188 13.93 -44.21 -31.32
CA PHE C 188 12.48 -44.18 -31.20
C PHE C 188 11.87 -45.57 -31.38
N LEU C 189 12.36 -46.29 -32.39
CA LEU C 189 11.88 -47.64 -32.67
C LEU C 189 12.13 -48.55 -31.48
N SER C 190 13.32 -48.45 -30.91
CA SER C 190 13.67 -49.27 -29.74
C SER C 190 12.88 -48.82 -28.52
N ALA C 191 12.62 -47.53 -28.43
CA ALA C 191 11.86 -46.97 -27.32
C ALA C 191 10.43 -47.48 -27.37
N LEU C 192 9.76 -47.23 -28.49
CA LEU C 192 8.38 -47.66 -28.67
C LEU C 192 8.23 -49.16 -28.49
N GLU C 193 9.12 -49.92 -29.13
CA GLU C 193 9.09 -51.37 -29.07
C GLU C 193 9.13 -51.87 -27.63
N GLU C 194 9.97 -51.24 -26.81
CA GLU C 194 10.11 -51.64 -25.42
C GLU C 194 9.01 -51.03 -24.53
N TYR C 195 8.55 -49.84 -24.89
CA TYR C 195 7.51 -49.18 -24.12
C TYR C 195 6.21 -49.97 -24.15
N THR C 196 5.84 -50.47 -25.32
CA THR C 196 4.64 -51.26 -25.47
C THR C 196 4.77 -52.59 -24.71
N LYS C 197 6.01 -52.99 -24.43
CA LYS C 197 6.27 -54.21 -23.69
C LYS C 197 5.99 -54.03 -22.21
N LYS C 198 6.27 -52.83 -21.70
CA LYS C 198 6.03 -52.52 -20.30
C LYS C 198 4.56 -52.16 -20.08
N LEU C 199 3.96 -51.54 -21.10
CA LEU C 199 2.56 -51.15 -21.04
C LEU C 199 1.70 -52.24 -21.67
N ASN C 200 2.21 -53.46 -21.63
CA ASN C 200 1.52 -54.61 -22.19
C ASN C 200 0.53 -55.17 -21.20
C1 PCW D . -9.12 -25.33 16.13
C2 PCW D . -9.52 -26.73 15.49
C3 PCW D . -10.74 -27.32 16.27
C4 PCW D . -5.42 -22.78 17.59
C5 PCW D . -4.32 -22.62 18.64
C6 PCW D . -1.80 -22.59 18.92
C7 PCW D . -2.91 -20.83 17.63
C8 PCW D . -3.11 -21.19 19.43
C11 PCW D . -10.89 -29.72 16.45
C12 PCW D . -11.38 -30.93 15.69
C13 PCW D . -12.62 -31.51 16.46
C14 PCW D . -13.25 -32.75 15.83
C15 PCW D . -12.52 -34.09 16.10
C16 PCW D . -12.66 -35.05 14.87
C17 PCW D . -13.98 -35.88 14.73
C18 PCW D . -14.47 -36.01 13.30
C19 PCW D . -15.97 -35.70 13.16
C20 PCW D . -16.52 -35.19 11.99
C21 PCW D . -15.90 -34.85 10.69
C22 PCW D . -16.85 -35.39 9.58
C23 PCW D . -18.21 -34.66 9.39
C24 PCW D . -19.36 -35.49 8.91
C25 PCW D . -20.54 -34.84 8.13
C26 PCW D . -21.59 -35.80 7.58
C27 PCW D . -22.74 -36.22 8.52
C28 PCW D . -23.73 -37.08 7.78
C31 PCW D . -9.52 -27.47 13.22
C32 PCW D . -10.05 -27.11 11.83
C33 PCW D . -9.57 -28.06 10.63
C34 PCW D . -9.93 -27.52 9.25
C35 PCW D . -11.02 -28.51 8.69
C36 PCW D . -10.98 -28.65 7.14
C37 PCW D . -12.03 -29.61 6.52
C38 PCW D . -12.12 -29.46 5.03
C39 PCW D . -13.14 -30.38 4.40
C40 PCW D . -14.26 -30.02 3.78
C41 PCW D . -14.72 -28.59 3.60
C42 PCW D . -16.31 -28.55 3.73
C43 PCW D . -17.12 -27.92 2.61
C44 PCW D . -18.58 -28.02 3.00
C45 PCW D . -19.56 -27.96 1.85
C46 PCW D . -20.19 -29.28 1.51
C47 PCW D . -20.05 -29.73 0.08
C48 PCW D . -20.73 -31.09 -0.13
N PCW D . -3.04 -22.12 18.27
O2 PCW D . -9.93 -26.53 14.07
O3 PCW D . -11.12 -28.59 15.71
O11 PCW D . -10.39 -29.75 17.54
O31 PCW D . -8.83 -28.50 13.51
O1P PCW D . -8.32 -23.06 17.71
O2P PCW D . -7.76 -25.02 19.16
O3P PCW D . -7.76 -25.27 16.61
O4P PCW D . -6.01 -24.08 17.81
P PCW D . -7.51 -24.32 17.88
C1 PCW E . -3.90 25.42 5.87
C2 PCW E . -5.00 25.18 4.75
C3 PCW E . -5.01 26.35 3.71
C4 PCW E . -0.89 23.03 3.32
C5 PCW E . -1.53 22.95 1.93
C6 PCW E . -0.38 22.89 -0.33
C7 PCW E . -1.12 20.81 0.73
C8 PCW E . -2.16 22.21 0.12
C11 PCW E . -5.79 26.55 1.45
C12 PCW E . -6.98 26.18 0.59
C13 PCW E . -6.91 26.99 -0.76
C14 PCW E . -8.06 26.71 -1.74
C15 PCW E . -8.22 27.70 -2.92
C16 PCW E . -9.67 27.59 -3.53
C17 PCW E . -9.82 27.80 -5.08
C18 PCW E . -11.27 27.78 -5.55
C19 PCW E . -11.41 27.54 -7.07
C20 PCW E . -12.53 26.99 -7.66
C21 PCW E . -13.81 26.50 -7.10
C22 PCW E . -14.28 25.33 -8.03
C23 PCW E . -15.08 24.17 -7.38
C24 PCW E . -16.24 23.60 -8.16
C25 PCW E . -17.71 23.86 -7.71
C26 PCW E . -18.70 22.73 -7.92
C27 PCW E . -19.58 22.31 -6.71
C28 PCW E . -20.78 21.53 -7.19
C31 PCW E . -5.74 23.09 3.85
C32 PCW E . -5.26 21.85 3.07
C33 PCW E . -5.59 21.84 1.50
C34 PCW E . -6.70 22.81 1.10
C35 PCW E . -7.51 22.08 -0.05
C36 PCW E . -8.75 22.89 -0.50
C37 PCW E . -9.60 22.25 -1.63
C38 PCW E . -11.05 22.23 -1.29
C39 PCW E . -11.89 21.63 -2.38
C40 PCW E . -13.15 21.22 -2.31
C41 PCW E . -14.00 21.32 -1.04
C42 PCW E . -15.53 21.29 -1.50
C43 PCW E . -16.18 22.61 -1.85
C44 PCW E . -17.63 22.33 -2.24
C45 PCW E . -18.62 22.22 -1.11
C46 PCW E . -19.69 21.20 -1.36
C47 PCW E . -20.92 21.67 -2.10
C48 PCW E . -21.92 20.52 -2.30
N PCW E . -0.87 22.23 0.88
O2 PCW E . -4.70 23.91 4.00
O3 PCW E . -6.01 26.09 2.72
O11 PCW E . -4.83 27.15 1.09
O31 PCW E . -6.92 23.29 4.28
O1P PCW E . -0.26 24.40 5.81
O2P PCW E . -2.27 23.17 6.64
O3P PCW E . -2.53 25.42 5.38
O4P PCW E . -1.95 23.34 4.27
P PCW E . -1.72 24.04 5.59
C1 PCW F . 21.91 -19.65 -10.83
C2 PCW F . 21.13 -19.94 -12.18
C3 PCW F . 22.03 -20.80 -13.13
C4 PCW F . 20.75 -23.07 -7.61
C5 PCW F . 21.17 -24.25 -8.48
C6 PCW F . 22.73 -24.94 -10.38
C7 PCW F . 23.64 -24.07 -8.28
C8 PCW F . 22.68 -25.63 -8.55
C11 PCW F . 20.85 -22.35 -14.56
C12 PCW F . 20.16 -22.40 -15.90
C13 PCW F . 19.22 -23.67 -15.93
C14 PCW F . 18.44 -23.85 -17.23
C15 PCW F . 17.06 -24.56 -17.09
C16 PCW F . 17.22 -26.01 -16.49
C17 PCW F . 15.93 -26.71 -15.95
C18 PCW F . 15.60 -28.01 -16.68
C19 PCW F . 14.40 -27.87 -17.64
C20 PCW F . 13.65 -28.96 -18.06
C21 PCW F . 13.74 -30.41 -17.76
C22 PCW F . 14.61 -31.05 -18.88
C23 PCW F . 16.15 -31.10 -18.67
C24 PCW F . 16.64 -31.65 -17.37
C25 PCW F . 17.42 -33.01 -17.31
C26 PCW F . 16.69 -34.17 -16.67
C27 PCW F . 16.87 -35.56 -17.31
C28 PCW F . 15.95 -35.71 -18.50
C31 PCW F . 18.87 -20.03 -11.48
C32 PCW F . 17.69 -20.99 -11.23
C33 PCW F . 16.34 -20.60 -11.99
C34 PCW F . 16.02 -21.51 -13.19
C35 PCW F . 16.68 -20.77 -14.44
C36 PCW F . 15.64 -20.36 -15.51
C37 PCW F . 16.23 -19.63 -16.76
C38 PCW F . 16.07 -20.45 -18.00
C39 PCW F . 16.64 -19.77 -19.23
C40 PCW F . 16.20 -19.88 -20.48
C41 PCW F . 15.00 -20.72 -20.89
C42 PCW F . 14.53 -20.26 -22.34
C43 PCW F . 13.46 -19.19 -22.46
C44 PCW F . 13.23 -18.98 -23.94
C45 PCW F . 12.34 -17.81 -24.30
C46 PCW F . 10.89 -18.15 -24.33
C47 PCW F . 10.05 -17.68 -23.16
C48 PCW F . 8.59 -18.10 -23.33
N PCW F . 22.46 -24.26 -9.10
O2 PCW F . 19.90 -20.74 -11.89
O3 PCW F . 21.33 -21.08 -14.35
O11 PCW F . 20.98 -23.27 -13.80
O31 PCW F . 18.84 -18.77 -11.32
O1P PCW F . 22.53 -20.76 -7.51
O2P PCW F . 20.51 -19.55 -8.38
O3P PCW F . 22.08 -20.81 -9.99
O4P PCW F . 20.55 -21.95 -8.51
P PCW F . 21.42 -20.71 -8.52
C1 PCW G . 25.18 -8.69 -19.09
C2 PCW G . 25.23 -8.57 -20.67
C3 PCW G . 25.79 -9.90 -21.28
C4 PCW G . 26.30 -10.39 -16.21
C5 PCW G . 26.75 -11.75 -15.67
C6 PCW G . 25.42 -13.49 -14.67
C7 PCW G . 25.32 -11.35 -13.79
C8 PCW G . 27.21 -12.54 -13.38
C11 PCW G . 26.85 -10.36 -23.38
C12 PCW G . 26.68 -10.11 -24.86
C13 PCW G . 27.18 -11.39 -25.63
C14 PCW G . 27.07 -11.30 -27.15
C15 PCW G . 25.62 -11.22 -27.72
C16 PCW G . 25.64 -11.19 -29.28
C17 PCW G . 24.79 -10.09 -30.00
C18 PCW G . 23.34 -10.02 -29.51
C19 PCW G . 22.44 -11.10 -30.15
C20 PCW G . 21.28 -10.79 -30.85
C21 PCW G . 20.63 -9.50 -31.18
C22 PCW G . 19.69 -9.77 -32.38
C23 PCW G . 20.35 -9.96 -33.78
C24 PCW G . 20.36 -11.34 -34.34
C25 PCW G . 19.56 -11.69 -35.64
C26 PCW G . 19.98 -12.95 -36.38
C27 PCW G . 20.86 -12.80 -37.63
C28 PCW G . 20.11 -13.27 -38.85
C31 PCW G . 23.72 -7.24 -21.90
C32 PCW G . 22.26 -7.15 -22.39
C33 PCW G . 21.42 -5.90 -21.84
C34 PCW G . 19.90 -6.07 -22.03
C35 PCW G . 19.66 -6.02 -23.59
C36 PCW G . 19.15 -4.65 -24.08
C37 PCW G . 18.89 -4.54 -25.62
C38 PCW G . 17.47 -4.18 -25.92
C39 PCW G . 17.20 -4.09 -27.40
C40 PCW G . 16.47 -3.16 -28.03
C41 PCW G . 15.76 -2.02 -27.32
C42 PCW G . 16.55 -0.66 -27.60
C43 PCW G . 17.26 -0.49 -28.95
C44 PCW G . 17.92 0.87 -28.92
C45 PCW G . 17.08 1.98 -29.51
C46 PCW G . 16.77 3.09 -28.54
C47 PCW G . 17.56 4.36 -28.71
C48 PCW G . 17.14 5.39 -27.65
N PCW G . 26.20 -12.26 -14.45
O2 PCW G . 23.85 -8.36 -21.21
O3 PCW G . 25.82 -9.78 -22.71
O11 PCW G . 27.75 -10.99 -22.88
O31 PCW G . 24.62 -6.37 -22.13
O1P PCW G . 24.07 -8.52 -16.15
O2P PCW G . 22.74 -10.55 -16.74
O3P PCW G . 23.92 -9.18 -18.58
O4P PCW G . 25.13 -10.63 -17.03
P PCW G . 23.93 -9.71 -17.07
C1 PCW H . 21.84 5.19 -17.61
C2 PCW H . 21.24 6.08 -18.77
C3 PCW H . 19.69 5.91 -18.83
C4 PCW H . 22.86 8.80 -14.57
C5 PCW H . 22.46 9.08 -13.13
C6 PCW H . 22.88 11.04 -11.56
C7 PCW H . 20.96 11.08 -13.07
C8 PCW H . 21.28 9.90 -11.68
C11 PCW H . 18.50 6.12 -20.92
C12 PCW H . 18.01 7.17 -21.87
C13 PCW H . 16.74 7.85 -21.24
C14 PCW H . 16.10 8.95 -22.09
C15 PCW H . 14.89 8.51 -22.96
C16 PCW H . 13.76 9.60 -22.96
C17 PCW H . 12.45 9.28 -23.75
C18 PCW H . 12.70 9.00 -25.24
C19 PCW H . 11.78 9.83 -26.17
C20 PCW H . 10.72 9.27 -26.88
C21 PCW H . 10.20 7.88 -26.94
C22 PCW H . 10.69 7.28 -28.29
C23 PCW H . 10.93 5.74 -28.34
C24 PCW H . 9.74 4.87 -28.55
C25 PCW H . 9.84 3.33 -28.40
C26 PCW H . 10.71 2.61 -29.42
C27 PCW H . 10.34 1.15 -29.77
C28 PCW H . 11.58 0.29 -29.77
C31 PCW H . 22.54 8.02 -19.21
C32 PCW H . 22.70 9.50 -18.82
C33 PCW H . 21.81 10.53 -19.65
C34 PCW H . 22.46 10.98 -20.96
C35 PCW H . 21.60 12.22 -21.45
C36 PCW H . 20.69 11.86 -22.65
C37 PCW H . 19.81 13.02 -23.20
C38 PCW H . 20.12 13.33 -24.63
C39 PCW H . 19.27 14.45 -25.18
C40 PCW H . 19.08 14.75 -26.46
C41 PCW H . 19.70 13.99 -27.62
C42 PCW H . 18.52 13.40 -28.51
C43 PCW H . 17.54 14.37 -29.16
C44 PCW H . 16.53 13.52 -29.93
C45 PCW H . 15.10 13.93 -29.75
C46 PCW H . 14.16 13.33 -30.75
C47 PCW H . 12.89 12.71 -30.23
C48 PCW H . 12.04 12.14 -31.37
N PCW H . 22.21 10.43 -12.71
O2 PCW H . 21.52 7.52 -18.51
O3 PCW H . 19.16 6.72 -19.88
O11 PCW H . 18.33 4.94 -21.04
O31 PCW H . 23.25 7.40 -20.04
O1P PCW H . 20.73 7.32 -15.85
O2P PCW H . 21.54 5.46 -14.40
O3P PCW H . 22.66 5.92 -16.68
O4P PCW H . 22.97 7.36 -14.73
P PCW H . 21.90 6.51 -15.38
C1 PCW I . -11.34 -16.79 16.53
C2 PCW I . -12.45 -17.30 15.53
C3 PCW I . -12.98 -18.70 15.99
C4 PCW I . -11.59 -17.19 21.28
C5 PCW I . -11.65 -16.46 22.60
C6 PCW I . -13.03 -17.87 24.20
C7 PCW I . -10.91 -16.88 24.93
C8 PCW I . -12.46 -16.01 24.43
C11 PCW I . -14.91 -20.07 15.51
C12 PCW I . -15.86 -20.40 14.40
C13 PCW I . -16.89 -19.22 14.26
C14 PCW I . -17.95 -19.39 13.16
C15 PCW I . -17.49 -20.14 11.87
C16 PCW I . -18.68 -20.36 10.87
C17 PCW I . -18.47 -21.43 9.74
C18 PCW I . -18.26 -22.84 10.25
C19 PCW I . -19.11 -23.89 9.50
C20 PCW I . -19.69 -24.97 10.15
C21 PCW I . -19.67 -25.41 11.57
C22 PCW I . -21.13 -25.74 11.96
C23 PCW I . -21.44 -25.97 13.46
C24 PCW I . -22.85 -25.76 13.90
C25 PCW I . -23.32 -26.28 15.30
C26 PCW I . -24.03 -27.61 15.32
C27 PCW I . -25.47 -27.67 14.72
C28 PCW I . -26.24 -28.78 15.40
C31 PCW I . -13.35 -15.19 14.89
C32 PCW I . -14.62 -14.33 14.94
C33 PCW I . -15.50 -14.35 13.60
C34 PCW I . -16.50 -15.51 13.55
C35 PCW I . -17.43 -15.21 12.31
C36 PCW I . -17.47 -16.38 11.31
C37 PCW I . -18.37 -16.16 10.04
C38 PCW I . -19.81 -16.02 10.40
C39 PCW I . -20.69 -15.83 9.20
C40 PCW I . -21.17 -16.78 8.39
C41 PCW I . -20.90 -18.26 8.56
C42 PCW I . -22.24 -19.06 8.20
C43 PCW I . -23.38 -19.06 9.20
C44 PCW I . -24.51 -19.88 8.59
C45 PCW I . -25.44 -20.51 9.59
C46 PCW I . -26.30 -21.60 9.02
C47 PCW I . -26.13 -22.96 9.64
C48 PCW I . -27.06 -23.98 8.98
N PCW I . -11.79 -17.19 23.82
O2 PCW I . -13.61 -16.35 15.49
O3 PCW I . -13.99 -19.16 15.07
O11 PCW I . -14.95 -20.53 16.62
O31 PCW I . -12.25 -14.84 14.36
O1P PCW I . -9.89 -17.53 18.96
O2P PCW I . -9.97 -15.03 18.92
O3P PCW I . -11.85 -16.40 17.83
O4P PCW I . -11.60 -16.19 20.23
P PCW I . -10.74 -16.29 18.98
C1 PCW J . 7.58 -31.86 -0.87
C2 PCW J . 7.77 -31.69 -2.44
C3 PCW J . 7.83 -33.12 -3.09
C4 PCW J . 8.54 -29.13 2.94
C5 PCW J . 9.35 -27.93 3.46
C6 PCW J . 10.27 -26.86 5.43
C7 PCW J . 11.57 -28.39 4.24
C8 PCW J . 9.88 -29.24 5.52
C11 PCW J . 9.14 -33.62 -5.04
C12 PCW J . 9.15 -33.46 -6.55
C13 PCW J . 10.51 -32.80 -6.98
C14 PCW J . 10.67 -32.55 -8.48
C15 PCW J . 9.76 -33.38 -9.43
C16 PCW J . 9.40 -32.56 -10.72
C17 PCW J . 8.60 -33.30 -11.84
C18 PCW J . 9.13 -33.02 -13.24
C19 PCW J . 10.24 -34.01 -13.67
C20 PCW J . 10.65 -34.19 -14.98
C21 PCW J . 10.21 -33.57 -16.26
C22 PCW J . 11.44 -33.63 -17.22
C23 PCW J . 12.04 -35.02 -17.54
C24 PCW J . 12.26 -35.36 -18.97
C25 PCW J . 11.86 -36.75 -19.54
C26 PCW J . 12.99 -37.69 -19.92
C27 PCW J . 12.69 -39.20 -19.97
C28 PCW J . 13.36 -39.82 -21.17
C31 PCW J . 6.67 -29.62 -2.87
C32 PCW J . 5.40 -28.99 -3.47
C33 PCW J . 5.46 -28.64 -5.03
C34 PCW J . 4.24 -29.15 -5.81
C35 PCW J . 4.21 -30.71 -5.57
C36 PCW J . 2.98 -31.16 -4.76
C37 PCW J . 2.90 -32.70 -4.49
C38 PCW J . 1.65 -33.30 -5.04
C39 PCW J . 1.56 -34.78 -4.79
C40 PCW J . 0.46 -35.49 -4.53
C41 PCW J . -0.95 -34.92 -4.47
C42 PCW J . -1.66 -35.21 -5.87
C43 PCW J . -1.25 -34.37 -7.07
C44 PCW J . -2.09 -34.86 -8.25
C45 PCW J . -1.44 -34.70 -9.61
C46 PCW J . -2.10 -35.51 -10.68
C47 PCW J . -1.64 -35.25 -12.09
C48 PCW J . -2.40 -36.13 -13.09
N PCW J . 10.22 -28.10 4.60
O2 PCW J . 6.60 -30.96 -3.00
O3 PCW J . 8.02 -33.03 -4.52
O11 PCW J . 9.97 -34.20 -4.40
O31 PCW J . 7.64 -28.98 -2.34
O1P PCW J . 9.20 -31.57 1.58
O2P PCW J . 10.15 -30.02 -0.14
O3P PCW J . 7.63 -30.61 -0.14
O4P PCW J . 8.64 -29.13 1.50
P PCW J . 8.98 -30.36 0.71
C1 PCW K . -9.71 -23.82 -30.32
C2 PCW K . -8.40 -24.66 -30.04
C3 PCW K . -7.22 -24.12 -30.93
C4 PCW K . -12.46 -26.49 -30.47
C5 PCW K . -13.50 -27.46 -31.04
C6 PCW K . -14.52 -29.75 -30.57
C7 PCW K . -14.98 -27.85 -29.08
C8 PCW K . -15.45 -28.03 -30.86
C11 PCW K . -4.85 -24.42 -31.11
C12 PCW K . -3.76 -25.36 -30.71
C13 PCW K . -3.33 -25.00 -29.25
C14 PCW K . -2.22 -25.86 -28.65
C15 PCW K . -2.09 -25.82 -27.11
C16 PCW K . -0.67 -25.32 -26.69
C17 PCW K . -0.05 -25.90 -25.37
C18 PCW K . 0.59 -24.84 -24.49
C19 PCW K . 1.60 -25.42 -23.48
C20 PCW K . 2.77 -24.74 -23.13
C21 PCW K . 3.34 -23.43 -23.54
C22 PCW K . 4.83 -23.45 -23.14
C23 PCW K . 5.78 -24.39 -23.93
C24 PCW K . 6.59 -25.36 -23.12
C25 PCW K . 8.08 -25.69 -23.48
C26 PCW K . 8.34 -26.15 -24.90
C27 PCW K . 9.81 -26.42 -25.31
C28 PCW K . 10.47 -25.15 -25.79
C31 PCW K . -7.64 -25.66 -28.04
C32 PCW K . -7.23 -25.35 -26.58
C33 PCW K . -5.86 -26.04 -26.11
C34 PCW K . -5.06 -25.20 -25.11
C35 PCW K . -4.80 -26.15 -23.88
C36 PCW K . -3.38 -25.96 -23.29
C37 PCW K . -3.05 -26.86 -22.06
C38 PCW K . -1.79 -27.63 -22.27
C39 PCW K . -1.44 -28.52 -21.10
C40 PCW K . -0.29 -28.56 -20.46
C41 PCW K . 0.91 -27.69 -20.80
C42 PCW K . 2.09 -28.06 -19.80
C43 PCW K . 2.19 -27.29 -18.50
C44 PCW K . 3.38 -27.84 -17.74
C45 PCW K . 3.47 -27.44 -16.29
C46 PCW K . 4.77 -27.81 -15.64
C47 PCW K . 5.37 -26.81 -14.67
C48 PCW K . 6.69 -27.33 -14.09
N PCW K . -14.17 -28.37 -30.17
O2 PCW K . -7.97 -24.51 -28.62
O3 PCW K . -6.05 -24.90 -30.66
O11 PCW K . -4.69 -23.41 -31.73
O31 PCW K . -7.68 -26.81 -28.56
O1P PCW K . -12.53 -23.60 -30.67
O2P PCW K . -12.34 -24.05 -33.12
O3P PCW K . -10.23 -23.98 -31.66
O4P PCW K . -11.81 -25.83 -31.59
P PCW K . -11.81 -24.32 -31.76
C1 PCW L . -32.55 -21.47 -6.15
C2 PCW L . -31.33 -21.55 -5.15
C3 PCW L . -31.82 -22.00 -3.73
C4 PCW L . -35.70 -21.16 -8.16
C5 PCW L . -37.08 -20.85 -7.58
C6 PCW L . -38.40 -20.46 -9.74
C7 PCW L . -39.50 -21.40 -7.76
C8 PCW L . -38.75 -19.72 -7.94
C11 PCW L . -30.81 -22.84 -1.72
C12 PCW L . -29.56 -22.70 -0.89
C13 PCW L . -29.87 -21.75 0.32
C14 PCW L . -28.71 -21.47 1.27
C15 PCW L . -27.89 -22.71 1.71
C16 PCW L . -26.36 -22.35 1.77
C17 PCW L . -25.48 -23.19 2.75
C18 PCW L . -24.44 -22.33 3.50
C19 PCW L . -24.90 -21.98 4.93
C20 PCW L . -24.24 -22.45 6.06
C21 PCW L . -23.05 -23.33 6.22
C22 PCW L . -22.95 -23.70 7.73
C23 PCW L . -22.28 -22.68 8.68
C24 PCW L . -22.51 -22.87 10.15
C25 PCW L . -21.96 -21.87 11.20
C26 PCW L . -21.86 -22.35 12.63
C27 PCW L . -20.80 -21.72 13.55
C28 PCW L . -19.74 -22.74 13.93
C31 PCW L . -29.36 -22.05 -6.37
C32 PCW L . -28.42 -23.21 -6.80
C33 PCW L . -26.88 -23.02 -6.42
C34 PCW L . -25.99 -22.68 -7.62
C35 PCW L . -25.85 -21.10 -7.59
C36 PCW L . -24.43 -20.62 -7.19
C37 PCW L . -24.25 -19.08 -7.15
C38 PCW L . -24.05 -18.49 -8.51
C39 PCW L . -23.88 -17.01 -8.48
C40 PCW L . -22.76 -16.32 -8.66
C41 PCW L . -21.41 -16.94 -8.94
C42 PCW L . -20.34 -16.29 -7.96
C43 PCW L . -20.18 -16.89 -6.57
C44 PCW L . -19.12 -16.08 -5.84
C45 PCW L . -17.75 -16.72 -5.80
C46 PCW L . -17.28 -17.06 -4.42
C47 PCW L . -17.09 -15.88 -3.49
C48 PCW L . -16.61 -16.34 -2.10
N PCW L . -38.25 -21.06 -8.39
O2 PCW L . -30.34 -22.56 -5.64
O3 PCW L . -30.70 -22.06 -2.83
O11 PCW L . -31.77 -23.50 -1.41
O31 PCW L . -29.20 -20.83 -6.68
O1P PCW L . -34.08 -23.44 -8.94
O2P PCW L . -34.59 -24.21 -6.61
O3P PCW L . -32.62 -22.60 -7.07
O4P PCW L . -34.97 -21.90 -7.16
P PCW L . -34.10 -23.10 -7.47
C1 PCW M . -7.73 -33.57 -31.35
C2 PCW M . -7.18 -33.83 -29.89
C3 PCW M . -6.50 -35.25 -29.86
C4 PCW M . -10.66 -34.30 -33.06
C5 PCW M . -9.94 -35.65 -33.14
C6 PCW M . -11.55 -36.75 -31.47
C7 PCW M . -9.80 -38.06 -32.57
C8 PCW M . -9.58 -36.66 -31.40
C11 PCW M . -6.02 -36.84 -28.10
C12 PCW M . -5.40 -36.91 -26.73
C13 PCW M . -6.44 -37.56 -25.75
C14 PCW M . -5.96 -37.71 -24.30
C15 PCW M . -6.81 -37.00 -23.21
C16 PCW M . -6.37 -37.44 -21.77
C17 PCW M . -5.94 -36.31 -20.78
C18 PCW M . -6.09 -36.71 -19.30
C19 PCW M . -5.29 -37.99 -18.93
C20 PCW M . -4.08 -37.95 -18.24
C21 PCW M . -3.26 -36.85 -17.69
C22 PCW M . -2.10 -37.51 -16.91
C23 PCW M . -0.68 -36.90 -17.05
C24 PCW M . -0.45 -35.56 -16.42
C25 PCW M . 0.98 -35.13 -15.95
C26 PCW M . 1.85 -34.46 -17.00
C27 PCW M . 3.28 -35.02 -17.20
C28 PCW M . 4.25 -34.31 -16.29
C31 PCW M . -6.63 -31.70 -28.97
C32 PCW M . -5.45 -30.76 -28.67
C33 PCW M . -5.31 -30.31 -27.14
C34 PCW M . -4.25 -29.22 -26.92
C35 PCW M . -3.63 -29.51 -25.49
C36 PCW M . -4.67 -29.86 -24.40
C37 PCW M . -4.08 -30.14 -22.98
C38 PCW M . -4.03 -31.60 -22.65
C39 PCW M . -3.47 -31.88 -21.28
C40 PCW M . -2.31 -32.46 -20.97
C41 PCW M . -1.31 -32.96 -22.00
C42 PCW M . 0.02 -32.08 -21.87
C43 PCW M . 1.00 -32.41 -20.75
C44 PCW M . 2.15 -31.42 -20.86
C45 PCW M . 3.46 -31.84 -20.23
C46 PCW M . 4.60 -31.90 -21.20
C47 PCW M . 5.58 -33.04 -21.03
C48 PCW M . 6.70 -32.97 -22.09
N PCW M . -10.52 -36.81 -32.55
O2 PCW M . -6.14 -32.81 -29.54
O3 PCW M . -5.97 -35.54 -28.55
O11 PCW M . -6.48 -37.77 -28.71
O31 PCW M . -7.85 -31.46 -28.71
O1P PCW M . -10.65 -31.99 -31.30
O2P PCW M . -9.59 -30.87 -33.27
O3P PCW M . -8.15 -32.21 -31.60
O4P PCW M . -9.65 -33.27 -33.22
P PCW M . -9.56 -32.03 -32.35
C1 17F N . -22.03 3.33 -26.65
N1 17F N . -24.28 2.31 -27.04
O1 17F N . -22.90 6.89 -27.00
P1 17F N . -21.85 5.86 -26.69
C2 17F N . -23.05 2.77 -27.66
O2 17F N . -20.95 5.46 -27.85
C3 17F N . -22.41 1.62 -28.45
O3 17F N . -22.44 4.54 -26.13
C4 17F N . -19.76 5.52 -25.14
O4 17F N . -21.36 1.78 -29.06
C5 17F N . -18.87 6.15 -24.03
O5 17F N . -22.95 0.44 -28.52
C6 17F N . -17.47 5.48 -24.04
O6 17F N . -20.84 6.35 -25.56
C7 17F N . -15.30 6.02 -23.34
O7 17F N . -16.58 6.00 -23.06
C8 17F N . -14.55 6.61 -22.14
O8 17F N . -14.71 5.66 -24.34
C9 17F N . -13.05 6.90 -22.43
O9 17F N . -18.77 7.58 -24.16
C10 17F N . -12.19 7.51 -21.26
O10 17F N . -20.65 7.98 -22.88
C11 17F N . -12.31 6.77 -19.88
C12 17F N . -11.40 7.43 -18.77
C17 17F N . -19.49 8.22 -23.26
C18 17F N . -18.75 9.38 -22.66
C19 17F N . -17.30 9.06 -22.22
C20 17F N . -16.96 9.67 -20.80
C1X 17F N . -11.54 6.67 -17.44
C1Y 17F N . -15.51 9.32 -20.39
C1Z 17F N . -14.90 10.41 -19.50
C2X 17F N . -10.62 7.30 -16.29
C21 17F N . -11.16 8.68 -15.76
C22 17F N . -12.14 8.81 -14.92
C23 17F N . -12.93 7.74 -14.29
C24 17F N . -13.46 8.08 -12.90
C25 17F N . -14.30 7.00 -12.22
C26 17F N . -15.43 6.30 -13.11
C27 17F N . -16.23 5.23 -12.42
C28 17F N . -17.27 4.68 -13.47
C29 17F N . -17.29 3.21 -13.41
C30 17F N . -18.24 2.56 -14.37
C31 17F N . -14.11 9.92 -18.24
C32 17F N . -13.52 11.05 -17.36
C33 17F N . -14.64 11.71 -16.57
C34 17F N . -14.47 12.72 -15.72
C35 17F N . -13.16 13.40 -15.36
C36 17F N . -12.57 14.30 -16.50
C37 17F N . -11.40 15.06 -15.97
C38 17F N . -10.02 14.53 -16.42
C39 17F N . -8.88 15.37 -15.85
C40 17F N . -7.53 14.87 -16.36
C41 17F N . -6.49 16.07 -16.41
C42 17F N . -5.01 15.75 -16.68
C1 PCW O . 3.86 -19.34 4.09
C2 PCW O . 2.83 -20.12 3.19
C3 PCW O . 2.65 -21.58 3.72
C4 PCW O . 5.59 -16.31 3.73
C5 PCW O . 6.92 -15.68 4.13
C6 PCW O . 7.56 -14.62 6.35
C7 PCW O . 8.26 -16.91 5.81
C8 PCW O . 8.75 -15.34 4.97
C11 PCW O . 2.18 -23.38 2.20
C12 PCW O . 1.05 -24.00 1.42
C13 PCW O . 1.23 -25.57 1.44
C14 PCW O . 0.17 -26.36 0.67
C15 PCW O . 0.70 -27.48 -0.26
C16 PCW O . -0.44 -28.47 -0.68
C17 PCW O . -0.11 -29.99 -0.67
C18 PCW O . -1.26 -30.87 -0.19
C19 PCW O . -2.30 -31.16 -1.31
C20 PCW O . -3.45 -30.40 -1.47
C21 PCW O . -3.97 -29.22 -0.74
C22 PCW O . -5.52 -29.29 -0.84
C23 PCW O . -6.33 -28.39 0.13
C24 PCW O . -7.60 -28.99 0.70
C25 PCW O . -8.81 -29.32 -0.22
C26 PCW O . -10.14 -29.50 0.47
C27 PCW O . -11.13 -30.52 -0.13
C28 PCW O . -12.49 -30.35 0.52
C31 PCW O . 1.25 -18.63 2.24
C32 PCW O . -0.14 -18.02 2.44
C33 PCW O . -1.27 -18.51 1.42
C34 PCW O . -1.28 -17.74 0.11
C35 PCW O . -1.96 -18.70 -0.94
C36 PCW O . -2.25 -18.02 -2.29
C37 PCW O . -2.92 -18.93 -3.37
C38 PCW O . -2.92 -18.30 -4.72
C39 PCW O . -3.57 -19.17 -5.77
C40 PCW O . -4.87 -19.25 -6.04
C41 PCW O . -5.94 -18.45 -5.33
C42 PCW O . -7.36 -19.02 -5.79
C43 PCW O . -8.59 -18.18 -5.55
C44 PCW O . -9.78 -18.98 -6.09
C45 PCW O . -10.51 -18.34 -7.24
C46 PCW O . -11.98 -18.11 -6.96
C47 PCW O . -12.75 -17.33 -8.00
C48 PCW O . -14.22 -17.16 -7.58
N PCW O . 7.42 -15.79 5.46
O2 PCW O . 1.50 -19.45 3.26
O3 PCW O . 1.71 -22.29 2.89
O11 PCW O . 3.31 -23.78 2.23
O31 PCW O . 2.02 -18.40 1.25
O1P PCW O . 2.70 -16.36 4.14
O2P PCW O . 3.35 -16.42 6.54
O3P PCW O . 3.25 -18.60 5.17
O4P PCW O . 5.04 -16.94 4.91
P PCW O . 3.54 -17.00 5.20
C1 PCW P . -2.56 -25.06 11.87
C2 PCW P . -2.76 -26.08 10.68
C3 PCW P . -4.10 -26.85 10.86
C4 PCW P . 1.39 -26.45 11.65
C5 PCW P . 1.26 -27.94 11.32
C6 PCW P . 2.09 -29.28 13.32
C7 PCW P . -0.05 -29.84 12.26
C8 PCW P . 1.63 -29.94 11.51
C11 PCW P . -5.46 -28.46 9.72
C12 PCW P . -5.51 -29.30 8.49
C13 PCW P . -5.85 -28.36 7.27
C14 PCW P . -5.96 -29.06 5.91
C15 PCW P . -7.39 -29.08 5.29
C16 PCW P . -7.81 -30.56 4.94
C17 PCW P . -7.99 -31.57 6.12
C18 PCW P . -8.17 -33.02 5.66
C19 PCW P . -6.87 -33.66 5.14
C20 PCW P . -6.80 -34.97 4.69
C21 PCW P . -7.81 -36.05 4.57
C22 PCW P . -8.27 -36.08 3.09
C23 PCW P . -9.79 -36.05 2.81
C24 PCW P . -10.50 -34.76 3.08
C25 PCW P . -11.00 -33.85 1.93
C26 PCW P . -12.35 -34.18 1.31
C27 PCW P . -12.42 -34.38 -0.21
C28 PCW P . -11.94 -35.77 -0.58
C31 PCW P . -1.71 -25.35 8.67
C32 PCW P . -1.96 -24.56 7.37
C33 PCW P . -0.89 -24.80 6.19
C34 PCW P . -1.39 -24.34 4.81
C35 PCW P . -1.38 -22.76 4.88
C36 PCW P . -2.46 -22.11 3.99
C37 PCW P . -2.50 -20.55 4.03
C38 PCW P . -3.90 -20.04 4.17
C39 PCW P . -3.99 -18.55 4.21
C40 PCW P . -5.06 -17.81 4.00
C41 PCW P . -6.43 -18.39 3.66
C42 PCW P . -7.49 -17.21 3.70
C43 PCW P . -8.88 -17.45 3.13
C44 PCW P . -9.67 -16.17 3.30
C45 PCW P . -10.27 -15.96 4.67
C46 PCW P . -11.20 -17.06 5.08
C47 PCW P . -10.96 -17.67 6.44
C48 PCW P . -11.99 -18.78 6.72
N PCW P . 1.02 -28.87 12.37
O2 PCW P . -2.85 -25.34 9.38
O3 PCW P . -4.29 -27.76 9.77
O11 PCW P . -6.33 -28.38 10.54
O31 PCW P . -0.63 -25.91 9.00
O1P PCW P . 0.94 -23.69 12.51
O2P PCW P . -0.62 -24.79 14.13
O3P PCW P . -1.39 -24.24 11.75
O4P PCW P . 0.13 -26.07 12.25
P PCW P . -0.18 -24.65 12.71
C1 PCW Q . 11.30 -9.12 -6.72
C2 PCW Q . 10.41 -8.56 -7.91
C3 PCW Q . 11.16 -7.39 -8.64
C4 PCW Q . 15.22 -7.23 -6.96
C5 PCW Q . 15.23 -6.57 -5.58
C6 PCW Q . 15.34 -7.96 -3.44
C7 PCW Q . 17.25 -6.61 -4.14
C8 PCW Q . 15.57 -6.02 -3.63
C11 PCW Q . 11.00 -6.28 -10.76
C12 PCW Q . 9.97 -5.72 -11.73
C13 PCW Q . 10.10 -4.15 -11.71
C14 PCW Q . 9.12 -3.39 -12.62
C15 PCW Q . 9.32 -3.56 -14.15
C16 PCW Q . 8.17 -2.81 -14.92
C17 PCW Q . 8.34 -2.62 -16.46
C18 PCW Q . 7.21 -3.27 -17.28
C19 PCW Q . 6.33 -2.22 -18.01
C20 PCW Q . 6.57 -1.83 -19.32
C21 PCW Q . 7.60 -2.22 -20.31
C22 PCW Q . 6.84 -2.57 -21.62
C23 PCW Q . 7.50 -2.15 -22.97
C24 PCW Q . 8.94 -1.75 -22.93
C25 PCW Q . 9.77 -1.62 -24.25
C26 PCW Q . 10.58 -0.35 -24.41
C27 PCW Q . 9.85 1.01 -24.24
C28 PCW Q . 10.61 2.07 -24.97
C31 PCW Q . 9.26 -10.54 -8.53
C32 PCW Q . 9.11 -11.60 -9.64
C33 PCW Q . 9.79 -13.01 -9.33
C34 PCW Q . 8.79 -14.11 -8.96
C35 PCW Q . 8.71 -15.05 -10.23
C36 PCW Q . 7.25 -15.38 -10.61
C37 PCW Q . 7.08 -16.31 -11.84
C38 PCW Q . 5.67 -16.34 -12.33
C39 PCW Q . 5.48 -17.23 -13.53
C40 PCW Q . 4.60 -18.21 -13.67
C41 PCW Q . 3.59 -18.62 -12.60
C42 PCW Q . 2.35 -19.31 -13.34
C43 PCW Q . 1.00 -19.34 -12.64
C44 PCW Q . 0.03 -20.05 -13.57
C45 PCW Q . -1.37 -20.19 -13.04
C46 PCW Q . -2.21 -21.19 -13.77
C47 PCW Q . -3.56 -20.71 -14.24
C48 PCW Q . -4.32 -21.83 -14.98
N PCW Q . 15.97 -7.17 -4.50
O2 PCW Q . 10.17 -9.65 -8.91
O3 PCW Q . 10.36 -6.87 -9.71
O11 PCW Q . 12.19 -6.17 -10.87
O31 PCW Q . 8.62 -10.54 -7.44
O1P PCW Q . 14.92 -10.25 -7.78
O2P PCW Q . 14.14 -9.45 -6.06
O3P PCW Q . 12.36 -10.01 -7.12
O4P PCW Q . 13.93 -7.87 -7.11
P PCW Q . 13.76 -9.31 -7.51
C1 PCW R . 14.36 -20.29 -8.32
C2 PCW R . 13.23 -19.63 -9.19
C3 PCW R . 13.29 -20.17 -10.66
C4 PCW R . 13.64 -17.07 -4.83
C5 PCW R . 13.60 -15.55 -4.99
C6 PCW R . 15.49 -14.92 -3.60
C7 PCW R . 13.33 -14.87 -2.70
C8 PCW R . 13.87 -13.22 -4.18
C11 PCW R . 12.60 -18.58 -12.33
C12 PCW R . 11.38 -18.09 -13.04
C13 PCW R . 10.74 -19.30 -13.80
C14 PCW R . 9.47 -18.99 -14.59
C15 PCW R . 8.16 -19.56 -13.97
C16 PCW R . 8.35 -21.04 -13.49
C17 PCW R . 7.14 -22.02 -13.60
C18 PCW R . 7.21 -22.95 -14.81
C19 PCW R . 5.87 -23.08 -15.55
C20 PCW R . 5.73 -23.82 -16.72
C21 PCW R . 6.70 -24.62 -17.52
C22 PCW R . 6.76 -23.95 -18.92
C23 PCW R . 8.13 -23.91 -19.63
C24 PCW R . 8.99 -25.14 -19.51
C25 PCW R . 10.53 -25.03 -19.48
C26 PCW R . 11.30 -25.97 -20.39
C27 PCW R . 11.83 -25.41 -21.73
C28 PCW R . 13.12 -26.11 -22.09
C31 PCW R . 11.01 -18.99 -8.65
C32 PCW R . 9.70 -19.51 -8.07
C33 PCW R . 8.37 -19.06 -8.86
C34 PCW R . 7.92 -20.08 -9.90
C35 PCW R . 6.34 -19.90 -10.00
C36 PCW R . 5.58 -21.23 -9.79
C37 PCW R . 4.03 -21.13 -9.87
C38 PCW R . 3.41 -22.39 -10.38
C39 PCW R . 1.91 -22.32 -10.47
C40 PCW R . 1.10 -23.10 -11.18
C41 PCW R . 1.59 -24.24 -12.07
C42 PCW R . 1.05 -23.97 -13.55
C43 PCW R . 2.06 -23.63 -14.64
C44 PCW R . 1.26 -23.43 -15.92
C45 PCW R . 0.55 -24.65 -16.44
C46 PCW R . -0.58 -24.33 -17.37
C47 PCW R . -0.81 -25.30 -18.50
C48 PCW R . -1.99 -24.88 -19.38
N PCW R . 14.06 -14.69 -3.92
O2 PCW R . 11.89 -19.99 -8.65
O3 PCW R . 12.25 -19.56 -11.44
O11 PCW R . 13.72 -18.18 -12.50
O31 PCW R . 11.22 -17.81 -9.06
O1P PCW R . 16.05 -18.50 -5.63
O2P PCW R . 15.40 -17.69 -7.90
O3P PCW R . 14.36 -19.85 -6.95
O4P PCW R . 13.74 -17.63 -6.17
P PCW R . 14.97 -18.39 -6.67
C1 PCW S . 6.92 2.43 -3.15
C2 PCW S . 5.90 1.53 -3.94
C3 PCW S . 5.98 0.05 -3.42
C4 PCW S . 5.76 0.84 0.00
C5 PCW S . 5.84 1.01 1.52
C6 PCW S . 6.78 -1.20 1.84
C7 PCW S . 6.47 0.20 3.68
C8 PCW S . 8.18 0.71 2.26
C11 PCW S . 5.01 -2.09 -3.85
C12 PCW S . 3.96 -2.76 -4.71
C13 PCW S . 2.76 -3.17 -3.76
C14 PCW S . 1.59 -3.87 -4.45
C15 PCW S . 0.42 -4.32 -3.52
C16 PCW S . -0.96 -4.13 -4.23
C17 PCW S . -1.97 -5.33 -4.17
C18 PCW S . -1.57 -6.53 -5.02
C19 PCW S . -2.68 -6.99 -5.98
C20 PCW S . -2.51 -8.02 -6.90
C21 PCW S . -1.35 -8.90 -7.19
C22 PCW S . -1.89 -10.36 -7.24
C23 PCW S . -1.06 -11.41 -8.03
C24 PCW S . -1.66 -11.92 -9.30
C25 PCW S . -0.80 -12.62 -10.39
C26 PCW S . -1.26 -12.47 -11.82
C27 PCW S . -2.62 -13.09 -12.23
C28 PCW S . -2.61 -14.57 -11.93
C31 PCW S . 4.06 2.84 -4.62
C32 PCW S . 2.62 3.23 -4.24
C33 PCW S . 2.18 4.73 -4.63
C34 PCW S . 2.18 5.00 -6.14
C35 PCW S . 0.66 5.14 -6.54
C36 PCW S . 0.37 6.44 -7.35
C37 PCW S . -1.12 6.64 -7.77
C38 PCW S . -1.47 8.08 -7.93
C39 PCW S . -2.89 8.31 -8.34
C40 PCW S . -3.33 8.79 -9.51
C41 PCW S . -2.43 9.19 -10.66
C42 PCW S . -1.82 7.87 -11.32
C43 PCW S . -2.65 7.13 -12.36
C44 PCW S . -1.84 5.93 -12.81
C45 PCW S . -2.06 4.67 -12.02
C46 PCW S . -0.86 3.77 -12.00
C47 PCW S . -1.15 2.28 -11.93
C48 PCW S . 0.15 1.48 -11.91
N PCW S . 6.77 0.22 2.28
O2 PCW S . 4.51 2.00 -3.69
O3 PCW S . 5.04 -0.76 -4.14
O11 PCW S . 5.69 -2.65 -3.04
O31 PCW S . 4.70 3.26 -5.63
O1P PCW S . 7.73 2.94 -0.35
O2P PCW S . 5.76 4.45 -0.05
O3P PCW S . 6.30 3.48 -2.37
O4P PCW S . 5.35 2.13 -0.56
P PCW S . 6.33 3.28 -0.77
C1 PCW T . -16.63 -9.55 21.06
C2 PCW T . -17.61 -9.69 19.84
C3 PCW T . -17.73 -8.32 19.10
C4 PCW T . -13.73 -8.44 18.78
C5 PCW T . -12.65 -8.62 17.72
C6 PCW T . -11.87 -6.70 16.22
C7 PCW T . -10.43 -7.55 18.00
C8 PCW T . -11.00 -8.45 16.50
C11 PCW T . -19.51 -7.45 17.75
C12 PCW T . -20.32 -7.78 16.52
C13 PCW T . -21.78 -8.13 16.97
C14 PCW T . -22.72 -8.49 15.82
C15 PCW T . -23.99 -7.59 15.66
C16 PCW T . -23.82 -6.60 14.46
C17 PCW T . -23.45 -5.11 14.82
C18 PCW T . -22.94 -4.31 13.62
C19 PCW T . -23.12 -2.79 13.80
C20 PCW T . -23.66 -1.99 12.81
C21 PCW T . -24.18 -2.29 11.45
C22 PCW T . -23.02 -2.00 10.45
C23 PCW T . -22.72 -0.52 10.10
C24 PCW T . -23.38 0.04 8.88
C25 PCW T . -23.17 1.53 8.46
C26 PCW T . -21.78 1.90 7.98
C27 PCW T . -20.76 2.39 9.03
C28 PCW T . -21.05 3.82 9.42
C31 PCW T . -17.49 -11.92 19.00
C32 PCW T . -16.84 -12.79 17.91
C33 PCW T . -17.42 -14.29 17.75
C34 PCW T . -18.94 -14.37 17.58
C35 PCW T . -19.31 -13.29 16.47
C36 PCW T . -20.82 -12.98 16.43
C37 PCW T . -21.26 -11.92 15.37
C38 PCW T . -22.54 -12.27 14.69
C39 PCW T . -22.95 -11.24 13.67
C40 PCW T . -23.96 -11.31 12.81
C41 PCW T . -24.91 -12.47 12.70
C42 PCW T . -25.96 -12.13 11.53
C43 PCW T . -25.63 -12.56 10.11
C44 PCW T . -26.78 -12.11 9.23
C45 PCW T . -27.71 -13.21 8.78
C46 PCW T . -28.90 -13.41 9.67
C47 PCW T . -30.13 -14.01 9.02
C48 PCW T . -31.26 -14.16 10.04
N PCW T . -11.74 -7.54 17.42
O2 PCW T . -17.06 -10.67 18.84
O3 PCW T . -18.62 -8.45 17.99
O11 PCW T . -19.62 -6.44 18.39
O31 PCW T . -18.29 -12.33 19.91
O1P PCW T . -14.03 -8.56 21.66
O2P PCW T . -13.00 -10.81 21.36
O3P PCW T . -15.53 -10.51 21.05
O4P PCW T . -13.90 -9.72 19.43
P PCW T . -14.06 -9.87 20.93
C1 PCW U . 9.24 -1.12 -6.41
C2 PCW U . 7.86 -1.58 -7.03
C3 PCW U . 7.19 -0.38 -7.81
C4 PCW U . 11.26 0.01 -3.17
C5 PCW U . 12.02 -0.16 -1.85
C6 PCW U . 13.15 0.64 0.11
C7 PCW U . 11.18 1.67 -0.56
C8 PCW U . 13.05 2.08 -1.80
C11 PCW U . 4.78 -0.21 -7.97
C12 PCW U . 3.63 -0.80 -8.74
C13 PCW U . 3.30 -2.22 -8.14
C14 PCW U . 2.14 -2.95 -8.82
C15 PCW U . 0.77 -2.90 -8.07
C16 PCW U . -0.15 -4.11 -8.47
C17 PCW U . -1.55 -4.22 -7.79
C18 PCW U . -2.63 -3.40 -8.48
C19 PCW U . -3.39 -4.21 -9.55
C20 PCW U . -3.91 -3.62 -10.70
C21 PCW U . -3.88 -2.22 -11.17
C22 PCW U . -3.51 -2.23 -12.68
C23 PCW U . -2.46 -1.20 -13.15
C24 PCW U . -1.63 -1.56 -14.34
C25 PCW U . -1.77 -0.77 -15.67
C26 PCW U . -1.51 0.73 -15.59
C27 PCW U . -2.69 1.68 -15.86
C28 PCW U . -2.19 3.09 -16.09
C31 PCW U . 7.18 -3.67 -7.92
C32 PCW U . 7.50 -4.71 -9.00
C33 PCW U . 6.48 -4.72 -10.24
C34 PCW U . 6.56 -6.00 -11.10
C35 PCW U . 6.32 -5.52 -12.59
C36 PCW U . 6.63 -6.60 -13.63
C37 PCW U . 6.40 -6.15 -15.12
C38 PCW U . 5.83 -7.24 -15.96
C39 PCW U . 5.60 -6.81 -17.38
C40 PCW U . 4.73 -7.30 -18.26
C41 PCW U . 3.77 -8.44 -17.95
C42 PCW U . 3.20 -8.98 -19.35
C43 PCW U . 1.69 -9.01 -19.56
C44 PCW U . 1.44 -9.56 -20.96
C45 PCW U . 0.03 -9.47 -21.46
C46 PCW U . -0.10 -9.07 -22.92
C47 PCW U . -1.37 -9.49 -23.63
C48 PCW U . -1.37 -9.03 -25.09
N PCW U . 12.34 1.00 -1.07
O2 PCW U . 8.06 -2.68 -8.03
O3 PCW U . 5.94 -0.82 -8.38
O11 PCW U . 4.70 0.66 -7.15
O31 PCW U . 6.24 -3.75 -7.07
O1P PCW U . 8.71 -1.30 -3.68
O2P PCW U . 10.08 -3.37 -3.43
O3P PCW U . 9.95 -2.16 -5.70
O4P PCW U . 11.23 -1.30 -3.80
P PCW U . 9.94 -2.05 -4.10
C1 PCW V . -8.61 -5.70 11.54
C2 PCW V . -10.14 -6.07 11.40
C3 PCW V . -10.70 -5.57 10.02
C4 PCW V . -6.85 -2.47 13.22
C5 PCW V . -6.61 -2.96 14.65
C6 PCW V . -6.13 -2.62 16.98
C7 PCW V . -8.04 -1.65 16.05
C8 PCW V . -6.03 -0.72 15.53
C11 PCW V . -12.93 -4.94 9.42
C12 PCW V . -14.33 -5.50 9.35
C13 PCW V . -15.01 -5.33 10.75
C14 PCW V . -16.45 -5.84 10.85
C15 PCW V . -17.57 -4.82 10.49
C16 PCW V . -18.77 -5.52 9.78
C17 PCW V . -20.20 -5.31 10.42
C18 PCW V . -21.34 -5.83 9.55
C19 PCW V . -22.71 -5.70 10.25
C20 PCW V . -23.54 -6.80 10.47
C21 PCW V . -23.38 -8.23 10.15
C22 PCW V . -24.66 -8.66 9.38
C23 PCW V . -26.01 -8.59 10.16
C24 PCW V . -27.22 -8.19 9.38
C25 PCW V . -28.60 -8.87 9.64
C26 PCW V . -29.63 -8.73 8.53
C27 PCW V . -29.24 -9.21 7.11
C28 PCW V . -29.74 -10.62 6.89
C31 PCW V . -10.30 -8.05 12.69
C32 PCW V . -10.48 -9.57 12.59
C33 PCW V . -11.25 -10.10 11.28
C34 PCW V . -12.20 -11.25 11.56
C35 PCW V . -12.16 -12.13 10.25
C36 PCW V . -12.76 -13.54 10.45
C37 PCW V . -12.74 -14.46 9.18
C38 PCW V . -13.90 -14.18 8.28
C39 PCW V . -13.89 -15.06 7.05
C40 PCW V . -14.21 -14.71 5.82
C41 PCW V . -14.65 -13.32 5.41
C42 PCW V . -15.74 -13.44 4.25
C43 PCW V . -15.45 -14.36 3.07
C44 PCW V . -16.66 -14.27 2.15
C45 PCW V . -17.61 -15.44 2.20
C46 PCW V . -17.11 -16.67 1.50
C47 PCW V . -18.13 -17.76 1.24
C48 PCW V . -17.48 -18.95 0.52
N PCW V . -6.69 -2.03 15.74
O2 PCW V . -10.32 -7.54 11.46
O3 PCW V . -12.09 -5.91 9.89
O11 PCW V . -12.61 -3.84 9.08
O31 PCW V . -10.15 -7.40 13.76
O1P PCW V . -7.63 -2.17 10.45
O2P PCW V . -9.88 -2.81 11.33
O3P PCW V . -8.16 -4.62 10.71
O4P PCW V . -7.97 -3.23 12.71
P PCW V . -8.44 -3.14 11.28
C1 PCW W . -8.65 12.67 9.43
C2 PCW W . -9.22 13.54 8.24
C3 PCW W . -8.94 12.82 6.87
C4 PCW W . -5.16 11.73 9.97
C5 PCW W . -5.46 10.24 10.08
C6 PCW W . -6.11 9.88 7.63
C7 PCW W . -5.37 8.00 9.01
C8 PCW W . -6.88 9.04 9.23
C11 PCW W . -8.67 13.79 4.67
C12 PCW W . -9.40 14.65 3.68
C13 PCW W . -9.89 13.75 2.49
C14 PCW W . -10.64 14.50 1.39
C15 PCW W . -11.10 13.63 0.17
C16 PCW W . -11.71 14.55 -0.95
C17 PCW W . -12.88 15.50 -0.55
C18 PCW W . -13.57 16.15 -1.76
C19 PCW W . -14.66 15.25 -2.38
C20 PCW W . -15.46 15.66 -3.42
C21 PCW W . -15.54 16.93 -4.19
C22 PCW W . -14.84 16.68 -5.56
C23 PCW W . -15.72 16.17 -6.74
C24 PCW W . -16.91 16.99 -7.11
C25 PCW W . -16.77 18.24 -8.03
C26 PCW W . -17.24 19.56 -7.46
C27 PCW W . -16.49 20.12 -6.22
C28 PCW W . -17.39 20.03 -5.01
C31 PCW W . -11.10 14.94 8.61
C32 PCW W . -12.63 14.92 8.72
C33 PCW W . -13.39 13.87 7.78
C34 PCW W . -14.89 13.76 8.06
C35 PCW W . -15.59 14.60 6.92
C36 PCW W . -16.83 13.89 6.33
C37 PCW W . -17.56 14.67 5.20
C38 PCW W . -17.65 13.88 3.93
C39 PCW W . -18.35 14.64 2.84
C40 PCW W . -19.36 14.22 2.09
C41 PCW W . -20.01 12.85 2.22
C42 PCW W . -21.55 13.07 2.61
C43 PCW W . -22.59 12.81 1.55
C44 PCW W . -23.95 13.10 2.20
C45 PCW W . -24.64 14.34 1.72
C46 PCW W . -25.73 14.07 0.71
C47 PCW W . -26.13 15.21 -0.19
C48 PCW W . -27.24 14.77 -1.16
N PCW W . -5.48 9.43 8.89
O2 PCW W . -10.69 13.69 8.37
O3 PCW W . -9.45 13.62 5.79
O11 PCW W . -7.57 13.32 4.52
O31 PCW W . -10.36 15.95 8.73
O1P PCW W . -6.23 14.36 9.33
O2P PCW W . -6.28 14.60 11.82
O3P PCW W . -8.22 13.44 10.57
O4P PCW W . -6.04 12.40 10.90
P PCW W . -6.64 13.77 10.65
C1 PCW X . 3.39 6.14 2.05
C2 PCW X . 1.84 5.98 1.79
C3 PCW X . 1.26 7.32 1.23
C4 PCW X . 5.76 8.60 1.35
C5 PCW X . 6.04 7.72 0.13
C6 PCW X . 4.33 6.89 -1.57
C7 PCW X . 5.73 8.84 -2.07
C8 PCW X . 6.27 7.08 -1.80
C11 PCW X . -0.93 8.31 1.20
C12 PCW X . -2.36 8.00 0.86
C13 PCW X . -3.19 7.99 2.20
C14 PCW X . -4.68 7.70 2.03
C15 PCW X . -5.10 6.22 2.29
C16 PCW X . -6.25 5.80 1.33
C17 PCW X . -6.12 4.40 0.63
C18 PCW X . -7.48 3.80 0.27
C19 PCW X . -7.87 2.64 1.20
C20 PCW X . -9.18 2.21 1.34
C21 PCW X . -10.44 2.66 0.71
C22 PCW X . -11.59 2.26 1.68
C23 PCW X . -13.05 2.55 1.23
C24 PCW X . -13.84 1.39 0.70
C25 PCW X . -14.86 0.65 1.61
C26 PCW X . -14.31 -0.02 2.85
C27 PCW X . -14.11 -1.55 2.82
C28 PCW X . -12.83 -1.92 3.51
C31 PCW X . 1.98 3.69 1.11
C32 PCW X . 1.67 2.74 -0.04
C33 PCW X . 0.92 1.38 0.35
C34 PCW X . 1.07 0.27 -0.68
C35 PCW X . 0.21 0.72 -1.92
C36 PCW X . -1.16 0.01 -1.98
C37 PCW X . -2.07 0.41 -3.18
C38 PCW X . -3.06 1.46 -2.82
C39 PCW X . -3.95 1.84 -3.98
C40 PCW X . -5.25 2.12 -3.94
C41 PCW X . -6.11 2.10 -2.70
C42 PCW X . -7.47 1.33 -3.04
C43 PCW X . -8.51 2.04 -3.88
C44 PCW X . -9.68 1.09 -4.04
C45 PCW X . -10.65 1.44 -5.14
C46 PCW X . -11.87 0.57 -5.18
C47 PCW X . -13.21 1.28 -5.17
C48 PCW X . -14.37 0.27 -5.21
N PCW X . 5.28 7.90 -1.07
O2 PCW X . 1.61 4.92 0.75
O3 PCW X . -0.15 7.21 0.97
O11 PCW X . -0.52 9.37 1.59
O31 PCW X . 2.50 3.35 2.21
O1P PCW X . 3.69 9.03 3.35
O2P PCW X . 5.33 7.92 4.85
O3P PCW X . 3.72 6.51 3.41
O4P PCW X . 5.65 7.70 2.49
P PCW X . 4.59 7.86 3.57
C1 PCW Y . 15.03 -12.93 -9.22
C2 PCW Y . 15.24 -12.14 -10.58
C3 PCW Y . 16.39 -12.80 -11.43
C4 PCW Y . 19.38 -14.35 -7.78
C5 PCW Y . 19.73 -14.32 -9.27
C6 PCW Y . 21.69 -12.92 -9.15
C7 PCW Y . 21.27 -14.13 -11.11
C8 PCW Y . 21.99 -15.31 -9.28
C11 PCW Y . 17.86 -11.78 -13.05
C12 PCW Y . 17.82 -11.04 -14.36
C13 PCW Y . 18.32 -9.57 -14.10
C14 PCW Y . 18.34 -8.67 -15.34
C15 PCW Y . 16.99 -8.01 -15.72
C16 PCW Y . 17.18 -6.48 -15.96
C17 PCW Y . 16.87 -5.93 -17.40
C18 PCW Y . 16.98 -4.41 -17.51
C19 PCW Y . 15.70 -3.75 -18.06
C20 PCW Y . 15.31 -3.88 -19.39
C21 PCW Y . 15.92 -4.58 -20.55
C22 PCW Y . 14.74 -5.13 -21.42
C23 PCW Y . 15.05 -6.34 -22.34
C24 PCW Y . 13.93 -6.81 -23.22
C25 PCW Y . 13.99 -8.20 -23.94
C26 PCW Y . 12.96 -8.46 -25.03
C27 PCW Y . 13.45 -9.09 -26.35
C28 PCW Y . 12.32 -9.14 -27.36
C31 PCW Y . 13.04 -11.37 -11.00
C32 PCW Y . 11.83 -11.55 -11.93
C33 PCW Y . 11.01 -10.21 -12.25
C34 PCW Y . 10.39 -10.18 -13.64
C35 PCW Y . 10.56 -8.69 -14.14
C36 PCW Y . 9.73 -8.39 -15.41
C37 PCW Y . 9.85 -6.93 -15.97
C38 PCW Y . 9.85 -6.90 -17.46
C39 PCW Y . 9.97 -5.51 -18.03
C40 PCW Y . 9.58 -5.11 -19.23
C41 PCW Y . 8.91 -6.01 -20.25
C42 PCW Y . 9.37 -5.56 -21.71
C43 PCW Y . 9.83 -6.64 -22.67
C44 PCW Y . 10.20 -5.96 -23.97
C45 PCW Y . 9.85 -6.73 -25.22
C46 PCW Y . 8.78 -6.09 -26.05
C47 PCW Y . 9.23 -4.95 -26.95
C48 PCW Y . 8.05 -4.38 -27.75
N PCW Y . 21.09 -14.17 -9.68
O2 PCW Y . 14.00 -12.21 -11.41
O3 PCW Y . 16.58 -12.08 -12.66
O11 PCW Y . 18.85 -12.07 -12.45
O31 PCW Y . 13.09 -10.58 -10.02
O1P PCW Y . 17.38 -12.24 -7.52
O2P PCW Y . 16.10 -14.04 -6.33
O3P PCW Y . 16.05 -13.90 -8.91
O4P PCW Y . 17.98 -14.68 -7.67
P PCW Y . 16.87 -13.66 -7.54
C1 PCW Z . -3.78 -22.15 14.57
C2 PCW Z . -5.18 -21.88 13.88
C3 PCW Z . -5.31 -20.37 13.46
C4 PCW Z . -1.43 -20.05 11.34
C5 PCW Z . -1.13 -20.42 9.89
C6 PCW Z . -3.46 -19.85 9.06
C7 PCW Z . -1.63 -20.20 7.47
C8 PCW Z . -2.37 -21.44 8.63
C11 PCW Z . -7.73 -20.61 13.32
C12 PCW Z . -8.86 -20.25 12.40
C13 PCW Z . -8.43 -20.59 10.92
C14 PCW Z . -9.48 -20.28 9.85
C15 PCW Z . -9.21 -20.88 8.44
C16 PCW Z . -7.91 -20.28 7.83
C17 PCW Z . -7.60 -20.59 6.33
C18 PCW Z . -8.79 -20.32 5.40
C19 PCW Z . -9.07 -21.48 4.43
C20 PCW Z . -10.36 -21.88 4.12
C21 PCW Z . -11.69 -21.40 4.55
C22 PCW Z . -12.67 -22.59 4.38
C23 PCW Z . -13.68 -22.85 5.54
C24 PCW Z . -15.07 -23.26 5.16
C25 PCW Z . -15.84 -22.56 3.99
C26 PCW Z . -17.28 -22.18 4.28
C27 PCW Z . -18.25 -22.05 3.08
C28 PCW Z . -18.72 -23.42 2.64
C31 PCW Z . -6.10 -23.76 12.77
C32 PCW Z . -6.19 -24.50 11.42
C33 PCW Z . -6.07 -23.57 10.13
C34 PCW Z . -7.24 -23.73 9.16
C35 PCW Z . -6.61 -24.43 7.88
C36 PCW Z . -5.59 -23.54 7.15
C37 PCW Z . -4.96 -24.20 5.89
C38 PCW Z . -5.95 -24.32 4.79
C39 PCW Z . -5.38 -24.96 3.56
C40 PCW Z . -5.93 -25.00 2.35
C41 PCW Z . -7.28 -24.40 2.01
C42 PCW Z . -8.40 -25.50 2.25
C43 PCW Z . -9.61 -25.11 3.06
C44 PCW Z . -10.49 -26.35 3.12
C45 PCW Z . -11.97 -26.07 3.24
C46 PCW Z . -12.62 -25.72 1.94
C47 PCW Z . -14.09 -25.42 1.98
C48 PCW Z . -14.64 -25.07 0.59
N PCW Z . -2.02 -20.00 8.86
O2 PCW Z . -5.32 -22.70 12.62
O3 PCW Z . -6.56 -20.12 12.80
O11 PCW Z . -7.84 -21.24 14.32
O31 PCW Z . -6.68 -24.13 13.83
O1P PCW Z . -2.00 -20.06 14.20
O2P PCW Z . -0.28 -21.87 14.24
O3P PCW Z . -2.71 -22.42 13.65
O4P PCW Z . -1.24 -21.25 12.12
P PCW Z . -1.51 -21.35 13.61
C1 PCW AA . -7.53 19.51 4.93
C2 PCW AA . -8.68 18.44 4.78
C3 PCW AA . -9.66 18.53 6.01
C4 PCW AA . -5.26 18.27 8.38
C5 PCW AA . -6.32 17.93 9.42
C6 PCW AA . -5.65 18.07 11.88
C7 PCW AA . -7.39 19.53 10.98
C8 PCW AA . -7.43 17.69 11.13
C11 PCW AA . -11.94 17.96 5.47
C12 PCW AA . -12.87 16.78 5.46
C13 PCW AA . -12.70 16.00 4.11
C14 PCW AA . -13.59 14.76 3.96
C15 PCW AA . -14.11 14.45 2.53
C16 PCW AA . -14.06 12.91 2.25
C17 PCW AA . -15.07 12.35 1.18
C18 PCW AA . -14.41 11.45 0.13
C19 PCW AA . -15.07 11.60 -1.26
C20 PCW AA . -15.28 10.51 -2.10
C21 PCW AA . -14.99 9.05 -1.96
C22 PCW AA . -15.58 8.36 -3.21
C23 PCW AA . -16.88 7.53 -3.01
C24 PCW AA . -18.07 7.94 -3.85
C25 PCW AA . -19.49 7.42 -3.51
C26 PCW AA . -20.41 7.13 -4.68
C27 PCW AA . -20.63 5.65 -5.08
C28 PCW AA . -21.44 5.57 -6.35
C31 PCW AA . -8.92 18.35 2.42
C32 PCW AA . -9.86 18.73 1.26
C33 PCW AA . -10.07 17.58 0.16
C34 PCW AA . -9.35 17.86 -1.15
C35 PCW AA . -10.42 18.58 -2.07
C36 PCW AA . -10.75 17.77 -3.35
C37 PCW AA . -11.81 18.43 -4.29
C38 PCW AA . -11.19 18.98 -5.54
C39 PCW AA . -12.20 19.63 -6.45
C40 PCW AA . -12.58 19.25 -7.66
C41 PCW AA . -12.02 18.04 -8.39
C42 PCW AA . -12.76 17.94 -9.81
C43 PCW AA . -14.05 17.15 -9.91
C44 PCW AA . -14.50 17.24 -11.36
C45 PCW AA . -15.64 18.18 -11.61
C46 PCW AA . -16.99 17.51 -11.67
C47 PCW AA . -18.17 18.39 -11.97
C48 PCW AA . -19.47 17.57 -11.99
N PCW AA . -6.33 18.60 10.68
O2 PCW AA . -9.49 18.73 3.57
O3 PCW AA . -10.70 17.55 5.89
O11 PCW AA . -12.24 19.08 5.18
O31 PCW AA . -7.80 17.78 2.30
O1P PCW AA . -3.86 19.00 5.93
O2P PCW AA . -5.26 21.06 6.11
O3P PCW AA . -6.21 18.94 5.01
O4P PCW AA . -5.90 19.15 7.41
P PCW AA . -5.24 19.58 6.11
C1 PCW BA . 3.88 20.16 -3.05
C2 PCW BA . 2.47 20.32 -3.76
C3 PCW BA . 1.63 21.45 -3.08
C4 PCW BA . 4.83 17.02 0.59
C5 PCW BA . 4.48 15.53 0.65
C6 PCW BA . 4.96 15.11 2.98
C7 PCW BA . 6.56 14.60 1.36
C8 PCW BA . 4.76 13.22 1.49
C11 PCW BA . -0.63 20.70 -3.41
C12 PCW BA . -1.87 21.02 -4.20
C13 PCW BA . -2.92 21.67 -3.22
C14 PCW BA . -4.26 22.06 -3.87
C15 PCW BA . -5.03 23.22 -3.19
C16 PCW BA . -6.45 23.41 -3.82
C17 PCW BA . -6.56 24.35 -5.07
C18 PCW BA . -7.92 24.28 -5.76
C19 PCW BA . -8.22 22.90 -6.40
C20 PCW BA . -9.46 22.60 -6.95
C21 PCW BA . -10.70 23.39 -7.07
C22 PCW BA . -11.56 23.10 -5.80
C23 PCW BA . -11.65 24.22 -4.73
C24 PCW BA . -13.00 24.48 -4.12
C25 PCW BA . -13.16 25.37 -2.85
C26 PCW BA . -14.28 26.40 -2.88
C27 PCW BA . -15.70 25.93 -3.23
C28 PCW BA . -16.30 26.82 -4.29
C31 PCW BA . 2.16 19.82 -6.06
C32 PCW BA . 2.41 20.35 -7.48
C33 PCW BA . 1.47 21.58 -7.92
C34 PCW BA . -0.02 21.21 -8.00
C35 PCW BA . -0.33 21.01 -9.53
C36 PCW BA . -1.68 20.30 -9.76
C37 PCW BA . -2.07 20.05 -11.25
C38 PCW BA . -3.49 20.40 -11.53
C39 PCW BA . -3.89 20.15 -12.96
C40 PCW BA . -4.38 21.04 -13.82
C41 PCW BA . -4.64 22.50 -13.47
C42 PCW BA . -5.48 23.16 -14.66
C43 PCW BA . -6.90 23.62 -14.39
C44 PCW BA . -7.44 24.20 -15.68
C45 PCW BA . -8.74 23.61 -16.17
C46 PCW BA . -8.56 22.42 -17.07
C47 PCW BA . -9.83 21.80 -17.62
C48 PCW BA . -9.50 20.60 -18.52
N PCW BA . 5.15 14.66 1.58
O2 PCW BA . 2.65 20.70 -5.19
O3 PCW BA . 0.37 21.57 -3.74
O11 PCW BA . -0.53 19.82 -2.59
O31 PCW BA . 1.60 18.72 -5.78
O1P PCW BA . 5.19 19.80 -0.23
O2P PCW BA . 2.71 19.81 -0.23
O3P PCW BA . 4.00 18.94 -2.29
O4P PCW BA . 3.83 17.68 -0.22
P PCW BA . 3.94 19.12 -0.69
C1 PCW CA . -11.52 -1.43 17.48
C2 PCW CA . -12.48 -1.79 16.29
C3 PCW CA . -11.65 -2.34 15.08
C4 PCW CA . -13.62 2.04 17.88
C5 PCW CA . -14.13 1.94 16.45
C6 PCW CA . -16.24 3.28 16.97
C7 PCW CA . -15.70 2.63 14.66
C8 PCW CA . -16.11 1.54 16.09
C11 PCW CA . -13.04 -1.66 13.25
C12 PCW CA . -13.91 -2.24 12.17
C13 PCW CA . -14.97 -1.16 11.74
C14 PCW CA . -15.93 -1.61 10.62
C15 PCW CA . -15.66 -1.04 9.21
C16 PCW CA . -16.98 -0.91 8.39
C17 PCW CA . -17.61 -2.23 7.83
C18 PCW CA . -18.77 -2.00 6.87
C19 PCW CA . -20.09 -1.65 7.60
C20 PCW CA . -21.29 -2.29 7.33
C21 PCW CA . -21.67 -3.36 6.38
C22 PCW CA . -23.04 -3.92 6.86
C23 PCW CA . -24.31 -3.40 6.12
C24 PCW CA . -25.56 -4.20 6.29
C25 PCW CA . -25.94 -5.34 5.30
C26 PCW CA . -26.44 -6.63 5.91
C27 PCW CA . -25.60 -7.90 5.68
C28 PCW CA . -26.25 -8.76 4.61
C31 PCW CA . -14.64 -2.42 16.99
C32 PCW CA . -15.51 -3.63 17.40
C33 PCW CA . -15.24 -4.99 16.59
C34 PCW CA . -16.24 -5.21 15.45
C35 PCW CA . -15.85 -6.62 14.82
C36 PCW CA . -16.90 -7.72 15.13
C37 PCW CA . -16.58 -9.12 14.55
C38 PCW CA . -16.68 -9.15 13.05
C39 PCW CA . -16.39 -10.50 12.46
C40 PCW CA . -17.16 -11.59 12.50
C41 PCW CA . -18.52 -11.64 13.16
C42 PCW CA . -19.64 -11.84 12.03
C43 PCW CA . -20.01 -10.65 11.19
C44 PCW CA . -21.07 -11.11 10.21
C45 PCW CA . -20.56 -11.65 8.90
C46 PCW CA . -21.61 -11.71 7.83
C47 PCW CA . -21.81 -10.46 7.01
C48 PCW CA . -22.90 -10.66 5.95
N PCW CA . -15.23 2.74 16.03
O2 PCW CA . -13.42 -2.87 16.70
O3 PCW CA . -12.53 -2.68 14.00
O11 PCW CA . -12.82 -0.49 13.42
O31 PCW CA . -15.03 -1.22 16.94
O1P PCW CA . -13.13 0.57 20.32
O2P PCW CA . -10.74 0.77 19.62
O3P PCW CA . -12.20 -1.15 18.71
O4P PCW CA . -12.45 1.18 17.98
P PCW CA . -12.11 0.38 19.23
C1 PCW DA . -0.23 13.99 0.07
C2 PCW DA . -1.74 13.74 -0.32
C3 PCW DA . -2.67 14.75 0.43
C4 PCW DA . -0.69 14.57 4.18
C5 PCW DA . -0.48 15.26 5.53
C6 PCW DA . -1.11 15.47 8.00
C7 PCW DA . -1.36 13.33 6.84
C8 PCW DA . 0.21 14.26 7.19
C11 PCW DA . -4.99 15.34 0.54
C12 PCW DA . -6.33 14.87 0.03
C13 PCW DA . -6.38 15.04 -1.53
C14 PCW DA . -7.69 14.61 -2.19
C15 PCW DA . -7.76 13.13 -2.65
C16 PCW DA . -8.92 12.93 -3.69
C17 PCW DA . -10.06 11.92 -3.32
C18 PCW DA . -11.46 12.45 -3.63
C19 PCW DA . -12.33 11.41 -4.39
C20 PCW DA . -13.13 11.76 -5.48
C21 PCW DA . -13.38 13.04 -6.17
C22 PCW DA . -12.16 13.30 -7.10
C23 PCW DA . -12.40 14.15 -8.38
C24 PCW DA . -12.15 13.49 -9.70
C25 PCW DA . -11.70 14.30 -10.95
C26 PCW DA . -10.32 14.94 -10.89
C27 PCW DA . -9.70 15.41 -12.23
C28 PCW DA . -9.98 16.88 -12.44
C31 PCW DA . -2.52 12.97 -2.43
C32 PCW DA . -2.64 13.36 -3.92
C33 PCW DA . -3.84 14.36 -4.29
C34 PCW DA . -4.79 13.81 -5.34
C35 PCW DA . -3.89 13.36 -6.57
C36 PCW DA . -4.00 14.33 -7.77
C37 PCW DA . -3.13 13.96 -9.02
C38 PCW DA . -1.70 14.38 -8.86
C39 PCW DA . -0.85 14.03 -10.05
C40 PCW DA . -0.16 14.87 -10.81
C41 PCW DA . -0.11 16.37 -10.60
C42 PCW DA . -0.08 17.12 -12.01
C43 PCW DA . 0.56 16.42 -13.20
C44 PCW DA . 0.44 17.38 -14.38
C45 PCW DA . -0.50 16.94 -15.47
C46 PCW DA . 0.11 16.98 -16.85
C47 PCW DA . 0.88 15.76 -17.28
C48 PCW DA . 1.44 15.94 -18.71
N PCW DA . -1.12 14.75 6.71
O2 PCW DA . -1.92 13.97 -1.79
O3 PCW DA . -4.03 14.50 0.05
O11 PCW DA . -4.80 16.28 1.25
O31 PCW DA . -2.92 11.89 -1.91
O1P PCW DA . 1.36 13.75 2.28
O2P PCW DA . 1.88 16.18 2.23
O3P PCW DA . 0.03 15.24 0.75
O4P PCW DA . -0.23 15.49 3.16
P PCW DA . 0.84 15.15 2.13
C1 PCW EA . 12.90 0.00 -11.12
C2 PCW EA . 12.88 0.06 -12.71
C3 PCW EA . 11.42 0.35 -13.19
C4 PCW EA . 17.26 1.60 -10.88
C5 PCW EA . 17.52 2.90 -10.12
C6 PCW EA . 19.07 4.89 -10.47
C7 PCW EA . 16.90 4.78 -11.60
C8 PCW EA . 17.23 4.89 -9.78
C11 PCW EA . 11.68 -0.68 -15.35
C12 PCW EA . 11.52 -0.38 -16.83
C13 PCW EA . 12.36 0.90 -17.19
C14 PCW EA . 12.30 1.33 -18.66
C15 PCW EA . 12.18 2.86 -18.91
C16 PCW EA . 11.43 3.15 -20.27
C17 PCW EA . 10.64 4.50 -20.40
C18 PCW EA . 9.12 4.31 -20.42
C19 PCW EA . 8.52 4.42 -21.85
C20 PCW EA . 7.44 3.65 -22.25
C21 PCW EA . 6.63 2.62 -21.57
C22 PCW EA . 5.83 1.87 -22.67
C23 PCW EA . 4.33 1.59 -22.40
C24 PCW EA . 3.99 0.20 -21.95
C25 PCW EA . 2.71 -0.07 -21.11
C26 PCW EA . 2.78 0.29 -19.64
C27 PCW EA . 2.00 -0.60 -18.64
C28 PCW EA . 2.26 -0.17 -17.23
C31 PCW EA . 14.98 0.84 -13.47
C32 PCW EA . 15.72 2.09 -13.98
C33 PCW EA . 15.88 2.20 -15.57
C34 PCW EA . 16.23 0.88 -16.24
C35 PCW EA . 16.33 1.18 -17.79
C36 PCW EA . 17.08 0.06 -18.56
C37 PCW EA . 17.21 0.28 -20.10
C38 PCW EA . 16.63 -0.85 -20.87
C39 PCW EA . 16.74 -0.67 -22.36
C40 PCW EA . 15.88 -1.09 -23.29
C41 PCW EA . 14.60 -1.84 -22.98
C42 PCW EA . 13.92 -2.25 -24.37
C43 PCW EA . 13.02 -3.47 -24.40
C44 PCW EA . 12.53 -3.62 -25.83
C45 PCW EA . 12.88 -4.92 -26.50
C46 PCW EA . 13.16 -4.80 -27.97
C47 PCW EA . 13.93 -5.94 -28.60
C48 PCW EA . 14.14 -5.70 -30.10
N PCW EA . 17.90 4.07 -10.84
O2 PCW EA . 13.73 1.18 -13.21
O3 PCW EA . 11.37 0.43 -14.63
O11 PCW EA . 11.99 -1.75 -14.89
O31 PCW EA . 15.50 -0.31 -13.32
O1P PCW EA . 14.46 2.28 -10.59
O2P PCW EA . 14.68 1.13 -8.39
O3P PCW EA . 14.22 -0.23 -10.54
O4P PCW EA . 16.38 0.78 -10.06
P PCW EA . 14.91 1.07 -9.86
C1 PCW FA . 11.95 5.79 -9.29
C2 PCW FA . 11.69 5.51 -10.82
C3 PCW FA . 12.03 4.04 -11.18
C4 PCW FA . 12.95 9.00 -6.30
C5 PCW FA . 12.78 10.39 -5.69
C6 PCW FA . 11.39 11.93 -7.15
C7 PCW FA . 10.80 11.60 -4.79
C8 PCW FA . 12.32 12.38 -5.48
C11 PCW FA . 12.76 4.18 -13.47
C12 PCW FA . 12.28 3.91 -14.88
C13 PCW FA . 11.14 4.94 -15.21
C14 PCW FA . 10.53 4.82 -16.61
C15 PCW FA . 9.12 4.16 -16.66
C16 PCW FA . 8.01 5.24 -16.87
C17 PCW FA . 6.59 4.74 -17.33
C18 PCW FA . 5.46 5.19 -16.40
C19 PCW FA . 4.31 4.16 -16.32
C20 PCW FA . 3.18 4.23 -17.12
C21 PCW FA . 2.76 5.20 -18.18
C22 PCW FA . 2.99 4.49 -19.55
C23 PCW FA . 1.83 4.54 -20.58
C24 PCW FA . 1.01 3.29 -20.73
C25 PCW FA . -0.40 3.17 -20.08
C26 PCW FA . -0.87 1.77 -19.76
C27 PCW FA . -2.10 1.22 -20.52
C28 PCW FA . -1.70 0.05 -21.41
C31 PCW FA . 10.01 6.69 -12.03
C32 PCW FA . 8.49 6.79 -12.24
C33 PCW FA . 8.04 6.95 -13.77
C34 PCW FA . 6.89 7.93 -13.95
C35 PCW FA . 7.42 9.04 -14.97
C36 PCW FA . 6.75 8.95 -16.36
C37 PCW FA . 7.22 10.03 -17.39
C38 PCW FA . 6.13 10.38 -18.35
C39 PCW FA . 6.56 11.42 -19.35
C40 PCW FA . 5.87 11.83 -20.42
C41 PCW FA . 4.50 11.31 -20.81
C42 PCW FA . 4.08 11.95 -22.20
C43 PCW FA . 2.85 11.39 -22.90
C44 PCW FA . 2.67 12.18 -24.20
C45 PCW FA . 1.35 11.98 -24.88
C46 PCW FA . 1.27 10.74 -25.73
C47 PCW FA . 0.27 9.70 -25.28
C48 PCW FA . 0.31 8.48 -26.23
N PCW FA . 11.59 11.15 -5.92
O2 PCW FA . 10.24 5.74 -11.13
O3 PCW FA . 11.79 3.82 -12.58
O11 PCW FA . 13.81 4.68 -13.18
O31 PCW FA . 10.89 7.38 -12.63
O1P PCW FA . 13.88 7.70 -8.71
O2P PCW FA . 12.29 9.28 -9.82
O3P PCW FA . 11.43 7.05 -8.84
O4P PCW FA . 12.08 8.93 -7.46
P PCW FA . 12.49 8.26 -8.76
C1 PCW GA . 3.93 -11.09 0.63
C2 PCW GA . 2.64 -11.07 -0.27
C3 PCW GA . 2.98 -11.59 -1.70
C4 PCW GA . 3.81 -7.78 1.84
C5 PCW GA . 4.88 -6.73 2.10
C6 PCW GA . 4.49 -4.53 3.34
C7 PCW GA . 5.60 -6.41 4.45
C8 PCW GA . 6.19 -5.45 2.98
C11 PCW GA . 1.54 -10.43 -3.23
C12 PCW GA . 0.27 -10.61 -4.00
C13 PCW GA . -0.90 -9.99 -3.16
C14 PCW GA . -2.29 -10.10 -3.81
C15 PCW GA . -3.48 -9.67 -2.90
C16 PCW GA . -4.30 -10.93 -2.40
C17 PCW GA . -4.73 -11.99 -3.47
C18 PCW GA . -6.00 -11.60 -4.23
C19 PCW GA . -6.73 -12.82 -4.83
C20 PCW GA . -8.07 -12.76 -5.21
C21 PCW GA . -9.05 -11.66 -5.18
C22 PCW GA . -8.77 -10.76 -6.41
C23 PCW GA . -9.93 -10.52 -7.40
C24 PCW GA . -10.17 -11.57 -8.43
C25 PCW GA . -11.48 -12.42 -8.45
C26 PCW GA . -12.36 -12.28 -9.66
C27 PCW GA . -12.16 -13.29 -10.82
C28 PCW GA . -12.23 -12.56 -12.14
C31 PCW GA . 0.37 -11.47 0.23
C32 PCW GA . -0.59 -12.50 0.86
C33 PCW GA . -1.87 -12.88 -0.04
C34 PCW GA . -1.73 -14.23 -0.75
C35 PCW GA . -0.66 -14.02 -1.90
C36 PCW GA . 0.55 -14.95 -1.74
C37 PCW GA . 1.66 -14.80 -2.83
C38 PCW GA . 1.40 -15.68 -4.01
C39 PCW GA . 2.46 -15.54 -5.07
C40 PCW GA . 2.39 -14.83 -6.20
C41 PCW GA . 1.17 -14.03 -6.60
C42 PCW GA . 0.27 -14.93 -7.57
C43 PCW GA . -1.18 -15.17 -7.20
C44 PCW GA . -1.78 -16.06 -8.29
C45 PCW GA . -3.20 -16.50 -8.06
C46 PCW GA . -3.94 -16.86 -9.31
C47 PCW GA . -5.36 -17.35 -9.12
C48 PCW GA . -6.01 -17.68 -10.47
N PCW GA . 4.83 -5.98 3.30
O2 PCW GA . 1.60 -11.96 0.30
O3 PCW GA . 1.80 -11.56 -2.51
O11 PCW GA . 2.22 -9.44 -3.24
O31 PCW GA . 0.03 -10.36 -0.27
O1P PCW GA . 1.88 -9.73 2.74
O2P PCW GA . 3.67 -10.33 4.37
O3P PCW GA . 3.68 -11.36 2.02
O4P PCW GA . 4.27 -9.02 2.45
P PCW GA . 3.31 -10.09 2.95
C1 PCW HA . 6.23 -12.33 -2.12
C2 PCW HA . 6.12 -11.62 -3.52
C3 PCW HA . 5.05 -12.37 -4.40
C4 PCW HA . 9.91 -10.36 0.37
C5 PCW HA . 10.70 -10.19 -0.93
C6 PCW HA . 10.03 -8.99 -3.07
C7 PCW HA . 11.33 -7.83 -1.36
C8 PCW HA . 11.84 -9.29 -2.37
C11 PCW HA . 5.18 -12.49 -6.79
C12 PCW HA . 4.98 -11.63 -8.01
C13 PCW HA . 5.50 -12.42 -9.26
C14 PCW HA . 5.37 -11.71 -10.61
C15 PCW HA . 4.84 -12.58 -11.79
C16 PCW HA . 3.27 -12.60 -11.79
C17 PCW HA . 2.55 -13.46 -10.70
C18 PCW HA . 2.60 -14.97 -11.00
C19 PCW HA . 1.22 -15.53 -11.41
C20 PCW HA . 0.85 -15.69 -12.74
C21 PCW HA . 1.53 -15.41 -14.02
C22 PCW HA . 0.71 -16.14 -15.12
C23 PCW HA . -0.23 -15.29 -16.00
C24 PCW HA . -1.62 -15.08 -15.49
C25 PCW HA . -2.78 -16.04 -15.91
C26 PCW HA . -4.13 -15.39 -16.09
C27 PCW HA . -5.36 -16.31 -16.30
C28 PCW HA . -6.16 -15.82 -17.48
C31 PCW HA . 6.34 -9.32 -4.09
C32 PCW HA . 5.72 -7.94 -3.83
C33 PCW HA . 4.67 -7.42 -4.94
C34 PCW HA . 5.32 -6.64 -6.09
C35 PCW HA . 4.96 -7.47 -7.39
C36 PCW HA . 4.01 -6.69 -8.34
C37 PCW HA . 3.62 -7.43 -9.67
C38 PCW HA . 2.39 -8.28 -9.49
C39 PCW HA . 1.99 -9.00 -10.75
C40 PCW HA . 0.75 -9.16 -11.22
C41 PCW HA . -0.51 -8.65 -10.52
C42 PCW HA . -1.65 -8.51 -11.62
C43 PCW HA . -3.02 -9.09 -11.32
C44 PCW HA . -3.89 -8.81 -12.54
C45 PCW HA . -5.32 -9.28 -12.41
C46 PCW HA . -6.31 -8.20 -12.11
C47 PCW HA . -6.16 -7.48 -10.78
C48 PCW HA . -7.24 -6.40 -10.62
N PCW HA . 10.55 -8.99 -1.70
O2 PCW HA . 5.65 -10.22 -3.37
O3 PCW HA . 4.93 -11.74 -5.67
O11 PCW HA . 5.49 -13.65 -6.78
O31 PCW HA . 7.32 -9.55 -4.85
O1P PCW HA . 7.08 -10.14 -0.20
O2P PCW HA . 6.96 -12.32 0.99
O3P PCW HA . 7.55 -12.23 -1.52
O4P PCW HA . 9.10 -11.56 0.23
P PCW HA . 7.61 -11.53 -0.08
C1 PCW IA . -2.00 -5.03 5.29
C2 PCW IA . -3.47 -5.41 4.86
C3 PCW IA . -4.31 -5.80 6.13
C4 PCW IA . -0.36 -3.02 8.02
C5 PCW IA . -1.54 -2.70 8.94
C6 PCW IA . -1.19 -0.31 8.99
C7 PCW IA . -0.50 -1.61 10.81
C8 PCW IA . -2.74 -1.26 10.55
C11 PCW IA . -6.67 -5.66 6.47
C12 PCW IA . -7.98 -6.10 5.85
C13 PCW IA . -9.10 -6.10 6.96
C14 PCW IA . -10.48 -6.53 6.50
C15 PCW IA . -10.94 -7.96 6.93
C16 PCW IA . -12.51 -8.08 6.92
C17 PCW IA . -13.18 -8.82 8.13
C18 PCW IA . -14.33 -9.73 7.74
C19 PCW IA . -15.32 -9.99 8.90
C20 PCW IA . -16.56 -9.38 8.97
C21 PCW IA . -17.26 -8.40 8.09
C22 PCW IA . -17.98 -9.23 6.99
C23 PCW IA . -17.38 -9.21 5.56
C24 PCW IA . -17.48 -10.46 4.76
C25 PCW IA . -18.75 -11.37 4.84
C26 PCW IA . -19.38 -11.75 3.52
C27 PCW IA . -20.44 -10.81 2.92
C28 PCW IA . -20.84 -11.27 1.54
C31 PCW IA . -4.86 -4.55 3.15
C32 PCW IA . -5.48 -3.25 2.61
C33 PCW IA . -6.28 -3.40 1.23
C34 PCW IA . -7.66 -4.05 1.40
C35 PCW IA . -8.65 -3.17 0.53
C36 PCW IA . -8.68 -3.60 -0.96
C37 PCW IA . -9.64 -2.78 -1.87
C38 PCW IA . -10.99 -3.42 -1.95
C39 PCW IA . -11.94 -2.66 -2.82
C40 PCW IA . -13.12 -2.14 -2.47
C41 PCW IA . -13.69 -2.24 -1.07
C42 PCW IA . -15.23 -2.68 -1.17
C43 PCW IA . -16.31 -1.61 -1.07
C44 PCW IA . -17.65 -2.31 -1.20
C45 PCW IA . -18.39 -2.06 -2.49
C46 PCW IA . -19.88 -2.25 -2.37
C47 PCW IA . -20.39 -3.65 -2.47
C48 PCW IA . -21.92 -3.70 -2.33
N PCW IA . -1.50 -1.53 9.77
O2 PCW IA . -4.14 -4.23 4.23
O3 PCW IA . -5.64 -6.14 5.73
O11 PCW IA . -6.56 -4.99 7.47
O31 PCW IA . -5.01 -5.71 2.66
O1P PCW IA . 0.77 -4.30 5.65
O2P PCW IA . 0.38 -2.06 4.63
O3P PCW IA . -1.52 -3.80 4.73
O4P PCW IA . -0.74 -2.58 6.69
P PCW IA . -0.20 -3.18 5.41
C1 PCW JA . 17.58 9.39 -12.88
C2 PCW JA . 17.35 10.10 -14.27
C3 PCW JA . 18.32 9.50 -15.36
C4 PCW JA . 14.87 12.29 -10.10
C5 PCW JA . 13.82 13.20 -10.74
C6 PCW JA . 15.40 15.21 -10.65
C7 PCW JA . 13.01 15.52 -11.10
C8 PCW JA . 13.80 14.88 -9.55
C11 PCW JA . 19.05 10.98 -17.12
C12 PCW JA . 18.59 11.53 -18.44
C13 PCW JA . 17.82 12.88 -18.16
C14 PCW JA . 17.27 13.59 -19.38
C15 PCW JA . 16.18 12.83 -20.19
C16 PCW JA . 15.72 13.68 -21.43
C17 PCW JA . 14.78 14.90 -21.14
C18 PCW JA . 13.44 14.82 -21.87
C19 PCW JA . 13.31 15.86 -23.01
C20 PCW JA . 12.36 15.73 -24.01
C21 PCW JA . 11.32 14.71 -24.28
C22 PCW JA . 11.07 14.72 -25.82
C23 PCW JA . 10.04 13.70 -26.38
C24 PCW JA . 10.08 13.44 -27.86
C25 PCW JA . 8.82 13.67 -28.74
C26 PCW JA . 8.70 12.84 -29.99
C27 PCW JA . 8.26 11.37 -29.86
C28 PCW JA . 7.15 11.07 -30.83
C31 PCW JA . 15.29 10.96 -15.02
C32 PCW JA . 13.88 10.56 -15.48
C33 PCW JA . 13.04 11.71 -16.22
C34 PCW JA . 13.54 12.02 -17.63
C35 PCW JA . 13.25 10.73 -18.50
C36 PCW JA . 11.82 10.72 -19.10
C37 PCW JA . 11.46 9.48 -19.97
C38 PCW JA . 10.06 9.52 -20.48
C39 PCW JA . 9.70 8.32 -21.33
C40 PCW JA . 8.57 8.14 -22.02
C41 PCW JA . 7.45 9.15 -22.06
C42 PCW JA . 6.37 8.68 -23.14
C43 PCW JA . 6.06 9.61 -24.30
C44 PCW JA . 5.02 8.92 -25.15
C45 PCW JA . 4.71 9.60 -26.47
C46 PCW JA . 4.36 8.64 -27.58
C47 PCW JA . 4.54 9.15 -28.99
C48 PCW JA . 4.14 8.07 -30.01
N PCW JA . 14.10 14.58 -10.99
O2 PCW JA . 15.96 9.86 -14.74
O3 PCW JA . 18.10 10.15 -16.62
O11 PCW JA . 20.11 11.23 -16.61
O31 PCW JA . 15.72 12.15 -14.92
O1P PCW JA . 17.00 10.43 -9.50
O2P PCW JA . 18.17 11.65 -11.34
O3P PCW JA . 16.59 9.70 -11.89
O4P PCW JA . 15.80 11.90 -11.15
P PCW JA . 16.95 10.94 -10.91
C1 17F KA . 17.76 -27.42 -4.35
N1 17F KA . 17.90 -26.51 -6.68
O1 17F KA . 15.90 -28.11 -2.07
P1 17F KA . 15.42 -27.90 -3.51
C2 17F KA . 18.43 -26.45 -5.34
O2 17F KA . 15.42 -26.40 -3.30
C3 17F KA . 19.95 -26.71 -5.38
O3 17F KA . 16.41 -27.49 -4.62
C4 17F KA . 13.41 -27.37 -5.06
O4 17F KA . 20.62 -26.71 -4.35
C5 17F KA . 11.89 -27.07 -5.14
O5 17F KA . 20.57 -26.95 -6.49
C6 17F KA . 11.65 -25.89 -6.10
O6 17F KA . 13.89 -27.57 -3.74
C7 17F KA . 9.86 -25.04 -7.32
O7 17F KA . 10.28 -25.57 -6.22
C8 17F KA . 8.35 -24.80 -7.20
O8 17F KA . 10.46 -24.75 -8.32
C9 17F KA . 7.98 -23.87 -6.00
O9 17F KA . 11.11 -28.21 -5.52
C10 17F KA . 6.46 -23.56 -5.80
O10 17F KA . 9.96 -27.99 -3.53
C11 17F KA . 6.05 -22.08 -6.15
C12 17F KA . 4.52 -21.82 -5.93
C17 17F KA . 10.22 -28.54 -4.61
C18 17F KA . 9.43 -29.78 -5.00
C19 17F KA . 8.88 -29.78 -6.45
C20 17F KA . 7.57 -30.65 -6.56
C1X 17F KA . 4.18 -20.36 -6.27
C1Y 17F KA . 7.03 -30.65 -8.01
C1Z 17F KA . 6.58 -32.06 -8.41
C2X 17F KA . 2.62 -20.03 -6.07
C21 17F KA . 2.23 -18.64 -6.62
C22 17F KA . 1.50 -18.44 -7.67
C23 17F KA . 0.90 -19.46 -8.53
C24 17F KA . -0.61 -19.63 -8.38
C25 17F KA . -1.27 -20.67 -9.25
C26 17F KA . -2.81 -20.43 -9.57
C27 17F KA . -3.44 -21.48 -10.45
C28 17F KA . -4.94 -21.06 -10.66
C29 17F KA . -5.60 -22.12 -11.45
C30 17F KA . -7.05 -21.86 -11.74
C31 17F KA . 5.86 -32.90 -7.29
C32 17F KA . 5.39 -34.34 -7.69
C33 17F KA . 6.02 -35.34 -6.71
C34 17F KA . 5.84 -36.65 -6.74
C35 17F KA . 5.00 -37.45 -7.71
C36 17F KA . 3.61 -37.88 -7.17
C37 17F KA . 2.63 -37.93 -8.28
C38 17F KA . 1.16 -38.17 -7.85
C39 17F KA . 0.20 -38.22 -9.06
C40 17F KA . -0.08 -39.67 -9.47
C41 17F KA . -1.44 -39.77 -10.27
C42 17F KA . -1.54 -40.72 -11.47
C1 17F LA . 0.05 7.03 4.82
N1 17F LA . -1.74 8.59 5.69
O1 17F LA . -2.44 5.11 5.95
P1 17F LA . -1.44 4.97 4.82
C2 17F LA . -0.46 7.94 5.96
O2 17F LA . -0.17 4.20 5.13
C3 17F LA . 0.61 9.00 6.28
O3 17F LA . -1.00 6.34 4.23
C4 17F LA . -1.33 3.97 2.39
O4 17F LA . 1.76 8.68 6.53
C5 17F LA . -2.16 3.24 1.28
O5 17F LA . 0.35 10.26 6.28
C6 17F LA . -3.14 2.24 1.93
O6 17F LA . -2.08 4.23 3.58
C7 17F LA . -3.95 0.26 0.96
O7 17F LA . -3.92 1.56 0.95
C8 17F LA . -4.90 -0.19 -0.17
O8 17F LA . -3.41 -0.53 1.69
C9 17F LA . -4.39 -1.42 -0.97
O9 17F LA . -2.82 4.15 0.40
C10 17F LA . -5.34 -1.90 -2.13
O10 17F LA . -1.08 3.90 -1.09
C11 17F LA . -4.62 -2.64 -3.32
C12 17F LA . -5.65 -3.08 -4.43
C17 17F LA . -2.12 4.42 -0.68
C18 17F LA . -2.74 5.54 -1.49
C19 17F LA . -4.01 5.14 -2.27
C20 17F LA . -5.03 6.33 -2.43
C1X 17F LA . -4.93 -3.80 -5.58
C1Y 17F LA . -6.29 5.88 -3.22
C1Z 17F LA . -6.42 6.66 -4.52
C2X 17F LA . -5.95 -4.25 -6.74
C21 17F LA . -6.43 -5.73 -6.56
C22 17F LA . -7.65 -6.12 -6.75
C23 17F LA . -8.80 -5.31 -7.17
C24 17F LA . -9.33 -4.34 -6.12
C25 17F LA . -10.52 -3.49 -6.52
C26 17F LA . -11.97 -4.17 -6.31
C27 17F LA . -13.15 -3.32 -6.72
C28 17F LA . -14.46 -4.15 -6.44
C29 17F LA . -14.74 -4.11 -4.98
C30 17F LA . -15.97 -4.86 -4.56
C31 17F LA . -7.23 5.99 -5.67
C32 17F LA . -7.35 6.82 -6.97
C33 17F LA . -8.77 7.35 -7.10
C34 17F LA . -9.21 8.09 -8.10
C35 17F LA . -8.41 8.56 -9.29
C36 17F LA . -8.56 7.67 -10.56
C37 17F LA . -7.33 6.86 -10.75
C38 17F LA . -7.48 5.35 -10.39
C39 17F LA . -6.16 4.59 -10.60
C40 17F LA . -6.35 3.47 -11.64
C41 17F LA . -5.14 2.45 -11.59
C42 17F LA . -5.45 0.96 -11.43
C1 17F MA . 9.14 -20.61 2.36
N1 17F MA . 7.75 -18.57 2.79
O1 17F MA . 6.15 -21.02 3.41
P1 17F MA . 6.90 -21.78 2.35
C2 17F MA . 8.97 -19.27 3.12
O2 17F MA . 7.57 -23.06 2.77
C3 17F MA . 10.18 -18.36 2.84
O3 17F MA . 7.99 -20.94 1.64
C4 17F MA . 6.43 -22.96 0.04
O4 17F MA . 11.33 -18.75 3.05
C5 17F MA . 5.35 -23.31 -1.02
O5 17F MA . 10.05 -17.16 2.39
C6 17F MA . 4.84 -24.76 -0.78
O6 17F MA . 5.94 -22.22 1.17
C7 17F MA . 4.22 -25.39 -2.93
O7 17F MA . 3.85 -25.16 -1.71
C8 17F MA . 2.98 -25.89 -3.73
O8 17F MA . 5.31 -25.31 -3.45
C9 17F MA . 3.15 -25.79 -5.26
O9 17F MA . 4.25 -22.38 -1.05
C10 17F MA . 1.94 -26.31 -6.14
O10 17F MA . 5.27 -21.24 -2.78
C11 17F MA . 2.36 -26.85 -7.57
C12 17F MA . 1.15 -27.36 -8.41
C17 17F MA . 4.48 -21.35 -1.82
C18 17F MA . 3.63 -20.15 -1.43
C19 17F MA . 2.40 -19.90 -2.34
C20 17F MA . 1.49 -21.18 -2.49
C1X 17F MA . 1.64 -27.87 -9.78
C1Y 17F MA . 0.28 -20.86 -3.40
C1Z 17F MA . -0.36 -22.15 -3.92
C2X 17F MA . 0.46 -28.42 -10.71
C21 17F MA . 0.23 -29.94 -10.51
C22 17F MA . -0.40 -30.72 -11.32
C23 17F MA . -1.04 -30.36 -12.59
C24 17F MA . -0.55 -31.17 -13.78
C25 17F MA . -1.20 -30.85 -15.11
C26 17F MA . -2.24 -31.94 -15.63
C27 17F MA . -2.91 -31.63 -16.96
C28 17F MA . -3.89 -32.82 -17.29
C29 17F MA . -5.07 -32.73 -16.41
C30 17F MA . -6.09 -33.83 -16.61
C31 17F MA . -0.91 -23.15 -2.85
C32 17F MA . -1.55 -24.44 -3.42
C33 17F MA . -2.25 -25.19 -2.30
C34 17F MA . -2.90 -26.34 -2.45
C35 17F MA . -3.09 -27.11 -3.73
C36 17F MA . -4.58 -27.20 -4.20
C37 17F MA . -4.97 -28.61 -4.36
C38 17F MA . -6.43 -28.81 -4.86
C39 17F MA . -6.79 -30.30 -5.04
C40 17F MA . -6.03 -30.89 -6.23
C41 17F MA . -6.21 -32.47 -6.27
C42 17F MA . -7.57 -33.04 -6.68
C1 17F NA . -7.34 -16.62 17.42
N1 17F NA . -7.16 -14.34 16.37
O1 17F NA . -9.41 -19.05 16.29
P1 17F NA . -8.43 -18.08 15.65
C2 17F NA . -6.57 -15.28 17.29
O2 17F NA . -7.03 -18.59 15.45
C3 17F NA . -5.11 -15.58 16.89
O3 17F NA . -8.30 -16.73 16.42
C4 17F NA . -8.15 -16.71 13.42
O4 17F NA . -4.43 -16.36 17.53
C5 17F NA . -8.77 -16.40 12.03
O5 17F NA . -4.56 -15.03 15.85
C6 17F NA . -7.61 -16.07 11.05
O6 17F NA . -8.93 -17.63 14.21
C7 17F NA . -8.47 -14.58 9.45
O7 17F NA . -8.03 -15.77 9.72
C8 17F NA . -8.74 -14.51 7.92
O8 17F NA . -8.61 -13.61 10.15
C9 17F NA . -7.60 -13.78 7.16
O9 17F NA . -9.59 -17.46 11.52
C10 17F NA . -7.76 -13.67 5.60
O10 17F NA . -11.53 -16.98 12.68
C11 17F NA . -6.49 -14.12 4.79
C12 17F NA . -6.68 -14.00 3.24
C17 17F NA . -10.88 -17.23 11.66
C18 17F NA . -11.61 -17.30 10.33
C19 17F NA . -12.56 -18.53 10.18
C20 17F NA . -13.90 -18.18 9.42
C1X 17F NA . -5.41 -14.46 2.52
C1Y 17F NA . -14.79 -19.43 9.30
C1Z 17F NA . -16.15 -19.10 8.67
C2X 17F NA . -5.54 -14.37 0.93
C21 17F NA . -4.69 -15.46 0.20
C22 17F NA . -5.08 -16.66 -0.02
C23 17F NA . -6.37 -17.28 0.36
C24 17F NA . -6.85 -18.38 -0.59
C25 17F NA . -8.16 -19.04 -0.23
C26 17F NA . -9.30 -19.01 -1.37
C27 17F NA . -10.59 -19.69 -0.97
C28 17F NA . -11.60 -19.58 -2.18
C29 17F NA . -12.48 -18.42 -1.97
C30 17F NA . -13.49 -18.20 -3.05
C31 17F NA . -16.43 -19.69 7.24
C32 17F NA . -17.83 -19.35 6.66
C33 17F NA . -17.68 -18.26 5.59
C34 17F NA . -18.71 -17.74 4.91
C35 17F NA . -20.17 -18.13 5.04
C36 17F NA . -21.15 -17.29 4.18
C37 17F NA . -22.55 -17.62 4.56
C38 17F NA . -23.20 -16.63 5.56
C39 17F NA . -24.64 -17.02 5.91
C40 17F NA . -25.19 -16.08 7.00
C41 17F NA . -26.30 -16.81 7.87
C42 17F NA . -26.25 -16.66 9.40
C1 17F OA . -6.16 3.92 12.83
N1 17F OA . -7.25 1.84 11.92
O1 17F OA . -5.70 6.68 12.21
P1 17F OA . -7.12 6.16 12.06
C2 17F OA . -6.04 2.64 11.95
O2 17F OA . -8.20 6.92 12.78
C3 17F OA . -4.86 1.79 12.45
O3 17F OA . -7.28 4.67 12.48
C4 17F OA . -8.87 5.70 10.17
O4 17F OA . -3.74 2.27 12.57
C5 17F OA . -9.16 5.75 8.64
O5 17F OA . -5.00 0.55 12.77
C6 17F OA . -8.44 4.58 7.94
O6 17F OA . -7.57 6.15 10.53
C7 17F OA . -7.90 5.22 5.74
O7 17F OA . -8.68 4.57 6.54
C8 17F OA . -8.41 5.03 4.30
O8 17F OA . -6.92 5.90 5.98
C9 17F OA . -9.55 6.02 3.94
O9 17F OA . -10.56 5.76 8.34
C10 17F OA . -10.15 5.90 2.49
O10 17F OA . -10.41 7.29 6.63
C11 17F OA . -9.78 7.08 1.52
C12 17F OA . -10.43 6.88 0.11
C17 17F OA . -10.93 6.81 7.64
C18 17F OA . -12.16 7.49 8.21
C19 17F OA . -13.20 6.53 8.85
C20 17F OA . -14.66 6.81 8.34
C1X 17F OA . -10.07 8.03 -0.84
C1Y 17F OA . -15.66 5.83 8.99
C1Z 17F OA . -17.04 5.90 8.34
C2X 17F OA . -10.74 7.84 -2.30
C21 17F OA . -9.99 6.79 -3.18
C22 17F OA . -10.25 5.52 -3.19
C23 17F OA . -11.26 4.81 -2.41
C24 17F OA . -12.63 4.72 -3.09
C25 17F OA . -13.72 3.99 -2.33
C26 17F OA . -15.03 3.63 -3.18
C27 17F OA . -16.12 2.91 -2.41
C28 17F OA . -17.32 2.65 -3.42
C29 17F OA . -18.46 2.08 -2.68
C30 17F OA . -19.67 1.79 -3.51
C31 17F OA . -17.45 4.70 7.41
C32 17F OA . -18.85 4.82 6.76
C33 17F OA . -18.81 4.23 5.36
C34 17F OA . -19.86 4.16 4.53
C35 17F OA . -21.27 4.64 4.81
C36 17F OA . -21.74 5.80 3.89
C37 17F OA . -23.01 6.35 4.43
C38 17F OA . -22.83 7.59 5.35
C39 17F OA . -24.18 8.11 5.87
C40 17F OA . -24.01 9.51 6.49
C41 17F OA . -25.41 10.20 6.68
C42 17F OA . -25.84 10.64 8.08
C1 17F PA . 4.62 -25.26 5.69
N1 17F PA . 6.91 -24.70 6.54
O1 17F PA . 1.81 -23.20 7.32
P1 17F PA . 2.70 -24.42 7.21
C2 17F PA . 5.75 -25.55 6.71
O2 17F PA . 3.38 -24.86 8.48
C3 17F PA . 6.18 -27.03 6.59
O3 17F PA . 3.82 -24.21 6.14
C4 17F PA . 2.46 -26.99 6.57
O4 17F PA . 5.36 -27.94 6.69
C5 17F PA . 1.49 -28.11 6.08
O5 17F PA . 7.40 -27.38 6.38
C6 17F PA . 0.69 -28.66 7.29
O6 17F PA . 1.86 -25.70 6.73
C7 17F PA . -1.39 -29.76 7.29
O7 17F PA . -0.16 -29.71 6.87
C8 17F PA . -1.98 -31.06 6.68
O8 17F PA . -2.01 -29.05 8.02
C9 17F PA . -3.22 -31.65 7.40
O9 17F PA . 0.63 -27.69 5.03
C10 17F PA . -3.75 -32.97 6.75
O10 17F PA . 1.25 -29.41 3.62
C11 17F PA . -2.56 -33.89 6.24
C12 17F PA . -3.02 -35.24 5.58
C17 17F PA . 0.43 -28.63 4.11
C18 17F PA . -1.01 -28.68 3.65
C19 17F PA . -1.53 -30.11 3.35
C20 17F PA . -3.10 -30.19 3.43
C1X 17F PA . -1.77 -36.01 5.13
C1Y 17F PA . -3.61 -31.61 3.13
C1Z 17F PA . -4.25 -31.69 1.74
C2X 17F PA . -2.09 -37.43 4.45
C21 17F PA . -0.80 -38.09 3.87
C22 17F PA . -0.67 -39.35 3.61
C23 17F PA . -1.67 -40.40 3.78
C24 17F PA . -2.79 -40.36 2.77
C25 17F PA . -3.87 -41.43 2.89
C26 17F PA . -4.14 -42.30 1.57
C27 17F PA . -5.21 -43.35 1.71
C28 17F PA . -5.33 -44.08 0.33
C29 17F PA . -5.97 -45.39 0.54
C30 17F PA . -6.15 -46.20 -0.70
C31 17F PA . -5.38 -32.75 1.52
C32 17F PA . -6.00 -32.79 0.10
C33 17F PA . -6.90 -34.01 -0.05
C34 17F PA . -7.58 -34.33 -1.15
C35 17F PA . -7.61 -33.57 -2.46
C36 17F PA . -8.76 -32.52 -2.58
C37 17F PA . -10.06 -33.23 -2.61
C38 17F PA . -10.93 -32.95 -3.87
C39 17F PA . -12.26 -33.72 -3.83
C40 17F PA . -12.34 -34.69 -5.02
C41 17F PA . -13.71 -34.54 -5.78
C42 17F PA . -13.70 -34.44 -7.32
C1 17F QA . 20.55 -5.31 -8.20
N1 17F QA . 21.06 -5.12 -5.76
O1 17F QA . 17.25 -4.35 -6.64
P1 17F QA . 18.10 -5.23 -7.53
C2 17F QA . 21.60 -5.06 -7.10
O2 17F QA . 18.47 -6.59 -6.97
C3 17F QA . 22.25 -3.68 -7.32
O3 17F QA . 19.41 -4.54 -7.98
C4 17F QA . 17.96 -6.38 -9.90
O4 17F QA . 22.77 -3.39 -8.39
C5 17F QA . 17.08 -6.59 -11.17
O5 17F QA . 22.27 -2.79 -6.40
C6 17F QA . 16.74 -8.09 -11.31
O6 17F QA . 17.35 -5.56 -8.90
C7 17F QA . 14.64 -8.44 -12.31
O7 17F QA . 15.93 -8.37 -12.45
C8 17F QA . 14.02 -8.82 -13.66
O8 17F QA . 13.96 -8.30 -11.33
C9 17F QA . 14.40 -10.25 -14.12
O9 17F QA . 15.91 -5.77 -11.18
C10 17F QA . 13.80 -10.73 -15.50
O10 17F QA . 16.83 -4.55 -12.90
C11 17F QA . 12.91 -12.04 -15.38
C12 17F QA . 12.34 -12.50 -16.77
C17 17F QA . 15.89 -4.92 -12.18
C18 17F QA . 14.51 -4.35 -12.42
C19 17F QA . 14.10 -4.24 -13.91
C20 17F QA . 13.58 -5.61 -14.51
C1X 17F QA . 11.48 -13.76 -16.60
C1Y 17F QA . 13.18 -5.44 -16.00
C1Z 17F QA . 13.35 -6.76 -16.77
C2X 17F QA . 10.85 -14.27 -17.98
C21 17F QA . 10.14 -15.66 -17.83
C22 17F QA . 8.87 -15.86 -17.97
C23 17F QA . 7.83 -14.87 -18.29
C24 17F QA . 6.53 -15.47 -18.79
C25 17F QA . 5.42 -14.51 -19.14
C26 17F QA . 4.20 -15.14 -19.98
C27 17F QA . 3.09 -14.17 -20.33
C28 17F QA . 2.01 -14.96 -21.15
C29 17F QA . 1.17 -13.99 -21.88
C30 17F QA . 0.08 -14.59 -22.71
C31 17F QA . 13.36 -6.67 -18.34
C32 17F QA . 13.53 -8.01 -19.10
C33 17F QA . 12.26 -8.30 -19.88
C34 17F QA . 12.05 -9.37 -20.63
C35 17F QA . 13.02 -10.50 -20.90
C36 17F QA . 12.81 -11.22 -22.27
C37 17F QA . 12.30 -12.59 -22.01
C38 17F QA . 13.38 -13.57 -21.50
C39 17F QA . 12.80 -14.97 -21.25
C40 17F QA . 13.92 -15.96 -20.92
C41 17F QA . 14.35 -15.85 -19.40
C42 17F QA . 15.82 -15.99 -19.02
C1 17F RA . -0.51 -10.74 10.25
N1 17F RA . -2.41 -9.35 11.10
O1 17F RA . 0.84 -11.42 7.85
P1 17F RA . -0.12 -10.25 7.80
C2 17F RA . -1.58 -10.52 11.33
O2 17F RA . 0.43 -8.96 7.26
C3 17F RA . -0.91 -10.41 12.70
O3 17F RA . -0.73 -9.90 9.18
C4 17F RA . -2.44 -9.61 6.70
O4 17F RA . -0.16 -11.30 13.11
C5 17F RA . -3.58 -10.15 5.78
O5 17F RA . -1.09 -9.40 13.49
C6 17F RA . -4.94 -9.92 6.45
O6 17F RA . -1.39 -10.56 6.90
C7 17F RA . -6.55 -9.62 4.77
O7 17F RA . -6.02 -10.41 5.65
C8 17F RA . -7.66 -10.42 4.05
O8 17F RA . -6.31 -8.48 4.47
C9 17F RA . -9.00 -10.43 4.83
O9 17F RA . -3.54 -9.57 4.47
C10 17F RA . -10.17 -11.24 4.16
O10 17F RA . -2.51 -11.19 3.20
C11 17F RA . -10.92 -10.46 3.01
C12 17F RA . -12.07 -11.33 2.39
C17 17F RA . -2.58 -10.07 3.74
C18 17F RA . -1.42 -9.10 3.57
C19 17F RA . -1.05 -8.78 2.11
C20 17F RA . -0.89 -7.23 1.87
C1X 17F RA . -12.80 -10.55 1.28
C1Y 17F RA . -0.50 -6.94 0.40
C1Z 17F RA . -1.71 -7.05 -0.53
C2X 17F RA . -13.97 -11.41 0.60
C21 17F RA . -13.65 -11.81 -0.87
C22 17F RA . -12.96 -12.84 -1.21
C23 17F RA . -12.33 -13.83 -0.33
C24 17F RA . -13.29 -14.86 0.23
C25 17F RA . -12.69 -15.91 1.16
C26 17F RA . -13.55 -17.26 1.32
C27 17F RA . -12.94 -18.29 2.24
C28 17F RA . -13.92 -19.52 2.26
C29 17F RA . -13.78 -20.29 1.01
C30 17F RA . -14.65 -21.49 0.91
C31 17F RA . -2.68 -5.82 -0.59
C32 17F RA . -3.88 -5.96 -1.55
C33 17F RA . -5.14 -6.28 -0.75
C34 17F RA . -6.33 -6.46 -1.28
C35 17F RA . -6.69 -6.38 -2.75
C36 17F RA . -7.68 -7.46 -3.23
C37 17F RA . -9.06 -6.93 -3.18
C38 17F RA . -10.15 -8.03 -3.08
C39 17F RA . -11.57 -7.44 -3.03
C40 17F RA . -12.50 -8.28 -3.92
C41 17F RA . -12.95 -7.44 -5.19
C42 17F RA . -12.93 -8.12 -6.58
C1 PCW SA . -7.45 -20.13 -33.74
C2 PCW SA . -6.89 -19.60 -32.37
C3 PCW SA . -6.48 -18.09 -32.51
C4 PCW SA . -9.98 -17.98 -36.30
C5 PCW SA . -11.23 -17.13 -36.50
C6 PCW SA . -11.40 -14.67 -37.16
C7 PCW SA . -11.55 -16.43 -38.86
C8 PCW SA . -12.72 -16.09 -37.46
C11 PCW SA . -5.44 -16.37 -31.21
C12 PCW SA . -4.96 -16.08 -29.81
C13 PCW SA . -3.39 -16.04 -29.80
C14 PCW SA . -2.77 -15.74 -28.43
C15 PCW SA . -1.67 -16.73 -27.95
C16 PCW SA . -0.75 -16.05 -26.88
C17 PCW SA . 0.79 -15.97 -27.19
C18 PCW SA . 1.61 -15.59 -25.96
C19 PCW SA . 3.04 -16.20 -25.99
C20 PCW SA . 3.46 -17.14 -25.08
C21 PCW SA . 2.78 -17.79 -23.93
C22 PCW SA . 3.87 -18.62 -23.18
C23 PCW SA . 3.91 -18.54 -21.64
C24 PCW SA . 4.98 -19.33 -20.95
C25 PCW SA . 4.64 -20.32 -19.78
C26 PCW SA . 5.58 -20.29 -18.59
C27 PCW SA . 5.02 -19.83 -17.22
C28 PCW SA . 3.77 -20.58 -16.87
C31 PCW SA . -7.53 -20.31 -30.22
C32 PCW SA . -8.69 -20.31 -29.22
C33 PCW SA . -8.54 -19.27 -28.02
C34 PCW SA . -8.95 -19.83 -26.66
C35 PCW SA . -7.87 -20.94 -26.30
C36 PCW SA . -7.56 -21.01 -24.79
C37 PCW SA . -6.51 -22.08 -24.37
C38 PCW SA . -5.98 -21.82 -23.01
C39 PCW SA . -4.96 -22.84 -22.57
C40 PCW SA . -4.61 -23.14 -21.32
C41 PCW SA . -5.20 -22.48 -20.08
C42 PCW SA . -4.16 -21.38 -19.57
C43 PCW SA . -3.22 -21.76 -18.42
C44 PCW SA . -2.38 -20.52 -18.15
C45 PCW SA . -1.15 -20.75 -17.29
C46 PCW SA . -0.21 -19.57 -17.25
C47 PCW SA . 0.31 -19.07 -18.57
C48 PCW SA . 1.25 -17.88 -18.38
N PCW SA . -11.23 -16.10 -37.49
O2 PCW SA . -7.93 -19.67 -31.31
O3 PCW SA . -5.97 -17.62 -31.25
O11 PCW SA . -5.36 -15.61 -32.14
O31 PCW SA . -6.39 -20.84 -30.02
O1P PCW SA . -8.46 -20.46 -36.25
O2P PCW SA . -10.58 -21.39 -35.34
O3P PCW SA . -8.89 -20.27 -33.76
O4P PCW SA . -10.29 -19.00 -35.32
P PCW SA . -9.55 -20.34 -35.23
C1 PCW TA . -12.53 -9.24 -29.51
C2 PCW TA . -11.51 -8.87 -28.36
C3 PCW TA . -11.33 -10.10 -27.41
C4 PCW TA . -9.99 -9.09 -33.33
C5 PCW TA . -10.54 -7.94 -34.19
C6 PCW TA . -10.33 -6.87 -36.49
C7 PCW TA . -11.15 -9.17 -36.26
C8 PCW TA . -11.94 -7.60 -35.65
C11 PCW TA . -9.10 -10.19 -26.49
C12 PCW TA . -8.33 -9.77 -25.27
C13 PCW TA . -7.50 -11.02 -24.75
C14 PCW TA . -6.64 -10.78 -23.51
C15 PCW TA . -5.46 -9.77 -23.68
C16 PCW TA . -5.38 -8.80 -22.46
C17 PCW TA . -4.12 -8.89 -21.54
C18 PCW TA . -4.45 -9.13 -20.06
C19 PCW TA . -3.76 -10.39 -19.49
C20 PCW TA . -2.62 -10.33 -18.70
C21 PCW TA . -1.82 -9.19 -18.19
C22 PCW TA . -1.77 -9.32 -16.65
C23 PCW TA . -0.40 -9.07 -15.95
C24 PCW TA . -0.04 -7.64 -15.64
C25 PCW TA . -0.84 -6.82 -14.58
C26 PCW TA . -0.11 -5.63 -13.96
C27 PCW TA . -0.59 -5.12 -12.58
C28 PCW TA . 0.47 -5.37 -11.54
C31 PCW TA . -10.07 -7.30 -29.39
C32 PCW TA . -8.65 -7.12 -29.97
C33 PCW TA . -7.44 -7.38 -28.94
C34 PCW TA . -7.54 -6.55 -27.67
C35 PCW TA . -6.33 -7.02 -26.76
C36 PCW TA . -5.68 -5.85 -25.99
C37 PCW TA . -4.49 -6.24 -25.07
C38 PCW TA . -3.38 -5.24 -25.09
C39 PCW TA . -2.24 -5.62 -24.20
C40 PCW TA . -2.17 -5.54 -22.88
C41 PCW TA . -3.29 -5.00 -22.00
C42 PCW TA . -2.95 -5.39 -20.49
C43 PCW TA . -3.93 -5.01 -19.41
C44 PCW TA . -3.36 -5.51 -18.09
C45 PCW TA . -3.18 -4.44 -17.03
C46 PCW TA . -4.31 -4.36 -16.05
C47 PCW TA . -4.37 -5.44 -14.99
C48 PCW TA . -5.56 -5.23 -14.06
N PCW TA . -10.51 -8.03 -35.62
O2 PCW TA . -10.18 -8.56 -28.95
O3 PCW TA . -10.41 -9.79 -26.35
O11 PCW TA . -8.66 -10.79 -27.43
O31 PCW TA . -10.96 -6.41 -29.35
O1P PCW TA . -12.05 -11.36 -32.72
O2P PCW TA . -10.50 -10.91 -31.47
O3P PCW TA . -12.16 -10.42 -30.25
O4P PCW TA . -10.77 -9.11 -32.11
P PCW TA . -11.77 -10.19 -31.79
C1 PCW UA . -19.29 -17.20 -23.61
C2 PCW UA . -17.92 -17.51 -22.87
C3 PCW UA . -17.05 -16.21 -22.83
C4 PCW UA . -19.09 -21.28 -24.74
C5 PCW UA . -18.12 -21.71 -25.84
C6 PCW UA . -15.86 -22.77 -26.30
C7 PCW UA . -17.53 -23.96 -24.97
C8 PCW UA . -17.63 -23.48 -26.74
C11 PCW UA . -14.74 -15.68 -22.55
C12 PCW UA . -13.52 -16.10 -21.77
C13 PCW UA . -13.53 -15.31 -20.42
C14 PCW UA . -12.35 -15.59 -19.49
C15 PCW UA . -11.34 -14.42 -19.29
C16 PCW UA . -10.12 -14.89 -18.43
C17 PCW UA . -9.83 -14.12 -17.10
C18 PCW UA . -10.89 -14.34 -16.01
C19 PCW UA . -10.61 -15.58 -15.16
C20 PCW UA . -9.87 -15.54 -13.99
C21 PCW UA . -9.19 -14.42 -13.28
C22 PCW UA . -7.68 -14.54 -13.60
C23 PCW UA . -6.69 -13.94 -12.56
C24 PCW UA . -6.95 -14.26 -11.12
C25 PCW UA . -6.06 -13.68 -9.99
C26 PCW UA . -6.00 -12.16 -9.88
C27 PCW UA . -5.96 -11.55 -8.47
C28 PCW UA . -5.27 -10.21 -8.51
C31 PCW UA . -18.05 -19.21 -21.22
C32 PCW UA . -18.39 -19.45 -19.73
C33 PCW UA . -17.31 -20.27 -18.89
C34 PCW UA . -17.39 -21.78 -19.10
C35 PCW UA . -16.46 -22.41 -17.98
C36 PCW UA . -15.10 -22.85 -18.54
C37 PCW UA . -14.12 -23.49 -17.50
C38 PCW UA . -12.91 -24.09 -18.16
C39 PCW UA . -11.98 -24.72 -17.17
C40 PCW UA . -10.73 -25.11 -17.39
C41 PCW UA . -10.02 -24.99 -18.72
C42 PCW UA . -8.54 -25.57 -18.56
C43 PCW UA . -7.72 -25.19 -17.34
C44 PCW UA . -6.38 -25.88 -17.45
C45 PCW UA . -5.91 -26.61 -16.22
C46 PCW UA . -4.98 -25.80 -15.36
C47 PCW UA . -3.57 -26.34 -15.22
C48 PCW UA . -2.72 -25.43 -14.32
N PCW UA . -17.13 -22.70 -25.57
O2 PCW UA . -18.20 -17.90 -21.45
O3 PCW UA . -15.81 -16.47 -22.18
O11 PCW UA . -14.78 -14.81 -23.36
O31 PCW UA . -17.70 -20.07 -22.06
O1P PCW UA . -21.71 -20.12 -24.25
O2P PCW UA . -20.94 -18.41 -25.88
O3P PCW UA . -20.31 -18.19 -23.39
O4P PCW UA . -19.29 -19.84 -24.89
P PCW UA . -20.62 -19.17 -24.64
C1 17F VA . -19.65 -8.35 -29.36
N1 17F VA . -17.63 -6.88 -29.36
O1 17F VA . -19.35 -10.13 -27.16
P1 17F VA . -19.82 -8.72 -26.87
C2 17F VA . -18.44 -7.81 -30.12
O2 17F VA . -21.23 -8.58 -26.36
C3 17F VA . -18.92 -7.15 -31.42
O3 17F VA . -19.69 -7.80 -28.09
C4 17F VA . -19.16 -6.69 -25.35
O4 17F VA . -19.61 -7.75 -32.23
C5 17F VA . -18.16 -6.18 -24.28
O5 17F VA . -18.62 -5.93 -31.72
C6 17F VA . -18.93 -5.61 -23.06
O6 17F VA . -18.91 -8.02 -25.78
C7 17F VA . -17.72 -5.95 -21.12
O7 17F VA . -18.06 -5.14 -22.06
C8 17F VA . -16.77 -5.22 -20.13
O8 17F VA . -18.03 -7.10 -20.93
C9 17F VA . -15.48 -6.02 -19.81
O9 17F VA . -17.23 -7.19 -23.87
C10 17F VA . -14.49 -5.32 -18.81
O10 17F VA . -15.54 -5.96 -24.84
C11 17F VA . -13.78 -6.33 -17.83
C12 17F VA . -12.80 -5.59 -16.83
C17 17F VA . -16.02 -6.99 -24.35
C18 17F VA . -15.15 -8.23 -24.26
C19 17F VA . -14.26 -8.27 -23.00
C20 17F VA . -13.30 -7.02 -22.91
C1X 17F VA . -12.15 -6.62 -15.90
C1Y 17F VA . -12.42 -7.08 -21.65
C1Z 17F VA . -11.74 -5.72 -21.38
C2X 17F VA . -11.15 -5.94 -14.85
C21 17F VA . -9.82 -5.45 -15.50
C22 17F VA . -9.15 -4.43 -15.09
C23 17F VA . -9.47 -3.54 -13.96
C24 17F VA . -8.67 -3.81 -12.69
C25 17F VA . -8.96 -2.92 -11.50
C26 17F VA . -7.69 -2.49 -10.64
C27 17F VA . -8.01 -1.60 -9.45
C28 17F VA . -6.66 -1.28 -8.72
C29 17F VA . -6.88 -0.14 -7.80
C30 17F VA . -5.67 0.28 -7.03
C31 17F VA . -10.99 -5.56 -20.03
C32 17F VA . -10.31 -4.18 -19.79
C33 17F VA . -11.37 -3.09 -19.92
C34 17F VA . -11.13 -1.80 -19.77
C35 17F VA . -9.81 -1.14 -19.45
C36 17F VA . -9.25 -1.49 -18.03
C37 17F VA . -10.21 -1.02 -16.99
C38 17F VA . -9.57 -0.51 -15.67
C39 17F VA . -10.64 -0.05 -14.66
C40 17F VA . -10.10 1.10 -13.79
C41 17F VA . -9.78 0.62 -12.31
C42 17F VA . -10.34 1.41 -11.12
PG GNP WA . 32.00 5.39 4.87
O1G GNP WA . 30.79 4.79 4.18
O2G GNP WA . 31.62 6.23 6.04
O3G GNP WA . 32.86 6.24 4.02
N3B GNP WA . 32.99 4.18 5.33
PB GNP WA . 33.69 4.00 6.76
O1B GNP WA . 32.71 3.91 7.87
O2B GNP WA . 34.62 5.12 6.90
O3A GNP WA . 34.53 2.69 6.71
PA GNP WA . 34.25 1.25 6.11
O1A GNP WA . 34.21 1.26 4.63
O2A GNP WA . 33.15 0.60 6.84
O5' GNP WA . 35.52 0.41 6.42
C5' GNP WA . 36.79 0.78 5.84
C4' GNP WA . 37.86 0.77 6.91
O4' GNP WA . 37.26 0.77 8.24
C3' GNP WA . 38.77 -0.46 6.86
O3' GNP WA . 40.13 -0.06 7.03
C2' GNP WA . 38.22 -1.34 7.98
O2' GNP WA . 39.11 -2.29 8.53
C1' GNP WA . 37.74 -0.33 9.00
N9 GNP WA . 36.66 -0.83 9.89
C8 GNP WA . 35.33 -0.56 9.76
N7 GNP WA . 34.59 -1.11 10.66
C5 GNP WA . 35.49 -1.81 11.47
C6 GNP WA . 35.28 -2.62 12.64
O6 GNP WA . 34.25 -2.91 13.21
N1 GNP WA . 36.44 -3.15 13.15
C2 GNP WA . 37.69 -2.94 12.63
N2 GNP WA . 38.68 -3.54 13.29
N3 GNP WA . 37.91 -2.20 11.55
C4 GNP WA . 36.77 -1.66 11.02
MG MG XA . 27.51 2.05 2.57
CAC EWS YA . 12.53 7.30 2.55
CAD EWS YA . 11.04 7.65 2.66
CAE EWS YA . 12.97 7.19 1.09
CAF EWS YA . 12.73 8.54 0.39
CAH EWS YA . 10.52 8.48 1.47
CAI EWS YA . 9.27 9.28 1.89
CAJ EWS YA . 8.72 9.94 0.81
CAK EWS YA . 8.50 9.25 -0.40
CAL EWS YA . 8.40 11.32 0.94
CAM EWS YA . 7.84 12.01 -0.15
CAN EWS YA . 7.61 11.32 -1.35
CAO EWS YA . 7.94 9.95 -1.50
CAQ EWS YA . 12.78 2.87 2.98
CAR EWS YA . 12.28 1.55 3.02
CAS EWS YA . 12.58 0.71 4.11
CAT EWS YA . 13.40 1.22 5.15
CAU EWS YA . 13.84 2.50 5.06
CAV EWS YA . 13.55 3.31 4.02
CAX EWS YA . 14.80 4.40 5.42
CAZ EWS YA . 14.06 5.62 3.55
NAA EWS YA . 12.81 6.06 3.31
NAG EWS YA . 11.61 9.33 0.92
NAW EWS YA . 14.61 3.18 5.90
OAB EWS YA . 15.07 6.18 3.14
CBA EWS YA . 14.14 4.48 4.26
CLA EWS YA . 6.94 12.16 -2.71
BRA EWS YA . 11.19 0.92 1.64
HAC EWS YA . 13.09 8.11 3.00
HAD EWS YA . 10.49 6.71 2.64
HAE EWS YA . 10.89 8.22 3.57
HAF EWS YA . 14.05 7.01 1.09
HAG EWS YA . 12.39 6.41 0.59
HAI EWS YA . 13.64 9.12 0.56
HAH EWS YA . 12.55 8.34 -0.67
HAJ EWS YA . 10.22 7.77 0.69
HAL EWS YA . 8.55 8.54 2.24
HAK EWS YA . 9.57 9.98 2.68
HAM EWS YA . 8.76 8.21 -0.50
HAN EWS YA . 8.58 11.85 1.89
HAO EWS YA . 7.57 13.06 -0.06
HAP EWS YA . 7.78 9.43 -2.44
HAQ EWS YA . 12.56 3.53 2.15
HAS EWS YA . 12.21 -0.31 4.16
HAT EWS YA . 13.66 0.59 6.01
HAX EWS YA . 15.39 5.19 5.88
HAA EWS YA . 12.02 5.54 3.65
HAZ EWS YA . 11.94 9.93 1.64
HAY EWS YA . 11.23 9.90 0.19
HAW EWS YA . 14.98 2.83 6.77
C1 PCW ZA . -21.64 3.79 22.13
C2 PCW ZA . -22.68 3.13 21.14
C3 PCW ZA . -24.15 3.45 21.58
C4 PCW ZA . -16.94 4.84 21.22
C5 PCW ZA . -15.80 5.25 22.16
C6 PCW ZA . -13.52 5.85 22.70
C7 PCW ZA . -14.24 5.99 20.49
C8 PCW ZA . -13.89 3.91 21.32
C11 PCW ZA . -26.31 3.37 20.52
C12 PCW ZA . -27.09 2.59 19.49
C13 PCW ZA . -28.50 2.24 20.08
C14 PCW ZA . -29.40 1.45 19.14
C15 PCW ZA . -30.01 0.15 19.74
C16 PCW ZA . -31.57 0.11 19.54
C17 PCW ZA . -32.10 -0.53 18.21
C18 PCW ZA . -33.51 -1.12 18.35
C19 PCW ZA . -34.54 -0.48 17.40
C20 PCW ZA . -35.32 -1.23 16.53
C21 PCW ZA . -35.40 -2.69 16.27
C22 PCW ZA . -35.97 -2.86 14.84
C23 PCW ZA . -35.75 -4.22 14.14
C24 PCW ZA . -36.53 -4.49 12.89
C25 PCW ZA . -35.83 -4.96 11.59
C26 PCW ZA . -36.17 -6.37 11.12
C27 PCW ZA . -36.30 -6.61 9.61
C28 PCW ZA . -35.90 -8.03 9.27
C31 PCW ZA . -21.68 2.94 19.02
C32 PCW ZA . -21.59 3.61 17.64
C33 PCW ZA . -20.31 3.22 16.75
C34 PCW ZA . -20.28 1.74 16.35
C35 PCW ZA . -21.48 1.55 15.33
C36 PCW ZA . -21.03 1.63 13.85
C37 PCW ZA . -22.16 1.44 12.80
C38 PCW ZA . -23.11 2.59 12.78
C39 PCW ZA . -24.22 2.45 11.78
C40 PCW ZA . -25.46 2.03 12.02
C41 PCW ZA . -25.97 1.61 13.38
C42 PCW ZA . -26.64 0.17 13.24
C43 PCW ZA . -27.06 -0.56 14.49
C44 PCW ZA . -27.67 -1.89 14.06
C45 PCW ZA . -28.14 -2.77 15.20
C46 PCW ZA . -29.54 -3.27 15.04
C47 PCW ZA . -30.33 -3.48 16.32
C48 PCW ZA . -31.74 -3.98 16.02
N PCW ZA . -14.43 5.25 21.70
O2 PCW ZA . -22.49 3.66 19.77
O3 PCW ZA . -25.08 2.83 20.66
O11 PCW ZA . -26.73 4.34 21.09
O31 PCW ZA . -21.07 1.88 19.36
O1P PCW ZA . -19.46 6.03 22.04
O2P PCW ZA . -19.25 4.44 23.95
O3P PCW ZA . -20.27 3.65 21.73
O4P PCW ZA . -17.87 4.06 22.02
P PCW ZA . -19.22 4.61 22.48
C1 PCW AB . -15.63 9.30 16.09
C2 PCW AB . -16.55 8.46 15.11
C3 PCW AB . -18.07 8.76 15.39
C4 PCW AB . -11.53 7.73 15.06
C5 PCW AB . -10.69 6.80 15.93
C6 PCW AB . -10.89 4.42 16.27
C7 PCW AB . -8.88 5.30 15.47
C8 PCW AB . -10.63 5.22 14.02
C11 PCW AB . -19.19 6.71 14.84
C12 PCW AB . -20.11 6.12 13.81
C13 PCW AB . -21.58 6.56 14.15
C14 PCW AB . -22.65 6.06 13.20
C15 PCW AB . -24.06 6.72 13.33
C16 PCW AB . -25.19 5.63 13.32
C17 PCW AB . -26.03 5.47 14.63
C18 PCW AB . -27.41 4.86 14.40
C19 PCW AB . -28.00 4.16 15.64
C20 PCW AB . -29.10 3.31 15.58
C21 PCW AB . -29.96 2.87 14.44
C22 PCW AB . -30.38 1.40 14.75
C23 PCW AB . -31.80 0.96 14.32
C24 PCW AB . -32.11 -0.50 14.39
C25 PCW AB . -32.71 -1.26 13.17
C26 PCW AB . -31.74 -1.96 12.24
C27 PCW AB . -31.97 -3.46 11.97
C28 PCW AB . -31.45 -3.82 10.59
C31 PCW AB . -16.48 10.10 13.34
C32 PCW AB . -16.11 10.27 11.85
C33 PCW AB . -17.32 10.62 10.88
C34 PCW AB . -17.93 9.40 10.20
C35 PCW AB . -19.46 9.44 10.56
C36 PCW AB . -20.24 8.26 9.95
C37 PCW AB . -21.77 8.23 10.28
C38 PCW AB . -22.53 7.38 9.32
C39 PCW AB . -24.01 7.34 9.62
C40 PCW AB . -24.85 6.33 9.41
C41 PCW AB . -24.43 5.00 8.81
C42 PCW AB . -24.89 4.98 7.28
C43 PCW AB . -25.90 3.95 6.83
C44 PCW AB . -26.13 4.17 5.35
C45 PCW AB . -27.51 4.65 4.97
C46 PCW AB . -27.67 6.15 5.01
C47 PCW AB . -28.70 6.69 5.96
C48 PCW AB . -28.77 8.23 5.91
N PCW AB . -10.30 5.50 15.44
O2 PCW AB . -16.25 8.82 13.67
O3 PCW AB . -18.90 8.00 14.50
O11 PCW AB . -18.80 6.14 15.82
O31 PCW AB . -16.90 11.02 14.09
O1P PCW AB . -12.01 10.47 15.90
O2P PCW AB . -13.25 9.38 17.76
O3P PCW AB . -14.41 9.79 15.50
O4P PCW AB . -12.72 8.06 15.82
P PCW AB . -13.06 9.47 16.28
C1 PCW BB . 9.76 19.49 -9.65
C2 PCW BB . 9.76 19.38 -11.24
C3 PCW BB . 11.20 19.03 -11.79
C4 PCW BB . 9.18 20.47 -6.27
C5 PCW BB . 9.38 21.69 -5.37
C6 PCW BB . 8.35 23.93 -4.69
C7 PCW BB . 7.08 21.86 -4.41
C8 PCW BB . 8.66 22.34 -3.57
C11 PCW BB . 11.02 20.07 -13.96
C12 PCW BB . 10.94 19.70 -15.42
C13 PCW BB . 11.96 20.60 -16.22
C14 PCW BB . 12.01 20.33 -17.73
C15 PCW BB . 11.67 21.53 -18.66
C16 PCW BB . 11.83 21.13 -20.16
C17 PCW BB . 10.60 20.47 -20.87
C18 PCW BB . 10.85 20.14 -22.35
C19 PCW BB . 10.28 18.77 -22.76
C20 PCW BB . 8.97 18.59 -23.18
C21 PCW BB . 7.83 19.53 -23.34
C22 PCW BB . 7.72 19.87 -24.85
C23 PCW BB . 7.10 21.23 -25.24
C24 PCW BB . 7.92 22.11 -26.15
C25 PCW BB . 8.00 23.64 -25.91
C26 PCW BB . 7.96 24.53 -27.14
C27 PCW BB . 6.69 25.35 -27.39
C28 PCW BB . 6.17 25.10 -28.80
C31 PCW BB . 7.64 18.70 -12.04
C32 PCW BB . 6.83 17.48 -12.49
C33 PCW BB . 6.35 17.53 -14.02
C34 PCW BB . 7.29 16.81 -14.97
C35 PCW BB . 6.78 15.31 -15.03
C36 PCW BB . 6.03 14.98 -16.33
C37 PCW BB . 5.50 13.53 -16.44
C38 PCW BB . 4.28 13.30 -15.61
C39 PCW BB . 3.76 11.89 -15.70
C40 PCW BB . 2.95 11.40 -16.65
C41 PCW BB . 2.42 12.23 -17.81
C42 PCW BB . 1.75 11.26 -18.89
C43 PCW BB . 1.78 9.75 -18.68
C44 PCW BB . 1.05 9.11 -19.86
C45 PCW BB . -0.41 8.82 -19.64
C46 PCW BB . -1.32 9.95 -20.05
C47 PCW BB . -2.35 9.64 -21.10
C48 PCW BB . -3.20 10.89 -21.40
N PCW BB . 8.26 22.49 -4.99
O2 PCW BB . 8.86 18.29 -11.70
O3 PCW BB . 11.15 18.93 -13.22
O11 PCW BB . 10.94 21.18 -13.53
O31 PCW BB . 7.22 19.89 -12.00
O1P PCW BB . 9.85 17.77 -7.04
O2P PCW BB . 12.19 18.58 -6.78
O3P PCW BB . 10.94 18.95 -9.00
O4P PCW BB . 10.43 20.22 -6.95
P PCW BB . 10.86 18.83 -7.38
C1 PCW CB . -15.99 -16.58 -26.76
C2 PCW CB . -14.43 -16.35 -26.98
C3 PCW CB . -14.02 -14.96 -26.41
C4 PCW CB . -16.42 -16.65 -31.21
C5 PCW CB . -16.01 -15.42 -32.01
C6 PCW CB . -13.74 -15.13 -30.91
C7 PCW CB . -14.23 -14.07 -33.07
C8 PCW CB . -15.00 -13.73 -31.44
C11 PCW CB . -12.22 -13.89 -27.58
C12 PCW CB . -10.71 -13.82 -27.60
C13 PCW CB . -10.18 -15.21 -28.09
C14 PCW CB . -8.65 -15.34 -28.18
C15 PCW CB . -7.87 -15.19 -26.84
C16 PCW CB . -6.76 -16.28 -26.71
C17 PCW CB . -6.75 -17.16 -25.42
C18 PCW CB . -5.60 -18.17 -25.36
C19 PCW CB . -4.90 -18.39 -26.72
C20 PCW CB . -4.20 -19.56 -27.02
C21 PCW CB . -3.94 -20.79 -26.24
C22 PCW CB . -2.79 -20.47 -25.24
C23 PCW CB . -2.09 -21.67 -24.55
C24 PCW CB . -1.63 -21.46 -23.14
C25 PCW CB . -0.25 -22.01 -22.63
C26 PCW CB . -0.04 -22.03 -21.13
C27 PCW CB . 1.37 -21.74 -20.58
C28 PCW CB . 1.87 -22.91 -19.76
C31 PCW CB . -13.11 -18.30 -27.03
C32 PCW CB . -12.32 -19.29 -26.15
C33 PCW CB . -12.96 -20.75 -26.01
C34 PCW CB . -11.92 -21.87 -26.00
C35 PCW CB . -11.22 -21.77 -24.58
C36 PCW CB . -10.55 -23.11 -24.16
C37 PCW CB . -9.83 -23.11 -22.76
C38 PCW CB . -9.85 -21.75 -22.11
C39 PCW CB . -9.15 -21.75 -20.78
C40 PCW CB . -8.45 -20.76 -20.24
C41 PCW CB . -8.20 -19.41 -20.91
C42 PCW CB . -6.63 -19.16 -20.97
C43 PCW CB . -6.12 -17.74 -21.16
C44 PCW CB . -4.60 -17.83 -21.19
C45 PCW CB . -3.93 -17.77 -19.84
C46 PCW CB . -2.76 -16.83 -19.79
C47 PCW CB . -3.10 -15.36 -19.65
C48 PCW CB . -1.82 -14.51 -19.61
N PCW CB . -14.65 -15.03 -32.07
O2 PCW CB . -13.65 -17.38 -26.24
O3 PCW CB . -12.61 -14.75 -26.60
O11 PCW CB . -12.95 -13.28 -28.32
O31 PCW CB . -13.23 -18.37 -28.29
O1P PCW CB . -16.72 -18.26 -28.84
O2P PCW CB . -18.95 -17.14 -28.72
O3P PCW CB . -16.84 -15.97 -27.76
O4P PCW CB . -17.28 -16.18 -30.15
P PCW CB . -17.48 -16.97 -28.86
C1 PCW DB . -25.01 -12.49 -20.46
C2 PCW DB . -23.76 -12.38 -19.51
C3 PCW DB . -23.00 -13.75 -19.45
C4 PCW DB . -22.30 -10.71 -23.82
C5 PCW DB . -21.75 -11.84 -24.71
C6 PCW DB . -19.96 -12.64 -23.08
C7 PCW DB . -20.77 -14.10 -24.87
C8 PCW DB . -19.83 -12.52 -25.02
C11 PCW DB . -20.62 -13.79 -19.11
C12 PCW DB . -19.58 -13.66 -18.02
C13 PCW DB . -18.87 -15.06 -17.85
C14 PCW DB . -17.78 -15.11 -16.79
C15 PCW DB . -17.92 -16.27 -15.75
C16 PCW DB . -16.97 -16.03 -14.52
C17 PCW DB . -17.56 -16.31 -13.10
C18 PCW DB . -16.55 -16.93 -12.14
C19 PCW DB . -17.13 -17.16 -10.73
C20 PCW DB . -16.92 -16.26 -9.71
C21 PCW DB . -16.20 -14.97 -9.63
C22 PCW DB . -17.15 -13.98 -8.91
C23 PCW DB . -16.84 -13.65 -7.42
C24 PCW DB . -15.45 -13.20 -7.11
C25 PCW DB . -15.20 -11.85 -6.35
C26 PCW DB . -14.63 -11.97 -4.95
C27 PCW DB . -13.15 -11.58 -4.74
C28 PCW DB . -12.28 -12.81 -4.82
C31 PCW DB . -22.65 -10.30 -19.23
C32 PCW DB . -21.65 -9.35 -19.90
C33 PCW DB . -20.11 -9.79 -19.79
C34 PCW DB . -19.26 -8.88 -18.89
C35 PCW DB . -18.73 -9.81 -17.74
C36 PCW DB . -17.35 -10.44 -18.07
C37 PCW DB . -16.78 -11.39 -16.96
C38 PCW DB . -16.37 -10.63 -15.75
C39 PCW DB . -15.83 -11.50 -14.65
C40 PCW DB . -15.94 -11.30 -13.34
C41 PCW DB . -16.64 -10.10 -12.71
C42 PCW DB . -18.21 -10.24 -13.00
C43 PCW DB . -19.06 -8.98 -12.98
C44 PCW DB . -20.49 -9.39 -13.29
C45 PCW DB . -21.19 -8.57 -14.34
C46 PCW DB . -22.64 -8.92 -14.53
C47 PCW DB . -23.40 -8.11 -15.56
C48 PCW DB . -24.86 -8.57 -15.66
N PCW DB . -20.97 -12.88 -24.12
O2 PCW DB . -22.81 -11.36 -20.02
O3 PCW DB . -21.87 -13.65 -18.57
O11 PCW DB . -20.39 -14.00 -20.28
O31 PCW DB . -23.23 -10.11 -18.12
O1P PCW DB . -23.17 -13.13 -22.50
O2P PCW DB . -25.23 -12.79 -23.86
O3P PCW DB . -24.96 -11.60 -21.59
O4P PCW DB . -23.72 -10.95 -23.60
P PCW DB . -24.25 -12.19 -22.92
C1 PCW EB . -14.69 -31.09 -25.08
C2 PCW EB . -14.22 -31.97 -23.86
C3 PCW EB . -12.84 -32.65 -24.17
C4 PCW EB . -17.28 -32.64 -27.34
C5 PCW EB . -18.38 -33.61 -26.91
C6 PCW EB . -20.44 -34.96 -27.55
C7 PCW EB . -19.70 -33.10 -28.96
C8 PCW EB . -18.81 -34.68 -28.61
C11 PCW EB . -12.66 -34.80 -23.13
C12 PCW EB . -12.18 -35.45 -21.86
C13 PCW EB . -11.57 -36.86 -22.24
C14 PCW EB . -11.02 -37.67 -21.05
C15 PCW EB . -11.97 -37.82 -19.83
C16 PCW EB . -11.67 -39.15 -19.06
C17 PCW EB . -12.21 -39.26 -17.59
C18 PCW EB . -11.19 -38.83 -16.54
C19 PCW EB . -10.05 -39.84 -16.37
C20 PCW EB . -8.80 -39.47 -15.85
C21 PCW EB . -8.28 -38.18 -15.34
C22 PCW EB . -6.72 -38.26 -15.45
C23 PCW EB . -5.90 -38.04 -14.16
C24 PCW EB . -6.02 -39.08 -13.09
C25 PCW EB . -4.99 -39.18 -11.92
C26 PCW EB . -5.02 -38.06 -10.90
C27 PCW EB . -5.20 -38.46 -9.42
C28 PCW EB . -4.95 -37.27 -8.54
C31 PCW EB . -15.14 -30.97 -21.91
C32 PCW EB . -14.80 -30.06 -20.73
C33 PCW EB . -16.05 -29.42 -19.96
C34 PCW EB . -16.13 -27.90 -20.05
C35 PCW EB . -16.04 -27.39 -18.55
C36 PCW EB . -14.65 -27.60 -17.94
C37 PCW EB . -14.47 -27.12 -16.46
C38 PCW EB . -14.78 -28.22 -15.49
C39 PCW EB . -14.62 -27.79 -14.06
C40 PCW EB . -13.48 -27.71 -13.37
C41 PCW EB . -12.10 -28.05 -13.92
C42 PCW EB . -11.78 -29.57 -13.53
C43 PCW EB . -11.00 -30.43 -14.51
C44 PCW EB . -10.84 -31.81 -13.88
C45 PCW EB . -9.65 -31.98 -12.98
C46 PCW EB . -9.91 -32.87 -11.79
C47 PCW EB . -9.74 -32.25 -10.43
C48 PCW EB . -10.04 -33.27 -9.33
N PCW EB . -19.57 -33.78 -27.69
O2 PCW EB . -14.05 -31.11 -22.66
O3 PCW EB . -12.44 -33.45 -23.05
O11 PCW EB . -13.17 -35.37 -24.07
O31 PCW EB . -16.27 -31.49 -22.13
O1P PCW EB . -16.99 -32.68 -24.42
O2P PCW EB . -18.50 -30.69 -24.53
O3P PCW EB . -15.96 -30.43 -24.88
O4P PCW EB . -17.42 -31.42 -26.56
P PCW EB . -17.27 -31.35 -25.04
C1 PCW FB . -28.12 -7.32 -18.59
C2 PCW FB . -26.92 -6.37 -18.96
C3 PCW FB . -26.79 -6.19 -20.51
C4 PCW FB . -30.78 -8.22 -16.51
C5 PCW FB . -30.09 -9.34 -15.74
C6 PCW FB . -28.21 -8.06 -14.60
C7 PCW FB . -29.21 -10.00 -13.51
C8 PCW FB . -28.26 -9.95 -15.09
C11 PCW FB . -24.60 -5.83 -21.44
C12 PCW FB . -23.59 -4.74 -21.63
C13 PCW FB . -22.60 -4.78 -20.40
C14 PCW FB . -21.49 -3.73 -20.44
C15 PCW FB . -20.69 -3.54 -19.11
C16 PCW FB . -21.67 -3.21 -17.93
C17 PCW FB . -21.73 -4.23 -16.74
C18 PCW FB . -20.55 -4.09 -15.77
C19 PCW FB . -20.99 -3.70 -14.34
C20 PCW FB . -20.62 -2.50 -13.73
C21 PCW FB . -19.80 -1.36 -14.19
C22 PCW FB . -19.10 -0.76 -12.93
C23 PCW FB . -17.71 -1.30 -12.55
C24 PCW FB . -16.55 -0.36 -12.63
C25 PCW FB . -15.15 -0.84 -13.11
C26 PCW FB . -14.00 -0.65 -12.14
C27 PCW FB . -12.85 -1.67 -12.19
C28 PCW FB . -12.38 -2.00 -10.80
C31 PCW FB . -26.75 -4.90 -17.11
C32 PCW FB . -27.01 -3.45 -16.67
C33 PCW FB . -25.75 -2.48 -16.81
C34 PCW FB . -25.20 -2.38 -18.23
C35 PCW FB . -25.55 -0.93 -18.72
C36 PCW FB . -25.95 -0.88 -20.21
C37 PCW FB . -26.30 0.53 -20.77
C38 PCW FB . -25.37 0.96 -21.85
C39 PCW FB . -25.68 2.32 -22.40
C40 PCW FB . -25.22 3.48 -21.96
C41 PCW FB . -24.26 3.61 -20.79
C42 PCW FB . -24.47 5.05 -20.13
C43 PCW FB . -23.24 5.83 -19.68
C44 PCW FB . -23.73 7.14 -19.09
C45 PCW FB . -23.85 7.18 -17.58
C46 PCW FB . -22.52 7.14 -16.88
C47 PCW FB . -22.46 7.82 -15.53
C48 PCW FB . -21.04 7.71 -14.92
N PCW FB . -29.31 -9.03 -14.58
O2 PCW FB . -27.12 -5.02 -18.39
O3 PCW FB . -25.69 -5.32 -20.80
O11 PCW FB . -24.46 -6.97 -21.79
O31 PCW FB . -26.27 -5.82 -16.37
O1P PCW FB . -30.99 -6.05 -18.42
O2P PCW FB . -31.66 -7.88 -19.98
O3P PCW FB . -29.17 -7.37 -19.57
O4P PCW FB . -30.58 -8.47 -17.92
P PCW FB . -30.66 -7.41 -18.98
C1 PCW GB . -37.33 -12.30 -6.20
C2 PCW GB . -36.32 -12.23 -4.98
C3 PCW GB . -35.48 -13.55 -4.93
C4 PCW GB . -40.63 -9.16 -7.04
C5 PCW GB . -40.79 -8.52 -5.68
C6 PCW GB . -42.95 -7.68 -4.59
C7 PCW GB . -42.02 -9.87 -4.00
C8 PCW GB . -41.27 -8.20 -3.72
C11 PCW GB . -34.96 -14.13 -2.68
C12 PCW GB . -33.84 -14.07 -1.68
C13 PCW GB . -33.21 -15.51 -1.59
C14 PCW GB . -32.04 -15.68 -0.63
C15 PCW GB . -31.45 -14.39 -0.01
C16 PCW GB . -32.23 -13.97 1.29
C17 PCW GB . -32.80 -15.13 2.18
C18 PCW GB . -34.08 -14.73 2.94
C19 PCW GB . -35.33 -14.71 2.03
C20 PCW GB . -36.47 -15.45 2.29
C21 PCW GB . -36.82 -16.39 3.38
C22 PCW GB . -36.98 -15.56 4.69
C23 PCW GB . -36.01 -15.88 5.86
C24 PCW GB . -36.16 -15.07 7.10
C25 PCW GB . -36.11 -13.51 7.06
C26 PCW GB . -36.79 -12.77 8.20
C27 PCW GB . -38.26 -13.15 8.53
C28 PCW GB . -38.39 -13.55 9.98
C31 PCW GB . -35.33 -10.24 -4.16
C32 PCW GB . -34.30 -9.15 -4.52
C33 PCW GB . -32.89 -9.27 -3.78
C34 PCW GB . -31.71 -8.76 -4.63
C35 PCW GB . -31.03 -7.64 -3.74
C36 PCW GB . -29.66 -7.22 -4.30
C37 PCW GB . -28.92 -6.12 -3.46
C38 PCW GB . -28.27 -6.72 -2.26
C39 PCW GB . -27.55 -5.70 -1.43
C40 PCW GB . -26.30 -5.76 -0.97
C41 PCW GB . -25.35 -6.93 -1.24
C42 PCW GB . -24.25 -6.95 -0.08
C43 PCW GB . -23.40 -5.71 0.15
C44 PCW GB . -22.46 -6.01 1.32
C45 PCW GB . -22.82 -5.36 2.63
C46 PCW GB . -22.48 -6.18 3.84
C47 PCW GB . -21.03 -6.55 4.03
C48 PCW GB . -20.82 -7.38 5.31
N PCW GB . -41.98 -8.75 -4.91
O2 PCW GB . -35.36 -11.11 -5.18
O3 PCW GB . -34.56 -13.53 -3.84
O11 PCW GB . -36.02 -14.66 -2.50
O31 PCW GB . -36.02 -10.31 -3.10
O1P PCW GB . -38.64 -10.10 -8.96
O2P PCW GB . -39.38 -12.36 -8.17
O3P PCW GB . -37.58 -11.03 -6.87
O4P PCW GB . -39.95 -10.44 -6.83
P PCW GB . -38.91 -11.00 -7.79
C1 PCW HB . -36.19 -2.98 -8.91
C2 PCW HB . -34.95 -2.17 -8.37
C3 PCW HB . -35.44 -0.82 -7.72
C4 PCW HB . -33.79 -4.85 -12.57
C5 PCW HB . -32.39 -4.34 -12.90
C6 PCW HB . -32.69 -2.91 -14.83
C7 PCW HB . -32.35 -5.21 -15.14
C8 PCW HB . -30.55 -3.98 -14.50
C11 PCW HB . -33.48 0.53 -8.13
C12 PCW HB . -32.39 1.27 -7.38
C13 PCW HB . -33.06 2.44 -6.59
C14 PCW HB . -32.11 3.30 -5.76
C15 PCW HB . -32.39 3.34 -4.22
C16 PCW HB . -33.18 4.64 -3.83
C17 PCW HB . -32.36 5.85 -3.27
C18 PCW HB . -31.87 5.64 -1.84
C19 PCW HB . -30.33 5.54 -1.75
C20 PCW HB . -29.68 5.08 -0.59
C21 PCW HB . -30.20 4.63 0.73
C22 PCW HB . -29.78 5.70 1.77
C23 PCW HB . -30.83 6.79 2.12
C24 PCW HB . -30.65 8.12 1.48
C25 PCW HB . -30.89 9.44 2.28
C26 PCW HB . -29.90 10.56 2.03
C27 PCW HB . -28.57 10.52 2.81
C28 PCW HB . -27.52 11.34 2.08
C31 PCW HB . -33.22 -3.68 -7.77
C32 PCW HB . -32.59 -4.42 -6.57
C33 PCW HB . -33.60 -5.30 -5.69
C34 PCW HB . -34.16 -4.54 -4.48
C35 PCW HB . -32.91 -4.26 -3.55
C36 PCW HB . -33.18 -3.13 -2.53
C37 PCW HB . -31.98 -2.80 -1.58
C38 PCW HB . -31.72 -3.91 -0.62
C39 PCW HB . -30.56 -3.61 0.30
C40 PCW HB . -30.46 -3.93 1.59
C41 PCW HB . -31.51 -4.68 2.39
C42 PCW HB . -31.22 -4.47 3.94
C43 PCW HB . -31.39 -3.09 4.54
C44 PCW HB . -31.04 -3.20 6.02
C45 PCW HB . -30.05 -2.19 6.53
C46 PCW HB . -29.32 -2.63 7.76
C47 PCW HB . -27.94 -2.06 7.96
C48 PCW HB . -27.31 -2.58 9.26
N PCW HB . -32.02 -4.11 -14.27
O2 PCW HB . -34.24 -2.94 -7.32
O3 PCW HB . -34.31 -0.08 -7.22
O11 PCW HB . -33.60 0.49 -9.33
O31 PCW HB . -32.83 -3.76 -8.97
O1P PCW HB . -36.63 -4.98 -11.93
O2P PCW HB . -36.36 -2.52 -11.65
O3P PCW HB . -35.82 -4.12 -9.72
O4P PCW HB . -34.39 -3.87 -11.67
P PCW HB . -35.86 -3.87 -11.30
C1 PCW IB . 3.15 -14.69 -47.27
C2 PCW IB . 3.90 -13.91 -46.12
C3 PCW IB . 5.44 -14.18 -46.21
C4 PCW IB . 0.54 -14.80 -43.79
C5 PCW IB . 0.69 -15.77 -42.60
C6 PCW IB . -0.42 -17.34 -41.15
C7 PCW IB . -1.69 -15.78 -42.31
C8 PCW IB . -0.46 -15.01 -40.56
C11 PCW IB . 6.98 -14.14 -44.39
C12 PCW IB . 7.54 -13.21 -43.35
C13 PCW IB . 6.50 -13.09 -42.18
C14 PCW IB . 6.89 -12.18 -41.03
C15 PCW IB . 7.39 -12.89 -39.74
C16 PCW IB . 8.95 -12.78 -39.61
C17 PCW IB . 9.55 -12.65 -38.17
C18 PCW IB . 10.72 -11.66 -38.08
C19 PCW IB . 12.03 -12.22 -38.67
C20 PCW IB . 12.86 -13.08 -37.97
C21 PCW IB . 12.77 -13.66 -36.60
C22 PCW IB . 13.78 -12.88 -35.71
C23 PCW IB . 14.11 -13.50 -34.32
C24 PCW IB . 15.57 -13.62 -33.96
C25 PCW IB . 16.01 -14.10 -32.55
C26 PCW IB . 16.93 -13.19 -31.76
C27 PCW IB . 17.43 -13.69 -30.40
C28 PCW IB . 18.60 -14.64 -30.60
C31 PCW IB . 3.17 -11.85 -45.22
C32 PCW IB . 3.05 -10.34 -45.52
C33 PCW IB . 4.44 -9.53 -45.51
C34 PCW IB . 4.83 -8.99 -44.13
C35 PCW IB . 6.02 -7.99 -44.39
C36 PCW IB . 6.69 -7.50 -43.09
C37 PCW IB . 7.88 -6.50 -43.29
C38 PCW IB . 8.28 -5.86 -42.00
C39 PCW IB . 9.42 -4.88 -42.16
C40 PCW IB . 10.30 -4.51 -41.24
C41 PCW IB . 10.31 -5.03 -39.81
C42 PCW IB . 11.72 -5.72 -39.55
C43 PCW IB . 11.89 -6.56 -38.29
C44 PCW IB . 13.31 -7.10 -38.29
C45 PCW IB . 13.49 -8.41 -39.00
C46 PCW IB . 14.91 -8.89 -39.03
C47 PCW IB . 15.78 -8.35 -40.13
C48 PCW IB . 17.21 -8.91 -40.04
N PCW IB . -0.41 -15.97 -41.70
O2 PCW IB . 3.71 -12.45 -46.28
O3 PCW IB . 6.11 -13.46 -45.17
O11 PCW IB . 7.26 -15.30 -44.49
O31 PCW IB . 2.81 -12.42 -44.15
O1P PCW IB . -0.46 -15.65 -46.38
O2P PCW IB . 1.61 -17.07 -46.35
O3P PCW IB . 1.71 -14.61 -47.15
O4P PCW IB . 1.48 -15.25 -44.81
P PCW IB . 1.04 -15.71 -46.18
C1 PCW JB . -28.23 4.98 -18.82
C2 PCW JB . -27.89 4.01 -17.61
C3 PCW JB . -27.23 2.69 -18.14
C4 PCW JB . -29.55 7.75 -21.06
C5 PCW JB . -30.20 8.35 -22.31
C6 PCW JB . -32.07 9.84 -21.44
C7 PCW JB . -30.64 10.59 -23.28
C8 PCW JB . -31.80 9.16 -23.27
C11 PCW JB . -27.92 1.06 -16.51
C12 PCW JB . -27.35 0.26 -15.36
C13 PCW JB . -28.46 -0.69 -14.78
C14 PCW JB . -28.02 -1.57 -13.61
C15 PCW JB . -28.07 -0.91 -12.20
C16 PCW JB . -26.72 -1.12 -11.44
C17 PCW JB . -26.73 -0.93 -9.87
C18 PCW JB . -25.86 0.23 -9.39
C19 PCW JB . -25.32 0.02 -7.95
C20 PCW JB . -24.27 0.79 -7.45
C21 PCW JB . -23.44 1.87 -8.04
C22 PCW JB . -22.03 1.27 -8.30
C23 PCW JB . -20.90 1.63 -7.30
C24 PCW JB . -19.80 0.65 -7.12
C25 PCW JB . -18.32 1.04 -7.37
C26 PCW JB . -17.55 0.21 -8.38
C27 PCW JB . -16.21 0.77 -8.92
C28 PCW JB . -16.46 1.84 -9.93
C31 PCW JB . -27.34 4.82 -15.46
C32 PCW JB . -26.22 5.49 -14.66
C33 PCW JB . -26.69 6.71 -13.74
C34 PCW JB . -26.03 6.72 -12.35
C35 PCW JB . -24.52 7.12 -12.62
C36 PCW JB . -23.74 7.41 -11.32
C37 PCW JB . -22.24 7.80 -11.53
C38 PCW JB . -21.41 7.52 -10.33
C39 PCW JB . -19.97 7.90 -10.52
C40 PCW JB . -19.09 8.20 -9.57
C41 PCW JB . -19.42 8.20 -8.09
C42 PCW JB . -18.20 8.85 -7.30
C43 PCW JB . -18.16 10.35 -7.13
C44 PCW JB . -16.89 10.70 -6.35
C45 PCW JB . -17.08 11.62 -5.17
C46 PCW JB . -17.67 12.96 -5.52
C47 PCW JB . -18.31 13.73 -4.38
C48 PCW JB . -18.87 15.07 -4.87
N PCW JB . -30.84 9.62 -22.22
O2 PCW JB . -26.90 4.65 -16.71
O3 PCW JB . -26.92 1.85 -17.03
O11 PCW JB . -29.05 1.02 -16.91
O31 PCW JB . -28.47 4.50 -15.02
O1P PCW JB . -27.77 5.52 -21.57
O2P PCW JB . -29.89 4.37 -22.25
O3P PCW JB . -29.18 4.44 -19.77
O4P PCW JB . -30.05 6.39 -20.95
P PCW JB . -29.19 5.16 -21.20
C1 PCW KB . -12.64 12.13 -35.83
C2 PCW KB . -11.88 13.32 -35.10
C3 PCW KB . -12.08 13.20 -33.55
C4 PCW KB . -11.43 9.17 -37.33
C5 PCW KB . -10.79 8.35 -38.45
C6 PCW KB . -9.78 6.34 -39.33
C7 PCW KB . -11.94 6.24 -38.50
C8 PCW KB . -10.26 6.44 -36.97
C11 PCW KB . -12.14 15.41 -32.62
C12 PCW KB . -11.29 16.41 -31.88
C13 PCW KB . -12.15 17.68 -31.58
C14 PCW KB . -11.42 18.80 -30.82
C15 PCW KB . -12.32 19.67 -29.88
C16 PCW KB . -11.53 20.93 -29.37
C17 PCW KB . -12.33 22.26 -29.21
C18 PCW KB . -12.14 22.94 -27.85
C19 PCW KB . -12.84 24.32 -27.76
C20 PCW KB . -12.40 25.30 -26.90
C21 PCW KB . -11.28 25.35 -25.91
C22 PCW KB . -11.80 26.16 -24.69
C23 PCW KB . -11.92 25.41 -23.34
C24 PCW KB . -11.08 25.90 -22.21
C25 PCW KB . -10.11 24.95 -21.46
C26 PCW KB . -8.68 25.42 -21.29
C27 PCW KB . -7.79 24.64 -20.30
C28 PCW KB . -7.17 25.59 -19.29
C31 PCW KB . -9.81 14.41 -35.54
C32 PCW KB . -8.32 14.15 -35.80
C33 PCW KB . -7.50 13.54 -34.56
C34 PCW KB . -6.66 14.59 -33.84
C35 PCW KB . -5.21 14.51 -34.48
C36 PCW KB . -4.20 15.47 -33.82
C37 PCW KB . -2.75 15.44 -34.40
C38 PCW KB . -1.73 15.66 -33.32
C39 PCW KB . -0.31 15.64 -33.83
C40 PCW KB . 0.75 15.06 -33.25
C41 PCW KB . 0.69 14.32 -31.93
C42 PCW KB . 0.81 15.38 -30.73
C43 PCW KB . 1.99 15.30 -29.80
C44 PCW KB . 1.83 16.42 -28.78
C45 PCW KB . 1.06 16.04 -27.54
C46 PCW KB . 1.32 16.95 -26.37
C47 PCW KB . 1.47 16.27 -25.02
C48 PCW KB . 1.73 17.30 -23.91
N PCW KB . -10.69 6.91 -38.33
O2 PCW KB . -10.42 13.22 -35.36
O3 PCW KB . -11.42 14.28 -32.88
O11 PCW KB . -13.30 15.57 -32.91
O31 PCW KB . -10.37 15.54 -35.49
O1P PCW KB . -14.01 10.31 -38.11
O2P PCW KB . -12.60 11.68 -39.64
O3P PCW KB . -12.98 12.42 -37.20
O4P PCW KB . -11.52 10.54 -37.83
P PCW KB . -12.83 11.21 -38.24
C1 PCW LB . -22.52 -30.78 -17.28
C2 PCW LB . -22.55 -30.36 -15.76
C3 PCW LB . -23.12 -31.52 -14.88
C4 PCW LB . -25.12 -28.62 -20.84
C5 PCW LB . -25.13 -27.20 -20.29
C6 PCW LB . -26.42 -26.29 -22.30
C7 PCW LB . -26.05 -24.90 -20.32
C8 PCW LB . -24.77 -25.57 -21.48
C11 PCW LB . -23.55 -32.03 -12.57
C12 PCW LB . -23.46 -31.42 -11.20
C13 PCW LB . -21.94 -31.32 -10.81
C14 PCW LB . -21.67 -30.71 -9.43
C15 PCW LB . -20.49 -29.70 -9.36
C16 PCW LB . -19.87 -29.67 -7.93
C17 PCW LB . -18.32 -29.50 -7.80
C18 PCW LB . -17.70 -30.38 -6.72
C19 PCW LB . -16.55 -29.66 -5.95
C20 PCW LB . -15.93 -30.24 -4.85
C21 PCW LB . -16.14 -31.53 -4.15
C22 PCW LB . -15.59 -31.35 -2.71
C23 PCW LB . -16.50 -31.77 -1.54
C24 PCW LB . -15.87 -31.91 -0.19
C25 PCW LB . -16.71 -31.90 1.11
C26 PCW LB . -17.66 -33.06 1.32
C27 PCW LB . -18.78 -32.90 2.37
C28 PCW LB . -19.06 -34.22 3.04
C31 PCW LB . -21.02 -28.88 -14.73
C32 PCW LB . -19.56 -28.74 -14.26
C33 PCW LB . -19.34 -28.74 -12.68
C34 PCW LB . -17.89 -28.52 -12.24
C35 PCW LB . -17.95 -27.35 -11.17
C36 PCW LB . -16.56 -26.90 -10.68
C37 PCW LB . -16.58 -25.74 -9.62
C38 PCW LB . -17.22 -26.16 -8.35
C39 PCW LB . -17.26 -25.07 -7.31
C40 PCW LB . -16.63 -25.06 -6.14
C41 PCW LB . -15.75 -26.20 -5.64
C42 PCW LB . -14.48 -25.53 -4.94
C43 PCW LB . -13.60 -26.40 -4.04
C44 PCW LB . -12.48 -25.51 -3.54
C45 PCW LB . -12.19 -25.60 -2.05
C46 PCW LB . -10.82 -25.13 -1.66
C47 PCW LB . -9.69 -26.12 -1.88
C48 PCW LB . -8.34 -25.52 -1.44
N PCW LB . -25.98 -26.22 -20.89
O2 PCW LB . -21.17 -30.08 -15.28
O3 PCW LB . -23.14 -31.12 -13.50
O11 PCW LB . -23.91 -33.15 -12.81
O31 PCW LB . -21.92 -28.00 -14.61
O1P PCW LB . -22.75 -30.30 -20.63
O2P PCW LB . -24.29 -31.79 -19.35
O3P PCW LB . -23.10 -29.81 -18.18
O4P PCW LB . -24.95 -29.51 -19.70
P PCW LB . -23.75 -30.41 -19.53
C1 PCW MB . -1.40 -8.92 -43.16
C2 PCW MB . -0.41 -8.77 -41.94
C3 PCW MB . 0.94 -9.50 -42.26
C4 PCW MB . -1.18 -4.44 -43.63
C5 PCW MB . -1.26 -3.48 -44.83
C6 PCW MB . -2.82 -1.97 -46.15
C7 PCW MB . -2.36 -1.53 -43.78
C8 PCW MB . -1.18 -1.47 -45.18
C11 PCW MB . 2.94 -10.14 -41.10
C12 PCW MB . 3.72 -9.81 -39.85
C13 PCW MB . 4.46 -8.44 -40.06
C14 PCW MB . 5.30 -7.96 -38.87
C15 PCW MB . 6.74 -7.48 -39.21
C16 PCW MB . 7.81 -8.36 -38.48
C17 PCW MB . 9.19 -8.56 -39.21
C18 PCW MB . 9.06 -9.22 -40.58
C19 PCW MB . 10.41 -9.30 -41.35
C20 PCW MB . 10.48 -9.74 -42.66
C21 PCW MB . 9.45 -10.23 -43.62
C22 PCW MB . 9.45 -9.24 -44.84
C23 PCW MB . 10.80 -9.04 -45.59
C24 PCW MB . 11.26 -7.63 -45.77
C25 PCW MB . 12.17 -6.94 -44.71
C26 PCW MB . 13.45 -6.32 -45.23
C27 PCW MB . 14.77 -7.11 -45.02
C28 PCW MB . 15.29 -6.88 -43.61
C31 PCW MB . 0.02 -7.01 -40.42
C32 PCW MB . 0.33 -5.51 -40.34
C33 PCW MB . 1.83 -5.08 -40.74
C34 PCW MB . 2.29 -5.66 -42.07
C35 PCW MB . 3.71 -5.02 -42.36
C36 PCW MB . 3.89 -4.63 -43.84
C37 PCW MB . 5.28 -3.99 -44.21
C38 PCW MB . 5.78 -4.52 -45.51
C39 PCW MB . 7.11 -3.92 -45.89
C40 PCW MB . 7.89 -4.27 -46.92
C41 PCW MB . 7.53 -5.37 -47.91
C42 PCW MB . 8.80 -5.64 -48.84
C43 PCW MB . 9.92 -4.60 -48.90
C44 PCW MB . 10.97 -5.15 -49.86
C45 PCW MB . 12.40 -5.05 -49.39
C46 PCW MB . 13.31 -6.06 -50.04
C47 PCW MB . 14.14 -6.91 -49.11
C48 PCW MB . 15.03 -7.90 -49.90
N PCW MB . -2.24 -2.46 -44.88
O2 PCW MB . -0.11 -7.34 -41.71
O3 PCW MB . 1.83 -9.35 -41.14
O11 PCW MB . 3.25 -10.97 -41.90
O31 PCW MB . -0.11 -7.79 -39.44
O1P PCW MB . -0.57 -6.96 -44.93
O2P PCW MB . -2.96 -6.86 -45.60
O3P PCW MB . -2.31 -7.80 -43.29
O4P PCW MB . -2.23 -5.43 -43.83
P PCW MB . -1.99 -6.77 -44.49
C1 PCW NB . -17.19 -37.42 -20.33
C2 PCW NB . -15.82 -37.26 -19.55
C3 PCW NB . -15.97 -36.31 -18.31
C4 PCW NB . -20.25 -36.07 -22.16
C5 PCW NB . -21.15 -34.84 -22.09
C6 PCW NB . -23.21 -33.94 -21.21
C7 PCW NB . -23.01 -36.24 -21.51
C8 PCW NB . -23.26 -34.97 -23.38
C11 PCW NB . -14.48 -35.06 -16.92
C12 PCW NB . -13.07 -35.08 -16.36
C13 PCW NB . -13.08 -35.89 -15.01
C14 PCW NB . -11.72 -36.02 -14.31
C15 PCW NB . -11.63 -37.10 -13.19
C16 PCW NB . -10.75 -36.60 -11.99
C17 PCW NB . -9.26 -37.07 -11.93
C18 PCW NB . -8.36 -36.16 -11.10
C19 PCW NB . -7.28 -35.44 -11.95
C20 PCW NB . -6.38 -34.55 -11.38
C21 PCW NB . -6.18 -34.08 -9.99
C22 PCW NB . -4.98 -33.09 -10.02
C23 PCW NB . -5.18 -31.74 -10.76
C24 PCW NB . -5.74 -30.60 -9.97
C25 PCW NB . -5.17 -29.16 -10.09
C26 PCW NB . -6.10 -28.10 -10.63
C27 PCW NB . -6.95 -27.30 -9.63
C28 PCW NB . -7.01 -25.85 -10.03
C31 PCW NB . -16.12 -39.22 -18.15
C32 PCW NB . -15.45 -40.56 -17.80
C33 PCW NB . -15.85 -41.15 -16.36
C34 PCW NB . -14.69 -41.09 -15.36
C35 PCW NB . -15.32 -40.62 -14.00
C36 PCW NB . -14.28 -39.94 -13.08
C37 PCW NB . -14.82 -39.45 -11.70
C38 PCW NB . -13.73 -38.89 -10.85
C39 PCW NB . -14.21 -38.41 -9.51
C40 PCW NB . -13.54 -38.45 -8.36
C41 PCW NB . -12.14 -39.01 -8.21
C42 PCW NB . -11.13 -37.79 -7.96
C43 PCW NB . -9.66 -38.11 -7.75
C44 PCW NB . -8.93 -36.79 -7.55
C45 PCW NB . -9.11 -36.15 -6.19
C46 PCW NB . -8.12 -36.62 -5.16
C47 PCW NB . -8.69 -37.20 -3.89
C48 PCW NB . -7.58 -37.64 -2.94
N PCW NB . -22.58 -34.99 -22.05
O2 PCW NB . -15.35 -38.60 -19.05
O3 PCW NB . -14.70 -36.19 -17.65
O11 PCW NB . -15.26 -34.15 -16.78
O31 PCW NB . -17.21 -38.80 -17.65
O1P PCW NB . -20.81 -36.87 -19.43
O2P PCW NB . -19.11 -35.09 -18.89
O3P PCW NB . -18.36 -37.48 -19.49
O4P PCW NB . -19.23 -35.90 -21.14
P PCW NB . -19.43 -36.29 -19.69
C1 PCW OB . -32.75 -27.86 -7.95
C2 PCW OB . -31.95 -28.70 -6.88
C3 PCW OB . -32.97 -29.44 -5.93
C4 PCW OB . -33.77 -29.68 -10.85
C5 PCW OB . -33.40 -31.06 -11.41
C6 PCW OB . -35.58 -32.36 -11.13
C7 PCW OB . -34.16 -32.72 -13.10
C8 PCW OB . -33.76 -33.08 -11.33
C11 PCW OB . -32.77 -31.41 -4.60
C12 PCW OB . -31.88 -32.06 -3.58
C13 PCW OB . -31.12 -33.23 -4.26
C14 PCW OB . -30.14 -34.01 -3.36
C15 PCW OB . -28.64 -33.92 -3.76
C16 PCW OB . -27.80 -33.27 -2.59
C17 PCW OB . -26.25 -33.07 -2.84
C18 PCW OB . -25.82 -31.61 -2.78
C19 PCW OB . -24.38 -31.43 -2.24
C20 PCW OB . -24.11 -30.81 -1.03
C21 PCW OB . -24.98 -30.19 0.00
C22 PCW OB . -24.32 -28.82 0.37
C23 PCW OB . -24.56 -28.27 1.81
C24 PCW OB . -24.58 -26.78 1.95
C25 PCW OB . -23.29 -26.01 2.37
C26 PCW OB . -22.73 -26.37 3.72
C27 PCW OB . -21.40 -25.70 4.14
C28 PCW OB . -20.91 -26.31 5.45
C31 PCW OB . -29.94 -29.95 -7.00
C32 PCW OB . -29.21 -31.04 -7.81
C33 PCW OB . -28.21 -31.96 -6.96
C34 PCW OB . -26.90 -32.26 -7.69
C35 PCW OB . -26.29 -33.53 -6.96
C36 PCW OB . -24.92 -33.94 -7.53
C37 PCW OB . -24.24 -35.17 -6.86
C38 PCW OB . -24.07 -35.00 -5.39
C39 PCW OB . -23.43 -36.20 -4.73
C40 PCW OB . -22.75 -36.21 -3.58
C41 PCW OB . -22.49 -34.98 -2.73
C42 PCW OB . -22.63 -35.40 -1.20
C43 PCW OB . -22.19 -34.40 -0.15
C44 PCW OB . -22.42 -35.05 1.21
C45 PCW OB . -23.38 -34.30 2.13
C46 PCW OB . -22.72 -33.17 2.88
C47 PCW OB . -23.57 -31.93 3.09
C48 PCW OB . -22.80 -30.86 3.88
N PCW OB . -34.44 -31.89 -11.93
O2 PCW OB . -31.13 -29.75 -7.57
O3 PCW OB . -32.26 -30.20 -4.95
O11 PCW OB . -33.76 -31.90 -5.06
O31 PCW OB . -29.47 -29.37 -5.99
O1P PCW OB . -33.71 -26.78 -10.67
O2P PCW OB . -31.37 -27.09 -11.49
O3P PCW OB . -31.92 -27.27 -8.97
O4P PCW OB . -32.52 -28.99 -10.60
P PCW OB . -32.41 -27.49 -10.50
C1 PCW PB . -33.85 2.13 -13.20
C2 PCW PB . -32.92 3.31 -12.71
C3 PCW PB . -33.70 4.28 -11.76
C4 PCW PB . -32.17 1.51 -16.29
C5 PCW PB . -32.03 1.74 -17.80
C6 PCW PB . -30.60 1.12 -19.83
C7 PCW PB . -31.81 -0.61 -18.58
C8 PCW PB . -32.52 0.81 -19.56
C11 PCW PB . -33.36 6.42 -10.72
C12 PCW PB . -32.25 7.39 -10.40
C13 PCW PB . -32.69 8.30 -9.19
C14 PCW PB . -31.66 9.35 -8.76
C15 PCW PB . -30.16 8.93 -8.90
C16 PCW PB . -29.26 9.74 -7.90
C17 PCW PB . -27.76 9.29 -7.74
C18 PCW PB . -27.01 10.04 -6.64
C19 PCW PB . -25.50 10.16 -6.91
C20 PCW PB . -24.57 10.38 -5.90
C21 PCW PB . -24.71 10.52 -4.43
C22 PCW PB . -24.78 12.06 -4.14
C23 PCW PB . -24.80 12.51 -2.66
C24 PCW PB . -23.55 13.13 -2.12
C25 PCW PB . -23.13 14.56 -2.51
C26 PCW PB . -22.35 15.35 -1.47
C27 PCW PB . -21.56 16.58 -1.95
C28 PCW PB . -20.09 16.41 -1.64
C31 PCW PB . -30.62 2.71 -12.57
C32 PCW PB . -29.56 2.14 -11.62
C33 PCW PB . -28.05 2.53 -11.99
C34 PCW PB . -27.24 3.06 -10.80
C35 PCW PB . -25.82 3.44 -11.39
C36 PCW PB . -25.09 2.23 -12.02
C37 PCW PB . -23.68 2.53 -12.62
C38 PCW PB . -22.78 3.21 -11.64
C39 PCW PB . -21.43 3.51 -12.23
C40 PCW PB . -20.32 3.85 -11.56
C41 PCW PB . -20.25 3.99 -10.05
C42 PCW PB . -18.79 4.50 -9.67
C43 PCW PB . -18.42 4.62 -8.20
C44 PCW PB . -17.00 5.14 -8.14
C45 PCW PB . -16.10 4.39 -7.20
C46 PCW PB . -14.66 4.82 -7.28
C47 PCW PB . -14.24 5.97 -6.39
C48 PCW PB . -12.76 6.30 -6.58
N PCW PB . -31.36 0.77 -18.61
O2 PCW PB . -31.78 2.77 -11.91
O3 PCW PB . -32.82 5.33 -11.34
O11 PCW PB . -34.53 6.58 -10.48
O31 PCW PB . -30.43 3.07 -13.77
O1P PCW PB . -35.02 1.09 -16.21
O2P PCW PB . -35.10 3.58 -16.47
O3P PCW PB . -34.88 2.54 -14.13
O4P PCW PB . -33.04 2.56 -15.78
P PCW PB . -34.55 2.42 -15.71
C1 PCW QB . 0.00 -21.13 -40.47
C2 PCW QB . 1.19 -21.52 -39.50
C3 PCW QB . 2.42 -22.00 -40.34
C4 PCW QB . -3.31 -22.50 -41.45
C5 PCW QB . -4.81 -22.55 -41.74
C6 PCW QB . -6.71 -20.86 -41.75
C7 PCW QB . -5.28 -21.11 -43.71
C8 PCW QB . -6.42 -22.37 -42.98
C11 PCW QB . 4.51 -23.12 -39.99
C12 PCW QB . 5.55 -23.38 -38.93
C13 PCW QB . 5.71 -24.93 -38.73
C14 PCW QB . 6.74 -25.35 -37.67
C15 PCW QB . 8.23 -25.33 -38.13
C16 PCW QB . 9.18 -25.65 -36.92
C17 PCW QB . 10.56 -24.90 -36.86
C18 PCW QB . 11.66 -25.74 -36.21
C19 PCW QB . 13.08 -25.32 -36.66
C20 PCW QB . 14.06 -24.97 -35.75
C21 PCW QB . 14.08 -24.90 -34.27
C22 PCW QB . 15.01 -26.04 -33.76
C23 PCW QB . 14.42 -27.04 -32.74
C24 PCW QB . 15.38 -28.00 -32.11
C25 PCW QB . 15.18 -29.53 -32.26
C26 PCW QB . 16.32 -30.40 -31.75
C27 PCW QB . 16.13 -31.94 -31.81
C28 PCW QB . 17.24 -32.62 -31.03
C31 PCW QB . 0.96 -20.12 -37.59
C32 PCW QB . 1.53 -18.85 -36.92
C33 PCW QB . 1.56 -18.86 -35.33
C34 PCW QB . 2.65 -17.97 -34.74
C35 PCW QB . 2.76 -18.38 -33.21
C36 PCW QB . 3.55 -17.36 -32.38
C37 PCW QB . 3.72 -17.70 -30.86
C38 PCW QB . 4.79 -16.89 -30.21
C39 PCW QB . 4.98 -17.19 -28.76
C40 PCW QB . 5.93 -17.94 -28.22
C41 PCW QB . 7.02 -18.64 -29.02
C42 PCW QB . 7.33 -20.04 -28.31
C43 PCW QB . 8.54 -20.13 -27.40
C44 PCW QB . 8.59 -21.55 -26.86
C45 PCW QB . 8.12 -21.70 -25.43
C46 PCW QB . 9.25 -21.87 -24.44
C47 PCW QB . 8.87 -21.82 -22.98
C48 PCW QB . 10.11 -22.02 -22.09
N PCW QB . -5.47 -21.42 -42.31
O2 PCW QB . 1.62 -20.32 -38.72
O3 PCW QB . 3.50 -22.36 -39.48
O11 PCW QB . 4.57 -23.52 -41.12
O31 PCW QB . 0.04 -20.84 -37.12
O1P PCW QB . -2.06 -22.38 -38.81
O2P PCW QB . -3.31 -20.21 -38.69
O3P PCW QB . -1.01 -20.32 -39.84
O4P PCW QB . -3.03 -21.21 -40.83
P PCW QB . -2.39 -21.07 -39.47
C1 PCW RB . -4.53 -12.58 -32.93
C2 PCW RB . -3.04 -12.48 -32.38
C3 PCW RB . -2.03 -12.94 -33.48
C4 PCW RB . -5.61 -14.16 -35.98
C5 PCW RB . -4.96 -14.80 -37.21
C6 PCW RB . -5.24 -15.79 -39.55
C7 PCW RB . -6.93 -14.25 -38.64
C8 PCW RB . -5.17 -13.89 -39.03
C11 PCW RB . 0.25 -13.69 -33.51
C12 PCW RB . 1.59 -13.45 -32.85
C13 PCW RB . 2.62 -13.08 -33.98
C14 PCW RB . 4.04 -12.81 -33.49
C15 PCW RB . 5.14 -12.80 -34.60
C16 PCW RB . 5.06 -11.49 -35.46
C17 PCW RB . 6.41 -10.83 -35.90
C18 PCW RB . 7.32 -10.46 -34.72
C19 PCW RB . 8.78 -10.95 -34.91
C20 PCW RB . 9.83 -10.40 -34.20
C21 PCW RB . 9.88 -9.31 -33.20
C22 PCW RB . 9.77 -9.99 -31.81
C23 PCW RB . 9.11 -9.18 -30.66
C24 PCW RB . 9.21 -9.76 -29.30
C25 PCW RB . 8.14 -9.42 -28.22
C26 PCW RB . 7.85 -10.48 -27.19
C27 PCW RB . 8.10 -10.15 -25.71
C28 PCW RB . 9.02 -11.17 -25.08
C31 PCW RB . -3.20 -10.68 -30.86
C32 PCW RB . -2.78 -9.21 -30.65
C33 PCW RB . -2.86 -8.70 -29.13
C34 PCW RB . -3.45 -7.29 -29.00
C35 PCW RB . -2.21 -6.37 -28.64
C36 PCW RB . -2.32 -4.96 -29.26
C37 PCW RB . -1.12 -4.00 -28.94
C38 PCW RB . -1.20 -3.47 -27.54
C39 PCW RB . -0.06 -2.55 -27.20
C40 PCW RB . 1.02 -2.85 -26.48
C41 PCW RB . 1.27 -4.22 -25.87
C42 PCW RB . 1.60 -4.02 -24.32
C43 PCW RB . 0.61 -3.27 -23.45
C44 PCW RB . 1.19 -3.26 -22.05
C45 PCW RB . 0.73 -4.35 -21.12
C46 PCW RB . 1.06 -4.10 -19.69
C47 PCW RB . 0.24 -4.81 -18.65
C48 PCW RB . 0.71 -4.43 -17.24
N PCW RB . -5.77 -15.08 -38.36
O2 PCW RB . -2.71 -11.07 -32.04
O3 PCW RB . -0.68 -12.85 -32.97
O11 PCW RB . 0.04 -14.50 -34.37
O31 PCW RB . -3.89 -11.37 -30.06
O1P PCW RB . -6.41 -11.37 -35.78
O2P PCW RB . -3.97 -10.95 -36.07
O3P PCW RB . -4.93 -11.45 -33.74
O4P PCW RB . -4.67 -13.16 -35.46
P PCW RB . -5.01 -11.69 -35.32
C1 PCW SB . -3.91 -30.55 -37.02
C2 PCW SB . -3.10 -29.62 -36.04
C3 PCW SB . -2.19 -30.48 -35.10
C4 PCW SB . -6.06 -28.56 -34.40
C5 PCW SB . -7.24 -28.25 -33.47
C6 PCW SB . -8.26 -25.92 -33.71
C7 PCW SB . -9.61 -27.91 -34.12
C8 PCW SB . -8.84 -27.38 -32.54
C11 PCW SB . -2.14 -28.91 -33.27
C12 PCW SB . -1.17 -28.11 -32.45
C13 PCW SB . -0.81 -28.95 -31.17
C14 PCW SB . 0.18 -28.30 -30.20
C15 PCW SB . -0.10 -28.55 -28.69
C16 PCW SB . 0.59 -29.86 -28.20
C17 PCW SB . 1.91 -29.72 -27.38
C18 PCW SB . 2.43 -31.05 -26.84
C19 PCW SB . 3.59 -31.63 -27.70
C20 PCW SB . 4.89 -31.15 -27.61
C21 PCW SB . 5.50 -30.08 -26.78
C22 PCW SB . 6.26 -30.77 -25.62
C23 PCW SB . 6.88 -29.85 -24.52
C24 PCW SB . 8.25 -30.22 -24.02
C25 PCW SB . 8.95 -29.38 -22.92
C26 PCW SB . 9.52 -30.16 -21.74
C27 PCW SB . 8.94 -29.85 -20.34
C28 PCW SB . 8.77 -31.15 -19.56
C31 PCW SB . -2.58 -27.45 -36.89
C32 PCW SB . -1.55 -26.67 -37.72
C33 PCW SB . -0.28 -26.18 -36.89
C34 PCW SB . 0.92 -25.81 -37.76
C35 PCW SB . 1.23 -24.30 -37.43
C36 PCW SB . 2.35 -24.13 -36.37
C37 PCW SB . 2.71 -22.66 -36.00
C38 PCW SB . 4.19 -22.44 -35.99
C39 PCW SB . 4.57 -21.03 -35.64
C40 PCW SB . 5.70 -20.39 -35.96
C41 PCW SB . 6.83 -20.99 -36.77
C42 PCW SB . 8.18 -20.83 -35.93
C43 PCW SB . 8.45 -21.82 -34.81
C44 PCW SB . 9.79 -21.41 -34.20
C45 PCW SB . 10.69 -22.56 -33.80
C46 PCW SB . 10.39 -23.10 -32.44
C47 PCW SB . 11.23 -24.28 -31.98
C48 PCW SB . 10.84 -24.73 -30.57
N PCW SB . -8.29 -27.38 -33.92
O2 PCW SB . -2.19 -28.73 -36.83
O3 PCW SB . -1.46 -29.63 -34.21
O11 PCW SB . -3.34 -28.92 -33.12
O31 PCW SB . -3.63 -26.97 -36.36
O1P PCW SB . -6.42 -29.35 -37.15
O2P PCW SB . -7.54 -31.33 -36.11
O3P PCW SB . -4.98 -31.29 -36.39
O4P PCW SB . -6.15 -29.97 -34.73
P PCW SB . -6.34 -30.47 -36.14
C1 PCW TB . -4.22 -2.23 -38.63
C2 PCW TB . -3.86 -2.44 -37.11
C3 PCW TB . -2.82 -3.60 -37.00
C4 PCW TB . -6.57 0.82 -39.28
C5 PCW TB . -7.60 1.48 -40.19
C6 PCW TB . -9.63 0.97 -38.71
C7 PCW TB . -9.72 2.75 -40.41
C8 PCW TB . -9.52 0.92 -40.67
C11 PCW TB . -3.16 -4.76 -34.93
C12 PCW TB . -2.58 -4.87 -33.54
C13 PCW TB . -1.41 -5.93 -33.60
C14 PCW TB . -0.69 -6.17 -32.27
C15 PCW TB . 0.87 -6.19 -32.34
C16 PCW TB . 1.49 -6.22 -30.91
C17 PCW TB . 1.68 -7.63 -30.24
C18 PCW TB . 1.99 -7.54 -28.74
C19 PCW TB . 3.39 -8.09 -28.38
C20 PCW TB . 3.99 -7.83 -27.15
C21 PCW TB . 3.54 -7.06 -25.97
C22 PCW TB . 3.59 -8.04 -24.75
C23 PCW TB . 4.95 -8.19 -24.01
C24 PCW TB . 5.10 -9.38 -23.11
C25 PCW TB . 4.65 -10.79 -23.56
C26 PCW TB . 5.28 -11.96 -22.85
C27 PCW TB . 5.87 -13.10 -23.72
C28 PCW TB . 4.83 -13.59 -24.70
C31 PCW TB . -4.09 -0.24 -36.27
C32 PCW TB . -3.31 0.98 -35.75
C33 PCW TB . -2.79 0.89 -34.24
C34 PCW TB . -1.71 1.93 -33.93
C35 PCW TB . -0.37 1.35 -34.55
C36 PCW TB . 0.83 1.46 -33.59
C37 PCW TB . 2.19 0.91 -34.15
C38 PCW TB . 2.81 -0.07 -33.20
C39 PCW TB . 4.12 -0.64 -33.70
C40 PCW TB . 5.20 -0.90 -32.98
C41 PCW TB . 5.31 -0.68 -31.48
C42 PCW TB . 5.11 -2.09 -30.75
C43 PCW TB . 3.89 -2.29 -29.89
C44 PCW TB . 3.96 -3.69 -29.32
C45 PCW TB . 4.59 -3.80 -27.95
C46 PCW TB . 4.57 -2.53 -27.16
C47 PCW TB . 4.87 -2.65 -25.69
C48 PCW TB . 4.81 -1.27 -25.00
N PCW TB . -8.89 1.83 -39.67
O2 PCW TB . -3.23 -1.20 -36.59
O3 PCW TB . -2.47 -3.82 -35.62
O11 PCW TB . -4.05 -5.43 -35.36
O31 PCW TB . -5.36 -0.31 -36.35
O1P PCW TB . -5.26 -1.14 -41.00
O2P PCW TB . -7.41 -2.37 -40.72
O3P PCW TB . -5.57 -2.60 -38.96
O4P PCW TB . -6.93 -0.58 -39.19
P PCW TB . -6.30 -1.67 -40.05
C1 PCW UB . -23.60 -36.57 -17.20
C2 PCW UB . -22.23 -36.11 -16.53
C3 PCW UB . -22.47 -34.89 -15.61
C4 PCW UB . -27.14 -38.42 -16.51
C5 PCW UB . -26.91 -37.71 -15.17
C6 PCW UB . -29.38 -37.18 -14.89
C7 PCW UB . -27.78 -36.60 -13.13
C8 PCW UB . -27.87 -35.93 -14.86
C11 PCW UB . -20.39 -33.69 -15.72
C12 PCW UB . -19.15 -33.40 -14.92
C13 PCW UB . -19.59 -32.57 -13.64
C14 PCW UB . -18.45 -32.19 -12.70
C15 PCW UB . -18.04 -33.27 -11.66
C16 PCW UB . -18.35 -32.80 -10.19
C17 PCW UB . -19.26 -33.71 -9.32
C18 PCW UB . -19.09 -33.49 -7.82
C19 PCW UB . -20.44 -33.55 -7.07
C20 PCW UB . -20.51 -33.63 -5.68
C21 PCW UB . -19.48 -33.70 -4.63
C22 PCW UB . -19.16 -35.20 -4.42
C23 PCW UB . -17.67 -35.61 -4.40
C24 PCW UB . -17.16 -36.21 -3.14
C25 PCW UB . -15.76 -35.83 -2.58
C26 PCW UB . -15.70 -35.46 -1.11
C27 PCW UB . -16.09 -36.55 -0.07
C28 PCW UB . -15.50 -36.22 1.27
C31 PCW UB . -20.36 -37.40 -15.85
C32 PCW UB . -19.91 -38.53 -14.90
C33 PCW UB . -18.97 -38.07 -13.69
C34 PCW UB . -17.74 -37.27 -14.13
C35 PCW UB . -17.02 -36.81 -12.79
C36 PCW UB . -15.93 -35.76 -13.07
C37 PCW UB . -15.15 -35.25 -11.81
C38 PCW UB . -14.30 -34.08 -12.15
C39 PCW UB . -13.52 -33.55 -10.96
C40 PCW UB . -13.66 -32.37 -10.36
C41 PCW UB . -14.67 -31.30 -10.78
C42 PCW UB . -14.16 -29.89 -10.22
C43 PCW UB . -13.91 -29.73 -8.74
C44 PCW UB . -13.44 -28.30 -8.51
C45 PCW UB . -12.70 -28.06 -7.21
C46 PCW UB . -11.44 -27.26 -7.36
C47 PCW UB . -10.47 -27.32 -6.20
C48 PCW UB . -9.23 -26.46 -6.47
N PCW UB . -28.03 -37.33 -14.36
O2 PCW UB . -21.66 -37.20 -15.68
O3 PCW UB . -21.23 -34.48 -15.00
O11 PCW UB . -20.60 -33.27 -16.84
O31 PCW UB . -19.61 -36.77 -16.66
O1P PCW UB . -25.71 -37.32 -18.79
O2P PCW UB . -24.85 -39.66 -18.98
O3P PCW UB . -23.70 -37.99 -17.39
O4P PCW UB . -25.87 -39.00 -16.92
P PCW UB . -25.06 -38.50 -18.10
C1 PCW VB . -26.98 15.62 -20.89
C2 PCW VB . -26.86 16.31 -19.47
C3 PCW VB . -26.27 15.29 -18.43
C4 PCW VB . -29.17 19.21 -21.58
C5 PCW VB . -30.63 19.34 -22.01
C6 PCW VB . -32.91 20.08 -21.65
C7 PCW VB . -31.31 20.48 -20.00
C8 PCW VB . -32.04 18.32 -20.24
C11 PCW VB . -27.29 16.14 -16.43
C12 PCW VB . -26.93 16.83 -15.14
C13 PCW VB . -28.01 16.45 -14.05
C14 PCW VB . -27.79 17.07 -12.68
C15 PCW VB . -29.05 17.73 -12.03
C16 PCW VB . -28.65 18.99 -11.20
C17 PCW VB . -29.05 20.40 -11.77
C18 PCW VB . -28.82 21.56 -10.80
C19 PCW VB . -30.00 22.55 -10.75
C20 PCW VB . -30.45 23.12 -9.56
C21 PCW VB . -29.99 23.00 -8.16
C22 PCW VB . -29.66 24.43 -7.65
C23 PCW VB . -28.37 25.11 -8.19
C24 PCW VB . -28.33 26.60 -8.15
C25 PCW VB . -28.50 27.39 -6.82
C26 PCW VB . -27.28 27.56 -5.95
C27 PCW VB . -27.00 28.96 -5.35
C28 PCW VB . -25.90 28.86 -4.32
C31 PCW VB . -26.48 18.63 -19.21
C32 PCW VB . -25.40 19.71 -19.34
C33 PCW VB . -25.05 20.47 -17.97
C34 PCW VB . -23.99 21.56 -18.15
C35 PCW VB . -24.54 22.81 -17.35
C36 PCW VB . -23.89 24.14 -17.81
C37 PCW VB . -24.37 25.42 -17.07
C38 PCW VB . -24.18 25.31 -15.59
C39 PCW VB . -24.64 26.54 -14.85
C40 PCW VB . -23.89 27.38 -14.13
C41 PCW VB . -22.39 27.22 -13.93
C42 PCW VB . -22.04 27.50 -12.40
C43 PCW VB . -20.65 27.18 -11.91
C44 PCW VB . -20.61 27.54 -10.43
C45 PCW VB . -21.01 26.43 -9.48
C46 PCW VB . -20.24 26.44 -8.19
C47 PCW VB . -20.83 25.64 -7.06
C48 PCW VB . -19.93 25.73 -5.81
N PCW VB . -31.67 19.54 -21.03
O2 PCW VB . -25.93 17.46 -19.54
O3 PCW VB . -26.16 15.91 -17.15
O11 PCW VB . -28.41 15.85 -16.78
O31 PCW VB . -27.69 18.81 -18.87
O1P PCW VB . -27.87 17.91 -23.84
O2P PCW VB . -29.09 15.89 -23.01
O3P PCW VB . -26.83 16.55 -21.98
O4P PCW VB . -28.88 17.78 -21.54
P PCW VB . -28.19 17.03 -22.67
C1 PCW WB . -23.64 10.71 -25.05
C2 PCW WB . -22.10 10.36 -24.88
C3 PCW WB . -21.52 9.82 -26.23
C4 PCW WB . -22.70 14.48 -27.48
C5 PCW WB . -22.36 15.94 -27.16
C6 PCW WB . -24.20 16.58 -28.60
C7 PCW WB . -22.50 18.11 -28.16
C8 PCW WB . -23.97 17.67 -26.48
C11 PCW WB . -19.31 9.78 -27.13
C12 PCW WB . -17.90 9.37 -26.77
C13 PCW WB . -17.65 7.93 -27.37
C14 PCW WB . -16.26 7.35 -27.11
C15 PCW WB . -16.09 5.83 -27.46
C16 PCW WB . -14.68 5.57 -28.12
C17 PCW WB . -13.44 6.26 -27.45
C18 PCW WB . -12.17 5.41 -27.51
C19 PCW WB . -11.53 5.17 -26.12
C20 PCW WB . -10.61 6.05 -25.55
C21 PCW WB . -10.03 7.32 -26.03
C22 PCW WB . -8.50 7.24 -25.79
C23 PCW WB . -7.75 8.57 -25.53
C24 PCW WB . -6.43 8.48 -24.82
C25 PCW WB . -5.30 7.56 -25.35
C26 PCW WB . -4.16 8.25 -26.08
C27 PCW WB . -4.38 8.65 -27.56
C28 PCW WB . -3.34 7.99 -28.43
C31 PCW WB . -21.39 11.92 -23.23
C32 PCW WB . -20.55 13.19 -23.03
C33 PCW WB . -19.75 13.29 -21.64
C34 PCW WB . -19.29 14.72 -21.31
C35 PCW WB . -17.80 14.82 -21.85
C36 PCW WB . -16.86 15.54 -20.86
C37 PCW WB . -15.37 15.67 -21.33
C38 PCW WB . -14.42 15.18 -20.30
C39 PCW WB . -12.98 15.29 -20.74
C40 PCW WB . -12.10 14.31 -20.87
C41 PCW WB . -12.40 12.85 -20.58
C42 PCW WB . -11.02 12.10 -20.27
C43 PCW WB . -10.54 12.05 -18.85
C44 PCW WB . -9.22 11.30 -18.85
C45 PCW WB . -8.39 11.43 -17.60
C46 PCW WB . -8.05 10.11 -16.96
C47 PCW WB . -7.37 9.10 -17.84
C48 PCW WB . -7.09 7.80 -17.08
N PCW WB . -23.22 17.01 -27.58
O2 PCW WB . -21.33 11.59 -24.52
O3 PCW WB . -20.13 9.51 -26.07
O11 PCW WB . -19.64 10.28 -28.16
O31 PCW WB . -22.03 11.31 -22.32
O1P PCW WB . -23.75 11.80 -27.62
O2P PCW WB . -25.80 12.87 -26.69
O3P PCW WB . -23.91 12.13 -25.12
O4P PCW WB . -23.74 14.07 -26.56
P PCW WB . -24.34 12.68 -26.56
C1 PCW XB . -13.24 -1.09 -30.67
C2 PCW XB . -12.35 -1.14 -29.36
C3 PCW XB . -12.81 -2.34 -28.46
C4 PCW XB . -10.98 -1.15 -33.82
C5 PCW XB . -10.86 0.05 -34.76
C6 PCW XB . -11.56 2.18 -33.55
C7 PCW XB . -9.43 2.08 -34.75
C8 PCW XB . -11.13 1.96 -35.45
C11 PCW XB . -12.61 -2.68 -26.10
C12 PCW XB . -11.59 -2.70 -25.00
C13 PCW XB . -10.84 -4.08 -25.07
C14 PCW XB . -9.74 -4.29 -24.02
C15 PCW XB . -8.76 -5.46 -24.31
C16 PCW XB . -9.19 -6.76 -23.54
C17 PCW XB . -8.38 -7.14 -22.26
C18 PCW XB . -8.84 -8.45 -21.60
C19 PCW XB . -9.04 -8.31 -20.07
C20 PCW XB . -8.87 -9.37 -19.19
C21 PCW XB . -8.49 -10.79 -19.38
C22 PCW XB . -7.44 -11.14 -18.28
C23 PCW XB . -7.60 -10.48 -16.87
C24 PCW XB . -8.25 -11.31 -15.81
C25 PCW XB . -8.54 -10.72 -14.39
C26 PCW XB . -9.84 -9.96 -14.23
C27 PCW XB . -10.09 -9.25 -12.87
C28 PCW XB . -11.56 -8.95 -12.71
C31 PCW XB . -10.27 -0.28 -30.13
C32 PCW XB . -8.81 -0.69 -30.41
C33 PCW XB . -7.91 0.38 -31.20
C34 PCW XB . -7.44 1.55 -30.33
C35 PCW XB . -6.46 0.95 -29.25
C36 PCW XB . -5.69 2.04 -28.49
C37 PCW XB . -4.69 1.53 -27.39
C38 PCW XB . -4.89 2.25 -26.09
C39 PCW XB . -3.95 1.78 -25.01
C40 PCW XB . -3.90 2.18 -23.74
C41 PCW XB . -4.83 3.22 -23.15
C42 PCW XB . -4.09 3.92 -21.93
C43 PCW XB . -4.45 5.35 -21.56
C44 PCW XB . -3.59 5.73 -20.37
C45 PCW XB . -4.17 6.80 -19.48
C46 PCW XB . -3.65 6.73 -18.06
C47 PCW XB . -3.45 8.04 -17.36
C48 PCW XB . -2.93 7.83 -15.94
N PCW XB . -10.55 1.34 -34.22
O2 PCW XB . -10.91 -1.37 -29.70
O3 PCW XB . -12.00 -2.38 -27.28
O11 PCW XB . -13.78 -2.90 -25.96
O31 PCW XB . -10.76 0.87 -30.30
O1P PCW XB . -12.64 -3.53 -33.51
O2P PCW XB . -14.50 -1.88 -33.64
O3P PCW XB . -13.32 -2.35 -31.39
O4P PCW XB . -12.29 -1.06 -33.19
P PCW XB . -13.21 -2.25 -32.99
C1 PCW YB . -23.00 -20.36 -18.62
C2 PCW YB . -21.63 -20.89 -18.07
C3 PCW YB . -21.59 -20.69 -16.50
C4 PCW YB . -25.32 -18.20 -20.66
C5 PCW YB . -26.21 -17.80 -21.85
C6 PCW YB . -28.37 -18.68 -20.82
C7 PCW YB . -28.43 -17.20 -22.77
C8 PCW YB . -27.72 -18.91 -22.66
C11 PCW YB . -19.43 -20.25 -15.53
C12 PCW YB . -18.21 -20.94 -14.99
C13 PCW YB . -17.86 -20.34 -13.58
C14 PCW YB . -16.63 -20.95 -12.89
C15 PCW YB . -15.31 -20.15 -13.07
C16 PCW YB . -14.48 -20.12 -11.74
C17 PCW YB . -13.14 -20.94 -11.72
C18 PCW YB . -12.27 -20.67 -10.49
C19 PCW YB . -12.08 -21.94 -9.63
C20 PCW YB . -10.87 -22.28 -9.05
C21 PCW YB . -9.54 -21.63 -9.06
C22 PCW YB . -8.54 -22.61 -8.37
C23 PCW YB . -7.19 -22.03 -7.89
C24 PCW YB . -6.29 -22.95 -7.12
C25 PCW YB . -4.85 -23.29 -7.62
C26 PCW YB . -3.78 -23.39 -6.54
C27 PCW YB . -2.32 -23.12 -6.96
C28 PCW YB . -1.59 -24.42 -7.18
C31 PCW YB . -21.01 -22.68 -19.52
C32 PCW YB . -20.96 -24.21 -19.61
C33 PCW YB . -19.48 -24.84 -19.45
C34 PCW YB . -19.34 -25.74 -18.22
C35 PCW YB . -19.38 -24.78 -16.96
C36 PCW YB . -20.07 -25.44 -15.74
C37 PCW YB . -20.16 -24.55 -14.46
C38 PCW YB . -19.08 -24.87 -13.48
C39 PCW YB . -19.16 -24.03 -12.22
C40 PCW YB . -19.96 -24.24 -11.19
C41 PCW YB . -20.96 -25.40 -11.10
C42 PCW YB . -21.62 -25.39 -9.66
C43 PCW YB . -20.97 -26.19 -8.54
C44 PCW YB . -21.82 -25.99 -7.29
C45 PCW YB . -21.04 -25.79 -6.02
C46 PCW YB . -21.21 -26.91 -5.02
C47 PCW YB . -21.78 -26.51 -3.67
C48 PCW YB . -21.90 -27.74 -2.75
N PCW YB . -27.63 -17.76 -21.70
O2 PCW YB . -21.51 -22.36 -18.32
O3 PCW YB . -20.33 -21.16 -15.98
O11 PCW YB . -19.59 -19.05 -15.55
O31 PCW YB . -20.66 -21.88 -20.42
O1P PCW YB . -22.68 -19.28 -21.25
O2P PCW YB . -24.03 -21.14 -22.25
O3P PCW YB . -23.53 -21.12 -19.73
O4P PCW YB . -25.13 -19.63 -20.77
P PCW YB . -23.79 -20.28 -21.07
C1 PCW ZB . -31.81 -19.39 -15.34
C2 PCW ZB . -30.28 -19.16 -15.06
C3 PCW ZB . -29.82 -17.79 -15.66
C4 PCW ZB . -30.67 -23.57 -15.15
C5 PCW ZB . -29.33 -23.83 -15.87
C6 PCW ZB . -28.52 -26.23 -16.22
C7 PCW ZB . -29.25 -24.88 -18.12
C8 PCW ZB . -27.80 -24.58 -17.00
C11 PCW ZB . -27.53 -17.89 -16.35
C12 PCW ZB . -26.14 -17.61 -15.84
C13 PCW ZB . -25.70 -18.77 -14.87
C14 PCW ZB . -24.30 -18.62 -14.28
C15 PCW ZB . -24.00 -19.50 -13.03
C16 PCW ZB . -23.02 -20.68 -13.40
C17 PCW ZB . -22.62 -21.67 -12.26
C18 PCW ZB . -23.22 -21.31 -10.89
C19 PCW ZB . -22.48 -21.96 -9.70
C20 PCW ZB . -21.27 -21.51 -9.23
C21 PCW ZB . -20.39 -20.40 -9.65
C22 PCW ZB . -19.55 -19.99 -8.40
C23 PCW ZB . -18.46 -20.97 -7.93
C24 PCW ZB . -17.05 -20.65 -8.33
C25 PCW ZB . -15.98 -20.24 -7.27
C26 PCW ZB . -14.70 -21.04 -7.27
C27 PCW ZB . -13.94 -21.19 -5.95
C28 PCW ZB . -13.04 -22.41 -6.00
C31 PCW ZB . -29.23 -20.02 -13.11
C32 PCW ZB . -29.11 -19.84 -11.60
C33 PCW ZB . -28.05 -18.73 -11.11
C34 PCW ZB . -27.46 -19.01 -9.73
C35 PCW ZB . -27.60 -17.66 -8.90
C36 PCW ZB . -27.61 -17.89 -7.37
C37 PCW ZB . -27.74 -16.61 -6.49
C38 PCW ZB . -26.51 -15.76 -6.55
C39 PCW ZB . -26.61 -14.52 -5.70
C40 PCW ZB . -25.69 -13.57 -5.55
C41 PCW ZB . -24.34 -13.59 -6.22
C42 PCW ZB . -23.27 -14.21 -5.22
C43 PCW ZB . -23.47 -15.64 -4.73
C44 PCW ZB . -22.31 -15.96 -3.80
C45 PCW ZB . -22.36 -15.30 -2.44
C46 PCW ZB . -21.15 -14.47 -2.14
C47 PCW ZB . -20.35 -14.85 -0.91
C48 PCW ZB . -19.15 -13.90 -0.73
N PCW ZB . -29.21 -25.01 -16.68
O2 PCW ZB . -30.06 -19.10 -13.58
O3 PCW ZB . -28.42 -17.59 -15.38
O11 PCW ZB . -27.80 -18.33 -17.43
O31 PCW ZB . -28.63 -20.91 -13.80
O1P PCW ZB . -33.41 -22.80 -14.59
O2P PCW ZB . -33.19 -21.62 -16.77
O3P PCW ZB . -32.37 -20.50 -14.60
O4P PCW ZB . -31.19 -22.34 -15.68
P PCW ZB . -32.60 -21.85 -15.44
C1 PCW AC . -36.15 -18.35 -12.51
C2 PCW AC . -35.04 -18.08 -11.42
C3 PCW AC . -33.63 -17.98 -12.10
C4 PCW AC . -34.79 -14.16 -13.75
C5 PCW AC . -33.32 -14.51 -13.90
C6 PCW AC . -32.47 -12.93 -15.73
C7 PCW AC . -31.08 -13.44 -13.78
C8 PCW AC . -31.65 -14.60 -15.10
C11 PCW AC . -31.63 -16.88 -11.39
C12 PCW AC . -30.76 -16.70 -10.18
C13 PCW AC . -30.64 -15.15 -9.89
C14 PCW AC . -29.79 -14.77 -8.69
C15 PCW AC . -28.71 -13.68 -8.94
C16 PCW AC . -28.84 -12.54 -7.87
C17 PCW AC . -27.67 -11.48 -7.81
C18 PCW AC . -27.50 -10.70 -9.11
C19 PCW AC . -28.61 -9.65 -9.34
C20 PCW AC . -28.61 -8.41 -8.71
C21 PCW AC . -27.68 -7.78 -7.74
C22 PCW AC . -27.37 -6.36 -8.30
C23 PCW AC . -25.95 -6.10 -8.84
C24 PCW AC . -25.44 -4.69 -8.76
C25 PCW AC . -24.84 -3.99 -10.02
C26 PCW AC . -23.47 -3.38 -9.85
C27 PCW AC . -22.84 -2.71 -11.08
C28 PCW AC . -22.61 -1.24 -10.82
C31 PCW AC . -35.96 -16.88 -9.61
C32 PCW AC . -36.14 -15.46 -9.03
C33 PCW AC . -35.26 -15.14 -7.74
C34 PCW AC . -33.76 -15.04 -8.02
C35 PCW AC . -33.08 -16.13 -7.09
C36 PCW AC . -32.14 -15.51 -6.04
C37 PCW AC . -31.43 -16.54 -5.11
C38 PCW AC . -30.46 -15.87 -4.19
C39 PCW AC . -29.75 -16.84 -3.27
C40 PCW AC . -28.63 -16.62 -2.59
C41 PCW AC . -27.84 -15.33 -2.66
C42 PCW AC . -27.07 -15.13 -1.28
C43 PCW AC . -25.79 -14.32 -1.29
C44 PCW AC . -25.29 -14.29 0.15
C45 PCW AC . -26.13 -13.50 1.12
C46 PCW AC . -25.95 -12.01 1.00
C47 PCW AC . -24.81 -11.41 1.80
C48 PCW AC . -24.75 -9.89 1.58
N PCW AC . -32.39 -13.52 -14.37
O2 PCW AC . -35.30 -16.78 -10.75
O3 PCW AC . -32.65 -17.73 -11.09
O11 PCW AC . -31.46 -16.34 -12.45
O31 PCW AC . -36.40 -17.95 -9.08
O1P PCW AC . -37.21 -15.44 -14.70
O2P PCW AC . -37.60 -15.84 -12.26
O3P PCW AC . -36.12 -17.45 -13.64
O4P PCW AC . -35.39 -15.23 -12.97
P PCW AC . -36.66 -15.94 -13.40
C1 PCW BC . -1.19 2.31 -44.30
C2 PCW BC . -0.75 2.09 -42.81
C3 PCW BC . 0.14 0.81 -42.69
C4 PCW BC . -4.18 4.87 -43.69
C5 PCW BC . -4.74 4.98 -42.27
C6 PCW BC . -4.52 6.14 -40.17
C7 PCW BC . -6.07 6.90 -41.75
C8 PCW BC . -3.87 7.30 -42.17
C11 PCW BC . 1.85 0.67 -41.00
C12 PCW BC . 2.03 0.40 -39.53
C13 PCW BC . 1.69 -1.11 -39.26
C14 PCW BC . 1.82 -1.56 -37.80
C15 PCW BC . 0.76 -0.98 -36.82
C16 PCW BC . 0.08 -2.13 -36.00
C17 PCW BC . 0.64 -2.44 -34.58
C18 PCW BC . -0.32 -2.04 -33.45
C19 PCW BC . 0.21 -2.40 -32.04
C20 PCW BC . 0.15 -1.51 -30.97
C21 PCW BC . -0.35 -0.11 -30.86
C22 PCW BC . -0.22 0.31 -29.38
C23 PCW BC . 1.20 0.67 -28.83
C24 PCW BC . 1.25 1.39 -27.50
C25 PCW BC . 1.87 0.70 -26.25
C26 PCW BC . 1.22 1.00 -24.90
C27 PCW BC . 0.15 2.12 -24.83
C28 PCW BC . 0.77 3.38 -24.27
C31 PCW BC . -0.62 4.24 -41.80
C32 PCW BC . 0.35 5.36 -41.39
C33 PCW BC . 1.11 5.13 -40.00
C34 PCW BC . 0.17 4.90 -38.82
C35 PCW BC . 1.04 5.21 -37.53
C36 PCW BC . 0.16 5.65 -36.33
C37 PCW BC . 0.94 5.98 -35.02
C38 PCW BC . 0.59 5.06 -33.90
C39 PCW BC . 1.33 5.36 -32.62
C40 PCW BC . 2.53 4.89 -32.25
C41 PCW BC . 3.36 3.96 -33.10
C42 PCW BC . 4.87 4.50 -33.10
C43 PCW BC . 5.15 5.88 -33.64
C44 PCW BC . 6.64 6.09 -33.52
C45 PCW BC . 7.08 6.82 -32.28
C46 PCW BC . 8.15 7.84 -32.54
C47 PCW BC . 9.51 7.58 -31.89
C48 PCW BC . 10.51 8.69 -32.24
N PCW BC . -4.79 6.26 -41.62
O2 PCW BC . 0.08 3.25 -42.35
O3 PCW BC . 0.53 0.62 -41.32
O11 PCW BC . 2.73 0.87 -41.80
O31 PCW BC . -1.87 4.27 -41.62
O1P PCW BC . -2.76 3.90 -46.03
O2P PCW BC . -4.60 2.20 -46.07
O3P PCW BC . -2.52 1.81 -44.59
O4P PCW BC . -4.26 3.47 -44.06
P PCW BC . -3.55 2.87 -45.27
C1 17F CC . -43.16 -3.89 -6.17
N1 17F CC . -41.03 -5.17 -6.51
O1 17F CC . -44.69 -1.53 -5.96
P1 17F CC . -43.22 -1.36 -6.28
C2 17F CC . -42.44 -5.08 -6.83
O2 17F CC . -42.91 -0.59 -7.53
C3 17F CC . -42.63 -5.00 -8.37
O3 17F CC . -42.47 -2.71 -6.40
C4 17F CC . -41.05 -0.34 -5.21
O4 17F CC . -43.75 -4.92 -8.86
C5 17F CC . -40.47 0.41 -3.97
O5 17F CC . -41.64 -5.02 -9.19
C6 17F CC . -41.48 0.36 -2.80
O6 17F CC . -42.45 -0.61 -5.12
C7 17F CC . -41.67 2.00 -1.13
O7 17F CC . -40.98 1.03 -1.65
C8 17F CC . -40.86 2.56 0.07
O8 17F CC . -42.73 2.47 -1.44
C9 17F CC . -39.91 3.71 -0.33
O9 17F CC . -39.20 -0.09 -3.57
C10 17F CC . -39.04 4.31 0.84
O10 17F CC . -38.38 2.05 -3.30
C11 17F CC . -37.66 3.58 1.07
C12 17F CC . -36.83 4.21 2.23
C17 17F CC . -38.27 0.85 -3.56
C18 17F CC . -36.91 0.30 -3.91
C19 17F CC . -36.06 -0.12 -2.70
C20 17F CC . -35.53 1.11 -1.87
C1X 17F CC . -35.51 3.45 2.40
C1Y 17F CC . -34.70 0.63 -0.66
C1Z 17F CC . -33.33 1.33 -0.64
C2X 17F CC . -34.60 4.05 3.57
C21 17F CC . -33.08 3.91 3.25
C22 17F CC . -32.14 3.89 4.15
C23 17F CC . -32.28 3.99 5.61
C24 17F CC . -33.00 2.82 6.26
C25 17F CC . -33.17 2.89 7.76
C26 17F CC . -31.87 2.49 8.61
C27 17F CC . -32.03 2.56 10.11
C28 17F CC . -30.66 2.13 10.75
C29 17F CC . -30.35 0.75 10.33
C30 17F CC . -29.07 0.20 10.87
C31 17F CC . -32.13 0.49 -0.10
C32 17F CC . -30.76 1.22 -0.08
C33 17F CC . -29.64 0.18 -0.17
C34 17F CC . -28.35 0.48 -0.18
C35 17F CC . -27.73 1.86 -0.10
C36 17F CC . -26.42 1.94 0.74
C37 17F CC . -25.41 2.72 -0.02
C38 17F CC . -24.46 1.88 -0.94
C39 17F CC . -23.46 2.77 -1.69
C40 17F CC . -23.93 3.00 -3.14
C41 17F CC . -23.84 4.53 -3.52
C42 17F CC . -24.70 5.08 -4.66
C1 17F DC . -24.80 -3.64 -26.52
N1 17F DC . -24.66 -6.05 -25.82
O1 17F DC . -26.91 -2.24 -23.69
P1 17F DC . -25.87 -2.12 -24.78
C2 17F DC . -24.08 -5.00 -26.63
O2 17F DC . -26.26 -1.33 -26.00
C3 17F DC . -22.59 -4.81 -26.25
O3 17F DC . -25.38 -3.50 -25.27
C4 17F DC . -23.42 -1.15 -25.09
O4 17F DC . -21.90 -3.96 -26.82
C5 17F DC . -22.25 -0.47 -24.33
O5 17F DC . -22.02 -5.52 -25.34
C6 17F DC . -22.57 1.02 -24.05
O6 17F DC . -24.55 -1.40 -24.24
C7 17F DC . -21.45 2.86 -23.06
O7 17F DC . -21.49 1.60 -23.33
C8 17F DC . -20.25 3.04 -22.11
O8 17F DC . -22.19 3.77 -23.32
C9 17F DC . -20.56 2.39 -20.73
O9 17F DC . -21.89 -1.15 -23.13
C10 17F DC . -19.43 2.43 -19.66
O10 17F DC . -20.52 -2.88 -23.77
C11 17F DC . -19.13 0.99 -19.10
C12 17F DC . -17.99 0.94 -18.03
C17 17F DC . -20.74 -1.78 -23.25
C18 17F DC . -19.58 -0.99 -22.68
C19 17F DC . -18.17 -1.48 -23.11
C20 17F DC . -17.06 -1.14 -22.03
C1X 17F DC . -17.80 -0.51 -17.58
C1Y 17F DC . -15.68 -1.65 -22.50
C1Z 17F DC . -14.54 -1.02 -21.68
C2X 17F DC . -16.64 -0.69 -16.50
C21 17F DC . -15.46 -1.53 -17.08
C22 17F DC . -15.00 -2.62 -16.58
C23 17F DC . -15.45 -3.32 -15.36
C24 17F DC . -16.67 -4.21 -15.54
C25 17F DC . -17.15 -4.94 -14.29
C26 17F DC . -16.13 -4.88 -13.05
C27 17F DC . -16.58 -5.60 -11.80
C28 17F DC . -15.44 -5.42 -10.73
C29 17F DC . -14.18 -5.99 -11.25
C30 17F DC . -13.01 -5.89 -10.34
C31 17F DC . -13.96 0.34 -22.19
C32 17F DC . -12.81 0.95 -21.35
C33 17F DC . -13.35 1.39 -19.98
C34 17F DC . -12.62 1.94 -19.02
C35 17F DC . -11.13 2.25 -19.06
C36 17F DC . -10.59 2.95 -17.77
C37 17F DC . -9.12 2.69 -17.68
C38 17F DC . -8.46 3.08 -16.32
C39 17F DC . -6.96 2.77 -16.31
C40 17F DC . -6.64 1.69 -15.26
C41 17F DC . -6.06 0.39 -15.95
C42 17F DC . -6.02 -0.92 -15.14
C1 17F EC . -38.39 3.72 -11.74
N1 17F EC . -38.73 1.64 -13.09
O1 17F EC . -38.08 1.77 -9.59
P1 17F EC . -38.99 2.95 -9.40
C2 17F EC . -38.92 3.08 -13.04
O2 17F EC . -40.29 2.67 -8.70
C3 17F EC . -38.24 3.74 -14.25
O3 17F EC . -39.35 3.64 -10.74
C4 17F EC . -39.00 5.32 -8.25
O4 17F EC . -38.27 4.95 -14.41
C5 17F EC . -38.14 6.30 -7.40
O5 17F EC . -37.61 3.04 -15.14
C6 17F EC . -38.68 7.74 -7.58
O6 17F EC . -38.31 4.10 -8.55
C7 17F EC . -38.48 9.30 -5.85
O7 17F EC . -37.92 8.67 -6.83
C8 17F EC . -37.42 10.22 -5.20
O8 17F EC . -39.61 9.26 -5.44
C9 17F EC . -37.12 11.48 -6.03
O9 17F EC . -38.08 5.94 -6.02
C10 17F EC . -36.04 12.45 -5.43
O10 17F EC . -35.80 5.61 -6.27
C11 17F EC . -34.61 12.27 -6.05
C12 17F EC . -33.57 13.27 -5.42
C17 17F EC . -36.88 5.51 -5.67
C18 17F EC . -36.90 4.81 -4.32
C19 17F EC . -37.78 5.51 -3.25
C20 17F EC . -37.12 6.82 -2.69
C1X 17F EC . -32.18 13.04 -6.04
C1Y 17F EC . -38.03 7.48 -1.62
C1Z 17F EC . -37.44 8.80 -1.14
C2X 17F EC . -31.08 14.04 -5.42
C21 17F EC . -29.65 13.69 -5.91
C22 17F EC . -28.91 12.74 -5.44
C23 17F EC . -29.25 11.79 -4.36
C24 17F EC . -28.09 11.43 -3.44
C25 17F EC . -28.37 10.46 -2.31
C26 17F EC . -27.07 9.74 -1.69
C27 17F EC . -27.34 8.78 -0.55
C28 17F EC . -25.95 8.18 -0.08
C29 17F EC . -25.84 6.79 -0.55
C30 17F EC . -24.57 6.10 -0.17
C31 17F EC . -36.39 8.71 0.02
C32 17F EC . -35.79 10.07 0.49
C33 17F EC . -36.07 10.25 1.98
C34 17F EC . -35.70 11.30 2.70
C35 17F EC . -34.95 12.51 2.22
C36 17F EC . -33.45 12.56 2.66
C37 17F EC . -33.36 13.08 4.05
C38 17F EC . -32.03 13.78 4.38
C39 17F EC . -32.01 14.29 5.84
C40 17F EC . -32.03 15.81 5.88
C41 17F EC . -33.09 16.32 6.92
C42 17F EC . -32.83 16.11 8.41
C1 17F FC . -17.00 -39.87 -26.45
N1 17F FC . -15.90 -37.67 -27.02
O1 17F FC . -15.46 -41.83 -23.77
P1 17F FC . -15.21 -40.92 -24.97
C2 17F FC . -16.40 -38.94 -27.52
O2 17F FC . -14.58 -42.06 -25.72
C3 17F FC . -17.44 -38.68 -28.63
O3 17F FC . -16.16 -40.95 -26.20
C4 17F FC . -13.51 -39.46 -26.30
O4 17F FC . -17.99 -39.61 -29.20
C5 17F FC . -12.06 -38.91 -26.42
O5 17F FC . -17.77 -37.49 -28.99
C6 17F FC . -12.16 -37.37 -26.25
O6 17F FC . -13.76 -40.31 -25.19
C7 17F FC . -10.85 -35.68 -27.14
O7 17F FC . -10.92 -36.70 -26.34
C8 17F FC . -9.47 -35.05 -27.03
O8 17F FC . -11.69 -35.21 -27.87
C9 17F FC . -9.45 -33.80 -26.11
O9 17F FC . -11.15 -39.49 -25.47
C10 17F FC . -8.08 -33.08 -25.96
O10 17F FC . -9.65 -40.18 -27.09
C11 17F FC . -6.84 -34.02 -25.78
C12 17F FC . -5.52 -33.19 -25.66
C17 17F FC . -10.30 -40.32 -26.04
C18 17F FC . -10.15 -41.61 -25.26
C19 17F FC . -9.61 -42.80 -26.09
C20 17F FC . -8.13 -43.20 -25.68
C1X 17F FC . -4.29 -34.09 -25.50
C1Y 17F FC . -7.64 -44.39 -26.53
C1Z 17F FC . -6.34 -44.97 -25.95
C2X 17F FC . -2.94 -33.24 -25.40
C21 17F FC . -2.51 -32.66 -26.78
C22 17F FC . -1.63 -33.17 -27.56
C23 17F FC . -0.83 -34.38 -27.31
C24 17F FC . 0.39 -34.16 -26.42
C25 17F FC . 1.26 -35.36 -26.12
C26 17F FC . 1.48 -35.66 -24.56
C27 17F FC . 2.34 -36.87 -24.25
C28 17F FC . 2.42 -36.98 -22.68
C29 17F FC . 3.07 -35.78 -22.14
C30 17F FC . 3.23 -35.76 -20.65
C31 17F FC . -6.48 -45.83 -24.65
C32 17F FC . -5.14 -46.38 -24.10
C33 17F FC . -5.00 -46.00 -22.63
C34 17F FC . -3.98 -46.31 -21.85
C35 17F FC . -2.75 -47.11 -22.23
C36 17F FC . -2.67 -48.53 -21.59
C37 17F FC . -2.25 -48.40 -20.16
C38 17F FC . -1.90 -49.73 -19.45
C39 17F FC . -1.47 -49.52 -17.99
C40 17F FC . -1.43 -50.84 -17.23
C41 17F FC . -2.87 -51.52 -17.21
C42 17F FC . -3.60 -51.67 -15.87
C1 17F GC . -16.64 10.67 -33.74
N1 17F GC . -18.40 11.60 -35.26
O1 17F GC . -16.76 7.78 -31.51
P1 17F GC . -15.99 9.00 -31.94
C2 17F GC . -18.13 10.70 -34.14
O2 17F GC . -16.22 10.26 -31.12
C3 17F GC . -18.99 11.10 -32.94
O3 17F GC . -16.23 9.39 -33.42
C4 17F GC . -13.49 9.78 -32.22
O4 17F GC . -18.93 10.48 -31.88
C5 17F GC . -12.00 9.36 -32.04
O5 17F GC . -19.81 12.08 -32.97
C6 17F GC . -11.19 9.63 -33.33
O6 17F GC . -14.42 8.77 -31.85
C7 17F GC . -8.95 9.66 -34.05
O7 17F GC . -9.83 9.27 -33.17
C8 17F GC . -7.57 9.19 -33.55
O8 17F GC . -9.08 10.32 -35.05
C9 17F GC . -6.77 8.34 -34.59
O9 17F GC . -11.39 9.99 -30.91
C10 17F GC . -5.36 7.86 -34.10
O10 17F GC . -11.10 8.28 -29.39
C11 17F GC . -5.41 6.71 -33.02
C12 17F GC . -3.96 6.26 -32.56
C17 17F GC . -11.62 9.33 -29.79
C18 17F GC . -12.69 10.00 -28.95
C19 17F GC . -12.63 9.64 -27.44
C20 17F GC . -11.86 10.73 -26.59
C1X 17F GC . -4.08 5.15 -31.51
C1Y 17F GC . -11.82 10.34 -25.10
C1Z 17F GC . -10.67 11.07 -24.39
C2X 17F GC . -2.65 4.63 -30.98
C21 17F GC . -2.69 4.23 -29.48
C22 17F GC . -1.67 4.18 -28.69
C23 17F GC . -0.27 4.50 -29.00
C24 17F GC . 0.49 5.17 -27.85
C25 17F GC . 1.95 5.48 -28.13
C26 17F GC . 3.00 4.43 -27.53
C27 17F GC . 4.45 4.72 -27.80
C28 17F GC . 5.30 3.57 -27.14
C29 17F GC . 5.24 2.37 -28.00
C30 17F GC . 6.01 1.20 -27.49
C31 17F GC . -10.84 12.61 -24.20
C32 17F GC . -9.66 13.33 -23.48
C33 17F GC . -8.57 13.61 -24.51
C34 17F GC . -7.41 14.22 -24.25
C35 17F GC . -6.95 14.75 -22.91
C36 17F GC . -6.93 16.31 -22.82
C37 17F GC . -5.84 16.72 -21.90
C38 17F GC . -6.32 17.59 -20.70
C39 17F GC . -5.13 17.97 -19.79
C40 17F GC . -5.30 19.40 -19.27
C41 17F GC . -4.61 19.58 -17.86
C42 17F GC . -3.27 20.31 -17.77
C1 17F HC . -34.66 11.98 -19.27
N1 17F HC . -33.57 9.94 -18.35
O1 17F HC . -35.55 14.28 -17.79
P1 17F HC . -34.05 14.08 -17.96
C2 17F HC . -34.82 10.59 -18.64
O2 17F HC . -33.32 15.14 -18.75
C3 17F HC . -35.67 9.71 -19.57
O3 17F HC . -33.69 12.72 -18.60
C4 17F HC . -31.89 13.86 -16.48
O4 17F HC . -36.78 10.08 -19.95
C5 17F HC . -31.34 13.84 -15.02
O5 17F HC . -35.26 8.57 -20.01
C6 17F HC . -31.78 12.54 -14.29
O6 17F HC . -33.31 14.04 -16.56
C7 17F HC . -31.87 13.19 -12.05
O7 17F HC . -31.28 12.49 -12.97
C8 17F HC . -31.08 12.99 -10.73
O8 17F HC . -32.84 13.92 -12.09
C9 17F HC . -29.59 13.38 -10.87
O9 17F HC . -29.92 14.05 -14.96
C10 17F HC . -28.70 13.20 -9.58
O10 17F HC . -29.29 12.13 -16.11
C11 17F HC . -27.19 13.62 -9.78
C12 17F HC . -26.34 13.42 -8.47
C17 17F HC . -29.20 12.95 -15.19
C18 17F HC . -28.15 12.77 -14.10
C19 17F HC . -27.02 11.76 -14.46
C20 17F HC . -25.95 11.67 -13.32
C1X 17F HC . -24.89 13.85 -8.71
C1Y 17F HC . -24.83 10.66 -13.69
C1Z 17F HC . -23.44 11.29 -13.54
C2X 17F HC . -23.97 13.66 -7.40
C21 17F HC . -22.45 13.48 -7.76
C22 17F HC . -21.55 13.08 -6.93
C23 17F HC . -21.73 12.72 -5.52
C24 17F HC . -21.05 11.42 -5.08
C25 17F HC . -21.21 11.02 -3.62
C26 17F HC . -19.89 11.00 -2.73
C27 17F HC . -20.08 10.60 -1.29
C28 17F HC . -18.68 10.65 -0.58
C29 17F HC . -18.65 9.56 0.43
C30 17F HC . -17.37 9.47 1.20
C31 17F HC . -23.05 11.82 -12.11
C32 17F HC . -21.63 12.44 -11.99
C33 17F HC . -20.80 11.61 -11.01
C34 17F HC . -19.54 11.87 -10.67
C35 17F HC . -18.67 13.00 -11.18
C36 17F HC . -17.91 12.70 -12.51
C37 17F HC . -18.38 13.65 -13.54
C38 17F HC . -17.32 14.70 -13.99
C39 17F HC . -17.89 15.64 -15.07
C40 17F HC . -17.03 15.56 -16.34
C41 17F HC . -17.57 16.56 -17.44
C42 17F HC . -19.01 16.40 -17.95
#